data_9P4W
#
_entry.id   9P4W
#
_cell.length_a   1.00
_cell.length_b   1.00
_cell.length_c   1.00
_cell.angle_alpha   90.00
_cell.angle_beta   90.00
_cell.angle_gamma   90.00
#
_symmetry.space_group_name_H-M   'P 1'
#
loop_
_entity.id
_entity.type
_entity.pdbx_description
1 polymer 'Fatty acid synthase subunit beta'
2 polymer 'Fatty acid synthase subunit alpha'
3 non-polymer 'FLAVIN MONONUCLEOTIDE'
4 non-polymer 'NADPH DIHYDRO-NICOTINAMIDE-ADENINE-DINUCLEOTIDE PHOSPHATE'
5 water water
#
loop_
_entity_poly.entity_id
_entity_poly.type
_entity_poly.pdbx_seq_one_letter_code
_entity_poly.pdbx_strand_id
1 'polypeptide(L)'
;MDAYSTRPLTLSHGSLEHVLLVPTASFFIASQLQEQFNKILPEPTEGFAADDEPTTPAELVGKFLGYVSSLVEPSKVGQF
DQVLNLCLTEFENCYLEGNDIHALAAKLLQENDTTLVKTKELIKNYITARIMAKRPFDKKSNSALFRAVGEGNAQLVAIF
GGQGNTDDYFEELRDLYQTYHVLVGDLIKFSAETLSELIRTTLDAEKVFTQGLNILEWLENPSNTPDKDYLLSIPISCPL
IGVIQLAHYVVTAKLLGFTPGELRSYLKGATGHSQGLVTAVAIAETDSWESFFVSVRKAITVLFFIGVRCYEAYPNTSLP
PSILEDSLENNEGVPSPMLSISNLTQEQVQDYVNKTNSHLPAGKQVEISLVNGAKNLVVSGPPQSLYGLNLTLRKAKAPS
GLDQSRIPFSERKLKFSNRFLPVASPFHSHLLVPASDLINKDLVKNNVSFNAKDIQIPVYDTFDGSDLRVLSGSISERIV
DCIIRLPVKWETTTQFKATHILDFGPGGASGLGVLTHRNKDGTGVRVIVAGTLDINPDDDYGFKQEIFDVTSNGLKKNPN
WLEEYHPKLIKNKSGKIFVETKFSKLIGRPPLLVPGMTPCTVSPDFVAATTNAGYTIELAGGGYFSAAGMTAAIDSVVSQ
IEKGSTFGINLIYVNPFMLQWGIPLIKELRSKGYPIQFLTIGAGVPSLEVASEYIETLGLKYLGLKPGSIDAISQVINIA
KAHPNFPIALQWTGGRGGGHHSFEDAHTPMLQMYSKIRRHPNIMLIFGSGFGSADDTYPYLTGEWSTKFDYPPMPFDGFL
FGSRVMIAKEVKTSPDAKKCIAACTGVPDDKWEQTYKKPTGGIVTVRSEMGEPIHKIATRGVMLWKEFDETIFNLPKNKL
VPTLEAKRDYIISRLNADFQKPWFATVNGQARDLATMTYEEVAKRLVELMFIRSTNSWFDVTWRTFTGDFLRRVEERFTK
SKTLSLIQSYSLLDKPDEAIEKVFNAYPAAREQFLNAQDIDHFLSMCQNPMQKPVPFVPVLDRRFEIFFKKDSLWQSEHL
EAVVDQDVQRTCILHGPVAAQFTKVIDEPIKSIMDGIHDGHIKKLLHQYYGDDESKIPAVEYFGGESPVDVQSQVDSSSV
SEDSAVFKATSSTDEESWFKALAGSEINWRHASFLCSFITQDKMFVSNPIRKVFKPSQGMVVEISNGNTSSKTVVTLSEP
VQGELKPTVILKLLKENIIQMEMIENRTMDGKPVSLPLLYNFNPDNGFAPISEVMEDRNQRIKEMYWKLWIDEPFNLDFD
PRDVIKGKDFEITAKEVYDFTHAVGNNCEDFVSRPDRTMLAPMDFAIVVGWRAIIKAIFPNTVDGDLLKLVHLSNGYKMI
PGAKPLQVGDVVSTTAVIESVVNQPTGKIVDVVGTLSRNGKPVMEVTSSFFYRGNYTDFENTFQKTVEPVYQMHIKTSKD
IAVLRSKEWFQLDDEDFDLLNKTLTFETETEVTFKNANIFSSVKCFGPIKVELPTKETVEIGIVDYEAGASHGNPVVDFL
KRNGSTLEQKVNLENPIPIAVLDSYTPSTNEPYARVSGDLNPIHVSRHFASYANLPGTITHGMFSSASVRALIENWAADS
VSSRVRGYTCQFVDMVLPNTALKTSIQHVGMINGRKLIKFETRNEDDVVVLTGEAEIEQPVTTFVFTGQGSQEQGMGMDL
YKTSKAAQDVWNRADNHFKDTYGFSILDIVINNPVNLTIHFGGEKGKRIRENYSAMIFETIVDGKLKTEKIFKEINEHST
SYTFRSEKGLLSATQFTQPALTLMEKAAFEDLKSKGLIPADATFAGHSLGEYAALASLADVMSIESLVEVVFYRGMTMQV
AVPRDELGRSNYGMIAINPGRVAASFSQEALQYVVERVGKRTGWLVEIVNYNVENQQYVAAGDLRALDTVTNVLNFIKLQ
KIDIIELQKSLSLEEVEGHLFEIIDEASKKSAVKPRPLKLERGFACIPLVGISVPFHSTYLMNGVKPFKSFLKKNIIKEN
VKVARLAGKYIPNLTAKPFQVTKEYFQDVYDLTGSEPIKEIIDNWEKYEQS
;
A,E,I,L,O,R
2 'polypeptide(L)'
;MKPEVEQELAHILLTELLAYQFASPVRWIETQDVFLKDFNTERVVEIGPSPTLAGMAQRTLKNKYESYDAALSLHREILC
YSKDAKEIYYTPDPSELAAKEEPAKEEAPAPTPAASAPAPAAAAPAPVAAAAPAAAAAEIADEPVKASLLLHVLVAHKLK
KSLDSIPMSKTIKDLVGGKSTVQNEILGDLGKEFGTTPEKPEETPLEELAETFQDTFSGALGKQSSSLLSRLISSKMPGG
FTITVARKYLQTRWGLPSGRQDGVLLVALSNEPAARLGSEADAKAFLDSMAQKYASIVGVDLSSAASASGAAGAGAAAGA
AMIDAGALEEITKDHKVLARQQLQVLARYLKMDLDNGERKFLKEKDTVAELQAQLDYLNAELGEFFVNGVATSFSRKKAR
TFDSSWNWAKQSLLSLYFEIIHGVLKNVDREVVSEAINIMNRSNDALIKFMEYHISNTDETKGENYQLVKTLGEQLIENC
KQVLDVDPVYKDVAKPTGPKTAIDKNGNITYSEEPREKVRKLSQYVQEMALGGPITKESQPTIEEDLTRVYKAISAQADK
QDISSSTRVEFEKLYSDLMKFLESSKEIDPSQTTQLAGMDVEDALDKDSTKEVASLPNKSTISKTVSSTIPRETIPFLHL
RKKTPAGDWKYDRQLSSLFLDGLEKAAFNGVTFKDKYVLITGAGKGSIGAEVLQGLLQGGAKVVVTTSRFSKQVTDYYQS
IYAKYGAKGSTLIVVPFNQGSKQDVEALIEFIYDTEKNGGLGWDLDAIIPFAAIPEQGIELEHIDSKSEFAHRIMLTNIL
RMMGCVKKQKSARGIETRPAQVILPMSPNHGTFGGDGMYSESKLSLETLFNRWHSESWANQLTVCGAIIGWTRGTGLMSA
NNIIAEGIEKMGVRTFSQKEMAFNLLGLLTPEVVELCQKSPVMADLNGGLQFVPELKEFTAKLRKELVETSEVRKAVSIE
TALEHKVVNGNSADAAYAQVEIQPRANIQLDFPELKPYKQVKQIAPAELEGLLDLERVIVVTGFAEVGPWGSARTRWEME
AFGEFSLEGCVEMAWIMGFISYHNGNLKGRPYTGWVDSKTKEPVDDKDVKAKYETSILEHSGIRLIEPELFNGYNPEKKE
MIQEVIVEEDLEPFEASKETAEQFKHQHGDKVDIFEIPETGEYSVKLLKGATLYIPKALRFDRLVAGQIPTGWNAKTYGI
SDDIISQVDPITLFVLVSVVEAFIASGITDPYEMYKYVHVSEVGNCSGSGMGGVSALRGMFKDRFKDEPVQNDILQESFI
NTMSAWVNMLLISSSGPIKTPVGACATSVESVDIGVETILSGKARICIVGGYDDFQEEGSFEFGNMKATSNTLEEFEHGR
TPAEMSRPATTTRNGFMEAQGAGIQIIMQADLALKMGVPIYGIVAMAATATDKIGRSVPAPGKGILTTAREHHSSVKYAS
PNLNMKYRKRQLVTREAQIKDWVENELEALKLEAEEIPSEDQNEFLLERTREIHNEAESQLRAAQQQWGNDFYKRDPRIA
PLRGALATYGLTIDDLGVASFHGTSTKANDKNESATINEMMKHLGRSEGNPVIGVFQKFLTGHPKGAAGAWMMNGALQIL
NSGIIPGNRNADNVDKILEQFEYVLYPSKTLKTDGVRAVSITSFGFGQKGGQAIVVHPDYLYGAITEDRYNEYVAKVSAR
EKSAYKFFHNGMIYNKLFVSKEHAPYTDELEEDVYLDPLARVSKDKKSGSLTFNSKNIQSKDSYINANTIETAKMIENMT
KEKVSNGGVGVDVELITSINVENDTFIERNFTPQEIEYCSAQPSVQSSFAGTWSAKEAVFKSLGVKSLGGGAALKDIEIV
RVNKNAPAVELHGNAKKAAEEAGVTDVKVSISHDDLQAVAVAVSTKK
;
B,D,H,K,N,Q
#
loop_
_chem_comp.id
_chem_comp.type
_chem_comp.name
_chem_comp.formula
FMN non-polymer 'FLAVIN MONONUCLEOTIDE' 'C17 H21 N4 O9 P'
NDP non-polymer 'NADPH DIHYDRO-NICOTINAMIDE-ADENINE-DINUCLEOTIDE PHOSPHATE' 'C21 H30 N7 O17 P3'
#
# COMPACT_ATOMS: atom_id res chain seq x y z
N SER A 5 -130.90 24.80 14.91
CA SER A 5 -130.50 24.22 13.63
C SER A 5 -129.25 24.90 13.08
N THR A 6 -128.09 24.31 13.37
CA THR A 6 -126.83 24.84 12.88
C THR A 6 -125.92 23.68 12.50
N ARG A 7 -125.04 23.94 11.52
CA ARG A 7 -124.05 22.97 11.08
C ARG A 7 -122.67 23.58 11.26
N PRO A 8 -121.81 23.01 12.10
CA PRO A 8 -120.53 23.67 12.41
C PRO A 8 -119.67 23.80 11.17
N LEU A 9 -119.34 25.04 10.85
CA LEU A 9 -118.39 25.36 9.78
C LEU A 9 -117.01 25.52 10.39
N THR A 10 -115.99 25.63 9.54
CA THR A 10 -114.62 25.78 10.01
C THR A 10 -113.85 26.70 9.08
N LEU A 11 -113.40 27.83 9.62
CA LEU A 11 -112.40 28.67 8.98
C LEU A 11 -111.05 28.31 9.60
N SER A 12 -110.12 27.82 8.77
CA SER A 12 -108.92 27.18 9.25
C SER A 12 -107.68 27.81 8.63
N HIS A 13 -106.60 27.83 9.42
CA HIS A 13 -105.29 28.26 8.93
C HIS A 13 -104.24 27.59 9.82
N GLY A 14 -103.65 26.51 9.33
CA GLY A 14 -102.63 25.81 10.11
C GLY A 14 -103.16 25.39 11.47
N SER A 15 -102.33 25.56 12.50
CA SER A 15 -102.72 25.24 13.87
C SER A 15 -103.52 26.39 14.48
N LEU A 16 -104.58 26.77 13.77
CA LEU A 16 -105.39 27.92 14.13
C LEU A 16 -106.71 27.82 13.38
N GLU A 17 -107.82 27.78 14.11
CA GLU A 17 -109.12 27.56 13.49
C GLU A 17 -110.21 28.17 14.35
N HIS A 18 -111.36 28.39 13.73
CA HIS A 18 -112.55 28.90 14.41
C HIS A 18 -113.78 28.43 13.65
N VAL A 19 -114.81 28.04 14.40
CA VAL A 19 -116.00 27.43 13.83
C VAL A 19 -117.16 28.41 13.93
N LEU A 20 -117.81 28.66 12.80
CA LEU A 20 -119.02 29.48 12.75
C LEU A 20 -120.23 28.56 12.73
N LEU A 21 -121.14 28.74 13.69
CA LEU A 21 -122.35 27.93 13.77
C LEU A 21 -123.40 28.59 12.88
N VAL A 22 -123.26 28.38 11.58
CA VAL A 22 -124.17 28.95 10.60
C VAL A 22 -125.51 28.23 10.68
N PRO A 23 -126.64 28.93 10.55
CA PRO A 23 -127.93 28.22 10.50
C PRO A 23 -127.99 27.29 9.30
N THR A 24 -128.72 26.18 9.46
CA THR A 24 -128.77 25.16 8.42
C THR A 24 -129.29 25.69 7.10
N ALA A 25 -130.04 26.79 7.11
CA ALA A 25 -130.61 27.32 5.88
C ALA A 25 -129.51 27.79 4.92
N SER A 26 -128.48 28.46 5.44
CA SER A 26 -127.47 29.10 4.60
C SER A 26 -126.11 28.42 4.70
N PHE A 27 -126.08 27.16 5.14
CA PHE A 27 -124.80 26.46 5.26
C PHE A 27 -124.12 26.32 3.91
N PHE A 28 -124.90 26.10 2.84
CA PHE A 28 -124.32 25.97 1.51
C PHE A 28 -123.61 27.24 1.08
N ILE A 29 -124.25 28.40 1.28
CA ILE A 29 -123.61 29.66 0.93
C ILE A 29 -122.38 29.89 1.80
N ALA A 30 -122.49 29.59 3.09
CA ALA A 30 -121.35 29.76 3.98
C ALA A 30 -120.17 28.91 3.51
N SER A 31 -120.44 27.66 3.13
CA SER A 31 -119.38 26.77 2.66
C SER A 31 -118.79 27.24 1.33
N GLN A 32 -119.62 27.77 0.42
CA GLN A 32 -119.09 28.30 -0.83
C GLN A 32 -118.12 29.44 -0.57
N LEU A 33 -118.54 30.41 0.25
CA LEU A 33 -117.65 31.53 0.55
C LEU A 33 -116.43 31.06 1.32
N GLN A 34 -116.58 30.04 2.16
CA GLN A 34 -115.44 29.50 2.88
C GLN A 34 -114.43 28.85 1.94
N GLU A 35 -114.90 28.12 0.93
CA GLU A 35 -113.99 27.53 -0.05
C GLU A 35 -113.25 28.62 -0.81
N GLN A 36 -113.97 29.66 -1.24
CA GLN A 36 -113.29 30.76 -1.92
C GLN A 36 -112.24 31.41 -1.00
N PHE A 37 -112.59 31.64 0.27
CA PHE A 37 -111.66 32.24 1.21
C PHE A 37 -110.45 31.33 1.44
N ASN A 38 -110.67 30.02 1.47
CA ASN A 38 -109.57 29.08 1.55
C ASN A 38 -108.64 29.26 0.36
N LYS A 39 -109.20 29.50 -0.82
CA LYS A 39 -108.35 29.86 -1.95
C LYS A 39 -107.57 31.14 -1.67
N ILE A 40 -108.24 32.15 -1.10
CA ILE A 40 -107.58 33.44 -0.90
C ILE A 40 -106.57 33.37 0.22
N LEU A 41 -106.94 32.76 1.35
CA LEU A 41 -106.07 32.74 2.52
C LEU A 41 -104.77 32.01 2.19
N PRO A 42 -103.63 32.71 2.13
CA PRO A 42 -102.40 32.06 1.69
C PRO A 42 -101.96 30.97 2.65
N GLU A 43 -101.17 30.02 2.12
CA GLU A 43 -100.72 28.86 2.87
C GLU A 43 -99.93 29.30 4.11
N PRO A 44 -100.00 28.56 5.20
CA PRO A 44 -99.38 29.00 6.46
C PRO A 44 -97.88 28.75 6.52
N THR A 45 -97.28 29.30 7.56
CA THR A 45 -95.86 29.10 7.86
C THR A 45 -95.70 28.96 9.37
N GLU A 46 -94.46 28.80 9.82
CA GLU A 46 -94.18 28.61 11.23
C GLU A 46 -94.45 29.91 11.98
N GLY A 47 -95.54 29.94 12.76
CA GLY A 47 -95.92 31.12 13.49
C GLY A 47 -96.77 32.10 12.71
N PHE A 48 -97.00 31.85 11.42
CA PHE A 48 -97.78 32.73 10.56
C PHE A 48 -97.16 34.12 10.49
N ALA A 49 -95.85 34.20 10.66
CA ALA A 49 -95.14 35.48 10.70
C ALA A 49 -94.73 35.93 9.30
N ALA A 50 -95.70 36.00 8.39
CA ALA A 50 -95.48 36.52 7.06
C ALA A 50 -96.67 37.40 6.68
N ASP A 51 -96.46 38.25 5.67
CA ASP A 51 -97.48 39.19 5.28
C ASP A 51 -98.72 38.47 4.77
N ASP A 52 -99.89 39.01 5.12
CA ASP A 52 -101.18 38.57 4.61
C ASP A 52 -101.64 37.24 5.18
N GLU A 53 -101.27 36.90 6.42
CA GLU A 53 -101.78 35.71 7.07
C GLU A 53 -102.11 36.02 8.52
N PRO A 54 -103.17 35.44 9.06
CA PRO A 54 -103.54 35.71 10.46
C PRO A 54 -102.55 35.10 11.44
N THR A 55 -102.51 35.70 12.63
CA THR A 55 -101.77 35.15 13.76
C THR A 55 -102.68 34.76 14.92
N THR A 56 -103.97 35.04 14.82
CA THR A 56 -104.93 34.78 15.89
C THR A 56 -106.27 34.50 15.24
N PRO A 57 -107.11 33.65 15.85
CA PRO A 57 -108.42 33.38 15.24
C PRO A 57 -109.24 34.62 14.97
N ALA A 58 -109.18 35.62 15.85
CA ALA A 58 -109.90 36.86 15.60
C ALA A 58 -109.44 37.49 14.30
N GLU A 59 -108.12 37.48 14.03
CA GLU A 59 -107.61 38.04 12.79
C GLU A 59 -108.19 37.31 11.59
N LEU A 60 -108.26 35.98 11.66
CA LEU A 60 -108.75 35.20 10.53
C LEU A 60 -110.23 35.43 10.30
N VAL A 61 -111.02 35.50 11.37
CA VAL A 61 -112.44 35.77 11.22
C VAL A 61 -112.66 37.18 10.65
N GLY A 62 -111.84 38.14 11.07
CA GLY A 62 -111.93 39.46 10.49
C GLY A 62 -111.54 39.48 9.02
N LYS A 63 -110.54 38.67 8.66
CA LYS A 63 -110.16 38.57 7.25
C LYS A 63 -111.31 38.00 6.42
N PHE A 64 -111.99 36.98 6.93
CA PHE A 64 -113.17 36.46 6.26
C PHE A 64 -114.27 37.52 6.20
N LEU A 65 -114.45 38.29 7.27
CA LEU A 65 -115.41 39.39 7.26
C LEU A 65 -115.12 40.35 6.11
N GLY A 66 -113.85 40.74 5.97
CA GLY A 66 -113.48 41.62 4.88
C GLY A 66 -113.73 41.00 3.53
N TYR A 67 -113.38 39.71 3.38
CA TYR A 67 -113.59 39.06 2.10
C TYR A 67 -115.05 39.07 1.70
N VAL A 68 -115.93 38.72 2.64
CA VAL A 68 -117.36 38.72 2.34
C VAL A 68 -117.88 40.13 2.11
N SER A 69 -117.36 41.12 2.85
CA SER A 69 -117.80 42.49 2.67
C SER A 69 -117.43 43.00 1.28
N SER A 70 -116.29 42.55 0.75
CA SER A 70 -115.93 42.93 -0.62
C SER A 70 -116.93 42.40 -1.63
N LEU A 71 -117.40 41.16 -1.45
CA LEU A 71 -118.36 40.58 -2.39
C LEU A 71 -119.72 41.26 -2.29
N VAL A 72 -120.17 41.60 -1.08
CA VAL A 72 -121.44 42.29 -0.94
C VAL A 72 -121.35 43.66 -1.60
N GLU A 73 -122.50 44.12 -2.10
CA GLU A 73 -122.60 45.41 -2.78
C GLU A 73 -123.62 46.25 -2.05
N PRO A 74 -123.24 47.41 -1.50
CA PRO A 74 -124.23 48.25 -0.81
C PRO A 74 -125.33 48.68 -1.76
N SER A 75 -126.55 48.77 -1.21
CA SER A 75 -127.77 48.99 -1.97
C SER A 75 -128.41 47.65 -2.31
N LYS A 76 -129.16 47.59 -3.41
CA LYS A 76 -129.82 46.35 -3.80
C LYS A 76 -128.83 45.20 -3.89
N VAL A 77 -129.00 44.22 -3.00
CA VAL A 77 -128.10 43.07 -2.94
C VAL A 77 -128.81 41.97 -2.16
N GLY A 78 -128.63 40.74 -2.61
CA GLY A 78 -129.19 39.59 -1.92
C GLY A 78 -128.19 38.48 -1.70
N GLN A 79 -127.07 38.52 -2.41
CA GLN A 79 -126.15 37.40 -2.47
C GLN A 79 -125.63 36.99 -1.09
N PHE A 80 -124.87 37.87 -0.45
CA PHE A 80 -124.13 37.50 0.76
C PHE A 80 -124.40 38.43 1.94
N ASP A 81 -125.55 39.10 1.99
CA ASP A 81 -125.87 39.93 3.14
C ASP A 81 -126.07 39.09 4.39
N GLN A 82 -126.81 37.99 4.27
CA GLN A 82 -127.16 37.19 5.44
C GLN A 82 -125.91 36.58 6.08
N VAL A 83 -125.04 36.00 5.26
CA VAL A 83 -123.83 35.39 5.80
C VAL A 83 -122.95 36.46 6.45
N LEU A 84 -122.87 37.63 5.82
CA LEU A 84 -122.12 38.74 6.39
C LEU A 84 -122.64 39.09 7.77
N ASN A 85 -123.95 39.26 7.90
CA ASN A 85 -124.54 39.63 9.18
C ASN A 85 -124.29 38.54 10.23
N LEU A 86 -124.43 37.28 9.83
CA LEU A 86 -124.23 36.18 10.79
C LEU A 86 -122.80 36.18 11.30
N CYS A 87 -121.82 36.27 10.40
CA CYS A 87 -120.43 36.26 10.86
C CYS A 87 -120.08 37.52 11.62
N LEU A 88 -120.75 38.64 11.30
CA LEU A 88 -120.53 39.87 12.06
C LEU A 88 -120.99 39.70 13.50
N THR A 89 -122.19 39.17 13.69
CA THR A 89 -122.68 38.92 15.05
C THR A 89 -121.80 37.91 15.76
N GLU A 90 -121.35 36.87 15.05
CA GLU A 90 -120.46 35.89 15.66
C GLU A 90 -119.17 36.55 16.13
N PHE A 91 -118.57 37.39 15.30
CA PHE A 91 -117.35 38.08 15.66
C PHE A 91 -117.57 38.99 16.86
N GLU A 92 -118.67 39.76 16.85
CA GLU A 92 -118.93 40.66 17.97
C GLU A 92 -119.11 39.89 19.27
N ASN A 93 -119.82 38.75 19.22
CA ASN A 93 -120.10 38.00 20.43
C ASN A 93 -118.87 37.26 20.94
N CYS A 94 -118.00 36.80 20.03
CA CYS A 94 -116.89 35.95 20.42
C CYS A 94 -115.59 36.70 20.66
N TYR A 95 -115.45 37.91 20.14
CA TYR A 95 -114.16 38.60 20.25
C TYR A 95 -114.26 40.00 20.82
N LEU A 96 -115.30 40.76 20.48
CA LEU A 96 -115.43 42.15 20.88
C LEU A 96 -116.15 42.33 22.19
N GLU A 97 -116.65 41.26 22.80
CA GLU A 97 -117.53 41.37 23.95
C GLU A 97 -118.53 42.51 23.72
N GLY A 98 -118.56 43.48 24.61
CA GLY A 98 -119.34 44.68 24.40
C GLY A 98 -118.46 45.89 24.13
N ASN A 99 -117.17 45.64 23.92
CA ASN A 99 -116.18 46.70 23.78
C ASN A 99 -116.07 47.17 22.34
N ASP A 100 -115.07 47.99 22.04
CA ASP A 100 -114.87 48.51 20.71
C ASP A 100 -113.80 47.72 19.97
N ILE A 101 -113.68 47.97 18.68
CA ILE A 101 -112.71 47.24 17.86
C ILE A 101 -111.29 47.61 18.26
N HIS A 102 -111.04 48.88 18.60
CA HIS A 102 -109.70 49.28 18.97
C HIS A 102 -109.25 48.64 20.28
N ALA A 103 -110.18 48.35 21.19
CA ALA A 103 -109.82 47.61 22.39
C ALA A 103 -109.33 46.21 22.04
N LEU A 104 -110.00 45.55 21.11
CA LEU A 104 -109.54 44.24 20.64
C LEU A 104 -108.19 44.36 19.96
N ALA A 105 -107.99 45.42 19.17
CA ALA A 105 -106.72 45.63 18.51
C ALA A 105 -105.59 45.78 19.53
N ALA A 106 -105.81 46.57 20.58
CA ALA A 106 -104.79 46.73 21.61
C ALA A 106 -104.55 45.41 22.34
N LYS A 107 -105.61 44.65 22.61
CA LYS A 107 -105.46 43.37 23.28
C LYS A 107 -104.60 42.42 22.45
N LEU A 108 -104.87 42.35 21.14
CA LEU A 108 -104.11 41.45 20.29
C LEU A 108 -102.69 41.96 20.06
N LEU A 109 -102.48 43.27 20.18
CA LEU A 109 -101.13 43.81 20.06
C LEU A 109 -100.30 43.56 21.31
N GLN A 110 -100.94 43.50 22.48
CA GLN A 110 -100.21 43.38 23.74
C GLN A 110 -100.12 41.95 24.24
N GLU A 111 -101.25 41.27 24.43
CA GLU A 111 -101.24 39.94 25.02
C GLU A 111 -100.94 38.83 24.01
N ASN A 112 -100.95 39.13 22.71
CA ASN A 112 -100.67 38.13 21.69
C ASN A 112 -99.53 38.59 20.81
N ASP A 113 -99.27 37.84 19.72
CA ASP A 113 -98.18 38.14 18.78
C ASP A 113 -98.82 38.55 17.46
N THR A 114 -99.11 39.85 17.33
CA THR A 114 -99.67 40.41 16.11
C THR A 114 -98.98 41.74 15.81
N THR A 115 -98.67 41.97 14.54
CA THR A 115 -98.04 43.21 14.14
C THR A 115 -99.06 44.34 14.12
N LEU A 116 -98.55 45.58 14.07
CA LEU A 116 -99.44 46.73 13.99
C LEU A 116 -100.21 46.76 12.68
N VAL A 117 -99.58 46.31 11.59
CA VAL A 117 -100.23 46.32 10.29
C VAL A 117 -101.40 45.37 10.27
N LYS A 118 -101.23 44.16 10.83
CA LYS A 118 -102.31 43.18 10.83
C LYS A 118 -103.49 43.66 11.65
N THR A 119 -103.24 44.28 12.81
CA THR A 119 -104.35 44.76 13.63
C THR A 119 -105.05 45.96 12.96
N LYS A 120 -104.28 46.83 12.31
CA LYS A 120 -104.93 47.89 11.53
C LYS A 120 -105.80 47.29 10.44
N GLU A 121 -105.34 46.22 9.80
CA GLU A 121 -106.14 45.54 8.78
C GLU A 121 -107.41 44.97 9.40
N LEU A 122 -107.30 44.42 10.60
CA LEU A 122 -108.48 43.88 11.28
C LEU A 122 -109.50 44.98 11.57
N ILE A 123 -109.03 46.13 12.05
CA ILE A 123 -109.93 47.25 12.31
C ILE A 123 -110.61 47.67 11.01
N LYS A 124 -109.82 47.78 9.94
CA LYS A 124 -110.36 48.17 8.65
C LYS A 124 -111.44 47.20 8.19
N ASN A 125 -111.17 45.90 8.32
CA ASN A 125 -112.13 44.90 7.89
C ASN A 125 -113.42 44.99 8.70
N TYR A 126 -113.29 45.09 10.03
CA TYR A 126 -114.49 45.14 10.86
C TYR A 126 -115.35 46.34 10.52
N ILE A 127 -114.73 47.52 10.37
CA ILE A 127 -115.51 48.73 10.12
C ILE A 127 -116.12 48.70 8.72
N THR A 128 -115.36 48.21 7.74
CA THR A 128 -115.88 48.09 6.38
C THR A 128 -117.07 47.15 6.34
N ALA A 129 -116.98 46.01 7.04
CA ALA A 129 -118.10 45.07 7.07
C ALA A 129 -119.29 45.68 7.78
N ARG A 130 -119.06 46.42 8.87
CA ARG A 130 -120.17 47.05 9.57
C ARG A 130 -120.92 48.01 8.66
N ILE A 131 -120.19 48.85 7.91
CA ILE A 131 -120.89 49.79 7.05
C ILE A 131 -121.51 49.10 5.84
N MET A 132 -120.85 48.07 5.30
CA MET A 132 -121.40 47.37 4.14
C MET A 132 -122.72 46.70 4.49
N ALA A 133 -122.83 46.12 5.68
CA ALA A 133 -124.04 45.46 6.11
C ALA A 133 -125.14 46.43 6.51
N LYS A 134 -124.98 47.73 6.24
CA LYS A 134 -125.95 48.74 6.66
C LYS A 134 -126.13 48.72 8.18
N ARG A 135 -125.02 48.55 8.89
CA ARG A 135 -125.02 48.61 10.35
C ARG A 135 -124.23 49.84 10.79
N PRO A 136 -124.77 51.04 10.60
CA PRO A 136 -124.01 52.26 10.93
C PRO A 136 -123.71 52.34 12.41
N PHE A 137 -122.63 53.06 12.74
CA PHE A 137 -122.28 53.33 14.14
C PHE A 137 -123.16 54.46 14.68
N ASP A 138 -124.47 54.25 14.57
CA ASP A 138 -125.46 55.26 14.91
C ASP A 138 -125.93 55.18 16.35
N LYS A 139 -125.38 54.28 17.14
CA LYS A 139 -125.72 54.15 18.55
C LYS A 139 -124.59 54.77 19.38
N LYS A 140 -124.96 55.69 20.28
CA LYS A 140 -123.97 56.36 21.10
C LYS A 140 -123.19 55.33 21.91
N SER A 141 -121.88 55.57 22.04
CA SER A 141 -120.98 54.62 22.66
C SER A 141 -121.20 54.57 24.17
N ASN A 142 -120.57 53.58 24.81
CA ASN A 142 -120.50 53.49 26.26
C ASN A 142 -119.09 53.75 26.75
N SER A 143 -118.32 54.57 26.04
CA SER A 143 -116.96 54.87 26.42
C SER A 143 -116.90 55.36 27.86
N ALA A 144 -115.97 54.80 28.62
CA ALA A 144 -115.83 55.20 30.02
C ALA A 144 -115.46 56.67 30.14
N LEU A 145 -114.61 57.15 29.23
CA LEU A 145 -114.17 58.55 29.28
C LEU A 145 -115.36 59.50 29.13
N PHE A 146 -116.21 59.25 28.15
CA PHE A 146 -117.32 60.17 27.89
C PHE A 146 -118.49 59.94 28.84
N ARG A 147 -118.57 58.79 29.50
CA ARG A 147 -119.50 58.64 30.60
C ARG A 147 -119.03 59.44 31.82
N ALA A 148 -117.73 59.39 32.10
CA ALA A 148 -117.17 60.20 33.18
C ALA A 148 -117.38 61.69 32.92
N VAL A 149 -117.16 62.12 31.67
CA VAL A 149 -117.42 63.51 31.32
C VAL A 149 -118.87 63.86 31.60
N GLY A 150 -119.79 62.98 31.22
CA GLY A 150 -121.19 63.25 31.45
C GLY A 150 -121.53 63.39 32.92
N GLU A 151 -120.99 62.51 33.76
CA GLU A 151 -121.29 62.58 35.19
C GLU A 151 -120.42 63.60 35.92
N GLY A 152 -119.47 64.24 35.23
CA GLY A 152 -118.67 65.29 35.83
C GLY A 152 -117.33 64.85 36.38
N ASN A 153 -116.93 63.61 36.16
CA ASN A 153 -115.67 63.10 36.70
C ASN A 153 -114.48 63.35 35.79
N ALA A 154 -114.68 64.02 34.65
CA ALA A 154 -113.58 64.30 33.73
C ALA A 154 -113.87 65.56 32.96
N GLN A 155 -112.81 66.28 32.60
CA GLN A 155 -112.88 67.46 31.76
C GLN A 155 -111.91 67.28 30.59
N LEU A 156 -112.40 67.52 29.38
CA LEU A 156 -111.64 67.26 28.16
C LEU A 156 -111.31 68.56 27.46
N VAL A 157 -110.06 68.68 27.03
CA VAL A 157 -109.60 69.77 26.17
C VAL A 157 -108.95 69.14 24.95
N ALA A 158 -109.33 69.62 23.77
CA ALA A 158 -108.77 69.10 22.53
C ALA A 158 -107.65 70.02 22.06
N ILE A 159 -106.51 69.44 21.72
CA ILE A 159 -105.36 70.18 21.19
C ILE A 159 -105.03 69.65 19.82
N PHE A 160 -104.53 70.53 18.96
CA PHE A 160 -104.22 70.19 17.57
C PHE A 160 -102.80 70.63 17.26
N GLY A 161 -102.05 69.75 16.62
CA GLY A 161 -100.66 70.01 16.31
C GLY A 161 -100.49 70.86 15.06
N GLY A 162 -99.24 71.03 14.68
CA GLY A 162 -98.88 71.82 13.50
C GLY A 162 -97.70 71.22 12.78
N GLN A 163 -96.81 72.08 12.30
CA GLN A 163 -95.65 71.64 11.55
C GLN A 163 -94.51 71.26 12.48
N GLY A 164 -93.57 70.48 11.96
CA GLY A 164 -92.35 70.14 12.64
C GLY A 164 -92.39 68.88 13.47
N ASN A 165 -93.56 68.24 13.60
CA ASN A 165 -93.66 67.06 14.46
C ASN A 165 -93.12 65.81 13.79
N THR A 166 -93.27 65.68 12.47
CA THR A 166 -92.86 64.47 11.78
C THR A 166 -92.32 64.83 10.40
N ASP A 167 -91.58 63.88 9.82
CA ASP A 167 -91.04 64.07 8.49
C ASP A 167 -91.97 63.55 7.40
N ASP A 168 -92.84 62.59 7.72
CA ASP A 168 -93.79 62.03 6.76
C ASP A 168 -95.19 62.04 7.37
N TYR A 169 -95.89 63.18 7.23
CA TYR A 169 -97.29 63.27 7.62
C TYR A 169 -98.20 62.63 6.60
N PHE A 170 -97.83 62.67 5.32
CA PHE A 170 -98.66 62.06 4.30
C PHE A 170 -98.78 60.56 4.50
N GLU A 171 -97.86 59.96 5.23
CA GLU A 171 -98.02 58.56 5.57
C GLU A 171 -99.18 58.46 6.55
N GLU A 172 -99.29 59.39 7.49
CA GLU A 172 -100.44 59.41 8.39
C GLU A 172 -101.75 59.56 7.61
N LEU A 173 -101.75 60.45 6.60
CA LEU A 173 -102.95 60.58 5.77
C LEU A 173 -103.25 59.28 5.02
N ARG A 174 -102.24 58.58 4.53
CA ARG A 174 -102.48 57.32 3.86
C ARG A 174 -103.03 56.30 4.83
N ASP A 175 -102.53 56.26 6.06
CA ASP A 175 -103.10 55.35 7.05
C ASP A 175 -104.56 55.66 7.28
N LEU A 176 -104.90 56.95 7.40
CA LEU A 176 -106.30 57.33 7.57
C LEU A 176 -107.15 56.89 6.38
N TYR A 177 -106.64 57.10 5.16
CA TYR A 177 -107.42 56.78 3.96
C TYR A 177 -107.61 55.28 3.79
N GLN A 178 -106.63 54.48 4.19
CA GLN A 178 -106.73 53.03 4.05
C GLN A 178 -107.55 52.40 5.17
N THR A 179 -107.18 52.66 6.42
CA THR A 179 -107.82 51.97 7.53
C THR A 179 -109.30 52.38 7.66
N TYR A 180 -109.58 53.68 7.66
CA TYR A 180 -110.91 54.19 7.90
C TYR A 180 -111.51 54.82 6.65
N HIS A 181 -111.27 54.19 5.49
CA HIS A 181 -111.78 54.74 4.24
C HIS A 181 -113.27 55.01 4.31
N VAL A 182 -114.02 54.14 4.97
CA VAL A 182 -115.48 54.25 4.95
C VAL A 182 -115.98 55.44 5.77
N LEU A 183 -115.19 55.95 6.71
CA LEU A 183 -115.60 57.06 7.54
C LEU A 183 -115.13 58.41 7.02
N VAL A 184 -113.89 58.48 6.52
CA VAL A 184 -113.27 59.74 6.13
C VAL A 184 -113.04 59.84 4.63
N GLY A 185 -113.50 58.87 3.85
CA GLY A 185 -113.31 58.95 2.41
C GLY A 185 -114.06 60.12 1.79
N ASP A 186 -115.31 60.32 2.19
CA ASP A 186 -116.08 61.46 1.70
C ASP A 186 -115.42 62.77 2.12
N LEU A 187 -114.93 62.84 3.35
CA LEU A 187 -114.27 64.06 3.82
C LEU A 187 -113.04 64.36 2.99
N ILE A 188 -112.21 63.35 2.72
CA ILE A 188 -110.99 63.57 1.96
C ILE A 188 -111.31 63.90 0.51
N LYS A 189 -112.34 63.27 -0.06
CA LYS A 189 -112.76 63.61 -1.41
C LYS A 189 -113.20 65.07 -1.48
N PHE A 190 -113.99 65.50 -0.51
CA PHE A 190 -114.45 66.89 -0.47
C PHE A 190 -113.26 67.85 -0.32
N SER A 191 -112.31 67.49 0.53
CA SER A 191 -111.13 68.33 0.72
C SER A 191 -110.32 68.44 -0.56
N ALA A 192 -110.12 67.32 -1.27
CA ALA A 192 -109.38 67.35 -2.53
C ALA A 192 -110.09 68.22 -3.55
N GLU A 193 -111.41 68.06 -3.66
CA GLU A 193 -112.17 68.89 -4.60
C GLU A 193 -112.05 70.37 -4.24
N THR A 194 -112.15 70.69 -2.96
CA THR A 194 -112.07 72.08 -2.52
C THR A 194 -110.70 72.67 -2.82
N LEU A 195 -109.64 71.91 -2.56
CA LEU A 195 -108.30 72.43 -2.81
C LEU A 195 -108.04 72.60 -4.30
N SER A 196 -108.51 71.65 -5.12
CA SER A 196 -108.38 71.81 -6.56
C SER A 196 -109.11 73.05 -7.05
N GLU A 197 -110.31 73.29 -6.53
CA GLU A 197 -111.06 74.48 -6.92
C GLU A 197 -110.33 75.75 -6.47
N LEU A 198 -109.80 75.75 -5.25
CA LEU A 198 -109.08 76.92 -4.75
C LEU A 198 -107.86 77.22 -5.60
N ILE A 199 -107.14 76.18 -6.03
CA ILE A 199 -106.02 76.38 -6.93
C ILE A 199 -106.50 76.92 -8.27
N ARG A 200 -107.60 76.37 -8.79
CA ARG A 200 -108.09 76.72 -10.11
C ARG A 200 -108.74 78.10 -10.14
N THR A 201 -108.95 78.71 -8.96
CA THR A 201 -109.59 80.02 -8.91
C THR A 201 -108.71 81.09 -8.28
N THR A 202 -107.45 80.81 -7.97
CA THR A 202 -106.53 81.79 -7.41
C THR A 202 -105.51 82.14 -8.50
N LEU A 203 -105.20 83.43 -8.63
CA LEU A 203 -104.55 83.97 -9.82
C LEU A 203 -103.36 83.14 -10.29
N ASP A 204 -102.31 83.04 -9.49
CA ASP A 204 -101.09 82.31 -9.86
C ASP A 204 -100.77 81.19 -8.89
N ALA A 205 -101.81 80.58 -8.29
CA ALA A 205 -101.57 79.51 -7.35
C ALA A 205 -100.88 78.32 -8.02
N GLU A 206 -101.14 78.11 -9.31
CA GLU A 206 -100.57 76.95 -9.99
C GLU A 206 -99.04 77.01 -10.04
N LYS A 207 -98.45 78.18 -9.79
CA LYS A 207 -96.99 78.27 -9.80
C LYS A 207 -96.38 77.64 -8.55
N VAL A 208 -96.98 77.87 -7.38
CA VAL A 208 -96.47 77.25 -6.17
C VAL A 208 -96.71 75.75 -6.19
N PHE A 209 -97.79 75.31 -6.81
CA PHE A 209 -98.10 73.89 -6.93
C PHE A 209 -97.52 73.36 -8.25
N THR A 210 -96.19 73.24 -8.26
CA THR A 210 -95.50 72.86 -9.49
C THR A 210 -95.91 71.47 -9.95
N GLN A 211 -96.06 70.54 -9.01
CA GLN A 211 -96.46 69.17 -9.31
C GLN A 211 -97.93 68.91 -9.00
N GLY A 212 -98.74 69.96 -8.92
CA GLY A 212 -100.16 69.81 -8.70
C GLY A 212 -100.49 69.49 -7.25
N LEU A 213 -101.78 69.31 -7.01
CA LEU A 213 -102.32 68.97 -5.70
C LEU A 213 -103.36 67.87 -5.82
N ASN A 214 -103.03 66.83 -6.58
CA ASN A 214 -103.95 65.71 -6.83
C ASN A 214 -103.82 64.71 -5.70
N ILE A 215 -104.53 65.00 -4.61
CA ILE A 215 -104.38 64.20 -3.38
C ILE A 215 -104.92 62.78 -3.59
N LEU A 216 -106.10 62.66 -4.17
CA LEU A 216 -106.71 61.34 -4.32
C LEU A 216 -105.86 60.43 -5.19
N GLU A 217 -105.24 60.98 -6.24
CA GLU A 217 -104.37 60.18 -7.09
C GLU A 217 -103.15 59.69 -6.32
N TRP A 218 -102.57 60.55 -5.49
CA TRP A 218 -101.45 60.12 -4.67
C TRP A 218 -101.87 59.03 -3.69
N LEU A 219 -103.08 59.14 -3.14
CA LEU A 219 -103.53 58.16 -2.17
C LEU A 219 -103.81 56.80 -2.82
N GLU A 220 -104.46 56.80 -3.99
CA GLU A 220 -104.75 55.54 -4.67
C GLU A 220 -103.50 54.98 -5.36
N ASN A 221 -102.63 55.85 -5.85
CA ASN A 221 -101.38 55.42 -6.48
C ASN A 221 -100.20 55.93 -5.67
N PRO A 222 -99.60 55.12 -4.80
CA PRO A 222 -98.47 55.61 -4.00
C PRO A 222 -97.23 55.95 -4.80
N SER A 223 -97.19 55.61 -6.09
CA SER A 223 -96.01 55.87 -6.91
C SER A 223 -96.05 57.22 -7.61
N ASN A 224 -97.23 57.69 -7.98
CA ASN A 224 -97.36 59.02 -8.58
C ASN A 224 -97.25 60.14 -7.56
N THR A 225 -97.15 59.82 -6.28
CA THR A 225 -97.03 60.84 -5.25
C THR A 225 -95.72 61.60 -5.42
N PRO A 226 -95.72 62.92 -5.25
CA PRO A 226 -94.45 63.67 -5.30
C PRO A 226 -93.46 63.19 -4.26
N ASP A 227 -92.24 63.70 -4.38
CA ASP A 227 -91.20 63.38 -3.42
C ASP A 227 -91.50 64.05 -2.08
N LYS A 228 -90.74 63.65 -1.06
CA LYS A 228 -91.00 64.11 0.30
C LYS A 228 -90.81 65.62 0.44
N ASP A 229 -89.79 66.18 -0.21
CA ASP A 229 -89.55 67.61 -0.09
C ASP A 229 -90.69 68.44 -0.65
N TYR A 230 -91.28 68.01 -1.77
CA TYR A 230 -92.43 68.72 -2.30
C TYR A 230 -93.65 68.58 -1.40
N LEU A 231 -93.81 67.42 -0.75
CA LEU A 231 -94.92 67.25 0.18
C LEU A 231 -94.73 68.12 1.43
N LEU A 232 -93.47 68.41 1.77
CA LEU A 232 -93.20 69.19 2.98
C LEU A 232 -93.38 70.70 2.79
N SER A 233 -93.44 71.18 1.55
CA SER A 233 -93.63 72.60 1.33
C SER A 233 -94.99 73.04 1.85
N ILE A 234 -95.06 74.25 2.41
CA ILE A 234 -96.24 74.65 3.18
C ILE A 234 -97.50 74.73 2.31
N PRO A 235 -97.44 75.15 1.03
CA PRO A 235 -98.68 75.22 0.24
C PRO A 235 -99.37 73.87 0.17
N ILE A 236 -98.59 72.79 0.28
CA ILE A 236 -99.12 71.44 0.38
C ILE A 236 -99.38 71.12 1.85
N SER A 237 -98.38 71.36 2.69
CA SER A 237 -98.38 70.81 4.04
C SER A 237 -99.53 71.34 4.88
N CYS A 238 -99.74 72.66 4.89
CA CYS A 238 -100.72 73.23 5.80
C CYS A 238 -102.12 72.66 5.56
N PRO A 239 -102.68 72.72 4.34
CA PRO A 239 -103.99 72.12 4.12
C PRO A 239 -104.04 70.65 4.49
N LEU A 240 -102.99 69.88 4.19
CA LEU A 240 -103.06 68.44 4.41
C LEU A 240 -102.93 68.08 5.88
N ILE A 241 -102.15 68.83 6.65
CA ILE A 241 -102.14 68.62 8.09
C ILE A 241 -103.51 68.95 8.67
N GLY A 242 -104.13 70.03 8.21
CA GLY A 242 -105.49 70.32 8.65
C GLY A 242 -106.46 69.20 8.30
N VAL A 243 -106.34 68.65 7.10
CA VAL A 243 -107.21 67.57 6.67
C VAL A 243 -106.99 66.33 7.53
N ILE A 244 -105.74 66.04 7.87
CA ILE A 244 -105.44 64.90 8.73
C ILE A 244 -106.09 65.07 10.09
N GLN A 245 -105.97 66.27 10.67
CA GLN A 245 -106.59 66.52 11.96
C GLN A 245 -108.10 66.36 11.90
N LEU A 246 -108.72 66.93 10.85
CA LEU A 246 -110.17 66.80 10.73
C LEU A 246 -110.60 65.36 10.50
N ALA A 247 -109.81 64.59 9.77
CA ALA A 247 -110.13 63.18 9.56
C ALA A 247 -110.08 62.41 10.88
N HIS A 248 -109.05 62.66 11.69
CA HIS A 248 -109.00 62.02 12.99
C HIS A 248 -110.20 62.41 13.85
N TYR A 249 -110.58 63.68 13.81
CA TYR A 249 -111.75 64.13 14.56
C TYR A 249 -113.01 63.41 14.09
N VAL A 250 -113.17 63.27 12.78
CA VAL A 250 -114.35 62.61 12.23
C VAL A 250 -114.38 61.15 12.66
N VAL A 251 -113.24 60.47 12.59
CA VAL A 251 -113.20 59.07 13.01
C VAL A 251 -113.57 58.94 14.48
N THR A 252 -113.01 59.82 15.32
CA THR A 252 -113.33 59.77 16.74
C THR A 252 -114.81 59.99 16.99
N ALA A 253 -115.41 60.94 16.27
CA ALA A 253 -116.82 61.22 16.46
C ALA A 253 -117.69 60.06 15.99
N LYS A 254 -117.37 59.48 14.83
CA LYS A 254 -118.21 58.45 14.27
C LYS A 254 -118.13 57.16 15.07
N LEU A 255 -116.94 56.75 15.47
CA LEU A 255 -116.81 55.54 16.30
C LEU A 255 -117.52 55.68 17.65
N LEU A 256 -117.77 56.90 18.11
CA LEU A 256 -118.51 57.11 19.34
C LEU A 256 -119.99 57.37 19.12
N GLY A 257 -120.45 57.39 17.87
CA GLY A 257 -121.85 57.65 17.59
C GLY A 257 -122.26 59.09 17.73
N PHE A 258 -121.31 60.01 17.85
CA PHE A 258 -121.59 61.42 18.07
C PHE A 258 -121.65 62.17 16.75
N THR A 259 -122.49 63.20 16.73
CA THR A 259 -122.33 64.26 15.76
C THR A 259 -121.14 65.13 16.18
N PRO A 260 -120.51 65.84 15.25
CA PRO A 260 -119.39 66.70 15.66
C PRO A 260 -119.79 67.71 16.72
N GLY A 261 -121.02 68.22 16.67
CA GLY A 261 -121.50 69.09 17.73
C GLY A 261 -121.53 68.41 19.08
N GLU A 262 -121.94 67.13 19.12
CA GLU A 262 -121.96 66.40 20.38
C GLU A 262 -120.55 66.23 20.95
N LEU A 263 -119.62 65.79 20.11
CA LEU A 263 -118.24 65.62 20.58
C LEU A 263 -117.67 66.94 21.06
N ARG A 264 -117.97 68.04 20.36
CA ARG A 264 -117.53 69.35 20.81
C ARG A 264 -118.14 69.69 22.17
N SER A 265 -119.44 69.45 22.33
CA SER A 265 -120.10 69.75 23.60
C SER A 265 -119.46 68.97 24.74
N TYR A 266 -118.99 67.75 24.48
CA TYR A 266 -118.30 66.99 25.51
C TYR A 266 -116.96 67.61 25.88
N LEU A 267 -116.42 68.51 25.06
CA LEU A 267 -115.16 69.17 25.35
C LEU A 267 -115.39 70.41 26.20
N LYS A 268 -114.40 70.77 27.02
CA LYS A 268 -114.49 71.99 27.82
C LYS A 268 -113.83 73.13 27.08
N GLY A 269 -112.94 72.82 26.14
CA GLY A 269 -112.30 73.86 25.36
C GLY A 269 -111.40 73.23 24.32
N ALA A 270 -110.80 74.09 23.51
CA ALA A 270 -109.92 73.63 22.44
C ALA A 270 -108.82 74.64 22.21
N THR A 271 -107.74 74.17 21.58
CA THR A 271 -106.63 75.04 21.22
C THR A 271 -105.75 74.27 20.23
N GLY A 272 -104.71 74.95 19.76
CA GLY A 272 -103.83 74.35 18.77
C GLY A 272 -102.45 74.97 18.82
N HIS A 273 -101.45 74.16 18.47
CA HIS A 273 -100.06 74.61 18.43
C HIS A 273 -99.77 75.17 17.04
N SER A 274 -99.79 76.50 16.94
CA SER A 274 -99.47 77.17 15.68
C SER A 274 -100.56 76.90 14.65
N GLN A 275 -100.31 75.98 13.72
CA GLN A 275 -101.26 75.68 12.67
C GLN A 275 -102.54 75.06 13.19
N GLY A 276 -102.46 74.27 14.27
CA GLY A 276 -103.64 73.59 14.78
C GLY A 276 -104.69 74.54 15.30
N LEU A 277 -104.34 75.81 15.51
CA LEU A 277 -105.31 76.78 15.97
C LEU A 277 -106.47 76.94 14.98
N VAL A 278 -106.19 76.73 13.69
CA VAL A 278 -107.24 76.84 12.68
C VAL A 278 -108.22 75.67 12.81
N THR A 279 -107.69 74.46 13.01
CA THR A 279 -108.55 73.30 13.18
C THR A 279 -109.39 73.42 14.45
N ALA A 280 -108.79 73.95 15.52
CA ALA A 280 -109.50 74.05 16.80
C ALA A 280 -110.73 74.95 16.66
N VAL A 281 -110.58 76.10 16.02
CA VAL A 281 -111.71 77.00 15.86
C VAL A 281 -112.78 76.37 14.99
N ALA A 282 -112.38 75.71 13.91
CA ALA A 282 -113.35 75.05 13.04
C ALA A 282 -114.15 74.01 13.81
N ILE A 283 -113.48 73.22 14.65
CA ILE A 283 -114.16 72.21 15.45
C ILE A 283 -115.16 72.87 16.39
N ALA A 284 -114.78 74.00 17.00
CA ALA A 284 -115.64 74.63 17.99
C ALA A 284 -116.96 75.11 17.38
N GLU A 285 -117.03 75.21 16.06
CA GLU A 285 -118.22 75.72 15.41
C GLU A 285 -119.16 74.62 14.91
N THR A 286 -118.68 73.38 14.81
CA THR A 286 -119.44 72.30 14.20
C THR A 286 -120.70 71.97 14.99
N ASP A 287 -121.81 71.73 14.30
CA ASP A 287 -123.06 71.35 14.96
C ASP A 287 -123.56 69.98 14.52
N SER A 288 -123.72 69.78 13.22
CA SER A 288 -124.35 68.57 12.68
C SER A 288 -123.54 68.00 11.54
N TRP A 289 -123.74 66.71 11.27
CA TRP A 289 -123.02 66.05 10.20
C TRP A 289 -123.35 66.65 8.83
N GLU A 290 -124.57 67.15 8.66
CA GLU A 290 -124.97 67.72 7.37
C GLU A 290 -124.37 69.09 7.10
N SER A 291 -123.75 69.72 8.11
CA SER A 291 -123.10 71.01 7.93
C SER A 291 -121.64 70.99 8.37
N PHE A 292 -121.06 69.82 8.59
CA PHE A 292 -119.67 69.73 8.99
C PHE A 292 -118.74 70.18 7.87
N PHE A 293 -119.12 69.92 6.62
CA PHE A 293 -118.28 70.29 5.50
C PHE A 293 -118.13 71.80 5.38
N VAL A 294 -119.06 72.57 5.94
CA VAL A 294 -118.92 74.02 5.93
C VAL A 294 -117.69 74.44 6.71
N SER A 295 -117.57 73.94 7.95
CA SER A 295 -116.40 74.26 8.76
C SER A 295 -115.14 73.62 8.19
N VAL A 296 -115.28 72.44 7.56
CA VAL A 296 -114.12 71.83 6.92
C VAL A 296 -113.60 72.74 5.82
N ARG A 297 -114.49 73.28 5.00
CA ARG A 297 -114.08 74.21 3.95
C ARG A 297 -113.44 75.44 4.55
N LYS A 298 -114.02 75.99 5.61
CA LYS A 298 -113.45 77.18 6.24
C LYS A 298 -112.00 76.91 6.66
N ALA A 299 -111.78 75.83 7.40
CA ALA A 299 -110.44 75.53 7.90
C ALA A 299 -109.46 75.29 6.76
N ILE A 300 -109.88 74.50 5.76
CA ILE A 300 -108.95 74.15 4.69
C ILE A 300 -108.62 75.37 3.84
N THR A 301 -109.59 76.27 3.64
CA THR A 301 -109.32 77.50 2.91
C THR A 301 -108.32 78.37 3.67
N VAL A 302 -108.52 78.51 4.98
CA VAL A 302 -107.59 79.31 5.78
C VAL A 302 -106.18 78.74 5.65
N LEU A 303 -106.05 77.42 5.79
CA LEU A 303 -104.73 76.80 5.72
C LEU A 303 -104.13 76.94 4.33
N PHE A 304 -104.94 76.77 3.29
CA PHE A 304 -104.46 76.91 1.92
C PHE A 304 -103.87 78.30 1.70
N PHE A 305 -104.59 79.34 2.12
CA PHE A 305 -104.11 80.69 1.86
C PHE A 305 -102.90 81.03 2.72
N ILE A 306 -102.87 80.55 3.97
CA ILE A 306 -101.67 80.75 4.77
C ILE A 306 -100.47 80.12 4.08
N GLY A 307 -100.61 78.87 3.64
CA GLY A 307 -99.49 78.21 2.99
C GLY A 307 -99.04 78.93 1.75
N VAL A 308 -99.98 79.31 0.88
CA VAL A 308 -99.61 79.94 -0.39
C VAL A 308 -98.93 81.27 -0.15
N ARG A 309 -99.53 82.12 0.68
CA ARG A 309 -98.98 83.46 0.87
C ARG A 309 -97.66 83.43 1.65
N CYS A 310 -97.53 82.53 2.63
CA CYS A 310 -96.28 82.44 3.36
C CYS A 310 -95.17 81.76 2.56
N TYR A 311 -95.52 80.97 1.55
CA TYR A 311 -94.50 80.49 0.63
C TYR A 311 -94.08 81.56 -0.36
N GLU A 312 -95.03 82.40 -0.80
CA GLU A 312 -94.67 83.49 -1.69
C GLU A 312 -93.88 84.57 -0.97
N ALA A 313 -94.10 84.76 0.33
CA ALA A 313 -93.36 85.77 1.07
C ALA A 313 -91.91 85.39 1.27
N TYR A 314 -91.65 84.14 1.65
CA TYR A 314 -90.29 83.66 1.88
C TYR A 314 -90.10 82.28 1.32
N PRO A 315 -89.98 82.16 0.01
CA PRO A 315 -89.69 80.84 -0.58
C PRO A 315 -88.31 80.36 -0.19
N ASN A 316 -88.14 79.05 -0.25
CA ASN A 316 -86.86 78.48 0.09
C ASN A 316 -85.98 78.47 -1.13
N THR A 317 -84.68 78.50 -0.90
CA THR A 317 -83.72 78.53 -1.98
C THR A 317 -82.66 77.54 -1.67
N SER A 318 -81.71 77.37 -2.58
CA SER A 318 -80.67 76.38 -2.41
C SER A 318 -79.68 76.83 -1.34
N LEU A 319 -79.20 75.86 -0.55
CA LEU A 319 -78.17 76.13 0.44
C LEU A 319 -76.81 75.77 -0.11
N PRO A 320 -75.76 76.54 0.16
CA PRO A 320 -74.41 76.16 -0.28
C PRO A 320 -74.08 74.76 0.19
N PRO A 321 -73.60 73.89 -0.71
CA PRO A 321 -73.31 72.50 -0.29
C PRO A 321 -72.28 72.41 0.83
N SER A 322 -71.39 73.39 0.97
CA SER A 322 -70.45 73.36 2.08
C SER A 322 -71.16 73.40 3.41
N ILE A 323 -72.22 74.22 3.52
CA ILE A 323 -72.96 74.33 4.77
C ILE A 323 -73.62 73.01 5.12
N LEU A 324 -74.24 72.37 4.14
CA LEU A 324 -74.88 71.08 4.41
C LEU A 324 -73.85 70.03 4.79
N GLU A 325 -72.70 70.02 4.11
CA GLU A 325 -71.66 69.07 4.45
C GLU A 325 -71.17 69.28 5.89
N ASP A 326 -70.96 70.54 6.27
CA ASP A 326 -70.52 70.83 7.62
C ASP A 326 -71.56 70.40 8.65
N SER A 327 -72.83 70.71 8.39
CA SER A 327 -73.88 70.34 9.33
C SER A 327 -73.97 68.83 9.49
N LEU A 328 -73.90 68.10 8.38
CA LEU A 328 -73.98 66.65 8.45
C LEU A 328 -72.78 66.06 9.17
N GLU A 329 -71.59 66.60 8.93
CA GLU A 329 -70.38 66.08 9.55
C GLU A 329 -70.47 66.22 11.07
N ASN A 330 -71.05 67.32 11.55
CA ASN A 330 -71.12 67.59 12.99
C ASN A 330 -72.41 67.04 13.58
N ASN A 331 -72.98 66.01 12.96
CA ASN A 331 -74.17 65.35 13.46
C ASN A 331 -75.28 66.35 13.77
N GLU A 332 -75.53 67.27 12.84
CA GLU A 332 -76.65 68.19 12.94
C GLU A 332 -77.60 67.89 11.78
N GLY A 333 -78.81 68.41 11.89
CA GLY A 333 -79.82 68.12 10.90
C GLY A 333 -79.59 68.84 9.60
N VAL A 334 -80.39 68.48 8.59
CA VAL A 334 -80.39 69.27 7.37
C VAL A 334 -80.93 70.66 7.70
N PRO A 335 -80.20 71.74 7.44
CA PRO A 335 -80.67 73.06 7.87
C PRO A 335 -82.04 73.39 7.29
N SER A 336 -82.84 74.06 8.11
CA SER A 336 -84.20 74.45 7.75
C SER A 336 -84.51 75.77 8.46
N PRO A 337 -85.67 76.38 8.21
CA PRO A 337 -85.97 77.68 8.80
C PRO A 337 -86.35 77.65 10.27
N MET A 338 -86.22 76.52 10.96
CA MET A 338 -86.56 76.43 12.37
C MET A 338 -85.59 75.52 13.09
N LEU A 339 -85.03 75.99 14.21
CA LEU A 339 -84.07 75.25 15.01
C LEU A 339 -84.62 75.09 16.42
N SER A 340 -84.80 73.83 16.84
CA SER A 340 -85.25 73.54 18.20
C SER A 340 -84.05 73.36 19.11
N ILE A 341 -84.11 73.96 20.29
CA ILE A 341 -83.03 73.91 21.27
C ILE A 341 -83.59 73.40 22.58
N SER A 342 -82.90 72.44 23.19
CA SER A 342 -83.33 71.81 24.42
C SER A 342 -82.29 72.02 25.51
N ASN A 343 -82.75 71.91 26.76
CA ASN A 343 -81.91 71.97 27.96
C ASN A 343 -81.39 73.36 28.27
N LEU A 344 -81.80 74.38 27.53
CA LEU A 344 -81.44 75.76 27.81
C LEU A 344 -82.69 76.55 28.14
N THR A 345 -82.50 77.61 28.91
CA THR A 345 -83.61 78.46 29.23
C THR A 345 -83.81 79.50 28.15
N GLN A 346 -84.94 80.18 28.18
CA GLN A 346 -85.23 81.17 27.19
C GLN A 346 -84.26 82.28 27.31
N GLU A 347 -83.89 82.65 28.52
CA GLU A 347 -82.96 83.72 28.75
C GLU A 347 -81.66 83.39 28.07
N GLN A 348 -81.19 82.18 28.28
CA GLN A 348 -79.95 81.78 27.69
C GLN A 348 -80.04 81.81 26.19
N VAL A 349 -81.11 81.26 25.62
CA VAL A 349 -81.21 81.18 24.18
C VAL A 349 -81.33 82.56 23.56
N GLN A 350 -81.86 83.51 24.30
CA GLN A 350 -82.05 84.84 23.77
C GLN A 350 -80.73 85.55 23.79
N ASP A 351 -79.90 85.27 24.77
CA ASP A 351 -78.57 85.87 24.73
C ASP A 351 -77.82 85.42 23.49
N TYR A 352 -77.86 84.12 23.19
CA TYR A 352 -77.20 83.63 21.99
C TYR A 352 -77.80 84.25 20.73
N VAL A 353 -79.13 84.34 20.68
CA VAL A 353 -79.81 84.94 19.53
C VAL A 353 -79.41 86.39 19.39
N ASN A 354 -79.29 87.10 20.51
CA ASN A 354 -78.91 88.52 20.47
C ASN A 354 -77.51 88.69 19.92
N LYS A 355 -76.56 87.89 20.40
CA LYS A 355 -75.20 88.00 19.89
C LYS A 355 -75.13 87.64 18.41
N THR A 356 -75.87 86.61 17.98
CA THR A 356 -75.87 86.27 16.56
C THR A 356 -76.51 87.38 15.73
N ASN A 357 -77.56 88.01 16.25
CA ASN A 357 -78.26 89.05 15.50
C ASN A 357 -77.47 90.34 15.46
N SER A 358 -76.54 90.54 16.40
CA SER A 358 -75.76 91.77 16.42
C SER A 358 -74.97 91.96 15.14
N HIS A 359 -74.58 90.87 14.48
CA HIS A 359 -73.81 90.96 13.24
C HIS A 359 -74.70 90.96 12.00
N LEU A 360 -75.75 90.15 11.99
CA LEU A 360 -76.57 90.03 10.80
C LEU A 360 -77.36 91.31 10.56
N PRO A 361 -77.78 91.54 9.29
CA PRO A 361 -78.63 92.68 8.97
C PRO A 361 -80.06 92.41 9.39
N ALA A 362 -80.91 93.42 9.42
CA ALA A 362 -82.27 93.28 9.94
C ALA A 362 -83.05 92.20 9.20
N GLY A 363 -82.85 92.05 7.91
CA GLY A 363 -83.63 91.08 7.16
C GLY A 363 -83.17 89.65 7.30
N LYS A 364 -82.01 89.44 7.90
CA LYS A 364 -81.52 88.10 8.14
C LYS A 364 -81.56 87.72 9.62
N GLN A 365 -82.29 88.47 10.43
CA GLN A 365 -82.35 88.21 11.86
C GLN A 365 -83.11 86.93 12.16
N VAL A 366 -82.78 86.32 13.30
CA VAL A 366 -83.54 85.20 13.84
C VAL A 366 -84.26 85.67 15.09
N GLU A 367 -85.18 84.83 15.57
CA GLU A 367 -85.87 85.15 16.82
C GLU A 367 -86.51 83.88 17.36
N ILE A 368 -86.81 83.90 18.67
CA ILE A 368 -87.45 82.76 19.34
C ILE A 368 -88.90 82.70 18.91
N SER A 369 -89.27 81.65 18.18
CA SER A 369 -90.62 81.53 17.64
C SER A 369 -91.55 80.74 18.53
N LEU A 370 -91.08 79.67 19.17
CA LEU A 370 -91.92 78.83 20.00
C LEU A 370 -91.27 78.68 21.36
N VAL A 371 -92.02 79.00 22.42
CA VAL A 371 -91.62 78.65 23.78
C VAL A 371 -92.45 77.43 24.15
N ASN A 372 -91.92 76.25 23.84
CA ASN A 372 -92.64 74.99 24.04
C ASN A 372 -92.54 74.49 25.48
N GLY A 373 -91.73 75.12 26.31
CA GLY A 373 -91.57 74.68 27.68
C GLY A 373 -90.50 75.48 28.38
N ALA A 374 -90.19 75.05 29.60
CA ALA A 374 -89.17 75.74 30.38
C ALA A 374 -87.81 75.68 29.69
N LYS A 375 -87.40 74.48 29.28
CA LYS A 375 -86.11 74.27 28.63
C LYS A 375 -86.29 73.64 27.24
N ASN A 376 -87.24 74.18 26.47
CA ASN A 376 -87.54 73.66 25.14
C ASN A 376 -88.00 74.83 24.29
N LEU A 377 -87.14 75.28 23.38
CA LEU A 377 -87.38 76.47 22.59
C LEU A 377 -87.06 76.19 21.12
N VAL A 378 -87.75 76.91 20.24
CA VAL A 378 -87.51 76.83 18.80
C VAL A 378 -87.23 78.23 18.29
N VAL A 379 -86.16 78.37 17.51
CA VAL A 379 -85.76 79.64 16.93
C VAL A 379 -85.98 79.56 15.43
N SER A 380 -86.66 80.56 14.87
CA SER A 380 -86.99 80.59 13.46
C SER A 380 -86.26 81.74 12.77
N GLY A 381 -85.92 81.54 11.51
CA GLY A 381 -85.23 82.52 10.72
C GLY A 381 -84.66 81.89 9.46
N PRO A 382 -83.90 82.67 8.69
CA PRO A 382 -83.28 82.12 7.48
C PRO A 382 -82.38 80.94 7.81
N PRO A 383 -82.43 79.90 6.98
CA PRO A 383 -81.63 78.73 7.29
C PRO A 383 -80.13 79.01 7.54
N GLN A 384 -79.52 79.95 6.84
CA GLN A 384 -78.09 80.24 7.03
C GLN A 384 -77.83 81.01 8.31
N SER A 385 -78.73 81.91 8.70
CA SER A 385 -78.59 82.57 9.98
C SER A 385 -78.68 81.55 11.13
N LEU A 386 -79.59 80.59 11.01
CA LEU A 386 -79.68 79.54 12.01
C LEU A 386 -78.45 78.64 11.98
N TYR A 387 -77.84 78.45 10.82
CA TYR A 387 -76.60 77.70 10.75
C TYR A 387 -75.47 78.42 11.47
N GLY A 388 -75.39 79.74 11.31
CA GLY A 388 -74.43 80.51 12.07
C GLY A 388 -74.69 80.44 13.58
N LEU A 389 -75.96 80.52 13.97
CA LEU A 389 -76.31 80.33 15.37
C LEU A 389 -75.88 78.96 15.86
N ASN A 390 -76.06 77.94 15.03
CA ASN A 390 -75.65 76.59 15.39
C ASN A 390 -74.14 76.49 15.55
N LEU A 391 -73.39 77.19 14.72
CA LEU A 391 -71.93 77.22 14.89
C LEU A 391 -71.58 77.84 16.24
N THR A 392 -72.19 78.98 16.55
CA THR A 392 -71.95 79.62 17.84
C THR A 392 -72.27 78.66 18.99
N LEU A 393 -73.39 77.96 18.91
CA LEU A 393 -73.77 77.01 19.95
C LEU A 393 -72.80 75.85 20.03
N ARG A 394 -72.36 75.34 18.87
CA ARG A 394 -71.38 74.27 18.84
C ARG A 394 -70.09 74.69 19.55
N LYS A 395 -69.75 75.97 19.47
CA LYS A 395 -68.61 76.51 20.21
C LYS A 395 -68.96 76.79 21.68
N ALA A 396 -70.10 76.27 22.16
CA ALA A 396 -70.49 76.49 23.56
C ALA A 396 -71.09 75.25 24.20
N LYS A 397 -70.87 74.06 23.64
CA LYS A 397 -71.47 72.82 24.12
C LYS A 397 -70.37 71.89 24.60
N ALA A 398 -70.78 70.88 25.37
CA ALA A 398 -69.89 69.84 25.84
C ALA A 398 -70.33 68.49 25.28
N PRO A 399 -69.39 67.59 24.96
CA PRO A 399 -69.79 66.28 24.44
C PRO A 399 -70.68 65.54 25.44
N SER A 400 -71.63 64.78 24.90
CA SER A 400 -72.50 63.98 25.76
C SER A 400 -71.71 62.97 26.57
N GLY A 401 -70.70 62.35 25.95
CA GLY A 401 -69.91 61.35 26.66
C GLY A 401 -69.15 61.92 27.84
N LEU A 402 -68.72 63.18 27.74
CA LEU A 402 -67.87 63.77 28.76
C LEU A 402 -68.45 63.55 30.14
N ASP A 403 -67.70 62.88 30.99
CA ASP A 403 -68.14 62.64 32.35
C ASP A 403 -67.73 63.80 33.19
N GLN A 404 -68.68 64.36 33.92
CA GLN A 404 -68.36 65.45 34.82
C GLN A 404 -68.75 65.09 36.25
N SER A 405 -68.75 63.80 36.58
CA SER A 405 -69.14 63.35 37.91
C SER A 405 -68.15 63.81 38.98
N ARG A 406 -66.90 64.04 38.60
CA ARG A 406 -65.89 64.52 39.54
C ARG A 406 -65.70 66.01 39.46
N ILE A 407 -66.62 66.70 38.81
CA ILE A 407 -66.55 68.15 38.75
C ILE A 407 -67.61 68.71 39.65
N PRO A 408 -67.24 69.65 40.50
CA PRO A 408 -68.31 70.25 41.30
C PRO A 408 -69.48 70.71 40.44
N PHE A 409 -70.69 70.62 40.95
CA PHE A 409 -71.87 70.93 40.16
C PHE A 409 -71.85 72.30 39.53
N SER A 410 -71.47 73.31 40.30
CA SER A 410 -71.51 74.68 39.79
C SER A 410 -70.56 74.89 38.61
N GLU A 411 -69.48 74.13 38.54
CA GLU A 411 -68.46 74.33 37.51
C GLU A 411 -68.64 73.44 36.29
N ARG A 412 -69.69 72.63 36.25
CA ARG A 412 -69.90 71.75 35.13
C ARG A 412 -70.38 72.50 33.89
N LYS A 413 -69.93 72.10 32.72
CA LYS A 413 -70.34 72.70 31.46
C LYS A 413 -71.72 72.22 31.05
N LEU A 414 -72.45 73.08 30.33
CA LEU A 414 -73.83 72.81 29.96
C LEU A 414 -73.88 71.79 28.83
N LYS A 415 -74.69 70.75 29.01
CA LYS A 415 -75.00 69.81 27.94
C LYS A 415 -76.41 70.11 27.45
N PHE A 416 -76.53 70.50 26.19
CA PHE A 416 -77.81 70.91 25.62
C PHE A 416 -77.87 70.51 24.16
N SER A 417 -79.05 70.12 23.71
CA SER A 417 -79.26 69.60 22.37
C SER A 417 -79.78 70.70 21.44
N ASN A 418 -79.58 70.48 20.14
CA ASN A 418 -80.11 71.36 19.11
C ASN A 418 -80.26 70.56 17.82
N ARG A 419 -81.34 70.81 17.10
CA ARG A 419 -81.60 70.11 15.85
C ARG A 419 -82.56 70.92 14.99
N PHE A 420 -82.46 70.74 13.68
CA PHE A 420 -83.36 71.39 12.75
C PHE A 420 -84.65 70.59 12.61
N LEU A 421 -85.77 71.30 12.63
CA LEU A 421 -87.07 70.63 12.54
C LEU A 421 -87.40 70.30 11.09
N PRO A 422 -88.18 69.24 10.85
CA PRO A 422 -88.59 68.93 9.48
C PRO A 422 -89.70 69.85 9.00
N VAL A 423 -89.35 71.11 8.73
CA VAL A 423 -90.31 72.12 8.28
C VAL A 423 -89.66 72.88 7.13
N ALA A 424 -90.50 73.61 6.38
CA ALA A 424 -90.03 74.29 5.18
C ALA A 424 -90.44 75.76 5.14
N SER A 425 -90.67 76.40 6.30
CA SER A 425 -91.00 77.81 6.30
C SER A 425 -90.72 78.40 7.66
N PRO A 426 -90.22 79.65 7.75
CA PRO A 426 -89.96 80.29 9.06
C PRO A 426 -91.21 80.88 9.70
N PHE A 427 -91.97 80.03 10.38
CA PHE A 427 -93.22 80.45 10.98
C PHE A 427 -92.98 81.31 12.21
N HIS A 428 -93.97 82.13 12.55
CA HIS A 428 -93.91 83.02 13.70
C HIS A 428 -92.66 83.91 13.65
N SER A 429 -92.36 84.43 12.46
CA SER A 429 -91.16 85.22 12.25
C SER A 429 -91.50 86.49 11.48
N HIS A 430 -90.57 87.45 11.52
CA HIS A 430 -90.74 88.71 10.81
C HIS A 430 -90.73 88.52 9.30
N LEU A 431 -90.17 87.42 8.81
CA LEU A 431 -90.07 87.20 7.37
C LEU A 431 -91.44 87.06 6.71
N LEU A 432 -92.43 86.54 7.42
CA LEU A 432 -93.73 86.21 6.85
C LEU A 432 -94.76 87.32 7.01
N VAL A 433 -94.41 88.42 7.68
CA VAL A 433 -95.36 89.50 7.95
C VAL A 433 -96.00 90.02 6.66
N PRO A 434 -95.27 90.23 5.56
CA PRO A 434 -95.93 90.76 4.36
C PRO A 434 -97.02 89.87 3.80
N ALA A 435 -97.10 88.61 4.25
CA ALA A 435 -98.17 87.73 3.77
C ALA A 435 -99.48 87.95 4.53
N SER A 436 -99.44 88.68 5.64
CA SER A 436 -100.62 88.82 6.49
C SER A 436 -101.77 89.51 5.75
N ASP A 437 -101.47 90.64 5.12
CA ASP A 437 -102.51 91.39 4.43
C ASP A 437 -103.09 90.60 3.27
N LEU A 438 -102.23 89.92 2.52
CA LEU A 438 -102.71 89.10 1.40
C LEU A 438 -103.62 87.99 1.91
N ILE A 439 -103.24 87.33 3.01
CA ILE A 439 -104.07 86.27 3.55
C ILE A 439 -105.41 86.82 4.01
N ASN A 440 -105.43 87.97 4.65
CA ASN A 440 -106.66 88.52 5.15
C ASN A 440 -107.57 88.98 4.00
N LYS A 441 -106.99 89.51 2.93
CA LYS A 441 -107.78 89.86 1.76
C LYS A 441 -108.35 88.62 1.09
N ASP A 442 -107.56 87.55 1.00
CA ASP A 442 -108.06 86.33 0.38
C ASP A 442 -109.20 85.73 1.22
N LEU A 443 -109.08 85.72 2.53
CA LEU A 443 -110.10 85.14 3.39
C LEU A 443 -111.39 85.92 3.27
N VAL A 444 -111.27 87.22 3.07
CA VAL A 444 -112.46 88.05 2.90
C VAL A 444 -113.08 87.81 1.54
N LYS A 445 -112.26 87.77 0.51
CA LYS A 445 -112.77 87.49 -0.82
C LYS A 445 -113.42 86.13 -0.94
N ASN A 446 -113.01 85.17 -0.11
CA ASN A 446 -113.59 83.84 -0.12
C ASN A 446 -114.66 83.65 0.95
N ASN A 447 -115.06 84.73 1.62
CA ASN A 447 -116.13 84.70 2.61
C ASN A 447 -115.85 83.66 3.69
N VAL A 448 -114.70 83.82 4.34
CA VAL A 448 -114.29 82.98 5.46
C VAL A 448 -114.10 83.88 6.67
N SER A 449 -114.86 83.61 7.73
CA SER A 449 -114.77 84.39 8.95
C SER A 449 -115.30 83.56 10.10
N PHE A 450 -114.86 83.91 11.31
CA PHE A 450 -115.27 83.22 12.53
C PHE A 450 -115.91 84.24 13.46
N ASN A 451 -117.15 83.96 13.86
CA ASN A 451 -117.93 84.87 14.70
C ASN A 451 -118.03 84.31 16.11
N ALA A 452 -117.76 85.17 17.10
CA ALA A 452 -117.74 84.71 18.49
C ALA A 452 -119.05 84.06 18.91
N LYS A 453 -120.17 84.43 18.27
CA LYS A 453 -121.46 83.84 18.61
C LYS A 453 -121.60 82.41 18.12
N ASP A 454 -120.76 81.96 17.18
CA ASP A 454 -120.84 80.62 16.64
C ASP A 454 -119.83 79.66 17.25
N ILE A 455 -118.80 80.17 17.92
CA ILE A 455 -117.87 79.31 18.66
C ILE A 455 -118.51 78.96 19.99
N GLN A 456 -118.75 77.66 20.21
CA GLN A 456 -119.52 77.19 21.36
C GLN A 456 -118.66 76.74 22.53
N ILE A 457 -117.35 76.60 22.34
CA ILE A 457 -116.45 76.29 23.45
C ILE A 457 -115.30 77.29 23.41
N PRO A 458 -114.69 77.62 24.54
CA PRO A 458 -113.57 78.57 24.51
C PRO A 458 -112.40 78.02 23.70
N VAL A 459 -111.81 78.88 22.88
CA VAL A 459 -110.61 78.56 22.11
C VAL A 459 -109.51 79.50 22.58
N TYR A 460 -108.38 78.93 23.00
CA TYR A 460 -107.35 79.68 23.70
C TYR A 460 -106.30 80.19 22.72
N ASP A 461 -106.00 81.49 22.80
CA ASP A 461 -104.98 82.10 21.95
C ASP A 461 -103.62 81.57 22.29
N THR A 462 -102.78 81.36 21.29
CA THR A 462 -101.47 80.78 21.50
C THR A 462 -100.44 81.78 22.01
N PHE A 463 -100.73 83.08 21.95
CA PHE A 463 -99.79 84.08 22.42
C PHE A 463 -100.02 84.50 23.88
N ASP A 464 -101.26 84.50 24.35
CA ASP A 464 -101.57 84.89 25.71
C ASP A 464 -102.58 83.97 26.39
N GLY A 465 -102.97 82.88 25.73
CA GLY A 465 -103.86 81.92 26.36
C GLY A 465 -105.25 82.43 26.67
N SER A 466 -105.67 83.49 26.02
CA SER A 466 -106.96 84.06 26.30
C SER A 466 -108.03 83.50 25.38
N ASP A 467 -109.28 83.61 25.77
CA ASP A 467 -110.38 83.10 24.97
C ASP A 467 -110.55 83.95 23.72
N LEU A 468 -110.51 83.34 22.56
CA LEU A 468 -110.68 84.07 21.32
C LEU A 468 -112.08 84.64 21.16
N ARG A 469 -113.10 83.97 21.69
CA ARG A 469 -114.46 84.50 21.63
C ARG A 469 -114.52 85.89 22.26
N VAL A 470 -113.85 86.07 23.39
CA VAL A 470 -113.92 87.35 24.11
C VAL A 470 -113.29 88.47 23.29
N LEU A 471 -112.31 88.14 22.44
CA LEU A 471 -111.64 89.17 21.67
C LEU A 471 -112.63 89.91 20.78
N SER A 472 -112.44 91.22 20.67
CA SER A 472 -113.37 92.09 19.97
C SER A 472 -113.13 92.17 18.46
N GLY A 473 -111.89 92.17 18.02
CA GLY A 473 -111.59 92.30 16.60
C GLY A 473 -111.96 91.06 15.82
N SER A 474 -111.41 90.92 14.61
CA SER A 474 -111.67 89.75 13.80
C SER A 474 -110.88 88.57 14.34
N ILE A 475 -111.56 87.44 14.55
CA ILE A 475 -110.91 86.25 15.09
C ILE A 475 -109.97 85.64 14.06
N SER A 476 -110.37 85.63 12.79
CA SER A 476 -109.51 85.05 11.75
C SER A 476 -108.21 85.83 11.63
N GLU A 477 -108.31 87.16 11.70
CA GLU A 477 -107.10 87.98 11.63
C GLU A 477 -106.16 87.65 12.78
N ARG A 478 -106.69 87.49 13.98
CA ARG A 478 -105.88 87.13 15.13
C ARG A 478 -105.23 85.78 14.93
N ILE A 479 -105.99 84.81 14.44
CA ILE A 479 -105.43 83.47 14.22
C ILE A 479 -104.28 83.52 13.24
N VAL A 480 -104.47 84.25 12.13
CA VAL A 480 -103.42 84.36 11.13
C VAL A 480 -102.20 85.05 11.73
N ASP A 481 -102.42 86.10 12.51
CA ASP A 481 -101.31 86.80 13.14
C ASP A 481 -100.54 85.88 14.08
N CYS A 482 -101.27 85.06 14.83
CA CYS A 482 -100.64 84.10 15.74
C CYS A 482 -99.80 83.09 14.96
N ILE A 483 -100.32 82.62 13.83
CA ILE A 483 -99.62 81.58 13.09
C ILE A 483 -98.37 82.12 12.41
N ILE A 484 -98.46 83.32 11.85
CA ILE A 484 -97.35 83.82 11.02
C ILE A 484 -96.41 84.77 11.76
N ARG A 485 -96.89 85.53 12.75
CA ARG A 485 -96.06 86.55 13.37
C ARG A 485 -95.74 86.28 14.83
N LEU A 486 -96.76 86.15 15.68
CA LEU A 486 -96.52 86.09 17.11
C LEU A 486 -95.89 84.74 17.49
N PRO A 487 -95.07 84.71 18.53
CA PRO A 487 -94.56 83.44 19.04
C PRO A 487 -95.63 82.68 19.82
N VAL A 488 -95.37 81.39 20.01
CA VAL A 488 -96.29 80.51 20.70
C VAL A 488 -95.70 80.18 22.07
N LYS A 489 -96.46 80.44 23.11
CA LYS A 489 -96.10 80.08 24.48
C LYS A 489 -97.05 78.96 24.91
N TRP A 490 -96.62 77.71 24.75
CA TRP A 490 -97.52 76.58 25.01
C TRP A 490 -98.01 76.54 26.40
N GLU A 491 -97.17 76.90 27.37
CA GLU A 491 -97.57 76.79 28.75
C GLU A 491 -98.60 77.84 29.11
N THR A 492 -98.44 79.06 28.63
CA THR A 492 -99.42 80.10 28.84
C THR A 492 -100.76 79.72 28.23
N THR A 493 -100.73 79.11 27.04
CA THR A 493 -101.94 78.66 26.38
C THR A 493 -102.57 77.45 27.07
N THR A 494 -101.77 76.59 27.67
CA THR A 494 -102.29 75.36 28.26
C THR A 494 -102.51 75.47 29.75
N GLN A 495 -102.41 76.67 30.31
CA GLN A 495 -102.67 76.90 31.72
C GLN A 495 -104.11 76.62 32.12
N PHE A 496 -104.96 76.17 31.21
CA PHE A 496 -106.33 75.79 31.55
C PHE A 496 -106.34 74.60 32.47
N LYS A 497 -107.45 74.36 33.14
CA LYS A 497 -107.58 73.21 34.05
C LYS A 497 -108.32 72.08 33.37
N ALA A 498 -107.82 70.87 33.51
CA ALA A 498 -108.45 69.72 32.88
C ALA A 498 -107.84 68.44 33.34
N THR A 499 -108.59 67.37 33.27
CA THR A 499 -108.08 66.05 33.63
C THR A 499 -107.57 65.27 32.43
N HIS A 500 -108.11 65.53 31.24
CA HIS A 500 -107.75 64.80 30.04
C HIS A 500 -107.52 65.77 28.88
N ILE A 501 -106.56 65.43 28.03
CA ILE A 501 -106.25 66.19 26.83
C ILE A 501 -106.21 65.24 25.65
N LEU A 502 -106.96 65.56 24.60
CA LEU A 502 -107.02 64.74 23.39
C LEU A 502 -106.17 65.38 22.30
N ASP A 503 -105.25 64.58 21.74
CA ASP A 503 -104.36 65.06 20.71
C ASP A 503 -104.69 64.50 19.35
N PHE A 504 -105.39 65.28 18.55
CA PHE A 504 -105.75 64.88 17.19
C PHE A 504 -104.68 65.27 16.18
N GLY A 505 -103.58 65.80 16.65
CA GLY A 505 -102.60 66.32 15.73
C GLY A 505 -101.82 65.29 15.00
N PRO A 506 -100.92 65.74 14.15
CA PRO A 506 -100.01 64.79 13.50
C PRO A 506 -98.79 64.49 14.36
N GLY A 507 -98.16 63.36 14.06
CA GLY A 507 -96.90 62.99 14.67
C GLY A 507 -96.98 61.83 15.64
N GLY A 508 -98.16 61.30 15.91
CA GLY A 508 -98.29 60.24 16.90
C GLY A 508 -97.69 60.51 18.26
N ALA A 509 -96.78 59.67 18.72
CA ALA A 509 -96.17 59.83 20.03
C ALA A 509 -95.05 60.84 20.04
N SER A 510 -94.67 61.38 18.88
CA SER A 510 -93.67 62.44 18.79
C SER A 510 -94.31 63.78 18.44
N GLY A 511 -95.56 63.96 18.85
CA GLY A 511 -96.29 65.17 18.54
C GLY A 511 -96.56 66.10 19.68
N LEU A 512 -97.64 66.84 19.60
CA LEU A 512 -97.94 67.86 20.60
C LEU A 512 -98.36 67.23 21.93
N GLY A 513 -99.09 66.13 21.88
CA GLY A 513 -99.63 65.56 23.10
C GLY A 513 -98.55 65.15 24.09
N VAL A 514 -97.51 64.48 23.59
CA VAL A 514 -96.46 64.01 24.48
C VAL A 514 -95.67 65.19 25.05
N LEU A 515 -95.43 66.22 24.24
CA LEU A 515 -94.77 67.42 24.77
C LEU A 515 -95.60 68.04 25.89
N THR A 516 -96.90 68.10 25.73
CA THR A 516 -97.73 68.71 26.74
C THR A 516 -97.71 67.84 27.98
N HIS A 517 -97.72 66.53 27.81
CA HIS A 517 -97.64 65.64 28.94
C HIS A 517 -96.36 65.92 29.70
N ARG A 518 -95.24 66.01 29.00
CA ARG A 518 -93.97 66.32 29.66
C ARG A 518 -94.06 67.63 30.43
N ASN A 519 -94.71 68.63 29.88
CA ASN A 519 -94.79 69.91 30.57
C ASN A 519 -95.73 69.86 31.75
N LYS A 520 -96.65 68.91 31.78
CA LYS A 520 -97.66 68.85 32.84
C LYS A 520 -97.59 67.58 33.67
N ASP A 521 -96.42 67.00 33.79
CA ASP A 521 -96.27 65.79 34.58
C ASP A 521 -96.35 66.08 36.06
N GLY A 522 -97.02 65.20 36.79
CA GLY A 522 -97.18 65.35 38.22
C GLY A 522 -98.35 66.21 38.65
N THR A 523 -99.14 66.73 37.73
CA THR A 523 -100.29 67.56 38.04
C THR A 523 -101.61 66.82 37.84
N GLY A 524 -101.57 65.51 37.65
CA GLY A 524 -102.80 64.75 37.48
C GLY A 524 -103.56 65.06 36.22
N VAL A 525 -102.86 65.20 35.10
CA VAL A 525 -103.51 65.41 33.81
C VAL A 525 -103.12 64.27 32.88
N ARG A 526 -104.09 63.66 32.25
CA ARG A 526 -103.88 62.55 31.34
C ARG A 526 -103.96 63.03 29.90
N VAL A 527 -103.00 62.59 29.09
CA VAL A 527 -102.95 62.93 27.67
C VAL A 527 -103.19 61.66 26.88
N ILE A 528 -104.11 61.71 25.94
CA ILE A 528 -104.41 60.61 25.04
C ILE A 528 -104.09 61.05 23.61
N VAL A 529 -103.26 60.29 22.92
CA VAL A 529 -102.94 60.57 21.52
C VAL A 529 -104.09 60.00 20.73
N ALA A 530 -105.01 60.83 20.31
CA ALA A 530 -106.25 60.39 19.68
C ALA A 530 -106.05 59.93 18.24
N GLY A 531 -104.88 60.13 17.65
CA GLY A 531 -104.66 59.79 16.26
C GLY A 531 -103.81 58.56 16.01
N THR A 532 -103.48 57.77 17.04
CA THR A 532 -102.61 56.61 16.86
C THR A 532 -103.05 55.50 17.78
N LEU A 533 -103.03 54.28 17.25
CA LEU A 533 -103.22 53.06 18.05
C LEU A 533 -101.84 52.46 18.34
N ASP A 534 -101.51 52.35 19.62
CA ASP A 534 -100.26 51.75 20.04
C ASP A 534 -100.33 51.46 21.53
N ILE A 535 -99.36 50.69 22.01
CA ILE A 535 -99.25 50.36 23.43
C ILE A 535 -98.05 51.11 23.99
N ASN A 536 -98.27 51.84 25.09
CA ASN A 536 -97.21 52.57 25.75
C ASN A 536 -96.71 51.75 26.93
N PRO A 537 -95.42 51.40 26.99
CA PRO A 537 -94.96 50.57 28.13
C PRO A 537 -95.18 51.24 29.48
N ASP A 538 -94.67 52.46 29.67
CA ASP A 538 -94.84 53.16 30.93
C ASP A 538 -96.29 53.56 31.19
N ASP A 539 -97.13 53.54 30.17
CA ASP A 539 -98.56 53.83 30.34
C ASP A 539 -98.79 55.18 31.00
N ASP A 540 -97.85 56.12 30.82
CA ASP A 540 -98.00 57.45 31.40
C ASP A 540 -98.87 58.36 30.56
N TYR A 541 -99.16 57.99 29.32
CA TYR A 541 -100.13 58.69 28.49
C TYR A 541 -100.89 57.68 27.66
N GLY A 542 -102.10 58.06 27.24
CA GLY A 542 -102.97 57.14 26.56
C GLY A 542 -102.82 57.15 25.04
N PHE A 543 -103.42 56.15 24.42
CA PHE A 543 -103.44 56.06 22.97
C PHE A 543 -104.88 55.99 22.48
N LYS A 544 -105.09 55.75 21.18
CA LYS A 544 -106.42 55.85 20.60
C LYS A 544 -107.42 54.91 21.30
N GLN A 545 -106.97 53.74 21.75
CA GLN A 545 -107.88 52.78 22.36
C GLN A 545 -108.56 53.36 23.59
N GLU A 546 -107.90 54.27 24.30
CA GLU A 546 -108.43 54.77 25.56
C GLU A 546 -109.75 55.49 25.37
N ILE A 547 -109.90 56.20 24.24
CA ILE A 547 -111.10 57.00 24.02
C ILE A 547 -112.35 56.14 23.89
N PHE A 548 -112.23 54.96 23.31
CA PHE A 548 -113.42 54.16 23.05
C PHE A 548 -113.62 52.99 24.01
N ASP A 549 -112.63 52.70 24.85
CA ASP A 549 -112.76 51.60 25.79
C ASP A 549 -113.97 51.80 26.70
N VAL A 550 -114.90 50.84 26.67
CA VAL A 550 -116.12 50.96 27.47
C VAL A 550 -115.90 50.51 28.91
N THR A 551 -114.85 49.74 29.18
CA THR A 551 -114.57 49.27 30.53
C THR A 551 -113.81 50.35 31.31
N SER A 552 -113.42 50.00 32.53
CA SER A 552 -112.74 50.98 33.39
C SER A 552 -111.41 51.41 32.80
N ASN A 553 -110.79 50.57 31.97
CA ASN A 553 -109.51 50.92 31.38
C ASN A 553 -109.60 52.18 30.51
N GLY A 554 -110.81 52.55 30.07
CA GLY A 554 -110.97 53.80 29.35
C GLY A 554 -110.69 55.01 30.20
N LEU A 555 -111.02 54.95 31.49
CA LEU A 555 -110.81 56.05 32.42
C LEU A 555 -109.55 55.77 33.23
N LYS A 556 -108.46 56.41 32.86
CA LYS A 556 -107.20 56.33 33.60
C LYS A 556 -106.76 57.74 33.97
N LYS A 557 -106.45 57.94 35.24
CA LYS A 557 -106.03 59.24 35.76
C LYS A 557 -104.53 59.22 36.03
N ASN A 558 -103.87 60.32 35.75
CA ASN A 558 -102.45 60.43 36.04
C ASN A 558 -102.25 60.87 37.48
N PRO A 559 -101.05 60.65 38.00
CA PRO A 559 -100.79 61.00 39.39
C PRO A 559 -100.65 62.46 39.72
N ASN A 560 -101.39 62.95 40.69
CA ASN A 560 -101.17 64.29 41.21
C ASN A 560 -100.37 64.13 42.50
N TRP A 561 -99.10 64.47 42.48
CA TRP A 561 -98.23 64.22 43.63
C TRP A 561 -98.70 64.91 44.87
N LEU A 562 -99.04 66.18 44.76
CA LEU A 562 -99.41 66.91 45.97
C LEU A 562 -100.53 66.22 46.73
N GLU A 563 -101.47 65.59 46.02
CA GLU A 563 -102.56 64.88 46.66
C GLU A 563 -102.18 63.45 47.03
N GLU A 564 -101.47 62.77 46.17
CA GLU A 564 -101.11 61.39 46.42
C GLU A 564 -100.18 61.21 47.59
N TYR A 565 -99.30 62.17 47.84
CA TYR A 565 -98.32 62.04 48.91
C TYR A 565 -98.47 63.19 49.89
N HIS A 566 -99.67 63.73 50.02
CA HIS A 566 -99.93 64.80 50.97
C HIS A 566 -99.66 64.29 52.39
N PRO A 567 -98.89 65.02 53.20
CA PRO A 567 -98.71 64.61 54.60
C PRO A 567 -100.00 64.74 55.39
N LYS A 568 -100.12 63.89 56.41
CA LYS A 568 -101.30 63.90 57.26
C LYS A 568 -100.93 63.70 58.69
N LEU A 569 -101.89 63.83 59.58
CA LEU A 569 -101.66 63.57 60.99
C LEU A 569 -102.56 62.46 61.40
N ILE A 570 -102.07 61.55 62.22
CA ILE A 570 -102.87 60.48 62.75
C ILE A 570 -102.55 60.36 64.23
N LYS A 571 -103.33 59.62 64.99
CA LYS A 571 -103.07 59.38 66.40
C LYS A 571 -103.56 58.00 66.78
N ASN A 572 -102.96 57.47 67.86
CA ASN A 572 -103.32 56.15 68.34
C ASN A 572 -104.21 56.30 69.57
N LYS A 573 -104.49 55.21 70.27
CA LYS A 573 -105.36 55.28 71.44
C LYS A 573 -104.77 56.09 72.59
N SER A 574 -103.45 56.08 72.75
CA SER A 574 -102.84 56.90 73.78
C SER A 574 -102.97 58.39 73.50
N GLY A 575 -103.32 58.76 72.27
CA GLY A 575 -103.41 60.15 71.89
C GLY A 575 -102.12 60.72 71.34
N LYS A 576 -101.15 59.88 71.01
CA LYS A 576 -99.92 60.35 70.43
C LYS A 576 -100.12 60.66 68.97
N ILE A 577 -99.71 61.85 68.54
CA ILE A 577 -99.87 62.25 67.17
C ILE A 577 -98.65 61.90 66.35
N PHE A 578 -98.88 61.40 65.15
CA PHE A 578 -97.84 61.02 64.21
C PHE A 578 -98.00 61.81 62.92
N VAL A 579 -96.88 62.20 62.33
CA VAL A 579 -96.88 62.75 60.98
C VAL A 579 -97.03 61.56 60.04
N GLU A 580 -98.22 61.34 59.51
CA GLU A 580 -98.49 60.18 58.72
C GLU A 580 -97.85 60.25 57.36
N THR A 581 -97.04 59.27 57.05
CA THR A 581 -96.32 59.24 55.79
C THR A 581 -96.09 57.80 55.40
N LYS A 582 -95.80 57.56 54.14
CA LYS A 582 -95.51 56.22 53.65
C LYS A 582 -94.44 55.52 54.46
N PHE A 583 -93.34 56.18 54.74
CA PHE A 583 -92.31 55.65 55.62
C PHE A 583 -92.83 55.49 57.04
N SER A 584 -93.44 56.55 57.59
CA SER A 584 -93.99 56.49 58.93
C SER A 584 -95.09 55.44 59.03
N LYS A 585 -95.91 55.31 57.99
CA LYS A 585 -96.95 54.28 58.00
C LYS A 585 -96.33 52.90 58.06
N LEU A 586 -95.22 52.68 57.36
CA LEU A 586 -94.57 51.38 57.40
C LEU A 586 -93.99 51.09 58.78
N ILE A 587 -93.16 51.96 59.33
CA ILE A 587 -92.44 51.67 60.57
C ILE A 587 -93.14 52.07 61.85
N GLY A 588 -94.31 52.65 61.77
CA GLY A 588 -95.02 52.96 63.00
C GLY A 588 -94.34 53.97 63.89
N ARG A 589 -93.44 54.77 63.35
CA ARG A 589 -92.67 55.74 64.11
C ARG A 589 -92.52 56.98 63.29
N PRO A 590 -92.24 58.11 63.92
CA PRO A 590 -92.06 59.37 63.19
C PRO A 590 -91.15 59.21 61.94
N PRO A 591 -91.41 59.92 60.83
CA PRO A 591 -90.61 59.76 59.62
C PRO A 591 -89.26 60.45 59.68
N LEU A 592 -88.53 60.26 60.78
CA LEU A 592 -87.25 60.89 60.99
C LEU A 592 -86.29 59.83 61.51
N LEU A 593 -85.09 59.73 60.96
CA LEU A 593 -84.14 58.70 61.32
C LEU A 593 -82.74 59.29 61.44
N VAL A 594 -81.91 58.62 62.22
CA VAL A 594 -80.49 58.95 62.37
C VAL A 594 -79.69 58.02 61.47
N PRO A 595 -78.99 58.51 60.46
CA PRO A 595 -78.28 57.61 59.55
C PRO A 595 -77.01 57.07 60.19
N GLY A 596 -76.51 55.99 59.59
CA GLY A 596 -75.25 55.40 60.04
C GLY A 596 -74.13 56.41 59.96
N MET A 597 -73.42 56.65 61.04
CA MET A 597 -72.31 57.55 61.01
C MET A 597 -71.12 57.00 61.75
N THR A 598 -70.00 56.85 61.06
CA THR A 598 -68.78 56.40 61.70
C THR A 598 -67.91 57.60 61.87
N PRO A 599 -67.85 58.15 63.09
CA PRO A 599 -67.81 57.45 64.38
C PRO A 599 -69.04 57.48 65.28
N CYS A 600 -69.95 58.45 65.14
CA CYS A 600 -71.10 58.64 66.08
C CYS A 600 -72.12 57.52 66.36
N THR A 601 -72.50 56.74 65.36
CA THR A 601 -73.52 55.71 65.57
C THR A 601 -72.85 54.37 65.79
N VAL A 602 -71.55 54.39 66.03
CA VAL A 602 -70.84 53.17 66.35
C VAL A 602 -71.15 52.84 67.81
N SER A 603 -71.28 53.85 68.65
CA SER A 603 -71.58 53.65 70.06
C SER A 603 -72.87 52.92 70.29
N PRO A 604 -72.83 51.77 70.96
CA PRO A 604 -74.11 51.11 71.25
C PRO A 604 -74.96 51.92 72.23
N ASP A 605 -74.35 52.79 73.04
CA ASP A 605 -75.10 53.63 73.95
C ASP A 605 -75.95 54.64 73.19
N PHE A 606 -75.36 55.28 72.16
CA PHE A 606 -76.10 56.28 71.40
C PHE A 606 -77.21 55.64 70.58
N VAL A 607 -76.93 54.47 70.00
CA VAL A 607 -77.97 53.75 69.25
C VAL A 607 -79.14 53.43 70.15
N ALA A 608 -78.85 52.89 71.34
CA ALA A 608 -79.91 52.55 72.28
C ALA A 608 -80.66 53.79 72.75
N ALA A 609 -79.95 54.89 72.98
CA ALA A 609 -80.60 56.12 73.43
C ALA A 609 -81.55 56.64 72.36
N THR A 610 -81.11 56.64 71.10
CA THR A 610 -81.98 57.11 70.03
C THR A 610 -83.18 56.19 69.85
N THR A 611 -83.00 54.89 69.94
CA THR A 611 -84.11 53.96 69.81
C THR A 611 -85.09 54.06 70.98
N ASN A 612 -84.60 54.30 72.18
CA ASN A 612 -85.48 54.49 73.32
C ASN A 612 -86.20 55.82 73.29
N ALA A 613 -85.68 56.80 72.55
CA ALA A 613 -86.41 58.04 72.33
C ALA A 613 -87.57 57.88 71.38
N GLY A 614 -87.54 56.86 70.54
CA GLY A 614 -88.61 56.59 69.60
C GLY A 614 -88.31 56.92 68.15
N TYR A 615 -87.04 56.88 67.77
CA TYR A 615 -86.67 57.24 66.43
C TYR A 615 -85.70 56.26 65.85
N THR A 616 -85.79 56.02 64.56
CA THR A 616 -84.93 55.07 63.87
C THR A 616 -83.47 55.47 63.83
N ILE A 617 -82.57 54.51 63.96
CA ILE A 617 -81.14 54.77 63.90
C ILE A 617 -80.43 53.55 63.35
N GLU A 618 -79.32 53.77 62.67
CA GLU A 618 -78.55 52.69 62.08
C GLU A 618 -77.22 52.56 62.80
N LEU A 619 -76.95 51.38 63.34
CA LEU A 619 -75.65 51.11 63.96
C LEU A 619 -74.59 51.02 62.89
N ALA A 620 -73.54 51.84 63.01
CA ALA A 620 -72.54 51.95 61.96
C ALA A 620 -71.60 50.75 61.98
N GLY A 621 -71.59 50.00 60.88
CA GLY A 621 -70.66 48.90 60.75
C GLY A 621 -69.24 49.30 60.40
N GLY A 622 -69.02 50.58 60.09
CA GLY A 622 -67.69 51.06 59.77
C GLY A 622 -66.77 51.19 60.96
N GLY A 623 -67.29 51.04 62.18
CA GLY A 623 -66.48 51.04 63.38
C GLY A 623 -66.15 49.65 63.90
N TYR A 624 -66.43 48.63 63.10
CA TYR A 624 -66.22 47.27 63.54
C TYR A 624 -65.41 46.52 62.54
N PHE A 625 -64.57 45.61 63.01
CA PHE A 625 -63.65 44.93 62.12
C PHE A 625 -63.74 43.41 62.16
N SER A 626 -64.74 42.88 62.84
CA SER A 626 -64.95 41.44 62.89
C SER A 626 -66.39 41.18 63.20
N ALA A 627 -66.85 39.95 62.96
CA ALA A 627 -68.21 39.59 63.33
C ALA A 627 -68.38 39.54 64.85
N ALA A 628 -67.33 39.15 65.58
CA ALA A 628 -67.45 39.04 67.03
C ALA A 628 -67.67 40.39 67.68
N GLY A 629 -66.96 41.42 67.20
CA GLY A 629 -67.07 42.74 67.79
C GLY A 629 -68.41 43.36 67.51
N MET A 630 -68.88 43.24 66.28
CA MET A 630 -70.20 43.74 65.95
C MET A 630 -71.29 42.96 66.68
N THR A 631 -71.09 41.66 66.88
CA THR A 631 -72.04 40.89 67.66
C THR A 631 -72.11 41.41 69.09
N ALA A 632 -70.98 41.74 69.69
CA ALA A 632 -71.00 42.27 71.03
C ALA A 632 -71.66 43.64 71.11
N ALA A 633 -71.51 44.44 70.07
CA ALA A 633 -72.10 45.76 70.05
C ALA A 633 -73.60 45.66 69.84
N ILE A 634 -74.04 44.71 69.03
CA ILE A 634 -75.46 44.50 68.83
C ILE A 634 -76.09 43.93 70.09
N ASP A 635 -75.38 43.04 70.78
CA ASP A 635 -75.90 42.50 72.02
C ASP A 635 -76.03 43.58 73.08
N SER A 636 -75.06 44.49 73.14
CA SER A 636 -75.18 45.62 74.07
C SER A 636 -76.41 46.47 73.75
N VAL A 637 -76.60 46.78 72.46
CA VAL A 637 -77.76 47.57 72.06
C VAL A 637 -79.04 46.86 72.47
N VAL A 638 -79.12 45.56 72.20
CA VAL A 638 -80.31 44.79 72.53
C VAL A 638 -80.56 44.81 74.04
N SER A 639 -79.49 44.66 74.83
CA SER A 639 -79.66 44.66 76.28
C SER A 639 -80.08 46.03 76.79
N GLN A 640 -79.80 47.10 76.04
CA GLN A 640 -80.18 48.43 76.50
C GLN A 640 -81.56 48.87 76.03
N ILE A 641 -82.03 48.43 74.87
CA ILE A 641 -83.32 48.89 74.35
C ILE A 641 -84.45 48.13 75.03
N GLU A 642 -85.63 48.73 75.03
CA GLU A 642 -86.80 48.12 75.66
C GLU A 642 -87.36 47.00 74.79
N LYS A 643 -88.07 46.09 75.44
CA LYS A 643 -88.67 44.96 74.74
C LYS A 643 -89.61 45.44 73.63
N GLY A 644 -89.47 44.85 72.45
CA GLY A 644 -90.29 45.20 71.31
C GLY A 644 -89.65 46.20 70.35
N SER A 645 -88.54 46.82 70.73
CA SER A 645 -87.89 47.81 69.90
C SER A 645 -87.00 47.14 68.86
N THR A 646 -86.56 47.91 67.88
CA THR A 646 -85.71 47.38 66.83
C THR A 646 -84.77 48.46 66.38
N PHE A 647 -83.87 48.13 65.47
CA PHE A 647 -82.90 49.09 64.97
C PHE A 647 -82.30 48.59 63.70
N GLY A 648 -81.49 49.40 63.06
CA GLY A 648 -80.91 49.04 61.78
C GLY A 648 -79.39 48.97 61.82
N ILE A 649 -78.82 48.48 60.72
CA ILE A 649 -77.38 48.37 60.56
C ILE A 649 -76.99 49.04 59.25
N ASN A 650 -75.89 49.78 59.27
CA ASN A 650 -75.34 50.43 58.09
C ASN A 650 -74.04 49.75 57.70
N LEU A 651 -73.92 49.36 56.43
CA LEU A 651 -72.71 48.73 55.93
C LEU A 651 -72.15 49.53 54.75
N ILE A 652 -70.83 49.55 54.64
CA ILE A 652 -70.17 50.27 53.57
C ILE A 652 -69.90 49.37 52.38
N TYR A 653 -70.30 49.79 51.20
CA TYR A 653 -70.17 48.92 50.03
C TYR A 653 -68.75 48.90 49.45
N VAL A 654 -67.95 49.88 49.80
CA VAL A 654 -66.57 49.95 49.33
C VAL A 654 -65.65 49.23 50.29
N ASN A 655 -66.20 48.54 51.28
CA ASN A 655 -65.41 47.74 52.18
C ASN A 655 -65.76 46.30 51.92
N PRO A 656 -65.08 45.66 50.97
CA PRO A 656 -65.47 44.30 50.64
C PRO A 656 -65.36 43.39 51.84
N PHE A 657 -64.42 43.65 52.74
CA PHE A 657 -64.23 42.77 53.87
C PHE A 657 -65.40 42.84 54.80
N MET A 658 -65.87 44.05 55.05
CA MET A 658 -67.00 44.26 55.92
C MET A 658 -68.20 43.53 55.42
N LEU A 659 -68.44 43.59 54.12
CA LEU A 659 -69.59 42.95 53.57
C LEU A 659 -69.43 41.48 53.69
N GLN A 660 -68.21 41.00 53.52
CA GLN A 660 -67.97 39.57 53.59
C GLN A 660 -68.24 39.04 54.99
N TRP A 661 -67.84 39.78 56.03
CA TRP A 661 -68.10 39.31 57.38
C TRP A 661 -69.42 39.83 57.95
N GLY A 662 -70.04 40.85 57.35
CA GLY A 662 -71.24 41.42 57.92
C GLY A 662 -72.54 40.84 57.40
N ILE A 663 -72.64 40.63 56.09
CA ILE A 663 -73.88 40.08 55.53
C ILE A 663 -74.19 38.71 56.12
N PRO A 664 -73.26 37.76 56.17
CA PRO A 664 -73.56 36.50 56.88
C PRO A 664 -73.93 36.71 58.33
N LEU A 665 -73.30 37.67 59.01
CA LEU A 665 -73.63 37.93 60.40
C LEU A 665 -75.08 38.39 60.54
N ILE A 666 -75.51 39.30 59.68
CA ILE A 666 -76.89 39.77 59.73
C ILE A 666 -77.85 38.62 59.43
N LYS A 667 -77.51 37.78 58.45
CA LYS A 667 -78.36 36.64 58.15
C LYS A 667 -78.50 35.73 59.37
N GLU A 668 -77.38 35.42 60.03
CA GLU A 668 -77.42 34.54 61.19
C GLU A 668 -78.23 35.16 62.32
N LEU A 669 -78.00 36.45 62.60
CA LEU A 669 -78.70 37.10 63.70
C LEU A 669 -80.20 37.17 63.43
N ARG A 670 -80.59 37.48 62.19
CA ARG A 670 -82.01 37.50 61.86
C ARG A 670 -82.62 36.12 61.99
N SER A 671 -81.91 35.09 61.55
CA SER A 671 -82.38 33.73 61.77
C SER A 671 -82.56 33.44 63.26
N LYS A 672 -81.72 34.06 64.10
CA LYS A 672 -81.89 33.95 65.54
C LYS A 672 -83.05 34.78 66.07
N GLY A 673 -83.61 35.66 65.25
CA GLY A 673 -84.69 36.52 65.70
C GLY A 673 -84.26 37.86 66.28
N TYR A 674 -83.05 38.32 65.96
CA TYR A 674 -82.59 39.58 66.50
C TYR A 674 -83.41 40.74 65.93
N PRO A 675 -83.66 41.79 66.72
CA PRO A 675 -84.51 42.90 66.27
C PRO A 675 -83.77 43.87 65.35
N ILE A 676 -83.25 43.35 64.24
CA ILE A 676 -82.61 44.16 63.21
C ILE A 676 -83.68 44.45 62.15
N GLN A 677 -84.24 45.63 62.13
CA GLN A 677 -85.34 45.91 61.23
C GLN A 677 -84.94 46.09 59.81
N PHE A 678 -83.77 46.66 59.57
CA PHE A 678 -83.41 46.98 58.21
C PHE A 678 -81.89 47.04 58.08
N LEU A 679 -81.43 47.03 56.83
CA LEU A 679 -80.03 47.21 56.49
C LEU A 679 -79.91 48.34 55.50
N THR A 680 -79.00 49.28 55.77
CA THR A 680 -78.70 50.37 54.85
C THR A 680 -77.29 50.18 54.29
N ILE A 681 -77.13 50.43 53.00
CA ILE A 681 -75.86 50.30 52.31
C ILE A 681 -75.40 51.70 51.91
N GLY A 682 -74.24 52.10 52.42
CA GLY A 682 -73.65 53.38 52.12
C GLY A 682 -72.47 53.26 51.18
N ALA A 683 -72.07 54.41 50.63
CA ALA A 683 -70.93 54.50 49.73
C ALA A 683 -71.08 53.54 48.55
N GLY A 684 -72.22 53.58 47.89
CA GLY A 684 -72.44 52.74 46.74
C GLY A 684 -73.75 52.01 46.73
N VAL A 685 -74.23 51.68 45.55
CA VAL A 685 -75.47 50.96 45.42
C VAL A 685 -75.05 49.61 44.90
N PRO A 686 -75.57 48.54 45.49
CA PRO A 686 -75.24 47.19 45.01
C PRO A 686 -75.79 46.96 43.61
N SER A 687 -75.40 45.82 43.04
CA SER A 687 -75.91 45.44 41.76
C SER A 687 -77.22 44.77 42.01
N LEU A 688 -78.00 44.60 40.97
CA LEU A 688 -79.31 43.98 41.11
C LEU A 688 -79.18 42.63 41.78
N GLU A 689 -78.19 41.83 41.37
CA GLU A 689 -78.07 40.50 41.90
C GLU A 689 -77.76 40.47 43.39
N VAL A 690 -76.89 41.34 43.87
CA VAL A 690 -76.56 41.39 45.28
C VAL A 690 -77.75 41.91 46.04
N ALA A 691 -78.44 42.88 45.47
CA ALA A 691 -79.59 43.44 46.14
C ALA A 691 -80.63 42.36 46.31
N SER A 692 -80.81 41.55 45.28
CA SER A 692 -81.76 40.44 45.40
C SER A 692 -81.32 39.47 46.50
N GLU A 693 -80.02 39.17 46.57
CA GLU A 693 -79.53 38.31 47.63
C GLU A 693 -79.86 38.88 48.99
N TYR A 694 -79.59 40.17 49.19
CA TYR A 694 -79.91 40.80 50.47
C TYR A 694 -81.41 40.70 50.77
N ILE A 695 -82.23 41.12 49.81
CA ILE A 695 -83.68 41.21 50.04
C ILE A 695 -84.24 39.83 50.39
N GLU A 696 -83.82 38.79 49.67
CA GLU A 696 -84.36 37.46 49.92
C GLU A 696 -83.79 36.86 51.20
N THR A 697 -82.46 36.75 51.28
CA THR A 697 -81.85 35.97 52.35
C THR A 697 -81.97 36.65 53.70
N LEU A 698 -81.68 37.96 53.76
CA LEU A 698 -81.43 38.58 55.06
C LEU A 698 -82.68 38.62 55.94
N GLY A 699 -83.87 38.48 55.37
CA GLY A 699 -85.09 38.49 56.16
C GLY A 699 -85.32 39.78 56.92
N LEU A 700 -85.10 40.91 56.25
CA LEU A 700 -85.29 42.23 56.84
C LEU A 700 -86.65 42.80 56.45
N LYS A 701 -87.07 43.83 57.18
CA LYS A 701 -88.33 44.49 56.85
C LYS A 701 -88.21 45.37 55.62
N TYR A 702 -87.10 46.10 55.49
CA TYR A 702 -86.89 46.91 54.30
C TYR A 702 -85.39 47.15 54.13
N LEU A 703 -85.02 47.59 52.93
CA LEU A 703 -83.64 47.82 52.55
C LEU A 703 -83.42 49.30 52.28
N GLY A 704 -82.40 49.87 52.91
CA GLY A 704 -82.04 51.26 52.70
C GLY A 704 -80.89 51.37 51.72
N LEU A 705 -81.03 52.27 50.75
CA LEU A 705 -80.00 52.53 49.76
C LEU A 705 -79.78 54.04 49.68
N LYS A 706 -78.54 54.43 49.40
CA LYS A 706 -78.13 55.84 49.37
C LYS A 706 -77.50 56.15 48.03
N PRO A 707 -78.31 56.35 46.98
CA PRO A 707 -77.75 56.73 45.69
C PRO A 707 -77.04 58.07 45.76
N GLY A 708 -75.98 58.20 44.97
CA GLY A 708 -75.19 59.41 44.97
C GLY A 708 -75.35 60.26 43.73
N SER A 709 -76.00 59.74 42.70
CA SER A 709 -76.14 60.44 41.43
C SER A 709 -77.34 59.88 40.67
N ILE A 710 -77.55 60.41 39.46
CA ILE A 710 -78.68 59.97 38.63
C ILE A 710 -78.58 58.48 38.34
N ASP A 711 -77.39 58.01 37.96
CA ASP A 711 -77.22 56.59 37.64
C ASP A 711 -77.49 55.72 38.86
N ALA A 712 -77.07 56.19 40.01
CA ALA A 712 -77.30 55.44 41.22
C ALA A 712 -78.79 55.37 41.49
N ILE A 713 -79.52 56.46 41.26
CA ILE A 713 -80.96 56.47 41.45
C ILE A 713 -81.64 55.51 40.47
N SER A 714 -81.15 55.46 39.23
CA SER A 714 -81.71 54.52 38.26
C SER A 714 -81.47 53.08 38.70
N GLN A 715 -80.32 52.81 39.27
CA GLN A 715 -80.04 51.47 39.75
C GLN A 715 -80.93 51.13 40.95
N VAL A 716 -81.21 52.10 41.81
CA VAL A 716 -82.14 51.89 42.91
C VAL A 716 -83.54 51.59 42.37
N ILE A 717 -83.95 52.33 41.33
CA ILE A 717 -85.26 52.11 40.74
C ILE A 717 -85.33 50.70 40.14
N ASN A 718 -84.26 50.26 39.49
CA ASN A 718 -84.25 48.91 38.93
C ASN A 718 -84.36 47.87 40.03
N ILE A 719 -83.66 48.08 41.15
CA ILE A 719 -83.77 47.15 42.27
C ILE A 719 -85.20 47.11 42.79
N ALA A 720 -85.83 48.28 42.95
CA ALA A 720 -87.19 48.33 43.44
C ALA A 720 -88.16 47.68 42.45
N LYS A 721 -87.85 47.76 41.16
CA LYS A 721 -88.71 47.16 40.14
C LYS A 721 -88.59 45.64 40.14
N ALA A 722 -87.37 45.13 40.33
CA ALA A 722 -87.20 43.68 40.37
C ALA A 722 -87.93 43.06 41.55
N HIS A 723 -88.17 43.83 42.61
CA HIS A 723 -88.86 43.35 43.81
C HIS A 723 -89.98 44.34 44.12
N PRO A 724 -91.07 44.29 43.36
CA PRO A 724 -92.09 45.35 43.48
C PRO A 724 -92.79 45.37 44.83
N ASN A 725 -92.72 44.31 45.62
CA ASN A 725 -93.43 44.25 46.89
C ASN A 725 -92.56 44.62 48.09
N PHE A 726 -91.25 44.45 47.97
CA PHE A 726 -90.38 44.76 49.09
C PHE A 726 -90.23 46.27 49.27
N PRO A 727 -90.29 46.79 50.49
CA PRO A 727 -90.05 48.23 50.67
C PRO A 727 -88.58 48.58 50.50
N ILE A 728 -88.31 49.63 49.74
CA ILE A 728 -86.96 50.12 49.51
C ILE A 728 -86.93 51.59 49.95
N ALA A 729 -86.01 51.91 50.86
CA ALA A 729 -85.85 53.26 51.38
C ALA A 729 -84.75 53.96 50.58
N LEU A 730 -85.15 54.86 49.68
CA LEU A 730 -84.21 55.64 48.90
C LEU A 730 -83.79 56.85 49.72
N GLN A 731 -82.54 56.85 50.18
CA GLN A 731 -82.02 57.90 51.05
C GLN A 731 -81.17 58.83 50.19
N TRP A 732 -81.80 59.87 49.65
CA TRP A 732 -81.10 60.81 48.79
C TRP A 732 -80.37 61.86 49.61
N THR A 733 -79.12 62.13 49.24
CA THR A 733 -78.29 63.13 49.89
C THR A 733 -77.46 63.84 48.84
N GLY A 734 -77.32 65.15 48.99
CA GLY A 734 -76.47 65.92 48.11
C GLY A 734 -75.03 65.97 48.61
N GLY A 735 -74.18 66.59 47.80
CA GLY A 735 -72.79 66.76 48.19
C GLY A 735 -72.59 67.68 49.38
N ARG A 736 -73.62 68.39 49.78
CA ARG A 736 -73.54 69.31 50.88
C ARG A 736 -73.53 68.63 52.25
N GLY A 737 -73.72 67.32 52.33
CA GLY A 737 -73.68 66.63 53.58
C GLY A 737 -72.30 66.38 54.19
N GLY A 738 -72.23 66.16 55.48
CA GLY A 738 -70.98 65.82 56.12
C GLY A 738 -70.46 64.45 55.82
N GLY A 739 -69.19 64.19 56.13
CA GLY A 739 -68.57 62.91 55.85
C GLY A 739 -68.17 62.79 54.40
N HIS A 740 -68.12 61.58 53.88
CA HIS A 740 -67.83 61.41 52.48
C HIS A 740 -68.97 61.96 51.65
N HIS A 741 -68.67 62.88 50.75
CA HIS A 741 -69.71 63.53 49.98
C HIS A 741 -69.47 63.48 48.51
N SER A 742 -70.54 63.66 47.74
CA SER A 742 -70.46 63.66 46.30
C SER A 742 -70.33 65.09 45.77
N PHE A 743 -70.31 65.23 44.45
CA PHE A 743 -70.26 66.52 43.79
C PHE A 743 -71.63 67.01 43.35
N GLU A 744 -72.70 66.28 43.66
CA GLU A 744 -74.01 66.55 43.08
C GLU A 744 -74.74 67.66 43.84
N ASP A 745 -75.60 68.36 43.13
CA ASP A 745 -76.47 69.32 43.77
C ASP A 745 -77.50 68.49 44.51
N ALA A 746 -78.14 69.07 45.51
CA ALA A 746 -79.14 68.38 46.31
C ALA A 746 -80.52 68.38 45.67
N HIS A 747 -80.80 69.30 44.78
CA HIS A 747 -82.14 69.42 44.20
C HIS A 747 -82.29 68.98 42.73
N THR A 748 -81.36 69.31 41.84
CA THR A 748 -81.56 68.96 40.43
C THR A 748 -81.76 67.46 40.21
N PRO A 749 -81.01 66.55 40.85
CA PRO A 749 -81.30 65.13 40.63
C PRO A 749 -82.70 64.73 41.06
N MET A 750 -83.21 65.34 42.14
CA MET A 750 -84.56 65.03 42.58
C MET A 750 -85.59 65.59 41.60
N LEU A 751 -85.41 66.84 41.18
CA LEU A 751 -86.30 67.39 40.17
C LEU A 751 -86.30 66.55 38.91
N GLN A 752 -85.16 65.91 38.60
CA GLN A 752 -85.06 65.09 37.40
C GLN A 752 -85.75 63.73 37.57
N MET A 753 -85.62 63.11 38.74
CA MET A 753 -85.98 61.70 38.89
C MET A 753 -87.17 61.46 39.82
N TYR A 754 -87.85 62.51 40.28
CA TYR A 754 -88.97 62.31 41.21
C TYR A 754 -90.10 61.52 40.56
N SER A 755 -90.47 61.83 39.33
CA SER A 755 -91.49 61.08 38.65
C SER A 755 -91.13 59.62 38.50
N LYS A 756 -89.92 59.31 38.05
CA LYS A 756 -89.49 57.92 37.93
C LYS A 756 -89.57 57.22 39.29
N ILE A 757 -89.22 57.90 40.35
CA ILE A 757 -89.24 57.26 41.63
C ILE A 757 -90.67 56.96 42.02
N ARG A 758 -91.56 57.91 41.85
CA ARG A 758 -92.92 57.74 42.32
C ARG A 758 -93.74 56.76 41.51
N ARG A 759 -93.19 56.27 40.41
CA ARG A 759 -93.89 55.32 39.60
C ARG A 759 -93.78 54.00 40.27
N HIS A 760 -92.98 53.93 41.34
CA HIS A 760 -92.85 52.71 42.12
C HIS A 760 -93.34 52.92 43.53
N PRO A 761 -94.51 52.37 43.87
CA PRO A 761 -95.02 52.63 45.23
C PRO A 761 -94.19 52.01 46.34
N ASN A 762 -93.32 51.05 46.03
CA ASN A 762 -92.53 50.39 47.06
C ASN A 762 -91.26 51.16 47.42
N ILE A 763 -91.02 52.29 46.77
CA ILE A 763 -89.89 53.13 47.12
C ILE A 763 -90.29 54.27 48.02
N MET A 764 -89.61 54.42 49.14
CA MET A 764 -89.84 55.51 50.08
C MET A 764 -88.75 56.55 49.92
N LEU A 765 -89.14 57.80 49.69
CA LEU A 765 -88.18 58.87 49.42
C LEU A 765 -87.80 59.57 50.72
N ILE A 766 -86.53 59.47 51.09
CA ILE A 766 -85.97 60.16 52.24
C ILE A 766 -85.00 61.23 51.75
N PHE A 767 -85.14 62.44 52.28
CA PHE A 767 -84.28 63.56 51.91
C PHE A 767 -83.36 63.89 53.07
N GLY A 768 -82.07 64.06 52.78
CA GLY A 768 -81.10 64.39 53.80
C GLY A 768 -80.10 65.43 53.35
N SER A 769 -78.92 65.45 53.98
CA SER A 769 -77.81 66.32 53.58
C SER A 769 -78.18 67.80 53.71
N GLY A 770 -78.34 68.23 54.95
CA GLY A 770 -78.38 69.64 55.25
C GLY A 770 -79.59 70.12 56.02
N PHE A 771 -80.11 69.27 56.88
CA PHE A 771 -81.29 69.60 57.62
C PHE A 771 -80.96 69.69 59.09
N GLY A 772 -81.68 70.52 59.82
CA GLY A 772 -81.45 70.63 61.25
C GLY A 772 -82.66 70.94 62.09
N SER A 773 -83.82 71.13 61.47
CA SER A 773 -85.01 71.47 62.21
C SER A 773 -86.24 71.29 61.38
N ALA A 774 -87.39 71.51 61.99
CA ALA A 774 -88.65 71.37 61.30
C ALA A 774 -88.91 72.49 60.31
N ASP A 775 -88.32 73.67 60.53
CA ASP A 775 -88.60 74.81 59.68
C ASP A 775 -88.01 74.63 58.28
N ASP A 776 -86.80 74.08 58.19
CA ASP A 776 -86.14 73.90 56.90
C ASP A 776 -86.49 72.57 56.24
N THR A 777 -87.16 71.66 56.96
CA THR A 777 -87.61 70.41 56.37
C THR A 777 -89.09 70.44 55.99
N TYR A 778 -89.84 71.41 56.48
CA TYR A 778 -91.27 71.47 56.20
C TYR A 778 -91.57 71.67 54.71
N PRO A 779 -90.81 72.51 54.01
CA PRO A 779 -91.14 72.71 52.60
C PRO A 779 -90.96 71.44 51.79
N TYR A 780 -90.15 70.51 52.27
CA TYR A 780 -89.97 69.22 51.61
C TYR A 780 -91.03 68.25 52.05
N LEU A 781 -91.48 68.36 53.28
CA LEU A 781 -92.60 67.53 53.71
C LEU A 781 -93.86 67.84 52.91
N THR A 782 -94.14 69.12 52.69
CA THR A 782 -95.35 69.51 51.98
C THR A 782 -95.18 69.51 50.47
N GLY A 783 -93.95 69.39 49.97
CA GLY A 783 -93.71 69.38 48.54
C GLY A 783 -93.56 70.75 47.91
N GLU A 784 -93.81 71.83 48.66
CA GLU A 784 -93.72 73.18 48.11
C GLU A 784 -92.29 73.58 47.79
N TRP A 785 -91.29 72.82 48.18
CA TRP A 785 -89.92 73.18 47.91
C TRP A 785 -89.63 73.28 46.43
N SER A 786 -90.32 72.50 45.61
CA SER A 786 -90.02 72.47 44.19
C SER A 786 -90.77 73.53 43.39
N THR A 787 -91.73 74.24 44.02
CA THR A 787 -92.48 75.24 43.28
C THR A 787 -91.58 76.40 42.85
N LYS A 788 -90.57 76.73 43.66
CA LYS A 788 -89.63 77.82 43.35
C LYS A 788 -88.82 77.50 42.12
N PHE A 789 -88.70 76.24 41.82
CA PHE A 789 -88.04 75.83 40.59
C PHE A 789 -89.01 75.66 39.43
N ASP A 790 -90.22 76.23 39.54
CA ASP A 790 -91.24 76.13 38.50
C ASP A 790 -91.58 74.67 38.22
N TYR A 791 -91.82 73.91 39.28
CA TYR A 791 -92.20 72.51 39.22
C TYR A 791 -93.45 72.30 40.06
N PRO A 792 -94.20 71.24 39.79
CA PRO A 792 -95.31 70.89 40.69
C PRO A 792 -94.78 70.45 42.04
N PRO A 793 -95.56 70.59 43.12
CA PRO A 793 -95.07 70.16 44.42
C PRO A 793 -94.68 68.69 44.45
N MET A 794 -93.57 68.40 45.13
CA MET A 794 -93.04 67.04 45.24
C MET A 794 -92.78 66.73 46.72
N PRO A 795 -93.79 66.24 47.43
CA PRO A 795 -93.56 65.87 48.83
C PRO A 795 -92.62 64.68 48.97
N PHE A 796 -91.93 64.63 50.11
CA PHE A 796 -91.01 63.55 50.44
C PHE A 796 -91.54 62.77 51.63
N ASP A 797 -91.03 61.55 51.79
CA ASP A 797 -91.55 60.64 52.80
C ASP A 797 -90.88 60.76 54.16
N GLY A 798 -89.69 61.36 54.24
CA GLY A 798 -89.01 61.46 55.51
C GLY A 798 -87.68 62.14 55.35
N PHE A 799 -86.98 62.26 56.49
CA PHE A 799 -85.71 62.99 56.54
C PHE A 799 -84.72 62.28 57.45
N LEU A 800 -83.44 62.50 57.20
CA LEU A 800 -82.36 62.02 58.03
C LEU A 800 -81.48 63.20 58.44
N PHE A 801 -80.96 63.13 59.65
CA PHE A 801 -80.18 64.21 60.21
C PHE A 801 -78.90 63.68 60.77
N GLY A 802 -77.80 63.82 60.03
CA GLY A 802 -76.51 63.37 60.51
C GLY A 802 -75.77 64.40 61.33
N SER A 803 -75.18 65.37 60.66
CA SER A 803 -74.44 66.42 61.35
C SER A 803 -75.19 67.07 62.51
N ARG A 804 -76.51 67.24 62.39
CA ARG A 804 -77.33 67.83 63.47
C ARG A 804 -77.24 67.19 64.85
N VAL A 805 -77.05 65.88 64.92
CA VAL A 805 -77.07 65.17 66.20
C VAL A 805 -75.66 64.81 66.66
N MET A 806 -74.64 65.53 66.18
CA MET A 806 -73.27 65.23 66.58
C MET A 806 -72.88 65.88 67.90
N ILE A 807 -73.75 66.73 68.45
CA ILE A 807 -73.50 67.34 69.74
C ILE A 807 -74.57 66.92 70.74
N ALA A 808 -75.31 65.85 70.46
CA ALA A 808 -76.32 65.37 71.36
C ALA A 808 -75.68 64.83 72.65
N LYS A 809 -76.39 64.92 73.75
CA LYS A 809 -75.83 64.52 75.02
C LYS A 809 -75.39 63.07 75.04
N GLU A 810 -76.05 62.19 74.30
CA GLU A 810 -75.76 60.77 74.37
C GLU A 810 -74.72 60.31 73.35
N VAL A 811 -74.18 61.24 72.56
CA VAL A 811 -73.15 60.91 71.59
C VAL A 811 -71.79 60.88 72.29
N LYS A 812 -70.93 59.94 71.92
CA LYS A 812 -69.63 59.80 72.59
C LYS A 812 -68.62 60.89 72.25
N THR A 813 -69.00 61.87 71.47
CA THR A 813 -68.06 62.91 71.07
C THR A 813 -67.49 63.62 72.30
N SER A 814 -66.19 63.87 72.26
CA SER A 814 -65.53 64.53 73.37
C SER A 814 -66.04 65.96 73.49
N PRO A 815 -66.07 66.49 74.71
CA PRO A 815 -66.56 67.85 74.93
C PRO A 815 -65.92 68.93 74.07
N ASP A 816 -64.60 68.95 73.96
CA ASP A 816 -63.95 69.98 73.20
C ASP A 816 -64.31 69.81 71.74
N ALA A 817 -64.57 68.57 71.30
CA ALA A 817 -65.02 68.38 69.93
C ALA A 817 -66.44 68.93 69.74
N LYS A 818 -67.30 68.76 70.74
CA LYS A 818 -68.64 69.33 70.65
C LYS A 818 -68.60 70.84 70.60
N LYS A 819 -67.73 71.46 71.41
CA LYS A 819 -67.57 72.91 71.34
C LYS A 819 -67.07 73.34 69.97
N CYS A 820 -66.13 72.63 69.37
CA CYS A 820 -65.64 72.97 68.05
C CYS A 820 -66.75 72.85 66.99
N ILE A 821 -67.52 71.77 67.12
CA ILE A 821 -68.62 71.61 66.18
C ILE A 821 -69.59 72.79 66.29
N ALA A 822 -69.99 73.12 67.52
CA ALA A 822 -70.91 74.24 67.71
C ALA A 822 -70.33 75.54 67.19
N ALA A 823 -69.05 75.74 67.34
CA ALA A 823 -68.42 76.93 66.83
C ALA A 823 -68.60 76.99 65.33
N CYS A 824 -68.57 75.86 64.64
CA CYS A 824 -68.87 75.99 63.17
C CYS A 824 -70.20 76.75 62.79
N THR A 825 -70.13 77.95 62.17
CA THR A 825 -71.34 78.72 61.90
C THR A 825 -72.13 78.17 60.73
N GLY A 826 -71.49 77.52 59.77
CA GLY A 826 -72.19 76.98 58.63
C GLY A 826 -72.34 77.98 57.50
N VAL A 827 -72.91 77.51 56.40
CA VAL A 827 -73.08 78.31 55.20
C VAL A 827 -74.37 77.88 54.51
N PRO A 828 -75.05 78.81 53.83
CA PRO A 828 -76.28 78.44 53.16
C PRO A 828 -76.01 77.54 51.98
N ASP A 829 -77.01 76.79 51.52
CA ASP A 829 -76.80 75.82 50.45
C ASP A 829 -76.11 76.38 49.22
N ASP A 830 -76.49 77.57 48.76
CA ASP A 830 -75.92 78.09 47.52
C ASP A 830 -74.42 78.35 47.61
N LYS A 831 -73.84 78.32 48.81
CA LYS A 831 -72.41 78.56 48.99
C LYS A 831 -71.66 77.33 49.52
N TRP A 832 -72.28 76.19 49.59
CA TRP A 832 -71.61 75.04 50.17
C TRP A 832 -70.41 74.61 49.36
N GLU A 833 -70.48 74.73 48.04
CA GLU A 833 -69.40 74.21 47.22
C GLU A 833 -68.11 74.98 47.41
N GLN A 834 -68.13 76.08 48.16
CA GLN A 834 -66.86 76.70 48.53
C GLN A 834 -66.23 76.01 49.74
N THR A 835 -66.12 74.69 49.65
CA THR A 835 -65.34 73.90 50.60
C THR A 835 -64.19 73.17 49.93
N TYR A 836 -64.28 72.92 48.63
CA TYR A 836 -63.16 72.33 47.90
C TYR A 836 -61.94 73.24 47.89
N LYS A 837 -62.13 74.54 48.08
CA LYS A 837 -61.07 75.53 47.89
C LYS A 837 -60.60 76.17 49.18
N LYS A 838 -61.48 76.42 50.14
CA LYS A 838 -61.09 77.09 51.37
C LYS A 838 -62.15 76.83 52.43
N PRO A 839 -61.82 77.01 53.71
CA PRO A 839 -62.83 76.83 54.75
C PRO A 839 -64.02 77.77 54.55
N THR A 840 -65.22 77.24 54.81
CA THR A 840 -66.44 78.03 54.72
C THR A 840 -67.39 77.54 55.79
N GLY A 841 -67.77 78.42 56.71
CA GLY A 841 -68.60 78.01 57.82
C GLY A 841 -67.91 77.05 58.76
N GLY A 842 -66.58 77.05 58.80
CA GLY A 842 -65.82 76.15 59.63
C GLY A 842 -65.56 74.78 59.04
N ILE A 843 -65.99 74.54 57.80
CA ILE A 843 -65.87 73.23 57.17
C ILE A 843 -65.03 73.37 55.91
N VAL A 844 -64.24 72.33 55.61
CA VAL A 844 -63.43 72.25 54.41
C VAL A 844 -63.54 70.84 53.86
N THR A 845 -63.13 70.67 52.61
CA THR A 845 -63.10 69.37 51.95
C THR A 845 -61.66 68.93 51.76
N VAL A 846 -61.33 67.75 52.26
CA VAL A 846 -60.03 67.12 52.04
C VAL A 846 -60.27 65.79 51.36
N ARG A 847 -59.18 65.09 51.00
CA ARG A 847 -59.26 63.83 50.30
C ARG A 847 -58.78 62.71 51.22
N SER A 848 -59.44 61.56 51.12
CA SER A 848 -59.11 60.40 51.92
C SER A 848 -57.98 59.62 51.24
N GLU A 849 -57.67 58.43 51.77
CA GLU A 849 -56.62 57.62 51.18
C GLU A 849 -56.95 57.28 49.73
N MET A 850 -58.21 56.98 49.46
CA MET A 850 -58.66 56.62 48.12
C MET A 850 -58.90 57.84 47.24
N GLY A 851 -58.75 59.04 47.76
CA GLY A 851 -59.02 60.25 47.00
C GLY A 851 -60.45 60.72 47.04
N GLU A 852 -61.31 60.10 47.84
CA GLU A 852 -62.68 60.53 47.93
C GLU A 852 -62.79 61.81 48.76
N PRO A 853 -63.66 62.75 48.39
CA PRO A 853 -63.83 63.95 49.21
C PRO A 853 -64.47 63.62 50.55
N ILE A 854 -64.08 64.39 51.56
CA ILE A 854 -64.69 64.30 52.89
C ILE A 854 -64.88 65.72 53.41
N HIS A 855 -66.02 65.98 54.04
CA HIS A 855 -66.27 67.24 54.71
C HIS A 855 -65.82 67.11 56.17
N LYS A 856 -64.83 67.90 56.55
CA LYS A 856 -64.30 67.89 57.91
C LYS A 856 -64.18 69.31 58.43
N ILE A 857 -64.18 69.44 59.74
CA ILE A 857 -64.04 70.74 60.35
C ILE A 857 -62.64 71.24 60.09
N ALA A 858 -62.49 72.51 59.80
CA ALA A 858 -61.19 73.09 59.44
C ALA A 858 -60.37 73.35 60.70
N THR A 859 -59.81 72.28 61.24
CA THR A 859 -58.93 72.38 62.38
C THR A 859 -57.50 72.51 61.84
N ARG A 860 -56.52 72.72 62.71
CA ARG A 860 -55.13 72.78 62.30
C ARG A 860 -54.70 71.48 61.64
N GLY A 861 -55.08 70.34 62.22
CA GLY A 861 -54.74 69.06 61.63
C GLY A 861 -55.36 68.89 60.26
N VAL A 862 -56.61 69.28 60.09
CA VAL A 862 -57.25 69.15 58.80
C VAL A 862 -56.64 70.12 57.79
N MET A 863 -56.27 71.31 58.21
CA MET A 863 -55.63 72.23 57.27
C MET A 863 -54.26 71.70 56.84
N LEU A 864 -53.52 71.08 57.76
CA LEU A 864 -52.29 70.39 57.36
C LEU A 864 -52.59 69.25 56.40
N TRP A 865 -53.67 68.51 56.66
CA TRP A 865 -54.11 67.45 55.76
C TRP A 865 -54.31 68.01 54.34
N LYS A 866 -55.01 69.13 54.23
CA LYS A 866 -55.26 69.74 52.93
C LYS A 866 -53.96 70.21 52.27
N GLU A 867 -53.09 70.87 53.04
CA GLU A 867 -51.84 71.35 52.47
C GLU A 867 -51.02 70.19 51.93
N PHE A 868 -50.95 69.09 52.68
CA PHE A 868 -50.24 67.92 52.18
C PHE A 868 -50.94 67.35 50.95
N ASP A 869 -52.27 67.33 50.95
CA ASP A 869 -53.00 66.86 49.78
C ASP A 869 -52.57 67.61 48.53
N GLU A 870 -52.38 68.92 48.64
CA GLU A 870 -52.05 69.73 47.48
C GLU A 870 -50.55 69.99 47.28
N THR A 871 -49.68 69.46 48.15
CA THR A 871 -48.25 69.68 47.97
C THR A 871 -47.38 68.41 48.00
N ILE A 872 -47.88 67.28 48.48
CA ILE A 872 -47.07 66.07 48.58
C ILE A 872 -47.79 64.92 47.91
N PHE A 873 -49.05 64.70 48.28
CA PHE A 873 -49.76 63.50 47.87
C PHE A 873 -50.17 63.54 46.40
N ASN A 874 -50.27 64.73 45.81
CA ASN A 874 -50.66 64.84 44.41
C ASN A 874 -49.49 64.67 43.45
N LEU A 875 -48.26 64.53 43.96
CA LEU A 875 -47.12 64.29 43.10
C LEU A 875 -47.12 62.86 42.57
N PRO A 876 -46.42 62.60 41.48
CA PRO A 876 -46.26 61.22 41.01
C PRO A 876 -45.33 60.43 41.92
N LYS A 877 -45.46 59.11 41.84
CA LYS A 877 -44.73 58.23 42.75
C LYS A 877 -43.23 58.51 42.74
N ASN A 878 -42.67 58.80 41.56
CA ASN A 878 -41.22 58.99 41.47
C ASN A 878 -40.79 60.31 42.09
N LYS A 879 -41.67 61.29 42.11
CA LYS A 879 -41.34 62.60 42.67
C LYS A 879 -41.55 62.67 44.18
N LEU A 880 -42.25 61.69 44.76
CA LEU A 880 -42.68 61.82 46.15
C LEU A 880 -41.48 61.81 47.11
N VAL A 881 -40.58 60.86 46.95
CA VAL A 881 -39.50 60.64 47.91
C VAL A 881 -38.56 61.83 47.97
N PRO A 882 -38.07 62.36 46.84
CA PRO A 882 -37.19 63.53 46.92
C PRO A 882 -37.86 64.72 47.59
N THR A 883 -39.17 64.90 47.40
CA THR A 883 -39.85 66.02 48.04
C THR A 883 -39.91 65.83 49.54
N LEU A 884 -40.17 64.61 50.00
CA LEU A 884 -40.15 64.34 51.44
C LEU A 884 -38.76 64.59 52.01
N GLU A 885 -37.72 64.16 51.29
CA GLU A 885 -36.36 64.40 51.77
C GLU A 885 -36.04 65.89 51.83
N ALA A 886 -36.48 66.65 50.84
CA ALA A 886 -36.17 68.07 50.79
C ALA A 886 -36.95 68.88 51.82
N LYS A 887 -38.16 68.44 52.17
CA LYS A 887 -39.04 69.17 53.09
C LYS A 887 -39.14 68.51 54.46
N ARG A 888 -38.15 67.68 54.82
CA ARG A 888 -38.29 66.83 56.00
C ARG A 888 -38.49 67.64 57.27
N ASP A 889 -37.70 68.70 57.45
CA ASP A 889 -37.78 69.48 58.69
C ASP A 889 -39.13 70.17 58.80
N TYR A 890 -39.62 70.75 57.70
CA TYR A 890 -40.92 71.40 57.71
C TYR A 890 -42.02 70.41 58.05
N ILE A 891 -41.98 69.23 57.43
CA ILE A 891 -43.00 68.21 57.69
C ILE A 891 -42.96 67.78 59.15
N ILE A 892 -41.77 67.58 59.71
CA ILE A 892 -41.66 67.13 61.09
C ILE A 892 -42.21 68.20 62.03
N SER A 893 -41.85 69.47 61.79
CA SER A 893 -42.37 70.53 62.64
C SER A 893 -43.89 70.60 62.56
N ARG A 894 -44.44 70.50 61.35
CA ARG A 894 -45.89 70.58 61.20
C ARG A 894 -46.59 69.40 61.88
N LEU A 895 -46.05 68.20 61.74
CA LEU A 895 -46.64 67.05 62.43
C LEU A 895 -46.60 67.23 63.94
N ASN A 896 -45.46 67.70 64.46
CA ASN A 896 -45.33 67.84 65.90
C ASN A 896 -46.22 68.94 66.45
N ALA A 897 -46.52 69.95 65.64
CA ALA A 897 -47.29 71.10 66.12
C ALA A 897 -48.79 70.98 65.90
N ASP A 898 -49.23 70.36 64.80
CA ASP A 898 -50.60 70.54 64.33
C ASP A 898 -51.41 69.27 64.15
N PHE A 899 -50.79 68.09 64.09
CA PHE A 899 -51.48 66.89 63.67
C PHE A 899 -51.70 65.93 64.84
N GLN A 900 -52.68 65.05 64.66
CA GLN A 900 -53.02 64.06 65.69
C GLN A 900 -52.02 62.91 65.73
N LYS A 901 -51.22 62.72 64.69
CA LYS A 901 -50.13 61.76 64.69
C LYS A 901 -48.81 62.51 64.63
N PRO A 902 -48.11 62.70 65.74
CA PRO A 902 -46.86 63.46 65.72
C PRO A 902 -45.71 62.62 65.16
N TRP A 903 -44.59 63.30 64.93
CA TRP A 903 -43.37 62.62 64.53
C TRP A 903 -42.80 61.87 65.74
N PHE A 904 -42.66 60.56 65.60
CA PHE A 904 -42.33 59.72 66.74
C PHE A 904 -40.98 60.11 67.34
N ALA A 905 -39.96 60.24 66.50
CA ALA A 905 -38.60 60.47 66.97
C ALA A 905 -38.43 61.95 67.33
N THR A 906 -38.99 62.31 68.47
CA THR A 906 -38.88 63.67 68.98
C THR A 906 -38.64 63.52 70.46
N VAL A 907 -37.47 63.92 70.94
CA VAL A 907 -37.05 63.81 72.32
C VAL A 907 -36.95 65.21 72.90
N ASN A 908 -37.77 65.48 73.92
CA ASN A 908 -37.78 66.81 74.54
C ASN A 908 -37.85 67.91 73.53
N GLY A 909 -38.78 67.83 72.60
CA GLY A 909 -38.97 68.90 71.63
C GLY A 909 -37.99 68.92 70.51
N GLN A 910 -37.02 68.04 70.52
CA GLN A 910 -35.95 68.08 69.53
C GLN A 910 -36.22 67.01 68.48
N ALA A 911 -36.37 67.44 67.23
CA ALA A 911 -36.64 66.49 66.15
C ALA A 911 -35.42 65.61 65.91
N ARG A 912 -35.66 64.32 65.69
CA ARG A 912 -34.60 63.34 65.55
C ARG A 912 -35.02 62.33 64.49
N ASP A 913 -34.30 61.21 64.45
CA ASP A 913 -34.69 60.06 63.67
C ASP A 913 -34.52 58.81 64.53
N LEU A 914 -35.21 57.75 64.14
CA LEU A 914 -35.13 56.50 64.91
C LEU A 914 -33.68 56.06 65.08
N ALA A 915 -32.85 56.29 64.06
CA ALA A 915 -31.45 55.90 64.12
C ALA A 915 -30.65 56.72 65.11
N THR A 916 -31.20 57.82 65.63
CA THR A 916 -30.47 58.72 66.51
C THR A 916 -31.11 58.77 67.91
N MET A 917 -31.91 57.75 68.25
CA MET A 917 -32.49 57.64 69.57
C MET A 917 -31.93 56.40 70.27
N THR A 918 -31.83 56.48 71.59
CA THR A 918 -31.43 55.33 72.39
C THR A 918 -32.64 54.45 72.66
N TYR A 919 -32.37 53.21 73.10
CA TYR A 919 -33.46 52.29 73.38
C TYR A 919 -34.34 52.82 74.50
N GLU A 920 -33.74 53.41 75.53
CA GLU A 920 -34.52 54.01 76.61
C GLU A 920 -35.41 55.12 76.08
N GLU A 921 -34.90 55.92 75.18
CA GLU A 921 -35.69 57.00 74.64
C GLU A 921 -36.86 56.42 73.83
N VAL A 922 -36.62 55.38 73.06
CA VAL A 922 -37.71 54.77 72.29
C VAL A 922 -38.79 54.24 73.23
N ALA A 923 -38.38 53.56 74.30
CA ALA A 923 -39.36 53.03 75.25
C ALA A 923 -40.14 54.16 75.91
N LYS A 924 -39.47 55.23 76.29
CA LYS A 924 -40.14 56.31 76.97
C LYS A 924 -41.11 57.02 76.05
N ARG A 925 -40.79 57.13 74.78
CA ARG A 925 -41.65 57.80 73.82
C ARG A 925 -42.84 56.91 73.54
N LEU A 926 -42.61 55.61 73.45
CA LEU A 926 -43.74 54.69 73.34
C LEU A 926 -44.70 54.87 74.50
N VAL A 927 -44.17 54.92 75.72
CA VAL A 927 -45.04 55.06 76.89
C VAL A 927 -45.76 56.41 76.86
N GLU A 928 -45.06 57.46 76.46
CA GLU A 928 -45.66 58.79 76.42
C GLU A 928 -46.82 58.84 75.43
N LEU A 929 -46.66 58.22 74.26
CA LEU A 929 -47.67 58.30 73.22
C LEU A 929 -48.75 57.23 73.32
N MET A 930 -48.53 56.16 74.08
CA MET A 930 -49.46 55.03 74.09
C MET A 930 -50.13 54.80 75.44
N PHE A 931 -49.53 55.25 76.52
CA PHE A 931 -50.10 55.06 77.84
C PHE A 931 -50.80 56.32 78.30
N ILE A 932 -52.02 56.18 78.80
CA ILE A 932 -52.83 57.32 79.23
C ILE A 932 -52.69 57.47 80.74
N ARG A 933 -52.24 58.62 81.19
CA ARG A 933 -52.03 58.78 82.61
C ARG A 933 -53.34 59.10 83.32
N SER A 934 -54.23 59.87 82.67
CA SER A 934 -55.49 60.21 83.32
C SER A 934 -56.24 58.95 83.78
N THR A 935 -56.39 57.99 82.87
CA THR A 935 -57.01 56.71 83.23
C THR A 935 -56.00 55.68 83.72
N ASN A 936 -54.71 56.01 83.69
CA ASN A 936 -53.64 55.12 84.15
C ASN A 936 -53.70 53.75 83.50
N SER A 937 -53.91 53.72 82.20
CA SER A 937 -54.02 52.47 81.47
C SER A 937 -53.52 52.66 80.04
N TRP A 938 -53.25 51.55 79.38
CA TRP A 938 -52.91 51.57 77.96
C TRP A 938 -54.18 51.73 77.15
N PHE A 939 -54.17 52.67 76.20
CA PHE A 939 -55.38 52.96 75.45
C PHE A 939 -55.85 51.73 74.69
N ASP A 940 -54.91 50.98 74.13
CA ASP A 940 -55.23 49.74 73.43
C ASP A 940 -54.28 48.67 73.92
N VAL A 941 -54.77 47.46 74.12
CA VAL A 941 -53.93 46.38 74.63
C VAL A 941 -52.84 46.03 73.62
N THR A 942 -53.13 46.25 72.36
CA THR A 942 -52.18 45.94 71.31
C THR A 942 -50.98 46.86 71.39
N TRP A 943 -51.20 48.08 71.84
CA TRP A 943 -50.09 49.01 72.04
C TRP A 943 -49.21 48.57 73.20
N ARG A 944 -49.82 48.04 74.26
CA ARG A 944 -49.04 47.45 75.34
C ARG A 944 -48.22 46.26 74.83
N THR A 945 -48.79 45.46 73.94
CA THR A 945 -48.07 44.34 73.36
C THR A 945 -46.90 44.86 72.54
N PHE A 946 -47.11 45.93 71.78
CA PHE A 946 -46.03 46.56 71.03
C PHE A 946 -44.88 46.94 71.94
N THR A 947 -45.19 47.66 73.02
CA THR A 947 -44.13 48.14 73.91
C THR A 947 -43.42 46.98 74.61
N GLY A 948 -44.18 45.97 75.03
CA GLY A 948 -43.56 44.80 75.64
C GLY A 948 -42.64 44.06 74.68
N ASP A 949 -43.06 43.94 73.41
CA ASP A 949 -42.21 43.31 72.41
C ASP A 949 -40.93 44.11 72.21
N PHE A 950 -41.04 45.45 72.20
CA PHE A 950 -39.84 46.26 72.05
C PHE A 950 -38.89 46.07 73.23
N LEU A 951 -39.43 46.02 74.45
CA LEU A 951 -38.58 45.79 75.61
C LEU A 951 -37.92 44.41 75.54
N ARG A 952 -38.67 43.42 75.07
CA ARG A 952 -38.11 42.08 74.87
C ARG A 952 -36.97 42.11 73.86
N ARG A 953 -37.06 42.89 72.79
CA ARG A 953 -35.98 43.00 71.81
C ARG A 953 -34.80 43.73 72.39
N VAL A 954 -35.07 44.67 73.28
CA VAL A 954 -33.95 45.32 73.97
C VAL A 954 -33.18 44.30 74.79
N GLU A 955 -33.89 43.51 75.58
CA GLU A 955 -33.25 42.49 76.39
C GLU A 955 -32.48 41.51 75.51
N GLU A 956 -33.02 41.12 74.37
CA GLU A 956 -32.32 40.24 73.47
C GLU A 956 -31.03 40.85 72.96
N ARG A 957 -31.05 42.13 72.62
CA ARG A 957 -29.86 42.76 72.06
C ARG A 957 -28.70 42.95 73.04
N PHE A 958 -28.96 43.22 74.30
CA PHE A 958 -27.90 43.51 75.26
C PHE A 958 -27.64 42.38 76.22
N THR A 959 -28.40 41.31 76.14
CA THR A 959 -28.13 40.15 76.96
C THR A 959 -26.88 39.51 76.43
N LYS A 960 -26.20 38.72 77.23
CA LYS A 960 -24.96 38.09 76.78
C LYS A 960 -25.04 36.58 76.84
N SER A 961 -26.15 36.03 77.32
CA SER A 961 -26.31 34.59 77.32
C SER A 961 -27.77 34.26 77.65
N LYS A 962 -28.06 32.96 77.64
CA LYS A 962 -29.34 32.43 78.12
C LYS A 962 -29.76 33.14 79.41
N THR A 963 -30.99 33.63 79.43
CA THR A 963 -31.47 34.30 80.63
C THR A 963 -32.99 34.37 80.61
N LEU A 964 -33.57 34.68 81.77
CA LEU A 964 -35.00 34.82 81.90
C LEU A 964 -35.43 36.25 81.59
N SER A 965 -36.50 36.38 80.82
CA SER A 965 -37.04 37.70 80.52
C SER A 965 -37.57 38.37 81.78
N LEU A 966 -37.28 39.66 81.92
CA LEU A 966 -37.75 40.41 83.08
C LEU A 966 -39.24 40.69 83.00
N ILE A 967 -39.79 40.82 81.79
CA ILE A 967 -41.22 40.99 81.59
C ILE A 967 -41.75 39.62 81.21
N GLN A 968 -42.13 38.82 82.21
CA GLN A 968 -42.71 37.51 81.95
C GLN A 968 -44.12 37.62 81.41
N SER A 969 -44.88 38.61 81.88
CA SER A 969 -46.22 38.88 81.38
C SER A 969 -46.32 40.37 81.07
N TYR A 970 -47.03 40.69 79.98
CA TYR A 970 -47.19 42.09 79.60
C TYR A 970 -48.09 42.83 80.58
N SER A 971 -48.79 42.11 81.45
CA SER A 971 -49.57 42.77 82.49
C SER A 971 -48.69 43.56 83.44
N LEU A 972 -47.39 43.28 83.47
CA LEU A 972 -46.46 44.08 84.27
C LEU A 972 -46.28 45.48 83.71
N LEU A 973 -46.66 45.72 82.46
CA LEU A 973 -46.57 47.04 81.85
C LEU A 973 -47.67 47.98 82.33
N ASP A 974 -48.60 47.50 83.16
CA ASP A 974 -49.69 48.35 83.63
C ASP A 974 -49.19 49.50 84.49
N LYS A 975 -47.93 49.45 84.93
CA LYS A 975 -47.23 50.63 85.45
C LYS A 975 -45.94 50.73 84.64
N PRO A 976 -45.99 51.35 83.46
CA PRO A 976 -44.87 51.22 82.52
C PRO A 976 -43.54 51.75 83.03
N ASP A 977 -43.56 52.80 83.85
CA ASP A 977 -42.29 53.40 84.29
C ASP A 977 -41.46 52.41 85.09
N GLU A 978 -42.09 51.64 85.97
CA GLU A 978 -41.35 50.67 86.77
C GLU A 978 -40.75 49.58 85.89
N ALA A 979 -41.52 49.08 84.92
CA ALA A 979 -41.00 48.05 84.03
C ALA A 979 -39.84 48.58 83.20
N ILE A 980 -39.95 49.81 82.70
CA ILE A 980 -38.86 50.40 81.92
C ILE A 980 -37.62 50.55 82.78
N GLU A 981 -37.78 51.03 84.02
CA GLU A 981 -36.64 51.19 84.90
C GLU A 981 -35.99 49.85 85.19
N LYS A 982 -36.78 48.82 85.40
CA LYS A 982 -36.25 47.51 85.62
C LYS A 982 -35.46 47.00 84.44
N VAL A 983 -36.03 47.08 83.26
CA VAL A 983 -35.38 46.57 82.06
C VAL A 983 -34.07 47.31 81.82
N PHE A 984 -34.07 48.63 81.94
CA PHE A 984 -32.88 49.39 81.61
C PHE A 984 -31.90 49.49 82.78
N ASN A 985 -32.22 48.91 83.94
CA ASN A 985 -31.25 48.81 85.02
C ASN A 985 -30.47 47.54 84.79
N ALA A 986 -31.13 46.51 84.31
CA ALA A 986 -30.47 45.26 84.00
C ALA A 986 -29.60 45.36 82.78
N TYR A 987 -29.88 46.33 81.90
CA TYR A 987 -29.12 46.52 80.66
C TYR A 987 -28.80 47.98 80.51
N PRO A 988 -27.95 48.51 81.38
CA PRO A 988 -27.65 49.94 81.39
C PRO A 988 -27.05 50.48 80.10
N ALA A 989 -26.35 49.64 79.33
CA ALA A 989 -25.74 50.06 78.10
C ALA A 989 -26.76 50.58 77.12
N ALA A 990 -27.96 50.02 77.16
CA ALA A 990 -29.00 50.43 76.23
C ALA A 990 -29.47 51.87 76.49
N ARG A 991 -29.06 52.49 77.57
CA ARG A 991 -29.51 53.83 77.86
C ARG A 991 -28.67 54.92 77.17
N GLU A 992 -27.58 54.56 76.52
CA GLU A 992 -26.74 55.54 75.83
C GLU A 992 -26.24 55.02 74.50
N GLN A 993 -26.98 54.08 73.92
CA GLN A 993 -26.62 53.51 72.63
C GLN A 993 -27.79 53.60 71.69
N PHE A 994 -27.56 54.23 70.56
CA PHE A 994 -28.57 54.33 69.53
C PHE A 994 -29.07 52.98 69.02
N LEU A 995 -30.20 52.99 68.37
CA LEU A 995 -30.83 51.77 67.89
C LEU A 995 -29.97 51.11 66.81
N ASN A 996 -29.79 49.80 66.94
CA ASN A 996 -29.17 49.02 65.87
C ASN A 996 -30.03 49.10 64.61
N ALA A 997 -29.36 49.17 63.46
CA ALA A 997 -30.09 49.25 62.19
C ALA A 997 -31.11 48.12 62.08
N GLN A 998 -30.74 46.95 62.59
CA GLN A 998 -31.62 45.80 62.55
C GLN A 998 -32.83 46.04 63.45
N ASP A 999 -32.64 46.78 64.52
CA ASP A 999 -33.75 47.10 65.41
C ASP A 999 -34.60 48.24 64.87
N ILE A 1000 -34.01 49.15 64.09
CA ILE A 1000 -34.83 50.13 63.39
C ILE A 1000 -35.77 49.42 62.42
N ASP A 1001 -35.22 48.48 61.65
CA ASP A 1001 -36.05 47.71 60.72
C ASP A 1001 -37.14 46.94 61.47
N HIS A 1002 -36.79 46.34 62.60
CA HIS A 1002 -37.77 45.59 63.39
C HIS A 1002 -38.88 46.49 63.91
N PHE A 1003 -38.52 47.66 64.44
CA PHE A 1003 -39.51 48.61 64.92
C PHE A 1003 -40.46 49.01 63.81
N LEU A 1004 -39.95 49.36 62.65
CA LEU A 1004 -40.80 49.80 61.57
C LEU A 1004 -41.63 48.66 61.01
N SER A 1005 -41.12 47.43 61.05
CA SER A 1005 -41.91 46.29 60.59
C SER A 1005 -43.06 46.00 61.54
N MET A 1006 -42.82 46.10 62.85
CA MET A 1006 -43.91 45.88 63.80
C MET A 1006 -44.83 47.08 63.91
N CYS A 1007 -44.45 48.24 63.36
CA CYS A 1007 -45.40 49.32 63.15
C CYS A 1007 -46.39 49.01 62.04
N GLN A 1008 -46.24 47.93 61.32
CA GLN A 1008 -47.10 47.61 60.22
C GLN A 1008 -47.92 46.36 60.48
N ASN A 1009 -47.94 45.87 61.71
CA ASN A 1009 -48.69 44.67 62.04
C ASN A 1009 -50.18 44.86 61.85
N PRO A 1010 -50.77 44.21 60.83
CA PRO A 1010 -52.20 44.44 60.57
C PRO A 1010 -53.09 44.08 61.75
N MET A 1011 -52.75 43.03 62.50
CA MET A 1011 -53.55 42.61 63.65
C MET A 1011 -53.17 43.41 64.88
N GLN A 1012 -53.29 44.74 64.78
CA GLN A 1012 -52.96 45.65 65.90
C GLN A 1012 -53.54 47.01 65.55
N LYS A 1013 -53.85 47.83 66.55
CA LYS A 1013 -54.34 49.15 66.26
C LYS A 1013 -53.21 50.01 65.72
N PRO A 1014 -53.48 50.76 64.65
CA PRO A 1014 -52.42 51.56 64.04
C PRO A 1014 -51.71 52.45 65.07
N VAL A 1015 -50.38 52.57 65.02
CA VAL A 1015 -49.64 53.34 66.03
C VAL A 1015 -50.03 54.81 65.94
N PRO A 1016 -50.10 55.53 67.06
CA PRO A 1016 -50.52 56.95 67.03
C PRO A 1016 -49.37 57.92 66.74
N PHE A 1017 -48.58 57.62 65.72
CA PHE A 1017 -47.48 58.49 65.35
C PHE A 1017 -46.99 58.14 63.95
N VAL A 1018 -46.14 59.01 63.41
CA VAL A 1018 -45.49 58.80 62.12
C VAL A 1018 -44.05 58.39 62.39
N PRO A 1019 -43.64 57.15 62.07
CA PRO A 1019 -42.29 56.71 62.46
C PRO A 1019 -41.21 57.04 61.44
N VAL A 1020 -41.58 57.31 60.19
CA VAL A 1020 -40.59 57.52 59.13
C VAL A 1020 -41.27 58.24 57.97
N LEU A 1021 -40.47 58.94 57.17
CA LEU A 1021 -40.94 59.58 55.93
C LEU A 1021 -40.39 58.79 54.75
N ASP A 1022 -41.29 58.21 53.99
CA ASP A 1022 -40.90 57.42 52.89
C ASP A 1022 -42.10 57.28 51.98
N ARG A 1023 -42.11 56.28 51.12
CA ARG A 1023 -43.18 56.11 50.17
C ARG A 1023 -44.52 55.89 50.84
N ARG A 1024 -44.51 55.35 52.04
CA ARG A 1024 -45.73 55.05 52.75
C ARG A 1024 -46.18 56.19 53.64
N PHE A 1025 -45.75 57.40 53.35
CA PHE A 1025 -46.06 58.52 54.24
C PHE A 1025 -47.55 58.84 54.23
N GLU A 1026 -48.20 58.74 53.07
CA GLU A 1026 -49.63 59.01 53.02
C GLU A 1026 -50.41 58.04 53.89
N ILE A 1027 -50.06 56.74 53.80
CA ILE A 1027 -50.75 55.73 54.61
C ILE A 1027 -50.50 56.01 56.09
N PHE A 1028 -49.24 56.30 56.45
CA PHE A 1028 -48.95 56.58 57.86
C PHE A 1028 -49.69 57.82 58.34
N PHE A 1029 -49.87 58.81 57.48
CA PHE A 1029 -50.49 60.07 57.85
C PHE A 1029 -52.01 59.95 58.02
N LYS A 1030 -52.66 59.23 57.11
CA LYS A 1030 -54.12 59.28 57.02
C LYS A 1030 -54.83 58.13 57.72
N LYS A 1031 -54.16 56.99 57.92
CA LYS A 1031 -54.85 55.81 58.42
C LYS A 1031 -55.38 56.02 59.83
N ASP A 1032 -56.56 55.48 60.11
CA ASP A 1032 -57.16 55.54 61.43
C ASP A 1032 -57.25 56.97 61.91
N SER A 1033 -57.99 57.80 61.20
CA SER A 1033 -58.04 59.22 61.53
C SER A 1033 -59.29 59.72 62.20
N LEU A 1034 -60.30 58.87 62.42
CA LEU A 1034 -61.59 59.33 62.94
C LEU A 1034 -61.90 59.09 64.42
N TRP A 1035 -61.14 58.28 65.11
CA TRP A 1035 -61.45 57.93 66.49
C TRP A 1035 -60.95 58.93 67.49
N GLN A 1036 -59.95 59.71 67.12
CA GLN A 1036 -59.34 60.62 68.07
C GLN A 1036 -60.25 61.73 68.59
N SER A 1037 -61.27 62.09 67.83
CA SER A 1037 -62.21 63.13 68.24
C SER A 1037 -63.09 62.69 69.40
N GLU A 1038 -63.32 61.40 69.56
CA GLU A 1038 -64.06 60.93 70.74
C GLU A 1038 -63.17 60.43 71.86
N HIS A 1039 -61.86 60.52 71.70
CA HIS A 1039 -60.92 60.01 72.69
C HIS A 1039 -59.77 60.99 72.89
N LEU A 1040 -60.08 62.25 73.10
CA LEU A 1040 -59.04 63.27 73.19
C LEU A 1040 -58.05 63.05 74.33
N GLU A 1041 -58.36 62.20 75.29
CA GLU A 1041 -57.38 61.89 76.33
C GLU A 1041 -56.15 61.18 75.74
N ALA A 1042 -56.29 60.55 74.59
CA ALA A 1042 -55.19 59.84 73.94
C ALA A 1042 -54.52 60.67 72.84
N VAL A 1043 -54.85 61.96 72.76
CA VAL A 1043 -54.21 62.87 71.82
C VAL A 1043 -53.09 63.59 72.57
N VAL A 1044 -52.16 64.15 71.80
CA VAL A 1044 -50.88 64.60 72.37
C VAL A 1044 -51.12 65.58 73.51
N ASP A 1045 -51.96 66.60 73.29
CA ASP A 1045 -52.22 67.62 74.30
C ASP A 1045 -53.71 67.75 74.60
N GLN A 1046 -54.48 66.70 74.34
CA GLN A 1046 -55.94 66.76 74.48
C GLN A 1046 -56.50 67.92 73.66
N ASP A 1047 -55.91 68.12 72.47
CA ASP A 1047 -56.22 69.25 71.61
C ASP A 1047 -57.07 68.78 70.44
N VAL A 1048 -58.28 69.33 70.32
CA VAL A 1048 -59.13 69.01 69.17
C VAL A 1048 -58.52 69.49 67.88
N GLN A 1049 -57.82 70.63 67.93
CA GLN A 1049 -57.30 71.23 66.70
C GLN A 1049 -56.35 70.28 65.98
N ARG A 1050 -55.81 69.28 66.68
CA ARG A 1050 -55.01 68.25 66.01
C ARG A 1050 -55.88 67.25 65.26
N THR A 1051 -57.13 67.08 65.70
CA THR A 1051 -57.99 66.03 65.16
C THR A 1051 -58.84 66.29 63.94
N CYS A 1052 -59.49 65.24 63.47
CA CYS A 1052 -60.33 65.33 62.30
C CYS A 1052 -61.81 65.07 62.65
N ILE A 1053 -62.67 66.04 62.41
CA ILE A 1053 -64.09 65.92 62.71
C ILE A 1053 -64.92 66.08 61.47
N LEU A 1054 -65.82 65.15 61.22
CA LEU A 1054 -66.69 65.14 60.05
C LEU A 1054 -67.96 65.93 60.34
N HIS A 1055 -68.25 66.93 59.51
CA HIS A 1055 -69.42 67.78 59.69
C HIS A 1055 -69.78 68.42 58.36
N GLY A 1056 -71.06 68.78 58.22
CA GLY A 1056 -71.57 69.31 56.99
C GLY A 1056 -71.64 70.82 56.96
N PRO A 1057 -71.24 71.43 55.84
CA PRO A 1057 -71.25 72.90 55.78
C PRO A 1057 -72.63 73.53 55.98
N VAL A 1058 -73.68 72.93 55.42
CA VAL A 1058 -75.03 73.52 55.49
C VAL A 1058 -75.79 73.09 56.73
N ALA A 1059 -75.63 71.85 57.17
CA ALA A 1059 -76.28 71.42 58.40
C ALA A 1059 -75.67 72.08 59.63
N ALA A 1060 -74.46 72.62 59.51
CA ALA A 1060 -73.83 73.27 60.64
C ALA A 1060 -74.55 74.54 61.08
N GLN A 1061 -75.41 75.09 60.24
CA GLN A 1061 -76.14 76.30 60.59
C GLN A 1061 -77.09 76.09 61.77
N PHE A 1062 -77.49 74.86 62.04
CA PHE A 1062 -78.45 74.57 63.10
C PHE A 1062 -77.85 73.85 64.29
N THR A 1063 -76.58 73.46 64.22
CA THR A 1063 -75.92 72.74 65.31
C THR A 1063 -75.34 73.76 66.26
N LYS A 1064 -76.14 74.18 67.25
CA LYS A 1064 -75.78 75.27 68.15
C LYS A 1064 -75.73 74.86 69.60
N VAL A 1065 -76.77 74.18 70.09
CA VAL A 1065 -76.85 73.86 71.51
C VAL A 1065 -76.19 72.54 71.87
N ILE A 1066 -75.20 72.62 72.74
CA ILE A 1066 -74.41 71.45 73.10
C ILE A 1066 -75.13 70.65 74.16
N ASP A 1067 -74.98 69.32 74.08
CA ASP A 1067 -75.48 68.39 75.10
C ASP A 1067 -77.00 68.41 75.20
N GLU A 1068 -77.71 68.76 74.14
CA GLU A 1068 -79.17 68.62 74.15
C GLU A 1068 -79.45 67.17 73.85
N PRO A 1069 -80.25 66.49 74.68
CA PRO A 1069 -80.50 65.06 74.47
C PRO A 1069 -81.16 64.78 73.13
N ILE A 1070 -80.84 63.61 72.57
CA ILE A 1070 -81.34 63.25 71.25
C ILE A 1070 -82.86 63.24 71.24
N LYS A 1071 -83.46 62.73 72.32
CA LYS A 1071 -84.91 62.76 72.44
C LYS A 1071 -85.44 64.18 72.22
N SER A 1072 -84.79 65.16 72.84
CA SER A 1072 -85.23 66.54 72.70
C SER A 1072 -85.15 67.02 71.26
N ILE A 1073 -84.04 66.75 70.59
CA ILE A 1073 -83.85 67.21 69.23
C ILE A 1073 -84.84 66.58 68.24
N MET A 1074 -85.06 65.28 68.35
CA MET A 1074 -85.99 64.60 67.44
C MET A 1074 -87.44 64.97 67.75
N ASP A 1075 -87.79 65.04 69.04
CA ASP A 1075 -89.13 65.46 69.42
C ASP A 1075 -89.39 66.89 68.99
N GLY A 1076 -88.38 67.76 69.05
CA GLY A 1076 -88.59 69.12 68.60
C GLY A 1076 -88.90 69.18 67.12
N ILE A 1077 -88.15 68.45 66.30
CA ILE A 1077 -88.43 68.44 64.87
C ILE A 1077 -89.83 67.88 64.61
N HIS A 1078 -90.17 66.76 65.23
CA HIS A 1078 -91.45 66.14 64.98
C HIS A 1078 -92.62 67.00 65.47
N ASP A 1079 -92.47 67.66 66.61
CA ASP A 1079 -93.54 68.50 67.14
C ASP A 1079 -93.70 69.76 66.31
N GLY A 1080 -92.60 70.32 65.80
CA GLY A 1080 -92.72 71.42 64.88
C GLY A 1080 -93.47 71.03 63.62
N HIS A 1081 -93.15 69.87 63.06
CA HIS A 1081 -93.89 69.38 61.91
C HIS A 1081 -95.38 69.22 62.23
N ILE A 1082 -95.71 68.63 63.37
CA ILE A 1082 -97.10 68.43 63.73
C ILE A 1082 -97.81 69.76 63.91
N LYS A 1083 -97.16 70.72 64.56
CA LYS A 1083 -97.80 72.02 64.77
C LYS A 1083 -98.09 72.69 63.43
N LYS A 1084 -97.11 72.70 62.53
CA LYS A 1084 -97.33 73.34 61.23
C LYS A 1084 -98.42 72.63 60.45
N LEU A 1085 -98.41 71.29 60.45
CA LEU A 1085 -99.45 70.56 59.73
C LEU A 1085 -100.83 70.82 60.33
N LEU A 1086 -100.93 70.80 61.65
CA LEU A 1086 -102.21 71.09 62.30
C LEU A 1086 -102.72 72.46 61.88
N HIS A 1087 -101.86 73.47 61.95
CA HIS A 1087 -102.28 74.81 61.58
C HIS A 1087 -102.73 74.88 60.12
N GLN A 1088 -101.97 74.25 59.22
CA GLN A 1088 -102.23 74.43 57.80
C GLN A 1088 -103.41 73.61 57.31
N TYR A 1089 -103.64 72.43 57.88
CA TYR A 1089 -104.57 71.46 57.30
C TYR A 1089 -105.62 70.93 58.26
N TYR A 1090 -105.68 71.42 59.49
CA TYR A 1090 -106.64 70.93 60.46
C TYR A 1090 -107.27 72.02 61.31
N GLY A 1091 -107.06 73.30 60.98
CA GLY A 1091 -107.66 74.37 61.75
C GLY A 1091 -107.24 74.43 63.19
N ASP A 1092 -106.02 74.00 63.51
CA ASP A 1092 -105.52 74.01 64.88
C ASP A 1092 -106.48 73.28 65.82
N ASP A 1093 -107.06 72.20 65.32
CA ASP A 1093 -108.05 71.41 66.07
C ASP A 1093 -107.58 69.96 66.07
N GLU A 1094 -107.07 69.50 67.22
CA GLU A 1094 -106.60 68.12 67.33
C GLU A 1094 -107.75 67.12 67.27
N SER A 1095 -108.98 67.56 67.55
CA SER A 1095 -110.13 66.67 67.38
C SER A 1095 -110.36 66.31 65.93
N LYS A 1096 -109.75 67.05 65.00
CA LYS A 1096 -109.85 66.72 63.59
C LYS A 1096 -108.99 65.54 63.20
N ILE A 1097 -108.02 65.18 64.02
CA ILE A 1097 -107.04 64.14 63.64
C ILE A 1097 -107.71 62.78 63.70
N PRO A 1098 -107.61 62.01 62.62
CA PRO A 1098 -108.14 60.65 62.71
C PRO A 1098 -107.42 59.80 63.75
N ALA A 1099 -108.12 58.88 64.40
CA ALA A 1099 -107.56 58.03 65.44
C ALA A 1099 -107.66 56.57 65.01
N VAL A 1100 -106.57 55.83 65.21
CA VAL A 1100 -106.55 54.39 64.98
C VAL A 1100 -106.11 53.73 66.29
N GLU A 1101 -106.29 52.41 66.40
CA GLU A 1101 -105.88 51.71 67.59
C GLU A 1101 -104.38 51.78 67.71
N TYR A 1102 -103.68 51.40 66.65
CA TYR A 1102 -102.24 51.46 66.67
C TYR A 1102 -101.76 51.98 65.33
N PHE A 1103 -100.60 52.61 65.29
CA PHE A 1103 -100.06 53.17 64.04
C PHE A 1103 -98.85 52.41 63.61
N GLY A 1104 -98.92 51.79 62.45
CA GLY A 1104 -97.78 51.10 61.89
C GLY A 1104 -98.13 49.79 61.23
N GLY A 1105 -97.13 49.13 60.63
CA GLY A 1105 -97.34 47.84 60.02
C GLY A 1105 -98.00 47.88 58.66
N GLU A 1106 -98.08 49.05 58.03
CA GLU A 1106 -98.75 49.20 56.75
C GLU A 1106 -97.72 49.29 55.63
N SER A 1107 -97.74 48.32 54.73
CA SER A 1107 -96.75 48.28 53.66
C SER A 1107 -97.01 49.40 52.66
N PRO A 1108 -95.96 49.98 52.06
CA PRO A 1108 -96.18 51.07 51.10
C PRO A 1108 -96.89 50.62 49.83
N VAL A 1109 -96.92 49.33 49.54
CA VAL A 1109 -97.49 48.84 48.30
C VAL A 1109 -99.00 48.68 48.45
N ASP A 1123 -120.82 40.98 60.90
CA ASP A 1123 -120.71 40.68 62.32
C ASP A 1123 -120.67 39.19 62.53
N SER A 1124 -121.17 38.42 61.58
CA SER A 1124 -121.06 36.96 61.67
C SER A 1124 -120.80 36.43 60.27
N ALA A 1125 -119.65 35.80 60.08
CA ALA A 1125 -119.22 35.36 58.77
C ALA A 1125 -118.66 33.94 58.84
N VAL A 1126 -118.61 33.30 57.68
CA VAL A 1126 -118.03 31.96 57.54
C VAL A 1126 -117.14 31.97 56.31
N PHE A 1127 -115.90 31.51 56.47
CA PHE A 1127 -114.94 31.44 55.38
C PHE A 1127 -114.48 30.01 55.20
N LYS A 1128 -114.32 29.61 53.93
CA LYS A 1128 -113.89 28.27 53.59
C LYS A 1128 -112.67 28.35 52.69
N ALA A 1129 -111.65 27.56 53.02
CA ALA A 1129 -110.41 27.56 52.27
C ALA A 1129 -110.44 26.47 51.19
N THR A 1130 -109.61 26.67 50.17
CA THR A 1130 -109.48 25.72 49.08
C THR A 1130 -108.01 25.69 48.64
N SER A 1131 -107.71 24.84 47.67
CA SER A 1131 -106.34 24.80 47.15
C SER A 1131 -105.96 26.11 46.47
N SER A 1132 -106.90 26.72 45.74
CA SER A 1132 -106.60 27.89 44.92
C SER A 1132 -106.78 29.20 45.67
N THR A 1133 -107.33 29.19 46.88
CA THR A 1133 -107.51 30.43 47.62
C THR A 1133 -106.17 31.12 47.81
N ASP A 1134 -106.13 32.42 47.50
CA ASP A 1134 -104.90 33.17 47.66
C ASP A 1134 -104.74 33.60 49.11
N GLU A 1135 -103.51 33.45 49.62
CA GLU A 1135 -103.27 33.65 51.05
C GLU A 1135 -103.55 35.09 51.46
N GLU A 1136 -103.14 36.06 50.65
CA GLU A 1136 -103.20 37.46 51.07
C GLU A 1136 -104.64 37.90 51.28
N SER A 1137 -105.54 37.58 50.35
CA SER A 1137 -106.93 37.97 50.50
C SER A 1137 -107.61 37.21 51.64
N TRP A 1138 -107.24 35.95 51.83
CA TRP A 1138 -107.78 35.18 52.94
C TRP A 1138 -107.44 35.84 54.27
N PHE A 1139 -106.18 36.24 54.44
CA PHE A 1139 -105.78 36.89 55.68
C PHE A 1139 -106.37 38.29 55.79
N LYS A 1140 -106.53 38.99 54.67
CA LYS A 1140 -107.16 40.31 54.72
C LYS A 1140 -108.61 40.19 55.19
N ALA A 1141 -109.31 39.16 54.73
CA ALA A 1141 -110.69 38.95 55.17
C ALA A 1141 -110.75 38.54 56.64
N LEU A 1142 -109.85 37.66 57.07
CA LEU A 1142 -109.85 37.24 58.47
C LEU A 1142 -109.52 38.40 59.40
N ALA A 1143 -108.60 39.27 58.98
CA ALA A 1143 -108.18 40.37 59.84
C ALA A 1143 -109.32 41.33 60.13
N GLY A 1144 -110.10 41.68 59.12
CA GLY A 1144 -111.14 42.68 59.25
C GLY A 1144 -110.66 44.07 58.86
N SER A 1145 -111.64 44.95 58.61
CA SER A 1145 -111.33 46.28 58.12
C SER A 1145 -110.82 47.20 59.22
N GLU A 1146 -111.23 46.99 60.47
CA GLU A 1146 -110.89 47.90 61.55
C GLU A 1146 -109.54 47.54 62.15
N ILE A 1147 -108.80 48.56 62.57
CA ILE A 1147 -107.50 48.37 63.22
C ILE A 1147 -107.76 48.03 64.68
N ASN A 1148 -107.46 46.78 65.05
CA ASN A 1148 -107.70 46.30 66.42
C ASN A 1148 -106.86 45.05 66.62
N TRP A 1149 -107.14 44.33 67.71
CA TRP A 1149 -106.34 43.15 68.04
C TRP A 1149 -106.44 42.09 66.94
N ARG A 1150 -107.63 41.91 66.36
CA ARG A 1150 -107.77 40.95 65.27
C ARG A 1150 -106.94 41.36 64.06
N HIS A 1151 -106.95 42.65 63.73
CA HIS A 1151 -106.15 43.16 62.64
C HIS A 1151 -104.69 42.79 62.80
N ALA A 1152 -104.12 43.10 63.97
CA ALA A 1152 -102.73 42.78 64.22
C ALA A 1152 -102.50 41.27 64.23
N SER A 1153 -103.43 40.52 64.82
CA SER A 1153 -103.28 39.08 64.92
C SER A 1153 -103.14 38.45 63.54
N PHE A 1154 -103.90 38.93 62.56
CA PHE A 1154 -103.93 38.30 61.25
C PHE A 1154 -103.10 39.01 60.19
N LEU A 1155 -102.55 40.20 60.47
CA LEU A 1155 -101.77 40.92 59.48
C LEU A 1155 -100.35 41.22 59.90
N CYS A 1156 -100.06 41.34 61.19
CA CYS A 1156 -98.68 41.53 61.62
C CYS A 1156 -97.85 40.33 61.17
N SER A 1157 -96.67 40.61 60.59
CA SER A 1157 -95.85 39.55 60.03
C SER A 1157 -94.97 38.90 61.08
N PHE A 1158 -94.66 39.61 62.17
CA PHE A 1158 -93.82 39.08 63.23
C PHE A 1158 -94.45 39.39 64.58
N ILE A 1159 -94.14 38.53 65.56
CA ILE A 1159 -94.48 38.78 66.94
C ILE A 1159 -93.18 38.84 67.74
N THR A 1160 -93.32 39.20 69.02
CA THR A 1160 -92.17 39.48 69.87
C THR A 1160 -92.03 38.38 70.92
N GLN A 1161 -90.82 37.84 71.04
CA GLN A 1161 -90.44 36.97 72.13
C GLN A 1161 -89.87 37.84 73.25
N ASP A 1162 -89.21 37.22 74.24
CA ASP A 1162 -88.60 37.98 75.32
C ASP A 1162 -88.01 39.30 74.81
N LYS A 1163 -87.16 39.22 73.79
CA LYS A 1163 -86.75 40.41 73.05
C LYS A 1163 -86.57 40.15 71.56
N MET A 1164 -86.87 38.94 71.07
CA MET A 1164 -86.61 38.55 69.69
C MET A 1164 -87.88 38.67 68.85
N PHE A 1165 -87.69 38.62 67.54
CA PHE A 1165 -88.77 38.71 66.57
C PHE A 1165 -88.90 37.38 65.85
N VAL A 1166 -90.09 36.79 65.90
CA VAL A 1166 -90.35 35.48 65.31
C VAL A 1166 -91.61 35.55 64.46
N SER A 1167 -91.68 34.65 63.48
CA SER A 1167 -92.79 34.68 62.54
C SER A 1167 -94.12 34.49 63.26
N ASN A 1168 -95.13 35.22 62.81
CA ASN A 1168 -96.44 35.25 63.45
C ASN A 1168 -97.01 33.84 63.53
N PRO A 1169 -97.10 33.23 64.73
CA PRO A 1169 -97.66 31.88 64.82
C PRO A 1169 -99.12 31.81 64.37
N ILE A 1170 -99.89 32.87 64.60
CA ILE A 1170 -101.31 32.85 64.26
C ILE A 1170 -101.48 32.68 62.76
N ARG A 1171 -100.70 33.41 61.97
CA ARG A 1171 -100.82 33.31 60.51
C ARG A 1171 -100.49 31.91 60.02
N LYS A 1172 -99.45 31.30 60.59
CA LYS A 1172 -99.05 29.98 60.14
C LYS A 1172 -100.07 28.97 60.53
N VAL A 1173 -100.70 29.20 61.64
CA VAL A 1173 -101.74 28.28 62.09
C VAL A 1173 -103.00 28.44 61.25
N PHE A 1174 -103.26 29.65 60.74
CA PHE A 1174 -104.44 29.93 59.94
C PHE A 1174 -104.15 29.92 58.45
N LYS A 1175 -102.97 29.46 58.04
CA LYS A 1175 -102.61 29.41 56.63
C LYS A 1175 -103.66 28.59 55.88
N PRO A 1176 -104.28 29.14 54.83
CA PRO A 1176 -105.43 28.45 54.22
C PRO A 1176 -105.04 27.14 53.56
N SER A 1177 -105.88 26.13 53.74
CA SER A 1177 -105.71 24.85 53.07
C SER A 1177 -107.08 24.20 52.95
N GLN A 1178 -107.21 23.30 51.98
CA GLN A 1178 -108.48 22.66 51.71
C GLN A 1178 -109.02 21.98 52.96
N GLY A 1179 -110.29 22.23 53.27
CA GLY A 1179 -110.96 21.67 54.42
C GLY A 1179 -111.09 22.60 55.61
N MET A 1180 -110.29 23.65 55.67
CA MET A 1180 -110.36 24.58 56.79
C MET A 1180 -111.61 25.44 56.69
N VAL A 1181 -112.31 25.60 57.80
CA VAL A 1181 -113.50 26.42 57.88
C VAL A 1181 -113.36 27.33 59.09
N VAL A 1182 -113.45 28.64 58.88
CA VAL A 1182 -113.26 29.64 59.92
C VAL A 1182 -114.58 30.36 60.16
N GLU A 1183 -114.95 30.49 61.43
CA GLU A 1183 -116.21 31.10 61.83
C GLU A 1183 -115.91 32.29 62.73
N ILE A 1184 -116.41 33.47 62.35
CA ILE A 1184 -116.23 34.69 63.12
C ILE A 1184 -117.59 35.14 63.63
N SER A 1185 -117.63 35.59 64.88
CA SER A 1185 -118.85 36.04 65.52
C SER A 1185 -118.57 37.31 66.31
N ASN A 1186 -119.44 38.31 66.19
CA ASN A 1186 -119.27 39.59 66.86
C ASN A 1186 -118.09 40.36 66.30
N GLY A 1187 -117.84 40.25 65.00
CA GLY A 1187 -116.70 40.92 64.40
C GLY A 1187 -116.73 42.43 64.53
N ASN A 1188 -117.89 42.98 64.87
CA ASN A 1188 -118.07 44.41 64.96
C ASN A 1188 -117.71 44.97 66.33
N THR A 1189 -117.66 44.11 67.35
CA THR A 1189 -117.22 44.54 68.67
C THR A 1189 -115.94 43.79 68.93
N SER A 1190 -114.78 44.43 68.82
CA SER A 1190 -113.50 43.73 68.92
C SER A 1190 -113.38 43.03 70.26
N SER A 1191 -113.86 43.65 71.34
CA SER A 1191 -113.70 43.09 72.67
C SER A 1191 -114.43 41.75 72.82
N LYS A 1192 -115.36 41.44 71.91
CA LYS A 1192 -116.14 40.21 71.99
C LYS A 1192 -115.98 39.31 70.78
N THR A 1193 -115.16 39.68 69.81
CA THR A 1193 -114.99 38.85 68.62
C THR A 1193 -114.32 37.53 68.99
N VAL A 1194 -114.83 36.45 68.40
CA VAL A 1194 -114.26 35.12 68.58
C VAL A 1194 -114.09 34.50 67.20
N VAL A 1195 -112.86 34.13 66.86
CA VAL A 1195 -112.54 33.49 65.58
C VAL A 1195 -112.30 32.02 65.84
N THR A 1196 -113.18 31.17 65.32
CA THR A 1196 -113.11 29.73 65.52
C THR A 1196 -112.77 29.04 64.21
N LEU A 1197 -111.73 28.21 64.24
CA LEU A 1197 -111.30 27.44 63.09
C LEU A 1197 -111.69 25.99 63.31
N SER A 1198 -112.34 25.39 62.30
CA SER A 1198 -112.73 23.99 62.34
C SER A 1198 -112.16 23.29 61.12
N GLU A 1199 -111.64 22.08 61.33
CA GLU A 1199 -111.09 21.26 60.27
C GLU A 1199 -111.66 19.87 60.37
N PRO A 1200 -111.66 19.10 59.27
CA PRO A 1200 -112.10 17.71 59.34
C PRO A 1200 -111.13 16.86 60.15
N VAL A 1201 -111.61 16.29 61.24
CA VAL A 1201 -110.84 15.36 62.06
C VAL A 1201 -111.65 14.07 62.15
N GLN A 1202 -111.06 12.97 61.68
CA GLN A 1202 -111.74 11.67 61.68
C GLN A 1202 -113.04 11.72 60.88
N GLY A 1203 -113.10 12.60 59.89
CA GLY A 1203 -114.27 12.74 59.03
C GLY A 1203 -115.19 13.89 59.39
N GLU A 1204 -115.39 14.13 60.68
CA GLU A 1204 -116.28 15.18 61.13
C GLU A 1204 -115.54 16.50 61.28
N LEU A 1205 -116.29 17.60 61.21
CA LEU A 1205 -115.75 18.94 61.34
C LEU A 1205 -115.77 19.31 62.82
N LYS A 1206 -114.61 19.63 63.37
CA LYS A 1206 -114.46 19.92 64.79
C LYS A 1206 -113.64 21.18 64.99
N PRO A 1207 -113.88 21.93 66.06
CA PRO A 1207 -113.04 23.11 66.34
C PRO A 1207 -111.62 22.69 66.67
N THR A 1208 -110.65 23.35 66.03
CA THR A 1208 -109.24 23.12 66.28
C THR A 1208 -108.51 24.32 66.88
N VAL A 1209 -108.89 25.54 66.52
CA VAL A 1209 -108.28 26.74 67.07
C VAL A 1209 -109.38 27.74 67.39
N ILE A 1210 -109.32 28.33 68.59
CA ILE A 1210 -110.23 29.39 68.99
C ILE A 1210 -109.40 30.60 69.38
N LEU A 1211 -109.72 31.75 68.81
CA LEU A 1211 -108.97 32.98 69.03
C LEU A 1211 -109.92 34.06 69.53
N LYS A 1212 -109.52 34.74 70.61
CA LYS A 1212 -110.36 35.76 71.24
C LYS A 1212 -109.47 36.62 72.12
N LEU A 1213 -110.07 37.63 72.75
CA LEU A 1213 -109.41 38.45 73.77
C LEU A 1213 -109.76 37.87 75.13
N LEU A 1214 -108.78 37.22 75.77
CA LEU A 1214 -108.99 36.74 77.13
C LEU A 1214 -109.18 37.90 78.09
N LYS A 1215 -108.30 38.89 78.02
CA LYS A 1215 -108.35 40.09 78.83
C LYS A 1215 -108.43 41.30 77.91
N GLU A 1216 -108.39 42.50 78.47
CA GLU A 1216 -108.41 43.70 77.65
C GLU A 1216 -107.17 43.82 76.79
N ASN A 1217 -106.07 43.23 77.23
CA ASN A 1217 -104.82 43.29 76.49
C ASN A 1217 -104.27 41.93 76.10
N ILE A 1218 -104.89 40.84 76.53
CA ILE A 1218 -104.35 39.50 76.38
C ILE A 1218 -105.11 38.79 75.28
N ILE A 1219 -104.41 38.36 74.24
CA ILE A 1219 -104.97 37.57 73.16
C ILE A 1219 -104.70 36.10 73.47
N GLN A 1220 -105.75 35.30 73.59
CA GLN A 1220 -105.61 33.87 73.81
C GLN A 1220 -105.89 33.13 72.52
N MET A 1221 -104.99 32.22 72.16
CA MET A 1221 -105.14 31.35 71.00
C MET A 1221 -105.15 29.92 71.53
N GLU A 1222 -106.34 29.44 71.88
CA GLU A 1222 -106.49 28.09 72.43
C GLU A 1222 -106.43 27.09 71.29
N MET A 1223 -105.42 26.23 71.30
CA MET A 1223 -105.26 25.17 70.32
C MET A 1223 -105.80 23.87 70.90
N ILE A 1224 -106.67 23.21 70.14
CA ILE A 1224 -107.44 22.07 70.63
C ILE A 1224 -106.94 20.80 69.94
N GLU A 1225 -106.79 19.74 70.72
CA GLU A 1225 -106.53 18.40 70.21
C GLU A 1225 -107.75 17.54 70.49
N ASN A 1226 -108.28 16.89 69.45
CA ASN A 1226 -109.51 16.12 69.57
C ASN A 1226 -109.28 14.61 69.64
N ARG A 1227 -108.07 14.14 69.33
CA ARG A 1227 -107.74 12.72 69.43
C ARG A 1227 -106.99 12.50 70.74
N THR A 1228 -107.77 12.37 71.81
CA THR A 1228 -107.26 12.21 73.16
C THR A 1228 -107.50 10.78 73.64
N MET A 1229 -107.16 10.52 74.90
CA MET A 1229 -107.26 9.16 75.43
C MET A 1229 -108.61 8.81 76.01
N ASP A 1230 -109.44 9.81 76.25
CA ASP A 1230 -110.78 9.57 76.75
C ASP A 1230 -111.86 10.24 75.90
N GLY A 1231 -111.51 10.82 74.76
CA GLY A 1231 -112.46 11.41 73.86
C GLY A 1231 -112.77 12.87 74.09
N LYS A 1232 -112.45 13.40 75.26
CA LYS A 1232 -112.71 14.81 75.54
C LYS A 1232 -111.57 15.68 74.98
N PRO A 1233 -111.88 16.74 74.25
CA PRO A 1233 -110.80 17.56 73.67
C PRO A 1233 -109.94 18.19 74.75
N VAL A 1234 -108.64 18.29 74.48
CA VAL A 1234 -107.68 18.95 75.35
C VAL A 1234 -107.16 20.18 74.62
N SER A 1235 -107.17 21.32 75.30
CA SER A 1235 -106.80 22.58 74.71
C SER A 1235 -105.49 23.09 75.30
N LEU A 1236 -104.66 23.69 74.44
CA LEU A 1236 -103.41 24.31 74.85
C LEU A 1236 -103.57 25.82 74.74
N PRO A 1237 -103.75 26.55 75.84
CA PRO A 1237 -103.95 28.00 75.75
C PRO A 1237 -102.65 28.76 75.56
N LEU A 1238 -102.49 29.40 74.40
CA LEU A 1238 -101.32 30.21 74.13
C LEU A 1238 -101.69 31.65 74.33
N LEU A 1239 -100.95 32.38 75.15
CA LEU A 1239 -101.29 33.74 75.47
C LEU A 1239 -100.38 34.76 74.83
N TYR A 1240 -100.93 35.90 74.44
CA TYR A 1240 -100.15 36.96 73.80
C TYR A 1240 -100.59 38.30 74.34
N ASN A 1241 -99.63 39.23 74.46
CA ASN A 1241 -99.93 40.59 74.88
C ASN A 1241 -100.19 41.47 73.67
N PHE A 1242 -101.24 42.27 73.75
CA PHE A 1242 -101.56 43.25 72.70
C PHE A 1242 -101.20 44.63 73.23
N ASN A 1243 -100.23 45.27 72.61
CA ASN A 1243 -99.74 46.58 73.02
C ASN A 1243 -99.87 47.55 71.85
N PRO A 1244 -101.01 48.26 71.79
CA PRO A 1244 -101.22 49.21 70.70
C PRO A 1244 -100.17 50.34 70.62
N ASP A 1245 -99.43 50.60 71.68
CA ASP A 1245 -98.42 51.66 71.67
C ASP A 1245 -97.27 51.31 70.74
N ASN A 1246 -97.01 50.01 70.56
CA ASN A 1246 -95.95 49.56 69.65
C ASN A 1246 -96.62 49.14 68.35
N GLY A 1247 -96.80 50.11 67.46
CA GLY A 1247 -97.52 49.85 66.23
C GLY A 1247 -96.81 48.86 65.33
N PHE A 1248 -95.49 48.89 65.29
CA PHE A 1248 -94.75 47.97 64.43
C PHE A 1248 -94.89 46.53 64.89
N ALA A 1249 -94.87 46.31 66.20
CA ALA A 1249 -94.98 44.96 66.75
C ALA A 1249 -95.90 45.00 67.97
N PRO A 1250 -97.21 45.15 67.75
CA PRO A 1250 -98.13 45.23 68.90
C PRO A 1250 -98.25 43.95 69.69
N ILE A 1251 -97.96 42.80 69.10
CA ILE A 1251 -98.20 41.50 69.72
C ILE A 1251 -96.89 40.93 70.22
N SER A 1252 -96.90 40.45 71.47
CA SER A 1252 -95.75 39.79 72.08
C SER A 1252 -96.24 38.59 72.87
N GLU A 1253 -95.55 37.47 72.76
CA GLU A 1253 -95.95 36.28 73.49
C GLU A 1253 -95.68 36.36 74.96
N VAL A 1254 -96.54 35.73 75.74
CA VAL A 1254 -96.32 35.64 77.17
C VAL A 1254 -95.44 34.41 77.35
N MET A 1255 -94.16 34.61 77.64
CA MET A 1255 -93.21 33.51 77.74
C MET A 1255 -93.31 32.79 79.08
N GLU A 1256 -93.85 33.44 80.09
CA GLU A 1256 -93.87 32.85 81.43
C GLU A 1256 -94.94 31.77 81.50
N ASP A 1257 -94.56 30.61 82.06
CA ASP A 1257 -95.41 29.44 82.25
C ASP A 1257 -95.75 28.75 80.93
N ARG A 1258 -95.13 29.17 79.84
CA ARG A 1258 -95.44 28.61 78.54
C ARG A 1258 -95.09 27.13 78.50
N ASN A 1259 -93.92 26.77 78.99
CA ASN A 1259 -93.48 25.39 78.98
C ASN A 1259 -94.39 24.58 79.90
N GLN A 1260 -94.80 25.15 81.02
CA GLN A 1260 -95.69 24.45 81.93
C GLN A 1260 -97.03 24.13 81.27
N ARG A 1261 -97.54 25.07 80.48
CA ARG A 1261 -98.81 24.87 79.80
C ARG A 1261 -98.69 23.78 78.76
N ILE A 1262 -97.58 23.76 78.03
CA ILE A 1262 -97.37 22.76 77.00
C ILE A 1262 -97.27 21.41 77.64
N LYS A 1263 -96.60 21.31 78.77
CA LYS A 1263 -96.43 20.06 79.44
C LYS A 1263 -97.71 19.59 80.06
N GLU A 1264 -98.53 20.48 80.58
CA GLU A 1264 -99.82 20.05 81.10
C GLU A 1264 -100.68 19.42 79.99
N MET A 1265 -100.67 20.03 78.81
CA MET A 1265 -101.38 19.42 77.69
C MET A 1265 -100.83 18.04 77.37
N TYR A 1266 -99.50 17.92 77.29
CA TYR A 1266 -98.90 16.63 76.96
C TYR A 1266 -99.11 15.61 78.07
N TRP A 1267 -99.25 16.07 79.32
CA TRP A 1267 -99.54 15.15 80.41
C TRP A 1267 -100.95 14.62 80.31
N LYS A 1268 -101.91 15.47 79.97
CA LYS A 1268 -103.27 14.97 79.73
C LYS A 1268 -103.29 13.99 78.57
N LEU A 1269 -102.44 14.13 77.59
CA LEU A 1269 -102.49 13.25 76.44
C LEU A 1269 -101.75 11.93 76.60
N TRP A 1270 -100.70 11.90 77.41
CA TRP A 1270 -99.88 10.71 77.52
C TRP A 1270 -99.97 10.02 78.85
N ILE A 1271 -100.07 10.78 79.93
CA ILE A 1271 -100.02 10.17 81.25
C ILE A 1271 -101.34 10.18 81.96
N ASP A 1272 -101.83 9.01 82.34
CA ASP A 1272 -103.07 8.93 83.10
C ASP A 1272 -102.89 8.98 84.61
N GLU A 1273 -102.51 10.14 85.14
CA GLU A 1273 -102.32 10.31 86.56
C GLU A 1273 -102.44 11.78 86.88
N PRO A 1274 -102.60 12.14 88.16
CA PRO A 1274 -102.78 13.56 88.47
C PRO A 1274 -101.58 14.38 88.05
N PHE A 1275 -101.85 15.53 87.44
CA PHE A 1275 -100.78 16.36 86.91
C PHE A 1275 -99.90 16.87 88.03
N ASN A 1276 -98.60 16.55 87.97
CA ASN A 1276 -97.65 17.03 88.97
C ASN A 1276 -96.26 16.96 88.36
N LEU A 1277 -95.62 18.12 88.20
CA LEU A 1277 -94.27 18.20 87.67
C LEU A 1277 -93.20 18.16 88.74
N ASP A 1278 -93.59 18.19 90.02
CA ASP A 1278 -92.62 18.33 91.11
C ASP A 1278 -92.22 16.94 91.61
N PHE A 1279 -91.27 16.34 90.90
CA PHE A 1279 -90.64 15.11 91.35
C PHE A 1279 -89.21 15.09 90.85
N ASP A 1280 -88.36 14.34 91.55
CA ASP A 1280 -86.93 14.39 91.31
C ASP A 1280 -86.57 13.59 90.05
N PRO A 1281 -85.87 14.17 89.09
CA PRO A 1281 -85.39 13.37 87.96
C PRO A 1281 -84.44 12.25 88.37
N ARG A 1282 -83.82 12.35 89.53
CA ARG A 1282 -82.89 11.33 89.98
C ARG A 1282 -83.60 10.08 90.49
N ASP A 1283 -84.91 10.14 90.70
CA ASP A 1283 -85.64 9.01 91.24
C ASP A 1283 -86.00 8.01 90.14
N VAL A 1284 -86.43 6.83 90.57
CA VAL A 1284 -86.84 5.79 89.65
C VAL A 1284 -88.34 5.92 89.41
N ILE A 1285 -88.74 5.84 88.14
CA ILE A 1285 -90.15 5.95 87.76
C ILE A 1285 -90.74 4.56 87.65
N LYS A 1286 -91.95 4.40 88.19
CA LYS A 1286 -92.63 3.12 88.26
C LYS A 1286 -93.90 3.19 87.43
N GLY A 1287 -94.06 2.26 86.49
CA GLY A 1287 -95.20 2.24 85.61
C GLY A 1287 -96.23 1.21 86.02
N LYS A 1288 -97.44 1.39 85.49
CA LYS A 1288 -98.54 0.51 85.83
C LYS A 1288 -98.33 -0.87 85.19
N ASP A 1289 -98.89 -1.88 85.83
CA ASP A 1289 -98.75 -3.24 85.34
C ASP A 1289 -99.53 -3.44 84.06
N PHE A 1290 -98.90 -4.07 83.07
CA PHE A 1290 -99.46 -4.23 81.74
C PHE A 1290 -99.69 -5.71 81.46
N GLU A 1291 -100.91 -6.04 81.04
CA GLU A 1291 -101.31 -7.40 80.72
C GLU A 1291 -101.43 -7.53 79.22
N ILE A 1292 -100.58 -8.37 78.62
CA ILE A 1292 -100.52 -8.51 77.17
C ILE A 1292 -101.61 -9.46 76.72
N THR A 1293 -102.49 -8.97 75.83
CA THR A 1293 -103.60 -9.77 75.34
C THR A 1293 -103.48 -9.94 73.85
N ALA A 1294 -104.19 -10.90 73.28
CA ALA A 1294 -104.12 -11.19 71.86
C ALA A 1294 -104.58 -10.00 71.02
N LYS A 1295 -105.61 -9.30 71.48
CA LYS A 1295 -106.13 -8.16 70.73
C LYS A 1295 -105.07 -7.08 70.55
N GLU A 1296 -104.31 -6.81 71.60
CA GLU A 1296 -103.33 -5.75 71.55
C GLU A 1296 -102.19 -6.12 70.61
N VAL A 1297 -101.76 -7.37 70.65
CA VAL A 1297 -100.70 -7.82 69.75
C VAL A 1297 -101.19 -7.76 68.30
N TYR A 1298 -102.41 -8.20 68.04
CA TYR A 1298 -102.95 -8.14 66.69
C TYR A 1298 -102.98 -6.69 66.19
N ASP A 1299 -103.51 -5.78 67.01
CA ASP A 1299 -103.61 -4.39 66.60
C ASP A 1299 -102.23 -3.79 66.34
N PHE A 1300 -101.27 -4.06 67.23
CA PHE A 1300 -99.94 -3.51 67.05
C PHE A 1300 -99.29 -4.04 65.77
N THR A 1301 -99.36 -5.36 65.55
CA THR A 1301 -98.72 -5.95 64.39
C THR A 1301 -99.34 -5.45 63.11
N HIS A 1302 -100.65 -5.22 63.10
CA HIS A 1302 -101.29 -4.68 61.90
C HIS A 1302 -100.99 -3.20 61.74
N ALA A 1303 -100.81 -2.47 62.84
CA ALA A 1303 -100.47 -1.04 62.74
C ALA A 1303 -99.08 -0.85 62.17
N VAL A 1304 -98.11 -1.69 62.53
CA VAL A 1304 -96.74 -1.50 62.11
C VAL A 1304 -96.39 -2.36 60.90
N GLY A 1305 -97.28 -3.27 60.52
CA GLY A 1305 -97.07 -4.07 59.32
C GLY A 1305 -96.18 -5.24 59.50
N ASN A 1306 -96.19 -5.82 60.68
CA ASN A 1306 -95.38 -7.00 60.97
C ASN A 1306 -96.18 -8.24 60.64
N ASN A 1307 -95.67 -9.07 59.75
CA ASN A 1307 -96.41 -10.24 59.27
C ASN A 1307 -95.80 -11.55 59.74
N CYS A 1308 -94.92 -11.54 60.73
CA CYS A 1308 -94.31 -12.76 61.20
C CYS A 1308 -95.36 -13.65 61.76
N GLU A 1309 -95.17 -14.94 61.62
CA GLU A 1309 -96.17 -15.90 62.09
C GLU A 1309 -96.11 -16.11 63.61
N ASP A 1310 -95.05 -15.70 64.28
CA ASP A 1310 -94.96 -15.90 65.72
C ASP A 1310 -95.97 -15.07 66.45
N PHE A 1311 -96.35 -13.96 65.86
CA PHE A 1311 -97.29 -13.05 66.49
C PHE A 1311 -98.73 -13.24 66.01
N VAL A 1312 -99.01 -14.36 65.34
CA VAL A 1312 -100.33 -14.66 64.82
C VAL A 1312 -100.89 -15.85 65.59
N SER A 1313 -102.18 -15.76 65.93
CA SER A 1313 -102.84 -16.86 66.62
C SER A 1313 -102.91 -18.08 65.70
N ARG A 1314 -102.43 -19.22 66.18
CA ARG A 1314 -102.38 -20.45 65.41
C ARG A 1314 -102.63 -21.60 66.37
N PRO A 1315 -103.25 -22.69 65.91
CA PRO A 1315 -103.58 -23.78 66.83
C PRO A 1315 -102.32 -24.44 67.40
N ASP A 1316 -102.44 -24.96 68.61
CA ASP A 1316 -101.36 -25.68 69.31
C ASP A 1316 -100.07 -24.87 69.30
N ARG A 1317 -100.19 -23.57 69.53
CA ARG A 1317 -99.01 -22.71 69.65
C ARG A 1317 -99.39 -21.47 70.43
N THR A 1318 -98.50 -21.04 71.32
CA THR A 1318 -98.70 -19.80 72.06
C THR A 1318 -98.25 -18.61 71.23
N MET A 1319 -99.03 -17.54 71.26
CA MET A 1319 -98.73 -16.35 70.49
C MET A 1319 -97.72 -15.48 71.21
N LEU A 1320 -96.73 -15.01 70.48
CA LEU A 1320 -95.73 -14.15 71.03
C LEU A 1320 -95.99 -12.72 70.71
N ALA A 1321 -95.41 -11.82 71.48
CA ALA A 1321 -95.48 -10.40 71.18
C ALA A 1321 -94.15 -9.94 70.57
N PRO A 1322 -94.18 -9.02 69.61
CA PRO A 1322 -92.93 -8.55 69.03
C PRO A 1322 -92.12 -7.75 70.04
N MET A 1323 -90.79 -7.75 69.83
CA MET A 1323 -89.90 -6.99 70.69
C MET A 1323 -90.30 -5.51 70.75
N ASP A 1324 -90.91 -5.01 69.67
CA ASP A 1324 -91.34 -3.61 69.64
C ASP A 1324 -92.44 -3.32 70.64
N PHE A 1325 -93.14 -4.34 71.13
CA PHE A 1325 -94.20 -4.12 72.10
C PHE A 1325 -93.68 -3.55 73.41
N ALA A 1326 -92.37 -3.64 73.66
CA ALA A 1326 -91.81 -3.10 74.90
C ALA A 1326 -92.10 -1.61 75.01
N ILE A 1327 -92.10 -0.90 73.89
CA ILE A 1327 -92.34 0.54 73.94
C ILE A 1327 -93.78 0.83 74.32
N VAL A 1328 -94.74 0.06 73.78
CA VAL A 1328 -96.13 0.31 74.17
C VAL A 1328 -96.32 -0.06 75.64
N VAL A 1329 -95.59 -1.07 76.12
CA VAL A 1329 -95.74 -1.46 77.51
C VAL A 1329 -95.16 -0.41 78.45
N GLY A 1330 -94.02 0.19 78.09
CA GLY A 1330 -93.33 1.09 79.00
C GLY A 1330 -93.26 2.54 78.58
N TRP A 1331 -94.13 2.97 77.65
CA TRP A 1331 -94.10 4.35 77.19
C TRP A 1331 -94.45 5.33 78.31
N ARG A 1332 -95.44 5.00 79.12
CA ARG A 1332 -95.85 5.92 80.16
C ARG A 1332 -94.73 6.11 81.16
N ALA A 1333 -93.94 5.07 81.44
CA ALA A 1333 -92.81 5.21 82.34
C ALA A 1333 -91.66 5.96 81.69
N ILE A 1334 -91.36 5.67 80.42
CA ILE A 1334 -90.21 6.26 79.77
C ILE A 1334 -90.42 7.76 79.55
N ILE A 1335 -91.59 8.12 79.02
CA ILE A 1335 -91.81 9.52 78.61
C ILE A 1335 -92.01 10.42 79.81
N LYS A 1336 -92.41 9.88 80.97
CA LYS A 1336 -92.55 10.69 82.16
C LYS A 1336 -91.21 11.21 82.67
N ALA A 1337 -90.10 10.68 82.15
CA ALA A 1337 -88.78 11.08 82.63
C ALA A 1337 -88.42 12.51 82.22
N ILE A 1338 -88.98 13.00 81.11
CA ILE A 1338 -88.61 14.31 80.60
C ILE A 1338 -89.56 15.40 81.10
N PHE A 1339 -90.52 15.05 81.95
CA PHE A 1339 -91.49 16.00 82.48
C PHE A 1339 -91.00 16.83 83.66
N PRO A 1340 -90.20 16.28 84.58
CA PRO A 1340 -89.92 17.01 85.84
C PRO A 1340 -89.59 18.48 85.61
N ASN A 1341 -89.89 19.29 86.63
CA ASN A 1341 -89.67 20.73 86.52
C ASN A 1341 -88.19 21.06 86.32
N THR A 1342 -87.29 20.33 86.98
CA THR A 1342 -85.87 20.62 86.84
C THR A 1342 -85.40 20.41 85.40
N VAL A 1343 -85.90 19.36 84.74
CA VAL A 1343 -85.61 19.15 83.31
C VAL A 1343 -86.70 19.90 82.55
N ASP A 1344 -86.46 21.19 82.34
CA ASP A 1344 -87.44 22.07 81.74
C ASP A 1344 -87.15 22.26 80.27
N GLY A 1345 -88.20 22.21 79.44
CA GLY A 1345 -88.05 22.40 78.02
C GLY A 1345 -89.39 22.47 77.31
N ASP A 1346 -89.40 22.94 76.08
CA ASP A 1346 -90.62 23.01 75.30
C ASP A 1346 -90.93 21.68 74.65
N LEU A 1347 -91.97 21.00 75.12
CA LEU A 1347 -92.28 19.67 74.59
C LEU A 1347 -92.69 19.72 73.13
N LEU A 1348 -93.04 20.89 72.61
CA LEU A 1348 -93.33 20.99 71.19
C LEU A 1348 -92.06 21.01 70.34
N LYS A 1349 -90.91 21.27 70.95
CA LYS A 1349 -89.63 21.19 70.26
C LYS A 1349 -88.87 19.91 70.60
N LEU A 1350 -89.50 18.96 71.29
CA LEU A 1350 -88.84 17.73 71.66
C LEU A 1350 -88.52 16.89 70.43
N VAL A 1351 -87.34 16.28 70.42
CA VAL A 1351 -86.89 15.43 69.33
C VAL A 1351 -86.45 14.09 69.91
N HIS A 1352 -86.97 13.00 69.37
CA HIS A 1352 -86.54 11.69 69.78
C HIS A 1352 -85.33 11.39 68.97
N LEU A 1353 -84.21 11.09 69.59
CA LEU A 1353 -82.98 10.90 68.85
C LEU A 1353 -82.73 9.46 68.53
N SER A 1354 -83.02 8.58 69.46
CA SER A 1354 -82.77 7.17 69.23
C SER A 1354 -83.58 6.35 70.20
N ASN A 1355 -83.71 5.06 69.89
CA ASN A 1355 -84.38 4.11 70.76
C ASN A 1355 -83.75 2.75 70.53
N GLY A 1356 -83.84 1.88 71.52
CA GLY A 1356 -83.22 0.58 71.41
C GLY A 1356 -83.80 -0.40 72.40
N TYR A 1357 -83.71 -1.67 72.04
CA TYR A 1357 -84.14 -2.79 72.88
C TYR A 1357 -82.97 -3.73 73.08
N LYS A 1358 -82.95 -4.38 74.25
CA LYS A 1358 -81.84 -5.27 74.59
C LYS A 1358 -82.41 -6.38 75.48
N MET A 1359 -82.58 -7.57 74.91
CA MET A 1359 -83.04 -8.71 75.68
C MET A 1359 -82.00 -9.09 76.72
N ILE A 1360 -82.44 -9.39 77.92
CA ILE A 1360 -81.52 -9.78 78.99
C ILE A 1360 -81.16 -11.26 78.81
N PRO A 1361 -79.88 -11.62 78.79
CA PRO A 1361 -79.52 -13.00 78.45
C PRO A 1361 -80.22 -14.01 79.33
N GLY A 1362 -80.72 -15.08 78.71
CA GLY A 1362 -81.47 -16.09 79.40
C GLY A 1362 -82.94 -15.80 79.56
N ALA A 1363 -83.44 -14.71 79.01
CA ALA A 1363 -84.84 -14.33 79.12
C ALA A 1363 -85.59 -14.69 77.84
N LYS A 1364 -86.82 -15.16 78.00
CA LYS A 1364 -87.65 -15.50 76.86
C LYS A 1364 -88.33 -14.25 76.31
N PRO A 1365 -88.73 -14.26 75.05
CA PRO A 1365 -89.42 -13.09 74.48
C PRO A 1365 -90.79 -12.92 75.08
N LEU A 1366 -91.34 -11.72 74.87
CA LEU A 1366 -92.68 -11.43 75.38
C LEU A 1366 -93.70 -12.35 74.73
N GLN A 1367 -94.77 -12.66 75.43
CA GLN A 1367 -95.78 -13.55 74.90
C GLN A 1367 -97.14 -13.25 75.48
N VAL A 1368 -98.20 -13.49 74.72
CA VAL A 1368 -99.53 -13.12 75.15
C VAL A 1368 -99.93 -13.83 76.43
N GLY A 1369 -100.42 -13.07 77.41
CA GLY A 1369 -100.80 -13.64 78.69
C GLY A 1369 -99.84 -13.26 79.78
N ASP A 1370 -98.73 -12.66 79.41
CA ASP A 1370 -97.74 -12.23 80.39
C ASP A 1370 -98.05 -10.92 81.06
N VAL A 1371 -97.87 -10.83 82.36
CA VAL A 1371 -98.02 -9.56 83.09
C VAL A 1371 -96.63 -8.97 83.23
N VAL A 1372 -96.47 -7.72 82.80
CA VAL A 1372 -95.17 -7.07 82.72
C VAL A 1372 -95.20 -5.79 83.55
N SER A 1373 -94.14 -5.58 84.31
CA SER A 1373 -93.93 -4.36 85.07
C SER A 1373 -92.77 -3.59 84.45
N THR A 1374 -92.89 -2.27 84.43
CA THR A 1374 -91.91 -1.41 83.80
C THR A 1374 -91.32 -0.45 84.83
N THR A 1375 -90.05 -0.12 84.64
CA THR A 1375 -89.32 0.79 85.52
C THR A 1375 -88.38 1.62 84.65
N ALA A 1376 -88.28 2.92 84.97
CA ALA A 1376 -87.49 3.84 84.17
C ALA A 1376 -86.62 4.70 85.07
N VAL A 1377 -85.40 4.98 84.61
CA VAL A 1377 -84.48 5.88 85.30
C VAL A 1377 -83.79 6.75 84.26
N ILE A 1378 -83.47 7.99 84.63
CA ILE A 1378 -82.75 8.89 83.75
C ILE A 1378 -81.26 8.59 83.89
N GLU A 1379 -80.65 8.05 82.82
CA GLU A 1379 -79.23 7.77 82.85
C GLU A 1379 -78.42 9.06 82.93
N SER A 1380 -78.74 10.04 82.08
CA SER A 1380 -78.02 11.30 82.08
C SER A 1380 -78.93 12.39 81.51
N VAL A 1381 -78.66 13.62 81.93
CA VAL A 1381 -79.30 14.81 81.37
C VAL A 1381 -78.24 15.90 81.31
N VAL A 1382 -77.83 16.27 80.11
CA VAL A 1382 -76.68 17.15 79.91
C VAL A 1382 -77.10 18.33 79.06
N ASN A 1383 -76.65 19.52 79.45
CA ASN A 1383 -76.90 20.74 78.67
C ASN A 1383 -75.83 20.87 77.61
N GLN A 1384 -76.16 20.49 76.38
CA GLN A 1384 -75.30 20.71 75.24
C GLN A 1384 -75.54 22.10 74.67
N PRO A 1385 -74.59 22.64 73.91
CA PRO A 1385 -74.75 24.03 73.46
C PRO A 1385 -76.02 24.26 72.66
N THR A 1386 -76.45 23.28 71.88
CA THR A 1386 -77.62 23.41 71.02
C THR A 1386 -78.89 22.82 71.62
N GLY A 1387 -78.86 22.38 72.87
CA GLY A 1387 -80.04 21.83 73.50
C GLY A 1387 -79.68 20.97 74.69
N LYS A 1388 -80.71 20.31 75.22
CA LYS A 1388 -80.58 19.46 76.40
C LYS A 1388 -80.94 18.03 76.01
N ILE A 1389 -80.00 17.11 76.19
CA ILE A 1389 -80.20 15.70 75.90
C ILE A 1389 -80.61 15.00 77.20
N VAL A 1390 -81.62 14.14 77.12
CA VAL A 1390 -82.08 13.36 78.25
C VAL A 1390 -82.04 11.89 77.84
N ASP A 1391 -81.31 11.08 78.61
CA ASP A 1391 -81.12 9.67 78.33
C ASP A 1391 -81.88 8.86 79.37
N VAL A 1392 -82.82 8.03 78.92
CA VAL A 1392 -83.71 7.29 79.79
C VAL A 1392 -83.51 5.80 79.54
N VAL A 1393 -83.54 5.01 80.61
CA VAL A 1393 -83.40 3.57 80.53
C VAL A 1393 -84.63 2.95 81.18
N GLY A 1394 -85.38 2.17 80.43
CA GLY A 1394 -86.55 1.47 80.92
C GLY A 1394 -86.27 -0.01 81.05
N THR A 1395 -86.79 -0.63 82.10
CA THR A 1395 -86.57 -2.05 82.38
C THR A 1395 -87.92 -2.73 82.50
N LEU A 1396 -88.11 -3.81 81.74
CA LEU A 1396 -89.33 -4.59 81.74
C LEU A 1396 -89.10 -5.88 82.50
N SER A 1397 -89.96 -6.15 83.48
CA SER A 1397 -89.82 -7.31 84.36
C SER A 1397 -91.05 -8.19 84.25
N ARG A 1398 -90.83 -9.50 84.30
CA ARG A 1398 -91.90 -10.49 84.22
C ARG A 1398 -91.68 -11.51 85.33
N ASN A 1399 -92.70 -11.71 86.17
CA ASN A 1399 -92.63 -12.70 87.25
C ASN A 1399 -91.49 -12.38 88.21
N GLY A 1400 -91.17 -11.11 88.37
CA GLY A 1400 -90.09 -10.68 89.24
C GLY A 1400 -88.74 -10.56 88.56
N LYS A 1401 -88.45 -11.45 87.61
CA LYS A 1401 -87.18 -11.37 86.90
C LYS A 1401 -87.26 -10.34 85.78
N PRO A 1402 -86.14 -9.68 85.47
CA PRO A 1402 -86.16 -8.71 84.36
C PRO A 1402 -86.03 -9.40 83.02
N VAL A 1403 -86.74 -8.88 82.03
CA VAL A 1403 -86.84 -9.48 80.70
C VAL A 1403 -85.98 -8.73 79.69
N MET A 1404 -86.17 -7.42 79.58
CA MET A 1404 -85.48 -6.64 78.57
C MET A 1404 -85.37 -5.19 79.04
N GLU A 1405 -84.44 -4.46 78.43
CA GLU A 1405 -84.18 -3.07 78.76
C GLU A 1405 -84.38 -2.20 77.51
N VAL A 1406 -85.04 -1.06 77.71
CA VAL A 1406 -85.32 -0.11 76.64
C VAL A 1406 -84.54 1.17 76.91
N THR A 1407 -83.83 1.65 75.90
CA THR A 1407 -83.07 2.90 75.99
C THR A 1407 -83.64 3.88 74.98
N SER A 1408 -83.82 5.13 75.42
CA SER A 1408 -84.33 6.19 74.55
C SER A 1408 -83.59 7.48 74.85
N SER A 1409 -83.21 8.20 73.80
CA SER A 1409 -82.52 9.48 73.93
C SER A 1409 -83.43 10.58 73.42
N PHE A 1410 -83.68 11.56 74.27
CA PHE A 1410 -84.58 12.67 73.95
C PHE A 1410 -83.81 13.98 73.97
N PHE A 1411 -84.23 14.92 73.13
CA PHE A 1411 -83.53 16.17 72.91
C PHE A 1411 -84.50 17.33 73.04
N TYR A 1412 -84.24 18.21 74.01
CA TYR A 1412 -84.94 19.49 74.13
C TYR A 1412 -84.11 20.54 73.40
N ARG A 1413 -84.55 20.94 72.22
CA ARG A 1413 -83.83 21.95 71.46
C ARG A 1413 -84.00 23.32 72.10
N GLY A 1414 -82.91 24.04 72.26
CA GLY A 1414 -82.95 25.35 72.87
C GLY A 1414 -81.65 25.65 73.58
N ASN A 1415 -81.65 26.78 74.31
CA ASN A 1415 -80.50 27.24 75.07
C ASN A 1415 -80.78 27.04 76.55
N TYR A 1416 -79.96 26.22 77.20
CA TYR A 1416 -80.10 25.93 78.62
C TYR A 1416 -78.77 26.15 79.31
N THR A 1417 -78.83 26.70 80.53
CA THR A 1417 -77.64 26.98 81.32
C THR A 1417 -77.84 26.62 82.79
N ASP A 1418 -78.80 25.73 83.09
CA ASP A 1418 -79.06 25.31 84.46
C ASP A 1418 -78.26 24.04 84.78
N PHE A 1419 -76.94 24.18 84.73
CA PHE A 1419 -76.05 23.04 84.91
C PHE A 1419 -76.19 22.41 86.29
N GLU A 1420 -76.74 23.14 87.27
CA GLU A 1420 -76.96 22.56 88.59
C GLU A 1420 -77.95 21.41 88.54
N ASN A 1421 -78.75 21.31 87.48
CA ASN A 1421 -79.75 20.26 87.34
C ASN A 1421 -79.26 19.07 86.53
N THR A 1422 -78.04 19.12 86.02
CA THR A 1422 -77.54 18.11 85.09
C THR A 1422 -76.65 17.09 85.80
N PHE A 1423 -76.69 15.87 85.28
CA PHE A 1423 -75.80 14.80 85.74
C PHE A 1423 -75.59 13.85 84.58
N GLN A 1424 -74.50 13.10 84.63
CA GLN A 1424 -74.20 12.13 83.59
C GLN A 1424 -73.66 10.85 84.20
N LYS A 1425 -73.85 9.75 83.47
CA LYS A 1425 -73.41 8.43 83.90
C LYS A 1425 -73.05 7.63 82.65
N THR A 1426 -71.78 7.23 82.58
CA THR A 1426 -71.28 6.46 81.47
C THR A 1426 -70.58 5.21 81.93
N VAL A 1427 -70.83 4.09 81.27
CA VAL A 1427 -70.15 2.85 81.56
C VAL A 1427 -68.99 2.84 80.63
N GLU A 1428 -67.77 2.77 81.15
CA GLU A 1428 -66.60 2.89 80.31
C GLU A 1428 -66.24 1.61 79.62
N PRO A 1429 -65.42 1.72 78.59
CA PRO A 1429 -64.94 0.49 77.97
C PRO A 1429 -64.07 -0.33 78.91
N VAL A 1430 -64.11 -1.66 78.86
CA VAL A 1430 -63.21 -2.48 79.66
C VAL A 1430 -61.77 -2.24 79.21
N TYR A 1431 -60.90 -1.95 80.17
CA TYR A 1431 -59.48 -1.70 79.90
C TYR A 1431 -58.65 -2.86 80.44
N GLN A 1432 -57.76 -3.37 79.61
CA GLN A 1432 -56.92 -4.52 79.95
C GLN A 1432 -55.46 -4.08 80.03
N MET A 1433 -54.81 -4.42 81.15
CA MET A 1433 -53.42 -4.04 81.39
C MET A 1433 -52.61 -5.27 81.74
N HIS A 1434 -51.44 -5.39 81.12
CA HIS A 1434 -50.54 -6.53 81.32
C HIS A 1434 -49.36 -6.03 82.15
N ILE A 1435 -49.20 -6.60 83.34
CA ILE A 1435 -48.18 -6.16 84.29
C ILE A 1435 -46.91 -6.97 84.02
N LYS A 1436 -45.91 -6.31 83.47
CA LYS A 1436 -44.63 -6.95 83.13
C LYS A 1436 -43.56 -6.70 84.19
N THR A 1437 -43.34 -5.44 84.58
CA THR A 1437 -42.19 -5.06 85.39
C THR A 1437 -42.64 -4.49 86.72
N SER A 1438 -41.69 -4.37 87.64
CA SER A 1438 -41.94 -3.74 88.92
C SER A 1438 -42.17 -2.24 88.78
N LYS A 1439 -41.72 -1.64 87.69
CA LYS A 1439 -42.01 -0.23 87.43
C LYS A 1439 -43.51 -0.02 87.26
N ASP A 1440 -44.17 -0.92 86.53
CA ASP A 1440 -45.62 -0.82 86.36
C ASP A 1440 -46.34 -0.97 87.69
N ILE A 1441 -45.89 -1.91 88.52
CA ILE A 1441 -46.49 -2.08 89.85
C ILE A 1441 -46.30 -0.82 90.67
N ALA A 1442 -45.12 -0.22 90.63
CA ALA A 1442 -44.89 1.01 91.38
C ALA A 1442 -45.81 2.12 90.89
N VAL A 1443 -45.97 2.24 89.57
CA VAL A 1443 -46.86 3.26 89.03
C VAL A 1443 -48.29 3.03 89.50
N LEU A 1444 -48.76 1.79 89.42
CA LEU A 1444 -50.12 1.48 89.84
C LEU A 1444 -50.33 1.80 91.32
N ARG A 1445 -49.39 1.38 92.17
CA ARG A 1445 -49.55 1.56 93.60
C ARG A 1445 -49.50 3.03 94.02
N SER A 1446 -48.92 3.89 93.19
CA SER A 1446 -48.89 5.32 93.49
C SER A 1446 -50.28 5.94 93.39
N LYS A 1447 -51.19 5.34 92.65
CA LYS A 1447 -52.53 5.88 92.45
C LYS A 1447 -53.39 5.59 93.67
N GLU A 1448 -53.97 6.64 94.26
CA GLU A 1448 -54.81 6.46 95.43
C GLU A 1448 -56.05 5.63 95.10
N TRP A 1449 -56.51 5.72 93.86
CA TRP A 1449 -57.72 5.01 93.44
C TRP A 1449 -57.52 3.54 93.15
N PHE A 1450 -56.27 3.10 92.99
CA PHE A 1450 -55.98 1.69 92.74
C PHE A 1450 -55.91 0.98 94.08
N GLN A 1451 -57.04 0.43 94.52
CA GLN A 1451 -57.17 -0.17 95.84
C GLN A 1451 -57.38 -1.67 95.68
N LEU A 1452 -56.40 -2.46 96.12
CA LEU A 1452 -56.47 -3.91 96.07
C LEU A 1452 -57.02 -4.44 97.38
N ASP A 1453 -57.88 -5.47 97.28
CA ASP A 1453 -58.43 -6.07 98.49
C ASP A 1453 -57.33 -6.69 99.35
N ASP A 1454 -56.38 -7.35 98.71
CA ASP A 1454 -55.19 -7.90 99.37
C ASP A 1454 -54.02 -7.02 98.96
N GLU A 1455 -53.55 -6.17 99.88
CA GLU A 1455 -52.47 -5.24 99.56
C GLU A 1455 -51.20 -5.94 99.12
N ASP A 1456 -51.00 -7.19 99.54
CA ASP A 1456 -49.80 -7.94 99.21
C ASP A 1456 -49.93 -8.77 97.95
N PHE A 1457 -51.02 -8.61 97.19
CA PHE A 1457 -51.21 -9.38 95.98
C PHE A 1457 -50.03 -9.20 95.03
N ASP A 1458 -49.55 -10.31 94.48
CA ASP A 1458 -48.41 -10.30 93.57
C ASP A 1458 -48.92 -10.05 92.16
N LEU A 1459 -48.75 -8.81 91.69
CA LEU A 1459 -49.27 -8.41 90.38
C LEU A 1459 -48.31 -8.69 89.24
N LEU A 1460 -47.08 -9.12 89.52
CA LEU A 1460 -46.09 -9.28 88.46
C LEU A 1460 -46.49 -10.43 87.55
N ASN A 1461 -46.46 -10.15 86.24
CA ASN A 1461 -46.82 -11.14 85.21
C ASN A 1461 -48.30 -11.51 85.31
N LYS A 1462 -49.13 -10.54 85.63
CA LYS A 1462 -50.58 -10.72 85.71
C LYS A 1462 -51.26 -9.77 84.74
N THR A 1463 -52.40 -10.22 84.20
CA THR A 1463 -53.25 -9.41 83.34
C THR A 1463 -54.43 -8.90 84.16
N LEU A 1464 -54.62 -7.58 84.15
CA LEU A 1464 -55.69 -6.94 84.89
C LEU A 1464 -56.72 -6.35 83.93
N THR A 1465 -57.98 -6.43 84.32
CA THR A 1465 -59.08 -5.76 83.60
C THR A 1465 -59.80 -4.84 84.56
N PHE A 1466 -60.10 -3.63 84.09
CA PHE A 1466 -60.80 -2.62 84.88
C PHE A 1466 -62.16 -2.38 84.24
N GLU A 1467 -63.20 -2.56 85.04
CA GLU A 1467 -64.56 -2.39 84.57
C GLU A 1467 -65.18 -1.27 85.34
N THR A 1468 -65.03 -0.05 84.87
CA THR A 1468 -65.50 1.08 85.63
C THR A 1468 -66.71 1.89 85.12
N GLU A 1469 -67.24 2.77 85.97
CA GLU A 1469 -68.35 3.64 85.61
C GLU A 1469 -68.06 5.02 86.15
N THR A 1470 -68.33 6.04 85.33
CA THR A 1470 -68.06 7.43 85.68
C THR A 1470 -69.38 8.17 85.87
N GLU A 1471 -69.52 8.81 87.02
CA GLU A 1471 -70.68 9.64 87.34
C GLU A 1471 -70.20 11.06 87.61
N VAL A 1472 -70.56 11.99 86.75
CA VAL A 1472 -70.10 13.38 86.84
C VAL A 1472 -71.31 14.29 86.98
N THR A 1473 -71.12 15.41 87.66
CA THR A 1473 -72.05 16.52 87.65
C THR A 1473 -71.32 17.76 87.14
N PHE A 1474 -72.06 18.66 86.52
CA PHE A 1474 -71.47 19.78 85.79
C PHE A 1474 -71.61 21.08 86.59
N LYS A 1475 -70.51 21.82 86.68
CA LYS A 1475 -70.55 23.20 87.14
C LYS A 1475 -70.85 24.17 86.01
N ASN A 1476 -70.35 23.88 84.81
CA ASN A 1476 -70.65 24.65 83.62
C ASN A 1476 -70.36 23.77 82.41
N ALA A 1477 -70.29 24.38 81.23
CA ALA A 1477 -70.19 23.60 80.01
C ALA A 1477 -68.94 22.72 79.98
N ASN A 1478 -67.80 23.26 80.43
CA ASN A 1478 -66.52 22.60 80.25
C ASN A 1478 -65.95 21.98 81.52
N ILE A 1479 -66.46 22.35 82.69
CA ILE A 1479 -65.86 21.96 83.96
C ILE A 1479 -66.86 21.11 84.74
N PHE A 1480 -66.38 20.00 85.29
CA PHE A 1480 -67.21 19.15 86.14
C PHE A 1480 -67.22 19.68 87.56
N SER A 1481 -68.41 19.69 88.18
CA SER A 1481 -68.51 20.03 89.59
C SER A 1481 -68.19 18.84 90.48
N SER A 1482 -68.12 17.64 89.91
CA SER A 1482 -67.82 16.43 90.65
C SER A 1482 -67.57 15.30 89.66
N VAL A 1483 -66.61 14.44 89.98
CA VAL A 1483 -66.27 13.30 89.16
C VAL A 1483 -66.11 12.09 90.07
N LYS A 1484 -66.75 10.98 89.72
CA LYS A 1484 -66.65 9.75 90.50
C LYS A 1484 -66.50 8.57 89.56
N CYS A 1485 -65.38 7.86 89.68
CA CYS A 1485 -65.10 6.69 88.86
C CYS A 1485 -64.88 5.50 89.79
N PHE A 1486 -65.57 4.40 89.52
CA PHE A 1486 -65.56 3.25 90.40
C PHE A 1486 -65.83 1.98 89.61
N GLY A 1487 -65.42 0.85 90.17
CA GLY A 1487 -65.66 -0.44 89.55
C GLY A 1487 -64.66 -1.49 90.02
N PRO A 1488 -64.92 -2.75 89.69
CA PRO A 1488 -64.05 -3.83 90.15
C PRO A 1488 -62.81 -4.03 89.29
N ILE A 1489 -61.74 -4.44 89.95
CA ILE A 1489 -60.50 -4.87 89.30
C ILE A 1489 -60.42 -6.38 89.45
N LYS A 1490 -60.20 -7.08 88.34
CA LYS A 1490 -60.12 -8.53 88.36
C LYS A 1490 -58.87 -8.98 87.59
N VAL A 1491 -58.36 -10.15 87.99
CA VAL A 1491 -57.14 -10.71 87.43
C VAL A 1491 -57.49 -11.98 86.66
N GLU A 1492 -56.90 -12.12 85.48
CA GLU A 1492 -57.12 -13.31 84.69
C GLU A 1492 -56.46 -14.52 85.29
N LEU A 1493 -57.16 -15.62 85.32
CA LEU A 1493 -56.66 -16.87 85.86
C LEU A 1493 -56.12 -17.75 84.75
N PRO A 1494 -55.39 -18.82 85.10
CA PRO A 1494 -54.83 -19.68 84.05
C PRO A 1494 -55.87 -20.32 83.17
N THR A 1495 -57.12 -20.41 83.62
CA THR A 1495 -58.23 -20.88 82.78
C THR A 1495 -58.88 -19.74 81.99
N LYS A 1496 -58.22 -18.59 81.90
CA LYS A 1496 -58.73 -17.44 81.17
C LYS A 1496 -59.95 -16.85 81.85
N GLU A 1497 -60.17 -17.20 83.10
CA GLU A 1497 -61.28 -16.67 83.88
C GLU A 1497 -60.81 -15.49 84.72
N THR A 1498 -61.70 -14.51 84.89
CA THR A 1498 -61.39 -13.31 85.65
C THR A 1498 -62.09 -13.37 87.02
N VAL A 1499 -61.34 -13.06 88.06
CA VAL A 1499 -61.89 -13.03 89.39
C VAL A 1499 -61.52 -11.68 89.96
N GLU A 1500 -62.31 -11.16 90.89
CA GLU A 1500 -62.04 -9.83 91.40
C GLU A 1500 -60.96 -9.83 92.44
N ILE A 1501 -60.13 -8.81 92.42
CA ILE A 1501 -59.06 -8.70 93.40
C ILE A 1501 -58.99 -7.32 94.04
N GLY A 1502 -59.87 -6.41 93.66
CA GLY A 1502 -59.84 -5.07 94.21
C GLY A 1502 -60.90 -4.21 93.55
N ILE A 1503 -60.89 -2.93 93.90
CA ILE A 1503 -61.85 -1.98 93.35
C ILE A 1503 -61.11 -0.75 92.87
N VAL A 1504 -61.70 -0.08 91.89
CA VAL A 1504 -61.36 1.28 91.55
C VAL A 1504 -62.34 2.19 92.29
N ASP A 1505 -61.83 3.29 92.84
CA ASP A 1505 -62.72 4.34 93.33
C ASP A 1505 -61.95 5.66 93.31
N TYR A 1506 -62.63 6.70 92.84
CA TYR A 1506 -62.01 7.99 92.68
C TYR A 1506 -63.08 9.03 92.85
N GLU A 1507 -62.82 10.06 93.65
CA GLU A 1507 -63.76 11.14 93.90
C GLU A 1507 -63.01 12.46 93.89
N ALA A 1508 -63.59 13.45 93.21
CA ALA A 1508 -62.95 14.76 93.12
C ALA A 1508 -64.04 15.81 93.02
N GLY A 1509 -63.67 17.03 93.39
CA GLY A 1509 -64.57 18.17 93.26
C GLY A 1509 -64.49 18.77 91.87
N ALA A 1510 -64.28 20.08 91.79
CA ALA A 1510 -64.13 20.71 90.49
C ALA A 1510 -62.98 20.07 89.73
N SER A 1511 -63.23 19.71 88.47
CA SER A 1511 -62.24 19.02 87.67
C SER A 1511 -62.46 19.31 86.21
N HIS A 1512 -61.43 19.04 85.40
CA HIS A 1512 -61.49 19.20 83.96
C HIS A 1512 -61.52 17.88 83.22
N GLY A 1513 -61.46 16.76 83.92
CA GLY A 1513 -61.46 15.47 83.25
C GLY A 1513 -61.41 14.35 84.27
N ASN A 1514 -61.38 13.13 83.74
CA ASN A 1514 -61.29 11.93 84.56
C ASN A 1514 -59.87 11.37 84.48
N PRO A 1515 -59.08 11.41 85.56
CA PRO A 1515 -57.71 10.89 85.46
C PRO A 1515 -57.64 9.38 85.35
N VAL A 1516 -58.60 8.65 85.93
CA VAL A 1516 -58.52 7.20 85.93
C VAL A 1516 -58.58 6.67 84.50
N VAL A 1517 -59.58 7.11 83.74
CA VAL A 1517 -59.74 6.61 82.37
C VAL A 1517 -58.61 7.11 81.49
N ASP A 1518 -58.13 8.32 81.72
CA ASP A 1518 -56.99 8.82 80.96
C ASP A 1518 -55.77 7.90 81.16
N PHE A 1519 -55.48 7.56 82.41
CA PHE A 1519 -54.38 6.66 82.69
C PHE A 1519 -54.61 5.29 82.05
N LEU A 1520 -55.82 4.75 82.18
CA LEU A 1520 -56.09 3.42 81.64
C LEU A 1520 -55.96 3.40 80.13
N LYS A 1521 -56.44 4.44 79.45
CA LYS A 1521 -56.27 4.53 78.01
C LYS A 1521 -54.80 4.61 77.63
N ARG A 1522 -54.02 5.41 78.37
CA ARG A 1522 -52.62 5.59 78.01
C ARG A 1522 -51.80 4.33 78.28
N ASN A 1523 -52.17 3.55 79.29
CA ASN A 1523 -51.36 2.43 79.74
C ASN A 1523 -51.96 1.06 79.47
N GLY A 1524 -53.26 0.97 79.19
CA GLY A 1524 -53.92 -0.29 78.96
C GLY A 1524 -54.38 -0.44 77.51
N SER A 1525 -55.12 -1.52 77.29
CA SER A 1525 -55.73 -1.79 75.99
C SER A 1525 -57.24 -1.89 76.17
N THR A 1526 -57.98 -1.48 75.15
CA THR A 1526 -59.43 -1.51 75.20
C THR A 1526 -59.94 -2.84 74.68
N LEU A 1527 -60.84 -3.46 75.44
CA LEU A 1527 -61.46 -4.73 75.06
C LEU A 1527 -62.81 -4.42 74.43
N GLU A 1528 -62.96 -4.75 73.15
CA GLU A 1528 -64.19 -4.49 72.40
C GLU A 1528 -64.90 -5.82 72.13
N GLN A 1529 -66.17 -5.91 72.52
CA GLN A 1529 -66.92 -7.13 72.31
C GLN A 1529 -67.33 -7.32 70.86
N LYS A 1530 -67.43 -6.22 70.10
CA LYS A 1530 -67.79 -6.30 68.69
C LYS A 1530 -66.54 -6.55 67.86
N VAL A 1531 -66.60 -7.55 66.98
CA VAL A 1531 -65.50 -7.88 66.08
C VAL A 1531 -66.05 -7.91 64.67
N ASN A 1532 -65.45 -7.16 63.75
CA ASN A 1532 -65.95 -7.05 62.39
C ASN A 1532 -65.47 -8.11 61.44
N LEU A 1533 -66.37 -8.60 60.61
CA LEU A 1533 -66.02 -9.62 59.65
C LEU A 1533 -65.02 -9.04 58.68
N GLU A 1534 -64.31 -9.88 57.97
CA GLU A 1534 -63.34 -9.43 57.01
C GLU A 1534 -63.92 -8.35 56.12
N ASN A 1535 -65.15 -8.53 55.68
CA ASN A 1535 -65.82 -7.56 54.82
C ASN A 1535 -67.30 -7.70 55.03
N PRO A 1536 -68.06 -6.61 54.89
CA PRO A 1536 -69.48 -6.82 55.19
C PRO A 1536 -70.18 -7.74 54.22
N ILE A 1537 -71.19 -8.45 54.68
CA ILE A 1537 -71.96 -9.38 53.86
C ILE A 1537 -73.34 -8.78 53.60
N PRO A 1538 -73.63 -8.37 52.36
CA PRO A 1538 -74.94 -7.81 52.02
C PRO A 1538 -76.09 -8.80 52.20
N ILE A 1539 -77.17 -8.40 52.86
CA ILE A 1539 -78.31 -9.29 53.07
C ILE A 1539 -79.43 -9.00 52.08
N ALA A 1540 -79.86 -7.75 51.98
CA ALA A 1540 -80.93 -7.38 51.05
C ALA A 1540 -81.13 -5.88 51.10
N VAL A 1541 -81.78 -5.37 50.06
CA VAL A 1541 -82.30 -4.00 50.01
C VAL A 1541 -83.80 -4.11 49.86
N LEU A 1542 -84.53 -3.55 50.82
CA LEU A 1542 -85.97 -3.71 50.90
C LEU A 1542 -86.67 -2.36 50.79
N ASP A 1543 -87.92 -2.40 50.37
CA ASP A 1543 -88.74 -1.20 50.18
C ASP A 1543 -89.88 -1.22 51.19
N SER A 1544 -90.20 -0.04 51.73
CA SER A 1544 -91.23 0.11 52.74
C SER A 1544 -91.94 1.43 52.52
N TYR A 1545 -93.14 1.55 53.08
CA TYR A 1545 -93.96 2.75 52.91
C TYR A 1545 -94.57 3.17 54.24
N THR A 1546 -94.57 4.47 54.48
CA THR A 1546 -95.27 5.03 55.63
C THR A 1546 -96.77 5.08 55.33
N PRO A 1547 -97.62 4.82 56.33
CA PRO A 1547 -99.06 4.88 56.09
C PRO A 1547 -99.54 6.31 55.86
N SER A 1548 -100.68 6.41 55.18
CA SER A 1548 -101.24 7.73 54.87
C SER A 1548 -101.71 8.46 56.12
N THR A 1549 -101.98 7.75 57.21
CA THR A 1549 -102.41 8.35 58.45
C THR A 1549 -101.61 7.78 59.60
N ASN A 1550 -101.29 8.62 60.58
CA ASN A 1550 -100.58 8.20 61.78
C ASN A 1550 -101.54 7.83 62.91
N GLU A 1551 -102.84 7.98 62.71
CA GLU A 1551 -103.80 7.75 63.78
C GLU A 1551 -103.79 6.31 64.28
N PRO A 1552 -103.75 5.28 63.44
CA PRO A 1552 -103.77 3.91 63.99
C PRO A 1552 -102.57 3.58 64.87
N TYR A 1553 -101.35 3.93 64.45
CA TYR A 1553 -100.20 3.69 65.30
C TYR A 1553 -100.29 4.49 66.57
N ALA A 1554 -100.74 5.72 66.50
CA ALA A 1554 -100.90 6.53 67.69
C ALA A 1554 -101.84 5.89 68.65
N ARG A 1555 -102.90 5.32 68.14
CA ARG A 1555 -103.91 4.75 69.01
C ARG A 1555 -103.50 3.40 69.57
N VAL A 1556 -102.62 2.67 68.88
CA VAL A 1556 -102.17 1.39 69.43
C VAL A 1556 -101.01 1.58 70.40
N SER A 1557 -100.12 2.53 70.12
CA SER A 1557 -98.95 2.75 70.97
C SER A 1557 -99.23 3.67 72.14
N GLY A 1558 -100.29 4.46 72.10
CA GLY A 1558 -100.59 5.38 73.17
C GLY A 1558 -99.91 6.71 72.99
N ASP A 1559 -99.08 6.85 71.97
CA ASP A 1559 -98.37 8.08 71.73
C ASP A 1559 -99.30 9.05 71.03
N LEU A 1560 -100.07 9.81 71.81
CA LEU A 1560 -101.04 10.73 71.24
C LEU A 1560 -100.46 12.12 71.06
N ASN A 1561 -99.28 12.24 70.48
CA ASN A 1561 -98.67 13.55 70.22
C ASN A 1561 -99.35 14.24 69.06
N PRO A 1562 -99.80 15.48 69.24
CA PRO A 1562 -100.60 16.13 68.19
C PRO A 1562 -99.85 16.40 66.91
N ILE A 1563 -98.52 16.50 66.95
CA ILE A 1563 -97.76 16.80 65.74
C ILE A 1563 -97.92 15.69 64.71
N HIS A 1564 -98.26 14.49 65.12
CA HIS A 1564 -98.43 13.38 64.18
C HIS A 1564 -99.85 13.26 63.63
N VAL A 1565 -100.82 13.98 64.18
CA VAL A 1565 -102.19 13.83 63.74
C VAL A 1565 -102.91 15.14 63.48
N SER A 1566 -102.37 16.24 63.97
CA SER A 1566 -103.04 17.52 63.87
C SER A 1566 -102.24 18.46 62.98
N ARG A 1567 -102.90 19.02 61.97
CA ARG A 1567 -102.24 19.94 61.05
C ARG A 1567 -101.80 21.21 61.76
N HIS A 1568 -102.67 21.77 62.60
CA HIS A 1568 -102.36 23.05 63.23
C HIS A 1568 -101.22 22.92 64.23
N PHE A 1569 -101.19 21.83 65.02
CA PHE A 1569 -100.09 21.63 65.95
C PHE A 1569 -98.77 21.44 65.21
N ALA A 1570 -98.77 20.65 64.14
CA ALA A 1570 -97.54 20.46 63.37
C ALA A 1570 -97.08 21.78 62.73
N SER A 1571 -98.00 22.61 62.30
CA SER A 1571 -97.63 23.89 61.70
C SER A 1571 -97.08 24.81 62.74
N TYR A 1572 -97.66 24.81 63.92
CA TYR A 1572 -97.11 25.61 65.00
C TYR A 1572 -95.72 25.16 65.43
N ALA A 1573 -95.37 23.90 65.15
CA ALA A 1573 -94.08 23.36 65.51
C ALA A 1573 -93.04 23.50 64.41
N ASN A 1574 -93.37 24.19 63.32
CA ASN A 1574 -92.42 24.43 62.24
C ASN A 1574 -91.97 23.14 61.60
N LEU A 1575 -92.88 22.19 61.50
CA LEU A 1575 -92.56 20.89 60.93
C LEU A 1575 -92.95 20.84 59.46
N PRO A 1576 -92.32 19.92 58.72
CA PRO A 1576 -92.60 19.81 57.29
C PRO A 1576 -93.99 19.31 56.99
N GLY A 1577 -94.68 18.83 58.00
CA GLY A 1577 -96.04 18.34 57.84
C GLY A 1577 -96.43 17.51 59.04
N THR A 1578 -97.44 16.67 58.86
CA THR A 1578 -97.90 15.76 59.90
C THR A 1578 -96.99 14.53 59.85
N ILE A 1579 -95.83 14.68 60.49
CA ILE A 1579 -94.81 13.64 60.45
C ILE A 1579 -95.20 12.29 61.02
N THR A 1580 -94.63 11.25 60.45
CA THR A 1580 -94.90 9.90 60.93
C THR A 1580 -94.14 9.63 62.21
N HIS A 1581 -94.72 8.91 63.16
CA HIS A 1581 -93.96 8.53 64.32
C HIS A 1581 -92.66 7.85 63.96
N GLY A 1582 -91.55 8.26 64.55
CA GLY A 1582 -90.29 7.58 64.36
C GLY A 1582 -90.33 6.15 64.87
N MET A 1583 -91.12 5.92 65.92
CA MET A 1583 -91.22 4.56 66.46
C MET A 1583 -91.91 3.62 65.48
N PHE A 1584 -92.88 4.12 64.70
CA PHE A 1584 -93.44 3.28 63.65
C PHE A 1584 -92.37 2.86 62.66
N SER A 1585 -91.52 3.80 62.26
CA SER A 1585 -90.45 3.48 61.31
C SER A 1585 -89.50 2.45 61.91
N SER A 1586 -89.16 2.61 63.18
CA SER A 1586 -88.28 1.64 63.84
C SER A 1586 -88.92 0.26 63.85
N ALA A 1587 -90.21 0.19 64.20
CA ALA A 1587 -90.89 -1.10 64.23
C ALA A 1587 -90.95 -1.75 62.85
N SER A 1588 -91.22 -0.94 61.83
CA SER A 1588 -91.34 -1.45 60.50
C SER A 1588 -90.01 -1.98 60.00
N VAL A 1589 -88.92 -1.25 60.21
CA VAL A 1589 -87.60 -1.71 59.79
C VAL A 1589 -87.18 -2.93 60.59
N ARG A 1590 -87.55 -2.99 61.87
CA ARG A 1590 -87.22 -4.17 62.66
C ARG A 1590 -87.98 -5.39 62.17
N ALA A 1591 -89.20 -5.21 61.67
CA ALA A 1591 -89.95 -6.31 61.09
C ALA A 1591 -89.27 -6.76 59.83
N LEU A 1592 -88.76 -5.84 59.04
CA LEU A 1592 -87.99 -6.22 57.86
C LEU A 1592 -86.77 -7.06 58.25
N ILE A 1593 -86.02 -6.59 59.24
CA ILE A 1593 -84.81 -7.28 59.67
C ILE A 1593 -85.15 -8.66 60.21
N GLU A 1594 -86.20 -8.77 61.01
CA GLU A 1594 -86.59 -10.05 61.56
C GLU A 1594 -86.92 -11.07 60.49
N ASN A 1595 -87.51 -10.63 59.41
CA ASN A 1595 -87.90 -11.53 58.37
C ASN A 1595 -86.71 -11.92 57.56
N TRP A 1596 -85.84 -10.97 57.29
CA TRP A 1596 -84.72 -11.30 56.41
C TRP A 1596 -83.46 -11.71 57.15
N ALA A 1597 -83.06 -10.96 58.18
CA ALA A 1597 -81.81 -11.28 58.87
C ALA A 1597 -81.97 -12.49 59.79
N ALA A 1598 -83.15 -12.67 60.37
CA ALA A 1598 -83.42 -13.79 61.27
C ALA A 1598 -84.23 -14.89 60.62
N ASP A 1599 -84.52 -14.78 59.32
CA ASP A 1599 -85.32 -15.77 58.61
C ASP A 1599 -86.69 -15.95 59.28
N SER A 1600 -87.26 -14.85 59.77
CA SER A 1600 -88.62 -14.83 60.30
C SER A 1600 -88.74 -15.69 61.55
N VAL A 1601 -87.67 -15.77 62.33
CA VAL A 1601 -87.68 -16.41 63.65
C VAL A 1601 -87.56 -15.30 64.67
N SER A 1602 -88.66 -14.96 65.33
CA SER A 1602 -88.67 -13.84 66.24
C SER A 1602 -87.58 -13.95 67.28
N SER A 1603 -87.67 -14.94 68.14
CA SER A 1603 -86.69 -15.16 69.18
C SER A 1603 -85.21 -14.89 68.85
N ARG A 1604 -84.78 -15.09 67.62
CA ARG A 1604 -83.39 -14.88 67.29
C ARG A 1604 -82.93 -13.43 67.38
N VAL A 1605 -83.86 -12.49 67.46
CA VAL A 1605 -83.50 -11.08 67.58
C VAL A 1605 -83.37 -10.75 69.06
N ARG A 1606 -82.14 -10.49 69.50
CA ARG A 1606 -81.86 -10.21 70.90
C ARG A 1606 -81.57 -8.75 71.19
N GLY A 1607 -81.09 -8.00 70.20
CA GLY A 1607 -80.87 -6.58 70.38
C GLY A 1607 -81.22 -5.79 69.13
N TYR A 1608 -81.72 -4.58 69.32
CA TYR A 1608 -82.09 -3.73 68.19
C TYR A 1608 -82.05 -2.28 68.64
N THR A 1609 -81.28 -1.45 67.93
CA THR A 1609 -81.19 -0.02 68.20
C THR A 1609 -81.37 0.75 66.91
N CYS A 1610 -81.97 1.92 67.00
CA CYS A 1610 -82.25 2.76 65.85
C CYS A 1610 -81.89 4.21 66.15
N GLN A 1611 -81.35 4.91 65.19
CA GLN A 1611 -81.07 6.33 65.35
C GLN A 1611 -82.01 7.03 64.42
N PHE A 1612 -82.78 7.96 64.94
CA PHE A 1612 -83.70 8.73 64.09
C PHE A 1612 -82.99 9.92 63.51
N VAL A 1613 -82.58 9.84 62.26
CA VAL A 1613 -81.77 10.89 61.65
C VAL A 1613 -82.54 12.05 61.06
N ASP A 1614 -83.50 11.78 60.22
CA ASP A 1614 -84.33 12.82 59.61
C ASP A 1614 -85.80 12.45 59.75
N MET A 1615 -86.68 13.43 59.64
CA MET A 1615 -88.10 13.17 59.76
C MET A 1615 -88.64 12.52 58.53
N VAL A 1616 -89.77 11.88 58.67
CA VAL A 1616 -90.39 11.20 57.54
C VAL A 1616 -91.83 11.63 57.47
N LEU A 1617 -92.36 11.74 56.27
CA LEU A 1617 -93.73 12.17 56.06
C LEU A 1617 -94.61 11.00 55.64
N PRO A 1618 -95.93 11.09 55.83
CA PRO A 1618 -96.81 9.99 55.42
C PRO A 1618 -96.78 9.78 53.91
N ASN A 1619 -97.03 8.54 53.50
CA ASN A 1619 -97.12 8.17 52.09
C ASN A 1619 -95.78 8.35 51.37
N THR A 1620 -94.70 7.95 52.03
CA THR A 1620 -93.36 8.05 51.48
C THR A 1620 -92.77 6.66 51.34
N ALA A 1621 -92.02 6.45 50.25
CA ALA A 1621 -91.37 5.17 50.00
C ALA A 1621 -89.98 5.20 50.62
N LEU A 1622 -89.67 4.17 51.41
CA LEU A 1622 -88.39 4.06 52.09
C LEU A 1622 -87.58 2.93 51.47
N LYS A 1623 -86.26 2.99 51.68
CA LYS A 1623 -85.32 2.06 51.05
C LYS A 1623 -84.32 1.62 52.11
N THR A 1624 -84.45 0.38 52.59
CA THR A 1624 -83.67 -0.13 53.70
C THR A 1624 -82.65 -1.13 53.18
N SER A 1625 -81.37 -0.88 53.47
CA SER A 1625 -80.32 -1.81 53.11
C SER A 1625 -79.81 -2.53 54.37
N ILE A 1626 -79.88 -3.86 54.41
CA ILE A 1626 -79.43 -4.64 55.56
C ILE A 1626 -78.14 -5.40 55.27
N GLN A 1627 -77.23 -5.47 56.24
CA GLN A 1627 -75.95 -6.16 56.02
C GLN A 1627 -75.34 -6.75 57.28
N HIS A 1628 -74.65 -7.86 57.14
CA HIS A 1628 -73.98 -8.50 58.27
C HIS A 1628 -72.58 -7.98 58.31
N VAL A 1629 -72.21 -7.29 59.36
CA VAL A 1629 -70.89 -6.70 59.44
C VAL A 1629 -69.94 -7.33 60.42
N GLY A 1630 -70.43 -7.87 61.52
CA GLY A 1630 -69.57 -8.44 62.53
C GLY A 1630 -70.27 -9.42 63.45
N MET A 1631 -69.62 -9.75 64.56
CA MET A 1631 -70.18 -10.65 65.55
C MET A 1631 -69.97 -10.06 66.94
N ILE A 1632 -70.84 -10.46 67.88
CA ILE A 1632 -70.66 -10.12 69.28
C ILE A 1632 -71.19 -11.26 70.15
N ASN A 1633 -70.29 -11.93 70.87
CA ASN A 1633 -70.67 -13.02 71.76
C ASN A 1633 -71.52 -14.09 71.10
N GLY A 1634 -71.18 -14.50 69.90
CA GLY A 1634 -71.92 -15.54 69.21
C GLY A 1634 -73.12 -15.06 68.44
N ARG A 1635 -73.33 -13.76 68.40
CA ARG A 1635 -74.46 -13.19 67.67
C ARG A 1635 -73.97 -12.35 66.52
N LYS A 1636 -74.75 -12.30 65.45
CA LYS A 1636 -74.40 -11.53 64.29
C LYS A 1636 -74.74 -10.05 64.42
N LEU A 1637 -73.86 -9.18 63.95
CA LEU A 1637 -74.09 -7.74 63.94
C LEU A 1637 -74.69 -7.36 62.60
N ILE A 1638 -75.90 -6.80 62.63
CA ILE A 1638 -76.58 -6.34 61.43
C ILE A 1638 -76.65 -4.82 61.47
N LYS A 1639 -76.05 -4.18 60.48
CA LYS A 1639 -76.26 -2.76 60.23
C LYS A 1639 -77.37 -2.59 59.21
N PHE A 1640 -78.12 -1.49 59.34
CA PHE A 1640 -79.07 -1.13 58.31
C PHE A 1640 -79.09 0.38 58.15
N GLU A 1641 -79.65 0.81 57.02
CA GLU A 1641 -79.73 2.23 56.70
C GLU A 1641 -80.97 2.43 55.84
N THR A 1642 -81.77 3.45 56.15
CA THR A 1642 -82.99 3.72 55.42
C THR A 1642 -82.91 5.09 54.76
N ARG A 1643 -83.17 5.14 53.47
CA ARG A 1643 -83.15 6.38 52.70
C ARG A 1643 -84.53 6.64 52.12
N ASN A 1644 -84.90 7.93 52.11
CA ASN A 1644 -86.17 8.32 51.54
C ASN A 1644 -86.00 8.46 50.04
N GLU A 1645 -87.01 8.97 49.36
CA GLU A 1645 -86.97 9.04 47.91
C GLU A 1645 -85.92 10.00 47.37
N ASP A 1646 -85.60 11.06 48.10
CA ASP A 1646 -84.53 11.96 47.70
C ASP A 1646 -83.16 11.38 48.00
N ASP A 1647 -83.09 10.12 48.45
CA ASP A 1647 -81.82 9.47 48.77
C ASP A 1647 -81.19 10.05 50.04
N VAL A 1648 -82.02 10.50 50.97
CA VAL A 1648 -81.57 11.11 52.21
C VAL A 1648 -81.76 10.09 53.33
N VAL A 1649 -80.70 9.86 54.09
CA VAL A 1649 -80.76 8.88 55.18
C VAL A 1649 -81.67 9.41 56.28
N VAL A 1650 -82.62 8.58 56.70
CA VAL A 1650 -83.59 8.97 57.73
C VAL A 1650 -83.57 8.04 58.93
N LEU A 1651 -82.94 6.87 58.84
CA LEU A 1651 -82.97 5.90 59.93
C LEU A 1651 -81.79 4.95 59.78
N THR A 1652 -81.03 4.79 60.86
CA THR A 1652 -79.91 3.86 60.91
C THR A 1652 -79.94 3.15 62.25
N GLY A 1653 -79.30 1.98 62.31
CA GLY A 1653 -79.31 1.24 63.56
C GLY A 1653 -78.60 -0.08 63.43
N GLU A 1654 -78.66 -0.85 64.50
CA GLU A 1654 -78.00 -2.14 64.62
C GLU A 1654 -78.97 -3.18 65.17
N ALA A 1655 -78.74 -4.44 64.79
CA ALA A 1655 -79.48 -5.56 65.33
C ALA A 1655 -78.50 -6.66 65.71
N GLU A 1656 -78.87 -7.43 66.74
CA GLU A 1656 -78.06 -8.53 67.26
C GLU A 1656 -78.88 -9.81 67.07
N ILE A 1657 -78.52 -10.62 66.08
CA ILE A 1657 -79.28 -11.83 65.79
C ILE A 1657 -78.54 -13.09 66.11
N GLU A 1658 -79.17 -13.97 66.85
CA GLU A 1658 -78.58 -15.24 67.19
C GLU A 1658 -78.34 -16.08 65.97
N GLN A 1659 -77.31 -16.91 66.03
CA GLN A 1659 -77.02 -17.80 64.93
C GLN A 1659 -77.93 -18.97 65.10
N PRO A 1660 -78.05 -19.83 64.09
CA PRO A 1660 -78.84 -21.05 64.24
C PRO A 1660 -78.38 -21.96 65.39
N VAL A 1661 -79.24 -22.80 65.95
CA VAL A 1661 -78.84 -23.72 67.01
C VAL A 1661 -77.63 -24.52 66.55
N THR A 1662 -76.56 -24.46 67.32
CA THR A 1662 -75.26 -24.97 66.90
C THR A 1662 -74.80 -26.07 67.85
N THR A 1663 -74.04 -27.01 67.30
CA THR A 1663 -73.38 -28.05 68.07
C THR A 1663 -71.92 -28.12 67.66
N PHE A 1664 -71.06 -28.44 68.63
CA PHE A 1664 -69.63 -28.62 68.39
C PHE A 1664 -69.26 -30.05 68.73
N VAL A 1665 -68.62 -30.73 67.79
CA VAL A 1665 -68.15 -32.10 67.99
C VAL A 1665 -66.65 -32.11 67.72
N PHE A 1666 -65.90 -32.71 68.62
CA PHE A 1666 -64.44 -32.69 68.59
C PHE A 1666 -63.91 -34.06 68.18
N THR A 1667 -63.13 -34.11 67.11
CA THR A 1667 -62.61 -35.38 66.63
C THR A 1667 -61.71 -36.06 67.63
N GLY A 1668 -61.67 -37.38 67.61
CA GLY A 1668 -60.83 -38.13 68.51
C GLY A 1668 -59.50 -38.46 67.86
N GLN A 1669 -58.92 -39.59 68.20
CA GLN A 1669 -57.61 -39.95 67.68
C GLN A 1669 -57.69 -40.63 66.35
N GLY A 1670 -56.70 -40.43 65.50
CA GLY A 1670 -56.64 -41.13 64.24
C GLY A 1670 -56.58 -40.23 63.04
N SER A 1671 -56.36 -38.95 63.23
CA SER A 1671 -56.45 -38.00 62.12
C SER A 1671 -55.25 -37.05 62.10
N GLN A 1672 -54.28 -37.27 62.97
CA GLN A 1672 -53.14 -36.38 63.06
C GLN A 1672 -52.27 -36.48 61.81
N GLU A 1673 -51.54 -35.40 61.55
CA GLU A 1673 -50.62 -35.35 60.42
C GLU A 1673 -49.57 -34.28 60.69
N GLN A 1674 -48.40 -34.46 60.09
CA GLN A 1674 -47.32 -33.49 60.26
C GLN A 1674 -47.77 -32.12 59.75
N GLY A 1675 -47.62 -31.10 60.59
CA GLY A 1675 -48.10 -29.77 60.28
C GLY A 1675 -49.50 -29.48 60.79
N MET A 1676 -50.08 -30.37 61.59
CA MET A 1676 -51.41 -30.16 62.15
C MET A 1676 -51.53 -28.80 62.81
N GLY A 1677 -52.43 -27.95 62.31
CA GLY A 1677 -52.67 -26.68 62.94
C GLY A 1677 -51.58 -25.65 62.85
N MET A 1678 -50.65 -25.79 61.93
CA MET A 1678 -49.54 -24.87 61.93
C MET A 1678 -49.85 -23.56 61.19
N ASP A 1679 -50.72 -23.60 60.19
CA ASP A 1679 -51.11 -22.37 59.52
C ASP A 1679 -51.83 -21.44 60.49
N LEU A 1680 -52.77 -21.97 61.25
CA LEU A 1680 -53.45 -21.16 62.26
C LEU A 1680 -52.46 -20.66 63.27
N TYR A 1681 -51.47 -21.48 63.60
CA TYR A 1681 -50.43 -21.03 64.52
C TYR A 1681 -49.64 -19.87 63.93
N LYS A 1682 -49.48 -19.85 62.61
CA LYS A 1682 -48.80 -18.72 61.98
C LYS A 1682 -49.65 -17.46 62.02
N THR A 1683 -50.96 -17.60 61.85
CA THR A 1683 -51.84 -16.43 61.72
C THR A 1683 -52.48 -16.00 63.03
N SER A 1684 -53.15 -16.90 63.74
CA SER A 1684 -53.97 -16.52 64.88
C SER A 1684 -53.11 -16.25 66.11
N LYS A 1685 -53.49 -15.23 66.88
CA LYS A 1685 -52.83 -14.95 68.15
C LYS A 1685 -53.32 -15.87 69.27
N ALA A 1686 -54.60 -16.23 69.26
CA ALA A 1686 -55.11 -17.14 70.28
C ALA A 1686 -54.48 -18.52 70.13
N ALA A 1687 -54.38 -18.98 68.89
CA ALA A 1687 -53.74 -20.24 68.61
C ALA A 1687 -52.29 -20.20 69.05
N GLN A 1688 -51.61 -19.11 68.74
CA GLN A 1688 -50.22 -18.94 69.15
C GLN A 1688 -50.09 -19.01 70.66
N ASP A 1689 -50.99 -18.37 71.37
CA ASP A 1689 -50.92 -18.38 72.82
C ASP A 1689 -51.14 -19.76 73.37
N VAL A 1690 -52.03 -20.52 72.76
CA VAL A 1690 -52.33 -21.87 73.23
C VAL A 1690 -51.15 -22.79 72.99
N TRP A 1691 -50.59 -22.81 71.80
CA TRP A 1691 -49.46 -23.66 71.54
C TRP A 1691 -48.22 -23.23 72.33
N ASN A 1692 -47.98 -21.94 72.49
CA ASN A 1692 -46.76 -21.50 73.18
C ASN A 1692 -46.81 -21.80 74.66
N ARG A 1693 -47.99 -21.74 75.25
CA ARG A 1693 -48.12 -22.12 76.64
C ARG A 1693 -47.93 -23.62 76.81
N ALA A 1694 -48.46 -24.42 75.89
CA ALA A 1694 -48.26 -25.85 75.96
C ALA A 1694 -46.80 -26.22 75.71
N ASP A 1695 -46.16 -25.60 74.75
CA ASP A 1695 -44.80 -25.94 74.41
C ASP A 1695 -43.84 -25.54 75.50
N ASN A 1696 -44.09 -24.43 76.16
CA ASN A 1696 -43.21 -23.99 77.21
C ASN A 1696 -43.33 -24.91 78.38
N HIS A 1697 -44.53 -25.37 78.67
CA HIS A 1697 -44.74 -26.28 79.76
C HIS A 1697 -44.09 -27.64 79.48
N PHE A 1698 -44.24 -28.15 78.28
CA PHE A 1698 -43.60 -29.42 77.96
C PHE A 1698 -42.08 -29.31 77.99
N LYS A 1699 -41.53 -28.24 77.48
CA LYS A 1699 -40.10 -28.05 77.53
C LYS A 1699 -39.59 -27.97 78.95
N ASP A 1700 -40.28 -27.25 79.83
CA ASP A 1700 -39.80 -27.08 81.21
C ASP A 1700 -40.00 -28.34 82.04
N THR A 1701 -41.01 -29.15 81.75
CA THR A 1701 -41.34 -30.29 82.59
C THR A 1701 -40.74 -31.59 82.09
N TYR A 1702 -40.86 -31.90 80.81
CA TYR A 1702 -40.39 -33.17 80.27
C TYR A 1702 -39.25 -33.03 79.27
N GLY A 1703 -38.79 -31.81 78.99
CA GLY A 1703 -37.61 -31.64 78.17
C GLY A 1703 -37.81 -31.81 76.69
N PHE A 1704 -39.04 -31.71 76.18
CA PHE A 1704 -39.29 -31.74 74.75
C PHE A 1704 -40.34 -30.69 74.41
N SER A 1705 -40.37 -30.28 73.16
CA SER A 1705 -41.38 -29.34 72.69
C SER A 1705 -42.38 -30.07 71.81
N ILE A 1706 -43.65 -29.94 72.12
CA ILE A 1706 -44.71 -30.59 71.34
C ILE A 1706 -44.79 -29.97 69.94
N LEU A 1707 -44.52 -28.69 69.83
CA LEU A 1707 -44.53 -28.06 68.55
C LEU A 1707 -43.49 -28.67 67.63
N ASP A 1708 -42.31 -29.00 68.16
CA ASP A 1708 -41.27 -29.62 67.34
C ASP A 1708 -41.74 -30.96 66.79
N ILE A 1709 -42.42 -31.75 67.62
CA ILE A 1709 -42.93 -33.04 67.16
C ILE A 1709 -44.00 -32.84 66.10
N VAL A 1710 -44.89 -31.87 66.31
CA VAL A 1710 -45.95 -31.64 65.34
C VAL A 1710 -45.38 -31.18 64.00
N ILE A 1711 -44.32 -30.39 64.03
CA ILE A 1711 -43.78 -29.81 62.81
C ILE A 1711 -42.86 -30.77 62.07
N ASN A 1712 -41.99 -31.50 62.77
CA ASN A 1712 -40.94 -32.28 62.13
C ASN A 1712 -41.17 -33.78 62.19
N ASN A 1713 -42.05 -34.26 63.07
CA ASN A 1713 -42.34 -35.68 63.19
C ASN A 1713 -41.07 -36.51 63.25
N PRO A 1714 -40.22 -36.31 64.26
CA PRO A 1714 -38.99 -37.11 64.36
C PRO A 1714 -39.28 -38.57 64.64
N VAL A 1715 -38.38 -39.44 64.18
CA VAL A 1715 -38.53 -40.86 64.42
C VAL A 1715 -38.09 -41.22 65.84
N ASN A 1716 -37.05 -40.56 66.35
CA ASN A 1716 -36.57 -40.80 67.70
C ASN A 1716 -36.34 -39.46 68.38
N LEU A 1717 -36.54 -39.44 69.70
CA LEU A 1717 -36.32 -38.24 70.50
C LEU A 1717 -35.66 -38.60 71.79
N THR A 1718 -34.48 -38.06 72.03
CA THR A 1718 -33.77 -38.28 73.28
C THR A 1718 -33.83 -37.11 74.22
N ILE A 1719 -34.12 -37.37 75.47
CA ILE A 1719 -34.16 -36.35 76.51
C ILE A 1719 -32.90 -36.53 77.34
N HIS A 1720 -32.18 -35.43 77.57
CA HIS A 1720 -30.91 -35.45 78.27
C HIS A 1720 -31.08 -34.84 79.66
N PHE A 1721 -30.52 -35.51 80.66
CA PHE A 1721 -30.72 -35.15 82.07
C PHE A 1721 -29.50 -34.46 82.68
N GLY A 1722 -28.64 -33.86 81.87
CA GLY A 1722 -27.48 -33.18 82.41
C GLY A 1722 -27.85 -31.85 83.05
N GLY A 1723 -27.16 -31.54 84.15
CA GLY A 1723 -27.40 -30.30 84.86
C GLY A 1723 -28.60 -30.38 85.79
N GLU A 1724 -28.81 -29.31 86.53
CA GLU A 1724 -29.93 -29.25 87.46
C GLU A 1724 -31.27 -29.38 86.77
N LYS A 1725 -31.45 -28.68 85.66
CA LYS A 1725 -32.70 -28.74 84.93
C LYS A 1725 -32.95 -30.14 84.48
N GLY A 1726 -31.90 -30.80 84.01
CA GLY A 1726 -32.03 -32.14 83.52
C GLY A 1726 -32.40 -33.07 84.61
N LYS A 1727 -31.83 -32.88 85.78
CA LYS A 1727 -32.15 -33.70 86.92
C LYS A 1727 -33.60 -33.52 87.31
N ARG A 1728 -34.08 -32.28 87.29
CA ARG A 1728 -35.49 -32.03 87.57
C ARG A 1728 -36.41 -32.70 86.54
N ILE A 1729 -36.03 -32.68 85.28
CA ILE A 1729 -36.86 -33.33 84.30
C ILE A 1729 -36.85 -34.85 84.54
N ARG A 1730 -35.70 -35.41 84.93
CA ARG A 1730 -35.60 -36.83 85.21
C ARG A 1730 -36.49 -37.22 86.35
N GLU A 1731 -36.64 -36.33 87.29
CA GLU A 1731 -37.50 -36.58 88.41
C GLU A 1731 -38.92 -36.62 87.94
N ASN A 1732 -39.30 -35.63 87.16
CA ASN A 1732 -40.65 -35.64 86.60
C ASN A 1732 -40.91 -36.93 85.82
N TYR A 1733 -39.91 -37.42 85.11
CA TYR A 1733 -40.08 -38.67 84.37
C TYR A 1733 -40.23 -39.86 85.31
N SER A 1734 -39.44 -39.89 86.38
CA SER A 1734 -39.47 -41.02 87.32
C SER A 1734 -40.75 -41.06 88.14
N ALA A 1735 -41.38 -39.92 88.40
CA ALA A 1735 -42.55 -39.90 89.25
C ALA A 1735 -43.79 -40.52 88.60
N MET A 1736 -43.75 -40.84 87.32
CA MET A 1736 -44.93 -41.35 86.64
C MET A 1736 -45.15 -42.83 86.96
N ILE A 1737 -46.40 -43.20 87.22
CA ILE A 1737 -46.76 -44.54 87.67
C ILE A 1737 -48.00 -45.01 86.92
N PHE A 1738 -48.25 -46.32 87.02
CA PHE A 1738 -49.42 -46.95 86.40
C PHE A 1738 -50.12 -47.81 87.45
N GLU A 1739 -50.40 -47.22 88.61
CA GLU A 1739 -51.16 -47.92 89.63
C GLU A 1739 -52.44 -48.49 89.03
N THR A 1740 -52.67 -49.77 89.25
CA THR A 1740 -53.83 -50.45 88.66
C THR A 1740 -54.01 -51.84 89.25
N THR A 1748 -48.32 -50.79 91.80
CA THR A 1748 -48.04 -49.46 91.27
C THR A 1748 -46.79 -49.47 90.41
N GLU A 1749 -46.91 -49.98 89.19
CA GLU A 1749 -45.80 -49.99 88.26
C GLU A 1749 -45.38 -48.56 87.93
N LYS A 1750 -44.08 -48.36 87.76
CA LYS A 1750 -43.56 -47.10 87.28
C LYS A 1750 -43.47 -47.13 85.75
N ILE A 1751 -43.99 -46.10 85.12
CA ILE A 1751 -43.73 -45.90 83.70
C ILE A 1751 -42.31 -45.36 83.53
N PHE A 1752 -41.67 -45.73 82.42
CA PHE A 1752 -40.25 -45.49 82.23
C PHE A 1752 -39.45 -46.21 83.32
N LYS A 1753 -39.56 -47.52 83.33
CA LYS A 1753 -38.90 -48.32 84.34
C LYS A 1753 -37.39 -48.32 84.22
N GLU A 1754 -36.88 -47.88 83.08
CA GLU A 1754 -35.42 -47.82 82.93
C GLU A 1754 -34.84 -46.56 83.53
N ILE A 1755 -35.63 -45.50 83.68
CA ILE A 1755 -35.11 -44.25 84.21
C ILE A 1755 -34.89 -44.38 85.70
N ASN A 1756 -33.68 -44.01 86.15
CA ASN A 1756 -33.31 -44.06 87.56
C ASN A 1756 -32.31 -42.94 87.81
N GLU A 1757 -31.86 -42.85 89.06
CA GLU A 1757 -30.95 -41.78 89.47
C GLU A 1757 -29.58 -41.84 88.80
N HIS A 1758 -29.35 -42.80 87.91
CA HIS A 1758 -28.08 -42.89 87.18
C HIS A 1758 -28.27 -42.73 85.70
N SER A 1759 -29.49 -42.48 85.28
CA SER A 1759 -29.79 -42.30 83.88
C SER A 1759 -29.37 -40.93 83.46
N THR A 1760 -28.70 -40.85 82.34
CA THR A 1760 -28.29 -39.56 81.82
C THR A 1760 -29.16 -39.15 80.66
N SER A 1761 -29.89 -40.08 80.11
CA SER A 1761 -30.76 -39.78 79.02
C SER A 1761 -31.82 -40.84 78.77
N TYR A 1762 -32.90 -40.50 78.10
CA TYR A 1762 -33.93 -41.48 77.73
C TYR A 1762 -34.33 -41.24 76.31
N THR A 1763 -34.70 -42.28 75.60
CA THR A 1763 -35.04 -42.13 74.20
C THR A 1763 -36.39 -42.64 73.80
N PHE A 1764 -37.29 -41.76 73.41
CA PHE A 1764 -38.55 -42.19 72.82
C PHE A 1764 -38.30 -42.70 71.41
N ARG A 1765 -38.88 -43.85 71.08
CA ARG A 1765 -38.61 -44.51 69.82
C ARG A 1765 -39.90 -44.84 69.09
N SER A 1766 -39.78 -44.91 67.76
CA SER A 1766 -40.88 -45.30 66.90
C SER A 1766 -40.28 -45.75 65.58
N GLU A 1767 -41.16 -46.01 64.61
CA GLU A 1767 -40.74 -46.44 63.27
C GLU A 1767 -41.00 -45.40 62.21
N LYS A 1768 -42.20 -44.84 62.14
CA LYS A 1768 -42.55 -43.82 61.16
C LYS A 1768 -42.50 -42.40 61.72
N GLY A 1769 -42.81 -42.22 62.99
CA GLY A 1769 -42.77 -40.90 63.59
C GLY A 1769 -43.40 -40.88 64.97
N LEU A 1770 -42.88 -40.03 65.85
CA LEU A 1770 -43.39 -39.97 67.21
C LEU A 1770 -44.76 -39.32 67.30
N LEU A 1771 -45.15 -38.53 66.30
CA LEU A 1771 -46.47 -37.92 66.29
C LEU A 1771 -47.57 -38.99 66.25
N SER A 1772 -47.23 -40.16 65.71
CA SER A 1772 -48.17 -41.28 65.65
C SER A 1772 -48.03 -42.18 66.87
N ALA A 1773 -47.40 -41.67 67.94
CA ALA A 1773 -47.27 -42.37 69.20
C ALA A 1773 -48.27 -41.78 70.19
N THR A 1774 -49.05 -42.63 70.82
CA THR A 1774 -50.10 -42.19 71.72
C THR A 1774 -49.79 -41.03 72.60
N GLN A 1775 -48.68 -41.08 73.32
CA GLN A 1775 -48.39 -40.03 74.30
C GLN A 1775 -48.16 -38.69 73.64
N PHE A 1776 -47.66 -38.71 72.40
CA PHE A 1776 -47.45 -37.46 71.67
C PHE A 1776 -48.64 -37.17 70.75
N THR A 1777 -49.34 -38.22 70.33
CA THR A 1777 -50.47 -38.04 69.43
C THR A 1777 -51.61 -37.31 70.13
N GLN A 1778 -51.97 -37.74 71.34
CA GLN A 1778 -53.12 -37.14 72.01
C GLN A 1778 -52.91 -35.66 72.33
N PRO A 1779 -51.80 -35.25 72.93
CA PRO A 1779 -51.62 -33.82 73.22
C PRO A 1779 -51.63 -32.95 71.98
N ALA A 1780 -51.07 -33.42 70.86
CA ALA A 1780 -51.05 -32.61 69.65
C ALA A 1780 -52.46 -32.38 69.13
N LEU A 1781 -53.29 -33.42 69.10
CA LEU A 1781 -54.67 -33.25 68.67
C LEU A 1781 -55.44 -32.33 69.61
N THR A 1782 -55.25 -32.52 70.91
CA THR A 1782 -55.94 -31.67 71.88
C THR A 1782 -55.55 -30.21 71.70
N LEU A 1783 -54.25 -29.96 71.51
CA LEU A 1783 -53.79 -28.59 71.31
C LEU A 1783 -54.33 -27.99 70.02
N MET A 1784 -54.31 -28.77 68.93
CA MET A 1784 -54.82 -28.22 67.67
C MET A 1784 -56.30 -27.87 67.78
N GLU A 1785 -57.11 -28.75 68.37
CA GLU A 1785 -58.53 -28.49 68.53
C GLU A 1785 -58.79 -27.30 69.45
N LYS A 1786 -58.07 -27.23 70.57
CA LYS A 1786 -58.25 -26.10 71.47
C LYS A 1786 -57.84 -24.79 70.82
N ALA A 1787 -56.77 -24.81 70.03
CA ALA A 1787 -56.31 -23.62 69.37
C ALA A 1787 -57.30 -23.16 68.32
N ALA A 1788 -57.88 -24.08 67.57
CA ALA A 1788 -58.92 -23.74 66.62
C ALA A 1788 -60.11 -23.12 67.33
N PHE A 1789 -60.55 -23.73 68.43
CA PHE A 1789 -61.72 -23.21 69.11
C PHE A 1789 -61.45 -21.86 69.75
N GLU A 1790 -60.23 -21.63 70.25
CA GLU A 1790 -59.89 -20.32 70.81
C GLU A 1790 -59.81 -19.25 69.73
N ASP A 1791 -59.34 -19.61 68.53
CA ASP A 1791 -59.42 -18.67 67.42
C ASP A 1791 -60.87 -18.33 67.10
N LEU A 1792 -61.75 -19.33 67.10
CA LEU A 1792 -63.17 -19.05 66.89
C LEU A 1792 -63.72 -18.13 67.97
N LYS A 1793 -63.32 -18.35 69.24
CA LYS A 1793 -63.79 -17.50 70.32
C LYS A 1793 -63.30 -16.07 70.17
N SER A 1794 -62.04 -15.86 69.79
CA SER A 1794 -61.53 -14.51 69.62
C SER A 1794 -62.25 -13.75 68.52
N LYS A 1795 -62.98 -14.46 67.65
CA LYS A 1795 -63.72 -13.84 66.56
C LYS A 1795 -65.20 -13.64 66.90
N GLY A 1796 -65.59 -13.81 68.15
CA GLY A 1796 -66.97 -13.62 68.54
C GLY A 1796 -67.91 -14.59 67.84
N LEU A 1797 -67.51 -15.85 67.73
CA LEU A 1797 -68.13 -16.79 66.80
C LEU A 1797 -68.83 -17.94 67.50
N ILE A 1798 -68.76 -18.04 68.81
CA ILE A 1798 -69.26 -19.18 69.57
C ILE A 1798 -70.58 -18.80 70.21
N PRO A 1799 -71.66 -19.52 69.87
CA PRO A 1799 -72.97 -19.23 70.45
C PRO A 1799 -72.98 -19.61 71.91
N ALA A 1800 -73.56 -18.79 72.77
CA ALA A 1800 -73.54 -19.03 74.22
C ALA A 1800 -74.31 -20.27 74.68
N ASP A 1801 -75.28 -20.71 73.90
CA ASP A 1801 -76.07 -21.87 74.24
C ASP A 1801 -75.65 -23.13 73.50
N ALA A 1802 -74.57 -23.07 72.72
CA ALA A 1802 -74.14 -24.21 71.91
C ALA A 1802 -73.89 -25.43 72.77
N THR A 1803 -74.38 -26.58 72.29
CA THR A 1803 -74.09 -27.86 72.93
C THR A 1803 -72.87 -28.49 72.28
N PHE A 1804 -72.14 -29.29 73.04
CA PHE A 1804 -70.89 -29.85 72.57
C PHE A 1804 -70.72 -31.30 73.04
N ALA A 1805 -69.94 -32.05 72.26
CA ALA A 1805 -69.60 -33.43 72.59
C ALA A 1805 -68.25 -33.74 71.98
N GLY A 1806 -67.60 -34.80 72.47
CA GLY A 1806 -66.32 -35.20 71.95
C GLY A 1806 -66.19 -36.68 71.80
N HIS A 1807 -65.63 -37.13 70.69
CA HIS A 1807 -65.47 -38.56 70.42
C HIS A 1807 -64.10 -39.04 70.89
N SER A 1808 -64.09 -39.77 72.01
CA SER A 1808 -62.86 -40.31 72.66
C SER A 1808 -61.96 -39.25 73.32
N LEU A 1809 -60.82 -38.94 72.71
CA LEU A 1809 -59.97 -37.91 73.26
C LEU A 1809 -60.62 -36.56 73.06
N GLY A 1810 -61.69 -36.52 72.27
CA GLY A 1810 -62.38 -35.28 72.00
C GLY A 1810 -63.05 -34.68 73.21
N GLU A 1811 -63.56 -35.51 74.09
CA GLU A 1811 -64.17 -35.02 75.32
C GLU A 1811 -63.29 -34.04 76.09
N TYR A 1812 -61.98 -34.22 76.05
CA TYR A 1812 -61.10 -33.38 76.85
C TYR A 1812 -60.90 -32.05 76.20
N ALA A 1813 -60.67 -32.06 74.90
CA ALA A 1813 -60.56 -30.82 74.18
C ALA A 1813 -61.84 -30.04 74.30
N ALA A 1814 -62.98 -30.71 74.20
CA ALA A 1814 -64.27 -30.05 74.24
C ALA A 1814 -64.56 -29.47 75.60
N LEU A 1815 -64.27 -30.23 76.65
CA LEU A 1815 -64.48 -29.75 77.99
C LEU A 1815 -63.55 -28.58 78.30
N ALA A 1816 -62.35 -28.57 77.74
CA ALA A 1816 -61.45 -27.43 77.92
C ALA A 1816 -61.85 -26.25 77.04
N SER A 1817 -62.36 -26.52 75.83
CA SER A 1817 -62.65 -25.43 74.90
C SER A 1817 -63.92 -24.68 75.29
N LEU A 1818 -64.96 -25.40 75.70
CA LEU A 1818 -66.27 -24.79 75.93
C LEU A 1818 -66.61 -24.57 77.40
N ALA A 1819 -65.88 -25.21 78.31
CA ALA A 1819 -66.14 -25.03 79.74
C ALA A 1819 -64.93 -24.54 80.52
N ASP A 1820 -63.74 -24.52 79.92
CA ASP A 1820 -62.53 -24.03 80.58
C ASP A 1820 -62.39 -24.65 81.97
N VAL A 1821 -62.54 -25.97 82.02
CA VAL A 1821 -62.48 -26.68 83.29
C VAL A 1821 -61.05 -26.82 83.79
N MET A 1822 -60.06 -26.71 82.91
CA MET A 1822 -58.66 -26.81 83.28
C MET A 1822 -57.83 -25.99 82.31
N SER A 1823 -56.73 -25.44 82.81
CA SER A 1823 -55.88 -24.58 82.00
C SER A 1823 -55.14 -25.41 80.95
N ILE A 1824 -54.43 -24.74 80.05
CA ILE A 1824 -53.72 -25.44 78.99
C ILE A 1824 -52.63 -26.33 79.57
N GLU A 1825 -51.90 -25.85 80.58
CA GLU A 1825 -50.84 -26.65 81.13
C GLU A 1825 -51.40 -27.90 81.80
N SER A 1826 -52.52 -27.79 82.50
CA SER A 1826 -53.16 -28.95 83.09
C SER A 1826 -53.68 -29.89 82.01
N LEU A 1827 -54.24 -29.34 80.94
CA LEU A 1827 -54.84 -30.17 79.90
C LEU A 1827 -53.80 -31.08 79.25
N VAL A 1828 -52.63 -30.54 78.93
CA VAL A 1828 -51.63 -31.33 78.21
C VAL A 1828 -51.01 -32.38 79.12
N GLU A 1829 -50.90 -32.09 80.42
CA GLU A 1829 -50.41 -33.09 81.36
C GLU A 1829 -51.34 -34.29 81.41
N VAL A 1830 -52.64 -34.05 81.57
CA VAL A 1830 -53.58 -35.16 81.62
C VAL A 1830 -53.56 -35.93 80.31
N VAL A 1831 -53.49 -35.23 79.19
CA VAL A 1831 -53.47 -35.90 77.90
C VAL A 1831 -52.17 -36.66 77.72
N PHE A 1832 -51.06 -36.10 78.21
CA PHE A 1832 -49.79 -36.81 78.13
C PHE A 1832 -49.80 -38.06 79.00
N TYR A 1833 -50.30 -37.93 80.22
CA TYR A 1833 -50.37 -39.09 81.11
C TYR A 1833 -51.36 -40.13 80.59
N ARG A 1834 -52.50 -39.68 80.05
CA ARG A 1834 -53.47 -40.63 79.52
C ARG A 1834 -52.82 -41.51 78.45
N GLY A 1835 -52.10 -40.91 77.51
CA GLY A 1835 -51.47 -41.69 76.46
C GLY A 1835 -50.33 -42.53 76.97
N MET A 1836 -49.65 -42.07 78.02
CA MET A 1836 -48.53 -42.84 78.56
C MET A 1836 -49.01 -44.11 79.24
N THR A 1837 -50.11 -44.00 80.01
CA THR A 1837 -50.66 -45.20 80.64
C THR A 1837 -51.14 -46.21 79.61
N MET A 1838 -51.79 -45.73 78.55
CA MET A 1838 -52.21 -46.64 77.49
C MET A 1838 -51.03 -47.44 76.96
N GLN A 1839 -49.88 -46.77 76.76
CA GLN A 1839 -48.72 -47.44 76.18
C GLN A 1839 -48.28 -48.62 77.03
N VAL A 1840 -48.38 -48.49 78.35
CA VAL A 1840 -47.89 -49.52 79.27
C VAL A 1840 -49.06 -50.26 79.90
N ALA A 1841 -50.19 -50.30 79.20
CA ALA A 1841 -51.38 -50.98 79.68
C ALA A 1841 -51.58 -52.35 79.07
N VAL A 1842 -50.80 -52.73 78.06
CA VAL A 1842 -50.91 -54.06 77.45
C VAL A 1842 -49.53 -54.71 77.53
N PRO A 1843 -49.45 -56.05 77.56
CA PRO A 1843 -48.14 -56.70 77.57
C PRO A 1843 -47.51 -56.67 76.19
N ARG A 1844 -46.28 -56.17 76.12
CA ARG A 1844 -45.53 -56.09 74.88
C ARG A 1844 -44.28 -56.94 74.99
N ASP A 1845 -44.00 -57.70 73.94
CA ASP A 1845 -42.75 -58.44 73.85
C ASP A 1845 -41.59 -57.46 73.65
N GLU A 1846 -40.38 -58.02 73.52
CA GLU A 1846 -39.21 -57.18 73.30
C GLU A 1846 -39.28 -56.36 72.03
N LEU A 1847 -40.14 -56.75 71.08
CA LEU A 1847 -40.29 -56.03 69.82
C LEU A 1847 -41.40 -55.00 69.85
N GLY A 1848 -42.02 -54.77 71.02
CA GLY A 1848 -43.10 -53.81 71.10
C GLY A 1848 -44.29 -54.15 70.22
N ARG A 1849 -44.59 -55.43 70.12
CA ARG A 1849 -45.72 -55.88 69.35
C ARG A 1849 -46.57 -56.68 70.29
N SER A 1850 -47.70 -56.12 70.66
CA SER A 1850 -48.59 -56.79 71.58
C SER A 1850 -49.55 -57.66 70.80
N ASN A 1851 -50.41 -58.36 71.50
CA ASN A 1851 -51.36 -59.28 70.88
C ASN A 1851 -52.79 -58.74 70.94
N TYR A 1852 -52.94 -57.42 71.07
CA TYR A 1852 -54.25 -56.78 71.08
C TYR A 1852 -54.35 -55.82 69.91
N GLY A 1853 -55.58 -55.59 69.47
CA GLY A 1853 -55.83 -54.74 68.33
C GLY A 1853 -57.24 -54.23 68.29
N MET A 1854 -57.61 -53.64 67.15
CA MET A 1854 -58.95 -53.12 66.94
C MET A 1854 -59.34 -53.35 65.49
N ILE A 1855 -60.64 -53.48 65.25
CA ILE A 1855 -61.18 -53.79 63.93
C ILE A 1855 -62.41 -52.93 63.69
N ALA A 1856 -62.51 -52.36 62.50
CA ALA A 1856 -63.67 -51.56 62.11
C ALA A 1856 -64.63 -52.44 61.32
N ILE A 1857 -65.87 -52.54 61.79
CA ILE A 1857 -66.86 -53.45 61.21
C ILE A 1857 -68.00 -52.66 60.60
N ASN A 1858 -68.55 -53.19 59.52
CA ASN A 1858 -69.68 -52.57 58.81
C ASN A 1858 -70.75 -53.63 58.62
N PRO A 1859 -71.67 -53.78 59.58
CA PRO A 1859 -72.65 -54.88 59.49
C PRO A 1859 -73.43 -54.89 58.19
N GLY A 1860 -73.78 -53.72 57.66
CA GLY A 1860 -74.51 -53.67 56.40
C GLY A 1860 -73.75 -54.21 55.21
N ARG A 1861 -72.45 -54.42 55.35
CA ARG A 1861 -71.63 -54.94 54.25
C ARG A 1861 -71.51 -56.47 54.29
N VAL A 1862 -71.56 -57.07 55.48
CA VAL A 1862 -71.56 -58.53 55.59
C VAL A 1862 -72.91 -59.12 55.24
N ALA A 1863 -74.01 -58.44 55.56
CA ALA A 1863 -75.35 -58.92 55.24
C ALA A 1863 -76.37 -57.78 55.38
N ALA A 1864 -77.15 -57.55 54.33
CA ALA A 1864 -78.08 -56.43 54.32
C ALA A 1864 -79.11 -56.51 55.44
N SER A 1865 -79.35 -57.70 55.99
CA SER A 1865 -80.31 -57.89 57.07
C SER A 1865 -79.62 -58.19 58.39
N PHE A 1866 -78.36 -57.80 58.54
CA PHE A 1866 -77.58 -58.10 59.74
C PHE A 1866 -77.57 -56.86 60.62
N SER A 1867 -78.44 -56.83 61.62
CA SER A 1867 -78.58 -55.65 62.47
C SER A 1867 -77.48 -55.62 63.53
N GLN A 1868 -77.35 -54.46 64.18
CA GLN A 1868 -76.35 -54.32 65.23
C GLN A 1868 -76.60 -55.28 66.39
N GLU A 1869 -77.85 -55.68 66.61
CA GLU A 1869 -78.11 -56.75 67.57
C GLU A 1869 -77.64 -58.09 67.02
N ALA A 1870 -77.56 -58.23 65.69
CA ALA A 1870 -76.99 -59.42 65.11
C ALA A 1870 -75.47 -59.41 65.24
N LEU A 1871 -74.85 -58.24 65.04
CA LEU A 1871 -73.42 -58.12 65.29
C LEU A 1871 -73.11 -58.29 66.77
N GLN A 1872 -73.90 -57.67 67.64
CA GLN A 1872 -73.69 -57.83 69.07
C GLN A 1872 -73.82 -59.29 69.47
N TYR A 1873 -74.69 -60.04 68.79
CA TYR A 1873 -74.81 -61.47 69.05
C TYR A 1873 -73.51 -62.20 68.72
N VAL A 1874 -73.00 -61.98 67.51
CA VAL A 1874 -71.81 -62.71 67.06
C VAL A 1874 -70.63 -62.41 67.95
N VAL A 1875 -70.40 -61.12 68.24
CA VAL A 1875 -69.24 -60.73 69.04
C VAL A 1875 -69.34 -61.33 70.44
N GLU A 1876 -70.52 -61.23 71.04
CA GLU A 1876 -70.70 -61.79 72.38
C GLU A 1876 -70.53 -63.31 72.37
N ARG A 1877 -71.06 -63.99 71.35
CA ARG A 1877 -70.89 -65.43 71.26
C ARG A 1877 -69.47 -65.80 70.88
N VAL A 1878 -68.84 -65.05 69.97
CA VAL A 1878 -67.45 -65.29 69.61
C VAL A 1878 -66.51 -64.98 70.76
N GLY A 1879 -66.95 -64.17 71.72
CA GLY A 1879 -66.16 -63.91 72.91
C GLY A 1879 -66.61 -64.74 74.10
N LYS A 1880 -67.57 -65.63 73.87
CA LYS A 1880 -68.10 -66.51 74.92
C LYS A 1880 -67.67 -67.96 74.75
N ARG A 1881 -67.92 -68.55 73.58
CA ARG A 1881 -67.53 -69.92 73.32
C ARG A 1881 -66.02 -70.08 73.16
N THR A 1882 -65.28 -68.99 73.04
CA THR A 1882 -63.84 -69.03 72.89
C THR A 1882 -63.09 -68.49 74.10
N GLY A 1883 -63.74 -67.67 74.93
CA GLY A 1883 -63.16 -67.20 76.16
C GLY A 1883 -62.22 -66.02 76.04
N TRP A 1884 -61.94 -65.55 74.84
CA TRP A 1884 -61.04 -64.43 74.66
C TRP A 1884 -61.78 -63.11 74.81
N LEU A 1885 -61.02 -62.05 75.04
CA LEU A 1885 -61.56 -60.72 75.28
C LEU A 1885 -61.86 -60.04 73.94
N VAL A 1886 -63.11 -59.64 73.75
CA VAL A 1886 -63.52 -58.91 72.56
C VAL A 1886 -64.86 -58.25 72.84
N GLU A 1887 -65.03 -57.04 72.32
CA GLU A 1887 -66.27 -56.30 72.52
C GLU A 1887 -66.30 -55.13 71.56
N ILE A 1888 -67.50 -54.58 71.35
CA ILE A 1888 -67.66 -53.38 70.55
C ILE A 1888 -67.30 -52.18 71.41
N VAL A 1889 -66.35 -51.38 70.93
CA VAL A 1889 -65.85 -50.23 71.68
C VAL A 1889 -66.50 -48.93 71.22
N ASN A 1890 -66.75 -48.80 69.92
CA ASN A 1890 -67.38 -47.61 69.37
C ASN A 1890 -68.62 -47.99 68.59
N TYR A 1891 -69.70 -47.24 68.81
CA TYR A 1891 -70.89 -47.29 67.96
C TYR A 1891 -70.94 -45.97 67.20
N ASN A 1892 -70.44 -45.96 65.97
CA ASN A 1892 -70.24 -44.71 65.25
C ASN A 1892 -71.44 -44.35 64.38
N VAL A 1893 -71.77 -45.20 63.41
CA VAL A 1893 -72.92 -44.99 62.52
C VAL A 1893 -73.79 -46.23 62.60
N GLU A 1894 -75.09 -46.01 62.76
CA GLU A 1894 -76.03 -47.11 62.94
C GLU A 1894 -75.97 -48.04 61.72
N ASN A 1895 -75.54 -49.28 61.96
CA ASN A 1895 -75.51 -50.33 60.94
C ASN A 1895 -74.53 -50.04 59.81
N GLN A 1896 -73.60 -49.10 60.00
CA GLN A 1896 -72.62 -48.83 58.96
C GLN A 1896 -71.19 -48.74 59.48
N GLN A 1897 -71.00 -48.37 60.73
CA GLN A 1897 -69.64 -48.25 61.28
C GLN A 1897 -69.64 -48.67 62.75
N TYR A 1898 -68.82 -49.67 63.05
CA TYR A 1898 -68.60 -50.14 64.42
C TYR A 1898 -67.12 -50.45 64.59
N VAL A 1899 -66.66 -50.44 65.83
CA VAL A 1899 -65.29 -50.76 66.17
C VAL A 1899 -65.29 -51.77 67.32
N ALA A 1900 -64.55 -52.86 67.13
CA ALA A 1900 -64.38 -53.87 68.17
C ALA A 1900 -62.91 -53.90 68.59
N ALA A 1901 -62.69 -54.13 69.88
CA ALA A 1901 -61.35 -54.20 70.45
C ALA A 1901 -61.18 -55.50 71.21
N GLY A 1902 -59.94 -55.98 71.24
CA GLY A 1902 -59.63 -57.23 71.91
C GLY A 1902 -58.30 -57.75 71.41
N ASP A 1903 -57.97 -58.95 71.87
CA ASP A 1903 -56.74 -59.59 71.40
C ASP A 1903 -56.75 -59.71 69.89
N LEU A 1904 -55.61 -59.40 69.27
CA LEU A 1904 -55.52 -59.42 67.82
C LEU A 1904 -55.93 -60.77 67.27
N ARG A 1905 -55.72 -61.84 68.05
CA ARG A 1905 -56.14 -63.17 67.63
C ARG A 1905 -57.66 -63.27 67.52
N ALA A 1906 -58.39 -62.76 68.52
CA ALA A 1906 -59.84 -62.92 68.53
C ALA A 1906 -60.54 -62.05 67.51
N LEU A 1907 -59.83 -61.08 66.91
CA LEU A 1907 -60.43 -60.32 65.83
C LEU A 1907 -60.40 -61.10 64.52
N ASP A 1908 -59.39 -61.94 64.31
CA ASP A 1908 -59.32 -62.75 63.10
C ASP A 1908 -60.48 -63.74 63.04
N THR A 1909 -60.81 -64.38 64.16
CA THR A 1909 -61.95 -65.29 64.18
C THR A 1909 -63.25 -64.56 63.89
N VAL A 1910 -63.42 -63.38 64.49
CA VAL A 1910 -64.61 -62.57 64.19
C VAL A 1910 -64.63 -62.19 62.71
N THR A 1911 -63.50 -61.68 62.21
CA THR A 1911 -63.42 -61.34 60.80
C THR A 1911 -63.73 -62.55 59.93
N ASN A 1912 -63.24 -63.73 60.32
CA ASN A 1912 -63.54 -64.94 59.56
C ASN A 1912 -64.99 -65.35 59.72
N VAL A 1913 -65.49 -65.31 60.96
CA VAL A 1913 -66.89 -65.69 61.20
C VAL A 1913 -67.81 -64.85 60.33
N LEU A 1914 -67.60 -63.54 60.32
CA LEU A 1914 -68.39 -62.67 59.45
C LEU A 1914 -68.15 -63.01 57.98
N ASN A 1915 -66.91 -63.36 57.64
CA ASN A 1915 -66.62 -63.77 56.26
C ASN A 1915 -67.45 -65.00 55.89
N PHE A 1916 -67.58 -65.96 56.80
CA PHE A 1916 -68.46 -67.09 56.56
C PHE A 1916 -69.90 -66.64 56.44
N ILE A 1917 -70.33 -65.69 57.28
CA ILE A 1917 -71.68 -65.16 57.19
C ILE A 1917 -71.90 -64.48 55.84
N LYS A 1918 -70.93 -63.68 55.38
CA LYS A 1918 -71.07 -62.98 54.11
C LYS A 1918 -70.96 -63.96 52.95
N LEU A 1919 -69.94 -64.83 52.98
CA LEU A 1919 -69.74 -65.76 51.86
C LEU A 1919 -70.95 -66.64 51.67
N GLN A 1920 -71.54 -67.12 52.76
CA GLN A 1920 -72.79 -67.85 52.73
C GLN A 1920 -73.96 -66.89 52.93
N LYS A 1921 -75.17 -67.43 52.94
CA LYS A 1921 -76.38 -66.64 53.12
C LYS A 1921 -76.88 -66.58 54.55
N ILE A 1922 -76.16 -67.16 55.51
CA ILE A 1922 -76.61 -67.16 56.89
C ILE A 1922 -76.82 -65.72 57.33
N GLU A 1934 -82.49 -71.99 70.92
CA GLU A 1934 -81.18 -72.50 71.33
C GLU A 1934 -80.39 -73.01 70.13
N GLU A 1935 -81.10 -73.34 69.05
CA GLU A 1935 -80.44 -73.85 67.86
C GLU A 1935 -79.50 -72.81 67.26
N VAL A 1936 -79.94 -71.54 67.21
CA VAL A 1936 -79.11 -70.49 66.64
C VAL A 1936 -77.82 -70.35 67.44
N GLU A 1937 -77.92 -70.36 68.77
CA GLU A 1937 -76.72 -70.27 69.60
C GLU A 1937 -75.81 -71.47 69.36
N GLY A 1938 -76.39 -72.67 69.26
CA GLY A 1938 -75.58 -73.84 69.01
C GLY A 1938 -74.95 -73.82 67.63
N HIS A 1939 -75.69 -73.36 66.63
CA HIS A 1939 -75.14 -73.30 65.28
C HIS A 1939 -73.94 -72.36 65.21
N LEU A 1940 -74.05 -71.19 65.84
CA LEU A 1940 -72.93 -70.26 65.83
C LEU A 1940 -71.72 -70.85 66.56
N PHE A 1941 -71.96 -71.59 67.64
CA PHE A 1941 -70.86 -72.26 68.32
C PHE A 1941 -70.07 -73.14 67.36
N GLU A 1942 -70.74 -73.72 66.36
CA GLU A 1942 -70.04 -74.48 65.34
C GLU A 1942 -69.11 -73.58 64.54
N ILE A 1943 -69.56 -72.37 64.20
CA ILE A 1943 -68.74 -71.46 63.41
C ILE A 1943 -67.57 -70.94 64.22
N ILE A 1944 -67.83 -70.54 65.48
CA ILE A 1944 -66.78 -69.94 66.29
C ILE A 1944 -65.63 -70.93 66.49
N ASP A 1945 -65.96 -72.20 66.77
CA ASP A 1945 -64.92 -73.20 66.97
C ASP A 1945 -64.10 -73.41 65.70
N GLU A 1946 -64.76 -73.42 64.53
CA GLU A 1946 -64.05 -73.67 63.28
C GLU A 1946 -62.96 -72.62 63.06
N ALA A 1947 -63.33 -71.34 63.15
CA ALA A 1947 -62.36 -70.27 62.94
C ALA A 1947 -61.44 -70.08 64.13
N SER A 1948 -61.89 -70.46 65.34
CA SER A 1948 -61.10 -70.22 66.54
C SER A 1948 -59.70 -70.80 66.41
N LYS A 1949 -59.61 -72.09 66.06
CA LYS A 1949 -58.30 -72.73 65.95
C LYS A 1949 -57.56 -72.34 64.69
N LYS A 1950 -58.27 -71.93 63.63
CA LYS A 1950 -57.60 -71.63 62.37
C LYS A 1950 -56.73 -70.39 62.44
N SER A 1951 -56.83 -69.60 63.52
CA SER A 1951 -55.97 -68.45 63.73
C SER A 1951 -55.14 -68.56 65.00
N ALA A 1952 -55.54 -69.39 65.97
CA ALA A 1952 -54.77 -69.56 67.19
C ALA A 1952 -53.39 -70.14 66.90
N VAL A 1953 -53.26 -70.91 65.83
CA VAL A 1953 -51.98 -71.57 65.53
C VAL A 1953 -50.89 -70.53 65.30
N LYS A 1954 -51.22 -69.39 64.72
CA LYS A 1954 -50.22 -68.41 64.35
C LYS A 1954 -49.53 -67.86 65.59
N PRO A 1955 -48.31 -67.33 65.44
CA PRO A 1955 -47.59 -66.77 66.58
C PRO A 1955 -48.44 -65.73 67.32
N ARG A 1956 -48.05 -65.42 68.55
CA ARG A 1956 -48.83 -64.49 69.35
C ARG A 1956 -48.91 -63.10 68.78
N PRO A 1957 -47.82 -62.63 68.19
CA PRO A 1957 -47.99 -61.30 67.60
C PRO A 1957 -48.59 -61.52 66.21
N LEU A 1958 -49.76 -62.15 66.13
CA LEU A 1958 -50.35 -62.49 64.82
C LEU A 1958 -50.78 -61.32 63.97
N LYS A 1959 -51.31 -61.61 62.79
CA LYS A 1959 -51.71 -60.57 61.86
C LYS A 1959 -53.20 -60.61 61.56
N LEU A 1960 -53.89 -59.49 61.76
CA LEU A 1960 -55.31 -59.43 61.42
C LEU A 1960 -55.44 -58.96 59.98
N GLU A 1961 -56.25 -59.67 59.20
CA GLU A 1961 -56.42 -59.30 57.80
C GLU A 1961 -57.69 -58.53 57.58
N ARG A 1962 -58.73 -59.16 57.04
CA ARG A 1962 -59.94 -58.44 56.73
C ARG A 1962 -61.07 -59.33 56.29
N GLY A 1963 -62.28 -58.79 56.26
CA GLY A 1963 -63.40 -59.53 55.74
C GLY A 1963 -63.81 -58.69 54.56
N PHE A 1964 -65.03 -58.84 54.08
CA PHE A 1964 -65.49 -57.97 53.03
C PHE A 1964 -65.96 -56.72 53.75
N ALA A 1965 -66.06 -56.80 55.07
CA ALA A 1965 -66.59 -55.69 55.83
C ALA A 1965 -65.86 -55.43 57.13
N CYS A 1966 -64.63 -55.94 57.28
CA CYS A 1966 -63.90 -55.78 58.54
C CYS A 1966 -62.51 -55.34 58.18
N ILE A 1967 -62.08 -54.19 58.71
CA ILE A 1967 -60.79 -53.63 58.31
C ILE A 1967 -60.05 -53.16 59.54
N PRO A 1968 -58.94 -53.83 59.86
CA PRO A 1968 -58.27 -53.47 61.13
C PRO A 1968 -57.70 -52.10 61.06
N LEU A 1969 -57.34 -51.57 62.22
CA LEU A 1969 -56.80 -50.23 62.28
C LEU A 1969 -55.28 -50.32 62.27
N VAL A 1970 -54.59 -49.24 61.93
CA VAL A 1970 -53.14 -49.26 61.86
C VAL A 1970 -52.57 -48.54 63.08
N GLY A 1971 -51.61 -49.16 63.76
CA GLY A 1971 -50.93 -48.53 64.86
C GLY A 1971 -51.63 -48.62 66.20
N ILE A 1972 -52.78 -49.28 66.28
CA ILE A 1972 -53.52 -49.44 67.52
C ILE A 1972 -53.16 -50.78 68.13
N SER A 1973 -52.77 -50.77 69.41
CA SER A 1973 -52.40 -52.00 70.10
C SER A 1973 -53.11 -52.17 71.44
N VAL A 1974 -53.67 -51.09 71.97
CA VAL A 1974 -54.34 -51.14 73.27
C VAL A 1974 -55.84 -51.23 73.04
N PRO A 1975 -56.57 -52.08 73.78
CA PRO A 1975 -58.04 -52.10 73.62
C PRO A 1975 -58.74 -51.08 74.52
N PHE A 1976 -58.56 -49.81 74.20
CA PHE A 1976 -59.20 -48.78 75.00
C PHE A 1976 -60.69 -48.72 74.69
N HIS A 1977 -61.47 -48.22 75.65
CA HIS A 1977 -62.93 -48.22 75.54
C HIS A 1977 -63.39 -49.66 75.63
N SER A 1978 -62.75 -50.43 76.49
CA SER A 1978 -63.10 -51.82 76.70
C SER A 1978 -62.98 -52.15 78.18
N THR A 1979 -63.58 -53.28 78.57
CA THR A 1979 -63.52 -53.70 79.97
C THR A 1979 -62.11 -54.11 80.38
N TYR A 1980 -61.19 -54.26 79.44
CA TYR A 1980 -59.82 -54.63 79.79
C TYR A 1980 -59.19 -53.61 80.72
N LEU A 1981 -59.38 -52.32 80.43
CA LEU A 1981 -58.82 -51.26 81.28
C LEU A 1981 -59.80 -50.82 82.36
N MET A 1982 -60.33 -51.78 83.12
CA MET A 1982 -61.18 -51.46 84.25
C MET A 1982 -60.44 -51.46 85.57
N ASN A 1983 -59.29 -52.14 85.65
CA ASN A 1983 -58.53 -52.17 86.89
C ASN A 1983 -57.80 -50.85 87.12
N GLY A 1984 -57.21 -50.28 86.08
CA GLY A 1984 -56.47 -49.05 86.20
C GLY A 1984 -57.32 -47.83 85.90
N VAL A 1985 -58.39 -47.67 86.67
CA VAL A 1985 -59.36 -46.59 86.46
C VAL A 1985 -59.38 -45.68 87.68
N LYS A 1986 -59.71 -46.24 88.84
CA LYS A 1986 -59.72 -45.46 90.07
C LYS A 1986 -58.42 -44.71 90.30
N PRO A 1987 -57.24 -45.33 90.12
CA PRO A 1987 -56.01 -44.52 90.18
C PRO A 1987 -55.98 -43.39 89.18
N PHE A 1988 -56.52 -43.61 87.98
CA PHE A 1988 -56.58 -42.54 86.99
C PHE A 1988 -57.58 -41.47 87.44
N LYS A 1989 -58.64 -41.88 88.14
CA LYS A 1989 -59.58 -40.91 88.68
C LYS A 1989 -58.90 -40.02 89.71
N SER A 1990 -58.04 -40.59 90.56
CA SER A 1990 -57.30 -39.78 91.52
C SER A 1990 -56.36 -38.81 90.81
N PHE A 1991 -55.75 -39.25 89.71
CA PHE A 1991 -54.84 -38.36 88.98
C PHE A 1991 -55.58 -37.16 88.42
N LEU A 1992 -56.78 -37.38 87.87
CA LEU A 1992 -57.57 -36.26 87.36
C LEU A 1992 -57.92 -35.29 88.47
N LYS A 1993 -58.33 -35.82 89.64
CA LYS A 1993 -58.72 -34.94 90.74
C LYS A 1993 -57.61 -34.00 91.15
N LYS A 1994 -56.35 -34.34 90.86
CA LYS A 1994 -55.24 -33.45 91.18
C LYS A 1994 -55.09 -32.36 90.12
N ASN A 1995 -55.62 -32.58 88.92
CA ASN A 1995 -55.39 -31.67 87.80
C ASN A 1995 -56.61 -30.86 87.41
N ILE A 1996 -57.82 -31.40 87.55
CA ILE A 1996 -59.04 -30.64 87.34
C ILE A 1996 -59.55 -30.20 88.71
N ILE A 1997 -59.42 -28.91 88.98
CA ILE A 1997 -59.59 -28.39 90.34
C ILE A 1997 -61.07 -28.20 90.63
N LYS A 1998 -61.39 -28.19 91.94
CA LYS A 1998 -62.77 -28.09 92.42
C LYS A 1998 -63.43 -26.81 91.93
N GLU A 1999 -62.73 -25.68 92.05
CA GLU A 1999 -63.33 -24.37 91.78
C GLU A 1999 -63.41 -24.05 90.30
N ASN A 2000 -62.69 -24.77 89.45
CA ASN A 2000 -62.63 -24.44 88.03
C ASN A 2000 -63.82 -24.98 87.24
N VAL A 2001 -64.73 -25.71 87.88
CA VAL A 2001 -65.87 -26.27 87.17
C VAL A 2001 -67.04 -25.31 87.31
N LYS A 2002 -67.64 -24.91 86.18
CA LYS A 2002 -68.81 -24.05 86.22
C LYS A 2002 -69.94 -24.86 85.62
N VAL A 2003 -71.00 -25.08 86.39
CA VAL A 2003 -72.09 -25.92 85.93
C VAL A 2003 -72.96 -25.27 84.89
N ALA A 2004 -73.07 -23.96 84.88
CA ALA A 2004 -73.81 -23.32 83.82
C ALA A 2004 -73.16 -23.63 82.48
N ARG A 2005 -71.84 -23.78 82.46
CA ARG A 2005 -71.14 -24.09 81.21
C ARG A 2005 -71.40 -25.52 80.76
N LEU A 2006 -71.78 -26.41 81.67
CA LEU A 2006 -71.96 -27.82 81.38
C LEU A 2006 -73.41 -28.28 81.40
N ALA A 2007 -74.22 -27.77 82.32
CA ALA A 2007 -75.58 -28.26 82.49
C ALA A 2007 -76.36 -28.15 81.19
N GLY A 2008 -76.79 -29.29 80.65
CA GLY A 2008 -77.64 -29.34 79.48
C GLY A 2008 -76.91 -29.26 78.16
N LYS A 2009 -75.62 -28.96 78.16
CA LYS A 2009 -74.86 -28.77 76.93
C LYS A 2009 -73.83 -29.86 76.67
N TYR A 2010 -73.29 -30.45 77.72
CA TYR A 2010 -72.25 -31.45 77.55
C TYR A 2010 -72.84 -32.84 77.42
N ILE A 2011 -72.40 -33.61 76.45
CA ILE A 2011 -72.89 -34.96 76.19
C ILE A 2011 -71.73 -35.93 76.35
N PRO A 2012 -71.64 -36.59 77.51
CA PRO A 2012 -70.56 -37.56 77.76
C PRO A 2012 -70.63 -38.85 76.91
N ASN A 2013 -69.50 -39.41 76.47
CA ASN A 2013 -69.49 -40.67 75.70
C ASN A 2013 -69.96 -41.83 76.53
N LEU A 2014 -69.85 -41.71 77.84
CA LEU A 2014 -70.24 -42.77 78.72
C LEU A 2014 -71.73 -42.79 78.79
N THR A 2015 -72.32 -41.78 79.38
CA THR A 2015 -73.78 -41.68 79.38
C THR A 2015 -74.15 -40.69 78.31
N ALA A 2016 -74.60 -41.20 77.16
CA ALA A 2016 -74.89 -40.33 76.03
C ALA A 2016 -76.19 -39.57 76.27
N LYS A 2017 -76.19 -38.72 77.29
CA LYS A 2017 -77.32 -37.86 77.62
C LYS A 2017 -76.78 -36.52 78.08
N PRO A 2018 -77.52 -35.43 77.84
CA PRO A 2018 -77.00 -34.11 78.22
C PRO A 2018 -76.65 -34.04 79.70
N PHE A 2019 -75.54 -33.37 79.99
CA PHE A 2019 -75.03 -33.31 81.36
C PHE A 2019 -76.03 -32.61 82.26
N GLN A 2020 -76.58 -33.36 83.22
CA GLN A 2020 -77.50 -32.81 84.20
C GLN A 2020 -77.09 -33.30 85.57
N VAL A 2021 -77.01 -32.38 86.53
CA VAL A 2021 -76.65 -32.73 87.91
C VAL A 2021 -77.96 -33.04 88.63
N THR A 2022 -78.41 -34.28 88.50
CA THR A 2022 -79.68 -34.71 89.06
C THR A 2022 -79.57 -36.16 89.52
N LYS A 2023 -80.47 -36.54 90.42
CA LYS A 2023 -80.43 -37.91 90.95
C LYS A 2023 -80.59 -38.94 89.85
N GLU A 2024 -81.36 -38.63 88.81
CA GLU A 2024 -81.53 -39.57 87.70
C GLU A 2024 -80.22 -39.77 86.96
N TYR A 2025 -79.49 -38.69 86.70
CA TYR A 2025 -78.20 -38.80 86.05
C TYR A 2025 -77.23 -39.59 86.92
N PHE A 2026 -77.17 -39.27 88.22
CA PHE A 2026 -76.26 -39.96 89.12
C PHE A 2026 -76.55 -41.46 89.18
N GLN A 2027 -77.85 -41.81 89.24
CA GLN A 2027 -78.22 -43.22 89.15
C GLN A 2027 -77.79 -43.81 87.81
N ASP A 2028 -77.86 -43.02 86.74
CA ASP A 2028 -77.57 -43.54 85.41
C ASP A 2028 -76.13 -44.02 85.29
N VAL A 2029 -75.18 -43.30 85.89
CA VAL A 2029 -73.77 -43.66 85.73
C VAL A 2029 -73.48 -45.01 86.37
N TYR A 2030 -74.15 -45.30 87.49
CA TYR A 2030 -74.03 -46.61 88.11
C TYR A 2030 -74.33 -47.72 87.12
N ASP A 2031 -75.42 -47.59 86.37
CA ASP A 2031 -75.91 -48.69 85.55
C ASP A 2031 -74.82 -49.20 84.60
N LEU A 2032 -74.13 -48.29 83.93
CA LEU A 2032 -73.06 -48.70 83.02
C LEU A 2032 -71.86 -49.23 83.80
N THR A 2033 -71.25 -48.38 84.63
CA THR A 2033 -70.09 -48.76 85.42
C THR A 2033 -70.32 -48.38 86.87
N GLY A 2034 -70.11 -49.32 87.78
CA GLY A 2034 -70.28 -49.04 89.19
C GLY A 2034 -69.21 -48.08 89.69
N SER A 2035 -69.57 -47.32 90.73
CA SER A 2035 -68.69 -46.33 91.31
C SER A 2035 -69.05 -46.14 92.78
N GLU A 2036 -68.08 -46.34 93.67
CA GLU A 2036 -68.36 -46.22 95.09
C GLU A 2036 -68.80 -44.81 95.47
N PRO A 2037 -68.14 -43.74 95.03
CA PRO A 2037 -68.62 -42.41 95.41
C PRO A 2037 -70.06 -42.14 94.99
N ILE A 2038 -70.49 -42.68 93.85
CA ILE A 2038 -71.84 -42.39 93.35
C ILE A 2038 -72.90 -42.87 94.32
N LYS A 2039 -72.81 -44.13 94.75
CA LYS A 2039 -73.85 -44.66 95.63
C LYS A 2039 -73.96 -43.84 96.91
N GLU A 2040 -72.84 -43.27 97.37
CA GLU A 2040 -72.90 -42.35 98.49
C GLU A 2040 -73.73 -41.12 98.15
N ILE A 2041 -73.49 -40.52 96.99
CA ILE A 2041 -74.24 -39.34 96.59
C ILE A 2041 -75.72 -39.68 96.43
N ILE A 2042 -76.01 -40.78 95.72
CA ILE A 2042 -77.40 -41.16 95.48
C ILE A 2042 -78.10 -41.45 96.80
N ASP A 2043 -77.46 -42.24 97.67
CA ASP A 2043 -78.06 -42.55 98.96
C ASP A 2043 -78.23 -41.29 99.80
N ASN A 2044 -77.23 -40.42 99.81
CA ASN A 2044 -77.28 -39.17 100.55
C ASN A 2044 -77.73 -38.00 99.69
N TRP A 2045 -78.44 -38.28 98.59
CA TRP A 2045 -78.87 -37.20 97.70
C TRP A 2045 -79.77 -36.21 98.43
N GLU A 2046 -80.42 -36.63 99.51
CA GLU A 2046 -81.28 -35.73 100.26
C GLU A 2046 -80.45 -34.78 101.13
N LYS A 2047 -79.33 -35.26 101.66
CA LYS A 2047 -78.45 -34.39 102.44
C LYS A 2047 -77.94 -33.24 101.59
N TYR A 2048 -77.50 -33.55 100.37
CA TYR A 2048 -76.98 -32.51 99.47
C TYR A 2048 -78.07 -31.53 99.07
N GLU A 2049 -79.30 -32.01 98.90
CA GLU A 2049 -80.39 -31.14 98.48
C GLU A 2049 -80.63 -30.04 99.50
N GLN A 2050 -80.63 -30.38 100.79
CA GLN A 2050 -80.88 -29.40 101.83
C GLN A 2050 -79.56 -28.78 102.32
N MET B 1 -80.47 -26.83 95.53
CA MET B 1 -79.14 -26.95 96.18
C MET B 1 -78.42 -25.62 96.19
N LYS B 2 -77.57 -25.40 97.19
CA LYS B 2 -76.73 -24.22 97.20
C LYS B 2 -75.73 -24.31 96.04
N PRO B 3 -75.32 -23.18 95.47
CA PRO B 3 -74.41 -23.23 94.30
C PRO B 3 -73.13 -24.00 94.58
N GLU B 4 -72.57 -23.88 95.78
CA GLU B 4 -71.32 -24.57 96.09
C GLU B 4 -71.52 -26.09 96.10
N VAL B 5 -72.62 -26.56 96.69
CA VAL B 5 -72.89 -27.99 96.70
C VAL B 5 -73.10 -28.49 95.28
N GLU B 6 -73.82 -27.72 94.47
CA GLU B 6 -74.03 -28.10 93.08
C GLU B 6 -72.69 -28.20 92.34
N GLN B 7 -71.76 -27.29 92.63
CA GLN B 7 -70.48 -27.33 91.97
C GLN B 7 -69.74 -28.58 92.40
N GLU B 8 -69.75 -28.87 93.69
CA GLU B 8 -69.07 -30.07 94.19
C GLU B 8 -69.59 -31.33 93.49
N LEU B 9 -70.91 -31.49 93.44
CA LEU B 9 -71.48 -32.66 92.81
C LEU B 9 -71.17 -32.69 91.32
N ALA B 10 -71.23 -31.54 90.66
CA ALA B 10 -70.90 -31.48 89.23
C ALA B 10 -69.47 -31.91 88.98
N HIS B 11 -68.54 -31.45 89.82
CA HIS B 11 -67.14 -31.84 89.66
C HIS B 11 -66.98 -33.34 89.89
N ILE B 12 -67.65 -33.88 90.90
CA ILE B 12 -67.52 -35.31 91.17
C ILE B 12 -67.99 -36.10 89.96
N LEU B 13 -69.17 -35.75 89.44
CA LEU B 13 -69.72 -36.49 88.31
C LEU B 13 -68.85 -36.32 87.07
N LEU B 14 -68.29 -35.13 86.86
CA LEU B 14 -67.45 -34.90 85.68
C LEU B 14 -66.17 -35.71 85.74
N THR B 15 -65.46 -35.65 86.88
CA THR B 15 -64.21 -36.40 87.00
C THR B 15 -64.47 -37.89 86.90
N GLU B 16 -65.59 -38.35 87.44
CA GLU B 16 -65.93 -39.77 87.34
C GLU B 16 -66.20 -40.17 85.89
N LEU B 17 -67.00 -39.37 85.21
CA LEU B 17 -67.32 -39.65 83.81
C LEU B 17 -66.08 -39.81 82.99
N LEU B 18 -65.10 -38.94 83.24
CA LEU B 18 -63.85 -38.98 82.49
C LEU B 18 -62.95 -40.15 82.85
N ALA B 19 -62.92 -40.52 84.11
CA ALA B 19 -62.12 -41.66 84.54
C ALA B 19 -62.63 -42.92 83.92
N TYR B 20 -63.94 -43.08 83.84
CA TYR B 20 -64.48 -44.33 83.35
C TYR B 20 -64.60 -44.37 81.84
N GLN B 21 -64.23 -43.30 81.16
CA GLN B 21 -64.45 -43.24 79.72
C GLN B 21 -63.62 -44.17 78.87
N PHE B 22 -62.39 -44.40 79.26
CA PHE B 22 -61.51 -45.22 78.44
C PHE B 22 -61.75 -46.70 78.67
N ALA B 23 -62.68 -47.01 79.57
CA ALA B 23 -63.03 -48.40 79.84
C ALA B 23 -64.38 -48.74 79.24
N SER B 24 -65.27 -47.76 79.12
CA SER B 24 -66.59 -47.98 78.54
C SER B 24 -66.62 -47.71 77.04
N PRO B 25 -67.59 -48.30 76.34
CA PRO B 25 -67.70 -48.03 74.90
C PRO B 25 -68.15 -46.61 74.61
N VAL B 26 -67.77 -46.13 73.43
CA VAL B 26 -68.13 -44.77 72.99
C VAL B 26 -69.52 -44.84 72.37
N ARG B 27 -70.52 -44.36 73.10
CA ARG B 27 -71.91 -44.33 72.61
C ARG B 27 -72.09 -43.07 71.76
N TRP B 28 -71.69 -43.18 70.49
CA TRP B 28 -71.85 -42.07 69.56
C TRP B 28 -73.17 -42.09 68.82
N ILE B 29 -73.79 -43.27 68.64
CA ILE B 29 -75.10 -43.33 68.01
C ILE B 29 -76.09 -42.50 68.82
N GLU B 30 -76.14 -42.72 70.12
CA GLU B 30 -77.07 -41.99 70.98
C GLU B 30 -76.72 -40.51 71.06
N THR B 31 -75.43 -40.16 71.07
CA THR B 31 -75.04 -38.75 71.09
C THR B 31 -75.52 -38.05 69.82
N GLN B 32 -75.27 -38.65 68.66
CA GLN B 32 -75.73 -38.07 67.40
C GLN B 32 -77.24 -37.95 67.38
N ASP B 33 -77.95 -38.97 67.87
CA ASP B 33 -79.41 -38.86 67.95
C ASP B 33 -79.80 -37.70 68.84
N VAL B 34 -79.15 -37.56 70.00
CA VAL B 34 -79.52 -36.53 70.95
C VAL B 34 -79.36 -35.14 70.36
N PHE B 35 -78.25 -34.88 69.66
CA PHE B 35 -78.06 -33.53 69.14
C PHE B 35 -78.54 -33.35 67.71
N LEU B 36 -79.09 -34.38 67.07
CA LEU B 36 -79.72 -34.22 65.77
C LEU B 36 -81.24 -34.22 65.81
N LYS B 37 -81.84 -34.79 66.86
CA LYS B 37 -83.29 -34.89 66.94
C LYS B 37 -83.88 -34.17 68.14
N ASP B 38 -83.28 -34.30 69.31
CA ASP B 38 -83.78 -33.63 70.51
C ASP B 38 -83.37 -32.17 70.58
N PHE B 39 -82.40 -31.75 69.78
CA PHE B 39 -82.01 -30.36 69.69
C PHE B 39 -82.33 -29.72 68.35
N ASN B 40 -82.65 -30.52 67.32
CA ASN B 40 -82.91 -29.98 65.98
C ASN B 40 -81.74 -29.12 65.52
N THR B 41 -80.53 -29.54 65.87
CA THR B 41 -79.34 -28.77 65.58
C THR B 41 -79.28 -28.41 64.10
N GLU B 42 -79.19 -27.11 63.82
CA GLU B 42 -79.09 -26.60 62.47
C GLU B 42 -77.66 -26.49 61.96
N ARG B 43 -76.69 -26.22 62.83
CA ARG B 43 -75.28 -26.19 62.47
C ARG B 43 -74.54 -27.23 63.29
N VAL B 44 -73.79 -28.09 62.61
CA VAL B 44 -72.87 -29.02 63.26
C VAL B 44 -71.47 -28.61 62.83
N VAL B 45 -70.67 -28.17 63.79
CA VAL B 45 -69.30 -27.75 63.55
C VAL B 45 -68.37 -28.79 64.12
N GLU B 46 -67.46 -29.31 63.30
CA GLU B 46 -66.51 -30.33 63.70
C GLU B 46 -65.15 -29.68 63.91
N ILE B 47 -64.59 -29.87 65.09
CA ILE B 47 -63.26 -29.36 65.43
C ILE B 47 -62.29 -30.52 65.38
N GLY B 48 -61.38 -30.49 64.42
CA GLY B 48 -60.41 -31.54 64.24
C GLY B 48 -59.69 -31.39 62.91
N PRO B 49 -58.65 -32.18 62.71
CA PRO B 49 -57.86 -32.02 61.47
C PRO B 49 -58.53 -32.58 60.23
N SER B 50 -59.42 -33.55 60.36
CA SER B 50 -60.04 -34.17 59.21
C SER B 50 -61.55 -34.30 59.42
N PRO B 51 -62.33 -34.31 58.33
CA PRO B 51 -63.81 -34.38 58.45
C PRO B 51 -64.31 -35.80 58.74
N THR B 52 -64.04 -36.27 59.95
CA THR B 52 -64.45 -37.62 60.35
C THR B 52 -65.83 -37.63 60.96
N LEU B 53 -66.01 -36.89 62.04
CA LEU B 53 -67.33 -36.83 62.67
C LEU B 53 -68.34 -36.14 61.77
N ALA B 54 -67.89 -35.22 60.92
CA ALA B 54 -68.81 -34.59 59.97
C ALA B 54 -69.35 -35.61 58.97
N GLY B 55 -68.47 -36.44 58.42
CA GLY B 55 -68.95 -37.49 57.53
C GLY B 55 -69.86 -38.47 58.25
N MET B 56 -69.52 -38.79 59.49
CA MET B 56 -70.39 -39.66 60.28
C MET B 56 -71.77 -39.06 60.46
N ALA B 57 -71.83 -37.76 60.76
CA ALA B 57 -73.12 -37.08 60.91
C ALA B 57 -73.89 -37.07 59.60
N GLN B 58 -73.21 -36.82 58.48
CA GLN B 58 -73.89 -36.84 57.19
C GLN B 58 -74.47 -38.22 56.88
N ARG B 59 -73.74 -39.27 57.17
CA ARG B 59 -74.23 -40.59 56.91
C ARG B 59 -75.40 -40.89 57.83
N THR B 60 -75.34 -40.46 59.08
CA THR B 60 -76.47 -40.64 59.98
C THR B 60 -77.70 -39.91 59.48
N LEU B 61 -77.52 -38.69 58.95
CA LEU B 61 -78.63 -37.94 58.42
C LEU B 61 -79.26 -38.67 57.23
N LYS B 62 -78.44 -39.17 56.31
CA LYS B 62 -78.94 -39.79 55.11
C LYS B 62 -79.62 -41.14 55.37
N ASN B 63 -79.56 -41.64 56.61
CA ASN B 63 -80.10 -42.96 56.92
C ASN B 63 -81.23 -42.96 57.95
N LYS B 64 -81.44 -41.86 58.67
CA LYS B 64 -82.48 -41.82 59.70
C LYS B 64 -83.34 -40.58 59.70
N TYR B 65 -83.00 -39.54 58.94
CA TYR B 65 -83.69 -38.26 59.04
C TYR B 65 -84.04 -37.64 57.70
N GLU B 66 -83.92 -38.39 56.59
CA GLU B 66 -84.27 -37.84 55.29
C GLU B 66 -85.71 -37.35 55.27
N SER B 67 -86.64 -38.16 55.79
CA SER B 67 -88.04 -37.76 55.82
C SER B 67 -88.32 -36.72 56.89
N TYR B 68 -87.72 -36.90 58.07
CA TYR B 68 -87.97 -35.98 59.18
C TYR B 68 -87.49 -34.57 58.84
N ASP B 69 -86.29 -34.45 58.28
CA ASP B 69 -85.76 -33.14 57.92
C ASP B 69 -86.64 -32.46 56.88
N ALA B 70 -87.05 -33.20 55.85
CA ALA B 70 -87.90 -32.62 54.81
C ALA B 70 -89.26 -32.21 55.36
N ALA B 71 -89.85 -33.06 56.20
CA ALA B 71 -91.17 -32.73 56.74
C ALA B 71 -91.12 -31.49 57.61
N LEU B 72 -90.09 -31.36 58.44
CA LEU B 72 -89.94 -30.18 59.28
C LEU B 72 -89.18 -29.06 58.60
N SER B 73 -88.77 -29.25 57.34
CA SER B 73 -88.07 -28.21 56.58
C SER B 73 -86.75 -27.81 57.25
N LEU B 74 -86.17 -28.72 58.03
CA LEU B 74 -84.88 -28.47 58.66
C LEU B 74 -83.79 -28.62 57.63
N HIS B 75 -83.09 -27.52 57.35
CA HIS B 75 -81.97 -27.53 56.40
C HIS B 75 -80.67 -27.49 57.21
N ARG B 76 -80.23 -28.66 57.65
CA ARG B 76 -79.04 -28.78 58.48
C ARG B 76 -77.79 -28.47 57.67
N GLU B 77 -76.77 -27.98 58.36
CA GLU B 77 -75.46 -27.75 57.78
C GLU B 77 -74.42 -28.49 58.59
N ILE B 78 -73.48 -29.13 57.91
CA ILE B 78 -72.40 -29.88 58.54
C ILE B 78 -71.10 -29.26 58.08
N LEU B 79 -70.32 -28.73 59.02
CA LEU B 79 -69.09 -28.01 58.72
C LEU B 79 -67.93 -28.62 59.48
N CYS B 80 -66.80 -28.76 58.79
CA CYS B 80 -65.56 -29.20 59.38
C CYS B 80 -64.57 -28.04 59.34
N TYR B 81 -63.88 -27.82 60.47
CA TYR B 81 -62.95 -26.70 60.54
C TYR B 81 -61.87 -26.80 59.47
N SER B 82 -61.49 -28.01 59.08
CA SER B 82 -60.38 -28.17 58.15
C SER B 82 -60.74 -27.72 56.74
N LYS B 83 -62.00 -27.86 56.34
CA LYS B 83 -62.40 -27.55 54.97
C LYS B 83 -63.44 -26.45 54.87
N ASP B 84 -64.44 -26.41 55.75
CA ASP B 84 -65.48 -25.40 55.70
C ASP B 84 -65.14 -24.22 56.61
N ALA B 85 -63.97 -23.61 56.36
CA ALA B 85 -63.56 -22.45 57.15
C ALA B 85 -64.36 -21.22 56.77
N LYS B 86 -64.66 -21.05 55.48
CA LYS B 86 -65.36 -19.86 55.02
C LYS B 86 -66.75 -19.78 55.62
N GLU B 87 -67.46 -20.90 55.68
CA GLU B 87 -68.81 -20.89 56.23
C GLU B 87 -68.78 -20.68 57.75
N ILE B 88 -67.75 -21.20 58.41
CA ILE B 88 -67.63 -21.02 59.86
C ILE B 88 -67.31 -19.57 60.20
N TYR B 89 -66.45 -18.94 59.41
CA TYR B 89 -65.97 -17.59 59.70
C TYR B 89 -66.78 -16.50 59.02
N TYR B 90 -67.73 -16.88 58.17
CA TYR B 90 -68.52 -15.92 57.41
C TYR B 90 -67.59 -15.03 56.65
N THR B 91 -66.73 -15.62 55.85
CA THR B 91 -65.84 -14.85 55.01
C THR B 91 -66.04 -15.33 53.61
N PRO B 92 -67.14 -14.92 52.98
CA PRO B 92 -67.47 -15.41 51.64
C PRO B 92 -66.50 -14.92 50.56
N ASP B 93 -66.27 -15.67 49.49
CA ASP B 93 -65.31 -15.28 48.48
C ASP B 93 -65.77 -14.00 47.78
N PRO B 94 -64.82 -13.20 47.26
CA PRO B 94 -65.17 -11.95 46.58
C PRO B 94 -65.53 -12.15 45.11
N GLU B 329 -23.33 -1.00 3.92
CA GLU B 329 -22.51 -1.36 5.07
C GLU B 329 -21.49 -2.43 4.71
N GLU B 330 -21.84 -3.25 3.70
CA GLU B 330 -20.94 -4.32 3.29
C GLU B 330 -19.67 -3.78 2.64
N ILE B 331 -19.77 -2.65 1.92
CA ILE B 331 -18.59 -2.06 1.31
C ILE B 331 -17.58 -1.66 2.37
N THR B 332 -18.06 -1.04 3.45
CA THR B 332 -17.17 -0.68 4.54
C THR B 332 -16.53 -1.91 5.16
N LYS B 333 -17.31 -3.00 5.31
CA LYS B 333 -16.74 -4.23 5.84
C LYS B 333 -15.63 -4.76 4.95
N ASP B 334 -15.85 -4.76 3.63
CA ASP B 334 -14.84 -5.25 2.71
C ASP B 334 -13.57 -4.41 2.81
N HIS B 335 -13.73 -3.09 2.81
CA HIS B 335 -12.55 -2.22 2.86
C HIS B 335 -11.81 -2.37 4.18
N LYS B 336 -12.55 -2.52 5.28
CA LYS B 336 -11.91 -2.72 6.58
C LYS B 336 -11.16 -4.04 6.63
N VAL B 337 -11.72 -5.10 6.05
CA VAL B 337 -11.03 -6.39 6.04
C VAL B 337 -9.75 -6.28 5.22
N LEU B 338 -9.82 -5.63 4.06
CA LEU B 338 -8.63 -5.46 3.24
C LEU B 338 -7.56 -4.66 3.98
N ALA B 339 -7.97 -3.56 4.62
CA ALA B 339 -7.02 -2.73 5.35
C ALA B 339 -6.39 -3.50 6.50
N ARG B 340 -7.20 -4.28 7.22
CA ARG B 340 -6.67 -5.08 8.32
C ARG B 340 -5.66 -6.10 7.83
N GLN B 341 -5.94 -6.74 6.69
CA GLN B 341 -4.98 -7.71 6.16
C GLN B 341 -3.70 -7.01 5.71
N GLN B 342 -3.80 -5.82 5.12
CA GLN B 342 -2.59 -5.08 4.76
C GLN B 342 -1.77 -4.74 6.01
N LEU B 343 -2.44 -4.31 7.07
CA LEU B 343 -1.74 -3.98 8.31
C LEU B 343 -1.09 -5.22 8.90
N GLN B 344 -1.77 -6.37 8.83
CA GLN B 344 -1.18 -7.61 9.30
C GLN B 344 0.07 -7.96 8.51
N VAL B 345 0.02 -7.80 7.18
CA VAL B 345 1.20 -8.06 6.36
C VAL B 345 2.34 -7.14 6.77
N LEU B 346 2.04 -5.86 6.99
CA LEU B 346 3.08 -4.92 7.38
C LEU B 346 3.68 -5.29 8.74
N ALA B 347 2.84 -5.70 9.69
CA ALA B 347 3.33 -6.10 11.00
C ALA B 347 4.21 -7.34 10.91
N ARG B 348 3.82 -8.30 10.08
CA ARG B 348 4.64 -9.49 9.89
C ARG B 348 5.98 -9.13 9.28
N TYR B 349 6.00 -8.20 8.32
CA TYR B 349 7.26 -7.75 7.75
C TYR B 349 8.12 -7.02 8.78
N LEU B 350 7.49 -6.26 9.67
CA LEU B 350 8.21 -5.52 10.70
C LEU B 350 8.60 -6.38 11.90
N LYS B 351 8.19 -7.65 11.93
CA LYS B 351 8.52 -8.55 13.03
C LYS B 351 8.07 -7.97 14.36
N MET B 352 6.83 -7.47 14.38
CA MET B 352 6.25 -6.88 15.57
C MET B 352 5.04 -7.69 15.99
N ASP B 353 5.03 -8.12 17.25
CA ASP B 353 3.91 -8.88 17.79
C ASP B 353 2.86 -7.91 18.32
N LEU B 354 1.65 -7.97 17.76
CA LEU B 354 0.58 -7.06 18.14
C LEU B 354 -0.14 -7.49 19.41
N ASP B 355 0.04 -8.74 19.86
CA ASP B 355 -0.65 -9.24 21.05
C ASP B 355 0.28 -9.43 22.23
N ASN B 356 1.52 -8.94 22.16
CA ASN B 356 2.45 -9.09 23.28
C ASN B 356 1.91 -8.41 24.53
N GLY B 357 1.37 -7.19 24.37
CA GLY B 357 0.89 -6.44 25.52
C GLY B 357 -0.28 -7.13 26.20
N GLU B 358 -1.23 -7.64 25.41
CA GLU B 358 -2.37 -8.34 26.00
C GLU B 358 -1.94 -9.63 26.69
N ARG B 359 -0.98 -10.34 26.11
CA ARG B 359 -0.45 -11.54 26.75
C ARG B 359 0.13 -11.22 28.12
N LYS B 360 0.98 -10.19 28.18
CA LYS B 360 1.57 -9.80 29.45
C LYS B 360 0.50 -9.32 30.42
N PHE B 361 -0.50 -8.60 29.93
CA PHE B 361 -1.57 -8.11 30.80
C PHE B 361 -2.33 -9.27 31.42
N LEU B 362 -2.56 -10.32 30.68
CA LEU B 362 -3.33 -11.43 31.19
C LEU B 362 -2.50 -12.21 32.19
N LYS B 363 -1.21 -12.32 31.99
CA LYS B 363 -0.35 -12.92 33.02
C LYS B 363 -0.36 -12.09 34.30
N GLU B 364 -0.29 -10.76 34.17
CA GLU B 364 -0.30 -9.91 35.34
C GLU B 364 -1.62 -10.00 36.09
N LYS B 365 -2.73 -10.06 35.40
CA LYS B 365 -4.04 -10.21 36.02
C LYS B 365 -4.16 -11.49 36.81
N ASP B 366 -3.49 -12.54 36.37
CA ASP B 366 -3.49 -13.79 37.09
C ASP B 366 -2.63 -13.67 38.33
N THR B 367 -1.47 -13.04 38.22
CA THR B 367 -0.66 -12.81 39.41
C THR B 367 -1.43 -11.98 40.44
N VAL B 368 -2.20 -11.00 40.02
CA VAL B 368 -3.01 -10.22 40.94
C VAL B 368 -3.99 -11.08 41.70
N ALA B 369 -4.65 -12.00 41.02
CA ALA B 369 -5.64 -12.81 41.68
C ALA B 369 -4.96 -13.77 42.62
N GLU B 370 -3.77 -14.23 42.29
CA GLU B 370 -3.09 -15.06 43.27
C GLU B 370 -2.77 -14.29 44.55
N LEU B 371 -2.19 -13.10 44.40
CA LEU B 371 -1.85 -12.30 45.58
C LEU B 371 -3.12 -11.91 46.34
N GLN B 372 -4.20 -11.57 45.67
CA GLN B 372 -5.43 -11.24 46.34
C GLN B 372 -5.97 -12.38 47.14
N ALA B 373 -5.76 -13.60 46.68
CA ALA B 373 -6.26 -14.76 47.35
C ALA B 373 -5.47 -14.99 48.58
N GLN B 374 -4.17 -14.77 48.51
CA GLN B 374 -3.38 -14.87 49.74
C GLN B 374 -3.83 -13.84 50.78
N LEU B 375 -4.03 -12.60 50.34
CA LEU B 375 -4.47 -11.56 51.27
C LEU B 375 -5.85 -11.88 51.84
N ASP B 376 -6.74 -12.41 51.05
CA ASP B 376 -8.06 -12.76 51.51
C ASP B 376 -8.02 -13.89 52.51
N TYR B 377 -7.15 -14.86 52.32
CA TYR B 377 -7.02 -15.91 53.32
C TYR B 377 -6.49 -15.35 54.64
N LEU B 378 -5.48 -14.49 54.58
CA LEU B 378 -4.96 -13.91 55.82
C LEU B 378 -6.00 -13.05 56.52
N ASN B 379 -6.91 -12.40 55.82
CA ASN B 379 -7.90 -11.56 56.46
C ASN B 379 -8.99 -12.42 57.03
N ALA B 380 -9.29 -13.52 56.38
CA ALA B 380 -10.27 -14.45 56.96
C ALA B 380 -9.70 -15.19 58.17
N GLU B 381 -8.38 -15.30 58.27
CA GLU B 381 -7.75 -15.94 59.42
C GLU B 381 -7.58 -14.98 60.60
N LEU B 382 -7.12 -13.76 60.34
CA LEU B 382 -6.84 -12.80 61.41
C LEU B 382 -8.01 -11.88 61.71
N GLY B 383 -8.84 -11.58 60.72
CA GLY B 383 -9.93 -10.66 60.90
C GLY B 383 -9.54 -9.23 60.57
N GLU B 384 -10.51 -8.39 60.30
CA GLU B 384 -10.17 -7.06 59.87
C GLU B 384 -9.68 -6.18 60.98
N PHE B 385 -10.21 -6.33 62.18
CA PHE B 385 -9.74 -5.54 63.30
C PHE B 385 -8.24 -5.76 63.57
N PHE B 386 -7.79 -7.00 63.59
CA PHE B 386 -6.38 -7.28 63.83
C PHE B 386 -5.50 -6.78 62.68
N VAL B 387 -5.87 -7.09 61.44
CA VAL B 387 -5.08 -6.72 60.27
C VAL B 387 -4.95 -5.22 60.08
N ASN B 388 -5.98 -4.47 60.38
CA ASN B 388 -5.89 -3.04 60.33
C ASN B 388 -5.20 -2.51 61.57
N GLY B 389 -5.23 -3.24 62.68
CA GLY B 389 -4.67 -2.77 63.91
C GLY B 389 -3.19 -2.88 63.99
N VAL B 390 -2.59 -3.78 63.24
CA VAL B 390 -1.14 -3.97 63.28
C VAL B 390 -0.44 -2.92 62.42
N ALA B 391 -1.20 -1.95 61.90
CA ALA B 391 -0.61 -0.90 61.07
C ALA B 391 0.39 -0.07 61.87
N THR B 392 1.49 0.28 61.23
CA THR B 392 2.55 1.04 61.88
C THR B 392 2.17 2.51 62.03
N SER B 393 2.66 3.11 63.12
CA SER B 393 2.39 4.48 63.45
C SER B 393 3.63 5.25 63.90
N PHE B 394 4.67 4.57 64.30
CA PHE B 394 5.85 5.25 64.81
C PHE B 394 6.83 5.73 63.78
N SER B 395 7.39 6.90 63.97
CA SER B 395 8.49 7.37 63.15
C SER B 395 9.32 8.34 63.97
N ARG B 396 10.60 8.40 63.72
CA ARG B 396 11.49 9.25 64.48
C ARG B 396 11.31 10.74 64.19
N LYS B 397 10.85 11.09 63.00
CA LYS B 397 10.72 12.48 62.63
C LYS B 397 9.51 13.13 63.26
N LYS B 398 8.59 12.33 63.77
CA LYS B 398 7.40 12.86 64.37
C LYS B 398 7.58 13.04 65.87
N ALA B 399 8.70 12.61 66.45
CA ALA B 399 8.99 12.85 67.87
C ALA B 399 9.02 14.30 68.26
N ARG B 400 8.39 14.65 69.36
CA ARG B 400 8.35 16.03 69.85
C ARG B 400 9.00 16.20 71.22
N THR B 401 10.01 17.05 71.31
CA THR B 401 10.72 17.29 72.57
C THR B 401 10.28 18.54 73.33
N PHE B 402 10.15 18.43 74.63
CA PHE B 402 9.79 19.53 75.49
C PHE B 402 10.81 19.57 76.60
N ASP B 403 11.66 20.59 76.62
CA ASP B 403 12.65 20.72 77.69
C ASP B 403 12.94 22.16 78.11
N SER B 404 12.15 23.15 77.66
CA SER B 404 12.46 24.55 77.96
C SER B 404 11.71 25.02 79.20
N SER B 405 11.95 24.34 80.31
CA SER B 405 11.37 24.70 81.61
C SER B 405 11.89 26.01 82.17
N TRP B 406 13.03 26.47 81.72
CA TRP B 406 13.59 27.74 82.15
C TRP B 406 12.74 28.91 81.71
N ASN B 407 12.01 28.75 80.62
CA ASN B 407 11.09 29.78 80.16
C ASN B 407 9.71 29.61 80.80
N TRP B 408 9.22 28.39 80.98
CA TRP B 408 7.91 28.12 81.51
C TRP B 408 7.80 28.47 82.96
N ALA B 409 8.92 28.44 83.67
CA ALA B 409 8.91 28.83 85.08
C ALA B 409 8.51 30.30 85.23
N LYS B 410 9.13 31.17 84.44
CA LYS B 410 8.80 32.58 84.51
C LYS B 410 7.40 32.84 83.99
N GLN B 411 6.93 32.09 83.00
CA GLN B 411 5.55 32.23 82.59
C GLN B 411 4.60 31.86 83.71
N SER B 412 4.86 30.73 84.36
CA SER B 412 4.00 30.26 85.42
C SER B 412 3.97 31.23 86.58
N LEU B 413 5.09 31.91 86.82
CA LEU B 413 5.16 32.90 87.89
C LEU B 413 4.34 34.13 87.55
N LEU B 414 4.50 34.65 86.32
CA LEU B 414 3.72 35.82 85.94
C LEU B 414 2.22 35.52 85.94
N SER B 415 1.84 34.33 85.46
CA SER B 415 0.44 33.97 85.46
C SER B 415 -0.13 33.95 86.88
N LEU B 416 0.60 33.32 87.82
CA LEU B 416 0.14 33.27 89.20
C LEU B 416 0.10 34.66 89.82
N TYR B 417 1.10 35.47 89.57
CA TYR B 417 1.13 36.82 90.07
C TYR B 417 -0.07 37.65 89.64
N PHE B 418 -0.43 37.60 88.35
CA PHE B 418 -1.58 38.38 87.90
C PHE B 418 -2.90 37.73 88.29
N GLU B 419 -2.96 36.42 88.47
CA GLU B 419 -4.18 35.79 88.96
C GLU B 419 -4.44 36.19 90.39
N ILE B 420 -3.39 36.30 91.19
CA ILE B 420 -3.58 36.82 92.54
C ILE B 420 -4.02 38.28 92.50
N ILE B 421 -3.38 39.12 91.70
CA ILE B 421 -3.72 40.52 91.67
C ILE B 421 -5.14 40.78 91.14
N HIS B 422 -5.68 39.92 90.30
CA HIS B 422 -7.04 40.09 89.81
C HIS B 422 -8.07 39.36 90.66
N GLY B 423 -7.64 38.66 91.70
CA GLY B 423 -8.57 37.97 92.58
C GLY B 423 -9.02 36.62 92.09
N VAL B 424 -8.48 36.12 91.00
CA VAL B 424 -8.84 34.81 90.49
C VAL B 424 -8.34 33.73 91.42
N LEU B 425 -7.22 33.98 92.10
CA LEU B 425 -6.69 33.07 93.09
C LEU B 425 -6.63 33.79 94.40
N LYS B 426 -7.01 33.10 95.48
CA LYS B 426 -7.01 33.70 96.82
C LYS B 426 -6.21 32.83 97.79
N ASN B 427 -6.05 33.26 99.04
CA ASN B 427 -5.20 32.56 100.01
C ASN B 427 -5.77 31.22 100.44
N VAL B 428 -7.04 30.95 100.24
CA VAL B 428 -7.61 29.72 100.73
C VAL B 428 -7.55 28.62 99.69
N ASP B 429 -6.82 28.83 98.59
CA ASP B 429 -6.79 27.84 97.52
C ASP B 429 -5.57 26.97 97.49
N ARG B 430 -5.75 25.70 97.22
CA ARG B 430 -4.61 24.80 97.08
C ARG B 430 -3.86 25.03 95.78
N GLU B 431 -4.47 25.72 94.81
CA GLU B 431 -3.78 26.02 93.57
C GLU B 431 -2.52 26.84 93.83
N VAL B 432 -2.58 27.76 94.79
CA VAL B 432 -1.41 28.55 95.14
C VAL B 432 -0.28 27.64 95.61
N VAL B 433 -0.61 26.67 96.45
CA VAL B 433 0.42 25.76 96.97
C VAL B 433 1.01 24.92 95.85
N SER B 434 0.15 24.38 94.98
CA SER B 434 0.65 23.54 93.90
C SER B 434 1.52 24.33 92.93
N GLU B 435 1.12 25.55 92.60
CA GLU B 435 1.92 26.35 91.68
C GLU B 435 3.21 26.81 92.33
N ALA B 436 3.18 27.06 93.65
CA ALA B 436 4.43 27.35 94.35
C ALA B 436 5.38 26.17 94.28
N ILE B 437 4.86 24.95 94.44
CA ILE B 437 5.70 23.76 94.32
C ILE B 437 6.30 23.67 92.92
N ASN B 438 5.47 23.88 91.89
CA ASN B 438 5.95 23.77 90.52
C ASN B 438 7.00 24.83 90.22
N ILE B 439 6.82 26.04 90.74
CA ILE B 439 7.81 27.10 90.56
C ILE B 439 9.10 26.75 91.28
N MET B 440 9.00 26.24 92.51
CA MET B 440 10.19 25.85 93.26
C MET B 440 10.96 24.75 92.55
N ASN B 441 10.26 23.84 91.87
CA ASN B 441 10.91 22.76 91.16
C ASN B 441 11.74 23.23 89.98
N ARG B 442 11.64 24.51 89.61
CA ARG B 442 12.35 25.05 88.48
C ARG B 442 13.10 26.28 88.92
N SER B 443 13.63 26.27 90.12
CA SER B 443 14.28 27.44 90.69
C SER B 443 15.73 27.55 90.23
N ASN B 444 16.12 28.74 89.80
CA ASN B 444 17.50 29.06 89.48
C ASN B 444 17.70 30.55 89.71
N ASP B 445 18.88 31.05 89.35
CA ASP B 445 19.23 32.44 89.66
C ASP B 445 18.40 33.42 88.84
N ALA B 446 18.20 33.19 87.56
CA ALA B 446 17.44 34.13 86.76
C ALA B 446 15.99 34.16 87.18
N LEU B 447 15.42 33.02 87.55
CA LEU B 447 14.06 33.02 88.07
C LEU B 447 13.96 33.83 89.36
N ILE B 448 14.99 33.73 90.21
CA ILE B 448 14.96 34.47 91.47
C ILE B 448 15.05 35.96 91.22
N LYS B 449 15.86 36.41 90.29
CA LYS B 449 15.90 37.85 89.95
C LYS B 449 14.63 38.33 89.29
N PHE B 450 13.99 37.47 88.52
CA PHE B 450 12.72 37.77 87.92
C PHE B 450 11.69 37.98 89.03
N MET B 451 11.61 37.06 89.99
CA MET B 451 10.69 37.20 91.12
C MET B 451 10.99 38.45 91.94
N GLU B 452 12.26 38.69 92.23
CA GLU B 452 12.58 39.79 93.08
C GLU B 452 12.20 41.11 92.46
N TYR B 453 12.36 41.26 91.16
CA TYR B 453 11.97 42.48 90.53
C TYR B 453 10.48 42.65 90.61
N HIS B 454 9.76 41.64 90.14
CA HIS B 454 8.33 41.84 90.08
C HIS B 454 7.68 42.01 91.45
N ILE B 455 8.22 41.36 92.48
CA ILE B 455 7.63 41.53 93.80
C ILE B 455 8.06 42.86 94.41
N SER B 456 9.32 43.21 94.35
CA SER B 456 9.79 44.46 94.92
C SER B 456 9.22 45.71 94.29
N ASN B 457 8.64 45.60 93.11
CA ASN B 457 8.13 46.76 92.42
C ASN B 457 6.64 46.75 92.54
N THR B 458 6.12 45.89 93.40
CA THR B 458 4.71 45.85 93.64
C THR B 458 4.35 46.92 94.64
N ASP B 459 3.35 47.71 94.34
CA ASP B 459 2.90 48.77 95.24
C ASP B 459 1.74 48.20 96.05
N GLU B 460 2.03 47.77 97.27
CA GLU B 460 1.02 47.15 98.12
C GLU B 460 -0.08 48.12 98.55
N THR B 461 0.12 49.42 98.35
CA THR B 461 -0.89 50.42 98.71
C THR B 461 -1.95 50.59 97.64
N LYS B 462 -1.92 49.76 96.59
CA LYS B 462 -2.94 49.80 95.55
C LYS B 462 -4.13 48.92 95.85
N GLY B 463 -4.02 47.98 96.78
CA GLY B 463 -5.16 47.16 97.14
C GLY B 463 -4.76 45.98 97.99
N GLU B 464 -5.78 45.34 98.56
CA GLU B 464 -5.56 44.15 99.37
C GLU B 464 -4.94 43.04 98.54
N ASN B 465 -5.36 42.90 97.28
CA ASN B 465 -4.76 41.90 96.41
C ASN B 465 -3.29 42.19 96.17
N TYR B 466 -2.93 43.46 96.04
CA TYR B 466 -1.53 43.82 95.86
C TYR B 466 -0.71 43.49 97.07
N GLN B 467 -1.22 43.79 98.26
CA GLN B 467 -0.51 43.40 99.48
C GLN B 467 -0.39 41.88 99.58
N LEU B 468 -1.46 41.16 99.21
CA LEU B 468 -1.44 39.70 99.23
C LEU B 468 -0.35 39.16 98.31
N VAL B 469 -0.26 39.72 97.10
CA VAL B 469 0.73 39.23 96.15
C VAL B 469 2.14 39.55 96.65
N LYS B 470 2.33 40.72 97.27
CA LYS B 470 3.64 41.04 97.81
C LYS B 470 4.06 40.04 98.88
N THR B 471 3.16 39.73 99.82
CA THR B 471 3.50 38.79 100.88
C THR B 471 3.79 37.42 100.31
N LEU B 472 2.90 36.91 99.46
CA LEU B 472 3.08 35.58 98.88
C LEU B 472 4.37 35.51 98.09
N GLY B 473 4.67 36.57 97.32
CA GLY B 473 5.85 36.57 96.49
C GLY B 473 7.13 36.60 97.30
N GLU B 474 7.16 37.36 98.38
CA GLU B 474 8.36 37.37 99.22
C GLU B 474 8.58 36.00 99.85
N GLN B 475 7.51 35.37 100.33
CA GLN B 475 7.66 34.01 100.87
C GLN B 475 8.17 33.05 99.79
N LEU B 476 7.62 33.15 98.59
CA LEU B 476 8.04 32.25 97.50
C LEU B 476 9.49 32.50 97.12
N ILE B 477 9.92 33.77 97.14
CA ILE B 477 11.32 34.09 96.87
C ILE B 477 12.22 33.41 97.89
N GLU B 478 11.84 33.49 99.16
CA GLU B 478 12.63 32.81 100.19
C GLU B 478 12.69 31.32 99.93
N ASN B 479 11.55 30.71 99.59
CA ASN B 479 11.53 29.26 99.37
C ASN B 479 12.42 28.87 98.19
N CYS B 480 12.34 29.62 97.08
CA CYS B 480 13.13 29.27 95.91
C CYS B 480 14.62 29.54 96.12
N LYS B 481 14.96 30.48 97.00
CA LYS B 481 16.36 30.58 97.41
C LYS B 481 16.78 29.37 98.24
N GLN B 482 15.89 28.89 99.12
CA GLN B 482 16.23 27.73 99.93
C GLN B 482 16.46 26.48 99.09
N VAL B 483 15.63 26.25 98.07
CA VAL B 483 15.76 25.04 97.25
C VAL B 483 16.56 25.29 95.98
N LEU B 484 17.39 26.34 95.95
CA LEU B 484 18.12 26.69 94.74
C LEU B 484 18.98 25.54 94.24
N ASP B 485 19.51 24.71 95.15
CA ASP B 485 20.37 23.60 94.78
C ASP B 485 19.80 22.25 95.17
N VAL B 486 18.54 22.18 95.55
CA VAL B 486 17.91 20.92 95.94
C VAL B 486 17.26 20.29 94.72
N ASP B 487 17.21 18.97 94.68
CA ASP B 487 16.57 18.27 93.57
C ASP B 487 15.07 18.46 93.59
N PRO B 488 14.44 18.57 92.40
CA PRO B 488 12.98 18.72 92.34
C PRO B 488 12.27 17.50 92.90
N VAL B 489 11.09 17.74 93.43
CA VAL B 489 10.33 16.70 94.06
C VAL B 489 8.91 16.61 93.57
N TYR B 490 8.39 15.40 93.53
CA TYR B 490 6.99 15.21 93.20
C TYR B 490 6.23 15.31 94.51
N LYS B 491 5.35 16.30 94.63
CA LYS B 491 4.58 16.54 95.82
C LYS B 491 3.16 16.94 95.42
N ASP B 492 2.19 16.10 95.76
CA ASP B 492 0.79 16.33 95.41
C ASP B 492 0.05 16.87 96.63
N VAL B 493 -0.52 18.06 96.51
CA VAL B 493 -1.22 18.72 97.60
C VAL B 493 -2.71 18.86 97.30
N ALA B 494 -3.24 18.06 96.39
CA ALA B 494 -4.64 18.16 96.03
C ALA B 494 -5.52 17.57 97.13
N LYS B 495 -6.71 18.14 97.29
CA LYS B 495 -7.66 17.64 98.27
C LYS B 495 -8.15 16.26 97.86
N PRO B 496 -7.95 15.27 98.74
CA PRO B 496 -8.48 13.93 98.45
C PRO B 496 -10.01 13.90 98.38
N THR B 497 -10.58 13.34 97.31
CA THR B 497 -12.03 13.29 97.13
C THR B 497 -12.58 11.88 97.10
N GLY B 498 -13.86 11.71 97.45
CA GLY B 498 -14.49 10.42 97.46
C GLY B 498 -15.69 10.37 96.55
N PRO B 499 -16.21 9.16 96.32
CA PRO B 499 -17.36 9.01 95.41
C PRO B 499 -18.66 9.34 96.12
N LYS B 500 -19.58 9.97 95.38
CA LYS B 500 -20.88 10.37 95.91
C LYS B 500 -21.89 10.31 94.77
N THR B 501 -22.88 9.43 94.89
CA THR B 501 -23.94 9.30 93.90
C THR B 501 -25.26 9.70 94.54
N ALA B 502 -26.00 10.58 93.87
CA ALA B 502 -27.26 11.12 94.38
C ALA B 502 -28.36 10.92 93.35
N ILE B 503 -29.56 10.64 93.83
CA ILE B 503 -30.74 10.49 92.99
C ILE B 503 -31.73 11.60 93.36
N ASP B 504 -32.13 12.38 92.36
CA ASP B 504 -33.04 13.49 92.58
C ASP B 504 -34.46 12.96 92.81
N LYS B 505 -35.41 13.87 93.00
CA LYS B 505 -36.80 13.47 93.19
C LYS B 505 -37.41 12.90 91.91
N ASN B 506 -37.00 13.39 90.75
CA ASN B 506 -37.46 12.88 89.47
C ASN B 506 -36.69 11.65 89.01
N GLY B 507 -35.79 11.12 89.83
CA GLY B 507 -35.01 9.96 89.45
C GLY B 507 -33.77 10.27 88.65
N ASN B 508 -33.25 11.49 88.76
CA ASN B 508 -32.02 11.87 88.06
C ASN B 508 -30.82 11.40 88.87
N ILE B 509 -29.91 10.68 88.23
CA ILE B 509 -28.71 10.16 88.86
C ILE B 509 -27.56 11.12 88.56
N THR B 510 -26.92 11.63 89.62
CA THR B 510 -25.77 12.50 89.49
C THR B 510 -24.63 11.96 90.34
N TYR B 511 -23.45 11.88 89.73
CA TYR B 511 -22.24 11.45 90.42
C TYR B 511 -21.25 12.60 90.49
N SER B 512 -20.67 12.80 91.67
CA SER B 512 -19.69 13.85 91.88
C SER B 512 -18.60 13.35 92.82
N GLU B 513 -17.44 13.98 92.75
CA GLU B 513 -16.34 13.67 93.64
C GLU B 513 -16.35 14.71 94.72
N GLU B 514 -16.69 14.33 95.93
CA GLU B 514 -16.79 15.26 97.05
C GLU B 514 -15.59 15.11 97.98
N PRO B 515 -15.14 16.19 98.61
CA PRO B 515 -14.01 16.07 99.54
C PRO B 515 -14.30 15.05 100.63
N ARG B 516 -13.32 14.18 100.89
CA ARG B 516 -13.48 13.19 101.94
C ARG B 516 -13.48 13.87 103.31
N GLU B 517 -14.23 13.29 104.23
CA GLU B 517 -14.39 13.91 105.55
C GLU B 517 -13.14 13.74 106.40
N LYS B 518 -12.72 12.50 106.63
CA LYS B 518 -11.62 12.22 107.56
C LYS B 518 -10.24 12.32 106.92
N VAL B 519 -10.16 12.60 105.61
CA VAL B 519 -8.89 12.68 104.91
C VAL B 519 -8.87 13.99 104.11
N ARG B 520 -7.91 14.86 104.42
CA ARG B 520 -7.76 16.14 103.74
C ARG B 520 -6.37 16.33 103.16
N LYS B 521 -5.47 15.38 103.39
CA LYS B 521 -4.10 15.46 102.89
C LYS B 521 -3.66 14.05 102.50
N LEU B 522 -2.60 13.98 101.70
CA LEU B 522 -2.09 12.67 101.32
C LEU B 522 -1.47 11.93 102.51
N SER B 523 -0.92 12.67 103.49
CA SER B 523 -0.40 12.01 104.68
C SER B 523 -1.52 11.30 105.45
N GLN B 524 -2.67 11.97 105.59
CA GLN B 524 -3.81 11.31 106.20
C GLN B 524 -4.30 10.14 105.34
N TYR B 525 -4.15 10.27 104.02
CA TYR B 525 -4.50 9.17 103.13
C TYR B 525 -3.62 7.95 103.40
N VAL B 526 -2.32 8.16 103.59
CA VAL B 526 -1.41 7.05 103.91
C VAL B 526 -1.75 6.48 105.28
N GLN B 527 -2.11 7.33 106.22
CA GLN B 527 -2.52 6.84 107.53
C GLN B 527 -3.72 5.94 107.41
N GLU B 528 -4.74 6.38 106.69
CA GLU B 528 -5.90 5.58 106.47
C GLU B 528 -5.62 4.25 105.78
N MET B 529 -4.70 4.23 104.80
CA MET B 529 -4.35 2.98 104.15
C MET B 529 -3.63 2.05 105.11
N ALA B 530 -2.72 2.58 105.93
CA ALA B 530 -1.99 1.77 106.89
C ALA B 530 -2.94 1.16 107.91
N LEU B 531 -3.90 1.91 108.44
CA LEU B 531 -4.79 1.36 109.43
C LEU B 531 -5.47 0.15 108.86
N GLY B 532 -6.19 0.34 107.78
CA GLY B 532 -6.89 -0.76 107.15
C GLY B 532 -8.34 -0.66 107.53
N GLY B 533 -8.98 -1.80 107.70
CA GLY B 533 -10.37 -1.82 108.09
C GLY B 533 -10.79 -3.12 108.73
N PRO B 534 -11.99 -3.15 109.31
CA PRO B 534 -12.48 -4.40 109.91
C PRO B 534 -12.54 -5.55 108.93
N ILE B 535 -12.80 -5.27 107.65
CA ILE B 535 -12.91 -6.33 106.63
C ILE B 535 -11.58 -7.00 106.35
N THR B 536 -10.50 -6.26 106.51
CA THR B 536 -9.16 -6.78 106.22
C THR B 536 -8.50 -7.49 107.38
N LYS B 537 -9.18 -7.52 108.53
CA LYS B 537 -8.63 -8.17 109.72
C LYS B 537 -8.62 -9.66 109.52
N GLU B 538 -7.43 -10.25 109.59
CA GLU B 538 -7.28 -11.67 109.32
C GLU B 538 -7.51 -12.53 110.55
N ASP B 603 -1.51 22.22 109.68
CA ASP B 603 -1.32 22.78 108.32
C ASP B 603 -2.31 23.93 108.08
N ALA B 604 -1.94 24.84 107.17
CA ALA B 604 -2.72 26.05 106.80
C ALA B 604 -3.49 25.84 105.48
N LEU B 605 -3.54 24.62 104.92
CA LEU B 605 -4.30 24.30 103.68
C LEU B 605 -5.77 24.71 103.85
N ASP B 606 -6.34 25.37 102.83
CA ASP B 606 -7.74 25.84 102.74
C ASP B 606 -8.01 27.05 103.66
N LYS B 607 -7.00 27.57 104.38
CA LYS B 607 -7.18 28.77 105.26
C LYS B 607 -6.10 29.83 104.98
N ASP B 608 -4.82 29.48 104.83
CA ASP B 608 -3.71 30.44 104.56
C ASP B 608 -2.67 29.78 103.64
N SER B 609 -2.83 29.92 102.33
CA SER B 609 -1.92 29.35 101.30
C SER B 609 -0.51 29.90 101.51
N THR B 610 -0.38 31.17 101.88
CA THR B 610 0.91 31.84 102.15
C THR B 610 1.67 31.11 103.27
N LYS B 611 0.96 30.74 104.35
CA LYS B 611 1.57 29.94 105.45
C LYS B 611 1.94 28.56 104.91
N GLU B 612 1.07 27.92 104.13
CA GLU B 612 1.38 26.57 103.58
C GLU B 612 2.62 26.67 102.67
N VAL B 613 2.76 27.77 101.95
CA VAL B 613 3.89 27.98 101.02
C VAL B 613 5.17 28.09 101.86
N ALA B 614 5.13 28.85 102.96
CA ALA B 614 6.30 29.03 103.86
C ALA B 614 6.79 27.68 104.41
N SER B 615 5.92 26.69 104.53
CA SER B 615 6.25 25.34 105.07
C SER B 615 6.93 24.45 104.01
N LEU B 616 6.83 24.77 102.71
CA LEU B 616 7.11 23.79 101.62
C LEU B 616 8.57 23.36 101.60
N PRO B 617 9.56 24.23 101.85
CA PRO B 617 10.95 23.78 101.81
C PRO B 617 11.36 22.90 103.02
N ASN B 618 10.63 23.02 104.14
CA ASN B 618 10.96 22.41 105.45
C ASN B 618 10.72 20.90 105.39
N LYS B 619 11.80 20.11 105.32
CA LYS B 619 11.73 18.63 105.39
C LYS B 619 11.25 18.25 106.79
N SER B 620 9.94 17.96 106.92
CA SER B 620 9.28 17.51 108.17
C SER B 620 9.89 16.18 108.63
N SER B 623 7.76 11.54 115.38
CA SER B 623 8.90 10.84 114.80
C SER B 623 8.65 9.35 114.67
N LYS B 624 7.38 8.97 114.70
CA LYS B 624 6.98 7.57 114.55
C LYS B 624 6.46 7.33 113.14
N THR B 625 6.95 6.25 112.52
CA THR B 625 6.51 5.90 111.18
C THR B 625 5.02 5.56 111.20
N VAL B 626 4.44 5.32 110.04
CA VAL B 626 3.05 4.94 109.99
C VAL B 626 2.96 3.42 110.01
N SER B 627 4.06 2.73 109.70
CA SER B 627 4.03 1.28 109.81
C SER B 627 3.86 0.82 111.25
N SER B 628 4.33 1.61 112.21
CA SER B 628 4.11 1.29 113.62
C SER B 628 2.62 1.29 113.94
N THR B 629 1.88 2.25 113.38
CA THR B 629 0.46 2.38 113.63
C THR B 629 -0.38 1.36 112.91
N ILE B 630 0.22 0.38 112.25
CA ILE B 630 -0.55 -0.70 111.63
C ILE B 630 -0.98 -1.67 112.72
N PRO B 631 -2.28 -1.85 112.90
CA PRO B 631 -2.76 -2.83 113.87
C PRO B 631 -2.28 -4.22 113.58
N ARG B 632 -2.03 -5.02 114.60
CA ARG B 632 -1.69 -6.41 114.36
C ARG B 632 -2.93 -7.17 113.88
N GLU B 633 -2.68 -8.26 113.15
CA GLU B 633 -3.75 -9.09 112.59
C GLU B 633 -4.62 -8.31 111.62
N THR B 634 -4.04 -7.31 110.95
CA THR B 634 -4.76 -6.50 109.98
C THR B 634 -3.93 -6.39 108.72
N ILE B 635 -4.59 -6.48 107.57
CA ILE B 635 -3.95 -6.27 106.28
C ILE B 635 -4.17 -4.81 105.88
N PRO B 636 -3.13 -4.00 105.69
CA PRO B 636 -3.34 -2.64 105.20
C PRO B 636 -3.95 -2.63 103.81
N PHE B 637 -4.66 -1.57 103.45
CA PHE B 637 -5.29 -1.48 102.12
C PHE B 637 -4.19 -1.52 101.06
N LEU B 638 -3.06 -0.89 101.29
CA LEU B 638 -1.92 -1.00 100.39
C LEU B 638 -0.82 -1.78 101.12
N HIS B 639 -0.35 -2.86 100.51
CA HIS B 639 0.66 -3.70 101.13
C HIS B 639 1.45 -4.43 100.05
N LEU B 640 2.60 -4.97 100.45
CA LEU B 640 3.41 -5.78 99.55
C LEU B 640 3.27 -7.22 99.94
N ARG B 641 3.66 -8.11 99.07
CA ARG B 641 3.50 -9.52 99.31
C ARG B 641 4.81 -10.24 99.15
N LYS B 642 4.89 -11.45 99.66
CA LYS B 642 6.10 -12.21 99.57
C LYS B 642 5.74 -13.61 99.22
N LYS B 643 6.59 -14.24 98.44
CA LYS B 643 6.32 -15.56 97.98
C LYS B 643 6.82 -16.58 99.00
N THR B 644 6.02 -17.58 99.24
CA THR B 644 6.36 -18.63 100.19
C THR B 644 7.00 -19.82 99.47
N PRO B 645 7.81 -20.61 100.17
CA PRO B 645 8.37 -21.82 99.52
C PRO B 645 7.36 -22.62 98.71
N ALA B 646 6.07 -22.53 99.02
CA ALA B 646 5.05 -23.20 98.24
C ALA B 646 4.64 -22.43 96.99
N GLY B 647 5.12 -21.20 96.84
CA GLY B 647 4.91 -20.46 95.62
C GLY B 647 3.74 -19.50 95.61
N ASP B 648 3.03 -19.37 96.72
CA ASP B 648 1.90 -18.45 96.81
C ASP B 648 2.32 -17.17 97.50
N TRP B 649 1.78 -16.06 97.04
CA TRP B 649 2.15 -14.76 97.57
C TRP B 649 1.26 -14.36 98.71
N LYS B 650 1.86 -13.94 99.79
CA LYS B 650 1.11 -13.62 101.01
C LYS B 650 1.60 -12.30 101.59
N TYR B 651 0.69 -11.63 102.29
CA TYR B 651 1.00 -10.33 102.88
C TYR B 651 2.23 -10.42 103.77
N ASP B 652 3.11 -9.44 103.65
CA ASP B 652 4.35 -9.38 104.43
C ASP B 652 4.38 -8.07 105.19
N ARG B 653 4.49 -8.17 106.52
CA ARG B 653 4.46 -6.97 107.35
C ARG B 653 5.66 -6.06 107.07
N GLN B 654 6.85 -6.64 106.90
CA GLN B 654 8.06 -5.84 106.79
C GLN B 654 8.13 -5.10 105.46
N LEU B 655 7.88 -5.81 104.37
CA LEU B 655 7.88 -5.19 103.06
C LEU B 655 6.80 -4.12 102.96
N SER B 656 5.62 -4.41 103.48
CA SER B 656 4.54 -3.44 103.47
C SER B 656 4.88 -2.23 104.32
N SER B 657 5.60 -2.44 105.43
CA SER B 657 6.05 -1.32 106.24
C SER B 657 7.03 -0.45 105.47
N LEU B 658 7.96 -1.08 104.74
CA LEU B 658 8.85 -0.34 103.86
C LEU B 658 8.07 0.53 102.89
N PHE B 659 7.10 -0.07 102.21
CA PHE B 659 6.34 0.63 101.17
C PHE B 659 5.54 1.79 101.78
N LEU B 660 4.88 1.55 102.91
CA LEU B 660 4.05 2.59 103.51
C LEU B 660 4.90 3.70 104.11
N ASP B 661 6.05 3.37 104.68
CA ASP B 661 6.97 4.40 105.16
C ASP B 661 7.45 5.27 104.02
N GLY B 662 7.77 4.66 102.88
CA GLY B 662 8.14 5.45 101.72
C GLY B 662 7.00 6.35 101.26
N LEU B 663 5.78 5.83 101.26
CA LEU B 663 4.63 6.65 100.87
C LEU B 663 4.46 7.84 101.81
N GLU B 664 4.62 7.61 103.11
CA GLU B 664 4.52 8.70 104.08
C GLU B 664 5.60 9.75 103.84
N LYS B 665 6.84 9.31 103.64
CA LYS B 665 7.92 10.27 103.38
C LYS B 665 7.64 11.08 102.14
N ALA B 666 7.04 10.46 101.14
CA ALA B 666 6.67 11.16 99.93
C ALA B 666 5.62 12.19 100.21
N ALA B 667 4.58 11.79 100.90
CA ALA B 667 3.50 12.72 101.20
C ALA B 667 3.99 13.92 102.02
N PHE B 668 5.00 13.71 102.87
CA PHE B 668 5.51 14.81 103.67
C PHE B 668 6.55 15.64 102.93
N ASN B 669 7.58 15.03 102.38
CA ASN B 669 8.67 15.77 101.77
C ASN B 669 8.76 15.78 100.27
N GLY B 670 7.98 14.98 99.59
CA GLY B 670 8.10 14.88 98.15
C GLY B 670 9.22 13.96 97.75
N VAL B 671 9.06 13.27 96.65
CA VAL B 671 10.10 12.36 96.14
C VAL B 671 10.74 12.89 94.85
N THR B 672 12.03 12.69 94.69
CA THR B 672 12.70 13.11 93.48
C THR B 672 12.80 11.99 92.47
N PHE B 673 12.85 12.32 91.18
CA PHE B 673 13.03 11.31 90.15
C PHE B 673 14.10 11.75 89.19
N LYS B 674 15.00 12.59 89.66
CA LYS B 674 16.05 13.11 88.81
C LYS B 674 17.00 12.00 88.36
N ASP B 675 17.44 12.04 87.12
CA ASP B 675 18.26 10.95 86.58
C ASP B 675 17.50 9.67 86.34
N LYS B 676 16.18 9.70 86.34
CA LYS B 676 15.42 8.53 86.01
C LYS B 676 14.95 8.68 84.56
N TYR B 677 15.14 7.65 83.78
CA TYR B 677 14.71 7.61 82.39
C TYR B 677 13.57 6.64 82.31
N VAL B 678 12.41 7.09 81.92
CA VAL B 678 11.19 6.29 81.96
C VAL B 678 10.57 6.25 80.58
N LEU B 679 10.09 5.08 80.18
CA LEU B 679 9.21 4.91 79.05
C LEU B 679 7.83 4.52 79.58
N ILE B 680 6.80 5.27 79.18
CA ILE B 680 5.44 5.02 79.62
C ILE B 680 4.52 5.03 78.41
N THR B 681 3.69 4.00 78.34
CA THR B 681 2.71 3.90 77.28
C THR B 681 1.37 3.86 77.96
N GLY B 682 0.30 4.21 77.26
CA GLY B 682 -1.02 4.25 77.87
C GLY B 682 -1.30 5.40 78.79
N ALA B 683 -0.61 6.52 78.61
CA ALA B 683 -0.78 7.69 79.47
C ALA B 683 -1.49 8.86 78.83
N GLY B 684 -2.59 8.66 78.12
CA GLY B 684 -3.34 9.77 77.58
C GLY B 684 -4.29 10.47 78.54
N LYS B 685 -4.82 11.60 78.16
CA LYS B 685 -5.68 12.39 79.06
C LYS B 685 -6.79 11.57 79.66
N GLY B 686 -6.99 11.73 80.96
CA GLY B 686 -8.03 11.02 81.67
C GLY B 686 -7.65 9.65 82.16
N SER B 687 -6.39 9.31 82.12
CA SER B 687 -5.93 7.98 82.51
C SER B 687 -5.07 7.99 83.74
N ILE B 688 -4.79 6.83 84.28
CA ILE B 688 -3.90 6.71 85.42
C ILE B 688 -2.49 7.10 85.00
N GLY B 689 -2.05 6.68 83.80
CA GLY B 689 -0.75 7.01 83.30
C GLY B 689 -0.49 8.49 83.18
N ALA B 690 -1.50 9.28 82.88
CA ALA B 690 -1.34 10.71 82.79
C ALA B 690 -0.95 11.31 84.12
N GLU B 691 -1.56 10.84 85.20
CA GLU B 691 -1.22 11.32 86.53
C GLU B 691 0.16 10.80 86.93
N VAL B 692 0.52 9.60 86.54
CA VAL B 692 1.88 9.10 86.75
C VAL B 692 2.89 9.98 86.03
N LEU B 693 2.57 10.39 84.79
CA LEU B 693 3.48 11.21 84.02
C LEU B 693 3.65 12.60 84.62
N GLN B 694 2.62 13.21 85.17
CA GLN B 694 2.78 14.51 85.84
C GLN B 694 3.66 14.44 87.05
N GLY B 695 3.53 13.39 87.83
CA GLY B 695 4.38 13.18 88.96
C GLY B 695 5.79 12.88 88.56
N LEU B 696 5.99 12.12 87.50
CA LEU B 696 7.36 11.91 87.05
C LEU B 696 7.99 13.21 86.58
N LEU B 697 7.26 14.02 85.81
CA LEU B 697 7.80 15.29 85.34
C LEU B 697 8.09 16.22 86.52
N GLN B 698 7.22 16.21 87.53
CA GLN B 698 7.45 17.07 88.69
C GLN B 698 8.77 16.74 89.37
N GLY B 699 9.10 15.45 89.47
CA GLY B 699 10.30 15.00 90.11
C GLY B 699 11.56 15.10 89.27
N GLY B 700 11.47 15.55 88.03
CA GLY B 700 12.64 15.79 87.22
C GLY B 700 13.04 14.65 86.31
N ALA B 701 12.15 13.70 86.04
CA ALA B 701 12.50 12.55 85.22
C ALA B 701 12.59 12.93 83.75
N LYS B 702 13.33 12.11 83.00
CA LYS B 702 13.36 12.16 81.54
C LYS B 702 12.40 11.07 81.05
N VAL B 703 11.29 11.48 80.43
CA VAL B 703 10.20 10.57 80.09
C VAL B 703 9.94 10.64 78.60
N VAL B 704 9.80 9.47 77.98
CA VAL B 704 9.23 9.34 76.64
C VAL B 704 7.84 8.74 76.81
N VAL B 705 6.83 9.50 76.39
CA VAL B 705 5.44 9.06 76.46
C VAL B 705 4.94 8.79 75.06
N THR B 706 4.26 7.69 74.87
CA THR B 706 3.72 7.30 73.61
C THR B 706 2.27 7.74 73.47
N THR B 707 1.76 7.77 72.26
CA THR B 707 0.37 8.13 72.01
C THR B 707 -0.11 7.36 70.78
N SER B 708 -1.32 6.84 70.82
CA SER B 708 -1.90 6.15 69.66
C SER B 708 -2.79 7.11 68.87
N ARG B 709 -2.97 8.32 69.36
CA ARG B 709 -3.75 9.33 68.66
C ARG B 709 -2.95 10.59 68.48
N PHE B 710 -1.77 10.49 67.89
CA PHE B 710 -0.93 11.66 67.62
C PHE B 710 -1.64 12.70 66.78
N SER B 711 -1.78 13.90 67.32
CA SER B 711 -2.51 14.98 66.68
C SER B 711 -2.05 16.30 67.27
N LYS B 712 -2.61 17.41 66.83
CA LYS B 712 -2.19 18.71 67.31
C LYS B 712 -2.83 18.97 68.62
N GLN B 713 -3.95 18.33 68.85
CA GLN B 713 -4.58 18.43 70.13
C GLN B 713 -3.79 17.70 71.21
N VAL B 714 -3.29 16.52 70.91
CA VAL B 714 -2.54 15.76 71.89
C VAL B 714 -1.18 16.38 72.13
N THR B 715 -0.56 16.93 71.11
CA THR B 715 0.72 17.56 71.29
C THR B 715 0.55 18.84 72.09
N ASP B 716 -0.55 19.55 71.93
CA ASP B 716 -0.84 20.71 72.74
C ASP B 716 -1.19 20.35 74.18
N TYR B 717 -1.75 19.18 74.40
CA TYR B 717 -2.06 18.72 75.74
C TYR B 717 -0.76 18.43 76.47
N TYR B 718 0.15 17.78 75.79
CA TYR B 718 1.43 17.45 76.38
C TYR B 718 2.31 18.66 76.55
N GLN B 719 2.23 19.69 75.73
CA GLN B 719 2.97 20.91 75.95
C GLN B 719 2.48 21.58 77.19
N SER B 720 1.18 21.62 77.36
CA SER B 720 0.59 22.29 78.51
C SER B 720 0.96 21.57 79.77
N ILE B 721 1.04 20.25 79.75
CA ILE B 721 1.46 19.50 80.91
C ILE B 721 2.91 19.75 81.25
N TYR B 722 3.79 19.74 80.26
CA TYR B 722 5.19 20.06 80.55
C TYR B 722 5.44 21.48 81.03
N ALA B 723 4.73 22.44 80.50
CA ALA B 723 4.88 23.81 80.87
C ALA B 723 4.30 24.02 82.25
N LYS B 724 3.42 23.19 82.76
CA LYS B 724 2.97 23.33 84.12
C LYS B 724 3.80 22.53 85.13
N TYR B 725 4.16 21.32 84.81
CA TYR B 725 4.85 20.44 85.75
C TYR B 725 6.31 20.08 85.47
N GLY B 726 6.80 20.22 84.25
CA GLY B 726 8.17 19.88 83.97
C GLY B 726 9.19 20.59 84.82
N ALA B 727 9.78 19.88 85.76
CA ALA B 727 10.77 20.45 86.65
C ALA B 727 12.09 20.66 85.92
N LYS B 728 12.99 21.41 86.55
CA LYS B 728 14.32 21.61 86.00
C LYS B 728 15.02 20.27 85.81
N GLY B 729 15.70 20.11 84.69
CA GLY B 729 16.37 18.87 84.37
C GLY B 729 15.49 17.81 83.76
N SER B 730 14.19 18.05 83.63
CA SER B 730 13.27 17.07 83.06
C SER B 730 13.10 17.30 81.57
N THR B 731 12.67 16.25 80.88
CA THR B 731 12.39 16.32 79.46
C THR B 731 11.22 15.40 79.14
N LEU B 732 10.37 15.83 78.21
CA LEU B 732 9.23 15.06 77.75
C LEU B 732 9.37 14.84 76.25
N ILE B 733 9.36 13.57 75.84
CA ILE B 733 9.38 13.19 74.44
C ILE B 733 8.07 12.51 74.12
N VAL B 734 7.32 13.06 73.17
CA VAL B 734 6.06 12.50 72.72
C VAL B 734 6.28 11.90 71.33
N VAL B 735 5.92 10.64 71.16
CA VAL B 735 6.08 9.95 69.89
C VAL B 735 4.78 9.24 69.53
N PRO B 736 4.51 9.11 68.25
CA PRO B 736 3.35 8.31 67.86
C PRO B 736 3.67 6.80 68.03
N PHE B 737 2.72 6.02 68.49
CA PHE B 737 3.00 4.61 68.75
C PHE B 737 1.80 3.69 68.67
N ASN B 738 2.01 2.49 68.20
CA ASN B 738 0.96 1.49 68.17
C ASN B 738 1.60 0.31 68.86
N GLN B 739 1.18 0.01 70.10
CA GLN B 739 1.72 -1.12 70.83
C GLN B 739 1.27 -2.45 70.23
N GLY B 740 0.23 -2.44 69.41
CA GLY B 740 -0.19 -3.64 68.71
C GLY B 740 0.68 -4.04 67.54
N SER B 741 1.64 -3.20 67.15
CA SER B 741 2.59 -3.48 66.10
C SER B 741 3.96 -3.83 66.65
N LYS B 742 4.44 -5.01 66.33
CA LYS B 742 5.76 -5.45 66.75
C LYS B 742 6.88 -4.64 66.12
N GLN B 743 6.71 -4.17 64.91
CA GLN B 743 7.69 -3.36 64.25
C GLN B 743 7.77 -2.02 64.94
N ASP B 744 6.65 -1.48 65.36
CA ASP B 744 6.66 -0.24 66.12
C ASP B 744 7.38 -0.41 67.46
N VAL B 745 7.19 -1.56 68.12
CA VAL B 745 7.86 -1.80 69.38
C VAL B 745 9.37 -1.79 69.18
N GLU B 746 9.84 -2.57 68.21
CA GLU B 746 11.27 -2.64 67.94
C GLU B 746 11.82 -1.28 67.56
N ALA B 747 11.12 -0.55 66.73
CA ALA B 747 11.59 0.74 66.31
C ALA B 747 11.64 1.74 67.43
N LEU B 748 10.64 1.73 68.30
CA LEU B 748 10.65 2.64 69.44
C LEU B 748 11.84 2.37 70.35
N ILE B 749 12.11 1.13 70.68
CA ILE B 749 13.21 0.81 71.57
C ILE B 749 14.53 1.11 70.89
N GLU B 750 14.62 0.92 69.59
CA GLU B 750 15.82 1.29 68.86
C GLU B 750 16.03 2.80 68.84
N PHE B 751 14.99 3.58 68.60
CA PHE B 751 15.07 5.02 68.65
C PHE B 751 15.56 5.45 70.00
N ILE B 752 15.01 4.86 71.05
CA ILE B 752 15.40 5.29 72.39
C ILE B 752 16.87 5.01 72.64
N TYR B 753 17.36 3.83 72.23
CA TYR B 753 18.73 3.45 72.56
C TYR B 753 19.77 3.93 71.54
N ASP B 754 19.40 4.32 70.34
CA ASP B 754 20.36 4.74 69.34
C ASP B 754 21.00 6.01 69.75
N THR B 755 22.19 6.27 69.22
CA THR B 755 22.93 7.48 69.55
C THR B 755 22.31 8.67 68.88
N GLU B 756 22.53 9.84 69.44
CA GLU B 756 21.97 11.04 68.87
C GLU B 756 22.51 11.34 67.49
N LYS B 757 23.77 11.06 67.25
CA LYS B 757 24.35 11.21 65.92
C LYS B 757 23.69 10.27 64.91
N ASN B 758 23.13 9.15 65.36
CA ASN B 758 22.36 8.26 64.50
C ASN B 758 20.87 8.56 64.53
N GLY B 759 20.46 9.70 65.06
CA GLY B 759 19.07 10.09 65.08
C GLY B 759 18.24 9.57 66.24
N GLY B 760 18.87 8.96 67.24
CA GLY B 760 18.17 8.48 68.41
C GLY B 760 18.29 9.42 69.60
N LEU B 761 17.81 8.98 70.75
CA LEU B 761 17.90 9.76 71.96
C LEU B 761 19.17 9.46 72.75
N GLY B 762 19.78 8.29 72.59
CA GLY B 762 20.93 7.93 73.37
C GLY B 762 20.65 7.72 74.83
N TRP B 763 19.49 7.16 75.16
CA TRP B 763 19.13 6.93 76.54
C TRP B 763 19.23 5.50 76.96
N ASP B 764 19.23 5.24 78.25
CA ASP B 764 19.20 3.88 78.80
C ASP B 764 18.05 3.94 79.78
N LEU B 765 17.06 3.09 79.66
CA LEU B 765 15.84 3.17 80.46
C LEU B 765 16.07 2.70 81.88
N ASP B 766 15.53 3.45 82.83
CA ASP B 766 15.49 3.03 84.23
C ASP B 766 14.14 2.43 84.62
N ALA B 767 13.07 2.76 83.90
CA ALA B 767 11.75 2.26 84.22
C ALA B 767 10.95 2.10 82.93
N ILE B 768 10.09 1.09 82.91
CA ILE B 768 9.14 0.87 81.82
C ILE B 768 7.76 0.72 82.44
N ILE B 769 6.81 1.50 81.94
CA ILE B 769 5.45 1.53 82.49
C ILE B 769 4.48 1.29 81.33
N PRO B 770 4.24 0.02 81.03
CA PRO B 770 3.43 -0.29 79.86
C PRO B 770 1.93 -0.37 80.11
N PHE B 771 1.26 0.77 80.13
CA PHE B 771 -0.16 0.80 80.46
C PHE B 771 -1.15 0.87 79.27
N ALA B 772 -0.66 0.72 78.05
CA ALA B 772 -1.52 0.74 76.87
C ALA B 772 -2.48 -0.41 76.89
N ALA B 773 -3.73 -0.12 76.56
CA ALA B 773 -4.75 -1.13 76.61
C ALA B 773 -5.90 -0.70 75.76
N ILE B 774 -6.74 -1.63 75.37
CA ILE B 774 -7.95 -1.27 74.64
C ILE B 774 -9.10 -1.97 75.33
N PRO B 775 -10.29 -1.40 75.28
CA PRO B 775 -11.44 -1.97 75.97
C PRO B 775 -12.22 -3.05 75.24
N GLU B 776 -12.61 -4.10 75.96
CA GLU B 776 -13.42 -5.17 75.40
C GLU B 776 -14.69 -5.25 76.21
N GLN B 777 -15.79 -4.80 75.67
CA GLN B 777 -17.08 -4.74 76.35
C GLN B 777 -18.04 -5.74 75.74
N GLY B 778 -18.64 -6.56 76.60
CA GLY B 778 -19.65 -7.50 76.16
C GLY B 778 -19.15 -8.56 75.21
N ILE B 779 -17.90 -9.00 75.37
CA ILE B 779 -17.34 -10.08 74.57
C ILE B 779 -17.16 -11.27 75.51
N GLU B 780 -18.10 -12.21 75.43
CA GLU B 780 -18.02 -13.42 76.23
C GLU B 780 -17.13 -14.44 75.54
N LEU B 781 -17.11 -15.67 76.04
CA LEU B 781 -16.24 -16.69 75.47
C LEU B 781 -16.56 -16.93 74.00
N GLU B 782 -17.84 -17.03 73.66
CA GLU B 782 -18.23 -17.32 72.29
C GLU B 782 -17.99 -16.16 71.34
N HIS B 783 -17.73 -14.96 71.85
CA HIS B 783 -17.52 -13.78 71.02
C HIS B 783 -16.06 -13.43 70.82
N ILE B 784 -15.14 -14.19 71.38
CA ILE B 784 -13.72 -13.85 71.26
C ILE B 784 -13.31 -14.00 69.79
N ASP B 785 -12.81 -12.92 69.22
CA ASP B 785 -12.62 -12.82 67.77
C ASP B 785 -11.43 -11.90 67.51
N SER B 786 -11.36 -11.38 66.28
CA SER B 786 -10.23 -10.55 65.85
C SER B 786 -9.85 -9.51 66.90
N LYS B 787 -10.83 -8.75 67.40
CA LYS B 787 -10.53 -7.65 68.30
C LYS B 787 -9.92 -8.15 69.61
N SER B 788 -10.44 -9.26 70.14
CA SER B 788 -9.87 -9.81 71.36
C SER B 788 -8.44 -10.29 71.13
N GLU B 789 -8.16 -10.88 69.98
CA GLU B 789 -6.80 -11.29 69.66
C GLU B 789 -5.87 -10.09 69.58
N PHE B 790 -6.30 -9.01 68.98
CA PHE B 790 -5.48 -7.80 68.86
C PHE B 790 -5.23 -7.17 70.20
N ALA B 791 -6.22 -7.17 71.08
CA ALA B 791 -6.04 -6.66 72.42
C ALA B 791 -5.08 -7.53 73.25
N HIS B 792 -5.11 -8.84 73.08
CA HIS B 792 -4.25 -9.74 73.80
C HIS B 792 -2.87 -9.54 73.28
N ARG B 793 -2.72 -9.31 71.99
CA ARG B 793 -1.40 -8.99 71.50
C ARG B 793 -0.86 -7.75 72.19
N ILE B 794 -1.63 -6.66 72.16
CA ILE B 794 -1.20 -5.41 72.76
C ILE B 794 -0.81 -5.61 74.22
N MET B 795 -1.73 -6.17 74.99
CA MET B 795 -1.56 -6.24 76.44
C MET B 795 -0.75 -7.38 77.03
N LEU B 796 -0.38 -8.38 76.28
CA LEU B 796 0.54 -9.40 76.75
C LEU B 796 1.76 -9.55 75.85
N THR B 797 1.54 -9.82 74.55
CA THR B 797 2.63 -10.33 73.73
C THR B 797 3.60 -9.22 73.36
N ASN B 798 3.10 -8.03 73.07
CA ASN B 798 3.99 -6.94 72.73
C ASN B 798 4.63 -6.31 73.96
N ILE B 799 4.08 -6.49 75.14
CA ILE B 799 4.77 -6.06 76.36
C ILE B 799 5.92 -7.03 76.58
N LEU B 800 5.72 -8.33 76.36
CA LEU B 800 6.86 -9.25 76.43
C LEU B 800 7.91 -8.90 75.38
N ARG B 801 7.50 -8.54 74.20
CA ARG B 801 8.43 -8.20 73.15
C ARG B 801 9.20 -6.91 73.48
N MET B 802 8.53 -5.95 74.07
CA MET B 802 9.22 -4.72 74.45
C MET B 802 10.22 -4.97 75.55
N MET B 803 9.88 -5.83 76.51
CA MET B 803 10.85 -6.22 77.54
C MET B 803 12.06 -6.90 76.90
N GLY B 804 11.81 -7.82 75.97
CA GLY B 804 12.90 -8.49 75.29
C GLY B 804 13.77 -7.52 74.50
N CYS B 805 13.15 -6.54 73.84
CA CYS B 805 13.91 -5.56 73.08
C CYS B 805 14.80 -4.73 73.99
N VAL B 806 14.27 -4.29 75.13
CA VAL B 806 15.09 -3.54 76.09
C VAL B 806 16.25 -4.42 76.58
N LYS B 807 15.99 -5.68 76.93
CA LYS B 807 17.05 -6.58 77.33
C LYS B 807 18.11 -6.65 76.23
N LYS B 808 17.71 -6.89 75.01
CA LYS B 808 18.68 -7.06 73.94
C LYS B 808 19.52 -5.80 73.75
N GLN B 809 18.93 -4.63 73.93
CA GLN B 809 19.65 -3.41 73.76
C GLN B 809 20.66 -3.21 74.87
N LYS B 810 20.33 -3.52 76.10
CA LYS B 810 21.25 -3.39 77.18
C LYS B 810 22.33 -4.48 77.12
N SER B 811 22.01 -5.67 76.62
CA SER B 811 23.04 -6.70 76.54
C SER B 811 24.04 -6.42 75.41
N ALA B 812 23.54 -5.92 74.27
CA ALA B 812 24.45 -5.59 73.17
C ALA B 812 25.44 -4.50 73.57
N ARG B 813 25.17 -3.76 74.64
CA ARG B 813 26.08 -2.74 75.11
C ARG B 813 26.78 -3.07 76.42
N GLY B 814 26.71 -4.31 76.86
CA GLY B 814 27.32 -4.72 78.09
C GLY B 814 26.83 -4.09 79.36
N ILE B 815 25.58 -3.66 79.39
CA ILE B 815 25.01 -3.05 80.57
C ILE B 815 24.43 -4.14 81.45
N GLU B 816 25.10 -4.44 82.55
CA GLU B 816 24.64 -5.45 83.48
C GLU B 816 24.35 -4.86 84.83
N THR B 817 24.52 -3.56 85.01
CA THR B 817 24.36 -2.93 86.31
C THR B 817 23.48 -1.69 86.28
N ARG B 818 22.52 -1.66 85.39
CA ARG B 818 21.56 -0.58 85.35
C ARG B 818 20.28 -1.20 84.83
N PRO B 819 19.65 -2.02 85.67
CA PRO B 819 18.38 -2.66 85.27
C PRO B 819 17.18 -1.72 85.10
N ALA B 820 16.30 -2.00 84.16
CA ALA B 820 15.07 -1.22 84.00
C ALA B 820 13.97 -1.86 84.83
N GLN B 821 13.29 -1.06 85.64
CA GLN B 821 12.19 -1.53 86.45
C GLN B 821 10.91 -1.53 85.62
N VAL B 822 10.24 -2.68 85.57
CA VAL B 822 9.03 -2.84 84.76
C VAL B 822 7.84 -2.84 85.72
N ILE B 823 7.03 -1.79 85.66
CA ILE B 823 5.83 -1.67 86.47
C ILE B 823 4.69 -2.34 85.68
N LEU B 824 4.34 -3.55 86.07
CA LEU B 824 3.35 -4.33 85.34
C LEU B 824 1.96 -4.01 85.85
N PRO B 825 1.04 -3.52 84.98
CA PRO B 825 -0.33 -3.26 85.44
C PRO B 825 -1.11 -4.56 85.56
N MET B 826 -1.31 -5.01 86.78
CA MET B 826 -1.94 -6.28 87.02
C MET B 826 -3.34 -6.13 87.58
N SER B 827 -4.12 -7.18 87.49
CA SER B 827 -5.50 -7.11 87.92
C SER B 827 -5.78 -8.08 89.03
N PRO B 828 -6.59 -7.64 90.02
CA PRO B 828 -6.97 -8.61 91.05
C PRO B 828 -7.95 -9.66 90.57
N ASN B 829 -8.73 -9.32 89.56
CA ASN B 829 -9.77 -10.20 89.07
C ASN B 829 -9.44 -10.83 87.76
N HIS B 830 -9.60 -12.14 87.69
CA HIS B 830 -9.31 -12.86 86.48
C HIS B 830 -10.49 -13.74 86.14
N GLY B 831 -11.46 -13.18 85.44
CA GLY B 831 -12.66 -13.90 85.05
C GLY B 831 -13.83 -13.78 85.98
N THR B 832 -13.81 -12.78 86.84
CA THR B 832 -14.85 -12.62 87.85
C THR B 832 -16.06 -11.89 87.33
N PHE B 833 -15.87 -10.84 86.56
CA PHE B 833 -16.98 -10.11 85.98
C PHE B 833 -17.45 -10.67 84.64
N GLY B 834 -16.54 -11.11 83.79
CA GLY B 834 -16.91 -11.66 82.51
C GLY B 834 -17.20 -10.66 81.42
N GLY B 835 -17.30 -11.13 80.19
CA GLY B 835 -17.63 -10.26 79.07
C GLY B 835 -16.58 -9.23 78.73
N ASP B 836 -15.32 -9.55 78.99
CA ASP B 836 -14.24 -8.65 78.71
C ASP B 836 -13.23 -9.23 77.71
N GLY B 837 -13.65 -10.16 76.88
CA GLY B 837 -12.76 -10.70 75.85
C GLY B 837 -11.62 -11.50 76.46
N MET B 838 -10.39 -11.10 76.13
CA MET B 838 -9.19 -11.75 76.62
C MET B 838 -8.46 -10.94 77.68
N TYR B 839 -9.10 -9.95 78.24
CA TYR B 839 -8.50 -9.11 79.25
C TYR B 839 -7.95 -9.92 80.43
N SER B 840 -8.73 -10.83 80.97
CA SER B 840 -8.27 -11.58 82.12
C SER B 840 -7.15 -12.50 81.76
N GLU B 841 -7.18 -13.08 80.58
CA GLU B 841 -6.06 -13.91 80.17
C GLU B 841 -4.78 -13.10 80.08
N SER B 842 -4.83 -11.94 79.47
CA SER B 842 -3.68 -11.07 79.38
C SER B 842 -3.13 -10.65 80.75
N LYS B 843 -3.98 -10.33 81.68
CA LYS B 843 -3.56 -9.89 82.97
C LYS B 843 -3.02 -11.07 83.80
N LEU B 844 -3.62 -12.23 83.71
CA LEU B 844 -3.13 -13.39 84.44
C LEU B 844 -1.81 -13.89 83.85
N SER B 845 -1.68 -13.90 82.52
CA SER B 845 -0.44 -14.33 81.90
C SER B 845 0.71 -13.41 82.28
N LEU B 846 0.43 -12.12 82.49
CA LEU B 846 1.48 -11.21 82.94
C LEU B 846 2.19 -11.70 84.20
N GLU B 847 1.64 -12.62 84.96
CA GLU B 847 2.21 -13.08 86.23
C GLU B 847 3.25 -14.14 86.14
N THR B 848 3.46 -14.72 84.98
CA THR B 848 4.55 -15.66 84.83
C THR B 848 5.93 -15.00 84.94
N LEU B 849 5.97 -13.68 84.86
CA LEU B 849 7.26 -12.98 84.86
C LEU B 849 7.94 -13.08 86.22
N PHE B 850 7.17 -13.14 87.30
CA PHE B 850 7.73 -13.28 88.63
C PHE B 850 8.60 -14.50 88.70
N ASN B 851 8.24 -15.54 88.00
CA ASN B 851 9.07 -16.74 87.95
C ASN B 851 10.11 -16.71 86.82
N ARG B 852 9.79 -16.16 85.66
CA ARG B 852 10.74 -16.01 84.56
C ARG B 852 11.98 -15.25 85.01
N TRP B 853 11.81 -14.27 85.89
CA TRP B 853 12.94 -13.50 86.38
C TRP B 853 14.01 -14.40 86.99
N HIS B 854 13.64 -15.43 87.71
CA HIS B 854 14.60 -16.37 88.26
C HIS B 854 15.06 -17.45 87.29
N SER B 855 14.17 -18.01 86.49
CA SER B 855 14.48 -19.12 85.58
C SER B 855 15.29 -18.78 84.34
N GLU B 856 15.29 -17.52 83.91
CA GLU B 856 15.98 -17.13 82.68
C GLU B 856 17.11 -16.15 83.00
N SER B 857 17.69 -15.61 81.91
CA SER B 857 18.86 -14.73 82.03
C SER B 857 18.75 -13.25 81.68
N TRP B 858 17.68 -12.61 82.07
CA TRP B 858 17.49 -11.19 81.81
C TRP B 858 17.35 -10.42 83.10
N ALA B 859 17.57 -11.05 84.25
CA ALA B 859 17.42 -10.39 85.55
C ALA B 859 18.35 -9.23 85.84
N ASN B 860 19.47 -9.12 85.15
CA ASN B 860 20.37 -7.99 85.33
C ASN B 860 19.97 -6.81 84.49
N GLN B 861 19.06 -7.02 83.54
CA GLN B 861 18.62 -5.96 82.67
C GLN B 861 17.25 -5.47 83.04
N LEU B 862 16.43 -6.32 83.63
CA LEU B 862 15.06 -5.94 83.96
C LEU B 862 14.70 -6.48 85.33
N THR B 863 14.02 -5.66 86.13
CA THR B 863 13.43 -6.10 87.39
C THR B 863 11.91 -6.02 87.27
N VAL B 864 11.22 -6.97 87.89
CA VAL B 864 9.77 -7.11 87.77
C VAL B 864 9.13 -6.47 89.00
N CYS B 865 8.13 -5.63 88.76
CA CYS B 865 7.38 -4.96 89.83
C CYS B 865 5.90 -5.02 89.45
N GLY B 866 5.23 -6.07 89.92
CA GLY B 866 3.81 -6.23 89.66
C GLY B 866 2.97 -5.38 90.59
N ALA B 867 2.09 -4.57 90.02
CA ALA B 867 1.18 -3.71 90.78
C ALA B 867 -0.25 -4.16 90.50
N ILE B 868 -0.93 -4.61 91.55
CA ILE B 868 -2.33 -5.00 91.45
C ILE B 868 -3.15 -3.73 91.66
N ILE B 869 -3.63 -3.14 90.56
CA ILE B 869 -4.33 -1.86 90.64
C ILE B 869 -5.74 -2.10 91.13
N GLY B 870 -6.15 -1.33 92.14
CA GLY B 870 -7.47 -1.44 92.71
C GLY B 870 -8.51 -0.67 91.92
N TRP B 871 -9.71 -0.63 92.48
CA TRP B 871 -10.84 0.05 91.85
C TRP B 871 -10.55 1.54 91.71
N THR B 872 -10.34 1.98 90.48
CA THR B 872 -10.01 3.37 90.21
C THR B 872 -11.15 4.03 89.50
N ARG B 873 -11.60 5.15 90.00
CA ARG B 873 -12.70 5.86 89.45
C ARG B 873 -12.13 6.85 88.48
N GLY B 874 -12.80 7.02 87.37
CA GLY B 874 -12.35 7.98 86.40
C GLY B 874 -12.50 7.32 85.08
N THR B 875 -11.63 7.61 84.13
CA THR B 875 -11.78 7.09 82.79
C THR B 875 -11.03 5.81 82.48
N GLY B 876 -10.84 5.53 81.19
CA GLY B 876 -10.11 4.35 80.77
C GLY B 876 -10.99 3.15 80.58
N LEU B 877 -10.95 2.25 81.54
CA LEU B 877 -11.81 1.08 81.49
C LEU B 877 -12.75 1.09 82.67
N MET B 878 -12.30 1.57 83.82
CA MET B 878 -13.13 1.57 85.02
C MET B 878 -14.19 2.67 85.08
N SER B 879 -14.26 3.54 84.08
CA SER B 879 -15.35 4.52 84.13
C SER B 879 -16.67 3.80 83.84
N ALA B 880 -17.81 4.41 84.15
CA ALA B 880 -19.12 3.75 84.00
C ALA B 880 -19.49 3.03 85.28
N ASN B 881 -18.53 2.84 86.16
CA ASN B 881 -18.76 2.18 87.43
C ASN B 881 -18.73 3.18 88.58
N ASN B 882 -18.66 4.45 88.29
CA ASN B 882 -18.55 5.46 89.31
C ASN B 882 -19.80 5.63 90.16
N ILE B 883 -20.96 5.19 89.67
CA ILE B 883 -22.20 5.40 90.41
C ILE B 883 -22.36 4.39 91.54
N ILE B 884 -21.61 3.29 91.53
CA ILE B 884 -21.65 2.29 92.58
C ILE B 884 -20.44 2.33 93.48
N ALA B 885 -19.54 3.31 93.30
CA ALA B 885 -18.34 3.38 94.13
C ALA B 885 -18.71 3.62 95.59
N GLU B 886 -19.68 4.48 95.85
CA GLU B 886 -20.09 4.73 97.24
C GLU B 886 -20.70 3.47 97.86
N GLY B 887 -21.54 2.77 97.12
CA GLY B 887 -22.10 1.53 97.64
C GLY B 887 -21.03 0.50 97.93
N ILE B 888 -20.01 0.41 97.08
CA ILE B 888 -18.90 -0.50 97.32
C ILE B 888 -18.13 -0.09 98.57
N GLU B 889 -17.85 1.22 98.70
CA GLU B 889 -17.11 1.71 99.86
C GLU B 889 -17.89 1.57 101.16
N LYS B 890 -19.20 1.38 101.09
CA LYS B 890 -19.98 1.17 102.31
C LYS B 890 -19.61 -0.11 103.03
N MET B 891 -18.86 -1.01 102.40
CA MET B 891 -18.49 -2.29 103.00
C MET B 891 -17.10 -2.24 103.63
N GLY B 892 -16.57 -1.04 103.88
CA GLY B 892 -15.22 -0.91 104.39
C GLY B 892 -14.13 -1.07 103.35
N VAL B 893 -14.48 -1.02 102.07
CA VAL B 893 -13.49 -1.10 101.01
C VAL B 893 -13.08 0.31 100.59
N ARG B 894 -11.93 0.42 99.93
CA ARG B 894 -11.43 1.68 99.42
C ARG B 894 -11.41 1.66 97.90
N THR B 895 -12.06 2.64 97.29
CA THR B 895 -11.88 2.96 95.88
C THR B 895 -11.01 4.19 95.77
N PHE B 896 -10.24 4.26 94.68
CA PHE B 896 -9.21 5.27 94.54
C PHE B 896 -9.52 6.18 93.36
N SER B 897 -9.07 7.41 93.47
CA SER B 897 -9.14 8.32 92.38
C SER B 897 -7.89 8.03 91.56
N GLN B 898 -7.74 8.68 90.42
CA GLN B 898 -6.56 8.47 89.59
C GLN B 898 -5.36 9.14 90.18
N LYS B 899 -5.54 10.26 90.88
CA LYS B 899 -4.38 10.84 91.56
C LYS B 899 -3.87 9.91 92.66
N GLU B 900 -4.76 9.28 93.39
CA GLU B 900 -4.36 8.39 94.46
C GLU B 900 -3.64 7.19 93.92
N MET B 901 -4.19 6.59 92.89
CA MET B 901 -3.54 5.43 92.29
C MET B 901 -2.20 5.80 91.68
N ALA B 902 -2.10 6.98 91.08
CA ALA B 902 -0.82 7.44 90.56
C ALA B 902 0.20 7.63 91.68
N PHE B 903 -0.24 8.17 92.81
CA PHE B 903 0.64 8.31 93.97
C PHE B 903 1.12 6.94 94.46
N ASN B 904 0.21 5.98 94.52
CA ASN B 904 0.58 4.62 94.93
C ASN B 904 1.60 4.03 93.97
N LEU B 905 1.38 4.19 92.67
CA LEU B 905 2.29 3.61 91.68
C LEU B 905 3.65 4.30 91.72
N LEU B 906 3.67 5.62 91.85
CA LEU B 906 4.93 6.34 91.98
C LEU B 906 5.65 5.99 93.28
N GLY B 907 4.91 5.47 94.28
CA GLY B 907 5.56 4.93 95.46
C GLY B 907 6.47 3.76 95.17
N LEU B 908 6.25 3.06 94.05
CA LEU B 908 7.09 1.94 93.67
C LEU B 908 8.38 2.38 92.97
N LEU B 909 8.51 3.65 92.62
CA LEU B 909 9.71 4.17 91.98
C LEU B 909 10.66 4.83 92.97
N THR B 910 10.38 4.70 94.25
CA THR B 910 11.23 5.28 95.25
C THR B 910 12.48 4.46 95.35
N PRO B 911 13.60 5.09 95.69
CA PRO B 911 14.89 4.40 95.81
C PRO B 911 14.91 3.05 96.57
N GLU B 912 14.19 2.92 97.69
CA GLU B 912 14.15 1.70 98.49
C GLU B 912 13.38 0.60 97.79
N VAL B 913 12.25 0.94 97.16
CA VAL B 913 11.51 -0.06 96.40
C VAL B 913 12.30 -0.50 95.17
N VAL B 914 13.06 0.41 94.56
CA VAL B 914 13.90 0.04 93.42
C VAL B 914 14.93 -1.00 93.85
N GLU B 915 15.59 -0.76 94.98
CA GLU B 915 16.56 -1.73 95.48
C GLU B 915 15.88 -3.05 95.82
N LEU B 916 14.69 -2.99 96.40
CA LEU B 916 13.97 -4.21 96.74
C LEU B 916 13.65 -5.00 95.47
N CYS B 917 13.27 -4.31 94.40
CA CYS B 917 13.02 -5.00 93.13
C CYS B 917 14.30 -5.60 92.57
N GLN B 918 15.43 -4.91 92.73
CA GLN B 918 16.70 -5.46 92.28
C GLN B 918 17.08 -6.70 93.06
N LYS B 919 16.67 -6.80 94.32
CA LYS B 919 16.93 -8.02 95.09
C LYS B 919 16.06 -9.18 94.59
N SER B 920 14.78 -8.95 94.35
CA SER B 920 13.88 -9.98 93.78
C SER B 920 12.54 -9.36 93.38
N PRO B 921 11.73 -10.12 92.64
CA PRO B 921 10.49 -9.53 92.12
C PRO B 921 9.46 -9.09 93.17
N VAL B 922 8.99 -7.87 93.11
CA VAL B 922 8.05 -7.34 94.07
C VAL B 922 6.62 -7.38 93.59
N MET B 923 5.70 -7.70 94.50
CA MET B 923 4.30 -7.70 94.18
C MET B 923 3.59 -6.76 95.12
N ALA B 924 3.13 -5.64 94.61
CA ALA B 924 2.41 -4.65 95.39
C ALA B 924 0.90 -4.85 95.19
N ASP B 925 0.17 -4.92 96.30
CA ASP B 925 -1.29 -5.05 96.26
C ASP B 925 -1.88 -3.67 96.57
N LEU B 926 -2.47 -3.05 95.56
CA LEU B 926 -3.12 -1.75 95.70
C LEU B 926 -4.63 -1.86 95.52
N ASN B 927 -5.21 -2.97 95.94
CA ASN B 927 -6.61 -3.28 95.69
C ASN B 927 -7.56 -2.69 96.73
N GLY B 928 -7.04 -2.01 97.75
CA GLY B 928 -7.89 -1.32 98.71
C GLY B 928 -8.83 -2.21 99.48
N GLY B 929 -8.47 -3.49 99.66
CA GLY B 929 -9.30 -4.40 100.40
C GLY B 929 -10.44 -5.03 99.63
N LEU B 930 -10.60 -4.69 98.35
CA LEU B 930 -11.71 -5.22 97.57
C LEU B 930 -11.68 -6.75 97.47
N GLN B 931 -10.53 -7.38 97.68
CA GLN B 931 -10.46 -8.84 97.55
C GLN B 931 -11.26 -9.54 98.63
N PHE B 932 -11.52 -8.89 99.77
CA PHE B 932 -12.24 -9.53 100.86
C PHE B 932 -13.75 -9.54 100.65
N VAL B 933 -14.27 -8.72 99.73
CA VAL B 933 -15.71 -8.75 99.46
C VAL B 933 -16.05 -10.06 98.75
N PRO B 934 -16.98 -10.86 99.27
CA PRO B 934 -17.34 -12.11 98.59
C PRO B 934 -18.38 -11.90 97.51
N GLU B 935 -18.22 -12.65 96.42
CA GLU B 935 -19.15 -12.59 95.29
C GLU B 935 -19.27 -11.16 94.75
N LEU B 936 -18.12 -10.64 94.30
CA LEU B 936 -18.06 -9.24 93.89
C LEU B 936 -18.99 -8.96 92.71
N LYS B 937 -19.03 -9.87 91.74
CA LYS B 937 -19.90 -9.69 90.58
C LYS B 937 -21.35 -9.49 91.01
N GLU B 938 -21.85 -10.40 91.83
CA GLU B 938 -23.24 -10.32 92.27
C GLU B 938 -23.47 -9.06 93.10
N PHE B 939 -22.52 -8.72 93.97
CA PHE B 939 -22.67 -7.55 94.82
C PHE B 939 -22.79 -6.28 93.99
N THR B 940 -21.90 -6.11 93.01
CA THR B 940 -21.93 -4.91 92.18
C THR B 940 -23.17 -4.88 91.30
N ALA B 941 -23.57 -6.04 90.76
CA ALA B 941 -24.80 -6.09 89.98
C ALA B 941 -26.00 -5.68 90.83
N LYS B 942 -26.05 -6.15 92.08
CA LYS B 942 -27.13 -5.79 92.98
C LYS B 942 -27.15 -4.29 93.24
N LEU B 943 -26.00 -3.71 93.50
CA LEU B 943 -25.91 -2.29 93.74
C LEU B 943 -26.41 -1.49 92.55
N ARG B 944 -25.96 -1.85 91.36
CA ARG B 944 -26.37 -1.12 90.16
C ARG B 944 -27.84 -1.30 89.88
N LYS B 945 -28.35 -2.53 90.05
CA LYS B 945 -29.76 -2.79 89.79
C LYS B 945 -30.63 -1.98 90.74
N GLU B 946 -30.26 -1.89 92.00
CA GLU B 946 -31.04 -1.11 92.95
C GLU B 946 -31.04 0.36 92.61
N LEU B 947 -30.01 0.83 91.97
CA LEU B 947 -29.91 2.24 91.65
C LEU B 947 -30.74 2.55 90.45
N VAL B 948 -30.66 1.71 89.42
CA VAL B 948 -31.49 1.92 88.24
C VAL B 948 -32.96 1.75 88.59
N GLU B 949 -33.29 0.77 89.44
CA GLU B 949 -34.67 0.58 89.84
C GLU B 949 -35.22 1.85 90.49
N THR B 950 -34.48 2.40 91.45
CA THR B 950 -34.92 3.62 92.12
C THR B 950 -35.13 4.73 91.10
N SER B 951 -34.15 4.93 90.22
CA SER B 951 -34.23 6.02 89.25
C SER B 951 -35.46 5.89 88.36
N GLU B 952 -35.63 4.72 87.73
CA GLU B 952 -36.73 4.55 86.78
C GLU B 952 -38.08 4.65 87.47
N VAL B 953 -38.23 4.02 88.64
CA VAL B 953 -39.52 4.08 89.32
C VAL B 953 -39.86 5.52 89.67
N ARG B 954 -38.90 6.26 90.21
CA ARG B 954 -39.17 7.66 90.56
C ARG B 954 -39.57 8.46 89.32
N LYS B 955 -38.83 8.27 88.22
CA LYS B 955 -39.11 9.05 87.02
C LYS B 955 -40.51 8.77 86.49
N ALA B 956 -40.86 7.47 86.37
CA ALA B 956 -42.16 7.12 85.82
C ALA B 956 -43.29 7.59 86.72
N VAL B 957 -43.14 7.45 88.04
CA VAL B 957 -44.18 7.87 88.96
C VAL B 957 -44.37 9.39 88.87
N SER B 958 -43.27 10.13 88.79
CA SER B 958 -43.40 11.58 88.66
C SER B 958 -44.09 11.96 87.36
N ILE B 959 -43.77 11.28 86.27
CA ILE B 959 -44.43 11.56 85.00
C ILE B 959 -45.93 11.33 85.12
N GLU B 960 -46.32 10.20 85.72
CA GLU B 960 -47.74 9.89 85.82
C GLU B 960 -48.46 10.90 86.70
N THR B 961 -47.84 11.29 87.81
CA THR B 961 -48.46 12.30 88.67
C THR B 961 -48.61 13.62 87.94
N ALA B 962 -47.61 14.00 87.15
CA ALA B 962 -47.72 15.25 86.38
C ALA B 962 -48.88 15.18 85.40
N LEU B 963 -49.01 14.05 84.69
CA LEU B 963 -50.12 13.91 83.74
C LEU B 963 -51.46 13.98 84.46
N GLU B 964 -51.60 13.36 85.63
CA GLU B 964 -52.87 13.38 86.31
C GLU B 964 -53.17 14.78 86.81
N HIS B 965 -52.18 15.52 87.28
CA HIS B 965 -52.44 16.90 87.67
C HIS B 965 -52.88 17.73 86.47
N LYS B 966 -52.19 17.58 85.34
CA LYS B 966 -52.52 18.38 84.17
C LYS B 966 -53.91 18.07 83.65
N VAL B 967 -54.36 16.81 83.76
CA VAL B 967 -55.68 16.47 83.26
C VAL B 967 -56.77 16.87 84.26
N VAL B 968 -56.45 16.89 85.56
CA VAL B 968 -57.46 17.21 86.56
C VAL B 968 -57.60 18.72 86.72
N ASN B 969 -56.58 19.48 86.35
CA ASN B 969 -56.62 20.94 86.48
C ASN B 969 -56.52 21.67 85.16
N GLY B 970 -56.39 20.96 84.05
CA GLY B 970 -56.28 21.59 82.75
C GLY B 970 -55.13 22.56 82.67
N GLN B 979 -41.88 29.80 81.87
CA GLN B 979 -41.28 31.12 81.82
C GLN B 979 -40.88 31.47 80.39
N VAL B 980 -40.65 32.75 80.14
CA VAL B 980 -40.16 33.23 78.85
C VAL B 980 -38.69 33.54 79.02
N GLU B 981 -37.87 32.99 78.13
CA GLU B 981 -36.42 33.10 78.22
C GLU B 981 -35.87 33.80 76.99
N ILE B 982 -34.77 34.54 77.18
CA ILE B 982 -34.25 35.47 76.19
C ILE B 982 -32.98 34.90 75.59
N GLN B 983 -32.91 34.88 74.25
CA GLN B 983 -31.71 34.44 73.56
C GLN B 983 -30.84 35.64 73.19
N PRO B 984 -29.52 35.52 73.23
CA PRO B 984 -28.66 36.65 72.87
C PRO B 984 -28.70 36.95 71.39
N ARG B 985 -28.53 38.22 71.04
CA ARG B 985 -28.41 38.64 69.65
C ARG B 985 -27.10 39.40 69.60
N ALA B 986 -26.30 39.22 68.55
CA ALA B 986 -25.00 39.87 68.44
C ALA B 986 -25.11 41.37 68.36
N ASN B 987 -24.29 42.07 69.12
CA ASN B 987 -24.27 43.55 69.11
C ASN B 987 -22.82 43.99 68.96
N ILE B 988 -22.31 44.07 67.74
CA ILE B 988 -20.90 44.35 67.51
C ILE B 988 -20.53 45.74 67.87
N GLN B 989 -19.47 45.87 68.64
CA GLN B 989 -19.03 47.15 69.11
C GLN B 989 -17.77 47.61 68.44
N LEU B 990 -17.64 48.92 68.30
CA LEU B 990 -16.44 49.50 67.68
C LEU B 990 -15.23 49.46 68.59
N ASP B 991 -15.42 49.53 69.88
CA ASP B 991 -14.32 49.41 70.85
C ASP B 991 -13.41 50.62 70.88
N PHE B 992 -14.00 51.80 70.93
CA PHE B 992 -13.22 52.99 71.08
C PHE B 992 -12.58 52.87 72.42
N PRO B 993 -11.45 53.54 72.61
CA PRO B 993 -10.72 53.45 73.88
C PRO B 993 -11.54 53.99 75.04
N GLU B 994 -11.44 53.36 76.20
CA GLU B 994 -12.15 53.83 77.39
C GLU B 994 -11.54 55.09 77.97
N LEU B 995 -12.34 56.13 78.13
CA LEU B 995 -11.84 57.38 78.66
C LEU B 995 -12.19 57.44 80.13
N LYS B 996 -11.19 57.65 80.99
CA LYS B 996 -11.39 57.66 82.43
C LYS B 996 -11.47 59.05 83.03
N PRO B 997 -12.02 59.19 84.25
CA PRO B 997 -12.19 60.53 84.83
C PRO B 997 -10.86 61.29 84.90
N TYR B 998 -10.94 62.60 84.75
CA TYR B 998 -9.73 63.42 84.65
C TYR B 998 -8.82 63.23 85.86
N LYS B 999 -9.39 63.00 87.05
CA LYS B 999 -8.57 62.81 88.23
C LYS B 999 -7.65 61.59 88.06
N GLN B 1000 -8.22 60.46 87.67
CA GLN B 1000 -7.41 59.25 87.48
C GLN B 1000 -6.39 59.44 86.37
N VAL B 1001 -6.78 60.10 85.29
CA VAL B 1001 -5.89 60.29 84.15
C VAL B 1001 -4.74 61.19 84.54
N LYS B 1002 -5.00 62.17 85.39
CA LYS B 1002 -3.94 63.03 85.90
C LYS B 1002 -3.03 62.32 86.87
N GLN B 1003 -3.54 61.34 87.62
CA GLN B 1003 -2.68 60.60 88.53
C GLN B 1003 -1.65 59.73 87.80
N ILE B 1004 -1.74 59.57 86.48
CA ILE B 1004 -0.85 58.68 85.74
C ILE B 1004 0.41 59.36 85.25
N ALA B 1005 0.24 60.40 84.44
CA ALA B 1005 1.41 61.10 83.94
C ALA B 1005 1.97 62.05 85.00
N PRO B 1006 3.25 62.43 84.84
CA PRO B 1006 3.86 63.39 85.77
C PRO B 1006 3.13 64.74 85.79
N ALA B 1007 2.99 65.36 86.96
CA ALA B 1007 2.26 66.62 87.04
C ALA B 1007 2.91 67.72 86.21
N GLU B 1008 4.22 67.66 86.02
CA GLU B 1008 4.92 68.68 85.25
C GLU B 1008 4.54 68.65 83.78
N LEU B 1009 3.88 67.59 83.30
CA LEU B 1009 3.64 67.46 81.87
C LEU B 1009 2.63 68.48 81.35
N GLU B 1010 1.74 68.98 82.21
CA GLU B 1010 0.69 69.89 81.76
C GLU B 1010 1.31 71.16 81.22
N GLY B 1011 1.08 71.44 79.94
CA GLY B 1011 1.63 72.62 79.32
C GLY B 1011 3.03 72.45 78.83
N LEU B 1012 3.67 71.33 79.15
CA LEU B 1012 5.06 71.14 78.78
C LEU B 1012 5.20 70.78 77.30
N LEU B 1013 4.27 70.01 76.75
CA LEU B 1013 4.41 69.52 75.39
C LEU B 1013 3.73 70.32 74.30
N ASP B 1014 4.37 70.44 73.16
CA ASP B 1014 3.76 71.05 72.01
C ASP B 1014 2.92 69.95 71.45
N LEU B 1015 1.61 70.04 71.55
CA LEU B 1015 0.76 68.95 71.11
C LEU B 1015 0.66 68.86 69.60
N GLU B 1016 1.14 69.85 68.88
CA GLU B 1016 1.17 69.73 67.44
C GLU B 1016 2.38 68.90 67.00
N ARG B 1017 3.22 68.46 67.93
CA ARG B 1017 4.35 67.60 67.58
C ARG B 1017 4.19 66.23 68.19
N VAL B 1018 3.04 65.94 68.76
CA VAL B 1018 2.77 64.60 69.26
C VAL B 1018 1.89 63.90 68.26
N ILE B 1019 2.32 62.75 67.77
CA ILE B 1019 1.57 61.98 66.82
C ILE B 1019 0.78 60.91 67.52
N VAL B 1020 -0.45 60.72 67.11
CA VAL B 1020 -1.34 59.74 67.74
C VAL B 1020 -2.04 58.94 66.66
N VAL B 1021 -2.22 57.65 66.92
CA VAL B 1021 -3.05 56.81 66.07
C VAL B 1021 -4.51 57.00 66.49
N THR B 1022 -5.36 57.36 65.54
CA THR B 1022 -6.77 57.58 65.81
C THR B 1022 -7.67 56.50 65.23
N GLY B 1023 -7.17 55.67 64.33
CA GLY B 1023 -7.95 54.57 63.80
C GLY B 1023 -7.07 53.57 63.08
N PHE B 1024 -7.48 52.31 63.05
CA PHE B 1024 -6.71 51.28 62.39
C PHE B 1024 -7.65 50.19 61.90
N ALA B 1025 -7.17 49.43 60.92
CA ALA B 1025 -7.96 48.33 60.37
C ALA B 1025 -7.01 47.41 59.60
N GLU B 1026 -7.54 46.27 59.19
CA GLU B 1026 -6.79 45.33 58.42
C GLU B 1026 -7.65 44.33 57.70
N VAL B 1027 -7.10 43.66 56.72
CA VAL B 1027 -7.77 42.59 56.02
C VAL B 1027 -6.71 41.54 56.01
N GLY B 1028 -6.93 40.42 56.68
CA GLY B 1028 -5.96 39.35 56.78
C GLY B 1028 -6.56 37.98 56.83
N PRO B 1029 -5.73 36.96 57.01
CA PRO B 1029 -6.20 35.57 57.10
C PRO B 1029 -7.33 35.30 58.14
N TRP B 1030 -7.54 36.20 59.08
CA TRP B 1030 -8.60 36.05 60.10
C TRP B 1030 -9.61 37.17 60.09
N GLY B 1031 -9.83 37.80 58.94
CA GLY B 1031 -10.83 38.83 58.79
C GLY B 1031 -10.34 40.20 59.21
N SER B 1032 -11.18 40.94 59.92
CA SER B 1032 -10.86 42.30 60.32
C SER B 1032 -9.95 42.31 61.54
N ALA B 1033 -9.69 43.51 62.06
CA ALA B 1033 -8.90 43.64 63.28
C ALA B 1033 -9.61 43.04 64.48
N ARG B 1034 -10.91 43.23 64.55
CA ARG B 1034 -11.71 42.66 65.63
C ARG B 1034 -11.64 41.14 65.71
N THR B 1035 -11.90 40.45 64.62
CA THR B 1035 -11.89 38.99 64.63
C THR B 1035 -10.48 38.44 64.81
N ARG B 1036 -9.49 39.09 64.24
CA ARG B 1036 -8.12 38.65 64.40
C ARG B 1036 -7.68 38.80 65.85
N TRP B 1037 -8.11 39.88 66.50
CA TRP B 1037 -7.77 40.06 67.91
C TRP B 1037 -8.43 39.03 68.78
N GLU B 1038 -9.67 38.72 68.51
CA GLU B 1038 -10.33 37.67 69.25
C GLU B 1038 -9.63 36.32 69.10
N MET B 1039 -9.25 35.96 67.88
CA MET B 1039 -8.52 34.71 67.70
C MET B 1039 -7.13 34.77 68.33
N GLU B 1040 -6.47 35.91 68.27
CA GLU B 1040 -5.13 36.04 68.81
C GLU B 1040 -5.12 35.96 70.33
N ALA B 1041 -6.05 36.65 70.98
CA ALA B 1041 -6.06 36.75 72.43
C ALA B 1041 -6.74 35.55 73.08
N PHE B 1042 -7.93 35.21 72.65
CA PHE B 1042 -8.72 34.18 73.31
C PHE B 1042 -8.79 32.85 72.63
N GLY B 1043 -8.34 32.76 71.40
CA GLY B 1043 -8.33 31.50 70.69
C GLY B 1043 -9.68 31.04 70.19
N GLU B 1044 -10.70 31.87 70.36
CA GLU B 1044 -12.07 31.53 69.99
C GLU B 1044 -12.87 32.77 69.73
N PHE B 1045 -13.93 32.66 68.94
CA PHE B 1045 -14.79 33.80 68.66
C PHE B 1045 -15.93 33.87 69.66
N SER B 1046 -16.29 35.10 70.02
CA SER B 1046 -17.51 35.34 70.75
C SER B 1046 -18.69 35.29 69.78
N LEU B 1047 -19.89 35.57 70.28
CA LEU B 1047 -21.05 35.63 69.38
C LEU B 1047 -20.87 36.73 68.35
N GLU B 1048 -20.36 37.89 68.75
CA GLU B 1048 -20.13 38.98 67.82
C GLU B 1048 -19.07 38.65 66.82
N GLY B 1049 -18.00 38.01 67.24
CA GLY B 1049 -16.97 37.60 66.36
C GLY B 1049 -17.40 36.54 65.39
N CYS B 1050 -18.18 35.58 65.86
CA CYS B 1050 -18.69 34.55 64.96
C CYS B 1050 -19.63 35.14 63.92
N VAL B 1051 -20.53 36.03 64.35
CA VAL B 1051 -21.46 36.64 63.41
C VAL B 1051 -20.71 37.49 62.39
N GLU B 1052 -19.74 38.27 62.82
CA GLU B 1052 -18.96 39.05 61.89
C GLU B 1052 -18.19 38.18 60.90
N MET B 1053 -17.60 37.09 61.37
CA MET B 1053 -16.91 36.21 60.43
C MET B 1053 -17.88 35.59 59.44
N ALA B 1054 -19.07 35.21 59.90
CA ALA B 1054 -20.07 34.67 59.00
C ALA B 1054 -20.48 35.68 57.95
N TRP B 1055 -20.66 36.93 58.32
CA TRP B 1055 -20.98 37.97 57.37
C TRP B 1055 -19.82 38.22 56.39
N ILE B 1056 -18.59 38.28 56.88
CA ILE B 1056 -17.45 38.48 56.00
C ILE B 1056 -17.31 37.37 55.00
N MET B 1057 -17.51 36.13 55.42
CA MET B 1057 -17.31 35.01 54.53
C MET B 1057 -18.52 34.71 53.66
N GLY B 1058 -19.59 35.48 53.79
CA GLY B 1058 -20.75 35.30 52.97
C GLY B 1058 -21.64 34.14 53.33
N PHE B 1059 -21.49 33.55 54.51
CA PHE B 1059 -22.39 32.49 54.96
C PHE B 1059 -23.79 33.04 55.22
N ILE B 1060 -23.86 34.22 55.80
CA ILE B 1060 -25.13 34.80 56.15
C ILE B 1060 -25.31 36.15 55.55
N SER B 1061 -26.53 36.53 55.29
CA SER B 1061 -26.81 37.85 54.78
C SER B 1061 -28.01 38.39 55.49
N TYR B 1062 -28.19 39.69 55.42
CA TYR B 1062 -29.28 40.36 56.10
C TYR B 1062 -30.50 40.40 55.20
N HIS B 1063 -31.67 40.15 55.80
CA HIS B 1063 -32.91 40.23 55.07
C HIS B 1063 -33.91 41.03 55.85
N ASN B 1064 -34.69 41.87 55.16
CA ASN B 1064 -35.76 42.64 55.80
C ASN B 1064 -36.92 42.70 54.83
N GLY B 1065 -38.01 42.00 55.12
CA GLY B 1065 -39.18 42.01 54.28
C GLY B 1065 -39.94 40.70 54.40
N ASN B 1066 -40.62 40.35 53.32
CA ASN B 1066 -41.45 39.14 53.30
C ASN B 1066 -40.60 37.93 53.03
N LEU B 1067 -40.77 36.90 53.85
CA LEU B 1067 -40.02 35.65 53.68
C LEU B 1067 -40.92 34.44 53.92
N GLY B 1069 -43.90 33.75 53.74
CA GLY B 1069 -44.94 34.76 53.66
C GLY B 1069 -44.90 35.76 54.80
N ARG B 1070 -44.50 35.31 55.98
CA ARG B 1070 -44.45 36.18 57.14
C ARG B 1070 -43.37 37.23 56.97
N PRO B 1071 -43.49 38.35 57.69
CA PRO B 1071 -42.46 39.41 57.61
C PRO B 1071 -41.28 39.05 58.50
N TYR B 1072 -40.08 39.10 57.90
CA TYR B 1072 -38.86 38.76 58.63
C TYR B 1072 -37.77 39.82 58.55
N THR B 1073 -37.14 40.08 59.66
CA THR B 1073 -36.02 41.01 59.73
C THR B 1073 -34.90 40.33 60.50
N GLY B 1074 -33.81 40.02 59.83
CA GLY B 1074 -32.68 39.41 60.50
C GLY B 1074 -31.78 38.68 59.50
N TRP B 1075 -30.93 37.84 60.03
CA TRP B 1075 -30.04 37.10 59.21
C TRP B 1075 -30.69 35.93 58.54
N VAL B 1076 -30.25 35.63 57.35
CA VAL B 1076 -30.71 34.45 56.62
C VAL B 1076 -29.48 33.77 56.03
N ASP B 1077 -29.63 32.50 55.69
CA ASP B 1077 -28.57 31.79 54.99
C ASP B 1077 -28.44 32.32 53.57
N SER B 1078 -27.22 32.65 53.18
CA SER B 1078 -27.00 33.28 51.88
C SER B 1078 -27.32 32.36 50.71
N LYS B 1079 -27.14 31.05 50.88
CA LYS B 1079 -27.41 30.10 49.80
C LYS B 1079 -28.86 29.63 49.77
N THR B 1080 -29.47 29.38 50.92
CA THR B 1080 -30.84 28.89 50.98
C THR B 1080 -31.85 29.94 51.42
N LYS B 1081 -31.42 31.12 51.79
CA LYS B 1081 -32.31 32.17 52.26
C LYS B 1081 -33.18 31.75 53.44
N GLU B 1082 -32.73 30.76 54.20
CA GLU B 1082 -33.49 30.36 55.38
C GLU B 1082 -33.11 31.24 56.57
N PRO B 1083 -34.05 31.54 57.45
CA PRO B 1083 -33.65 32.44 58.53
C PRO B 1083 -32.63 31.84 59.47
N VAL B 1084 -31.81 32.68 60.08
CA VAL B 1084 -30.81 32.22 61.00
C VAL B 1084 -30.77 33.11 62.21
N ASP B 1085 -30.85 32.54 63.40
CA ASP B 1085 -30.74 33.32 64.61
C ASP B 1085 -29.29 33.42 65.04
N ASP B 1086 -28.94 34.46 65.75
CA ASP B 1086 -27.57 34.66 66.18
C ASP B 1086 -27.10 33.51 67.07
N LYS B 1087 -28.00 32.95 67.87
CA LYS B 1087 -27.62 31.85 68.74
C LYS B 1087 -27.18 30.63 67.93
N ASP B 1088 -27.81 30.40 66.78
CA ASP B 1088 -27.52 29.23 65.97
C ASP B 1088 -26.39 29.46 64.98
N VAL B 1089 -25.88 30.68 64.87
CA VAL B 1089 -24.83 30.96 63.89
C VAL B 1089 -23.59 30.13 64.20
N LYS B 1090 -23.20 30.04 65.47
CA LYS B 1090 -22.03 29.25 65.81
C LYS B 1090 -22.22 27.79 65.41
N ALA B 1091 -23.32 27.17 65.85
CA ALA B 1091 -23.52 25.76 65.54
C ALA B 1091 -23.62 25.51 64.04
N LYS B 1092 -24.16 26.48 63.28
CA LYS B 1092 -24.28 26.28 61.84
C LYS B 1092 -22.95 26.46 61.12
N TYR B 1093 -22.12 27.44 61.52
CA TYR B 1093 -21.07 27.91 60.64
C TYR B 1093 -19.67 27.94 61.25
N GLU B 1094 -19.48 27.69 62.54
CA GLU B 1094 -18.16 27.92 63.14
C GLU B 1094 -17.14 26.93 62.61
N THR B 1095 -17.53 25.67 62.41
CA THR B 1095 -16.60 24.68 61.86
C THR B 1095 -16.13 25.09 60.47
N SER B 1096 -17.06 25.53 59.62
CA SER B 1096 -16.68 26.01 58.29
C SER B 1096 -15.82 27.27 58.38
N ILE B 1097 -16.15 28.16 59.31
CA ILE B 1097 -15.39 29.40 59.45
C ILE B 1097 -13.95 29.10 59.82
N LEU B 1098 -13.75 28.18 60.74
CA LEU B 1098 -12.42 27.87 61.19
C LEU B 1098 -11.67 27.07 60.17
N GLU B 1099 -12.37 26.22 59.44
CA GLU B 1099 -11.75 25.41 58.41
C GLU B 1099 -11.26 26.23 57.22
N HIS B 1100 -11.83 27.42 57.01
CA HIS B 1100 -11.51 28.25 55.86
C HIS B 1100 -11.01 29.62 56.28
N SER B 1101 -10.20 29.67 57.34
CA SER B 1101 -9.60 30.90 57.80
C SER B 1101 -8.18 30.61 58.28
N GLY B 1102 -7.37 31.63 58.39
CA GLY B 1102 -6.01 31.47 58.82
C GLY B 1102 -5.10 30.72 57.89
N ILE B 1103 -4.02 30.20 58.41
CA ILE B 1103 -3.08 29.43 57.65
C ILE B 1103 -3.69 28.09 57.30
N ARG B 1104 -3.81 27.82 56.02
CA ARG B 1104 -4.44 26.62 55.56
C ARG B 1104 -3.91 26.15 54.25
N LEU B 1105 -4.33 24.98 53.81
CA LEU B 1105 -3.95 24.51 52.48
C LEU B 1105 -4.40 25.52 51.47
N ILE B 1106 -3.57 25.76 50.47
CA ILE B 1106 -3.87 26.75 49.45
C ILE B 1106 -5.05 26.34 48.62
N GLU B 1107 -5.97 27.26 48.38
CA GLU B 1107 -7.17 26.98 47.63
C GLU B 1107 -7.10 27.57 46.24
N PRO B 1108 -7.05 26.72 45.20
CA PRO B 1108 -6.88 27.27 43.84
C PRO B 1108 -7.96 28.27 43.45
N GLU B 1109 -9.16 28.19 43.99
CA GLU B 1109 -10.24 29.09 43.63
C GLU B 1109 -9.99 30.52 44.04
N LEU B 1110 -9.05 30.74 44.95
CA LEU B 1110 -8.78 32.08 45.44
C LEU B 1110 -7.62 32.70 44.73
N PHE B 1111 -6.88 31.93 43.97
CA PHE B 1111 -5.70 32.41 43.26
C PHE B 1111 -5.70 32.01 41.79
N ASN B 1112 -6.80 32.26 41.09
CA ASN B 1112 -6.93 31.96 39.65
C ASN B 1112 -6.53 30.55 39.25
N GLY B 1113 -7.00 29.57 39.99
CA GLY B 1113 -6.67 28.21 39.69
C GLY B 1113 -5.26 27.74 39.96
N TYR B 1114 -4.45 28.50 40.63
CA TYR B 1114 -3.13 28.04 41.01
C TYR B 1114 -3.19 26.84 41.92
N ASN B 1115 -2.57 25.76 41.51
CA ASN B 1115 -2.52 24.57 42.31
C ASN B 1115 -1.05 24.26 42.45
N PRO B 1116 -0.51 24.47 43.64
CA PRO B 1116 0.90 24.22 43.89
C PRO B 1116 1.31 22.76 43.60
N GLU B 1117 0.38 21.82 43.64
CA GLU B 1117 0.69 20.44 43.33
C GLU B 1117 0.79 20.16 41.83
N LYS B 1118 0.30 21.06 41.00
CA LYS B 1118 0.45 20.90 39.55
C LYS B 1118 0.79 22.22 38.91
N LYS B 1119 2.04 22.64 39.00
CA LYS B 1119 2.49 23.91 38.45
C LYS B 1119 2.77 23.78 36.96
N GLU B 1120 2.18 24.63 36.16
CA GLU B 1120 2.36 24.58 34.72
C GLU B 1120 3.55 25.30 34.14
N MET B 1121 4.34 24.58 33.39
CA MET B 1121 5.48 25.14 32.67
C MET B 1121 5.41 24.67 31.22
N ILE B 1122 6.29 25.18 30.39
CA ILE B 1122 6.39 24.77 28.99
C ILE B 1122 7.83 24.45 28.66
N GLN B 1123 8.02 23.50 27.76
CA GLN B 1123 9.34 23.09 27.31
C GLN B 1123 9.44 23.25 25.80
N GLU B 1124 10.60 23.70 25.34
CA GLU B 1124 10.87 23.87 23.92
C GLU B 1124 11.35 22.55 23.33
N VAL B 1125 10.69 22.12 22.26
CA VAL B 1125 11.08 20.92 21.54
C VAL B 1125 11.17 21.25 20.05
N ILE B 1126 12.19 20.73 19.39
CA ILE B 1126 12.34 20.88 17.95
C ILE B 1126 11.50 19.80 17.27
N VAL B 1127 10.68 20.21 16.31
CA VAL B 1127 9.83 19.27 15.60
C VAL B 1127 10.69 18.30 14.79
N GLU B 1128 10.41 17.01 14.92
CA GLU B 1128 11.13 15.99 14.19
C GLU B 1128 10.50 15.64 12.85
N GLU B 1129 9.22 15.97 12.65
CA GLU B 1129 8.53 15.69 11.40
C GLU B 1129 7.41 16.69 11.22
N ASP B 1130 7.07 16.96 9.97
CA ASP B 1130 6.03 17.94 9.66
C ASP B 1130 4.77 17.66 10.49
N LEU B 1131 4.04 18.71 10.82
CA LEU B 1131 2.81 18.55 11.57
C LEU B 1131 1.66 18.56 10.61
N GLU B 1132 0.47 18.28 11.13
CA GLU B 1132 -0.72 18.33 10.31
C GLU B 1132 -1.19 19.75 10.19
N PRO B 1133 -1.53 20.16 8.98
CA PRO B 1133 -1.99 21.53 8.77
C PRO B 1133 -3.15 21.88 9.66
N PHE B 1134 -3.25 23.14 10.05
CA PHE B 1134 -4.37 23.58 10.85
C PHE B 1134 -4.81 24.91 10.29
N GLU B 1135 -6.11 25.13 10.28
CA GLU B 1135 -6.60 26.37 9.68
C GLU B 1135 -6.48 27.53 10.66
N ALA B 1136 -6.12 28.69 10.14
CA ALA B 1136 -6.00 29.91 10.92
C ALA B 1136 -6.35 31.10 10.03
N SER B 1137 -6.65 32.22 10.66
CA SER B 1137 -6.94 33.44 9.93
C SER B 1137 -5.68 33.97 9.25
N LYS B 1138 -5.88 34.84 8.26
CA LYS B 1138 -4.75 35.33 7.48
C LYS B 1138 -3.74 36.06 8.35
N GLU B 1139 -4.21 36.89 9.27
CA GLU B 1139 -3.30 37.63 10.14
C GLU B 1139 -2.50 36.67 11.01
N THR B 1140 -3.17 35.68 11.59
CA THR B 1140 -2.48 34.70 12.44
C THR B 1140 -1.49 33.88 11.63
N ALA B 1141 -1.88 33.49 10.41
CA ALA B 1141 -0.97 32.73 9.55
C ALA B 1141 0.26 33.55 9.21
N GLU B 1142 0.11 34.84 8.99
CA GLU B 1142 1.25 35.69 8.66
C GLU B 1142 2.11 35.89 9.87
N GLN B 1143 1.53 35.94 11.05
CA GLN B 1143 2.35 36.00 12.26
C GLN B 1143 3.17 34.72 12.44
N PHE B 1144 2.55 33.56 12.19
CA PHE B 1144 3.30 32.31 12.24
C PHE B 1144 4.42 32.29 11.20
N LYS B 1145 4.19 32.85 10.03
CA LYS B 1145 5.19 32.82 8.97
C LYS B 1145 6.32 33.75 9.30
N HIS B 1146 5.99 34.85 9.96
CA HIS B 1146 6.99 35.79 10.37
C HIS B 1146 7.87 35.17 11.43
N GLN B 1147 7.26 34.41 12.34
CA GLN B 1147 8.04 33.78 13.40
C GLN B 1147 8.94 32.68 12.86
N HIS B 1148 8.39 31.78 12.04
CA HIS B 1148 9.09 30.56 11.67
C HIS B 1148 9.83 30.65 10.34
N GLY B 1149 9.45 31.54 9.44
CA GLY B 1149 10.08 31.62 8.14
C GLY B 1149 9.98 30.34 7.36
N ASP B 1150 11.10 29.84 6.87
CA ASP B 1150 11.13 28.61 6.08
C ASP B 1150 10.60 27.37 6.75
N LYS B 1151 10.43 27.38 8.07
CA LYS B 1151 10.01 26.19 8.78
C LYS B 1151 8.50 26.07 8.89
N VAL B 1152 7.75 26.87 8.14
CA VAL B 1152 6.30 26.80 8.11
C VAL B 1152 5.82 27.14 6.71
N ASP B 1153 4.69 26.55 6.32
CA ASP B 1153 4.08 26.83 5.03
C ASP B 1153 2.65 27.29 5.26
N ILE B 1154 2.29 28.43 4.67
CA ILE B 1154 0.94 28.98 4.77
C ILE B 1154 0.40 29.14 3.35
N PHE B 1155 -0.82 28.64 3.14
CA PHE B 1155 -1.45 28.67 1.83
C PHE B 1155 -2.93 29.02 2.00
N GLU B 1156 -3.42 30.00 1.28
CA GLU B 1156 -4.81 30.37 1.40
C GLU B 1156 -5.73 29.31 0.86
N ILE B 1157 -6.79 29.01 1.59
CA ILE B 1157 -7.78 28.08 1.11
C ILE B 1157 -8.62 28.97 0.25
N PRO B 1158 -8.65 28.73 -1.06
CA PRO B 1158 -9.34 29.63 -1.97
C PRO B 1158 -10.83 29.80 -1.75
N GLU B 1159 -11.49 28.83 -1.15
CA GLU B 1159 -12.94 28.89 -1.01
C GLU B 1159 -13.42 29.46 0.31
N THR B 1160 -12.51 29.70 1.23
CA THR B 1160 -12.88 30.20 2.55
C THR B 1160 -12.22 31.51 2.85
N GLY B 1161 -11.04 31.75 2.27
CA GLY B 1161 -10.30 32.96 2.55
C GLY B 1161 -9.41 32.72 3.74
N GLU B 1162 -9.49 31.52 4.30
CA GLU B 1162 -8.69 31.19 5.45
C GLU B 1162 -7.37 30.69 4.97
N TYR B 1163 -6.52 30.34 5.92
CA TYR B 1163 -5.18 29.87 5.59
C TYR B 1163 -4.91 28.58 6.35
N SER B 1164 -4.16 27.70 5.71
CA SER B 1164 -3.66 26.50 6.36
C SER B 1164 -2.24 26.76 6.84
N VAL B 1165 -1.94 26.33 8.06
CA VAL B 1165 -0.62 26.54 8.63
C VAL B 1165 -0.02 25.17 8.76
N LYS B 1166 1.16 24.99 8.22
CA LYS B 1166 1.81 23.73 8.27
C LYS B 1166 3.19 23.87 8.85
N LEU B 1167 3.37 23.48 10.10
CA LEU B 1167 4.66 23.57 10.75
C LEU B 1167 5.51 22.42 10.27
N LEU B 1168 6.71 22.70 9.81
CA LEU B 1168 7.58 21.71 9.21
C LEU B 1168 8.64 21.25 10.19
N LYS B 1169 9.38 20.22 9.76
CA LYS B 1169 10.47 19.66 10.56
C LYS B 1169 11.51 20.72 10.88
N GLY B 1170 12.03 20.67 12.09
CA GLY B 1170 13.04 21.61 12.54
C GLY B 1170 12.49 22.85 13.20
N ALA B 1171 11.18 23.04 13.20
CA ALA B 1171 10.59 24.20 13.85
C ALA B 1171 10.51 23.99 15.36
N THR B 1172 10.21 25.06 16.07
CA THR B 1172 10.16 25.05 17.52
C THR B 1172 8.72 25.10 18.01
N LEU B 1173 8.41 24.31 19.02
CA LEU B 1173 7.12 24.32 19.69
C LEU B 1173 7.34 24.39 21.19
N TYR B 1174 6.23 24.46 21.93
CA TYR B 1174 6.23 24.37 23.37
C TYR B 1174 5.14 23.42 23.82
N ILE B 1175 5.52 22.40 24.57
CA ILE B 1175 4.58 21.43 25.15
C ILE B 1175 4.45 21.74 26.63
N PRO B 1176 3.24 21.99 27.14
CA PRO B 1176 3.08 22.17 28.59
C PRO B 1176 3.53 20.94 29.36
N LYS B 1177 4.19 21.17 30.49
CA LYS B 1177 4.53 20.11 31.44
C LYS B 1177 4.24 20.60 32.84
N ALA B 1178 3.78 19.69 33.69
CA ALA B 1178 3.37 20.02 35.05
C ALA B 1178 4.48 19.68 36.03
N LEU B 1179 4.58 20.50 37.08
CA LEU B 1179 5.59 20.34 38.12
C LEU B 1179 4.91 20.34 39.48
N ARG B 1180 5.41 19.55 40.40
CA ARG B 1180 4.91 19.53 41.76
C ARG B 1180 5.75 20.43 42.67
N PHE B 1181 5.17 21.47 43.24
CA PHE B 1181 5.85 22.36 44.15
C PHE B 1181 5.55 21.91 45.59
N ASP B 1182 6.54 22.08 46.46
CA ASP B 1182 6.43 21.64 47.85
C ASP B 1182 5.96 22.67 48.89
N ARG B 1183 5.49 23.83 48.45
CA ARG B 1183 4.88 24.79 49.39
C ARG B 1183 3.40 24.75 49.11
N LEU B 1184 2.61 24.23 50.03
CA LEU B 1184 1.19 24.06 49.80
C LEU B 1184 0.29 24.77 50.75
N VAL B 1185 0.83 25.51 51.71
CA VAL B 1185 0.04 26.15 52.73
C VAL B 1185 0.28 27.64 52.70
N ALA B 1186 -0.72 28.42 52.99
CA ALA B 1186 -0.56 29.85 53.07
C ALA B 1186 -1.56 30.50 53.96
N GLY B 1187 -1.23 31.66 54.51
CA GLY B 1187 -2.19 32.40 55.28
C GLY B 1187 -3.08 33.21 54.36
N GLN B 1188 -4.29 32.74 54.13
CA GLN B 1188 -5.16 33.29 53.11
C GLN B 1188 -6.36 33.98 53.76
N ILE B 1189 -6.77 35.08 53.15
CA ILE B 1189 -7.97 35.80 53.59
C ILE B 1189 -9.16 34.84 53.56
N PRO B 1190 -10.04 34.91 54.57
CA PRO B 1190 -11.12 33.90 54.64
C PRO B 1190 -11.87 33.65 53.33
N THR B 1191 -12.12 32.40 53.00
CA THR B 1191 -12.86 32.06 51.79
C THR B 1191 -14.28 32.57 51.84
N GLY B 1192 -14.67 33.33 50.82
CA GLY B 1192 -15.99 33.93 50.79
C GLY B 1192 -15.88 35.43 50.85
N TRP B 1193 -14.73 35.94 51.25
CA TRP B 1193 -14.48 37.38 51.29
C TRP B 1193 -14.70 38.01 49.94
N ASN B 1194 -15.40 39.12 49.90
CA ASN B 1194 -15.74 39.76 48.65
C ASN B 1194 -15.89 41.24 48.89
N ALA B 1195 -15.18 42.05 48.12
CA ALA B 1195 -15.29 43.49 48.23
C ALA B 1195 -16.71 44.00 47.96
N LYS B 1196 -17.56 43.21 47.31
CA LYS B 1196 -18.95 43.62 47.17
C LYS B 1196 -19.67 43.63 48.51
N THR B 1197 -19.28 42.81 49.47
CA THR B 1197 -19.91 42.77 50.80
C THR B 1197 -19.65 44.08 51.53
N TYR B 1198 -18.56 44.74 51.21
CA TYR B 1198 -18.25 46.02 51.79
C TYR B 1198 -18.86 47.18 51.00
N GLY B 1199 -19.23 46.96 49.75
CA GLY B 1199 -19.85 47.99 48.94
C GLY B 1199 -19.08 48.41 47.71
N ILE B 1200 -17.88 47.89 47.48
CA ILE B 1200 -17.11 48.24 46.30
C ILE B 1200 -17.81 47.67 45.07
N SER B 1201 -17.95 48.51 44.04
CA SER B 1201 -18.77 48.16 42.90
C SER B 1201 -18.03 47.23 41.93
N ASP B 1202 -18.79 46.63 41.02
CA ASP B 1202 -18.23 45.65 40.09
C ASP B 1202 -17.19 46.29 39.17
N ASP B 1203 -17.44 47.52 38.72
CA ASP B 1203 -16.51 48.16 37.79
C ASP B 1203 -15.14 48.34 38.42
N ILE B 1204 -15.11 48.80 39.68
CA ILE B 1204 -13.83 48.94 40.37
C ILE B 1204 -13.17 47.58 40.55
N ILE B 1205 -13.95 46.56 40.92
CA ILE B 1205 -13.38 45.23 41.13
C ILE B 1205 -12.76 44.71 39.85
N SER B 1206 -13.39 44.96 38.70
CA SER B 1206 -12.85 44.49 37.43
C SER B 1206 -11.71 45.36 36.92
N GLN B 1207 -11.59 46.59 37.42
CA GLN B 1207 -10.53 47.49 36.98
C GLN B 1207 -9.20 47.22 37.69
N VAL B 1208 -9.23 47.05 39.00
CA VAL B 1208 -8.02 47.17 39.82
C VAL B 1208 -7.47 45.79 40.16
N ASP B 1209 -6.24 45.79 40.67
CA ASP B 1209 -5.60 44.59 41.17
C ASP B 1209 -6.26 44.14 42.48
N PRO B 1210 -6.25 42.84 42.75
CA PRO B 1210 -6.85 42.34 43.99
C PRO B 1210 -6.30 42.98 45.29
N ILE B 1211 -5.06 43.43 45.29
CA ILE B 1211 -4.47 44.09 46.45
C ILE B 1211 -5.15 45.42 46.72
N THR B 1212 -5.57 46.12 45.66
CA THR B 1212 -6.22 47.42 45.82
C THR B 1212 -7.51 47.28 46.61
N LEU B 1213 -8.22 46.17 46.50
CA LEU B 1213 -9.45 45.93 47.25
C LEU B 1213 -9.17 45.77 48.72
N PHE B 1214 -8.14 45.02 49.09
CA PHE B 1214 -7.75 44.92 50.46
C PHE B 1214 -7.42 46.33 50.98
N VAL B 1215 -6.67 47.15 50.22
CA VAL B 1215 -6.30 48.48 50.67
C VAL B 1215 -7.52 49.36 50.86
N LEU B 1216 -8.46 49.33 49.92
CA LEU B 1216 -9.64 50.18 50.01
C LEU B 1216 -10.48 49.82 51.23
N VAL B 1217 -10.71 48.52 51.45
CA VAL B 1217 -11.50 48.09 52.60
C VAL B 1217 -10.79 48.48 53.90
N SER B 1218 -9.48 48.28 53.97
CA SER B 1218 -8.75 48.62 55.18
C SER B 1218 -8.80 50.12 55.45
N VAL B 1219 -8.69 50.94 54.41
CA VAL B 1219 -8.75 52.39 54.60
C VAL B 1219 -10.12 52.79 55.12
N VAL B 1220 -11.18 52.25 54.52
CA VAL B 1220 -12.53 52.60 54.97
C VAL B 1220 -12.74 52.17 56.42
N GLU B 1221 -12.31 50.95 56.76
CA GLU B 1221 -12.51 50.46 58.12
C GLU B 1221 -11.64 51.21 59.11
N ALA B 1222 -10.47 51.69 58.70
CA ALA B 1222 -9.62 52.46 59.60
C ALA B 1222 -10.19 53.85 59.85
N PHE B 1223 -10.84 54.44 58.84
CA PHE B 1223 -11.53 55.71 59.08
C PHE B 1223 -12.75 55.51 59.96
N ILE B 1224 -13.48 54.40 59.78
CA ILE B 1224 -14.59 54.11 60.67
C ILE B 1224 -14.10 53.93 62.10
N ALA B 1225 -13.00 53.19 62.28
CA ALA B 1225 -12.44 52.99 63.61
C ALA B 1225 -12.00 54.31 64.24
N SER B 1226 -11.78 55.35 63.43
CA SER B 1226 -11.49 56.68 63.91
C SER B 1226 -12.74 57.54 64.07
N GLY B 1227 -13.92 56.97 63.85
CA GLY B 1227 -15.15 57.72 63.97
C GLY B 1227 -15.41 58.68 62.83
N ILE B 1228 -14.63 58.61 61.76
CA ILE B 1228 -14.79 59.50 60.61
C ILE B 1228 -15.52 58.71 59.54
N THR B 1229 -16.81 58.99 59.38
CA THR B 1229 -17.64 58.24 58.44
C THR B 1229 -17.65 58.89 57.07
N ASP B 1230 -17.33 60.16 56.99
CA ASP B 1230 -17.20 60.86 55.73
C ASP B 1230 -15.83 61.53 55.70
N PRO B 1231 -14.93 61.02 54.87
CA PRO B 1231 -13.58 61.61 54.84
C PRO B 1231 -13.57 63.10 54.57
N TYR B 1232 -14.58 63.64 53.88
CA TYR B 1232 -14.62 65.07 53.65
C TYR B 1232 -14.78 65.88 54.92
N GLU B 1233 -15.15 65.26 56.03
CA GLU B 1233 -15.23 65.97 57.29
C GLU B 1233 -13.87 66.43 57.75
N MET B 1234 -12.81 65.79 57.31
CA MET B 1234 -11.46 66.26 57.63
C MET B 1234 -11.24 67.67 57.08
N TYR B 1235 -11.87 68.01 55.96
CA TYR B 1235 -11.68 69.31 55.34
C TYR B 1235 -12.46 70.41 56.03
N LYS B 1236 -13.19 70.10 57.10
CA LYS B 1236 -13.73 71.14 57.98
C LYS B 1236 -12.71 71.64 58.97
N TYR B 1237 -11.57 70.96 59.07
CA TYR B 1237 -10.50 71.37 59.98
C TYR B 1237 -9.19 71.67 59.30
N VAL B 1238 -8.89 71.02 58.21
CA VAL B 1238 -7.60 71.17 57.55
C VAL B 1238 -7.84 71.49 56.09
N HIS B 1239 -6.81 72.05 55.46
CA HIS B 1239 -6.83 72.28 54.02
C HIS B 1239 -6.65 70.96 53.27
N VAL B 1240 -7.13 70.94 52.02
CA VAL B 1240 -7.04 69.73 51.22
C VAL B 1240 -5.59 69.31 51.05
N SER B 1241 -4.65 70.25 51.10
CA SER B 1241 -3.23 69.95 50.94
C SER B 1241 -2.61 69.36 52.20
N GLU B 1242 -3.39 69.08 53.24
CA GLU B 1242 -2.85 68.70 54.54
C GLU B 1242 -3.26 67.28 54.94
N VAL B 1243 -3.75 66.48 54.01
CA VAL B 1243 -4.04 65.07 54.25
C VAL B 1243 -3.09 64.26 53.38
N GLY B 1244 -2.15 63.57 54.02
CA GLY B 1244 -1.17 62.79 53.30
C GLY B 1244 -1.50 61.31 53.25
N ASN B 1245 -0.81 60.62 52.36
CA ASN B 1245 -0.89 59.16 52.25
C ASN B 1245 0.53 58.65 52.10
N CYS B 1246 1.02 57.92 53.10
CA CYS B 1246 2.41 57.48 53.13
C CYS B 1246 2.54 55.98 53.28
N SER B 1247 1.54 55.23 52.84
CA SER B 1247 1.58 53.77 52.91
C SER B 1247 2.13 53.19 51.60
N GLY B 1248 2.63 51.96 51.70
CA GLY B 1248 3.21 51.30 50.55
C GLY B 1248 3.15 49.78 50.61
N SER B 1249 3.84 49.13 49.68
CA SER B 1249 3.91 47.67 49.65
C SER B 1249 5.32 47.25 49.29
N GLY B 1250 5.62 45.99 49.47
CA GLY B 1250 6.91 45.47 49.06
C GLY B 1250 6.97 45.12 47.58
N MET B 1251 5.88 44.70 46.98
CA MET B 1251 5.87 44.27 45.57
C MET B 1251 4.69 44.74 44.73
N GLY B 1252 3.70 45.37 45.34
CA GLY B 1252 2.56 45.88 44.63
C GLY B 1252 1.64 44.91 43.94
N GLY B 1253 1.05 45.34 42.83
CA GLY B 1253 0.11 44.52 42.10
C GLY B 1253 0.72 43.41 41.30
N VAL B 1254 1.17 42.35 41.98
CA VAL B 1254 1.85 41.25 41.31
C VAL B 1254 0.94 40.52 40.32
N SER B 1255 -0.37 40.60 40.50
CA SER B 1255 -1.28 40.00 39.53
C SER B 1255 -1.23 40.73 38.19
N ALA B 1256 -1.15 42.06 38.21
CA ALA B 1256 -0.95 42.80 36.96
C ALA B 1256 0.42 42.53 36.35
N LEU B 1257 1.40 42.21 37.17
CA LEU B 1257 2.71 41.83 36.67
C LEU B 1257 2.58 40.53 35.93
N ARG B 1258 1.86 39.58 36.50
CA ARG B 1258 1.58 38.34 35.78
C ARG B 1258 0.87 38.64 34.48
N GLY B 1259 -0.14 39.51 34.51
CA GLY B 1259 -0.88 39.82 33.31
C GLY B 1259 0.00 40.32 32.19
N MET B 1260 0.95 41.22 32.50
CA MET B 1260 1.75 41.81 31.44
C MET B 1260 2.95 40.95 31.05
N PHE B 1261 3.45 40.10 31.96
CA PHE B 1261 4.65 39.32 31.66
C PHE B 1261 4.36 37.91 31.14
N LYS B 1262 3.23 37.30 31.49
CA LYS B 1262 2.92 35.95 31.04
C LYS B 1262 1.64 35.92 30.20
N ASP B 1263 0.56 36.50 30.69
CA ASP B 1263 -0.70 36.42 29.94
C ASP B 1263 -0.59 37.09 28.59
N ARG B 1264 0.10 38.23 28.49
CA ARG B 1264 0.31 38.91 27.21
C ARG B 1264 1.20 38.08 26.32
N PHE B 1265 2.17 37.39 26.89
CA PHE B 1265 3.02 36.51 26.10
C PHE B 1265 2.22 35.39 25.45
N LYS B 1266 1.23 34.84 26.17
CA LYS B 1266 0.36 33.81 25.63
C LYS B 1266 -0.82 34.40 24.86
N ASP B 1267 -0.82 35.70 24.64
CA ASP B 1267 -1.86 36.35 23.85
C ASP B 1267 -3.25 36.15 24.42
N GLU B 1268 -3.38 36.21 25.73
CA GLU B 1268 -4.67 36.08 26.37
C GLU B 1268 -5.18 37.47 26.62
N PRO B 1269 -6.49 37.65 26.71
CA PRO B 1269 -7.05 39.00 26.87
C PRO B 1269 -6.59 39.64 28.17
N VAL B 1270 -5.86 40.75 28.05
CA VAL B 1270 -5.42 41.55 29.18
C VAL B 1270 -5.83 42.99 28.91
N GLN B 1271 -6.35 43.66 29.94
CA GLN B 1271 -6.77 45.05 29.79
C GLN B 1271 -5.59 45.90 29.35
N ASN B 1272 -5.89 46.92 28.53
CA ASN B 1272 -4.83 47.69 27.89
C ASN B 1272 -4.07 48.56 28.86
N ASP B 1273 -4.62 48.82 30.04
CA ASP B 1273 -3.95 49.63 31.06
C ASP B 1273 -3.52 48.79 32.25
N ILE B 1274 -3.18 47.52 32.01
CA ILE B 1274 -2.74 46.65 33.10
C ILE B 1274 -1.47 47.16 33.73
N LEU B 1275 -0.65 47.91 32.98
CA LEU B 1275 0.63 48.37 33.50
C LEU B 1275 0.43 49.28 34.71
N GLN B 1276 -0.53 50.19 34.63
CA GLN B 1276 -0.74 51.12 35.74
C GLN B 1276 -1.21 50.42 37.00
N GLU B 1277 -1.98 49.34 36.86
CA GLU B 1277 -2.48 48.63 38.02
C GLU B 1277 -1.39 47.92 38.80
N SER B 1278 -0.22 47.76 38.21
CA SER B 1278 0.87 47.09 38.87
C SER B 1278 1.70 48.00 39.77
N PHE B 1279 1.69 49.31 39.54
CA PHE B 1279 2.56 50.22 40.27
C PHE B 1279 2.23 50.18 41.77
N ILE B 1280 3.28 50.28 42.59
CA ILE B 1280 3.11 50.22 44.03
C ILE B 1280 2.37 51.45 44.58
N ASN B 1281 2.42 52.58 43.87
CA ASN B 1281 1.69 53.78 44.27
C ASN B 1281 0.27 53.83 43.72
N THR B 1282 -0.12 52.84 42.92
CA THR B 1282 -1.46 52.84 42.35
C THR B 1282 -2.53 52.58 43.41
N MET B 1283 -2.22 51.81 44.45
CA MET B 1283 -3.17 51.62 45.52
C MET B 1283 -3.50 52.94 46.22
N SER B 1284 -2.47 53.74 46.51
CA SER B 1284 -2.70 55.05 47.10
C SER B 1284 -3.44 55.97 46.13
N ALA B 1285 -3.10 55.89 44.84
CA ALA B 1285 -3.84 56.67 43.86
C ALA B 1285 -5.33 56.33 43.87
N TRP B 1286 -5.66 55.04 43.91
CA TRP B 1286 -7.06 54.64 43.95
C TRP B 1286 -7.74 55.05 45.24
N VAL B 1287 -7.05 54.94 46.37
CA VAL B 1287 -7.60 55.43 47.63
C VAL B 1287 -7.98 56.89 47.51
N ASN B 1288 -7.06 57.72 46.99
CA ASN B 1288 -7.35 59.14 46.86
C ASN B 1288 -8.45 59.41 45.83
N MET B 1289 -8.49 58.63 44.76
CA MET B 1289 -9.46 58.86 43.69
C MET B 1289 -10.86 58.40 44.04
N LEU B 1290 -11.01 57.50 45.02
CA LEU B 1290 -12.32 57.01 45.40
C LEU B 1290 -12.83 57.51 46.74
N LEU B 1291 -11.95 57.82 47.70
CA LEU B 1291 -12.42 58.22 49.02
C LEU B 1291 -11.94 59.60 49.46
N ILE B 1292 -10.64 59.86 49.34
CA ILE B 1292 -10.04 60.96 50.08
C ILE B 1292 -10.14 62.28 49.31
N SER B 1293 -9.69 62.28 48.05
CA SER B 1293 -9.75 63.47 47.20
C SER B 1293 -8.88 64.62 47.74
N SER B 1294 -7.80 64.29 48.43
CA SER B 1294 -6.91 65.31 48.95
C SER B 1294 -5.81 65.61 47.93
N SER B 1295 -5.21 66.79 48.09
CA SER B 1295 -4.03 67.18 47.32
C SER B 1295 -2.82 67.33 48.23
N GLY B 1296 -2.74 66.47 49.26
CA GLY B 1296 -1.65 66.50 50.20
C GLY B 1296 -0.51 65.61 49.77
N PRO B 1297 0.51 65.50 50.63
CA PRO B 1297 1.70 64.72 50.26
C PRO B 1297 1.36 63.26 50.01
N ILE B 1298 2.03 62.66 49.02
CA ILE B 1298 1.93 61.24 48.74
C ILE B 1298 3.35 60.71 48.58
N LYS B 1299 3.77 59.86 49.50
CA LYS B 1299 5.10 59.27 49.50
C LYS B 1299 4.94 57.78 49.73
N THR B 1300 5.19 56.98 48.71
CA THR B 1300 4.92 55.55 48.77
C THR B 1300 6.20 54.80 49.08
N PRO B 1301 6.37 54.25 50.29
CA PRO B 1301 7.61 53.52 50.59
C PRO B 1301 7.60 52.12 50.00
N VAL B 1302 8.81 51.61 49.78
CA VAL B 1302 9.02 50.22 49.38
C VAL B 1302 10.12 49.69 50.29
N GLY B 1303 9.75 48.80 51.21
CA GLY B 1303 10.70 48.33 52.20
C GLY B 1303 10.64 46.84 52.47
N ALA B 1304 10.25 46.09 51.46
CA ALA B 1304 10.11 44.64 51.62
C ALA B 1304 9.21 44.28 52.83
N CYS B 1305 9.76 43.62 53.83
CA CYS B 1305 8.96 43.25 54.99
C CYS B 1305 8.91 44.33 56.07
N ALA B 1306 9.71 45.39 55.96
CA ALA B 1306 9.67 46.51 56.89
C ALA B 1306 8.90 47.70 56.31
N THR B 1307 8.06 47.43 55.30
CA THR B 1307 7.37 48.50 54.60
C THR B 1307 6.47 49.30 55.53
N SER B 1308 5.75 48.61 56.43
CA SER B 1308 4.78 49.30 57.27
C SER B 1308 5.47 50.21 58.29
N VAL B 1309 6.56 49.73 58.90
CA VAL B 1309 7.30 50.57 59.83
C VAL B 1309 7.91 51.76 59.10
N GLU B 1310 8.44 51.54 57.90
CA GLU B 1310 8.97 52.64 57.12
C GLU B 1310 7.87 53.64 56.79
N SER B 1311 6.67 53.16 56.48
CA SER B 1311 5.54 54.03 56.20
C SER B 1311 5.19 54.87 57.43
N VAL B 1312 5.19 54.25 58.61
CA VAL B 1312 4.91 54.99 59.83
C VAL B 1312 5.96 56.08 60.05
N ASP B 1313 7.23 55.73 59.84
CA ASP B 1313 8.29 56.72 60.01
C ASP B 1313 8.11 57.90 59.06
N ILE B 1314 7.85 57.60 57.78
CA ILE B 1314 7.67 58.66 56.80
C ILE B 1314 6.47 59.52 57.13
N GLY B 1315 5.37 58.90 57.59
CA GLY B 1315 4.20 59.67 57.93
C GLY B 1315 4.44 60.58 59.13
N VAL B 1316 5.14 60.07 60.14
CA VAL B 1316 5.45 60.90 61.31
C VAL B 1316 6.28 62.10 60.89
N GLU B 1317 7.30 61.86 60.05
CA GLU B 1317 8.14 62.98 59.63
C GLU B 1317 7.40 63.93 58.71
N THR B 1318 6.47 63.43 57.90
CA THR B 1318 5.64 64.30 57.07
C THR B 1318 4.77 65.21 57.92
N ILE B 1319 4.16 64.73 59.00
CA ILE B 1319 3.36 65.60 59.85
C ILE B 1319 4.23 66.58 60.62
N LEU B 1320 5.37 66.13 61.12
CA LEU B 1320 6.26 66.99 61.86
C LEU B 1320 6.93 68.04 61.01
N SER B 1321 7.09 67.81 59.72
CA SER B 1321 7.62 68.84 58.85
C SER B 1321 6.59 69.90 58.49
N GLY B 1322 5.33 69.68 58.81
CA GLY B 1322 4.29 70.62 58.46
C GLY B 1322 3.66 70.42 57.10
N LYS B 1323 4.04 69.39 56.40
CA LYS B 1323 3.44 69.09 55.12
C LYS B 1323 2.04 68.50 55.24
N ALA B 1324 1.71 67.93 56.40
CA ALA B 1324 0.40 67.35 56.63
C ALA B 1324 0.03 67.40 58.10
N ARG B 1325 -1.24 67.21 58.41
CA ARG B 1325 -1.69 67.12 59.77
C ARG B 1325 -2.38 65.78 59.96
N ILE B 1326 -2.82 65.14 58.88
CA ILE B 1326 -3.40 63.79 58.92
C ILE B 1326 -2.69 62.96 57.87
N CYS B 1327 -2.34 61.73 58.21
CA CYS B 1327 -1.66 60.86 57.27
C CYS B 1327 -2.23 59.44 57.32
N ILE B 1328 -2.34 58.83 56.15
CA ILE B 1328 -2.67 57.41 56.03
C ILE B 1328 -1.36 56.64 55.94
N VAL B 1329 -1.15 55.71 56.87
CA VAL B 1329 0.05 54.88 56.88
C VAL B 1329 -0.39 53.42 56.96
N GLY B 1330 0.53 52.54 56.61
CA GLY B 1330 0.29 51.11 56.68
C GLY B 1330 1.01 50.39 55.57
N GLY B 1331 0.62 49.14 55.36
CA GLY B 1331 1.27 48.28 54.40
C GLY B 1331 0.31 47.26 53.83
N TYR B 1332 0.71 46.67 52.71
CA TYR B 1332 -0.11 45.71 52.01
C TYR B 1332 0.76 44.90 51.05
N ASP B 1333 0.29 43.70 50.73
CA ASP B 1333 0.94 42.83 49.75
C ASP B 1333 0.06 41.61 49.57
N ASP B 1334 0.16 41.02 48.39
CA ASP B 1334 -0.62 39.86 48.06
C ASP B 1334 0.20 38.60 47.96
N PHE B 1335 -0.47 37.47 47.81
CA PHE B 1335 0.19 36.20 47.62
C PHE B 1335 -0.20 35.67 46.24
N GLN B 1336 0.75 35.20 45.48
CA GLN B 1336 0.50 34.64 44.18
C GLN B 1336 1.51 33.55 43.86
N GLU B 1337 1.25 32.79 42.81
CA GLU B 1337 2.13 31.71 42.40
C GLU B 1337 3.60 32.04 42.21
N GLU B 1338 3.93 33.03 41.40
CA GLU B 1338 5.32 33.34 41.11
C GLU B 1338 6.12 33.74 42.34
N GLY B 1339 5.55 34.57 43.22
CA GLY B 1339 6.24 34.97 44.43
C GLY B 1339 6.45 33.79 45.37
N SER B 1340 5.46 32.91 45.49
CA SER B 1340 5.61 31.72 46.30
C SER B 1340 6.74 30.85 45.80
N PHE B 1341 6.80 30.61 44.51
CA PHE B 1341 7.86 29.81 43.92
C PHE B 1341 9.19 30.43 44.19
N GLU B 1342 9.30 31.74 43.98
CA GLU B 1342 10.61 32.36 44.15
C GLU B 1342 11.05 32.38 45.61
N PHE B 1343 10.11 32.52 46.54
CA PHE B 1343 10.48 32.36 47.95
C PHE B 1343 10.84 30.91 48.27
N GLY B 1344 10.26 29.96 47.55
CA GLY B 1344 10.68 28.58 47.69
C GLY B 1344 12.10 28.35 47.18
N ASN B 1345 12.44 28.89 46.01
CA ASN B 1345 13.81 28.78 45.47
C ASN B 1345 14.85 29.45 46.35
N MET B 1346 14.47 30.47 47.12
CA MET B 1346 15.38 31.08 48.07
C MET B 1346 15.41 30.33 49.40
N LYS B 1347 14.53 29.37 49.61
CA LYS B 1347 14.47 28.60 50.85
C LYS B 1347 14.13 29.48 52.02
N ALA B 1348 13.39 30.55 51.78
CA ALA B 1348 12.96 31.42 52.86
C ALA B 1348 11.70 30.90 53.55
N THR B 1349 10.88 30.17 52.82
CA THR B 1349 9.66 29.65 53.36
C THR B 1349 9.85 28.20 53.82
N SER B 1350 8.91 27.70 54.58
CA SER B 1350 8.98 26.33 55.03
C SER B 1350 8.53 25.32 54.01
N ASN B 1351 9.25 24.23 53.86
CA ASN B 1351 8.85 23.17 52.98
C ASN B 1351 7.71 22.44 53.67
N THR B 1352 6.55 22.36 53.04
CA THR B 1352 5.38 21.73 53.64
C THR B 1352 5.45 20.20 53.67
N LEU B 1353 6.21 19.60 52.76
CA LEU B 1353 6.33 18.15 52.75
C LEU B 1353 7.20 17.70 53.90
N GLU B 1354 8.20 18.49 54.25
CA GLU B 1354 9.03 18.19 55.39
C GLU B 1354 8.22 18.42 56.64
N GLU B 1355 7.38 19.44 56.68
CA GLU B 1355 6.49 19.66 57.82
C GLU B 1355 5.54 18.46 58.02
N PHE B 1356 5.00 17.91 56.94
CA PHE B 1356 4.15 16.74 57.05
C PHE B 1356 4.94 15.52 57.52
N GLU B 1357 6.21 15.38 57.12
CA GLU B 1357 7.02 14.26 57.59
C GLU B 1357 7.19 14.31 59.10
N HIS B 1358 7.20 15.49 59.69
CA HIS B 1358 7.28 15.63 61.13
C HIS B 1358 5.91 15.67 61.83
N GLY B 1359 4.83 15.35 61.14
CA GLY B 1359 3.53 15.32 61.76
C GLY B 1359 2.90 16.66 62.02
N ARG B 1360 3.37 17.69 61.37
CA ARG B 1360 2.90 19.03 61.61
C ARG B 1360 1.75 19.40 60.69
N THR B 1361 0.70 19.95 61.25
CA THR B 1361 -0.44 20.39 60.49
C THR B 1361 -0.24 21.87 60.15
N PRO B 1362 -1.01 22.40 59.20
CA PRO B 1362 -0.87 23.81 58.80
C PRO B 1362 -0.99 24.81 59.95
N ALA B 1363 -1.83 24.54 60.94
CA ALA B 1363 -2.01 25.42 62.07
C ALA B 1363 -0.82 25.46 63.02
N GLU B 1364 0.16 24.61 62.82
CA GLU B 1364 1.34 24.64 63.66
C GLU B 1364 2.62 24.81 62.85
N MET B 1365 2.52 25.23 61.60
CA MET B 1365 3.69 25.38 60.78
C MET B 1365 4.43 26.69 61.07
N SER B 1366 3.72 27.74 61.47
CA SER B 1366 4.36 29.01 61.87
C SER B 1366 4.60 28.99 63.37
N ARG B 1367 5.84 28.75 63.77
CA ARG B 1367 6.19 28.64 65.17
C ARG B 1367 7.45 29.40 65.47
N PRO B 1368 7.33 30.71 65.60
CA PRO B 1368 8.52 31.52 65.82
C PRO B 1368 9.23 31.19 67.13
N ALA B 1369 10.55 31.30 67.11
CA ALA B 1369 11.39 31.18 68.29
C ALA B 1369 11.35 29.79 68.91
N THR B 1370 11.03 28.77 68.11
CA THR B 1370 11.00 27.40 68.58
C THR B 1370 12.22 26.64 68.10
N THR B 1371 12.53 25.53 68.72
CA THR B 1371 13.67 24.75 68.33
C THR B 1371 13.61 24.21 66.91
N THR B 1372 12.42 24.01 66.38
CA THR B 1372 12.27 23.36 65.09
C THR B 1372 11.75 24.28 63.99
N ARG B 1373 11.78 25.57 64.23
CA ARG B 1373 11.37 26.55 63.24
C ARG B 1373 12.21 26.41 61.98
N ASN B 1374 11.58 26.35 60.81
CA ASN B 1374 12.30 26.10 59.57
C ASN B 1374 11.84 26.88 58.35
N GLY B 1375 11.30 28.05 58.52
CA GLY B 1375 10.89 28.85 57.41
C GLY B 1375 9.64 29.60 57.72
N PHE B 1376 9.39 30.67 56.98
CA PHE B 1376 8.20 31.49 57.21
C PHE B 1376 7.01 30.97 56.45
N MET B 1377 5.84 31.41 56.84
CA MET B 1377 4.61 31.02 56.21
C MET B 1377 4.20 32.26 55.50
N GLU B 1378 3.91 32.17 54.23
CA GLU B 1378 3.46 33.32 53.49
C GLU B 1378 1.97 33.65 53.68
N ALA B 1379 1.65 34.91 53.76
CA ALA B 1379 0.27 35.36 53.94
C ALA B 1379 -0.04 36.51 52.99
N GLN B 1380 -1.22 37.08 53.14
CA GLN B 1380 -1.64 38.20 52.33
C GLN B 1380 -2.56 39.13 53.08
N GLY B 1381 -2.71 40.35 52.62
CA GLY B 1381 -3.66 41.28 53.21
C GLY B 1381 -3.08 42.68 53.27
N ALA B 1382 -3.71 43.52 54.10
CA ALA B 1382 -3.33 44.91 54.24
C ALA B 1382 -3.62 45.37 55.65
N GLY B 1383 -2.91 46.41 56.07
CA GLY B 1383 -3.16 47.07 57.34
C GLY B 1383 -2.97 48.56 57.23
N ILE B 1384 -3.88 49.34 57.82
CA ILE B 1384 -3.88 50.78 57.69
C ILE B 1384 -4.06 51.40 59.07
N GLN B 1385 -3.37 52.51 59.30
CA GLN B 1385 -3.56 53.32 60.50
C GLN B 1385 -3.72 54.78 60.08
N ILE B 1386 -4.58 55.50 60.80
CA ILE B 1386 -4.72 56.94 60.63
C ILE B 1386 -3.94 57.62 61.75
N ILE B 1387 -2.96 58.43 61.39
CA ILE B 1387 -2.16 59.19 62.36
C ILE B 1387 -2.36 60.66 62.08
N MET B 1388 -2.47 61.45 63.15
CA MET B 1388 -2.55 62.89 63.04
C MET B 1388 -1.90 63.52 64.26
N GLN B 1389 -1.82 64.84 64.28
CA GLN B 1389 -1.34 65.56 65.43
C GLN B 1389 -2.29 65.44 66.61
N ALA B 1390 -1.75 65.32 67.82
CA ALA B 1390 -2.57 65.19 69.01
C ALA B 1390 -3.50 66.39 69.16
N ASP B 1391 -3.03 67.57 68.82
CA ASP B 1391 -3.85 68.77 68.88
C ASP B 1391 -5.09 68.71 68.00
N LEU B 1392 -4.96 68.21 66.78
CA LEU B 1392 -6.10 68.08 65.89
C LEU B 1392 -6.95 66.90 66.25
N ALA B 1393 -6.34 65.84 66.79
CA ALA B 1393 -7.16 64.73 67.26
C ALA B 1393 -8.07 65.17 68.41
N LEU B 1394 -7.53 65.96 69.33
CA LEU B 1394 -8.35 66.47 70.43
C LEU B 1394 -9.41 67.44 69.92
N LYS B 1395 -9.08 68.28 68.98
CA LYS B 1395 -10.03 69.23 68.48
C LYS B 1395 -11.14 68.53 67.73
N MET B 1396 -10.80 67.52 66.93
CA MET B 1396 -11.81 66.85 66.13
C MET B 1396 -12.73 65.99 66.98
N GLY B 1397 -12.25 65.50 68.12
CA GLY B 1397 -13.02 64.58 68.92
C GLY B 1397 -12.94 63.14 68.46
N VAL B 1398 -11.81 62.72 67.91
CA VAL B 1398 -11.65 61.36 67.41
C VAL B 1398 -11.00 60.51 68.50
N PRO B 1399 -11.24 59.19 68.52
CA PRO B 1399 -10.57 58.35 69.51
C PRO B 1399 -9.07 58.33 69.30
N ILE B 1400 -8.35 58.13 70.40
CA ILE B 1400 -6.88 58.04 70.38
C ILE B 1400 -6.50 56.70 70.98
N TYR B 1401 -5.88 55.85 70.17
CA TYR B 1401 -5.52 54.50 70.58
C TYR B 1401 -4.10 54.37 71.10
N GLY B 1402 -3.25 55.35 70.83
CA GLY B 1402 -1.88 55.29 71.31
C GLY B 1402 -1.08 56.44 70.74
N ILE B 1403 0.13 56.58 71.27
CA ILE B 1403 1.06 57.64 70.88
C ILE B 1403 2.19 56.99 70.10
N VAL B 1404 2.52 57.52 68.94
CA VAL B 1404 3.66 57.04 68.18
C VAL B 1404 4.82 57.83 68.73
N ALA B 1405 5.54 57.27 69.70
CA ALA B 1405 6.61 57.97 70.35
C ALA B 1405 7.92 57.91 69.59
N MET B 1406 8.16 56.88 68.81
CA MET B 1406 9.35 56.79 68.00
C MET B 1406 9.13 55.97 66.75
N ALA B 1407 9.86 56.25 65.68
CA ALA B 1407 9.74 55.51 64.42
C ALA B 1407 11.07 55.69 63.70
N ALA B 1408 11.83 54.64 63.46
CA ALA B 1408 13.17 54.74 62.90
C ALA B 1408 13.41 53.63 61.89
N THR B 1409 14.37 53.88 61.00
CA THR B 1409 14.83 52.89 60.02
C THR B 1409 16.35 52.91 59.98
N ALA B 1410 16.94 51.79 59.60
CA ALA B 1410 18.39 51.68 59.60
C ALA B 1410 18.83 50.56 58.65
N THR B 1411 19.96 50.79 57.97
CA THR B 1411 20.64 49.77 57.19
C THR B 1411 21.74 49.14 58.04
N ASP B 1412 22.31 48.05 57.53
CA ASP B 1412 23.25 47.30 58.36
C ASP B 1412 24.71 47.60 58.11
N LYS B 1413 25.26 47.17 56.96
CA LYS B 1413 26.70 47.24 56.73
C LYS B 1413 27.09 46.65 55.38
N ILE B 1414 28.39 46.66 55.08
CA ILE B 1414 28.91 46.02 53.88
C ILE B 1414 28.66 44.52 53.94
N GLY B 1415 28.30 43.94 52.81
CA GLY B 1415 28.02 42.52 52.76
C GLY B 1415 27.67 42.08 51.35
N ARG B 1416 27.31 40.80 51.23
CA ARG B 1416 26.97 40.22 49.93
C ARG B 1416 25.69 39.40 49.93
N SER B 1417 24.99 39.31 51.05
CA SER B 1417 23.71 38.59 51.11
C SER B 1417 22.55 39.55 51.33
N VAL B 1418 21.77 39.80 50.29
CA VAL B 1418 20.67 40.76 50.38
C VAL B 1418 19.68 40.39 51.46
N PRO B 1419 19.21 39.14 51.58
CA PRO B 1419 18.16 38.83 52.56
C PRO B 1419 18.67 38.64 53.99
N ALA B 1420 19.96 38.75 54.23
CA ALA B 1420 20.51 38.59 55.57
C ALA B 1420 20.07 39.71 56.54
N PRO B 1421 19.41 39.36 57.65
CA PRO B 1421 19.05 40.37 58.64
C PRO B 1421 20.29 40.88 59.40
N GLY B 1422 20.27 42.11 59.86
CA GLY B 1422 21.40 42.71 60.52
C GLY B 1422 21.00 43.45 61.78
N LYS B 1423 22.00 44.04 62.44
CA LYS B 1423 21.84 44.67 63.74
C LYS B 1423 21.77 46.19 63.64
N GLY B 1424 21.64 46.74 62.44
CA GLY B 1424 21.74 48.18 62.26
C GLY B 1424 20.72 48.97 63.06
N ILE B 1425 19.53 48.39 63.28
CA ILE B 1425 18.50 49.07 64.06
C ILE B 1425 18.89 49.25 65.51
N LEU B 1426 20.00 48.63 65.94
CA LEU B 1426 20.48 48.81 67.31
C LEU B 1426 20.84 50.26 67.61
N THR B 1427 21.04 51.09 66.58
CA THR B 1427 21.45 52.47 66.78
C THR B 1427 20.39 53.34 67.43
N THR B 1428 19.14 52.87 67.55
CA THR B 1428 18.14 53.63 68.29
C THR B 1428 18.43 53.69 69.77
N ALA B 1429 19.36 52.86 70.27
CA ALA B 1429 19.77 52.85 71.66
C ALA B 1429 21.15 53.45 71.88
N ARG B 1430 21.73 54.07 70.86
CA ARG B 1430 23.08 54.61 70.99
C ARG B 1430 23.13 55.69 72.07
N GLU B 1431 24.11 55.59 72.96
CA GLU B 1431 24.20 56.49 74.12
C GLU B 1431 25.60 56.48 74.69
N HIS B 1432 26.20 57.65 74.81
CA HIS B 1432 27.56 57.81 75.33
C HIS B 1432 27.50 57.71 76.85
N HIS B 1433 28.34 56.86 77.42
CA HIS B 1433 28.29 56.64 78.85
C HIS B 1433 29.64 56.86 79.55
N SER B 1434 30.52 57.65 78.95
CA SER B 1434 31.84 57.87 79.52
C SER B 1434 31.74 58.42 80.95
N SER B 1435 30.85 59.38 81.15
CA SER B 1435 30.62 59.91 82.50
C SER B 1435 29.23 59.53 82.99
N ALA B 1439 23.95 62.23 86.17
CA ALA B 1439 22.58 62.47 85.76
C ALA B 1439 22.44 63.87 85.16
N SER B 1440 22.40 63.92 83.83
CA SER B 1440 22.25 65.20 83.16
C SER B 1440 20.90 65.82 83.55
N PRO B 1441 20.87 67.10 83.94
CA PRO B 1441 19.58 67.71 84.31
C PRO B 1441 18.48 67.49 83.29
N ASN B 1442 18.84 67.36 82.00
CA ASN B 1442 17.84 67.24 80.96
C ASN B 1442 16.87 66.10 81.22
N LEU B 1443 17.33 65.01 81.82
CA LEU B 1443 16.50 63.85 82.06
C LEU B 1443 15.54 64.01 83.23
N ASN B 1444 15.41 65.23 83.76
CA ASN B 1444 14.47 65.51 84.84
C ASN B 1444 13.43 66.50 84.37
N MET B 1445 12.16 66.12 84.36
CA MET B 1445 11.10 66.96 83.83
C MET B 1445 10.85 68.20 84.65
N LYS B 1446 11.13 68.14 85.94
CA LYS B 1446 10.99 69.31 86.81
C LYS B 1446 11.87 70.47 86.34
N TYR B 1447 13.12 70.19 86.00
CA TYR B 1447 14.03 71.23 85.50
C TYR B 1447 13.56 71.79 84.16
N ARG B 1448 13.08 70.90 83.30
CA ARG B 1448 12.64 71.32 81.98
C ARG B 1448 11.39 72.17 82.12
N LYS B 1449 10.48 71.81 83.01
CA LYS B 1449 9.29 72.61 83.24
C LYS B 1449 9.66 73.98 83.81
N ARG B 1450 10.64 74.03 84.70
CA ARG B 1450 11.10 75.31 85.25
C ARG B 1450 11.59 76.22 84.12
N GLN B 1451 12.47 75.69 83.27
CA GLN B 1451 12.95 76.47 82.13
C GLN B 1451 11.79 76.92 81.26
N LEU B 1452 10.78 76.07 81.10
CA LEU B 1452 9.63 76.43 80.27
C LEU B 1452 8.89 77.63 80.85
N VAL B 1453 8.66 77.63 82.17
CA VAL B 1453 7.98 78.77 82.78
C VAL B 1453 8.81 80.04 82.59
N THR B 1454 10.13 79.96 82.79
CA THR B 1454 10.97 81.13 82.60
C THR B 1454 10.83 81.68 81.18
N ARG B 1455 10.88 80.80 80.18
CA ARG B 1455 10.82 81.31 78.83
C ARG B 1455 9.44 81.87 78.53
N GLU B 1456 8.41 81.26 79.09
CA GLU B 1456 7.06 81.79 78.87
C GLU B 1456 6.94 83.21 79.45
N ALA B 1457 7.53 83.45 80.61
CA ALA B 1457 7.52 84.80 81.17
C ALA B 1457 8.23 85.78 80.24
N GLN B 1458 9.41 85.39 79.76
CA GLN B 1458 10.11 86.26 78.81
C GLN B 1458 9.27 86.49 77.55
N ILE B 1459 8.52 85.47 77.12
CA ILE B 1459 7.70 85.61 75.92
C ILE B 1459 6.60 86.64 76.15
N LYS B 1460 5.94 86.59 77.31
CA LYS B 1460 4.88 87.57 77.56
C LYS B 1460 5.45 88.98 77.62
N ASP B 1461 6.67 89.13 78.17
CA ASP B 1461 7.30 90.44 78.16
C ASP B 1461 7.53 90.93 76.74
N TRP B 1462 8.04 90.06 75.87
CA TRP B 1462 8.22 90.43 74.47
C TRP B 1462 6.88 90.83 73.86
N VAL B 1463 5.82 90.08 74.18
CA VAL B 1463 4.51 90.33 73.61
C VAL B 1463 4.02 91.72 74.00
N GLU B 1464 4.15 92.08 75.27
CA GLU B 1464 3.62 93.38 75.69
C GLU B 1464 4.45 94.53 75.11
N ASN B 1465 5.78 94.37 75.06
CA ASN B 1465 6.59 95.40 74.42
C ASN B 1465 6.18 95.60 72.96
N GLU B 1466 5.99 94.50 72.23
CA GLU B 1466 5.67 94.62 70.81
C GLU B 1466 4.26 95.15 70.62
N LEU B 1467 3.34 94.83 71.53
CA LEU B 1467 2.01 95.42 71.45
C LEU B 1467 2.06 96.93 71.67
N GLU B 1468 2.90 97.39 72.60
CA GLU B 1468 3.05 98.83 72.78
C GLU B 1468 3.62 99.48 71.51
N ALA B 1469 4.63 98.85 70.91
CA ALA B 1469 5.18 99.37 69.67
C ALA B 1469 4.17 99.39 68.53
N LEU B 1470 3.34 98.34 68.42
CA LEU B 1470 2.28 98.32 67.41
C LEU B 1470 1.24 99.39 67.69
N PHE B 1485 -5.80 97.91 59.95
CA PHE B 1485 -4.37 97.74 60.13
C PHE B 1485 -4.10 97.21 61.54
N LEU B 1486 -4.72 97.84 62.54
CA LEU B 1486 -4.48 97.41 63.91
C LEU B 1486 -4.89 95.95 64.11
N LEU B 1487 -6.00 95.52 63.50
CA LEU B 1487 -6.44 94.15 63.63
C LEU B 1487 -5.39 93.22 63.05
N GLU B 1488 -5.00 93.50 61.82
CA GLU B 1488 -3.97 92.69 61.20
C GLU B 1488 -2.79 92.55 62.12
N ARG B 1489 -2.35 93.66 62.68
CA ARG B 1489 -1.13 93.60 63.47
C ARG B 1489 -1.27 92.91 64.83
N THR B 1490 -2.40 93.06 65.49
CA THR B 1490 -2.59 92.35 66.74
C THR B 1490 -2.53 90.87 66.39
N ARG B 1491 -3.19 90.52 65.28
CA ARG B 1491 -3.19 89.14 64.86
C ARG B 1491 -1.75 88.70 64.78
N GLU B 1492 -0.96 89.44 64.02
CA GLU B 1492 0.44 89.09 63.82
C GLU B 1492 1.24 88.94 65.11
N ILE B 1493 1.13 89.89 66.02
CA ILE B 1493 1.89 89.83 67.25
C ILE B 1493 1.49 88.62 68.09
N HIS B 1494 0.20 88.33 68.18
CA HIS B 1494 -0.19 87.22 69.04
C HIS B 1494 0.28 85.95 68.39
N ASN B 1495 0.28 85.94 67.07
CA ASN B 1495 0.76 84.79 66.35
C ASN B 1495 2.24 84.54 66.58
N GLU B 1496 3.07 85.59 66.61
CA GLU B 1496 4.49 85.41 66.90
C GLU B 1496 4.69 84.98 68.32
N ALA B 1497 3.82 85.45 69.20
CA ALA B 1497 3.91 85.00 70.56
C ALA B 1497 3.69 83.50 70.62
N GLU B 1498 2.69 83.03 69.88
CA GLU B 1498 2.39 81.62 69.91
C GLU B 1498 3.53 80.86 69.30
N SER B 1499 4.13 81.43 68.27
CA SER B 1499 5.24 80.80 67.62
C SER B 1499 6.37 80.60 68.58
N GLN B 1500 6.61 81.57 69.42
CA GLN B 1500 7.66 81.45 70.42
C GLN B 1500 7.32 80.49 71.55
N LEU B 1501 6.06 80.44 71.96
CA LEU B 1501 5.69 79.49 73.00
C LEU B 1501 5.80 78.05 72.53
N ARG B 1502 5.44 77.78 71.29
CA ARG B 1502 5.49 76.43 70.80
C ARG B 1502 6.93 76.05 70.62
N ALA B 1503 7.77 76.97 70.18
CA ALA B 1503 9.20 76.65 70.09
C ALA B 1503 9.77 76.30 71.47
N ALA B 1504 9.41 77.06 72.50
CA ALA B 1504 9.88 76.74 73.85
C ALA B 1504 9.35 75.38 74.30
N GLN B 1505 8.09 75.08 73.98
CA GLN B 1505 7.51 73.81 74.36
C GLN B 1505 8.24 72.68 73.68
N GLN B 1506 8.48 72.86 72.40
CA GLN B 1506 9.23 71.84 71.66
C GLN B 1506 10.58 71.60 72.31
N GLN B 1507 11.32 72.68 72.56
CA GLN B 1507 12.67 72.56 73.10
C GLN B 1507 12.68 71.84 74.44
N TRP B 1508 11.75 72.17 75.34
CA TRP B 1508 11.82 71.68 76.71
C TRP B 1508 11.00 70.43 76.97
N GLY B 1509 10.06 70.06 76.10
CA GLY B 1509 9.23 68.91 76.36
C GLY B 1509 9.25 67.86 75.27
N ASN B 1510 9.53 68.24 74.01
CA ASN B 1510 9.39 67.33 72.89
C ASN B 1510 10.72 66.75 72.45
N ASP B 1511 11.70 67.60 72.16
CA ASP B 1511 13.01 67.17 71.70
C ASP B 1511 14.11 67.75 72.57
N PHE B 1512 13.94 67.68 73.88
CA PHE B 1512 14.99 68.10 74.80
C PHE B 1512 16.23 67.21 74.66
N TYR B 1513 16.07 65.96 74.27
CA TYR B 1513 17.19 65.02 74.21
C TYR B 1513 17.79 64.89 72.84
N LYS B 1514 17.23 65.56 71.85
CA LYS B 1514 17.68 65.37 70.48
C LYS B 1514 19.11 65.82 70.28
N ARG B 1515 19.56 66.77 71.07
CA ARG B 1515 20.94 67.24 71.00
C ARG B 1515 21.84 66.64 72.06
N ASP B 1516 21.31 65.79 72.95
CA ASP B 1516 22.11 65.21 74.02
C ASP B 1516 22.67 63.87 73.59
N PRO B 1517 23.98 63.73 73.42
CA PRO B 1517 24.54 62.40 73.12
C PRO B 1517 24.49 61.45 74.30
N ARG B 1518 24.07 61.88 75.47
CA ARG B 1518 23.95 60.97 76.61
C ARG B 1518 22.55 60.42 76.75
N ILE B 1519 21.66 60.77 75.85
CA ILE B 1519 20.30 60.24 75.85
C ILE B 1519 20.06 59.55 74.51
N ALA B 1520 19.72 58.27 74.56
CA ALA B 1520 19.39 57.54 73.35
C ALA B 1520 18.02 57.97 72.83
N PRO B 1521 17.84 57.90 71.53
CA PRO B 1521 16.51 58.22 70.98
C PRO B 1521 15.37 57.39 71.60
N LEU B 1522 15.61 56.14 71.91
CA LEU B 1522 14.61 55.30 72.57
C LEU B 1522 14.30 55.81 73.97
N ARG B 1523 15.33 56.01 74.77
CA ARG B 1523 15.14 56.53 76.11
C ARG B 1523 14.44 57.88 76.10
N GLY B 1524 14.86 58.76 75.21
CA GLY B 1524 14.22 60.07 75.16
C GLY B 1524 12.78 60.01 74.72
N ALA B 1525 12.45 59.18 73.75
CA ALA B 1525 11.06 58.98 73.37
C ALA B 1525 10.22 58.50 74.54
N LEU B 1526 10.77 57.62 75.36
CA LEU B 1526 10.01 57.22 76.54
C LEU B 1526 9.98 58.33 77.59
N ALA B 1527 11.05 59.09 77.74
CA ALA B 1527 11.15 60.12 78.77
C ALA B 1527 10.30 61.32 78.48
N THR B 1528 9.90 61.48 77.24
CA THR B 1528 9.00 62.58 76.91
C THR B 1528 7.74 62.55 77.77
N TYR B 1529 7.38 61.39 78.31
CA TYR B 1529 6.14 61.25 79.07
C TYR B 1529 6.42 60.70 80.44
N GLY B 1530 7.64 60.85 80.93
CA GLY B 1530 7.96 60.39 82.25
C GLY B 1530 8.00 58.90 82.38
N LEU B 1531 8.45 58.20 81.34
CA LEU B 1531 8.56 56.76 81.37
C LEU B 1531 10.01 56.35 81.29
N THR B 1532 10.39 55.32 82.00
CA THR B 1532 11.75 54.80 82.00
C THR B 1532 11.86 53.65 81.01
N ILE B 1533 13.03 53.05 80.90
CA ILE B 1533 13.21 51.91 80.01
C ILE B 1533 12.45 50.71 80.55
N ASP B 1534 12.23 50.64 81.87
CA ASP B 1534 11.52 49.54 82.44
C ASP B 1534 10.03 49.60 82.14
N ASP B 1535 9.53 50.74 81.68
CA ASP B 1535 8.12 50.86 81.32
C ASP B 1535 7.81 50.30 79.92
N LEU B 1536 8.78 49.78 79.20
CA LEU B 1536 8.57 49.14 77.90
C LEU B 1536 8.26 47.67 78.18
N GLY B 1537 7.00 47.31 78.30
CA GLY B 1537 6.66 45.97 78.71
C GLY B 1537 6.53 44.91 77.67
N VAL B 1538 6.17 45.30 76.46
CA VAL B 1538 5.95 44.31 75.41
C VAL B 1538 6.82 44.66 74.21
N ALA B 1539 7.44 43.64 73.63
CA ALA B 1539 8.16 43.76 72.36
C ALA B 1539 7.43 42.91 71.34
N SER B 1540 6.88 43.53 70.31
CA SER B 1540 6.26 42.79 69.21
C SER B 1540 7.38 42.43 68.26
N PHE B 1541 7.63 41.16 68.06
CA PHE B 1541 8.73 40.72 67.22
C PHE B 1541 8.28 40.42 65.83
N HIS B 1542 9.10 40.75 64.86
CA HIS B 1542 8.81 40.39 63.49
C HIS B 1542 8.61 38.88 63.48
N GLY B 1543 9.36 38.14 64.28
CA GLY B 1543 9.13 36.72 64.47
C GLY B 1543 8.64 35.97 63.29
N THR B 1544 9.47 35.82 62.29
CA THR B 1544 9.02 35.20 61.06
C THR B 1544 9.13 33.67 61.08
N SER B 1545 9.60 33.09 62.18
CA SER B 1545 9.76 31.63 62.30
C SER B 1545 10.93 31.11 61.44
N THR B 1546 11.94 31.94 61.23
CA THR B 1546 13.14 31.58 60.48
C THR B 1546 14.31 31.60 61.43
N LYS B 1547 15.26 30.74 61.20
CA LYS B 1547 16.33 30.58 62.18
C LYS B 1547 17.22 31.78 62.42
N ALA B 1548 17.55 32.52 61.37
CA ALA B 1548 18.35 33.70 61.52
C ALA B 1548 17.57 34.88 62.02
N ASN B 1549 16.34 35.05 61.58
CA ASN B 1549 15.62 36.24 61.95
C ASN B 1549 15.35 36.21 63.41
N ASP B 1550 14.86 35.10 63.88
CA ASP B 1550 14.44 35.04 65.28
C ASP B 1550 15.62 35.23 66.22
N LYS B 1551 16.73 34.54 65.95
CA LYS B 1551 17.89 34.70 66.82
C LYS B 1551 18.42 36.12 66.77
N ASN B 1552 18.54 36.70 65.58
CA ASN B 1552 19.08 38.04 65.43
C ASN B 1552 18.19 39.07 66.11
N GLU B 1553 16.87 38.93 65.97
CA GLU B 1553 15.95 39.86 66.61
C GLU B 1553 16.02 39.78 68.13
N SER B 1554 16.07 38.55 68.67
CA SER B 1554 16.22 38.42 70.11
C SER B 1554 17.51 39.07 70.59
N ALA B 1555 18.60 38.83 69.86
CA ALA B 1555 19.88 39.43 70.24
C ALA B 1555 19.81 40.96 70.19
N THR B 1556 19.17 41.49 69.16
CA THR B 1556 19.08 42.94 69.02
C THR B 1556 18.28 43.56 70.16
N ILE B 1557 17.11 43.00 70.47
CA ILE B 1557 16.31 43.54 71.56
C ILE B 1557 17.06 43.41 72.88
N ASN B 1558 17.73 42.28 73.10
CA ASN B 1558 18.48 42.08 74.34
C ASN B 1558 19.60 43.10 74.47
N GLU B 1559 20.35 43.38 73.44
CA GLU B 1559 21.40 44.38 73.48
C GLU B 1559 20.81 45.76 73.71
N MET B 1560 19.72 46.08 73.05
CA MET B 1560 19.07 47.36 73.32
C MET B 1560 18.79 47.52 74.80
N MET B 1561 18.13 46.53 75.40
CA MET B 1561 17.76 46.63 76.80
C MET B 1561 18.99 46.65 77.70
N LYS B 1562 20.04 45.93 77.40
CA LYS B 1562 21.19 45.88 78.27
C LYS B 1562 21.98 47.16 78.28
N HIS B 1563 22.04 47.82 77.17
CA HIS B 1563 22.82 49.04 77.05
C HIS B 1563 22.12 50.19 77.73
N LEU B 1564 20.81 50.23 77.66
CA LEU B 1564 20.05 51.30 78.29
C LEU B 1564 19.68 51.01 79.73
N GLY B 1565 20.34 50.04 80.33
CA GLY B 1565 20.13 49.76 81.73
C GLY B 1565 18.82 49.21 82.13
N ARG B 1566 18.24 48.37 81.30
CA ARG B 1566 17.02 47.69 81.73
C ARG B 1566 17.31 46.90 83.00
N SER B 1567 16.40 46.96 83.95
CA SER B 1567 16.60 46.27 85.22
C SER B 1567 16.71 44.78 85.05
N GLU B 1568 17.54 44.16 85.85
CA GLU B 1568 17.67 42.72 85.82
C GLU B 1568 16.44 42.10 86.42
N GLY B 1569 15.97 41.01 85.86
CA GLY B 1569 14.75 40.40 86.30
C GLY B 1569 13.52 40.98 85.65
N ASN B 1570 13.71 41.98 84.80
CA ASN B 1570 12.59 42.59 84.10
C ASN B 1570 12.70 42.32 82.60
N PRO B 1571 12.47 41.09 82.16
CA PRO B 1571 12.49 40.82 80.73
C PRO B 1571 11.33 41.43 79.96
N VAL B 1572 11.55 41.90 78.75
CA VAL B 1572 10.43 42.32 77.91
C VAL B 1572 9.68 41.09 77.43
N ILE B 1573 8.36 41.16 77.44
CA ILE B 1573 7.52 40.04 77.02
C ILE B 1573 7.37 40.09 75.51
N GLY B 1574 7.76 39.01 74.84
CA GLY B 1574 7.75 38.97 73.39
C GLY B 1574 6.43 38.48 72.85
N VAL B 1575 5.92 39.17 71.83
CA VAL B 1575 4.72 38.78 71.12
C VAL B 1575 5.12 38.40 69.70
N PHE B 1576 4.53 37.32 69.20
CA PHE B 1576 4.82 36.82 67.86
C PHE B 1576 3.52 36.51 67.14
N GLN B 1577 2.87 37.52 66.59
CA GLN B 1577 1.56 37.36 65.95
C GLN B 1577 1.54 36.58 64.61
N LYS B 1578 2.68 36.34 64.02
CA LYS B 1578 2.77 35.61 62.76
C LYS B 1578 2.60 34.16 63.00
N PHE B 1579 2.64 33.70 64.25
CA PHE B 1579 2.31 32.30 64.50
C PHE B 1579 0.89 32.03 64.02
N LEU B 1580 0.00 32.99 64.17
CA LEU B 1580 -1.37 32.82 63.78
C LEU B 1580 -1.71 33.35 62.38
N THR B 1581 -1.10 34.43 61.94
CA THR B 1581 -1.48 35.05 60.68
C THR B 1581 -0.56 34.70 59.56
N GLY B 1582 0.67 34.34 59.87
CA GLY B 1582 1.67 34.18 58.84
C GLY B 1582 2.34 35.50 58.51
N HIS B 1583 3.16 35.46 57.47
CA HIS B 1583 3.98 36.61 57.10
C HIS B 1583 3.47 37.26 55.82
N PRO B 1584 2.84 38.44 55.89
CA PRO B 1584 2.63 39.22 54.67
C PRO B 1584 3.82 40.12 54.40
N LYS B 1585 4.41 39.95 53.27
CA LYS B 1585 5.64 40.65 52.94
C LYS B 1585 5.49 42.14 52.73
N GLY B 1586 5.07 42.85 53.74
CA GLY B 1586 4.86 44.29 53.67
C GLY B 1586 3.71 44.83 54.50
N ALA B 1587 2.71 44.00 54.78
CA ALA B 1587 1.69 44.33 55.76
C ALA B 1587 2.07 43.91 57.17
N ALA B 1588 3.22 43.25 57.34
CA ALA B 1588 3.59 42.66 58.61
C ALA B 1588 3.65 43.70 59.72
N GLY B 1589 4.36 44.81 59.47
CA GLY B 1589 4.46 45.84 60.48
C GLY B 1589 3.12 46.45 60.84
N ALA B 1590 2.25 46.62 59.84
CA ALA B 1590 0.93 47.19 60.11
C ALA B 1590 0.10 46.27 60.98
N TRP B 1591 0.15 44.98 60.73
CA TRP B 1591 -0.57 44.04 61.55
C TRP B 1591 -0.03 44.00 62.97
N MET B 1592 1.28 44.05 63.14
CA MET B 1592 1.87 44.08 64.46
C MET B 1592 1.53 45.38 65.18
N MET B 1593 1.45 46.49 64.46
CA MET B 1593 1.09 47.74 65.10
C MET B 1593 -0.37 47.74 65.56
N ASN B 1594 -1.27 47.19 64.74
CA ASN B 1594 -2.66 47.06 65.17
C ASN B 1594 -2.75 46.20 66.43
N GLY B 1595 -2.03 45.10 66.49
CA GLY B 1595 -2.02 44.30 67.67
C GLY B 1595 -1.46 45.01 68.87
N ALA B 1596 -0.40 45.76 68.69
CA ALA B 1596 0.19 46.51 69.77
C ALA B 1596 -0.75 47.56 70.31
N LEU B 1597 -1.53 48.19 69.44
CA LEU B 1597 -2.53 49.13 69.94
C LEU B 1597 -3.60 48.40 70.75
N GLN B 1598 -4.03 47.23 70.27
CA GLN B 1598 -5.04 46.47 71.01
C GLN B 1598 -4.48 45.98 72.35
N ILE B 1599 -3.21 45.61 72.40
CA ILE B 1599 -2.57 45.25 73.66
C ILE B 1599 -2.54 46.46 74.59
N LEU B 1600 -2.14 47.62 74.09
CA LEU B 1600 -2.06 48.82 74.90
C LEU B 1600 -3.40 49.25 75.48
N ASN B 1601 -4.49 48.99 74.76
CA ASN B 1601 -5.79 49.39 75.27
C ASN B 1601 -6.52 48.31 76.05
N SER B 1602 -6.10 47.07 76.01
CA SER B 1602 -6.74 45.99 76.73
C SER B 1602 -5.97 45.52 77.93
N GLY B 1603 -4.67 45.63 77.87
CA GLY B 1603 -3.86 45.10 78.94
C GLY B 1603 -3.59 43.63 78.77
N ILE B 1604 -4.06 43.04 77.67
CA ILE B 1604 -3.86 41.63 77.41
C ILE B 1604 -2.69 41.39 76.50
N ILE B 1605 -1.81 40.50 76.88
CA ILE B 1605 -0.66 40.12 76.07
C ILE B 1605 -0.94 38.73 75.50
N PRO B 1606 -1.18 38.58 74.19
CA PRO B 1606 -1.43 37.25 73.65
C PRO B 1606 -0.19 36.38 73.73
N GLY B 1607 -0.43 35.07 73.89
CA GLY B 1607 0.64 34.10 73.94
C GLY B 1607 0.84 33.43 72.60
N ASN B 1608 2.08 32.99 72.35
CA ASN B 1608 2.41 32.26 71.14
C ASN B 1608 2.00 30.81 71.34
N ARG B 1609 0.84 30.45 70.82
CA ARG B 1609 0.30 29.08 71.03
C ARG B 1609 1.01 27.98 70.24
N ASN B 1610 1.96 28.35 69.39
CA ASN B 1610 2.76 27.37 68.67
C ASN B 1610 4.16 27.36 69.29
N ALA B 1611 4.36 28.06 70.40
CA ALA B 1611 5.64 27.99 71.10
C ALA B 1611 5.65 26.71 71.94
N ASP B 1612 5.90 25.60 71.30
CA ASP B 1612 5.89 24.33 71.96
C ASP B 1612 7.17 24.12 72.75
N ASN B 1613 8.29 24.56 72.21
CA ASN B 1613 9.56 24.46 72.92
C ASN B 1613 10.45 25.60 72.46
N VAL B 1614 10.77 26.51 73.38
CA VAL B 1614 11.60 27.66 73.03
C VAL B 1614 13.03 27.19 72.78
N ASP B 1615 13.67 27.72 71.76
CA ASP B 1615 15.02 27.32 71.41
C ASP B 1615 15.99 27.61 72.56
N LYS B 1616 16.77 26.61 72.95
CA LYS B 1616 17.71 26.75 74.06
C LYS B 1616 18.69 27.86 73.84
N ILE B 1617 19.05 28.12 72.60
CA ILE B 1617 19.97 29.18 72.29
C ILE B 1617 19.45 30.54 72.77
N LEU B 1618 18.16 30.68 72.92
CA LEU B 1618 17.58 31.97 73.29
C LEU B 1618 17.59 32.23 74.78
N GLU B 1619 17.87 31.23 75.59
CA GLU B 1619 18.00 31.42 77.05
C GLU B 1619 19.11 32.42 77.39
N GLN B 1620 20.10 32.58 76.54
CA GLN B 1620 21.14 33.57 76.77
C GLN B 1620 20.65 35.00 76.82
N PHE B 1621 19.52 35.30 76.19
CA PHE B 1621 18.97 36.64 76.14
C PHE B 1621 18.06 36.84 77.32
N GLU B 1622 18.61 37.26 78.44
CA GLU B 1622 17.87 37.39 79.70
C GLU B 1622 16.84 38.46 79.76
N TYR B 1623 16.89 39.42 78.84
CA TYR B 1623 15.89 40.47 78.76
C TYR B 1623 14.73 40.14 77.83
N VAL B 1624 14.53 38.87 77.51
CA VAL B 1624 13.41 38.45 76.69
C VAL B 1624 12.69 37.25 77.29
N LEU B 1625 11.38 37.32 77.36
CA LEU B 1625 10.59 36.23 77.85
C LEU B 1625 9.65 35.83 76.73
N TYR B 1626 9.49 34.54 76.51
CA TYR B 1626 8.64 34.03 75.46
C TYR B 1626 7.40 33.23 75.93
N PRO B 1627 6.26 33.89 76.21
CA PRO B 1627 5.07 33.20 76.70
C PRO B 1627 4.42 32.35 75.62
N SER B 1628 3.63 31.35 76.04
CA SER B 1628 2.87 30.51 75.14
C SER B 1628 1.38 30.70 75.34
N LYS B 1629 1.00 31.38 76.40
CA LYS B 1629 -0.40 31.58 76.75
C LYS B 1629 -0.72 33.03 77.01
N THR B 1630 -1.96 33.43 76.84
CA THR B 1630 -2.31 34.80 77.02
C THR B 1630 -2.22 35.24 78.48
N LEU B 1631 -1.59 36.38 78.70
CA LEU B 1631 -1.51 36.92 80.04
C LEU B 1631 -2.34 38.15 80.15
N LYS B 1632 -3.32 38.16 81.05
CA LYS B 1632 -4.08 39.37 81.32
C LYS B 1632 -3.41 40.16 82.43
N THR B 1633 -2.66 41.18 82.06
CA THR B 1633 -1.90 41.97 83.02
C THR B 1633 -2.79 43.07 83.61
N ASP B 1634 -2.18 43.90 84.43
CA ASP B 1634 -2.91 45.03 85.01
C ASP B 1634 -2.59 46.32 84.28
N GLY B 1635 -1.89 46.25 83.17
CA GLY B 1635 -1.61 47.40 82.35
C GLY B 1635 -0.32 47.41 81.60
N VAL B 1636 -0.36 47.74 80.30
CA VAL B 1636 0.87 47.91 79.53
C VAL B 1636 1.02 49.39 79.23
N ARG B 1637 2.22 49.90 79.31
CA ARG B 1637 2.42 51.31 79.11
C ARG B 1637 3.10 51.64 77.79
N ALA B 1638 3.91 50.73 77.24
CA ALA B 1638 4.49 50.99 75.92
C ALA B 1638 4.81 49.66 75.26
N VAL B 1639 4.76 49.66 73.93
CA VAL B 1639 5.01 48.47 73.13
C VAL B 1639 6.04 48.81 72.06
N SER B 1640 6.98 47.89 71.84
CA SER B 1640 7.99 48.05 70.82
C SER B 1640 7.66 47.17 69.63
N ILE B 1641 7.78 47.73 68.43
CA ILE B 1641 7.51 47.03 67.18
C ILE B 1641 8.79 47.10 66.34
N THR B 1642 9.29 45.94 65.94
CA THR B 1642 10.50 45.86 65.12
C THR B 1642 10.22 45.05 63.86
N SER B 1643 10.88 45.45 62.77
CA SER B 1643 10.74 44.79 61.49
C SER B 1643 12.11 44.67 60.84
N PHE B 1644 12.27 43.64 60.01
CA PHE B 1644 13.54 43.37 59.32
C PHE B 1644 13.20 42.90 57.91
N GLY B 1645 13.19 43.83 56.97
CA GLY B 1645 12.91 43.49 55.60
C GLY B 1645 14.16 43.17 54.79
N PHE B 1646 13.97 42.50 53.68
CA PHE B 1646 15.07 42.20 52.78
C PHE B 1646 15.66 43.46 52.25
N GLY B 1647 16.96 43.47 52.04
CA GLY B 1647 17.65 44.66 51.61
C GLY B 1647 18.15 45.54 52.73
N GLN B 1648 18.39 44.96 53.91
CA GLN B 1648 18.88 45.71 55.07
C GLN B 1648 17.89 46.77 55.51
N LYS B 1649 16.62 46.40 55.57
CA LYS B 1649 15.55 47.31 55.99
C LYS B 1649 15.16 46.94 57.42
N GLY B 1650 15.84 47.55 58.38
CA GLY B 1650 15.48 47.43 59.79
C GLY B 1650 14.66 48.63 60.22
N GLY B 1651 13.70 48.40 61.10
CA GLY B 1651 12.83 49.46 61.56
C GLY B 1651 12.30 49.17 62.94
N GLN B 1652 12.06 50.23 63.70
CA GLN B 1652 11.49 50.12 65.04
C GLN B 1652 10.52 51.25 65.26
N ALA B 1653 9.42 50.94 65.96
CA ALA B 1653 8.46 51.94 66.41
C ALA B 1653 8.15 51.69 67.87
N ILE B 1654 7.86 52.77 68.60
CA ILE B 1654 7.47 52.70 70.00
C ILE B 1654 6.10 53.33 70.12
N VAL B 1655 5.16 52.58 70.67
CA VAL B 1655 3.80 53.04 70.89
C VAL B 1655 3.57 53.12 72.39
N VAL B 1656 3.09 54.26 72.86
CA VAL B 1656 2.86 54.51 74.27
C VAL B 1656 1.36 54.55 74.53
N HIS B 1657 0.93 54.14 75.71
CA HIS B 1657 -0.47 54.16 76.06
C HIS B 1657 -1.04 55.55 75.87
N PRO B 1658 -2.27 55.63 75.35
CA PRO B 1658 -2.84 56.96 75.06
C PRO B 1658 -3.09 57.82 76.29
N ASP B 1659 -3.34 57.24 77.46
CA ASP B 1659 -3.68 58.03 78.65
C ASP B 1659 -2.53 58.90 79.15
N TYR B 1660 -1.33 58.71 78.64
CA TYR B 1660 -0.26 59.60 78.98
C TYR B 1660 -0.34 60.92 78.20
N LEU B 1661 -1.16 60.99 77.15
CA LEU B 1661 -1.33 62.25 76.44
C LEU B 1661 -2.13 63.23 77.27
N TYR B 1662 -3.17 62.76 77.97
CA TYR B 1662 -4.15 63.66 78.56
C TYR B 1662 -3.61 64.39 79.78
N GLY B 1663 -2.53 63.91 80.38
CA GLY B 1663 -1.90 64.65 81.46
C GLY B 1663 -1.27 65.96 81.03
N ALA B 1664 -1.24 66.25 79.75
CA ALA B 1664 -0.64 67.45 79.24
C ALA B 1664 -1.64 68.54 78.95
N ILE B 1665 -2.90 68.31 79.23
CA ILE B 1665 -3.95 69.27 78.95
C ILE B 1665 -4.73 69.54 80.23
N THR B 1666 -5.57 70.58 80.17
CA THR B 1666 -6.36 71.00 81.31
C THR B 1666 -7.64 70.16 81.42
N GLU B 1667 -8.30 70.27 82.58
CA GLU B 1667 -9.50 69.49 82.82
C GLU B 1667 -10.61 69.86 81.86
N ASP B 1668 -10.79 71.16 81.60
CA ASP B 1668 -11.87 71.59 80.72
C ASP B 1668 -11.68 71.06 79.30
N ARG B 1669 -10.44 71.14 78.79
CA ARG B 1669 -10.16 70.59 77.46
C ARG B 1669 -10.43 69.09 77.43
N TYR B 1670 -10.01 68.37 78.47
CA TYR B 1670 -10.27 66.94 78.53
C TYR B 1670 -11.73 66.59 78.52
N ASN B 1671 -12.55 67.36 79.23
CA ASN B 1671 -13.96 67.08 79.32
C ASN B 1671 -14.66 67.41 78.02
N GLU B 1672 -14.22 68.45 77.37
CA GLU B 1672 -14.76 68.81 76.08
C GLU B 1672 -14.44 67.72 75.07
N TYR B 1673 -13.20 67.23 75.08
CA TYR B 1673 -12.81 66.16 74.18
C TYR B 1673 -13.60 64.89 74.46
N VAL B 1674 -13.84 64.56 75.72
CA VAL B 1674 -14.51 63.32 76.05
C VAL B 1674 -15.94 63.34 75.56
N ALA B 1675 -16.60 64.47 75.67
CA ALA B 1675 -17.94 64.60 75.18
C ALA B 1675 -17.99 64.53 73.66
N LYS B 1676 -17.05 65.18 73.01
CA LYS B 1676 -16.97 65.11 71.56
C LYS B 1676 -16.75 63.68 71.08
N VAL B 1677 -15.93 62.91 71.76
CA VAL B 1677 -15.63 61.57 71.33
C VAL B 1677 -16.80 60.64 71.60
N SER B 1678 -17.55 60.87 72.66
CA SER B 1678 -18.75 60.07 72.91
C SER B 1678 -19.81 60.28 71.84
N ALA B 1679 -20.00 61.50 71.40
CA ALA B 1679 -20.91 61.78 70.32
C ALA B 1679 -20.44 61.11 69.04
N ARG B 1680 -19.16 61.22 68.72
CA ARG B 1680 -18.63 60.63 67.51
C ARG B 1680 -18.73 59.11 67.54
N GLU B 1681 -18.65 58.50 68.70
CA GLU B 1681 -18.74 57.06 68.77
C GLU B 1681 -20.16 56.57 68.55
N LYS B 1682 -21.13 57.32 69.00
CA LYS B 1682 -22.52 56.95 68.80
C LYS B 1682 -22.89 57.04 67.35
N SER B 1683 -22.38 58.03 66.66
CA SER B 1683 -22.64 58.15 65.25
C SER B 1683 -21.86 57.13 64.44
N ALA B 1684 -20.63 56.83 64.83
CA ALA B 1684 -19.89 55.78 64.15
C ALA B 1684 -20.54 54.41 64.34
N TYR B 1685 -21.20 54.14 65.44
CA TYR B 1685 -21.88 52.88 65.65
C TYR B 1685 -23.06 52.76 64.73
N LYS B 1686 -23.81 53.83 64.61
CA LYS B 1686 -24.93 53.84 63.69
C LYS B 1686 -24.50 53.64 62.24
N PHE B 1687 -23.45 54.32 61.79
CA PHE B 1687 -22.97 54.14 60.45
C PHE B 1687 -22.47 52.73 60.27
N PHE B 1688 -21.72 52.21 61.23
CA PHE B 1688 -21.13 50.89 61.03
C PHE B 1688 -22.21 49.84 60.83
N HIS B 1689 -23.24 49.86 61.68
CA HIS B 1689 -24.24 48.78 61.56
C HIS B 1689 -25.10 48.94 60.32
N ASN B 1690 -25.50 50.15 59.95
CA ASN B 1690 -26.21 50.33 58.71
C ASN B 1690 -25.38 49.85 57.52
N GLY B 1691 -24.12 50.26 57.45
CA GLY B 1691 -23.29 49.84 56.36
C GLY B 1691 -23.07 48.33 56.34
N MET B 1692 -22.98 47.72 57.51
CA MET B 1692 -22.78 46.27 57.57
C MET B 1692 -23.97 45.52 57.00
N ILE B 1693 -25.18 45.85 57.47
CA ILE B 1693 -26.31 45.05 57.02
C ILE B 1693 -26.70 45.39 55.58
N TYR B 1694 -26.43 46.60 55.11
CA TYR B 1694 -26.79 46.98 53.75
C TYR B 1694 -25.61 46.97 52.79
N ASN B 1695 -24.53 46.31 53.13
CA ASN B 1695 -23.38 46.19 52.23
C ASN B 1695 -22.93 47.52 51.66
N LYS B 1696 -22.88 48.56 52.47
CA LYS B 1696 -22.54 49.89 52.00
C LYS B 1696 -21.57 50.58 52.97
N LEU B 1697 -20.66 49.80 53.55
CA LEU B 1697 -19.61 50.40 54.37
C LEU B 1697 -18.69 51.27 53.52
N PHE B 1698 -18.32 50.80 52.33
CA PHE B 1698 -17.56 51.59 51.39
C PHE B 1698 -18.51 52.30 50.47
N VAL B 1699 -18.41 53.60 50.38
CA VAL B 1699 -19.22 54.38 49.47
C VAL B 1699 -18.29 55.29 48.66
N SER B 1700 -18.23 55.09 47.38
CA SER B 1700 -17.33 55.87 46.57
C SER B 1700 -17.77 57.30 46.34
N LYS B 1701 -16.82 58.19 46.19
CA LYS B 1701 -17.11 59.59 45.92
C LYS B 1701 -17.22 59.81 44.42
N GLU B 1702 -18.33 60.39 43.98
CA GLU B 1702 -18.53 60.71 42.57
C GLU B 1702 -17.88 62.04 42.19
N HIS B 1703 -17.86 63.00 43.10
CA HIS B 1703 -17.30 64.32 42.84
C HIS B 1703 -16.37 64.72 43.97
N ALA B 1704 -15.45 65.62 43.68
CA ALA B 1704 -14.60 66.17 44.69
C ALA B 1704 -15.45 67.11 45.52
N PRO B 1705 -14.92 67.62 46.63
CA PRO B 1705 -15.66 68.61 47.43
C PRO B 1705 -15.69 70.00 46.80
N TYR B 1706 -15.00 70.18 45.68
CA TYR B 1706 -15.04 71.43 44.98
C TYR B 1706 -15.44 71.14 43.57
N THR B 1707 -15.92 72.14 42.86
CA THR B 1707 -16.24 71.97 41.45
C THR B 1707 -14.98 72.25 40.66
N ASP B 1708 -15.00 71.96 39.37
CA ASP B 1708 -13.85 72.21 38.52
C ASP B 1708 -13.63 73.69 38.32
N GLU B 1709 -14.67 74.51 38.41
CA GLU B 1709 -14.50 75.95 38.32
C GLU B 1709 -13.88 76.54 39.57
N LEU B 1710 -14.07 75.88 40.71
CA LEU B 1710 -13.58 76.35 42.00
C LEU B 1710 -12.30 75.66 42.43
N GLU B 1711 -11.74 74.78 41.61
CA GLU B 1711 -10.66 73.91 42.05
C GLU B 1711 -9.39 74.69 42.36
N GLU B 1712 -8.96 75.55 41.43
CA GLU B 1712 -7.73 76.30 41.64
C GLU B 1712 -7.86 77.28 42.81
N ASP B 1713 -9.05 77.85 43.00
CA ASP B 1713 -9.26 78.75 44.12
C ASP B 1713 -9.10 78.02 45.44
N VAL B 1714 -9.65 76.80 45.54
CA VAL B 1714 -9.46 76.00 46.75
C VAL B 1714 -7.98 75.68 46.93
N TYR B 1715 -7.29 75.30 45.85
CA TYR B 1715 -5.88 74.97 45.96
C TYR B 1715 -5.05 76.16 46.44
N LEU B 1716 -5.40 77.37 46.02
CA LEU B 1716 -4.61 78.55 46.31
C LEU B 1716 -5.03 79.28 47.58
N ASP B 1717 -6.04 78.78 48.29
CA ASP B 1717 -6.50 79.41 49.53
C ASP B 1717 -6.25 78.47 50.70
N PRO B 1718 -5.21 78.69 51.51
CA PRO B 1718 -4.91 77.76 52.59
C PRO B 1718 -5.99 77.70 53.67
N LEU B 1719 -6.83 78.72 53.79
CA LEU B 1719 -7.83 78.78 54.83
C LEU B 1719 -9.18 78.32 54.39
N ALA B 1720 -9.28 77.87 53.16
CA ALA B 1720 -10.54 77.36 52.64
C ALA B 1720 -11.01 76.07 53.32
N ARG B 1721 -12.28 76.01 53.71
CA ARG B 1721 -12.83 74.82 54.40
C ARG B 1721 -14.19 74.47 53.85
N VAL B 1722 -14.57 73.21 53.93
CA VAL B 1722 -15.88 72.77 53.47
C VAL B 1722 -16.93 73.10 54.53
N SER B 1723 -18.17 73.26 54.09
CA SER B 1723 -19.31 73.41 54.97
C SER B 1723 -20.45 72.57 54.43
N LYS B 1724 -21.39 72.23 55.31
CA LYS B 1724 -22.55 71.46 54.89
C LYS B 1724 -23.36 72.28 53.89
N ASP B 1725 -23.70 71.64 52.77
CA ASP B 1725 -24.41 72.31 51.69
C ASP B 1725 -25.91 72.13 51.90
N LYS B 1727 -28.93 72.16 50.85
CA LYS B 1727 -29.56 71.58 49.67
C LYS B 1727 -29.21 70.09 49.54
N SER B 1728 -28.00 69.82 49.04
CA SER B 1728 -27.57 68.44 48.87
C SER B 1728 -27.32 67.77 50.21
N GLY B 1729 -26.83 68.51 51.20
CA GLY B 1729 -26.52 67.96 52.50
C GLY B 1729 -25.14 67.34 52.63
N SER B 1730 -24.29 67.49 51.61
CA SER B 1730 -22.93 66.98 51.65
C SER B 1730 -21.95 68.12 51.93
N LEU B 1731 -20.69 67.75 52.13
CA LEU B 1731 -19.67 68.73 52.43
C LEU B 1731 -18.99 69.19 51.15
N THR B 1732 -19.05 70.50 50.91
CA THR B 1732 -18.47 71.07 49.72
C THR B 1732 -17.89 72.42 50.01
N PHE B 1733 -17.11 72.93 49.10
CA PHE B 1733 -16.56 74.26 49.24
C PHE B 1733 -17.52 75.25 48.64
N ASN B 1734 -17.70 76.36 49.31
CA ASN B 1734 -18.59 77.42 48.84
C ASN B 1734 -17.75 78.64 48.47
N SER B 1735 -18.10 79.27 47.35
CA SER B 1735 -17.32 80.41 46.87
C SER B 1735 -17.26 81.54 47.89
N LYS B 1736 -18.26 81.65 48.77
CA LYS B 1736 -18.24 82.71 49.77
C LYS B 1736 -17.19 82.47 50.84
N ASN B 1737 -16.65 81.26 50.90
CA ASN B 1737 -15.70 80.92 51.95
C ASN B 1737 -14.28 80.80 51.42
N ILE B 1738 -14.00 81.33 50.24
CA ILE B 1738 -12.70 81.22 49.61
C ILE B 1738 -12.12 82.61 49.41
N GLN B 1739 -10.91 82.83 49.91
CA GLN B 1739 -10.25 84.13 49.86
C GLN B 1739 -11.12 85.23 50.45
N SER B 1740 -11.79 84.91 51.56
CA SER B 1740 -12.66 85.84 52.26
C SER B 1740 -11.99 86.32 53.54
N LYS B 1741 -12.39 87.52 53.96
CA LYS B 1741 -11.81 88.13 55.16
C LYS B 1741 -12.25 87.44 56.44
N ASP B 1742 -13.42 86.79 56.44
CA ASP B 1742 -13.88 86.09 57.63
C ASP B 1742 -12.96 84.92 57.99
N SER B 1743 -12.39 84.26 56.98
CA SER B 1743 -11.52 83.12 57.23
C SER B 1743 -10.28 83.51 57.97
N TYR B 1744 -9.85 84.75 57.80
CA TYR B 1744 -8.64 85.25 58.46
C TYR B 1744 -8.99 85.84 59.82
N MET C 1 88.58 76.64 -51.04
CA MET C 1 87.36 77.51 -51.02
C MET C 1 86.91 77.78 -49.60
N LYS C 2 86.28 78.92 -49.39
CA LYS C 2 85.67 79.19 -48.09
C LYS C 2 84.50 78.23 -47.88
N PRO C 3 84.22 77.85 -46.63
CA PRO C 3 83.14 76.87 -46.40
C PRO C 3 81.80 77.29 -46.98
N GLU C 4 81.46 78.59 -46.92
CA GLU C 4 80.18 79.04 -47.45
C GLU C 4 80.10 78.87 -48.95
N VAL C 5 81.19 79.21 -49.66
CA VAL C 5 81.20 79.03 -51.11
C VAL C 5 81.08 77.55 -51.46
N GLU C 6 81.80 76.70 -50.72
CA GLU C 6 81.70 75.27 -50.94
C GLU C 6 80.28 74.78 -50.74
N GLN C 7 79.58 75.32 -49.74
CA GLN C 7 78.21 74.89 -49.49
C GLN C 7 77.34 75.32 -50.66
N GLU C 8 77.51 76.56 -51.10
CA GLU C 8 76.72 77.05 -52.22
C GLU C 8 76.89 76.15 -53.44
N LEU C 9 78.14 75.86 -53.81
CA LEU C 9 78.38 75.01 -54.98
C LEU C 9 77.83 73.61 -54.77
N ALA C 10 77.99 73.06 -53.57
CA ALA C 10 77.45 71.73 -53.29
C ALA C 10 75.94 71.71 -53.44
N HIS C 11 75.25 72.74 -52.95
CA HIS C 11 73.80 72.79 -53.10
C HIS C 11 73.41 72.90 -54.56
N ILE C 12 74.13 73.72 -55.33
CA ILE C 12 73.79 73.86 -56.74
C ILE C 12 73.92 72.52 -57.44
N LEU C 13 75.04 71.84 -57.21
CA LEU C 13 75.26 70.56 -57.87
C LEU C 13 74.25 69.51 -57.43
N LEU C 14 73.89 69.52 -56.15
CA LEU C 14 72.93 68.55 -55.63
C LEU C 14 71.55 68.75 -56.24
N THR C 15 71.06 70.00 -56.21
CA THR C 15 69.73 70.27 -56.75
C THR C 15 69.69 69.99 -58.24
N GLU C 16 70.79 70.27 -58.94
CA GLU C 16 70.85 69.97 -60.37
C GLU C 16 70.82 68.47 -60.63
N LEU C 17 71.62 67.72 -59.88
CA LEU C 17 71.67 66.28 -60.03
C LEU C 17 70.29 65.69 -59.88
N LEU C 18 69.53 66.18 -58.92
CA LEU C 18 68.20 65.67 -58.66
C LEU C 18 67.18 66.06 -59.70
N ALA C 19 67.29 67.27 -60.23
CA ALA C 19 66.37 67.73 -61.26
C ALA C 19 66.53 66.90 -62.51
N TYR C 20 67.77 66.58 -62.86
CA TYR C 20 68.01 65.87 -64.11
C TYR C 20 67.86 64.38 -63.98
N GLN C 21 67.58 63.88 -62.78
CA GLN C 21 67.57 62.43 -62.56
C GLN C 21 66.48 61.66 -63.25
N PHE C 22 65.29 62.24 -63.32
CA PHE C 22 64.16 61.51 -63.89
C PHE C 22 64.18 61.57 -65.41
N ALA C 23 65.16 62.24 -65.98
CA ALA C 23 65.30 62.31 -67.41
C ALA C 23 66.46 61.45 -67.89
N SER C 24 67.47 61.27 -67.06
CA SER C 24 68.63 60.44 -67.41
C SER C 24 68.46 59.01 -66.96
N PRO C 25 69.19 58.07 -67.61
CA PRO C 25 69.11 56.67 -67.19
C PRO C 25 69.76 56.45 -65.83
N VAL C 26 69.29 55.40 -65.15
CA VAL C 26 69.81 55.04 -63.83
C VAL C 26 71.04 54.18 -64.04
N ARG C 27 72.22 54.76 -63.81
CA ARG C 27 73.49 54.03 -63.94
C ARG C 27 73.76 53.29 -62.64
N TRP C 28 73.15 52.11 -62.51
CA TRP C 28 73.36 51.28 -61.34
C TRP C 28 74.52 50.31 -61.48
N ILE C 29 74.87 49.92 -62.69
CA ILE C 29 76.04 49.07 -62.88
C ILE C 29 77.28 49.75 -62.33
N GLU C 30 77.50 51.00 -62.73
CA GLU C 30 78.66 51.75 -62.27
C GLU C 30 78.60 52.03 -60.77
N THR C 31 77.41 52.30 -60.22
CA THR C 31 77.29 52.52 -58.78
C THR C 31 77.68 51.27 -58.01
N GLN C 32 77.14 50.12 -58.41
CA GLN C 32 77.49 48.87 -57.77
C GLN C 32 78.98 48.59 -57.89
N ASP C 33 79.57 48.83 -59.06
CA ASP C 33 81.01 48.66 -59.19
C ASP C 33 81.75 49.58 -58.22
N VAL C 34 81.32 50.84 -58.13
CA VAL C 34 82.02 51.82 -57.30
C VAL C 34 82.01 51.38 -55.84
N PHE C 35 80.88 50.94 -55.32
CA PHE C 35 80.84 50.59 -53.91
C PHE C 35 81.11 49.12 -53.62
N LEU C 36 81.36 48.30 -54.65
CA LEU C 36 81.79 46.93 -54.41
C LEU C 36 83.27 46.69 -54.68
N LYS C 37 83.92 47.56 -55.45
CA LYS C 37 85.32 47.37 -55.80
C LYS C 37 86.22 48.50 -55.33
N ASP C 38 85.80 49.75 -55.52
CA ASP C 38 86.59 50.90 -55.10
C ASP C 38 86.47 51.18 -53.60
N PHE C 39 85.47 50.61 -52.93
CA PHE C 39 85.32 50.72 -51.50
C PHE C 39 85.54 49.42 -50.76
N ASN C 40 85.54 48.28 -51.46
CA ASN C 40 85.68 46.97 -50.80
C ASN C 40 84.63 46.81 -49.72
N THR C 41 83.43 47.33 -49.99
CA THR C 41 82.36 47.33 -49.01
C THR C 41 82.14 45.92 -48.45
N GLU C 42 82.24 45.80 -47.13
CA GLU C 42 82.01 44.54 -46.45
C GLU C 42 80.57 44.31 -46.06
N ARG C 43 79.81 45.36 -45.75
CA ARG C 43 78.39 45.25 -45.45
C ARG C 43 77.62 46.09 -46.45
N VAL C 44 76.63 45.48 -47.09
CA VAL C 44 75.67 46.19 -47.94
C VAL C 44 74.32 46.06 -47.26
N VAL C 45 73.77 47.18 -46.82
CA VAL C 45 72.47 47.22 -46.15
C VAL C 45 71.47 47.86 -47.10
N GLU C 46 70.37 47.16 -47.35
CA GLU C 46 69.33 47.63 -48.26
C GLU C 46 68.16 48.13 -47.43
N ILE C 47 67.77 49.38 -47.67
CA ILE C 47 66.62 49.99 -47.00
C ILE C 47 65.47 50.01 -47.98
N GLY C 48 64.43 49.22 -47.69
CA GLY C 48 63.28 49.12 -48.55
C GLY C 48 62.40 47.97 -48.11
N PRO C 49 61.20 47.87 -48.70
CA PRO C 49 60.27 46.83 -48.26
C PRO C 49 60.62 45.43 -48.74
N SER C 50 61.34 45.31 -49.86
CA SER C 50 61.65 44.01 -50.43
C SER C 50 63.12 43.93 -50.82
N PRO C 51 63.71 42.72 -50.81
CA PRO C 51 65.15 42.58 -51.14
C PRO C 51 65.43 42.64 -52.64
N THR C 52 65.27 43.82 -53.21
CA THR C 52 65.50 44.00 -54.64
C THR C 52 66.93 44.35 -54.95
N LEU C 53 67.41 45.45 -54.40
CA LEU C 53 68.79 45.84 -54.63
C LEU C 53 69.76 44.85 -54.00
N ALA C 54 69.36 44.18 -52.92
CA ALA C 54 70.21 43.16 -52.32
C ALA C 54 70.40 41.98 -53.27
N GLY C 55 69.31 41.51 -53.90
CA GLY C 55 69.44 40.46 -54.89
C GLY C 55 70.26 40.90 -56.08
N MET C 56 70.08 42.15 -56.50
CA MET C 56 70.88 42.69 -57.59
C MET C 56 72.37 42.68 -57.24
N ALA C 57 72.71 43.07 -56.01
CA ALA C 57 74.10 43.07 -55.57
C ALA C 57 74.65 41.65 -55.52
N GLN C 58 73.85 40.69 -55.03
CA GLN C 58 74.30 39.31 -54.99
C GLN C 58 74.56 38.77 -56.40
N ARG C 59 73.71 39.08 -57.35
CA ARG C 59 73.92 38.62 -58.68
C ARG C 59 75.14 39.28 -59.28
N THR C 60 75.35 40.55 -58.99
CA THR C 60 76.56 41.22 -59.47
C THR C 60 77.82 40.57 -58.88
N LEU C 61 77.77 40.21 -57.61
CA LEU C 61 78.91 39.55 -56.97
C LEU C 61 79.20 38.21 -57.64
N LYS C 62 78.16 37.42 -57.89
CA LYS C 62 78.35 36.08 -58.43
C LYS C 62 78.81 36.09 -59.88
N ASN C 63 78.87 37.27 -60.53
CA ASN C 63 79.20 37.35 -61.94
C ASN C 63 80.46 38.15 -62.23
N LYS C 64 80.98 38.93 -61.29
CA LYS C 64 82.15 39.76 -61.56
C LYS C 64 83.22 39.72 -60.47
N TYR C 65 82.95 39.14 -59.29
CA TYR C 65 83.86 39.24 -58.16
C TYR C 65 84.10 37.92 -57.45
N GLU C 66 83.67 36.80 -58.02
CA GLU C 66 83.90 35.50 -57.38
C GLU C 66 85.39 35.27 -57.12
N SER C 67 86.22 35.53 -58.13
CA SER C 67 87.66 35.35 -57.97
C SER C 67 88.28 36.46 -57.13
N TYR C 68 87.86 37.70 -57.36
CA TYR C 68 88.44 38.83 -56.63
C TYR C 68 88.18 38.72 -55.14
N ASP C 69 86.94 38.40 -54.76
CA ASP C 69 86.60 38.27 -53.35
C ASP C 69 87.41 37.15 -52.69
N ALA C 70 87.52 36.00 -53.35
CA ALA C 70 88.27 34.89 -52.79
C ALA C 70 89.75 35.23 -52.66
N ALA C 71 90.32 35.85 -53.69
CA ALA C 71 91.74 36.19 -53.66
C ALA C 71 92.05 37.16 -52.54
N LEU C 72 91.21 38.17 -52.35
CA LEU C 72 91.41 39.13 -51.28
C LEU C 72 90.76 38.71 -49.97
N SER C 73 90.13 37.54 -49.93
CA SER C 73 89.50 37.02 -48.72
C SER C 73 88.41 37.95 -48.21
N LEU C 74 87.81 38.73 -49.10
CA LEU C 74 86.69 39.61 -48.73
C LEU C 74 85.44 38.76 -48.57
N HIS C 75 84.91 38.72 -47.34
CA HIS C 75 83.68 37.99 -47.06
C HIS C 75 82.56 39.02 -46.91
N ARG C 76 81.99 39.41 -48.04
CA ARG C 76 80.94 40.42 -48.08
C ARG C 76 79.65 39.88 -47.47
N GLU C 77 78.86 40.79 -46.92
CA GLU C 77 77.53 40.47 -46.41
C GLU C 77 76.52 41.39 -47.06
N ILE C 78 75.39 40.82 -47.46
CA ILE C 78 74.31 41.56 -48.11
C ILE C 78 73.07 41.41 -47.23
N LEU C 79 72.57 42.52 -46.71
CA LEU C 79 71.46 42.51 -45.78
C LEU C 79 70.35 43.41 -46.28
N CYS C 80 69.11 42.91 -46.16
CA CYS C 80 67.92 43.68 -46.46
C CYS C 80 67.16 43.93 -45.16
N TYR C 81 66.71 45.17 -44.97
CA TYR C 81 66.01 45.52 -43.74
C TYR C 81 64.78 44.65 -43.53
N SER C 82 64.13 44.22 -44.61
CA SER C 82 62.87 43.48 -44.47
C SER C 82 63.09 42.09 -43.91
N LYS C 83 64.22 41.45 -44.20
CA LYS C 83 64.45 40.07 -43.78
C LYS C 83 65.64 39.90 -42.85
N ASP C 84 66.74 40.59 -43.10
CA ASP C 84 67.94 40.45 -42.26
C ASP C 84 67.95 41.52 -41.17
N ALA C 85 66.89 41.53 -40.35
CA ALA C 85 66.82 42.49 -39.26
C ALA C 85 67.76 42.09 -38.12
N LYS C 86 67.86 40.80 -37.85
CA LYS C 86 68.69 40.34 -36.73
C LYS C 86 70.16 40.68 -36.94
N GLU C 87 70.65 40.51 -38.17
CA GLU C 87 72.06 40.82 -38.44
C GLU C 87 72.31 42.32 -38.43
N ILE C 88 71.32 43.11 -38.85
CA ILE C 88 71.47 44.56 -38.84
C ILE C 88 71.47 45.09 -37.42
N TYR C 89 70.62 44.54 -36.55
CA TYR C 89 70.44 45.03 -35.20
C TYR C 89 71.31 44.33 -34.17
N TYR C 90 72.03 43.29 -34.59
CA TYR C 90 72.85 42.49 -33.67
C TYR C 90 71.98 42.01 -32.56
N THR C 91 70.91 41.31 -32.91
CA THR C 91 70.05 40.73 -31.89
C THR C 91 69.94 39.27 -32.24
N PRO C 92 70.98 38.50 -31.93
CA PRO C 92 71.00 37.08 -32.29
C PRO C 92 69.98 36.25 -31.51
N ASP C 93 69.45 35.16 -32.09
CA ASP C 93 68.42 34.39 -31.41
C ASP C 93 68.99 33.75 -30.15
N PRO C 94 68.13 33.47 -29.16
CA PRO C 94 68.58 32.87 -27.90
C PRO C 94 68.64 31.34 -27.97
N GLU C 329 23.11 -0.39 -5.18
CA GLU C 329 22.43 0.85 -5.54
C GLU C 329 21.19 0.57 -6.39
N GLU C 330 21.21 -0.56 -7.11
CA GLU C 330 20.09 -0.91 -7.97
C GLU C 330 18.85 -1.26 -7.15
N ILE C 331 19.03 -1.88 -5.98
CA ILE C 331 17.90 -2.22 -5.14
C ILE C 331 17.15 -0.95 -4.71
N THR C 332 17.90 0.08 -4.32
CA THR C 332 17.28 1.34 -3.96
C THR C 332 16.53 1.94 -5.15
N LYS C 333 17.12 1.85 -6.34
CA LYS C 333 16.44 2.36 -7.53
C LYS C 333 15.13 1.62 -7.77
N ASP C 334 15.13 0.30 -7.64
CA ASP C 334 13.91 -0.47 -7.84
C ASP C 334 12.84 -0.08 -6.83
N HIS C 335 13.23 0.03 -5.55
CA HIS C 335 12.26 0.37 -4.53
C HIS C 335 11.72 1.78 -4.73
N LYS C 336 12.59 2.72 -5.13
CA LYS C 336 12.13 4.08 -5.38
C LYS C 336 11.18 4.13 -6.55
N VAL C 337 11.45 3.36 -7.61
CA VAL C 337 10.54 3.35 -8.76
C VAL C 337 9.18 2.79 -8.36
N LEU C 338 9.19 1.70 -7.58
CA LEU C 338 7.93 1.13 -7.12
C LEU C 338 7.15 2.12 -6.26
N ALA C 339 7.85 2.79 -5.33
CA ALA C 339 7.18 3.75 -4.46
C ALA C 339 6.62 4.92 -5.26
N ARG C 340 7.38 5.40 -6.25
CA ARG C 340 6.91 6.49 -7.07
C ARG C 340 5.66 6.10 -7.85
N GLN C 341 5.64 4.87 -8.38
CA GLN C 341 4.45 4.42 -9.10
C GLN C 341 3.25 4.28 -8.18
N GLN C 342 3.48 3.80 -6.95
CA GLN C 342 2.38 3.73 -5.98
C GLN C 342 1.84 5.12 -5.67
N LEU C 343 2.73 6.09 -5.48
CA LEU C 343 2.30 7.46 -5.21
C LEU C 343 1.55 8.05 -6.40
N GLN C 344 2.00 7.74 -7.62
CA GLN C 344 1.27 8.19 -8.81
C GLN C 344 -0.13 7.60 -8.86
N VAL C 345 -0.26 6.31 -8.53
CA VAL C 345 -1.58 5.69 -8.50
C VAL C 345 -2.46 6.39 -7.47
N LEU C 346 -1.91 6.66 -6.29
CA LEU C 346 -2.69 7.33 -5.25
C LEU C 346 -3.12 8.72 -5.69
N ALA C 347 -2.22 9.47 -6.34
CA ALA C 347 -2.56 10.80 -6.81
C ALA C 347 -3.65 10.75 -7.87
N ARG C 348 -3.58 9.77 -8.78
CA ARG C 348 -4.62 9.62 -9.80
C ARG C 348 -5.96 9.29 -9.16
N TYR C 349 -5.95 8.45 -8.12
CA TYR C 349 -7.19 8.16 -7.40
C TYR C 349 -7.73 9.39 -6.69
N LEU C 350 -6.85 10.23 -6.15
CA LEU C 350 -7.25 11.42 -5.44
C LEU C 350 -7.59 12.59 -6.37
N LYS C 351 -7.43 12.43 -7.68
CA LYS C 351 -7.72 13.47 -8.65
C LYS C 351 -6.97 14.75 -8.32
N MET C 352 -5.67 14.60 -8.04
CA MET C 352 -4.81 15.73 -7.69
C MET C 352 -3.72 15.84 -8.74
N ASP C 353 -3.57 17.03 -9.31
CA ASP C 353 -2.54 17.29 -10.30
C ASP C 353 -1.26 17.71 -9.59
N LEU C 354 -0.19 16.94 -9.77
CA LEU C 354 1.07 17.21 -9.09
C LEU C 354 1.89 18.28 -9.79
N ASP C 355 1.57 18.63 -11.03
CA ASP C 355 2.33 19.62 -11.79
C ASP C 355 1.59 20.94 -11.98
N ASN C 356 0.47 21.14 -11.29
CA ASN C 356 -0.28 22.38 -11.43
C ASN C 356 0.56 23.57 -10.99
N GLY C 357 1.27 23.43 -9.87
CA GLY C 357 2.06 24.54 -9.37
C GLY C 357 3.17 24.94 -10.31
N GLU C 358 3.88 23.96 -10.86
CA GLU C 358 4.96 24.24 -11.80
C GLU C 358 4.42 24.89 -13.07
N ARG C 359 3.27 24.42 -13.55
CA ARG C 359 2.64 25.02 -14.73
C ARG C 359 2.37 26.51 -14.49
N LYS C 360 1.72 26.80 -13.35
CA LYS C 360 1.42 28.20 -13.03
C LYS C 360 2.70 29.01 -12.86
N PHE C 361 3.73 28.41 -12.26
CA PHE C 361 4.99 29.11 -12.05
C PHE C 361 5.63 29.49 -13.38
N LEU C 362 5.53 28.62 -14.35
CA LEU C 362 6.16 28.87 -15.64
C LEU C 362 5.38 29.93 -16.39
N LYS C 363 4.07 29.95 -16.27
CA LYS C 363 3.29 31.05 -16.83
C LYS C 363 3.67 32.38 -16.19
N GLU C 364 3.81 32.39 -14.86
CA GLU C 364 4.16 33.62 -14.17
C GLU C 364 5.54 34.10 -14.57
N LYS C 365 6.50 33.22 -14.73
CA LYS C 365 7.84 33.60 -15.15
C LYS C 365 7.85 34.22 -16.53
N ASP C 366 6.94 33.81 -17.38
CA ASP C 366 6.85 34.40 -18.71
C ASP C 366 6.22 35.77 -18.61
N THR C 367 5.19 35.93 -17.80
CA THR C 367 4.64 37.27 -17.59
C THR C 367 5.70 38.22 -17.03
N VAL C 368 6.55 37.76 -16.14
CA VAL C 368 7.62 38.59 -15.62
C VAL C 368 8.54 39.07 -16.70
N ALA C 369 8.91 38.21 -17.63
CA ALA C 369 9.83 38.59 -18.67
C ALA C 369 9.16 39.55 -19.62
N GLU C 370 7.87 39.38 -19.83
CA GLU C 370 7.21 40.39 -20.67
C GLU C 370 7.25 41.77 -20.01
N LEU C 371 6.86 41.84 -18.73
CA LEU C 371 6.87 43.13 -18.04
C LEU C 371 8.29 43.70 -17.96
N GLN C 372 9.29 42.87 -17.72
CA GLN C 372 10.65 43.35 -17.67
C GLN C 372 11.11 43.92 -18.98
N ALA C 373 10.60 43.40 -20.07
CA ALA C 373 11.00 43.85 -21.38
C ALA C 373 10.39 45.18 -21.64
N GLN C 374 9.15 45.36 -21.21
CA GLN C 374 8.56 46.69 -21.34
C GLN C 374 9.35 47.72 -20.52
N LEU C 375 9.69 47.38 -19.28
CA LEU C 375 10.45 48.31 -18.45
C LEU C 375 11.82 48.60 -19.05
N ASP C 376 12.46 47.61 -19.62
CA ASP C 376 13.76 47.80 -20.22
C ASP C 376 13.68 48.68 -21.45
N TYR C 377 12.63 48.55 -22.24
CA TYR C 377 12.48 49.45 -23.38
C TYR C 377 12.27 50.89 -22.91
N LEU C 378 11.44 51.10 -21.89
CA LEU C 378 11.23 52.46 -21.41
C LEU C 378 12.50 53.04 -20.81
N ASN C 379 13.39 52.26 -20.23
CA ASN C 379 14.60 52.79 -19.65
C ASN C 379 15.60 53.07 -20.72
N ALA C 380 15.60 52.28 -21.79
CA ALA C 380 16.47 52.58 -22.91
C ALA C 380 15.98 53.79 -23.70
N GLU C 381 14.70 54.12 -23.61
CA GLU C 381 14.15 55.29 -24.28
C GLU C 381 14.35 56.57 -23.46
N LEU C 382 14.07 56.51 -22.17
CA LEU C 382 14.13 57.70 -21.32
C LEU C 382 15.49 57.88 -20.64
N GLY C 383 16.19 56.79 -20.35
CA GLY C 383 17.45 56.87 -19.64
C GLY C 383 17.27 56.75 -18.15
N GLU C 384 18.31 56.39 -17.45
CA GLU C 384 18.16 56.15 -16.04
C GLU C 384 18.01 57.42 -15.22
N PHE C 385 18.69 58.48 -15.61
CA PHE C 385 18.55 59.74 -14.90
C PHE C 385 17.10 60.25 -14.90
N PHE C 386 16.45 60.24 -16.05
CA PHE C 386 15.06 60.69 -16.14
C PHE C 386 14.12 59.77 -15.36
N VAL C 387 14.22 58.46 -15.58
CA VAL C 387 13.33 57.48 -14.94
C VAL C 387 13.45 57.48 -13.43
N ASN C 388 14.63 57.65 -12.90
CA ASN C 388 14.78 57.76 -11.47
C ASN C 388 14.41 59.14 -11.00
N GLY C 389 14.48 60.15 -11.86
CA GLY C 389 14.21 61.50 -11.46
C GLY C 389 12.77 61.84 -11.34
N VAL C 390 11.91 61.12 -12.03
CA VAL C 390 10.48 61.40 -11.99
C VAL C 390 9.85 60.78 -10.74
N ALA C 391 10.68 60.23 -9.86
CA ALA C 391 10.16 59.64 -8.63
C ALA C 391 9.46 60.67 -7.76
N THR C 392 8.35 60.26 -7.16
CA THR C 392 7.56 61.17 -6.33
C THR C 392 8.22 61.39 -4.98
N SER C 393 8.01 62.60 -4.45
CA SER C 393 8.58 63.02 -3.18
C SER C 393 7.59 63.75 -2.29
N PHE C 394 6.51 64.27 -2.84
CA PHE C 394 5.58 65.03 -2.05
C PHE C 394 4.54 64.24 -1.30
N SER C 395 4.24 64.64 -0.09
CA SER C 395 3.11 64.08 0.66
C SER C 395 2.62 65.13 1.64
N ARG C 396 1.35 65.12 1.93
CA ARG C 396 0.76 66.10 2.81
C ARG C 396 1.15 65.92 4.27
N LYS C 397 1.47 64.71 4.69
CA LYS C 397 1.80 64.47 6.09
C LYS C 397 3.18 64.93 6.45
N LYS C 398 4.00 65.17 5.45
CA LYS C 398 5.35 65.61 5.70
C LYS C 398 5.45 67.14 5.72
N ALA C 399 4.38 67.86 5.41
CA ALA C 399 4.37 69.32 5.52
C ALA C 399 4.65 69.85 6.90
N ARG C 400 5.50 70.86 7.00
CA ARG C 400 5.86 71.45 8.28
C ARG C 400 5.48 72.93 8.38
N THR C 401 4.67 73.28 9.35
CA THR C 401 4.23 74.65 9.54
C THR C 401 4.99 75.45 10.60
N PHE C 402 5.31 76.70 10.31
CA PHE C 402 5.99 77.57 11.23
C PHE C 402 5.18 78.85 11.29
N ASP C 403 4.54 79.12 12.42
CA ASP C 403 3.78 80.35 12.57
C ASP C 403 3.82 80.95 13.99
N SER C 404 4.68 80.46 14.87
CA SER C 404 4.68 80.94 16.26
C SER C 404 5.69 82.08 16.45
N SER C 405 5.51 83.15 15.68
CA SER C 405 6.34 84.35 15.77
C SER C 405 6.18 85.12 17.07
N TRP C 406 5.07 84.93 17.76
CA TRP C 406 4.82 85.57 19.04
C TRP C 406 5.78 85.09 20.10
N ASN C 407 6.29 83.87 19.97
CA ASN C 407 7.29 83.36 20.88
C ASN C 407 8.70 83.73 20.42
N TRP C 408 8.99 83.70 19.12
CA TRP C 408 10.31 83.96 18.60
C TRP C 408 10.70 85.39 18.74
N ALA C 409 9.72 86.28 18.78
CA ALA C 409 10.03 87.70 19.00
C ALA C 409 10.69 87.91 20.34
N LYS C 410 10.13 87.35 21.40
CA LYS C 410 10.70 87.48 22.73
C LYS C 410 12.03 86.75 22.82
N GLN C 411 12.20 85.63 22.13
CA GLN C 411 13.49 84.98 22.10
C GLN C 411 14.53 85.88 21.44
N SER C 412 14.19 86.45 20.30
CA SER C 412 15.10 87.30 19.57
C SER C 412 15.49 88.52 20.36
N LEU C 413 14.57 89.02 21.18
CA LEU C 413 14.85 90.18 22.03
C LEU C 413 15.80 89.81 23.16
N LEU C 414 15.55 88.69 23.82
CA LEU C 414 16.44 88.28 24.91
C LEU C 414 17.84 88.00 24.37
N SER C 415 17.93 87.35 23.22
CA SER C 415 19.23 87.06 22.64
C SER C 415 20.00 88.35 22.34
N LEU C 416 19.34 89.33 21.72
CA LEU C 416 19.99 90.61 21.43
C LEU C 416 20.38 91.34 22.70
N TYR C 417 19.50 91.34 23.69
CA TYR C 417 19.79 91.98 24.95
C TYR C 417 21.03 91.41 25.64
N PHE C 418 21.17 90.08 25.69
CA PHE C 418 22.36 89.51 26.33
C PHE C 418 23.59 89.60 25.43
N GLU C 419 23.44 89.64 24.12
CA GLU C 419 24.60 89.84 23.24
C GLU C 419 25.15 91.23 23.41
N ILE C 420 24.28 92.21 23.59
CA ILE C 420 24.77 93.55 23.89
C ILE C 420 25.44 93.57 25.25
N ILE C 421 24.85 92.99 26.28
CA ILE C 421 25.43 93.02 27.61
C ILE C 421 26.77 92.29 27.70
N HIS C 422 27.00 91.29 26.88
CA HIS C 422 28.26 90.58 26.88
C HIS C 422 29.29 91.17 25.90
N GLY C 423 28.90 92.19 25.16
CA GLY C 423 29.82 92.80 24.23
C GLY C 423 29.94 92.12 22.89
N VAL C 424 29.15 91.11 22.62
CA VAL C 424 29.19 90.41 21.35
C VAL C 424 28.65 91.32 20.26
N LEU C 425 27.73 92.20 20.59
CA LEU C 425 27.19 93.17 19.65
C LEU C 425 27.49 94.55 20.21
N LYS C 426 27.90 95.47 19.35
CA LYS C 426 28.22 96.83 19.75
C LYS C 426 27.44 97.84 18.91
N ASN C 427 27.56 99.13 19.20
CA ASN C 427 26.77 100.16 18.53
C ASN C 427 27.15 100.36 17.07
N VAL C 428 28.30 99.90 16.64
CA VAL C 428 28.72 100.17 15.28
C VAL C 428 28.29 99.06 14.33
N ASP C 429 27.46 98.14 14.80
CA ASP C 429 27.08 96.98 13.97
C ASP C 429 25.72 97.10 13.32
N ARG C 430 25.64 96.68 12.07
CA ARG C 430 24.35 96.66 11.40
C ARG C 430 23.44 95.54 11.90
N GLU C 431 24.02 94.55 12.61
CA GLU C 431 23.20 93.48 13.16
C GLU C 431 22.17 94.03 14.13
N VAL C 432 22.55 95.06 14.89
CA VAL C 432 21.60 95.69 15.82
C VAL C 432 20.42 96.25 15.05
N VAL C 433 20.69 96.94 13.93
CA VAL C 433 19.61 97.54 13.15
C VAL C 433 18.72 96.46 12.56
N SER C 434 19.31 95.40 12.01
CA SER C 434 18.51 94.34 11.39
C SER C 434 17.64 93.64 12.42
N GLU C 435 18.20 93.35 13.60
CA GLU C 435 17.43 92.68 14.63
C GLU C 435 16.36 93.60 15.20
N ALA C 436 16.63 94.90 15.27
CA ALA C 436 15.59 95.84 15.66
C ALA C 436 14.44 95.82 14.66
N ILE C 437 14.76 95.77 13.37
CA ILE C 437 13.71 95.68 12.35
C ILE C 437 12.90 94.41 12.55
N ASN C 438 13.57 93.29 12.75
CA ASN C 438 12.86 92.02 12.88
C ASN C 438 11.99 92.00 14.14
N ILE C 439 12.47 92.61 15.22
CA ILE C 439 11.67 92.70 16.44
C ILE C 439 10.45 93.61 16.21
N MET C 440 10.66 94.74 15.55
CA MET C 440 9.55 95.66 15.26
C MET C 440 8.50 94.99 14.38
N ASN C 441 8.91 94.12 13.47
CA ASN C 441 7.97 93.43 12.60
C ASN C 441 7.07 92.47 13.35
N ARG C 442 7.33 92.22 14.63
CA ARG C 442 6.55 91.28 15.41
C ARG C 442 6.11 91.96 16.68
N SER C 443 5.80 93.24 16.60
CA SER C 443 5.46 94.02 17.79
C SER C 443 3.99 93.83 18.17
N ASN C 444 3.77 93.59 19.46
CA ASN C 444 2.43 93.56 20.04
C ASN C 444 2.53 93.98 21.50
N ASP C 445 1.41 93.87 22.21
CA ASP C 445 1.37 94.37 23.59
C ASP C 445 2.23 93.52 24.53
N ALA C 446 2.17 92.20 24.43
CA ALA C 446 2.95 91.37 25.32
C ALA C 446 4.43 91.53 25.07
N LEU C 447 4.85 91.69 23.82
CA LEU C 447 6.25 91.95 23.54
C LEU C 447 6.69 93.28 24.16
N ILE C 448 5.82 94.28 24.11
CA ILE C 448 6.17 95.58 24.67
C ILE C 448 6.31 95.50 26.19
N LYS C 449 5.46 94.78 26.87
CA LYS C 449 5.62 94.59 28.33
C LYS C 449 6.82 93.76 28.67
N PHE C 450 7.18 92.81 27.83
CA PHE C 450 8.38 92.03 28.00
C PHE C 450 9.59 92.94 27.89
N MET C 451 9.66 93.79 26.87
CA MET C 451 10.75 94.75 26.72
C MET C 451 10.80 95.72 27.88
N GLU C 452 9.67 96.25 28.28
CA GLU C 452 9.68 97.25 29.31
C GLU C 452 10.20 96.70 30.62
N TYR C 453 9.86 95.47 30.94
CA TYR C 453 10.36 94.90 32.16
C TYR C 453 11.84 94.73 32.08
N HIS C 454 12.29 94.05 31.04
CA HIS C 454 13.70 93.74 31.01
C HIS C 454 14.58 94.98 30.90
N ILE C 455 14.10 96.03 30.22
CA ILE C 455 14.92 97.23 30.13
C ILE C 455 14.84 98.05 31.43
N SER C 456 13.67 98.24 31.98
CA SER C 456 13.53 99.00 33.20
C SER C 456 14.20 98.40 34.41
N ASN C 457 14.55 97.13 34.36
CA ASN C 457 15.15 96.48 35.50
C ASN C 457 16.61 96.34 35.24
N THR C 458 17.10 97.00 34.22
CA THR C 458 18.50 96.97 33.92
C THR C 458 19.19 97.99 34.78
N ASP C 459 20.26 97.61 35.44
CA ASP C 459 21.03 98.51 36.29
C ASP C 459 22.19 99.03 35.45
N GLU C 460 22.02 100.25 34.92
CA GLU C 460 23.03 100.83 34.04
C GLU C 460 24.33 101.15 34.76
N THR C 461 24.34 101.12 36.09
CA THR C 461 25.55 101.38 36.86
C THR C 461 26.44 100.16 37.01
N LYS C 462 26.10 99.05 36.33
CA LYS C 462 26.94 97.86 36.34
C LYS C 462 27.98 97.86 35.24
N GLY C 463 27.85 98.70 34.22
CA GLY C 463 28.87 98.78 33.20
C GLY C 463 28.40 99.57 32.00
N GLU C 464 29.38 99.88 31.13
CA GLU C 464 29.08 100.59 29.90
C GLU C 464 28.15 99.78 29.02
N ASN C 465 28.33 98.47 28.97
CA ASN C 465 27.43 97.61 28.20
C ASN C 465 26.02 97.66 28.75
N TYR C 466 25.86 97.74 30.06
CA TYR C 466 24.54 97.84 30.65
C TYR C 466 23.89 99.14 30.32
N GLN C 467 24.61 100.25 30.37
CA GLN C 467 24.05 101.53 29.95
C GLN C 467 23.69 101.50 28.47
N LEU C 468 24.54 100.88 27.65
CA LEU C 468 24.26 100.77 26.23
C LEU C 468 22.97 100.00 25.98
N VAL C 469 22.77 98.90 26.69
CA VAL C 469 21.57 98.10 26.49
C VAL C 469 20.35 98.85 26.97
N LYS C 470 20.47 99.61 28.06
CA LYS C 470 19.33 100.41 28.52
C LYS C 470 18.93 101.44 27.48
N THR C 471 19.90 102.16 26.92
CA THR C 471 19.57 103.17 25.92
C THR C 471 18.94 102.53 24.68
N LEU C 472 19.59 101.50 24.14
CA LEU C 472 19.09 100.84 22.95
C LEU C 472 17.69 100.27 23.19
N GLY C 473 17.47 99.68 24.36
CA GLY C 473 16.19 99.07 24.65
C GLY C 473 15.08 100.09 24.79
N GLU C 474 15.36 101.24 25.41
CA GLU C 474 14.34 102.28 25.50
C GLU C 474 13.98 102.80 24.11
N GLN C 475 14.98 103.02 23.26
CA GLN C 475 14.68 103.44 21.89
C GLN C 475 13.84 102.39 21.17
N LEU C 476 14.19 101.11 21.33
CA LEU C 476 13.46 100.05 20.65
C LEU C 476 12.03 99.94 21.18
N ILE C 477 11.84 100.17 22.47
CA ILE C 477 10.50 100.18 23.04
C ILE C 477 9.67 101.26 22.40
N GLU C 478 10.24 102.46 22.25
CA GLU C 478 9.53 103.54 21.59
C GLU C 478 9.16 103.15 20.16
N ASN C 479 10.11 102.56 19.43
CA ASN C 479 9.83 102.20 18.05
C ASN C 479 8.71 101.17 17.95
N CYS C 480 8.75 100.15 18.81
CA CYS C 480 7.73 99.10 18.73
C CYS C 480 6.37 99.60 19.21
N LYS C 481 6.33 100.61 20.07
CA LYS C 481 5.06 101.28 20.35
C LYS C 481 4.57 102.04 19.12
N GLN C 482 5.49 102.69 18.41
CA GLN C 482 5.08 103.44 17.23
C GLN C 482 4.51 102.54 16.13
N VAL C 483 5.11 101.37 15.90
CA VAL C 483 4.64 100.48 14.85
C VAL C 483 3.70 99.40 15.38
N LEU C 484 3.09 99.62 16.54
CA LEU C 484 2.25 98.59 17.15
C LEU C 484 1.12 98.15 16.22
N ASP C 485 0.60 99.06 15.39
CA ASP C 485 -0.49 98.74 14.48
C ASP C 485 -0.12 98.88 13.01
N VAL C 486 1.16 99.03 12.69
CA VAL C 486 1.61 99.18 11.31
C VAL C 486 1.94 97.81 10.74
N ASP C 487 1.74 97.63 9.45
CA ASP C 487 2.07 96.37 8.80
C ASP C 487 3.56 96.14 8.75
N PRO C 488 3.99 94.87 8.90
CA PRO C 488 5.42 94.57 8.83
C PRO C 488 5.98 94.87 7.45
N VAL C 489 7.27 95.19 7.44
CA VAL C 489 7.92 95.58 6.21
C VAL C 489 9.20 94.85 5.96
N TYR C 490 9.49 94.58 4.70
CA TYR C 490 10.76 94.00 4.34
C TYR C 490 11.73 95.15 4.15
N LYS C 491 12.76 95.21 4.95
CA LYS C 491 13.76 96.27 4.92
C LYS C 491 15.13 95.66 5.14
N ASP C 492 15.99 95.74 4.12
CA ASP C 492 17.33 95.16 4.17
C ASP C 492 18.33 96.28 4.42
N VAL C 493 19.08 96.17 5.51
CA VAL C 493 20.05 97.19 5.90
C VAL C 493 21.48 96.63 5.86
N ALA C 494 21.70 95.57 5.10
CA ALA C 494 23.03 94.98 5.01
C ALA C 494 23.95 95.84 4.16
N LYS C 495 25.24 95.84 4.51
CA LYS C 495 26.22 96.59 3.75
C LYS C 495 26.38 95.97 2.37
N PRO C 496 26.16 96.77 1.31
CA PRO C 496 26.39 96.25 -0.04
C PRO C 496 27.85 95.91 -0.30
N THR C 497 28.14 94.72 -0.80
CA THR C 497 29.51 94.28 -1.07
C THR C 497 29.79 94.01 -2.53
N GLY C 498 31.05 94.12 -2.94
CA GLY C 498 31.44 93.89 -4.31
C GLY C 498 32.45 92.77 -4.44
N PRO C 499 32.70 92.33 -5.67
CA PRO C 499 33.65 91.23 -5.90
C PRO C 499 35.09 91.72 -5.86
N LYS C 500 35.97 90.90 -5.29
CA LYS C 500 37.40 91.22 -5.18
C LYS C 500 38.18 89.92 -5.26
N THR C 501 39.00 89.78 -6.29
CA THR C 501 39.85 88.61 -6.47
C THR C 501 41.32 89.04 -6.36
N ALA C 502 42.08 88.33 -5.53
CA ALA C 502 43.47 88.66 -5.27
C ALA C 502 44.35 87.43 -5.51
N ILE C 503 45.54 87.66 -6.03
CA ILE C 503 46.53 86.61 -6.26
C ILE C 503 47.74 86.90 -5.38
N ASP C 504 48.11 85.93 -4.55
CA ASP C 504 49.23 86.09 -3.64
C ASP C 504 50.54 86.02 -4.42
N LYS C 505 51.67 86.11 -3.70
CA LYS C 505 52.97 86.02 -4.33
C LYS C 505 53.25 84.60 -4.83
N ASN C 506 52.75 83.59 -4.14
CA ASN C 506 52.91 82.20 -4.55
C ASN C 506 51.88 81.77 -5.57
N GLY C 507 51.04 82.68 -6.05
CA GLY C 507 50.01 82.33 -7.02
C GLY C 507 48.74 81.80 -6.41
N ASN C 508 48.46 82.11 -5.15
CA ASN C 508 47.23 81.69 -4.49
C ASN C 508 46.11 82.65 -4.86
N ILE C 509 45.00 82.12 -5.35
CA ILE C 509 43.84 82.90 -5.74
C ILE C 509 42.85 82.91 -4.59
N THR C 510 42.48 84.10 -4.12
CA THR C 510 41.50 84.27 -3.06
C THR C 510 40.42 85.25 -3.52
N TYR C 511 39.16 84.86 -3.33
CA TYR C 511 38.02 85.70 -3.65
C TYR C 511 37.30 86.07 -2.37
N SER C 512 36.95 87.35 -2.24
CA SER C 512 36.21 87.83 -1.07
C SER C 512 35.22 88.89 -1.52
N GLU C 513 34.19 89.09 -0.69
CA GLU C 513 33.21 90.13 -0.95
C GLU C 513 33.58 91.28 -0.06
N GLU C 514 34.02 92.37 -0.63
CA GLU C 514 34.47 93.53 0.12
C GLU C 514 33.43 94.64 0.04
N PRO C 515 33.28 95.44 1.09
CA PRO C 515 32.31 96.54 1.04
C PRO C 515 32.59 97.47 -0.14
N ARG C 516 31.52 97.81 -0.87
CA ARG C 516 31.66 98.71 -2.00
C ARG C 516 32.00 100.12 -1.50
N GLU C 517 32.78 100.85 -2.31
CA GLU C 517 33.26 102.16 -1.90
C GLU C 517 32.14 103.20 -1.97
N LYS C 518 31.55 103.38 -3.14
CA LYS C 518 30.59 104.45 -3.36
C LYS C 518 29.16 104.08 -2.95
N VAL C 519 28.93 102.84 -2.51
CA VAL C 519 27.59 102.39 -2.13
C VAL C 519 27.67 101.74 -0.76
N ARG C 520 26.96 102.30 0.21
CA ARG C 520 26.93 101.77 1.58
C ARG C 520 25.52 101.48 2.05
N LYS C 521 24.51 101.76 1.24
CA LYS C 521 23.11 101.54 1.59
C LYS C 521 22.38 101.10 0.35
N LEU C 522 21.20 100.50 0.53
CA LEU C 522 20.42 100.09 -0.62
C LEU C 522 19.87 101.29 -1.38
N SER C 523 19.62 102.42 -0.71
CA SER C 523 19.19 103.61 -1.42
C SER C 523 20.28 104.11 -2.38
N GLN C 524 21.53 104.10 -1.94
CA GLN C 524 22.63 104.43 -2.84
C GLN C 524 22.74 103.39 -3.94
N TYR C 525 22.41 102.14 -3.64
CA TYR C 525 22.42 101.09 -4.66
C TYR C 525 21.39 101.40 -5.75
N VAL C 526 20.20 101.83 -5.35
CA VAL C 526 19.17 102.20 -6.32
C VAL C 526 19.62 103.42 -7.12
N GLN C 527 20.27 104.37 -6.47
CA GLN C 527 20.78 105.52 -7.17
C GLN C 527 21.77 105.11 -8.24
N GLU C 528 22.72 104.26 -7.87
CA GLU C 528 23.67 103.77 -8.82
C GLU C 528 23.05 103.01 -9.98
N MET C 529 22.00 102.23 -9.73
CA MET C 529 21.34 101.53 -10.82
C MET C 529 20.63 102.51 -11.74
N ALA C 530 19.96 103.51 -11.17
CA ALA C 530 19.27 104.51 -11.98
C ALA C 530 20.25 105.28 -12.85
N LEU C 531 21.39 105.70 -12.34
CA LEU C 531 22.32 106.46 -13.15
C LEU C 531 22.67 105.67 -14.36
N GLY C 532 23.24 104.50 -14.16
CA GLY C 532 23.61 103.65 -15.26
C GLY C 532 25.10 103.76 -15.44
N GLY C 533 25.55 103.71 -16.68
CA GLY C 533 26.96 103.84 -16.97
C GLY C 533 27.23 104.27 -18.39
N PRO C 534 28.48 104.63 -18.68
CA PRO C 534 28.82 105.01 -20.07
C PRO C 534 28.53 103.91 -21.07
N ILE C 535 28.63 102.65 -20.68
CA ILE C 535 28.39 101.53 -21.60
C ILE C 535 26.93 101.43 -22.01
N THR C 536 26.03 101.84 -21.14
CA THR C 536 24.60 101.74 -21.40
C THR C 536 24.02 102.95 -22.14
N LYS C 537 24.86 103.94 -22.41
CA LYS C 537 24.40 105.14 -23.11
C LYS C 537 24.09 104.79 -24.55
N GLU C 538 22.84 105.03 -24.95
CA GLU C 538 22.39 104.64 -26.28
C GLU C 538 22.66 105.73 -27.31
N ASP C 603 22.88 109.30 7.78
CA ASP C 603 22.59 108.05 8.52
C ASP C 603 23.71 107.76 9.53
N ALA C 604 23.37 107.02 10.59
CA ALA C 604 24.28 106.63 11.69
C ALA C 604 24.78 105.19 11.54
N LEU C 605 24.53 104.50 10.40
CA LEU C 605 25.01 103.12 10.13
C LEU C 605 26.54 103.07 10.28
N ASP C 606 27.04 102.04 10.96
CA ASP C 606 28.48 101.74 11.20
C ASP C 606 29.10 102.71 12.23
N LYS C 607 28.33 103.64 12.81
CA LYS C 607 28.84 104.60 13.84
C LYS C 607 27.94 104.60 15.10
N ASP C 608 26.61 104.65 14.96
CA ASP C 608 25.67 104.68 16.13
C ASP C 608 24.38 103.92 15.75
N SER C 609 24.37 102.62 16.03
CA SER C 609 23.22 101.71 15.74
C SER C 609 21.97 102.21 16.49
N THR C 610 22.14 102.71 17.71
CA THR C 610 21.05 103.29 18.53
C THR C 610 20.36 104.44 17.80
N LYS C 611 21.15 105.34 17.18
CA LYS C 611 20.60 106.45 16.35
C LYS C 611 19.90 105.86 15.14
N GLU C 612 20.51 104.88 14.47
CA GLU C 612 19.88 104.27 13.26
C GLU C 612 18.55 103.60 13.66
N VAL C 613 18.50 103.02 14.87
CA VAL C 613 17.28 102.34 15.37
C VAL C 613 16.20 103.39 15.58
N ALA C 614 16.55 104.55 16.18
CA ALA C 614 15.59 105.65 16.42
C ALA C 614 14.95 106.14 15.11
N SER C 615 15.65 106.01 13.98
CA SER C 615 15.17 106.46 12.65
C SER C 615 14.19 105.47 12.01
N LEU C 616 14.13 104.21 12.47
CA LEU C 616 13.51 103.09 11.71
C LEU C 616 12.02 103.29 11.51
N PRO C 617 11.24 103.81 12.49
CA PRO C 617 9.81 103.96 12.28
C PRO C 617 9.45 105.13 11.33
N ASN C 618 10.36 106.11 11.18
CA ASN C 618 10.12 107.40 10.47
C ASN C 618 10.09 107.14 8.97
N LYS C 619 8.89 107.20 8.38
CA LYS C 619 8.71 107.12 6.90
C LYS C 619 9.33 108.36 6.29
N SER C 620 10.56 108.23 5.78
CA SER C 620 11.33 109.30 5.08
C SER C 620 10.57 109.72 3.81
N SER C 623 12.89 115.50 -1.92
CA SER C 623 11.56 115.07 -2.34
C SER C 623 11.53 114.74 -3.83
N LYS C 624 12.69 114.51 -4.42
CA LYS C 624 12.81 114.17 -5.82
C LYS C 624 13.04 112.67 -5.97
N THR C 625 12.28 112.05 -6.86
CA THR C 625 12.43 110.63 -7.11
C THR C 625 13.82 110.35 -7.68
N VAL C 626 14.16 109.08 -7.87
CA VAL C 626 15.43 108.74 -8.46
C VAL C 626 15.24 108.61 -9.95
N SER C 627 14.01 108.44 -10.42
CA SER C 627 13.80 108.39 -11.87
C SER C 627 14.11 109.73 -12.52
N SER C 628 13.94 110.83 -11.79
CA SER C 628 14.33 112.13 -12.31
C SER C 628 15.83 112.18 -12.60
N THR C 629 16.63 111.60 -11.71
CA THR C 629 18.07 111.60 -11.84
C THR C 629 18.59 110.64 -12.87
N ILE C 630 17.73 110.01 -13.64
CA ILE C 630 18.18 109.16 -14.75
C ILE C 630 18.60 110.06 -15.91
N PRO C 631 19.86 109.99 -16.31
CA PRO C 631 20.30 110.77 -17.47
C PRO C 631 19.55 110.43 -18.72
N ARG C 632 19.32 111.40 -19.60
CA ARG C 632 18.71 111.09 -20.88
C ARG C 632 19.70 110.32 -21.76
N GLU C 633 19.15 109.54 -22.69
CA GLU C 633 19.95 108.73 -23.61
C GLU C 633 20.78 107.71 -22.85
N THR C 634 20.28 107.24 -21.70
CA THR C 634 20.98 106.25 -20.90
C THR C 634 19.99 105.17 -20.50
N ILE C 635 20.43 103.92 -20.55
CA ILE C 635 19.63 102.78 -20.08
C ILE C 635 20.05 102.49 -18.63
N PRO C 636 19.15 102.57 -17.65
CA PRO C 636 19.53 102.20 -16.29
C PRO C 636 19.89 100.72 -16.21
N PHE C 637 20.72 100.34 -15.24
CA PHE C 637 21.12 98.94 -15.08
C PHE C 637 19.89 98.08 -14.82
N LEU C 638 18.93 98.58 -14.03
CA LEU C 638 17.66 97.89 -13.87
C LEU C 638 16.58 98.72 -14.54
N HIS C 639 15.82 98.11 -15.44
CA HIS C 639 14.80 98.82 -16.18
C HIS C 639 13.73 97.83 -16.63
N LEU C 640 12.59 98.37 -17.05
CA LEU C 640 11.51 97.56 -17.59
C LEU C 640 11.46 97.78 -19.07
N ARG C 641 10.77 96.91 -19.78
CA ARG C 641 10.71 96.98 -21.21
C ARG C 641 9.30 96.99 -21.68
N LYS C 642 9.08 97.39 -22.92
CA LYS C 642 7.75 97.44 -23.46
C LYS C 642 7.79 96.89 -24.85
N LYS C 643 6.74 96.22 -25.23
CA LYS C 643 6.70 95.59 -26.50
C LYS C 643 6.19 96.59 -27.54
N THR C 644 6.83 96.58 -28.70
CA THR C 644 6.46 97.47 -29.79
C THR C 644 5.51 96.76 -30.75
N PRO C 645 4.69 97.51 -31.50
CA PRO C 645 3.83 96.87 -32.50
C PRO C 645 4.54 95.82 -33.34
N ALA C 646 5.86 95.90 -33.49
CA ALA C 646 6.61 94.89 -34.23
C ALA C 646 6.94 93.67 -33.38
N GLY C 647 6.67 93.72 -32.08
CA GLY C 647 6.81 92.55 -31.23
C GLY C 647 8.12 92.43 -30.49
N ASP C 648 9.02 93.41 -30.61
CA ASP C 648 10.29 93.39 -29.89
C ASP C 648 10.21 94.26 -28.65
N TRP C 649 10.87 93.82 -27.59
CA TRP C 649 10.82 94.53 -26.32
C TRP C 649 11.94 95.52 -26.23
N LYS C 650 11.61 96.74 -25.85
CA LYS C 650 12.58 97.82 -25.80
C LYS C 650 12.44 98.59 -24.51
N TYR C 651 13.55 99.19 -24.08
CA TYR C 651 13.57 99.94 -22.85
C TYR C 651 12.51 101.03 -22.86
N ASP C 652 11.79 101.17 -21.74
CA ASP C 652 10.74 102.15 -21.58
C ASP C 652 11.06 103.04 -20.38
N ARG C 653 11.15 104.34 -20.63
CA ARG C 653 11.51 105.27 -19.56
C ARG C 653 10.48 105.29 -18.46
N GLN C 654 9.19 105.28 -18.81
CA GLN C 654 8.14 105.48 -17.81
C GLN C 654 7.99 104.24 -16.91
N LEU C 655 7.93 103.07 -17.51
CA LEU C 655 7.84 101.84 -16.74
C LEU C 655 9.06 101.66 -15.86
N SER C 656 10.23 101.93 -16.38
CA SER C 656 11.45 101.82 -15.61
C SER C 656 11.47 102.84 -14.47
N SER C 657 10.92 104.03 -14.71
CA SER C 657 10.80 105.01 -13.63
C SER C 657 9.88 104.51 -12.54
N LEU C 658 8.75 103.90 -12.92
CA LEU C 658 7.88 103.27 -11.93
C LEU C 658 8.64 102.27 -11.08
N PHE C 659 9.36 101.36 -11.75
CA PHE C 659 10.06 100.29 -11.04
C PHE C 659 11.14 100.85 -10.12
N LEU C 660 11.92 101.82 -10.60
CA LEU C 660 13.01 102.36 -9.79
C LEU C 660 12.48 103.20 -8.63
N ASP C 661 11.38 103.93 -8.86
CA ASP C 661 10.76 104.67 -7.76
C ASP C 661 10.27 103.72 -6.68
N GLY C 662 9.65 102.60 -7.09
CA GLY C 662 9.26 101.59 -6.11
C GLY C 662 10.45 101.04 -5.35
N LEU C 663 11.55 100.78 -6.06
CA LEU C 663 12.74 100.27 -5.38
C LEU C 663 13.28 101.27 -4.37
N GLU C 664 13.29 102.56 -4.73
CA GLU C 664 13.73 103.59 -3.80
C GLU C 664 12.82 103.64 -2.57
N LYS C 665 11.51 103.64 -2.77
CA LYS C 665 10.60 103.65 -1.64
C LYS C 665 10.82 102.47 -0.74
N ALA C 666 11.13 101.32 -1.31
CA ALA C 666 11.42 100.14 -0.53
C ALA C 666 12.67 100.32 0.28
N ALA C 667 13.72 100.79 -0.36
CA ALA C 667 14.98 100.97 0.33
C ALA C 667 14.84 101.97 1.48
N PHE C 668 13.96 102.96 1.34
CA PHE C 668 13.79 103.96 2.40
C PHE C 668 12.80 103.50 3.47
N ASN C 669 11.62 103.06 3.10
CA ASN C 669 10.60 102.75 4.07
C ASN C 669 10.27 101.29 4.29
N GLY C 670 10.78 100.40 3.46
CA GLY C 670 10.41 99.02 3.57
C GLY C 670 9.09 98.74 2.89
N VAL C 671 8.94 97.55 2.32
CA VAL C 671 7.70 97.16 1.68
C VAL C 671 6.97 96.06 2.45
N THR C 672 5.66 96.11 2.49
CA THR C 672 4.89 95.09 3.15
C THR C 672 4.43 94.01 2.20
N PHE C 673 4.23 92.79 2.68
CA PHE C 673 3.71 91.71 1.85
C PHE C 673 2.61 91.00 2.59
N LYS C 674 1.95 91.70 3.48
CA LYS C 674 0.88 91.12 4.27
C LYS C 674 -0.30 90.73 3.38
N ASP C 675 -0.92 89.60 3.65
CA ASP C 675 -2.01 89.11 2.79
C ASP C 675 -1.53 88.62 1.44
N LYS C 676 -0.24 88.39 1.26
CA LYS C 676 0.25 87.81 0.03
C LYS C 676 0.49 86.34 0.29
N TYR C 677 0.00 85.50 -0.60
CA TYR C 677 0.18 84.06 -0.53
C TYR C 677 1.11 83.68 -1.64
N VAL C 678 2.26 83.13 -1.35
CA VAL C 678 3.30 82.88 -2.32
C VAL C 678 3.69 81.42 -2.29
N LEU C 679 3.87 80.83 -3.47
CA LEU C 679 4.53 79.54 -3.62
C LEU C 679 5.87 79.77 -4.29
N ILE C 680 6.94 79.28 -3.67
CA ILE C 680 8.29 79.45 -4.19
C ILE C 680 8.98 78.10 -4.18
N THR C 681 9.60 77.77 -5.32
CA THR C 681 10.36 76.55 -5.44
C THR C 681 11.77 76.98 -5.77
N GLY C 682 12.76 76.15 -5.51
CA GLY C 682 14.14 76.50 -5.76
C GLY C 682 14.76 77.47 -4.78
N ALA C 683 14.27 77.52 -3.56
CA ALA C 683 14.78 78.45 -2.55
C ALA C 683 15.57 77.80 -1.44
N GLY C 684 16.49 76.89 -1.72
CA GLY C 684 17.34 76.33 -0.68
C GLY C 684 18.53 77.18 -0.27
N LYS C 685 19.19 76.82 0.81
CA LYS C 685 20.31 77.62 1.32
C LYS C 685 21.35 77.94 0.27
N GLY C 686 21.76 79.19 0.24
CA GLY C 686 22.76 79.63 -0.72
C GLY C 686 22.23 80.05 -2.06
N SER C 687 20.93 80.20 -2.19
CA SER C 687 20.32 80.53 -3.47
C SER C 687 19.68 81.90 -3.47
N ILE C 688 19.29 82.36 -4.64
CA ILE C 688 18.58 83.61 -4.75
C ILE C 688 17.21 83.49 -4.09
N GLY C 689 16.52 82.37 -4.28
CA GLY C 689 15.24 82.13 -3.68
C GLY C 689 15.22 82.20 -2.18
N ALA C 690 16.30 81.80 -1.53
CA ALA C 690 16.39 81.88 -0.10
C ALA C 690 16.33 83.31 0.39
N GLU C 691 17.00 84.21 -0.31
CA GLU C 691 16.97 85.63 0.05
C GLU C 691 15.62 86.22 -0.29
N VAL C 692 14.98 85.78 -1.36
CA VAL C 692 13.61 86.17 -1.66
C VAL C 692 12.66 85.74 -0.53
N LEU C 693 12.86 84.52 -0.04
CA LEU C 693 11.99 84.00 1.01
C LEU C 693 12.17 84.75 2.31
N GLN C 694 13.37 85.15 2.69
CA GLN C 694 13.56 85.97 3.89
C GLN C 694 12.87 87.31 3.82
N GLY C 695 12.93 87.95 2.66
CA GLY C 695 12.26 89.19 2.47
C GLY C 695 10.78 89.02 2.44
N LEU C 696 10.28 87.94 1.86
CA LEU C 696 8.84 87.73 1.93
C LEU C 696 8.37 87.50 3.37
N LEU C 697 9.11 86.70 4.13
CA LEU C 697 8.73 86.46 5.52
C LEU C 697 8.81 87.74 6.34
N GLN C 698 9.81 88.59 6.07
CA GLN C 698 9.93 89.85 6.80
C GLN C 698 8.70 90.72 6.59
N GLY C 699 8.17 90.75 5.37
CA GLY C 699 7.00 91.54 5.04
C GLY C 699 5.67 90.96 5.44
N GLY C 700 5.65 89.77 6.03
CA GLY C 700 4.42 89.20 6.54
C GLY C 700 3.68 88.28 5.61
N ALA C 701 4.34 87.76 4.57
CA ALA C 701 3.67 86.91 3.60
C ALA C 701 3.41 85.52 4.17
N LYS C 702 2.42 84.84 3.59
CA LYS C 702 2.18 83.42 3.82
C LYS C 702 2.84 82.66 2.66
N VAL C 703 3.88 81.91 2.97
CA VAL C 703 4.72 81.29 1.95
C VAL C 703 4.75 79.78 2.15
N VAL C 704 4.59 79.04 1.06
CA VAL C 704 4.90 77.62 1.02
C VAL C 704 6.16 77.46 0.19
N VAL C 705 7.22 76.95 0.82
CA VAL C 705 8.50 76.75 0.16
C VAL C 705 8.72 75.25 -0.01
N THR C 706 9.15 74.84 -1.16
CA THR C 706 9.40 73.47 -1.47
C THR C 706 10.86 73.12 -1.26
N THR C 707 11.18 71.84 -1.15
CA THR C 707 12.55 71.37 -1.00
C THR C 707 12.69 70.02 -1.67
N SER C 708 13.77 69.79 -2.39
CA SER C 708 14.04 68.49 -3.01
C SER C 708 14.94 67.64 -2.11
N ARG C 709 15.41 68.21 -1.01
CA ARG C 709 16.23 67.48 -0.07
C ARG C 709 15.65 67.56 1.32
N PHE C 710 14.40 67.20 1.49
CA PHE C 710 13.74 67.19 2.80
C PHE C 710 14.48 66.34 3.81
N SER C 711 14.92 66.98 4.90
CA SER C 711 15.72 66.31 5.92
C SER C 711 15.60 67.10 7.21
N LYS C 712 16.27 66.67 8.26
CA LYS C 712 16.17 67.35 9.54
C LYS C 712 17.05 68.53 9.53
N GLN C 713 18.06 68.50 8.69
CA GLN C 713 18.90 69.65 8.54
C GLN C 713 18.17 70.78 7.81
N VAL C 714 17.43 70.46 6.77
CA VAL C 714 16.71 71.47 6.02
C VAL C 714 15.55 72.03 6.82
N THR C 715 14.88 71.19 7.58
CA THR C 715 13.77 71.65 8.39
C THR C 715 14.29 72.53 9.50
N ASP C 716 15.46 72.25 10.04
CA ASP C 716 16.09 73.10 11.05
C ASP C 716 16.59 74.41 10.44
N TYR C 717 16.96 74.41 9.19
CA TYR C 717 17.38 75.62 8.51
C TYR C 717 16.19 76.54 8.34
N TYR C 718 15.09 75.97 7.94
CA TYR C 718 13.87 76.75 7.75
C TYR C 718 13.27 77.20 9.05
N GLN C 719 13.40 76.48 10.16
CA GLN C 719 12.92 76.93 11.44
C GLN C 719 13.72 78.13 11.87
N SER C 720 15.03 78.07 11.67
CA SER C 720 15.90 79.15 12.08
C SER C 720 15.60 80.39 11.28
N ILE C 721 15.29 80.25 10.00
CA ILE C 721 14.94 81.39 9.20
C ILE C 721 13.62 82.01 9.64
N TYR C 722 12.62 81.20 9.89
CA TYR C 722 11.35 81.76 10.39
C TYR C 722 11.44 82.42 11.75
N ALA C 723 12.21 81.85 12.65
CA ALA C 723 12.37 82.38 13.97
C ALA C 723 13.19 83.65 13.90
N LYS C 724 13.98 83.91 12.89
CA LYS C 724 14.67 85.17 12.79
C LYS C 724 13.88 86.23 12.00
N TYR C 725 13.25 85.87 10.91
CA TYR C 725 12.58 86.83 10.04
C TYR C 725 11.05 86.79 9.96
N GLY C 726 10.41 85.69 10.33
CA GLY C 726 8.98 85.61 10.24
C GLY C 726 8.25 86.70 10.99
N ALA C 727 7.70 87.66 10.28
CA ALA C 727 6.98 88.76 10.89
C ALA C 727 5.61 88.30 11.38
N LYS C 728 4.97 89.16 12.19
CA LYS C 728 3.63 88.86 12.67
C LYS C 728 2.68 88.69 11.48
N GLY C 729 1.82 87.68 11.59
CA GLY C 729 0.89 87.37 10.51
C GLY C 729 1.46 86.52 9.40
N SER C 730 2.76 86.19 9.46
CA SER C 730 3.38 85.38 8.43
C SER C 730 3.34 83.90 8.82
N THR C 731 3.47 83.05 7.80
CA THR C 731 3.52 81.60 8.00
C THR C 731 4.45 81.01 6.95
N LEU C 732 5.19 79.98 7.36
CA LEU C 732 6.10 79.25 6.47
C LEU C 732 5.68 77.79 6.46
N ILE C 733 5.40 77.26 5.27
CA ILE C 733 5.09 75.86 5.09
C ILE C 733 6.20 75.24 4.24
N VAL C 734 6.86 74.24 4.79
CA VAL C 734 7.92 73.51 4.09
C VAL C 734 7.37 72.14 3.72
N VAL C 735 7.49 71.79 2.45
CA VAL C 735 7.00 70.49 1.96
C VAL C 735 8.07 69.85 1.11
N PRO C 736 8.12 68.53 1.08
CA PRO C 736 9.03 67.87 0.16
C PRO C 736 8.48 67.95 -1.27
N PHE C 737 9.33 68.15 -2.26
CA PHE C 737 8.86 68.32 -3.63
C PHE C 737 9.85 67.94 -4.69
N ASN C 738 9.36 67.41 -5.78
CA ASN C 738 10.19 67.08 -6.93
C ASN C 738 9.46 67.77 -8.08
N GLN C 739 10.01 68.88 -8.57
CA GLN C 739 9.41 69.59 -9.70
C GLN C 739 9.51 68.80 -10.99
N GLY C 740 10.39 67.79 -11.05
CA GLY C 740 10.48 66.92 -12.20
C GLY C 740 9.37 65.89 -12.30
N SER C 741 8.54 65.77 -11.28
CA SER C 741 7.39 64.88 -11.28
C SER C 741 6.08 65.62 -11.47
N LYS C 742 5.36 65.29 -12.51
CA LYS C 742 4.06 65.88 -12.79
C LYS C 742 3.02 65.55 -11.72
N GLN C 743 3.08 64.36 -11.15
CA GLN C 743 2.16 63.99 -10.12
C GLN C 743 2.44 64.80 -8.88
N ASP C 744 3.68 65.07 -8.59
CA ASP C 744 4.02 65.93 -7.45
C ASP C 744 3.50 67.35 -7.68
N VAL C 745 3.60 67.86 -8.91
CA VAL C 745 3.09 69.20 -9.20
C VAL C 745 1.60 69.27 -8.93
N GLU C 746 0.85 68.32 -9.50
CA GLU C 746 -0.59 68.31 -9.30
C GLU C 746 -0.96 68.16 -7.83
N ALA C 747 -0.27 67.30 -7.13
CA ALA C 747 -0.57 67.10 -5.74
C ALA C 747 -0.25 68.30 -4.89
N LEU C 748 0.85 68.97 -5.17
CA LEU C 748 1.18 70.17 -4.41
C LEU C 748 0.13 71.25 -4.61
N ILE C 749 -0.31 71.50 -5.82
CA ILE C 749 -1.28 72.53 -6.06
C ILE C 749 -2.62 72.14 -5.48
N GLU C 750 -2.96 70.86 -5.49
CA GLU C 750 -4.17 70.39 -4.84
C GLU C 750 -4.11 70.55 -3.33
N PHE C 751 -3.00 70.21 -2.71
CA PHE C 751 -2.81 70.42 -1.28
C PHE C 751 -2.98 71.87 -0.96
N ILE C 752 -2.40 72.74 -1.76
CA ILE C 752 -2.49 74.17 -1.44
C ILE C 752 -3.93 74.65 -1.51
N TYR C 753 -4.67 74.21 -2.53
CA TYR C 753 -6.03 74.73 -2.73
C TYR C 753 -7.11 73.98 -1.97
N ASP C 754 -6.87 72.78 -1.49
CA ASP C 754 -7.89 72.01 -0.81
C ASP C 754 -8.22 72.65 0.49
N THR C 755 -9.41 72.37 1.00
CA THR C 755 -9.86 72.93 2.26
C THR C 755 -9.16 72.28 3.41
N GLU C 756 -9.06 72.98 4.52
CA GLU C 756 -8.40 72.44 5.68
C GLU C 756 -9.09 71.21 6.22
N LYS C 757 -10.41 71.17 6.20
CA LYS C 757 -11.15 69.99 6.59
C LYS C 757 -10.84 68.80 5.70
N ASN C 758 -10.42 69.03 4.45
CA ASN C 758 -9.98 67.97 3.56
C ASN C 758 -8.47 67.75 3.61
N GLY C 759 -7.78 68.32 4.60
CA GLY C 759 -6.36 68.12 4.77
C GLY C 759 -5.47 69.05 3.97
N GLY C 760 -6.02 70.10 3.35
CA GLY C 760 -5.24 71.07 2.62
C GLY C 760 -5.01 72.34 3.42
N LEU C 761 -4.44 73.34 2.76
CA LEU C 761 -4.19 74.62 3.39
C LEU C 761 -5.35 75.58 3.19
N GLY C 762 -6.16 75.43 2.17
CA GLY C 762 -7.23 76.36 1.91
C GLY C 762 -6.76 77.73 1.47
N TRP C 763 -5.69 77.79 0.70
CA TRP C 763 -5.16 79.05 0.24
C TRP C 763 -5.44 79.34 -1.19
N ASP C 764 -5.27 80.58 -1.61
CA ASP C 764 -5.40 80.97 -3.01
C ASP C 764 -4.12 81.75 -3.27
N LEU C 765 -3.34 81.37 -4.24
CA LEU C 765 -2.01 81.93 -4.45
C LEU C 765 -2.10 83.32 -5.06
N ASP C 766 -1.28 84.24 -4.53
CA ASP C 766 -1.08 85.55 -5.13
C ASP C 766 0.17 85.64 -5.96
N ALA C 767 1.16 84.77 -5.72
CA ALA C 767 2.41 84.80 -6.46
C ALA C 767 2.95 83.38 -6.58
N ILE C 768 3.59 83.12 -7.71
CA ILE C 768 4.30 81.86 -7.95
C ILE C 768 5.71 82.21 -8.38
N ILE C 769 6.71 81.62 -7.71
CA ILE C 769 8.11 81.91 -7.97
C ILE C 769 8.83 80.60 -8.21
N PRO C 770 8.78 80.13 -9.45
CA PRO C 770 9.33 78.80 -9.74
C PRO C 770 10.81 78.77 -10.08
N PHE C 771 11.68 78.78 -9.09
CA PHE C 771 13.12 78.86 -9.32
C PHE C 771 13.90 77.53 -9.27
N ALA C 772 13.20 76.41 -9.18
CA ALA C 772 13.84 75.10 -9.14
C ALA C 772 14.59 74.84 -10.42
N ALA C 773 15.78 74.31 -10.31
CA ALA C 773 16.60 74.09 -11.46
C ALA C 773 17.66 73.09 -11.12
N ILE C 774 18.27 72.47 -12.11
CA ILE C 774 19.38 71.58 -11.86
C ILE C 774 20.48 71.99 -12.81
N PRO C 775 21.73 71.77 -12.43
CA PRO C 775 22.85 72.18 -13.26
C PRO C 775 23.30 71.23 -14.36
N GLU C 776 23.61 71.75 -15.53
CA GLU C 776 24.12 70.96 -16.64
C GLU C 776 25.46 71.52 -17.02
N GLN C 777 26.53 70.84 -16.69
CA GLN C 777 27.89 71.29 -16.91
C GLN C 777 28.55 70.43 -17.98
N GLY C 778 29.13 71.08 -18.99
CA GLY C 778 29.87 70.37 -20.01
C GLY C 778 29.04 69.43 -20.85
N ILE C 779 27.78 69.77 -21.10
CA ILE C 779 26.91 68.98 -21.97
C ILE C 779 26.68 69.81 -23.22
N GLU C 780 27.41 69.49 -24.29
CA GLU C 780 27.25 70.17 -25.57
C GLU C 780 26.08 69.55 -26.32
N LEU C 781 25.93 69.92 -27.59
CA LEU C 781 24.81 69.43 -28.39
C LEU C 781 24.84 67.91 -28.49
N GLU C 782 26.02 67.33 -28.74
CA GLU C 782 26.14 65.89 -28.92
C GLU C 782 25.95 65.12 -27.61
N HIS C 783 26.00 65.79 -26.46
CA HIS C 783 25.88 65.11 -25.17
C HIS C 783 24.48 65.22 -24.57
N ILE C 784 23.54 65.85 -25.25
CA ILE C 784 22.20 66.02 -24.68
C ILE C 784 21.55 64.66 -24.57
N ASP C 785 21.16 64.27 -23.36
CA ASP C 785 20.77 62.90 -23.04
C ASP C 785 19.73 62.94 -21.93
N SER C 786 19.55 61.80 -21.25
CA SER C 786 18.54 61.67 -20.21
C SER C 786 18.52 62.86 -19.25
N LYS C 787 19.69 63.25 -18.74
CA LYS C 787 19.74 64.29 -17.72
C LYS C 787 19.27 65.63 -18.27
N SER C 788 19.65 65.95 -19.51
CA SER C 788 19.20 67.20 -20.13
C SER C 788 17.69 67.19 -20.33
N GLU C 789 17.13 66.05 -20.73
CA GLU C 789 15.69 65.94 -20.86
C GLU C 789 14.98 66.14 -19.52
N PHE C 790 15.50 65.58 -18.45
CA PHE C 790 14.90 65.72 -17.14
C PHE C 790 14.98 67.14 -16.64
N ALA C 791 16.08 67.83 -16.91
CA ALA C 791 16.20 69.22 -16.55
C ALA C 791 15.26 70.12 -17.36
N HIS C 792 15.03 69.82 -18.63
CA HIS C 792 14.14 70.59 -19.45
C HIS C 792 12.75 70.35 -18.97
N ARG C 793 12.46 69.13 -18.57
CA ARG C 793 11.14 68.92 -17.98
C ARG C 793 10.95 69.82 -16.77
N ILE C 794 11.90 69.75 -15.82
CA ILE C 794 11.78 70.54 -14.59
C ILE C 794 11.60 72.01 -14.92
N MET C 795 12.52 72.56 -15.70
CA MET C 795 12.57 73.99 -15.94
C MET C 795 11.67 74.61 -16.99
N LEU C 796 11.02 73.83 -17.82
CA LEU C 796 10.02 74.38 -18.74
C LEU C 796 8.67 73.68 -18.58
N THR C 797 8.63 72.36 -18.70
CA THR C 797 7.34 71.69 -18.93
C THR C 797 6.54 71.61 -17.66
N ASN C 798 7.19 71.35 -16.53
CA ASN C 798 6.47 71.29 -15.27
C ASN C 798 6.16 72.66 -14.70
N ILE C 799 6.85 73.71 -15.12
CA ILE C 799 6.45 75.06 -14.74
C ILE C 799 5.19 75.40 -15.54
N LEU C 800 5.12 75.01 -16.81
CA LEU C 800 3.87 75.20 -17.54
C LEU C 800 2.74 74.40 -16.91
N ARG C 801 3.00 73.19 -16.47
CA ARG C 801 2.00 72.37 -15.85
C ARG C 801 1.53 72.95 -14.52
N MET C 802 2.46 73.50 -13.75
CA MET C 802 2.07 74.11 -12.49
C MET C 802 1.21 75.35 -12.71
N MET C 803 1.55 76.15 -13.72
CA MET C 803 0.70 77.28 -14.08
C MET C 803 -0.69 76.81 -14.48
N GLY C 804 -0.76 75.77 -15.30
CA GLY C 804 -2.06 75.23 -15.68
C GLY C 804 -2.85 74.71 -14.51
N CYS C 805 -2.17 74.05 -13.57
CA CYS C 805 -2.85 73.53 -12.38
C CYS C 805 -3.44 74.66 -11.55
N VAL C 806 -2.66 75.73 -11.34
CA VAL C 806 -3.17 76.87 -10.60
C VAL C 806 -4.36 77.49 -11.33
N LYS C 807 -4.29 77.66 -12.66
CA LYS C 807 -5.41 78.15 -13.41
C LYS C 807 -6.63 77.26 -13.18
N LYS C 808 -6.49 75.96 -13.34
CA LYS C 808 -7.63 75.07 -13.20
C LYS C 808 -8.24 75.17 -11.81
N GLN C 809 -7.44 75.34 -10.79
CA GLN C 809 -7.95 75.43 -9.45
C GLN C 809 -8.71 76.70 -9.24
N LYS C 810 -8.25 77.83 -9.75
CA LYS C 810 -8.96 79.06 -9.60
C LYS C 810 -10.20 79.08 -10.50
N SER C 811 -10.19 78.43 -11.65
CA SER C 811 -11.39 78.43 -12.49
C SER C 811 -12.48 77.53 -11.91
N ALA C 812 -12.09 76.37 -11.36
CA ALA C 812 -13.08 75.49 -10.75
C ALA C 812 -13.79 76.17 -9.58
N ARG C 813 -13.22 77.23 -9.03
CA ARG C 813 -13.86 77.96 -7.94
C ARG C 813 -14.39 79.33 -8.32
N GLY C 814 -14.47 79.63 -9.60
CA GLY C 814 -14.94 80.91 -10.06
C GLY C 814 -14.15 82.12 -9.68
N ILE C 815 -12.85 81.97 -9.46
CA ILE C 815 -12.00 83.08 -9.10
C ILE C 815 -11.49 83.74 -10.37
N GLU C 816 -12.01 84.90 -10.70
CA GLU C 816 -11.62 85.63 -11.88
C GLU C 816 -11.00 86.97 -11.52
N THR C 817 -10.90 87.29 -10.23
CA THR C 817 -10.44 88.60 -9.80
C THR C 817 -9.36 88.53 -8.74
N ARG C 818 -8.57 87.49 -8.75
CA ARG C 818 -7.44 87.38 -7.83
C ARG C 818 -6.40 86.59 -8.58
N PRO C 819 -5.80 87.22 -9.59
CA PRO C 819 -4.75 86.53 -10.35
C PRO C 819 -3.45 86.25 -9.61
N ALA C 820 -2.78 85.15 -9.91
CA ALA C 820 -1.48 84.85 -9.32
C ALA C 820 -0.39 85.40 -10.23
N GLN C 821 0.54 86.16 -9.65
CA GLN C 821 1.66 86.70 -10.39
C GLN C 821 2.76 85.66 -10.50
N VAL C 822 3.21 85.38 -11.71
CA VAL C 822 4.22 84.37 -11.96
C VAL C 822 5.53 85.09 -12.27
N ILE C 823 6.49 84.98 -11.37
CA ILE C 823 7.82 85.57 -11.55
C ILE C 823 8.66 84.55 -12.27
N LEU C 824 8.85 84.74 -13.57
CA LEU C 824 9.56 83.77 -14.40
C LEU C 824 11.05 84.04 -14.37
N PRO C 825 11.89 83.10 -13.93
CA PRO C 825 13.34 83.31 -13.95
C PRO C 825 13.89 83.17 -15.36
N MET C 826 14.19 84.28 -15.99
CA MET C 826 14.63 84.29 -17.36
C MET C 826 16.10 84.59 -17.50
N SER C 827 16.66 84.28 -18.64
CA SER C 827 18.07 84.45 -18.86
C SER C 827 18.35 85.41 -19.99
N PRO C 828 19.36 86.26 -19.81
CA PRO C 828 19.73 87.12 -20.95
C PRO C 828 20.41 86.36 -22.07
N ASN C 829 21.08 85.26 -21.73
CA ASN C 829 21.86 84.51 -22.69
C ASN C 829 21.21 83.22 -23.10
N HIS C 830 21.12 83.01 -24.41
CA HIS C 830 20.52 81.81 -24.91
C HIS C 830 21.46 81.18 -25.91
N GLY C 831 22.39 80.38 -25.42
CA GLY C 831 23.36 79.71 -26.29
C GLY C 831 24.67 80.43 -26.45
N THR C 832 24.96 81.38 -25.59
CA THR C 832 26.15 82.19 -25.71
C THR C 832 27.39 81.53 -25.13
N PHE C 833 27.25 80.91 -23.98
CA PHE C 833 28.37 80.22 -23.37
C PHE C 833 28.52 78.77 -23.83
N GLY C 834 27.42 78.06 -24.01
CA GLY C 834 27.48 76.68 -24.45
C GLY C 834 27.77 75.66 -23.37
N GLY C 835 27.58 74.40 -23.69
CA GLY C 835 27.88 73.32 -22.77
C GLY C 835 27.00 73.28 -21.55
N ASP C 836 25.76 73.73 -21.69
CA ASP C 836 24.82 73.73 -20.58
C ASP C 836 23.58 72.88 -20.87
N GLY C 837 23.68 71.89 -21.75
CA GLY C 837 22.56 71.00 -22.01
C GLY C 837 21.42 71.71 -22.69
N MET C 838 20.25 71.66 -22.06
CA MET C 838 19.03 72.28 -22.58
C MET C 838 18.64 73.52 -21.79
N TYR C 839 19.53 74.06 -20.98
CA TYR C 839 19.24 75.23 -20.20
C TYR C 839 18.77 76.40 -21.06
N SER C 840 19.43 76.71 -22.14
CA SER C 840 19.04 77.85 -22.93
C SER C 840 17.75 77.62 -23.62
N GLU C 841 17.47 76.40 -24.05
CA GLU C 841 16.17 76.11 -24.64
C GLU C 841 15.05 76.32 -23.62
N SER C 842 15.21 75.84 -22.42
CA SER C 842 14.24 76.04 -21.36
C SER C 842 13.99 77.50 -21.04
N LYS C 843 15.03 78.30 -20.97
CA LYS C 843 14.90 79.69 -20.65
C LYS C 843 14.30 80.47 -21.81
N LEU C 844 14.66 80.17 -23.04
CA LEU C 844 14.09 80.86 -24.19
C LEU C 844 12.63 80.47 -24.40
N SER C 845 12.30 79.19 -24.22
CA SER C 845 10.91 78.76 -24.35
C SER C 845 10.02 79.44 -23.33
N LEU C 846 10.55 79.71 -22.14
CA LEU C 846 9.78 80.42 -21.13
C LEU C 846 9.20 81.73 -21.65
N GLU C 847 9.70 82.29 -22.75
CA GLU C 847 9.25 83.59 -23.25
C GLU C 847 8.03 83.59 -24.12
N THR C 848 7.55 82.44 -24.50
CA THR C 848 6.29 82.39 -25.25
C THR C 848 5.10 82.81 -24.39
N LEU C 849 5.27 82.86 -23.06
CA LEU C 849 4.16 83.17 -22.19
C LEU C 849 3.70 84.61 -22.34
N PHE C 850 4.60 85.52 -22.65
CA PHE C 850 4.24 86.91 -22.88
C PHE C 850 3.20 87.03 -23.95
N ASN C 851 3.25 86.16 -24.94
CA ASN C 851 2.22 86.15 -25.97
C ASN C 851 1.03 85.24 -25.63
N ARG C 852 1.26 84.10 -25.00
CA ARG C 852 0.18 83.20 -24.57
C ARG C 852 -0.81 83.93 -23.68
N TRP C 853 -0.32 84.86 -22.85
CA TRP C 853 -1.21 85.61 -21.97
C TRP C 853 -2.31 86.30 -22.77
N HIS C 854 -2.04 86.85 -23.94
CA HIS C 854 -3.04 87.48 -24.76
C HIS C 854 -3.84 86.50 -25.62
N SER C 855 -3.19 85.51 -26.22
CA SER C 855 -3.84 84.57 -27.14
C SER C 855 -4.76 83.53 -26.52
N GLU C 856 -4.61 83.23 -25.24
CA GLU C 856 -5.41 82.18 -24.59
C GLU C 856 -6.27 82.78 -23.49
N SER C 857 -6.91 81.89 -22.74
CA SER C 857 -7.87 82.29 -21.70
C SER C 857 -7.56 82.08 -20.23
N TRP C 858 -6.35 82.32 -19.82
CA TRP C 858 -5.95 82.18 -18.43
C TRP C 858 -5.48 83.49 -17.85
N ALA C 859 -5.62 84.59 -18.58
CA ALA C 859 -5.13 85.90 -18.12
C ALA C 859 -5.80 86.47 -16.88
N ASN C 860 -6.97 85.99 -16.50
CA ASN C 860 -7.61 86.44 -15.28
C ASN C 860 -7.15 85.66 -14.08
N GLN C 861 -6.46 84.55 -14.31
CA GLN C 861 -5.98 83.72 -13.23
C GLN C 861 -4.51 83.88 -13.02
N LEU C 862 -3.76 84.23 -14.05
CA LEU C 862 -2.32 84.36 -13.94
C LEU C 862 -1.83 85.57 -14.71
N THR C 863 -0.91 86.32 -14.10
CA THR C 863 -0.21 87.40 -14.78
C THR C 863 1.26 87.02 -14.93
N VAL C 864 1.85 87.42 -16.05
CA VAL C 864 3.21 87.04 -16.40
C VAL C 864 4.16 88.18 -16.04
N CYS C 865 5.24 87.84 -15.34
CA CYS C 865 6.26 88.83 -14.94
C CYS C 865 7.62 88.18 -15.19
N GLY C 866 8.15 88.42 -16.38
CA GLY C 866 9.47 87.90 -16.72
C GLY C 866 10.58 88.74 -16.15
N ALA C 867 11.49 88.11 -15.42
CA ALA C 867 12.64 88.77 -14.83
C ALA C 867 13.90 88.21 -15.45
N ILE C 868 14.67 89.06 -16.13
CA ILE C 868 15.94 88.67 -16.72
C ILE C 868 16.98 88.86 -15.63
N ILE C 869 17.38 87.75 -15.00
CA ILE C 869 18.29 87.83 -13.87
C ILE C 869 19.71 88.04 -14.39
N GLY C 870 20.41 89.02 -13.83
CA GLY C 870 21.76 89.34 -14.20
C GLY C 870 22.78 88.46 -13.52
N TRP C 871 24.05 88.79 -13.74
CA TRP C 871 25.17 88.04 -13.18
C TRP C 871 25.12 88.09 -11.66
N THR C 872 24.80 86.97 -11.04
CA THR C 872 24.68 86.90 -9.59
C THR C 872 25.80 86.06 -9.04
N ARG C 873 26.51 86.59 -8.07
CA ARG C 873 27.62 85.91 -7.48
C ARG C 873 27.08 85.17 -6.31
N GLY C 874 27.58 83.98 -6.11
CA GLY C 874 27.18 83.19 -4.98
C GLY C 874 26.99 81.81 -5.49
N THR C 875 26.04 81.07 -4.94
CA THR C 875 25.89 79.67 -5.30
C THR C 875 24.87 79.38 -6.40
N GLY C 876 24.43 78.13 -6.48
CA GLY C 876 23.44 77.73 -7.46
C GLY C 876 24.06 77.27 -8.76
N LEU C 877 24.03 78.13 -9.76
CA LEU C 877 24.63 77.82 -11.02
C LEU C 877 25.75 78.81 -11.32
N MET C 878 25.56 80.06 -10.91
CA MET C 878 26.56 81.10 -11.20
C MET C 878 27.80 81.07 -10.29
N SER C 879 27.87 80.15 -9.33
CA SER C 879 29.10 80.11 -8.55
C SER C 879 30.21 79.52 -9.43
N ALA C 880 31.47 79.68 -9.05
CA ALA C 880 32.60 79.23 -9.89
C ALA C 880 33.05 80.35 -10.80
N ASN C 881 32.21 81.37 -10.96
CA ASN C 881 32.53 82.50 -11.80
C ASN C 881 32.86 83.73 -10.97
N ASN C 882 32.97 83.57 -9.66
CA ASN C 882 33.21 84.70 -8.79
C ASN C 882 34.58 85.32 -8.93
N ILE C 883 35.56 84.60 -9.48
CA ILE C 883 36.92 85.12 -9.57
C ILE C 883 37.07 86.10 -10.72
N ILE C 884 36.13 86.11 -11.68
CA ILE C 884 36.18 87.04 -12.80
C ILE C 884 35.14 88.15 -12.68
N ALA C 885 34.42 88.22 -11.56
CA ALA C 885 33.41 89.26 -11.40
C ALA C 885 34.02 90.64 -11.40
N GLU C 886 35.18 90.82 -10.75
CA GLU C 886 35.84 92.11 -10.74
C GLU C 886 36.29 92.50 -12.15
N GLY C 887 36.88 91.56 -12.88
CA GLY C 887 37.28 91.85 -14.25
C GLY C 887 36.10 92.23 -15.13
N ILE C 888 34.96 91.55 -14.93
CA ILE C 888 33.76 91.90 -15.68
C ILE C 888 33.29 93.31 -15.31
N GLU C 889 33.27 93.62 -14.02
CA GLU C 889 32.82 94.92 -13.55
C GLU C 889 33.76 96.05 -13.97
N LYS C 890 34.99 95.72 -14.36
CA LYS C 890 35.90 96.76 -14.84
C LYS C 890 35.43 97.41 -16.14
N MET C 891 34.44 96.84 -16.83
CA MET C 891 33.93 97.37 -18.08
C MET C 891 32.71 98.24 -17.89
N GLY C 892 32.44 98.70 -16.67
CA GLY C 892 31.23 99.46 -16.39
C GLY C 892 29.99 98.61 -16.24
N VAL C 893 30.13 97.30 -16.09
CA VAL C 893 28.98 96.43 -15.87
C VAL C 893 28.77 96.22 -14.37
N ARG C 894 27.57 95.79 -14.01
CA ARG C 894 27.23 95.50 -12.63
C ARG C 894 26.96 94.02 -12.45
N THR C 895 27.68 93.40 -11.51
CA THR C 895 27.34 92.08 -11.01
C THR C 895 26.69 92.24 -9.64
N PHE C 896 25.78 91.33 -9.31
CA PHE C 896 24.94 91.47 -8.14
C PHE C 896 25.21 90.33 -7.16
N SER C 897 25.01 90.65 -5.89
CA SER C 897 25.07 89.66 -4.87
C SER C 897 23.66 89.05 -4.86
N GLN C 898 23.45 88.02 -4.06
CA GLN C 898 22.15 87.39 -3.97
C GLN C 898 21.19 88.26 -3.19
N LYS C 899 21.66 89.01 -2.22
CA LYS C 899 20.76 89.95 -1.56
C LYS C 899 20.27 91.02 -2.52
N GLU C 900 21.15 91.52 -3.36
CA GLU C 900 20.76 92.55 -4.31
C GLU C 900 19.78 92.05 -5.30
N MET C 901 20.03 90.87 -5.84
CA MET C 901 19.11 90.29 -6.81
C MET C 901 17.76 89.97 -6.15
N ALA C 902 17.78 89.50 -4.90
CA ALA C 902 16.53 89.27 -4.19
C ALA C 902 15.76 90.57 -3.99
N PHE C 903 16.47 91.65 -3.66
CA PHE C 903 15.82 92.95 -3.53
C PHE C 903 15.19 93.39 -4.85
N ASN C 904 15.92 93.19 -5.96
CA ASN C 904 15.37 93.53 -7.27
C ASN C 904 14.12 92.71 -7.57
N LEU C 905 14.16 91.41 -7.29
CA LEU C 905 13.01 90.55 -7.59
C LEU C 905 11.81 90.91 -6.71
N LEU C 906 12.05 91.17 -5.42
CA LEU C 906 10.98 91.59 -4.53
C LEU C 906 10.43 92.95 -4.92
N GLY C 907 11.21 93.75 -5.66
CA GLY C 907 10.68 94.97 -6.24
C GLY C 907 9.54 94.73 -7.22
N LEU C 908 9.45 93.52 -7.79
CA LEU C 908 8.37 93.19 -8.70
C LEU C 908 7.08 92.78 -7.99
N LEU C 909 7.13 92.58 -6.67
CA LEU C 909 5.95 92.23 -5.90
C LEU C 909 5.30 93.43 -5.22
N THR C 910 5.76 94.61 -5.55
CA THR C 910 5.21 95.81 -4.98
C THR C 910 3.86 96.05 -5.59
N PRO C 911 2.94 96.65 -4.84
CA PRO C 911 1.59 96.92 -5.33
C PRO C 911 1.45 97.55 -6.74
N GLU C 912 2.29 98.49 -7.12
CA GLU C 912 2.24 99.15 -8.43
C GLU C 912 2.69 98.22 -9.54
N VAL C 913 3.74 97.43 -9.30
CA VAL C 913 4.16 96.46 -10.31
C VAL C 913 3.11 95.36 -10.46
N VAL C 914 2.45 94.98 -9.37
CA VAL C 914 1.39 93.99 -9.46
C VAL C 914 0.27 94.49 -10.36
N GLU C 915 -0.16 95.74 -10.17
CA GLU C 915 -1.19 96.31 -11.02
C GLU C 915 -0.71 96.40 -12.47
N LEU C 916 0.54 96.75 -12.67
CA LEU C 916 1.09 96.83 -14.01
C LEU C 916 1.06 95.47 -14.68
N CYS C 917 1.38 94.41 -13.95
CA CYS C 917 1.29 93.05 -14.48
C CYS C 917 -0.16 92.68 -14.80
N GLN C 918 -1.10 93.11 -13.97
CA GLN C 918 -2.50 92.84 -14.25
C GLN C 918 -2.97 93.55 -15.51
N LYS C 919 -2.38 94.71 -15.82
CA LYS C 919 -2.72 95.38 -17.08
C LYS C 919 -2.17 94.63 -18.28
N SER C 920 -0.92 94.18 -18.23
CA SER C 920 -0.31 93.37 -19.32
C SER C 920 1.02 92.79 -18.87
N PRO C 921 1.56 91.85 -19.64
CA PRO C 921 2.79 91.19 -19.20
C PRO C 921 4.03 92.07 -19.07
N VAL C 922 4.69 92.04 -17.93
CA VAL C 922 5.86 92.88 -17.69
C VAL C 922 7.16 92.15 -17.89
N MET C 923 8.14 92.83 -18.46
CA MET C 923 9.46 92.27 -18.66
C MET C 923 10.45 93.15 -17.97
N ALA C 924 11.02 92.68 -16.88
CA ALA C 924 12.03 93.42 -16.12
C ALA C 924 13.41 92.93 -16.52
N ASP C 925 14.29 93.88 -16.86
CA ASP C 925 15.67 93.58 -17.20
C ASP C 925 16.54 93.90 -15.99
N LEU C 926 17.07 92.86 -15.35
CA LEU C 926 17.95 93.01 -14.19
C LEU C 926 19.38 92.55 -14.52
N ASN C 927 19.81 92.76 -15.76
CA ASN C 927 21.07 92.23 -16.25
C ASN C 927 22.26 93.14 -15.96
N GLY C 928 22.03 94.29 -15.33
CA GLY C 928 23.13 95.15 -14.91
C GLY C 928 24.02 95.65 -16.03
N GLY C 929 23.47 95.76 -17.24
CA GLY C 929 24.24 96.26 -18.38
C GLY C 929 25.11 95.24 -19.07
N LEU C 930 25.12 93.99 -18.59
CA LEU C 930 25.98 92.97 -19.20
C LEU C 930 25.66 92.73 -20.67
N GLN C 931 24.46 93.09 -21.14
CA GLN C 931 24.12 92.83 -22.53
C GLN C 931 24.94 93.68 -23.49
N PHE C 932 25.49 94.80 -23.04
CA PHE C 932 26.25 95.68 -23.91
C PHE C 932 27.68 95.21 -24.13
N VAL C 933 28.18 94.30 -23.31
CA VAL C 933 29.52 93.77 -23.52
C VAL C 933 29.52 92.89 -24.77
N PRO C 934 30.36 93.17 -25.78
CA PRO C 934 30.37 92.32 -26.97
C PRO C 934 31.26 91.09 -26.80
N GLU C 935 30.80 89.98 -27.35
CA GLU C 935 31.52 88.71 -27.32
C GLU C 935 31.80 88.30 -25.87
N LEU C 936 30.72 88.11 -25.12
CA LEU C 936 30.85 87.85 -23.69
C LEU C 936 31.61 86.56 -23.40
N LYS C 937 31.33 85.51 -24.19
CA LYS C 937 32.02 84.24 -24.00
C LYS C 937 33.52 84.43 -24.08
N GLU C 938 33.99 85.05 -25.17
CA GLU C 938 35.42 85.24 -25.36
C GLU C 938 36.00 86.13 -24.26
N PHE C 939 35.28 87.18 -23.89
CA PHE C 939 35.77 88.11 -22.88
C PHE C 939 35.98 87.39 -21.54
N THR C 940 34.98 86.61 -21.12
CA THR C 940 35.09 85.91 -19.85
C THR C 940 36.17 84.82 -19.90
N ALA C 941 36.27 84.13 -21.03
CA ALA C 941 37.33 83.13 -21.17
C ALA C 941 38.70 83.79 -21.07
N LYS C 942 38.85 84.96 -21.70
CA LYS C 942 40.12 85.69 -21.63
C LYS C 942 40.45 86.07 -20.20
N LEU C 943 39.47 86.59 -19.49
CA LEU C 943 39.67 86.97 -18.10
C LEU C 943 40.11 85.81 -17.26
N ARG C 944 39.42 84.68 -17.38
CA ARG C 944 39.75 83.51 -16.58
C ARG C 944 41.12 82.96 -16.97
N LYS C 945 41.41 82.91 -18.27
CA LYS C 945 42.71 82.38 -18.72
C LYS C 945 43.84 83.23 -18.18
N GLU C 946 43.70 84.54 -18.18
CA GLU C 946 44.74 85.41 -17.67
C GLU C 946 44.96 85.22 -16.19
N LEU C 947 43.92 84.81 -15.48
CA LEU C 947 44.03 84.65 -14.04
C LEU C 947 44.71 83.36 -13.72
N VAL C 948 44.31 82.30 -14.39
CA VAL C 948 44.97 81.01 -14.19
C VAL C 948 46.43 81.07 -14.63
N GLU C 949 46.71 81.75 -15.74
CA GLU C 949 48.08 81.88 -16.19
C GLU C 949 48.93 82.54 -15.12
N THR C 950 48.46 83.66 -14.59
CA THR C 950 49.21 84.35 -13.55
C THR C 950 49.47 83.43 -12.38
N SER C 951 48.41 82.76 -11.90
CA SER C 951 48.53 81.90 -10.72
C SER C 951 49.56 80.80 -10.95
N GLU C 952 49.40 80.04 -12.03
CA GLU C 952 50.28 78.89 -12.26
C GLU C 952 51.73 79.34 -12.46
N VAL C 953 51.95 80.40 -13.24
CA VAL C 953 53.31 80.84 -13.48
C VAL C 953 53.96 81.26 -12.17
N ARG C 954 53.25 82.03 -11.35
CA ARG C 954 53.82 82.46 -10.07
C ARG C 954 54.14 81.26 -9.19
N LYS C 955 53.23 80.29 -9.12
CA LYS C 955 53.45 79.14 -8.25
C LYS C 955 54.66 78.34 -8.70
N ALA C 956 54.76 78.04 -10.00
CA ALA C 956 55.87 77.24 -10.48
C ALA C 956 57.20 77.96 -10.31
N VAL C 957 57.22 79.27 -10.59
CA VAL C 957 58.47 80.02 -10.46
C VAL C 957 58.90 80.05 -9.01
N SER C 958 57.95 80.23 -8.08
CA SER C 958 58.31 80.23 -6.66
C SER C 958 58.86 78.87 -6.24
N ILE C 959 58.25 77.79 -6.72
CA ILE C 959 58.74 76.45 -6.39
C ILE C 959 60.17 76.28 -6.86
N GLU C 960 60.44 76.69 -8.11
CA GLU C 960 61.79 76.51 -8.66
C GLU C 960 62.80 77.34 -7.89
N THR C 961 62.44 78.57 -7.55
CA THR C 961 63.36 79.40 -6.77
C THR C 961 63.64 78.78 -5.41
N ALA C 962 62.61 78.23 -4.77
CA ALA C 962 62.80 77.58 -3.48
C ALA C 962 63.76 76.39 -3.60
N LEU C 963 63.58 75.58 -4.64
CA LEU C 963 64.48 74.44 -4.83
C LEU C 963 65.91 74.91 -5.07
N GLU C 964 66.12 75.97 -5.84
CA GLU C 964 67.46 76.41 -6.11
C GLU C 964 68.08 76.97 -4.86
N HIS C 965 67.34 77.69 -4.03
CA HIS C 965 67.89 78.16 -2.77
C HIS C 965 68.27 76.99 -1.87
N LYS C 966 67.40 75.98 -1.78
CA LYS C 966 67.68 74.86 -0.89
C LYS C 966 68.88 74.06 -1.35
N VAL C 967 69.11 73.99 -2.67
CA VAL C 967 70.26 73.22 -3.15
C VAL C 967 71.54 74.05 -3.06
N VAL C 968 71.44 75.38 -3.15
CA VAL C 968 72.65 76.19 -3.12
C VAL C 968 73.08 76.49 -1.69
N ASN C 969 72.16 76.38 -0.73
CA ASN C 969 72.47 76.64 0.67
C ASN C 969 72.29 75.43 1.56
N GLY C 970 71.88 74.29 1.02
CA GLY C 970 71.67 73.11 1.83
C GLY C 970 70.71 73.33 2.98
N GLN C 979 59.01 75.61 12.26
CA GLN C 979 58.65 75.79 13.67
C GLN C 979 58.09 74.50 14.25
N VAL C 980 58.06 74.41 15.57
CA VAL C 980 57.47 73.28 16.28
C VAL C 980 56.12 73.74 16.80
N GLU C 981 55.08 72.97 16.51
CA GLU C 981 53.71 73.32 16.83
C GLU C 981 53.10 72.28 17.76
N ILE C 982 52.21 72.73 18.62
CA ILE C 982 51.71 71.94 19.74
C ILE C 982 50.27 71.52 19.46
N GLN C 983 49.99 70.22 19.63
CA GLN C 983 48.64 69.73 19.47
C GLN C 983 47.94 69.63 20.83
N PRO C 984 46.64 69.90 20.90
CA PRO C 984 45.95 69.81 22.20
C PRO C 984 45.82 68.38 22.68
N ARG C 985 45.82 68.19 23.99
CA ARG C 985 45.56 66.90 24.59
C ARG C 985 44.41 67.14 25.56
N ALA C 986 43.43 66.25 25.65
CA ALA C 986 42.27 66.43 26.49
C ALA C 986 42.64 66.47 27.96
N ASN C 987 42.09 67.44 28.69
CA ASN C 987 42.32 67.56 30.14
C ASN C 987 40.97 67.72 30.81
N ILE C 988 40.30 66.64 31.13
CA ILE C 988 38.95 66.67 31.65
C ILE C 988 38.88 67.23 33.04
N GLN C 989 38.00 68.19 33.22
CA GLN C 989 37.88 68.85 34.48
C GLN C 989 36.63 68.47 35.22
N LEU C 990 36.71 68.48 36.55
CA LEU C 990 35.56 68.14 37.38
C LEU C 990 34.52 69.24 37.42
N ASP C 991 34.91 70.48 37.29
CA ASP C 991 33.98 71.62 37.24
C ASP C 991 33.32 71.92 38.56
N PHE C 992 34.11 71.98 39.62
CA PHE C 992 33.60 72.37 40.89
C PHE C 992 33.16 73.80 40.70
N PRO C 993 32.21 74.25 41.52
CA PRO C 993 31.69 75.61 41.39
C PRO C 993 32.77 76.65 41.63
N GLU C 994 32.73 77.74 40.90
CA GLU C 994 33.71 78.83 41.09
C GLU C 994 33.43 79.62 42.34
N LEU C 995 34.41 79.73 43.22
CA LEU C 995 34.23 80.46 44.46
C LEU C 995 34.82 81.87 44.28
N LYS C 996 34.02 82.88 44.54
CA LYS C 996 34.45 84.27 44.33
C LYS C 996 34.87 84.98 45.61
N PRO C 997 35.63 86.09 45.50
CA PRO C 997 36.11 86.75 46.72
C PRO C 997 34.97 87.14 47.65
N TYR C 998 35.26 87.09 48.96
CA TYR C 998 34.22 87.29 49.95
C TYR C 998 33.49 88.62 49.77
N LYS C 999 34.19 89.65 49.30
CA LYS C 999 33.55 90.95 49.09
C LYS C 999 32.41 90.83 48.07
N GLN C 1000 32.70 90.23 46.92
CA GLN C 1000 31.67 90.07 45.88
C GLN C 1000 30.54 89.19 46.37
N VAL C 1001 30.86 88.13 47.09
CA VAL C 1001 29.85 87.18 47.57
C VAL C 1001 28.96 87.86 48.59
N LYS C 1002 29.51 88.74 49.38
CA LYS C 1002 28.73 89.51 50.34
C LYS C 1002 27.87 90.56 49.66
N GLN C 1003 28.32 91.11 48.54
CA GLN C 1003 27.48 92.07 47.82
C GLN C 1003 26.22 91.46 47.23
N ILE C 1004 26.06 90.15 47.23
CA ILE C 1004 24.92 89.49 46.58
C ILE C 1004 23.74 89.30 47.53
N ALA C 1005 23.95 88.57 48.60
CA ALA C 1005 22.88 88.35 49.56
C ALA C 1005 22.67 89.58 50.43
N PRO C 1006 21.47 89.70 51.02
CA PRO C 1006 21.20 90.81 51.95
C PRO C 1006 22.14 90.83 53.15
N ALA C 1007 22.58 92.01 53.60
CA ALA C 1007 23.53 92.09 54.70
C ALA C 1007 22.96 91.48 55.97
N GLU C 1008 21.63 91.53 56.15
CA GLU C 1008 21.03 91.00 57.36
C GLU C 1008 21.14 89.48 57.46
N LEU C 1009 21.52 88.80 56.39
CA LEU C 1009 21.51 87.33 56.39
C LEU C 1009 22.59 86.75 57.30
N GLU C 1010 23.68 87.49 57.52
CA GLU C 1010 24.78 86.95 58.31
C GLU C 1010 24.33 86.65 59.73
N GLY C 1011 24.40 85.38 60.12
CA GLY C 1011 23.98 84.98 61.43
C GLY C 1011 22.51 84.74 61.55
N LEU C 1012 21.74 85.06 60.52
CA LEU C 1012 20.29 84.92 60.60
C LEU C 1012 19.86 83.46 60.45
N LEU C 1013 20.54 82.69 59.62
CA LEU C 1013 20.10 81.33 59.34
C LEU C 1013 20.73 80.22 60.14
N ASP C 1014 19.94 79.23 60.50
CA ASP C 1014 20.47 78.06 61.16
C ASP C 1014 20.98 77.25 60.01
N LEU C 1015 22.29 77.12 59.89
CA LEU C 1015 22.87 76.44 58.74
C LEU C 1015 22.70 74.94 58.82
N GLU C 1016 22.30 74.41 59.95
CA GLU C 1016 22.01 72.98 60.03
C GLU C 1016 20.62 72.69 59.47
N ARG C 1017 19.88 73.71 59.04
CA ARG C 1017 18.58 73.49 58.42
C ARG C 1017 18.58 73.93 56.98
N VAL C 1018 19.75 74.25 56.44
CA VAL C 1018 19.84 74.57 55.03
C VAL C 1018 20.41 73.36 54.32
N ILE C 1019 19.70 72.85 53.34
CA ILE C 1019 20.16 71.70 52.58
C ILE C 1019 20.83 72.15 51.31
N VAL C 1020 21.93 71.51 50.99
CA VAL C 1020 22.73 71.87 49.82
C VAL C 1020 23.08 70.61 49.05
N VAL C 1021 23.07 70.72 47.72
CA VAL C 1021 23.61 69.65 46.87
C VAL C 1021 25.11 69.83 46.77
N THR C 1022 25.86 68.77 47.11
CA THR C 1022 27.30 68.82 47.07
C THR C 1022 27.90 67.98 45.95
N GLY C 1023 27.12 67.11 45.32
CA GLY C 1023 27.59 66.34 44.19
C GLY C 1023 26.45 65.70 43.44
N PHE C 1024 26.62 65.48 42.14
CA PHE C 1024 25.58 64.85 41.34
C PHE C 1024 26.22 64.11 40.18
N ALA C 1025 25.48 63.17 39.63
CA ALA C 1025 25.94 62.38 38.50
C ALA C 1025 24.74 61.71 37.86
N GLU C 1026 24.99 61.11 36.70
CA GLU C 1026 23.97 60.39 35.99
C GLU C 1026 24.51 59.43 34.96
N VAL C 1027 23.69 58.51 34.51
CA VAL C 1027 24.05 57.60 33.47
C VAL C 1027 22.83 57.68 32.59
N GLY C 1028 22.95 58.19 31.38
CA GLY C 1028 21.83 58.36 30.48
C GLY C 1028 22.18 58.17 29.04
N PRO C 1029 21.22 58.39 28.14
CA PRO C 1029 21.45 58.26 26.69
C PRO C 1029 22.66 59.05 26.13
N TRP C 1030 23.19 60.03 26.85
CA TRP C 1030 24.33 60.81 26.41
C TRP C 1030 25.52 60.72 27.35
N GLY C 1031 25.66 59.63 28.06
CA GLY C 1031 26.79 59.40 28.94
C GLY C 1031 26.62 60.03 30.31
N SER C 1032 27.69 60.65 30.81
CA SER C 1032 27.68 61.23 32.15
C SER C 1032 26.99 62.59 32.14
N ALA C 1033 27.05 63.27 33.29
CA ALA C 1033 26.48 64.61 33.39
C ALA C 1033 27.27 65.60 32.54
N ARG C 1034 28.57 65.46 32.51
CA ARG C 1034 29.42 66.31 31.69
C ARG C 1034 29.08 66.26 30.21
N THR C 1035 29.05 65.08 29.62
CA THR C 1035 28.78 64.94 28.20
C THR C 1035 27.35 65.32 27.87
N ARG C 1036 26.40 65.01 28.72
CA ARG C 1036 25.03 65.36 28.49
C ARG C 1036 24.85 66.87 28.53
N TRP C 1037 25.56 67.54 29.43
CA TRP C 1037 25.49 69.00 29.49
C TRP C 1037 26.08 69.63 28.26
N GLU C 1038 27.19 69.12 27.79
CA GLU C 1038 27.76 69.63 26.57
C GLU C 1038 26.81 69.47 25.38
N MET C 1039 26.19 68.31 25.25
CA MET C 1039 25.23 68.14 24.16
C MET C 1039 23.99 69.01 24.35
N GLU C 1040 23.55 69.18 25.60
CA GLU C 1040 22.35 69.96 25.86
C GLU C 1040 22.57 71.45 25.60
N ALA C 1041 23.70 71.98 26.05
CA ALA C 1041 23.96 73.41 25.94
C ALA C 1041 24.50 73.81 24.58
N PHE C 1042 25.54 73.14 24.12
CA PHE C 1042 26.22 73.56 22.91
C PHE C 1042 25.95 72.74 21.68
N GLY C 1043 25.31 71.60 21.81
CA GLY C 1043 24.96 70.79 20.66
C GLY C 1043 26.11 70.02 20.06
N GLU C 1044 27.28 70.08 20.70
CA GLU C 1044 28.47 69.45 20.19
C GLU C 1044 29.43 69.16 21.31
N PHE C 1045 30.32 68.20 21.13
CA PHE C 1045 31.31 67.87 22.15
C PHE C 1045 32.59 68.66 21.91
N SER C 1046 33.21 69.07 23.01
CA SER C 1046 34.57 69.59 22.97
C SER C 1046 35.54 68.43 22.84
N LEU C 1047 36.84 68.72 22.87
CA LEU C 1047 37.83 67.66 22.85
C LEU C 1047 37.70 66.77 24.09
N GLU C 1048 37.47 67.37 25.25
CA GLU C 1048 37.30 66.59 26.48
C GLU C 1048 36.03 65.77 26.45
N GLY C 1049 34.95 66.33 25.93
CA GLY C 1049 33.74 65.59 25.81
C GLY C 1049 33.81 64.48 24.82
N CYS C 1050 34.48 64.70 23.70
CA CYS C 1050 34.64 63.63 22.72
C CYS C 1050 35.50 62.50 23.28
N VAL C 1051 36.60 62.85 23.96
CA VAL C 1051 37.46 61.82 24.53
C VAL C 1051 36.72 61.04 25.62
N GLU C 1052 35.98 61.72 26.47
CA GLU C 1052 35.22 61.00 27.48
C GLU C 1052 34.16 60.09 26.87
N MET C 1053 33.47 60.55 25.84
CA MET C 1053 32.48 59.68 25.19
C MET C 1053 33.16 58.47 24.56
N ALA C 1054 34.32 58.68 23.94
CA ALA C 1054 35.06 57.56 23.36
C ALA C 1054 35.47 56.55 24.43
N TRP C 1055 35.92 57.01 25.58
CA TRP C 1055 36.27 56.12 26.66
C TRP C 1055 35.03 55.39 27.21
N ILE C 1056 33.93 56.09 27.41
CA ILE C 1056 32.71 55.47 27.90
C ILE C 1056 32.22 54.40 26.95
N MET C 1057 32.26 54.66 25.67
CA MET C 1057 31.72 53.70 24.71
C MET C 1057 32.71 52.61 24.33
N GLY C 1058 33.90 52.62 24.90
CA GLY C 1058 34.87 51.59 24.64
C GLY C 1058 35.59 51.68 23.31
N PHE C 1059 35.52 52.81 22.61
CA PHE C 1059 36.27 52.98 21.37
C PHE C 1059 37.77 53.05 21.65
N ILE C 1060 38.15 53.71 22.73
CA ILE C 1060 39.54 53.89 23.06
C ILE C 1060 39.85 53.39 24.42
N SER C 1061 41.07 52.96 24.63
CA SER C 1061 41.50 52.53 25.94
C SER C 1061 42.87 53.07 26.20
N TYR C 1062 43.26 53.10 27.44
CA TYR C 1062 44.55 53.63 27.84
C TYR C 1062 45.60 52.54 27.79
N HIS C 1063 46.78 52.88 27.30
CA HIS C 1063 47.89 51.96 27.27
C HIS C 1063 49.13 52.62 27.80
N ASN C 1064 49.92 51.89 28.58
CA ASN C 1064 51.20 52.40 29.08
C ASN C 1064 52.19 51.25 29.08
N GLY C 1065 53.16 51.27 28.18
CA GLY C 1065 54.17 50.24 28.11
C GLY C 1065 54.69 50.10 26.69
N ASN C 1066 55.12 48.88 26.38
CA ASN C 1066 55.71 48.60 25.07
C ASN C 1066 54.62 48.37 24.03
N LEU C 1067 54.73 49.05 22.91
CA LEU C 1067 53.76 48.89 21.82
C LEU C 1067 54.46 48.85 20.47
N GLY C 1069 57.20 48.08 19.34
CA GLY C 1069 58.38 47.91 20.18
C GLY C 1069 58.69 49.11 21.02
N ARG C 1070 58.41 50.31 20.49
CA ARG C 1070 58.71 51.54 21.20
C ARG C 1070 57.82 51.67 22.43
N PRO C 1071 58.24 52.46 23.42
CA PRO C 1071 57.42 52.67 24.62
C PRO C 1071 56.35 53.72 24.35
N TYR C 1072 55.10 53.35 24.66
CA TYR C 1072 53.98 54.25 24.43
C TYR C 1072 53.09 54.46 25.66
N THR C 1073 52.70 55.69 25.88
CA THR C 1073 51.79 56.05 26.96
C THR C 1073 50.70 56.94 26.36
N GLY C 1074 49.48 56.44 26.32
CA GLY C 1074 48.38 57.24 25.82
C GLY C 1074 47.22 56.35 25.38
N TRP C 1075 46.33 56.94 24.62
CA TRP C 1075 45.20 56.22 24.14
C TRP C 1075 45.52 55.35 22.97
N VAL C 1076 44.85 54.22 22.90
CA VAL C 1076 44.97 53.32 21.75
C VAL C 1076 43.56 52.88 21.37
N ASP C 1077 43.43 52.41 20.14
CA ASP C 1077 42.16 51.84 19.70
C ASP C 1077 41.91 50.53 20.41
N SER C 1078 40.71 50.39 20.98
CA SER C 1078 40.41 49.23 21.80
C SER C 1078 40.37 47.93 20.98
N LYS C 1079 39.98 48.00 19.72
CA LYS C 1079 39.91 46.81 18.88
C LYS C 1079 41.22 46.47 18.19
N THR C 1080 41.96 47.47 17.71
CA THR C 1080 43.21 47.23 17.01
C THR C 1080 44.45 47.59 17.81
N LYS C 1081 44.30 48.14 19.00
CA LYS C 1081 45.43 48.55 19.83
C LYS C 1081 46.39 49.50 19.12
N GLU C 1082 45.89 50.23 18.13
CA GLU C 1082 46.74 51.21 17.47
C GLU C 1082 46.72 52.53 18.24
N PRO C 1083 47.83 53.25 18.28
CA PRO C 1083 47.77 54.46 19.09
C PRO C 1083 46.82 55.51 18.54
N VAL C 1084 46.27 56.33 19.42
CA VAL C 1084 45.37 57.37 19.01
C VAL C 1084 45.68 58.65 19.74
N ASP C 1085 45.85 59.74 19.02
CA ASP C 1085 46.07 61.03 19.66
C ASP C 1085 44.75 61.71 19.92
N ASP C 1086 44.71 62.57 20.91
CA ASP C 1086 43.48 63.25 21.27
C ASP C 1086 42.96 64.10 20.11
N LYS C 1087 43.86 64.67 19.32
CA LYS C 1087 43.44 65.48 18.18
C LYS C 1087 42.66 64.65 17.17
N ASP C 1088 43.06 63.39 16.99
CA ASP C 1088 42.43 62.53 15.98
C ASP C 1088 41.21 61.79 16.51
N VAL C 1089 40.92 61.89 17.81
CA VAL C 1089 39.79 61.15 18.37
C VAL C 1089 38.49 61.58 17.72
N LYS C 1090 38.30 62.89 17.53
CA LYS C 1090 37.08 63.37 16.90
C LYS C 1090 36.94 62.79 15.50
N ALA C 1091 37.96 62.97 14.65
CA ALA C 1091 37.86 62.49 13.28
C ALA C 1091 37.67 60.98 13.22
N LYS C 1092 38.26 60.24 14.15
CA LYS C 1092 38.11 58.79 14.14
C LYS C 1092 36.73 58.34 14.61
N TYR C 1093 36.17 58.97 15.64
CA TYR C 1093 35.09 58.35 16.38
C TYR C 1093 33.82 59.19 16.56
N GLU C 1094 33.81 60.47 16.18
CA GLU C 1094 32.66 61.30 16.54
C GLU C 1094 31.41 60.87 15.79
N THR C 1095 31.54 60.48 14.53
CA THR C 1095 30.36 60.02 13.79
C THR C 1095 29.76 58.78 14.44
N SER C 1096 30.60 57.82 14.82
CA SER C 1096 30.11 56.63 15.52
C SER C 1096 29.51 56.99 16.87
N ILE C 1097 30.13 57.94 17.59
CA ILE C 1097 29.64 58.33 18.90
C ILE C 1097 28.25 58.92 18.78
N LEU C 1098 28.04 59.77 17.81
CA LEU C 1098 26.76 60.42 17.66
C LEU C 1098 25.73 59.47 17.11
N GLU C 1099 26.15 58.55 16.26
CA GLU C 1099 25.23 57.58 15.69
C GLU C 1099 24.72 56.58 16.72
N HIS C 1100 25.43 56.39 17.83
CA HIS C 1100 25.09 55.38 18.84
C HIS C 1100 24.93 56.02 20.21
N SER C 1101 24.32 57.21 20.25
CA SER C 1101 24.02 57.89 21.50
C SER C 1101 22.68 58.59 21.37
N GLY C 1102 22.09 58.94 22.50
CA GLY C 1102 20.80 59.57 22.49
C GLY C 1102 19.64 58.76 22.02
N ILE C 1103 18.58 59.42 21.62
CA ILE C 1103 17.41 58.76 21.11
C ILE C 1103 17.70 58.17 19.75
N ARG C 1104 17.57 56.87 19.63
CA ARG C 1104 17.90 56.21 18.40
C ARG C 1104 17.09 54.98 18.19
N LEU C 1105 17.22 54.35 17.03
CA LEU C 1105 16.56 53.07 16.81
C LEU C 1105 17.00 52.09 17.85
N ILE C 1106 16.09 51.29 18.35
CA ILE C 1106 16.39 50.33 19.39
C ILE C 1106 17.34 49.26 18.91
N GLU C 1107 18.34 48.96 19.69
CA GLU C 1107 19.35 47.98 19.31
C GLU C 1107 19.16 46.69 20.09
N PRO C 1108 18.80 45.60 19.40
CA PRO C 1108 18.52 44.36 20.13
C PRO C 1108 19.69 43.88 20.97
N GLU C 1109 20.91 44.18 20.63
CA GLU C 1109 22.07 43.72 21.39
C GLU C 1109 22.15 44.31 22.79
N LEU C 1110 21.42 45.39 23.04
CA LEU C 1110 21.47 46.06 24.33
C LEU C 1110 20.34 45.62 25.22
N PHE C 1111 19.37 44.93 24.66
CA PHE C 1111 18.19 44.50 25.42
C PHE C 1111 17.89 43.02 25.21
N ASN C 1112 18.89 42.14 25.37
CA ASN C 1112 18.73 40.68 25.23
C ASN C 1112 18.03 40.24 23.97
N GLY C 1113 18.42 40.79 22.84
CA GLY C 1113 17.82 40.42 21.59
C GLY C 1113 16.42 40.89 21.31
N TYR C 1114 15.86 41.77 22.12
CA TYR C 1114 14.56 42.31 21.82
C TYR C 1114 14.56 43.08 20.52
N ASN C 1115 13.68 42.69 19.62
CA ASN C 1115 13.55 43.36 18.36
C ASN C 1115 12.10 43.74 18.27
N PRO C 1116 11.81 45.02 18.42
CA PRO C 1116 10.43 45.49 18.35
C PRO C 1116 9.73 45.14 17.02
N GLU C 1117 10.46 44.92 15.96
CA GLU C 1117 9.86 44.54 14.69
C GLU C 1117 9.49 43.06 14.62
N LYS C 1118 9.98 42.25 15.53
CA LYS C 1118 9.59 40.85 15.58
C LYS C 1118 9.38 40.40 17.01
N LYS C 1119 8.26 40.76 17.62
CA LYS C 1119 7.96 40.41 19.00
C LYS C 1119 7.42 39.00 19.09
N GLU C 1120 8.03 38.19 19.95
CA GLU C 1120 7.62 36.81 20.10
C GLU C 1120 6.50 36.52 21.08
N MET C 1121 5.49 35.86 20.59
CA MET C 1121 4.37 35.41 21.41
C MET C 1121 4.12 33.94 21.10
N ILE C 1122 3.21 33.32 21.86
CA ILE C 1122 2.83 31.94 21.64
C ILE C 1122 1.31 31.84 21.60
N GLN C 1123 0.81 30.90 20.81
CA GLN C 1123 -0.62 30.66 20.68
C GLN C 1123 -0.93 29.21 21.04
N GLU C 1124 -2.04 29.00 21.73
CA GLU C 1124 -2.49 27.68 22.12
C GLU C 1124 -3.28 27.06 20.97
N VAL C 1125 -2.90 25.86 20.57
CA VAL C 1125 -3.61 25.09 19.55
C VAL C 1125 -3.87 23.70 20.08
N ILE C 1126 -5.06 23.18 19.81
CA ILE C 1126 -5.40 21.81 20.16
C ILE C 1126 -4.89 20.89 19.05
N VAL C 1127 -4.17 19.84 19.45
CA VAL C 1127 -3.63 18.90 18.48
C VAL C 1127 -4.77 18.17 17.78
N GLU C 1128 -4.70 18.13 16.44
CA GLU C 1128 -5.70 17.44 15.64
C GLU C 1128 -5.36 15.98 15.38
N GLU C 1129 -4.09 15.59 15.53
CA GLU C 1129 -3.68 14.22 15.29
C GLU C 1129 -2.43 13.94 16.12
N ASP C 1130 -2.26 12.68 16.49
CA ASP C 1130 -1.12 12.29 17.32
C ASP C 1130 0.18 12.84 16.74
N LEU C 1131 1.13 13.14 17.61
CA LEU C 1131 2.42 13.64 17.16
C LEU C 1131 3.39 12.50 17.11
N GLU C 1132 4.57 12.76 16.58
CA GLU C 1132 5.61 11.75 16.54
C GLU C 1132 6.30 11.69 17.87
N PRO C 1133 6.50 10.48 18.39
CA PRO C 1133 7.16 10.33 19.68
C PRO C 1133 8.50 11.03 19.72
N PHE C 1134 8.89 11.52 20.89
CA PHE C 1134 10.17 12.13 21.04
C PHE C 1134 10.74 11.64 22.34
N GLU C 1135 12.05 11.42 22.36
CA GLU C 1135 12.65 10.87 23.56
C GLU C 1135 12.89 11.96 24.59
N ALA C 1136 12.66 11.61 25.86
CA ALA C 1136 12.89 12.52 26.97
C ALA C 1136 13.31 11.70 28.18
N SER C 1137 13.89 12.38 29.17
CA SER C 1137 14.28 11.73 30.40
C SER C 1137 13.04 11.33 31.20
N LYS C 1138 13.23 10.42 32.16
CA LYS C 1138 12.09 9.90 32.90
C LYS C 1138 11.38 11.01 33.66
N GLU C 1139 12.13 11.91 34.31
CA GLU C 1139 11.52 12.99 35.06
C GLU C 1139 10.71 13.89 34.14
N THR C 1140 11.28 14.25 32.98
CA THR C 1140 10.57 15.10 32.04
C THR C 1140 9.33 14.40 31.48
N ALA C 1141 9.45 13.10 31.19
CA ALA C 1141 8.29 12.36 30.70
C ALA C 1141 7.19 12.32 31.75
N GLU C 1142 7.53 12.20 33.01
CA GLU C 1142 6.53 12.16 34.06
C GLU C 1142 5.91 13.52 34.25
N GLN C 1143 6.68 14.59 34.05
CA GLN C 1143 6.08 15.92 34.09
C GLN C 1143 5.08 16.11 32.95
N PHE C 1144 5.44 15.65 31.74
CA PHE C 1144 4.49 15.71 30.63
C PHE C 1144 3.24 14.89 30.92
N LYS C 1145 3.38 13.75 31.58
CA LYS C 1145 2.24 12.88 31.85
C LYS C 1145 1.37 13.51 32.90
N HIS C 1146 1.98 14.21 33.83
CA HIS C 1146 1.24 14.87 34.87
C HIS C 1146 0.44 16.01 34.26
N GLN C 1147 1.04 16.71 33.31
CA GLN C 1147 0.34 17.83 32.69
C GLN C 1147 -0.82 17.36 31.81
N HIS C 1148 -0.57 16.37 30.96
CA HIS C 1148 -1.52 16.02 29.91
C HIS C 1148 -2.44 14.85 30.27
N GLY C 1149 -2.06 13.98 31.20
CA GLY C 1149 -2.85 12.84 31.55
C GLY C 1149 -3.11 11.93 30.38
N ASP C 1150 -4.37 11.60 30.13
CA ASP C 1150 -4.74 10.72 29.03
C ASP C 1150 -4.34 11.15 27.64
N LYS C 1151 -3.97 12.41 27.46
CA LYS C 1151 -3.65 12.93 26.14
C LYS C 1151 -2.19 12.76 25.77
N VAL C 1152 -1.44 11.96 26.53
CA VAL C 1152 -0.05 11.67 26.23
C VAL C 1152 0.25 10.25 26.67
N ASP C 1153 1.18 9.60 25.96
CA ASP C 1153 1.62 8.25 26.29
C ASP C 1153 3.12 8.28 26.49
N ILE C 1154 3.58 7.75 27.62
CA ILE C 1154 5.00 7.64 27.93
C ILE C 1154 5.34 6.18 28.17
N PHE C 1155 6.39 5.70 27.52
CA PHE C 1155 6.81 4.31 27.61
C PHE C 1155 8.33 4.26 27.71
N GLU C 1156 8.87 3.56 28.68
CA GLU C 1156 10.29 3.46 28.81
C GLU C 1156 10.92 2.67 27.69
N ILE C 1157 12.01 3.16 27.12
CA ILE C 1157 12.73 2.44 26.12
C ILE C 1157 13.57 1.53 26.98
N PRO C 1158 13.34 0.21 26.89
CA PRO C 1158 14.03 -0.73 27.78
C PRO C 1158 15.54 -0.75 27.67
N GLU C 1159 16.12 -0.38 26.54
CA GLU C 1159 17.56 -0.49 26.37
C GLU C 1159 18.34 0.78 26.67
N THR C 1160 17.64 1.86 26.95
CA THR C 1160 18.30 3.14 27.20
C THR C 1160 17.93 3.67 28.57
N GLY C 1161 16.74 3.34 29.05
CA GLY C 1161 16.28 3.86 30.32
C GLY C 1161 15.56 5.16 30.08
N GLU C 1162 15.51 5.58 28.83
CA GLU C 1162 14.86 6.81 28.48
C GLU C 1162 13.42 6.54 28.26
N TYR C 1163 12.68 7.57 27.93
CA TYR C 1163 11.25 7.45 27.73
C TYR C 1163 10.87 8.12 26.42
N SER C 1164 9.88 7.54 25.75
CA SER C 1164 9.28 8.15 24.57
C SER C 1164 8.03 8.90 24.99
N VAL C 1165 7.86 10.11 24.47
CA VAL C 1165 6.71 10.92 24.82
C VAL C 1165 5.91 11.02 23.56
N LYS C 1166 4.63 10.69 23.63
CA LYS C 1166 3.78 10.72 22.49
C LYS C 1166 2.56 11.55 22.79
N LEU C 1167 2.52 12.77 22.27
CA LEU C 1167 1.38 13.65 22.47
C LEU C 1167 0.28 13.22 21.54
N LEU C 1168 -0.90 13.00 22.08
CA LEU C 1168 -2.03 12.48 21.32
C LEU C 1168 -2.99 13.58 20.90
N LYS C 1169 -3.95 13.20 20.07
CA LYS C 1169 -4.97 14.12 19.59
C LYS C 1169 -5.76 14.71 20.76
N GLY C 1170 -6.08 16.00 20.65
CA GLY C 1170 -6.82 16.71 21.67
C GLY C 1170 -5.96 17.38 22.71
N ALA C 1171 -4.65 17.16 22.69
CA ALA C 1171 -3.75 17.80 23.64
C ALA C 1171 -3.48 19.25 23.24
N THR C 1172 -2.89 20.00 24.15
CA THR C 1172 -2.61 21.41 23.96
C THR C 1172 -1.12 21.62 23.72
N LEU C 1173 -0.81 22.50 22.76
CA LEU C 1173 0.56 22.91 22.48
C LEU C 1173 0.60 24.43 22.40
N TYR C 1174 1.80 24.95 22.20
CA TYR C 1174 2.01 26.37 21.93
C TYR C 1174 2.98 26.52 20.77
N ILE C 1175 2.55 27.21 19.73
CA ILE C 1175 3.38 27.53 18.58
C ILE C 1175 3.80 28.99 18.66
N PRO C 1176 5.09 29.30 18.66
CA PRO C 1176 5.50 30.70 18.63
C PRO C 1176 4.97 31.42 17.39
N LYS C 1177 4.55 32.67 17.58
CA LYS C 1177 4.19 33.55 16.48
C LYS C 1177 4.78 34.93 16.73
N ALA C 1178 5.20 35.59 15.66
CA ALA C 1178 5.87 36.87 15.75
C ALA C 1178 4.90 38.01 15.47
N LEU C 1179 5.11 39.11 16.16
CA LEU C 1179 4.27 40.30 16.03
C LEU C 1179 5.14 41.51 15.76
N ARG C 1180 4.66 42.43 14.93
CA ARG C 1180 5.36 43.68 14.68
C ARG C 1180 4.85 44.79 15.58
N PHE C 1181 5.69 45.34 16.43
CA PHE C 1181 5.32 46.46 17.30
C PHE C 1181 5.77 47.77 16.63
N ASP C 1182 4.98 48.81 16.85
CA ASP C 1182 5.22 50.10 16.22
C ASP C 1182 6.03 51.14 17.03
N ARG C 1183 6.62 50.75 18.14
CA ARG C 1183 7.54 51.65 18.86
C ARG C 1183 8.93 51.10 18.63
N LEU C 1184 9.75 51.81 17.87
CA LEU C 1184 11.06 51.32 17.52
C LEU C 1184 12.21 52.16 17.95
N VAL C 1185 11.97 53.25 18.63
CA VAL C 1185 13.02 54.19 19.01
C VAL C 1185 13.04 54.35 20.51
N ALA C 1186 14.20 54.53 21.08
CA ALA C 1186 14.31 54.76 22.51
C ALA C 1186 15.54 55.52 22.86
N GLY C 1187 15.51 56.24 23.98
CA GLY C 1187 16.70 56.89 24.45
C GLY C 1187 17.56 55.91 25.23
N GLN C 1188 18.61 55.42 24.59
CA GLN C 1188 19.40 54.32 25.13
C GLN C 1188 20.78 54.81 25.53
N ILE C 1189 21.29 54.25 26.63
CA ILE C 1189 22.65 54.53 27.09
C ILE C 1189 23.63 54.20 25.95
N PRO C 1190 24.66 55.03 25.76
CA PRO C 1190 25.52 54.82 24.60
C PRO C 1190 26.00 53.38 24.40
N THR C 1191 25.98 52.88 23.16
CA THR C 1191 26.44 51.54 22.85
C THR C 1191 27.93 51.38 23.14
N GLY C 1192 28.28 50.38 23.94
CA GLY C 1192 29.65 50.18 24.33
C GLY C 1192 29.82 50.40 25.80
N TRP C 1193 28.86 51.04 26.43
CA TRP C 1193 28.89 51.26 27.88
C TRP C 1193 29.00 49.96 28.63
N ASN C 1194 29.86 49.90 29.61
CA ASN C 1194 30.11 48.69 30.33
C ASN C 1194 30.56 49.03 31.73
N ALA C 1195 29.89 48.49 32.73
CA ALA C 1195 30.27 48.71 34.12
C ALA C 1195 31.70 48.25 34.43
N LYS C 1196 32.28 47.38 33.60
CA LYS C 1196 33.68 47.04 33.79
C LYS C 1196 34.60 48.22 33.52
N THR C 1197 34.22 49.15 32.65
CA THR C 1197 35.03 50.34 32.36
C THR C 1197 35.14 51.22 33.59
N TYR C 1198 34.14 51.17 34.45
CA TYR C 1198 34.16 51.92 35.69
C TYR C 1198 34.83 51.15 36.82
N GLY C 1199 34.96 49.83 36.70
CA GLY C 1199 35.61 49.02 37.72
C GLY C 1199 34.74 48.00 38.40
N ILE C 1200 33.45 47.95 38.10
CA ILE C 1200 32.57 46.96 38.72
C ILE C 1200 32.96 45.58 38.22
N SER C 1201 33.08 44.62 39.13
CA SER C 1201 33.63 43.32 38.81
C SER C 1201 32.59 42.43 38.13
N ASP C 1202 33.08 41.33 37.54
CA ASP C 1202 32.22 40.43 36.79
C ASP C 1202 31.17 39.77 37.69
N ASP C 1203 31.56 39.40 38.91
CA ASP C 1203 30.63 38.73 39.80
C ASP C 1203 29.42 39.61 40.13
N ILE C 1204 29.67 40.88 40.41
CA ILE C 1204 28.57 41.80 40.67
C ILE C 1204 27.71 41.97 39.42
N ILE C 1205 28.35 42.09 38.25
CA ILE C 1205 27.60 42.26 37.02
C ILE C 1205 26.69 41.07 36.77
N SER C 1206 27.18 39.86 37.05
CA SER C 1206 26.37 38.67 36.84
C SER C 1206 25.33 38.46 37.94
N GLN C 1207 25.51 39.08 39.10
CA GLN C 1207 24.57 38.93 40.20
C GLN C 1207 23.34 39.84 40.05
N VAL C 1208 23.54 41.11 39.72
CA VAL C 1208 22.53 42.13 39.92
C VAL C 1208 21.80 42.43 38.62
N ASP C 1209 20.69 43.14 38.76
CA ASP C 1209 19.93 43.63 37.62
C ASP C 1209 20.70 44.75 36.91
N PRO C 1210 20.51 44.91 35.61
CA PRO C 1210 21.20 45.97 34.87
C PRO C 1210 20.98 47.39 35.42
N ILE C 1211 19.85 47.65 36.06
CA ILE C 1211 19.59 48.96 36.64
C ILE C 1211 20.53 49.23 37.82
N THR C 1212 20.88 48.19 38.56
CA THR C 1212 21.77 48.35 39.70
C THR C 1212 23.13 48.88 39.27
N LEU C 1213 23.60 48.55 38.08
CA LEU C 1213 24.88 49.03 37.56
C LEU C 1213 24.81 50.51 37.26
N PHE C 1214 23.74 50.97 36.65
CA PHE C 1214 23.56 52.39 36.44
C PHE C 1214 23.56 53.08 37.81
N VAL C 1215 22.87 52.55 38.82
CA VAL C 1215 22.82 53.19 40.14
C VAL C 1215 24.20 53.25 40.78
N LEU C 1216 24.95 52.14 40.71
CA LEU C 1216 26.26 52.11 41.34
C LEU C 1216 27.20 53.13 40.70
N VAL C 1217 27.23 53.17 39.37
CA VAL C 1217 28.10 54.11 38.68
C VAL C 1217 27.69 55.55 39.00
N SER C 1218 26.39 55.83 39.01
CA SER C 1218 25.94 57.18 39.31
C SER C 1218 26.29 57.58 40.74
N VAL C 1219 26.17 56.65 41.69
CA VAL C 1219 26.52 56.97 43.07
C VAL C 1219 28.01 57.28 43.19
N VAL C 1220 28.84 56.45 42.56
CA VAL C 1220 30.29 56.68 42.64
C VAL C 1220 30.64 58.02 42.00
N GLU C 1221 30.07 58.32 40.84
CA GLU C 1221 30.38 59.56 40.15
C GLU C 1221 29.83 60.78 40.90
N ALA C 1222 28.71 60.62 41.61
CA ALA C 1222 28.17 61.72 42.39
C ALA C 1222 29.01 61.99 43.62
N PHE C 1223 29.60 60.95 44.22
CA PHE C 1223 30.52 61.19 45.32
C PHE C 1223 31.81 61.82 44.82
N ILE C 1224 32.30 61.39 43.64
CA ILE C 1224 33.47 62.04 43.06
C ILE C 1224 33.18 63.51 42.79
N ALA C 1225 32.02 63.81 42.22
CA ALA C 1225 31.65 65.20 41.95
C ALA C 1225 31.54 66.02 43.23
N SER C 1226 31.39 65.37 44.38
CA SER C 1226 31.42 66.03 45.67
C SER C 1226 32.81 66.04 46.29
N GLY C 1227 33.83 65.56 45.57
CA GLY C 1227 35.17 65.52 46.11
C GLY C 1227 35.42 64.46 47.15
N ILE C 1228 34.47 63.53 47.34
CA ILE C 1228 34.60 62.47 48.32
C ILE C 1228 35.01 61.22 47.57
N THR C 1229 36.28 60.86 47.66
CA THR C 1229 36.80 59.72 46.90
C THR C 1229 36.71 58.44 47.71
N ASP C 1230 36.61 58.54 49.03
CA ASP C 1230 36.41 57.39 49.89
C ASP C 1230 35.19 57.67 50.76
N PRO C 1231 34.10 56.97 50.52
CA PRO C 1231 32.89 57.25 51.30
C PRO C 1231 33.10 57.12 52.80
N TYR C 1232 34.06 56.32 53.25
CA TYR C 1232 34.33 56.21 54.68
C TYR C 1232 34.83 57.52 55.28
N GLU C 1233 35.25 58.47 54.48
CA GLU C 1233 35.65 59.77 55.01
C GLU C 1233 34.49 60.50 55.63
N MET C 1234 33.27 60.20 55.21
CA MET C 1234 32.10 60.79 55.85
C MET C 1234 32.05 60.43 57.33
N TYR C 1235 32.54 59.26 57.70
CA TYR C 1235 32.49 58.81 59.08
C TYR C 1235 33.56 59.46 59.96
N LYS C 1236 34.38 60.34 59.40
CA LYS C 1236 35.23 61.20 60.22
C LYS C 1236 34.48 62.41 60.75
N TYR C 1237 33.27 62.63 60.25
CA TYR C 1237 32.45 63.76 60.70
C TYR C 1237 31.12 63.36 61.29
N VAL C 1238 30.54 62.28 60.84
CA VAL C 1238 29.22 61.88 61.28
C VAL C 1238 29.27 60.43 61.74
N HIS C 1239 28.27 60.05 62.53
CA HIS C 1239 28.10 58.67 62.93
C HIS C 1239 27.57 57.84 61.76
N VAL C 1240 27.84 56.53 61.82
CA VAL C 1240 27.40 55.64 60.74
C VAL C 1240 25.89 55.68 60.59
N SER C 1241 25.16 56.00 61.66
CA SER C 1241 23.71 56.07 61.61
C SER C 1241 23.19 57.36 60.98
N GLU C 1242 24.07 58.21 60.45
CA GLU C 1242 23.69 59.54 59.99
C GLU C 1242 23.89 59.74 58.49
N VAL C 1243 24.07 58.65 57.74
CA VAL C 1243 24.15 58.69 56.28
C VAL C 1243 22.94 57.93 55.75
N GLY C 1244 22.01 58.65 55.15
CA GLY C 1244 20.80 58.07 54.63
C GLY C 1244 20.85 57.80 53.13
N ASN C 1245 19.91 57.00 52.67
CA ASN C 1245 19.71 56.74 51.25
C ASN C 1245 18.22 56.78 50.99
N CYS C 1246 17.77 57.78 50.24
CA CYS C 1246 16.35 58.02 50.03
C CYS C 1246 15.98 58.04 48.55
N SER C 1247 16.75 57.36 47.71
CA SER C 1247 16.46 57.28 46.28
C SER C 1247 15.62 56.06 45.96
N GLY C 1248 14.93 56.13 44.83
CA GLY C 1248 14.06 55.04 44.41
C GLY C 1248 13.86 54.94 42.92
N SER C 1249 12.93 54.09 42.49
CA SER C 1249 12.60 53.94 41.09
C SER C 1249 11.10 53.79 40.95
N GLY C 1250 10.60 53.89 39.73
CA GLY C 1250 9.20 53.68 39.48
C GLY C 1250 8.84 52.20 39.34
N MET C 1251 9.73 51.37 38.82
CA MET C 1251 9.44 49.95 38.58
C MET C 1251 10.54 48.96 38.97
N GLY C 1252 11.70 49.45 39.33
CA GLY C 1252 12.79 48.59 39.75
C GLY C 1252 13.41 47.68 38.74
N GLY C 1253 13.87 46.52 39.21
CA GLY C 1253 14.53 45.56 38.34
C GLY C 1253 13.60 44.79 37.45
N VAL C 1254 13.08 45.41 36.40
CA VAL C 1254 12.12 44.77 35.51
C VAL C 1254 12.72 43.57 34.79
N SER C 1255 14.04 43.52 34.63
CA SER C 1255 14.66 42.36 34.02
C SER C 1255 14.53 41.13 34.91
N ALA C 1256 14.69 41.28 36.22
CA ALA C 1256 14.44 40.18 37.13
C ALA C 1256 12.96 39.80 37.16
N LEU C 1257 12.06 40.74 36.91
CA LEU C 1257 10.65 40.44 36.81
C LEU C 1257 10.43 39.56 35.60
N ARG C 1258 11.05 39.91 34.48
CA ARG C 1258 10.99 39.03 33.32
C ARG C 1258 11.52 37.65 33.66
N GLY C 1259 12.66 37.61 34.35
CA GLY C 1259 13.25 36.32 34.69
C GLY C 1259 12.30 35.43 35.46
N MET C 1260 11.60 35.99 36.44
CA MET C 1260 10.75 35.14 37.29
C MET C 1260 9.37 34.91 36.68
N PHE C 1261 8.88 35.79 35.81
CA PHE C 1261 7.53 35.64 35.27
C PHE C 1261 7.48 34.95 33.93
N LYS C 1262 8.52 35.02 33.11
CA LYS C 1262 8.52 34.40 31.79
C LYS C 1262 9.61 33.35 31.65
N ASP C 1263 10.84 33.69 31.99
CA ASP C 1263 11.93 32.73 31.80
C ASP C 1263 11.73 31.49 32.66
N ARG C 1264 11.25 31.62 33.88
CA ARG C 1264 10.97 30.46 34.74
C ARG C 1264 9.80 29.67 34.19
N PHE C 1265 8.83 30.35 33.60
CA PHE C 1265 7.72 29.64 32.96
C PHE C 1265 8.21 28.76 31.82
N LYS C 1266 9.17 29.23 31.04
CA LYS C 1266 9.76 28.44 29.95
C LYS C 1266 10.87 27.54 30.44
N ASP C 1267 11.07 27.44 31.74
CA ASP C 1267 12.09 26.55 32.31
C ASP C 1267 13.49 26.83 31.82
N GLU C 1268 13.83 28.11 31.69
CA GLU C 1268 15.16 28.49 31.28
C GLU C 1268 15.94 28.78 32.54
N PRO C 1269 17.26 28.65 32.50
CA PRO C 1269 18.08 28.84 33.70
C PRO C 1269 17.95 30.25 34.25
N VAL C 1270 17.42 30.37 35.45
CA VAL C 1270 17.30 31.63 36.18
C VAL C 1270 17.93 31.44 37.55
N GLN C 1271 18.70 32.42 38.00
CA GLN C 1271 19.34 32.33 39.30
C GLN C 1271 18.28 32.19 40.39
N ASN C 1272 18.62 31.44 41.44
CA ASN C 1272 17.62 31.06 42.44
C ASN C 1272 17.18 32.24 43.30
N ASP C 1273 17.95 33.32 43.32
CA ASP C 1273 17.62 34.51 44.09
C ASP C 1273 17.25 35.68 43.18
N ILE C 1274 16.64 35.38 42.03
CA ILE C 1274 16.24 36.44 41.10
C ILE C 1274 15.19 37.34 41.73
N LEU C 1275 14.41 36.81 42.68
CA LEU C 1275 13.34 37.60 43.28
C LEU C 1275 13.87 38.83 43.99
N GLN C 1276 14.97 38.68 44.73
CA GLN C 1276 15.51 39.81 45.48
C GLN C 1276 16.05 40.90 44.55
N GLU C 1277 16.58 40.52 43.38
CA GLU C 1277 17.13 41.50 42.46
C GLU C 1277 16.05 42.38 41.84
N SER C 1278 14.81 42.00 41.95
CA SER C 1278 13.73 42.79 41.39
C SER C 1278 13.22 43.89 42.30
N PHE C 1279 13.42 43.79 43.61
CA PHE C 1279 12.87 44.76 44.54
C PHE C 1279 13.42 46.15 44.27
N ILE C 1280 12.55 47.16 44.44
CA ILE C 1280 12.93 48.53 44.16
C ILE C 1280 13.94 49.05 45.18
N ASN C 1281 14.00 48.47 46.38
CA ASN C 1281 14.98 48.86 47.38
C ASN C 1281 16.28 48.06 47.28
N THR C 1282 16.36 47.12 46.34
CA THR C 1282 17.57 46.32 46.21
C THR C 1282 18.73 47.13 45.65
N MET C 1283 18.45 48.14 44.82
CA MET C 1283 19.52 49.01 44.34
C MET C 1283 20.18 49.75 45.50
N SER C 1284 19.37 50.30 46.41
CA SER C 1284 19.93 50.97 47.58
C SER C 1284 20.65 49.98 48.48
N ALA C 1285 20.11 48.77 48.62
CA ALA C 1285 20.80 47.74 49.39
C ALA C 1285 22.18 47.47 48.82
N TRP C 1286 22.29 47.32 47.49
CA TRP C 1286 23.59 47.06 46.88
C TRP C 1286 24.53 48.25 47.02
N VAL C 1287 24.01 49.46 46.88
CA VAL C 1287 24.84 50.65 47.10
C VAL C 1287 25.44 50.60 48.50
N ASN C 1288 24.61 50.34 49.51
CA ASN C 1288 25.13 50.29 50.87
C ASN C 1288 26.08 49.13 51.10
N MET C 1289 25.81 47.99 50.45
CA MET C 1289 26.62 46.80 50.67
C MET C 1289 27.96 46.84 49.94
N LEU C 1290 28.10 47.69 48.92
CA LEU C 1290 29.34 47.77 48.18
C LEU C 1290 30.15 49.05 48.44
N LEU C 1291 29.50 50.17 48.75
CA LEU C 1291 30.23 51.43 48.90
C LEU C 1291 30.08 52.07 50.28
N ILE C 1292 28.84 52.20 50.75
CA ILE C 1292 28.57 53.15 51.84
C ILE C 1292 28.79 52.50 53.19
N SER C 1293 28.15 51.35 53.44
CA SER C 1293 28.28 50.62 54.70
C SER C 1293 27.73 51.42 55.88
N SER C 1294 26.73 52.26 55.65
CA SER C 1294 26.13 53.01 56.73
C SER C 1294 24.96 52.25 57.33
N SER C 1295 24.59 52.62 58.56
CA SER C 1295 23.41 52.12 59.23
C SER C 1295 22.41 53.24 59.44
N GLY C 1296 22.34 54.17 58.50
CA GLY C 1296 21.43 55.29 58.58
C GLY C 1296 20.10 54.99 57.94
N PRO C 1297 19.22 55.99 57.89
CA PRO C 1297 17.87 55.77 57.35
C PRO C 1297 17.91 55.33 55.89
N ILE C 1298 16.99 54.43 55.55
CA ILE C 1298 16.79 54.00 54.17
C ILE C 1298 15.29 54.04 53.90
N LYS C 1299 14.88 54.94 53.02
CA LYS C 1299 13.48 55.11 52.65
C LYS C 1299 13.41 55.17 51.13
N THR C 1300 12.86 54.12 50.52
CA THR C 1300 12.87 54.01 49.08
C THR C 1300 11.55 54.48 48.51
N PRO C 1301 11.47 55.62 47.84
CA PRO C 1301 10.20 56.08 47.29
C PRO C 1301 9.86 55.37 45.99
N VAL C 1302 8.56 55.31 45.70
CA VAL C 1302 8.04 54.82 44.43
C VAL C 1302 7.02 55.85 43.98
N GLY C 1303 7.36 56.61 42.93
CA GLY C 1303 6.52 57.70 42.50
C GLY C 1303 6.37 57.81 41.00
N ALA C 1304 6.44 56.68 40.31
CA ALA C 1304 6.35 56.68 38.85
C ALA C 1304 7.35 57.66 38.22
N CYS C 1305 6.86 58.68 37.53
CA CYS C 1305 7.75 59.63 36.89
C CYS C 1305 8.17 60.78 37.81
N ALA C 1306 7.56 60.92 38.99
CA ALA C 1306 7.94 61.93 39.97
C ALA C 1306 8.82 61.35 41.07
N THR C 1307 9.42 60.18 40.81
CA THR C 1307 10.17 59.47 41.83
C THR C 1307 11.34 60.30 42.34
N SER C 1308 12.05 60.99 41.45
CA SER C 1308 13.25 61.70 41.87
C SER C 1308 12.91 62.91 42.73
N VAL C 1309 11.86 63.66 42.37
CA VAL C 1309 11.44 64.79 43.18
C VAL C 1309 10.94 64.29 44.54
N GLU C 1310 10.20 63.18 44.55
CA GLU C 1310 9.76 62.62 45.83
C GLU C 1310 10.95 62.20 46.68
N SER C 1311 11.98 61.64 46.05
CA SER C 1311 13.19 61.26 46.76
C SER C 1311 13.88 62.47 47.36
N VAL C 1312 13.95 63.56 46.60
CA VAL C 1312 14.55 64.79 47.14
C VAL C 1312 13.75 65.28 48.34
N ASP C 1313 12.43 65.28 48.24
CA ASP C 1313 11.60 65.73 49.35
C ASP C 1313 11.83 64.87 50.59
N ILE C 1314 11.84 63.56 50.42
CA ILE C 1314 12.04 62.65 51.55
C ILE C 1314 13.41 62.86 52.15
N GLY C 1315 14.44 63.04 51.32
CA GLY C 1315 15.77 63.26 51.85
C GLY C 1315 15.90 64.56 52.62
N VAL C 1316 15.29 65.63 52.11
CA VAL C 1316 15.31 66.89 52.82
C VAL C 1316 14.65 66.75 54.18
N GLU C 1317 13.49 66.08 54.23
CA GLU C 1317 12.80 65.92 55.50
C GLU C 1317 13.54 64.98 56.43
N THR C 1318 14.24 63.99 55.89
CA THR C 1318 15.06 63.11 56.71
C THR C 1318 16.19 63.88 57.37
N ILE C 1319 16.87 64.77 56.67
CA ILE C 1319 17.94 65.54 57.28
C ILE C 1319 17.39 66.56 58.28
N LEU C 1320 16.29 67.20 57.95
CA LEU C 1320 15.70 68.18 58.84
C LEU C 1320 15.10 67.56 60.10
N SER C 1321 14.70 66.30 60.04
CA SER C 1321 14.22 65.64 61.26
C SER C 1321 15.36 65.19 62.17
N GLY C 1322 16.59 65.28 61.72
CA GLY C 1322 17.72 64.83 62.51
C GLY C 1322 18.08 63.38 62.40
N LYS C 1323 17.41 62.66 61.52
CA LYS C 1323 17.75 61.26 61.31
C LYS C 1323 19.01 61.08 60.48
N ALA C 1324 19.42 62.10 59.74
CA ALA C 1324 20.62 62.04 58.92
C ALA C 1324 21.22 63.41 58.73
N ARG C 1325 22.47 63.46 58.31
CA ARG C 1325 23.12 64.72 57.98
C ARG C 1325 23.56 64.65 56.53
N ILE C 1326 23.71 63.46 55.96
CA ILE C 1326 24.04 63.26 54.56
C ILE C 1326 23.04 62.27 53.99
N CYS C 1327 22.53 62.55 52.79
CA CYS C 1327 21.57 61.67 52.15
C CYS C 1327 21.88 61.49 50.68
N ILE C 1328 21.69 60.25 50.20
CA ILE C 1328 21.74 59.95 48.78
C ILE C 1328 20.31 60.02 48.25
N VAL C 1329 20.09 60.87 47.25
CA VAL C 1329 18.78 61.02 46.63
C VAL C 1329 18.95 60.88 45.12
N GLY C 1330 17.86 60.60 44.45
CA GLY C 1330 17.84 60.50 43.01
C GLY C 1330 16.84 59.47 42.55
N GLY C 1331 16.96 59.08 41.28
CA GLY C 1331 16.02 58.17 40.67
C GLY C 1331 16.68 57.35 39.59
N TYR C 1332 16.01 56.26 39.23
CA TYR C 1332 16.53 55.33 38.22
C TYR C 1332 15.39 54.48 37.69
N ASP C 1333 15.57 53.95 36.49
CA ASP C 1333 14.64 53.04 35.86
C ASP C 1333 15.25 52.57 34.55
N ASP C 1334 14.84 51.38 34.14
CA ASP C 1334 15.35 50.81 32.92
C ASP C 1334 14.31 50.73 31.83
N PHE C 1335 14.74 50.36 30.64
CA PHE C 1335 13.84 50.18 29.52
C PHE C 1335 13.91 48.71 29.12
N GLN C 1336 12.78 48.09 28.90
CA GLN C 1336 12.71 46.70 28.47
C GLN C 1336 11.50 46.47 27.60
N GLU C 1337 11.43 45.32 26.94
CA GLU C 1337 10.33 44.97 26.07
C GLU C 1337 8.93 45.09 26.67
N GLU C 1338 8.65 44.45 27.79
CA GLU C 1338 7.32 44.45 28.34
C GLU C 1338 6.81 45.83 28.71
N GLY C 1339 7.65 46.66 29.33
CA GLY C 1339 7.23 48.01 29.66
C GLY C 1339 6.98 48.85 28.44
N SER C 1340 7.80 48.71 27.41
CA SER C 1340 7.57 49.42 26.16
C SER C 1340 6.24 49.05 25.54
N PHE C 1341 5.93 47.77 25.48
CA PHE C 1341 4.67 47.31 24.94
C PHE C 1341 3.53 47.86 25.74
N GLU C 1342 3.62 47.80 27.06
CA GLU C 1342 2.49 48.26 27.85
C GLU C 1342 2.29 49.76 27.75
N PHE C 1343 3.37 50.54 27.62
CA PHE C 1343 3.22 51.96 27.35
C PHE C 1343 2.66 52.20 25.95
N GLY C 1344 2.95 51.29 25.01
CA GLY C 1344 2.30 51.38 23.72
C GLY C 1344 0.81 51.10 23.78
N ASN C 1345 0.39 50.07 24.51
CA ASN C 1345 -1.04 49.78 24.69
C ASN C 1345 -1.79 50.89 25.40
N MET C 1346 -1.12 51.67 26.23
CA MET C 1346 -1.74 52.83 26.85
C MET C 1346 -1.70 54.06 25.97
N LYS C 1347 -0.98 54.02 24.86
CA LYS C 1347 -0.86 55.15 23.94
C LYS C 1347 -0.19 56.33 24.60
N ALA C 1348 0.68 56.06 25.56
CA ALA C 1348 1.43 57.13 26.21
C ALA C 1348 2.67 57.52 25.42
N THR C 1349 3.21 56.60 24.66
CA THR C 1349 4.39 56.85 23.89
C THR C 1349 4.03 57.20 22.45
N SER C 1350 4.97 57.72 21.70
CA SER C 1350 4.74 58.05 20.32
C SER C 1350 4.83 56.87 19.38
N ASN C 1351 3.90 56.73 18.46
CA ASN C 1351 3.97 55.71 17.45
C ASN C 1351 5.05 56.12 16.47
N THR C 1352 6.06 55.28 16.29
CA THR C 1352 7.18 55.60 15.41
C THR C 1352 6.85 55.48 13.93
N LEU C 1353 5.86 54.68 13.57
CA LEU C 1353 5.49 54.55 12.17
C LEU C 1353 4.74 55.78 11.72
N GLU C 1354 3.97 56.39 12.60
CA GLU C 1354 3.29 57.62 12.31
C GLU C 1354 4.32 58.73 12.25
N GLU C 1355 5.32 58.72 13.12
CA GLU C 1355 6.41 59.68 13.04
C GLU C 1355 7.15 59.59 11.69
N PHE C 1356 7.40 58.40 11.19
CA PHE C 1356 8.03 58.24 9.90
C PHE C 1356 7.12 58.73 8.78
N GLU C 1357 5.81 58.55 8.90
CA GLU C 1357 4.89 59.04 7.88
C GLU C 1357 4.98 60.56 7.75
N HIS C 1358 5.27 61.25 8.83
CA HIS C 1358 5.44 62.68 8.80
C HIS C 1358 6.89 63.13 8.54
N GLY C 1359 7.78 62.24 8.14
CA GLY C 1359 9.13 62.61 7.82
C GLY C 1359 10.02 62.89 9.01
N ARG C 1360 9.65 62.42 10.18
CA ARG C 1360 10.39 62.70 11.37
C ARG C 1360 11.42 61.63 11.69
N THR C 1361 12.62 62.05 11.98
CA THR C 1361 13.69 61.14 12.32
C THR C 1361 13.71 60.99 13.84
N PRO C 1362 14.40 59.97 14.36
CA PRO C 1362 14.45 59.75 15.81
C PRO C 1362 14.93 60.95 16.63
N ALA C 1363 15.85 61.73 16.12
CA ALA C 1363 16.36 62.91 16.80
C ALA C 1363 15.36 64.04 16.92
N GLU C 1364 14.23 63.95 16.26
CA GLU C 1364 13.22 64.97 16.37
C GLU C 1364 11.88 64.43 16.84
N MET C 1365 11.86 63.23 17.39
CA MET C 1365 10.61 62.64 17.82
C MET C 1365 10.18 63.19 19.19
N SER C 1366 11.12 63.56 20.06
CA SER C 1366 10.78 64.18 21.35
C SER C 1366 10.79 65.69 21.18
N ARG C 1367 9.60 66.28 21.10
CA ARG C 1367 9.46 67.70 20.86
C ARG C 1367 8.43 68.29 21.78
N PRO C 1368 8.80 68.52 23.02
CA PRO C 1368 7.81 69.03 23.98
C PRO C 1368 7.29 70.40 23.60
N ALA C 1369 6.01 70.64 23.92
CA ALA C 1369 5.36 71.94 23.79
C ALA C 1369 5.25 72.39 22.35
N THR C 1370 5.25 71.46 21.40
CA THR C 1370 5.13 71.78 19.99
C THR C 1370 3.72 71.45 19.50
N THR C 1371 3.31 72.00 18.39
CA THR C 1371 2.01 71.75 17.86
C THR C 1371 1.76 70.31 17.49
N THR C 1372 2.79 69.56 17.17
CA THR C 1372 2.60 68.20 16.67
C THR C 1372 3.10 67.12 17.63
N ARG C 1373 3.34 67.49 18.87
CA ARG C 1373 3.76 66.54 19.89
C ARG C 1373 2.71 65.44 20.04
N ASN C 1374 3.13 64.18 20.03
CA ASN C 1374 2.19 63.06 20.05
C ASN C 1374 2.58 61.86 20.89
N GLY C 1375 3.34 62.04 21.94
CA GLY C 1375 3.70 60.97 22.80
C GLY C 1375 5.10 61.11 23.29
N PHE C 1376 5.41 60.44 24.40
CA PHE C 1376 6.75 60.53 24.97
C PHE C 1376 7.69 59.53 24.38
N MET C 1377 8.97 59.75 24.57
CA MET C 1377 9.99 58.87 24.08
C MET C 1377 10.50 58.23 25.31
N GLU C 1378 10.57 56.93 25.33
CA GLU C 1378 11.09 56.22 26.48
C GLU C 1378 12.61 56.18 26.54
N ALA C 1379 13.18 56.32 27.73
CA ALA C 1379 14.62 56.31 27.92
C ALA C 1379 14.98 55.42 29.10
N GLN C 1380 16.25 55.42 29.47
CA GLN C 1380 16.73 54.64 30.59
C GLN C 1380 17.91 55.32 31.27
N GLY C 1381 18.20 54.96 32.50
CA GLY C 1381 19.37 55.45 33.19
C GLY C 1381 19.07 55.75 34.63
N ALA C 1382 19.97 56.53 35.25
CA ALA C 1382 19.86 56.86 36.66
C ALA C 1382 20.45 58.25 36.88
N GLY C 1383 20.02 58.88 37.97
CA GLY C 1383 20.58 60.15 38.40
C GLY C 1383 20.64 60.22 39.91
N ILE C 1384 21.76 60.71 40.45
CA ILE C 1384 22.00 60.72 41.89
C ILE C 1384 22.50 62.10 42.29
N GLN C 1385 22.06 62.56 43.46
CA GLN C 1385 22.58 63.77 44.08
C GLN C 1385 22.93 63.47 45.53
N ILE C 1386 24.00 64.08 46.01
CA ILE C 1386 24.38 64.04 47.43
C ILE C 1386 23.92 65.34 48.06
N ILE C 1387 23.05 65.25 49.06
CA ILE C 1387 22.57 66.40 49.80
C ILE C 1387 22.98 66.25 51.26
N MET C 1388 23.39 67.35 51.87
CA MET C 1388 23.71 67.37 53.29
C MET C 1388 23.39 68.74 53.85
N GLN C 1389 23.56 68.89 55.15
CA GLN C 1389 23.39 70.16 55.80
C GLN C 1389 24.48 71.15 55.38
N ALA C 1390 24.13 72.41 55.19
CA ALA C 1390 25.09 73.43 54.80
C ALA C 1390 26.23 73.53 55.80
N ASP C 1391 25.93 73.39 57.08
CA ASP C 1391 26.95 73.42 58.11
C ASP C 1391 28.00 72.33 57.95
N LEU C 1392 27.59 71.10 57.66
CA LEU C 1392 28.53 70.02 57.45
C LEU C 1392 29.20 70.12 56.11
N ALA C 1393 28.51 70.64 55.11
CA ALA C 1393 29.18 70.85 53.82
C ALA C 1393 30.32 71.85 53.97
N LEU C 1394 30.09 72.94 54.71
CA LEU C 1394 31.16 73.91 54.94
C LEU C 1394 32.27 73.31 55.79
N LYS C 1395 31.96 72.53 56.78
CA LYS C 1395 32.97 71.96 57.62
C LYS C 1395 33.81 70.96 56.87
N MET C 1396 33.17 70.15 56.03
CA MET C 1396 33.90 69.11 55.31
C MET C 1396 34.77 69.70 54.20
N GLY C 1397 34.39 70.85 53.66
CA GLY C 1397 35.11 71.41 52.54
C GLY C 1397 34.71 70.84 51.20
N VAL C 1398 33.44 70.46 51.03
CA VAL C 1398 32.97 69.87 49.79
C VAL C 1398 32.37 70.96 48.93
N PRO C 1399 32.36 70.82 47.60
CA PRO C 1399 31.72 71.83 46.76
C PRO C 1399 30.22 71.89 46.99
N ILE C 1400 29.66 73.07 46.79
CA ILE C 1400 28.23 73.30 46.93
C ILE C 1400 27.71 73.83 45.60
N TYR C 1401 26.82 73.07 44.97
CA TYR C 1401 26.31 73.41 43.65
C TYR C 1401 24.98 74.14 43.69
N GLY C 1402 24.28 74.13 44.81
CA GLY C 1402 23.02 74.84 44.92
C GLY C 1402 22.36 74.54 46.23
N ILE C 1403 21.29 75.29 46.51
CA ILE C 1403 20.52 75.18 47.73
C ILE C 1403 19.18 74.56 47.38
N VAL C 1404 18.77 73.52 48.09
CA VAL C 1404 17.45 72.93 47.91
C VAL C 1404 16.55 73.76 48.80
N ALA C 1405 15.92 74.78 48.24
CA ALA C 1405 15.10 75.67 49.00
C ALA C 1405 13.70 75.17 49.25
N MET C 1406 13.16 74.33 48.38
CA MET C 1406 11.85 73.75 48.59
C MET C 1406 11.74 72.40 47.90
N ALA C 1407 10.91 71.51 48.42
CA ALA C 1407 10.67 70.19 47.84
C ALA C 1407 9.31 69.74 48.33
N ALA C 1408 8.35 69.53 47.43
CA ALA C 1408 6.98 69.23 47.82
C ALA C 1408 6.38 68.18 46.90
N THR C 1409 5.35 67.51 47.40
CA THR C 1409 4.57 66.54 46.64
C THR C 1409 3.09 66.77 46.91
N ALA C 1410 2.26 66.39 45.94
CA ALA C 1410 0.83 66.63 46.07
C ALA C 1410 0.06 65.69 45.16
N THR C 1411 -1.11 65.24 45.65
CA THR C 1411 -2.08 64.50 44.85
C THR C 1411 -3.12 65.46 44.31
N ASP C 1412 -3.95 64.96 43.39
CA ASP C 1412 -4.86 65.88 42.70
C ASP C 1412 -6.27 65.91 43.27
N LYS C 1413 -7.05 64.85 43.07
CA LYS C 1413 -8.47 64.88 43.40
C LYS C 1413 -9.18 63.57 43.06
N ILE C 1414 -10.49 63.52 43.31
CA ILE C 1414 -11.30 62.37 42.91
C ILE C 1414 -11.31 62.24 41.40
N GLY C 1415 -11.24 61.02 40.91
CA GLY C 1415 -11.24 60.78 39.48
C GLY C 1415 -11.20 59.29 39.18
N ARG C 1416 -11.10 58.98 37.88
CA ARG C 1416 -11.08 57.60 37.42
C ARG C 1416 -9.99 57.29 36.41
N SER C 1417 -9.14 58.26 36.07
CA SER C 1417 -8.02 58.01 35.16
C SER C 1417 -6.68 58.11 35.89
N VAL C 1418 -6.05 56.98 36.14
CA VAL C 1418 -4.80 56.95 36.90
C VAL C 1418 -3.72 57.81 36.24
N PRO C 1419 -3.48 57.73 34.92
CA PRO C 1419 -2.36 58.47 34.33
C PRO C 1419 -2.65 59.94 34.06
N ALA C 1420 -3.85 60.42 34.33
CA ALA C 1420 -4.20 61.81 34.10
C ALA C 1420 -3.42 62.78 35.00
N PRO C 1421 -2.66 63.73 34.41
CA PRO C 1421 -1.98 64.73 35.23
C PRO C 1421 -2.97 65.74 35.81
N GLY C 1422 -2.65 66.30 36.97
CA GLY C 1422 -3.55 67.22 37.65
C GLY C 1422 -2.82 68.45 38.15
N LYS C 1423 -3.58 69.33 38.80
CA LYS C 1423 -3.11 70.63 39.24
C LYS C 1423 -2.78 70.67 40.72
N GLY C 1424 -2.74 69.52 41.39
CA GLY C 1424 -2.62 69.51 42.84
C GLY C 1424 -1.35 70.17 43.35
N ILE C 1425 -0.28 70.13 42.58
CA ILE C 1425 0.97 70.78 42.98
C ILE C 1425 0.85 72.28 43.03
N LEU C 1426 -0.26 72.85 42.55
CA LEU C 1426 -0.49 74.28 42.63
C LEU C 1426 -0.53 74.79 44.07
N THR C 1427 -0.73 73.89 45.05
CA THR C 1427 -0.86 74.29 46.43
C THR C 1427 0.44 74.83 47.03
N THR C 1428 1.58 74.68 46.36
CA THR C 1428 2.81 75.29 46.85
C THR C 1428 2.76 76.81 46.77
N ALA C 1429 1.80 77.38 46.04
CA ALA C 1429 1.63 78.82 45.92
C ALA C 1429 0.42 79.32 46.69
N ARG C 1430 -0.20 78.49 47.54
CA ARG C 1430 -1.38 78.92 48.26
C ARG C 1430 -1.07 80.08 49.18
N GLU C 1431 -1.89 81.12 49.14
CA GLU C 1431 -1.64 82.36 49.89
C GLU C 1431 -2.91 83.15 50.03
N HIS C 1432 -3.28 83.49 51.25
CA HIS C 1432 -4.47 84.27 51.56
C HIS C 1432 -4.20 85.74 51.26
N HIS C 1433 -5.07 86.37 50.49
CA HIS C 1433 -4.84 87.74 50.09
C HIS C 1433 -6.00 88.68 50.43
N SER C 1434 -6.81 88.33 51.42
CA SER C 1434 -7.96 89.14 51.77
C SER C 1434 -7.54 90.57 52.11
N SER C 1435 -6.47 90.71 52.89
CA SER C 1435 -5.93 92.04 53.21
C SER C 1435 -4.57 92.23 52.55
N ALA C 1439 1.53 94.67 53.95
CA ALA C 1439 2.85 94.05 54.02
C ALA C 1439 3.14 93.56 55.44
N SER C 1440 2.98 92.26 55.66
CA SER C 1440 3.25 91.70 56.97
C SER C 1440 4.72 91.91 57.32
N PRO C 1441 5.04 92.40 58.52
CA PRO C 1441 6.46 92.60 58.86
C PRO C 1441 7.32 91.37 58.60
N ASN C 1442 6.74 90.16 58.69
CA ASN C 1442 7.53 88.95 58.55
C ASN C 1442 8.31 88.93 57.24
N LEU C 1443 7.76 89.51 56.17
CA LEU C 1443 8.40 89.47 54.87
C LEU C 1443 9.55 90.46 54.73
N ASN C 1444 9.98 91.08 55.84
CA ASN C 1444 11.12 91.99 55.83
C ASN C 1444 12.23 91.44 56.69
N MET C 1445 13.39 91.17 56.11
CA MET C 1445 14.48 90.54 56.83
C MET C 1445 15.08 91.42 57.91
N LYS C 1446 15.01 92.73 57.73
CA LYS C 1446 15.49 93.66 58.75
C LYS C 1446 14.77 93.48 60.08
N TYR C 1447 13.45 93.34 60.05
CA TYR C 1447 12.67 93.12 61.28
C TYR C 1447 13.01 91.77 61.91
N ARG C 1448 13.19 90.76 61.07
CA ARG C 1448 13.48 89.43 61.58
C ARG C 1448 14.86 89.41 62.20
N LYS C 1449 15.82 90.10 61.59
CA LYS C 1449 17.16 90.19 62.16
C LYS C 1449 17.13 90.93 63.49
N ARG C 1450 16.34 92.00 63.58
CA ARG C 1450 16.21 92.73 64.84
C ARG C 1450 15.71 91.81 65.95
N GLN C 1451 14.63 91.08 65.67
CA GLN C 1451 14.12 90.13 66.65
C GLN C 1451 15.18 89.10 67.02
N LEU C 1452 15.99 88.69 66.05
CA LEU C 1452 17.03 87.71 66.33
C LEU C 1452 18.06 88.25 67.30
N VAL C 1453 18.50 89.50 67.11
CA VAL C 1453 19.45 90.10 68.05
C VAL C 1453 18.84 90.18 69.44
N THR C 1454 17.59 90.60 69.53
CA THR C 1454 16.94 90.68 70.85
C THR C 1454 16.94 89.31 71.53
N ARG C 1455 16.57 88.26 70.82
CA ARG C 1455 16.52 86.96 71.47
C ARG C 1455 17.91 86.51 71.85
N GLU C 1456 18.90 86.79 71.00
CA GLU C 1456 20.26 86.40 71.35
C GLU C 1456 20.73 87.07 72.64
N ALA C 1457 20.38 88.35 72.82
CA ALA C 1457 20.71 89.02 74.07
C ALA C 1457 20.06 88.31 75.26
N GLN C 1458 18.77 88.03 75.13
CA GLN C 1458 18.09 87.30 76.21
C GLN C 1458 18.74 85.95 76.46
N ILE C 1459 19.21 85.29 75.39
CA ILE C 1459 19.86 84.00 75.55
C ILE C 1459 21.15 84.12 76.35
N LYS C 1460 21.96 85.14 76.05
CA LYS C 1460 23.20 85.28 76.81
C LYS C 1460 22.90 85.59 78.28
N ASP C 1461 21.84 86.35 78.55
CA ASP C 1461 21.45 86.58 79.94
C ASP C 1461 21.10 85.27 80.63
N TRP C 1462 20.30 84.43 79.97
CA TRP C 1462 19.98 83.12 80.54
C TRP C 1462 21.25 82.32 80.78
N VAL C 1463 22.19 82.39 79.85
CA VAL C 1463 23.42 81.61 79.96
C VAL C 1463 24.20 82.03 81.20
N GLU C 1464 24.35 83.34 81.41
CA GLU C 1464 25.15 83.79 82.53
C GLU C 1464 24.46 83.48 83.87
N ASN C 1465 23.14 83.65 83.93
CA ASN C 1465 22.43 83.27 85.15
C ASN C 1465 22.63 81.78 85.46
N GLU C 1466 22.50 80.93 84.45
CA GLU C 1466 22.62 79.50 84.70
C GLU C 1466 24.05 79.10 85.01
N LEU C 1467 25.03 79.79 84.44
CA LEU C 1467 26.41 79.55 84.81
C LEU C 1467 26.67 79.91 86.27
N GLU C 1468 26.08 81.01 86.74
CA GLU C 1468 26.22 81.36 88.15
C GLU C 1468 25.58 80.29 89.04
N ALA C 1469 24.39 79.81 88.65
CA ALA C 1469 23.75 78.74 89.42
C ALA C 1469 24.56 77.45 89.40
N LEU C 1470 25.16 77.09 88.27
CA LEU C 1470 26.02 75.92 88.21
C LEU C 1470 27.28 76.10 89.04
N PHE C 1485 32.61 67.13 87.44
CA PHE C 1485 31.22 67.56 87.49
C PHE C 1485 31.09 68.92 86.83
N LEU C 1486 31.95 69.84 87.23
CA LEU C 1486 31.86 71.20 86.68
C LEU C 1486 32.04 71.17 85.15
N LEU C 1487 32.94 70.34 84.65
CA LEU C 1487 33.14 70.25 83.20
C LEU C 1487 31.87 69.78 82.53
N GLU C 1488 31.34 68.67 83.03
CA GLU C 1488 30.10 68.17 82.47
C GLU C 1488 29.07 69.28 82.41
N ARG C 1489 28.93 70.01 83.51
CA ARG C 1489 27.87 70.99 83.53
C ARG C 1489 28.09 72.23 82.67
N THR C 1490 29.32 72.70 82.54
CA THR C 1490 29.59 73.81 81.66
C THR C 1490 29.21 73.33 80.28
N ARG C 1491 29.60 72.10 79.96
CA ARG C 1491 29.29 71.55 78.66
C ARG C 1491 27.80 71.68 78.47
N GLU C 1492 27.04 71.16 79.41
CA GLU C 1492 25.59 71.18 79.32
C GLU C 1492 25.00 72.57 79.13
N ILE C 1493 25.43 73.54 79.94
CA ILE C 1493 24.86 74.87 79.85
C ILE C 1493 25.17 75.51 78.50
N HIS C 1494 26.38 75.32 77.99
CA HIS C 1494 26.70 76.00 76.74
C HIS C 1494 25.91 75.33 75.66
N ASN C 1495 25.70 74.04 75.81
CA ASN C 1495 24.93 73.30 74.85
C ASN C 1495 23.47 73.76 74.81
N GLU C 1496 22.87 74.04 75.96
CA GLU C 1496 21.49 74.55 75.98
C GLU C 1496 21.46 75.95 75.41
N ALA C 1497 22.51 76.71 75.62
CA ALA C 1497 22.57 78.01 75.03
C ALA C 1497 22.53 77.87 73.51
N GLU C 1498 23.30 76.94 72.98
CA GLU C 1498 23.35 76.77 71.55
C GLU C 1498 22.00 76.30 71.07
N SER C 1499 21.35 75.46 71.85
CA SER C 1499 20.05 74.95 71.49
C SER C 1499 19.08 76.08 71.34
N GLN C 1500 19.16 77.04 72.23
CA GLN C 1500 18.28 78.19 72.16
C GLN C 1500 18.61 79.15 71.03
N LEU C 1501 19.89 79.31 70.73
CA LEU C 1501 20.25 80.18 69.60
C LEU C 1501 19.82 79.61 68.27
N ARG C 1502 19.92 78.30 68.11
CA ARG C 1502 19.55 77.70 66.85
C ARG C 1502 18.05 77.74 66.72
N ALA C 1503 17.32 77.54 67.81
CA ALA C 1503 15.88 77.69 67.74
C ALA C 1503 15.47 79.09 67.32
N ALA C 1504 16.12 80.12 67.88
CA ALA C 1504 15.83 81.48 67.47
C ALA C 1504 16.18 81.71 66.00
N GLN C 1505 17.29 81.14 65.56
CA GLN C 1505 17.70 81.30 64.16
C GLN C 1505 16.68 80.64 63.25
N GLN C 1506 16.25 79.45 63.62
CA GLN C 1506 15.24 78.76 62.85
C GLN C 1506 13.99 79.61 62.74
N GLN C 1507 13.50 80.10 63.89
CA GLN C 1507 12.25 80.86 63.91
C GLN C 1507 12.33 82.11 63.05
N TRP C 1508 13.44 82.84 63.12
CA TRP C 1508 13.49 84.15 62.46
C TRP C 1508 14.11 84.14 61.07
N GLY C 1509 14.82 83.08 60.69
CA GLY C 1509 15.47 83.07 59.39
C GLY C 1509 15.09 81.91 58.49
N ASN C 1510 14.69 80.78 59.07
CA ASN C 1510 14.48 79.56 58.30
C ASN C 1510 13.00 79.31 58.00
N ASP C 1511 12.16 79.29 59.02
CA ASP C 1511 10.74 79.02 58.87
C ASP C 1511 9.91 80.12 59.51
N PHE C 1512 10.28 81.38 59.25
CA PHE C 1512 9.47 82.50 59.70
C PHE C 1512 8.09 82.51 59.05
N TYR C 1513 7.97 81.95 57.85
CA TYR C 1513 6.70 82.01 57.11
C TYR C 1513 5.87 80.76 57.25
N LYS C 1514 6.38 79.77 57.94
CA LYS C 1514 5.68 78.49 58.01
C LYS C 1514 4.35 78.59 58.70
N ARG C 1515 4.21 79.54 59.60
CA ARG C 1515 2.95 79.76 60.29
C ARG C 1515 2.12 80.91 59.70
N ASP C 1516 2.62 81.59 58.68
CA ASP C 1516 1.92 82.73 58.10
C ASP C 1516 1.08 82.28 56.93
N PRO C 1517 -0.26 82.33 57.02
CA PRO C 1517 -1.08 82.02 55.85
C PRO C 1517 -1.01 83.07 54.76
N ARG C 1518 -0.35 84.18 54.97
CA ARG C 1518 -0.20 85.17 53.92
C ARG C 1518 1.07 85.01 53.14
N ILE C 1519 1.87 84.01 53.46
CA ILE C 1519 3.08 83.72 52.71
C ILE C 1519 2.98 82.31 52.17
N ALA C 1520 3.10 82.17 50.85
CA ALA C 1520 3.09 80.85 50.25
C ALA C 1520 4.42 80.14 50.51
N PRO C 1521 4.38 78.83 50.58
CA PRO C 1521 5.63 78.08 50.75
C PRO C 1521 6.69 78.41 49.68
N LEU C 1522 6.29 78.64 48.45
CA LEU C 1522 7.22 79.02 47.39
C LEU C 1522 7.83 80.38 47.66
N ARG C 1523 6.99 81.37 47.93
CA ARG C 1523 7.48 82.70 48.23
C ARG C 1523 8.41 82.68 49.43
N GLY C 1524 8.00 81.98 50.49
CA GLY C 1524 8.84 81.95 51.68
C GLY C 1524 10.17 81.25 51.44
N ALA C 1525 10.19 80.16 50.69
CA ALA C 1525 11.44 79.52 50.33
C ALA C 1525 12.36 80.47 49.59
N LEU C 1526 11.80 81.29 48.69
CA LEU C 1526 12.65 82.28 48.04
C LEU C 1526 13.06 83.41 48.99
N ALA C 1527 12.17 83.81 49.89
CA ALA C 1527 12.42 84.93 50.77
C ALA C 1527 13.40 84.61 51.86
N THR C 1528 13.63 83.34 52.10
CA THR C 1528 14.64 82.98 53.08
C THR C 1528 16.00 83.57 52.74
N TYR C 1529 16.24 83.94 51.49
CA TYR C 1529 17.52 84.46 51.05
C TYR C 1529 17.39 85.79 50.39
N GLY C 1530 16.31 86.49 50.66
CA GLY C 1530 16.11 87.81 50.10
C GLY C 1530 15.84 87.79 48.62
N LEU C 1531 15.11 86.78 48.15
CA LEU C 1531 14.75 86.70 46.75
C LEU C 1531 13.26 86.82 46.59
N THR C 1532 12.80 87.50 45.55
CA THR C 1532 11.40 87.69 45.27
C THR C 1532 10.94 86.63 44.27
N ILE C 1533 9.67 86.68 43.89
CA ILE C 1533 9.16 85.73 42.92
C ILE C 1533 9.77 86.01 41.55
N ASP C 1534 10.18 87.24 41.29
CA ASP C 1534 10.76 87.57 40.01
C ASP C 1534 12.16 87.02 39.89
N ASP C 1535 12.78 86.60 40.97
CA ASP C 1535 14.11 85.99 40.91
C ASP C 1535 14.09 84.52 40.50
N LEU C 1536 12.94 83.94 40.23
CA LEU C 1536 12.84 82.57 39.72
C LEU C 1536 12.92 82.65 38.20
N GLY C 1537 14.09 82.49 37.64
CA GLY C 1537 14.26 82.71 36.22
C GLY C 1537 14.02 81.56 35.29
N VAL C 1538 14.24 80.35 35.75
CA VAL C 1538 14.12 79.19 34.89
C VAL C 1538 13.14 78.21 35.53
N ALA C 1539 12.26 77.66 34.70
CA ALA C 1539 11.39 76.55 35.08
C ALA C 1539 11.78 75.34 34.27
N SER C 1540 12.26 74.29 34.91
CA SER C 1540 12.56 73.02 34.23
C SER C 1540 11.25 72.26 34.18
N PHE C 1541 10.75 71.99 32.99
CA PHE C 1541 9.47 71.32 32.84
C PHE C 1541 9.64 69.86 32.66
N HIS C 1542 8.75 69.08 33.23
CA HIS C 1542 8.74 67.65 33.01
C HIS C 1542 8.67 67.46 31.50
N GLY C 1543 7.94 68.31 30.78
CA GLY C 1543 7.94 68.31 29.33
C GLY C 1543 8.10 67.01 28.67
N THR C 1544 7.10 66.15 28.79
CA THR C 1544 7.23 64.81 28.25
C THR C 1544 6.85 64.71 26.78
N SER C 1545 6.47 65.81 26.14
CA SER C 1545 6.07 65.81 24.72
C SER C 1545 4.70 65.13 24.51
N THR C 1546 3.84 65.18 25.52
CA THR C 1546 2.49 64.63 25.45
C THR C 1546 1.51 65.77 25.53
N LYS C 1547 0.40 65.63 24.86
CA LYS C 1547 -0.51 66.77 24.75
C LYS C 1547 -1.13 67.27 26.05
N ALA C 1548 -1.48 66.38 26.95
CA ALA C 1548 -2.03 66.78 28.21
C ALA C 1548 -0.98 67.25 29.18
N ASN C 1549 0.18 66.60 29.21
CA ASN C 1549 1.15 66.97 30.21
C ASN C 1549 1.64 68.34 29.96
N ASP C 1550 1.99 68.61 28.73
CA ASP C 1550 2.61 69.90 28.43
C ASP C 1550 1.65 71.04 28.69
N LYS C 1551 0.40 70.92 28.22
CA LYS C 1551 -0.56 71.99 28.45
C LYS C 1551 -0.83 72.18 29.94
N ASN C 1552 -1.03 71.07 30.67
CA ASN C 1552 -1.34 71.16 32.09
C ASN C 1552 -0.17 71.77 32.88
N GLU C 1553 1.06 71.38 32.54
CA GLU C 1553 2.22 71.93 33.23
C GLU C 1553 2.37 73.42 32.96
N SER C 1554 2.19 73.84 31.72
CA SER C 1554 2.25 75.27 31.41
C SER C 1554 1.19 76.02 32.19
N ALA C 1555 -0.03 75.49 32.24
CA ALA C 1555 -1.10 76.14 32.97
C ALA C 1555 -0.78 76.22 34.46
N THR C 1556 -0.21 75.16 35.02
CA THR C 1556 0.11 75.14 36.45
C THR C 1556 1.17 76.18 36.78
N ILE C 1557 2.26 76.21 36.01
CA ILE C 1557 3.30 77.20 36.26
C ILE C 1557 2.76 78.61 36.10
N ASN C 1558 1.95 78.83 35.06
CA ASN C 1558 1.38 80.17 34.84
C ASN C 1558 0.50 80.58 36.00
N GLU C 1559 -0.35 79.74 36.52
CA GLU C 1559 -1.18 80.07 37.66
C GLU C 1559 -0.33 80.32 38.89
N MET C 1560 0.69 79.50 39.11
CA MET C 1560 1.59 79.77 40.23
C MET C 1560 2.12 81.20 40.16
N MET C 1561 2.67 81.57 38.99
CA MET C 1561 3.28 82.88 38.86
C MET C 1561 2.24 83.99 38.97
N LYS C 1562 1.04 83.81 38.46
CA LYS C 1562 0.06 84.87 38.49
C LYS C 1562 -0.49 85.14 39.87
N HIS C 1563 -0.61 84.12 40.68
CA HIS C 1563 -1.16 84.27 42.00
C HIS C 1563 -0.17 84.92 42.93
N LEU C 1564 1.11 84.62 42.77
CA LEU C 1564 2.12 85.19 43.62
C LEU C 1564 2.66 86.52 43.10
N GLY C 1565 1.94 87.14 42.18
CA GLY C 1565 2.32 88.43 41.70
C GLY C 1565 3.57 88.53 40.89
N ARG C 1566 3.84 87.54 40.08
CA ARG C 1566 4.97 87.68 39.18
C ARG C 1566 4.76 88.90 38.28
N SER C 1567 5.80 89.68 38.07
CA SER C 1567 5.69 90.88 37.27
C SER C 1567 5.29 90.59 35.86
N GLU C 1568 4.49 91.47 35.29
CA GLU C 1568 4.11 91.32 33.90
C GLU C 1568 5.30 91.63 33.01
N GLY C 1569 5.46 90.88 31.94
CA GLY C 1569 6.61 91.05 31.10
C GLY C 1569 7.80 90.26 31.55
N ASN C 1570 7.66 89.55 32.67
CA ASN C 1570 8.75 88.72 33.17
C ASN C 1570 8.35 87.24 33.12
N PRO C 1571 8.29 86.67 31.93
CA PRO C 1571 8.00 85.23 31.85
C PRO C 1571 9.10 84.33 32.35
N VAL C 1572 8.79 83.22 33.01
CA VAL C 1572 9.81 82.25 33.34
C VAL C 1572 10.23 81.52 32.08
N ILE C 1573 11.54 81.31 31.94
CA ILE C 1573 12.09 80.64 30.76
C ILE C 1573 12.00 79.14 30.98
N GLY C 1574 11.32 78.45 30.07
CA GLY C 1574 11.09 77.03 30.21
C GLY C 1574 12.21 76.22 29.58
N VAL C 1575 12.65 75.19 30.31
CA VAL C 1575 13.65 74.25 29.82
C VAL C 1575 12.96 72.89 29.69
N PHE C 1576 13.27 72.19 28.60
CA PHE C 1576 12.69 70.87 28.32
C PHE C 1576 13.77 69.92 27.91
N GLN C 1577 14.51 69.36 28.85
CA GLN C 1577 15.64 68.47 28.57
C GLN C 1577 15.31 67.10 27.98
N LYS C 1578 14.06 66.70 27.99
CA LYS C 1578 13.64 65.40 27.46
C LYS C 1578 13.58 65.47 25.97
N PHE C 1579 13.67 66.66 25.37
CA PHE C 1579 13.77 66.71 23.93
C PHE C 1579 15.03 65.96 23.48
N LEU C 1580 16.09 66.03 24.27
CA LEU C 1580 17.33 65.39 23.94
C LEU C 1580 17.54 64.02 24.56
N THR C 1581 17.06 63.80 25.78
CA THR C 1581 17.34 62.55 26.48
C THR C 1581 16.21 61.59 26.44
N GLY C 1582 15.00 62.07 26.23
CA GLY C 1582 13.83 61.23 26.37
C GLY C 1582 13.37 61.15 27.80
N HIS C 1583 12.40 60.28 28.04
CA HIS C 1583 11.74 60.18 29.33
C HIS C 1583 12.16 58.90 30.05
N PRO C 1584 12.98 58.96 31.09
CA PRO C 1584 13.13 57.80 31.98
C PRO C 1584 12.10 57.84 33.09
N LYS C 1585 11.31 56.82 33.15
CA LYS C 1585 10.19 56.78 34.06
C LYS C 1585 10.57 56.70 35.53
N GLY C 1586 11.27 57.69 36.04
CA GLY C 1586 11.71 57.72 37.42
C GLY C 1586 13.05 58.38 37.66
N ALA C 1587 13.92 58.39 36.66
CA ALA C 1587 15.13 59.19 36.70
C ALA C 1587 14.91 60.60 36.17
N ALA C 1588 13.70 60.90 35.69
CA ALA C 1588 13.44 62.16 35.01
C ALA C 1588 13.75 63.36 35.91
N GLY C 1589 13.21 63.35 37.12
CA GLY C 1589 13.45 64.46 38.03
C GLY C 1589 14.92 64.62 38.36
N ALA C 1590 15.65 63.52 38.51
CA ALA C 1590 17.07 63.59 38.84
C ALA C 1590 17.85 64.21 37.68
N TRP C 1591 17.53 63.85 36.47
CA TRP C 1591 18.19 64.44 35.33
C TRP C 1591 17.89 65.92 35.21
N MET C 1592 16.65 66.32 35.42
CA MET C 1592 16.30 67.73 35.39
C MET C 1592 16.97 68.50 36.51
N MET C 1593 17.14 67.88 37.68
CA MET C 1593 17.81 68.57 38.77
C MET C 1593 19.29 68.75 38.48
N ASN C 1594 19.94 67.74 37.91
CA ASN C 1594 21.33 67.91 37.50
C ASN C 1594 21.47 69.04 36.49
N GLY C 1595 20.59 69.11 35.53
CA GLY C 1595 20.63 70.19 34.59
C GLY C 1595 20.39 71.54 35.21
N ALA C 1596 19.47 71.63 36.14
CA ALA C 1596 19.20 72.86 36.84
C ALA C 1596 20.38 73.31 37.65
N LEU C 1597 21.12 72.40 38.26
CA LEU C 1597 22.34 72.80 38.95
C LEU C 1597 23.37 73.33 37.96
N GLN C 1598 23.51 72.67 36.80
CA GLN C 1598 24.47 73.14 35.81
C GLN C 1598 24.07 74.51 35.25
N ILE C 1599 22.75 74.73 35.09
CA ILE C 1599 22.29 76.06 34.69
C ILE C 1599 22.61 77.09 35.75
N LEU C 1600 22.35 76.78 37.01
CA LEU C 1600 22.62 77.70 38.11
C LEU C 1600 24.09 78.06 38.24
N ASN C 1601 24.98 77.15 37.89
CA ASN C 1601 26.40 77.45 38.02
C ASN C 1601 27.03 77.99 36.74
N SER C 1602 26.40 77.90 35.60
CA SER C 1602 26.95 78.39 34.35
C SER C 1602 26.32 79.66 33.86
N GLY C 1603 25.05 79.85 34.19
CA GLY C 1603 24.34 80.98 33.67
C GLY C 1603 23.80 80.71 32.29
N ILE C 1604 23.97 79.51 31.77
CA ILE C 1604 23.49 79.16 30.45
C ILE C 1604 22.16 78.44 30.52
N ILE C 1605 21.20 78.88 29.74
CA ILE C 1605 19.89 78.25 29.66
C ILE C 1605 19.83 77.51 28.32
N PRO C 1606 19.82 76.19 28.31
CA PRO C 1606 19.75 75.48 27.03
C PRO C 1606 18.40 75.69 26.36
N GLY C 1607 18.42 75.68 25.03
CA GLY C 1607 17.22 75.83 24.23
C GLY C 1607 16.69 74.48 23.77
N ASN C 1608 15.38 74.42 23.57
CA ASN C 1608 14.72 73.22 23.07
C ASN C 1608 14.90 73.20 21.56
N ARG C 1609 15.88 72.45 21.08
CA ARG C 1609 16.20 72.44 19.63
C ARG C 1609 15.19 71.68 18.78
N ASN C 1610 14.19 71.05 19.37
CA ASN C 1610 13.12 70.40 18.65
C ASN C 1610 11.86 71.24 18.78
N ALA C 1611 11.96 72.44 19.35
CA ALA C 1611 10.82 73.36 19.40
C ALA C 1611 10.72 74.05 18.05
N ASP C 1612 10.18 73.35 17.07
CA ASP C 1612 10.07 73.89 15.75
C ASP C 1612 8.92 74.87 15.64
N ASN C 1613 7.82 74.59 16.33
CA ASN C 1613 6.68 75.49 16.35
C ASN C 1613 5.94 75.31 17.66
N VAL C 1614 5.94 76.34 18.48
CA VAL C 1614 5.29 76.28 19.78
C VAL C 1614 3.78 76.24 19.58
N ASP C 1615 3.08 75.40 20.33
CA ASP C 1615 1.64 75.27 20.20
C ASP C 1615 0.94 76.59 20.49
N LYS C 1616 0.08 77.01 19.58
CA LYS C 1616 -0.63 78.28 19.74
C LYS C 1616 -1.44 78.35 21.01
N ILE C 1617 -1.93 77.22 21.47
CA ILE C 1617 -2.69 77.18 22.70
C ILE C 1617 -1.87 77.69 23.88
N LEU C 1618 -0.56 77.62 23.80
CA LEU C 1618 0.28 78.00 24.93
C LEU C 1618 0.56 79.48 25.00
N GLU C 1619 0.24 80.24 23.95
CA GLU C 1619 0.37 81.69 23.98
C GLU C 1619 -0.45 82.33 25.10
N GLN C 1620 -1.54 81.69 25.52
CA GLN C 1620 -2.33 82.21 26.62
C GLN C 1620 -1.59 82.30 27.94
N PHE C 1621 -0.54 81.51 28.12
CA PHE C 1621 0.22 81.49 29.36
C PHE C 1621 1.33 82.50 29.26
N GLU C 1622 1.05 83.74 29.63
CA GLU C 1622 1.99 84.85 29.47
C GLU C 1622 3.19 84.83 30.36
N TYR C 1623 3.17 84.03 31.41
CA TYR C 1623 4.31 83.88 32.29
C TYR C 1623 5.23 82.72 31.90
N VAL C 1624 5.14 82.25 30.67
CA VAL C 1624 6.04 81.21 30.19
C VAL C 1624 6.61 81.56 28.82
N LEU C 1625 7.91 81.40 28.68
CA LEU C 1625 8.56 81.63 27.42
C LEU C 1625 9.22 80.34 27.01
N TYR C 1626 9.11 79.96 25.75
CA TYR C 1626 9.68 78.72 25.25
C TYR C 1626 10.82 78.90 24.21
N PRO C 1627 12.08 79.03 24.63
CA PRO C 1627 13.19 79.24 23.71
C PRO C 1627 13.51 77.98 22.91
N SER C 1628 14.17 78.15 21.76
CA SER C 1628 14.61 77.05 20.91
C SER C 1628 16.12 77.01 20.84
N LYS C 1629 16.78 78.04 21.32
CA LYS C 1629 18.23 78.15 21.24
C LYS C 1629 18.84 78.49 22.59
N THR C 1630 20.08 78.13 22.80
CA THR C 1630 20.70 78.40 24.07
C THR C 1630 20.93 79.87 24.33
N LEU C 1631 20.55 80.31 25.51
CA LEU C 1631 20.78 81.68 25.88
C LEU C 1631 21.83 81.77 26.95
N LYS C 1632 22.91 82.47 26.69
CA LYS C 1632 23.93 82.71 27.72
C LYS C 1632 23.58 84.00 28.46
N THR C 1633 22.98 83.88 29.62
CA THR C 1633 22.53 85.03 30.40
C THR C 1633 23.68 85.55 31.26
N ASP C 1634 23.38 86.54 32.06
CA ASP C 1634 24.38 87.09 32.98
C ASP C 1634 24.19 86.55 34.39
N GLY C 1635 23.31 85.59 34.57
CA GLY C 1635 23.12 84.95 35.85
C GLY C 1635 21.74 84.44 36.15
N VAL C 1636 21.64 83.20 36.64
CA VAL C 1636 20.35 82.66 37.10
C VAL C 1636 20.43 82.56 38.60
N ARG C 1637 19.36 82.89 39.28
CA ARG C 1637 19.38 82.86 40.72
C ARG C 1637 18.57 81.72 41.32
N ALA C 1638 17.53 81.24 40.64
CA ALA C 1638 16.81 80.09 41.14
C ALA C 1638 16.16 79.36 39.97
N VAL C 1639 16.00 78.04 40.12
CA VAL C 1639 15.41 77.20 39.11
C VAL C 1639 14.30 76.37 39.73
N SER C 1640 13.19 76.24 39.01
CA SER C 1640 12.07 75.42 39.45
C SER C 1640 12.05 74.11 38.68
N ILE C 1641 11.83 73.02 39.41
CA ILE C 1641 11.77 71.67 38.84
C ILE C 1641 10.42 71.09 39.21
N THR C 1642 9.65 70.67 38.20
CA THR C 1642 8.34 70.08 38.43
C THR C 1642 8.26 68.73 37.75
N SER C 1643 7.52 67.81 38.37
CA SER C 1643 7.33 66.46 37.86
C SER C 1643 5.88 66.06 38.05
N PHE C 1644 5.40 65.18 37.17
CA PHE C 1644 4.02 64.71 37.19
C PHE C 1644 4.04 63.22 36.86
N GLY C 1645 4.06 62.38 37.89
CA GLY C 1645 4.05 60.95 37.68
C GLY C 1645 2.66 60.36 37.67
N PHE C 1646 2.54 59.16 37.12
CA PHE C 1646 1.29 58.46 37.11
C PHE C 1646 0.85 58.17 38.51
N GLY C 1647 -0.44 58.20 38.75
CA GLY C 1647 -0.97 58.01 40.08
C GLY C 1647 -1.12 59.28 40.88
N GLN C 1648 -1.27 60.42 40.20
CA GLN C 1648 -1.43 61.72 40.87
C GLN C 1648 -0.21 62.08 41.69
N LYS C 1649 0.97 61.87 41.12
CA LYS C 1649 2.23 62.19 41.79
C LYS C 1649 2.79 63.47 41.19
N GLY C 1650 2.38 64.60 41.77
CA GLY C 1650 2.93 65.90 41.41
C GLY C 1650 4.01 66.29 42.41
N GLY C 1651 5.04 66.96 41.92
CA GLY C 1651 6.15 67.37 42.77
C GLY C 1651 6.83 68.59 42.22
N GLN C 1652 7.37 69.40 43.13
CA GLN C 1652 8.12 70.59 42.76
C GLN C 1652 9.31 70.75 43.69
N ALA C 1653 10.42 71.20 43.13
CA ALA C 1653 11.60 71.56 43.90
C ALA C 1653 12.11 72.92 43.41
N ILE C 1654 12.68 73.68 44.34
CA ILE C 1654 13.27 74.98 44.03
C ILE C 1654 14.74 74.91 44.41
N VAL C 1655 15.61 75.21 43.46
CA VAL C 1655 17.05 75.23 43.67
C VAL C 1655 17.52 76.66 43.53
N VAL C 1656 18.27 77.14 44.51
CA VAL C 1656 18.75 78.52 44.54
C VAL C 1656 20.26 78.50 44.31
N HIS C 1657 20.78 79.53 43.68
CA HIS C 1657 22.21 79.63 43.44
C HIS C 1657 22.98 79.49 44.72
N PRO C 1658 24.10 78.76 44.68
CA PRO C 1658 24.84 78.51 45.93
C PRO C 1658 25.45 79.75 46.57
N ASP C 1659 25.77 80.80 45.82
CA ASP C 1659 26.42 81.97 46.40
C ASP C 1659 25.54 82.75 47.36
N TYR C 1660 24.27 82.45 47.43
CA TYR C 1660 23.43 83.05 48.44
C TYR C 1660 23.62 82.42 49.81
N LEU C 1661 24.26 81.25 49.87
CA LEU C 1661 24.55 80.64 51.17
C LEU C 1661 25.64 81.40 51.91
N TYR C 1662 26.66 81.85 51.19
CA TYR C 1662 27.87 82.35 51.84
C TYR C 1662 27.68 83.71 52.49
N GLY C 1663 26.63 84.45 52.11
CA GLY C 1663 26.32 85.68 52.80
C GLY C 1663 25.88 85.50 54.23
N ALA C 1664 25.70 84.27 54.69
CA ALA C 1664 25.24 84.01 56.03
C ALA C 1664 26.36 83.64 56.97
N ILE C 1665 27.59 83.67 56.50
CA ILE C 1665 28.74 83.30 57.32
C ILE C 1665 29.76 84.44 57.30
N THR C 1666 30.73 84.34 58.19
CA THR C 1666 31.77 85.35 58.33
C THR C 1666 32.87 85.16 57.29
N GLU C 1667 33.71 86.18 57.15
CA GLU C 1667 34.78 86.13 56.16
C GLU C 1667 35.78 85.02 56.48
N ASP C 1668 36.14 84.86 57.74
CA ASP C 1668 37.13 83.84 58.11
C ASP C 1668 36.61 82.44 57.81
N ARG C 1669 35.35 82.17 58.13
CA ARG C 1669 34.76 80.88 57.81
C ARG C 1669 34.75 80.65 56.30
N TYR C 1670 34.39 81.66 55.53
CA TYR C 1670 34.39 81.54 54.08
C TYR C 1670 35.75 81.24 53.51
N ASN C 1671 36.79 81.87 54.05
CA ASN C 1671 38.12 81.66 53.54
C ASN C 1671 38.65 80.31 53.92
N GLU C 1672 38.31 79.85 55.08
CA GLU C 1672 38.70 78.52 55.50
C GLU C 1672 38.02 77.48 54.62
N TYR C 1673 36.75 77.67 54.34
CA TYR C 1673 36.02 76.76 53.45
C TYR C 1673 36.62 76.77 52.05
N VAL C 1674 36.99 77.92 51.53
CA VAL C 1674 37.47 78.01 50.18
C VAL C 1674 38.78 77.28 50.03
N ALA C 1675 39.64 77.38 51.02
CA ALA C 1675 40.89 76.67 50.99
C ALA C 1675 40.68 75.18 51.11
N LYS C 1676 39.78 74.75 51.98
CA LYS C 1676 39.47 73.34 52.10
C LYS C 1676 38.91 72.77 50.80
N VAL C 1677 38.10 73.52 50.09
CA VAL C 1677 37.50 73.02 48.87
C VAL C 1677 38.51 72.98 47.74
N SER C 1678 39.46 73.91 47.71
CA SER C 1678 40.51 73.87 46.72
C SER C 1678 41.40 72.65 46.88
N ALA C 1679 41.73 72.30 48.10
CA ALA C 1679 42.50 71.12 48.37
C ALA C 1679 41.73 69.88 47.94
N ARG C 1680 40.44 69.79 48.30
CA ARG C 1680 39.63 68.65 47.96
C ARG C 1680 39.48 68.52 46.45
N GLU C 1681 39.46 69.61 45.71
CA GLU C 1681 39.31 69.52 44.28
C GLU C 1681 40.55 69.00 43.60
N LYS C 1682 41.72 69.36 44.13
CA LYS C 1682 42.95 68.88 43.57
C LYS C 1682 43.10 67.39 43.78
N SER C 1683 42.68 66.90 44.92
CA SER C 1683 42.72 65.49 45.17
C SER C 1683 41.66 64.73 44.41
N ALA C 1684 40.47 65.30 44.25
CA ALA C 1684 39.46 64.67 43.43
C ALA C 1684 39.87 64.61 41.95
N TYR C 1685 40.65 65.56 41.46
CA TYR C 1685 41.11 65.50 40.09
C TYR C 1685 42.09 64.38 39.89
N LYS C 1686 42.99 64.23 40.84
CA LYS C 1686 43.94 63.14 40.78
C LYS C 1686 43.26 61.77 40.84
N PHE C 1687 42.29 61.58 41.72
CA PHE C 1687 41.57 60.34 41.79
C PHE C 1687 40.80 60.12 40.52
N PHE C 1688 40.13 61.14 40.01
CA PHE C 1688 39.29 60.92 38.83
C PHE C 1688 40.12 60.44 37.66
N HIS C 1689 41.27 61.08 37.40
CA HIS C 1689 42.02 60.69 36.21
C HIS C 1689 42.69 59.33 36.38
N ASN C 1690 43.24 59.01 37.54
CA ASN C 1690 43.77 57.70 37.76
C ASN C 1690 42.69 56.63 37.58
N GLY C 1691 41.52 56.84 38.19
CA GLY C 1691 40.45 55.87 38.04
C GLY C 1691 39.98 55.74 36.61
N MET C 1692 39.97 56.84 35.87
CA MET C 1692 39.52 56.79 34.48
C MET C 1692 40.46 55.95 33.63
N ILE C 1693 41.77 56.23 33.70
CA ILE C 1693 42.65 55.51 32.79
C ILE C 1693 42.86 54.06 33.24
N TYR C 1694 42.74 53.77 34.54
CA TYR C 1694 42.94 52.41 35.01
C TYR C 1694 41.64 51.67 35.32
N ASN C 1695 40.52 52.14 34.79
CA ASN C 1695 39.24 51.47 34.97
C ASN C 1695 38.95 51.09 36.42
N LYS C 1696 39.21 52.00 37.34
CA LYS C 1696 39.06 51.74 38.77
C LYS C 1696 38.40 52.92 39.46
N LEU C 1697 37.45 53.58 38.77
CA LEU C 1697 36.67 54.63 39.43
C LEU C 1697 35.80 54.04 40.53
N PHE C 1698 35.16 52.90 40.28
CA PHE C 1698 34.42 52.19 41.30
C PHE C 1698 35.32 51.18 41.95
N VAL C 1699 35.44 51.24 43.26
CA VAL C 1699 36.22 50.28 44.01
C VAL C 1699 35.36 49.75 45.14
N SER C 1700 35.05 48.47 45.12
CA SER C 1700 34.18 47.92 46.13
C SER C 1700 34.84 47.75 47.48
N LYS C 1701 34.05 47.86 48.53
CA LYS C 1701 34.54 47.67 49.89
C LYS C 1701 34.43 46.21 50.28
N GLU C 1702 35.55 45.64 50.71
CA GLU C 1702 35.57 44.26 51.17
C GLU C 1702 35.13 44.12 52.62
N HIS C 1703 35.41 45.12 53.46
CA HIS C 1703 35.08 45.09 54.86
C HIS C 1703 34.43 46.39 55.27
N ALA C 1704 33.64 46.36 56.33
CA ALA C 1704 33.08 47.56 56.88
C ALA C 1704 34.20 48.31 57.57
N PRO C 1705 33.95 49.54 58.00
CA PRO C 1705 34.98 50.28 58.76
C PRO C 1705 35.15 49.80 60.19
N TYR C 1706 34.34 48.85 60.63
CA TYR C 1706 34.49 48.28 61.92
C TYR C 1706 34.59 46.79 61.75
N THR C 1707 35.13 46.10 62.74
CA THR C 1707 35.18 44.66 62.72
C THR C 1707 33.88 44.13 63.28
N ASP C 1708 33.64 42.83 63.15
CA ASP C 1708 32.44 42.23 63.68
C ASP C 1708 32.45 42.21 65.20
N GLU C 1709 33.63 42.19 65.82
CA GLU C 1709 33.70 42.27 67.28
C GLU C 1709 33.40 43.67 67.79
N LEU C 1710 33.65 44.70 66.97
CA LEU C 1710 33.47 46.09 67.36
C LEU C 1710 32.17 46.68 66.82
N GLU C 1711 31.34 45.88 66.14
CA GLU C 1711 30.20 46.42 65.41
C GLU C 1711 29.16 47.03 66.36
N GLU C 1712 28.75 46.27 67.37
CA GLU C 1712 27.72 46.78 68.28
C GLU C 1712 28.21 47.98 69.07
N ASP C 1713 29.50 48.01 69.42
CA ASP C 1713 30.03 49.17 70.12
C ASP C 1713 29.96 50.42 69.26
N VAL C 1714 30.29 50.30 67.98
CA VAL C 1714 30.16 51.44 67.06
C VAL C 1714 28.69 51.85 66.96
N TYR C 1715 27.79 50.87 66.84
CA TYR C 1715 26.37 51.21 66.73
C TYR C 1715 25.85 51.93 67.96
N LEU C 1716 26.35 51.59 69.15
CA LEU C 1716 25.83 52.13 70.39
C LEU C 1716 26.58 53.35 70.88
N ASP C 1717 27.58 53.83 70.15
CA ASP C 1717 28.34 55.02 70.52
C ASP C 1717 28.12 56.12 69.50
N PRO C 1718 27.27 57.12 69.79
CA PRO C 1718 26.99 58.14 68.77
C PRO C 1718 28.20 58.99 68.41
N LEU C 1719 29.21 59.06 69.26
CA LEU C 1719 30.36 59.92 69.04
C LEU C 1719 31.52 59.18 68.43
N ALA C 1720 31.33 57.92 68.12
CA ALA C 1720 32.38 57.14 67.50
C ALA C 1720 32.72 57.60 66.06
N ARG C 1721 34.01 57.77 65.75
CA ARG C 1721 34.44 58.22 64.42
C ARG C 1721 35.61 57.41 63.92
N VAL C 1722 35.77 57.29 62.62
CA VAL C 1722 36.89 56.57 62.03
C VAL C 1722 38.13 57.46 62.07
N SER C 1723 39.30 56.81 62.08
CA SER C 1723 40.57 57.48 61.94
C SER C 1723 41.45 56.67 61.01
N LYS C 1724 42.43 57.33 60.41
CA LYS C 1724 43.36 56.65 59.52
C LYS C 1724 44.13 55.59 60.32
N ASP C 1725 44.17 54.37 59.78
CA ASP C 1725 44.81 53.26 60.46
C ASP C 1725 46.27 53.17 60.02
N LYS C 1727 49.03 51.61 59.70
CA LYS C 1727 49.36 50.29 59.17
C LYS C 1727 48.73 50.09 57.80
N SER C 1728 47.43 49.78 57.78
CA SER C 1728 46.74 49.56 56.51
C SER C 1728 46.59 50.86 55.73
N GLY C 1729 46.41 51.98 56.41
CA GLY C 1729 46.21 53.25 55.76
C GLY C 1729 44.78 53.56 55.36
N SER C 1730 43.82 52.74 55.76
CA SER C 1730 42.42 52.98 55.48
C SER C 1730 41.71 53.53 56.71
N LEU C 1731 40.46 53.92 56.53
CA LEU C 1731 39.68 54.49 57.61
C LEU C 1731 38.90 53.39 58.33
N THR C 1732 39.16 53.27 59.63
CA THR C 1732 38.51 52.27 60.44
C THR C 1732 38.23 52.79 61.81
N PHE C 1733 37.40 52.08 62.55
CA PHE C 1733 37.14 52.44 63.91
C PHE C 1733 38.15 51.77 64.81
N ASN C 1734 38.64 52.51 65.79
CA ASN C 1734 39.61 51.99 66.75
C ASN C 1734 38.95 51.91 68.12
N SER C 1735 39.23 50.81 68.82
CA SER C 1735 38.61 50.58 70.12
C SER C 1735 38.90 51.70 71.11
N LYS C 1736 40.03 52.39 70.95
CA LYS C 1736 40.36 53.47 71.87
C LYS C 1736 39.47 54.69 71.66
N ASN C 1737 38.74 54.74 70.57
CA ASN C 1737 37.92 55.89 70.24
C ASN C 1737 36.43 55.61 70.42
N ILE C 1738 36.08 54.56 71.13
CA ILE C 1738 34.69 54.17 71.31
C ILE C 1738 34.34 54.21 72.79
N GLN C 1739 33.29 54.94 73.13
CA GLN C 1739 32.87 55.12 74.52
C GLN C 1739 34.01 55.65 75.38
N SER C 1740 34.77 56.59 74.82
CA SER C 1740 35.90 57.21 75.51
C SER C 1740 35.54 58.63 75.92
N LYS C 1741 36.20 59.10 76.98
CA LYS C 1741 35.94 60.42 77.52
C LYS C 1741 36.45 61.53 76.60
N ASP C 1742 37.46 61.27 75.79
CA ASP C 1742 37.98 62.29 74.89
C ASP C 1742 36.93 62.68 73.84
N SER C 1743 36.10 61.74 73.41
CA SER C 1743 35.09 62.01 72.40
C SER C 1743 34.08 63.01 72.89
N TYR C 1744 33.85 63.03 74.19
CA TYR C 1744 32.88 63.94 74.78
C TYR C 1744 33.53 65.27 75.14
N SER D 5 133.90 -6.31 1.61
CA SER D 5 133.21 -7.56 1.26
C SER D 5 132.04 -7.80 2.20
N THR D 6 130.85 -7.37 1.77
CA THR D 6 129.63 -7.57 2.55
C THR D 6 128.48 -7.89 1.60
N ARG D 7 127.52 -8.68 2.11
CA ARG D 7 126.32 -9.03 1.38
C ARG D 7 125.11 -8.54 2.19
N PRO D 8 124.32 -7.61 1.65
CA PRO D 8 123.25 -7.03 2.46
C PRO D 8 122.22 -8.06 2.89
N LEU D 9 122.07 -8.22 4.19
CA LEU D 9 121.04 -9.05 4.79
C LEU D 9 119.82 -8.20 5.09
N THR D 10 118.72 -8.84 5.47
CA THR D 10 117.49 -8.12 5.76
C THR D 10 116.75 -8.80 6.90
N LEU D 11 116.61 -8.09 8.02
CA LEU D 11 115.68 -8.45 9.07
C LEU D 11 114.40 -7.64 8.87
N SER D 12 113.29 -8.34 8.64
CA SER D 12 112.08 -7.71 8.15
C SER D 12 110.89 -8.03 9.04
N HIS D 13 109.97 -7.07 9.13
CA HIS D 13 108.69 -7.27 9.81
C HIS D 13 107.71 -6.27 9.22
N GLY D 14 106.86 -6.76 8.31
CA GLY D 14 105.87 -5.87 7.70
C GLY D 14 106.52 -4.69 7.03
N SER D 15 105.91 -3.51 7.20
CA SER D 15 106.45 -2.27 6.65
C SER D 15 107.53 -1.71 7.58
N LEU D 16 108.52 -2.56 7.86
CA LEU D 16 109.56 -2.23 8.82
C LEU D 16 110.70 -3.21 8.60
N GLU D 17 111.90 -2.70 8.30
CA GLU D 17 113.01 -3.56 7.96
C GLU D 17 114.32 -2.85 8.27
N HIS D 18 115.38 -3.64 8.38
CA HIS D 18 116.73 -3.13 8.60
C HIS D 18 117.72 -4.14 8.04
N VAL D 19 118.77 -3.63 7.40
CA VAL D 19 119.73 -4.47 6.68
C VAL D 19 121.05 -4.48 7.45
N LEU D 20 121.56 -5.68 7.73
CA LEU D 20 122.86 -5.86 8.35
C LEU D 20 123.87 -6.18 7.26
N LEU D 21 124.93 -5.39 7.17
CA LEU D 21 125.98 -5.60 6.18
C LEU D 21 126.98 -6.59 6.76
N VAL D 22 126.59 -7.87 6.74
CA VAL D 22 127.43 -8.94 7.28
C VAL D 22 128.61 -9.16 6.36
N PRO D 23 129.81 -9.43 6.87
CA PRO D 23 130.92 -9.77 5.99
C PRO D 23 130.63 -11.05 5.21
N THR D 24 131.17 -11.12 3.99
CA THR D 24 130.86 -12.25 3.12
C THR D 24 131.26 -13.59 3.71
N ALA D 25 132.18 -13.60 4.68
CA ALA D 25 132.63 -14.86 5.25
C ALA D 25 131.50 -15.57 6.00
N SER D 26 130.70 -14.80 6.76
CA SER D 26 129.70 -15.38 7.66
C SER D 26 128.28 -15.11 7.20
N PHE D 27 128.09 -14.81 5.91
CA PHE D 27 126.75 -14.51 5.41
C PHE D 27 125.83 -15.74 5.54
N PHE D 28 126.39 -16.94 5.35
CA PHE D 28 125.59 -18.15 5.48
C PHE D 28 125.06 -18.33 6.89
N ILE D 29 125.92 -18.12 7.90
CA ILE D 29 125.47 -18.23 9.28
C ILE D 29 124.45 -17.15 9.60
N ALA D 30 124.71 -15.93 9.12
CA ALA D 30 123.77 -14.84 9.36
C ALA D 30 122.40 -15.17 8.77
N SER D 31 122.38 -15.71 7.55
CA SER D 31 121.12 -16.07 6.91
C SER D 31 120.42 -17.22 7.63
N GLN D 32 121.17 -18.20 8.13
CA GLN D 32 120.56 -19.29 8.87
C GLN D 32 119.86 -18.75 10.12
N LEU D 33 120.57 -17.94 10.92
CA LEU D 33 119.96 -17.36 12.11
C LEU D 33 118.80 -16.44 11.74
N GLN D 34 118.90 -15.75 10.61
CA GLN D 34 117.80 -14.88 10.18
C GLN D 34 116.57 -15.69 9.82
N GLU D 35 116.74 -16.84 9.16
CA GLU D 35 115.59 -17.69 8.85
C GLU D 35 114.94 -18.20 10.11
N GLN D 36 115.75 -18.64 11.08
CA GLN D 36 115.18 -19.08 12.35
C GLN D 36 114.43 -17.93 13.04
N PHE D 37 115.02 -16.73 13.06
CA PHE D 37 114.36 -15.58 13.67
C PHE D 37 113.07 -15.23 12.94
N ASN D 38 113.05 -15.36 11.62
CA ASN D 38 111.82 -15.19 10.86
C ASN D 38 110.76 -16.16 11.33
N LYS D 39 111.16 -17.40 11.63
CA LYS D 39 110.22 -18.32 12.26
C LYS D 39 109.74 -17.78 13.60
N ILE D 40 110.66 -17.25 14.41
CA ILE D 40 110.29 -16.81 15.76
C ILE D 40 109.47 -15.54 15.71
N LEU D 41 109.89 -14.56 14.91
CA LEU D 41 109.23 -13.26 14.89
C LEU D 41 107.78 -13.41 14.42
N PRO D 42 106.80 -13.21 15.29
CA PRO D 42 105.41 -13.49 14.90
C PRO D 42 104.94 -12.57 13.78
N GLU D 43 103.93 -13.04 13.05
CA GLU D 43 103.40 -12.33 11.89
C GLU D 43 102.90 -10.94 12.29
N PRO D 44 103.02 -9.95 11.41
CA PRO D 44 102.71 -8.57 11.80
C PRO D 44 101.21 -8.27 11.78
N THR D 45 100.89 -7.08 12.27
CA THR D 45 99.52 -6.56 12.28
C THR D 45 99.59 -5.06 11.98
N GLU D 46 98.42 -4.42 11.95
CA GLU D 46 98.34 -3.00 11.63
C GLU D 46 98.95 -2.19 12.78
N GLY D 47 100.13 -1.63 12.54
CA GLY D 47 100.85 -0.86 13.54
C GLY D 47 101.71 -1.69 14.46
N PHE D 48 101.68 -3.01 14.33
CA PHE D 48 102.46 -3.91 15.18
C PHE D 48 102.10 -3.73 16.65
N ALA D 49 100.86 -3.32 16.92
CA ALA D 49 100.41 -3.04 18.28
C ALA D 49 99.88 -4.29 18.97
N ALA D 50 100.68 -5.34 18.99
CA ALA D 50 100.35 -6.57 19.70
C ALA D 50 101.60 -7.06 20.43
N ASP D 51 101.38 -7.92 21.41
CA ASP D 51 102.48 -8.40 22.23
C ASP D 51 103.48 -9.20 21.38
N ASP D 52 104.76 -9.01 21.68
CA ASP D 52 105.85 -9.78 21.10
C ASP D 52 106.16 -9.42 19.65
N GLU D 53 105.93 -8.19 19.23
CA GLU D 53 106.32 -7.75 17.90
C GLU D 53 106.92 -6.36 17.97
N PRO D 54 107.94 -6.07 17.16
CA PRO D 54 108.57 -4.75 17.20
C PRO D 54 107.65 -3.67 16.64
N THR D 55 107.91 -2.43 17.07
CA THR D 55 107.28 -1.26 16.52
C THR D 55 108.27 -0.32 15.85
N THR D 56 109.56 -0.62 15.93
CA THR D 56 110.62 0.23 15.39
C THR D 56 111.77 -0.67 14.99
N PRO D 57 112.53 -0.30 13.94
CA PRO D 57 113.65 -1.15 13.54
C PRO D 57 114.63 -1.45 14.66
N ALA D 58 114.90 -0.48 15.54
CA ALA D 58 115.76 -0.73 16.67
C ALA D 58 115.22 -1.87 17.53
N GLU D 59 113.90 -1.89 17.75
CA GLU D 59 113.31 -2.96 18.54
C GLU D 59 113.55 -4.32 17.89
N LEU D 60 113.39 -4.38 16.57
CA LEU D 60 113.55 -5.66 15.87
C LEU D 60 114.99 -6.12 15.88
N VAL D 61 115.94 -5.20 15.69
CA VAL D 61 117.35 -5.58 15.75
C VAL D 61 117.72 -6.03 17.16
N GLY D 62 117.15 -5.40 18.18
CA GLY D 62 117.39 -5.85 19.54
C GLY D 62 116.78 -7.21 19.80
N LYS D 63 115.61 -7.47 19.22
CA LYS D 63 115.00 -8.79 19.35
C LYS D 63 115.88 -9.87 18.71
N PHE D 64 116.43 -9.58 17.54
CA PHE D 64 117.39 -10.51 16.93
C PHE D 64 118.64 -10.66 17.80
N LEU D 65 119.11 -9.56 18.39
CA LEU D 65 120.24 -9.64 19.32
C LEU D 65 119.95 -10.61 20.44
N GLY D 66 118.76 -10.50 21.05
CA GLY D 66 118.39 -11.41 22.11
C GLY D 66 118.30 -12.84 21.64
N TYR D 67 117.72 -13.05 20.44
CA TYR D 67 117.58 -14.40 19.93
C TYR D 67 118.95 -15.05 19.76
N VAL D 68 119.90 -14.32 19.16
CA VAL D 68 121.24 -14.87 18.97
C VAL D 68 121.95 -15.05 20.30
N SER D 69 121.74 -14.14 21.25
CA SER D 69 122.38 -14.26 22.55
C SER D 69 121.89 -15.50 23.28
N SER D 70 120.63 -15.87 23.09
CA SER D 70 120.12 -17.10 23.69
C SER D 70 120.85 -18.32 23.14
N LEU D 71 121.10 -18.36 21.83
CA LEU D 71 121.79 -19.50 21.23
C LEU D 71 123.23 -19.58 21.66
N VAL D 72 123.93 -18.44 21.77
CA VAL D 72 125.31 -18.46 22.23
C VAL D 72 125.36 -18.97 23.66
N GLU D 73 126.49 -19.62 24.00
CA GLU D 73 126.69 -20.18 25.32
C GLU D 73 127.96 -19.56 25.90
N PRO D 74 127.88 -18.84 27.02
CA PRO D 74 129.10 -18.26 27.60
C PRO D 74 130.10 -19.35 27.96
N SER D 75 131.38 -19.01 27.80
CA SER D 75 132.49 -19.95 27.91
C SER D 75 132.82 -20.53 26.53
N LYS D 76 133.34 -21.74 26.50
CA LYS D 76 133.72 -22.37 25.23
C LYS D 76 132.54 -22.38 24.27
N VAL D 77 132.66 -21.64 23.18
CA VAL D 77 131.60 -21.53 22.18
C VAL D 77 132.21 -21.00 20.90
N GLY D 78 131.75 -21.54 19.77
CA GLY D 78 132.20 -21.07 18.46
C GLY D 78 131.07 -20.78 17.51
N GLN D 79 129.88 -21.27 17.83
CA GLN D 79 128.77 -21.28 16.87
C GLN D 79 128.40 -19.87 16.38
N PHE D 80 127.93 -19.02 17.29
CA PHE D 80 127.34 -17.74 16.89
C PHE D 80 127.95 -16.54 17.61
N ASP D 81 129.20 -16.64 18.07
CA ASP D 81 129.84 -15.49 18.70
C ASP D 81 130.09 -14.38 17.69
N GLN D 82 130.59 -14.74 16.51
CA GLN D 82 130.97 -13.73 15.52
C GLN D 82 129.75 -12.94 15.04
N VAL D 83 128.67 -13.65 14.71
CA VAL D 83 127.47 -12.95 14.24
C VAL D 83 126.92 -12.06 15.36
N LEU D 84 126.95 -12.55 16.59
CA LEU D 84 126.50 -11.75 17.72
C LEU D 84 127.29 -10.45 17.81
N ASN D 85 128.61 -10.55 17.74
CA ASN D 85 129.45 -9.36 17.86
C ASN D 85 129.20 -8.39 16.70
N LEU D 86 129.04 -8.93 15.49
CA LEU D 86 128.79 -8.08 14.34
C LEU D 86 127.49 -7.30 14.49
N CYS D 87 126.41 -8.00 14.85
CA CYS D 87 125.13 -7.32 15.00
C CYS D 87 125.14 -6.38 16.20
N LEU D 88 125.93 -6.70 17.23
CA LEU D 88 126.06 -5.80 18.37
C LEU D 88 126.71 -4.49 17.96
N THR D 89 127.81 -4.58 17.22
CA THR D 89 128.46 -3.35 16.73
C THR D 89 127.54 -2.59 15.79
N GLU D 90 126.80 -3.31 14.93
CA GLU D 90 125.86 -2.65 14.04
C GLU D 90 124.80 -1.90 14.82
N PHE D 91 124.24 -2.52 15.86
CA PHE D 91 123.23 -1.88 16.68
C PHE D 91 123.80 -0.66 17.38
N GLU D 92 124.99 -0.79 17.96
CA GLU D 92 125.59 0.35 18.66
C GLU D 92 125.85 1.51 17.71
N ASN D 93 126.31 1.22 16.50
CA ASN D 93 126.65 2.29 15.56
C ASN D 93 125.39 2.92 14.96
N CYS D 94 124.33 2.16 14.77
CA CYS D 94 123.16 2.66 14.06
C CYS D 94 122.07 3.20 14.97
N TYR D 95 122.06 2.83 16.25
CA TYR D 95 120.95 3.22 17.11
C TYR D 95 121.40 3.90 18.40
N LEU D 96 122.49 3.45 19.01
CA LEU D 96 122.91 3.96 20.31
C LEU D 96 123.87 5.14 20.21
N GLU D 97 124.25 5.54 19.00
CA GLU D 97 125.32 6.52 18.83
C GLU D 97 126.44 6.22 19.81
N GLY D 98 126.80 7.19 20.65
CA GLY D 98 127.74 6.95 21.73
C GLY D 98 127.05 6.97 23.08
N ASN D 99 125.71 6.96 23.07
CA ASN D 99 124.93 7.11 24.29
C ASN D 99 124.66 5.76 24.94
N ASP D 100 123.79 5.72 25.94
CA ASP D 100 123.48 4.50 26.64
C ASP D 100 122.18 3.90 26.14
N ILE D 101 121.91 2.67 26.56
CA ILE D 101 120.70 1.98 26.11
C ILE D 101 119.45 2.66 26.65
N HIS D 102 119.50 3.16 27.88
CA HIS D 102 118.32 3.80 28.45
C HIS D 102 117.98 5.10 27.72
N ALA D 103 118.98 5.80 27.18
CA ALA D 103 118.70 6.97 26.36
C ALA D 103 117.90 6.58 25.11
N LEU D 104 118.30 5.48 24.48
CA LEU D 104 117.54 4.98 23.33
C LEU D 104 116.14 4.56 23.75
N ALA D 105 116.02 3.93 24.91
CA ALA D 105 114.70 3.53 25.40
C ALA D 105 113.79 4.74 25.60
N ALA D 106 114.32 5.80 26.21
CA ALA D 106 113.53 7.01 26.39
C ALA D 106 113.17 7.64 25.06
N LYS D 107 114.12 7.65 24.11
CA LYS D 107 113.84 8.20 22.79
C LYS D 107 112.70 7.45 22.11
N LEU D 108 112.74 6.12 22.14
CA LEU D 108 111.70 5.33 21.50
C LEU D 108 110.38 5.42 22.25
N LEU D 109 110.43 5.69 23.55
CA LEU D 109 109.20 5.87 24.31
C LEU D 109 108.55 7.21 24.05
N GLN D 110 109.34 8.24 23.74
CA GLN D 110 108.82 9.59 23.57
C GLN D 110 108.55 9.95 22.13
N GLU D 111 109.56 9.88 21.25
CA GLU D 111 109.42 10.33 19.88
C GLU D 111 108.76 9.29 18.98
N ASN D 112 108.62 8.04 19.43
CA ASN D 112 108.01 7.00 18.62
C ASN D 112 106.84 6.38 19.37
N ASP D 113 106.27 5.29 18.81
CA ASP D 113 105.13 4.59 19.39
C ASP D 113 105.61 3.22 19.86
N THR D 114 106.10 3.17 21.10
CA THR D 114 106.54 1.92 21.71
C THR D 114 106.07 1.89 23.15
N THR D 115 105.60 0.72 23.59
CA THR D 115 105.15 0.57 24.97
C THR D 115 106.34 0.47 25.91
N LEU D 116 106.05 0.62 27.21
CA LEU D 116 107.11 0.51 28.20
C LEU D 116 107.66 -0.91 28.27
N VAL D 117 106.79 -1.91 28.06
CA VAL D 117 107.21 -3.30 28.14
C VAL D 117 108.18 -3.62 27.01
N LYS D 118 107.89 -3.16 25.80
CA LYS D 118 108.76 -3.45 24.66
C LYS D 118 110.13 -2.81 24.85
N THR D 119 110.17 -1.57 25.34
CA THR D 119 111.47 -0.92 25.54
C THR D 119 112.25 -1.57 26.68
N LYS D 120 111.56 -2.00 27.75
CA LYS D 120 112.25 -2.77 28.78
C LYS D 120 112.83 -4.05 28.18
N GLU D 121 112.08 -4.70 27.29
CA GLU D 121 112.58 -5.90 26.63
C GLU D 121 113.81 -5.59 25.79
N LEU D 122 113.80 -4.44 25.11
CA LEU D 122 114.95 -4.03 24.31
C LEU D 122 116.18 -3.83 25.19
N ILE D 123 116.01 -3.16 26.33
CA ILE D 123 117.12 -2.96 27.26
C ILE D 123 117.65 -4.32 27.72
N LYS D 124 116.73 -5.21 28.09
CA LYS D 124 117.12 -6.53 28.55
C LYS D 124 117.92 -7.27 27.48
N ASN D 125 117.45 -7.22 26.23
CA ASN D 125 118.13 -7.91 25.15
C ASN D 125 119.53 -7.33 24.94
N TYR D 126 119.64 -6.00 24.89
CA TYR D 126 120.94 -5.39 24.64
C TYR D 126 121.94 -5.77 25.73
N ILE D 127 121.52 -5.69 27.00
CA ILE D 127 122.46 -5.95 28.09
C ILE D 127 122.82 -7.43 28.14
N THR D 128 121.84 -8.31 27.90
CA THR D 128 122.11 -9.74 27.88
C THR D 128 123.09 -10.08 26.76
N ALA D 129 122.91 -9.50 25.58
CA ALA D 129 123.83 -9.76 24.48
C ALA D 129 125.22 -9.21 24.80
N ARG D 130 125.30 -8.04 25.42
CA ARG D 130 126.60 -7.48 25.77
C ARG D 130 127.35 -8.42 26.71
N ILE D 131 126.67 -8.94 27.74
CA ILE D 131 127.38 -9.82 28.67
C ILE D 131 127.67 -11.18 28.03
N MET D 132 126.76 -11.69 27.20
CA MET D 132 126.98 -12.99 26.57
C MET D 132 128.20 -12.96 25.67
N ALA D 133 128.39 -11.86 24.93
CA ALA D 133 129.52 -11.72 24.04
C ALA D 133 130.83 -11.43 24.77
N LYS D 134 130.86 -11.55 26.09
CA LYS D 134 132.05 -11.21 26.88
C LYS D 134 132.46 -9.75 26.64
N ARG D 135 131.47 -8.87 26.56
CA ARG D 135 131.70 -7.43 26.44
C ARG D 135 131.23 -6.75 27.70
N PRO D 136 131.94 -6.91 28.82
CA PRO D 136 131.46 -6.35 30.09
C PRO D 136 131.42 -4.82 30.04
N PHE D 137 130.57 -4.24 30.87
CA PHE D 137 130.49 -2.79 31.01
C PHE D 137 131.64 -2.30 31.91
N ASP D 138 132.86 -2.66 31.51
CA ASP D 138 134.05 -2.42 32.30
C ASP D 138 134.73 -1.10 31.97
N LYS D 139 134.14 -0.31 31.07
CA LYS D 139 134.67 1.01 30.72
C LYS D 139 133.83 2.08 31.40
N LYS D 140 134.50 2.98 32.13
CA LYS D 140 133.77 4.03 32.84
C LYS D 140 132.96 4.86 31.86
N SER D 141 131.76 5.24 32.29
CA SER D 141 130.82 5.92 31.42
C SER D 141 131.26 7.35 31.14
N ASN D 142 130.57 7.99 30.20
CA ASN D 142 130.72 9.41 29.93
C ASN D 142 129.47 10.18 30.34
N SER D 143 128.77 9.70 31.37
CA SER D 143 127.55 10.34 31.83
C SER D 143 127.81 11.81 32.14
N ALA D 144 126.93 12.67 31.64
CA ALA D 144 127.08 14.10 31.88
C ALA D 144 127.00 14.41 33.36
N LEU D 145 126.12 13.73 34.09
CA LEU D 145 125.96 13.99 35.52
C LEU D 145 127.26 13.73 36.27
N PHE D 146 127.89 12.59 36.02
CA PHE D 146 129.08 12.22 36.77
C PHE D 146 130.33 12.92 36.26
N ARG D 147 130.31 13.44 35.02
CA ARG D 147 131.36 14.34 34.59
C ARG D 147 131.23 15.70 35.30
N ALA D 148 130.01 16.20 35.43
CA ALA D 148 129.78 17.43 36.16
C ALA D 148 130.20 17.28 37.62
N VAL D 149 129.88 16.14 38.24
CA VAL D 149 130.31 15.89 39.60
C VAL D 149 131.84 15.94 39.68
N GLY D 150 132.50 15.32 38.71
CA GLY D 150 133.96 15.32 38.73
C GLY D 150 134.55 16.71 38.63
N GLU D 151 134.00 17.55 37.74
CA GLU D 151 134.52 18.89 37.60
C GLU D 151 133.98 19.87 38.64
N GLY D 152 133.06 19.42 39.50
CA GLY D 152 132.57 20.25 40.59
C GLY D 152 131.27 20.99 40.30
N ASN D 153 130.62 20.72 39.17
CA ASN D 153 129.40 21.42 38.81
C ASN D 153 128.15 20.77 39.36
N ALA D 154 128.27 19.69 40.13
CA ALA D 154 127.11 19.01 40.69
C ALA D 154 127.49 18.32 41.98
N GLN D 155 126.53 18.23 42.89
CA GLN D 155 126.68 17.51 44.14
C GLN D 155 125.52 16.52 44.26
N LEU D 156 125.84 15.26 44.57
CA LEU D 156 124.87 14.19 44.58
C LEU D 156 124.66 13.68 46.01
N VAL D 157 123.40 13.50 46.38
CA VAL D 157 123.03 12.84 47.62
C VAL D 157 122.09 11.71 47.27
N ALA D 158 122.35 10.53 47.81
CA ALA D 158 121.52 9.36 47.56
C ALA D 158 120.52 9.18 48.70
N ILE D 159 119.26 9.00 48.35
CA ILE D 159 118.19 8.77 49.31
C ILE D 159 117.54 7.42 49.03
N PHE D 160 117.09 6.75 50.08
CA PHE D 160 116.51 5.42 49.97
C PHE D 160 115.15 5.41 50.67
N GLY D 161 114.16 4.83 50.01
CA GLY D 161 112.81 4.80 50.52
C GLY D 161 112.59 3.69 51.52
N GLY D 162 111.35 3.55 51.95
CA GLY D 162 110.96 2.54 52.92
C GLY D 162 109.59 1.99 52.62
N GLN D 163 108.80 1.76 53.66
CA GLN D 163 107.48 1.19 53.50
C GLN D 163 106.45 2.27 53.20
N GLY D 164 105.32 1.84 52.65
CA GLY D 164 104.18 2.70 52.42
C GLY D 164 104.13 3.40 51.08
N ASN D 165 105.17 3.25 50.25
CA ASN D 165 105.19 3.95 48.98
C ASN D 165 104.34 3.27 47.92
N THR D 166 104.25 1.94 47.94
CA THR D 166 103.53 1.22 46.89
C THR D 166 102.85 0.01 47.50
N ASP D 167 101.88 -0.53 46.76
CA ASP D 167 101.17 -1.72 47.21
C ASP D 167 101.80 -3.00 46.69
N ASP D 168 102.54 -2.93 45.57
CA ASP D 168 103.20 -4.10 44.98
C ASP D 168 104.66 -3.75 44.70
N TYR D 169 105.51 -3.90 45.72
CA TYR D 169 106.95 -3.75 45.54
C TYR D 169 107.57 -4.98 44.90
N PHE D 170 107.01 -6.17 45.16
CA PHE D 170 107.54 -7.38 44.55
C PHE D 170 107.42 -7.34 43.04
N GLU D 171 106.54 -6.52 42.50
CA GLU D 171 106.50 -6.35 41.07
C GLU D 171 107.76 -5.61 40.66
N GLU D 172 108.19 -4.61 41.44
CA GLU D 172 109.45 -3.94 41.16
C GLU D 172 110.62 -4.91 41.21
N LEU D 173 110.62 -5.82 42.19
CA LEU D 173 111.67 -6.84 42.23
C LEU D 173 111.62 -7.75 41.01
N ARG D 174 110.43 -8.12 40.55
CA ARG D 174 110.34 -8.93 39.36
C ARG D 174 110.85 -8.19 38.15
N ASP D 175 110.55 -6.89 38.04
CA ASP D 175 111.09 -6.12 36.93
C ASP D 175 112.61 -6.12 36.98
N LEU D 176 113.18 -5.94 38.17
CA LEU D 176 114.64 -5.99 38.30
C LEU D 176 115.19 -7.35 37.88
N TYR D 177 114.55 -8.42 38.31
CA TYR D 177 115.05 -9.77 38.03
C TYR D 177 114.95 -10.12 36.55
N GLN D 178 113.91 -9.63 35.88
CA GLN D 178 113.73 -9.92 34.45
C GLN D 178 114.59 -9.03 33.57
N THR D 179 114.48 -7.71 33.72
CA THR D 179 115.16 -6.81 32.81
C THR D 179 116.68 -6.91 32.96
N TYR D 180 117.19 -6.83 34.19
CA TYR D 180 118.61 -6.78 34.45
C TYR D 180 119.10 -8.06 35.12
N HIS D 181 118.57 -9.20 34.69
CA HIS D 181 118.96 -10.47 35.31
C HIS D 181 120.47 -10.64 35.32
N VAL D 182 121.15 -10.22 34.27
CA VAL D 182 122.58 -10.48 34.15
C VAL D 182 123.41 -9.66 35.12
N LEU D 183 122.89 -8.55 35.64
CA LEU D 183 123.62 -7.69 36.55
C LEU D 183 123.31 -7.99 38.02
N VAL D 184 122.05 -8.25 38.35
CA VAL D 184 121.60 -8.40 39.73
C VAL D 184 121.17 -9.82 40.05
N GLY D 185 121.32 -10.76 39.13
CA GLY D 185 120.92 -12.13 39.42
C GLY D 185 121.75 -12.76 40.52
N ASP D 186 123.07 -12.56 40.46
CA ASP D 186 123.93 -13.07 41.53
C ASP D 186 123.60 -12.42 42.86
N LEU D 187 123.33 -11.12 42.85
CA LEU D 187 122.98 -10.43 44.09
C LEU D 187 121.70 -11.00 44.69
N ILE D 188 120.68 -11.20 43.85
CA ILE D 188 119.41 -11.71 44.37
C ILE D 188 119.55 -13.16 44.82
N LYS D 189 120.35 -13.96 44.11
CA LYS D 189 120.60 -15.33 44.55
C LYS D 189 121.28 -15.33 45.92
N PHE D 190 122.28 -14.48 46.09
CA PHE D 190 122.98 -14.38 47.37
C PHE D 190 122.02 -13.94 48.47
N SER D 191 121.15 -12.97 48.17
CA SER D 191 120.20 -12.49 49.16
C SER D 191 119.22 -13.59 49.56
N ALA D 192 118.72 -14.36 48.58
CA ALA D 192 117.81 -15.45 48.88
C ALA D 192 118.49 -16.50 49.75
N GLU D 193 119.72 -16.86 49.40
CA GLU D 193 120.45 -17.83 50.21
C GLU D 193 120.65 -17.32 51.64
N THR D 194 121.03 -16.05 51.77
CA THR D 194 121.26 -15.47 53.09
C THR D 194 119.99 -15.47 53.92
N LEU D 195 118.86 -15.10 53.32
CA LEU D 195 117.61 -15.05 54.07
C LEU D 195 117.15 -16.44 54.46
N SER D 196 117.32 -17.42 53.56
CA SER D 196 116.98 -18.80 53.92
C SER D 196 117.84 -19.28 55.08
N GLU D 197 119.13 -18.97 55.05
CA GLU D 197 120.01 -19.37 56.15
C GLU D 197 119.59 -18.68 57.45
N LEU D 198 119.26 -17.39 57.38
CA LEU D 198 118.87 -16.66 58.58
C LEU D 198 117.60 -17.25 59.18
N ILE D 199 116.65 -17.63 58.33
CA ILE D 199 115.45 -18.30 58.81
C ILE D 199 115.80 -19.64 59.43
N ARG D 200 116.69 -20.40 58.79
CA ARG D 200 117.02 -21.74 59.22
C ARG D 200 117.89 -21.76 60.47
N THR D 201 118.39 -20.59 60.88
CA THR D 201 119.25 -20.53 62.06
C THR D 201 118.69 -19.64 63.17
N THR D 202 117.46 -19.15 63.05
CA THR D 202 116.84 -18.34 64.09
C THR D 202 115.73 -19.19 64.73
N LEU D 203 115.64 -19.14 66.06
CA LEU D 203 114.91 -20.13 66.84
C LEU D 203 113.54 -20.47 66.27
N ASP D 204 112.63 -19.50 66.24
CA ASP D 204 111.26 -19.72 65.78
C ASP D 204 110.90 -18.82 64.60
N ALA D 205 111.89 -18.48 63.77
CA ALA D 205 111.62 -17.61 62.64
C ALA D 205 110.63 -18.26 61.67
N GLU D 206 110.64 -19.59 61.58
CA GLU D 206 109.77 -20.27 60.62
C GLU D 206 108.29 -20.04 60.92
N LYS D 207 107.96 -19.57 62.14
CA LYS D 207 106.56 -19.32 62.46
C LYS D 207 106.06 -18.05 61.77
N VAL D 208 106.87 -16.99 61.76
CA VAL D 208 106.45 -15.76 61.10
C VAL D 208 106.40 -15.97 59.58
N PHE D 209 107.29 -16.82 59.06
CA PHE D 209 107.32 -17.13 57.63
C PHE D 209 106.45 -18.36 57.37
N THR D 210 105.14 -18.16 57.47
CA THR D 210 104.20 -19.27 57.36
C THR D 210 104.28 -19.93 55.99
N GLN D 211 104.41 -19.12 54.93
CA GLN D 211 104.51 -19.62 53.57
C GLN D 211 105.93 -19.60 53.04
N GLY D 212 106.92 -19.57 53.94
CA GLY D 212 108.31 -19.62 53.53
C GLY D 212 108.80 -18.29 52.98
N LEU D 213 110.07 -18.30 52.58
CA LEU D 213 110.74 -17.15 51.99
C LEU D 213 111.53 -17.56 50.77
N ASN D 214 110.90 -18.35 49.89
CA ASN D 214 111.55 -18.86 48.69
C ASN D 214 111.43 -17.82 47.58
N ILE D 215 112.35 -16.85 47.60
CA ILE D 215 112.25 -15.71 46.70
C ILE D 215 112.48 -16.14 45.25
N LEU D 216 113.53 -16.94 45.02
CA LEU D 216 113.86 -17.31 43.64
C LEU D 216 112.73 -18.10 43.01
N GLU D 217 112.07 -18.97 43.77
CA GLU D 217 110.94 -19.72 43.23
C GLU D 217 109.79 -18.80 42.85
N TRP D 218 109.51 -17.80 43.68
CA TRP D 218 108.47 -16.83 43.33
C TRP D 218 108.85 -16.06 42.07
N LEU D 219 110.13 -15.72 41.92
CA LEU D 219 110.55 -14.95 40.76
C LEU D 219 110.48 -15.76 39.48
N GLU D 220 110.91 -17.03 39.52
CA GLU D 220 110.87 -17.87 38.33
C GLU D 220 109.45 -18.37 38.05
N ASN D 221 108.67 -18.61 39.10
CA ASN D 221 107.29 -19.05 38.97
C ASN D 221 106.36 -18.00 39.56
N PRO D 222 105.77 -17.11 38.75
CA PRO D 222 104.89 -16.08 39.29
C PRO D 222 103.62 -16.61 39.92
N SER D 223 103.30 -17.90 39.77
CA SER D 223 102.08 -18.47 40.31
C SER D 223 102.25 -19.03 41.71
N ASN D 224 103.42 -19.56 42.05
CA ASN D 224 103.69 -20.05 43.39
C ASN D 224 103.95 -18.92 44.38
N THR D 225 103.99 -17.67 43.92
CA THR D 225 104.22 -16.55 44.82
C THR D 225 103.05 -16.40 45.79
N PRO D 226 103.31 -16.11 47.05
CA PRO D 226 102.22 -15.87 48.00
C PRO D 226 101.33 -14.72 47.55
N ASP D 227 100.22 -14.57 48.27
CA ASP D 227 99.31 -13.47 48.00
C ASP D 227 99.93 -12.14 48.44
N LYS D 228 99.28 -11.05 48.04
CA LYS D 228 99.83 -9.72 48.28
C LYS D 228 99.94 -9.41 49.77
N ASP D 229 98.95 -9.80 50.56
CA ASP D 229 98.98 -9.50 51.98
C ASP D 229 100.15 -10.18 52.68
N TYR D 230 100.46 -11.42 52.32
CA TYR D 230 101.62 -12.08 52.89
C TYR D 230 102.92 -11.42 52.45
N LEU D 231 102.98 -10.93 51.21
CA LEU D 231 104.18 -10.23 50.75
C LEU D 231 104.34 -8.90 51.47
N LEU D 232 103.23 -8.31 51.92
CA LEU D 232 103.30 -7.00 52.57
C LEU D 232 103.70 -7.07 54.03
N SER D 233 103.66 -8.25 54.65
CA SER D 233 104.06 -8.36 56.05
C SER D 233 105.54 -8.06 56.19
N ILE D 234 105.92 -7.40 57.30
CA ILE D 234 107.25 -6.82 57.40
C ILE D 234 108.35 -7.88 57.40
N PRO D 235 108.17 -9.09 57.99
CA PRO D 235 109.26 -10.07 57.95
C PRO D 235 109.68 -10.40 56.52
N ILE D 236 108.75 -10.25 55.58
CA ILE D 236 109.04 -10.38 54.16
C ILE D 236 109.46 -9.03 53.61
N SER D 237 108.66 -8.00 53.91
CA SER D 237 108.78 -6.73 53.19
C SER D 237 110.14 -6.06 53.42
N CYS D 238 110.57 -5.96 54.69
CA CYS D 238 111.77 -5.19 54.98
C CYS D 238 112.99 -5.73 54.23
N PRO D 239 113.35 -7.02 54.35
CA PRO D 239 114.48 -7.52 53.57
C PRO D 239 114.33 -7.32 52.08
N LEU D 240 113.12 -7.50 51.54
CA LEU D 240 112.97 -7.44 50.09
C LEU D 240 113.01 -6.00 49.57
N ILE D 241 112.50 -5.04 50.34
CA ILE D 241 112.70 -3.65 49.95
C ILE D 241 114.17 -3.29 49.98
N GLY D 242 114.89 -3.75 51.00
CA GLY D 242 116.33 -3.53 51.01
C GLY D 242 117.02 -4.14 49.80
N VAL D 243 116.61 -5.36 49.43
CA VAL D 243 117.20 -6.04 48.29
C VAL D 243 116.90 -5.28 47.01
N ILE D 244 115.69 -4.75 46.88
CA ILE D 244 115.33 -3.96 45.70
C ILE D 244 116.23 -2.74 45.60
N GLN D 245 116.40 -2.03 46.71
CA GLN D 245 117.25 -0.85 46.70
C GLN D 245 118.68 -1.19 46.31
N LEU D 246 119.22 -2.27 46.89
CA LEU D 246 120.58 -2.67 46.56
C LEU D 246 120.71 -3.11 45.11
N ALA D 247 119.69 -3.76 44.57
CA ALA D 247 119.72 -4.15 43.16
C ALA D 247 119.74 -2.93 42.25
N HIS D 248 118.92 -1.92 42.56
CA HIS D 248 118.96 -0.69 41.77
C HIS D 248 120.33 -0.04 41.86
N TYR D 249 120.91 -0.03 43.06
CA TYR D 249 122.25 0.55 43.22
C TYR D 249 123.27 -0.21 42.37
N VAL D 250 123.19 -1.54 42.37
CA VAL D 250 124.13 -2.35 41.61
C VAL D 250 123.98 -2.07 40.12
N VAL D 251 122.73 -2.00 39.64
CA VAL D 251 122.51 -1.72 38.22
C VAL D 251 123.08 -0.36 37.85
N THR D 252 122.83 0.65 38.70
CA THR D 252 123.35 1.99 38.41
C THR D 252 124.87 1.98 38.37
N ALA D 253 125.51 1.26 39.30
CA ALA D 253 126.96 1.23 39.32
C ALA D 253 127.52 0.50 38.11
N LYS D 254 126.92 -0.64 37.74
CA LYS D 254 127.48 -1.45 36.65
C LYS D 254 127.29 -0.76 35.31
N LEU D 255 126.13 -0.20 35.04
CA LEU D 255 125.92 0.52 33.78
C LEU D 255 126.84 1.73 33.63
N LEU D 256 127.37 2.25 34.73
CA LEU D 256 128.33 3.35 34.67
C LEU D 256 129.77 2.89 34.72
N GLY D 257 130.03 1.59 34.82
CA GLY D 257 131.39 1.09 34.88
C GLY D 257 132.07 1.29 36.21
N PHE D 258 131.33 1.66 37.25
CA PHE D 258 131.89 1.97 38.55
C PHE D 258 131.88 0.74 39.45
N THR D 259 132.87 0.67 40.32
CA THR D 259 132.73 -0.15 41.51
C THR D 259 131.82 0.56 42.49
N PRO D 260 131.18 -0.17 43.41
CA PRO D 260 130.31 0.51 44.38
C PRO D 260 131.04 1.58 45.17
N GLY D 261 132.32 1.36 45.49
CA GLY D 261 133.10 2.39 46.12
C GLY D 261 133.24 3.64 45.28
N GLU D 262 133.41 3.48 43.97
CA GLU D 262 133.50 4.65 43.08
C GLU D 262 132.19 5.44 43.08
N LEU D 263 131.07 4.74 42.89
CA LEU D 263 129.78 5.43 42.89
C LEU D 263 129.54 6.13 44.22
N ARG D 264 129.91 5.50 45.33
CA ARG D 264 129.78 6.14 46.62
C ARG D 264 130.66 7.39 46.69
N SER D 265 131.90 7.30 46.22
CA SER D 265 132.79 8.45 46.25
C SER D 265 132.23 9.61 45.45
N TYR D 266 131.52 9.32 44.37
CA TYR D 266 130.87 10.38 43.60
C TYR D 266 129.72 11.03 44.37
N LEU D 267 129.25 10.42 45.44
CA LEU D 267 128.18 11.00 46.26
C LEU D 267 128.76 11.90 47.33
N LYS D 268 128.00 12.92 47.72
CA LYS D 268 128.42 13.80 48.81
C LYS D 268 127.87 13.30 50.13
N GLY D 269 126.80 12.51 50.08
CA GLY D 269 126.23 11.97 51.30
C GLY D 269 125.09 11.04 50.96
N ALA D 270 124.52 10.44 52.00
CA ALA D 270 123.43 9.50 51.82
C ALA D 270 122.49 9.57 53.02
N THR D 271 121.27 9.10 52.81
CA THR D 271 120.28 9.03 53.87
C THR D 271 119.14 8.14 53.39
N GLY D 272 118.18 7.93 54.27
CA GLY D 272 117.05 7.07 53.95
C GLY D 272 115.83 7.42 54.77
N HIS D 273 114.66 7.19 54.19
CA HIS D 273 113.38 7.43 54.86
C HIS D 273 112.98 6.17 55.61
N SER D 274 113.21 6.21 56.93
CA SER D 274 112.83 5.09 57.79
C SER D 274 113.67 3.86 57.49
N GLN D 275 113.11 2.91 56.75
CA GLN D 275 113.82 1.67 56.43
C GLN D 275 115.04 1.91 55.55
N GLY D 276 114.99 2.89 54.66
CA GLY D 276 116.09 3.11 53.74
C GLY D 276 117.38 3.53 54.44
N LEU D 277 117.28 3.92 55.71
CA LEU D 277 118.49 4.29 56.45
C LEU D 277 119.47 3.13 56.54
N VAL D 278 118.96 1.90 56.55
CA VAL D 278 119.85 0.73 56.60
C VAL D 278 120.61 0.58 55.29
N THR D 279 119.91 0.75 54.17
CA THR D 279 120.57 0.65 52.87
C THR D 279 121.60 1.76 52.70
N ALA D 280 121.28 2.97 53.17
CA ALA D 280 122.20 4.09 53.01
C ALA D 280 123.53 3.83 53.70
N VAL D 281 123.49 3.34 54.94
CA VAL D 281 124.72 3.06 55.66
C VAL D 281 125.50 1.96 54.98
N ALA D 282 124.82 0.91 54.53
CA ALA D 282 125.50 -0.18 53.84
C ALA D 282 126.23 0.34 52.60
N ILE D 283 125.56 1.20 51.83
CA ILE D 283 126.18 1.76 50.64
C ILE D 283 127.41 2.57 51.00
N ALA D 284 127.34 3.34 52.09
CA ALA D 284 128.45 4.22 52.45
C ALA D 284 129.71 3.44 52.79
N GLU D 285 129.59 2.14 53.03
CA GLU D 285 130.74 1.34 53.43
C GLU D 285 131.37 0.58 52.26
N THR D 286 130.67 0.45 51.14
CA THR D 286 131.13 -0.39 50.04
C THR D 286 132.40 0.13 49.41
N ASP D 287 133.33 -0.78 49.08
CA ASP D 287 134.58 -0.39 48.43
C ASP D 287 134.75 -1.03 47.07
N SER D 288 134.67 -2.36 47.00
CA SER D 288 134.98 -3.11 45.80
C SER D 288 133.91 -4.15 45.51
N TRP D 289 133.83 -4.56 44.24
CA TRP D 289 132.84 -5.55 43.84
C TRP D 289 133.05 -6.89 44.54
N GLU D 290 134.30 -7.23 44.88
CA GLU D 290 134.59 -8.50 45.52
C GLU D 290 134.21 -8.52 47.00
N SER D 291 133.87 -7.37 47.58
CA SER D 291 133.44 -7.31 48.98
C SER D 291 132.10 -6.61 49.14
N PHE D 292 131.35 -6.42 48.05
CA PHE D 292 130.05 -5.78 48.14
C PHE D 292 129.05 -6.67 48.86
N PHE D 293 129.17 -7.98 48.71
CA PHE D 293 128.25 -8.90 49.34
C PHE D 293 128.36 -8.84 50.86
N VAL D 294 129.48 -8.38 51.40
CA VAL D 294 129.61 -8.23 52.84
C VAL D 294 128.61 -7.20 53.35
N SER D 295 128.60 -6.02 52.73
CA SER D 295 127.65 -4.99 53.12
C SER D 295 126.23 -5.38 52.76
N VAL D 296 126.05 -6.13 51.67
CA VAL D 296 124.71 -6.62 51.33
C VAL D 296 124.19 -7.51 52.45
N ARG D 297 125.03 -8.42 52.94
CA ARG D 297 124.62 -9.29 54.04
C ARG D 297 124.31 -8.47 55.28
N LYS D 298 125.15 -7.48 55.58
CA LYS D 298 124.90 -6.65 56.75
C LYS D 298 123.51 -6.00 56.68
N ALA D 299 123.23 -5.34 55.56
CA ALA D 299 121.95 -4.64 55.42
C ALA D 299 120.78 -5.61 55.48
N ILE D 300 120.88 -6.74 54.77
CA ILE D 300 119.76 -7.66 54.70
C ILE D 300 119.52 -8.31 56.06
N THR D 301 120.58 -8.59 56.82
CA THR D 301 120.42 -9.14 58.16
C THR D 301 119.73 -8.14 59.07
N VAL D 302 120.15 -6.87 59.01
CA VAL D 302 119.52 -5.85 59.85
C VAL D 302 118.03 -5.78 59.52
N LEU D 303 117.69 -5.75 58.23
CA LEU D 303 116.28 -5.64 57.85
C LEU D 303 115.50 -6.88 58.25
N PHE D 304 116.09 -8.06 58.09
CA PHE D 304 115.43 -9.30 58.48
C PHE D 304 115.07 -9.28 59.95
N PHE D 305 116.03 -8.90 60.80
CA PHE D 305 115.77 -8.93 62.24
C PHE D 305 114.79 -7.85 62.65
N ILE D 306 114.87 -6.66 62.03
CA ILE D 306 113.87 -5.64 62.31
C ILE D 306 112.48 -6.17 61.98
N GLY D 307 112.32 -6.74 60.79
CA GLY D 307 111.02 -7.25 60.40
C GLY D 307 110.50 -8.31 61.34
N VAL D 308 111.35 -9.30 61.66
CA VAL D 308 110.90 -10.41 62.49
C VAL D 308 110.51 -9.92 63.88
N ARG D 309 111.38 -9.13 64.51
CA ARG D 309 111.11 -8.72 65.88
C ARG D 309 109.96 -7.72 65.96
N CYS D 310 109.82 -6.83 64.99
CA CYS D 310 108.71 -5.89 65.00
C CYS D 310 107.38 -6.55 64.62
N TYR D 311 107.42 -7.68 63.91
CA TYR D 311 106.20 -8.45 63.72
C TYR D 311 105.83 -9.24 64.96
N GLU D 312 106.83 -9.76 65.69
CA GLU D 312 106.53 -10.46 66.93
C GLU D 312 106.07 -9.51 68.03
N ALA D 313 106.52 -8.25 68.00
CA ALA D 313 106.11 -7.30 69.01
C ALA D 313 104.65 -6.89 68.85
N TYR D 314 104.24 -6.59 67.62
CA TYR D 314 102.87 -6.17 67.34
C TYR D 314 102.36 -6.80 66.08
N PRO D 315 102.01 -8.09 66.15
CA PRO D 315 101.40 -8.74 64.98
C PRO D 315 100.03 -8.16 64.68
N ASN D 316 99.63 -8.30 63.44
CA ASN D 316 98.34 -7.81 63.03
C ASN D 316 97.28 -8.84 63.32
N THR D 317 96.06 -8.38 63.52
CA THR D 317 94.97 -9.27 63.84
C THR D 317 93.80 -8.88 63.00
N SER D 318 92.73 -9.61 63.10
CA SER D 318 91.55 -9.35 62.28
C SER D 318 90.84 -8.08 62.74
N LEU D 319 90.33 -7.33 61.76
CA LEU D 319 89.54 -6.15 62.07
C LEU D 319 88.05 -6.48 62.00
N PRO D 320 87.22 -5.95 62.90
CA PRO D 320 85.78 -6.17 62.80
C PRO D 320 85.28 -5.78 61.41
N PRO D 321 84.52 -6.66 60.75
CA PRO D 321 84.05 -6.34 59.39
C PRO D 321 83.22 -5.07 59.32
N SER D 322 82.55 -4.68 60.39
CA SER D 322 81.80 -3.43 60.38
C SER D 322 82.73 -2.24 60.14
N ILE D 323 83.91 -2.24 60.76
CA ILE D 323 84.84 -1.14 60.60
C ILE D 323 85.31 -1.05 59.16
N LEU D 324 85.64 -2.19 58.54
CA LEU D 324 86.08 -2.16 57.15
C LEU D 324 84.95 -1.69 56.24
N GLU D 325 83.73 -2.16 56.50
CA GLU D 325 82.59 -1.73 55.69
C GLU D 325 82.40 -0.22 55.80
N ASP D 326 82.47 0.31 57.01
CA ASP D 326 82.30 1.75 57.20
C ASP D 326 83.40 2.52 56.49
N SER D 327 84.65 2.07 56.63
CA SER D 327 85.76 2.77 55.97
C SER D 327 85.59 2.76 54.46
N LEU D 328 85.22 1.61 53.89
CA LEU D 328 85.05 1.53 52.45
C LEU D 328 83.90 2.40 51.97
N GLU D 329 82.80 2.41 52.73
CA GLU D 329 81.64 3.20 52.33
C GLU D 329 81.98 4.69 52.26
N ASN D 330 82.82 5.16 53.18
CA ASN D 330 83.17 6.57 53.25
C ASN D 330 84.42 6.88 52.44
N ASN D 331 84.68 6.06 51.42
CA ASN D 331 85.81 6.28 50.52
C ASN D 331 87.11 6.49 51.29
N GLU D 332 87.37 5.63 52.26
CA GLU D 332 88.63 5.60 52.97
C GLU D 332 89.32 4.28 52.67
N GLY D 333 90.61 4.22 52.98
CA GLY D 333 91.38 3.03 52.65
C GLY D 333 91.08 1.86 53.57
N VAL D 334 91.62 0.71 53.20
CA VAL D 334 91.57 -0.42 54.14
C VAL D 334 92.40 -0.05 55.36
N PRO D 335 91.84 -0.08 56.56
CA PRO D 335 92.60 0.39 57.73
C PRO D 335 93.89 -0.38 57.91
N SER D 336 94.93 0.33 58.34
CA SER D 336 96.25 -0.21 58.55
C SER D 336 96.91 0.54 59.70
N PRO D 337 98.10 0.15 60.15
CA PRO D 337 98.71 0.81 61.31
C PRO D 337 99.31 2.18 61.02
N MET D 338 99.09 2.77 59.85
CA MET D 338 99.64 4.08 59.53
C MET D 338 98.64 4.87 58.70
N LEU D 339 98.37 6.10 59.12
CA LEU D 339 97.44 6.99 58.44
C LEU D 339 98.16 8.26 58.02
N SER D 340 98.18 8.52 56.72
CA SER D 340 98.78 9.74 56.19
C SER D 340 97.72 10.82 56.08
N ILE D 341 98.08 12.03 56.51
CA ILE D 341 97.17 13.17 56.52
C ILE D 341 97.83 14.31 55.77
N SER D 342 97.09 14.94 54.86
CA SER D 342 97.60 16.00 54.01
C SER D 342 96.80 17.28 54.24
N ASN D 343 97.42 18.42 53.91
CA ASN D 343 96.81 19.74 53.95
C ASN D 343 96.60 20.27 55.36
N LEU D 344 97.06 19.56 56.38
CA LEU D 344 96.99 20.04 57.75
C LEU D 344 98.40 20.23 58.30
N THR D 345 98.53 21.11 59.26
CA THR D 345 99.81 21.31 59.88
C THR D 345 100.02 20.31 61.00
N GLN D 346 101.24 20.21 61.48
CA GLN D 346 101.54 19.27 62.54
C GLN D 346 100.81 19.68 63.77
N GLU D 347 100.73 20.97 64.03
CA GLU D 347 100.05 21.46 65.20
C GLU D 347 98.62 20.99 65.17
N GLN D 348 97.98 21.16 64.03
CA GLN D 348 96.61 20.77 63.90
C GLN D 348 96.47 19.29 64.12
N VAL D 349 97.31 18.49 63.48
CA VAL D 349 97.17 17.05 63.56
C VAL D 349 97.42 16.56 64.97
N GLN D 350 98.23 17.27 65.72
CA GLN D 350 98.56 16.86 67.07
C GLN D 350 97.41 17.18 67.98
N ASP D 351 96.71 18.27 67.70
CA ASP D 351 95.53 18.51 68.50
C ASP D 351 94.51 17.39 68.33
N TYR D 352 94.28 16.97 67.10
CA TYR D 352 93.35 15.85 66.87
C TYR D 352 93.86 14.58 67.55
N VAL D 353 95.16 14.31 67.43
CA VAL D 353 95.73 13.11 68.04
C VAL D 353 95.59 13.18 69.56
N ASN D 354 95.77 14.37 70.13
CA ASN D 354 95.66 14.53 71.57
C ASN D 354 94.23 14.26 72.03
N LYS D 355 93.24 14.82 71.34
CA LYS D 355 91.87 14.58 71.72
C LYS D 355 91.49 13.11 71.57
N THR D 356 91.96 12.46 70.51
CA THR D 356 91.67 11.04 70.34
C THR D 356 92.36 10.21 71.43
N ASN D 357 93.57 10.60 71.82
CA ASN D 357 94.32 9.84 72.82
C ASN D 357 93.77 10.07 74.22
N SER D 358 93.06 11.17 74.43
CA SER D 358 92.52 11.45 75.77
C SER D 358 91.59 10.34 76.25
N HIS D 359 90.91 9.67 75.33
CA HIS D 359 89.98 8.60 75.69
C HIS D 359 90.64 7.23 75.70
N LEU D 360 91.51 6.95 74.74
CA LEU D 360 92.11 5.62 74.65
C LEU D 360 93.07 5.37 75.81
N PRO D 361 93.30 4.08 76.11
CA PRO D 361 94.28 3.74 77.13
C PRO D 361 95.69 3.86 76.59
N ALA D 362 96.70 3.83 77.44
CA ALA D 362 98.07 4.09 77.02
C ALA D 362 98.52 3.11 75.94
N GLY D 363 98.10 1.87 75.97
CA GLY D 363 98.56 0.91 75.00
C GLY D 363 97.88 0.99 73.67
N LYS D 364 96.82 1.76 73.56
CA LYS D 364 96.14 1.96 72.30
C LYS D 364 96.36 3.36 71.72
N GLN D 365 97.33 4.10 72.25
CA GLN D 365 97.56 5.47 71.82
C GLN D 365 98.11 5.50 70.39
N VAL D 366 97.88 6.62 69.72
CA VAL D 366 98.49 6.89 68.43
C VAL D 366 99.48 8.03 68.61
N GLU D 367 100.31 8.27 67.59
CA GLU D 367 101.22 9.39 67.62
C GLU D 367 101.70 9.69 66.21
N ILE D 368 102.20 10.92 66.02
CA ILE D 368 102.73 11.34 64.72
C ILE D 368 104.06 10.67 64.48
N SER D 369 104.12 9.79 63.50
CA SER D 369 105.32 9.00 63.23
C SER D 369 106.24 9.64 62.19
N LEU D 370 105.68 10.23 61.14
CA LEU D 370 106.49 10.82 60.07
C LEU D 370 106.04 12.26 59.86
N VAL D 371 106.99 13.19 59.93
CA VAL D 371 106.76 14.57 59.47
C VAL D 371 107.42 14.66 58.10
N ASN D 372 106.64 14.34 57.07
CA ASN D 372 107.14 14.30 55.70
C ASN D 372 107.19 15.66 55.04
N GLY D 373 106.65 16.68 55.69
CA GLY D 373 106.62 18.01 55.10
C GLY D 373 105.84 18.96 55.98
N ALA D 374 105.66 20.17 55.45
CA ALA D 374 104.91 21.19 56.18
C ALA D 374 103.48 20.74 56.42
N LYS D 375 102.78 20.30 55.38
CA LYS D 375 101.39 19.87 55.45
C LYS D 375 101.25 18.42 55.00
N ASN D 376 102.13 17.55 55.45
CA ASN D 376 102.13 16.13 55.07
C ASN D 376 102.65 15.33 56.25
N LEU D 377 101.74 14.64 56.94
CA LEU D 377 102.06 13.93 58.17
C LEU D 377 101.48 12.54 58.13
N VAL D 378 102.12 11.61 58.83
CA VAL D 378 101.65 10.24 58.97
C VAL D 378 101.55 9.93 60.45
N VAL D 379 100.41 9.37 60.85
CA VAL D 379 100.16 8.99 62.24
C VAL D 379 100.11 7.47 62.31
N SER D 380 100.86 6.90 63.25
CA SER D 380 100.96 5.46 63.41
C SER D 380 100.36 5.04 64.73
N GLY D 381 99.79 3.84 64.74
CA GLY D 381 99.16 3.28 65.92
C GLY D 381 98.29 2.10 65.56
N PRO D 382 97.57 1.55 66.53
CA PRO D 382 96.68 0.42 66.25
C PRO D 382 95.66 0.80 65.19
N PRO D 383 95.38 -0.13 64.26
CA PRO D 383 94.45 0.20 63.20
C PRO D 383 93.09 0.74 63.68
N GLN D 384 92.54 0.25 64.80
CA GLN D 384 91.24 0.71 65.29
C GLN D 384 91.33 2.10 65.91
N SER D 385 92.42 2.40 66.61
CA SER D 385 92.61 3.76 67.12
C SER D 385 92.69 4.76 65.97
N LEU D 386 93.39 4.39 64.89
CA LEU D 386 93.45 5.24 63.73
C LEU D 386 92.10 5.35 63.04
N TYR D 387 91.28 4.29 63.10
CA TYR D 387 89.93 4.39 62.56
C TYR D 387 89.08 5.37 63.37
N GLY D 388 89.22 5.35 64.69
CA GLY D 388 88.53 6.35 65.50
C GLY D 388 89.01 7.76 65.20
N LEU D 389 90.32 7.93 65.03
CA LEU D 389 90.85 9.22 64.61
C LEU D 389 90.26 9.65 63.28
N ASN D 390 90.13 8.69 62.35
CA ASN D 390 89.55 9.00 61.05
C ASN D 390 88.09 9.41 61.17
N LEU D 391 87.35 8.79 62.08
CA LEU D 391 85.98 9.23 62.32
C LEU D 391 85.95 10.66 62.82
N THR D 392 86.80 10.98 63.80
CA THR D 392 86.88 12.34 64.29
C THR D 392 87.20 13.33 63.16
N LEU D 393 88.16 12.96 62.31
CA LEU D 393 88.53 13.83 61.19
C LEU D 393 87.39 13.97 60.19
N ARG D 394 86.68 12.87 59.91
CA ARG D 394 85.53 12.92 59.02
C ARG D 394 84.47 13.87 59.55
N LYS D 395 84.35 13.98 60.87
CA LYS D 395 83.48 14.97 61.49
C LYS D 395 84.10 16.36 61.52
N ALA D 396 85.18 16.59 60.77
CA ALA D 396 85.82 17.90 60.75
C ALA D 396 86.28 18.31 59.36
N LYS D 397 85.76 17.68 58.30
CA LYS D 397 86.21 17.93 56.93
C LYS D 397 85.05 18.50 56.13
N ALA D 398 85.40 19.09 54.98
CA ALA D 398 84.41 19.60 54.04
C ALA D 398 84.51 18.85 52.72
N PRO D 399 83.40 18.62 52.03
CA PRO D 399 83.46 17.91 50.75
C PRO D 399 84.35 18.65 49.77
N SER D 400 85.05 17.88 48.93
CA SER D 400 85.90 18.48 47.91
C SER D 400 85.07 19.33 46.95
N GLY D 401 83.88 18.85 46.58
CA GLY D 401 83.06 19.58 45.63
C GLY D 401 82.61 20.93 46.16
N LEU D 402 82.40 21.03 47.47
CA LEU D 402 81.83 22.24 48.07
C LEU D 402 82.58 23.47 47.58
N ASP D 403 81.86 24.36 46.93
CA ASP D 403 82.46 25.59 46.45
C ASP D 403 82.41 26.60 47.55
N GLN D 404 83.55 27.21 47.86
CA GLN D 404 83.58 28.25 48.87
C GLN D 404 84.11 29.55 48.27
N SER D 405 83.94 29.74 46.96
CA SER D 405 84.46 30.94 46.30
C SER D 405 83.75 32.20 46.77
N ARG D 406 82.51 32.08 47.24
CA ARG D 406 81.77 33.22 47.76
C ARG D 406 81.83 33.31 49.25
N ILE D 407 82.75 32.59 49.87
CA ILE D 407 82.93 32.68 51.30
C ILE D 407 84.20 33.42 51.57
N PRO D 408 84.15 34.41 52.44
CA PRO D 408 85.42 35.07 52.77
C PRO D 408 86.50 34.06 53.13
N PHE D 409 87.75 34.34 52.79
CA PHE D 409 88.82 33.38 53.00
C PHE D 409 88.94 32.90 54.43
N SER D 410 88.88 33.82 55.38
CA SER D 410 89.08 33.45 56.78
C SER D 410 88.00 32.48 57.28
N GLU D 411 86.80 32.52 56.72
CA GLU D 411 85.68 31.73 57.21
C GLU D 411 85.51 30.41 56.46
N ARG D 412 86.37 30.11 55.50
CA ARG D 412 86.24 28.88 54.74
C ARG D 412 86.65 27.66 55.57
N LYS D 413 85.96 26.54 55.38
CA LYS D 413 86.26 25.30 56.08
C LYS D 413 87.45 24.61 55.43
N LEU D 414 88.19 23.86 56.25
CA LEU D 414 89.43 23.22 55.82
C LEU D 414 89.12 22.00 54.96
N LYS D 415 89.74 21.95 53.78
CA LYS D 415 89.71 20.75 52.95
C LYS D 415 91.06 20.04 53.07
N PHE D 416 91.04 18.82 53.60
CA PHE D 416 92.26 18.09 53.86
C PHE D 416 92.01 16.60 53.64
N SER D 417 93.03 15.91 53.12
CA SER D 417 92.92 14.50 52.76
C SER D 417 93.47 13.60 53.87
N ASN D 418 93.03 12.35 53.85
CA ASN D 418 93.55 11.34 54.76
C ASN D 418 93.34 9.98 54.11
N ARG D 419 94.32 9.09 54.27
CA ARG D 419 94.25 7.76 53.69
C ARG D 419 95.18 6.83 54.45
N PHE D 420 94.84 5.54 54.44
CA PHE D 420 95.69 4.54 55.07
C PHE D 420 96.78 4.09 54.10
N LEU D 421 98.00 3.98 54.61
CA LEU D 421 99.12 3.60 53.76
C LEU D 421 99.16 2.08 53.56
N PRO D 422 99.69 1.61 52.43
CA PRO D 422 99.81 0.16 52.24
C PRO D 422 100.98 -0.43 53.01
N VAL D 423 100.83 -0.50 54.33
CA VAL D 423 101.85 -1.01 55.23
C VAL D 423 101.18 -1.96 56.23
N ALA D 424 102.01 -2.77 56.90
CA ALA D 424 101.48 -3.79 57.79
C ALA D 424 102.13 -3.76 59.18
N SER D 425 102.65 -2.61 59.62
CA SER D 425 103.22 -2.53 60.95
C SER D 425 103.27 -1.08 61.40
N PRO D 426 103.04 -0.79 62.68
CA PRO D 426 103.09 0.60 63.18
C PRO D 426 104.51 1.05 63.49
N PHE D 427 105.21 1.51 62.45
CA PHE D 427 106.60 1.91 62.59
C PHE D 427 106.71 3.25 63.31
N HIS D 428 107.87 3.47 63.92
CA HIS D 428 108.16 4.71 64.66
C HIS D 428 107.09 4.95 65.73
N SER D 429 106.70 3.90 66.44
CA SER D 429 105.65 3.98 67.43
C SER D 429 106.08 3.29 68.72
N HIS D 430 105.35 3.60 69.79
CA HIS D 430 105.62 2.98 71.09
C HIS D 430 105.34 1.49 71.10
N LEU D 431 104.53 1.00 70.17
CA LEU D 431 104.17 -0.41 70.17
C LEU D 431 105.36 -1.32 69.88
N LEU D 432 106.34 -0.84 69.12
CA LEU D 432 107.46 -1.67 68.67
C LEU D 432 108.68 -1.58 69.57
N VAL D 433 108.64 -0.77 70.62
CA VAL D 433 109.80 -0.57 71.50
C VAL D 433 110.32 -1.89 72.05
N PRO D 434 109.47 -2.82 72.52
CA PRO D 434 110.01 -4.06 73.08
C PRO D 434 110.82 -4.88 72.10
N ALA D 435 110.76 -4.58 70.81
CA ALA D 435 111.55 -5.32 69.83
C ALA D 435 112.98 -4.80 69.74
N SER D 436 113.25 -3.64 70.33
CA SER D 436 114.55 -2.99 70.17
C SER D 436 115.67 -3.86 70.76
N ASP D 437 115.49 -4.32 72.00
CA ASP D 437 116.54 -5.09 72.65
C ASP D 437 116.76 -6.42 71.93
N LEU D 438 115.68 -7.07 71.49
CA LEU D 438 115.82 -8.32 70.75
C LEU D 438 116.59 -8.10 69.45
N ILE D 439 116.28 -7.02 68.74
CA ILE D 439 116.99 -6.73 67.49
C ILE D 439 118.46 -6.47 67.76
N ASN D 440 118.78 -5.74 68.80
CA ASN D 440 120.17 -5.42 69.08
C ASN D 440 120.94 -6.64 69.53
N LYS D 441 120.30 -7.54 70.28
CA LYS D 441 120.94 -8.80 70.64
C LYS D 441 121.17 -9.68 69.43
N ASP D 442 120.20 -9.73 68.51
CA ASP D 442 120.37 -10.53 67.31
C ASP D 442 121.50 -9.99 66.44
N LEU D 443 121.59 -8.68 66.29
CA LEU D 443 122.62 -8.08 65.45
C LEU D 443 123.99 -8.34 66.02
N VAL D 444 124.07 -8.40 67.34
CA VAL D 444 125.34 -8.69 67.98
C VAL D 444 125.69 -10.16 67.82
N LYS D 445 124.72 -11.02 68.04
CA LYS D 445 124.96 -12.45 67.86
C LYS D 445 125.32 -12.81 66.43
N ASN D 446 124.89 -12.02 65.45
CA ASN D 446 125.22 -12.27 64.05
C ASN D 446 126.39 -11.42 63.57
N ASN D 447 127.07 -10.73 64.49
CA ASN D 447 128.27 -9.95 64.16
C ASN D 447 127.98 -8.94 63.05
N VAL D 448 126.99 -8.09 63.31
CA VAL D 448 126.63 -7.00 62.41
C VAL D 448 126.80 -5.69 63.17
N SER D 449 127.65 -4.82 62.66
CA SER D 449 127.90 -3.53 63.28
C SER D 449 128.45 -2.58 62.24
N PHE D 450 128.28 -1.29 62.50
CA PHE D 450 128.75 -0.23 61.61
C PHE D 450 129.70 0.66 62.38
N ASN D 451 130.92 0.81 61.86
CA ASN D 451 131.97 1.58 62.52
C ASN D 451 132.19 2.89 61.79
N ALA D 452 132.24 3.99 62.53
CA ALA D 452 132.36 5.30 61.91
C ALA D 452 133.59 5.42 61.03
N LYS D 453 134.63 4.64 61.29
CA LYS D 453 135.83 4.68 60.47
C LYS D 453 135.64 4.04 59.10
N ASP D 454 134.60 3.23 58.91
CA ASP D 454 134.35 2.55 57.65
C ASP D 454 133.29 3.24 56.80
N ILE D 455 132.49 4.13 57.38
CA ILE D 455 131.55 4.93 56.59
C ILE D 455 132.33 6.08 55.97
N GLN D 456 132.35 6.13 54.64
CA GLN D 456 133.20 7.08 53.92
C GLN D 456 132.48 8.33 53.46
N ILE D 457 131.15 8.37 53.56
CA ILE D 457 130.40 9.58 53.26
C ILE D 457 129.46 9.85 54.43
N PRO D 458 129.09 11.09 54.71
CA PRO D 458 128.18 11.35 55.82
C PRO D 458 126.81 10.72 55.57
N VAL D 459 126.26 10.10 56.61
CA VAL D 459 124.91 9.54 56.57
C VAL D 459 124.08 10.28 57.62
N TYR D 460 122.96 10.83 57.19
CA TYR D 460 122.20 11.78 57.99
C TYR D 460 121.11 11.05 58.79
N ASP D 461 121.07 11.31 60.09
CA ASP D 461 120.06 10.72 60.96
C ASP D 461 118.69 11.24 60.62
N THR D 462 117.68 10.40 60.66
CA THR D 462 116.33 10.78 60.28
C THR D 462 115.60 11.55 61.36
N PHE D 463 116.11 11.58 62.60
CA PHE D 463 115.45 12.31 63.68
C PHE D 463 115.97 13.73 63.85
N ASP D 464 117.26 13.96 63.60
CA ASP D 464 117.83 15.29 63.76
C ASP D 464 118.76 15.67 62.62
N GLY D 465 118.85 14.86 61.56
CA GLY D 465 119.63 15.23 60.40
C GLY D 465 121.12 15.33 60.65
N SER D 466 121.61 14.72 61.70
CA SER D 466 123.02 14.81 62.02
C SER D 466 123.81 13.67 61.41
N ASP D 467 125.11 13.84 61.28
CA ASP D 467 125.97 12.81 60.70
C ASP D 467 126.08 11.64 61.67
N LEU D 468 125.74 10.46 61.22
CA LEU D 468 125.84 9.27 62.07
C LEU D 468 127.29 8.93 62.42
N ARG D 469 128.24 9.20 61.53
CA ARG D 469 129.64 8.95 61.85
C ARG D 469 130.05 9.68 63.11
N VAL D 470 129.62 10.94 63.25
CA VAL D 470 130.01 11.75 64.41
C VAL D 470 129.47 11.15 65.70
N LEU D 471 128.33 10.48 65.65
CA LEU D 471 127.73 9.94 66.86
C LEU D 471 128.69 8.96 67.54
N SER D 472 128.71 9.01 68.86
CA SER D 472 129.67 8.25 69.66
C SER D 472 129.22 6.82 69.96
N GLY D 473 127.93 6.61 70.22
CA GLY D 473 127.45 5.29 70.56
C GLY D 473 127.46 4.33 69.39
N SER D 474 126.71 3.24 69.50
CA SER D 474 126.62 2.28 68.41
C SER D 474 125.72 2.84 67.31
N ILE D 475 126.22 2.81 66.07
CA ILE D 475 125.46 3.35 64.95
C ILE D 475 124.27 2.45 64.63
N SER D 476 124.45 1.13 64.70
CA SER D 476 123.36 0.21 64.41
C SER D 476 122.22 0.39 65.40
N GLU D 477 122.55 0.58 66.67
CA GLU D 477 121.52 0.81 67.68
C GLU D 477 120.73 2.07 67.35
N ARG D 478 121.41 3.14 66.96
CA ARG D 478 120.73 4.36 66.60
C ARG D 478 119.84 4.16 65.41
N ILE D 479 120.32 3.44 64.40
CA ILE D 479 119.51 3.20 63.20
C ILE D 479 118.24 2.45 63.56
N VAL D 480 118.38 1.40 64.37
CA VAL D 480 117.21 0.62 64.78
C VAL D 480 116.25 1.49 65.57
N ASP D 481 116.77 2.32 66.47
CA ASP D 481 115.92 3.21 67.26
C ASP D 481 115.17 4.17 66.35
N CYS D 482 115.85 4.70 65.33
CA CYS D 482 115.20 5.60 64.39
C CYS D 482 114.08 4.90 63.64
N ILE D 483 114.33 3.65 63.23
CA ILE D 483 113.35 2.95 62.41
C ILE D 483 112.12 2.56 63.23
N ILE D 484 112.33 2.11 64.46
CA ILE D 484 111.22 1.55 65.23
C ILE D 484 110.59 2.53 66.22
N ARG D 485 111.35 3.48 66.76
CA ARG D 485 110.82 4.34 67.82
C ARG D 485 110.69 5.80 67.41
N LEU D 486 111.80 6.43 67.02
CA LEU D 486 111.77 7.87 66.81
C LEU D 486 110.99 8.23 65.56
N PRO D 487 110.36 9.40 65.53
CA PRO D 487 109.71 9.86 64.29
C PRO D 487 110.74 10.36 63.29
N VAL D 488 110.30 10.46 62.04
CA VAL D 488 111.14 10.89 60.93
C VAL D 488 110.71 12.30 60.54
N LYS D 489 111.67 13.22 60.55
CA LYS D 489 111.48 14.59 60.08
C LYS D 489 112.26 14.73 58.78
N TRP D 490 111.61 14.53 57.64
CA TRP D 490 112.32 14.51 56.36
C TRP D 490 113.02 15.79 56.06
N GLU D 491 112.41 16.92 56.42
CA GLU D 491 113.00 18.19 56.08
C GLU D 491 114.24 18.45 56.91
N THR D 492 114.22 18.13 58.19
CA THR D 492 115.41 18.27 59.02
C THR D 492 116.54 17.39 58.52
N THR D 493 116.20 16.18 58.07
CA THR D 493 117.20 15.27 57.51
C THR D 493 117.71 15.72 56.15
N THR D 494 116.86 16.36 55.36
CA THR D 494 117.25 16.73 54.00
C THR D 494 117.71 18.16 53.89
N GLN D 495 117.92 18.84 55.01
CA GLN D 495 118.43 20.20 55.01
C GLN D 495 119.86 20.32 54.45
N PHE D 496 120.45 19.22 54.00
CA PHE D 496 121.77 19.27 53.37
C PHE D 496 121.71 20.06 52.07
N LYS D 497 122.86 20.49 51.59
CA LYS D 497 122.92 21.25 50.33
C LYS D 497 123.33 20.34 49.18
N ALA D 498 122.65 20.45 48.06
CA ALA D 498 122.96 19.62 46.92
C ALA D 498 122.21 20.06 45.70
N THR D 499 122.75 19.75 44.54
CA THR D 499 122.06 20.06 43.29
C THR D 499 121.25 18.89 42.75
N HIS D 500 121.63 17.66 43.07
CA HIS D 500 120.96 16.48 42.57
C HIS D 500 120.71 15.49 43.69
N ILE D 501 119.59 14.79 43.62
CA ILE D 501 119.24 13.74 44.57
C ILE D 501 118.84 12.50 43.79
N LEU D 502 119.45 11.37 44.11
CA LEU D 502 119.17 10.10 43.45
C LEU D 502 118.29 9.24 44.35
N ASP D 503 117.17 8.78 43.79
CA ASP D 503 116.22 7.97 44.53
C ASP D 503 116.23 6.53 44.10
N PHE D 504 116.92 5.69 44.85
CA PHE D 504 116.97 4.26 44.57
C PHE D 504 115.85 3.50 45.25
N GLY D 505 114.94 4.21 45.89
CA GLY D 505 113.94 3.53 46.67
C GLY D 505 112.90 2.85 45.87
N PRO D 506 111.96 2.24 46.55
CA PRO D 506 110.80 1.67 45.86
C PRO D 506 109.70 2.69 45.66
N GLY D 507 108.84 2.40 44.69
CA GLY D 507 107.65 3.19 44.44
C GLY D 507 107.68 4.03 43.18
N GLY D 508 108.77 4.02 42.43
CA GLY D 508 108.87 4.86 41.25
C GLY D 508 108.55 6.33 41.45
N ALA D 509 107.59 6.85 40.70
CA ALA D 509 107.24 8.26 40.79
C ALA D 509 106.32 8.57 41.97
N SER D 510 105.87 7.56 42.70
CA SER D 510 105.07 7.75 43.90
C SER D 510 105.87 7.42 45.15
N GLY D 511 107.18 7.61 45.08
CA GLY D 511 108.06 7.30 46.19
C GLY D 511 108.67 8.46 46.91
N LEU D 512 109.84 8.25 47.48
CA LEU D 512 110.47 9.28 48.30
C LEU D 512 110.97 10.45 47.46
N GLY D 513 111.49 10.16 46.26
CA GLY D 513 112.11 11.22 45.47
C GLY D 513 111.14 12.33 45.11
N VAL D 514 109.93 11.96 44.69
CA VAL D 514 108.96 12.97 44.29
C VAL D 514 108.50 13.79 45.50
N LEU D 515 108.33 13.14 46.65
CA LEU D 515 107.98 13.88 47.86
C LEU D 515 109.07 14.90 48.19
N THR D 516 110.32 14.51 48.07
CA THR D 516 111.39 15.41 48.41
C THR D 516 111.41 16.55 47.40
N HIS D 517 111.17 16.25 46.13
CA HIS D 517 111.11 17.28 45.14
C HIS D 517 110.04 18.28 45.51
N ARG D 518 108.86 17.81 45.86
CA ARG D 518 107.79 18.71 46.29
C ARG D 518 108.22 19.58 47.46
N ASN D 519 108.96 19.02 48.40
CA ASN D 519 109.37 19.80 49.56
C ASN D 519 110.45 20.80 49.22
N LYS D 520 111.18 20.57 48.13
CA LYS D 520 112.31 21.41 47.79
C LYS D 520 112.17 22.11 46.45
N ASP D 521 110.94 22.39 46.04
CA ASP D 521 110.70 23.08 44.78
C ASP D 521 111.08 24.54 44.87
N GLY D 522 111.68 25.04 43.81
CA GLY D 522 112.08 26.43 43.76
C GLY D 522 113.44 26.73 44.35
N THR D 523 114.15 25.73 44.87
CA THR D 523 115.47 25.91 45.45
C THR D 523 116.59 25.41 44.55
N GLY D 524 116.29 25.10 43.29
CA GLY D 524 117.31 24.65 42.37
C GLY D 524 117.91 23.30 42.71
N VAL D 525 117.08 22.34 43.10
CA VAL D 525 117.53 20.99 43.37
C VAL D 525 116.81 20.04 42.43
N ARG D 526 117.56 19.18 41.76
CA ARG D 526 117.01 18.23 40.81
C ARG D 526 116.93 16.85 41.45
N VAL D 527 115.79 16.18 41.28
CA VAL D 527 115.58 14.84 41.80
C VAL D 527 115.45 13.90 40.60
N ILE D 528 116.22 12.81 40.64
CA ILE D 528 116.17 11.77 39.62
C ILE D 528 115.71 10.47 40.28
N VAL D 529 114.66 9.87 39.76
CA VAL D 529 114.17 8.59 40.25
C VAL D 529 115.06 7.56 39.61
N ALA D 530 116.04 7.06 40.34
CA ALA D 530 117.06 6.18 39.79
C ALA D 530 116.57 4.76 39.54
N GLY D 531 115.37 4.41 40.00
CA GLY D 531 114.86 3.06 39.87
C GLY D 531 113.78 2.85 38.84
N THR D 532 113.49 3.83 37.99
CA THR D 532 112.41 3.70 37.02
C THR D 532 112.77 4.42 35.73
N LEU D 533 112.47 3.79 34.60
CA LEU D 533 112.55 4.41 33.29
C LEU D 533 111.17 4.89 32.89
N ASP D 534 111.03 6.19 32.66
CA ASP D 534 109.76 6.76 32.23
C ASP D 534 110.02 8.18 31.75
N ILE D 535 109.02 8.75 31.09
CA ILE D 535 109.08 10.13 30.60
C ILE D 535 108.13 10.97 31.46
N ASN D 536 108.65 12.07 32.00
CA ASN D 536 107.86 12.98 32.80
C ASN D 536 107.41 14.15 31.94
N PRO D 537 106.11 14.41 31.78
CA PRO D 537 105.70 15.52 30.91
C PRO D 537 106.23 16.86 31.35
N ASP D 538 106.00 17.25 32.61
CA ASP D 538 106.49 18.53 33.10
C ASP D 538 108.00 18.57 33.24
N ASP D 539 108.67 17.41 33.22
CA ASP D 539 110.11 17.35 33.25
C ASP D 539 110.68 18.10 34.46
N ASP D 540 109.91 18.18 35.53
CA ASP D 540 110.38 18.84 36.75
C ASP D 540 111.27 17.95 37.60
N TYR D 541 111.28 16.64 37.35
CA TYR D 541 112.21 15.73 37.99
C TYR D 541 112.65 14.69 36.98
N GLY D 542 113.81 14.10 37.22
CA GLY D 542 114.40 13.18 36.26
C GLY D 542 114.00 11.74 36.48
N PHE D 543 114.32 10.91 35.49
CA PHE D 543 114.10 9.48 35.57
C PHE D 543 115.40 8.74 35.33
N LYS D 544 115.34 7.41 35.24
CA LYS D 544 116.57 6.61 35.19
C LYS D 544 117.48 7.03 34.03
N GLN D 545 116.90 7.43 32.90
CA GLN D 545 117.71 7.78 31.74
C GLN D 545 118.68 8.92 32.04
N GLU D 546 118.30 9.82 32.95
CA GLU D 546 119.11 11.01 33.19
C GLU D 546 120.49 10.65 33.72
N ILE D 547 120.59 9.59 34.53
CA ILE D 547 121.86 9.23 35.15
C ILE D 547 122.89 8.81 34.12
N PHE D 548 122.48 8.15 33.06
CA PHE D 548 123.44 7.61 32.12
C PHE D 548 123.59 8.40 30.81
N ASP D 549 122.72 9.36 30.59
CA ASP D 549 122.79 10.16 29.38
C ASP D 549 124.15 10.84 29.26
N VAL D 550 124.87 10.56 28.17
CA VAL D 550 126.20 11.14 28.00
C VAL D 550 126.14 12.55 27.41
N THR D 551 125.03 12.93 26.80
CA THR D 551 124.89 14.25 26.21
C THR D 551 124.47 15.25 27.29
N SER D 552 124.21 16.49 26.86
CA SER D 552 123.87 17.54 27.82
C SER D 552 122.56 17.25 28.52
N ASN D 553 121.67 16.46 27.91
CA ASN D 553 120.40 16.14 28.53
C ASN D 553 120.58 15.39 29.85
N GLY D 554 121.74 14.78 30.08
CA GLY D 554 122.01 14.17 31.37
C GLY D 554 122.09 15.18 32.49
N LEU D 555 122.60 16.37 32.21
CA LEU D 555 122.74 17.43 33.21
C LEU D 555 121.61 18.42 33.03
N LYS D 556 120.59 18.31 33.89
CA LYS D 556 119.48 19.25 33.91
C LYS D 556 119.37 19.82 35.32
N LYS D 557 119.30 21.14 35.41
CA LYS D 557 119.20 21.85 36.68
C LYS D 557 117.79 22.39 36.85
N ASN D 558 117.30 22.33 38.08
CA ASN D 558 115.98 22.88 38.38
C ASN D 558 116.09 24.36 38.66
N PRO D 559 114.98 25.07 38.57
CA PRO D 559 115.00 26.52 38.78
C PRO D 559 115.19 27.00 40.18
N ASN D 560 116.15 27.87 40.42
CA ASN D 560 116.25 28.54 41.71
C ASN D 560 115.65 29.93 41.52
N TRP D 561 114.46 30.17 42.06
CA TRP D 561 113.77 31.42 41.81
C TRP D 561 114.54 32.63 42.25
N LEU D 562 115.09 32.59 43.45
CA LEU D 562 115.76 33.77 43.96
C LEU D 562 116.85 34.25 43.02
N GLU D 563 117.53 33.32 42.34
CA GLU D 563 118.58 33.68 41.38
C GLU D 563 118.01 33.99 40.00
N GLU D 564 117.06 33.20 39.56
CA GLU D 564 116.51 33.38 38.23
C GLU D 564 115.75 34.67 38.05
N TYR D 565 115.12 35.17 39.09
CA TYR D 565 114.31 36.37 39.00
C TYR D 565 114.81 37.42 39.97
N HIS D 566 116.09 37.38 40.30
CA HIS D 566 116.69 38.37 41.18
C HIS D 566 116.56 39.76 40.56
N PRO D 567 116.08 40.76 41.29
CA PRO D 567 116.05 42.12 40.74
C PRO D 567 117.45 42.68 40.56
N LYS D 568 117.58 43.57 39.58
CA LYS D 568 118.86 44.19 39.30
C LYS D 568 118.70 45.65 38.97
N LEU D 569 119.79 46.36 38.84
CA LEU D 569 119.74 47.75 38.46
C LEU D 569 120.49 47.90 37.16
N ILE D 570 119.98 48.70 36.25
CA ILE D 570 120.65 48.97 35.01
C ILE D 570 120.55 50.46 34.76
N LYS D 571 121.30 51.00 33.81
CA LYS D 571 121.23 52.40 33.45
C LYS D 571 121.52 52.56 31.96
N ASN D 572 121.01 53.65 31.41
CA ASN D 572 121.21 53.94 30.01
C ASN D 572 122.29 55.01 29.84
N LYS D 573 122.49 55.53 28.66
CA LYS D 573 123.52 56.53 28.44
C LYS D 573 123.28 57.84 29.18
N SER D 574 122.03 58.23 29.36
CA SER D 574 121.74 59.44 30.12
C SER D 574 122.10 59.27 31.60
N GLY D 575 122.31 58.04 32.06
CA GLY D 575 122.57 57.79 33.46
C GLY D 575 121.33 57.53 34.30
N LYS D 576 120.19 57.31 33.66
CA LYS D 576 118.98 57.00 34.40
C LYS D 576 119.00 55.56 34.85
N ILE D 577 118.74 55.34 36.13
CA ILE D 577 118.76 54.00 36.67
C ILE D 577 117.38 53.38 36.62
N PHE D 578 117.33 52.11 36.25
CA PHE D 578 116.09 51.35 36.15
C PHE D 578 116.19 50.13 37.06
N VAL D 579 115.07 49.79 37.71
CA VAL D 579 114.95 48.52 38.41
C VAL D 579 114.74 47.46 37.34
N GLU D 580 115.77 46.71 37.01
CA GLU D 580 115.70 45.77 35.92
C GLU D 580 114.88 44.56 36.27
N THR D 581 113.87 44.31 35.47
CA THR D 581 112.96 43.20 35.72
C THR D 581 112.43 42.72 34.38
N LYS D 582 111.90 41.51 34.35
CA LYS D 582 111.31 40.95 33.15
C LYS D 582 110.27 41.87 32.53
N PHE D 583 109.35 42.41 33.33
CA PHE D 583 108.41 43.41 32.84
C PHE D 583 109.11 44.69 32.43
N SER D 584 109.97 45.21 33.31
CA SER D 584 110.71 46.43 32.99
C SER D 584 111.61 46.23 31.78
N LYS D 585 112.22 45.06 31.65
CA LYS D 585 113.04 44.77 30.48
C LYS D 585 112.20 44.81 29.21
N LEU D 586 110.98 44.29 29.27
CA LEU D 586 110.12 44.33 28.10
C LEU D 586 109.73 45.76 27.72
N ILE D 587 109.16 46.52 28.65
CA ILE D 587 108.62 47.84 28.31
C ILE D 587 109.56 49.01 28.44
N GLY D 588 110.79 48.78 28.83
CA GLY D 588 111.74 49.88 28.87
C GLY D 588 111.39 50.97 29.85
N ARG D 589 110.57 50.68 30.85
CA ARG D 589 110.12 51.66 31.82
C ARG D 589 110.06 51.01 33.16
N PRO D 590 110.10 51.77 34.24
CA PRO D 590 110.03 51.21 35.59
C PRO D 590 108.91 50.15 35.73
N PRO D 591 109.13 49.08 36.52
CA PRO D 591 108.12 48.01 36.65
C PRO D 591 106.94 48.38 37.54
N LEU D 592 106.38 49.57 37.32
CA LEU D 592 105.28 50.07 38.11
C LEU D 592 104.24 50.65 37.17
N LEU D 593 102.97 50.32 37.33
CA LEU D 593 101.92 50.74 36.42
C LEU D 593 100.69 51.16 37.21
N VAL D 594 99.89 52.00 36.58
CA VAL D 594 98.59 52.43 37.13
C VAL D 594 97.51 51.60 36.45
N PRO D 595 96.75 50.79 37.17
CA PRO D 595 95.75 49.94 36.52
C PRO D 595 94.53 50.74 36.10
N GLY D 596 93.75 50.14 35.20
CA GLY D 596 92.51 50.74 34.77
C GLY D 596 91.58 50.97 35.95
N MET D 597 91.11 52.18 36.16
CA MET D 597 90.17 52.43 37.23
C MET D 597 89.04 53.31 36.77
N THR D 598 87.81 52.81 36.90
CA THR D 598 86.65 53.62 36.56
C THR D 598 86.05 54.05 37.86
N PRO D 599 86.28 55.32 38.26
CA PRO D 599 86.32 56.52 37.42
C PRO D 599 87.68 57.18 37.15
N CYS D 600 88.70 56.98 37.97
CA CYS D 600 90.00 57.71 37.84
C CYS D 600 90.84 57.69 36.55
N THR D 601 90.91 56.57 35.85
CA THR D 601 91.74 56.49 34.65
C THR D 601 90.89 56.72 33.42
N VAL D 602 89.67 57.17 33.62
CA VAL D 602 88.82 57.50 32.49
C VAL D 602 89.29 58.84 31.94
N SER D 603 89.74 59.74 32.80
CA SER D 603 90.21 61.05 32.38
C SER D 603 91.38 60.96 31.44
N PRO D 604 91.23 61.52 30.23
CA PRO D 604 92.40 61.53 29.35
C PRO D 604 93.53 62.41 29.88
N ASP D 605 93.22 63.38 30.72
CA ASP D 605 94.26 64.23 31.31
C ASP D 605 95.13 63.43 32.27
N PHE D 606 94.51 62.59 33.10
CA PHE D 606 95.29 61.80 34.06
C PHE D 606 96.11 60.74 33.37
N VAL D 607 95.55 60.10 32.34
CA VAL D 607 96.30 59.11 31.57
C VAL D 607 97.53 59.77 30.95
N ALA D 608 97.35 60.93 30.33
CA ALA D 608 98.46 61.63 29.70
C ALA D 608 99.48 62.07 30.73
N ALA D 609 99.02 62.54 31.90
CA ALA D 609 99.95 62.97 32.94
C ALA D 609 100.80 61.81 33.44
N THR D 610 100.17 60.65 33.66
CA THR D 610 100.92 59.49 34.12
C THR D 610 101.90 59.02 33.05
N THR D 611 101.51 59.01 31.79
CA THR D 611 102.39 58.60 30.72
C THR D 611 103.55 59.57 30.53
N ASN D 612 103.31 60.86 30.68
CA ASN D 612 104.38 61.85 30.58
C ASN D 612 105.31 61.82 31.77
N ALA D 613 104.87 61.27 32.91
CA ALA D 613 105.75 61.06 34.04
C ALA D 613 106.71 59.89 33.82
N GLY D 614 106.37 58.97 32.93
CA GLY D 614 107.20 57.84 32.60
C GLY D 614 106.74 56.51 33.16
N TYR D 615 105.45 56.35 33.38
CA TYR D 615 104.92 55.15 33.96
C TYR D 615 103.72 54.66 33.21
N THR D 616 103.56 53.34 33.14
CA THR D 616 102.45 52.74 32.42
C THR D 616 101.10 53.00 33.05
N ILE D 617 100.07 53.19 32.23
CA ILE D 617 98.72 53.43 32.73
C ILE D 617 97.72 52.89 31.72
N GLU D 618 96.58 52.43 32.19
CA GLU D 618 95.53 51.89 31.33
C GLU D 618 94.34 52.84 31.33
N LEU D 619 93.95 53.29 30.14
CA LEU D 619 92.75 54.09 30.02
C LEU D 619 91.52 53.23 30.23
N ALA D 620 90.67 53.61 31.18
CA ALA D 620 89.55 52.77 31.59
C ALA D 620 88.44 52.85 30.56
N GLY D 621 88.11 51.71 29.96
CA GLY D 621 86.99 51.63 29.04
C GLY D 621 85.64 51.58 29.70
N GLY D 622 85.59 51.44 31.03
CA GLY D 622 84.34 51.42 31.76
C GLY D 622 83.66 52.75 31.88
N GLY D 623 84.33 53.83 31.50
CA GLY D 623 83.73 55.15 31.47
C GLY D 623 83.25 55.60 30.11
N TYR D 624 83.21 54.67 29.16
CA TYR D 624 82.84 55.01 27.80
C TYR D 624 81.76 54.09 27.32
N PHE D 625 80.85 54.61 26.50
CA PHE D 625 79.70 53.84 26.10
C PHE D 625 79.52 53.72 24.60
N SER D 626 80.51 54.15 23.83
CA SER D 626 80.46 54.03 22.38
C SER D 626 81.86 54.04 21.85
N ALA D 627 82.05 53.62 20.61
CA ALA D 627 83.37 53.71 20.00
C ALA D 627 83.76 55.16 19.73
N ALA D 628 82.80 56.01 19.41
CA ALA D 628 83.12 57.41 19.11
C ALA D 628 83.69 58.13 20.33
N GLY D 629 83.10 57.88 21.50
CA GLY D 629 83.53 58.57 22.70
C GLY D 629 84.89 58.13 23.13
N MET D 630 85.13 56.82 23.08
CA MET D 630 86.46 56.30 23.41
C MET D 630 87.49 56.76 22.40
N THR D 631 87.10 56.86 21.13
CA THR D 631 88.00 57.38 20.11
C THR D 631 88.40 58.82 20.42
N ALA D 632 87.46 59.63 20.87
CA ALA D 632 87.78 61.01 21.21
C ALA D 632 88.67 61.09 22.43
N ALA D 633 88.50 60.18 23.37
CA ALA D 633 89.32 60.17 24.58
C ALA D 633 90.72 59.70 24.26
N ILE D 634 90.85 58.74 23.38
CA ILE D 634 92.17 58.26 22.97
C ILE D 634 92.87 59.33 22.14
N ASP D 635 92.14 60.04 21.29
CA ASP D 635 92.73 61.12 20.52
C ASP D 635 93.23 62.24 21.43
N SER D 636 92.46 62.56 22.48
CA SER D 636 92.92 63.55 23.45
C SER D 636 94.21 63.10 24.11
N VAL D 637 94.25 61.85 24.56
CA VAL D 637 95.46 61.32 25.20
C VAL D 637 96.64 61.41 24.25
N VAL D 638 96.43 61.02 22.99
CA VAL D 638 97.52 61.06 22.01
C VAL D 638 98.00 62.49 21.80
N SER D 639 97.07 63.43 21.72
CA SER D 639 97.46 64.82 21.52
C SER D 639 98.18 65.39 22.73
N GLN D 640 97.98 64.80 23.92
CA GLN D 640 98.66 65.30 25.10
C GLN D 640 100.02 64.65 25.37
N ILE D 641 100.20 63.38 25.01
CA ILE D 641 101.45 62.70 25.32
C ILE D 641 102.52 63.08 24.30
N GLU D 642 103.77 62.94 24.70
CA GLU D 642 104.90 63.29 23.85
C GLU D 642 105.11 62.23 22.77
N LYS D 643 105.74 62.64 21.69
CA LYS D 643 106.01 61.74 20.58
C LYS D 643 106.83 60.55 21.03
N GLY D 644 106.41 59.35 20.63
CA GLY D 644 107.07 58.12 20.98
C GLY D 644 106.48 57.39 22.17
N SER D 645 105.58 58.03 22.91
CA SER D 645 105.00 57.41 24.09
C SER D 645 103.84 56.49 23.71
N THR D 646 103.39 55.69 24.65
CA THR D 646 102.32 54.75 24.40
C THR D 646 101.51 54.59 25.66
N PHE D 647 100.43 53.83 25.60
CA PHE D 647 99.59 53.60 26.75
C PHE D 647 98.71 52.42 26.52
N GLY D 648 97.96 52.00 27.52
CA GLY D 648 97.13 50.82 27.42
C GLY D 648 95.67 51.14 27.59
N ILE D 649 94.84 50.12 27.34
CA ILE D 649 93.40 50.20 27.48
C ILE D 649 92.93 49.05 28.36
N ASN D 650 91.99 49.34 29.26
CA ASN D 650 91.39 48.34 30.13
C ASN D 650 89.94 48.13 29.72
N LEU D 651 89.56 46.87 29.52
CA LEU D 651 88.18 46.53 29.15
C LEU D 651 87.60 45.55 30.17
N ILE D 652 86.30 45.68 30.43
CA ILE D 652 85.62 44.83 31.36
C ILE D 652 85.01 43.62 30.66
N TYR D 653 85.28 42.43 31.16
CA TYR D 653 84.81 41.23 30.49
C TYR D 653 83.35 40.91 30.76
N VAL D 654 82.78 41.49 31.82
CA VAL D 654 81.39 41.28 32.15
C VAL D 654 80.53 42.32 31.48
N ASN D 655 81.10 43.13 30.59
CA ASN D 655 80.32 44.07 29.81
C ASN D 655 80.37 43.61 28.38
N PRO D 656 79.44 42.73 27.99
CA PRO D 656 79.53 42.22 26.63
C PRO D 656 79.45 43.32 25.61
N PHE D 657 78.73 44.39 25.89
CA PHE D 657 78.55 45.45 24.93
C PHE D 657 79.86 46.16 24.70
N MET D 658 80.57 46.44 25.77
CA MET D 658 81.85 47.12 25.69
C MET D 658 82.80 46.33 24.84
N LEU D 659 82.84 45.03 25.03
CA LEU D 659 83.76 44.21 24.30
C LEU D 659 83.36 44.22 22.85
N GLN D 660 82.06 44.23 22.60
CA GLN D 660 81.58 44.21 21.24
C GLN D 660 81.97 45.47 20.50
N TRP D 661 81.88 46.62 21.16
CA TRP D 661 82.27 47.86 20.49
C TRP D 661 83.73 48.24 20.71
N GLY D 662 84.41 47.64 21.68
CA GLY D 662 85.78 48.04 21.99
C GLY D 662 86.85 47.25 21.28
N ILE D 663 86.70 45.92 21.20
CA ILE D 663 87.72 45.10 20.55
C ILE D 663 87.87 45.48 19.09
N PRO D 664 86.80 45.61 18.29
CA PRO D 664 86.98 46.13 16.92
C PRO D 664 87.62 47.50 16.89
N LEU D 665 87.28 48.37 17.85
CA LEU D 665 87.87 49.71 17.87
C LEU D 665 89.38 49.63 18.07
N ILE D 666 89.82 48.79 19.01
CA ILE D 666 91.26 48.63 19.24
C ILE D 666 91.93 48.07 18.01
N LYS D 667 91.30 47.09 17.36
CA LYS D 667 91.87 46.54 16.14
C LYS D 667 92.04 47.62 15.08
N GLU D 668 91.01 48.42 14.86
CA GLU D 668 91.07 49.47 13.86
C GLU D 668 92.14 50.50 14.19
N LEU D 669 92.20 50.93 15.45
CA LEU D 669 93.17 51.94 15.84
C LEU D 669 94.60 51.43 15.70
N ARG D 670 94.83 50.17 16.10
CA ARG D 670 96.17 49.59 15.94
C ARG D 670 96.53 49.48 14.47
N SER D 671 95.58 49.09 13.62
CA SER D 671 95.84 49.08 12.19
C SER D 671 96.19 50.47 11.70
N LYS D 672 95.63 51.50 12.33
CA LYS D 672 96.00 52.88 12.01
C LYS D 672 97.36 53.27 12.58
N GLY D 673 97.93 52.46 13.47
CA GLY D 673 99.20 52.78 14.08
C GLY D 673 99.11 53.55 15.38
N TYR D 674 97.97 53.52 16.06
CA TYR D 674 97.83 54.24 17.31
C TYR D 674 98.75 53.64 18.38
N PRO D 675 99.30 54.48 19.26
CA PRO D 675 100.25 53.98 20.28
C PRO D 675 99.56 53.31 21.46
N ILE D 676 98.79 52.26 21.17
CA ILE D 676 98.16 51.45 22.19
C ILE D 676 99.07 50.25 22.43
N GLN D 677 99.81 50.26 23.50
CA GLN D 677 100.79 49.21 23.73
C GLN D 677 100.21 47.89 24.14
N PHE D 678 99.13 47.93 24.90
CA PHE D 678 98.62 46.68 25.46
C PHE D 678 97.14 46.84 25.78
N LEU D 679 96.50 45.70 25.99
CA LEU D 679 95.11 45.63 26.42
C LEU D 679 95.04 44.78 27.69
N THR D 680 94.37 45.30 28.71
CA THR D 680 94.12 44.57 29.94
C THR D 680 92.63 44.25 30.05
N ILE D 681 92.32 43.03 30.49
CA ILE D 681 90.95 42.58 30.64
C ILE D 681 90.68 42.40 32.13
N GLY D 682 89.70 43.15 32.65
CA GLY D 682 89.32 43.09 34.04
C GLY D 682 88.00 42.36 34.22
N ALA D 683 87.74 42.00 35.49
CA ALA D 683 86.50 41.33 35.87
C ALA D 683 86.28 40.06 35.05
N GLY D 684 87.29 39.21 35.00
CA GLY D 684 87.16 37.96 34.27
C GLY D 684 88.32 37.65 33.37
N VAL D 685 88.54 36.37 33.10
CA VAL D 685 89.58 35.96 32.21
C VAL D 685 88.86 35.39 31.03
N PRO D 686 89.27 35.78 29.81
CA PRO D 686 88.63 35.23 28.62
C PRO D 686 88.90 33.75 28.47
N SER D 687 88.24 33.15 27.49
CA SER D 687 88.46 31.76 27.19
C SER D 687 89.65 31.72 26.30
N LEU D 688 90.22 30.54 26.14
CA LEU D 688 91.38 30.40 25.31
C LEU D 688 91.12 30.92 23.92
N GLU D 689 89.97 30.63 23.36
CA GLU D 689 89.69 31.04 22.00
C GLU D 689 89.63 32.56 21.83
N VAL D 690 89.01 33.26 22.77
CA VAL D 690 88.92 34.71 22.70
C VAL D 690 90.29 35.29 22.91
N ALA D 691 91.05 34.71 23.83
CA ALA D 691 92.37 35.21 24.11
C ALA D 691 93.21 35.08 22.87
N SER D 692 93.08 33.97 22.16
CA SER D 692 93.83 33.81 20.91
C SER D 692 93.40 34.87 19.90
N GLU D 693 92.10 35.13 19.81
CA GLU D 693 91.64 36.19 18.90
C GLU D 693 92.27 37.52 19.25
N TYR D 694 92.27 37.88 20.53
CA TYR D 694 92.90 39.14 20.93
C TYR D 694 94.38 39.14 20.56
N ILE D 695 95.11 38.11 20.95
CA ILE D 695 96.56 38.08 20.78
C ILE D 695 96.92 38.19 19.31
N GLU D 696 96.21 37.46 18.44
CA GLU D 696 96.54 37.48 17.02
C GLU D 696 96.08 38.79 16.37
N THR D 697 94.78 39.08 16.45
CA THR D 697 94.22 40.17 15.66
C THR D 697 94.67 41.54 16.15
N LEU D 698 94.64 41.78 17.46
CA LEU D 698 94.71 43.15 17.93
C LEU D 698 96.07 43.80 17.67
N GLY D 699 97.11 43.01 17.43
CA GLY D 699 98.42 43.57 17.13
C GLY D 699 98.99 44.38 18.27
N LEU D 700 98.88 43.89 19.50
CA LEU D 700 99.39 44.55 20.68
C LEU D 700 100.75 43.98 21.07
N LYS D 701 101.46 44.72 21.92
CA LYS D 701 102.75 44.25 22.40
C LYS D 701 102.59 43.14 23.44
N TYR D 702 101.62 43.29 24.36
CA TYR D 702 101.36 42.23 25.32
C TYR D 702 99.93 42.36 25.81
N LEU D 703 99.46 41.29 26.46
CA LEU D 703 98.10 41.18 26.94
C LEU D 703 98.11 41.11 28.46
N GLY D 704 97.32 41.97 29.11
CA GLY D 704 97.18 41.95 30.55
C GLY D 704 95.93 41.20 30.96
N LEU D 705 96.08 40.32 31.94
CA LEU D 705 94.97 39.57 32.50
C LEU D 705 95.01 39.66 34.01
N LYS D 706 93.82 39.64 34.63
CA LYS D 706 93.67 39.82 36.08
C LYS D 706 92.90 38.65 36.65
N PRO D 707 93.56 37.51 36.84
CA PRO D 707 92.87 36.37 37.47
C PRO D 707 92.44 36.70 38.89
N GLY D 708 91.30 36.13 39.28
CA GLY D 708 90.74 36.38 40.60
C GLY D 708 90.85 35.22 41.56
N SER D 709 91.24 34.05 41.06
CA SER D 709 91.30 32.84 41.89
C SER D 709 92.23 31.84 41.24
N ILE D 710 92.34 30.67 41.88
CA ILE D 710 93.23 29.62 41.38
C ILE D 710 92.82 29.20 39.97
N ASP D 711 91.52 29.00 39.75
CA ASP D 711 91.06 28.57 38.44
C ASP D 711 91.36 29.63 37.38
N ALA D 712 91.22 30.88 37.76
CA ALA D 712 91.50 31.95 36.84
C ALA D 712 92.98 31.95 36.49
N ILE D 713 93.84 31.70 37.47
CA ILE D 713 95.28 31.63 37.23
C ILE D 713 95.60 30.45 36.32
N SER D 714 94.92 29.33 36.50
CA SER D 714 95.14 28.18 35.61
C SER D 714 94.73 28.52 34.18
N GLN D 715 93.64 29.25 34.02
CA GLN D 715 93.22 29.63 32.70
C GLN D 715 94.22 30.62 32.08
N VAL D 716 94.79 31.52 32.87
CA VAL D 716 95.84 32.41 32.38
C VAL D 716 97.05 31.60 31.94
N ILE D 717 97.42 30.59 32.72
CA ILE D 717 98.56 29.74 32.36
C ILE D 717 98.28 29.01 31.07
N ASN D 718 97.06 28.51 30.88
CA ASN D 718 96.73 27.85 29.63
C ASN D 718 96.81 28.81 28.45
N ILE D 719 96.35 30.05 28.63
CA ILE D 719 96.48 31.04 27.56
C ILE D 719 97.94 31.28 27.23
N ALA D 720 98.77 31.45 28.25
CA ALA D 720 100.20 31.68 28.02
C ALA D 720 100.86 30.47 27.37
N LYS D 721 100.37 29.27 27.65
CA LYS D 721 100.93 28.06 27.05
C LYS D 721 100.54 27.94 25.58
N ALA D 722 99.30 28.29 25.25
CA ALA D 722 98.88 28.23 23.85
C ALA D 722 99.66 29.19 22.98
N HIS D 723 100.21 30.25 23.57
CA HIS D 723 100.98 31.27 22.85
C HIS D 723 102.29 31.47 23.58
N PRO D 724 103.22 30.51 23.47
CA PRO D 724 104.43 30.56 24.31
C PRO D 724 105.33 31.75 24.06
N ASN D 725 105.18 32.45 22.93
CA ASN D 725 106.07 33.56 22.60
C ASN D 725 105.48 34.91 22.96
N PHE D 726 104.16 35.03 23.02
CA PHE D 726 103.54 36.31 23.31
C PHE D 726 103.70 36.64 24.79
N PRO D 727 104.05 37.88 25.14
CA PRO D 727 104.10 38.23 26.57
C PRO D 727 102.71 38.38 27.16
N ILE D 728 102.51 37.78 28.33
CA ILE D 728 101.25 37.83 29.06
C ILE D 728 101.55 38.42 30.44
N ALA D 729 100.86 39.50 30.78
CA ALA D 729 101.03 40.16 32.07
C ALA D 729 99.96 39.65 33.03
N LEU D 730 100.37 38.79 33.96
CA LEU D 730 99.46 38.26 34.97
C LEU D 730 99.40 39.26 36.12
N GLN D 731 98.27 39.93 36.27
CA GLN D 731 98.08 40.97 37.27
C GLN D 731 97.29 40.37 38.42
N TRP D 732 98.00 39.84 39.41
CA TRP D 732 97.35 39.21 40.54
C TRP D 732 96.96 40.25 41.58
N THR D 733 95.74 40.12 42.09
CA THR D 733 95.21 41.00 43.12
C THR D 733 94.36 40.19 44.08
N GLY D 734 94.48 40.49 45.38
CA GLY D 734 93.65 39.86 46.37
C GLY D 734 92.35 40.61 46.58
N GLY D 735 91.50 40.03 47.43
CA GLY D 735 90.25 40.68 47.77
C GLY D 735 90.40 41.97 48.56
N ARG D 736 91.59 42.24 49.03
CA ARG D 736 91.85 43.42 49.81
C ARG D 736 91.94 44.70 48.97
N GLY D 737 91.90 44.61 47.66
CA GLY D 737 91.95 45.79 46.83
C GLY D 737 90.66 46.59 46.72
N GLY D 738 90.75 47.85 46.35
CA GLY D 738 89.58 48.68 46.15
C GLY D 738 88.78 48.34 44.92
N GLY D 739 87.55 48.84 44.83
CA GLY D 739 86.68 48.56 43.71
C GLY D 739 86.03 47.20 43.84
N HIS D 740 85.69 46.58 42.72
CA HIS D 740 85.16 45.23 42.79
C HIS D 740 86.23 44.29 43.24
N HIS D 741 85.96 43.55 44.31
CA HIS D 741 86.97 42.67 44.87
C HIS D 741 86.49 41.25 45.05
N SER D 742 87.44 40.34 45.15
CA SER D 742 87.12 38.93 45.34
C SER D 742 87.18 38.59 46.83
N PHE D 743 86.97 37.31 47.12
CA PHE D 743 87.04 36.80 48.49
C PHE D 743 88.39 36.16 48.81
N GLU D 744 89.34 36.22 47.88
CA GLU D 744 90.57 35.44 48.01
C GLU D 744 91.60 36.15 48.88
N ASP D 745 92.45 35.37 49.52
CA ASP D 745 93.57 35.94 50.24
C ASP D 745 94.54 36.41 49.18
N ALA D 746 95.43 37.32 49.52
CA ALA D 746 96.40 37.86 48.57
C ALA D 746 97.64 36.99 48.43
N HIS D 747 97.93 36.15 49.41
CA HIS D 747 99.15 35.35 49.38
C HIS D 747 98.98 33.85 49.12
N THR D 748 98.01 33.16 49.70
CA THR D 748 97.92 31.72 49.50
C THR D 748 97.81 31.32 48.03
N PRO D 749 97.02 32.00 47.17
CA PRO D 749 97.01 31.60 45.76
C PRO D 749 98.37 31.72 45.10
N MET D 750 99.14 32.75 45.48
CA MET D 750 100.47 32.91 44.90
C MET D 750 101.42 31.83 45.41
N LEU D 751 101.39 31.57 46.72
CA LEU D 751 102.20 30.48 47.26
C LEU D 751 101.83 29.16 46.58
N GLN D 752 100.58 29.00 46.16
CA GLN D 752 100.15 27.76 45.53
C GLN D 752 100.60 27.67 44.08
N MET D 753 100.54 28.78 43.34
CA MET D 753 100.67 28.73 41.88
C MET D 753 101.93 29.40 41.35
N TYR D 754 102.86 29.83 42.21
CA TYR D 754 104.05 30.52 41.72
C TYR D 754 104.90 29.62 40.83
N SER D 755 105.11 28.38 41.25
CA SER D 755 105.87 27.45 40.44
C SER D 755 105.24 27.23 39.07
N LYS D 756 103.93 26.98 39.02
CA LYS D 756 103.25 26.81 37.74
C LYS D 756 103.43 28.05 36.88
N ILE D 757 103.37 29.22 37.47
CA ILE D 757 103.49 30.41 36.66
C ILE D 757 104.88 30.50 36.10
N ARG D 758 105.89 30.27 36.92
CA ARG D 758 107.25 30.47 36.47
C ARG D 758 107.74 29.44 35.48
N ARG D 759 106.95 28.41 35.23
CA ARG D 759 107.33 27.40 34.28
C ARG D 759 107.09 27.95 32.92
N HIS D 760 106.48 29.12 32.86
CA HIS D 760 106.25 29.80 31.59
C HIS D 760 106.98 31.12 31.53
N PRO D 761 108.09 31.19 30.76
CA PRO D 761 108.84 32.45 30.77
C PRO D 761 108.11 33.63 30.15
N ASN D 762 107.04 33.39 29.38
CA ASN D 762 106.31 34.48 28.74
C ASN D 762 105.28 35.12 29.66
N ILE D 763 105.14 34.63 30.88
CA ILE D 763 104.25 35.26 31.84
C ILE D 763 104.99 36.19 32.77
N MET D 764 104.53 37.43 32.90
CA MET D 764 105.10 38.40 33.81
C MET D 764 104.20 38.55 35.01
N LEU D 765 104.76 38.38 36.21
CA LEU D 765 103.98 38.38 37.44
C LEU D 765 103.94 39.78 38.02
N ILE D 766 102.75 40.36 38.09
CA ILE D 766 102.51 41.66 38.70
C ILE D 766 101.68 41.45 39.96
N PHE D 767 102.12 42.06 41.06
CA PHE D 767 101.43 41.97 42.35
C PHE D 767 100.77 43.30 42.67
N GLY D 768 99.51 43.26 43.07
CA GLY D 768 98.78 44.46 43.42
C GLY D 768 97.93 44.30 44.67
N SER D 769 96.89 45.12 44.78
CA SER D 769 95.90 45.01 45.86
C SER D 769 96.53 45.21 47.24
N GLY D 770 96.97 46.46 47.48
CA GLY D 770 97.31 46.86 48.82
C GLY D 770 98.69 47.47 49.00
N PHE D 771 99.18 48.13 47.97
CA PHE D 771 100.50 48.67 48.03
C PHE D 771 100.44 50.17 47.97
N GLY D 772 101.40 50.85 48.58
CA GLY D 772 101.42 52.29 48.56
C GLY D 772 102.78 52.93 48.55
N SER D 773 103.84 52.14 48.62
CA SER D 773 105.18 52.68 48.68
C SER D 773 106.21 51.63 48.42
N ALA D 774 107.46 52.05 48.37
CA ALA D 774 108.56 51.13 48.11
C ALA D 774 108.84 50.23 49.30
N ASP D 775 108.51 50.66 50.51
CA ASP D 775 108.86 49.88 51.70
C ASP D 775 108.03 48.61 51.79
N ASP D 776 106.74 48.67 51.46
CA ASP D 776 105.87 47.51 51.54
C ASP D 776 105.86 46.68 50.27
N THR D 777 106.46 47.17 49.19
CA THR D 777 106.59 46.39 47.97
C THR D 777 107.96 45.76 47.80
N TYR D 778 108.95 46.20 48.58
CA TYR D 778 110.30 45.67 48.44
C TYR D 778 110.39 44.19 48.78
N PRO D 779 109.69 43.72 49.81
CA PRO D 779 109.82 42.30 50.12
C PRO D 779 109.29 41.41 49.01
N TYR D 780 108.42 41.93 48.17
CA TYR D 780 107.90 41.20 47.02
C TYR D 780 108.83 41.34 45.85
N LEU D 781 109.49 42.48 45.73
CA LEU D 781 110.49 42.63 44.68
C LEU D 781 111.64 41.65 44.88
N THR D 782 112.11 41.51 46.12
CA THR D 782 113.24 40.63 46.41
C THR D 782 112.84 39.18 46.62
N GLY D 783 111.55 38.89 46.76
CA GLY D 783 111.08 37.54 46.97
C GLY D 783 111.08 37.09 48.40
N GLU D 784 111.64 37.87 49.32
CA GLU D 784 111.70 37.49 50.73
C GLU D 784 110.33 37.47 51.40
N TRP D 785 109.29 37.96 50.76
CA TRP D 785 107.97 37.97 51.37
C TRP D 785 107.48 36.58 51.70
N SER D 786 107.87 35.58 50.93
CA SER D 786 107.36 34.24 51.12
C SER D 786 108.15 33.44 52.15
N THR D 787 109.30 33.93 52.61
CA THR D 787 110.08 33.18 53.57
C THR D 787 109.34 33.02 54.89
N LYS D 788 108.56 34.03 55.28
CA LYS D 788 107.80 34.00 56.54
C LYS D 788 106.76 32.91 56.51
N PHE D 789 106.37 32.51 55.32
CA PHE D 789 105.46 31.38 55.18
C PHE D 789 106.19 30.06 55.01
N ASP D 790 107.48 30.01 55.36
CA ASP D 790 108.29 28.80 55.22
C ASP D 790 108.31 28.32 53.78
N TYR D 791 108.56 29.25 52.87
CA TYR D 791 108.69 28.98 51.44
C TYR D 791 110.00 29.56 50.93
N PRO D 792 110.50 29.07 49.80
CA PRO D 792 111.65 29.72 49.17
C PRO D 792 111.26 31.09 48.66
N PRO D 793 112.22 32.01 48.54
CA PRO D 793 111.88 33.35 48.03
C PRO D 793 111.24 33.29 46.65
N MET D 794 110.23 34.13 46.45
CA MET D 794 109.48 34.21 45.20
C MET D 794 109.41 35.66 44.75
N PRO D 795 110.41 36.14 44.02
CA PRO D 795 110.35 37.52 43.53
C PRO D 795 109.26 37.70 42.48
N PHE D 796 108.75 38.93 42.40
CA PHE D 796 107.73 39.32 41.44
C PHE D 796 108.29 40.32 40.45
N ASP D 797 107.60 40.45 39.31
CA ASP D 797 108.10 41.26 38.21
C ASP D 797 107.69 42.72 38.27
N GLY D 798 106.65 43.07 39.03
CA GLY D 798 106.22 44.45 39.08
C GLY D 798 105.02 44.60 39.99
N PHE D 799 104.53 45.84 40.07
CA PHE D 799 103.45 46.20 40.98
C PHE D 799 102.51 47.19 40.31
N LEU D 800 101.26 47.19 40.78
CA LEU D 800 100.26 48.15 40.37
C LEU D 800 99.68 48.82 41.61
N PHE D 801 99.37 50.10 41.48
CA PHE D 801 98.88 50.88 42.59
C PHE D 801 97.63 51.61 42.21
N GLY D 802 96.47 51.09 42.61
CA GLY D 802 95.21 51.76 42.31
C GLY D 802 94.81 52.79 43.34
N SER D 803 94.30 52.34 44.46
CA SER D 803 93.88 53.23 45.52
C SER D 803 94.91 54.30 45.89
N ARG D 804 96.20 53.97 45.86
CA ARG D 804 97.27 54.93 46.19
C ARG D 804 97.29 56.23 45.40
N VAL D 805 96.89 56.22 44.13
CA VAL D 805 96.98 57.39 43.28
C VAL D 805 95.62 58.06 43.08
N MET D 806 94.69 57.84 44.01
CA MET D 806 93.36 58.45 43.89
C MET D 806 93.32 59.87 44.42
N ILE D 807 94.39 60.34 45.05
CA ILE D 807 94.46 61.70 45.53
C ILE D 807 95.60 62.46 44.82
N ALA D 808 96.06 61.94 43.69
CA ALA D 808 97.11 62.60 42.94
C ALA D 808 96.61 63.92 42.35
N LYS D 809 97.49 64.88 42.19
CA LYS D 809 97.07 66.19 41.73
C LYS D 809 96.38 66.15 40.37
N GLU D 810 96.76 65.23 39.51
CA GLU D 810 96.22 65.20 38.15
C GLU D 810 94.97 64.35 38.00
N VAL D 811 94.49 63.75 39.09
CA VAL D 811 93.27 62.96 39.05
C VAL D 811 92.06 63.88 39.16
N LYS D 812 90.99 63.60 38.42
CA LYS D 812 89.81 64.46 38.39
C LYS D 812 88.97 64.41 39.67
N THR D 813 89.40 63.67 40.67
CA THR D 813 88.61 63.56 41.89
C THR D 813 88.38 64.93 42.51
N SER D 814 87.16 65.15 42.97
CA SER D 814 86.81 66.41 43.59
C SER D 814 87.57 66.58 44.88
N PRO D 815 87.89 67.82 45.25
CA PRO D 815 88.65 68.08 46.48
C PRO D 815 88.07 67.44 47.74
N ASP D 816 86.79 67.59 47.99
CA ASP D 816 86.22 67.05 49.19
C ASP D 816 86.30 65.54 49.15
N ALA D 817 86.26 64.94 47.96
CA ALA D 817 86.45 63.50 47.86
C ALA D 817 87.88 63.11 48.20
N LYS D 818 88.85 63.93 47.78
CA LYS D 818 90.25 63.65 48.12
C LYS D 818 90.46 63.76 49.63
N LYS D 819 89.85 64.76 50.26
CA LYS D 819 89.95 64.86 51.72
C LYS D 819 89.32 63.65 52.39
N CYS D 820 88.20 63.16 51.91
CA CYS D 820 87.57 61.99 52.50
C CYS D 820 88.45 60.75 52.34
N ILE D 821 89.03 60.64 51.14
CA ILE D 821 89.93 59.50 50.93
C ILE D 821 91.09 59.55 51.91
N ALA D 822 91.73 60.72 52.03
CA ALA D 822 92.86 60.85 52.94
C ALA D 822 92.45 60.56 54.38
N ALA D 823 91.26 60.95 54.76
CA ALA D 823 90.78 60.69 56.08
C ALA D 823 90.72 59.19 56.30
N CYS D 824 90.38 58.41 55.28
CA CYS D 824 90.46 56.93 55.55
C CYS D 824 91.83 56.40 56.14
N THR D 825 91.87 55.91 57.40
CA THR D 825 93.14 55.51 58.00
C THR D 825 93.64 54.17 57.48
N GLY D 826 92.74 53.28 57.06
CA GLY D 826 93.15 51.98 56.56
C GLY D 826 93.28 50.95 57.66
N VAL D 827 93.58 49.73 57.25
CA VAL D 827 93.70 48.60 58.16
C VAL D 827 94.77 47.65 57.61
N PRO D 828 95.48 46.96 58.50
CA PRO D 828 96.50 46.04 58.04
C PRO D 828 95.90 44.85 57.33
N ASP D 829 96.65 44.16 56.51
CA ASP D 829 96.11 43.04 55.73
C ASP D 829 95.34 42.02 56.53
N ASP D 830 95.85 41.61 57.69
CA ASP D 830 95.19 40.55 58.45
C ASP D 830 93.80 40.94 58.93
N LYS D 831 93.41 42.21 58.84
CA LYS D 831 92.10 42.66 59.28
C LYS D 831 91.24 43.19 58.15
N TRP D 832 91.65 43.05 56.90
CA TRP D 832 90.88 43.62 55.81
C TRP D 832 89.52 42.99 55.69
N GLU D 833 89.40 41.71 55.97
CA GLU D 833 88.12 41.04 55.73
C GLU D 833 87.04 41.54 56.66
N GLN D 834 87.37 42.37 57.63
CA GLN D 834 86.31 43.03 58.41
C GLN D 834 85.77 44.25 57.68
N THR D 835 85.41 44.06 56.41
CA THR D 835 84.67 45.05 55.65
C THR D 835 83.31 44.54 55.19
N TYR D 836 83.14 43.21 55.09
CA TYR D 836 81.83 42.64 54.79
C TYR D 836 80.81 42.94 55.88
N LYS D 837 81.26 43.22 57.10
CA LYS D 837 80.37 43.32 58.26
C LYS D 837 80.24 44.72 58.81
N LYS D 838 81.29 45.54 58.78
CA LYS D 838 81.23 46.88 59.35
C LYS D 838 82.38 47.69 58.79
N PRO D 839 82.30 49.02 58.87
CA PRO D 839 83.41 49.85 58.39
C PRO D 839 84.70 49.53 59.15
N THR D 840 85.81 49.52 58.41
CA THR D 840 87.12 49.29 59.00
C THR D 840 88.14 50.12 58.23
N GLY D 841 88.80 51.04 58.92
CA GLY D 841 89.71 51.94 58.25
C GLY D 841 89.01 52.90 57.30
N GLY D 842 87.73 53.16 57.50
CA GLY D 842 86.96 54.03 56.64
C GLY D 842 86.38 53.35 55.41
N ILE D 843 86.55 52.05 55.26
CA ILE D 843 86.10 51.32 54.08
C ILE D 843 85.11 50.25 54.51
N VAL D 844 84.12 50.01 53.66
CA VAL D 844 83.12 48.97 53.85
C VAL D 844 82.89 48.26 52.52
N THR D 845 82.26 47.10 52.58
CA THR D 845 81.90 46.33 51.40
C THR D 845 80.39 46.36 51.22
N VAL D 846 79.94 46.80 50.05
CA VAL D 846 78.53 46.75 49.67
C VAL D 846 78.41 45.91 48.41
N ARG D 847 77.18 45.69 47.96
CA ARG D 847 76.92 44.87 46.79
C ARG D 847 76.40 45.74 45.65
N SER D 848 76.82 45.41 44.43
CA SER D 848 76.42 46.16 43.25
C SER D 848 75.07 45.61 42.74
N GLU D 849 74.65 46.08 41.57
CA GLU D 849 73.39 45.61 41.01
C GLU D 849 73.42 44.10 40.81
N MET D 850 74.55 43.56 40.35
CA MET D 850 74.71 42.15 40.10
C MET D 850 75.02 41.34 41.36
N GLY D 851 75.17 42.01 42.51
CA GLY D 851 75.52 41.34 43.73
C GLY D 851 77.00 41.16 43.96
N GLU D 852 77.85 41.74 43.12
CA GLU D 852 79.28 41.62 43.31
C GLU D 852 79.74 42.54 44.44
N PRO D 853 80.69 42.10 45.27
CA PRO D 853 81.20 42.99 46.31
C PRO D 853 81.98 44.17 45.72
N ILE D 854 81.90 45.30 46.40
CA ILE D 854 82.69 46.49 46.06
C ILE D 854 83.21 47.10 47.36
N HIS D 855 84.46 47.53 47.34
CA HIS D 855 85.04 48.27 48.45
C HIS D 855 84.82 49.75 48.22
N LYS D 856 84.05 50.39 49.10
CA LYS D 856 83.75 51.81 49.00
C LYS D 856 83.96 52.47 50.35
N ILE D 857 84.20 53.78 50.32
CA ILE D 857 84.39 54.53 51.54
C ILE D 857 83.07 54.56 52.27
N ALA D 858 83.11 54.44 53.58
CA ALA D 858 81.90 54.37 54.40
C ALA D 858 81.34 55.78 54.63
N THR D 859 80.69 56.30 53.60
CA THR D 859 80.04 57.58 53.71
C THR D 859 78.60 57.32 54.12
N ARG D 860 77.81 58.36 54.37
CA ARG D 860 76.40 58.21 54.71
C ARG D 860 75.65 57.52 53.58
N GLY D 861 75.91 57.92 52.34
CA GLY D 861 75.27 57.28 51.21
C GLY D 861 75.61 55.80 51.10
N VAL D 862 76.87 55.46 51.32
CA VAL D 862 77.27 54.06 51.25
C VAL D 862 76.69 53.27 52.42
N MET D 863 76.60 53.87 53.60
CA MET D 863 75.99 53.16 54.72
C MET D 863 74.51 52.92 54.47
N LEU D 864 73.82 53.89 53.86
CA LEU D 864 72.44 53.66 53.43
C LEU D 864 72.38 52.55 52.38
N TRP D 865 73.33 52.54 51.46
CA TRP D 865 73.43 51.47 50.48
C TRP D 865 73.50 50.11 51.16
N LYS D 866 74.36 49.99 52.17
CA LYS D 866 74.50 48.72 52.88
C LYS D 866 73.22 48.36 53.63
N GLU D 867 72.62 49.34 54.32
CA GLU D 867 71.40 49.05 55.06
C GLU D 867 70.31 48.55 54.12
N PHE D 868 70.16 49.19 52.97
CA PHE D 868 69.19 48.71 51.99
C PHE D 868 69.57 47.33 51.48
N ASP D 869 70.86 47.09 51.24
CA ASP D 869 71.30 45.76 50.82
C ASP D 869 70.81 44.69 51.77
N GLU D 870 70.88 44.96 53.07
CA GLU D 870 70.52 43.96 54.07
C GLU D 870 69.08 44.06 54.58
N THR D 871 68.28 45.01 54.10
CA THR D 871 66.89 45.11 54.56
C THR D 871 65.83 45.17 53.45
N ILE D 872 66.18 45.45 52.20
CA ILE D 872 65.21 45.58 51.14
C ILE D 872 65.59 44.67 49.97
N PHE D 873 66.84 44.80 49.52
CA PHE D 873 67.25 44.15 48.27
C PHE D 873 67.42 42.64 48.44
N ASN D 874 67.63 42.16 49.66
CA ASN D 874 67.80 40.74 49.88
C ASN D 874 66.49 39.99 50.02
N LEU D 875 65.35 40.68 50.01
CA LEU D 875 64.07 40.02 50.08
C LEU D 875 63.73 39.37 48.74
N PRO D 876 62.83 38.40 48.73
CA PRO D 876 62.35 37.84 47.46
C PRO D 876 61.45 38.82 46.73
N LYS D 877 61.32 38.58 45.41
CA LYS D 877 60.61 39.53 44.56
C LYS D 877 59.20 39.81 45.07
N ASN D 878 58.52 38.78 45.59
CA ASN D 878 57.14 38.97 46.02
C ASN D 878 57.04 39.78 47.30
N LYS D 879 58.09 39.74 48.13
CA LYS D 879 58.09 40.47 49.39
C LYS D 879 58.54 41.92 49.23
N LEU D 880 59.14 42.27 48.09
CA LEU D 880 59.80 43.57 47.97
C LEU D 880 58.79 44.71 48.04
N VAL D 881 57.72 44.63 47.27
CA VAL D 881 56.78 45.74 47.10
C VAL D 881 56.09 46.08 48.41
N PRO D 882 55.53 45.12 49.15
CA PRO D 882 54.90 45.47 50.42
C PRO D 882 55.87 46.12 51.40
N THR D 883 57.14 45.71 51.39
CA THR D 883 58.10 46.32 52.30
C THR D 883 58.37 47.77 51.92
N LEU D 884 58.47 48.06 50.63
CA LEU D 884 58.64 49.44 50.19
C LEU D 884 57.42 50.27 50.58
N GLU D 885 56.22 49.71 50.41
CA GLU D 885 55.01 50.45 50.80
C GLU D 885 54.98 50.71 52.30
N ALA D 886 55.38 49.72 53.10
CA ALA D 886 55.33 49.87 54.55
C ALA D 886 56.39 50.82 55.09
N LYS D 887 57.55 50.91 54.42
CA LYS D 887 58.67 51.72 54.88
C LYS D 887 58.87 52.97 54.05
N ARG D 888 57.83 53.43 53.34
CA ARG D 888 58.00 54.48 52.34
C ARG D 888 58.54 55.76 52.95
N ASP D 889 57.98 56.19 54.09
CA ASP D 889 58.40 57.45 54.68
C ASP D 889 59.85 57.39 55.13
N TYR D 890 60.25 56.28 55.75
CA TYR D 890 61.64 56.12 56.19
C TYR D 890 62.58 56.17 55.00
N ILE D 891 62.23 55.45 53.93
CA ILE D 891 63.08 55.43 52.74
C ILE D 891 63.21 56.82 52.14
N ILE D 892 62.09 57.56 52.06
CA ILE D 892 62.14 58.89 51.47
C ILE D 892 63.00 59.81 52.31
N SER D 893 62.85 59.76 53.63
CA SER D 893 63.68 60.60 54.49
C SER D 893 65.16 60.27 54.33
N ARG D 894 65.48 58.97 54.28
CA ARG D 894 66.88 58.57 54.15
C ARG D 894 67.45 59.01 52.81
N LEU D 895 66.69 58.84 51.72
CA LEU D 895 67.18 59.30 50.43
C LEU D 895 67.39 60.80 50.42
N ASN D 896 66.46 61.57 51.00
CA ASN D 896 66.59 63.02 50.97
C ASN D 896 67.75 63.50 51.84
N ALA D 897 68.08 62.75 52.89
CA ALA D 897 69.10 63.19 53.83
C ALA D 897 70.50 62.70 53.50
N ASP D 898 70.65 61.49 52.96
CA ASP D 898 71.94 60.80 52.98
C ASP D 898 72.47 60.35 51.62
N PHE D 899 71.65 60.29 50.58
CA PHE D 899 72.04 59.64 49.34
C PHE D 899 72.26 60.65 48.22
N GLN D 900 73.03 60.23 47.22
CA GLN D 900 73.34 61.07 46.08
C GLN D 900 72.18 61.19 45.11
N LYS D 901 71.20 60.28 45.18
CA LYS D 901 69.97 60.39 44.41
C LYS D 901 68.82 60.64 45.36
N PRO D 902 68.35 61.87 45.51
CA PRO D 902 67.26 62.14 46.46
C PRO D 902 65.91 61.72 45.90
N TRP D 903 64.91 61.76 46.77
CA TRP D 903 63.53 61.52 46.35
C TRP D 903 63.04 62.72 45.55
N PHE D 904 62.66 62.48 44.30
CA PHE D 904 62.37 63.60 43.39
C PHE D 904 61.22 64.45 43.91
N ALA D 905 60.12 63.82 44.31
CA ALA D 905 58.91 64.55 44.70
C ALA D 905 59.07 65.08 46.11
N THR D 906 59.86 66.13 46.24
CA THR D 906 60.08 66.77 47.53
C THR D 906 60.04 68.25 47.24
N VAL D 907 59.06 68.96 47.75
CA VAL D 907 58.86 70.40 47.53
C VAL D 907 59.11 71.11 48.85
N ASN D 908 60.10 71.99 48.86
CA ASN D 908 60.44 72.73 50.08
C ASN D 908 60.55 71.83 51.28
N GLY D 909 61.29 70.74 51.17
CA GLY D 909 61.52 69.86 52.30
C GLY D 909 60.39 68.93 52.63
N GLN D 910 59.29 69.04 51.91
CA GLN D 910 58.10 68.26 52.25
C GLN D 910 58.01 67.08 51.29
N ALA D 911 58.04 65.87 51.82
CA ALA D 911 57.95 64.68 51.00
C ALA D 911 56.57 64.58 50.37
N ARG D 912 56.55 64.20 49.10
CA ARG D 912 55.31 64.15 48.32
C ARG D 912 55.37 62.95 47.39
N ASP D 913 54.46 62.92 46.41
CA ASP D 913 54.51 61.97 45.32
C ASP D 913 54.27 62.72 44.03
N LEU D 914 54.69 62.13 42.91
CA LEU D 914 54.50 62.77 41.62
C LEU D 914 53.04 63.15 41.40
N ALA D 915 52.12 62.33 41.87
CA ALA D 915 50.70 62.59 41.71
C ALA D 915 50.22 63.79 42.51
N THR D 916 51.04 64.31 43.43
CA THR D 916 50.64 65.39 44.32
C THR D 916 51.48 66.64 44.10
N MET D 917 52.13 66.73 42.94
CA MET D 917 52.88 67.92 42.56
C MET D 917 52.24 68.57 41.36
N THR D 918 52.35 69.89 41.28
CA THR D 918 51.89 70.64 40.12
C THR D 918 52.96 70.61 39.03
N TYR D 919 52.54 70.96 37.81
CA TYR D 919 53.48 70.96 36.69
C TYR D 919 54.61 71.95 36.94
N GLU D 920 54.29 73.12 37.48
CA GLU D 920 55.33 74.10 37.80
C GLU D 920 56.30 73.53 38.82
N GLU D 921 55.81 72.81 39.80
CA GLU D 921 56.69 72.25 40.79
C GLU D 921 57.60 71.19 40.15
N VAL D 922 57.06 70.38 39.26
CA VAL D 922 57.88 69.37 38.59
C VAL D 922 58.99 70.05 37.78
N ALA D 923 58.64 71.10 37.05
CA ALA D 923 59.64 71.81 36.25
C ALA D 923 60.70 72.43 37.15
N LYS D 924 60.30 73.02 38.25
CA LYS D 924 61.25 73.67 39.12
C LYS D 924 62.19 72.67 39.77
N ARG D 925 61.69 71.49 40.09
CA ARG D 925 62.50 70.45 40.73
C ARG D 925 63.43 69.89 39.71
N LEU D 926 62.97 69.73 38.48
CA LEU D 926 63.88 69.31 37.41
C LEU D 926 65.04 70.30 37.30
N VAL D 927 64.73 71.59 37.28
CA VAL D 927 65.78 72.59 37.13
C VAL D 927 66.71 72.57 38.34
N GLU D 928 66.15 72.40 39.53
CA GLU D 928 66.97 72.38 40.74
C GLU D 928 67.95 71.22 40.73
N LEU D 929 67.50 70.04 40.30
CA LEU D 929 68.32 68.84 40.34
C LEU D 929 69.21 68.65 39.11
N MET D 930 68.92 69.32 38.00
CA MET D 930 69.62 69.07 36.75
C MET D 930 70.45 70.25 36.25
N PHE D 931 70.12 71.46 36.65
CA PHE D 931 70.86 72.63 36.20
C PHE D 931 71.83 73.07 37.27
N ILE D 932 73.06 73.34 36.87
CA ILE D 932 74.11 73.72 37.81
C ILE D 932 74.25 75.24 37.79
N ARG D 933 74.10 75.87 38.94
CA ARG D 933 74.14 77.31 38.95
C ARG D 933 75.59 77.81 38.96
N SER D 934 76.48 77.08 39.64
CA SER D 934 77.87 77.52 39.70
C SER D 934 78.44 77.72 38.30
N THR D 935 78.27 76.71 37.43
CA THR D 935 78.70 76.83 36.05
C THR D 935 77.61 77.39 35.13
N ASN D 936 76.42 77.63 35.67
CA ASN D 936 75.29 78.17 34.90
C ASN D 936 75.02 77.40 33.63
N SER D 937 75.00 76.09 33.74
CA SER D 937 74.77 75.23 32.59
C SER D 937 74.09 73.94 33.04
N TRP D 938 73.52 73.24 32.07
CA TRP D 938 72.97 71.90 32.32
C TRP D 938 74.11 70.90 32.38
N PHE D 939 74.11 70.07 33.43
CA PHE D 939 75.22 69.14 33.61
C PHE D 939 75.34 68.19 32.43
N ASP D 940 74.20 67.75 31.91
CA ASP D 940 74.18 66.88 30.73
C ASP D 940 73.14 67.43 29.78
N VAL D 941 73.43 67.42 28.48
CA VAL D 941 72.50 67.96 27.50
C VAL D 941 71.23 67.13 27.45
N THR D 942 71.34 65.86 27.78
CA THR D 942 70.20 64.98 27.76
C THR D 942 69.21 65.37 28.84
N TRP D 943 69.71 65.88 29.95
CA TRP D 943 68.84 66.37 31.01
C TRP D 943 68.08 67.61 30.57
N ARG D 944 68.75 68.49 29.83
CA ARG D 944 68.05 69.63 29.23
C ARG D 944 66.97 69.15 28.26
N THR D 945 67.25 68.11 27.50
CA THR D 945 66.25 67.57 26.59
C THR D 945 65.09 67.01 27.39
N PHE D 946 65.35 66.34 28.49
CA PHE D 946 64.30 65.85 29.37
C PHE D 946 63.40 67.00 29.83
N THR D 947 63.99 68.07 30.35
CA THR D 947 63.20 69.18 30.87
C THR D 947 62.41 69.87 29.75
N GLY D 948 63.03 70.04 28.59
CA GLY D 948 62.32 70.64 27.47
C GLY D 948 61.15 69.80 27.02
N ASP D 949 61.33 68.47 26.99
CA ASP D 949 60.23 67.59 26.63
C ASP D 949 59.10 67.69 27.65
N PHE D 950 59.44 67.79 28.93
CA PHE D 950 58.39 67.94 29.94
C PHE D 950 57.63 69.25 29.75
N LEU D 951 58.34 70.33 29.48
CA LEU D 951 57.66 71.60 29.24
C LEU D 951 56.76 71.52 28.00
N ARG D 952 57.23 70.82 26.97
CA ARG D 952 56.43 70.60 25.77
C ARG D 952 55.15 69.83 26.10
N ARG D 953 55.22 68.83 26.99
CA ARG D 953 54.03 68.07 27.38
C ARG D 953 53.11 68.92 28.23
N VAL D 954 53.67 69.83 29.00
CA VAL D 954 52.81 70.77 29.72
C VAL D 954 52.01 71.62 28.74
N GLU D 955 52.70 72.19 27.76
CA GLU D 955 52.01 73.00 26.75
C GLU D 955 50.95 72.17 26.03
N GLU D 956 51.23 70.93 25.70
CA GLU D 956 50.25 70.08 25.07
C GLU D 956 49.02 69.88 25.94
N ARG D 957 49.21 69.66 27.23
CA ARG D 957 48.07 69.38 28.10
C ARG D 957 47.14 70.56 28.34
N PHE D 958 47.65 71.78 28.41
CA PHE D 958 46.83 72.94 28.74
C PHE D 958 46.52 73.82 27.56
N THR D 959 47.05 73.50 26.40
CA THR D 959 46.72 74.24 25.20
C THR D 959 45.31 73.87 24.84
N LYS D 960 44.62 74.71 24.08
CA LYS D 960 43.24 74.43 23.72
C LYS D 960 43.07 74.32 22.22
N SER D 961 44.11 74.56 21.44
CA SER D 961 44.02 74.38 20.00
C SER D 961 45.42 74.41 19.41
N LYS D 962 45.49 74.23 18.09
CA LYS D 962 46.70 74.42 17.31
C LYS D 962 47.44 75.67 17.77
N THR D 963 48.72 75.53 18.06
CA THR D 963 49.50 76.68 18.49
C THR D 963 50.99 76.39 18.31
N LEU D 964 51.79 77.46 18.38
CA LEU D 964 53.23 77.35 18.27
C LEU D 964 53.85 77.10 19.65
N SER D 965 54.79 76.17 19.71
CA SER D 965 55.51 75.90 20.95
C SER D 965 56.33 77.11 21.36
N LEU D 966 56.30 77.42 22.66
CA LEU D 966 57.08 78.55 23.16
C LEU D 966 58.57 78.23 23.21
N ILE D 967 58.92 76.96 23.41
CA ILE D 967 60.32 76.52 23.37
C ILE D 967 60.52 75.92 21.98
N GLN D 968 60.92 76.76 21.03
CA GLN D 968 61.19 76.27 19.68
C GLN D 968 62.51 75.51 19.63
N SER D 969 63.49 75.92 20.41
CA SER D 969 64.76 75.22 20.54
C SER D 969 65.08 75.04 22.01
N TYR D 970 65.64 73.88 22.35
CA TYR D 970 65.99 73.62 23.74
C TYR D 970 67.15 74.49 24.20
N SER D 971 67.85 75.14 23.27
CA SER D 971 68.89 76.09 23.67
C SER D 971 68.32 77.25 24.47
N LEU D 972 67.01 77.49 24.39
CA LEU D 972 66.38 78.50 25.22
C LEU D 972 66.37 78.13 26.69
N LEU D 973 66.57 76.85 27.02
CA LEU D 973 66.63 76.41 28.41
C LEU D 973 67.94 76.78 29.09
N ASP D 974 68.89 77.37 28.37
CA ASP D 974 70.17 77.73 28.97
C ASP D 974 70.04 78.76 30.07
N LYS D 975 68.88 79.41 30.17
CA LYS D 975 68.48 80.16 31.36
C LYS D 975 67.11 79.61 31.77
N PRO D 976 67.09 78.51 32.53
CA PRO D 976 65.83 77.77 32.69
C PRO D 976 64.71 78.56 33.36
N ASP D 977 65.04 79.46 34.28
CA ASP D 977 64.00 80.17 35.02
C ASP D 977 63.14 81.00 34.07
N GLU D 978 63.76 81.68 33.11
CA GLU D 978 63.00 82.50 32.17
C GLU D 978 62.08 81.64 31.32
N ALA D 979 62.57 80.51 30.82
CA ALA D 979 61.75 79.63 30.01
C ALA D 979 60.58 79.07 30.82
N ILE D 980 60.83 78.69 32.07
CA ILE D 980 59.76 78.18 32.91
C ILE D 980 58.71 79.26 33.14
N GLU D 981 59.15 80.48 33.44
CA GLU D 981 58.20 81.56 33.67
C GLU D 981 57.38 81.84 32.42
N LYS D 982 58.01 81.80 31.26
CA LYS D 982 57.29 81.99 30.03
C LYS D 982 56.24 80.92 29.82
N VAL D 983 56.63 79.67 29.95
CA VAL D 983 55.71 78.56 29.71
C VAL D 983 54.53 78.63 30.66
N PHE D 984 54.79 78.88 31.94
CA PHE D 984 53.71 78.85 32.92
C PHE D 984 52.96 80.17 33.02
N ASN D 985 53.35 81.19 32.26
CA ASN D 985 52.56 82.41 32.18
C ASN D 985 51.55 82.20 31.09
N ALA D 986 51.93 81.52 30.04
CA ALA D 986 51.01 81.22 28.95
C ALA D 986 49.99 80.18 29.34
N TYR D 987 50.30 79.37 30.35
CA TYR D 987 49.40 78.30 30.83
C TYR D 987 49.32 78.35 32.32
N PRO D 988 48.74 79.41 32.87
CA PRO D 988 48.69 79.61 34.32
C PRO D 988 48.00 78.50 35.10
N ALA D 989 47.07 77.80 34.48
CA ALA D 989 46.34 76.73 35.15
C ALA D 989 47.27 75.64 35.62
N ALA D 990 48.35 75.42 34.87
CA ALA D 990 49.29 74.36 35.23
C ALA D 990 50.04 74.66 36.53
N ARG D 991 49.92 75.86 37.06
CA ARG D 991 50.64 76.19 38.27
C ARG D 991 49.91 75.78 39.56
N GLU D 992 48.68 75.30 39.47
CA GLU D 992 47.93 74.87 40.65
C GLU D 992 47.14 73.60 40.38
N GLN D 993 47.61 72.81 39.41
CA GLN D 993 46.94 71.56 39.06
C GLN D 993 47.94 70.44 39.10
N PHE D 994 47.65 69.43 39.88
CA PHE D 994 48.48 68.25 39.95
C PHE D 994 48.65 67.54 38.62
N LEU D 995 49.65 66.70 38.53
CA LEU D 995 49.96 66.00 37.29
C LEU D 995 48.84 65.03 36.92
N ASN D 996 48.45 65.06 35.65
CA ASN D 996 47.54 64.06 35.11
C ASN D 996 48.19 62.67 35.21
N ALA D 997 47.37 61.67 35.53
CA ALA D 997 47.89 60.31 35.65
C ALA D 997 48.66 59.90 34.40
N GLN D 998 48.17 60.36 33.25
CA GLN D 998 48.82 60.06 31.99
C GLN D 998 50.17 60.74 31.92
N ASP D 999 50.30 61.90 32.53
CA ASP D 999 51.57 62.60 32.56
C ASP D 999 52.51 62.03 33.61
N ILE D 1000 51.99 61.46 34.70
CA ILE D 1000 52.84 60.72 35.62
C ILE D 1000 53.47 59.54 34.89
N ASP D 1001 52.65 58.79 34.14
CA ASP D 1001 53.17 57.66 33.39
C ASP D 1001 54.20 58.12 32.37
N HIS D 1002 53.94 59.24 31.69
CA HIS D 1002 54.89 59.76 30.70
C HIS D 1002 56.21 60.15 31.34
N PHE D 1003 56.15 60.85 32.48
CA PHE D 1003 57.36 61.24 33.19
C PHE D 1003 58.18 60.01 33.56
N LEU D 1004 57.55 59.01 34.14
CA LEU D 1004 58.29 57.84 34.57
C LEU D 1004 58.80 57.04 33.39
N SER D 1005 58.09 57.05 32.27
CA SER D 1005 58.59 56.36 31.08
C SER D 1005 59.80 57.05 30.49
N MET D 1006 59.80 58.38 30.47
CA MET D 1006 60.96 59.09 29.96
C MET D 1006 62.09 59.16 30.98
N CYS D 1007 61.83 58.78 32.23
CA CYS D 1007 62.92 58.52 33.17
C CYS D 1007 63.65 57.23 32.85
N GLN D 1008 63.19 56.45 31.90
CA GLN D 1008 63.80 55.19 31.59
C GLN D 1008 64.42 55.17 30.21
N ASN D 1009 64.54 56.33 29.57
CA ASN D 1009 65.10 56.40 28.23
C ASN D 1009 66.57 55.97 28.20
N PRO D 1010 66.85 54.80 27.60
CA PRO D 1010 68.24 54.32 27.63
C PRO D 1010 69.24 55.28 26.99
N MET D 1011 68.84 55.97 25.93
CA MET D 1011 69.72 56.91 25.23
C MET D 1011 69.69 58.27 25.94
N GLN D 1012 70.03 58.28 27.23
CA GLN D 1012 70.06 59.51 28.03
C GLN D 1012 70.79 59.20 29.31
N LYS D 1013 71.40 60.20 29.95
CA LYS D 1013 72.06 59.96 31.20
C LYS D 1013 71.03 59.71 32.28
N PRO D 1014 71.26 58.69 33.10
CA PRO D 1014 70.28 58.36 34.13
C PRO D 1014 69.91 59.58 34.99
N VAL D 1015 68.64 59.78 35.32
CA VAL D 1015 68.21 60.97 36.06
C VAL D 1015 68.84 60.95 37.45
N PRO D 1016 69.22 62.11 38.02
CA PRO D 1016 69.87 62.14 39.33
C PRO D 1016 68.89 62.16 40.51
N PHE D 1017 67.90 61.27 40.47
CA PHE D 1017 66.92 61.19 41.55
C PHE D 1017 66.16 59.87 41.46
N VAL D 1018 65.41 59.58 42.51
CA VAL D 1018 64.55 58.42 42.57
C VAL D 1018 63.10 58.90 42.37
N PRO D 1019 62.43 58.54 41.26
CA PRO D 1019 61.12 59.11 40.99
C PRO D 1019 59.95 58.34 41.61
N VAL D 1020 60.16 57.07 41.98
CA VAL D 1020 59.07 56.23 42.47
C VAL D 1020 59.68 55.05 43.22
N LEU D 1021 58.89 54.47 44.13
CA LEU D 1021 59.25 53.25 44.83
C LEU D 1021 58.40 52.11 44.29
N ASP D 1022 59.06 51.14 43.68
CA ASP D 1022 58.36 50.06 43.10
C ASP D 1022 59.35 48.94 42.89
N ARG D 1023 59.05 48.00 42.01
CA ARG D 1023 59.91 46.86 41.80
C ARG D 1023 61.27 47.25 41.28
N ARG D 1024 61.36 48.39 40.61
CA ARG D 1024 62.61 48.83 40.04
C ARG D 1024 63.39 49.74 40.97
N PHE D 1025 63.14 49.64 42.26
CA PHE D 1025 63.78 50.56 43.18
C PHE D 1025 65.28 50.32 43.25
N GLU D 1026 65.71 49.06 43.21
CA GLU D 1026 67.15 48.78 43.26
C GLU D 1026 67.87 49.40 42.07
N ILE D 1027 67.28 49.25 40.87
CA ILE D 1027 67.90 49.83 39.67
C ILE D 1027 67.94 51.34 39.80
N PHE D 1028 66.83 51.96 40.24
CA PHE D 1028 66.82 53.41 40.38
C PHE D 1028 67.84 53.87 41.41
N PHE D 1029 68.05 53.09 42.47
CA PHE D 1029 68.94 53.47 43.56
C PHE D 1029 70.41 53.35 43.17
N LYS D 1030 70.78 52.27 42.48
CA LYS D 1030 72.19 51.92 42.30
C LYS D 1030 72.78 52.37 40.97
N LYS D 1031 71.97 52.58 39.94
CA LYS D 1031 72.50 52.83 38.62
C LYS D 1031 73.28 54.14 38.56
N ASP D 1032 74.38 54.15 37.80
CA ASP D 1032 75.18 55.35 37.61
C ASP D 1032 75.59 55.94 38.93
N SER D 1033 76.35 55.20 39.72
CA SER D 1033 76.70 55.64 41.06
C SER D 1033 78.12 56.12 41.27
N LEU D 1034 78.97 56.07 40.25
CA LEU D 1034 80.39 56.41 40.43
C LEU D 1034 80.90 57.76 39.97
N TRP D 1035 80.11 58.50 39.20
CA TRP D 1035 80.57 59.77 38.64
C TRP D 1035 80.43 60.94 39.56
N GLN D 1036 79.53 60.82 40.53
CA GLN D 1036 79.25 61.95 41.41
C GLN D 1036 80.42 62.40 42.28
N SER D 1037 81.35 61.51 42.56
CA SER D 1037 82.52 61.84 43.38
C SER D 1037 83.48 62.78 42.66
N GLU D 1038 83.49 62.78 41.34
CA GLU D 1038 84.31 63.75 40.63
C GLU D 1038 83.54 64.95 40.13
N HIS D 1039 82.27 65.04 40.46
CA HIS D 1039 81.42 66.13 39.97
C HIS D 1039 80.51 66.62 41.09
N LEU D 1040 81.07 66.90 42.25
CA LEU D 1040 80.24 67.27 43.40
C LEU D 1040 79.43 68.54 43.21
N GLU D 1041 79.74 69.34 42.20
CA GLU D 1041 78.89 70.49 41.92
C GLU D 1041 77.49 70.09 41.50
N ALA D 1042 77.31 68.86 41.00
CA ALA D 1042 76.01 68.36 40.57
C ALA D 1042 75.35 67.49 41.62
N VAL D 1043 75.88 67.47 42.84
CA VAL D 1043 75.26 66.75 43.95
C VAL D 1043 74.43 67.74 44.74
N VAL D 1044 73.50 67.22 45.54
CA VAL D 1044 72.44 68.04 46.11
C VAL D 1044 73.02 69.22 46.89
N ASP D 1045 73.98 68.95 47.78
CA ASP D 1045 74.57 69.99 48.61
C ASP D 1045 76.08 70.03 48.46
N GLN D 1046 76.62 69.53 47.34
CA GLN D 1046 78.06 69.42 47.15
C GLN D 1046 78.68 68.62 48.30
N ASP D 1047 77.96 67.59 48.75
CA ASP D 1047 78.33 66.80 49.91
C ASP D 1047 78.87 65.46 49.45
N VAL D 1048 80.13 65.18 49.82
CA VAL D 1048 80.72 63.88 49.51
C VAL D 1048 80.01 62.77 50.25
N GLN D 1049 79.53 63.04 51.46
CA GLN D 1049 78.94 61.99 52.28
C GLN D 1049 77.73 61.36 51.61
N ARG D 1050 77.14 62.04 50.61
CA ARG D 1050 76.08 61.43 49.82
C ARG D 1050 76.63 60.45 48.80
N THR D 1051 77.88 60.63 48.38
CA THR D 1051 78.44 59.86 47.27
C THR D 1051 79.11 58.53 47.55
N CYS D 1052 79.49 57.86 46.48
CA CYS D 1052 80.14 56.57 46.59
C CYS D 1052 81.58 56.63 46.04
N ILE D 1053 82.55 56.33 46.90
CA ILE D 1053 83.97 56.36 46.51
C ILE D 1053 84.59 55.00 46.69
N LEU D 1054 85.26 54.52 45.67
CA LEU D 1054 85.91 53.22 45.67
C LEU D 1054 87.34 53.35 46.21
N HIS D 1055 87.66 52.58 47.23
CA HIS D 1055 88.98 52.63 47.85
C HIS D 1055 89.23 51.32 48.59
N GLY D 1056 90.52 51.01 48.77
CA GLY D 1056 90.92 49.75 49.35
C GLY D 1056 91.24 49.86 50.83
N PRO D 1057 90.79 48.89 51.64
CA PRO D 1057 91.05 48.98 53.08
C PRO D 1057 92.53 48.98 53.44
N VAL D 1058 93.35 48.19 52.77
CA VAL D 1058 94.78 48.08 53.11
C VAL D 1058 95.65 49.11 52.42
N ALA D 1059 95.34 49.45 51.18
CA ALA D 1059 96.08 50.50 50.49
C ALA D 1059 95.81 51.87 51.09
N ALA D 1060 94.71 52.03 51.83
CA ALA D 1060 94.39 53.32 52.42
C ALA D 1060 95.39 53.73 53.49
N GLN D 1061 96.19 52.80 54.00
CA GLN D 1061 97.17 53.15 55.03
C GLN D 1061 98.25 54.10 54.52
N PHE D 1062 98.45 54.19 53.22
CA PHE D 1062 99.50 55.01 52.65
C PHE D 1062 98.98 56.22 51.89
N THR D 1063 97.66 56.35 51.72
CA THR D 1063 97.07 57.46 50.98
C THR D 1063 96.84 58.60 51.96
N LYS D 1064 97.85 59.45 52.11
CA LYS D 1064 97.84 60.50 53.13
C LYS D 1064 97.94 61.91 52.55
N VAL D 1065 98.91 62.12 51.67
CA VAL D 1065 99.16 63.47 51.15
C VAL D 1065 98.34 63.82 49.93
N ILE D 1066 97.54 64.85 50.04
CA ILE D 1066 96.61 65.24 48.99
C ILE D 1066 97.33 66.07 47.94
N ASP D 1067 96.95 65.88 46.68
CA ASP D 1067 97.43 66.70 45.57
C ASP D 1067 98.93 66.54 45.34
N GLU D 1068 99.50 65.41 45.69
CA GLU D 1068 100.89 65.14 45.32
C GLU D 1068 100.86 64.65 43.90
N PRO D 1069 101.65 65.25 43.00
CA PRO D 1069 101.61 64.87 41.58
C PRO D 1069 101.99 63.41 41.37
N ILE D 1070 101.38 62.81 40.35
CA ILE D 1070 101.59 61.39 40.08
C ILE D 1070 103.07 61.11 39.83
N LYS D 1071 103.74 62.01 39.10
CA LYS D 1071 105.17 61.88 38.89
C LYS D 1071 105.89 61.70 40.22
N SER D 1072 105.53 62.53 41.21
CA SER D 1072 106.19 62.45 42.51
C SER D 1072 105.96 61.09 43.16
N ILE D 1073 104.74 60.60 43.16
CA ILE D 1073 104.41 59.35 43.81
C ILE D 1073 105.10 58.15 43.16
N MET D 1074 105.12 58.08 41.84
CA MET D 1074 105.74 56.97 41.14
C MET D 1074 107.26 57.06 41.24
N ASP D 1075 107.82 58.25 41.09
CA ASP D 1075 109.26 58.43 41.23
C ASP D 1075 109.71 58.09 42.65
N GLY D 1076 108.89 58.42 43.65
CA GLY D 1076 109.25 58.07 45.01
C GLY D 1076 109.34 56.57 45.20
N ILE D 1077 108.34 55.83 44.71
CA ILE D 1077 108.38 54.38 44.83
C ILE D 1077 109.61 53.82 44.10
N HIS D 1078 109.84 54.26 42.88
CA HIS D 1078 110.93 53.72 42.10
C HIS D 1078 112.29 54.08 42.69
N ASP D 1079 112.44 55.30 43.20
CA ASP D 1079 113.71 55.70 43.79
C ASP D 1079 113.96 54.98 45.12
N GLY D 1080 112.91 54.74 45.90
CA GLY D 1080 113.08 53.91 47.08
C GLY D 1080 113.54 52.51 46.73
N HIS D 1081 112.94 51.91 45.71
CA HIS D 1081 113.38 50.60 45.26
C HIS D 1081 114.85 50.64 44.83
N ILE D 1082 115.25 51.64 44.06
CA ILE D 1082 116.61 51.72 43.60
C ILE D 1082 117.57 51.90 44.76
N LYS D 1083 117.22 52.75 45.72
CA LYS D 1083 118.10 52.96 46.86
C LYS D 1083 118.30 51.67 47.64
N LYS D 1084 117.20 50.96 47.93
CA LYS D 1084 117.32 49.71 48.68
C LYS D 1084 118.13 48.68 47.91
N LEU D 1085 117.88 48.55 46.60
CA LEU D 1085 118.65 47.59 45.81
C LEU D 1085 120.12 47.96 45.76
N LEU D 1086 120.43 49.24 45.56
CA LEU D 1086 121.82 49.67 45.56
C LEU D 1086 122.50 49.29 46.88
N HIS D 1087 121.85 49.61 48.00
CA HIS D 1087 122.45 49.30 49.29
C HIS D 1087 122.65 47.80 49.45
N GLN D 1088 121.66 47.00 49.08
CA GLN D 1088 121.72 45.58 49.40
C GLN D 1088 122.65 44.81 48.47
N TYR D 1089 122.75 45.21 47.19
CA TYR D 1089 123.38 44.38 46.18
C TYR D 1089 124.47 45.09 45.37
N TYR D 1090 124.81 46.33 45.69
CA TYR D 1090 125.81 47.06 44.93
C TYR D 1090 126.76 47.89 45.80
N GLY D 1091 126.72 47.73 47.12
CA GLY D 1091 127.62 48.46 47.98
C GLY D 1091 127.46 49.96 47.93
N ASP D 1092 126.24 50.46 47.66
CA ASP D 1092 125.97 51.88 47.58
C ASP D 1092 126.92 52.56 46.59
N ASP D 1093 127.22 51.86 45.49
CA ASP D 1093 128.15 52.35 44.48
C ASP D 1093 127.44 52.30 43.12
N GLU D 1094 127.04 53.46 42.62
CA GLU D 1094 126.37 53.52 41.33
C GLU D 1094 127.29 53.16 40.18
N SER D 1095 128.61 53.27 40.36
CA SER D 1095 129.54 52.81 39.35
C SER D 1095 129.46 51.31 39.13
N LYS D 1096 128.85 50.58 40.07
CA LYS D 1096 128.69 49.14 39.92
C LYS D 1096 127.56 48.79 38.94
N ILE D 1097 126.69 49.74 38.64
CA ILE D 1097 125.50 49.45 37.83
C ILE D 1097 125.92 49.25 36.37
N PRO D 1098 125.51 48.15 35.77
CA PRO D 1098 125.79 48.01 34.35
C PRO D 1098 125.11 49.07 33.49
N ALA D 1099 125.73 49.49 32.41
CA ALA D 1099 125.19 50.53 31.53
C ALA D 1099 124.96 49.96 30.14
N VAL D 1100 123.81 50.27 29.56
CA VAL D 1100 123.49 49.92 28.18
C VAL D 1100 123.17 51.20 27.44
N GLU D 1101 123.11 51.15 26.11
CA GLU D 1101 122.78 52.32 25.34
C GLU D 1101 121.36 52.72 25.63
N TYR D 1102 120.45 51.77 25.49
CA TYR D 1102 119.05 52.05 25.79
C TYR D 1102 118.48 50.87 26.55
N PHE D 1103 117.46 51.10 27.35
CA PHE D 1103 116.83 50.03 28.13
C PHE D 1103 115.44 49.74 27.65
N GLY D 1104 115.22 48.54 27.17
CA GLY D 1104 113.90 48.13 26.74
C GLY D 1104 113.90 47.30 25.48
N GLY D 1105 112.72 46.83 25.07
CA GLY D 1105 112.59 46.06 23.85
C GLY D 1105 113.02 44.62 23.95
N GLU D 1106 113.21 44.10 25.16
CA GLU D 1106 113.69 42.74 25.38
C GLU D 1106 112.53 41.84 25.77
N SER D 1107 112.23 40.86 24.92
CA SER D 1107 111.10 39.98 25.17
C SER D 1107 111.39 39.06 26.36
N PRO D 1108 110.38 38.72 27.16
CA PRO D 1108 110.62 37.84 28.32
C PRO D 1108 111.04 36.44 27.92
N VAL D 1109 110.78 36.02 26.69
CA VAL D 1109 111.05 34.66 26.27
C VAL D 1109 112.52 34.51 25.86
N ASP D 1123 134.31 42.08 13.29
CA ASP D 1123 134.38 43.46 12.84
C ASP D 1123 134.11 43.53 11.36
N SER D 1124 134.31 42.43 10.64
CA SER D 1124 133.95 42.41 9.23
C SER D 1124 133.39 41.03 8.91
N ALA D 1125 132.13 40.99 8.52
CA ALA D 1125 131.42 39.73 8.31
C ALA D 1125 130.64 39.77 7.00
N VAL D 1126 130.29 38.58 6.53
CA VAL D 1126 129.47 38.42 5.33
C VAL D 1126 128.40 37.37 5.64
N PHE D 1127 127.15 37.70 5.36
CA PHE D 1127 126.03 36.80 5.58
C PHE D 1127 125.30 36.57 4.27
N LYS D 1128 124.87 35.32 4.07
CA LYS D 1128 124.16 34.93 2.85
C LYS D 1128 122.85 34.28 3.24
N ALA D 1129 121.77 34.70 2.60
CA ALA D 1129 120.44 34.18 2.89
C ALA D 1129 120.11 33.02 1.95
N THR D 1130 119.18 32.18 2.40
CA THR D 1130 118.69 31.06 1.63
C THR D 1130 117.21 30.89 1.89
N SER D 1131 116.60 29.90 1.24
CA SER D 1131 115.18 29.62 1.47
C SER D 1131 114.94 29.16 2.91
N SER D 1132 115.84 28.34 3.44
CA SER D 1132 115.64 27.70 4.74
C SER D 1132 116.16 28.53 5.90
N THR D 1133 116.88 29.61 5.65
CA THR D 1133 117.40 30.42 6.75
C THR D 1133 116.25 30.92 7.61
N ASP D 1134 116.39 30.75 8.92
CA ASP D 1134 115.35 31.20 9.84
C ASP D 1134 115.51 32.69 10.11
N GLU D 1135 114.38 33.39 10.09
CA GLU D 1135 114.41 34.85 10.14
C GLU D 1135 115.00 35.35 11.45
N GLU D 1136 114.63 34.72 12.57
CA GLU D 1136 115.02 35.25 13.88
C GLU D 1136 116.53 35.25 14.04
N SER D 1137 117.19 34.14 13.71
CA SER D 1137 118.64 34.07 13.86
C SER D 1137 119.34 35.00 12.87
N TRP D 1138 118.79 35.13 11.66
CA TRP D 1138 119.36 36.05 10.68
C TRP D 1138 119.36 37.48 11.21
N PHE D 1139 118.23 37.91 11.78
CA PHE D 1139 118.15 39.25 12.33
C PHE D 1139 118.99 39.40 13.59
N LYS D 1140 119.10 38.33 14.40
CA LYS D 1140 119.95 38.39 15.58
C LYS D 1140 121.41 38.58 15.18
N ALA D 1141 121.84 37.92 14.11
CA ALA D 1141 123.21 38.08 13.63
C ALA D 1141 123.42 39.46 13.03
N LEU D 1142 122.46 39.96 12.27
CA LEU D 1142 122.61 41.29 11.68
C LEU D 1142 122.64 42.37 12.75
N ALA D 1143 121.84 42.21 13.81
CA ALA D 1143 121.76 43.24 14.84
C ALA D 1143 123.09 43.40 15.56
N GLY D 1144 123.74 42.30 15.90
CA GLY D 1144 124.96 42.35 16.70
C GLY D 1144 124.68 42.18 18.19
N SER D 1145 125.74 41.85 18.92
CA SER D 1145 125.61 41.56 20.34
C SER D 1145 125.45 42.81 21.19
N GLU D 1146 126.02 43.94 20.75
CA GLU D 1146 126.01 45.15 21.57
C GLU D 1146 124.73 45.94 21.35
N ILE D 1147 124.26 46.58 22.42
CA ILE D 1147 123.07 47.43 22.36
C ILE D 1147 123.49 48.79 21.80
N ASN D 1148 123.05 49.08 20.58
CA ASN D 1148 123.41 50.33 19.90
C ASN D 1148 122.40 50.56 18.78
N TRP D 1149 122.72 51.51 17.89
CA TRP D 1149 121.78 51.86 16.83
C TRP D 1149 121.51 50.66 15.91
N ARG D 1150 122.54 49.87 15.62
CA ARG D 1150 122.35 48.68 14.79
C ARG D 1150 121.41 47.69 15.47
N HIS D 1151 121.60 47.49 16.77
CA HIS D 1151 120.75 46.59 17.54
C HIS D 1151 119.28 46.99 17.39
N ALA D 1152 118.97 48.27 17.64
CA ALA D 1152 117.59 48.73 17.51
C ALA D 1152 117.11 48.62 16.07
N SER D 1153 117.98 48.98 15.11
CA SER D 1153 117.59 48.95 13.72
C SER D 1153 117.12 47.57 13.29
N PHE D 1154 117.79 46.52 13.77
CA PHE D 1154 117.49 45.18 13.31
C PHE D 1154 116.64 44.35 14.28
N LEU D 1155 116.37 44.85 15.48
CA LEU D 1155 115.58 44.08 16.44
C LEU D 1155 114.32 44.77 16.91
N CYS D 1156 114.27 46.10 16.91
CA CYS D 1156 113.03 46.79 17.26
C CYS D 1156 111.94 46.37 16.28
N SER D 1157 110.76 46.05 16.81
CA SER D 1157 109.68 45.54 15.97
C SER D 1157 108.86 46.66 15.34
N PHE D 1158 108.87 47.85 15.95
CA PHE D 1158 108.13 48.99 15.44
C PHE D 1158 109.01 50.23 15.47
N ILE D 1159 108.71 51.16 14.56
CA ILE D 1159 109.31 52.48 14.57
C ILE D 1159 108.19 53.50 14.75
N THR D 1160 108.58 54.76 14.91
CA THR D 1160 107.66 55.83 15.25
C THR D 1160 107.49 56.77 14.07
N GLN D 1161 106.24 57.05 13.72
CA GLN D 1161 105.90 58.11 12.79
C GLN D 1161 105.67 59.39 13.59
N ASP D 1162 105.08 60.41 12.97
CA ASP D 1162 104.78 61.65 13.67
C ASP D 1162 104.37 61.38 15.12
N LYS D 1163 103.36 60.53 15.31
CA LYS D 1163 103.06 59.99 16.63
C LYS D 1163 102.62 58.53 16.59
N MET D 1164 102.60 57.89 15.42
CA MET D 1164 102.06 56.55 15.26
C MET D 1164 103.18 55.52 15.28
N PHE D 1165 102.78 54.25 15.43
CA PHE D 1165 103.69 53.12 15.46
C PHE D 1165 103.47 52.26 14.23
N VAL D 1166 104.53 52.04 13.46
CA VAL D 1166 104.45 51.30 12.21
C VAL D 1166 105.55 50.25 12.17
N SER D 1167 105.30 49.19 11.41
CA SER D 1167 106.24 48.07 11.37
C SER D 1167 107.61 48.53 10.88
N ASN D 1168 108.65 47.97 11.50
CA ASN D 1168 110.03 48.37 11.23
C ASN D 1168 110.36 48.21 9.75
N PRO D 1169 110.52 49.30 9.00
CA PRO D 1169 110.83 49.16 7.58
C PRO D 1169 112.16 48.47 7.32
N ILE D 1170 113.13 48.66 8.21
CA ILE D 1170 114.46 48.06 8.01
C ILE D 1170 114.37 46.54 8.01
N ARG D 1171 113.60 45.97 8.95
CA ARG D 1171 113.47 44.52 9.01
C ARG D 1171 112.82 43.96 7.76
N LYS D 1172 111.79 44.65 7.25
CA LYS D 1172 111.09 44.15 6.08
C LYS D 1172 111.97 44.25 4.88
N VAL D 1173 112.80 45.26 4.86
CA VAL D 1173 113.72 45.42 3.74
C VAL D 1173 114.84 44.38 3.81
N PHE D 1174 115.22 43.96 5.01
CA PHE D 1174 116.29 42.99 5.20
C PHE D 1174 115.77 41.58 5.43
N LYS D 1175 114.48 41.35 5.21
CA LYS D 1175 113.90 40.03 5.39
C LYS D 1175 114.65 39.02 4.52
N PRO D 1176 115.19 37.94 5.08
CA PRO D 1176 116.08 37.08 4.30
C PRO D 1176 115.36 36.37 3.17
N SER D 1177 116.03 36.30 2.02
CA SER D 1177 115.53 35.55 0.88
C SER D 1177 116.72 35.12 0.04
N GLN D 1178 116.52 34.08 -0.75
CA GLN D 1178 117.62 33.51 -1.54
C GLN D 1178 118.22 34.58 -2.45
N GLY D 1179 119.54 34.68 -2.44
CA GLY D 1179 120.27 35.62 -3.25
C GLY D 1179 120.76 36.85 -2.51
N MET D 1180 120.17 37.16 -1.35
CA MET D 1180 120.58 38.33 -0.60
C MET D 1180 121.93 38.09 0.07
N VAL D 1181 122.82 39.08 -0.03
CA VAL D 1181 124.14 39.03 0.58
C VAL D 1181 124.36 40.33 1.33
N VAL D 1182 124.64 40.22 2.63
CA VAL D 1182 124.80 41.38 3.51
C VAL D 1182 126.25 41.45 3.98
N GLU D 1183 126.83 42.63 3.89
CA GLU D 1183 128.23 42.86 4.24
C GLU D 1183 128.30 43.91 5.33
N ILE D 1184 128.92 43.56 6.46
CA ILE D 1184 129.09 44.46 7.59
C ILE D 1184 130.58 44.76 7.75
N SER D 1185 130.89 46.02 8.02
CA SER D 1185 132.26 46.48 8.20
C SER D 1185 132.33 47.42 9.38
N ASN D 1186 133.34 47.25 10.23
CA ASN D 1186 133.52 48.05 11.44
C ASN D 1186 132.41 47.79 12.44
N GLY D 1187 131.94 46.55 12.54
CA GLY D 1187 130.86 46.24 13.45
C GLY D 1187 131.19 46.51 14.91
N ASN D 1188 132.47 46.68 15.22
CA ASN D 1188 132.90 46.88 16.58
C ASN D 1188 132.87 48.33 17.00
N THR D 1189 132.83 49.26 16.06
CA THR D 1189 132.69 50.67 16.38
C THR D 1189 131.35 51.09 15.81
N SER D 1190 130.32 51.24 16.65
CA SER D 1190 128.99 51.50 16.14
C SER D 1190 128.94 52.78 15.31
N SER D 1191 129.70 53.80 15.71
CA SER D 1191 129.65 55.07 15.00
C SER D 1191 130.16 54.96 13.57
N LYS D 1192 130.84 53.88 13.23
CA LYS D 1192 131.40 53.70 11.90
C LYS D 1192 130.89 52.46 11.19
N THR D 1193 130.00 51.69 11.80
CA THR D 1193 129.50 50.48 11.16
C THR D 1193 128.68 50.81 9.93
N VAL D 1194 128.88 50.05 8.87
CA VAL D 1194 128.12 50.20 7.63
C VAL D 1194 127.63 48.82 7.22
N VAL D 1195 126.32 48.67 7.09
CA VAL D 1195 125.69 47.42 6.69
C VAL D 1195 125.23 47.57 5.26
N THR D 1196 125.85 46.83 4.34
CA THR D 1196 125.56 46.90 2.93
C THR D 1196 124.90 45.61 2.46
N LEU D 1197 123.75 45.74 1.82
CA LEU D 1197 123.01 44.61 1.27
C LEU D 1197 123.16 44.61 -0.24
N SER D 1198 123.52 43.45 -0.80
CA SER D 1198 123.67 43.29 -2.23
C SER D 1198 122.79 42.13 -2.68
N GLU D 1199 122.11 42.30 -3.81
CA GLU D 1199 121.25 41.29 -4.39
C GLU D 1199 121.58 41.15 -5.87
N PRO D 1200 121.26 40.01 -6.47
CA PRO D 1200 121.46 39.87 -7.92
C PRO D 1200 120.49 40.75 -8.69
N VAL D 1201 121.03 41.68 -9.47
CA VAL D 1201 120.25 42.51 -10.36
C VAL D 1201 120.82 42.35 -11.76
N GLN D 1202 119.98 41.88 -12.68
CA GLN D 1202 120.40 41.63 -14.07
C GLN D 1202 121.55 40.63 -14.13
N GLY D 1203 121.61 39.73 -13.14
CA GLY D 1203 122.63 38.69 -13.09
C GLY D 1203 123.79 38.99 -12.15
N GLU D 1204 124.23 40.24 -12.11
CA GLU D 1204 125.36 40.62 -11.27
C GLU D 1204 124.89 41.04 -9.88
N LEU D 1205 125.80 40.93 -8.92
CA LEU D 1205 125.54 41.30 -7.54
C LEU D 1205 125.86 42.77 -7.36
N LYS D 1206 124.88 43.55 -6.93
CA LYS D 1206 125.01 44.99 -6.80
C LYS D 1206 124.47 45.45 -5.46
N PRO D 1207 125.00 46.54 -4.91
CA PRO D 1207 124.44 47.07 -3.65
C PRO D 1207 123.04 47.61 -3.87
N THR D 1208 122.12 47.22 -2.99
CA THR D 1208 120.75 47.69 -3.03
C THR D 1208 120.35 48.51 -1.82
N VAL D 1209 120.88 48.22 -0.64
CA VAL D 1209 120.59 48.97 0.57
C VAL D 1209 121.88 49.20 1.34
N ILE D 1210 122.12 50.43 1.76
CA ILE D 1210 123.25 50.77 2.61
C ILE D 1210 122.72 51.42 3.88
N LEU D 1211 123.15 50.92 5.04
CA LEU D 1211 122.69 51.38 6.32
C LEU D 1211 123.87 51.81 7.17
N LYS D 1212 123.79 53.00 7.76
CA LYS D 1212 124.87 53.56 8.55
C LYS D 1212 124.30 54.67 9.42
N LEU D 1213 125.16 55.27 10.24
CA LEU D 1213 124.83 56.47 11.02
C LEU D 1213 125.28 57.69 10.22
N LEU D 1214 124.32 58.42 9.67
CA LEU D 1214 124.65 59.67 8.98
C LEU D 1214 125.20 60.69 9.98
N LYS D 1215 124.52 60.87 11.09
CA LYS D 1215 124.90 61.77 12.16
C LYS D 1215 125.05 60.98 13.45
N GLU D 1216 125.31 61.65 14.55
CA GLU D 1216 125.43 60.96 15.84
C GLU D 1216 124.10 60.35 16.25
N ASN D 1217 122.99 60.92 15.79
CA ASN D 1217 121.67 60.42 16.15
C ASN D 1217 120.84 60.00 14.96
N ILE D 1218 121.31 60.21 13.73
CA ILE D 1218 120.52 60.03 12.52
C ILE D 1218 120.97 58.75 11.84
N ILE D 1219 120.04 57.82 11.67
CA ILE D 1219 120.28 56.58 10.93
C ILE D 1219 119.79 56.79 9.51
N GLN D 1220 120.68 56.64 8.54
CA GLN D 1220 120.33 56.76 7.13
C GLN D 1220 120.27 55.36 6.52
N MET D 1221 119.17 55.09 5.82
CA MET D 1221 118.98 53.84 5.09
C MET D 1221 118.82 54.22 3.62
N GLU D 1222 119.95 54.30 2.91
CA GLU D 1222 119.94 54.68 1.51
C GLU D 1222 119.53 53.47 0.67
N MET D 1223 118.39 53.58 0.00
CA MET D 1223 117.89 52.55 -0.89
C MET D 1223 118.29 52.89 -2.33
N ILE D 1224 118.88 51.94 -3.02
CA ILE D 1224 119.50 52.17 -4.32
C ILE D 1224 118.69 51.46 -5.40
N GLU D 1225 118.48 52.15 -6.51
CA GLU D 1225 117.91 51.56 -7.71
C GLU D 1225 118.99 51.54 -8.79
N ASN D 1226 119.21 50.37 -9.38
CA ASN D 1226 120.29 50.19 -10.34
C ASN D 1226 119.80 50.15 -11.79
N ARG D 1227 118.49 50.02 -12.01
CA ARG D 1227 117.95 50.03 -13.37
C ARG D 1227 117.39 51.44 -13.63
N THR D 1228 118.29 52.33 -14.01
CA THR D 1228 117.98 53.73 -14.26
C THR D 1228 118.03 54.02 -15.76
N MET D 1229 117.86 55.29 -16.12
CA MET D 1229 117.79 55.65 -17.53
C MET D 1229 119.14 55.94 -18.16
N ASP D 1230 120.16 56.14 -17.35
CA ASP D 1230 121.50 56.35 -17.86
C ASP D 1230 122.53 55.40 -17.27
N GLY D 1231 122.11 54.41 -16.50
CA GLY D 1231 123.01 53.40 -15.96
C GLY D 1231 123.59 53.72 -14.61
N LYS D 1232 123.56 54.98 -14.18
CA LYS D 1232 124.11 55.33 -12.88
C LYS D 1232 123.07 55.07 -11.79
N PRO D 1233 123.44 54.41 -10.69
CA PRO D 1233 122.45 54.12 -9.66
C PRO D 1233 121.90 55.38 -9.02
N VAL D 1234 120.61 55.35 -8.69
CA VAL D 1234 119.94 56.45 -8.00
C VAL D 1234 119.54 55.95 -6.63
N SER D 1235 119.86 56.72 -5.59
CA SER D 1235 119.63 56.32 -4.22
C SER D 1235 118.53 57.18 -3.59
N LEU D 1236 117.70 56.55 -2.76
CA LEU D 1236 116.66 57.24 -2.01
C LEU D 1236 117.06 57.24 -0.54
N PRO D 1237 117.55 58.36 0.00
CA PRO D 1237 118.00 58.38 1.40
C PRO D 1237 116.83 58.50 2.37
N LEU D 1238 116.61 57.45 3.17
CA LEU D 1238 115.57 57.48 4.18
C LEU D 1238 116.22 57.74 5.52
N LEU D 1239 115.76 58.74 6.24
CA LEU D 1239 116.39 59.13 7.49
C LEU D 1239 115.58 58.76 8.71
N TYR D 1240 116.25 58.39 9.79
CA TYR D 1240 115.59 58.01 11.02
C TYR D 1240 116.33 58.58 12.21
N ASN D 1241 115.59 58.96 13.25
CA ASN D 1241 116.18 59.46 14.47
C ASN D 1241 116.40 58.31 15.45
N PHE D 1242 117.58 58.27 16.06
CA PHE D 1242 117.90 57.29 17.09
C PHE D 1242 117.89 58.01 18.44
N ASN D 1243 116.95 57.62 19.31
CA ASN D 1243 116.77 58.24 20.61
C ASN D 1243 116.89 57.17 21.69
N PRO D 1244 118.10 56.98 22.21
CA PRO D 1244 118.31 55.96 23.24
C PRO D 1244 117.49 56.18 24.52
N ASP D 1245 116.98 57.38 24.76
CA ASP D 1245 116.18 57.65 25.96
C ASP D 1245 114.85 56.92 25.91
N ASN D 1246 114.33 56.65 24.72
CA ASN D 1246 113.08 55.91 24.55
C ASN D 1246 113.45 54.47 24.20
N GLY D 1247 113.67 53.66 25.24
CA GLY D 1247 114.12 52.30 25.01
C GLY D 1247 113.11 51.45 24.27
N PHE D 1248 111.83 51.66 24.51
CA PHE D 1248 110.81 50.85 23.85
C PHE D 1248 110.76 51.14 22.35
N ALA D 1249 110.90 52.40 21.98
CA ALA D 1249 110.87 52.79 20.57
C ALA D 1249 111.96 53.83 20.31
N PRO D 1250 113.22 53.40 20.27
CA PRO D 1250 114.31 54.36 20.07
C PRO D 1250 114.32 55.00 18.69
N ILE D 1251 113.74 54.35 17.69
CA ILE D 1251 113.86 54.79 16.30
C ILE D 1251 112.56 55.47 15.88
N SER D 1252 112.68 56.64 15.26
CA SER D 1252 111.55 57.37 14.72
C SER D 1252 111.93 57.94 13.36
N GLU D 1253 111.04 57.86 12.38
CA GLU D 1253 111.33 58.39 11.07
C GLU D 1253 111.32 59.88 11.00
N VAL D 1254 112.17 60.43 10.15
CA VAL D 1254 112.16 61.86 9.91
C VAL D 1254 111.12 62.07 8.84
N MET D 1255 109.96 62.60 9.20
CA MET D 1255 108.85 62.77 8.26
C MET D 1255 109.03 63.99 7.37
N GLU D 1256 109.84 64.96 7.79
CA GLU D 1256 109.97 66.20 7.04
C GLU D 1256 110.82 65.98 5.80
N ASP D 1257 110.34 66.48 4.67
CA ASP D 1257 110.99 66.39 3.36
C ASP D 1257 110.98 64.98 2.80
N ARG D 1258 110.27 64.06 3.44
CA ARG D 1258 110.29 62.69 3.00
C ARG D 1258 109.67 62.57 1.61
N ASN D 1259 108.54 63.22 1.38
CA ASN D 1259 107.88 63.15 0.10
C ASN D 1259 108.75 63.81 -0.95
N GLN D 1260 109.43 64.89 -0.59
CA GLN D 1260 110.31 65.56 -1.54
C GLN D 1260 111.45 64.64 -1.97
N ARG D 1261 112.00 63.87 -1.04
CA ARG D 1261 113.08 62.96 -1.35
C ARG D 1261 112.61 61.85 -2.27
N ILE D 1262 111.41 61.34 -2.02
CA ILE D 1262 110.86 60.27 -2.84
C ILE D 1262 110.62 60.78 -4.22
N LYS D 1263 110.14 61.99 -4.35
CA LYS D 1263 109.85 62.57 -5.64
C LYS D 1263 111.12 62.90 -6.39
N GLU D 1264 112.15 63.34 -5.70
CA GLU D 1264 113.42 63.57 -6.40
C GLU D 1264 113.95 62.29 -7.00
N MET D 1265 113.87 61.18 -6.27
CA MET D 1265 114.27 59.90 -6.83
C MET D 1265 113.44 59.56 -8.06
N TYR D 1266 112.11 59.70 -7.95
CA TYR D 1266 111.25 59.36 -9.08
C TYR D 1266 111.45 60.31 -10.25
N TRP D 1267 111.86 61.55 -9.98
CA TRP D 1267 112.16 62.49 -11.06
C TRP D 1267 113.42 62.08 -11.80
N LYS D 1268 114.45 61.66 -11.07
CA LYS D 1268 115.64 61.14 -11.74
C LYS D 1268 115.30 59.90 -12.57
N LEU D 1269 114.35 59.10 -12.16
CA LEU D 1269 114.05 57.89 -12.90
C LEU D 1269 113.12 58.05 -14.09
N TRP D 1270 112.23 59.03 -14.06
CA TRP D 1270 111.23 59.17 -15.10
C TRP D 1270 111.41 60.38 -15.95
N ILE D 1271 111.81 61.50 -15.37
CA ILE D 1271 111.88 62.74 -16.12
C ILE D 1271 113.28 63.20 -16.40
N ASP D 1272 113.59 63.38 -17.67
CA ASP D 1272 114.91 63.89 -18.05
C ASP D 1272 114.98 65.41 -18.16
N GLU D 1273 114.90 66.10 -17.03
CA GLU D 1273 114.97 67.56 -17.02
C GLU D 1273 115.41 67.99 -15.64
N PRO D 1274 115.82 69.24 -15.46
CA PRO D 1274 116.32 69.65 -14.15
C PRO D 1274 115.22 69.53 -13.09
N PHE D 1275 115.59 68.99 -11.95
CA PHE D 1275 114.61 68.74 -10.89
C PHE D 1275 114.02 70.05 -10.39
N ASN D 1276 112.71 70.19 -10.49
CA ASN D 1276 112.02 71.39 -9.99
C ASN D 1276 110.56 71.03 -9.76
N LEU D 1277 110.13 71.10 -8.51
CA LEU D 1277 108.74 70.83 -8.15
C LEU D 1277 107.86 72.07 -8.16
N ASP D 1278 108.44 73.26 -8.35
CA ASP D 1278 107.71 74.51 -8.20
C ASP D 1278 107.16 74.93 -9.55
N PHE D 1279 106.00 74.34 -9.89
CA PHE D 1279 105.25 74.79 -11.06
C PHE D 1279 103.77 74.55 -10.79
N ASP D 1280 102.94 75.31 -11.48
CA ASP D 1280 101.51 75.33 -11.16
C ASP D 1280 100.83 74.09 -11.74
N PRO D 1281 100.08 73.33 -10.94
CA PRO D 1281 99.30 72.23 -11.51
C PRO D 1281 98.24 72.68 -12.49
N ARG D 1282 97.85 73.96 -12.45
CA ARG D 1282 96.83 74.47 -13.36
C ARG D 1282 97.38 74.71 -14.75
N ASP D 1283 98.70 74.69 -14.93
CA ASP D 1283 99.28 74.98 -16.23
C ASP D 1283 99.30 73.75 -17.11
N VAL D 1284 99.57 73.98 -18.40
CA VAL D 1284 99.64 72.90 -19.37
C VAL D 1284 101.08 72.40 -19.45
N ILE D 1285 101.25 71.08 -19.43
CA ILE D 1285 102.56 70.47 -19.49
C ILE D 1285 102.88 70.13 -20.94
N LYS D 1286 104.11 70.42 -21.35
CA LYS D 1286 104.55 70.24 -22.73
C LYS D 1286 105.67 69.21 -22.75
N GLY D 1287 105.51 68.18 -23.58
CA GLY D 1287 106.47 67.11 -23.67
C GLY D 1287 107.37 67.23 -24.89
N LYS D 1288 108.48 66.52 -24.84
CA LYS D 1288 109.45 66.56 -25.93
C LYS D 1288 108.90 65.85 -27.16
N ASP D 1289 109.37 66.27 -28.32
CA ASP D 1289 108.90 65.69 -29.57
C ASP D 1289 109.42 64.27 -29.72
N PHE D 1290 108.53 63.36 -30.11
CA PHE D 1290 108.84 61.94 -30.20
C PHE D 1290 108.76 61.48 -31.65
N GLU D 1291 109.81 60.82 -32.11
CA GLU D 1291 109.91 60.31 -33.47
C GLU D 1291 109.76 58.79 -33.43
N ILE D 1292 108.69 58.29 -34.04
CA ILE D 1292 108.38 56.86 -33.98
C ILE D 1292 109.21 56.13 -35.02
N THR D 1293 110.00 55.16 -34.58
CA THR D 1293 110.86 54.40 -35.48
C THR D 1293 110.47 52.94 -35.44
N ALA D 1294 110.90 52.17 -36.42
CA ALA D 1294 110.55 50.75 -36.51
C ALA D 1294 111.08 49.97 -35.32
N LYS D 1295 112.29 50.30 -34.85
CA LYS D 1295 112.87 49.58 -33.73
C LYS D 1295 112.00 49.70 -32.48
N GLU D 1296 111.48 50.89 -32.22
CA GLU D 1296 110.70 51.12 -31.02
C GLU D 1296 109.39 50.37 -31.09
N VAL D 1297 108.76 50.36 -32.25
CA VAL D 1297 107.50 49.62 -32.40
C VAL D 1297 107.75 48.13 -32.24
N TYR D 1298 108.82 47.61 -32.84
CA TYR D 1298 109.14 46.19 -32.69
C TYR D 1298 109.35 45.84 -31.22
N ASP D 1299 110.15 46.64 -30.51
CA ASP D 1299 110.44 46.35 -29.11
C ASP D 1299 109.16 46.41 -28.27
N PHE D 1300 108.32 47.42 -28.50
CA PHE D 1300 107.10 47.53 -27.72
C PHE D 1300 106.17 46.35 -27.99
N THR D 1301 105.98 46.00 -29.26
CA THR D 1301 105.05 44.92 -29.59
C THR D 1301 105.54 43.59 -29.03
N HIS D 1302 106.85 43.37 -29.02
CA HIS D 1302 107.38 42.14 -28.44
C HIS D 1302 107.33 42.17 -26.92
N ALA D 1303 107.46 43.35 -26.31
CA ALA D 1303 107.37 43.46 -24.86
C ALA D 1303 105.96 43.17 -24.37
N VAL D 1304 104.93 43.61 -25.09
CA VAL D 1304 103.56 43.45 -24.63
C VAL D 1304 102.88 42.26 -25.27
N GLY D 1305 103.52 41.63 -26.25
CA GLY D 1305 102.98 40.42 -26.85
C GLY D 1305 101.93 40.65 -27.88
N ASN D 1306 102.03 41.75 -28.60
CA ASN D 1306 101.08 42.06 -29.66
C ASN D 1306 101.58 41.48 -30.97
N ASN D 1307 100.81 40.61 -31.58
CA ASN D 1307 101.24 39.90 -32.78
C ASN D 1307 100.48 40.34 -34.03
N CYS D 1308 99.79 41.47 -34.00
CA CYS D 1308 99.06 41.91 -35.15
C CYS D 1308 100.01 42.19 -36.27
N GLU D 1309 99.57 41.97 -37.49
CA GLU D 1309 100.44 42.16 -38.64
C GLU D 1309 100.59 43.63 -39.03
N ASP D 1310 99.74 44.52 -38.54
CA ASP D 1310 99.83 45.93 -38.90
C ASP D 1310 101.09 46.54 -38.34
N PHE D 1311 101.56 46.00 -37.24
CA PHE D 1311 102.74 46.54 -36.57
C PHE D 1311 104.02 45.79 -36.93
N VAL D 1312 103.99 44.98 -37.99
CA VAL D 1312 105.14 44.20 -38.43
C VAL D 1312 105.60 44.75 -39.77
N SER D 1313 106.91 44.87 -39.95
CA SER D 1313 107.47 45.30 -41.22
C SER D 1313 107.17 44.27 -42.29
N ARG D 1314 106.57 44.73 -43.40
CA ARG D 1314 106.19 43.86 -44.49
C ARG D 1314 106.38 44.64 -45.78
N PRO D 1315 106.72 43.98 -46.89
CA PRO D 1315 106.99 44.73 -48.14
C PRO D 1315 105.74 45.43 -48.64
N ASP D 1316 105.95 46.56 -49.33
CA ASP D 1316 104.89 47.35 -49.94
C ASP D 1316 103.78 47.65 -48.94
N ARG D 1317 104.17 47.98 -47.72
CA ARG D 1317 103.20 48.40 -46.70
C ARG D 1317 103.91 49.21 -45.64
N THR D 1318 103.26 50.28 -45.20
CA THR D 1318 103.80 51.09 -44.11
C THR D 1318 103.43 50.48 -42.77
N MET D 1319 104.39 50.48 -41.85
CA MET D 1319 104.18 49.87 -40.54
C MET D 1319 103.47 50.86 -39.62
N LEU D 1320 102.48 50.35 -38.90
CA LEU D 1320 101.75 51.16 -37.98
C LEU D 1320 102.21 50.94 -36.57
N ALA D 1321 101.93 51.88 -35.70
CA ALA D 1321 102.20 51.71 -34.28
C ALA D 1321 100.90 51.39 -33.55
N PRO D 1322 100.93 50.53 -32.54
CA PRO D 1322 99.71 50.24 -31.78
C PRO D 1322 99.22 51.44 -31.00
N MET D 1323 97.91 51.48 -30.77
CA MET D 1323 97.32 52.56 -29.99
C MET D 1323 97.97 52.68 -28.62
N ASP D 1324 98.48 51.57 -28.09
CA ASP D 1324 99.14 51.59 -26.79
C ASP D 1324 100.42 52.40 -26.79
N PHE D 1325 101.00 52.67 -27.98
CA PHE D 1325 102.22 53.45 -28.05
C PHE D 1325 102.03 54.88 -27.57
N ALA D 1326 100.78 55.34 -27.47
CA ALA D 1326 100.53 56.70 -27.01
C ALA D 1326 101.10 56.91 -25.62
N ILE D 1327 101.04 55.88 -24.77
CA ILE D 1327 101.54 56.03 -23.42
C ILE D 1327 103.06 56.17 -23.41
N VAL D 1328 103.75 55.39 -24.24
CA VAL D 1328 105.21 55.55 -24.28
C VAL D 1328 105.56 56.92 -24.84
N VAL D 1329 104.75 57.42 -25.78
CA VAL D 1329 105.05 58.73 -26.37
C VAL D 1329 104.82 59.86 -25.37
N GLY D 1330 103.78 59.75 -24.55
CA GLY D 1330 103.40 60.85 -23.67
C GLY D 1330 103.52 60.60 -22.18
N TRP D 1331 104.30 59.58 -21.79
CA TRP D 1331 104.44 59.27 -20.37
C TRP D 1331 105.13 60.40 -19.62
N ARG D 1332 106.16 60.97 -20.19
CA ARG D 1332 106.89 62.01 -19.49
C ARG D 1332 106.00 63.20 -19.24
N ALA D 1333 105.10 63.52 -20.18
CA ALA D 1333 104.16 64.62 -19.97
C ALA D 1333 103.08 64.26 -18.97
N ILE D 1334 102.53 63.05 -19.06
CA ILE D 1334 101.41 62.68 -18.20
C ILE D 1334 101.85 62.56 -16.75
N ILE D 1335 102.97 61.86 -16.50
CA ILE D 1335 103.37 61.56 -15.13
C ILE D 1335 103.92 62.78 -14.42
N LYS D 1336 104.38 63.79 -15.16
CA LYS D 1336 104.85 65.02 -14.53
C LYS D 1336 103.73 65.81 -13.89
N ALA D 1337 102.47 65.45 -14.16
CA ALA D 1337 101.34 66.19 -13.62
C ALA D 1337 101.19 65.99 -12.11
N ILE D 1338 101.63 64.85 -11.58
CA ILE D 1338 101.43 64.53 -10.16
C ILE D 1338 102.62 64.96 -9.31
N PHE D 1339 103.62 65.59 -9.91
CA PHE D 1339 104.83 66.03 -9.22
C PHE D 1339 104.68 67.35 -8.46
N PRO D 1340 103.96 68.35 -8.99
CA PRO D 1340 104.01 69.69 -8.39
C PRO D 1340 103.91 69.67 -6.87
N ASN D 1341 104.52 70.69 -6.25
CA ASN D 1341 104.54 70.77 -4.79
C ASN D 1341 103.14 70.86 -4.21
N THR D 1342 102.24 71.59 -4.86
CA THR D 1342 100.89 71.74 -4.34
C THR D 1342 100.17 70.40 -4.29
N VAL D 1343 100.35 69.56 -5.32
CA VAL D 1343 99.80 68.19 -5.30
C VAL D 1343 100.87 67.33 -4.65
N ASP D 1344 100.84 67.29 -3.32
CA ASP D 1344 101.86 66.62 -2.53
C ASP D 1344 101.38 65.23 -2.11
N GLY D 1345 102.25 64.24 -2.23
CA GLY D 1345 101.92 62.89 -1.83
C GLY D 1345 103.11 61.98 -1.89
N ASP D 1346 103.01 60.81 -1.28
CA ASP D 1346 104.08 59.83 -1.31
C ASP D 1346 104.05 59.01 -2.58
N LEU D 1347 105.00 59.21 -3.47
CA LEU D 1347 104.99 58.51 -4.75
C LEU D 1347 105.16 57.01 -4.59
N LEU D 1348 105.62 56.56 -3.44
CA LEU D 1348 105.70 55.12 -3.20
C LEU D 1348 104.35 54.53 -2.88
N LYS D 1349 103.36 55.35 -2.51
CA LYS D 1349 101.99 54.90 -2.30
C LYS D 1349 101.08 55.25 -3.47
N LEU D 1350 101.64 55.70 -4.59
CA LEU D 1350 100.83 56.07 -5.74
C LEU D 1350 100.19 54.84 -6.36
N VAL D 1351 98.92 54.99 -6.77
CA VAL D 1351 98.16 53.92 -7.39
C VAL D 1351 97.59 54.43 -8.70
N HIS D 1352 97.81 53.71 -9.78
CA HIS D 1352 97.23 54.06 -11.06
C HIS D 1352 95.87 53.45 -11.04
N LEU D 1353 94.82 54.22 -11.24
CA LEU D 1353 93.48 53.71 -11.13
C LEU D 1353 92.93 53.30 -12.48
N SER D 1354 93.20 54.08 -13.51
CA SER D 1354 92.67 53.76 -14.82
C SER D 1354 93.47 54.49 -15.87
N ASN D 1355 93.32 54.04 -17.11
CA ASN D 1355 93.94 54.68 -18.26
C ASN D 1355 93.04 54.42 -19.46
N GLY D 1356 93.15 55.30 -20.45
CA GLY D 1356 92.28 55.17 -21.61
C GLY D 1356 92.83 55.95 -22.79
N TYR D 1357 92.46 55.49 -23.98
CA TYR D 1357 92.81 56.12 -25.23
C TYR D 1357 91.54 56.44 -26.01
N LYS D 1358 91.59 57.52 -26.78
CA LYS D 1358 90.41 57.98 -27.52
C LYS D 1358 90.92 58.63 -28.80
N MET D 1359 90.77 57.93 -29.93
CA MET D 1359 91.14 58.50 -31.21
C MET D 1359 90.22 59.66 -31.55
N ILE D 1360 90.79 60.73 -32.06
CA ILE D 1360 90.00 61.91 -32.44
C ILE D 1360 89.36 61.65 -33.80
N PRO D 1361 88.04 61.83 -33.94
CA PRO D 1361 87.39 61.42 -35.20
C PRO D 1361 88.04 62.07 -36.41
N GLY D 1362 88.22 61.26 -37.45
CA GLY D 1362 88.89 61.71 -38.67
C GLY D 1362 90.40 61.63 -38.63
N ALA D 1363 90.99 61.11 -37.57
CA ALA D 1363 92.44 61.01 -37.44
C ALA D 1363 92.89 59.59 -37.75
N LYS D 1364 94.02 59.47 -38.43
CA LYS D 1364 94.59 58.17 -38.74
C LYS D 1364 95.38 57.64 -37.55
N PRO D 1365 95.57 56.32 -37.47
CA PRO D 1365 96.36 55.76 -36.37
C PRO D 1365 97.83 56.12 -36.49
N LEU D 1366 98.54 55.93 -35.38
CA LEU D 1366 99.97 56.22 -35.37
C LEU D 1366 100.69 55.32 -36.35
N GLN D 1367 101.80 55.79 -36.92
CA GLN D 1367 102.53 55.00 -37.88
C GLN D 1367 103.99 55.35 -37.87
N VAL D 1368 104.85 54.39 -38.18
CA VAL D 1368 106.28 54.61 -38.09
C VAL D 1368 106.74 55.73 -39.01
N GLY D 1369 107.51 56.67 -38.46
CA GLY D 1369 107.98 57.79 -39.25
C GLY D 1369 107.29 59.07 -38.85
N ASP D 1370 106.27 58.97 -38.04
CA ASP D 1370 105.54 60.15 -37.59
C ASP D 1370 106.18 60.87 -36.43
N VAL D 1371 106.23 62.19 -36.48
CA VAL D 1371 106.71 63.01 -35.36
C VAL D 1371 105.48 63.45 -34.57
N VAL D 1372 105.50 63.17 -33.27
CA VAL D 1372 104.34 63.38 -32.41
C VAL D 1372 104.72 64.32 -31.28
N SER D 1373 103.84 65.28 -31.00
CA SER D 1373 103.98 66.17 -29.86
C SER D 1373 102.90 65.84 -28.85
N THR D 1374 103.25 65.92 -27.56
CA THR D 1374 102.34 65.57 -26.49
C THR D 1374 102.11 66.77 -25.59
N THR D 1375 100.90 66.85 -25.04
CA THR D 1375 100.49 67.92 -24.14
C THR D 1375 99.59 67.33 -23.07
N ALA D 1376 99.77 67.78 -21.83
CA ALA D 1376 99.04 67.23 -20.70
C ALA D 1376 98.50 68.35 -19.82
N VAL D 1377 97.28 68.14 -19.30
CA VAL D 1377 96.65 69.07 -18.36
C VAL D 1377 95.98 68.25 -17.26
N ILE D 1378 95.95 68.80 -16.06
CA ILE D 1378 95.27 68.14 -14.94
C ILE D 1378 93.79 68.51 -15.01
N GLU D 1379 92.95 67.53 -15.30
CA GLU D 1379 91.51 67.79 -15.36
C GLU D 1379 90.97 68.13 -13.98
N SER D 1380 91.31 67.33 -12.97
CA SER D 1380 90.85 67.58 -11.62
C SER D 1380 91.82 66.97 -10.63
N VAL D 1381 91.86 67.54 -9.43
CA VAL D 1381 92.60 67.00 -8.31
C VAL D 1381 91.76 67.24 -7.06
N VAL D 1382 91.22 66.18 -6.47
CA VAL D 1382 90.23 66.27 -5.41
C VAL D 1382 90.71 65.47 -4.21
N ASN D 1383 90.56 66.04 -3.02
CA ASN D 1383 90.90 65.36 -1.78
C ASN D 1383 89.70 64.51 -1.34
N GLN D 1384 89.76 63.23 -1.61
CA GLN D 1384 88.78 62.28 -1.12
C GLN D 1384 89.18 61.81 0.27
N PRO D 1385 88.23 61.29 1.05
CA PRO D 1385 88.56 60.95 2.45
C PRO D 1385 89.71 59.97 2.57
N THR D 1386 89.83 59.03 1.63
CA THR D 1386 90.85 58.00 1.69
C THR D 1386 92.07 58.30 0.83
N GLY D 1387 92.16 59.48 0.25
CA GLY D 1387 93.31 59.84 -0.56
C GLY D 1387 93.00 60.98 -1.49
N LYS D 1388 93.96 61.25 -2.37
CA LYS D 1388 93.88 62.35 -3.33
C LYS D 1388 93.91 61.77 -4.74
N ILE D 1389 92.87 62.02 -5.51
CA ILE D 1389 92.77 61.57 -6.89
C ILE D 1389 93.24 62.69 -7.79
N VAL D 1390 94.05 62.36 -8.79
CA VAL D 1390 94.55 63.31 -9.78
C VAL D 1390 94.17 62.77 -11.15
N ASP D 1391 93.44 63.58 -11.92
CA ASP D 1391 92.97 63.20 -13.24
C ASP D 1391 93.74 64.02 -14.28
N VAL D 1392 94.41 63.32 -15.18
CA VAL D 1392 95.29 63.94 -16.17
C VAL D 1392 94.78 63.59 -17.56
N VAL D 1393 94.84 64.55 -18.47
CA VAL D 1393 94.44 64.36 -19.86
C VAL D 1393 95.63 64.73 -20.73
N GLY D 1394 96.09 63.78 -21.53
CA GLY D 1394 97.20 63.99 -22.46
C GLY D 1394 96.67 64.02 -23.88
N THR D 1395 97.23 64.90 -24.70
CA THR D 1395 96.82 65.06 -26.08
C THR D 1395 98.02 64.89 -27.00
N LEU D 1396 97.89 64.00 -27.97
CA LEU D 1396 98.94 63.71 -28.93
C LEU D 1396 98.61 64.37 -30.26
N SER D 1397 99.55 65.15 -30.79
CA SER D 1397 99.34 65.91 -32.00
C SER D 1397 100.38 65.50 -33.04
N ARG D 1398 99.93 65.47 -34.31
CA ARG D 1398 100.78 65.12 -35.44
C ARG D 1398 100.57 66.13 -36.54
N ASN D 1399 101.65 66.75 -37.00
CA ASN D 1399 101.59 67.73 -38.09
C ASN D 1399 100.68 68.91 -37.73
N GLY D 1400 100.62 69.24 -36.44
CA GLY D 1400 99.80 70.33 -35.95
C GLY D 1400 98.40 69.91 -35.54
N LYS D 1401 97.80 68.95 -36.25
CA LYS D 1401 96.47 68.49 -35.89
C LYS D 1401 96.56 67.48 -34.75
N PRO D 1402 95.54 67.43 -33.88
CA PRO D 1402 95.55 66.45 -32.80
C PRO D 1402 95.09 65.08 -33.29
N VAL D 1403 95.71 64.03 -32.76
CA VAL D 1403 95.48 62.67 -33.19
C VAL D 1403 94.62 61.90 -32.19
N MET D 1404 95.02 61.88 -30.93
CA MET D 1404 94.34 61.09 -29.92
C MET D 1404 94.57 61.71 -28.55
N GLU D 1405 93.69 61.34 -27.62
CA GLU D 1405 93.74 61.84 -26.26
C GLU D 1405 93.90 60.68 -25.29
N VAL D 1406 94.76 60.86 -24.29
CA VAL D 1406 95.03 59.86 -23.27
C VAL D 1406 94.54 60.39 -21.93
N THR D 1407 93.78 59.57 -21.21
CA THR D 1407 93.28 59.90 -19.89
C THR D 1407 93.85 58.92 -18.88
N SER D 1408 94.31 59.43 -17.75
CA SER D 1408 94.86 58.60 -16.69
C SER D 1408 94.42 59.15 -15.34
N SER D 1409 94.02 58.26 -14.45
CA SER D 1409 93.58 58.63 -13.10
C SER D 1409 94.58 58.07 -12.10
N PHE D 1410 95.15 58.95 -11.28
CA PHE D 1410 96.16 58.58 -10.30
C PHE D 1410 95.65 58.88 -8.89
N PHE D 1411 96.10 58.05 -7.94
CA PHE D 1411 95.60 58.09 -6.58
C PHE D 1411 96.77 58.16 -5.60
N TYR D 1412 96.83 59.23 -4.83
CA TYR D 1412 97.75 59.35 -3.71
C TYR D 1412 97.03 58.90 -2.45
N ARG D 1413 97.33 57.69 -1.99
CA ARG D 1413 96.69 57.17 -0.78
C ARG D 1413 97.20 57.90 0.45
N GLY D 1414 96.29 58.33 1.31
CA GLY D 1414 96.67 59.04 2.51
C GLY D 1414 95.57 60.00 2.93
N ASN D 1415 95.90 60.81 3.93
CA ASN D 1415 94.98 61.81 4.48
C ASN D 1415 95.44 63.19 4.04
N TYR D 1416 94.60 63.89 3.30
CA TYR D 1416 94.91 65.23 2.81
C TYR D 1416 93.77 66.17 3.14
N THR D 1417 94.13 67.40 3.53
CA THR D 1417 93.15 68.42 3.88
C THR D 1417 93.51 69.79 3.33
N ASP D 1418 94.33 69.83 2.27
CA ASP D 1418 94.73 71.09 1.64
C ASP D 1418 93.78 71.41 0.48
N PHE D 1419 92.51 71.61 0.83
CA PHE D 1419 91.48 71.84 -0.17
C PHE D 1419 91.72 73.10 -0.98
N GLU D 1420 92.53 74.03 -0.47
CA GLU D 1420 92.86 75.23 -1.23
C GLU D 1420 93.61 74.90 -2.52
N ASN D 1421 94.19 73.71 -2.61
CA ASN D 1421 94.96 73.29 -3.78
C ASN D 1421 94.14 72.47 -4.77
N THR D 1422 92.88 72.19 -4.46
CA THR D 1422 92.07 71.28 -5.25
C THR D 1422 91.14 72.03 -6.19
N PHE D 1423 90.87 71.41 -7.34
CA PHE D 1423 89.89 71.90 -8.29
C PHE D 1423 89.34 70.71 -9.06
N GLN D 1424 88.15 70.88 -9.63
CA GLN D 1424 87.53 69.81 -10.39
C GLN D 1424 86.87 70.39 -11.64
N LYS D 1425 86.73 69.53 -12.65
CA LYS D 1425 86.15 69.91 -13.93
C LYS D 1425 85.46 68.68 -14.50
N THR D 1426 84.14 68.80 -14.67
CA THR D 1426 83.34 67.71 -15.21
C THR D 1426 82.50 68.17 -16.38
N VAL D 1427 82.44 67.37 -17.43
CA VAL D 1427 81.61 67.67 -18.57
C VAL D 1427 80.33 66.96 -18.29
N GLU D 1428 79.23 67.68 -18.24
CA GLU D 1428 77.97 67.09 -17.82
C GLU D 1428 77.28 66.35 -18.92
N PRO D 1429 76.34 65.49 -18.56
CA PRO D 1429 75.56 64.84 -19.61
C PRO D 1429 74.73 65.85 -20.40
N VAL D 1430 74.51 65.65 -21.69
CA VAL D 1430 73.62 66.53 -22.45
C VAL D 1430 72.20 66.36 -21.94
N TYR D 1431 71.55 67.48 -21.64
CA TYR D 1431 70.19 67.50 -21.14
C TYR D 1431 69.25 68.06 -22.19
N GLN D 1432 68.16 67.37 -22.46
CA GLN D 1432 67.20 67.74 -23.49
C GLN D 1432 65.87 68.12 -22.85
N MET D 1433 65.36 69.29 -23.21
CA MET D 1433 64.12 69.81 -22.65
C MET D 1433 63.16 70.17 -23.77
N HIS D 1434 61.90 69.77 -23.63
CA HIS D 1434 60.86 70.02 -24.61
C HIS D 1434 59.93 71.08 -24.05
N ILE D 1435 59.86 72.22 -24.73
CA ILE D 1435 59.12 73.38 -24.25
C ILE D 1435 57.70 73.27 -24.80
N LYS D 1436 56.74 72.97 -23.93
CA LYS D 1436 55.34 72.81 -24.31
C LYS D 1436 54.51 74.06 -24.03
N THR D 1437 54.58 74.60 -22.82
CA THR D 1437 53.66 75.63 -22.36
C THR D 1437 54.41 76.91 -22.04
N SER D 1438 53.65 78.00 -21.89
CA SER D 1438 54.23 79.27 -21.46
C SER D 1438 54.68 79.24 -20.02
N LYS D 1439 54.17 78.30 -19.22
CA LYS D 1439 54.68 78.13 -17.86
C LYS D 1439 56.14 77.71 -17.87
N ASP D 1440 56.51 76.79 -18.76
CA ASP D 1440 57.90 76.38 -18.87
C ASP D 1440 58.78 77.54 -19.30
N ILE D 1441 58.31 78.35 -20.26
CA ILE D 1441 59.08 79.51 -20.69
C ILE D 1441 59.26 80.48 -19.52
N ALA D 1442 58.19 80.70 -18.74
CA ALA D 1442 58.31 81.60 -17.60
C ALA D 1442 59.32 81.07 -16.59
N VAL D 1443 59.31 79.75 -16.34
CA VAL D 1443 60.26 79.17 -15.40
C VAL D 1443 61.68 79.35 -15.92
N LEU D 1444 61.91 79.07 -17.20
CA LEU D 1444 63.25 79.22 -17.77
C LEU D 1444 63.74 80.65 -17.68
N ARG D 1445 62.88 81.61 -18.04
CA ARG D 1445 63.30 83.00 -18.07
C ARG D 1445 63.57 83.56 -16.69
N SER D 1446 63.02 82.93 -15.64
CA SER D 1446 63.31 83.37 -14.28
C SER D 1446 64.75 83.09 -13.87
N LYS D 1447 65.41 82.13 -14.52
CA LYS D 1447 66.78 81.76 -14.17
C LYS D 1447 67.75 82.77 -14.75
N GLU D 1448 68.60 83.35 -13.89
CA GLU D 1448 69.57 84.33 -14.34
C GLU D 1448 70.56 83.70 -15.31
N TRP D 1449 70.84 82.42 -15.14
CA TRP D 1449 71.82 81.73 -15.97
C TRP D 1449 71.32 81.33 -17.36
N PHE D 1450 70.01 81.36 -17.56
CA PHE D 1450 69.43 81.02 -18.86
C PHE D 1450 69.44 82.28 -19.71
N GLN D 1451 70.52 82.46 -20.48
CA GLN D 1451 70.75 83.66 -21.27
C GLN D 1451 70.66 83.32 -22.75
N LEU D 1452 69.64 83.87 -23.41
CA LEU D 1452 69.44 83.66 -24.84
C LEU D 1452 70.09 84.79 -25.62
N ASP D 1453 70.71 84.45 -26.74
CA ASP D 1453 71.34 85.47 -27.57
C ASP D 1453 70.29 86.44 -28.11
N ASP D 1454 69.15 85.93 -28.54
CA ASP D 1454 68.01 86.74 -28.95
C ASP D 1454 66.95 86.63 -27.86
N GLU D 1455 66.80 87.69 -27.08
CA GLU D 1455 65.88 87.66 -25.95
C GLU D 1455 64.45 87.39 -26.38
N ASP D 1456 64.10 87.71 -27.62
CA ASP D 1456 62.74 87.53 -28.12
C ASP D 1456 62.52 86.19 -28.80
N PHE D 1457 63.48 85.28 -28.72
CA PHE D 1457 63.35 83.98 -29.35
C PHE D 1457 62.08 83.28 -28.87
N ASP D 1458 61.33 82.72 -29.81
CA ASP D 1458 60.07 82.03 -29.51
C ASP D 1458 60.39 80.59 -29.16
N LEU D 1459 60.37 80.27 -27.86
CA LEU D 1459 60.74 78.94 -27.39
C LEU D 1459 59.57 77.96 -27.37
N LEU D 1460 58.36 78.42 -27.63
CA LEU D 1460 57.19 77.54 -27.50
C LEU D 1460 57.22 76.47 -28.57
N ASN D 1461 57.03 75.21 -28.14
CA ASN D 1461 57.05 74.05 -29.02
C ASN D 1461 58.43 73.84 -29.65
N LYS D 1462 59.48 74.10 -28.85
CA LYS D 1462 60.85 73.91 -29.27
C LYS D 1462 61.54 72.92 -28.33
N THR D 1463 62.47 72.16 -28.89
CA THR D 1463 63.30 71.25 -28.12
C THR D 1463 64.67 71.89 -27.91
N LEU D 1464 65.09 71.96 -26.66
CA LEU D 1464 66.36 72.56 -26.28
C LEU D 1464 67.30 71.49 -25.75
N THR D 1465 68.59 71.63 -26.08
CA THR D 1465 69.65 70.80 -25.51
C THR D 1465 70.67 71.71 -24.84
N PHE D 1466 71.10 71.31 -23.65
CA PHE D 1466 72.08 72.05 -22.86
C PHE D 1466 73.35 71.21 -22.75
N GLU D 1467 74.46 71.79 -23.21
CA GLU D 1467 75.73 71.10 -23.20
C GLU D 1467 76.65 71.86 -22.30
N THR D 1468 76.64 71.53 -21.03
CA THR D 1468 77.44 72.31 -20.07
C THR D 1468 78.67 71.67 -19.42
N GLU D 1469 79.47 72.49 -18.76
CA GLU D 1469 80.64 72.02 -18.03
C GLU D 1469 80.70 72.74 -16.68
N THR D 1470 81.01 71.98 -15.63
CA THR D 1470 81.06 72.52 -14.28
C THR D 1470 82.49 72.54 -13.79
N GLU D 1471 82.94 73.70 -13.32
CA GLU D 1471 84.26 73.88 -12.73
C GLU D 1471 84.09 74.38 -11.30
N VAL D 1472 84.47 73.55 -10.34
CA VAL D 1472 84.29 73.86 -8.93
C VAL D 1472 85.64 73.86 -8.24
N THR D 1473 85.76 74.68 -7.20
CA THR D 1473 86.87 74.60 -6.25
C THR D 1473 86.28 74.35 -4.87
N PHE D 1474 87.07 73.69 -4.02
CA PHE D 1474 86.58 73.21 -2.73
C PHE D 1474 87.07 74.08 -1.60
N LYS D 1475 86.15 74.43 -0.70
CA LYS D 1475 86.52 75.02 0.58
C LYS D 1475 86.80 73.95 1.62
N ASN D 1476 86.07 72.85 1.57
CA ASN D 1476 86.31 71.70 2.44
C ASN D 1476 85.68 70.48 1.77
N ALA D 1477 85.52 69.40 2.52
CA ALA D 1477 85.09 68.13 1.93
C ALA D 1477 83.73 68.26 1.27
N ASN D 1478 82.79 68.95 1.92
CA ASN D 1478 81.39 68.93 1.50
C ASN D 1478 80.94 70.21 0.83
N ILE D 1479 81.68 71.30 0.96
CA ILE D 1479 81.23 72.62 0.51
C ILE D 1479 82.18 73.13 -0.57
N PHE D 1480 81.61 73.64 -1.65
CA PHE D 1480 82.39 74.24 -2.72
C PHE D 1480 82.72 75.69 -2.39
N SER D 1481 83.97 76.07 -2.64
CA SER D 1481 84.36 77.47 -2.51
C SER D 1481 83.98 78.29 -3.73
N SER D 1482 83.60 77.62 -4.82
CA SER D 1482 83.21 78.30 -6.05
C SER D 1482 82.62 77.25 -6.98
N VAL D 1483 81.58 77.66 -7.72
CA VAL D 1483 80.92 76.80 -8.69
C VAL D 1483 80.69 77.62 -9.96
N LYS D 1484 81.06 77.04 -11.10
CA LYS D 1484 80.87 77.71 -12.38
C LYS D 1484 80.37 76.71 -13.40
N CYS D 1485 79.17 76.94 -13.93
CA CYS D 1485 78.55 76.09 -14.93
C CYS D 1485 78.28 76.93 -16.17
N PHE D 1486 78.71 76.43 -17.33
CA PHE D 1486 78.63 77.19 -18.57
C PHE D 1486 78.55 76.23 -19.75
N GLY D 1487 78.03 76.75 -20.87
CA GLY D 1487 77.94 75.98 -22.08
C GLY D 1487 76.86 76.52 -23.01
N PRO D 1488 76.84 76.02 -24.25
CA PRO D 1488 75.86 76.52 -25.23
C PRO D 1488 74.50 75.88 -25.12
N ILE D 1489 73.48 76.69 -25.43
CA ILE D 1489 72.11 76.22 -25.58
C ILE D 1489 71.78 76.23 -27.07
N LYS D 1490 71.27 75.12 -27.57
CA LYS D 1490 70.92 75.01 -28.99
C LYS D 1490 69.52 74.44 -29.14
N VAL D 1491 68.88 74.80 -30.24
CA VAL D 1491 67.50 74.43 -30.53
C VAL D 1491 67.49 73.48 -31.72
N GLU D 1492 66.70 72.42 -31.62
CA GLU D 1492 66.58 71.49 -32.73
C GLU D 1492 65.82 72.08 -33.88
N LEU D 1493 66.32 71.87 -35.07
CA LEU D 1493 65.69 72.38 -36.29
C LEU D 1493 64.83 71.31 -36.92
N PRO D 1494 63.99 71.67 -37.88
CA PRO D 1494 63.12 70.66 -38.52
C PRO D 1494 63.89 69.54 -39.20
N THR D 1495 65.16 69.76 -39.55
CA THR D 1495 66.01 68.70 -40.07
C THR D 1495 66.71 67.93 -38.96
N LYS D 1496 66.26 68.06 -37.72
CA LYS D 1496 66.85 67.36 -36.59
C LYS D 1496 68.25 67.87 -36.29
N GLU D 1497 68.59 69.02 -36.82
CA GLU D 1497 69.90 69.64 -36.58
C GLU D 1497 69.78 70.65 -35.45
N THR D 1498 70.84 70.76 -34.66
CA THR D 1498 70.89 71.67 -33.53
C THR D 1498 71.76 72.87 -33.87
N VAL D 1499 71.26 74.07 -33.57
CA VAL D 1499 72.01 75.28 -33.80
C VAL D 1499 71.98 76.04 -32.49
N GLU D 1500 72.98 76.85 -32.22
CA GLU D 1500 73.06 77.52 -30.95
C GLU D 1500 72.17 78.73 -30.90
N ILE D 1501 71.54 78.96 -29.77
CA ILE D 1501 70.67 80.12 -29.62
C ILE D 1501 70.95 80.89 -28.33
N GLY D 1502 71.91 80.45 -27.53
CA GLY D 1502 72.21 81.12 -26.28
C GLY D 1502 73.28 80.37 -25.53
N ILE D 1503 73.56 80.84 -24.31
CA ILE D 1503 74.57 80.23 -23.46
C ILE D 1503 73.99 80.00 -22.08
N VAL D 1504 74.53 79.00 -21.41
CA VAL D 1504 74.39 78.87 -19.97
C VAL D 1504 75.61 79.50 -19.33
N ASP D 1505 75.40 80.22 -18.24
CA ASP D 1505 76.53 80.66 -17.41
C ASP D 1505 76.03 80.91 -16.00
N TYR D 1506 76.78 80.42 -15.03
CA TYR D 1506 76.39 80.50 -13.65
C TYR D 1506 77.64 80.57 -12.82
N GLU D 1507 77.71 81.50 -11.88
CA GLU D 1507 78.85 81.68 -11.00
C GLU D 1507 78.35 81.93 -9.59
N ALA D 1508 78.98 81.27 -8.62
CA ALA D 1508 78.59 81.41 -7.23
C ALA D 1508 79.82 81.23 -6.35
N GLY D 1509 79.74 81.77 -5.14
CA GLY D 1509 80.79 81.59 -4.16
C GLY D 1509 80.58 80.30 -3.39
N ALA D 1510 80.61 80.38 -2.06
CA ALA D 1510 80.37 79.20 -1.25
C ALA D 1510 79.01 78.60 -1.60
N SER D 1511 79.00 77.29 -1.83
CA SER D 1511 77.77 76.62 -2.26
C SER D 1511 77.82 75.16 -1.82
N HIS D 1512 76.64 74.54 -1.82
CA HIS D 1512 76.50 73.14 -1.49
C HIS D 1512 76.18 72.27 -2.69
N GLY D 1513 76.03 72.86 -3.88
CA GLY D 1513 75.69 72.09 -5.05
C GLY D 1513 75.61 72.98 -6.27
N ASN D 1514 75.28 72.35 -7.40
CA ASN D 1514 75.10 73.06 -8.65
C ASN D 1514 73.62 73.18 -8.96
N PRO D 1515 73.03 74.37 -8.94
CA PRO D 1515 71.58 74.47 -9.22
C PRO D 1515 71.23 74.22 -10.67
N VAL D 1516 72.12 74.57 -11.61
CA VAL D 1516 71.79 74.44 -13.02
C VAL D 1516 71.53 72.97 -13.37
N VAL D 1517 72.46 72.09 -12.99
CA VAL D 1517 72.30 70.68 -13.34
C VAL D 1517 71.15 70.06 -12.57
N ASP D 1518 70.94 70.49 -11.32
CA ASP D 1518 69.79 70.00 -10.57
C ASP D 1518 68.49 70.32 -11.30
N PHE D 1519 68.34 71.57 -11.73
CA PHE D 1519 67.15 71.94 -12.49
C PHE D 1519 67.03 71.15 -13.78
N LEU D 1520 68.14 71.00 -14.52
CA LEU D 1520 68.07 70.31 -15.80
C LEU D 1520 67.70 68.84 -15.61
N LYS D 1521 68.25 68.19 -14.58
CA LYS D 1521 67.88 66.81 -14.28
C LYS D 1521 66.39 66.72 -13.93
N ARG D 1522 65.90 67.66 -13.11
CA ARG D 1522 64.52 67.57 -12.67
C ARG D 1522 63.53 67.87 -13.79
N ASN D 1523 63.91 68.71 -14.75
CA ASN D 1523 63.00 69.20 -15.78
C ASN D 1523 63.29 68.68 -17.17
N GLY D 1524 64.50 68.18 -17.43
CA GLY D 1524 64.87 67.71 -18.75
C GLY D 1524 65.07 66.20 -18.79
N SER D 1525 65.57 65.74 -19.93
CA SER D 1525 65.89 64.33 -20.14
C SER D 1525 67.37 64.23 -20.50
N THR D 1526 68.00 63.13 -20.07
CA THR D 1526 69.41 62.93 -20.34
C THR D 1526 69.59 62.20 -21.67
N LEU D 1527 70.48 62.72 -22.51
CA LEU D 1527 70.79 62.11 -23.80
C LEU D 1527 72.07 61.28 -23.64
N GLU D 1528 71.94 59.97 -23.82
CA GLU D 1528 73.06 59.05 -23.68
C GLU D 1528 73.47 58.53 -25.05
N GLN D 1529 74.74 58.68 -25.39
CA GLN D 1529 75.23 58.22 -26.68
C GLN D 1529 75.36 56.70 -26.73
N LYS D 1530 75.53 56.05 -25.60
CA LYS D 1530 75.64 54.60 -25.55
C LYS D 1530 74.25 53.98 -25.50
N VAL D 1531 74.00 53.01 -26.36
CA VAL D 1531 72.72 52.30 -26.41
C VAL D 1531 73.02 50.81 -26.35
N ASN D 1532 72.43 50.10 -25.40
CA ASN D 1532 72.72 48.68 -25.20
C ASN D 1532 71.92 47.73 -26.04
N LEU D 1533 72.57 46.72 -26.57
CA LEU D 1533 71.90 45.74 -27.40
C LEU D 1533 70.88 45.03 -26.54
N GLU D 1534 69.92 44.38 -27.17
CA GLU D 1534 68.90 43.64 -26.44
C GLU D 1534 69.51 42.79 -25.37
N ASN D 1535 70.62 42.12 -25.68
CA ASN D 1535 71.29 41.25 -24.74
C ASN D 1535 72.75 41.17 -25.14
N PRO D 1536 73.66 41.02 -24.17
CA PRO D 1536 75.04 41.03 -24.63
C PRO D 1536 75.40 39.86 -25.53
N ILE D 1537 76.33 40.07 -26.45
CA ILE D 1537 76.79 39.04 -27.37
C ILE D 1537 78.20 38.60 -26.97
N PRO D 1538 78.35 37.37 -26.46
CA PRO D 1538 79.66 36.86 -26.08
C PRO D 1538 80.63 36.74 -27.26
N ILE D 1539 81.85 37.23 -27.11
CA ILE D 1539 82.83 37.14 -28.20
C ILE D 1539 83.81 36.00 -27.97
N ALA D 1540 84.44 35.95 -26.80
CA ALA D 1540 85.40 34.89 -26.49
C ALA D 1540 85.88 35.04 -25.06
N VAL D 1541 86.43 33.95 -24.53
CA VAL D 1541 87.16 33.94 -23.27
C VAL D 1541 88.59 33.52 -23.59
N LEU D 1542 89.55 34.39 -23.28
CA LEU D 1542 90.93 34.20 -23.68
C LEU D 1542 91.82 34.08 -22.45
N ASP D 1543 92.97 33.44 -22.64
CA ASP D 1543 93.95 33.24 -21.58
C ASP D 1543 95.21 34.01 -21.89
N SER D 1544 95.81 34.60 -20.86
CA SER D 1544 97.01 35.42 -21.01
C SER D 1544 97.89 35.20 -19.79
N TYR D 1545 99.17 35.55 -19.93
CA TYR D 1545 100.16 35.36 -18.88
C TYR D 1545 101.03 36.59 -18.73
N THR D 1546 101.31 36.95 -17.48
CA THR D 1546 102.27 38.00 -17.19
C THR D 1546 103.68 37.46 -17.35
N PRO D 1547 104.62 38.25 -17.85
CA PRO D 1547 105.99 37.76 -17.99
C PRO D 1547 106.67 37.59 -16.64
N SER D 1548 107.70 36.73 -16.64
CA SER D 1548 108.43 36.46 -15.40
C SER D 1548 109.21 37.66 -14.91
N THR D 1549 109.52 38.61 -15.79
CA THR D 1549 110.25 39.82 -15.43
C THR D 1549 109.55 41.03 -16.01
N ASN D 1550 109.54 42.12 -15.25
CA ASN D 1550 108.97 43.38 -15.69
C ASN D 1550 110.01 44.29 -16.35
N GLU D 1551 111.27 43.87 -16.39
CA GLU D 1551 112.33 44.72 -16.91
C GLU D 1551 112.15 45.09 -18.38
N PRO D 1552 111.79 44.17 -19.27
CA PRO D 1552 111.65 44.57 -20.68
C PRO D 1552 110.57 45.61 -20.93
N TYR D 1553 109.38 45.45 -20.33
CA TYR D 1553 108.35 46.46 -20.49
C TYR D 1553 108.78 47.78 -19.88
N ALA D 1554 109.43 47.75 -18.75
CA ALA D 1554 109.92 48.96 -18.13
C ALA D 1554 110.87 49.67 -19.03
N ARG D 1555 111.72 48.92 -19.69
CA ARG D 1555 112.74 49.54 -20.52
C ARG D 1555 112.19 50.04 -21.84
N VAL D 1556 111.10 49.45 -22.32
CA VAL D 1556 110.51 49.93 -23.58
C VAL D 1556 109.58 51.12 -23.33
N SER D 1557 108.84 51.09 -22.22
CA SER D 1557 107.88 52.15 -21.92
C SER D 1557 108.50 53.34 -21.22
N GLY D 1558 109.66 53.18 -20.61
CA GLY D 1558 110.28 54.27 -19.89
C GLY D 1558 109.84 54.34 -18.46
N ASP D 1559 108.89 53.51 -18.07
CA ASP D 1559 108.39 53.51 -16.71
C ASP D 1559 109.35 52.75 -15.82
N LEU D 1560 110.35 53.45 -15.30
CA LEU D 1560 111.37 52.82 -14.49
C LEU D 1560 111.04 52.87 -13.00
N ASN D 1561 109.81 52.52 -12.62
CA ASN D 1561 109.41 52.51 -11.22
C ASN D 1561 110.01 51.31 -10.50
N PRO D 1562 110.70 51.54 -9.38
CA PRO D 1562 111.42 50.43 -8.74
C PRO D 1562 110.53 49.33 -8.20
N ILE D 1563 109.26 49.62 -7.89
CA ILE D 1563 108.39 48.59 -7.33
C ILE D 1563 108.19 47.45 -8.31
N HIS D 1564 108.37 47.68 -9.60
CA HIS D 1564 108.19 46.62 -10.58
C HIS D 1564 109.45 45.81 -10.86
N VAL D 1565 110.61 46.25 -10.39
CA VAL D 1565 111.85 45.56 -10.69
C VAL D 1565 112.73 45.30 -9.49
N SER D 1566 112.49 45.99 -8.39
CA SER D 1566 113.35 45.90 -7.22
C SER D 1566 112.60 45.26 -6.07
N ARG D 1567 113.18 44.20 -5.50
CA ARG D 1567 112.55 43.51 -4.37
C ARG D 1567 112.47 44.40 -3.15
N HIS D 1568 113.55 45.13 -2.85
CA HIS D 1568 113.57 45.92 -1.62
C HIS D 1568 112.60 47.09 -1.69
N PHE D 1569 112.51 47.76 -2.85
CA PHE D 1569 111.55 48.85 -2.99
C PHE D 1569 110.11 48.35 -2.87
N ALA D 1570 109.80 47.21 -3.51
CA ALA D 1570 108.45 46.66 -3.40
C ALA D 1570 108.14 46.26 -1.97
N SER D 1571 109.11 45.75 -1.25
CA SER D 1571 108.88 45.34 0.14
C SER D 1571 108.67 46.55 1.01
N TYR D 1572 109.43 47.60 0.76
CA TYR D 1572 109.21 48.84 1.50
C TYR D 1572 107.85 49.45 1.23
N ALA D 1573 107.24 49.13 0.08
CA ALA D 1573 105.94 49.67 -0.30
C ALA D 1573 104.78 48.78 0.15
N ASN D 1574 105.05 47.73 0.90
CA ASN D 1574 104.00 46.86 1.43
C ASN D 1574 103.24 46.19 0.32
N LEU D 1575 103.94 45.84 -0.74
CA LEU D 1575 103.31 45.21 -1.89
C LEU D 1575 103.44 43.70 -1.82
N PRO D 1576 102.54 42.99 -2.52
CA PRO D 1576 102.57 41.53 -2.51
C PRO D 1576 103.79 40.95 -3.18
N GLY D 1577 104.53 41.76 -3.87
CA GLY D 1577 105.72 41.31 -4.56
C GLY D 1577 106.16 42.34 -5.58
N THR D 1578 106.96 41.90 -6.54
CA THR D 1578 107.41 42.75 -7.64
C THR D 1578 106.30 42.75 -8.69
N ILE D 1579 105.30 43.59 -8.44
CA ILE D 1579 104.11 43.64 -9.29
C ILE D 1579 104.35 43.99 -10.74
N THR D 1580 103.52 43.44 -11.61
CA THR D 1580 103.62 43.74 -13.03
C THR D 1580 103.03 45.10 -13.33
N HIS D 1581 103.63 45.85 -14.24
CA HIS D 1581 103.00 47.08 -14.64
C HIS D 1581 101.56 46.89 -15.05
N GLY D 1582 100.66 47.71 -14.55
CA GLY D 1582 99.28 47.68 -14.99
C GLY D 1582 99.14 48.04 -16.46
N MET D 1583 100.03 48.91 -16.96
CA MET D 1583 99.98 49.29 -18.37
C MET D 1583 100.32 48.12 -19.27
N PHE D 1584 101.23 47.23 -18.83
CA PHE D 1584 101.46 46.02 -19.62
C PHE D 1584 100.18 45.19 -19.73
N SER D 1585 99.46 45.05 -18.62
CA SER D 1585 98.22 44.28 -18.66
C SER D 1585 97.20 44.94 -19.59
N SER D 1586 97.10 46.26 -19.52
CA SER D 1586 96.19 46.97 -20.42
C SER D 1586 96.56 46.73 -21.88
N ALA D 1587 97.85 46.83 -22.20
CA ALA D 1587 98.29 46.62 -23.58
C ALA D 1587 98.02 45.19 -24.04
N SER D 1588 98.26 44.24 -23.17
CA SER D 1588 98.07 42.85 -23.51
C SER D 1588 96.61 42.54 -23.77
N VAL D 1589 95.71 43.01 -22.90
CA VAL D 1589 94.28 42.79 -23.09
C VAL D 1589 93.78 43.53 -24.32
N ARG D 1590 94.34 44.72 -24.60
CA ARG D 1590 93.93 45.44 -25.80
C ARG D 1590 94.38 44.70 -27.05
N ALA D 1591 95.51 44.01 -27.00
CA ALA D 1591 95.96 43.21 -28.13
C ALA D 1591 95.01 42.05 -28.31
N LEU D 1592 94.56 41.45 -27.23
CA LEU D 1592 93.55 40.40 -27.34
C LEU D 1592 92.28 40.93 -28.01
N ILE D 1593 91.79 42.08 -27.55
CA ILE D 1593 90.56 42.64 -28.09
C ILE D 1593 90.73 42.98 -29.57
N GLU D 1594 91.85 43.56 -29.94
CA GLU D 1594 92.10 43.91 -31.33
C GLU D 1594 92.07 42.71 -32.23
N ASN D 1595 92.54 41.57 -31.76
CA ASN D 1595 92.60 40.40 -32.57
C ASN D 1595 91.25 39.80 -32.67
N TRP D 1596 90.53 39.77 -31.57
CA TRP D 1596 89.24 39.07 -31.61
C TRP D 1596 88.06 39.99 -31.89
N ALA D 1597 87.97 41.14 -31.23
CA ALA D 1597 86.81 42.01 -31.43
C ALA D 1597 86.90 42.77 -32.75
N ALA D 1598 88.11 43.11 -33.19
CA ALA D 1598 88.31 43.83 -34.44
C ALA D 1598 88.80 42.94 -35.57
N ASP D 1599 88.89 41.62 -35.34
CA ASP D 1599 89.38 40.69 -36.35
C ASP D 1599 90.78 41.09 -36.83
N SER D 1600 91.61 41.56 -35.90
CA SER D 1600 93.02 41.85 -36.17
C SER D 1600 93.18 42.98 -37.20
N VAL D 1601 92.25 43.92 -37.19
CA VAL D 1601 92.35 45.14 -37.98
C VAL D 1601 92.61 46.28 -37.01
N SER D 1602 93.84 46.76 -36.93
CA SER D 1602 94.19 47.77 -35.95
C SER D 1602 93.28 48.95 -36.01
N SER D 1603 93.32 49.68 -37.11
CA SER D 1603 92.50 50.87 -37.29
C SER D 1603 91.05 50.83 -36.76
N ARG D 1604 90.40 49.68 -36.73
CA ARG D 1604 89.04 49.62 -36.26
C ARG D 1604 88.87 49.93 -34.77
N VAL D 1605 89.95 49.93 -34.02
CA VAL D 1605 89.87 50.25 -32.60
C VAL D 1605 90.04 51.76 -32.44
N ARG D 1606 88.97 52.43 -32.03
CA ARG D 1606 88.96 53.88 -31.90
C ARG D 1606 88.99 54.35 -30.45
N GLY D 1607 88.50 53.55 -29.52
CA GLY D 1607 88.57 53.90 -28.11
C GLY D 1607 88.84 52.70 -27.24
N TYR D 1608 89.58 52.90 -26.15
CA TYR D 1608 89.90 51.81 -25.24
C TYR D 1608 90.19 52.40 -23.87
N THR D 1609 89.48 51.92 -22.86
CA THR D 1609 89.70 52.34 -21.48
C THR D 1609 89.80 51.11 -20.59
N CYS D 1610 90.61 51.22 -19.54
CA CYS D 1610 90.84 50.11 -18.61
C CYS D 1610 90.81 50.62 -17.19
N GLN D 1611 90.25 49.83 -16.29
CA GLN D 1611 90.26 50.18 -14.88
C GLN D 1611 91.14 49.17 -14.22
N PHE D 1612 92.14 49.63 -13.50
CA PHE D 1612 93.04 48.72 -12.78
C PHE D 1612 92.46 48.37 -11.43
N VAL D 1613 91.86 47.23 -11.30
CA VAL D 1613 91.16 46.88 -10.06
C VAL D 1613 92.01 46.27 -8.96
N ASP D 1614 92.77 45.24 -9.28
CA ASP D 1614 93.67 44.61 -8.32
C ASP D 1614 95.04 44.44 -8.93
N MET D 1615 96.06 44.29 -8.10
CA MET D 1615 97.42 44.11 -8.60
C MET D 1615 97.61 42.74 -9.16
N VAL D 1616 98.63 42.61 -9.99
CA VAL D 1616 98.92 41.34 -10.61
C VAL D 1616 100.40 41.06 -10.41
N LEU D 1617 100.74 39.80 -10.24
CA LEU D 1617 102.12 39.38 -10.00
C LEU D 1617 102.69 38.71 -11.24
N PRO D 1618 104.01 38.67 -11.38
CA PRO D 1618 104.60 38.00 -12.55
C PRO D 1618 104.30 36.51 -12.56
N ASN D 1619 104.26 35.94 -13.76
CA ASN D 1619 104.05 34.51 -13.96
C ASN D 1619 102.67 34.06 -13.48
N THR D 1620 101.67 34.87 -13.80
CA THR D 1620 100.29 34.56 -13.41
C THR D 1620 99.43 34.41 -14.66
N ALA D 1621 98.51 33.45 -14.62
CA ALA D 1621 97.61 33.19 -15.72
C ALA D 1621 96.37 34.05 -15.55
N LEU D 1622 96.00 34.78 -16.61
CA LEU D 1622 94.85 35.67 -16.60
C LEU D 1622 93.76 35.10 -17.50
N LYS D 1623 92.53 35.54 -17.26
CA LYS D 1623 91.35 35.02 -17.94
C LYS D 1623 90.47 36.18 -18.35
N THR D 1624 90.46 36.51 -19.64
CA THR D 1624 89.77 37.69 -20.15
C THR D 1624 88.51 37.26 -20.90
N SER D 1625 87.37 37.80 -20.50
CA SER D 1625 86.12 37.55 -21.20
C SER D 1625 85.71 38.79 -21.97
N ILE D 1626 85.55 38.70 -23.29
CA ILE D 1626 85.16 39.83 -24.14
C ILE D 1626 83.72 39.70 -24.64
N GLN D 1627 82.98 40.80 -24.68
CA GLN D 1627 81.58 40.75 -25.11
C GLN D 1627 81.09 42.04 -25.75
N HIS D 1628 80.18 41.92 -26.73
CA HIS D 1628 79.61 43.08 -27.38
C HIS D 1628 78.34 43.42 -26.66
N VAL D 1629 78.28 44.59 -26.06
CA VAL D 1629 77.12 44.96 -25.28
C VAL D 1629 76.23 46.02 -25.87
N GLY D 1630 76.79 46.96 -26.61
CA GLY D 1630 76.01 48.04 -27.15
C GLY D 1630 76.66 48.72 -28.34
N MET D 1631 76.15 49.90 -28.70
CA MET D 1631 76.70 50.69 -29.80
C MET D 1631 76.81 52.14 -29.37
N ILE D 1632 77.73 52.86 -30.02
CA ILE D 1632 77.85 54.30 -29.82
C ILE D 1632 78.29 54.95 -31.14
N ASN D 1633 77.41 55.75 -31.74
CA ASN D 1633 77.73 56.45 -32.98
C ASN D 1633 78.27 55.55 -34.08
N GLY D 1634 77.66 54.39 -34.27
CA GLY D 1634 78.09 53.48 -35.33
C GLY D 1634 79.22 52.56 -34.96
N ARG D 1635 79.65 52.60 -33.70
CA ARG D 1635 80.73 51.74 -33.23
C ARG D 1635 80.22 50.79 -32.18
N LYS D 1636 80.82 49.62 -32.13
CA LYS D 1636 80.43 48.61 -31.17
C LYS D 1636 81.05 48.82 -29.80
N LEU D 1637 80.28 48.60 -28.75
CA LEU D 1637 80.75 48.68 -27.37
C LEU D 1637 81.19 47.30 -26.91
N ILE D 1638 82.47 47.17 -26.56
CA ILE D 1638 83.02 45.92 -26.07
C ILE D 1638 83.37 46.09 -24.61
N LYS D 1639 82.73 45.28 -23.76
CA LYS D 1639 83.15 45.15 -22.37
C LYS D 1639 84.10 43.97 -22.24
N PHE D 1640 85.03 44.06 -21.31
CA PHE D 1640 85.87 42.92 -20.98
C PHE D 1640 86.13 42.91 -19.48
N GLU D 1641 86.57 41.75 -19.00
CA GLU D 1641 86.85 41.55 -17.59
C GLU D 1641 87.95 40.51 -17.49
N THR D 1642 88.95 40.77 -16.66
CA THR D 1642 90.07 39.86 -16.49
C THR D 1642 90.13 39.37 -15.06
N ARG D 1643 90.19 38.06 -14.89
CA ARG D 1643 90.27 37.44 -13.58
C ARG D 1643 91.57 36.64 -13.45
N ASN D 1644 92.15 36.69 -12.27
CA ASN D 1644 93.37 35.93 -12.00
C ASN D 1644 92.98 34.52 -11.66
N GLU D 1645 93.95 33.72 -11.23
CA GLU D 1645 93.69 32.30 -10.98
C GLU D 1645 92.76 32.06 -9.79
N ASP D 1646 92.74 32.94 -8.81
CA ASP D 1646 91.81 32.83 -7.71
C ASP D 1646 90.41 33.30 -8.09
N ASP D 1647 90.20 33.64 -9.37
CA ASP D 1647 88.90 34.11 -9.84
C ASP D 1647 88.59 35.52 -9.34
N VAL D 1648 89.63 36.32 -9.14
CA VAL D 1648 89.51 37.68 -8.63
C VAL D 1648 89.69 38.65 -9.79
N VAL D 1649 88.74 39.56 -9.96
CA VAL D 1649 88.79 40.52 -11.05
C VAL D 1649 89.94 41.48 -10.82
N VAL D 1650 90.79 41.66 -11.83
CA VAL D 1650 91.96 42.52 -11.74
C VAL D 1650 91.96 43.61 -12.80
N LEU D 1651 91.14 43.52 -13.83
CA LEU D 1651 91.17 44.49 -14.91
C LEU D 1651 89.82 44.47 -15.64
N THR D 1652 89.23 45.65 -15.82
CA THR D 1652 87.99 45.80 -16.56
C THR D 1652 88.10 47.04 -17.43
N GLY D 1653 87.28 47.09 -18.47
CA GLY D 1653 87.35 48.24 -19.35
C GLY D 1653 86.41 48.12 -20.52
N GLU D 1654 86.51 49.09 -21.42
CA GLU D 1654 85.65 49.20 -22.59
C GLU D 1654 86.50 49.47 -23.83
N ALA D 1655 85.99 49.02 -24.97
CA ALA D 1655 86.59 49.30 -26.27
C ALA D 1655 85.51 49.75 -27.24
N GLU D 1656 85.89 50.61 -28.17
CA GLU D 1656 84.99 51.14 -29.19
C GLU D 1656 85.53 50.70 -30.54
N ILE D 1657 84.88 49.71 -31.16
CA ILE D 1657 85.36 49.17 -32.43
C ILE D 1657 84.46 49.50 -33.59
N GLU D 1658 85.04 50.03 -34.65
CA GLU D 1658 84.29 50.34 -35.84
C GLU D 1658 83.71 49.12 -36.47
N GLN D 1659 82.57 49.27 -37.12
CA GLN D 1659 81.96 48.16 -37.82
C GLN D 1659 82.67 48.06 -39.13
N PRO D 1660 82.47 46.97 -39.86
CA PRO D 1660 83.04 46.85 -41.20
C PRO D 1660 82.61 47.98 -42.16
N VAL D 1661 83.39 48.28 -43.19
CA VAL D 1661 83.01 49.31 -44.16
C VAL D 1661 81.62 48.99 -44.70
N THR D 1662 80.71 49.95 -44.55
CA THR D 1662 79.30 49.73 -44.80
C THR D 1662 78.80 50.62 -45.93
N THR D 1663 77.80 50.13 -46.65
CA THR D 1663 77.10 50.90 -47.66
C THR D 1663 75.60 50.75 -47.45
N PHE D 1664 74.87 51.83 -47.74
CA PHE D 1664 73.41 51.84 -47.66
C PHE D 1664 72.85 52.10 -49.05
N VAL D 1665 71.96 51.22 -49.51
CA VAL D 1665 71.29 51.35 -50.79
C VAL D 1665 69.79 51.37 -50.52
N PHE D 1666 69.08 52.33 -51.12
CA PHE D 1666 67.67 52.55 -50.84
C PHE D 1666 66.85 52.12 -52.05
N THR D 1667 65.92 51.21 -51.85
CA THR D 1667 65.11 50.70 -52.95
C THR D 1667 64.27 51.77 -53.60
N GLY D 1668 64.00 51.63 -54.89
CA GLY D 1668 63.18 52.60 -55.60
C GLY D 1668 61.74 52.15 -55.62
N GLN D 1669 61.02 52.50 -56.68
CA GLN D 1669 59.61 52.19 -56.75
C GLN D 1669 59.34 50.80 -57.28
N GLY D 1670 58.29 50.17 -56.81
CA GLY D 1670 57.91 48.87 -57.33
C GLY D 1670 57.81 47.80 -56.29
N SER D 1671 57.86 48.14 -55.02
CA SER D 1671 57.94 47.13 -53.96
C SER D 1671 56.94 47.41 -52.85
N GLN D 1672 56.10 48.41 -53.03
CA GLN D 1672 55.16 48.79 -51.98
C GLN D 1672 54.10 47.71 -51.77
N GLU D 1673 53.54 47.69 -50.57
CA GLU D 1673 52.48 46.76 -50.23
C GLU D 1673 51.70 47.31 -49.06
N GLN D 1674 50.43 46.93 -48.97
CA GLN D 1674 49.58 47.37 -47.87
C GLN D 1674 50.18 46.92 -46.54
N GLY D 1675 50.35 47.87 -45.62
CA GLY D 1675 51.01 47.61 -44.35
C GLY D 1675 52.49 47.89 -44.36
N MET D 1676 53.03 48.49 -45.41
CA MET D 1676 54.45 48.81 -45.50
C MET D 1676 54.91 49.57 -44.26
N GLY D 1677 55.85 49.00 -43.52
CA GLY D 1677 56.41 49.70 -42.38
C GLY D 1677 55.53 49.90 -41.19
N MET D 1678 54.46 49.15 -41.06
CA MET D 1678 53.54 49.44 -39.98
C MET D 1678 53.95 48.79 -38.67
N ASP D 1679 54.63 47.65 -38.72
CA ASP D 1679 55.13 47.05 -37.48
C ASP D 1679 56.15 47.95 -36.81
N LEU D 1680 57.08 48.49 -37.58
CA LEU D 1680 58.05 49.42 -37.02
C LEU D 1680 57.34 50.65 -36.50
N TYR D 1681 56.29 51.06 -37.19
CA TYR D 1681 55.51 52.20 -36.69
C TYR D 1681 54.84 51.87 -35.36
N LYS D 1682 54.49 50.60 -35.15
CA LYS D 1682 53.93 50.22 -33.86
C LYS D 1682 54.98 50.22 -32.77
N THR D 1683 56.20 49.81 -33.09
CA THR D 1683 57.24 49.64 -32.07
C THR D 1683 58.15 50.84 -31.91
N SER D 1684 58.75 51.33 -32.99
CA SER D 1684 59.80 52.34 -32.89
C SER D 1684 59.21 53.73 -32.64
N LYS D 1685 59.88 54.52 -31.80
CA LYS D 1685 59.49 55.90 -31.58
C LYS D 1685 59.98 56.82 -32.69
N ALA D 1686 61.16 56.55 -33.25
CA ALA D 1686 61.65 57.37 -34.35
C ALA D 1686 60.77 57.20 -35.59
N ALA D 1687 60.38 55.97 -35.86
CA ALA D 1687 59.50 55.69 -36.96
C ALA D 1687 58.17 56.37 -36.74
N GLN D 1688 57.66 56.30 -35.52
CA GLN D 1688 56.40 56.96 -35.19
C GLN D 1688 56.51 58.46 -35.43
N ASP D 1689 57.61 59.06 -35.04
CA ASP D 1689 57.77 60.48 -35.22
C ASP D 1689 57.83 60.85 -36.67
N VAL D 1690 58.45 60.03 -37.48
CA VAL D 1690 58.58 60.30 -38.90
C VAL D 1690 57.23 60.19 -39.60
N TRP D 1691 56.51 59.12 -39.38
CA TRP D 1691 55.21 58.98 -39.99
C TRP D 1691 54.20 60.02 -39.48
N ASN D 1692 54.23 60.35 -38.19
CA ASN D 1692 53.23 61.28 -37.66
C ASN D 1692 53.47 62.69 -38.14
N ARG D 1693 54.71 63.06 -38.36
CA ARG D 1693 55.00 64.37 -38.92
C ARG D 1693 54.57 64.43 -40.37
N ALA D 1694 54.79 63.35 -41.12
CA ALA D 1694 54.35 63.31 -42.51
C ALA D 1694 52.83 63.30 -42.60
N ASP D 1695 52.17 62.52 -41.78
CA ASP D 1695 50.73 62.41 -41.85
C ASP D 1695 50.06 63.68 -41.44
N ASN D 1696 50.59 64.39 -40.47
CA ASN D 1696 49.99 65.62 -40.03
C ASN D 1696 50.13 66.66 -41.10
N HIS D 1697 51.25 66.67 -41.78
CA HIS D 1697 51.46 67.62 -42.84
C HIS D 1697 50.55 67.33 -44.03
N PHE D 1698 50.41 66.09 -44.41
CA PHE D 1698 49.51 65.76 -45.51
C PHE D 1698 48.07 66.07 -45.16
N LYS D 1699 47.64 65.77 -43.97
CA LYS D 1699 46.29 66.09 -43.57
C LYS D 1699 46.03 67.59 -43.57
N ASP D 1700 46.97 68.40 -43.09
CA ASP D 1700 46.77 69.83 -43.02
C ASP D 1700 46.86 70.51 -44.38
N THR D 1701 47.65 69.96 -45.30
CA THR D 1701 47.91 70.61 -46.58
C THR D 1701 47.01 70.11 -47.71
N TYR D 1702 46.86 68.80 -47.86
CA TYR D 1702 46.10 68.23 -48.96
C TYR D 1702 44.86 67.46 -48.52
N GLY D 1703 44.59 67.39 -47.22
CA GLY D 1703 43.34 66.82 -46.75
C GLY D 1703 43.26 65.31 -46.77
N PHE D 1704 44.39 64.62 -46.81
CA PHE D 1704 44.41 63.16 -46.69
C PHE D 1704 45.56 62.75 -45.79
N SER D 1705 45.46 61.55 -45.23
CA SER D 1705 46.53 60.99 -44.43
C SER D 1705 47.23 59.89 -45.18
N ILE D 1706 48.55 59.98 -45.29
CA ILE D 1706 49.33 58.97 -46.00
C ILE D 1706 49.30 57.65 -45.23
N LEU D 1707 49.24 57.71 -43.92
CA LEU D 1707 49.16 56.52 -43.14
C LEU D 1707 47.89 55.74 -43.46
N ASP D 1708 46.78 56.43 -43.66
CA ASP D 1708 45.53 55.76 -44.00
C ASP D 1708 45.65 55.01 -45.32
N ILE D 1709 46.31 55.62 -46.31
CA ILE D 1709 46.50 54.96 -47.60
C ILE D 1709 47.40 53.75 -47.43
N VAL D 1710 48.47 53.89 -46.65
CA VAL D 1710 49.40 52.77 -46.47
C VAL D 1710 48.71 51.60 -45.77
N ILE D 1711 47.83 51.90 -44.83
CA ILE D 1711 47.21 50.85 -44.02
C ILE D 1711 46.02 50.20 -44.73
N ASN D 1712 45.16 50.97 -45.38
CA ASN D 1712 43.91 50.46 -45.90
C ASN D 1712 43.87 50.33 -47.42
N ASN D 1713 44.77 50.99 -48.14
CA ASN D 1713 44.83 50.92 -49.59
C ASN D 1713 43.45 51.13 -50.21
N PRO D 1714 42.83 52.29 -50.00
CA PRO D 1714 41.50 52.52 -50.60
C PRO D 1714 41.57 52.60 -52.12
N VAL D 1715 40.47 52.23 -52.76
CA VAL D 1715 40.40 52.30 -54.21
C VAL D 1715 40.13 53.73 -54.67
N ASN D 1716 39.32 54.48 -53.93
CA ASN D 1716 39.03 55.87 -54.25
C ASN D 1716 39.15 56.71 -52.98
N LEU D 1717 39.56 57.96 -53.17
CA LEU D 1717 39.69 58.90 -52.06
C LEU D 1717 39.18 60.25 -52.46
N THR D 1718 38.17 60.74 -51.77
CA THR D 1718 37.64 62.07 -52.05
C THR D 1718 38.06 63.10 -51.02
N ILE D 1719 38.50 64.25 -51.48
CA ILE D 1719 38.88 65.36 -50.61
C ILE D 1719 37.76 66.38 -50.69
N HIS D 1720 37.30 66.83 -49.53
CA HIS D 1720 36.16 67.74 -49.44
C HIS D 1720 36.66 69.13 -49.05
N PHE D 1721 36.15 70.15 -49.72
CA PHE D 1721 36.63 71.52 -49.59
C PHE D 1721 35.68 72.42 -48.80
N GLY D 1722 34.82 71.82 -47.97
CA GLY D 1722 33.89 72.63 -47.18
C GLY D 1722 34.59 73.31 -46.02
N GLY D 1723 34.16 74.55 -45.74
CA GLY D 1723 34.72 75.31 -44.66
C GLY D 1723 36.02 76.01 -45.04
N GLU D 1724 36.54 76.80 -44.12
CA GLU D 1724 37.78 77.51 -44.36
C GLU D 1724 38.96 76.58 -44.61
N LYS D 1725 39.07 75.54 -43.83
CA LYS D 1725 40.16 74.60 -43.99
C LYS D 1725 40.08 73.97 -45.34
N GLY D 1726 38.87 73.63 -45.75
CA GLY D 1726 38.67 73.01 -47.03
C GLY D 1726 39.04 73.91 -48.14
N LYS D 1727 38.71 75.18 -48.00
CA LYS D 1727 39.07 76.16 -49.00
C LYS D 1727 40.57 76.31 -49.10
N ARG D 1728 41.25 76.31 -47.96
CA ARG D 1728 42.71 76.36 -47.98
C ARG D 1728 43.31 75.14 -48.65
N ILE D 1729 42.76 73.96 -48.41
CA ILE D 1729 43.29 72.79 -49.06
C ILE D 1729 43.03 72.89 -50.57
N ARG D 1730 41.89 73.41 -50.99
CA ARG D 1730 41.58 73.57 -52.40
C ARG D 1730 42.55 74.49 -53.07
N GLU D 1731 43.00 75.48 -52.33
CA GLU D 1731 43.98 76.39 -52.86
C GLU D 1731 45.28 75.68 -53.06
N ASN D 1732 45.69 74.94 -52.05
CA ASN D 1732 46.92 74.15 -52.21
C ASN D 1732 46.82 73.21 -53.41
N TYR D 1733 45.64 72.65 -53.65
CA TYR D 1733 45.48 71.78 -54.81
C TYR D 1733 45.55 72.56 -56.12
N SER D 1734 44.94 73.74 -56.16
CA SER D 1734 44.92 74.54 -57.38
C SER D 1734 46.29 75.11 -57.74
N ALA D 1735 47.14 75.37 -56.75
CA ALA D 1735 48.44 75.99 -57.01
C ALA D 1735 49.42 75.08 -57.74
N MET D 1736 49.12 73.80 -57.89
CA MET D 1736 50.07 72.86 -58.49
C MET D 1736 50.07 73.00 -60.01
N ILE D 1737 51.26 73.00 -60.62
CA ILE D 1737 51.44 73.25 -62.04
C ILE D 1737 52.44 72.25 -62.60
N PHE D 1738 52.46 72.17 -63.93
CA PHE D 1738 53.38 71.30 -64.66
C PHE D 1738 54.09 72.12 -65.74
N GLU D 1739 54.65 73.26 -65.35
CA GLU D 1739 55.43 74.06 -66.29
C GLU D 1739 56.46 73.19 -66.97
N THR D 1740 56.49 73.23 -68.30
CA THR D 1740 57.40 72.39 -69.08
C THR D 1740 57.42 72.80 -70.54
N THR D 1748 52.49 76.42 -68.92
CA THR D 1748 52.37 76.08 -67.50
C THR D 1748 51.02 75.45 -67.20
N GLU D 1749 50.87 74.18 -67.57
CA GLU D 1749 49.62 73.47 -67.29
C GLU D 1749 49.42 73.36 -65.79
N LYS D 1750 48.16 73.45 -65.36
CA LYS D 1750 47.80 73.19 -63.98
C LYS D 1750 47.47 71.71 -63.81
N ILE D 1751 48.06 71.09 -62.80
CA ILE D 1751 47.62 69.77 -62.39
C ILE D 1751 46.31 69.91 -61.61
N PHE D 1752 45.46 68.90 -61.73
CA PHE D 1752 44.08 68.99 -61.25
C PHE D 1752 43.36 70.13 -61.96
N LYS D 1753 43.22 69.99 -63.27
CA LYS D 1753 42.60 71.02 -64.07
C LYS D 1753 41.12 71.18 -63.81
N GLU D 1754 40.52 70.20 -63.16
CA GLU D 1754 39.10 70.30 -62.86
C GLU D 1754 38.84 71.12 -61.60
N ILE D 1755 39.83 71.23 -60.70
CA ILE D 1755 39.64 71.96 -59.46
C ILE D 1755 39.62 73.46 -59.75
N ASN D 1756 38.60 74.14 -59.24
CA ASN D 1756 38.45 75.58 -59.41
C ASN D 1756 37.71 76.12 -58.18
N GLU D 1757 37.48 77.43 -58.18
CA GLU D 1757 36.86 78.10 -57.04
C GLU D 1757 35.42 77.67 -56.80
N HIS D 1758 34.88 76.75 -57.59
CA HIS D 1758 33.51 76.25 -57.39
C HIS D 1758 33.48 74.79 -57.07
N SER D 1759 34.65 74.18 -56.97
CA SER D 1759 34.75 72.77 -56.67
C SER D 1759 34.52 72.57 -55.21
N THR D 1760 33.70 71.60 -54.88
CA THR D 1760 33.45 71.29 -53.49
C THR D 1760 34.19 70.04 -53.08
N SER D 1761 34.65 69.28 -54.04
CA SER D 1761 35.37 68.08 -53.74
C SER D 1761 36.17 67.55 -54.92
N TYR D 1762 37.17 66.73 -54.67
CA TYR D 1762 37.94 66.10 -55.75
C TYR D 1762 38.14 64.66 -55.40
N THR D 1763 38.20 63.79 -56.39
CA THR D 1763 38.34 62.38 -56.12
C THR D 1763 39.49 61.70 -56.80
N PHE D 1764 40.46 61.24 -56.03
CA PHE D 1764 41.52 60.40 -56.56
C PHE D 1764 40.96 59.01 -56.85
N ARG D 1765 41.27 58.47 -58.02
CA ARG D 1765 40.69 57.22 -58.47
C ARG D 1765 41.76 56.25 -58.91
N SER D 1766 41.43 54.96 -58.79
CA SER D 1766 42.29 53.89 -59.24
C SER D 1766 41.41 52.64 -59.43
N GLU D 1767 42.06 51.52 -59.70
CA GLU D 1767 41.37 50.25 -59.88
C GLU D 1767 41.63 49.26 -58.76
N LYS D 1768 42.90 49.03 -58.41
CA LYS D 1768 43.26 48.11 -57.33
C LYS D 1768 43.55 48.80 -56.01
N GLY D 1769 44.07 50.01 -56.04
CA GLY D 1769 44.37 50.73 -54.82
C GLY D 1769 45.21 51.97 -55.08
N LEU D 1770 45.00 53.01 -54.27
CA LEU D 1770 45.72 54.26 -54.46
C LEU D 1770 47.18 54.16 -54.05
N LEU D 1771 47.54 53.18 -53.23
CA LEU D 1771 48.93 52.99 -52.83
C LEU D 1771 49.80 52.65 -54.04
N SER D 1772 49.17 52.08 -55.07
CA SER D 1772 49.88 51.75 -56.31
C SER D 1772 49.78 52.88 -57.32
N ALA D 1773 49.43 54.08 -56.86
CA ALA D 1773 49.38 55.28 -57.69
C ALA D 1773 50.61 56.12 -57.39
N THR D 1774 51.32 56.52 -58.42
CA THR D 1774 52.56 57.26 -58.28
C THR D 1774 52.61 58.30 -57.19
N GLN D 1775 51.64 59.19 -57.16
CA GLN D 1775 51.69 60.30 -56.21
C GLN D 1775 51.61 59.82 -54.77
N PHE D 1776 50.91 58.70 -54.55
CA PHE D 1776 50.82 58.14 -53.21
C PHE D 1776 51.88 57.06 -53.00
N THR D 1777 52.31 56.41 -54.09
CA THR D 1777 53.29 55.35 -53.97
C THR D 1777 54.65 55.90 -53.52
N GLN D 1778 55.10 56.99 -54.16
CA GLN D 1778 56.44 57.50 -53.84
C GLN D 1778 56.54 57.98 -52.40
N PRO D 1779 55.64 58.82 -51.89
CA PRO D 1779 55.76 59.27 -50.49
C PRO D 1779 55.73 58.13 -49.49
N ALA D 1780 54.92 57.09 -49.73
CA ALA D 1780 54.86 55.98 -48.78
C ALA D 1780 56.18 55.25 -48.71
N LEU D 1781 56.80 54.98 -49.85
CA LEU D 1781 58.11 54.32 -49.87
C LEU D 1781 59.16 55.19 -49.20
N THR D 1782 59.15 56.49 -49.51
CA THR D 1782 60.13 57.39 -48.91
C THR D 1782 59.97 57.42 -47.40
N LEU D 1783 58.73 57.49 -46.91
CA LEU D 1783 58.50 57.52 -45.48
C LEU D 1783 58.92 56.21 -44.82
N MET D 1784 58.60 55.07 -45.43
CA MET D 1784 58.98 53.80 -44.84
C MET D 1784 60.50 53.67 -44.74
N GLU D 1785 61.22 54.03 -45.80
CA GLU D 1785 62.68 53.95 -45.79
C GLU D 1785 63.28 54.92 -44.79
N LYS D 1786 62.78 56.16 -44.73
CA LYS D 1786 63.30 57.12 -43.77
C LYS D 1786 63.02 56.68 -42.34
N ALA D 1787 61.86 56.10 -42.10
CA ALA D 1787 61.52 55.64 -40.77
C ALA D 1787 62.40 54.49 -40.35
N ALA D 1788 62.67 53.56 -41.26
CA ALA D 1788 63.59 52.47 -40.96
C ALA D 1788 64.98 53.01 -40.64
N PHE D 1789 65.47 53.96 -41.43
CA PHE D 1789 66.81 54.47 -41.20
C PHE D 1789 66.89 55.27 -39.91
N GLU D 1790 65.82 55.99 -39.55
CA GLU D 1790 65.81 56.73 -38.30
C GLU D 1790 65.76 55.78 -37.10
N ASP D 1791 65.04 54.67 -37.22
CA ASP D 1791 65.12 53.65 -36.18
C ASP D 1791 66.53 53.12 -36.04
N LEU D 1792 67.21 52.87 -37.15
CA LEU D 1792 68.61 52.44 -37.07
C LEU D 1792 69.47 53.49 -36.40
N LYS D 1793 69.24 54.77 -36.72
CA LYS D 1793 70.02 55.84 -36.09
C LYS D 1793 69.78 55.91 -34.58
N SER D 1794 68.53 55.77 -34.14
CA SER D 1794 68.25 55.84 -32.72
C SER D 1794 68.91 54.70 -31.95
N LYS D 1795 69.35 53.65 -32.65
CA LYS D 1795 70.01 52.51 -32.03
C LYS D 1795 71.53 52.59 -32.10
N GLY D 1796 72.08 53.75 -32.49
CA GLY D 1796 73.52 53.89 -32.58
C GLY D 1796 74.15 52.95 -33.58
N LEU D 1797 73.52 52.79 -34.74
CA LEU D 1797 73.81 51.69 -35.64
C LEU D 1797 74.39 52.12 -36.98
N ILE D 1798 74.51 53.42 -37.21
CA ILE D 1798 74.92 53.96 -38.51
C ILE D 1798 76.37 54.38 -38.42
N PRO D 1799 77.24 53.78 -39.26
CA PRO D 1799 78.65 54.16 -39.26
C PRO D 1799 78.82 55.54 -39.81
N ALA D 1800 79.67 56.36 -39.22
CA ALA D 1800 79.84 57.76 -39.63
C ALA D 1800 80.44 57.97 -41.02
N ASP D 1801 81.18 56.98 -41.50
CA ASP D 1801 81.80 57.05 -42.81
C ASP D 1801 81.04 56.28 -43.88
N ALA D 1802 79.88 55.73 -43.56
CA ALA D 1802 79.14 54.90 -44.50
C ALA D 1802 78.81 55.66 -45.78
N THR D 1803 79.00 55.00 -46.91
CA THR D 1803 78.60 55.55 -48.20
C THR D 1803 77.20 55.07 -48.53
N PHE D 1804 76.47 55.87 -49.31
CA PHE D 1804 75.08 55.58 -49.60
C PHE D 1804 74.73 55.93 -51.05
N ALA D 1805 73.72 55.24 -51.56
CA ALA D 1805 73.20 55.48 -52.90
C ALA D 1805 71.73 55.10 -52.92
N GLY D 1806 70.99 55.59 -53.91
CA GLY D 1806 69.59 55.27 -54.02
C GLY D 1806 69.17 55.01 -55.44
N HIS D 1807 68.38 53.98 -55.65
CA HIS D 1807 67.92 53.59 -56.98
C HIS D 1807 66.59 54.26 -57.30
N SER D 1808 66.62 55.29 -58.16
CA SER D 1808 65.44 56.10 -58.58
C SER D 1808 64.85 56.99 -57.47
N LEU D 1809 63.70 56.64 -56.91
CA LEU D 1809 63.14 57.41 -55.83
C LEU D 1809 63.99 57.23 -54.59
N GLY D 1810 64.91 56.27 -54.63
CA GLY D 1810 65.76 56.02 -53.48
C GLY D 1810 66.70 57.14 -53.15
N GLU D 1811 67.20 57.83 -54.16
CA GLU D 1811 68.08 58.97 -53.93
C GLU D 1811 67.51 59.98 -52.93
N TYR D 1812 66.20 60.15 -52.90
CA TYR D 1812 65.62 61.16 -52.03
C TYR D 1812 65.56 60.69 -50.62
N ALA D 1813 65.13 59.47 -50.43
CA ALA D 1813 65.13 58.91 -49.10
C ALA D 1813 66.53 58.86 -48.55
N ALA D 1814 67.50 58.50 -49.39
CA ALA D 1814 68.88 58.38 -48.95
C ALA D 1814 69.48 59.71 -48.60
N LEU D 1815 69.23 60.72 -49.42
CA LEU D 1815 69.74 62.04 -49.16
C LEU D 1815 69.09 62.62 -47.90
N ALA D 1816 67.84 62.29 -47.63
CA ALA D 1816 67.19 62.73 -46.40
C ALA D 1816 67.65 61.91 -45.20
N SER D 1817 67.90 60.61 -45.39
CA SER D 1817 68.23 59.75 -44.26
C SER D 1817 69.66 59.98 -43.77
N LEU D 1818 70.62 60.12 -44.69
CA LEU D 1818 72.03 60.17 -44.32
C LEU D 1818 72.63 61.58 -44.35
N ALA D 1819 71.96 62.54 -44.97
CA ALA D 1819 72.46 63.91 -45.02
C ALA D 1819 71.50 64.94 -44.44
N ASP D 1820 70.26 64.57 -44.15
CA ASP D 1820 69.27 65.47 -43.57
C ASP D 1820 69.25 66.80 -44.32
N VAL D 1821 69.17 66.69 -45.65
CA VAL D 1821 69.19 67.88 -46.50
C VAL D 1821 67.85 68.62 -46.46
N MET D 1822 66.77 67.93 -46.10
CA MET D 1822 65.46 68.54 -46.01
C MET D 1822 64.64 67.82 -44.95
N SER D 1823 63.74 68.55 -44.30
CA SER D 1823 62.94 67.99 -43.23
C SER D 1823 61.91 67.01 -43.80
N ILE D 1824 61.20 66.32 -42.91
CA ILE D 1824 60.21 65.36 -43.35
C ILE D 1824 59.10 66.03 -44.12
N GLU D 1825 58.63 67.19 -43.66
CA GLU D 1825 57.54 67.84 -44.34
C GLU D 1825 57.96 68.28 -45.74
N SER D 1826 59.19 68.77 -45.90
CA SER D 1826 59.69 69.13 -47.21
C SER D 1826 59.86 67.88 -48.09
N LEU D 1827 60.33 66.79 -47.50
CA LEU D 1827 60.60 65.58 -48.28
C LEU D 1827 59.33 65.05 -48.92
N VAL D 1828 58.23 64.99 -48.16
CA VAL D 1828 57.01 64.39 -48.68
C VAL D 1828 56.37 65.30 -49.73
N GLU D 1829 56.52 66.62 -49.59
CA GLU D 1829 56.01 67.52 -50.61
C GLU D 1829 56.71 67.30 -51.94
N VAL D 1830 58.04 67.24 -51.93
CA VAL D 1830 58.77 67.02 -53.17
C VAL D 1830 58.40 65.66 -53.76
N VAL D 1831 58.28 64.65 -52.92
CA VAL D 1831 57.94 63.32 -53.41
C VAL D 1831 56.50 63.30 -53.93
N PHE D 1832 55.61 64.03 -53.27
CA PHE D 1832 54.23 64.10 -53.75
C PHE D 1832 54.16 64.83 -55.09
N TYR D 1833 54.87 65.96 -55.19
CA TYR D 1833 54.87 66.71 -56.45
C TYR D 1833 55.56 65.92 -57.56
N ARG D 1834 56.66 65.24 -57.24
CA ARG D 1834 57.35 64.44 -58.25
C ARG D 1834 56.39 63.43 -58.88
N GLY D 1835 55.65 62.69 -58.06
CA GLY D 1835 54.73 61.71 -58.59
C GLY D 1835 53.55 62.32 -59.30
N MET D 1836 53.15 63.52 -58.87
CA MET D 1836 52.01 64.18 -59.51
C MET D 1836 52.36 64.64 -60.91
N THR D 1837 53.56 65.20 -61.09
CA THR D 1837 53.99 65.62 -62.42
C THR D 1837 54.11 64.42 -63.35
N MET D 1838 54.66 63.30 -62.86
CA MET D 1838 54.74 62.10 -63.68
C MET D 1838 53.36 61.72 -64.21
N GLN D 1839 52.34 61.80 -63.35
CA GLN D 1839 51.00 61.37 -63.74
C GLN D 1839 50.49 62.17 -64.94
N VAL D 1840 50.82 63.46 -64.99
CA VAL D 1840 50.31 64.34 -66.04
C VAL D 1840 51.41 64.68 -67.03
N ALA D 1841 52.39 63.79 -67.16
CA ALA D 1841 53.50 63.98 -68.08
C ALA D 1841 53.36 63.22 -69.37
N VAL D 1842 52.38 62.33 -69.50
CA VAL D 1842 52.14 61.59 -70.73
C VAL D 1842 50.70 61.85 -71.17
N PRO D 1843 50.39 61.76 -72.46
CA PRO D 1843 49.01 61.94 -72.90
C PRO D 1843 48.18 60.70 -72.60
N ARG D 1844 47.07 60.90 -71.90
CA ARG D 1844 46.15 59.84 -71.55
C ARG D 1844 44.80 60.08 -72.20
N ASP D 1845 44.22 59.02 -72.77
CA ASP D 1845 42.86 59.09 -73.28
C ASP D 1845 41.88 59.19 -72.11
N GLU D 1846 40.59 59.22 -72.45
CA GLU D 1846 39.56 59.31 -71.41
C GLU D 1846 39.58 58.12 -70.46
N LEU D 1847 40.19 57.01 -70.86
CA LEU D 1847 40.27 55.81 -70.04
C LEU D 1847 41.54 55.75 -69.19
N GLY D 1848 42.36 56.80 -69.21
CA GLY D 1848 43.60 56.77 -68.46
C GLY D 1848 44.55 55.68 -68.87
N ARG D 1849 44.60 55.39 -70.16
CA ARG D 1849 45.49 54.40 -70.68
C ARG D 1849 46.32 55.09 -71.71
N SER D 1850 47.59 55.31 -71.39
CA SER D 1850 48.47 55.99 -72.31
C SER D 1850 49.12 54.96 -73.21
N ASN D 1851 49.94 55.43 -74.13
CA ASN D 1851 50.60 54.57 -75.10
C ASN D 1851 52.10 54.43 -74.80
N TYR D 1852 52.50 54.64 -73.55
CA TYR D 1852 53.88 54.50 -73.13
C TYR D 1852 53.97 53.42 -72.06
N GLY D 1853 55.14 52.79 -71.98
CA GLY D 1853 55.35 51.71 -71.04
C GLY D 1853 56.81 51.47 -70.76
N MET D 1854 57.09 50.34 -70.10
CA MET D 1854 58.44 49.95 -69.77
C MET D 1854 58.56 48.44 -69.89
N ILE D 1855 59.76 47.96 -70.19
CA ILE D 1855 60.01 46.54 -70.42
C ILE D 1855 61.32 46.17 -69.74
N ALA D 1856 61.33 45.04 -69.04
CA ALA D 1856 62.54 44.53 -68.40
C ALA D 1856 63.19 43.49 -69.30
N ILE D 1857 64.45 43.72 -69.66
CA ILE D 1857 65.16 42.90 -70.64
C ILE D 1857 66.30 42.18 -69.96
N ASN D 1858 66.58 40.96 -70.43
CA ASN D 1858 67.67 40.14 -69.92
C ASN D 1858 68.49 39.66 -71.12
N PRO D 1859 69.51 40.42 -71.52
CA PRO D 1859 70.25 40.05 -72.74
C PRO D 1859 70.81 38.63 -72.72
N GLY D 1860 71.26 38.16 -71.56
CA GLY D 1860 71.79 36.80 -71.47
C GLY D 1860 70.76 35.72 -71.73
N ARG D 1861 69.47 36.07 -71.74
CA ARG D 1861 68.42 35.09 -72.00
C ARG D 1861 68.04 35.00 -73.46
N VAL D 1862 68.16 36.09 -74.22
CA VAL D 1862 67.93 36.06 -75.66
C VAL D 1862 69.08 35.42 -76.42
N ALA D 1863 70.31 35.61 -75.96
CA ALA D 1863 71.48 35.01 -76.59
C ALA D 1863 72.68 35.08 -75.67
N ALA D 1864 73.33 33.93 -75.43
CA ALA D 1864 74.42 33.86 -74.48
C ALA D 1864 75.59 34.76 -74.86
N SER D 1865 75.69 35.15 -76.13
CA SER D 1865 76.77 36.02 -76.61
C SER D 1865 76.26 37.42 -76.96
N PHE D 1866 75.12 37.83 -76.40
CA PHE D 1866 74.49 39.10 -76.72
C PHE D 1866 74.85 40.09 -75.60
N SER D 1867 75.87 40.91 -75.84
CA SER D 1867 76.34 41.82 -74.82
C SER D 1867 75.44 43.06 -74.74
N GLN D 1868 75.63 43.84 -73.66
CA GLN D 1868 74.84 45.06 -73.51
C GLN D 1868 75.11 46.05 -74.63
N GLU D 1869 76.29 46.01 -75.25
CA GLU D 1869 76.50 46.80 -76.46
C GLU D 1869 75.71 46.22 -77.63
N ALA D 1870 75.42 44.91 -77.58
CA ALA D 1870 74.54 44.34 -78.59
C ALA D 1870 73.10 44.74 -78.36
N LEU D 1871 72.67 44.76 -77.09
CA LEU D 1871 71.34 45.28 -76.76
C LEU D 1871 71.24 46.76 -77.07
N GLN D 1872 72.27 47.53 -76.70
CA GLN D 1872 72.26 48.96 -77.00
C GLN D 1872 72.19 49.18 -78.51
N TYR D 1873 72.80 48.29 -79.29
CA TYR D 1873 72.70 48.39 -80.74
C TYR D 1873 71.25 48.22 -81.19
N VAL D 1874 70.59 47.14 -80.76
CA VAL D 1874 69.25 46.84 -81.23
C VAL D 1874 68.28 47.96 -80.85
N VAL D 1875 68.35 48.40 -79.59
CA VAL D 1875 67.42 49.43 -79.13
C VAL D 1875 67.63 50.72 -79.90
N GLU D 1876 68.89 51.13 -80.07
CA GLU D 1876 69.17 52.35 -80.83
C GLU D 1876 68.74 52.23 -82.27
N ARG D 1877 68.97 51.07 -82.89
CA ARG D 1877 68.54 50.86 -84.28
C ARG D 1877 67.03 50.72 -84.36
N VAL D 1878 66.41 50.01 -83.42
CA VAL D 1878 64.97 49.89 -83.38
C VAL D 1878 64.29 51.20 -83.07
N GLY D 1879 65.01 52.15 -82.47
CA GLY D 1879 64.48 53.48 -82.24
C GLY D 1879 64.96 54.48 -83.26
N LYS D 1880 65.69 54.00 -84.27
CA LYS D 1880 66.21 54.84 -85.35
C LYS D 1880 65.51 54.61 -86.67
N ARG D 1881 65.47 53.36 -87.14
CA ARG D 1881 64.79 53.05 -88.39
C ARG D 1881 63.28 53.15 -88.30
N THR D 1882 62.74 53.28 -87.09
CA THR D 1882 61.31 53.37 -86.89
C THR D 1882 60.87 54.74 -86.37
N GLY D 1883 61.78 55.52 -85.80
CA GLY D 1883 61.50 56.88 -85.39
C GLY D 1883 60.78 57.04 -84.08
N TRP D 1884 60.39 55.95 -83.42
CA TRP D 1884 59.69 56.03 -82.15
C TRP D 1884 60.67 56.19 -80.99
N LEU D 1885 60.15 56.66 -79.87
CA LEU D 1885 60.96 56.91 -78.68
C LEU D 1885 61.16 55.63 -77.90
N VAL D 1886 62.41 55.25 -77.68
CA VAL D 1886 62.75 54.07 -76.89
C VAL D 1886 64.21 54.19 -76.48
N GLU D 1887 64.51 53.75 -75.26
CA GLU D 1887 65.87 53.81 -74.75
C GLU D 1887 65.96 52.97 -73.48
N ILE D 1888 67.19 52.60 -73.13
CA ILE D 1888 67.43 51.90 -71.88
C ILE D 1888 67.43 52.93 -70.74
N VAL D 1889 66.58 52.71 -69.75
CA VAL D 1889 66.42 53.64 -68.65
C VAL D 1889 67.20 53.19 -67.41
N ASN D 1890 67.27 51.90 -67.15
CA ASN D 1890 68.00 51.36 -66.01
C ASN D 1890 69.02 50.34 -66.49
N TYR D 1891 70.23 50.43 -65.97
CA TYR D 1891 71.25 49.39 -66.10
C TYR D 1891 71.41 48.77 -64.72
N ASN D 1892 70.72 47.64 -64.48
CA ASN D 1892 70.64 47.10 -63.13
C ASN D 1892 71.73 46.06 -62.86
N VAL D 1893 71.75 44.97 -63.61
CA VAL D 1893 72.75 43.92 -63.48
C VAL D 1893 73.40 43.72 -64.84
N GLU D 1894 74.73 43.67 -64.86
CA GLU D 1894 75.45 43.56 -66.11
C GLU D 1894 75.04 42.30 -66.86
N ASN D 1895 74.44 42.48 -68.03
CA ASN D 1895 74.07 41.39 -68.93
C ASN D 1895 72.99 40.49 -68.34
N GLN D 1896 72.29 40.92 -67.30
CA GLN D 1896 71.21 40.10 -66.74
C GLN D 1896 69.92 40.88 -66.50
N GLN D 1897 70.00 42.19 -66.26
CA GLN D 1897 68.80 42.97 -66.01
C GLN D 1897 68.95 44.37 -66.60
N TYR D 1898 68.02 44.72 -67.48
CA TYR D 1898 67.94 46.05 -68.07
C TYR D 1898 66.48 46.45 -68.16
N VAL D 1899 66.24 47.76 -68.24
CA VAL D 1899 64.90 48.29 -68.38
C VAL D 1899 64.90 49.31 -69.51
N ALA D 1900 63.97 49.16 -70.44
CA ALA D 1900 63.78 50.12 -71.53
C ALA D 1900 62.42 50.79 -71.38
N ALA D 1901 62.37 52.07 -71.73
CA ALA D 1901 61.15 52.85 -71.65
C ALA D 1901 60.87 53.51 -72.99
N GLY D 1902 59.59 53.71 -73.27
CA GLY D 1902 59.17 54.30 -74.52
C GLY D 1902 57.70 54.00 -74.77
N ASP D 1903 57.23 54.38 -75.95
CA ASP D 1903 55.86 54.09 -76.32
C ASP D 1903 55.61 52.59 -76.25
N LEU D 1904 54.46 52.23 -75.68
CA LEU D 1904 54.13 50.81 -75.51
C LEU D 1904 54.20 50.07 -76.84
N ARG D 1905 53.94 50.77 -77.94
CA ARG D 1905 54.04 50.16 -79.26
C ARG D 1905 55.47 49.78 -79.58
N ALA D 1906 56.44 50.67 -79.33
CA ALA D 1906 57.82 50.41 -79.72
C ALA D 1906 58.49 49.36 -78.85
N LEU D 1907 57.88 49.00 -77.71
CA LEU D 1907 58.41 47.89 -76.92
C LEU D 1907 58.05 46.55 -77.52
N ASP D 1908 56.88 46.45 -78.16
CA ASP D 1908 56.48 45.20 -78.79
C ASP D 1908 57.42 44.84 -79.93
N THR D 1909 57.81 45.81 -80.75
CA THR D 1909 58.75 45.54 -81.83
C THR D 1909 60.10 45.10 -81.28
N VAL D 1910 60.58 45.77 -80.23
CA VAL D 1910 61.82 45.33 -79.59
C VAL D 1910 61.66 43.93 -79.03
N THR D 1911 60.58 43.68 -78.30
CA THR D 1911 60.33 42.34 -77.77
C THR D 1911 60.29 41.32 -78.89
N ASN D 1912 59.66 41.67 -80.01
CA ASN D 1912 59.61 40.77 -81.15
C ASN D 1912 60.99 40.63 -81.80
N VAL D 1913 61.68 41.74 -82.00
CA VAL D 1913 63.00 41.70 -82.63
C VAL D 1913 63.92 40.77 -81.85
N LEU D 1914 63.94 40.92 -80.52
CA LEU D 1914 64.72 40.00 -79.69
C LEU D 1914 64.19 38.59 -79.80
N ASN D 1915 62.87 38.43 -79.91
CA ASN D 1915 62.31 37.10 -80.09
C ASN D 1915 62.82 36.47 -81.38
N PHE D 1916 62.93 37.26 -82.45
CA PHE D 1916 63.54 36.74 -83.67
C PHE D 1916 65.01 36.40 -83.44
N ILE D 1917 65.71 37.24 -82.68
CA ILE D 1917 67.12 36.97 -82.37
C ILE D 1917 67.24 35.68 -81.56
N LYS D 1918 66.35 35.49 -80.58
CA LYS D 1918 66.41 34.28 -79.76
C LYS D 1918 65.95 33.07 -80.55
N LEU D 1919 64.82 33.18 -81.24
CA LEU D 1919 64.28 32.04 -81.97
C LEU D 1919 65.27 31.55 -83.02
N GLN D 1920 65.93 32.48 -83.71
CA GLN D 1920 67.00 32.15 -84.63
C GLN D 1920 68.33 32.23 -83.90
N LYS D 1921 69.42 31.98 -84.62
CA LYS D 1921 70.76 32.00 -84.05
C LYS D 1921 71.48 33.33 -84.26
N ILE D 1922 70.83 34.33 -84.83
CA ILE D 1922 71.49 35.61 -85.08
C ILE D 1922 72.03 36.13 -83.76
N GLU D 1934 78.57 47.83 -92.51
CA GLU D 1934 77.29 48.42 -92.84
C GLU D 1934 76.23 47.34 -93.07
N GLU D 1935 76.70 46.12 -93.37
CA GLU D 1935 75.77 45.01 -93.61
C GLU D 1935 74.95 44.70 -92.36
N VAL D 1936 75.60 44.70 -91.20
CA VAL D 1936 74.88 44.39 -89.96
C VAL D 1936 73.78 45.41 -89.71
N GLU D 1937 74.10 46.70 -89.90
CA GLU D 1937 73.08 47.73 -89.73
C GLU D 1937 71.94 47.54 -90.72
N GLY D 1938 72.27 47.24 -91.98
CA GLY D 1938 71.23 47.01 -92.97
C GLY D 1938 70.41 45.78 -92.68
N HIS D 1939 71.05 44.71 -92.22
CA HIS D 1939 70.32 43.49 -91.90
C HIS D 1939 69.31 43.72 -90.79
N LEU D 1940 69.72 44.43 -89.73
CA LEU D 1940 68.78 44.72 -88.65
C LEU D 1940 67.63 45.59 -89.11
N PHE D 1941 67.90 46.54 -90.02
CA PHE D 1941 66.82 47.34 -90.59
C PHE D 1941 65.75 46.45 -91.21
N GLU D 1942 66.14 45.30 -91.75
CA GLU D 1942 65.16 44.36 -92.25
C GLU D 1942 64.29 43.81 -91.13
N ILE D 1943 64.89 43.52 -89.97
CA ILE D 1943 64.13 42.97 -88.85
C ILE D 1943 63.22 44.04 -88.25
N ILE D 1944 63.74 45.26 -88.07
CA ILE D 1944 62.95 46.30 -87.42
C ILE D 1944 61.69 46.60 -88.23
N ASP D 1945 61.82 46.69 -89.55
CA ASP D 1945 60.67 46.98 -90.39
C ASP D 1945 59.64 45.86 -90.30
N GLU D 1946 60.09 44.60 -90.28
CA GLU D 1946 59.15 43.49 -90.25
C GLU D 1946 58.26 43.55 -89.02
N ALA D 1947 58.85 43.71 -87.84
CA ALA D 1947 58.07 43.77 -86.62
C ALA D 1947 57.40 45.13 -86.43
N SER D 1948 57.95 46.18 -87.03
CA SER D 1948 57.43 47.53 -86.81
C SER D 1948 55.94 47.59 -87.14
N LYS D 1949 55.57 47.14 -88.34
CA LYS D 1949 54.17 47.21 -88.76
C LYS D 1949 53.32 46.14 -88.10
N LYS D 1950 53.90 45.02 -87.67
CA LYS D 1950 53.12 43.93 -87.12
C LYS D 1950 52.49 44.28 -85.77
N SER D 1951 52.91 45.39 -85.15
CA SER D 1951 52.30 45.86 -83.92
C SER D 1951 51.68 47.25 -84.05
N ALA D 1952 52.09 48.02 -85.05
CA ALA D 1952 51.50 49.35 -85.24
C ALA D 1952 50.01 49.27 -85.55
N VAL D 1953 49.57 48.16 -86.17
CA VAL D 1953 48.16 48.03 -86.55
C VAL D 1953 47.25 48.11 -85.34
N LYS D 1954 47.69 47.57 -84.20
CA LYS D 1954 46.84 47.50 -83.03
C LYS D 1954 46.45 48.89 -82.54
N PRO D 1955 45.35 48.99 -81.81
CA PRO D 1955 44.93 50.31 -81.29
C PRO D 1955 46.05 50.98 -80.50
N ARG D 1956 45.93 52.28 -80.29
CA ARG D 1956 46.98 53.02 -79.60
C ARG D 1956 47.22 52.58 -78.18
N PRO D 1957 46.14 52.24 -77.47
CA PRO D 1957 46.46 51.75 -76.14
C PRO D 1957 46.78 50.27 -76.27
N LEU D 1958 47.79 49.92 -77.05
CA LEU D 1958 48.09 48.51 -77.32
C LEU D 1958 48.59 47.71 -76.13
N LYS D 1959 48.85 46.42 -76.36
CA LYS D 1959 49.29 45.55 -75.28
C LYS D 1959 50.68 44.98 -75.52
N LEU D 1960 51.58 45.16 -74.57
CA LEU D 1960 52.90 44.58 -74.67
C LEU D 1960 52.90 43.20 -74.07
N GLU D 1961 53.43 42.22 -74.79
CA GLU D 1961 53.43 40.86 -74.29
C GLU D 1961 54.78 40.49 -73.70
N ARG D 1962 55.57 39.72 -74.42
CA ARG D 1962 56.84 39.25 -73.87
C ARG D 1962 57.69 38.55 -74.86
N GLY D 1963 58.96 38.36 -74.52
CA GLY D 1963 59.85 37.58 -75.36
C GLY D 1963 60.20 36.43 -74.46
N PHE D 1964 61.28 35.73 -74.74
CA PHE D 1964 61.72 34.70 -73.83
C PHE D 1964 62.50 35.43 -72.77
N ALA D 1965 62.81 36.70 -73.03
CA ALA D 1965 63.65 37.46 -72.12
C ALA D 1965 63.18 38.89 -71.91
N CYS D 1966 61.93 39.21 -72.23
CA CYS D 1966 61.44 40.58 -72.13
C CYS D 1966 60.12 40.53 -71.42
N ILE D 1967 59.99 41.22 -70.28
CA ILE D 1967 58.77 41.13 -69.49
C ILE D 1967 58.33 42.50 -69.06
N PRO D 1968 57.18 42.96 -69.58
CA PRO D 1968 56.80 44.34 -69.29
C PRO D 1968 56.48 44.52 -67.85
N LEU D 1969 56.41 45.76 -67.41
CA LEU D 1969 56.13 46.05 -66.02
C LEU D 1969 54.64 46.31 -65.87
N VAL D 1970 54.11 46.20 -64.65
CA VAL D 1970 52.68 46.39 -64.44
C VAL D 1970 52.45 47.75 -63.79
N GLY D 1971 51.52 48.52 -64.34
CA GLY D 1971 51.14 49.79 -63.75
C GLY D 1971 52.02 50.96 -64.12
N ILE D 1972 53.03 50.77 -64.96
CA ILE D 1972 53.92 51.85 -65.38
C ILE D 1972 53.43 52.38 -66.72
N SER D 1973 53.26 53.69 -66.81
CA SER D 1973 52.79 54.33 -68.04
C SER D 1973 53.66 55.49 -68.48
N VAL D 1974 54.49 56.02 -67.58
CA VAL D 1974 55.32 57.16 -67.91
C VAL D 1974 56.73 56.66 -68.21
N PRO D 1975 57.41 57.17 -69.24
CA PRO D 1975 58.81 56.75 -69.47
C PRO D 1975 59.80 57.60 -68.70
N PHE D 1976 59.81 57.45 -67.38
CA PHE D 1976 60.74 58.22 -66.57
C PHE D 1976 62.15 57.66 -66.71
N HIS D 1977 63.15 58.50 -66.47
CA HIS D 1977 64.55 58.12 -66.69
C HIS D 1977 64.75 58.00 -68.18
N SER D 1978 64.14 58.89 -68.94
CA SER D 1978 64.26 58.89 -70.39
C SER D 1978 64.32 60.33 -70.88
N THR D 1979 64.76 60.50 -72.12
CA THR D 1979 64.85 61.83 -72.71
C THR D 1979 63.48 62.46 -72.93
N TYR D 1980 62.40 61.68 -72.81
CA TYR D 1980 61.06 62.23 -73.01
C TYR D 1980 60.78 63.36 -72.01
N LEU D 1981 61.15 63.17 -70.75
CA LEU D 1981 60.93 64.19 -69.73
C LEU D 1981 62.13 65.12 -69.59
N MET D 1982 62.59 65.68 -70.70
CA MET D 1982 63.66 66.66 -70.68
C MET D 1982 63.15 68.09 -70.73
N ASN D 1983 61.93 68.31 -71.22
CA ASN D 1983 61.38 69.66 -71.28
C ASN D 1983 60.95 70.14 -69.90
N GLY D 1984 60.31 69.27 -69.12
CA GLY D 1984 59.82 69.64 -67.81
C GLY D 1984 60.82 69.32 -66.72
N VAL D 1985 62.01 69.90 -66.82
CA VAL D 1985 63.11 69.62 -65.89
C VAL D 1985 63.48 70.90 -65.16
N LYS D 1986 63.89 71.92 -65.91
CA LYS D 1986 64.24 73.21 -65.29
C LYS D 1986 63.14 73.73 -64.39
N PRO D 1987 61.86 73.70 -64.77
CA PRO D 1987 60.81 74.06 -63.80
C PRO D 1987 60.84 73.19 -62.56
N PHE D 1988 61.12 71.90 -62.72
CA PHE D 1988 61.23 71.02 -61.55
C PHE D 1988 62.45 71.38 -60.72
N LYS D 1989 63.52 71.85 -61.38
CA LYS D 1989 64.70 72.31 -60.64
C LYS D 1989 64.36 73.52 -59.79
N SER D 1990 63.55 74.44 -60.32
CA SER D 1990 63.13 75.60 -59.53
C SER D 1990 62.28 75.16 -58.35
N PHE D 1991 61.43 74.16 -58.54
CA PHE D 1991 60.59 73.69 -57.43
C PHE D 1991 61.44 73.13 -56.30
N LEU D 1992 62.47 72.35 -56.64
CA LEU D 1992 63.35 71.82 -55.60
C LEU D 1992 64.05 72.94 -54.85
N LYS D 1993 64.53 73.96 -55.57
CA LYS D 1993 65.24 75.05 -54.93
C LYS D 1993 64.40 75.74 -53.88
N LYS D 1994 63.08 75.65 -53.98
CA LYS D 1994 62.21 76.24 -52.97
C LYS D 1994 62.08 75.34 -51.74
N ASN D 1995 62.36 74.04 -51.89
CA ASN D 1995 62.12 73.08 -50.83
C ASN D 1995 63.40 72.55 -50.17
N ILE D 1996 64.49 72.43 -50.91
CA ILE D 1996 65.79 72.07 -50.34
C ILE D 1996 66.57 73.37 -50.16
N ILE D 1997 66.72 73.79 -48.90
CA ILE D 1997 67.20 75.13 -48.59
C ILE D 1997 68.72 75.18 -48.68
N LYS D 1998 69.23 76.40 -48.89
CA LYS D 1998 70.66 76.63 -49.06
C LYS D 1998 71.45 76.16 -47.85
N GLU D 1999 70.99 76.50 -46.64
CA GLU D 1999 71.78 76.26 -45.44
C GLU D 1999 71.68 74.83 -44.95
N ASN D 2000 70.70 74.06 -45.44
CA ASN D 2000 70.49 72.71 -44.92
C ASN D 2000 71.42 71.68 -45.54
N VAL D 2001 72.26 72.07 -46.49
CA VAL D 2001 73.17 71.12 -47.12
C VAL D 2001 74.50 71.12 -46.38
N LYS D 2002 74.97 69.97 -45.95
CA LYS D 2002 76.26 69.87 -45.30
C LYS D 2002 77.12 69.01 -46.18
N VAL D 2003 78.23 69.55 -46.66
CA VAL D 2003 79.06 68.83 -47.62
C VAL D 2003 79.87 67.71 -46.98
N ALA D 2004 80.20 67.81 -45.72
CA ALA D 2004 80.87 66.71 -45.07
C ALA D 2004 79.98 65.48 -45.10
N ARG D 2005 78.66 65.67 -45.04
CA ARG D 2005 77.73 64.56 -45.08
C ARG D 2005 77.65 63.92 -46.46
N LEU D 2006 78.01 64.67 -47.50
CA LEU D 2006 77.88 64.21 -48.88
C LEU D 2006 79.21 63.92 -49.56
N ALA D 2007 80.23 64.73 -49.31
CA ALA D 2007 81.49 64.61 -50.02
C ALA D 2007 82.07 63.20 -49.88
N GLY D 2008 82.20 62.49 -51.00
CA GLY D 2008 82.82 61.20 -51.03
C GLY D 2008 81.92 60.03 -50.68
N LYS D 2009 80.72 60.30 -50.17
CA LYS D 2009 79.82 59.25 -49.71
C LYS D 2009 78.58 59.07 -50.58
N TYR D 2010 78.12 60.13 -51.21
CA TYR D 2010 76.90 60.06 -52.00
C TYR D 2010 77.22 59.70 -53.43
N ILE D 2011 76.49 58.74 -54.00
CA ILE D 2011 76.69 58.28 -55.37
C ILE D 2011 75.41 58.55 -56.15
N PRO D 2012 75.39 59.64 -56.93
CA PRO D 2012 74.21 59.97 -57.75
C PRO D 2012 73.92 59.02 -58.91
N ASN D 2013 72.65 58.73 -59.22
CA ASN D 2013 72.29 57.85 -60.36
C ASN D 2013 72.68 58.46 -61.68
N LEU D 2014 72.80 59.78 -61.69
CA LEU D 2014 73.12 60.47 -62.91
C LEU D 2014 74.58 60.27 -63.18
N THR D 2015 75.42 60.85 -62.35
CA THR D 2015 76.86 60.60 -62.49
C THR D 2015 77.23 59.56 -61.44
N ALA D 2016 77.39 58.31 -61.87
CA ALA D 2016 77.65 57.24 -60.93
C ALA D 2016 79.08 57.32 -60.41
N LYS D 2017 79.40 58.41 -59.71
CA LYS D 2017 80.70 58.62 -59.09
C LYS D 2017 80.49 59.28 -57.74
N PRO D 2018 81.36 59.02 -56.77
CA PRO D 2018 81.15 59.60 -55.44
C PRO D 2018 81.06 61.12 -55.50
N PHE D 2019 80.15 61.68 -54.71
CA PHE D 2019 79.88 63.11 -54.75
C PHE D 2019 81.12 63.89 -54.33
N GLN D 2020 81.67 64.65 -55.26
CA GLN D 2020 82.82 65.51 -55.00
C GLN D 2020 82.55 66.88 -55.59
N VAL D 2021 82.79 67.92 -54.79
CA VAL D 2021 82.60 69.31 -55.25
C VAL D 2021 83.94 69.73 -55.85
N THR D 2022 84.12 69.40 -57.12
CA THR D 2022 85.37 69.68 -57.81
C THR D 2022 85.08 70.02 -59.27
N LYS D 2023 86.02 70.71 -59.91
CA LYS D 2023 85.83 71.10 -61.30
C LYS D 2023 85.63 69.89 -62.21
N GLU D 2024 86.27 68.77 -61.89
CA GLU D 2024 86.09 67.57 -62.71
C GLU D 2024 84.66 67.05 -62.60
N TYR D 2025 84.12 67.03 -61.38
CA TYR D 2025 82.73 66.62 -61.22
C TYR D 2025 81.78 67.57 -61.94
N PHE D 2026 82.00 68.88 -61.79
CA PHE D 2026 81.12 69.85 -62.42
C PHE D 2026 81.16 69.71 -63.95
N GLN D 2027 82.35 69.50 -64.50
CA GLN D 2027 82.45 69.22 -65.93
C GLN D 2027 81.73 67.93 -66.27
N ASP D 2028 81.76 66.95 -65.38
CA ASP D 2028 81.17 65.65 -65.67
C ASP D 2028 79.66 65.74 -65.90
N VAL D 2029 78.97 66.56 -65.11
CA VAL D 2029 77.51 66.61 -65.22
C VAL D 2029 77.10 67.17 -66.58
N TYR D 2030 77.87 68.12 -67.11
CA TYR D 2030 77.61 68.63 -68.45
C TYR D 2030 77.55 67.50 -69.47
N ASP D 2031 78.53 66.58 -69.42
CA ASP D 2031 78.66 65.58 -70.47
C ASP D 2031 77.37 64.79 -70.68
N LEU D 2032 76.74 64.34 -69.59
CA LEU D 2032 75.49 63.61 -69.71
C LEU D 2032 74.35 64.53 -70.12
N THR D 2033 74.05 65.53 -69.31
CA THR D 2033 72.98 66.48 -69.60
C THR D 2033 73.51 67.90 -69.43
N GLY D 2034 73.28 68.73 -70.44
CA GLY D 2034 73.71 70.12 -70.37
C GLY D 2034 72.94 70.89 -69.32
N SER D 2035 73.58 71.92 -68.77
CA SER D 2035 72.99 72.74 -67.72
C SER D 2035 73.61 74.13 -67.79
N GLU D 2036 72.78 75.14 -67.94
CA GLU D 2036 73.29 76.51 -68.05
C GLU D 2036 74.03 76.94 -66.79
N PRO D 2037 73.51 76.73 -65.57
CA PRO D 2037 74.28 77.13 -64.38
C PRO D 2037 75.66 76.50 -64.31
N ILE D 2038 75.79 75.25 -64.77
CA ILE D 2038 77.07 74.55 -64.63
C ILE D 2038 78.17 75.27 -65.39
N LYS D 2039 77.93 75.59 -66.66
CA LYS D 2039 78.98 76.21 -67.46
C LYS D 2039 79.44 77.51 -66.83
N GLU D 2040 78.53 78.22 -66.16
CA GLU D 2040 78.92 79.40 -65.40
C GLU D 2040 79.91 79.04 -64.30
N ILE D 2041 79.59 78.00 -63.51
CA ILE D 2041 80.48 77.59 -62.43
C ILE D 2041 81.82 77.14 -62.99
N ILE D 2042 81.79 76.29 -64.01
CA ILE D 2042 83.04 75.77 -64.58
C ILE D 2042 83.87 76.90 -65.14
N ASP D 2043 83.25 77.80 -65.91
CA ASP D 2043 83.98 78.93 -66.47
C ASP D 2043 84.51 79.84 -65.38
N ASN D 2044 83.69 80.12 -64.36
CA ASN D 2044 84.08 80.95 -63.24
C ASN D 2044 84.59 80.13 -62.06
N TRP D 2045 85.05 78.90 -62.31
CA TRP D 2045 85.53 78.06 -61.22
C TRP D 2045 86.68 78.71 -60.47
N GLU D 2046 87.42 79.61 -61.13
CA GLU D 2046 88.53 80.28 -60.46
C GLU D 2046 88.03 81.36 -59.52
N LYS D 2047 86.94 82.04 -59.88
CA LYS D 2047 86.37 83.05 -58.98
C LYS D 2047 85.94 82.40 -57.67
N TYR D 2048 85.27 81.26 -57.75
CA TYR D 2048 84.80 80.58 -56.54
C TYR D 2048 85.97 80.09 -55.71
N GLU D 2049 87.06 79.65 -56.35
CA GLU D 2049 88.20 79.13 -55.61
C GLU D 2049 88.80 80.19 -54.69
N GLN D 2050 88.94 81.42 -55.19
CA GLN D 2050 89.51 82.49 -54.40
C GLN D 2050 88.42 83.26 -53.65
N MET E 1 -58.65 112.72 -13.46
CA MET E 1 -57.24 113.03 -13.87
C MET E 1 -56.88 112.25 -15.12
N LYS E 2 -55.97 112.82 -15.92
CA LYS E 2 -55.44 112.08 -17.05
C LYS E 2 -54.61 110.89 -16.54
N PRO E 3 -54.56 109.79 -17.28
CA PRO E 3 -53.82 108.62 -16.78
C PRO E 3 -52.37 108.90 -16.44
N GLU E 4 -51.69 109.75 -17.23
CA GLU E 4 -50.29 110.04 -16.97
C GLU E 4 -50.12 110.80 -15.65
N VAL E 5 -50.99 111.78 -15.39
CA VAL E 5 -50.93 112.52 -14.13
C VAL E 5 -51.18 111.58 -12.97
N GLU E 6 -52.17 110.69 -13.11
CA GLU E 6 -52.46 109.72 -12.06
C GLU E 6 -51.25 108.84 -11.80
N GLN E 7 -50.54 108.45 -12.86
CA GLN E 7 -49.36 107.60 -12.68
C GLN E 7 -48.31 108.38 -11.91
N GLU E 8 -48.08 109.62 -12.32
CA GLU E 8 -47.09 110.45 -11.64
C GLU E 8 -47.38 110.55 -10.15
N LEU E 9 -48.62 110.90 -9.80
CA LEU E 9 -48.98 111.02 -8.38
C LEU E 9 -48.85 109.68 -7.66
N ALA E 10 -49.27 108.60 -8.30
CA ALA E 10 -49.15 107.28 -7.69
C ALA E 10 -47.70 106.93 -7.41
N HIS E 11 -46.81 107.23 -8.35
CA HIS E 11 -45.39 106.95 -8.13
C HIS E 11 -44.85 107.80 -6.99
N ILE E 12 -45.23 109.07 -6.93
CA ILE E 12 -44.74 109.93 -5.86
C ILE E 12 -45.17 109.37 -4.52
N LEU E 13 -46.45 109.04 -4.39
CA LEU E 13 -46.96 108.53 -3.12
C LEU E 13 -46.32 107.20 -2.77
N LEU E 14 -46.09 106.33 -3.76
CA LEU E 14 -45.49 105.02 -3.49
C LEU E 14 -44.06 105.17 -3.00
N THR E 15 -43.25 105.95 -3.72
CA THR E 15 -41.85 106.11 -3.33
C THR E 15 -41.75 106.78 -1.97
N GLU E 16 -42.66 107.71 -1.68
CA GLU E 16 -42.66 108.35 -0.37
C GLU E 16 -43.02 107.37 0.74
N LEU E 17 -44.06 106.58 0.51
CA LEU E 17 -44.50 105.60 1.49
C LEU E 17 -43.36 104.68 1.85
N LEU E 18 -42.60 104.27 0.86
CA LEU E 18 -41.48 103.36 1.07
C LEU E 18 -40.30 104.00 1.78
N ALA E 19 -40.02 105.25 1.47
CA ALA E 19 -38.91 105.96 2.10
C ALA E 19 -39.18 106.12 3.57
N TYR E 20 -40.42 106.43 3.93
CA TYR E 20 -40.72 106.71 5.32
C TYR E 20 -41.01 105.47 6.13
N GLN E 21 -41.00 104.30 5.50
CA GLN E 21 -41.41 103.08 6.19
C GLN E 21 -40.51 102.61 7.30
N PHE E 22 -39.21 102.76 7.13
CA PHE E 22 -38.28 102.24 8.12
C PHE E 22 -38.13 103.18 9.30
N ALA E 23 -38.83 104.30 9.24
CA ALA E 23 -38.81 105.25 10.34
C ALA E 23 -40.11 105.21 11.12
N SER E 24 -41.21 104.86 10.47
CA SER E 24 -42.51 104.77 11.14
C SER E 24 -42.79 103.37 11.66
N PRO E 25 -43.69 103.26 12.65
CA PRO E 25 -44.05 101.94 13.17
C PRO E 25 -44.85 101.13 12.16
N VAL E 26 -44.76 99.81 12.28
CA VAL E 26 -45.47 98.89 11.40
C VAL E 26 -46.87 98.71 11.96
N ARG E 27 -47.87 99.34 11.33
CA ARG E 27 -49.26 99.23 11.74
C ARG E 27 -49.85 97.96 11.12
N TRP E 28 -49.61 96.83 11.78
CA TRP E 28 -50.14 95.56 11.32
C TRP E 28 -51.51 95.23 11.90
N ILE E 29 -51.84 95.77 13.07
CA ILE E 29 -53.18 95.56 13.63
C ILE E 29 -54.22 96.09 12.66
N GLU E 30 -54.05 97.33 12.21
CA GLU E 30 -55.00 97.94 11.28
C GLU E 30 -55.00 97.24 9.93
N THR E 31 -53.84 96.79 9.45
CA THR E 31 -53.80 96.06 8.19
C THR E 31 -54.59 94.76 8.28
N GLN E 32 -54.36 93.99 9.33
CA GLN E 32 -55.10 92.75 9.53
C GLN E 32 -56.59 93.03 9.66
N ASP E 33 -56.97 94.07 10.38
CA ASP E 33 -58.39 94.43 10.46
C ASP E 33 -58.94 94.75 9.06
N VAL E 34 -58.19 95.53 8.28
CA VAL E 34 -58.66 95.95 6.98
C VAL E 34 -58.92 94.76 6.07
N PHE E 35 -58.00 93.79 6.03
CA PHE E 35 -58.19 92.68 5.11
C PHE E 35 -58.88 91.47 5.74
N LEU E 36 -59.26 91.54 7.01
CA LEU E 36 -60.07 90.48 7.62
C LEU E 36 -61.52 90.88 7.82
N LYS E 37 -61.83 92.17 7.87
CA LYS E 37 -63.20 92.62 8.12
C LYS E 37 -63.78 93.45 6.98
N ASP E 38 -63.02 94.39 6.43
CA ASP E 38 -63.49 95.22 5.33
C ASP E 38 -63.45 94.50 3.98
N PHE E 39 -62.71 93.39 3.89
CA PHE E 39 -62.67 92.57 2.69
C PHE E 39 -63.32 91.22 2.86
N ASN E 40 -63.57 90.78 4.10
CA ASN E 40 -64.11 89.44 4.35
C ASN E 40 -63.25 88.38 3.68
N THR E 41 -61.94 88.61 3.69
CA THR E 41 -61.01 87.71 3.01
C THR E 41 -61.25 86.27 3.43
N GLU E 42 -61.50 85.41 2.44
CA GLU E 42 -61.70 83.99 2.68
C GLU E 42 -60.42 83.18 2.64
N ARG E 43 -59.43 83.58 1.84
CA ARG E 43 -58.13 82.93 1.80
C ARG E 43 -57.06 83.94 2.17
N VAL E 44 -56.23 83.59 3.13
CA VAL E 44 -55.04 84.36 3.47
C VAL E 44 -53.85 83.48 3.14
N VAL E 45 -53.04 83.92 2.17
CA VAL E 45 -51.86 83.19 1.74
C VAL E 45 -50.63 83.96 2.20
N GLU E 46 -49.76 83.28 2.93
CA GLU E 46 -48.55 83.88 3.47
C GLU E 46 -47.36 83.44 2.62
N ILE E 47 -46.61 84.42 2.10
CA ILE E 47 -45.42 84.16 1.30
C ILE E 47 -44.22 84.44 2.19
N GLY E 48 -43.47 83.39 2.52
CA GLY E 48 -42.32 83.49 3.37
C GLY E 48 -41.83 82.13 3.80
N PRO E 49 -40.66 82.08 4.44
CA PRO E 49 -40.10 80.76 4.80
C PRO E 49 -40.78 80.11 5.99
N SER E 50 -41.40 80.88 6.89
CA SER E 50 -42.00 80.33 8.08
C SER E 50 -43.38 80.91 8.31
N PRO E 51 -44.29 80.16 8.96
CA PRO E 51 -45.67 80.64 9.18
C PRO E 51 -45.78 81.66 10.30
N THR E 52 -45.25 82.86 10.07
CA THR E 52 -45.27 83.91 11.08
C THR E 52 -46.52 84.75 10.98
N LEU E 53 -46.73 85.38 9.83
CA LEU E 53 -47.92 86.20 9.66
C LEU E 53 -49.18 85.34 9.65
N ALA E 54 -49.08 84.08 9.24
CA ALA E 54 -50.23 83.19 9.29
C ALA E 54 -50.66 82.93 10.74
N GLY E 55 -49.69 82.64 11.61
CA GLY E 55 -50.00 82.47 13.02
C GLY E 55 -50.56 83.75 13.63
N MET E 56 -49.99 84.89 13.23
CA MET E 56 -50.51 86.17 13.70
C MET E 56 -51.97 86.36 13.29
N ALA E 57 -52.30 86.02 12.04
CA ALA E 57 -53.68 86.14 11.57
C ALA E 57 -54.59 85.19 12.32
N GLN E 58 -54.14 83.96 12.58
CA GLN E 58 -54.97 83.02 13.33
C GLN E 58 -55.24 83.52 14.74
N ARG E 59 -54.24 84.09 15.39
CA ARG E 59 -54.45 84.60 16.72
C ARG E 59 -55.38 85.78 16.68
N THR E 60 -55.25 86.64 15.67
CA THR E 60 -56.18 87.76 15.54
C THR E 60 -57.60 87.27 15.35
N LEU E 61 -57.78 86.22 14.55
CA LEU E 61 -59.12 85.66 14.34
C LEU E 61 -59.71 85.13 15.63
N LYS E 62 -58.91 84.40 16.40
CA LYS E 62 -59.40 83.76 17.62
C LYS E 62 -59.71 84.77 18.72
N ASN E 63 -59.37 86.05 18.53
CA ASN E 63 -59.53 87.05 19.57
C ASN E 63 -60.48 88.18 19.21
N LYS E 64 -60.86 88.34 17.94
CA LYS E 64 -61.72 89.45 17.55
C LYS E 64 -62.85 89.06 16.61
N TYR E 65 -62.86 87.86 16.04
CA TYR E 65 -63.82 87.51 15.00
C TYR E 65 -64.48 86.15 15.20
N GLU E 66 -64.34 85.54 16.36
CA GLU E 66 -64.97 84.24 16.60
C GLU E 66 -66.47 84.32 16.39
N SER E 67 -67.11 85.35 16.96
CA SER E 67 -68.55 85.53 16.81
C SER E 67 -68.92 86.03 15.42
N TYR E 68 -68.15 86.98 14.89
CA TYR E 68 -68.46 87.56 13.60
C TYR E 68 -68.38 86.51 12.49
N ASP E 69 -67.32 85.70 12.50
CA ASP E 69 -67.17 84.66 11.48
C ASP E 69 -68.32 83.66 11.54
N ALA E 70 -68.68 83.22 12.75
CA ALA E 70 -69.75 82.25 12.90
C ALA E 70 -71.09 82.84 12.46
N ALA E 71 -71.36 84.09 12.86
CA ALA E 71 -72.63 84.71 12.49
C ALA E 71 -72.77 84.86 10.98
N LEU E 72 -71.69 85.28 10.31
CA LEU E 72 -71.72 85.42 8.86
C LEU E 72 -71.34 84.13 8.13
N SER E 73 -71.07 83.05 8.86
CA SER E 73 -70.73 81.76 8.26
C SER E 73 -69.47 81.85 7.41
N LEU E 74 -68.60 82.81 7.70
CA LEU E 74 -67.33 82.94 7.00
C LEU E 74 -66.37 81.86 7.48
N HIS E 75 -65.99 80.95 6.59
CA HIS E 75 -65.05 79.88 6.92
C HIS E 75 -63.70 80.26 6.29
N ARG E 76 -62.94 81.08 7.01
CA ARG E 76 -61.66 81.57 6.53
C ARG E 76 -60.64 80.44 6.49
N GLU E 77 -59.68 80.58 5.58
CA GLU E 77 -58.54 79.67 5.49
C GLU E 77 -57.25 80.48 5.56
N ILE E 78 -56.29 79.96 6.33
CA ILE E 78 -55.00 80.61 6.50
C ILE E 78 -53.94 79.62 6.01
N LEU E 79 -53.21 80.01 4.97
CA LEU E 79 -52.24 79.13 4.34
C LEU E 79 -50.86 79.80 4.32
N CYS E 80 -49.84 79.02 4.63
CA CYS E 80 -48.45 79.44 4.53
C CYS E 80 -47.79 78.64 3.42
N TYR E 81 -47.03 79.35 2.56
CA TYR E 81 -46.38 78.68 1.44
C TYR E 81 -45.47 77.56 1.91
N SER E 82 -44.86 77.70 3.09
CA SER E 82 -43.87 76.73 3.53
C SER E 82 -44.51 75.38 3.90
N LYS E 83 -45.74 75.39 4.40
CA LYS E 83 -46.39 74.17 4.87
C LYS E 83 -47.65 73.82 4.12
N ASP E 84 -48.50 74.79 3.81
CA ASP E 84 -49.77 74.51 3.11
C ASP E 84 -49.58 74.66 1.59
N ALA E 85 -48.64 73.91 1.04
CA ALA E 85 -48.42 73.95 -0.40
C ALA E 85 -49.53 73.23 -1.16
N LYS E 86 -50.02 72.12 -0.61
CA LYS E 86 -51.04 71.33 -1.30
C LYS E 86 -52.33 72.13 -1.47
N GLU E 87 -52.73 72.87 -0.44
CA GLU E 87 -53.97 73.65 -0.54
C GLU E 87 -53.79 74.84 -1.48
N ILE E 88 -52.59 75.41 -1.51
CA ILE E 88 -52.33 76.54 -2.40
C ILE E 88 -52.31 76.09 -3.85
N TYR E 89 -51.74 74.92 -4.13
CA TYR E 89 -51.56 74.43 -5.49
C TYR E 89 -52.69 73.53 -5.97
N TYR E 90 -53.62 73.20 -5.08
CA TYR E 90 -54.71 72.28 -5.42
C TYR E 90 -54.12 71.01 -5.93
N THR E 91 -53.25 70.40 -5.14
CA THR E 91 -52.69 69.12 -5.51
C THR E 91 -52.95 68.19 -4.36
N PRO E 92 -54.19 67.71 -4.25
CA PRO E 92 -54.57 66.88 -3.11
C PRO E 92 -53.90 65.50 -3.14
N ASP E 93 -53.64 64.88 -1.98
CA ASP E 93 -52.93 63.61 -1.95
C ASP E 93 -53.77 62.53 -2.63
N PRO E 94 -53.12 61.48 -3.19
CA PRO E 94 -53.84 60.41 -3.86
C PRO E 94 -54.31 59.32 -2.90
N GLU E 329 -21.73 9.20 2.19
CA GLU E 329 -20.69 10.16 1.81
C GLU E 329 -19.51 10.11 2.76
N GLU E 330 -19.77 9.71 4.00
CA GLU E 330 -18.71 9.64 5.01
C GLU E 330 -17.70 8.54 4.69
N ILE E 331 -18.16 7.44 4.09
CA ILE E 331 -17.24 6.36 3.74
C ILE E 331 -16.22 6.85 2.72
N THR E 332 -16.70 7.60 1.71
CA THR E 332 -15.78 8.16 0.73
C THR E 332 -14.79 9.12 1.39
N LYS E 333 -15.26 9.92 2.34
CA LYS E 333 -14.37 10.83 3.06
C LYS E 333 -13.28 10.06 3.80
N ASP E 334 -13.67 8.98 4.48
CA ASP E 334 -12.69 8.18 5.23
C ASP E 334 -11.66 7.58 4.28
N HIS E 335 -12.12 7.01 3.17
CA HIS E 335 -11.19 6.38 2.24
C HIS E 335 -10.27 7.41 1.60
N LYS E 336 -10.80 8.59 1.28
CA LYS E 336 -9.96 9.65 0.72
C LYS E 336 -8.92 10.13 1.72
N VAL E 337 -9.29 10.25 2.99
CA VAL E 337 -8.33 10.67 3.99
C VAL E 337 -7.22 9.64 4.13
N LEU E 338 -7.61 8.35 4.16
CA LEU E 338 -6.60 7.30 4.27
C LEU E 338 -5.67 7.32 3.06
N ALA E 339 -6.23 7.46 1.86
CA ALA E 339 -5.41 7.47 0.65
C ALA E 339 -4.48 8.67 0.63
N ARG E 340 -4.97 9.83 1.07
CA ARG E 340 -4.14 11.02 1.11
C ARG E 340 -2.99 10.85 2.09
N GLN E 341 -3.25 10.23 3.25
CA GLN E 341 -2.17 10.00 4.20
C GLN E 341 -1.16 9.00 3.65
N GLN E 342 -1.61 7.98 2.95
CA GLN E 342 -0.67 7.04 2.33
C GLN E 342 0.20 7.76 1.29
N LEU E 343 -0.41 8.62 0.48
CA LEU E 343 0.35 9.37 -0.51
C LEU E 343 1.35 10.31 0.16
N GLN E 344 0.96 10.93 1.27
CA GLN E 344 1.87 11.78 2.02
C GLN E 344 3.06 10.97 2.54
N VAL E 345 2.80 9.77 3.07
CA VAL E 345 3.89 8.92 3.53
C VAL E 345 4.83 8.59 2.38
N LEU E 346 4.27 8.25 1.22
CA LEU E 346 5.10 7.90 0.07
C LEU E 346 5.93 9.10 -0.38
N ALA E 347 5.34 10.30 -0.38
CA ALA E 347 6.08 11.50 -0.77
C ALA E 347 7.21 11.78 0.21
N ARG E 348 6.95 11.61 1.51
CA ARG E 348 8.00 11.81 2.51
C ARG E 348 9.13 10.81 2.32
N TYR E 349 8.80 9.55 2.00
CA TYR E 349 9.84 8.57 1.72
C TYR E 349 10.62 8.92 0.46
N LEU E 350 9.95 9.48 -0.55
CA LEU E 350 10.61 9.84 -1.80
C LEU E 350 11.33 11.18 -1.72
N LYS E 351 11.26 11.88 -0.59
CA LYS E 351 11.93 13.17 -0.42
C LYS E 351 11.52 14.14 -1.52
N MET E 352 10.23 14.22 -1.78
CA MET E 352 9.68 15.10 -2.80
C MET E 352 8.75 16.11 -2.14
N ASP E 353 9.01 17.39 -2.40
CA ASP E 353 8.19 18.47 -1.87
C ASP E 353 7.02 18.71 -2.81
N LEU E 354 5.80 18.53 -2.31
CA LEU E 354 4.60 18.68 -3.12
C LEU E 354 4.18 20.13 -3.29
N ASP E 355 4.70 21.05 -2.48
CA ASP E 355 4.31 22.45 -2.54
C ASP E 355 5.41 23.36 -3.10
N ASN E 356 6.47 22.78 -3.66
CA ASN E 356 7.55 23.59 -4.22
C ASN E 356 7.04 24.47 -5.37
N GLY E 357 6.21 23.90 -6.24
CA GLY E 357 5.71 24.64 -7.38
C GLY E 357 4.84 25.81 -6.97
N GLU E 358 3.95 25.59 -6.00
CA GLU E 358 3.08 26.68 -5.54
C GLU E 358 3.90 27.77 -4.86
N ARG E 359 4.91 27.38 -4.09
CA ARG E 359 5.79 28.36 -3.45
C ARG E 359 6.44 29.26 -4.50
N LYS E 360 7.04 28.63 -5.52
CA LYS E 360 7.68 29.40 -6.58
C LYS E 360 6.66 30.26 -7.33
N PHE E 361 5.46 29.74 -7.54
CA PHE E 361 4.43 30.49 -8.24
C PHE E 361 4.05 31.75 -7.48
N LEU E 362 3.99 31.66 -6.17
CA LEU E 362 3.58 32.77 -5.36
C LEU E 362 4.68 33.81 -5.32
N LYS E 363 5.93 33.38 -5.31
CA LYS E 363 7.04 34.34 -5.43
C LYS E 363 6.99 35.05 -6.78
N GLU E 364 6.73 34.31 -7.85
CA GLU E 364 6.68 34.92 -9.17
C GLU E 364 5.52 35.92 -9.28
N LYS E 365 4.38 35.60 -8.72
CA LYS E 365 3.24 36.51 -8.73
C LYS E 365 3.53 37.80 -8.00
N ASP E 366 4.37 37.76 -6.99
CA ASP E 366 4.75 38.96 -6.27
C ASP E 366 5.72 39.76 -7.11
N THR E 367 6.66 39.12 -7.76
CA THR E 367 7.55 39.84 -8.67
C THR E 367 6.74 40.52 -9.78
N VAL E 368 5.71 39.88 -10.30
CA VAL E 368 4.88 40.49 -11.31
C VAL E 368 4.23 41.76 -10.82
N ALA E 369 3.73 41.76 -9.61
CA ALA E 369 3.05 42.93 -9.10
C ALA E 369 4.05 44.02 -8.85
N GLU E 370 5.26 43.67 -8.46
CA GLU E 370 6.24 44.74 -8.33
C GLU E 370 6.53 45.40 -9.67
N LEU E 371 6.80 44.59 -10.70
CA LEU E 371 7.07 45.15 -12.02
C LEU E 371 5.88 45.92 -12.56
N GLN E 372 4.67 45.43 -12.36
CA GLN E 372 3.49 46.14 -12.80
C GLN E 372 3.34 47.48 -12.15
N ALA E 373 3.77 47.59 -10.91
CA ALA E 373 3.65 48.82 -10.19
C ALA E 373 4.63 49.81 -10.71
N GLN E 374 5.82 49.34 -11.05
CA GLN E 374 6.76 50.26 -11.68
C GLN E 374 6.22 50.77 -13.02
N LEU E 375 5.68 49.87 -13.84
CA LEU E 375 5.13 50.28 -15.13
C LEU E 375 3.96 51.23 -14.95
N ASP E 376 3.12 51.01 -13.97
CA ASP E 376 1.99 51.87 -13.73
C ASP E 376 2.43 53.24 -13.26
N TYR E 377 3.47 53.33 -12.46
CA TYR E 377 3.98 54.65 -12.08
C TYR E 377 4.53 55.40 -13.29
N LEU E 378 5.29 54.70 -14.15
CA LEU E 378 5.81 55.38 -15.32
C LEU E 378 4.71 55.82 -16.26
N ASN E 379 3.58 55.13 -16.34
CA ASN E 379 2.52 55.52 -17.24
C ASN E 379 1.74 56.65 -16.64
N ALA E 380 1.63 56.69 -15.33
CA ALA E 380 0.98 57.83 -14.70
C ALA E 380 1.86 59.07 -14.74
N GLU E 381 3.17 58.91 -14.89
CA GLU E 381 4.08 60.04 -15.01
C GLU E 381 4.17 60.57 -16.43
N LEU E 382 4.29 59.68 -17.42
CA LEU E 382 4.47 60.08 -18.80
C LEU E 382 3.17 60.19 -19.57
N GLY E 383 2.17 59.39 -19.22
CA GLY E 383 0.92 59.38 -19.95
C GLY E 383 0.92 58.34 -21.06
N GLU E 384 -0.25 57.94 -21.50
CA GLU E 384 -0.29 56.88 -22.46
C GLU E 384 0.13 57.31 -23.85
N PHE E 385 -0.20 58.52 -24.24
CA PHE E 385 0.22 59.01 -25.55
C PHE E 385 1.75 59.00 -25.71
N PHE E 386 2.48 59.49 -24.73
CA PHE E 386 3.93 59.50 -24.80
C PHE E 386 4.50 58.08 -24.78
N VAL E 387 4.07 57.25 -23.84
CA VAL E 387 4.59 55.89 -23.68
C VAL E 387 4.33 55.00 -24.88
N ASN E 388 3.19 55.16 -25.53
CA ASN E 388 2.95 54.43 -26.74
C ASN E 388 3.65 55.08 -27.91
N GLY E 389 3.93 56.38 -27.83
CA GLY E 389 4.53 57.08 -28.92
C GLY E 389 5.99 56.86 -29.09
N VAL E 390 6.68 56.50 -28.03
CA VAL E 390 8.12 56.29 -28.09
C VAL E 390 8.43 54.90 -28.66
N ALA E 391 7.41 54.19 -29.12
CA ALA E 391 7.62 52.86 -29.69
C ALA E 391 8.49 52.93 -30.94
N THR E 392 9.38 51.96 -31.07
CA THR E 392 10.32 51.92 -32.19
C THR E 392 9.61 51.46 -33.47
N SER E 393 10.09 52.00 -34.59
CA SER E 393 9.54 51.71 -35.90
C SER E 393 10.62 51.46 -36.96
N PHE E 394 11.84 51.87 -36.73
CA PHE E 394 12.87 51.73 -37.72
C PHE E 394 13.58 50.40 -37.75
N SER E 395 13.86 49.88 -38.92
CA SER E 395 14.70 48.71 -39.07
C SER E 395 15.38 48.78 -40.44
N ARG E 396 16.57 48.25 -40.54
CA ARG E 396 17.31 48.29 -41.77
C ARG E 396 16.76 47.39 -42.87
N LYS E 397 16.07 46.32 -42.51
CA LYS E 397 15.57 45.39 -43.50
C LYS E 397 14.34 45.91 -44.20
N LYS E 398 13.71 46.91 -43.64
CA LYS E 398 12.52 47.47 -44.22
C LYS E 398 12.84 48.64 -45.16
N ALA E 399 14.09 49.07 -45.24
CA ALA E 399 14.50 50.10 -46.19
C ALA E 399 14.25 49.76 -47.63
N ARG E 400 13.70 50.69 -48.40
CA ARG E 400 13.40 50.47 -49.80
C ARG E 400 14.17 51.41 -50.73
N THR E 401 14.94 50.87 -51.65
CA THR E 401 15.73 51.67 -52.57
C THR E 401 15.12 51.85 -53.97
N PHE E 402 15.19 53.05 -54.50
CA PHE E 402 14.69 53.35 -55.82
C PHE E 402 15.81 54.05 -56.56
N ASP E 403 16.40 53.39 -57.56
CA ASP E 403 17.45 54.02 -58.35
C ASP E 403 17.45 53.64 -59.82
N SER E 404 16.41 52.99 -60.34
CA SER E 404 16.41 52.52 -61.72
C SER E 404 15.73 53.54 -62.65
N SER E 405 16.27 54.76 -62.65
CA SER E 405 15.81 55.84 -63.52
C SER E 405 16.06 55.59 -65.00
N TRP E 406 17.00 54.73 -65.33
CA TRP E 406 17.30 54.37 -66.70
C TRP E 406 16.15 53.64 -67.36
N ASN E 407 15.33 52.95 -66.59
CA ASN E 407 14.15 52.30 -67.09
C ASN E 407 12.94 53.24 -67.09
N TRP E 408 12.78 54.08 -66.06
CA TRP E 408 11.64 54.96 -65.91
C TRP E 408 11.65 56.06 -66.92
N ALA E 409 12.83 56.43 -67.40
CA ALA E 409 12.91 57.45 -68.44
C ALA E 409 12.20 56.99 -69.71
N LYS E 410 12.49 55.78 -70.15
CA LYS E 410 11.85 55.25 -71.35
C LYS E 410 10.38 55.01 -71.11
N GLN E 411 9.96 54.62 -69.90
CA GLN E 411 8.54 54.52 -69.62
C GLN E 411 7.87 55.88 -69.73
N SER E 412 8.46 56.89 -69.13
CA SER E 412 7.89 58.22 -69.13
C SER E 412 7.79 58.77 -70.55
N LEU E 413 8.73 58.40 -71.40
CA LEU E 413 8.70 58.84 -72.78
C LEU E 413 7.59 58.16 -73.55
N LEU E 414 7.45 56.84 -73.40
CA LEU E 414 6.37 56.14 -74.10
C LEU E 414 5.02 56.63 -73.64
N SER E 415 4.86 56.86 -72.34
CA SER E 415 3.59 57.35 -71.83
C SER E 415 3.24 58.71 -72.44
N LEU E 416 4.20 59.63 -72.46
CA LEU E 416 3.96 60.95 -73.05
C LEU E 416 3.67 60.84 -74.54
N TYR E 417 4.41 60.01 -75.25
CA TYR E 417 4.19 59.81 -76.66
C TYR E 417 2.78 59.32 -76.99
N PHE E 418 2.27 58.34 -76.25
CA PHE E 418 0.93 57.85 -76.52
C PHE E 418 -0.14 58.80 -75.98
N GLU E 419 0.13 59.57 -74.94
CA GLU E 419 -0.83 60.57 -74.47
C GLU E 419 -0.99 61.65 -75.49
N ILE E 420 0.10 62.06 -76.14
CA ILE E 420 -0.03 63.02 -77.23
C ILE E 420 -0.80 62.40 -78.39
N ILE E 421 -0.48 61.19 -78.80
CA ILE E 421 -1.15 60.58 -79.93
C ILE E 421 -2.65 60.34 -79.70
N HIS E 422 -3.07 60.14 -78.46
CA HIS E 422 -4.48 59.96 -78.16
C HIS E 422 -5.20 61.27 -77.82
N GLY E 423 -4.47 62.38 -77.81
CA GLY E 423 -5.10 63.65 -77.53
C GLY E 423 -5.28 63.97 -76.05
N VAL E 424 -4.78 63.15 -75.17
CA VAL E 424 -4.89 63.39 -73.74
C VAL E 424 -4.02 64.59 -73.36
N LEU E 425 -2.92 64.80 -74.07
CA LEU E 425 -2.05 65.94 -73.85
C LEU E 425 -2.00 66.71 -75.14
N LYS E 426 -2.06 68.04 -75.04
CA LYS E 426 -2.03 68.92 -76.21
C LYS E 426 -0.92 69.96 -76.07
N ASN E 427 -0.71 70.80 -77.09
CA ASN E 427 0.39 71.76 -77.09
C ASN E 427 0.22 72.88 -76.08
N VAL E 428 -0.97 73.11 -75.58
CA VAL E 428 -1.16 74.24 -74.69
C VAL E 428 -0.97 73.85 -73.23
N ASP E 429 -0.47 72.64 -72.97
CA ASP E 429 -0.34 72.17 -71.59
C ASP E 429 1.04 72.27 -71.01
N ARG E 430 1.12 72.67 -69.75
CA ARG E 430 2.42 72.70 -69.09
C ARG E 430 2.92 71.31 -68.74
N GLU E 431 2.03 70.30 -68.76
CA GLU E 431 2.47 68.93 -68.49
C GLU E 431 3.51 68.49 -69.49
N VAL E 432 3.36 68.91 -70.76
CA VAL E 432 4.36 68.57 -71.77
C VAL E 432 5.72 69.13 -71.38
N VAL E 433 5.76 70.38 -70.94
CA VAL E 433 7.02 71.01 -70.57
C VAL E 433 7.64 70.29 -69.36
N SER E 434 6.83 70.00 -68.35
CA SER E 434 7.36 69.35 -67.15
C SER E 434 7.89 67.95 -67.47
N GLU E 435 7.17 67.20 -68.29
CA GLU E 435 7.63 65.86 -68.63
C GLU E 435 8.85 65.91 -69.54
N ALA E 436 8.94 66.93 -70.40
CA ALA E 436 10.16 67.11 -71.18
C ALA E 436 11.35 67.38 -70.27
N ILE E 437 11.14 68.19 -69.22
CA ILE E 437 12.22 68.45 -68.27
C ILE E 437 12.64 67.16 -67.58
N ASN E 438 11.65 66.37 -67.13
CA ASN E 438 11.97 65.13 -66.42
C ASN E 438 12.68 64.14 -67.32
N ILE E 439 12.29 64.07 -68.59
CA ILE E 439 12.97 63.20 -69.54
C ILE E 439 14.40 63.69 -69.79
N MET E 440 14.58 65.00 -69.96
CA MET E 440 15.92 65.54 -70.17
C MET E 440 16.83 65.27 -68.98
N ASN E 441 16.27 65.28 -67.76
CA ASN E 441 17.07 65.02 -66.58
C ASN E 441 17.59 63.59 -66.51
N ARG E 442 17.15 62.71 -67.40
CA ARG E 442 17.56 61.32 -67.40
C ARG E 442 18.05 60.96 -68.77
N SER E 443 18.71 61.87 -69.44
CA SER E 443 19.14 61.66 -70.82
C SER E 443 20.46 60.89 -70.89
N ASN E 444 20.49 59.88 -71.75
CA ASN E 444 21.70 59.13 -72.05
C ASN E 444 21.57 58.60 -73.48
N ASP E 445 22.54 57.79 -73.88
CA ASP E 445 22.60 57.32 -75.27
C ASP E 445 21.45 56.37 -75.58
N ALA E 446 21.16 55.42 -74.72
CA ALA E 446 20.10 54.47 -75.01
C ALA E 446 18.75 55.16 -75.05
N LEU E 447 18.51 56.14 -74.17
CA LEU E 447 17.27 56.89 -74.25
C LEU E 447 17.16 57.64 -75.56
N ILE E 448 18.27 58.18 -76.05
CA ILE E 448 18.24 58.93 -77.31
C ILE E 448 17.94 58.00 -78.47
N LYS E 449 18.49 56.81 -78.51
CA LYS E 449 18.15 55.84 -79.57
C LYS E 449 16.73 55.35 -79.47
N PHE E 450 16.21 55.24 -78.26
CA PHE E 450 14.84 54.87 -78.04
C PHE E 450 13.94 55.95 -78.62
N MET E 451 14.21 57.23 -78.31
CA MET E 451 13.44 58.34 -78.87
C MET E 451 13.55 58.39 -80.38
N GLU E 452 14.74 58.25 -80.91
CA GLU E 452 14.91 58.39 -82.32
C GLU E 452 14.15 57.34 -83.09
N TYR E 453 14.10 56.12 -82.58
CA TYR E 453 13.34 55.10 -83.25
C TYR E 453 11.89 55.43 -83.23
N HIS E 454 11.36 55.67 -82.04
CA HIS E 454 9.93 55.84 -81.96
C HIS E 454 9.45 57.09 -82.70
N ILE E 455 10.26 58.15 -82.75
CA ILE E 455 9.83 59.33 -83.47
C ILE E 455 10.00 59.15 -84.97
N SER E 456 11.12 58.64 -85.42
CA SER E 456 11.35 58.44 -86.84
C SER E 456 10.43 57.46 -87.51
N ASN E 457 9.75 56.63 -86.74
CA ASN E 457 8.89 55.63 -87.31
C ASN E 457 7.47 56.07 -87.16
N THR E 458 7.29 57.32 -86.79
CA THR E 458 5.96 57.87 -86.66
C THR E 458 5.51 58.32 -88.03
N ASP E 459 4.32 57.92 -88.41
CA ASP E 459 3.74 58.30 -89.71
C ASP E 459 2.87 59.53 -89.46
N GLU E 460 3.41 60.71 -89.74
CA GLU E 460 2.70 61.95 -89.49
C GLU E 460 1.47 62.12 -90.38
N THR E 461 1.32 61.30 -91.42
CA THR E 461 0.17 61.39 -92.31
C THR E 461 -1.04 60.62 -91.77
N LYS E 462 -0.95 60.10 -90.55
CA LYS E 462 -2.08 59.44 -89.92
C LYS E 462 -2.98 60.37 -89.13
N GLY E 463 -2.52 61.59 -88.83
CA GLY E 463 -3.38 62.53 -88.14
C GLY E 463 -2.61 63.71 -87.61
N GLU E 464 -3.36 64.73 -87.21
CA GLU E 464 -2.77 65.93 -86.62
C GLU E 464 -2.02 65.58 -85.34
N ASN E 465 -2.55 64.67 -84.54
CA ASN E 465 -1.86 64.25 -83.34
C ASN E 465 -0.54 63.56 -83.67
N TYR E 466 -0.50 62.79 -84.74
CA TYR E 466 0.73 62.14 -85.15
C TYR E 466 1.76 63.14 -85.60
N GLN E 467 1.36 64.15 -86.38
CA GLN E 467 2.28 65.21 -86.75
C GLN E 467 2.77 65.97 -85.52
N LEU E 468 1.87 66.22 -84.58
CA LEU E 468 2.23 66.91 -83.34
C LEU E 468 3.29 66.13 -82.57
N VAL E 469 3.09 64.81 -82.46
CA VAL E 469 4.03 64.00 -81.71
C VAL E 469 5.38 63.95 -82.43
N LYS E 470 5.37 63.90 -83.76
CA LYS E 470 6.63 63.91 -84.50
C LYS E 470 7.40 65.19 -84.23
N THR E 471 6.73 66.34 -84.31
CA THR E 471 7.41 67.61 -84.09
C THR E 471 7.96 67.70 -82.67
N LEU E 472 7.10 67.41 -81.69
CA LEU E 472 7.51 67.49 -80.29
C LEU E 472 8.67 66.54 -80.01
N GLY E 473 8.60 65.33 -80.57
CA GLY E 473 9.63 64.34 -80.31
C GLY E 473 10.97 64.73 -80.93
N GLU E 474 10.95 65.29 -82.13
CA GLU E 474 12.21 65.74 -82.72
C GLU E 474 12.83 66.86 -81.90
N GLN E 475 12.01 67.81 -81.45
CA GLN E 475 12.55 68.85 -80.59
C GLN E 475 13.13 68.27 -79.30
N LEU E 476 12.42 67.31 -78.70
CA LEU E 476 12.89 66.70 -77.46
C LEU E 476 14.18 65.93 -77.68
N ILE E 477 14.30 65.26 -78.83
CA ILE E 477 15.53 64.55 -79.16
C ILE E 477 16.69 65.53 -79.22
N GLU E 478 16.48 66.67 -79.88
CA GLU E 478 17.53 67.70 -79.93
C GLU E 478 17.91 68.15 -78.52
N ASN E 479 16.91 68.40 -77.68
CA ASN E 479 17.20 68.88 -76.32
C ASN E 479 17.99 67.86 -75.52
N CYS E 480 17.60 66.58 -75.61
CA CYS E 480 18.29 65.55 -74.82
C CYS E 480 19.68 65.27 -75.38
N LYS E 481 19.91 65.50 -76.66
CA LYS E 481 21.29 65.49 -77.15
C LYS E 481 22.08 66.65 -76.59
N GLN E 482 21.46 67.83 -76.49
CA GLN E 482 22.16 68.99 -75.96
C GLN E 482 22.56 68.80 -74.51
N VAL E 483 21.69 68.22 -73.68
CA VAL E 483 21.99 68.05 -72.26
C VAL E 483 22.54 66.66 -71.95
N LEU E 484 23.08 65.97 -72.95
CA LEU E 484 23.54 64.59 -72.74
C LEU E 484 24.58 64.51 -71.63
N ASP E 485 25.41 65.54 -71.46
CA ASP E 485 26.45 65.54 -70.44
C ASP E 485 26.28 66.63 -69.39
N VAL E 486 25.12 67.28 -69.35
CA VAL E 486 24.86 68.35 -68.38
C VAL E 486 24.22 67.75 -67.14
N ASP E 487 24.48 68.32 -65.99
CA ASP E 487 23.89 67.87 -64.75
C ASP E 487 22.40 68.13 -64.71
N PRO E 488 21.62 67.21 -64.12
CA PRO E 488 20.17 67.41 -64.02
C PRO E 488 19.85 68.62 -63.15
N VAL E 489 18.71 69.24 -63.45
CA VAL E 489 18.31 70.44 -62.77
C VAL E 489 16.91 70.38 -62.24
N TYR E 490 16.68 71.02 -61.12
CA TYR E 490 15.34 71.15 -60.60
C TYR E 490 14.75 72.41 -61.23
N LYS E 491 13.70 72.24 -62.00
CA LYS E 491 13.04 73.34 -62.71
C LYS E 491 11.54 73.13 -62.63
N ASP E 492 10.84 74.04 -61.95
CA ASP E 492 9.39 73.95 -61.78
C ASP E 492 8.72 74.92 -62.74
N VAL E 493 7.87 74.39 -63.61
CA VAL E 493 7.19 75.18 -64.63
C VAL E 493 5.67 75.20 -64.39
N ALA E 494 5.24 74.91 -63.17
CA ALA E 494 3.81 74.89 -62.88
C ALA E 494 3.25 76.30 -62.80
N LYS E 495 2.00 76.44 -63.20
CA LYS E 495 1.32 77.74 -63.14
C LYS E 495 1.13 78.14 -61.67
N PRO E 496 1.67 79.31 -61.30
CA PRO E 496 1.43 79.79 -59.94
C PRO E 496 -0.04 80.09 -59.66
N THR E 497 -0.59 79.58 -58.57
CA THR E 497 -2.00 79.79 -58.22
C THR E 497 -2.21 80.53 -56.93
N GLY E 498 -3.35 81.20 -56.78
CA GLY E 498 -3.65 81.96 -55.59
C GLY E 498 -4.92 81.48 -54.91
N PRO E 499 -5.16 81.95 -53.69
CA PRO E 499 -6.35 81.52 -52.95
C PRO E 499 -7.60 82.27 -53.40
N LYS E 500 -8.72 81.55 -53.45
CA LYS E 500 -9.99 82.12 -53.86
C LYS E 500 -11.11 81.40 -53.11
N THR E 501 -11.84 82.14 -52.28
CA THR E 501 -12.96 81.60 -51.52
C THR E 501 -14.24 82.27 -51.99
N ALA E 502 -15.24 81.46 -52.31
CA ALA E 502 -16.51 81.93 -52.84
C ALA E 502 -17.67 81.40 -52.00
N ILE E 503 -18.70 82.22 -51.84
CA ILE E 503 -19.91 81.84 -51.12
C ILE E 503 -21.07 81.86 -52.10
N ASP E 504 -21.76 80.74 -52.22
CA ASP E 504 -22.89 80.62 -53.14
C ASP E 504 -24.09 81.39 -52.60
N LYS E 505 -25.19 81.35 -53.35
CA LYS E 505 -26.42 82.02 -52.91
C LYS E 505 -27.03 81.33 -51.69
N ASN E 506 -26.90 80.01 -51.59
CA ASN E 506 -27.40 79.25 -50.45
C ASN E 506 -26.42 79.26 -49.27
N GLY E 507 -25.32 80.00 -49.36
CA GLY E 507 -24.35 80.03 -48.29
C GLY E 507 -23.34 78.91 -48.32
N ASN E 508 -23.11 78.32 -49.50
CA ASN E 508 -22.11 77.27 -49.65
C ASN E 508 -20.74 77.91 -49.82
N ILE E 509 -19.78 77.47 -49.01
CA ILE E 509 -18.40 77.98 -49.06
C ILE E 509 -17.58 77.02 -49.89
N THR E 510 -16.94 77.55 -50.94
CA THR E 510 -16.05 76.76 -51.79
C THR E 510 -14.71 77.47 -51.91
N TYR E 511 -13.63 76.73 -51.71
CA TYR E 511 -12.27 77.23 -51.84
C TYR E 511 -11.59 76.53 -53.02
N SER E 512 -10.92 77.32 -53.85
CA SER E 512 -10.20 76.78 -55.00
C SER E 512 -8.91 77.58 -55.18
N GLU E 513 -7.95 76.94 -55.86
CA GLU E 513 -6.70 77.61 -56.19
C GLU E 513 -6.82 78.05 -57.62
N GLU E 514 -6.89 79.34 -57.86
CA GLU E 514 -7.07 79.88 -59.19
C GLU E 514 -5.76 80.48 -59.69
N PRO E 515 -5.49 80.42 -61.00
CA PRO E 515 -4.25 81.01 -61.52
C PRO E 515 -4.14 82.48 -61.16
N ARG E 516 -2.97 82.88 -60.68
CA ARG E 516 -2.75 84.28 -60.34
C ARG E 516 -2.73 85.13 -61.61
N GLU E 517 -3.19 86.37 -61.47
CA GLU E 517 -3.33 87.25 -62.63
C GLU E 517 -1.97 87.76 -63.09
N LYS E 518 -1.24 88.44 -62.20
CA LYS E 518 0.01 89.11 -62.58
C LYS E 518 1.22 88.19 -62.54
N VAL E 519 1.07 86.93 -62.14
CA VAL E 519 2.19 85.99 -62.04
C VAL E 519 1.79 84.71 -62.75
N ARG E 520 2.55 84.35 -63.80
CA ARG E 520 2.29 83.13 -64.56
C ARG E 520 3.51 82.23 -64.63
N LYS E 521 4.64 82.66 -64.06
CA LYS E 521 5.88 81.89 -64.08
C LYS E 521 6.58 82.10 -62.75
N LEU E 522 7.52 81.21 -62.44
CA LEU E 522 8.27 81.37 -61.19
C LEU E 522 9.19 82.59 -61.25
N SER E 523 9.67 82.96 -62.44
CA SER E 523 10.48 84.16 -62.54
C SER E 523 9.68 85.41 -62.17
N GLN E 524 8.43 85.48 -62.65
CA GLN E 524 7.55 86.57 -62.23
C GLN E 524 7.26 86.48 -60.73
N TYR E 525 7.20 85.26 -60.20
CA TYR E 525 7.01 85.09 -58.76
C TYR E 525 8.18 85.69 -57.98
N VAL E 526 9.40 85.44 -58.44
CA VAL E 526 10.57 86.02 -57.79
C VAL E 526 10.57 87.54 -57.94
N GLN E 527 10.15 88.05 -59.07
CA GLN E 527 10.04 89.48 -59.25
C GLN E 527 9.07 90.07 -58.25
N GLU E 528 7.90 89.48 -58.13
CA GLU E 528 6.93 89.93 -57.17
C GLU E 528 7.44 89.89 -55.73
N MET E 529 8.19 88.86 -55.36
CA MET E 529 8.75 88.79 -54.01
C MET E 529 9.78 89.89 -53.80
N ALA E 530 10.64 90.13 -54.79
CA ALA E 530 11.65 91.16 -54.68
C ALA E 530 11.02 92.54 -54.54
N LEU E 531 9.99 92.86 -55.30
CA LEU E 531 9.39 94.17 -55.21
C LEU E 531 8.95 94.40 -53.79
N GLY E 532 8.07 93.56 -53.31
CA GLY E 532 7.57 93.67 -51.96
C GLY E 532 6.20 94.29 -52.02
N GLY E 533 5.87 95.11 -51.05
CA GLY E 533 4.59 95.77 -51.04
C GLY E 533 4.58 97.02 -50.18
N PRO E 534 3.51 97.81 -50.28
CA PRO E 534 3.41 99.01 -49.44
C PRO E 534 3.49 98.71 -47.95
N ILE E 535 3.01 97.56 -47.51
CA ILE E 535 3.02 97.19 -46.09
C ILE E 535 4.43 96.97 -45.57
N THR E 536 5.31 96.50 -46.43
CA THR E 536 6.68 96.19 -46.02
C THR E 536 7.64 97.37 -46.10
N LYS E 537 7.14 98.52 -46.54
CA LYS E 537 7.98 99.70 -46.66
C LYS E 537 8.32 100.22 -45.29
N GLU E 538 9.61 100.28 -44.99
CA GLU E 538 10.06 100.68 -43.67
C GLU E 538 10.19 102.18 -43.51
N ASP E 603 7.66 83.97 -73.62
CA ASP E 603 7.53 82.50 -73.43
C ASP E 603 6.28 81.99 -74.16
N ALA E 604 6.29 80.71 -74.54
CA ALA E 604 5.22 80.01 -75.27
C ALA E 604 4.35 79.16 -74.33
N LEU E 605 4.51 79.25 -73.00
CA LEU E 605 3.69 78.51 -71.99
C LEU E 605 2.21 78.80 -72.23
N ASP E 606 1.38 77.76 -72.21
CA ASP E 606 -0.11 77.80 -72.36
C ASP E 606 -0.53 78.08 -73.81
N LYS E 607 0.41 78.22 -74.76
CA LYS E 607 0.09 78.46 -76.20
C LYS E 607 0.83 77.47 -77.12
N ASP E 608 2.12 77.22 -76.93
CA ASP E 608 2.93 76.29 -77.77
C ASP E 608 3.98 75.57 -76.89
N SER E 609 3.61 74.43 -76.34
CA SER E 609 4.48 73.61 -75.46
C SER E 609 5.75 73.19 -76.24
N THR E 610 5.61 72.89 -77.52
CA THR E 610 6.73 72.52 -78.42
C THR E 610 7.78 73.64 -78.47
N LYS E 611 7.34 74.89 -78.58
CA LYS E 611 8.24 76.06 -78.53
C LYS E 611 8.86 76.16 -77.14
N GLU E 612 8.08 75.99 -76.08
CA GLU E 612 8.62 76.07 -74.70
C GLU E 612 9.66 74.97 -74.49
N VAL E 613 9.44 73.80 -75.10
CA VAL E 613 10.37 72.65 -74.98
C VAL E 613 11.68 73.02 -75.66
N ALA E 614 11.61 73.62 -76.86
CA ALA E 614 12.81 74.05 -77.63
C ALA E 614 13.68 75.01 -76.82
N SER E 615 13.08 75.78 -75.91
CA SER E 615 13.79 76.79 -75.08
C SER E 615 14.52 76.15 -73.87
N LEU E 616 14.17 74.91 -73.49
CA LEU E 616 14.52 74.36 -72.15
C LEU E 616 16.03 74.21 -71.97
N PRO E 617 16.82 73.80 -72.99
CA PRO E 617 18.26 73.65 -72.78
C PRO E 617 19.01 74.99 -72.69
N ASN E 618 18.43 76.06 -73.25
CA ASN E 618 19.07 77.39 -73.43
C ASN E 618 19.19 78.09 -72.07
N LYS E 619 20.40 78.16 -71.52
CA LYS E 619 20.69 78.92 -70.28
C LYS E 619 20.49 80.40 -70.59
N SER E 620 19.34 80.95 -70.22
CA SER E 620 18.96 82.38 -70.38
C SER E 620 19.93 83.24 -69.54
N SER E 623 19.85 91.66 -68.65
CA SER E 623 21.04 91.22 -67.94
C SER E 623 21.13 91.86 -66.55
N LYS E 624 20.00 92.36 -66.06
CA LYS E 624 19.93 92.97 -64.74
C LYS E 624 19.31 92.00 -63.75
N THR E 625 19.94 91.85 -62.60
CA THR E 625 19.42 90.97 -61.57
C THR E 625 18.08 91.49 -61.07
N VAL E 626 17.43 90.73 -60.20
CA VAL E 626 16.17 91.18 -59.64
C VAL E 626 16.45 91.92 -58.35
N SER E 627 17.63 91.74 -57.76
CA SER E 627 17.95 92.50 -56.57
C SER E 627 18.09 93.99 -56.87
N SER E 628 18.48 94.33 -58.10
CA SER E 628 18.52 95.73 -58.50
C SER E 628 17.13 96.35 -58.45
N THR E 629 16.12 95.60 -58.88
CA THR E 629 14.76 96.08 -58.91
C THR E 629 14.09 96.13 -57.56
N ILE E 630 14.82 95.88 -56.49
CA ILE E 630 14.25 96.02 -55.14
C ILE E 630 14.21 97.51 -54.80
N PRO E 631 13.02 98.04 -54.56
CA PRO E 631 12.92 99.43 -54.14
C PRO E 631 13.67 99.72 -52.87
N ARG E 632 14.23 100.91 -52.73
CA ARG E 632 14.85 101.28 -51.47
C ARG E 632 13.78 101.49 -50.40
N GLU E 633 14.18 101.32 -49.14
CA GLU E 633 13.28 101.47 -48.00
C GLU E 633 12.13 100.48 -48.07
N THR E 634 12.36 99.31 -48.66
CA THR E 634 11.35 98.27 -48.77
C THR E 634 11.96 96.94 -48.36
N ILE E 635 11.20 96.15 -47.60
CA ILE E 635 11.59 94.80 -47.24
C ILE E 635 10.98 93.84 -48.25
N PRO E 636 11.76 93.07 -48.99
CA PRO E 636 11.18 92.07 -49.88
C PRO E 636 10.41 91.01 -49.11
N PHE E 637 9.42 90.38 -49.73
CA PHE E 637 8.63 89.34 -49.06
C PHE E 637 9.55 88.19 -48.64
N LEU E 638 10.52 87.83 -49.46
CA LEU E 638 11.54 86.87 -49.07
C LEU E 638 12.87 87.59 -48.93
N HIS E 639 13.50 87.46 -47.77
CA HIS E 639 14.75 88.15 -47.51
C HIS E 639 15.54 87.38 -46.46
N LEU E 640 16.82 87.71 -46.35
CA LEU E 640 17.68 87.14 -45.33
C LEU E 640 17.94 88.17 -44.28
N ARG E 641 18.41 87.75 -43.12
CA ARG E 641 18.62 88.64 -42.03
C ARG E 641 20.03 88.53 -41.52
N LYS E 642 20.46 89.51 -40.75
CA LYS E 642 21.79 89.51 -40.22
C LYS E 642 21.73 89.93 -38.80
N LYS E 643 22.59 89.35 -37.99
CA LYS E 643 22.58 89.64 -36.59
C LYS E 643 23.44 90.87 -36.31
N THR E 644 22.94 91.73 -35.45
CA THR E 644 23.64 92.95 -35.08
C THR E 644 24.44 92.73 -33.81
N PRO E 645 25.51 93.51 -33.58
CA PRO E 645 26.24 93.39 -32.31
C PRO E 645 25.35 93.30 -31.08
N ALA E 646 24.13 93.82 -31.13
CA ALA E 646 23.20 93.70 -30.01
C ALA E 646 22.46 92.37 -29.99
N GLY E 647 22.61 91.55 -31.03
CA GLY E 647 22.08 90.21 -31.03
C GLY E 647 20.72 90.03 -31.68
N ASP E 648 20.14 91.08 -32.25
CA ASP E 648 18.85 91.00 -32.91
C ASP E 648 19.06 90.90 -34.42
N TRP E 649 18.21 90.12 -35.06
CA TRP E 649 18.33 89.88 -36.49
C TRP E 649 17.52 90.87 -37.27
N LYS E 650 18.14 91.47 -38.26
CA LYS E 650 17.51 92.53 -39.04
C LYS E 650 17.74 92.30 -40.51
N TYR E 651 16.80 92.80 -41.32
CA TYR E 651 16.87 92.64 -42.77
C TYR E 651 18.19 93.17 -43.30
N ASP E 652 18.79 92.40 -44.20
CA ASP E 652 20.07 92.76 -44.82
C ASP E 652 19.89 92.80 -46.33
N ARG E 653 20.20 93.96 -46.92
CA ARG E 653 19.99 94.11 -48.36
C ARG E 653 20.89 93.18 -49.16
N GLN E 654 22.16 93.03 -48.75
CA GLN E 654 23.12 92.29 -49.56
C GLN E 654 22.84 90.79 -49.53
N LEU E 655 22.63 90.24 -48.34
CA LEU E 655 22.30 88.83 -48.22
C LEU E 655 21.00 88.50 -48.93
N SER E 656 20.00 89.34 -48.77
CA SER E 656 18.72 89.15 -49.45
C SER E 656 18.88 89.23 -50.95
N SER E 657 19.76 90.12 -51.44
CA SER E 657 20.05 90.18 -52.86
C SER E 657 20.68 88.89 -53.35
N LEU E 658 21.62 88.35 -52.58
CA LEU E 658 22.20 87.05 -52.90
C LEU E 658 21.11 85.99 -53.05
N PHE E 659 20.23 85.91 -52.05
CA PHE E 659 19.20 84.88 -52.03
C PHE E 659 18.24 85.05 -53.21
N LEU E 660 17.80 86.27 -53.48
CA LEU E 660 16.84 86.51 -54.55
C LEU E 660 17.47 86.31 -55.92
N ASP E 661 18.74 86.68 -56.08
CA ASP E 661 19.43 86.40 -57.33
C ASP E 661 19.55 84.91 -57.57
N GLY E 662 19.85 84.15 -56.53
CA GLY E 662 19.86 82.70 -56.67
C GLY E 662 18.50 82.15 -57.06
N LEU E 663 17.43 82.68 -56.45
CA LEU E 663 16.09 82.22 -56.79
C LEU E 663 15.76 82.52 -58.23
N GLU E 664 16.15 83.71 -58.72
CA GLU E 664 15.92 84.05 -60.12
C GLU E 664 16.69 83.11 -61.04
N LYS E 665 17.95 82.85 -60.76
CA LYS E 665 18.74 81.94 -61.59
C LYS E 665 18.11 80.58 -61.62
N ALA E 666 17.54 80.14 -60.51
CA ALA E 666 16.86 78.86 -60.45
C ALA E 666 15.66 78.86 -61.32
N ALA E 667 14.84 79.88 -61.18
CA ALA E 667 13.61 79.96 -61.97
C ALA E 667 13.91 79.99 -63.46
N PHE E 668 15.04 80.58 -63.86
CA PHE E 668 15.39 80.65 -65.28
C PHE E 668 16.10 79.39 -65.76
N ASN E 669 17.14 78.95 -65.10
CA ASN E 669 17.94 77.86 -65.59
C ASN E 669 17.83 76.53 -64.86
N GLY E 670 17.17 76.50 -63.73
CA GLY E 670 17.14 75.29 -62.94
C GLY E 670 18.38 75.11 -62.11
N VAL E 671 18.25 74.52 -60.95
CA VAL E 671 19.38 74.27 -60.07
C VAL E 671 19.71 72.78 -59.96
N THR E 672 20.98 72.43 -59.89
CA THR E 672 21.36 71.05 -59.74
C THR E 672 21.59 70.68 -58.30
N PHE E 673 21.40 69.42 -57.94
CA PHE E 673 21.68 68.96 -56.59
C PHE E 673 22.47 67.69 -56.64
N LYS E 674 23.20 67.49 -57.71
CA LYS E 674 23.99 66.29 -57.88
C LYS E 674 25.10 66.19 -56.84
N ASP E 675 25.36 65.01 -56.31
CA ASP E 675 26.34 64.85 -55.24
C ASP E 675 25.88 65.43 -53.91
N LYS E 676 24.60 65.72 -53.76
CA LYS E 676 24.09 66.14 -52.48
C LYS E 676 23.42 64.96 -51.82
N TYR E 677 23.74 64.72 -50.58
CA TYR E 677 23.15 63.64 -49.79
C TYR E 677 22.27 64.28 -48.76
N VAL E 678 21.00 64.00 -48.78
CA VAL E 678 20.02 64.69 -47.95
C VAL E 678 19.24 63.67 -47.14
N LEU E 679 19.01 63.99 -45.86
CA LEU E 679 18.05 63.29 -45.03
C LEU E 679 16.89 64.25 -44.77
N ILE E 680 15.67 63.80 -45.06
CA ILE E 680 14.48 64.60 -44.88
C ILE E 680 13.44 63.77 -44.14
N THR E 681 12.87 64.37 -43.11
CA THR E 681 11.81 63.74 -42.36
C THR E 681 10.62 64.65 -42.48
N GLY E 682 9.41 64.14 -42.28
CA GLY E 682 8.21 64.94 -42.43
C GLY E 682 7.79 65.26 -43.84
N ALA E 683 8.16 64.43 -44.80
CA ALA E 683 7.84 64.67 -46.20
C ALA E 683 6.80 63.74 -46.78
N GLY E 684 5.70 63.47 -46.09
CA GLY E 684 4.63 62.67 -46.68
C GLY E 684 3.68 63.40 -47.61
N LYS E 685 2.85 62.66 -48.32
CA LYS E 685 1.96 63.27 -49.30
C LYS E 685 1.15 64.42 -48.76
N GLY E 686 1.11 65.50 -49.52
CA GLY E 686 0.36 66.67 -49.12
C GLY E 686 1.12 67.65 -48.25
N SER E 687 2.41 67.48 -48.11
CA SER E 687 3.20 68.32 -47.24
C SER E 687 4.20 69.17 -47.99
N ILE E 688 4.81 70.11 -47.31
CA ILE E 688 5.84 70.93 -47.89
C ILE E 688 7.05 70.07 -48.21
N GLY E 689 7.42 69.14 -47.33
CA GLY E 689 8.53 68.25 -47.55
C GLY E 689 8.42 67.40 -48.78
N ALA E 690 7.22 67.01 -49.16
CA ALA E 690 7.02 66.23 -50.36
C ALA E 690 7.42 67.00 -51.59
N GLU E 691 7.10 68.29 -51.65
CA GLU E 691 7.48 69.13 -52.77
C GLU E 691 8.98 69.39 -52.72
N VAL E 692 9.57 69.53 -51.55
CA VAL E 692 11.02 69.63 -51.42
C VAL E 692 11.69 68.37 -51.95
N LEU E 693 11.12 67.21 -51.65
CA LEU E 693 11.71 65.95 -52.08
C LEU E 693 11.62 65.79 -53.59
N GLN E 694 10.56 66.21 -54.25
CA GLN E 694 10.48 66.15 -55.71
C GLN E 694 11.52 67.01 -56.38
N GLY E 695 11.74 68.19 -55.85
CA GLY E 695 12.75 69.07 -56.37
C GLY E 695 14.12 68.54 -56.12
N LEU E 696 14.35 67.93 -54.97
CA LEU E 696 15.66 67.32 -54.75
C LEU E 696 15.91 66.18 -55.72
N LEU E 697 14.92 65.31 -55.92
CA LEU E 697 15.08 64.20 -56.85
C LEU E 697 15.28 64.71 -58.27
N GLN E 698 14.59 65.78 -58.65
CA GLN E 698 14.75 66.32 -59.99
C GLN E 698 16.19 66.77 -60.23
N GLY E 699 16.82 67.37 -59.23
CA GLY E 699 18.18 67.84 -59.34
C GLY E 699 19.26 66.79 -59.18
N GLY E 700 18.89 65.54 -58.93
CA GLY E 700 19.86 64.46 -58.88
C GLY E 700 20.40 64.12 -57.52
N ALA E 701 19.73 64.54 -56.45
CA ALA E 701 20.22 64.29 -55.11
C ALA E 701 20.03 62.82 -54.71
N LYS E 702 20.85 62.39 -53.74
CA LYS E 702 20.66 61.12 -53.05
C LYS E 702 19.93 61.42 -51.74
N VAL E 703 18.69 60.95 -51.63
CA VAL E 703 17.82 61.34 -50.54
C VAL E 703 17.36 60.09 -49.80
N VAL E 704 17.41 60.14 -48.48
CA VAL E 704 16.72 59.18 -47.62
C VAL E 704 15.55 59.91 -46.98
N VAL E 705 14.34 59.44 -47.27
CA VAL E 705 13.12 60.04 -46.75
C VAL E 705 12.51 59.06 -45.74
N THR E 706 12.08 59.57 -44.61
CA THR E 706 11.49 58.79 -43.57
C THR E 706 9.97 58.80 -43.67
N THR E 707 9.31 57.86 -43.02
CA THR E 707 7.85 57.81 -43.00
C THR E 707 7.41 57.23 -41.67
N SER E 708 6.39 57.77 -41.07
CA SER E 708 5.83 57.24 -39.82
C SER E 708 4.65 56.32 -40.11
N ARG E 709 4.26 56.23 -41.37
CA ARG E 709 3.18 55.34 -41.77
C ARG E 709 3.63 54.41 -42.88
N PHE E 710 4.71 53.69 -42.67
CA PHE E 710 5.21 52.72 -43.65
C PHE E 710 4.16 51.68 -44.01
N SER E 711 3.81 51.62 -45.30
CA SER E 711 2.77 50.74 -45.79
C SER E 711 2.99 50.53 -47.28
N LYS E 712 2.12 49.77 -47.92
CA LYS E 712 2.28 49.48 -49.34
C LYS E 712 1.78 50.62 -50.12
N GLN E 713 0.88 51.38 -49.53
CA GLN E 713 0.41 52.57 -50.17
C GLN E 713 1.50 53.66 -50.20
N VAL E 714 2.22 53.83 -49.11
CA VAL E 714 3.25 54.84 -49.04
C VAL E 714 4.43 54.46 -49.90
N THR E 715 4.77 53.19 -49.95
CA THR E 715 5.88 52.75 -50.76
C THR E 715 5.52 52.90 -52.22
N ASP E 716 4.27 52.68 -52.59
CA ASP E 716 3.82 52.89 -53.96
C ASP E 716 3.75 54.38 -54.32
N TYR E 717 3.53 55.24 -53.34
CA TYR E 717 3.51 56.66 -53.57
C TYR E 717 4.93 57.12 -53.87
N TYR E 718 5.87 56.63 -53.11
CA TYR E 718 7.25 56.99 -53.31
C TYR E 718 7.84 56.38 -54.55
N GLN E 719 7.41 55.22 -55.01
CA GLN E 719 7.86 54.67 -56.27
C GLN E 719 7.39 55.53 -57.39
N SER E 720 6.15 55.96 -57.33
CA SER E 720 5.58 56.77 -58.38
C SER E 720 6.27 58.10 -58.45
N ILE E 721 6.66 58.68 -57.33
CA ILE E 721 7.39 59.92 -57.33
C ILE E 721 8.77 59.76 -57.92
N TYR E 722 9.50 58.72 -57.54
CA TYR E 722 10.80 58.49 -58.16
C TYR E 722 10.77 58.19 -59.65
N ALA E 723 9.80 57.44 -60.10
CA ALA E 723 9.66 57.11 -61.48
C ALA E 723 9.24 58.31 -62.26
N LYS E 724 8.66 59.34 -61.69
CA LYS E 724 8.36 60.55 -62.42
C LYS E 724 9.48 61.59 -62.36
N TYR E 725 10.08 61.80 -61.20
CA TYR E 725 11.07 62.84 -61.03
C TYR E 725 12.52 62.44 -60.80
N GLY E 726 12.80 61.22 -60.37
CA GLY E 726 14.16 60.82 -60.12
C GLY E 726 15.09 60.98 -61.30
N ALA E 727 15.95 61.98 -61.25
CA ALA E 727 16.89 62.25 -62.33
C ALA E 727 18.02 61.23 -62.32
N LYS E 728 18.78 61.22 -63.40
CA LYS E 728 19.95 60.33 -63.49
C LYS E 728 20.91 60.64 -62.35
N GLY E 729 21.46 59.59 -61.75
CA GLY E 729 22.35 59.74 -60.63
C GLY E 729 21.67 59.91 -59.30
N SER E 730 20.34 59.99 -59.25
CA SER E 730 19.62 60.18 -58.01
C SER E 730 19.21 58.82 -57.43
N THR E 731 18.95 58.82 -56.12
CA THR E 731 18.47 57.63 -55.43
C THR E 731 17.52 58.06 -54.33
N LEU E 732 16.48 57.25 -54.10
CA LEU E 732 15.51 57.48 -53.05
C LEU E 732 15.50 56.27 -52.13
N ILE E 733 15.73 56.52 -50.84
CA ILE E 733 15.67 55.47 -49.82
C ILE E 733 14.51 55.82 -48.89
N VAL E 734 13.54 54.92 -48.78
CA VAL E 734 12.40 55.08 -47.89
C VAL E 734 12.58 54.12 -46.73
N VAL E 735 12.50 54.65 -45.51
CA VAL E 735 12.66 53.84 -44.31
C VAL E 735 11.53 54.16 -43.35
N PRO E 736 11.12 53.19 -42.54
CA PRO E 736 10.15 53.49 -41.51
C PRO E 736 10.83 54.27 -40.36
N PHE E 737 10.17 55.24 -39.78
CA PHE E 737 10.79 56.04 -38.74
C PHE E 737 9.85 56.67 -37.75
N ASN E 738 10.27 56.79 -36.52
CA ASN E 738 9.50 57.46 -35.49
C ASN E 738 10.48 58.47 -34.92
N GLN E 739 10.32 59.74 -35.24
CA GLN E 739 11.19 60.78 -34.71
C GLN E 739 11.00 60.98 -33.21
N GLY E 740 9.89 60.51 -32.65
CA GLY E 740 9.67 60.56 -31.22
C GLY E 740 10.44 59.55 -30.41
N SER E 741 11.11 58.61 -31.09
CA SER E 741 11.97 57.62 -30.45
C SER E 741 13.45 57.93 -30.62
N LYS E 742 14.15 58.11 -29.52
CA LYS E 742 15.57 58.35 -29.54
C LYS E 742 16.38 57.18 -30.09
N GLN E 743 15.93 55.97 -29.84
CA GLN E 743 16.62 54.81 -30.35
C GLN E 743 16.46 54.76 -31.84
N ASP E 744 15.30 55.12 -32.36
CA ASP E 744 15.13 55.20 -33.80
C ASP E 744 16.03 56.25 -34.42
N VAL E 745 16.20 57.40 -33.75
CA VAL E 745 17.08 58.44 -34.28
C VAL E 745 18.50 57.91 -34.39
N GLU E 746 19.01 57.34 -33.30
CA GLU E 746 20.37 56.81 -33.31
C GLU E 746 20.52 55.72 -34.36
N ALA E 747 19.56 54.84 -34.48
CA ALA E 747 19.67 53.77 -35.42
C ALA E 747 19.62 54.26 -36.85
N LEU E 748 18.78 55.24 -37.15
CA LEU E 748 18.73 55.79 -38.49
C LEU E 748 20.05 56.42 -38.88
N ILE E 749 20.64 57.21 -38.02
CA ILE E 749 21.88 57.87 -38.36
C ILE E 749 23.01 56.85 -38.46
N GLU E 750 22.96 55.80 -37.66
CA GLU E 750 23.95 54.72 -37.78
C GLU E 750 23.79 53.96 -39.08
N PHE E 751 22.56 53.64 -39.49
CA PHE E 751 22.31 52.99 -40.76
C PHE E 751 22.85 53.85 -41.86
N ILE E 752 22.61 55.15 -41.80
CA ILE E 752 23.06 56.00 -42.90
C ILE E 752 24.58 56.00 -43.00
N TYR E 753 25.26 56.08 -41.86
CA TYR E 753 26.71 56.23 -41.88
C TYR E 753 27.47 54.90 -41.93
N ASP E 754 26.87 53.77 -41.61
CA ASP E 754 27.57 52.50 -41.60
C ASP E 754 27.94 52.12 -42.99
N THR E 755 28.95 51.27 -43.12
CA THR E 755 29.42 50.81 -44.42
C THR E 755 28.46 49.83 -45.01
N GLU E 756 28.46 49.73 -46.31
CA GLU E 756 27.56 48.80 -46.99
C GLU E 756 27.83 47.37 -46.61
N LYS E 757 29.09 46.99 -46.45
CA LYS E 757 29.42 45.66 -45.98
C LYS E 757 28.89 45.39 -44.58
N ASN E 758 28.66 46.42 -43.78
CA ASN E 758 28.02 46.28 -42.48
C ASN E 758 26.52 46.49 -42.53
N GLY E 759 25.93 46.53 -43.72
CA GLY E 759 24.50 46.67 -43.87
C GLY E 759 23.98 48.09 -43.88
N GLY E 760 24.86 49.09 -43.95
CA GLY E 760 24.45 50.47 -44.03
C GLY E 760 24.51 51.03 -45.45
N LEU E 761 24.30 52.32 -45.57
CA LEU E 761 24.36 52.98 -46.85
C LEU E 761 25.75 53.50 -47.17
N GLY E 762 26.58 53.77 -46.19
CA GLY E 762 27.89 54.34 -46.43
C GLY E 762 27.85 55.77 -46.94
N TRP E 763 26.92 56.57 -46.46
CA TRP E 763 26.81 57.94 -46.91
C TRP E 763 27.29 58.93 -45.90
N ASP E 764 27.52 60.16 -46.33
CA ASP E 764 27.88 61.25 -45.44
C ASP E 764 26.89 62.35 -45.82
N LEU E 765 26.13 62.86 -44.89
CA LEU E 765 25.04 63.78 -45.18
C LEU E 765 25.56 65.17 -45.53
N ASP E 766 24.98 65.77 -46.56
CA ASP E 766 25.22 67.16 -46.89
C ASP E 766 24.12 68.08 -46.40
N ALA E 767 22.92 67.55 -46.16
CA ALA E 767 21.80 68.36 -45.71
C ALA E 767 20.90 67.52 -44.82
N ILE E 768 20.31 68.17 -43.82
CA ILE E 768 19.31 67.56 -42.95
C ILE E 768 18.10 68.47 -42.95
N ILE E 769 16.92 67.90 -43.22
CA ILE E 769 15.69 68.66 -43.32
C ILE E 769 14.65 68.02 -42.41
N PRO E 770 14.69 68.40 -41.14
CA PRO E 770 13.83 67.72 -40.17
C PRO E 770 12.43 68.32 -40.02
N PHE E 771 11.51 67.97 -40.91
CA PHE E 771 10.18 68.56 -40.89
C PHE E 771 9.06 67.75 -40.22
N ALA E 772 9.41 66.65 -39.55
CA ALA E 772 8.43 65.82 -38.86
C ALA E 772 7.77 66.59 -37.76
N ALA E 773 6.47 66.47 -37.65
CA ALA E 773 5.73 67.22 -36.68
C ALA E 773 4.41 66.55 -36.45
N ILE E 774 3.75 66.85 -35.34
CA ILE E 774 2.41 66.34 -35.12
C ILE E 774 1.57 67.51 -34.70
N PRO E 775 0.28 67.47 -35.00
CA PRO E 775 -0.61 68.59 -34.69
C PRO E 775 -1.19 68.65 -33.28
N GLU E 776 -1.23 69.83 -32.70
CA GLU E 776 -1.83 70.03 -31.39
C GLU E 776 -2.93 71.06 -31.55
N GLN E 777 -4.17 70.64 -31.50
CA GLN E 777 -5.33 71.49 -31.72
C GLN E 777 -6.10 71.66 -30.41
N GLY E 778 -6.37 72.92 -30.06
CA GLY E 778 -7.18 73.21 -28.89
C GLY E 778 -6.57 72.76 -27.58
N ILE E 779 -5.24 72.83 -27.47
CA ILE E 779 -4.55 72.51 -26.23
C ILE E 779 -3.98 73.82 -25.70
N GLU E 780 -4.66 74.40 -24.73
CA GLU E 780 -4.21 75.64 -24.10
C GLU E 780 -3.19 75.30 -23.01
N LEU E 781 -2.82 76.30 -22.21
CA LEU E 781 -1.81 76.09 -21.18
C LEU E 781 -2.26 75.01 -20.19
N GLU E 782 -3.51 75.06 -19.76
CA GLU E 782 -4.01 74.11 -18.77
C GLU E 782 -4.17 72.70 -19.33
N HIS E 783 -4.13 72.52 -20.64
CA HIS E 783 -4.32 71.22 -21.26
C HIS E 783 -3.02 70.55 -21.68
N ILE E 784 -1.87 71.17 -21.43
CA ILE E 784 -0.61 70.58 -21.86
C ILE E 784 -0.37 69.31 -21.06
N ASP E 785 -0.22 68.19 -21.76
CA ASP E 785 -0.26 66.87 -21.16
C ASP E 785 0.64 65.94 -21.98
N SER E 786 0.43 64.64 -21.81
CA SER E 786 1.26 63.63 -22.47
C SER E 786 1.52 63.95 -23.94
N LYS E 787 0.46 64.25 -24.69
CA LYS E 787 0.61 64.45 -26.13
C LYS E 787 1.49 65.66 -26.45
N SER E 788 1.32 66.75 -25.68
CA SER E 788 2.15 67.93 -25.90
C SER E 788 3.61 67.61 -25.59
N GLU E 789 3.87 66.84 -24.54
CA GLU E 789 5.23 66.45 -24.23
C GLU E 789 5.83 65.60 -25.35
N PHE E 790 5.09 64.68 -25.91
CA PHE E 790 5.58 63.83 -26.99
C PHE E 790 5.84 64.63 -28.25
N ALA E 791 5.01 65.62 -28.54
CA ALA E 791 5.24 66.48 -29.67
C ALA E 791 6.48 67.38 -29.48
N HIS E 792 6.73 67.84 -28.26
CA HIS E 792 7.87 68.68 -27.98
C HIS E 792 9.09 67.83 -28.09
N ARG E 793 9.00 66.58 -27.65
CA ARG E 793 10.14 65.71 -27.88
C ARG E 793 10.45 65.61 -29.36
N ILE E 794 9.44 65.26 -30.16
CA ILE E 794 9.65 65.07 -31.60
C ILE E 794 10.26 66.34 -32.20
N MET E 795 9.61 67.47 -31.99
CA MET E 795 9.98 68.70 -32.67
C MET E 795 11.11 69.55 -32.12
N LEU E 796 11.60 69.28 -30.93
CA LEU E 796 12.79 69.95 -30.42
C LEU E 796 13.88 68.96 -30.01
N THR E 797 13.56 68.03 -29.11
CA THR E 797 14.62 67.31 -28.42
C THR E 797 15.25 66.27 -29.31
N ASN E 798 14.45 65.57 -30.12
CA ASN E 798 15.00 64.57 -31.01
C ASN E 798 15.63 65.19 -32.25
N ILE E 799 15.30 66.41 -32.62
CA ILE E 799 16.02 67.09 -33.69
C ILE E 799 17.39 67.48 -33.13
N LEU E 800 17.47 67.93 -31.88
CA LEU E 800 18.80 68.15 -31.30
C LEU E 800 19.58 66.86 -31.21
N ARG E 801 18.95 65.76 -30.87
CA ARG E 801 19.63 64.49 -30.77
C ARG E 801 20.11 64.00 -32.13
N MET E 802 19.32 64.21 -33.16
CA MET E 802 19.72 63.81 -34.50
C MET E 802 20.91 64.65 -34.98
N MET E 803 20.90 65.94 -34.68
CA MET E 803 22.07 66.77 -35.00
C MET E 803 23.31 66.28 -34.27
N GLY E 804 23.16 65.96 -32.98
CA GLY E 804 24.28 65.43 -32.23
C GLY E 804 24.79 64.11 -32.78
N CYS E 805 23.87 63.23 -33.20
CA CYS E 805 24.27 61.95 -33.77
C CYS E 805 25.06 62.15 -35.06
N VAL E 806 24.59 63.04 -35.93
CA VAL E 806 25.33 63.33 -37.15
C VAL E 806 26.70 63.88 -36.83
N LYS E 807 26.81 64.81 -35.88
CA LYS E 807 28.09 65.33 -35.47
C LYS E 807 28.99 64.19 -35.01
N LYS E 808 28.50 63.35 -34.13
CA LYS E 808 29.34 62.28 -33.58
C LYS E 808 29.81 61.35 -34.69
N GLN E 809 29.00 61.10 -35.69
CA GLN E 809 29.38 60.22 -36.75
C GLN E 809 30.45 60.85 -37.62
N LYS E 810 30.37 62.12 -37.92
CA LYS E 810 31.37 62.77 -38.71
C LYS E 810 32.65 62.98 -37.89
N SER E 811 32.57 63.17 -36.59
CA SER E 811 33.79 63.34 -35.81
C SER E 811 34.52 62.02 -35.63
N ALA E 812 33.79 60.92 -35.41
CA ALA E 812 34.44 59.62 -35.28
C ALA E 812 35.19 59.24 -36.54
N ARG E 813 34.89 59.86 -37.68
CA ARG E 813 35.59 59.59 -38.91
C ARG E 813 36.52 60.70 -39.38
N GLY E 814 36.80 61.67 -38.53
CA GLY E 814 37.65 62.77 -38.88
C GLY E 814 37.19 63.68 -39.99
N ILE E 815 35.88 63.80 -40.19
CA ILE E 815 35.35 64.65 -41.23
C ILE E 815 35.17 66.04 -40.65
N GLU E 816 36.02 66.97 -41.04
CA GLU E 816 35.95 68.34 -40.57
C GLU E 816 35.70 69.29 -41.71
N THR E 817 35.57 68.79 -42.94
CA THR E 817 35.45 69.66 -44.10
C THR E 817 34.31 69.26 -45.02
N ARG E 818 33.26 68.70 -44.47
CA ARG E 818 32.06 68.39 -45.24
C ARG E 818 30.92 68.53 -44.26
N PRO E 819 30.60 69.78 -43.90
CA PRO E 819 29.49 70.01 -42.97
C PRO E 819 28.09 69.71 -43.52
N ALA E 820 27.18 69.24 -42.69
CA ALA E 820 25.80 69.03 -43.10
C ALA E 820 25.00 70.29 -42.80
N GLN E 821 24.26 70.76 -43.80
CA GLN E 821 23.41 71.93 -43.64
C GLN E 821 22.07 71.52 -43.05
N VAL E 822 21.68 72.16 -41.95
CA VAL E 822 20.46 71.82 -41.24
C VAL E 822 19.45 72.91 -41.55
N ILE E 823 18.41 72.56 -42.30
CA ILE E 823 17.32 73.47 -42.64
C ILE E 823 16.29 73.37 -41.52
N LEU E 824 16.29 74.35 -40.62
CA LEU E 824 15.42 74.30 -39.44
C LEU E 824 14.07 74.91 -39.78
N PRO E 825 12.96 74.16 -39.64
CA PRO E 825 11.63 74.75 -39.89
C PRO E 825 11.21 75.63 -38.73
N MET E 826 11.28 76.92 -38.93
CA MET E 826 11.00 77.87 -37.88
C MET E 826 9.69 78.59 -38.09
N SER E 827 9.18 79.19 -37.03
CA SER E 827 7.90 79.84 -37.11
C SER E 827 8.00 81.30 -36.80
N PRO E 828 7.25 82.14 -37.55
CA PRO E 828 7.24 83.56 -37.19
C PRO E 828 6.48 83.85 -35.91
N ASN E 829 5.52 83.00 -35.59
CA ASN E 829 4.66 83.23 -34.44
C ASN E 829 4.96 82.33 -33.29
N HIS E 830 5.11 82.91 -32.12
CA HIS E 830 5.40 82.15 -30.94
C HIS E 830 4.42 82.52 -29.85
N GLY E 831 3.26 81.89 -29.85
CA GLY E 831 2.22 82.17 -28.86
C GLY E 831 1.19 83.18 -29.27
N THR E 832 1.08 83.45 -30.56
CA THR E 832 0.18 84.48 -31.05
C THR E 832 -1.23 83.97 -31.24
N PHE E 833 -1.39 82.78 -31.78
CA PHE E 833 -2.69 82.20 -31.96
C PHE E 833 -3.20 81.43 -30.75
N GLY E 834 -2.33 80.69 -30.06
CA GLY E 834 -2.73 79.94 -28.91
C GLY E 834 -3.39 78.61 -29.18
N GLY E 835 -3.53 77.80 -28.15
CA GLY E 835 -4.20 76.51 -28.27
C GLY E 835 -3.48 75.51 -29.13
N ASP E 836 -2.16 75.58 -29.18
CA ASP E 836 -1.37 74.67 -29.97
C ASP E 836 -0.39 73.86 -29.11
N GLY E 837 -0.68 73.68 -27.83
CA GLY E 837 0.17 72.84 -26.99
C GLY E 837 1.53 73.47 -26.76
N MET E 838 2.58 72.72 -27.12
CA MET E 838 3.95 73.16 -26.96
C MET E 838 4.60 73.52 -28.30
N TYR E 839 3.83 73.70 -29.34
CA TYR E 839 4.34 74.03 -30.64
C TYR E 839 5.21 75.29 -30.62
N SER E 840 4.76 76.35 -30.00
CA SER E 840 5.52 77.57 -30.01
C SER E 840 6.76 77.44 -29.20
N GLU E 841 6.72 76.71 -28.10
CA GLU E 841 7.95 76.48 -27.34
C GLU E 841 8.98 75.73 -28.17
N SER E 842 8.57 74.68 -28.85
CA SER E 842 9.47 73.95 -29.72
C SER E 842 10.07 74.78 -30.84
N LYS E 843 9.29 75.63 -31.46
CA LYS E 843 9.77 76.44 -32.53
C LYS E 843 10.67 77.57 -32.03
N LEU E 844 10.36 78.17 -30.89
CA LEU E 844 11.21 79.21 -30.34
C LEU E 844 12.52 78.64 -29.80
N SER E 845 12.46 77.49 -29.15
CA SER E 845 13.68 76.86 -28.65
C SER E 845 14.62 76.50 -29.78
N LEU E 846 14.08 76.15 -30.95
CA LEU E 846 14.93 75.87 -32.11
C LEU E 846 15.89 77.01 -32.43
N GLU E 847 15.68 78.22 -31.93
CA GLU E 847 16.50 79.38 -32.26
C GLU E 847 17.75 79.56 -31.46
N THR E 848 17.93 78.78 -30.42
CA THR E 848 19.19 78.84 -29.68
C THR E 848 20.37 78.31 -30.50
N LEU E 849 20.09 77.61 -31.60
CA LEU E 849 21.16 77.01 -32.38
C LEU E 849 22.02 78.06 -33.07
N PHE E 850 21.44 79.18 -33.45
CA PHE E 850 22.18 80.26 -34.08
C PHE E 850 23.32 80.69 -33.18
N ASN E 851 23.12 80.66 -31.88
CA ASN E 851 24.20 80.98 -30.96
C ASN E 851 25.04 79.76 -30.58
N ARG E 852 24.46 78.58 -30.42
CA ARG E 852 25.20 77.35 -30.13
C ARG E 852 26.27 77.09 -31.17
N TRP E 853 25.98 77.43 -32.44
CA TRP E 853 26.96 77.23 -33.49
C TRP E 853 28.27 77.92 -33.18
N HIS E 854 28.26 79.10 -32.61
CA HIS E 854 29.49 79.79 -32.23
C HIS E 854 30.05 79.35 -30.88
N SER E 855 29.22 79.14 -29.87
CA SER E 855 29.65 78.80 -28.51
C SER E 855 30.19 77.39 -28.30
N GLU E 856 29.85 76.45 -29.16
CA GLU E 856 30.25 75.05 -28.96
C GLU E 856 31.15 74.61 -30.12
N SER E 857 31.44 73.30 -30.13
CA SER E 857 32.37 72.72 -31.11
C SER E 857 31.87 71.77 -32.18
N TRP E 858 30.74 72.04 -32.77
CA TRP E 858 30.19 71.22 -33.82
C TRP E 858 30.05 71.99 -35.11
N ALA E 859 30.55 73.21 -35.18
CA ALA E 859 30.42 74.05 -36.37
C ALA E 859 31.09 73.56 -37.64
N ASN E 860 32.05 72.65 -37.55
CA ASN E 860 32.67 72.09 -38.72
C ASN E 860 31.89 70.91 -39.26
N GLN E 861 30.95 70.40 -38.48
CA GLN E 861 30.16 69.26 -38.88
C GLN E 861 28.77 69.67 -39.29
N LEU E 862 28.26 70.76 -38.75
CA LEU E 862 26.90 71.18 -39.04
C LEU E 862 26.85 72.69 -39.21
N THR E 863 26.11 73.15 -40.22
CA THR E 863 25.81 74.56 -40.39
C THR E 863 24.31 74.77 -40.18
N VAL E 864 23.96 75.91 -39.59
CA VAL E 864 22.58 76.20 -39.21
C VAL E 864 21.97 77.10 -40.26
N CYS E 865 20.78 76.74 -40.73
CA CYS E 865 20.04 77.51 -41.73
C CYS E 865 18.58 77.56 -41.27
N GLY E 866 18.24 78.60 -40.52
CA GLY E 866 16.88 78.78 -40.05
C GLY E 866 15.99 79.38 -41.12
N ALA E 867 14.87 78.71 -41.41
CA ALA E 867 13.90 79.18 -42.39
C ALA E 867 12.59 79.47 -41.67
N ILE E 868 12.18 80.74 -41.71
CA ILE E 868 10.90 81.16 -41.14
C ILE E 868 9.85 80.93 -42.21
N ILE E 869 9.10 79.83 -42.09
CA ILE E 869 8.14 79.47 -43.12
C ILE E 869 6.89 80.33 -42.96
N GLY E 870 6.46 80.93 -44.07
CA GLY E 870 5.28 81.77 -44.08
C GLY E 870 3.99 80.97 -44.19
N TRP E 871 2.89 81.71 -44.34
CA TRP E 871 1.57 81.11 -44.45
C TRP E 871 1.48 80.23 -45.68
N THR E 872 1.42 78.94 -45.47
CA THR E 872 1.38 77.98 -46.58
C THR E 872 0.03 77.33 -46.62
N ARG E 873 -0.61 77.35 -47.77
CA ARG E 873 -1.90 76.79 -47.95
C ARG E 873 -1.71 75.38 -48.38
N GLY E 874 -2.54 74.50 -47.87
CA GLY E 874 -2.48 73.13 -48.27
C GLY E 874 -2.63 72.33 -47.02
N THR E 875 -1.98 71.20 -46.93
CA THR E 875 -2.17 70.32 -45.79
C THR E 875 -1.19 70.47 -44.64
N GLY E 876 -1.11 69.45 -43.79
CA GLY E 876 -0.18 69.47 -42.67
C GLY E 876 -0.77 70.06 -41.43
N LEU E 877 -0.40 71.30 -41.15
CA LEU E 877 -0.96 71.98 -40.01
C LEU E 877 -1.72 73.22 -40.47
N MET E 878 -1.24 73.87 -41.53
CA MET E 878 -1.88 75.09 -42.00
C MET E 878 -3.15 74.88 -42.82
N SER E 879 -3.56 73.64 -43.05
CA SER E 879 -4.83 73.47 -43.76
C SER E 879 -5.97 73.86 -42.82
N ALA E 880 -7.17 74.11 -43.33
CA ALA E 880 -8.30 74.58 -42.50
C ALA E 880 -8.33 76.11 -42.48
N ASN E 881 -7.23 76.73 -42.90
CA ASN E 881 -7.14 78.18 -42.93
C ASN E 881 -7.19 78.67 -44.36
N ASN E 882 -7.46 77.82 -45.31
CA ASN E 882 -7.46 78.21 -46.70
C ASN E 882 -8.59 79.15 -47.09
N ILE E 883 -9.67 79.20 -46.32
CA ILE E 883 -10.81 80.02 -46.69
C ILE E 883 -10.59 81.49 -46.36
N ILE E 884 -9.60 81.81 -45.52
CA ILE E 884 -9.27 83.18 -45.19
C ILE E 884 -7.99 83.66 -45.85
N ALA E 885 -7.38 82.85 -46.72
CA ALA E 885 -6.14 83.24 -47.37
C ALA E 885 -6.35 84.47 -48.25
N GLU E 886 -7.46 84.52 -48.98
CA GLU E 886 -7.73 85.69 -49.83
C GLU E 886 -7.93 86.94 -48.97
N GLY E 887 -8.68 86.83 -47.88
CA GLY E 887 -8.86 87.97 -47.00
C GLY E 887 -7.54 88.46 -46.43
N ILE E 888 -6.66 87.53 -46.06
CA ILE E 888 -5.34 87.91 -45.57
C ILE E 888 -4.53 88.60 -46.65
N GLU E 889 -4.55 88.05 -47.87
CA GLU E 889 -3.81 88.64 -48.98
C GLU E 889 -4.35 90.00 -49.40
N LYS E 890 -5.59 90.33 -49.02
CA LYS E 890 -6.12 91.65 -49.33
C LYS E 890 -5.36 92.78 -48.66
N MET E 891 -4.52 92.49 -47.67
CA MET E 891 -3.78 93.50 -46.94
C MET E 891 -2.37 93.70 -47.49
N GLY E 892 -2.11 93.24 -48.71
CA GLY E 892 -0.78 93.30 -49.27
C GLY E 892 0.18 92.24 -48.77
N VAL E 893 -0.34 91.19 -48.12
CA VAL E 893 0.49 90.09 -47.66
C VAL E 893 0.50 88.98 -48.72
N ARG E 894 1.50 88.11 -48.64
CA ARG E 894 1.62 86.97 -49.53
C ARG E 894 1.44 85.68 -48.76
N THR E 895 0.50 84.85 -49.21
CA THR E 895 0.41 83.46 -48.78
C THR E 895 0.94 82.59 -49.91
N PHE E 896 1.53 81.46 -49.54
CA PHE E 896 2.25 80.63 -50.48
C PHE E 896 1.59 79.26 -50.62
N SER E 897 1.76 78.69 -51.79
CA SER E 897 1.33 77.35 -52.01
C SER E 897 2.49 76.50 -51.53
N GLN E 898 2.34 75.18 -51.54
CA GLN E 898 3.40 74.30 -51.11
C GLN E 898 4.49 74.21 -52.14
N LYS E 899 4.15 74.33 -53.42
CA LYS E 899 5.21 74.39 -54.43
C LYS E 899 6.06 75.64 -54.25
N GLU E 900 5.44 76.76 -53.96
CA GLU E 900 6.19 78.00 -53.79
C GLU E 900 7.08 77.94 -52.60
N MET E 901 6.57 77.45 -51.49
CA MET E 901 7.39 77.32 -50.28
C MET E 901 8.51 76.32 -50.49
N ALA E 902 8.25 75.23 -51.22
CA ALA E 902 9.31 74.28 -51.53
C ALA E 902 10.39 74.93 -52.39
N PHE E 903 9.99 75.74 -53.36
CA PHE E 903 10.96 76.47 -54.18
C PHE E 903 11.80 77.40 -53.32
N ASN E 904 11.15 78.12 -52.40
CA ASN E 904 11.90 79.00 -51.50
C ASN E 904 12.89 78.23 -50.66
N LEU E 905 12.47 77.08 -50.11
CA LEU E 905 13.36 76.30 -49.26
C LEU E 905 14.52 75.71 -50.05
N LEU E 906 14.24 75.20 -51.26
CA LEU E 906 15.30 74.70 -52.11
C LEU E 906 16.23 75.80 -52.56
N GLY E 907 15.78 77.06 -52.51
CA GLY E 907 16.69 78.17 -52.74
C GLY E 907 17.79 78.26 -51.71
N LEU E 908 17.61 77.67 -50.53
CA LEU E 908 18.64 77.67 -49.50
C LEU E 908 19.68 76.57 -49.70
N LEU E 909 19.46 75.65 -50.64
CA LEU E 909 20.41 74.59 -50.93
C LEU E 909 21.30 74.92 -52.12
N THR E 910 21.22 76.13 -52.61
CA THR E 910 22.04 76.54 -53.73
C THR E 910 23.44 76.71 -53.26
N PRO E 911 24.41 76.46 -54.12
CA PRO E 911 25.83 76.58 -53.77
C PRO E 911 26.27 77.86 -53.01
N GLU E 912 25.76 79.03 -53.36
CA GLU E 912 26.12 80.29 -52.71
C GLU E 912 25.54 80.38 -51.30
N VAL E 913 24.29 79.94 -51.12
CA VAL E 913 23.72 79.92 -49.78
C VAL E 913 24.42 78.89 -48.91
N VAL E 914 24.85 77.77 -49.48
CA VAL E 914 25.60 76.78 -48.71
C VAL E 914 26.90 77.39 -48.19
N GLU E 915 27.63 78.09 -49.05
CA GLU E 915 28.86 78.74 -48.61
C GLU E 915 28.55 79.81 -47.56
N LEU E 916 27.47 80.55 -47.73
CA LEU E 916 27.11 81.56 -46.76
C LEU E 916 26.82 80.92 -45.40
N CYS E 917 26.15 79.77 -45.40
CA CYS E 917 25.91 79.05 -44.14
C CYS E 917 27.22 78.57 -43.53
N GLN E 918 28.16 78.13 -44.36
CA GLN E 918 29.45 77.70 -43.84
C GLN E 918 30.21 78.86 -43.22
N LYS E 919 30.01 80.08 -43.72
CA LYS E 919 30.64 81.24 -43.09
C LYS E 919 30.01 81.54 -41.74
N SER E 920 28.70 81.52 -41.62
CA SER E 920 27.99 81.73 -40.34
C SER E 920 26.51 81.40 -40.47
N PRO E 921 25.81 81.30 -39.34
CA PRO E 921 24.41 80.88 -39.42
C PRO E 921 23.45 81.82 -40.16
N VAL E 922 22.71 81.30 -41.11
CA VAL E 922 21.80 82.09 -41.91
C VAL E 922 20.37 82.03 -41.44
N MET E 923 19.67 83.16 -41.48
CA MET E 923 18.28 83.22 -41.12
C MET E 923 17.50 83.75 -42.29
N ALA E 924 16.73 82.90 -42.94
CA ALA E 924 15.90 83.29 -44.07
C ALA E 924 14.48 83.54 -43.59
N ASP E 925 13.93 84.69 -43.97
CA ASP E 925 12.55 85.06 -43.65
C ASP E 925 11.70 84.82 -44.89
N LEU E 926 10.84 83.80 -44.83
CA LEU E 926 9.93 83.46 -45.92
C LEU E 926 8.48 83.71 -45.53
N ASN E 927 8.24 84.73 -44.70
CA ASN E 927 6.94 84.97 -44.11
C ASN E 927 6.03 85.82 -45.00
N GLY E 928 6.49 86.24 -46.17
CA GLY E 928 5.64 86.94 -47.11
C GLY E 928 5.05 88.23 -46.60
N GLY E 929 5.71 88.89 -45.65
CA GLY E 929 5.23 90.15 -45.13
C GLY E 929 4.18 90.03 -44.05
N LEU E 930 3.77 88.82 -43.67
CA LEU E 930 2.73 88.65 -42.67
C LEU E 930 3.10 89.26 -41.33
N GLN E 931 4.39 89.47 -41.05
CA GLN E 931 4.78 90.01 -39.75
C GLN E 931 4.32 91.46 -39.58
N PHE E 932 4.07 92.19 -40.66
CA PHE E 932 3.66 93.58 -40.56
C PHE E 932 2.18 93.75 -40.24
N VAL E 933 1.38 92.72 -40.40
CA VAL E 933 -0.04 92.82 -40.04
C VAL E 933 -0.15 92.90 -38.52
N PRO E 934 -0.79 93.94 -37.96
CA PRO E 934 -0.92 94.01 -36.51
C PRO E 934 -2.13 93.23 -35.99
N GLU E 935 -1.94 92.60 -34.83
CA GLU E 935 -2.98 91.82 -34.18
C GLU E 935 -3.52 90.73 -35.11
N LEU E 936 -2.60 89.84 -35.50
CA LEU E 936 -2.92 88.83 -36.51
C LEU E 936 -4.03 87.89 -36.02
N LYS E 937 -3.99 87.49 -34.75
CA LYS E 937 -5.01 86.61 -34.20
C LYS E 937 -6.40 87.23 -34.39
N GLU E 938 -6.56 88.47 -33.94
CA GLU E 938 -7.87 89.12 -34.04
C GLU E 938 -8.27 89.30 -35.49
N PHE E 939 -7.32 89.67 -36.35
CA PHE E 939 -7.64 89.90 -37.76
C PHE E 939 -8.16 88.63 -38.42
N THR E 940 -7.47 87.50 -38.19
CA THR E 940 -7.89 86.25 -38.80
C THR E 940 -9.21 85.76 -38.21
N ALA E 941 -9.39 85.93 -36.89
CA ALA E 941 -10.66 85.56 -36.29
C ALA E 941 -11.80 86.39 -36.88
N LYS E 942 -11.57 87.67 -37.11
CA LYS E 942 -12.58 88.53 -37.71
C LYS E 942 -12.93 88.06 -39.13
N LEU E 943 -11.91 87.76 -39.91
CA LEU E 943 -12.14 87.28 -41.25
C LEU E 943 -12.96 86.01 -41.27
N ARG E 944 -12.60 85.05 -40.44
CA ARG E 944 -13.32 83.78 -40.40
C ARG E 944 -14.73 83.97 -39.88
N LYS E 945 -14.91 84.79 -38.86
CA LYS E 945 -16.24 85.02 -38.31
C LYS E 945 -17.15 85.66 -39.35
N GLU E 946 -16.65 86.60 -40.11
CA GLU E 946 -17.46 87.25 -41.14
C GLU E 946 -17.85 86.28 -42.22
N LEU E 947 -17.05 85.26 -42.45
CA LEU E 947 -17.33 84.31 -43.52
C LEU E 947 -18.37 83.33 -43.06
N VAL E 948 -18.21 82.82 -41.84
CA VAL E 948 -19.23 81.91 -41.31
C VAL E 948 -20.55 82.62 -41.13
N GLU E 949 -20.52 83.88 -40.67
CA GLU E 949 -21.76 84.63 -40.53
C GLU E 949 -22.50 84.72 -41.85
N THR E 950 -21.79 85.12 -42.90
CA THR E 950 -22.42 85.23 -44.21
C THR E 950 -23.02 83.90 -44.62
N SER E 951 -22.23 82.82 -44.50
CA SER E 951 -22.70 81.51 -44.94
C SER E 951 -23.97 81.09 -44.20
N GLU E 952 -23.94 81.13 -42.87
CA GLU E 952 -25.07 80.64 -42.08
C GLU E 952 -26.32 81.50 -42.32
N VAL E 953 -26.15 82.83 -42.35
CA VAL E 953 -27.32 83.68 -42.57
C VAL E 953 -27.95 83.38 -43.92
N ARG E 954 -27.12 83.29 -44.96
CA ARG E 954 -27.67 83.00 -46.28
C ARG E 954 -28.40 81.66 -46.30
N LYS E 955 -27.79 80.64 -45.70
CA LYS E 955 -28.40 79.31 -45.72
C LYS E 955 -29.75 79.31 -45.01
N ALA E 956 -29.80 79.89 -43.80
CA ALA E 956 -31.04 79.89 -43.03
C ALA E 956 -32.13 80.69 -43.73
N VAL E 957 -31.76 81.85 -44.28
CA VAL E 957 -32.75 82.68 -44.96
C VAL E 957 -33.31 81.95 -46.18
N SER E 958 -32.43 81.28 -46.94
CA SER E 958 -32.91 80.53 -48.09
C SER E 958 -33.84 79.40 -47.67
N ILE E 959 -33.51 78.71 -46.58
CA ILE E 959 -34.39 77.63 -46.10
C ILE E 959 -35.75 78.20 -45.75
N GLU E 960 -35.78 79.32 -45.03
CA GLU E 960 -37.06 79.88 -44.61
C GLU E 960 -37.88 80.34 -45.81
N THR E 961 -37.23 80.96 -46.80
CA THR E 961 -37.95 81.37 -47.99
C THR E 961 -38.52 80.17 -48.73
N ALA E 962 -37.75 79.08 -48.81
CA ALA E 962 -38.24 77.88 -49.47
C ALA E 962 -39.47 77.33 -48.75
N LEU E 963 -39.43 77.29 -47.43
CA LEU E 963 -40.58 76.80 -46.68
C LEU E 963 -41.79 77.68 -46.90
N GLU E 964 -41.64 79.00 -46.94
CA GLU E 964 -42.76 79.86 -47.11
C GLU E 964 -43.32 79.70 -48.51
N HIS E 965 -42.48 79.55 -49.52
CA HIS E 965 -43.00 79.30 -50.87
C HIS E 965 -43.78 77.99 -50.91
N LYS E 966 -43.23 76.94 -50.31
CA LYS E 966 -43.89 75.64 -50.37
C LYS E 966 -45.22 75.66 -49.64
N VAL E 967 -45.34 76.43 -48.57
CA VAL E 967 -46.61 76.48 -47.83
C VAL E 967 -47.61 77.39 -48.52
N VAL E 968 -47.13 78.42 -49.23
CA VAL E 968 -48.06 79.35 -49.86
C VAL E 968 -48.53 78.84 -51.21
N ASN E 969 -47.78 77.93 -51.82
CA ASN E 969 -48.13 77.38 -53.12
C ASN E 969 -48.38 75.88 -53.11
N GLY E 970 -48.25 75.23 -51.95
CA GLY E 970 -48.46 73.79 -51.87
C GLY E 970 -47.58 73.02 -52.82
N GLN E 979 -36.64 65.94 -60.48
CA GLN E 979 -36.39 65.14 -61.67
C GLN E 979 -36.26 63.67 -61.30
N VAL E 980 -36.39 62.80 -62.30
CA VAL E 980 -36.19 61.37 -62.14
C VAL E 980 -34.82 61.03 -62.70
N GLU E 981 -34.03 60.34 -61.91
CA GLU E 981 -32.64 60.03 -62.24
C GLU E 981 -32.43 58.52 -62.31
N ILE E 982 -31.53 58.09 -63.18
CA ILE E 982 -31.38 56.70 -63.56
C ILE E 982 -30.10 56.16 -62.95
N GLN E 983 -30.20 54.99 -62.27
CA GLN E 983 -29.03 54.34 -61.73
C GLN E 983 -28.52 53.26 -62.69
N PRO E 984 -27.21 53.06 -62.78
CA PRO E 984 -26.71 52.02 -63.70
C PRO E 984 -27.01 50.62 -63.21
N ARG E 985 -27.19 49.70 -64.14
CA ARG E 985 -27.36 48.29 -63.83
C ARG E 985 -26.27 47.59 -64.63
N ALA E 986 -25.61 46.59 -64.08
CA ALA E 986 -24.53 45.90 -64.75
C ALA E 986 -24.99 45.15 -65.98
N ASN E 987 -24.28 45.30 -67.08
CA ASN E 987 -24.61 44.59 -68.33
C ASN E 987 -23.33 43.93 -68.83
N ILE E 988 -23.02 42.74 -68.38
CA ILE E 988 -21.76 42.08 -68.69
C ILE E 988 -21.68 41.65 -70.12
N GLN E 989 -20.59 42.02 -70.76
CA GLN E 989 -20.41 41.73 -72.15
C GLN E 989 -19.40 40.65 -72.39
N LEU E 990 -19.59 39.90 -73.46
CA LEU E 990 -18.67 38.82 -73.80
C LEU E 990 -17.36 39.34 -74.41
N ASP E 991 -17.39 40.46 -75.08
CA ASP E 991 -16.18 41.09 -75.63
C ASP E 991 -15.58 40.34 -76.79
N PHE E 992 -16.42 39.98 -77.74
CA PHE E 992 -15.95 39.37 -78.95
C PHE E 992 -15.11 40.43 -79.61
N PRO E 993 -14.16 40.02 -80.44
CA PRO E 993 -13.27 40.98 -81.10
C PRO E 993 -14.03 41.91 -82.02
N GLU E 994 -13.63 43.17 -82.08
CA GLU E 994 -14.27 44.14 -82.98
C GLU E 994 -13.92 43.92 -84.43
N LEU E 995 -14.90 43.75 -85.28
CA LEU E 995 -14.65 43.50 -86.69
C LEU E 995 -14.80 44.83 -87.43
N LYS E 996 -13.78 45.23 -88.17
CA LYS E 996 -13.78 46.51 -88.88
C LYS E 996 -14.12 46.39 -90.35
N PRO E 997 -14.52 47.51 -91.01
CA PRO E 997 -14.92 47.41 -92.41
C PRO E 997 -13.81 46.83 -93.28
N TYR E 998 -14.22 46.09 -94.32
CA TYR E 998 -13.26 45.36 -95.14
C TYR E 998 -12.18 46.28 -95.71
N LYS E 999 -12.52 47.52 -96.02
CA LYS E 999 -11.53 48.44 -96.56
C LYS E 999 -10.38 48.64 -95.58
N GLN E 1000 -10.71 48.97 -94.32
CA GLN E 1000 -9.68 49.18 -93.32
C GLN E 1000 -8.88 47.91 -93.07
N VAL E 1001 -9.55 46.76 -93.04
CA VAL E 1001 -8.89 45.49 -92.76
C VAL E 1001 -7.94 45.14 -93.88
N LYS E 1002 -8.31 45.49 -95.11
CA LYS E 1002 -7.43 45.28 -96.26
C LYS E 1002 -6.25 46.24 -96.26
N GLN E 1003 -6.42 47.44 -95.73
CA GLN E 1003 -5.29 48.37 -95.66
C GLN E 1003 -4.20 47.90 -94.71
N ILE E 1004 -4.42 46.87 -93.90
CA ILE E 1004 -3.45 46.45 -92.90
C ILE E 1004 -2.46 45.42 -93.41
N ALA E 1005 -2.97 44.29 -93.86
CA ALA E 1005 -2.08 43.26 -94.38
C ALA E 1005 -1.63 43.60 -95.80
N PRO E 1006 -0.51 43.00 -96.22
CA PRO E 1006 -0.03 43.21 -97.60
C PRO E 1006 -1.04 42.77 -98.66
N ALA E 1007 -1.18 43.52 -99.75
CA ALA E 1007 -2.17 43.17 -100.77
C ALA E 1007 -1.90 41.81 -101.38
N GLU E 1008 -0.64 41.37 -101.41
CA GLU E 1008 -0.32 40.07 -102.01
C GLU E 1008 -0.86 38.91 -101.19
N LEU E 1009 -1.32 39.13 -99.96
CA LEU E 1009 -1.71 38.03 -99.09
C LEU E 1009 -2.99 37.35 -99.56
N GLU E 1010 -3.85 38.07 -100.28
CA GLU E 1010 -5.12 37.50 -100.70
C GLU E 1010 -4.91 36.30 -101.61
N GLY E 1011 -5.36 35.13 -101.17
CA GLY E 1011 -5.20 33.93 -101.94
C GLY E 1011 -3.87 33.26 -101.75
N LEU E 1012 -2.95 33.92 -101.05
CA LEU E 1012 -1.61 33.35 -100.89
C LEU E 1012 -1.58 32.23 -99.86
N LEU E 1013 -2.37 32.33 -98.80
CA LEU E 1013 -2.30 31.36 -97.72
C LEU E 1013 -3.28 30.22 -97.77
N ASP E 1014 -2.84 29.03 -97.38
CA ASP E 1014 -3.73 27.91 -97.25
C ASP E 1014 -4.34 28.13 -95.90
N LEU E 1015 -5.61 28.46 -95.85
CA LEU E 1015 -6.24 28.80 -94.59
C LEU E 1015 -6.51 27.58 -93.73
N GLU E 1016 -6.38 26.39 -94.28
CA GLU E 1016 -6.51 25.20 -93.47
C GLU E 1016 -5.20 24.92 -92.71
N ARG E 1017 -4.17 25.73 -92.92
CA ARG E 1017 -2.93 25.58 -92.17
C ARG E 1017 -2.68 26.77 -91.28
N VAL E 1018 -3.65 27.66 -91.15
CA VAL E 1018 -3.52 28.77 -90.22
C VAL E 1018 -4.34 28.44 -88.99
N ILE E 1019 -3.70 28.45 -87.83
CA ILE E 1019 -4.38 28.16 -86.59
C ILE E 1019 -4.79 29.45 -85.91
N VAL E 1020 -5.98 29.46 -85.37
CA VAL E 1020 -6.53 30.65 -84.74
C VAL E 1020 -7.15 30.26 -83.40
N VAL E 1021 -6.98 31.13 -82.41
CA VAL E 1021 -7.71 30.99 -81.15
C VAL E 1021 -9.09 31.59 -81.32
N THR E 1022 -10.13 30.80 -81.03
CA THR E 1022 -11.49 31.27 -81.15
C THR E 1022 -12.20 31.47 -79.81
N GLY E 1023 -11.62 30.97 -78.72
CA GLY E 1023 -12.18 31.19 -77.40
C GLY E 1023 -11.20 30.84 -76.32
N PHE E 1024 -11.30 31.50 -75.17
CA PHE E 1024 -10.40 31.23 -74.06
C PHE E 1024 -11.11 31.53 -72.76
N ALA E 1025 -10.60 30.93 -71.68
CA ALA E 1025 -11.17 31.15 -70.36
C ALA E 1025 -10.14 30.70 -69.33
N GLU E 1026 -10.44 31.00 -68.07
CA GLU E 1026 -9.59 30.61 -66.98
C GLU E 1026 -10.29 30.65 -65.65
N VAL E 1027 -9.71 30.00 -64.66
CA VAL E 1027 -10.21 30.05 -63.31
C VAL E 1027 -8.93 30.28 -62.55
N GLY E 1028 -8.80 31.43 -61.90
CA GLY E 1028 -7.59 31.78 -61.18
C GLY E 1028 -7.85 32.59 -59.95
N PRO E 1029 -6.78 33.03 -59.27
CA PRO E 1029 -6.90 33.86 -58.06
C PRO E 1029 -7.78 35.13 -58.21
N TRP E 1030 -8.08 35.57 -59.42
CA TRP E 1030 -8.92 36.76 -59.64
C TRP E 1030 -10.17 36.45 -60.44
N GLY E 1031 -10.68 35.24 -60.37
CA GLY E 1031 -11.89 34.86 -61.05
C GLY E 1031 -11.70 34.47 -62.50
N SER E 1032 -12.59 34.93 -63.36
CA SER E 1032 -12.55 34.57 -64.77
C SER E 1032 -11.51 35.40 -65.51
N ALA E 1033 -11.48 35.23 -66.84
CA ALA E 1033 -10.59 36.03 -67.67
C ALA E 1033 -10.97 37.50 -67.65
N ARG E 1034 -12.26 37.78 -67.68
CA ARG E 1034 -12.75 39.14 -67.61
C ARG E 1034 -12.31 39.90 -66.37
N THR E 1035 -12.55 39.35 -65.19
CA THR E 1035 -12.19 40.03 -63.95
C THR E 1035 -10.68 40.11 -63.77
N ARG E 1036 -9.95 39.10 -64.17
CA ARG E 1036 -8.51 39.12 -64.08
C ARG E 1036 -7.94 40.19 -64.99
N TRP E 1037 -8.52 40.34 -66.18
CA TRP E 1037 -8.05 41.39 -67.09
C TRP E 1037 -8.33 42.76 -66.55
N GLU E 1038 -9.49 42.96 -65.97
CA GLU E 1038 -9.78 44.24 -65.36
C GLU E 1038 -8.80 44.56 -64.23
N MET E 1039 -8.52 43.60 -63.36
CA MET E 1039 -7.54 43.87 -62.30
C MET E 1039 -6.13 44.06 -62.86
N GLU E 1040 -5.78 43.32 -63.92
CA GLU E 1040 -4.44 43.42 -64.48
C GLU E 1040 -4.22 44.75 -65.18
N ALA E 1041 -5.19 45.20 -65.96
CA ALA E 1041 -5.03 46.42 -66.76
C ALA E 1041 -5.30 47.68 -65.96
N PHE E 1042 -6.44 47.73 -65.30
CA PHE E 1042 -6.87 48.96 -64.63
C PHE E 1042 -6.71 49.00 -63.15
N GLY E 1043 -6.42 47.89 -62.52
CA GLY E 1043 -6.21 47.87 -61.08
C GLY E 1043 -7.47 47.96 -60.25
N GLU E 1044 -8.62 47.95 -60.90
CA GLU E 1044 -9.90 48.11 -60.23
C GLU E 1044 -11.00 47.50 -61.05
N PHE E 1045 -12.10 47.12 -60.41
CA PHE E 1045 -13.22 46.54 -61.12
C PHE E 1045 -14.22 47.63 -61.52
N SER E 1046 -14.81 47.45 -62.70
CA SER E 1046 -15.95 48.25 -63.10
C SER E 1046 -17.19 47.71 -62.40
N LEU E 1047 -18.35 48.28 -62.72
CA LEU E 1047 -19.58 47.76 -62.15
C LEU E 1047 -19.82 46.33 -62.61
N GLU E 1048 -19.55 46.02 -63.87
CA GLU E 1048 -19.71 44.65 -64.37
C GLU E 1048 -18.73 43.70 -63.74
N GLY E 1049 -17.51 44.13 -63.56
CA GLY E 1049 -16.53 43.32 -62.91
C GLY E 1049 -16.82 43.08 -61.46
N CYS E 1050 -17.28 44.11 -60.76
CA CYS E 1050 -17.65 43.94 -59.36
C CYS E 1050 -18.84 42.98 -59.21
N VAL E 1051 -19.85 43.14 -60.07
CA VAL E 1051 -21.02 42.27 -59.98
C VAL E 1051 -20.63 40.83 -60.30
N GLU E 1052 -19.82 40.62 -61.32
CA GLU E 1052 -19.37 39.27 -61.63
C GLU E 1052 -18.56 38.65 -60.51
N MET E 1053 -17.67 39.43 -59.89
CA MET E 1053 -16.92 38.88 -58.76
C MET E 1053 -17.84 38.54 -57.59
N ALA E 1054 -18.84 39.38 -57.34
CA ALA E 1054 -19.79 39.08 -56.28
C ALA E 1054 -20.56 37.81 -56.57
N TRP E 1055 -20.98 37.59 -57.79
CA TRP E 1055 -21.66 36.38 -58.17
C TRP E 1055 -20.73 35.15 -58.06
N ILE E 1056 -19.49 35.26 -58.52
CA ILE E 1056 -18.56 34.15 -58.42
C ILE E 1056 -18.29 33.78 -56.99
N MET E 1057 -18.14 34.76 -56.12
CA MET E 1057 -17.80 34.46 -54.73
C MET E 1057 -19.01 34.14 -53.88
N GLY E 1058 -20.20 34.14 -54.45
CA GLY E 1058 -21.38 33.79 -53.72
C GLY E 1058 -21.92 34.85 -52.78
N PHE E 1059 -21.48 36.10 -52.89
CA PHE E 1059 -22.03 37.17 -52.08
C PHE E 1059 -23.48 37.47 -52.47
N ILE E 1060 -23.75 37.43 -53.77
CA ILE E 1060 -25.07 37.75 -54.27
C ILE E 1060 -25.63 36.65 -55.09
N SER E 1061 -26.93 36.54 -55.11
CA SER E 1061 -27.58 35.55 -55.94
C SER E 1061 -28.77 36.19 -56.59
N TYR E 1062 -29.24 35.57 -57.64
CA TYR E 1062 -30.38 36.09 -58.39
C TYR E 1062 -31.68 35.58 -57.80
N HIS E 1063 -32.67 36.47 -57.72
CA HIS E 1063 -33.98 36.10 -57.26
C HIS E 1063 -35.03 36.63 -58.20
N ASN E 1064 -36.06 35.84 -58.45
CA ASN E 1064 -37.18 36.27 -59.28
C ASN E 1064 -38.46 35.68 -58.69
N GLY E 1065 -39.30 36.50 -58.07
CA GLY E 1065 -40.54 36.04 -57.49
C GLY E 1065 -40.94 36.93 -56.33
N ASN E 1066 -41.66 36.33 -55.39
CA ASN E 1066 -42.18 37.05 -54.24
C ASN E 1066 -41.10 37.19 -53.18
N LEU E 1067 -40.92 38.41 -52.68
CA LEU E 1067 -39.93 38.67 -51.64
C LEU E 1067 -40.48 39.64 -50.60
N GLY E 1069 -43.21 40.49 -49.50
CA GLY E 1069 -44.46 40.19 -50.17
C GLY E 1069 -44.51 40.69 -51.60
N ARG E 1070 -43.85 41.82 -51.86
CA ARG E 1070 -43.87 42.40 -53.20
C ARG E 1070 -43.09 41.52 -54.17
N PRO E 1071 -43.38 41.64 -55.47
CA PRO E 1071 -42.65 40.86 -56.47
C PRO E 1071 -41.31 41.50 -56.78
N TYR E 1072 -40.24 40.70 -56.68
CA TYR E 1072 -38.90 41.20 -56.94
C TYR E 1072 -38.11 40.38 -57.95
N THR E 1073 -37.42 41.08 -58.83
CA THR E 1073 -36.55 40.45 -59.82
C THR E 1073 -35.21 41.17 -59.78
N GLY E 1074 -34.17 40.48 -59.32
CA GLY E 1074 -32.84 41.07 -59.31
C GLY E 1074 -31.95 40.36 -58.32
N TRP E 1075 -30.86 41.00 -57.98
CA TRP E 1075 -29.94 40.44 -57.05
C TRP E 1075 -30.36 40.56 -55.63
N VAL E 1076 -30.03 39.58 -54.84
CA VAL E 1076 -30.29 39.61 -53.40
C VAL E 1076 -29.03 39.12 -52.70
N ASP E 1077 -28.92 39.46 -51.42
CA ASP E 1077 -27.82 38.96 -50.62
C ASP E 1077 -28.01 37.45 -50.38
N SER E 1078 -26.96 36.69 -50.64
CA SER E 1078 -27.06 35.24 -50.56
C SER E 1078 -27.31 34.74 -49.15
N LYS E 1079 -26.80 35.44 -48.14
CA LYS E 1079 -26.99 35.02 -46.74
C LYS E 1079 -28.27 35.55 -46.12
N THR E 1080 -28.65 36.78 -46.40
CA THR E 1080 -29.84 37.37 -45.82
C THR E 1080 -31.00 37.50 -46.78
N LYS E 1081 -30.82 37.17 -48.05
CA LYS E 1081 -31.87 37.29 -49.05
C LYS E 1081 -32.44 38.70 -49.16
N GLU E 1082 -31.68 39.70 -48.76
CA GLU E 1082 -32.16 41.08 -48.89
C GLU E 1082 -31.86 41.59 -50.30
N PRO E 1083 -32.72 42.42 -50.86
CA PRO E 1083 -32.39 42.84 -52.22
C PRO E 1083 -31.15 43.70 -52.33
N VAL E 1084 -30.48 43.64 -53.46
CA VAL E 1084 -29.28 44.40 -53.67
C VAL E 1084 -29.30 45.01 -55.05
N ASP E 1085 -29.10 46.31 -55.14
CA ASP E 1085 -29.01 46.97 -56.43
C ASP E 1085 -27.57 46.95 -56.93
N ASP E 1086 -27.39 47.00 -58.23
CA ASP E 1086 -26.06 46.96 -58.80
C ASP E 1086 -25.23 48.15 -58.34
N LYS E 1087 -25.86 49.30 -58.14
CA LYS E 1087 -25.12 50.47 -57.67
C LYS E 1087 -24.52 50.24 -56.30
N ASP E 1088 -25.22 49.51 -55.44
CA ASP E 1088 -24.77 49.28 -54.07
C ASP E 1088 -23.86 48.07 -53.93
N VAL E 1089 -23.66 47.29 -54.99
CA VAL E 1089 -22.85 46.09 -54.89
C VAL E 1089 -21.43 46.44 -54.51
N LYS E 1090 -20.87 47.49 -55.13
CA LYS E 1090 -19.51 47.89 -54.78
C LYS E 1090 -19.39 48.26 -53.31
N ALA E 1091 -20.24 49.17 -52.85
CA ALA E 1091 -20.15 49.60 -51.46
C ALA E 1091 -20.38 48.46 -50.48
N LYS E 1092 -21.23 47.49 -50.85
CA LYS E 1092 -21.48 46.37 -49.96
C LYS E 1092 -20.35 45.37 -49.93
N TYR E 1093 -19.73 45.07 -51.08
CA TYR E 1093 -18.93 43.86 -51.20
C TYR E 1093 -17.52 44.04 -51.72
N GLU E 1094 -17.11 45.22 -52.18
CA GLU E 1094 -15.82 45.32 -52.85
C GLU E 1094 -14.66 45.10 -51.89
N THR E 1095 -14.78 45.58 -50.66
CA THR E 1095 -13.71 45.36 -49.68
C THR E 1095 -13.54 43.87 -49.41
N SER E 1096 -14.64 43.15 -49.21
CA SER E 1096 -14.57 41.71 -49.02
C SER E 1096 -14.04 41.01 -50.25
N ILE E 1097 -14.43 41.47 -51.44
CA ILE E 1097 -13.98 40.84 -52.67
C ILE E 1097 -12.47 40.97 -52.81
N LEU E 1098 -11.94 42.13 -52.51
CA LEU E 1098 -10.52 42.35 -52.65
C LEU E 1098 -9.74 41.67 -51.57
N GLU E 1099 -10.32 41.61 -50.38
CA GLU E 1099 -9.65 40.96 -49.26
C GLU E 1099 -9.55 39.46 -49.44
N HIS E 1100 -10.39 38.85 -50.27
CA HIS E 1100 -10.44 37.40 -50.44
C HIS E 1100 -10.22 37.01 -51.90
N SER E 1101 -9.32 37.71 -52.58
CA SER E 1101 -8.97 37.40 -53.95
C SER E 1101 -7.48 37.62 -54.14
N GLY E 1102 -6.93 37.05 -55.19
CA GLY E 1102 -5.52 37.18 -55.45
C GLY E 1102 -4.59 36.52 -54.48
N ILE E 1103 -3.35 36.97 -54.45
CA ILE E 1103 -2.37 36.45 -53.53
C ILE E 1103 -2.68 36.91 -52.13
N ARG E 1104 -2.90 35.97 -51.24
CA ARG E 1104 -3.29 36.29 -49.90
C ARG E 1104 -2.83 35.26 -48.92
N LEU E 1105 -3.02 35.51 -47.64
CA LEU E 1105 -2.72 34.50 -46.63
C LEU E 1105 -3.52 33.27 -46.92
N ILE E 1106 -2.91 32.12 -46.75
CA ILE E 1106 -3.57 30.85 -47.05
C ILE E 1106 -4.72 30.60 -46.10
N GLU E 1107 -5.84 30.18 -46.64
CA GLU E 1107 -7.04 29.94 -45.85
C GLU E 1107 -7.29 28.47 -45.68
N PRO E 1108 -7.18 27.95 -44.44
CA PRO E 1108 -7.33 26.50 -44.26
C PRO E 1108 -8.65 25.96 -44.76
N GLU E 1109 -9.71 26.73 -44.79
CA GLU E 1109 -11.02 26.26 -45.22
C GLU E 1109 -11.06 25.89 -46.69
N LEU E 1110 -10.09 26.34 -47.47
CA LEU E 1110 -10.08 26.09 -48.90
C LEU E 1110 -9.20 24.92 -49.24
N PHE E 1111 -8.41 24.46 -48.29
CA PHE E 1111 -7.48 23.35 -48.52
C PHE E 1111 -7.58 22.28 -47.44
N ASN E 1112 -8.79 21.81 -47.15
CA ASN E 1112 -9.02 20.75 -46.16
C ASN E 1112 -8.36 20.97 -44.81
N GLY E 1113 -8.48 22.17 -44.27
CA GLY E 1113 -7.89 22.48 -43.01
C GLY E 1113 -6.39 22.60 -42.94
N TYR E 1114 -5.69 22.63 -44.04
CA TYR E 1114 -4.26 22.86 -44.01
C TYR E 1114 -3.93 24.21 -43.44
N ASN E 1115 -3.11 24.22 -42.41
CA ASN E 1115 -2.68 25.44 -41.79
C ASN E 1115 -1.18 25.37 -41.81
N PRO E 1116 -0.56 26.16 -42.66
CA PRO E 1116 0.89 26.17 -42.76
C PRO E 1116 1.59 26.51 -41.43
N GLU E 1117 0.92 27.18 -40.52
CA GLU E 1117 1.51 27.49 -39.23
C GLU E 1117 1.47 26.32 -38.25
N LYS E 1118 0.69 25.29 -38.54
CA LYS E 1118 0.67 24.10 -37.70
C LYS E 1118 0.62 22.86 -38.55
N LYS E 1119 1.72 22.46 -39.14
CA LYS E 1119 1.78 21.30 -40.01
C LYS E 1119 1.90 20.02 -39.19
N GLU E 1120 1.01 19.07 -39.44
CA GLU E 1120 1.01 17.81 -38.69
C GLU E 1120 1.91 16.71 -39.20
N MET E 1121 2.74 16.22 -38.32
CA MET E 1121 3.61 15.09 -38.60
C MET E 1121 3.47 14.08 -37.46
N ILE E 1122 4.10 12.92 -37.61
CA ILE E 1122 4.09 11.90 -36.57
C ILE E 1122 5.52 11.43 -36.34
N GLN E 1123 5.81 11.05 -35.10
CA GLN E 1123 7.12 10.55 -34.72
C GLN E 1123 6.98 9.17 -34.10
N GLU E 1124 7.93 8.30 -34.43
CA GLU E 1124 7.96 6.94 -33.90
C GLU E 1124 8.65 6.93 -32.54
N VAL E 1125 7.98 6.38 -31.54
CA VAL E 1125 8.55 6.22 -30.21
C VAL E 1125 8.36 4.77 -29.77
N ILE E 1126 9.38 4.22 -29.13
CA ILE E 1126 9.30 2.89 -28.56
C ILE E 1126 8.66 2.99 -27.18
N VAL E 1127 7.64 2.17 -26.94
CA VAL E 1127 6.95 2.19 -25.65
C VAL E 1127 7.91 1.74 -24.56
N GLU E 1128 7.96 2.52 -23.47
CA GLU E 1128 8.81 2.21 -22.34
C GLU E 1128 8.10 1.37 -21.28
N GLU E 1129 6.77 1.34 -21.28
CA GLU E 1129 6.01 0.55 -20.32
C GLU E 1129 4.66 0.20 -20.92
N ASP E 1130 4.10 -0.92 -20.49
CA ASP E 1130 2.83 -1.40 -21.02
C ASP E 1130 1.81 -0.27 -21.01
N LEU E 1131 0.89 -0.31 -21.97
CA LEU E 1131 -0.16 0.69 -22.03
C LEU E 1131 -1.40 0.13 -21.41
N GLU E 1132 -2.41 0.97 -21.25
CA GLU E 1132 -3.66 0.53 -20.71
C GLU E 1132 -4.48 -0.12 -21.80
N PRO E 1133 -5.06 -1.28 -21.50
CA PRO E 1133 -5.84 -1.99 -22.51
C PRO E 1133 -6.94 -1.12 -23.08
N PHE E 1134 -7.28 -1.35 -24.34
CA PHE E 1134 -8.36 -0.61 -24.96
C PHE E 1134 -9.17 -1.60 -25.75
N GLU E 1135 -10.47 -1.42 -25.75
CA GLU E 1135 -11.32 -2.38 -26.44
C GLU E 1135 -11.34 -2.11 -27.94
N ALA E 1136 -11.34 -3.19 -28.72
CA ALA E 1136 -11.41 -3.11 -30.16
C ALA E 1136 -12.15 -4.33 -30.68
N SER E 1137 -12.62 -4.25 -31.93
CA SER E 1137 -13.28 -5.37 -32.55
C SER E 1137 -12.28 -6.49 -32.84
N LYS E 1138 -12.80 -7.68 -33.07
CA LYS E 1138 -11.94 -8.85 -33.25
C LYS E 1138 -11.02 -8.66 -34.45
N GLU E 1139 -11.55 -8.16 -35.57
CA GLU E 1139 -10.73 -7.97 -36.76
C GLU E 1139 -9.62 -6.96 -36.49
N THR E 1140 -9.96 -5.84 -35.83
CA THR E 1140 -8.96 -4.83 -35.52
C THR E 1140 -7.91 -5.38 -34.55
N ALA E 1141 -8.36 -6.14 -33.55
CA ALA E 1141 -7.41 -6.73 -32.61
C ALA E 1141 -6.47 -7.69 -33.32
N GLU E 1142 -6.94 -8.45 -34.28
CA GLU E 1142 -6.09 -9.37 -35.00
C GLU E 1142 -5.15 -8.63 -35.89
N GLN E 1143 -5.57 -7.50 -36.45
CA GLN E 1143 -4.63 -6.69 -37.22
C GLN E 1143 -3.52 -6.14 -36.34
N PHE E 1144 -3.87 -5.67 -35.13
CA PHE E 1144 -2.85 -5.22 -34.19
C PHE E 1144 -1.90 -6.36 -33.82
N LYS E 1145 -2.41 -7.57 -33.68
CA LYS E 1145 -1.58 -8.70 -33.27
C LYS E 1145 -0.67 -9.10 -34.39
N HIS E 1146 -1.16 -8.96 -35.61
CA HIS E 1146 -0.36 -9.28 -36.76
C HIS E 1146 0.77 -8.29 -36.87
N GLN E 1147 0.48 -7.02 -36.61
CA GLN E 1147 1.52 -6.00 -36.71
C GLN E 1147 2.58 -6.16 -35.62
N HIS E 1148 2.15 -6.32 -34.37
CA HIS E 1148 3.06 -6.23 -33.23
C HIS E 1148 3.58 -7.57 -32.74
N GLY E 1149 2.89 -8.67 -33.00
CA GLY E 1149 3.30 -9.96 -32.52
C GLY E 1149 3.41 -10.02 -31.01
N ASP E 1150 4.54 -10.47 -30.50
CA ASP E 1150 4.75 -10.58 -29.05
C ASP E 1150 4.63 -9.31 -28.25
N LYS E 1151 4.64 -8.15 -28.90
CA LYS E 1151 4.61 -6.89 -28.19
C LYS E 1151 3.19 -6.40 -27.92
N VAL E 1152 2.18 -7.24 -28.13
CA VAL E 1152 0.80 -6.89 -27.85
C VAL E 1152 0.08 -8.14 -27.37
N ASP E 1153 -0.92 -7.95 -26.51
CA ASP E 1153 -1.75 -9.03 -26.01
C ASP E 1153 -3.20 -8.73 -26.33
N ILE E 1154 -3.89 -9.68 -26.95
CA ILE E 1154 -5.31 -9.54 -27.28
C ILE E 1154 -6.06 -10.70 -26.63
N PHE E 1155 -7.14 -10.37 -25.93
CA PHE E 1155 -7.94 -11.35 -25.20
C PHE E 1155 -9.41 -11.03 -25.39
N GLU E 1156 -10.21 -11.99 -25.79
CA GLU E 1156 -11.62 -11.74 -25.97
C GLU E 1156 -12.33 -11.50 -24.67
N ILE E 1157 -13.18 -10.49 -24.62
CA ILE E 1157 -13.97 -10.23 -23.46
C ILE E 1157 -15.11 -11.20 -23.66
N PRO E 1158 -15.25 -12.20 -22.79
CA PRO E 1158 -16.25 -13.24 -23.01
C PRO E 1158 -17.69 -12.79 -23.05
N GLU E 1159 -18.03 -11.67 -22.43
CA GLU E 1159 -19.42 -11.25 -22.36
C GLU E 1159 -19.84 -10.27 -23.42
N THR E 1160 -18.90 -9.80 -24.23
CA THR E 1160 -19.20 -8.82 -25.26
C THR E 1160 -18.83 -9.33 -26.63
N GLY E 1161 -17.83 -10.19 -26.70
CA GLY E 1161 -17.36 -10.69 -27.98
C GLY E 1161 -16.30 -9.77 -28.50
N GLU E 1162 -16.02 -8.72 -27.74
CA GLU E 1162 -15.02 -7.76 -28.15
C GLU E 1162 -13.69 -8.23 -27.67
N TYR E 1163 -12.67 -7.46 -27.96
CA TYR E 1163 -11.32 -7.83 -27.59
C TYR E 1163 -10.64 -6.65 -26.91
N SER E 1164 -9.80 -6.95 -25.94
CA SER E 1164 -8.95 -5.96 -25.31
C SER E 1164 -7.58 -6.00 -25.97
N VAL E 1165 -7.03 -4.83 -26.26
CA VAL E 1165 -5.74 -4.75 -26.91
C VAL E 1165 -4.82 -4.14 -25.89
N LYS E 1166 -3.71 -4.78 -25.64
CA LYS E 1166 -2.78 -4.31 -24.66
C LYS E 1166 -1.40 -4.19 -25.28
N LEU E 1167 -0.98 -2.98 -25.59
CA LEU E 1167 0.33 -2.76 -26.17
C LEU E 1167 1.35 -2.84 -25.07
N LEU E 1168 2.38 -3.64 -25.26
CA LEU E 1168 3.37 -3.90 -24.23
C LEU E 1168 4.65 -3.09 -24.47
N LYS E 1169 5.54 -3.15 -23.49
CA LYS E 1169 6.82 -2.45 -23.56
C LYS E 1169 7.61 -2.92 -24.78
N GLY E 1170 8.29 -1.97 -25.42
CA GLY E 1170 9.10 -2.25 -26.59
C GLY E 1170 8.36 -2.14 -27.90
N ALA E 1171 7.05 -1.92 -27.88
CA ALA E 1171 6.29 -1.76 -29.10
C ALA E 1171 6.46 -0.35 -29.66
N THR E 1172 6.02 -0.17 -30.90
CA THR E 1172 6.16 1.09 -31.61
C THR E 1172 4.82 1.81 -31.69
N LEU E 1173 4.85 3.12 -31.47
CA LEU E 1173 3.69 3.98 -31.63
C LEU E 1173 4.08 5.18 -32.47
N TYR E 1174 3.09 6.03 -32.75
CA TYR E 1174 3.30 7.31 -33.40
C TYR E 1174 2.54 8.39 -32.65
N ILE E 1175 3.24 9.41 -32.20
CA ILE E 1175 2.63 10.57 -31.54
C ILE E 1175 2.63 11.73 -32.52
N PRO E 1176 1.48 12.32 -32.83
CA PRO E 1176 1.48 13.52 -33.68
C PRO E 1176 2.31 14.65 -33.07
N LYS E 1177 3.02 15.36 -33.92
CA LYS E 1177 3.72 16.57 -33.55
C LYS E 1177 3.52 17.62 -34.63
N ALA E 1178 3.40 18.88 -34.21
CA ALA E 1178 3.11 19.98 -35.11
C ALA E 1178 4.38 20.73 -35.48
N LEU E 1179 4.42 21.22 -36.71
CA LEU E 1179 5.57 21.95 -37.22
C LEU E 1179 5.09 23.26 -37.82
N ARG E 1180 5.88 24.31 -37.67
CA ARG E 1180 5.58 25.60 -38.27
C ARG E 1180 6.30 25.76 -39.60
N PHE E 1181 5.57 25.90 -40.70
CA PHE E 1181 6.14 26.11 -42.02
C PHE E 1181 6.14 27.62 -42.31
N ASP E 1182 7.16 28.06 -43.03
CA ASP E 1182 7.35 29.48 -43.32
C ASP E 1182 6.78 30.00 -44.67
N ARG E 1183 6.01 29.21 -45.37
CA ARG E 1183 5.31 29.71 -46.58
C ARG E 1183 3.85 29.82 -46.20
N LEU E 1184 3.34 31.02 -46.08
CA LEU E 1184 1.98 31.24 -45.63
C LEU E 1184 1.07 31.93 -46.59
N VAL E 1185 1.54 32.27 -47.77
CA VAL E 1185 0.77 33.05 -48.72
C VAL E 1185 0.65 32.27 -50.01
N ALA E 1186 -0.47 32.40 -50.68
CA ALA E 1186 -0.64 31.75 -51.97
C ALA E 1186 -1.65 32.45 -52.82
N GLY E 1187 -1.52 32.31 -54.13
CA GLY E 1187 -2.52 32.85 -55.02
C GLY E 1187 -3.69 31.89 -55.13
N GLN E 1188 -4.77 32.19 -54.43
CA GLN E 1188 -5.88 31.26 -54.28
C GLN E 1188 -7.11 31.77 -55.02
N ILE E 1189 -7.85 30.84 -55.60
CA ILE E 1189 -9.11 31.15 -56.26
C ILE E 1189 -10.03 31.85 -55.26
N PRO E 1190 -10.77 32.87 -55.70
CA PRO E 1190 -11.55 33.65 -54.72
C PRO E 1190 -12.38 32.82 -53.75
N THR E 1191 -12.38 33.18 -52.48
CA THR E 1191 -13.17 32.47 -51.47
C THR E 1191 -14.66 32.60 -51.73
N GLY E 1192 -15.35 31.47 -51.81
CA GLY E 1192 -16.76 31.46 -52.14
C GLY E 1192 -17.00 30.80 -53.45
N TRP E 1193 -15.95 30.64 -54.25
CA TRP E 1193 -16.05 29.94 -55.54
C TRP E 1193 -16.58 28.55 -55.37
N ASN E 1194 -17.53 28.16 -56.19
CA ASN E 1194 -18.18 26.87 -56.07
C ASN E 1194 -18.64 26.42 -57.43
N ALA E 1195 -18.24 25.24 -57.84
CA ALA E 1195 -18.68 24.69 -59.12
C ALA E 1195 -20.20 24.54 -59.22
N LYS E 1196 -20.92 24.55 -58.09
CA LYS E 1196 -22.37 24.56 -58.17
C LYS E 1196 -22.89 25.87 -58.76
N THR E 1197 -22.19 26.98 -58.59
CA THR E 1197 -22.61 28.28 -59.14
C THR E 1197 -22.59 28.24 -60.65
N TYR E 1198 -21.73 27.41 -61.21
CA TYR E 1198 -21.67 27.25 -62.64
C TYR E 1198 -22.62 26.17 -63.15
N GLY E 1199 -23.09 25.28 -62.28
CA GLY E 1199 -24.05 24.25 -62.67
C GLY E 1199 -23.55 22.83 -62.52
N ILE E 1200 -22.30 22.61 -62.13
CA ILE E 1200 -21.81 21.25 -61.95
C ILE E 1200 -22.50 20.62 -60.76
N SER E 1201 -22.97 19.39 -60.93
CA SER E 1201 -23.83 18.75 -59.94
C SER E 1201 -23.02 18.20 -58.77
N ASP E 1202 -23.73 17.87 -57.70
CA ASP E 1202 -23.08 17.39 -56.48
C ASP E 1202 -22.36 16.07 -56.70
N ASP E 1203 -22.95 15.17 -57.50
CA ASP E 1203 -22.33 13.87 -57.71
C ASP E 1203 -20.96 14.01 -58.38
N ILE E 1204 -20.87 14.86 -59.40
CA ILE E 1204 -19.58 15.10 -60.04
C ILE E 1204 -18.61 15.73 -59.06
N ILE E 1205 -19.07 16.70 -58.27
CA ILE E 1205 -18.18 17.36 -57.32
C ILE E 1205 -17.63 16.35 -56.32
N SER E 1206 -18.44 15.42 -55.87
CA SER E 1206 -17.98 14.41 -54.92
C SER E 1206 -17.17 13.32 -55.56
N GLN E 1207 -17.27 13.15 -56.88
CA GLN E 1207 -16.50 12.11 -57.58
C GLN E 1207 -15.08 12.54 -57.89
N VAL E 1208 -14.89 13.75 -58.40
CA VAL E 1208 -13.65 14.11 -59.07
C VAL E 1208 -12.75 14.92 -58.15
N ASP E 1209 -11.49 15.06 -58.58
CA ASP E 1209 -10.52 15.90 -57.89
C ASP E 1209 -10.90 17.39 -58.07
N PRO E 1210 -10.54 18.22 -57.10
CA PRO E 1210 -10.84 19.65 -57.21
C PRO E 1210 -10.29 20.34 -58.48
N ILE E 1211 -9.19 19.84 -59.04
CA ILE E 1211 -8.63 20.41 -60.27
C ILE E 1211 -9.57 20.16 -61.45
N THR E 1212 -10.27 19.03 -61.45
CA THR E 1212 -11.19 18.72 -62.55
C THR E 1212 -12.30 19.75 -62.64
N LEU E 1213 -12.73 20.35 -61.54
CA LEU E 1213 -13.76 21.38 -61.53
C LEU E 1213 -13.26 22.64 -62.17
N PHE E 1214 -12.04 23.07 -61.86
CA PHE E 1214 -11.46 24.21 -62.52
C PHE E 1214 -11.41 23.91 -64.03
N VAL E 1215 -10.99 22.72 -64.46
CA VAL E 1215 -10.88 22.40 -65.88
C VAL E 1215 -12.24 22.44 -66.55
N LEU E 1216 -13.26 21.85 -65.92
CA LEU E 1216 -14.59 21.81 -66.53
C LEU E 1216 -15.15 23.23 -66.71
N VAL E 1217 -15.03 24.06 -65.67
CA VAL E 1217 -15.54 25.42 -65.77
C VAL E 1217 -14.78 26.19 -66.84
N SER E 1218 -13.46 26.05 -66.89
CA SER E 1218 -12.68 26.77 -67.90
C SER E 1218 -13.04 26.31 -69.30
N VAL E 1219 -13.27 25.01 -69.50
CA VAL E 1219 -13.65 24.51 -70.82
C VAL E 1219 -14.99 25.09 -71.24
N VAL E 1220 -15.97 25.07 -70.33
CA VAL E 1220 -17.29 25.60 -70.66
C VAL E 1220 -17.20 27.09 -70.99
N GLU E 1221 -16.46 27.84 -70.18
CA GLU E 1221 -16.35 29.28 -70.41
C GLU E 1221 -15.55 29.59 -71.67
N ALA E 1222 -14.60 28.75 -72.03
CA ALA E 1222 -13.85 28.96 -73.27
C ALA E 1222 -14.70 28.66 -74.49
N PHE E 1223 -15.59 27.68 -74.41
CA PHE E 1223 -16.52 27.45 -75.51
C PHE E 1223 -17.53 28.58 -75.61
N ILE E 1224 -18.00 29.10 -74.47
CA ILE E 1224 -18.89 30.26 -74.51
C ILE E 1224 -18.18 31.45 -75.13
N ALA E 1225 -16.93 31.70 -74.75
CA ALA E 1225 -16.16 32.80 -75.33
C ALA E 1225 -15.96 32.63 -76.82
N SER E 1226 -16.11 31.40 -77.33
CA SER E 1226 -16.07 31.14 -78.76
C SER E 1226 -17.46 31.16 -79.40
N GLY E 1227 -18.49 31.51 -78.63
CA GLY E 1227 -19.84 31.54 -79.16
C GLY E 1227 -20.47 30.18 -79.38
N ILE E 1228 -19.84 29.11 -78.89
CA ILE E 1228 -20.35 27.76 -79.06
C ILE E 1228 -21.02 27.38 -77.74
N THR E 1229 -22.34 27.40 -77.72
CA THR E 1229 -23.08 27.14 -76.48
C THR E 1229 -23.42 25.67 -76.36
N ASP E 1230 -23.42 24.93 -77.46
CA ASP E 1230 -23.63 23.50 -77.44
C ASP E 1230 -22.47 22.85 -78.18
N PRO E 1231 -21.60 22.17 -77.47
CA PRO E 1231 -20.44 21.57 -78.15
C PRO E 1231 -20.81 20.64 -79.28
N TYR E 1232 -22.00 20.03 -79.26
CA TYR E 1232 -22.42 19.17 -80.35
C TYR E 1232 -22.59 19.94 -81.66
N GLU E 1233 -22.66 21.25 -81.64
CA GLU E 1233 -22.74 22.02 -82.86
C GLU E 1233 -21.48 21.88 -83.68
N MET E 1234 -20.36 21.56 -83.06
CA MET E 1234 -19.14 21.30 -83.81
C MET E 1234 -19.32 20.14 -84.77
N TYR E 1235 -20.16 19.17 -84.41
CA TYR E 1235 -20.36 17.99 -85.24
C TYR E 1235 -21.28 18.25 -86.43
N LYS E 1236 -21.77 19.48 -86.59
CA LYS E 1236 -22.42 19.87 -87.83
C LYS E 1236 -21.42 20.26 -88.90
N TYR E 1237 -20.16 20.39 -88.53
CA TYR E 1237 -19.10 20.73 -89.48
C TYR E 1237 -18.00 19.71 -89.59
N VAL E 1238 -17.70 19.01 -88.53
CA VAL E 1238 -16.58 18.09 -88.51
C VAL E 1238 -17.08 16.73 -88.02
N HIS E 1239 -16.31 15.70 -88.33
CA HIS E 1239 -16.57 14.37 -87.80
C HIS E 1239 -16.19 14.30 -86.33
N VAL E 1240 -16.80 13.35 -85.62
CA VAL E 1240 -16.53 13.20 -84.19
C VAL E 1240 -15.05 12.91 -83.95
N SER E 1241 -14.38 12.31 -84.93
CA SER E 1241 -12.97 11.99 -84.79
C SER E 1241 -12.05 13.19 -84.99
N GLU E 1242 -12.60 14.39 -85.18
CA GLU E 1242 -11.82 15.56 -85.56
C GLU E 1242 -11.83 16.65 -84.50
N VAL E 1243 -12.23 16.33 -83.28
CA VAL E 1243 -12.15 17.27 -82.16
C VAL E 1243 -11.16 16.68 -81.16
N GLY E 1244 -10.01 17.32 -81.02
CA GLY E 1244 -8.96 16.85 -80.14
C GLY E 1244 -8.96 17.56 -78.80
N ASN E 1245 -8.23 16.97 -77.86
CA ASN E 1245 -7.99 17.57 -76.55
C ASN E 1245 -6.51 17.34 -76.24
N CYS E 1246 -5.73 18.42 -76.19
CA CYS E 1246 -4.29 18.33 -76.04
C CYS E 1246 -3.79 19.13 -74.83
N SER E 1247 -4.64 19.33 -73.83
CA SER E 1247 -4.26 20.05 -72.63
C SER E 1247 -3.75 19.08 -71.55
N GLY E 1248 -2.96 19.61 -70.62
CA GLY E 1248 -2.40 18.80 -69.56
C GLY E 1248 -2.09 19.57 -68.30
N SER E 1249 -1.40 18.93 -67.35
CA SER E 1249 -0.99 19.56 -66.11
C SER E 1249 0.42 19.11 -65.77
N GLY E 1250 1.04 19.78 -64.83
CA GLY E 1250 2.34 19.38 -64.36
C GLY E 1250 2.29 18.25 -63.34
N MET E 1251 1.25 18.18 -62.51
CA MET E 1251 1.17 17.18 -61.44
C MET E 1251 -0.19 16.50 -61.26
N GLY E 1252 -1.21 16.98 -61.96
CA GLY E 1252 -2.52 16.39 -61.88
C GLY E 1252 -3.28 16.46 -60.58
N GLY E 1253 -4.08 15.45 -60.31
CA GLY E 1253 -4.89 15.43 -59.11
C GLY E 1253 -4.15 15.12 -57.84
N VAL E 1254 -3.38 16.08 -57.35
CA VAL E 1254 -2.55 15.85 -56.16
C VAL E 1254 -3.38 15.56 -54.92
N SER E 1255 -4.64 15.97 -54.89
CA SER E 1255 -5.50 15.64 -53.76
C SER E 1255 -5.80 14.14 -53.72
N ALA E 1256 -6.03 13.52 -54.88
CA ALA E 1256 -6.18 12.07 -54.92
C ALA E 1256 -4.88 11.36 -54.58
N LEU E 1257 -3.75 11.97 -54.85
CA LEU E 1257 -2.47 11.42 -54.46
C LEU E 1257 -2.38 11.42 -52.96
N ARG E 1258 -2.78 12.51 -52.33
CA ARG E 1258 -2.84 12.54 -50.88
C ARG E 1258 -3.78 11.44 -50.38
N GLY E 1259 -4.94 11.31 -51.00
CA GLY E 1259 -5.89 10.30 -50.56
C GLY E 1259 -5.30 8.90 -50.55
N MET E 1260 -4.57 8.54 -51.61
CA MET E 1260 -4.07 7.17 -51.70
C MET E 1260 -2.76 6.97 -50.94
N PHE E 1261 -1.96 8.02 -50.73
CA PHE E 1261 -0.67 7.85 -50.08
C PHE E 1261 -0.68 8.12 -48.58
N LYS E 1262 -1.57 8.95 -48.08
CA LYS E 1262 -1.62 9.27 -46.66
C LYS E 1262 -2.94 8.87 -46.03
N ASP E 1263 -4.06 9.26 -46.62
CA ASP E 1263 -5.35 8.96 -45.99
C ASP E 1263 -5.58 7.45 -45.91
N ARG E 1264 -5.20 6.68 -46.92
CA ARG E 1264 -5.33 5.22 -46.90
C ARG E 1264 -4.39 4.64 -45.87
N PHE E 1265 -3.22 5.23 -45.71
CA PHE E 1265 -2.30 4.77 -44.67
C PHE E 1265 -2.88 4.92 -43.28
N LYS E 1266 -3.60 6.01 -43.03
CA LYS E 1266 -4.28 6.23 -41.76
C LYS E 1266 -5.65 5.57 -41.71
N ASP E 1267 -5.99 4.77 -42.72
CA ASP E 1267 -7.26 4.04 -42.72
C ASP E 1267 -8.47 4.94 -42.64
N GLU E 1268 -8.43 6.06 -43.33
CA GLU E 1268 -9.57 6.97 -43.35
C GLU E 1268 -10.35 6.65 -44.60
N PRO E 1269 -11.64 6.95 -44.62
CA PRO E 1269 -12.48 6.59 -45.77
C PRO E 1269 -12.02 7.30 -47.03
N VAL E 1270 -11.59 6.51 -48.00
CA VAL E 1270 -11.21 7.01 -49.32
C VAL E 1270 -11.98 6.21 -50.36
N GLN E 1271 -12.50 6.90 -51.37
CA GLN E 1271 -13.25 6.22 -52.43
C GLN E 1271 -12.38 5.18 -53.11
N ASN E 1272 -13.01 4.08 -53.52
CA ASN E 1272 -12.26 2.93 -54.00
C ASN E 1272 -11.60 3.18 -55.35
N ASP E 1273 -12.04 4.19 -56.09
CA ASP E 1273 -11.45 4.53 -57.38
C ASP E 1273 -10.68 5.85 -57.31
N ILE E 1274 -10.09 6.15 -56.16
CA ILE E 1274 -9.32 7.39 -56.02
C ILE E 1274 -8.13 7.40 -56.96
N LEU E 1275 -7.62 6.21 -57.33
CA LEU E 1275 -6.43 6.15 -58.17
C LEU E 1275 -6.67 6.81 -59.52
N GLN E 1276 -7.83 6.56 -60.14
CA GLN E 1276 -8.10 7.12 -61.46
C GLN E 1276 -8.22 8.63 -61.41
N GLU E 1277 -8.73 9.19 -60.31
CA GLU E 1277 -8.89 10.63 -60.21
C GLU E 1277 -7.57 11.37 -60.15
N SER E 1278 -6.48 10.68 -59.89
CA SER E 1278 -5.19 11.30 -59.81
C SER E 1278 -4.49 11.45 -61.14
N PHE E 1279 -4.84 10.64 -62.14
CA PHE E 1279 -4.12 10.66 -63.41
C PHE E 1279 -4.23 12.03 -64.08
N ILE E 1280 -3.14 12.43 -64.73
CA ILE E 1280 -3.11 13.74 -65.37
C ILE E 1280 -4.02 13.81 -66.58
N ASN E 1281 -4.34 12.67 -67.20
CA ASN E 1281 -5.27 12.63 -68.33
C ASN E 1281 -6.72 12.46 -67.88
N THR E 1282 -6.97 12.32 -66.58
CA THR E 1282 -8.35 12.14 -66.11
C THR E 1282 -9.17 13.42 -66.27
N MET E 1283 -8.54 14.59 -66.18
CA MET E 1283 -9.29 15.82 -66.42
C MET E 1283 -9.82 15.87 -67.85
N SER E 1284 -8.97 15.52 -68.83
CA SER E 1284 -9.43 15.47 -70.21
C SER E 1284 -10.49 14.39 -70.40
N ALA E 1285 -10.31 13.24 -69.74
CA ALA E 1285 -11.33 12.21 -69.81
C ALA E 1285 -12.68 12.72 -69.32
N TRP E 1286 -12.70 13.43 -68.19
CA TRP E 1286 -13.95 13.97 -67.66
C TRP E 1286 -14.54 15.04 -68.57
N VAL E 1287 -13.68 15.89 -69.14
CA VAL E 1287 -14.18 16.89 -70.10
C VAL E 1287 -14.90 16.18 -71.24
N ASN E 1288 -14.28 15.15 -71.81
CA ASN E 1288 -14.90 14.45 -72.92
C ASN E 1288 -16.15 13.69 -72.48
N MET E 1289 -16.16 13.15 -71.27
CA MET E 1289 -17.28 12.35 -70.80
C MET E 1289 -18.47 13.18 -70.39
N LEU E 1290 -18.28 14.48 -70.09
CA LEU E 1290 -19.39 15.33 -69.67
C LEU E 1290 -19.81 16.35 -70.70
N LEU E 1291 -18.92 16.84 -71.57
CA LEU E 1291 -19.28 17.89 -72.50
C LEU E 1291 -19.09 17.52 -73.96
N ILE E 1292 -17.92 16.98 -74.32
CA ILE E 1292 -17.51 16.97 -75.71
C ILE E 1292 -18.01 15.72 -76.43
N SER E 1293 -17.74 14.55 -75.87
CA SER E 1293 -18.19 13.28 -76.46
C SER E 1293 -17.56 13.02 -77.83
N SER E 1294 -16.35 13.51 -78.05
CA SER E 1294 -15.66 13.27 -79.31
C SER E 1294 -14.81 12.00 -79.21
N SER E 1295 -14.48 11.46 -80.37
CA SER E 1295 -13.54 10.35 -80.49
C SER E 1295 -12.29 10.79 -81.25
N GLY E 1296 -11.88 12.04 -81.04
CA GLY E 1296 -10.72 12.58 -81.69
C GLY E 1296 -9.46 12.37 -80.88
N PRO E 1297 -8.34 12.90 -81.35
CA PRO E 1297 -7.07 12.69 -80.66
C PRO E 1297 -7.09 13.23 -79.24
N ILE E 1298 -6.43 12.51 -78.34
CA ILE E 1298 -6.22 12.95 -76.97
C ILE E 1298 -4.75 12.73 -76.64
N LYS E 1299 -4.02 13.82 -76.44
CA LYS E 1299 -2.59 13.77 -76.11
C LYS E 1299 -2.37 14.71 -74.93
N THR E 1300 -2.07 14.13 -73.77
CA THR E 1300 -1.99 14.92 -72.55
C THR E 1300 -0.54 15.24 -72.25
N PRO E 1301 -0.09 16.48 -72.40
CA PRO E 1301 1.30 16.80 -72.11
C PRO E 1301 1.56 16.95 -70.61
N VAL E 1302 2.81 16.72 -70.23
CA VAL E 1302 3.30 16.96 -68.88
C VAL E 1302 4.59 17.74 -69.03
N GLY E 1303 4.58 19.02 -68.68
CA GLY E 1303 5.73 19.86 -68.91
C GLY E 1303 6.05 20.80 -67.76
N ALA E 1304 5.73 20.38 -66.56
CA ALA E 1304 5.95 21.22 -65.39
C ALA E 1304 5.33 22.62 -65.56
N CYS E 1305 6.15 23.66 -65.57
CA CYS E 1305 5.62 25.01 -65.72
C CYS E 1305 5.45 25.43 -67.17
N ALA E 1306 5.96 24.67 -68.14
CA ALA E 1306 5.78 24.96 -69.56
C ALA E 1306 4.68 24.10 -70.17
N THR E 1307 3.80 23.54 -69.32
CA THR E 1307 2.79 22.60 -69.78
C THR E 1307 1.86 23.25 -70.80
N SER E 1308 1.45 24.50 -70.57
CA SER E 1308 0.46 25.11 -71.44
C SER E 1308 1.04 25.41 -72.82
N VAL E 1309 2.28 25.90 -72.87
CA VAL E 1309 2.93 26.15 -74.16
C VAL E 1309 3.14 24.83 -74.90
N GLU E 1310 3.54 23.78 -74.17
CA GLU E 1310 3.69 22.48 -74.81
C GLU E 1310 2.35 21.99 -75.35
N SER E 1311 1.27 22.23 -74.61
CA SER E 1311 -0.06 21.84 -75.06
C SER E 1311 -0.44 22.59 -76.33
N VAL E 1312 -0.14 23.88 -76.40
CA VAL E 1312 -0.42 24.65 -77.60
C VAL E 1312 0.36 24.10 -78.78
N ASP E 1313 1.63 23.78 -78.57
CA ASP E 1313 2.45 23.23 -79.64
C ASP E 1313 1.87 21.90 -80.14
N ILE E 1314 1.52 21.01 -79.22
CA ILE E 1314 0.97 19.71 -79.60
C ILE E 1314 -0.35 19.89 -80.34
N GLY E 1315 -1.19 20.82 -79.88
CA GLY E 1315 -2.46 21.02 -80.55
C GLY E 1315 -2.30 21.57 -81.96
N VAL E 1316 -1.37 22.52 -82.13
CA VAL E 1316 -1.10 23.06 -83.46
C VAL E 1316 -0.63 21.95 -84.39
N GLU E 1317 0.29 21.11 -83.92
CA GLU E 1317 0.78 20.03 -84.77
C GLU E 1317 -0.29 18.97 -85.03
N THR E 1318 -1.17 18.74 -84.06
CA THR E 1318 -2.27 17.81 -84.27
C THR E 1318 -3.22 18.31 -85.36
N ILE E 1319 -3.55 19.60 -85.39
CA ILE E 1319 -4.41 20.11 -86.45
C ILE E 1319 -3.70 20.12 -87.80
N LEU E 1320 -2.44 20.49 -87.83
CA LEU E 1320 -1.69 20.53 -89.05
C LEU E 1320 -1.41 19.16 -89.63
N SER E 1321 -1.37 18.12 -88.79
CA SER E 1321 -1.20 16.77 -89.32
C SER E 1321 -2.50 16.21 -89.89
N GLY E 1322 -3.63 16.88 -89.69
CA GLY E 1322 -4.89 16.38 -90.18
C GLY E 1322 -5.62 15.45 -89.25
N LYS E 1323 -5.11 15.25 -88.06
CA LYS E 1323 -5.79 14.42 -87.08
C LYS E 1323 -6.97 15.13 -86.44
N ALA E 1324 -7.01 16.46 -86.49
CA ALA E 1324 -8.10 17.23 -85.92
C ALA E 1324 -8.28 18.54 -86.64
N ARG E 1325 -9.42 19.19 -86.45
CA ARG E 1325 -9.65 20.50 -87.00
C ARG E 1325 -9.98 21.44 -85.85
N ILE E 1326 -10.38 20.92 -84.69
CA ILE E 1326 -10.62 21.71 -83.49
C ILE E 1326 -9.89 21.02 -82.35
N CYS E 1327 -9.20 21.81 -81.52
CA CYS E 1327 -8.47 21.26 -80.40
C CYS E 1327 -8.68 22.07 -79.14
N ILE E 1328 -8.80 21.39 -78.01
CA ILE E 1328 -8.79 22.02 -76.70
C ILE E 1328 -7.35 21.99 -76.18
N VAL E 1329 -6.81 23.18 -75.88
CA VAL E 1329 -5.46 23.29 -75.34
C VAL E 1329 -5.52 24.14 -74.07
N GLY E 1330 -4.49 24.03 -73.27
CA GLY E 1330 -4.38 24.81 -72.06
C GLY E 1330 -3.65 24.02 -70.98
N GLY E 1331 -3.76 24.52 -69.76
CA GLY E 1331 -3.06 23.94 -68.64
C GLY E 1331 -3.81 24.15 -67.34
N TYR E 1332 -3.43 23.36 -66.34
CA TYR E 1332 -4.09 23.41 -65.04
C TYR E 1332 -3.19 22.76 -64.00
N ASP E 1333 -3.40 23.15 -62.75
CA ASP E 1333 -2.70 22.57 -61.61
C ASP E 1333 -3.28 23.17 -60.34
N ASP E 1334 -3.20 22.41 -59.27
CA ASP E 1334 -3.72 22.85 -58.00
C ASP E 1334 -2.65 23.15 -56.99
N PHE E 1335 -3.04 23.71 -55.87
CA PHE E 1335 -2.13 23.98 -54.77
C PHE E 1335 -2.56 23.14 -53.58
N GLN E 1336 -1.63 22.48 -52.93
CA GLN E 1336 -1.91 21.69 -51.75
C GLN E 1336 -0.73 21.69 -50.81
N GLU E 1337 -0.93 21.20 -49.60
CA GLU E 1337 0.11 21.14 -48.59
C GLU E 1337 1.43 20.49 -49.00
N GLU E 1338 1.40 19.27 -49.49
CA GLU E 1338 2.64 18.56 -49.80
C GLU E 1338 3.47 19.25 -50.87
N GLY E 1339 2.83 19.73 -51.94
CA GLY E 1339 3.57 20.43 -52.97
C GLY E 1339 4.17 21.73 -52.48
N SER E 1340 3.44 22.46 -51.65
CA SER E 1340 3.97 23.68 -51.06
C SER E 1340 5.21 23.40 -50.22
N PHE E 1341 5.15 22.38 -49.37
CA PHE E 1341 6.28 22.02 -48.55
C PHE E 1341 7.45 21.63 -49.40
N GLU E 1342 7.22 20.84 -50.43
CA GLU E 1342 8.36 20.39 -51.23
C GLU E 1342 8.96 21.53 -52.03
N PHE E 1343 8.16 22.48 -52.49
CA PHE E 1343 8.72 23.67 -53.11
C PHE E 1343 9.46 24.53 -52.09
N GLY E 1344 9.02 24.50 -50.83
CA GLY E 1344 9.79 25.15 -49.78
C GLY E 1344 11.13 24.49 -49.54
N ASN E 1345 11.18 23.17 -49.45
CA ASN E 1345 12.45 22.45 -49.29
C ASN E 1345 13.41 22.64 -50.45
N MET E 1346 12.90 22.92 -51.64
CA MET E 1346 13.76 23.25 -52.77
C MET E 1346 14.15 24.71 -52.80
N LYS E 1347 13.55 25.55 -51.96
CA LYS E 1347 13.83 26.98 -51.91
C LYS E 1347 13.46 27.65 -53.21
N ALA E 1348 12.46 27.12 -53.89
CA ALA E 1348 11.98 27.75 -55.12
C ALA E 1348 10.98 28.86 -54.84
N THR E 1349 10.27 28.76 -53.74
CA THR E 1349 9.30 29.75 -53.38
C THR E 1349 9.87 30.77 -52.41
N SER E 1350 9.18 31.87 -52.22
CA SER E 1350 9.63 32.88 -51.29
C SER E 1350 9.30 32.57 -49.85
N ASN E 1351 10.25 32.77 -48.95
CA ASN E 1351 9.98 32.61 -47.53
C ASN E 1351 9.15 33.81 -47.10
N THR E 1352 7.97 33.58 -46.55
CA THR E 1352 7.07 34.64 -46.15
C THR E 1352 7.50 35.35 -44.87
N LEU E 1353 8.26 34.68 -44.00
CA LEU E 1353 8.71 35.31 -42.78
C LEU E 1353 9.82 36.30 -43.09
N GLU E 1354 10.63 36.02 -44.08
CA GLU E 1354 11.65 36.94 -44.51
C GLU E 1354 10.99 38.09 -45.23
N GLU E 1355 9.94 37.84 -46.01
CA GLU E 1355 9.17 38.92 -46.63
C GLU E 1355 8.57 39.86 -45.57
N PHE E 1356 8.03 39.32 -44.48
CA PHE E 1356 7.51 40.15 -43.42
C PHE E 1356 8.62 40.93 -42.72
N GLU E 1357 9.82 40.36 -42.59
CA GLU E 1357 10.94 41.09 -41.99
C GLU E 1357 11.28 42.34 -42.79
N HIS E 1358 11.08 42.29 -44.10
CA HIS E 1358 11.32 43.44 -44.94
C HIS E 1358 10.10 44.33 -45.15
N GLY E 1359 9.04 44.14 -44.38
CA GLY E 1359 7.86 45.00 -44.47
C GLY E 1359 6.98 44.73 -45.66
N ARG E 1360 7.11 43.59 -46.28
CA ARG E 1360 6.36 43.29 -47.47
C ARG E 1360 5.05 42.58 -47.18
N THR E 1361 3.98 43.06 -47.78
CA THR E 1361 2.69 42.45 -47.61
C THR E 1361 2.48 41.44 -48.73
N PRO E 1362 1.48 40.56 -48.60
CA PRO E 1362 1.25 39.54 -49.63
C PRO E 1362 1.03 40.08 -51.05
N ALA E 1363 0.42 41.24 -51.19
CA ALA E 1363 0.19 41.85 -52.48
C ALA E 1363 1.45 42.36 -53.16
N GLU E 1364 2.57 42.37 -52.47
CA GLU E 1364 3.82 42.80 -53.08
C GLU E 1364 4.90 41.74 -53.00
N MET E 1365 4.54 40.49 -52.72
CA MET E 1365 5.52 39.45 -52.59
C MET E 1365 5.95 38.92 -53.97
N SER E 1366 5.08 38.94 -54.97
CA SER E 1366 5.45 38.55 -56.35
C SER E 1366 5.88 39.79 -57.11
N ARG E 1367 7.19 39.95 -57.29
CA ARG E 1367 7.73 41.13 -57.94
C ARG E 1367 8.80 40.74 -58.91
N PRO E 1368 8.39 40.27 -60.08
CA PRO E 1368 9.38 39.80 -61.05
C PRO E 1368 10.31 40.93 -61.52
N ALA E 1369 11.55 40.55 -61.79
CA ALA E 1369 12.55 41.42 -62.40
C ALA E 1369 12.91 42.61 -61.51
N THR E 1370 12.74 42.47 -60.21
CA THR E 1370 13.10 43.52 -59.26
C THR E 1370 14.39 43.17 -58.55
N THR E 1371 15.03 44.14 -57.95
CA THR E 1371 16.27 43.91 -57.25
C THR E 1371 16.15 42.97 -56.07
N THR E 1372 14.98 42.87 -55.46
CA THR E 1372 14.83 42.10 -54.24
C THR E 1372 13.95 40.86 -54.41
N ARG E 1373 13.71 40.46 -55.65
CA ARG E 1373 12.95 39.25 -55.92
C ARG E 1373 13.64 38.05 -55.29
N ASN E 1374 12.90 37.22 -54.56
CA ASN E 1374 13.48 36.10 -53.83
C ASN E 1374 12.69 34.81 -53.81
N GLY E 1375 11.91 34.53 -54.83
CA GLY E 1375 11.19 33.30 -54.90
C GLY E 1375 9.84 33.50 -55.52
N PHE E 1376 9.26 32.43 -56.03
CA PHE E 1376 7.95 32.53 -56.67
C PHE E 1376 6.83 32.39 -55.69
N MET E 1377 5.65 32.79 -56.09
CA MET E 1377 4.47 32.71 -55.26
C MET E 1377 3.69 31.64 -55.91
N GLU E 1378 3.28 30.65 -55.16
CA GLU E 1378 2.47 29.59 -55.71
C GLU E 1378 0.99 29.95 -55.87
N ALA E 1379 0.38 29.49 -56.95
CA ALA E 1379 -1.03 29.76 -57.24
C ALA E 1379 -1.73 28.49 -57.68
N GLN E 1380 -2.97 28.62 -58.08
CA GLN E 1380 -3.75 27.50 -58.58
C GLN E 1380 -4.76 27.94 -59.62
N GLY E 1381 -5.25 27.00 -60.41
CA GLY E 1381 -6.30 27.30 -61.36
C GLY E 1381 -6.07 26.56 -62.67
N ALA E 1382 -6.77 27.04 -63.71
CA ALA E 1382 -6.71 26.42 -65.02
C ALA E 1382 -6.91 27.49 -66.08
N GLY E 1383 -6.42 27.20 -67.28
CA GLY E 1383 -6.64 28.05 -68.43
C GLY E 1383 -6.83 27.22 -69.69
N ILE E 1384 -7.81 27.57 -70.51
CA ILE E 1384 -8.17 26.79 -71.69
C ILE E 1384 -8.31 27.72 -72.88
N GLN E 1385 -7.87 27.25 -74.04
CA GLN E 1385 -8.10 27.94 -75.32
C GLN E 1385 -8.65 26.95 -76.33
N ILE E 1386 -9.56 27.42 -77.18
CA ILE E 1386 -10.05 26.64 -78.31
C ILE E 1386 -9.31 27.11 -79.54
N ILE E 1387 -8.60 26.20 -80.20
CA ILE E 1387 -7.90 26.50 -81.44
C ILE E 1387 -8.47 25.63 -82.55
N MET E 1388 -8.62 26.21 -83.73
CA MET E 1388 -9.05 25.45 -84.90
C MET E 1388 -8.41 26.07 -86.14
N GLN E 1389 -8.65 25.45 -87.29
CA GLN E 1389 -8.20 25.98 -88.54
C GLN E 1389 -8.94 27.27 -88.90
N ALA E 1390 -8.23 28.24 -89.47
CA ALA E 1390 -8.83 29.51 -89.86
C ALA E 1390 -9.99 29.29 -90.81
N ASP E 1391 -9.87 28.35 -91.73
CA ASP E 1391 -10.93 28.03 -92.66
C ASP E 1391 -12.22 27.60 -91.99
N LEU E 1392 -12.14 26.75 -90.97
CA LEU E 1392 -13.32 26.31 -90.25
C LEU E 1392 -13.80 27.36 -89.30
N ALA E 1393 -12.91 28.17 -88.76
CA ALA E 1393 -13.36 29.28 -87.92
C ALA E 1393 -14.19 30.26 -88.74
N LEU E 1394 -13.74 30.58 -89.96
CA LEU E 1394 -14.51 31.46 -90.83
C LEU E 1394 -15.82 30.81 -91.25
N LYS E 1395 -15.83 29.55 -91.54
CA LYS E 1395 -17.04 28.90 -91.98
C LYS E 1395 -18.04 28.84 -90.85
N MET E 1396 -17.58 28.54 -89.64
CA MET E 1396 -18.50 28.40 -88.52
C MET E 1396 -19.06 29.73 -88.07
N GLY E 1397 -18.33 30.82 -88.29
CA GLY E 1397 -18.75 32.11 -87.79
C GLY E 1397 -18.40 32.37 -86.35
N VAL E 1398 -17.29 31.84 -85.88
CA VAL E 1398 -16.88 32.00 -84.48
C VAL E 1398 -15.91 33.18 -84.39
N PRO E 1399 -15.83 33.85 -83.26
CA PRO E 1399 -14.85 34.94 -83.12
C PRO E 1399 -13.43 34.43 -83.20
N ILE E 1400 -12.54 35.29 -83.69
CA ILE E 1400 -11.12 34.98 -83.81
C ILE E 1400 -10.36 36.03 -83.02
N TYR E 1401 -9.66 35.58 -81.97
CA TYR E 1401 -8.95 36.48 -81.08
C TYR E 1401 -7.48 36.65 -81.42
N GLY E 1402 -6.92 35.77 -82.25
CA GLY E 1402 -5.53 35.89 -82.63
C GLY E 1402 -5.10 34.69 -83.44
N ILE E 1403 -3.90 34.81 -84.00
CA ILE E 1403 -3.31 33.77 -84.84
C ILE E 1403 -2.16 33.14 -84.06
N VAL E 1404 -2.13 31.82 -83.97
CA VAL E 1404 -1.01 31.13 -83.35
C VAL E 1404 -0.01 30.97 -84.47
N ALA E 1405 0.93 31.90 -84.56
CA ALA E 1405 1.90 31.89 -85.64
C ALA E 1405 3.07 30.97 -85.40
N MET E 1406 3.43 30.71 -84.16
CA MET E 1406 4.50 29.78 -83.84
C MET E 1406 4.31 29.15 -82.49
N ALA E 1407 4.80 27.94 -82.30
CA ALA E 1407 4.71 27.22 -81.02
C ALA E 1407 5.85 26.22 -81.01
N ALA E 1408 6.79 26.33 -80.09
CA ALA E 1408 7.98 25.49 -80.08
C ALA E 1408 8.35 25.09 -78.67
N THR E 1409 9.11 24.00 -78.57
CA THR E 1409 9.64 23.51 -77.31
C THR E 1409 11.10 23.11 -77.51
N ALA E 1410 11.89 23.17 -76.44
CA ALA E 1410 13.31 22.87 -76.57
C ALA E 1410 13.87 22.49 -75.20
N THR E 1411 14.81 21.55 -75.21
CA THR E 1411 15.60 21.19 -74.05
C THR E 1411 16.93 21.95 -74.08
N ASP E 1412 17.67 21.89 -72.98
CA ASP E 1412 18.85 22.74 -72.88
C ASP E 1412 20.17 22.04 -73.22
N LYS E 1413 20.64 21.14 -72.35
CA LYS E 1413 21.97 20.57 -72.51
C LYS E 1413 22.32 19.60 -71.39
N ILE E 1414 23.53 19.04 -71.44
CA ILE E 1414 24.02 18.20 -70.36
C ILE E 1414 24.14 19.00 -69.07
N GLY E 1415 23.79 18.37 -67.95
CA GLY E 1415 23.85 19.06 -66.68
C GLY E 1415 23.43 18.14 -65.55
N ARG E 1416 23.37 18.70 -64.34
CA ARG E 1416 23.01 17.94 -63.16
C ARG E 1416 21.97 18.61 -62.27
N SER E 1417 21.47 19.78 -62.65
CA SER E 1417 20.41 20.46 -61.89
C SER E 1417 19.09 20.47 -62.66
N VAL E 1418 18.15 19.64 -62.24
CA VAL E 1418 16.88 19.52 -62.94
C VAL E 1418 16.15 20.85 -63.03
N PRO E 1419 16.01 21.63 -61.95
CA PRO E 1419 15.20 22.86 -62.03
C PRO E 1419 15.92 24.05 -62.66
N ALA E 1420 17.17 23.92 -63.06
CA ALA E 1420 17.91 25.00 -63.66
C ALA E 1420 17.35 25.42 -65.04
N PRO E 1421 16.95 26.68 -65.20
CA PRO E 1421 16.49 27.15 -66.52
C PRO E 1421 17.66 27.27 -67.51
N GLY E 1422 17.42 27.10 -68.78
CA GLY E 1422 18.45 27.13 -69.79
C GLY E 1422 18.05 27.97 -70.98
N LYS E 1423 18.96 28.02 -71.96
CA LYS E 1423 18.83 28.88 -73.13
C LYS E 1423 18.38 28.11 -74.37
N GLY E 1424 17.96 26.86 -74.22
CA GLY E 1424 17.71 26.02 -75.38
C GLY E 1424 16.63 26.56 -76.31
N ILE E 1425 15.67 27.29 -75.76
CA ILE E 1425 14.62 27.88 -76.59
C ILE E 1425 15.14 28.95 -77.52
N LEU E 1426 16.41 29.36 -77.37
CA LEU E 1426 17.01 30.33 -78.26
C LEU E 1426 17.05 29.84 -79.70
N THR E 1427 16.90 28.53 -79.93
CA THR E 1427 17.01 27.96 -81.26
C THR E 1427 15.86 28.37 -82.18
N THR E 1428 14.79 28.97 -81.66
CA THR E 1428 13.74 29.48 -82.54
C THR E 1428 14.21 30.66 -83.38
N ALA E 1429 15.36 31.26 -83.04
CA ALA E 1429 15.93 32.36 -83.79
C ALA E 1429 17.16 31.95 -84.59
N ARG E 1430 17.44 30.65 -84.72
CA ARG E 1430 18.62 30.21 -85.43
C ARG E 1430 18.56 30.62 -86.89
N GLU E 1431 19.64 31.20 -87.40
CA GLU E 1431 19.66 31.74 -88.75
C GLU E 1431 21.08 31.91 -89.23
N HIS E 1432 21.41 31.34 -90.37
CA HIS E 1432 22.74 31.41 -90.95
C HIS E 1432 22.92 32.77 -91.63
N HIS E 1433 24.01 33.45 -91.32
CA HIS E 1433 24.20 34.79 -91.83
C HIS E 1433 25.53 34.97 -92.56
N SER E 1434 26.11 33.89 -93.05
CA SER E 1434 27.41 33.98 -93.71
C SER E 1434 27.37 34.96 -94.88
N SER E 1435 26.32 34.91 -95.68
CA SER E 1435 26.14 35.86 -96.78
C SER E 1435 24.95 36.79 -96.49
N ALA E 1439 19.66 39.47 -99.65
CA ALA E 1439 18.22 39.32 -99.45
C ALA E 1439 17.68 38.19 -100.32
N SER E 1440 17.45 37.04 -99.70
CA SER E 1440 16.91 35.91 -100.44
C SER E 1440 15.53 36.26 -100.98
N PRO E 1441 15.24 36.01 -102.25
CA PRO E 1441 13.90 36.34 -102.78
C PRO E 1441 12.77 35.82 -101.92
N ASN E 1442 12.98 34.70 -101.22
CA ASN E 1442 11.90 34.08 -100.45
C ASN E 1442 11.27 35.07 -99.48
N LEU E 1443 12.06 35.98 -98.91
CA LEU E 1443 11.56 36.91 -97.92
C LEU E 1443 10.75 38.06 -98.51
N ASN E 1444 10.41 37.98 -99.80
CA ASN E 1444 9.58 38.99 -100.45
C ASN E 1444 8.28 38.37 -100.90
N MET E 1445 7.15 38.82 -100.39
CA MET E 1445 5.86 38.23 -100.70
C MET E 1445 5.44 38.41 -102.13
N LYS E 1446 5.88 39.49 -102.77
CA LYS E 1446 5.59 39.72 -104.18
C LYS E 1446 6.10 38.58 -105.07
N TYR E 1447 7.31 38.12 -104.84
CA TYR E 1447 7.89 37.02 -105.60
C TYR E 1447 7.13 35.72 -105.34
N ARG E 1448 6.76 35.49 -104.08
CA ARG E 1448 6.06 34.27 -103.72
C ARG E 1448 4.68 34.28 -104.34
N LYS E 1449 4.01 35.43 -104.35
CA LYS E 1449 2.71 35.53 -104.98
C LYS E 1449 2.81 35.29 -106.49
N ARG E 1450 3.85 35.81 -107.11
CA ARG E 1450 4.06 35.57 -108.55
C ARG E 1450 4.18 34.08 -108.83
N GLN E 1451 5.03 33.40 -108.07
CA GLN E 1451 5.17 31.96 -108.24
C GLN E 1451 3.83 31.25 -108.02
N LEU E 1452 3.03 31.75 -107.07
CA LEU E 1452 1.74 31.14 -106.80
C LEU E 1452 0.81 31.25 -108.00
N VAL E 1453 0.76 32.43 -108.64
CA VAL E 1453 -0.08 32.58 -109.84
C VAL E 1453 0.40 31.64 -110.93
N THR E 1454 1.71 31.55 -111.14
CA THR E 1454 2.22 30.64 -112.17
C THR E 1454 1.78 29.21 -111.91
N ARG E 1455 1.90 28.74 -110.69
CA ARG E 1455 1.54 27.36 -110.44
C ARG E 1455 0.03 27.18 -110.57
N GLU E 1456 -0.74 28.17 -110.17
CA GLU E 1456 -2.19 28.05 -110.33
C GLU E 1456 -2.57 27.91 -111.80
N ALA E 1457 -1.89 28.67 -112.68
CA ALA E 1457 -2.16 28.52 -114.11
C ALA E 1457 -1.83 27.10 -114.58
N GLN E 1458 -0.66 26.59 -114.17
CA GLN E 1458 -0.31 25.22 -114.53
C GLN E 1458 -1.34 24.23 -113.99
N ILE E 1459 -1.87 24.50 -112.79
CA ILE E 1459 -2.86 23.61 -112.20
C ILE E 1459 -4.13 23.59 -113.04
N LYS E 1460 -4.61 24.75 -113.48
CA LYS E 1460 -5.82 24.76 -114.30
C LYS E 1460 -5.59 24.03 -115.61
N ASP E 1461 -4.39 24.14 -116.18
CA ASP E 1461 -4.08 23.38 -117.39
C ASP E 1461 -4.17 21.89 -117.13
N TRP E 1462 -3.58 21.43 -116.03
CA TRP E 1462 -3.69 20.02 -115.67
C TRP E 1462 -5.15 19.61 -115.51
N VAL E 1463 -5.95 20.48 -114.89
CA VAL E 1463 -7.34 20.17 -114.63
C VAL E 1463 -8.10 19.97 -115.93
N GLU E 1464 -7.89 20.87 -116.91
CA GLU E 1464 -8.65 20.76 -118.15
C GLU E 1464 -8.20 19.54 -118.95
N ASN E 1465 -6.89 19.25 -118.98
CA ASN E 1465 -6.44 18.04 -119.66
C ASN E 1465 -7.07 16.80 -119.05
N GLU E 1466 -7.08 16.73 -117.71
CA GLU E 1466 -7.61 15.53 -117.05
C GLU E 1466 -9.12 15.44 -117.21
N LEU E 1467 -9.81 16.58 -117.27
CA LEU E 1467 -11.24 16.55 -117.54
C LEU E 1467 -11.51 16.02 -118.94
N GLU E 1468 -10.69 16.41 -119.92
CA GLU E 1468 -10.87 15.87 -121.27
C GLU E 1468 -10.63 14.35 -121.26
N ALA E 1469 -9.60 13.90 -120.57
CA ALA E 1469 -9.35 12.46 -120.47
C ALA E 1469 -10.48 11.72 -119.76
N LEU E 1470 -11.04 12.29 -118.72
CA LEU E 1470 -12.19 11.68 -118.04
C LEU E 1470 -13.41 11.67 -118.94
N PHE E 1485 -20.85 7.35 -112.81
CA PHE E 1485 -19.41 7.26 -112.97
C PHE E 1485 -18.85 8.63 -113.25
N LEU E 1486 -19.46 9.34 -114.20
CA LEU E 1486 -18.94 10.66 -114.56
C LEU E 1486 -18.97 11.60 -113.35
N LEU E 1487 -20.01 11.54 -112.53
CA LEU E 1487 -20.10 12.38 -111.34
C LEU E 1487 -18.95 12.07 -110.41
N GLU E 1488 -18.79 10.81 -110.10
CA GLU E 1488 -17.70 10.41 -109.24
C GLU E 1488 -16.40 10.99 -109.74
N ARG E 1489 -16.17 10.85 -111.04
CA ARG E 1489 -14.87 11.28 -111.55
C ARG E 1489 -14.67 12.79 -111.63
N THR E 1490 -15.71 13.56 -111.92
CA THR E 1490 -15.56 14.99 -111.91
C THR E 1490 -15.20 15.36 -110.48
N ARG E 1491 -15.90 14.74 -109.53
CA ARG E 1491 -15.63 15.00 -108.14
C ARG E 1491 -14.15 14.81 -107.93
N GLU E 1492 -13.66 13.64 -108.28
CA GLU E 1492 -12.25 13.30 -108.09
C GLU E 1492 -11.28 14.30 -108.72
N ILE E 1493 -11.49 14.66 -109.98
CA ILE E 1493 -10.58 15.56 -110.65
C ILE E 1493 -10.58 16.93 -109.98
N HIS E 1494 -11.73 17.44 -109.59
CA HIS E 1494 -11.74 18.79 -109.02
C HIS E 1494 -11.06 18.71 -107.67
N ASN E 1495 -11.23 17.58 -107.01
CA ASN E 1495 -10.60 17.39 -105.74
C ASN E 1495 -9.08 17.35 -105.84
N GLU E 1496 -8.53 16.71 -106.87
CA GLU E 1496 -7.09 16.71 -107.07
C GLU E 1496 -6.61 18.08 -107.43
N ALA E 1497 -7.43 18.82 -108.16
CA ALA E 1497 -7.07 20.17 -108.47
C ALA E 1497 -6.92 20.97 -107.18
N GLU E 1498 -7.86 20.78 -106.26
CA GLU E 1498 -7.82 21.53 -105.03
C GLU E 1498 -6.62 21.10 -104.23
N SER E 1499 -6.31 19.82 -104.31
CA SER E 1499 -5.18 19.29 -103.59
C SER E 1499 -3.91 19.94 -104.06
N GLN E 1500 -3.81 20.16 -105.35
CA GLN E 1500 -2.64 20.83 -105.88
C GLN E 1500 -2.58 22.33 -105.59
N LEU E 1501 -3.73 22.98 -105.57
CA LEU E 1501 -3.73 24.40 -105.23
C LEU E 1501 -3.35 24.64 -103.78
N ARG E 1502 -3.80 23.79 -102.88
CA ARG E 1502 -3.49 23.98 -101.48
C ARG E 1502 -2.03 23.68 -101.26
N ALA E 1503 -1.50 22.68 -101.95
CA ALA E 1503 -0.06 22.42 -101.84
C ALA E 1503 0.75 23.62 -102.30
N ALA E 1504 0.36 24.24 -103.43
CA ALA E 1504 1.06 25.44 -103.89
C ALA E 1504 0.93 26.58 -102.89
N GLN E 1505 -0.25 26.73 -102.29
CA GLN E 1505 -0.47 27.78 -101.31
C GLN E 1505 0.41 27.55 -100.11
N GLN E 1506 0.44 26.32 -99.65
CA GLN E 1506 1.30 25.98 -98.52
C GLN E 1506 2.75 26.34 -98.84
N GLN E 1507 3.24 25.89 -99.99
CA GLN E 1507 4.65 26.10 -100.34
C GLN E 1507 4.99 27.57 -100.41
N TRP E 1508 4.13 28.40 -101.01
CA TRP E 1508 4.51 29.78 -101.27
C TRP E 1508 4.03 30.77 -100.22
N GLY E 1509 3.11 30.41 -99.34
CA GLY E 1509 2.61 31.36 -98.36
C GLY E 1509 2.73 30.91 -96.93
N ASN E 1510 2.75 29.60 -96.66
CA ASN E 1510 2.68 29.09 -95.30
C ASN E 1510 4.05 28.68 -94.77
N ASP E 1511 4.75 27.81 -95.50
CA ASP E 1511 6.05 27.30 -95.08
C ASP E 1511 7.10 27.53 -96.17
N PHE E 1512 7.11 28.72 -96.74
CA PHE E 1512 8.16 29.08 -97.71
C PHE E 1512 9.53 29.09 -97.06
N TYR E 1513 9.62 29.36 -95.76
CA TYR E 1513 10.92 29.49 -95.09
C TYR E 1513 11.35 28.24 -94.38
N LYS E 1514 10.52 27.22 -94.38
CA LYS E 1514 10.83 26.02 -93.60
C LYS E 1514 12.07 25.31 -94.09
N ARG E 1515 12.38 25.46 -95.36
CA ARG E 1515 13.58 24.86 -95.92
C ARG E 1515 14.74 25.83 -96.06
N ASP E 1516 14.53 27.10 -95.70
CA ASP E 1516 15.58 28.11 -95.86
C ASP E 1516 16.38 28.23 -94.58
N PRO E 1517 17.67 27.85 -94.56
CA PRO E 1517 18.48 28.08 -93.36
C PRO E 1517 18.80 29.54 -93.12
N ARG E 1518 18.45 30.44 -94.02
CA ARG E 1518 18.69 31.86 -93.78
C ARG E 1518 17.50 32.56 -93.19
N ILE E 1519 16.43 31.83 -92.92
CA ILE E 1519 15.26 32.40 -92.27
C ILE E 1519 15.02 31.63 -90.99
N ALA E 1520 14.98 32.34 -89.86
CA ALA E 1520 14.70 31.72 -88.59
C ALA E 1520 13.20 31.39 -88.49
N PRO E 1521 12.86 30.34 -87.76
CA PRO E 1521 11.45 30.04 -87.57
C PRO E 1521 10.62 31.21 -87.01
N LEU E 1522 11.19 32.01 -86.13
CA LEU E 1522 10.51 33.18 -85.60
C LEU E 1522 10.28 34.22 -86.69
N ARG E 1523 11.33 34.57 -87.41
CA ARG E 1523 11.19 35.53 -88.50
C ARG E 1523 10.19 35.05 -89.54
N GLY E 1524 10.28 33.78 -89.92
CA GLY E 1524 9.36 33.27 -90.92
C GLY E 1524 7.92 33.27 -90.44
N ALA E 1525 7.67 32.90 -89.21
CA ALA E 1525 6.33 32.98 -88.65
C ALA E 1525 5.79 34.40 -88.72
N LEU E 1526 6.63 35.38 -88.43
CA LEU E 1526 6.15 36.75 -88.59
C LEU E 1526 6.00 37.15 -90.05
N ALA E 1527 6.86 36.67 -90.93
CA ALA E 1527 6.85 37.05 -92.32
C ALA E 1527 5.72 36.44 -93.09
N THR E 1528 5.13 35.40 -92.55
CA THR E 1528 3.97 34.82 -93.20
C THR E 1528 2.86 35.86 -93.42
N TYR E 1529 2.86 36.93 -92.66
CA TYR E 1529 1.81 37.94 -92.75
C TYR E 1529 2.37 39.30 -93.00
N GLY E 1530 3.58 39.37 -93.53
CA GLY E 1530 4.18 40.64 -93.85
C GLY E 1530 4.58 41.44 -92.65
N LEU E 1531 5.05 40.76 -91.60
CA LEU E 1531 5.49 41.44 -90.39
C LEU E 1531 6.98 41.21 -90.21
N THR E 1532 7.69 42.21 -89.74
CA THR E 1532 9.11 42.14 -89.49
C THR E 1532 9.36 41.80 -88.02
N ILE E 1533 10.61 41.72 -87.63
CA ILE E 1533 10.94 41.45 -86.24
C ILE E 1533 10.55 42.64 -85.37
N ASP E 1534 10.54 43.84 -85.94
CA ASP E 1534 10.19 45.00 -85.18
C ASP E 1534 8.70 45.07 -84.88
N ASP E 1535 7.89 44.26 -85.55
CA ASP E 1535 6.46 44.21 -85.26
C ASP E 1535 6.10 43.35 -84.04
N LEU E 1536 7.07 42.75 -83.38
CA LEU E 1536 6.85 41.99 -82.15
C LEU E 1536 6.94 42.98 -80.99
N GLY E 1537 5.82 43.53 -80.56
CA GLY E 1537 5.86 44.58 -79.58
C GLY E 1537 5.85 44.21 -78.13
N VAL E 1538 5.25 43.09 -77.80
CA VAL E 1538 5.14 42.69 -76.41
C VAL E 1538 5.73 41.30 -76.23
N ALA E 1539 6.50 41.14 -75.16
CA ALA E 1539 7.00 39.84 -74.73
C ALA E 1539 6.36 39.51 -73.39
N SER E 1540 5.55 38.47 -73.32
CA SER E 1540 4.98 38.01 -72.05
C SER E 1540 6.03 37.11 -71.43
N PHE E 1541 6.54 37.47 -70.27
CA PHE E 1541 7.59 36.70 -69.64
C PHE E 1541 7.05 35.75 -68.63
N HIS E 1542 7.63 34.58 -68.54
CA HIS E 1542 7.26 33.64 -67.51
C HIS E 1542 7.42 34.38 -66.19
N GLY E 1543 8.42 35.24 -66.05
CA GLY E 1543 8.56 36.11 -64.90
C GLY E 1543 8.11 35.56 -63.62
N THR E 1544 8.81 34.58 -63.10
CA THR E 1544 8.37 33.92 -61.89
C THR E 1544 8.84 34.62 -60.60
N SER E 1545 9.57 35.72 -60.72
CA SER E 1545 10.09 36.46 -59.55
C SER E 1545 11.22 35.69 -58.86
N THR E 1546 11.97 34.90 -59.60
CA THR E 1546 13.11 34.15 -59.09
C THR E 1546 14.36 34.68 -59.75
N LYS E 1547 15.44 34.67 -59.03
CA LYS E 1547 16.64 35.34 -59.54
C LYS E 1547 17.25 34.77 -60.81
N ALA E 1548 17.25 33.47 -60.95
CA ALA E 1548 17.77 32.86 -62.16
C ALA E 1548 16.80 32.92 -63.30
N ASN E 1549 15.52 32.75 -63.05
CA ASN E 1549 14.59 32.68 -64.16
C ASN E 1549 14.53 34.01 -64.82
N ASP E 1550 14.38 35.04 -64.04
CA ASP E 1550 14.17 36.35 -64.62
C ASP E 1550 15.40 36.80 -65.43
N LYS E 1551 16.59 36.64 -64.86
CA LYS E 1551 17.78 37.05 -65.59
C LYS E 1551 17.95 36.23 -66.86
N ASN E 1552 17.77 34.90 -66.77
CA ASN E 1552 17.95 34.03 -67.93
C ASN E 1552 16.95 34.34 -69.02
N GLU E 1553 15.69 34.59 -68.64
CA GLU E 1553 14.67 34.92 -69.62
C GLU E 1553 14.95 36.23 -70.32
N SER E 1554 15.36 37.26 -69.56
CA SER E 1554 15.72 38.52 -70.18
C SER E 1554 16.88 38.34 -71.15
N ALA E 1555 17.90 37.57 -70.74
CA ALA E 1555 19.03 37.32 -71.63
C ALA E 1555 18.60 36.59 -72.89
N THR E 1556 17.71 35.60 -72.75
CA THR E 1556 17.27 34.83 -73.90
C THR E 1556 16.50 35.70 -74.89
N ILE E 1557 15.55 36.50 -74.40
CA ILE E 1557 14.79 37.37 -75.29
C ILE E 1557 15.72 38.38 -75.96
N ASN E 1558 16.65 38.95 -75.19
CA ASN E 1558 17.59 39.92 -75.74
C ASN E 1558 18.45 39.30 -76.84
N GLU E 1559 18.97 38.12 -76.66
CA GLU E 1559 19.75 37.45 -77.70
C GLU E 1559 18.89 37.14 -78.90
N MET E 1560 17.67 36.68 -78.69
CA MET E 1560 16.78 36.47 -79.82
C MET E 1560 16.67 37.73 -80.67
N MET E 1561 16.35 38.85 -80.02
CA MET E 1561 16.15 40.10 -80.76
C MET E 1561 17.44 40.57 -81.40
N LYS E 1562 18.58 40.41 -80.78
CA LYS E 1562 19.82 40.91 -81.34
C LYS E 1562 20.28 40.15 -82.55
N HIS E 1563 20.04 38.87 -82.57
CA HIS E 1563 20.48 38.03 -83.66
C HIS E 1563 19.63 38.24 -84.88
N LEU E 1564 18.35 38.47 -84.70
CA LEU E 1564 17.44 38.67 -85.82
C LEU E 1564 17.35 40.13 -86.23
N GLY E 1565 18.29 40.94 -85.80
CA GLY E 1565 18.34 42.31 -86.23
C GLY E 1565 17.26 43.21 -85.78
N ARG E 1566 16.78 43.03 -84.56
CA ARG E 1566 15.83 43.99 -84.03
C ARG E 1566 16.46 45.37 -84.03
N SER E 1567 15.69 46.37 -84.42
CA SER E 1567 16.22 47.73 -84.49
C SER E 1567 16.65 48.25 -83.15
N GLU E 1568 17.70 49.03 -83.14
CA GLU E 1568 18.16 49.64 -81.92
C GLU E 1568 17.20 50.73 -81.51
N GLY E 1569 16.93 50.86 -80.23
CA GLY E 1569 15.96 51.80 -79.76
C GLY E 1569 14.56 51.26 -79.76
N ASN E 1570 14.39 50.03 -80.21
CA ASN E 1570 13.08 49.40 -80.23
C ASN E 1570 13.05 48.21 -79.26
N PRO E 1571 13.07 48.47 -77.96
CA PRO E 1571 12.95 47.35 -77.02
C PRO E 1571 11.60 46.68 -76.99
N VAL E 1572 11.54 45.37 -76.81
CA VAL E 1572 10.25 44.72 -76.60
C VAL E 1572 9.76 45.05 -75.19
N ILE E 1573 8.47 45.33 -75.08
CA ILE E 1573 7.87 45.69 -73.79
C ILE E 1573 7.52 44.40 -73.06
N GLY E 1574 8.06 44.24 -71.86
CA GLY E 1574 7.87 43.02 -71.09
C GLY E 1574 6.64 43.09 -70.22
N VAL E 1575 5.86 42.02 -70.23
CA VAL E 1575 4.69 41.86 -69.36
C VAL E 1575 4.98 40.73 -68.38
N PHE E 1576 4.61 40.94 -67.13
CA PHE E 1576 4.83 39.95 -66.07
C PHE E 1576 3.56 39.78 -65.27
N GLN E 1577 2.62 39.00 -65.76
CA GLN E 1577 1.32 38.82 -65.12
C GLN E 1577 1.30 38.04 -63.78
N LYS E 1578 2.39 37.38 -63.45
CA LYS E 1578 2.48 36.62 -62.20
C LYS E 1578 2.69 37.55 -61.06
N PHE E 1579 2.99 38.82 -61.30
CA PHE E 1579 3.04 39.75 -60.19
C PHE E 1579 1.69 39.79 -59.50
N LEU E 1580 0.62 39.67 -60.28
CA LEU E 1580 -0.72 39.74 -59.75
C LEU E 1580 -1.35 38.38 -59.44
N THR E 1581 -1.08 37.36 -60.24
CA THR E 1581 -1.76 36.08 -60.07
C THR E 1581 -0.93 35.06 -59.36
N GLY E 1582 0.38 35.21 -59.38
CA GLY E 1582 1.24 34.18 -58.86
C GLY E 1582 1.53 33.14 -59.92
N HIS E 1583 2.19 32.07 -59.48
CA HIS E 1583 2.67 31.05 -60.40
C HIS E 1583 1.85 29.77 -60.24
N PRO E 1584 0.98 29.42 -61.19
CA PRO E 1584 0.43 28.06 -61.22
C PRO E 1584 1.32 27.13 -62.03
N LYS E 1585 1.79 26.11 -61.40
CA LYS E 1585 2.76 25.23 -62.00
C LYS E 1585 2.24 24.40 -63.15
N GLY E 1586 1.80 25.02 -64.21
CA GLY E 1586 1.25 24.34 -65.37
C GLY E 1586 0.13 25.07 -66.09
N ALA E 1587 -0.60 25.91 -65.37
CA ALA E 1587 -1.54 26.84 -66.00
C ALA E 1587 -0.89 28.15 -66.41
N ALA E 1588 0.40 28.33 -66.08
CA ALA E 1588 1.06 29.62 -66.27
C ALA E 1588 1.01 30.06 -67.72
N GLY E 1589 1.40 29.18 -68.64
CA GLY E 1589 1.40 29.55 -70.04
C GLY E 1589 0.01 29.87 -70.55
N ALA E 1590 -1.01 29.15 -70.07
CA ALA E 1590 -2.37 29.41 -70.51
C ALA E 1590 -2.85 30.77 -70.04
N TRP E 1591 -2.53 31.14 -68.82
CA TRP E 1591 -2.88 32.45 -68.33
C TRP E 1591 -2.17 33.56 -69.08
N MET E 1592 -0.90 33.38 -69.38
CA MET E 1592 -0.17 34.36 -70.16
C MET E 1592 -0.70 34.47 -71.59
N MET E 1593 -1.14 33.34 -72.16
CA MET E 1593 -1.70 33.40 -73.51
C MET E 1593 -3.04 34.13 -73.52
N ASN E 1594 -3.89 33.88 -72.51
CA ASN E 1594 -5.13 34.64 -72.42
C ASN E 1594 -4.85 36.13 -72.31
N GLY E 1595 -3.90 36.51 -71.50
CA GLY E 1595 -3.56 37.90 -71.41
C GLY E 1595 -3.02 38.47 -72.69
N ALA E 1596 -2.19 37.73 -73.40
CA ALA E 1596 -1.66 38.17 -74.66
C ALA E 1596 -2.74 38.35 -75.69
N LEU E 1597 -3.76 37.50 -75.69
CA LEU E 1597 -4.88 37.74 -76.59
C LEU E 1597 -5.63 39.00 -76.22
N GLN E 1598 -5.83 39.24 -74.92
CA GLN E 1598 -6.52 40.45 -74.51
C GLN E 1598 -5.70 41.70 -74.83
N ILE E 1599 -4.38 41.62 -74.72
CA ILE E 1599 -3.51 42.71 -75.14
C ILE E 1599 -3.64 42.94 -76.64
N LEU E 1600 -3.60 41.89 -77.43
CA LEU E 1600 -3.70 42.00 -78.88
C LEU E 1600 -5.02 42.61 -79.34
N ASN E 1601 -6.10 42.37 -78.60
CA ASN E 1601 -7.38 42.91 -79.02
C ASN E 1601 -7.73 44.25 -78.38
N SER E 1602 -7.03 44.70 -77.35
CA SER E 1602 -7.31 45.96 -76.71
C SER E 1602 -6.30 47.03 -77.02
N GLY E 1603 -5.08 46.63 -77.27
CA GLY E 1603 -4.03 47.60 -77.46
C GLY E 1603 -3.44 48.07 -76.16
N ILE E 1604 -3.90 47.51 -75.04
CA ILE E 1604 -3.41 47.91 -73.73
C ILE E 1604 -2.34 46.96 -73.24
N ILE E 1605 -1.24 47.49 -72.79
CA ILE E 1605 -0.14 46.70 -72.22
C ILE E 1605 -0.16 46.93 -70.72
N PRO E 1606 -0.53 45.94 -69.90
CA PRO E 1606 -0.53 46.15 -68.45
C PRO E 1606 0.88 46.34 -67.92
N GLY E 1607 0.98 47.12 -66.86
CA GLY E 1607 2.24 47.38 -66.20
C GLY E 1607 2.42 46.49 -64.98
N ASN E 1608 3.68 46.21 -64.67
CA ASN E 1608 4.02 45.42 -63.48
C ASN E 1608 3.99 46.36 -62.28
N ARG E 1609 2.89 46.36 -61.54
CA ARG E 1609 2.72 47.29 -60.40
C ARG E 1609 3.56 46.96 -59.18
N ASN E 1610 4.27 45.85 -59.20
CA ASN E 1610 5.18 45.50 -58.12
C ASN E 1610 6.61 45.71 -58.62
N ALA E 1611 6.80 46.28 -59.80
CA ALA E 1611 8.14 46.63 -60.27
C ALA E 1611 8.55 47.93 -59.60
N ASP E 1612 8.97 47.85 -58.35
CA ASP E 1612 9.36 49.00 -57.60
C ASP E 1612 10.73 49.48 -58.00
N ASN E 1613 11.63 48.56 -58.28
CA ASN E 1613 12.97 48.92 -58.72
C ASN E 1613 13.50 47.79 -59.59
N VAL E 1614 13.71 48.08 -60.87
CA VAL E 1614 14.20 47.07 -61.79
C VAL E 1614 15.66 46.74 -61.47
N ASP E 1615 16.01 45.47 -61.50
CA ASP E 1615 17.36 45.05 -61.18
C ASP E 1615 18.37 45.68 -62.13
N LYS E 1616 19.41 46.30 -61.59
CA LYS E 1616 20.43 46.96 -62.39
C LYS E 1616 21.09 46.03 -63.38
N ILE E 1617 21.21 44.77 -63.02
CA ILE E 1617 21.80 43.80 -63.91
C ILE E 1617 21.04 43.70 -65.23
N LEU E 1618 19.78 44.06 -65.24
CA LEU E 1618 18.98 43.92 -66.45
C LEU E 1618 19.11 45.06 -67.42
N GLU E 1619 19.73 46.17 -67.02
CA GLU E 1619 20.00 47.28 -67.92
C GLU E 1619 20.87 46.86 -69.11
N GLN E 1620 21.68 45.83 -68.95
CA GLN E 1620 22.48 45.33 -70.06
C GLN E 1620 21.68 44.83 -71.24
N PHE E 1621 20.44 44.41 -71.02
CA PHE E 1621 19.59 43.87 -72.06
C PHE E 1621 18.81 45.00 -72.69
N GLU E 1622 19.39 45.64 -73.70
CA GLU E 1622 18.81 46.82 -74.33
C GLU E 1622 17.58 46.61 -75.14
N TYR E 1623 17.28 45.37 -75.49
CA TYR E 1623 16.05 45.05 -76.22
C TYR E 1623 14.89 44.68 -75.30
N VAL E 1624 14.96 45.03 -74.03
CA VAL E 1624 13.87 44.77 -73.10
C VAL E 1624 13.55 46.02 -72.27
N LEU E 1625 12.27 46.35 -72.19
CA LEU E 1625 11.83 47.44 -71.38
C LEU E 1625 10.88 46.90 -70.35
N TYR E 1626 11.01 47.34 -69.12
CA TYR E 1626 10.16 46.87 -68.03
C TYR E 1626 9.22 47.93 -67.42
N PRO E 1627 8.02 48.13 -67.95
CA PRO E 1627 7.09 49.15 -67.44
C PRO E 1627 6.51 48.76 -66.07
N SER E 1628 6.05 49.77 -65.33
CA SER E 1628 5.40 49.56 -64.04
C SER E 1628 3.95 49.99 -64.10
N LYS E 1629 3.55 50.66 -65.17
CA LYS E 1629 2.20 51.19 -65.30
C LYS E 1629 1.59 50.82 -66.63
N THR E 1630 0.28 50.77 -66.70
CA THR E 1630 -0.35 50.38 -67.93
C THR E 1630 -0.19 51.40 -69.04
N LEU E 1631 0.18 50.92 -70.21
CA LEU E 1631 0.30 51.80 -71.35
C LEU E 1631 -0.77 51.50 -72.35
N LYS E 1632 -1.59 52.50 -72.66
CA LYS E 1632 -2.58 52.34 -73.73
C LYS E 1632 -1.97 52.77 -75.05
N THR E 1633 -1.53 51.82 -75.85
CA THR E 1633 -0.87 52.10 -77.11
C THR E 1633 -1.91 52.30 -78.21
N ASP E 1634 -1.41 52.47 -79.42
CA ASP E 1634 -2.30 52.61 -80.57
C ASP E 1634 -2.40 51.32 -81.36
N GLY E 1635 -1.85 50.24 -80.83
CA GLY E 1635 -1.96 48.94 -81.45
C GLY E 1635 -0.82 47.99 -81.27
N VAL E 1636 -1.10 46.75 -80.90
CA VAL E 1636 -0.07 45.72 -80.82
C VAL E 1636 -0.31 44.75 -81.97
N ARG E 1637 0.74 44.30 -82.61
CA ARG E 1637 0.57 43.43 -83.74
C ARG E 1637 0.97 41.99 -83.46
N ALA E 1638 1.90 41.75 -82.53
CA ALA E 1638 2.21 40.37 -82.16
C ALA E 1638 2.76 40.35 -80.75
N VAL E 1639 2.54 39.22 -80.07
CA VAL E 1639 2.95 39.03 -78.69
C VAL E 1639 3.72 37.73 -78.60
N SER E 1640 4.82 37.75 -77.83
CA SER E 1640 5.62 36.56 -77.60
C SER E 1640 5.35 36.02 -76.20
N ILE E 1641 5.18 34.71 -76.10
CA ILE E 1641 4.93 34.02 -74.84
C ILE E 1641 6.02 32.99 -74.66
N THR E 1642 6.73 33.06 -73.54
CA THR E 1642 7.81 32.11 -73.23
C THR E 1642 7.57 31.48 -71.87
N SER E 1643 7.97 30.21 -71.76
CA SER E 1643 7.82 29.45 -70.54
C SER E 1643 9.08 28.63 -70.31
N PHE E 1644 9.37 28.37 -69.03
CA PHE E 1644 10.56 27.61 -68.64
C PHE E 1644 10.17 26.70 -67.48
N GLY E 1645 9.82 25.46 -67.80
CA GLY E 1645 9.45 24.51 -66.79
C GLY E 1645 10.61 23.68 -66.28
N PHE E 1646 10.45 23.07 -65.14
CA PHE E 1646 11.45 22.20 -64.58
C PHE E 1646 11.66 21.02 -65.48
N GLY E 1647 12.88 20.55 -65.57
CA GLY E 1647 13.21 19.46 -66.46
C GLY E 1647 13.63 19.91 -67.84
N GLN E 1648 14.15 21.13 -67.97
CA GLN E 1648 14.60 21.66 -69.26
C GLN E 1648 13.45 21.78 -70.25
N LYS E 1649 12.31 22.28 -69.78
CA LYS E 1649 11.13 22.47 -70.62
C LYS E 1649 11.02 23.95 -70.98
N GLY E 1650 11.67 24.35 -72.06
CA GLY E 1650 11.54 25.68 -72.61
C GLY E 1650 10.52 25.68 -73.74
N GLY E 1651 9.77 26.77 -73.85
CA GLY E 1651 8.74 26.87 -74.87
C GLY E 1651 8.47 28.31 -75.23
N GLN E 1652 8.10 28.52 -76.48
CA GLN E 1652 7.75 29.84 -76.97
C GLN E 1652 6.56 29.74 -77.92
N ALA E 1653 5.68 30.74 -77.84
CA ALA E 1653 4.58 30.87 -78.79
C ALA E 1653 4.52 32.32 -79.25
N ILE E 1654 4.10 32.50 -80.50
CA ILE E 1654 3.92 33.82 -81.10
C ILE E 1654 2.46 33.94 -81.49
N VAL E 1655 1.80 34.99 -80.99
CA VAL E 1655 0.41 35.27 -81.31
C VAL E 1655 0.37 36.58 -82.10
N VAL E 1656 -0.31 36.55 -83.23
CA VAL E 1656 -0.39 37.71 -84.12
C VAL E 1656 -1.82 38.25 -84.07
N HIS E 1657 -1.97 39.54 -84.24
CA HIS E 1657 -3.28 40.16 -84.24
C HIS E 1657 -4.18 39.50 -85.25
N PRO E 1658 -5.45 39.29 -84.89
CA PRO E 1658 -6.35 38.55 -85.80
C PRO E 1658 -6.64 39.28 -87.11
N ASP E 1659 -6.59 40.60 -87.17
CA ASP E 1659 -6.94 41.32 -88.40
C ASP E 1659 -5.98 41.09 -89.54
N TYR E 1660 -4.85 40.47 -89.30
CA TYR E 1660 -3.98 40.09 -90.38
C TYR E 1660 -4.47 38.84 -91.11
N LEU E 1661 -5.41 38.10 -90.52
CA LEU E 1661 -5.97 36.94 -91.22
C LEU E 1661 -6.86 37.38 -92.37
N TYR E 1662 -7.66 38.44 -92.16
CA TYR E 1662 -8.73 38.75 -93.08
C TYR E 1662 -8.24 39.33 -94.40
N GLY E 1663 -7.00 39.82 -94.45
CA GLY E 1663 -6.43 40.26 -95.69
C GLY E 1663 -6.19 39.14 -96.69
N ALA E 1664 -6.40 37.90 -96.31
CA ALA E 1664 -6.16 36.78 -97.17
C ALA E 1664 -7.43 36.25 -97.81
N ILE E 1665 -8.55 36.89 -97.57
CA ILE E 1665 -9.83 36.44 -98.11
C ILE E 1665 -10.48 37.59 -98.86
N THR E 1666 -11.53 37.25 -99.61
CA THR E 1666 -12.25 38.22 -100.42
C THR E 1666 -13.26 38.99 -99.58
N GLU E 1667 -13.76 40.09 -100.15
CA GLU E 1667 -14.71 40.94 -99.44
C GLU E 1667 -16.00 40.19 -99.12
N ASP E 1668 -16.50 39.40 -100.07
CA ASP E 1668 -17.77 38.70 -99.85
C ASP E 1668 -17.63 37.69 -98.72
N ARG E 1669 -16.54 36.93 -98.70
CA ARG E 1669 -16.30 35.99 -97.62
C ARG E 1669 -16.21 36.71 -96.28
N TYR E 1670 -15.51 37.84 -96.23
CA TYR E 1670 -15.41 38.62 -95.00
C TYR E 1670 -16.74 39.11 -94.51
N ASN E 1671 -17.61 39.55 -95.40
CA ASN E 1671 -18.89 40.07 -95.00
C ASN E 1671 -19.81 38.98 -94.54
N GLU E 1672 -19.72 37.82 -95.16
CA GLU E 1672 -20.49 36.68 -94.74
C GLU E 1672 -20.06 36.24 -93.36
N TYR E 1673 -18.76 36.21 -93.12
CA TYR E 1673 -18.24 35.84 -91.81
C TYR E 1673 -18.67 36.85 -90.75
N VAL E 1674 -18.66 38.13 -91.07
CA VAL E 1674 -18.96 39.15 -90.08
C VAL E 1674 -20.40 39.04 -89.64
N ALA E 1675 -21.29 38.77 -90.58
CA ALA E 1675 -22.68 38.59 -90.25
C ALA E 1675 -22.91 37.34 -89.43
N LYS E 1676 -22.24 36.25 -89.78
CA LYS E 1676 -22.35 35.03 -89.02
C LYS E 1676 -21.85 35.23 -87.58
N VAL E 1677 -20.80 35.99 -87.39
CA VAL E 1677 -20.25 36.17 -86.06
C VAL E 1677 -21.12 37.10 -85.23
N SER E 1678 -21.77 38.09 -85.86
CA SER E 1678 -22.69 38.93 -85.13
C SER E 1678 -23.90 38.16 -84.62
N ALA E 1679 -24.43 37.27 -85.41
CA ALA E 1679 -25.52 36.43 -84.99
C ALA E 1679 -25.08 35.54 -83.84
N ARG E 1680 -23.91 34.90 -83.96
CA ARG E 1680 -23.42 34.02 -82.92
C ARG E 1680 -23.16 34.78 -81.64
N GLU E 1681 -22.78 36.04 -81.69
CA GLU E 1681 -22.51 36.78 -80.49
C GLU E 1681 -23.79 37.15 -79.75
N LYS E 1682 -24.84 37.41 -80.49
CA LYS E 1682 -26.11 37.73 -79.88
C LYS E 1682 -26.69 36.53 -79.18
N SER E 1683 -26.52 35.36 -79.75
CA SER E 1683 -26.98 34.16 -79.11
C SER E 1683 -26.10 33.76 -77.94
N ALA E 1684 -24.80 33.95 -78.05
CA ALA E 1684 -23.92 33.69 -76.92
C ALA E 1684 -24.19 34.63 -75.75
N TYR E 1685 -24.63 35.86 -75.99
CA TYR E 1685 -24.96 36.76 -74.92
C TYR E 1685 -26.19 36.31 -74.19
N LYS E 1686 -27.18 35.88 -74.93
CA LYS E 1686 -28.38 35.35 -74.33
C LYS E 1686 -28.12 34.10 -73.49
N PHE E 1687 -27.33 33.16 -73.99
CA PHE E 1687 -26.98 31.99 -73.23
C PHE E 1687 -26.19 32.36 -72.01
N PHE E 1688 -25.22 33.25 -72.15
CA PHE E 1688 -24.37 33.56 -71.02
C PHE E 1688 -25.19 34.12 -69.86
N HIS E 1689 -26.08 35.07 -70.15
CA HIS E 1689 -26.79 35.71 -69.04
C HIS E 1689 -27.82 34.77 -68.43
N ASN E 1690 -28.55 33.99 -69.22
CA ASN E 1690 -29.43 33.01 -68.65
C ASN E 1690 -28.67 32.02 -67.77
N GLY E 1691 -27.56 31.49 -68.27
CA GLY E 1691 -26.81 30.55 -67.46
C GLY E 1691 -26.25 31.17 -66.20
N MET E 1692 -25.86 32.45 -66.28
CA MET E 1692 -25.32 33.12 -65.10
C MET E 1692 -26.37 33.24 -64.01
N ILE E 1693 -27.55 33.77 -64.35
CA ILE E 1693 -28.51 34.02 -63.28
C ILE E 1693 -29.15 32.72 -62.79
N TYR E 1694 -29.23 31.70 -63.64
CA TYR E 1694 -29.85 30.44 -63.22
C TYR E 1694 -28.85 29.35 -62.90
N ASN E 1695 -27.59 29.70 -62.67
CA ASN E 1695 -26.57 28.73 -62.28
C ASN E 1695 -26.54 27.51 -63.18
N LYS E 1696 -26.62 27.72 -64.49
CA LYS E 1696 -26.68 26.62 -65.44
C LYS E 1696 -25.79 26.91 -66.64
N LEU E 1697 -24.64 27.55 -66.41
CA LEU E 1697 -23.66 27.74 -67.47
C LEU E 1697 -23.10 26.40 -67.92
N PHE E 1698 -22.79 25.51 -66.99
CA PHE E 1698 -22.36 24.16 -67.29
C PHE E 1698 -23.56 23.26 -67.30
N VAL E 1699 -23.78 22.56 -68.38
CA VAL E 1699 -24.86 21.60 -68.49
C VAL E 1699 -24.30 20.29 -69.00
N SER E 1700 -24.35 19.27 -68.19
CA SER E 1700 -23.78 17.99 -68.56
C SER E 1700 -24.58 17.25 -69.61
N LYS E 1701 -23.89 16.49 -70.44
CA LYS E 1701 -24.53 15.67 -71.45
C LYS E 1701 -24.88 14.31 -70.87
N GLU E 1702 -26.15 13.92 -71.00
CA GLU E 1702 -26.60 12.61 -70.54
C GLU E 1702 -26.34 11.53 -71.57
N HIS E 1703 -26.42 11.86 -72.86
CA HIS E 1703 -26.23 10.89 -73.92
C HIS E 1703 -25.29 11.46 -74.97
N ALA E 1704 -24.66 10.58 -75.71
CA ALA E 1704 -23.84 11.00 -76.81
C ALA E 1704 -24.77 11.47 -77.92
N PRO E 1705 -24.22 12.06 -78.98
CA PRO E 1705 -25.08 12.46 -80.12
C PRO E 1705 -25.50 11.29 -80.99
N TYR E 1706 -25.04 10.09 -80.69
CA TYR E 1706 -25.46 8.92 -81.40
C TYR E 1706 -25.96 7.93 -80.39
N THR E 1707 -26.75 6.97 -80.81
CA THR E 1707 -27.20 5.92 -79.93
C THR E 1707 -26.15 4.82 -79.94
N ASP E 1708 -26.27 3.86 -79.05
CA ASP E 1708 -25.33 2.74 -79.00
C ASP E 1708 -25.50 1.83 -80.19
N GLU E 1709 -26.70 1.78 -80.78
CA GLU E 1709 -26.88 0.99 -82.00
C GLU E 1709 -26.25 1.65 -83.22
N LEU E 1710 -26.13 2.98 -83.20
CA LEU E 1710 -25.61 3.74 -84.32
C LEU E 1710 -24.14 4.15 -84.13
N GLU E 1711 -23.51 3.72 -83.04
CA GLU E 1711 -22.21 4.26 -82.67
C GLU E 1711 -21.13 3.86 -83.68
N GLU E 1712 -21.04 2.57 -84.00
CA GLU E 1712 -20.00 2.12 -84.93
C GLU E 1712 -20.21 2.70 -86.32
N ASP E 1713 -21.46 2.86 -86.73
CA ASP E 1713 -21.72 3.47 -88.04
C ASP E 1713 -21.22 4.90 -88.10
N VAL E 1714 -21.46 5.67 -87.03
CA VAL E 1714 -20.93 7.03 -86.97
C VAL E 1714 -19.41 6.99 -87.00
N TYR E 1715 -18.80 6.09 -86.23
CA TYR E 1715 -17.33 6.00 -86.21
C TYR E 1715 -16.76 5.68 -87.57
N LEU E 1716 -17.45 4.84 -88.36
CA LEU E 1716 -16.91 4.36 -89.62
C LEU E 1716 -17.34 5.21 -90.82
N ASP E 1717 -18.10 6.28 -90.61
CA ASP E 1717 -18.53 7.16 -91.70
C ASP E 1717 -17.91 8.53 -91.52
N PRO E 1718 -16.86 8.88 -92.26
CA PRO E 1718 -16.20 10.18 -92.04
C PRO E 1718 -17.08 11.37 -92.38
N LEU E 1719 -18.11 11.19 -93.18
CA LEU E 1719 -18.96 12.29 -93.63
C LEU E 1719 -20.21 12.43 -92.81
N ALA E 1720 -20.35 11.60 -91.80
CA ALA E 1720 -21.52 11.69 -90.93
C ALA E 1720 -21.57 12.98 -90.10
N ARG E 1721 -22.74 13.64 -90.07
CA ARG E 1721 -22.90 14.90 -89.31
C ARG E 1721 -24.19 14.91 -88.56
N VAL E 1722 -24.25 15.65 -87.46
CA VAL E 1722 -25.47 15.76 -86.67
C VAL E 1722 -26.41 16.75 -87.33
N SER E 1723 -27.71 16.57 -87.08
CA SER E 1723 -28.73 17.53 -87.49
C SER E 1723 -29.71 17.72 -86.34
N LYS E 1724 -30.41 18.85 -86.35
CA LYS E 1724 -31.41 19.11 -85.32
C LYS E 1724 -32.50 18.06 -85.39
N ASP E 1725 -32.82 17.46 -84.25
CA ASP E 1725 -33.81 16.41 -84.18
C ASP E 1725 -35.19 17.00 -83.92
N LYS E 1727 -38.23 16.79 -82.99
CA LYS E 1727 -38.86 16.21 -81.81
C LYS E 1727 -38.18 16.70 -80.53
N SER E 1728 -37.03 16.12 -80.22
CA SER E 1728 -36.30 16.51 -79.02
C SER E 1728 -35.73 17.91 -79.15
N GLY E 1729 -35.30 18.30 -80.35
CA GLY E 1729 -34.70 19.60 -80.56
C GLY E 1729 -33.22 19.67 -80.30
N SER E 1730 -32.57 18.55 -80.03
CA SER E 1730 -31.13 18.50 -79.81
C SER E 1730 -30.43 17.98 -81.06
N LEU E 1731 -29.10 18.04 -81.03
CA LEU E 1731 -28.29 17.61 -82.16
C LEU E 1731 -27.92 16.13 -82.01
N THR E 1732 -28.32 15.34 -82.99
CA THR E 1732 -28.05 13.92 -82.97
C THR E 1732 -27.77 13.42 -84.35
N PHE E 1733 -27.26 12.21 -84.44
CA PHE E 1733 -27.03 11.60 -85.72
C PHE E 1733 -28.27 10.85 -86.13
N ASN E 1734 -28.62 10.95 -87.39
CA ASN E 1734 -29.78 10.27 -87.95
C ASN E 1734 -29.30 9.19 -88.91
N SER E 1735 -29.94 8.02 -88.85
CA SER E 1735 -29.53 6.90 -89.69
C SER E 1735 -29.60 7.24 -91.18
N LYS E 1736 -30.47 8.16 -91.57
CA LYS E 1736 -30.58 8.52 -92.98
C LYS E 1736 -29.37 9.31 -93.45
N ASN E 1737 -28.55 9.79 -92.54
CA ASN E 1737 -27.42 10.63 -92.90
C ASN E 1737 -26.09 9.92 -92.73
N ILE E 1738 -26.11 8.60 -92.64
CA ILE E 1738 -24.91 7.80 -92.41
C ILE E 1738 -24.71 6.86 -93.58
N GLN E 1739 -23.53 6.91 -94.19
CA GLN E 1739 -23.20 6.10 -95.37
C GLN E 1739 -24.23 6.31 -96.47
N SER E 1740 -24.65 7.56 -96.66
CA SER E 1740 -25.61 7.92 -97.68
C SER E 1740 -24.92 8.64 -98.84
N LYS E 1741 -25.53 8.54 -100.02
CA LYS E 1741 -24.96 9.15 -101.21
C LYS E 1741 -25.04 10.67 -101.19
N ASP E 1742 -26.02 11.24 -100.48
CA ASP E 1742 -26.13 12.70 -100.42
C ASP E 1742 -24.94 13.32 -99.73
N SER E 1743 -24.36 12.64 -98.73
CA SER E 1743 -23.22 13.17 -98.00
C SER E 1743 -22.02 13.35 -98.89
N TYR E 1744 -21.92 12.53 -99.92
CA TYR E 1744 -20.79 12.59 -100.84
C TYR E 1744 -21.09 13.55 -101.99
N SER F 5 -129.94 31.39 -10.12
CA SER F 5 -129.59 30.47 -9.05
C SER F 5 -128.62 29.41 -9.53
N THR F 6 -127.32 29.66 -9.33
CA THR F 6 -126.29 28.70 -9.72
C THR F 6 -125.19 28.71 -8.67
N ARG F 7 -124.55 27.55 -8.52
CA ARG F 7 -123.43 27.39 -7.61
C ARG F 7 -122.21 26.94 -8.43
N PRO F 8 -121.15 27.73 -8.48
CA PRO F 8 -120.03 27.39 -9.38
C PRO F 8 -119.38 26.07 -9.00
N LEU F 9 -119.41 25.14 -9.93
CA LEU F 9 -118.71 23.87 -9.81
C LEU F 9 -117.32 24.00 -10.46
N THR F 10 -116.49 22.98 -10.26
CA THR F 10 -115.14 23.01 -10.82
C THR F 10 -114.74 21.61 -11.24
N LEU F 11 -114.51 21.44 -12.55
CA LEU F 11 -113.81 20.28 -13.08
C LEU F 11 -112.36 20.66 -13.27
N SER F 12 -111.46 19.96 -12.58
CA SER F 12 -110.08 20.40 -12.44
C SER F 12 -109.12 19.29 -12.86
N HIS F 13 -107.98 19.70 -13.41
CA HIS F 13 -106.88 18.79 -13.71
C HIS F 13 -105.60 19.62 -13.75
N GLY F 14 -104.83 19.57 -12.65
CA GLY F 14 -103.60 20.32 -12.60
C GLY F 14 -103.83 21.80 -12.83
N SER F 15 -102.94 22.41 -13.62
CA SER F 15 -103.06 23.83 -13.97
C SER F 15 -104.02 23.99 -15.15
N LEU F 16 -105.22 23.46 -14.96
CA LEU F 16 -106.22 23.42 -16.02
C LEU F 16 -107.57 23.13 -15.37
N GLU F 17 -108.54 24.02 -15.54
CA GLU F 17 -109.81 23.88 -14.85
C GLU F 17 -110.90 24.60 -15.65
N HIS F 18 -112.14 24.23 -15.37
CA HIS F 18 -113.30 24.86 -15.98
C HIS F 18 -114.47 24.70 -15.02
N VAL F 19 -115.29 25.76 -14.91
CA VAL F 19 -116.37 25.82 -13.94
C VAL F 19 -117.69 25.72 -14.67
N LEU F 20 -118.54 24.79 -14.22
CA LEU F 20 -119.90 24.65 -14.73
C LEU F 20 -120.85 25.34 -13.75
N LEU F 21 -121.63 26.28 -14.27
CA LEU F 21 -122.61 27.01 -13.44
C LEU F 21 -123.88 26.18 -13.42
N VAL F 22 -123.87 25.13 -12.60
CA VAL F 22 -125.01 24.23 -12.47
C VAL F 22 -126.12 24.95 -11.71
N PRO F 23 -127.39 24.77 -12.07
CA PRO F 23 -128.46 25.35 -11.26
C PRO F 23 -128.46 24.77 -9.85
N THR F 24 -128.88 25.58 -8.89
CA THR F 24 -128.82 25.19 -7.49
C THR F 24 -129.63 23.93 -7.21
N ALA F 25 -130.61 23.60 -8.05
CA ALA F 25 -131.44 22.42 -7.81
C ALA F 25 -130.63 21.14 -7.88
N SER F 26 -129.73 21.04 -8.86
CA SER F 26 -129.00 19.79 -9.14
C SER F 26 -127.52 19.87 -8.79
N PHE F 27 -127.13 20.83 -7.93
CA PHE F 27 -125.72 20.96 -7.59
C PHE F 27 -125.21 19.72 -6.88
N PHE F 28 -126.05 19.08 -6.06
CA PHE F 28 -125.63 17.88 -5.36
C PHE F 28 -125.31 16.74 -6.33
N ILE F 29 -126.17 16.54 -7.33
CA ILE F 29 -125.91 15.50 -8.33
C ILE F 29 -124.66 15.85 -9.13
N ALA F 30 -124.52 17.12 -9.51
CA ALA F 30 -123.34 17.54 -10.26
C ALA F 30 -122.08 17.26 -9.46
N SER F 31 -122.09 17.58 -8.16
CA SER F 31 -120.92 17.34 -7.32
C SER F 31 -120.64 15.86 -7.13
N GLN F 32 -121.67 15.03 -7.02
CA GLN F 32 -121.46 13.59 -6.91
C GLN F 32 -120.76 13.06 -8.17
N LEU F 33 -121.29 13.40 -9.34
CA LEU F 33 -120.66 12.94 -10.57
C LEU F 33 -119.26 13.53 -10.72
N GLN F 34 -119.07 14.76 -10.25
CA GLN F 34 -117.73 15.37 -10.31
C GLN F 34 -116.73 14.63 -9.44
N GLU F 35 -117.16 14.21 -8.23
CA GLU F 35 -116.27 13.45 -7.38
C GLU F 35 -115.90 12.11 -8.02
N GLN F 36 -116.90 11.43 -8.61
CA GLN F 36 -116.59 10.18 -9.31
C GLN F 36 -115.62 10.43 -10.45
N PHE F 37 -115.85 11.48 -11.24
CA PHE F 37 -114.97 11.80 -12.36
C PHE F 37 -113.56 12.14 -11.87
N ASN F 38 -113.46 12.82 -10.73
CA ASN F 38 -112.17 13.07 -10.12
C ASN F 38 -111.46 11.76 -9.81
N LYS F 39 -112.22 10.75 -9.35
CA LYS F 39 -111.64 9.42 -9.20
C LYS F 39 -111.15 8.91 -10.55
N ILE F 40 -111.96 9.08 -11.60
CA ILE F 40 -111.61 8.49 -12.90
C ILE F 40 -110.46 9.26 -13.55
N LEU F 41 -110.53 10.59 -13.53
CA LEU F 41 -109.53 11.39 -14.23
C LEU F 41 -108.15 11.16 -13.62
N PRO F 42 -107.23 10.53 -14.35
CA PRO F 42 -105.94 10.16 -13.75
C PRO F 42 -105.13 11.39 -13.36
N GLU F 43 -104.22 11.20 -12.40
CA GLU F 43 -103.42 12.27 -11.85
C GLU F 43 -102.60 12.94 -12.96
N PRO F 44 -102.35 14.24 -12.86
CA PRO F 44 -101.70 14.97 -13.95
C PRO F 44 -100.19 14.80 -13.97
N THR F 45 -99.59 15.29 -15.05
CA THR F 45 -98.15 15.32 -15.23
C THR F 45 -97.77 16.64 -15.90
N GLU F 46 -96.47 16.81 -16.15
CA GLU F 46 -95.97 18.04 -16.74
C GLU F 46 -96.43 18.14 -18.19
N GLY F 47 -97.38 19.04 -18.45
CA GLY F 47 -97.95 19.22 -19.77
C GLY F 47 -99.10 18.29 -20.09
N PHE F 48 -99.43 17.35 -19.19
CA PHE F 48 -100.50 16.39 -19.42
C PHE F 48 -100.24 15.54 -20.65
N ALA F 49 -98.97 15.35 -21.00
CA ALA F 49 -98.58 14.63 -22.21
C ALA F 49 -98.48 13.12 -21.96
N ALA F 50 -99.55 12.54 -21.42
CA ALA F 50 -99.64 11.10 -21.23
C ALA F 50 -101.03 10.64 -21.63
N ASP F 51 -101.16 9.35 -21.88
CA ASP F 51 -102.43 8.80 -22.34
C ASP F 51 -103.51 8.98 -21.29
N ASP F 52 -104.72 9.30 -21.76
CA ASP F 52 -105.93 9.37 -20.95
C ASP F 52 -105.98 10.58 -20.03
N GLU F 53 -105.38 11.70 -20.41
CA GLU F 53 -105.51 12.94 -19.65
C GLU F 53 -105.71 14.11 -20.60
N PRO F 54 -106.52 15.09 -20.21
CA PRO F 54 -106.76 16.24 -21.10
C PRO F 54 -105.52 17.13 -21.21
N THR F 55 -105.48 17.88 -22.31
CA THR F 55 -104.49 18.93 -22.52
C THR F 55 -105.12 20.30 -22.63
N THR F 56 -106.45 20.38 -22.64
CA THR F 56 -107.17 21.64 -22.82
C THR F 56 -108.48 21.52 -22.06
N PRO F 57 -109.00 22.64 -21.53
CA PRO F 57 -110.28 22.54 -20.80
C PRO F 57 -111.40 21.93 -21.61
N ALA F 58 -111.46 22.21 -22.92
CA ALA F 58 -112.48 21.57 -23.76
C ALA F 58 -112.36 20.06 -23.70
N GLU F 59 -111.12 19.54 -23.74
CA GLU F 59 -110.92 18.10 -23.68
C GLU F 59 -111.47 17.53 -22.37
N LEU F 60 -111.21 18.23 -21.26
CA LEU F 60 -111.64 17.74 -19.96
C LEU F 60 -113.16 17.78 -19.82
N VAL F 61 -113.79 18.84 -20.31
CA VAL F 61 -115.25 18.91 -20.27
C VAL F 61 -115.86 17.84 -21.15
N GLY F 62 -115.24 17.55 -22.30
CA GLY F 62 -115.72 16.46 -23.13
C GLY F 62 -115.54 15.10 -22.47
N LYS F 63 -114.44 14.93 -21.73
CA LYS F 63 -114.23 13.69 -20.99
C LYS F 63 -115.30 13.51 -19.93
N PHE F 64 -115.65 14.58 -19.22
CA PHE F 64 -116.76 14.51 -18.28
C PHE F 64 -118.08 14.23 -18.99
N LEU F 65 -118.29 14.83 -20.16
CA LEU F 65 -119.47 14.53 -20.96
C LEU F 65 -119.57 13.04 -21.24
N GLY F 66 -118.46 12.45 -21.69
CA GLY F 66 -118.46 11.02 -21.95
C GLY F 66 -118.72 10.20 -20.71
N TYR F 67 -118.11 10.59 -19.59
CA TYR F 67 -118.31 9.85 -18.34
C TYR F 67 -119.79 9.84 -17.96
N VAL F 68 -120.43 11.01 -18.01
CA VAL F 68 -121.85 11.07 -17.65
C VAL F 68 -122.70 10.35 -18.68
N SER F 69 -122.34 10.40 -19.95
CA SER F 69 -123.11 9.71 -20.98
C SER F 69 -123.05 8.21 -20.77
N SER F 70 -121.93 7.69 -20.28
CA SER F 70 -121.84 6.27 -19.97
C SER F 70 -122.82 5.88 -18.87
N LEU F 71 -122.95 6.70 -17.83
CA LEU F 71 -123.86 6.40 -16.74
C LEU F 71 -125.32 6.48 -17.17
N VAL F 72 -125.67 7.46 -18.00
CA VAL F 72 -127.04 7.56 -18.48
C VAL F 72 -127.37 6.33 -19.33
N GLU F 73 -128.65 5.95 -19.31
CA GLU F 73 -129.13 4.79 -20.06
C GLU F 73 -130.23 5.26 -21.01
N PRO F 74 -130.06 5.12 -22.32
CA PRO F 74 -131.12 5.56 -23.24
C PRO F 74 -132.40 4.79 -22.97
N SER F 75 -133.53 5.50 -23.17
CA SER F 75 -134.86 5.02 -22.80
C SER F 75 -135.20 5.51 -21.39
N LYS F 76 -136.05 4.76 -20.69
CA LYS F 76 -136.44 5.15 -19.34
C LYS F 76 -135.23 5.38 -18.46
N VAL F 77 -135.04 6.63 -18.04
CA VAL F 77 -133.90 7.01 -17.22
C VAL F 77 -134.21 8.35 -16.56
N GLY F 78 -133.82 8.50 -15.30
CA GLY F 78 -134.00 9.74 -14.59
C GLY F 78 -132.74 10.23 -13.89
N GLN F 79 -131.77 9.33 -13.73
CA GLN F 79 -130.62 9.59 -12.86
C GLN F 79 -129.85 10.85 -13.28
N PHE F 80 -129.24 10.82 -14.47
CA PHE F 80 -128.28 11.84 -14.86
C PHE F 80 -128.60 12.50 -16.20
N ASP F 81 -129.86 12.48 -16.64
CA ASP F 81 -130.21 13.15 -17.88
C ASP F 81 -130.04 14.67 -17.76
N GLN F 82 -130.52 15.24 -16.65
CA GLN F 82 -130.51 16.69 -16.51
C GLN F 82 -129.08 17.23 -16.49
N VAL F 83 -128.21 16.61 -15.70
CA VAL F 83 -126.82 17.07 -15.62
C VAL F 83 -126.15 16.92 -16.99
N LEU F 84 -126.43 15.82 -17.68
CA LEU F 84 -125.88 15.63 -19.02
C LEU F 84 -126.29 16.77 -19.94
N ASN F 85 -127.59 17.11 -19.96
CA ASN F 85 -128.07 18.17 -20.83
C ASN F 85 -127.44 19.50 -20.46
N LEU F 86 -127.33 19.78 -19.16
CA LEU F 86 -126.75 21.05 -18.74
C LEU F 86 -125.31 21.18 -19.20
N CYS F 87 -124.50 20.14 -18.97
CA CYS F 87 -123.10 20.21 -19.36
C CYS F 87 -122.97 20.20 -20.89
N LEU F 88 -123.91 19.56 -21.59
CA LEU F 88 -123.89 19.59 -23.05
C LEU F 88 -124.10 21.01 -23.56
N THR F 89 -125.12 21.70 -23.02
CA THR F 89 -125.35 23.08 -23.42
C THR F 89 -124.17 23.96 -23.04
N GLU F 90 -123.58 23.73 -21.87
CA GLU F 90 -122.42 24.50 -21.45
C GLU F 90 -121.27 24.31 -22.44
N PHE F 91 -121.00 23.06 -22.83
CA PHE F 91 -119.93 22.78 -23.78
C PHE F 91 -120.20 23.44 -25.12
N GLU F 92 -121.43 23.32 -25.61
CA GLU F 92 -121.76 23.92 -26.91
C GLU F 92 -121.59 25.43 -26.86
N ASN F 93 -122.01 26.07 -25.78
CA ASN F 93 -121.94 27.53 -25.70
C ASN F 93 -120.51 28.02 -25.48
N CYS F 94 -119.69 27.25 -24.77
CA CYS F 94 -118.37 27.74 -24.39
C CYS F 94 -117.26 27.30 -25.33
N TYR F 95 -117.48 26.25 -26.13
CA TYR F 95 -116.39 25.73 -26.96
C TYR F 95 -116.74 25.58 -28.42
N LEU F 96 -117.97 25.18 -28.75
CA LEU F 96 -118.35 24.91 -30.13
C LEU F 96 -118.93 26.12 -30.84
N GLU F 97 -119.07 27.26 -30.15
CA GLU F 97 -119.80 28.39 -30.70
C GLU F 97 -121.06 27.89 -31.41
N GLY F 98 -121.21 28.22 -32.69
CA GLY F 98 -122.27 27.65 -33.50
C GLY F 98 -121.74 26.66 -34.52
N ASN F 99 -120.46 26.30 -34.38
CA ASN F 99 -119.78 25.47 -35.36
C ASN F 99 -119.97 23.99 -35.05
N ASP F 100 -119.24 23.13 -35.74
CA ASP F 100 -119.35 21.70 -35.55
C ASP F 100 -118.23 21.18 -34.66
N ILE F 101 -118.34 19.94 -34.24
CA ILE F 101 -117.35 19.35 -33.35
C ILE F 101 -116.00 19.20 -34.06
N HIS F 102 -116.03 18.84 -35.35
CA HIS F 102 -114.78 18.66 -36.08
C HIS F 102 -114.02 19.98 -36.24
N ALA F 103 -114.74 21.10 -36.32
CA ALA F 103 -114.06 22.39 -36.35
C ALA F 103 -113.30 22.63 -35.04
N LEU F 104 -113.91 22.29 -33.91
CA LEU F 104 -113.22 22.40 -32.63
C LEU F 104 -112.04 21.44 -32.57
N ALA F 105 -112.20 20.24 -33.12
CA ALA F 105 -111.10 19.28 -33.16
C ALA F 105 -109.92 19.82 -33.94
N ALA F 106 -110.19 20.39 -35.11
CA ALA F 106 -109.10 20.98 -35.91
C ALA F 106 -108.47 22.15 -35.17
N LYS F 107 -109.28 22.98 -34.52
CA LYS F 107 -108.74 24.11 -33.78
C LYS F 107 -107.80 23.64 -32.68
N LEU F 108 -108.21 22.63 -31.91
CA LEU F 108 -107.37 22.13 -30.83
C LEU F 108 -106.16 21.38 -31.35
N LEU F 109 -106.25 20.82 -32.56
CA LEU F 109 -105.09 20.17 -33.16
C LEU F 109 -104.08 21.15 -33.69
N GLN F 110 -104.52 22.34 -34.13
CA GLN F 110 -103.62 23.29 -34.76
C GLN F 110 -103.13 24.36 -33.79
N GLU F 111 -104.03 25.11 -33.16
CA GLU F 111 -103.64 26.22 -32.31
C GLU F 111 -103.22 25.80 -30.91
N ASN F 112 -103.47 24.55 -30.51
CA ASN F 112 -103.10 24.08 -29.19
C ASN F 112 -102.22 22.84 -29.29
N ASP F 113 -101.94 22.21 -28.15
CA ASP F 113 -101.08 21.01 -28.10
C ASP F 113 -101.97 19.83 -27.69
N THR F 114 -102.57 19.19 -28.69
CA THR F 114 -103.39 18.01 -28.48
C THR F 114 -103.08 16.99 -29.57
N THR F 115 -103.01 15.72 -29.18
CA THR F 115 -102.75 14.66 -30.13
C THR F 115 -104.01 14.35 -30.94
N LEU F 116 -103.81 13.62 -32.03
CA LEU F 116 -104.95 13.23 -32.85
C LEU F 116 -105.87 12.26 -32.11
N VAL F 117 -105.30 11.40 -31.28
CA VAL F 117 -106.10 10.42 -30.55
C VAL F 117 -107.01 11.12 -29.55
N LYS F 118 -106.48 12.12 -28.82
CA LYS F 118 -107.29 12.81 -27.84
C LYS F 118 -108.43 13.58 -28.48
N THR F 119 -108.18 14.22 -29.62
CA THR F 119 -109.26 14.95 -30.29
C THR F 119 -110.29 13.99 -30.89
N LYS F 120 -109.86 12.85 -31.42
CA LYS F 120 -110.83 11.84 -31.84
C LYS F 120 -111.68 11.39 -30.66
N GLU F 121 -111.06 11.23 -29.49
CA GLU F 121 -111.80 10.86 -28.29
C GLU F 121 -112.81 11.93 -27.93
N LEU F 122 -112.42 13.20 -28.08
CA LEU F 122 -113.34 14.30 -27.78
C LEU F 122 -114.54 14.27 -28.73
N ILE F 123 -114.30 14.05 -30.01
CA ILE F 123 -115.39 13.95 -30.98
C ILE F 123 -116.32 12.81 -30.59
N LYS F 124 -115.72 11.66 -30.26
CA LYS F 124 -116.50 10.49 -29.86
C LYS F 124 -117.37 10.80 -28.66
N ASN F 125 -116.79 11.45 -27.65
CA ASN F 125 -117.53 11.77 -26.44
C ASN F 125 -118.69 12.71 -26.74
N TYR F 126 -118.42 13.77 -27.52
CA TYR F 126 -119.48 14.74 -27.81
C TYR F 126 -120.64 14.08 -28.54
N ILE F 127 -120.33 13.27 -29.56
CA ILE F 127 -121.40 12.68 -30.36
C ILE F 127 -122.16 11.64 -29.55
N THR F 128 -121.45 10.85 -28.74
CA THR F 128 -122.10 9.86 -27.89
C THR F 128 -123.03 10.54 -26.90
N ALA F 129 -122.58 11.64 -26.28
CA ALA F 129 -123.43 12.35 -25.34
C ALA F 129 -124.64 12.95 -26.05
N ARG F 130 -124.44 13.49 -27.25
CA ARG F 130 -125.57 14.06 -27.99
C ARG F 130 -126.63 13.00 -28.25
N ILE F 131 -126.22 11.81 -28.69
CA ILE F 131 -127.24 10.79 -28.97
C ILE F 131 -127.83 10.23 -27.69
N MET F 132 -127.02 10.08 -26.62
CA MET F 132 -127.53 9.55 -25.37
C MET F 132 -128.60 10.45 -24.78
N ALA F 133 -128.42 11.76 -24.87
CA ALA F 133 -129.37 12.72 -24.35
C ALA F 133 -130.61 12.86 -25.22
N LYS F 134 -130.79 11.99 -26.22
CA LYS F 134 -131.91 12.11 -27.16
C LYS F 134 -131.87 13.45 -27.88
N ARG F 135 -130.68 13.91 -28.24
CA ARG F 135 -130.50 15.12 -29.03
C ARG F 135 -129.98 14.74 -30.41
N PRO F 136 -130.80 14.15 -31.26
CA PRO F 136 -130.31 13.69 -32.56
C PRO F 136 -129.85 14.86 -33.43
N PHE F 137 -128.94 14.56 -34.36
CA PHE F 137 -128.48 15.54 -35.34
C PHE F 137 -129.52 15.69 -36.45
N ASP F 138 -130.75 16.00 -36.03
CA ASP F 138 -131.91 16.04 -36.92
C ASP F 138 -132.15 17.42 -37.50
N LYS F 139 -131.29 18.39 -37.20
CA LYS F 139 -131.41 19.73 -37.76
C LYS F 139 -130.36 19.89 -38.86
N LYS F 140 -130.81 20.32 -40.04
CA LYS F 140 -129.91 20.49 -41.17
C LYS F 140 -128.81 21.48 -40.80
N SER F 141 -127.59 21.18 -41.26
CA SER F 141 -126.42 21.94 -40.87
C SER F 141 -126.42 23.31 -41.57
N ASN F 142 -125.50 24.16 -41.12
CA ASN F 142 -125.22 25.43 -41.78
C ASN F 142 -123.85 25.42 -42.45
N SER F 143 -123.40 24.26 -42.91
CA SER F 143 -122.11 24.12 -43.55
C SER F 143 -121.99 25.11 -44.70
N ALA F 144 -120.85 25.81 -44.74
CA ALA F 144 -120.63 26.80 -45.78
C ALA F 144 -120.61 26.12 -47.15
N LEU F 145 -120.02 24.93 -47.24
CA LEU F 145 -119.92 24.24 -48.52
C LEU F 145 -121.31 23.94 -49.08
N PHE F 146 -122.21 23.40 -48.26
CA PHE F 146 -123.52 23.01 -48.75
C PHE F 146 -124.47 24.19 -48.88
N ARG F 147 -124.19 25.31 -48.20
CA ARG F 147 -124.90 26.55 -48.50
C ARG F 147 -124.48 27.10 -49.85
N ALA F 148 -123.18 27.07 -50.15
CA ALA F 148 -122.69 27.49 -51.45
C ALA F 148 -123.27 26.63 -52.55
N VAL F 149 -123.33 25.31 -52.34
CA VAL F 149 -123.95 24.43 -53.32
C VAL F 149 -125.39 24.83 -53.55
N GLY F 150 -126.12 25.14 -52.47
CA GLY F 150 -127.51 25.52 -52.62
C GLY F 150 -127.68 26.80 -53.43
N GLU F 151 -126.83 27.80 -53.17
CA GLU F 151 -126.95 29.06 -53.91
C GLU F 151 -126.26 29.01 -55.27
N GLY F 152 -125.59 27.91 -55.61
CA GLY F 152 -124.98 27.74 -56.91
C GLY F 152 -123.52 28.10 -57.01
N ASN F 153 -122.87 28.41 -55.88
CA ASN F 153 -121.47 28.81 -55.90
C ASN F 153 -120.50 27.64 -55.83
N ALA F 154 -121.00 26.41 -55.81
CA ALA F 154 -120.13 25.24 -55.73
C ALA F 154 -120.81 24.05 -56.39
N GLN F 155 -120.00 23.18 -56.97
CA GLN F 155 -120.45 21.92 -57.55
C GLN F 155 -119.64 20.79 -56.95
N LEU F 156 -120.32 19.75 -56.48
CA LEU F 156 -119.69 18.67 -55.75
C LEU F 156 -119.77 17.38 -56.57
N VAL F 157 -118.64 16.66 -56.64
CA VAL F 157 -118.59 15.32 -57.20
C VAL F 157 -117.96 14.41 -56.15
N ALA F 158 -118.59 13.28 -55.90
CA ALA F 158 -118.10 12.32 -54.92
C ALA F 158 -117.31 11.24 -55.63
N ILE F 159 -116.12 10.95 -55.11
CA ILE F 159 -115.25 9.90 -55.66
C ILE F 159 -114.97 8.89 -54.56
N PHE F 160 -114.82 7.63 -54.95
CA PHE F 160 -114.63 6.53 -54.02
C PHE F 160 -113.40 5.73 -54.43
N GLY F 161 -112.55 5.42 -53.47
CA GLY F 161 -111.31 4.71 -53.74
C GLY F 161 -111.51 3.21 -53.85
N GLY F 162 -110.40 2.51 -53.99
CA GLY F 162 -110.40 1.06 -54.13
C GLY F 162 -109.22 0.45 -53.43
N GLN F 163 -108.63 -0.57 -54.04
CA GLN F 163 -107.50 -1.27 -53.45
C GLN F 163 -106.19 -0.56 -53.76
N GLY F 164 -105.17 -0.86 -52.95
CA GLY F 164 -103.82 -0.40 -53.18
C GLY F 164 -103.46 0.90 -52.52
N ASN F 165 -104.41 1.58 -51.87
CA ASN F 165 -104.12 2.88 -51.28
C ASN F 165 -103.40 2.77 -49.95
N THR F 166 -103.68 1.73 -49.17
CA THR F 166 -103.10 1.61 -47.84
C THR F 166 -102.83 0.15 -47.53
N ASP F 167 -101.99 -0.09 -46.53
CA ASP F 167 -101.67 -1.45 -46.11
C ASP F 167 -102.59 -1.93 -44.99
N ASP F 168 -103.17 -1.00 -44.21
CA ASP F 168 -104.07 -1.35 -43.11
C ASP F 168 -105.34 -0.51 -43.23
N TYR F 169 -106.29 -1.00 -44.04
CA TYR F 169 -107.61 -0.38 -44.10
C TYR F 169 -108.49 -0.75 -42.92
N PHE F 170 -108.30 -1.96 -42.37
CA PHE F 170 -109.09 -2.36 -41.22
C PHE F 170 -108.82 -1.46 -40.02
N GLU F 171 -107.70 -0.76 -40.01
CA GLU F 171 -107.48 0.21 -38.96
C GLU F 171 -108.44 1.36 -39.20
N GLU F 172 -108.66 1.76 -40.45
CA GLU F 172 -109.65 2.79 -40.74
C GLU F 172 -111.03 2.35 -40.31
N LEU F 173 -111.38 1.08 -40.56
CA LEU F 173 -112.67 0.58 -40.08
C LEU F 173 -112.75 0.61 -38.55
N ARG F 174 -111.69 0.28 -37.86
CA ARG F 174 -111.70 0.35 -36.41
C ARG F 174 -111.88 1.78 -35.94
N ASP F 175 -111.21 2.73 -36.60
CA ASP F 175 -111.41 4.13 -36.24
C ASP F 175 -112.87 4.52 -36.41
N LEU F 176 -113.49 4.10 -37.53
CA LEU F 176 -114.90 4.40 -37.73
C LEU F 176 -115.76 3.78 -36.64
N TYR F 177 -115.50 2.52 -36.28
CA TYR F 177 -116.32 1.82 -35.30
C TYR F 177 -116.17 2.42 -33.91
N GLN F 178 -114.98 2.90 -33.56
CA GLN F 178 -114.75 3.47 -32.23
C GLN F 178 -115.25 4.91 -32.15
N THR F 179 -114.79 5.78 -33.04
CA THR F 179 -115.11 7.20 -32.93
C THR F 179 -116.60 7.46 -33.12
N TYR F 180 -117.18 6.93 -34.19
CA TYR F 180 -118.55 7.19 -34.57
C TYR F 180 -119.44 5.97 -34.39
N HIS F 181 -119.22 5.21 -33.31
CA HIS F 181 -120.00 4.00 -33.08
C HIS F 181 -121.49 4.27 -33.13
N VAL F 182 -121.92 5.42 -32.61
CA VAL F 182 -123.35 5.68 -32.50
C VAL F 182 -124.01 5.96 -33.84
N LEU F 183 -123.25 6.34 -34.85
CA LEU F 183 -123.79 6.64 -36.18
C LEU F 183 -123.72 5.46 -37.13
N VAL F 184 -122.61 4.71 -37.11
CA VAL F 184 -122.36 3.65 -38.08
C VAL F 184 -122.37 2.27 -37.46
N GLY F 185 -122.69 2.15 -36.17
CA GLY F 185 -122.71 0.83 -35.54
C GLY F 185 -123.79 -0.06 -36.12
N ASP F 186 -124.99 0.48 -36.33
CA ASP F 186 -126.05 -0.29 -36.95
C ASP F 186 -125.68 -0.69 -38.36
N LEU F 187 -125.06 0.22 -39.12
CA LEU F 187 -124.66 -0.10 -40.48
C LEU F 187 -123.64 -1.24 -40.50
N ILE F 188 -122.65 -1.18 -39.61
CA ILE F 188 -121.62 -2.22 -39.60
C ILE F 188 -122.19 -3.54 -39.11
N LYS F 189 -123.11 -3.50 -38.13
CA LYS F 189 -123.78 -4.71 -37.70
C LYS F 189 -124.56 -5.35 -38.84
N PHE F 190 -125.30 -4.54 -39.58
CA PHE F 190 -126.05 -5.04 -40.73
C PHE F 190 -125.13 -5.62 -41.79
N SER F 191 -124.00 -4.95 -42.04
CA SER F 191 -123.04 -5.45 -43.02
C SER F 191 -122.45 -6.79 -42.59
N ALA F 192 -122.09 -6.92 -41.31
CA ALA F 192 -121.55 -8.17 -40.81
C ALA F 192 -122.57 -9.30 -40.94
N GLU F 193 -123.83 -9.02 -40.57
CA GLU F 193 -124.87 -10.03 -40.70
C GLU F 193 -125.05 -10.43 -42.15
N THR F 194 -125.06 -9.45 -43.06
CA THR F 194 -125.25 -9.74 -44.47
C THR F 194 -124.12 -10.59 -45.02
N LEU F 195 -122.88 -10.26 -44.66
CA LEU F 195 -121.74 -11.02 -45.16
C LEU F 195 -121.73 -12.43 -44.60
N SER F 196 -122.07 -12.59 -43.31
CA SER F 196 -122.17 -13.92 -42.74
C SER F 196 -123.23 -14.75 -43.45
N GLU F 197 -124.38 -14.14 -43.74
CA GLU F 197 -125.42 -14.85 -44.47
C GLU F 197 -124.96 -15.22 -45.88
N LEU F 198 -124.29 -14.30 -46.56
CA LEU F 198 -123.82 -14.59 -47.91
C LEU F 198 -122.83 -15.73 -47.91
N ILE F 199 -121.94 -15.77 -46.92
CA ILE F 199 -121.03 -16.90 -46.80
C ILE F 199 -121.80 -18.18 -46.52
N ARG F 200 -122.79 -18.12 -45.64
CA ARG F 200 -123.52 -19.31 -45.20
C ARG F 200 -124.47 -19.81 -46.28
N THR F 201 -124.67 -19.04 -47.35
CA THR F 201 -125.58 -19.47 -48.40
C THR F 201 -124.91 -19.61 -49.77
N THR F 202 -123.59 -19.51 -49.85
CA THR F 202 -122.85 -19.71 -51.11
C THR F 202 -122.10 -21.02 -51.01
N LEU F 203 -122.13 -21.81 -52.08
CA LEU F 203 -121.78 -23.22 -52.04
C LEU F 203 -120.50 -23.52 -51.26
N ASP F 204 -119.35 -23.02 -51.73
CA ASP F 204 -118.07 -23.29 -51.10
C ASP F 204 -117.37 -22.01 -50.67
N ALA F 205 -118.13 -20.99 -50.31
CA ALA F 205 -117.53 -19.73 -49.89
C ALA F 205 -116.68 -19.91 -48.64
N GLU F 206 -117.05 -20.86 -47.77
CA GLU F 206 -116.32 -21.03 -46.53
C GLU F 206 -114.86 -21.45 -46.77
N LYS F 207 -114.53 -21.93 -47.98
CA LYS F 207 -113.15 -22.31 -48.25
C LYS F 207 -112.25 -21.08 -48.43
N VAL F 208 -112.74 -20.05 -49.11
CA VAL F 208 -111.93 -18.85 -49.28
C VAL F 208 -111.81 -18.11 -47.95
N PHE F 209 -112.84 -18.19 -47.11
CA PHE F 209 -112.81 -17.57 -45.79
C PHE F 209 -112.30 -18.58 -44.76
N THR F 210 -111.00 -18.84 -44.84
CA THR F 210 -110.39 -19.88 -44.00
C THR F 210 -110.53 -19.53 -42.52
N GLN F 211 -110.33 -18.26 -42.17
CA GLN F 211 -110.42 -17.80 -40.80
C GLN F 211 -111.75 -17.07 -40.53
N GLY F 212 -112.76 -17.32 -41.35
CA GLY F 212 -114.06 -16.72 -41.12
C GLY F 212 -114.11 -15.26 -41.53
N LEU F 213 -115.29 -14.67 -41.32
CA LEU F 213 -115.55 -13.27 -41.61
C LEU F 213 -116.31 -12.62 -40.45
N ASN F 214 -115.84 -12.87 -39.23
CA ASN F 214 -116.49 -12.36 -38.02
C ASN F 214 -115.98 -10.94 -37.75
N ILE F 215 -116.59 -9.99 -38.44
CA ILE F 215 -116.11 -8.60 -38.39
C ILE F 215 -116.31 -8.00 -37.01
N LEU F 216 -117.50 -8.17 -36.44
CA LEU F 216 -117.80 -7.54 -35.15
C LEU F 216 -116.87 -8.06 -34.06
N GLU F 217 -116.55 -9.36 -34.10
CA GLU F 217 -115.64 -9.91 -33.11
C GLU F 217 -114.25 -9.30 -33.25
N TRP F 218 -113.77 -9.14 -34.49
CA TRP F 218 -112.48 -8.49 -34.68
C TRP F 218 -112.51 -7.05 -34.18
N LEU F 219 -113.62 -6.36 -34.38
CA LEU F 219 -113.71 -4.96 -33.96
C LEU F 219 -113.74 -4.83 -32.44
N GLU F 220 -114.52 -5.67 -31.76
CA GLU F 220 -114.58 -5.61 -30.30
C GLU F 220 -113.34 -6.22 -29.65
N ASN F 221 -112.77 -7.25 -30.27
CA ASN F 221 -111.56 -7.88 -29.76
C ASN F 221 -110.43 -7.69 -30.78
N PRO F 222 -109.54 -6.71 -30.61
CA PRO F 222 -108.47 -6.50 -31.58
C PRO F 222 -107.46 -7.63 -31.65
N SER F 223 -107.51 -8.59 -30.72
CA SER F 223 -106.54 -9.68 -30.70
C SER F 223 -106.99 -10.89 -31.50
N ASN F 224 -108.29 -11.17 -31.56
CA ASN F 224 -108.81 -12.27 -32.36
C ASN F 224 -108.83 -11.94 -33.85
N THR F 225 -108.48 -10.71 -34.23
CA THR F 225 -108.48 -10.34 -35.63
C THR F 225 -107.41 -11.13 -36.38
N PRO F 226 -107.70 -11.60 -37.60
CA PRO F 226 -106.68 -12.28 -38.39
C PRO F 226 -105.47 -11.40 -38.63
N ASP F 227 -104.43 -12.02 -39.19
CA ASP F 227 -103.22 -11.28 -39.54
C ASP F 227 -103.49 -10.37 -40.75
N LYS F 228 -102.53 -9.49 -41.02
CA LYS F 228 -102.72 -8.48 -42.05
C LYS F 228 -102.87 -9.10 -43.44
N ASP F 229 -102.11 -10.15 -43.74
CA ASP F 229 -102.19 -10.77 -45.06
C ASP F 229 -103.57 -11.36 -45.31
N TYR F 230 -104.18 -12.00 -44.31
CA TYR F 230 -105.53 -12.52 -44.49
C TYR F 230 -106.54 -11.39 -44.65
N LEU F 231 -106.34 -10.27 -43.96
CA LEU F 231 -107.24 -9.14 -44.13
C LEU F 231 -107.10 -8.52 -45.51
N LEU F 232 -105.92 -8.64 -46.12
CA LEU F 232 -105.69 -8.03 -47.42
C LEU F 232 -106.23 -8.86 -48.59
N SER F 233 -106.58 -10.12 -48.38
CA SER F 233 -107.12 -10.93 -49.46
C SER F 233 -108.47 -10.37 -49.89
N ILE F 234 -108.74 -10.43 -51.19
CA ILE F 234 -109.88 -9.69 -51.75
C ILE F 234 -111.21 -10.18 -51.22
N PRO F 235 -111.43 -11.50 -50.95
CA PRO F 235 -112.74 -11.91 -50.43
C PRO F 235 -113.10 -11.19 -49.14
N ILE F 236 -112.08 -10.78 -48.40
CA ILE F 236 -112.26 -9.94 -47.21
C ILE F 236 -112.23 -8.47 -47.62
N SER F 237 -111.22 -8.10 -48.40
CA SER F 237 -110.91 -6.69 -48.61
C SER F 237 -112.04 -5.95 -49.32
N CYS F 238 -112.55 -6.51 -50.42
CA CYS F 238 -113.52 -5.76 -51.22
C CYS F 238 -114.76 -5.39 -50.42
N PRO F 239 -115.46 -6.33 -49.79
CA PRO F 239 -116.62 -5.93 -48.96
C PRO F 239 -116.27 -4.92 -47.89
N LEU F 240 -115.11 -5.07 -47.23
CA LEU F 240 -114.82 -4.20 -46.10
C LEU F 240 -114.42 -2.81 -46.54
N ILE F 241 -113.73 -2.68 -47.68
CA ILE F 241 -113.49 -1.34 -48.23
C ILE F 241 -114.81 -0.68 -48.61
N GLY F 242 -115.73 -1.44 -49.21
CA GLY F 242 -117.04 -0.88 -49.48
C GLY F 242 -117.75 -0.43 -48.21
N VAL F 243 -117.66 -1.24 -47.16
CA VAL F 243 -118.31 -0.90 -45.90
C VAL F 243 -117.69 0.35 -45.31
N ILE F 244 -116.37 0.50 -45.41
CA ILE F 244 -115.70 1.69 -44.90
C ILE F 244 -116.21 2.92 -45.63
N GLN F 245 -116.29 2.83 -46.96
CA GLN F 245 -116.77 3.97 -47.74
C GLN F 245 -118.20 4.33 -47.35
N LEU F 246 -119.06 3.33 -47.22
CA LEU F 246 -120.45 3.61 -46.86
C LEU F 246 -120.55 4.18 -45.46
N ALA F 247 -119.70 3.73 -44.53
CA ALA F 247 -119.71 4.28 -43.19
C ALA F 247 -119.30 5.74 -43.19
N HIS F 248 -118.27 6.09 -43.96
CA HIS F 248 -117.89 7.49 -44.07
C HIS F 248 -119.03 8.31 -44.66
N TYR F 249 -119.71 7.78 -45.68
CA TYR F 249 -120.84 8.48 -46.27
C TYR F 249 -121.94 8.70 -45.23
N VAL F 250 -122.23 7.67 -44.44
CA VAL F 250 -123.28 7.78 -43.43
C VAL F 250 -122.92 8.84 -42.40
N VAL F 251 -121.66 8.85 -41.95
CA VAL F 251 -121.24 9.82 -40.96
C VAL F 251 -121.37 11.24 -41.54
N THR F 252 -120.93 11.42 -42.78
CA THR F 252 -121.04 12.74 -43.41
C THR F 252 -122.48 13.18 -43.51
N ALA F 253 -123.38 12.27 -43.88
CA ALA F 253 -124.78 12.63 -44.01
C ALA F 253 -125.40 12.96 -42.66
N LYS F 254 -125.11 12.15 -41.64
CA LYS F 254 -125.75 12.35 -40.35
C LYS F 254 -125.27 13.62 -39.67
N LEU F 255 -123.98 13.88 -39.68
CA LEU F 255 -123.46 15.11 -39.08
C LEU F 255 -123.99 16.37 -39.78
N LEU F 256 -124.46 16.25 -41.01
CA LEU F 256 -125.06 17.38 -41.71
C LEU F 256 -126.57 17.41 -41.61
N GLY F 257 -127.19 16.44 -40.94
CA GLY F 257 -128.63 16.40 -40.81
C GLY F 257 -129.35 15.94 -42.06
N PHE F 258 -128.64 15.40 -43.03
CA PHE F 258 -129.21 15.02 -44.31
C PHE F 258 -129.63 13.55 -44.29
N THR F 259 -130.68 13.24 -45.04
CA THR F 259 -130.89 11.88 -45.47
C THR F 259 -129.91 11.57 -46.61
N PRO F 260 -129.59 10.30 -46.84
CA PRO F 260 -128.66 9.99 -47.94
C PRO F 260 -129.13 10.53 -49.27
N GLY F 261 -130.45 10.53 -49.51
CA GLY F 261 -130.97 11.15 -50.71
C GLY F 261 -130.68 12.63 -50.79
N GLU F 262 -130.76 13.34 -49.67
CA GLU F 262 -130.44 14.76 -49.67
C GLU F 262 -128.97 15.00 -50.01
N LEU F 263 -128.07 14.28 -49.35
CA LEU F 263 -126.65 14.44 -49.63
C LEU F 263 -126.35 14.12 -51.08
N ARG F 264 -126.99 13.07 -51.63
CA ARG F 264 -126.81 12.76 -53.04
C ARG F 264 -127.31 13.89 -53.92
N SER F 265 -128.48 14.45 -53.61
CA SER F 265 -129.01 15.54 -54.40
C SER F 265 -128.07 16.73 -54.41
N TYR F 266 -127.37 16.97 -53.30
CA TYR F 266 -126.39 18.04 -53.26
C TYR F 266 -125.18 17.76 -54.15
N LEU F 267 -125.00 16.53 -54.60
CA LEU F 267 -123.89 16.18 -55.49
C LEU F 267 -124.30 16.38 -56.94
N LYS F 268 -123.33 16.69 -57.79
CA LYS F 268 -123.59 16.82 -59.22
C LYS F 268 -123.33 15.51 -59.93
N GLY F 269 -122.52 14.66 -59.31
CA GLY F 269 -122.24 13.36 -59.90
C GLY F 269 -121.37 12.54 -58.97
N ALA F 270 -121.10 11.30 -59.38
CA ALA F 270 -120.30 10.41 -58.57
C ALA F 270 -119.49 9.49 -59.49
N THR F 271 -118.43 8.92 -58.93
CA THR F 271 -117.60 7.96 -59.64
C THR F 271 -116.72 7.26 -58.62
N GLY F 272 -115.94 6.31 -59.10
CA GLY F 272 -115.06 5.54 -58.23
C GLY F 272 -113.88 4.98 -58.98
N HIS F 273 -112.77 4.82 -58.25
CA HIS F 273 -111.54 4.26 -58.81
C HIS F 273 -111.58 2.74 -58.63
N SER F 274 -111.93 2.05 -59.72
CA SER F 274 -111.95 0.59 -59.70
C SER F 274 -113.07 0.07 -58.81
N GLN F 275 -112.72 -0.35 -57.60
CA GLN F 275 -113.71 -0.90 -56.68
C GLN F 275 -114.73 0.14 -56.22
N GLY F 276 -114.32 1.40 -56.10
CA GLY F 276 -115.23 2.42 -55.60
C GLY F 276 -116.40 2.68 -56.52
N LEU F 277 -116.34 2.18 -57.76
CA LEU F 277 -117.45 2.35 -58.69
C LEU F 277 -118.71 1.70 -58.17
N VAL F 278 -118.58 0.63 -57.39
CA VAL F 278 -119.74 -0.04 -56.82
C VAL F 278 -120.39 0.83 -55.76
N THR F 279 -119.57 1.44 -54.89
CA THR F 279 -120.11 2.32 -53.86
C THR F 279 -120.76 3.55 -54.48
N ALA F 280 -120.18 4.09 -55.55
CA ALA F 280 -120.73 5.30 -56.17
C ALA F 280 -122.13 5.05 -56.70
N VAL F 281 -122.35 3.92 -57.39
CA VAL F 281 -123.67 3.62 -57.92
C VAL F 281 -124.66 3.42 -56.79
N ALA F 282 -124.25 2.71 -55.74
CA ALA F 282 -125.15 2.50 -54.61
C ALA F 282 -125.58 3.82 -54.00
N ILE F 283 -124.63 4.75 -53.83
CA ILE F 283 -124.95 6.05 -53.27
C ILE F 283 -125.95 6.78 -54.17
N ALA F 284 -125.77 6.70 -55.48
CA ALA F 284 -126.61 7.46 -56.40
C ALA F 284 -128.07 7.02 -56.33
N GLU F 285 -128.34 5.85 -55.73
CA GLU F 285 -129.70 5.33 -55.67
C GLU F 285 -130.40 5.63 -54.36
N THR F 286 -129.66 6.01 -53.32
CA THR F 286 -130.22 6.16 -51.98
C THR F 286 -131.24 7.29 -51.91
N ASP F 287 -132.35 7.06 -51.19
CA ASP F 287 -133.38 8.08 -51.03
C ASP F 287 -133.59 8.46 -49.57
N SER F 288 -133.87 7.48 -48.73
CA SER F 288 -134.26 7.72 -47.34
C SER F 288 -133.49 6.82 -46.39
N TRP F 289 -133.42 7.24 -45.13
CA TRP F 289 -132.71 6.45 -44.13
C TRP F 289 -133.35 5.09 -43.91
N GLU F 290 -134.67 4.97 -44.08
CA GLU F 290 -135.36 3.71 -43.86
C GLU F 290 -135.13 2.71 -44.99
N SER F 291 -134.55 3.13 -46.11
CA SER F 291 -134.26 2.23 -47.23
C SER F 291 -132.80 2.29 -47.63
N PHE F 292 -131.93 2.88 -46.82
CA PHE F 292 -130.50 2.95 -47.14
C PHE F 292 -129.86 1.56 -47.10
N PHE F 293 -130.34 0.70 -46.20
CA PHE F 293 -129.76 -0.63 -46.08
C PHE F 293 -129.99 -1.46 -47.34
N VAL F 294 -131.00 -1.12 -48.14
CA VAL F 294 -131.21 -1.84 -49.39
C VAL F 294 -130.02 -1.64 -50.32
N SER F 295 -129.62 -0.38 -50.53
CA SER F 295 -128.46 -0.11 -51.36
C SER F 295 -127.18 -0.58 -50.71
N VAL F 296 -127.12 -0.54 -49.37
CA VAL F 296 -125.95 -1.07 -48.68
C VAL F 296 -125.79 -2.56 -49.00
N ARG F 297 -126.89 -3.31 -48.91
CA ARG F 297 -126.85 -4.72 -49.24
C ARG F 297 -126.44 -4.94 -50.69
N LYS F 298 -126.99 -4.14 -51.60
CA LYS F 298 -126.63 -4.28 -53.01
C LYS F 298 -125.13 -4.14 -53.20
N ALA F 299 -124.56 -3.05 -52.67
CA ALA F 299 -123.15 -2.79 -52.86
C ALA F 299 -122.29 -3.88 -52.22
N ILE F 300 -122.64 -4.27 -50.99
CA ILE F 300 -121.81 -5.25 -50.28
C ILE F 300 -121.88 -6.61 -50.95
N THR F 301 -123.06 -6.98 -51.49
CA THR F 301 -123.18 -8.23 -52.21
C THR F 301 -122.33 -8.22 -53.47
N VAL F 302 -122.38 -7.12 -54.22
CA VAL F 302 -121.56 -7.02 -55.44
C VAL F 302 -120.09 -7.18 -55.08
N LEU F 303 -119.64 -6.48 -54.04
CA LEU F 303 -118.23 -6.56 -53.67
C LEU F 303 -117.85 -7.96 -53.17
N PHE F 304 -118.74 -8.58 -52.39
CA PHE F 304 -118.49 -9.93 -51.90
C PHE F 304 -118.28 -10.89 -53.05
N PHE F 305 -119.17 -10.85 -54.04
CA PHE F 305 -119.06 -11.81 -55.14
C PHE F 305 -117.86 -11.51 -56.03
N ILE F 306 -117.55 -10.22 -56.25
CA ILE F 306 -116.33 -9.90 -56.99
C ILE F 306 -115.12 -10.48 -56.28
N GLY F 307 -115.02 -10.24 -54.98
CA GLY F 307 -113.88 -10.76 -54.23
C GLY F 307 -113.77 -12.26 -54.31
N VAL F 308 -114.89 -12.96 -54.06
CA VAL F 308 -114.84 -14.42 -54.01
C VAL F 308 -114.46 -14.99 -55.37
N ARG F 309 -115.13 -14.53 -56.43
CA ARG F 309 -114.89 -15.12 -57.74
C ARG F 309 -113.52 -14.74 -58.29
N CYS F 310 -113.04 -13.52 -58.03
CA CYS F 310 -111.72 -13.13 -58.50
C CYS F 310 -110.61 -13.76 -57.68
N TYR F 311 -110.89 -14.18 -56.44
CA TYR F 311 -109.91 -14.98 -55.72
C TYR F 311 -109.89 -16.42 -56.19
N GLU F 312 -111.06 -16.96 -56.57
CA GLU F 312 -111.09 -18.32 -57.10
C GLU F 312 -110.48 -18.38 -58.50
N ALA F 313 -110.57 -17.30 -59.27
CA ALA F 313 -110.01 -17.30 -60.61
C ALA F 313 -108.48 -17.30 -60.59
N TYR F 314 -107.90 -16.45 -59.74
CA TYR F 314 -106.44 -16.35 -59.65
C TYR F 314 -106.01 -16.23 -58.22
N PRO F 315 -106.03 -17.32 -57.47
CA PRO F 315 -105.53 -17.28 -56.10
C PRO F 315 -104.02 -17.05 -56.08
N ASN F 316 -103.57 -16.52 -54.96
CA ASN F 316 -102.15 -16.27 -54.80
C ASN F 316 -101.45 -17.51 -54.32
N THR F 317 -100.19 -17.62 -54.65
CA THR F 317 -99.42 -18.78 -54.26
C THR F 317 -98.11 -18.31 -53.72
N SER F 318 -97.29 -19.23 -53.25
CA SER F 318 -96.01 -18.86 -52.64
C SER F 318 -95.04 -18.37 -53.71
N LEU F 319 -94.25 -17.36 -53.34
CA LEU F 319 -93.18 -16.88 -54.21
C LEU F 319 -91.85 -17.50 -53.81
N PRO F 320 -91.00 -17.86 -54.76
CA PRO F 320 -89.67 -18.37 -54.41
C PRO F 320 -88.96 -17.40 -53.49
N PRO F 321 -88.40 -17.87 -52.36
CA PRO F 321 -87.74 -16.94 -51.44
C PRO F 321 -86.59 -16.17 -52.05
N SER F 322 -85.94 -16.72 -53.09
CA SER F 322 -84.87 -15.97 -53.75
C SER F 322 -85.41 -14.67 -54.36
N ILE F 323 -86.59 -14.72 -54.96
CA ILE F 323 -87.18 -13.54 -55.58
C ILE F 323 -87.45 -12.47 -54.53
N LEU F 324 -88.03 -12.87 -53.39
CA LEU F 324 -88.31 -11.89 -52.34
C LEU F 324 -87.01 -11.32 -51.79
N GLU F 325 -86.00 -12.16 -51.60
CA GLU F 325 -84.72 -11.67 -51.10
C GLU F 325 -84.12 -10.65 -52.07
N ASP F 326 -84.17 -10.95 -53.36
CA ASP F 326 -83.63 -10.03 -54.36
C ASP F 326 -84.39 -8.72 -54.36
N SER F 327 -85.73 -8.79 -54.32
CA SER F 327 -86.53 -7.58 -54.31
C SER F 327 -86.22 -6.71 -53.09
N LEU F 328 -86.14 -7.34 -51.92
CA LEU F 328 -85.87 -6.60 -50.70
C LEU F 328 -84.48 -5.97 -50.73
N GLU F 329 -83.49 -6.72 -51.25
CA GLU F 329 -82.13 -6.20 -51.28
C GLU F 329 -82.03 -4.96 -52.15
N ASN F 330 -82.79 -4.92 -53.24
CA ASN F 330 -82.74 -3.80 -54.18
C ASN F 330 -83.77 -2.75 -53.82
N ASN F 331 -84.16 -2.67 -52.55
CA ASN F 331 -85.09 -1.66 -52.07
C ASN F 331 -86.35 -1.60 -52.93
N GLU F 332 -86.92 -2.77 -53.21
CA GLU F 332 -88.21 -2.85 -53.89
C GLU F 332 -89.20 -3.48 -52.92
N GLY F 333 -90.48 -3.36 -53.25
CA GLY F 333 -91.51 -3.83 -52.35
C GLY F 333 -91.63 -5.34 -52.36
N VAL F 334 -92.45 -5.84 -51.43
CA VAL F 334 -92.81 -7.26 -51.50
C VAL F 334 -93.61 -7.49 -52.77
N PRO F 335 -93.18 -8.38 -53.66
CA PRO F 335 -93.89 -8.52 -54.94
C PRO F 335 -95.37 -8.85 -54.75
N SER F 336 -96.19 -8.28 -55.62
CA SER F 336 -97.64 -8.45 -55.58
C SER F 336 -98.16 -8.39 -57.01
N PRO F 337 -99.44 -8.63 -57.24
CA PRO F 337 -99.97 -8.64 -58.62
C PRO F 337 -100.14 -7.28 -59.26
N MET F 338 -99.65 -6.20 -58.66
CA MET F 338 -99.77 -4.87 -59.25
C MET F 338 -98.53 -4.06 -58.96
N LEU F 339 -97.96 -3.45 -60.00
CA LEU F 339 -96.76 -2.63 -59.91
C LEU F 339 -97.06 -1.23 -60.39
N SER F 340 -96.88 -0.25 -59.51
CA SER F 340 -97.07 1.16 -59.87
C SER F 340 -95.74 1.74 -60.35
N ILE F 341 -95.80 2.49 -61.43
CA ILE F 341 -94.61 3.09 -62.04
C ILE F 341 -94.86 4.59 -62.18
N SER F 342 -93.89 5.39 -61.76
CA SER F 342 -93.99 6.84 -61.77
C SER F 342 -92.91 7.44 -62.65
N ASN F 343 -93.15 8.66 -63.12
CA ASN F 343 -92.20 9.47 -63.88
C ASN F 343 -91.99 8.98 -65.31
N LEU F 344 -92.72 7.95 -65.74
CA LEU F 344 -92.65 7.47 -67.11
C LEU F 344 -94.00 7.68 -67.78
N THR F 345 -93.97 7.80 -69.09
CA THR F 345 -95.20 7.94 -69.82
C THR F 345 -95.78 6.58 -70.14
N GLN F 346 -97.02 6.56 -70.57
CA GLN F 346 -97.67 5.31 -70.88
C GLN F 346 -96.97 4.67 -72.04
N GLU F 347 -96.56 5.46 -73.01
CA GLU F 347 -95.89 4.94 -74.17
C GLU F 347 -94.64 4.21 -73.73
N GLN F 348 -93.88 4.85 -72.88
CA GLN F 348 -92.67 4.24 -72.40
C GLN F 348 -92.96 2.97 -71.67
N VAL F 349 -93.94 2.98 -70.77
CA VAL F 349 -94.20 1.80 -69.96
C VAL F 349 -94.71 0.67 -70.82
N GLN F 350 -95.35 0.98 -71.93
CA GLN F 350 -95.93 -0.05 -72.77
C GLN F 350 -94.81 -0.66 -73.58
N ASP F 351 -93.83 0.12 -73.94
CA ASP F 351 -92.69 -0.50 -74.62
C ASP F 351 -92.01 -1.53 -73.73
N TYR F 352 -91.79 -1.17 -72.46
CA TYR F 352 -91.20 -2.13 -71.53
C TYR F 352 -92.09 -3.35 -71.35
N VAL F 353 -93.40 -3.12 -71.21
CA VAL F 353 -94.34 -4.23 -71.05
C VAL F 353 -94.32 -5.12 -72.28
N ASN F 354 -94.23 -4.52 -73.46
CA ASN F 354 -94.20 -5.29 -74.70
C ASN F 354 -92.97 -6.17 -74.77
N LYS F 355 -91.80 -5.60 -74.46
CA LYS F 355 -90.58 -6.40 -74.50
C LYS F 355 -90.62 -7.52 -73.45
N THR F 356 -91.15 -7.24 -72.27
CA THR F 356 -91.26 -8.30 -71.26
C THR F 356 -92.23 -9.38 -71.69
N ASN F 357 -93.33 -8.99 -72.35
CA ASN F 357 -94.34 -9.95 -72.77
C ASN F 357 -93.89 -10.76 -73.96
N SER F 358 -92.93 -10.26 -74.73
CA SER F 358 -92.46 -10.98 -75.91
C SER F 358 -91.92 -12.36 -75.54
N HIS F 359 -91.37 -12.51 -74.33
CA HIS F 359 -90.82 -13.79 -73.90
C HIS F 359 -91.83 -14.65 -73.15
N LEU F 360 -92.65 -14.04 -72.30
CA LEU F 360 -93.57 -14.81 -71.49
C LEU F 360 -94.67 -15.44 -72.35
N PRO F 361 -95.27 -16.52 -71.86
CA PRO F 361 -96.41 -17.12 -72.55
C PRO F 361 -97.67 -16.32 -72.33
N ALA F 362 -98.73 -16.56 -73.08
CA ALA F 362 -99.93 -15.73 -73.03
C ALA F 362 -100.53 -15.70 -71.63
N GLY F 363 -100.47 -16.77 -70.88
CA GLY F 363 -101.08 -16.79 -69.57
C GLY F 363 -100.29 -16.12 -68.50
N LYS F 364 -99.05 -15.77 -68.77
CA LYS F 364 -98.22 -15.06 -67.81
C LYS F 364 -97.99 -13.61 -68.22
N GLN F 365 -98.76 -13.09 -69.17
CA GLN F 365 -98.56 -11.73 -69.65
C GLN F 365 -98.94 -10.71 -68.60
N VAL F 366 -98.35 -9.53 -68.70
CA VAL F 366 -98.74 -8.38 -67.90
C VAL F 366 -99.38 -7.35 -68.83
N GLU F 367 -100.01 -6.34 -68.23
CA GLU F 367 -100.59 -5.27 -69.01
C GLU F 367 -100.83 -4.06 -68.11
N ILE F 368 -100.94 -2.88 -68.74
CA ILE F 368 -101.21 -1.64 -68.00
C ILE F 368 -102.65 -1.64 -67.54
N SER F 369 -102.86 -1.69 -66.23
CA SER F 369 -104.19 -1.80 -65.66
C SER F 369 -104.79 -0.45 -65.30
N LEU F 370 -103.99 0.48 -64.77
CA LEU F 370 -104.50 1.79 -64.34
C LEU F 370 -103.66 2.87 -64.99
N VAL F 371 -104.31 3.79 -65.70
CA VAL F 371 -103.67 5.04 -66.13
C VAL F 371 -104.14 6.11 -65.16
N ASN F 372 -103.40 6.27 -64.07
CA ASN F 372 -103.75 7.19 -62.99
C ASN F 372 -103.36 8.62 -63.30
N GLY F 373 -102.62 8.86 -64.36
CA GLY F 373 -102.17 10.20 -64.68
C GLY F 373 -101.25 10.17 -65.88
N ALA F 374 -100.68 11.34 -66.16
CA ALA F 374 -99.76 11.47 -67.29
C ALA F 374 -98.53 10.59 -67.08
N LYS F 375 -97.90 10.70 -65.91
CA LYS F 375 -96.69 9.94 -65.58
C LYS F 375 -96.91 9.09 -64.34
N ASN F 376 -98.04 8.40 -64.27
CA ASN F 376 -98.40 7.57 -63.12
C ASN F 376 -99.22 6.40 -63.63
N LEU F 377 -98.61 5.21 -63.68
CA LEU F 377 -99.23 4.04 -64.27
C LEU F 377 -99.06 2.84 -63.34
N VAL F 378 -100.00 1.91 -63.41
CA VAL F 378 -99.95 0.67 -62.66
C VAL F 378 -100.06 -0.48 -63.65
N VAL F 379 -99.18 -1.46 -63.53
CA VAL F 379 -99.17 -2.65 -64.38
C VAL F 379 -99.55 -3.84 -63.52
N SER F 380 -100.51 -4.63 -64.01
CA SER F 380 -101.02 -5.77 -63.27
C SER F 380 -100.69 -7.06 -64.03
N GLY F 381 -100.48 -8.12 -63.26
CA GLY F 381 -100.14 -9.42 -63.81
C GLY F 381 -99.61 -10.34 -62.73
N PRO F 382 -99.17 -11.53 -63.10
CA PRO F 382 -98.59 -12.45 -62.12
C PRO F 382 -97.42 -11.82 -61.42
N PRO F 383 -97.31 -12.04 -60.10
CA PRO F 383 -96.23 -11.42 -59.36
C PRO F 383 -94.82 -11.67 -59.94
N GLN F 384 -94.54 -12.86 -60.48
CA GLN F 384 -93.22 -13.17 -61.02
C GLN F 384 -92.98 -12.47 -62.36
N SER F 385 -94.00 -12.36 -63.20
CA SER F 385 -93.85 -11.59 -64.43
C SER F 385 -93.56 -10.13 -64.12
N LEU F 386 -94.23 -9.57 -63.11
CA LEU F 386 -93.93 -8.20 -62.70
C LEU F 386 -92.54 -8.10 -62.09
N TYR F 387 -92.06 -9.14 -61.43
CA TYR F 387 -90.69 -9.14 -60.93
C TYR F 387 -89.69 -9.11 -62.06
N GLY F 388 -89.94 -9.88 -63.12
CA GLY F 388 -89.09 -9.80 -64.30
C GLY F 388 -89.12 -8.43 -64.95
N LEU F 389 -90.31 -7.84 -65.04
CA LEU F 389 -90.43 -6.47 -65.53
C LEU F 389 -89.63 -5.51 -64.66
N ASN F 390 -89.66 -5.71 -63.35
CA ASN F 390 -88.91 -4.87 -62.43
C ASN F 390 -87.42 -5.03 -62.64
N LEU F 391 -86.95 -6.25 -62.93
CA LEU F 391 -85.55 -6.44 -63.24
C LEU F 391 -85.17 -5.66 -64.50
N THR F 392 -86.00 -5.77 -65.55
CA THR F 392 -85.74 -5.02 -66.77
C THR F 392 -85.66 -3.53 -66.48
N LEU F 393 -86.60 -3.02 -65.68
CA LEU F 393 -86.61 -1.59 -65.34
C LEU F 393 -85.38 -1.21 -64.52
N ARG F 394 -84.99 -2.07 -63.57
CA ARG F 394 -83.79 -1.82 -62.78
C ARG F 394 -82.56 -1.71 -63.67
N LYS F 395 -82.54 -2.46 -64.78
CA LYS F 395 -81.49 -2.32 -65.77
C LYS F 395 -81.70 -1.12 -66.70
N ALA F 396 -82.61 -0.20 -66.33
CA ALA F 396 -82.84 0.98 -67.16
C ALA F 396 -83.04 2.25 -66.34
N LYS F 397 -82.62 2.27 -65.07
CA LYS F 397 -82.85 3.39 -64.18
C LYS F 397 -81.51 3.98 -63.78
N ALA F 398 -81.57 5.19 -63.23
CA ALA F 398 -80.40 5.88 -62.70
C ALA F 398 -80.57 6.13 -61.21
N PRO F 399 -79.51 6.04 -60.42
CA PRO F 399 -79.65 6.31 -58.98
C PRO F 399 -80.19 7.70 -58.72
N SER F 400 -81.00 7.81 -57.66
CA SER F 400 -81.54 9.11 -57.28
C SER F 400 -80.43 10.09 -56.95
N GLY F 401 -79.39 9.62 -56.26
CA GLY F 401 -78.32 10.51 -55.86
C GLY F 401 -77.56 11.08 -57.04
N LEU F 402 -77.46 10.32 -58.14
CA LEU F 402 -76.64 10.72 -59.28
C LEU F 402 -76.97 12.14 -59.69
N ASP F 403 -75.97 13.01 -59.63
CA ASP F 403 -76.16 14.38 -60.05
C ASP F 403 -75.94 14.47 -61.54
N GLN F 404 -76.88 15.05 -62.24
CA GLN F 404 -76.72 15.24 -63.66
C GLN F 404 -76.81 16.73 -64.02
N SER F 405 -76.46 17.61 -63.07
CA SER F 405 -76.57 19.04 -63.30
C SER F 405 -75.58 19.51 -64.37
N ARG F 406 -74.48 18.80 -64.56
CA ARG F 406 -73.50 19.15 -65.58
C ARG F 406 -73.68 18.34 -66.83
N ILE F 407 -74.82 17.68 -66.98
CA ILE F 407 -75.09 16.94 -68.19
C ILE F 407 -76.13 17.69 -68.97
N PRO F 408 -75.88 17.91 -70.25
CA PRO F 408 -76.96 18.56 -71.02
C PRO F 408 -78.30 17.88 -70.80
N PHE F 409 -79.38 18.64 -70.81
CA PHE F 409 -80.70 18.08 -70.52
C PHE F 409 -81.08 16.91 -71.38
N SER F 410 -80.86 17.01 -72.68
CA SER F 410 -81.27 15.95 -73.59
C SER F 410 -80.57 14.63 -73.32
N GLU F 411 -79.35 14.66 -72.77
CA GLU F 411 -78.55 13.47 -72.58
C GLU F 411 -78.69 12.87 -71.18
N ARG F 412 -79.50 13.46 -70.32
CA ARG F 412 -79.64 12.94 -68.98
C ARG F 412 -80.45 11.65 -68.93
N LYS F 413 -80.08 10.73 -68.07
CA LYS F 413 -80.77 9.46 -67.90
C LYS F 413 -82.05 9.65 -67.08
N LEU F 414 -83.04 8.80 -67.36
CA LEU F 414 -84.36 8.94 -66.75
C LEU F 414 -84.32 8.45 -65.30
N LYS F 415 -84.81 9.27 -64.39
CA LYS F 415 -85.05 8.87 -63.01
C LYS F 415 -86.54 8.63 -62.82
N PHE F 416 -86.91 7.39 -62.51
CA PHE F 416 -88.30 7.01 -62.40
C PHE F 416 -88.46 5.96 -61.31
N SER F 417 -89.57 6.03 -60.57
CA SER F 417 -89.82 5.16 -59.45
C SER F 417 -90.70 3.98 -59.84
N ASN F 418 -90.62 2.93 -59.03
CA ASN F 418 -91.49 1.76 -59.19
C ASN F 418 -91.61 1.06 -57.84
N ARG F 419 -92.81 0.57 -57.54
CA ARG F 419 -93.05 -0.10 -56.28
C ARG F 419 -94.28 -1.00 -56.41
N PHE F 420 -94.30 -2.06 -55.61
CA PHE F 420 -95.45 -2.95 -55.58
C PHE F 420 -96.52 -2.41 -54.65
N LEU F 421 -97.77 -2.45 -55.10
CA LEU F 421 -98.86 -1.93 -54.30
C LEU F 421 -99.30 -2.94 -53.25
N PRO F 422 -99.83 -2.47 -52.12
CA PRO F 422 -100.33 -3.41 -51.10
C PRO F 422 -101.68 -4.00 -51.48
N VAL F 423 -101.69 -4.89 -52.48
CA VAL F 423 -102.89 -5.52 -52.99
C VAL F 423 -102.61 -7.00 -53.15
N ALA F 424 -103.69 -7.79 -53.27
CA ALA F 424 -103.56 -9.24 -53.33
C ALA F 424 -104.30 -9.86 -54.51
N SER F 425 -104.52 -9.12 -55.59
CA SER F 425 -105.17 -9.70 -56.76
C SER F 425 -104.85 -8.87 -57.99
N PRO F 426 -104.67 -9.47 -59.16
CA PRO F 426 -104.39 -8.71 -60.39
C PRO F 426 -105.65 -8.15 -61.05
N PHE F 427 -106.09 -7.00 -60.55
CA PHE F 427 -107.32 -6.40 -61.04
C PHE F 427 -107.12 -5.79 -62.42
N HIS F 428 -108.24 -5.65 -63.15
CA HIS F 428 -108.23 -5.09 -64.51
C HIS F 428 -107.25 -5.84 -65.40
N SER F 429 -107.24 -7.17 -65.30
CA SER F 429 -106.29 -7.99 -66.04
C SER F 429 -107.02 -9.16 -66.70
N HIS F 430 -106.35 -9.77 -67.66
CA HIS F 430 -106.90 -10.93 -68.36
C HIS F 430 -107.05 -12.14 -67.45
N LEU F 431 -106.30 -12.19 -66.33
CA LEU F 431 -106.35 -13.34 -65.45
C LEU F 431 -107.71 -13.53 -64.80
N LEU F 432 -108.45 -12.44 -64.57
CA LEU F 432 -109.70 -12.48 -63.83
C LEU F 432 -110.94 -12.62 -64.71
N VAL F 433 -110.78 -12.64 -66.03
CA VAL F 433 -111.90 -12.70 -66.95
C VAL F 433 -112.82 -13.88 -66.65
N PRO F 434 -112.30 -15.09 -66.39
CA PRO F 434 -113.23 -16.22 -66.16
C PRO F 434 -114.14 -16.02 -64.96
N ALA F 435 -113.86 -15.04 -64.09
CA ALA F 435 -114.74 -14.79 -62.96
C ALA F 435 -115.96 -13.95 -63.33
N SER F 436 -115.95 -13.35 -64.52
CA SER F 436 -117.00 -12.41 -64.89
C SER F 436 -118.36 -13.09 -64.95
N ASP F 437 -118.43 -14.23 -65.65
CA ASP F 437 -119.71 -14.93 -65.80
C ASP F 437 -120.23 -15.42 -64.46
N LEU F 438 -119.33 -15.95 -63.62
CA LEU F 438 -119.75 -16.41 -62.30
C LEU F 438 -120.30 -15.25 -61.47
N ILE F 439 -119.63 -14.11 -61.52
CA ILE F 439 -120.10 -12.95 -60.76
C ILE F 439 -121.47 -12.51 -61.27
N ASN F 440 -121.68 -12.49 -62.57
CA ASN F 440 -122.93 -12.04 -63.12
C ASN F 440 -124.05 -13.02 -62.81
N LYS F 441 -123.76 -14.31 -62.81
CA LYS F 441 -124.76 -15.29 -62.42
C LYS F 441 -125.11 -15.17 -60.94
N ASP F 442 -124.11 -14.93 -60.09
CA ASP F 442 -124.38 -14.76 -58.66
C ASP F 442 -125.23 -13.52 -58.40
N LEU F 443 -124.93 -12.41 -59.08
CA LEU F 443 -125.68 -11.18 -58.86
C LEU F 443 -127.10 -11.34 -59.29
N VAL F 444 -127.33 -12.15 -60.32
CA VAL F 444 -128.69 -12.41 -60.77
C VAL F 444 -129.41 -13.31 -59.80
N LYS F 445 -128.74 -14.37 -59.36
CA LYS F 445 -129.34 -15.27 -58.39
C LYS F 445 -129.67 -14.58 -57.07
N ASN F 446 -128.94 -13.52 -56.72
CA ASN F 446 -129.18 -12.77 -55.50
C ASN F 446 -130.04 -11.54 -55.73
N ASN F 447 -130.58 -11.37 -56.93
CA ASN F 447 -131.48 -10.26 -57.25
C ASN F 447 -130.82 -8.92 -56.95
N VAL F 448 -129.66 -8.70 -57.56
CA VAL F 448 -128.92 -7.45 -57.46
C VAL F 448 -128.80 -6.87 -58.86
N SER F 449 -129.33 -5.67 -59.06
CA SER F 449 -129.27 -5.01 -60.35
C SER F 449 -129.42 -3.51 -60.14
N PHE F 450 -128.93 -2.74 -61.11
CA PHE F 450 -129.00 -1.28 -61.06
C PHE F 450 -129.74 -0.81 -62.31
N ASN F 451 -130.81 -0.05 -62.10
CA ASN F 451 -131.66 0.42 -63.18
C ASN F 451 -131.44 1.91 -63.39
N ALA F 452 -131.26 2.30 -64.65
CA ALA F 452 -130.95 3.70 -64.96
C ALA F 452 -132.01 4.66 -64.43
N LYS F 453 -133.24 4.20 -64.27
CA LYS F 453 -134.31 5.06 -63.76
C LYS F 453 -134.17 5.34 -62.27
N ASP F 454 -133.38 4.55 -61.55
CA ASP F 454 -133.21 4.73 -60.10
C ASP F 454 -131.92 5.46 -59.73
N ILE F 455 -130.97 5.57 -60.65
CA ILE F 455 -129.77 6.37 -60.42
C ILE F 455 -130.14 7.82 -60.68
N GLN F 456 -130.02 8.67 -59.65
CA GLN F 456 -130.51 10.03 -59.73
C GLN F 456 -129.42 11.06 -60.04
N ILE F 457 -128.15 10.66 -60.02
CA ILE F 457 -127.07 11.55 -60.43
C ILE F 457 -126.21 10.78 -61.44
N PRO F 458 -125.54 11.46 -62.37
CA PRO F 458 -124.70 10.73 -63.32
C PRO F 458 -123.54 10.03 -62.61
N VAL F 459 -123.28 8.80 -63.01
CA VAL F 459 -122.15 8.01 -62.53
C VAL F 459 -121.25 7.72 -63.72
N TYR F 460 -119.99 8.08 -63.61
CA TYR F 460 -119.07 8.09 -64.74
C TYR F 460 -118.30 6.78 -64.83
N ASP F 461 -118.32 6.19 -66.03
CA ASP F 461 -117.60 4.93 -66.27
C ASP F 461 -116.11 5.16 -66.19
N THR F 462 -115.39 4.21 -65.62
CA THR F 462 -113.95 4.35 -65.42
C THR F 462 -113.14 4.10 -66.67
N PHE F 463 -113.73 3.51 -67.71
CA PHE F 463 -113.00 3.23 -68.94
C PHE F 463 -113.12 4.33 -69.98
N ASP F 464 -114.27 5.02 -70.04
CA ASP F 464 -114.47 6.08 -71.03
C ASP F 464 -115.14 7.32 -70.43
N GLY F 465 -115.35 7.35 -69.12
CA GLY F 465 -115.89 8.54 -68.48
C GLY F 465 -117.31 8.89 -68.87
N SER F 466 -118.06 7.93 -69.39
CA SER F 466 -119.40 8.21 -69.84
C SER F 466 -120.40 7.92 -68.74
N ASP F 467 -121.59 8.49 -68.86
CA ASP F 467 -122.64 8.30 -67.87
C ASP F 467 -123.17 6.88 -67.96
N LEU F 468 -123.13 6.15 -66.85
CA LEU F 468 -123.63 4.78 -66.83
C LEU F 468 -125.14 4.72 -67.04
N ARG F 469 -125.89 5.72 -66.59
CA ARG F 469 -127.33 5.73 -66.83
C ARG F 469 -127.64 5.64 -68.31
N VAL F 470 -126.89 6.38 -69.13
CA VAL F 470 -127.16 6.41 -70.56
C VAL F 470 -126.92 5.04 -71.20
N LEU F 471 -126.01 4.25 -70.64
CA LEU F 471 -125.70 2.95 -71.22
C LEU F 471 -126.95 2.07 -71.27
N SER F 472 -127.09 1.33 -72.36
CA SER F 472 -128.30 0.54 -72.63
C SER F 472 -128.28 -0.83 -71.98
N GLY F 473 -127.13 -1.51 -71.93
CA GLY F 473 -127.07 -2.84 -71.38
C GLY F 473 -127.24 -2.86 -69.87
N SER F 474 -126.83 -3.95 -69.24
CA SER F 474 -126.90 -4.05 -67.79
C SER F 474 -125.79 -3.21 -67.16
N ILE F 475 -126.16 -2.36 -66.21
CA ILE F 475 -125.18 -1.50 -65.56
C ILE F 475 -124.26 -2.31 -64.65
N SER F 476 -124.81 -3.29 -63.94
CA SER F 476 -123.99 -4.12 -63.05
C SER F 476 -122.94 -4.89 -63.85
N GLU F 477 -123.32 -5.41 -65.00
CA GLU F 477 -122.37 -6.13 -65.84
C GLU F 477 -121.23 -5.21 -66.26
N ARG F 478 -121.56 -3.98 -66.65
CA ARG F 478 -120.54 -3.03 -67.04
C ARG F 478 -119.63 -2.72 -65.87
N ILE F 479 -120.19 -2.52 -64.68
CA ILE F 479 -119.36 -2.21 -63.51
C ILE F 479 -118.40 -3.34 -63.22
N VAL F 480 -118.90 -4.59 -63.27
CA VAL F 480 -118.04 -5.73 -63.02
C VAL F 480 -116.94 -5.82 -64.08
N ASP F 481 -117.31 -5.59 -65.34
CA ASP F 481 -116.32 -5.63 -66.41
C ASP F 481 -115.24 -4.56 -66.19
N CYS F 482 -115.65 -3.37 -65.76
CA CYS F 482 -114.69 -2.31 -65.49
C CYS F 482 -113.75 -2.70 -64.37
N ILE F 483 -114.29 -3.33 -63.32
CA ILE F 483 -113.47 -3.64 -62.15
C ILE F 483 -112.49 -4.76 -62.46
N ILE F 484 -112.91 -5.78 -63.18
CA ILE F 484 -112.08 -6.97 -63.35
C ILE F 484 -111.31 -6.99 -64.67
N ARG F 485 -111.83 -6.39 -65.75
CA ARG F 485 -111.17 -6.52 -67.04
C ARG F 485 -110.61 -5.22 -67.59
N LEU F 486 -111.45 -4.20 -67.76
CA LEU F 486 -111.01 -3.00 -68.46
C LEU F 486 -110.05 -2.19 -67.59
N PRO F 487 -109.12 -1.47 -68.20
CA PRO F 487 -108.26 -0.57 -67.43
C PRO F 487 -109.00 0.70 -67.03
N VAL F 488 -108.43 1.39 -66.06
CA VAL F 488 -109.02 2.61 -65.51
C VAL F 488 -108.18 3.79 -66.00
N LYS F 489 -108.84 4.74 -66.65
CA LYS F 489 -108.24 6.00 -67.07
C LYS F 489 -108.82 7.09 -66.18
N TRP F 490 -108.14 7.45 -65.10
CA TRP F 490 -108.71 8.39 -64.15
C TRP F 490 -108.99 9.72 -64.74
N GLU F 491 -108.13 10.19 -65.63
CA GLU F 491 -108.32 11.52 -66.19
C GLU F 491 -109.51 11.57 -67.11
N THR F 492 -109.69 10.56 -67.94
CA THR F 492 -110.87 10.49 -68.79
C THR F 492 -112.15 10.43 -67.97
N THR F 493 -112.12 9.70 -66.86
CA THR F 493 -113.28 9.63 -65.97
C THR F 493 -113.51 10.93 -65.21
N THR F 494 -112.45 11.65 -64.88
CA THR F 494 -112.59 12.83 -64.05
C THR F 494 -112.62 14.11 -64.86
N GLN F 495 -112.74 14.01 -66.18
CA GLN F 495 -112.85 15.18 -67.04
C GLN F 495 -114.13 15.99 -66.80
N PHE F 496 -114.96 15.61 -65.84
CA PHE F 496 -116.14 16.39 -65.50
C PHE F 496 -115.75 17.74 -64.92
N LYS F 497 -116.68 18.67 -64.91
CA LYS F 497 -116.41 20.00 -64.36
C LYS F 497 -116.95 20.12 -62.94
N ALA F 498 -116.16 20.69 -62.05
CA ALA F 498 -116.58 20.82 -60.67
C ALA F 498 -115.63 21.67 -59.89
N THR F 499 -116.11 22.28 -58.83
CA THR F 499 -115.26 23.07 -57.95
C THR F 499 -114.75 22.29 -56.77
N HIS F 500 -115.48 21.27 -56.32
CA HIS F 500 -115.11 20.50 -55.13
C HIS F 500 -115.27 19.02 -55.43
N ILE F 501 -114.38 18.22 -54.85
CA ILE F 501 -114.43 16.77 -54.95
C ILE F 501 -114.31 16.19 -53.54
N LEU F 502 -115.24 15.31 -53.18
CA LEU F 502 -115.27 14.68 -51.87
C LEU F 502 -114.75 13.25 -51.99
N ASP F 503 -113.75 12.94 -51.16
CA ASP F 503 -113.13 11.62 -51.18
C ASP F 503 -113.50 10.79 -49.98
N PHE F 504 -114.46 9.91 -50.13
CA PHE F 504 -114.88 9.02 -49.07
C PHE F 504 -114.09 7.72 -49.05
N GLY F 505 -113.08 7.62 -49.90
CA GLY F 505 -112.38 6.36 -50.01
C GLY F 505 -111.50 6.05 -48.88
N PRO F 506 -110.84 4.90 -48.97
CA PRO F 506 -109.83 4.57 -47.97
C PRO F 506 -108.48 5.17 -48.31
N GLY F 507 -107.63 5.28 -47.28
CA GLY F 507 -106.25 5.70 -47.45
C GLY F 507 -105.93 7.09 -46.94
N GLY F 508 -106.90 7.83 -46.44
CA GLY F 508 -106.66 9.20 -46.01
C GLY F 508 -105.97 10.10 -47.02
N ALA F 509 -104.82 10.66 -46.64
CA ALA F 509 -104.11 11.58 -47.52
C ALA F 509 -103.26 10.86 -48.56
N SER F 510 -103.18 9.53 -48.50
CA SER F 510 -102.48 8.73 -49.50
C SER F 510 -103.45 7.96 -50.37
N GLY F 511 -104.64 8.51 -50.55
CA GLY F 511 -105.67 7.86 -51.33
C GLY F 511 -106.00 8.47 -52.65
N LEU F 512 -107.23 8.30 -53.10
CA LEU F 512 -107.63 8.76 -54.43
C LEU F 512 -107.71 10.28 -54.50
N GLY F 513 -108.16 10.92 -53.43
CA GLY F 513 -108.39 12.35 -53.48
C GLY F 513 -107.13 13.14 -53.77
N VAL F 514 -106.03 12.78 -53.10
CA VAL F 514 -104.78 13.52 -53.29
C VAL F 514 -104.23 13.28 -54.69
N LEU F 515 -104.36 12.05 -55.20
CA LEU F 515 -103.94 11.80 -56.58
C LEU F 515 -104.72 12.67 -57.55
N THR F 516 -106.02 12.79 -57.35
CA THR F 516 -106.82 13.57 -58.25
C THR F 516 -106.44 15.02 -58.14
N HIS F 517 -106.17 15.49 -56.92
CA HIS F 517 -105.73 16.85 -56.74
C HIS F 517 -104.46 17.08 -57.55
N ARG F 518 -103.50 16.18 -57.43
CA ARG F 518 -102.26 16.31 -58.19
C ARG F 518 -102.55 16.39 -59.69
N ASN F 519 -103.49 15.61 -60.19
CA ASN F 519 -103.77 15.62 -61.60
C ASN F 519 -104.51 16.87 -62.02
N LYS F 520 -105.16 17.55 -61.09
CA LYS F 520 -105.98 18.71 -61.44
C LYS F 520 -105.51 19.99 -60.76
N ASP F 521 -104.23 20.10 -60.50
CA ASP F 521 -103.70 21.31 -59.89
C ASP F 521 -103.66 22.46 -60.86
N GLY F 522 -103.99 23.64 -60.38
CA GLY F 522 -104.00 24.82 -61.20
C GLY F 522 -105.27 25.07 -61.98
N THR F 523 -106.27 24.21 -61.86
CA THR F 523 -107.54 24.36 -62.56
C THR F 523 -108.66 24.84 -61.64
N GLY F 524 -108.34 25.27 -60.43
CA GLY F 524 -109.36 25.77 -59.52
C GLY F 524 -110.34 24.70 -59.04
N VAL F 525 -109.83 23.53 -58.71
CA VAL F 525 -110.68 22.48 -58.15
C VAL F 525 -110.16 22.12 -56.77
N ARG F 526 -111.05 22.08 -55.80
CA ARG F 526 -110.68 21.77 -54.41
C ARG F 526 -111.06 20.33 -54.09
N VAL F 527 -110.14 19.62 -53.46
CA VAL F 527 -110.36 18.24 -53.04
C VAL F 527 -110.39 18.21 -51.52
N ILE F 528 -111.43 17.59 -50.97
CA ILE F 528 -111.57 17.39 -49.53
C ILE F 528 -111.55 15.89 -49.24
N VAL F 529 -110.66 15.46 -48.37
CA VAL F 529 -110.60 14.07 -47.95
C VAL F 529 -111.67 13.93 -46.90
N ALA F 530 -112.81 13.38 -47.28
CA ALA F 530 -113.98 13.34 -46.41
C ALA F 530 -113.88 12.28 -45.32
N GLY F 531 -112.88 11.40 -45.37
CA GLY F 531 -112.76 10.32 -44.41
C GLY F 531 -111.68 10.48 -43.35
N THR F 532 -111.04 11.65 -43.24
CA THR F 532 -109.96 11.83 -42.29
C THR F 532 -109.99 13.24 -41.73
N LEU F 533 -109.77 13.35 -40.42
CA LEU F 533 -109.55 14.63 -39.76
C LEU F 533 -108.06 14.85 -39.59
N ASP F 534 -107.54 15.92 -40.17
CA ASP F 534 -106.13 16.26 -40.04
C ASP F 534 -105.94 17.69 -40.54
N ILE F 535 -104.76 18.23 -40.26
CA ILE F 535 -104.38 19.58 -40.70
C ILE F 535 -103.34 19.44 -41.79
N ASN F 536 -103.58 20.09 -42.94
CA ASN F 536 -102.64 20.08 -44.05
C ASN F 536 -101.82 21.34 -44.01
N PRO F 537 -100.48 21.27 -43.92
CA PRO F 537 -99.69 22.52 -43.84
C PRO F 537 -99.88 23.41 -45.06
N ASP F 538 -99.65 22.89 -46.26
CA ASP F 538 -99.82 23.70 -47.47
C ASP F 538 -101.27 24.06 -47.74
N ASP F 539 -102.22 23.38 -47.10
CA ASP F 539 -103.64 23.72 -47.22
C ASP F 539 -104.09 23.72 -48.68
N ASP F 540 -103.43 22.92 -49.52
CA ASP F 540 -103.81 22.83 -50.92
C ASP F 540 -104.97 21.89 -51.15
N TYR F 541 -105.33 21.07 -50.18
CA TYR F 541 -106.54 20.26 -50.23
C TYR F 541 -107.14 20.19 -48.84
N GLY F 542 -108.45 19.93 -48.79
CA GLY F 542 -109.16 19.98 -47.54
C GLY F 542 -109.21 18.64 -46.82
N PHE F 543 -109.64 18.70 -45.55
CA PHE F 543 -109.83 17.51 -44.74
C PHE F 543 -111.27 17.47 -44.24
N LYS F 544 -111.58 16.50 -43.36
CA LYS F 544 -112.97 16.27 -42.97
C LYS F 544 -113.61 17.53 -42.37
N GLN F 545 -112.84 18.34 -41.66
CA GLN F 545 -113.41 19.52 -41.01
C GLN F 545 -114.04 20.46 -42.02
N GLU F 546 -113.52 20.50 -43.25
CA GLU F 546 -113.99 21.47 -44.23
C GLU F 546 -115.46 21.27 -44.57
N ILE F 547 -115.92 20.01 -44.59
CA ILE F 547 -117.29 19.73 -45.00
C ILE F 547 -118.30 20.31 -44.03
N PHE F 548 -117.99 20.34 -42.74
CA PHE F 548 -118.97 20.76 -41.76
C PHE F 548 -118.76 22.16 -41.21
N ASP F 549 -117.64 22.79 -41.52
CA ASP F 549 -117.38 24.14 -41.04
C ASP F 549 -118.47 25.09 -41.49
N VAL F 550 -119.15 25.73 -40.52
CA VAL F 550 -120.24 26.64 -40.84
C VAL F 550 -119.74 28.03 -41.22
N THR F 551 -118.51 28.37 -40.84
CA THR F 551 -117.96 29.68 -41.15
C THR F 551 -117.37 29.68 -42.57
N SER F 552 -116.75 30.79 -42.95
CA SER F 552 -116.22 30.92 -44.30
C SER F 552 -115.12 29.91 -44.56
N ASN F 553 -114.43 29.45 -43.52
CA ASN F 553 -113.36 28.48 -43.71
C ASN F 553 -113.86 27.18 -44.32
N GLY F 554 -115.16 26.91 -44.26
CA GLY F 554 -115.71 25.75 -44.94
C GLY F 554 -115.62 25.86 -46.44
N LEU F 555 -115.75 27.06 -46.98
CA LEU F 555 -115.69 27.30 -48.42
C LEU F 555 -114.30 27.84 -48.77
N LYS F 556 -113.45 26.97 -49.29
CA LYS F 556 -112.12 27.35 -49.76
C LYS F 556 -111.98 26.91 -51.21
N LYS F 557 -111.57 27.83 -52.07
CA LYS F 557 -111.40 27.58 -53.49
C LYS F 557 -109.92 27.49 -53.83
N ASN F 558 -109.58 26.58 -54.73
CA ASN F 558 -108.19 26.45 -55.17
C ASN F 558 -107.92 27.43 -56.29
N PRO F 559 -106.65 27.71 -56.53
CA PRO F 559 -106.29 28.67 -57.55
C PRO F 559 -106.46 28.25 -58.99
N ASN F 560 -107.16 29.03 -59.79
CA ASN F 560 -107.19 28.79 -61.23
C ASN F 560 -106.22 29.79 -61.84
N TRP F 561 -105.08 29.32 -62.31
CA TRP F 561 -104.03 30.22 -62.78
C TRP F 561 -104.48 31.07 -63.94
N LEU F 562 -105.13 30.47 -64.92
CA LEU F 562 -105.49 31.25 -66.09
C LEU F 562 -106.31 32.48 -65.72
N GLU F 563 -107.16 32.38 -64.70
CA GLU F 563 -107.96 33.50 -64.26
C GLU F 563 -107.22 34.40 -63.28
N GLU F 564 -106.48 33.81 -62.37
CA GLU F 564 -105.77 34.58 -61.36
C GLU F 564 -104.68 35.45 -61.93
N TYR F 565 -104.03 35.03 -62.99
CA TYR F 565 -102.92 35.77 -63.56
C TYR F 565 -103.20 36.11 -65.00
N HIS F 566 -104.47 36.25 -65.36
CA HIS F 566 -104.84 36.63 -66.71
C HIS F 566 -104.29 38.02 -67.03
N PRO F 567 -103.61 38.19 -68.17
CA PRO F 567 -103.15 39.53 -68.55
C PRO F 567 -104.32 40.45 -68.86
N LYS F 568 -104.11 41.74 -68.63
CA LYS F 568 -105.13 42.74 -68.90
C LYS F 568 -104.54 43.99 -69.50
N LEU F 569 -105.38 44.90 -69.92
CA LEU F 569 -104.91 46.16 -70.43
C LEU F 569 -105.46 47.25 -69.55
N ILE F 570 -104.66 48.26 -69.27
CA ILE F 570 -105.11 49.40 -68.50
C ILE F 570 -104.58 50.64 -69.18
N LYS F 571 -105.06 51.81 -68.81
CA LYS F 571 -104.57 53.07 -69.36
C LYS F 571 -104.66 54.15 -68.30
N ASN F 572 -103.82 55.17 -68.46
CA ASN F 572 -103.79 56.27 -67.54
C ASN F 572 -104.52 57.48 -68.15
N LYS F 573 -104.45 58.63 -67.54
CA LYS F 573 -105.15 59.80 -68.05
C LYS F 573 -104.62 60.28 -69.40
N SER F 574 -103.33 60.12 -69.66
CA SER F 574 -102.80 60.49 -70.96
C SER F 574 -103.31 59.58 -72.07
N GLY F 575 -103.90 58.44 -71.73
CA GLY F 575 -104.36 57.48 -72.71
C GLY F 575 -103.33 56.45 -73.11
N LYS F 576 -102.24 56.34 -72.36
CA LYS F 576 -101.24 55.33 -72.64
C LYS F 576 -101.69 53.99 -72.15
N ILE F 577 -101.63 52.98 -73.01
CA ILE F 577 -102.07 51.66 -72.65
C ILE F 577 -100.92 50.84 -72.10
N PHE F 578 -101.17 50.10 -71.05
CA PHE F 578 -100.20 49.24 -70.40
C PHE F 578 -100.72 47.80 -70.40
N VAL F 579 -99.81 46.85 -70.61
CA VAL F 579 -100.11 45.44 -70.40
C VAL F 579 -100.10 45.23 -68.89
N GLU F 580 -101.26 45.14 -68.29
CA GLU F 580 -101.35 45.06 -66.85
C GLU F 580 -100.94 43.72 -66.32
N THR F 581 -99.97 43.73 -65.44
CA THR F 581 -99.42 42.50 -64.89
C THR F 581 -98.92 42.79 -63.49
N LYS F 582 -98.75 41.74 -62.70
CA LYS F 582 -98.22 41.88 -61.34
C LYS F 582 -96.92 42.64 -61.30
N PHE F 583 -95.97 42.32 -62.17
CA PHE F 583 -94.74 43.09 -62.29
C PHE F 583 -95.02 44.51 -62.80
N SER F 584 -95.78 44.62 -63.89
CA SER F 584 -96.12 45.93 -64.43
C SER F 584 -96.92 46.75 -63.44
N LYS F 585 -97.82 46.11 -62.69
CA LYS F 585 -98.57 46.82 -61.67
C LYS F 585 -97.64 47.38 -60.59
N LEU F 586 -96.61 46.62 -60.22
CA LEU F 586 -95.67 47.11 -59.23
C LEU F 586 -94.86 48.30 -59.75
N ILE F 587 -94.20 48.16 -60.89
CA ILE F 587 -93.28 49.20 -61.35
C ILE F 587 -93.88 50.26 -62.24
N GLY F 588 -95.15 50.20 -62.54
CA GLY F 588 -95.75 51.28 -63.30
C GLY F 588 -95.22 51.41 -64.71
N ARG F 589 -94.61 50.37 -65.25
CA ARG F 589 -94.00 50.41 -66.58
C ARG F 589 -94.25 49.09 -67.24
N PRO F 590 -94.16 49.03 -68.56
CA PRO F 590 -94.39 47.79 -69.29
C PRO F 590 -93.63 46.59 -68.67
N PRO F 591 -94.21 45.37 -68.69
CA PRO F 591 -93.55 44.22 -68.05
C PRO F 591 -92.40 43.64 -68.86
N LEU F 592 -91.52 44.51 -69.36
CA LEU F 592 -90.40 44.11 -70.17
C LEU F 592 -89.16 44.82 -69.67
N LEU F 593 -88.05 44.12 -69.48
CA LEU F 593 -86.85 44.68 -68.91
C LEU F 593 -85.62 44.19 -69.68
N VAL F 594 -84.57 44.97 -69.60
CA VAL F 594 -83.26 44.62 -70.17
C VAL F 594 -82.38 44.11 -69.03
N PRO F 595 -81.96 42.84 -69.05
CA PRO F 595 -81.18 42.32 -67.93
C PRO F 595 -79.75 42.83 -67.96
N GLY F 596 -79.09 42.70 -66.82
CA GLY F 596 -77.69 43.07 -66.71
C GLY F 596 -76.85 42.27 -67.70
N MET F 597 -76.09 42.92 -68.55
CA MET F 597 -75.22 42.22 -69.46
C MET F 597 -73.85 42.84 -69.52
N THR F 598 -72.83 42.06 -69.21
CA THR F 598 -71.47 42.54 -69.31
C THR F 598 -70.89 41.93 -70.54
N PRO F 599 -70.80 42.70 -71.63
CA PRO F 599 -70.42 44.12 -71.69
C PRO F 599 -71.50 45.16 -71.99
N CYS F 600 -72.63 44.80 -72.63
CA CYS F 600 -73.66 45.78 -73.08
C CYS F 600 -74.34 46.77 -72.12
N THR F 601 -74.65 46.38 -70.91
CA THR F 601 -75.35 47.26 -69.98
C THR F 601 -74.36 47.93 -69.05
N VAL F 602 -73.09 47.81 -69.36
CA VAL F 602 -72.07 48.50 -68.59
C VAL F 602 -72.10 49.97 -68.99
N SER F 603 -72.36 50.24 -70.25
CA SER F 603 -72.42 51.61 -70.75
C SER F 603 -73.46 52.45 -70.06
N PRO F 604 -73.06 53.54 -69.41
CA PRO F 604 -74.09 54.39 -68.82
C PRO F 604 -74.98 55.05 -69.88
N ASP F 605 -74.49 55.20 -71.10
CA ASP F 605 -75.30 55.76 -72.18
C ASP F 605 -76.45 54.83 -72.54
N PHE F 606 -76.17 53.53 -72.65
CA PHE F 606 -77.21 52.59 -73.03
C PHE F 606 -78.23 52.43 -71.90
N VAL F 607 -77.77 52.41 -70.65
CA VAL F 607 -78.70 52.34 -69.53
C VAL F 607 -79.63 53.53 -69.53
N ALA F 608 -79.06 54.74 -69.71
CA ALA F 608 -79.89 55.94 -69.73
C ALA F 608 -80.84 55.94 -70.92
N ALA F 609 -80.38 55.46 -72.08
CA ALA F 609 -81.24 55.43 -73.25
C ALA F 609 -82.43 54.49 -73.04
N THR F 610 -82.17 53.31 -72.48
CA THR F 610 -83.25 52.37 -72.22
C THR F 610 -84.21 52.92 -71.17
N THR F 611 -83.72 53.56 -70.12
CA THR F 611 -84.58 54.14 -69.11
C THR F 611 -85.40 55.31 -69.64
N ASN F 612 -84.83 56.11 -70.52
CA ASN F 612 -85.56 57.21 -71.12
C ASN F 612 -86.58 56.74 -72.15
N ALA F 613 -86.42 55.53 -72.68
CA ALA F 613 -87.43 54.93 -73.54
C ALA F 613 -88.64 54.46 -72.75
N GLY F 614 -88.48 54.21 -71.46
CA GLY F 614 -89.57 53.77 -70.61
C GLY F 614 -89.55 52.31 -70.21
N TYR F 615 -88.37 51.70 -70.17
CA TYR F 615 -88.27 50.31 -69.87
C TYR F 615 -87.18 50.05 -68.87
N THR F 616 -87.38 49.07 -68.00
CA THR F 616 -86.41 48.72 -66.97
C THR F 616 -85.11 48.17 -67.50
N ILE F 617 -84.00 48.52 -66.87
CA ILE F 617 -82.70 48.02 -67.28
C ILE F 617 -81.79 47.95 -66.06
N GLU F 618 -80.86 47.01 -66.06
CA GLU F 618 -79.94 46.82 -64.94
C GLU F 618 -78.54 47.20 -65.39
N LEU F 619 -77.93 48.15 -64.69
CA LEU F 619 -76.54 48.50 -64.95
C LEU F 619 -75.63 47.38 -64.49
N ALA F 620 -74.80 46.87 -65.39
CA ALA F 620 -74.00 45.67 -65.11
C ALA F 620 -72.81 46.04 -64.23
N GLY F 621 -72.76 45.45 -63.05
CA GLY F 621 -71.63 45.63 -62.16
C GLY F 621 -70.40 44.82 -62.53
N GLY F 622 -70.53 43.92 -63.49
CA GLY F 622 -69.41 43.12 -63.95
C GLY F 622 -68.39 43.86 -64.78
N GLY F 623 -68.71 45.09 -65.19
CA GLY F 623 -67.77 45.92 -65.89
C GLY F 623 -67.05 46.94 -65.02
N TYR F 624 -67.18 46.80 -63.71
CA TYR F 624 -66.60 47.76 -62.80
C TYR F 624 -65.78 47.05 -61.77
N PHE F 625 -64.69 47.68 -61.34
CA PHE F 625 -63.76 47.03 -60.44
C PHE F 625 -63.49 47.79 -59.17
N SER F 626 -64.23 48.84 -58.90
CA SER F 626 -64.08 49.60 -57.67
C SER F 626 -65.37 50.33 -57.39
N ALA F 627 -65.55 50.79 -56.17
CA ALA F 627 -66.74 51.59 -55.86
C ALA F 627 -66.69 52.95 -56.53
N ALA F 628 -65.49 53.51 -56.72
CA ALA F 628 -65.39 54.84 -57.34
C ALA F 628 -65.84 54.81 -58.78
N GLY F 629 -65.45 53.76 -59.52
CA GLY F 629 -65.79 53.68 -60.93
C GLY F 629 -67.27 53.47 -61.13
N MET F 630 -67.85 52.58 -60.34
CA MET F 630 -69.28 52.36 -60.42
C MET F 630 -70.06 53.60 -59.97
N THR F 631 -69.53 54.32 -58.99
CA THR F 631 -70.16 55.57 -58.58
C THR F 631 -70.17 56.58 -59.72
N ALA F 632 -69.09 56.66 -60.48
CA ALA F 632 -69.04 57.59 -61.60
C ALA F 632 -69.99 57.16 -62.70
N ALA F 633 -70.16 55.87 -62.88
CA ALA F 633 -71.06 55.37 -63.92
C ALA F 633 -72.50 55.59 -63.52
N ILE F 634 -72.80 55.44 -62.26
CA ILE F 634 -74.16 55.68 -61.77
C ILE F 634 -74.47 57.18 -61.82
N ASP F 635 -73.48 58.01 -61.49
CA ASP F 635 -73.69 59.45 -61.58
C ASP F 635 -73.93 59.88 -63.03
N SER F 636 -73.21 59.29 -63.98
CA SER F 636 -73.46 59.59 -65.38
C SER F 636 -74.89 59.20 -65.76
N VAL F 637 -75.31 58.00 -65.37
CA VAL F 637 -76.68 57.56 -65.69
C VAL F 637 -77.68 58.53 -65.09
N VAL F 638 -77.49 58.93 -63.83
CA VAL F 638 -78.41 59.84 -63.18
C VAL F 638 -78.45 61.17 -63.92
N SER F 639 -77.29 61.68 -64.33
CA SER F 639 -77.26 62.95 -65.03
C SER F 639 -77.92 62.85 -66.41
N GLN F 640 -78.00 61.65 -66.97
CA GLN F 640 -78.62 61.51 -68.29
C GLN F 640 -80.12 61.23 -68.23
N ILE F 641 -80.62 60.55 -67.21
CA ILE F 641 -82.04 60.19 -67.17
C ILE F 641 -82.86 61.39 -66.68
N GLU F 642 -84.13 61.38 -67.03
CA GLU F 642 -85.03 62.46 -66.68
C GLU F 642 -85.43 62.37 -65.20
N LYS F 643 -85.81 63.51 -64.64
CA LYS F 643 -86.20 63.56 -63.24
C LYS F 643 -87.36 62.62 -62.98
N GLY F 644 -87.25 61.84 -61.89
CA GLY F 644 -88.26 60.89 -61.50
C GLY F 644 -88.01 59.47 -61.97
N SER F 645 -87.05 59.25 -62.85
CA SER F 645 -86.77 57.93 -63.37
C SER F 645 -85.87 57.15 -62.40
N THR F 646 -85.77 55.85 -62.63
CA THR F 646 -84.97 55.00 -61.77
C THR F 646 -84.38 53.90 -62.60
N PHE F 647 -83.55 53.06 -62.00
CA PHE F 647 -82.91 51.97 -62.71
C PHE F 647 -82.38 50.98 -61.73
N GLY F 648 -81.87 49.86 -62.21
CA GLY F 648 -81.40 48.80 -61.34
C GLY F 648 -79.91 48.52 -61.52
N ILE F 649 -79.40 47.68 -60.64
CA ILE F 649 -77.99 47.26 -60.67
C ILE F 649 -77.95 45.73 -60.63
N ASN F 650 -77.07 45.16 -61.44
CA ASN F 650 -76.85 43.73 -61.47
C ASN F 650 -75.48 43.41 -60.89
N LEU F 651 -75.44 42.47 -59.94
CA LEU F 651 -74.19 42.06 -59.32
C LEU F 651 -73.99 40.56 -59.49
N ILE F 652 -72.74 40.14 -59.64
CA ILE F 652 -72.42 38.74 -59.81
C ILE F 652 -72.11 38.08 -58.48
N TYR F 653 -72.74 36.96 -58.19
CA TYR F 653 -72.56 36.33 -56.89
C TYR F 653 -71.27 35.52 -56.78
N VAL F 654 -70.68 35.18 -57.91
CA VAL F 654 -69.43 34.43 -57.92
C VAL F 654 -68.25 35.38 -57.92
N ASN F 655 -68.49 36.67 -57.76
CA ASN F 655 -67.42 37.63 -57.63
C ASN F 655 -67.45 38.15 -56.22
N PRO F 656 -66.78 37.47 -55.30
CA PRO F 656 -66.87 37.91 -53.91
C PRO F 656 -66.39 39.34 -53.75
N PHE F 657 -65.43 39.77 -54.55
CA PHE F 657 -64.89 41.10 -54.40
C PHE F 657 -65.91 42.13 -54.76
N MET F 658 -66.62 41.90 -55.84
CA MET F 658 -67.64 42.81 -56.30
C MET F 658 -68.69 42.99 -55.25
N LEU F 659 -69.10 41.90 -54.63
CA LEU F 659 -70.14 41.99 -53.64
C LEU F 659 -69.62 42.74 -52.46
N GLN F 660 -68.36 42.54 -52.15
CA GLN F 660 -67.77 43.20 -51.00
C GLN F 660 -67.72 44.71 -51.20
N TRP F 661 -67.37 45.15 -52.41
CA TRP F 661 -67.35 46.59 -52.65
C TRP F 661 -68.66 47.15 -53.19
N GLY F 662 -69.57 46.31 -53.67
CA GLY F 662 -70.79 46.81 -54.28
C GLY F 662 -71.97 46.93 -53.34
N ILE F 663 -72.18 45.93 -52.48
CA ILE F 663 -73.32 45.98 -51.56
C ILE F 663 -73.23 47.19 -50.65
N PRO F 664 -72.10 47.47 -49.99
CA PRO F 664 -72.00 48.72 -49.23
C PRO F 664 -72.21 49.96 -50.07
N LEU F 665 -71.74 49.94 -51.33
CA LEU F 665 -71.95 51.10 -52.19
C LEU F 665 -73.43 51.33 -52.45
N ILE F 666 -74.18 50.27 -52.74
CA ILE F 666 -75.60 50.42 -52.97
C ILE F 666 -76.29 50.92 -51.71
N LYS F 667 -75.90 50.38 -50.55
CA LYS F 667 -76.49 50.85 -49.30
C LYS F 667 -76.25 52.34 -49.11
N GLU F 668 -75.02 52.79 -49.34
CA GLU F 668 -74.68 54.21 -49.15
C GLU F 668 -75.47 55.08 -50.14
N LEU F 669 -75.52 54.66 -51.40
CA LEU F 669 -76.20 55.46 -52.41
C LEU F 669 -77.70 55.55 -52.13
N ARG F 670 -78.31 54.43 -51.72
CA ARG F 670 -79.72 54.46 -51.38
C ARG F 670 -79.97 55.36 -50.17
N SER F 671 -79.08 55.30 -49.17
CA SER F 671 -79.21 56.22 -48.05
C SER F 671 -79.11 57.66 -48.53
N LYS F 672 -78.34 57.90 -49.59
CA LYS F 672 -78.29 59.24 -50.19
C LYS F 672 -79.53 59.57 -51.01
N GLY F 673 -80.39 58.59 -51.28
CA GLY F 673 -81.57 58.82 -52.08
C GLY F 673 -81.39 58.59 -53.56
N TYR F 674 -80.38 57.85 -53.98
CA TYR F 674 -80.16 57.61 -55.40
C TYR F 674 -81.30 56.77 -55.98
N PRO F 675 -81.68 57.02 -57.23
CA PRO F 675 -82.82 56.31 -57.83
C PRO F 675 -82.47 54.91 -58.30
N ILE F 676 -81.99 54.08 -57.39
CA ILE F 676 -81.70 52.67 -57.65
C ILE F 676 -82.93 51.89 -57.21
N GLN F 677 -83.75 51.45 -58.14
CA GLN F 677 -84.99 50.81 -57.78
C GLN F 677 -84.84 49.41 -57.27
N PHE F 678 -83.87 48.68 -57.80
CA PHE F 678 -83.78 47.27 -57.44
C PHE F 678 -82.35 46.78 -57.65
N LEU F 679 -82.07 45.62 -57.08
CA LEU F 679 -80.80 44.92 -57.26
C LEU F 679 -81.09 43.52 -57.75
N THR F 680 -80.39 43.11 -58.81
CA THR F 680 -80.49 41.75 -59.33
C THR F 680 -79.16 41.03 -59.10
N ILE F 681 -79.24 39.77 -58.68
CA ILE F 681 -78.07 38.95 -58.40
C ILE F 681 -78.01 37.85 -59.45
N GLY F 682 -76.92 37.84 -60.23
CA GLY F 682 -76.70 36.86 -61.25
C GLY F 682 -75.65 35.83 -60.85
N ALA F 683 -75.62 34.74 -61.60
CA ALA F 683 -74.65 33.66 -61.40
C ALA F 683 -74.72 33.13 -59.97
N GLY F 684 -75.93 32.81 -59.51
CA GLY F 684 -76.08 32.27 -58.18
C GLY F 684 -77.17 32.90 -57.38
N VAL F 685 -77.71 32.15 -56.43
CA VAL F 685 -78.75 32.66 -55.57
C VAL F 685 -78.10 32.73 -54.22
N PRO F 686 -78.27 33.87 -53.53
CA PRO F 686 -77.70 34.00 -52.19
C PRO F 686 -78.35 33.03 -51.21
N SER F 687 -77.79 32.99 -50.01
CA SER F 687 -78.36 32.19 -48.96
C SER F 687 -79.43 33.01 -48.33
N LEU F 688 -80.28 32.38 -47.56
CA LEU F 688 -81.36 33.09 -46.92
C LEU F 688 -80.82 34.24 -46.10
N GLU F 689 -79.75 34.03 -45.37
CA GLU F 689 -79.25 35.09 -44.50
C GLU F 689 -78.75 36.31 -45.27
N VAL F 690 -78.06 36.11 -46.38
CA VAL F 690 -77.56 37.22 -47.18
C VAL F 690 -78.73 37.91 -47.83
N ALA F 691 -79.70 37.13 -48.28
CA ALA F 691 -80.85 37.71 -48.93
C ALA F 691 -81.58 38.58 -47.94
N SER F 692 -81.69 38.12 -46.70
CA SER F 692 -82.32 38.96 -45.68
C SER F 692 -81.54 40.24 -45.48
N GLU F 693 -80.21 40.14 -45.44
CA GLU F 693 -79.39 41.34 -45.30
C GLU F 693 -79.66 42.33 -46.42
N TYR F 694 -79.68 41.83 -47.67
CA TYR F 694 -79.97 42.71 -48.79
C TYR F 694 -81.35 43.36 -48.65
N ILE F 695 -82.37 42.52 -48.40
CA ILE F 695 -83.75 43.02 -48.39
C ILE F 695 -83.92 44.08 -47.31
N GLU F 696 -83.37 43.84 -46.12
CA GLU F 696 -83.54 44.81 -45.04
C GLU F 696 -82.68 46.04 -45.24
N THR F 697 -81.36 45.86 -45.37
CA THR F 697 -80.44 46.99 -45.33
C THR F 697 -80.55 47.87 -46.58
N LEU F 698 -80.57 47.25 -47.76
CA LEU F 698 -80.31 48.02 -48.97
C LEU F 698 -81.41 49.04 -49.28
N GLY F 699 -82.59 48.88 -48.71
CA GLY F 699 -83.66 49.84 -48.94
C GLY F 699 -84.09 49.94 -50.39
N LEU F 700 -84.24 48.79 -51.05
CA LEU F 700 -84.66 48.73 -52.43
C LEU F 700 -86.15 48.44 -52.53
N LYS F 701 -86.70 48.69 -53.72
CA LYS F 701 -88.12 48.41 -53.95
C LYS F 701 -88.36 46.91 -54.10
N TYR F 702 -87.49 46.21 -54.82
CA TYR F 702 -87.63 44.76 -54.95
C TYR F 702 -86.27 44.16 -55.26
N LEU F 703 -86.17 42.85 -55.10
CA LEU F 703 -84.94 42.10 -55.29
C LEU F 703 -85.12 41.13 -56.46
N GLY F 704 -84.19 41.18 -57.41
CA GLY F 704 -84.19 40.26 -58.54
C GLY F 704 -83.24 39.11 -58.31
N LEU F 705 -83.72 37.90 -58.57
CA LEU F 705 -82.92 36.70 -58.46
C LEU F 705 -83.07 35.87 -59.73
N LYS F 706 -82.00 35.16 -60.10
CA LYS F 706 -81.95 34.40 -61.34
C LYS F 706 -81.59 32.95 -61.02
N PRO F 707 -82.55 32.16 -60.57
CA PRO F 707 -82.27 30.74 -60.31
C PRO F 707 -81.90 30.01 -61.60
N GLY F 708 -81.01 29.03 -61.46
CA GLY F 708 -80.53 28.30 -62.62
C GLY F 708 -81.05 26.87 -62.69
N SER F 709 -81.70 26.39 -61.63
CA SER F 709 -82.16 25.01 -61.58
C SER F 709 -83.28 24.89 -60.56
N ILE F 710 -83.76 23.67 -60.37
CA ILE F 710 -84.85 23.42 -59.42
C ILE F 710 -84.45 23.83 -58.02
N ASP F 711 -83.24 23.45 -57.61
CA ASP F 711 -82.79 23.79 -56.25
C ASP F 711 -82.68 25.30 -56.08
N ALA F 712 -82.24 25.98 -57.12
CA ALA F 712 -82.12 27.41 -57.05
C ALA F 712 -83.51 28.02 -56.90
N ILE F 713 -84.49 27.49 -57.62
CA ILE F 713 -85.86 27.98 -57.52
C ILE F 713 -86.41 27.73 -56.12
N SER F 714 -86.10 26.58 -55.53
CA SER F 714 -86.54 26.31 -54.16
C SER F 714 -85.91 27.31 -53.18
N GLN F 715 -84.66 27.65 -53.39
CA GLN F 715 -84.02 28.61 -52.52
C GLN F 715 -84.64 30.01 -52.72
N VAL F 716 -85.01 30.36 -53.93
CA VAL F 716 -85.73 31.62 -54.17
C VAL F 716 -87.07 31.61 -53.46
N ILE F 717 -87.78 30.48 -53.51
CA ILE F 717 -89.06 30.37 -52.83
C ILE F 717 -88.88 30.52 -51.33
N ASN F 718 -87.83 29.92 -50.77
CA ASN F 718 -87.57 30.08 -49.34
C ASN F 718 -87.29 31.52 -48.99
N ILE F 719 -86.52 32.22 -49.82
CA ILE F 719 -86.26 33.64 -49.58
C ILE F 719 -87.56 34.43 -49.60
N ALA F 720 -88.42 34.17 -50.59
CA ALA F 720 -89.68 34.88 -50.68
C ALA F 720 -90.59 34.55 -49.50
N LYS F 721 -90.48 33.34 -48.96
CA LYS F 721 -91.29 32.94 -47.82
C LYS F 721 -90.82 33.62 -46.55
N ALA F 722 -89.50 33.74 -46.37
CA ALA F 722 -88.99 34.40 -45.17
C ALA F 722 -89.39 35.87 -45.12
N HIS F 723 -89.66 36.47 -46.28
CA HIS F 723 -90.06 37.88 -46.39
C HIS F 723 -91.33 37.96 -47.22
N PRO F 724 -92.47 37.56 -46.64
CA PRO F 724 -93.69 37.42 -47.46
C PRO F 724 -94.19 38.73 -48.05
N ASN F 725 -93.76 39.88 -47.55
CA ASN F 725 -94.27 41.15 -48.03
C ASN F 725 -93.36 41.81 -49.07
N PHE F 726 -92.08 41.48 -49.06
CA PHE F 726 -91.15 42.11 -50.00
C PHE F 726 -91.35 41.51 -51.40
N PRO F 727 -91.38 42.33 -52.45
CA PRO F 727 -91.46 41.76 -53.81
C PRO F 727 -90.15 41.13 -54.23
N ILE F 728 -90.24 39.92 -54.78
CA ILE F 728 -89.08 39.18 -55.29
C ILE F 728 -89.34 38.89 -56.75
N ALA F 729 -88.41 39.30 -57.61
CA ALA F 729 -88.52 39.08 -59.05
C ALA F 729 -87.72 37.82 -59.39
N LEU F 730 -88.44 36.73 -59.67
CA LEU F 730 -87.82 35.48 -60.08
C LEU F 730 -87.59 35.53 -61.58
N GLN F 731 -86.33 35.63 -61.98
CA GLN F 731 -85.96 35.76 -63.39
C GLN F 731 -85.48 34.41 -63.88
N TRP F 732 -86.40 33.61 -64.41
CA TRP F 732 -86.05 32.28 -64.88
C TRP F 732 -85.49 32.33 -66.29
N THR F 733 -84.41 31.59 -66.51
CA THR F 733 -83.76 31.50 -67.81
C THR F 733 -83.26 30.08 -68.00
N GLY F 734 -83.42 29.56 -69.22
CA GLY F 734 -82.89 28.27 -69.56
C GLY F 734 -81.45 28.34 -70.06
N GLY F 735 -80.88 27.16 -70.31
CA GLY F 735 -79.54 27.10 -70.84
C GLY F 735 -79.41 27.64 -72.25
N ARG F 736 -80.52 27.91 -72.91
CA ARG F 736 -80.51 28.40 -74.26
C ARG F 736 -80.16 29.89 -74.37
N GLY F 737 -80.02 30.59 -73.26
CA GLY F 737 -79.66 31.98 -73.30
C GLY F 737 -78.20 32.29 -73.58
N GLY F 738 -77.91 33.50 -74.04
CA GLY F 738 -76.54 33.91 -74.27
C GLY F 738 -75.75 34.17 -73.01
N GLY F 739 -74.43 34.26 -73.13
CA GLY F 739 -73.56 34.48 -71.98
C GLY F 739 -73.33 33.20 -71.21
N HIS F 740 -73.08 33.30 -69.92
CA HIS F 740 -72.94 32.10 -69.12
C HIS F 740 -74.27 31.41 -69.01
N HIS F 741 -74.33 30.14 -69.39
CA HIS F 741 -75.58 29.43 -69.41
C HIS F 741 -75.53 28.14 -68.67
N SER F 742 -76.70 27.64 -68.29
CA SER F 742 -76.81 26.37 -67.58
C SER F 742 -77.09 25.24 -68.56
N PHE F 743 -77.28 24.04 -68.00
CA PHE F 743 -77.62 22.86 -68.79
C PHE F 743 -79.12 22.57 -68.80
N GLU F 744 -79.93 23.42 -68.18
CA GLU F 744 -81.33 23.11 -67.94
C GLU F 744 -82.20 23.41 -69.15
N ASP F 745 -83.30 22.67 -69.28
CA ASP F 745 -84.27 22.99 -70.29
C ASP F 745 -84.97 24.24 -69.82
N ALA F 746 -85.60 24.97 -70.72
CA ALA F 746 -86.28 26.21 -70.39
C ALA F 746 -87.69 25.98 -69.87
N HIS F 747 -88.31 24.84 -70.17
CA HIS F 747 -89.69 24.60 -69.79
C HIS F 747 -89.92 23.58 -68.66
N THR F 748 -89.23 22.45 -68.62
CA THR F 748 -89.53 21.45 -67.59
C THR F 748 -89.39 22.00 -66.18
N PRO F 749 -88.37 22.80 -65.83
CA PRO F 749 -88.34 23.34 -64.47
C PRO F 749 -89.54 24.21 -64.14
N MET F 750 -90.02 24.97 -65.12
CA MET F 750 -91.20 25.81 -64.89
C MET F 750 -92.45 24.95 -64.74
N LEU F 751 -92.63 23.97 -65.62
CA LEU F 751 -93.74 23.05 -65.47
C LEU F 751 -93.71 22.35 -64.11
N GLN F 752 -92.50 22.13 -63.56
CA GLN F 752 -92.38 21.46 -62.28
C GLN F 752 -92.70 22.39 -61.11
N MET F 753 -92.27 23.65 -61.17
CA MET F 753 -92.26 24.52 -60.00
C MET F 753 -93.23 25.68 -60.09
N TYR F 754 -94.08 25.76 -61.12
CA TYR F 754 -94.98 26.90 -61.25
C TYR F 754 -95.96 26.97 -60.10
N SER F 755 -96.56 25.86 -59.71
CA SER F 755 -97.45 25.86 -58.58
C SER F 755 -96.78 26.33 -57.30
N LYS F 756 -95.60 25.81 -56.98
CA LYS F 756 -94.88 26.25 -55.80
C LYS F 756 -94.61 27.75 -55.86
N ILE F 757 -94.29 28.27 -57.03
CA ILE F 757 -94.00 29.67 -57.12
C ILE F 757 -95.25 30.46 -56.85
N ARG F 758 -96.35 30.08 -57.46
CA ARG F 758 -97.56 30.88 -57.35
C ARG F 758 -98.22 30.83 -55.99
N ARG F 759 -97.73 29.99 -55.11
CA ARG F 759 -98.28 29.89 -53.78
C ARG F 759 -97.77 31.06 -53.00
N HIS F 760 -96.86 31.82 -53.59
CA HIS F 760 -96.33 33.02 -52.96
C HIS F 760 -96.67 34.24 -53.78
N PRO F 761 -97.62 35.06 -53.31
CA PRO F 761 -98.00 36.22 -54.14
C PRO F 761 -96.91 37.26 -54.28
N ASN F 762 -95.89 37.25 -53.44
CA ASN F 762 -94.83 38.25 -53.50
C ASN F 762 -93.74 37.91 -54.51
N ILE F 763 -93.86 36.78 -55.19
CA ILE F 763 -92.93 36.42 -56.24
C ILE F 763 -93.47 36.76 -57.61
N MET F 764 -92.70 37.49 -58.40
CA MET F 764 -93.06 37.84 -59.76
C MET F 764 -92.27 36.98 -60.73
N LEU F 765 -92.97 36.29 -61.62
CA LEU F 765 -92.33 35.34 -62.54
C LEU F 765 -91.96 36.04 -63.84
N ILE F 766 -90.67 36.11 -64.12
CA ILE F 766 -90.14 36.66 -65.36
C ILE F 766 -89.52 35.52 -66.16
N PHE F 767 -89.87 35.44 -67.44
CA PHE F 767 -89.37 34.41 -68.35
C PHE F 767 -88.40 35.04 -69.34
N GLY F 768 -87.24 34.41 -69.51
CA GLY F 768 -86.24 34.91 -70.45
C GLY F 768 -85.59 33.81 -71.25
N SER F 769 -84.38 34.07 -71.75
CA SER F 769 -83.57 33.07 -72.44
C SER F 769 -84.25 32.59 -73.73
N GLY F 770 -84.34 33.49 -74.70
CA GLY F 770 -84.69 33.09 -76.04
C GLY F 770 -85.85 33.81 -76.67
N PHE F 771 -86.04 35.07 -76.30
CA PHE F 771 -87.16 35.81 -76.79
C PHE F 771 -86.67 36.95 -77.63
N GLY F 772 -87.46 37.36 -78.61
CA GLY F 772 -87.08 38.48 -79.46
C GLY F 772 -88.20 39.34 -79.96
N SER F 773 -89.44 39.00 -79.66
CA SER F 773 -90.59 39.74 -80.14
C SER F 773 -91.83 39.39 -79.41
N ALA F 774 -92.91 40.08 -79.74
CA ALA F 774 -94.19 39.84 -79.08
C ALA F 774 -94.82 38.52 -79.51
N ASP F 775 -94.50 38.05 -80.71
CA ASP F 775 -95.16 36.84 -81.23
C ASP F 775 -94.72 35.60 -80.46
N ASP F 776 -93.44 35.49 -80.12
CA ASP F 776 -92.95 34.32 -79.41
C ASP F 776 -93.04 34.46 -77.90
N THR F 777 -93.38 35.64 -77.38
CA THR F 777 -93.61 35.82 -75.95
C THR F 777 -95.09 35.82 -75.57
N TYR F 778 -95.97 35.96 -76.56
CA TYR F 778 -97.40 36.01 -76.25
C TYR F 778 -97.93 34.72 -75.65
N PRO F 779 -97.49 33.56 -76.12
CA PRO F 779 -98.04 32.34 -75.53
C PRO F 779 -97.67 32.19 -74.07
N TYR F 780 -96.61 32.84 -73.63
CA TYR F 780 -96.21 32.84 -72.23
C TYR F 780 -96.95 33.91 -71.46
N LEU F 781 -97.25 35.02 -72.11
CA LEU F 781 -98.07 36.03 -71.46
C LEU F 781 -99.46 35.48 -71.14
N THR F 782 -100.06 34.77 -72.09
CA THR F 782 -101.42 34.25 -71.90
C THR F 782 -101.45 32.93 -71.17
N GLY F 783 -100.30 32.27 -70.98
CA GLY F 783 -100.25 31.00 -70.30
C GLY F 783 -100.52 29.80 -71.17
N GLU F 784 -100.92 29.99 -72.43
CA GLU F 784 -101.22 28.88 -73.31
C GLU F 784 -99.98 28.09 -73.71
N TRP F 785 -98.78 28.55 -73.40
CA TRP F 785 -97.59 27.82 -73.76
C TRP F 785 -97.52 26.45 -73.15
N SER F 786 -98.10 26.27 -71.98
CA SER F 786 -98.00 24.99 -71.28
C SER F 786 -99.08 24.00 -71.68
N THR F 787 -100.08 24.41 -72.47
CA THR F 787 -101.14 23.49 -72.84
C THR F 787 -100.60 22.38 -73.74
N LYS F 788 -99.61 22.70 -74.58
CA LYS F 788 -99.00 21.71 -75.49
C LYS F 788 -98.31 20.62 -74.72
N PHE F 789 -97.94 20.91 -73.50
CA PHE F 789 -97.36 19.90 -72.62
C PHE F 789 -98.42 19.21 -71.77
N ASP F 790 -99.69 19.32 -72.14
CA ASP F 790 -100.79 18.71 -71.40
C ASP F 790 -100.81 19.22 -69.95
N TYR F 791 -100.71 20.53 -69.80
CA TYR F 791 -100.76 21.21 -68.52
C TYR F 791 -101.80 22.32 -68.59
N PRO F 792 -102.32 22.77 -67.45
CA PRO F 792 -103.18 23.94 -67.43
C PRO F 792 -102.38 25.19 -67.81
N PRO F 793 -103.03 26.21 -68.35
CA PRO F 793 -102.29 27.43 -68.71
C PRO F 793 -101.56 28.03 -67.52
N MET F 794 -100.34 28.50 -67.77
CA MET F 794 -99.49 29.10 -66.74
C MET F 794 -98.97 30.45 -67.25
N PRO F 795 -99.73 31.52 -67.06
CA PRO F 795 -99.25 32.84 -67.47
C PRO F 795 -98.05 33.30 -66.65
N PHE F 796 -97.21 34.12 -67.27
CA PHE F 796 -96.03 34.69 -66.64
C PHE F 796 -96.21 36.22 -66.50
N ASP F 797 -95.40 36.79 -65.61
CA ASP F 797 -95.56 38.19 -65.26
C ASP F 797 -94.76 39.14 -66.14
N GLY F 798 -93.74 38.66 -66.86
CA GLY F 798 -92.95 39.55 -67.68
C GLY F 798 -91.84 38.80 -68.38
N PHE F 799 -91.05 39.55 -69.14
CA PHE F 799 -90.00 38.98 -69.98
C PHE F 799 -88.76 39.86 -69.95
N LEU F 800 -87.61 39.23 -70.21
CA LEU F 800 -86.35 39.93 -70.36
C LEU F 800 -85.73 39.52 -71.70
N PHE F 801 -85.06 40.48 -72.32
CA PHE F 801 -84.48 40.26 -73.63
C PHE F 801 -83.05 40.69 -73.63
N GLY F 802 -82.12 39.75 -73.53
CA GLY F 802 -80.70 40.08 -73.58
C GLY F 802 -80.13 40.12 -74.98
N SER F 803 -79.88 38.98 -75.55
CA SER F 803 -79.32 38.90 -76.89
C SER F 803 -80.05 39.77 -77.92
N ARG F 804 -81.37 39.90 -77.82
CA ARG F 804 -82.16 40.72 -78.75
C ARG F 804 -81.74 42.18 -78.91
N VAL F 805 -81.24 42.81 -77.85
CA VAL F 805 -80.93 44.23 -77.89
C VAL F 805 -79.42 44.47 -77.99
N MET F 806 -78.68 43.50 -78.51
CA MET F 806 -77.23 43.66 -78.66
C MET F 806 -76.84 44.41 -79.93
N ILE F 807 -77.80 44.67 -80.81
CA ILE F 807 -77.54 45.44 -82.02
C ILE F 807 -78.35 46.74 -82.01
N ALA F 808 -78.83 47.15 -80.85
CA ALA F 808 -79.58 48.40 -80.74
C ALA F 808 -78.67 49.59 -81.02
N LYS F 809 -79.24 50.66 -81.54
CA LYS F 809 -78.42 51.81 -81.91
C LYS F 809 -77.65 52.40 -80.74
N GLU F 810 -78.18 52.31 -79.53
CA GLU F 810 -77.56 52.96 -78.39
C GLU F 810 -76.58 52.07 -77.64
N VAL F 811 -76.38 50.84 -78.11
CA VAL F 811 -75.44 49.92 -77.48
C VAL F 811 -74.03 50.22 -78.01
N LYS F 812 -73.03 50.15 -77.15
CA LYS F 812 -71.66 50.48 -77.54
C LYS F 812 -70.99 49.45 -78.45
N THR F 813 -71.70 48.42 -78.84
CA THR F 813 -71.09 47.38 -79.67
C THR F 813 -70.54 47.97 -80.96
N SER F 814 -69.36 47.53 -81.34
CA SER F 814 -68.74 48.02 -82.56
C SER F 814 -69.54 47.57 -83.76
N PRO F 815 -69.53 48.38 -84.81
CA PRO F 815 -70.29 48.06 -86.02
C PRO F 815 -70.05 46.67 -86.60
N ASP F 816 -68.80 46.27 -86.76
CA ASP F 816 -68.51 44.99 -87.34
C ASP F 816 -69.01 43.90 -86.42
N ALA F 817 -69.03 44.16 -85.11
CA ALA F 817 -69.61 43.17 -84.19
C ALA F 817 -71.11 43.08 -84.36
N LYS F 818 -71.77 44.21 -84.60
CA LYS F 818 -73.21 44.18 -84.85
C LYS F 818 -73.53 43.43 -86.14
N LYS F 819 -72.73 43.64 -87.18
CA LYS F 819 -72.93 42.87 -88.40
C LYS F 819 -72.73 41.38 -88.16
N CYS F 820 -71.75 40.99 -87.38
CA CYS F 820 -71.52 39.58 -87.09
C CYS F 820 -72.70 38.99 -86.31
N ILE F 821 -73.18 39.78 -85.33
CA ILE F 821 -74.33 39.29 -84.57
C ILE F 821 -75.51 39.07 -85.49
N ALA F 822 -75.81 40.05 -86.34
CA ALA F 822 -76.94 39.92 -87.26
C ALA F 822 -76.77 38.73 -88.18
N ALA F 823 -75.55 38.48 -88.62
CA ALA F 823 -75.29 37.36 -89.46
C ALA F 823 -75.67 36.08 -88.74
N CYS F 824 -75.47 36.00 -87.43
CA CYS F 824 -75.98 34.75 -86.77
C CYS F 824 -77.50 34.37 -87.04
N THR F 825 -77.79 33.27 -87.76
CA THR F 825 -79.16 32.96 -88.12
C THR F 825 -79.97 32.40 -86.95
N GLY F 826 -79.32 31.73 -86.00
CA GLY F 826 -80.01 31.17 -84.87
C GLY F 826 -80.53 29.77 -85.14
N VAL F 827 -81.12 29.18 -84.11
CA VAL F 827 -81.64 27.83 -84.17
C VAL F 827 -82.86 27.73 -83.27
N PRO F 828 -83.82 26.87 -83.63
CA PRO F 828 -85.01 26.75 -82.82
C PRO F 828 -84.69 26.09 -81.48
N ASP F 829 -85.53 26.28 -80.48
CA ASP F 829 -85.24 25.75 -79.15
C ASP F 829 -84.86 24.29 -79.10
N ASP F 830 -85.57 23.43 -79.83
CA ASP F 830 -85.31 22.00 -79.75
C ASP F 830 -83.92 21.62 -80.23
N LYS F 831 -83.19 22.52 -80.87
CA LYS F 831 -81.85 22.24 -81.38
C LYS F 831 -80.78 23.07 -80.71
N TRP F 832 -81.09 23.82 -79.67
CA TRP F 832 -80.10 24.69 -79.07
C TRP F 832 -78.95 23.92 -78.46
N GLU F 833 -79.22 22.75 -77.91
CA GLU F 833 -78.17 22.04 -77.20
C GLU F 833 -77.08 21.54 -78.14
N GLN F 834 -77.26 21.70 -79.44
CA GLN F 834 -76.14 21.43 -80.35
C GLN F 834 -75.20 22.63 -80.45
N THR F 835 -74.80 23.15 -79.29
CA THR F 835 -73.74 24.14 -79.20
C THR F 835 -72.55 23.65 -78.40
N TYR F 836 -72.73 22.67 -77.52
CA TYR F 836 -71.61 22.06 -76.82
C TYR F 836 -70.67 21.35 -77.76
N LYS F 837 -71.13 20.96 -78.94
CA LYS F 837 -70.37 20.10 -79.84
C LYS F 837 -69.89 20.79 -81.11
N LYS F 838 -70.67 21.70 -81.67
CA LYS F 838 -70.29 22.36 -82.91
C LYS F 838 -71.11 23.62 -83.07
N PRO F 839 -70.68 24.56 -83.91
CA PRO F 839 -71.47 25.77 -84.14
C PRO F 839 -72.86 25.44 -84.67
N THR F 840 -73.85 26.18 -84.18
CA THR F 840 -75.22 26.02 -84.63
C THR F 840 -75.90 27.38 -84.61
N GLY F 841 -76.33 27.84 -85.78
CA GLY F 841 -76.89 29.17 -85.87
C GLY F 841 -75.89 30.27 -85.61
N GLY F 842 -74.60 29.98 -85.81
CA GLY F 842 -73.55 30.94 -85.57
C GLY F 842 -73.06 31.01 -84.14
N ILE F 843 -73.58 30.16 -83.25
CA ILE F 843 -73.22 30.19 -81.84
C ILE F 843 -72.61 28.86 -81.44
N VAL F 844 -71.65 28.91 -80.52
CA VAL F 844 -71.01 27.73 -79.97
C VAL F 844 -70.87 27.94 -78.46
N THR F 845 -70.58 26.85 -77.76
CA THR F 845 -70.34 26.88 -76.32
C THR F 845 -68.86 26.59 -76.06
N VAL F 846 -68.21 27.50 -75.34
CA VAL F 846 -66.83 27.29 -74.88
C VAL F 846 -66.84 27.38 -73.36
N ARG F 847 -65.67 27.15 -72.75
CA ARG F 847 -65.54 27.15 -71.30
C ARG F 847 -64.71 28.35 -70.87
N SER F 848 -65.07 28.94 -69.75
CA SER F 848 -64.37 30.09 -69.20
C SER F 848 -63.19 29.61 -68.36
N GLU F 849 -62.54 30.54 -67.66
CA GLU F 849 -61.42 30.17 -66.81
C GLU F 849 -61.85 29.17 -65.75
N MET F 850 -63.04 29.36 -65.18
CA MET F 850 -63.55 28.48 -64.14
C MET F 850 -64.19 27.21 -64.70
N GLY F 851 -64.25 27.08 -66.02
CA GLY F 851 -64.89 25.94 -66.64
C GLY F 851 -66.38 26.07 -66.86
N GLU F 852 -66.95 27.25 -66.60
CA GLU F 852 -68.38 27.44 -66.81
C GLU F 852 -68.67 27.58 -68.31
N PRO F 853 -69.77 27.03 -68.80
CA PRO F 853 -70.12 27.21 -70.22
C PRO F 853 -70.48 28.66 -70.52
N ILE F 854 -70.15 29.08 -71.73
CA ILE F 854 -70.55 30.40 -72.24
C ILE F 854 -70.99 30.23 -73.68
N HIS F 855 -72.07 30.91 -74.05
CA HIS F 855 -72.53 30.97 -75.43
C HIS F 855 -71.87 32.17 -76.11
N LYS F 856 -71.05 31.89 -77.12
CA LYS F 856 -70.36 32.94 -77.86
C LYS F 856 -70.51 32.70 -79.36
N ILE F 857 -70.37 33.77 -80.13
CA ILE F 857 -70.46 33.66 -81.56
C ILE F 857 -69.26 32.88 -82.04
N ALA F 858 -69.45 32.01 -83.01
CA ALA F 858 -68.39 31.14 -83.51
C ALA F 858 -67.49 31.90 -84.49
N THR F 859 -66.64 32.74 -83.92
CA THR F 859 -65.66 33.46 -84.71
C THR F 859 -64.39 32.61 -84.74
N ARG F 860 -63.39 33.03 -85.49
CA ARG F 860 -62.11 32.33 -85.53
C ARG F 860 -61.47 32.27 -84.15
N GLY F 861 -61.50 33.38 -83.42
CA GLY F 861 -60.95 33.39 -82.08
C GLY F 861 -61.67 32.43 -81.15
N VAL F 862 -63.00 32.40 -81.23
CA VAL F 862 -63.75 31.50 -80.38
C VAL F 862 -63.53 30.05 -80.79
N MET F 863 -63.39 29.77 -82.08
CA MET F 863 -63.11 28.40 -82.49
C MET F 863 -61.73 27.96 -82.01
N LEU F 864 -60.75 28.86 -82.04
CA LEU F 864 -59.46 28.56 -81.43
C LEU F 864 -59.61 28.33 -79.93
N TRP F 865 -60.44 29.15 -79.27
CA TRP F 865 -60.73 28.96 -77.86
C TRP F 865 -61.24 27.54 -77.60
N LYS F 866 -62.19 27.09 -78.40
CA LYS F 866 -62.75 25.75 -78.23
C LYS F 866 -61.69 24.67 -78.49
N GLU F 867 -60.92 24.82 -79.57
CA GLU F 867 -59.89 23.83 -79.87
C GLU F 867 -58.89 23.71 -78.73
N PHE F 868 -58.47 24.84 -78.16
CA PHE F 868 -57.58 24.79 -77.02
C PHE F 868 -58.28 24.16 -75.82
N ASP F 869 -59.56 24.49 -75.61
CA ASP F 869 -60.30 23.86 -74.52
C ASP F 869 -60.23 22.35 -74.60
N GLU F 870 -60.33 21.79 -75.80
CA GLU F 870 -60.36 20.34 -75.96
C GLU F 870 -59.00 19.72 -76.29
N THR F 871 -57.93 20.50 -76.40
CA THR F 871 -56.62 19.91 -76.69
C THR F 871 -55.49 20.32 -75.75
N ILE F 872 -55.63 21.38 -74.96
CA ILE F 872 -54.55 21.85 -74.09
C ILE F 872 -55.07 21.96 -72.66
N PHE F 873 -56.18 22.68 -72.49
CA PHE F 873 -56.63 23.04 -71.15
C PHE F 873 -57.23 21.86 -70.40
N ASN F 874 -57.68 20.83 -71.10
CA ASN F 874 -58.27 19.67 -70.44
C ASN F 874 -57.22 18.66 -69.99
N LEU F 875 -55.96 18.87 -70.29
CA LEU F 875 -54.90 17.98 -69.82
C LEU F 875 -54.65 18.20 -68.33
N PRO F 876 -54.04 17.21 -67.66
CA PRO F 876 -53.63 17.42 -66.27
C PRO F 876 -52.43 18.35 -66.18
N LYS F 877 -52.24 18.92 -65.00
CA LYS F 877 -51.22 19.95 -64.81
C LYS F 877 -49.85 19.46 -65.25
N ASN F 878 -49.52 18.19 -64.98
CA ASN F 878 -48.19 17.69 -65.30
C ASN F 878 -48.00 17.50 -66.80
N LYS F 879 -49.08 17.27 -67.54
CA LYS F 879 -49.00 17.07 -68.98
C LYS F 879 -49.02 18.38 -69.76
N LEU F 880 -49.38 19.49 -69.12
CA LEU F 880 -49.65 20.72 -69.86
C LEU F 880 -48.38 21.26 -70.51
N VAL F 881 -47.30 21.36 -69.74
CA VAL F 881 -46.08 22.04 -70.17
C VAL F 881 -45.45 21.33 -71.36
N PRO F 882 -45.24 20.00 -71.31
CA PRO F 882 -44.67 19.32 -72.48
C PRO F 882 -45.50 19.50 -73.74
N THR F 883 -46.83 19.55 -73.62
CA THR F 883 -47.67 19.74 -74.79
C THR F 883 -47.49 21.13 -75.38
N LEU F 884 -47.39 22.16 -74.53
CA LEU F 884 -47.12 23.50 -75.02
C LEU F 884 -45.76 23.56 -75.71
N GLU F 885 -44.75 22.90 -75.14
CA GLU F 885 -43.44 22.89 -75.77
C GLU F 885 -43.48 22.17 -77.12
N ALA F 886 -44.21 21.06 -77.21
CA ALA F 886 -44.26 20.30 -78.44
C ALA F 886 -45.06 20.99 -79.54
N LYS F 887 -46.07 21.77 -79.17
CA LYS F 887 -46.96 22.41 -80.12
C LYS F 887 -46.72 23.92 -80.22
N ARG F 888 -45.53 24.39 -79.84
CA ARG F 888 -45.32 25.83 -79.68
C ARG F 888 -45.54 26.57 -80.99
N ASP F 889 -44.99 26.06 -82.09
CA ASP F 889 -45.10 26.77 -83.37
C ASP F 889 -46.55 26.86 -83.82
N TYR F 890 -47.29 25.77 -83.70
CA TYR F 890 -48.70 25.78 -84.08
C TYR F 890 -49.49 26.78 -83.24
N ILE F 891 -49.25 26.79 -81.93
CA ILE F 891 -49.95 27.71 -81.05
C ILE F 891 -49.63 29.15 -81.42
N ILE F 892 -48.36 29.44 -81.69
CA ILE F 892 -47.97 30.80 -82.02
C ILE F 892 -48.62 31.25 -83.32
N SER F 893 -48.62 30.37 -84.33
CA SER F 893 -49.25 30.72 -85.59
C SER F 893 -50.74 30.98 -85.40
N ARG F 894 -51.41 30.12 -84.62
CA ARG F 894 -52.84 30.29 -84.41
C ARG F 894 -53.14 31.57 -83.64
N LEU F 895 -52.36 31.89 -82.62
CA LEU F 895 -52.57 33.15 -81.90
C LEU F 895 -52.36 34.34 -82.82
N ASN F 896 -51.32 34.31 -83.64
CA ASN F 896 -51.04 35.45 -84.50
C ASN F 896 -52.09 35.61 -85.59
N ALA F 897 -52.72 34.53 -86.01
CA ALA F 897 -53.66 34.58 -87.12
C ALA F 897 -55.11 34.78 -86.70
N ASP F 898 -55.53 34.23 -85.56
CA ASP F 898 -56.95 34.07 -85.28
C ASP F 898 -57.46 34.68 -83.98
N PHE F 899 -56.59 35.04 -83.04
CA PHE F 899 -57.03 35.40 -81.70
C PHE F 899 -56.85 36.89 -81.44
N GLN F 900 -57.62 37.37 -80.46
CA GLN F 900 -57.57 38.78 -80.08
C GLN F 900 -56.33 39.12 -79.27
N LYS F 901 -55.65 38.13 -78.69
CA LYS F 901 -54.38 38.33 -78.03
C LYS F 901 -53.30 37.62 -78.82
N PRO F 902 -52.52 38.33 -79.63
CA PRO F 902 -51.49 37.66 -80.45
C PRO F 902 -50.27 37.32 -79.62
N TRP F 903 -49.38 36.54 -80.25
CA TRP F 903 -48.09 36.24 -79.64
C TRP F 903 -47.23 37.48 -79.68
N PHE F 904 -46.79 37.94 -78.50
CA PHE F 904 -46.12 39.24 -78.41
C PHE F 904 -44.83 39.26 -79.23
N ALA F 905 -43.99 38.24 -79.06
CA ALA F 905 -42.67 38.22 -79.69
C ALA F 905 -42.81 37.82 -81.16
N THR F 906 -43.28 38.76 -81.96
CA THR F 906 -43.45 38.53 -83.39
C THR F 906 -42.97 39.81 -84.04
N VAL F 907 -41.89 39.77 -84.78
CA VAL F 907 -41.27 40.91 -85.45
C VAL F 907 -41.44 40.74 -86.94
N ASN F 908 -42.14 41.67 -87.57
CA ASN F 908 -42.38 41.59 -89.01
C ASN F 908 -42.85 40.23 -89.44
N GLY F 909 -43.85 39.68 -88.77
CA GLY F 909 -44.42 38.40 -89.17
C GLY F 909 -43.63 37.20 -88.77
N GLN F 910 -42.48 37.40 -88.16
CA GLN F 910 -41.58 36.29 -87.85
C GLN F 910 -41.73 35.95 -86.37
N ALA F 911 -42.15 34.72 -86.08
CA ALA F 911 -42.31 34.30 -84.70
C ALA F 911 -40.97 34.21 -84.01
N ARG F 912 -40.93 34.68 -82.77
CA ARG F 912 -39.69 34.76 -82.01
C ARG F 912 -39.99 34.43 -80.55
N ASP F 913 -39.04 34.73 -79.68
CA ASP F 913 -39.24 34.69 -78.24
C ASP F 913 -38.67 35.96 -77.64
N LEU F 914 -39.14 36.30 -76.44
CA LEU F 914 -38.66 37.50 -75.76
C LEU F 914 -37.15 37.52 -75.68
N ALA F 915 -36.54 36.35 -75.47
CA ALA F 915 -35.08 36.26 -75.37
C ALA F 915 -34.37 36.54 -76.68
N THR F 916 -35.10 36.61 -77.81
CA THR F 916 -34.50 36.78 -79.12
C THR F 916 -34.94 38.10 -79.76
N MET F 917 -35.42 39.05 -78.96
CA MET F 917 -35.78 40.37 -79.44
C MET F 917 -34.86 41.40 -78.81
N THR F 918 -34.60 42.47 -79.55
CA THR F 918 -33.85 43.59 -79.03
C THR F 918 -34.77 44.51 -78.23
N TYR F 919 -34.16 45.39 -77.44
CA TYR F 919 -34.95 46.33 -76.63
C TYR F 919 -35.78 47.24 -77.53
N GLU F 920 -35.21 47.70 -78.64
CA GLU F 920 -35.96 48.54 -79.57
C GLU F 920 -37.14 47.77 -80.13
N GLU F 921 -36.96 46.51 -80.44
CA GLU F 921 -38.05 45.74 -80.97
C GLU F 921 -39.14 45.57 -79.92
N VAL F 922 -38.78 45.34 -78.67
CA VAL F 922 -39.78 45.21 -77.62
C VAL F 922 -40.57 46.51 -77.48
N ALA F 923 -39.88 47.65 -77.49
CA ALA F 923 -40.56 48.93 -77.38
C ALA F 923 -41.50 49.16 -78.56
N LYS F 924 -41.05 48.84 -79.75
CA LYS F 924 -41.86 49.07 -80.92
C LYS F 924 -43.09 48.18 -80.94
N ARG F 925 -42.98 46.96 -80.43
CA ARG F 925 -44.08 46.04 -80.40
C ARG F 925 -45.05 46.48 -79.34
N LEU F 926 -44.54 46.96 -78.22
CA LEU F 926 -45.42 47.54 -77.21
C LEU F 926 -46.24 48.67 -77.80
N VAL F 927 -45.59 49.56 -78.55
CA VAL F 927 -46.30 50.70 -79.12
C VAL F 927 -47.32 50.22 -80.15
N GLU F 928 -46.94 49.22 -80.96
CA GLU F 928 -47.85 48.71 -81.98
C GLU F 928 -49.09 48.11 -81.37
N LEU F 929 -48.94 47.37 -80.27
CA LEU F 929 -50.08 46.66 -79.68
C LEU F 929 -50.85 47.50 -78.66
N MET F 930 -50.29 48.59 -78.16
CA MET F 930 -50.92 49.34 -77.08
C MET F 930 -51.33 50.75 -77.45
N PHE F 931 -50.72 51.34 -78.47
CA PHE F 931 -51.06 52.69 -78.89
C PHE F 931 -51.96 52.65 -80.09
N ILE F 932 -53.03 53.43 -80.05
CA ILE F 932 -54.02 53.45 -81.11
C ILE F 932 -53.73 54.64 -82.02
N ARG F 933 -53.51 54.39 -83.29
CA ARG F 933 -53.16 55.49 -84.18
C ARG F 933 -54.40 56.25 -84.62
N SER F 934 -55.53 55.54 -84.81
CA SER F 934 -56.74 56.23 -85.26
C SER F 934 -57.10 57.37 -84.30
N THR F 935 -57.14 57.08 -83.01
CA THR F 935 -57.39 58.12 -82.01
C THR F 935 -56.09 58.78 -81.51
N ASN F 936 -54.94 58.31 -81.96
CA ASN F 936 -53.64 58.87 -81.58
C ASN F 936 -53.47 58.96 -80.08
N SER F 937 -53.83 57.91 -79.38
CA SER F 937 -53.73 57.89 -77.92
C SER F 937 -53.48 56.46 -77.46
N TRP F 938 -53.05 56.35 -76.20
CA TRP F 938 -52.91 55.05 -75.56
C TRP F 938 -54.28 54.57 -75.11
N PHE F 939 -54.61 53.32 -75.44
CA PHE F 939 -55.95 52.81 -75.14
C PHE F 939 -56.21 52.84 -73.65
N ASP F 940 -55.20 52.50 -72.86
CA ASP F 940 -55.31 52.55 -71.41
C ASP F 940 -54.07 53.24 -70.87
N VAL F 941 -54.24 54.09 -69.87
CA VAL F 941 -53.11 54.83 -69.32
C VAL F 941 -52.11 53.88 -68.67
N THR F 942 -52.60 52.76 -68.18
CA THR F 942 -51.75 51.78 -67.53
C THR F 942 -50.80 51.16 -68.53
N TRP F 943 -51.24 51.02 -69.76
CA TRP F 943 -50.37 50.52 -70.82
C TRP F 943 -49.27 51.51 -71.14
N ARG F 944 -49.59 52.80 -71.13
CA ARG F 944 -48.54 53.82 -71.27
C ARG F 944 -47.56 53.74 -70.12
N THR F 945 -48.03 53.48 -68.92
CA THR F 945 -47.15 53.34 -67.78
C THR F 945 -46.26 52.13 -67.96
N PHE F 946 -46.81 51.03 -68.46
CA PHE F 946 -46.02 49.85 -68.78
C PHE F 946 -44.87 50.19 -69.73
N THR F 947 -45.21 50.85 -70.84
CA THR F 947 -44.18 51.15 -71.84
C THR F 947 -43.13 52.12 -71.30
N GLY F 948 -43.57 53.13 -70.53
CA GLY F 948 -42.62 54.05 -69.94
C GLY F 948 -41.68 53.35 -68.96
N ASP F 949 -42.22 52.42 -68.16
CA ASP F 949 -41.39 51.66 -67.25
C ASP F 949 -40.37 50.82 -68.00
N PHE F 950 -40.80 50.23 -69.12
CA PHE F 950 -39.85 49.45 -69.92
C PHE F 950 -38.74 50.32 -70.47
N LEU F 951 -39.08 51.51 -70.97
CA LEU F 951 -38.05 52.43 -71.48
C LEU F 951 -37.11 52.84 -70.36
N ARG F 952 -37.66 53.06 -69.16
CA ARG F 952 -36.83 53.39 -68.00
C ARG F 952 -35.87 52.26 -67.68
N ARG F 953 -36.28 51.00 -67.80
CA ARG F 953 -35.39 49.86 -67.55
C ARG F 953 -34.36 49.74 -68.65
N VAL F 954 -34.72 50.13 -69.86
CA VAL F 954 -33.70 50.16 -70.91
C VAL F 954 -32.61 51.17 -70.56
N GLU F 955 -33.01 52.37 -70.17
CA GLU F 955 -32.04 53.39 -69.80
C GLU F 955 -31.19 52.91 -68.62
N GLU F 956 -31.77 52.24 -67.65
CA GLU F 956 -31.00 51.71 -66.55
C GLU F 956 -29.97 50.69 -67.00
N ARG F 957 -30.34 49.82 -67.92
CA ARG F 957 -29.41 48.77 -68.35
C ARG F 957 -28.21 49.25 -69.15
N PHE F 958 -28.37 50.27 -69.98
CA PHE F 958 -27.29 50.72 -70.86
C PHE F 958 -26.63 52.01 -70.41
N THR F 959 -27.13 52.60 -69.34
CA THR F 959 -26.49 53.78 -68.81
C THR F 959 -25.21 53.33 -68.17
N LYS F 960 -24.25 54.23 -67.99
CA LYS F 960 -22.97 53.85 -67.41
C LYS F 960 -22.69 54.61 -66.13
N SER F 961 -23.56 55.55 -65.76
CA SER F 961 -23.38 56.24 -64.49
C SER F 961 -24.65 57.00 -64.17
N LYS F 962 -24.64 57.67 -63.02
CA LYS F 962 -25.67 58.63 -62.63
C LYS F 962 -26.08 59.49 -63.81
N THR F 963 -27.38 59.57 -64.08
CA THR F 963 -27.85 60.41 -65.18
C THR F 963 -29.33 60.70 -65.01
N LEU F 964 -29.80 61.68 -65.77
CA LEU F 964 -31.20 62.06 -65.76
C LEU F 964 -31.99 61.22 -66.76
N SER F 965 -33.16 60.75 -66.34
CA SER F 965 -34.03 60.00 -67.24
C SER F 965 -34.53 60.90 -68.36
N LEU F 966 -34.54 60.35 -69.57
CA LEU F 966 -35.01 61.11 -70.73
C LEU F 966 -36.52 61.26 -70.72
N ILE F 967 -37.23 60.29 -70.15
CA ILE F 967 -38.69 60.37 -69.99
C ILE F 967 -38.93 60.79 -68.54
N GLN F 968 -38.97 62.11 -68.33
CA GLN F 968 -39.24 62.61 -66.99
C GLN F 968 -40.71 62.43 -66.61
N SER F 969 -41.61 62.56 -67.58
CA SER F 969 -43.03 62.31 -67.38
C SER F 969 -43.52 61.38 -68.48
N TYR F 970 -44.41 60.46 -68.11
CA TYR F 970 -44.95 59.53 -69.09
C TYR F 970 -45.86 60.23 -70.09
N SER F 971 -46.26 61.48 -69.81
CA SER F 971 -47.03 62.24 -70.78
C SER F 971 -46.25 62.47 -72.06
N LEU F 972 -44.92 62.33 -72.02
CA LEU F 972 -44.11 62.42 -73.22
C LEU F 972 -44.34 61.27 -74.17
N LEU F 973 -44.93 60.16 -73.69
CA LEU F 973 -45.23 59.02 -74.53
C LEU F 973 -46.45 59.24 -75.42
N ASP F 974 -47.13 60.40 -75.29
CA ASP F 974 -48.31 60.66 -76.09
C ASP F 974 -47.99 60.74 -77.57
N LYS F 975 -46.71 60.85 -77.94
CA LYS F 975 -46.24 60.58 -79.30
C LYS F 975 -45.13 59.55 -79.17
N PRO F 976 -45.48 58.26 -79.11
CA PRO F 976 -44.49 57.27 -78.67
C PRO F 976 -43.27 57.15 -79.57
N ASP F 977 -43.43 57.37 -80.88
CA ASP F 977 -42.31 57.18 -81.79
C ASP F 977 -41.15 58.13 -81.46
N GLU F 978 -41.47 59.39 -81.16
CA GLU F 978 -40.42 60.35 -80.82
C GLU F 978 -39.70 59.96 -79.54
N ALA F 979 -40.45 59.54 -78.52
CA ALA F 979 -39.82 59.13 -77.27
C ALA F 979 -38.93 57.91 -77.47
N ILE F 980 -39.41 56.94 -78.26
CA ILE F 980 -38.59 55.75 -78.53
C ILE F 980 -37.32 56.14 -79.26
N GLU F 981 -37.43 57.00 -80.27
CA GLU F 981 -36.25 57.42 -81.01
C GLU F 981 -35.27 58.15 -80.10
N LYS F 982 -35.76 58.98 -79.22
CA LYS F 982 -34.90 59.66 -78.28
C LYS F 982 -34.18 58.69 -77.37
N VAL F 983 -34.91 57.77 -76.76
CA VAL F 983 -34.32 56.84 -75.82
C VAL F 983 -33.26 55.99 -76.51
N PHE F 984 -33.56 55.49 -77.71
CA PHE F 984 -32.63 54.58 -78.36
C PHE F 984 -31.56 55.30 -79.16
N ASN F 985 -31.58 56.64 -79.20
CA ASN F 985 -30.48 57.39 -79.80
C ASN F 985 -29.46 57.60 -78.70
N ALA F 986 -29.91 57.82 -77.49
CA ALA F 986 -29.02 57.99 -76.37
C ALA F 986 -28.36 56.69 -75.96
N TYR F 987 -28.99 55.55 -76.30
CA TYR F 987 -28.47 54.23 -75.97
C TYR F 987 -28.52 53.35 -77.18
N PRO F 988 -27.72 53.65 -78.19
CA PRO F 988 -27.75 52.93 -79.46
C PRO F 988 -27.48 51.43 -79.35
N ALA F 989 -26.71 51.01 -78.35
CA ALA F 989 -26.37 49.61 -78.19
C ALA F 989 -27.61 48.77 -77.99
N ALA F 990 -28.63 49.35 -77.36
CA ALA F 990 -29.85 48.60 -77.12
C ALA F 990 -30.61 48.26 -78.39
N ARG F 991 -30.22 48.80 -79.52
CA ARG F 991 -30.94 48.54 -80.76
C ARG F 991 -30.47 47.24 -81.46
N GLU F 992 -29.42 46.59 -80.99
CA GLU F 992 -28.94 45.36 -81.60
C GLU F 992 -28.51 44.35 -80.55
N GLN F 993 -29.08 44.47 -79.35
CA GLN F 993 -28.76 43.55 -78.27
C GLN F 993 -30.02 42.96 -77.72
N PHE F 994 -30.10 41.65 -77.71
CA PHE F 994 -31.23 40.95 -77.14
C PHE F 994 -31.46 41.26 -75.67
N LEU F 995 -32.64 40.96 -75.19
CA LEU F 995 -33.01 41.26 -73.82
C LEU F 995 -32.18 40.44 -72.84
N ASN F 996 -31.67 41.11 -71.81
CA ASN F 996 -31.04 40.43 -70.69
C ASN F 996 -32.04 39.51 -70.01
N ALA F 997 -31.57 38.33 -69.59
CA ALA F 997 -32.47 37.38 -68.93
C ALA F 997 -33.19 38.03 -67.75
N GLN F 998 -32.49 38.93 -67.07
CA GLN F 998 -33.07 39.63 -65.94
C GLN F 998 -34.17 40.57 -66.42
N ASP F 999 -34.03 41.11 -67.61
CA ASP F 999 -35.05 41.97 -68.18
C ASP F 999 -36.21 41.17 -68.75
N ILE F 1000 -35.96 39.95 -69.24
CA ILE F 1000 -37.07 39.07 -69.61
C ILE F 1000 -37.93 38.79 -68.38
N ASP F 1001 -37.29 38.45 -67.26
CA ASP F 1001 -38.03 38.20 -66.03
C ASP F 1001 -38.79 39.44 -65.60
N HIS F 1002 -38.17 40.62 -65.70
CA HIS F 1002 -38.83 41.86 -65.31
C HIS F 1002 -40.05 42.14 -66.18
N PHE F 1003 -39.91 41.98 -67.50
CA PHE F 1003 -41.02 42.17 -68.41
C PHE F 1003 -42.18 41.25 -68.06
N LEU F 1004 -41.91 39.98 -67.85
CA LEU F 1004 -42.98 39.05 -67.57
C LEU F 1004 -43.59 39.29 -66.19
N SER F 1005 -42.80 39.77 -65.24
CA SER F 1005 -43.35 40.10 -63.92
C SER F 1005 -44.26 41.30 -63.99
N MET F 1006 -43.89 42.32 -64.76
CA MET F 1006 -44.76 43.49 -64.89
C MET F 1006 -45.92 43.24 -65.85
N CYS F 1007 -45.89 42.14 -66.61
CA CYS F 1007 -47.09 41.67 -67.29
C CYS F 1007 -48.12 41.10 -66.34
N GLN F 1008 -47.81 40.95 -65.07
CA GLN F 1008 -48.71 40.36 -64.12
C GLN F 1008 -49.17 41.35 -63.07
N ASN F 1009 -48.91 42.63 -63.27
CA ASN F 1009 -49.30 43.64 -62.31
C ASN F 1009 -50.82 43.73 -62.16
N PRO F 1010 -51.36 43.30 -61.00
CA PRO F 1010 -52.82 43.30 -60.88
C PRO F 1010 -53.45 44.68 -61.03
N MET F 1011 -52.77 45.72 -60.56
CA MET F 1011 -53.29 47.09 -60.66
C MET F 1011 -52.95 47.69 -62.02
N GLN F 1012 -53.40 47.01 -63.08
CA GLN F 1012 -53.15 47.47 -64.46
C GLN F 1012 -54.06 46.68 -65.37
N LYS F 1013 -54.43 47.23 -66.52
CA LYS F 1013 -55.25 46.48 -67.45
C LYS F 1013 -54.44 45.36 -68.06
N PRO F 1014 -55.01 44.16 -68.13
CA PRO F 1014 -54.26 43.02 -68.66
C PRO F 1014 -53.65 43.32 -70.04
N VAL F 1015 -52.41 42.92 -70.30
CA VAL F 1015 -51.74 43.26 -71.57
C VAL F 1015 -52.48 42.59 -72.71
N PRO F 1016 -52.58 43.23 -73.89
CA PRO F 1016 -53.31 42.66 -75.02
C PRO F 1016 -52.49 41.69 -75.87
N PHE F 1017 -51.78 40.77 -75.22
CA PHE F 1017 -50.96 39.80 -75.94
C PHE F 1017 -50.61 38.66 -75.01
N VAL F 1018 -50.06 37.60 -75.60
CA VAL F 1018 -49.56 36.43 -74.87
C VAL F 1018 -48.03 36.52 -74.86
N PRO F 1019 -47.40 36.72 -73.70
CA PRO F 1019 -45.94 36.95 -73.71
C PRO F 1019 -45.10 35.68 -73.62
N VAL F 1020 -45.68 34.57 -73.19
CA VAL F 1020 -44.93 33.34 -72.97
C VAL F 1020 -45.90 32.17 -72.92
N LEU F 1021 -45.39 30.97 -73.22
CA LEU F 1021 -46.16 29.73 -73.08
C LEU F 1021 -45.60 28.96 -71.90
N ASP F 1022 -46.43 28.79 -70.90
CA ASP F 1022 -46.01 28.11 -69.71
C ASP F 1022 -47.25 27.67 -68.98
N ARG F 1023 -47.14 27.41 -67.69
CA ARG F 1023 -48.25 26.92 -66.92
C ARG F 1023 -49.40 27.90 -66.88
N ARG F 1024 -49.11 29.18 -67.02
CA ARG F 1024 -50.12 30.20 -66.95
C ARG F 1024 -50.71 30.55 -68.30
N PHE F 1025 -50.61 29.63 -69.25
CA PHE F 1025 -51.07 29.95 -70.61
C PHE F 1025 -52.58 30.14 -70.66
N GLU F 1026 -53.34 29.34 -69.91
CA GLU F 1026 -54.78 29.50 -69.91
C GLU F 1026 -55.19 30.88 -69.40
N ILE F 1027 -54.57 31.31 -68.31
CA ILE F 1027 -54.87 32.63 -67.76
C ILE F 1027 -54.50 33.71 -68.75
N PHE F 1028 -53.33 33.60 -69.37
CA PHE F 1028 -52.92 34.60 -70.35
C PHE F 1028 -53.86 34.62 -71.55
N PHE F 1029 -54.38 33.46 -71.94
CA PHE F 1029 -55.22 33.34 -73.12
C PHE F 1029 -56.63 33.89 -72.87
N LYS F 1030 -57.22 33.59 -71.72
CA LYS F 1030 -58.64 33.83 -71.50
C LYS F 1030 -58.96 35.12 -70.77
N LYS F 1031 -58.03 35.67 -70.00
CA LYS F 1031 -58.34 36.80 -69.13
C LYS F 1031 -58.72 38.04 -69.94
N ASP F 1032 -59.70 38.80 -69.45
CA ASP F 1032 -60.11 40.04 -70.09
C ASP F 1032 -60.47 39.81 -71.53
N SER F 1033 -61.47 38.99 -71.79
CA SER F 1033 -61.81 38.62 -73.16
C SER F 1033 -63.05 39.25 -73.75
N LEU F 1034 -63.78 40.05 -72.99
CA LEU F 1034 -65.07 40.60 -73.46
C LEU F 1034 -65.13 42.04 -73.95
N TRP F 1035 -64.10 42.83 -73.71
CA TRP F 1035 -64.14 44.25 -74.05
C TRP F 1035 -63.76 44.53 -75.49
N GLN F 1036 -63.03 43.63 -76.09
CA GLN F 1036 -62.54 43.86 -77.45
C GLN F 1036 -63.61 44.01 -78.52
N SER F 1037 -64.77 43.43 -78.30
CA SER F 1037 -65.87 43.52 -79.26
C SER F 1037 -66.47 44.91 -79.34
N GLU F 1038 -66.36 45.71 -78.29
CA GLU F 1038 -66.80 47.09 -78.37
C GLU F 1038 -65.69 48.08 -78.62
N HIS F 1039 -64.48 47.60 -78.81
CA HIS F 1039 -63.32 48.47 -79.00
C HIS F 1039 -62.42 47.92 -80.11
N LEU F 1040 -62.98 47.59 -81.24
CA LEU F 1040 -62.20 46.96 -82.30
C LEU F 1040 -61.06 47.80 -82.82
N GLU F 1041 -61.02 49.09 -82.53
CA GLU F 1041 -59.87 49.90 -82.92
C GLU F 1041 -58.60 49.45 -82.21
N ALA F 1042 -58.73 48.78 -81.06
CA ALA F 1042 -57.59 48.30 -80.29
C ALA F 1042 -57.29 46.83 -80.55
N VAL F 1043 -57.91 46.24 -81.56
CA VAL F 1043 -57.63 44.87 -81.96
C VAL F 1043 -56.64 44.90 -83.10
N VAL F 1044 -55.97 43.77 -83.34
CA VAL F 1044 -54.78 43.76 -84.19
C VAL F 1044 -55.09 44.34 -85.57
N ASP F 1045 -56.16 43.87 -86.20
CA ASP F 1045 -56.51 44.32 -87.54
C ASP F 1045 -57.94 44.87 -87.59
N GLN F 1046 -58.48 45.31 -86.45
CA GLN F 1046 -59.87 45.73 -86.37
C GLN F 1046 -60.79 44.61 -86.87
N ASP F 1047 -60.43 43.37 -86.53
CA ASP F 1047 -61.12 42.18 -87.03
C ASP F 1047 -61.96 41.60 -85.92
N VAL F 1048 -63.27 41.51 -86.15
CA VAL F 1048 -64.18 40.89 -85.19
C VAL F 1048 -63.87 39.42 -85.05
N GLN F 1049 -63.46 38.76 -86.13
CA GLN F 1049 -63.25 37.32 -86.10
C GLN F 1049 -62.21 36.91 -85.07
N ARG F 1050 -61.36 37.85 -84.64
CA ARG F 1050 -60.44 37.57 -83.54
C ARG F 1050 -61.15 37.59 -82.19
N THR F 1051 -62.25 38.34 -82.08
CA THR F 1051 -62.89 38.56 -80.79
C THR F 1051 -63.93 37.59 -80.29
N CYS F 1052 -64.37 37.82 -79.06
CA CYS F 1052 -65.37 36.98 -78.44
C CYS F 1052 -66.67 37.73 -78.17
N ILE F 1053 -67.76 37.28 -78.77
CA ILE F 1053 -69.07 37.92 -78.61
C ILE F 1053 -70.07 36.97 -78.00
N LEU F 1054 -70.74 37.40 -76.97
CA LEU F 1054 -71.73 36.60 -76.26
C LEU F 1054 -73.10 36.77 -76.89
N HIS F 1055 -73.72 35.66 -77.28
CA HIS F 1055 -75.03 35.69 -77.93
C HIS F 1055 -75.70 34.35 -77.77
N GLY F 1056 -77.03 34.35 -77.84
CA GLY F 1056 -77.82 33.17 -77.59
C GLY F 1056 -78.25 32.47 -78.86
N PRO F 1057 -78.16 31.13 -78.88
CA PRO F 1057 -78.52 30.39 -80.10
C PRO F 1057 -79.96 30.59 -80.54
N VAL F 1058 -80.91 30.63 -79.60
CA VAL F 1058 -82.33 30.74 -79.94
C VAL F 1058 -82.81 32.17 -80.09
N ALA F 1059 -82.31 33.09 -79.28
CA ALA F 1059 -82.66 34.48 -79.43
C ALA F 1059 -82.08 35.09 -80.70
N ALA F 1060 -81.06 34.46 -81.27
CA ALA F 1060 -80.44 34.98 -82.48
C ALA F 1060 -81.39 34.93 -83.68
N GLN F 1061 -82.46 34.15 -83.61
CA GLN F 1061 -83.39 34.07 -84.73
C GLN F 1061 -84.11 35.39 -85.00
N PHE F 1062 -84.16 36.28 -84.02
CA PHE F 1062 -84.89 37.55 -84.17
C PHE F 1062 -83.98 38.76 -84.23
N THR F 1063 -82.67 38.59 -84.05
CA THR F 1063 -81.73 39.71 -84.06
C THR F 1063 -81.28 39.92 -85.50
N LYS F 1064 -82.02 40.75 -86.23
CA LYS F 1064 -81.82 40.93 -87.66
C LYS F 1064 -81.47 42.36 -88.05
N VAL F 1065 -82.25 43.32 -87.58
CA VAL F 1065 -82.07 44.71 -87.98
C VAL F 1065 -81.08 45.47 -87.15
N ILE F 1066 -80.04 45.96 -87.77
CA ILE F 1066 -78.94 46.62 -87.07
C ILE F 1066 -79.30 48.08 -86.81
N ASP F 1067 -78.87 48.58 -85.66
CA ASP F 1067 -78.99 50.00 -85.31
C ASP F 1067 -80.44 50.44 -85.16
N GLU F 1068 -81.35 49.52 -84.83
CA GLU F 1068 -82.72 49.93 -84.51
C GLU F 1068 -82.69 50.41 -83.08
N PRO F 1069 -83.19 51.60 -82.80
CA PRO F 1069 -83.12 52.16 -81.44
C PRO F 1069 -83.86 51.29 -80.43
N ILE F 1070 -83.35 51.28 -79.20
CA ILE F 1070 -83.92 50.43 -78.16
C ILE F 1070 -85.39 50.78 -77.93
N LYS F 1071 -85.71 52.08 -77.95
CA LYS F 1071 -87.09 52.50 -77.84
C LYS F 1071 -87.96 51.78 -78.86
N SER F 1072 -87.48 51.69 -80.10
CA SER F 1072 -88.26 51.05 -81.15
C SER F 1072 -88.48 49.57 -80.84
N ILE F 1073 -87.45 48.87 -80.44
CA ILE F 1073 -87.54 47.44 -80.17
C ILE F 1073 -88.47 47.12 -79.01
N MET F 1074 -88.37 47.86 -77.92
CA MET F 1074 -89.21 47.62 -76.75
C MET F 1074 -90.66 48.05 -77.02
N ASP F 1075 -90.84 49.19 -77.68
CA ASP F 1075 -92.19 49.63 -78.03
C ASP F 1075 -92.83 48.66 -79.00
N GLY F 1076 -92.07 48.08 -79.92
CA GLY F 1076 -92.63 47.10 -80.82
C GLY F 1076 -93.16 45.89 -80.09
N ILE F 1077 -92.36 45.35 -79.17
CA ILE F 1077 -92.81 44.20 -78.39
C ILE F 1077 -94.07 44.55 -77.60
N HIS F 1078 -94.05 45.68 -76.91
CA HIS F 1078 -95.17 46.05 -76.06
C HIS F 1078 -96.43 46.34 -76.88
N ASP F 1079 -96.29 46.99 -78.03
CA ASP F 1079 -97.45 47.28 -78.86
C ASP F 1079 -98.00 46.03 -79.50
N GLY F 1080 -97.14 45.08 -79.89
CA GLY F 1080 -97.64 43.81 -80.35
C GLY F 1080 -98.45 43.08 -79.28
N HIS F 1081 -97.93 43.08 -78.04
CA HIS F 1081 -98.68 42.48 -76.95
C HIS F 1081 -100.03 43.17 -76.77
N ILE F 1082 -100.06 44.49 -76.79
CA ILE F 1082 -101.30 45.21 -76.60
C ILE F 1082 -102.27 44.92 -77.73
N LYS F 1083 -101.80 44.88 -78.97
CA LYS F 1083 -102.70 44.60 -80.08
C LYS F 1083 -103.31 43.23 -79.95
N LYS F 1084 -102.49 42.22 -79.65
CA LYS F 1084 -103.01 40.87 -79.51
C LYS F 1084 -104.00 40.77 -78.36
N LEU F 1085 -103.68 41.38 -77.22
CA LEU F 1085 -104.60 41.34 -76.08
C LEU F 1085 -105.90 42.06 -76.41
N LEU F 1086 -105.82 43.23 -77.05
CA LEU F 1086 -107.04 43.95 -77.44
C LEU F 1086 -107.91 43.06 -78.31
N HIS F 1087 -107.31 42.45 -79.34
CA HIS F 1087 -108.09 41.61 -80.24
C HIS F 1087 -108.72 40.45 -79.50
N GLN F 1088 -107.96 39.79 -78.63
CA GLN F 1088 -108.45 38.54 -78.03
C GLN F 1088 -109.45 38.77 -76.92
N TYR F 1089 -109.31 39.86 -76.16
CA TYR F 1089 -110.05 40.02 -74.91
C TYR F 1089 -110.81 41.33 -74.79
N TYR F 1090 -110.82 42.18 -75.83
CA TYR F 1090 -111.51 43.46 -75.75
C TYR F 1090 -112.27 43.83 -77.02
N GLY F 1091 -112.41 42.91 -77.97
CA GLY F 1091 -113.15 43.19 -79.19
C GLY F 1091 -112.57 44.31 -80.03
N ASP F 1092 -111.25 44.51 -79.99
CA ASP F 1092 -110.59 45.56 -80.76
C ASP F 1092 -111.21 46.92 -80.45
N ASP F 1093 -111.58 47.13 -79.20
CA ASP F 1093 -112.24 48.36 -78.77
C ASP F 1093 -111.45 48.93 -77.59
N GLU F 1094 -110.70 50.00 -77.85
CA GLU F 1094 -109.92 50.63 -76.79
C GLU F 1094 -110.79 51.30 -75.74
N SER F 1095 -112.04 51.63 -76.09
CA SER F 1095 -112.96 52.16 -75.09
C SER F 1095 -113.28 51.13 -74.01
N LYS F 1096 -112.99 49.85 -74.26
CA LYS F 1096 -113.21 48.81 -73.26
C LYS F 1096 -112.14 48.83 -72.18
N ILE F 1097 -111.02 49.48 -72.42
CA ILE F 1097 -109.88 49.41 -71.49
C ILE F 1097 -110.20 50.25 -70.25
N PRO F 1098 -110.06 49.66 -69.07
CA PRO F 1098 -110.23 50.49 -67.88
C PRO F 1098 -109.20 51.61 -67.78
N ALA F 1099 -109.58 52.74 -67.21
CA ALA F 1099 -108.70 53.90 -67.09
C ALA F 1099 -108.50 54.24 -65.62
N VAL F 1100 -107.26 54.50 -65.24
CA VAL F 1100 -106.92 54.96 -63.90
C VAL F 1100 -106.18 56.29 -64.04
N GLU F 1101 -106.03 57.03 -62.94
CA GLU F 1101 -105.31 58.28 -63.01
C GLU F 1101 -103.86 58.02 -63.32
N TYR F 1102 -103.25 57.12 -62.57
CA TYR F 1102 -101.86 56.77 -62.84
C TYR F 1102 -101.71 55.27 -62.69
N PHE F 1103 -100.74 54.68 -63.37
CA PHE F 1103 -100.51 53.24 -63.30
C PHE F 1103 -99.22 52.93 -62.60
N GLY F 1104 -99.30 52.24 -61.47
CA GLY F 1104 -98.10 51.83 -60.78
C GLY F 1104 -98.23 51.94 -59.27
N GLY F 1105 -97.19 51.51 -58.56
CA GLY F 1105 -97.16 51.63 -57.12
C GLY F 1105 -97.98 50.60 -56.38
N GLU F 1106 -98.42 49.54 -57.04
CA GLU F 1106 -99.27 48.53 -56.44
C GLU F 1106 -98.45 47.29 -56.11
N SER F 1107 -98.35 46.98 -54.83
CA SER F 1107 -97.54 45.85 -54.39
C SER F 1107 -98.18 44.53 -54.82
N PRO F 1108 -97.38 43.52 -55.17
CA PRO F 1108 -97.97 42.24 -55.57
C PRO F 1108 -98.72 41.52 -54.46
N VAL F 1109 -98.48 41.88 -53.21
CA VAL F 1109 -99.07 41.17 -52.08
C VAL F 1109 -100.47 41.72 -51.82
N ASP F 1123 -118.04 60.96 -48.37
CA ASP F 1123 -117.67 62.29 -48.84
C ASP F 1123 -117.25 63.15 -47.68
N SER F 1124 -117.68 62.81 -46.47
CA SER F 1124 -117.22 63.53 -45.30
C SER F 1124 -117.03 62.53 -44.18
N ALA F 1125 -115.80 62.38 -43.71
CA ALA F 1125 -115.44 61.36 -42.74
C ALA F 1125 -114.57 61.96 -41.65
N VAL F 1126 -114.51 61.25 -40.52
CA VAL F 1126 -113.66 61.61 -39.39
C VAL F 1126 -112.97 60.35 -38.91
N PHE F 1127 -111.65 60.41 -38.77
CA PHE F 1127 -110.84 59.30 -38.30
C PHE F 1127 -110.09 59.69 -37.04
N LYS F 1128 -110.00 58.76 -36.10
CA LYS F 1128 -109.33 58.99 -34.83
C LYS F 1128 -108.29 57.91 -34.62
N ALA F 1129 -107.08 58.31 -34.27
CA ALA F 1129 -105.98 57.38 -34.06
C ALA F 1129 -105.88 56.98 -32.60
N THR F 1130 -105.27 55.82 -32.37
CA THR F 1130 -105.05 55.29 -31.02
C THR F 1130 -103.70 54.60 -31.00
N SER F 1131 -103.33 54.08 -29.83
CA SER F 1131 -102.08 53.34 -29.72
C SER F 1131 -102.11 52.08 -30.56
N SER F 1132 -103.24 51.38 -30.57
CA SER F 1132 -103.35 50.07 -31.21
C SER F 1132 -103.73 50.14 -32.68
N THR F 1133 -104.10 51.31 -33.20
CA THR F 1133 -104.47 51.41 -34.61
C THR F 1133 -103.32 50.95 -35.48
N ASP F 1134 -103.62 50.08 -36.44
CA ASP F 1134 -102.59 49.58 -37.34
C ASP F 1134 -102.36 50.58 -38.46
N GLU F 1135 -101.08 50.81 -38.75
CA GLU F 1135 -100.70 51.88 -39.67
C GLU F 1135 -101.26 51.64 -41.07
N GLU F 1136 -101.18 50.40 -41.55
CA GLU F 1136 -101.53 50.13 -42.94
C GLU F 1136 -102.99 50.43 -43.22
N SER F 1137 -103.90 49.98 -42.35
CA SER F 1137 -105.32 50.26 -42.56
C SER F 1137 -105.63 51.74 -42.40
N TRP F 1138 -104.96 52.40 -41.46
CA TRP F 1138 -105.16 53.84 -41.28
C TRP F 1138 -104.81 54.59 -42.56
N PHE F 1139 -103.66 54.26 -43.16
CA PHE F 1139 -103.28 54.93 -44.40
C PHE F 1139 -104.15 54.51 -45.57
N LYS F 1140 -104.62 53.26 -45.59
CA LYS F 1140 -105.54 52.84 -46.64
C LYS F 1140 -106.84 53.62 -46.57
N ALA F 1141 -107.33 53.88 -45.36
CA ALA F 1141 -108.55 54.66 -45.20
C ALA F 1141 -108.32 56.12 -45.58
N LEU F 1142 -107.18 56.69 -45.17
CA LEU F 1142 -106.91 58.09 -45.51
C LEU F 1142 -106.74 58.27 -47.01
N ALA F 1143 -106.12 57.30 -47.68
CA ALA F 1143 -105.86 57.42 -49.11
C ALA F 1143 -107.15 57.49 -49.92
N GLY F 1144 -108.12 56.64 -49.59
CA GLY F 1144 -109.33 56.53 -50.37
C GLY F 1144 -109.25 55.45 -51.43
N SER F 1145 -110.43 55.05 -51.92
CA SER F 1145 -110.52 53.94 -52.85
C SER F 1145 -110.10 54.34 -54.27
N GLU F 1146 -110.28 55.60 -54.65
CA GLU F 1146 -110.03 56.03 -56.01
C GLU F 1146 -108.56 56.40 -56.20
N ILE F 1147 -108.03 56.12 -57.39
CA ILE F 1147 -106.66 56.46 -57.73
C ILE F 1147 -106.63 57.93 -58.12
N ASN F 1148 -106.00 58.76 -57.30
CA ASN F 1148 -105.94 60.19 -57.54
C ASN F 1148 -104.81 60.76 -56.69
N TRP F 1149 -104.76 62.09 -56.58
CA TRP F 1149 -103.68 62.73 -55.85
C TRP F 1149 -103.67 62.31 -54.38
N ARG F 1150 -104.84 62.17 -53.77
CA ARG F 1150 -104.90 61.71 -52.38
C ARG F 1150 -104.35 60.31 -52.24
N HIS F 1151 -104.71 59.43 -53.18
CA HIS F 1151 -104.21 58.06 -53.18
C HIS F 1151 -102.68 58.04 -53.15
N ALA F 1152 -102.06 58.76 -54.08
CA ALA F 1152 -100.60 58.81 -54.13
C ALA F 1152 -100.03 59.46 -52.87
N SER F 1153 -100.67 60.54 -52.41
CA SER F 1153 -100.18 61.25 -51.24
C SER F 1153 -100.07 60.33 -50.03
N PHE F 1154 -101.05 59.44 -49.85
CA PHE F 1154 -101.10 58.61 -48.65
C PHE F 1154 -100.60 57.19 -48.85
N LEU F 1155 -100.32 56.75 -50.08
CA LEU F 1155 -99.87 55.39 -50.31
C LEU F 1155 -98.50 55.28 -50.97
N CYS F 1156 -98.10 56.27 -51.77
CA CYS F 1156 -96.75 56.24 -52.33
C CYS F 1156 -95.73 56.20 -51.21
N SER F 1157 -94.74 55.31 -51.33
CA SER F 1157 -93.78 55.14 -50.25
C SER F 1157 -92.63 56.13 -50.34
N PHE F 1158 -92.36 56.67 -51.54
CA PHE F 1158 -91.28 57.61 -51.74
C PHE F 1158 -91.78 58.78 -52.59
N ILE F 1159 -91.16 59.94 -52.39
CA ILE F 1159 -91.37 61.10 -53.25
C ILE F 1159 -90.03 61.45 -53.89
N THR F 1160 -90.07 62.41 -54.80
CA THR F 1160 -88.92 62.75 -55.63
C THR F 1160 -88.38 64.13 -55.24
N GLN F 1161 -87.09 64.19 -55.01
CA GLN F 1161 -86.37 65.45 -54.86
C GLN F 1161 -85.87 65.87 -56.24
N ASP F 1162 -84.97 66.85 -56.30
CA ASP F 1162 -84.41 67.28 -57.58
C ASP F 1162 -84.23 66.11 -58.53
N LYS F 1163 -83.52 65.06 -58.08
CA LYS F 1163 -83.51 63.79 -58.77
C LYS F 1163 -83.47 62.59 -57.84
N MET F 1164 -83.54 62.80 -56.52
CA MET F 1164 -83.38 61.74 -55.54
C MET F 1164 -84.74 61.26 -55.04
N PHE F 1165 -84.72 60.11 -54.36
CA PHE F 1165 -85.91 59.49 -53.80
C PHE F 1165 -85.81 59.51 -52.29
N VAL F 1166 -86.81 60.10 -51.64
CA VAL F 1166 -86.82 60.27 -50.19
C VAL F 1166 -88.16 59.81 -49.64
N SER F 1167 -88.15 59.40 -48.39
CA SER F 1167 -89.34 58.84 -47.77
C SER F 1167 -90.49 59.85 -47.79
N ASN F 1168 -91.69 59.36 -48.05
CA ASN F 1168 -92.87 60.19 -48.20
C ASN F 1168 -93.09 61.05 -46.96
N PRO F 1169 -92.87 62.36 -47.03
CA PRO F 1169 -93.07 63.20 -45.83
C PRO F 1169 -94.51 63.18 -45.35
N ILE F 1170 -95.49 63.07 -46.26
CA ILE F 1170 -96.89 63.11 -45.86
C ILE F 1170 -97.22 61.95 -44.95
N ARG F 1171 -96.73 60.75 -45.29
CA ARG F 1171 -97.03 59.58 -44.45
C ARG F 1171 -96.43 59.72 -43.06
N LYS F 1172 -95.22 60.26 -42.97
CA LYS F 1172 -94.57 60.39 -41.68
C LYS F 1172 -95.26 61.43 -40.86
N VAL F 1173 -95.78 62.42 -41.53
CA VAL F 1173 -96.52 63.47 -40.81
C VAL F 1173 -97.87 62.96 -40.36
N PHE F 1174 -98.48 62.03 -41.10
CA PHE F 1174 -99.78 61.49 -40.78
C PHE F 1174 -99.70 60.14 -40.06
N LYS F 1175 -98.50 59.75 -39.63
CA LYS F 1175 -98.34 58.48 -38.93
C LYS F 1175 -99.24 58.45 -37.70
N PRO F 1176 -100.11 57.45 -37.56
CA PRO F 1176 -101.14 57.50 -36.51
C PRO F 1176 -100.53 57.45 -35.11
N SER F 1177 -101.09 58.27 -34.22
CA SER F 1177 -100.71 58.25 -32.82
C SER F 1177 -101.89 58.76 -32.01
N GLN F 1178 -101.92 58.38 -30.73
CA GLN F 1178 -103.03 58.74 -29.87
C GLN F 1178 -103.23 60.25 -29.85
N GLY F 1179 -104.48 60.68 -30.03
CA GLY F 1179 -104.83 62.08 -30.02
C GLY F 1179 -105.02 62.70 -31.39
N MET F 1180 -104.50 62.08 -32.43
CA MET F 1180 -104.63 62.63 -33.78
C MET F 1180 -106.05 62.42 -34.29
N VAL F 1181 -106.61 63.47 -34.89
CA VAL F 1181 -107.96 63.43 -35.47
C VAL F 1181 -107.88 64.02 -36.87
N VAL F 1182 -108.29 63.25 -37.86
CA VAL F 1182 -108.21 63.64 -39.27
C VAL F 1182 -109.61 63.81 -39.82
N GLU F 1183 -109.84 64.92 -40.51
CA GLU F 1183 -111.15 65.27 -41.06
C GLU F 1183 -111.02 65.42 -42.56
N ILE F 1184 -111.83 64.67 -43.30
CA ILE F 1184 -111.85 64.71 -44.76
C ILE F 1184 -113.19 65.26 -45.21
N SER F 1185 -113.16 66.13 -46.21
CA SER F 1185 -114.38 66.74 -46.75
C SER F 1185 -114.29 66.77 -48.26
N ASN F 1186 -115.39 66.41 -48.93
CA ASN F 1186 -115.43 66.34 -50.38
C ASN F 1186 -114.55 65.23 -50.94
N GLY F 1187 -114.46 64.12 -50.22
CA GLY F 1187 -113.59 63.03 -50.66
C GLY F 1187 -113.97 62.46 -52.01
N ASN F 1188 -115.17 62.76 -52.48
CA ASN F 1188 -115.66 62.21 -53.73
C ASN F 1188 -115.27 63.05 -54.94
N THR F 1189 -114.89 64.30 -54.73
CA THR F 1189 -114.40 65.13 -55.81
C THR F 1189 -112.95 65.41 -55.48
N SER F 1190 -112.00 64.75 -56.13
CA SER F 1190 -110.59 64.87 -55.77
C SER F 1190 -110.12 66.32 -55.86
N SER F 1191 -110.60 67.05 -56.87
CA SER F 1191 -110.15 68.42 -57.07
C SER F 1191 -110.51 69.33 -55.90
N LYS F 1192 -111.45 68.92 -55.04
CA LYS F 1192 -111.89 69.73 -53.92
C LYS F 1192 -111.70 69.08 -52.57
N THR F 1193 -111.12 67.88 -52.52
CA THR F 1193 -110.91 67.21 -51.24
C THR F 1193 -109.91 67.99 -50.39
N VAL F 1194 -110.21 68.09 -49.10
CA VAL F 1194 -109.32 68.73 -48.13
C VAL F 1194 -109.21 67.80 -46.94
N VAL F 1195 -107.97 67.40 -46.62
CA VAL F 1195 -107.69 66.53 -45.49
C VAL F 1195 -107.07 67.38 -44.39
N THR F 1196 -107.79 67.53 -43.28
CA THR F 1196 -107.35 68.35 -42.16
C THR F 1196 -107.03 67.47 -40.97
N LEU F 1197 -105.83 67.63 -40.42
CA LEU F 1197 -105.38 66.91 -39.25
C LEU F 1197 -105.39 67.86 -38.05
N SER F 1198 -106.00 67.42 -36.95
CA SER F 1198 -106.04 68.20 -35.72
C SER F 1198 -105.50 67.34 -34.59
N GLU F 1199 -104.69 67.96 -33.74
CA GLU F 1199 -104.09 67.30 -32.58
C GLU F 1199 -104.30 68.17 -31.37
N PRO F 1200 -104.26 67.59 -30.16
CA PRO F 1200 -104.36 68.40 -28.94
C PRO F 1200 -103.11 69.25 -28.77
N VAL F 1201 -103.30 70.57 -28.76
CA VAL F 1201 -102.23 71.52 -28.48
C VAL F 1201 -102.69 72.38 -27.30
N GLN F 1202 -101.93 72.35 -26.21
CA GLN F 1202 -102.27 73.10 -25.01
C GLN F 1202 -103.64 72.70 -24.46
N GLY F 1203 -104.04 71.46 -24.71
CA GLY F 1203 -105.31 70.92 -24.24
C GLY F 1203 -106.42 70.91 -25.27
N GLU F 1204 -106.50 71.95 -26.09
CA GLU F 1204 -107.55 72.05 -27.09
C GLU F 1204 -107.12 71.40 -28.41
N LEU F 1205 -108.12 71.00 -29.19
CA LEU F 1205 -107.90 70.37 -30.49
C LEU F 1205 -107.82 71.46 -31.54
N LYS F 1206 -106.69 71.53 -32.25
CA LYS F 1206 -106.43 72.58 -33.23
C LYS F 1206 -105.92 71.97 -34.51
N PRO F 1207 -106.17 72.61 -35.66
CA PRO F 1207 -105.61 72.10 -36.92
C PRO F 1207 -104.10 72.25 -36.94
N THR F 1208 -103.41 71.17 -37.32
CA THR F 1208 -101.96 71.18 -37.44
C THR F 1208 -101.47 70.97 -38.87
N VAL F 1209 -102.18 70.18 -39.67
CA VAL F 1209 -101.80 69.94 -41.07
C VAL F 1209 -103.04 70.01 -41.93
N ILE F 1210 -102.97 70.74 -43.04
CA ILE F 1210 -104.05 70.81 -44.02
C ILE F 1210 -103.47 70.40 -45.37
N LEU F 1211 -104.13 69.45 -46.01
CA LEU F 1211 -103.68 68.90 -47.28
C LEU F 1211 -104.78 69.05 -48.32
N LYS F 1212 -104.42 69.56 -49.49
CA LYS F 1212 -105.38 69.82 -50.56
C LYS F 1212 -104.60 69.97 -51.86
N LEU F 1213 -105.33 70.18 -52.97
CA LEU F 1213 -104.77 70.52 -54.26
C LEU F 1213 -104.79 72.03 -54.40
N LEU F 1214 -103.61 72.66 -54.30
CA LEU F 1214 -103.52 74.10 -54.53
C LEU F 1214 -103.86 74.42 -55.99
N LYS F 1215 -103.25 73.71 -56.92
CA LYS F 1215 -103.46 73.86 -58.35
C LYS F 1215 -103.96 72.52 -58.91
N GLU F 1216 -104.13 72.45 -60.21
CA GLU F 1216 -104.54 71.19 -60.83
C GLU F 1216 -103.49 70.11 -60.67
N ASN F 1217 -102.22 70.51 -60.55
CA ASN F 1217 -101.14 69.56 -60.41
C ASN F 1217 -100.34 69.72 -59.13
N ILE F 1218 -100.63 70.75 -58.33
CA ILE F 1218 -99.79 71.11 -57.18
C ILE F 1218 -100.52 70.68 -55.91
N ILE F 1219 -99.87 69.82 -55.13
CA ILE F 1219 -100.37 69.39 -53.83
C ILE F 1219 -99.71 70.27 -52.77
N GLN F 1220 -100.53 70.98 -52.00
CA GLN F 1220 -100.02 71.81 -50.92
C GLN F 1220 -100.28 71.11 -49.59
N MET F 1221 -99.25 71.02 -48.76
CA MET F 1221 -99.35 70.46 -47.42
C MET F 1221 -98.95 71.57 -46.46
N GLU F 1222 -99.93 72.37 -46.05
CA GLU F 1222 -99.69 73.50 -45.15
C GLU F 1222 -99.55 72.98 -43.73
N MET F 1223 -98.37 73.15 -43.15
CA MET F 1223 -98.09 72.76 -41.78
C MET F 1223 -98.24 73.98 -40.88
N ILE F 1224 -99.01 73.84 -39.81
CA ILE F 1224 -99.41 74.96 -38.97
C ILE F 1224 -98.73 74.85 -37.62
N GLU F 1225 -98.23 75.97 -37.12
CA GLU F 1225 -97.74 76.09 -35.76
C GLU F 1225 -98.67 77.02 -34.99
N ASN F 1226 -99.15 76.55 -33.84
CA ASN F 1226 -100.14 77.29 -33.07
C ASN F 1226 -99.55 77.99 -31.85
N ARG F 1227 -98.33 77.66 -31.46
CA ARG F 1227 -97.66 78.33 -30.35
C ARG F 1227 -96.71 79.38 -30.92
N THR F 1228 -97.29 80.54 -31.24
CA THR F 1228 -96.58 81.65 -31.84
C THR F 1228 -96.42 82.78 -30.83
N MET F 1229 -95.86 83.90 -31.28
CA MET F 1229 -95.56 85.01 -30.37
C MET F 1229 -96.70 85.98 -30.17
N ASP F 1230 -97.71 85.91 -31.03
CA ASP F 1230 -98.88 86.76 -30.88
C ASP F 1230 -100.19 85.97 -30.87
N GLY F 1231 -100.14 84.65 -30.86
CA GLY F 1231 -101.31 83.82 -30.77
C GLY F 1231 -101.92 83.41 -32.10
N LYS F 1232 -101.58 84.10 -33.18
CA LYS F 1232 -102.13 83.73 -34.49
C LYS F 1232 -101.31 82.60 -35.09
N PRO F 1233 -101.95 81.55 -35.60
CA PRO F 1233 -101.18 80.43 -36.17
C PRO F 1233 -100.37 80.86 -37.37
N VAL F 1234 -99.18 80.29 -37.50
CA VAL F 1234 -98.29 80.51 -38.64
C VAL F 1234 -98.18 79.20 -39.40
N SER F 1235 -98.37 79.25 -40.71
CA SER F 1235 -98.39 78.07 -41.56
C SER F 1235 -97.16 78.04 -42.46
N LEU F 1236 -96.62 76.83 -42.66
CA LEU F 1236 -95.51 76.62 -43.57
C LEU F 1236 -96.03 75.85 -44.78
N PRO F 1237 -96.23 76.51 -45.93
CA PRO F 1237 -96.79 75.80 -47.10
C PRO F 1237 -95.73 74.99 -47.83
N LEU F 1238 -95.89 73.67 -47.82
CA LEU F 1238 -94.98 72.79 -48.55
C LEU F 1238 -95.66 72.37 -49.83
N LEU F 1239 -95.00 72.57 -50.96
CA LEU F 1239 -95.62 72.29 -52.24
C LEU F 1239 -95.06 71.05 -52.92
N TYR F 1240 -95.92 70.33 -53.62
CA TYR F 1240 -95.50 69.11 -54.31
C TYR F 1240 -96.17 69.05 -55.68
N ASN F 1241 -95.45 68.50 -56.65
CA ASN F 1241 -96.00 68.31 -57.98
C ASN F 1241 -96.61 66.92 -58.10
N PHE F 1242 -97.80 66.85 -58.67
CA PHE F 1242 -98.48 65.58 -58.94
C PHE F 1242 -98.40 65.32 -60.43
N ASN F 1243 -97.69 64.26 -60.81
CA ASN F 1243 -97.48 63.89 -62.21
C ASN F 1243 -97.99 62.48 -62.43
N PRO F 1244 -99.25 62.35 -62.85
CA PRO F 1244 -99.83 61.03 -63.08
C PRO F 1244 -99.10 60.20 -64.15
N ASP F 1245 -98.30 60.81 -65.02
CA ASP F 1245 -97.58 60.09 -66.06
C ASP F 1245 -96.51 59.19 -65.45
N ASN F 1246 -95.98 59.57 -64.29
CA ASN F 1246 -94.97 58.77 -63.60
C ASN F 1246 -95.68 58.00 -62.49
N GLY F 1247 -96.21 56.82 -62.85
CA GLY F 1247 -97.00 56.05 -61.91
C GLY F 1247 -96.20 55.59 -60.71
N PHE F 1248 -94.93 55.24 -60.91
CA PHE F 1248 -94.12 54.75 -59.80
C PHE F 1248 -93.85 55.84 -58.78
N ALA F 1249 -93.61 57.06 -59.24
CA ALA F 1249 -93.33 58.19 -58.35
C ALA F 1249 -94.07 59.42 -58.87
N PRO F 1250 -95.39 59.47 -58.70
CA PRO F 1250 -96.15 60.61 -59.22
C PRO F 1250 -95.85 61.92 -58.51
N ILE F 1251 -95.38 61.87 -57.26
CA ILE F 1251 -95.23 63.06 -56.43
C ILE F 1251 -93.77 63.46 -56.38
N SER F 1252 -93.50 64.75 -56.59
CA SER F 1252 -92.16 65.31 -56.49
C SER F 1252 -92.24 66.66 -55.79
N GLU F 1253 -91.32 66.93 -54.88
CA GLU F 1253 -91.34 68.19 -54.18
C GLU F 1253 -90.90 69.36 -55.01
N VAL F 1254 -91.48 70.52 -54.74
CA VAL F 1254 -91.06 71.72 -55.41
C VAL F 1254 -89.90 72.24 -54.57
N MET F 1255 -88.67 72.11 -55.07
CA MET F 1255 -87.48 72.49 -54.32
C MET F 1255 -87.23 73.98 -54.36
N GLU F 1256 -87.78 74.68 -55.35
CA GLU F 1256 -87.48 76.10 -55.50
C GLU F 1256 -88.24 76.91 -54.47
N ASP F 1257 -87.54 77.84 -53.82
CA ASP F 1257 -88.06 78.73 -52.78
C ASP F 1257 -88.38 78.00 -51.48
N ARG F 1258 -88.02 76.73 -51.39
CA ARG F 1258 -88.38 75.96 -50.21
C ARG F 1258 -87.68 76.52 -48.97
N ASN F 1259 -86.41 76.84 -49.09
CA ASN F 1259 -85.67 77.37 -47.95
C ASN F 1259 -86.22 78.74 -47.59
N GLN F 1260 -86.61 79.53 -48.60
CA GLN F 1260 -87.18 80.84 -48.32
C GLN F 1260 -88.48 80.72 -47.53
N ARG F 1261 -89.31 79.73 -47.87
CA ARG F 1261 -90.56 79.53 -47.17
C ARG F 1261 -90.33 79.12 -45.74
N ILE F 1262 -89.35 78.25 -45.52
CA ILE F 1262 -89.05 77.78 -44.18
C ILE F 1262 -88.55 78.93 -43.36
N LYS F 1263 -87.73 79.79 -43.94
CA LYS F 1263 -87.18 80.90 -43.23
C LYS F 1263 -88.23 81.95 -42.94
N GLU F 1264 -89.16 82.16 -43.86
CA GLU F 1264 -90.24 83.10 -43.56
C GLU F 1264 -91.05 82.65 -42.35
N MET F 1265 -91.35 81.35 -42.28
CA MET F 1265 -92.03 80.84 -41.10
C MET F 1265 -91.21 81.08 -39.84
N TYR F 1266 -89.91 80.76 -39.88
CA TYR F 1266 -89.08 80.94 -38.70
C TYR F 1266 -88.90 82.41 -38.36
N TRP F 1267 -88.97 83.29 -39.35
CA TRP F 1267 -88.90 84.72 -39.07
C TRP F 1267 -90.14 85.21 -38.36
N LYS F 1268 -91.31 84.74 -38.80
CA LYS F 1268 -92.53 85.08 -38.06
C LYS F 1268 -92.47 84.55 -36.63
N LEU F 1269 -91.81 83.44 -36.38
CA LEU F 1269 -91.81 82.88 -35.05
C LEU F 1269 -90.76 83.46 -34.10
N TRP F 1270 -89.63 83.92 -34.63
CA TRP F 1270 -88.55 84.39 -33.79
C TRP F 1270 -88.30 85.86 -33.85
N ILE F 1271 -88.43 86.46 -35.02
CA ILE F 1271 -88.07 87.85 -35.17
C ILE F 1271 -89.25 88.76 -35.35
N ASP F 1272 -89.40 89.74 -34.47
CA ASP F 1272 -90.48 90.72 -34.60
C ASP F 1272 -90.11 91.94 -35.43
N GLU F 1273 -89.95 91.77 -36.74
CA GLU F 1273 -89.62 92.88 -37.62
C GLU F 1273 -90.05 92.49 -39.02
N PRO F 1274 -90.11 93.45 -39.95
CA PRO F 1274 -90.59 93.11 -41.29
C PRO F 1274 -89.68 92.09 -41.95
N PHE F 1275 -90.28 91.09 -42.58
CA PHE F 1275 -89.53 90.01 -43.18
C PHE F 1275 -88.65 90.54 -44.30
N ASN F 1276 -87.33 90.33 -44.18
CA ASN F 1276 -86.40 90.74 -45.22
C ASN F 1276 -85.12 89.94 -45.06
N LEU F 1277 -84.80 89.11 -46.05
CA LEU F 1277 -83.59 88.32 -46.05
C LEU F 1277 -82.41 89.02 -46.71
N ASP F 1278 -82.62 90.18 -47.31
CA ASP F 1278 -81.59 90.83 -48.11
C ASP F 1278 -80.80 91.80 -47.23
N PHE F 1279 -79.83 91.25 -46.50
CA PHE F 1279 -78.88 92.06 -45.77
C PHE F 1279 -77.56 91.32 -45.70
N ASP F 1280 -76.49 92.07 -45.53
CA ASP F 1280 -75.14 91.50 -45.65
C ASP F 1280 -74.79 90.72 -44.39
N PRO F 1281 -74.36 89.46 -44.51
CA PRO F 1281 -73.86 88.76 -43.31
C PRO F 1281 -72.63 89.40 -42.71
N ARG F 1282 -71.91 90.21 -43.47
CA ARG F 1282 -70.71 90.86 -42.95
C ARG F 1282 -71.03 92.03 -42.04
N ASP F 1283 -72.28 92.49 -42.01
CA ASP F 1283 -72.64 93.65 -41.21
C ASP F 1283 -72.90 93.25 -39.76
N VAL F 1284 -72.98 94.26 -38.90
CA VAL F 1284 -73.25 94.06 -37.49
C VAL F 1284 -74.76 94.13 -37.26
N ILE F 1285 -75.29 93.17 -36.52
CA ILE F 1285 -76.72 93.10 -36.22
C ILE F 1285 -76.98 93.80 -34.90
N LYS F 1286 -78.03 94.61 -34.85
CA LYS F 1286 -78.37 95.42 -33.69
C LYS F 1286 -79.72 94.97 -33.17
N GLY F 1287 -79.78 94.64 -31.88
CA GLY F 1287 -80.98 94.16 -31.25
C GLY F 1287 -81.69 95.22 -30.44
N LYS F 1288 -82.96 94.96 -30.16
CA LYS F 1288 -83.77 95.91 -29.41
C LYS F 1288 -83.32 95.96 -27.96
N ASP F 1289 -83.54 97.10 -27.32
CA ASP F 1289 -83.13 97.28 -25.94
C ASP F 1289 -84.02 96.44 -25.02
N PHE F 1290 -83.38 95.75 -24.08
CA PHE F 1290 -84.06 94.81 -23.19
C PHE F 1290 -83.98 95.32 -21.75
N GLU F 1291 -85.13 95.38 -21.09
CA GLU F 1291 -85.22 95.84 -19.71
C GLU F 1291 -85.51 94.63 -18.82
N ILE F 1292 -84.57 94.31 -17.94
CA ILE F 1292 -84.67 93.13 -17.10
C ILE F 1292 -85.56 93.43 -15.91
N THR F 1293 -86.64 92.66 -15.75
CA THR F 1293 -87.59 92.85 -14.67
C THR F 1293 -87.63 91.62 -13.80
N ALA F 1294 -88.16 91.76 -12.59
CA ALA F 1294 -88.20 90.64 -11.64
C ALA F 1294 -89.04 89.49 -12.17
N LYS F 1295 -90.14 89.80 -12.86
CA LYS F 1295 -91.01 88.74 -13.38
C LYS F 1295 -90.26 87.85 -14.37
N GLU F 1296 -89.46 88.45 -15.23
CA GLU F 1296 -88.77 87.68 -16.25
C GLU F 1296 -87.71 86.79 -15.62
N VAL F 1297 -87.00 87.30 -14.63
CA VAL F 1297 -85.99 86.49 -13.94
C VAL F 1297 -86.65 85.34 -13.21
N TYR F 1298 -87.77 85.61 -12.53
CA TYR F 1298 -88.48 84.54 -11.83
C TYR F 1298 -88.91 83.46 -12.81
N ASP F 1299 -89.53 83.85 -13.92
CA ASP F 1299 -90.01 82.87 -14.89
C ASP F 1299 -88.86 82.06 -15.48
N PHE F 1300 -87.75 82.73 -15.82
CA PHE F 1300 -86.62 82.02 -16.39
C PHE F 1300 -86.04 81.03 -15.39
N THR F 1301 -85.82 81.46 -14.14
CA THR F 1301 -85.22 80.59 -13.15
C THR F 1301 -86.11 79.39 -12.85
N HIS F 1302 -87.42 79.59 -12.85
CA HIS F 1302 -88.32 78.46 -12.63
C HIS F 1302 -88.41 77.56 -13.85
N ALA F 1303 -88.26 78.13 -15.06
CA ALA F 1303 -88.28 77.31 -16.27
C ALA F 1303 -87.06 76.41 -16.35
N VAL F 1304 -85.89 76.89 -15.95
CA VAL F 1304 -84.66 76.12 -16.08
C VAL F 1304 -84.29 75.41 -14.80
N GLY F 1305 -84.97 75.71 -13.71
CA GLY F 1305 -84.74 74.99 -12.46
C GLY F 1305 -83.57 75.49 -11.67
N ASN F 1306 -83.30 76.78 -11.76
CA ASN F 1306 -82.21 77.38 -11.01
C ASN F 1306 -82.72 77.86 -9.68
N ASN F 1307 -82.16 77.36 -8.59
CA ASN F 1307 -82.66 77.66 -7.25
C ASN F 1307 -81.70 78.52 -6.45
N CYS F 1308 -80.72 79.17 -7.08
CA CYS F 1308 -79.78 80.00 -6.36
C CYS F 1308 -80.52 81.14 -5.72
N GLU F 1309 -80.05 81.57 -4.59
CA GLU F 1309 -80.71 82.65 -3.86
C GLU F 1309 -80.41 84.02 -4.43
N ASP F 1310 -79.41 84.17 -5.28
CA ASP F 1310 -79.07 85.47 -5.85
C ASP F 1310 -80.14 85.95 -6.77
N PHE F 1311 -80.86 85.02 -7.37
CA PHE F 1311 -81.89 85.34 -8.34
C PHE F 1311 -83.29 85.35 -7.73
N VAL F 1312 -83.39 85.36 -6.40
CA VAL F 1312 -84.67 85.36 -5.70
C VAL F 1312 -84.82 86.70 -4.99
N SER F 1313 -86.03 87.25 -5.05
CA SER F 1313 -86.33 88.50 -4.35
C SER F 1313 -86.21 88.29 -2.85
N ARG F 1314 -85.42 89.12 -2.18
CA ARG F 1314 -85.19 89.02 -0.75
C ARG F 1314 -85.03 90.43 -0.21
N PRO F 1315 -85.43 90.68 1.03
CA PRO F 1315 -85.37 92.06 1.55
C PRO F 1315 -83.92 92.54 1.65
N ASP F 1316 -83.76 93.86 1.52
CA ASP F 1316 -82.47 94.54 1.61
C ASP F 1316 -81.41 93.86 0.75
N ARG F 1317 -81.81 93.48 -0.46
CA ARG F 1317 -80.86 92.92 -1.42
C ARG F 1317 -81.41 93.10 -2.82
N THR F 1318 -80.53 93.45 -3.77
CA THR F 1318 -80.94 93.57 -5.15
C THR F 1318 -80.88 92.20 -5.82
N MET F 1319 -81.88 91.91 -6.64
CA MET F 1319 -81.98 90.62 -7.31
C MET F 1319 -81.11 90.61 -8.56
N LEU F 1320 -80.38 89.53 -8.73
CA LEU F 1320 -79.54 89.39 -9.89
C LEU F 1320 -80.16 88.51 -10.91
N ALA F 1321 -79.72 88.62 -12.15
CA ALA F 1321 -80.15 87.72 -13.20
C ALA F 1321 -79.08 86.68 -13.47
N PRO F 1322 -79.45 85.44 -13.77
CA PRO F 1322 -78.41 84.43 -14.07
C PRO F 1322 -77.70 84.74 -15.38
N MET F 1323 -76.45 84.25 -15.46
CA MET F 1323 -75.66 84.44 -16.67
C MET F 1323 -76.39 83.89 -17.89
N ASP F 1324 -77.23 82.88 -17.71
CA ASP F 1324 -77.98 82.30 -18.81
C ASP F 1324 -78.98 83.28 -19.41
N PHE F 1325 -79.35 84.34 -18.68
CA PHE F 1325 -80.30 85.31 -19.22
C PHE F 1325 -79.75 86.05 -20.42
N ALA F 1326 -78.44 86.00 -20.66
CA ALA F 1326 -77.87 86.68 -21.81
C ALA F 1326 -78.49 86.15 -23.10
N ILE F 1327 -78.79 84.85 -23.16
CA ILE F 1327 -79.36 84.29 -24.37
C ILE F 1327 -80.77 84.82 -24.60
N VAL F 1328 -81.58 84.93 -23.55
CA VAL F 1328 -82.92 85.46 -23.75
C VAL F 1328 -82.83 86.94 -24.15
N VAL F 1329 -81.82 87.65 -23.63
CA VAL F 1329 -81.69 89.07 -23.96
C VAL F 1329 -81.26 89.25 -25.42
N GLY F 1330 -80.36 88.39 -25.91
CA GLY F 1330 -79.78 88.60 -27.23
C GLY F 1330 -80.11 87.55 -28.28
N TRP F 1331 -81.17 86.76 -28.05
CA TRP F 1331 -81.53 85.72 -29.01
C TRP F 1331 -81.95 86.31 -30.35
N ARG F 1332 -82.72 87.37 -30.33
CA ARG F 1332 -83.19 87.94 -31.57
C ARG F 1332 -82.03 88.44 -32.40
N ALA F 1333 -80.99 88.99 -31.77
CA ALA F 1333 -79.82 89.44 -32.50
C ALA F 1333 -78.97 88.27 -32.98
N ILE F 1334 -78.78 87.25 -32.13
CA ILE F 1334 -77.89 86.15 -32.48
C ILE F 1334 -78.48 85.32 -33.62
N ILE F 1335 -79.76 84.96 -33.50
CA ILE F 1335 -80.35 84.02 -34.45
C ILE F 1335 -80.61 84.67 -35.80
N LYS F 1336 -80.71 86.00 -35.85
CA LYS F 1336 -80.88 86.68 -37.13
C LYS F 1336 -79.65 86.58 -38.01
N ALA F 1337 -78.52 86.12 -37.46
CA ALA F 1337 -77.28 86.04 -38.23
C ALA F 1337 -77.34 84.94 -39.29
N ILE F 1338 -78.12 83.89 -39.07
CA ILE F 1338 -78.15 82.76 -40.00
C ILE F 1338 -79.25 82.90 -41.04
N PHE F 1339 -79.98 84.01 -41.03
CA PHE F 1339 -81.08 84.26 -41.97
C PHE F 1339 -80.64 84.76 -43.34
N PRO F 1340 -79.62 85.62 -43.45
CA PRO F 1340 -79.36 86.30 -44.73
C PRO F 1340 -79.41 85.35 -45.93
N ASN F 1341 -79.77 85.91 -47.08
CA ASN F 1341 -79.91 85.11 -48.29
C ASN F 1341 -78.60 84.43 -48.68
N THR F 1342 -77.46 85.13 -48.51
CA THR F 1342 -76.18 84.54 -48.88
C THR F 1342 -75.88 83.31 -48.05
N VAL F 1343 -76.19 83.34 -46.76
CA VAL F 1343 -76.04 82.16 -45.90
C VAL F 1343 -77.37 81.41 -46.00
N ASP F 1344 -77.47 80.58 -47.04
CA ASP F 1344 -78.71 79.88 -47.37
C ASP F 1344 -78.67 78.46 -46.82
N GLY F 1345 -79.77 78.02 -46.22
CA GLY F 1345 -79.86 76.68 -45.70
C GLY F 1345 -81.25 76.35 -45.21
N ASP F 1346 -81.53 75.08 -45.00
CA ASP F 1346 -82.83 74.66 -44.49
C ASP F 1346 -82.91 74.79 -42.99
N LEU F 1347 -83.67 75.74 -42.49
CA LEU F 1347 -83.73 75.97 -41.06
C LEU F 1347 -84.33 74.80 -40.30
N LEU F 1348 -85.01 73.89 -41.00
CA LEU F 1348 -85.50 72.70 -40.33
C LEU F 1348 -84.40 71.68 -40.10
N LYS F 1349 -83.27 71.80 -40.78
CA LYS F 1349 -82.10 70.96 -40.56
C LYS F 1349 -81.02 71.68 -39.75
N LEU F 1350 -81.33 72.84 -39.18
CA LEU F 1350 -80.34 73.58 -38.41
C LEU F 1350 -80.01 72.84 -37.13
N VAL F 1351 -78.72 72.84 -36.77
CA VAL F 1351 -78.23 72.20 -35.56
C VAL F 1351 -77.42 73.22 -34.77
N HIS F 1352 -77.73 73.37 -33.49
CA HIS F 1352 -76.95 74.24 -32.64
C HIS F 1352 -75.82 73.39 -32.15
N LEU F 1353 -74.59 73.81 -32.36
CA LEU F 1353 -73.45 72.99 -32.01
C LEU F 1353 -72.92 73.33 -30.64
N SER F 1354 -72.87 74.60 -30.32
CA SER F 1354 -72.32 74.99 -29.03
C SER F 1354 -72.79 76.39 -28.70
N ASN F 1355 -72.65 76.75 -27.43
CA ASN F 1355 -72.96 78.10 -26.96
C ASN F 1355 -72.06 78.37 -25.77
N GLY F 1356 -71.81 79.65 -25.51
CA GLY F 1356 -70.92 80.01 -24.43
C GLY F 1356 -71.12 81.45 -24.00
N TYR F 1357 -70.78 81.70 -22.75
CA TYR F 1357 -70.82 83.03 -22.16
C TYR F 1357 -69.44 83.38 -21.62
N LYS F 1358 -69.12 84.67 -21.66
CA LYS F 1358 -67.80 85.13 -21.22
C LYS F 1358 -67.97 86.54 -20.64
N MET F 1359 -67.93 86.63 -19.31
CA MET F 1359 -68.00 87.93 -18.66
C MET F 1359 -66.76 88.74 -18.99
N ILE F 1360 -66.96 90.02 -19.28
CA ILE F 1360 -65.85 90.91 -19.61
C ILE F 1360 -65.17 91.36 -18.32
N PRO F 1361 -63.86 91.21 -18.17
CA PRO F 1361 -63.23 91.47 -16.88
C PRO F 1361 -63.55 92.86 -16.36
N GLY F 1362 -63.86 92.93 -15.06
CA GLY F 1362 -64.25 94.17 -14.42
C GLY F 1362 -65.72 94.52 -14.55
N ALA F 1363 -66.53 93.65 -15.15
CA ALA F 1363 -67.95 93.90 -15.32
C ALA F 1363 -68.75 93.14 -14.26
N LYS F 1364 -69.81 93.77 -13.76
CA LYS F 1364 -70.68 93.14 -12.80
C LYS F 1364 -71.70 92.24 -13.50
N PRO F 1365 -72.25 91.26 -12.80
CA PRO F 1365 -73.26 90.39 -13.41
C PRO F 1365 -74.55 91.15 -13.67
N LEU F 1366 -75.39 90.54 -14.50
CA LEU F 1366 -76.68 91.15 -14.83
C LEU F 1366 -77.53 91.25 -13.57
N GLN F 1367 -78.39 92.25 -13.50
CA GLN F 1367 -79.22 92.43 -12.32
C GLN F 1367 -80.53 93.10 -12.67
N VAL F 1368 -81.59 92.80 -11.94
CA VAL F 1368 -82.91 93.31 -12.29
C VAL F 1368 -82.95 94.82 -12.27
N GLY F 1369 -83.47 95.42 -13.33
CA GLY F 1369 -83.54 96.86 -13.43
C GLY F 1369 -82.57 97.40 -14.44
N ASP F 1370 -81.68 96.55 -14.94
CA ASP F 1370 -80.70 96.97 -15.92
C ASP F 1370 -81.22 97.00 -17.34
N VAL F 1371 -80.90 98.04 -18.10
CA VAL F 1371 -81.24 98.11 -19.52
C VAL F 1371 -80.03 97.64 -20.29
N VAL F 1372 -80.23 96.65 -21.16
CA VAL F 1372 -79.14 95.98 -21.87
C VAL F 1372 -79.36 96.11 -23.36
N SER F 1373 -78.28 96.42 -24.07
CA SER F 1373 -78.27 96.45 -25.53
C SER F 1373 -77.42 95.30 -26.04
N THR F 1374 -77.86 94.69 -27.14
CA THR F 1374 -77.19 93.54 -27.71
C THR F 1374 -76.72 93.84 -29.12
N THR F 1375 -75.59 93.23 -29.49
CA THR F 1375 -74.99 93.40 -30.80
C THR F 1375 -74.40 92.06 -31.22
N ALA F 1376 -74.57 91.71 -32.49
CA ALA F 1376 -74.13 90.42 -33.00
C ALA F 1376 -73.37 90.59 -34.31
N VAL F 1377 -72.33 89.78 -34.48
CA VAL F 1377 -71.56 89.73 -35.72
C VAL F 1377 -71.25 88.28 -36.04
N ILE F 1378 -71.18 87.96 -37.34
CA ILE F 1378 -70.81 86.62 -37.77
C ILE F 1378 -69.29 86.53 -37.80
N GLU F 1379 -68.72 85.73 -36.90
CA GLU F 1379 -67.28 85.56 -36.86
C GLU F 1379 -66.79 84.84 -38.12
N SER F 1380 -67.44 83.73 -38.48
CA SER F 1380 -67.05 82.98 -39.66
C SER F 1380 -68.25 82.21 -40.18
N VAL F 1381 -68.23 81.92 -41.48
CA VAL F 1381 -69.20 81.05 -42.12
C VAL F 1381 -68.45 80.26 -43.17
N VAL F 1382 -68.29 78.95 -42.96
CA VAL F 1382 -67.41 78.12 -43.77
C VAL F 1382 -68.21 76.93 -44.29
N ASN F 1383 -68.01 76.61 -45.56
CA ASN F 1383 -68.65 75.45 -46.18
C ASN F 1383 -67.78 74.22 -45.92
N GLN F 1384 -68.16 73.43 -44.93
CA GLN F 1384 -67.54 72.15 -44.66
C GLN F 1384 -68.18 71.07 -45.53
N PRO F 1385 -67.48 69.95 -45.76
CA PRO F 1385 -68.03 68.96 -46.69
C PRO F 1385 -69.41 68.47 -46.31
N THR F 1386 -69.70 68.35 -45.01
CA THR F 1386 -70.97 67.82 -44.54
C THR F 1386 -71.97 68.90 -44.15
N GLY F 1387 -71.67 70.17 -44.40
CA GLY F 1387 -72.60 71.23 -44.08
C GLY F 1387 -71.89 72.57 -43.99
N LYS F 1388 -72.65 73.56 -43.55
CA LYS F 1388 -72.18 74.94 -43.44
C LYS F 1388 -72.24 75.35 -41.96
N ILE F 1389 -71.10 75.71 -41.40
CA ILE F 1389 -71.00 76.17 -40.03
C ILE F 1389 -71.05 77.69 -40.02
N VAL F 1390 -71.83 78.25 -39.10
CA VAL F 1390 -71.95 79.69 -38.93
C VAL F 1390 -71.61 80.01 -37.47
N ASP F 1391 -70.62 80.88 -37.27
CA ASP F 1391 -70.14 81.25 -35.95
C ASP F 1391 -70.55 82.69 -35.69
N VAL F 1392 -71.31 82.89 -34.61
CA VAL F 1392 -71.88 84.20 -34.28
C VAL F 1392 -71.36 84.62 -32.92
N VAL F 1393 -71.07 85.91 -32.77
CA VAL F 1393 -70.61 86.48 -31.51
C VAL F 1393 -71.56 87.61 -31.15
N GLY F 1394 -72.19 87.49 -29.99
CA GLY F 1394 -73.09 88.51 -29.48
C GLY F 1394 -72.45 89.24 -28.31
N THR F 1395 -72.66 90.55 -28.24
CA THR F 1395 -72.09 91.39 -27.20
C THR F 1395 -73.21 92.13 -26.48
N LEU F 1396 -73.24 92.01 -25.16
CA LEU F 1396 -74.24 92.65 -24.32
C LEU F 1396 -73.61 93.85 -23.63
N SER F 1397 -74.24 95.01 -23.77
CA SER F 1397 -73.72 96.25 -23.23
C SER F 1397 -74.71 96.87 -22.26
N ARG F 1398 -74.19 97.46 -21.19
CA ARG F 1398 -74.99 98.11 -20.16
C ARG F 1398 -74.39 99.46 -19.87
N ASN F 1399 -75.22 100.51 -19.97
CA ASN F 1399 -74.77 101.88 -19.68
C ASN F 1399 -73.63 102.30 -20.59
N GLY F 1400 -73.59 101.77 -21.81
CA GLY F 1400 -72.55 102.06 -22.76
C GLY F 1400 -71.36 101.12 -22.71
N LYS F 1401 -71.00 100.66 -21.52
CA LYS F 1401 -69.89 99.72 -21.40
C LYS F 1401 -70.35 98.30 -21.71
N PRO F 1402 -69.47 97.46 -22.28
CA PRO F 1402 -69.87 96.08 -22.56
C PRO F 1402 -69.75 95.21 -21.31
N VAL F 1403 -70.69 94.29 -21.16
CA VAL F 1403 -70.81 93.45 -19.97
C VAL F 1403 -70.29 92.05 -20.23
N MET F 1404 -70.80 91.39 -21.26
CA MET F 1404 -70.45 90.00 -21.53
C MET F 1404 -70.63 89.71 -23.01
N GLU F 1405 -69.99 88.63 -23.46
CA GLU F 1405 -70.02 88.21 -24.85
C GLU F 1405 -70.58 86.79 -24.94
N VAL F 1406 -71.46 86.58 -25.92
CA VAL F 1406 -72.09 85.29 -26.16
C VAL F 1406 -71.60 84.76 -27.50
N THR F 1407 -71.17 83.50 -27.50
CA THR F 1407 -70.72 82.82 -28.71
C THR F 1407 -71.64 81.64 -28.99
N SER F 1408 -72.05 81.47 -30.24
CA SER F 1408 -72.90 80.36 -30.64
C SER F 1408 -72.45 79.85 -32.00
N SER F 1409 -72.40 78.53 -32.15
CA SER F 1409 -72.01 77.89 -33.39
C SER F 1409 -73.21 77.15 -33.95
N PHE F 1410 -73.59 77.48 -35.18
CA PHE F 1410 -74.75 76.90 -35.84
C PHE F 1410 -74.32 76.14 -37.09
N PHE F 1411 -75.06 75.08 -37.40
CA PHE F 1411 -74.70 74.15 -38.46
C PHE F 1411 -75.89 73.95 -39.39
N TYR F 1412 -75.72 74.31 -40.66
CA TYR F 1412 -76.68 73.98 -41.70
C TYR F 1412 -76.23 72.69 -42.36
N ARG F 1413 -76.90 71.59 -42.05
CA ARG F 1413 -76.54 70.30 -42.62
C ARG F 1413 -76.96 70.25 -44.10
N GLY F 1414 -76.04 69.81 -44.95
CA GLY F 1414 -76.32 69.74 -46.36
C GLY F 1414 -75.04 69.90 -47.17
N ASN F 1415 -75.22 70.00 -48.48
CA ASN F 1415 -74.13 70.17 -49.42
C ASN F 1415 -74.15 71.61 -49.95
N TYR F 1416 -73.07 72.34 -49.70
CA TYR F 1416 -72.95 73.73 -50.14
C TYR F 1416 -71.63 73.92 -50.86
N THR F 1417 -71.67 74.72 -51.93
CA THR F 1417 -70.48 74.99 -52.73
C THR F 1417 -70.40 76.46 -53.13
N ASP F 1418 -71.07 77.35 -52.40
CA ASP F 1418 -71.05 78.78 -52.68
C ASP F 1418 -69.93 79.45 -51.86
N PHE F 1419 -68.70 79.04 -52.14
CA PHE F 1419 -67.56 79.53 -51.38
C PHE F 1419 -67.36 81.03 -51.51
N GLU F 1420 -67.93 81.65 -52.56
CA GLU F 1420 -67.84 83.10 -52.68
C GLU F 1420 -68.52 83.82 -51.54
N ASN F 1421 -69.40 83.14 -50.81
CA ASN F 1421 -70.14 83.75 -49.71
C ASN F 1421 -69.49 83.49 -48.35
N THR F 1422 -68.39 82.74 -48.31
CA THR F 1422 -67.80 82.30 -47.06
C THR F 1422 -66.61 83.17 -46.67
N PHE F 1423 -66.42 83.31 -45.36
CA PHE F 1423 -65.26 83.99 -44.80
C PHE F 1423 -64.99 83.39 -43.43
N GLN F 1424 -63.75 83.53 -42.96
CA GLN F 1424 -63.38 83.01 -41.66
C GLN F 1424 -62.48 84.01 -40.95
N LYS F 1425 -62.48 83.93 -39.62
CA LYS F 1425 -61.70 84.81 -38.76
C LYS F 1425 -61.31 84.04 -37.52
N THR F 1426 -60.01 83.87 -37.33
CA THR F 1426 -59.50 83.15 -36.18
C THR F 1426 -58.46 83.96 -35.42
N VAL F 1427 -58.53 83.97 -34.11
CA VAL F 1427 -57.54 84.65 -33.30
C VAL F 1427 -56.54 83.58 -32.99
N GLU F 1428 -55.28 83.79 -33.36
CA GLU F 1428 -54.30 82.75 -33.22
C GLU F 1428 -53.74 82.66 -31.83
N PRO F 1429 -53.11 81.53 -31.51
CA PRO F 1429 -52.44 81.47 -30.21
C PRO F 1429 -51.28 82.46 -30.11
N VAL F 1430 -51.02 83.03 -28.95
CA VAL F 1430 -49.85 83.89 -28.78
C VAL F 1430 -48.58 83.07 -28.96
N TYR F 1431 -47.68 83.55 -29.80
CA TYR F 1431 -46.41 82.88 -30.08
C TYR F 1431 -45.27 83.69 -29.48
N GLN F 1432 -44.39 83.01 -28.77
CA GLN F 1432 -43.27 83.64 -28.07
C GLN F 1432 -41.96 83.17 -28.68
N MET F 1433 -41.11 84.14 -29.05
CA MET F 1433 -39.83 83.83 -29.69
C MET F 1433 -38.72 84.53 -28.93
N HIS F 1434 -37.64 83.78 -28.68
CA HIS F 1434 -36.48 84.27 -27.94
C HIS F 1434 -35.35 84.48 -28.94
N ILE F 1435 -34.90 85.73 -29.07
CA ILE F 1435 -33.90 86.10 -30.07
C ILE F 1435 -32.53 85.96 -29.43
N LYS F 1436 -31.78 84.94 -29.86
CA LYS F 1436 -30.45 84.66 -29.33
C LYS F 1436 -29.34 85.21 -30.21
N THR F 1437 -29.37 84.90 -31.51
CA THR F 1437 -28.25 85.16 -32.41
C THR F 1437 -28.64 86.13 -33.50
N SER F 1438 -27.63 86.65 -34.19
CA SER F 1438 -27.86 87.51 -35.34
C SER F 1438 -28.46 86.76 -36.52
N LYS F 1439 -28.30 85.43 -36.55
CA LYS F 1439 -28.95 84.63 -37.57
C LYS F 1439 -30.46 84.72 -37.46
N ASP F 1440 -30.98 84.67 -36.23
CA ASP F 1440 -32.43 84.81 -36.04
C ASP F 1440 -32.91 86.18 -36.46
N ILE F 1441 -32.15 87.23 -36.14
CA ILE F 1441 -32.51 88.58 -36.57
C ILE F 1441 -32.52 88.66 -38.09
N ALA F 1442 -31.52 88.07 -38.75
CA ALA F 1442 -31.50 88.09 -40.20
C ALA F 1442 -32.71 87.38 -40.78
N VAL F 1443 -33.07 86.23 -40.20
CA VAL F 1443 -34.23 85.49 -40.67
C VAL F 1443 -35.50 86.32 -40.52
N LEU F 1444 -35.66 86.95 -39.35
CA LEU F 1444 -36.85 87.76 -39.11
C LEU F 1444 -36.93 88.93 -40.08
N ARG F 1445 -35.82 89.64 -40.28
CA ARG F 1445 -35.82 90.82 -41.14
C ARG F 1445 -36.07 90.48 -42.60
N SER F 1446 -35.82 89.23 -43.00
CA SER F 1446 -36.09 88.83 -44.38
C SER F 1446 -37.59 88.78 -44.67
N LYS F 1447 -38.43 88.63 -43.65
CA LYS F 1447 -39.87 88.51 -43.82
C LYS F 1447 -40.47 89.89 -44.06
N GLU F 1448 -41.19 90.04 -45.17
CA GLU F 1448 -41.81 91.32 -45.48
C GLU F 1448 -42.84 91.70 -44.43
N TRP F 1449 -43.48 90.71 -43.83
CA TRP F 1449 -44.53 90.95 -42.85
C TRP F 1449 -44.02 91.35 -41.46
N PHE F 1450 -42.74 91.13 -41.18
CA PHE F 1450 -42.16 91.50 -39.90
C PHE F 1450 -41.75 92.96 -39.98
N GLN F 1451 -42.65 93.85 -39.57
CA GLN F 1451 -42.46 95.29 -39.69
C GLN F 1451 -42.33 95.89 -38.29
N LEU F 1452 -41.14 96.41 -37.99
CA LEU F 1452 -40.87 97.05 -36.71
C LEU F 1452 -41.11 98.55 -36.84
N ASP F 1453 -41.70 99.14 -35.79
CA ASP F 1453 -41.94 100.57 -35.80
C ASP F 1453 -40.62 101.33 -35.85
N ASP F 1454 -39.62 100.88 -35.09
CA ASP F 1454 -38.27 101.43 -35.14
C ASP F 1454 -37.40 100.40 -35.85
N GLU F 1455 -37.02 100.69 -37.09
CA GLU F 1455 -36.26 99.74 -37.89
C GLU F 1455 -34.92 99.40 -37.25
N ASP F 1456 -34.38 100.28 -36.42
CA ASP F 1456 -33.09 100.07 -35.78
C ASP F 1456 -33.19 99.40 -34.42
N PHE F 1457 -34.38 98.93 -34.03
CA PHE F 1457 -34.53 98.30 -32.74
C PHE F 1457 -33.56 97.13 -32.59
N ASP F 1458 -32.91 97.06 -31.43
CA ASP F 1458 -31.93 96.02 -31.15
C ASP F 1458 -32.67 94.81 -30.58
N LEU F 1459 -32.86 93.79 -31.43
CA LEU F 1459 -33.62 92.61 -31.04
C LEU F 1459 -32.77 91.54 -30.36
N LEU F 1460 -31.46 91.70 -30.32
CA LEU F 1460 -30.61 90.64 -29.79
C LEU F 1460 -30.84 90.47 -28.30
N ASN F 1461 -31.05 89.23 -27.87
CA ASN F 1461 -31.30 88.89 -26.48
C ASN F 1461 -32.62 89.49 -25.98
N LYS F 1462 -33.62 89.49 -26.86
CA LYS F 1462 -34.94 89.98 -26.55
C LYS F 1462 -35.96 88.87 -26.77
N THR F 1463 -37.01 88.88 -25.96
CA THR F 1463 -38.14 87.97 -26.11
C THR F 1463 -39.29 88.70 -26.79
N LEU F 1464 -39.79 88.12 -27.87
CA LEU F 1464 -40.88 88.71 -28.65
C LEU F 1464 -42.12 87.85 -28.52
N THR F 1465 -43.28 88.50 -28.46
CA THR F 1465 -44.57 87.83 -28.52
C THR F 1465 -45.36 88.39 -29.69
N PHE F 1466 -46.00 87.50 -30.44
CA PHE F 1466 -46.81 87.87 -31.60
C PHE F 1466 -48.26 87.52 -31.31
N GLU F 1467 -49.12 88.53 -31.39
CA GLU F 1467 -50.52 88.36 -31.12
C GLU F 1467 -51.29 88.66 -32.37
N THR F 1468 -51.49 87.65 -33.19
CA THR F 1468 -52.12 87.88 -34.49
C THR F 1468 -53.54 87.35 -34.74
N GLU F 1469 -54.14 87.79 -35.84
CA GLU F 1469 -55.46 87.33 -36.24
C GLU F 1469 -55.44 87.09 -37.75
N THR F 1470 -56.05 85.97 -38.16
CA THR F 1470 -56.07 85.57 -39.56
C THR F 1470 -57.48 85.70 -40.11
N GLU F 1471 -57.63 86.42 -41.21
CA GLU F 1471 -58.90 86.57 -41.92
C GLU F 1471 -58.74 86.04 -43.33
N VAL F 1472 -59.41 84.95 -43.64
CA VAL F 1472 -59.29 84.28 -44.93
C VAL F 1472 -60.65 84.25 -45.61
N THR F 1473 -60.64 84.29 -46.94
CA THR F 1473 -61.80 83.97 -47.75
C THR F 1473 -61.45 82.79 -48.65
N PHE F 1474 -62.46 82.00 -49.01
CA PHE F 1474 -62.25 80.74 -49.69
C PHE F 1474 -62.59 80.85 -51.18
N LYS F 1475 -61.69 80.33 -52.01
CA LYS F 1475 -62.01 80.10 -53.42
C LYS F 1475 -62.67 78.74 -53.63
N ASN F 1476 -62.27 77.75 -52.86
CA ASN F 1476 -62.90 76.44 -52.88
C ASN F 1476 -62.57 75.75 -51.56
N ALA F 1477 -62.79 74.43 -51.51
CA ALA F 1477 -62.68 73.72 -50.24
C ALA F 1477 -61.27 73.81 -49.66
N ASN F 1478 -60.25 73.70 -50.50
CA ASN F 1478 -58.88 73.54 -50.02
C ASN F 1478 -58.02 74.79 -50.21
N ILE F 1479 -58.44 75.74 -51.04
CA ILE F 1479 -57.60 76.87 -51.43
C ILE F 1479 -58.27 78.16 -50.95
N PHE F 1480 -57.48 79.03 -50.35
CA PHE F 1480 -57.96 80.35 -49.93
C PHE F 1480 -57.91 81.32 -51.09
N SER F 1481 -58.98 82.11 -51.24
CA SER F 1481 -58.97 83.19 -52.22
C SER F 1481 -58.25 84.43 -51.69
N SER F 1482 -57.99 84.48 -50.39
CA SER F 1482 -57.31 85.61 -49.77
C SER F 1482 -56.93 85.21 -48.35
N VAL F 1483 -55.77 85.67 -47.91
CA VAL F 1483 -55.28 85.42 -46.56
C VAL F 1483 -54.72 86.73 -46.02
N LYS F 1484 -55.11 87.08 -44.80
CA LYS F 1484 -54.63 88.30 -44.17
C LYS F 1484 -54.33 88.01 -42.70
N CYS F 1485 -53.07 88.18 -42.32
CA CYS F 1485 -52.63 87.96 -40.94
C CYS F 1485 -52.02 89.25 -40.43
N PHE F 1486 -52.45 89.69 -39.25
CA PHE F 1486 -52.05 90.98 -38.71
C PHE F 1486 -52.12 90.94 -37.19
N GLY F 1487 -51.39 91.86 -36.56
CA GLY F 1487 -51.39 91.98 -35.13
C GLY F 1487 -50.12 92.64 -34.60
N PRO F 1488 -50.12 92.99 -33.32
CA PRO F 1488 -48.97 93.69 -32.74
C PRO F 1488 -47.84 92.76 -32.32
N ILE F 1489 -46.62 93.27 -32.46
CA ILE F 1489 -45.42 92.64 -31.93
C ILE F 1489 -44.96 93.44 -30.73
N LYS F 1490 -44.73 92.76 -29.61
CA LYS F 1490 -44.30 93.42 -28.39
C LYS F 1490 -43.10 92.70 -27.79
N VAL F 1491 -42.28 93.45 -27.06
CA VAL F 1491 -41.04 92.95 -26.49
C VAL F 1491 -41.18 92.96 -24.97
N GLU F 1492 -40.74 91.89 -24.34
CA GLU F 1492 -40.78 91.81 -22.89
C GLU F 1492 -39.77 92.73 -22.26
N LEU F 1493 -40.19 93.43 -21.23
CA LEU F 1493 -39.34 94.36 -20.51
C LEU F 1493 -38.75 93.69 -19.27
N PRO F 1494 -37.75 94.31 -18.64
CA PRO F 1494 -37.14 93.68 -17.46
C PRO F 1494 -38.12 93.46 -16.32
N THR F 1495 -39.24 94.18 -16.29
CA THR F 1495 -40.30 93.93 -15.32
C THR F 1495 -41.30 92.89 -15.81
N LYS F 1496 -40.95 92.13 -16.84
CA LYS F 1496 -41.82 91.07 -17.38
C LYS F 1496 -43.04 91.67 -18.05
N GLU F 1497 -43.00 92.95 -18.36
CA GLU F 1497 -44.09 93.63 -19.03
C GLU F 1497 -43.81 93.69 -20.53
N THR F 1498 -44.86 93.59 -21.32
CA THR F 1498 -44.76 93.62 -22.77
C THR F 1498 -45.23 94.97 -23.30
N VAL F 1499 -44.46 95.55 -24.19
CA VAL F 1499 -44.82 96.81 -24.81
C VAL F 1499 -44.70 96.58 -26.30
N GLU F 1500 -45.45 97.31 -27.10
CA GLU F 1500 -45.46 97.08 -28.52
C GLU F 1500 -44.27 97.72 -29.20
N ILE F 1501 -43.72 97.03 -30.18
CA ILE F 1501 -42.59 97.58 -30.92
C ILE F 1501 -42.76 97.47 -32.43
N GLY F 1502 -43.88 96.93 -32.89
CA GLY F 1502 -44.09 96.77 -34.32
C GLY F 1502 -45.39 96.05 -34.56
N ILE F 1503 -45.64 95.76 -35.84
CA ILE F 1503 -46.87 95.07 -36.25
C ILE F 1503 -46.51 93.91 -37.15
N VAL F 1504 -47.36 92.90 -37.15
CA VAL F 1504 -47.40 91.91 -38.21
C VAL F 1504 -48.46 92.34 -39.20
N ASP F 1505 -48.16 92.18 -40.49
CA ASP F 1505 -49.20 92.32 -41.50
C ASP F 1505 -48.77 91.52 -42.73
N TYR F 1506 -49.73 90.78 -43.29
CA TYR F 1506 -49.46 89.92 -44.39
C TYR F 1506 -50.71 89.83 -45.23
N GLU F 1507 -50.60 89.98 -46.53
CA GLU F 1507 -51.73 89.90 -47.44
C GLU F 1507 -51.32 89.12 -48.67
N ALA F 1508 -52.20 88.21 -49.10
CA ALA F 1508 -51.92 87.38 -50.27
C ALA F 1508 -53.23 87.06 -50.97
N GLY F 1509 -53.11 86.73 -52.25
CA GLY F 1509 -54.26 86.29 -53.02
C GLY F 1509 -54.49 84.81 -52.85
N ALA F 1510 -54.62 84.08 -53.96
CA ALA F 1510 -54.79 82.64 -53.87
C ALA F 1510 -53.63 82.02 -53.10
N SER F 1511 -53.96 81.16 -52.14
CA SER F 1511 -52.93 80.58 -51.28
C SER F 1511 -53.42 79.23 -50.77
N HIS F 1512 -52.47 78.43 -50.28
CA HIS F 1512 -52.76 77.14 -49.69
C HIS F 1512 -52.57 77.12 -48.19
N GLY F 1513 -52.15 78.23 -47.59
CA GLY F 1513 -51.93 78.25 -46.16
C GLY F 1513 -51.49 79.63 -45.71
N ASN F 1514 -51.24 79.74 -44.41
CA ASN F 1514 -50.76 80.98 -43.81
C ASN F 1514 -49.27 80.83 -43.49
N PRO F 1515 -48.38 81.55 -44.17
CA PRO F 1515 -46.95 81.40 -43.87
C PRO F 1515 -46.54 81.99 -42.53
N VAL F 1516 -47.21 83.05 -42.07
CA VAL F 1516 -46.80 83.70 -40.83
C VAL F 1516 -46.92 82.74 -39.66
N VAL F 1517 -48.08 82.10 -39.52
CA VAL F 1517 -48.30 81.20 -38.39
C VAL F 1517 -47.45 79.96 -38.53
N ASP F 1518 -47.23 79.48 -39.75
CA ASP F 1518 -46.35 78.34 -39.95
C ASP F 1518 -44.94 78.65 -39.45
N PHE F 1519 -44.42 79.81 -39.82
CA PHE F 1519 -43.10 80.23 -39.34
C PHE F 1519 -43.09 80.36 -37.83
N LEU F 1520 -44.11 81.00 -37.26
CA LEU F 1520 -44.13 81.22 -35.81
C LEU F 1520 -44.19 79.90 -35.05
N LYS F 1521 -44.99 78.95 -35.54
CA LYS F 1521 -45.04 77.64 -34.92
C LYS F 1521 -43.69 76.94 -35.01
N ARG F 1522 -43.04 77.02 -36.17
CA ARG F 1522 -41.78 76.30 -36.34
C ARG F 1522 -40.65 76.93 -35.52
N ASN F 1523 -40.69 78.24 -35.30
CA ASN F 1523 -39.58 78.96 -34.68
C ASN F 1523 -39.88 79.50 -33.29
N GLY F 1524 -41.14 79.61 -32.89
CA GLY F 1524 -41.51 80.14 -31.61
C GLY F 1524 -42.11 79.08 -30.69
N SER F 1525 -42.60 79.56 -29.55
CA SER F 1525 -43.28 78.72 -28.58
C SER F 1525 -44.70 79.25 -28.37
N THR F 1526 -45.64 78.36 -28.11
CA THR F 1526 -47.02 78.76 -27.91
C THR F 1526 -47.27 79.05 -26.44
N LEU F 1527 -47.89 80.19 -26.16
CA LEU F 1527 -48.24 80.59 -24.80
C LEU F 1527 -49.69 80.22 -24.56
N GLU F 1528 -49.93 79.31 -23.62
CA GLU F 1528 -51.27 78.84 -23.29
C GLU F 1528 -51.67 79.37 -21.92
N GLN F 1529 -52.82 80.05 -21.86
CA GLN F 1529 -53.28 80.60 -20.60
C GLN F 1529 -53.83 79.54 -19.65
N LYS F 1530 -54.28 78.41 -20.20
CA LYS F 1530 -54.78 77.33 -19.38
C LYS F 1530 -53.64 76.43 -18.92
N VAL F 1531 -53.58 76.16 -17.62
CA VAL F 1531 -52.56 75.30 -17.04
C VAL F 1531 -53.26 74.22 -16.24
N ASN F 1532 -52.98 72.95 -16.50
CA ASN F 1532 -53.67 71.85 -15.84
C ASN F 1532 -53.09 71.42 -14.54
N LEU F 1533 -53.94 71.15 -13.57
CA LEU F 1533 -53.49 70.71 -12.27
C LEU F 1533 -52.79 69.39 -12.43
N GLU F 1534 -52.00 69.01 -11.45
CA GLU F 1534 -51.30 67.75 -11.50
C GLU F 1534 -52.23 66.62 -11.90
N ASN F 1535 -53.43 66.61 -11.35
CA ASN F 1535 -54.42 65.58 -11.65
C ASN F 1535 -55.78 66.16 -11.42
N PRO F 1536 -56.79 65.71 -12.18
CA PRO F 1536 -58.07 66.39 -11.95
C PRO F 1536 -58.65 66.15 -10.57
N ILE F 1537 -59.39 67.11 -10.05
CA ILE F 1537 -60.02 67.01 -8.74
C ILE F 1537 -61.53 66.83 -8.93
N PRO F 1538 -62.06 65.64 -8.62
CA PRO F 1538 -63.50 65.39 -8.74
C PRO F 1538 -64.35 66.27 -7.82
N ILE F 1539 -65.41 66.90 -8.34
CA ILE F 1539 -66.26 67.75 -7.53
C ILE F 1539 -67.54 67.03 -7.12
N ALA F 1540 -68.25 66.46 -8.08
CA ALA F 1540 -69.50 65.75 -7.78
C ALA F 1540 -70.04 65.14 -9.05
N VAL F 1541 -70.93 64.16 -8.87
CA VAL F 1541 -71.75 63.61 -9.95
C VAL F 1541 -73.19 63.87 -9.57
N LEU F 1542 -73.90 64.60 -10.43
CA LEU F 1542 -75.24 65.08 -10.13
C LEU F 1542 -76.25 64.50 -11.12
N ASP F 1543 -77.50 64.46 -10.70
CA ASP F 1543 -78.60 63.94 -11.51
C ASP F 1543 -79.55 65.07 -11.85
N SER F 1544 -80.06 65.06 -13.07
CA SER F 1544 -80.97 66.09 -13.56
C SER F 1544 -81.99 65.45 -14.49
N TYR F 1545 -83.10 66.15 -14.70
CA TYR F 1545 -84.19 65.64 -15.51
C TYR F 1545 -84.70 66.72 -16.45
N THR F 1546 -84.98 66.32 -17.69
CA THR F 1546 -85.64 67.21 -18.64
C THR F 1546 -87.13 67.29 -18.32
N PRO F 1547 -87.76 68.45 -18.49
CA PRO F 1547 -89.20 68.55 -18.21
C PRO F 1547 -90.02 67.80 -19.24
N SER F 1548 -91.23 67.43 -18.83
CA SER F 1548 -92.12 66.69 -19.72
C SER F 1548 -92.58 67.52 -20.91
N THR F 1549 -92.53 68.84 -20.80
CA THR F 1549 -92.93 69.74 -21.88
C THR F 1549 -91.87 70.80 -22.07
N ASN F 1550 -91.63 71.17 -23.33
CA ASN F 1550 -90.70 72.23 -23.67
C ASN F 1550 -91.38 73.59 -23.79
N GLU F 1551 -92.70 73.64 -23.63
CA GLU F 1551 -93.42 74.89 -23.83
C GLU F 1551 -93.01 75.99 -22.85
N PRO F 1552 -92.83 75.74 -21.56
CA PRO F 1552 -92.46 76.85 -20.66
C PRO F 1552 -91.12 77.48 -20.99
N TYR F 1553 -90.08 76.66 -21.25
CA TYR F 1553 -88.80 77.24 -21.62
C TYR F 1553 -88.91 77.99 -22.94
N ALA F 1554 -89.64 77.46 -23.90
CA ALA F 1554 -89.83 78.14 -25.15
C ALA F 1554 -90.46 79.47 -24.96
N ARG F 1555 -91.42 79.54 -24.06
CA ARG F 1555 -92.14 80.78 -23.87
C ARG F 1555 -91.35 81.80 -23.06
N VAL F 1556 -90.43 81.34 -22.22
CA VAL F 1556 -89.61 82.29 -21.45
C VAL F 1556 -88.42 82.77 -22.27
N SER F 1557 -87.82 81.89 -23.06
CA SER F 1557 -86.63 82.24 -23.84
C SER F 1557 -86.97 82.89 -25.17
N GLY F 1558 -88.18 82.73 -25.68
CA GLY F 1558 -88.54 83.29 -26.96
C GLY F 1558 -88.23 82.37 -28.10
N ASP F 1559 -87.60 81.24 -27.82
CA ASP F 1559 -87.24 80.30 -28.86
C ASP F 1559 -88.45 79.45 -29.21
N LEU F 1560 -89.27 79.95 -30.12
CA LEU F 1560 -90.49 79.27 -30.50
C LEU F 1560 -90.30 78.34 -31.68
N ASN F 1561 -89.26 77.50 -31.67
CA ASN F 1561 -89.01 76.55 -32.73
C ASN F 1561 -89.98 75.38 -32.64
N PRO F 1562 -90.69 75.07 -33.74
CA PRO F 1562 -91.75 74.05 -33.65
C PRO F 1562 -91.25 72.66 -33.35
N ILE F 1563 -89.99 72.34 -33.64
CA ILE F 1563 -89.50 70.99 -33.39
C ILE F 1563 -89.52 70.66 -31.91
N HIS F 1564 -89.51 71.64 -31.03
CA HIS F 1564 -89.54 71.40 -29.60
C HIS F 1564 -90.94 71.30 -29.02
N VAL F 1565 -91.97 71.67 -29.77
CA VAL F 1565 -93.32 71.67 -29.23
C VAL F 1565 -94.35 71.00 -30.12
N SER F 1566 -94.03 70.80 -31.38
CA SER F 1566 -94.99 70.27 -32.34
C SER F 1566 -94.56 68.89 -32.81
N ARG F 1567 -95.47 67.92 -32.67
CA ARG F 1567 -95.16 66.56 -33.10
C ARG F 1567 -94.94 66.48 -34.60
N HIS F 1568 -95.80 67.14 -35.38
CA HIS F 1568 -95.73 67.00 -36.84
C HIS F 1568 -94.46 67.66 -37.38
N PHE F 1569 -94.08 68.83 -36.85
CA PHE F 1569 -92.85 69.46 -37.30
C PHE F 1569 -91.62 68.62 -36.96
N ALA F 1570 -91.57 68.07 -35.75
CA ALA F 1570 -90.45 67.21 -35.37
C ALA F 1570 -90.40 65.96 -36.24
N SER F 1571 -91.55 65.41 -36.61
CA SER F 1571 -91.57 64.22 -37.44
C SER F 1571 -91.12 64.56 -38.84
N TYR F 1572 -91.52 65.71 -39.34
CA TYR F 1572 -91.05 66.14 -40.65
C TYR F 1572 -89.54 66.38 -40.66
N ALA F 1573 -88.95 66.66 -39.51
CA ALA F 1573 -87.52 66.93 -39.41
C ALA F 1573 -86.70 65.67 -39.13
N ASN F 1574 -87.32 64.50 -39.13
CA ASN F 1574 -86.60 63.23 -38.92
C ASN F 1574 -85.95 63.19 -37.58
N LEU F 1575 -86.61 63.75 -36.57
CA LEU F 1575 -86.08 63.79 -35.23
C LEU F 1575 -86.64 62.64 -34.39
N PRO F 1576 -85.92 62.28 -33.33
CA PRO F 1576 -86.33 61.18 -32.47
C PRO F 1576 -87.60 61.48 -31.70
N GLY F 1577 -88.03 62.71 -31.69
CA GLY F 1577 -89.23 63.11 -31.00
C GLY F 1577 -89.25 64.63 -30.85
N THR F 1578 -90.05 65.08 -29.89
CA THR F 1578 -90.14 66.51 -29.57
C THR F 1578 -88.98 66.83 -28.63
N ILE F 1579 -87.82 67.04 -29.23
CA ILE F 1579 -86.60 67.25 -28.47
C ILE F 1579 -86.57 68.44 -27.55
N THR F 1580 -85.85 68.32 -26.45
CA THR F 1580 -85.73 69.42 -25.51
C THR F 1580 -84.77 70.46 -26.02
N HIS F 1581 -85.04 71.73 -25.79
CA HIS F 1581 -84.06 72.73 -26.16
C HIS F 1581 -82.71 72.44 -25.58
N GLY F 1582 -81.66 72.49 -26.39
CA GLY F 1582 -80.31 72.36 -25.89
C GLY F 1582 -79.93 73.47 -24.93
N MET F 1583 -80.50 74.66 -25.12
CA MET F 1583 -80.21 75.76 -24.23
C MET F 1583 -80.78 75.53 -22.83
N PHE F 1584 -81.93 74.85 -22.74
CA PHE F 1584 -82.41 74.47 -21.41
C PHE F 1584 -81.41 73.57 -20.71
N SER F 1585 -80.87 72.59 -21.43
CA SER F 1585 -79.89 71.69 -20.83
C SER F 1585 -78.65 72.46 -20.39
N SER F 1586 -78.19 73.40 -21.22
CA SER F 1586 -77.04 74.21 -20.84
C SER F 1586 -77.32 75.00 -19.57
N ALA F 1587 -78.50 75.62 -19.49
CA ALA F 1587 -78.84 76.41 -18.32
C ALA F 1587 -78.94 75.54 -17.08
N SER F 1588 -79.52 74.36 -17.22
CA SER F 1588 -79.69 73.48 -16.10
C SER F 1588 -78.35 72.98 -15.57
N VAL F 1589 -77.44 72.58 -16.45
CA VAL F 1589 -76.12 72.13 -16.03
C VAL F 1589 -75.32 73.29 -15.46
N ARG F 1590 -75.50 74.49 -15.99
CA ARG F 1590 -74.80 75.64 -15.44
C ARG F 1590 -75.31 75.96 -14.04
N ALA F 1591 -76.59 75.72 -13.77
CA ALA F 1591 -77.13 75.92 -12.44
C ALA F 1591 -76.53 74.89 -11.51
N LEU F 1592 -76.36 73.67 -11.97
CA LEU F 1592 -75.68 72.66 -11.16
C LEU F 1592 -74.26 73.10 -10.82
N ILE F 1593 -73.51 73.56 -11.83
CA ILE F 1593 -72.13 73.97 -11.62
C ILE F 1593 -72.06 75.15 -10.65
N GLU F 1594 -72.94 76.12 -10.81
CA GLU F 1594 -72.94 77.28 -9.94
C GLU F 1594 -73.16 76.91 -8.49
N ASN F 1595 -73.98 75.91 -8.25
CA ASN F 1595 -74.28 75.52 -6.91
C ASN F 1595 -73.14 74.75 -6.33
N TRP F 1596 -72.56 73.88 -7.13
CA TRP F 1596 -71.52 73.02 -6.57
C TRP F 1596 -70.11 73.55 -6.77
N ALA F 1597 -69.77 73.99 -7.98
CA ALA F 1597 -68.41 74.45 -8.22
C ALA F 1597 -68.15 75.83 -7.64
N ALA F 1598 -69.17 76.68 -7.60
CA ALA F 1598 -69.04 78.03 -7.07
C ALA F 1598 -69.66 78.17 -5.67
N ASP F 1599 -70.13 77.07 -5.09
CA ASP F 1599 -70.76 77.11 -3.77
C ASP F 1599 -71.94 78.08 -3.75
N SER F 1600 -72.69 78.11 -4.85
CA SER F 1600 -73.94 78.88 -4.95
C SER F 1600 -73.69 80.38 -4.82
N VAL F 1601 -72.53 80.83 -5.30
CA VAL F 1601 -72.22 82.25 -5.41
C VAL F 1601 -72.23 82.60 -6.89
N SER F 1602 -73.28 83.25 -7.34
CA SER F 1602 -73.44 83.52 -8.76
C SER F 1602 -72.23 84.20 -9.33
N SER F 1603 -71.96 85.41 -8.91
CA SER F 1603 -70.84 86.19 -9.39
C SER F 1603 -69.52 85.44 -9.66
N ARG F 1604 -69.22 84.37 -8.93
CA ARG F 1604 -67.96 83.68 -9.14
C ARG F 1604 -67.86 82.98 -10.49
N VAL F 1605 -68.97 82.83 -11.20
CA VAL F 1605 -68.94 82.20 -12.51
C VAL F 1605 -68.69 83.28 -13.55
N ARG F 1606 -67.51 83.25 -14.17
CA ARG F 1606 -67.13 84.26 -15.15
C ARG F 1606 -67.16 83.75 -16.58
N GLY F 1607 -67.00 82.47 -16.80
CA GLY F 1607 -67.09 81.90 -18.13
C GLY F 1607 -67.78 80.55 -18.13
N TYR F 1608 -68.53 80.26 -19.20
CA TYR F 1608 -69.22 78.98 -19.30
C TYR F 1608 -69.48 78.70 -20.77
N THR F 1609 -69.03 77.53 -21.23
CA THR F 1609 -69.24 77.08 -22.60
C THR F 1609 -69.76 75.66 -22.58
N CYS F 1610 -70.61 75.34 -23.56
CA CYS F 1610 -71.22 74.01 -23.66
C CYS F 1610 -71.19 73.53 -25.09
N GLN F 1611 -70.95 72.25 -25.29
CA GLN F 1611 -71.00 71.67 -26.61
C GLN F 1611 -72.19 70.76 -26.62
N PHE F 1612 -73.08 70.95 -27.56
CA PHE F 1612 -74.27 70.10 -27.67
C PHE F 1612 -73.93 68.87 -28.49
N VAL F 1613 -73.68 67.75 -27.86
CA VAL F 1613 -73.23 66.55 -28.56
C VAL F 1613 -74.32 65.69 -29.16
N ASP F 1614 -75.30 65.31 -28.37
CA ASP F 1614 -76.42 64.50 -28.84
C ASP F 1614 -77.73 65.13 -28.37
N MET F 1615 -78.82 64.79 -29.04
CA MET F 1615 -80.12 65.32 -28.67
C MET F 1615 -80.64 64.70 -27.42
N VAL F 1616 -81.56 65.38 -26.78
CA VAL F 1616 -82.14 64.87 -25.56
C VAL F 1616 -83.64 64.95 -25.68
N LEU F 1617 -84.34 63.99 -25.10
CA LEU F 1617 -85.79 63.91 -25.17
C LEU F 1617 -86.41 64.31 -23.84
N PRO F 1618 -87.68 64.73 -23.82
CA PRO F 1618 -88.32 65.09 -22.55
C PRO F 1618 -88.43 63.89 -21.62
N ASN F 1619 -88.43 64.17 -20.32
CA ASN F 1619 -88.62 63.15 -19.28
C ASN F 1619 -87.47 62.15 -19.28
N THR F 1620 -86.25 62.65 -19.42
CA THR F 1620 -85.06 61.82 -19.41
C THR F 1620 -84.17 62.21 -18.24
N ALA F 1621 -83.56 61.21 -17.62
CA ALA F 1621 -82.65 61.42 -16.50
C ALA F 1621 -81.24 61.64 -17.02
N LEU F 1622 -80.60 62.71 -16.59
CA LEU F 1622 -79.25 63.04 -17.01
C LEU F 1622 -78.28 62.86 -15.85
N LYS F 1623 -77.00 62.70 -16.19
CA LYS F 1623 -75.95 62.38 -15.22
C LYS F 1623 -74.75 63.26 -15.52
N THR F 1624 -74.52 64.28 -14.68
CA THR F 1624 -73.50 65.28 -14.91
C THR F 1624 -72.35 65.07 -13.94
N SER F 1625 -71.14 64.91 -14.48
CA SER F 1625 -69.95 64.79 -13.65
C SER F 1625 -69.13 66.08 -13.73
N ILE F 1626 -68.88 66.75 -12.61
CA ILE F 1626 -68.11 67.99 -12.58
C ILE F 1626 -66.74 67.79 -11.97
N GLN F 1627 -65.71 68.44 -12.52
CA GLN F 1627 -64.35 68.28 -12.02
C GLN F 1627 -63.46 69.50 -12.23
N HIS F 1628 -62.54 69.74 -11.30
CA HIS F 1628 -61.60 70.84 -11.42
C HIS F 1628 -60.37 70.31 -12.07
N VAL F 1629 -60.04 70.82 -13.24
CA VAL F 1629 -58.90 70.31 -13.98
C VAL F 1629 -57.70 71.21 -14.06
N GLY F 1630 -57.91 72.51 -14.07
CA GLY F 1630 -56.81 73.45 -14.22
C GLY F 1630 -57.12 74.84 -13.74
N MET F 1631 -56.28 75.81 -14.11
CA MET F 1631 -56.49 77.20 -13.76
C MET F 1631 -56.23 78.07 -14.98
N ILE F 1632 -56.84 79.25 -14.98
CA ILE F 1632 -56.58 80.26 -16.00
C ILE F 1632 -56.70 81.65 -15.39
N ASN F 1633 -55.59 82.37 -15.31
CA ASN F 1633 -55.57 83.73 -14.76
C ASN F 1633 -56.23 83.86 -13.40
N GLY F 1634 -55.96 82.93 -12.49
CA GLY F 1634 -56.52 83.00 -11.15
C GLY F 1634 -57.89 82.39 -11.01
N ARG F 1635 -58.41 81.80 -12.07
CA ARG F 1635 -59.72 81.16 -12.04
C ARG F 1635 -59.60 79.69 -12.25
N LYS F 1636 -60.51 78.93 -11.65
CA LYS F 1636 -60.50 77.50 -11.77
C LYS F 1636 -61.16 77.01 -13.05
N LEU F 1637 -60.59 75.99 -13.69
CA LEU F 1637 -61.15 75.37 -14.88
C LEU F 1637 -61.99 74.18 -14.45
N ILE F 1638 -63.28 74.23 -14.77
CA ILE F 1638 -64.20 73.15 -14.47
C ILE F 1638 -64.62 72.49 -15.78
N LYS F 1639 -64.32 71.21 -15.92
CA LYS F 1639 -64.89 70.39 -16.97
C LYS F 1639 -66.14 69.68 -16.45
N PHE F 1640 -67.10 69.46 -17.35
CA PHE F 1640 -68.24 68.63 -17.01
C PHE F 1640 -68.63 67.80 -18.22
N GLU F 1641 -69.42 66.77 -17.94
CA GLU F 1641 -69.87 65.85 -18.99
C GLU F 1641 -71.22 65.31 -18.55
N THR F 1642 -72.19 65.29 -19.46
CA THR F 1642 -73.53 64.82 -19.14
C THR F 1642 -73.86 63.60 -20.01
N ARG F 1643 -74.29 62.53 -19.36
CA ARG F 1643 -74.67 61.30 -20.05
C ARG F 1643 -76.14 60.99 -19.79
N ASN F 1644 -76.79 60.48 -20.82
CA ASN F 1644 -78.19 60.09 -20.70
C ASN F 1644 -78.25 58.71 -20.09
N GLU F 1645 -79.43 58.12 -20.04
CA GLU F 1645 -79.60 56.84 -19.37
C GLU F 1645 -78.89 55.69 -20.08
N ASP F 1646 -78.73 55.76 -21.39
CA ASP F 1646 -77.97 54.75 -22.11
C ASP F 1646 -76.47 54.95 -21.96
N ASP F 1647 -76.05 55.91 -21.13
CA ASP F 1647 -74.63 56.18 -20.91
C ASP F 1647 -74.00 56.87 -22.12
N VAL F 1648 -74.79 57.64 -22.86
CA VAL F 1648 -74.33 58.32 -24.06
C VAL F 1648 -74.13 59.79 -23.72
N VAL F 1649 -72.95 60.32 -24.05
CA VAL F 1649 -72.64 61.71 -23.76
C VAL F 1649 -73.50 62.62 -24.63
N VAL F 1650 -74.16 63.58 -24.00
CA VAL F 1650 -75.04 64.50 -24.70
C VAL F 1650 -74.66 65.96 -24.51
N LEU F 1651 -73.78 66.28 -23.56
CA LEU F 1651 -73.44 67.66 -23.28
C LEU F 1651 -72.10 67.70 -22.56
N THR F 1652 -71.18 68.53 -23.06
CA THR F 1652 -69.88 68.74 -22.45
C THR F 1652 -69.56 70.23 -22.51
N GLY F 1653 -68.67 70.67 -21.64
CA GLY F 1653 -68.33 72.08 -21.63
C GLY F 1653 -67.36 72.42 -20.52
N GLU F 1654 -67.10 73.72 -20.40
CA GLU F 1654 -66.14 74.26 -19.45
C GLU F 1654 -66.75 75.43 -18.70
N ALA F 1655 -66.29 75.64 -17.48
CA ALA F 1655 -66.67 76.79 -16.68
C ALA F 1655 -65.41 77.41 -16.06
N GLU F 1656 -65.46 78.72 -15.87
CA GLU F 1656 -64.35 79.49 -15.30
C GLU F 1656 -64.85 80.10 -14.00
N ILE F 1657 -64.45 79.55 -12.87
CA ILE F 1657 -64.94 80.04 -11.57
C ILE F 1657 -63.88 80.73 -10.77
N GLU F 1658 -64.19 81.92 -10.29
CA GLU F 1658 -63.27 82.65 -9.46
C GLU F 1658 -63.00 81.95 -8.17
N GLN F 1659 -61.80 82.14 -7.63
CA GLN F 1659 -61.46 81.55 -6.36
C GLN F 1659 -62.04 82.45 -5.32
N PRO F 1660 -62.08 82.00 -4.07
CA PRO F 1660 -62.54 82.87 -2.98
C PRO F 1660 -61.73 84.18 -2.85
N VAL F 1661 -62.27 85.24 -2.29
CA VAL F 1661 -61.55 86.49 -2.10
C VAL F 1661 -60.26 86.19 -1.34
N THR F 1662 -59.12 86.57 -1.94
CA THR F 1662 -57.81 86.16 -1.48
C THR F 1662 -56.99 87.37 -1.07
N THR F 1663 -56.10 87.15 -0.11
CA THR F 1663 -55.12 88.15 0.31
C THR F 1663 -53.75 87.49 0.37
N PHE F 1664 -52.73 88.27 0.02
CA PHE F 1664 -51.34 87.83 0.10
C PHE F 1664 -50.59 88.70 1.09
N VAL F 1665 -49.95 88.06 2.07
CA VAL F 1665 -49.14 88.74 3.08
C VAL F 1665 -47.73 88.18 3.00
N PHE F 1666 -46.74 89.06 2.96
CA PHE F 1666 -45.35 88.68 2.75
C PHE F 1666 -44.57 88.84 4.04
N THR F 1667 -43.94 87.78 4.51
CA THR F 1667 -43.21 87.83 5.77
C THR F 1667 -42.05 88.80 5.72
N GLY F 1668 -41.70 89.39 6.85
CA GLY F 1668 -40.60 90.30 6.92
C GLY F 1668 -39.34 89.59 7.34
N GLN F 1669 -38.46 90.27 8.05
CA GLN F 1669 -37.18 89.70 8.43
C GLN F 1669 -37.27 88.89 9.70
N GLY F 1670 -36.47 87.84 9.81
CA GLY F 1670 -36.42 87.07 11.03
C GLY F 1670 -36.73 85.61 10.85
N SER F 1671 -36.80 85.12 9.63
CA SER F 1671 -37.25 83.77 9.39
C SER F 1671 -36.33 83.03 8.43
N GLN F 1672 -35.22 83.66 8.03
CA GLN F 1672 -34.32 83.06 7.07
C GLN F 1672 -33.63 81.83 7.66
N GLU F 1673 -33.21 80.93 6.76
CA GLU F 1673 -32.48 79.74 7.15
C GLU F 1673 -31.69 79.24 5.96
N GLN F 1674 -30.60 78.54 6.23
CA GLN F 1674 -29.77 77.98 5.17
C GLN F 1674 -30.59 77.02 4.33
N GLY F 1675 -30.58 77.24 3.01
CA GLY F 1675 -31.40 76.46 2.09
C GLY F 1675 -32.74 77.08 1.80
N MET F 1676 -32.98 78.31 2.23
CA MET F 1676 -34.24 79.01 1.97
C MET F 1676 -34.60 78.95 0.49
N GLY F 1677 -35.72 78.35 0.14
CA GLY F 1677 -36.17 78.35 -1.23
C GLY F 1677 -35.39 77.56 -2.22
N MET F 1678 -34.58 76.61 -1.76
CA MET F 1678 -33.71 75.93 -2.72
C MET F 1678 -34.43 74.77 -3.42
N ASP F 1679 -35.39 74.13 -2.76
CA ASP F 1679 -36.13 73.07 -3.43
C ASP F 1679 -36.93 73.64 -4.61
N LEU F 1680 -37.60 74.76 -4.40
CA LEU F 1680 -38.32 75.39 -5.49
C LEU F 1680 -37.35 75.80 -6.57
N TYR F 1681 -36.17 76.25 -6.18
CA TYR F 1681 -35.15 76.58 -7.16
C TYR F 1681 -34.73 75.36 -7.97
N LYS F 1682 -34.77 74.18 -7.35
CA LYS F 1682 -34.46 72.96 -8.09
C LYS F 1682 -35.56 72.60 -9.07
N THR F 1683 -36.82 72.83 -8.68
CA THR F 1683 -37.95 72.38 -9.49
C THR F 1683 -38.51 73.44 -10.43
N SER F 1684 -38.84 74.63 -9.91
CA SER F 1684 -39.57 75.62 -10.69
C SER F 1684 -38.65 76.34 -11.65
N LYS F 1685 -39.16 76.62 -12.87
CA LYS F 1685 -38.42 77.42 -13.83
C LYS F 1685 -38.52 78.92 -13.54
N ALA F 1686 -39.68 79.38 -13.05
CA ALA F 1686 -39.82 80.79 -12.70
C ALA F 1686 -38.91 81.16 -11.54
N ALA F 1687 -38.85 80.28 -10.54
CA ALA F 1687 -37.98 80.48 -9.41
C ALA F 1687 -36.54 80.49 -9.88
N GLN F 1688 -36.19 79.57 -10.75
CA GLN F 1688 -34.83 79.53 -11.30
C GLN F 1688 -34.49 80.82 -12.01
N ASP F 1689 -35.41 81.34 -12.79
CA ASP F 1689 -35.17 82.57 -13.51
C ASP F 1689 -34.98 83.73 -12.58
N VAL F 1690 -35.73 83.77 -11.50
CA VAL F 1690 -35.63 84.86 -10.53
C VAL F 1690 -34.31 84.81 -9.80
N TRP F 1691 -33.93 83.67 -9.26
CA TRP F 1691 -32.68 83.58 -8.57
C TRP F 1691 -31.48 83.77 -9.49
N ASN F 1692 -31.52 83.26 -10.72
CA ASN F 1692 -30.37 83.37 -11.61
C ASN F 1692 -30.16 84.79 -12.08
N ARG F 1693 -31.22 85.54 -12.26
CA ARG F 1693 -31.08 86.93 -12.62
C ARG F 1693 -30.52 87.73 -11.45
N ALA F 1694 -30.96 87.43 -10.24
CA ALA F 1694 -30.42 88.11 -9.07
C ALA F 1694 -28.96 87.73 -8.84
N ASP F 1695 -28.62 86.47 -8.97
CA ASP F 1695 -27.28 86.02 -8.71
C ASP F 1695 -26.30 86.56 -9.74
N ASN F 1696 -26.71 86.66 -10.98
CA ASN F 1696 -25.84 87.15 -12.00
C ASN F 1696 -25.58 88.61 -11.79
N HIS F 1697 -26.60 89.34 -11.35
CA HIS F 1697 -26.42 90.74 -11.10
C HIS F 1697 -25.53 90.99 -9.90
N PHE F 1698 -25.70 90.23 -8.83
CA PHE F 1698 -24.83 90.40 -7.67
C PHE F 1698 -23.39 90.03 -8.00
N LYS F 1699 -23.18 88.96 -8.74
CA LYS F 1699 -21.84 88.59 -9.13
C LYS F 1699 -21.19 89.65 -9.99
N ASP F 1700 -21.90 90.23 -10.94
CA ASP F 1700 -21.31 91.22 -11.85
C ASP F 1700 -21.08 92.56 -11.17
N THR F 1701 -21.90 92.92 -10.18
CA THR F 1701 -21.85 94.25 -9.57
C THR F 1701 -21.02 94.29 -8.30
N TYR F 1702 -21.23 93.35 -7.37
CA TYR F 1702 -20.56 93.38 -6.09
C TYR F 1702 -19.62 92.19 -5.86
N GLY F 1703 -19.51 91.28 -6.83
CA GLY F 1703 -18.52 90.23 -6.74
C GLY F 1703 -18.86 89.08 -5.82
N PHE F 1704 -20.14 88.89 -5.48
CA PHE F 1704 -20.56 87.73 -4.70
C PHE F 1704 -21.86 87.20 -5.29
N SER F 1705 -22.14 85.94 -5.00
CA SER F 1705 -23.39 85.34 -5.42
C SER F 1705 -24.31 85.16 -4.23
N ILE F 1706 -25.53 85.64 -4.31
CA ILE F 1706 -26.50 85.53 -3.22
C ILE F 1706 -26.90 84.06 -3.03
N LEU F 1707 -26.94 83.31 -4.12
CA LEU F 1707 -27.27 81.93 -4.01
C LEU F 1707 -26.25 81.18 -3.18
N ASP F 1708 -24.97 81.51 -3.32
CA ASP F 1708 -23.94 80.86 -2.53
C ASP F 1708 -24.14 81.13 -1.05
N ILE F 1709 -24.49 82.36 -0.69
CA ILE F 1709 -24.74 82.68 0.71
C ILE F 1709 -25.96 81.92 1.22
N VAL F 1710 -27.02 81.85 0.42
CA VAL F 1710 -28.23 81.17 0.86
C VAL F 1710 -27.96 79.68 1.05
N ILE F 1711 -27.11 79.09 0.20
CA ILE F 1711 -26.90 77.65 0.26
C ILE F 1711 -25.88 77.24 1.32
N ASN F 1712 -24.77 77.99 1.46
CA ASN F 1712 -23.66 77.57 2.30
C ASN F 1712 -23.52 78.36 3.58
N ASN F 1713 -24.13 79.54 3.68
CA ASN F 1713 -24.07 80.37 4.88
C ASN F 1713 -22.64 80.51 5.38
N PRO F 1714 -21.74 81.09 4.58
CA PRO F 1714 -20.35 81.26 5.03
C PRO F 1714 -20.26 82.24 6.19
N VAL F 1715 -19.24 82.03 7.03
CA VAL F 1715 -19.03 82.94 8.15
C VAL F 1715 -18.33 84.22 7.68
N ASN F 1716 -17.41 84.11 6.73
CA ASN F 1716 -16.71 85.26 6.17
C ASN F 1716 -16.72 85.17 4.65
N LEU F 1717 -16.75 86.34 4.02
CA LEU F 1717 -16.71 86.42 2.57
C LEU F 1717 -15.82 87.54 2.12
N THR F 1718 -14.79 87.22 1.38
CA THR F 1718 -13.89 88.23 0.84
C THR F 1718 -14.09 88.51 -0.63
N ILE F 1719 -14.15 89.77 -0.98
CA ILE F 1719 -14.29 90.20 -2.37
C ILE F 1719 -12.92 90.70 -2.81
N HIS F 1720 -12.47 90.23 -3.97
CA HIS F 1720 -11.14 90.54 -4.48
C HIS F 1720 -11.28 91.49 -5.67
N PHE F 1721 -10.44 92.52 -5.69
CA PHE F 1721 -10.54 93.60 -6.66
C PHE F 1721 -9.45 93.54 -7.73
N GLY F 1722 -8.87 92.37 -7.96
CA GLY F 1722 -7.84 92.24 -8.97
C GLY F 1722 -8.42 92.26 -10.38
N GLY F 1723 -7.69 92.89 -11.29
CA GLY F 1723 -8.12 92.98 -12.67
C GLY F 1723 -9.13 94.09 -12.91
N GLU F 1724 -9.50 94.29 -14.15
CA GLU F 1724 -10.46 95.31 -14.51
C GLU F 1724 -11.82 95.08 -13.86
N LYS F 1725 -12.30 93.86 -13.87
CA LYS F 1725 -13.58 93.55 -13.29
C LYS F 1725 -13.55 93.85 -11.83
N GLY F 1726 -12.44 93.52 -11.18
CA GLY F 1726 -12.32 93.76 -9.78
C GLY F 1726 -12.32 95.21 -9.47
N LYS F 1727 -11.65 95.99 -10.31
CA LYS F 1727 -11.63 97.42 -10.13
C LYS F 1727 -13.01 98.00 -10.28
N ARG F 1728 -13.77 97.52 -11.24
CA ARG F 1728 -15.15 97.96 -11.40
C ARG F 1728 -16.00 97.61 -10.18
N ILE F 1729 -15.82 96.43 -9.63
CA ILE F 1729 -16.59 96.09 -8.45
C ILE F 1729 -16.18 97.00 -7.29
N ARG F 1730 -14.90 97.32 -7.17
CA ARG F 1730 -14.43 98.19 -6.10
C ARG F 1730 -15.04 99.55 -6.21
N GLU F 1731 -15.27 99.99 -7.43
CA GLU F 1731 -15.90 101.26 -7.65
C GLU F 1731 -17.32 101.20 -7.18
N ASN F 1732 -18.02 100.15 -7.59
CA ASN F 1732 -19.39 100.00 -7.10
C ASN F 1732 -19.45 99.98 -5.59
N TYR F 1733 -18.45 99.38 -4.95
CA TYR F 1733 -18.42 99.36 -3.48
C TYR F 1733 -18.16 100.75 -2.91
N SER F 1734 -17.25 101.50 -3.53
CA SER F 1734 -16.89 102.83 -3.04
C SER F 1734 -18.00 103.84 -3.22
N ALA F 1735 -18.84 103.68 -4.25
CA ALA F 1735 -19.88 104.68 -4.52
C ALA F 1735 -21.00 104.70 -3.50
N MET F 1736 -21.06 103.73 -2.58
CA MET F 1736 -22.17 103.65 -1.63
C MET F 1736 -21.97 104.66 -0.50
N ILE F 1737 -23.07 105.36 -0.14
CA ILE F 1737 -23.03 106.44 0.83
C ILE F 1737 -24.21 106.30 1.78
N PHE F 1738 -24.13 107.04 2.89
CA PHE F 1738 -25.19 107.08 3.90
C PHE F 1738 -25.52 108.53 4.21
N GLU F 1739 -25.78 109.32 3.16
CA GLU F 1739 -26.21 110.70 3.36
C GLU F 1739 -27.39 110.73 4.32
N THR F 1740 -27.28 111.58 5.35
CA THR F 1740 -28.31 111.65 6.38
C THR F 1740 -28.08 112.84 7.30
N THR F 1748 -22.52 113.23 4.32
CA THR F 1748 -22.63 112.10 3.41
C THR F 1748 -21.54 111.06 3.67
N GLU F 1749 -21.71 110.28 4.74
CA GLU F 1749 -20.74 109.25 5.05
C GLU F 1749 -20.72 108.20 3.94
N LYS F 1750 -19.53 107.68 3.67
CA LYS F 1750 -19.39 106.55 2.76
C LYS F 1750 -19.50 105.24 3.54
N ILE F 1751 -20.33 104.33 3.05
CA ILE F 1751 -20.31 102.97 3.54
C ILE F 1751 -19.09 102.25 2.98
N PHE F 1752 -18.55 101.33 3.75
CA PHE F 1752 -17.25 100.72 3.45
C PHE F 1752 -16.18 101.81 3.40
N LYS F 1753 -15.96 102.44 4.52
CA LYS F 1753 -15.01 103.53 4.61
C LYS F 1753 -13.57 103.08 4.45
N GLU F 1754 -13.33 101.79 4.58
CA GLU F 1754 -11.97 101.29 4.41
C GLU F 1754 -11.61 101.08 2.94
N ILE F 1755 -12.62 100.91 2.07
CA ILE F 1755 -12.35 100.66 0.66
C ILE F 1755 -11.89 101.95 -0.01
N ASN F 1756 -10.77 101.88 -0.72
CA ASN F 1756 -10.22 103.02 -1.43
C ASN F 1756 -9.48 102.50 -2.66
N GLU F 1757 -8.90 103.41 -3.42
CA GLU F 1757 -8.23 103.07 -4.67
C GLU F 1757 -6.99 102.21 -4.47
N HIS F 1758 -6.65 101.83 -3.24
CA HIS F 1758 -5.50 100.96 -2.98
C HIS F 1758 -5.91 99.65 -2.35
N SER F 1759 -7.20 99.47 -2.18
CA SER F 1759 -7.72 98.26 -1.59
C SER F 1759 -7.69 97.17 -2.61
N THR F 1760 -7.22 96.00 -2.21
CA THR F 1760 -7.20 94.88 -3.12
C THR F 1760 -8.27 93.88 -2.76
N SER F 1761 -8.84 94.02 -1.59
CA SER F 1761 -9.89 93.14 -1.18
C SER F 1761 -10.68 93.67 0.01
N TYR F 1762 -11.90 93.18 0.19
CA TYR F 1762 -12.71 93.56 1.36
C TYR F 1762 -13.33 92.32 1.92
N THR F 1763 -13.53 92.28 3.23
CA THR F 1763 -14.07 91.10 3.84
C THR F 1763 -15.31 91.31 4.68
N PHE F 1764 -16.43 90.76 4.24
CA PHE F 1764 -17.63 90.75 5.08
C PHE F 1764 -17.44 89.72 6.18
N ARG F 1765 -17.79 90.10 7.41
CA ARG F 1765 -17.53 89.27 8.57
C ARG F 1765 -18.79 89.09 9.40
N SER F 1766 -18.83 87.97 10.11
CA SER F 1766 -19.91 87.65 11.03
C SER F 1766 -19.41 86.60 12.00
N GLU F 1767 -20.31 86.09 12.83
CA GLU F 1767 -19.99 85.05 13.80
C GLU F 1767 -20.62 83.71 13.48
N LYS F 1768 -21.92 83.68 13.21
CA LYS F 1768 -22.62 82.44 12.87
C LYS F 1768 -22.83 82.25 11.39
N GLY F 1769 -23.00 83.33 10.63
CA GLY F 1769 -23.20 83.22 9.20
C GLY F 1769 -23.64 84.54 8.58
N LEU F 1770 -23.22 84.78 7.34
CA LEU F 1770 -23.54 86.04 6.68
C LEU F 1770 -25.01 86.12 6.28
N LEU F 1771 -25.70 84.99 6.16
CA LEU F 1771 -27.12 85.00 5.82
C LEU F 1771 -27.92 85.71 6.91
N SER F 1772 -27.40 85.72 8.14
CA SER F 1772 -28.04 86.40 9.26
C SER F 1772 -27.53 87.83 9.39
N ALA F 1773 -26.92 88.36 8.34
CA ALA F 1773 -26.45 89.74 8.29
C ALA F 1773 -27.43 90.54 7.43
N THR F 1774 -27.89 91.66 7.95
CA THR F 1774 -28.89 92.47 7.27
C THR F 1774 -28.75 92.62 5.80
N GLN F 1775 -27.59 93.00 5.32
CA GLN F 1775 -27.41 93.29 3.89
C GLN F 1775 -27.61 92.03 3.05
N PHE F 1776 -27.27 90.87 3.60
CA PHE F 1776 -27.47 89.62 2.87
C PHE F 1776 -28.79 88.97 3.26
N THR F 1777 -29.28 89.26 4.46
CA THR F 1777 -30.54 88.66 4.92
C THR F 1777 -31.71 89.18 4.11
N GLN F 1778 -31.79 90.51 3.92
CA GLN F 1778 -32.95 91.06 3.23
C GLN F 1778 -33.05 90.60 1.79
N PRO F 1779 -32.00 90.68 0.97
CA PRO F 1779 -32.14 90.21 -0.42
C PRO F 1779 -32.50 88.76 -0.54
N ALA F 1780 -32.00 87.90 0.35
CA ALA F 1780 -32.34 86.48 0.26
C ALA F 1780 -33.82 86.25 0.51
N LEU F 1781 -34.37 86.89 1.54
CA LEU F 1781 -35.80 86.77 1.81
C LEU F 1781 -36.63 87.32 0.66
N THR F 1782 -36.23 88.48 0.14
CA THR F 1782 -36.98 89.07 -0.97
C THR F 1782 -36.96 88.15 -2.18
N LEU F 1783 -35.80 87.57 -2.49
CA LEU F 1783 -35.70 86.66 -3.63
C LEU F 1783 -36.53 85.41 -3.41
N MET F 1784 -36.49 84.83 -2.21
CA MET F 1784 -37.27 83.62 -1.97
C MET F 1784 -38.75 83.88 -2.11
N GLU F 1785 -39.26 84.98 -1.54
CA GLU F 1785 -40.66 85.32 -1.65
C GLU F 1785 -41.07 85.63 -3.08
N LYS F 1786 -40.25 86.39 -3.81
CA LYS F 1786 -40.57 86.68 -5.20
C LYS F 1786 -40.56 85.41 -6.05
N ALA F 1787 -39.63 84.51 -5.80
CA ALA F 1787 -39.56 83.27 -6.54
C ALA F 1787 -40.77 82.40 -6.27
N ALA F 1788 -41.19 82.31 -5.02
CA ALA F 1788 -42.40 81.57 -4.70
C ALA F 1788 -43.61 82.17 -5.41
N PHE F 1789 -43.74 83.50 -5.39
CA PHE F 1789 -44.91 84.11 -6.00
C PHE F 1789 -44.87 83.97 -7.51
N GLU F 1790 -43.70 84.01 -8.13
CA GLU F 1790 -43.60 83.81 -9.57
C GLU F 1790 -43.92 82.37 -9.96
N ASP F 1791 -43.54 81.40 -9.12
CA ASP F 1791 -43.98 80.03 -9.36
C ASP F 1791 -45.50 79.94 -9.28
N LEU F 1792 -46.11 80.61 -8.30
CA LEU F 1792 -47.57 80.62 -8.24
C LEU F 1792 -48.17 81.25 -9.49
N LYS F 1793 -47.57 82.34 -9.98
CA LYS F 1793 -48.08 82.99 -11.19
C LYS F 1793 -47.98 82.08 -12.41
N SER F 1794 -46.86 81.36 -12.56
CA SER F 1794 -46.71 80.48 -13.71
C SER F 1794 -47.73 79.35 -13.70
N LYS F 1795 -48.37 79.10 -12.57
CA LYS F 1795 -49.38 78.06 -12.44
C LYS F 1795 -50.80 78.59 -12.58
N GLY F 1796 -50.97 79.84 -13.01
CA GLY F 1796 -52.30 80.39 -13.16
C GLY F 1796 -53.06 80.46 -11.86
N LEU F 1797 -52.39 80.86 -10.78
CA LEU F 1797 -52.90 80.64 -9.43
C LEU F 1797 -53.20 81.93 -8.69
N ILE F 1798 -52.94 83.09 -9.28
CA ILE F 1798 -53.05 84.38 -8.60
C ILE F 1798 -54.34 85.04 -9.06
N PRO F 1799 -55.25 85.33 -8.12
CA PRO F 1799 -56.49 86.02 -8.48
C PRO F 1799 -56.22 87.43 -8.89
N ALA F 1800 -56.87 87.93 -9.93
CA ALA F 1800 -56.60 89.27 -10.44
C ALA F 1800 -56.99 90.41 -9.51
N ASP F 1801 -57.92 90.17 -8.61
CA ASP F 1801 -58.37 91.18 -7.67
C ASP F 1801 -57.76 91.04 -6.29
N ALA F 1802 -56.83 90.10 -6.10
CA ALA F 1802 -56.26 89.83 -4.79
C ALA F 1802 -55.61 91.08 -4.20
N THR F 1803 -55.87 91.32 -2.92
CA THR F 1803 -55.22 92.38 -2.19
C THR F 1803 -53.98 91.83 -1.50
N PHE F 1804 -52.98 92.69 -1.30
CA PHE F 1804 -51.71 92.26 -0.75
C PHE F 1804 -51.15 93.29 0.22
N ALA F 1805 -50.31 92.81 1.14
CA ALA F 1805 -49.63 93.64 2.11
C ALA F 1805 -48.33 92.95 2.49
N GLY F 1806 -47.40 93.71 3.06
CA GLY F 1806 -46.13 93.15 3.47
C GLY F 1806 -45.66 93.69 4.80
N HIS F 1807 -45.17 92.82 5.66
CA HIS F 1807 -44.71 93.20 6.99
C HIS F 1807 -43.22 93.51 6.98
N SER F 1808 -42.91 94.81 7.03
CA SER F 1808 -41.50 95.35 7.00
C SER F 1808 -40.79 95.20 5.64
N LEU F 1809 -39.85 94.27 5.51
CA LEU F 1809 -39.20 94.06 4.24
C LEU F 1809 -40.18 93.42 3.28
N GLY F 1810 -41.32 92.97 3.79
CA GLY F 1810 -42.31 92.33 2.95
C GLY F 1810 -42.94 93.24 1.94
N GLU F 1811 -43.11 94.50 2.28
CA GLU F 1811 -43.66 95.45 1.33
C GLU F 1811 -42.95 95.47 -0.01
N TYR F 1812 -41.65 95.22 -0.03
CA TYR F 1812 -40.88 95.30 -1.26
C TYR F 1812 -41.09 94.08 -2.10
N ALA F 1813 -41.04 92.92 -1.48
CA ALA F 1813 -41.32 91.71 -2.20
C ALA F 1813 -42.73 91.74 -2.74
N ALA F 1814 -43.67 92.23 -1.94
CA ALA F 1814 -45.08 92.26 -2.36
C ALA F 1814 -45.30 93.23 -3.49
N LEU F 1815 -44.71 94.40 -3.41
CA LEU F 1815 -44.85 95.38 -4.46
C LEU F 1815 -44.19 94.90 -5.74
N ALA F 1816 -43.11 94.13 -5.65
CA ALA F 1816 -42.49 93.55 -6.82
C ALA F 1816 -43.27 92.34 -7.34
N SER F 1817 -43.85 91.55 -6.44
CA SER F 1817 -44.52 90.32 -6.86
C SER F 1817 -45.86 90.59 -7.52
N LEU F 1818 -46.65 91.51 -6.96
CA LEU F 1818 -48.01 91.73 -7.41
C LEU F 1818 -48.20 92.95 -8.28
N ALA F 1819 -47.23 93.88 -8.31
CA ALA F 1819 -47.34 95.07 -9.13
C ALA F 1819 -46.18 95.24 -10.12
N ASP F 1820 -45.12 94.44 -10.00
CA ASP F 1820 -43.98 94.50 -10.92
C ASP F 1820 -43.52 95.94 -11.10
N VAL F 1821 -43.35 96.63 -9.99
CA VAL F 1821 -42.96 98.04 -10.01
C VAL F 1821 -41.48 98.20 -10.35
N MET F 1822 -40.68 97.16 -10.14
CA MET F 1822 -39.25 97.21 -10.44
C MET F 1822 -38.78 95.80 -10.77
N SER F 1823 -37.78 95.73 -11.65
CA SER F 1823 -37.27 94.44 -12.10
C SER F 1823 -36.51 93.75 -10.97
N ILE F 1824 -36.10 92.50 -11.19
CA ILE F 1824 -35.37 91.76 -10.17
C ILE F 1824 -34.05 92.43 -9.86
N GLU F 1825 -33.33 92.90 -10.86
CA GLU F 1825 -32.04 93.50 -10.60
C GLU F 1825 -32.19 94.78 -9.80
N SER F 1826 -33.22 95.57 -10.08
CA SER F 1826 -33.48 96.77 -9.29
C SER F 1826 -33.90 96.40 -7.87
N LEU F 1827 -34.70 95.35 -7.73
CA LEU F 1827 -35.22 94.99 -6.42
C LEU F 1827 -34.09 94.62 -5.46
N VAL F 1828 -33.14 93.82 -5.92
CA VAL F 1828 -32.07 93.34 -5.04
C VAL F 1828 -31.12 94.47 -4.68
N GLU F 1829 -30.91 95.41 -5.61
CA GLU F 1829 -30.07 96.57 -5.28
C GLU F 1829 -30.68 97.38 -4.15
N VAL F 1830 -31.96 97.71 -4.25
CA VAL F 1830 -32.62 98.49 -3.20
C VAL F 1830 -32.57 97.72 -1.89
N VAL F 1831 -32.82 96.42 -1.94
CA VAL F 1831 -32.82 95.61 -0.72
C VAL F 1831 -31.41 95.51 -0.16
N PHE F 1832 -30.40 95.42 -1.04
CA PHE F 1832 -29.02 95.38 -0.58
C PHE F 1832 -28.62 96.71 0.06
N TYR F 1833 -28.98 97.82 -0.59
CA TYR F 1833 -28.65 99.13 -0.03
C TYR F 1833 -29.43 99.40 1.25
N ARG F 1834 -30.70 98.99 1.30
CA ARG F 1834 -31.48 99.18 2.52
C ARG F 1834 -30.80 98.54 3.72
N GLY F 1835 -30.37 97.28 3.56
CA GLY F 1835 -29.72 96.60 4.67
C GLY F 1835 -28.34 97.17 4.98
N MET F 1836 -27.66 97.69 3.95
CA MET F 1836 -26.33 98.25 4.18
C MET F 1836 -26.40 99.54 4.98
N THR F 1837 -27.38 100.41 4.67
CA THR F 1837 -27.55 101.63 5.45
C THR F 1837 -27.91 101.31 6.90
N MET F 1838 -28.79 100.34 7.12
CA MET F 1838 -29.12 99.94 8.49
C MET F 1838 -27.86 99.59 9.26
N GLN F 1839 -26.95 98.85 8.63
CA GLN F 1839 -25.74 98.39 9.33
C GLN F 1839 -24.92 99.57 9.85
N VAL F 1840 -24.87 100.66 9.09
CA VAL F 1840 -24.04 101.81 9.44
C VAL F 1840 -24.91 102.96 9.93
N ALA F 1841 -26.08 102.64 10.47
CA ALA F 1841 -27.00 103.65 10.97
C ALA F 1841 -26.96 103.80 12.49
N VAL F 1842 -26.26 102.94 13.20
CA VAL F 1842 -26.11 103.05 14.65
C VAL F 1842 -24.63 103.10 14.98
N PRO F 1843 -24.23 103.73 16.10
CA PRO F 1843 -22.82 103.74 16.46
C PRO F 1843 -22.39 102.40 17.04
N ARG F 1844 -21.34 101.83 16.47
CA ARG F 1844 -20.79 100.56 16.92
C ARG F 1844 -19.37 100.76 17.42
N ASP F 1845 -19.06 100.14 18.55
CA ASP F 1845 -17.69 100.12 19.05
C ASP F 1845 -16.84 99.23 18.15
N GLU F 1846 -15.56 99.09 18.52
CA GLU F 1846 -14.65 98.26 17.74
C GLU F 1846 -15.10 96.79 17.69
N LEU F 1847 -15.96 96.37 18.61
CA LEU F 1847 -16.43 94.99 18.66
C LEU F 1847 -17.74 94.79 17.91
N GLY F 1848 -18.23 95.82 17.23
CA GLY F 1848 -19.49 95.70 16.51
C GLY F 1848 -20.67 95.38 17.41
N ARG F 1849 -20.67 95.96 18.61
CA ARG F 1849 -21.75 95.77 19.54
C ARG F 1849 -22.26 97.12 19.86
N SER F 1850 -23.43 97.46 19.36
CA SER F 1850 -24.01 98.75 19.60
C SER F 1850 -24.83 98.71 20.87
N ASN F 1851 -25.40 99.83 21.24
CA ASN F 1851 -26.18 99.94 22.47
C ASN F 1851 -27.67 100.08 22.18
N TYR F 1852 -28.12 99.61 21.01
CA TYR F 1852 -29.52 99.63 20.64
C TYR F 1852 -30.01 98.20 20.42
N GLY F 1853 -31.30 98.00 20.62
CA GLY F 1853 -31.89 96.68 20.49
C GLY F 1853 -33.38 96.74 20.28
N MET F 1854 -34.02 95.58 20.40
CA MET F 1854 -35.45 95.46 20.25
C MET F 1854 -35.97 94.42 21.23
N ILE F 1855 -37.23 94.58 21.64
CA ILE F 1855 -37.84 93.71 22.64
C ILE F 1855 -39.27 93.40 22.21
N ALA F 1856 -39.64 92.13 22.32
CA ALA F 1856 -41.00 91.69 21.99
C ALA F 1856 -41.82 91.64 23.28
N ILE F 1857 -42.93 92.38 23.31
CA ILE F 1857 -43.74 92.53 24.51
C ILE F 1857 -45.11 91.90 24.30
N ASN F 1858 -45.66 91.35 25.38
CA ASN F 1858 -46.98 90.72 25.36
C ASN F 1858 -47.79 91.30 26.51
N PRO F 1859 -48.52 92.39 26.29
CA PRO F 1859 -49.21 93.05 27.40
C PRO F 1859 -50.13 92.13 28.18
N GLY F 1860 -50.82 91.21 27.50
CA GLY F 1860 -51.69 90.28 28.19
C GLY F 1860 -50.99 89.33 29.14
N ARG F 1861 -49.67 89.25 29.07
CA ARG F 1861 -48.90 88.36 29.95
C ARG F 1861 -48.42 89.07 31.20
N VAL F 1862 -48.17 90.37 31.15
CA VAL F 1862 -47.81 91.15 32.33
C VAL F 1862 -49.02 91.44 33.21
N ALA F 1863 -50.19 91.65 32.61
CA ALA F 1863 -51.42 91.90 33.37
C ALA F 1863 -52.64 91.73 32.48
N ALA F 1864 -53.59 90.91 32.92
CA ALA F 1864 -54.75 90.59 32.09
C ALA F 1864 -55.58 91.82 31.75
N SER F 1865 -55.45 92.90 32.53
CA SER F 1865 -56.19 94.14 32.28
C SER F 1865 -55.28 95.26 31.78
N PHE F 1866 -54.13 94.91 31.19
CA PHE F 1866 -53.16 95.89 30.73
C PHE F 1866 -53.33 96.07 29.24
N SER F 1867 -54.05 97.11 28.83
CA SER F 1867 -54.35 97.32 27.43
C SER F 1867 -53.16 97.96 26.71
N GLN F 1868 -53.21 97.95 25.38
CA GLN F 1868 -52.14 98.55 24.59
C GLN F 1868 -52.01 100.05 24.87
N GLU F 1869 -53.09 100.71 25.28
CA GLU F 1869 -52.97 102.08 25.75
C GLU F 1869 -52.27 102.12 27.10
N ALA F 1870 -52.34 101.04 27.87
CA ALA F 1870 -51.57 100.96 29.10
C ALA F 1870 -50.10 100.72 28.81
N LEU F 1871 -49.80 99.86 27.83
CA LEU F 1871 -48.42 99.70 27.40
C LEU F 1871 -47.89 100.96 26.76
N GLN F 1872 -48.69 101.60 25.90
CA GLN F 1872 -48.26 102.86 25.29
C GLN F 1872 -47.99 103.91 26.37
N TYR F 1873 -48.74 103.88 27.46
CA TYR F 1873 -48.48 104.79 28.57
C TYR F 1873 -47.10 104.53 29.16
N VAL F 1874 -46.81 103.28 29.52
CA VAL F 1874 -45.57 102.96 30.21
C VAL F 1874 -44.38 103.31 29.33
N VAL F 1875 -44.43 102.90 28.05
CA VAL F 1875 -43.30 103.15 27.16
C VAL F 1875 -43.07 104.64 26.99
N GLU F 1876 -44.15 105.40 26.77
CA GLU F 1876 -44.01 106.83 26.60
C GLU F 1876 -43.49 107.49 27.87
N ARG F 1877 -43.98 107.06 29.04
CA ARG F 1877 -43.49 107.60 30.30
C ARG F 1877 -42.08 107.13 30.60
N VAL F 1878 -41.77 105.86 30.33
CA VAL F 1878 -40.43 105.34 30.51
C VAL F 1878 -39.44 105.97 29.54
N GLY F 1879 -39.92 106.52 28.43
CA GLY F 1879 -39.06 107.23 27.49
C GLY F 1879 -39.16 108.74 27.67
N LYS F 1880 -39.89 109.18 28.69
CA LYS F 1880 -40.06 110.59 28.99
C LYS F 1880 -39.33 111.02 30.25
N ARG F 1881 -39.59 110.35 31.38
CA ARG F 1881 -38.91 110.67 32.63
C ARG F 1881 -37.45 110.28 32.63
N THR F 1882 -37.01 109.49 31.65
CA THR F 1882 -35.63 109.05 31.57
C THR F 1882 -34.88 109.66 30.38
N GLY F 1883 -35.60 110.14 29.37
CA GLY F 1883 -34.98 110.85 28.27
C GLY F 1883 -34.37 109.99 27.18
N TRP F 1884 -34.37 108.66 27.35
CA TRP F 1884 -33.78 107.78 26.35
C TRP F 1884 -34.80 107.47 25.25
N LEU F 1885 -34.28 107.01 24.12
CA LEU F 1885 -35.09 106.73 22.94
C LEU F 1885 -35.70 105.34 23.07
N VAL F 1886 -37.03 105.27 23.00
CA VAL F 1886 -37.76 104.01 23.03
C VAL F 1886 -39.16 104.25 22.51
N GLU F 1887 -39.68 103.29 21.77
CA GLU F 1887 -41.02 103.40 21.21
C GLU F 1887 -41.45 102.04 20.70
N ILE F 1888 -42.76 101.89 20.51
CA ILE F 1888 -43.32 100.68 19.91
C ILE F 1888 -43.14 100.77 18.40
N VAL F 1889 -42.47 99.78 17.82
CA VAL F 1889 -42.16 99.78 16.40
C VAL F 1889 -43.15 98.92 15.60
N ASN F 1890 -43.60 97.80 16.16
CA ASN F 1890 -44.55 96.92 15.51
C ASN F 1890 -45.77 96.72 16.41
N TYR F 1891 -46.96 96.82 15.81
CA TYR F 1891 -48.20 96.39 16.44
C TYR F 1891 -48.66 95.14 15.70
N ASN F 1892 -48.34 93.97 16.25
CA ASN F 1892 -48.53 92.72 15.51
C ASN F 1892 -49.89 92.09 15.81
N VAL F 1893 -50.14 91.71 17.06
CA VAL F 1893 -51.40 91.13 17.49
C VAL F 1893 -51.94 91.97 18.63
N GLU F 1894 -53.23 92.31 18.55
CA GLU F 1894 -53.84 93.18 19.54
C GLU F 1894 -53.72 92.56 20.92
N ASN F 1895 -52.99 93.24 21.80
CA ASN F 1895 -52.86 92.84 23.21
C ASN F 1895 -52.12 91.52 23.39
N GLN F 1896 -51.42 91.03 22.36
CA GLN F 1896 -50.68 89.79 22.51
C GLN F 1896 -49.25 89.85 21.98
N GLN F 1897 -48.99 90.73 21.00
CA GLN F 1897 -47.65 90.84 20.43
C GLN F 1897 -47.35 92.27 20.06
N TYR F 1898 -46.28 92.81 20.63
CA TYR F 1898 -45.78 94.14 20.33
C TYR F 1898 -44.26 94.09 20.30
N VAL F 1899 -43.66 95.06 19.60
CA VAL F 1899 -42.22 95.17 19.52
C VAL F 1899 -41.83 96.62 19.80
N ALA F 1900 -40.89 96.80 20.73
CA ALA F 1900 -40.35 98.11 21.04
C ALA F 1900 -38.87 98.15 20.65
N ALA F 1901 -38.44 99.31 20.17
CA ALA F 1901 -37.06 99.52 19.75
C ALA F 1901 -36.49 100.74 20.46
N GLY F 1902 -35.18 100.70 20.67
CA GLY F 1902 -34.50 101.77 21.36
C GLY F 1902 -33.15 101.29 21.87
N ASP F 1903 -32.50 102.16 22.64
CA ASP F 1903 -31.22 101.77 23.23
C ASP F 1903 -31.40 100.53 24.09
N LEU F 1904 -30.46 99.60 23.97
CA LEU F 1904 -30.55 98.35 24.70
C LEU F 1904 -30.69 98.60 26.20
N ARG F 1905 -30.15 99.70 26.68
CA ARG F 1905 -30.29 100.06 28.09
C ARG F 1905 -31.75 100.37 28.45
N ALA F 1906 -32.44 101.16 27.62
CA ALA F 1906 -33.80 101.57 27.96
C ALA F 1906 -34.81 100.45 27.83
N LEU F 1907 -34.43 99.33 27.20
CA LEU F 1907 -35.32 98.18 27.16
C LEU F 1907 -35.28 97.43 28.49
N ASP F 1908 -34.14 97.41 29.16
CA ASP F 1908 -34.04 96.73 30.45
C ASP F 1908 -34.93 97.39 31.49
N THR F 1909 -34.95 98.73 31.52
CA THR F 1909 -35.83 99.43 32.45
C THR F 1909 -37.30 99.14 32.15
N VAL F 1910 -37.67 99.14 30.87
CA VAL F 1910 -39.04 98.79 30.50
C VAL F 1910 -39.34 97.36 30.92
N THR F 1911 -38.43 96.43 30.58
CA THR F 1911 -38.62 95.04 30.98
C THR F 1911 -38.75 94.92 32.49
N ASN F 1912 -37.95 95.69 33.23
CA ASN F 1912 -38.05 95.67 34.69
C ASN F 1912 -39.33 96.33 35.16
N VAL F 1913 -39.67 97.49 34.58
CA VAL F 1913 -40.88 98.20 34.97
C VAL F 1913 -42.09 97.28 34.83
N LEU F 1914 -42.20 96.61 33.68
CA LEU F 1914 -43.28 95.64 33.49
C LEU F 1914 -43.15 94.49 34.48
N ASN F 1915 -41.92 94.07 34.78
CA ASN F 1915 -41.73 93.02 35.78
C ASN F 1915 -42.29 93.45 37.13
N PHE F 1916 -42.06 94.71 37.50
CA PHE F 1916 -42.67 95.23 38.72
C PHE F 1916 -44.19 95.25 38.60
N ILE F 1917 -44.71 95.63 37.43
CA ILE F 1917 -46.15 95.62 37.22
C ILE F 1917 -46.70 94.20 37.33
N LYS F 1918 -46.00 93.22 36.75
CA LYS F 1918 -46.48 91.84 36.80
C LYS F 1918 -46.30 91.26 38.20
N LEU F 1919 -45.11 91.45 38.79
CA LEU F 1919 -44.84 90.88 40.10
C LEU F 1919 -45.83 91.41 41.14
N GLN F 1920 -46.14 92.71 41.08
CA GLN F 1920 -47.16 93.30 41.90
C GLN F 1920 -48.49 93.30 41.15
N LYS F 1921 -49.53 93.84 41.77
CA LYS F 1921 -50.86 93.89 41.18
C LYS F 1921 -51.17 95.22 40.48
N ILE F 1922 -50.20 96.13 40.39
CA ILE F 1922 -50.46 97.43 39.77
C ILE F 1922 -50.95 97.19 38.35
N GLU F 1934 -53.14 113.02 37.73
CA GLU F 1934 -51.71 113.30 37.75
C GLU F 1934 -50.99 112.33 38.68
N GLU F 1935 -51.74 111.72 39.60
CA GLU F 1935 -51.13 110.78 40.54
C GLU F 1935 -50.56 109.57 39.82
N VAL F 1936 -51.29 109.05 38.82
CA VAL F 1936 -50.81 107.88 38.10
C VAL F 1936 -49.49 108.21 37.39
N GLU F 1937 -49.42 109.37 36.74
CA GLU F 1937 -48.18 109.77 36.09
C GLU F 1937 -47.05 109.90 37.10
N GLY F 1938 -47.33 110.51 38.25
CA GLY F 1938 -46.30 110.65 39.27
C GLY F 1938 -45.88 109.32 39.86
N HIS F 1939 -46.84 108.41 40.07
CA HIS F 1939 -46.50 107.10 40.62
C HIS F 1939 -45.58 106.34 39.67
N LEU F 1940 -45.88 106.35 38.38
CA LEU F 1940 -45.01 105.66 37.43
C LEU F 1940 -43.63 106.28 37.39
N PHE F 1941 -43.53 107.61 37.52
CA PHE F 1941 -42.23 108.25 37.59
C PHE F 1941 -41.39 107.66 38.72
N GLU F 1942 -42.03 107.22 39.80
CA GLU F 1942 -41.30 106.53 40.86
C GLU F 1942 -40.73 105.22 40.36
N ILE F 1943 -41.49 104.48 39.56
CA ILE F 1943 -41.02 103.18 39.07
C ILE F 1943 -39.91 103.37 38.05
N ILE F 1944 -40.09 104.32 37.12
CA ILE F 1944 -39.11 104.50 36.05
C ILE F 1944 -37.75 104.86 36.63
N ASP F 1945 -37.72 105.76 37.62
CA ASP F 1945 -36.46 106.15 38.24
C ASP F 1945 -35.80 104.98 38.93
N GLU F 1946 -36.57 104.14 39.62
CA GLU F 1946 -35.99 103.03 40.35
C GLU F 1946 -35.23 102.09 39.42
N ALA F 1947 -35.87 101.67 38.33
CA ALA F 1947 -35.22 100.77 37.39
C ALA F 1947 -34.22 101.50 36.50
N SER F 1948 -34.40 102.80 36.28
CA SER F 1948 -33.55 103.53 35.36
C SER F 1948 -32.07 103.37 35.72
N LYS F 1949 -31.73 103.64 36.99
CA LYS F 1949 -30.34 103.55 37.41
C LYS F 1949 -29.87 102.11 37.61
N LYS F 1950 -30.78 101.18 37.87
CA LYS F 1950 -30.39 99.81 38.16
C LYS F 1950 -29.82 99.10 36.94
N SER F 1951 -29.98 99.68 35.74
CA SER F 1951 -29.38 99.13 34.53
C SER F 1951 -28.39 100.08 33.86
N ALA F 1952 -28.47 101.38 34.16
CA ALA F 1952 -27.52 102.32 33.57
C ALA F 1952 -26.09 102.03 34.02
N VAL F 1953 -25.92 101.44 35.20
CA VAL F 1953 -24.57 101.19 35.72
C VAL F 1953 -23.79 100.27 34.80
N LYS F 1954 -24.47 99.31 34.16
CA LYS F 1954 -23.78 98.31 33.37
C LYS F 1954 -23.08 98.96 32.18
N PRO F 1955 -22.06 98.30 31.64
CA PRO F 1955 -21.35 98.87 30.48
C PRO F 1955 -22.31 99.21 29.35
N ARG F 1956 -21.85 100.03 28.41
CA ARG F 1956 -22.71 100.47 27.32
C ARG F 1956 -23.20 99.35 26.43
N PRO F 1957 -22.33 98.38 26.17
CA PRO F 1957 -22.89 97.29 25.37
C PRO F 1957 -23.60 96.34 26.32
N LEU F 1958 -24.59 96.83 27.07
CA LEU F 1958 -25.24 96.01 28.09
C LEU F 1958 -26.05 94.84 27.59
N LYS F 1959 -26.64 94.09 28.51
CA LYS F 1959 -27.40 92.90 28.13
C LYS F 1959 -28.86 93.00 28.52
N LEU F 1960 -29.76 92.81 27.57
CA LEU F 1960 -31.19 92.82 27.88
C LEU F 1960 -31.62 91.41 28.22
N GLU F 1961 -32.33 91.25 29.33
CA GLU F 1961 -32.76 89.92 29.74
C GLU F 1961 -34.20 89.67 29.37
N ARG F 1962 -35.11 89.74 30.33
CA ARG F 1962 -36.49 89.41 30.04
C ARG F 1962 -37.42 89.71 31.18
N GLY F 1963 -38.71 89.72 30.91
CA GLY F 1963 -39.69 89.87 31.95
C GLY F 1963 -40.44 88.57 31.88
N PHE F 1964 -41.64 88.51 32.43
CA PHE F 1964 -42.43 87.31 32.28
C PHE F 1964 -43.08 87.45 30.91
N ALA F 1965 -42.99 88.64 30.33
CA ALA F 1965 -43.67 88.90 29.08
C ALA F 1965 -42.85 89.73 28.10
N CYS F 1966 -41.54 89.81 28.29
CA CYS F 1966 -40.70 90.64 27.43
C CYS F 1966 -39.51 89.81 27.03
N ILE F 1967 -39.30 89.63 25.72
CA ILE F 1967 -38.24 88.74 25.26
C ILE F 1967 -37.48 89.40 24.14
N PRO F 1968 -36.21 89.73 24.39
CA PRO F 1968 -35.48 90.50 23.37
C PRO F 1968 -35.26 89.68 22.14
N LEU F 1969 -34.90 90.33 21.05
CA LEU F 1969 -34.68 89.64 19.81
C LEU F 1969 -33.19 89.34 19.67
N VAL F 1970 -32.83 88.38 18.81
CA VAL F 1970 -31.43 88.00 18.67
C VAL F 1970 -30.91 88.57 17.36
N GLY F 1971 -29.75 89.22 17.42
CA GLY F 1971 -29.09 89.72 16.24
C GLY F 1971 -29.57 91.06 15.74
N ILE F 1972 -30.51 91.71 16.43
CA ILE F 1972 -31.02 93.01 16.03
C ILE F 1972 -30.28 94.07 16.84
N SER F 1973 -29.74 95.07 16.13
CA SER F 1973 -29.01 96.16 16.79
C SER F 1973 -29.47 97.54 16.36
N VAL F 1974 -30.20 97.62 15.25
CA VAL F 1974 -30.65 98.91 14.74
C VAL F 1974 -32.11 99.10 15.15
N PRO F 1975 -32.51 100.30 15.60
CA PRO F 1975 -33.95 100.50 15.92
C PRO F 1975 -34.74 100.96 14.69
N PHE F 1976 -34.92 100.06 13.74
CA PHE F 1976 -35.67 100.41 12.54
C PHE F 1976 -37.15 100.47 12.86
N HIS F 1977 -37.90 101.24 12.07
CA HIS F 1977 -39.33 101.47 12.33
C HIS F 1977 -39.41 102.31 13.57
N SER F 1978 -38.50 103.27 13.71
CA SER F 1978 -38.48 104.17 14.85
C SER F 1978 -38.10 105.56 14.37
N THR F 1979 -38.35 106.56 15.22
CA THR F 1979 -38.01 107.93 14.87
C THR F 1979 -36.51 108.16 14.82
N TYR F 1980 -35.71 107.21 15.29
CA TYR F 1980 -34.26 107.37 15.23
C TYR F 1980 -33.77 107.54 13.80
N LEU F 1981 -34.29 106.75 12.88
CA LEU F 1981 -33.90 106.85 11.47
C LEU F 1981 -34.80 107.79 10.70
N MET F 1982 -34.98 109.01 11.21
CA MET F 1982 -35.73 110.03 10.49
C MET F 1982 -34.84 110.99 9.73
N ASN F 1983 -33.57 111.11 10.11
CA ASN F 1983 -32.67 112.01 9.40
C ASN F 1983 -32.25 111.43 8.05
N GLY F 1984 -31.95 110.13 8.01
CA GLY F 1984 -31.51 109.49 6.79
C GLY F 1984 -32.65 108.88 6.02
N VAL F 1985 -33.62 109.70 5.64
CA VAL F 1985 -34.83 109.24 4.97
C VAL F 1985 -34.91 109.87 3.58
N LYS F 1986 -34.94 111.21 3.53
CA LYS F 1986 -34.98 111.90 2.25
C LYS F 1986 -33.87 111.44 1.32
N PRO F 1987 -32.61 111.30 1.76
CA PRO F 1987 -31.61 110.70 0.87
C PRO F 1987 -31.98 109.31 0.40
N PHE F 1988 -32.60 108.52 1.26
CA PHE F 1988 -33.06 107.19 0.85
C PHE F 1988 -34.21 107.30 -0.14
N LYS F 1989 -35.04 108.34 0.00
CA LYS F 1989 -36.09 108.58 -0.97
C LYS F 1989 -35.52 108.87 -2.34
N SER F 1990 -34.45 109.67 -2.40
CA SER F 1990 -33.80 109.95 -3.66
C SER F 1990 -33.23 108.68 -4.28
N PHE F 1991 -32.66 107.80 -3.45
CA PHE F 1991 -32.09 106.56 -3.96
C PHE F 1991 -33.17 105.69 -4.61
N LEU F 1992 -34.34 105.60 -3.97
CA LEU F 1992 -35.43 104.82 -4.57
C LEU F 1992 -35.86 105.41 -5.90
N LYS F 1993 -35.97 106.74 -5.98
CA LYS F 1993 -36.41 107.37 -7.21
C LYS F 1993 -35.50 107.04 -8.39
N LYS F 1994 -34.26 106.65 -8.12
CA LYS F 1994 -33.36 106.26 -9.19
C LYS F 1994 -33.61 104.81 -9.62
N ASN F 1995 -34.22 104.00 -8.76
CA ASN F 1995 -34.36 102.57 -9.00
C ASN F 1995 -35.78 102.14 -9.33
N ILE F 1996 -36.79 102.79 -8.77
CA ILE F 1996 -38.19 102.55 -9.14
C ILE F 1996 -38.60 103.63 -10.14
N ILE F 1997 -38.73 103.23 -11.40
CA ILE F 1997 -38.85 104.19 -12.49
C ILE F 1997 -40.29 104.70 -12.59
N LYS F 1998 -40.41 105.89 -13.20
CA LYS F 1998 -41.70 106.57 -13.33
C LYS F 1998 -42.71 105.70 -14.09
N GLU F 1999 -42.29 105.12 -15.22
CA GLU F 1999 -43.22 104.43 -16.11
C GLU F 1999 -43.56 103.03 -15.64
N ASN F 2000 -42.80 102.48 -14.70
CA ASN F 2000 -43.01 101.09 -14.28
C ASN F 2000 -44.13 100.94 -13.26
N VAL F 2001 -44.74 102.03 -12.81
CA VAL F 2001 -45.82 101.95 -11.83
C VAL F 2001 -47.16 101.88 -12.55
N LYS F 2002 -47.96 100.88 -12.24
CA LYS F 2002 -49.30 100.78 -12.83
C LYS F 2002 -50.26 100.91 -11.69
N VAL F 2003 -51.14 101.90 -11.73
CA VAL F 2003 -52.04 102.15 -10.62
C VAL F 2003 -53.18 101.16 -10.54
N ALA F 2004 -53.59 100.56 -11.63
CA ALA F 2004 -54.59 99.54 -11.56
C ALA F 2004 -54.07 98.39 -10.72
N ARG F 2005 -52.77 98.13 -10.75
CA ARG F 2005 -52.18 97.05 -9.96
C ARG F 2005 -52.15 97.38 -8.48
N LEU F 2006 -52.20 98.66 -8.12
CA LEU F 2006 -52.06 99.11 -6.74
C LEU F 2006 -53.35 99.66 -6.15
N ALA F 2007 -54.13 100.40 -6.94
CA ALA F 2007 -55.30 101.09 -6.41
C ALA F 2007 -56.26 100.10 -5.75
N GLY F 2008 -56.46 100.28 -4.44
CA GLY F 2008 -57.43 99.49 -3.70
C GLY F 2008 -56.92 98.15 -3.20
N LYS F 2009 -55.74 97.71 -3.65
CA LYS F 2009 -55.21 96.40 -3.31
C LYS F 2009 -54.01 96.45 -2.39
N TYR F 2010 -53.21 97.49 -2.47
CA TYR F 2010 -51.99 97.58 -1.69
C TYR F 2010 -52.25 98.24 -0.36
N ILE F 2011 -51.78 97.66 0.73
CA ILE F 2011 -51.97 98.18 2.08
C ILE F 2011 -50.60 98.50 2.66
N PRO F 2012 -50.19 99.78 2.64
CA PRO F 2012 -48.89 100.19 3.19
C PRO F 2012 -48.77 100.09 4.72
N ASN F 2013 -47.61 99.71 5.26
CA ASN F 2013 -47.40 99.62 6.73
C ASN F 2013 -47.47 100.98 7.37
N LEU F 2014 -47.22 102.01 6.59
CA LEU F 2014 -47.24 103.36 7.11
C LEU F 2014 -48.65 103.76 7.31
N THR F 2015 -49.37 103.94 6.22
CA THR F 2015 -50.80 104.24 6.35
C THR F 2015 -51.54 102.93 6.09
N ALA F 2016 -52.00 102.29 7.16
CA ALA F 2016 -52.64 100.98 7.03
C ALA F 2016 -54.03 101.15 6.44
N LYS F 2017 -54.10 101.62 5.20
CA LYS F 2017 -55.34 101.77 4.46
C LYS F 2017 -55.08 101.40 3.01
N PRO F 2018 -56.08 100.87 2.31
CA PRO F 2018 -55.85 100.46 0.91
C PRO F 2018 -55.34 101.62 0.07
N PHE F 2019 -54.38 101.31 -0.80
CA PHE F 2019 -53.73 102.34 -1.60
C PHE F 2019 -54.74 103.01 -2.52
N GLN F 2020 -54.97 104.31 -2.28
CA GLN F 2020 -55.85 105.10 -3.11
C GLN F 2020 -55.16 106.42 -3.44
N VAL F 2021 -55.18 106.79 -4.72
CA VAL F 2021 -54.56 108.05 -5.16
C VAL F 2021 -55.67 109.10 -5.06
N THR F 2022 -55.82 109.67 -3.87
CA THR F 2022 -56.87 110.64 -3.60
C THR F 2022 -56.36 111.68 -2.62
N LYS F 2023 -57.01 112.84 -2.60
CA LYS F 2023 -56.58 113.91 -1.72
C LYS F 2023 -56.64 113.49 -0.25
N GLU F 2024 -57.60 112.63 0.11
CA GLU F 2024 -57.68 112.17 1.49
C GLU F 2024 -56.47 111.32 1.84
N TYR F 2025 -56.07 110.42 0.94
CA TYR F 2025 -54.87 109.63 1.19
C TYR F 2025 -53.63 110.51 1.28
N PHE F 2026 -53.49 111.47 0.36
CA PHE F 2026 -52.32 112.34 0.37
C PHE F 2026 -52.26 113.15 1.66
N GLN F 2027 -53.40 113.66 2.11
CA GLN F 2027 -53.44 114.33 3.42
C GLN F 2027 -53.06 113.36 4.53
N ASP F 2028 -53.46 112.09 4.40
CA ASP F 2028 -53.22 111.13 5.46
C ASP F 2028 -51.74 110.92 5.73
N VAL F 2029 -50.92 110.87 4.68
CA VAL F 2029 -49.50 110.57 4.88
C VAL F 2029 -48.82 111.68 5.66
N TYR F 2030 -49.25 112.93 5.44
CA TYR F 2030 -48.74 114.04 6.23
C TYR F 2030 -48.90 113.78 7.72
N ASP F 2031 -50.08 113.33 8.14
CA ASP F 2031 -50.39 113.24 9.56
C ASP F 2031 -49.36 112.42 10.32
N LEU F 2032 -48.99 111.26 9.77
CA LEU F 2032 -47.98 110.43 10.43
C LEU F 2032 -46.60 111.06 10.32
N THR F 2033 -46.10 111.25 9.10
CA THR F 2033 -44.80 111.83 8.86
C THR F 2033 -44.93 112.95 7.83
N GLY F 2034 -44.38 114.11 8.16
CA GLY F 2034 -44.41 115.24 7.24
C GLY F 2034 -43.55 114.97 6.01
N SER F 2035 -43.94 115.59 4.90
CA SER F 2035 -43.25 115.42 3.63
C SER F 2035 -43.45 116.67 2.80
N GLU F 2036 -42.35 117.30 2.39
CA GLU F 2036 -42.46 118.53 1.61
C GLU F 2036 -43.17 118.31 0.28
N PRO F 2037 -42.84 117.29 -0.52
CA PRO F 2037 -43.58 117.09 -1.78
C PRO F 2037 -45.08 116.95 -1.58
N ILE F 2038 -45.51 116.33 -0.49
CA ILE F 2038 -46.94 116.06 -0.30
C ILE F 2038 -47.73 117.37 -0.23
N LYS F 2039 -47.28 118.31 0.62
CA LYS F 2039 -48.04 119.54 0.78
C LYS F 2039 -48.18 120.27 -0.54
N GLU F 2040 -47.18 120.15 -1.41
CA GLU F 2040 -47.30 120.69 -2.75
C GLU F 2040 -48.45 120.04 -3.51
N ILE F 2041 -48.50 118.70 -3.48
CA ILE F 2041 -49.56 117.99 -4.19
C ILE F 2041 -50.92 118.35 -3.60
N ILE F 2042 -51.03 118.32 -2.28
CA ILE F 2042 -52.31 118.61 -1.63
C ILE F 2042 -52.75 120.03 -1.95
N ASP F 2043 -51.82 120.99 -1.80
CA ASP F 2043 -52.16 122.37 -2.09
C ASP F 2043 -52.52 122.56 -3.57
N ASN F 2044 -51.75 121.94 -4.46
CA ASN F 2044 -52.00 122.00 -5.89
C ASN F 2044 -52.82 120.82 -6.39
N TRP F 2045 -53.59 120.17 -5.49
CA TRP F 2045 -54.37 119.02 -5.92
C TRP F 2045 -55.37 119.38 -7.00
N GLU F 2046 -55.76 120.65 -7.08
CA GLU F 2046 -56.70 121.07 -8.11
C GLU F 2046 -56.02 121.19 -9.47
N LYS F 2047 -54.75 121.60 -9.48
CA LYS F 2047 -54.02 121.67 -10.75
C LYS F 2047 -53.90 120.29 -11.37
N TYR F 2048 -53.56 119.28 -10.56
CA TYR F 2048 -53.43 117.93 -11.07
C TYR F 2048 -54.76 117.38 -11.56
N GLU F 2049 -55.86 117.74 -10.88
CA GLU F 2049 -57.16 117.22 -11.26
C GLU F 2049 -57.52 117.63 -12.68
N GLN F 2050 -57.27 118.89 -13.04
CA GLN F 2050 -57.60 119.39 -14.37
C GLN F 2050 -56.41 119.22 -15.32
N MET G 1 60.49 -99.54 -52.49
CA MET G 1 59.13 -99.64 -53.06
C MET G 1 58.81 -98.44 -53.94
N LYS G 2 57.95 -98.65 -54.94
CA LYS G 2 57.48 -97.52 -55.73
C LYS G 2 56.61 -96.63 -54.85
N PRO G 3 56.59 -95.32 -55.11
CA PRO G 3 55.81 -94.42 -54.24
C PRO G 3 54.35 -94.80 -54.12
N GLU G 4 53.73 -95.27 -55.20
CA GLU G 4 52.32 -95.63 -55.15
C GLU G 4 52.08 -96.83 -54.24
N VAL G 5 52.95 -97.84 -54.32
CA VAL G 5 52.82 -99.00 -53.45
C VAL G 5 53.00 -98.59 -51.99
N GLU G 6 53.99 -97.72 -51.74
CA GLU G 6 54.21 -97.23 -50.39
C GLU G 6 52.98 -96.51 -49.88
N GLN G 7 52.31 -95.74 -50.74
CA GLN G 7 51.13 -95.01 -50.31
C GLN G 7 50.05 -96.01 -49.96
N GLU G 8 49.85 -97.00 -50.82
CA GLU G 8 48.83 -98.01 -50.57
C GLU G 8 49.04 -98.68 -49.22
N LEU G 9 50.26 -99.14 -48.95
CA LEU G 9 50.54 -99.81 -47.68
C LEU G 9 50.37 -98.85 -46.51
N ALA G 10 50.81 -97.60 -46.67
CA ALA G 10 50.65 -96.62 -45.60
C ALA G 10 49.18 -96.40 -45.28
N HIS G 11 48.33 -96.29 -46.32
CA HIS G 11 46.91 -96.11 -46.08
C HIS G 11 46.31 -97.33 -45.39
N ILE G 12 46.70 -98.53 -45.81
CA ILE G 12 46.17 -99.73 -45.18
C ILE G 12 46.51 -99.73 -43.70
N LEU G 13 47.79 -99.48 -43.38
CA LEU G 13 48.22 -99.51 -41.99
C LEU G 13 47.54 -98.41 -41.18
N LEU G 14 47.36 -97.23 -41.77
CA LEU G 14 46.74 -96.12 -41.07
C LEU G 14 45.28 -96.42 -40.74
N THR G 15 44.51 -96.85 -41.75
CA THR G 15 43.10 -97.13 -41.53
C THR G 15 42.93 -98.28 -40.54
N GLU G 16 43.84 -99.26 -40.58
CA GLU G 16 43.77 -100.35 -39.62
C GLU G 16 44.07 -99.87 -38.20
N LEU G 17 45.12 -99.07 -38.06
CA LEU G 17 45.48 -98.55 -36.75
C LEU G 17 44.31 -97.83 -36.12
N LEU G 18 43.60 -97.05 -36.91
CA LEU G 18 42.46 -96.29 -36.43
C LEU G 18 41.25 -97.13 -36.10
N ALA G 19 41.00 -98.17 -36.87
CA ALA G 19 39.87 -99.05 -36.62
C ALA G 19 40.06 -99.77 -35.32
N TYR G 20 41.28 -100.21 -35.04
CA TYR G 20 41.51 -101.00 -33.85
C TYR G 20 41.74 -100.16 -32.61
N GLN G 21 41.76 -98.85 -32.74
CA GLN G 21 42.11 -97.99 -31.61
C GLN G 21 41.16 -97.98 -30.46
N PHE G 22 39.86 -98.03 -30.75
CA PHE G 22 38.87 -97.91 -29.69
C PHE G 22 38.68 -99.24 -28.98
N ALA G 23 39.39 -100.27 -29.40
CA ALA G 23 39.32 -101.56 -28.76
C ALA G 23 40.57 -101.84 -27.95
N SER G 24 41.70 -101.28 -28.36
CA SER G 24 42.96 -101.46 -27.64
C SER G 24 43.20 -100.38 -26.61
N PRO G 25 44.04 -100.66 -25.60
CA PRO G 25 44.35 -99.64 -24.60
C PRO G 25 45.20 -98.52 -25.18
N VAL G 26 45.09 -97.34 -24.57
CA VAL G 26 45.84 -96.16 -24.98
C VAL G 26 47.21 -96.23 -24.32
N ARG G 27 48.24 -96.58 -25.09
CA ARG G 27 49.61 -96.64 -24.58
C ARG G 27 50.22 -95.24 -24.64
N TRP G 28 49.93 -94.46 -23.61
CA TRP G 28 50.47 -93.11 -23.52
C TRP G 28 51.80 -93.04 -22.78
N ILE G 29 52.08 -93.99 -21.89
CA ILE G 29 53.38 -94.03 -21.23
C ILE G 29 54.48 -94.16 -22.27
N GLU G 30 54.34 -95.12 -23.17
CA GLU G 30 55.35 -95.33 -24.20
C GLU G 30 55.42 -94.17 -25.18
N THR G 31 54.28 -93.56 -25.52
CA THR G 31 54.30 -92.41 -26.41
C THR G 31 55.07 -91.25 -25.78
N GLN G 32 54.77 -90.94 -24.52
CA GLN G 32 55.49 -89.89 -23.83
C GLN G 32 56.97 -90.20 -23.73
N ASP G 33 57.33 -91.45 -23.45
CA ASP G 33 58.74 -91.82 -23.44
C ASP G 33 59.37 -91.59 -24.81
N VAL G 34 58.67 -91.99 -25.87
CA VAL G 34 59.22 -91.89 -27.22
C VAL G 34 59.51 -90.45 -27.59
N PHE G 35 58.58 -89.53 -27.30
CA PHE G 35 58.81 -88.14 -27.70
C PHE G 35 59.46 -87.28 -26.63
N LEU G 36 59.77 -87.85 -25.45
CA LEU G 36 60.53 -87.11 -24.45
C LEU G 36 61.97 -87.57 -24.34
N LYS G 37 62.29 -88.78 -24.78
CA LYS G 37 63.65 -89.31 -24.64
C LYS G 37 64.30 -89.64 -25.96
N ASP G 38 63.59 -90.28 -26.88
CA ASP G 38 64.13 -90.64 -28.19
C ASP G 38 64.14 -89.46 -29.15
N PHE G 39 63.39 -88.39 -28.85
CA PHE G 39 63.41 -87.17 -29.65
C PHE G 39 64.04 -86.00 -28.93
N ASN G 40 64.21 -86.06 -27.62
CA ASN G 40 64.73 -84.93 -26.85
C ASN G 40 63.90 -83.69 -27.10
N THR G 41 62.59 -83.89 -27.24
CA THR G 41 61.69 -82.79 -27.58
C THR G 41 61.89 -81.62 -26.62
N GLU G 42 62.18 -80.46 -27.19
CA GLU G 42 62.35 -79.23 -26.41
C GLU G 42 61.07 -78.46 -26.22
N ARG G 43 60.12 -78.51 -27.17
CA ARG G 43 58.83 -77.87 -27.02
C ARG G 43 57.75 -78.94 -27.13
N VAL G 44 56.86 -78.98 -26.14
CA VAL G 44 55.67 -79.81 -26.19
C VAL G 44 54.48 -78.85 -26.23
N VAL G 45 53.73 -78.88 -27.33
CA VAL G 45 52.57 -78.02 -27.52
C VAL G 45 51.33 -78.90 -27.45
N GLU G 46 50.41 -78.55 -26.57
CA GLU G 46 49.18 -79.30 -26.37
C GLU G 46 48.04 -78.55 -27.04
N ILE G 47 47.33 -79.25 -27.93
CA ILE G 47 46.18 -78.69 -28.63
C ILE G 47 44.93 -79.27 -27.99
N GLY G 48 44.16 -78.42 -27.33
CA GLY G 48 42.96 -78.84 -26.65
C GLY G 48 42.43 -77.73 -25.76
N PRO G 49 41.23 -77.91 -25.21
CA PRO G 49 40.63 -76.84 -24.41
C PRO G 49 41.25 -76.70 -23.02
N SER G 50 41.82 -77.76 -22.45
CA SER G 50 42.35 -77.72 -21.10
C SER G 50 43.73 -78.35 -21.05
N PRO G 51 44.58 -77.92 -20.11
CA PRO G 51 45.96 -78.46 -20.02
C PRO G 51 46.02 -79.84 -19.36
N THR G 52 45.52 -80.85 -20.07
CA THR G 52 45.50 -82.20 -19.53
C THR G 52 46.75 -82.96 -19.89
N LEU G 53 47.04 -83.10 -21.18
CA LEU G 53 48.24 -83.80 -21.58
C LEU G 53 49.49 -83.03 -21.19
N ALA G 54 49.40 -81.70 -21.10
CA ALA G 54 50.54 -80.91 -20.63
C ALA G 54 50.88 -81.23 -19.18
N GLY G 55 49.86 -81.28 -18.32
CA GLY G 55 50.10 -81.68 -16.95
C GLY G 55 50.63 -83.09 -16.84
N MET G 56 50.10 -83.98 -17.68
CA MET G 56 50.61 -85.35 -17.70
C MET G 56 52.09 -85.39 -18.08
N ALA G 57 52.48 -84.60 -19.09
CA ALA G 57 53.88 -84.54 -19.49
C ALA G 57 54.75 -83.96 -18.38
N GLN G 58 54.27 -82.93 -17.70
CA GLN G 58 55.04 -82.35 -16.60
C GLN G 58 55.24 -83.37 -15.47
N ARG G 59 54.22 -84.13 -15.14
CA ARG G 59 54.36 -85.11 -14.11
C ARG G 59 55.30 -86.20 -14.55
N THR G 60 55.24 -86.60 -15.81
CA THR G 60 56.18 -87.60 -16.31
C THR G 60 57.61 -87.08 -16.23
N LEU G 61 57.83 -85.80 -16.55
CA LEU G 61 59.16 -85.23 -16.47
C LEU G 61 59.67 -85.24 -15.03
N LYS G 62 58.83 -84.85 -14.08
CA LYS G 62 59.24 -84.73 -12.69
C LYS G 62 59.51 -86.09 -12.04
N ASN G 63 59.19 -87.19 -12.73
CA ASN G 63 59.30 -88.52 -12.15
C ASN G 63 60.29 -89.44 -12.85
N LYS G 64 60.73 -89.11 -14.07
CA LYS G 64 61.63 -89.99 -14.80
C LYS G 64 62.80 -89.28 -15.47
N TYR G 65 62.83 -87.94 -15.53
CA TYR G 65 63.83 -87.24 -16.30
C TYR G 65 64.47 -86.07 -15.56
N GLU G 66 64.26 -85.94 -14.25
CA GLU G 66 64.86 -84.85 -13.50
C GLU G 66 66.38 -84.86 -13.65
N SER G 67 66.99 -86.04 -13.49
CA SER G 67 68.44 -86.14 -13.61
C SER G 67 68.89 -86.09 -15.06
N TYR G 68 68.17 -86.75 -15.95
CA TYR G 68 68.55 -86.79 -17.36
C TYR G 68 68.52 -85.40 -17.98
N ASP G 69 67.45 -84.64 -17.72
CA ASP G 69 67.34 -83.29 -18.26
C ASP G 69 68.48 -82.40 -17.76
N ALA G 70 68.77 -82.46 -16.45
CA ALA G 70 69.82 -81.63 -15.89
C ALA G 70 71.18 -82.03 -16.46
N ALA G 71 71.45 -83.33 -16.56
CA ALA G 71 72.75 -83.78 -17.06
C ALA G 71 72.96 -83.34 -18.50
N LEU G 72 71.93 -83.46 -19.33
CA LEU G 72 72.04 -83.03 -20.72
C LEU G 72 71.69 -81.57 -20.92
N SER G 73 71.36 -80.84 -19.85
CA SER G 73 71.04 -79.41 -19.93
C SER G 73 69.83 -79.16 -20.82
N LEU G 74 68.96 -80.15 -20.96
CA LEU G 74 67.72 -79.98 -21.73
C LEU G 74 66.73 -79.16 -20.92
N HIS G 75 66.40 -77.97 -21.41
CA HIS G 75 65.42 -77.11 -20.76
C HIS G 75 64.12 -77.20 -21.55
N ARG G 76 63.33 -78.22 -21.24
CA ARG G 76 62.08 -78.48 -21.94
C ARG G 76 61.05 -77.41 -21.60
N GLU G 77 60.13 -77.19 -22.54
CA GLU G 77 59.00 -76.29 -22.34
C GLU G 77 57.72 -77.05 -22.65
N ILE G 78 56.71 -76.85 -21.81
CA ILE G 78 55.42 -77.51 -21.96
C ILE G 78 54.38 -76.39 -22.10
N LEU G 79 53.71 -76.35 -23.24
CA LEU G 79 52.76 -75.29 -23.54
C LEU G 79 51.40 -75.88 -23.89
N CYS G 80 50.36 -75.26 -23.36
CA CYS G 80 48.98 -75.60 -23.70
C CYS G 80 48.37 -74.44 -24.45
N TYR G 81 47.67 -74.74 -25.54
CA TYR G 81 47.07 -73.69 -26.35
C TYR G 81 46.12 -72.83 -25.54
N SER G 82 45.45 -73.40 -24.55
CA SER G 82 44.43 -72.66 -23.81
C SER G 82 45.03 -71.57 -22.93
N LYS G 83 46.23 -71.79 -22.40
CA LYS G 83 46.83 -70.84 -21.47
C LYS G 83 48.15 -70.24 -21.94
N ASP G 84 49.02 -71.02 -22.57
CA ASP G 84 50.31 -70.51 -23.04
C ASP G 84 50.21 -70.07 -24.50
N ALA G 85 49.30 -69.15 -24.76
CA ALA G 85 49.15 -68.64 -26.12
C ALA G 85 50.29 -67.70 -26.48
N LYS G 86 50.74 -66.88 -25.52
CA LYS G 86 51.79 -65.90 -25.81
C LYS G 86 53.09 -66.59 -26.20
N GLU G 87 53.45 -67.68 -25.52
CA GLU G 87 54.69 -68.37 -25.83
C GLU G 87 54.58 -69.10 -27.17
N ILE G 88 53.39 -69.60 -27.50
CA ILE G 88 53.19 -70.30 -28.76
C ILE G 88 53.25 -69.33 -29.92
N TYR G 89 52.68 -68.14 -29.76
CA TYR G 89 52.57 -67.17 -30.84
C TYR G 89 53.71 -66.16 -30.87
N TYR G 90 54.59 -66.20 -29.87
CA TYR G 90 55.68 -65.25 -29.77
C TYR G 90 55.11 -63.86 -29.79
N THR G 91 54.20 -63.59 -28.87
CA THR G 91 53.64 -62.27 -28.75
C THR G 91 53.83 -61.85 -27.32
N PRO G 92 55.06 -61.47 -26.97
CA PRO G 92 55.36 -61.13 -25.57
C PRO G 92 54.68 -59.84 -25.11
N ASP G 93 54.35 -59.71 -23.82
CA ASP G 93 53.62 -58.54 -23.35
C ASP G 93 54.49 -57.28 -23.51
N PRO G 94 53.86 -56.12 -23.66
CA PRO G 94 54.60 -54.87 -23.83
C PRO G 94 55.01 -54.23 -22.50
N GLU G 329 21.65 -9.55 -0.34
CA GLU G 329 20.66 -10.29 -1.12
C GLU G 329 19.42 -10.59 -0.29
N GLU G 330 19.62 -10.70 1.04
CA GLU G 330 18.50 -11.01 1.92
C GLU G 330 17.50 -9.86 2.00
N ILE G 331 17.97 -8.62 1.90
CA ILE G 331 17.06 -7.48 1.93
C ILE G 331 16.11 -7.53 0.75
N THR G 332 16.63 -7.84 -0.44
CA THR G 332 15.79 -7.98 -1.62
C THR G 332 14.77 -9.10 -1.43
N LYS G 333 15.20 -10.22 -0.82
CA LYS G 333 14.27 -11.31 -0.57
C LYS G 333 13.15 -10.87 0.36
N ASP G 334 13.48 -10.14 1.42
CA ASP G 334 12.46 -9.68 2.36
C ASP G 334 11.47 -8.76 1.66
N HIS G 335 11.99 -7.80 0.87
CA HIS G 335 11.10 -6.86 0.22
C HIS G 335 10.23 -7.56 -0.82
N LYS G 336 10.79 -8.53 -1.54
CA LYS G 336 10.00 -9.27 -2.52
C LYS G 336 8.91 -10.08 -1.84
N VAL G 337 9.21 -10.70 -0.69
CA VAL G 337 8.20 -11.47 0.02
C VAL G 337 7.07 -10.54 0.49
N LEU G 338 7.43 -9.38 1.03
CA LEU G 338 6.42 -8.44 1.48
C LEU G 338 5.55 -7.98 0.31
N ALA G 339 6.18 -7.65 -0.83
CA ALA G 339 5.43 -7.20 -1.99
C ALA G 339 4.52 -8.29 -2.52
N ARG G 340 5.00 -9.53 -2.53
CA ARG G 340 4.18 -10.64 -2.98
C ARG G 340 2.97 -10.83 -2.08
N GLN G 341 3.16 -10.71 -0.77
CA GLN G 341 2.03 -10.85 0.14
C GLN G 341 1.04 -9.72 -0.03
N GLN G 342 1.52 -8.49 -0.26
CA GLN G 342 0.61 -7.38 -0.54
C GLN G 342 -0.20 -7.64 -1.80
N LEU G 343 0.46 -8.13 -2.85
CA LEU G 343 -0.24 -8.44 -4.09
C LEU G 343 -1.26 -9.55 -3.89
N GLN G 344 -0.92 -10.56 -3.08
CA GLN G 344 -1.88 -11.61 -2.77
C GLN G 344 -3.09 -11.05 -2.05
N VAL G 345 -2.88 -10.16 -1.09
CA VAL G 345 -4.00 -9.53 -0.39
C VAL G 345 -4.87 -8.78 -1.37
N LEU G 346 -4.25 -8.02 -2.28
CA LEU G 346 -5.02 -7.26 -3.25
C LEU G 346 -5.82 -8.18 -4.16
N ALA G 347 -5.22 -9.29 -4.61
CA ALA G 347 -5.92 -10.23 -5.46
C ALA G 347 -7.10 -10.87 -4.73
N ARG G 348 -6.92 -11.20 -3.45
CA ARG G 348 -8.02 -11.77 -2.67
C ARG G 348 -9.14 -10.76 -2.52
N TYR G 349 -8.81 -9.48 -2.32
CA TYR G 349 -9.84 -8.45 -2.25
C TYR G 349 -10.55 -8.27 -3.59
N LEU G 350 -9.83 -8.41 -4.70
CA LEU G 350 -10.41 -8.27 -6.02
C LEU G 350 -11.13 -9.52 -6.50
N LYS G 351 -11.10 -10.61 -5.73
CA LYS G 351 -11.76 -11.86 -6.10
C LYS G 351 -11.30 -12.34 -7.46
N MET G 352 -9.98 -12.32 -7.66
CA MET G 352 -9.37 -12.74 -8.92
C MET G 352 -8.48 -13.94 -8.65
N ASP G 353 -8.70 -15.02 -9.39
CA ASP G 353 -7.89 -16.23 -9.26
C ASP G 353 -6.67 -16.11 -10.16
N LEU G 354 -5.48 -16.15 -9.57
CA LEU G 354 -4.24 -15.99 -10.32
C LEU G 354 -3.79 -17.27 -11.00
N ASP G 355 -4.35 -18.42 -10.63
CA ASP G 355 -3.94 -19.70 -11.20
C ASP G 355 -4.99 -20.30 -12.12
N ASN G 356 -6.03 -19.54 -12.48
CA ASN G 356 -7.07 -20.07 -13.37
C ASN G 356 -6.49 -20.45 -14.73
N GLY G 357 -5.62 -19.59 -15.28
CA GLY G 357 -5.05 -19.85 -16.59
C GLY G 357 -4.19 -21.09 -16.61
N GLU G 358 -3.36 -21.27 -15.59
CA GLU G 358 -2.52 -22.46 -15.52
C GLU G 358 -3.34 -23.72 -15.36
N ARG G 359 -4.40 -23.64 -14.55
CA ARG G 359 -5.30 -24.79 -14.39
C ARG G 359 -5.90 -25.20 -15.74
N LYS G 360 -6.44 -24.23 -16.47
CA LYS G 360 -7.01 -24.52 -17.78
C LYS G 360 -5.95 -25.05 -18.75
N PHE G 361 -4.73 -24.49 -18.67
CA PHE G 361 -3.66 -24.93 -19.55
C PHE G 361 -3.31 -26.39 -19.30
N LEU G 362 -3.33 -26.81 -18.06
CA LEU G 362 -2.94 -28.15 -17.72
C LEU G 362 -4.04 -29.11 -18.15
N LYS G 363 -5.29 -28.71 -18.03
CA LYS G 363 -6.38 -29.53 -18.58
C LYS G 363 -6.25 -29.68 -20.09
N GLU G 364 -5.94 -28.58 -20.78
CA GLU G 364 -5.81 -28.64 -22.23
C GLU G 364 -4.64 -29.53 -22.65
N LYS G 365 -3.53 -29.47 -21.95
CA LYS G 365 -2.38 -30.31 -22.25
C LYS G 365 -2.70 -31.79 -22.09
N ASP G 366 -3.59 -32.12 -21.18
CA ASP G 366 -4.00 -33.50 -21.01
C ASP G 366 -4.91 -33.91 -22.14
N THR G 367 -5.82 -33.04 -22.54
CA THR G 367 -6.65 -33.36 -23.71
C THR G 367 -5.78 -33.57 -24.95
N VAL G 368 -4.73 -32.79 -25.12
CA VAL G 368 -3.83 -32.97 -26.24
C VAL G 368 -3.20 -34.34 -26.25
N ALA G 369 -2.76 -34.82 -25.10
CA ALA G 369 -2.11 -36.09 -25.03
C ALA G 369 -3.10 -37.19 -25.28
N GLU G 370 -4.34 -37.01 -24.86
CA GLU G 370 -5.31 -38.03 -25.20
C GLU G 370 -5.51 -38.11 -26.71
N LEU G 371 -5.74 -36.97 -27.36
CA LEU G 371 -5.94 -36.98 -28.81
C LEU G 371 -4.71 -37.50 -29.53
N GLN G 372 -3.51 -37.14 -29.09
CA GLN G 372 -2.31 -37.63 -29.71
C GLN G 372 -2.17 -39.12 -29.62
N ALA G 373 -2.67 -39.70 -28.54
CA ALA G 373 -2.57 -41.12 -28.33
C ALA G 373 -3.52 -41.81 -29.25
N GLN G 374 -4.68 -41.25 -29.45
CA GLN G 374 -5.59 -41.83 -30.44
C GLN G 374 -4.96 -41.80 -31.84
N LEU G 375 -4.40 -40.66 -32.22
CA LEU G 375 -3.78 -40.55 -33.54
C LEU G 375 -2.60 -41.51 -33.68
N ASP G 376 -1.82 -41.68 -32.64
CA ASP G 376 -0.70 -42.59 -32.68
C ASP G 376 -1.15 -44.02 -32.81
N TYR G 377 -2.23 -44.41 -32.15
CA TYR G 377 -2.74 -45.76 -32.33
C TYR G 377 -3.22 -45.98 -33.76
N LEU G 378 -3.93 -45.01 -34.33
CA LEU G 378 -4.39 -45.17 -35.71
C LEU G 378 -3.22 -45.23 -36.69
N ASN G 379 -2.11 -44.58 -36.43
CA ASN G 379 -1.00 -44.61 -37.35
C ASN G 379 -0.24 -45.89 -37.19
N ALA G 380 -0.20 -46.42 -35.98
CA ALA G 380 0.43 -47.73 -35.81
C ALA G 380 -0.42 -48.86 -36.37
N GLU G 381 -1.73 -48.63 -36.51
CA GLU G 381 -2.61 -49.63 -37.11
C GLU G 381 -2.63 -49.56 -38.63
N LEU G 382 -2.71 -48.35 -39.20
CA LEU G 382 -2.81 -48.20 -40.64
C LEU G 382 -1.47 -48.01 -41.32
N GLY G 383 -0.49 -47.43 -40.64
CA GLY G 383 0.80 -47.14 -41.23
C GLY G 383 0.85 -45.77 -41.86
N GLU G 384 2.03 -45.24 -42.05
CA GLU G 384 2.11 -43.88 -42.54
C GLU G 384 1.77 -43.74 -43.99
N PHE G 385 2.14 -44.72 -44.82
CA PHE G 385 1.80 -44.67 -46.22
C PHE G 385 0.28 -44.58 -46.45
N PHE G 386 -0.50 -45.40 -45.77
CA PHE G 386 -1.96 -45.36 -45.92
C PHE G 386 -2.53 -44.05 -45.39
N VAL G 387 -2.16 -43.65 -44.17
CA VAL G 387 -2.70 -42.45 -43.54
C VAL G 387 -2.39 -41.18 -44.29
N ASN G 388 -1.22 -41.08 -44.87
CA ASN G 388 -0.92 -39.94 -45.71
C ASN G 388 -1.55 -40.09 -47.07
N GLY G 389 -1.81 -41.32 -47.51
CA GLY G 389 -2.35 -41.54 -48.83
C GLY G 389 -3.79 -41.26 -48.98
N VAL G 390 -4.54 -41.33 -47.90
CA VAL G 390 -5.98 -41.09 -47.95
C VAL G 390 -6.28 -39.60 -47.96
N ALA G 391 -5.25 -38.76 -48.05
CA ALA G 391 -5.43 -37.31 -48.08
C ALA G 391 -6.24 -36.89 -49.30
N THR G 392 -7.14 -35.93 -49.09
CA THR G 392 -8.00 -35.46 -50.17
C THR G 392 -7.24 -34.55 -51.13
N SER G 393 -7.65 -34.61 -52.40
CA SER G 393 -7.04 -33.85 -53.47
C SER G 393 -8.05 -33.20 -54.41
N PHE G 394 -9.28 -33.66 -54.42
CA PHE G 394 -10.26 -33.12 -55.33
C PHE G 394 -10.97 -31.88 -54.88
N SER G 395 -11.20 -30.96 -55.79
CA SER G 395 -12.05 -29.81 -55.53
C SER G 395 -12.65 -29.34 -56.84
N ARG G 396 -13.83 -28.79 -56.80
CA ARG G 396 -14.51 -28.35 -57.99
C ARG G 396 -13.90 -27.11 -58.63
N LYS G 397 -13.26 -26.26 -57.85
CA LYS G 397 -12.70 -25.03 -58.38
C LYS G 397 -11.43 -25.26 -59.16
N LYS G 398 -10.82 -26.41 -58.99
CA LYS G 398 -9.60 -26.72 -59.68
C LYS G 398 -9.86 -27.42 -61.00
N ALA G 399 -11.10 -27.78 -61.31
CA ALA G 399 -11.44 -28.36 -62.61
C ALA G 399 -11.11 -27.49 -63.79
N ARG G 400 -10.52 -28.06 -64.82
CA ARG G 400 -10.14 -27.32 -66.02
C ARG G 400 -10.85 -27.83 -67.28
N THR G 401 -11.58 -26.97 -67.95
CA THR G 401 -12.30 -27.35 -69.16
C THR G 401 -11.62 -26.97 -70.48
N PHE G 402 -11.64 -27.89 -71.44
CA PHE G 402 -11.07 -27.66 -72.75
C PHE G 402 -12.14 -28.02 -73.75
N ASP G 403 -12.69 -27.02 -74.46
CA ASP G 403 -13.68 -27.28 -75.48
C ASP G 403 -13.60 -26.37 -76.70
N SER G 404 -12.55 -25.58 -76.85
CA SER G 404 -12.48 -24.62 -77.95
C SER G 404 -11.74 -25.21 -79.16
N SER G 405 -12.26 -26.32 -79.66
CA SER G 405 -11.74 -26.98 -80.85
C SER G 405 -11.91 -26.20 -82.14
N TRP G 406 -12.85 -25.26 -82.17
CA TRP G 406 -13.07 -24.40 -83.31
C TRP G 406 -11.89 -23.49 -83.57
N ASN G 407 -11.13 -23.16 -82.55
CA ASN G 407 -9.93 -22.38 -82.70
C ASN G 407 -8.72 -23.26 -82.98
N TRP G 408 -8.59 -24.42 -82.35
CA TRP G 408 -7.46 -25.31 -82.49
C TRP G 408 -7.40 -25.94 -83.85
N ALA G 409 -8.55 -26.09 -84.49
CA ALA G 409 -8.56 -26.62 -85.85
C ALA G 409 -7.80 -25.72 -86.80
N LYS G 410 -8.06 -24.43 -86.77
CA LYS G 410 -7.37 -23.49 -87.63
C LYS G 410 -5.91 -23.37 -87.24
N GLN G 411 -5.57 -23.48 -85.95
CA GLN G 411 -4.17 -23.51 -85.57
C GLN G 411 -3.47 -24.73 -86.16
N SER G 412 -4.09 -25.90 -86.03
CA SER G 412 -3.50 -27.12 -86.51
C SER G 412 -3.32 -27.09 -88.01
N LEU G 413 -4.21 -26.41 -88.72
CA LEU G 413 -4.11 -26.29 -90.16
C LEU G 413 -2.95 -25.38 -90.55
N LEU G 414 -2.85 -24.22 -89.90
CA LEU G 414 -1.74 -23.31 -90.21
C LEU G 414 -0.41 -23.95 -89.90
N SER G 415 -0.32 -24.68 -88.77
CA SER G 415 0.93 -25.34 -88.42
C SER G 415 1.32 -26.35 -89.49
N LEU G 416 0.37 -27.19 -89.93
CA LEU G 416 0.66 -28.18 -90.96
C LEU G 416 1.03 -27.52 -92.28
N TYR G 417 0.32 -26.47 -92.65
CA TYR G 417 0.62 -25.75 -93.86
C TYR G 417 2.04 -25.19 -93.90
N PHE G 418 2.49 -24.57 -92.81
CA PHE G 418 3.84 -24.03 -92.81
C PHE G 418 4.90 -25.12 -92.62
N GLU G 419 4.57 -26.23 -91.96
CA GLU G 419 5.52 -27.34 -91.86
C GLU G 419 5.74 -27.95 -93.21
N ILE G 420 4.70 -28.06 -94.02
CA ILE G 420 4.89 -28.53 -95.39
C ILE G 420 5.72 -27.53 -96.18
N ILE G 421 5.41 -26.25 -96.10
CA ILE G 421 6.14 -25.26 -96.89
C ILE G 421 7.61 -25.15 -96.49
N HIS G 422 7.96 -25.44 -95.26
CA HIS G 422 9.35 -25.40 -94.83
C HIS G 422 10.07 -26.74 -94.99
N GLY G 423 9.37 -27.77 -95.43
CA GLY G 423 9.98 -29.06 -95.63
C GLY G 423 10.08 -29.92 -94.39
N VAL G 424 9.52 -29.50 -93.27
CA VAL G 424 9.56 -30.28 -92.06
C VAL G 424 8.69 -31.51 -92.20
N LEU G 425 7.63 -31.42 -93.00
CA LEU G 425 6.76 -32.55 -93.28
C LEU G 425 6.79 -32.77 -94.78
N LYS G 426 6.86 -34.03 -95.18
CA LYS G 426 6.90 -34.39 -96.60
C LYS G 426 5.81 -35.40 -96.93
N ASN G 427 5.65 -35.77 -98.21
CA ASN G 427 4.56 -36.65 -98.64
C ASN G 427 4.69 -38.07 -98.13
N VAL G 428 5.85 -38.49 -97.69
CA VAL G 428 6.00 -39.88 -97.29
C VAL G 428 5.73 -40.08 -95.81
N ASP G 429 5.21 -39.06 -95.13
CA ASP G 429 5.01 -39.15 -93.68
C ASP G 429 3.60 -39.44 -93.26
N ARG G 430 3.44 -40.30 -92.26
CA ARG G 430 2.12 -40.58 -91.73
C ARG G 430 1.58 -39.41 -90.90
N GLU G 431 2.45 -38.48 -90.48
CA GLU G 431 1.99 -37.32 -89.74
C GLU G 431 1.00 -36.51 -90.55
N VAL G 432 1.22 -36.42 -91.86
CA VAL G 432 0.27 -35.71 -92.72
C VAL G 432 -1.09 -36.36 -92.66
N VAL G 433 -1.14 -37.69 -92.72
CA VAL G 433 -2.42 -38.39 -92.69
C VAL G 433 -3.10 -38.19 -91.35
N SER G 434 -2.36 -38.31 -90.25
CA SER G 434 -2.96 -38.17 -88.93
C SER G 434 -3.49 -36.76 -88.72
N GLU G 435 -2.73 -35.75 -89.15
CA GLU G 435 -3.18 -34.37 -88.97
C GLU G 435 -4.35 -34.06 -89.89
N ALA G 436 -4.39 -34.66 -91.08
CA ALA G 436 -5.56 -34.53 -91.93
C ALA G 436 -6.79 -35.11 -91.25
N ILE G 437 -6.64 -36.26 -90.61
CA ILE G 437 -7.77 -36.86 -89.87
C ILE G 437 -8.23 -35.92 -88.76
N ASN G 438 -7.28 -35.38 -88.00
CA ASN G 438 -7.65 -34.51 -86.88
C ASN G 438 -8.32 -33.23 -87.38
N ILE G 439 -7.87 -32.69 -88.50
CA ILE G 439 -8.50 -31.51 -89.07
C ILE G 439 -9.91 -31.85 -89.56
N MET G 440 -10.07 -32.98 -90.24
CA MET G 440 -11.39 -33.40 -90.71
C MET G 440 -12.36 -33.60 -89.56
N ASN G 441 -11.87 -34.07 -88.42
CA ASN G 441 -12.73 -34.28 -87.26
C ASN G 441 -13.27 -32.99 -86.69
N ARG G 442 -12.80 -31.84 -87.14
CA ARG G 442 -13.22 -30.55 -86.63
C ARG G 442 -13.64 -29.68 -87.78
N SER G 443 -14.26 -30.26 -88.79
CA SER G 443 -14.61 -29.53 -89.99
C SER G 443 -15.93 -28.78 -89.83
N ASN G 444 -15.92 -27.52 -90.24
CA ASN G 444 -17.13 -26.70 -90.30
C ASN G 444 -16.93 -25.67 -91.40
N ASP G 445 -17.88 -24.74 -91.52
CA ASP G 445 -17.87 -23.78 -92.62
C ASP G 445 -16.72 -22.79 -92.48
N ALA G 446 -16.47 -22.25 -91.31
CA ALA G 446 -15.42 -21.29 -91.16
C ALA G 446 -14.05 -21.92 -91.38
N LEU G 447 -13.86 -23.16 -90.93
CA LEU G 447 -12.60 -23.83 -91.22
C LEU G 447 -12.42 -24.02 -92.72
N ILE G 448 -13.50 -24.31 -93.44
CA ILE G 448 -13.39 -24.53 -94.88
C ILE G 448 -13.04 -23.23 -95.59
N LYS G 449 -13.60 -22.10 -95.19
CA LYS G 449 -13.21 -20.81 -95.78
C LYS G 449 -11.80 -20.41 -95.42
N PHE G 450 -11.35 -20.77 -94.22
CA PHE G 450 -9.99 -20.53 -93.82
C PHE G 450 -9.06 -21.33 -94.72
N MET G 451 -9.32 -22.62 -94.95
CA MET G 451 -8.52 -23.44 -95.83
C MET G 451 -8.55 -22.91 -97.25
N GLU G 452 -9.71 -22.55 -97.75
CA GLU G 452 -9.79 -22.14 -99.12
C GLU G 452 -9.00 -20.88 -99.37
N TYR G 453 -8.99 -19.95 -98.44
CA TYR G 453 -8.21 -18.76 -98.63
C TYR G 453 -6.76 -19.09 -98.65
N HIS G 454 -6.30 -19.78 -97.62
CA HIS G 454 -4.87 -19.98 -97.54
C HIS G 454 -4.34 -20.84 -98.67
N ILE G 455 -5.13 -21.80 -99.16
CA ILE G 455 -4.65 -22.63 -100.26
C ILE G 455 -4.75 -21.88 -101.59
N SER G 456 -5.85 -21.22 -101.86
CA SER G 456 -6.00 -20.49 -103.11
C SER G 456 -5.06 -19.34 -103.30
N ASN G 457 -4.42 -18.88 -102.23
CA ASN G 457 -3.54 -17.74 -102.32
C ASN G 457 -2.13 -18.23 -102.28
N THR G 458 -1.95 -19.53 -102.40
CA THR G 458 -0.63 -20.10 -102.44
C THR G 458 -0.10 -19.99 -103.83
N ASP G 459 1.11 -19.49 -103.98
CA ASP G 459 1.76 -19.36 -105.28
C ASP G 459 2.64 -20.59 -105.48
N GLU G 460 2.11 -21.56 -106.22
CA GLU G 460 2.84 -22.82 -106.43
C GLU G 460 4.10 -22.65 -107.25
N THR G 461 4.31 -21.50 -107.89
CA THR G 461 5.50 -21.24 -108.67
C THR G 461 6.66 -20.75 -107.82
N LYS G 462 6.51 -20.73 -106.50
CA LYS G 462 7.59 -20.38 -105.60
C LYS G 462 8.46 -21.56 -105.19
N GLY G 463 8.01 -22.78 -105.38
CA GLY G 463 8.84 -23.93 -105.08
C GLY G 463 8.04 -25.22 -105.08
N GLU G 464 8.78 -26.31 -105.06
CA GLU G 464 8.17 -27.64 -105.01
C GLU G 464 7.35 -27.81 -103.75
N ASN G 465 7.84 -27.28 -102.62
CA ASN G 465 7.07 -27.33 -101.39
C ASN G 465 5.76 -26.57 -101.51
N TYR G 466 5.77 -25.44 -102.19
CA TYR G 466 4.56 -24.68 -102.39
C TYR G 466 3.57 -25.42 -103.24
N GLN G 467 4.02 -26.05 -104.33
CA GLN G 467 3.13 -26.87 -105.13
C GLN G 467 2.58 -28.05 -104.31
N LEU G 468 3.43 -28.66 -103.49
CA LEU G 468 3.01 -29.75 -102.64
C LEU G 468 1.92 -29.33 -101.68
N VAL G 469 2.09 -28.15 -101.06
CA VAL G 469 1.09 -27.67 -100.12
C VAL G 469 -0.21 -27.34 -100.83
N LYS G 470 -0.13 -26.78 -102.03
CA LYS G 470 -1.34 -26.50 -102.79
C LYS G 470 -2.12 -27.77 -103.08
N THR G 471 -1.43 -28.81 -103.56
CA THR G 471 -2.12 -30.06 -103.88
C THR G 471 -2.73 -30.69 -102.63
N LEU G 472 -1.93 -30.80 -101.57
CA LEU G 472 -2.42 -31.41 -100.33
C LEU G 472 -3.60 -30.62 -99.77
N GLY G 473 -3.52 -29.28 -99.82
CA GLY G 473 -4.57 -28.47 -99.27
C GLY G 473 -5.86 -28.57 -100.05
N GLU G 474 -5.78 -28.63 -101.38
CA GLU G 474 -7.00 -28.80 -102.16
C GLU G 474 -7.65 -30.15 -101.87
N GLN G 475 -6.85 -31.21 -101.78
CA GLN G 475 -7.42 -32.50 -101.41
C GLN G 475 -8.07 -32.44 -100.03
N LEU G 476 -7.41 -31.80 -99.07
CA LEU G 476 -7.96 -31.71 -97.71
C LEU G 476 -9.23 -30.89 -97.69
N ILE G 477 -9.30 -29.83 -98.50
CA ILE G 477 -10.52 -29.04 -98.61
C ILE G 477 -11.67 -29.92 -99.10
N GLU G 478 -11.40 -30.72 -100.12
CA GLU G 478 -12.44 -31.62 -100.62
C GLU G 478 -12.89 -32.58 -99.52
N ASN G 479 -11.94 -33.15 -98.78
CA ASN G 479 -12.30 -34.10 -97.74
C ASN G 479 -13.14 -33.46 -96.65
N CYS G 480 -12.76 -32.26 -96.22
CA CYS G 480 -13.50 -31.60 -95.14
C CYS G 480 -14.86 -31.11 -95.61
N LYS G 481 -15.01 -30.83 -96.91
CA LYS G 481 -16.37 -30.61 -97.42
C LYS G 481 -17.18 -31.90 -97.40
N GLN G 482 -16.54 -33.03 -97.72
CA GLN G 482 -17.27 -34.29 -97.72
C GLN G 482 -17.75 -34.68 -96.32
N VAL G 483 -16.93 -34.46 -95.29
CA VAL G 483 -17.30 -34.85 -93.93
C VAL G 483 -17.88 -33.68 -93.14
N LEU G 484 -18.38 -32.64 -93.82
CA LEU G 484 -18.87 -31.45 -93.13
C LEU G 484 -19.97 -31.79 -92.13
N ASP G 485 -20.79 -32.80 -92.42
CA ASP G 485 -21.89 -33.18 -91.54
C ASP G 485 -21.76 -34.60 -90.98
N VAL G 486 -20.60 -35.23 -91.12
CA VAL G 486 -20.38 -36.58 -90.63
C VAL G 486 -19.82 -36.51 -89.22
N ASP G 487 -20.13 -37.48 -88.40
CA ASP G 487 -19.61 -37.53 -87.04
C ASP G 487 -18.12 -37.81 -87.03
N PRO G 488 -17.38 -37.20 -86.08
CA PRO G 488 -15.95 -37.45 -85.99
C PRO G 488 -15.66 -38.90 -85.63
N VAL G 489 -14.50 -39.36 -86.09
CA VAL G 489 -14.12 -40.74 -85.89
C VAL G 489 -12.75 -40.90 -85.31
N TYR G 490 -12.57 -41.93 -84.52
CA TYR G 490 -11.27 -42.27 -84.01
C TYR G 490 -10.63 -43.18 -85.04
N LYS G 491 -9.54 -42.75 -85.63
CA LYS G 491 -8.83 -43.51 -86.67
C LYS G 491 -7.34 -43.35 -86.45
N ASP G 492 -6.67 -44.45 -86.12
CA ASP G 492 -5.23 -44.46 -85.85
C ASP G 492 -4.50 -44.99 -87.07
N VAL G 493 -3.61 -44.18 -87.62
CA VAL G 493 -2.87 -44.53 -88.83
C VAL G 493 -1.36 -44.64 -88.54
N ALA G 494 -1.00 -44.85 -87.28
CA ALA G 494 0.40 -44.95 -86.92
C ALA G 494 0.98 -46.30 -87.36
N LYS G 495 2.25 -46.29 -87.73
CA LYS G 495 2.94 -47.51 -88.11
C LYS G 495 3.06 -48.45 -86.92
N PRO G 496 2.51 -49.67 -87.04
CA PRO G 496 2.68 -50.64 -85.96
C PRO G 496 4.14 -51.05 -85.74
N THR G 497 4.63 -51.00 -84.51
CA THR G 497 6.01 -51.33 -84.19
C THR G 497 6.16 -52.52 -83.27
N GLY G 498 7.29 -53.21 -83.33
CA GLY G 498 7.54 -54.37 -82.52
C GLY G 498 8.76 -54.20 -81.63
N PRO G 499 8.95 -55.10 -80.68
CA PRO G 499 10.09 -55.01 -79.76
C PRO G 499 11.37 -55.53 -80.40
N LYS G 500 12.48 -54.86 -80.11
CA LYS G 500 13.78 -55.25 -80.64
C LYS G 500 14.84 -54.88 -79.61
N THR G 501 15.54 -55.89 -79.09
CA THR G 501 16.61 -55.71 -78.11
C THR G 501 17.92 -56.15 -78.74
N ALA G 502 18.93 -55.29 -78.66
CA ALA G 502 20.23 -55.54 -79.26
C ALA G 502 21.33 -55.37 -78.23
N ILE G 503 22.36 -56.20 -78.33
CA ILE G 503 23.54 -56.15 -77.46
C ILE G 503 24.74 -55.80 -78.31
N ASP G 504 25.43 -54.72 -77.95
CA ASP G 504 26.60 -54.28 -78.69
C ASP G 504 27.78 -55.21 -78.43
N LYS G 505 28.92 -54.90 -79.04
CA LYS G 505 30.13 -55.69 -78.82
C LYS G 505 30.67 -55.54 -77.41
N ASN G 506 30.52 -54.36 -76.81
CA ASN G 506 30.94 -54.10 -75.44
C ASN G 506 29.91 -54.54 -74.41
N GLY G 507 28.82 -55.17 -74.84
CA GLY G 507 27.79 -55.62 -73.91
C GLY G 507 26.77 -54.55 -73.57
N ASN G 508 26.60 -53.56 -74.44
CA ASN G 508 25.59 -52.51 -74.24
C ASN G 508 24.23 -53.02 -74.72
N ILE G 509 23.23 -52.92 -73.85
CA ILE G 509 21.87 -53.37 -74.16
C ILE G 509 21.07 -52.15 -74.61
N THR G 510 20.50 -52.22 -75.80
CA THR G 510 19.65 -51.16 -76.34
C THR G 510 18.33 -51.76 -76.80
N TYR G 511 17.24 -51.13 -76.38
CA TYR G 511 15.90 -51.53 -76.78
C TYR G 511 15.27 -50.43 -77.62
N SER G 512 14.66 -50.83 -78.74
CA SER G 512 13.99 -49.89 -79.63
C SER G 512 12.72 -50.53 -80.17
N GLU G 513 11.79 -49.69 -80.60
CA GLU G 513 10.57 -50.15 -81.22
C GLU G 513 10.77 -50.01 -82.71
N GLU G 514 10.87 -51.12 -83.42
CA GLU G 514 11.12 -51.11 -84.85
C GLU G 514 9.85 -51.45 -85.61
N PRO G 515 9.66 -50.89 -86.81
CA PRO G 515 8.45 -51.22 -87.58
C PRO G 515 8.34 -52.72 -87.82
N ARG G 516 7.15 -53.26 -87.59
CA ARG G 516 6.92 -54.67 -87.83
C ARG G 516 6.98 -54.98 -89.32
N GLU G 517 7.45 -56.18 -89.65
CA GLU G 517 7.66 -56.55 -91.04
C GLU G 517 6.33 -56.83 -91.75
N LYS G 518 5.56 -57.79 -91.22
CA LYS G 518 4.35 -58.24 -91.89
C LYS G 518 3.12 -57.41 -91.58
N VAL G 519 3.24 -56.39 -90.72
CA VAL G 519 2.12 -55.55 -90.32
C VAL G 519 2.53 -54.10 -90.47
N ARG G 520 1.82 -53.36 -91.33
CA ARG G 520 2.11 -51.95 -91.56
C ARG G 520 0.88 -51.07 -91.35
N LYS G 521 -0.28 -51.67 -91.04
CA LYS G 521 -1.52 -50.95 -90.83
C LYS G 521 -2.28 -51.64 -89.72
N LEU G 522 -3.25 -50.93 -89.14
CA LEU G 522 -4.06 -51.54 -88.11
C LEU G 522 -4.97 -52.63 -88.66
N SER G 523 -5.38 -52.52 -89.93
CA SER G 523 -6.17 -53.58 -90.54
C SER G 523 -5.37 -54.88 -90.63
N GLN G 524 -4.10 -54.78 -91.02
CA GLN G 524 -3.24 -55.96 -91.01
C GLN G 524 -3.03 -56.45 -89.59
N TYR G 525 -3.01 -55.54 -88.62
CA TYR G 525 -2.89 -55.93 -87.22
C TYR G 525 -4.10 -56.76 -86.79
N VAL G 526 -5.30 -56.35 -87.18
CA VAL G 526 -6.50 -57.13 -86.87
C VAL G 526 -6.47 -58.47 -87.58
N GLN G 527 -5.98 -58.50 -88.81
CA GLN G 527 -5.85 -59.76 -89.52
C GLN G 527 -4.92 -60.70 -88.77
N GLU G 528 -3.77 -60.21 -88.36
CA GLU G 528 -2.85 -61.01 -87.60
C GLU G 528 -3.43 -61.51 -86.29
N MET G 529 -4.22 -60.69 -85.59
CA MET G 529 -4.85 -61.15 -84.36
C MET G 529 -5.88 -62.23 -84.63
N ALA G 530 -6.68 -62.06 -85.69
CA ALA G 530 -7.69 -63.05 -86.03
C ALA G 530 -7.05 -64.38 -86.40
N LEU G 531 -5.97 -64.40 -87.18
CA LEU G 531 -5.36 -65.66 -87.55
C LEU G 531 -5.00 -66.40 -86.31
N GLY G 532 -4.16 -65.82 -85.49
CA GLY G 532 -3.74 -66.46 -84.27
C GLY G 532 -2.36 -67.02 -84.49
N GLY G 533 -2.07 -68.15 -83.89
CA GLY G 533 -0.79 -68.78 -84.06
C GLY G 533 -0.81 -70.26 -83.75
N PRO G 534 0.27 -70.97 -84.09
CA PRO G 534 0.33 -72.40 -83.76
C PRO G 534 0.18 -72.69 -82.29
N ILE G 535 0.62 -71.79 -81.41
CA ILE G 535 0.53 -72.00 -79.97
C ILE G 535 -0.90 -71.98 -79.47
N THR G 536 -1.76 -71.21 -80.13
CA THR G 536 -3.14 -71.06 -79.71
C THR G 536 -4.08 -72.11 -80.29
N LYS G 537 -3.55 -73.01 -81.12
CA LYS G 537 -4.36 -74.05 -81.72
C LYS G 537 -4.78 -75.05 -80.67
N GLU G 538 -6.08 -75.21 -80.49
CA GLU G 538 -6.59 -76.07 -79.45
C GLU G 538 -6.72 -77.52 -79.89
N ASP G 603 -2.75 -49.18 -100.52
CA ASP G 603 -2.64 -47.90 -99.78
C ASP G 603 -1.36 -47.16 -100.19
N ALA G 604 -1.37 -45.83 -100.04
CA ALA G 604 -0.26 -44.92 -100.39
C ALA G 604 0.54 -44.50 -99.14
N LEU G 605 0.31 -45.10 -97.96
CA LEU G 605 1.06 -44.80 -96.71
C LEU G 605 2.56 -45.00 -96.96
N ASP G 606 3.38 -44.05 -96.49
CA ASP G 606 4.87 -44.04 -96.56
C ASP G 606 5.38 -43.75 -97.99
N LYS G 607 4.49 -43.51 -98.97
CA LYS G 607 4.89 -43.18 -100.37
C LYS G 607 4.19 -41.91 -100.87
N ASP G 608 2.88 -41.74 -100.66
CA ASP G 608 2.12 -40.54 -101.14
C ASP G 608 1.01 -40.21 -100.12
N SER G 609 1.34 -39.36 -99.14
CA SER G 609 0.41 -38.94 -98.06
C SER G 609 -0.82 -38.24 -98.69
N THR G 610 -0.61 -37.47 -99.75
CA THR G 610 -1.68 -36.78 -100.50
C THR G 610 -2.72 -37.78 -101.02
N LYS G 611 -2.25 -38.90 -101.59
CA LYS G 611 -3.15 -39.99 -102.04
C LYS G 611 -3.84 -40.60 -100.83
N GLU G 612 -3.11 -40.86 -99.75
CA GLU G 612 -3.73 -41.46 -98.53
C GLU G 612 -4.80 -40.51 -97.98
N VAL G 613 -4.56 -39.21 -98.08
CA VAL G 613 -5.51 -38.17 -97.57
C VAL G 613 -6.77 -38.24 -98.42
N ALA G 614 -6.63 -38.33 -99.75
CA ALA G 614 -7.78 -38.42 -100.69
C ALA G 614 -8.68 -39.62 -100.35
N SER G 615 -8.13 -40.69 -99.78
CA SER G 615 -8.87 -41.92 -99.44
C SER G 615 -9.66 -41.79 -98.13
N LEU G 616 -9.36 -40.79 -97.28
CA LEU G 616 -9.79 -40.80 -95.85
C LEU G 616 -11.31 -40.71 -95.71
N PRO G 617 -12.04 -39.93 -96.53
CA PRO G 617 -13.49 -39.86 -96.36
C PRO G 617 -14.23 -41.12 -96.84
N ASN G 618 -13.61 -41.91 -97.72
CA ASN G 618 -14.23 -43.07 -98.44
C ASN G 618 -14.40 -44.22 -97.47
N LYS G 619 -15.65 -44.48 -97.04
CA LYS G 619 -15.99 -45.66 -96.20
C LYS G 619 -15.77 -46.91 -97.06
N SER G 620 -14.62 -47.57 -96.85
CA SER G 620 -14.23 -48.84 -97.53
C SER G 620 -15.23 -49.94 -97.15
N SER G 623 -15.10 -58.06 -99.55
CA SER G 623 -16.34 -57.91 -98.79
C SER G 623 -16.50 -59.03 -97.76
N LYS G 624 -15.40 -59.69 -97.44
CA LYS G 624 -15.39 -60.76 -96.46
C LYS G 624 -14.83 -60.25 -95.13
N THR G 625 -15.53 -60.55 -94.05
CA THR G 625 -15.08 -60.15 -92.73
C THR G 625 -13.76 -60.82 -92.41
N VAL G 626 -13.16 -60.47 -91.28
CA VAL G 626 -11.93 -61.12 -90.87
C VAL G 626 -12.27 -62.29 -89.98
N SER G 627 -13.48 -62.33 -89.43
CA SER G 627 -13.86 -63.49 -88.64
C SER G 627 -13.96 -64.74 -89.49
N SER G 628 -14.29 -64.59 -90.77
CA SER G 628 -14.29 -65.73 -91.69
C SER G 628 -12.90 -66.34 -91.80
N THR G 629 -11.87 -65.48 -91.86
CA THR G 629 -10.51 -65.93 -91.99
C THR G 629 -9.92 -66.51 -90.73
N ILE G 630 -10.70 -66.67 -89.69
CA ILE G 630 -10.20 -67.33 -88.48
C ILE G 630 -10.17 -68.83 -88.72
N PRO G 631 -8.99 -69.43 -88.64
CA PRO G 631 -8.89 -70.88 -88.79
C PRO G 631 -9.71 -71.62 -87.77
N ARG G 632 -10.27 -72.77 -88.12
CA ARG G 632 -10.95 -73.59 -87.13
C ARG G 632 -9.93 -74.21 -86.17
N GLU G 633 -10.40 -74.52 -84.97
CA GLU G 633 -9.56 -75.11 -83.93
C GLU G 633 -8.42 -74.19 -83.54
N THR G 634 -8.64 -72.87 -83.66
CA THR G 634 -7.63 -71.88 -83.31
C THR G 634 -8.27 -70.81 -82.44
N ILE G 635 -7.56 -70.38 -81.40
CA ILE G 635 -8.00 -69.27 -80.56
C ILE G 635 -7.33 -68.00 -81.10
N PRO G 636 -8.09 -66.99 -81.53
CA PRO G 636 -7.46 -65.73 -81.94
C PRO G 636 -6.75 -65.06 -80.78
N PHE G 637 -5.74 -64.25 -81.05
CA PHE G 637 -4.99 -63.55 -79.99
C PHE G 637 -5.95 -62.65 -79.21
N LEU G 638 -6.88 -61.99 -79.89
CA LEU G 638 -7.92 -61.23 -79.20
C LEU G 638 -9.25 -61.95 -79.43
N HIS G 639 -9.94 -62.26 -78.34
CA HIS G 639 -11.20 -62.98 -78.44
C HIS G 639 -12.05 -62.67 -77.21
N LEU G 640 -13.34 -63.01 -77.31
CA LEU G 640 -14.25 -62.85 -76.20
C LEU G 640 -14.56 -64.20 -75.64
N ARG G 641 -15.11 -64.26 -74.44
CA ARG G 641 -15.36 -65.49 -73.78
C ARG G 641 -16.79 -65.58 -73.35
N LYS G 642 -17.26 -66.77 -73.04
CA LYS G 642 -18.62 -66.96 -72.63
C LYS G 642 -18.63 -67.90 -71.47
N LYS G 643 -19.54 -67.67 -70.55
CA LYS G 643 -19.60 -68.46 -69.38
C LYS G 643 -20.45 -69.70 -69.64
N THR G 644 -20.00 -70.83 -69.15
CA THR G 644 -20.71 -72.09 -69.31
C THR G 644 -21.57 -72.37 -68.08
N PRO G 645 -22.64 -73.16 -68.24
CA PRO G 645 -23.44 -73.53 -67.07
C PRO G 645 -22.63 -73.93 -65.85
N ALA G 646 -21.39 -74.39 -66.03
CA ALA G 646 -20.53 -74.73 -64.90
C ALA G 646 -19.82 -73.52 -64.33
N GLY G 647 -19.91 -72.37 -64.98
CA GLY G 647 -19.39 -71.13 -64.44
C GLY G 647 -18.00 -70.74 -64.89
N ASP G 648 -17.39 -71.50 -65.79
CA ASP G 648 -16.06 -71.18 -66.30
C ASP G 648 -16.18 -70.50 -67.66
N TRP G 649 -15.31 -69.53 -67.90
CA TRP G 649 -15.35 -68.77 -69.14
C TRP G 649 -14.49 -69.40 -70.20
N LYS G 650 -15.05 -69.57 -71.38
CA LYS G 650 -14.37 -70.25 -72.46
C LYS G 650 -14.52 -69.47 -73.76
N TYR G 651 -13.54 -69.63 -74.63
CA TYR G 651 -13.53 -68.92 -75.90
C TYR G 651 -14.81 -69.20 -76.67
N ASP G 652 -15.37 -68.14 -77.24
CA ASP G 652 -16.61 -68.21 -78.02
C ASP G 652 -16.35 -67.68 -79.41
N ARG G 653 -16.61 -68.51 -80.43
CA ARG G 653 -16.33 -68.11 -81.80
C ARG G 653 -17.19 -66.93 -82.22
N GLN G 654 -18.48 -66.93 -81.85
CA GLN G 654 -19.40 -65.93 -82.37
C GLN G 654 -19.14 -64.55 -81.75
N LEU G 655 -19.00 -64.51 -80.43
CA LEU G 655 -18.70 -63.26 -79.76
C LEU G 655 -17.36 -62.70 -80.22
N SER G 656 -16.36 -63.55 -80.35
CA SER G 656 -15.06 -63.11 -80.82
C SER G 656 -15.14 -62.62 -82.25
N SER G 657 -15.98 -63.24 -83.08
CA SER G 657 -16.18 -62.76 -84.43
C SER G 657 -16.80 -61.37 -84.43
N LEU G 658 -17.80 -61.15 -83.56
CA LEU G 658 -18.36 -59.82 -83.40
C LEU G 658 -17.28 -58.80 -83.07
N PHE G 659 -16.46 -59.12 -82.06
CA PHE G 659 -15.43 -58.18 -81.60
C PHE G 659 -14.41 -57.89 -82.69
N LEU G 660 -13.95 -58.93 -83.39
CA LEU G 660 -12.93 -58.74 -84.41
C LEU G 660 -13.48 -58.02 -85.63
N ASP G 661 -14.74 -58.29 -85.99
CA ASP G 661 -15.36 -57.55 -87.08
C ASP G 661 -15.48 -56.08 -86.73
N GLY G 662 -15.85 -55.77 -85.49
CA GLY G 662 -15.86 -54.38 -85.07
C GLY G 662 -14.50 -53.74 -85.14
N LEU G 663 -13.46 -54.48 -84.72
CA LEU G 663 -12.11 -53.94 -84.78
C LEU G 663 -11.69 -53.66 -86.22
N GLU G 664 -12.04 -54.56 -87.15
CA GLU G 664 -11.73 -54.34 -88.55
C GLU G 664 -12.46 -53.11 -89.09
N LYS G 665 -13.74 -52.98 -88.80
CA LYS G 665 -14.49 -51.81 -89.25
C LYS G 665 -13.87 -50.53 -88.72
N ALA G 666 -13.37 -50.56 -87.50
CA ALA G 666 -12.71 -49.42 -86.92
C ALA G 666 -11.46 -49.10 -87.65
N ALA G 667 -10.64 -50.10 -87.87
CA ALA G 667 -9.37 -49.89 -88.57
C ALA G 667 -9.59 -49.33 -89.97
N PHE G 668 -10.69 -49.72 -90.62
CA PHE G 668 -10.96 -49.22 -91.98
C PHE G 668 -11.65 -47.87 -91.97
N ASN G 669 -12.74 -47.72 -91.25
CA ASN G 669 -13.52 -46.49 -91.33
C ASN G 669 -13.47 -45.56 -90.15
N GLY G 670 -12.87 -45.98 -89.05
CA GLY G 670 -12.89 -45.16 -87.86
C GLY G 670 -14.17 -45.31 -87.09
N VAL G 671 -14.11 -45.21 -85.78
CA VAL G 671 -15.30 -45.30 -84.95
C VAL G 671 -15.65 -43.96 -84.29
N THR G 672 -16.92 -43.65 -84.16
CA THR G 672 -17.33 -42.43 -83.52
C THR G 672 -17.64 -42.64 -82.05
N PHE G 673 -17.48 -41.61 -81.23
CA PHE G 673 -17.84 -41.70 -79.82
C PHE G 673 -18.64 -40.50 -79.42
N LYS G 674 -19.31 -39.90 -80.37
CA LYS G 674 -20.11 -38.72 -80.11
C LYS G 674 -21.27 -39.02 -79.17
N ASP G 675 -21.57 -38.13 -78.25
CA ASP G 675 -22.61 -38.39 -77.25
C ASP G 675 -22.21 -39.42 -76.22
N LYS G 676 -20.94 -39.76 -76.12
CA LYS G 676 -20.50 -40.66 -75.08
C LYS G 676 -19.88 -39.82 -73.99
N TYR G 677 -20.27 -40.08 -72.76
CA TYR G 677 -19.74 -39.39 -71.59
C TYR G 677 -18.91 -40.38 -70.84
N VAL G 678 -17.64 -40.13 -70.68
CA VAL G 678 -16.69 -41.10 -70.13
C VAL G 678 -15.97 -40.48 -68.95
N LEU G 679 -15.81 -41.27 -67.89
CA LEU G 679 -14.91 -40.95 -66.80
C LEU G 679 -13.75 -41.94 -66.85
N ILE G 680 -12.52 -41.42 -66.89
CA ILE G 680 -11.33 -42.26 -66.96
C ILE G 680 -10.34 -41.79 -65.91
N THR G 681 -9.82 -42.75 -65.15
CA THR G 681 -8.81 -42.46 -64.17
C THR G 681 -7.60 -43.26 -64.56
N GLY G 682 -6.41 -42.88 -64.11
CA GLY G 682 -5.20 -43.58 -64.49
C GLY G 682 -4.70 -43.34 -65.89
N ALA G 683 -5.03 -42.19 -66.48
CA ALA G 683 -4.63 -41.88 -67.84
C ALA G 683 -3.57 -40.81 -67.96
N GLY G 684 -2.51 -40.84 -67.17
CA GLY G 684 -1.42 -39.89 -67.34
C GLY G 684 -0.41 -40.20 -68.43
N LYS G 685 0.44 -39.26 -68.76
CA LYS G 685 1.40 -39.46 -69.85
C LYS G 685 2.18 -40.74 -69.75
N GLY G 686 2.29 -41.45 -70.85
CA GLY G 686 3.02 -42.69 -70.91
C GLY G 686 2.23 -43.93 -70.51
N SER G 687 0.93 -43.80 -70.39
CA SER G 687 0.10 -44.91 -69.95
C SER G 687 -0.84 -45.39 -71.03
N ILE G 688 -1.49 -46.51 -70.79
CA ILE G 688 -2.47 -47.03 -71.71
C ILE G 688 -3.67 -46.10 -71.73
N GLY G 689 -4.10 -45.59 -70.58
CA GLY G 689 -5.20 -44.66 -70.49
C GLY G 689 -5.04 -43.40 -71.31
N ALA G 690 -3.82 -42.92 -71.44
CA ALA G 690 -3.57 -41.74 -72.24
C ALA G 690 -3.90 -41.97 -73.69
N GLU G 691 -3.56 -43.14 -74.21
CA GLU G 691 -3.87 -43.49 -75.60
C GLU G 691 -5.37 -43.73 -75.73
N VAL G 692 -6.01 -44.30 -74.74
CA VAL G 692 -7.47 -44.42 -74.73
C VAL G 692 -8.12 -43.05 -74.79
N LEU G 693 -7.59 -42.10 -74.02
CA LEU G 693 -8.16 -40.76 -73.97
C LEU G 693 -8.00 -40.03 -75.30
N GLN G 694 -6.89 -40.18 -76.00
CA GLN G 694 -6.73 -39.56 -77.32
C GLN G 694 -7.72 -40.10 -78.33
N GLY G 695 -7.96 -41.38 -78.31
CA GLY G 695 -8.93 -41.98 -79.18
C GLY G 695 -10.32 -41.59 -78.81
N LEU G 696 -10.62 -41.46 -77.53
CA LEU G 696 -11.95 -40.97 -77.17
C LEU G 696 -12.16 -39.53 -77.64
N LEU G 697 -11.16 -38.67 -77.44
CA LEU G 697 -11.29 -37.29 -77.88
C LEU G 697 -11.40 -37.20 -79.39
N GLN G 698 -10.68 -38.05 -80.11
CA GLN G 698 -10.76 -38.04 -81.56
C GLN G 698 -12.18 -38.35 -82.04
N GLY G 699 -12.86 -39.27 -81.38
CA GLY G 699 -14.21 -39.65 -81.73
C GLY G 699 -15.30 -38.73 -81.25
N GLY G 700 -14.96 -37.67 -80.52
CA GLY G 700 -15.95 -36.69 -80.12
C GLY G 700 -16.56 -36.90 -78.75
N ALA G 701 -15.95 -37.69 -77.90
CA ALA G 701 -16.51 -37.98 -76.58
C ALA G 701 -16.36 -36.79 -75.64
N LYS G 702 -17.23 -36.74 -74.63
CA LYS G 702 -17.09 -35.84 -73.49
C LYS G 702 -16.43 -36.62 -72.36
N VAL G 703 -15.21 -36.26 -72.01
CA VAL G 703 -14.39 -37.03 -71.10
C VAL G 703 -13.98 -36.17 -69.92
N VAL G 704 -14.11 -36.72 -68.72
CA VAL G 704 -13.48 -36.17 -67.53
C VAL G 704 -12.33 -37.10 -67.16
N VAL G 705 -11.11 -36.57 -67.18
CA VAL G 705 -9.92 -37.33 -66.86
C VAL G 705 -9.38 -36.83 -65.52
N THR G 706 -9.01 -37.74 -64.67
CA THR G 706 -8.49 -37.41 -63.37
C THR G 706 -6.97 -37.41 -63.38
N THR G 707 -6.35 -36.80 -62.39
CA THR G 707 -4.90 -36.77 -62.26
C THR G 707 -4.54 -36.75 -60.79
N SER G 708 -3.53 -37.50 -60.39
CA SER G 708 -3.06 -37.49 -59.01
C SER G 708 -1.86 -36.54 -58.86
N ARG G 709 -1.40 -35.98 -59.96
CA ARG G 709 -0.32 -35.01 -59.92
C ARG G 709 -0.72 -33.72 -60.61
N PHE G 710 -1.81 -33.13 -60.20
CA PHE G 710 -2.27 -31.85 -60.76
C PHE G 710 -1.22 -30.77 -60.65
N SER G 711 -0.80 -30.23 -61.79
CA SER G 711 0.25 -29.24 -61.85
C SER G 711 0.12 -28.47 -63.14
N LYS G 712 1.00 -27.53 -63.40
CA LYS G 712 0.92 -26.71 -64.60
C LYS G 712 1.48 -27.48 -65.73
N GLN G 713 2.36 -28.40 -65.43
CA GLN G 713 2.87 -29.27 -66.46
C GLN G 713 1.80 -30.25 -66.96
N VAL G 714 1.03 -30.82 -66.05
CA VAL G 714 0.00 -31.76 -66.44
C VAL G 714 -1.14 -31.07 -67.15
N THR G 715 -1.49 -29.87 -66.72
CA THR G 715 -2.56 -29.14 -67.36
C THR G 715 -2.11 -28.73 -68.75
N ASP G 716 -0.85 -28.39 -68.94
CA ASP G 716 -0.32 -28.07 -70.26
C ASP G 716 -0.23 -29.31 -71.15
N TYR G 717 -0.04 -30.47 -70.57
CA TYR G 717 0.00 -31.70 -71.34
C TYR G 717 -1.39 -32.00 -71.86
N TYR G 718 -2.37 -31.83 -71.02
CA TYR G 718 -3.75 -32.07 -71.43
C TYR G 718 -4.26 -31.02 -72.37
N GLN G 719 -3.82 -29.77 -72.32
CA GLN G 719 -4.21 -28.79 -73.29
C GLN G 719 -3.68 -29.15 -74.62
N SER G 720 -2.43 -29.58 -74.67
CA SER G 720 -1.79 -29.94 -75.92
C SER G 720 -2.48 -31.13 -76.53
N ILE G 721 -2.92 -32.09 -75.74
CA ILE G 721 -3.63 -33.23 -76.25
C ILE G 721 -4.98 -32.83 -76.82
N TYR G 722 -5.73 -32.01 -76.10
CA TYR G 722 -7.02 -31.55 -76.66
C TYR G 722 -6.90 -30.71 -77.92
N ALA G 723 -5.91 -29.85 -77.99
CA ALA G 723 -5.70 -29.02 -79.13
C ALA G 723 -5.23 -29.83 -80.29
N LYS G 724 -4.66 -31.02 -80.12
CA LYS G 724 -4.31 -31.85 -81.24
C LYS G 724 -5.42 -32.81 -81.65
N TYR G 725 -6.09 -33.44 -80.70
CA TYR G 725 -7.07 -34.47 -80.98
C TYR G 725 -8.54 -34.18 -80.70
N GLY G 726 -8.86 -33.20 -79.85
CA GLY G 726 -10.23 -32.92 -79.55
C GLY G 726 -11.09 -32.60 -80.75
N ALA G 727 -11.93 -33.54 -81.13
CA ALA G 727 -12.81 -33.35 -82.28
C ALA G 727 -13.95 -32.40 -81.94
N LYS G 728 -14.67 -31.97 -82.98
CA LYS G 728 -15.83 -31.11 -82.77
C LYS G 728 -16.85 -31.82 -81.90
N GLY G 729 -17.44 -31.08 -80.98
CA GLY G 729 -18.39 -31.64 -80.04
C GLY G 729 -17.79 -32.32 -78.83
N SER G 730 -16.46 -32.42 -78.76
CA SER G 730 -15.80 -33.07 -77.64
C SER G 730 -15.44 -32.06 -76.57
N THR G 731 -15.25 -32.55 -75.35
CA THR G 731 -14.83 -31.72 -74.23
C THR G 731 -13.93 -32.56 -73.32
N LEU G 732 -12.92 -31.90 -72.76
CA LEU G 732 -11.99 -32.53 -71.83
C LEU G 732 -12.05 -31.77 -70.50
N ILE G 733 -12.35 -32.48 -69.43
CA ILE G 733 -12.35 -31.92 -68.08
C ILE G 733 -11.25 -32.61 -67.30
N VAL G 734 -10.29 -31.83 -66.80
CA VAL G 734 -9.20 -32.33 -65.98
C VAL G 734 -9.45 -31.88 -64.55
N VAL G 735 -9.42 -32.84 -63.62
CA VAL G 735 -9.65 -32.55 -62.21
C VAL G 735 -8.58 -33.23 -61.38
N PRO G 736 -8.24 -32.65 -60.25
CA PRO G 736 -7.31 -33.34 -59.35
C PRO G 736 -8.05 -34.48 -58.63
N PHE G 737 -7.41 -35.61 -58.43
CA PHE G 737 -8.08 -36.75 -57.82
C PHE G 737 -7.18 -37.72 -57.10
N ASN G 738 -7.67 -38.30 -56.03
CA ASN G 738 -6.95 -39.32 -55.30
C ASN G 738 -7.95 -40.45 -55.21
N GLN G 739 -7.76 -41.51 -55.98
CA GLN G 739 -8.64 -42.67 -55.94
C GLN G 739 -8.53 -43.43 -54.63
N GLY G 740 -7.45 -43.22 -53.87
CA GLY G 740 -7.32 -43.81 -52.56
C GLY G 740 -8.15 -43.18 -51.47
N SER G 741 -8.79 -42.05 -51.77
CA SER G 741 -9.68 -41.37 -50.84
C SER G 741 -11.14 -41.58 -51.20
N LYS G 742 -11.90 -42.15 -50.29
CA LYS G 742 -13.32 -42.36 -50.48
C LYS G 742 -14.12 -41.06 -50.58
N GLN G 743 -13.70 -40.04 -49.87
CA GLN G 743 -14.36 -38.77 -49.93
C GLN G 743 -14.13 -38.14 -51.27
N ASP G 744 -12.94 -38.30 -51.83
CA ASP G 744 -12.68 -37.82 -53.18
C ASP G 744 -13.55 -38.54 -54.20
N VAL G 745 -13.73 -39.85 -54.04
CA VAL G 745 -14.58 -40.61 -54.96
C VAL G 745 -16.00 -40.07 -54.95
N GLU G 746 -16.56 -39.94 -53.75
CA GLU G 746 -17.93 -39.43 -53.63
C GLU G 746 -18.04 -38.02 -54.19
N ALA G 747 -17.09 -37.18 -53.90
CA ALA G 747 -17.14 -35.83 -54.38
C ALA G 747 -17.01 -35.73 -55.88
N LEU G 748 -16.15 -36.53 -56.48
CA LEU G 748 -16.01 -36.52 -57.92
C LEU G 748 -17.31 -36.94 -58.60
N ILE G 749 -17.94 -38.00 -58.14
CA ILE G 749 -19.16 -38.46 -58.76
C ILE G 749 -20.28 -37.47 -58.53
N GLU G 750 -20.30 -36.81 -57.39
CA GLU G 750 -21.28 -35.75 -57.14
C GLU G 750 -21.06 -34.55 -58.04
N PHE G 751 -19.82 -34.11 -58.22
CA PHE G 751 -19.50 -33.03 -59.13
C PHE G 751 -19.98 -33.39 -60.51
N ILE G 752 -19.72 -34.61 -60.94
CA ILE G 752 -20.10 -34.98 -62.31
C ILE G 752 -21.61 -34.92 -62.47
N TYR G 753 -22.36 -35.43 -61.49
CA TYR G 753 -23.81 -35.54 -61.64
C TYR G 753 -24.57 -34.28 -61.23
N ASP G 754 -24.00 -33.37 -60.47
CA ASP G 754 -24.71 -32.20 -60.01
C ASP G 754 -25.01 -31.31 -61.16
N THR G 755 -26.02 -30.46 -61.01
CA THR G 755 -26.42 -29.54 -62.06
C THR G 755 -25.44 -28.42 -62.18
N GLU G 756 -25.38 -27.82 -63.33
CA GLU G 756 -24.46 -26.72 -63.55
C GLU G 756 -24.75 -25.53 -62.68
N LYS G 757 -26.02 -25.24 -62.44
CA LYS G 757 -26.40 -24.18 -61.52
C LYS G 757 -25.94 -24.47 -60.10
N ASN G 758 -25.74 -25.73 -59.75
CA ASN G 758 -25.19 -26.10 -58.45
C ASN G 758 -23.68 -26.30 -58.50
N GLY G 759 -23.02 -25.89 -59.58
CA GLY G 759 -21.59 -25.98 -59.69
C GLY G 759 -21.05 -27.29 -60.22
N GLY G 760 -21.91 -28.17 -60.72
CA GLY G 760 -21.49 -29.43 -61.30
C GLY G 760 -21.46 -29.39 -62.82
N LEU G 761 -21.23 -30.54 -63.42
CA LEU G 761 -21.21 -30.66 -64.87
C LEU G 761 -22.58 -31.00 -65.43
N GLY G 762 -23.47 -31.62 -64.66
CA GLY G 762 -24.74 -32.04 -65.17
C GLY G 762 -24.67 -33.15 -66.20
N TRP G 763 -23.75 -34.09 -66.01
CA TRP G 763 -23.60 -35.18 -66.94
C TRP G 763 -24.13 -36.49 -66.43
N ASP G 764 -24.32 -37.45 -67.30
CA ASP G 764 -24.72 -38.81 -66.92
C ASP G 764 -23.70 -39.67 -67.64
N LEU G 765 -22.98 -40.51 -66.93
CA LEU G 765 -21.86 -41.26 -67.50
C LEU G 765 -22.35 -42.41 -68.38
N ASP G 766 -21.71 -42.56 -69.53
CA ASP G 766 -21.92 -43.73 -70.39
C ASP G 766 -20.83 -44.78 -70.22
N ALA G 767 -19.66 -44.39 -69.74
CA ALA G 767 -18.56 -45.33 -69.57
C ALA G 767 -17.72 -44.90 -68.37
N ILE G 768 -17.17 -45.89 -67.67
CA ILE G 768 -16.22 -45.67 -66.58
C ILE G 768 -15.00 -46.53 -66.86
N ILE G 769 -13.83 -45.91 -66.84
CA ILE G 769 -12.58 -46.59 -67.16
C ILE G 769 -11.60 -46.36 -66.01
N PRO G 770 -11.70 -47.19 -64.98
CA PRO G 770 -10.90 -46.94 -63.78
C PRO G 770 -9.52 -47.57 -63.80
N PHE G 771 -8.56 -46.91 -64.43
CA PHE G 771 -7.22 -47.48 -64.57
C PHE G 771 -6.15 -47.00 -63.58
N ALA G 772 -6.54 -46.25 -62.57
CA ALA G 772 -5.60 -45.76 -61.56
C ALA G 772 -5.00 -46.91 -60.80
N ALA G 773 -3.70 -46.84 -60.58
CA ALA G 773 -3.01 -47.91 -59.92
C ALA G 773 -1.71 -47.40 -59.39
N ILE G 774 -1.12 -48.09 -58.45
CA ILE G 774 0.21 -47.73 -57.97
C ILE G 774 1.03 -48.98 -58.00
N PRO G 775 2.34 -48.85 -58.18
CA PRO G 775 3.22 -50.01 -58.29
C PRO G 775 3.72 -50.61 -56.98
N GLU G 776 3.75 -51.93 -56.88
CA GLU G 776 4.28 -52.62 -55.72
C GLU G 776 5.39 -53.52 -56.21
N GLN G 777 6.62 -53.17 -55.93
CA GLN G 777 7.80 -53.88 -56.39
C GLN G 777 8.51 -54.54 -55.22
N GLY G 778 8.77 -55.84 -55.36
CA GLY G 778 9.52 -56.57 -54.35
C GLY G 778 8.83 -56.66 -53.01
N ILE G 779 7.51 -56.74 -53.00
CA ILE G 779 6.74 -56.92 -51.77
C ILE G 779 6.16 -58.32 -51.82
N GLU G 780 6.79 -59.25 -51.10
CA GLU G 780 6.32 -60.62 -51.03
C GLU G 780 5.24 -60.72 -49.95
N LEU G 781 4.83 -61.94 -49.62
CA LEU G 781 3.77 -62.13 -48.63
C LEU G 781 4.14 -61.53 -47.29
N GLU G 782 5.38 -61.75 -46.84
CA GLU G 782 5.82 -61.25 -45.54
C GLU G 782 5.98 -59.75 -45.50
N HIS G 783 6.03 -59.07 -46.66
CA HIS G 783 6.24 -57.63 -46.70
C HIS G 783 4.95 -56.85 -46.90
N ILE G 784 3.80 -57.49 -46.98
CA ILE G 784 2.54 -56.78 -47.22
C ILE G 784 2.25 -55.90 -46.00
N ASP G 785 2.13 -54.60 -46.23
CA ASP G 785 2.12 -53.61 -45.17
C ASP G 785 1.26 -52.42 -45.61
N SER G 786 1.44 -51.29 -44.95
CA SER G 786 0.64 -50.10 -45.22
C SER G 786 0.47 -49.83 -46.71
N LYS G 787 1.57 -49.84 -47.46
CA LYS G 787 1.49 -49.46 -48.87
C LYS G 787 0.65 -50.45 -49.67
N SER G 788 0.79 -51.74 -49.37
CA SER G 788 -0.02 -52.73 -50.07
C SER G 788 -1.49 -52.55 -49.75
N GLU G 789 -1.81 -52.24 -48.49
CA GLU G 789 -3.21 -51.98 -48.13
C GLU G 789 -3.75 -50.77 -48.87
N PHE G 790 -2.98 -49.71 -48.99
CA PHE G 790 -3.42 -48.51 -49.69
C PHE G 790 -3.61 -48.76 -51.17
N ALA G 791 -2.75 -49.56 -51.78
CA ALA G 791 -2.92 -49.92 -53.17
C ALA G 791 -4.15 -50.81 -53.39
N HIS G 792 -4.46 -51.71 -52.47
CA HIS G 792 -5.60 -52.58 -52.59
C HIS G 792 -6.82 -51.73 -52.43
N ARG G 793 -6.77 -50.75 -51.55
CA ARG G 793 -7.91 -49.85 -51.47
C ARG G 793 -8.15 -49.18 -52.81
N ILE G 794 -7.10 -48.56 -53.37
CA ILE G 794 -7.22 -47.84 -54.64
C ILE G 794 -7.79 -48.77 -55.71
N MET G 795 -7.14 -49.90 -55.92
CA MET G 795 -7.45 -50.78 -57.03
C MET G 795 -8.61 -51.75 -56.91
N LEU G 796 -9.16 -51.96 -55.73
CA LEU G 796 -10.38 -52.75 -55.60
C LEU G 796 -11.49 -52.00 -54.91
N THR G 797 -11.24 -51.48 -53.70
CA THR G 797 -12.34 -51.08 -52.83
C THR G 797 -12.94 -49.75 -53.30
N ASN G 798 -12.09 -48.82 -53.73
CA ASN G 798 -12.61 -47.55 -54.19
C ASN G 798 -13.16 -47.63 -55.61
N ILE G 799 -12.80 -48.62 -56.40
CA ILE G 799 -13.45 -48.83 -57.68
C ILE G 799 -14.84 -49.38 -57.39
N LEU G 800 -15.00 -50.28 -56.42
CA LEU G 800 -16.34 -50.70 -56.03
C LEU G 800 -17.15 -49.52 -55.50
N ARG G 801 -16.56 -48.65 -54.73
CA ARG G 801 -17.25 -47.52 -54.20
C ARG G 801 -17.65 -46.54 -55.29
N MET G 802 -16.80 -46.35 -56.27
CA MET G 802 -17.15 -45.45 -57.38
C MET G 802 -18.30 -46.03 -58.20
N MET G 803 -18.29 -47.34 -58.42
CA MET G 803 -19.42 -47.97 -59.10
C MET G 803 -20.70 -47.78 -58.30
N GLY G 804 -20.64 -47.98 -56.99
CA GLY G 804 -21.81 -47.77 -56.15
C GLY G 804 -22.29 -46.33 -56.19
N CYS G 805 -21.36 -45.38 -56.18
CA CYS G 805 -21.74 -43.97 -56.24
C CYS G 805 -22.45 -43.64 -57.55
N VAL G 806 -21.94 -44.15 -58.66
CA VAL G 806 -22.60 -43.92 -59.94
C VAL G 806 -23.99 -44.55 -59.93
N LYS G 807 -24.13 -45.77 -59.42
CA LYS G 807 -25.43 -46.39 -59.31
C LYS G 807 -26.36 -45.51 -58.49
N LYS G 808 -25.93 -45.07 -57.33
CA LYS G 808 -26.81 -44.29 -56.47
C LYS G 808 -27.24 -42.99 -57.16
N GLN G 809 -26.36 -42.39 -57.93
CA GLN G 809 -26.70 -41.16 -58.60
C GLN G 809 -27.72 -41.40 -59.69
N LYS G 810 -27.60 -42.46 -60.46
CA LYS G 810 -28.55 -42.74 -61.50
C LYS G 810 -29.87 -43.23 -60.89
N SER G 811 -29.85 -43.92 -59.75
CA SER G 811 -31.12 -44.35 -59.17
C SER G 811 -31.88 -43.20 -58.54
N ALA G 812 -31.18 -42.28 -57.88
CA ALA G 812 -31.84 -41.13 -57.28
C ALA G 812 -32.52 -40.28 -58.35
N ARG G 813 -32.15 -40.42 -59.61
CA ARG G 813 -32.79 -39.69 -60.69
C ARG G 813 -33.68 -40.53 -61.59
N GLY G 814 -33.99 -41.74 -61.19
CA GLY G 814 -34.82 -42.62 -61.99
C GLY G 814 -34.28 -43.03 -63.34
N ILE G 815 -32.97 -43.08 -63.49
CA ILE G 815 -32.37 -43.48 -64.74
C ILE G 815 -32.20 -44.99 -64.75
N GLU G 816 -33.02 -45.68 -65.50
CA GLU G 816 -32.96 -47.13 -65.59
C GLU G 816 -32.64 -47.57 -67.00
N THR G 817 -32.45 -46.64 -67.93
CA THR G 817 -32.25 -46.99 -69.33
C THR G 817 -31.07 -46.28 -69.96
N ARG G 818 -30.06 -46.00 -69.18
CA ARG G 818 -28.82 -45.42 -69.70
C ARG G 818 -27.74 -45.94 -68.80
N PRO G 819 -27.44 -47.24 -68.91
CA PRO G 819 -26.37 -47.81 -68.10
C PRO G 819 -24.94 -47.34 -68.41
N ALA G 820 -24.08 -47.25 -67.41
CA ALA G 820 -22.68 -46.91 -67.64
C ALA G 820 -21.88 -48.19 -67.80
N GLN G 821 -21.09 -48.25 -68.86
CA GLN G 821 -20.24 -49.40 -69.13
C GLN G 821 -18.94 -49.26 -68.34
N VAL G 822 -18.61 -50.28 -67.56
CA VAL G 822 -17.42 -50.25 -66.71
C VAL G 822 -16.38 -51.16 -67.35
N ILE G 823 -15.30 -50.55 -67.85
CA ILE G 823 -14.20 -51.28 -68.46
C ILE G 823 -13.22 -51.62 -67.33
N LEU G 824 -13.27 -52.87 -66.88
CA LEU G 824 -12.47 -53.28 -65.73
C LEU G 824 -11.08 -53.72 -66.20
N PRO G 825 -9.99 -53.11 -65.72
CA PRO G 825 -8.65 -53.57 -66.11
C PRO G 825 -8.28 -54.83 -65.34
N MET G 826 -8.33 -55.95 -66.03
CA MET G 826 -8.10 -57.23 -65.41
C MET G 826 -6.77 -57.82 -65.81
N SER G 827 -6.31 -58.79 -65.04
CA SER G 827 -5.02 -59.38 -65.29
C SER G 827 -5.12 -60.85 -65.58
N PRO G 828 -4.33 -61.33 -66.54
CA PRO G 828 -4.32 -62.78 -66.75
C PRO G 828 -3.62 -63.55 -65.64
N ASN G 829 -2.69 -62.91 -64.97
CA ASN G 829 -1.89 -63.56 -63.97
C ASN G 829 -2.26 -63.17 -62.57
N HIS G 830 -2.47 -64.16 -61.72
CA HIS G 830 -2.83 -63.90 -60.35
C HIS G 830 -1.91 -64.68 -59.44
N GLY G 831 -0.75 -64.11 -59.14
CA GLY G 831 0.22 -64.76 -58.27
C GLY G 831 1.29 -65.54 -58.98
N THR G 832 1.46 -65.30 -60.27
CA THR G 832 2.40 -66.07 -61.06
C THR G 832 3.82 -65.54 -60.97
N PHE G 833 3.99 -64.24 -61.00
CA PHE G 833 5.31 -63.65 -60.87
C PHE G 833 5.74 -63.41 -59.43
N GLY G 834 4.82 -62.97 -58.57
CA GLY G 834 5.14 -62.73 -57.19
C GLY G 834 5.80 -61.40 -56.89
N GLY G 835 5.88 -61.05 -55.62
CA GLY G 835 6.54 -59.83 -55.20
C GLY G 835 5.86 -58.56 -55.67
N ASP G 836 4.55 -58.60 -55.80
CA ASP G 836 3.78 -57.44 -56.21
C ASP G 836 2.75 -57.02 -55.17
N GLY G 837 2.97 -57.33 -53.90
CA GLY G 837 2.07 -56.88 -52.85
C GLY G 837 0.71 -57.53 -52.96
N MET G 838 -0.32 -56.69 -53.07
CA MET G 838 -1.70 -57.15 -53.17
C MET G 838 -2.27 -56.96 -54.56
N TYR G 839 -1.44 -56.73 -55.55
CA TYR G 839 -1.89 -56.53 -56.91
C TYR G 839 -2.73 -57.70 -57.41
N SER G 840 -2.31 -58.92 -57.23
CA SER G 840 -3.05 -60.04 -57.75
C SER G 840 -4.34 -60.21 -57.02
N GLU G 841 -4.37 -59.96 -55.72
CA GLU G 841 -5.64 -60.03 -55.01
C GLU G 841 -6.63 -59.01 -55.53
N SER G 842 -6.20 -57.78 -55.74
CA SER G 842 -7.05 -56.75 -56.30
C SER G 842 -7.59 -57.10 -57.69
N LYS G 843 -6.76 -57.66 -58.55
CA LYS G 843 -7.18 -57.97 -59.87
C LYS G 843 -8.10 -59.20 -59.89
N LEU G 844 -7.84 -60.19 -59.06
CA LEU G 844 -8.70 -61.36 -58.99
C LEU G 844 -10.04 -61.02 -58.35
N SER G 845 -10.04 -60.20 -57.29
CA SER G 845 -11.29 -59.81 -56.66
C SER G 845 -12.17 -59.03 -57.62
N LEU G 846 -11.57 -58.26 -58.54
CA LEU G 846 -12.35 -57.55 -59.53
C LEU G 846 -13.29 -58.47 -60.31
N GLU G 847 -13.08 -59.78 -60.32
CA GLU G 847 -13.87 -60.72 -61.11
C GLU G 847 -15.17 -61.17 -60.51
N THR G 848 -15.41 -60.87 -59.26
CA THR G 848 -16.71 -61.18 -58.67
C THR G 848 -17.84 -60.37 -59.29
N LEU G 849 -17.52 -59.31 -60.01
CA LEU G 849 -18.55 -58.44 -60.57
C LEU G 849 -19.35 -59.13 -61.65
N PHE G 850 -18.74 -60.02 -62.40
CA PHE G 850 -19.44 -60.77 -63.43
C PHE G 850 -20.61 -61.51 -62.84
N ASN G 851 -20.49 -61.97 -61.62
CA ASN G 851 -21.61 -62.61 -60.95
C ASN G 851 -22.50 -61.62 -60.17
N ARG G 852 -21.93 -60.60 -59.54
CA ARG G 852 -22.69 -59.58 -58.84
C ARG G 852 -23.71 -58.92 -59.76
N TRP G 853 -23.35 -58.76 -61.04
CA TRP G 853 -24.27 -58.15 -61.99
C TRP G 853 -25.59 -58.90 -62.04
N HIS G 854 -25.60 -60.21 -61.96
CA HIS G 854 -26.84 -60.98 -61.94
C HIS G 854 -27.48 -61.08 -60.57
N SER G 855 -26.70 -61.28 -59.52
CA SER G 855 -27.23 -61.48 -58.15
C SER G 855 -27.79 -60.25 -57.44
N GLU G 856 -27.41 -59.06 -57.85
CA GLU G 856 -27.84 -57.84 -57.17
C GLU G 856 -28.67 -56.97 -58.11
N SER G 857 -28.97 -55.76 -57.63
CA SER G 857 -29.86 -54.85 -58.35
C SER G 857 -29.32 -53.56 -58.94
N TRP G 858 -28.14 -53.60 -59.54
CA TRP G 858 -27.56 -52.44 -60.17
C TRP G 858 -27.33 -52.65 -61.65
N ALA G 859 -27.82 -53.75 -62.20
CA ALA G 859 -27.61 -54.08 -63.62
C ALA G 859 -28.22 -53.13 -64.63
N ASN G 860 -29.18 -52.31 -64.25
CA ASN G 860 -29.75 -51.33 -65.15
C ASN G 860 -28.96 -50.05 -65.14
N GLN G 861 -28.06 -49.89 -64.17
CA GLN G 861 -27.27 -48.69 -64.08
C GLN G 861 -25.85 -48.93 -64.53
N LEU G 862 -25.35 -50.15 -64.42
CA LEU G 862 -23.97 -50.43 -64.79
C LEU G 862 -23.90 -51.76 -65.51
N THR G 863 -23.10 -51.80 -66.57
CA THR G 863 -22.78 -53.05 -67.27
C THR G 863 -21.29 -53.33 -67.08
N VAL G 864 -20.96 -54.62 -66.94
CA VAL G 864 -19.61 -55.05 -66.63
C VAL G 864 -18.93 -55.49 -67.91
N CYS G 865 -17.71 -54.98 -68.14
CA CYS G 865 -16.91 -55.33 -69.32
C CYS G 865 -15.48 -55.56 -68.83
N GLY G 866 -15.17 -56.81 -68.52
CA GLY G 866 -13.84 -57.17 -68.09
C GLY G 866 -12.88 -57.32 -69.25
N ALA G 867 -11.77 -56.61 -69.20
CA ALA G 867 -10.74 -56.68 -70.23
C ALA G 867 -9.47 -57.25 -69.61
N ILE G 868 -9.03 -58.40 -70.11
CA ILE G 868 -7.79 -59.02 -69.67
C ILE G 868 -6.67 -58.41 -70.51
N ILE G 869 -5.95 -57.44 -69.94
CA ILE G 869 -4.94 -56.73 -70.70
C ILE G 869 -3.70 -57.59 -70.82
N GLY G 870 -3.19 -57.73 -72.04
CA GLY G 870 -2.01 -58.51 -72.32
C GLY G 870 -0.73 -57.74 -72.05
N TRP G 871 0.38 -58.38 -72.40
CA TRP G 871 1.71 -57.81 -72.20
C TRP G 871 1.85 -56.52 -72.99
N THR G 872 1.89 -55.40 -72.30
CA THR G 872 1.98 -54.10 -72.95
C THR G 872 3.33 -53.50 -72.67
N ARG G 873 4.02 -53.07 -73.69
CA ARG G 873 5.32 -52.51 -73.58
C ARG G 873 5.14 -51.03 -73.45
N GLY G 874 5.93 -50.43 -72.60
CA GLY G 874 5.87 -49.00 -72.45
C GLY G 874 5.95 -48.76 -70.98
N THR G 875 5.29 -47.73 -70.48
CA THR G 875 5.41 -47.36 -69.08
C THR G 875 4.37 -47.93 -68.14
N GLY G 876 4.23 -47.32 -66.97
CA GLY G 876 3.24 -47.75 -66.00
C GLY G 876 3.77 -48.79 -65.05
N LEU G 877 3.40 -50.04 -65.28
CA LEU G 877 3.90 -51.11 -64.47
C LEU G 877 4.69 -52.08 -65.33
N MET G 878 4.28 -52.27 -66.57
CA MET G 878 4.96 -53.22 -67.44
C MET G 878 6.27 -52.72 -68.06
N SER G 879 6.68 -51.50 -67.76
CA SER G 879 7.98 -51.08 -68.28
C SER G 879 9.07 -51.82 -67.51
N ALA G 880 10.31 -51.86 -68.00
CA ALA G 880 11.38 -52.63 -67.37
C ALA G 880 11.43 -54.03 -67.93
N ASN G 881 10.37 -54.45 -68.61
CA ASN G 881 10.29 -55.77 -69.20
C ASN G 881 10.43 -55.69 -70.71
N ASN G 882 10.74 -54.53 -71.24
CA ASN G 882 10.82 -54.35 -72.68
C ASN G 882 11.97 -55.08 -73.33
N ILE G 883 13.02 -55.44 -72.57
CA ILE G 883 14.19 -56.07 -73.17
C ILE G 883 13.96 -57.55 -73.45
N ILE G 884 12.93 -58.16 -72.86
CA ILE G 884 12.60 -59.56 -73.09
C ILE G 884 11.36 -59.72 -73.95
N ALA G 885 10.80 -58.63 -74.46
CA ALA G 885 9.59 -58.74 -75.29
C ALA G 885 9.87 -59.54 -76.56
N GLU G 886 11.01 -59.32 -77.19
CA GLU G 886 11.34 -60.07 -78.40
C GLU G 886 11.51 -61.55 -78.10
N GLY G 887 12.20 -61.87 -77.00
CA GLY G 887 12.34 -63.28 -76.62
C GLY G 887 11.00 -63.92 -76.35
N ILE G 888 10.09 -63.20 -75.71
CA ILE G 888 8.75 -63.73 -75.46
C ILE G 888 8.01 -63.95 -76.78
N GLU G 889 8.09 -62.97 -77.69
CA GLU G 889 7.41 -63.08 -78.97
C GLU G 889 7.99 -64.17 -79.85
N LYS G 890 9.21 -64.64 -79.56
CA LYS G 890 9.78 -65.75 -80.33
C LYS G 890 8.99 -67.04 -80.18
N MET G 891 8.09 -67.13 -79.20
CA MET G 891 7.32 -68.35 -78.96
C MET G 891 5.95 -68.30 -79.62
N GLY G 892 5.75 -67.40 -80.59
CA GLY G 892 4.44 -67.24 -81.20
C GLY G 892 3.46 -66.44 -80.37
N VAL G 893 3.93 -65.72 -79.36
CA VAL G 893 3.06 -64.87 -78.56
C VAL G 893 3.10 -63.44 -79.09
N ARG G 894 2.09 -62.66 -78.74
CA ARG G 894 2.01 -61.26 -79.14
C ARG G 894 2.12 -60.37 -77.92
N THR G 895 3.08 -59.44 -77.96
CA THR G 895 3.13 -58.32 -77.04
C THR G 895 2.65 -57.08 -77.77
N PHE G 896 2.04 -56.16 -77.03
CA PHE G 896 1.35 -55.03 -77.61
C PHE G 896 2.00 -53.73 -77.18
N SER G 897 1.90 -52.74 -78.05
CA SER G 897 2.32 -51.42 -77.71
C SER G 897 1.13 -50.81 -77.00
N GLN G 898 1.27 -49.60 -76.49
CA GLN G 898 0.16 -48.94 -75.82
C GLN G 898 -0.86 -48.45 -76.80
N LYS G 899 -0.45 -48.07 -78.02
CA LYS G 899 -1.45 -47.73 -79.02
C LYS G 899 -2.30 -48.94 -79.38
N GLU G 900 -1.68 -50.10 -79.51
CA GLU G 900 -2.42 -51.29 -79.87
C GLU G 900 -3.39 -51.68 -78.80
N MET G 901 -2.94 -51.66 -77.55
CA MET G 901 -3.82 -52.00 -76.44
C MET G 901 -4.94 -50.98 -76.31
N ALA G 902 -4.65 -49.70 -76.54
CA ALA G 902 -5.70 -48.70 -76.53
C ALA G 902 -6.73 -48.95 -77.62
N PHE G 903 -6.27 -49.33 -78.81
CA PHE G 903 -7.18 -49.68 -79.90
C PHE G 903 -8.05 -50.86 -79.51
N ASN G 904 -7.46 -51.89 -78.91
CA ASN G 904 -8.24 -53.04 -78.46
C ASN G 904 -9.29 -52.63 -77.43
N LEU G 905 -8.91 -51.79 -76.47
CA LEU G 905 -9.85 -51.40 -75.43
C LEU G 905 -10.97 -50.53 -76.00
N LEU G 906 -10.63 -49.60 -76.90
CA LEU G 906 -11.65 -48.79 -77.55
C LEU G 906 -12.55 -49.63 -78.44
N GLY G 907 -12.08 -50.81 -78.85
CA GLY G 907 -12.96 -51.74 -79.54
C GLY G 907 -14.13 -52.21 -78.68
N LEU G 908 -14.01 -52.11 -77.36
CA LEU G 908 -15.09 -52.50 -76.47
C LEU G 908 -16.13 -51.40 -76.29
N LEU G 909 -15.87 -50.20 -76.78
CA LEU G 909 -16.81 -49.09 -76.69
C LEU G 909 -17.63 -48.93 -77.97
N THR G 910 -17.52 -49.86 -78.88
CA THR G 910 -18.27 -49.80 -80.12
C THR G 910 -19.69 -50.12 -79.82
N PRO G 911 -20.62 -49.55 -80.58
CA PRO G 911 -22.05 -49.78 -80.37
C PRO G 911 -22.53 -51.24 -80.19
N GLU G 912 -21.98 -52.20 -80.93
CA GLU G 912 -22.36 -53.61 -80.83
C GLU G 912 -21.86 -54.23 -79.53
N VAL G 913 -20.62 -53.92 -79.13
CA VAL G 913 -20.13 -54.41 -77.86
C VAL G 913 -20.89 -53.80 -76.70
N VAL G 914 -21.30 -52.53 -76.83
CA VAL G 914 -22.10 -51.90 -75.78
C VAL G 914 -23.41 -52.65 -75.59
N GLU G 915 -24.08 -52.97 -76.71
CA GLU G 915 -25.33 -53.73 -76.61
C GLU G 915 -25.07 -55.12 -76.04
N LEU G 916 -23.98 -55.74 -76.42
CA LEU G 916 -23.66 -57.06 -75.89
C LEU G 916 -23.45 -56.98 -74.38
N CYS G 917 -22.79 -55.93 -73.89
CA CYS G 917 -22.63 -55.76 -72.45
C CYS G 917 -23.97 -55.53 -71.77
N GLN G 918 -24.88 -54.79 -72.43
CA GLN G 918 -26.20 -54.57 -71.85
C GLN G 918 -26.98 -55.89 -71.76
N LYS G 919 -26.73 -56.82 -72.68
CA LYS G 919 -27.38 -58.12 -72.57
C LYS G 919 -26.83 -58.94 -71.41
N SER G 920 -25.52 -58.98 -71.23
CA SER G 920 -24.88 -59.67 -70.08
C SER G 920 -23.40 -59.33 -70.00
N PRO G 921 -22.77 -59.68 -68.88
CA PRO G 921 -21.36 -59.27 -68.72
C PRO G 921 -20.37 -59.86 -69.71
N VAL G 922 -19.57 -59.03 -70.35
CA VAL G 922 -18.61 -59.46 -71.33
C VAL G 922 -17.21 -59.60 -70.80
N MET G 923 -16.51 -60.63 -71.24
CA MET G 923 -15.13 -60.85 -70.86
C MET G 923 -14.29 -60.89 -72.09
N ALA G 924 -13.48 -59.87 -72.32
CA ALA G 924 -12.60 -59.81 -73.46
C ALA G 924 -11.19 -60.24 -73.04
N ASP G 925 -10.61 -61.16 -73.80
CA ASP G 925 -9.26 -61.63 -73.57
C ASP G 925 -8.33 -60.94 -74.58
N LEU G 926 -7.50 -60.03 -74.09
CA LEU G 926 -6.54 -59.32 -74.91
C LEU G 926 -5.10 -59.71 -74.57
N ASN G 927 -4.89 -60.97 -74.18
CA ASN G 927 -3.62 -61.43 -73.67
C ASN G 927 -2.65 -61.88 -74.75
N GLY G 928 -3.05 -61.83 -76.02
CA GLY G 928 -2.14 -62.12 -77.12
C GLY G 928 -1.56 -63.52 -77.11
N GLY G 929 -2.27 -64.48 -76.52
CA GLY G 929 -1.80 -65.85 -76.49
C GLY G 929 -0.82 -66.17 -75.39
N LEU G 930 -0.44 -65.19 -74.56
CA LEU G 930 0.54 -65.44 -73.51
C LEU G 930 0.10 -66.51 -72.53
N GLN G 931 -1.20 -66.80 -72.43
CA GLN G 931 -1.65 -67.79 -71.46
C GLN G 931 -1.18 -69.20 -71.82
N PHE G 932 -0.86 -69.45 -73.10
CA PHE G 932 -0.45 -70.79 -73.51
C PHE G 932 1.00 -71.08 -73.21
N VAL G 933 1.81 -70.07 -72.91
CA VAL G 933 3.20 -70.32 -72.54
C VAL G 933 3.24 -70.98 -71.17
N PRO G 934 3.86 -72.16 -71.02
CA PRO G 934 3.91 -72.79 -69.69
C PRO G 934 5.08 -72.27 -68.86
N GLU G 935 4.82 -72.14 -67.56
CA GLU G 935 5.82 -71.68 -66.60
C GLU G 935 6.38 -70.33 -67.01
N LEU G 936 5.48 -69.34 -67.07
CA LEU G 936 5.85 -68.02 -67.59
C LEU G 936 6.92 -67.36 -66.73
N LYS G 937 6.81 -67.48 -65.41
CA LYS G 937 7.79 -66.89 -64.51
C LYS G 937 9.19 -67.39 -64.83
N GLU G 938 9.35 -68.72 -64.89
CA GLU G 938 10.65 -69.30 -65.17
C GLU G 938 11.14 -68.92 -66.55
N PHE G 939 10.25 -68.91 -67.53
CA PHE G 939 10.64 -68.58 -68.90
C PHE G 939 11.18 -67.16 -68.99
N THR G 940 10.46 -66.20 -68.40
CA THR G 940 10.91 -64.81 -68.44
C THR G 940 12.19 -64.61 -67.65
N ALA G 941 12.30 -65.27 -66.49
CA ALA G 941 13.53 -65.18 -65.72
C ALA G 941 14.71 -65.72 -66.53
N LYS G 942 14.50 -66.82 -67.24
CA LYS G 942 15.56 -67.39 -68.06
C LYS G 942 15.98 -66.42 -69.16
N LEU G 943 15.00 -65.83 -69.83
CA LEU G 943 15.29 -64.86 -70.87
C LEU G 943 16.10 -63.71 -70.36
N ARG G 944 15.69 -63.13 -69.24
CA ARG G 944 16.39 -61.98 -68.69
C ARG G 944 17.78 -62.36 -68.21
N LYS G 945 17.91 -63.53 -67.56
CA LYS G 945 19.21 -63.96 -67.08
C LYS G 945 20.18 -64.16 -68.23
N GLU G 946 19.73 -64.74 -69.33
CA GLU G 946 20.59 -64.94 -70.47
C GLU G 946 21.04 -63.63 -71.08
N LEU G 947 20.24 -62.60 -70.94
CA LEU G 947 20.57 -61.32 -71.54
C LEU G 947 21.57 -60.60 -70.68
N VAL G 948 21.34 -60.60 -69.38
CA VAL G 948 22.31 -59.97 -68.48
C VAL G 948 23.64 -60.71 -68.51
N GLU G 949 23.60 -62.05 -68.58
CA GLU G 949 24.84 -62.81 -68.66
C GLU G 949 25.65 -62.39 -69.88
N THR G 950 25.00 -62.36 -71.04
CA THR G 950 25.70 -61.96 -72.25
C THR G 950 26.30 -60.57 -72.09
N SER G 951 25.50 -59.63 -71.61
CA SER G 951 25.98 -58.25 -71.48
C SER G 951 27.20 -58.15 -70.57
N GLU G 952 27.10 -58.70 -69.36
CA GLU G 952 28.18 -58.57 -68.39
C GLU G 952 29.45 -59.28 -68.87
N VAL G 953 29.29 -60.48 -69.42
CA VAL G 953 30.47 -61.21 -69.88
C VAL G 953 31.18 -60.42 -70.98
N ARG G 954 30.42 -59.92 -71.95
CA ARG G 954 31.02 -59.16 -73.03
C ARG G 954 31.75 -57.93 -72.48
N LYS G 955 31.09 -57.21 -71.57
CA LYS G 955 31.69 -55.98 -71.05
C LYS G 955 33.00 -56.27 -70.32
N ALA G 956 32.98 -57.27 -69.42
CA ALA G 956 34.19 -57.56 -68.65
C ALA G 956 35.31 -58.06 -69.55
N VAL G 957 35.00 -58.91 -70.52
CA VAL G 957 36.03 -59.43 -71.41
C VAL G 957 36.64 -58.29 -72.22
N SER G 958 35.80 -57.37 -72.71
CA SER G 958 36.32 -56.24 -73.46
C SER G 958 37.22 -55.37 -72.59
N ILE G 959 36.83 -55.15 -71.33
CA ILE G 959 37.67 -54.35 -70.44
C ILE G 959 39.02 -55.02 -70.25
N GLU G 960 39.03 -56.33 -70.02
CA GLU G 960 40.28 -57.03 -69.78
C GLU G 960 41.17 -56.99 -71.01
N THR G 961 40.58 -57.18 -72.19
CA THR G 961 41.37 -57.11 -73.42
C THR G 961 41.96 -55.73 -73.61
N ALA G 962 41.18 -54.69 -73.31
CA ALA G 962 41.70 -53.33 -73.42
C ALA G 962 42.88 -53.10 -72.48
N LEU G 963 42.76 -53.57 -71.24
CA LEU G 963 43.87 -53.42 -70.30
C LEU G 963 45.11 -54.17 -70.79
N GLU G 964 44.96 -55.36 -71.33
CA GLU G 964 46.11 -56.10 -71.77
C GLU G 964 46.74 -55.43 -72.97
N HIS G 965 45.95 -54.89 -73.89
CA HIS G 965 46.54 -54.15 -75.00
C HIS G 965 47.32 -52.93 -74.49
N LYS G 966 46.72 -52.18 -73.56
CA LYS G 966 47.37 -50.97 -73.09
C LYS G 966 48.66 -51.27 -72.35
N VAL G 967 48.73 -52.42 -71.65
CA VAL G 967 49.94 -52.74 -70.92
C VAL G 967 51.00 -53.34 -71.85
N VAL G 968 50.57 -54.02 -72.92
CA VAL G 968 51.54 -54.64 -73.81
C VAL G 968 52.07 -53.65 -74.84
N ASN G 969 51.34 -52.56 -75.10
CA ASN G 969 51.77 -51.57 -76.06
C ASN G 969 52.00 -50.19 -75.45
N GLY G 970 51.79 -50.03 -74.14
CA GLY G 970 51.99 -48.74 -73.50
C GLY G 970 51.16 -47.65 -74.13
N GLN G 979 40.57 -38.06 -79.07
CA GLN G 979 40.37 -36.85 -79.88
C GLN G 979 40.21 -35.64 -78.98
N VAL G 980 40.39 -34.46 -79.57
CA VAL G 980 40.16 -33.20 -78.88
C VAL G 980 38.82 -32.64 -79.33
N GLU G 981 37.97 -32.30 -78.38
CA GLU G 981 36.61 -31.88 -78.65
C GLU G 981 36.39 -30.46 -78.13
N ILE G 982 35.53 -29.72 -78.83
CA ILE G 982 35.39 -28.28 -78.65
C ILE G 982 34.07 -28.00 -77.95
N GLN G 983 34.12 -27.19 -76.89
CA GLN G 983 32.91 -26.78 -76.19
C GLN G 983 32.45 -25.41 -76.68
N PRO G 984 31.14 -25.17 -76.77
CA PRO G 984 30.68 -23.87 -77.24
C PRO G 984 30.94 -22.76 -76.23
N ARG G 985 31.16 -21.55 -76.73
CA ARG G 985 31.29 -20.37 -75.89
C ARG G 985 30.25 -19.40 -76.42
N ALA G 986 29.53 -18.69 -75.56
CA ALA G 986 28.49 -17.78 -75.98
C ALA G 986 29.02 -16.63 -76.80
N ASN G 987 28.36 -16.33 -77.91
CA ASN G 987 28.75 -15.20 -78.78
C ASN G 987 27.49 -14.39 -79.05
N ILE G 988 27.15 -13.45 -78.19
CA ILE G 988 25.90 -12.71 -78.30
C ILE G 988 25.89 -11.77 -79.45
N GLN G 989 24.84 -11.85 -80.24
CA GLN G 989 24.74 -11.04 -81.42
C GLN G 989 23.72 -9.95 -81.29
N LEU G 990 23.96 -8.84 -81.98
CA LEU G 990 23.06 -7.70 -81.93
C LEU G 990 21.79 -7.94 -82.75
N ASP G 991 21.87 -8.72 -83.80
CA ASP G 991 20.69 -9.07 -84.62
C ASP G 991 20.15 -7.93 -85.45
N PHE G 992 21.04 -7.24 -86.13
CA PHE G 992 20.62 -6.21 -87.03
C PHE G 992 19.84 -6.92 -88.09
N PRO G 993 18.93 -6.22 -88.74
CA PRO G 993 18.08 -6.84 -89.77
C PRO G 993 18.91 -7.36 -90.94
N GLU G 994 18.52 -8.50 -91.50
CA GLU G 994 19.23 -9.05 -92.66
C GLU G 994 18.94 -8.29 -93.93
N LEU G 995 19.98 -7.81 -94.60
CA LEU G 995 19.79 -7.05 -95.82
C LEU G 995 20.00 -7.98 -97.00
N LYS G 996 19.03 -8.05 -97.90
CA LYS G 996 19.09 -8.97 -99.04
C LYS G 996 19.49 -8.30 -100.33
N PRO G 997 19.94 -9.08 -101.34
CA PRO G 997 20.41 -8.46 -102.58
C PRO G 997 19.35 -7.57 -103.22
N TYR G 998 19.81 -6.50 -103.87
CA TYR G 998 18.89 -5.50 -104.40
C TYR G 998 17.85 -6.11 -105.34
N LYS G 999 18.22 -7.15 -106.09
CA LYS G 999 17.27 -7.78 -106.99
C LYS G 999 16.07 -8.33 -106.22
N GLN G 1000 16.33 -9.11 -105.17
CA GLN G 1000 15.25 -9.69 -104.38
C GLN G 1000 14.42 -8.59 -103.71
N VAL G 1001 15.09 -7.56 -103.21
CA VAL G 1001 14.39 -6.49 -102.50
C VAL G 1001 13.50 -5.73 -103.45
N LYS G 1002 13.94 -5.58 -104.69
CA LYS G 1002 13.13 -4.94 -105.71
C LYS G 1002 11.95 -5.80 -106.15
N GLN G 1003 12.12 -7.12 -106.11
CA GLN G 1003 11.00 -7.99 -106.46
C GLN G 1003 9.84 -7.92 -105.47
N ILE G 1004 10.01 -7.27 -104.32
CA ILE G 1004 8.98 -7.26 -103.28
C ILE G 1004 8.01 -6.10 -103.42
N ALA G 1005 8.52 -4.89 -103.37
CA ALA G 1005 7.67 -3.73 -103.50
C ALA G 1005 7.29 -3.49 -104.97
N PRO G 1006 6.18 -2.77 -105.19
CA PRO G 1006 5.79 -2.42 -106.56
C PRO G 1006 6.84 -1.62 -107.31
N ALA G 1007 7.05 -1.89 -108.60
CA ALA G 1007 8.09 -1.20 -109.35
C ALA G 1007 7.85 0.30 -109.40
N GLU G 1008 6.58 0.74 -109.34
CA GLU G 1008 6.28 2.17 -109.40
C GLU G 1008 6.76 2.93 -108.17
N LEU G 1009 7.16 2.23 -107.10
CA LEU G 1009 7.49 2.90 -105.86
C LEU G 1009 8.78 3.71 -105.97
N GLU G 1010 9.69 3.32 -106.86
CA GLU G 1010 10.99 3.99 -106.95
C GLU G 1010 10.80 5.44 -107.33
N GLY G 1011 11.22 6.35 -106.46
CA GLY G 1011 11.08 7.75 -106.72
C GLY G 1011 9.73 8.31 -106.36
N LEU G 1012 8.79 7.45 -106.01
CA LEU G 1012 7.43 7.91 -105.73
C LEU G 1012 7.34 8.56 -104.35
N LEU G 1013 8.07 8.05 -103.37
CA LEU G 1013 7.93 8.54 -102.00
C LEU G 1013 8.90 9.60 -101.54
N ASP G 1014 8.43 10.55 -100.77
CA ASP G 1014 9.30 11.53 -100.16
C ASP G 1014 9.83 10.80 -98.98
N LEU G 1015 11.10 10.46 -98.99
CA LEU G 1015 11.67 9.66 -97.91
C LEU G 1015 11.87 10.46 -96.64
N GLU G 1016 11.77 11.77 -96.71
CA GLU G 1016 11.84 12.56 -95.49
C GLU G 1016 10.49 12.53 -94.76
N ARG G 1017 9.48 11.87 -95.31
CA ARG G 1017 8.19 11.73 -94.63
C ARG G 1017 7.91 10.30 -94.28
N VAL G 1018 8.88 9.42 -94.45
CA VAL G 1018 8.71 8.04 -94.03
C VAL G 1018 9.46 7.86 -92.73
N ILE G 1019 8.76 7.42 -91.70
CA ILE G 1019 9.37 7.20 -90.40
C ILE G 1019 9.76 5.75 -90.25
N VAL G 1020 10.93 5.51 -89.68
CA VAL G 1020 11.44 4.15 -89.53
C VAL G 1020 11.98 4.01 -88.12
N VAL G 1021 11.77 2.82 -87.54
CA VAL G 1021 12.43 2.46 -86.29
C VAL G 1021 13.82 1.95 -86.59
N THR G 1022 14.84 2.56 -85.98
CA THR G 1022 16.21 2.17 -86.19
C THR G 1022 16.83 1.46 -85.00
N GLY G 1023 16.20 1.51 -83.83
CA GLY G 1023 16.69 0.79 -82.68
C GLY G 1023 15.65 0.71 -81.59
N PHE G 1024 15.70 -0.34 -80.78
CA PHE G 1024 14.73 -0.50 -79.70
C PHE G 1024 15.37 -1.30 -78.58
N ALA G 1025 14.80 -1.16 -77.39
CA ALA G 1025 15.30 -1.87 -76.22
C ALA G 1025 14.21 -1.84 -75.15
N GLU G 1026 14.44 -2.60 -74.09
CA GLU G 1026 13.54 -2.64 -72.99
C GLU G 1026 14.15 -3.20 -71.73
N VAL G 1027 13.51 -2.96 -70.60
CA VAL G 1027 13.94 -3.53 -69.34
C VAL G 1027 12.63 -4.03 -68.80
N GLY G 1028 12.47 -5.33 -68.66
CA GLY G 1028 11.24 -5.93 -68.18
C GLY G 1028 11.43 -7.15 -67.36
N PRO G 1029 10.34 -7.81 -66.96
CA PRO G 1029 10.40 -9.04 -66.16
C PRO G 1029 11.29 -10.17 -66.73
N TRP G 1030 11.67 -10.12 -67.99
CA TRP G 1030 12.54 -11.12 -68.60
C TRP G 1030 13.82 -10.56 -69.17
N GLY G 1031 14.31 -9.47 -68.60
CA GLY G 1031 15.56 -8.88 -69.02
C GLY G 1031 15.43 -7.95 -70.21
N SER G 1032 16.37 -8.06 -71.15
CA SER G 1032 16.41 -7.18 -72.30
C SER G 1032 15.42 -7.65 -73.36
N ALA G 1033 15.46 -6.99 -74.52
CA ALA G 1033 14.62 -7.39 -75.64
C ALA G 1033 15.02 -8.76 -76.17
N ARG G 1034 16.32 -9.02 -76.22
CA ARG G 1034 16.82 -10.32 -76.67
C ARG G 1034 16.32 -11.49 -75.82
N THR G 1035 16.48 -11.43 -74.52
CA THR G 1035 16.07 -12.53 -73.66
C THR G 1035 14.55 -12.65 -73.61
N ARG G 1036 13.84 -11.56 -73.64
CA ARG G 1036 12.39 -11.61 -73.63
C ARG G 1036 11.88 -12.23 -74.91
N TRP G 1037 12.52 -11.93 -76.03
CA TRP G 1037 12.12 -12.54 -77.30
C TRP G 1037 12.37 -14.02 -77.31
N GLU G 1038 13.50 -14.44 -76.80
CA GLU G 1038 13.78 -15.85 -76.70
C GLU G 1038 12.75 -16.58 -75.84
N MET G 1039 12.39 -16.01 -74.68
CA MET G 1039 11.37 -16.65 -73.87
C MET G 1039 10.00 -16.60 -74.53
N GLU G 1040 9.70 -15.51 -75.24
CA GLU G 1040 8.38 -15.37 -75.87
C GLU G 1040 8.22 -16.34 -77.04
N ALA G 1041 9.24 -16.47 -77.88
CA ALA G 1041 9.14 -17.27 -79.08
C ALA G 1041 9.38 -18.75 -78.82
N PHE G 1042 10.48 -19.07 -78.16
CA PHE G 1042 10.89 -20.46 -78.01
C PHE G 1042 10.65 -21.07 -76.66
N GLY G 1043 10.31 -20.28 -75.67
CA GLY G 1043 10.02 -20.80 -74.35
C GLY G 1043 11.24 -21.23 -73.55
N GLU G 1044 12.43 -20.98 -74.09
CA GLU G 1044 13.67 -21.40 -73.45
C GLU G 1044 14.80 -20.53 -73.92
N PHE G 1045 15.86 -20.44 -73.13
CA PHE G 1045 17.01 -19.65 -73.49
C PHE G 1045 18.04 -20.51 -74.24
N SER G 1046 18.69 -19.90 -75.22
CA SER G 1046 19.86 -20.50 -75.83
C SER G 1046 21.06 -20.28 -74.91
N LEU G 1047 22.24 -20.69 -75.36
CA LEU G 1047 23.44 -20.45 -74.57
C LEU G 1047 23.69 -18.94 -74.43
N GLU G 1048 23.47 -18.17 -75.48
CA GLU G 1048 23.65 -16.72 -75.41
C GLU G 1048 22.62 -16.08 -74.52
N GLY G 1049 21.40 -16.53 -74.58
CA GLY G 1049 20.38 -16.02 -73.73
C GLY G 1049 20.59 -16.35 -72.29
N CYS G 1050 21.03 -17.58 -72.00
CA CYS G 1050 21.31 -17.96 -70.63
C CYS G 1050 22.48 -17.16 -70.07
N VAL G 1051 23.53 -16.99 -70.86
CA VAL G 1051 24.69 -16.22 -70.38
C VAL G 1051 24.30 -14.77 -70.15
N GLU G 1052 23.55 -14.17 -71.05
CA GLU G 1052 23.11 -12.81 -70.84
C GLU G 1052 22.22 -12.66 -69.62
N MET G 1053 21.31 -13.59 -69.38
CA MET G 1053 20.49 -13.52 -68.19
C MET G 1053 21.34 -13.66 -66.93
N ALA G 1054 22.34 -14.55 -66.96
CA ALA G 1054 23.23 -14.70 -65.82
C ALA G 1054 23.99 -13.41 -65.56
N TRP G 1055 24.48 -12.74 -66.57
CA TRP G 1055 25.15 -11.48 -66.41
C TRP G 1055 24.22 -10.39 -65.89
N ILE G 1056 23.00 -10.30 -66.43
CA ILE G 1056 22.06 -9.31 -65.96
C ILE G 1056 21.70 -9.50 -64.51
N MET G 1057 21.53 -10.74 -64.09
CA MET G 1057 21.09 -11.00 -62.72
C MET G 1057 22.25 -11.04 -61.74
N GLY G 1058 23.47 -10.83 -62.21
CA GLY G 1058 24.61 -10.80 -61.33
C GLY G 1058 25.12 -12.14 -60.84
N PHE G 1059 24.69 -13.25 -61.45
CA PHE G 1059 25.22 -14.56 -61.09
C PHE G 1059 26.68 -14.70 -61.49
N ILE G 1060 27.03 -14.17 -62.65
CA ILE G 1060 28.37 -14.29 -63.16
C ILE G 1060 28.97 -12.96 -63.47
N SER G 1061 30.27 -12.87 -63.37
CA SER G 1061 30.95 -11.65 -63.73
C SER G 1061 32.18 -11.99 -64.50
N TYR G 1062 32.70 -11.03 -65.21
CA TYR G 1062 33.87 -11.23 -66.04
C TYR G 1062 35.15 -11.00 -65.23
N HIS G 1063 36.14 -11.86 -65.44
CA HIS G 1063 37.42 -11.71 -64.80
C HIS G 1063 38.52 -11.86 -65.81
N ASN G 1064 39.56 -11.03 -65.68
CA ASN G 1064 40.72 -11.12 -66.54
C ASN G 1064 41.96 -10.82 -65.71
N GLY G 1065 42.76 -11.82 -65.41
CA GLY G 1065 43.97 -11.64 -64.63
C GLY G 1065 44.32 -12.91 -63.88
N ASN G 1066 44.99 -12.72 -62.75
CA ASN G 1066 45.45 -13.84 -61.94
C ASN G 1066 44.32 -14.36 -61.06
N LEU G 1067 44.11 -15.68 -61.09
CA LEU G 1067 43.07 -16.30 -60.28
C LEU G 1067 43.59 -17.61 -59.67
N GLY G 1069 46.26 -18.84 -58.84
CA GLY G 1069 47.53 -18.32 -59.27
C GLY G 1069 47.67 -18.23 -60.77
N ARG G 1070 47.04 -19.17 -61.48
CA ARG G 1070 47.14 -19.20 -62.94
C ARG G 1070 46.41 -18.00 -63.54
N PRO G 1071 46.77 -17.61 -64.76
CA PRO G 1071 46.08 -16.50 -65.43
C PRO G 1071 44.76 -16.96 -66.04
N TYR G 1072 43.69 -16.25 -65.70
CA TYR G 1072 42.37 -16.59 -66.19
C TYR G 1072 41.63 -15.44 -66.86
N THR G 1073 40.98 -15.75 -67.96
CA THR G 1073 40.17 -14.77 -68.69
C THR G 1073 38.83 -15.44 -69.01
N GLY G 1074 37.77 -14.97 -68.37
CA GLY G 1074 36.45 -15.50 -68.65
C GLY G 1074 35.49 -15.21 -67.52
N TRP G 1075 34.40 -15.93 -67.52
CA TRP G 1075 33.42 -15.75 -66.49
C TRP G 1075 33.76 -16.41 -65.21
N VAL G 1076 33.39 -15.81 -64.12
CA VAL G 1076 33.55 -16.39 -62.79
C VAL G 1076 32.26 -16.20 -62.03
N ASP G 1077 32.07 -17.00 -60.99
CA ASP G 1077 30.93 -16.82 -60.11
C ASP G 1077 31.10 -15.54 -59.31
N SER G 1078 30.04 -14.71 -59.30
CA SER G 1078 30.13 -13.40 -58.67
C SER G 1078 30.30 -13.49 -57.16
N LYS G 1079 29.75 -14.52 -56.52
CA LYS G 1079 29.84 -14.67 -55.08
C LYS G 1079 31.09 -15.41 -54.63
N THR G 1080 31.51 -16.44 -55.34
CA THR G 1080 32.67 -17.24 -54.96
C THR G 1080 33.89 -16.99 -55.85
N LYS G 1081 33.77 -16.19 -56.88
CA LYS G 1081 34.86 -15.94 -57.81
C LYS G 1081 35.47 -17.20 -58.41
N GLU G 1082 34.70 -18.28 -58.47
CA GLU G 1082 35.20 -19.49 -59.10
C GLU G 1082 34.97 -19.42 -60.61
N PRO G 1083 35.88 -20.00 -61.40
CA PRO G 1083 35.63 -19.85 -62.83
C PRO G 1083 34.40 -20.59 -63.33
N VAL G 1084 33.80 -20.09 -64.38
CA VAL G 1084 32.62 -20.70 -64.93
C VAL G 1084 32.71 -20.74 -66.44
N ASP G 1085 32.53 -21.90 -67.04
CA ASP G 1085 32.51 -22.01 -68.48
C ASP G 1085 31.12 -21.79 -69.01
N ASP G 1086 31.01 -21.34 -70.23
CA ASP G 1086 29.71 -21.06 -70.82
C ASP G 1086 28.87 -22.32 -70.90
N LYS G 1087 29.49 -23.47 -71.12
CA LYS G 1087 28.74 -24.72 -71.19
C LYS G 1087 28.07 -25.04 -69.85
N ASP G 1088 28.71 -24.69 -68.75
CA ASP G 1088 28.18 -25.01 -67.43
C ASP G 1088 27.26 -23.94 -66.87
N VAL G 1089 27.12 -22.80 -67.57
CA VAL G 1089 26.29 -21.72 -67.06
C VAL G 1089 24.84 -22.18 -66.93
N LYS G 1090 24.33 -22.91 -67.92
CA LYS G 1090 22.96 -23.38 -67.83
C LYS G 1090 22.77 -24.29 -66.61
N ALA G 1091 23.60 -25.32 -66.50
CA ALA G 1091 23.44 -26.26 -65.39
C ALA G 1091 23.60 -25.58 -64.04
N LYS G 1092 24.46 -24.55 -63.96
CA LYS G 1092 24.66 -23.86 -62.69
C LYS G 1092 23.50 -22.93 -62.33
N TYR G 1093 22.95 -22.21 -63.31
CA TYR G 1093 22.15 -21.03 -63.01
C TYR G 1093 20.77 -20.99 -63.64
N GLU G 1094 20.40 -21.90 -64.53
CA GLU G 1094 19.15 -21.72 -65.26
C GLU G 1094 17.93 -21.86 -64.35
N THR G 1095 17.99 -22.79 -63.40
CA THR G 1095 16.87 -22.95 -62.47
C THR G 1095 16.66 -21.68 -61.65
N SER G 1096 17.75 -21.10 -61.14
CA SER G 1096 17.65 -19.84 -60.41
C SER G 1096 17.17 -18.71 -61.31
N ILE G 1097 17.64 -18.68 -62.55
CA ILE G 1097 17.25 -17.63 -63.48
C ILE G 1097 15.75 -17.68 -63.74
N LEU G 1098 15.21 -18.86 -63.93
CA LEU G 1098 13.81 -19.00 -64.24
C LEU G 1098 12.97 -18.78 -63.01
N GLU G 1099 13.49 -19.18 -61.86
CA GLU G 1099 12.75 -19.01 -60.62
C GLU G 1099 12.63 -17.55 -60.20
N HIS G 1100 13.51 -16.68 -60.69
CA HIS G 1100 13.55 -15.27 -60.29
C HIS G 1100 13.41 -14.35 -61.50
N SER G 1101 12.56 -14.73 -62.45
CA SER G 1101 12.27 -13.91 -63.61
C SER G 1101 10.81 -14.02 -63.95
N GLY G 1102 10.29 -13.09 -64.73
CA GLY G 1102 8.91 -13.09 -65.09
C GLY G 1102 7.92 -12.85 -64.00
N ILE G 1103 6.69 -13.26 -64.21
CA ILE G 1103 5.66 -13.12 -63.22
C ILE G 1103 5.89 -14.09 -62.08
N ARG G 1104 6.05 -13.55 -60.89
CA ARG G 1104 6.37 -14.37 -59.76
C ARG G 1104 5.86 -13.79 -58.49
N LEU G 1105 5.98 -14.53 -57.39
CA LEU G 1105 5.62 -13.98 -56.09
C LEU G 1105 6.41 -12.74 -55.84
N ILE G 1106 5.78 -11.73 -55.27
CA ILE G 1106 6.43 -10.46 -55.02
C ILE G 1106 7.53 -10.60 -54.00
N GLU G 1107 8.68 -10.02 -54.27
CA GLU G 1107 9.82 -10.12 -53.39
C GLU G 1107 10.05 -8.82 -52.65
N PRO G 1108 9.87 -8.82 -51.32
CA PRO G 1108 9.99 -7.55 -50.58
C PRO G 1108 11.33 -6.87 -50.75
N GLU G 1109 12.40 -7.58 -51.03
CA GLU G 1109 13.72 -6.99 -51.18
C GLU G 1109 13.84 -6.09 -52.39
N LEU G 1110 12.93 -6.20 -53.33
CA LEU G 1110 12.98 -5.42 -54.55
C LEU G 1110 12.12 -4.20 -54.46
N PHE G 1111 11.26 -4.12 -53.45
CA PHE G 1111 10.34 -3.01 -53.30
C PHE G 1111 10.37 -2.43 -51.89
N ASN G 1112 11.56 -2.13 -51.37
CA ASN G 1112 11.73 -1.53 -50.03
C ASN G 1112 11.00 -2.25 -48.91
N GLY G 1113 11.10 -3.56 -48.88
CA GLY G 1113 10.43 -4.31 -47.85
C GLY G 1113 8.94 -4.44 -47.91
N TYR G 1114 8.31 -4.04 -48.99
CA TYR G 1114 6.89 -4.24 -49.13
C TYR G 1114 6.52 -5.71 -49.13
N ASN G 1115 5.66 -6.10 -48.22
CA ASN G 1115 5.21 -7.46 -48.15
C ASN G 1115 3.71 -7.37 -48.22
N PRO G 1116 3.14 -7.78 -49.35
CA PRO G 1116 1.70 -7.73 -49.52
C PRO G 1116 0.93 -8.55 -48.46
N GLU G 1117 1.55 -9.53 -47.85
CA GLU G 1117 0.90 -10.30 -46.80
C GLU G 1117 0.87 -9.59 -45.44
N LYS G 1118 1.67 -8.54 -45.28
CA LYS G 1118 1.62 -7.75 -44.05
C LYS G 1118 1.72 -6.28 -44.36
N LYS G 1119 0.63 -5.68 -44.80
CA LYS G 1119 0.61 -4.26 -45.16
C LYS G 1119 0.44 -3.40 -43.91
N GLU G 1120 1.32 -2.44 -43.74
CA GLU G 1120 1.27 -1.57 -42.58
C GLU G 1120 0.39 -0.35 -42.66
N MET G 1121 -0.50 -0.22 -41.71
CA MET G 1121 -1.37 0.93 -41.58
C MET G 1121 -1.29 1.42 -40.13
N ILE G 1122 -1.92 2.55 -39.86
CA ILE G 1122 -1.99 3.10 -38.51
C ILE G 1122 -3.43 3.47 -38.20
N GLN G 1123 -3.79 3.34 -36.92
CA GLN G 1123 -5.12 3.67 -36.45
C GLN G 1123 -5.04 4.71 -35.34
N GLU G 1124 -5.97 5.66 -35.37
CA GLU G 1124 -6.05 6.70 -34.36
C GLU G 1124 -6.82 6.20 -33.14
N VAL G 1125 -6.21 6.32 -31.97
CA VAL G 1125 -6.85 5.96 -30.71
C VAL G 1125 -6.70 7.13 -29.74
N ILE G 1126 -7.75 7.40 -29.00
CA ILE G 1126 -7.72 8.42 -27.95
C ILE G 1126 -7.16 7.78 -26.69
N VAL G 1127 -6.16 8.44 -26.09
CA VAL G 1127 -5.54 7.91 -24.88
C VAL G 1127 -6.56 7.92 -23.74
N GLU G 1128 -6.67 6.78 -23.06
CA GLU G 1128 -7.58 6.65 -21.92
C GLU G 1128 -6.93 7.01 -20.59
N GLU G 1129 -5.61 7.02 -20.51
CA GLU G 1129 -4.91 7.37 -19.28
C GLU G 1129 -3.53 7.91 -19.63
N ASP G 1130 -3.01 8.78 -18.76
CA ASP G 1130 -1.72 9.41 -19.00
C ASP G 1130 -0.68 8.35 -19.37
N LEU G 1131 0.29 8.74 -20.19
CA LEU G 1131 1.35 7.83 -20.58
C LEU G 1131 2.55 8.10 -19.72
N GLU G 1132 3.55 7.25 -19.84
CA GLU G 1132 4.77 7.44 -19.10
C GLU G 1132 5.64 8.45 -19.82
N PRO G 1133 6.19 9.40 -19.07
CA PRO G 1133 7.02 10.42 -19.67
C PRO G 1133 8.16 9.83 -20.49
N PHE G 1134 8.55 10.52 -21.54
CA PHE G 1134 9.68 10.07 -22.33
C PHE G 1134 10.51 11.27 -22.63
N GLU G 1135 11.81 11.09 -22.64
CA GLU G 1135 12.69 12.24 -22.86
C GLU G 1135 12.80 12.56 -24.34
N ALA G 1136 12.83 13.85 -24.64
CA ALA G 1136 12.98 14.34 -26.00
C ALA G 1136 13.73 15.66 -25.97
N SER G 1137 14.27 16.05 -27.12
CA SER G 1137 14.95 17.32 -27.24
C SER G 1137 13.96 18.48 -27.13
N LYS G 1138 14.48 19.67 -26.84
CA LYS G 1138 13.61 20.81 -26.62
C LYS G 1138 12.76 21.11 -27.85
N GLU G 1139 13.36 21.07 -29.04
CA GLU G 1139 12.61 21.36 -30.25
C GLU G 1139 11.49 20.34 -30.45
N THR G 1140 11.81 19.06 -30.26
CA THR G 1140 10.80 18.01 -30.41
C THR G 1140 9.70 18.15 -29.37
N ALA G 1141 10.08 18.47 -28.13
CA ALA G 1141 9.08 18.66 -27.08
C ALA G 1141 8.16 19.83 -27.41
N GLU G 1142 8.69 20.89 -27.99
CA GLU G 1142 7.87 22.04 -28.34
C GLU G 1142 6.98 21.71 -29.51
N GLN G 1143 7.44 20.87 -30.43
CA GLN G 1143 6.55 20.43 -31.50
C GLN G 1143 5.40 19.59 -30.96
N PHE G 1144 5.69 18.69 -30.00
CA PHE G 1144 4.62 17.93 -29.38
C PHE G 1144 3.65 18.84 -28.65
N LYS G 1145 4.13 19.90 -28.02
CA LYS G 1145 3.27 20.79 -27.25
C LYS G 1145 2.43 21.60 -28.18
N HIS G 1146 2.97 21.94 -29.33
CA HIS G 1146 2.24 22.69 -30.32
C HIS G 1146 1.14 21.83 -30.86
N GLN G 1147 1.41 20.55 -31.08
CA GLN G 1147 0.39 19.65 -31.63
C GLN G 1147 -0.73 19.40 -30.63
N HIS G 1148 -0.37 19.06 -29.38
CA HIS G 1148 -1.34 18.55 -28.42
C HIS G 1148 -1.90 19.61 -27.48
N GLY G 1149 -1.20 20.72 -27.26
CA GLY G 1149 -1.66 21.74 -26.35
C GLY G 1149 -1.84 21.22 -24.94
N ASP G 1150 -3.01 21.44 -24.36
CA ASP G 1150 -3.30 20.99 -22.99
C ASP G 1150 -3.20 19.51 -22.74
N LYS G 1151 -3.16 18.69 -23.78
CA LYS G 1151 -3.16 17.24 -23.60
C LYS G 1151 -1.75 16.67 -23.47
N VAL G 1152 -0.75 17.52 -23.29
CA VAL G 1152 0.62 17.07 -23.08
C VAL G 1152 1.30 18.04 -22.13
N ASP G 1153 2.26 17.52 -21.36
CA ASP G 1153 3.05 18.32 -20.43
C ASP G 1153 4.51 18.13 -20.76
N ILE G 1154 5.23 19.24 -20.93
CA ILE G 1154 6.66 19.23 -21.20
C ILE G 1154 7.36 20.05 -20.12
N PHE G 1155 8.41 19.47 -19.54
CA PHE G 1155 9.15 20.09 -18.45
C PHE G 1155 10.64 19.84 -18.67
N GLU G 1156 11.45 20.87 -18.64
CA GLU G 1156 12.87 20.69 -18.82
C GLU G 1156 13.50 19.97 -17.67
N ILE G 1157 14.36 19.01 -17.96
CA ILE G 1157 15.10 18.32 -16.94
C ILE G 1157 16.23 19.27 -16.70
N PRO G 1158 16.31 19.86 -15.51
CA PRO G 1158 17.32 20.90 -15.26
C PRO G 1158 18.76 20.47 -15.40
N GLU G 1159 19.07 19.20 -15.22
CA GLU G 1159 20.46 18.77 -15.25
C GLU G 1159 20.96 18.28 -16.59
N THR G 1160 20.06 18.16 -17.56
CA THR G 1160 20.43 17.64 -18.86
C THR G 1160 20.13 18.64 -19.96
N GLY G 1161 19.12 19.49 -19.74
CA GLY G 1161 18.72 20.45 -20.76
C GLY G 1161 17.70 19.80 -21.65
N GLU G 1162 17.39 18.54 -21.37
CA GLU G 1162 16.42 17.82 -22.16
C GLU G 1162 15.07 18.09 -21.61
N TYR G 1163 14.07 17.50 -22.23
CA TYR G 1163 12.70 17.71 -21.82
C TYR G 1163 12.00 16.37 -21.68
N SER G 1164 11.10 16.29 -20.72
CA SER G 1164 10.22 15.14 -20.56
C SER G 1164 8.89 15.44 -21.23
N VAL G 1165 8.38 14.47 -21.99
CA VAL G 1165 7.12 14.66 -22.68
C VAL G 1165 6.16 13.72 -22.03
N LYS G 1166 5.02 14.23 -21.60
CA LYS G 1166 4.05 13.43 -20.94
C LYS G 1166 2.71 13.58 -21.62
N LEU G 1167 2.32 12.57 -22.41
CA LEU G 1167 1.04 12.61 -23.09
C LEU G 1167 -0.04 12.27 -22.11
N LEU G 1168 -1.06 13.09 -22.02
CA LEU G 1168 -2.11 12.95 -21.04
C LEU G 1168 -3.35 12.31 -21.63
N LYS G 1169 -4.31 12.00 -20.75
CA LYS G 1169 -5.57 11.39 -21.16
C LYS G 1169 -6.30 12.30 -22.15
N GLY G 1170 -6.93 11.68 -23.14
CA GLY G 1170 -7.68 12.40 -24.15
C GLY G 1170 -6.88 12.78 -25.36
N ALA G 1171 -5.56 12.56 -25.35
CA ALA G 1171 -4.74 12.88 -26.50
C ALA G 1171 -4.86 11.80 -27.57
N THR G 1172 -4.35 12.10 -28.76
CA THR G 1172 -4.44 11.21 -29.90
C THR G 1172 -3.09 10.56 -30.18
N LEU G 1173 -3.12 9.27 -30.49
CA LEU G 1173 -1.94 8.52 -30.90
C LEU G 1173 -2.27 7.74 -32.16
N TYR G 1174 -1.26 7.04 -32.68
CA TYR G 1174 -1.43 6.11 -33.78
C TYR G 1174 -0.69 4.83 -33.47
N ILE G 1175 -1.40 3.72 -33.48
CA ILE G 1175 -0.82 2.39 -33.28
C ILE G 1175 -0.75 1.70 -34.64
N PRO G 1176 0.42 1.24 -35.08
CA PRO G 1176 0.48 0.48 -36.32
C PRO G 1176 -0.36 -0.79 -36.24
N LYS G 1177 -1.03 -1.11 -37.34
CA LYS G 1177 -1.74 -2.38 -37.50
C LYS G 1177 -1.45 -2.93 -38.89
N ALA G 1178 -1.35 -4.25 -38.97
CA ALA G 1178 -1.00 -4.93 -40.21
C ALA G 1178 -2.24 -5.46 -40.90
N LEU G 1179 -2.21 -5.44 -42.23
CA LEU G 1179 -3.32 -5.89 -43.06
C LEU G 1179 -2.79 -6.90 -44.07
N ARG G 1180 -3.58 -7.91 -44.38
CA ARG G 1180 -3.23 -8.88 -45.42
C ARG G 1180 -3.88 -8.51 -46.74
N PHE G 1181 -3.09 -8.22 -47.76
CA PHE G 1181 -3.58 -7.91 -49.10
C PHE G 1181 -3.55 -9.19 -49.94
N ASP G 1182 -4.53 -9.30 -50.83
CA ASP G 1182 -4.68 -10.50 -51.67
C ASP G 1182 -4.03 -10.47 -53.06
N ARG G 1183 -3.23 -9.47 -53.37
CA ARG G 1183 -2.47 -9.48 -54.63
C ARG G 1183 -1.03 -9.75 -54.24
N LEU G 1184 -0.50 -10.91 -54.58
CA LEU G 1184 0.83 -11.29 -54.17
C LEU G 1184 1.80 -11.57 -55.28
N VAL G 1185 1.39 -11.44 -56.52
CA VAL G 1185 2.22 -11.79 -57.65
C VAL G 1185 2.40 -10.59 -58.53
N ALA G 1186 3.55 -10.45 -59.14
CA ALA G 1186 3.78 -9.36 -60.06
C ALA G 1186 4.84 -9.69 -61.06
N GLY G 1187 4.79 -9.06 -62.23
CA GLY G 1187 5.85 -9.22 -63.20
C GLY G 1187 7.00 -8.31 -62.86
N GLN G 1188 8.06 -8.88 -62.28
CA GLN G 1188 9.15 -8.09 -61.72
C GLN G 1188 10.41 -8.28 -62.54
N ILE G 1189 11.18 -7.21 -62.67
CA ILE G 1189 12.48 -7.26 -63.34
C ILE G 1189 13.34 -8.29 -62.62
N PRO G 1190 14.12 -9.08 -63.38
CA PRO G 1190 14.85 -10.18 -62.75
C PRO G 1190 15.63 -9.79 -61.48
N THR G 1191 15.56 -10.61 -60.44
CA THR G 1191 16.29 -10.35 -59.20
C THR G 1191 17.78 -10.39 -59.42
N GLY G 1192 18.47 -9.32 -59.02
CA GLY G 1192 19.89 -9.21 -59.23
C GLY G 1192 20.19 -8.09 -60.18
N TRP G 1193 19.20 -7.62 -60.91
CA TRP G 1193 19.35 -6.50 -61.82
C TRP G 1193 19.86 -5.28 -61.10
N ASN G 1194 20.84 -4.61 -61.67
CA ASN G 1194 21.47 -3.48 -61.03
C ASN G 1194 22.01 -2.55 -62.08
N ALA G 1195 21.62 -1.29 -62.02
CA ALA G 1195 22.12 -0.29 -62.96
C ALA G 1195 23.64 -0.14 -62.92
N LYS G 1196 24.29 -0.59 -61.85
CA LYS G 1196 25.75 -0.58 -61.85
C LYS G 1196 26.32 -1.57 -62.86
N THR G 1197 25.62 -2.66 -63.16
CA THR G 1197 26.09 -3.65 -64.14
C THR G 1197 26.14 -3.02 -65.52
N TYR G 1198 25.30 -2.03 -65.77
CA TYR G 1198 25.31 -1.34 -67.03
C TYR G 1198 26.29 -0.16 -67.03
N GLY G 1199 26.70 0.33 -65.87
CA GLY G 1199 27.65 1.41 -65.77
C GLY G 1199 27.15 2.67 -65.13
N ILE G 1200 25.88 2.74 -64.75
CA ILE G 1200 25.35 3.93 -64.09
C ILE G 1200 25.98 4.05 -62.70
N SER G 1201 26.44 5.25 -62.36
CA SER G 1201 27.24 5.45 -61.16
C SER G 1201 26.36 5.52 -59.91
N ASP G 1202 27.01 5.40 -58.75
CA ASP G 1202 26.28 5.38 -57.50
C ASP G 1202 25.56 6.70 -57.23
N ASP G 1203 26.18 7.83 -57.58
CA ASP G 1203 25.56 9.12 -57.31
C ASP G 1203 24.23 9.26 -58.06
N ILE G 1204 24.21 8.86 -59.33
CA ILE G 1204 22.96 8.90 -60.09
C ILE G 1204 21.93 7.96 -59.48
N ILE G 1205 22.37 6.76 -59.09
CA ILE G 1205 21.44 5.79 -58.53
C ILE G 1205 20.81 6.33 -57.25
N SER G 1206 21.60 7.02 -56.42
CA SER G 1206 21.08 7.58 -55.19
C SER G 1206 20.28 8.86 -55.41
N GLN G 1207 20.45 9.53 -56.55
CA GLN G 1207 19.73 10.75 -56.84
C GLN G 1207 18.32 10.49 -57.36
N VAL G 1208 18.18 9.58 -58.31
CA VAL G 1208 16.98 9.51 -59.14
C VAL G 1208 16.03 8.43 -58.64
N ASP G 1209 14.81 8.46 -59.16
CA ASP G 1209 13.81 7.43 -58.91
C ASP G 1209 14.20 6.13 -59.63
N PRO G 1210 13.81 4.99 -59.07
CA PRO G 1210 14.12 3.71 -59.70
C PRO G 1210 13.65 3.57 -61.17
N ILE G 1211 12.58 4.25 -61.55
CA ILE G 1211 12.10 4.21 -62.92
C ILE G 1211 13.09 4.87 -63.87
N THR G 1212 13.78 5.91 -63.41
CA THR G 1212 14.75 6.61 -64.24
C THR G 1212 15.87 5.68 -64.67
N LEU G 1213 16.25 4.71 -63.85
CA LEU G 1213 17.30 3.75 -64.19
C LEU G 1213 16.84 2.82 -65.30
N PHE G 1214 15.62 2.33 -65.24
CA PHE G 1214 15.09 1.53 -66.31
C PHE G 1214 15.11 2.39 -67.59
N VAL G 1215 14.70 3.66 -67.55
CA VAL G 1215 14.67 4.50 -68.74
C VAL G 1215 16.07 4.71 -69.31
N LEU G 1216 17.05 4.99 -68.44
CA LEU G 1216 18.40 5.24 -68.91
C LEU G 1216 18.98 4.01 -69.59
N VAL G 1217 18.81 2.84 -68.96
CA VAL G 1217 19.34 1.61 -69.55
C VAL G 1217 18.66 1.32 -70.88
N SER G 1218 17.34 1.49 -70.94
CA SER G 1218 16.63 1.23 -72.18
C SER G 1218 17.06 2.18 -73.28
N VAL G 1219 17.28 3.46 -72.95
CA VAL G 1219 17.72 4.41 -73.96
C VAL G 1219 19.10 4.02 -74.49
N VAL G 1220 20.03 3.68 -73.60
CA VAL G 1220 21.37 3.31 -74.03
C VAL G 1220 21.31 2.07 -74.91
N GLU G 1221 20.53 1.06 -74.49
CA GLU G 1221 20.45 -0.18 -75.26
C GLU G 1221 19.73 0.03 -76.59
N ALA G 1222 18.79 0.97 -76.65
CA ALA G 1222 18.11 1.24 -77.91
C ALA G 1222 19.01 1.99 -78.88
N PHE G 1223 19.89 2.85 -78.37
CA PHE G 1223 20.88 3.47 -79.26
C PHE G 1223 21.91 2.45 -79.72
N ILE G 1224 22.32 1.53 -78.84
CA ILE G 1224 23.22 0.47 -79.27
C ILE G 1224 22.56 -0.39 -80.36
N ALA G 1225 21.29 -0.75 -80.16
CA ALA G 1225 20.57 -1.53 -81.16
C ALA G 1225 20.45 -0.80 -82.48
N SER G 1226 20.61 0.53 -82.48
CA SER G 1226 20.65 1.33 -83.70
C SER G 1226 22.07 1.53 -84.21
N GLY G 1227 23.06 0.90 -83.58
CA GLY G 1227 24.43 1.06 -84.01
C GLY G 1227 25.06 2.39 -83.65
N ILE G 1228 24.39 3.20 -82.83
CA ILE G 1228 24.90 4.50 -82.43
C ILE G 1228 25.48 4.34 -81.04
N THR G 1229 26.81 4.30 -80.95
CA THR G 1229 27.48 4.06 -79.68
C THR G 1229 27.80 5.36 -78.98
N ASP G 1230 27.85 6.47 -79.71
CA ASP G 1230 28.04 7.77 -79.12
C ASP G 1230 26.92 8.68 -79.63
N PRO G 1231 26.00 9.05 -78.75
CA PRO G 1231 24.87 9.87 -79.21
C PRO G 1231 25.30 11.16 -79.89
N TYR G 1232 26.48 11.70 -79.57
CA TYR G 1232 26.94 12.91 -80.22
C TYR G 1232 27.20 12.70 -81.71
N GLU G 1233 27.27 11.47 -82.19
CA GLU G 1233 27.43 11.24 -83.61
C GLU G 1233 26.22 11.70 -84.37
N MET G 1234 25.06 11.76 -83.74
CA MET G 1234 23.88 12.30 -84.40
C MET G 1234 24.10 13.75 -84.83
N TYR G 1235 24.91 14.50 -84.08
CA TYR G 1235 25.15 15.90 -84.38
C TYR G 1235 26.13 16.10 -85.52
N LYS G 1236 26.64 15.02 -86.12
CA LYS G 1236 27.36 15.13 -87.37
C LYS G 1236 26.43 15.20 -88.57
N TYR G 1237 25.14 14.95 -88.35
CA TYR G 1237 24.14 15.01 -89.41
C TYR G 1237 23.04 16.00 -89.19
N VAL G 1238 22.68 16.25 -87.95
CA VAL G 1238 21.55 17.11 -87.64
C VAL G 1238 22.00 18.16 -86.64
N HIS G 1239 21.23 19.24 -86.57
CA HIS G 1239 21.45 20.27 -85.56
C HIS G 1239 20.99 19.77 -84.19
N VAL G 1240 21.56 20.36 -83.15
CA VAL G 1240 21.20 19.95 -81.79
C VAL G 1240 19.72 20.15 -81.53
N SER G 1241 19.09 21.09 -82.24
CA SER G 1241 17.67 21.34 -82.07
C SER G 1241 16.78 20.33 -82.77
N GLU G 1242 17.35 19.28 -83.36
CA GLU G 1242 16.61 18.36 -84.21
C GLU G 1242 16.57 16.94 -83.65
N VAL G 1243 16.90 16.76 -82.38
CA VAL G 1243 16.76 15.47 -81.71
C VAL G 1243 15.72 15.65 -80.62
N GLY G 1244 14.57 15.00 -80.80
CA GLY G 1244 13.47 15.11 -79.87
C GLY G 1244 13.40 13.94 -78.90
N ASN G 1245 12.62 14.14 -77.85
CA ASN G 1245 12.30 13.09 -76.88
C ASN G 1245 10.82 13.19 -76.58
N CYS G 1246 10.05 12.19 -77.00
CA CYS G 1246 8.60 12.23 -76.90
C CYS G 1246 8.05 11.03 -76.13
N SER G 1247 8.84 10.46 -75.23
CA SER G 1247 8.40 9.33 -74.42
C SER G 1247 7.82 9.81 -73.09
N GLY G 1248 6.99 8.97 -72.48
CA GLY G 1248 6.37 9.33 -71.22
C GLY G 1248 6.00 8.13 -70.36
N SER G 1249 5.25 8.38 -69.29
CA SER G 1249 4.78 7.32 -68.41
C SER G 1249 3.35 7.61 -68.00
N GLY G 1250 2.69 6.64 -67.42
CA GLY G 1250 1.36 6.85 -66.90
C GLY G 1250 1.33 7.49 -65.53
N MET G 1251 2.33 7.23 -64.69
CA MET G 1251 2.34 7.74 -63.30
C MET G 1251 3.69 8.28 -62.81
N GLY G 1252 4.74 8.10 -63.57
CA GLY G 1252 6.05 8.60 -63.20
C GLY G 1252 6.73 8.03 -62.00
N GLY G 1253 7.51 8.84 -61.31
CA GLY G 1253 8.25 8.40 -60.15
C GLY G 1253 7.43 8.21 -58.91
N VAL G 1254 6.64 7.14 -58.86
CA VAL G 1254 5.75 6.90 -57.73
C VAL G 1254 6.52 6.70 -56.42
N SER G 1255 7.78 6.28 -56.48
CA SER G 1255 8.57 6.15 -55.27
C SER G 1255 8.85 7.52 -54.65
N ALA G 1256 9.13 8.53 -55.46
CA ALA G 1256 9.28 9.89 -54.94
C ALA G 1256 7.95 10.42 -54.42
N LEU G 1257 6.83 9.97 -54.97
CA LEU G 1257 5.53 10.35 -54.46
C LEU G 1257 5.37 9.77 -53.09
N ARG G 1258 5.73 8.51 -52.91
CA ARG G 1258 5.73 7.94 -51.57
C ARG G 1258 6.61 8.74 -50.63
N GLY G 1259 7.81 9.09 -51.09
CA GLY G 1259 8.72 9.85 -50.25
C GLY G 1259 8.12 11.14 -49.74
N MET G 1260 7.44 11.89 -50.62
CA MET G 1260 6.93 13.19 -50.19
C MET G 1260 5.59 13.10 -49.49
N PHE G 1261 4.79 12.06 -49.74
CA PHE G 1261 3.45 11.98 -49.16
C PHE G 1261 3.39 11.16 -47.88
N LYS G 1262 4.27 10.18 -47.68
CA LYS G 1262 4.24 9.34 -46.49
C LYS G 1262 5.52 9.46 -45.69
N ASP G 1263 6.67 9.31 -46.32
CA ASP G 1263 7.92 9.34 -45.56
C ASP G 1263 8.13 10.70 -44.89
N ARG G 1264 7.79 11.80 -45.55
CA ARG G 1264 7.91 13.13 -44.95
C ARG G 1264 6.90 13.29 -43.83
N PHE G 1265 5.73 12.69 -43.98
CA PHE G 1265 4.75 12.73 -42.90
C PHE G 1265 5.27 12.05 -41.63
N LYS G 1266 5.99 10.94 -41.79
CA LYS G 1266 6.60 10.25 -40.66
C LYS G 1266 7.95 10.82 -40.29
N ASP G 1267 8.34 11.93 -40.88
CA ASP G 1267 9.60 12.60 -40.54
C ASP G 1267 10.81 11.72 -40.75
N GLU G 1268 10.83 10.95 -41.82
CA GLU G 1268 11.96 10.12 -42.12
C GLU G 1268 12.81 10.87 -43.11
N PRO G 1269 14.11 10.59 -43.16
CA PRO G 1269 15.01 11.36 -44.04
C PRO G 1269 14.62 11.19 -45.50
N VAL G 1270 14.23 12.31 -46.13
CA VAL G 1270 13.94 12.35 -47.56
C VAL G 1270 14.75 13.48 -48.17
N GLN G 1271 15.33 13.23 -49.34
CA GLN G 1271 16.13 14.25 -50.00
C GLN G 1271 15.29 15.48 -50.28
N ASN G 1272 15.93 16.65 -50.21
CA ASN G 1272 15.19 17.90 -50.25
C ASN G 1272 14.60 18.20 -51.62
N ASP G 1273 15.09 17.54 -52.67
CA ASP G 1273 14.59 17.73 -54.03
C ASP G 1273 13.83 16.50 -54.51
N ILE G 1274 13.18 15.78 -53.60
CA ILE G 1274 12.42 14.60 -53.98
C ILE G 1274 11.27 14.96 -54.92
N LEU G 1275 10.78 16.19 -54.83
CA LEU G 1275 9.63 16.59 -55.65
C LEU G 1275 9.95 16.50 -57.13
N GLN G 1276 11.14 16.95 -57.53
CA GLN G 1276 11.49 16.95 -58.95
C GLN G 1276 11.63 15.52 -59.48
N GLU G 1277 12.08 14.58 -58.65
CA GLU G 1277 12.25 13.21 -59.12
C GLU G 1277 10.93 12.52 -59.40
N SER G 1278 9.83 13.07 -58.95
CA SER G 1278 8.54 12.48 -59.19
C SER G 1278 7.91 12.86 -60.52
N PHE G 1279 8.31 13.98 -61.11
CA PHE G 1279 7.66 14.46 -62.33
C PHE G 1279 7.82 13.46 -63.46
N ILE G 1280 6.77 13.34 -64.28
CA ILE G 1280 6.78 12.37 -65.37
C ILE G 1280 7.77 12.77 -66.47
N ASN G 1281 8.11 14.06 -66.59
CA ASN G 1281 9.10 14.51 -67.56
C ASN G 1281 10.52 14.49 -67.01
N THR G 1282 10.70 14.11 -65.74
CA THR G 1282 12.04 14.09 -65.17
C THR G 1282 12.89 12.97 -65.75
N MET G 1283 12.27 11.85 -66.15
CA MET G 1283 13.04 10.80 -66.81
C MET G 1283 13.64 11.29 -68.11
N SER G 1284 12.85 12.00 -68.92
CA SER G 1284 13.39 12.57 -70.15
C SER G 1284 14.44 13.64 -69.86
N ALA G 1285 14.22 14.44 -68.82
CA ALA G 1285 15.22 15.41 -68.42
C ALA G 1285 16.55 14.73 -68.10
N TRP G 1286 16.51 13.64 -67.33
CA TRP G 1286 17.74 12.93 -66.98
C TRP G 1286 18.38 12.29 -68.20
N VAL G 1287 17.58 11.72 -69.10
CA VAL G 1287 18.14 11.18 -70.33
C VAL G 1287 18.90 12.26 -71.08
N ASN G 1288 18.30 13.43 -71.24
CA ASN G 1288 18.98 14.50 -71.96
C ASN G 1288 20.20 15.01 -71.21
N MET G 1289 20.14 15.05 -69.88
CA MET G 1289 21.22 15.61 -69.08
C MET G 1289 22.40 14.65 -68.95
N LEU G 1290 22.20 13.35 -69.18
CA LEU G 1290 23.29 12.39 -69.06
C LEU G 1290 23.79 11.83 -70.39
N LEU G 1291 22.94 11.74 -71.41
CA LEU G 1291 23.37 11.11 -72.66
C LEU G 1291 23.26 12.02 -73.88
N ILE G 1292 22.10 12.66 -74.06
CA ILE G 1292 21.75 13.21 -75.37
C ILE G 1292 22.29 14.63 -75.52
N SER G 1293 21.98 15.51 -74.57
CA SER G 1293 22.44 16.89 -74.60
C SER G 1293 21.89 17.67 -75.79
N SER G 1294 20.70 17.32 -76.25
CA SER G 1294 20.07 18.03 -77.36
C SER G 1294 19.20 19.17 -76.83
N SER G 1295 18.94 20.13 -77.72
CA SER G 1295 17.99 21.20 -77.45
C SER G 1295 16.79 21.10 -78.37
N GLY G 1296 16.38 19.88 -78.68
CA GLY G 1296 15.27 19.63 -79.56
C GLY G 1296 13.96 19.54 -78.80
N PRO G 1297 12.87 19.23 -79.51
CA PRO G 1297 11.56 19.18 -78.86
C PRO G 1297 11.51 18.14 -77.75
N ILE G 1298 10.79 18.47 -76.68
CA ILE G 1298 10.51 17.53 -75.60
C ILE G 1298 9.03 17.62 -75.28
N LYS G 1299 8.30 16.55 -75.56
CA LYS G 1299 6.86 16.48 -75.32
C LYS G 1299 6.58 15.17 -74.61
N THR G 1300 6.22 15.26 -73.32
CA THR G 1300 6.08 14.06 -72.50
C THR G 1300 4.61 13.67 -72.43
N PRO G 1301 4.19 12.58 -73.08
CA PRO G 1301 2.77 12.19 -73.00
C PRO G 1301 2.45 11.48 -71.69
N VAL G 1302 1.17 11.57 -71.31
CA VAL G 1302 0.62 10.82 -70.20
C VAL G 1302 -0.67 10.18 -70.70
N GLY G 1303 -0.65 8.86 -70.88
CA GLY G 1303 -1.78 8.19 -71.47
C GLY G 1303 -2.14 6.88 -70.79
N ALA G 1304 -1.90 6.80 -69.51
CA ALA G 1304 -2.18 5.58 -68.75
C ALA G 1304 -1.53 4.35 -69.41
N CYS G 1305 -2.33 3.40 -69.87
CA CYS G 1305 -1.78 2.21 -70.49
C CYS G 1305 -1.53 2.36 -71.99
N ALA G 1306 -2.00 3.45 -72.61
CA ALA G 1306 -1.74 3.73 -74.02
C ALA G 1306 -0.61 4.74 -74.19
N THR G 1307 0.21 4.92 -73.15
CA THR G 1307 1.23 5.95 -73.17
C THR G 1307 2.23 5.74 -74.30
N SER G 1308 2.64 4.50 -74.54
CA SER G 1308 3.68 4.24 -75.53
C SER G 1308 3.18 4.50 -76.94
N VAL G 1309 1.95 4.08 -77.25
CA VAL G 1309 1.38 4.37 -78.57
C VAL G 1309 1.19 5.87 -78.76
N GLU G 1310 0.74 6.56 -77.71
CA GLU G 1310 0.61 8.01 -77.80
C GLU G 1310 1.97 8.66 -78.03
N SER G 1311 3.02 8.14 -77.38
CA SER G 1311 4.36 8.65 -77.58
C SER G 1311 4.82 8.45 -79.01
N VAL G 1312 4.53 7.28 -79.59
CA VAL G 1312 4.89 7.02 -80.98
C VAL G 1312 4.17 8.01 -81.90
N ASP G 1313 2.88 8.23 -81.65
CA ASP G 1313 2.12 9.16 -82.48
C ASP G 1313 2.71 10.57 -82.40
N ILE G 1314 3.00 11.03 -81.18
CA ILE G 1314 3.55 12.37 -81.01
C ILE G 1314 4.92 12.48 -81.68
N GLY G 1315 5.74 11.44 -81.56
CA GLY G 1315 7.04 11.49 -82.20
C GLY G 1315 6.96 11.53 -83.71
N VAL G 1316 6.06 10.73 -84.29
CA VAL G 1316 5.87 10.75 -85.74
C VAL G 1316 5.44 12.13 -86.19
N GLU G 1317 4.49 12.74 -85.48
CA GLU G 1317 4.03 14.07 -85.88
C GLU G 1317 5.10 15.13 -85.65
N THR G 1318 5.93 14.96 -84.63
CA THR G 1318 7.03 15.89 -84.40
C THR G 1318 8.04 15.83 -85.55
N ILE G 1319 8.39 14.65 -86.06
CA ILE G 1319 9.30 14.58 -87.17
C ILE G 1319 8.67 15.09 -88.47
N LEU G 1320 7.41 14.78 -88.70
CA LEU G 1320 6.73 15.22 -89.89
C LEU G 1320 6.47 16.71 -89.91
N SER G 1321 6.37 17.35 -88.74
CA SER G 1321 6.22 18.80 -88.73
C SER G 1321 7.54 19.52 -88.96
N GLY G 1322 8.66 18.81 -88.97
CA GLY G 1322 9.95 19.44 -89.15
C GLY G 1322 10.62 19.93 -87.90
N LYS G 1323 10.03 19.67 -86.76
CA LYS G 1323 10.65 20.05 -85.50
C LYS G 1323 11.81 19.15 -85.12
N ALA G 1324 11.87 17.94 -85.67
CA ALA G 1324 12.93 16.99 -85.38
C ALA G 1324 13.16 16.05 -86.54
N ARG G 1325 14.29 15.38 -86.55
CA ARG G 1325 14.57 14.38 -87.56
C ARG G 1325 14.84 13.05 -86.84
N ILE G 1326 15.18 13.09 -85.55
CA ILE G 1326 15.36 11.90 -84.73
C ILE G 1326 14.56 12.10 -83.45
N CYS G 1327 13.84 11.07 -83.02
CA CYS G 1327 13.04 11.16 -81.81
C CYS G 1327 13.19 9.90 -80.97
N ILE G 1328 13.24 10.11 -79.65
CA ILE G 1328 13.16 9.02 -78.69
C ILE G 1328 11.70 8.87 -78.28
N VAL G 1329 11.16 7.67 -78.48
CA VAL G 1329 9.79 7.37 -78.10
C VAL G 1329 9.79 6.09 -77.26
N GLY G 1330 8.71 5.90 -76.53
CA GLY G 1330 8.54 4.71 -75.72
C GLY G 1330 7.75 5.03 -74.46
N GLY G 1331 7.79 4.10 -73.52
CA GLY G 1331 7.02 4.22 -72.30
C GLY G 1331 7.71 3.52 -71.15
N TYR G 1332 7.27 3.87 -69.94
CA TYR G 1332 7.86 3.32 -68.73
C TYR G 1332 6.89 3.53 -67.57
N ASP G 1333 7.04 2.69 -66.55
CA ASP G 1333 6.27 2.80 -65.32
C ASP G 1333 6.78 1.75 -64.35
N ASP G 1334 6.63 2.03 -63.07
CA ASP G 1334 7.09 1.14 -62.04
C ASP G 1334 5.97 0.48 -61.29
N PHE G 1335 6.31 -0.47 -60.44
CA PHE G 1335 5.35 -1.13 -59.59
C PHE G 1335 5.70 -0.81 -58.14
N GLN G 1336 4.73 -0.44 -57.34
CA GLN G 1336 4.94 -0.16 -55.93
C GLN G 1336 3.71 -0.52 -55.13
N GLU G 1337 3.84 -0.53 -53.81
CA GLU G 1337 2.73 -0.86 -52.93
C GLU G 1337 1.44 -0.09 -53.11
N GLU G 1338 1.48 1.23 -53.10
CA GLU G 1338 0.25 2.02 -53.19
C GLU G 1338 -0.50 1.81 -54.48
N GLY G 1339 0.19 1.77 -55.61
CA GLY G 1339 -0.49 1.53 -56.87
C GLY G 1339 -1.09 0.14 -56.95
N SER G 1340 -0.41 -0.87 -56.43
CA SER G 1340 -0.95 -2.21 -56.38
C SER G 1340 -2.24 -2.26 -55.57
N PHE G 1341 -2.24 -1.64 -54.39
CA PHE G 1341 -3.40 -1.61 -53.55
C PHE G 1341 -4.53 -0.92 -54.26
N GLU G 1342 -4.26 0.22 -54.89
CA GLU G 1342 -5.35 0.94 -55.51
C GLU G 1342 -5.91 0.21 -56.72
N PHE G 1343 -5.06 -0.51 -57.47
CA PHE G 1343 -5.58 -1.37 -58.53
C PHE G 1343 -6.36 -2.54 -57.95
N GLY G 1344 -6.01 -3.00 -56.75
CA GLY G 1344 -6.81 -4.00 -56.08
C GLY G 1344 -8.17 -3.47 -55.68
N ASN G 1345 -8.23 -2.27 -55.10
CA ASN G 1345 -9.52 -1.66 -54.73
C ASN G 1345 -10.41 -1.39 -55.93
N MET G 1346 -9.84 -1.20 -57.11
CA MET G 1346 -10.64 -1.05 -58.32
C MET G 1346 -11.01 -2.39 -58.94
N LYS G 1347 -10.44 -3.48 -58.45
CA LYS G 1347 -10.72 -4.82 -58.96
C LYS G 1347 -10.26 -4.96 -60.40
N ALA G 1348 -9.23 -4.21 -60.77
CA ALA G 1348 -8.67 -4.32 -62.11
C ALA G 1348 -7.68 -5.47 -62.23
N THR G 1349 -7.04 -5.82 -61.14
CA THR G 1349 -6.07 -6.87 -61.14
C THR G 1349 -6.69 -8.17 -60.67
N SER G 1350 -6.00 -9.26 -60.87
CA SER G 1350 -6.49 -10.55 -60.44
C SER G 1350 -6.24 -10.83 -58.96
N ASN G 1351 -7.23 -11.34 -58.27
CA ASN G 1351 -7.05 -11.74 -56.88
C ASN G 1351 -6.23 -13.02 -56.90
N THR G 1352 -5.08 -13.03 -56.25
CA THR G 1352 -4.20 -14.19 -56.23
C THR G 1352 -4.69 -15.32 -55.34
N LEU G 1353 -5.50 -15.03 -54.34
CA LEU G 1353 -6.01 -16.08 -53.47
C LEU G 1353 -7.08 -16.87 -54.19
N GLU G 1354 -7.85 -16.21 -55.05
CA GLU G 1354 -8.83 -16.88 -55.86
C GLU G 1354 -8.11 -17.67 -56.91
N GLU G 1355 -7.03 -17.16 -57.48
CA GLU G 1355 -6.22 -17.93 -58.43
C GLU G 1355 -5.66 -19.21 -57.77
N PHE G 1356 -5.20 -19.14 -56.54
CA PHE G 1356 -4.73 -20.32 -55.85
C PHE G 1356 -5.86 -21.29 -55.57
N GLU G 1357 -7.07 -20.80 -55.29
CA GLU G 1357 -8.21 -21.70 -55.08
C GLU G 1357 -8.49 -22.53 -56.32
N HIS G 1358 -8.23 -21.99 -57.50
CA HIS G 1358 -8.41 -22.73 -58.73
C HIS G 1358 -7.16 -23.48 -59.18
N GLY G 1359 -6.14 -23.61 -58.35
CA GLY G 1359 -4.96 -24.38 -58.70
C GLY G 1359 -4.02 -23.69 -59.65
N ARG G 1360 -4.12 -22.39 -59.79
CA ARG G 1360 -3.31 -21.66 -60.73
C ARG G 1360 -2.03 -21.14 -60.11
N THR G 1361 -0.92 -21.36 -60.79
CA THR G 1361 0.35 -20.89 -60.34
C THR G 1361 0.60 -19.52 -60.98
N PRO G 1362 1.58 -18.77 -60.46
CA PRO G 1362 1.87 -17.43 -60.99
C PRO G 1362 2.16 -17.39 -62.50
N ALA G 1363 2.79 -18.41 -63.04
CA ALA G 1363 3.11 -18.49 -64.45
C ALA G 1363 1.88 -18.68 -65.35
N GLU G 1364 0.72 -18.94 -64.78
CA GLU G 1364 -0.48 -19.09 -65.57
C GLU G 1364 -1.58 -18.13 -65.15
N MET G 1365 -1.24 -17.09 -64.40
CA MET G 1365 -2.24 -16.16 -63.94
C MET G 1365 -2.61 -15.15 -65.02
N SER G 1366 -1.68 -14.79 -65.91
CA SER G 1366 -1.98 -13.90 -67.03
C SER G 1366 -2.36 -14.75 -68.25
N ARG G 1367 -3.64 -14.82 -68.54
CA ARG G 1367 -4.14 -15.64 -69.62
C ARG G 1367 -5.16 -14.89 -70.44
N PRO G 1368 -4.69 -14.02 -71.30
CA PRO G 1368 -5.63 -13.20 -72.08
C PRO G 1368 -6.52 -14.05 -72.99
N ALA G 1369 -7.76 -13.59 -73.16
CA ALA G 1369 -8.70 -14.15 -74.12
C ALA G 1369 -9.11 -15.58 -73.77
N THR G 1370 -9.01 -15.96 -72.50
CA THR G 1370 -9.40 -17.28 -72.05
C THR G 1370 -10.74 -17.22 -71.33
N THR G 1371 -11.39 -18.34 -71.19
CA THR G 1371 -12.67 -18.37 -70.53
C THR G 1371 -12.62 -17.96 -69.07
N THR G 1372 -11.49 -18.12 -68.41
CA THR G 1372 -11.42 -17.88 -66.98
C THR G 1372 -10.56 -16.68 -66.61
N ARG G 1373 -10.24 -15.84 -67.58
CA ARG G 1373 -9.48 -14.62 -67.33
C ARG G 1373 -10.22 -13.74 -66.32
N ASN G 1374 -9.52 -13.28 -65.30
CA ASN G 1374 -10.16 -12.52 -64.22
C ASN G 1374 -9.39 -11.33 -63.66
N GLY G 1375 -8.56 -10.69 -64.45
CA GLY G 1375 -7.84 -9.54 -64.01
C GLY G 1375 -6.46 -9.51 -64.59
N PHE G 1376 -5.87 -8.32 -64.61
CA PHE G 1376 -4.53 -8.18 -65.17
C PHE G 1376 -3.46 -8.45 -64.14
N MET G 1377 -2.25 -8.68 -64.60
CA MET G 1377 -1.13 -8.93 -63.75
C MET G 1377 -0.32 -7.69 -63.90
N GLU G 1378 0.05 -7.08 -62.80
CA GLU G 1378 0.87 -5.89 -62.85
C GLU G 1378 2.36 -6.18 -63.05
N ALA G 1379 3.02 -5.36 -63.84
CA ALA G 1379 4.44 -5.51 -64.13
C ALA G 1379 5.15 -4.17 -64.02
N GLN G 1380 6.42 -4.15 -64.38
CA GLN G 1380 7.21 -2.94 -64.35
C GLN G 1380 8.28 -2.95 -65.43
N GLY G 1381 8.81 -1.79 -65.78
CA GLY G 1381 9.90 -1.70 -66.71
C GLY G 1381 9.74 -0.53 -67.64
N ALA G 1382 10.49 -0.58 -68.74
CA ALA G 1382 10.49 0.50 -69.72
C ALA G 1382 10.77 -0.08 -71.10
N GLY G 1383 10.35 0.66 -72.13
CA GLY G 1383 10.64 0.31 -73.50
C GLY G 1383 10.89 1.56 -74.32
N ILE G 1384 11.92 1.54 -75.16
CA ILE G 1384 12.33 2.70 -75.93
C ILE G 1384 12.55 2.30 -77.39
N GLN G 1385 12.17 3.19 -78.30
CA GLN G 1385 12.46 3.03 -79.72
C GLN G 1385 13.06 4.33 -80.24
N ILE G 1386 14.01 4.21 -81.16
CA ILE G 1386 14.57 5.36 -81.87
C ILE G 1386 13.90 5.41 -83.24
N ILE G 1387 13.21 6.51 -83.53
CA ILE G 1387 12.58 6.72 -84.82
C ILE G 1387 13.20 7.95 -85.48
N MET G 1388 13.43 7.86 -86.79
CA MET G 1388 13.91 9.00 -87.55
C MET G 1388 13.34 8.92 -88.96
N GLN G 1389 13.64 9.92 -89.77
CA GLN G 1389 13.26 9.92 -91.16
C GLN G 1389 14.03 8.86 -91.94
N ALA G 1390 13.37 8.19 -92.87
CA ALA G 1390 14.00 7.16 -93.68
C ALA G 1390 15.21 7.71 -94.43
N ASP G 1391 15.13 8.94 -94.90
CA ASP G 1391 16.23 9.58 -95.60
C ASP G 1391 17.49 9.71 -94.73
N LEU G 1392 17.35 10.10 -93.48
CA LEU G 1392 18.47 10.22 -92.58
C LEU G 1392 18.92 8.87 -92.09
N ALA G 1393 18.00 7.93 -91.94
CA ALA G 1393 18.42 6.59 -91.57
C ALA G 1393 19.31 5.98 -92.66
N LEU G 1394 18.92 6.16 -93.93
CA LEU G 1394 19.75 5.67 -95.02
C LEU G 1394 21.08 6.41 -95.10
N LYS G 1395 21.09 7.70 -94.88
CA LYS G 1395 22.31 8.44 -94.96
C LYS G 1395 23.25 8.07 -93.84
N MET G 1396 22.71 7.87 -92.64
CA MET G 1396 23.57 7.57 -91.50
C MET G 1396 24.13 6.15 -91.57
N GLY G 1397 23.42 5.24 -92.23
CA GLY G 1397 23.83 3.86 -92.25
C GLY G 1397 23.40 3.07 -91.03
N VAL G 1398 22.26 3.39 -90.45
CA VAL G 1398 21.77 2.72 -89.25
C VAL G 1398 20.83 1.60 -89.68
N PRO G 1399 20.68 0.54 -88.89
CA PRO G 1399 19.71 -0.51 -89.23
C PRO G 1399 18.29 0.02 -89.20
N ILE G 1400 17.44 -0.58 -90.02
CA ILE G 1400 16.03 -0.24 -90.09
C ILE G 1400 15.23 -1.50 -89.80
N TYR G 1401 14.47 -1.48 -88.71
CA TYR G 1401 13.72 -2.65 -88.26
C TYR G 1401 12.27 -2.66 -88.73
N GLY G 1402 11.75 -1.53 -89.18
CA GLY G 1402 10.38 -1.48 -89.66
C GLY G 1402 9.99 -0.06 -89.97
N ILE G 1403 8.82 0.07 -90.59
CA ILE G 1403 8.27 1.36 -90.99
C ILE G 1403 7.07 1.66 -90.10
N VAL G 1404 7.02 2.83 -89.52
CA VAL G 1404 5.86 3.25 -88.74
C VAL G 1404 4.92 3.83 -89.76
N ALA G 1405 4.00 3.03 -90.26
CA ALA G 1405 3.10 3.47 -91.30
C ALA G 1405 1.90 4.23 -90.78
N MET G 1406 1.46 3.99 -89.56
CA MET G 1406 0.37 4.74 -88.98
C MET G 1406 0.48 4.81 -87.47
N ALA G 1407 -0.03 5.86 -86.86
CA ALA G 1407 -0.02 6.02 -85.40
C ALA G 1407 -1.17 6.97 -85.06
N ALA G 1408 -2.16 6.52 -84.31
CA ALA G 1408 -3.36 7.30 -84.06
C ALA G 1408 -3.81 7.13 -82.61
N THR G 1409 -4.58 8.11 -82.14
CA THR G 1409 -5.19 8.08 -80.82
C THR G 1409 -6.63 8.55 -80.94
N ALA G 1410 -7.48 8.09 -80.02
CA ALA G 1410 -8.90 8.42 -80.08
C ALA G 1410 -9.54 8.26 -78.72
N THR G 1411 -10.48 9.15 -78.42
CA THR G 1411 -11.34 9.04 -77.25
C THR G 1411 -12.66 8.36 -77.64
N ASP G 1412 -13.46 7.99 -76.64
CA ASP G 1412 -14.64 7.20 -76.95
C ASP G 1412 -15.93 7.99 -77.06
N LYS G 1413 -16.46 8.49 -75.95
CA LYS G 1413 -17.79 9.09 -75.94
C LYS G 1413 -18.21 9.55 -74.55
N ILE G 1414 -19.42 10.11 -74.45
CA ILE G 1414 -19.99 10.49 -73.15
C ILE G 1414 -20.16 9.24 -72.29
N GLY G 1415 -19.87 9.38 -71.00
CA GLY G 1415 -20.00 8.27 -70.08
C GLY G 1415 -19.65 8.68 -68.67
N ARG G 1416 -19.65 7.69 -67.77
CA ARG G 1416 -19.37 7.94 -66.36
C ARG G 1416 -18.37 6.96 -65.75
N SER G 1417 -17.83 6.02 -66.53
CA SER G 1417 -16.81 5.10 -66.01
C SER G 1417 -15.46 5.37 -66.65
N VAL G 1418 -14.54 5.96 -65.91
CA VAL G 1418 -13.23 6.34 -66.44
C VAL G 1418 -12.48 5.13 -66.99
N PRO G 1419 -12.40 3.99 -66.30
CA PRO G 1419 -11.59 2.88 -66.79
C PRO G 1419 -12.24 2.03 -67.86
N ALA G 1420 -13.47 2.32 -68.25
CA ALA G 1420 -14.16 1.56 -69.27
C ALA G 1420 -13.54 1.70 -70.66
N PRO G 1421 -13.10 0.59 -71.28
CA PRO G 1421 -12.57 0.66 -72.65
C PRO G 1421 -13.68 0.93 -73.66
N GLY G 1422 -13.37 1.58 -74.76
CA GLY G 1422 -14.35 1.96 -75.76
C GLY G 1422 -13.88 1.63 -77.16
N LYS G 1423 -14.73 1.96 -78.13
CA LYS G 1423 -14.52 1.62 -79.53
C LYS G 1423 -14.03 2.80 -80.35
N GLY G 1424 -13.63 3.91 -79.71
CA GLY G 1424 -13.31 5.12 -80.44
C GLY G 1424 -12.20 4.96 -81.45
N ILE G 1425 -11.25 4.06 -81.17
CA ILE G 1425 -10.14 3.82 -82.10
C ILE G 1425 -10.60 3.19 -83.40
N LEU G 1426 -11.87 2.78 -83.48
CA LEU G 1426 -12.42 2.23 -84.72
C LEU G 1426 -12.39 3.25 -85.86
N THR G 1427 -12.25 4.53 -85.56
CA THR G 1427 -12.28 5.58 -86.57
C THR G 1427 -11.07 5.54 -87.51
N THR G 1428 -10.03 4.77 -87.21
CA THR G 1428 -8.93 4.63 -88.16
C THR G 1428 -9.34 3.86 -89.41
N ALA G 1429 -10.50 3.20 -89.38
CA ALA G 1429 -11.02 2.47 -90.53
C ALA G 1429 -12.20 3.18 -91.19
N ARG G 1430 -12.48 4.42 -90.81
CA ARG G 1430 -13.64 5.11 -91.37
C ARG G 1430 -13.49 5.29 -92.87
N GLU G 1431 -14.54 4.96 -93.62
CA GLU G 1431 -14.48 4.97 -95.08
C GLU G 1431 -15.87 5.02 -95.65
N HIS G 1432 -16.15 5.99 -96.51
CA HIS G 1432 -17.44 6.17 -97.15
C HIS G 1432 -17.57 5.17 -98.30
N HIS G 1433 -18.65 4.43 -98.33
CA HIS G 1433 -18.81 3.39 -99.32
C HIS G 1433 -20.09 3.53 -100.14
N SER G 1434 -20.67 4.72 -100.22
CA SER G 1434 -21.93 4.89 -100.93
C SER G 1434 -21.81 4.45 -102.38
N SER G 1435 -20.71 4.79 -103.04
CA SER G 1435 -20.46 4.33 -104.40
C SER G 1435 -19.29 3.36 -104.44
N ALA G 1439 -13.80 2.03 -108.09
CA ALA G 1439 -12.38 2.07 -107.77
C ALA G 1439 -11.80 3.44 -108.11
N SER G 1440 -11.62 4.27 -107.09
CA SER G 1440 -11.06 5.59 -107.30
C SER G 1440 -9.64 5.46 -107.86
N PRO G 1441 -9.29 6.18 -108.93
CA PRO G 1441 -7.92 6.06 -109.46
C PRO G 1441 -6.84 6.20 -108.41
N ASN G 1442 -7.10 6.96 -107.35
CA ASN G 1442 -6.07 7.22 -106.34
C ASN G 1442 -5.48 5.94 -105.78
N LEU G 1443 -6.29 4.88 -105.66
CA LEU G 1443 -5.84 3.64 -105.06
C LEU G 1443 -4.99 2.80 -106.01
N ASN G 1444 -4.57 3.37 -107.15
CA ASN G 1444 -3.70 2.67 -108.09
C ASN G 1444 -2.38 3.41 -108.20
N MET G 1445 -1.28 2.77 -107.85
CA MET G 1445 0.03 3.43 -107.82
C MET G 1445 0.53 3.80 -109.20
N LYS G 1446 0.13 3.06 -110.22
CA LYS G 1446 0.51 3.39 -111.59
C LYS G 1446 0.03 4.79 -112.00
N TYR G 1447 -1.21 5.13 -111.68
CA TYR G 1447 -1.75 6.45 -111.99
C TYR G 1447 -1.02 7.54 -111.21
N ARG G 1448 -0.73 7.26 -109.95
CA ARG G 1448 -0.06 8.24 -109.11
C ARG G 1448 1.36 8.45 -109.60
N LYS G 1449 2.03 7.39 -110.02
CA LYS G 1449 3.38 7.53 -110.57
C LYS G 1449 3.36 8.33 -111.86
N ARG G 1450 2.35 8.10 -112.71
CA ARG G 1450 2.21 8.87 -113.94
C ARG G 1450 2.09 10.35 -113.64
N GLN G 1451 1.19 10.71 -112.72
CA GLN G 1451 1.05 12.11 -112.33
C GLN G 1451 2.37 12.66 -111.80
N LEU G 1452 3.12 11.83 -111.06
CA LEU G 1452 4.40 12.27 -110.51
C LEU G 1452 5.38 12.62 -111.61
N VAL G 1453 5.47 11.78 -112.65
CA VAL G 1453 6.38 12.08 -113.76
C VAL G 1453 5.97 13.38 -114.44
N THR G 1454 4.66 13.55 -114.67
CA THR G 1454 4.19 14.79 -115.29
C THR G 1454 4.61 16.01 -114.48
N ARG G 1455 4.41 15.97 -113.17
CA ARG G 1455 4.75 17.12 -112.36
C ARG G 1455 6.24 17.36 -112.38
N GLU G 1456 7.01 16.28 -112.34
CA GLU G 1456 8.46 16.44 -112.36
C GLU G 1456 8.92 17.13 -113.64
N ALA G 1457 8.32 16.77 -114.77
CA ALA G 1457 8.64 17.45 -116.02
C ALA G 1457 8.32 18.95 -115.93
N GLN G 1458 7.13 19.27 -115.43
CA GLN G 1458 6.80 20.69 -115.25
C GLN G 1458 7.77 21.37 -114.31
N ILE G 1459 8.25 20.66 -113.30
CA ILE G 1459 9.20 21.24 -112.35
C ILE G 1459 10.50 21.57 -113.04
N LYS G 1460 11.01 20.66 -113.86
CA LYS G 1460 12.27 20.96 -114.56
C LYS G 1460 12.11 22.14 -115.50
N ASP G 1461 10.95 22.26 -116.14
CA ASP G 1461 10.69 23.43 -116.98
C ASP G 1461 10.76 24.72 -116.15
N TRP G 1462 10.10 24.72 -114.99
CA TRP G 1462 10.16 25.88 -114.11
C TRP G 1462 11.61 26.18 -113.74
N VAL G 1463 12.39 25.13 -113.46
CA VAL G 1463 13.77 25.30 -113.02
C VAL G 1463 14.58 25.98 -114.11
N GLU G 1464 14.44 25.53 -115.35
CA GLU G 1464 15.26 26.10 -116.42
C GLU G 1464 14.84 27.54 -116.72
N ASN G 1465 13.53 27.83 -116.70
CA ASN G 1465 13.10 29.21 -116.88
C ASN G 1465 13.69 30.11 -115.81
N GLU G 1466 13.63 29.67 -114.55
CA GLU G 1466 14.10 30.52 -113.46
C GLU G 1466 15.62 30.64 -113.48
N LEU G 1467 16.33 29.61 -113.94
CA LEU G 1467 17.77 29.72 -114.10
C LEU G 1467 18.12 30.74 -115.17
N GLU G 1468 17.36 30.77 -116.27
CA GLU G 1468 17.59 31.79 -117.29
C GLU G 1468 17.35 33.18 -116.72
N ALA G 1469 16.27 33.36 -115.96
CA ALA G 1469 16.00 34.64 -115.34
C ALA G 1469 17.08 35.05 -114.35
N LEU G 1470 17.60 34.11 -113.55
CA LEU G 1470 18.69 34.40 -112.64
C LEU G 1470 19.97 34.75 -113.40
N PHE G 1485 27.01 36.29 -105.69
CA PHE G 1485 25.58 36.46 -105.87
C PHE G 1485 25.06 35.30 -106.69
N LEU G 1486 25.71 35.01 -107.81
CA LEU G 1486 25.24 33.94 -108.67
C LEU G 1486 25.21 32.60 -107.91
N LEU G 1487 26.20 32.33 -107.08
CA LEU G 1487 26.23 31.10 -106.31
C LEU G 1487 25.03 31.04 -105.40
N GLU G 1488 24.85 32.10 -104.62
CA GLU G 1488 23.70 32.13 -103.74
C GLU G 1488 22.44 31.81 -104.50
N ARG G 1489 22.27 32.44 -105.66
CA ARG G 1489 21.03 32.25 -106.36
C ARG G 1489 20.84 30.89 -107.02
N THR G 1490 21.89 30.29 -107.53
CA THR G 1490 21.77 28.94 -108.08
C THR G 1490 21.33 28.08 -106.92
N ARG G 1491 21.97 28.28 -105.76
CA ARG G 1491 21.62 27.49 -104.61
C ARG G 1491 20.13 27.61 -104.41
N GLU G 1492 19.65 28.84 -104.32
CA GLU G 1492 18.23 29.08 -104.09
C GLU G 1492 17.31 28.42 -105.11
N ILE G 1493 17.59 28.56 -106.39
CA ILE G 1493 16.73 28.00 -107.41
C ILE G 1493 16.70 26.48 -107.31
N HIS G 1494 17.85 25.84 -107.08
CA HIS G 1494 17.83 24.38 -107.08
C HIS G 1494 17.08 23.95 -105.85
N ASN G 1495 17.21 24.73 -104.80
CA ASN G 1495 16.50 24.43 -103.58
C ASN G 1495 15.00 24.51 -103.75
N GLU G 1496 14.49 25.51 -104.47
CA GLU G 1496 13.06 25.60 -104.73
C GLU G 1496 12.61 24.48 -105.62
N ALA G 1497 13.49 24.07 -106.53
CA ALA G 1497 13.15 22.94 -107.35
C ALA G 1497 12.94 21.71 -106.48
N GLU G 1498 13.83 21.52 -105.51
CA GLU G 1498 13.73 20.36 -104.67
C GLU G 1498 12.49 20.47 -103.83
N SER G 1499 12.17 21.68 -103.41
CA SER G 1499 10.99 21.90 -102.62
C SER G 1499 9.77 21.49 -103.37
N GLN G 1500 9.74 21.78 -104.65
CA GLN G 1500 8.60 21.39 -105.47
C GLN G 1500 8.55 19.90 -105.77
N LEU G 1501 9.70 19.27 -105.95
CA LEU G 1501 9.69 17.83 -106.17
C LEU G 1501 9.24 17.05 -104.95
N ARG G 1502 9.62 17.49 -103.77
CA ARG G 1502 9.24 16.78 -102.57
C ARG G 1502 7.78 16.99 -102.33
N ALA G 1503 7.27 18.19 -102.61
CA ALA G 1503 5.82 18.40 -102.49
C ALA G 1503 5.06 17.48 -103.42
N ALA G 1504 5.51 17.33 -104.67
CA ALA G 1504 4.85 16.41 -105.59
C ALA G 1504 4.94 14.97 -105.10
N GLN G 1505 6.08 14.59 -104.55
CA GLN G 1505 6.25 13.24 -104.04
C GLN G 1505 5.31 13.00 -102.89
N GLN G 1506 5.24 13.97 -101.99
CA GLN G 1506 4.32 13.85 -100.87
C GLN G 1506 2.90 13.65 -101.38
N GLN G 1507 2.46 14.52 -102.29
CA GLN G 1507 1.09 14.48 -102.77
C GLN G 1507 0.75 13.15 -103.42
N TRP G 1508 1.66 12.61 -104.23
CA TRP G 1508 1.31 11.43 -105.03
C TRP G 1508 1.73 10.11 -104.43
N GLY G 1509 2.61 10.10 -103.42
CA GLY G 1509 3.07 8.84 -102.86
C GLY G 1509 2.86 8.70 -101.36
N ASN G 1510 2.81 9.81 -100.63
CA ASN G 1510 2.80 9.76 -99.18
C ASN G 1510 1.41 9.96 -98.60
N ASP G 1511 0.73 11.04 -98.98
CA ASP G 1511 -0.60 11.35 -98.47
C ASP G 1511 -1.58 11.59 -99.62
N PHE G 1512 -1.55 10.70 -100.61
CA PHE G 1512 -2.54 10.75 -101.68
C PHE G 1512 -3.94 10.51 -101.16
N TYR G 1513 -4.10 9.76 -100.08
CA TYR G 1513 -5.43 9.40 -99.57
C TYR G 1513 -5.90 10.28 -98.47
N LYS G 1514 -5.09 11.23 -98.03
CA LYS G 1514 -5.46 12.03 -96.87
C LYS G 1514 -6.68 12.88 -97.11
N ARG G 1515 -6.92 13.25 -98.35
CA ARG G 1515 -8.09 14.03 -98.71
C ARG G 1515 -9.22 13.19 -99.28
N ASP G 1516 -9.03 11.88 -99.42
CA ASP G 1516 -10.05 11.02 -100.01
C ASP G 1516 -10.93 10.42 -98.92
N PRO G 1517 -12.21 10.78 -98.82
CA PRO G 1517 -13.09 10.11 -97.85
C PRO G 1517 -13.41 8.68 -98.21
N ARG G 1518 -13.00 8.19 -99.37
CA ARG G 1518 -13.24 6.79 -99.71
C ARG G 1518 -12.07 5.90 -99.36
N ILE G 1519 -11.03 6.46 -98.78
CA ILE G 1519 -9.89 5.67 -98.33
C ILE G 1519 -9.73 5.89 -96.84
N ALA G 1520 -9.74 4.80 -96.07
CA ALA G 1520 -9.52 4.89 -94.64
C ALA G 1520 -8.04 5.14 -94.35
N PRO G 1521 -7.76 5.82 -93.26
CA PRO G 1521 -6.36 6.02 -92.89
C PRO G 1521 -5.55 4.71 -92.78
N LEU G 1522 -6.16 3.64 -92.30
CA LEU G 1522 -5.49 2.34 -92.22
C LEU G 1522 -5.19 1.79 -93.62
N ARG G 1523 -6.20 1.76 -94.48
CA ARG G 1523 -6.00 1.30 -95.84
C ARG G 1523 -4.95 2.12 -96.55
N GLY G 1524 -5.03 3.45 -96.42
CA GLY G 1524 -4.06 4.29 -97.10
C GLY G 1524 -2.65 4.09 -96.58
N ALA G 1525 -2.47 3.96 -95.28
CA ALA G 1525 -1.16 3.66 -94.73
C ALA G 1525 -0.60 2.36 -95.30
N LEU G 1526 -1.45 1.36 -95.47
CA LEU G 1526 -0.95 0.14 -96.11
C LEU G 1526 -0.71 0.35 -97.61
N ALA G 1527 -1.53 1.13 -98.28
CA ALA G 1527 -1.44 1.31 -99.71
C ALA G 1527 -0.27 2.16 -100.12
N THR G 1528 0.28 2.90 -99.19
CA THR G 1528 1.47 3.68 -99.51
C THR G 1528 2.59 2.80 -100.04
N TYR G 1529 2.57 1.51 -99.76
CA TYR G 1529 3.63 0.59 -100.17
C TYR G 1529 3.10 -0.56 -100.95
N GLY G 1530 1.92 -0.41 -101.54
CA GLY G 1530 1.35 -1.45 -102.35
C GLY G 1530 0.90 -2.63 -101.56
N LEU G 1531 0.36 -2.42 -100.36
CA LEU G 1531 -0.14 -3.49 -99.54
C LEU G 1531 -1.62 -3.34 -99.36
N THR G 1532 -2.36 -4.44 -99.36
CA THR G 1532 -3.80 -4.45 -99.17
C THR G 1532 -4.11 -4.70 -97.70
N ILE G 1533 -5.40 -4.76 -97.37
CA ILE G 1533 -5.80 -5.03 -96.01
C ILE G 1533 -5.45 -6.48 -95.64
N ASP G 1534 -5.38 -7.37 -96.63
CA ASP G 1534 -5.07 -8.74 -96.35
C ASP G 1534 -3.61 -8.93 -96.01
N ASP G 1535 -2.77 -7.94 -96.29
CA ASP G 1535 -1.35 -8.02 -95.93
C ASP G 1535 -1.07 -7.69 -94.45
N LEU G 1536 -2.09 -7.38 -93.66
CA LEU G 1536 -1.92 -7.15 -92.23
C LEU G 1536 -2.07 -8.50 -91.55
N GLY G 1537 -0.98 -9.19 -91.29
CA GLY G 1537 -1.06 -10.54 -90.80
C GLY G 1537 -1.13 -10.76 -89.32
N VAL G 1538 -0.57 -9.84 -88.55
CA VAL G 1538 -0.53 -10.02 -87.11
C VAL G 1538 -1.15 -8.80 -86.44
N ALA G 1539 -1.98 -9.05 -85.44
CA ALA G 1539 -2.51 -8.01 -84.57
C ALA G 1539 -1.95 -8.24 -83.18
N SER G 1540 -1.15 -7.30 -82.67
CA SER G 1540 -0.66 -7.37 -81.29
C SER G 1540 -1.75 -6.77 -80.43
N PHE G 1541 -2.32 -7.54 -79.53
CA PHE G 1541 -3.41 -7.07 -78.70
C PHE G 1541 -2.93 -6.58 -77.38
N HIS G 1542 -3.53 -5.52 -76.88
CA HIS G 1542 -3.23 -5.06 -75.55
C HIS G 1542 -3.46 -6.25 -74.62
N GLY G 1543 -4.45 -7.08 -74.88
CA GLY G 1543 -4.65 -8.32 -74.16
C GLY G 1543 -4.27 -8.32 -72.74
N THR G 1544 -5.01 -7.61 -71.92
CA THR G 1544 -4.64 -7.46 -70.53
C THR G 1544 -5.18 -8.60 -69.65
N SER G 1545 -5.88 -9.55 -70.22
CA SER G 1545 -6.45 -10.68 -69.45
C SER G 1545 -7.63 -10.23 -68.58
N THR G 1546 -8.35 -9.20 -69.00
CA THR G 1546 -9.53 -8.69 -68.30
C THR G 1546 -10.73 -8.93 -69.18
N LYS G 1547 -11.86 -9.17 -68.57
CA LYS G 1547 -13.02 -9.58 -69.36
C LYS G 1547 -13.56 -8.56 -70.35
N ALA G 1548 -13.56 -7.30 -69.98
CA ALA G 1548 -14.02 -6.28 -70.88
C ALA G 1548 -12.99 -5.91 -71.91
N ASN G 1549 -11.73 -5.85 -71.54
CA ASN G 1549 -10.75 -5.38 -72.49
C ASN G 1549 -10.63 -6.35 -73.60
N ASP G 1550 -10.51 -7.60 -73.27
CA ASP G 1550 -10.26 -8.60 -74.31
C ASP G 1550 -11.43 -8.69 -75.28
N LYS G 1551 -12.65 -8.75 -74.76
CA LYS G 1551 -13.80 -8.83 -75.65
C LYS G 1551 -13.91 -7.57 -76.52
N ASN G 1552 -13.75 -6.40 -75.92
CA ASN G 1552 -13.88 -5.15 -76.66
C ASN G 1552 -12.81 -5.02 -77.74
N GLU G 1553 -11.58 -5.41 -77.42
CA GLU G 1553 -10.50 -5.35 -78.39
C GLU G 1553 -10.73 -6.29 -79.55
N SER G 1554 -11.17 -7.52 -79.26
CA SER G 1554 -11.48 -8.45 -80.34
C SER G 1554 -12.59 -7.90 -81.23
N ALA G 1555 -13.63 -7.33 -80.62
CA ALA G 1555 -14.72 -6.75 -81.40
C ALA G 1555 -14.23 -5.59 -82.25
N THR G 1556 -13.36 -4.74 -81.70
CA THR G 1556 -12.86 -3.59 -82.44
C THR G 1556 -12.04 -4.03 -83.65
N ILE G 1557 -11.10 -4.97 -83.45
CA ILE G 1557 -10.29 -5.43 -84.57
C ILE G 1557 -11.17 -6.10 -85.61
N ASN G 1558 -12.14 -6.91 -85.17
CA ASN G 1558 -13.03 -7.59 -86.11
C ASN G 1558 -13.83 -6.59 -86.93
N GLU G 1559 -14.37 -5.55 -86.34
CA GLU G 1559 -15.10 -4.53 -87.08
C GLU G 1559 -14.18 -3.79 -88.03
N MET G 1560 -12.98 -3.46 -87.59
CA MET G 1560 -12.04 -2.84 -88.50
C MET G 1560 -11.86 -3.69 -89.75
N MET G 1561 -11.57 -4.97 -89.58
CA MET G 1561 -11.32 -5.84 -90.72
C MET G 1561 -12.56 -6.01 -91.57
N LYS G 1562 -13.74 -6.09 -90.99
CA LYS G 1562 -14.93 -6.34 -91.77
C LYS G 1562 -15.35 -5.15 -92.62
N HIS G 1563 -15.11 -3.96 -92.13
CA HIS G 1563 -15.50 -2.76 -92.84
C HIS G 1563 -14.59 -2.50 -93.99
N LEU G 1564 -13.31 -2.80 -93.85
CA LEU G 1564 -12.35 -2.57 -94.91
C LEU G 1564 -12.22 -3.76 -95.85
N GLY G 1565 -13.17 -4.66 -95.81
CA GLY G 1565 -13.18 -5.76 -96.73
C GLY G 1565 -12.12 -6.78 -96.60
N ARG G 1566 -11.71 -7.08 -95.38
CA ARG G 1566 -10.77 -8.18 -95.21
C ARG G 1566 -11.38 -9.45 -95.78
N SER G 1567 -10.59 -10.23 -96.48
CA SER G 1567 -11.10 -11.46 -97.10
C SER G 1567 -11.60 -12.44 -96.09
N GLU G 1568 -12.64 -13.16 -96.43
CA GLU G 1568 -13.16 -14.18 -95.56
C GLU G 1568 -12.21 -15.36 -95.55
N GLY G 1569 -12.01 -15.97 -94.40
CA GLY G 1569 -11.06 -17.03 -94.28
C GLY G 1569 -9.66 -16.55 -94.00
N ASN G 1570 -9.48 -15.23 -93.93
CA ASN G 1570 -8.18 -14.67 -93.64
C ASN G 1570 -8.22 -13.94 -92.28
N PRO G 1571 -8.30 -14.67 -91.19
CA PRO G 1571 -8.25 -14.01 -89.89
C PRO G 1571 -6.91 -13.42 -89.52
N VAL G 1572 -6.87 -12.28 -88.86
CA VAL G 1572 -5.60 -11.77 -88.34
C VAL G 1572 -5.18 -12.62 -87.15
N ILE G 1573 -3.90 -12.94 -87.07
CA ILE G 1573 -3.37 -13.76 -86.00
C ILE G 1573 -3.07 -12.86 -84.81
N GLY G 1574 -3.68 -13.16 -83.66
CA GLY G 1574 -3.54 -12.34 -82.48
C GLY G 1574 -2.36 -12.75 -81.63
N VAL G 1575 -1.59 -11.76 -81.19
CA VAL G 1575 -0.48 -11.96 -80.28
C VAL G 1575 -0.83 -11.29 -78.96
N PHE G 1576 -0.52 -11.98 -77.86
CA PHE G 1576 -0.81 -11.46 -76.52
C PHE G 1576 0.40 -11.63 -75.64
N GLN G 1577 1.36 -10.73 -75.74
CA GLN G 1577 2.63 -10.82 -75.01
C GLN G 1577 2.57 -10.62 -73.48
N LYS G 1578 1.45 -10.12 -72.97
CA LYS G 1578 1.29 -9.90 -71.55
C LYS G 1578 1.03 -11.18 -70.85
N PHE G 1579 0.75 -12.27 -71.58
CA PHE G 1579 0.65 -13.55 -70.91
C PHE G 1579 1.97 -13.87 -70.23
N LEU G 1580 3.07 -13.47 -70.83
CA LEU G 1580 4.39 -13.75 -70.29
C LEU G 1580 4.98 -12.62 -69.46
N THR G 1581 4.75 -11.37 -69.82
CA THR G 1581 5.39 -10.27 -69.14
C THR G 1581 4.52 -9.59 -68.14
N GLY G 1582 3.21 -9.71 -68.28
CA GLY G 1582 2.32 -8.94 -67.45
C GLY G 1582 2.07 -7.57 -68.04
N HIS G 1583 1.37 -6.75 -67.27
CA HIS G 1583 0.94 -5.44 -67.75
C HIS G 1583 1.73 -4.33 -67.06
N PRO G 1584 2.65 -3.65 -67.76
CA PRO G 1584 3.19 -2.39 -67.23
C PRO G 1584 2.33 -1.22 -67.67
N LYS G 1585 1.82 -0.51 -66.73
CA LYS G 1585 0.87 0.55 -66.98
C LYS G 1585 1.45 1.75 -67.71
N GLY G 1586 1.95 1.57 -68.90
CA GLY G 1586 2.54 2.64 -69.68
C GLY G 1586 3.72 2.23 -70.56
N ALA G 1587 4.42 1.17 -70.19
CA ALA G 1587 5.40 0.55 -71.06
C ALA G 1587 4.79 -0.51 -71.97
N ALA G 1588 3.49 -0.77 -71.82
CA ALA G 1588 2.85 -1.89 -72.51
C ALA G 1588 2.98 -1.74 -74.03
N GLY G 1589 2.63 -0.57 -74.56
CA GLY G 1589 2.72 -0.36 -75.99
C GLY G 1589 4.14 -0.49 -76.51
N ALA G 1590 5.11 -0.02 -75.74
CA ALA G 1590 6.51 -0.11 -76.17
C ALA G 1590 6.96 -1.56 -76.23
N TRP G 1591 6.59 -2.35 -75.27
CA TRP G 1591 6.93 -3.76 -75.29
C TRP G 1591 6.27 -4.49 -76.45
N MET G 1592 5.01 -4.19 -76.74
CA MET G 1592 4.34 -4.79 -77.87
C MET G 1592 4.95 -4.34 -79.19
N MET G 1593 5.40 -3.09 -79.26
CA MET G 1593 6.04 -2.63 -80.50
C MET G 1593 7.39 -3.31 -80.71
N ASN G 1594 8.18 -3.48 -79.65
CA ASN G 1594 9.42 -4.22 -79.78
C ASN G 1594 9.15 -5.65 -80.26
N GLY G 1595 8.16 -6.30 -79.72
CA GLY G 1595 7.82 -7.62 -80.18
C GLY G 1595 7.36 -7.65 -81.61
N ALA G 1596 6.57 -6.68 -82.03
CA ALA G 1596 6.12 -6.60 -83.39
C ALA G 1596 7.25 -6.39 -84.35
N LEU G 1597 8.26 -5.60 -83.97
CA LEU G 1597 9.43 -5.49 -84.83
C LEU G 1597 10.17 -6.81 -84.93
N GLN G 1598 10.30 -7.52 -83.82
CA GLN G 1598 10.99 -8.81 -83.86
C GLN G 1598 10.19 -9.83 -84.69
N ILE G 1599 8.87 -9.78 -84.62
CA ILE G 1599 8.05 -10.62 -85.48
C ILE G 1599 8.25 -10.26 -86.94
N LEU G 1600 8.24 -8.98 -87.28
CA LEU G 1600 8.42 -8.54 -88.64
C LEU G 1600 9.77 -8.93 -89.23
N ASN G 1601 10.81 -9.00 -88.40
CA ASN G 1601 12.12 -9.36 -88.92
C ASN G 1601 12.44 -10.85 -88.83
N SER G 1602 11.70 -11.64 -88.09
CA SER G 1602 11.95 -13.07 -87.96
C SER G 1602 10.97 -13.93 -88.71
N GLY G 1603 9.76 -13.43 -88.86
CA GLY G 1603 8.73 -14.25 -89.47
C GLY G 1603 8.08 -15.18 -88.47
N ILE G 1604 8.47 -15.11 -87.21
CA ILE G 1604 7.92 -15.96 -86.18
C ILE G 1604 6.82 -15.27 -85.41
N ILE G 1605 5.69 -15.91 -85.27
CA ILE G 1605 4.56 -15.40 -84.51
C ILE G 1605 4.50 -16.18 -83.19
N PRO G 1606 4.81 -15.58 -82.05
CA PRO G 1606 4.73 -16.33 -80.79
C PRO G 1606 3.30 -16.69 -80.45
N GLY G 1607 3.15 -17.83 -79.78
CA GLY G 1607 1.86 -18.30 -79.34
C GLY G 1607 1.61 -17.95 -77.89
N ASN G 1608 0.32 -17.79 -77.56
CA ASN G 1608 -0.08 -17.52 -76.17
C ASN G 1608 -0.11 -18.85 -75.43
N ARG G 1609 0.94 -19.13 -74.69
CA ARG G 1609 1.06 -20.44 -73.99
C ARG G 1609 0.16 -20.59 -72.78
N ASN G 1610 -0.57 -19.55 -72.40
CA ASN G 1610 -1.55 -19.63 -71.33
C ASN G 1610 -2.93 -19.62 -71.94
N ALA G 1611 -3.05 -19.70 -73.27
CA ALA G 1611 -4.36 -19.82 -73.91
C ALA G 1611 -4.80 -21.28 -73.81
N ASP G 1612 -5.29 -21.67 -72.65
CA ASP G 1612 -5.69 -23.03 -72.42
C ASP G 1612 -7.04 -23.30 -73.06
N ASN G 1613 -7.94 -22.33 -73.00
CA ASN G 1613 -9.26 -22.48 -73.61
C ASN G 1613 -9.75 -21.10 -74.01
N VAL G 1614 -9.89 -20.86 -75.32
CA VAL G 1614 -10.33 -19.58 -75.81
C VAL G 1614 -11.80 -19.39 -75.46
N ASP G 1615 -12.16 -18.20 -75.02
CA ASP G 1615 -13.54 -17.92 -74.65
C ASP G 1615 -14.49 -18.12 -75.82
N LYS G 1616 -15.55 -18.89 -75.61
CA LYS G 1616 -16.51 -19.19 -76.66
C LYS G 1616 -17.12 -17.93 -77.25
N ILE G 1617 -17.28 -16.91 -76.44
CA ILE G 1617 -17.83 -15.66 -76.92
C ILE G 1617 -17.02 -15.08 -78.05
N LEU G 1618 -15.75 -15.41 -78.14
CA LEU G 1618 -14.87 -14.83 -79.15
C LEU G 1618 -14.95 -15.51 -80.49
N GLU G 1619 -15.57 -16.68 -80.58
CA GLU G 1619 -15.78 -17.36 -81.85
C GLU G 1619 -16.59 -16.51 -82.83
N GLN G 1620 -17.42 -15.60 -82.34
CA GLN G 1620 -18.16 -14.71 -83.22
C GLN G 1620 -17.30 -13.79 -84.07
N PHE G 1621 -16.08 -13.52 -83.63
CA PHE G 1621 -15.18 -12.62 -84.34
C PHE G 1621 -14.36 -13.44 -85.32
N GLU G 1622 -14.87 -13.63 -86.52
CA GLU G 1622 -14.25 -14.48 -87.52
C GLU G 1622 -12.97 -14.00 -88.12
N TYR G 1623 -12.68 -12.72 -87.95
CA TYR G 1623 -11.41 -12.16 -88.43
C TYR G 1623 -10.31 -12.17 -87.38
N VAL G 1624 -10.45 -13.00 -86.34
CA VAL G 1624 -9.41 -13.13 -85.34
C VAL G 1624 -9.11 -14.58 -85.03
N LEU G 1625 -7.84 -14.93 -85.01
CA LEU G 1625 -7.44 -16.27 -84.67
C LEU G 1625 -6.55 -16.17 -83.45
N TYR G 1626 -6.73 -17.05 -82.49
CA TYR G 1626 -5.96 -17.04 -81.27
C TYR G 1626 -5.04 -18.26 -81.05
N PRO G 1627 -3.80 -18.26 -81.55
CA PRO G 1627 -2.89 -19.40 -81.42
C PRO G 1627 -2.40 -19.58 -79.99
N SER G 1628 -1.96 -20.80 -79.66
CA SER G 1628 -1.39 -21.11 -78.36
C SER G 1628 0.07 -21.49 -78.50
N LYS G 1629 0.52 -21.72 -79.72
CA LYS G 1629 1.89 -22.16 -79.97
C LYS G 1629 2.57 -21.31 -81.03
N THR G 1630 3.88 -21.26 -81.00
CA THR G 1630 4.58 -20.43 -81.95
C THR G 1630 4.48 -20.94 -83.37
N LEU G 1631 4.17 -20.05 -84.29
CA LEU G 1631 4.12 -20.43 -85.67
C LEU G 1631 5.24 -19.79 -86.43
N LYS G 1632 6.09 -20.59 -87.05
CA LYS G 1632 7.14 -20.05 -87.92
C LYS G 1632 6.61 -19.92 -89.34
N THR G 1633 6.21 -18.74 -89.73
CA THR G 1633 5.61 -18.50 -91.04
C THR G 1633 6.71 -18.28 -92.08
N ASP G 1634 6.29 -17.97 -93.28
CA ASP G 1634 7.23 -17.67 -94.35
C ASP G 1634 7.36 -16.17 -94.57
N GLY G 1635 6.77 -15.37 -93.71
CA GLY G 1635 6.91 -13.93 -93.77
C GLY G 1635 5.74 -13.12 -93.30
N VAL G 1636 5.98 -12.12 -92.46
CA VAL G 1636 4.94 -11.17 -92.06
C VAL G 1636 5.23 -9.85 -92.73
N ARG G 1637 4.21 -9.18 -93.20
CA ARG G 1637 4.44 -7.94 -93.91
C ARG G 1637 4.01 -6.72 -93.11
N ALA G 1638 3.03 -6.84 -92.21
CA ALA G 1638 2.68 -5.70 -91.37
C ALA G 1638 2.05 -6.22 -90.08
N VAL G 1639 2.23 -5.45 -89.01
CA VAL G 1639 1.73 -5.79 -87.68
C VAL G 1639 0.94 -4.61 -87.14
N SER G 1640 -0.19 -4.91 -86.51
CA SER G 1640 -1.02 -3.91 -85.88
C SER G 1640 -0.83 -3.95 -84.37
N ILE G 1641 -0.68 -2.77 -83.76
CA ILE G 1641 -0.50 -2.62 -82.33
C ILE G 1641 -1.62 -1.72 -81.82
N THR G 1642 -2.38 -2.22 -80.86
CA THR G 1642 -3.48 -1.45 -80.27
C THR G 1642 -3.32 -1.38 -78.76
N SER G 1643 -3.74 -0.25 -78.19
CA SER G 1643 -3.67 -0.02 -76.76
C SER G 1643 -4.95 0.66 -76.30
N PHE G 1644 -5.31 0.41 -75.04
CA PHE G 1644 -6.53 0.98 -74.46
C PHE G 1644 -6.22 1.38 -73.02
N GLY G 1645 -5.85 2.64 -72.82
CA GLY G 1645 -5.55 3.12 -71.50
C GLY G 1645 -6.76 3.71 -70.78
N PHE G 1646 -6.66 3.82 -69.48
CA PHE G 1646 -7.71 4.43 -68.68
C PHE G 1646 -7.87 5.86 -69.08
N GLY G 1647 -9.09 6.35 -69.04
CA GLY G 1647 -9.38 7.70 -69.47
C GLY G 1647 -9.72 7.82 -70.93
N GLN G 1648 -10.23 6.75 -71.55
CA GLN G 1648 -10.60 6.75 -72.97
C GLN G 1648 -9.39 7.01 -73.85
N LYS G 1649 -8.28 6.35 -73.56
CA LYS G 1649 -7.06 6.50 -74.35
C LYS G 1649 -6.90 5.25 -75.23
N GLY G 1650 -7.49 5.32 -76.42
CA GLY G 1650 -7.31 4.29 -77.43
C GLY G 1650 -6.23 4.72 -78.41
N GLY G 1651 -5.47 3.74 -78.89
CA GLY G 1651 -4.38 4.04 -79.81
C GLY G 1651 -4.09 2.84 -80.68
N GLN G 1652 -3.63 3.12 -81.90
CA GLN G 1652 -3.24 2.09 -82.84
C GLN G 1652 -2.01 2.52 -83.61
N ALA G 1653 -1.12 1.58 -83.87
CA ALA G 1653 0.02 1.79 -84.73
C ALA G 1653 0.13 0.64 -85.72
N ILE G 1654 0.62 0.94 -86.91
CA ILE G 1654 0.84 -0.04 -87.95
C ILE G 1654 2.32 -0.03 -88.30
N VAL G 1655 2.97 -1.19 -88.20
CA VAL G 1655 4.37 -1.34 -88.52
C VAL G 1655 4.48 -2.25 -89.74
N VAL G 1656 5.21 -1.79 -90.75
CA VAL G 1656 5.36 -2.53 -92.00
C VAL G 1656 6.78 -3.05 -92.09
N HIS G 1657 6.96 -4.19 -92.74
CA HIS G 1657 8.28 -4.78 -92.90
C HIS G 1657 9.22 -3.78 -93.53
N PRO G 1658 10.47 -3.74 -93.05
CA PRO G 1658 11.40 -2.73 -93.56
C PRO G 1658 11.78 -2.89 -95.02
N ASP G 1659 11.74 -4.08 -95.59
CA ASP G 1659 12.17 -4.29 -96.98
C ASP G 1659 11.27 -3.62 -98.00
N TYR G 1660 10.12 -3.13 -97.60
CA TYR G 1660 9.30 -2.35 -98.49
C TYR G 1660 9.82 -0.93 -98.66
N LEU G 1661 10.71 -0.48 -97.79
CA LEU G 1661 11.31 0.84 -97.95
C LEU G 1661 12.27 0.87 -99.13
N TYR G 1662 13.05 -0.18 -99.30
CA TYR G 1662 14.19 -0.13 -100.21
C TYR G 1662 13.77 -0.16 -101.68
N GLY G 1663 12.54 -0.59 -101.98
CA GLY G 1663 12.04 -0.50 -103.33
C GLY G 1663 11.85 0.91 -103.83
N ALA G 1664 12.02 1.91 -102.98
CA ALA G 1664 11.81 3.28 -103.36
C ALA G 1664 13.11 4.01 -103.67
N ILE G 1665 14.22 3.30 -103.64
CA ILE G 1665 15.52 3.91 -103.90
C ILE G 1665 16.23 3.14 -105.01
N THR G 1666 17.32 3.72 -105.50
CA THR G 1666 18.08 3.14 -106.58
C THR G 1666 19.06 2.08 -106.05
N GLU G 1667 19.60 1.29 -106.97
CA GLU G 1667 20.52 0.22 -106.58
C GLU G 1667 21.78 0.77 -105.93
N ASP G 1668 22.33 1.85 -106.49
CA ASP G 1668 23.57 2.42 -105.94
C ASP G 1668 23.36 2.92 -104.51
N ARG G 1669 22.26 3.61 -104.27
CA ARG G 1669 21.95 4.07 -102.91
C ARG G 1669 21.80 2.89 -101.97
N TYR G 1670 21.11 1.84 -102.40
CA TYR G 1670 20.95 0.66 -101.57
C TYR G 1670 22.26 0.00 -101.22
N ASN G 1671 23.18 -0.08 -102.17
CA ASN G 1671 24.45 -0.73 -101.93
C ASN G 1671 25.33 0.10 -101.04
N GLU G 1672 25.27 1.39 -101.18
CA GLU G 1672 26.00 2.28 -100.31
C GLU G 1672 25.48 2.16 -98.89
N TYR G 1673 24.17 2.13 -98.72
CA TYR G 1673 23.57 1.96 -97.40
C TYR G 1673 23.96 0.62 -96.78
N VAL G 1674 23.98 -0.45 -97.58
CA VAL G 1674 24.23 -1.76 -97.04
C VAL G 1674 25.65 -1.86 -96.53
N ALA G 1675 26.58 -1.25 -97.23
CA ALA G 1675 27.95 -1.23 -96.79
C ALA G 1675 28.12 -0.39 -95.53
N LYS G 1676 27.46 0.76 -95.47
CA LYS G 1676 27.52 1.59 -94.30
C LYS G 1676 26.94 0.86 -93.08
N VAL G 1677 25.89 0.10 -93.24
CA VAL G 1677 25.27 -0.58 -92.13
C VAL G 1677 26.11 -1.76 -91.67
N SER G 1678 26.80 -2.43 -92.59
CA SER G 1678 27.69 -3.51 -92.19
C SER G 1678 28.86 -3.01 -91.36
N ALA G 1679 29.43 -1.88 -91.73
CA ALA G 1679 30.48 -1.28 -90.95
C ALA G 1679 29.97 -0.90 -89.57
N ARG G 1680 28.81 -0.25 -89.50
CA ARG G 1680 28.24 0.17 -88.23
C ARG G 1680 27.92 -1.02 -87.35
N GLU G 1681 27.56 -2.16 -87.90
CA GLU G 1681 27.23 -3.30 -87.09
C GLU G 1681 28.47 -3.93 -86.50
N LYS G 1682 29.57 -3.91 -87.21
CA LYS G 1682 30.81 -4.46 -86.71
C LYS G 1682 31.33 -3.62 -85.56
N SER G 1683 31.18 -2.32 -85.65
CA SER G 1683 31.60 -1.46 -84.58
C SER G 1683 30.65 -1.52 -83.40
N ALA G 1684 29.35 -1.65 -83.65
CA ALA G 1684 28.42 -1.83 -82.54
C ALA G 1684 28.63 -3.15 -81.81
N TYR G 1685 29.09 -4.19 -82.49
CA TYR G 1685 29.37 -5.45 -81.82
C TYR G 1685 30.56 -5.32 -80.91
N LYS G 1686 31.59 -4.65 -81.37
CA LYS G 1686 32.74 -4.41 -80.55
C LYS G 1686 32.42 -3.57 -79.31
N PHE G 1687 31.65 -2.50 -79.45
CA PHE G 1687 31.25 -1.71 -78.32
C PHE G 1687 30.39 -2.51 -77.39
N PHE G 1688 29.45 -3.27 -77.91
CA PHE G 1688 28.54 -3.98 -77.03
C PHE G 1688 29.30 -4.96 -76.14
N HIS G 1689 30.22 -5.73 -76.72
CA HIS G 1689 30.87 -6.75 -75.90
C HIS G 1689 31.86 -6.12 -74.92
N ASN G 1690 32.61 -5.11 -75.31
CA ASN G 1690 33.46 -4.43 -74.36
C ASN G 1690 32.64 -3.84 -73.21
N GLY G 1691 31.56 -3.15 -73.52
CA GLY G 1691 30.74 -2.59 -72.47
C GLY G 1691 30.13 -3.64 -71.57
N MET G 1692 29.77 -4.78 -72.15
CA MET G 1692 29.15 -5.85 -71.35
C MET G 1692 30.15 -6.40 -70.35
N ILE G 1693 31.35 -6.76 -70.80
CA ILE G 1693 32.26 -7.42 -69.85
C ILE G 1693 32.85 -6.42 -68.87
N TYR G 1694 32.98 -5.14 -69.24
CA TYR G 1694 33.56 -4.15 -68.35
C TYR G 1694 32.51 -3.26 -67.69
N ASN G 1695 31.26 -3.66 -67.68
CA ASN G 1695 30.22 -2.89 -67.00
C ASN G 1695 30.22 -1.42 -67.37
N LYS G 1696 30.36 -1.11 -68.64
CA LYS G 1696 30.46 0.27 -69.10
C LYS G 1696 29.63 0.47 -70.37
N LEU G 1697 28.49 -0.21 -70.46
CA LEU G 1697 27.58 0.05 -71.57
C LEU G 1697 27.02 1.45 -71.50
N PHE G 1698 26.65 1.93 -70.31
CA PHE G 1698 26.23 3.29 -70.10
C PHE G 1698 27.42 4.10 -69.70
N VAL G 1699 27.69 5.18 -70.42
CA VAL G 1699 28.77 6.08 -70.08
C VAL G 1699 28.21 7.50 -70.07
N SER G 1700 28.22 8.14 -68.93
CA SER G 1700 27.65 9.45 -68.83
C SER G 1700 28.49 10.54 -69.46
N LYS G 1701 27.84 11.57 -69.96
CA LYS G 1701 28.53 12.70 -70.56
C LYS G 1701 28.83 13.73 -69.49
N GLU G 1702 30.10 14.12 -69.38
CA GLU G 1702 30.51 15.15 -68.43
C GLU G 1702 30.30 16.56 -68.98
N HIS G 1703 30.45 16.74 -70.29
CA HIS G 1703 30.32 18.05 -70.91
C HIS G 1703 29.43 17.94 -72.14
N ALA G 1704 28.83 19.04 -72.53
CA ALA G 1704 28.08 19.08 -73.74
C ALA G 1704 29.08 19.06 -74.89
N PRO G 1705 28.59 18.92 -76.13
CA PRO G 1705 29.51 18.99 -77.28
C PRO G 1705 29.97 20.41 -77.61
N TYR G 1706 29.48 21.40 -76.90
CA TYR G 1706 29.92 22.75 -77.08
C TYR G 1706 30.35 23.26 -75.74
N THR G 1707 31.15 24.31 -75.73
CA THR G 1707 31.55 24.93 -74.48
C THR G 1707 30.49 25.96 -74.13
N ASP G 1708 30.55 26.51 -72.92
CA ASP G 1708 29.60 27.52 -72.51
C ASP G 1708 29.82 28.82 -73.25
N GLU G 1709 31.05 29.09 -73.71
CA GLU G 1709 31.29 30.29 -74.52
C GLU G 1709 30.73 30.15 -75.93
N LEU G 1710 30.63 28.92 -76.42
CA LEU G 1710 30.17 28.64 -77.78
C LEU G 1710 28.71 28.21 -77.84
N GLU G 1711 28.01 28.20 -76.70
CA GLU G 1711 26.69 27.57 -76.64
C GLU G 1711 25.67 28.34 -77.48
N GLU G 1712 25.58 29.65 -77.28
CA GLU G 1712 24.60 30.43 -78.02
C GLU G 1712 24.88 30.44 -79.52
N ASP G 1713 26.16 30.44 -79.89
CA ASP G 1713 26.50 30.38 -81.31
C ASP G 1713 26.03 29.07 -81.94
N VAL G 1714 26.20 27.95 -81.24
CA VAL G 1714 25.69 26.68 -81.74
C VAL G 1714 24.17 26.74 -81.84
N TYR G 1715 23.51 27.29 -80.82
CA TYR G 1715 22.04 27.37 -80.84
C TYR G 1715 21.54 28.21 -82.01
N LEU G 1716 22.26 29.27 -82.37
CA LEU G 1716 21.79 30.21 -83.38
C LEU G 1716 22.29 29.88 -84.78
N ASP G 1717 23.04 28.80 -84.97
CA ASP G 1717 23.54 28.40 -86.27
C ASP G 1717 22.93 27.06 -86.67
N PRO G 1718 21.93 27.04 -87.54
CA PRO G 1718 21.28 25.77 -87.87
C PRO G 1718 22.18 24.78 -88.60
N LEU G 1719 23.25 25.25 -89.22
CA LEU G 1719 24.14 24.40 -90.00
C LEU G 1719 25.35 23.94 -89.23
N ALA G 1720 25.42 24.31 -87.98
CA ALA G 1720 26.54 23.89 -87.14
C ALA G 1720 26.56 22.37 -86.88
N ARG G 1721 27.73 21.74 -87.03
CA ARG G 1721 27.86 20.30 -86.82
C ARG G 1721 29.12 19.97 -86.05
N VAL G 1722 29.12 18.87 -85.32
CA VAL G 1722 30.30 18.45 -84.56
C VAL G 1722 31.28 17.79 -85.50
N SER G 1723 32.56 17.83 -85.13
CA SER G 1723 33.61 17.09 -85.82
C SER G 1723 34.53 16.47 -84.79
N LYS G 1724 35.24 15.43 -85.19
CA LYS G 1724 36.19 14.78 -84.29
C LYS G 1724 37.27 15.76 -83.89
N ASP G 1725 37.52 15.87 -82.59
CA ASP G 1725 38.49 16.81 -82.07
C ASP G 1725 39.86 16.14 -81.98
N LYS G 1727 42.85 15.95 -80.88
CA LYS G 1727 43.41 16.03 -79.53
C LYS G 1727 42.67 15.10 -78.58
N SER G 1728 41.49 15.52 -78.13
CA SER G 1728 40.71 14.70 -77.21
C SER G 1728 40.15 13.46 -77.90
N GLY G 1729 39.80 13.57 -79.17
CA GLY G 1729 39.23 12.47 -79.91
C GLY G 1729 37.73 12.31 -79.78
N SER G 1730 37.05 13.25 -79.13
CA SER G 1730 35.60 13.22 -78.99
C SER G 1730 34.97 14.19 -79.98
N LEU G 1731 33.64 14.14 -80.05
CA LEU G 1731 32.89 14.99 -80.97
C LEU G 1731 32.49 16.29 -80.28
N THR G 1732 32.94 17.39 -80.86
CA THR G 1732 32.65 18.69 -80.31
C THR G 1732 32.44 19.69 -81.41
N PHE G 1733 31.92 20.84 -81.06
CA PHE G 1733 31.76 21.91 -82.02
C PHE G 1733 33.01 22.75 -82.04
N ASN G 1734 33.43 23.14 -83.22
CA ASN G 1734 34.61 23.97 -83.40
C ASN G 1734 34.17 25.33 -83.91
N SER G 1735 34.80 26.39 -83.36
CA SER G 1735 34.42 27.75 -83.73
C SER G 1735 34.57 28.01 -85.22
N LYS G 1736 35.47 27.29 -85.90
CA LYS G 1736 35.66 27.51 -87.32
C LYS G 1736 34.49 26.97 -88.14
N ASN G 1737 33.63 26.17 -87.52
CA ASN G 1737 32.53 25.55 -88.24
C ASN G 1737 31.18 26.17 -87.88
N ILE G 1738 31.18 27.34 -87.28
CA ILE G 1738 29.96 28.00 -86.83
C ILE G 1738 29.81 29.33 -87.56
N GLN G 1739 28.67 29.53 -88.21
CA GLN G 1739 28.40 30.73 -89.00
C GLN G 1739 29.49 30.95 -90.05
N SER G 1740 29.93 29.86 -90.67
CA SER G 1740 30.94 29.91 -91.70
C SER G 1740 30.33 29.69 -93.08
N LYS G 1741 31.00 30.23 -94.10
CA LYS G 1741 30.50 30.13 -95.46
C LYS G 1741 30.61 28.72 -96.02
N ASP G 1742 31.54 27.92 -95.53
CA ASP G 1742 31.67 26.55 -96.02
C ASP G 1742 30.45 25.72 -95.70
N SER G 1743 29.81 25.97 -94.55
CA SER G 1743 28.64 25.21 -94.14
C SER G 1743 27.49 25.41 -95.09
N TYR G 1744 27.44 26.56 -95.74
CA TYR G 1744 26.36 26.87 -96.67
C TYR G 1744 26.73 26.42 -98.08
N SER H 5 130.61 -26.49 -14.33
CA SER H 5 130.20 -26.05 -13.00
C SER H 5 129.24 -24.88 -13.09
N THR H 6 127.94 -25.16 -13.08
CA THR H 6 126.92 -24.12 -13.12
C THR H 6 125.77 -24.52 -12.21
N ARG H 7 125.10 -23.50 -11.67
CA ARG H 7 123.92 -23.69 -10.83
C ARG H 7 122.76 -22.95 -11.48
N PRO H 8 121.70 -23.65 -11.88
CA PRO H 8 120.63 -22.98 -12.64
C PRO H 8 119.95 -21.90 -11.82
N LEU H 9 120.01 -20.68 -12.33
CA LEU H 9 119.30 -19.54 -11.76
C LEU H 9 117.95 -19.40 -12.47
N THR H 10 117.10 -18.53 -11.96
CA THR H 10 115.79 -18.33 -12.55
C THR H 10 115.39 -16.86 -12.43
N LEU H 11 115.23 -16.21 -13.58
CA LEU H 11 114.55 -14.92 -13.67
C LEU H 11 113.11 -15.18 -14.07
N SER H 12 112.18 -14.79 -13.21
CA SER H 12 110.79 -15.23 -13.32
C SER H 12 109.84 -14.04 -13.33
N HIS H 13 108.74 -14.21 -14.06
CA HIS H 13 107.65 -13.23 -14.05
C HIS H 13 106.38 -13.98 -14.47
N GLY H 14 105.55 -14.33 -13.49
CA GLY H 14 104.33 -15.03 -13.79
C GLY H 14 104.59 -16.32 -14.56
N SER H 15 103.74 -16.57 -15.56
CA SER H 15 103.89 -17.74 -16.43
C SER H 15 104.92 -17.45 -17.52
N LEU H 16 106.11 -17.04 -17.08
CA LEU H 16 107.17 -16.62 -17.99
C LEU H 16 108.47 -16.60 -17.20
N GLU H 17 109.46 -17.38 -17.66
CA GLU H 17 110.69 -17.53 -16.90
C GLU H 17 111.82 -17.89 -17.85
N HIS H 18 113.05 -17.69 -17.38
CA HIS H 18 114.24 -18.03 -18.11
C HIS H 18 115.36 -18.27 -17.12
N VAL H 19 116.18 -19.29 -17.37
CA VAL H 19 117.21 -19.74 -16.44
C VAL H 19 118.57 -19.38 -17.00
N LEU H 20 119.38 -18.71 -16.19
CA LEU H 20 120.76 -18.40 -16.53
C LEU H 20 121.67 -19.41 -15.85
N LEU H 21 122.49 -20.10 -16.64
CA LEU H 21 123.42 -21.09 -16.10
C LEU H 21 124.69 -20.36 -15.69
N VAL H 22 124.62 -19.70 -14.54
CA VAL H 22 125.74 -18.92 -14.00
C VAL H 22 126.81 -19.90 -13.52
N PRO H 23 128.09 -19.60 -13.72
CA PRO H 23 129.13 -20.46 -13.14
C PRO H 23 129.05 -20.46 -11.62
N THR H 24 129.43 -21.59 -11.02
CA THR H 24 129.28 -21.76 -9.58
C THR H 24 130.06 -20.71 -8.79
N ALA H 25 131.08 -20.10 -9.39
CA ALA H 25 131.89 -19.12 -8.66
C ALA H 25 131.07 -17.89 -8.28
N SER H 26 130.21 -17.41 -9.19
CA SER H 26 129.50 -16.16 -9.02
C SER H 26 128.00 -16.34 -8.81
N PHE H 27 127.58 -17.54 -8.40
CA PHE H 27 126.15 -17.79 -8.21
C PHE H 27 125.59 -16.91 -7.11
N PHE H 28 126.37 -16.65 -6.07
CA PHE H 28 125.91 -15.79 -4.97
C PHE H 28 125.62 -14.37 -5.45
N ILE H 29 126.54 -13.81 -6.25
CA ILE H 29 126.32 -12.47 -6.79
C ILE H 29 125.12 -12.47 -7.73
N ALA H 30 125.01 -13.50 -8.58
CA ALA H 30 123.88 -13.59 -9.48
C ALA H 30 122.57 -13.62 -8.71
N SER H 31 122.52 -14.41 -7.64
CA SER H 31 121.31 -14.51 -6.83
C SER H 31 120.99 -13.19 -6.12
N GLN H 32 122.02 -12.49 -5.64
CA GLN H 32 121.78 -11.19 -4.99
C GLN H 32 121.14 -10.21 -5.97
N LEU H 33 121.73 -10.08 -7.16
CA LEU H 33 121.18 -9.18 -8.16
C LEU H 33 119.79 -9.66 -8.60
N GLN H 34 119.57 -10.97 -8.65
CA GLN H 34 118.26 -11.50 -9.01
C GLN H 34 117.21 -11.14 -7.97
N GLU H 35 117.56 -11.22 -6.69
CA GLU H 35 116.61 -10.82 -5.64
C GLU H 35 116.28 -9.35 -5.75
N GLN H 36 117.29 -8.51 -5.97
CA GLN H 36 117.01 -7.08 -6.16
C GLN H 36 116.11 -6.86 -7.36
N PHE H 37 116.39 -7.53 -8.49
CA PHE H 37 115.56 -7.38 -9.68
C PHE H 37 114.15 -7.87 -9.43
N ASN H 38 113.99 -8.94 -8.65
CA ASN H 38 112.67 -9.39 -8.25
C ASN H 38 111.93 -8.28 -7.50
N LYS H 39 112.65 -7.55 -6.66
CA LYS H 39 112.05 -6.36 -6.04
C LYS H 39 111.62 -5.37 -7.11
N ILE H 40 112.50 -5.12 -8.10
CA ILE H 40 112.21 -4.09 -9.09
C ILE H 40 111.10 -4.54 -10.05
N LEU H 41 111.19 -5.77 -10.54
CA LEU H 41 110.24 -6.23 -11.55
C LEU H 41 108.83 -6.23 -10.97
N PRO H 42 107.94 -5.35 -11.45
CA PRO H 42 106.62 -5.24 -10.82
C PRO H 42 105.80 -6.52 -10.98
N GLU H 43 104.84 -6.69 -10.07
CA GLU H 43 104.02 -7.89 -10.02
C GLU H 43 103.27 -8.07 -11.33
N PRO H 44 103.02 -9.31 -11.76
CA PRO H 44 102.45 -9.55 -13.08
C PRO H 44 100.94 -9.37 -13.12
N THR H 45 100.40 -9.40 -14.34
CA THR H 45 98.97 -9.34 -14.59
C THR H 45 98.64 -10.30 -15.72
N GLU H 46 97.37 -10.35 -16.10
CA GLU H 46 96.91 -11.26 -17.15
C GLU H 46 97.45 -10.80 -18.49
N GLY H 47 98.42 -11.54 -19.03
CA GLY H 47 99.06 -11.20 -20.28
C GLY H 47 100.22 -10.23 -20.16
N PHE H 48 100.49 -9.72 -18.96
CA PHE H 48 101.56 -8.75 -18.73
C PHE H 48 101.35 -7.50 -19.57
N ALA H 49 100.11 -7.17 -19.88
CA ALA H 49 99.78 -6.04 -20.73
C ALA H 49 99.65 -4.74 -19.94
N ALA H 50 100.68 -4.42 -19.15
CA ALA H 50 100.74 -3.17 -18.42
C ALA H 50 102.15 -2.61 -18.53
N ASP H 51 102.27 -1.31 -18.27
CA ASP H 51 103.56 -0.65 -18.41
C ASP H 51 104.59 -1.24 -17.45
N ASP H 52 105.82 -1.35 -17.94
CA ASP H 52 106.99 -1.75 -17.16
C ASP H 52 107.01 -3.22 -16.77
N GLU H 53 106.44 -4.10 -17.59
CA GLU H 53 106.53 -5.54 -17.35
C GLU H 53 106.80 -6.26 -18.66
N PRO H 54 107.60 -7.31 -18.64
CA PRO H 54 107.90 -8.05 -19.88
C PRO H 54 106.68 -8.81 -20.40
N THR H 55 106.71 -9.07 -21.70
CA THR H 55 105.74 -9.94 -22.35
C THR H 55 106.40 -11.18 -22.95
N THR H 56 107.72 -11.28 -22.92
CA THR H 56 108.46 -12.37 -23.52
C THR H 56 109.73 -12.57 -22.71
N PRO H 57 110.23 -13.80 -22.62
CA PRO H 57 111.47 -14.01 -21.84
C PRO H 57 112.63 -13.14 -22.29
N ALA H 58 112.76 -12.90 -23.60
CA ALA H 58 113.81 -12.00 -24.08
C ALA H 58 113.67 -10.62 -23.45
N GLU H 59 112.44 -10.12 -23.35
CA GLU H 59 112.21 -8.81 -22.75
C GLU H 59 112.68 -8.80 -21.30
N LEU H 60 112.38 -9.86 -20.55
CA LEU H 60 112.73 -9.92 -19.14
C LEU H 60 114.24 -10.02 -18.95
N VAL H 61 114.91 -10.82 -19.78
CA VAL H 61 116.36 -10.92 -19.68
C VAL H 61 117.01 -9.59 -20.05
N GLY H 62 116.45 -8.88 -21.04
CA GLY H 62 116.95 -7.56 -21.35
C GLY H 62 116.72 -6.56 -20.23
N LYS H 63 115.59 -6.67 -19.55
CA LYS H 63 115.33 -5.81 -18.41
C LYS H 63 116.34 -6.05 -17.30
N PHE H 64 116.66 -7.32 -17.04
CA PHE H 64 117.71 -7.64 -16.08
C PHE H 64 119.06 -7.12 -16.55
N LEU H 65 119.35 -7.22 -17.86
CA LEU H 65 120.57 -6.65 -18.41
C LEU H 65 120.67 -5.16 -18.10
N GLY H 66 119.58 -4.44 -18.33
CA GLY H 66 119.57 -3.02 -18.03
C GLY H 66 119.76 -2.74 -16.55
N TYR H 67 119.09 -3.53 -15.71
CA TYR H 67 119.21 -3.32 -14.27
C TYR H 67 120.67 -3.47 -13.82
N VAL H 68 121.33 -4.54 -14.29
CA VAL H 68 122.72 -4.76 -13.91
C VAL H 68 123.62 -3.71 -14.52
N SER H 69 123.33 -3.26 -15.75
CA SER H 69 124.15 -2.24 -16.38
C SER H 69 124.06 -0.93 -15.61
N SER H 70 122.91 -0.63 -15.02
CA SER H 70 122.79 0.57 -14.20
C SER H 70 123.70 0.50 -12.98
N LEU H 71 123.78 -0.67 -12.33
CA LEU H 71 124.63 -0.81 -11.16
C LEU H 71 126.10 -0.74 -11.51
N VAL H 72 126.51 -1.33 -12.63
CA VAL H 72 127.91 -1.24 -13.04
C VAL H 72 128.27 0.21 -13.34
N GLU H 73 129.54 0.54 -13.11
CA GLU H 73 130.06 1.88 -13.32
C GLU H 73 131.21 1.80 -14.31
N PRO H 74 131.11 2.45 -15.48
CA PRO H 74 132.22 2.39 -16.44
C PRO H 74 133.48 2.97 -15.83
N SER H 75 134.62 2.38 -16.21
CA SER H 75 135.92 2.66 -15.63
C SER H 75 136.20 1.68 -14.49
N LYS H 76 136.99 2.09 -13.51
CA LYS H 76 137.32 1.20 -12.39
C LYS H 76 136.07 0.66 -11.73
N VAL H 77 135.87 -0.65 -11.84
CA VAL H 77 134.69 -1.31 -11.29
C VAL H 77 134.98 -2.80 -11.18
N GLY H 78 134.52 -3.41 -10.10
CA GLY H 78 134.67 -4.84 -9.91
C GLY H 78 133.38 -5.53 -9.52
N GLN H 79 132.39 -4.75 -9.08
CA GLN H 79 131.21 -5.32 -8.45
C GLN H 79 130.46 -6.30 -9.35
N PHE H 80 129.92 -5.82 -10.47
CA PHE H 80 129.00 -6.61 -11.28
C PHE H 80 129.39 -6.70 -12.75
N ASP H 81 130.68 -6.54 -13.08
CA ASP H 81 131.11 -6.68 -14.46
C ASP H 81 130.95 -8.11 -14.94
N GLN H 82 131.36 -9.08 -14.12
CA GLN H 82 131.37 -10.48 -14.54
C GLN H 82 129.95 -10.97 -14.80
N VAL H 83 129.03 -10.68 -13.88
CA VAL H 83 127.64 -11.12 -14.07
C VAL H 83 127.04 -10.46 -15.30
N LEU H 84 127.35 -9.17 -15.50
CA LEU H 84 126.88 -8.48 -16.70
C LEU H 84 127.35 -9.18 -17.96
N ASN H 85 128.64 -9.51 -18.03
CA ASN H 85 129.18 -10.15 -19.22
C ASN H 85 128.55 -11.52 -19.43
N LEU H 86 128.37 -12.28 -18.34
CA LEU H 86 127.79 -13.61 -18.47
C LEU H 86 126.37 -13.53 -19.01
N CYS H 87 125.54 -12.65 -18.45
CA CYS H 87 124.17 -12.55 -18.92
C CYS H 87 124.11 -11.95 -20.33
N LEU H 88 125.09 -11.11 -20.68
CA LEU H 88 125.15 -10.58 -22.03
C LEU H 88 125.40 -11.68 -23.05
N THR H 89 126.39 -12.53 -22.76
CA THR H 89 126.66 -13.67 -23.64
C THR H 89 125.47 -14.61 -23.70
N GLU H 90 124.82 -14.84 -22.55
CA GLU H 90 123.64 -15.71 -22.53
C GLU H 90 122.54 -15.14 -23.43
N PHE H 91 122.29 -13.83 -23.32
CA PHE H 91 121.27 -13.19 -24.15
C PHE H 91 121.63 -13.28 -25.63
N GLU H 92 122.88 -13.00 -25.97
CA GLU H 92 123.28 -13.07 -27.38
C GLU H 92 123.12 -14.48 -27.92
N ASN H 93 123.49 -15.49 -27.14
CA ASN H 93 123.43 -16.86 -27.63
C ASN H 93 122.00 -17.38 -27.69
N CYS H 94 121.13 -16.94 -26.79
CA CYS H 94 119.79 -17.52 -26.70
C CYS H 94 118.73 -16.73 -27.46
N TYR H 95 118.98 -15.47 -27.79
CA TYR H 95 117.93 -14.66 -28.40
C TYR H 95 118.36 -13.97 -29.69
N LEU H 96 119.60 -13.49 -29.76
CA LEU H 96 120.07 -12.71 -30.91
C LEU H 96 120.69 -13.56 -32.00
N GLU H 97 120.81 -14.87 -31.79
CA GLU H 97 121.58 -15.72 -32.69
C GLU H 97 122.86 -15.00 -33.09
N GLY H 98 123.08 -14.81 -34.39
CA GLY H 98 124.18 -13.99 -34.86
C GLY H 98 123.70 -12.68 -35.44
N ASN H 99 122.41 -12.39 -35.25
CA ASN H 99 121.78 -11.23 -35.87
C ASN H 99 121.94 -9.98 -35.00
N ASP H 100 121.23 -8.91 -35.35
CA ASP H 100 121.31 -7.67 -34.62
C ASP H 100 120.14 -7.52 -33.66
N ILE H 101 120.22 -6.53 -32.79
CA ILE H 101 119.17 -6.32 -31.80
C ILE H 101 117.87 -5.89 -32.47
N HIS H 102 117.96 -5.08 -33.52
CA HIS H 102 116.75 -4.62 -34.19
C HIS H 102 116.02 -5.76 -34.88
N ALA H 103 116.74 -6.77 -35.35
CA ALA H 103 116.08 -7.95 -35.90
C ALA H 103 115.25 -8.65 -34.84
N LEU H 104 115.81 -8.79 -33.63
CA LEU H 104 115.05 -9.37 -32.53
C LEU H 104 113.85 -8.49 -32.17
N ALA H 105 114.03 -7.17 -32.21
CA ALA H 105 112.93 -6.26 -31.93
C ALA H 105 111.79 -6.45 -32.92
N ALA H 106 112.13 -6.53 -34.22
CA ALA H 106 111.11 -6.76 -35.23
C ALA H 106 110.44 -8.11 -35.05
N LYS H 107 111.22 -9.13 -34.71
CA LYS H 107 110.65 -10.46 -34.49
C LYS H 107 109.65 -10.44 -33.34
N LEU H 108 110.00 -9.80 -32.23
CA LEU H 108 109.10 -9.76 -31.09
C LEU H 108 107.91 -8.84 -31.35
N LEU H 109 108.07 -7.86 -32.23
CA LEU H 109 106.93 -7.01 -32.60
C LEU H 109 105.96 -7.72 -33.52
N GLN H 110 106.44 -8.64 -34.37
CA GLN H 110 105.59 -9.28 -35.36
C GLN H 110 105.05 -10.63 -34.90
N GLU H 111 105.94 -11.57 -34.55
CA GLU H 111 105.50 -12.92 -34.22
C GLU H 111 105.00 -13.07 -32.79
N ASN H 112 105.22 -12.07 -31.94
CA ASN H 112 104.78 -12.14 -30.55
C ASN H 112 103.89 -10.94 -30.22
N ASP H 113 103.53 -10.79 -28.94
CA ASP H 113 102.66 -9.69 -28.48
C ASP H 113 103.51 -8.78 -27.60
N THR H 114 104.16 -7.81 -28.24
CA THR H 114 104.97 -6.81 -27.56
C THR H 114 104.71 -5.44 -28.18
N THR H 115 104.59 -4.42 -27.33
CA THR H 115 104.37 -3.07 -27.82
C THR H 115 105.66 -2.49 -28.38
N LEU H 116 105.52 -1.39 -29.12
CA LEU H 116 106.70 -0.73 -29.66
C LEU H 116 107.57 -0.13 -28.56
N VAL H 117 106.94 0.35 -27.49
CA VAL H 117 107.69 0.96 -26.39
C VAL H 117 108.55 -0.08 -25.70
N LYS H 118 108.00 -1.26 -25.45
CA LYS H 118 108.76 -2.30 -24.75
C LYS H 118 109.94 -2.76 -25.59
N THR H 119 109.76 -2.92 -26.89
CA THR H 119 110.89 -3.33 -27.73
C THR H 119 111.94 -2.25 -27.85
N LYS H 120 111.52 -0.98 -27.93
CA LYS H 120 112.50 0.10 -27.88
C LYS H 120 113.28 0.06 -26.57
N GLU H 121 112.59 -0.23 -25.46
CA GLU H 121 113.26 -0.36 -24.18
C GLU H 121 114.27 -1.51 -24.20
N LEU H 122 113.90 -2.62 -24.85
CA LEU H 122 114.81 -3.75 -24.95
C LEU H 122 116.06 -3.38 -25.74
N ILE H 123 115.89 -2.67 -26.85
CA ILE H 123 117.03 -2.23 -27.65
C ILE H 123 117.92 -1.33 -26.81
N LYS H 124 117.30 -0.39 -26.08
CA LYS H 124 118.04 0.53 -25.24
C LYS H 124 118.85 -0.23 -24.19
N ASN H 125 118.22 -1.20 -23.54
CA ASN H 125 118.90 -1.98 -22.51
C ASN H 125 120.08 -2.75 -23.09
N TYR H 126 119.87 -3.42 -24.22
CA TYR H 126 120.94 -4.22 -24.80
C TYR H 126 122.14 -3.34 -25.17
N ILE H 127 121.88 -2.20 -25.81
CA ILE H 127 122.98 -1.36 -26.26
C ILE H 127 123.69 -0.72 -25.07
N THR H 128 122.92 -0.29 -24.06
CA THR H 128 123.51 0.29 -22.87
C THR H 128 124.40 -0.72 -22.16
N ALA H 129 123.93 -1.97 -22.03
CA ALA H 129 124.74 -3.00 -21.40
C ALA H 129 125.98 -3.30 -22.21
N ARG H 130 125.86 -3.33 -23.55
CA ARG H 130 127.03 -3.58 -24.38
C ARG H 130 128.09 -2.52 -24.16
N ILE H 131 127.70 -1.25 -24.12
CA ILE H 131 128.71 -0.21 -23.95
C ILE H 131 129.23 -0.19 -22.50
N MET H 132 128.36 -0.46 -21.52
CA MET H 132 128.80 -0.45 -20.13
C MET H 132 129.85 -1.51 -19.88
N ALA H 133 129.68 -2.69 -20.47
CA ALA H 133 130.62 -3.79 -20.31
C ALA H 133 131.90 -3.60 -21.09
N LYS H 134 132.13 -2.41 -21.67
CA LYS H 134 133.30 -2.17 -22.52
C LYS H 134 133.32 -3.14 -23.71
N ARG H 135 132.14 -3.40 -24.28
CA ARG H 135 132.02 -4.22 -25.47
C ARG H 135 131.57 -3.34 -26.63
N PRO H 136 132.43 -2.47 -27.14
CA PRO H 136 132.01 -1.54 -28.19
C PRO H 136 131.61 -2.28 -29.47
N PHE H 137 130.75 -1.64 -30.25
CA PHE H 137 130.36 -2.17 -31.56
C PHE H 137 131.46 -1.88 -32.58
N ASP H 138 132.67 -2.34 -32.26
CA ASP H 138 133.87 -2.05 -33.03
C ASP H 138 134.16 -3.11 -34.08
N LYS H 139 133.30 -4.12 -34.22
CA LYS H 139 133.45 -5.13 -35.25
C LYS H 139 132.48 -4.86 -36.38
N LYS H 140 133.00 -4.80 -37.61
CA LYS H 140 132.15 -4.52 -38.75
C LYS H 140 131.04 -5.56 -38.87
N SER H 141 129.86 -5.09 -39.23
CA SER H 141 128.67 -5.93 -39.24
C SER H 141 128.72 -6.92 -40.39
N ASN H 142 127.78 -7.87 -40.37
CA ASN H 142 127.55 -8.79 -41.48
C ASN H 142 126.23 -8.51 -42.16
N SER H 143 125.80 -7.25 -42.16
CA SER H 143 124.54 -6.86 -42.77
C SER H 143 124.48 -7.33 -44.22
N ALA H 144 123.37 -7.96 -44.58
CA ALA H 144 123.20 -8.46 -45.94
C ALA H 144 123.25 -7.32 -46.94
N LEU H 145 122.65 -6.18 -46.60
CA LEU H 145 122.63 -5.04 -47.51
C LEU H 145 124.04 -4.57 -47.85
N PHE H 146 124.88 -4.40 -46.83
CA PHE H 146 126.21 -3.86 -47.07
C PHE H 146 127.18 -4.91 -47.58
N ARG H 147 126.88 -6.20 -47.40
CA ARG H 147 127.62 -7.24 -48.11
C ARG H 147 127.27 -7.22 -49.60
N ALA H 148 125.99 -7.07 -49.91
CA ALA H 148 125.58 -6.95 -51.31
C ALA H 148 126.21 -5.73 -51.97
N VAL H 149 126.25 -4.61 -51.26
CA VAL H 149 126.90 -3.42 -51.80
C VAL H 149 128.37 -3.72 -52.09
N GLY H 150 129.03 -4.42 -51.17
CA GLY H 150 130.44 -4.74 -51.38
C GLY H 150 130.66 -5.61 -52.60
N GLU H 151 129.82 -6.63 -52.80
CA GLU H 151 129.98 -7.50 -53.95
C GLU H 151 129.37 -6.92 -55.23
N GLY H 152 128.70 -5.77 -55.15
CA GLY H 152 128.17 -5.11 -56.33
C GLY H 152 126.72 -5.40 -56.63
N ASN H 153 126.00 -6.10 -55.75
CA ASN H 153 124.62 -6.45 -55.99
C ASN H 153 123.64 -5.39 -55.53
N ALA H 154 124.11 -4.25 -55.01
CA ALA H 154 123.23 -3.20 -54.54
C ALA H 154 123.94 -1.86 -54.66
N GLN H 155 123.14 -0.82 -54.89
CA GLN H 155 123.62 0.56 -54.92
C GLN H 155 122.75 1.37 -53.98
N LEU H 156 123.41 2.14 -53.10
CA LEU H 156 122.72 2.89 -52.06
C LEU H 156 122.83 4.38 -52.31
N VAL H 157 121.71 5.08 -52.16
CA VAL H 157 121.66 6.53 -52.17
C VAL H 157 120.97 6.98 -50.89
N ALA H 158 121.58 7.92 -50.18
CA ALA H 158 121.02 8.44 -48.94
C ALA H 158 120.25 9.72 -49.22
N ILE H 159 119.03 9.81 -48.70
CA ILE H 159 118.19 10.98 -48.85
C ILE H 159 117.85 11.50 -47.46
N PHE H 160 117.69 12.82 -47.35
CA PHE H 160 117.44 13.48 -46.08
C PHE H 160 116.24 14.39 -46.22
N GLY H 161 115.32 14.32 -45.26
CA GLY H 161 114.09 15.08 -45.30
C GLY H 161 114.29 16.51 -44.82
N GLY H 162 113.17 17.22 -44.74
CA GLY H 162 113.17 18.61 -44.31
C GLY H 162 111.94 18.92 -43.50
N GLN H 163 111.37 20.11 -43.70
CA GLN H 163 110.21 20.53 -42.94
C GLN H 163 108.93 20.01 -43.57
N GLY H 164 107.87 20.00 -42.78
CA GLY H 164 106.54 19.67 -43.24
C GLY H 164 106.15 18.22 -43.15
N ASN H 165 107.08 17.33 -42.75
CA ASN H 165 106.76 15.91 -42.73
C ASN H 165 105.96 15.51 -41.49
N THR H 166 106.19 16.16 -40.36
CA THR H 166 105.53 15.77 -39.12
C THR H 166 105.24 17.01 -38.29
N ASP H 167 104.33 16.85 -37.32
CA ASP H 167 103.99 17.94 -36.43
C ASP H 167 104.83 17.95 -35.17
N ASP H 168 105.38 16.79 -34.77
CA ASP H 168 106.22 16.68 -33.58
C ASP H 168 107.50 15.93 -33.94
N TYR H 169 108.49 16.69 -34.44
CA TYR H 169 109.82 16.13 -34.67
C TYR H 169 110.62 16.00 -33.38
N PHE H 170 110.40 16.91 -32.43
CA PHE H 170 111.12 16.83 -31.17
C PHE H 170 110.79 15.54 -30.43
N GLU H 171 109.69 14.91 -30.74
CA GLU H 171 109.41 13.60 -30.16
C GLU H 171 110.40 12.63 -30.77
N GLU H 172 110.69 12.74 -32.06
CA GLU H 172 111.70 11.90 -32.68
C GLU H 172 113.06 12.12 -32.03
N LEU H 173 113.40 13.38 -31.75
CA LEU H 173 114.66 13.64 -31.06
C LEU H 173 114.66 13.02 -29.66
N ARG H 174 113.56 13.08 -28.95
CA ARG H 174 113.49 12.46 -27.63
C ARG H 174 113.66 10.95 -27.73
N ASP H 175 113.05 10.33 -28.74
CA ASP H 175 113.24 8.90 -28.94
C ASP H 175 114.70 8.59 -29.17
N LEU H 176 115.38 9.40 -30.01
CA LEU H 176 116.80 9.19 -30.23
C LEU H 176 117.60 9.34 -28.94
N TYR H 177 117.30 10.36 -28.13
CA TYR H 177 118.06 10.61 -26.93
C TYR H 177 117.85 9.55 -25.87
N GLN H 178 116.64 8.97 -25.80
CA GLN H 178 116.35 7.94 -24.82
C GLN H 178 116.86 6.57 -25.25
N THR H 179 116.46 6.12 -26.45
CA THR H 179 116.79 4.75 -26.86
C THR H 179 118.29 4.58 -27.06
N TYR H 180 118.91 5.47 -27.81
CA TYR H 180 120.32 5.35 -28.19
C TYR H 180 121.17 6.41 -27.50
N HIS H 181 120.88 6.69 -26.23
CA HIS H 181 121.64 7.72 -25.51
C HIS H 181 123.13 7.47 -25.58
N VAL H 182 123.54 6.20 -25.52
CA VAL H 182 124.97 5.89 -25.44
C VAL H 182 125.71 6.16 -26.75
N LEU H 183 125.00 6.20 -27.88
CA LEU H 183 125.63 6.43 -29.18
C LEU H 183 125.59 7.89 -29.60
N VAL H 184 124.48 8.59 -29.36
CA VAL H 184 124.26 9.94 -29.87
C VAL H 184 124.23 10.97 -28.75
N GLY H 185 124.47 10.59 -27.50
CA GLY H 185 124.44 11.56 -26.43
C GLY H 185 125.54 12.59 -26.55
N ASP H 186 126.75 12.15 -26.89
CA ASP H 186 127.84 13.09 -27.10
C ASP H 186 127.54 14.01 -28.27
N LEU H 187 126.97 13.48 -29.35
CA LEU H 187 126.64 14.29 -30.51
C LEU H 187 125.62 15.36 -30.14
N ILE H 188 124.58 14.98 -29.40
CA ILE H 188 123.54 15.94 -29.05
C ILE H 188 124.08 16.97 -28.06
N LYS H 189 124.94 16.55 -27.13
CA LYS H 189 125.57 17.50 -26.22
C LYS H 189 126.40 18.52 -26.98
N PHE H 190 127.19 18.04 -27.95
CA PHE H 190 128.00 18.93 -28.76
C PHE H 190 127.12 19.89 -29.57
N SER H 191 126.02 19.38 -30.12
CA SER H 191 125.11 20.23 -30.88
C SER H 191 124.48 21.30 -30.00
N ALA H 192 124.05 20.93 -28.79
CA ALA H 192 123.47 21.91 -27.89
C ALA H 192 124.49 22.98 -27.51
N GLU H 193 125.73 22.57 -27.21
CA GLU H 193 126.76 23.54 -26.89
C GLU H 193 127.02 24.48 -28.06
N THR H 194 127.10 23.91 -29.27
CA THR H 194 127.35 24.72 -30.46
C THR H 194 126.25 25.72 -30.69
N LEU H 195 124.98 25.29 -30.56
CA LEU H 195 123.87 26.20 -30.78
C LEU H 195 123.82 27.29 -29.72
N SER H 196 124.09 26.93 -28.47
CA SER H 196 124.13 27.95 -27.42
C SER H 196 125.22 28.97 -27.71
N GLU H 197 126.39 28.51 -28.14
CA GLU H 197 127.47 29.44 -28.48
C GLU H 197 127.08 30.32 -29.66
N LEU H 198 126.45 29.75 -30.68
CA LEU H 198 126.05 30.52 -31.84
C LEU H 198 125.05 31.60 -31.47
N ILE H 199 124.11 31.26 -30.58
CA ILE H 199 123.18 32.27 -30.07
C ILE H 199 123.92 33.34 -29.29
N ARG H 200 124.87 32.94 -28.45
CA ARG H 200 125.56 33.85 -27.56
C ARG H 200 126.56 34.73 -28.30
N THR H 201 126.82 34.42 -29.57
CA THR H 201 127.79 35.21 -30.34
C THR H 201 127.19 35.88 -31.57
N THR H 202 125.88 35.82 -31.76
CA THR H 202 125.22 36.49 -32.87
C THR H 202 124.44 37.68 -32.32
N LEU H 203 124.51 38.81 -33.01
CA LEU H 203 124.15 40.11 -32.45
C LEU H 203 122.83 40.10 -31.68
N ASP H 204 121.72 39.83 -32.37
CA ASP H 204 120.39 39.86 -31.76
C ASP H 204 119.68 38.51 -31.89
N ALA H 205 120.45 37.42 -31.90
CA ALA H 205 119.83 36.10 -32.04
C ALA H 205 118.91 35.80 -30.86
N GLU H 206 119.22 36.35 -29.68
CA GLU H 206 118.42 36.03 -28.50
C GLU H 206 116.98 36.53 -28.64
N LYS H 207 116.70 37.43 -29.59
CA LYS H 207 115.34 37.91 -29.78
C LYS H 207 114.47 36.85 -30.46
N VAL H 208 114.99 36.16 -31.46
CA VAL H 208 114.21 35.12 -32.12
C VAL H 208 114.02 33.93 -31.18
N PHE H 209 115.01 33.68 -30.31
CA PHE H 209 114.92 32.59 -29.34
C PHE H 209 114.34 33.14 -28.03
N THR H 210 113.04 33.43 -28.07
CA THR H 210 112.39 34.06 -26.94
C THR H 210 112.44 33.17 -25.70
N GLN H 211 112.23 31.87 -25.88
CA GLN H 211 112.27 30.91 -24.78
C GLN H 211 113.57 30.12 -24.74
N GLY H 212 114.62 30.64 -25.35
CA GLY H 212 115.92 30.00 -25.30
C GLY H 212 116.01 28.80 -26.22
N LEU H 213 117.18 28.17 -26.20
CA LEU H 213 117.47 26.97 -26.99
C LEU H 213 118.17 25.93 -26.14
N ASN H 214 117.63 25.69 -24.94
CA ASN H 214 118.23 24.76 -23.98
C ASN H 214 117.72 23.35 -24.30
N ILE H 215 118.38 22.72 -25.27
CA ILE H 215 117.91 21.44 -25.78
C ILE H 215 118.04 20.34 -24.73
N LEU H 216 119.19 20.27 -24.08
CA LEU H 216 119.43 19.20 -23.12
C LEU H 216 118.44 19.27 -21.96
N GLU H 217 118.10 20.48 -21.51
CA GLU H 217 117.14 20.62 -20.44
C GLU H 217 115.76 20.14 -20.87
N TRP H 218 115.35 20.45 -22.11
CA TRP H 218 114.08 19.94 -22.60
C TRP H 218 114.10 18.42 -22.70
N LEU H 219 115.24 17.84 -23.08
CA LEU H 219 115.31 16.39 -23.22
C LEU H 219 115.25 15.69 -21.88
N GLU H 220 115.99 16.21 -20.88
CA GLU H 220 115.97 15.58 -19.56
C GLU H 220 114.69 15.91 -18.79
N ASN H 221 114.14 17.11 -19.00
CA ASN H 221 112.89 17.50 -18.36
C ASN H 221 111.83 17.73 -19.42
N PRO H 222 110.95 16.77 -19.69
CA PRO H 222 109.93 16.96 -20.73
C PRO H 222 108.91 18.05 -20.40
N SER H 223 108.90 18.57 -19.19
CA SER H 223 107.93 19.59 -18.79
C SER H 223 108.40 21.01 -19.04
N ASN H 224 109.70 21.27 -18.92
CA ASN H 224 110.24 22.58 -19.22
C ASN H 224 110.35 22.84 -20.71
N THR H 225 110.04 21.87 -21.55
CA THR H 225 110.12 22.06 -22.98
C THR H 225 109.08 23.09 -23.43
N PRO H 226 109.44 23.98 -24.36
CA PRO H 226 108.45 24.93 -24.88
C PRO H 226 107.26 24.22 -25.52
N ASP H 227 106.25 25.01 -25.84
CA ASP H 227 105.07 24.49 -26.52
C ASP H 227 105.42 24.11 -27.97
N LYS H 228 104.48 23.41 -28.60
CA LYS H 228 104.73 22.88 -29.93
C LYS H 228 104.96 23.98 -30.96
N ASP H 229 104.20 25.08 -30.88
CA ASP H 229 104.35 26.15 -31.86
C ASP H 229 105.73 26.78 -31.79
N TYR H 230 106.27 26.97 -30.59
CA TYR H 230 107.63 27.51 -30.48
C TYR H 230 108.66 26.52 -31.00
N LEU H 231 108.44 25.22 -30.81
CA LEU H 231 109.36 24.23 -31.35
C LEU H 231 109.30 24.19 -32.87
N LEU H 232 108.16 24.55 -33.44
CA LEU H 232 108.00 24.48 -34.89
C LEU H 232 108.59 25.68 -35.62
N SER H 233 108.91 26.77 -34.92
CA SER H 233 109.51 27.93 -35.58
C SER H 233 110.88 27.56 -36.11
N ILE H 234 111.22 28.12 -37.29
CA ILE H 234 112.40 27.64 -38.02
C ILE H 234 113.70 27.87 -37.27
N PRO H 235 113.88 28.98 -36.50
CA PRO H 235 115.17 29.14 -35.80
C PRO H 235 115.46 27.98 -34.86
N ILE H 236 114.41 27.33 -34.39
CA ILE H 236 114.53 26.09 -33.61
C ILE H 236 114.54 24.90 -34.55
N SER H 237 113.57 24.87 -35.47
CA SER H 237 113.29 23.64 -36.22
C SER H 237 114.46 23.22 -37.09
N CYS H 238 115.02 24.15 -37.86
CA CYS H 238 116.04 23.76 -38.84
C CYS H 238 117.24 23.09 -38.18
N PRO H 239 117.90 23.72 -37.20
CA PRO H 239 119.02 23.02 -36.53
C PRO H 239 118.63 21.68 -35.94
N LEU H 240 117.43 21.58 -35.35
CA LEU H 240 117.08 20.34 -34.65
C LEU H 240 116.72 19.23 -35.62
N ILE H 241 116.11 19.55 -36.75
CA ILE H 241 115.90 18.54 -37.78
C ILE H 241 117.25 18.05 -38.31
N GLY H 242 118.19 18.98 -38.53
CA GLY H 242 119.53 18.56 -38.91
C GLY H 242 120.17 17.64 -37.89
N VAL H 243 120.01 17.99 -36.61
CA VAL H 243 120.60 17.18 -35.54
C VAL H 243 119.96 15.80 -35.51
N ILE H 244 118.64 15.73 -35.72
CA ILE H 244 117.96 14.44 -35.76
C ILE H 244 118.52 13.57 -36.89
N GLN H 245 118.68 14.17 -38.07
CA GLN H 245 119.21 13.41 -39.19
C GLN H 245 120.62 12.91 -38.90
N LEU H 246 121.47 13.78 -38.35
CA LEU H 246 122.84 13.37 -38.04
C LEU H 246 122.87 12.30 -36.96
N ALA H 247 121.95 12.37 -35.98
CA ALA H 247 121.90 11.34 -34.95
C ALA H 247 121.51 9.99 -35.54
N HIS H 248 120.52 9.98 -36.44
CA HIS H 248 120.17 8.73 -37.10
C HIS H 248 121.34 8.19 -37.90
N TYR H 249 122.07 9.07 -38.60
CA TYR H 249 123.24 8.63 -39.34
C TYR H 249 124.28 8.02 -38.42
N VAL H 250 124.52 8.66 -37.27
CA VAL H 250 125.52 8.16 -36.34
C VAL H 250 125.11 6.79 -35.80
N VAL H 251 123.83 6.64 -35.45
CA VAL H 251 123.37 5.34 -34.95
C VAL H 251 123.55 4.26 -36.01
N THR H 252 123.18 4.57 -37.26
CA THR H 252 123.33 3.61 -38.34
C THR H 252 124.79 3.22 -38.51
N ALA H 253 125.69 4.20 -38.46
CA ALA H 253 127.11 3.89 -38.64
C ALA H 253 127.65 3.06 -37.49
N LYS H 254 127.29 3.42 -36.26
CA LYS H 254 127.88 2.74 -35.10
C LYS H 254 127.37 1.31 -34.99
N LEU H 255 126.08 1.09 -35.17
CA LEU H 255 125.54 -0.27 -35.12
C LEU H 255 126.12 -1.17 -36.21
N LEU H 256 126.65 -0.60 -37.28
CA LEU H 256 127.30 -1.38 -38.33
C LEU H 256 128.81 -1.47 -38.16
N GLY H 257 129.38 -0.83 -37.14
CA GLY H 257 130.81 -0.87 -36.94
C GLY H 257 131.60 0.03 -37.86
N PHE H 258 130.93 0.92 -38.60
CA PHE H 258 131.56 1.76 -39.59
C PHE H 258 131.96 3.10 -38.99
N THR H 259 133.05 3.66 -39.50
CA THR H 259 133.27 5.08 -39.37
C THR H 259 132.35 5.80 -40.35
N PRO H 260 132.02 7.08 -40.10
CA PRO H 260 131.15 7.79 -41.03
C PRO H 260 131.72 7.81 -42.45
N GLY H 261 133.03 7.87 -42.60
CA GLY H 261 133.63 7.77 -43.92
C GLY H 261 133.35 6.43 -44.57
N GLU H 262 133.39 5.35 -43.81
CA GLU H 262 133.08 4.04 -44.37
C GLU H 262 131.64 3.96 -44.86
N LEU H 263 130.69 4.39 -44.02
CA LEU H 263 129.29 4.37 -44.41
C LEU H 263 129.07 5.22 -45.65
N ARG H 264 129.72 6.38 -45.70
CA ARG H 264 129.61 7.22 -46.90
C ARG H 264 130.17 6.51 -48.12
N SER H 265 131.33 5.86 -47.98
CA SER H 265 131.93 5.15 -49.11
C SER H 265 130.99 4.06 -49.62
N TYR H 266 130.24 3.43 -48.73
CA TYR H 266 129.27 2.42 -49.16
C TYR H 266 128.11 3.04 -49.94
N LEU H 267 127.93 4.36 -49.89
CA LEU H 267 126.88 5.03 -50.63
C LEU H 267 127.36 5.40 -52.02
N LYS H 268 126.44 5.45 -52.99
CA LYS H 268 126.79 5.87 -54.33
C LYS H 268 126.55 7.36 -54.49
N GLY H 269 125.69 7.92 -53.65
CA GLY H 269 125.44 9.35 -53.71
C GLY H 269 124.51 9.75 -52.58
N ALA H 270 124.24 11.05 -52.51
CA ALA H 270 123.38 11.58 -51.46
C ALA H 270 122.63 12.79 -51.98
N THR H 271 121.52 13.11 -51.32
CA THR H 271 120.74 14.28 -51.65
C THR H 271 119.78 14.54 -50.50
N GLY H 272 119.02 15.62 -50.61
CA GLY H 272 118.10 16.00 -49.55
C GLY H 272 116.95 16.82 -50.09
N HIS H 273 115.80 16.69 -49.43
CA HIS H 273 114.60 17.46 -49.79
C HIS H 273 114.62 18.78 -49.04
N SER H 274 115.00 19.83 -49.76
CA SER H 274 115.01 21.17 -49.18
C SER H 274 116.07 21.29 -48.10
N GLN H 275 115.66 21.22 -46.83
CA GLN H 275 116.59 21.37 -45.73
C GLN H 275 117.59 20.22 -45.66
N GLY H 276 117.19 19.01 -46.05
CA GLY H 276 118.09 17.87 -45.93
C GLY H 276 119.30 17.97 -46.81
N LEU H 277 119.30 18.91 -47.77
CA LEU H 277 120.46 19.09 -48.63
C LEU H 277 121.70 19.48 -47.83
N VAL H 278 121.50 20.18 -46.70
CA VAL H 278 122.63 20.56 -45.87
C VAL H 278 123.22 19.33 -45.18
N THR H 279 122.37 18.46 -44.67
CA THR H 279 122.85 17.24 -44.03
C THR H 279 123.57 16.34 -45.03
N ALA H 280 123.04 16.26 -46.25
CA ALA H 280 123.63 15.38 -47.26
C ALA H 280 125.06 15.79 -47.57
N VAL H 281 125.30 17.10 -47.76
CA VAL H 281 126.65 17.56 -48.07
C VAL H 281 127.58 17.30 -46.89
N ALA H 282 127.11 17.56 -45.68
CA ALA H 282 127.94 17.32 -44.50
C ALA H 282 128.34 15.85 -44.43
N ILE H 283 127.40 14.94 -44.68
CA ILE H 283 127.71 13.52 -44.65
C ILE H 283 128.75 13.17 -45.69
N ALA H 284 128.64 13.76 -46.89
CA ALA H 284 129.55 13.40 -47.97
C ALA H 284 130.99 13.77 -47.66
N GLU H 285 131.22 14.61 -46.65
CA GLU H 285 132.56 15.05 -46.33
C GLU H 285 133.19 14.26 -45.18
N THR H 286 132.41 13.53 -44.41
CA THR H 286 132.89 12.87 -43.21
C THR H 286 133.93 11.78 -43.52
N ASP H 287 134.99 11.72 -42.72
CA ASP H 287 136.01 10.70 -42.89
C ASP H 287 136.16 9.78 -41.69
N SER H 288 136.38 10.36 -40.51
CA SER H 288 136.70 9.60 -39.31
C SER H 288 135.86 10.08 -38.14
N TRP H 289 135.73 9.21 -37.12
CA TRP H 289 134.95 9.56 -35.95
C TRP H 289 135.57 10.73 -35.18
N GLU H 290 136.89 10.88 -35.23
CA GLU H 290 137.56 11.95 -34.51
C GLU H 290 137.38 13.32 -35.17
N SER H 291 136.87 13.36 -36.40
CA SER H 291 136.63 14.62 -37.10
C SER H 291 135.19 14.75 -37.58
N PHE H 292 134.28 13.89 -37.10
CA PHE H 292 132.89 13.98 -37.50
C PHE H 292 132.22 15.24 -36.97
N PHE H 293 132.64 15.68 -35.78
CA PHE H 293 132.04 16.87 -35.19
C PHE H 293 132.33 18.11 -36.01
N VAL H 294 133.39 18.10 -36.83
CA VAL H 294 133.66 19.24 -37.70
C VAL H 294 132.52 19.43 -38.69
N SER H 295 132.15 18.35 -39.39
CA SER H 295 131.05 18.43 -40.34
C SER H 295 129.71 18.64 -39.61
N VAL H 296 129.58 18.09 -38.40
CA VAL H 296 128.36 18.32 -37.63
C VAL H 296 128.21 19.82 -37.35
N ARG H 297 129.30 20.47 -36.93
CA ARG H 297 129.26 21.90 -36.68
C ARG H 297 128.92 22.66 -37.96
N LYS H 298 129.54 22.26 -39.08
CA LYS H 298 129.26 22.94 -40.34
C LYS H 298 127.77 22.90 -40.67
N ALA H 299 127.18 21.70 -40.62
CA ALA H 299 125.78 21.55 -40.97
C ALA H 299 124.88 22.32 -40.00
N ILE H 300 125.15 22.21 -38.70
CA ILE H 300 124.27 22.84 -37.72
C ILE H 300 124.37 24.36 -37.82
N THR H 301 125.57 24.89 -38.10
CA THR H 301 125.72 26.32 -38.28
C THR H 301 124.94 26.80 -39.49
N VAL H 302 125.04 26.07 -40.61
CA VAL H 302 124.30 26.45 -41.80
C VAL H 302 122.80 26.50 -41.50
N LEU H 303 122.30 25.45 -40.83
CA LEU H 303 120.87 25.39 -40.54
C LEU H 303 120.46 26.49 -39.57
N PHE H 304 121.29 26.76 -38.56
CA PHE H 304 121.00 27.82 -37.60
C PHE H 304 120.84 29.15 -38.30
N PHE H 305 121.78 29.49 -39.19
CA PHE H 305 121.72 30.79 -39.84
C PHE H 305 120.58 30.86 -40.83
N ILE H 306 120.30 29.77 -41.54
CA ILE H 306 119.13 29.77 -42.43
C ILE H 306 117.87 30.05 -41.62
N GLY H 307 117.70 29.33 -40.50
CA GLY H 307 116.51 29.53 -39.68
C GLY H 307 116.39 30.95 -39.17
N VAL H 308 117.48 31.48 -38.62
CA VAL H 308 117.43 32.81 -38.01
C VAL H 308 117.11 33.87 -39.07
N ARG H 309 117.84 33.84 -40.19
CA ARG H 309 117.67 34.88 -41.19
C ARG H 309 116.33 34.76 -41.92
N CYS H 310 115.86 33.54 -42.17
CA CYS H 310 114.57 33.39 -42.82
C CYS H 310 113.40 33.65 -41.88
N TYR H 311 113.62 33.57 -40.57
CA TYR H 311 112.59 34.04 -39.65
C TYR H 311 112.59 35.55 -39.53
N GLU H 312 113.76 36.18 -39.60
CA GLU H 312 113.80 37.64 -39.58
C GLU H 312 113.28 38.24 -40.87
N ALA H 313 113.41 37.54 -42.00
CA ALA H 313 112.93 38.06 -43.26
C ALA H 313 111.41 38.06 -43.32
N TYR H 314 110.78 36.97 -42.91
CA TYR H 314 109.32 36.86 -42.93
C TYR H 314 108.82 36.19 -41.69
N PRO H 315 108.79 36.92 -40.57
CA PRO H 315 108.20 36.36 -39.34
C PRO H 315 106.71 36.15 -39.50
N ASN H 316 106.20 35.25 -38.69
CA ASN H 316 104.78 34.97 -38.73
C ASN H 316 104.05 35.93 -37.84
N THR H 317 102.79 36.18 -38.17
CA THR H 317 101.99 37.11 -37.41
C THR H 317 100.66 36.47 -37.17
N SER H 318 99.80 37.15 -36.43
CA SER H 318 98.51 36.59 -36.08
C SER H 318 97.59 36.56 -37.30
N LEU H 319 96.79 35.50 -37.39
CA LEU H 319 95.79 35.39 -38.44
C LEU H 319 94.42 35.83 -37.91
N PRO H 320 93.62 36.54 -38.69
CA PRO H 320 92.27 36.88 -38.24
C PRO H 320 91.52 35.65 -37.81
N PRO H 321 90.91 35.66 -36.61
CA PRO H 321 90.20 34.45 -36.15
C PRO H 321 89.09 33.99 -37.08
N SER H 322 88.49 34.89 -37.86
CA SER H 322 87.48 34.47 -38.82
C SER H 322 88.05 33.51 -39.85
N ILE H 323 89.28 33.77 -40.32
CA ILE H 323 89.89 32.90 -41.31
C ILE H 323 90.13 31.51 -40.73
N LEU H 324 90.64 31.44 -39.50
CA LEU H 324 90.87 30.13 -38.89
C LEU H 324 89.56 29.40 -38.67
N GLU H 325 88.52 30.11 -38.23
CA GLU H 325 87.23 29.49 -38.04
C GLU H 325 86.69 28.92 -39.35
N ASP H 326 86.80 29.70 -40.42
CA ASP H 326 86.32 29.24 -41.72
C ASP H 326 87.11 28.01 -42.19
N SER H 327 88.43 28.05 -42.04
CA SER H 327 89.24 26.92 -42.47
C SER H 327 88.88 25.67 -41.68
N LEU H 328 88.73 25.79 -40.37
CA LEU H 328 88.40 24.63 -39.54
C LEU H 328 87.02 24.09 -39.88
N GLU H 329 86.06 24.98 -40.13
CA GLU H 329 84.70 24.54 -40.43
C GLU H 329 84.67 23.72 -41.71
N ASN H 330 85.49 24.10 -42.70
CA ASN H 330 85.50 23.42 -43.99
C ASN H 330 86.53 22.29 -44.02
N ASN H 331 86.84 21.74 -42.85
CA ASN H 331 87.75 20.61 -42.75
C ASN H 331 89.06 20.88 -43.49
N GLU H 332 89.63 22.05 -43.28
CA GLU H 332 90.96 22.38 -43.79
C GLU H 332 91.88 22.58 -42.61
N GLY H 333 93.19 22.57 -42.88
CA GLY H 333 94.16 22.65 -41.82
C GLY H 333 94.27 24.05 -41.25
N VAL H 334 95.02 24.14 -40.16
CA VAL H 334 95.36 25.48 -39.65
C VAL H 334 96.23 26.17 -40.69
N PRO H 335 95.86 27.35 -41.19
CA PRO H 335 96.63 27.96 -42.28
C PRO H 335 98.08 28.17 -41.89
N SER H 336 98.96 27.97 -42.87
CA SER H 336 100.40 28.10 -42.69
C SER H 336 100.99 28.57 -44.01
N PRO H 337 102.30 28.87 -44.06
CA PRO H 337 102.88 29.41 -45.29
C PRO H 337 103.10 28.39 -46.40
N MET H 338 102.59 27.17 -46.28
CA MET H 338 102.77 26.17 -47.33
C MET H 338 101.52 25.32 -47.44
N LEU H 339 101.01 25.17 -48.67
CA LEU H 339 99.81 24.39 -48.96
C LEU H 339 100.16 23.28 -49.93
N SER H 340 99.95 22.03 -49.50
CA SER H 340 100.16 20.88 -50.37
C SER H 340 98.88 20.53 -51.10
N ILE H 341 98.99 20.26 -52.39
CA ILE H 341 97.86 19.95 -53.24
C ILE H 341 98.13 18.62 -53.94
N SER H 342 97.14 17.72 -53.90
CA SER H 342 97.26 16.38 -54.47
C SER H 342 96.23 16.18 -55.57
N ASN H 343 96.52 15.24 -56.45
CA ASN H 343 95.61 14.79 -57.52
C ASN H 343 95.47 15.79 -58.65
N LEU H 344 96.22 16.90 -58.63
CA LEU H 344 96.23 17.87 -59.70
C LEU H 344 97.61 17.91 -60.33
N THR H 345 97.66 18.31 -61.58
CA THR H 345 98.92 18.44 -62.25
C THR H 345 99.50 19.82 -61.98
N GLN H 346 100.77 20.00 -62.31
CA GLN H 346 101.42 21.27 -62.08
C GLN H 346 100.78 22.30 -62.93
N GLU H 347 100.42 21.95 -64.16
CA GLU H 347 99.80 22.88 -65.07
C GLU H 347 98.54 23.39 -64.45
N GLN H 348 97.73 22.49 -63.95
CA GLN H 348 96.50 22.89 -63.34
C GLN H 348 96.73 23.78 -62.16
N VAL H 349 97.65 23.41 -61.28
CA VAL H 349 97.87 24.17 -60.08
C VAL H 349 98.41 25.56 -60.40
N GLN H 350 99.11 25.69 -61.50
CA GLN H 350 99.71 26.95 -61.85
C GLN H 350 98.64 27.85 -62.42
N ASP H 351 97.68 27.26 -63.12
CA ASP H 351 96.59 28.11 -63.57
C ASP H 351 95.85 28.72 -62.38
N TYR H 352 95.56 27.91 -61.36
CA TYR H 352 94.90 28.44 -60.17
C TYR H 352 95.78 29.49 -59.50
N VAL H 353 97.08 29.21 -59.38
CA VAL H 353 97.99 30.16 -58.75
C VAL H 353 98.04 31.46 -59.54
N ASN H 354 98.00 31.36 -60.87
CA ASN H 354 98.05 32.55 -61.71
C ASN H 354 96.80 33.41 -61.51
N LYS H 355 95.62 32.77 -61.50
CA LYS H 355 94.41 33.53 -61.29
C LYS H 355 94.37 34.17 -59.91
N THR H 356 94.84 33.45 -58.89
CA THR H 356 94.88 34.04 -57.55
C THR H 356 95.87 35.19 -57.48
N ASN H 357 97.00 35.06 -58.18
CA ASN H 357 98.03 36.10 -58.14
C ASN H 357 97.63 37.32 -58.96
N SER H 358 96.71 37.16 -59.90
CA SER H 358 96.31 38.29 -60.73
C SER H 358 95.74 39.42 -59.90
N HIS H 359 95.12 39.10 -58.76
CA HIS H 359 94.53 40.12 -57.90
C HIS H 359 95.48 40.62 -56.83
N LEU H 360 96.26 39.72 -56.24
CA LEU H 360 97.14 40.11 -55.14
C LEU H 360 98.27 41.01 -55.63
N PRO H 361 98.84 41.81 -54.72
CA PRO H 361 100.00 42.63 -55.07
C PRO H 361 101.25 41.79 -55.11
N ALA H 362 102.35 42.29 -55.65
CA ALA H 362 103.56 41.49 -55.86
C ALA H 362 104.08 40.91 -54.54
N GLY H 363 103.97 41.62 -53.44
CA GLY H 363 104.51 41.12 -52.20
C GLY H 363 103.66 40.10 -51.51
N LYS H 364 102.44 39.90 -51.97
CA LYS H 364 101.57 38.88 -51.40
C LYS H 364 101.38 37.70 -52.34
N GLN H 365 102.21 37.58 -53.38
CA GLN H 365 102.05 36.52 -54.35
C GLN H 365 102.39 35.16 -53.75
N VAL H 366 101.82 34.11 -54.34
CA VAL H 366 102.17 32.74 -54.02
C VAL H 366 102.88 32.14 -55.23
N GLU H 367 103.48 30.97 -55.02
CA GLU H 367 104.11 30.27 -56.14
C GLU H 367 104.31 28.81 -55.75
N ILE H 368 104.48 27.96 -56.78
CA ILE H 368 104.71 26.53 -56.57
C ILE H 368 106.12 26.34 -56.06
N SER H 369 106.26 25.89 -54.82
CA SER H 369 107.56 25.75 -54.18
C SER H 369 108.16 24.36 -54.34
N LEU H 370 107.35 23.30 -54.24
CA LEU H 370 107.84 21.93 -54.33
C LEU H 370 107.05 21.18 -55.39
N VAL H 371 107.75 20.59 -56.35
CA VAL H 371 107.15 19.63 -57.26
C VAL H 371 107.57 18.25 -56.75
N ASN H 372 106.76 17.70 -55.85
CA ASN H 372 107.08 16.43 -55.20
C ASN H 372 106.71 15.22 -56.04
N GLY H 373 106.03 15.43 -57.17
CA GLY H 373 105.63 14.32 -58.00
C GLY H 373 104.76 14.80 -59.14
N ALA H 374 104.23 13.84 -59.89
CA ALA H 374 103.37 14.16 -61.01
C ALA H 374 102.12 14.92 -60.56
N LYS H 375 101.43 14.38 -59.56
CA LYS H 375 100.20 14.97 -59.02
C LYS H 375 100.34 15.27 -57.54
N ASN H 376 101.47 15.87 -57.15
CA ASN H 376 101.73 16.19 -55.75
C ASN H 376 102.57 17.45 -55.72
N LEU H 377 101.96 18.57 -55.35
CA LEU H 377 102.60 19.88 -55.40
C LEU H 377 102.36 20.63 -54.11
N VAL H 378 103.30 21.50 -53.76
CA VAL H 378 103.19 22.37 -52.60
C VAL H 378 103.35 23.81 -53.06
N VAL H 379 102.44 24.67 -52.62
CA VAL H 379 102.47 26.09 -52.94
C VAL H 379 102.79 26.86 -51.69
N SER H 380 103.77 27.76 -51.77
CA SER H 380 104.22 28.54 -50.63
C SER H 380 103.92 30.00 -50.85
N GLY H 381 103.65 30.71 -49.74
CA GLY H 381 103.34 32.11 -49.77
C GLY H 381 102.74 32.56 -48.45
N PRO H 382 102.30 33.81 -48.37
CA PRO H 382 101.67 34.29 -47.14
C PRO H 382 100.45 33.45 -46.78
N PRO H 383 100.29 33.15 -45.51
CA PRO H 383 99.17 32.29 -45.12
C PRO H 383 97.79 32.78 -45.62
N GLN H 384 97.53 34.08 -45.68
CA GLN H 384 96.23 34.58 -46.14
C GLN H 384 96.07 34.45 -47.66
N SER H 385 97.15 34.66 -48.41
CA SER H 385 97.07 34.43 -49.85
C SER H 385 96.77 32.96 -50.14
N LEU H 386 97.39 32.05 -49.39
CA LEU H 386 97.09 30.63 -49.55
C LEU H 386 95.66 30.32 -49.10
N TYR H 387 95.13 31.04 -48.11
CA TYR H 387 93.75 30.84 -47.73
C TYR H 387 92.80 31.28 -48.85
N GLY H 388 93.11 32.39 -49.52
CA GLY H 388 92.32 32.78 -50.68
C GLY H 388 92.41 31.76 -51.81
N LEU H 389 93.61 31.24 -52.04
CA LEU H 389 93.76 30.16 -53.01
C LEU H 389 92.92 28.95 -52.62
N ASN H 390 92.89 28.63 -51.34
CA ASN H 390 92.10 27.51 -50.86
C ASN H 390 90.61 27.75 -51.07
N LEU H 391 90.16 29.00 -50.89
CA LEU H 391 88.76 29.31 -51.19
C LEU H 391 88.47 29.07 -52.66
N THR H 392 89.34 29.58 -53.54
CA THR H 392 89.16 29.35 -54.97
C THR H 392 89.09 27.85 -55.28
N LEU H 393 89.99 27.07 -54.69
CA LEU H 393 89.98 25.63 -54.92
C LEU H 393 88.73 24.97 -54.38
N ARG H 394 88.27 25.40 -53.19
CA ARG H 394 87.04 24.88 -52.63
C ARG H 394 85.86 25.13 -53.56
N LYS H 395 85.89 26.25 -54.30
CA LYS H 395 84.89 26.52 -55.32
C LYS H 395 85.16 25.76 -56.61
N ALA H 396 86.07 24.77 -56.59
CA ALA H 396 86.36 23.99 -57.79
C ALA H 396 86.53 22.50 -57.51
N LYS H 397 86.04 22.01 -56.38
CA LYS H 397 86.23 20.63 -55.97
C LYS H 397 84.87 19.93 -55.89
N ALA H 398 84.91 18.60 -55.86
CA ALA H 398 83.73 17.78 -55.69
C ALA H 398 83.83 16.97 -54.41
N PRO H 399 82.71 16.76 -53.71
CA PRO H 399 82.78 15.96 -52.47
C PRO H 399 83.33 14.57 -52.73
N SER H 400 84.08 14.05 -51.76
CA SER H 400 84.62 12.71 -51.88
C SER H 400 83.49 11.68 -52.00
N GLY H 401 82.42 11.86 -51.24
CA GLY H 401 81.32 10.90 -51.28
C GLY H 401 80.64 10.84 -52.63
N LEU H 402 80.59 11.96 -53.35
CA LEU H 402 79.84 12.04 -54.59
C LEU H 402 80.20 10.89 -55.51
N ASP H 403 79.21 10.08 -55.84
CA ASP H 403 79.45 8.96 -56.74
C ASP H 403 79.30 9.45 -58.15
N GLN H 404 80.29 9.17 -58.98
CA GLN H 404 80.20 9.54 -60.38
C GLN H 404 80.34 8.30 -61.26
N SER H 405 79.95 7.13 -60.76
CA SER H 405 80.08 5.90 -61.51
C SER H 405 79.16 5.88 -62.73
N ARG H 406 78.06 6.62 -62.69
CA ARG H 406 77.14 6.71 -63.82
C ARG H 406 77.38 7.93 -64.65
N ILE H 407 78.51 8.58 -64.46
CA ILE H 407 78.85 9.73 -65.29
C ILE H 407 79.94 9.32 -66.24
N PRO H 408 79.77 9.62 -67.51
CA PRO H 408 80.89 9.30 -68.41
C PRO H 408 82.20 9.84 -67.88
N PHE H 409 83.29 9.12 -68.12
CA PHE H 409 84.58 9.50 -67.56
C PHE H 409 85.00 10.92 -67.90
N SER H 410 84.84 11.33 -69.14
CA SER H 410 85.30 12.65 -69.55
C SER H 410 84.56 13.77 -68.82
N GLU H 411 83.33 13.54 -68.41
CA GLU H 411 82.50 14.59 -67.81
C GLU H 411 82.56 14.60 -66.29
N ARG H 412 83.33 13.72 -65.68
CA ARG H 412 83.39 13.68 -64.23
C ARG H 412 84.19 14.84 -63.66
N LYS H 413 83.76 15.36 -62.51
CA LYS H 413 84.42 16.46 -61.84
C LYS H 413 85.66 15.96 -61.09
N LEU H 414 86.65 16.84 -60.97
CA LEU H 414 87.93 16.47 -60.38
C LEU H 414 87.81 16.37 -58.87
N LYS H 415 88.27 15.24 -58.31
CA LYS H 415 88.41 15.10 -56.88
C LYS H 415 89.89 15.22 -56.53
N PHE H 416 90.23 16.24 -55.74
CA PHE H 416 91.62 16.52 -55.41
C PHE H 416 91.71 17.09 -54.00
N SER H 417 92.77 16.73 -53.29
CA SER H 417 92.95 17.09 -51.90
C SER H 417 93.84 18.32 -51.76
N ASN H 418 93.71 18.99 -50.63
CA ASN H 418 94.56 20.11 -50.27
C ASN H 418 94.61 20.24 -48.76
N ARG H 419 95.77 20.56 -48.23
CA ARG H 419 95.94 20.71 -46.79
C ARG H 419 97.17 21.57 -46.51
N PHE H 420 97.14 22.23 -45.36
CA PHE H 420 98.28 23.04 -44.93
C PHE H 420 99.31 22.17 -44.22
N LEU H 421 100.57 22.37 -44.55
CA LEU H 421 101.62 21.57 -43.95
C LEU H 421 101.99 22.10 -42.57
N PRO H 422 102.46 21.22 -41.67
CA PRO H 422 102.91 21.69 -40.35
C PRO H 422 104.27 22.36 -40.40
N VAL H 423 104.31 23.56 -40.98
CA VAL H 423 105.53 24.33 -41.14
C VAL H 423 105.25 25.77 -40.74
N ALA H 424 106.32 26.53 -40.50
CA ALA H 424 106.17 27.89 -40.00
C ALA H 424 106.97 28.91 -40.80
N SER H 425 107.26 28.64 -42.08
CA SER H 425 107.97 29.62 -42.89
C SER H 425 107.73 29.32 -44.36
N PRO H 426 107.60 30.34 -45.22
CA PRO H 426 107.39 30.11 -46.66
C PRO H 426 108.69 29.82 -47.41
N PHE H 427 109.12 28.57 -47.38
CA PHE H 427 110.38 28.18 -47.99
C PHE H 427 110.27 28.16 -49.51
N HIS H 428 111.42 28.30 -50.17
CA HIS H 428 111.49 28.31 -51.64
C HIS H 428 110.56 29.35 -52.23
N SER H 429 110.52 30.53 -51.62
CA SER H 429 109.62 31.59 -52.04
C SER H 429 110.36 32.91 -52.16
N HIS H 430 109.73 33.86 -52.85
CA HIS H 430 110.31 35.19 -53.01
C HIS H 430 110.39 35.95 -51.70
N LEU H 431 109.60 35.58 -50.70
CA LEU H 431 109.59 36.30 -49.45
C LEU H 431 110.91 36.20 -48.70
N LEU H 432 111.65 35.11 -48.86
CA LEU H 432 112.85 34.85 -48.08
C LEU H 432 114.13 35.30 -48.79
N VAL H 433 114.04 35.83 -50.00
CA VAL H 433 115.22 36.22 -50.77
C VAL H 433 116.10 37.19 -49.99
N PRO H 434 115.56 38.22 -49.32
CA PRO H 434 116.45 39.15 -48.62
C PRO H 434 117.30 38.50 -47.53
N ALA H 435 117.00 37.27 -47.14
CA ALA H 435 117.81 36.59 -46.12
C ALA H 435 119.05 35.95 -46.73
N SER H 436 119.11 35.85 -48.06
CA SER H 436 120.19 35.12 -48.71
C SER H 436 121.55 35.76 -48.42
N ASP H 437 121.65 37.07 -48.63
CA ASP H 437 122.92 37.76 -48.43
C ASP H 437 123.35 37.69 -46.97
N LEU H 438 122.41 37.87 -46.04
CA LEU H 438 122.75 37.78 -44.63
C LEU H 438 123.27 36.39 -44.28
N ILE H 439 122.61 35.35 -44.80
CA ILE H 439 123.07 33.99 -44.52
C ILE H 439 124.46 33.76 -45.08
N ASN H 440 124.73 34.24 -46.28
CA ASN H 440 126.03 34.01 -46.89
C ASN H 440 127.12 34.79 -46.16
N LYS H 441 126.81 35.99 -45.68
CA LYS H 441 127.78 36.74 -44.89
C LYS H 441 128.05 36.05 -43.56
N ASP H 442 127.00 35.52 -42.92
CA ASP H 442 127.21 34.82 -41.65
C ASP H 442 128.04 33.56 -41.85
N LEU H 443 127.80 32.80 -42.90
CA LEU H 443 128.54 31.57 -43.14
C LEU H 443 129.99 31.87 -43.39
N VAL H 444 130.26 33.00 -44.03
CA VAL H 444 131.64 33.40 -44.28
C VAL H 444 132.30 33.86 -42.99
N LYS H 445 131.60 34.66 -42.22
CA LYS H 445 132.14 35.12 -40.95
C LYS H 445 132.39 33.98 -39.98
N ASN H 446 131.65 32.87 -40.09
CA ASN H 446 131.85 31.71 -39.24
C ASN H 446 132.72 30.65 -39.88
N ASN H 447 133.33 30.95 -41.02
CA ASN H 447 134.25 30.03 -41.69
C ASN H 447 133.59 28.69 -41.97
N VAL H 448 132.47 28.73 -42.68
CA VAL H 448 131.75 27.55 -43.11
C VAL H 448 131.70 27.56 -44.63
N SER H 449 132.25 26.51 -45.23
CA SER H 449 132.27 26.40 -46.69
C SER H 449 132.44 24.93 -47.07
N PHE H 450 132.01 24.60 -48.28
CA PHE H 450 132.08 23.23 -48.79
C PHE H 450 132.89 23.27 -50.08
N ASN H 451 133.96 22.48 -50.12
CA ASN H 451 134.89 22.45 -51.25
C ASN H 451 134.69 21.16 -52.04
N ALA H 452 134.58 21.28 -53.36
CA ALA H 452 134.30 20.11 -54.18
C ALA H 452 135.34 19.01 -54.02
N LYS H 453 136.56 19.37 -53.62
CA LYS H 453 137.60 18.37 -53.42
C LYS H 453 137.39 17.54 -52.16
N ASP H 454 136.55 17.99 -51.23
CA ASP H 454 136.31 17.28 -49.98
C ASP H 454 135.01 16.47 -50.00
N ILE H 455 134.11 16.74 -50.93
CA ILE H 455 132.91 15.91 -51.09
C ILE H 455 133.30 14.67 -51.87
N GLN H 456 133.15 13.50 -51.25
CA GLN H 456 133.65 12.26 -51.82
C GLN H 456 132.59 11.45 -52.57
N ILE H 457 131.32 11.81 -52.45
CA ILE H 457 130.26 11.17 -53.24
C ILE H 457 129.45 12.27 -53.91
N PRO H 458 128.85 12.01 -55.07
CA PRO H 458 128.04 13.06 -55.71
C PRO H 458 126.85 13.44 -54.86
N VAL H 459 126.59 14.75 -54.77
CA VAL H 459 125.43 15.30 -54.09
C VAL H 459 124.60 16.03 -55.12
N TYR H 460 123.32 15.67 -55.22
CA TYR H 460 122.48 16.10 -56.32
C TYR H 460 121.71 17.36 -55.95
N ASP H 461 121.77 18.37 -56.81
CA ASP H 461 121.06 19.62 -56.59
C ASP H 461 119.57 19.39 -56.69
N THR H 462 118.80 20.06 -55.85
CA THR H 462 117.37 19.86 -55.79
C THR H 462 116.61 20.60 -56.88
N PHE H 463 117.26 21.52 -57.59
CA PHE H 463 116.59 22.27 -58.66
C PHE H 463 116.78 21.64 -60.03
N ASP H 464 117.93 21.02 -60.30
CA ASP H 464 118.20 20.42 -61.59
C ASP H 464 118.85 19.03 -61.48
N GLY H 465 119.00 18.50 -60.27
CA GLY H 465 119.51 17.15 -60.11
C GLY H 465 120.95 16.98 -60.54
N SER H 466 121.71 18.05 -60.61
CA SER H 466 123.08 17.95 -61.04
C SER H 466 124.03 17.78 -59.88
N ASP H 467 125.21 17.29 -60.14
CA ASP H 467 126.22 17.07 -59.09
C ASP H 467 126.72 18.41 -58.60
N LEU H 468 126.63 18.65 -57.31
CA LEU H 468 127.11 19.90 -56.73
C LEU H 468 128.62 20.03 -56.82
N ARG H 469 129.36 18.93 -56.74
CA ARG H 469 130.81 18.99 -56.89
C ARG H 469 131.20 19.63 -58.21
N VAL H 470 130.50 19.29 -59.28
CA VAL H 470 130.85 19.80 -60.60
C VAL H 470 130.63 21.31 -60.68
N LEU H 471 129.69 21.84 -59.90
CA LEU H 471 129.40 23.27 -59.97
C LEU H 471 130.64 24.07 -59.60
N SER H 472 130.83 25.19 -60.31
CA SER H 472 132.03 26.00 -60.19
C SER H 472 131.97 27.02 -59.07
N GLY H 473 130.81 27.63 -58.84
CA GLY H 473 130.71 28.65 -57.81
C GLY H 473 130.78 28.09 -56.41
N SER H 474 130.34 28.86 -55.42
CA SER H 474 130.33 28.39 -54.05
C SER H 474 129.19 27.39 -53.84
N ILE H 475 129.52 26.23 -53.27
CA ILE H 475 128.51 25.20 -53.05
C ILE H 475 127.54 25.61 -51.96
N SER H 476 128.04 26.24 -50.89
CA SER H 476 127.16 26.67 -49.81
C SER H 476 126.15 27.70 -50.31
N GLU H 477 126.59 28.63 -51.14
CA GLU H 477 125.68 29.61 -51.70
C GLU H 477 124.57 28.94 -52.50
N ARG H 478 124.93 27.96 -53.31
CA ARG H 478 123.94 27.23 -54.09
C ARG H 478 122.97 26.51 -53.18
N ILE H 479 123.47 25.86 -52.13
CA ILE H 479 122.60 25.13 -51.22
C ILE H 479 121.60 26.09 -50.57
N VAL H 480 122.08 27.24 -50.11
CA VAL H 480 121.20 28.22 -49.48
C VAL H 480 120.17 28.70 -50.48
N ASP H 481 120.59 28.98 -51.71
CA ASP H 481 119.67 29.44 -52.74
C ASP H 481 118.60 28.39 -53.00
N CYS H 482 119.00 27.12 -53.04
CA CYS H 482 118.03 26.04 -53.26
C CYS H 482 117.03 25.98 -52.12
N ILE H 483 117.50 26.15 -50.89
CA ILE H 483 116.61 26.00 -49.74
C ILE H 483 115.63 27.16 -49.64
N ILE H 484 116.10 28.38 -49.89
CA ILE H 484 115.25 29.55 -49.64
C ILE H 484 114.56 30.09 -50.89
N ARG H 485 115.13 29.94 -52.08
CA ARG H 485 114.56 30.56 -53.27
C ARG H 485 114.04 29.57 -54.30
N LEU H 486 114.91 28.69 -54.80
CA LEU H 486 114.52 27.85 -55.93
C LEU H 486 113.51 26.79 -55.49
N PRO H 487 112.63 26.37 -56.38
CA PRO H 487 111.73 25.25 -56.06
C PRO H 487 112.47 23.92 -56.14
N VAL H 488 111.86 22.91 -55.54
CA VAL H 488 112.41 21.57 -55.48
C VAL H 488 111.63 20.68 -56.42
N LYS H 489 112.34 20.04 -57.35
CA LYS H 489 111.76 19.05 -58.25
C LYS H 489 112.32 17.70 -57.82
N TRP H 490 111.57 16.96 -57.00
CA TRP H 490 112.10 15.71 -56.45
C TRP H 490 112.43 14.71 -57.49
N GLU H 491 111.63 14.62 -58.54
CA GLU H 491 111.85 13.61 -59.56
C GLU H 491 113.10 13.90 -60.36
N THR H 492 113.32 15.15 -60.72
CA THR H 492 114.53 15.54 -61.42
C THR H 492 115.76 15.25 -60.58
N THR H 493 115.68 15.50 -59.27
CA THR H 493 116.77 15.22 -58.36
C THR H 493 116.98 13.73 -58.14
N THR H 494 115.91 12.95 -58.17
CA THR H 494 116.01 11.52 -57.86
C THR H 494 116.11 10.66 -59.09
N GLN H 495 116.30 11.25 -60.26
CA GLN H 495 116.47 10.51 -61.50
C GLN H 495 117.75 9.66 -61.52
N PHE H 496 118.52 9.63 -60.44
CA PHE H 496 119.68 8.77 -60.36
C PHE H 496 119.28 7.30 -60.37
N LYS H 497 120.21 6.42 -60.67
CA LYS H 497 119.93 4.99 -60.68
C LYS H 497 120.39 4.33 -59.39
N ALA H 498 119.57 3.47 -58.83
CA ALA H 498 119.91 2.81 -57.59
C ALA H 498 118.92 1.73 -57.26
N THR H 499 119.36 0.76 -56.48
CA THR H 499 118.47 -0.29 -56.03
C THR H 499 117.88 -0.03 -54.65
N HIS H 500 118.58 0.73 -53.81
CA HIS H 500 118.14 0.99 -52.45
C HIS H 500 118.29 2.47 -52.13
N ILE H 501 117.36 2.99 -51.34
CA ILE H 501 117.40 4.38 -50.87
C ILE H 501 117.20 4.38 -49.37
N LEU H 502 118.11 5.03 -48.65
CA LEU H 502 118.06 5.12 -47.19
C LEU H 502 117.52 6.49 -46.78
N ASP H 503 116.48 6.48 -45.94
CA ASP H 503 115.85 7.70 -45.49
C ASP H 503 116.14 8.00 -44.05
N PHE H 504 117.11 8.87 -43.80
CA PHE H 504 117.46 9.28 -42.45
C PHE H 504 116.64 10.48 -41.98
N GLY H 505 115.69 10.90 -42.78
CA GLY H 505 114.98 12.11 -42.44
C GLY H 505 114.03 11.99 -41.33
N PRO H 506 113.37 13.07 -41.00
CA PRO H 506 112.30 13.01 -40.01
C PRO H 506 110.97 12.61 -40.62
N GLY H 507 110.08 12.12 -39.77
CA GLY H 507 108.71 11.82 -40.15
C GLY H 507 108.37 10.34 -40.24
N GLY H 508 109.34 9.45 -40.01
CA GLY H 508 109.08 8.03 -40.15
C GLY H 508 108.45 7.59 -41.47
N ALA H 509 107.30 6.93 -41.40
CA ALA H 509 106.64 6.44 -42.60
C ALA H 509 105.83 7.51 -43.32
N SER H 510 105.73 8.71 -42.76
CA SER H 510 105.08 9.83 -43.41
C SER H 510 106.10 10.88 -43.87
N GLY H 511 107.31 10.42 -44.19
CA GLY H 511 108.36 11.32 -44.60
C GLY H 511 108.77 11.25 -46.04
N LEU H 512 110.02 11.57 -46.31
CA LEU H 512 110.50 11.65 -47.69
C LEU H 512 110.59 10.27 -48.34
N GLY H 513 111.00 9.26 -47.57
CA GLY H 513 111.25 7.96 -48.15
C GLY H 513 110.00 7.35 -48.79
N VAL H 514 108.87 7.44 -48.09
CA VAL H 514 107.64 6.85 -48.63
C VAL H 514 107.17 7.62 -49.86
N LEU H 515 107.31 8.94 -49.85
CA LEU H 515 106.96 9.71 -51.04
C LEU H 515 107.81 9.28 -52.24
N THR H 516 109.09 9.06 -52.01
CA THR H 516 109.96 8.69 -53.11
C THR H 516 109.58 7.29 -53.58
N HIS H 517 109.24 6.40 -52.65
CA HIS H 517 108.81 5.09 -53.03
C HIS H 517 107.60 5.20 -53.92
N ARG H 518 106.61 5.99 -53.53
CA ARG H 518 105.42 6.18 -54.35
C ARG H 518 105.80 6.68 -55.74
N ASN H 519 106.75 7.58 -55.85
CA ASN H 519 107.12 8.11 -57.14
C ASN H 519 107.88 7.11 -57.98
N LYS H 520 108.49 6.12 -57.34
CA LYS H 520 109.35 5.17 -58.05
C LYS H 520 108.86 3.74 -57.96
N ASP H 521 107.56 3.54 -57.82
CA ASP H 521 107.00 2.20 -57.75
C ASP H 521 107.03 1.51 -59.09
N GLY H 522 107.36 0.24 -59.09
CA GLY H 522 107.42 -0.54 -60.30
C GLY H 522 108.73 -0.48 -61.04
N THR H 523 109.72 0.24 -60.54
CA THR H 523 111.02 0.36 -61.18
C THR H 523 112.09 -0.44 -60.47
N GLY H 524 111.72 -1.30 -59.52
CA GLY H 524 112.68 -2.12 -58.81
C GLY H 524 113.62 -1.33 -57.92
N VAL H 525 113.10 -0.37 -57.18
CA VAL H 525 113.89 0.38 -56.22
C VAL H 525 113.30 0.18 -54.85
N ARG H 526 114.13 -0.16 -53.87
CA ARG H 526 113.70 -0.40 -52.51
C ARG H 526 114.03 0.80 -51.63
N VAL H 527 113.07 1.23 -50.83
CA VAL H 527 113.25 2.33 -49.90
C VAL H 527 113.21 1.78 -48.48
N ILE H 528 114.20 2.13 -47.68
CA ILE H 528 114.26 1.76 -46.28
C ILE H 528 114.22 3.03 -45.44
N VAL H 529 113.27 3.10 -44.51
CA VAL H 529 113.17 4.23 -43.59
C VAL H 529 114.18 3.95 -42.52
N ALA H 530 115.34 4.58 -42.59
CA ALA H 530 116.46 4.28 -41.71
C ALA H 530 116.29 4.84 -40.30
N GLY H 531 115.27 5.67 -40.06
CA GLY H 531 115.09 6.31 -38.77
C GLY H 531 113.96 5.77 -37.92
N THR H 532 113.34 4.66 -38.30
CA THR H 532 112.20 4.13 -37.55
C THR H 532 112.22 2.61 -37.58
N LEU H 533 111.92 2.01 -36.43
CA LEU H 533 111.68 0.58 -36.32
C LEU H 533 110.18 0.33 -36.33
N ASP H 534 109.72 -0.44 -37.31
CA ASP H 534 108.30 -0.78 -37.40
C ASP H 534 108.15 -1.90 -38.41
N ILE H 535 106.97 -2.51 -38.42
CA ILE H 535 106.63 -3.57 -39.36
C ILE H 535 105.64 -3.02 -40.38
N ASN H 536 105.95 -3.18 -41.66
CA ASN H 536 105.08 -2.73 -42.73
C ASN H 536 104.26 -3.91 -43.23
N PRO H 537 102.92 -3.86 -43.19
CA PRO H 537 102.15 -5.02 -43.65
C PRO H 537 102.41 -5.39 -45.10
N ASP H 538 102.25 -4.45 -46.02
CA ASP H 538 102.49 -4.72 -47.43
C ASP H 538 103.95 -4.98 -47.74
N ASP H 539 104.86 -4.62 -46.84
CA ASP H 539 106.28 -4.88 -47.01
C ASP H 539 106.81 -4.33 -48.32
N ASP H 540 106.20 -3.27 -48.83
CA ASP H 540 106.64 -2.65 -50.06
C ASP H 540 107.82 -1.70 -49.85
N TYR H 541 108.11 -1.32 -48.62
CA TYR H 541 109.30 -0.57 -48.29
C TYR H 541 109.84 -1.04 -46.95
N GLY H 542 111.13 -0.84 -46.73
CA GLY H 542 111.79 -1.37 -45.56
C GLY H 542 111.77 -0.41 -44.38
N PHE H 543 112.14 -0.95 -43.22
CA PHE H 543 112.27 -0.17 -42.00
C PHE H 543 113.68 -0.34 -41.44
N LYS H 544 113.92 0.21 -40.25
CA LYS H 544 115.29 0.26 -39.72
C LYS H 544 115.90 -1.14 -39.62
N GLN H 545 115.10 -2.16 -39.32
CA GLN H 545 115.65 -3.50 -39.15
C GLN H 545 116.36 -3.99 -40.40
N GLU H 546 115.90 -3.54 -41.58
CA GLU H 546 116.43 -4.07 -42.84
C GLU H 546 117.91 -3.76 -42.98
N ILE H 547 118.36 -2.61 -42.50
CA ILE H 547 119.75 -2.21 -42.68
C ILE H 547 120.71 -3.13 -41.95
N PHE H 548 120.33 -3.64 -40.80
CA PHE H 548 121.27 -4.41 -40.00
C PHE H 548 121.04 -5.93 -40.04
N ASP H 549 119.95 -6.36 -40.64
CA ASP H 549 119.67 -7.80 -40.72
C ASP H 549 120.80 -8.52 -41.44
N VAL H 550 121.43 -9.48 -40.76
CA VAL H 550 122.54 -10.21 -41.34
C VAL H 550 122.08 -11.35 -42.25
N THR H 551 120.83 -11.79 -42.10
CA THR H 551 120.31 -12.87 -42.93
C THR H 551 119.82 -12.32 -44.26
N SER H 552 119.22 -13.20 -45.07
CA SER H 552 118.76 -12.80 -46.39
C SER H 552 117.67 -11.74 -46.31
N ASN H 553 116.91 -11.72 -45.21
CA ASN H 553 115.85 -10.74 -45.07
C ASN H 553 116.37 -9.30 -45.11
N GLY H 554 117.67 -9.10 -44.87
CA GLY H 554 118.23 -7.77 -45.03
C GLY H 554 118.22 -7.28 -46.46
N LEU H 555 118.40 -8.19 -47.41
CA LEU H 555 118.42 -7.85 -48.84
C LEU H 555 117.06 -8.21 -49.43
N LYS H 556 116.22 -7.20 -49.63
CA LYS H 556 114.94 -7.35 -50.28
C LYS H 556 114.87 -6.40 -51.46
N LYS H 557 114.51 -6.92 -52.63
CA LYS H 557 114.41 -6.12 -53.84
C LYS H 557 112.95 -5.89 -54.20
N ASN H 558 112.66 -4.71 -54.70
CA ASN H 558 111.30 -4.40 -55.12
C ASN H 558 111.10 -4.88 -56.55
N PRO H 559 109.84 -5.03 -56.94
CA PRO H 559 109.54 -5.52 -58.29
C PRO H 559 109.80 -4.58 -59.43
N ASN H 560 110.55 -5.00 -60.44
CA ASN H 560 110.65 -4.25 -61.67
C ASN H 560 109.72 -4.90 -62.68
N TRP H 561 108.60 -4.28 -62.98
CA TRP H 561 107.60 -4.92 -63.83
C TRP H 561 108.12 -5.26 -65.20
N LEU H 562 108.81 -4.35 -65.83
CA LEU H 562 109.25 -4.62 -67.20
C LEU H 562 110.06 -5.90 -67.27
N GLU H 563 110.85 -6.21 -66.25
CA GLU H 563 111.64 -7.43 -66.23
C GLU H 563 110.84 -8.62 -65.71
N GLU H 564 110.06 -8.42 -64.69
CA GLU H 564 109.31 -9.52 -64.10
C GLU H 564 108.25 -10.09 -65.01
N TYR H 565 107.66 -9.28 -65.86
CA TYR H 565 106.58 -9.73 -66.72
C TYR H 565 106.95 -9.50 -68.18
N HIS H 566 108.23 -9.50 -68.49
CA HIS H 566 108.69 -9.34 -69.86
C HIS H 566 108.16 -10.49 -70.72
N PRO H 567 107.55 -10.21 -71.88
CA PRO H 567 107.13 -11.30 -72.76
C PRO H 567 108.33 -12.04 -73.34
N LYS H 568 108.11 -13.31 -73.64
CA LYS H 568 109.16 -14.15 -74.21
C LYS H 568 108.61 -15.06 -75.26
N LEU H 569 109.49 -15.75 -75.96
CA LEU H 569 109.06 -16.72 -76.95
C LEU H 569 109.58 -18.06 -76.52
N ILE H 570 108.77 -19.09 -76.69
CA ILE H 570 109.20 -20.44 -76.39
C ILE H 570 108.72 -21.32 -77.53
N LYS H 571 109.19 -22.55 -77.62
CA LYS H 571 108.74 -23.49 -78.63
C LYS H 571 108.78 -24.91 -78.06
N ASN H 572 107.97 -25.77 -78.65
CA ASN H 572 107.90 -27.15 -78.22
C ASN H 572 108.67 -28.03 -79.20
N LYS H 573 108.58 -29.34 -79.08
CA LYS H 573 109.32 -30.23 -79.97
C LYS H 573 108.87 -30.15 -81.43
N SER H 574 107.59 -29.88 -81.68
CA SER H 574 107.13 -29.72 -83.05
C SER H 574 107.70 -28.46 -83.70
N GLY H 575 108.26 -27.54 -82.91
CA GLY H 575 108.76 -26.28 -83.42
C GLY H 575 107.74 -25.17 -83.46
N LYS H 576 106.61 -25.35 -82.78
CA LYS H 576 105.61 -24.30 -82.70
C LYS H 576 106.03 -23.24 -81.70
N ILE H 577 106.00 -21.99 -82.12
CA ILE H 577 106.39 -20.91 -81.26
C ILE H 577 105.22 -20.35 -80.50
N PHE H 578 105.41 -20.07 -79.23
CA PHE H 578 104.40 -19.51 -78.35
C PHE H 578 104.89 -18.19 -77.78
N VAL H 579 103.98 -17.23 -77.66
CA VAL H 579 104.26 -16.01 -76.90
C VAL H 579 104.15 -16.39 -75.43
N GLU H 580 105.30 -16.55 -74.77
CA GLU H 580 105.30 -17.04 -73.41
C GLU H 580 104.84 -16.00 -72.43
N THR H 581 103.82 -16.33 -71.69
CA THR H 581 103.24 -15.39 -70.74
C THR H 581 102.67 -16.19 -69.57
N LYS H 582 102.44 -15.53 -68.46
CA LYS H 582 101.84 -16.18 -67.29
C LYS H 582 100.55 -16.88 -67.62
N PHE H 583 99.65 -16.24 -68.35
CA PHE H 583 98.43 -16.90 -68.83
C PHE H 583 98.75 -18.01 -69.82
N SER H 584 99.58 -17.70 -70.82
CA SER H 584 99.96 -18.70 -71.81
C SER H 584 100.71 -19.86 -71.16
N LYS H 585 101.56 -19.55 -70.17
CA LYS H 585 102.27 -20.63 -69.47
C LYS H 585 101.28 -21.53 -68.75
N LEU H 586 100.23 -20.97 -68.16
CA LEU H 586 99.23 -21.80 -67.48
C LEU H 586 98.47 -22.67 -68.47
N ILE H 587 97.88 -22.11 -69.50
CA ILE H 587 96.99 -22.88 -70.38
C ILE H 587 97.63 -23.53 -71.57
N GLY H 588 98.93 -23.38 -71.75
CA GLY H 588 99.59 -24.07 -72.84
C GLY H 588 99.13 -23.65 -74.22
N ARG H 589 98.54 -22.48 -74.35
CA ARG H 589 98.00 -21.99 -75.62
C ARG H 589 98.28 -20.53 -75.70
N PRO H 590 98.26 -19.97 -76.91
CA PRO H 590 98.51 -18.53 -77.10
C PRO H 590 97.71 -17.66 -76.10
N PRO H 591 98.27 -16.54 -75.62
CA PRO H 591 97.57 -15.72 -74.62
C PRO H 591 96.46 -14.85 -75.22
N LEU H 592 95.61 -15.45 -76.04
CA LEU H 592 94.54 -14.76 -76.72
C LEU H 592 93.28 -15.59 -76.58
N LEU H 593 92.16 -15.01 -76.20
CA LEU H 593 90.92 -15.74 -75.96
C LEU H 593 89.74 -14.98 -76.54
N VAL H 594 88.68 -15.72 -76.83
CA VAL H 594 87.41 -15.15 -77.29
C VAL H 594 86.47 -15.11 -76.10
N PRO H 595 86.03 -13.93 -75.65
CA PRO H 595 85.19 -13.87 -74.46
C PRO H 595 83.77 -14.31 -74.76
N GLY H 596 83.05 -14.63 -73.69
CA GLY H 596 81.64 -14.98 -73.82
C GLY H 596 80.85 -13.87 -74.46
N MET H 597 80.14 -14.14 -75.53
CA MET H 597 79.33 -13.13 -76.15
C MET H 597 77.96 -13.66 -76.52
N THR H 598 76.92 -13.05 -75.98
CA THR H 598 75.57 -13.45 -76.34
C THR H 598 75.05 -12.39 -77.27
N PRO H 599 75.03 -12.70 -78.58
CA PRO H 599 74.68 -13.97 -79.19
C PRO H 599 75.78 -14.82 -79.81
N CYS H 600 76.93 -14.27 -80.20
CA CYS H 600 78.00 -15.01 -80.94
C CYS H 600 78.63 -16.30 -80.41
N THR H 601 78.88 -16.40 -79.11
CA THR H 601 79.54 -17.58 -78.56
C THR H 601 78.51 -18.53 -78.01
N VAL H 602 77.25 -18.30 -78.33
CA VAL H 602 76.20 -19.22 -77.93
C VAL H 602 76.27 -20.43 -78.86
N SER H 603 76.60 -20.19 -80.12
CA SER H 603 76.69 -21.28 -81.10
C SER H 603 77.71 -22.32 -80.72
N PRO H 604 77.27 -23.57 -80.57
CA PRO H 604 78.29 -24.59 -80.29
C PRO H 604 79.24 -24.81 -81.48
N ASP H 605 78.82 -24.47 -82.69
CA ASP H 605 79.69 -24.59 -83.85
C ASP H 605 80.85 -23.60 -83.78
N PHE H 606 80.57 -22.35 -83.38
CA PHE H 606 81.62 -21.35 -83.31
C PHE H 606 82.58 -21.65 -82.16
N VAL H 607 82.04 -22.10 -81.03
CA VAL H 607 82.91 -22.48 -79.90
C VAL H 607 83.85 -23.59 -80.32
N ALA H 608 83.31 -24.62 -80.98
CA ALA H 608 84.14 -25.74 -81.42
C ALA H 608 85.16 -25.29 -82.45
N ALA H 609 84.77 -24.40 -83.37
CA ALA H 609 85.69 -23.93 -84.39
C ALA H 609 86.85 -23.15 -83.78
N THR H 610 86.54 -22.28 -82.81
CA THR H 610 87.60 -21.53 -82.15
C THR H 610 88.51 -22.45 -81.35
N THR H 611 87.97 -23.43 -80.66
CA THR H 611 88.78 -24.37 -79.90
C THR H 611 89.64 -25.26 -80.79
N ASN H 612 89.13 -25.65 -81.94
CA ASN H 612 89.90 -26.44 -82.89
C ASN H 612 90.97 -25.63 -83.59
N ALA H 613 90.82 -24.30 -83.63
CA ALA H 613 91.87 -23.43 -84.12
C ALA H 613 93.03 -23.31 -83.16
N GLY H 614 92.80 -23.56 -81.88
CA GLY H 614 93.84 -23.51 -80.87
C GLY H 614 93.78 -22.31 -79.95
N TYR H 615 92.59 -21.75 -79.74
CA TYR H 615 92.46 -20.58 -78.92
C TYR H 615 91.32 -20.72 -77.96
N THR H 616 91.46 -20.13 -76.78
CA THR H 616 90.43 -20.21 -75.75
C THR H 616 89.15 -19.47 -76.10
N ILE H 617 88.01 -20.03 -75.71
CA ILE H 617 86.72 -19.40 -75.96
C ILE H 617 85.76 -19.79 -74.86
N GLU H 618 84.82 -18.92 -74.55
CA GLU H 618 83.84 -19.16 -73.50
C GLU H 618 82.47 -19.33 -74.14
N LEU H 619 81.83 -20.46 -73.89
CA LEU H 619 80.46 -20.67 -74.34
C LEU H 619 79.52 -19.80 -73.53
N ALA H 620 78.73 -18.97 -74.21
CA ALA H 620 77.91 -17.97 -73.54
C ALA H 620 76.68 -18.64 -72.94
N GLY H 621 76.55 -18.54 -71.62
CA GLY H 621 75.38 -19.03 -70.93
C GLY H 621 74.16 -18.13 -71.02
N GLY H 622 74.32 -16.92 -71.56
CA GLY H 622 73.22 -16.00 -71.72
C GLY H 622 72.27 -16.35 -72.83
N GLY H 623 72.61 -17.34 -73.66
CA GLY H 623 71.73 -17.84 -74.68
C GLY H 623 70.98 -19.10 -74.32
N TYR H 624 71.03 -19.48 -73.04
CA TYR H 624 70.42 -20.70 -72.61
C TYR H 624 69.52 -20.44 -71.43
N PHE H 625 68.43 -21.17 -71.34
CA PHE H 625 67.45 -20.91 -70.31
C PHE H 625 67.11 -22.09 -69.44
N SER H 626 67.85 -23.18 -69.56
CA SER H 626 67.64 -24.34 -68.72
C SER H 626 68.92 -25.13 -68.67
N ALA H 627 69.04 -26.04 -67.71
CA ALA H 627 70.21 -26.90 -67.67
C ALA H 627 70.22 -27.90 -68.82
N ALA H 628 69.04 -28.35 -69.27
CA ALA H 628 68.98 -29.32 -70.35
C ALA H 628 69.52 -28.74 -71.65
N GLY H 629 69.16 -27.50 -71.95
CA GLY H 629 69.56 -26.89 -73.21
C GLY H 629 71.05 -26.61 -73.22
N MET H 630 71.58 -26.11 -72.13
CA MET H 630 73.02 -25.89 -72.03
C MET H 630 73.77 -27.21 -72.05
N THR H 631 73.21 -28.26 -71.46
CA THR H 631 73.83 -29.57 -71.52
C THR H 631 73.90 -30.06 -72.96
N ALA H 632 72.87 -29.84 -73.75
CA ALA H 632 72.89 -30.26 -75.14
C ALA H 632 73.89 -29.46 -75.95
N ALA H 633 74.06 -28.19 -75.62
CA ALA H 633 75.01 -27.35 -76.33
C ALA H 633 76.43 -27.72 -75.96
N ILE H 634 76.66 -28.07 -74.72
CA ILE H 634 77.99 -28.50 -74.29
C ILE H 634 78.32 -29.86 -74.89
N ASP H 635 77.33 -30.75 -74.96
CA ASP H 635 77.55 -32.05 -75.60
C ASP H 635 77.88 -31.89 -77.07
N SER H 636 77.20 -30.97 -77.76
CA SER H 636 77.53 -30.70 -79.15
C SER H 636 78.97 -30.23 -79.28
N VAL H 637 79.36 -29.26 -78.43
CA VAL H 637 80.73 -28.76 -78.48
C VAL H 637 81.72 -29.89 -78.25
N VAL H 638 81.46 -30.74 -77.26
CA VAL H 638 82.36 -31.84 -76.95
C VAL H 638 82.46 -32.79 -78.14
N SER H 639 81.32 -33.08 -78.78
CA SER H 639 81.35 -33.99 -79.92
C SER H 639 82.07 -33.38 -81.11
N GLN H 640 82.18 -32.05 -81.17
CA GLN H 640 82.86 -31.42 -82.29
C GLN H 640 84.36 -31.21 -82.05
N ILE H 641 84.79 -30.98 -80.82
CA ILE H 641 86.20 -30.67 -80.56
C ILE H 641 86.99 -31.97 -80.53
N GLU H 642 88.30 -31.84 -80.79
CA GLU H 642 89.19 -32.99 -80.82
C GLU H 642 89.50 -33.47 -79.41
N LYS H 643 89.87 -34.74 -79.31
CA LYS H 643 90.18 -35.34 -78.01
C LYS H 643 91.32 -34.58 -77.35
N GLY H 644 91.14 -34.28 -76.06
CA GLY H 644 92.12 -33.57 -75.27
C GLY H 644 91.88 -32.06 -75.17
N SER H 645 90.96 -31.52 -75.96
CA SER H 645 90.69 -30.10 -75.93
C SER H 645 89.74 -29.73 -74.80
N THR H 646 89.63 -28.45 -74.52
CA THR H 646 88.78 -27.98 -73.45
C THR H 646 88.22 -26.64 -73.82
N PHE H 647 87.35 -26.10 -72.98
CA PHE H 647 86.73 -24.80 -73.25
C PHE H 647 86.15 -24.26 -72.00
N GLY H 648 85.65 -23.03 -72.04
CA GLY H 648 85.12 -22.39 -70.86
C GLY H 648 83.65 -22.04 -71.00
N ILE H 649 83.07 -21.60 -69.89
CA ILE H 649 81.67 -21.19 -69.83
C ILE H 649 81.61 -19.79 -69.22
N ASN H 650 80.76 -18.94 -69.78
CA ASN H 650 80.52 -17.60 -69.28
C ASN H 650 79.13 -17.51 -68.69
N LEU H 651 79.03 -17.01 -67.46
CA LEU H 651 77.74 -16.85 -66.80
C LEU H 651 77.54 -15.40 -66.39
N ILE H 652 76.30 -14.95 -66.44
CA ILE H 652 75.97 -13.58 -66.08
C ILE H 652 75.57 -13.48 -64.61
N TYR H 653 76.18 -12.57 -63.88
CA TYR H 653 75.92 -12.48 -62.45
C TYR H 653 74.62 -11.76 -62.10
N VAL H 654 74.08 -11.00 -63.05
CA VAL H 654 72.84 -10.30 -62.84
C VAL H 654 71.67 -11.16 -63.27
N ASN H 655 71.91 -12.41 -63.60
CA ASN H 655 70.83 -13.34 -63.91
C ASN H 655 70.80 -14.36 -62.81
N PRO H 656 70.06 -14.08 -61.73
CA PRO H 656 70.09 -15.03 -60.62
C PRO H 656 69.61 -16.41 -61.04
N PHE H 657 68.71 -16.47 -62.00
CA PHE H 657 68.17 -17.76 -62.40
C PHE H 657 69.23 -18.58 -63.07
N MET H 658 69.99 -17.96 -63.96
CA MET H 658 71.04 -18.63 -64.66
C MET H 658 72.04 -19.21 -63.71
N LEU H 659 72.40 -18.46 -62.70
CA LEU H 659 73.39 -18.92 -61.75
C LEU H 659 72.82 -20.07 -60.99
N GLN H 660 71.53 -19.99 -60.69
CA GLN H 660 70.89 -21.04 -59.92
C GLN H 660 70.88 -22.35 -60.69
N TRP H 661 70.60 -22.30 -61.99
CA TRP H 661 70.59 -23.53 -62.76
C TRP H 661 71.93 -23.86 -63.41
N GLY H 662 72.87 -22.90 -63.47
CA GLY H 662 74.12 -23.13 -64.16
C GLY H 662 75.25 -23.62 -63.27
N ILE H 663 75.41 -23.03 -62.09
CA ILE H 663 76.50 -23.44 -61.20
C ILE H 663 76.37 -24.91 -60.82
N PRO H 664 75.20 -25.41 -60.39
CA PRO H 664 75.08 -26.85 -60.17
C PRO H 664 75.35 -27.67 -61.42
N LEU H 665 74.95 -27.18 -62.59
CA LEU H 665 75.21 -27.92 -63.82
C LEU H 665 76.70 -28.05 -64.07
N ILE H 666 77.45 -26.96 -63.88
CA ILE H 666 78.90 -27.02 -64.08
C ILE H 666 79.52 -27.97 -63.06
N LYS H 667 79.06 -27.92 -61.81
CA LYS H 667 79.58 -28.84 -60.81
C LYS H 667 79.35 -30.30 -61.23
N GLU H 668 78.13 -30.61 -61.67
CA GLU H 668 77.81 -31.98 -62.06
C GLU H 668 78.65 -32.41 -63.26
N LEU H 669 78.77 -31.55 -64.28
CA LEU H 669 79.51 -31.91 -65.46
C LEU H 669 80.99 -32.11 -65.16
N ARG H 670 81.57 -31.24 -64.31
CA ARG H 670 82.97 -31.42 -63.93
C ARG H 670 83.16 -32.71 -63.15
N SER H 671 82.22 -33.03 -62.26
CA SER H 671 82.28 -34.32 -61.58
C SER H 671 82.23 -35.47 -62.57
N LYS H 672 81.53 -35.27 -63.68
CA LYS H 672 81.52 -36.27 -64.75
C LYS H 672 82.81 -36.27 -65.56
N GLY H 673 83.67 -35.27 -65.40
CA GLY H 673 84.90 -35.19 -66.16
C GLY H 673 84.80 -34.42 -67.46
N TYR H 674 83.80 -33.55 -67.59
CA TYR H 674 83.66 -32.78 -68.82
C TYR H 674 84.82 -31.80 -68.98
N PRO H 675 85.27 -31.56 -70.21
CA PRO H 675 86.44 -30.68 -70.43
C PRO H 675 86.09 -29.20 -70.34
N ILE H 676 85.56 -28.78 -69.20
CA ILE H 676 85.26 -27.38 -68.93
C ILE H 676 86.46 -26.84 -68.15
N GLN H 677 87.32 -26.09 -68.80
CA GLN H 677 88.54 -25.64 -68.14
C GLN H 677 88.33 -24.55 -67.15
N PHE H 678 87.40 -23.66 -67.41
CA PHE H 678 87.28 -22.50 -66.55
C PHE H 678 85.85 -21.95 -66.63
N LEU H 679 85.53 -21.09 -65.68
CA LEU H 679 84.27 -20.36 -65.64
C LEU H 679 84.56 -18.88 -65.54
N THR H 680 83.92 -18.08 -66.39
CA THR H 680 84.02 -16.64 -66.35
C THR H 680 82.68 -16.05 -65.93
N ILE H 681 82.73 -15.04 -65.06
CA ILE H 681 81.53 -14.38 -64.55
C ILE H 681 81.51 -12.97 -65.10
N GLY H 682 80.46 -12.64 -65.87
CA GLY H 682 80.29 -11.34 -66.45
C GLY H 682 79.22 -10.53 -65.73
N ALA H 683 79.21 -9.23 -66.03
CA ALA H 683 78.23 -8.31 -65.47
C ALA H 683 78.21 -8.37 -63.95
N GLY H 684 79.38 -8.26 -63.33
CA GLY H 684 79.45 -8.27 -61.89
C GLY H 684 80.52 -9.17 -61.33
N VAL H 685 80.98 -8.85 -60.14
CA VAL H 685 81.98 -9.66 -59.48
C VAL H 685 81.27 -10.25 -58.30
N PRO H 686 81.41 -11.57 -58.10
CA PRO H 686 80.77 -12.19 -56.94
C PRO H 686 81.36 -11.68 -55.63
N SER H 687 80.73 -12.11 -54.54
CA SER H 687 81.23 -11.77 -53.23
C SER H 687 82.27 -12.78 -52.92
N LEU H 688 83.07 -12.50 -51.90
CA LEU H 688 84.13 -13.41 -51.54
C LEU H 688 83.56 -14.79 -51.26
N GLU H 689 82.45 -14.86 -50.56
CA GLU H 689 81.90 -16.16 -50.20
C GLU H 689 81.46 -16.99 -51.40
N VAL H 690 80.83 -16.37 -52.38
CA VAL H 690 80.40 -17.08 -53.57
C VAL H 690 81.61 -17.48 -54.37
N ALA H 691 82.59 -16.60 -54.43
CA ALA H 691 83.78 -16.90 -55.19
C ALA H 691 84.45 -18.10 -54.58
N SER H 692 84.50 -18.15 -53.26
CA SER H 692 85.09 -19.32 -52.61
C SER H 692 84.31 -20.58 -52.95
N GLU H 693 82.98 -20.49 -52.94
CA GLU H 693 82.15 -21.63 -53.31
C GLU H 693 82.51 -22.11 -54.72
N TYR H 694 82.59 -21.18 -55.67
CA TYR H 694 82.95 -21.56 -57.03
C TYR H 694 84.32 -22.22 -57.07
N ILE H 695 85.32 -21.57 -56.47
CA ILE H 695 86.70 -22.04 -56.57
C ILE H 695 86.83 -23.44 -55.98
N GLU H 696 86.21 -23.68 -54.83
CA GLU H 696 86.33 -24.98 -54.18
C GLU H 696 85.49 -26.03 -54.89
N THR H 697 84.19 -25.80 -55.02
CA THR H 697 83.28 -26.85 -55.46
C THR H 697 83.47 -27.17 -56.94
N LEU H 698 83.54 -26.15 -57.79
CA LEU H 698 83.36 -26.40 -59.22
C LEU H 698 84.48 -27.24 -59.83
N GLY H 699 85.63 -27.32 -59.17
CA GLY H 699 86.72 -28.13 -59.69
C GLY H 699 87.22 -27.67 -61.05
N LEU H 700 87.39 -26.37 -61.21
CA LEU H 700 87.88 -25.78 -62.45
C LEU H 700 89.38 -25.49 -62.34
N LYS H 701 90.00 -25.27 -63.50
CA LYS H 701 91.43 -24.93 -63.52
C LYS H 701 91.66 -23.49 -63.08
N TYR H 702 90.82 -22.55 -63.52
CA TYR H 702 90.94 -21.17 -63.07
C TYR H 702 89.59 -20.49 -63.22
N LEU H 703 89.48 -19.33 -62.56
CA LEU H 703 88.25 -18.55 -62.53
C LEU H 703 88.48 -17.22 -63.21
N GLY H 704 87.61 -16.88 -64.16
CA GLY H 704 87.67 -15.60 -64.85
C GLY H 704 86.69 -14.63 -64.24
N LEU H 705 87.17 -13.40 -64.00
CA LEU H 705 86.35 -12.33 -63.47
C LEU H 705 86.57 -11.08 -64.32
N LYS H 706 85.51 -10.28 -64.44
CA LYS H 706 85.52 -9.09 -65.30
C LYS H 706 85.12 -7.88 -64.47
N PRO H 707 86.06 -7.32 -63.69
CA PRO H 707 85.74 -6.11 -62.93
C PRO H 707 85.43 -4.95 -63.86
N GLY H 708 84.53 -4.08 -63.41
CA GLY H 708 84.11 -2.96 -64.20
C GLY H 708 84.61 -1.61 -63.71
N SER H 709 85.19 -1.59 -62.52
CA SER H 709 85.64 -0.33 -61.91
C SER H 709 86.70 -0.63 -60.85
N ILE H 710 87.16 0.43 -60.19
CA ILE H 710 88.19 0.28 -59.16
C ILE H 710 87.72 -0.63 -58.05
N ASP H 711 86.47 -0.44 -57.58
CA ASP H 711 85.96 -1.26 -56.49
C ASP H 711 85.86 -2.71 -56.92
N ALA H 712 85.49 -2.95 -58.16
CA ALA H 712 85.38 -4.28 -58.65
C ALA H 712 86.76 -4.92 -58.68
N ILE H 713 87.78 -4.17 -59.08
CA ILE H 713 89.15 -4.67 -59.10
C ILE H 713 89.62 -4.99 -57.68
N SER H 714 89.25 -4.16 -56.72
CA SER H 714 89.61 -4.43 -55.33
C SER H 714 88.96 -5.71 -54.84
N GLN H 715 87.71 -5.95 -55.23
CA GLN H 715 87.04 -7.16 -54.84
C GLN H 715 87.69 -8.38 -55.52
N VAL H 716 88.13 -8.24 -56.75
CA VAL H 716 88.87 -9.31 -57.42
C VAL H 716 90.16 -9.60 -56.68
N ILE H 717 90.86 -8.54 -56.26
CA ILE H 717 92.11 -8.72 -55.52
C ILE H 717 91.85 -9.44 -54.21
N ASN H 718 90.76 -9.08 -53.52
CA ASN H 718 90.44 -9.77 -52.27
C ASN H 718 90.14 -11.24 -52.52
N ILE H 719 89.43 -11.55 -53.60
CA ILE H 719 89.16 -12.96 -53.93
C ILE H 719 90.47 -13.68 -54.18
N ALA H 720 91.38 -13.08 -54.95
CA ALA H 720 92.66 -13.71 -55.23
C ALA H 720 93.49 -13.88 -53.97
N LYS H 721 93.35 -12.96 -53.02
CA LYS H 721 94.09 -13.03 -51.77
C LYS H 721 93.56 -14.15 -50.88
N ALA H 722 92.24 -14.32 -50.83
CA ALA H 722 91.66 -15.38 -50.01
C ALA H 722 92.07 -16.76 -50.52
N HIS H 723 92.42 -16.87 -51.80
CA HIS H 723 92.83 -18.13 -52.41
C HIS H 723 94.15 -17.90 -53.14
N PRO H 724 95.26 -17.77 -52.39
CA PRO H 724 96.52 -17.35 -53.03
C PRO H 724 97.07 -18.32 -54.04
N ASN H 725 96.62 -19.57 -54.04
CA ASN H 725 97.16 -20.58 -54.95
C ASN H 725 96.33 -20.76 -56.21
N PHE H 726 95.04 -20.46 -56.15
CA PHE H 726 94.17 -20.66 -57.31
C PHE H 726 94.44 -19.58 -58.36
N PRO H 727 94.52 -19.93 -59.64
CA PRO H 727 94.67 -18.89 -60.66
C PRO H 727 93.38 -18.13 -60.88
N ILE H 728 93.50 -16.81 -60.93
CA ILE H 728 92.36 -15.91 -61.16
C ILE H 728 92.68 -15.07 -62.39
N ALA H 729 91.82 -15.13 -63.39
CA ALA H 729 92.00 -14.37 -64.63
C ALA H 729 91.22 -13.06 -64.51
N LEU H 730 91.93 -11.95 -64.31
CA LEU H 730 91.32 -10.64 -64.23
C LEU H 730 91.18 -10.10 -65.65
N GLN H 731 89.94 -10.03 -66.13
CA GLN H 731 89.65 -9.61 -67.50
C GLN H 731 89.18 -8.16 -67.45
N TRP H 732 90.12 -7.23 -67.58
CA TRP H 732 89.78 -5.83 -67.52
C TRP H 732 89.30 -5.32 -68.88
N THR H 733 88.22 -4.55 -68.86
CA THR H 733 87.64 -3.95 -70.05
C THR H 733 87.14 -2.56 -69.72
N GLY H 734 87.35 -1.62 -70.63
CA GLY H 734 86.84 -0.28 -70.48
C GLY H 734 85.43 -0.14 -71.04
N GLY H 735 84.86 1.03 -70.85
CA GLY H 735 83.55 1.32 -71.39
C GLY H 735 83.50 1.36 -72.90
N ARG H 736 84.64 1.36 -73.55
CA ARG H 736 84.71 1.42 -74.99
C ARG H 736 84.39 0.09 -75.67
N GLY H 737 84.20 -0.98 -74.92
CA GLY H 737 83.85 -2.25 -75.52
C GLY H 737 82.41 -2.41 -75.98
N GLY H 738 82.17 -3.35 -76.88
CA GLY H 738 80.80 -3.62 -77.32
C GLY H 738 79.95 -4.34 -76.31
N GLY H 739 78.64 -4.36 -76.52
CA GLY H 739 77.72 -4.98 -75.59
C GLY H 739 77.44 -4.10 -74.41
N HIS H 740 77.10 -4.69 -73.27
CA HIS H 740 76.92 -3.89 -72.07
C HIS H 740 78.23 -3.31 -71.65
N HIS H 741 78.30 -2.00 -71.51
CA HIS H 741 79.54 -1.34 -71.18
C HIS H 741 79.44 -0.42 -70.00
N SER H 742 80.58 -0.12 -69.40
CA SER H 742 80.63 0.76 -68.25
C SER H 742 80.96 2.18 -68.70
N PHE H 743 81.10 3.08 -67.72
CA PHE H 743 81.48 4.46 -67.98
C PHE H 743 82.97 4.72 -67.78
N GLU H 744 83.75 3.68 -67.50
CA GLU H 744 85.13 3.87 -67.09
C GLU H 744 86.07 4.05 -68.27
N ASP H 745 87.16 4.77 -68.04
CA ASP H 745 88.19 4.85 -69.05
C ASP H 745 88.88 3.51 -69.04
N ALA H 746 89.56 3.18 -70.12
CA ALA H 746 90.24 1.90 -70.26
C ALA H 746 91.62 1.89 -69.62
N HIS H 747 92.24 3.05 -69.43
CA HIS H 747 93.60 3.11 -68.91
C HIS H 747 93.76 3.62 -67.46
N THR H 748 93.04 4.65 -67.03
CA THR H 748 93.27 5.18 -65.69
C THR H 748 93.07 4.12 -64.60
N PRO H 749 92.04 3.27 -64.64
CA PRO H 749 91.94 2.24 -63.59
C PRO H 749 93.13 1.31 -63.56
N MET H 750 93.68 0.97 -64.73
CA MET H 750 94.85 0.10 -64.77
C MET H 750 96.08 0.83 -64.23
N LEU H 751 96.30 2.06 -64.66
CA LEU H 751 97.39 2.84 -64.10
C LEU H 751 97.28 2.96 -62.59
N GLN H 752 96.04 2.97 -62.08
CA GLN H 752 95.84 3.10 -60.64
C GLN H 752 96.10 1.80 -59.89
N MET H 753 95.69 0.66 -60.46
CA MET H 753 95.63 -0.59 -59.72
C MET H 753 96.62 -1.66 -60.19
N TYR H 754 97.52 -1.33 -61.12
CA TYR H 754 98.44 -2.34 -61.63
C TYR H 754 99.36 -2.87 -60.54
N SER H 755 99.91 -1.99 -59.72
CA SER H 755 100.75 -2.44 -58.63
C SER H 755 100.01 -3.36 -57.67
N LYS H 756 98.81 -2.98 -57.24
CA LYS H 756 98.03 -3.84 -56.36
C LYS H 756 97.79 -5.20 -57.01
N ILE H 757 97.54 -5.22 -58.31
CA ILE H 757 97.26 -6.48 -58.93
C ILE H 757 98.51 -7.33 -58.92
N ARG H 758 99.64 -6.75 -59.28
CA ARG H 758 100.85 -7.54 -59.42
C ARG H 758 101.43 -8.03 -58.11
N ARG H 759 100.88 -7.58 -57.01
CA ARG H 759 101.37 -8.01 -55.72
C ARG H 759 100.83 -9.38 -55.47
N HIS H 760 99.95 -9.84 -56.35
CA HIS H 760 99.40 -11.18 -56.26
C HIS H 760 99.79 -12.01 -57.46
N PRO H 761 100.73 -12.96 -57.30
CA PRO H 761 101.17 -13.71 -58.49
C PRO H 761 100.10 -14.61 -59.08
N ASN H 762 99.02 -14.90 -58.35
CA ASN H 762 97.99 -15.80 -58.85
C ASN H 762 96.96 -15.08 -59.71
N ILE H 763 97.09 -13.78 -59.89
CA ILE H 763 96.21 -13.03 -60.78
C ILE H 763 96.84 -12.83 -62.15
N MET H 764 96.12 -13.19 -63.19
CA MET H 764 96.56 -13.00 -64.57
C MET H 764 95.80 -11.82 -65.16
N LEU H 765 96.54 -10.85 -65.70
CA LEU H 765 95.96 -9.62 -66.20
C LEU H 765 95.67 -9.76 -67.69
N ILE H 766 94.39 -9.70 -68.05
CA ILE H 766 93.94 -9.72 -69.44
C ILE H 766 93.35 -8.35 -69.76
N PHE H 767 93.77 -7.80 -70.90
CA PHE H 767 93.30 -6.49 -71.36
C PHE H 767 92.39 -6.69 -72.56
N GLY H 768 91.24 -6.03 -72.55
CA GLY H 768 90.30 -6.12 -73.66
C GLY H 768 89.68 -4.78 -74.01
N SER H 769 88.50 -4.82 -74.63
CA SER H 769 87.72 -3.63 -74.94
C SER H 769 88.46 -2.69 -75.90
N GLY H 770 88.61 -3.16 -77.13
CA GLY H 770 89.04 -2.27 -78.20
C GLY H 770 90.24 -2.71 -79.00
N PHE H 771 90.42 -4.01 -79.12
CA PHE H 771 91.57 -4.53 -79.80
C PHE H 771 91.14 -5.25 -81.05
N GLY H 772 91.99 -5.26 -82.06
CA GLY H 772 91.67 -5.95 -83.28
C GLY H 772 92.83 -6.57 -84.03
N SER H 773 94.04 -6.38 -83.54
CA SER H 773 95.22 -6.89 -84.21
C SER H 773 96.42 -6.88 -83.33
N ALA H 774 97.52 -7.39 -83.84
CA ALA H 774 98.76 -7.44 -83.08
C ALA H 774 99.40 -6.07 -82.94
N ASP H 775 99.14 -5.16 -83.87
CA ASP H 775 99.81 -3.86 -83.86
C ASP H 775 99.32 -3.00 -82.69
N ASP H 776 98.03 -3.02 -82.40
CA ASP H 776 97.48 -2.20 -81.33
C ASP H 776 97.49 -2.91 -79.98
N THR H 777 97.82 -4.20 -79.94
CA THR H 777 97.97 -4.92 -78.68
C THR H 777 99.41 -5.09 -78.26
N TYR H 778 100.36 -4.85 -79.16
CA TYR H 778 101.77 -5.04 -78.83
C TYR H 778 102.25 -4.08 -77.75
N PRO H 779 101.83 -2.82 -77.75
CA PRO H 779 102.33 -1.92 -76.72
C PRO H 779 101.88 -2.33 -75.33
N TYR H 780 100.80 -3.10 -75.23
CA TYR H 780 100.33 -3.62 -73.96
C TYR H 780 101.03 -4.92 -73.63
N LEU H 781 101.38 -5.70 -74.63
CA LEU H 781 102.18 -6.89 -74.38
C LEU H 781 103.54 -6.52 -73.80
N THR H 782 104.19 -5.51 -74.37
CA THR H 782 105.53 -5.11 -73.92
C THR H 782 105.50 -4.17 -72.73
N GLY H 783 104.34 -3.63 -72.37
CA GLY H 783 104.24 -2.71 -71.25
C GLY H 783 104.54 -1.27 -71.59
N GLU H 784 105.01 -0.97 -72.79
CA GLU H 784 105.35 0.39 -73.17
C GLU H 784 104.12 1.29 -73.30
N TRP H 785 102.91 0.76 -73.26
CA TRP H 785 101.73 1.58 -73.38
C TRP H 785 101.62 2.61 -72.29
N SER H 786 102.14 2.33 -71.11
CA SER H 786 101.98 3.23 -69.98
C SER H 786 103.07 4.30 -69.92
N THR H 787 104.12 4.19 -70.73
CA THR H 787 105.18 5.18 -70.67
C THR H 787 104.68 6.56 -71.10
N LYS H 788 103.75 6.60 -72.05
CA LYS H 788 103.18 7.87 -72.55
C LYS H 788 102.43 8.59 -71.45
N PHE H 789 101.98 7.85 -70.46
CA PHE H 789 101.36 8.45 -69.30
C PHE H 789 102.36 8.76 -68.19
N ASP H 790 103.65 8.79 -68.51
CA ASP H 790 104.70 9.05 -67.52
C ASP H 790 104.64 8.02 -66.39
N TYR H 791 104.56 6.76 -66.76
CA TYR H 791 104.54 5.63 -65.84
C TYR H 791 105.60 4.62 -66.27
N PRO H 792 106.05 3.78 -65.36
CA PRO H 792 106.93 2.67 -65.75
C PRO H 792 106.17 1.68 -66.61
N PRO H 793 106.86 0.92 -67.48
CA PRO H 793 106.14 -0.05 -68.32
C PRO H 793 105.37 -1.06 -67.49
N MET H 794 104.16 -1.38 -67.96
CA MET H 794 103.25 -2.32 -67.30
C MET H 794 102.79 -3.35 -68.30
N PRO H 795 103.54 -4.43 -68.49
CA PRO H 795 103.10 -5.49 -69.42
C PRO H 795 101.86 -6.21 -68.89
N PHE H 796 101.07 -6.73 -69.84
CA PHE H 796 99.87 -7.49 -69.54
C PHE H 796 100.04 -8.94 -69.97
N ASP H 797 99.20 -9.81 -69.42
CA ASP H 797 99.35 -11.24 -69.63
C ASP H 797 98.62 -11.77 -70.85
N GLY H 798 97.64 -11.04 -71.38
CA GLY H 798 96.90 -11.54 -72.53
C GLY H 798 95.83 -10.56 -72.94
N PHE H 799 95.07 -10.95 -73.97
CA PHE H 799 94.07 -10.09 -74.57
C PHE H 799 92.85 -10.91 -74.96
N LEU H 800 91.70 -10.21 -75.02
CA LEU H 800 90.46 -10.78 -75.50
C LEU H 800 89.90 -9.89 -76.61
N PHE H 801 89.27 -10.53 -77.58
CA PHE H 801 88.77 -9.82 -78.74
C PHE H 801 87.35 -10.19 -78.99
N GLY H 802 86.41 -9.35 -78.58
CA GLY H 802 85.00 -9.62 -78.83
C GLY H 802 84.50 -9.13 -80.17
N SER H 803 84.27 -7.84 -80.26
CA SER H 803 83.79 -7.26 -81.51
C SER H 803 84.58 -7.67 -82.75
N ARG H 804 85.90 -7.84 -82.64
CA ARG H 804 86.74 -8.24 -83.77
C ARG H 804 86.35 -9.53 -84.50
N VAL H 805 85.80 -10.51 -83.78
CA VAL H 805 85.50 -11.81 -84.38
C VAL H 805 84.00 -11.98 -84.66
N MET H 806 83.28 -10.87 -84.80
CA MET H 806 81.85 -10.94 -85.08
C MET H 806 81.53 -11.14 -86.55
N ILE H 807 82.54 -11.06 -87.41
CA ILE H 807 82.36 -11.31 -88.83
C ILE H 807 83.17 -12.52 -89.29
N ALA H 808 83.60 -13.36 -88.35
CA ALA H 808 84.35 -14.55 -88.68
C ALA H 808 83.47 -15.54 -89.45
N LYS H 809 84.08 -16.33 -90.31
CA LYS H 809 83.30 -17.23 -91.14
C LYS H 809 82.48 -18.21 -90.33
N GLU H 810 82.94 -18.61 -89.16
CA GLU H 810 82.26 -19.64 -88.37
C GLU H 810 81.23 -19.09 -87.40
N VAL H 811 81.06 -17.78 -87.37
CA VAL H 811 80.07 -17.16 -86.49
C VAL H 811 78.69 -17.22 -87.17
N LYS H 812 77.64 -17.47 -86.40
CA LYS H 812 76.29 -17.62 -86.97
C LYS H 812 75.66 -16.31 -87.44
N THR H 813 76.38 -15.21 -87.37
CA THR H 813 75.80 -13.93 -87.77
C THR H 813 75.34 -13.97 -89.23
N SER H 814 74.17 -13.41 -89.46
CA SER H 814 73.62 -13.39 -90.80
C SER H 814 74.49 -12.52 -91.70
N PRO H 815 74.54 -12.85 -92.98
CA PRO H 815 75.37 -12.11 -93.93
C PRO H 815 75.14 -10.60 -93.94
N ASP H 816 73.89 -10.15 -94.00
CA ASP H 816 73.63 -8.74 -94.07
C ASP H 816 74.06 -8.09 -92.77
N ALA H 817 74.01 -8.83 -91.66
CA ALA H 817 74.53 -8.29 -90.41
C ALA H 817 76.04 -8.16 -90.45
N LYS H 818 76.72 -9.12 -91.07
CA LYS H 818 78.17 -9.02 -91.21
C LYS H 818 78.55 -7.82 -92.07
N LYS H 819 77.82 -7.60 -93.17
CA LYS H 819 78.07 -6.43 -93.99
C LYS H 819 77.84 -5.14 -93.20
N CYS H 820 76.81 -5.07 -92.39
CA CYS H 820 76.56 -3.88 -91.58
C CYS H 820 77.68 -3.65 -90.58
N ILE H 821 78.12 -4.76 -89.95
CA ILE H 821 79.22 -4.61 -89.01
C ILE H 821 80.45 -4.06 -89.71
N ALA H 822 80.80 -4.65 -90.86
CA ALA H 822 81.98 -4.20 -91.58
C ALA H 822 81.84 -2.74 -92.00
N ALA H 823 80.65 -2.32 -92.35
CA ALA H 823 80.42 -0.96 -92.72
C ALA H 823 80.75 -0.06 -91.54
N CYS H 824 80.48 -0.49 -90.32
CA CYS H 824 80.94 0.40 -89.20
C CYS H 824 82.46 0.83 -89.23
N THR H 825 82.79 2.13 -89.45
CA THR H 825 84.17 2.55 -89.58
C THR H 825 84.91 2.60 -88.25
N GLY H 826 84.20 2.86 -87.16
CA GLY H 826 84.83 2.94 -85.86
C GLY H 826 85.34 4.33 -85.55
N VAL H 827 85.86 4.46 -84.34
CA VAL H 827 86.36 5.75 -83.84
C VAL H 827 87.55 5.47 -82.91
N PRO H 828 88.50 6.39 -82.86
CA PRO H 828 89.66 6.18 -82.00
C PRO H 828 89.25 6.27 -80.53
N ASP H 829 90.04 5.71 -79.64
CA ASP H 829 89.67 5.68 -78.21
C ASP H 829 89.28 7.03 -77.64
N ASP H 830 90.02 8.09 -77.94
CA ASP H 830 89.74 9.38 -77.33
C ASP H 830 88.37 9.94 -77.69
N LYS H 831 87.68 9.36 -78.68
CA LYS H 831 86.37 9.82 -79.10
C LYS H 831 85.27 8.80 -78.86
N TRP H 832 85.54 7.72 -78.18
CA TRP H 832 84.52 6.69 -78.02
C TRP H 832 83.33 7.18 -77.23
N GLU H 833 83.56 8.04 -76.25
CA GLU H 833 82.46 8.45 -75.38
C GLU H 833 81.42 9.27 -76.12
N GLN H 834 81.67 9.64 -77.37
CA GLN H 834 80.61 10.24 -78.16
C GLN H 834 79.69 9.17 -78.76
N THR H 835 79.23 8.26 -77.91
CA THR H 835 78.18 7.32 -78.27
C THR H 835 76.94 7.48 -77.41
N TYR H 836 77.07 8.05 -76.21
CA TYR H 836 75.90 8.35 -75.39
C TYR H 836 74.99 9.38 -76.04
N LYS H 837 75.52 10.19 -76.96
CA LYS H 837 74.80 11.34 -77.50
C LYS H 837 74.40 11.19 -78.96
N LYS H 838 75.22 10.56 -79.78
CA LYS H 838 74.92 10.44 -81.20
C LYS H 838 75.76 9.32 -81.78
N PRO H 839 75.39 8.79 -82.95
CA PRO H 839 76.20 7.74 -83.57
C PRO H 839 77.60 8.23 -83.86
N THR H 840 78.58 7.35 -83.65
CA THR H 840 79.97 7.67 -83.92
C THR H 840 80.66 6.39 -84.39
N GLY H 841 81.18 6.41 -85.61
CA GLY H 841 81.74 5.20 -86.18
C GLY H 841 80.74 4.11 -86.42
N GLY H 842 79.45 4.46 -86.57
CA GLY H 842 78.41 3.48 -86.76
C GLY H 842 77.84 2.88 -85.49
N ILE H 843 78.30 3.31 -84.32
CA ILE H 843 77.87 2.75 -83.06
C ILE H 843 77.22 3.83 -82.21
N VAL H 844 76.21 3.44 -81.44
CA VAL H 844 75.53 4.33 -80.51
C VAL H 844 75.31 3.56 -79.20
N THR H 845 74.97 4.30 -78.15
CA THR H 845 74.65 3.72 -76.86
C THR H 845 73.17 3.91 -76.58
N VAL H 846 72.48 2.80 -76.30
CA VAL H 846 71.08 2.83 -75.88
C VAL H 846 71.00 2.16 -74.51
N ARG H 847 69.81 2.16 -73.92
CA ARG H 847 69.59 1.60 -72.59
C ARG H 847 68.74 0.34 -72.70
N SER H 848 69.07 -0.65 -71.87
CA SER H 848 68.35 -1.91 -71.86
C SER H 848 67.12 -1.78 -70.95
N GLU H 849 66.44 -2.90 -70.70
CA GLU H 849 65.26 -2.87 -69.84
C GLU H 849 65.62 -2.36 -68.45
N MET H 850 66.78 -2.76 -67.94
CA MET H 850 67.23 -2.35 -66.61
C MET H 850 67.89 -0.98 -66.61
N GLY H 851 68.02 -0.34 -67.76
CA GLY H 851 68.68 0.94 -67.86
C GLY H 851 70.18 0.89 -68.03
N GLU H 852 70.75 -0.31 -68.22
CA GLU H 852 72.18 -0.42 -68.42
C GLU H 852 72.56 0.02 -69.84
N PRO H 853 73.68 0.71 -70.01
CA PRO H 853 74.11 1.07 -71.37
C PRO H 853 74.50 -0.15 -72.18
N ILE H 854 74.24 -0.08 -73.48
CA ILE H 854 74.69 -1.08 -74.43
C ILE H 854 75.20 -0.39 -75.68
N HIS H 855 76.30 -0.89 -76.21
CA HIS H 855 76.83 -0.41 -77.48
C HIS H 855 76.24 -1.25 -78.61
N LYS H 856 75.46 -0.60 -79.48
CA LYS H 856 74.83 -1.28 -80.60
C LYS H 856 75.05 -0.49 -81.88
N ILE H 857 74.97 -1.17 -83.00
CA ILE H 857 75.14 -0.53 -84.28
C ILE H 857 73.95 0.39 -84.49
N ALA H 858 74.19 1.56 -85.04
CA ALA H 858 73.15 2.58 -85.22
C ALA H 858 72.31 2.26 -86.46
N THR H 859 71.44 1.27 -86.31
CA THR H 859 70.51 0.92 -87.36
C THR H 859 69.24 1.73 -87.14
N ARG H 860 68.28 1.64 -88.04
CA ARG H 860 67.00 2.32 -87.89
C ARG H 860 66.28 1.85 -86.62
N GLY H 861 66.29 0.54 -86.38
CA GLY H 861 65.66 0.02 -85.18
C GLY H 861 66.32 0.54 -83.92
N VAL H 862 67.65 0.59 -83.91
CA VAL H 862 68.35 1.08 -82.73
C VAL H 862 68.13 2.59 -82.57
N MET H 863 68.06 3.34 -83.65
CA MET H 863 67.79 4.77 -83.51
C MET H 863 66.38 5.01 -82.98
N LEU H 864 65.41 4.19 -83.40
CA LEU H 864 64.08 4.25 -82.80
C LEU H 864 64.15 3.88 -81.33
N TRP H 865 64.95 2.87 -80.99
CA TRP H 865 65.16 2.50 -79.59
C TRP H 865 65.64 3.70 -78.78
N LYS H 866 66.64 4.43 -79.30
CA LYS H 866 67.16 5.59 -78.60
C LYS H 866 66.12 6.69 -78.48
N GLU H 867 65.40 6.97 -79.57
CA GLU H 867 64.38 8.02 -79.53
C GLU H 867 63.32 7.70 -78.47
N PHE H 868 62.88 6.45 -78.42
CA PHE H 868 61.93 6.06 -77.38
C PHE H 868 62.55 6.17 -76.00
N ASP H 869 63.83 5.78 -75.86
CA ASP H 869 64.50 5.93 -74.58
C ASP H 869 64.41 7.36 -74.08
N GLU H 870 64.58 8.33 -74.97
CA GLU H 870 64.60 9.73 -74.56
C GLU H 870 63.26 10.45 -74.70
N THR H 871 62.20 9.78 -75.16
CA THR H 871 60.90 10.44 -75.27
C THR H 871 59.73 9.72 -74.63
N ILE H 872 59.84 8.44 -74.29
CA ILE H 872 58.72 7.69 -73.72
C ILE H 872 59.16 7.03 -72.42
N PHE H 873 60.26 6.29 -72.47
CA PHE H 873 60.65 5.43 -71.36
C PHE H 873 61.19 6.23 -70.19
N ASN H 874 61.67 7.45 -70.42
CA ASN H 874 62.21 8.26 -69.33
C ASN H 874 61.13 9.03 -68.57
N LEU H 875 59.87 8.95 -69.00
CA LEU H 875 58.79 9.61 -68.29
C LEU H 875 58.45 8.85 -67.01
N PRO H 876 57.81 9.51 -66.04
CA PRO H 876 57.32 8.78 -64.87
C PRO H 876 56.12 7.91 -65.21
N LYS H 877 55.89 6.92 -64.34
CA LYS H 877 54.87 5.92 -64.62
C LYS H 877 53.51 6.55 -64.92
N ASN H 878 53.17 7.63 -64.20
CA ASN H 878 51.84 8.22 -64.37
C ASN H 878 51.73 8.97 -65.69
N LYS H 879 52.85 9.46 -66.22
CA LYS H 879 52.84 10.19 -67.48
C LYS H 879 52.92 9.29 -68.71
N LEU H 880 53.26 8.01 -68.52
CA LEU H 880 53.58 7.16 -69.66
C LEU H 880 52.35 6.92 -70.53
N VAL H 881 51.23 6.54 -69.92
CA VAL H 881 50.04 6.09 -70.65
C VAL H 881 49.47 7.22 -71.51
N PRO H 882 49.25 8.42 -70.96
CA PRO H 882 48.74 9.50 -71.82
C PRO H 882 49.63 9.82 -73.00
N THR H 883 50.95 9.71 -72.82
CA THR H 883 51.85 9.98 -73.94
C THR H 883 51.72 8.92 -75.03
N LEU H 884 51.58 7.65 -74.63
CA LEU H 884 51.36 6.60 -75.62
C LEU H 884 50.05 6.82 -76.35
N GLU H 885 49.00 7.22 -75.63
CA GLU H 885 47.71 7.49 -76.27
C GLU H 885 47.82 8.67 -77.24
N ALA H 886 48.55 9.72 -76.86
CA ALA H 886 48.66 10.90 -77.70
C ALA H 886 49.53 10.68 -78.93
N LYS H 887 50.52 9.80 -78.84
CA LYS H 887 51.47 9.57 -79.93
C LYS H 887 51.26 8.22 -80.60
N ARG H 888 50.05 7.65 -80.50
CA ARG H 888 49.84 6.26 -80.91
C ARG H 888 50.14 6.07 -82.39
N ASP H 889 49.65 6.97 -83.24
CA ASP H 889 49.83 6.80 -84.68
C ASP H 889 51.31 6.88 -85.06
N TYR H 890 52.03 7.83 -84.48
CA TYR H 890 53.46 7.95 -84.76
C TYR H 890 54.21 6.70 -84.33
N ILE H 891 53.90 6.19 -83.14
CA ILE H 891 54.56 4.99 -82.64
C ILE H 891 54.28 3.81 -83.55
N ILE H 892 53.03 3.66 -83.98
CA ILE H 892 52.67 2.53 -84.83
C ILE H 892 53.39 2.61 -86.16
N SER H 893 53.43 3.81 -86.76
CA SER H 893 54.15 3.96 -88.02
C SER H 893 55.62 3.64 -87.86
N ARG H 894 56.23 4.13 -86.78
CA ARG H 894 57.66 3.88 -86.57
C ARG H 894 57.93 2.39 -86.34
N LEU H 895 57.10 1.71 -85.57
CA LEU H 895 57.29 0.27 -85.37
C LEU H 895 57.14 -0.48 -86.69
N ASN H 896 56.14 -0.12 -87.49
CA ASN H 896 55.92 -0.84 -88.74
C ASN H 896 57.03 -0.59 -89.74
N ALA H 897 57.67 0.58 -89.68
CA ALA H 897 58.67 0.94 -90.68
C ALA H 897 60.10 0.58 -90.29
N ASP H 898 60.45 0.64 -89.00
CA ASP H 898 61.85 0.68 -88.60
C ASP H 898 62.29 -0.40 -87.61
N PHE H 899 61.38 -1.08 -86.93
CA PHE H 899 61.75 -1.93 -85.80
C PHE H 899 61.58 -3.41 -86.14
N GLN H 900 62.30 -4.24 -85.39
CA GLN H 900 62.24 -5.68 -85.59
C GLN H 900 60.96 -6.30 -85.03
N LYS H 901 60.24 -5.59 -84.16
CA LYS H 901 58.93 -6.02 -83.69
C LYS H 901 57.89 -5.05 -84.21
N PRO H 902 57.17 -5.38 -85.27
CA PRO H 902 56.18 -4.45 -85.82
C PRO H 902 54.91 -4.42 -85.00
N TRP H 903 54.05 -3.47 -85.32
CA TRP H 903 52.72 -3.40 -84.72
C TRP H 903 51.87 -4.53 -85.28
N PHE H 904 51.38 -5.40 -84.40
CA PHE H 904 50.72 -6.62 -84.85
C PHE H 904 49.48 -6.32 -85.67
N ALA H 905 48.62 -5.43 -85.18
CA ALA H 905 47.34 -5.15 -85.82
C ALA H 905 47.55 -4.22 -87.01
N THR H 906 48.09 -4.79 -88.09
CA THR H 906 48.31 -4.03 -89.31
C THR H 906 47.90 -4.95 -90.42
N VAL H 907 46.85 -4.62 -91.15
CA VAL H 907 46.28 -5.41 -92.23
C VAL H 907 46.52 -4.68 -93.54
N ASN H 908 47.27 -5.30 -94.44
CA ASN H 908 47.59 -4.68 -95.72
C ASN H 908 48.07 -3.26 -95.56
N GLY H 909 49.02 -3.03 -94.68
CA GLY H 909 49.60 -1.71 -94.53
C GLY H 909 48.77 -0.73 -93.75
N GLN H 910 47.60 -1.14 -93.32
CA GLN H 910 46.68 -0.22 -92.66
C GLN H 910 46.74 -0.48 -91.16
N ALA H 911 47.12 0.54 -90.40
CA ALA H 911 47.21 0.40 -88.96
C ALA H 911 45.82 0.22 -88.35
N ARG H 912 45.73 -0.68 -87.39
CA ARG H 912 44.44 -1.04 -86.78
C ARG H 912 44.66 -1.29 -85.30
N ASP H 913 43.67 -1.90 -84.66
CA ASP H 913 43.79 -2.41 -83.31
C ASP H 913 43.20 -3.82 -83.28
N LEU H 914 43.61 -4.59 -82.27
CA LEU H 914 43.11 -5.95 -82.14
C LEU H 914 41.59 -5.98 -82.15
N ALA H 915 40.96 -4.98 -81.55
CA ALA H 915 39.50 -4.92 -81.50
C ALA H 915 38.87 -4.67 -82.86
N THR H 916 39.65 -4.30 -83.87
CA THR H 916 39.13 -3.95 -85.19
C THR H 916 39.62 -4.92 -86.26
N MET H 917 40.07 -6.11 -85.86
CA MET H 917 40.46 -7.16 -86.78
C MET H 917 39.53 -8.35 -86.66
N THR H 918 39.32 -9.05 -87.76
CA THR H 918 38.55 -10.28 -87.75
C THR H 918 39.44 -11.44 -87.32
N TYR H 919 38.79 -12.55 -86.96
CA TYR H 919 39.55 -13.73 -86.54
C TYR H 919 40.44 -14.23 -87.66
N GLU H 920 39.93 -14.24 -88.89
CA GLU H 920 40.74 -14.65 -90.03
C GLU H 920 41.94 -13.74 -90.19
N GLU H 921 41.76 -12.46 -90.00
CA GLU H 921 42.87 -11.55 -90.13
C GLU H 921 43.91 -11.82 -89.04
N VAL H 922 43.47 -12.08 -87.83
CA VAL H 922 44.41 -12.38 -86.75
C VAL H 922 45.20 -13.63 -87.08
N ALA H 923 44.53 -14.67 -87.56
CA ALA H 923 45.22 -15.90 -87.91
C ALA H 923 46.22 -15.67 -89.04
N LYS H 924 45.84 -14.91 -90.04
CA LYS H 924 46.71 -14.69 -91.16
C LYS H 924 47.94 -13.88 -90.76
N ARG H 925 47.77 -12.95 -89.84
CA ARG H 925 48.87 -12.10 -89.40
C ARG H 925 49.78 -12.94 -88.54
N LEU H 926 49.21 -13.80 -87.71
CA LEU H 926 50.05 -14.73 -86.96
C LEU H 926 50.91 -15.56 -87.89
N VAL H 927 50.31 -16.11 -88.96
CA VAL H 927 51.07 -16.94 -89.89
C VAL H 927 52.13 -16.11 -90.61
N GLU H 928 51.79 -14.87 -90.97
CA GLU H 928 52.74 -14.02 -91.68
C GLU H 928 53.95 -13.72 -90.81
N LEU H 929 53.73 -13.44 -89.52
CA LEU H 929 54.82 -13.04 -88.65
C LEU H 929 55.55 -14.20 -87.99
N MET H 930 54.97 -15.41 -87.97
CA MET H 930 55.55 -16.51 -87.23
C MET H 930 56.00 -17.67 -88.10
N PHE H 931 55.44 -17.82 -89.28
CA PHE H 931 55.83 -18.91 -90.16
C PHE H 931 56.79 -18.43 -91.23
N ILE H 932 57.87 -19.17 -91.42
CA ILE H 932 58.91 -18.79 -92.37
C ILE H 932 58.69 -19.54 -93.67
N ARG H 933 58.54 -18.82 -94.76
CA ARG H 933 58.23 -19.49 -96.01
C ARG H 933 59.52 -20.03 -96.64
N SER H 934 60.64 -19.32 -96.49
CA SER H 934 61.88 -19.80 -97.09
C SER H 934 62.20 -21.22 -96.64
N THR H 935 62.17 -21.46 -95.33
CA THR H 935 62.37 -22.80 -94.79
C THR H 935 61.07 -23.58 -94.66
N ASN H 936 59.93 -22.96 -94.96
CA ASN H 936 58.61 -23.61 -94.88
C ASN H 936 58.36 -24.28 -93.55
N SER H 937 58.67 -23.58 -92.47
CA SER H 937 58.50 -24.11 -91.13
C SER H 937 58.21 -22.98 -90.17
N TRP H 938 57.71 -23.35 -89.00
CA TRP H 938 57.52 -22.39 -87.92
C TRP H 938 58.86 -22.13 -87.24
N PHE H 939 59.19 -20.85 -87.06
CA PHE H 939 60.50 -20.52 -86.51
C PHE H 939 60.69 -21.12 -85.13
N ASP H 940 59.63 -21.10 -84.32
CA ASP H 940 59.66 -21.70 -82.99
C ASP H 940 58.41 -22.54 -82.84
N VAL H 941 58.52 -23.70 -82.22
CA VAL H 941 57.37 -24.59 -82.06
C VAL H 941 56.33 -23.95 -81.15
N THR H 942 56.78 -23.10 -80.25
CA THR H 942 55.88 -22.45 -79.32
C THR H 942 54.99 -21.47 -80.05
N TRP H 943 55.49 -20.88 -81.11
CA TRP H 943 54.68 -20.00 -81.93
C TRP H 943 53.60 -20.78 -82.68
N ARG H 944 53.94 -21.97 -83.16
CA ARG H 944 52.91 -22.85 -83.73
C ARG H 944 51.87 -23.21 -82.68
N THR H 945 52.27 -23.44 -81.46
CA THR H 945 51.31 -23.74 -80.40
C THR H 945 50.43 -22.53 -80.15
N PHE H 946 51.00 -21.34 -80.16
CA PHE H 946 50.21 -20.11 -80.04
C PHE H 946 49.13 -20.05 -81.12
N THR H 947 49.52 -20.23 -82.38
CA THR H 947 48.56 -20.12 -83.47
C THR H 947 47.49 -21.21 -83.39
N GLY H 948 47.90 -22.43 -83.05
CA GLY H 948 46.93 -23.50 -82.90
C GLY H 948 45.93 -23.23 -81.79
N ASP H 949 46.42 -22.69 -80.67
CA ASP H 949 45.52 -22.33 -79.58
C ASP H 949 44.54 -21.25 -80.01
N PHE H 950 45.02 -20.27 -80.78
CA PHE H 950 44.11 -19.24 -81.27
C PHE H 950 43.04 -19.82 -82.18
N LEU H 951 43.42 -20.73 -83.08
CA LEU H 951 42.43 -21.37 -83.95
C LEU H 951 41.44 -22.17 -83.12
N ARG H 952 41.92 -22.85 -82.09
CA ARG H 952 41.04 -23.59 -81.18
C ARG H 952 40.04 -22.65 -80.50
N ARG H 953 40.45 -21.44 -80.12
CA ARG H 953 39.53 -20.48 -79.49
C ARG H 953 38.56 -19.94 -80.52
N VAL H 954 38.99 -19.84 -81.75
CA VAL H 954 38.04 -19.44 -82.79
C VAL H 954 36.94 -20.50 -82.91
N GLU H 955 37.33 -21.76 -83.00
CA GLU H 955 36.35 -22.84 -83.10
C GLU H 955 35.43 -22.84 -81.88
N GLU H 956 35.95 -22.60 -80.69
CA GLU H 956 35.12 -22.52 -79.51
C GLU H 956 34.10 -21.41 -79.59
N ARG H 957 34.51 -20.25 -80.09
CA ARG H 957 33.59 -19.11 -80.13
C ARG H 957 32.45 -19.23 -81.12
N PHE H 958 32.66 -19.85 -82.26
CA PHE H 958 31.63 -19.92 -83.31
C PHE H 958 30.97 -21.27 -83.43
N THR H 959 31.41 -22.23 -82.64
CA THR H 959 30.76 -23.52 -82.64
C THR H 959 29.44 -23.34 -81.95
N LYS H 960 28.48 -24.23 -82.17
CA LYS H 960 27.17 -24.08 -81.57
C LYS H 960 26.83 -25.27 -80.71
N SER H 961 27.69 -26.30 -80.66
CA SER H 961 27.44 -27.42 -79.77
C SER H 961 28.70 -28.27 -79.70
N LYS H 962 28.64 -29.32 -78.89
CA LYS H 962 29.66 -30.35 -78.84
C LYS H 962 30.14 -30.71 -80.25
N THR H 963 31.45 -30.69 -80.45
CA THR H 963 31.99 -31.04 -81.76
C THR H 963 33.47 -31.39 -81.64
N LEU H 964 33.98 -32.02 -82.69
CA LEU H 964 35.39 -32.39 -82.75
C LEU H 964 36.22 -31.25 -83.31
N SER H 965 37.35 -30.98 -82.67
CA SER H 965 38.27 -29.96 -83.16
C SER H 965 38.83 -30.36 -84.53
N LEU H 966 38.91 -29.38 -85.43
CA LEU H 966 39.45 -29.65 -86.76
C LEU H 966 40.96 -29.79 -86.72
N ILE H 967 41.63 -29.13 -85.79
CA ILE H 967 43.07 -29.28 -85.59
C ILE H 967 43.24 -30.23 -84.41
N GLN H 968 43.28 -31.53 -84.71
CA GLN H 968 43.48 -32.52 -83.66
C GLN H 968 44.93 -32.51 -83.16
N SER H 969 45.88 -32.26 -84.05
CA SER H 969 47.29 -32.12 -83.70
C SER H 969 47.83 -30.85 -84.32
N TYR H 970 48.68 -30.15 -83.58
CA TYR H 970 49.27 -28.92 -84.10
C TYR H 970 50.24 -29.19 -85.24
N SER H 971 50.63 -30.45 -85.43
CA SER H 971 51.46 -30.80 -86.58
C SER H 971 50.76 -30.52 -87.90
N LEU H 972 49.43 -30.39 -87.87
CA LEU H 972 48.69 -30.00 -89.07
C LEU H 972 48.95 -28.56 -89.48
N LEU H 973 49.50 -27.75 -88.59
CA LEU H 973 49.83 -26.36 -88.91
C LEU H 973 51.10 -26.25 -89.75
N ASP H 974 51.79 -27.36 -90.02
CA ASP H 974 53.02 -27.31 -90.81
C ASP H 974 52.78 -26.81 -92.22
N LYS H 975 51.53 -26.76 -92.68
CA LYS H 975 51.12 -25.99 -93.85
C LYS H 975 49.99 -25.08 -93.39
N PRO H 976 50.32 -23.92 -92.83
CA PRO H 976 49.30 -23.14 -92.09
C PRO H 976 48.14 -22.69 -92.95
N ASP H 977 48.36 -22.39 -94.23
CA ASP H 977 47.29 -21.85 -95.05
C ASP H 977 46.13 -22.84 -95.16
N GLU H 978 46.44 -24.12 -95.36
CA GLU H 978 45.39 -25.12 -95.48
C GLU H 978 44.59 -25.25 -94.19
N ALA H 979 45.29 -25.26 -93.04
CA ALA H 979 44.59 -25.36 -91.77
C ALA H 979 43.70 -24.14 -91.54
N ILE H 980 44.20 -22.95 -91.86
CA ILE H 980 43.39 -21.74 -91.70
C ILE H 980 42.16 -21.81 -92.59
N GLU H 981 42.33 -22.22 -93.84
CA GLU H 981 41.20 -22.31 -94.75
C GLU H 981 40.18 -23.31 -94.25
N LYS H 982 40.64 -24.43 -93.72
CA LYS H 982 39.73 -25.40 -93.17
C LYS H 982 38.96 -24.86 -92.00
N VAL H 983 39.64 -24.24 -91.05
CA VAL H 983 38.99 -23.75 -89.85
C VAL H 983 37.96 -22.68 -90.22
N PHE H 984 38.32 -21.76 -91.11
CA PHE H 984 37.42 -20.66 -91.43
C PHE H 984 36.39 -21.01 -92.49
N ASN H 985 36.43 -22.22 -93.04
CA ASN H 985 35.38 -22.67 -93.94
C ASN H 985 34.30 -23.29 -93.07
N ALA H 986 34.69 -23.95 -92.00
CA ALA H 986 33.74 -24.53 -91.09
C ALA H 986 33.05 -23.48 -90.25
N TYR H 987 33.68 -22.31 -90.09
CA TYR H 987 33.12 -21.22 -89.31
C TYR H 987 33.23 -19.93 -90.08
N PRO H 988 32.49 -19.82 -91.18
CA PRO H 988 32.59 -18.66 -92.06
C PRO H 988 32.29 -17.31 -91.41
N ALA H 989 31.47 -17.30 -90.36
CA ALA H 989 31.11 -16.07 -89.70
C ALA H 989 32.32 -15.38 -89.12
N ALA H 990 33.31 -16.16 -88.71
CA ALA H 990 34.51 -15.59 -88.12
C ALA H 990 35.33 -14.79 -89.13
N ARG H 991 35.00 -14.86 -90.40
CA ARG H 991 35.79 -14.14 -91.39
C ARG H 991 35.35 -12.67 -91.58
N GLU H 992 34.27 -12.25 -90.95
CA GLU H 992 33.80 -10.87 -91.07
C GLU H 992 33.31 -10.33 -89.73
N GLN H 993 33.82 -10.90 -88.64
CA GLN H 993 33.42 -10.47 -87.32
C GLN H 993 34.65 -10.15 -86.51
N PHE H 994 34.71 -8.94 -86.00
CA PHE H 994 35.81 -8.53 -85.14
C PHE H 994 35.96 -9.38 -83.89
N LEU H 995 37.11 -9.30 -83.26
CA LEU H 995 37.41 -10.10 -82.10
C LEU H 995 36.51 -9.72 -80.93
N ASN H 996 35.96 -10.74 -80.26
CA ASN H 996 35.26 -10.52 -79.01
C ASN H 996 36.21 -9.94 -77.97
N ALA H 997 35.71 -9.01 -77.15
CA ALA H 997 36.55 -8.40 -76.13
C ALA H 997 37.21 -9.46 -75.26
N GLN H 998 36.49 -10.55 -75.01
CA GLN H 998 37.02 -11.63 -74.21
C GLN H 998 38.15 -12.32 -74.94
N ASP H 999 38.07 -12.36 -76.27
CA ASP H 999 39.14 -12.96 -77.06
C ASP H 999 40.32 -12.01 -77.23
N ILE H 1000 40.09 -10.69 -77.21
CA ILE H 1000 41.21 -9.75 -77.15
C ILE H 1000 42.00 -9.97 -75.87
N ASP H 1001 41.29 -10.08 -74.74
CA ASP H 1001 41.96 -10.33 -73.48
C ASP H 1001 42.71 -11.65 -73.50
N HIS H 1002 42.11 -12.69 -74.08
CA HIS H 1002 42.76 -13.99 -74.17
C HIS H 1002 44.02 -13.93 -75.01
N PHE H 1003 43.94 -13.27 -76.17
CA PHE H 1003 45.12 -13.12 -77.03
C PHE H 1003 46.25 -12.41 -76.28
N LEU H 1004 45.96 -11.32 -75.63
CA LEU H 1004 47.00 -10.58 -74.94
C LEU H 1004 47.52 -11.33 -73.73
N SER H 1005 46.70 -12.14 -73.09
CA SER H 1005 47.17 -12.95 -71.97
C SER H 1005 48.11 -14.04 -72.43
N MET H 1006 47.79 -14.68 -73.57
CA MET H 1006 48.67 -15.72 -74.08
C MET H 1006 49.88 -15.14 -74.81
N CYS H 1007 49.88 -13.83 -75.09
CA CYS H 1007 51.11 -13.15 -75.48
C CYS H 1007 52.09 -12.99 -74.32
N GLN H 1008 51.69 -13.34 -73.11
CA GLN H 1008 52.54 -13.16 -71.96
C GLN H 1008 52.96 -14.49 -71.34
N ASN H 1009 52.72 -15.60 -72.03
CA ASN H 1009 53.06 -16.90 -71.51
C ASN H 1009 54.58 -17.06 -71.32
N PRO H 1010 55.05 -17.11 -70.07
CA PRO H 1010 56.51 -17.17 -69.87
C PRO H 1010 57.15 -18.39 -70.51
N MET H 1011 56.46 -19.53 -70.52
CA MET H 1011 57.01 -20.77 -71.09
C MET H 1011 56.74 -20.79 -72.60
N GLN H 1012 57.24 -19.76 -73.30
CA GLN H 1012 57.07 -19.66 -74.76
C GLN H 1012 58.03 -18.59 -75.24
N LYS H 1013 58.46 -18.64 -76.50
CA LYS H 1013 59.32 -17.62 -77.02
C LYS H 1013 58.53 -16.34 -77.20
N PRO H 1014 59.10 -15.21 -76.78
CA PRO H 1014 58.36 -13.95 -76.86
C PRO H 1014 57.83 -13.69 -78.28
N VAL H 1015 56.60 -13.21 -78.44
CA VAL H 1015 56.01 -13.02 -79.77
C VAL H 1015 56.80 -11.97 -80.54
N PRO H 1016 56.96 -12.11 -81.86
CA PRO H 1016 57.75 -11.15 -82.64
C PRO H 1016 56.96 -9.92 -83.10
N PHE H 1017 56.22 -9.32 -82.18
CA PHE H 1017 55.43 -8.14 -82.52
C PHE H 1017 55.00 -7.44 -81.24
N VAL H 1018 54.48 -6.22 -81.41
CA VAL H 1018 53.94 -5.43 -80.31
C VAL H 1018 52.40 -5.50 -80.42
N PRO H 1019 51.70 -6.13 -79.47
CA PRO H 1019 50.26 -6.31 -79.63
C PRO H 1019 49.41 -5.16 -79.12
N VAL H 1020 49.95 -4.31 -78.26
CA VAL H 1020 49.17 -3.25 -77.63
C VAL H 1020 50.13 -2.20 -77.08
N LEU H 1021 49.62 -0.98 -76.92
CA LEU H 1021 50.37 0.12 -76.28
C LEU H 1021 49.73 0.37 -74.92
N ASP H 1022 50.51 0.14 -73.88
CA ASP H 1022 50.02 0.32 -72.56
C ASP H 1022 51.21 0.42 -71.65
N ARG H 1023 51.03 0.18 -70.37
CA ARG H 1023 52.09 0.32 -69.40
C ARG H 1023 53.25 -0.61 -69.67
N ARG H 1024 52.98 -1.74 -70.32
CA ARG H 1024 54.00 -2.72 -70.59
C ARG H 1024 54.65 -2.52 -71.93
N PHE H 1025 54.61 -1.32 -72.47
CA PHE H 1025 55.13 -1.09 -73.81
C PHE H 1025 56.65 -1.27 -73.85
N GLU H 1026 57.35 -0.82 -72.81
CA GLU H 1026 58.80 -0.98 -72.79
C GLU H 1026 59.18 -2.46 -72.83
N ILE H 1027 58.52 -3.28 -72.02
CA ILE H 1027 58.80 -4.70 -72.01
C ILE H 1027 58.50 -5.32 -73.37
N PHE H 1028 57.35 -4.96 -73.95
CA PHE H 1028 57.02 -5.51 -75.26
C PHE H 1028 58.03 -5.08 -76.32
N PHE H 1029 58.55 -3.86 -76.20
CA PHE H 1029 59.46 -3.32 -77.21
C PHE H 1029 60.86 -3.92 -77.12
N LYS H 1030 61.37 -4.10 -75.89
CA LYS H 1030 62.79 -4.41 -75.71
C LYS H 1030 63.08 -5.90 -75.52
N LYS H 1031 62.11 -6.69 -75.07
CA LYS H 1031 62.40 -8.06 -74.69
C LYS H 1031 62.83 -8.90 -75.90
N ASP H 1032 63.79 -9.80 -75.68
CA ASP H 1032 64.25 -10.70 -76.72
C ASP H 1032 64.68 -9.95 -77.95
N SER H 1033 65.68 -9.10 -77.81
CA SER H 1033 66.09 -8.24 -78.91
C SER H 1033 67.38 -8.61 -79.62
N LEU H 1034 68.07 -9.65 -79.19
CA LEU H 1034 69.38 -9.98 -79.76
C LEU H 1034 69.49 -11.13 -80.76
N TRP H 1035 68.46 -11.94 -80.91
CA TRP H 1035 68.53 -13.11 -81.77
C TRP H 1035 68.23 -12.82 -83.21
N GLN H 1036 67.53 -11.74 -83.47
CA GLN H 1036 67.11 -11.44 -84.84
C GLN H 1036 68.24 -11.18 -85.82
N SER H 1037 69.39 -10.74 -85.33
CA SER H 1037 70.53 -10.46 -86.20
C SER H 1037 71.15 -11.72 -86.76
N GLU H 1038 70.99 -12.86 -86.11
CA GLU H 1038 71.46 -14.11 -86.69
C GLU H 1038 70.36 -14.92 -87.37
N HIS H 1039 69.16 -14.39 -87.42
CA HIS H 1039 68.02 -15.11 -88.00
C HIS H 1039 67.18 -14.17 -88.84
N LEU H 1040 67.80 -13.43 -89.75
CA LEU H 1040 67.07 -12.43 -90.51
C LEU H 1040 65.97 -13.00 -91.39
N GLU H 1041 65.93 -14.31 -91.62
CA GLU H 1041 64.81 -14.88 -92.35
C GLU H 1041 63.49 -14.73 -91.58
N ALA H 1042 63.56 -14.55 -90.27
CA ALA H 1042 62.37 -14.39 -89.43
C ALA H 1042 62.07 -12.93 -89.12
N VAL H 1043 62.74 -12.00 -89.80
CA VAL H 1043 62.47 -10.58 -89.65
C VAL H 1043 61.54 -10.16 -90.77
N VAL H 1044 60.87 -9.02 -90.58
CA VAL H 1044 59.73 -8.67 -91.43
C VAL H 1044 60.12 -8.69 -92.90
N ASP H 1045 61.21 -8.02 -93.25
CA ASP H 1045 61.65 -7.92 -94.64
C ASP H 1045 63.08 -8.42 -94.82
N GLN H 1046 63.56 -9.27 -93.91
CA GLN H 1046 64.95 -9.70 -93.92
C GLN H 1046 65.88 -8.50 -93.91
N ASP H 1047 65.49 -7.48 -93.14
CA ASP H 1047 66.19 -6.20 -93.10
C ASP H 1047 66.97 -6.09 -91.80
N VAL H 1048 68.30 -5.94 -91.92
CA VAL H 1048 69.14 -5.74 -90.74
C VAL H 1048 68.80 -4.43 -90.06
N GLN H 1049 68.44 -3.41 -90.83
CA GLN H 1049 68.22 -2.09 -90.26
C GLN H 1049 67.12 -2.10 -89.22
N ARG H 1050 66.26 -3.12 -89.22
CA ARG H 1050 65.29 -3.28 -88.16
C ARG H 1050 65.90 -3.82 -86.88
N THR H 1051 67.01 -4.55 -87.01
CA THR H 1051 67.59 -5.26 -85.87
C THR H 1051 68.58 -4.58 -84.97
N CYS H 1052 68.96 -5.27 -83.92
CA CYS H 1052 69.91 -4.73 -82.95
C CYS H 1052 71.21 -5.54 -82.93
N ILE H 1053 72.33 -4.91 -83.24
CA ILE H 1053 73.64 -5.58 -83.28
C ILE H 1053 74.58 -4.94 -82.30
N LEU H 1054 75.21 -5.74 -81.47
CA LEU H 1054 76.14 -5.29 -80.45
C LEU H 1054 77.55 -5.22 -81.03
N HIS H 1055 78.18 -4.05 -80.92
CA HIS H 1055 79.52 -3.85 -81.47
C HIS H 1055 80.16 -2.68 -80.76
N GLY H 1056 81.50 -2.67 -80.76
CA GLY H 1056 82.26 -1.68 -80.03
C GLY H 1056 82.75 -0.54 -80.91
N PRO H 1057 82.65 0.70 -80.41
CA PRO H 1057 83.06 1.84 -81.25
C PRO H 1057 84.53 1.81 -81.64
N VAL H 1058 85.43 1.40 -80.74
CA VAL H 1058 86.87 1.42 -81.02
C VAL H 1058 87.37 0.15 -81.68
N ALA H 1059 86.83 -1.00 -81.31
CA ALA H 1059 87.20 -2.24 -81.97
C ALA H 1059 86.69 -2.31 -83.41
N ALA H 1060 85.71 -1.49 -83.75
CA ALA H 1060 85.16 -1.50 -85.09
C ALA H 1060 86.17 -1.01 -86.13
N GLN H 1061 87.23 -0.32 -85.71
CA GLN H 1061 88.22 0.17 -86.65
C GLN H 1061 88.97 -0.95 -87.37
N PHE H 1062 88.97 -2.16 -86.82
CA PHE H 1062 89.73 -3.27 -87.39
C PHE H 1062 88.83 -4.35 -87.96
N THR H 1063 87.51 -4.25 -87.80
CA THR H 1063 86.59 -5.27 -88.30
C THR H 1063 86.22 -4.90 -89.73
N LYS H 1064 87.00 -5.40 -90.67
CA LYS H 1064 86.89 -5.02 -92.08
C LYS H 1064 86.58 -6.19 -93.00
N VAL H 1065 87.34 -7.27 -92.89
CA VAL H 1065 87.20 -8.38 -93.82
C VAL H 1065 86.16 -9.41 -93.39
N ILE H 1066 85.17 -9.61 -94.21
CA ILE H 1066 84.04 -10.47 -93.89
C ILE H 1066 84.41 -11.91 -94.18
N ASP H 1067 83.91 -12.82 -93.33
CA ASP H 1067 84.03 -14.26 -93.54
C ASP H 1067 85.49 -14.74 -93.49
N GLU H 1068 86.35 -14.04 -92.79
CA GLU H 1068 87.71 -14.55 -92.58
C GLU H 1068 87.61 -15.54 -91.44
N PRO H 1069 88.11 -16.77 -91.61
CA PRO H 1069 87.97 -17.79 -90.58
C PRO H 1069 88.65 -17.38 -89.28
N ILE H 1070 88.07 -17.84 -88.17
CA ILE H 1070 88.57 -17.46 -86.85
C ILE H 1070 90.02 -17.88 -86.70
N LYS H 1071 90.37 -19.08 -87.19
CA LYS H 1071 91.75 -19.54 -87.18
C LYS H 1071 92.66 -18.47 -87.79
N SER H 1072 92.25 -17.93 -88.93
CA SER H 1072 93.07 -16.93 -89.61
C SER H 1072 93.26 -15.69 -88.75
N ILE H 1073 92.19 -15.18 -88.16
CA ILE H 1073 92.26 -13.97 -87.36
C ILE H 1073 93.13 -14.13 -86.12
N MET H 1074 92.97 -15.23 -85.39
CA MET H 1074 93.75 -15.45 -84.19
C MET H 1074 95.21 -15.77 -84.52
N ASP H 1075 95.44 -16.58 -85.56
CA ASP H 1075 96.81 -16.86 -85.98
C ASP H 1075 97.50 -15.60 -86.45
N GLY H 1076 96.77 -14.71 -87.13
CA GLY H 1076 97.38 -13.47 -87.55
C GLY H 1076 97.85 -12.63 -86.39
N ILE H 1077 97.00 -12.48 -85.37
CA ILE H 1077 97.39 -11.71 -84.20
C ILE H 1077 98.61 -12.36 -83.53
N HIS H 1078 98.57 -13.66 -83.32
CA HIS H 1078 99.64 -14.35 -82.63
C HIS H 1078 100.94 -14.31 -83.42
N ASP H 1079 100.87 -14.46 -84.73
CA ASP H 1079 102.08 -14.44 -85.55
C ASP H 1079 102.66 -13.03 -85.63
N GLY H 1080 101.81 -12.01 -85.67
CA GLY H 1080 102.32 -10.65 -85.58
C GLY H 1080 103.05 -10.40 -84.28
N HIS H 1081 102.47 -10.87 -83.16
CA HIS H 1081 103.16 -10.75 -81.88
C HIS H 1081 104.50 -11.47 -81.91
N ILE H 1082 104.55 -12.68 -82.43
CA ILE H 1082 105.78 -13.43 -82.47
C ILE H 1082 106.81 -12.74 -83.34
N LYS H 1083 106.40 -12.23 -84.49
CA LYS H 1083 107.35 -11.54 -85.37
C LYS H 1083 107.95 -10.33 -84.69
N LYS H 1084 107.10 -9.51 -84.06
CA LYS H 1084 107.60 -8.31 -83.39
C LYS H 1084 108.53 -8.68 -82.24
N LEU H 1085 108.15 -9.69 -81.43
CA LEU H 1085 109.01 -10.10 -80.33
C LEU H 1085 110.34 -10.64 -80.82
N LEU H 1086 110.30 -11.47 -81.87
CA LEU H 1086 111.54 -12.00 -82.44
C LEU H 1086 112.45 -10.86 -82.86
N HIS H 1087 111.90 -9.90 -83.60
CA HIS H 1087 112.72 -8.78 -84.06
C HIS H 1087 113.30 -8.00 -82.90
N GLN H 1088 112.48 -7.72 -81.89
CA GLN H 1088 112.92 -6.79 -80.84
C GLN H 1088 113.86 -7.45 -79.85
N TYR H 1089 113.70 -8.75 -79.57
CA TYR H 1089 114.37 -9.38 -78.44
C TYR H 1089 115.14 -10.65 -78.79
N TYR H 1090 115.22 -11.03 -80.06
CA TYR H 1090 115.91 -12.25 -80.45
C TYR H 1090 116.74 -12.11 -81.72
N GLY H 1091 116.92 -10.89 -82.24
CA GLY H 1091 117.73 -10.70 -83.43
C GLY H 1091 117.21 -11.41 -84.66
N ASP H 1092 115.88 -11.58 -84.77
CA ASP H 1092 115.28 -12.26 -85.92
C ASP H 1092 115.91 -13.63 -86.14
N ASP H 1093 116.21 -14.32 -85.03
CA ASP H 1093 116.86 -15.63 -85.07
C ASP H 1093 116.01 -16.59 -84.25
N GLU H 1094 115.29 -17.48 -84.94
CA GLU H 1094 114.46 -18.45 -84.25
C GLU H 1094 115.28 -19.48 -83.50
N SER H 1095 116.54 -19.67 -83.86
CA SER H 1095 117.42 -20.55 -83.10
C SER H 1095 117.67 -20.02 -81.70
N LYS H 1096 117.38 -18.73 -81.45
CA LYS H 1096 117.53 -18.16 -80.12
C LYS H 1096 116.41 -18.59 -79.19
N ILE H 1097 115.29 -19.08 -79.72
CA ILE H 1097 114.12 -19.37 -78.90
C ILE H 1097 114.37 -20.61 -78.06
N PRO H 1098 114.16 -20.53 -76.76
CA PRO H 1098 114.29 -21.74 -75.96
C PRO H 1098 113.27 -22.81 -76.36
N ALA H 1099 113.62 -24.08 -76.25
CA ALA H 1099 112.75 -25.18 -76.63
C ALA H 1099 112.48 -26.06 -75.42
N VAL H 1100 111.21 -26.43 -75.24
CA VAL H 1100 110.81 -27.37 -74.19
C VAL H 1100 110.09 -28.53 -74.87
N GLU H 1101 109.89 -29.63 -74.15
CA GLU H 1101 109.18 -30.75 -74.73
C GLU H 1101 107.75 -30.37 -75.01
N TYR H 1102 107.09 -29.83 -73.99
CA TYR H 1102 105.72 -29.40 -74.19
C TYR H 1102 105.54 -28.07 -73.48
N PHE H 1103 104.61 -27.24 -73.94
CA PHE H 1103 104.36 -25.93 -73.33
C PHE H 1103 103.04 -25.90 -72.64
N GLY H 1104 103.04 -25.70 -71.33
CA GLY H 1104 101.80 -25.58 -70.59
C GLY H 1104 101.83 -26.27 -69.24
N GLY H 1105 100.77 -26.13 -68.48
CA GLY H 1105 100.67 -26.79 -67.19
C GLY H 1105 101.43 -26.13 -66.07
N GLU H 1106 101.89 -24.90 -66.26
CA GLU H 1106 102.70 -24.20 -65.27
C GLU H 1106 101.84 -23.18 -64.53
N SER H 1107 101.68 -23.39 -63.23
CA SER H 1107 100.83 -22.50 -62.44
C SER H 1107 101.48 -21.12 -62.30
N PRO H 1108 100.69 -20.05 -62.27
CA PRO H 1108 101.29 -18.71 -62.12
C PRO H 1108 101.96 -18.49 -60.78
N VAL H 1109 101.65 -19.29 -59.78
CA VAL H 1109 102.19 -19.09 -58.43
C VAL H 1109 103.58 -19.71 -58.32
N ASP H 1123 121.12 -38.98 -61.58
CA ASP H 1123 120.80 -40.03 -62.55
C ASP H 1123 120.33 -41.27 -61.83
N SER H 1124 120.69 -41.41 -60.55
CA SER H 1124 120.18 -42.53 -59.78
C SER H 1124 119.91 -42.03 -58.36
N ALA H 1125 118.65 -42.06 -57.94
CA ALA H 1125 118.24 -41.49 -56.68
C ALA H 1125 117.31 -42.45 -55.95
N VAL H 1126 117.19 -42.23 -54.64
CA VAL H 1126 116.28 -42.99 -53.78
C VAL H 1126 115.54 -42.00 -52.90
N PHE H 1127 114.22 -42.10 -52.86
CA PHE H 1127 113.39 -41.23 -52.04
C PHE H 1127 112.57 -42.08 -51.08
N LYS H 1128 112.42 -41.57 -49.86
CA LYS H 1128 111.67 -42.27 -48.82
C LYS H 1128 110.61 -41.34 -48.27
N ALA H 1129 109.39 -41.84 -48.16
CA ALA H 1129 108.27 -41.04 -47.67
C ALA H 1129 108.10 -41.23 -46.17
N THR H 1130 107.46 -40.25 -45.54
CA THR H 1130 107.16 -40.26 -44.12
C THR H 1130 105.80 -39.63 -43.91
N SER H 1131 105.37 -39.59 -42.64
CA SER H 1131 104.10 -38.94 -42.33
C SER H 1131 104.16 -37.45 -42.62
N SER H 1132 105.30 -36.81 -42.30
CA SER H 1132 105.41 -35.36 -42.38
C SER H 1132 105.87 -34.86 -43.74
N THR H 1133 106.29 -35.75 -44.65
CA THR H 1133 106.74 -35.31 -45.96
C THR H 1133 105.62 -34.54 -46.66
N ASP H 1134 105.97 -33.35 -47.18
CA ASP H 1134 104.99 -32.54 -47.88
C ASP H 1134 104.82 -33.04 -49.30
N GLU H 1135 103.56 -33.12 -49.74
CA GLU H 1135 103.25 -33.75 -51.01
C GLU H 1135 103.87 -33.00 -52.18
N GLU H 1136 103.82 -31.67 -52.15
CA GLU H 1136 104.24 -30.88 -53.31
C GLU H 1136 105.72 -31.08 -53.61
N SER H 1137 106.57 -31.02 -52.58
CA SER H 1137 107.99 -31.19 -52.81
C SER H 1137 108.32 -32.63 -53.20
N TRP H 1138 107.60 -33.60 -52.63
CA TRP H 1138 107.80 -34.99 -53.01
C TRP H 1138 107.54 -35.19 -54.50
N PHE H 1139 106.43 -34.64 -54.98
CA PHE H 1139 106.10 -34.78 -56.40
C PHE H 1139 107.04 -33.95 -57.27
N LYS H 1140 107.50 -32.80 -56.78
CA LYS H 1140 108.47 -32.01 -57.54
C LYS H 1140 109.77 -32.78 -57.71
N ALA H 1141 110.20 -33.48 -56.66
CA ALA H 1141 111.42 -34.28 -56.76
C ALA H 1141 111.22 -35.49 -57.67
N LEU H 1142 110.07 -36.16 -57.58
CA LEU H 1142 109.83 -37.31 -58.44
C LEU H 1142 109.74 -36.90 -59.91
N ALA H 1143 109.15 -35.74 -60.18
CA ALA H 1143 108.97 -35.31 -61.57
C ALA H 1143 110.31 -35.08 -62.26
N GLY H 1144 111.25 -34.42 -61.58
CA GLY H 1144 112.50 -34.04 -62.19
C GLY H 1144 112.47 -32.62 -62.76
N SER H 1145 113.67 -32.09 -62.98
CA SER H 1145 113.79 -30.70 -63.42
C SER H 1145 113.44 -30.53 -64.90
N GLU H 1146 113.67 -31.55 -65.72
CA GLU H 1146 113.49 -31.41 -67.16
C GLU H 1146 112.05 -31.67 -67.56
N ILE H 1147 111.58 -30.95 -68.57
CA ILE H 1147 110.23 -31.11 -69.10
C ILE H 1147 110.24 -32.32 -70.03
N ASN H 1148 109.58 -33.40 -69.62
CA ASN H 1148 109.54 -34.63 -70.39
C ASN H 1148 108.37 -35.48 -69.89
N TRP H 1149 108.34 -36.74 -70.30
CA TRP H 1149 107.22 -37.60 -69.93
C TRP H 1149 107.11 -37.77 -68.42
N ARG H 1150 108.26 -37.89 -67.74
CA ARG H 1150 108.24 -38.01 -66.27
C ARG H 1150 107.67 -36.74 -65.63
N HIS H 1151 108.07 -35.58 -66.15
CA HIS H 1151 107.55 -34.32 -65.64
C HIS H 1151 106.03 -34.28 -65.70
N ALA H 1152 105.46 -34.59 -66.87
CA ALA H 1152 104.01 -34.61 -67.00
C ALA H 1152 103.38 -35.69 -66.13
N SER H 1153 104.01 -36.86 -66.08
CA SER H 1153 103.45 -37.95 -65.30
C SER H 1153 103.28 -37.57 -63.84
N PHE H 1154 104.23 -36.83 -63.28
CA PHE H 1154 104.21 -36.53 -61.85
C PHE H 1154 103.71 -35.13 -61.51
N LEU H 1155 103.49 -34.26 -62.50
CA LEU H 1155 103.04 -32.90 -62.22
C LEU H 1155 101.71 -32.54 -62.87
N CYS H 1156 101.36 -33.13 -63.99
CA CYS H 1156 100.04 -32.87 -64.57
C CYS H 1156 98.96 -33.27 -63.58
N SER H 1157 97.98 -32.38 -63.40
CA SER H 1157 96.94 -32.63 -62.39
C SER H 1157 95.82 -33.50 -62.93
N PHE H 1158 95.62 -33.53 -64.24
CA PHE H 1158 94.56 -34.32 -64.85
C PHE H 1158 95.12 -35.08 -66.05
N ILE H 1159 94.50 -36.21 -66.35
CA ILE H 1159 94.76 -36.95 -67.57
C ILE H 1159 93.47 -37.02 -68.37
N THR H 1160 93.57 -37.55 -69.58
CA THR H 1160 92.47 -37.54 -70.54
C THR H 1160 91.93 -38.95 -70.74
N GLN H 1161 90.62 -39.09 -70.62
CA GLN H 1161 89.91 -40.30 -71.00
C GLN H 1161 89.50 -40.15 -72.47
N ASP H 1162 88.61 -41.02 -72.95
CA ASP H 1162 88.12 -40.93 -74.32
C ASP H 1162 87.98 -39.47 -74.75
N LYS H 1163 87.23 -38.68 -73.98
CA LYS H 1163 87.24 -37.22 -74.13
C LYS H 1163 87.15 -36.49 -72.81
N MET H 1164 87.15 -37.19 -71.67
CA MET H 1164 86.92 -36.59 -70.37
C MET H 1164 88.24 -36.35 -69.65
N PHE H 1165 88.17 -35.54 -68.59
CA PHE H 1165 89.32 -35.19 -67.77
C PHE H 1165 89.15 -35.81 -66.39
N VAL H 1166 90.13 -36.60 -65.96
CA VAL H 1166 90.06 -37.31 -64.70
C VAL H 1166 91.36 -37.11 -63.93
N SER H 1167 91.27 -37.21 -62.62
CA SER H 1167 92.43 -36.94 -61.77
C SER H 1167 93.57 -37.89 -62.11
N ASN H 1168 94.79 -37.34 -62.10
CA ASN H 1168 95.99 -38.07 -62.49
C ASN H 1168 96.15 -39.34 -61.66
N PRO H 1169 95.94 -40.53 -62.25
CA PRO H 1169 96.10 -41.75 -61.46
C PRO H 1169 97.50 -41.95 -60.92
N ILE H 1170 98.51 -41.51 -61.66
CA ILE H 1170 99.90 -41.71 -61.24
C ILE H 1170 100.16 -40.98 -59.93
N ARG H 1171 99.69 -39.75 -59.81
CA ARG H 1171 99.92 -38.99 -58.58
C ARG H 1171 99.26 -39.65 -57.39
N LYS H 1172 98.04 -40.17 -57.57
CA LYS H 1172 97.33 -40.77 -56.46
C LYS H 1172 97.99 -42.05 -56.07
N VAL H 1173 98.56 -42.73 -57.04
CA VAL H 1173 99.25 -43.97 -56.75
C VAL H 1173 100.59 -43.69 -56.06
N PHE H 1174 101.21 -42.56 -56.35
CA PHE H 1174 102.50 -42.19 -55.77
C PHE H 1174 102.35 -41.22 -54.60
N LYS H 1175 101.14 -41.01 -54.11
CA LYS H 1175 100.92 -40.10 -52.99
C LYS H 1175 101.76 -40.55 -51.80
N PRO H 1176 102.61 -39.69 -51.24
CA PRO H 1176 103.57 -40.17 -50.24
C PRO H 1176 102.90 -40.64 -48.96
N SER H 1177 103.40 -41.75 -48.43
CA SER H 1177 102.95 -42.27 -47.14
C SER H 1177 104.09 -43.06 -46.52
N GLN H 1178 104.04 -43.20 -45.21
CA GLN H 1178 105.13 -43.87 -44.49
C GLN H 1178 105.33 -45.28 -45.03
N GLY H 1179 106.59 -45.62 -45.31
CA GLY H 1179 106.96 -46.92 -45.81
C GLY H 1179 107.23 -46.97 -47.30
N MET H 1180 106.75 -45.99 -48.06
CA MET H 1180 106.97 -45.98 -49.50
C MET H 1180 108.41 -45.61 -49.81
N VAL H 1181 109.02 -46.35 -50.73
CA VAL H 1181 110.39 -46.11 -51.18
C VAL H 1181 110.39 -46.12 -52.70
N VAL H 1182 110.85 -45.02 -53.30
CA VAL H 1182 110.85 -44.84 -54.74
C VAL H 1182 112.29 -44.81 -55.24
N GLU H 1183 112.56 -45.57 -56.29
CA GLU H 1183 113.89 -45.70 -56.86
C GLU H 1183 113.86 -45.26 -58.31
N ILE H 1184 114.69 -44.28 -58.67
CA ILE H 1184 114.79 -43.77 -60.02
C ILE H 1184 116.17 -44.11 -60.58
N SER H 1185 116.21 -44.54 -61.83
CA SER H 1185 117.44 -44.91 -62.50
C SER H 1185 117.45 -44.35 -63.91
N ASN H 1186 118.58 -43.77 -64.33
CA ASN H 1186 118.70 -43.16 -65.64
C ASN H 1186 117.84 -41.91 -65.76
N GLY H 1187 117.69 -41.15 -64.70
CA GLY H 1187 116.84 -39.98 -64.72
C GLY H 1187 117.29 -38.93 -65.72
N ASN H 1188 118.51 -39.04 -66.21
CA ASN H 1188 119.06 -38.06 -67.12
C ASN H 1188 118.75 -38.37 -68.58
N THR H 1189 118.37 -39.60 -68.89
CA THR H 1189 117.94 -39.95 -70.24
C THR H 1189 116.49 -40.32 -70.12
N SER H 1190 115.57 -39.44 -70.51
CA SER H 1190 114.15 -39.68 -70.30
C SER H 1190 113.70 -40.97 -70.97
N SER H 1191 114.23 -41.27 -72.15
CA SER H 1191 113.80 -42.46 -72.88
C SER H 1191 114.12 -43.75 -72.13
N LYS H 1192 115.00 -43.70 -71.13
CA LYS H 1192 115.39 -44.90 -70.40
C LYS H 1192 115.11 -44.81 -68.91
N THR H 1193 114.51 -43.71 -68.44
CA THR H 1193 114.24 -43.58 -67.01
C THR H 1193 113.20 -44.61 -66.57
N VAL H 1194 113.43 -45.21 -65.41
CA VAL H 1194 112.51 -46.16 -64.81
C VAL H 1194 112.30 -45.76 -63.36
N VAL H 1195 111.06 -45.49 -62.99
CA VAL H 1195 110.70 -45.13 -61.62
C VAL H 1195 110.03 -46.32 -60.97
N THR H 1196 110.69 -46.89 -59.96
CA THR H 1196 110.21 -48.08 -59.27
C THR H 1196 109.81 -47.72 -57.85
N LEU H 1197 108.58 -48.07 -57.47
CA LEU H 1197 108.07 -47.85 -56.14
C LEU H 1197 108.02 -49.18 -55.40
N SER H 1198 108.56 -49.21 -54.19
CA SER H 1198 108.55 -50.39 -53.34
C SER H 1198 107.93 -50.04 -52.01
N GLU H 1199 107.08 -50.92 -51.50
CA GLU H 1199 106.41 -50.75 -50.22
C GLU H 1199 106.57 -52.03 -49.41
N PRO H 1200 106.46 -51.94 -48.08
CA PRO H 1200 106.49 -53.16 -47.27
C PRO H 1200 105.24 -54.01 -47.50
N VAL H 1201 105.45 -55.23 -47.99
CA VAL H 1201 104.38 -56.20 -48.14
C VAL H 1201 104.78 -57.45 -47.38
N GLN H 1202 103.97 -57.84 -46.40
CA GLN H 1202 104.24 -59.00 -45.56
C GLN H 1202 105.58 -58.84 -44.83
N GLY H 1203 105.98 -57.61 -44.55
CA GLY H 1203 107.21 -57.31 -43.84
C GLY H 1203 108.37 -56.92 -44.73
N GLU H 1204 108.52 -57.56 -45.89
CA GLU H 1204 109.63 -57.28 -46.79
C GLU H 1204 109.26 -56.17 -47.77
N LEU H 1205 110.29 -55.51 -48.29
CA LEU H 1205 110.13 -54.44 -49.25
C LEU H 1205 110.12 -55.03 -50.65
N LYS H 1206 109.04 -54.81 -51.38
CA LYS H 1206 108.85 -55.40 -52.71
C LYS H 1206 108.39 -54.33 -53.69
N PRO H 1207 108.73 -54.48 -54.98
CA PRO H 1207 108.23 -53.53 -55.97
C PRO H 1207 106.72 -53.64 -56.13
N THR H 1208 106.04 -52.50 -56.11
CA THR H 1208 104.60 -52.44 -56.30
C THR H 1208 104.18 -51.69 -57.55
N VAL H 1209 104.92 -50.67 -57.97
CA VAL H 1209 104.62 -49.91 -59.17
C VAL H 1209 105.91 -49.65 -59.92
N ILE H 1210 105.91 -49.91 -61.23
CA ILE H 1210 107.03 -49.60 -62.10
C ILE H 1210 106.53 -48.70 -63.22
N LEU H 1211 107.21 -47.58 -63.42
CA LEU H 1211 106.82 -46.58 -64.40
C LEU H 1211 107.97 -46.32 -65.35
N LYS H 1212 107.69 -46.35 -66.65
CA LYS H 1212 108.71 -46.19 -67.69
C LYS H 1212 108.01 -45.82 -68.99
N LEU H 1213 108.80 -45.60 -70.04
CA LEU H 1213 108.30 -45.41 -71.39
C LEU H 1213 108.35 -46.75 -72.11
N LEU H 1214 107.18 -47.36 -72.32
CA LEU H 1214 107.12 -48.59 -73.09
C LEU H 1214 107.53 -48.34 -74.53
N LYS H 1215 106.97 -47.31 -75.15
CA LYS H 1215 107.26 -46.91 -76.52
C LYS H 1215 107.78 -45.47 -76.50
N GLU H 1216 108.00 -44.89 -77.66
CA GLU H 1216 108.45 -43.51 -77.73
C GLU H 1216 107.37 -42.55 -77.22
N ASN H 1217 106.11 -42.96 -77.32
CA ASN H 1217 105.01 -42.12 -76.89
C ASN H 1217 104.14 -42.76 -75.82
N ILE H 1218 104.40 -44.01 -75.46
CA ILE H 1218 103.51 -44.78 -74.58
C ILE H 1218 104.15 -44.87 -73.21
N ILE H 1219 103.46 -44.37 -72.19
CA ILE H 1219 103.88 -44.49 -70.80
C ILE H 1219 103.17 -45.70 -70.20
N GLN H 1220 103.94 -46.66 -69.72
CA GLN H 1220 103.40 -47.83 -69.06
C GLN H 1220 103.58 -47.70 -67.56
N MET H 1221 102.50 -47.92 -66.82
CA MET H 1221 102.51 -47.92 -65.35
C MET H 1221 102.08 -49.31 -64.93
N GLU H 1222 103.05 -50.22 -64.80
CA GLU H 1222 102.77 -51.60 -64.43
C GLU H 1222 102.54 -51.67 -62.92
N MET H 1223 101.33 -52.03 -62.52
CA MET H 1223 100.99 -52.20 -61.11
C MET H 1223 101.09 -53.67 -60.75
N ILE H 1224 101.80 -53.96 -59.67
CA ILE H 1224 102.18 -55.32 -59.30
C ILE H 1224 101.42 -55.73 -58.05
N GLU H 1225 100.90 -56.95 -58.05
CA GLU H 1225 100.34 -57.58 -56.86
C GLU H 1225 101.24 -58.74 -56.46
N ASN H 1226 101.65 -58.76 -55.19
CA ASN H 1226 102.60 -59.75 -54.71
C ASN H 1226 101.96 -60.86 -53.89
N ARG H 1227 100.71 -60.69 -53.47
CA ARG H 1227 99.99 -61.73 -52.74
C ARG H 1227 99.09 -62.47 -53.72
N THR H 1228 99.70 -63.42 -54.42
CA THR H 1228 99.03 -64.21 -55.45
C THR H 1228 98.83 -65.64 -54.95
N MET H 1229 98.31 -66.49 -55.84
CA MET H 1229 97.98 -67.86 -55.43
C MET H 1229 99.12 -68.84 -55.56
N ASP H 1230 100.16 -68.46 -56.28
CA ASP H 1230 101.34 -69.31 -56.39
C ASP H 1230 102.64 -68.61 -56.02
N GLY H 1231 102.56 -67.38 -55.49
CA GLY H 1231 103.73 -66.67 -55.03
C GLY H 1231 104.39 -65.79 -56.07
N LYS H 1232 104.13 -66.00 -57.35
CA LYS H 1232 104.73 -65.17 -58.38
C LYS H 1232 103.94 -63.88 -58.56
N PRO H 1233 104.60 -62.72 -58.58
CA PRO H 1233 103.85 -61.47 -58.72
C PRO H 1233 103.11 -61.40 -60.04
N VAL H 1234 101.92 -60.80 -60.00
CA VAL H 1234 101.10 -60.56 -61.18
C VAL H 1234 101.01 -59.06 -61.38
N SER H 1235 101.27 -58.60 -62.60
CA SER H 1235 101.33 -57.19 -62.92
C SER H 1235 100.15 -56.80 -63.81
N LEU H 1236 99.61 -55.61 -63.56
CA LEU H 1236 98.55 -55.04 -64.39
C LEU H 1236 99.13 -53.87 -65.18
N PRO H 1237 99.40 -54.04 -66.48
CA PRO H 1237 100.01 -52.95 -67.26
C PRO H 1237 98.98 -51.91 -67.67
N LEU H 1238 99.12 -50.69 -67.16
CA LEU H 1238 98.25 -49.59 -67.53
C LEU H 1238 98.98 -48.72 -68.51
N LEU H 1239 98.40 -48.46 -69.67
CA LEU H 1239 99.08 -47.73 -70.71
C LEU H 1239 98.55 -46.32 -70.90
N TYR H 1240 99.42 -45.37 -71.21
CA TYR H 1240 99.04 -43.99 -71.41
C TYR H 1240 99.78 -43.42 -72.61
N ASN H 1241 99.11 -42.53 -73.34
CA ASN H 1241 99.72 -41.85 -74.46
C ASN H 1241 100.33 -40.52 -74.00
N PHE H 1242 101.55 -40.26 -74.43
CA PHE H 1242 102.23 -38.99 -74.15
C PHE H 1242 102.23 -38.17 -75.44
N ASN H 1243 101.53 -37.04 -75.41
CA ASN H 1243 101.38 -36.16 -76.57
C ASN H 1243 101.89 -34.78 -76.21
N PRO H 1244 103.18 -34.52 -76.47
CA PRO H 1244 103.75 -33.21 -76.15
C PRO H 1244 103.07 -32.02 -76.86
N ASP H 1245 102.33 -32.25 -77.93
CA ASP H 1245 101.66 -31.17 -78.66
C ASP H 1245 100.54 -30.57 -77.81
N ASN H 1246 99.95 -31.35 -76.92
CA ASN H 1246 98.90 -30.87 -76.02
C ASN H 1246 99.55 -30.59 -74.68
N GLY H 1247 100.08 -29.37 -74.53
CA GLY H 1247 100.81 -29.04 -73.31
C GLY H 1247 99.93 -29.04 -72.08
N PHE H 1248 98.68 -28.64 -72.20
CA PHE H 1248 97.80 -28.60 -71.03
C PHE H 1248 97.49 -30.01 -70.52
N ALA H 1249 97.30 -30.94 -71.44
CA ALA H 1249 96.98 -32.32 -71.06
C ALA H 1249 97.75 -33.27 -71.97
N PRO H 1250 99.06 -33.39 -71.75
CA PRO H 1250 99.86 -34.27 -72.64
C PRO H 1250 99.55 -35.74 -72.50
N ILE H 1251 99.00 -36.17 -71.36
CA ILE H 1251 98.82 -37.58 -71.05
C ILE H 1251 97.35 -37.96 -71.24
N SER H 1252 97.12 -39.07 -71.94
CA SER H 1252 95.78 -39.61 -72.14
C SER H 1252 95.84 -41.12 -72.00
N GLU H 1253 94.87 -41.71 -71.31
CA GLU H 1253 94.86 -43.14 -71.16
C GLU H 1253 94.49 -43.90 -72.39
N VAL H 1254 95.06 -45.07 -72.56
CA VAL H 1254 94.69 -45.93 -73.66
C VAL H 1254 93.49 -46.72 -73.16
N MET H 1255 92.30 -46.40 -73.63
CA MET H 1255 91.07 -47.02 -73.15
C MET H 1255 90.84 -48.38 -73.77
N GLU H 1256 91.45 -48.65 -74.92
CA GLU H 1256 91.17 -49.89 -75.63
C GLU H 1256 91.88 -51.05 -74.94
N ASP H 1257 91.15 -52.15 -74.73
CA ASP H 1257 91.63 -53.38 -74.10
C ASP H 1257 91.88 -53.20 -72.60
N ARG H 1258 91.50 -52.06 -72.04
CA ARG H 1258 91.77 -51.80 -70.64
C ARG H 1258 91.03 -52.80 -69.77
N ASN H 1259 89.76 -53.03 -70.05
CA ASN H 1259 88.96 -53.94 -69.26
C ASN H 1259 89.52 -55.36 -69.41
N GLN H 1260 89.97 -55.70 -70.61
CA GLN H 1260 90.53 -57.03 -70.84
C GLN H 1260 91.79 -57.24 -70.00
N ARG H 1261 92.61 -56.21 -69.88
CA ARG H 1261 93.83 -56.30 -69.09
C ARG H 1261 93.52 -56.47 -67.63
N ILE H 1262 92.52 -55.73 -67.15
CA ILE H 1262 92.14 -55.82 -65.74
C ILE H 1262 91.61 -57.19 -65.44
N LYS H 1263 90.84 -57.74 -66.36
CA LYS H 1263 90.26 -59.05 -66.17
C LYS H 1263 91.30 -60.13 -66.25
N GLU H 1264 92.28 -59.98 -67.12
CA GLU H 1264 93.35 -60.98 -67.15
C GLU H 1264 94.09 -61.03 -65.82
N MET H 1265 94.37 -59.87 -65.24
CA MET H 1265 94.99 -59.84 -63.92
C MET H 1265 94.10 -60.55 -62.90
N TYR H 1266 92.81 -60.22 -62.89
CA TYR H 1266 91.92 -60.83 -61.91
C TYR H 1266 91.73 -62.32 -62.17
N TRP H 1267 91.87 -62.76 -63.41
CA TRP H 1267 91.78 -64.18 -63.71
C TRP H 1267 93.00 -64.92 -63.18
N LYS H 1268 94.19 -64.34 -63.33
CA LYS H 1268 95.37 -64.94 -62.71
C LYS H 1268 95.21 -64.99 -61.20
N LEU H 1269 94.54 -64.06 -60.57
CA LEU H 1269 94.46 -64.07 -59.14
C LEU H 1269 93.37 -64.95 -58.54
N TRP H 1270 92.28 -65.16 -59.27
CA TRP H 1270 91.14 -65.89 -58.72
C TRP H 1270 90.93 -67.23 -59.37
N ILE H 1271 91.13 -67.33 -60.67
CA ILE H 1271 90.79 -68.56 -61.36
C ILE H 1271 91.99 -69.35 -61.80
N ASP H 1272 92.09 -70.58 -61.37
CA ASP H 1272 93.18 -71.44 -61.80
C ASP H 1272 92.88 -72.26 -63.06
N GLU H 1273 92.78 -71.60 -64.20
CA GLU H 1273 92.51 -72.27 -65.46
C GLU H 1273 93.01 -71.39 -66.58
N PRO H 1274 93.15 -71.92 -67.80
CA PRO H 1274 93.69 -71.09 -68.88
C PRO H 1274 92.80 -69.89 -69.14
N PHE H 1275 93.43 -68.73 -69.31
CA PHE H 1275 92.69 -67.49 -69.49
C PHE H 1275 91.89 -67.54 -70.78
N ASN H 1276 90.57 -67.38 -70.65
CA ASN H 1276 89.70 -67.35 -71.83
C ASN H 1276 88.40 -66.66 -71.44
N LEU H 1277 88.12 -65.52 -72.05
CA LEU H 1277 86.91 -64.76 -71.80
C LEU H 1277 85.77 -65.14 -72.75
N ASP H 1278 86.02 -65.99 -73.75
CA ASP H 1278 85.04 -66.26 -74.79
C ASP H 1278 84.23 -67.49 -74.40
N PHE H 1279 83.21 -67.26 -73.55
CA PHE H 1279 82.23 -68.28 -73.24
C PHE H 1279 80.90 -67.60 -72.96
N ASP H 1280 79.82 -68.34 -73.16
CA ASP H 1280 78.49 -67.76 -73.13
C ASP H 1280 78.05 -67.52 -71.68
N PRO H 1281 77.61 -66.31 -71.33
CA PRO H 1281 77.05 -66.12 -69.99
C PRO H 1281 75.80 -66.93 -69.74
N ARG H 1282 75.12 -67.38 -70.80
CA ARG H 1282 73.91 -68.17 -70.63
C ARG H 1282 74.19 -69.60 -70.21
N ASP H 1283 75.44 -70.05 -70.30
CA ASP H 1283 75.76 -71.43 -70.00
C ASP H 1283 75.95 -71.62 -68.48
N VAL H 1284 75.99 -72.88 -68.08
CA VAL H 1284 76.18 -73.23 -66.68
C VAL H 1284 77.67 -73.41 -66.42
N ILE H 1285 78.16 -72.82 -65.34
CA ILE H 1285 79.56 -72.90 -64.96
C ILE H 1285 79.75 -74.05 -63.99
N LYS H 1286 80.81 -74.82 -64.21
CA LYS H 1286 81.11 -76.01 -63.43
C LYS H 1286 82.42 -75.82 -62.69
N GLY H 1287 82.39 -76.00 -61.38
CA GLY H 1287 83.56 -75.80 -60.56
C GLY H 1287 84.24 -77.11 -60.17
N LYS H 1288 85.49 -76.99 -59.74
CA LYS H 1288 86.27 -78.17 -59.37
C LYS H 1288 85.74 -78.76 -58.08
N ASP H 1289 85.94 -80.07 -57.92
CA ASP H 1289 85.46 -80.76 -56.73
C ASP H 1289 86.28 -80.34 -55.52
N PHE H 1290 85.59 -80.06 -54.42
CA PHE H 1290 86.21 -79.55 -53.21
C PHE H 1290 86.05 -80.55 -52.08
N GLU H 1291 87.16 -80.89 -51.43
CA GLU H 1291 87.19 -81.84 -50.33
C GLU H 1291 87.41 -81.06 -49.03
N ILE H 1292 86.43 -81.10 -48.15
CA ILE H 1292 86.47 -80.32 -46.91
C ILE H 1292 87.30 -81.08 -45.88
N THR H 1293 88.35 -80.43 -45.38
CA THR H 1293 89.24 -81.04 -44.41
C THR H 1293 89.22 -80.24 -43.13
N ALA H 1294 89.68 -80.83 -42.04
CA ALA H 1294 89.67 -80.17 -40.74
C ALA H 1294 90.52 -78.91 -40.73
N LYS H 1295 91.66 -78.94 -41.43
CA LYS H 1295 92.54 -77.77 -41.46
C LYS H 1295 91.84 -76.56 -42.06
N GLU H 1296 91.09 -76.78 -43.13
CA GLU H 1296 90.45 -75.67 -43.82
C GLU H 1296 89.35 -75.08 -42.96
N VAL H 1297 88.59 -75.92 -42.27
CA VAL H 1297 87.54 -75.43 -41.39
C VAL H 1297 88.15 -74.65 -40.23
N TYR H 1298 89.23 -75.17 -39.64
CA TYR H 1298 89.90 -74.47 -38.55
C TYR H 1298 90.37 -73.09 -39.01
N ASP H 1299 91.04 -73.03 -40.16
CA ASP H 1299 91.57 -71.77 -40.65
C ASP H 1299 90.45 -70.78 -40.94
N PHE H 1300 89.37 -71.26 -41.57
CA PHE H 1300 88.25 -70.36 -41.89
C PHE H 1300 87.60 -69.83 -40.62
N THR H 1301 87.33 -70.71 -39.65
CA THR H 1301 86.66 -70.28 -38.43
C THR H 1301 87.52 -69.29 -37.64
N HIS H 1302 88.84 -69.49 -37.65
CA HIS H 1302 89.70 -68.54 -36.96
C HIS H 1302 89.85 -67.24 -37.74
N ALA H 1303 89.77 -67.30 -39.07
CA ALA H 1303 89.85 -66.08 -39.88
C ALA H 1303 88.62 -65.21 -39.67
N VAL H 1304 87.45 -65.79 -39.55
CA VAL H 1304 86.22 -65.01 -39.45
C VAL H 1304 85.76 -64.84 -38.01
N GLY H 1305 86.39 -65.55 -37.08
CA GLY H 1305 86.09 -65.37 -35.67
C GLY H 1305 84.89 -66.12 -35.20
N ASN H 1306 84.62 -67.27 -35.79
CA ASN H 1306 83.50 -68.10 -35.39
C ASN H 1306 83.95 -69.06 -34.32
N ASN H 1307 83.32 -69.01 -33.16
CA ASN H 1307 83.75 -69.81 -32.01
C ASN H 1307 82.75 -70.91 -31.66
N CYS H 1308 81.83 -71.24 -32.54
CA CYS H 1308 80.86 -72.27 -32.24
C CYS H 1308 81.57 -73.58 -32.05
N GLU H 1309 81.04 -74.42 -31.18
CA GLU H 1309 81.68 -75.69 -30.90
C GLU H 1309 81.43 -76.73 -31.97
N ASP H 1310 80.47 -76.53 -32.87
CA ASP H 1310 80.17 -77.52 -33.91
C ASP H 1310 81.31 -77.61 -34.89
N PHE H 1311 82.04 -76.53 -35.03
CA PHE H 1311 83.13 -76.48 -36.00
C PHE H 1311 84.49 -76.73 -35.36
N VAL H 1312 84.52 -77.25 -34.14
CA VAL H 1312 85.75 -77.53 -33.42
C VAL H 1312 85.89 -79.04 -33.27
N SER H 1313 87.10 -79.54 -33.47
CA SER H 1313 87.37 -80.96 -33.30
C SER H 1313 87.18 -81.34 -31.83
N ARG H 1314 86.36 -82.36 -31.59
CA ARG H 1314 86.05 -82.81 -30.24
C ARG H 1314 85.88 -84.32 -30.29
N PRO H 1315 86.21 -85.04 -29.22
CA PRO H 1315 86.13 -86.50 -29.27
C PRO H 1315 84.70 -86.98 -29.45
N ASP H 1316 84.55 -88.15 -30.09
CA ASP H 1316 83.26 -88.80 -30.32
C ASP H 1316 82.25 -87.82 -30.91
N ARG H 1317 82.70 -87.01 -31.87
CA ARG H 1317 81.81 -86.12 -32.58
C ARG H 1317 82.44 -85.75 -33.92
N THR H 1318 81.61 -85.70 -34.97
CA THR H 1318 82.09 -85.27 -36.28
C THR H 1318 82.06 -83.75 -36.37
N MET H 1319 83.10 -83.19 -36.96
CA MET H 1319 83.22 -81.74 -37.07
C MET H 1319 82.42 -81.25 -38.27
N LEU H 1320 81.68 -80.17 -38.06
CA LEU H 1320 80.91 -79.59 -39.11
C LEU H 1320 81.58 -78.39 -39.68
N ALA H 1321 81.21 -78.00 -40.88
CA ALA H 1321 81.69 -76.78 -41.48
C ALA H 1321 80.61 -75.70 -41.40
N PRO H 1322 80.98 -74.45 -41.18
CA PRO H 1322 79.96 -73.40 -41.12
C PRO H 1322 79.32 -73.16 -42.48
N MET H 1323 78.08 -72.68 -42.44
CA MET H 1323 77.35 -72.38 -43.67
C MET H 1323 78.13 -71.41 -44.54
N ASP H 1324 78.96 -70.55 -43.93
CA ASP H 1324 79.75 -69.61 -44.70
C ASP H 1324 80.81 -70.28 -45.57
N PHE H 1325 81.13 -71.55 -45.28
CA PHE H 1325 82.12 -72.25 -46.10
C PHE H 1325 81.66 -72.46 -47.53
N ALA H 1326 80.36 -72.32 -47.79
CA ALA H 1326 79.87 -72.48 -49.15
C ALA H 1326 80.54 -71.52 -50.10
N ILE H 1327 80.84 -70.30 -49.64
CA ILE H 1327 81.46 -69.32 -50.51
C ILE H 1327 82.89 -69.74 -50.85
N VAL H 1328 83.64 -70.25 -49.87
CA VAL H 1328 84.99 -70.69 -50.20
C VAL H 1328 84.94 -71.89 -51.13
N VAL H 1329 83.92 -72.73 -50.98
CA VAL H 1329 83.81 -73.91 -51.83
C VAL H 1329 83.47 -73.52 -53.27
N GLY H 1330 82.59 -72.53 -53.45
CA GLY H 1330 82.08 -72.20 -54.76
C GLY H 1330 82.47 -70.84 -55.32
N TRP H 1331 83.49 -70.21 -54.76
CA TRP H 1331 83.89 -68.88 -55.21
C TRP H 1331 84.39 -68.92 -56.65
N ARG H 1332 85.17 -69.92 -57.01
CA ARG H 1332 85.72 -69.97 -58.34
C ARG H 1332 84.61 -70.10 -59.36
N ALA H 1333 83.55 -70.83 -59.04
CA ALA H 1333 82.41 -70.96 -59.95
C ALA H 1333 81.58 -69.69 -59.98
N ILE H 1334 81.33 -69.07 -58.83
CA ILE H 1334 80.45 -67.90 -58.78
C ILE H 1334 81.10 -66.71 -59.47
N ILE H 1335 82.36 -66.44 -59.15
CA ILE H 1335 83.00 -65.22 -59.65
C ILE H 1335 83.34 -65.30 -61.13
N LYS H 1336 83.45 -66.50 -61.68
CA LYS H 1336 83.70 -66.65 -63.11
C LYS H 1336 82.52 -66.20 -63.94
N ALA H 1337 81.35 -65.98 -63.32
CA ALA H 1337 80.16 -65.59 -64.06
C ALA H 1337 80.25 -64.17 -64.63
N ILE H 1338 81.02 -63.29 -63.98
CA ILE H 1338 81.08 -61.90 -64.40
C ILE H 1338 82.25 -61.64 -65.35
N PHE H 1339 82.99 -62.67 -65.72
CA PHE H 1339 84.13 -62.55 -66.62
C PHE H 1339 83.78 -62.49 -68.11
N PRO H 1340 82.78 -63.24 -68.60
CA PRO H 1340 82.59 -63.36 -70.05
C PRO H 1340 82.70 -62.03 -70.79
N ASN H 1341 83.12 -62.10 -72.05
CA ASN H 1341 83.32 -60.90 -72.85
C ASN H 1341 82.02 -60.12 -73.01
N THR H 1342 80.89 -60.81 -73.18
CA THR H 1342 79.62 -60.12 -73.38
C THR H 1342 79.25 -59.29 -72.16
N VAL H 1343 79.50 -59.82 -70.96
CA VAL H 1343 79.30 -59.05 -69.72
C VAL H 1343 80.62 -58.34 -69.46
N ASP H 1344 80.77 -57.17 -70.10
CA ASP H 1344 82.02 -56.41 -70.05
C ASP H 1344 81.92 -55.31 -69.01
N GLY H 1345 82.99 -55.15 -68.23
CA GLY H 1345 83.03 -54.11 -67.23
C GLY H 1345 84.40 -54.02 -66.58
N ASP H 1346 84.65 -52.92 -65.87
CA ASP H 1346 85.92 -52.75 -65.17
C ASP H 1346 85.90 -53.44 -63.83
N LEU H 1347 86.66 -54.52 -63.70
CA LEU H 1347 86.65 -55.29 -62.46
C LEU H 1347 87.18 -54.50 -61.29
N LEU H 1348 87.89 -53.41 -61.55
CA LEU H 1348 88.34 -52.56 -60.44
C LEU H 1348 87.21 -51.69 -59.89
N LYS H 1349 86.12 -51.54 -60.64
CA LYS H 1349 84.94 -50.83 -60.17
C LYS H 1349 83.82 -51.79 -59.76
N LEU H 1350 84.10 -53.08 -59.67
CA LEU H 1350 83.09 -54.06 -59.29
C LEU H 1350 82.67 -53.87 -57.84
N VAL H 1351 81.37 -53.99 -57.59
CA VAL H 1351 80.80 -53.85 -56.25
C VAL H 1351 79.97 -55.08 -55.96
N HIS H 1352 80.22 -55.72 -54.82
CA HIS H 1352 79.40 -56.84 -54.41
C HIS H 1352 78.24 -56.23 -53.69
N LEU H 1353 77.02 -56.53 -54.11
CA LEU H 1353 75.86 -55.89 -53.54
C LEU H 1353 75.25 -56.72 -52.44
N SER H 1354 75.20 -58.02 -52.63
CA SER H 1354 74.58 -58.87 -51.62
C SER H 1354 75.05 -60.30 -51.83
N ASN H 1355 74.85 -61.11 -50.80
CA ASN H 1355 75.14 -62.54 -50.87
C ASN H 1355 74.19 -63.24 -49.92
N GLY H 1356 73.94 -64.52 -50.18
CA GLY H 1356 73.00 -65.26 -49.38
C GLY H 1356 73.18 -66.74 -49.53
N TYR H 1357 72.77 -67.47 -48.48
CA TYR H 1357 72.79 -68.92 -48.45
C TYR H 1357 71.39 -69.44 -48.16
N LYS H 1358 71.09 -70.60 -48.71
CA LYS H 1358 69.75 -71.18 -48.55
C LYS H 1358 69.91 -72.71 -48.56
N MET H 1359 69.79 -73.30 -47.37
CA MET H 1359 69.84 -74.74 -47.26
C MET H 1359 68.64 -75.36 -47.95
N ILE H 1360 68.87 -76.44 -48.69
CA ILE H 1360 67.78 -77.11 -49.40
C ILE H 1360 67.05 -78.02 -48.41
N PRO H 1361 65.72 -77.92 -48.29
CA PRO H 1361 65.02 -78.65 -47.24
C PRO H 1361 65.34 -80.15 -47.27
N GLY H 1362 65.57 -80.70 -46.08
CA GLY H 1362 65.94 -82.10 -45.95
C GLY H 1362 67.42 -82.39 -46.13
N ALA H 1363 68.25 -81.36 -46.29
CA ALA H 1363 69.69 -81.54 -46.47
C ALA H 1363 70.41 -81.25 -45.17
N LYS H 1364 71.45 -82.04 -44.89
CA LYS H 1364 72.26 -81.84 -43.70
C LYS H 1364 73.30 -80.76 -43.95
N PRO H 1365 73.80 -80.12 -42.90
CA PRO H 1365 74.84 -79.10 -43.08
C PRO H 1365 76.15 -79.70 -43.54
N LEU H 1366 77.03 -78.84 -44.03
CA LEU H 1366 78.34 -79.28 -44.48
C LEU H 1366 79.12 -79.87 -43.33
N GLN H 1367 79.99 -80.83 -43.59
CA GLN H 1367 80.75 -81.46 -42.54
C GLN H 1367 82.09 -81.95 -43.05
N VAL H 1368 83.10 -81.97 -42.20
CA VAL H 1368 84.44 -82.32 -42.64
C VAL H 1368 84.50 -83.73 -43.20
N GLY H 1369 85.09 -83.88 -44.39
CA GLY H 1369 85.17 -85.17 -45.02
C GLY H 1369 84.26 -85.28 -46.21
N ASP H 1370 83.41 -84.29 -46.40
CA ASP H 1370 82.48 -84.29 -47.51
C ASP H 1370 83.07 -83.78 -48.80
N VAL H 1371 82.81 -84.44 -49.92
CA VAL H 1371 83.23 -83.97 -51.24
C VAL H 1371 82.05 -83.22 -51.83
N VAL H 1372 82.30 -81.98 -52.25
CA VAL H 1372 81.24 -81.08 -52.69
C VAL H 1372 81.54 -80.63 -54.11
N SER H 1373 80.51 -80.63 -54.95
CA SER H 1373 80.57 -80.10 -56.31
C SER H 1373 79.74 -78.83 -56.38
N THR H 1374 80.23 -77.85 -57.13
CA THR H 1374 79.58 -76.55 -57.25
C THR H 1374 79.19 -76.30 -58.70
N THR H 1375 78.08 -75.58 -58.86
CA THR H 1375 77.55 -75.21 -60.16
C THR H 1375 76.97 -73.81 -60.07
N ALA H 1376 77.19 -73.00 -61.10
CA ALA H 1376 76.77 -71.60 -61.09
C ALA H 1376 76.10 -71.25 -62.41
N VAL H 1377 75.06 -70.43 -62.32
CA VAL H 1377 74.35 -69.91 -63.49
C VAL H 1377 74.04 -68.44 -63.25
N ILE H 1378 74.04 -67.65 -64.31
CA ILE H 1378 73.68 -66.23 -64.22
C ILE H 1378 72.16 -66.13 -64.29
N GLU H 1379 71.54 -65.72 -63.18
CA GLU H 1379 70.08 -65.56 -63.17
C GLU H 1379 69.67 -64.42 -64.08
N SER H 1380 70.33 -63.26 -63.95
CA SER H 1380 69.99 -62.12 -64.78
C SER H 1380 71.21 -61.20 -64.89
N VAL H 1381 71.25 -60.46 -65.98
CA VAL H 1381 72.25 -59.41 -66.18
C VAL H 1381 71.54 -58.26 -66.89
N VAL H 1382 71.35 -57.14 -66.20
CA VAL H 1382 70.52 -56.05 -66.66
C VAL H 1382 71.34 -54.76 -66.65
N ASN H 1383 71.20 -53.97 -67.72
CA ASN H 1383 71.85 -52.67 -67.80
C ASN H 1383 70.96 -51.64 -67.13
N GLN H 1384 71.28 -51.29 -65.90
CA GLN H 1384 70.63 -50.20 -65.20
C GLN H 1384 71.30 -48.88 -65.55
N PRO H 1385 70.61 -47.75 -65.37
CA PRO H 1385 71.20 -46.48 -65.82
C PRO H 1385 72.55 -46.19 -65.20
N THR H 1386 72.77 -46.58 -63.95
CA THR H 1386 74.00 -46.28 -63.24
C THR H 1386 74.99 -47.44 -63.24
N GLY H 1387 74.72 -48.50 -63.97
CA GLY H 1387 75.65 -49.62 -64.04
C GLY H 1387 74.95 -50.88 -64.50
N LYS H 1388 75.69 -51.98 -64.43
CA LYS H 1388 75.23 -53.29 -64.88
C LYS H 1388 75.22 -54.23 -63.68
N ILE H 1389 74.04 -54.77 -63.37
CA ILE H 1389 73.87 -55.73 -62.28
C ILE H 1389 73.95 -57.13 -62.85
N VAL H 1390 74.68 -58.01 -62.18
CA VAL H 1390 74.80 -59.41 -62.56
C VAL H 1390 74.39 -60.26 -61.37
N ASP H 1391 73.39 -61.12 -61.57
CA ASP H 1391 72.85 -61.97 -60.52
C ASP H 1391 73.26 -63.41 -60.80
N VAL H 1392 73.97 -64.02 -59.85
CA VAL H 1392 74.52 -65.35 -60.02
C VAL H 1392 73.94 -66.25 -58.95
N VAL H 1393 73.65 -67.50 -59.33
CA VAL H 1393 73.14 -68.51 -58.41
C VAL H 1393 74.07 -69.70 -58.45
N GLY H 1394 74.65 -70.05 -57.31
CA GLY H 1394 75.53 -71.19 -57.18
C GLY H 1394 74.83 -72.30 -56.42
N THR H 1395 75.06 -73.54 -56.85
CA THR H 1395 74.44 -74.71 -56.24
C THR H 1395 75.52 -75.68 -55.80
N LEU H 1396 75.47 -76.08 -54.53
CA LEU H 1396 76.43 -77.01 -53.95
C LEU H 1396 75.78 -78.37 -53.80
N SER H 1397 76.43 -79.40 -54.34
CA SER H 1397 75.89 -80.75 -54.35
C SER H 1397 76.85 -81.69 -53.64
N ARG H 1398 76.26 -82.65 -52.91
CA ARG H 1398 77.02 -83.64 -52.16
C ARG H 1398 76.42 -85.02 -52.45
N ASN H 1399 77.26 -85.95 -52.90
CA ASN H 1399 76.81 -87.31 -53.19
C ASN H 1399 75.72 -87.34 -54.24
N GLY H 1400 75.75 -86.37 -55.17
CA GLY H 1400 74.77 -86.28 -56.22
C GLY H 1400 73.57 -85.42 -55.87
N LYS H 1401 73.13 -85.43 -54.62
CA LYS H 1401 72.01 -84.61 -54.21
C LYS H 1401 72.47 -83.18 -53.93
N PRO H 1402 71.62 -82.18 -54.18
CA PRO H 1402 72.01 -80.80 -53.88
C PRO H 1402 71.82 -80.48 -52.40
N VAL H 1403 72.74 -79.69 -51.86
CA VAL H 1403 72.78 -79.38 -50.44
C VAL H 1403 72.27 -77.97 -50.16
N MET H 1404 72.82 -76.97 -50.84
CA MET H 1404 72.48 -75.58 -50.57
C MET H 1404 72.73 -74.75 -51.81
N GLU H 1405 72.10 -73.58 -51.85
CA GLU H 1405 72.21 -72.66 -52.96
C GLU H 1405 72.76 -71.32 -52.48
N VAL H 1406 73.68 -70.76 -53.25
CA VAL H 1406 74.31 -69.47 -52.94
C VAL H 1406 73.90 -68.46 -54.00
N THR H 1407 73.44 -67.30 -53.54
CA THR H 1407 73.06 -66.21 -54.42
C THR H 1407 73.97 -65.01 -54.17
N SER H 1408 74.45 -64.38 -55.24
CA SER H 1408 75.31 -63.21 -55.13
C SER H 1408 74.93 -62.22 -56.22
N SER H 1409 74.87 -60.94 -55.85
CA SER H 1409 74.54 -59.87 -56.77
C SER H 1409 75.77 -58.98 -56.94
N PHE H 1410 76.21 -58.82 -58.18
CA PHE H 1410 77.40 -58.04 -58.50
C PHE H 1410 77.02 -56.86 -59.37
N PHE H 1411 77.77 -55.77 -59.22
CA PHE H 1411 77.46 -54.50 -59.86
C PHE H 1411 78.69 -53.96 -60.57
N TYR H 1412 78.60 -53.82 -61.88
CA TYR H 1412 79.61 -53.12 -62.67
C TYR H 1412 79.18 -51.66 -62.80
N ARG H 1413 79.83 -50.77 -62.06
CA ARG H 1413 79.49 -49.37 -62.12
C ARG H 1413 79.98 -48.76 -63.43
N GLY H 1414 79.11 -48.02 -64.11
CA GLY H 1414 79.46 -47.41 -65.37
C GLY H 1414 78.24 -47.24 -66.24
N ASN H 1415 78.49 -46.83 -67.47
CA ASN H 1415 77.45 -46.62 -68.47
C ASN H 1415 77.51 -47.73 -69.51
N TYR H 1416 76.43 -48.50 -69.61
CA TYR H 1416 76.35 -49.61 -70.55
C TYR H 1416 75.07 -49.50 -71.36
N THR H 1417 75.17 -49.82 -72.66
CA THR H 1417 74.03 -49.75 -73.57
C THR H 1417 74.00 -50.96 -74.50
N ASP H 1418 74.63 -52.06 -74.13
CA ASP H 1418 74.63 -53.28 -74.94
C ASP H 1418 73.49 -54.21 -74.51
N PHE H 1419 72.27 -53.70 -74.68
CA PHE H 1419 71.09 -54.43 -74.22
C PHE H 1419 70.92 -55.76 -74.93
N GLU H 1420 71.55 -55.95 -76.10
CA GLU H 1420 71.47 -57.23 -76.78
C GLU H 1420 72.11 -58.34 -75.97
N ASN H 1421 72.95 -58.01 -74.99
CA ASN H 1421 73.62 -58.99 -74.15
C ASN H 1421 72.91 -59.26 -72.85
N THR H 1422 71.80 -58.59 -72.58
CA THR H 1422 71.13 -58.65 -71.29
C THR H 1422 69.93 -59.60 -71.33
N PHE H 1423 69.67 -60.22 -70.19
CA PHE H 1423 68.49 -61.05 -70.00
C PHE H 1423 68.14 -61.02 -68.51
N GLN H 1424 66.87 -61.31 -68.21
CA GLN H 1424 66.42 -61.33 -66.84
C GLN H 1424 65.49 -62.51 -66.60
N LYS H 1425 65.44 -62.95 -65.35
CA LYS H 1425 64.61 -64.08 -64.94
C LYS H 1425 64.16 -63.84 -63.51
N THR H 1426 62.84 -63.75 -63.34
CA THR H 1426 62.25 -63.53 -62.03
C THR H 1426 61.19 -64.55 -61.71
N VAL H 1427 61.18 -65.06 -60.50
CA VAL H 1427 60.17 -65.99 -60.07
C VAL H 1427 59.13 -65.11 -59.42
N GLU H 1428 57.91 -65.15 -59.91
CA GLU H 1428 56.90 -64.23 -59.43
C GLU H 1428 56.26 -64.68 -58.15
N PRO H 1429 55.61 -63.75 -57.47
CA PRO H 1429 54.87 -64.18 -56.28
C PRO H 1429 53.72 -65.12 -56.63
N VAL H 1430 53.39 -66.09 -55.78
CA VAL H 1430 52.23 -66.94 -56.03
C VAL H 1430 50.97 -66.10 -55.94
N TYR H 1431 50.12 -66.21 -56.95
CA TYR H 1431 48.87 -65.47 -57.02
C TYR H 1431 47.70 -66.43 -56.85
N GLN H 1432 46.77 -66.07 -55.97
CA GLN H 1432 45.63 -66.91 -55.64
C GLN H 1432 44.34 -66.23 -56.09
N MET H 1433 43.53 -66.97 -56.84
CA MET H 1433 42.28 -66.44 -57.39
C MET H 1433 41.13 -67.35 -57.02
N HIS H 1434 40.03 -66.74 -56.56
CA HIS H 1434 38.84 -67.47 -56.12
C HIS H 1434 37.77 -67.27 -57.19
N ILE H 1435 37.34 -68.36 -57.81
CA ILE H 1435 36.41 -68.31 -58.93
C ILE H 1435 35.00 -68.41 -58.36
N LYS H 1436 34.26 -67.30 -58.41
CA LYS H 1436 32.91 -67.23 -57.88
C LYS H 1436 31.85 -67.38 -58.97
N THR H 1437 31.95 -66.61 -60.05
CA THR H 1437 30.87 -66.48 -61.03
C THR H 1437 31.34 -66.97 -62.39
N SER H 1438 30.37 -67.17 -63.29
CA SER H 1438 30.68 -67.53 -64.67
C SER H 1438 31.32 -66.38 -65.43
N LYS H 1439 31.15 -65.14 -64.95
CA LYS H 1439 31.85 -64.02 -65.56
C LYS H 1439 33.36 -64.17 -65.40
N ASP H 1440 33.81 -64.59 -64.22
CA ASP H 1440 35.23 -64.82 -64.01
C ASP H 1440 35.76 -65.92 -64.91
N ILE H 1441 34.99 -67.00 -65.06
CA ILE H 1441 35.40 -68.08 -65.95
C ILE H 1441 35.49 -67.59 -67.38
N ALA H 1442 34.52 -66.78 -67.81
CA ALA H 1442 34.58 -66.24 -69.17
C ALA H 1442 35.81 -65.37 -69.35
N VAL H 1443 36.13 -64.54 -68.36
CA VAL H 1443 37.30 -63.68 -68.46
C VAL H 1443 38.57 -64.54 -68.56
N LEU H 1444 38.68 -65.55 -67.71
CA LEU H 1444 39.86 -66.41 -67.74
C LEU H 1444 40.01 -67.11 -69.08
N ARG H 1445 38.91 -67.68 -69.60
CA ARG H 1445 38.98 -68.45 -70.84
C ARG H 1445 39.29 -67.57 -72.04
N SER H 1446 39.06 -66.26 -71.95
CA SER H 1446 39.40 -65.37 -73.04
C SER H 1446 40.91 -65.22 -73.21
N LYS H 1447 41.68 -65.48 -72.17
CA LYS H 1447 43.13 -65.33 -72.21
C LYS H 1447 43.76 -66.52 -72.93
N GLU H 1448 44.54 -66.23 -73.96
CA GLU H 1448 45.19 -67.31 -74.71
C GLU H 1448 46.17 -68.07 -73.83
N TRP H 1449 46.76 -67.39 -72.86
CA TRP H 1449 47.76 -68.00 -71.99
C TRP H 1449 47.19 -68.90 -70.90
N PHE H 1450 45.89 -68.79 -70.64
CA PHE H 1450 45.25 -69.61 -69.61
C PHE H 1450 44.84 -70.92 -70.27
N GLN H 1451 45.74 -71.91 -70.18
CA GLN H 1451 45.57 -73.19 -70.85
C GLN H 1451 45.37 -74.28 -69.82
N LEU H 1452 44.18 -74.87 -69.79
CA LEU H 1452 43.85 -75.95 -68.87
C LEU H 1452 44.11 -77.29 -69.55
N ASP H 1453 44.64 -78.23 -68.79
CA ASP H 1453 44.89 -79.56 -69.33
C ASP H 1453 43.59 -80.23 -69.75
N ASP H 1454 42.55 -80.09 -68.93
CA ASP H 1454 41.21 -80.57 -69.25
C ASP H 1454 40.36 -79.34 -69.55
N GLU H 1455 40.06 -79.12 -70.84
CA GLU H 1455 39.33 -77.93 -71.24
C GLU H 1455 37.96 -77.85 -70.59
N ASP H 1456 37.39 -78.97 -70.19
CA ASP H 1456 36.06 -79.01 -69.61
C ASP H 1456 36.07 -78.91 -68.08
N PHE H 1457 37.22 -78.65 -67.48
CA PHE H 1457 37.31 -78.56 -66.03
C PHE H 1457 36.33 -77.53 -65.51
N ASP H 1458 35.61 -77.91 -64.44
CA ASP H 1458 34.60 -77.04 -63.84
C ASP H 1458 35.29 -76.14 -62.81
N LEU H 1459 35.52 -74.88 -63.19
CA LEU H 1459 36.25 -73.95 -62.33
C LEU H 1459 35.36 -73.22 -61.35
N LEU H 1460 34.05 -73.36 -61.44
CA LEU H 1460 33.15 -72.58 -60.60
C LEU H 1460 33.29 -73.00 -59.14
N ASN H 1461 33.46 -72.01 -58.26
CA ASN H 1461 33.63 -72.24 -56.82
C ASN H 1461 34.93 -72.99 -56.54
N LYS H 1462 35.98 -72.67 -57.29
CA LYS H 1462 37.30 -73.25 -57.12
C LYS H 1462 38.32 -72.16 -56.84
N THR H 1463 39.32 -72.50 -56.04
CA THR H 1463 40.43 -71.60 -55.76
C THR H 1463 41.63 -72.02 -56.61
N LEU H 1464 42.18 -71.09 -57.36
CA LEU H 1464 43.31 -71.34 -58.24
C LEU H 1464 44.54 -70.61 -57.73
N THR H 1465 45.71 -71.25 -57.86
CA THR H 1465 46.99 -70.63 -57.59
C THR H 1465 47.86 -70.70 -58.84
N PHE H 1466 48.52 -69.59 -59.16
CA PHE H 1466 49.40 -69.50 -60.32
C PHE H 1466 50.83 -69.31 -59.84
N GLU H 1467 51.70 -70.21 -60.26
CA GLU H 1467 53.08 -70.18 -59.86
C GLU H 1467 53.92 -69.98 -61.09
N THR H 1468 54.15 -68.73 -61.44
CA THR H 1468 54.85 -68.46 -62.69
C THR H 1468 56.27 -67.88 -62.65
N GLU H 1469 56.95 -67.88 -63.79
CA GLU H 1469 58.28 -67.32 -63.92
C GLU H 1469 58.34 -66.51 -65.21
N THR H 1470 58.95 -65.33 -65.14
CA THR H 1470 59.05 -64.42 -66.27
C THR H 1470 60.49 -64.35 -66.74
N GLU H 1471 60.70 -64.58 -68.04
CA GLU H 1471 62.02 -64.47 -68.67
C GLU H 1471 61.91 -63.44 -69.78
N VAL H 1472 62.60 -62.31 -69.62
CA VAL H 1472 62.54 -61.21 -70.56
C VAL H 1472 63.94 -60.93 -71.10
N THR H 1473 64.00 -60.45 -72.33
CA THR H 1473 65.20 -59.85 -72.90
C THR H 1473 64.89 -58.42 -73.29
N PHE H 1474 65.90 -57.57 -73.27
CA PHE H 1474 65.72 -56.14 -73.42
C PHE H 1474 66.14 -55.67 -74.80
N LYS H 1475 65.28 -54.86 -75.42
CA LYS H 1475 65.67 -54.12 -76.62
C LYS H 1475 66.32 -52.79 -76.27
N ASN H 1476 65.88 -52.16 -75.19
CA ASN H 1476 66.49 -50.94 -74.67
C ASN H 1476 66.09 -50.81 -73.20
N ALA H 1477 66.29 -49.62 -72.65
CA ALA H 1477 66.10 -49.45 -71.21
C ALA H 1477 64.67 -49.75 -70.79
N ASN H 1478 63.69 -49.30 -71.57
CA ASN H 1478 62.29 -49.33 -71.15
C ASN H 1478 61.45 -50.39 -71.85
N ILE H 1479 61.93 -50.96 -72.95
CA ILE H 1479 61.13 -51.85 -73.79
C ILE H 1479 61.78 -53.23 -73.81
N PHE H 1480 60.96 -54.26 -73.62
CA PHE H 1480 61.44 -55.64 -73.72
C PHE H 1480 61.46 -56.10 -75.17
N SER H 1481 62.54 -56.78 -75.55
CA SER H 1481 62.60 -57.40 -76.87
C SER H 1481 61.88 -58.73 -76.89
N SER H 1482 61.53 -59.27 -75.73
CA SER H 1482 60.84 -60.55 -75.64
C SER H 1482 60.38 -60.74 -74.20
N VAL H 1483 59.20 -61.31 -74.03
CA VAL H 1483 58.63 -61.59 -72.71
C VAL H 1483 58.07 -62.99 -72.74
N LYS H 1484 58.40 -63.80 -71.73
CA LYS H 1484 57.89 -65.16 -71.64
C LYS H 1484 57.51 -65.45 -70.20
N CYS H 1485 56.23 -65.74 -69.97
CA CYS H 1485 55.71 -66.06 -68.64
C CYS H 1485 55.09 -67.44 -68.70
N PHE H 1486 55.47 -68.30 -67.76
CA PHE H 1486 55.04 -69.70 -67.78
C PHE H 1486 55.04 -70.26 -66.36
N GLY H 1487 54.27 -71.33 -66.17
CA GLY H 1487 54.20 -72.00 -64.90
C GLY H 1487 52.92 -72.79 -64.73
N PRO H 1488 52.85 -73.61 -63.69
CA PRO H 1488 51.67 -74.46 -63.49
C PRO H 1488 50.52 -73.74 -62.80
N ILE H 1489 49.31 -74.16 -63.19
CA ILE H 1489 48.08 -73.76 -62.52
C ILE H 1489 47.56 -74.96 -61.75
N LYS H 1490 47.27 -74.76 -60.47
CA LYS H 1490 46.77 -75.84 -59.62
C LYS H 1490 45.54 -75.38 -58.87
N VAL H 1491 44.69 -76.34 -58.53
CA VAL H 1491 43.42 -76.10 -57.88
C VAL H 1491 43.47 -76.68 -56.47
N GLU H 1492 42.98 -75.93 -55.49
CA GLU H 1492 42.93 -76.41 -54.14
C GLU H 1492 41.91 -77.50 -53.95
N LEU H 1493 42.27 -78.54 -53.25
CA LEU H 1493 41.40 -79.66 -52.99
C LEU H 1493 40.74 -79.51 -51.63
N PRO H 1494 39.71 -80.32 -51.34
CA PRO H 1494 39.04 -80.19 -50.03
C PRO H 1494 39.95 -80.43 -48.86
N THR H 1495 41.07 -81.12 -49.04
CA THR H 1495 42.08 -81.28 -48.00
C THR H 1495 43.08 -80.13 -47.98
N LYS H 1496 42.78 -79.03 -48.66
CA LYS H 1496 43.66 -77.86 -48.72
C LYS H 1496 44.93 -78.17 -49.49
N GLU H 1497 44.92 -79.24 -50.26
CA GLU H 1497 46.06 -79.62 -51.09
C GLU H 1497 45.85 -79.09 -52.50
N THR H 1498 46.96 -78.70 -53.14
CA THR H 1498 46.94 -78.17 -54.50
C THR H 1498 47.44 -79.22 -55.48
N VAL H 1499 46.72 -79.40 -56.58
CA VAL H 1499 47.13 -80.34 -57.60
C VAL H 1499 47.09 -79.55 -58.90
N GLU H 1500 47.90 -79.94 -59.87
CA GLU H 1500 47.97 -79.16 -61.09
C GLU H 1500 46.84 -79.49 -62.02
N ILE H 1501 46.32 -78.47 -62.70
CA ILE H 1501 45.24 -78.68 -63.64
C ILE H 1501 45.50 -78.01 -64.98
N GLY H 1502 46.64 -77.34 -65.15
CA GLY H 1502 46.92 -76.64 -66.38
C GLY H 1502 48.23 -75.90 -66.27
N ILE H 1503 48.55 -75.14 -67.32
CA ILE H 1503 49.77 -74.37 -67.36
C ILE H 1503 49.46 -72.94 -67.77
N VAL H 1504 50.30 -72.03 -67.33
CA VAL H 1504 50.39 -70.70 -67.92
C VAL H 1504 51.50 -70.72 -68.95
N ASP H 1505 51.28 -70.08 -70.09
CA ASP H 1505 52.36 -69.83 -71.03
C ASP H 1505 52.00 -68.62 -71.88
N TYR H 1506 52.97 -67.73 -72.05
CA TYR H 1506 52.76 -66.50 -72.75
C TYR H 1506 54.05 -66.12 -73.41
N GLU H 1507 54.01 -65.76 -74.69
CA GLU H 1507 55.19 -65.35 -75.44
C GLU H 1507 54.84 -64.14 -76.29
N ALA H 1508 55.73 -63.15 -76.29
CA ALA H 1508 55.50 -61.94 -77.06
C ALA H 1508 56.85 -61.38 -77.52
N GLY H 1509 56.79 -60.58 -78.57
CA GLY H 1509 57.98 -59.90 -79.05
C GLY H 1509 58.19 -58.60 -78.31
N ALA H 1510 58.37 -57.50 -79.05
CA ALA H 1510 58.52 -56.20 -78.40
C ALA H 1510 57.31 -55.91 -77.53
N SER H 1511 57.56 -55.50 -76.29
CA SER H 1511 56.50 -55.28 -75.33
C SER H 1511 56.94 -54.24 -74.32
N HIS H 1512 55.95 -53.67 -73.61
CA HIS H 1512 56.19 -52.71 -72.56
C HIS H 1512 55.92 -53.27 -71.17
N GLY H 1513 55.49 -54.52 -71.07
CA GLY H 1513 55.19 -55.09 -69.76
C GLY H 1513 54.74 -56.52 -69.90
N ASN H 1514 54.43 -57.13 -68.76
CA ASN H 1514 53.93 -58.49 -68.71
C ASN H 1514 52.42 -58.46 -68.45
N PRO H 1515 51.58 -58.86 -69.40
CA PRO H 1515 50.13 -58.81 -69.15
C PRO H 1515 49.66 -59.87 -68.15
N VAL H 1516 50.31 -61.03 -68.11
CA VAL H 1516 49.84 -62.10 -67.24
C VAL H 1516 49.89 -61.67 -65.77
N VAL H 1517 51.03 -61.15 -65.34
CA VAL H 1517 51.17 -60.76 -63.94
C VAL H 1517 50.31 -59.54 -63.63
N ASP H 1518 50.17 -58.63 -64.60
CA ASP H 1518 49.28 -57.49 -64.39
C ASP H 1518 47.86 -57.96 -64.11
N PHE H 1519 47.37 -58.88 -64.94
CA PHE H 1519 46.03 -59.43 -64.72
C PHE H 1519 45.94 -60.13 -63.38
N LEU H 1520 46.93 -60.96 -63.05
CA LEU H 1520 46.87 -61.72 -61.80
C LEU H 1520 46.88 -60.79 -60.59
N LYS H 1521 47.70 -59.74 -60.63
CA LYS H 1521 47.70 -58.76 -59.55
C LYS H 1521 46.35 -58.07 -59.44
N ARG H 1522 45.76 -57.69 -60.57
CA ARG H 1522 44.50 -56.95 -60.52
C ARG H 1522 43.34 -57.82 -60.07
N ASN H 1523 43.37 -59.13 -60.37
CA ASN H 1523 42.25 -60.01 -60.13
C ASN H 1523 42.47 -61.04 -59.04
N GLY H 1524 43.71 -61.31 -58.66
CA GLY H 1524 44.01 -62.30 -57.65
C GLY H 1524 44.56 -61.69 -56.37
N SER H 1525 44.99 -62.56 -55.47
CA SER H 1525 45.62 -62.17 -54.21
C SER H 1525 47.01 -62.76 -54.15
N THR H 1526 47.93 -62.05 -53.52
CA THR H 1526 49.30 -62.50 -53.41
C THR H 1526 49.48 -63.35 -52.15
N LEU H 1527 50.09 -64.50 -52.30
CA LEU H 1527 50.38 -65.40 -51.17
C LEU H 1527 51.81 -65.18 -50.73
N GLU H 1528 51.98 -64.69 -49.50
CA GLU H 1528 53.30 -64.41 -48.94
C GLU H 1528 53.63 -65.43 -47.86
N GLN H 1529 54.78 -66.08 -48.01
CA GLN H 1529 55.19 -67.09 -47.04
C GLN H 1529 55.65 -66.47 -45.74
N LYS H 1530 56.14 -65.22 -45.78
CA LYS H 1530 56.58 -64.54 -44.56
C LYS H 1530 55.39 -63.88 -43.88
N VAL H 1531 55.27 -64.12 -42.57
CA VAL H 1531 54.20 -63.54 -41.77
C VAL H 1531 54.86 -62.87 -40.56
N ASN H 1532 54.58 -61.59 -40.34
CA ASN H 1532 55.21 -60.83 -39.28
C ASN H 1532 54.55 -60.93 -37.93
N LEU H 1533 55.35 -61.06 -36.89
CA LEU H 1533 54.84 -61.15 -35.55
C LEU H 1533 54.13 -59.86 -35.23
N GLU H 1534 53.28 -59.88 -34.22
CA GLU H 1534 52.56 -58.68 -33.81
C GLU H 1534 53.50 -57.50 -33.70
N ASN H 1535 54.67 -57.72 -33.13
CA ASN H 1535 55.66 -56.66 -32.96
C ASN H 1535 57.02 -57.31 -32.89
N PRO H 1536 58.06 -56.61 -33.37
CA PRO H 1536 59.33 -57.33 -33.35
C PRO H 1536 59.83 -57.64 -31.95
N ILE H 1537 60.56 -58.73 -31.80
CA ILE H 1537 61.12 -59.15 -30.52
C ILE H 1537 62.63 -58.93 -30.54
N PRO H 1538 63.13 -57.96 -29.77
CA PRO H 1538 64.57 -57.70 -29.71
C PRO H 1538 65.38 -58.88 -29.16
N ILE H 1539 66.47 -59.27 -29.82
CA ILE H 1539 67.29 -60.37 -29.35
C ILE H 1539 68.53 -59.88 -28.62
N ALA H 1540 69.30 -58.98 -29.26
CA ALA H 1540 70.51 -58.46 -28.64
C ALA H 1540 71.12 -57.41 -29.55
N VAL H 1541 71.98 -56.59 -28.95
CA VAL H 1541 72.85 -55.67 -29.69
C VAL H 1541 74.28 -56.09 -29.37
N LEU H 1542 75.05 -56.44 -30.40
CA LEU H 1542 76.36 -57.00 -30.23
C LEU H 1542 77.41 -56.12 -30.87
N ASP H 1543 78.65 -56.24 -30.40
CA ASP H 1543 79.78 -55.46 -30.89
C ASP H 1543 80.77 -56.38 -31.57
N SER H 1544 81.34 -55.91 -32.68
CA SER H 1544 82.28 -56.68 -33.47
C SER H 1544 83.35 -55.74 -34.01
N TYR H 1545 84.47 -56.32 -34.43
CA TYR H 1545 85.60 -55.56 -34.92
C TYR H 1545 86.17 -56.19 -36.17
N THR H 1546 86.51 -55.36 -37.15
CA THR H 1546 87.23 -55.82 -38.33
C THR H 1546 88.70 -56.02 -37.99
N PRO H 1547 89.35 -57.04 -38.55
CA PRO H 1547 90.78 -57.26 -38.25
C PRO H 1547 91.64 -56.17 -38.88
N SER H 1548 92.83 -56.00 -38.29
CA SER H 1548 93.76 -55.00 -38.77
C SER H 1548 94.30 -55.31 -40.16
N THR H 1549 94.26 -56.58 -40.57
CA THR H 1549 94.72 -56.98 -41.89
C THR H 1549 93.68 -57.89 -42.54
N ASN H 1550 93.51 -57.74 -43.85
CA ASN H 1550 92.62 -58.57 -44.63
C ASN H 1550 93.31 -59.79 -45.22
N GLU H 1551 94.62 -59.92 -45.02
CA GLU H 1551 95.38 -61.01 -45.64
C GLU H 1551 94.92 -62.39 -45.19
N PRO H 1552 94.67 -62.65 -43.90
CA PRO H 1552 94.26 -64.02 -43.52
C PRO H 1552 92.94 -64.45 -44.14
N TYR H 1553 91.92 -63.60 -44.12
CA TYR H 1553 90.67 -63.97 -44.76
C TYR H 1553 90.85 -64.15 -46.26
N ALA H 1554 91.63 -63.31 -46.90
CA ALA H 1554 91.89 -63.46 -48.30
C ALA H 1554 92.52 -64.77 -48.59
N ARG H 1555 93.43 -65.19 -47.74
CA ARG H 1555 94.16 -66.42 -48.00
C ARG H 1555 93.33 -67.65 -47.69
N VAL H 1556 92.36 -67.55 -46.78
CA VAL H 1556 91.53 -68.71 -46.50
C VAL H 1556 90.38 -68.83 -47.50
N SER H 1557 89.81 -67.69 -47.92
CA SER H 1557 88.68 -67.71 -48.84
C SER H 1557 89.09 -67.81 -50.30
N GLY H 1558 90.32 -67.47 -50.64
CA GLY H 1558 90.76 -67.50 -52.02
C GLY H 1558 90.50 -66.21 -52.72
N ASP H 1559 89.85 -65.27 -52.08
CA ASP H 1559 89.53 -63.99 -52.68
C ASP H 1559 90.76 -63.10 -52.62
N LEU H 1560 91.62 -63.21 -53.61
CA LEU H 1560 92.85 -62.45 -53.62
C LEU H 1560 92.71 -61.14 -54.37
N ASN H 1561 91.67 -60.37 -54.09
CA ASN H 1561 91.46 -59.06 -54.73
C ASN H 1561 92.42 -58.03 -54.14
N PRO H 1562 93.18 -57.34 -54.99
CA PRO H 1562 94.23 -56.44 -54.47
C PRO H 1562 93.69 -55.26 -53.67
N ILE H 1563 92.45 -54.85 -53.89
CA ILE H 1563 91.93 -53.69 -53.17
C ILE H 1563 91.86 -53.95 -51.67
N HIS H 1564 91.83 -55.20 -51.25
CA HIS H 1564 91.77 -55.51 -49.83
C HIS H 1564 93.15 -55.67 -49.18
N VAL H 1565 94.21 -55.73 -49.96
CA VAL H 1565 95.53 -55.97 -49.39
C VAL H 1565 96.59 -55.01 -49.89
N SER H 1566 96.34 -54.33 -50.99
CA SER H 1566 97.35 -53.49 -51.62
C SER H 1566 96.93 -52.02 -51.55
N ARG H 1567 97.81 -51.19 -51.01
CA ARG H 1567 97.51 -49.77 -50.89
C ARG H 1567 97.39 -49.12 -52.26
N HIS H 1568 98.30 -49.43 -53.19
CA HIS H 1568 98.29 -48.75 -54.47
C HIS H 1568 97.07 -49.14 -55.31
N PHE H 1569 96.66 -50.41 -55.27
CA PHE H 1569 95.47 -50.82 -56.00
C PHE H 1569 94.22 -50.16 -55.43
N ALA H 1570 94.10 -50.11 -54.10
CA ALA H 1570 92.96 -49.45 -53.50
C ALA H 1570 92.94 -47.96 -53.81
N SER H 1571 94.09 -47.33 -53.89
CA SER H 1571 94.15 -45.90 -54.19
C SER H 1571 93.77 -45.67 -55.64
N TYR H 1572 94.22 -46.55 -56.52
CA TYR H 1572 93.82 -46.43 -57.92
C TYR H 1572 92.32 -46.65 -58.11
N ALA H 1573 91.66 -47.33 -57.18
CA ALA H 1573 90.24 -47.60 -57.27
C ALA H 1573 89.39 -46.55 -56.57
N ASN H 1574 90.00 -45.46 -56.08
CA ASN H 1574 89.26 -44.37 -55.45
C ASN H 1574 88.53 -44.84 -54.22
N LEU H 1575 89.15 -45.75 -53.49
CA LEU H 1575 88.54 -46.30 -52.29
C LEU H 1575 89.04 -45.57 -51.04
N PRO H 1576 88.25 -45.64 -49.97
CA PRO H 1576 88.61 -44.96 -48.73
C PRO H 1576 89.84 -45.53 -48.06
N GLY H 1577 90.27 -46.68 -48.52
CA GLY H 1577 91.44 -47.33 -47.96
C GLY H 1577 91.48 -48.78 -48.40
N THR H 1578 92.24 -49.59 -47.65
CA THR H 1578 92.32 -51.02 -47.89
C THR H 1578 91.11 -51.66 -47.21
N ILE H 1579 89.99 -51.62 -47.91
CA ILE H 1579 88.72 -52.10 -47.36
C ILE H 1579 88.67 -53.55 -46.97
N THR H 1580 87.89 -53.85 -45.95
CA THR H 1580 87.72 -55.22 -45.50
C THR H 1580 86.80 -55.97 -46.42
N HIS H 1581 87.07 -57.24 -46.70
CA HIS H 1581 86.14 -58.01 -47.47
C HIS H 1581 84.74 -57.94 -46.90
N GLY H 1582 83.74 -57.68 -47.72
CA GLY H 1582 82.35 -57.73 -47.28
C GLY H 1582 81.95 -59.12 -46.84
N MET H 1583 82.54 -60.15 -47.44
CA MET H 1583 82.22 -61.52 -47.06
C MET H 1583 82.71 -61.84 -45.66
N PHE H 1584 83.83 -61.26 -45.24
CA PHE H 1584 84.25 -61.42 -43.85
C PHE H 1584 83.20 -60.85 -42.91
N SER H 1585 82.68 -59.67 -43.23
CA SER H 1585 81.67 -59.05 -42.39
C SER H 1585 80.41 -59.91 -42.33
N SER H 1586 80.00 -60.46 -43.48
CA SER H 1586 78.84 -61.34 -43.51
C SER H 1586 79.07 -62.56 -42.63
N ALA H 1587 80.25 -63.18 -42.74
CA ALA H 1587 80.53 -64.37 -41.93
C ALA H 1587 80.54 -64.04 -40.45
N SER H 1588 81.13 -62.90 -40.10
CA SER H 1588 81.22 -62.51 -38.72
C SER H 1588 79.85 -62.25 -38.12
N VAL H 1589 78.99 -61.53 -38.83
CA VAL H 1589 77.64 -61.25 -38.33
C VAL H 1589 76.82 -62.53 -38.29
N ARG H 1590 77.04 -63.45 -39.24
CA ARG H 1590 76.32 -64.71 -39.20
C ARG H 1590 76.77 -65.55 -38.01
N ALA H 1591 78.02 -65.45 -37.60
CA ALA H 1591 78.49 -66.14 -36.42
C ALA H 1591 77.84 -65.55 -35.21
N LEU H 1592 77.68 -64.24 -35.17
CA LEU H 1592 76.94 -63.61 -34.07
C LEU H 1592 75.51 -64.14 -34.00
N ILE H 1593 74.82 -64.16 -35.15
CA ILE H 1593 73.44 -64.60 -35.19
C ILE H 1593 73.33 -66.06 -34.76
N GLU H 1594 74.22 -66.91 -35.23
CA GLU H 1594 74.19 -68.31 -34.87
C GLU H 1594 74.33 -68.53 -33.38
N ASN H 1595 75.12 -67.71 -32.73
CA ASN H 1595 75.34 -67.87 -31.32
C ASN H 1595 74.17 -67.36 -30.56
N TRP H 1596 73.62 -66.25 -30.99
CA TRP H 1596 72.55 -65.66 -30.20
C TRP H 1596 71.15 -66.06 -30.67
N ALA H 1597 70.89 -66.00 -31.97
CA ALA H 1597 69.54 -66.31 -32.45
C ALA H 1597 69.27 -67.81 -32.45
N ALA H 1598 70.29 -68.62 -32.69
CA ALA H 1598 70.15 -70.07 -32.71
C ALA H 1598 70.69 -70.74 -31.46
N ASP H 1599 71.12 -69.96 -30.47
CA ASP H 1599 71.68 -70.50 -29.22
C ASP H 1599 72.87 -71.42 -29.52
N SER H 1600 73.67 -71.04 -30.51
CA SER H 1600 74.93 -71.72 -30.82
C SER H 1600 74.69 -73.16 -31.29
N VAL H 1601 73.57 -73.37 -31.98
CA VAL H 1601 73.27 -74.64 -32.63
C VAL H 1601 73.38 -74.39 -34.13
N SER H 1602 74.46 -74.83 -34.74
CA SER H 1602 74.70 -74.54 -36.15
C SER H 1602 73.53 -74.93 -37.01
N SER H 1603 73.25 -76.22 -37.08
CA SER H 1603 72.15 -76.73 -37.89
C SER H 1603 70.84 -75.93 -37.92
N ARG H 1604 70.49 -75.22 -36.87
CA ARG H 1604 69.25 -74.48 -36.86
C ARG H 1604 69.22 -73.31 -37.83
N VAL H 1605 70.35 -72.91 -38.37
CA VAL H 1605 70.39 -71.83 -39.34
C VAL H 1605 70.22 -72.43 -40.73
N ARG H 1606 69.07 -72.15 -41.36
CA ARG H 1606 68.75 -72.70 -42.67
C ARG H 1606 68.85 -71.69 -43.79
N GLY H 1607 68.70 -70.40 -43.50
CA GLY H 1607 68.86 -69.38 -44.52
C GLY H 1607 69.52 -68.14 -43.96
N TYR H 1608 70.33 -67.48 -44.78
CA TYR H 1608 71.01 -66.26 -44.35
C TYR H 1608 71.33 -65.43 -45.58
N THR H 1609 70.91 -64.17 -45.59
CA THR H 1609 71.19 -63.24 -46.67
C THR H 1609 71.70 -61.93 -46.07
N CYS H 1610 72.59 -61.27 -46.80
CA CYS H 1610 73.18 -60.01 -46.35
C CYS H 1610 73.22 -59.02 -47.49
N GLN H 1611 72.99 -57.76 -47.19
CA GLN H 1611 73.11 -56.72 -48.19
C GLN H 1611 74.27 -55.89 -47.78
N PHE H 1612 75.23 -55.71 -48.68
CA PHE H 1612 76.40 -54.89 -48.38
C PHE H 1612 76.10 -53.44 -48.69
N VAL H 1613 75.80 -52.65 -47.69
CA VAL H 1613 75.37 -51.26 -47.91
C VAL H 1613 76.49 -50.25 -48.06
N ASP H 1614 77.43 -50.21 -47.13
CA ASP H 1614 78.55 -49.30 -47.19
C ASP H 1614 79.84 -50.07 -46.94
N MET H 1615 80.97 -49.52 -47.36
CA MET H 1615 82.24 -50.17 -47.16
C MET H 1615 82.69 -50.07 -45.73
N VAL H 1616 83.59 -50.96 -45.36
CA VAL H 1616 84.09 -50.96 -44.00
C VAL H 1616 85.60 -51.00 -44.06
N LEU H 1617 86.25 -50.35 -43.12
CA LEU H 1617 87.70 -50.27 -43.08
C LEU H 1617 88.26 -51.15 -41.97
N PRO H 1618 89.52 -51.56 -42.06
CA PRO H 1618 90.09 -52.38 -40.97
C PRO H 1618 90.16 -51.63 -39.66
N ASN H 1619 90.08 -52.40 -38.56
CA ASN H 1619 90.20 -51.85 -37.20
C ASN H 1619 89.04 -50.92 -36.87
N THR H 1620 87.84 -51.32 -37.26
CA THR H 1620 86.63 -50.54 -37.01
C THR H 1620 85.69 -51.34 -36.12
N ALA H 1621 85.03 -50.65 -35.20
CA ALA H 1621 84.08 -51.27 -34.29
C ALA H 1621 82.69 -51.24 -34.94
N LEU H 1622 82.04 -52.39 -34.99
CA LEU H 1622 80.72 -52.53 -35.58
C LEU H 1622 79.68 -52.79 -34.49
N LYS H 1623 78.43 -52.50 -34.81
CA LYS H 1623 77.33 -52.57 -33.86
C LYS H 1623 76.15 -53.25 -34.52
N THR H 1624 75.90 -54.50 -34.15
CA THR H 1624 74.89 -55.33 -34.81
C THR H 1624 73.69 -55.49 -33.90
N SER H 1625 72.51 -55.13 -34.40
CA SER H 1625 71.27 -55.32 -33.65
C SER H 1625 70.47 -56.48 -34.27
N ILE H 1626 70.16 -57.53 -33.51
CA ILE H 1626 69.41 -58.68 -34.00
C ILE H 1626 68.00 -58.71 -33.43
N GLN H 1627 67.02 -59.08 -34.25
CA GLN H 1627 65.63 -59.12 -33.79
C GLN H 1627 64.77 -60.15 -34.50
N HIS H 1628 63.80 -60.72 -33.79
CA HIS H 1628 62.89 -61.68 -34.37
C HIS H 1628 61.68 -60.93 -34.84
N VAL H 1629 61.42 -60.94 -36.13
CA VAL H 1629 60.32 -60.18 -36.67
C VAL H 1629 59.13 -60.97 -37.16
N GLY H 1630 59.35 -62.17 -37.67
CA GLY H 1630 58.27 -62.96 -38.22
C GLY H 1630 58.59 -64.44 -38.30
N MET H 1631 57.77 -65.18 -39.05
CA MET H 1631 57.97 -66.60 -39.25
C MET H 1631 57.78 -66.94 -40.73
N ILE H 1632 58.42 -68.03 -41.14
CA ILE H 1632 58.22 -68.57 -42.49
C ILE H 1632 58.32 -70.08 -42.45
N ASN H 1633 57.21 -70.77 -42.71
CA ASN H 1633 57.19 -72.24 -42.73
C ASN H 1633 57.77 -72.89 -41.49
N GLY H 1634 57.44 -72.37 -40.31
CA GLY H 1634 57.93 -72.95 -39.07
C GLY H 1634 59.28 -72.47 -38.64
N ARG H 1635 59.85 -71.51 -39.35
CA ARG H 1635 61.15 -70.96 -39.02
C ARG H 1635 61.02 -69.50 -38.64
N LYS H 1636 61.88 -69.06 -37.75
CA LYS H 1636 61.87 -67.68 -37.31
C LYS H 1636 62.59 -66.74 -38.27
N LEU H 1637 62.04 -65.55 -38.50
CA LEU H 1637 62.66 -64.53 -39.33
C LEU H 1637 63.47 -63.61 -38.43
N ILE H 1638 64.77 -63.54 -38.68
CA ILE H 1638 65.67 -62.67 -37.93
C ILE H 1638 66.15 -61.56 -38.86
N LYS H 1639 65.85 -60.32 -38.51
CA LYS H 1639 66.46 -59.17 -39.15
C LYS H 1639 67.67 -58.73 -38.33
N PHE H 1640 68.67 -58.19 -39.02
CA PHE H 1640 69.78 -57.57 -38.32
C PHE H 1640 70.23 -56.34 -39.09
N GLU H 1641 70.99 -55.50 -38.41
CA GLU H 1641 71.49 -54.26 -38.98
C GLU H 1641 72.81 -53.95 -38.30
N THR H 1642 73.83 -53.58 -39.08
CA THR H 1642 75.15 -53.28 -38.53
C THR H 1642 75.51 -51.83 -38.85
N ARG H 1643 75.90 -51.09 -37.82
CA ARG H 1643 76.29 -49.70 -37.95
C ARG H 1643 77.74 -49.54 -37.52
N ASN H 1644 78.45 -48.67 -38.25
CA ASN H 1644 79.84 -48.38 -37.90
C ASN H 1644 79.84 -47.34 -36.80
N GLU H 1645 81.02 -46.82 -36.47
CA GLU H 1645 81.13 -45.89 -35.36
C GLU H 1645 80.44 -44.55 -35.60
N ASP H 1646 80.36 -44.11 -36.85
CA ASP H 1646 79.63 -42.90 -37.16
C ASP H 1646 78.12 -43.14 -37.19
N ASP H 1647 77.67 -44.32 -36.80
CA ASP H 1647 76.24 -44.65 -36.79
C ASP H 1647 75.69 -44.80 -38.21
N VAL H 1648 76.52 -45.25 -39.14
CA VAL H 1648 76.14 -45.41 -40.53
C VAL H 1648 75.94 -46.89 -40.79
N VAL H 1649 74.78 -47.23 -41.37
CA VAL H 1649 74.47 -48.63 -41.64
C VAL H 1649 75.38 -49.14 -42.75
N VAL H 1650 76.02 -50.29 -42.50
CA VAL H 1650 76.95 -50.87 -43.46
C VAL H 1650 76.57 -52.29 -43.86
N LEU H 1651 75.65 -52.94 -43.15
CA LEU H 1651 75.31 -54.32 -43.45
C LEU H 1651 73.93 -54.63 -42.87
N THR H 1652 73.05 -55.18 -43.70
CA THR H 1652 71.72 -55.60 -43.28
C THR H 1652 71.43 -56.95 -43.93
N GLY H 1653 70.50 -57.68 -43.34
CA GLY H 1653 70.17 -58.98 -43.90
C GLY H 1653 69.13 -59.71 -43.07
N GLU H 1654 68.88 -60.95 -43.46
CA GLU H 1654 67.89 -61.81 -42.85
C GLU H 1654 68.47 -63.19 -42.57
N ALA H 1655 67.94 -63.84 -41.55
CA ALA H 1655 68.28 -65.22 -41.24
C ALA H 1655 67.02 -66.00 -40.97
N GLU H 1656 67.05 -67.29 -41.29
CA GLU H 1656 65.93 -68.21 -41.12
C GLU H 1656 66.37 -69.28 -40.13
N ILE H 1657 65.90 -69.20 -38.90
CA ILE H 1657 66.32 -70.15 -37.87
C ILE H 1657 65.23 -71.09 -37.45
N GLU H 1658 65.52 -72.37 -37.44
CA GLU H 1658 64.56 -73.36 -37.01
C GLU H 1658 64.22 -73.20 -35.57
N GLN H 1659 63.00 -73.57 -35.20
CA GLN H 1659 62.58 -73.51 -33.83
C GLN H 1659 63.11 -74.76 -33.18
N PRO H 1660 63.08 -74.82 -31.85
CA PRO H 1660 63.49 -76.05 -31.17
C PRO H 1660 62.68 -77.29 -31.59
N VAL H 1661 63.21 -78.49 -31.45
CA VAL H 1661 62.49 -79.71 -31.79
C VAL H 1661 61.15 -79.71 -31.05
N THR H 1662 60.06 -79.82 -31.81
CA THR H 1662 58.72 -79.60 -31.29
C THR H 1662 57.89 -80.86 -31.43
N THR H 1663 56.96 -81.03 -30.50
CA THR H 1663 55.97 -82.09 -30.55
C THR H 1663 54.58 -81.49 -30.32
N PHE H 1664 53.59 -82.07 -31.00
CA PHE H 1664 52.19 -81.68 -30.83
C PHE H 1664 51.40 -82.86 -30.29
N VAL H 1665 50.70 -82.62 -29.18
CA VAL H 1665 49.84 -83.63 -28.56
C VAL H 1665 48.44 -83.07 -28.49
N PHE H 1666 47.46 -83.86 -28.92
CA PHE H 1666 46.08 -83.41 -29.05
C PHE H 1666 45.23 -84.06 -27.96
N THR H 1667 44.57 -83.24 -27.15
CA THR H 1667 43.78 -83.77 -26.05
C THR H 1667 42.63 -84.62 -26.53
N GLY H 1668 42.22 -85.60 -25.73
CA GLY H 1668 41.12 -86.46 -26.08
C GLY H 1668 39.84 -85.95 -25.48
N GLN H 1669 38.93 -86.84 -25.14
CA GLN H 1669 37.62 -86.45 -24.64
C GLN H 1669 37.63 -86.20 -23.15
N GLY H 1670 36.82 -85.26 -22.70
CA GLY H 1670 36.69 -85.00 -21.28
C GLY H 1670 37.00 -83.60 -20.86
N SER H 1671 37.13 -82.69 -21.81
CA SER H 1671 37.58 -81.33 -21.48
C SER H 1671 36.70 -80.27 -22.13
N GLN H 1672 35.62 -80.70 -22.79
CA GLN H 1672 34.76 -79.77 -23.51
C GLN H 1672 34.03 -78.85 -22.53
N GLU H 1673 33.65 -77.67 -23.04
CA GLU H 1673 32.89 -76.71 -22.26
C GLU H 1673 32.16 -75.77 -23.21
N GLN H 1674 31.05 -75.23 -22.74
CA GLN H 1674 30.28 -74.30 -23.55
C GLN H 1674 31.12 -73.09 -23.92
N GLY H 1675 31.19 -72.79 -25.22
CA GLY H 1675 32.05 -71.73 -25.71
C GLY H 1675 33.42 -72.20 -26.16
N MET H 1676 33.64 -73.50 -26.22
CA MET H 1676 34.92 -74.05 -26.66
C MET H 1676 35.36 -73.45 -27.98
N GLY H 1677 36.49 -72.78 -28.00
CA GLY H 1677 37.01 -72.25 -29.25
C GLY H 1677 36.28 -71.13 -29.90
N MET H 1678 35.44 -70.43 -29.16
CA MET H 1678 34.61 -69.42 -29.82
C MET H 1678 35.35 -68.09 -29.98
N ASP H 1679 36.27 -67.76 -29.07
CA ASP H 1679 37.05 -66.53 -29.25
C ASP H 1679 37.90 -66.61 -30.51
N LEU H 1680 38.58 -67.73 -30.71
CA LEU H 1680 39.36 -67.90 -31.93
C LEU H 1680 38.45 -67.87 -33.13
N TYR H 1681 37.26 -68.41 -32.99
CA TYR H 1681 36.30 -68.33 -34.10
C TYR H 1681 35.91 -66.89 -34.39
N LYS H 1682 35.90 -66.03 -33.36
CA LYS H 1682 35.62 -64.63 -33.60
C LYS H 1682 36.78 -63.93 -34.31
N THR H 1683 38.01 -64.30 -33.97
CA THR H 1683 39.18 -63.59 -34.47
C THR H 1683 39.80 -64.22 -35.71
N SER H 1684 40.12 -65.51 -35.68
CA SER H 1684 40.90 -66.13 -36.73
C SER H 1684 40.03 -66.42 -37.96
N LYS H 1685 40.61 -66.22 -39.15
CA LYS H 1685 39.93 -66.59 -40.38
C LYS H 1685 40.05 -68.08 -40.69
N ALA H 1686 41.17 -68.71 -40.34
CA ALA H 1686 41.31 -70.14 -40.56
C ALA H 1686 40.34 -70.92 -39.68
N ALA H 1687 40.22 -70.48 -38.43
CA ALA H 1687 39.29 -71.10 -37.52
C ALA H 1687 37.88 -70.92 -38.02
N GLN H 1688 37.56 -69.72 -38.50
CA GLN H 1688 36.24 -69.46 -39.05
C GLN H 1688 35.95 -70.38 -40.22
N ASP H 1689 36.92 -70.57 -41.09
CA ASP H 1689 36.72 -71.42 -42.24
C ASP H 1689 36.50 -72.85 -41.84
N VAL H 1690 37.19 -73.31 -40.81
CA VAL H 1690 37.06 -74.68 -40.36
C VAL H 1690 35.70 -74.91 -39.72
N TRP H 1691 35.27 -74.06 -38.81
CA TRP H 1691 33.98 -74.23 -38.20
C TRP H 1691 32.84 -74.02 -39.21
N ASN H 1692 32.95 -73.09 -40.14
CA ASN H 1692 31.84 -72.84 -41.06
C ASN H 1692 31.67 -73.96 -42.06
N ARG H 1693 32.74 -74.60 -42.44
CA ARG H 1693 32.65 -75.75 -43.32
C ARG H 1693 32.03 -76.93 -42.58
N ALA H 1694 32.40 -77.12 -41.31
CA ALA H 1694 31.80 -78.19 -40.52
C ALA H 1694 30.33 -77.92 -40.24
N ASP H 1695 29.99 -76.69 -39.92
CA ASP H 1695 28.62 -76.38 -39.57
C ASP H 1695 27.71 -76.47 -40.77
N ASN H 1696 28.18 -76.08 -41.94
CA ASN H 1696 27.38 -76.13 -43.12
C ASN H 1696 27.12 -77.56 -43.50
N HIS H 1697 28.12 -78.40 -43.32
CA HIS H 1697 27.96 -79.80 -43.63
C HIS H 1697 27.00 -80.48 -42.67
N PHE H 1698 27.10 -80.18 -41.39
CA PHE H 1698 26.17 -80.78 -40.43
C PHE H 1698 24.74 -80.29 -40.67
N LYS H 1699 24.57 -79.03 -40.95
CA LYS H 1699 23.24 -78.52 -41.23
C LYS H 1699 22.65 -79.16 -42.47
N ASP H 1700 23.43 -79.34 -43.54
CA ASP H 1700 22.89 -79.89 -44.77
C ASP H 1700 22.65 -81.40 -44.68
N THR H 1701 23.42 -82.11 -43.86
CA THR H 1701 23.34 -83.56 -43.81
C THR H 1701 22.44 -84.09 -42.70
N TYR H 1702 22.59 -83.58 -41.48
CA TYR H 1702 21.85 -84.09 -40.33
C TYR H 1702 20.89 -83.07 -39.73
N GLY H 1703 20.82 -81.86 -40.27
CA GLY H 1703 19.82 -80.91 -39.84
C GLY H 1703 20.10 -80.21 -38.54
N PHE H 1704 21.35 -80.18 -38.08
CA PHE H 1704 21.72 -79.41 -36.90
C PHE H 1704 23.04 -78.72 -37.17
N SER H 1705 23.31 -77.66 -36.40
CA SER H 1705 24.57 -76.96 -36.49
C SER H 1705 25.41 -77.26 -35.27
N ILE H 1706 26.64 -77.69 -35.47
CA ILE H 1706 27.54 -78.00 -34.36
C ILE H 1706 27.92 -76.74 -33.61
N LEU H 1707 28.01 -75.62 -34.32
CA LEU H 1707 28.33 -74.39 -33.67
C LEU H 1707 27.24 -74.01 -32.67
N ASP H 1708 25.98 -74.24 -33.00
CA ASP H 1708 24.89 -73.94 -32.08
C ASP H 1708 25.02 -74.76 -30.80
N ILE H 1709 25.38 -76.03 -30.91
CA ILE H 1709 25.54 -76.87 -29.73
C ILE H 1709 26.73 -76.39 -28.91
N VAL H 1710 27.82 -76.01 -29.57
CA VAL H 1710 29.00 -75.57 -28.83
C VAL H 1710 28.71 -74.27 -28.10
N ILE H 1711 27.90 -73.38 -28.70
CA ILE H 1711 27.67 -72.07 -28.11
C ILE H 1711 26.59 -72.09 -27.04
N ASN H 1712 25.48 -72.83 -27.25
CA ASN H 1712 24.33 -72.74 -26.38
C ASN H 1712 24.12 -73.98 -25.50
N ASN H 1713 24.75 -75.11 -25.83
CA ASN H 1713 24.62 -76.33 -25.05
C ASN H 1713 23.17 -76.64 -24.73
N PRO H 1714 22.32 -76.85 -25.73
CA PRO H 1714 20.91 -77.16 -25.45
C PRO H 1714 20.77 -78.52 -24.77
N VAL H 1715 19.70 -78.64 -23.98
CA VAL H 1715 19.44 -79.90 -23.30
C VAL H 1715 18.78 -80.90 -24.26
N ASN H 1716 17.91 -80.42 -25.15
CA ASN H 1716 17.26 -81.27 -26.13
C ASN H 1716 17.35 -80.60 -27.50
N LEU H 1717 17.43 -81.43 -28.53
CA LEU H 1717 17.47 -80.95 -29.90
C LEU H 1717 16.61 -81.80 -30.79
N THR H 1718 15.62 -81.20 -31.42
CA THR H 1718 14.76 -81.93 -32.34
C THR H 1718 15.05 -81.62 -33.79
N ILE H 1719 15.15 -82.65 -34.59
CA ILE H 1719 15.36 -82.51 -36.04
C ILE H 1719 14.03 -82.80 -36.72
N HIS H 1720 13.62 -81.90 -37.62
CA HIS H 1720 12.34 -81.99 -38.29
C HIS H 1720 12.54 -82.40 -39.73
N PHE H 1721 11.73 -83.34 -40.19
CA PHE H 1721 11.88 -83.97 -41.50
C PHE H 1721 10.85 -83.49 -42.52
N GLY H 1722 10.27 -82.31 -42.31
CA GLY H 1722 9.30 -81.80 -43.25
C GLY H 1722 9.96 -81.28 -44.53
N GLY H 1723 9.28 -81.51 -45.66
CA GLY H 1723 9.79 -81.07 -46.94
C GLY H 1723 10.83 -82.02 -47.52
N GLU H 1724 11.25 -81.72 -48.73
CA GLU H 1724 12.26 -82.54 -49.39
C GLU H 1724 13.57 -82.59 -48.63
N LYS H 1725 14.03 -81.45 -48.16
CA LYS H 1725 15.29 -81.41 -47.43
C LYS H 1725 15.18 -82.25 -46.20
N GLY H 1726 14.04 -82.19 -45.54
CA GLY H 1726 13.83 -82.94 -44.33
C GLY H 1726 13.83 -84.40 -44.61
N LYS H 1727 13.23 -84.79 -45.71
CA LYS H 1727 13.20 -86.18 -46.10
C LYS H 1727 14.60 -86.67 -46.40
N ARG H 1728 15.40 -85.86 -47.05
CA ARG H 1728 16.79 -86.22 -47.30
C ARG H 1728 17.57 -86.38 -45.99
N ILE H 1729 17.35 -85.50 -45.03
CA ILE H 1729 18.05 -85.65 -43.79
C ILE H 1729 17.60 -86.92 -43.08
N ARG H 1730 16.31 -87.25 -43.15
CA ARG H 1730 15.79 -88.47 -42.54
C ARG H 1730 16.43 -89.69 -43.13
N GLU H 1731 16.72 -89.62 -44.40
CA GLU H 1731 17.37 -90.72 -45.07
C GLU H 1731 18.77 -90.86 -44.54
N ASN H 1732 19.48 -89.75 -44.46
CA ASN H 1732 20.82 -89.80 -43.89
C ASN H 1732 20.79 -90.37 -42.48
N TYR H 1733 19.75 -90.05 -41.70
CA TYR H 1733 19.64 -90.59 -40.35
C TYR H 1733 19.36 -92.09 -40.37
N SER H 1734 18.50 -92.54 -41.29
CA SER H 1734 18.13 -93.95 -41.36
C SER H 1734 19.26 -94.83 -41.86
N ALA H 1735 20.16 -94.30 -42.69
CA ALA H 1735 21.21 -95.11 -43.27
C ALA H 1735 22.28 -95.55 -42.27
N MET H 1736 22.27 -95.00 -41.06
CA MET H 1736 23.33 -95.31 -40.09
C MET H 1736 23.09 -96.67 -39.45
N ILE H 1737 24.16 -97.46 -39.32
CA ILE H 1737 24.09 -98.83 -38.85
C ILE H 1737 25.22 -99.09 -37.85
N PHE H 1738 25.08 -100.19 -37.11
CA PHE H 1738 26.08 -100.63 -36.14
C PHE H 1738 26.42 -102.10 -36.40
N GLU H 1739 26.74 -102.42 -37.65
CA GLU H 1739 27.18 -103.77 -37.97
C GLU H 1739 28.30 -104.19 -37.03
N THR H 1740 28.14 -105.35 -36.41
CA THR H 1740 29.11 -105.83 -35.43
C THR H 1740 28.84 -107.29 -35.07
N THR H 1748 23.46 -106.43 -38.26
CA THR H 1748 23.61 -105.04 -38.66
C THR H 1748 22.49 -104.18 -38.08
N GLU H 1749 22.60 -103.87 -36.79
CA GLU H 1749 21.60 -103.02 -36.15
C GLU H 1749 21.62 -101.64 -36.78
N LYS H 1750 20.46 -101.03 -36.89
CA LYS H 1750 20.35 -99.63 -37.30
C LYS H 1750 20.40 -98.73 -36.08
N ILE H 1751 21.25 -97.71 -36.14
CA ILE H 1751 21.19 -96.64 -35.16
C ILE H 1751 19.99 -95.75 -35.47
N PHE H 1752 19.40 -95.18 -34.43
CA PHE H 1752 18.12 -94.50 -34.56
C PHE H 1752 17.05 -95.46 -35.08
N LYS H 1753 16.79 -96.49 -34.29
CA LYS H 1753 15.84 -97.51 -34.67
C LYS H 1753 14.42 -97.02 -34.73
N GLU H 1754 14.15 -95.87 -34.13
CA GLU H 1754 12.80 -95.33 -34.18
C GLU H 1754 12.52 -94.58 -35.47
N ILE H 1755 13.56 -94.10 -36.14
CA ILE H 1755 13.37 -93.32 -37.37
C ILE H 1755 12.96 -94.25 -38.50
N ASN H 1756 11.88 -93.90 -39.18
CA ASN H 1756 11.38 -94.67 -40.31
C ASN H 1756 10.71 -93.70 -41.28
N GLU H 1757 10.18 -94.26 -42.37
CA GLU H 1757 9.57 -93.45 -43.43
C GLU H 1757 8.31 -92.71 -42.98
N HIS H 1758 7.90 -92.84 -41.72
CA HIS H 1758 6.73 -92.13 -41.20
C HIS H 1758 7.09 -91.17 -40.10
N SER H 1759 8.37 -91.06 -39.80
CA SER H 1759 8.84 -90.18 -38.77
C SER H 1759 8.87 -88.79 -39.29
N THR H 1760 8.35 -87.86 -38.50
CA THR H 1760 8.37 -86.47 -38.91
C THR H 1760 9.41 -85.71 -38.14
N SER H 1761 9.91 -86.29 -37.08
CA SER H 1761 10.93 -85.64 -36.31
C SER H 1761 11.66 -86.60 -35.37
N TYR H 1762 12.86 -86.23 -34.94
CA TYR H 1762 13.61 -87.03 -33.97
C TYR H 1762 14.19 -86.12 -32.95
N THR H 1763 14.32 -86.58 -31.72
CA THR H 1763 14.81 -85.72 -30.67
C THR H 1763 16.01 -86.26 -29.90
N PHE H 1764 17.15 -85.60 -30.04
CA PHE H 1764 18.29 -85.92 -29.20
C PHE H 1764 18.04 -85.39 -27.80
N ARG H 1765 18.32 -86.21 -26.79
CA ARG H 1765 17.99 -85.89 -25.42
C ARG H 1765 19.20 -86.06 -24.52
N SER H 1766 19.19 -85.29 -23.43
CA SER H 1766 20.21 -85.37 -22.41
C SER H 1766 19.65 -84.76 -21.13
N GLU H 1767 20.50 -84.61 -20.12
CA GLU H 1767 20.11 -84.03 -18.85
C GLU H 1767 20.75 -82.67 -18.59
N LYS H 1768 22.06 -82.55 -18.75
CA LYS H 1768 22.76 -81.29 -18.55
C LYS H 1768 23.05 -80.55 -19.84
N GLY H 1769 23.27 -81.26 -20.95
CA GLY H 1769 23.56 -80.61 -22.21
C GLY H 1769 24.03 -81.59 -23.26
N LEU H 1770 23.68 -81.33 -24.52
CA LEU H 1770 24.06 -82.24 -25.60
C LEU H 1770 25.55 -82.19 -25.92
N LEU H 1771 26.23 -81.11 -25.55
CA LEU H 1771 27.67 -81.00 -25.79
C LEU H 1771 28.41 -82.08 -25.01
N SER H 1772 27.83 -82.56 -23.92
CA SER H 1772 28.42 -83.63 -23.12
C SER H 1772 27.92 -84.99 -23.57
N ALA H 1773 27.36 -85.07 -24.77
CA ALA H 1773 26.93 -86.32 -25.37
C ALA H 1773 27.95 -86.73 -26.42
N THR H 1774 28.39 -87.97 -26.34
CA THR H 1774 29.43 -88.47 -27.22
C THR H 1774 29.38 -88.03 -28.66
N GLN H 1775 28.25 -88.20 -29.30
CA GLN H 1775 28.15 -87.91 -30.73
C GLN H 1775 28.38 -86.43 -31.02
N PHE H 1776 28.00 -85.57 -30.08
CA PHE H 1776 28.23 -84.14 -30.26
C PHE H 1776 29.52 -83.70 -29.58
N THR H 1777 29.94 -84.44 -28.55
CA THR H 1777 31.17 -84.08 -27.85
C THR H 1777 32.39 -84.25 -28.73
N GLN H 1778 32.50 -85.40 -29.41
CA GLN H 1778 33.70 -85.67 -30.18
C GLN H 1778 33.87 -84.69 -31.34
N PRO H 1779 32.86 -84.44 -32.18
CA PRO H 1779 33.07 -83.48 -33.28
C PRO H 1779 33.43 -82.08 -32.80
N ALA H 1780 32.87 -81.63 -31.68
CA ALA H 1780 33.19 -80.29 -31.20
C ALA H 1780 34.66 -80.18 -30.80
N LEU H 1781 35.16 -81.18 -30.08
CA LEU H 1781 36.58 -81.19 -29.69
C LEU H 1781 37.46 -81.26 -30.93
N THR H 1782 37.11 -82.13 -31.87
CA THR H 1782 37.93 -82.26 -33.08
C THR H 1782 37.96 -80.94 -33.85
N LEU H 1783 36.82 -80.27 -33.97
CA LEU H 1783 36.78 -79.00 -34.67
C LEU H 1783 37.57 -77.94 -33.95
N MET H 1784 37.45 -77.86 -32.62
CA MET H 1784 38.20 -76.85 -31.89
C MET H 1784 39.71 -77.05 -32.05
N GLU H 1785 40.18 -78.29 -31.92
CA GLU H 1785 41.61 -78.57 -32.07
C GLU H 1785 42.09 -78.30 -33.48
N LYS H 1786 41.32 -78.72 -34.49
CA LYS H 1786 41.71 -78.46 -35.87
C LYS H 1786 41.73 -76.97 -36.17
N ALA H 1787 40.79 -76.22 -35.64
CA ALA H 1787 40.75 -74.79 -35.85
C ALA H 1787 41.92 -74.11 -35.20
N ALA H 1788 42.29 -74.51 -34.00
CA ALA H 1788 43.47 -73.96 -33.34
C ALA H 1788 44.71 -74.26 -34.17
N PHE H 1789 44.85 -75.49 -34.64
CA PHE H 1789 46.06 -75.83 -35.38
C PHE H 1789 46.12 -75.12 -36.73
N GLU H 1790 44.96 -74.91 -37.37
CA GLU H 1790 44.95 -74.17 -38.63
C GLU H 1790 45.27 -72.70 -38.41
N ASP H 1791 44.83 -72.11 -37.30
CA ASP H 1791 45.28 -70.77 -36.96
C ASP H 1791 46.79 -70.73 -36.77
N LEU H 1792 47.35 -71.73 -36.10
CA LEU H 1792 48.81 -71.78 -35.96
C LEU H 1792 49.49 -71.89 -37.32
N LYS H 1793 48.92 -72.70 -38.23
CA LYS H 1793 49.50 -72.83 -39.56
C LYS H 1793 49.45 -71.53 -40.35
N SER H 1794 48.33 -70.79 -40.27
CA SER H 1794 48.24 -69.54 -41.01
C SER H 1794 49.25 -68.51 -40.50
N LYS H 1795 49.83 -68.73 -39.32
CA LYS H 1795 50.81 -67.82 -38.75
C LYS H 1795 52.24 -68.26 -39.01
N GLY H 1796 52.45 -69.26 -39.87
CA GLY H 1796 53.79 -69.73 -40.16
C GLY H 1796 54.48 -70.30 -38.93
N LEU H 1797 53.76 -71.08 -38.13
CA LEU H 1797 54.18 -71.39 -36.78
C LEU H 1797 54.46 -72.88 -36.57
N ILE H 1798 54.25 -73.72 -37.57
CA ILE H 1798 54.34 -75.17 -37.43
C ILE H 1798 55.65 -75.63 -38.05
N PRO H 1799 56.52 -76.26 -37.25
CA PRO H 1799 57.79 -76.77 -37.77
C PRO H 1799 57.55 -77.92 -38.70
N ALA H 1800 58.26 -77.99 -39.81
CA ALA H 1800 58.03 -79.02 -40.82
C ALA H 1800 58.38 -80.43 -40.39
N ASP H 1801 59.27 -80.56 -39.41
CA ASP H 1801 59.67 -81.86 -38.91
C ASP H 1801 58.98 -82.25 -37.60
N ALA H 1802 58.03 -81.45 -37.12
CA ALA H 1802 57.39 -81.70 -35.85
C ALA H 1802 56.72 -83.06 -35.82
N THR H 1803 56.93 -83.79 -34.71
CA THR H 1803 56.24 -85.05 -34.48
C THR H 1803 54.96 -84.79 -33.70
N PHE H 1804 53.96 -85.65 -33.90
CA PHE H 1804 52.66 -85.45 -33.30
C PHE H 1804 52.05 -86.77 -32.83
N ALA H 1805 51.17 -86.66 -31.84
CA ALA H 1805 50.44 -87.80 -31.30
C ALA H 1805 49.11 -87.29 -30.76
N GLY H 1806 48.16 -88.20 -30.58
CA GLY H 1806 46.86 -87.83 -30.05
C GLY H 1806 46.33 -88.83 -29.06
N HIS H 1807 45.80 -88.35 -27.96
CA HIS H 1807 45.26 -89.20 -26.90
C HIS H 1807 43.78 -89.47 -27.12
N SER H 1808 43.47 -90.70 -27.58
CA SER H 1808 42.08 -91.15 -27.90
C SER H 1808 41.44 -90.49 -29.13
N LEU H 1809 40.49 -89.58 -28.94
CA LEU H 1809 39.91 -88.89 -30.07
C LEU H 1809 40.94 -87.94 -30.65
N GLY H 1810 42.04 -87.73 -29.95
CA GLY H 1810 43.07 -86.83 -30.42
C GLY H 1810 43.76 -87.28 -31.67
N GLU H 1811 43.93 -88.58 -31.83
CA GLU H 1811 44.54 -89.10 -33.04
C GLU H 1811 43.90 -88.59 -34.33
N TYR H 1812 42.60 -88.34 -34.31
CA TYR H 1812 41.91 -87.94 -35.52
C TYR H 1812 42.14 -86.50 -35.82
N ALA H 1813 42.06 -85.67 -34.80
CA ALA H 1813 42.36 -84.27 -34.98
C ALA H 1813 43.79 -84.11 -35.42
N ALA H 1814 44.69 -84.87 -34.83
CA ALA H 1814 46.12 -84.76 -35.14
C ALA H 1814 46.42 -85.21 -36.55
N LEU H 1815 45.83 -86.33 -36.96
CA LEU H 1815 46.04 -86.83 -38.29
C LEU H 1815 45.45 -85.88 -39.33
N ALA H 1816 44.36 -85.20 -39.00
CA ALA H 1816 43.80 -84.20 -39.90
C ALA H 1816 44.59 -82.91 -39.87
N SER H 1817 45.10 -82.52 -38.70
CA SER H 1817 45.79 -81.23 -38.58
C SER H 1817 47.17 -81.25 -39.22
N LEU H 1818 47.93 -82.32 -39.02
CA LEU H 1818 49.33 -82.36 -39.44
C LEU H 1818 49.57 -83.16 -40.70
N ALA H 1819 48.62 -83.99 -41.13
CA ALA H 1819 48.77 -84.78 -42.34
C ALA H 1819 47.68 -84.53 -43.37
N ASP H 1820 46.61 -83.84 -43.03
CA ASP H 1820 45.52 -83.53 -43.95
C ASP H 1820 45.09 -84.79 -44.70
N VAL H 1821 44.86 -85.85 -43.94
CA VAL H 1821 44.48 -87.13 -44.53
C VAL H 1821 43.03 -87.13 -44.98
N MET H 1822 42.20 -86.25 -44.43
CA MET H 1822 40.80 -86.16 -44.81
C MET H 1822 40.33 -84.73 -44.60
N SER H 1823 39.38 -84.31 -45.43
CA SER H 1823 38.88 -82.95 -45.38
C SER H 1823 38.04 -82.73 -44.12
N ILE H 1824 37.63 -81.50 -43.87
CA ILE H 1824 36.86 -81.19 -42.68
C ILE H 1824 35.52 -81.92 -42.71
N GLU H 1825 34.86 -81.95 -43.87
CA GLU H 1825 33.56 -82.59 -43.93
C GLU H 1825 33.69 -84.08 -43.67
N SER H 1826 34.73 -84.72 -44.18
CA SER H 1826 34.96 -86.13 -43.90
C SER H 1826 35.30 -86.34 -42.42
N LEU H 1827 36.08 -85.44 -41.85
CA LEU H 1827 36.53 -85.61 -40.47
C LEU H 1827 35.34 -85.63 -39.51
N VAL H 1828 34.41 -84.70 -39.68
CA VAL H 1828 33.29 -84.58 -38.73
C VAL H 1828 32.34 -85.75 -38.90
N GLU H 1829 32.19 -86.28 -40.12
CA GLU H 1829 31.34 -87.45 -40.31
C GLU H 1829 31.89 -88.65 -39.55
N VAL H 1830 33.20 -88.93 -39.69
CA VAL H 1830 33.79 -90.04 -38.99
C VAL H 1830 33.67 -89.84 -37.48
N VAL H 1831 33.90 -88.62 -37.01
CA VAL H 1831 33.83 -88.35 -35.58
C VAL H 1831 32.39 -88.46 -35.11
N PHE H 1832 31.43 -88.02 -35.94
CA PHE H 1832 30.02 -88.15 -35.57
C PHE H 1832 29.61 -89.61 -35.52
N TYR H 1833 30.01 -90.40 -36.53
CA TYR H 1833 29.67 -91.81 -36.53
C TYR H 1833 30.38 -92.55 -35.41
N ARG H 1834 31.64 -92.22 -35.13
CA ARG H 1834 32.36 -92.87 -34.04
C ARG H 1834 31.60 -92.72 -32.73
N GLY H 1835 31.17 -91.51 -32.41
CA GLY H 1835 30.45 -91.30 -31.17
C GLY H 1835 29.07 -91.92 -31.18
N MET H 1836 28.45 -92.01 -32.35
CA MET H 1836 27.11 -92.60 -32.43
C MET H 1836 27.17 -94.10 -32.19
N THR H 1837 28.16 -94.79 -32.74
CA THR H 1837 28.31 -96.21 -32.49
C THR H 1837 28.57 -96.48 -31.02
N MET H 1838 29.43 -95.68 -30.39
CA MET H 1838 29.68 -95.83 -28.96
C MET H 1838 28.38 -95.81 -28.18
N GLN H 1839 27.49 -94.86 -28.53
CA GLN H 1839 26.24 -94.70 -27.78
C GLN H 1839 25.41 -95.97 -27.79
N VAL H 1840 25.42 -96.70 -28.91
CA VAL H 1840 24.58 -97.88 -29.07
C VAL H 1840 25.43 -99.13 -29.02
N ALA H 1841 26.58 -99.05 -28.33
CA ALA H 1841 27.48 -100.19 -28.20
C ALA H 1841 27.34 -100.92 -26.88
N VAL H 1842 26.60 -100.38 -25.91
CA VAL H 1842 26.38 -101.05 -24.64
C VAL H 1842 24.88 -101.20 -24.43
N PRO H 1843 24.43 -102.19 -23.67
CA PRO H 1843 22.99 -102.34 -23.41
C PRO H 1843 22.53 -101.32 -22.38
N ARG H 1844 21.50 -100.56 -22.74
CA ARG H 1844 20.92 -99.55 -21.88
C ARG H 1844 19.47 -99.91 -21.57
N ASP H 1845 19.09 -99.78 -20.31
CA ASP H 1845 17.70 -99.93 -19.91
C ASP H 1845 16.89 -98.75 -20.45
N GLU H 1846 15.59 -98.76 -20.12
CA GLU H 1846 14.72 -97.67 -20.57
C GLU H 1846 15.14 -96.32 -20.03
N LEU H 1847 15.94 -96.28 -18.96
CA LEU H 1847 16.40 -95.04 -18.37
C LEU H 1847 17.75 -94.58 -18.92
N GLY H 1848 18.29 -95.28 -19.91
CA GLY H 1848 19.59 -94.89 -20.45
C GLY H 1848 20.71 -94.96 -19.44
N ARG H 1849 20.65 -95.95 -18.57
CA ARG H 1849 21.68 -96.14 -17.58
C ARG H 1849 22.18 -97.54 -17.77
N SER H 1850 23.39 -97.66 -18.29
CA SER H 1850 23.96 -98.95 -18.53
C SER H 1850 24.71 -99.41 -17.31
N ASN H 1851 25.27 -100.59 -17.36
CA ASN H 1851 25.98 -101.17 -16.23
C ASN H 1851 27.50 -101.21 -16.47
N TYR H 1852 28.00 -100.32 -17.34
CA TYR H 1852 29.42 -100.21 -17.62
C TYR H 1852 29.90 -98.82 -17.25
N GLY H 1853 31.18 -98.73 -16.91
CA GLY H 1853 31.76 -97.47 -16.49
C GLY H 1853 33.26 -97.46 -16.63
N MET H 1854 33.88 -96.44 -16.04
CA MET H 1854 35.32 -96.28 -16.06
C MET H 1854 35.77 -95.70 -14.73
N ILE H 1855 37.00 -96.02 -14.34
CA ILE H 1855 37.55 -95.62 -13.04
C ILE H 1855 38.99 -95.17 -13.25
N ALA H 1856 39.35 -94.04 -12.64
CA ALA H 1856 40.72 -93.53 -12.69
C ALA H 1856 41.47 -93.99 -11.45
N ILE H 1857 42.59 -94.69 -11.65
CA ILE H 1857 43.33 -95.31 -10.55
C ILE H 1857 44.70 -94.66 -10.43
N ASN H 1858 45.19 -94.57 -9.20
CA ASN H 1858 46.50 -94.00 -8.90
C ASN H 1858 47.24 -94.97 -8.01
N PRO H 1859 47.99 -95.91 -8.60
CA PRO H 1859 48.64 -96.96 -7.78
C PRO H 1859 49.51 -96.41 -6.67
N GLY H 1860 50.21 -95.30 -6.90
CA GLY H 1860 51.05 -94.73 -5.86
C GLY H 1860 50.28 -94.20 -4.66
N ARG H 1861 48.95 -94.09 -4.77
CA ARG H 1861 48.14 -93.61 -3.66
C ARG H 1861 47.60 -94.73 -2.79
N VAL H 1862 47.36 -95.92 -3.37
CA VAL H 1862 46.96 -97.07 -2.59
C VAL H 1862 48.12 -97.69 -1.82
N ALA H 1863 49.32 -97.67 -2.39
CA ALA H 1863 50.51 -98.21 -1.73
C ALA H 1863 51.77 -97.73 -2.41
N ALA H 1864 52.69 -97.14 -1.65
CA ALA H 1864 53.89 -96.54 -2.22
C ALA H 1864 54.75 -97.56 -2.96
N SER H 1865 54.59 -98.85 -2.67
CA SER H 1865 55.35 -99.90 -3.33
C SER H 1865 54.49 -100.74 -4.27
N PHE H 1866 53.37 -100.18 -4.74
CA PHE H 1866 52.42 -100.90 -5.58
C PHE H 1866 52.68 -100.48 -7.04
N SER H 1867 53.44 -101.30 -7.76
CA SER H 1867 53.81 -100.96 -9.13
C SER H 1867 52.66 -101.26 -10.09
N GLN H 1868 52.80 -100.75 -11.32
CA GLN H 1868 51.78 -100.99 -12.32
C GLN H 1868 51.65 -102.47 -12.66
N GLU H 1869 52.71 -103.25 -12.47
CA GLU H 1869 52.57 -104.70 -12.58
C GLU H 1869 51.80 -105.25 -11.38
N ALA H 1870 51.83 -104.55 -10.26
CA ALA H 1870 50.99 -104.94 -9.12
C ALA H 1870 49.53 -104.59 -9.39
N LEU H 1871 49.28 -103.42 -9.97
CA LEU H 1871 47.92 -103.07 -10.39
C LEU H 1871 47.44 -104.00 -11.49
N GLN H 1872 48.30 -104.27 -12.48
CA GLN H 1872 47.92 -105.19 -13.54
C GLN H 1872 47.60 -106.57 -12.98
N TYR H 1873 48.29 -106.97 -11.91
CA TYR H 1873 47.98 -108.23 -11.25
C TYR H 1873 46.56 -108.21 -10.68
N VAL H 1874 46.24 -107.18 -9.89
CA VAL H 1874 44.96 -107.14 -9.20
C VAL H 1874 43.81 -107.11 -10.21
N VAL H 1875 43.93 -106.25 -11.22
CA VAL H 1875 42.86 -106.12 -12.21
C VAL H 1875 42.66 -107.43 -12.95
N GLU H 1876 43.75 -108.06 -13.39
CA GLU H 1876 43.64 -109.32 -14.10
C GLU H 1876 43.06 -110.41 -13.21
N ARG H 1877 43.48 -110.45 -11.94
CA ARG H 1877 42.93 -111.44 -11.01
C ARG H 1877 41.49 -111.11 -10.63
N VAL H 1878 41.20 -109.82 -10.41
CA VAL H 1878 39.83 -109.40 -10.12
C VAL H 1878 38.90 -109.59 -11.30
N GLY H 1879 39.45 -109.68 -12.51
CA GLY H 1879 38.66 -109.97 -13.69
C GLY H 1879 38.76 -111.43 -14.10
N LYS H 1880 39.44 -112.24 -13.29
CA LYS H 1880 39.60 -113.66 -13.56
C LYS H 1880 38.82 -114.54 -12.58
N ARG H 1881 39.00 -114.35 -11.29
CA ARG H 1881 38.27 -115.12 -10.29
C ARG H 1881 36.80 -114.73 -10.21
N THR H 1882 36.40 -113.63 -10.84
CA THR H 1882 35.03 -113.18 -10.83
C THR H 1882 34.35 -113.27 -12.19
N GLY H 1883 35.12 -113.34 -13.28
CA GLY H 1883 34.57 -113.57 -14.60
C GLY H 1883 34.02 -112.35 -15.30
N TRP H 1884 34.00 -111.19 -14.64
CA TRP H 1884 33.46 -109.98 -15.24
C TRP H 1884 34.52 -109.29 -16.09
N LEU H 1885 34.06 -108.42 -16.99
CA LEU H 1885 34.93 -107.72 -17.91
C LEU H 1885 35.52 -106.49 -17.23
N VAL H 1886 36.85 -106.42 -17.20
CA VAL H 1886 37.56 -105.27 -16.64
C VAL H 1886 38.99 -105.32 -17.14
N GLU H 1887 39.54 -104.14 -17.43
CA GLU H 1887 40.91 -104.04 -17.91
C GLU H 1887 41.36 -102.59 -17.85
N ILE H 1888 42.67 -102.39 -17.88
CA ILE H 1888 43.24 -101.05 -17.94
C ILE H 1888 43.15 -100.56 -19.39
N VAL H 1889 42.50 -99.41 -19.57
CA VAL H 1889 42.27 -98.86 -20.90
C VAL H 1889 43.30 -97.78 -21.26
N ASN H 1890 43.70 -96.98 -20.28
CA ASN H 1890 44.68 -95.92 -20.49
C ASN H 1890 45.84 -96.09 -19.52
N TYR H 1891 47.06 -95.96 -20.04
CA TYR H 1891 48.26 -95.82 -19.23
C TYR H 1891 48.74 -94.39 -19.41
N ASN H 1892 48.39 -93.51 -18.46
CA ASN H 1892 48.61 -92.08 -18.65
C ASN H 1892 49.94 -91.62 -18.07
N VAL H 1893 50.11 -91.76 -16.76
CA VAL H 1893 51.35 -91.40 -16.07
C VAL H 1893 51.83 -92.62 -15.31
N GLU H 1894 53.12 -92.91 -15.45
CA GLU H 1894 53.69 -94.11 -14.84
C GLU H 1894 53.49 -94.07 -13.32
N ASN H 1895 52.72 -95.02 -12.81
CA ASN H 1895 52.50 -95.19 -11.37
C ASN H 1895 51.75 -94.03 -10.75
N GLN H 1896 51.10 -93.18 -11.54
CA GLN H 1896 50.34 -92.07 -10.96
C GLN H 1896 48.94 -91.93 -11.57
N GLN H 1897 48.74 -92.35 -12.81
CA GLN H 1897 47.43 -92.22 -13.45
C GLN H 1897 47.17 -93.40 -14.36
N TYR H 1898 46.08 -94.11 -14.09
CA TYR H 1898 45.61 -95.21 -14.92
C TYR H 1898 44.09 -95.13 -15.00
N VAL H 1899 43.55 -95.75 -16.05
CA VAL H 1899 42.11 -95.81 -16.25
C VAL H 1899 41.73 -97.25 -16.56
N ALA H 1900 40.73 -97.77 -15.83
CA ALA H 1900 40.19 -99.09 -16.07
C ALA H 1900 38.74 -98.96 -16.53
N ALA H 1901 38.34 -99.84 -17.44
CA ALA H 1901 36.99 -99.86 -17.98
C ALA H 1901 36.40 -101.25 -17.83
N GLY H 1902 35.08 -101.28 -17.69
CA GLY H 1902 34.37 -102.54 -17.50
C GLY H 1902 33.00 -102.27 -16.92
N ASP H 1903 32.30 -103.35 -16.59
CA ASP H 1903 31.00 -103.21 -15.96
C ASP H 1903 31.12 -102.41 -14.68
N LEU H 1904 30.17 -101.48 -14.48
CA LEU H 1904 30.22 -100.60 -13.32
C LEU H 1904 30.28 -101.41 -12.03
N ARG H 1905 29.72 -102.62 -12.04
CA ARG H 1905 29.79 -103.49 -10.88
C ARG H 1905 31.22 -103.93 -10.58
N ALA H 1906 31.97 -104.34 -11.61
CA ALA H 1906 33.31 -104.88 -11.39
C ALA H 1906 34.32 -103.79 -11.02
N LEU H 1907 33.96 -102.51 -11.19
CA LEU H 1907 34.84 -101.45 -10.73
C LEU H 1907 34.73 -101.25 -9.22
N ASP H 1908 33.54 -101.49 -8.66
CA ASP H 1908 33.37 -101.35 -7.22
C ASP H 1908 34.21 -102.37 -6.46
N THR H 1909 34.23 -103.62 -6.95
CA THR H 1909 35.07 -104.64 -6.31
C THR H 1909 36.54 -104.27 -6.40
N VAL H 1910 36.99 -103.78 -7.55
CA VAL H 1910 38.37 -103.34 -7.68
C VAL H 1910 38.63 -102.17 -6.74
N THR H 1911 37.73 -101.18 -6.75
CA THR H 1911 37.89 -100.05 -5.83
C THR H 1911 37.94 -100.52 -4.39
N ASN H 1912 37.10 -101.51 -4.04
CA ASN H 1912 37.12 -102.04 -2.69
C ASN H 1912 38.39 -102.85 -2.44
N VAL H 1913 38.77 -103.70 -3.39
CA VAL H 1913 39.97 -104.52 -3.23
C VAL H 1913 41.17 -103.63 -2.95
N LEU H 1914 41.34 -102.57 -3.74
CA LEU H 1914 42.41 -101.62 -3.49
C LEU H 1914 42.22 -100.93 -2.15
N ASN H 1915 40.97 -100.65 -1.78
CA ASN H 1915 40.72 -100.06 -0.46
C ASN H 1915 41.19 -100.99 0.65
N PHE H 1916 40.97 -102.29 0.50
CA PHE H 1916 41.51 -103.24 1.45
C PHE H 1916 43.04 -103.23 1.42
N ILE H 1917 43.62 -103.13 0.23
CA ILE H 1917 45.08 -103.05 0.11
C ILE H 1917 45.60 -101.80 0.79
N LYS H 1918 44.93 -100.66 0.59
CA LYS H 1918 45.38 -99.42 1.20
C LYS H 1918 45.12 -99.43 2.70
N LEU H 1919 43.91 -99.81 3.10
CA LEU H 1919 43.57 -99.78 4.52
C LEU H 1919 44.49 -100.68 5.32
N GLN H 1920 44.82 -101.85 4.78
CA GLN H 1920 45.81 -102.73 5.38
C GLN H 1920 47.17 -102.45 4.74
N LYS H 1921 48.19 -103.20 5.17
CA LYS H 1921 49.55 -103.03 4.67
C LYS H 1921 49.90 -103.99 3.54
N ILE H 1922 48.96 -104.79 3.06
CA ILE H 1922 49.26 -105.75 2.00
C ILE H 1922 49.83 -104.99 0.81
N GLU H 1934 52.22 -119.39 -5.73
CA GLU H 1934 50.79 -119.66 -5.88
C GLU H 1934 50.01 -119.11 -4.69
N GLU H 1935 50.70 -118.91 -3.56
CA GLU H 1935 50.04 -118.39 -2.37
C GLU H 1935 49.49 -116.99 -2.61
N VAL H 1936 50.27 -116.14 -3.29
CA VAL H 1936 49.81 -114.77 -3.54
C VAL H 1936 48.55 -114.79 -4.38
N GLU H 1937 48.51 -115.61 -5.44
CA GLU H 1937 47.32 -115.71 -6.25
C GLU H 1937 46.14 -116.21 -5.43
N GLY H 1938 46.37 -117.22 -4.58
CA GLY H 1938 45.29 -117.73 -3.76
C GLY H 1938 44.81 -116.72 -2.73
N HIS H 1939 45.75 -115.97 -2.14
CA HIS H 1939 45.37 -114.97 -1.15
C HIS H 1939 44.49 -113.90 -1.77
N LEU H 1940 44.86 -113.41 -2.96
CA LEU H 1940 44.04 -112.40 -3.62
C LEU H 1940 42.67 -112.94 -3.96
N PHE H 1941 42.57 -114.21 -4.37
CA PHE H 1941 41.27 -114.82 -4.61
C PHE H 1941 40.37 -114.70 -3.38
N GLU H 1942 40.95 -114.72 -2.19
CA GLU H 1942 40.15 -114.48 -0.99
C GLU H 1942 39.59 -113.07 -0.97
N ILE H 1943 40.39 -112.08 -1.38
CA ILE H 1943 39.93 -110.70 -1.36
C ILE H 1943 38.88 -110.47 -2.44
N ILE H 1944 39.12 -111.00 -3.65
CA ILE H 1944 38.20 -110.73 -4.75
C ILE H 1944 36.82 -111.28 -4.43
N ASP H 1945 36.75 -112.49 -3.87
CA ASP H 1945 35.46 -113.07 -3.53
C ASP H 1945 34.74 -112.24 -2.47
N GLU H 1946 35.48 -111.75 -1.47
CA GLU H 1946 34.85 -110.99 -0.39
C GLU H 1946 34.13 -109.77 -0.94
N ALA H 1947 34.82 -108.96 -1.74
CA ALA H 1947 34.21 -107.76 -2.30
C ALA H 1947 33.27 -108.07 -3.46
N SER H 1948 33.48 -109.21 -4.14
CA SER H 1948 32.67 -109.52 -5.32
C SER H 1948 31.19 -109.49 -5.01
N LYS H 1949 30.78 -110.22 -3.96
CA LYS H 1949 29.37 -110.28 -3.62
C LYS H 1949 28.87 -109.03 -2.91
N LYS H 1950 29.76 -108.29 -2.26
CA LYS H 1950 29.34 -107.12 -1.49
C LYS H 1950 28.83 -105.99 -2.37
N SER H 1951 29.06 -106.07 -3.69
CA SER H 1951 28.52 -105.09 -4.63
C SER H 1951 27.58 -105.70 -5.65
N ALA H 1952 27.64 -107.01 -5.88
CA ALA H 1952 26.75 -107.65 -6.84
C ALA H 1952 25.29 -107.54 -6.39
N VAL H 1953 25.05 -107.44 -5.08
CA VAL H 1953 23.68 -107.40 -4.58
C VAL H 1953 22.94 -106.19 -5.12
N LYS H 1954 23.63 -105.06 -5.30
CA LYS H 1954 22.99 -103.83 -5.68
C LYS H 1954 22.35 -103.97 -7.08
N PRO H 1955 21.35 -103.14 -7.38
CA PRO H 1955 20.71 -103.21 -8.70
C PRO H 1955 21.74 -103.10 -9.82
N ARG H 1956 21.33 -103.49 -11.03
CA ARG H 1956 22.27 -103.49 -12.15
C ARG H 1956 22.78 -102.11 -12.51
N PRO H 1957 21.93 -101.10 -12.43
CA PRO H 1957 22.52 -99.81 -12.73
C PRO H 1957 23.16 -99.31 -11.44
N LEU H 1958 24.12 -100.05 -10.89
CA LEU H 1958 24.69 -99.70 -9.59
C LEU H 1958 25.52 -98.42 -9.57
N LYS H 1959 26.06 -98.08 -8.40
CA LYS H 1959 26.82 -96.86 -8.25
C LYS H 1959 28.26 -97.13 -7.84
N LEU H 1960 29.21 -96.59 -8.60
CA LEU H 1960 30.61 -96.72 -8.24
C LEU H 1960 31.01 -95.56 -7.36
N GLU H 1961 31.66 -95.84 -6.24
CA GLU H 1961 32.04 -94.79 -5.32
C GLU H 1961 33.51 -94.42 -5.50
N ARG H 1962 34.36 -94.86 -4.59
CA ARG H 1962 35.76 -94.47 -4.65
C ARG H 1962 36.63 -95.19 -3.66
N GLY H 1963 37.93 -95.10 -3.85
CA GLY H 1963 38.86 -95.66 -2.89
C GLY H 1963 39.59 -94.44 -2.42
N PHE H 1964 40.75 -94.60 -1.82
CA PHE H 1964 41.54 -93.44 -1.46
C PHE H 1964 42.26 -93.06 -2.73
N ALA H 1965 42.23 -93.94 -3.72
CA ALA H 1965 42.97 -93.71 -4.94
C ALA H 1965 42.21 -94.08 -6.21
N CYS H 1966 40.89 -94.21 -6.14
CA CYS H 1966 40.11 -94.66 -7.30
C CYS H 1966 38.94 -93.71 -7.42
N ILE H 1967 38.80 -93.04 -8.56
CA ILE H 1967 37.75 -92.04 -8.71
C ILE H 1967 37.06 -92.21 -10.03
N PRO H 1968 35.78 -92.60 -10.00
CA PRO H 1968 35.13 -92.90 -11.27
C PRO H 1968 34.96 -91.67 -12.10
N LEU H 1969 34.66 -91.86 -13.37
CA LEU H 1969 34.51 -90.74 -14.27
C LEU H 1969 33.02 -90.39 -14.36
N VAL H 1970 32.70 -89.16 -14.79
CA VAL H 1970 31.31 -88.74 -14.87
C VAL H 1970 30.87 -88.76 -16.32
N GLY H 1971 29.70 -89.37 -16.58
CA GLY H 1971 29.12 -89.38 -17.89
C GLY H 1971 29.64 -90.43 -18.85
N ILE H 1972 30.54 -91.30 -18.40
CA ILE H 1972 31.09 -92.36 -19.24
C ILE H 1972 30.32 -93.64 -18.95
N SER H 1973 29.83 -94.28 -20.01
CA SER H 1973 29.08 -95.53 -19.86
C SER H 1973 29.58 -96.64 -20.77
N VAL H 1974 30.36 -96.30 -21.77
CA VAL H 1974 30.86 -97.31 -22.71
C VAL H 1974 32.30 -97.65 -22.34
N PRO H 1975 32.70 -98.93 -22.35
CA PRO H 1975 34.11 -99.25 -22.06
C PRO H 1975 34.97 -99.22 -23.33
N PHE H 1976 35.19 -98.02 -23.85
CA PHE H 1976 36.00 -97.90 -25.05
C PHE H 1976 37.48 -98.09 -24.70
N HIS H 1977 38.26 -98.50 -25.68
CA HIS H 1977 39.68 -98.84 -25.45
C HIS H 1977 39.70 -100.10 -24.62
N SER H 1978 38.80 -101.02 -24.91
CA SER H 1978 38.73 -102.29 -24.21
C SER H 1978 38.39 -103.39 -25.20
N THR H 1979 38.61 -104.63 -24.80
CA THR H 1979 38.30 -105.77 -25.65
C THR H 1979 36.80 -105.95 -25.87
N TYR H 1980 35.97 -105.23 -25.12
CA TYR H 1980 34.52 -105.34 -25.31
C TYR H 1980 34.11 -104.95 -26.72
N LEU H 1981 34.68 -103.87 -27.24
CA LEU H 1981 34.36 -103.41 -28.60
C LEU H 1981 35.32 -104.00 -29.63
N MET H 1982 35.48 -105.32 -29.62
CA MET H 1982 36.28 -105.99 -30.63
C MET H 1982 35.45 -106.58 -31.75
N ASN H 1983 34.16 -106.82 -31.51
CA ASN H 1983 33.30 -107.37 -32.56
C ASN H 1983 32.95 -106.31 -33.59
N GLY H 1984 32.64 -105.10 -33.15
CA GLY H 1984 32.26 -104.04 -34.07
C GLY H 1984 33.44 -103.18 -34.48
N VAL H 1985 34.44 -103.82 -35.09
CA VAL H 1985 35.68 -103.14 -35.46
C VAL H 1985 35.84 -103.19 -36.98
N LYS H 1986 35.88 -104.40 -37.53
CA LYS H 1986 36.00 -104.55 -38.98
C LYS H 1986 34.94 -103.76 -39.73
N PRO H 1987 33.66 -103.78 -39.34
CA PRO H 1987 32.70 -102.88 -39.98
C PRO H 1987 33.09 -101.42 -39.86
N PHE H 1988 33.65 -101.02 -38.71
CA PHE H 1988 34.11 -99.64 -38.57
C PHE H 1988 35.31 -99.37 -39.47
N LYS H 1989 36.15 -100.40 -39.68
CA LYS H 1989 37.26 -100.26 -40.61
C LYS H 1989 36.76 -100.01 -42.03
N SER H 1990 35.70 -100.70 -42.43
CA SER H 1990 35.12 -100.47 -43.75
C SER H 1990 34.57 -99.05 -43.86
N PHE H 1991 33.95 -98.55 -42.78
CA PHE H 1991 33.41 -97.20 -42.82
C PHE H 1991 34.50 -96.16 -43.02
N LEU H 1992 35.64 -96.33 -42.34
CA LEU H 1992 36.74 -95.40 -42.52
C LEU H 1992 37.26 -95.45 -43.96
N LYS H 1993 37.38 -96.64 -44.53
CA LYS H 1993 37.90 -96.76 -45.88
C LYS H 1993 37.05 -95.99 -46.88
N LYS H 1994 35.79 -95.72 -46.57
CA LYS H 1994 34.95 -94.93 -47.46
C LYS H 1994 35.21 -93.44 -47.28
N ASN H 1995 35.75 -93.02 -46.14
CA ASN H 1995 35.89 -91.61 -45.81
C ASN H 1995 37.32 -91.11 -45.87
N ILE H 1996 38.32 -91.94 -45.55
CA ILE H 1996 39.72 -91.58 -45.72
C ILE H 1996 40.20 -92.20 -47.02
N ILE H 1997 40.40 -91.36 -48.03
CA ILE H 1997 40.59 -91.82 -49.40
C ILE H 1997 42.03 -92.27 -49.61
N LYS H 1998 42.20 -93.13 -50.62
CA LYS H 1998 43.50 -93.71 -50.93
C LYS H 1998 44.54 -92.64 -51.25
N GLU H 1999 44.18 -91.66 -52.08
CA GLU H 1999 45.14 -90.70 -52.59
C GLU H 1999 45.44 -89.59 -51.60
N ASN H 2000 44.63 -89.43 -50.55
CA ASN H 2000 44.80 -88.32 -49.63
C ASN H 2000 45.87 -88.58 -48.57
N VAL H 2001 46.47 -89.76 -48.55
CA VAL H 2001 47.47 -90.08 -47.55
C VAL H 2001 48.85 -89.75 -48.12
N LYS H 2002 49.64 -88.95 -47.41
CA LYS H 2002 50.99 -88.65 -47.83
C LYS H 2002 51.90 -89.21 -46.77
N VAL H 2003 52.79 -90.13 -47.16
CA VAL H 2003 53.63 -90.79 -46.18
C VAL H 2003 54.75 -89.92 -45.66
N ALA H 2004 55.21 -88.96 -46.42
CA ALA H 2004 56.20 -88.05 -45.90
C ALA H 2004 55.62 -87.31 -44.70
N ARG H 2005 54.32 -87.04 -44.72
CA ARG H 2005 53.67 -86.33 -43.61
C ARG H 2005 53.58 -87.21 -42.36
N LEU H 2006 53.61 -88.53 -42.53
CA LEU H 2006 53.42 -89.47 -41.43
C LEU H 2006 54.67 -90.22 -41.04
N ALA H 2007 55.50 -90.62 -42.00
CA ALA H 2007 56.65 -91.46 -41.70
C ALA H 2007 57.55 -90.82 -40.66
N GLY H 2008 57.69 -91.49 -39.52
CA GLY H 2008 58.60 -91.05 -38.48
C GLY H 2008 58.05 -90.01 -37.54
N LYS H 2009 56.90 -89.42 -37.85
CA LYS H 2009 56.34 -88.33 -37.05
C LYS H 2009 55.08 -88.71 -36.29
N TYR H 2010 54.30 -89.64 -36.82
CA TYR H 2010 53.05 -89.99 -36.19
C TYR H 2010 53.24 -91.12 -35.20
N ILE H 2011 52.70 -91.00 -34.00
CA ILE H 2011 52.82 -92.00 -32.95
C ILE H 2011 51.43 -92.51 -32.61
N PRO H 2012 51.03 -93.68 -33.15
CA PRO H 2012 49.71 -94.25 -32.86
C PRO H 2012 49.51 -94.75 -31.42
N ASN H 2013 48.32 -94.59 -30.84
CA ASN H 2013 48.02 -95.06 -29.46
C ASN H 2013 48.08 -96.57 -29.39
N LEU H 2014 47.88 -97.22 -30.52
CA LEU H 2014 47.88 -98.66 -30.55
C LEU H 2014 49.29 -99.13 -30.45
N THR H 2015 50.08 -98.88 -31.47
CA THR H 2015 51.50 -99.22 -31.40
C THR H 2015 52.23 -97.92 -31.09
N ALA H 2016 52.63 -97.75 -29.84
CA ALA H 2016 53.26 -96.50 -29.42
C ALA H 2016 54.69 -96.43 -29.95
N LYS H 2017 54.82 -96.40 -31.27
CA LYS H 2017 56.10 -96.27 -31.94
C LYS H 2017 55.92 -95.37 -33.16
N PRO H 2018 56.95 -94.62 -33.55
CA PRO H 2018 56.79 -93.71 -34.68
C PRO H 2018 56.34 -94.45 -35.93
N PHE H 2019 55.44 -93.81 -36.68
CA PHE H 2019 54.83 -94.44 -37.84
C PHE H 2019 55.89 -94.73 -38.89
N GLN H 2020 56.13 -96.02 -39.16
CA GLN H 2020 57.07 -96.45 -40.18
C GLN H 2020 56.41 -97.53 -41.02
N VAL H 2021 56.49 -97.38 -42.34
CA VAL H 2021 55.92 -98.38 -43.27
C VAL H 2021 57.03 -99.38 -43.52
N THR H 2022 57.11 -100.37 -42.63
CA THR H 2022 58.16 -101.38 -42.70
C THR H 2022 57.60 -102.71 -42.22
N LYS H 2023 58.27 -103.79 -42.62
CA LYS H 2023 57.82 -105.13 -42.24
C LYS H 2023 57.79 -105.29 -40.72
N GLU H 2024 58.71 -104.64 -40.01
CA GLU H 2024 58.71 -104.75 -38.55
C GLU H 2024 57.47 -104.09 -37.96
N TYR H 2025 57.11 -102.92 -38.48
CA TYR H 2025 55.89 -102.26 -38.00
C TYR H 2025 54.66 -103.10 -38.33
N PHE H 2026 54.58 -103.62 -39.55
CA PHE H 2026 53.42 -104.42 -39.94
C PHE H 2026 53.30 -105.67 -39.07
N GLN H 2027 54.42 -106.32 -38.78
CA GLN H 2027 54.40 -107.44 -37.84
C GLN H 2027 53.96 -106.97 -36.46
N ASP H 2028 54.34 -105.75 -36.07
CA ASP H 2028 54.03 -105.27 -34.73
C ASP H 2028 52.53 -105.16 -34.49
N VAL H 2029 51.77 -104.70 -35.48
CA VAL H 2029 50.34 -104.48 -35.26
C VAL H 2029 49.64 -105.82 -35.00
N TYR H 2030 50.09 -106.89 -35.66
CA TYR H 2030 49.54 -108.21 -35.38
C TYR H 2030 49.62 -108.54 -33.90
N ASP H 2031 50.78 -108.30 -33.28
CA ASP H 2031 51.01 -108.77 -31.92
C ASP H 2031 49.92 -108.28 -30.96
N LEU H 2032 49.57 -107.00 -31.04
CA LEU H 2032 48.52 -106.47 -30.16
C LEU H 2032 47.15 -107.00 -30.58
N THR H 2033 46.73 -106.70 -31.81
CA THR H 2033 45.44 -107.13 -32.33
C THR H 2033 45.64 -107.77 -33.70
N GLY H 2034 45.09 -108.96 -33.88
CA GLY H 2034 45.19 -109.64 -35.15
C GLY H 2034 44.39 -108.92 -36.23
N SER H 2035 44.84 -109.07 -37.47
CA SER H 2035 44.22 -108.42 -38.60
C SER H 2035 44.48 -109.26 -39.84
N GLU H 2036 43.42 -109.68 -40.53
CA GLU H 2036 43.58 -110.51 -41.71
C GLU H 2036 44.35 -109.80 -42.81
N PRO H 2037 44.06 -108.55 -43.16
CA PRO H 2037 44.86 -107.90 -44.22
C PRO H 2037 46.35 -107.86 -43.90
N ILE H 2038 46.71 -107.70 -42.63
CA ILE H 2038 48.12 -107.55 -42.28
C ILE H 2038 48.92 -108.78 -42.67
N LYS H 2039 48.44 -109.97 -42.28
CA LYS H 2039 49.21 -111.19 -42.55
C LYS H 2039 49.42 -111.35 -44.05
N GLU H 2040 48.47 -110.89 -44.86
CA GLU H 2040 48.66 -110.88 -46.30
C GLU H 2040 49.85 -110.00 -46.68
N ILE H 2041 49.88 -108.78 -46.15
CA ILE H 2041 50.98 -107.86 -46.46
C ILE H 2041 52.31 -108.43 -45.99
N ILE H 2042 52.34 -108.92 -44.74
CA ILE H 2042 53.59 -109.44 -44.18
C ILE H 2042 54.05 -110.64 -45.00
N ASP H 2043 53.15 -111.57 -45.29
CA ASP H 2043 53.50 -112.74 -46.07
C ASP H 2043 53.95 -112.35 -47.47
N ASN H 2044 53.22 -111.42 -48.10
CA ASN H 2044 53.56 -110.93 -49.43
C ASN H 2044 54.39 -109.66 -49.39
N TRP H 2045 55.09 -109.42 -48.29
CA TRP H 2045 55.89 -108.20 -48.18
C TRP H 2045 56.94 -108.13 -49.27
N GLU H 2046 57.35 -109.28 -49.81
CA GLU H 2046 58.35 -109.28 -50.88
C GLU H 2046 57.75 -108.85 -52.20
N LYS H 2047 56.49 -109.22 -52.46
CA LYS H 2047 55.82 -108.79 -53.67
C LYS H 2047 55.72 -107.27 -53.73
N TYR H 2048 55.34 -106.65 -52.61
CA TYR H 2048 55.21 -105.20 -52.57
C TYR H 2048 56.56 -104.52 -52.74
N GLU H 2049 57.62 -105.12 -52.18
CA GLU H 2049 58.94 -104.52 -52.27
C GLU H 2049 59.39 -104.36 -53.72
N GLN H 2050 59.17 -105.38 -54.54
CA GLN H 2050 59.57 -105.34 -55.95
C GLN H 2050 58.44 -104.80 -56.82
N MET I 1 -84.81 -50.23 -81.27
CA MET I 1 -83.60 -51.04 -81.53
C MET I 1 -83.22 -51.84 -80.30
N LYS I 2 -82.58 -52.99 -80.51
CA LYS I 2 -82.05 -53.74 -79.38
C LYS I 2 -80.91 -52.95 -78.75
N PRO I 3 -80.69 -53.08 -77.44
CA PRO I 3 -79.64 -52.28 -76.80
C PRO I 3 -78.26 -52.46 -77.41
N GLU I 4 -77.92 -53.68 -77.84
CA GLU I 4 -76.60 -53.91 -78.43
C GLU I 4 -76.44 -53.18 -79.75
N VAL I 5 -77.48 -53.20 -80.59
CA VAL I 5 -77.42 -52.48 -81.86
C VAL I 5 -77.29 -50.99 -81.60
N GLU I 6 -78.06 -50.48 -80.63
CA GLU I 6 -77.97 -49.07 -80.28
C GLU I 6 -76.56 -48.71 -79.83
N GLN I 7 -75.92 -49.59 -79.08
CA GLN I 7 -74.57 -49.32 -78.61
C GLN I 7 -73.64 -49.28 -79.80
N GLU I 8 -73.77 -50.24 -80.69
CA GLU I 8 -72.91 -50.28 -81.88
C GLU I 8 -73.02 -48.98 -82.67
N LEU I 9 -74.25 -48.55 -82.97
CA LEU I 9 -74.44 -47.32 -83.73
C LEU I 9 -73.91 -46.11 -82.97
N ALA I 10 -74.14 -46.06 -81.65
CA ALA I 10 -73.64 -44.95 -80.86
C ALA I 10 -72.12 -44.88 -80.91
N HIS I 11 -71.45 -46.03 -80.81
CA HIS I 11 -69.99 -46.04 -80.88
C HIS I 11 -69.52 -45.58 -82.26
N ILE I 12 -70.18 -46.04 -83.32
CA ILE I 12 -69.78 -45.63 -84.66
C ILE I 12 -69.87 -44.12 -84.79
N LEU I 13 -71.02 -43.56 -84.39
CA LEU I 13 -71.22 -42.13 -84.52
C LEU I 13 -70.24 -41.35 -83.65
N LEU I 14 -69.95 -41.85 -82.44
CA LEU I 14 -69.02 -41.16 -81.54
C LEU I 14 -67.61 -41.13 -82.12
N THR I 15 -67.11 -42.30 -82.54
CA THR I 15 -65.76 -42.36 -83.06
C THR I 15 -65.64 -41.52 -84.34
N GLU I 16 -66.70 -41.49 -85.15
CA GLU I 16 -66.68 -40.68 -86.35
C GLU I 16 -66.65 -39.19 -86.01
N LEU I 17 -67.49 -38.79 -85.08
CA LEU I 17 -67.55 -37.38 -84.66
C LEU I 17 -66.19 -36.92 -84.22
N LEU I 18 -65.49 -37.75 -83.48
CA LEU I 18 -64.17 -37.39 -82.97
C LEU I 18 -63.09 -37.36 -84.03
N ALA I 19 -63.16 -38.27 -84.99
CA ALA I 19 -62.18 -38.31 -86.07
C ALA I 19 -62.29 -37.07 -86.91
N TYR I 20 -63.50 -36.62 -87.17
CA TYR I 20 -63.68 -35.49 -88.06
C TYR I 20 -63.56 -34.16 -87.37
N GLN I 21 -63.36 -34.16 -86.06
CA GLN I 21 -63.37 -32.91 -85.31
C GLN I 21 -62.26 -31.95 -85.59
N PHE I 22 -61.05 -32.46 -85.81
CA PHE I 22 -59.90 -31.59 -85.98
C PHE I 22 -59.84 -31.06 -87.40
N ALA I 23 -60.78 -31.45 -88.24
CA ALA I 23 -60.84 -30.96 -89.60
C ALA I 23 -61.98 -29.97 -89.77
N SER I 24 -63.04 -30.10 -88.99
CA SER I 24 -64.18 -29.20 -89.07
C SER I 24 -64.05 -28.05 -88.08
N PRO I 25 -64.76 -26.93 -88.36
CA PRO I 25 -64.73 -25.80 -87.44
C PRO I 25 -65.44 -26.10 -86.14
N VAL I 26 -65.03 -25.41 -85.08
CA VAL I 26 -65.61 -25.57 -83.75
C VAL I 26 -66.84 -24.68 -83.68
N ARG I 27 -68.04 -25.29 -83.77
CA ARG I 27 -69.30 -24.56 -83.67
C ARG I 27 -69.65 -24.37 -82.20
N TRP I 28 -69.06 -23.34 -81.60
CA TRP I 28 -69.33 -23.02 -80.20
C TRP I 28 -70.50 -22.06 -80.02
N ILE I 29 -70.79 -21.23 -81.02
CA ILE I 29 -71.96 -20.35 -80.93
C ILE I 29 -73.21 -21.18 -80.75
N GLU I 30 -73.40 -22.18 -81.61
CA GLU I 30 -74.57 -23.04 -81.53
C GLU I 30 -74.59 -23.87 -80.26
N THR I 31 -73.43 -24.35 -79.80
CA THR I 31 -73.38 -25.10 -78.55
C THR I 31 -73.83 -24.24 -77.37
N GLN I 32 -73.28 -23.03 -77.28
CA GLN I 32 -73.68 -22.12 -76.21
C GLN I 32 -75.16 -21.79 -76.30
N ASP I 33 -75.68 -21.57 -77.50
CA ASP I 33 -77.12 -21.35 -77.64
C ASP I 33 -77.90 -22.55 -77.14
N VAL I 34 -77.46 -23.76 -77.52
CA VAL I 34 -78.20 -24.97 -77.17
C VAL I 34 -78.28 -25.13 -75.65
N PHE I 35 -77.17 -24.92 -74.94
CA PHE I 35 -77.21 -25.15 -73.50
C PHE I 35 -77.52 -23.91 -72.69
N LEU I 36 -77.73 -22.75 -73.33
CA LEU I 36 -78.18 -21.56 -72.61
C LEU I 36 -79.64 -21.23 -72.84
N LYS I 37 -80.24 -21.73 -73.93
CA LYS I 37 -81.63 -21.40 -74.24
C LYS I 37 -82.53 -22.62 -74.31
N ASP I 38 -82.10 -23.71 -74.93
CA ASP I 38 -82.89 -24.93 -75.03
C ASP I 38 -82.86 -25.75 -73.75
N PHE I 39 -81.89 -25.49 -72.87
CA PHE I 39 -81.82 -26.15 -71.57
C PHE I 39 -82.10 -25.22 -70.40
N ASN I 40 -82.08 -23.91 -70.61
CA ASN I 40 -82.25 -22.95 -69.52
C ASN I 40 -81.26 -23.23 -68.40
N THR I 41 -80.05 -23.62 -68.79
CA THR I 41 -79.03 -24.00 -67.81
C THR I 41 -78.87 -22.92 -66.76
N GLU I 42 -79.04 -23.31 -65.49
CA GLU I 42 -78.86 -22.41 -64.37
C GLU I 42 -77.44 -22.36 -63.83
N ARG I 43 -76.69 -23.47 -63.91
CA ARG I 43 -75.29 -23.49 -63.52
C ARG I 43 -74.45 -23.89 -64.72
N VAL I 44 -73.44 -23.09 -65.02
CA VAL I 44 -72.43 -23.43 -66.02
C VAL I 44 -71.12 -23.59 -65.27
N VAL I 45 -70.57 -24.80 -65.27
CA VAL I 45 -69.33 -25.11 -64.60
C VAL I 45 -68.26 -25.35 -65.66
N GLU I 46 -67.16 -24.61 -65.58
CA GLU I 46 -66.07 -24.70 -66.53
C GLU I 46 -64.93 -25.51 -65.90
N ILE I 47 -64.51 -26.58 -66.57
CA ILE I 47 -63.41 -27.41 -66.13
C ILE I 47 -62.20 -27.05 -66.98
N GLY I 48 -61.19 -26.47 -66.35
CA GLY I 48 -59.99 -26.05 -67.03
C GLY I 48 -59.14 -25.16 -66.14
N PRO I 49 -57.92 -24.85 -66.59
CA PRO I 49 -57.02 -24.07 -65.72
C PRO I 49 -57.37 -22.59 -65.67
N SER I 50 -58.02 -22.04 -66.69
CA SER I 50 -58.32 -20.61 -66.73
C SER I 50 -59.76 -20.39 -67.14
N PRO I 51 -60.36 -19.27 -66.70
CA PRO I 51 -61.79 -18.99 -67.02
C PRO I 51 -61.98 -18.46 -68.44
N THR I 52 -61.79 -19.33 -69.41
CA THR I 52 -61.93 -18.96 -70.81
C THR I 52 -63.34 -19.15 -71.32
N LEU I 53 -63.84 -20.37 -71.24
CA LEU I 53 -65.20 -20.62 -71.69
C LEU I 53 -66.22 -19.94 -70.78
N ALA I 54 -65.88 -19.74 -69.51
CA ALA I 54 -66.77 -19.02 -68.61
C ALA I 54 -66.93 -17.56 -69.04
N GLY I 55 -65.81 -16.90 -69.37
CA GLY I 55 -65.89 -15.54 -69.89
C GLY I 55 -66.64 -15.49 -71.21
N MET I 56 -66.42 -16.49 -72.06
CA MET I 56 -67.16 -16.56 -73.32
C MET I 56 -68.66 -16.66 -73.07
N ALA I 57 -69.06 -17.50 -72.11
CA ALA I 57 -70.48 -17.64 -71.78
C ALA I 57 -71.04 -16.35 -71.21
N GLN I 58 -70.28 -15.66 -70.36
CA GLN I 58 -70.76 -14.39 -69.81
C GLN I 58 -70.95 -13.36 -70.91
N ARG I 59 -70.04 -13.29 -71.87
CA ARG I 59 -70.19 -12.34 -72.94
C ARG I 59 -71.36 -12.70 -73.80
N THR I 60 -71.58 -13.99 -74.04
CA THR I 60 -72.75 -14.42 -74.80
C THR I 60 -74.04 -14.03 -74.08
N LEU I 61 -74.07 -14.18 -72.76
CA LEU I 61 -75.24 -13.80 -71.98
C LEU I 61 -75.52 -12.31 -72.09
N LYS I 62 -74.48 -11.49 -71.97
CA LYS I 62 -74.64 -10.05 -71.97
C LYS I 62 -75.03 -9.49 -73.34
N ASN I 63 -75.03 -10.33 -74.38
CA ASN I 63 -75.28 -9.87 -75.73
C ASN I 63 -76.52 -10.48 -76.38
N LYS I 64 -77.08 -11.55 -75.83
CA LYS I 64 -78.23 -12.20 -76.46
C LYS I 64 -79.35 -12.57 -75.51
N TYR I 65 -79.15 -12.49 -74.18
CA TYR I 65 -80.12 -13.01 -73.23
C TYR I 65 -80.41 -12.05 -72.08
N GLU I 66 -79.97 -10.80 -72.16
CA GLU I 66 -80.25 -9.86 -71.08
C GLU I 66 -81.74 -9.73 -70.83
N SER I 67 -82.52 -9.58 -71.90
CA SER I 67 -83.97 -9.45 -71.77
C SER I 67 -84.63 -10.78 -71.45
N TYR I 68 -84.18 -11.85 -72.12
CA TYR I 68 -84.79 -13.16 -71.92
C TYR I 68 -84.60 -13.65 -70.47
N ASP I 69 -83.39 -13.50 -69.93
CA ASP I 69 -83.13 -13.93 -68.56
C ASP I 69 -84.00 -13.14 -67.58
N ALA I 70 -84.07 -11.82 -67.76
CA ALA I 70 -84.87 -11.00 -66.85
C ALA I 70 -86.35 -11.34 -66.94
N ALA I 71 -86.86 -11.52 -68.16
CA ALA I 71 -88.28 -11.82 -68.34
C ALA I 71 -88.64 -13.16 -67.70
N LEU I 72 -87.79 -14.17 -67.87
CA LEU I 72 -88.04 -15.47 -67.26
C LEU I 72 -87.47 -15.59 -65.84
N SER I 73 -86.85 -14.52 -65.33
CA SER I 73 -86.30 -14.53 -63.98
C SER I 73 -85.22 -15.59 -63.80
N LEU I 74 -84.57 -15.97 -64.90
CA LEU I 74 -83.47 -16.93 -64.82
C LEU I 74 -82.23 -16.23 -64.29
N HIS I 75 -81.77 -16.66 -63.12
CA HIS I 75 -80.55 -16.11 -62.50
C HIS I 75 -79.44 -17.13 -62.70
N ARG I 76 -78.80 -17.07 -63.87
CA ARG I 76 -77.75 -18.00 -64.22
C ARG I 76 -76.50 -17.75 -63.39
N GLU I 77 -75.72 -18.81 -63.19
CA GLU I 77 -74.44 -18.72 -62.52
C GLU I 77 -73.37 -19.33 -63.43
N ILE I 78 -72.23 -18.67 -63.51
CA ILE I 78 -71.10 -19.12 -64.34
C ILE I 78 -69.93 -19.32 -63.40
N LEU I 79 -69.45 -20.56 -63.31
CA LEU I 79 -68.39 -20.91 -62.39
C LEU I 79 -67.23 -21.56 -63.14
N CYS I 80 -66.02 -21.17 -62.77
CA CYS I 80 -64.79 -21.77 -63.27
C CYS I 80 -64.11 -22.50 -62.13
N TYR I 81 -63.66 -23.73 -62.42
CA TYR I 81 -63.02 -24.53 -61.38
C TYR I 81 -61.82 -23.82 -60.78
N SER I 82 -61.11 -23.02 -61.57
CA SER I 82 -59.87 -22.41 -61.10
C SER I 82 -60.12 -21.34 -60.05
N LYS I 83 -61.24 -20.62 -60.15
CA LYS I 83 -61.51 -19.51 -59.23
C LYS I 83 -62.75 -19.69 -58.38
N ASP I 84 -63.84 -20.22 -58.93
CA ASP I 84 -65.08 -20.40 -58.16
C ASP I 84 -65.14 -21.81 -57.57
N ALA I 85 -64.13 -22.14 -56.78
CA ALA I 85 -64.11 -23.45 -56.13
C ALA I 85 -65.11 -23.51 -54.97
N LYS I 86 -65.24 -22.41 -54.23
CA LYS I 86 -66.13 -22.41 -53.07
C LYS I 86 -67.58 -22.63 -53.48
N GLU I 87 -68.01 -21.99 -54.57
CA GLU I 87 -69.40 -22.16 -55.01
C GLU I 87 -69.63 -23.55 -55.59
N ILE I 88 -68.60 -24.13 -56.22
CA ILE I 88 -68.75 -25.47 -56.78
C ILE I 88 -68.82 -26.51 -55.67
N TYR I 89 -68.03 -26.33 -54.62
CA TYR I 89 -67.91 -27.31 -53.55
C TYR I 89 -68.85 -27.04 -52.38
N TYR I 90 -69.55 -25.91 -52.41
CA TYR I 90 -70.42 -25.53 -51.31
C TYR I 90 -69.63 -25.51 -50.04
N THR I 91 -68.55 -24.76 -50.03
CA THR I 91 -67.75 -24.61 -48.83
C THR I 91 -67.64 -23.13 -48.58
N PRO I 92 -68.70 -22.53 -48.05
CA PRO I 92 -68.72 -21.09 -47.85
C PRO I 92 -67.75 -20.63 -46.76
N ASP I 93 -67.20 -19.41 -46.85
CA ASP I 93 -66.21 -18.95 -45.87
C ASP I 93 -66.86 -18.84 -44.49
N PRO I 94 -66.06 -18.99 -43.43
CA PRO I 94 -66.59 -18.90 -42.06
C PRO I 94 -66.66 -17.47 -41.54
N GLU I 329 -22.79 2.59 -5.87
CA GLU I 329 -22.08 1.59 -6.65
C GLU I 329 -20.79 2.15 -7.25
N GLU I 330 -20.79 3.47 -7.49
CA GLU I 330 -19.62 4.11 -8.08
C GLU I 330 -18.44 4.12 -7.13
N ILE I 331 -18.69 4.23 -5.83
CA ILE I 331 -17.59 4.20 -4.85
C ILE I 331 -16.87 2.87 -4.91
N THR I 332 -17.63 1.77 -4.98
CA THR I 332 -17.01 0.46 -5.10
C THR I 332 -16.20 0.36 -6.38
N LYS I 333 -16.71 0.92 -7.48
CA LYS I 333 -15.97 0.89 -8.74
C LYS I 333 -14.64 1.64 -8.60
N ASP I 334 -14.68 2.82 -7.97
CA ASP I 334 -13.45 3.59 -7.79
C ASP I 334 -12.43 2.82 -6.95
N HIS I 335 -12.90 2.24 -5.85
CA HIS I 335 -11.97 1.53 -4.98
C HIS I 335 -11.41 0.29 -5.67
N LYS I 336 -12.24 -0.41 -6.45
CA LYS I 336 -11.77 -1.58 -7.18
C LYS I 336 -10.74 -1.18 -8.23
N VAL I 337 -10.97 -0.07 -8.92
CA VAL I 337 -10.00 0.38 -9.93
C VAL I 337 -8.68 0.72 -9.26
N LEU I 338 -8.73 1.44 -8.13
CA LEU I 338 -7.50 1.78 -7.42
C LEU I 338 -6.77 0.52 -6.97
N ALA I 339 -7.50 -0.44 -6.40
CA ALA I 339 -6.88 -1.67 -5.93
C ALA I 339 -6.26 -2.45 -7.08
N ARG I 340 -6.96 -2.51 -8.22
CA ARG I 340 -6.43 -3.21 -9.38
C ARG I 340 -5.15 -2.55 -9.88
N GLN I 341 -5.11 -1.22 -9.89
CA GLN I 341 -3.89 -0.55 -10.32
C GLN I 341 -2.74 -0.78 -9.34
N GLN I 342 -3.03 -0.81 -8.04
CA GLN I 342 -1.99 -1.13 -7.07
C GLN I 342 -1.45 -2.54 -7.28
N LEU I 343 -2.35 -3.49 -7.53
CA LEU I 343 -1.92 -4.86 -7.79
C LEU I 343 -1.10 -4.96 -9.07
N GLN I 344 -1.48 -4.20 -10.09
CA GLN I 344 -0.69 -4.17 -11.32
C GLN I 344 0.70 -3.62 -11.06
N VAL I 345 0.81 -2.55 -10.26
CA VAL I 345 2.12 -2.02 -9.92
C VAL I 345 2.95 -3.06 -9.20
N LEU I 346 2.34 -3.77 -8.24
CA LEU I 346 3.06 -4.78 -7.50
C LEU I 346 3.53 -5.90 -8.41
N ALA I 347 2.68 -6.34 -9.34
CA ALA I 347 3.06 -7.39 -10.28
C ALA I 347 4.20 -6.94 -11.18
N ARG I 348 4.17 -5.69 -11.64
CA ARG I 348 5.26 -5.17 -12.46
C ARG I 348 6.57 -5.13 -11.67
N TYR I 349 6.49 -4.75 -10.39
CA TYR I 349 7.69 -4.77 -9.56
C TYR I 349 8.20 -6.19 -9.33
N LEU I 350 7.29 -7.16 -9.21
CA LEU I 350 7.68 -8.55 -9.00
C LEU I 350 8.07 -9.27 -10.28
N LYS I 351 7.98 -8.61 -11.44
CA LYS I 351 8.34 -9.20 -12.71
C LYS I 351 7.58 -10.51 -12.94
N MET I 352 6.27 -10.46 -12.69
CA MET I 352 5.41 -11.63 -12.85
C MET I 352 4.37 -11.32 -13.92
N ASP I 353 4.28 -12.19 -14.92
CA ASP I 353 3.30 -12.04 -15.99
C ASP I 353 1.99 -12.69 -15.56
N LEU I 354 0.93 -11.90 -15.48
CA LEU I 354 -0.37 -12.40 -15.04
C LEU I 354 -1.15 -13.10 -16.13
N ASP I 355 -0.76 -12.96 -17.39
CA ASP I 355 -1.47 -13.57 -18.51
C ASP I 355 -0.69 -14.72 -19.16
N ASN I 356 0.39 -15.18 -18.53
CA ASN I 356 1.16 -16.29 -19.10
C ASN I 356 0.31 -17.55 -19.21
N GLY I 357 -0.46 -17.84 -18.15
CA GLY I 357 -1.26 -19.06 -18.16
C GLY I 357 -2.33 -19.04 -19.24
N GLU I 358 -3.01 -17.91 -19.41
CA GLU I 358 -4.03 -17.81 -20.44
C GLU I 358 -3.42 -17.91 -21.84
N ARG I 359 -2.25 -17.31 -22.04
CA ARG I 359 -1.56 -17.43 -23.31
C ARG I 359 -1.27 -18.89 -23.64
N LYS I 360 -0.68 -19.61 -22.68
CA LYS I 360 -0.39 -21.02 -22.90
C LYS I 360 -1.66 -21.83 -23.12
N PHE I 361 -2.73 -21.49 -22.40
CA PHE I 361 -3.99 -22.20 -22.55
C PHE I 361 -4.55 -22.04 -23.95
N LEU I 362 -4.42 -20.86 -24.52
CA LEU I 362 -4.97 -20.60 -25.81
C LEU I 362 -4.14 -21.29 -26.88
N LYS I 363 -2.84 -21.37 -26.70
CA LYS I 363 -2.03 -22.18 -27.61
C LYS I 363 -2.41 -23.65 -27.54
N GLU I 364 -2.63 -24.16 -26.33
CA GLU I 364 -3.00 -25.57 -26.19
C GLU I 364 -4.35 -25.85 -26.82
N LYS I 365 -5.31 -24.97 -26.67
CA LYS I 365 -6.63 -25.13 -27.28
C LYS I 365 -6.56 -25.17 -28.79
N ASP I 366 -5.60 -24.47 -29.37
CA ASP I 366 -5.43 -24.51 -30.81
C ASP I 366 -4.80 -25.82 -31.21
N THR I 367 -3.81 -26.29 -30.46
CA THR I 367 -3.26 -27.62 -30.75
C THR I 367 -4.33 -28.69 -30.66
N VAL I 368 -5.25 -28.61 -29.71
CA VAL I 368 -6.32 -29.56 -29.61
C VAL I 368 -7.19 -29.58 -30.85
N ALA I 369 -7.50 -28.43 -31.39
CA ALA I 369 -8.37 -28.37 -32.54
C ALA I 369 -7.63 -28.89 -33.75
N GLU I 370 -6.33 -28.68 -33.82
CA GLU I 370 -5.62 -29.29 -34.93
C GLU I 370 -5.68 -30.81 -34.86
N LEU I 371 -5.37 -31.38 -33.69
CA LEU I 371 -5.39 -32.83 -33.56
C LEU I 371 -6.81 -33.37 -33.78
N GLN I 372 -7.83 -32.69 -33.29
CA GLN I 372 -9.19 -33.13 -33.50
C GLN I 372 -9.56 -33.15 -34.95
N ALA I 373 -9.01 -32.25 -35.73
CA ALA I 373 -9.32 -32.17 -37.12
C ALA I 373 -8.68 -33.30 -37.84
N GLN I 374 -7.47 -33.65 -37.45
CA GLN I 374 -6.86 -34.84 -38.04
C GLN I 374 -7.68 -36.09 -37.73
N LEU I 375 -8.10 -36.25 -36.48
CA LEU I 375 -8.89 -37.42 -36.11
C LEU I 375 -10.22 -37.44 -36.85
N ASP I 376 -10.85 -36.29 -37.02
CA ASP I 376 -12.11 -36.23 -37.72
C ASP I 376 -11.94 -36.57 -39.18
N TYR I 377 -10.86 -36.16 -39.81
CA TYR I 377 -10.63 -36.56 -41.19
C TYR I 377 -10.44 -38.07 -41.31
N LEU I 378 -9.66 -38.66 -40.40
CA LEU I 378 -9.46 -40.10 -40.47
C LEU I 378 -10.77 -40.86 -40.21
N ASN I 379 -11.68 -40.35 -39.42
CA ASN I 379 -12.92 -41.05 -39.17
C ASN I 379 -13.86 -40.88 -40.32
N ALA I 380 -13.80 -39.74 -40.98
CA ALA I 380 -14.61 -39.59 -42.19
C ALA I 380 -14.07 -40.40 -43.35
N GLU I 381 -12.79 -40.75 -43.32
CA GLU I 381 -12.19 -41.58 -44.37
C GLU I 381 -12.42 -43.07 -44.11
N LEU I 382 -12.21 -43.52 -42.88
CA LEU I 382 -12.32 -44.94 -42.55
C LEU I 382 -13.70 -45.35 -42.07
N GLY I 383 -14.42 -44.46 -41.43
CA GLY I 383 -15.72 -44.78 -40.88
C GLY I 383 -15.63 -45.25 -39.43
N GLU I 384 -16.70 -45.18 -38.71
CA GLU I 384 -16.63 -45.51 -37.31
C GLU I 384 -16.51 -46.98 -37.04
N PHE I 385 -17.16 -47.81 -37.84
CA PHE I 385 -17.05 -49.25 -37.66
C PHE I 385 -15.59 -49.74 -37.79
N PHE I 386 -14.88 -49.28 -38.80
CA PHE I 386 -13.48 -49.69 -38.98
C PHE I 386 -12.59 -49.14 -37.86
N VAL I 387 -12.70 -47.85 -37.55
CA VAL I 387 -11.85 -47.20 -36.55
C VAL I 387 -12.05 -47.77 -35.16
N ASN I 388 -13.27 -48.12 -34.80
CA ASN I 388 -13.49 -48.77 -33.54
C ASN I 388 -13.13 -50.24 -33.61
N GLY I 389 -13.14 -50.83 -34.80
CA GLY I 389 -12.88 -52.24 -34.93
C GLY I 389 -11.44 -52.61 -34.88
N VAL I 390 -10.56 -51.70 -35.19
CA VAL I 390 -9.13 -51.98 -35.18
C VAL I 390 -8.57 -51.90 -33.77
N ALA I 391 -9.45 -51.73 -32.77
CA ALA I 391 -9.01 -51.65 -31.38
C ALA I 391 -8.35 -52.95 -30.94
N THR I 392 -7.28 -52.81 -30.17
CA THR I 392 -6.52 -53.98 -29.71
C THR I 392 -7.26 -54.69 -28.58
N SER I 393 -7.07 -56.01 -28.55
CA SER I 393 -7.70 -56.88 -27.57
C SER I 393 -6.74 -57.91 -26.98
N PHE I 394 -5.63 -58.19 -27.62
CA PHE I 394 -4.74 -59.20 -27.14
C PHE I 394 -3.75 -58.77 -26.09
N SER I 395 -3.51 -59.61 -25.11
CA SER I 395 -2.44 -59.40 -24.15
C SER I 395 -1.98 -60.74 -23.62
N ARG I 396 -0.73 -60.85 -23.28
CA ARG I 396 -0.18 -62.11 -22.81
C ARG I 396 -0.66 -62.50 -21.42
N LYS I 397 -1.01 -61.54 -20.58
CA LYS I 397 -1.40 -61.84 -19.22
C LYS I 397 -2.80 -62.40 -19.15
N LYS I 398 -3.57 -62.24 -20.19
CA LYS I 398 -4.93 -62.72 -20.21
C LYS I 398 -5.01 -64.13 -20.78
N ALA I 399 -3.92 -64.69 -21.28
CA ALA I 399 -3.89 -66.09 -21.75
C ALA I 399 -4.25 -67.10 -20.70
N ARG I 400 -5.09 -68.05 -21.04
CA ARG I 400 -5.51 -69.09 -20.10
C ARG I 400 -5.12 -70.50 -20.56
N THR I 401 -4.37 -71.21 -19.74
CA THR I 401 -3.91 -72.55 -20.08
C THR I 401 -4.73 -73.68 -19.44
N PHE I 402 -5.02 -74.72 -20.21
CA PHE I 402 -5.74 -75.87 -19.74
C PHE I 402 -4.92 -77.09 -20.13
N ASP I 403 -4.33 -77.77 -19.15
CA ASP I 403 -3.57 -78.98 -19.44
C ASP I 403 -3.67 -80.07 -18.38
N SER I 404 -4.60 -79.96 -17.41
CA SER I 404 -4.67 -80.93 -16.32
C SER I 404 -5.67 -82.04 -16.64
N SER I 405 -5.44 -82.73 -17.75
CA SER I 405 -6.26 -83.87 -18.16
C SER I 405 -6.15 -85.08 -17.26
N TRP I 406 -5.09 -85.18 -16.50
CA TRP I 406 -4.90 -86.25 -15.54
C TRP I 406 -5.93 -86.22 -14.42
N ASN I 407 -6.44 -85.05 -14.11
CA ASN I 407 -7.50 -84.91 -13.14
C ASN I 407 -8.88 -85.06 -13.77
N TRP I 408 -9.09 -84.53 -14.97
CA TRP I 408 -10.37 -84.55 -15.64
C TRP I 408 -10.75 -85.92 -16.08
N ALA I 409 -9.78 -86.78 -16.32
CA ALA I 409 -10.07 -88.16 -16.69
C ALA I 409 -10.82 -88.87 -15.56
N LYS I 410 -10.32 -88.75 -14.34
CA LYS I 410 -10.96 -89.39 -13.20
C LYS I 410 -12.30 -88.74 -12.90
N GLN I 411 -12.44 -87.43 -13.11
CA GLN I 411 -13.74 -86.81 -12.96
C GLN I 411 -14.73 -87.38 -13.98
N SER I 412 -14.31 -87.47 -15.23
CA SER I 412 -15.18 -87.95 -16.28
C SER I 412 -15.59 -89.39 -16.03
N LEU I 413 -14.71 -90.17 -15.42
CA LEU I 413 -15.02 -91.56 -15.11
C LEU I 413 -16.04 -91.65 -13.98
N LEU I 414 -15.83 -90.87 -12.91
CA LEU I 414 -16.80 -90.90 -11.81
C LEU I 414 -18.17 -90.42 -12.27
N SER I 415 -18.20 -89.37 -13.09
CA SER I 415 -19.47 -88.87 -13.59
C SER I 415 -20.21 -89.94 -14.39
N LEU I 416 -19.50 -90.62 -15.30
CA LEU I 416 -20.13 -91.68 -16.09
C LEU I 416 -20.58 -92.84 -15.22
N TYR I 417 -19.76 -93.23 -14.27
CA TYR I 417 -20.11 -94.28 -13.36
C TYR I 417 -21.39 -94.03 -12.58
N PHE I 418 -21.55 -92.81 -12.04
CA PHE I 418 -22.76 -92.52 -11.30
C PHE I 418 -23.95 -92.24 -12.22
N GLU I 419 -23.73 -91.77 -13.44
CA GLU I 419 -24.83 -91.61 -14.39
C GLU I 419 -25.37 -92.95 -14.78
N ILE I 420 -24.50 -93.94 -14.95
CA ILE I 420 -24.99 -95.29 -15.22
C ILE I 420 -25.74 -95.82 -14.00
N ILE I 421 -25.21 -95.68 -12.80
CA ILE I 421 -25.87 -96.23 -11.62
C ILE I 421 -27.21 -95.56 -11.33
N HIS I 422 -27.41 -94.32 -11.72
CA HIS I 422 -28.69 -93.65 -11.51
C HIS I 422 -29.64 -93.81 -12.69
N GLY I 423 -29.21 -94.47 -13.75
CA GLY I 423 -30.07 -94.68 -14.89
C GLY I 423 -30.13 -93.52 -15.87
N VAL I 424 -29.33 -92.49 -15.69
CA VAL I 424 -29.31 -91.37 -16.60
C VAL I 424 -28.71 -91.78 -17.92
N LEU I 425 -27.78 -92.74 -17.91
CA LEU I 425 -27.20 -93.28 -19.12
C LEU I 425 -27.49 -94.76 -19.15
N LYS I 426 -27.86 -95.27 -20.31
CA LYS I 426 -28.18 -96.69 -20.48
C LYS I 426 -27.35 -97.31 -21.60
N ASN I 427 -27.47 -98.62 -21.84
CA ASN I 427 -26.63 -99.31 -22.81
C ASN I 427 -26.93 -98.93 -24.25
N VAL I 428 -28.07 -98.33 -24.53
CA VAL I 428 -28.41 -98.05 -25.91
C VAL I 428 -27.94 -96.67 -26.34
N ASP I 429 -27.15 -96.00 -25.50
CA ASP I 429 -26.73 -94.62 -25.81
C ASP I 429 -25.34 -94.49 -26.37
N ARG I 430 -25.18 -93.62 -27.36
CA ARG I 430 -23.86 -93.36 -27.91
C ARG I 430 -23.00 -92.53 -26.96
N GLU I 431 -23.62 -91.88 -25.97
CA GLU I 431 -22.84 -91.11 -25.00
C GLU I 431 -21.86 -92.01 -24.26
N VAL I 432 -22.27 -93.25 -23.97
CA VAL I 432 -21.37 -94.20 -23.31
C VAL I 432 -20.14 -94.44 -24.17
N VAL I 433 -20.35 -94.63 -25.47
CA VAL I 433 -19.23 -94.90 -26.37
C VAL I 433 -18.31 -93.69 -26.45
N SER I 434 -18.89 -92.50 -26.59
CA SER I 434 -18.06 -91.30 -26.71
C SER I 434 -17.26 -91.05 -25.44
N GLU I 435 -17.89 -91.23 -24.27
CA GLU I 435 -17.17 -91.00 -23.03
C GLU I 435 -16.12 -92.09 -22.79
N ALA I 436 -16.39 -93.31 -23.24
CA ALA I 436 -15.36 -94.34 -23.19
C ALA I 436 -14.17 -93.95 -24.03
N ILE I 437 -14.41 -93.40 -25.23
CA ILE I 437 -13.31 -92.95 -26.07
C ILE I 437 -12.51 -91.85 -25.37
N ASN I 438 -13.22 -90.89 -24.78
CA ASN I 438 -12.53 -89.77 -24.13
C ASN I 438 -11.72 -90.25 -22.93
N ILE I 439 -12.25 -91.22 -22.18
CA ILE I 439 -11.51 -91.78 -21.05
C ILE I 439 -10.29 -92.54 -21.54
N MET I 440 -10.44 -93.34 -22.60
CA MET I 440 -9.31 -94.08 -23.15
C MET I 440 -8.21 -93.14 -23.65
N ASN I 441 -8.60 -91.97 -24.18
CA ASN I 441 -7.61 -91.02 -24.67
C ASN I 441 -6.76 -90.43 -23.56
N ARG I 442 -7.09 -90.68 -22.30
CA ARG I 442 -6.37 -90.13 -21.17
C ARG I 442 -6.00 -91.25 -20.24
N SER I 443 -5.66 -92.40 -20.78
CA SER I 443 -5.38 -93.58 -19.97
C SER I 443 -3.94 -93.58 -19.46
N ASN I 444 -3.78 -93.86 -18.18
CA ASN I 444 -2.48 -94.06 -17.56
C ASN I 444 -2.66 -95.00 -16.38
N ASP I 445 -1.59 -95.19 -15.61
CA ASP I 445 -1.62 -96.17 -14.53
C ASP I 445 -2.54 -95.74 -13.39
N ALA I 446 -2.48 -94.49 -12.98
CA ALA I 446 -3.32 -94.06 -11.88
C ALA I 446 -4.78 -94.10 -12.25
N LEU I 447 -5.13 -93.75 -13.49
CA LEU I 447 -6.51 -93.87 -13.92
C LEU I 447 -6.97 -95.33 -13.88
N ILE I 448 -6.08 -96.24 -14.26
CA ILE I 448 -6.45 -97.66 -14.27
C ILE I 448 -6.68 -98.16 -12.85
N LYS I 449 -5.86 -97.76 -11.89
CA LYS I 449 -6.10 -98.15 -10.48
C LYS I 449 -7.34 -97.50 -9.91
N PHE I 450 -7.66 -96.30 -10.34
CA PHE I 450 -8.87 -95.63 -9.95
C PHE I 450 -10.07 -96.42 -10.47
N MET I 451 -10.06 -96.81 -11.75
CA MET I 451 -11.15 -97.63 -12.31
C MET I 451 -11.25 -98.97 -11.61
N GLU I 452 -10.13 -99.62 -11.39
CA GLU I 452 -10.19 -100.94 -10.82
C GLU I 452 -10.78 -100.93 -9.43
N TYR I 453 -10.48 -99.92 -8.64
CA TYR I 453 -11.05 -99.86 -7.33
C TYR I 453 -12.52 -99.65 -7.42
N HIS I 454 -12.92 -98.63 -8.14
CA HIS I 454 -14.34 -98.32 -8.13
C HIS I 454 -15.18 -99.40 -8.75
N ILE I 455 -14.66 -100.12 -9.75
CA ILE I 455 -15.45 -101.19 -10.34
C ILE I 455 -15.44 -102.44 -9.47
N SER I 456 -14.29 -102.84 -8.95
CA SER I 456 -14.21 -104.01 -8.11
C SER I 456 -14.95 -103.92 -6.80
N ASN I 457 -15.33 -102.72 -6.38
CA ASN I 457 -15.99 -102.55 -5.12
C ASN I 457 -17.45 -102.30 -5.38
N THR I 458 -17.87 -102.51 -6.61
CA THR I 458 -19.25 -102.36 -6.95
C THR I 458 -19.97 -103.63 -6.58
N ASP I 459 -21.08 -103.51 -5.88
CA ASP I 459 -21.89 -104.66 -5.49
C ASP I 459 -22.99 -104.81 -6.53
N GLU I 460 -22.79 -105.73 -7.47
CA GLU I 460 -23.73 -105.92 -8.56
C GLU I 460 -25.07 -106.47 -8.10
N THR I 461 -25.16 -106.96 -6.85
CA THR I 461 -26.39 -107.49 -6.31
C THR I 461 -27.31 -106.40 -5.75
N LYS I 462 -26.95 -105.12 -5.94
CA LYS I 462 -27.78 -104.02 -5.53
C LYS I 462 -28.78 -103.58 -6.59
N GLY I 463 -28.58 -103.97 -7.83
CA GLY I 463 -29.55 -103.64 -8.87
C GLY I 463 -29.00 -103.90 -10.26
N GLU I 464 -29.92 -103.85 -11.22
CA GLU I 464 -29.55 -104.05 -12.61
C GLU I 464 -28.59 -102.97 -13.07
N ASN I 465 -28.78 -101.73 -12.61
CA ASN I 465 -27.84 -100.67 -12.94
C ASN I 465 -26.46 -100.94 -12.39
N TYR I 466 -26.38 -101.50 -11.20
CA TYR I 466 -25.10 -101.84 -10.61
C TYR I 466 -24.40 -102.92 -11.39
N GLN I 467 -25.12 -103.96 -11.81
CA GLN I 467 -24.53 -104.98 -12.66
C GLN I 467 -24.09 -104.39 -13.99
N LEU I 468 -24.89 -103.50 -14.55
CA LEU I 468 -24.54 -102.84 -15.81
C LEU I 468 -23.25 -102.06 -15.68
N VAL I 469 -23.10 -101.31 -14.58
CA VAL I 469 -21.90 -100.51 -14.39
C VAL I 469 -20.70 -101.41 -14.18
N LYS I 470 -20.87 -102.52 -13.46
CA LYS I 470 -19.75 -103.46 -13.28
C LYS I 470 -19.27 -104.00 -14.62
N THR I 471 -20.20 -104.44 -15.47
CA THR I 471 -19.82 -105.00 -16.77
C THR I 471 -19.13 -103.95 -17.63
N LEU I 472 -19.75 -102.77 -17.75
CA LEU I 472 -19.20 -101.71 -18.58
C LEU I 472 -17.83 -101.30 -18.06
N GLY I 473 -17.67 -101.20 -16.74
CA GLY I 473 -16.41 -100.77 -16.17
C GLY I 473 -15.29 -101.77 -16.37
N GLU I 474 -15.60 -103.07 -16.26
CA GLU I 474 -14.58 -104.07 -16.52
C GLU I 474 -14.13 -104.03 -17.98
N GLN I 475 -15.08 -103.90 -18.90
CA GLN I 475 -14.70 -103.76 -20.30
C GLN I 475 -13.84 -102.52 -20.52
N LEU I 476 -14.22 -101.39 -19.91
CA LEU I 476 -13.46 -100.16 -20.08
C LEU I 476 -12.06 -100.29 -19.48
N ILE I 477 -11.94 -100.99 -18.36
CA ILE I 477 -10.64 -101.23 -17.77
C ILE I 477 -9.75 -102.01 -18.74
N GLU I 478 -10.31 -103.04 -19.35
CA GLU I 478 -9.55 -103.80 -20.35
C GLU I 478 -9.10 -102.90 -21.49
N ASN I 479 -10.01 -102.06 -21.99
CA ASN I 479 -9.68 -101.19 -23.12
C ASN I 479 -8.57 -100.21 -22.75
N CYS I 480 -8.65 -99.60 -21.57
CA CYS I 480 -7.65 -98.62 -21.18
C CYS I 480 -6.32 -99.27 -20.85
N LYS I 481 -6.31 -100.54 -20.44
CA LYS I 481 -5.05 -101.27 -20.37
C LYS I 481 -4.49 -101.52 -21.77
N GLN I 482 -5.35 -101.83 -22.73
CA GLN I 482 -4.88 -102.07 -24.09
C GLN I 482 -4.26 -100.83 -24.71
N VAL I 483 -4.85 -99.65 -24.51
CA VAL I 483 -4.34 -98.42 -25.12
C VAL I 483 -3.44 -97.65 -24.16
N LEU I 484 -2.89 -98.30 -23.14
CA LEU I 484 -2.08 -97.59 -22.14
C LEU I 484 -0.92 -96.84 -22.77
N ASP I 485 -0.35 -97.36 -23.86
CA ASP I 485 0.79 -96.74 -24.51
C ASP I 485 0.50 -96.31 -25.94
N VAL I 486 -0.75 -96.30 -26.36
CA VAL I 486 -1.13 -95.91 -27.71
C VAL I 486 -1.44 -94.42 -27.73
N ASP I 487 -1.17 -93.76 -28.84
CA ASP I 487 -1.47 -92.34 -28.98
C ASP I 487 -2.96 -92.09 -29.02
N PRO I 488 -3.42 -90.98 -28.41
CA PRO I 488 -4.86 -90.65 -28.44
C PRO I 488 -5.34 -90.40 -29.86
N VAL I 489 -6.61 -90.68 -30.07
CA VAL I 489 -7.19 -90.55 -31.38
C VAL I 489 -8.46 -89.76 -31.40
N TYR I 490 -8.69 -89.05 -32.47
CA TYR I 490 -9.94 -88.35 -32.66
C TYR I 490 -10.88 -89.33 -33.32
N LYS I 491 -11.97 -89.68 -32.65
CA LYS I 491 -12.94 -90.64 -33.15
C LYS I 491 -14.34 -90.14 -32.80
N ASP I 492 -15.13 -89.81 -33.80
CA ASP I 492 -16.48 -89.29 -33.61
C ASP I 492 -17.49 -90.40 -33.86
N VAL I 493 -18.29 -90.71 -32.86
CA VAL I 493 -19.27 -91.79 -32.93
C VAL I 493 -20.69 -91.25 -32.85
N ALA I 494 -20.90 -89.97 -33.15
CA ALA I 494 -22.22 -89.38 -33.08
C ALA I 494 -23.09 -89.84 -34.24
N LYS I 495 -24.38 -89.96 -33.99
CA LYS I 495 -25.32 -90.34 -35.03
C LYS I 495 -25.41 -89.25 -36.08
N PRO I 496 -25.12 -89.58 -37.34
CA PRO I 496 -25.28 -88.58 -38.40
C PRO I 496 -26.74 -88.15 -38.59
N THR I 497 -27.01 -86.85 -38.62
CA THR I 497 -28.37 -86.32 -38.77
C THR I 497 -28.57 -85.52 -40.02
N GLY I 498 -29.80 -85.44 -40.51
CA GLY I 498 -30.12 -84.70 -41.71
C GLY I 498 -31.13 -83.61 -41.45
N PRO I 499 -31.33 -82.73 -42.43
CA PRO I 499 -32.27 -81.61 -42.27
C PRO I 499 -33.71 -82.06 -42.51
N LYS I 500 -34.63 -81.51 -41.71
CA LYS I 500 -36.05 -81.84 -41.81
C LYS I 500 -36.84 -80.60 -41.42
N THR I 501 -37.61 -80.07 -42.36
CA THR I 501 -38.47 -78.91 -42.13
C THR I 501 -39.92 -79.33 -42.27
N ALA I 502 -40.74 -78.99 -41.28
CA ALA I 502 -42.13 -79.38 -41.24
C ALA I 502 -43.01 -78.14 -41.04
N ILE I 503 -44.18 -78.15 -41.67
CA ILE I 503 -45.16 -77.08 -41.54
C ILE I 503 -46.41 -77.66 -40.90
N ASP I 504 -46.84 -77.08 -39.78
CA ASP I 504 -48.00 -77.56 -39.06
C ASP I 504 -49.27 -77.18 -39.83
N LYS I 505 -50.43 -77.54 -39.26
CA LYS I 505 -51.71 -77.19 -39.87
C LYS I 505 -51.98 -75.70 -39.81
N ASN I 506 -51.52 -75.03 -38.76
CA ASN I 506 -51.67 -73.59 -38.61
C ASN I 506 -50.59 -72.80 -39.34
N GLY I 507 -49.72 -73.48 -40.07
CA GLY I 507 -48.65 -72.79 -40.78
C GLY I 507 -47.41 -72.54 -39.95
N ASN I 508 -47.20 -73.32 -38.89
CA ASN I 508 -46.01 -73.20 -38.06
C ASN I 508 -44.86 -73.96 -38.70
N ILE I 509 -43.73 -73.28 -38.88
CA ILE I 509 -42.54 -73.88 -39.49
C ILE I 509 -41.62 -74.34 -38.37
N THR I 510 -41.26 -75.62 -38.38
CA THR I 510 -40.34 -76.19 -37.41
C THR I 510 -39.23 -76.92 -38.15
N TYR I 511 -37.98 -76.66 -37.77
CA TYR I 511 -36.82 -77.32 -38.32
C TYR I 511 -36.15 -78.16 -37.24
N SER I 512 -35.81 -79.39 -37.58
CA SER I 512 -35.14 -80.29 -36.65
C SER I 512 -34.09 -81.11 -37.42
N GLU I 513 -33.11 -81.62 -36.68
CA GLU I 513 -32.12 -82.49 -37.26
C GLU I 513 -32.51 -83.90 -36.90
N GLU I 514 -32.91 -84.69 -37.88
CA GLU I 514 -33.39 -86.04 -37.65
C GLU I 514 -32.34 -87.05 -38.09
N PRO I 515 -32.23 -88.20 -37.43
CA PRO I 515 -31.25 -89.20 -37.85
C PRO I 515 -31.45 -89.60 -39.30
N ARG I 516 -30.35 -89.64 -40.04
CA ARG I 516 -30.43 -90.04 -41.44
C ARG I 516 -30.76 -91.53 -41.55
N GLU I 517 -31.49 -91.88 -42.61
CA GLU I 517 -31.97 -93.25 -42.76
C GLU I 517 -30.85 -94.19 -43.16
N LYS I 518 -30.19 -93.92 -44.28
CA LYS I 518 -29.20 -94.82 -44.84
C LYS I 518 -27.81 -94.66 -44.25
N VAL I 519 -27.61 -93.69 -43.35
CA VAL I 519 -26.30 -93.43 -42.75
C VAL I 519 -26.47 -93.36 -41.24
N ARG I 520 -25.80 -94.26 -40.52
CA ARG I 520 -25.85 -94.29 -39.07
C ARG I 520 -24.47 -94.22 -38.43
N LYS I 521 -23.41 -94.18 -39.24
CA LYS I 521 -22.04 -94.12 -38.75
C LYS I 521 -21.25 -93.24 -39.69
N LEU I 522 -20.09 -92.78 -39.22
CA LEU I 522 -19.25 -91.97 -40.08
C LEU I 522 -18.65 -92.79 -41.22
N SER I 523 -18.43 -94.08 -41.01
CA SER I 523 -17.94 -94.93 -42.11
C SER I 523 -18.97 -94.99 -43.24
N GLN I 524 -20.25 -95.15 -42.89
CA GLN I 524 -21.29 -95.09 -43.92
C GLN I 524 -21.35 -93.71 -44.55
N TYR I 525 -21.05 -92.67 -43.77
CA TYR I 525 -21.02 -91.31 -44.31
C TYR I 525 -19.93 -91.19 -45.37
N VAL I 526 -18.75 -91.75 -45.11
CA VAL I 526 -17.67 -91.74 -46.09
C VAL I 526 -18.06 -92.56 -47.31
N GLN I 527 -18.73 -93.67 -47.12
CA GLN I 527 -19.20 -94.47 -48.24
C GLN I 527 -20.13 -93.66 -49.10
N GLU I 528 -21.10 -93.01 -48.49
CA GLU I 528 -22.01 -92.17 -49.23
C GLU I 528 -21.33 -91.04 -49.98
N MET I 529 -20.31 -90.42 -49.38
CA MET I 529 -19.60 -89.37 -50.09
C MET I 529 -18.82 -89.92 -51.28
N ALA I 530 -18.18 -91.09 -51.10
CA ALA I 530 -17.43 -91.70 -52.18
C ALA I 530 -18.36 -92.06 -53.35
N LEU I 531 -19.52 -92.64 -53.09
CA LEU I 531 -20.40 -93.02 -54.18
C LEU I 531 -20.69 -91.82 -55.01
N GLY I 532 -21.28 -90.80 -54.41
CA GLY I 532 -21.61 -89.60 -55.12
C GLY I 532 -23.08 -89.61 -55.41
N GLY I 533 -23.46 -89.09 -56.57
CA GLY I 533 -24.85 -89.09 -56.95
C GLY I 533 -25.03 -88.93 -58.44
N PRO I 534 -26.27 -89.13 -58.92
CA PRO I 534 -26.53 -88.95 -60.35
C PRO I 534 -26.20 -87.56 -60.85
N ILE I 535 -26.33 -86.53 -60.01
CA ILE I 535 -26.04 -85.16 -60.41
C ILE I 535 -24.57 -84.92 -60.68
N THR I 536 -23.72 -85.64 -59.98
CA THR I 536 -22.27 -85.47 -60.11
C THR I 536 -21.65 -86.30 -61.21
N LYS I 537 -22.46 -87.10 -61.90
CA LYS I 537 -21.94 -87.94 -62.98
C LYS I 537 -21.55 -87.08 -64.15
N GLU I 538 -20.29 -87.16 -64.53
CA GLU I 538 -19.78 -86.30 -65.60
C GLU I 538 -19.97 -86.90 -66.98
N ASP I 603 -22.07 -103.67 -36.00
CA ASP I 603 -21.82 -102.80 -34.83
C ASP I 603 -23.00 -102.90 -33.86
N ALA I 604 -22.74 -102.63 -32.57
CA ALA I 604 -23.71 -102.69 -31.45
C ALA I 604 -24.21 -101.28 -31.07
N LEU I 605 -23.90 -100.23 -31.84
CA LEU I 605 -24.39 -98.83 -31.60
C LEU I 605 -25.92 -98.83 -31.52
N ASP I 606 -26.47 -98.14 -30.51
CA ASP I 606 -27.93 -97.94 -30.26
C ASP I 606 -28.58 -99.21 -29.72
N LYS I 607 -27.85 -100.31 -29.50
CA LYS I 607 -28.40 -101.58 -28.94
C LYS I 607 -27.57 -102.08 -27.74
N ASP I 608 -26.23 -102.09 -27.81
CA ASP I 608 -25.35 -102.58 -26.70
C ASP I 608 -24.06 -101.73 -26.68
N SER I 609 -24.07 -100.64 -25.92
CA SER I 609 -22.92 -99.71 -25.78
C SER I 609 -21.71 -100.47 -25.22
N THR I 610 -21.94 -101.41 -24.30
CA THR I 610 -20.89 -102.26 -23.70
C THR I 610 -20.16 -103.06 -24.77
N LYS I 611 -20.89 -103.64 -25.73
CA LYS I 611 -20.29 -104.34 -26.88
C LYS I 611 -19.53 -103.34 -27.75
N GLU I 612 -20.11 -102.17 -28.02
CA GLU I 612 -19.42 -101.15 -28.85
C GLU I 612 -18.13 -100.71 -28.16
N VAL I 613 -18.14 -100.64 -26.83
CA VAL I 613 -16.96 -100.21 -26.03
C VAL I 613 -15.89 -101.27 -26.20
N ALA I 614 -16.25 -102.56 -26.10
CA ALA I 614 -15.30 -103.69 -26.25
C ALA I 614 -14.58 -103.64 -27.61
N SER I 615 -15.22 -103.08 -28.64
CA SER I 615 -14.67 -102.99 -30.02
C SER I 615 -13.65 -101.84 -30.17
N LEU I 616 -13.63 -100.86 -29.25
CA LEU I 616 -12.99 -99.54 -29.50
C LEU I 616 -11.49 -99.67 -29.68
N PRO I 617 -10.77 -100.52 -28.92
CA PRO I 617 -9.31 -100.61 -29.11
C PRO I 617 -8.89 -101.32 -30.41
N ASN I 618 -9.78 -102.16 -30.96
CA ASN I 618 -9.50 -103.09 -32.11
C ASN I 618 -9.38 -102.27 -33.39
N LYS I 619 -8.16 -102.10 -33.89
CA LYS I 619 -7.89 -101.46 -35.20
C LYS I 619 -8.47 -102.38 -36.29
N SER I 620 -9.67 -102.04 -36.77
CA SER I 620 -10.38 -102.75 -37.88
C SER I 620 -9.55 -102.66 -39.15
N SER I 623 -11.49 -105.78 -46.79
CA SER I 623 -10.15 -105.23 -46.94
C SER I 623 -10.03 -104.36 -48.18
N LYS I 624 -11.17 -103.91 -48.70
CA LYS I 624 -11.21 -103.05 -49.88
C LYS I 624 -11.45 -101.61 -49.44
N THR I 625 -10.66 -100.70 -49.99
CA THR I 625 -10.81 -99.29 -49.68
C THR I 625 -12.17 -98.80 -50.18
N VAL I 626 -12.50 -97.56 -49.88
CA VAL I 626 -13.74 -97.00 -50.36
C VAL I 626 -13.48 -96.30 -51.68
N SER I 627 -12.23 -95.98 -51.98
CA SER I 627 -11.94 -95.38 -53.28
C SER I 627 -12.20 -96.36 -54.41
N SER I 628 -12.06 -97.66 -54.15
CA SER I 628 -12.41 -98.66 -55.16
C SER I 628 -13.88 -98.59 -55.52
N THR I 629 -14.73 -98.37 -54.52
CA THR I 629 -16.17 -98.31 -54.71
C THR I 629 -16.64 -97.02 -55.33
N ILE I 630 -15.74 -96.15 -55.76
CA ILE I 630 -16.14 -94.94 -56.48
C ILE I 630 -16.49 -95.32 -57.91
N PRO I 631 -17.73 -95.10 -58.32
CA PRO I 631 -18.10 -95.36 -59.72
C PRO I 631 -17.27 -94.58 -60.69
N ARG I 632 -17.00 -95.14 -61.86
CA ARG I 632 -16.33 -94.36 -62.89
C ARG I 632 -17.26 -93.31 -63.46
N GLU I 633 -16.67 -92.24 -63.99
CA GLU I 633 -17.43 -91.13 -64.57
C GLU I 633 -18.32 -90.46 -63.52
N THR I 634 -17.89 -90.49 -62.26
CA THR I 634 -18.64 -89.86 -61.17
C THR I 634 -17.68 -89.03 -60.33
N ILE I 635 -18.13 -87.85 -59.92
CA ILE I 635 -17.38 -86.99 -59.01
C ILE I 635 -17.88 -87.27 -57.60
N PRO I 636 -17.03 -87.74 -56.68
CA PRO I 636 -17.49 -87.90 -55.29
C PRO I 636 -17.87 -86.57 -54.67
N PHE I 637 -18.75 -86.58 -53.68
CA PHE I 637 -19.18 -85.34 -53.01
C PHE I 637 -17.98 -84.67 -52.38
N LEU I 638 -17.05 -85.43 -51.80
CA LEU I 638 -15.80 -84.88 -51.30
C LEU I 638 -14.68 -85.41 -52.18
N HIS I 639 -13.88 -84.49 -52.73
CA HIS I 639 -12.81 -84.87 -53.64
C HIS I 639 -11.73 -83.80 -53.61
N LEU I 640 -10.56 -84.15 -54.14
CA LEU I 640 -9.46 -83.21 -54.27
C LEU I 640 -9.31 -82.85 -55.72
N ARG I 641 -8.61 -81.78 -56.00
CA ARG I 641 -8.47 -81.30 -57.34
C ARG I 641 -7.02 -81.13 -57.71
N LYS I 642 -6.75 -81.04 -58.98
CA LYS I 642 -5.39 -80.89 -59.44
C LYS I 642 -5.36 -79.85 -60.51
N LYS I 643 -4.30 -79.09 -60.54
CA LYS I 643 -4.18 -78.02 -61.48
C LYS I 643 -3.62 -78.55 -62.79
N THR I 644 -4.18 -78.10 -63.88
CA THR I 644 -3.74 -78.50 -65.21
C THR I 644 -2.76 -77.49 -65.77
N PRO I 645 -1.89 -77.91 -66.70
CA PRO I 645 -0.99 -76.94 -67.34
C PRO I 645 -1.66 -75.64 -67.75
N ALA I 646 -2.96 -75.63 -67.99
CA ALA I 646 -3.69 -74.41 -68.32
C ALA I 646 -4.08 -73.61 -67.09
N GLY I 647 -3.88 -74.15 -65.89
CA GLY I 647 -4.08 -73.41 -64.67
C GLY I 647 -5.43 -73.57 -64.00
N ASP I 648 -6.31 -74.42 -64.54
CA ASP I 648 -7.61 -74.64 -63.94
C ASP I 648 -7.59 -75.94 -63.13
N TRP I 649 -8.31 -75.92 -62.02
CA TRP I 649 -8.32 -77.07 -61.13
C TRP I 649 -9.43 -78.01 -61.48
N LYS I 650 -9.12 -79.28 -61.58
CA LYS I 650 -10.07 -80.28 -62.00
C LYS I 650 -10.00 -81.49 -61.10
N TYR I 651 -11.12 -82.20 -61.00
CA TYR I 651 -11.20 -83.37 -60.14
C TYR I 651 -10.12 -84.39 -60.52
N ASP I 652 -9.48 -84.95 -59.49
CA ASP I 652 -8.42 -85.93 -59.67
C ASP I 652 -8.79 -87.20 -58.93
N ARG I 653 -8.86 -88.32 -59.66
CA ARG I 653 -9.27 -89.58 -59.05
C ARG I 653 -8.29 -90.03 -57.98
N GLN I 654 -6.99 -89.90 -58.23
CA GLN I 654 -6.00 -90.47 -57.33
C GLN I 654 -5.91 -89.68 -56.02
N LEU I 655 -5.83 -88.37 -56.12
CA LEU I 655 -5.78 -87.54 -54.93
C LEU I 655 -7.06 -87.69 -54.11
N SER I 656 -8.19 -87.73 -54.77
CA SER I 656 -9.47 -87.91 -54.08
C SER I 656 -9.53 -89.28 -53.42
N SER I 657 -8.95 -90.29 -54.07
CA SER I 657 -8.89 -91.61 -53.45
C SER I 657 -8.03 -91.58 -52.19
N LEU I 658 -6.90 -90.89 -52.25
CA LEU I 658 -6.08 -90.70 -51.05
C LEU I 658 -6.90 -90.09 -49.93
N PHE I 659 -7.59 -88.99 -50.23
CA PHE I 659 -8.34 -88.26 -49.22
C PHE I 659 -9.46 -89.12 -48.62
N LEU I 660 -10.20 -89.83 -49.48
CA LEU I 660 -11.33 -90.62 -49.01
C LEU I 660 -10.85 -91.85 -48.24
N ASP I 661 -9.73 -92.45 -48.66
CA ASP I 661 -9.17 -93.56 -47.90
C ASP I 661 -8.74 -93.10 -46.51
N GLY I 662 -8.12 -91.92 -46.43
CA GLY I 662 -7.80 -91.37 -45.12
C GLY I 662 -9.03 -91.14 -44.27
N LEU I 663 -10.10 -90.61 -44.88
CA LEU I 663 -11.32 -90.38 -44.12
C LEU I 663 -11.90 -91.69 -43.61
N GLU I 664 -11.88 -92.74 -44.44
CA GLU I 664 -12.36 -94.05 -43.99
C GLU I 664 -11.52 -94.58 -42.83
N LYS I 665 -10.20 -94.50 -42.95
CA LYS I 665 -9.35 -94.97 -41.87
C LYS I 665 -9.63 -94.22 -40.59
N ALA I 666 -9.92 -92.94 -40.68
CA ALA I 666 -10.27 -92.14 -39.53
C ALA I 666 -11.56 -92.60 -38.93
N ALA I 667 -12.57 -92.78 -39.75
CA ALA I 667 -13.86 -93.21 -39.25
C ALA I 667 -13.78 -94.57 -38.57
N PHE I 668 -12.88 -95.44 -39.03
CA PHE I 668 -12.75 -96.76 -38.43
C PHE I 668 -11.84 -96.76 -37.21
N ASN I 669 -10.63 -96.23 -37.32
CA ASN I 669 -9.67 -96.32 -36.25
C ASN I 669 -9.36 -95.06 -35.47
N GLY I 670 -9.84 -93.93 -35.92
CA GLY I 670 -9.50 -92.68 -35.27
C GLY I 670 -8.15 -92.18 -35.71
N VAL I 671 -7.98 -90.88 -35.77
CA VAL I 671 -6.71 -90.27 -36.15
C VAL I 671 -6.03 -89.57 -34.98
N THR I 672 -4.72 -89.63 -34.90
CA THR I 672 -4.00 -88.96 -33.85
C THR I 672 -3.50 -87.61 -34.29
N PHE I 673 -3.35 -86.67 -33.35
CA PHE I 673 -2.80 -85.36 -33.68
C PHE I 673 -1.74 -84.99 -32.68
N LYS I 674 -1.12 -85.99 -32.08
CA LYS I 674 -0.11 -85.77 -31.08
C LYS I 674 1.12 -85.08 -31.68
N ASP I 675 1.71 -84.14 -30.96
CA ASP I 675 2.83 -83.38 -31.51
C ASP I 675 2.42 -82.40 -32.59
N LYS I 676 1.15 -82.11 -32.73
CA LYS I 676 0.72 -81.09 -33.67
C LYS I 676 0.45 -79.82 -32.89
N TYR I 677 0.98 -78.73 -33.36
CA TYR I 677 0.77 -77.41 -32.75
C TYR I 677 -0.09 -76.62 -33.68
N VAL I 678 -1.26 -76.22 -33.25
CA VAL I 678 -2.25 -75.61 -34.12
C VAL I 678 -2.65 -74.26 -33.54
N LEU I 679 -2.78 -73.27 -34.42
CA LEU I 679 -3.44 -72.00 -34.11
C LEU I 679 -4.74 -71.96 -34.89
N ILE I 680 -5.84 -71.72 -34.18
CA ILE I 680 -7.16 -71.66 -34.79
C ILE I 680 -7.89 -70.41 -34.31
N THR I 681 -8.44 -69.67 -35.26
CA THR I 681 -9.20 -68.49 -34.95
C THR I 681 -10.59 -68.74 -35.49
N GLY I 682 -11.60 -68.06 -34.98
CA GLY I 682 -12.97 -68.28 -35.43
C GLY I 682 -13.63 -69.54 -34.94
N ALA I 683 -13.19 -70.06 -33.80
CA ALA I 683 -13.75 -71.30 -33.25
C ALA I 683 -14.61 -71.12 -32.02
N GLY I 684 -15.51 -70.16 -31.98
CA GLY I 684 -16.43 -70.04 -30.85
C GLY I 684 -17.63 -70.96 -30.86
N LYS I 685 -18.36 -71.03 -29.77
CA LYS I 685 -19.50 -71.96 -29.67
C LYS I 685 -20.46 -71.84 -30.81
N GLY I 686 -20.87 -72.97 -31.35
CA GLY I 686 -21.80 -73.02 -32.45
C GLY I 686 -21.20 -72.89 -33.83
N SER I 687 -19.89 -72.98 -33.93
CA SER I 687 -19.21 -72.81 -35.20
C SER I 687 -18.56 -74.08 -35.69
N ILE I 688 -18.10 -74.06 -36.92
CA ILE I 688 -17.37 -75.19 -37.47
C ILE I 688 -16.04 -75.34 -36.74
N GLY I 689 -15.36 -74.23 -36.45
CA GLY I 689 -14.11 -74.26 -35.73
C GLY I 689 -14.18 -74.90 -34.38
N ALA I 690 -15.28 -74.78 -33.69
CA ALA I 690 -15.46 -75.40 -32.40
C ALA I 690 -15.40 -76.90 -32.50
N GLU I 691 -16.02 -77.47 -33.52
CA GLU I 691 -16.01 -78.91 -33.73
C GLU I 691 -14.62 -79.33 -34.19
N VAL I 692 -13.93 -78.52 -34.98
CA VAL I 692 -12.54 -78.79 -35.33
C VAL I 692 -11.67 -78.83 -34.09
N LEU I 693 -11.90 -77.89 -33.16
CA LEU I 693 -11.09 -77.82 -31.95
C LEU I 693 -11.34 -79.02 -31.05
N GLN I 694 -12.55 -79.53 -30.92
CA GLN I 694 -12.79 -80.73 -30.14
C GLN I 694 -12.10 -81.95 -30.68
N GLY I 695 -12.10 -82.09 -31.99
CA GLY I 695 -11.39 -83.17 -32.62
C GLY I 695 -9.91 -83.02 -32.49
N LEU I 696 -9.39 -81.81 -32.58
CA LEU I 696 -7.96 -81.65 -32.36
C LEU I 696 -7.58 -82.00 -30.93
N LEU I 697 -8.37 -81.54 -29.95
CA LEU I 697 -8.07 -81.87 -28.56
C LEU I 697 -8.17 -83.36 -28.30
N GLN I 698 -9.14 -84.02 -28.93
CA GLN I 698 -9.29 -85.46 -28.74
C GLN I 698 -8.04 -86.20 -29.21
N GLY I 699 -7.44 -85.77 -30.31
CA GLY I 699 -6.25 -86.39 -30.85
C GLY I 699 -4.96 -86.02 -30.19
N GLY I 700 -4.98 -85.14 -29.19
CA GLY I 700 -3.79 -84.83 -28.43
C GLY I 700 -3.01 -83.62 -28.90
N ALA I 701 -3.61 -82.75 -29.70
CA ALA I 701 -2.90 -81.60 -30.22
C ALA I 701 -2.68 -80.54 -29.15
N LYS I 702 -1.68 -79.69 -29.37
CA LYS I 702 -1.46 -78.47 -28.61
C LYS I 702 -2.06 -77.32 -29.41
N VAL I 703 -3.13 -76.73 -28.90
CA VAL I 703 -3.93 -75.76 -29.65
C VAL I 703 -3.97 -74.45 -28.88
N VAL I 704 -3.76 -73.34 -29.60
CA VAL I 704 -4.08 -72.01 -29.11
C VAL I 704 -5.31 -71.54 -29.88
N VAL I 705 -6.40 -71.29 -29.17
CA VAL I 705 -7.65 -70.83 -29.77
C VAL I 705 -7.87 -69.39 -29.35
N THR I 706 -8.25 -68.55 -30.29
CA THR I 706 -8.50 -67.17 -30.06
C THR I 706 -9.97 -66.91 -29.81
N THR I 707 -10.31 -65.77 -29.23
CA THR I 707 -11.69 -65.39 -28.99
C THR I 707 -11.81 -63.88 -29.10
N SER I 708 -12.86 -63.38 -29.72
CA SER I 708 -13.09 -61.94 -29.81
C SER I 708 -14.05 -61.49 -28.72
N ARG I 709 -14.57 -62.44 -27.94
CA ARG I 709 -15.45 -62.11 -26.83
C ARG I 709 -14.95 -62.73 -25.55
N PHE I 710 -13.71 -62.47 -25.19
CA PHE I 710 -13.13 -62.98 -23.94
C PHE I 710 -13.94 -62.57 -22.72
N SER I 711 -14.43 -63.57 -21.99
CA SER I 711 -15.29 -63.33 -20.84
C SER I 711 -15.23 -64.56 -19.95
N LYS I 712 -15.96 -64.56 -18.85
CA LYS I 712 -15.92 -65.67 -17.92
C LYS I 712 -16.78 -66.76 -18.44
N GLN I 713 -17.75 -66.39 -19.25
CA GLN I 713 -18.56 -67.39 -19.88
C GLN I 713 -17.78 -68.16 -20.95
N VAL I 714 -16.99 -67.47 -21.74
CA VAL I 714 -16.22 -68.13 -22.78
C VAL I 714 -15.10 -68.96 -22.19
N THR I 715 -14.49 -68.48 -21.13
CA THR I 715 -13.42 -69.23 -20.51
C THR I 715 -13.99 -70.47 -19.85
N ASP I 716 -15.19 -70.40 -19.30
CA ASP I 716 -15.85 -71.57 -18.74
C ASP I 716 -16.31 -72.54 -19.82
N TYR I 717 -16.61 -72.05 -21.01
CA TYR I 717 -16.99 -72.91 -22.11
C TYR I 717 -15.78 -73.70 -22.56
N TYR I 718 -14.65 -73.04 -22.65
CA TYR I 718 -13.43 -73.70 -23.06
C TYR I 718 -12.88 -74.61 -22.00
N GLN I 719 -13.08 -74.36 -20.71
CA GLN I 719 -12.68 -75.30 -19.68
C GLN I 719 -13.49 -76.54 -19.79
N SER I 720 -14.77 -76.40 -20.01
CA SER I 720 -15.65 -77.55 -20.09
C SER I 720 -15.31 -78.39 -21.29
N ILE I 721 -14.93 -77.78 -22.40
CA ILE I 721 -14.52 -78.52 -23.57
C ILE I 721 -13.23 -79.27 -23.33
N TYR I 722 -12.23 -78.63 -22.73
CA TYR I 722 -11.00 -79.36 -22.41
C TYR I 722 -11.16 -80.50 -21.41
N ALA I 723 -11.98 -80.30 -20.41
CA ALA I 723 -12.21 -81.30 -19.41
C ALA I 723 -13.01 -82.43 -20.00
N LYS I 724 -13.74 -82.28 -21.08
CA LYS I 724 -14.39 -83.39 -21.69
C LYS I 724 -13.55 -84.08 -22.77
N TYR I 725 -12.88 -83.33 -23.61
CA TYR I 725 -12.15 -83.89 -24.74
C TYR I 725 -10.63 -83.84 -24.72
N GLY I 726 -10.01 -82.98 -23.92
CA GLY I 726 -8.57 -82.90 -23.90
C GLY I 726 -7.87 -84.19 -23.58
N ALA I 727 -7.28 -84.81 -24.57
CA ALA I 727 -6.57 -86.07 -24.40
C ALA I 727 -5.25 -85.85 -23.69
N LYS I 728 -4.65 -86.95 -23.24
CA LYS I 728 -3.34 -86.88 -22.62
C LYS I 728 -2.33 -86.26 -23.59
N GLY I 729 -1.47 -85.39 -23.07
CA GLY I 729 -0.50 -84.71 -23.88
C GLY I 729 -1.02 -83.48 -24.60
N SER I 730 -2.31 -83.18 -24.50
CA SER I 730 -2.89 -82.03 -25.17
C SER I 730 -2.88 -80.82 -24.25
N THR I 731 -2.97 -79.64 -24.86
CA THR I 731 -3.05 -78.39 -24.13
C THR I 731 -3.93 -77.42 -24.91
N LEU I 732 -4.71 -76.62 -24.18
CA LEU I 732 -5.57 -75.60 -24.77
C LEU I 732 -5.17 -74.25 -24.20
N ILE I 733 -4.83 -73.31 -25.08
CA ILE I 733 -4.51 -71.94 -24.69
C ILE I 733 -5.58 -71.04 -25.30
N VAL I 734 -6.30 -70.31 -24.44
CA VAL I 734 -7.31 -69.36 -24.87
C VAL I 734 -6.76 -67.96 -24.65
N VAL I 735 -6.81 -67.14 -25.69
CA VAL I 735 -6.31 -65.78 -25.62
C VAL I 735 -7.35 -64.84 -26.22
N PRO I 736 -7.40 -63.61 -25.74
CA PRO I 736 -8.27 -62.63 -26.37
C PRO I 736 -7.64 -62.17 -27.71
N PHE I 737 -8.44 -61.97 -28.73
CA PHE I 737 -7.90 -61.60 -30.03
C PHE I 737 -8.82 -60.82 -30.93
N ASN I 738 -8.28 -59.92 -31.70
CA ASN I 738 -9.05 -59.17 -32.67
C ASN I 738 -8.27 -59.38 -33.96
N GLN I 739 -8.76 -60.20 -34.88
CA GLN I 739 -8.10 -60.44 -36.15
C GLN I 739 -8.14 -59.20 -37.04
N GLY I 740 -9.02 -58.25 -36.76
CA GLY I 740 -9.05 -56.99 -37.49
C GLY I 740 -7.96 -56.02 -37.13
N SER I 741 -7.19 -56.31 -36.10
CA SER I 741 -6.04 -55.50 -35.68
C SER I 741 -4.72 -56.13 -36.08
N LYS I 742 -3.94 -55.43 -36.87
CA LYS I 742 -2.63 -55.89 -37.28
C LYS I 742 -1.65 -56.00 -36.12
N GLN I 743 -1.76 -55.13 -35.14
CA GLN I 743 -0.89 -55.18 -33.99
C GLN I 743 -1.23 -56.40 -33.18
N ASP I 744 -2.50 -56.75 -33.07
CA ASP I 744 -2.87 -57.98 -32.38
C ASP I 744 -2.33 -59.20 -33.11
N VAL I 745 -2.35 -59.20 -34.44
CA VAL I 745 -1.82 -60.33 -35.20
C VAL I 745 -0.34 -60.51 -34.89
N GLU I 746 0.43 -59.43 -35.00
CA GLU I 746 1.86 -59.51 -34.75
C GLU I 746 2.13 -59.94 -33.32
N ALA I 747 1.40 -59.41 -32.37
CA ALA I 747 1.63 -59.75 -31.00
C ALA I 747 1.28 -61.19 -30.70
N LEU I 748 0.20 -61.70 -31.28
CA LEU I 748 -0.17 -63.09 -31.06
C LEU I 748 0.92 -64.03 -31.60
N ILE I 749 1.41 -63.79 -32.78
CA ILE I 749 2.41 -64.66 -33.35
C ILE I 749 3.72 -64.54 -32.59
N GLU I 750 4.03 -63.35 -32.08
CA GLU I 750 5.21 -63.19 -31.24
C GLU I 750 5.06 -63.92 -29.91
N PHE I 751 3.91 -63.82 -29.27
CA PHE I 751 3.66 -64.57 -28.04
C PHE I 751 3.83 -66.03 -28.29
N ILE I 752 3.30 -66.52 -29.40
CA ILE I 752 3.39 -67.97 -29.64
C ILE I 752 4.84 -68.39 -29.81
N TYR I 753 5.63 -67.61 -30.55
CA TYR I 753 6.99 -68.03 -30.86
C TYR I 753 8.02 -67.63 -29.82
N ASP I 754 7.75 -66.70 -28.92
CA ASP I 754 8.71 -66.27 -27.95
C ASP I 754 8.99 -67.36 -26.97
N THR I 755 10.13 -67.31 -26.33
CA THR I 755 10.53 -68.32 -25.36
C THR I 755 9.76 -68.15 -24.09
N GLU I 756 9.62 -69.22 -23.34
CA GLU I 756 8.88 -69.16 -22.09
C GLU I 756 9.53 -68.25 -21.09
N LYS I 757 10.85 -68.22 -21.03
CA LYS I 757 11.55 -67.28 -20.17
C LYS I 757 11.28 -65.83 -20.56
N ASN I 758 10.92 -65.57 -21.81
CA ASN I 758 10.52 -64.24 -22.24
C ASN I 758 9.01 -64.04 -22.19
N GLY I 759 8.28 -64.94 -21.55
CA GLY I 759 6.84 -64.81 -21.40
C GLY I 759 6.01 -65.34 -22.53
N GLY I 760 6.60 -66.08 -23.47
CA GLY I 760 5.88 -66.68 -24.56
C GLY I 760 5.61 -68.16 -24.33
N LEU I 761 5.10 -68.83 -25.35
CA LEU I 761 4.83 -70.25 -25.28
C LEU I 761 6.01 -71.08 -25.76
N GLY I 762 6.87 -70.55 -26.60
CA GLY I 762 7.96 -71.32 -27.15
C GLY I 762 7.52 -72.41 -28.10
N TRP I 763 6.50 -72.15 -28.90
CA TRP I 763 6.01 -73.15 -29.83
C TRP I 763 6.38 -72.86 -31.25
N ASP I 764 6.25 -73.84 -32.12
CA ASP I 764 6.45 -73.67 -33.55
C ASP I 764 5.20 -74.28 -34.15
N LEU I 765 4.45 -73.54 -34.94
CA LEU I 765 3.16 -73.97 -35.43
C LEU I 765 3.29 -75.03 -36.53
N ASP I 766 2.45 -76.06 -36.43
CA ASP I 766 2.31 -77.05 -37.49
C ASP I 766 1.10 -76.79 -38.37
N ALA I 767 0.09 -76.07 -37.86
CA ALA I 767 -1.11 -75.79 -38.63
C ALA I 767 -1.66 -74.43 -38.23
N ILE I 768 -2.25 -73.74 -39.20
CA ILE I 768 -2.96 -72.49 -38.96
C ILE I 768 -4.35 -72.63 -39.58
N ILE I 769 -5.37 -72.33 -38.79
CA ILE I 769 -6.76 -72.50 -39.21
C ILE I 769 -7.48 -71.17 -38.97
N PRO I 770 -7.37 -70.26 -39.94
CA PRO I 770 -7.91 -68.92 -39.72
C PRO I 770 -9.37 -68.76 -40.11
N PHE I 771 -10.29 -69.13 -39.24
CA PHE I 771 -11.71 -69.10 -39.56
C PHE I 771 -12.51 -67.89 -39.04
N ALA I 772 -11.84 -66.89 -38.49
CA ALA I 772 -12.49 -65.68 -38.00
C ALA I 772 -13.17 -64.95 -39.12
N ALA I 773 -14.37 -64.49 -38.87
CA ALA I 773 -15.13 -63.83 -39.89
C ALA I 773 -16.23 -63.03 -39.26
N ILE I 774 -16.77 -62.07 -39.96
CA ILE I 774 -17.92 -61.33 -39.44
C ILE I 774 -18.95 -61.34 -40.54
N PRO I 775 -20.22 -61.26 -40.18
CA PRO I 775 -21.30 -61.32 -41.17
C PRO I 775 -21.69 -60.02 -41.83
N GLU I 776 -21.93 -60.05 -43.13
CA GLU I 776 -22.39 -58.87 -43.88
C GLU I 776 -23.70 -59.24 -44.52
N GLN I 777 -24.79 -58.72 -44.01
CA GLN I 777 -26.14 -59.03 -44.46
C GLN I 777 -26.75 -57.82 -45.15
N GLY I 778 -27.26 -58.03 -46.35
CA GLY I 778 -27.96 -56.98 -47.07
C GLY I 778 -27.09 -55.80 -47.44
N ILE I 779 -25.81 -56.03 -47.73
CA ILE I 779 -24.91 -54.99 -48.18
C ILE I 779 -24.61 -55.27 -49.64
N GLU I 780 -25.28 -54.55 -50.54
CA GLU I 780 -25.04 -54.69 -51.97
C GLU I 780 -23.84 -53.84 -52.37
N LEU I 781 -23.61 -53.71 -53.68
CA LEU I 781 -22.46 -52.94 -54.15
C LEU I 781 -22.50 -51.50 -53.67
N GLU I 782 -23.67 -50.87 -53.74
CA GLU I 782 -23.79 -49.47 -53.35
C GLU I 782 -23.69 -49.24 -51.85
N HIS I 783 -23.79 -50.30 -51.04
CA HIS I 783 -23.74 -50.18 -49.60
C HIS I 783 -22.38 -50.52 -49.00
N ILE I 784 -21.39 -50.87 -49.82
CA ILE I 784 -20.09 -51.25 -49.29
C ILE I 784 -19.46 -50.03 -48.62
N ASP I 785 -19.14 -50.16 -47.34
CA ASP I 785 -18.78 -49.02 -46.51
C ASP I 785 -17.81 -49.49 -45.43
N SER I 786 -17.68 -48.70 -44.36
CA SER I 786 -16.73 -48.99 -43.29
C SER I 786 -16.75 -50.46 -42.88
N LYS I 787 -17.94 -51.00 -42.61
CA LYS I 787 -18.03 -52.36 -42.08
C LYS I 787 -17.52 -53.38 -43.08
N SER I 788 -17.83 -53.20 -44.36
CA SER I 788 -17.33 -54.12 -45.37
C SER I 788 -15.81 -54.04 -45.48
N GLU I 789 -15.24 -52.84 -45.38
CA GLU I 789 -13.80 -52.71 -45.38
C GLU I 789 -13.17 -53.42 -44.19
N PHE I 790 -13.74 -53.30 -43.01
CA PHE I 790 -13.21 -53.94 -41.83
C PHE I 790 -13.32 -55.45 -41.92
N ALA I 791 -14.38 -55.97 -42.49
CA ALA I 791 -14.51 -57.40 -42.70
C ALA I 791 -13.51 -57.92 -43.73
N HIS I 792 -13.22 -57.16 -44.77
CA HIS I 792 -12.28 -57.57 -45.79
C HIS I 792 -10.92 -57.54 -45.18
N ARG I 793 -10.66 -56.57 -44.32
CA ARG I 793 -9.38 -56.62 -43.63
C ARG I 793 -9.25 -57.91 -42.84
N ILE I 794 -10.24 -58.21 -41.99
CA ILE I 794 -10.19 -59.40 -41.16
C ILE I 794 -9.97 -60.65 -42.02
N MET I 795 -10.85 -60.83 -43.00
CA MET I 795 -10.87 -62.07 -43.77
C MET I 795 -9.91 -62.25 -44.92
N LEU I 796 -9.22 -61.22 -45.36
CA LEU I 796 -8.16 -61.38 -46.35
C LEU I 796 -6.83 -60.81 -45.87
N THR I 797 -6.79 -59.54 -45.48
CA THR I 797 -5.51 -58.86 -45.36
C THR I 797 -4.77 -59.29 -44.10
N ASN I 798 -5.49 -59.47 -43.00
CA ASN I 798 -4.84 -59.90 -41.78
C ASN I 798 -4.54 -61.39 -41.77
N ILE I 799 -5.20 -62.18 -42.59
CA ILE I 799 -4.81 -63.59 -42.73
C ILE I 799 -3.51 -63.59 -43.54
N LEU I 800 -3.36 -62.76 -44.55
CA LEU I 800 -2.07 -62.66 -45.24
C LEU I 800 -0.99 -62.18 -44.27
N ARG I 801 -1.29 -61.23 -43.42
CA ARG I 801 -0.33 -60.72 -42.48
C ARG I 801 0.07 -61.77 -41.45
N MET I 802 -0.89 -62.57 -41.01
CA MET I 802 -0.57 -63.62 -40.05
C MET I 802 0.31 -64.69 -40.69
N MET I 803 0.04 -65.03 -41.95
CA MET I 803 0.93 -65.95 -42.66
C MET I 803 2.32 -65.38 -42.77
N GLY I 804 2.43 -64.10 -43.13
CA GLY I 804 3.74 -63.47 -43.21
C GLY I 804 4.47 -63.45 -41.88
N CYS I 805 3.73 -63.19 -40.80
CA CYS I 805 4.34 -63.18 -39.47
C CYS I 805 4.89 -64.55 -39.10
N VAL I 806 4.11 -65.60 -39.36
CA VAL I 806 4.60 -66.95 -39.10
C VAL I 806 5.83 -67.25 -39.94
N LYS I 807 5.83 -66.90 -41.22
CA LYS I 807 7.00 -67.07 -42.05
C LYS I 807 8.20 -66.36 -41.43
N LYS I 808 8.03 -65.09 -41.08
CA LYS I 808 9.17 -64.34 -40.56
C LYS I 808 9.70 -64.96 -39.28
N GLN I 809 8.85 -65.51 -38.45
CA GLN I 809 9.28 -66.11 -37.21
C GLN I 809 10.05 -67.38 -37.47
N LYS I 810 9.63 -68.20 -38.41
CA LYS I 810 10.34 -69.42 -38.70
C LYS I 810 11.63 -69.11 -39.46
N SER I 811 11.68 -68.06 -40.27
CA SER I 811 12.92 -67.76 -40.97
C SER I 811 13.96 -67.16 -40.04
N ALA I 812 13.54 -66.30 -39.12
CA ALA I 812 14.49 -65.72 -38.16
C ALA I 812 15.14 -66.80 -37.30
N ARG I 813 14.54 -68.00 -37.23
CA ARG I 813 15.13 -69.09 -36.48
C ARG I 813 15.70 -70.21 -37.34
N GLY I 814 15.84 -69.99 -38.62
CA GLY I 814 16.36 -71.01 -39.51
C GLY I 814 15.55 -72.27 -39.66
N ILE I 815 14.25 -72.20 -39.48
CA ILE I 815 13.40 -73.36 -39.61
C ILE I 815 12.96 -73.46 -41.06
N GLU I 816 13.51 -74.42 -41.78
CA GLU I 816 13.19 -74.64 -43.17
C GLU I 816 12.57 -76.00 -43.38
N THR I 817 12.41 -76.79 -42.33
CA THR I 817 11.92 -78.16 -42.46
C THR I 817 10.80 -78.49 -41.51
N ARG I 818 9.99 -77.53 -41.16
CA ARG I 818 8.83 -77.76 -40.34
C ARG I 818 7.81 -76.73 -40.79
N PRO I 819 7.27 -76.92 -41.99
CA PRO I 819 6.27 -75.99 -42.49
C PRO I 819 4.91 -75.99 -41.76
N ALA I 820 4.26 -74.86 -41.65
CA ALA I 820 2.93 -74.80 -41.07
C ALA I 820 1.89 -74.93 -42.18
N GLN I 821 0.93 -75.84 -41.98
CA GLN I 821 -0.14 -76.06 -42.94
C GLN I 821 -1.24 -75.04 -42.69
N VAL I 822 -1.62 -74.32 -43.73
CA VAL I 822 -2.63 -73.27 -43.63
C VAL I 822 -3.91 -73.80 -44.26
N ILE I 823 -4.93 -74.04 -43.43
CA ILE I 823 -6.23 -74.50 -43.90
C ILE I 823 -7.05 -73.26 -44.23
N LEU I 824 -7.16 -72.94 -45.51
CA LEU I 824 -7.83 -71.72 -45.93
C LEU I 824 -9.32 -71.97 -46.09
N PRO I 825 -10.20 -71.26 -45.37
CA PRO I 825 -11.64 -71.44 -45.55
C PRO I 825 -12.12 -70.75 -46.83
N MET I 826 -12.37 -71.54 -47.85
CA MET I 826 -12.73 -71.01 -49.14
C MET I 826 -14.18 -71.22 -49.46
N SER I 827 -14.69 -70.48 -50.42
CA SER I 827 -16.09 -70.55 -50.76
C SER I 827 -16.29 -70.99 -52.19
N PRO I 828 -17.30 -71.84 -52.41
CA PRO I 828 -17.59 -72.19 -53.81
C PRO I 828 -18.23 -71.06 -54.59
N ASN I 829 -18.92 -70.17 -53.89
CA ASN I 829 -19.66 -69.10 -54.54
C ASN I 829 -19.01 -67.76 -54.39
N HIS I 830 -18.84 -67.06 -55.50
CA HIS I 830 -18.23 -65.76 -55.46
C HIS I 830 -19.12 -64.78 -56.20
N GLY I 831 -20.09 -64.22 -55.50
CA GLY I 831 -21.01 -63.27 -56.08
C GLY I 831 -22.30 -63.85 -56.59
N THR I 832 -22.63 -65.05 -56.17
CA THR I 832 -23.81 -65.74 -56.67
C THR I 832 -25.07 -65.34 -55.94
N PHE I 833 -25.01 -65.22 -54.63
CA PHE I 833 -26.17 -64.80 -53.86
C PHE I 833 -26.30 -63.29 -53.74
N GLY I 834 -25.21 -62.56 -53.57
CA GLY I 834 -25.26 -61.13 -53.44
C GLY I 834 -25.62 -60.60 -52.08
N GLY I 835 -25.43 -59.31 -51.88
CA GLY I 835 -25.79 -58.66 -50.63
C GLY I 835 -24.97 -59.10 -49.44
N ASP I 836 -23.72 -59.48 -49.68
CA ASP I 836 -22.84 -59.91 -48.61
C ASP I 836 -21.60 -59.03 -48.49
N GLY I 837 -21.66 -57.78 -48.92
CA GLY I 837 -20.54 -56.86 -48.76
C GLY I 837 -19.36 -57.27 -49.59
N MET I 838 -18.22 -57.48 -48.93
CA MET I 838 -16.97 -57.87 -49.58
C MET I 838 -16.61 -59.32 -49.31
N TYR I 839 -17.54 -60.12 -48.83
CA TYR I 839 -17.28 -61.51 -48.54
C TYR I 839 -16.74 -62.27 -49.74
N SER I 840 -17.35 -62.14 -50.89
CA SER I 840 -16.91 -62.88 -52.05
C SER I 840 -15.57 -62.41 -52.51
N GLU I 841 -15.29 -61.13 -52.43
CA GLU I 841 -13.96 -60.64 -52.79
C GLU I 841 -12.90 -61.24 -51.87
N SER I 842 -13.13 -61.26 -50.59
CA SER I 842 -12.21 -61.86 -49.64
C SER I 842 -11.97 -63.34 -49.89
N LYS I 843 -13.00 -64.09 -50.20
CA LYS I 843 -12.87 -65.49 -50.42
C LYS I 843 -12.20 -65.79 -51.76
N LEU I 844 -12.50 -65.03 -52.80
CA LEU I 844 -11.86 -65.23 -54.09
C LEU I 844 -10.40 -64.81 -54.05
N SER I 845 -10.08 -63.69 -53.38
CA SER I 845 -8.70 -63.26 -53.27
C SER I 845 -7.86 -64.29 -52.53
N LEU I 846 -8.45 -64.99 -51.57
CA LEU I 846 -7.73 -66.05 -50.87
C LEU I 846 -7.10 -67.07 -51.82
N GLU I 847 -7.54 -67.16 -53.07
CA GLU I 847 -7.05 -68.17 -54.01
C GLU I 847 -5.79 -67.84 -54.74
N THR I 848 -5.29 -66.64 -54.63
CA THR I 848 -4.00 -66.33 -55.22
C THR I 848 -2.86 -67.05 -54.53
N LEU I 849 -3.09 -67.61 -53.35
CA LEU I 849 -2.02 -68.23 -52.59
C LEU I 849 -1.53 -69.51 -53.27
N PHE I 850 -2.42 -70.23 -53.94
CA PHE I 850 -2.03 -71.42 -54.67
C PHE I 850 -0.93 -71.13 -55.63
N ASN I 851 -0.94 -69.96 -56.23
CA ASN I 851 0.15 -69.56 -57.12
C ASN I 851 1.31 -68.86 -56.39
N ARG I 852 1.04 -68.05 -55.37
CA ARG I 852 2.07 -67.39 -54.57
C ARG I 852 3.02 -68.43 -53.98
N TRP I 853 2.50 -69.60 -53.61
CA TRP I 853 3.36 -70.64 -53.04
C TRP I 853 4.50 -70.98 -53.98
N HIS I 854 4.29 -71.03 -55.27
CA HIS I 854 5.35 -71.31 -56.22
C HIS I 854 6.18 -70.08 -56.60
N SER I 855 5.56 -68.93 -56.80
CA SER I 855 6.24 -67.71 -57.26
C SER I 855 7.12 -67.00 -56.23
N GLU I 856 6.90 -67.22 -54.94
CA GLU I 856 7.64 -66.51 -53.91
C GLU I 856 8.46 -67.49 -53.07
N SER I 857 9.05 -66.96 -52.00
CA SER I 857 9.96 -67.75 -51.15
C SER I 857 9.56 -68.10 -49.73
N TRP I 858 8.33 -68.48 -49.50
CA TRP I 858 7.85 -68.87 -48.20
C TRP I 858 7.36 -70.30 -48.19
N ALA I 859 7.56 -71.03 -49.27
CA ALA I 859 7.06 -72.42 -49.38
C ALA I 859 7.66 -73.43 -48.41
N ASN I 860 8.80 -73.15 -47.82
CA ASN I 860 9.38 -74.05 -46.83
C ASN I 860 8.85 -73.77 -45.46
N GLN I 861 8.16 -72.65 -45.27
CA GLN I 861 7.62 -72.30 -43.99
C GLN I 861 6.13 -72.51 -43.94
N LEU I 862 5.44 -72.43 -45.07
CA LEU I 862 4.01 -72.56 -45.08
C LEU I 862 3.58 -73.39 -46.29
N THR I 863 2.63 -74.29 -46.07
CA THR I 863 1.99 -75.04 -47.15
C THR I 863 0.52 -74.61 -47.22
N VAL I 864 -0.01 -74.54 -48.44
CA VAL I 864 -1.36 -74.04 -48.68
C VAL I 864 -2.30 -75.22 -48.84
N CYS I 865 -3.43 -75.17 -48.13
CA CYS I 865 -4.45 -76.22 -48.18
C CYS I 865 -5.81 -75.52 -48.25
N GLY I 866 -6.27 -75.27 -49.47
CA GLY I 866 -7.57 -74.64 -49.66
C GLY I 866 -8.71 -75.63 -49.51
N ALA I 867 -9.66 -75.32 -48.63
CA ALA I 867 -10.83 -76.15 -48.41
C ALA I 867 -12.07 -75.37 -48.85
N ILE I 868 -12.78 -75.89 -49.84
CA ILE I 868 -14.02 -75.29 -50.31
C ILE I 868 -15.13 -75.87 -49.43
N ILE I 869 -15.57 -75.09 -48.44
CA ILE I 869 -16.54 -75.58 -47.48
C ILE I 869 -17.93 -75.56 -48.11
N GLY I 870 -18.64 -76.68 -48.01
CA GLY I 870 -19.97 -76.81 -48.55
C GLY I 870 -21.03 -76.24 -47.65
N TRP I 871 -22.28 -76.46 -48.04
CA TRP I 871 -23.44 -75.96 -47.30
C TRP I 871 -23.47 -76.60 -45.91
N THR I 872 -23.20 -75.80 -44.89
CA THR I 872 -23.16 -76.30 -43.53
C THR I 872 -24.31 -75.72 -42.75
N ARG I 873 -25.07 -76.57 -42.10
CA ARG I 873 -26.22 -76.17 -41.36
C ARG I 873 -25.75 -75.92 -39.97
N GLY I 874 -26.29 -74.90 -39.35
CA GLY I 874 -25.94 -74.62 -37.99
C GLY I 874 -25.74 -73.15 -37.91
N THR I 875 -24.83 -72.69 -37.07
CA THR I 875 -24.67 -71.25 -36.87
C THR I 875 -23.61 -70.57 -37.71
N GLY I 876 -23.18 -69.40 -37.28
CA GLY I 876 -22.14 -68.66 -37.97
C GLY I 876 -22.70 -67.73 -39.03
N LEU I 877 -22.59 -68.15 -40.28
CA LEU I 877 -23.13 -67.37 -41.36
C LEU I 877 -24.22 -68.16 -42.07
N MET I 878 -24.05 -69.46 -42.17
CA MET I 878 -25.01 -70.29 -42.88
C MET I 878 -26.30 -70.61 -42.11
N SER I 879 -26.44 -70.13 -40.88
CA SER I 879 -27.71 -70.37 -40.20
C SER I 879 -28.77 -69.49 -40.85
N ALA I 880 -30.05 -69.76 -40.63
CA ALA I 880 -31.14 -69.01 -41.28
C ALA I 880 -31.53 -69.69 -42.60
N ASN I 881 -30.67 -70.59 -43.08
CA ASN I 881 -30.93 -71.30 -44.30
C ASN I 881 -31.29 -72.75 -44.02
N ASN I 882 -31.47 -73.11 -42.78
CA ASN I 882 -31.74 -74.47 -42.40
C ASN I 882 -33.10 -74.99 -42.85
N ILE I 883 -34.05 -74.10 -43.13
CA ILE I 883 -35.40 -74.53 -43.49
C ILE I 883 -35.49 -74.99 -44.94
N ILE I 884 -34.49 -74.65 -45.77
CA ILE I 884 -34.46 -75.07 -47.17
C ILE I 884 -33.42 -76.15 -47.42
N ALA I 885 -32.77 -76.65 -46.37
CA ALA I 885 -31.75 -77.68 -46.57
C ALA I 885 -32.35 -78.96 -47.15
N GLU I 886 -33.53 -79.35 -46.67
CA GLU I 886 -34.18 -80.55 -47.20
C GLU I 886 -34.55 -80.37 -48.66
N GLY I 887 -35.11 -79.19 -49.01
CA GLY I 887 -35.43 -78.93 -50.40
C GLY I 887 -34.21 -78.97 -51.29
N ILE I 888 -33.09 -78.43 -50.79
CA ILE I 888 -31.84 -78.48 -51.56
C ILE I 888 -31.37 -79.92 -51.72
N GLU I 889 -31.42 -80.70 -50.66
CA GLU I 889 -30.99 -82.09 -50.70
C GLU I 889 -31.89 -82.95 -51.57
N LYS I 890 -33.10 -82.50 -51.88
CA LYS I 890 -33.98 -83.27 -52.77
C LYS I 890 -33.42 -83.37 -54.18
N MET I 891 -32.41 -82.59 -54.54
CA MET I 891 -31.83 -82.61 -55.87
C MET I 891 -30.59 -83.50 -55.96
N GLY I 892 -30.40 -84.39 -55.00
CA GLY I 892 -29.20 -85.20 -54.96
C GLY I 892 -27.97 -84.50 -54.44
N VAL I 893 -28.14 -83.35 -53.80
CA VAL I 893 -27.01 -82.64 -53.21
C VAL I 893 -26.88 -83.01 -51.74
N ARG I 894 -25.71 -82.78 -51.17
CA ARG I 894 -25.45 -83.05 -49.76
C ARG I 894 -25.20 -81.74 -49.02
N THR I 895 -25.98 -81.53 -47.96
CA THR I 895 -25.68 -80.51 -46.96
C THR I 895 -25.10 -81.19 -45.73
N PHE I 896 -24.23 -80.48 -45.03
CA PHE I 896 -23.45 -81.07 -43.95
C PHE I 896 -23.78 -80.40 -42.63
N SER I 897 -23.65 -81.17 -41.58
CA SER I 897 -23.77 -80.64 -40.26
C SER I 897 -22.38 -80.10 -39.94
N GLN I 898 -22.23 -79.46 -38.79
CA GLN I 898 -20.93 -78.94 -38.40
C GLN I 898 -20.00 -80.04 -37.96
N LYS I 899 -20.52 -81.11 -37.38
CA LYS I 899 -19.65 -82.23 -37.08
C LYS I 899 -19.11 -82.86 -38.35
N GLU I 900 -19.92 -82.99 -39.37
CA GLU I 900 -19.48 -83.59 -40.61
C GLU I 900 -18.44 -82.74 -41.28
N MET I 901 -18.68 -81.45 -41.34
CA MET I 901 -17.71 -80.55 -41.95
C MET I 901 -16.40 -80.52 -41.16
N ALA I 902 -16.50 -80.58 -39.82
CA ALA I 902 -15.29 -80.65 -39.01
C ALA I 902 -14.53 -81.93 -39.29
N PHE I 903 -15.23 -83.05 -39.43
CA PHE I 903 -14.57 -84.31 -39.78
C PHE I 903 -13.87 -84.20 -41.13
N ASN I 904 -14.54 -83.60 -42.12
CA ASN I 904 -13.92 -83.41 -43.42
C ASN I 904 -12.66 -82.55 -43.32
N LEU I 905 -12.73 -81.46 -42.56
CA LEU I 905 -11.58 -80.57 -42.45
C LEU I 905 -10.44 -81.24 -41.71
N LEU I 906 -10.74 -81.97 -40.64
CA LEU I 906 -9.71 -82.72 -39.92
C LEU I 906 -9.12 -83.83 -40.77
N GLY I 907 -9.84 -84.26 -41.80
CA GLY I 907 -9.27 -85.18 -42.77
C GLY I 907 -8.09 -84.60 -43.51
N LEU I 908 -7.98 -83.27 -43.58
CA LEU I 908 -6.86 -82.62 -44.23
C LEU I 908 -5.62 -82.53 -43.35
N LEU I 909 -5.73 -82.85 -42.06
CA LEU I 909 -4.60 -82.83 -41.14
C LEU I 909 -3.98 -84.21 -40.95
N THR I 910 -4.41 -85.17 -41.73
CA THR I 910 -3.87 -86.51 -41.63
C THR I 910 -2.49 -86.50 -42.23
N PRO I 911 -1.61 -87.35 -41.70
CA PRO I 911 -0.22 -87.43 -42.18
C PRO I 911 0.00 -87.47 -43.72
N GLU I 912 -0.81 -88.19 -44.48
CA GLU I 912 -0.69 -88.31 -45.93
C GLU I 912 -1.08 -87.00 -46.62
N VAL I 913 -2.15 -86.36 -46.16
CA VAL I 913 -2.53 -85.07 -46.74
C VAL I 913 -1.49 -84.01 -46.40
N VAL I 914 -0.89 -84.08 -45.21
CA VAL I 914 0.17 -83.14 -44.86
C VAL I 914 1.34 -83.27 -45.81
N GLU I 915 1.77 -84.50 -46.10
CA GLU I 915 2.85 -84.71 -47.05
C GLU I 915 2.45 -84.24 -48.44
N LEU I 916 1.22 -84.48 -48.83
CA LEU I 916 0.75 -84.03 -50.13
C LEU I 916 0.81 -82.50 -50.22
N CYS I 917 0.42 -81.81 -49.14
CA CYS I 917 0.52 -80.35 -49.13
C CYS I 917 1.98 -79.90 -49.20
N GLN I 918 2.88 -80.63 -48.55
CA GLN I 918 4.30 -80.27 -48.62
C GLN I 918 4.84 -80.46 -50.03
N LYS I 919 4.28 -81.40 -50.80
CA LYS I 919 4.70 -81.54 -52.18
C LYS I 919 4.20 -80.38 -53.04
N SER I 920 2.95 -79.97 -52.90
CA SER I 920 2.40 -78.81 -53.61
C SER I 920 1.04 -78.42 -53.06
N PRO I 921 0.52 -77.26 -53.43
CA PRO I 921 -0.74 -76.80 -52.84
C PRO I 921 -1.97 -77.66 -53.13
N VAL I 922 -2.68 -78.05 -52.10
CA VAL I 922 -3.86 -78.90 -52.25
C VAL I 922 -5.16 -78.14 -52.23
N MET I 923 -6.10 -78.54 -53.08
CA MET I 923 -7.41 -77.94 -53.12
C MET I 923 -8.43 -79.01 -52.87
N ALA I 924 -9.06 -78.99 -51.71
CA ALA I 924 -10.10 -79.94 -51.36
C ALA I 924 -11.46 -79.32 -51.62
N ASP I 925 -12.32 -80.06 -52.34
CA ASP I 925 -13.68 -79.64 -52.61
C ASP I 925 -14.61 -80.39 -51.67
N LEU I 926 -15.19 -79.67 -50.71
CA LEU I 926 -16.13 -80.24 -49.75
C LEU I 926 -17.53 -79.68 -49.95
N ASN I 927 -17.89 -79.39 -51.19
CA ASN I 927 -19.14 -78.70 -51.52
C ASN I 927 -20.33 -79.64 -51.66
N GLY I 928 -20.12 -80.95 -51.51
CA GLY I 928 -21.24 -81.89 -51.51
C GLY I 928 -22.05 -81.91 -52.79
N GLY I 929 -21.44 -81.56 -53.92
CA GLY I 929 -22.14 -81.58 -55.19
C GLY I 929 -22.98 -80.35 -55.49
N LEU I 930 -23.03 -79.38 -54.57
CA LEU I 930 -23.86 -78.20 -54.79
C LEU I 930 -23.48 -77.42 -56.04
N GLN I 931 -22.25 -77.58 -56.53
CA GLN I 931 -21.84 -76.81 -57.70
C GLN I 931 -22.59 -77.22 -58.96
N PHE I 932 -23.14 -78.43 -59.00
CA PHE I 932 -23.85 -78.89 -60.18
C PHE I 932 -25.27 -78.36 -60.28
N VAL I 933 -25.82 -77.83 -59.20
CA VAL I 933 -27.17 -77.24 -59.26
C VAL I 933 -27.11 -75.96 -60.08
N PRO I 934 -27.89 -75.81 -61.16
CA PRO I 934 -27.84 -74.56 -61.93
C PRO I 934 -28.74 -73.49 -61.35
N GLU I 935 -28.26 -72.25 -61.41
CA GLU I 935 -29.01 -71.09 -60.93
C GLU I 935 -29.38 -71.27 -59.46
N LEU I 936 -28.34 -71.39 -58.63
CA LEU I 936 -28.55 -71.70 -57.22
C LEU I 936 -29.32 -70.61 -56.51
N LYS I 937 -29.02 -69.34 -56.81
CA LYS I 937 -29.73 -68.23 -56.19
C LYS I 937 -31.23 -68.35 -56.42
N GLU I 938 -31.63 -68.50 -57.68
CA GLU I 938 -33.05 -68.60 -58.01
C GLU I 938 -33.68 -69.83 -57.38
N PHE I 939 -32.95 -70.95 -57.39
CA PHE I 939 -33.50 -72.19 -56.84
C PHE I 939 -33.79 -72.05 -55.35
N THR I 940 -32.83 -71.49 -54.60
CA THR I 940 -33.01 -71.33 -53.16
C THR I 940 -34.09 -70.30 -52.86
N ALA I 941 -34.13 -69.21 -53.64
CA ALA I 941 -35.20 -68.23 -53.45
C ALA I 941 -36.57 -68.86 -53.68
N LYS I 942 -36.67 -69.70 -54.71
CA LYS I 942 -37.94 -70.38 -54.99
C LYS I 942 -38.34 -71.29 -53.84
N LEU I 943 -37.39 -72.06 -53.33
CA LEU I 943 -37.67 -72.94 -52.21
C LEU I 943 -38.16 -72.17 -51.01
N ARG I 944 -37.48 -71.10 -50.66
CA ARG I 944 -37.87 -70.31 -49.49
C ARG I 944 -39.22 -69.64 -49.71
N LYS I 945 -39.44 -69.10 -50.91
CA LYS I 945 -40.70 -68.43 -51.19
C LYS I 945 -41.87 -69.41 -51.08
N GLU I 946 -41.71 -70.62 -51.58
CA GLU I 946 -42.77 -71.60 -51.50
C GLU I 946 -43.07 -71.99 -50.07
N LEU I 947 -42.08 -71.90 -49.20
CA LEU I 947 -42.27 -72.31 -47.82
C LEU I 947 -42.97 -71.22 -47.06
N VAL I 948 -42.55 -69.99 -47.26
CA VAL I 948 -43.24 -68.87 -46.60
C VAL I 948 -44.66 -68.74 -47.11
N GLU I 949 -44.87 -68.94 -48.42
CA GLU I 949 -46.22 -68.87 -48.96
C GLU I 949 -47.12 -69.88 -48.26
N THR I 950 -46.67 -71.13 -48.19
CA THR I 950 -47.47 -72.16 -47.54
C THR I 950 -47.79 -71.76 -46.10
N SER I 951 -46.77 -71.33 -45.36
CA SER I 951 -46.97 -70.99 -43.96
C SER I 951 -47.99 -69.88 -43.78
N GLU I 952 -47.79 -68.76 -44.48
CA GLU I 952 -48.68 -67.61 -44.31
C GLU I 952 -50.10 -67.92 -44.75
N VAL I 953 -50.26 -68.60 -45.88
CA VAL I 953 -51.60 -68.91 -46.34
C VAL I 953 -52.32 -69.78 -45.32
N ARG I 954 -51.64 -70.82 -44.83
CA ARG I 954 -52.27 -71.70 -43.85
C ARG I 954 -52.66 -70.92 -42.60
N LYS I 955 -51.76 -70.07 -42.11
CA LYS I 955 -52.04 -69.33 -40.88
C LYS I 955 -53.24 -68.42 -41.04
N ALA I 956 -53.27 -67.64 -42.13
CA ALA I 956 -54.36 -66.69 -42.34
C ALA I 956 -55.69 -67.41 -42.53
N VAL I 957 -55.68 -68.51 -43.30
CA VAL I 957 -56.93 -69.25 -43.52
C VAL I 957 -57.44 -69.83 -42.21
N SER I 958 -56.55 -70.36 -41.38
CA SER I 958 -56.97 -70.89 -40.09
C SER I 958 -57.55 -69.80 -39.22
N ILE I 959 -56.93 -68.62 -39.21
CA ILE I 959 -57.45 -67.51 -38.41
C ILE I 959 -58.86 -67.15 -38.87
N GLU I 960 -59.05 -67.05 -40.19
CA GLU I 960 -60.37 -66.65 -40.70
C GLU I 960 -61.42 -67.71 -40.37
N THR I 961 -61.06 -68.98 -40.50
CA THR I 961 -62.01 -70.04 -40.15
C THR I 961 -62.37 -69.98 -38.67
N ALA I 962 -61.38 -69.72 -37.82
CA ALA I 962 -61.66 -69.62 -36.39
C ALA I 962 -62.62 -68.47 -36.11
N LEU I 963 -62.40 -67.32 -36.74
CA LEU I 963 -63.29 -66.19 -36.53
C LEU I 963 -64.70 -66.51 -37.00
N GLU I 964 -64.86 -67.19 -38.13
CA GLU I 964 -66.18 -67.48 -38.62
C GLU I 964 -66.87 -68.48 -37.71
N HIS I 965 -66.15 -69.47 -37.19
CA HIS I 965 -66.77 -70.38 -36.24
C HIS I 965 -67.21 -69.63 -34.98
N LYS I 966 -66.36 -68.75 -34.46
CA LYS I 966 -66.69 -68.05 -33.23
C LYS I 966 -67.89 -67.13 -33.41
N VAL I 967 -68.05 -66.55 -34.61
CA VAL I 967 -69.17 -65.65 -34.82
C VAL I 967 -70.44 -66.43 -35.13
N VAL I 968 -70.33 -67.61 -35.72
CA VAL I 968 -71.52 -68.38 -36.07
C VAL I 968 -72.02 -69.19 -34.88
N ASN I 969 -71.16 -69.47 -33.90
CA ASN I 969 -71.55 -70.24 -32.74
C ASN I 969 -71.43 -69.47 -31.43
N GLY I 970 -70.99 -68.21 -31.47
CA GLY I 970 -70.86 -67.43 -30.26
C GLY I 970 -69.94 -68.09 -29.24
N GLN I 979 -58.75 -73.89 -20.92
CA GLN I 979 -58.47 -74.59 -19.67
C GLN I 979 -57.96 -73.63 -18.61
N VAL I 980 -58.00 -74.06 -17.35
CA VAL I 980 -57.45 -73.29 -16.24
C VAL I 980 -56.13 -73.93 -15.86
N GLU I 981 -55.09 -73.11 -15.78
CA GLU I 981 -53.74 -73.57 -15.54
C GLU I 981 -53.19 -72.97 -14.25
N ILE I 982 -52.33 -73.74 -13.58
CA ILE I 982 -51.90 -73.45 -12.21
C ILE I 982 -50.46 -72.97 -12.24
N GLN I 983 -50.21 -71.84 -11.58
CA GLN I 983 -48.85 -71.33 -11.45
C GLN I 983 -48.24 -71.77 -10.12
N PRO I 984 -46.93 -72.06 -10.08
CA PRO I 984 -46.32 -72.49 -8.82
C PRO I 984 -46.22 -71.34 -7.82
N ARG I 985 -46.29 -71.68 -6.54
CA ARG I 985 -46.09 -70.71 -5.47
C ARG I 985 -44.99 -71.33 -4.62
N ALA I 986 -44.03 -70.54 -4.14
CA ALA I 986 -42.91 -71.05 -3.36
C ALA I 986 -43.35 -71.65 -2.05
N ASN I 987 -42.83 -72.82 -1.72
CA ASN I 987 -43.15 -73.50 -0.45
C ASN I 987 -41.83 -73.91 0.18
N ILE I 988 -41.19 -73.04 0.94
CA ILE I 988 -39.87 -73.29 1.48
C ILE I 988 -39.87 -74.34 2.54
N GLN I 989 -38.99 -75.30 2.39
CA GLN I 989 -38.94 -76.39 3.32
C GLN I 989 -37.73 -76.35 4.21
N LEU I 990 -37.88 -76.86 5.41
CA LEU I 990 -36.79 -76.88 6.39
C LEU I 990 -35.73 -77.93 6.05
N ASP I 991 -36.12 -79.02 5.44
CA ASP I 991 -35.16 -80.05 5.00
C ASP I 991 -34.57 -80.85 6.15
N PHE I 992 -35.42 -81.30 7.05
CA PHE I 992 -34.97 -82.16 8.10
C PHE I 992 -34.50 -83.40 7.41
N PRO I 993 -33.59 -84.14 8.04
CA PRO I 993 -33.06 -85.35 7.42
C PRO I 993 -34.14 -86.40 7.19
N GLU I 994 -34.06 -87.13 6.09
CA GLU I 994 -35.02 -88.19 5.80
C GLU I 994 -34.80 -89.42 6.66
N LEU I 995 -35.83 -89.84 7.38
CA LEU I 995 -35.72 -90.99 8.25
C LEU I 995 -36.27 -92.21 7.51
N LYS I 996 -35.47 -93.26 7.41
CA LYS I 996 -35.88 -94.46 6.66
C LYS I 996 -36.36 -95.59 7.54
N PRO I 997 -37.10 -96.57 6.97
CA PRO I 997 -37.64 -97.64 7.82
C PRO I 997 -36.54 -98.36 8.59
N TYR I 998 -36.91 -98.82 9.79
CA TYR I 998 -35.92 -99.41 10.69
C TYR I 998 -35.17 -100.57 10.05
N LYS I 999 -35.83 -101.33 9.18
CA LYS I 999 -35.17 -102.45 8.53
C LYS I 999 -33.98 -101.97 7.70
N GLN I 1000 -34.21 -100.97 6.85
CA GLN I 1000 -33.13 -100.44 6.02
C GLN I 1000 -32.03 -99.83 6.87
N VAL I 1001 -32.40 -99.11 7.92
CA VAL I 1001 -31.43 -98.44 8.77
C VAL I 1001 -30.59 -99.45 9.50
N LYS I 1002 -31.17 -100.58 9.87
CA LYS I 1002 -30.43 -101.67 10.50
C LYS I 1002 -29.53 -102.38 9.52
N GLN I 1003 -29.91 -102.45 8.24
CA GLN I 1003 -29.03 -103.07 7.26
C GLN I 1003 -27.74 -102.29 7.02
N ILE I 1004 -27.59 -101.08 7.54
CA ILE I 1004 -26.43 -100.24 7.25
C ILE I 1004 -25.31 -100.44 8.25
N ALA I 1005 -25.59 -100.19 9.52
CA ALA I 1005 -24.56 -100.36 10.54
C ALA I 1005 -24.39 -101.83 10.88
N PRO I 1006 -23.22 -102.18 11.45
CA PRO I 1006 -22.99 -103.56 11.90
C PRO I 1006 -24.00 -104.03 12.94
N ALA I 1007 -24.45 -105.28 12.86
CA ALA I 1007 -25.45 -105.76 13.81
C ALA I 1007 -24.96 -105.71 15.25
N GLU I 1008 -23.65 -105.83 15.47
CA GLU I 1008 -23.11 -105.81 16.82
C GLU I 1008 -23.25 -104.44 17.49
N LEU I 1009 -23.59 -103.40 16.74
CA LEU I 1009 -23.58 -102.06 17.30
C LEU I 1009 -24.71 -101.86 18.30
N GLU I 1010 -25.80 -102.60 18.17
CA GLU I 1010 -26.96 -102.39 19.04
C GLU I 1010 -26.59 -102.67 20.49
N GLY I 1011 -26.69 -101.65 21.34
CA GLY I 1011 -26.35 -101.80 22.72
C GLY I 1011 -24.88 -101.62 23.00
N LEU I 1012 -24.06 -101.53 21.97
CA LEU I 1012 -22.62 -101.46 22.18
C LEU I 1012 -22.19 -100.06 22.62
N LEU I 1013 -22.84 -99.02 22.12
CA LEU I 1013 -22.40 -97.66 22.41
C LEU I 1013 -23.08 -96.93 23.53
N ASP I 1014 -22.33 -96.17 24.29
CA ASP I 1014 -22.90 -95.33 25.32
C ASP I 1014 -23.37 -94.13 24.53
N LEU I 1015 -24.66 -93.96 24.41
CA LEU I 1015 -25.18 -92.87 23.57
C LEU I 1015 -25.03 -91.51 24.23
N GLU I 1016 -24.70 -91.47 25.50
CA GLU I 1016 -24.44 -90.19 26.13
C GLU I 1016 -23.03 -89.72 25.80
N ARG I 1017 -22.24 -90.50 25.08
CA ARG I 1017 -20.91 -90.08 24.65
C ARG I 1017 -20.83 -89.93 23.15
N VAL I 1018 -21.96 -90.01 22.47
CA VAL I 1018 -21.98 -89.76 21.04
C VAL I 1018 -22.53 -88.37 20.82
N ILE I 1019 -21.78 -87.53 20.15
CA ILE I 1019 -22.19 -86.17 19.86
C ILE I 1019 -22.80 -86.09 18.48
N VAL I 1020 -23.89 -85.35 18.37
CA VAL I 1020 -24.60 -85.24 17.10
C VAL I 1020 -24.94 -83.78 16.87
N VAL I 1021 -24.86 -83.36 15.60
CA VAL I 1021 -25.35 -82.05 15.20
C VAL I 1021 -26.84 -82.15 14.96
N THR I 1022 -27.62 -81.31 15.63
CA THR I 1022 -29.07 -81.31 15.50
C THR I 1022 -29.61 -80.10 14.75
N GLY I 1023 -28.79 -79.07 14.55
CA GLY I 1023 -29.22 -77.92 13.78
C GLY I 1023 -28.04 -77.05 13.41
N PHE I 1024 -28.15 -76.35 12.28
CA PHE I 1024 -27.07 -75.48 11.84
C PHE I 1024 -27.66 -74.34 11.02
N ALA I 1025 -26.89 -73.26 10.91
CA ALA I 1025 -27.30 -72.09 10.14
C ALA I 1025 -26.08 -71.24 9.88
N GLU I 1026 -26.27 -70.24 9.03
CA GLU I 1026 -25.22 -69.32 8.70
C GLU I 1026 -25.72 -68.03 8.10
N VAL I 1027 -24.88 -67.01 8.09
CA VAL I 1027 -25.19 -65.77 7.45
C VAL I 1027 -23.92 -65.52 6.68
N GLY I 1028 -23.98 -65.53 5.35
CA GLY I 1028 -22.81 -65.34 4.53
C GLY I 1028 -23.08 -64.62 3.25
N PRO I 1029 -22.07 -64.49 2.39
CA PRO I 1029 -22.22 -63.81 1.09
C PRO I 1029 -23.39 -64.32 0.20
N TRP I 1030 -23.94 -65.48 0.47
CA TRP I 1030 -25.06 -66.02 -0.31
C TRP I 1030 -26.29 -66.29 0.52
N GLY I 1031 -26.49 -65.55 1.60
CA GLY I 1031 -27.67 -65.67 2.44
C GLY I 1031 -27.57 -66.78 3.46
N SER I 1032 -28.65 -67.53 3.63
CA SER I 1032 -28.71 -68.58 4.63
C SER I 1032 -28.00 -69.84 4.15
N ALA I 1033 -28.12 -70.90 4.95
CA ALA I 1033 -27.54 -72.18 4.56
C ALA I 1033 -28.27 -72.77 3.35
N ARG I 1034 -29.57 -72.61 3.31
CA ARG I 1034 -30.37 -73.08 2.18
C ARG I 1034 -29.95 -72.46 0.84
N THR I 1035 -29.89 -71.15 0.76
CA THR I 1035 -29.55 -70.48 -0.49
C THR I 1035 -28.09 -70.71 -0.86
N ARG I 1036 -27.20 -70.77 0.10
CA ARG I 1036 -25.80 -71.02 -0.17
C ARG I 1036 -25.62 -72.43 -0.70
N TRP I 1037 -26.37 -73.38 -0.17
CA TRP I 1037 -26.30 -74.75 -0.67
C TRP I 1037 -26.81 -74.86 -2.08
N GLU I 1038 -27.90 -74.20 -2.37
CA GLU I 1038 -28.40 -74.19 -3.73
C GLU I 1038 -27.38 -73.60 -4.71
N MET I 1039 -26.77 -72.48 -4.36
CA MET I 1039 -25.75 -71.92 -5.25
C MET I 1039 -24.52 -72.81 -5.33
N GLU I 1040 -24.14 -73.45 -4.22
CA GLU I 1040 -22.95 -74.29 -4.22
C GLU I 1040 -23.14 -75.56 -5.04
N ALA I 1041 -24.29 -76.20 -4.90
CA ALA I 1041 -24.52 -77.49 -5.55
C ALA I 1041 -24.99 -77.32 -6.99
N PHE I 1042 -26.00 -76.52 -7.21
CA PHE I 1042 -26.61 -76.43 -8.54
C PHE I 1042 -26.29 -75.21 -9.34
N GLY I 1043 -25.65 -74.22 -8.75
CA GLY I 1043 -25.26 -73.03 -9.46
C GLY I 1043 -26.38 -72.08 -9.78
N GLU I 1044 -27.58 -72.37 -9.29
CA GLU I 1044 -28.76 -71.56 -9.59
C GLU I 1044 -29.79 -71.74 -8.49
N PHE I 1045 -30.66 -70.76 -8.34
CA PHE I 1045 -31.71 -70.84 -7.33
C PHE I 1045 -32.97 -71.46 -7.92
N SER I 1046 -33.65 -72.25 -7.10
CA SER I 1046 -34.99 -72.71 -7.41
C SER I 1046 -35.97 -71.56 -7.12
N LEU I 1047 -37.26 -71.84 -7.29
CA LEU I 1047 -38.26 -70.83 -6.95
C LEU I 1047 -38.20 -70.50 -5.46
N GLU I 1048 -38.04 -71.49 -4.61
CA GLU I 1048 -37.93 -71.26 -3.16
C GLU I 1048 -36.69 -70.50 -2.81
N GLY I 1049 -35.58 -70.82 -3.44
CA GLY I 1049 -34.37 -70.12 -3.21
C GLY I 1049 -34.40 -68.70 -3.69
N CYS I 1050 -34.99 -68.47 -4.85
CA CYS I 1050 -35.12 -67.10 -5.35
C CYS I 1050 -36.02 -66.27 -4.45
N VAL I 1051 -37.15 -66.84 -4.02
CA VAL I 1051 -38.05 -66.09 -3.15
C VAL I 1051 -37.38 -65.80 -1.81
N GLU I 1052 -36.68 -66.76 -1.23
CA GLU I 1052 -35.99 -66.50 0.00
C GLU I 1052 -34.90 -65.44 -0.14
N MET I 1053 -34.15 -65.47 -1.23
CA MET I 1053 -33.14 -64.43 -1.44
C MET I 1053 -33.80 -63.06 -1.60
N ALA I 1054 -34.92 -63.00 -2.31
CA ALA I 1054 -35.63 -61.73 -2.45
C ALA I 1054 -36.11 -61.22 -1.10
N TRP I 1055 -36.62 -62.07 -0.25
CA TRP I 1055 -37.04 -61.67 1.07
C TRP I 1055 -35.84 -61.22 1.93
N ILE I 1056 -34.74 -61.95 1.90
CA ILE I 1056 -33.56 -61.57 2.66
C ILE I 1056 -33.03 -60.23 2.23
N MET I 1057 -33.00 -59.97 0.94
CA MET I 1057 -32.42 -58.73 0.44
C MET I 1057 -33.40 -57.56 0.46
N GLY I 1058 -34.62 -57.79 0.92
CA GLY I 1058 -35.58 -56.72 1.02
C GLY I 1058 -36.23 -56.29 -0.27
N PHE I 1059 -36.11 -57.05 -1.35
CA PHE I 1059 -36.79 -56.74 -2.60
C PHE I 1059 -38.31 -56.88 -2.45
N ILE I 1060 -38.73 -57.91 -1.73
CA ILE I 1060 -40.14 -58.18 -1.57
C ILE I 1060 -40.53 -58.25 -0.14
N SER I 1061 -41.76 -57.91 0.15
CA SER I 1061 -42.26 -58.02 1.51
C SER I 1061 -43.64 -58.60 1.46
N TYR I 1062 -44.10 -59.09 2.58
CA TYR I 1062 -45.40 -59.73 2.66
C TYR I 1062 -46.46 -58.68 2.99
N HIS I 1063 -47.61 -58.80 2.33
CA HIS I 1063 -48.72 -57.93 2.59
C HIS I 1063 -49.98 -58.73 2.76
N ASN I 1064 -50.82 -58.35 3.72
CA ASN I 1064 -52.12 -58.99 3.92
C ASN I 1064 -53.12 -57.92 4.31
N GLY I 1065 -54.04 -57.58 3.42
CA GLY I 1065 -55.06 -56.60 3.70
C GLY I 1065 -55.50 -55.91 2.41
N ASN I 1066 -55.93 -54.67 2.55
CA ASN I 1066 -56.45 -53.90 1.44
C ASN I 1066 -55.30 -53.30 0.63
N LEU I 1067 -55.35 -53.48 -0.68
CA LEU I 1067 -54.32 -52.94 -1.56
C LEU I 1067 -54.95 -52.38 -2.84
N GLY I 1069 -57.63 -51.20 -3.72
CA GLY I 1069 -58.85 -51.34 -2.95
C GLY I 1069 -59.20 -52.79 -2.66
N ARG I 1070 -58.87 -53.69 -3.59
CA ARG I 1070 -59.20 -55.10 -3.42
C ARG I 1070 -58.37 -55.70 -2.29
N PRO I 1071 -58.84 -56.80 -1.70
CA PRO I 1071 -58.09 -57.46 -0.64
C PRO I 1071 -56.99 -58.34 -1.22
N TYR I 1072 -55.76 -58.13 -0.73
CA TYR I 1072 -54.62 -58.88 -1.22
C TYR I 1072 -53.80 -59.56 -0.13
N THR I 1073 -53.41 -60.79 -0.38
CA THR I 1073 -52.55 -61.55 0.52
C THR I 1073 -51.43 -62.15 -0.30
N GLY I 1074 -50.21 -61.68 -0.09
CA GLY I 1074 -49.08 -62.24 -0.78
C GLY I 1074 -47.91 -61.27 -0.80
N TRP I 1075 -46.97 -61.53 -1.66
CA TRP I 1075 -45.82 -60.69 -1.78
C TRP I 1075 -46.08 -59.43 -2.53
N VAL I 1076 -45.43 -58.38 -2.14
CA VAL I 1076 -45.49 -57.10 -2.85
C VAL I 1076 -44.07 -56.57 -2.96
N ASP I 1077 -43.88 -55.65 -3.90
CA ASP I 1077 -42.60 -54.98 -4.02
C ASP I 1077 -42.39 -54.04 -2.84
N SER I 1078 -41.23 -54.14 -2.20
CA SER I 1078 -40.97 -53.38 -0.98
C SER I 1078 -40.92 -51.89 -1.23
N LYS I 1079 -40.46 -51.46 -2.41
CA LYS I 1079 -40.36 -50.04 -2.72
C LYS I 1079 -41.63 -49.44 -3.29
N THR I 1080 -42.33 -50.18 -4.16
CA THR I 1080 -43.54 -49.67 -4.79
C THR I 1080 -44.82 -50.30 -4.25
N LYS I 1081 -44.72 -51.26 -3.36
CA LYS I 1081 -45.90 -51.95 -2.83
C LYS I 1081 -46.79 -52.55 -3.88
N GLU I 1082 -46.25 -52.85 -5.06
CA GLU I 1082 -47.05 -53.49 -6.09
C GLU I 1082 -47.06 -55.00 -5.87
N PRO I 1083 -48.16 -55.67 -6.19
CA PRO I 1083 -48.12 -57.11 -5.90
C PRO I 1083 -47.15 -57.88 -6.76
N VAL I 1084 -46.63 -58.97 -6.23
CA VAL I 1084 -45.69 -59.78 -6.95
C VAL I 1084 -46.03 -61.24 -6.78
N ASP I 1085 -46.15 -61.96 -7.88
CA ASP I 1085 -46.39 -63.40 -7.81
C ASP I 1085 -45.07 -64.14 -7.74
N ASP I 1086 -45.08 -65.31 -7.16
CA ASP I 1086 -43.87 -66.10 -7.03
C ASP I 1086 -43.28 -66.44 -8.38
N LYS I 1087 -44.13 -66.67 -9.38
CA LYS I 1087 -43.64 -66.98 -10.72
C LYS I 1087 -42.82 -65.83 -11.30
N ASP I 1088 -43.21 -64.60 -11.00
CA ASP I 1088 -42.55 -63.42 -11.56
C ASP I 1088 -41.36 -62.94 -10.73
N VAL I 1089 -41.14 -63.54 -9.55
CA VAL I 1089 -40.05 -63.09 -8.69
C VAL I 1089 -38.72 -63.25 -9.38
N LYS I 1090 -38.50 -64.39 -10.05
CA LYS I 1090 -37.24 -64.59 -10.75
C LYS I 1090 -37.03 -63.52 -11.82
N ALA I 1091 -38.01 -63.36 -12.72
CA ALA I 1091 -37.84 -62.39 -13.80
C ALA I 1091 -37.66 -60.98 -13.27
N LYS I 1092 -38.30 -60.64 -12.14
CA LYS I 1092 -38.15 -59.30 -11.60
C LYS I 1092 -36.82 -59.07 -10.91
N TYR I 1093 -36.31 -60.06 -10.17
CA TYR I 1093 -35.28 -59.79 -9.18
C TYR I 1093 -34.02 -60.65 -9.28
N GLU I 1094 -33.96 -61.68 -10.12
CA GLU I 1094 -32.83 -62.60 -10.05
C GLU I 1094 -31.54 -61.94 -10.50
N THR I 1095 -31.60 -61.08 -11.52
CA THR I 1095 -30.40 -60.39 -11.97
C THR I 1095 -29.84 -59.50 -10.86
N SER I 1096 -30.72 -58.75 -10.18
CA SER I 1096 -30.27 -57.93 -9.06
C SER I 1096 -29.76 -58.78 -7.91
N ILE I 1097 -30.40 -59.92 -7.65
CA ILE I 1097 -29.98 -60.79 -6.57
C ILE I 1097 -28.58 -61.32 -6.83
N LEU I 1098 -28.30 -61.72 -8.04
CA LEU I 1098 -27.00 -62.28 -8.36
C LEU I 1098 -25.95 -61.21 -8.44
N GLU I 1099 -26.34 -60.03 -8.89
CA GLU I 1099 -25.40 -58.93 -8.99
C GLU I 1099 -24.96 -58.39 -7.63
N HIS I 1100 -25.74 -58.63 -6.58
CA HIS I 1100 -25.47 -58.10 -5.24
C HIS I 1100 -25.36 -59.23 -4.22
N SER I 1101 -24.75 -60.33 -4.61
CA SER I 1101 -24.52 -61.45 -3.70
C SER I 1101 -23.15 -62.05 -4.01
N GLY I 1102 -22.62 -62.82 -3.07
CA GLY I 1102 -21.33 -63.42 -3.25
C GLY I 1102 -20.16 -62.51 -3.31
N ILE I 1103 -19.07 -62.97 -3.87
CA ILE I 1103 -17.88 -62.17 -4.03
C ILE I 1103 -18.11 -61.11 -5.08
N ARG I 1104 -17.98 -59.86 -4.68
CA ARG I 1104 -18.25 -58.78 -5.57
C ARG I 1104 -17.44 -57.57 -5.25
N LEU I 1105 -17.52 -56.54 -6.08
CA LEU I 1105 -16.86 -55.28 -5.77
C LEU I 1105 -17.37 -54.76 -4.46
N ILE I 1106 -16.49 -54.23 -3.64
CA ILE I 1106 -16.87 -53.75 -2.32
C ILE I 1106 -17.79 -52.56 -2.41
N GLU I 1107 -18.84 -52.57 -1.63
CA GLU I 1107 -19.83 -51.51 -1.66
C GLU I 1107 -19.70 -50.62 -0.44
N PRO I 1108 -19.32 -49.35 -0.64
CA PRO I 1108 -19.10 -48.48 0.53
C PRO I 1108 -20.31 -48.35 1.43
N GLU I 1109 -21.51 -48.49 0.93
CA GLU I 1109 -22.71 -48.35 1.75
C GLU I 1109 -22.86 -49.43 2.80
N LEU I 1110 -22.14 -50.52 2.67
CA LEU I 1110 -22.25 -51.63 3.59
C LEU I 1110 -21.17 -51.59 4.64
N PHE I 1111 -20.18 -50.74 4.45
CA PHE I 1111 -19.06 -50.64 5.38
C PHE I 1111 -18.76 -49.20 5.77
N ASN I 1112 -19.77 -48.45 6.19
CA ASN I 1112 -19.62 -47.06 6.64
C ASN I 1112 -18.86 -46.16 5.67
N GLY I 1113 -19.18 -46.23 4.41
CA GLY I 1113 -18.52 -45.41 3.43
C GLY I 1113 -17.09 -45.76 3.07
N TYR I 1114 -16.57 -46.89 3.51
CA TYR I 1114 -15.25 -47.29 3.09
C TYR I 1114 -15.17 -47.50 1.60
N ASN I 1115 -14.25 -46.81 0.97
CA ASN I 1115 -14.04 -46.95 -0.44
C ASN I 1115 -12.59 -47.27 -0.58
N PRO I 1116 -12.29 -48.51 -0.93
CA PRO I 1116 -10.90 -48.94 -1.09
C PRO I 1116 -10.14 -48.12 -2.15
N GLU I 1117 -10.81 -47.50 -3.09
CA GLU I 1117 -10.15 -46.67 -4.08
C GLU I 1117 -9.79 -45.27 -3.56
N LYS I 1118 -10.34 -44.87 -2.43
CA LYS I 1118 -9.96 -43.59 -1.82
C LYS I 1118 -9.84 -43.73 -0.33
N LYS I 1119 -8.75 -44.31 0.15
CA LYS I 1119 -8.53 -44.53 1.58
C LYS I 1119 -8.01 -43.26 2.24
N GLU I 1120 -8.68 -42.84 3.30
CA GLU I 1120 -8.29 -41.62 4.00
C GLU I 1120 -7.22 -41.75 5.06
N MET I 1121 -6.20 -40.95 4.92
CA MET I 1121 -5.13 -40.87 5.91
C MET I 1121 -4.88 -39.39 6.22
N ILE I 1122 -4.01 -39.13 7.19
CA ILE I 1122 -3.64 -37.77 7.55
C ILE I 1122 -2.13 -37.68 7.64
N GLN I 1123 -1.59 -36.51 7.29
CA GLN I 1123 -0.16 -36.25 7.35
C GLN I 1123 0.11 -35.05 8.24
N GLU I 1124 1.18 -35.15 9.01
CA GLU I 1124 1.60 -34.08 9.91
C GLU I 1124 2.45 -33.07 9.14
N VAL I 1125 2.07 -31.80 9.21
CA VAL I 1125 2.83 -30.71 8.59
C VAL I 1125 3.04 -29.64 9.64
N ILE I 1126 4.24 -29.06 9.65
CA ILE I 1126 4.54 -27.93 10.52
C ILE I 1126 4.09 -26.65 9.82
N VAL I 1127 3.34 -25.83 10.54
CA VAL I 1127 2.84 -24.59 9.99
C VAL I 1127 4.01 -23.66 9.69
N GLU I 1128 4.01 -23.11 8.46
CA GLU I 1128 5.05 -22.18 8.05
C GLU I 1128 4.70 -20.72 8.34
N GLU I 1129 3.43 -20.41 8.56
CA GLU I 1129 3.01 -19.04 8.86
C GLU I 1129 1.72 -19.09 9.65
N ASP I 1130 1.51 -18.06 10.47
CA ASP I 1130 0.32 -18.01 11.32
C ASP I 1130 -0.94 -18.29 10.50
N LEU I 1131 -1.93 -18.88 11.13
CA LEU I 1131 -3.18 -19.16 10.46
C LEU I 1131 -4.17 -18.08 10.81
N GLU I 1132 -5.31 -18.10 10.15
CA GLU I 1132 -6.36 -17.14 10.44
C GLU I 1132 -7.12 -17.59 11.66
N PRO I 1133 -7.37 -16.67 12.58
CA PRO I 1133 -8.10 -17.01 13.79
C PRO I 1133 -9.43 -17.67 13.49
N PHE I 1134 -9.87 -18.56 14.36
CA PHE I 1134 -11.15 -19.18 14.20
C PHE I 1134 -11.81 -19.21 15.55
N GLU I 1135 -13.10 -19.00 15.58
CA GLU I 1135 -13.78 -18.94 16.86
C GLU I 1135 -14.06 -20.35 17.38
N ALA I 1136 -13.91 -20.52 18.70
CA ALA I 1136 -14.19 -21.77 19.36
C ALA I 1136 -14.68 -21.48 20.78
N SER I 1137 -15.31 -22.48 21.38
CA SER I 1137 -15.77 -22.35 22.76
C SER I 1137 -14.58 -22.30 23.72
N LYS I 1138 -14.83 -21.82 24.93
CA LYS I 1138 -13.74 -21.64 25.88
C LYS I 1138 -13.06 -22.97 26.20
N GLU I 1139 -13.84 -24.03 26.41
CA GLU I 1139 -13.26 -25.33 26.71
C GLU I 1139 -12.39 -25.82 25.56
N THR I 1140 -12.89 -25.69 24.34
CA THR I 1140 -12.12 -26.13 23.17
C THR I 1140 -10.87 -25.28 22.99
N ALA I 1141 -10.97 -23.97 23.22
CA ALA I 1141 -9.80 -23.11 23.11
C ALA I 1141 -8.75 -23.49 24.15
N GLU I 1142 -9.17 -23.85 25.35
CA GLU I 1142 -8.23 -24.23 26.39
C GLU I 1142 -7.60 -25.56 26.07
N GLN I 1143 -8.34 -26.47 25.43
CA GLN I 1143 -7.73 -27.71 24.99
C GLN I 1143 -6.69 -27.47 23.92
N PHE I 1144 -6.97 -26.57 22.97
CA PHE I 1144 -5.97 -26.21 21.96
C PHE I 1144 -4.75 -25.59 22.62
N LYS I 1145 -4.92 -24.79 23.66
CA LYS I 1145 -3.81 -24.10 24.30
C LYS I 1145 -2.99 -25.08 25.07
N HIS I 1146 -3.64 -26.08 25.64
CA HIS I 1146 -2.95 -27.11 26.38
C HIS I 1146 -2.12 -27.92 25.43
N GLN I 1147 -2.66 -28.21 24.25
CA GLN I 1147 -1.91 -29.01 23.27
C GLN I 1147 -0.72 -28.25 22.71
N HIS I 1148 -0.92 -27.00 22.29
CA HIS I 1148 0.09 -26.29 21.52
C HIS I 1148 0.97 -25.36 22.35
N GLY I 1149 0.51 -24.91 23.52
CA GLY I 1149 1.29 -24.00 24.32
C GLY I 1149 1.60 -22.71 23.60
N ASP I 1150 2.86 -22.33 23.57
CA ASP I 1150 3.28 -21.08 22.91
C ASP I 1150 2.97 -20.96 21.44
N LYS I 1151 2.61 -22.05 20.78
CA LYS I 1151 2.38 -22.02 19.33
C LYS I 1151 0.94 -21.69 18.99
N VAL I 1152 0.14 -21.25 19.96
CA VAL I 1152 -1.24 -20.84 19.71
C VAL I 1152 -1.57 -19.70 20.65
N ASP I 1153 -2.47 -18.83 20.20
CA ASP I 1153 -2.95 -17.70 20.99
C ASP I 1153 -4.46 -17.78 21.08
N ILE I 1154 -4.99 -17.71 22.31
CA ILE I 1154 -6.42 -17.73 22.55
C ILE I 1154 -6.78 -16.46 23.32
N PHE I 1155 -7.81 -15.76 22.85
CA PHE I 1155 -8.25 -14.51 23.44
C PHE I 1155 -9.76 -14.48 23.46
N GLU I 1156 -10.36 -14.21 24.59
CA GLU I 1156 -11.80 -14.14 24.67
C GLU I 1156 -12.37 -12.98 23.91
N ILE I 1157 -13.42 -13.20 23.15
CA ILE I 1157 -14.09 -12.14 22.46
C ILE I 1157 -14.99 -11.61 23.55
N PRO I 1158 -14.77 -10.37 23.99
CA PRO I 1158 -15.52 -9.84 25.13
C PRO I 1158 -17.03 -9.77 24.96
N GLU I 1159 -17.53 -9.67 23.75
CA GLU I 1159 -18.96 -9.48 23.55
C GLU I 1159 -19.73 -10.75 23.31
N THR I 1160 -19.04 -11.88 23.17
CA THR I 1160 -19.70 -13.14 22.89
C THR I 1160 -19.40 -14.16 23.96
N GLY I 1161 -18.25 -14.05 24.60
CA GLY I 1161 -17.84 -15.03 25.60
C GLY I 1161 -17.10 -16.14 24.92
N GLU I 1162 -16.98 -16.04 23.60
CA GLU I 1162 -16.30 -17.06 22.84
C GLU I 1162 -14.84 -16.74 22.82
N TYR I 1163 -14.08 -17.58 22.17
CA TYR I 1163 -12.64 -17.40 22.10
C TYR I 1163 -12.19 -17.52 20.66
N SER I 1164 -11.17 -16.75 20.31
CA SER I 1164 -10.50 -16.86 19.03
C SER I 1164 -9.26 -17.72 19.20
N VAL I 1165 -9.06 -18.64 18.27
CA VAL I 1165 -7.91 -19.53 18.33
C VAL I 1165 -7.05 -19.16 17.18
N LYS I 1166 -5.79 -18.89 17.44
CA LYS I 1166 -4.87 -18.49 16.42
C LYS I 1166 -3.65 -19.39 16.44
N LEU I 1167 -3.58 -20.32 15.49
CA LEU I 1167 -2.44 -21.22 15.41
C LEU I 1167 -1.29 -20.48 14.78
N LEU I 1168 -0.15 -20.50 15.41
CA LEU I 1168 1.01 -19.73 14.98
C LEU I 1168 2.01 -20.60 14.23
N LYS I 1169 3.01 -19.93 13.66
CA LYS I 1169 4.07 -20.61 12.92
C LYS I 1169 4.79 -21.63 13.82
N GLY I 1170 5.13 -22.77 13.23
CA GLY I 1170 5.82 -23.83 13.94
C GLY I 1170 4.91 -24.83 14.60
N ALA I 1171 3.60 -24.60 14.60
CA ALA I 1171 2.67 -25.55 15.18
C ALA I 1171 2.44 -26.72 14.23
N THR I 1172 1.80 -27.76 14.76
CA THR I 1172 1.55 -29.00 14.02
C THR I 1172 0.08 -29.09 13.64
N LEU I 1173 -0.17 -29.52 12.40
CA LEU I 1173 -1.52 -29.78 11.91
C LEU I 1173 -1.53 -31.15 11.25
N TYR I 1174 -2.72 -31.55 10.79
CA TYR I 1174 -2.90 -32.74 10.00
C TYR I 1174 -3.80 -32.43 8.81
N ILE I 1175 -3.31 -32.68 7.61
CA ILE I 1175 -4.07 -32.51 6.38
C ILE I 1175 -4.48 -33.89 5.88
N PRO I 1176 -5.77 -34.16 5.68
CA PRO I 1176 -6.17 -35.44 5.10
C PRO I 1176 -5.56 -35.63 3.71
N LYS I 1177 -5.13 -36.86 3.43
CA LYS I 1177 -4.71 -37.26 2.10
C LYS I 1177 -5.29 -38.62 1.77
N ALA I 1178 -5.65 -38.81 0.51
CA ALA I 1178 -6.31 -40.03 0.06
C ALA I 1178 -5.31 -40.97 -0.58
N LEU I 1179 -5.53 -42.27 -0.38
CA LEU I 1179 -4.68 -43.32 -0.91
C LEU I 1179 -5.53 -44.32 -1.67
N ARG I 1180 -4.98 -44.87 -2.75
CA ARG I 1180 -5.67 -45.91 -3.52
C ARG I 1180 -5.19 -47.29 -3.09
N PHE I 1181 -6.06 -48.12 -2.56
CA PHE I 1181 -5.74 -49.49 -2.16
C PHE I 1181 -6.12 -50.43 -3.30
N ASP I 1182 -5.35 -51.48 -3.46
CA ASP I 1182 -5.54 -52.44 -4.56
C ASP I 1182 -6.38 -53.69 -4.25
N ARG I 1183 -7.04 -53.75 -3.11
CA ARG I 1183 -7.98 -54.85 -2.84
C ARG I 1183 -9.36 -54.25 -2.92
N LEU I 1184 -10.13 -54.60 -3.93
CA LEU I 1184 -11.42 -53.99 -4.15
C LEU I 1184 -12.59 -54.92 -4.13
N VAL I 1185 -12.37 -56.20 -3.90
CA VAL I 1185 -13.43 -57.20 -3.97
C VAL I 1185 -13.53 -57.91 -2.65
N ALA I 1186 -14.72 -58.29 -2.26
CA ALA I 1186 -14.90 -59.05 -1.04
C ALA I 1186 -16.14 -59.87 -1.07
N GLY I 1187 -16.16 -60.96 -0.32
CA GLY I 1187 -17.37 -61.74 -0.18
C GLY I 1187 -18.28 -61.12 0.85
N GLN I 1188 -19.30 -60.40 0.40
CA GLN I 1188 -20.13 -59.59 1.27
C GLN I 1188 -21.53 -60.19 1.38
N ILE I 1189 -22.10 -60.07 2.58
CA ILE I 1189 -23.48 -60.50 2.81
C ILE I 1189 -24.40 -59.75 1.85
N PRO I 1190 -25.41 -60.43 1.30
CA PRO I 1190 -26.21 -59.78 0.25
C PRO I 1190 -26.69 -58.37 0.60
N THR I 1191 -26.61 -57.45 -0.34
CA THR I 1191 -27.07 -56.08 -0.13
C THR I 1191 -28.57 -56.02 0.10
N GLY I 1192 -28.97 -55.41 1.21
CA GLY I 1192 -30.37 -55.36 1.57
C GLY I 1192 -30.62 -56.12 2.83
N TRP I 1193 -29.68 -56.97 3.22
CA TRP I 1193 -29.78 -57.73 4.46
C TRP I 1193 -29.94 -56.81 5.65
N ASN I 1194 -30.87 -57.13 6.53
CA ASN I 1194 -31.18 -56.28 7.65
C ASN I 1194 -31.69 -57.13 8.78
N ALA I 1195 -31.08 -57.01 9.95
CA ALA I 1195 -31.54 -57.75 11.12
C ALA I 1195 -32.98 -57.42 11.51
N LYS I 1196 -33.53 -56.30 11.03
CA LYS I 1196 -34.94 -56.03 11.28
C LYS I 1196 -35.83 -57.02 10.52
N THR I 1197 -35.39 -57.55 9.39
CA THR I 1197 -36.18 -58.53 8.61
C THR I 1197 -36.34 -59.81 9.40
N TYR I 1198 -35.39 -60.10 10.27
CA TYR I 1198 -35.48 -61.27 11.11
C TYR I 1198 -36.21 -60.98 12.42
N GLY I 1199 -36.34 -59.72 12.81
CA GLY I 1199 -37.07 -59.36 14.03
C GLY I 1199 -36.24 -58.69 15.09
N ILE I 1200 -34.93 -58.54 14.91
CA ILE I 1200 -34.11 -57.87 15.91
C ILE I 1200 -34.48 -56.39 15.95
N SER I 1201 -34.66 -55.86 17.16
CA SER I 1201 -35.21 -54.52 17.33
C SER I 1201 -34.15 -53.45 17.10
N ASP I 1202 -34.61 -52.21 16.95
CA ASP I 1202 -33.71 -51.11 16.65
C ASP I 1202 -32.73 -50.86 17.80
N ASP I 1203 -33.19 -50.98 19.04
CA ASP I 1203 -32.31 -50.70 20.17
C ASP I 1203 -31.12 -51.65 20.20
N ILE I 1204 -31.37 -52.94 19.96
CA ILE I 1204 -30.27 -53.90 19.90
C ILE I 1204 -29.35 -53.58 18.73
N ILE I 1205 -29.92 -53.24 17.58
CA ILE I 1205 -29.09 -52.94 16.41
C ILE I 1205 -28.19 -51.75 16.68
N SER I 1206 -28.70 -50.73 17.38
CA SER I 1206 -27.89 -49.57 17.69
C SER I 1206 -26.92 -49.80 18.85
N GLN I 1207 -27.16 -50.83 19.67
CA GLN I 1207 -26.28 -51.12 20.79
C GLN I 1207 -25.04 -51.91 20.37
N VAL I 1208 -25.22 -52.95 19.57
CA VAL I 1208 -24.20 -53.97 19.42
C VAL I 1208 -23.40 -53.77 18.15
N ASP I 1209 -22.28 -54.49 18.06
CA ASP I 1209 -21.46 -54.52 16.85
C ASP I 1209 -22.18 -55.28 15.73
N PRO I 1210 -21.91 -54.90 14.48
CA PRO I 1210 -22.55 -55.60 13.36
C PRO I 1210 -22.35 -57.13 13.33
N ILE I 1211 -21.25 -57.62 13.88
CA ILE I 1211 -21.00 -59.06 13.94
C ILE I 1211 -22.00 -59.75 14.86
N THR I 1212 -22.42 -59.07 15.92
CA THR I 1212 -23.37 -59.65 16.87
C THR I 1212 -24.69 -59.96 16.19
N LEU I 1213 -25.10 -59.19 15.19
CA LEU I 1213 -26.34 -59.42 14.46
C LEU I 1213 -26.24 -60.68 13.62
N PHE I 1214 -25.13 -60.88 12.94
CA PHE I 1214 -24.92 -62.11 12.21
C PHE I 1214 -25.00 -63.27 13.21
N VAL I 1215 -24.37 -63.18 14.38
CA VAL I 1215 -24.37 -64.28 15.35
C VAL I 1215 -25.79 -64.56 15.85
N LEU I 1216 -26.54 -63.51 16.17
CA LEU I 1216 -27.89 -63.70 16.69
C LEU I 1216 -28.79 -64.38 15.66
N VAL I 1217 -28.73 -63.91 14.41
CA VAL I 1217 -29.56 -64.51 13.36
C VAL I 1217 -29.16 -65.96 13.14
N SER I 1218 -27.85 -66.24 13.10
CA SER I 1218 -27.40 -67.61 12.89
C SER I 1218 -27.83 -68.52 14.03
N VAL I 1219 -27.77 -68.03 15.27
CA VAL I 1219 -28.18 -68.86 16.40
C VAL I 1219 -29.68 -69.16 16.31
N VAL I 1220 -30.49 -68.15 16.00
CA VAL I 1220 -31.93 -68.38 15.92
C VAL I 1220 -32.23 -69.37 14.80
N GLU I 1221 -31.59 -69.19 13.64
CA GLU I 1221 -31.86 -70.08 12.51
C GLU I 1221 -31.34 -71.49 12.76
N ALA I 1222 -30.26 -71.63 13.54
CA ALA I 1222 -29.75 -72.96 13.86
C ALA I 1222 -30.66 -73.67 14.85
N PHE I 1223 -31.28 -72.93 15.77
CA PHE I 1223 -32.25 -73.57 16.64
C PHE I 1223 -33.52 -73.94 15.87
N ILE I 1224 -33.94 -73.09 14.92
CA ILE I 1224 -35.07 -73.45 14.08
C ILE I 1224 -34.76 -74.72 13.28
N ALA I 1225 -33.56 -74.78 12.69
CA ALA I 1225 -33.16 -75.97 11.94
C ALA I 1225 -33.11 -77.21 12.80
N SER I 1226 -33.04 -77.05 14.13
CA SER I 1226 -33.12 -78.16 15.06
C SER I 1226 -34.54 -78.39 15.56
N GLY I 1227 -35.53 -77.66 15.02
CA GLY I 1227 -36.90 -77.82 15.44
C GLY I 1227 -37.21 -77.23 16.81
N ILE I 1228 -36.29 -76.47 17.39
CA ILE I 1228 -36.48 -75.86 18.70
C ILE I 1228 -36.87 -74.41 18.46
N THR I 1229 -38.14 -74.09 18.62
CA THR I 1229 -38.63 -72.76 18.33
C THR I 1229 -38.60 -71.88 19.56
N ASP I 1230 -38.58 -72.48 20.75
CA ASP I 1230 -38.43 -71.74 21.98
C ASP I 1230 -37.26 -72.35 22.76
N PRO I 1231 -36.16 -71.63 22.86
CA PRO I 1231 -34.99 -72.19 23.54
C PRO I 1231 -35.28 -72.66 24.96
N TYR I 1232 -36.28 -72.08 25.63
CA TYR I 1232 -36.62 -72.52 26.97
C TYR I 1232 -37.14 -73.96 27.00
N GLU I 1233 -37.51 -74.53 25.87
CA GLU I 1233 -37.93 -75.92 25.84
C GLU I 1233 -36.79 -76.84 26.19
N MET I 1234 -35.55 -76.42 25.99
CA MET I 1234 -34.42 -77.22 26.42
C MET I 1234 -34.45 -77.47 27.92
N TYR I 1235 -34.98 -76.52 28.69
CA TYR I 1235 -35.00 -76.63 30.14
C TYR I 1235 -36.11 -77.55 30.64
N LYS I 1236 -36.89 -78.15 29.73
CA LYS I 1236 -37.77 -79.24 30.12
C LYS I 1236 -37.04 -80.57 30.17
N TYR I 1237 -35.80 -80.61 29.71
CA TYR I 1237 -35.00 -81.82 29.73
C TYR I 1237 -33.70 -81.70 30.50
N VAL I 1238 -33.12 -80.53 30.54
CA VAL I 1238 -31.82 -80.34 31.16
C VAL I 1238 -31.91 -79.19 32.14
N HIS I 1239 -30.96 -79.14 33.07
CA HIS I 1239 -30.83 -78.02 33.98
C HIS I 1239 -30.25 -76.81 33.25
N VAL I 1240 -30.53 -75.63 33.79
CA VAL I 1240 -30.04 -74.40 33.16
C VAL I 1240 -28.52 -74.39 33.08
N SER I 1241 -27.86 -75.11 33.99
CA SER I 1241 -26.40 -75.17 33.99
C SER I 1241 -25.84 -76.11 32.95
N GLU I 1242 -26.67 -76.69 32.09
CA GLU I 1242 -26.26 -77.75 31.17
C GLU I 1242 -26.37 -77.34 29.71
N VAL I 1243 -26.53 -76.05 29.42
CA VAL I 1243 -26.51 -75.55 28.05
C VAL I 1243 -25.30 -74.65 27.92
N GLY I 1244 -24.33 -75.09 27.13
CA GLY I 1244 -23.09 -74.36 26.95
C GLY I 1244 -23.07 -73.54 25.67
N ASN I 1245 -22.11 -72.63 25.60
CA ASN I 1245 -21.85 -71.84 24.40
C ASN I 1245 -20.33 -71.80 24.23
N CYS I 1246 -19.83 -72.44 23.17
CA CYS I 1246 -18.40 -72.60 22.97
C CYS I 1246 -17.95 -72.05 21.62
N SER I 1247 -18.68 -71.09 21.06
CA SER I 1247 -18.33 -70.49 19.80
C SER I 1247 -17.47 -69.24 20.01
N GLY I 1248 -16.72 -68.87 18.98
CA GLY I 1248 -15.84 -67.71 19.07
C GLY I 1248 -15.56 -67.05 17.73
N SER I 1249 -14.62 -66.11 17.72
CA SER I 1249 -14.21 -65.44 16.50
C SER I 1249 -12.71 -65.26 16.51
N GLY I 1250 -12.15 -64.91 15.37
CA GLY I 1250 -10.74 -64.62 15.31
C GLY I 1250 -10.39 -63.21 15.76
N MET I 1251 -11.26 -62.24 15.55
CA MET I 1251 -10.96 -60.83 15.89
C MET I 1251 -12.09 -60.06 16.56
N GLY I 1252 -13.28 -60.64 16.65
CA GLY I 1252 -14.39 -59.99 17.30
C GLY I 1252 -14.96 -58.74 16.70
N GLY I 1253 -15.46 -57.86 17.53
CA GLY I 1253 -16.08 -56.63 17.08
C GLY I 1253 -15.12 -55.57 16.60
N VAL I 1254 -14.54 -55.77 15.42
CA VAL I 1254 -13.54 -54.84 14.90
C VAL I 1254 -14.10 -53.45 14.67
N SER I 1255 -15.41 -53.33 14.46
CA SER I 1255 -16.01 -52.01 14.31
C SER I 1255 -15.94 -51.21 15.61
N ALA I 1256 -16.17 -51.86 16.76
CA ALA I 1256 -15.98 -51.19 18.03
C ALA I 1256 -14.51 -50.87 18.28
N LEU I 1257 -13.60 -51.65 17.74
CA LEU I 1257 -12.19 -51.36 17.84
C LEU I 1257 -11.91 -50.09 17.07
N ARG I 1258 -12.46 -49.97 15.88
CA ARG I 1258 -12.35 -48.72 15.15
C ARG I 1258 -12.91 -47.57 15.95
N GLY I 1259 -14.09 -47.76 16.56
CA GLY I 1259 -14.71 -46.70 17.33
C GLY I 1259 -13.82 -46.19 18.43
N MET I 1260 -13.16 -47.10 19.17
CA MET I 1260 -12.36 -46.65 20.30
C MET I 1260 -10.96 -46.21 19.92
N PHE I 1261 -10.41 -46.70 18.81
CA PHE I 1261 -9.04 -46.37 18.44
C PHE I 1261 -8.91 -45.21 17.46
N LYS I 1262 -9.91 -44.95 16.62
CA LYS I 1262 -9.84 -43.88 15.65
C LYS I 1262 -10.94 -42.85 15.86
N ASP I 1263 -12.19 -43.28 15.98
CA ASP I 1263 -13.27 -42.31 16.12
C ASP I 1263 -13.13 -41.49 17.40
N ARG I 1264 -12.72 -42.08 18.50
CA ARG I 1264 -12.49 -41.35 19.75
C ARG I 1264 -11.30 -40.42 19.60
N PHE I 1265 -10.30 -40.82 18.85
CA PHE I 1265 -9.16 -39.94 18.60
C PHE I 1265 -9.59 -38.67 17.86
N LYS I 1266 -10.51 -38.81 16.90
CA LYS I 1266 -11.05 -37.65 16.18
C LYS I 1266 -12.21 -37.00 16.91
N ASP I 1267 -12.48 -37.40 18.14
CA ASP I 1267 -13.52 -36.78 18.95
C ASP I 1267 -14.89 -36.84 18.31
N GLU I 1268 -15.21 -37.97 17.68
CA GLU I 1268 -16.52 -38.15 17.09
C GLU I 1268 -17.36 -38.89 18.09
N PRO I 1269 -18.68 -38.74 18.02
CA PRO I 1269 -19.55 -39.36 19.03
C PRO I 1269 -19.44 -40.88 18.99
N VAL I 1270 -18.97 -41.46 20.09
CA VAL I 1270 -18.90 -42.90 20.27
C VAL I 1270 -19.58 -43.25 21.59
N GLN I 1271 -20.38 -44.31 21.58
CA GLN I 1271 -21.08 -44.72 22.78
C GLN I 1271 -20.08 -45.02 23.89
N ASN I 1272 -20.49 -44.73 25.13
CA ASN I 1272 -19.55 -44.78 26.24
C ASN I 1272 -19.16 -46.20 26.62
N ASP I 1273 -19.91 -47.20 26.18
CA ASP I 1273 -19.60 -48.60 26.45
C ASP I 1273 -19.16 -49.33 25.19
N ILE I 1274 -18.51 -48.62 24.26
CA ILE I 1274 -18.04 -49.25 23.03
C ILE I 1274 -17.02 -50.33 23.32
N LEU I 1275 -16.30 -50.22 24.44
CA LEU I 1275 -15.25 -51.18 24.74
C LEU I 1275 -15.81 -52.59 24.90
N GLN I 1276 -16.95 -52.73 25.58
CA GLN I 1276 -17.51 -54.05 25.80
C GLN I 1276 -17.98 -54.69 24.50
N GLU I 1277 -18.46 -53.88 23.55
CA GLU I 1277 -18.94 -54.44 22.30
C GLU I 1277 -17.83 -55.02 21.44
N SER I 1278 -16.59 -54.73 21.75
CA SER I 1278 -15.48 -55.24 20.99
C SER I 1278 -15.02 -56.62 21.43
N PHE I 1279 -15.29 -57.03 22.67
CA PHE I 1279 -14.77 -58.28 23.19
C PHE I 1279 -15.29 -59.46 22.37
N ILE I 1280 -14.42 -60.46 22.19
CA ILE I 1280 -14.77 -61.62 21.38
C ILE I 1280 -15.84 -62.48 22.07
N ASN I 1281 -15.95 -62.41 23.40
CA ASN I 1281 -16.99 -63.14 24.12
C ASN I 1281 -18.29 -62.35 24.26
N THR I 1282 -18.33 -61.12 23.76
CA THR I 1282 -19.55 -60.32 23.88
C THR I 1282 -20.66 -60.84 22.99
N MET I 1283 -20.33 -61.46 21.85
CA MET I 1283 -21.37 -62.06 21.02
C MET I 1283 -22.07 -63.19 21.76
N SER I 1284 -21.30 -64.05 22.43
CA SER I 1284 -21.91 -65.11 23.23
C SER I 1284 -22.70 -64.53 24.40
N ALA I 1285 -22.17 -63.47 25.03
CA ALA I 1285 -22.92 -62.81 26.09
C ALA I 1285 -24.28 -62.33 25.59
N TRP I 1286 -24.31 -61.68 24.42
CA TRP I 1286 -25.58 -61.19 23.88
C TRP I 1286 -26.51 -62.34 23.50
N VAL I 1287 -25.97 -63.41 22.93
CA VAL I 1287 -26.80 -64.58 22.64
C VAL I 1287 -27.48 -65.06 23.91
N ASN I 1288 -26.71 -65.21 24.99
CA ASN I 1288 -27.29 -65.70 26.24
C ASN I 1288 -28.26 -64.69 26.83
N MET I 1289 -27.99 -63.40 26.69
CA MET I 1289 -28.81 -62.37 27.31
C MET I 1289 -30.10 -62.12 26.54
N LEU I 1290 -30.18 -62.51 25.27
CA LEU I 1290 -31.39 -62.29 24.49
C LEU I 1290 -32.18 -63.56 24.19
N LEU I 1291 -31.55 -64.72 24.09
CA LEU I 1291 -32.27 -65.93 23.70
C LEU I 1291 -32.19 -67.05 24.73
N ILE I 1292 -30.99 -67.38 25.19
CA ILE I 1292 -30.76 -68.66 25.84
C ILE I 1292 -31.05 -68.58 27.34
N SER I 1293 -30.44 -67.62 28.03
CA SER I 1293 -30.65 -67.43 29.46
C SER I 1293 -30.16 -68.63 30.28
N SER I 1294 -29.14 -69.32 29.80
CA SER I 1294 -28.58 -70.45 30.54
C SER I 1294 -27.46 -69.97 31.45
N SER I 1295 -27.16 -70.80 32.46
CA SER I 1295 -26.01 -70.60 33.32
C SER I 1295 -25.01 -71.73 33.15
N GLY I 1296 -24.88 -72.23 31.92
CA GLY I 1296 -23.98 -73.31 31.61
C GLY I 1296 -22.60 -72.80 31.23
N PRO I 1297 -21.73 -73.72 30.84
CA PRO I 1297 -20.35 -73.31 30.50
C PRO I 1297 -20.31 -72.35 29.33
N ILE I 1298 -19.39 -71.39 29.41
CA ILE I 1298 -19.11 -70.47 28.31
C ILE I 1298 -17.60 -70.42 28.12
N LYS I 1299 -17.12 -70.92 26.98
CA LYS I 1299 -15.70 -70.95 26.66
C LYS I 1299 -15.55 -70.42 25.24
N THR I 1300 -14.98 -69.24 25.11
CA THR I 1300 -14.93 -68.57 23.82
C THR I 1300 -13.56 -68.80 23.19
N PRO I 1301 -13.45 -69.61 22.14
CA PRO I 1301 -12.13 -69.82 21.52
C PRO I 1301 -11.74 -68.67 20.62
N VAL I 1302 -10.43 -68.52 20.45
CA VAL I 1302 -9.84 -67.59 19.49
C VAL I 1302 -8.79 -68.38 18.72
N GLY I 1303 -9.06 -68.67 17.46
CA GLY I 1303 -8.18 -69.51 16.68
C GLY I 1303 -7.95 -69.05 15.27
N ALA I 1304 -7.99 -67.75 15.06
CA ALA I 1304 -7.83 -67.18 13.73
C ALA I 1304 -8.77 -67.83 12.71
N CYS I 1305 -8.24 -68.51 11.72
CA CYS I 1305 -9.08 -69.15 10.71
C CYS I 1305 -9.54 -70.55 11.09
N ALA I 1306 -8.99 -71.14 12.16
CA ALA I 1306 -9.42 -72.44 12.65
C ALA I 1306 -10.36 -72.31 13.84
N THR I 1307 -10.96 -71.13 14.02
CA THR I 1307 -11.77 -70.87 15.19
C THR I 1307 -12.96 -71.81 15.29
N SER I 1308 -13.61 -72.10 14.16
CA SER I 1308 -14.82 -72.91 14.20
C SER I 1308 -14.52 -74.35 14.56
N VAL I 1309 -13.44 -74.91 13.99
CA VAL I 1309 -13.05 -76.28 14.33
C VAL I 1309 -12.63 -76.35 15.79
N GLU I 1310 -11.90 -75.34 16.27
CA GLU I 1310 -11.54 -75.31 17.68
C GLU I 1310 -12.78 -75.23 18.57
N SER I 1311 -13.78 -74.46 18.14
CA SER I 1311 -15.03 -74.37 18.89
C SER I 1311 -15.74 -75.71 18.94
N VAL I 1312 -15.76 -76.43 17.82
CA VAL I 1312 -16.37 -77.76 17.80
C VAL I 1312 -15.65 -78.69 18.77
N ASP I 1313 -14.31 -78.66 18.75
CA ASP I 1313 -13.54 -79.51 19.64
C ASP I 1313 -13.85 -79.20 21.10
N ILE I 1314 -13.85 -77.90 21.45
CA ILE I 1314 -14.13 -77.51 22.83
C ILE I 1314 -15.54 -77.91 23.23
N GLY I 1315 -16.51 -77.75 22.34
CA GLY I 1315 -17.86 -78.14 22.67
C GLY I 1315 -18.02 -79.63 22.88
N VAL I 1316 -17.37 -80.43 22.03
CA VAL I 1316 -17.42 -81.88 22.19
C VAL I 1316 -16.83 -82.27 23.54
N GLU I 1317 -15.68 -81.69 23.90
CA GLU I 1317 -15.06 -82.03 25.17
C GLU I 1317 -15.88 -81.51 26.36
N THR I 1318 -16.55 -80.38 26.19
CA THR I 1318 -17.41 -79.88 27.26
C THR I 1318 -18.59 -80.82 27.50
N ILE I 1319 -19.21 -81.37 26.46
CA ILE I 1319 -20.30 -82.31 26.68
C ILE I 1319 -19.80 -83.64 27.24
N LEU I 1320 -18.68 -84.12 26.76
CA LEU I 1320 -18.12 -85.36 27.23
C LEU I 1320 -17.60 -85.28 28.65
N SER I 1321 -17.21 -84.10 29.12
CA SER I 1321 -16.81 -83.96 30.51
C SER I 1321 -17.99 -83.89 31.46
N GLY I 1322 -19.21 -83.78 30.95
CA GLY I 1322 -20.37 -83.67 31.79
C GLY I 1322 -20.74 -82.28 32.22
N LYS I 1323 -20.03 -81.29 31.73
CA LYS I 1323 -20.37 -79.91 32.04
C LYS I 1323 -21.59 -79.41 31.29
N ALA I 1324 -21.95 -80.06 30.19
CA ALA I 1324 -23.11 -79.68 29.39
C ALA I 1324 -23.68 -80.87 28.65
N ARG I 1325 -24.90 -80.74 28.17
CA ARG I 1325 -25.51 -81.76 27.36
C ARG I 1325 -25.89 -81.14 26.02
N ILE I 1326 -26.01 -79.81 25.95
CA ILE I 1326 -26.27 -79.10 24.71
C ILE I 1326 -25.25 -77.97 24.62
N CYS I 1327 -24.67 -77.78 23.44
CA CYS I 1327 -23.68 -76.73 23.25
C CYS I 1327 -23.91 -75.99 21.94
N ILE I 1328 -23.72 -74.68 21.99
CA ILE I 1328 -23.69 -73.85 20.78
C ILE I 1328 -22.23 -73.73 20.35
N VAL I 1329 -21.95 -74.13 19.12
CA VAL I 1329 -20.61 -74.03 18.55
C VAL I 1329 -20.70 -73.34 17.20
N GLY I 1330 -19.57 -72.83 16.75
CA GLY I 1330 -19.49 -72.18 15.46
C GLY I 1330 -18.46 -71.06 15.49
N GLY I 1331 -18.53 -70.22 14.47
CA GLY I 1331 -17.57 -69.15 14.30
C GLY I 1331 -18.17 -67.97 13.59
N TYR I 1332 -17.49 -66.83 13.71
CA TYR I 1332 -17.96 -65.58 13.11
C TYR I 1332 -16.81 -64.61 13.02
N ASP I 1333 -16.93 -63.66 12.09
CA ASP I 1333 -15.98 -62.57 11.92
C ASP I 1333 -16.51 -61.64 10.85
N ASP I 1334 -16.11 -60.39 10.95
CA ASP I 1334 -16.55 -59.39 10.01
C ASP I 1334 -15.46 -58.91 9.10
N PHE I 1335 -15.82 -58.11 8.12
CA PHE I 1335 -14.87 -57.51 7.21
C PHE I 1335 -14.93 -56.00 7.40
N GLN I 1336 -13.79 -55.35 7.50
CA GLN I 1336 -13.72 -53.92 7.63
C GLN I 1336 -12.46 -53.38 6.99
N GLU I 1337 -12.38 -52.07 6.84
CA GLU I 1337 -11.23 -51.43 6.23
C GLU I 1337 -9.86 -51.77 6.80
N GLU I 1338 -9.66 -51.63 8.10
CA GLU I 1338 -8.35 -51.84 8.67
C GLU I 1338 -7.85 -53.27 8.52
N GLY I 1339 -8.71 -54.25 8.72
CA GLY I 1339 -8.31 -55.64 8.55
C GLY I 1339 -7.97 -55.95 7.10
N SER I 1340 -8.74 -55.41 6.15
CA SER I 1340 -8.44 -55.60 4.75
C SER I 1340 -7.07 -55.03 4.40
N PHE I 1341 -6.78 -53.82 4.84
CA PHE I 1341 -5.49 -53.21 4.59
C PHE I 1341 -4.39 -54.03 5.18
N GLU I 1342 -4.56 -54.49 6.41
CA GLU I 1342 -3.46 -55.23 7.02
C GLU I 1342 -3.24 -56.58 6.37
N PHE I 1343 -4.32 -57.23 5.90
CA PHE I 1343 -4.13 -58.44 5.11
C PHE I 1343 -3.49 -58.13 3.76
N GLY I 1344 -3.73 -56.94 3.22
CA GLY I 1344 -3.01 -56.52 2.02
C GLY I 1344 -1.53 -56.31 2.28
N ASN I 1345 -1.17 -55.64 3.36
CA ASN I 1345 0.25 -55.45 3.72
C ASN I 1345 0.98 -56.76 3.99
N MET I 1346 0.27 -57.79 4.43
CA MET I 1346 0.87 -59.11 4.58
C MET I 1346 0.89 -59.91 3.29
N LYS I 1347 0.23 -59.44 2.25
CA LYS I 1347 0.17 -60.11 0.96
C LYS I 1347 -0.52 -61.46 1.08
N ALA I 1348 -1.45 -61.56 2.02
CA ALA I 1348 -2.22 -62.79 2.17
C ALA I 1348 -3.40 -62.84 1.22
N THR I 1349 -3.92 -61.69 0.85
CA THR I 1349 -5.06 -61.62 -0.03
C THR I 1349 -4.61 -61.39 -1.47
N SER I 1350 -5.50 -61.57 -2.41
CA SER I 1350 -5.19 -61.36 -3.79
C SER I 1350 -5.24 -59.90 -4.21
N ASN I 1351 -4.27 -59.43 -4.96
CA ASN I 1351 -4.29 -58.09 -5.49
C ASN I 1351 -5.32 -58.09 -6.61
N THR I 1352 -6.33 -57.24 -6.53
CA THR I 1352 -7.39 -57.18 -7.51
C THR I 1352 -6.98 -56.51 -8.82
N LEU I 1353 -5.98 -55.64 -8.79
CA LEU I 1353 -5.54 -54.98 -10.00
C LEU I 1353 -4.74 -55.96 -10.85
N GLU I 1354 -4.02 -56.87 -10.23
CA GLU I 1354 -3.31 -57.90 -10.94
C GLU I 1354 -4.33 -58.88 -11.47
N GLU I 1355 -5.37 -59.20 -10.72
CA GLU I 1355 -6.45 -60.05 -11.22
C GLU I 1355 -7.10 -59.44 -12.47
N PHE I 1356 -7.35 -58.14 -12.48
CA PHE I 1356 -7.91 -57.49 -13.66
C PHE I 1356 -6.94 -57.51 -14.82
N GLU I 1357 -5.63 -57.41 -14.57
CA GLU I 1357 -4.65 -57.49 -15.66
C GLU I 1357 -4.71 -58.84 -16.36
N HIS I 1358 -5.07 -59.89 -15.64
CA HIS I 1358 -5.22 -61.20 -16.23
C HIS I 1358 -6.64 -61.50 -16.72
N GLY I 1359 -7.51 -60.51 -16.79
CA GLY I 1359 -8.85 -60.72 -17.31
C GLY I 1359 -9.80 -61.41 -16.37
N ARG I 1360 -9.49 -61.44 -15.10
CA ARG I 1360 -10.30 -62.15 -14.13
C ARG I 1360 -11.35 -61.27 -13.49
N THR I 1361 -12.57 -61.75 -13.45
CA THR I 1361 -13.66 -61.04 -12.84
C THR I 1361 -13.76 -61.49 -11.38
N PRO I 1362 -14.49 -60.73 -10.56
CA PRO I 1362 -14.61 -61.08 -9.13
C PRO I 1362 -15.13 -62.50 -8.86
N ALA I 1363 -16.02 -63.02 -9.69
CA ALA I 1363 -16.55 -64.35 -9.53
C ALA I 1363 -15.55 -65.47 -9.81
N GLU I 1364 -14.38 -65.13 -10.32
CA GLU I 1364 -13.36 -66.13 -10.55
C GLU I 1364 -12.06 -65.83 -9.84
N MET I 1365 -12.08 -64.93 -8.86
CA MET I 1365 -10.87 -64.56 -8.18
C MET I 1365 -10.51 -65.60 -7.10
N SER I 1366 -11.48 -66.27 -6.49
CA SER I 1366 -11.21 -67.34 -5.52
C SER I 1366 -11.19 -68.67 -6.26
N ARG I 1367 -9.99 -69.20 -6.50
CA ARG I 1367 -9.84 -70.42 -7.25
C ARG I 1367 -8.84 -71.33 -6.59
N PRO I 1368 -9.27 -72.01 -5.55
CA PRO I 1368 -8.34 -72.86 -4.80
C PRO I 1368 -7.78 -74.00 -5.65
N ALA I 1369 -6.52 -74.34 -5.38
CA ALA I 1369 -5.85 -75.49 -5.96
C ALA I 1369 -5.66 -75.37 -7.46
N THR I 1370 -5.62 -74.15 -7.98
CA THR I 1370 -5.40 -73.89 -9.39
C THR I 1370 -3.98 -73.42 -9.63
N THR I 1371 -3.52 -73.51 -10.85
CA THR I 1371 -2.17 -73.09 -11.18
C THR I 1371 -1.92 -71.61 -10.94
N THR I 1372 -2.94 -70.78 -11.01
CA THR I 1372 -2.75 -69.34 -10.93
C THR I 1372 -3.32 -68.71 -9.67
N ARG I 1373 -3.61 -69.52 -8.68
CA ARG I 1373 -4.10 -69.03 -7.39
C ARG I 1373 -3.07 -68.09 -6.77
N ASN I 1374 -3.49 -66.92 -6.33
CA ASN I 1374 -2.57 -65.91 -5.83
C ASN I 1374 -3.03 -65.11 -4.61
N GLY I 1375 -3.84 -65.67 -3.76
CA GLY I 1375 -4.26 -65.00 -2.57
C GLY I 1375 -5.68 -65.31 -2.25
N PHE I 1376 -6.06 -65.11 -1.00
CA PHE I 1376 -7.42 -65.41 -0.57
C PHE I 1376 -8.34 -64.24 -0.79
N MET I 1377 -9.63 -64.50 -0.76
CA MET I 1377 -10.62 -63.50 -0.94
C MET I 1377 -11.22 -63.37 0.42
N GLU I 1378 -11.29 -62.17 0.94
CA GLU I 1378 -11.89 -61.96 2.24
C GLU I 1378 -13.41 -61.93 2.23
N ALA I 1379 -14.04 -62.50 3.23
CA ALA I 1379 -15.49 -62.54 3.34
C ALA I 1379 -15.92 -62.18 4.76
N GLN I 1380 -17.21 -62.31 5.02
CA GLN I 1380 -17.76 -62.02 6.33
C GLN I 1380 -18.97 -62.89 6.63
N GLY I 1381 -19.33 -63.02 7.89
CA GLY I 1381 -20.53 -63.73 8.26
C GLY I 1381 -20.31 -64.56 9.50
N ALA I 1382 -21.23 -65.51 9.72
CA ALA I 1382 -21.20 -66.36 10.89
C ALA I 1382 -21.78 -67.72 10.54
N GLY I 1383 -21.40 -68.72 11.32
CA GLY I 1383 -21.96 -70.05 11.20
C GLY I 1383 -22.12 -70.70 12.57
N ILE I 1384 -23.25 -71.34 12.81
CA ILE I 1384 -23.56 -71.90 14.12
C ILE I 1384 -24.08 -73.33 13.94
N GLN I 1385 -23.71 -74.21 14.87
CA GLN I 1385 -24.24 -75.56 14.94
C GLN I 1385 -24.67 -75.84 16.37
N ILE I 1386 -25.77 -76.58 16.52
CA ILE I 1386 -26.21 -77.07 17.82
C ILE I 1386 -25.77 -78.53 17.93
N ILE I 1387 -24.95 -78.83 18.94
CA ILE I 1387 -24.51 -80.18 19.21
C ILE I 1387 -25.00 -80.59 20.58
N MET I 1388 -25.44 -81.85 20.71
CA MET I 1388 -25.82 -82.40 21.99
C MET I 1388 -25.52 -83.89 22.00
N GLN I 1389 -25.75 -84.53 23.13
CA GLN I 1389 -25.61 -85.95 23.24
C GLN I 1389 -26.67 -86.68 22.42
N ALA I 1390 -26.29 -87.78 21.78
CA ALA I 1390 -27.22 -88.55 20.97
C ALA I 1390 -28.41 -89.02 21.80
N ASP I 1391 -28.19 -89.40 23.04
CA ASP I 1391 -29.25 -89.80 23.93
C ASP I 1391 -30.32 -88.72 24.15
N LEU I 1392 -29.91 -87.49 24.36
CA LEU I 1392 -30.84 -86.39 24.54
C LEU I 1392 -31.43 -85.96 23.23
N ALA I 1393 -30.68 -86.07 22.15
CA ALA I 1393 -31.29 -85.76 20.85
C ALA I 1393 -32.41 -86.73 20.54
N LEU I 1394 -32.22 -88.02 20.81
CA LEU I 1394 -33.28 -88.99 20.60
C LEU I 1394 -34.44 -88.76 21.55
N LYS I 1395 -34.19 -88.42 22.78
CA LYS I 1395 -35.26 -88.21 23.71
C LYS I 1395 -36.06 -86.98 23.35
N MET I 1396 -35.39 -85.92 22.92
CA MET I 1396 -36.09 -84.67 22.62
C MET I 1396 -36.89 -84.79 21.33
N GLY I 1397 -36.47 -85.65 20.41
CA GLY I 1397 -37.13 -85.73 19.12
C GLY I 1397 -36.65 -84.69 18.13
N VAL I 1398 -35.39 -84.29 18.19
CA VAL I 1398 -34.85 -83.27 17.30
C VAL I 1398 -34.19 -83.96 16.11
N PRO I 1399 -34.12 -83.32 14.95
CA PRO I 1399 -33.43 -83.93 13.82
C PRO I 1399 -31.94 -84.09 14.10
N ILE I 1400 -31.35 -85.11 13.48
CA ILE I 1400 -29.93 -85.39 13.60
C ILE I 1400 -29.33 -85.38 12.20
N TYR I 1401 -28.41 -84.44 11.97
CA TYR I 1401 -27.83 -84.24 10.64
C TYR I 1401 -26.50 -84.96 10.47
N GLY I 1402 -25.86 -85.39 11.54
CA GLY I 1402 -24.61 -86.10 11.44
C GLY I 1402 -24.01 -86.33 12.81
N ILE I 1403 -22.97 -87.14 12.82
CA ILE I 1403 -22.25 -87.52 14.04
C ILE I 1403 -20.91 -86.81 14.03
N VAL I 1404 -20.55 -86.14 15.11
CA VAL I 1404 -19.23 -85.54 15.22
C VAL I 1404 -18.36 -86.66 15.78
N ALA I 1405 -17.69 -87.39 14.91
CA ALA I 1405 -16.91 -88.52 15.32
C ALA I 1405 -15.53 -88.16 15.82
N MET I 1406 -14.95 -87.07 15.36
CA MET I 1406 -13.66 -86.62 15.85
C MET I 1406 -13.52 -85.12 15.74
N ALA I 1407 -12.73 -84.51 16.62
CA ALA I 1407 -12.48 -83.05 16.59
C ALA I 1407 -11.16 -82.84 17.29
N ALA I 1408 -10.15 -82.31 16.60
CA ALA I 1408 -8.80 -82.21 17.14
C ALA I 1408 -8.17 -80.89 16.73
N THR I 1409 -7.18 -80.48 17.51
CA THR I 1409 -6.37 -79.29 17.22
C THR I 1409 -4.90 -79.62 17.45
N ALA I 1410 -4.01 -78.92 16.76
CA ALA I 1410 -2.59 -79.20 16.86
C ALA I 1410 -1.78 -77.99 16.43
N THR I 1411 -0.66 -77.78 17.11
CA THR I 1411 0.34 -76.80 16.73
C THR I 1411 1.44 -77.48 15.90
N ASP I 1412 2.31 -76.69 15.29
CA ASP I 1412 3.26 -77.26 14.36
C ASP I 1412 4.64 -77.54 14.94
N LYS I 1413 5.42 -76.48 15.21
CA LYS I 1413 6.82 -76.66 15.59
C LYS I 1413 7.53 -75.33 15.80
N ILE I 1414 8.82 -75.39 16.13
CA ILE I 1414 9.64 -74.19 16.26
C ILE I 1414 9.73 -73.49 14.89
N GLY I 1415 9.68 -72.16 14.92
CA GLY I 1415 9.75 -71.39 13.69
C GLY I 1415 9.71 -69.91 13.98
N ARG I 1416 9.68 -69.13 12.90
CA ARG I 1416 9.67 -67.67 13.01
C ARG I 1416 8.62 -66.99 12.13
N SER I 1417 7.81 -67.74 11.40
CA SER I 1417 6.74 -67.15 10.60
C SER I 1417 5.37 -67.51 11.15
N VAL I 1418 4.71 -66.55 11.78
CA VAL I 1418 3.42 -66.81 12.42
C VAL I 1418 2.39 -67.33 11.42
N PRO I 1419 2.21 -66.75 10.24
CA PRO I 1419 1.14 -67.19 9.34
C PRO I 1419 1.46 -68.44 8.54
N ALA I 1420 2.65 -69.01 8.68
CA ALA I 1420 3.02 -70.21 7.95
C ALA I 1420 2.21 -71.44 8.36
N PRO I 1421 1.50 -72.08 7.42
CA PRO I 1421 0.77 -73.31 7.74
C PRO I 1421 1.74 -74.48 7.96
N GLY I 1422 1.37 -75.44 8.79
CA GLY I 1422 2.24 -76.56 9.11
C GLY I 1422 1.50 -77.88 9.06
N LYS I 1423 2.23 -78.95 9.36
CA LYS I 1423 1.75 -80.31 9.24
C LYS I 1423 1.34 -80.91 10.58
N GLY I 1424 1.25 -80.12 11.64
CA GLY I 1424 1.05 -80.65 12.97
C GLY I 1424 -0.23 -81.45 13.12
N ILE I 1425 -1.27 -81.10 12.36
CA ILE I 1425 -2.52 -81.84 12.41
C ILE I 1425 -2.39 -83.26 11.89
N LEU I 1426 -1.26 -83.60 11.29
CA LEU I 1426 -1.02 -84.96 10.82
C LEU I 1426 -1.05 -85.97 11.96
N THR I 1427 -0.91 -85.53 13.20
CA THR I 1427 -0.85 -86.43 14.36
C THR I 1427 -2.17 -87.14 14.62
N THR I 1428 -3.27 -86.73 14.00
CA THR I 1428 -4.51 -87.48 14.15
C THR I 1428 -4.45 -88.85 13.48
N ALA I 1429 -3.44 -89.10 12.66
CA ALA I 1429 -3.25 -90.38 12.00
C ALA I 1429 -2.09 -91.17 12.58
N ARG I 1430 -1.53 -90.73 13.71
CA ARG I 1430 -0.37 -91.41 14.28
C ARG I 1430 -0.73 -92.84 14.67
N GLU I 1431 0.11 -93.79 14.27
CA GLU I 1431 -0.17 -95.21 14.48
C GLU I 1431 1.10 -96.02 14.38
N HIS I 1432 1.40 -96.81 15.39
CA HIS I 1432 2.59 -97.65 15.43
C HIS I 1432 2.36 -98.89 14.59
N HIS I 1433 3.27 -99.19 13.69
CA HIS I 1433 3.08 -100.29 12.77
C HIS I 1433 4.21 -101.31 12.80
N SER I 1434 4.97 -101.36 13.88
CA SER I 1434 6.11 -102.27 13.95
C SER I 1434 5.70 -103.71 13.70
N SER I 1435 4.58 -104.13 14.29
CA SER I 1435 4.04 -105.46 14.06
C SER I 1435 2.73 -105.38 13.30
N ALA I 1439 -3.43 -108.11 13.33
CA ALA I 1439 -4.74 -107.54 13.56
C ALA I 1439 -5.12 -107.64 15.03
N SER I 1440 -4.98 -106.53 15.74
CA SER I 1440 -5.33 -106.50 17.16
C SER I 1440 -6.82 -106.81 17.31
N PRO I 1441 -7.20 -107.72 18.21
CA PRO I 1441 -8.63 -108.02 18.38
C PRO I 1441 -9.50 -106.78 18.56
N ASN I 1442 -8.94 -105.72 19.14
CA ASN I 1442 -9.73 -104.52 19.43
C ASN I 1442 -10.44 -104.00 18.20
N LEU I 1443 -9.82 -104.13 17.02
CA LEU I 1443 -10.39 -103.57 15.80
C LEU I 1443 -11.51 -104.44 15.23
N ASN I 1444 -11.99 -105.42 15.99
CA ASN I 1444 -13.13 -106.25 15.56
C ASN I 1444 -14.29 -106.06 16.50
N MET I 1445 -15.42 -105.57 16.01
CA MET I 1445 -16.56 -105.26 16.87
C MET I 1445 -17.20 -106.48 17.49
N LYS I 1446 -17.10 -107.62 16.82
CA LYS I 1446 -17.63 -108.87 17.38
C LYS I 1446 -16.98 -109.21 18.72
N TYR I 1447 -15.66 -109.09 18.81
CA TYR I 1447 -14.96 -109.36 20.07
C TYR I 1447 -15.35 -108.36 21.15
N ARG I 1448 -15.48 -107.10 20.76
CA ARG I 1448 -15.82 -106.07 21.72
C ARG I 1448 -17.24 -106.27 22.22
N LYS I 1449 -18.15 -106.67 21.35
CA LYS I 1449 -19.52 -106.95 21.77
C LYS I 1449 -19.56 -108.15 22.70
N ARG I 1450 -18.75 -109.18 22.42
CA ARG I 1450 -18.68 -110.33 23.31
C ARG I 1450 -18.27 -109.92 24.71
N GLN I 1451 -17.17 -109.15 24.79
CA GLN I 1451 -16.72 -108.66 26.10
C GLN I 1451 -17.83 -107.84 26.78
N LEU I 1452 -18.58 -107.07 25.99
CA LEU I 1452 -19.65 -106.25 26.56
C LEU I 1452 -20.73 -107.12 27.20
N VAL I 1453 -21.13 -108.20 26.51
CA VAL I 1453 -22.13 -109.10 27.10
C VAL I 1453 -21.60 -109.72 28.39
N THR I 1454 -20.34 -110.16 28.38
CA THR I 1454 -19.77 -110.74 29.59
C THR I 1454 -19.83 -109.75 30.75
N ARG I 1455 -19.44 -108.50 30.52
CA ARG I 1455 -19.42 -107.56 31.61
C ARG I 1455 -20.83 -107.25 32.06
N GLU I 1456 -21.77 -107.20 31.13
CA GLU I 1456 -23.16 -106.94 31.52
C GLU I 1456 -23.68 -108.05 32.42
N ALA I 1457 -23.34 -109.30 32.12
CA ALA I 1457 -23.73 -110.40 33.00
C ALA I 1457 -23.15 -110.22 34.40
N GLN I 1458 -21.85 -109.91 34.47
CA GLN I 1458 -21.25 -109.67 35.77
C GLN I 1458 -21.92 -108.50 36.49
N ILE I 1459 -22.35 -107.49 35.73
CA ILE I 1459 -23.00 -106.34 36.33
C ILE I 1459 -24.33 -106.75 36.96
N LYS I 1460 -25.13 -107.56 36.25
CA LYS I 1460 -26.40 -107.98 36.82
C LYS I 1460 -26.19 -108.82 38.07
N ASP I 1461 -25.13 -109.64 38.09
CA ASP I 1461 -24.81 -110.40 39.30
C ASP I 1461 -24.52 -109.46 40.46
N TRP I 1462 -23.69 -108.43 40.22
CA TRP I 1462 -23.40 -107.45 41.26
C TRP I 1462 -24.70 -106.80 41.73
N VAL I 1463 -25.59 -106.48 40.78
CA VAL I 1463 -26.84 -105.79 41.12
C VAL I 1463 -27.68 -106.65 42.06
N GLU I 1464 -27.82 -107.93 41.75
CA GLU I 1464 -28.68 -108.77 42.57
C GLU I 1464 -28.07 -109.01 43.95
N ASN I 1465 -26.75 -109.19 44.02
CA ASN I 1465 -26.11 -109.32 45.33
C ASN I 1465 -26.34 -108.07 46.17
N GLU I 1466 -26.17 -106.90 45.58
CA GLU I 1466 -26.31 -105.66 46.34
C GLU I 1466 -27.76 -105.40 46.71
N LEU I 1467 -28.71 -105.82 45.87
CA LEU I 1467 -30.11 -105.71 46.22
C LEU I 1467 -30.44 -106.60 47.42
N GLU I 1468 -29.87 -107.81 47.46
CA GLU I 1468 -30.07 -108.67 48.62
C GLU I 1468 -29.50 -108.02 49.88
N ALA I 1469 -28.30 -107.45 49.78
CA ALA I 1469 -27.71 -106.77 50.92
C ALA I 1469 -28.53 -105.57 51.37
N LEU I 1470 -29.07 -104.79 50.42
CA LEU I 1470 -29.94 -103.67 50.77
C LEU I 1470 -31.24 -104.15 51.41
N PHE I 1485 -36.57 -95.20 53.07
CA PHE I 1485 -35.18 -95.62 53.03
C PHE I 1485 -35.01 -96.63 51.92
N LEU I 1486 -35.88 -97.63 51.88
CA LEU I 1486 -35.74 -98.67 50.85
C LEU I 1486 -35.83 -98.05 49.45
N LEU I 1487 -36.71 -97.08 49.24
CA LEU I 1487 -36.84 -96.44 47.94
C LEU I 1487 -35.55 -95.77 47.58
N GLU I 1488 -35.05 -94.94 48.48
CA GLU I 1488 -33.79 -94.28 48.23
C GLU I 1488 -32.75 -95.29 47.81
N ARG I 1489 -32.65 -96.38 48.55
CA ARG I 1489 -31.59 -97.31 48.24
C ARG I 1489 -31.75 -98.12 46.97
N THR I 1490 -32.96 -98.49 46.60
CA THR I 1490 -33.16 -99.18 45.35
C THR I 1490 -32.73 -98.20 44.28
N ARG I 1491 -33.11 -96.95 44.43
CA ARG I 1491 -32.73 -95.95 43.46
C ARG I 1491 -31.24 -96.01 43.32
N GLU I 1492 -30.53 -95.89 44.44
CA GLU I 1492 -29.08 -95.89 44.42
C GLU I 1492 -28.46 -97.11 43.75
N ILE I 1493 -28.92 -98.31 44.09
CA ILE I 1493 -28.34 -99.50 43.53
C ILE I 1493 -28.57 -99.58 42.02
N HIS I 1494 -29.76 -99.20 41.56
CA HIS I 1494 -30.00 -99.34 40.13
C HIS I 1494 -29.15 -98.31 39.42
N ASN I 1495 -28.97 -97.18 40.08
CA ASN I 1495 -28.14 -96.14 39.52
C ASN I 1495 -26.69 -96.57 39.39
N GLU I 1496 -26.14 -97.27 40.37
CA GLU I 1496 -24.77 -97.77 40.27
C GLU I 1496 -24.68 -98.83 39.21
N ALA I 1497 -25.75 -99.60 39.06
CA ALA I 1497 -25.75 -100.58 38.01
C ALA I 1497 -25.64 -99.88 36.66
N GLU I 1498 -26.38 -98.80 36.49
CA GLU I 1498 -26.35 -98.10 35.23
C GLU I 1498 -24.99 -97.50 35.04
N SER I 1499 -24.40 -97.02 36.12
CA SER I 1499 -23.09 -96.43 36.05
C SER I 1499 -22.09 -97.42 35.55
N GLN I 1500 -22.21 -98.65 35.99
CA GLN I 1500 -21.32 -99.69 35.53
C GLN I 1500 -21.58 -100.14 34.10
N LEU I 1501 -22.83 -100.17 33.68
CA LEU I 1501 -23.12 -100.54 32.29
C LEU I 1501 -22.63 -99.49 31.32
N ARG I 1502 -22.73 -98.22 31.66
CA ARG I 1502 -22.29 -97.19 30.75
C ARG I 1502 -20.80 -97.19 30.70
N ALA I 1503 -20.13 -97.44 31.82
CA ALA I 1503 -18.67 -97.56 31.78
C ALA I 1503 -18.24 -98.71 30.87
N ALA I 1504 -18.91 -99.86 30.96
CA ALA I 1504 -18.57 -100.96 30.07
C ALA I 1504 -18.84 -100.61 28.61
N GLN I 1505 -19.93 -99.90 28.35
CA GLN I 1505 -20.25 -99.49 26.99
C GLN I 1505 -19.20 -98.56 26.47
N GLN I 1506 -18.82 -97.60 27.29
CA GLN I 1506 -17.76 -96.68 26.88
C GLN I 1506 -16.50 -97.45 26.53
N GLN I 1507 -16.07 -98.34 27.43
CA GLN I 1507 -14.82 -99.06 27.22
C GLN I 1507 -14.83 -99.88 25.94
N TRP I 1508 -15.94 -100.57 25.66
CA TRP I 1508 -15.94 -101.53 24.56
C TRP I 1508 -16.48 -100.98 23.25
N GLY I 1509 -17.18 -99.85 23.26
CA GLY I 1509 -17.76 -99.33 22.03
C GLY I 1509 -17.34 -97.92 21.68
N ASN I 1510 -16.98 -97.10 22.66
CA ASN I 1510 -16.75 -95.69 22.42
C ASN I 1510 -15.27 -95.35 22.33
N ASP I 1511 -14.48 -95.74 23.32
CA ASP I 1511 -13.05 -95.45 23.36
C ASP I 1511 -12.24 -96.72 23.57
N PHE I 1512 -12.58 -97.76 22.83
CA PHE I 1512 -11.79 -98.99 22.87
C PHE I 1512 -10.38 -98.75 22.34
N TYR I 1513 -10.19 -97.79 21.45
CA TYR I 1513 -8.88 -97.58 20.81
C TYR I 1513 -8.09 -96.49 21.46
N LYS I 1514 -8.64 -95.83 22.46
CA LYS I 1514 -7.96 -94.68 23.05
C LYS I 1514 -6.67 -95.05 23.72
N ARG I 1515 -6.57 -96.27 24.19
CA ARG I 1515 -5.34 -96.75 24.81
C ARG I 1515 -4.48 -97.59 23.89
N ASP I 1516 -4.92 -97.83 22.65
CA ASP I 1516 -4.17 -98.67 21.72
C ASP I 1516 -3.26 -97.81 20.86
N PRO I 1517 -1.94 -97.91 20.99
CA PRO I 1517 -1.05 -97.18 20.07
C PRO I 1517 -1.06 -97.73 18.67
N ARG I 1518 -1.72 -98.83 18.39
CA ARG I 1518 -1.79 -99.35 17.03
C ARG I 1518 -3.03 -98.88 16.31
N ILE I 1519 -3.84 -98.07 16.94
CA ILE I 1519 -5.02 -97.51 16.30
C ILE I 1519 -4.90 -96.00 16.35
N ALA I 1520 -4.96 -95.36 15.18
CA ALA I 1520 -4.93 -93.91 15.13
C ALA I 1520 -6.27 -93.33 15.57
N PRO I 1521 -6.25 -92.15 16.15
CA PRO I 1521 -7.53 -91.52 16.52
C PRO I 1521 -8.52 -91.39 15.35
N LEU I 1522 -8.04 -91.14 14.15
CA LEU I 1522 -8.91 -91.07 12.97
C LEU I 1522 -9.52 -92.43 12.66
N ARG I 1523 -8.68 -93.46 12.58
CA ARG I 1523 -9.18 -94.80 12.33
C ARG I 1523 -10.17 -95.23 13.39
N GLY I 1524 -9.83 -94.99 14.66
CA GLY I 1524 -10.73 -95.40 15.71
C GLY I 1524 -12.05 -94.66 15.69
N ALA I 1525 -12.04 -93.37 15.42
CA ALA I 1525 -13.29 -92.62 15.27
C ALA I 1525 -14.15 -93.21 14.16
N LEU I 1526 -13.54 -93.62 13.06
CA LEU I 1526 -14.33 -94.28 12.03
C LEU I 1526 -14.78 -95.67 12.45
N ALA I 1527 -13.94 -96.41 13.18
CA ALA I 1527 -14.23 -97.78 13.54
C ALA I 1527 -15.27 -97.89 14.61
N THR I 1528 -15.52 -96.81 15.31
CA THR I 1528 -16.59 -96.83 16.30
C THR I 1528 -17.92 -97.24 15.68
N TYR I 1529 -18.08 -97.09 14.38
CA TYR I 1529 -19.35 -97.39 13.71
C TYR I 1529 -19.15 -98.36 12.59
N GLY I 1530 -18.08 -99.13 12.63
CA GLY I 1530 -17.85 -100.13 11.62
C GLY I 1530 -17.49 -99.56 10.28
N LEU I 1531 -16.75 -98.45 10.27
CA LEU I 1531 -16.31 -97.84 9.02
C LEU I 1531 -14.81 -97.92 8.92
N THR I 1532 -14.31 -98.14 7.72
CA THR I 1532 -12.87 -98.22 7.46
C THR I 1532 -12.37 -96.86 6.98
N ILE I 1533 -11.09 -96.78 6.68
CA ILE I 1533 -10.53 -95.53 6.17
C ILE I 1533 -11.06 -95.26 4.76
N ASP I 1534 -11.44 -96.30 4.03
CA ASP I 1534 -11.95 -96.10 2.71
C ASP I 1534 -13.35 -95.53 2.71
N ASP I 1535 -14.03 -95.55 3.84
CA ASP I 1535 -15.36 -94.96 3.95
C ASP I 1535 -15.34 -93.43 4.13
N LEU I 1536 -14.18 -92.81 4.17
CA LEU I 1536 -14.07 -91.34 4.24
C LEU I 1536 -14.06 -90.83 2.80
N GLY I 1537 -15.21 -90.46 2.28
CA GLY I 1537 -15.29 -90.12 0.88
C GLY I 1537 -15.02 -88.71 0.47
N VAL I 1538 -15.28 -87.77 1.36
CA VAL I 1538 -15.12 -86.36 1.01
C VAL I 1538 -14.20 -85.70 2.03
N ALA I 1539 -13.27 -84.89 1.53
CA ALA I 1539 -12.43 -84.03 2.35
C ALA I 1539 -12.79 -82.60 2.05
N SER I 1540 -13.32 -81.86 3.01
CA SER I 1540 -13.59 -80.43 2.85
C SER I 1540 -12.29 -79.72 3.17
N PHE I 1541 -11.73 -79.03 2.21
CA PHE I 1541 -10.46 -78.36 2.40
C PHE I 1541 -10.62 -76.93 2.78
N HIS I 1542 -9.78 -76.44 3.65
CA HIS I 1542 -9.77 -75.05 3.99
C HIS I 1542 -9.63 -74.29 2.68
N GLY I 1543 -8.84 -74.81 1.74
CA GLY I 1543 -8.76 -74.25 0.39
C GLY I 1543 -8.90 -72.80 0.29
N THR I 1544 -7.92 -72.06 0.77
CA THR I 1544 -8.04 -70.61 0.78
C THR I 1544 -7.58 -69.94 -0.52
N SER I 1545 -7.15 -70.73 -1.50
CA SER I 1545 -6.68 -70.20 -2.79
C SER I 1545 -5.31 -69.51 -2.64
N THR I 1546 -4.51 -69.95 -1.69
CA THR I 1546 -3.15 -69.42 -1.47
C THR I 1546 -2.17 -70.52 -1.78
N LYS I 1547 -1.03 -70.14 -2.29
CA LYS I 1547 -0.10 -71.16 -2.77
C LYS I 1547 0.45 -72.13 -1.74
N ALA I 1548 0.75 -71.65 -0.54
CA ALA I 1548 1.23 -72.51 0.50
C ALA I 1548 0.13 -73.31 1.15
N ASN I 1549 -1.04 -72.71 1.36
CA ASN I 1549 -2.05 -73.42 2.10
C ASN I 1549 -2.51 -74.59 1.31
N ASP I 1550 -2.79 -74.36 0.07
CA ASP I 1550 -3.38 -75.43 -0.74
C ASP I 1550 -2.42 -76.59 -0.89
N LYS I 1551 -1.15 -76.31 -1.21
CA LYS I 1551 -0.19 -77.40 -1.36
C LYS I 1551 0.00 -78.15 -0.04
N ASN I 1552 0.15 -77.41 1.06
CA ASN I 1552 0.38 -78.04 2.35
C ASN I 1552 -0.81 -78.89 2.78
N GLU I 1553 -2.04 -78.39 2.55
CA GLU I 1553 -3.23 -79.15 2.92
C GLU I 1553 -3.34 -80.42 2.09
N SER I 1554 -3.09 -80.33 0.78
CA SER I 1554 -3.12 -81.53 -0.04
C SER I 1554 -2.10 -82.55 0.44
N ALA I 1555 -0.89 -82.08 0.76
CA ALA I 1555 0.14 -82.98 1.24
C ALA I 1555 -0.26 -83.62 2.56
N THR I 1556 -0.86 -82.84 3.46
CA THR I 1556 -1.26 -83.37 4.76
C THR I 1556 -2.33 -84.45 4.61
N ILE I 1557 -3.37 -84.18 3.82
CA ILE I 1557 -4.42 -85.17 3.63
C ILE I 1557 -3.85 -86.41 2.97
N ASN I 1558 -2.98 -86.23 1.98
CA ASN I 1558 -2.39 -87.38 1.29
C ASN I 1558 -1.57 -88.23 2.24
N GLU I 1559 -0.75 -87.65 3.10
CA GLU I 1559 0.01 -88.40 4.07
C GLU I 1559 -0.90 -89.10 5.06
N MET I 1560 -1.94 -88.42 5.52
CA MET I 1560 -2.90 -89.09 6.39
C MET I 1560 -3.41 -90.37 5.74
N MET I 1561 -3.89 -90.25 4.51
CA MET I 1561 -4.48 -91.42 3.84
C MET I 1561 -3.43 -92.49 3.58
N LYS I 1562 -2.21 -92.14 3.25
CA LYS I 1562 -1.21 -93.14 2.92
C LYS I 1562 -0.74 -93.92 4.11
N HIS I 1563 -0.67 -93.29 5.26
CA HIS I 1563 -0.20 -93.95 6.44
C HIS I 1563 -1.22 -94.89 7.00
N LEU I 1564 -2.50 -94.54 6.89
CA LEU I 1564 -3.55 -95.39 7.41
C LEU I 1564 -4.04 -96.40 6.38
N GLY I 1565 -3.27 -96.63 5.35
CA GLY I 1565 -3.60 -97.63 4.39
C GLY I 1565 -4.81 -97.41 3.54
N ARG I 1566 -5.05 -96.18 3.15
CA ARG I 1566 -6.13 -95.95 2.20
C ARG I 1566 -5.85 -96.73 0.93
N SER I 1567 -6.88 -97.35 0.37
CA SER I 1567 -6.71 -98.17 -0.82
C SER I 1567 -6.24 -97.35 -1.99
N GLU I 1568 -5.39 -97.96 -2.82
CA GLU I 1568 -4.94 -97.29 -4.01
C GLU I 1568 -6.07 -97.23 -5.01
N GLY I 1569 -6.18 -96.12 -5.73
CA GLY I 1569 -7.29 -95.94 -6.62
C GLY I 1569 -8.51 -95.37 -5.97
N ASN I 1570 -8.44 -95.14 -4.66
CA ASN I 1570 -9.56 -94.57 -3.93
C ASN I 1570 -9.18 -93.18 -3.39
N PRO I 1571 -9.06 -92.19 -4.26
CA PRO I 1571 -8.77 -90.84 -3.78
C PRO I 1571 -9.92 -90.19 -3.02
N VAL I 1572 -9.65 -89.42 -1.98
CA VAL I 1572 -10.70 -88.64 -1.35
C VAL I 1572 -11.06 -87.48 -2.27
N ILE I 1573 -12.36 -87.21 -2.38
CA ILE I 1573 -12.85 -86.14 -3.25
C ILE I 1573 -12.79 -84.84 -2.46
N GLY I 1574 -12.07 -83.86 -2.99
CA GLY I 1574 -11.87 -82.60 -2.31
C GLY I 1574 -12.95 -81.59 -2.63
N VAL I 1575 -13.45 -80.92 -1.60
CA VAL I 1575 -14.43 -79.85 -1.74
C VAL I 1575 -13.75 -78.56 -1.30
N PHE I 1576 -14.01 -77.49 -2.06
CA PHE I 1576 -13.43 -76.18 -1.77
C PHE I 1576 -14.49 -75.13 -1.85
N GLN I 1577 -15.28 -74.96 -0.80
CA GLN I 1577 -16.41 -74.03 -0.78
C GLN I 1577 -16.06 -72.53 -0.78
N LYS I 1578 -14.82 -72.17 -0.55
CA LYS I 1578 -14.39 -70.79 -0.53
C LYS I 1578 -14.25 -70.27 -1.92
N PHE I 1579 -14.29 -71.15 -2.93
CA PHE I 1579 -14.31 -70.63 -4.28
C PHE I 1579 -15.55 -69.76 -4.47
N LEU I 1580 -16.65 -70.11 -3.84
CA LEU I 1580 -17.88 -69.38 -3.96
C LEU I 1580 -18.13 -68.35 -2.86
N THR I 1581 -17.73 -68.62 -1.64
CA THR I 1581 -18.06 -67.74 -0.53
C THR I 1581 -16.94 -66.84 -0.14
N GLY I 1582 -15.71 -67.23 -0.44
CA GLY I 1582 -14.56 -66.51 0.07
C GLY I 1582 -14.18 -67.00 1.44
N HIS I 1583 -13.24 -66.29 2.04
CA HIS I 1583 -12.66 -66.70 3.31
C HIS I 1583 -13.12 -65.79 4.44
N PRO I 1584 -14.00 -66.24 5.33
CA PRO I 1584 -14.21 -65.50 6.59
C PRO I 1584 -13.24 -65.98 7.65
N LYS I 1585 -12.46 -65.07 8.15
CA LYS I 1585 -11.40 -65.39 9.07
C LYS I 1585 -11.86 -65.88 10.43
N GLY I 1586 -12.57 -66.98 10.48
CA GLY I 1586 -13.08 -67.53 11.72
C GLY I 1586 -14.43 -68.23 11.61
N ALA I 1587 -15.25 -67.83 10.64
CA ALA I 1587 -16.46 -68.58 10.30
C ALA I 1587 -16.18 -69.68 9.28
N ALA I 1588 -14.94 -69.79 8.80
CA ALA I 1588 -14.63 -70.69 7.69
C ALA I 1588 -14.98 -72.13 8.04
N GLY I 1589 -14.51 -72.61 9.20
CA GLY I 1589 -14.79 -73.97 9.59
C GLY I 1589 -16.27 -74.24 9.76
N ALA I 1590 -17.01 -73.27 10.29
CA ALA I 1590 -18.45 -73.44 10.47
C ALA I 1590 -19.17 -73.56 9.13
N TRP I 1591 -18.78 -72.76 8.17
CA TRP I 1591 -19.37 -72.86 6.86
C TRP I 1591 -19.05 -74.19 6.18
N MET I 1592 -17.81 -74.66 6.30
CA MET I 1592 -17.45 -75.94 5.75
C MET I 1592 -18.17 -77.09 6.45
N MET I 1593 -18.41 -76.96 7.76
CA MET I 1593 -19.13 -78.01 8.47
C MET I 1593 -20.59 -78.05 8.05
N ASN I 1594 -21.22 -76.88 7.87
CA ASN I 1594 -22.58 -76.86 7.35
C ASN I 1594 -22.65 -77.52 5.98
N GLY I 1595 -21.72 -77.23 5.12
CA GLY I 1595 -21.70 -77.87 3.83
C GLY I 1595 -21.48 -79.35 3.90
N ALA I 1596 -20.61 -79.80 4.78
CA ALA I 1596 -20.37 -81.21 4.96
C ALA I 1596 -21.59 -81.93 5.47
N LEU I 1597 -22.36 -81.30 6.35
CA LEU I 1597 -23.62 -81.93 6.75
C LEU I 1597 -24.59 -82.02 5.59
N GLN I 1598 -24.67 -80.97 4.78
CA GLN I 1598 -25.57 -81.02 3.63
C GLN I 1598 -25.12 -82.07 2.60
N ILE I 1599 -23.80 -82.24 2.43
CA ILE I 1599 -23.30 -83.30 1.58
C ILE I 1599 -23.66 -84.66 2.15
N LEU I 1600 -23.48 -84.86 3.44
CA LEU I 1600 -23.80 -86.13 4.08
C LEU I 1600 -25.27 -86.50 3.98
N ASN I 1601 -26.15 -85.51 3.97
CA ASN I 1601 -27.57 -85.83 3.90
C ASN I 1601 -28.13 -85.82 2.48
N SER I 1602 -27.43 -85.31 1.49
CA SER I 1602 -27.91 -85.27 0.12
C SER I 1602 -27.24 -86.26 -0.78
N GLY I 1603 -25.99 -86.58 -0.47
CA GLY I 1603 -25.24 -87.43 -1.37
C GLY I 1603 -24.63 -86.67 -2.50
N ILE I 1604 -24.78 -85.35 -2.52
CA ILE I 1604 -24.23 -84.52 -3.58
C ILE I 1604 -22.92 -83.90 -3.17
N ILE I 1605 -21.91 -84.02 -4.00
CA ILE I 1605 -20.61 -83.43 -3.76
C ILE I 1605 -20.49 -82.23 -4.71
N PRO I 1606 -20.49 -81.00 -4.21
CA PRO I 1606 -20.35 -79.85 -5.11
C PRO I 1606 -18.97 -79.81 -5.74
N GLY I 1607 -18.92 -79.28 -6.96
CA GLY I 1607 -17.67 -79.13 -7.69
C GLY I 1607 -17.13 -77.72 -7.57
N ASN I 1608 -15.81 -77.61 -7.67
CA ASN I 1608 -15.15 -76.30 -7.63
C ASN I 1608 -15.24 -75.70 -9.02
N ARG I 1609 -16.20 -74.82 -9.23
CA ARG I 1609 -16.44 -74.24 -10.58
C ARG I 1609 -15.39 -73.23 -11.02
N ASN I 1610 -14.44 -72.89 -10.17
CA ASN I 1610 -13.34 -72.01 -10.54
C ASN I 1610 -12.08 -72.87 -10.67
N ALA I 1611 -12.20 -74.19 -10.60
CA ALA I 1611 -11.05 -75.06 -10.85
C ALA I 1611 -10.87 -75.19 -12.36
N ASP I 1612 -10.28 -74.18 -12.96
CA ASP I 1612 -10.09 -74.16 -14.38
C ASP I 1612 -8.93 -75.04 -14.79
N ASN I 1613 -7.87 -75.05 -13.99
CA ASN I 1613 -6.72 -75.90 -14.26
C ASN I 1613 -6.06 -76.25 -12.94
N VAL I 1614 -6.09 -77.53 -12.58
CA VAL I 1614 -5.51 -77.96 -11.32
C VAL I 1614 -3.99 -77.87 -11.41
N ASP I 1615 -3.35 -77.39 -10.35
CA ASP I 1615 -1.91 -77.24 -10.35
C ASP I 1615 -1.21 -78.57 -10.55
N LYS I 1616 -0.28 -78.63 -11.50
CA LYS I 1616 0.43 -79.86 -11.81
C LYS I 1616 1.16 -80.42 -10.61
N ILE I 1617 1.62 -79.57 -9.73
CA ILE I 1617 2.30 -80.01 -8.54
C ILE I 1617 1.42 -80.92 -7.69
N LEU I 1618 0.12 -80.81 -7.81
CA LEU I 1618 -0.78 -81.59 -6.97
C LEU I 1618 -1.04 -82.98 -7.48
N GLU I 1619 -0.66 -83.29 -8.72
CA GLU I 1619 -0.77 -84.64 -9.25
C GLU I 1619 0.00 -85.66 -8.43
N GLN I 1620 1.05 -85.24 -7.73
CA GLN I 1620 1.79 -86.14 -6.87
C GLN I 1620 0.98 -86.73 -5.73
N PHE I 1621 -0.09 -86.07 -5.31
CA PHE I 1621 -0.91 -86.52 -4.21
C PHE I 1621 -2.01 -87.40 -4.76
N GLU I 1622 -1.74 -88.69 -4.88
CA GLU I 1622 -2.65 -89.64 -5.49
C GLU I 1622 -3.90 -89.95 -4.73
N TYR I 1623 -3.95 -89.61 -3.46
CA TYR I 1623 -5.14 -89.80 -2.65
C TYR I 1623 -6.05 -88.57 -2.62
N VAL I 1624 -5.89 -87.67 -3.57
CA VAL I 1624 -6.76 -86.52 -3.66
C VAL I 1624 -7.27 -86.30 -5.08
N LEU I 1625 -8.56 -86.08 -5.23
CA LEU I 1625 -9.13 -85.81 -6.51
C LEU I 1625 -9.79 -84.45 -6.43
N TYR I 1626 -9.62 -83.63 -7.43
CA TYR I 1626 -10.18 -82.29 -7.45
C TYR I 1626 -11.25 -82.03 -8.53
N PRO I 1627 -12.53 -82.30 -8.27
CA PRO I 1627 -13.59 -82.12 -9.26
C PRO I 1627 -13.87 -80.65 -9.54
N SER I 1628 -14.46 -80.37 -10.70
CA SER I 1628 -14.87 -79.02 -11.08
C SER I 1628 -16.38 -78.93 -11.20
N LYS I 1629 -17.06 -80.07 -11.20
CA LYS I 1629 -18.49 -80.11 -11.39
C LYS I 1629 -19.18 -80.94 -10.32
N THR I 1630 -20.43 -80.68 -10.05
CA THR I 1630 -21.11 -81.41 -9.01
C THR I 1630 -21.34 -82.86 -9.35
N LEU I 1631 -21.02 -83.73 -8.42
CA LEU I 1631 -21.26 -85.14 -8.62
C LEU I 1631 -22.36 -85.61 -7.72
N LYS I 1632 -23.42 -86.15 -8.29
CA LYS I 1632 -24.48 -86.76 -7.48
C LYS I 1632 -24.16 -88.23 -7.28
N THR I 1633 -23.63 -88.58 -6.12
CA THR I 1633 -23.21 -89.94 -5.82
C THR I 1633 -24.40 -90.74 -5.30
N ASP I 1634 -24.13 -91.96 -4.91
CA ASP I 1634 -25.17 -92.82 -4.33
C ASP I 1634 -25.07 -92.86 -2.82
N GLY I 1635 -24.21 -92.05 -2.24
CA GLY I 1635 -24.09 -91.94 -0.80
C GLY I 1635 -22.74 -91.61 -0.25
N VAL I 1636 -22.68 -90.65 0.67
CA VAL I 1636 -21.42 -90.35 1.38
C VAL I 1636 -21.58 -90.82 2.80
N ARG I 1637 -20.55 -91.41 3.36
CA ARG I 1637 -20.65 -91.94 4.70
C ARG I 1637 -19.89 -91.11 5.72
N ALA I 1638 -18.83 -90.42 5.34
CA ALA I 1638 -18.14 -89.55 6.28
C ALA I 1638 -17.43 -88.45 5.52
N VAL I 1639 -17.29 -87.29 6.17
CA VAL I 1639 -16.66 -86.12 5.59
C VAL I 1639 -15.60 -85.61 6.55
N SER I 1640 -14.45 -85.22 6.00
CA SER I 1640 -13.36 -84.66 6.77
C SER I 1640 -13.31 -83.15 6.57
N ILE I 1641 -13.15 -82.42 7.67
CA ILE I 1641 -13.07 -80.97 7.67
C ILE I 1641 -11.75 -80.58 8.31
N THR I 1642 -10.93 -79.82 7.58
CA THR I 1642 -9.65 -79.37 8.08
C THR I 1642 -9.55 -77.85 7.98
N SER I 1643 -8.84 -77.26 8.95
CA SER I 1643 -8.64 -75.83 9.01
C SER I 1643 -7.21 -75.54 9.42
N PHE I 1644 -6.69 -74.40 8.96
CA PHE I 1644 -5.32 -73.98 9.24
C PHE I 1644 -5.33 -72.48 9.51
N GLY I 1645 -5.42 -72.10 10.77
CA GLY I 1645 -5.42 -70.70 11.13
C GLY I 1645 -4.04 -70.16 11.42
N PHE I 1646 -3.90 -68.85 11.38
CA PHE I 1646 -2.65 -68.21 11.72
C PHE I 1646 -2.30 -68.48 13.14
N GLY I 1647 -1.02 -68.61 13.42
CA GLY I 1647 -0.56 -68.95 14.75
C GLY I 1647 -0.44 -70.44 15.00
N GLN I 1648 -0.25 -71.24 13.95
CA GLN I 1648 -0.11 -72.69 14.07
C GLN I 1648 -1.37 -73.32 14.63
N LYS I 1649 -2.53 -72.90 14.12
CA LYS I 1649 -3.82 -73.44 14.55
C LYS I 1649 -4.32 -74.39 13.47
N GLY I 1650 -3.93 -75.66 13.59
CA GLY I 1650 -4.45 -76.71 12.74
C GLY I 1650 -5.58 -77.44 13.44
N GLY I 1651 -6.57 -77.87 12.68
CA GLY I 1651 -7.71 -78.54 13.25
C GLY I 1651 -8.36 -79.47 12.24
N GLN I 1652 -8.94 -80.55 12.74
CA GLN I 1652 -9.65 -81.49 11.90
C GLN I 1652 -10.89 -82.00 12.63
N ALA I 1653 -11.96 -82.18 11.86
CA ALA I 1653 -13.17 -82.80 12.37
C ALA I 1653 -13.64 -83.86 11.39
N ILE I 1654 -14.25 -84.92 11.91
CA ILE I 1654 -14.81 -85.99 11.11
C ILE I 1654 -16.30 -86.06 11.40
N VAL I 1655 -17.12 -85.96 10.36
CA VAL I 1655 -18.57 -86.04 10.47
C VAL I 1655 -19.01 -87.31 9.75
N VAL I 1656 -19.81 -88.11 10.44
CA VAL I 1656 -20.29 -89.39 9.90
C VAL I 1656 -21.78 -89.27 9.63
N HIS I 1657 -22.25 -89.99 8.62
CA HIS I 1657 -23.65 -89.97 8.28
C HIS I 1657 -24.50 -90.31 9.49
N PRO I 1658 -25.62 -89.62 9.66
CA PRO I 1658 -26.43 -89.85 10.86
C PRO I 1658 -27.06 -91.24 10.94
N ASP I 1659 -27.33 -91.91 9.84
CA ASP I 1659 -27.99 -93.22 9.88
C ASP I 1659 -27.17 -94.31 10.52
N TYR I 1660 -25.90 -94.08 10.76
CA TYR I 1660 -25.11 -95.02 11.51
C TYR I 1660 -25.39 -94.96 13.00
N LEU I 1661 -26.04 -93.90 13.48
CA LEU I 1661 -26.40 -93.83 14.89
C LEU I 1661 -27.52 -94.81 15.22
N TYR I 1662 -28.50 -94.94 14.33
CA TYR I 1662 -29.74 -95.63 14.68
C TYR I 1662 -29.56 -97.14 14.76
N GLY I 1663 -28.50 -97.69 14.19
CA GLY I 1663 -28.21 -99.10 14.37
C GLY I 1663 -27.85 -99.49 15.78
N ALA I 1664 -27.70 -98.53 16.68
CA ALA I 1664 -27.32 -98.81 18.04
C ALA I 1664 -28.50 -98.82 18.99
N ILE I 1665 -29.70 -98.65 18.48
CA ILE I 1665 -30.89 -98.61 19.31
C ILE I 1665 -31.89 -99.64 18.80
N THR I 1666 -32.93 -99.88 19.61
CA THR I 1666 -33.95 -100.86 19.30
C THR I 1666 -35.00 -100.26 18.36
N GLU I 1667 -35.82 -101.14 17.79
CA GLU I 1667 -36.83 -100.71 16.83
C GLU I 1667 -37.85 -99.79 17.49
N ASP I 1668 -38.29 -100.13 18.71
CA ASP I 1668 -39.30 -99.33 19.38
C ASP I 1668 -38.79 -97.92 19.66
N ARG I 1669 -37.55 -97.81 20.14
CA ARG I 1669 -36.96 -96.49 20.37
C ARG I 1669 -36.87 -95.70 19.07
N TYR I 1670 -36.45 -96.35 17.99
CA TYR I 1670 -36.38 -95.68 16.70
C TYR I 1670 -37.71 -95.17 16.22
N ASN I 1671 -38.76 -95.94 16.41
CA ASN I 1671 -40.08 -95.54 15.95
C ASN I 1671 -40.64 -94.43 16.78
N GLU I 1672 -40.37 -94.46 18.05
CA GLU I 1672 -40.79 -93.39 18.93
C GLU I 1672 -40.08 -92.10 18.55
N TYR I 1673 -38.78 -92.17 18.29
CA TYR I 1673 -38.03 -91.00 17.87
C TYR I 1673 -38.54 -90.46 16.54
N VAL I 1674 -38.87 -91.33 15.60
CA VAL I 1674 -39.27 -90.89 14.28
C VAL I 1674 -40.58 -90.15 14.35
N ALA I 1675 -41.49 -90.61 15.19
CA ALA I 1675 -42.76 -89.93 15.37
C ALA I 1675 -42.57 -88.59 16.05
N LYS I 1676 -41.72 -88.54 17.07
CA LYS I 1676 -41.43 -87.29 17.74
C LYS I 1676 -40.81 -86.27 16.79
N VAL I 1677 -39.95 -86.70 15.90
CA VAL I 1677 -39.29 -85.78 14.99
C VAL I 1677 -40.24 -85.30 13.91
N SER I 1678 -41.17 -86.14 13.48
CA SER I 1678 -42.18 -85.70 12.52
C SER I 1678 -43.08 -84.63 13.09
N ALA I 1679 -43.49 -84.78 14.33
CA ALA I 1679 -44.28 -83.76 14.99
C ALA I 1679 -43.50 -82.47 15.11
N ARG I 1680 -42.24 -82.54 15.55
CA ARG I 1680 -41.43 -81.37 15.72
C ARG I 1680 -41.18 -80.67 14.38
N GLU I 1681 -41.12 -81.39 13.28
CA GLU I 1681 -40.89 -80.76 12.01
C GLU I 1681 -42.11 -80.02 11.52
N LYS I 1682 -43.28 -80.52 11.80
CA LYS I 1682 -44.50 -79.86 11.40
C LYS I 1682 -44.67 -78.57 12.16
N SER I 1683 -44.31 -78.55 13.42
CA SER I 1683 -44.40 -77.35 14.19
C SER I 1683 -43.29 -76.37 13.83
N ALA I 1684 -42.09 -76.85 13.53
CA ALA I 1684 -41.04 -75.96 13.07
C ALA I 1684 -41.37 -75.33 11.72
N TYR I 1685 -42.11 -76.01 10.85
CA TYR I 1685 -42.50 -75.43 9.58
C TYR I 1685 -43.49 -74.30 9.79
N LYS I 1686 -44.44 -74.52 10.66
CA LYS I 1686 -45.39 -73.48 10.98
C LYS I 1686 -44.73 -72.24 11.59
N PHE I 1687 -43.81 -72.41 12.54
CA PHE I 1687 -43.11 -71.31 13.11
C PHE I 1687 -42.27 -70.62 12.07
N PHE I 1688 -41.57 -71.38 11.24
CA PHE I 1688 -40.68 -70.74 10.29
C PHE I 1688 -41.44 -69.83 9.35
N HIS I 1689 -42.56 -70.31 8.80
CA HIS I 1689 -43.25 -69.48 7.81
C HIS I 1689 -43.94 -68.29 8.46
N ASN I 1690 -44.56 -68.44 9.61
CA ASN I 1690 -45.11 -67.29 10.29
C ASN I 1690 -44.03 -66.25 10.60
N GLY I 1691 -42.90 -66.69 11.15
CA GLY I 1691 -41.84 -65.75 11.43
C GLY I 1691 -41.29 -65.08 10.19
N MET I 1692 -41.23 -65.82 9.09
CA MET I 1692 -40.70 -65.24 7.85
C MET I 1692 -41.60 -64.14 7.34
N ILE I 1693 -42.91 -64.40 7.23
CA ILE I 1693 -43.75 -63.38 6.61
C ILE I 1693 -44.00 -62.21 7.56
N TYR I 1694 -43.95 -62.44 8.88
CA TYR I 1694 -44.20 -61.36 9.84
C TYR I 1694 -42.92 -60.82 10.46
N ASN I 1695 -41.77 -61.07 9.87
CA ASN I 1695 -40.51 -60.52 10.37
C ASN I 1695 -40.31 -60.74 11.85
N LYS I 1696 -40.60 -61.93 12.34
CA LYS I 1696 -40.53 -62.23 13.77
C LYS I 1696 -39.89 -63.59 13.98
N LEU I 1697 -38.91 -63.95 13.15
CA LEU I 1697 -38.15 -65.17 13.40
C LEU I 1697 -37.35 -65.07 14.68
N PHE I 1698 -36.72 -63.93 14.93
CA PHE I 1698 -36.03 -63.66 16.18
C PHE I 1698 -36.98 -62.98 17.11
N VAL I 1699 -37.17 -63.53 18.29
CA VAL I 1699 -37.99 -62.93 19.31
C VAL I 1699 -37.20 -62.88 20.61
N SER I 1700 -36.91 -61.70 21.09
CA SER I 1700 -36.11 -61.58 22.28
C SER I 1700 -36.84 -61.94 23.56
N LYS I 1701 -36.11 -62.45 24.52
CA LYS I 1701 -36.66 -62.80 25.82
C LYS I 1701 -36.60 -61.59 26.74
N GLU I 1702 -37.75 -61.23 27.31
CA GLU I 1702 -37.81 -60.12 28.26
C GLU I 1702 -37.44 -60.56 29.67
N HIS I 1703 -37.77 -61.80 30.04
CA HIS I 1703 -37.50 -62.31 31.38
C HIS I 1703 -36.86 -63.68 31.29
N ALA I 1704 -36.13 -64.06 32.31
CA ALA I 1704 -35.59 -65.38 32.39
C ALA I 1704 -36.75 -66.33 32.67
N PRO I 1705 -36.50 -67.64 32.62
CA PRO I 1705 -37.56 -68.60 32.97
C PRO I 1705 -37.81 -68.71 34.47
N TYR I 1706 -37.04 -68.00 35.27
CA TYR I 1706 -37.27 -67.97 36.69
C TYR I 1706 -37.37 -66.53 37.09
N THR I 1707 -37.97 -66.28 38.25
CA THR I 1707 -38.04 -64.93 38.76
C THR I 1707 -36.77 -64.67 39.56
N ASP I 1708 -36.54 -63.42 39.95
CA ASP I 1708 -35.37 -63.09 40.75
C ASP I 1708 -35.48 -63.65 42.14
N GLU I 1709 -36.69 -63.86 42.66
CA GLU I 1709 -36.84 -64.49 43.97
C GLU I 1709 -36.55 -65.98 43.92
N LEU I 1710 -36.74 -66.61 42.77
CA LEU I 1710 -36.57 -68.04 42.59
C LEU I 1710 -35.24 -68.40 41.94
N GLU I 1711 -34.38 -67.42 41.67
CA GLU I 1711 -33.19 -67.64 40.85
C GLU I 1711 -32.20 -68.58 41.54
N GLU I 1712 -31.86 -68.27 42.79
CA GLU I 1712 -30.87 -69.09 43.48
C GLU I 1712 -31.39 -70.51 43.73
N ASP I 1713 -32.69 -70.66 43.97
CA ASP I 1713 -33.25 -71.99 44.15
C ASP I 1713 -33.12 -72.81 42.87
N VAL I 1714 -33.39 -72.21 41.71
CA VAL I 1714 -33.19 -72.91 40.45
C VAL I 1714 -31.72 -73.27 40.28
N TYR I 1715 -30.82 -72.34 40.59
CA TYR I 1715 -29.39 -72.61 40.44
C TYR I 1715 -28.94 -73.76 41.32
N LEU I 1716 -29.50 -73.88 42.51
CA LEU I 1716 -29.03 -74.87 43.49
C LEU I 1716 -29.80 -76.18 43.43
N ASP I 1717 -30.76 -76.33 42.51
CA ASP I 1717 -31.52 -77.56 42.36
C ASP I 1717 -31.23 -78.19 41.00
N PRO I 1718 -30.40 -79.22 40.94
CA PRO I 1718 -30.05 -79.79 39.62
C PRO I 1718 -31.21 -80.43 38.89
N LEU I 1719 -32.28 -80.80 39.60
CA LEU I 1719 -33.41 -81.49 39.00
C LEU I 1719 -34.54 -80.57 38.66
N ALA I 1720 -34.34 -79.30 38.87
CA ALA I 1720 -35.37 -78.31 38.54
C ALA I 1720 -35.62 -78.20 37.02
N ARG I 1721 -36.89 -78.20 36.60
CA ARG I 1721 -37.25 -78.11 35.18
C ARG I 1721 -38.40 -77.16 34.97
N VAL I 1722 -38.49 -76.55 33.80
CA VAL I 1722 -39.58 -75.64 33.48
C VAL I 1722 -40.81 -76.45 33.10
N SER I 1723 -41.98 -75.86 33.30
CA SER I 1723 -43.24 -76.41 32.84
C SER I 1723 -44.08 -75.30 32.24
N LYS I 1724 -45.02 -75.66 31.38
CA LYS I 1724 -45.91 -74.68 30.79
C LYS I 1724 -46.72 -74.00 31.87
N ASP I 1725 -46.74 -72.67 31.85
CA ASP I 1725 -47.43 -71.90 32.87
C ASP I 1725 -48.87 -71.64 32.41
N LYS I 1727 -51.63 -70.03 32.57
CA LYS I 1727 -51.95 -68.62 32.57
C LYS I 1727 -51.24 -67.90 31.41
N SER I 1728 -49.95 -67.64 31.59
CA SER I 1728 -49.19 -66.96 30.54
C SER I 1728 -48.98 -67.85 29.32
N GLY I 1729 -48.82 -69.15 29.54
CA GLY I 1729 -48.58 -70.07 28.46
C GLY I 1729 -47.13 -70.23 28.05
N SER I 1730 -46.21 -69.62 28.78
CA SER I 1730 -44.78 -69.75 28.51
C SER I 1730 -44.14 -70.73 29.48
N LEU I 1731 -42.88 -71.04 29.22
CA LEU I 1731 -42.14 -72.00 30.05
C LEU I 1731 -41.43 -71.27 31.18
N THR I 1732 -41.75 -71.65 32.40
CA THR I 1732 -41.15 -71.04 33.56
C THR I 1732 -40.94 -72.06 34.65
N PHE I 1733 -40.17 -71.69 35.64
CA PHE I 1733 -39.98 -72.55 36.78
C PHE I 1733 -41.05 -72.27 37.81
N ASN I 1734 -41.58 -73.32 38.40
CA ASN I 1734 -42.60 -73.21 39.42
C ASN I 1734 -42.02 -73.65 40.75
N SER I 1735 -42.35 -72.90 41.82
CA SER I 1735 -41.79 -73.20 43.14
C SER I 1735 -42.14 -74.61 43.60
N LYS I 1736 -43.24 -75.18 43.12
CA LYS I 1736 -43.62 -76.52 43.55
C LYS I 1736 -42.70 -77.58 42.93
N ASN I 1737 -41.92 -77.20 41.94
CA ASN I 1737 -41.07 -78.16 41.25
C ASN I 1737 -39.59 -77.99 41.60
N ILE I 1738 -39.29 -77.29 42.67
CA ILE I 1738 -37.91 -77.00 43.07
C ILE I 1738 -37.65 -77.62 44.43
N GLN I 1739 -36.61 -78.44 44.53
CA GLN I 1739 -36.26 -79.15 45.76
C GLN I 1739 -37.44 -79.95 46.28
N SER I 1740 -38.16 -80.60 45.37
CA SER I 1740 -39.31 -81.41 45.70
C SER I 1740 -38.96 -82.90 45.56
N LYS I 1741 -39.68 -83.72 46.32
CA LYS I 1741 -39.43 -85.16 46.32
C LYS I 1741 -39.88 -85.82 45.02
N ASP I 1742 -40.85 -85.25 44.32
CA ASP I 1742 -41.29 -85.84 43.07
C ASP I 1742 -40.20 -85.82 42.01
N SER I 1743 -39.36 -84.79 42.02
CA SER I 1743 -38.29 -84.66 41.04
C SER I 1743 -37.29 -85.78 41.15
N TYR I 1744 -37.14 -86.31 42.37
CA TYR I 1744 -36.18 -87.39 42.61
C TYR I 1744 -36.85 -88.74 42.41
N SER J 5 -133.84 6.66 -3.37
CA SER J 5 -133.14 7.94 -3.18
C SER J 5 -132.01 7.79 -2.16
N THR J 6 -130.81 7.55 -2.65
CA THR J 6 -129.64 7.42 -1.80
C THR J 6 -128.44 8.06 -2.48
N ARG J 7 -127.52 8.58 -1.65
CA ARG J 7 -126.29 9.17 -2.13
C ARG J 7 -125.12 8.40 -1.51
N PRO J 8 -124.29 7.74 -2.31
CA PRO J 8 -123.25 6.88 -1.74
C PRO J 8 -122.27 7.66 -0.88
N LEU J 9 -122.19 7.30 0.38
CA LEU J 9 -121.20 7.83 1.30
C LEU J 9 -119.99 6.90 1.32
N THR J 10 -118.92 7.35 1.97
CA THR J 10 -117.70 6.55 2.04
C THR J 10 -117.03 6.74 3.40
N LEU J 11 -116.94 5.65 4.15
CA LEU J 11 -116.08 5.57 5.32
C LEU J 11 -114.78 4.89 4.89
N SER J 12 -113.66 5.61 5.01
CA SER J 12 -112.42 5.20 4.37
C SER J 12 -111.29 5.14 5.39
N HIS J 13 -110.36 4.21 5.14
CA HIS J 13 -109.14 4.13 5.93
C HIS J 13 -108.10 3.42 5.05
N GLY J 14 -107.21 4.20 4.44
CA GLY J 14 -106.18 3.62 3.59
C GLY J 14 -106.78 2.79 2.48
N SER J 15 -106.17 1.62 2.23
CA SER J 15 -106.66 0.69 1.21
C SER J 15 -107.78 -0.17 1.79
N LEU J 16 -108.79 0.52 2.32
CA LEU J 16 -109.89 -0.14 3.03
C LEU J 16 -111.03 0.86 3.15
N GLU J 17 -112.19 0.52 2.60
CA GLU J 17 -113.30 1.45 2.56
C GLU J 17 -114.62 0.69 2.50
N HIS J 18 -115.69 1.40 2.84
CA HIS J 18 -117.04 0.85 2.78
C HIS J 18 -118.01 2.01 2.60
N VAL J 19 -119.02 1.80 1.76
CA VAL J 19 -119.95 2.85 1.37
C VAL J 19 -121.30 2.58 2.01
N LEU J 20 -121.84 3.59 2.71
CA LEU J 20 -123.17 3.54 3.26
C LEU J 20 -124.12 4.27 2.33
N LEU J 21 -125.18 3.57 1.88
CA LEU J 21 -126.17 4.16 0.99
C LEU J 21 -127.21 4.87 1.87
N VAL J 22 -126.84 6.05 2.36
CA VAL J 22 -127.71 6.84 3.22
C VAL J 22 -128.85 7.41 2.38
N PRO J 23 -130.07 7.48 2.90
CA PRO J 23 -131.14 8.15 2.15
C PRO J 23 -130.82 9.62 1.94
N THR J 24 -131.29 10.16 0.82
CA THR J 24 -130.95 11.54 0.45
C THR J 24 -131.40 12.55 1.50
N ALA J 25 -132.37 12.20 2.34
CA ALA J 25 -132.85 13.15 3.33
C ALA J 25 -131.78 13.49 4.36
N SER J 26 -131.02 12.49 4.81
CA SER J 26 -130.08 12.66 5.91
C SER J 26 -128.62 12.58 5.46
N PHE J 27 -128.36 12.78 4.17
CA PHE J 27 -126.99 12.69 3.67
C PHE J 27 -126.10 13.76 4.31
N PHE J 28 -126.66 14.95 4.56
CA PHE J 28 -125.88 16.01 5.18
C PHE J 28 -125.43 15.63 6.59
N ILE J 29 -126.34 15.07 7.39
CA ILE J 29 -125.97 14.62 8.73
C ILE J 29 -124.95 13.49 8.66
N ALA J 30 -125.18 12.55 7.75
CA ALA J 30 -124.24 11.45 7.59
C ALA J 30 -122.84 11.96 7.25
N SER J 31 -122.76 12.93 6.34
CA SER J 31 -121.47 13.50 5.95
C SER J 31 -120.82 14.27 7.09
N GLN J 32 -121.62 15.00 7.89
CA GLN J 32 -121.05 15.70 9.03
C GLN J 32 -120.42 14.73 10.01
N LEU J 33 -121.16 13.68 10.39
CA LEU J 33 -120.61 12.69 11.30
C LEU J 33 -119.42 11.96 10.67
N GLN J 34 -119.45 11.75 9.36
CA GLN J 34 -118.32 11.12 8.69
C GLN J 34 -117.08 11.98 8.74
N GLU J 35 -117.23 13.29 8.56
CA GLU J 35 -116.07 14.18 8.66
C GLU J 35 -115.50 14.16 10.07
N GLN J 36 -116.37 14.21 11.08
CA GLN J 36 -115.88 14.12 12.44
C GLN J 36 -115.15 12.79 12.68
N PHE J 37 -115.72 11.69 12.20
CA PHE J 37 -115.08 10.38 12.36
C PHE J 37 -113.75 10.32 11.63
N ASN J 38 -113.67 10.95 10.46
CA ASN J 38 -112.39 11.06 9.76
C ASN J 38 -111.38 11.77 10.63
N LYS J 39 -111.81 12.80 11.36
CA LYS J 39 -110.91 13.41 12.34
C LYS J 39 -110.49 12.39 13.40
N ILE J 40 -111.44 11.59 13.88
CA ILE J 40 -111.14 10.67 14.99
C ILE J 40 -110.31 9.49 14.49
N LEU J 41 -110.68 8.91 13.35
CA LEU J 41 -110.01 7.71 12.87
C LEU J 41 -108.54 8.02 12.59
N PRO J 42 -107.59 7.48 13.36
CA PRO J 42 -106.20 7.87 13.19
C PRO J 42 -105.66 7.46 11.82
N GLU J 43 -104.61 8.15 11.39
CA GLU J 43 -104.01 7.94 10.08
C GLU J 43 -103.53 6.50 9.94
N PRO J 44 -103.58 5.92 8.74
CA PRO J 44 -103.28 4.50 8.58
C PRO J 44 -101.77 4.21 8.53
N THR J 45 -101.46 2.92 8.55
CA THR J 45 -100.09 2.42 8.42
C THR J 45 -100.13 1.16 7.57
N GLU J 46 -98.96 0.56 7.37
CA GLU J 46 -98.84 -0.63 6.53
C GLU J 46 -99.51 -1.81 7.25
N GLY J 47 -100.67 -2.22 6.74
CA GLY J 47 -101.43 -3.31 7.33
C GLY J 47 -102.35 -2.90 8.45
N PHE J 48 -102.32 -1.62 8.84
CA PHE J 48 -103.16 -1.12 9.93
C PHE J 48 -102.88 -1.84 11.24
N ALA J 49 -101.65 -2.34 11.39
CA ALA J 49 -101.27 -3.13 12.56
C ALA J 49 -100.79 -2.24 13.71
N ALA J 50 -101.60 -1.27 14.08
CA ALA J 50 -101.32 -0.41 15.23
C ALA J 50 -102.61 -0.23 16.02
N ASP J 51 -102.46 0.20 17.27
CA ASP J 51 -103.61 0.33 18.14
C ASP J 51 -104.57 1.41 17.62
N ASP J 52 -105.87 1.13 17.75
CA ASP J 52 -106.94 2.07 17.46
C ASP J 52 -107.15 2.31 15.97
N GLU J 53 -106.89 1.32 15.11
CA GLU J 53 -107.21 1.44 13.70
C GLU J 53 -107.79 0.12 13.20
N PRO J 54 -108.77 0.19 12.28
CA PRO J 54 -109.37 -1.04 11.78
C PRO J 54 -108.42 -1.83 10.90
N THR J 55 -108.70 -3.14 10.81
CA THR J 55 -108.01 -4.02 9.88
C THR J 55 -108.96 -4.62 8.84
N THR J 56 -110.25 -4.36 8.97
CA THR J 56 -111.27 -4.92 8.09
C THR J 56 -112.41 -3.92 7.99
N PRO J 57 -113.11 -3.86 6.85
CA PRO J 57 -114.22 -2.90 6.75
C PRO J 57 -115.26 -3.06 7.84
N ALA J 58 -115.56 -4.28 8.26
CA ALA J 58 -116.49 -4.48 9.36
C ALA J 58 -116.01 -3.76 10.61
N GLU J 59 -114.71 -3.84 10.90
CA GLU J 59 -114.16 -3.15 12.07
C GLU J 59 -114.38 -1.65 11.98
N LEU J 60 -114.15 -1.09 10.79
CA LEU J 60 -114.29 0.36 10.62
C LEU J 60 -115.74 0.80 10.74
N VAL J 61 -116.67 0.03 10.16
CA VAL J 61 -118.07 0.38 10.28
C VAL J 61 -118.52 0.26 11.74
N GLY J 62 -118.01 -0.73 12.46
CA GLY J 62 -118.32 -0.83 13.88
C GLY J 62 -117.74 0.32 14.68
N LYS J 63 -116.55 0.78 14.29
CA LYS J 63 -115.95 1.94 14.96
C LYS J 63 -116.81 3.18 14.74
N PHE J 64 -117.30 3.37 13.51
CA PHE J 64 -118.23 4.47 13.27
C PHE J 64 -119.53 4.30 14.04
N LEU J 65 -120.02 3.05 14.15
CA LEU J 65 -121.20 2.80 14.97
C LEU J 65 -120.97 3.25 16.40
N GLY J 66 -119.82 2.89 16.97
CA GLY J 66 -119.52 3.33 18.33
C GLY J 66 -119.42 4.84 18.44
N TYR J 67 -118.78 5.48 17.46
CA TYR J 67 -118.63 6.93 17.50
C TYR J 67 -119.99 7.60 17.52
N VAL J 68 -120.91 7.17 16.64
CA VAL J 68 -122.23 7.76 16.60
C VAL J 68 -123.02 7.42 17.86
N SER J 69 -122.86 6.21 18.40
CA SER J 69 -123.57 5.84 19.62
C SER J 69 -123.13 6.70 20.79
N SER J 70 -121.86 7.10 20.81
CA SER J 70 -121.40 8.00 21.87
C SER J 70 -122.10 9.34 21.79
N LEU J 71 -122.28 9.88 20.58
CA LEU J 71 -122.95 11.17 20.43
C LEU J 71 -124.43 11.11 20.78
N VAL J 72 -125.11 10.01 20.41
CA VAL J 72 -126.52 9.88 20.77
C VAL J 72 -126.66 9.79 22.28
N GLU J 73 -127.79 10.27 22.77
CA GLU J 73 -128.08 10.28 24.20
C GLU J 73 -129.37 9.50 24.43
N PRO J 74 -129.35 8.40 25.19
CA PRO J 74 -130.59 7.67 25.42
C PRO J 74 -131.62 8.54 26.12
N SER J 75 -132.89 8.31 25.77
CA SER J 75 -134.02 9.15 26.18
C SER J 75 -134.27 10.20 25.12
N LYS J 76 -134.81 11.36 25.52
CA LYS J 76 -135.12 12.41 24.57
C LYS J 76 -133.89 12.79 23.76
N VAL J 77 -133.95 12.52 22.45
CA VAL J 77 -132.82 12.79 21.56
C VAL J 77 -133.36 12.80 20.13
N GLY J 78 -132.85 13.72 19.33
CA GLY J 78 -133.22 13.80 17.93
C GLY J 78 -132.03 13.88 16.99
N GLN J 79 -130.86 14.21 17.54
CA GLN J 79 -129.70 14.56 16.72
C GLN J 79 -129.31 13.45 15.74
N PHE J 80 -128.88 12.30 16.28
CA PHE J 80 -128.24 11.27 15.47
C PHE J 80 -128.88 9.90 15.62
N ASP J 81 -130.15 9.82 16.02
CA ASP J 81 -130.81 8.52 16.12
C ASP J 81 -131.00 7.89 14.75
N GLN J 82 -131.43 8.69 13.77
CA GLN J 82 -131.75 8.13 12.46
C GLN J 82 -130.50 7.57 11.78
N VAL J 83 -129.41 8.34 11.80
CA VAL J 83 -128.18 7.87 11.18
C VAL J 83 -127.67 6.62 11.88
N LEU J 84 -127.78 6.59 13.21
CA LEU J 84 -127.38 5.41 13.97
C LEU J 84 -128.17 4.19 13.51
N ASN J 85 -129.48 4.32 13.41
CA ASN J 85 -130.31 3.19 13.01
C ASN J 85 -129.98 2.74 11.60
N LEU J 86 -129.76 3.70 10.69
CA LEU J 86 -129.45 3.35 9.30
C LEU J 86 -128.15 2.57 9.23
N CYS J 87 -127.09 3.06 9.89
CA CYS J 87 -125.82 2.35 9.83
C CYS J 87 -125.89 1.02 10.58
N LEU J 88 -126.74 0.94 11.61
CA LEU J 88 -126.92 -0.33 12.31
C LEU J 88 -127.53 -1.37 11.38
N THR J 89 -128.60 -1.01 10.68
CA THR J 89 -129.19 -1.93 9.72
C THR J 89 -128.21 -2.29 8.61
N GLU J 90 -127.45 -1.30 8.14
CA GLU J 90 -126.44 -1.58 7.12
C GLU J 90 -125.42 -2.59 7.61
N PHE J 91 -124.92 -2.41 8.83
CA PHE J 91 -123.95 -3.34 9.39
C PHE J 91 -124.55 -4.73 9.54
N GLU J 92 -125.77 -4.82 10.06
CA GLU J 92 -126.40 -6.13 10.24
C GLU J 92 -126.58 -6.83 8.91
N ASN J 93 -126.99 -6.10 7.88
CA ASN J 93 -127.26 -6.72 6.58
C ASN J 93 -125.97 -7.09 5.85
N CYS J 94 -124.90 -6.32 6.03
CA CYS J 94 -123.69 -6.51 5.25
C CYS J 94 -122.65 -7.38 5.93
N TYR J 95 -122.71 -7.53 7.26
CA TYR J 95 -121.65 -8.24 7.97
C TYR J 95 -122.16 -9.35 8.87
N LEU J 96 -123.29 -9.16 9.55
CA LEU J 96 -123.77 -10.12 10.53
C LEU J 96 -124.71 -11.16 9.93
N GLU J 97 -125.02 -11.06 8.63
CA GLU J 97 -126.07 -11.89 8.04
C GLU J 97 -127.24 -11.99 9.00
N GLY J 98 -127.64 -13.20 9.38
CA GLY J 98 -128.63 -13.38 10.42
C GLY J 98 -128.02 -13.91 11.70
N ASN J 99 -126.69 -13.92 11.76
CA ASN J 99 -125.96 -14.53 12.87
C ASN J 99 -125.76 -13.53 14.00
N ASP J 100 -124.94 -13.90 14.99
CA ASP J 100 -124.67 -13.04 16.12
C ASP J 100 -123.36 -12.31 15.97
N ILE J 101 -123.12 -11.35 16.83
CA ILE J 101 -121.91 -10.54 16.75
C ILE J 101 -120.68 -11.39 17.05
N HIS J 102 -120.78 -12.32 18.00
CA HIS J 102 -119.63 -13.15 18.34
C HIS J 102 -119.24 -14.07 17.18
N ALA J 103 -120.20 -14.50 16.37
CA ALA J 103 -119.86 -15.27 15.18
C ALA J 103 -119.01 -14.44 14.22
N LEU J 104 -119.38 -13.18 14.03
CA LEU J 104 -118.57 -12.28 13.20
C LEU J 104 -117.19 -12.07 13.82
N ALA J 105 -117.14 -11.94 15.15
CA ALA J 105 -115.86 -11.78 15.83
C ALA J 105 -114.95 -12.97 15.59
N ALA J 106 -115.49 -14.18 15.72
CA ALA J 106 -114.70 -15.38 15.47
C ALA J 106 -114.26 -15.45 14.01
N LYS J 107 -115.16 -15.08 13.09
CA LYS J 107 -114.80 -15.09 11.67
C LYS J 107 -113.64 -14.15 11.40
N LEU J 108 -113.70 -12.93 11.93
CA LEU J 108 -112.63 -11.97 11.70
C LEU J 108 -111.35 -12.34 12.44
N LEU J 109 -111.47 -13.10 13.53
CA LEU J 109 -110.28 -13.56 14.23
C LEU J 109 -109.60 -14.72 13.50
N GLN J 110 -110.36 -15.54 12.78
CA GLN J 110 -109.81 -16.73 12.13
C GLN J 110 -109.47 -16.51 10.68
N GLU J 111 -110.43 -16.10 9.85
CA GLU J 111 -110.20 -15.99 8.42
C GLU J 111 -109.51 -14.69 8.02
N ASN J 112 -109.41 -13.72 8.92
CA ASN J 112 -108.77 -12.44 8.61
C ASN J 112 -107.65 -12.17 9.60
N ASP J 113 -107.06 -10.96 9.53
CA ASP J 113 -105.96 -10.55 10.40
C ASP J 113 -106.48 -9.46 11.33
N THR J 114 -107.04 -9.87 12.47
CA THR J 114 -107.53 -8.96 13.49
C THR J 114 -107.13 -9.49 14.86
N THR J 115 -106.71 -8.58 15.73
CA THR J 115 -106.33 -8.97 17.07
C THR J 115 -107.57 -9.23 17.93
N LEU J 116 -107.36 -9.87 19.08
CA LEU J 116 -108.47 -10.13 19.98
C LEU J 116 -109.02 -8.85 20.56
N VAL J 117 -108.16 -7.86 20.80
CA VAL J 117 -108.60 -6.60 21.38
C VAL J 117 -109.52 -5.85 20.41
N LYS J 118 -109.14 -5.82 19.13
CA LYS J 118 -109.96 -5.11 18.14
C LYS J 118 -111.32 -5.75 17.99
N THR J 119 -111.39 -7.09 17.97
CA THR J 119 -112.68 -7.74 17.84
C THR J 119 -113.53 -7.58 19.10
N LYS J 120 -112.91 -7.60 20.28
CA LYS J 120 -113.66 -7.28 21.49
C LYS J 120 -114.22 -5.86 21.41
N GLU J 121 -113.43 -4.93 20.87
CA GLU J 121 -113.90 -3.56 20.69
C GLU J 121 -115.08 -3.52 19.73
N LEU J 122 -115.02 -4.31 18.66
CA LEU J 122 -116.14 -4.36 17.71
C LEU J 122 -117.40 -4.88 18.38
N ILE J 123 -117.28 -5.94 19.18
CA ILE J 123 -118.45 -6.46 19.90
C ILE J 123 -119.01 -5.39 20.81
N LYS J 124 -118.13 -4.71 21.55
CA LYS J 124 -118.55 -3.65 22.46
C LYS J 124 -119.30 -2.56 21.71
N ASN J 125 -118.76 -2.13 20.57
CA ASN J 125 -119.40 -1.08 19.79
C ASN J 125 -120.77 -1.51 19.30
N TYR J 126 -120.87 -2.72 18.75
CA TYR J 126 -122.15 -3.17 18.22
C TYR J 126 -123.21 -3.23 19.31
N ILE J 127 -122.85 -3.80 20.46
CA ILE J 127 -123.86 -3.96 21.52
C ILE J 127 -124.23 -2.61 22.11
N THR J 128 -123.24 -1.72 22.29
CA THR J 128 -123.54 -0.39 22.80
C THR J 128 -124.46 0.37 21.85
N ALA J 129 -124.21 0.29 20.55
CA ALA J 129 -125.07 0.95 19.58
C ALA J 129 -126.47 0.35 19.59
N ARG J 130 -126.57 -0.98 19.70
CA ARG J 130 -127.87 -1.61 19.75
C ARG J 130 -128.69 -1.10 20.93
N ILE J 131 -128.07 -1.02 22.11
CA ILE J 131 -128.84 -0.56 23.26
C ILE J 131 -129.11 0.94 23.19
N MET J 132 -128.16 1.72 22.66
CA MET J 132 -128.36 3.16 22.57
C MET J 132 -129.53 3.51 21.66
N ALA J 133 -129.66 2.77 20.56
CA ALA J 133 -130.75 3.00 19.61
C ALA J 133 -132.09 2.47 20.10
N LYS J 134 -132.19 2.07 21.37
CA LYS J 134 -133.41 1.46 21.89
C LYS J 134 -133.80 0.21 21.10
N ARG J 135 -132.79 -0.58 20.74
CA ARG J 135 -133.01 -1.86 20.06
C ARG J 135 -132.59 -2.99 21.00
N PRO J 136 -133.36 -3.26 22.05
CA PRO J 136 -132.95 -4.27 23.02
C PRO J 136 -132.90 -5.65 22.40
N PHE J 137 -132.08 -6.52 22.98
CA PHE J 137 -132.00 -7.92 22.57
C PHE J 137 -133.18 -8.70 23.15
N ASP J 138 -134.38 -8.20 22.84
CA ASP J 138 -135.61 -8.72 23.41
C ASP J 138 -136.25 -9.80 22.57
N LYS J 139 -135.62 -10.19 21.46
CA LYS J 139 -136.11 -11.26 20.61
C LYS J 139 -135.30 -12.52 20.87
N LYS J 140 -135.99 -13.63 21.16
CA LYS J 140 -135.29 -14.87 21.45
C LYS J 140 -134.42 -15.27 20.27
N SER J 141 -133.25 -15.80 20.59
CA SER J 141 -132.25 -16.10 19.58
C SER J 141 -132.66 -17.32 18.75
N ASN J 142 -131.92 -17.55 17.67
CA ASN J 142 -132.03 -18.77 16.87
C ASN J 142 -130.79 -19.64 17.02
N SER J 143 -130.15 -19.59 18.19
CA SER J 143 -128.96 -20.38 18.44
C SER J 143 -129.22 -21.85 18.15
N ALA J 144 -128.31 -22.47 17.40
CA ALA J 144 -128.45 -23.87 17.07
C ALA J 144 -128.46 -24.75 18.32
N LEU J 145 -127.61 -24.40 19.29
CA LEU J 145 -127.53 -25.19 20.52
C LEU J 145 -128.87 -25.22 21.25
N PHE J 146 -129.50 -24.05 21.42
CA PHE J 146 -130.73 -24.00 22.19
C PHE J 146 -131.95 -24.44 21.38
N ARG J 147 -131.85 -24.44 20.04
CA ARG J 147 -132.87 -25.10 19.24
C ARG J 147 -132.78 -26.62 19.38
N ALA J 148 -131.54 -27.15 19.37
CA ALA J 148 -131.34 -28.57 19.60
C ALA J 148 -131.84 -28.98 20.97
N VAL J 149 -131.57 -28.17 21.99
CA VAL J 149 -132.08 -28.47 23.32
C VAL J 149 -133.60 -28.52 23.29
N GLY J 150 -134.23 -27.57 22.61
CA GLY J 150 -135.68 -27.56 22.54
C GLY J 150 -136.24 -28.80 21.88
N GLU J 151 -135.64 -29.24 20.78
CA GLU J 151 -136.14 -30.43 20.09
C GLU J 151 -135.65 -31.72 20.71
N GLY J 152 -134.79 -31.67 21.73
CA GLY J 152 -134.33 -32.84 22.43
C GLY J 152 -133.02 -33.42 21.96
N ASN J 153 -132.32 -32.76 21.04
CA ASN J 153 -131.07 -33.28 20.51
C ASN J 153 -129.85 -32.90 21.35
N ALA J 154 -130.04 -32.19 22.46
CA ALA J 154 -128.91 -31.79 23.29
C ALA J 154 -129.37 -31.64 24.73
N GLN J 155 -128.46 -31.93 25.66
CA GLN J 155 -128.68 -31.73 27.08
C GLN J 155 -127.54 -30.88 27.64
N LEU J 156 -127.90 -29.84 28.38
CA LEU J 156 -126.93 -28.87 28.87
C LEU J 156 -126.82 -28.94 30.38
N VAL J 157 -125.58 -28.94 30.87
CA VAL J 157 -125.28 -28.81 32.28
C VAL J 157 -124.32 -27.63 32.44
N ALA J 158 -124.64 -26.75 33.38
CA ALA J 158 -123.80 -25.58 33.65
C ALA J 158 -122.87 -25.87 34.81
N ILE J 159 -121.59 -25.57 34.64
CA ILE J 159 -120.58 -25.75 35.67
C ILE J 159 -119.94 -24.40 35.95
N PHE J 160 -119.54 -24.18 37.20
CA PHE J 160 -118.97 -22.93 37.65
C PHE J 160 -117.66 -23.19 38.37
N GLY J 161 -116.64 -22.42 38.03
CA GLY J 161 -115.32 -22.60 38.60
C GLY J 161 -115.17 -21.97 39.96
N GLY J 162 -113.95 -22.01 40.47
CA GLY J 162 -113.63 -21.46 41.78
C GLY J 162 -112.26 -20.85 41.78
N GLN J 163 -111.52 -21.04 42.87
CA GLN J 163 -110.20 -20.47 43.02
C GLN J 163 -109.15 -21.36 42.38
N GLY J 164 -107.99 -20.77 42.09
CA GLY J 164 -106.83 -21.49 41.63
C GLY J 164 -106.70 -21.61 40.12
N ASN J 165 -107.69 -21.15 39.36
CA ASN J 165 -107.64 -21.31 37.91
C ASN J 165 -106.74 -20.29 37.24
N THR J 166 -106.67 -19.06 37.78
CA THR J 166 -105.90 -18.01 37.13
C THR J 166 -105.27 -17.12 38.20
N ASP J 167 -104.25 -16.37 37.77
CA ASP J 167 -103.58 -15.45 38.68
C ASP J 167 -104.21 -14.05 38.66
N ASP J 168 -104.87 -13.68 37.56
CA ASP J 168 -105.52 -12.37 37.43
C ASP J 168 -106.97 -12.57 36.95
N TYR J 169 -107.86 -12.81 37.91
CA TYR J 169 -109.29 -12.86 37.60
C TYR J 169 -109.89 -11.47 37.45
N PHE J 170 -109.35 -10.49 38.18
CA PHE J 170 -109.87 -9.13 38.05
C PHE J 170 -109.66 -8.58 36.65
N GLU J 171 -108.75 -9.15 35.89
CA GLU J 171 -108.63 -8.75 34.51
C GLU J 171 -109.86 -9.26 33.77
N GLU J 172 -110.32 -10.48 34.10
CA GLU J 172 -111.55 -10.98 33.50
C GLU J 172 -112.74 -10.08 33.86
N LEU J 173 -112.80 -9.62 35.11
CA LEU J 173 -113.86 -8.69 35.48
C LEU J 173 -113.75 -7.37 34.71
N ARG J 174 -112.55 -6.88 34.49
CA ARG J 174 -112.39 -5.67 33.71
C ARG J 174 -112.83 -5.88 32.28
N ASP J 175 -112.51 -7.04 31.70
CA ASP J 175 -112.98 -7.34 30.35
C ASP J 175 -114.51 -7.33 30.32
N LEU J 176 -115.14 -7.95 31.31
CA LEU J 176 -116.60 -7.93 31.37
C LEU J 176 -117.14 -6.52 31.48
N TYR J 177 -116.54 -5.68 32.32
CA TYR J 177 -117.04 -4.33 32.55
C TYR J 177 -116.85 -3.45 31.33
N GLN J 178 -115.77 -3.65 30.57
CA GLN J 178 -115.52 -2.83 29.39
C GLN J 178 -116.34 -3.30 28.19
N THR J 179 -116.21 -4.58 27.82
CA THR J 179 -116.83 -5.06 26.60
C THR J 179 -118.36 -5.02 26.69
N TYR J 180 -118.92 -5.55 27.76
CA TYR J 180 -120.37 -5.68 27.92
C TYR J 180 -120.91 -4.75 29.00
N HIS J 181 -120.37 -3.53 29.07
CA HIS J 181 -120.80 -2.59 30.09
C HIS J 181 -122.31 -2.42 30.10
N VAL J 182 -122.93 -2.41 28.91
CA VAL J 182 -124.35 -2.10 28.84
C VAL J 182 -125.23 -3.23 29.38
N LEU J 183 -124.72 -4.46 29.45
CA LEU J 183 -125.49 -5.60 29.92
C LEU J 183 -125.26 -5.88 31.41
N VAL J 184 -124.02 -5.77 31.88
CA VAL J 184 -123.66 -6.17 33.24
C VAL J 184 -123.26 -5.00 34.11
N GLY J 185 -123.37 -3.76 33.61
CA GLY J 185 -122.99 -2.62 34.42
C GLY J 185 -123.89 -2.45 35.63
N ASP J 186 -125.20 -2.60 35.43
CA ASP J 186 -126.13 -2.53 36.55
C ASP J 186 -125.86 -3.64 37.55
N LEU J 187 -125.58 -4.84 37.06
CA LEU J 187 -125.29 -5.96 37.96
C LEU J 187 -124.05 -5.68 38.79
N ILE J 188 -122.99 -5.18 38.17
CA ILE J 188 -121.76 -4.92 38.90
C ILE J 188 -121.93 -3.75 39.87
N LYS J 189 -122.70 -2.74 39.47
CA LYS J 189 -122.99 -1.64 40.39
C LYS J 189 -123.75 -2.15 41.62
N PHE J 190 -124.75 -3.00 41.39
CA PHE J 190 -125.50 -3.56 42.51
C PHE J 190 -124.61 -4.42 43.40
N SER J 191 -123.71 -5.20 42.80
CA SER J 191 -122.81 -6.03 43.57
C SER J 191 -121.87 -5.18 44.42
N ALA J 192 -121.33 -4.10 43.84
CA ALA J 192 -120.44 -3.23 44.59
C ALA J 192 -121.18 -2.58 45.75
N GLU J 193 -122.40 -2.10 45.51
CA GLU J 193 -123.18 -1.50 46.57
C GLU J 193 -123.45 -2.52 47.68
N THR J 194 -123.82 -3.75 47.29
CA THR J 194 -124.12 -4.78 48.28
C THR J 194 -122.90 -5.12 49.12
N LEU J 195 -121.74 -5.24 48.48
CA LEU J 195 -120.52 -5.58 49.22
C LEU J 195 -120.11 -4.45 50.14
N SER J 196 -120.23 -3.20 49.68
CA SER J 196 -119.93 -2.07 50.55
C SER J 196 -120.85 -2.06 51.76
N GLU J 197 -122.14 -2.32 51.55
CA GLU J 197 -123.08 -2.37 52.67
C GLU J 197 -122.73 -3.50 53.63
N LEU J 198 -122.38 -4.68 53.09
CA LEU J 198 -122.04 -5.82 53.93
C LEU J 198 -120.82 -5.51 54.77
N ILE J 199 -119.82 -4.85 54.20
CA ILE J 199 -118.66 -4.42 54.96
C ILE J 199 -119.06 -3.42 56.03
N ARG J 200 -119.92 -2.47 55.68
CA ARG J 200 -120.28 -1.39 56.58
C ARG J 200 -121.22 -1.85 57.69
N THR J 201 -121.73 -3.08 57.58
CA THR J 201 -122.65 -3.57 58.60
C THR J 201 -122.15 -4.83 59.31
N THR J 202 -120.91 -5.25 59.08
CA THR J 202 -120.33 -6.40 59.77
C THR J 202 -119.27 -5.88 60.74
N LEU J 203 -119.25 -6.43 61.96
CA LEU J 203 -118.58 -5.83 63.10
C LEU J 203 -117.18 -5.31 62.78
N ASP J 204 -116.26 -6.19 62.42
CA ASP J 204 -114.87 -5.83 62.15
C ASP J 204 -114.44 -6.22 60.75
N ALA J 205 -115.38 -6.21 59.80
CA ALA J 205 -115.04 -6.57 58.43
C ALA J 205 -114.01 -5.61 57.84
N GLU J 206 -114.03 -4.35 58.27
CA GLU J 206 -113.11 -3.37 57.69
C GLU J 206 -111.65 -3.71 57.97
N LYS J 207 -111.38 -4.60 58.92
CA LYS J 207 -109.99 -4.98 59.20
C LYS J 207 -109.44 -5.90 58.11
N VAL J 208 -110.24 -6.86 57.64
CA VAL J 208 -109.77 -7.74 56.58
C VAL J 208 -109.64 -6.97 55.27
N PHE J 209 -110.51 -5.98 55.07
CA PHE J 209 -110.46 -5.14 53.87
C PHE J 209 -109.60 -3.91 54.14
N THR J 210 -108.29 -4.16 54.23
CA THR J 210 -107.36 -3.09 54.61
C THR J 210 -107.37 -1.96 53.59
N GLN J 211 -107.43 -2.30 52.30
CA GLN J 211 -107.46 -1.31 51.23
C GLN J 211 -108.86 -1.12 50.66
N GLY J 212 -109.90 -1.47 51.43
CA GLY J 212 -111.25 -1.25 50.99
C GLY J 212 -111.70 -2.26 49.95
N LEU J 213 -112.95 -2.09 49.51
CA LEU J 213 -113.56 -2.93 48.49
C LEU J 213 -114.30 -2.07 47.47
N ASN J 214 -113.63 -1.02 47.00
CA ASN J 214 -114.22 -0.06 46.05
C ASN J 214 -114.02 -0.60 44.64
N ILE J 215 -114.94 -1.49 44.25
CA ILE J 215 -114.78 -2.21 42.98
C ILE J 215 -114.94 -1.25 41.80
N LEU J 216 -115.98 -0.41 41.83
CA LEU J 216 -116.24 0.47 40.69
C LEU J 216 -115.08 1.43 40.45
N GLU J 217 -114.47 1.93 41.53
CA GLU J 217 -113.33 2.83 41.39
C GLU J 217 -112.15 2.10 40.74
N TRP J 218 -111.90 0.85 41.15
CA TRP J 218 -110.83 0.08 40.51
C TRP J 218 -111.13 -0.15 39.04
N LEU J 219 -112.40 -0.38 38.69
CA LEU J 219 -112.75 -0.65 37.31
C LEU J 219 -112.62 0.60 36.44
N GLU J 220 -113.07 1.76 36.93
CA GLU J 220 -112.96 2.99 36.16
C GLU J 220 -111.54 3.54 36.18
N ASN J 221 -110.83 3.35 37.29
CA ASN J 221 -109.44 3.80 37.40
C ASN J 221 -108.54 2.59 37.59
N PRO J 222 -107.90 2.08 36.54
CA PRO J 222 -107.03 0.90 36.70
C PRO J 222 -105.79 1.14 37.55
N SER J 223 -105.49 2.39 37.92
CA SER J 223 -104.31 2.69 38.70
C SER J 223 -104.56 2.66 40.20
N ASN J 224 -105.75 3.04 40.65
CA ASN J 224 -106.10 2.98 42.05
C ASN J 224 -106.40 1.55 42.52
N THR J 225 -106.39 0.59 41.62
CA THR J 225 -106.67 -0.79 42.00
C THR J 225 -105.55 -1.31 42.90
N PRO J 226 -105.88 -2.06 43.95
CA PRO J 226 -104.83 -2.66 44.79
C PRO J 226 -103.91 -3.56 43.99
N ASP J 227 -102.84 -3.99 44.63
CA ASP J 227 -101.90 -4.91 44.02
C ASP J 227 -102.53 -6.30 43.88
N LYS J 228 -101.84 -7.16 43.13
CA LYS J 228 -102.39 -8.47 42.81
C LYS J 228 -102.59 -9.34 44.05
N ASP J 229 -101.63 -9.28 44.99
CA ASP J 229 -101.75 -10.11 46.19
C ASP J 229 -102.96 -9.74 47.02
N TYR J 230 -103.27 -8.45 47.15
CA TYR J 230 -104.46 -8.05 47.87
C TYR J 230 -105.73 -8.47 47.13
N LEU J 231 -105.72 -8.45 45.80
CA LEU J 231 -106.88 -8.91 45.05
C LEU J 231 -107.07 -10.40 45.18
N LEU J 232 -105.98 -11.14 45.44
CA LEU J 232 -106.07 -12.60 45.53
C LEU J 232 -106.55 -13.08 46.89
N SER J 233 -106.55 -12.23 47.91
CA SER J 233 -107.03 -12.66 49.22
C SER J 233 -108.52 -12.98 49.15
N ILE J 234 -108.94 -14.01 49.90
CA ILE J 234 -110.28 -14.57 49.71
C ILE J 234 -111.38 -13.58 50.05
N PRO J 235 -111.25 -12.69 51.06
CA PRO J 235 -112.34 -11.75 51.35
C PRO J 235 -112.69 -10.90 50.14
N ILE J 236 -111.70 -10.68 49.26
CA ILE J 236 -111.92 -10.02 47.98
C ILE J 236 -112.30 -11.05 46.94
N SER J 237 -111.51 -12.13 46.85
CA SER J 237 -111.57 -13.03 45.70
C SER J 237 -112.92 -13.72 45.59
N CYS J 238 -113.43 -14.28 46.69
CA CYS J 238 -114.63 -15.09 46.59
C CYS J 238 -115.82 -14.30 46.04
N PRO J 239 -116.20 -13.16 46.63
CA PRO J 239 -117.29 -12.37 46.05
C PRO J 239 -117.05 -11.99 44.60
N LEU J 240 -115.82 -11.64 44.23
CA LEU J 240 -115.59 -11.14 42.89
C LEU J 240 -115.59 -12.26 41.86
N ILE J 241 -115.12 -13.44 42.22
CA ILE J 241 -115.27 -14.58 41.31
C ILE J 241 -116.74 -14.91 41.12
N GLY J 242 -117.52 -14.87 42.21
CA GLY J 242 -118.96 -15.05 42.06
C GLY J 242 -119.58 -14.02 41.14
N VAL J 243 -119.17 -12.76 41.28
CA VAL J 243 -119.70 -11.69 40.45
C VAL J 243 -119.33 -11.90 39.00
N ILE J 244 -118.09 -12.36 38.75
CA ILE J 244 -117.67 -12.63 37.37
C ILE J 244 -118.54 -13.71 36.76
N GLN J 245 -118.78 -14.79 37.51
CA GLN J 245 -119.61 -15.87 37.00
C GLN J 245 -121.02 -15.39 36.70
N LEU J 246 -121.61 -14.61 37.62
CA LEU J 246 -122.95 -14.10 37.39
C LEU J 246 -123.01 -13.15 36.21
N ALA J 247 -121.96 -12.34 36.02
CA ALA J 247 -121.92 -11.44 34.88
C ALA J 247 -121.87 -12.22 33.56
N HIS J 248 -121.06 -13.28 33.51
CA HIS J 248 -121.04 -14.11 32.31
C HIS J 248 -122.41 -14.72 32.07
N TYR J 249 -123.06 -15.19 33.13
CA TYR J 249 -124.40 -15.76 32.99
C TYR J 249 -125.37 -14.73 32.43
N VAL J 250 -125.30 -13.51 32.95
CA VAL J 250 -126.22 -12.46 32.50
C VAL J 250 -125.99 -12.14 31.03
N VAL J 251 -124.72 -12.05 30.64
CA VAL J 251 -124.41 -11.75 29.24
C VAL J 251 -124.95 -12.87 28.34
N THR J 252 -124.73 -14.12 28.74
CA THR J 252 -125.21 -15.25 27.94
C THR J 252 -126.74 -15.20 27.82
N ALA J 253 -127.42 -14.89 28.91
CA ALA J 253 -128.88 -14.85 28.87
C ALA J 253 -129.38 -13.70 28.00
N LYS J 254 -128.78 -12.53 28.13
CA LYS J 254 -129.28 -11.36 27.42
C LYS J 254 -129.02 -11.47 25.92
N LEU J 255 -127.83 -11.90 25.52
CA LEU J 255 -127.55 -12.08 24.10
C LEU J 255 -128.45 -13.14 23.45
N LEU J 256 -129.03 -14.03 24.23
CA LEU J 256 -129.96 -15.01 23.70
C LEU J 256 -131.42 -14.59 23.83
N GLY J 257 -131.70 -13.42 24.42
CA GLY J 257 -133.06 -12.98 24.59
C GLY J 257 -133.81 -13.66 25.71
N PHE J 258 -133.12 -14.41 26.56
CA PHE J 258 -133.75 -15.19 27.61
C PHE J 258 -133.79 -14.40 28.90
N THR J 259 -134.83 -14.65 29.69
CA THR J 259 -134.78 -14.35 31.11
C THR J 259 -133.90 -15.40 31.79
N PRO J 260 -133.33 -15.08 32.95
CA PRO J 260 -132.51 -16.09 33.63
C PRO J 260 -133.27 -17.37 33.91
N GLY J 261 -134.56 -17.28 34.21
CA GLY J 261 -135.38 -18.47 34.36
C GLY J 261 -135.44 -19.30 33.10
N GLU J 262 -135.54 -18.65 31.94
CA GLU J 262 -135.57 -19.38 30.67
C GLU J 262 -134.26 -20.12 30.43
N LEU J 263 -133.14 -19.42 30.59
CA LEU J 263 -131.84 -20.06 30.40
C LEU J 263 -131.66 -21.23 31.36
N ARG J 264 -132.11 -21.06 32.61
CA ARG J 264 -132.05 -22.17 33.56
C ARG J 264 -132.90 -23.34 33.11
N SER J 265 -134.13 -23.05 32.63
CA SER J 265 -135.01 -24.12 32.17
C SER J 265 -134.37 -24.89 31.02
N TYR J 266 -133.61 -24.21 30.17
CA TYR J 266 -132.91 -24.90 29.10
C TYR J 266 -131.81 -25.81 29.60
N LEU J 267 -131.39 -25.66 30.87
CA LEU J 267 -130.37 -26.52 31.45
C LEU J 267 -131.00 -27.77 32.06
N LYS J 268 -130.25 -28.86 32.08
CA LYS J 268 -130.72 -30.09 32.72
C LYS J 268 -130.25 -30.13 34.15
N GLY J 269 -129.19 -29.40 34.47
CA GLY J 269 -128.69 -29.37 35.83
C GLY J 269 -127.53 -28.40 35.94
N ALA J 270 -127.04 -28.25 37.16
CA ALA J 270 -125.94 -27.32 37.42
C ALA J 270 -125.08 -27.86 38.54
N THR J 271 -123.85 -27.37 38.59
CA THR J 271 -122.92 -27.72 39.66
C THR J 271 -121.76 -26.72 39.62
N GLY J 272 -120.84 -26.88 40.57
CA GLY J 272 -119.72 -25.97 40.66
C GLY J 272 -118.54 -26.62 41.34
N HIS J 273 -117.34 -26.19 40.96
CA HIS J 273 -116.10 -26.68 41.55
C HIS J 273 -115.76 -25.82 42.76
N SER J 274 -116.06 -26.35 43.94
CA SER J 274 -115.73 -25.66 45.18
C SER J 274 -116.57 -24.40 45.33
N GLN J 275 -115.99 -23.24 45.05
CA GLN J 275 -116.69 -21.98 45.20
C GLN J 275 -117.85 -21.84 44.22
N GLY J 276 -117.74 -22.40 43.02
CA GLY J 276 -118.79 -22.24 42.03
C GLY J 276 -120.10 -22.88 42.44
N LEU J 277 -120.08 -23.72 43.47
CA LEU J 277 -121.31 -24.35 43.95
C LEU J 277 -122.32 -23.29 44.42
N VAL J 278 -121.82 -22.16 44.93
CA VAL J 278 -122.72 -21.10 45.39
C VAL J 278 -123.40 -20.45 44.19
N THR J 279 -122.64 -20.18 43.13
CA THR J 279 -123.23 -19.59 41.94
C THR J 279 -124.25 -20.54 41.30
N ALA J 280 -123.95 -21.84 41.29
CA ALA J 280 -124.83 -22.80 40.64
C ALA J 280 -126.20 -22.82 41.32
N VAL J 281 -126.23 -22.83 42.65
CA VAL J 281 -127.50 -22.85 43.35
C VAL J 281 -128.27 -21.56 43.11
N ALA J 282 -127.57 -20.42 43.14
CA ALA J 282 -128.23 -19.14 42.87
C ALA J 282 -128.87 -19.14 41.50
N ILE J 283 -128.17 -19.64 40.50
CA ILE J 283 -128.71 -19.69 39.14
C ILE J 283 -129.95 -20.57 39.10
N ALA J 284 -129.93 -21.69 39.82
CA ALA J 284 -131.05 -22.63 39.74
C ALA J 284 -132.34 -22.04 40.29
N GLU J 285 -132.24 -20.93 41.03
CA GLU J 285 -133.42 -20.32 41.63
C GLU J 285 -134.00 -19.17 40.81
N THR J 286 -133.23 -18.63 39.87
CA THR J 286 -133.63 -17.42 39.15
C THR J 286 -134.88 -17.65 38.30
N ASP J 287 -135.79 -16.68 38.29
CA ASP J 287 -137.01 -16.77 37.48
C ASP J 287 -137.11 -15.65 36.46
N SER J 288 -137.04 -14.41 36.91
CA SER J 288 -137.29 -13.25 36.06
C SER J 288 -136.21 -12.19 36.26
N TRP J 289 -136.08 -11.32 35.26
CA TRP J 289 -135.07 -10.26 35.33
C TRP J 289 -135.34 -9.30 36.48
N GLU J 290 -136.60 -9.10 36.84
CA GLU J 290 -136.94 -8.17 37.91
C GLU J 290 -136.64 -8.71 39.29
N SER J 291 -136.33 -10.01 39.42
CA SER J 291 -135.97 -10.61 40.70
C SER J 291 -134.63 -11.33 40.65
N PHE J 292 -133.83 -11.10 39.61
CA PHE J 292 -132.52 -11.73 39.52
C PHE J 292 -131.57 -11.21 40.59
N PHE J 293 -131.70 -9.92 40.94
CA PHE J 293 -130.82 -9.33 41.94
C PHE J 293 -131.01 -9.97 43.30
N VAL J 294 -132.16 -10.59 43.55
CA VAL J 294 -132.36 -11.28 44.83
C VAL J 294 -131.38 -12.44 44.95
N SER J 295 -131.33 -13.29 43.92
CA SER J 295 -130.39 -14.41 43.94
C SER J 295 -128.95 -13.91 43.84
N VAL J 296 -128.72 -12.80 43.13
CA VAL J 296 -127.37 -12.24 43.08
C VAL J 296 -126.91 -11.86 44.48
N ARG J 297 -127.79 -11.19 45.23
CA ARG J 297 -127.46 -10.82 46.60
C ARG J 297 -127.21 -12.05 47.45
N LYS J 298 -128.05 -13.07 47.30
CA LYS J 298 -127.86 -14.30 48.08
C LYS J 298 -126.46 -14.88 47.84
N ALA J 299 -126.11 -15.06 46.57
CA ALA J 299 -124.82 -15.66 46.24
C ALA J 299 -123.66 -14.81 46.73
N ILE J 300 -123.74 -13.49 46.50
CA ILE J 300 -122.61 -12.63 46.85
C ILE J 300 -122.46 -12.56 48.37
N THR J 301 -123.57 -12.57 49.11
CA THR J 301 -123.48 -12.58 50.56
C THR J 301 -122.84 -13.86 51.06
N VAL J 302 -123.24 -15.01 50.50
CA VAL J 302 -122.64 -16.27 50.91
C VAL J 302 -121.14 -16.23 50.67
N LEU J 303 -120.72 -15.77 49.49
CA LEU J 303 -119.30 -15.74 49.17
C LEU J 303 -118.56 -14.75 50.06
N PHE J 304 -119.15 -13.60 50.33
CA PHE J 304 -118.53 -12.60 51.20
C PHE J 304 -118.25 -13.20 52.57
N PHE J 305 -119.24 -13.86 53.15
CA PHE J 305 -119.06 -14.38 54.51
C PHE J 305 -118.09 -15.56 54.52
N ILE J 306 -118.13 -16.41 53.50
CA ILE J 306 -117.14 -17.48 53.41
C ILE J 306 -115.73 -16.88 53.39
N GLY J 307 -115.52 -15.89 52.52
CA GLY J 307 -114.21 -15.29 52.42
C GLY J 307 -113.75 -14.67 53.73
N VAL J 308 -114.63 -13.88 54.36
CA VAL J 308 -114.23 -13.17 55.58
C VAL J 308 -113.91 -14.16 56.69
N ARG J 309 -114.80 -15.13 56.92
CA ARG J 309 -114.61 -16.03 58.05
C ARG J 309 -113.45 -17.00 57.80
N CYS J 310 -113.25 -17.45 56.56
CA CYS J 310 -112.13 -18.33 56.28
C CYS J 310 -110.79 -17.59 56.24
N TYR J 311 -110.81 -16.28 56.03
CA TYR J 311 -109.58 -15.51 56.20
C TYR J 311 -109.29 -15.25 57.67
N GLU J 312 -110.33 -15.06 58.49
CA GLU J 312 -110.11 -14.88 59.91
C GLU J 312 -109.69 -16.19 60.59
N ALA J 313 -110.14 -17.33 60.06
CA ALA J 313 -109.77 -18.61 60.65
C ALA J 313 -108.30 -18.93 60.43
N TYR J 314 -107.82 -18.74 59.19
CA TYR J 314 -106.44 -19.03 58.86
C TYR J 314 -105.86 -17.97 57.97
N PRO J 315 -105.53 -16.81 58.54
CA PRO J 315 -104.86 -15.77 57.75
C PRO J 315 -103.47 -16.21 57.32
N ASN J 316 -103.00 -15.60 56.25
CA ASN J 316 -101.69 -15.91 55.76
C ASN J 316 -100.66 -15.09 56.48
N THR J 317 -99.45 -15.60 56.56
CA THR J 317 -98.39 -14.92 57.25
C THR J 317 -97.17 -14.98 56.39
N SER J 318 -96.11 -14.34 56.82
CA SER J 318 -94.89 -14.27 56.03
C SER J 318 -94.19 -15.63 56.00
N LEU J 319 -93.62 -15.97 54.84
CA LEU J 319 -92.83 -17.18 54.71
C LEU J 319 -91.35 -16.87 54.86
N PRO J 320 -90.56 -17.71 55.52
CA PRO J 320 -89.12 -17.48 55.59
C PRO J 320 -88.54 -17.30 54.20
N PRO J 321 -87.75 -16.24 53.96
CA PRO J 321 -87.21 -16.03 52.61
C PRO J 321 -86.36 -17.18 52.10
N SER J 322 -85.74 -17.97 52.99
CA SER J 322 -84.99 -19.12 52.53
C SER J 322 -85.89 -20.12 51.81
N ILE J 323 -87.09 -20.34 52.32
CA ILE J 323 -88.01 -21.29 51.69
C ILE J 323 -88.39 -20.81 50.29
N LEU J 324 -88.70 -19.53 50.16
CA LEU J 324 -89.06 -19.01 48.83
C LEU J 324 -87.89 -19.10 47.88
N GLU J 325 -86.68 -18.78 48.37
CA GLU J 325 -85.50 -18.88 47.51
C GLU J 325 -85.29 -20.31 47.04
N ASP J 326 -85.43 -21.28 47.95
CA ASP J 326 -85.26 -22.68 47.58
C ASP J 326 -86.31 -23.10 46.57
N SER J 327 -87.57 -22.74 46.80
CA SER J 327 -88.62 -23.12 45.88
C SER J 327 -88.38 -22.53 44.49
N LEU J 328 -88.00 -21.25 44.43
CA LEU J 328 -87.75 -20.63 43.14
C LEU J 328 -86.56 -21.26 42.43
N GLU J 329 -85.50 -21.58 43.18
CA GLU J 329 -84.31 -22.16 42.57
C GLU J 329 -84.64 -23.50 41.92
N ASN J 330 -85.52 -24.28 42.54
CA ASN J 330 -85.85 -25.61 42.05
C ASN J 330 -87.06 -25.56 41.12
N ASN J 331 -87.27 -24.42 40.48
CA ASN J 331 -88.34 -24.26 39.50
C ASN J 331 -89.68 -24.73 40.05
N GLU J 332 -90.00 -24.30 41.27
CA GLU J 332 -91.31 -24.55 41.87
C GLU J 332 -91.99 -23.20 42.06
N GLY J 333 -93.29 -23.24 42.30
CA GLY J 333 -94.05 -22.02 42.40
C GLY J 333 -93.82 -21.30 43.71
N VAL J 334 -94.36 -20.09 43.80
CA VAL J 334 -94.37 -19.40 45.09
C VAL J 334 -95.26 -20.21 46.03
N PRO J 335 -94.77 -20.65 47.19
CA PRO J 335 -95.58 -21.52 48.04
C PRO J 335 -96.89 -20.86 48.43
N SER J 336 -97.93 -21.68 48.50
CA SER J 336 -99.28 -21.23 48.83
C SER J 336 -99.98 -22.37 49.55
N PRO J 337 -101.21 -22.17 50.06
CA PRO J 337 -101.87 -23.21 50.83
C PRO J 337 -102.45 -24.36 50.02
N MET J 338 -102.15 -24.45 48.73
CA MET J 338 -102.67 -25.54 47.91
C MET J 338 -101.62 -25.96 46.88
N LEU J 339 -101.36 -27.26 46.81
CA LEU J 339 -100.38 -27.83 45.90
C LEU J 339 -101.06 -28.83 44.98
N SER J 340 -101.01 -28.57 43.68
CA SER J 340 -101.57 -29.49 42.69
C SER J 340 -100.49 -30.46 42.24
N ILE J 341 -100.85 -31.74 42.14
CA ILE J 341 -99.94 -32.80 41.76
C ILE J 341 -100.55 -33.56 40.59
N SER J 342 -99.75 -33.80 39.56
CA SER J 342 -100.20 -34.46 38.34
C SER J 342 -99.40 -35.73 38.11
N ASN J 343 -99.99 -36.64 37.35
CA ASN J 343 -99.37 -37.88 36.90
C ASN J 343 -99.24 -38.93 38.00
N LEU J 344 -99.76 -38.65 39.20
CA LEU J 344 -99.76 -39.62 40.27
C LEU J 344 -101.19 -39.99 40.63
N THR J 345 -101.36 -41.16 41.18
CA THR J 345 -102.67 -41.57 41.60
C THR J 345 -102.95 -41.09 43.00
N GLN J 346 -104.20 -41.16 43.41
CA GLN J 346 -104.57 -40.69 44.73
C GLN J 346 -103.90 -41.55 45.75
N GLU J 347 -103.81 -42.85 45.50
CA GLU J 347 -103.20 -43.76 46.43
C GLU J 347 -101.77 -43.33 46.66
N GLN J 348 -101.07 -43.06 45.58
CA GLN J 348 -99.70 -42.65 45.69
C GLN J 348 -99.59 -41.38 46.46
N VAL J 349 -100.40 -40.38 46.13
CA VAL J 349 -100.28 -39.08 46.77
C VAL J 349 -100.62 -39.17 48.24
N GLN J 350 -101.45 -40.12 48.62
CA GLN J 350 -101.86 -40.24 50.00
C GLN J 350 -100.76 -40.89 50.77
N ASP J 351 -100.04 -41.79 50.14
CA ASP J 351 -98.90 -42.35 50.85
C ASP J 351 -97.88 -41.27 51.18
N TYR J 352 -97.59 -40.40 50.22
CA TYR J 352 -96.66 -39.30 50.49
C TYR J 352 -97.22 -38.37 51.57
N VAL J 353 -98.51 -38.05 51.49
CA VAL J 353 -99.13 -37.19 52.49
C VAL J 353 -99.07 -37.83 53.86
N ASN J 354 -99.27 -39.14 53.93
CA ASN J 354 -99.23 -39.86 55.20
C ASN J 354 -97.84 -39.79 55.81
N LYS J 355 -96.82 -40.06 55.01
CA LYS J 355 -95.46 -40.00 55.54
C LYS J 355 -95.09 -38.59 55.98
N THR J 356 -95.51 -37.57 55.22
CA THR J 356 -95.23 -36.20 55.63
C THR J 356 -95.98 -35.85 56.91
N ASN J 357 -97.21 -36.34 57.06
CA ASN J 357 -98.01 -36.01 58.22
C ASN J 357 -97.54 -36.76 59.46
N SER J 358 -96.83 -37.88 59.28
CA SER J 358 -96.37 -38.65 60.43
C SER J 358 -95.48 -37.83 61.33
N HIS J 359 -94.76 -36.85 60.79
CA HIS J 359 -93.86 -36.01 61.58
C HIS J 359 -94.53 -34.75 62.09
N LEU J 360 -95.36 -34.10 61.26
CA LEU J 360 -95.96 -32.84 61.64
C LEU J 360 -96.98 -33.05 62.76
N PRO J 361 -97.24 -31.97 63.53
CA PRO J 361 -98.28 -32.03 64.55
C PRO J 361 -99.66 -31.92 63.92
N ALA J 362 -100.72 -32.21 64.66
CA ALA J 362 -102.06 -32.27 64.10
C ALA J 362 -102.46 -30.95 63.45
N GLY J 363 -102.05 -29.82 63.99
CA GLY J 363 -102.47 -28.56 63.44
C GLY J 363 -101.72 -28.13 62.21
N LYS J 364 -100.64 -28.81 61.88
CA LYS J 364 -99.89 -28.51 60.66
C LYS J 364 -100.06 -29.59 59.60
N GLN J 365 -101.05 -30.46 59.74
CA GLN J 365 -101.24 -31.55 58.81
C GLN J 365 -101.72 -31.03 57.45
N VAL J 366 -101.44 -31.81 56.41
CA VAL J 366 -101.97 -31.56 55.08
C VAL J 366 -102.96 -32.68 54.75
N GLU J 367 -103.73 -32.49 53.68
CA GLU J 367 -104.63 -33.53 53.23
C GLU J 367 -105.03 -33.26 51.79
N ILE J 368 -105.51 -34.32 51.11
CA ILE J 368 -105.96 -34.21 49.72
C ILE J 368 -107.28 -33.48 49.69
N SER J 369 -107.30 -32.29 49.12
CA SER J 369 -108.49 -31.44 49.11
C SER J 369 -109.34 -31.62 47.86
N LEU J 370 -108.72 -31.77 46.69
CA LEU J 370 -109.46 -31.90 45.43
C LEU J 370 -108.99 -33.15 44.72
N VAL J 371 -109.93 -34.03 44.37
CA VAL J 371 -109.66 -35.12 43.44
C VAL J 371 -110.24 -34.67 42.10
N ASN J 372 -109.41 -33.99 41.31
CA ASN J 372 -109.84 -33.41 40.04
C ASN J 372 -109.84 -34.42 38.91
N GLY J 373 -109.31 -35.63 39.13
CA GLY J 373 -109.25 -36.62 38.08
C GLY J 373 -108.50 -37.84 38.57
N ALA J 374 -108.28 -38.76 37.63
CA ALA J 374 -107.56 -39.99 37.96
C ALA J 374 -106.14 -39.69 38.43
N LYS J 375 -105.41 -38.88 37.68
CA LYS J 375 -104.02 -38.53 37.98
C LYS J 375 -103.87 -37.02 38.12
N ASN J 376 -104.79 -36.38 38.83
CA ASN J 376 -104.78 -34.93 39.01
C ASN J 376 -105.37 -34.64 40.39
N LEU J 377 -104.51 -34.28 41.34
CA LEU J 377 -104.91 -34.08 42.72
C LEU J 377 -104.33 -32.78 43.25
N VAL J 378 -105.03 -32.20 44.22
CA VAL J 378 -104.58 -30.99 44.90
C VAL J 378 -104.56 -31.28 46.40
N VAL J 379 -103.45 -30.92 47.04
CA VAL J 379 -103.28 -31.10 48.48
C VAL J 379 -103.25 -29.73 49.14
N SER J 380 -104.06 -29.56 50.18
CA SER J 380 -104.18 -28.28 50.86
C SER J 380 -103.66 -28.41 52.29
N GLY J 381 -103.11 -27.31 52.79
CA GLY J 381 -102.55 -27.25 54.11
C GLY J 381 -101.67 -26.03 54.29
N PRO J 382 -101.01 -25.90 55.43
CA PRO J 382 -100.12 -24.77 55.65
C PRO J 382 -99.03 -24.72 54.60
N PRO J 383 -98.72 -23.52 54.11
CA PRO J 383 -97.73 -23.42 53.06
C PRO J 383 -96.39 -24.12 53.37
N GLN J 384 -95.91 -24.10 54.61
CA GLN J 384 -94.63 -24.73 54.96
C GLN J 384 -94.74 -26.24 54.99
N SER J 385 -95.87 -26.79 55.46
CA SER J 385 -96.06 -28.22 55.39
C SER J 385 -96.08 -28.70 53.95
N LEU J 386 -96.73 -27.94 53.06
CA LEU J 386 -96.71 -28.30 51.65
C LEU J 386 -95.31 -28.14 51.05
N TYR J 387 -94.52 -27.19 51.56
CA TYR J 387 -93.14 -27.09 51.10
C TYR J 387 -92.31 -28.31 51.51
N GLY J 388 -92.53 -28.80 52.73
CA GLY J 388 -91.88 -30.04 53.13
C GLY J 388 -92.32 -31.22 52.29
N LEU J 389 -93.62 -31.30 51.99
CA LEU J 389 -94.11 -32.33 51.09
C LEU J 389 -93.45 -32.21 49.72
N ASN J 390 -93.28 -30.98 49.24
CA ASN J 390 -92.63 -30.76 47.95
C ASN J 390 -91.17 -31.21 47.99
N LEU J 391 -90.48 -31.00 49.11
CA LEU J 391 -89.13 -31.51 49.23
C LEU J 391 -89.11 -33.03 49.15
N THR J 392 -90.01 -33.68 49.88
CA THR J 392 -90.10 -35.14 49.80
C THR J 392 -90.35 -35.61 48.38
N LEU J 393 -91.27 -34.94 47.67
CA LEU J 393 -91.56 -35.30 46.29
C LEU J 393 -90.36 -35.06 45.37
N ARG J 394 -89.66 -33.93 45.58
CA ARG J 394 -88.46 -33.65 44.80
C ARG J 394 -87.42 -34.75 44.98
N LYS J 395 -87.37 -35.36 46.17
CA LYS J 395 -86.51 -36.51 46.40
C LYS J 395 -87.12 -37.81 45.87
N ALA J 396 -88.16 -37.71 45.03
CA ALA J 396 -88.78 -38.91 44.48
C ALA J 396 -89.17 -38.75 43.00
N LYS J 397 -88.60 -37.77 42.30
CA LYS J 397 -88.96 -37.48 40.92
C LYS J 397 -87.77 -37.70 40.02
N ALA J 398 -88.03 -37.81 38.72
CA ALA J 398 -87.00 -37.93 37.71
C ALA J 398 -87.03 -36.72 36.77
N PRO J 399 -85.88 -36.25 36.30
CA PRO J 399 -85.89 -35.11 35.37
C PRO J 399 -86.71 -35.41 34.13
N SER J 400 -87.38 -34.38 33.62
CA SER J 400 -88.16 -34.52 32.40
C SER J 400 -87.28 -34.93 31.23
N GLY J 401 -86.07 -34.37 31.14
CA GLY J 401 -85.19 -34.69 30.04
C GLY J 401 -84.76 -36.15 30.03
N LEU J 402 -84.62 -36.74 31.22
CA LEU J 402 -84.07 -38.10 31.33
C LEU J 402 -84.78 -39.04 30.37
N ASP J 403 -84.02 -39.62 29.46
CA ASP J 403 -84.58 -40.56 28.52
C ASP J 403 -84.57 -41.93 29.15
N GLN J 404 -85.72 -42.59 29.13
CA GLN J 404 -85.80 -43.93 29.67
C GLN J 404 -86.28 -44.90 28.59
N SER J 405 -86.03 -44.58 27.32
CA SER J 405 -86.50 -45.43 26.22
C SER J 405 -85.80 -46.77 26.21
N ARG J 406 -84.59 -46.85 26.76
CA ARG J 406 -83.87 -48.12 26.83
C ARG J 406 -84.01 -48.77 28.17
N ILE J 407 -84.96 -48.33 28.97
CA ILE J 407 -85.22 -48.97 30.24
C ILE J 407 -86.50 -49.74 30.14
N PRO J 408 -86.48 -50.99 30.56
CA PRO J 408 -87.77 -51.71 30.55
C PRO J 408 -88.87 -50.90 31.21
N PHE J 409 -90.09 -51.02 30.72
CA PHE J 409 -91.19 -50.20 31.23
C PHE J 409 -91.40 -50.31 32.72
N SER J 410 -91.38 -51.52 33.25
CA SER J 410 -91.64 -51.70 34.67
C SER J 410 -90.62 -51.03 35.56
N GLU J 411 -89.38 -50.86 35.08
CA GLU J 411 -88.30 -50.32 35.90
C GLU J 411 -88.11 -48.82 35.73
N ARG J 412 -88.92 -48.17 34.92
CA ARG J 412 -88.76 -46.74 34.70
C ARG J 412 -89.23 -45.93 35.90
N LYS J 413 -88.54 -44.83 36.19
CA LYS J 413 -88.88 -43.95 37.30
C LYS J 413 -90.06 -43.05 36.91
N LEU J 414 -90.84 -42.66 37.91
CA LEU J 414 -92.07 -41.90 37.68
C LEU J 414 -91.72 -40.45 37.37
N LYS J 415 -92.27 -39.93 36.28
CA LYS J 415 -92.22 -38.51 35.97
C LYS J 415 -93.57 -37.89 36.28
N PHE J 416 -93.60 -36.96 37.24
CA PHE J 416 -94.84 -36.37 37.70
C PHE J 416 -94.60 -34.92 38.08
N SER J 417 -95.58 -34.07 37.81
CA SER J 417 -95.47 -32.64 38.02
C SER J 417 -96.10 -32.23 39.35
N ASN J 418 -95.67 -31.06 39.84
CA ASN J 418 -96.24 -30.47 41.04
C ASN J 418 -96.02 -28.96 40.97
N ARG J 419 -97.02 -28.21 41.41
CA ARG J 419 -96.92 -26.75 41.40
C ARG J 419 -97.91 -26.18 42.40
N PHE J 420 -97.59 -24.99 42.92
CA PHE J 420 -98.48 -24.29 43.82
C PHE J 420 -99.52 -23.49 43.04
N LEU J 421 -100.76 -23.56 43.49
CA LEU J 421 -101.84 -22.88 42.79
C LEU J 421 -101.88 -21.40 43.19
N PRO J 422 -102.36 -20.52 42.29
CA PRO J 422 -102.49 -19.12 42.66
C PRO J 422 -103.70 -18.86 43.55
N VAL J 423 -103.61 -19.30 44.80
CA VAL J 423 -104.70 -19.16 45.76
C VAL J 423 -104.09 -18.68 47.08
N ALA J 424 -104.96 -18.17 47.97
CA ALA J 424 -104.50 -17.58 49.21
C ALA J 424 -105.22 -18.14 50.44
N SER J 425 -105.75 -19.36 50.38
CA SER J 425 -106.39 -19.94 51.55
C SER J 425 -106.45 -21.45 51.40
N PRO J 426 -106.29 -22.21 52.49
CA PRO J 426 -106.35 -23.69 52.41
C PRO J 426 -107.78 -24.22 52.44
N PHE J 427 -108.41 -24.22 51.27
CA PHE J 427 -109.81 -24.64 51.17
C PHE J 427 -109.94 -26.14 51.32
N HIS J 428 -111.15 -26.57 51.72
CA HIS J 428 -111.44 -27.99 51.92
C HIS J 428 -110.44 -28.65 52.87
N SER J 429 -110.10 -27.95 53.95
CA SER J 429 -109.10 -28.42 54.89
C SER J 429 -109.61 -28.27 56.32
N HIS J 430 -108.94 -28.97 57.23
CA HIS J 430 -109.28 -28.90 58.65
C HIS J 430 -109.02 -27.52 59.24
N LEU J 431 -108.16 -26.72 58.62
CA LEU J 431 -107.82 -25.42 59.17
C LEU J 431 -109.00 -24.47 59.20
N LEU J 432 -109.94 -24.60 58.26
CA LEU J 432 -111.03 -23.65 58.10
C LEU J 432 -112.30 -24.07 58.83
N VAL J 433 -112.31 -25.22 59.49
CA VAL J 433 -113.51 -25.73 60.16
C VAL J 433 -114.08 -24.71 61.15
N PRO J 434 -113.26 -24.05 61.98
CA PRO J 434 -113.85 -23.12 62.95
C PRO J 434 -114.62 -21.97 62.31
N ALA J 435 -114.48 -21.75 61.00
CA ALA J 435 -115.22 -20.68 60.35
C ALA J 435 -116.64 -21.12 59.99
N SER J 436 -116.92 -22.41 60.07
CA SER J 436 -118.21 -22.92 59.61
C SER J 436 -119.37 -22.35 60.42
N ASP J 437 -119.27 -22.40 61.74
CA ASP J 437 -120.35 -21.91 62.59
C ASP J 437 -120.55 -20.41 62.43
N LEU J 438 -119.46 -19.66 62.32
CA LEU J 438 -119.57 -18.22 62.12
C LEU J 438 -120.27 -17.92 60.79
N ILE J 439 -119.91 -18.64 59.74
CA ILE J 439 -120.54 -18.42 58.44
C ILE J 439 -122.03 -18.75 58.50
N ASN J 440 -122.39 -19.83 59.17
CA ASN J 440 -123.79 -20.22 59.23
C ASN J 440 -124.59 -19.24 60.08
N LYS J 441 -124.01 -18.70 61.14
CA LYS J 441 -124.68 -17.68 61.93
C LYS J 441 -124.85 -16.40 61.12
N ASP J 442 -123.83 -16.01 60.36
CA ASP J 442 -123.96 -14.80 59.55
C ASP J 442 -125.02 -14.97 58.47
N LEU J 443 -125.09 -16.12 57.82
CA LEU J 443 -126.06 -16.33 56.76
C LEU J 443 -127.46 -16.30 57.32
N VAL J 444 -127.62 -16.76 58.55
CA VAL J 444 -128.93 -16.70 59.19
C VAL J 444 -129.28 -15.30 59.58
N LYS J 445 -128.34 -14.58 60.17
CA LYS J 445 -128.58 -13.20 60.54
C LYS J 445 -128.87 -12.31 59.35
N ASN J 446 -128.37 -12.67 58.16
CA ASN J 446 -128.63 -11.91 56.94
C ASN J 446 -129.77 -12.48 56.12
N ASN J 447 -130.49 -13.47 56.65
CA ASN J 447 -131.66 -14.05 55.99
C ASN J 447 -131.30 -14.56 54.59
N VAL J 448 -130.32 -15.45 54.56
CA VAL J 448 -129.89 -16.12 53.33
C VAL J 448 -130.09 -17.61 53.52
N SER J 449 -130.90 -18.21 52.67
CA SER J 449 -131.17 -19.64 52.74
C SER J 449 -131.66 -20.11 51.38
N PHE J 450 -131.49 -21.41 51.13
CA PHE J 450 -131.89 -22.04 49.88
C PHE J 450 -132.87 -23.15 50.19
N ASN J 451 -134.06 -23.08 49.60
CA ASN J 451 -135.14 -24.02 49.86
C ASN J 451 -135.30 -24.95 48.65
N ALA J 452 -135.39 -26.25 48.92
CA ALA J 452 -135.46 -27.23 47.85
C ALA J 452 -136.63 -26.99 46.91
N LYS J 453 -137.70 -26.34 47.40
CA LYS J 453 -138.85 -26.05 46.56
C LYS J 453 -138.59 -24.94 45.55
N ASP J 454 -137.55 -24.14 45.75
CA ASP J 454 -137.24 -23.03 44.86
C ASP J 454 -136.13 -23.35 43.87
N ILE J 455 -135.35 -24.40 44.10
CA ILE J 455 -134.36 -24.85 43.12
C ILE J 455 -135.09 -25.66 42.06
N GLN J 456 -135.05 -25.20 40.82
CA GLN J 456 -135.84 -25.78 39.75
C GLN J 456 -135.08 -26.78 38.88
N ILE J 457 -133.76 -26.86 39.02
CA ILE J 457 -132.98 -27.88 38.32
C ILE J 457 -132.10 -28.58 39.36
N PRO J 458 -131.74 -29.84 39.15
CA PRO J 458 -130.87 -30.52 40.13
C PRO J 458 -129.51 -29.85 40.21
N VAL J 459 -129.02 -29.69 41.44
CA VAL J 459 -127.69 -29.17 41.70
C VAL J 459 -126.91 -30.27 42.42
N TYR J 460 -125.75 -30.62 41.87
CA TYR J 460 -125.02 -31.81 42.31
C TYR J 460 -123.99 -31.45 43.37
N ASP J 461 -124.02 -32.20 44.46
CA ASP J 461 -123.07 -31.98 45.55
C ASP J 461 -121.67 -32.37 45.11
N THR J 462 -120.68 -31.61 45.53
CA THR J 462 -119.31 -31.83 45.11
C THR J 462 -118.62 -32.97 45.85
N PHE J 463 -119.19 -33.46 46.95
CA PHE J 463 -118.59 -34.55 47.70
C PHE J 463 -119.10 -35.93 47.29
N ASP J 464 -120.37 -36.03 46.90
CA ASP J 464 -120.95 -37.32 46.51
C ASP J 464 -121.80 -37.22 45.25
N GLY J 465 -121.85 -36.06 44.59
CA GLY J 465 -122.56 -35.95 43.34
C GLY J 465 -124.06 -36.12 43.44
N SER J 466 -124.61 -35.95 44.62
CA SER J 466 -126.03 -36.15 44.79
C SER J 466 -126.80 -34.85 44.63
N ASP J 467 -128.09 -34.94 44.38
CA ASP J 467 -128.92 -33.77 44.19
C ASP J 467 -129.10 -33.06 45.53
N LEU J 468 -128.76 -31.78 45.59
CA LEU J 468 -128.91 -31.02 46.82
C LEU J 468 -130.38 -30.82 47.20
N ARG J 469 -131.28 -30.72 46.22
CA ARG J 469 -132.70 -30.60 46.52
C ARG J 469 -133.17 -31.76 47.39
N VAL J 470 -132.72 -32.98 47.07
CA VAL J 470 -133.18 -34.16 47.80
C VAL J 470 -132.71 -34.12 49.24
N LEU J 471 -131.57 -33.49 49.52
CA LEU J 471 -131.05 -33.45 50.88
C LEU J 471 -132.05 -32.80 51.82
N SER J 472 -132.15 -33.36 53.03
CA SER J 472 -133.16 -32.94 53.99
C SER J 472 -132.74 -31.75 54.85
N GLY J 473 -131.47 -31.67 55.24
CA GLY J 473 -131.02 -30.59 56.09
C GLY J 473 -130.98 -29.25 55.38
N SER J 474 -130.25 -28.29 55.94
CA SER J 474 -130.10 -26.99 55.30
C SER J 474 -129.14 -27.10 54.12
N ILE J 475 -129.57 -26.60 52.97
CA ILE J 475 -128.75 -26.66 51.77
C ILE J 475 -127.56 -25.72 51.88
N SER J 476 -127.76 -24.53 52.44
CA SER J 476 -126.66 -23.58 52.58
C SER J 476 -125.58 -24.14 53.48
N GLU J 477 -125.97 -24.80 54.58
CA GLU J 477 -124.99 -25.41 55.47
C GLU J 477 -124.17 -26.46 54.73
N ARG J 478 -124.82 -27.28 53.92
CA ARG J 478 -124.11 -28.29 53.16
C ARG J 478 -123.15 -27.65 52.19
N ILE J 479 -123.58 -26.59 51.50
CA ILE J 479 -122.72 -25.93 50.53
C ILE J 479 -121.48 -25.37 51.22
N VAL J 480 -121.67 -24.72 52.38
CA VAL J 480 -120.55 -24.17 53.11
C VAL J 480 -119.61 -25.29 53.54
N ASP J 481 -120.17 -26.39 54.04
CA ASP J 481 -119.36 -27.52 54.47
C ASP J 481 -118.55 -28.07 53.31
N CYS J 482 -119.16 -28.16 52.13
CA CYS J 482 -118.45 -28.64 50.95
C CYS J 482 -117.31 -27.72 50.58
N ILE J 483 -117.54 -26.40 50.67
CA ILE J 483 -116.53 -25.44 50.24
C ILE J 483 -115.35 -25.42 51.21
N ILE J 484 -115.63 -25.47 52.51
CA ILE J 484 -114.57 -25.26 53.49
C ILE J 484 -113.98 -26.55 54.06
N ARG J 485 -114.77 -27.63 54.15
CA ARG J 485 -114.28 -28.83 54.82
C ARG J 485 -114.11 -30.04 53.90
N LEU J 486 -115.19 -30.46 53.24
CA LEU J 486 -115.14 -31.70 52.49
C LEU J 486 -114.28 -31.55 51.24
N PRO J 487 -113.64 -32.63 50.79
CA PRO J 487 -112.92 -32.59 49.53
C PRO J 487 -113.89 -32.66 48.35
N VAL J 488 -113.38 -32.27 47.18
CA VAL J 488 -114.15 -32.24 45.94
C VAL J 488 -113.69 -33.40 45.07
N LYS J 489 -114.64 -34.24 44.67
CA LYS J 489 -114.41 -35.33 43.73
C LYS J 489 -115.11 -34.94 42.44
N TRP J 490 -114.39 -34.33 41.49
CA TRP J 490 -115.03 -33.81 40.28
C TRP J 490 -115.70 -34.88 39.48
N GLU J 491 -115.11 -36.06 39.41
CA GLU J 491 -115.66 -37.10 38.58
C GLU J 491 -116.95 -37.65 39.16
N THR J 492 -117.00 -37.83 40.47
CA THR J 492 -118.22 -38.27 41.13
C THR J 492 -119.33 -37.25 40.94
N THR J 493 -119.00 -35.96 41.01
CA THR J 493 -119.96 -34.90 40.79
C THR J 493 -120.41 -34.79 39.33
N THR J 494 -119.51 -35.09 38.40
CA THR J 494 -119.81 -34.91 36.99
C THR J 494 -120.25 -36.18 36.31
N GLN J 495 -120.52 -37.23 37.07
CA GLN J 495 -121.01 -38.48 36.51
C GLN J 495 -122.40 -38.36 35.89
N PHE J 496 -122.99 -37.18 35.85
CA PHE J 496 -124.26 -36.97 35.18
C PHE J 496 -124.13 -37.19 33.68
N LYS J 497 -125.25 -37.40 33.00
CA LYS J 497 -125.23 -37.60 31.56
C LYS J 497 -125.58 -36.32 30.83
N ALA J 498 -124.85 -36.01 29.78
CA ALA J 498 -125.10 -34.79 29.04
C ALA J 498 -124.28 -34.74 27.79
N THR J 499 -124.75 -34.00 26.81
CA THR J 499 -124.01 -33.81 25.57
C THR J 499 -123.17 -32.54 25.57
N HIS J 500 -123.58 -31.53 26.32
CA HIS J 500 -122.89 -30.24 26.33
C HIS J 500 -122.73 -29.77 27.77
N ILE J 501 -121.61 -29.10 28.04
CA ILE J 501 -121.32 -28.51 29.34
C ILE J 501 -120.88 -27.06 29.11
N LEU J 502 -121.53 -26.14 29.81
CA LEU J 502 -121.24 -24.72 29.70
C LEU J 502 -120.41 -24.28 30.91
N ASP J 503 -119.26 -23.65 30.63
CA ASP J 503 -118.37 -23.20 31.67
C ASP J 503 -118.37 -21.70 31.83
N PHE J 504 -119.11 -21.21 32.80
CA PHE J 504 -119.16 -19.78 33.09
C PHE J 504 -118.08 -19.35 34.07
N GLY J 505 -117.21 -20.26 34.44
CA GLY J 505 -116.25 -19.94 35.47
C GLY J 505 -115.17 -19.03 35.05
N PRO J 506 -114.29 -18.72 35.97
CA PRO J 506 -113.10 -17.94 35.61
C PRO J 506 -111.98 -18.82 35.09
N GLY J 507 -111.07 -18.19 34.35
CA GLY J 507 -109.86 -18.84 33.89
C GLY J 507 -109.81 -19.12 32.40
N GLY J 508 -110.85 -18.82 31.66
CA GLY J 508 -110.88 -19.14 30.24
C GLY J 508 -110.55 -20.58 29.87
N ALA J 509 -109.55 -20.79 29.04
CA ALA J 509 -109.18 -22.12 28.60
C ALA J 509 -108.34 -22.87 29.62
N SER J 510 -107.94 -22.22 30.71
CA SER J 510 -107.19 -22.86 31.79
C SER J 510 -108.08 -23.03 33.02
N GLY J 511 -109.38 -23.17 32.82
CA GLY J 511 -110.31 -23.30 33.90
C GLY J 511 -110.95 -24.65 34.09
N LEU J 512 -112.15 -24.67 34.63
CA LEU J 512 -112.81 -25.92 34.96
C LEU J 512 -113.26 -26.66 33.70
N GLY J 513 -113.71 -25.94 32.68
CA GLY J 513 -114.27 -26.59 31.52
C GLY J 513 -113.27 -27.49 30.82
N VAL J 514 -112.05 -27.01 30.63
CA VAL J 514 -111.05 -27.80 29.93
C VAL J 514 -110.65 -29.02 30.75
N LEU J 515 -110.54 -28.86 32.07
CA LEU J 515 -110.25 -30.02 32.92
C LEU J 515 -111.35 -31.07 32.77
N THR J 516 -112.59 -30.66 32.74
CA THR J 516 -113.67 -31.60 32.65
C THR J 516 -113.63 -32.27 31.29
N HIS J 517 -113.31 -31.51 30.24
CA HIS J 517 -113.20 -32.07 28.93
C HIS J 517 -112.13 -33.16 28.96
N ARG J 518 -110.97 -32.87 29.53
CA ARG J 518 -109.92 -33.88 29.63
C ARG J 518 -110.42 -35.12 30.36
N ASN J 519 -111.20 -34.97 31.40
CA ASN J 519 -111.66 -36.12 32.14
C ASN J 519 -112.72 -36.89 31.38
N LYS J 520 -113.39 -36.26 30.44
CA LYS J 520 -114.50 -36.90 29.73
C LYS J 520 -114.26 -37.03 28.23
N ASP J 521 -113.01 -37.14 27.82
CA ASP J 521 -112.71 -37.30 26.41
C ASP J 521 -113.07 -38.68 25.91
N GLY J 522 -113.60 -38.73 24.71
CA GLY J 522 -114.00 -39.99 24.10
C GLY J 522 -115.38 -40.48 24.47
N THR J 523 -116.13 -39.74 25.28
CA THR J 523 -117.48 -40.12 25.67
C THR J 523 -118.55 -39.30 24.98
N GLY J 524 -118.18 -38.54 23.95
CA GLY J 524 -119.16 -37.74 23.22
C GLY J 524 -119.79 -36.63 24.03
N VAL J 525 -118.99 -35.91 24.79
CA VAL J 525 -119.48 -34.75 25.53
C VAL J 525 -118.72 -33.53 25.07
N ARG J 526 -119.42 -32.47 24.74
CA ARG J 526 -118.83 -31.23 24.26
C ARG J 526 -118.81 -30.19 25.38
N VAL J 527 -117.68 -29.54 25.55
CA VAL J 527 -117.50 -28.49 26.55
C VAL J 527 -117.33 -27.16 25.82
N ILE J 528 -118.10 -26.16 26.23
CA ILE J 528 -118.01 -24.81 25.69
C ILE J 528 -117.60 -23.88 26.82
N VAL J 529 -116.52 -23.13 26.63
CA VAL J 529 -116.08 -22.15 27.60
C VAL J 529 -116.95 -20.94 27.35
N ALA J 530 -117.96 -20.75 28.17
CA ALA J 530 -118.96 -19.71 27.95
C ALA J 530 -118.47 -18.31 28.29
N GLY J 531 -117.30 -18.18 28.91
CA GLY J 531 -116.80 -16.88 29.33
C GLY J 531 -115.67 -16.30 28.52
N THR J 532 -115.32 -16.90 27.39
CA THR J 532 -114.19 -16.41 26.59
C THR J 532 -114.48 -16.58 25.11
N LEU J 533 -114.12 -15.57 24.33
CA LEU J 533 -114.14 -15.64 22.87
C LEU J 533 -112.72 -15.93 22.40
N ASP J 534 -112.55 -17.05 21.70
CA ASP J 534 -111.26 -17.42 21.14
C ASP J 534 -111.47 -18.55 20.15
N ILE J 535 -110.43 -18.84 19.37
CA ILE J 535 -110.45 -19.92 18.40
C ILE J 535 -109.54 -21.03 18.91
N ASN J 536 -110.08 -22.25 18.96
CA ASN J 536 -109.33 -23.41 19.40
C ASN J 536 -108.82 -24.16 18.18
N PRO J 537 -107.51 -24.36 18.01
CA PRO J 537 -107.04 -25.05 16.79
C PRO J 537 -107.59 -26.46 16.66
N ASP J 538 -107.41 -27.31 17.68
CA ASP J 538 -107.91 -28.67 17.61
C ASP J 538 -109.43 -28.73 17.64
N ASP J 539 -110.10 -27.65 18.03
CA ASP J 539 -111.56 -27.59 18.00
C ASP J 539 -112.18 -28.73 18.79
N ASP J 540 -111.47 -29.24 19.81
CA ASP J 540 -111.99 -30.31 20.64
C ASP J 540 -112.93 -29.80 21.73
N TYR J 541 -112.94 -28.49 21.99
CA TYR J 541 -113.93 -27.90 22.88
C TYR J 541 -114.31 -26.53 22.33
N GLY J 542 -115.50 -26.07 22.71
CA GLY J 542 -116.04 -24.86 22.15
C GLY J 542 -115.68 -23.61 22.93
N PHE J 543 -115.94 -22.46 22.32
CA PHE J 543 -115.74 -21.17 22.95
C PHE J 543 -117.04 -20.39 22.94
N LYS J 544 -117.00 -19.12 23.37
CA LYS J 544 -118.22 -18.36 23.56
C LYS J 544 -119.05 -18.28 22.29
N GLN J 545 -118.41 -18.22 21.12
CA GLN J 545 -119.16 -18.09 19.87
C GLN J 545 -120.13 -19.25 19.66
N GLU J 546 -119.79 -20.43 20.17
CA GLU J 546 -120.61 -21.61 19.90
C GLU J 546 -122.02 -21.47 20.45
N ILE J 547 -122.16 -20.80 21.59
CA ILE J 547 -123.47 -20.71 22.23
C ILE J 547 -124.46 -19.91 21.40
N PHE J 548 -123.99 -18.89 20.69
CA PHE J 548 -124.91 -18.01 19.97
C PHE J 548 -124.97 -18.25 18.47
N ASP J 549 -124.08 -19.06 17.93
CA ASP J 549 -124.07 -19.34 16.50
C ASP J 549 -125.42 -19.90 16.06
N VAL J 550 -126.09 -19.22 15.13
CA VAL J 550 -127.40 -19.67 14.68
C VAL J 550 -127.29 -20.73 13.60
N THR J 551 -126.14 -20.87 12.95
CA THR J 551 -125.96 -21.86 11.91
C THR J 551 -125.58 -23.20 12.53
N SER J 552 -125.30 -24.19 11.68
CA SER J 552 -124.99 -25.53 12.17
C SER J 552 -123.72 -25.54 13.01
N ASN J 553 -122.81 -24.60 12.78
CA ASN J 553 -121.58 -24.55 13.57
C ASN J 553 -121.84 -24.36 15.05
N GLY J 554 -123.02 -23.88 15.44
CA GLY J 554 -123.36 -23.80 16.83
C GLY J 554 -123.50 -25.16 17.48
N LEU J 555 -123.98 -26.15 16.74
CA LEU J 555 -124.16 -27.51 17.25
C LEU J 555 -123.00 -28.37 16.77
N LYS J 556 -122.04 -28.60 17.65
CA LYS J 556 -120.92 -29.50 17.38
C LYS J 556 -120.87 -30.56 18.46
N LYS J 557 -120.80 -31.83 18.03
CA LYS J 557 -120.76 -32.96 18.95
C LYS J 557 -119.36 -33.54 18.98
N ASN J 558 -118.94 -33.98 20.16
CA ASN J 558 -117.63 -34.60 20.29
C ASN J 558 -117.74 -36.08 19.98
N PRO J 559 -116.61 -36.71 19.68
CA PRO J 559 -116.63 -38.13 19.32
C PRO J 559 -116.89 -39.11 20.42
N ASN J 560 -117.85 -40.00 20.25
CA ASN J 560 -118.01 -41.11 21.18
C ASN J 560 -117.39 -42.32 20.50
N TRP J 561 -116.24 -42.77 20.97
CA TRP J 561 -115.51 -43.83 20.29
C TRP J 561 -116.29 -45.10 20.21
N LEU J 562 -116.90 -45.52 21.30
CA LEU J 562 -117.59 -46.80 21.27
C LEU J 562 -118.62 -46.86 20.15
N GLU J 563 -119.28 -45.75 19.86
CA GLU J 563 -120.26 -45.71 18.78
C GLU J 563 -119.63 -45.46 17.42
N GLU J 564 -118.66 -44.57 17.37
CA GLU J 564 -118.03 -44.23 16.10
C GLU J 564 -117.25 -45.37 15.48
N TYR J 565 -116.67 -46.24 16.29
CA TYR J 565 -115.84 -47.32 15.78
C TYR J 565 -116.39 -48.65 16.25
N HIS J 566 -117.69 -48.72 16.48
CA HIS J 566 -118.32 -49.97 16.89
C HIS J 566 -118.15 -51.02 15.79
N PRO J 567 -117.69 -52.22 16.11
CA PRO J 567 -117.62 -53.28 15.08
C PRO J 567 -119.00 -53.70 14.62
N LYS J 568 -119.07 -54.15 13.38
CA LYS J 568 -120.32 -54.61 12.81
C LYS J 568 -120.13 -55.83 11.96
N LEU J 569 -121.20 -56.42 11.50
CA LEU J 569 -121.13 -57.56 10.61
C LEU J 569 -121.79 -57.18 9.33
N ILE J 570 -121.22 -57.58 8.20
CA ILE J 570 -121.82 -57.35 6.92
C ILE J 570 -121.70 -58.63 6.12
N LYS J 571 -122.39 -58.75 5.00
CA LYS J 571 -122.28 -59.91 4.14
C LYS J 571 -122.48 -59.49 2.69
N ASN J 572 -121.94 -60.30 1.78
CA ASN J 572 -122.05 -60.02 0.37
C ASN J 572 -123.12 -60.93 -0.24
N LYS J 573 -123.24 -60.95 -1.55
CA LYS J 573 -124.25 -61.78 -2.20
C LYS J 573 -124.03 -63.27 -2.00
N SER J 574 -122.79 -63.72 -1.92
CA SER J 574 -122.54 -65.13 -1.65
C SER J 574 -122.97 -65.54 -0.26
N GLY J 575 -123.22 -64.58 0.63
CA GLY J 575 -123.56 -64.87 2.00
C GLY J 575 -122.37 -64.97 2.94
N LYS J 576 -121.20 -64.54 2.50
CA LYS J 576 -120.04 -64.54 3.37
C LYS J 576 -120.09 -63.39 4.34
N ILE J 577 -119.91 -63.68 5.61
CA ILE J 577 -119.97 -62.65 6.62
C ILE J 577 -118.60 -62.07 6.89
N PHE J 578 -118.54 -60.77 7.03
CA PHE J 578 -117.31 -60.03 7.31
C PHE J 578 -117.46 -59.26 8.61
N VAL J 579 -116.39 -59.20 9.39
CA VAL J 579 -116.32 -58.30 10.54
C VAL J 579 -116.06 -56.91 9.96
N GLU J 580 -117.09 -56.08 9.90
CA GLU J 580 -116.96 -54.79 9.27
C GLU J 580 -116.18 -53.82 10.09
N THR J 581 -115.13 -53.29 9.50
CA THR J 581 -114.25 -52.38 10.20
C THR J 581 -113.64 -51.42 9.18
N LYS J 582 -113.13 -50.30 9.65
CA LYS J 582 -112.48 -49.33 8.79
C LYS J 582 -111.40 -49.95 7.93
N PHE J 583 -110.52 -50.76 8.50
CA PHE J 583 -109.54 -51.51 7.72
C PHE J 583 -110.20 -52.53 6.82
N SER J 584 -111.11 -53.34 7.38
CA SER J 584 -111.82 -54.33 6.57
C SER J 584 -112.65 -53.68 5.48
N LYS J 585 -113.26 -52.53 5.79
CA LYS J 585 -114.02 -51.81 4.78
C LYS J 585 -113.12 -51.37 3.63
N LEU J 586 -111.90 -50.93 3.95
CA LEU J 586 -110.98 -50.52 2.90
C LEU J 586 -110.55 -51.71 2.03
N ILE J 587 -110.03 -52.77 2.61
CA ILE J 587 -109.46 -53.86 1.84
C ILE J 587 -110.39 -54.99 1.45
N GLY J 588 -111.64 -54.91 1.84
CA GLY J 588 -112.58 -55.92 1.39
C GLY J 588 -112.28 -57.32 1.90
N ARG J 589 -111.51 -57.44 2.97
CA ARG J 589 -111.11 -58.73 3.52
C ARG J 589 -111.13 -58.63 5.02
N PRO J 590 -111.20 -59.76 5.70
CA PRO J 590 -111.23 -59.75 7.17
C PRO J 590 -110.13 -58.84 7.78
N PRO J 591 -110.40 -58.16 8.91
CA PRO J 591 -109.41 -57.23 9.48
C PRO J 591 -108.27 -57.92 10.22
N LEU J 592 -107.70 -58.95 9.60
CA LEU J 592 -106.63 -59.72 10.20
C LEU J 592 -105.53 -59.90 9.16
N LEU J 593 -104.28 -59.68 9.51
CA LEU J 593 -103.18 -59.72 8.56
C LEU J 593 -101.99 -60.43 9.20
N VAL J 594 -101.14 -60.97 8.34
CA VAL J 594 -99.88 -61.59 8.74
C VAL J 594 -98.77 -60.59 8.49
N PRO J 595 -98.05 -60.12 9.51
CA PRO J 595 -97.03 -59.09 9.29
C PRO J 595 -95.78 -59.67 8.67
N GLY J 596 -94.96 -58.79 8.11
CA GLY J 596 -93.69 -59.20 7.55
C GLY J 596 -92.82 -59.86 8.60
N MET J 597 -92.36 -61.07 8.36
CA MET J 597 -91.48 -61.72 9.29
C MET J 597 -90.31 -62.38 8.60
N THR J 598 -89.11 -61.98 8.97
CA THR J 598 -87.91 -62.60 8.41
C THR J 598 -87.38 -63.51 9.48
N PRO J 599 -87.62 -64.83 9.35
CA PRO J 599 -87.59 -65.61 8.11
C PRO J 599 -88.93 -66.10 7.53
N CYS J 600 -90.00 -66.23 8.30
CA CYS J 600 -91.28 -66.84 7.85
C CYS J 600 -92.04 -66.32 6.62
N THR J 601 -92.09 -65.02 6.40
CA THR J 601 -92.86 -64.47 5.27
C THR J 601 -91.94 -64.21 4.10
N VAL J 602 -90.73 -64.73 4.18
CA VAL J 602 -89.81 -64.61 3.06
C VAL J 602 -90.24 -65.63 2.01
N SER J 603 -90.72 -66.77 2.44
CA SER J 603 -91.16 -67.82 1.52
C SER J 603 -92.27 -67.37 0.61
N PRO J 604 -92.05 -67.43 -0.70
CA PRO J 604 -93.18 -67.07 -1.58
C PRO J 604 -94.32 -68.08 -1.49
N ASP J 605 -94.05 -69.31 -1.07
CA ASP J 605 -95.11 -70.30 -0.90
C ASP J 605 -96.03 -69.93 0.24
N PHE J 606 -95.47 -69.47 1.36
CA PHE J 606 -96.31 -69.11 2.51
C PHE J 606 -97.10 -67.84 2.23
N VAL J 607 -96.50 -66.88 1.55
CA VAL J 607 -97.21 -65.66 1.18
C VAL J 607 -98.40 -66.01 0.29
N ALA J 608 -98.16 -66.85 -0.72
CA ALA J 608 -99.24 -67.23 -1.62
C ALA J 608 -100.31 -68.03 -0.90
N ALA J 609 -99.91 -68.91 0.03
CA ALA J 609 -100.89 -69.70 0.76
C ALA J 609 -101.78 -68.82 1.63
N THR J 610 -101.17 -67.84 2.32
CA THR J 610 -101.96 -66.94 3.14
C THR J 610 -102.89 -66.08 2.28
N THR J 611 -102.43 -65.59 1.14
CA THR J 611 -103.26 -64.80 0.27
C THR J 611 -104.39 -65.60 -0.35
N ASN J 612 -104.14 -66.85 -0.69
CA ASN J 612 -105.19 -67.71 -1.21
C ASN J 612 -106.19 -68.14 -0.16
N ALA J 613 -105.82 -68.07 1.12
CA ALA J 613 -106.76 -68.29 2.20
C ALA J 613 -107.72 -67.12 2.38
N GLY J 614 -107.34 -65.93 1.94
CA GLY J 614 -108.17 -64.76 2.03
C GLY J 614 -107.75 -63.75 3.08
N TYR J 615 -106.47 -63.70 3.41
CA TYR J 615 -106.00 -62.82 4.43
C TYR J 615 -104.76 -62.10 4.00
N THR J 616 -104.61 -60.86 4.45
CA THR J 616 -103.47 -60.04 4.08
C THR J 616 -102.15 -60.53 4.64
N ILE J 617 -101.08 -60.41 3.86
CA ILE J 617 -99.76 -60.83 4.31
C ILE J 617 -98.71 -59.95 3.64
N GLU J 618 -97.60 -59.73 4.31
CA GLU J 618 -96.52 -58.91 3.78
C GLU J 618 -95.31 -59.79 3.47
N LEU J 619 -94.85 -59.77 2.23
CA LEU J 619 -93.63 -60.48 1.86
C LEU J 619 -92.43 -59.75 2.47
N ALA J 620 -91.64 -60.49 3.24
CA ALA J 620 -90.54 -59.89 4.00
C ALA J 620 -89.37 -59.57 3.08
N GLY J 621 -89.03 -58.29 2.99
CA GLY J 621 -87.86 -57.88 2.23
C GLY J 621 -86.55 -58.10 2.93
N GLY J 622 -86.57 -58.48 4.21
CA GLY J 622 -85.37 -58.75 4.96
C GLY J 622 -84.67 -60.04 4.60
N GLY J 623 -85.32 -60.89 3.80
CA GLY J 623 -84.70 -62.10 3.30
C GLY J 623 -84.14 -61.99 1.89
N TYR J 624 -84.06 -60.77 1.39
CA TYR J 624 -83.62 -60.56 0.02
C TYR J 624 -82.52 -59.55 -0.01
N PHE J 625 -81.56 -59.72 -0.92
CA PHE J 625 -80.39 -58.86 -0.94
C PHE J 625 -80.14 -58.19 -2.26
N SER J 626 -81.08 -58.28 -3.19
CA SER J 626 -80.96 -57.60 -4.48
C SER J 626 -82.32 -57.41 -5.05
N ALA J 627 -82.44 -56.53 -6.04
CA ALA J 627 -83.73 -56.36 -6.70
C ALA J 627 -84.09 -57.59 -7.53
N ALA J 628 -83.10 -58.28 -8.10
CA ALA J 628 -83.39 -59.44 -8.93
C ALA J 628 -84.01 -60.57 -8.11
N GLY J 629 -83.50 -60.80 -6.91
CA GLY J 629 -83.98 -61.89 -6.09
C GLY J 629 -85.38 -61.63 -5.59
N MET J 630 -85.63 -60.41 -5.16
CA MET J 630 -86.97 -60.04 -4.72
C MET J 630 -87.94 -60.05 -5.89
N THR J 631 -87.48 -59.67 -7.08
CA THR J 631 -88.33 -59.75 -8.26
C THR J 631 -88.72 -61.20 -8.55
N ALA J 632 -87.80 -62.13 -8.40
CA ALA J 632 -88.12 -63.52 -8.63
C ALA J 632 -89.08 -64.05 -7.58
N ALA J 633 -88.97 -63.58 -6.35
CA ALA J 633 -89.85 -64.03 -5.29
C ALA J 633 -91.24 -63.46 -5.47
N ILE J 634 -91.33 -62.22 -5.93
CA ILE J 634 -92.62 -61.62 -6.19
C ILE J 634 -93.27 -62.28 -7.40
N ASP J 635 -92.48 -62.62 -8.42
CA ASP J 635 -93.03 -63.31 -9.58
C ASP J 635 -93.56 -64.69 -9.19
N SER J 636 -92.84 -65.39 -8.31
CA SER J 636 -93.35 -66.67 -7.83
C SER J 636 -94.68 -66.51 -7.10
N VAL J 637 -94.76 -65.50 -6.21
CA VAL J 637 -96.00 -65.26 -5.49
C VAL J 637 -97.12 -64.97 -6.47
N VAL J 638 -96.86 -64.12 -7.47
CA VAL J 638 -97.89 -63.76 -8.44
C VAL J 638 -98.33 -65.01 -9.21
N SER J 639 -97.40 -65.86 -9.60
CA SER J 639 -97.75 -67.06 -10.34
C SER J 639 -98.54 -68.04 -9.48
N GLN J 640 -98.41 -67.95 -8.15
CA GLN J 640 -99.15 -68.87 -7.29
C GLN J 640 -100.53 -68.35 -6.86
N ILE J 641 -100.70 -67.05 -6.72
CA ILE J 641 -101.97 -66.51 -6.24
C ILE J 641 -102.98 -66.47 -7.38
N GLU J 642 -104.26 -66.47 -7.02
CA GLU J 642 -105.33 -66.46 -8.01
C GLU J 642 -105.50 -65.06 -8.60
N LYS J 643 -106.06 -65.02 -9.80
CA LYS J 643 -106.28 -63.76 -10.49
C LYS J 643 -107.14 -62.82 -9.65
N GLY J 644 -106.70 -61.57 -9.54
CA GLY J 644 -107.40 -60.55 -8.79
C GLY J 644 -106.89 -60.35 -7.38
N SER J 645 -106.02 -61.23 -6.89
CA SER J 645 -105.51 -61.13 -5.53
C SER J 645 -104.34 -60.14 -5.47
N THR J 646 -103.95 -59.77 -4.27
CA THR J 646 -102.87 -58.81 -4.08
C THR J 646 -102.15 -59.16 -2.82
N PHE J 647 -101.07 -58.45 -2.52
CA PHE J 647 -100.30 -58.69 -1.32
C PHE J 647 -99.42 -57.51 -1.04
N GLY J 648 -98.73 -57.52 0.09
CA GLY J 648 -97.92 -56.40 0.49
C GLY J 648 -96.44 -56.77 0.62
N ILE J 649 -95.63 -55.74 0.81
CA ILE J 649 -94.19 -55.89 1.00
C ILE J 649 -93.78 -55.17 2.27
N ASN J 650 -92.89 -55.79 3.04
CA ASN J 650 -92.35 -55.21 4.26
C ASN J 650 -90.88 -54.87 4.04
N LEU J 651 -90.50 -53.64 4.36
CA LEU J 651 -89.12 -53.20 4.23
C LEU J 651 -88.60 -52.71 5.57
N ILE J 652 -87.31 -52.93 5.83
CA ILE J 652 -86.69 -52.50 7.06
C ILE J 652 -86.06 -51.13 6.91
N TYR J 653 -86.37 -50.22 7.81
CA TYR J 653 -85.88 -48.84 7.68
C TYR J 653 -84.43 -48.68 8.14
N VAL J 654 -83.93 -49.63 8.91
CA VAL J 654 -82.55 -49.57 9.37
C VAL J 654 -81.64 -50.29 8.40
N ASN J 655 -82.15 -50.68 7.24
CA ASN J 655 -81.33 -51.27 6.21
C ASN J 655 -81.30 -50.29 5.06
N PRO J 656 -80.37 -49.35 5.09
CA PRO J 656 -80.38 -48.35 4.02
C PRO J 656 -80.23 -48.97 2.66
N PHE J 657 -79.52 -50.07 2.56
CA PHE J 657 -79.29 -50.69 1.27
C PHE J 657 -80.56 -51.24 0.71
N MET J 658 -81.33 -51.90 1.56
CA MET J 658 -82.59 -52.48 1.15
C MET J 658 -83.51 -51.42 0.62
N LEU J 659 -83.57 -50.28 1.29
CA LEU J 659 -84.46 -49.24 0.88
C LEU J 659 -83.98 -48.70 -0.44
N GLN J 660 -82.67 -48.62 -0.59
CA GLN J 660 -82.12 -48.09 -1.82
C GLN J 660 -82.45 -48.97 -3.01
N TRP J 661 -82.38 -50.28 -2.84
CA TRP J 661 -82.72 -51.16 -3.96
C TRP J 661 -84.19 -51.59 -3.97
N GLY J 662 -84.93 -51.39 -2.89
CA GLY J 662 -86.31 -51.87 -2.83
C GLY J 662 -87.35 -50.85 -3.24
N ILE J 663 -87.21 -49.61 -2.78
CA ILE J 663 -88.19 -48.58 -3.13
C ILE J 663 -88.27 -48.37 -4.63
N PRO J 664 -87.16 -48.21 -5.35
CA PRO J 664 -87.26 -48.15 -6.82
C PRO J 664 -87.86 -49.40 -7.43
N LEU J 665 -87.58 -50.57 -6.85
CA LEU J 665 -88.15 -51.80 -7.38
C LEU J 665 -89.67 -51.79 -7.25
N ILE J 666 -90.18 -51.37 -6.08
CA ILE J 666 -91.62 -51.31 -5.89
C ILE J 666 -92.23 -50.30 -6.85
N LYS J 667 -91.58 -49.15 -7.03
CA LYS J 667 -92.09 -48.17 -7.98
C LYS J 667 -92.19 -48.75 -9.38
N GLU J 668 -91.14 -49.44 -9.83
CA GLU J 668 -91.13 -50.01 -11.17
C GLU J 668 -92.21 -51.07 -11.31
N LEU J 669 -92.33 -51.96 -10.31
CA LEU J 669 -93.31 -53.04 -10.39
C LEU J 669 -94.73 -52.49 -10.40
N ARG J 670 -95.01 -51.48 -9.56
CA ARG J 670 -96.33 -50.88 -9.56
C ARG J 670 -96.62 -50.20 -10.89
N SER J 671 -95.63 -49.52 -11.47
CA SER J 671 -95.81 -48.96 -12.81
C SER J 671 -96.12 -50.06 -13.81
N LYS J 672 -95.57 -51.26 -13.59
CA LYS J 672 -95.92 -52.40 -14.44
C LYS J 672 -97.30 -52.96 -14.14
N GLY J 673 -97.93 -52.55 -13.05
CA GLY J 673 -99.23 -53.07 -12.67
C GLY J 673 -99.21 -54.28 -11.76
N TYR J 674 -98.10 -54.51 -11.06
CA TYR J 674 -98.02 -55.67 -10.18
C TYR J 674 -99.00 -55.52 -9.02
N PRO J 675 -99.59 -56.63 -8.55
CA PRO J 675 -100.60 -56.54 -7.47
C PRO J 675 -99.99 -56.38 -6.09
N ILE J 676 -99.21 -55.32 -5.91
CA ILE J 676 -98.63 -54.97 -4.62
C ILE J 676 -99.57 -53.94 -3.99
N GLN J 677 -100.38 -54.34 -3.04
CA GLN J 677 -101.38 -53.45 -2.49
C GLN J 677 -100.84 -52.41 -1.58
N PHE J 678 -99.80 -52.74 -0.83
CA PHE J 678 -99.34 -51.80 0.19
C PHE J 678 -97.87 -52.09 0.50
N LEU J 679 -97.25 -51.12 1.18
CA LEU J 679 -95.89 -51.25 1.68
C LEU J 679 -95.90 -50.95 3.18
N THR J 680 -95.28 -51.83 3.95
CA THR J 680 -95.11 -51.62 5.38
C THR J 680 -93.63 -51.40 5.68
N ILE J 681 -93.36 -50.44 6.58
CA ILE J 681 -92.00 -50.10 6.97
C ILE J 681 -91.82 -50.51 8.42
N GLY J 682 -90.87 -51.40 8.67
CA GLY J 682 -90.57 -51.88 9.99
C GLY J 682 -89.25 -51.29 10.51
N ALA J 683 -89.06 -51.45 11.83
CA ALA J 683 -87.85 -50.99 12.50
C ALA J 683 -87.62 -49.50 12.25
N GLY J 684 -88.63 -48.69 12.46
CA GLY J 684 -88.48 -47.27 12.28
C GLY J 684 -89.57 -46.61 11.51
N VAL J 685 -89.79 -45.33 11.74
CA VAL J 685 -90.80 -44.59 11.02
C VAL J 685 -90.01 -43.62 10.19
N PRO J 686 -90.35 -43.53 8.90
CA PRO J 686 -89.66 -42.56 8.04
C PRO J 686 -89.93 -41.12 8.47
N SER J 687 -89.22 -40.21 7.83
CA SER J 687 -89.44 -38.81 8.07
C SER J 687 -90.59 -38.41 7.20
N LEU J 688 -91.15 -37.26 7.47
CA LEU J 688 -92.28 -36.79 6.70
C LEU J 688 -91.93 -36.75 5.23
N GLU J 689 -90.75 -36.27 4.89
CA GLU J 689 -90.40 -36.13 3.49
C GLU J 689 -90.31 -37.47 2.76
N VAL J 690 -89.73 -38.49 3.39
CA VAL J 690 -89.63 -39.80 2.77
C VAL J 690 -91.00 -40.41 2.67
N ALA J 691 -91.82 -40.20 3.70
CA ALA J 691 -93.14 -40.76 3.70
C ALA J 691 -93.92 -40.16 2.55
N SER J 692 -93.76 -38.86 2.34
CA SER J 692 -94.43 -38.23 1.21
C SER J 692 -93.95 -38.83 -0.12
N GLU J 693 -92.64 -39.06 -0.23
CA GLU J 693 -92.11 -39.67 -1.44
C GLU J 693 -92.76 -41.03 -1.68
N TYR J 694 -92.83 -41.86 -0.63
CA TYR J 694 -93.46 -43.17 -0.78
C TYR J 694 -94.92 -43.02 -1.21
N ILE J 695 -95.67 -42.20 -0.47
CA ILE J 695 -97.12 -42.10 -0.71
C ILE J 695 -97.39 -41.62 -2.13
N GLU J 696 -96.65 -40.63 -2.60
CA GLU J 696 -96.90 -40.10 -3.94
C GLU J 696 -96.39 -41.05 -5.02
N THR J 697 -95.09 -41.38 -4.98
CA THR J 697 -94.47 -42.08 -6.10
C THR J 697 -94.94 -43.52 -6.20
N LEU J 698 -94.97 -44.25 -5.08
CA LEU J 698 -95.06 -45.70 -5.18
C LEU J 698 -96.40 -46.18 -5.75
N GLY J 699 -97.43 -45.35 -5.72
CA GLY J 699 -98.71 -45.74 -6.27
C GLY J 699 -99.34 -46.92 -5.58
N LEU J 700 -99.30 -46.93 -4.24
CA LEU J 700 -99.87 -48.00 -3.44
C LEU J 700 -101.25 -47.61 -2.94
N LYS J 701 -102.00 -48.60 -2.47
CA LYS J 701 -103.32 -48.35 -1.91
C LYS J 701 -103.22 -47.72 -0.53
N TYR J 702 -102.31 -48.21 0.31
CA TYR J 702 -102.12 -47.62 1.63
C TYR J 702 -100.71 -47.93 2.11
N LEU J 703 -100.28 -47.20 3.13
CA LEU J 703 -98.95 -47.31 3.70
C LEU J 703 -99.05 -47.82 5.13
N GLY J 704 -98.28 -48.87 5.44
CA GLY J 704 -98.22 -49.41 6.78
C GLY J 704 -97.00 -48.89 7.52
N LEU J 705 -97.21 -48.45 8.75
CA LEU J 705 -96.14 -47.98 9.62
C LEU J 705 -96.27 -48.65 10.97
N LYS J 706 -95.11 -48.88 11.61
CA LYS J 706 -95.04 -49.61 12.88
C LYS J 706 -94.32 -48.76 13.90
N PRO J 707 -95.00 -47.76 14.49
CA PRO J 707 -94.36 -46.96 15.53
C PRO J 707 -93.99 -47.82 16.74
N GLY J 708 -92.89 -47.45 17.38
CA GLY J 708 -92.41 -48.20 18.53
C GLY J 708 -92.59 -47.49 19.85
N SER J 709 -92.95 -46.21 19.83
CA SER J 709 -93.06 -45.41 21.05
C SER J 709 -93.98 -44.22 20.79
N ILE J 710 -94.13 -43.39 21.82
CA ILE J 710 -95.00 -42.22 21.72
C ILE J 710 -94.52 -41.30 20.60
N ASP J 711 -93.22 -41.04 20.54
CA ASP J 711 -92.68 -40.15 19.52
C ASP J 711 -92.91 -40.72 18.12
N ALA J 712 -92.79 -42.03 18.00
CA ALA J 712 -93.00 -42.66 16.73
C ALA J 712 -94.46 -42.50 16.33
N ILE J 713 -95.38 -42.64 17.28
CA ILE J 713 -96.80 -42.47 17.01
C ILE J 713 -97.09 -41.03 16.60
N SER J 714 -96.43 -40.06 17.24
CA SER J 714 -96.62 -38.66 16.84
C SER J 714 -96.12 -38.43 15.42
N GLN J 715 -95.03 -39.06 15.05
CA GLN J 715 -94.52 -38.91 13.70
C GLN J 715 -95.47 -39.57 12.70
N VAL J 716 -96.07 -40.69 13.06
CA VAL J 716 -97.09 -41.31 12.20
C VAL J 716 -98.29 -40.39 12.04
N ILE J 717 -98.71 -39.75 13.13
CA ILE J 717 -99.83 -38.82 13.07
C ILE J 717 -99.49 -37.66 12.16
N ASN J 718 -98.26 -37.14 12.24
CA ASN J 718 -97.87 -36.04 11.37
C ASN J 718 -97.88 -36.48 9.91
N ILE J 719 -97.42 -37.69 9.62
CA ILE J 719 -97.47 -38.19 8.26
C ILE J 719 -98.92 -38.28 7.77
N ALA J 720 -99.80 -38.82 8.61
CA ALA J 720 -101.21 -38.92 8.23
C ALA J 720 -101.85 -37.55 8.05
N LYS J 721 -101.38 -36.55 8.80
CA LYS J 721 -101.93 -35.21 8.68
C LYS J 721 -101.46 -34.53 7.40
N ALA J 722 -100.20 -34.75 7.02
CA ALA J 722 -99.71 -34.15 5.79
C ALA J 722 -100.43 -34.70 4.57
N HIS J 723 -100.98 -35.90 4.67
CA HIS J 723 -101.72 -36.54 3.57
C HIS J 723 -103.07 -37.00 4.10
N PRO J 724 -104.00 -36.07 4.32
CA PRO J 724 -105.25 -36.42 5.02
C PRO J 724 -106.12 -37.42 4.27
N ASN J 725 -105.91 -37.62 2.97
CA ASN J 725 -106.76 -38.51 2.19
C ASN J 725 -106.18 -39.91 2.03
N PHE J 726 -104.86 -40.05 2.12
CA PHE J 726 -104.24 -41.35 1.93
C PHE J 726 -104.47 -42.23 3.15
N PRO J 727 -104.83 -43.50 2.99
CA PRO J 727 -104.95 -44.38 4.16
C PRO J 727 -103.59 -44.75 4.73
N ILE J 728 -103.47 -44.65 6.04
CA ILE J 728 -102.25 -45.00 6.77
C ILE J 728 -102.62 -46.06 7.80
N ALA J 729 -101.94 -47.20 7.73
CA ALA J 729 -102.17 -48.31 8.66
C ALA J 729 -101.16 -48.20 9.80
N LEU J 730 -101.62 -47.77 10.97
CA LEU J 730 -100.78 -47.67 12.15
C LEU J 730 -100.77 -49.03 12.83
N GLN J 731 -99.64 -49.72 12.77
CA GLN J 731 -99.50 -51.08 13.30
C GLN J 731 -98.78 -50.97 14.64
N TRP J 732 -99.54 -50.85 15.72
CA TRP J 732 -98.96 -50.72 17.03
C TRP J 732 -98.62 -52.07 17.62
N THR J 733 -97.43 -52.17 18.20
CA THR J 733 -96.95 -53.39 18.84
C THR J 733 -96.16 -53.01 20.08
N GLY J 734 -96.36 -53.78 21.16
CA GLY J 734 -95.58 -53.59 22.36
C GLY J 734 -94.28 -54.38 22.34
N GLY J 735 -93.48 -54.17 23.39
CA GLY J 735 -92.25 -54.92 23.52
C GLY J 735 -92.43 -56.41 23.75
N ARG J 736 -93.65 -56.84 24.02
CA ARG J 736 -93.93 -58.22 24.25
C ARG J 736 -93.96 -59.08 23.00
N GLY J 737 -93.85 -58.49 21.82
CA GLY J 737 -93.84 -59.25 20.60
C GLY J 737 -92.55 -59.97 20.26
N GLY J 738 -92.61 -60.99 19.43
CA GLY J 738 -91.41 -61.68 18.99
C GLY J 738 -90.55 -60.92 18.03
N GLY J 739 -89.31 -61.36 17.82
CA GLY J 739 -88.38 -60.68 16.95
C GLY J 739 -87.76 -59.48 17.62
N HIS J 740 -87.37 -58.48 16.85
CA HIS J 740 -86.85 -57.27 17.45
C HIS J 740 -87.96 -56.55 18.18
N HIS J 741 -87.76 -56.28 19.46
CA HIS J 741 -88.79 -55.69 20.25
C HIS J 741 -88.34 -54.45 20.99
N SER J 742 -89.30 -53.63 21.39
CA SER J 742 -89.02 -52.41 22.13
C SER J 742 -89.15 -52.66 23.63
N PHE J 743 -88.98 -51.60 24.40
CA PHE J 743 -89.13 -51.64 25.85
C PHE J 743 -90.50 -51.16 26.31
N GLU J 744 -91.41 -50.85 25.39
CA GLU J 744 -92.65 -50.17 25.74
C GLU J 744 -93.71 -51.15 26.20
N ASP J 745 -94.61 -50.66 27.06
CA ASP J 745 -95.75 -51.45 27.44
C ASP J 745 -96.67 -51.46 26.23
N ALA J 746 -97.56 -52.43 26.13
CA ALA J 746 -98.47 -52.56 25.01
C ALA J 746 -99.71 -51.70 25.15
N HIS J 747 -100.07 -51.28 26.35
CA HIS J 747 -101.30 -50.52 26.57
C HIS J 747 -101.13 -49.04 26.91
N THR J 748 -100.19 -48.64 27.76
CA THR J 748 -100.11 -47.23 28.13
C THR J 748 -99.91 -46.30 26.94
N PRO J 749 -99.07 -46.60 25.94
CA PRO J 749 -99.00 -45.70 24.79
C PRO J 749 -100.31 -45.54 24.05
N MET J 750 -101.09 -46.62 23.96
CA MET J 750 -102.39 -46.54 23.30
C MET J 750 -103.37 -45.73 24.13
N LEU J 751 -103.42 -45.99 25.44
CA LEU J 751 -104.26 -45.17 26.31
C LEU J 751 -103.89 -43.70 26.21
N GLN J 752 -102.61 -43.41 25.96
CA GLN J 752 -102.16 -42.03 25.87
C GLN J 752 -102.53 -41.38 24.54
N MET J 753 -102.42 -42.12 23.43
CA MET J 753 -102.47 -41.52 22.11
C MET J 753 -103.69 -41.92 21.29
N TYR J 754 -104.65 -42.63 21.87
CA TYR J 754 -105.81 -43.06 21.08
C TYR J 754 -106.63 -41.88 20.58
N SER J 755 -106.88 -40.90 21.43
CA SER J 755 -107.60 -39.72 20.98
C SER J 755 -106.89 -39.00 19.85
N LYS J 756 -105.60 -38.76 19.97
CA LYS J 756 -104.85 -38.12 18.90
C LYS J 756 -104.95 -38.93 17.62
N ILE J 757 -104.92 -40.24 17.70
CA ILE J 757 -104.98 -41.03 16.51
C ILE J 757 -106.33 -40.88 15.88
N ARG J 758 -107.39 -40.98 16.66
CA ARG J 758 -108.72 -40.97 16.10
C ARG J 758 -109.17 -39.63 15.55
N ARG J 759 -108.38 -38.60 15.76
CA ARG J 759 -108.72 -37.30 15.26
C ARG J 759 -108.40 -37.28 13.80
N HIS J 760 -107.77 -38.35 13.32
CA HIS J 760 -107.46 -38.49 11.90
C HIS J 760 -108.18 -39.68 11.31
N PRO J 761 -109.24 -39.44 10.51
CA PRO J 761 -109.98 -40.60 9.99
C PRO J 761 -109.20 -41.46 9.01
N ASN J 762 -108.10 -40.95 8.46
CA ASN J 762 -107.33 -41.72 7.49
C ASN J 762 -106.33 -42.67 8.13
N ILE J 763 -106.27 -42.69 9.45
CA ILE J 763 -105.43 -43.65 10.15
C ILE J 763 -106.20 -44.87 10.62
N MET J 764 -105.74 -46.05 10.28
CA MET J 764 -106.35 -47.30 10.71
C MET J 764 -105.51 -47.90 11.83
N LEU J 765 -106.14 -48.19 12.96
CA LEU J 765 -105.42 -48.68 14.13
C LEU J 765 -105.40 -50.20 14.13
N ILE J 766 -104.21 -50.78 14.03
CA ILE J 766 -103.99 -52.22 14.11
C ILE J 766 -103.23 -52.51 15.40
N PHE J 767 -103.72 -53.49 16.16
CA PHE J 767 -103.11 -53.90 17.42
C PHE J 767 -102.45 -55.27 17.23
N GLY J 768 -101.21 -55.40 17.69
CA GLY J 768 -100.50 -56.65 17.60
C GLY J 768 -99.71 -56.98 18.85
N SER J 769 -98.67 -57.80 18.70
CA SER J 769 -97.74 -58.12 19.78
C SER J 769 -98.46 -58.84 20.94
N GLY J 770 -98.88 -60.07 20.66
CA GLY J 770 -99.30 -60.96 21.73
C GLY J 770 -100.67 -61.57 21.59
N PHE J 771 -101.10 -61.78 20.36
CA PHE J 771 -102.42 -62.29 20.12
C PHE J 771 -102.33 -63.65 19.51
N GLY J 772 -103.31 -64.49 19.76
CA GLY J 772 -103.32 -65.82 19.18
C GLY J 772 -104.68 -66.39 18.86
N SER J 773 -105.74 -65.69 19.17
CA SER J 773 -107.09 -66.19 18.95
C SER J 773 -108.10 -65.11 19.04
N ALA J 774 -109.34 -65.46 18.77
CA ALA J 774 -110.43 -64.50 18.83
C ALA J 774 -110.79 -64.12 20.25
N ASP J 775 -110.53 -65.00 21.23
CA ASP J 775 -110.94 -64.72 22.60
C ASP J 775 -110.13 -63.59 23.21
N ASP J 776 -108.83 -63.55 22.96
CA ASP J 776 -107.98 -62.51 23.53
C ASP J 776 -107.91 -61.25 22.67
N THR J 777 -108.44 -61.28 21.45
CA THR J 777 -108.52 -60.09 20.62
C THR J 777 -109.90 -59.44 20.64
N TYR J 778 -110.91 -60.13 21.13
CA TYR J 778 -112.25 -59.57 21.14
C TYR J 778 -112.38 -58.33 22.00
N PRO J 779 -111.75 -58.29 23.17
CA PRO J 779 -111.91 -57.10 24.01
C PRO J 779 -111.33 -55.86 23.35
N TYR J 780 -110.41 -56.03 22.42
CA TYR J 780 -109.83 -54.93 21.67
C TYR J 780 -110.70 -54.60 20.48
N LEU J 781 -111.33 -55.59 19.90
CA LEU J 781 -112.28 -55.31 18.82
C LEU J 781 -113.44 -54.47 19.32
N THR J 782 -113.98 -54.81 20.49
CA THR J 782 -115.14 -54.10 21.03
C THR J 782 -114.76 -52.86 21.81
N GLY J 783 -113.48 -52.65 22.12
CA GLY J 783 -113.04 -51.49 22.85
C GLY J 783 -113.12 -51.62 24.36
N GLU J 784 -113.73 -52.70 24.87
CA GLU J 784 -113.86 -52.87 26.30
C GLU J 784 -112.53 -53.13 27.00
N TRP J 785 -111.45 -53.36 26.28
CA TRP J 785 -110.18 -53.60 26.91
C TRP J 785 -109.71 -52.46 27.77
N SER J 786 -110.07 -51.24 27.43
CA SER J 786 -109.58 -50.08 28.15
C SER J 786 -110.44 -49.71 29.36
N THR J 787 -111.61 -50.34 29.53
CA THR J 787 -112.46 -50.00 30.66
C THR J 787 -111.79 -50.37 31.99
N LYS J 788 -111.03 -51.46 31.99
CA LYS J 788 -110.33 -51.93 33.20
C LYS J 788 -109.30 -50.92 33.66
N PHE J 789 -108.84 -50.10 32.74
CA PHE J 789 -107.94 -49.01 33.09
C PHE J 789 -108.68 -47.72 33.40
N ASP J 790 -109.98 -47.80 33.67
CA ASP J 790 -110.80 -46.62 33.97
C ASP J 790 -110.75 -45.61 32.82
N TYR J 791 -110.95 -46.12 31.61
CA TYR J 791 -110.99 -45.34 30.39
C TYR J 791 -112.26 -45.66 29.62
N PRO J 792 -112.72 -44.76 28.75
CA PRO J 792 -113.82 -45.11 27.85
C PRO J 792 -113.39 -46.18 26.87
N PRO J 793 -114.33 -46.97 26.35
CA PRO J 793 -113.95 -48.02 25.40
C PRO J 793 -113.24 -47.45 24.18
N MET J 794 -112.20 -48.15 23.74
CA MET J 794 -111.39 -47.75 22.58
C MET J 794 -111.28 -48.92 21.62
N PRO J 795 -112.24 -49.08 20.71
CA PRO J 795 -112.13 -50.15 19.72
C PRO J 795 -110.97 -49.95 18.75
N PHE J 796 -110.45 -51.05 18.24
CA PHE J 796 -109.37 -51.05 17.26
C PHE J 796 -109.88 -51.58 15.92
N ASP J 797 -109.12 -51.28 14.87
CA ASP J 797 -109.56 -51.59 13.52
C ASP J 797 -109.13 -52.97 13.03
N GLY J 798 -108.14 -53.59 13.66
CA GLY J 798 -107.68 -54.89 13.19
C GLY J 798 -106.53 -55.39 14.04
N PHE J 799 -106.04 -56.58 13.66
CA PHE J 799 -105.00 -57.26 14.42
C PHE J 799 -104.02 -57.94 13.49
N LEU J 800 -102.79 -58.13 13.98
CA LEU J 800 -101.76 -58.88 13.29
C LEU J 800 -101.24 -59.97 14.21
N PHE J 801 -100.91 -61.11 13.61
CA PHE J 801 -100.47 -62.26 14.36
C PHE J 801 -99.19 -62.79 13.80
N GLY J 802 -98.07 -62.48 14.42
CA GLY J 802 -96.80 -63.00 13.97
C GLY J 802 -96.43 -64.35 14.54
N SER J 803 -95.99 -64.37 15.78
CA SER J 803 -95.61 -65.61 16.44
C SER J 803 -96.66 -66.72 16.32
N ARG J 804 -97.95 -66.40 16.34
CA ARG J 804 -99.02 -67.40 16.21
C ARG J 804 -98.98 -68.30 14.98
N VAL J 805 -98.52 -67.79 13.84
CA VAL J 805 -98.56 -68.55 12.60
C VAL J 805 -97.17 -69.10 12.24
N MET J 806 -96.29 -69.28 13.22
CA MET J 806 -94.96 -69.81 12.96
C MET J 806 -94.93 -71.33 12.90
N ILE J 807 -96.03 -71.98 13.25
CA ILE J 807 -96.12 -73.42 13.15
C ILE J 807 -97.19 -73.84 12.15
N ALA J 808 -97.61 -72.93 11.29
CA ALA J 808 -98.61 -73.24 10.28
C ALA J 808 -98.05 -74.23 9.27
N LYS J 809 -98.92 -75.06 8.70
CA LYS J 809 -98.46 -76.09 7.78
C LYS J 809 -97.69 -75.54 6.59
N GLU J 810 -98.03 -74.34 6.13
CA GLU J 810 -97.42 -73.81 4.92
C GLU J 810 -96.18 -72.98 5.18
N VAL J 811 -95.77 -72.85 6.43
CA VAL J 811 -94.56 -72.11 6.77
C VAL J 811 -93.33 -73.02 6.57
N LYS J 812 -92.25 -72.48 6.06
CA LYS J 812 -91.05 -73.28 5.78
C LYS J 812 -90.28 -73.74 7.01
N THR J 813 -90.77 -73.43 8.20
CA THR J 813 -90.05 -73.80 9.40
C THR J 813 -89.83 -75.31 9.48
N SER J 814 -88.64 -75.71 9.88
CA SER J 814 -88.31 -77.11 9.98
C SER J 814 -89.14 -77.75 11.07
N PRO J 815 -89.47 -79.03 10.91
CA PRO J 815 -90.28 -79.73 11.90
C PRO J 815 -89.79 -79.65 13.34
N ASP J 816 -88.52 -79.88 13.59
CA ASP J 816 -88.01 -79.86 14.93
C ASP J 816 -88.11 -78.45 15.47
N ALA J 817 -88.01 -77.44 14.60
CA ALA J 817 -88.22 -76.07 15.06
C ALA J 817 -89.68 -75.82 15.44
N LYS J 818 -90.61 -76.41 14.67
CA LYS J 818 -92.02 -76.27 15.03
C LYS J 818 -92.31 -76.94 16.36
N LYS J 819 -91.74 -78.12 16.60
CA LYS J 819 -91.90 -78.78 17.90
C LYS J 819 -91.33 -77.92 19.02
N CYS J 820 -90.18 -77.29 18.82
CA CYS J 820 -89.60 -76.44 19.85
C CYS J 820 -90.49 -75.23 20.12
N ILE J 821 -91.01 -74.65 19.04
CA ILE J 821 -91.90 -73.51 19.23
C ILE J 821 -93.11 -73.93 20.05
N ALA J 822 -93.74 -75.04 19.67
CA ALA J 822 -94.91 -75.49 20.40
C ALA J 822 -94.59 -75.79 21.86
N ALA J 823 -93.42 -76.32 22.13
CA ALA J 823 -93.01 -76.58 23.47
C ALA J 823 -92.99 -75.28 24.25
N CYS J 824 -92.61 -74.17 23.63
CA CYS J 824 -92.71 -72.91 24.45
C CYS J 824 -94.12 -72.63 25.11
N THR J 825 -94.24 -72.66 26.46
CA THR J 825 -95.54 -72.50 27.10
C THR J 825 -96.02 -71.06 27.10
N GLY J 826 -95.11 -70.09 27.11
CA GLY J 826 -95.50 -68.70 27.12
C GLY J 826 -95.70 -68.17 28.53
N VAL J 827 -96.00 -66.88 28.59
CA VAL J 827 -96.18 -66.18 29.87
C VAL J 827 -97.23 -65.09 29.67
N PRO J 828 -97.99 -64.78 30.71
CA PRO J 828 -99.00 -63.75 30.58
C PRO J 828 -98.36 -62.38 30.43
N ASP J 829 -99.08 -61.41 29.89
CA ASP J 829 -98.51 -60.09 29.63
C ASP J 829 -97.79 -59.47 30.81
N ASP J 830 -98.37 -59.53 32.01
CA ASP J 830 -97.77 -58.85 33.14
C ASP J 830 -96.40 -59.40 33.52
N LYS J 831 -95.99 -60.55 32.96
CA LYS J 831 -94.71 -61.15 33.27
C LYS J 831 -93.78 -61.21 32.07
N TRP J 832 -94.13 -60.60 30.96
CA TRP J 832 -93.30 -60.72 29.78
C TRP J 832 -91.92 -60.10 29.97
N GLU J 833 -91.84 -59.03 30.73
CA GLU J 833 -90.57 -58.34 30.83
C GLU J 833 -89.52 -59.16 31.56
N GLN J 834 -89.89 -60.30 32.12
CA GLN J 834 -88.88 -61.21 32.64
C GLN J 834 -88.28 -62.07 31.53
N THR J 835 -87.86 -61.41 30.45
CA THR J 835 -87.06 -62.04 29.40
C THR J 835 -85.69 -61.40 29.26
N TYR J 836 -85.52 -60.15 29.69
CA TYR J 836 -84.21 -59.52 29.70
C TYR J 836 -83.24 -60.22 30.64
N LYS J 837 -83.76 -60.94 31.63
CA LYS J 837 -82.94 -61.48 32.71
C LYS J 837 -82.81 -63.01 32.68
N LYS J 838 -83.85 -63.72 32.30
CA LYS J 838 -83.80 -65.18 32.30
C LYS J 838 -84.92 -65.71 31.42
N PRO J 839 -84.83 -66.97 30.98
CA PRO J 839 -85.91 -67.54 30.17
C PRO J 839 -87.23 -67.52 30.91
N THR J 840 -88.30 -67.21 30.18
CA THR J 840 -89.64 -67.21 30.74
C THR J 840 -90.61 -67.67 29.66
N GLY J 841 -91.30 -68.78 29.90
CA GLY J 841 -92.15 -69.34 28.88
C GLY J 841 -91.41 -69.87 27.68
N GLY J 842 -90.13 -70.21 27.84
CA GLY J 842 -89.32 -70.68 26.75
C GLY J 842 -88.67 -69.60 25.92
N ILE J 843 -88.85 -68.33 26.27
CA ILE J 843 -88.33 -67.22 25.48
C ILE J 843 -87.39 -66.40 26.35
N VAL J 844 -86.35 -65.86 25.70
CA VAL J 844 -85.37 -64.98 26.33
C VAL J 844 -85.09 -63.82 25.39
N THR J 845 -84.48 -62.78 25.93
CA THR J 845 -84.05 -61.62 25.14
C THR J 845 -82.53 -61.60 25.05
N VAL J 846 -82.02 -61.56 23.82
CA VAL J 846 -80.59 -61.38 23.58
C VAL J 846 -80.41 -60.12 22.74
N ARG J 847 -79.16 -59.77 22.48
CA ARG J 847 -78.84 -58.56 21.73
C ARG J 847 -78.26 -58.94 20.37
N SER J 848 -78.61 -58.16 19.35
CA SER J 848 -78.13 -58.38 18.01
C SER J 848 -76.77 -57.71 17.83
N GLU J 849 -76.28 -57.69 16.58
CA GLU J 849 -74.99 -57.05 16.31
C GLU J 849 -75.03 -55.59 16.70
N MET J 850 -76.15 -54.90 16.43
CA MET J 850 -76.31 -53.49 16.73
C MET J 850 -76.69 -53.25 18.18
N GLY J 851 -76.89 -54.29 18.98
CA GLY J 851 -77.32 -54.15 20.34
C GLY J 851 -78.81 -54.05 20.55
N GLU J 852 -79.61 -54.25 19.50
CA GLU J 852 -81.06 -54.20 19.65
C GLU J 852 -81.56 -55.48 20.30
N PRO J 853 -82.56 -55.38 21.19
CA PRO J 853 -83.12 -56.60 21.78
C PRO J 853 -83.85 -57.44 20.75
N ILE J 854 -83.80 -58.76 20.94
CA ILE J 854 -84.55 -59.70 20.14
C ILE J 854 -85.12 -60.76 21.06
N HIS J 855 -86.37 -61.14 20.81
CA HIS J 855 -87.01 -62.24 21.52
C HIS J 855 -86.75 -63.53 20.74
N LYS J 856 -86.03 -64.46 21.36
CA LYS J 856 -85.71 -65.74 20.74
C LYS J 856 -85.98 -66.87 21.72
N ILE J 857 -86.20 -68.06 21.18
CA ILE J 857 -86.46 -69.21 21.99
C ILE J 857 -85.18 -69.55 22.73
N ALA J 858 -85.29 -69.94 23.99
CA ALA J 858 -84.12 -70.19 24.83
C ALA J 858 -83.57 -71.59 24.54
N THR J 859 -82.86 -71.69 23.42
CA THR J 859 -82.20 -72.92 23.06
C THR J 859 -80.78 -72.85 23.62
N ARG J 860 -80.01 -73.91 23.49
CA ARG J 860 -78.62 -73.92 23.94
C ARG J 860 -77.81 -72.86 23.21
N GLY J 861 -78.01 -72.75 21.89
CA GLY J 861 -77.30 -71.72 21.13
C GLY J 861 -77.65 -70.33 21.58
N VAL J 862 -78.93 -70.07 21.85
CA VAL J 862 -79.34 -68.76 22.30
C VAL J 862 -78.83 -68.48 23.71
N MET J 863 -78.80 -69.49 24.57
CA MET J 863 -78.26 -69.26 25.91
C MET J 863 -76.76 -68.96 25.85
N LEU J 864 -76.04 -69.63 24.96
CA LEU J 864 -74.64 -69.27 24.72
C LEU J 864 -74.54 -67.85 24.19
N TRP J 865 -75.44 -67.48 23.29
CA TRP J 865 -75.49 -66.10 22.78
C TRP J 865 -75.61 -65.11 23.93
N LYS J 866 -76.53 -65.38 24.86
CA LYS J 866 -76.73 -64.48 26.00
C LYS J 866 -75.49 -64.44 26.90
N GLU J 867 -74.92 -65.61 27.20
CA GLU J 867 -73.74 -65.65 28.06
C GLU J 867 -72.60 -64.85 27.44
N PHE J 868 -72.38 -64.99 26.14
CA PHE J 868 -71.37 -64.18 25.48
C PHE J 868 -71.74 -62.71 25.51
N ASP J 869 -73.01 -62.38 25.31
CA ASP J 869 -73.44 -60.99 25.41
C ASP J 869 -73.02 -60.37 26.73
N GLU J 870 -73.15 -61.13 27.82
CA GLU J 870 -72.86 -60.59 29.15
C GLU J 870 -71.45 -60.88 29.65
N THR J 871 -70.62 -61.59 28.88
CA THR J 871 -69.25 -61.87 29.34
C THR J 871 -68.14 -61.52 28.36
N ILE J 872 -68.42 -61.29 27.08
CA ILE J 872 -67.37 -61.00 26.10
C ILE J 872 -67.71 -59.72 25.36
N PHE J 873 -68.93 -59.64 24.82
CA PHE J 873 -69.27 -58.56 23.90
C PHE J 873 -69.47 -57.24 24.63
N ASN J 874 -69.76 -57.27 25.93
CA ASN J 874 -69.96 -56.02 26.67
C ASN J 874 -68.65 -55.40 27.16
N LEU J 875 -67.51 -56.05 26.94
CA LEU J 875 -66.24 -55.49 27.32
C LEU J 875 -65.84 -54.37 26.36
N PRO J 876 -64.95 -53.48 26.78
CA PRO J 876 -64.42 -52.48 25.84
C PRO J 876 -63.46 -53.11 24.83
N LYS J 877 -63.27 -52.40 23.73
CA LYS J 877 -62.50 -52.95 22.62
C LYS J 877 -61.11 -53.42 23.06
N ASN J 878 -60.48 -52.68 23.97
CA ASN J 878 -59.11 -53.02 24.36
C ASN J 878 -59.08 -54.26 25.24
N LYS J 879 -60.17 -54.53 25.96
CA LYS J 879 -60.23 -55.70 26.84
C LYS J 879 -60.66 -56.97 26.12
N LEU J 880 -61.19 -56.85 24.90
CA LEU J 880 -61.83 -57.99 24.26
C LEU J 880 -60.82 -59.09 23.93
N VAL J 881 -59.70 -58.72 23.31
CA VAL J 881 -58.74 -59.70 22.78
C VAL J 881 -58.13 -60.53 23.90
N PRO J 882 -57.62 -59.92 24.97
CA PRO J 882 -57.05 -60.74 26.05
C PRO J 882 -58.06 -61.71 26.65
N THR J 883 -59.33 -61.31 26.73
CA THR J 883 -60.34 -62.22 27.28
C THR J 883 -60.58 -63.41 26.36
N LEU J 884 -60.60 -63.17 25.05
CA LEU J 884 -60.72 -64.28 24.10
C LEU J 884 -59.52 -65.21 24.20
N GLU J 885 -58.32 -64.64 24.34
CA GLU J 885 -57.14 -65.48 24.48
C GLU J 885 -57.18 -66.30 25.77
N ALA J 886 -57.64 -65.69 26.86
CA ALA J 886 -57.66 -66.39 28.15
C ALA J 886 -58.74 -67.45 28.22
N LYS J 887 -59.85 -67.27 27.51
CA LYS J 887 -60.99 -68.19 27.56
C LYS J 887 -61.13 -69.02 26.29
N ARG J 888 -60.05 -69.19 25.53
CA ARG J 888 -60.16 -69.76 24.19
C ARG J 888 -60.72 -71.18 24.24
N ASP J 889 -60.21 -72.01 25.15
CA ASP J 889 -60.64 -73.40 25.19
C ASP J 889 -62.13 -73.50 25.55
N TYR J 890 -62.56 -72.72 26.53
CA TYR J 890 -63.97 -72.73 26.91
C TYR J 890 -64.86 -72.30 25.74
N ILE J 891 -64.46 -71.23 25.05
CA ILE J 891 -65.25 -70.74 23.92
C ILE J 891 -65.32 -71.79 22.83
N ILE J 892 -64.20 -72.46 22.53
CA ILE J 892 -64.19 -73.46 21.48
C ILE J 892 -65.09 -74.62 21.84
N SER J 893 -65.01 -75.09 23.09
CA SER J 893 -65.87 -76.18 23.52
C SER J 893 -67.34 -75.80 23.41
N ARG J 894 -67.68 -74.58 23.85
CA ARG J 894 -69.07 -74.14 23.81
C ARG J 894 -69.57 -74.02 22.37
N LEU J 895 -68.75 -73.47 21.47
CA LEU J 895 -69.15 -73.38 20.07
C LEU J 895 -69.36 -74.77 19.47
N ASN J 896 -68.45 -75.70 19.77
CA ASN J 896 -68.56 -77.03 19.18
C ASN J 896 -69.75 -77.79 19.73
N ALA J 897 -70.16 -77.50 20.97
CA ALA J 897 -71.22 -78.27 21.61
C ALA J 897 -72.61 -77.67 21.43
N ASP J 898 -72.74 -76.34 21.39
CA ASP J 898 -74.03 -75.69 21.60
C ASP J 898 -74.49 -74.75 20.49
N PHE J 899 -73.62 -74.31 19.59
CA PHE J 899 -73.95 -73.22 18.68
C PHE J 899 -74.10 -73.73 17.25
N GLN J 900 -74.83 -72.94 16.45
CA GLN J 900 -75.06 -73.29 15.05
C GLN J 900 -73.85 -73.03 14.18
N LYS J 901 -72.89 -72.24 14.65
CA LYS J 901 -71.61 -72.05 13.96
C LYS J 901 -70.50 -72.65 14.82
N PRO J 902 -70.03 -73.86 14.50
CA PRO J 902 -69.00 -74.48 15.33
C PRO J 902 -67.62 -73.89 15.05
N TRP J 903 -66.67 -74.27 15.89
CA TRP J 903 -65.27 -73.91 15.67
C TRP J 903 -64.74 -74.72 14.49
N PHE J 904 -64.28 -74.03 13.45
CA PHE J 904 -63.92 -74.71 12.21
C PHE J 904 -62.80 -75.71 12.42
N ALA J 905 -61.72 -75.29 13.08
CA ALA J 905 -60.53 -76.11 13.23
C ALA J 905 -60.76 -77.15 14.33
N THR J 906 -61.55 -78.17 13.99
CA THR J 906 -61.83 -79.24 14.93
C THR J 906 -61.77 -80.50 14.09
N VAL J 907 -60.80 -81.37 14.34
CA VAL J 907 -60.57 -82.60 13.61
C VAL J 907 -60.88 -83.77 14.54
N ASN J 908 -61.87 -84.58 14.15
CA ASN J 908 -62.27 -85.72 14.97
C ASN J 908 -62.45 -85.35 16.42
N GLY J 909 -63.21 -84.29 16.69
CA GLY J 909 -63.49 -83.91 18.06
C GLY J 909 -62.40 -83.20 18.78
N GLN J 910 -61.26 -83.02 18.14
CA GLN J 910 -60.10 -82.45 18.82
C GLN J 910 -59.96 -81.00 18.38
N ALA J 911 -60.04 -80.09 19.35
CA ALA J 911 -59.92 -78.67 19.04
C ALA J 911 -58.51 -78.35 18.58
N ARG J 912 -58.42 -77.51 17.55
CA ARG J 912 -57.14 -77.18 16.92
C ARG J 912 -57.17 -75.71 16.53
N ASP J 913 -56.21 -75.32 15.69
CA ASP J 913 -56.20 -74.02 15.04
C ASP J 913 -55.88 -74.23 13.56
N LEU J 914 -56.25 -73.24 12.75
CA LEU J 914 -55.98 -73.35 11.32
C LEU J 914 -54.52 -73.63 11.05
N ALA J 915 -53.63 -73.06 11.85
CA ALA J 915 -52.19 -73.25 11.68
C ALA J 915 -51.75 -74.68 11.99
N THR J 916 -52.62 -75.50 12.60
CA THR J 916 -52.25 -76.84 13.02
C THR J 916 -53.07 -77.90 12.28
N MET J 917 -53.65 -77.54 11.14
CA MET J 917 -54.37 -78.48 10.30
C MET J 917 -53.65 -78.62 8.97
N THR J 918 -53.74 -79.82 8.39
CA THR J 918 -53.21 -80.07 7.06
C THR J 918 -54.21 -79.60 6.01
N TYR J 919 -53.73 -79.47 4.77
CA TYR J 919 -54.61 -79.03 3.69
C TYR J 919 -55.75 -80.02 3.47
N GLU J 920 -55.44 -81.32 3.54
CA GLU J 920 -56.48 -82.33 3.41
C GLU J 920 -57.52 -82.18 4.51
N GLU J 921 -57.08 -81.91 5.71
CA GLU J 921 -58.02 -81.75 6.79
C GLU J 921 -58.90 -80.52 6.56
N VAL J 922 -58.33 -79.44 6.09
CA VAL J 922 -59.12 -78.24 5.80
C VAL J 922 -60.18 -78.55 4.75
N ALA J 923 -59.77 -79.24 3.68
CA ALA J 923 -60.72 -79.58 2.63
C ALA J 923 -61.84 -80.48 3.16
N LYS J 924 -61.48 -81.46 3.97
CA LYS J 924 -62.47 -82.38 4.46
C LYS J 924 -63.45 -81.69 5.40
N ARG J 925 -62.98 -80.73 6.17
CA ARG J 925 -63.83 -80.02 7.12
C ARG J 925 -64.72 -79.09 6.34
N LEU J 926 -64.20 -78.47 5.30
CA LEU J 926 -65.05 -77.67 4.42
C LEU J 926 -66.19 -78.52 3.88
N VAL J 927 -65.87 -79.72 3.37
CA VAL J 927 -66.90 -80.57 2.79
C VAL J 927 -67.89 -81.01 3.87
N GLU J 928 -67.40 -81.31 5.07
CA GLU J 928 -68.29 -81.75 6.14
C GLU J 928 -69.27 -80.65 6.52
N LEU J 929 -68.81 -79.40 6.59
CA LEU J 929 -69.66 -78.31 7.06
C LEU J 929 -70.47 -77.65 5.95
N MET J 930 -70.11 -77.85 4.68
CA MET J 930 -70.75 -77.13 3.59
C MET J 930 -71.53 -78.02 2.63
N PHE J 931 -71.22 -79.29 2.55
CA PHE J 931 -71.91 -80.19 1.66
C PHE J 931 -72.94 -81.00 2.42
N ILE J 932 -74.14 -81.08 1.88
CA ILE J 932 -75.24 -81.77 2.54
C ILE J 932 -75.36 -83.17 1.93
N ARG J 933 -75.26 -84.20 2.76
CA ARG J 933 -75.28 -85.53 2.20
C ARG J 933 -76.73 -85.98 1.95
N SER J 934 -77.66 -85.57 2.81
CA SER J 934 -79.06 -85.98 2.61
C SER J 934 -79.54 -85.61 1.21
N THR J 935 -79.34 -84.36 0.81
CA THR J 935 -79.69 -83.92 -0.54
C THR J 935 -78.55 -84.10 -1.52
N ASN J 936 -77.38 -84.55 -1.06
CA ASN J 936 -76.21 -84.77 -1.92
C ASN J 936 -75.88 -83.56 -2.77
N SER J 937 -75.88 -82.39 -2.17
CA SER J 937 -75.60 -81.16 -2.89
C SER J 937 -74.96 -80.16 -1.95
N TRP J 938 -74.34 -79.13 -2.53
CA TRP J 938 -73.82 -78.01 -1.76
C TRP J 938 -74.97 -77.09 -1.39
N PHE J 939 -75.03 -76.73 -0.11
CA PHE J 939 -76.16 -75.93 0.36
C PHE J 939 -76.23 -74.60 -0.37
N ASP J 940 -75.08 -74.00 -0.61
CA ASP J 940 -75.00 -72.75 -1.36
C ASP J 940 -73.91 -72.90 -2.40
N VAL J 941 -74.12 -72.38 -3.61
CA VAL J 941 -73.13 -72.52 -4.68
C VAL J 941 -71.87 -71.76 -4.33
N THR J 942 -72.01 -70.71 -3.54
CA THR J 942 -70.88 -69.89 -3.16
C THR J 942 -69.95 -70.68 -2.25
N TRP J 943 -70.50 -71.57 -1.46
CA TRP J 943 -69.68 -72.43 -0.63
C TRP J 943 -68.89 -73.43 -1.47
N ARG J 944 -69.51 -73.95 -2.52
CA ARG J 944 -68.77 -74.78 -3.48
C ARG J 944 -67.64 -73.98 -4.12
N THR J 945 -67.88 -72.73 -4.44
CA THR J 945 -66.85 -71.88 -5.01
C THR J 945 -65.74 -71.69 -4.00
N PHE J 946 -66.07 -71.48 -2.74
CA PHE J 946 -65.06 -71.38 -1.69
C PHE J 946 -64.18 -72.63 -1.66
N THR J 947 -64.79 -73.81 -1.62
CA THR J 947 -64.00 -75.04 -1.53
C THR J 947 -63.16 -75.26 -2.78
N GLY J 948 -63.71 -74.97 -3.95
CA GLY J 948 -62.93 -75.10 -5.17
C GLY J 948 -61.75 -74.16 -5.20
N ASP J 949 -61.95 -72.93 -4.73
CA ASP J 949 -60.84 -71.98 -4.66
C ASP J 949 -59.77 -72.47 -3.70
N PHE J 950 -60.17 -73.05 -2.57
CA PHE J 950 -59.18 -73.59 -1.64
C PHE J 950 -58.39 -74.73 -2.27
N LEU J 951 -59.07 -75.63 -2.99
CA LEU J 951 -58.37 -76.71 -3.67
C LEU J 951 -57.40 -76.17 -4.71
N ARG J 952 -57.83 -75.13 -5.43
CA ARG J 952 -56.96 -74.47 -6.40
C ARG J 952 -55.72 -73.90 -5.73
N ARG J 953 -55.84 -73.33 -4.53
CA ARG J 953 -54.68 -72.78 -3.81
C ARG J 953 -53.80 -73.90 -3.30
N VAL J 954 -54.39 -75.04 -2.99
CA VAL J 954 -53.56 -76.18 -2.63
C VAL J 954 -52.70 -76.60 -3.81
N GLU J 955 -53.32 -76.74 -4.98
CA GLU J 955 -52.58 -77.11 -6.18
C GLU J 955 -51.49 -76.08 -6.48
N GLU J 956 -51.76 -74.80 -6.31
CA GLU J 956 -50.76 -73.79 -6.51
C GLU J 956 -49.58 -73.94 -5.57
N ARG J 957 -49.84 -74.24 -4.31
CA ARG J 957 -48.76 -74.33 -3.33
C ARG J 957 -47.83 -75.52 -3.51
N PHE J 958 -48.32 -76.66 -3.94
CA PHE J 958 -47.50 -77.88 -4.04
C PHE J 958 -47.13 -78.24 -5.45
N THR J 959 -47.60 -77.48 -6.43
CA THR J 959 -47.20 -77.72 -7.79
C THR J 959 -45.78 -77.26 -7.91
N LYS J 960 -45.04 -77.74 -8.90
CA LYS J 960 -43.64 -77.37 -9.04
C LYS J 960 -43.39 -76.69 -10.38
N SER J 961 -44.39 -76.60 -11.24
CA SER J 961 -44.21 -75.88 -12.49
C SER J 961 -45.59 -75.67 -13.13
N LYS J 962 -45.57 -74.99 -14.27
CA LYS J 962 -46.75 -74.86 -15.13
C LYS J 962 -47.50 -76.19 -15.23
N THR J 963 -48.80 -76.15 -14.97
CA THR J 963 -49.59 -77.37 -15.07
C THR J 963 -51.06 -77.02 -15.19
N LEU J 964 -51.85 -78.01 -15.60
CA LEU J 964 -53.30 -77.86 -15.72
C LEU J 964 -53.98 -78.14 -14.40
N SER J 965 -54.94 -77.30 -14.04
CA SER J 965 -55.72 -77.52 -12.83
C SER J 965 -56.55 -78.79 -12.96
N LEU J 966 -56.59 -79.57 -11.89
CA LEU J 966 -57.39 -80.80 -11.89
C LEU J 966 -58.88 -80.51 -11.80
N ILE J 967 -59.26 -79.41 -11.16
CA ILE J 967 -60.65 -78.98 -11.11
C ILE J 967 -60.79 -77.88 -12.16
N GLN J 968 -61.11 -78.30 -13.39
CA GLN J 968 -61.33 -77.32 -14.46
C GLN J 968 -62.63 -76.58 -14.28
N SER J 969 -63.66 -77.26 -13.77
CA SER J 969 -64.94 -76.64 -13.45
C SER J 969 -65.35 -77.04 -12.04
N TYR J 970 -65.94 -76.10 -11.31
CA TYR J 970 -66.37 -76.38 -9.95
C TYR J 970 -67.54 -77.35 -9.92
N SER J 971 -68.18 -77.58 -11.07
CA SER J 971 -69.23 -78.60 -11.12
C SER J 971 -68.69 -79.98 -10.80
N LEU J 972 -67.38 -80.18 -10.89
CA LEU J 972 -66.79 -81.45 -10.49
C LEU J 972 -66.86 -81.66 -8.98
N LEU J 973 -67.09 -80.62 -8.20
CA LEU J 973 -67.23 -80.74 -6.76
C LEU J 973 -68.57 -81.32 -6.34
N ASP J 974 -69.47 -81.59 -7.28
CA ASP J 974 -70.78 -82.12 -6.94
C ASP J 974 -70.69 -83.51 -6.31
N LYS J 975 -69.54 -84.17 -6.40
CA LYS J 975 -69.20 -85.31 -5.56
C LYS J 975 -67.86 -84.98 -4.91
N PRO J 976 -67.88 -84.26 -3.79
CA PRO J 976 -66.64 -83.64 -3.29
C PRO J 976 -65.56 -84.64 -2.92
N ASP J 977 -65.93 -85.83 -2.43
CA ASP J 977 -64.92 -86.78 -1.97
C ASP J 977 -64.00 -87.18 -3.11
N GLU J 978 -64.56 -87.44 -4.29
CA GLU J 978 -63.74 -87.85 -5.42
C GLU J 978 -62.78 -86.74 -5.84
N ALA J 979 -63.26 -85.49 -5.88
CA ALA J 979 -62.40 -84.37 -6.24
C ALA J 979 -61.28 -84.19 -5.23
N ILE J 980 -61.61 -84.31 -3.93
CA ILE J 980 -60.59 -84.18 -2.91
C ILE J 980 -59.54 -85.27 -3.05
N GLU J 981 -59.99 -86.50 -3.27
CA GLU J 981 -59.05 -87.61 -3.43
C GLU J 981 -58.15 -87.39 -4.63
N LYS J 982 -58.71 -86.90 -5.72
CA LYS J 982 -57.93 -86.62 -6.89
C LYS J 982 -56.89 -85.55 -6.62
N VAL J 983 -57.30 -84.45 -6.03
CA VAL J 983 -56.37 -83.34 -5.80
C VAL J 983 -55.24 -83.79 -4.87
N PHE J 984 -55.58 -84.51 -3.80
CA PHE J 984 -54.55 -84.86 -2.83
C PHE J 984 -53.79 -86.12 -3.20
N ASN J 985 -54.13 -86.77 -4.31
CA ASN J 985 -53.32 -87.88 -4.81
C ASN J 985 -52.25 -87.28 -5.68
N ALA J 986 -52.58 -86.23 -6.42
CA ALA J 986 -51.62 -85.56 -7.25
C ALA J 986 -50.62 -84.76 -6.43
N TYR J 987 -51.00 -84.38 -5.21
CA TYR J 987 -50.14 -83.60 -4.32
C TYR J 987 -50.14 -84.22 -2.95
N PRO J 988 -49.57 -85.42 -2.82
CA PRO J 988 -49.60 -86.15 -1.56
C PRO J 988 -48.97 -85.43 -0.38
N ALA J 989 -48.01 -84.56 -0.62
CA ALA J 989 -47.34 -83.85 0.44
C ALA J 989 -48.30 -83.00 1.24
N ALA J 990 -49.34 -82.50 0.58
CA ALA J 990 -50.31 -81.66 1.26
C ALA J 990 -51.12 -82.42 2.30
N ARG J 991 -51.02 -83.73 2.34
CA ARG J 991 -51.80 -84.50 3.29
C ARG J 991 -51.15 -84.61 4.68
N GLU J 992 -49.92 -84.15 4.85
CA GLU J 992 -49.24 -84.21 6.14
C GLU J 992 -48.46 -82.94 6.42
N GLN J 993 -48.87 -81.84 5.80
CA GLN J 993 -48.20 -80.57 6.00
C GLN J 993 -49.21 -79.52 6.40
N PHE J 994 -48.97 -78.90 7.54
CA PHE J 994 -49.82 -77.83 8.01
C PHE J 994 -49.92 -76.66 7.04
N LEU J 995 -50.93 -75.83 7.23
CA LEU J 995 -51.18 -74.72 6.34
C LEU J 995 -50.05 -73.69 6.42
N ASN J 996 -49.59 -73.24 5.26
CA ASN J 996 -48.67 -72.11 5.20
C ASN J 996 -49.33 -70.87 5.79
N ALA J 997 -48.55 -70.06 6.52
CA ALA J 997 -49.10 -68.86 7.13
C ALA J 997 -49.79 -67.99 6.08
N GLN J 998 -49.24 -67.98 4.87
CA GLN J 998 -49.82 -67.20 3.79
C GLN J 998 -51.16 -67.79 3.39
N ASP J 999 -51.31 -69.10 3.51
CA ASP J 999 -52.56 -69.75 3.19
C ASP J 999 -53.57 -69.61 4.33
N ILE J 1000 -53.11 -69.51 5.58
CA ILE J 1000 -54.02 -69.16 6.67
C ILE J 1000 -54.62 -67.79 6.42
N ASP J 1001 -53.77 -66.82 6.06
CA ASP J 1001 -54.27 -65.49 5.76
C ASP J 1001 -55.25 -65.50 4.59
N HIS J 1002 -54.93 -66.28 3.55
CA HIS J 1002 -55.81 -66.37 2.39
C HIS J 1002 -57.16 -66.97 2.76
N PHE J 1003 -57.15 -68.05 3.53
CA PHE J 1003 -58.39 -68.67 3.98
C PHE J 1003 -59.25 -67.67 4.75
N LEU J 1004 -58.67 -66.97 5.70
CA LEU J 1004 -59.44 -66.05 6.50
C LEU J 1004 -59.90 -64.84 5.70
N SER J 1005 -59.13 -64.43 4.69
CA SER J 1005 -59.56 -63.33 3.84
C SER J 1005 -60.73 -63.73 2.97
N MET J 1006 -60.72 -64.96 2.44
CA MET J 1006 -61.84 -65.40 1.63
C MET J 1006 -63.02 -65.85 2.48
N CYS J 1007 -62.84 -65.99 3.80
CA CYS J 1007 -63.98 -66.09 4.70
C CYS J 1007 -64.71 -64.77 4.87
N GLN J 1008 -64.20 -63.68 4.32
CA GLN J 1008 -64.81 -62.39 4.48
C GLN J 1008 -65.35 -61.84 3.18
N ASN J 1009 -65.42 -62.66 2.13
CA ASN J 1009 -65.91 -62.21 0.84
C ASN J 1009 -67.37 -61.78 0.91
N PRO J 1010 -67.64 -60.47 0.78
CA PRO J 1010 -69.04 -60.02 0.92
C PRO J 1010 -69.98 -60.65 -0.09
N MET J 1011 -69.52 -60.89 -1.32
CA MET J 1011 -70.36 -61.48 -2.36
C MET J 1011 -70.34 -63.00 -2.24
N GLN J 1012 -70.75 -63.50 -1.07
CA GLN J 1012 -70.80 -64.94 -0.81
C GLN J 1012 -71.62 -65.15 0.45
N LYS J 1013 -72.25 -66.31 0.62
CA LYS J 1013 -72.98 -66.57 1.83
C LYS J 1013 -72.02 -66.75 2.98
N PRO J 1014 -72.30 -66.13 4.12
CA PRO J 1014 -71.38 -66.22 5.25
C PRO J 1014 -71.04 -67.69 5.59
N VAL J 1015 -69.79 -68.01 5.89
CA VAL J 1015 -69.39 -69.40 6.15
C VAL J 1015 -70.09 -69.91 7.39
N PRO J 1016 -70.49 -71.20 7.45
CA PRO J 1016 -71.21 -71.73 8.61
C PRO J 1016 -70.30 -72.20 9.75
N PHE J 1017 -69.31 -71.37 10.11
CA PHE J 1017 -68.40 -71.74 11.18
C PHE J 1017 -67.66 -70.48 11.64
N VAL J 1018 -66.96 -70.63 12.77
CA VAL J 1018 -66.11 -69.57 13.32
C VAL J 1018 -64.65 -69.96 13.02
N PRO J 1019 -63.94 -69.22 12.18
CA PRO J 1019 -62.59 -69.66 11.79
C PRO J 1019 -61.47 -69.19 12.71
N VAL J 1020 -61.72 -68.16 13.53
CA VAL J 1020 -60.68 -67.59 14.36
C VAL J 1020 -61.32 -66.78 15.47
N LEU J 1021 -60.60 -66.60 16.58
CA LEU J 1021 -61.02 -65.73 17.68
C LEU J 1021 -60.14 -64.48 17.66
N ASP J 1022 -60.77 -63.35 17.42
CA ASP J 1022 -60.05 -62.12 17.35
C ASP J 1022 -61.05 -61.01 17.54
N ARG J 1023 -60.71 -59.81 17.10
CA ARG J 1023 -61.57 -58.67 17.29
C ARG J 1023 -62.90 -58.81 16.60
N ARG J 1024 -62.94 -59.60 15.53
CA ARG J 1024 -64.15 -59.78 14.76
C ARG J 1024 -64.97 -60.96 15.23
N PHE J 1025 -64.79 -61.38 16.47
CA PHE J 1025 -65.47 -62.57 16.95
C PHE J 1025 -66.97 -62.36 17.02
N GLU J 1026 -67.42 -61.18 17.43
CA GLU J 1026 -68.86 -60.92 17.52
C GLU J 1026 -69.50 -61.03 16.14
N ILE J 1027 -68.86 -60.44 15.13
CA ILE J 1027 -69.39 -60.51 13.76
C ILE J 1027 -69.42 -61.95 13.29
N PHE J 1028 -68.35 -62.69 13.52
CA PHE J 1028 -68.32 -64.09 13.10
C PHE J 1028 -69.39 -64.90 13.81
N PHE J 1029 -69.66 -64.58 15.07
CA PHE J 1029 -70.61 -65.34 15.88
C PHE J 1029 -72.06 -65.07 15.50
N LYS J 1030 -72.40 -63.80 15.26
CA LYS J 1030 -73.80 -63.39 15.15
C LYS J 1030 -74.31 -63.30 13.72
N LYS J 1031 -73.45 -63.11 12.74
CA LYS J 1031 -73.90 -62.82 11.38
C LYS J 1031 -74.66 -64.00 10.78
N ASP J 1032 -75.72 -63.71 10.03
CA ASP J 1032 -76.50 -64.73 9.34
C ASP J 1032 -76.97 -65.77 10.31
N SER J 1033 -77.77 -65.38 11.28
CA SER J 1033 -78.19 -66.30 12.32
C SER J 1033 -79.62 -66.81 12.26
N LEU J 1034 -80.41 -66.37 11.29
CA LEU J 1034 -81.84 -66.73 11.25
C LEU J 1034 -82.30 -67.79 10.27
N TRP J 1035 -81.47 -68.20 9.33
CA TRP J 1035 -81.90 -69.14 8.30
C TRP J 1035 -81.78 -70.58 8.73
N GLN J 1036 -80.94 -70.86 9.69
CA GLN J 1036 -80.69 -72.24 10.10
C GLN J 1036 -81.91 -72.97 10.65
N SER J 1037 -82.86 -72.25 11.21
CA SER J 1037 -84.07 -72.87 11.77
C SER J 1037 -84.97 -73.44 10.70
N GLU J 1038 -84.92 -72.94 9.48
CA GLU J 1038 -85.68 -73.54 8.41
C GLU J 1038 -84.88 -74.47 7.53
N HIS J 1039 -83.62 -74.69 7.85
CA HIS J 1039 -82.73 -75.52 7.05
C HIS J 1039 -81.88 -76.41 7.94
N LEU J 1040 -82.51 -77.12 8.87
CA LEU J 1040 -81.75 -77.90 9.83
C LEU J 1040 -80.90 -79.01 9.21
N GLU J 1041 -81.15 -79.37 7.95
CA GLU J 1041 -80.27 -80.33 7.30
C GLU J 1041 -78.85 -79.81 7.15
N ALA J 1042 -78.66 -78.49 7.16
CA ALA J 1042 -77.35 -77.87 7.03
C ALA J 1042 -76.75 -77.47 8.37
N VAL J 1043 -77.35 -77.93 9.47
CA VAL J 1043 -76.80 -77.69 10.80
C VAL J 1043 -76.00 -78.92 11.20
N VAL J 1044 -75.12 -78.75 12.20
CA VAL J 1044 -74.08 -79.75 12.46
C VAL J 1044 -74.69 -81.12 12.69
N ASP J 1045 -75.70 -81.20 13.56
CA ASP J 1045 -76.33 -82.48 13.90
C ASP J 1045 -77.84 -82.44 13.66
N GLN J 1046 -78.31 -81.54 12.79
CA GLN J 1046 -79.74 -81.35 12.59
C GLN J 1046 -80.42 -81.05 13.92
N ASP J 1047 -79.74 -80.27 14.76
CA ASP J 1047 -80.18 -79.99 16.12
C ASP J 1047 -80.73 -78.57 16.19
N VAL J 1048 -82.00 -78.44 16.56
CA VAL J 1048 -82.59 -77.11 16.74
C VAL J 1048 -81.92 -76.38 17.88
N GLN J 1049 -81.52 -77.11 18.93
CA GLN J 1049 -80.97 -76.46 20.11
C GLN J 1049 -79.74 -75.63 19.79
N ARG J 1050 -79.08 -75.88 18.66
CA ARG J 1050 -78.00 -75.02 18.22
C ARG J 1050 -78.50 -73.72 17.62
N THR J 1051 -79.72 -73.72 17.10
CA THR J 1051 -80.23 -72.57 16.35
C THR J 1051 -80.93 -71.44 17.08
N CYS J 1052 -81.25 -70.41 16.32
CA CYS J 1052 -81.92 -69.25 16.88
C CYS J 1052 -83.33 -69.07 16.28
N ILE J 1053 -84.35 -69.12 17.13
CA ILE J 1053 -85.74 -68.98 16.68
C ILE J 1053 -86.40 -67.79 17.33
N LEU J 1054 -87.01 -66.95 16.54
CA LEU J 1054 -87.67 -65.75 17.01
C LEU J 1054 -89.12 -66.05 17.37
N HIS J 1055 -89.51 -65.73 18.60
CA HIS J 1055 -90.86 -66.00 19.08
C HIS J 1055 -91.17 -65.08 20.25
N GLY J 1056 -92.46 -64.84 20.46
CA GLY J 1056 -92.90 -63.89 21.46
C GLY J 1056 -93.32 -64.56 22.76
N PRO J 1057 -92.92 -63.98 23.91
CA PRO J 1057 -93.26 -64.61 25.19
C PRO J 1057 -94.74 -64.73 25.44
N VAL J 1058 -95.55 -63.74 25.08
CA VAL J 1058 -96.99 -63.75 25.36
C VAL J 1058 -97.81 -64.43 24.28
N ALA J 1059 -97.43 -64.28 23.02
CA ALA J 1059 -98.11 -64.97 21.95
C ALA J 1059 -97.87 -66.47 21.99
N ALA J 1060 -96.81 -66.91 22.66
CA ALA J 1060 -96.51 -68.33 22.74
C ALA J 1060 -97.56 -69.11 23.50
N GLN J 1061 -98.40 -68.44 24.29
CA GLN J 1061 -99.42 -69.14 25.05
C GLN J 1061 -100.46 -69.82 24.16
N PHE J 1062 -100.60 -69.39 22.92
CA PHE J 1062 -101.61 -69.93 22.01
C PHE J 1062 -101.02 -70.75 20.88
N THR J 1063 -99.70 -70.82 20.75
CA THR J 1063 -99.06 -71.57 19.67
C THR J 1063 -98.87 -73.00 20.15
N LYS J 1064 -99.88 -73.84 19.91
CA LYS J 1064 -99.91 -75.20 20.44
C LYS J 1064 -99.96 -76.26 19.36
N VAL J 1065 -100.88 -76.13 18.40
CA VAL J 1065 -101.08 -77.16 17.41
C VAL J 1065 -100.19 -77.02 16.19
N ILE J 1066 -99.39 -78.03 15.94
CA ILE J 1066 -98.40 -77.99 14.88
C ILE J 1066 -99.06 -78.36 13.55
N ASP J 1067 -98.61 -77.70 12.48
CA ASP J 1067 -99.02 -78.02 11.11
C ASP J 1067 -100.51 -77.77 10.88
N GLU J 1068 -101.11 -76.86 11.61
CA GLU J 1068 -102.48 -76.45 11.30
C GLU J 1068 -102.39 -75.46 10.17
N PRO J 1069 -103.12 -75.66 9.07
CA PRO J 1069 -103.00 -74.76 7.91
C PRO J 1069 -103.38 -73.33 8.26
N ILE J 1070 -102.72 -72.39 7.58
CA ILE J 1070 -102.93 -70.97 7.86
C ILE J 1070 -104.40 -70.61 7.66
N LYS J 1071 -105.01 -71.14 6.60
CA LYS J 1071 -106.44 -70.92 6.39
C LYS J 1071 -107.23 -71.26 7.64
N SER J 1072 -106.92 -72.41 8.26
CA SER J 1072 -107.64 -72.83 9.45
C SER J 1072 -107.48 -71.83 10.58
N ILE J 1073 -106.25 -71.39 10.84
CA ILE J 1073 -105.97 -70.48 11.93
C ILE J 1073 -106.65 -69.12 11.76
N MET J 1074 -106.58 -68.55 10.57
CA MET J 1074 -107.19 -67.25 10.32
C MET J 1074 -108.70 -67.35 10.29
N ASP J 1075 -109.24 -68.39 9.66
CA ASP J 1075 -110.68 -68.59 9.65
C ASP J 1075 -111.21 -68.82 11.06
N GLY J 1076 -110.45 -69.52 11.90
CA GLY J 1076 -110.88 -69.72 13.27
C GLY J 1076 -111.00 -68.40 14.01
N ILE J 1077 -109.98 -67.54 13.90
CA ILE J 1077 -110.05 -66.24 14.57
C ILE J 1077 -111.24 -65.44 14.04
N HIS J 1078 -111.39 -65.37 12.73
CA HIS J 1078 -112.45 -64.56 12.16
C HIS J 1078 -113.84 -65.11 12.49
N ASP J 1079 -114.00 -66.42 12.49
CA ASP J 1079 -115.30 -67.01 12.81
C ASP J 1079 -115.62 -66.84 14.29
N GLY J 1080 -114.62 -66.93 15.17
CA GLY J 1080 -114.87 -66.63 16.57
C GLY J 1080 -115.33 -65.19 16.76
N HIS J 1081 -114.67 -64.26 16.07
CA HIS J 1081 -115.10 -62.86 16.13
C HIS J 1081 -116.54 -62.72 15.65
N ILE J 1082 -116.89 -63.35 14.54
CA ILE J 1082 -118.23 -63.22 14.00
C ILE J 1082 -119.24 -63.84 14.95
N LYS J 1083 -118.94 -64.99 15.54
CA LYS J 1083 -119.88 -65.61 16.46
C LYS J 1083 -120.13 -64.71 17.66
N LYS J 1084 -119.06 -64.18 18.25
CA LYS J 1084 -119.23 -63.31 19.41
C LYS J 1084 -120.01 -62.06 19.06
N LEU J 1085 -119.70 -61.44 17.92
CA LEU J 1085 -120.42 -60.24 17.50
C LEU J 1085 -121.89 -60.54 17.25
N LEU J 1086 -122.17 -61.65 16.56
CA LEU J 1086 -123.56 -62.03 16.32
C LEU J 1086 -124.31 -62.18 17.63
N HIS J 1087 -123.73 -62.92 18.58
CA HIS J 1087 -124.39 -63.12 19.86
C HIS J 1087 -124.63 -61.80 20.58
N GLN J 1088 -123.63 -60.92 20.59
CA GLN J 1088 -123.72 -59.73 21.43
C GLN J 1088 -124.60 -58.64 20.81
N TYR J 1089 -124.62 -58.53 19.48
CA TYR J 1089 -125.21 -57.36 18.83
C TYR J 1089 -126.24 -57.70 17.76
N TYR J 1090 -126.58 -58.97 17.55
CA TYR J 1090 -127.53 -59.34 16.52
C TYR J 1090 -128.52 -60.42 16.94
N GLY J 1091 -128.56 -60.78 18.23
CA GLY J 1091 -129.50 -61.78 18.69
C GLY J 1091 -129.31 -63.16 18.08
N ASP J 1092 -128.08 -63.51 17.71
CA ASP J 1092 -127.79 -64.80 17.09
C ASP J 1092 -128.68 -65.04 15.87
N ASP J 1093 -128.92 -63.98 15.11
CA ASP J 1093 -129.79 -64.02 13.94
C ASP J 1093 -129.00 -63.47 12.76
N GLU J 1094 -128.57 -64.35 11.86
CA GLU J 1094 -127.83 -63.91 10.69
C GLU J 1094 -128.69 -63.13 9.71
N SER J 1095 -130.02 -63.29 9.78
CA SER J 1095 -130.89 -62.46 8.95
C SER J 1095 -130.82 -60.99 9.35
N LYS J 1096 -130.27 -60.68 10.52
CA LYS J 1096 -130.11 -59.30 10.94
C LYS J 1096 -128.94 -58.62 10.23
N ILE J 1097 -128.04 -59.39 9.64
CA ILE J 1097 -126.81 -58.82 9.08
C ILE J 1097 -127.15 -58.08 7.78
N PRO J 1098 -126.72 -56.83 7.68
CA PRO J 1098 -126.93 -56.15 6.40
C PRO J 1098 -126.19 -56.82 5.24
N ALA J 1099 -126.75 -56.78 4.04
CA ALA J 1099 -126.15 -57.40 2.87
C ALA J 1099 -125.85 -56.35 1.81
N VAL J 1100 -124.66 -56.43 1.23
CA VAL J 1100 -124.28 -55.57 0.12
C VAL J 1100 -123.89 -56.47 -1.05
N GLU J 1101 -123.78 -55.92 -2.25
CA GLU J 1101 -123.39 -56.71 -3.40
C GLU J 1101 -121.98 -57.21 -3.21
N TYR J 1102 -121.07 -56.28 -2.91
CA TYR J 1102 -119.69 -56.67 -2.68
C TYR J 1102 -119.18 -55.88 -1.49
N PHE J 1103 -118.19 -56.41 -0.78
CA PHE J 1103 -117.62 -55.73 0.38
C PHE J 1103 -116.21 -55.29 0.12
N GLY J 1104 -115.98 -53.99 0.15
CA GLY J 1104 -114.64 -53.47 -0.02
C GLY J 1104 -114.59 -52.22 -0.85
N GLY J 1105 -113.39 -51.64 -0.98
CA GLY J 1105 -113.21 -50.47 -1.81
C GLY J 1105 -113.65 -49.17 -1.19
N GLU J 1106 -113.91 -49.14 0.12
CA GLU J 1106 -114.42 -47.97 0.81
C GLU J 1106 -113.29 -47.31 1.58
N SER J 1107 -112.95 -46.08 1.19
CA SER J 1107 -111.85 -45.37 1.83
C SER J 1107 -112.21 -44.98 3.26
N PRO J 1108 -111.25 -44.99 4.18
CA PRO J 1108 -111.57 -44.61 5.56
C PRO J 1108 -111.98 -43.16 5.73
N VAL J 1109 -111.66 -42.30 4.76
CA VAL J 1109 -111.92 -40.88 4.88
C VAL J 1109 -113.36 -40.58 4.48
N ASP J 1123 -134.36 -42.50 -11.20
CA ASP J 1123 -134.39 -43.61 -12.14
C ASP J 1123 -134.03 -43.10 -13.53
N SER J 1124 -134.21 -41.81 -13.78
CA SER J 1124 -133.78 -41.24 -15.05
C SER J 1124 -133.21 -39.86 -14.77
N ALA J 1125 -131.92 -39.68 -15.07
CA ALA J 1125 -131.22 -38.46 -14.73
C ALA J 1125 -130.38 -38.00 -15.91
N VAL J 1126 -130.00 -36.73 -15.87
CA VAL J 1126 -129.12 -36.12 -16.87
C VAL J 1126 -128.09 -35.28 -16.12
N PHE J 1127 -126.82 -35.50 -16.44
CA PHE J 1127 -125.72 -34.77 -15.83
C PHE J 1127 -124.92 -34.04 -16.90
N LYS J 1128 -124.50 -32.83 -16.59
CA LYS J 1128 -123.73 -32.00 -17.51
C LYS J 1128 -122.45 -31.57 -16.84
N ALA J 1129 -121.33 -31.72 -17.54
CA ALA J 1129 -120.03 -31.37 -17.00
C ALA J 1129 -119.65 -29.94 -17.40
N THR J 1130 -118.76 -29.36 -16.61
CA THR J 1130 -118.25 -28.01 -16.87
C THR J 1130 -116.78 -27.98 -16.48
N SER J 1131 -116.15 -26.83 -16.67
CA SER J 1131 -114.76 -26.68 -16.27
C SER J 1131 -114.60 -26.80 -14.76
N SER J 1132 -115.53 -26.23 -14.00
CA SER J 1132 -115.41 -26.15 -12.55
C SER J 1132 -115.98 -27.35 -11.82
N THR J 1133 -116.68 -28.25 -12.51
CA THR J 1133 -117.24 -29.41 -11.84
C THR J 1133 -116.14 -30.22 -11.17
N ASP J 1134 -116.34 -30.56 -9.90
CA ASP J 1134 -115.36 -31.33 -9.17
C ASP J 1134 -115.51 -32.82 -9.51
N GLU J 1135 -114.38 -33.47 -9.74
CA GLU J 1135 -114.38 -34.84 -10.25
C GLU J 1135 -115.05 -35.79 -9.27
N GLU J 1136 -114.75 -35.65 -7.97
CA GLU J 1136 -115.20 -36.63 -6.99
C GLU J 1136 -116.72 -36.68 -6.91
N SER J 1137 -117.37 -35.51 -6.83
CA SER J 1137 -118.83 -35.51 -6.75
C SER J 1137 -119.46 -35.97 -8.06
N TRP J 1138 -118.85 -35.63 -9.20
CA TRP J 1138 -119.35 -36.09 -10.48
C TRP J 1138 -119.36 -37.62 -10.53
N PHE J 1139 -118.26 -38.24 -10.11
CA PHE J 1139 -118.21 -39.70 -10.12
C PHE J 1139 -119.10 -40.31 -9.06
N LYS J 1140 -119.26 -39.64 -7.91
CA LYS J 1140 -120.19 -40.13 -6.89
C LYS J 1140 -121.62 -40.14 -7.41
N ALA J 1141 -121.99 -39.10 -8.17
CA ALA J 1141 -123.32 -39.06 -8.75
C ALA J 1141 -123.49 -40.11 -9.83
N LEU J 1142 -122.48 -40.28 -10.69
CA LEU J 1142 -122.59 -41.28 -11.75
C LEU J 1142 -122.67 -42.69 -11.17
N ALA J 1143 -121.93 -42.95 -10.10
CA ALA J 1143 -121.90 -44.30 -9.54
C ALA J 1143 -123.26 -44.72 -9.00
N GLY J 1144 -123.95 -43.83 -8.30
CA GLY J 1144 -125.19 -44.17 -7.65
C GLY J 1144 -125.00 -44.58 -6.21
N SER J 1145 -126.11 -44.55 -5.46
CA SER J 1145 -126.06 -44.82 -4.02
C SER J 1145 -125.93 -46.32 -3.72
N GLU J 1146 -126.45 -47.18 -4.58
CA GLU J 1146 -126.49 -48.60 -4.29
C GLU J 1146 -125.19 -49.27 -4.73
N ILE J 1147 -124.77 -50.28 -3.97
CA ILE J 1147 -123.56 -51.05 -4.28
C ILE J 1147 -123.94 -52.07 -5.35
N ASN J 1148 -123.42 -51.89 -6.56
CA ASN J 1148 -123.73 -52.77 -7.67
C ASN J 1148 -122.67 -52.57 -8.74
N TRP J 1149 -122.92 -53.10 -9.95
CA TRP J 1149 -121.93 -53.03 -11.01
C TRP J 1149 -121.63 -51.58 -11.39
N ARG J 1150 -122.65 -50.72 -11.41
CA ARG J 1150 -122.41 -49.31 -11.70
C ARG J 1150 -121.54 -48.65 -10.64
N HIS J 1151 -121.79 -48.98 -9.37
CA HIS J 1151 -120.99 -48.45 -8.27
C HIS J 1151 -119.52 -48.77 -8.49
N ALA J 1152 -119.21 -50.04 -8.72
CA ALA J 1152 -117.82 -50.44 -8.95
C ALA J 1152 -117.26 -49.80 -10.21
N SER J 1153 -118.07 -49.75 -11.27
CA SER J 1153 -117.61 -49.19 -12.54
C SER J 1153 -117.14 -47.76 -12.37
N PHE J 1154 -117.84 -46.97 -11.56
CA PHE J 1154 -117.53 -45.55 -11.45
C PHE J 1154 -116.75 -45.18 -10.20
N LEU J 1155 -116.54 -46.10 -9.26
CA LEU J 1155 -115.81 -45.76 -8.04
C LEU J 1155 -114.56 -46.59 -7.81
N CYS J 1156 -114.50 -47.82 -8.31
CA CYS J 1156 -113.28 -48.60 -8.20
C CYS J 1156 -112.13 -47.86 -8.88
N SER J 1157 -110.99 -47.77 -8.19
CA SER J 1157 -109.87 -46.99 -8.71
C SER J 1157 -109.01 -47.80 -9.69
N PHE J 1158 -109.04 -49.13 -9.58
CA PHE J 1158 -108.25 -49.99 -10.44
C PHE J 1158 -109.12 -51.13 -10.94
N ILE J 1159 -108.77 -51.64 -12.12
CA ILE J 1159 -109.35 -52.87 -12.64
C ILE J 1159 -108.23 -53.89 -12.82
N THR J 1160 -108.62 -55.11 -13.17
CA THR J 1160 -107.70 -56.24 -13.22
C THR J 1160 -107.45 -56.67 -14.66
N GLN J 1161 -106.19 -56.79 -15.02
CA GLN J 1161 -105.78 -57.42 -16.27
C GLN J 1161 -105.58 -58.91 -16.01
N ASP J 1162 -104.94 -59.62 -16.94
CA ASP J 1162 -104.69 -61.05 -16.75
C ASP J 1162 -104.35 -61.35 -15.29
N LYS J 1163 -103.36 -60.65 -14.73
CA LYS J 1163 -103.14 -60.66 -13.29
C LYS J 1163 -102.70 -59.31 -12.75
N MET J 1164 -102.64 -58.26 -13.58
CA MET J 1164 -102.11 -56.97 -13.19
C MET J 1164 -103.24 -56.00 -12.83
N PHE J 1165 -102.86 -54.91 -12.19
CA PHE J 1165 -103.79 -53.86 -11.77
C PHE J 1165 -103.50 -52.60 -12.57
N VAL J 1166 -104.52 -52.08 -13.25
CA VAL J 1166 -104.38 -50.92 -14.11
C VAL J 1166 -105.50 -49.93 -13.80
N SER J 1167 -105.22 -48.66 -14.08
CA SER J 1167 -106.15 -47.60 -13.74
C SER J 1167 -107.49 -47.83 -14.44
N ASN J 1168 -108.57 -47.54 -13.72
CA ASN J 1168 -109.93 -47.79 -14.19
C ASN J 1168 -110.17 -47.07 -15.51
N PRO J 1169 -110.28 -47.79 -16.63
CA PRO J 1169 -110.53 -47.11 -17.91
C PRO J 1169 -111.84 -46.35 -17.95
N ILE J 1170 -112.87 -46.85 -17.26
CA ILE J 1170 -114.17 -46.21 -17.28
C ILE J 1170 -114.10 -44.82 -16.69
N ARG J 1171 -113.39 -44.66 -15.57
CA ARG J 1171 -113.29 -43.35 -14.95
C ARG J 1171 -112.57 -42.36 -15.85
N LYS J 1172 -111.52 -42.80 -16.52
CA LYS J 1172 -110.75 -41.90 -17.38
C LYS J 1172 -111.56 -41.53 -18.58
N VAL J 1173 -112.38 -42.44 -19.02
CA VAL J 1173 -113.24 -42.14 -20.17
C VAL J 1173 -114.38 -41.20 -19.77
N PHE J 1174 -114.83 -41.27 -18.52
CA PHE J 1174 -115.91 -40.44 -18.02
C PHE J 1174 -115.42 -39.22 -17.25
N LYS J 1175 -114.12 -38.94 -17.30
CA LYS J 1175 -113.57 -37.80 -16.59
C LYS J 1175 -114.27 -36.53 -17.04
N PRO J 1176 -114.85 -35.74 -16.14
CA PRO J 1176 -115.72 -34.63 -16.57
C PRO J 1176 -114.94 -33.55 -17.31
N SER J 1177 -115.55 -33.04 -18.38
CA SER J 1177 -115.00 -31.91 -19.11
C SER J 1177 -116.16 -31.19 -19.79
N GLN J 1178 -115.92 -29.92 -20.10
CA GLN J 1178 -116.97 -29.08 -20.68
C GLN J 1178 -117.51 -29.71 -21.95
N GLY J 1179 -118.84 -29.79 -22.06
CA GLY J 1179 -119.51 -30.35 -23.20
C GLY J 1179 -120.02 -31.77 -23.02
N MET J 1180 -119.50 -32.50 -22.04
CA MET J 1180 -119.93 -33.87 -21.82
C MET J 1180 -121.32 -33.88 -21.18
N VAL J 1181 -122.19 -34.75 -21.71
CA VAL J 1181 -123.55 -34.91 -21.18
C VAL J 1181 -123.80 -36.41 -21.01
N VAL J 1182 -124.14 -36.81 -19.79
CA VAL J 1182 -124.34 -38.21 -19.42
C VAL J 1182 -125.80 -38.43 -19.10
N GLU J 1183 -126.38 -39.48 -19.68
CA GLU J 1183 -127.79 -39.82 -19.52
C GLU J 1183 -127.89 -41.20 -18.90
N ILE J 1184 -128.59 -41.31 -17.78
CA ILE J 1184 -128.81 -42.57 -17.08
C ILE J 1184 -130.29 -42.89 -17.14
N SER J 1185 -130.61 -44.16 -17.39
CA SER J 1185 -131.99 -44.63 -17.47
C SER J 1185 -132.12 -45.96 -16.75
N ASN J 1186 -133.17 -46.11 -15.96
CA ASN J 1186 -133.39 -47.32 -15.16
C ASN J 1186 -132.36 -47.47 -14.06
N GLY J 1187 -131.91 -46.37 -13.48
CA GLY J 1187 -130.88 -46.44 -12.46
C GLY J 1187 -131.28 -47.24 -11.24
N ASN J 1188 -132.56 -47.51 -11.10
CA ASN J 1188 -133.08 -48.22 -9.93
C ASN J 1188 -133.05 -49.71 -10.10
N THR J 1189 -132.96 -50.22 -11.32
CA THR J 1189 -132.82 -51.65 -11.56
C THR J 1189 -131.44 -51.82 -12.16
N SER J 1190 -130.46 -52.29 -11.40
CA SER J 1190 -129.09 -52.36 -11.89
C SER J 1190 -128.99 -53.21 -13.15
N SER J 1191 -129.75 -54.30 -13.21
CA SER J 1191 -129.66 -55.21 -14.35
C SER J 1191 -130.08 -54.55 -15.66
N LYS J 1192 -130.77 -53.41 -15.60
CA LYS J 1192 -131.25 -52.72 -16.79
C LYS J 1192 -130.72 -51.31 -16.93
N THR J 1193 -129.87 -50.84 -16.02
CA THR J 1193 -129.35 -49.49 -16.12
C THR J 1193 -128.45 -49.34 -17.34
N VAL J 1194 -128.60 -48.23 -18.04
CA VAL J 1194 -127.78 -47.90 -19.20
C VAL J 1194 -127.28 -46.47 -19.01
N VAL J 1195 -125.96 -46.30 -19.00
CA VAL J 1195 -125.34 -44.99 -18.86
C VAL J 1195 -124.80 -44.58 -20.23
N THR J 1196 -125.38 -43.54 -20.81
CA THR J 1196 -125.00 -43.07 -22.13
C THR J 1196 -124.33 -41.71 -22.02
N LEU J 1197 -123.14 -41.60 -22.60
CA LEU J 1197 -122.38 -40.35 -22.64
C LEU J 1197 -122.46 -39.78 -24.04
N SER J 1198 -122.80 -38.49 -24.12
CA SER J 1198 -122.87 -37.78 -25.40
C SER J 1198 -121.99 -36.54 -25.32
N GLU J 1199 -121.24 -36.28 -26.38
CA GLU J 1199 -120.36 -35.13 -26.49
C GLU J 1199 -120.61 -34.43 -27.80
N PRO J 1200 -120.27 -33.15 -27.91
CA PRO J 1200 -120.40 -32.46 -29.20
C PRO J 1200 -119.38 -33.00 -30.20
N VAL J 1201 -119.87 -33.54 -31.30
CA VAL J 1201 -119.03 -33.99 -32.40
C VAL J 1201 -119.52 -33.28 -33.66
N GLN J 1202 -118.63 -32.51 -34.28
CA GLN J 1202 -118.98 -31.74 -35.48
C GLN J 1202 -120.13 -30.78 -35.22
N GLY J 1203 -120.26 -30.33 -33.98
CA GLY J 1203 -121.29 -29.38 -33.57
C GLY J 1203 -122.49 -30.00 -32.89
N GLU J 1204 -122.92 -31.17 -33.35
CA GLU J 1204 -124.10 -31.83 -32.79
C GLU J 1204 -123.70 -32.75 -31.65
N LEU J 1205 -124.67 -33.02 -30.77
CA LEU J 1205 -124.48 -33.88 -29.62
C LEU J 1205 -124.80 -35.31 -30.04
N LYS J 1206 -123.81 -36.20 -29.90
CA LYS J 1206 -123.94 -37.58 -30.34
C LYS J 1206 -123.47 -38.53 -29.25
N PRO J 1207 -124.02 -39.74 -29.18
CA PRO J 1207 -123.52 -40.71 -28.20
C PRO J 1207 -122.11 -41.14 -28.53
N THR J 1208 -121.24 -41.14 -27.52
CA THR J 1208 -119.86 -41.57 -27.67
C THR J 1208 -119.53 -42.80 -26.84
N VAL J 1209 -120.13 -42.97 -25.66
CA VAL J 1209 -119.89 -44.14 -24.82
C VAL J 1209 -121.23 -44.62 -24.27
N ILE J 1210 -121.46 -45.92 -24.36
CA ILE J 1210 -122.65 -46.55 -23.77
C ILE J 1210 -122.17 -47.64 -22.83
N LEU J 1211 -122.66 -47.61 -21.59
CA LEU J 1211 -122.26 -48.55 -20.56
C LEU J 1211 -123.50 -49.25 -20.00
N LYS J 1212 -123.42 -50.57 -19.91
CA LYS J 1212 -124.55 -51.38 -19.47
C LYS J 1212 -124.02 -52.75 -19.04
N LEU J 1213 -124.92 -53.61 -18.58
CA LEU J 1213 -124.61 -55.02 -18.31
C LEU J 1213 -125.01 -55.83 -19.53
N LEU J 1214 -124.01 -56.30 -20.27
CA LEU J 1214 -124.29 -57.20 -21.39
C LEU J 1214 -124.88 -58.52 -20.90
N LYS J 1215 -124.25 -59.11 -19.91
CA LYS J 1215 -124.67 -60.36 -19.29
C LYS J 1215 -124.91 -60.11 -17.80
N GLU J 1216 -125.23 -61.15 -17.06
CA GLU J 1216 -125.41 -61.01 -15.61
C GLU J 1216 -124.12 -60.62 -14.92
N ASN J 1217 -122.99 -60.98 -15.50
CA ASN J 1217 -121.69 -60.67 -14.91
C ASN J 1217 -120.79 -59.83 -15.82
N ILE J 1218 -121.21 -59.56 -17.05
CA ILE J 1218 -120.35 -58.93 -18.05
C ILE J 1218 -120.77 -57.48 -18.21
N ILE J 1219 -119.84 -56.56 -17.96
CA ILE J 1219 -120.05 -55.14 -18.17
C ILE J 1219 -119.49 -54.79 -19.54
N GLN J 1220 -120.34 -54.28 -20.42
CA GLN J 1220 -119.91 -53.84 -21.74
C GLN J 1220 -119.82 -52.32 -21.77
N MET J 1221 -118.70 -51.81 -22.25
CA MET J 1221 -118.48 -50.38 -22.44
C MET J 1221 -118.24 -50.17 -23.93
N GLU J 1222 -119.31 -49.96 -24.67
CA GLU J 1222 -119.23 -49.78 -26.12
C GLU J 1222 -118.79 -48.35 -26.40
N MET J 1223 -117.61 -48.19 -27.00
CA MET J 1223 -117.07 -46.91 -27.40
C MET J 1223 -117.39 -46.67 -28.87
N ILE J 1224 -117.96 -45.51 -29.18
CA ILE J 1224 -118.50 -45.23 -30.50
C ILE J 1224 -117.64 -44.17 -31.18
N GLU J 1225 -117.36 -44.38 -32.46
CA GLU J 1225 -116.74 -43.38 -33.31
C GLU J 1225 -117.75 -42.94 -34.35
N ASN J 1226 -117.96 -41.62 -34.45
CA ASN J 1226 -118.98 -41.07 -35.34
C ASN J 1226 -118.41 -40.49 -36.62
N ARG J 1227 -117.11 -40.28 -36.71
CA ARG J 1227 -116.48 -39.80 -37.93
C ARG J 1227 -115.89 -41.00 -38.69
N THR J 1228 -116.77 -41.66 -39.43
CA THR J 1228 -116.43 -42.86 -40.18
C THR J 1228 -116.39 -42.56 -41.67
N MET J 1229 -116.18 -43.58 -42.48
CA MET J 1229 -116.04 -43.38 -43.93
C MET J 1229 -117.35 -43.40 -44.68
N ASP J 1230 -118.40 -43.88 -44.06
CA ASP J 1230 -119.72 -43.86 -44.70
C ASP J 1230 -120.79 -43.21 -43.85
N GLY J 1231 -120.42 -42.59 -42.72
CA GLY J 1231 -121.36 -41.86 -41.90
C GLY J 1231 -122.01 -42.66 -40.80
N LYS J 1232 -121.98 -43.99 -40.89
CA LYS J 1232 -122.60 -44.81 -39.85
C LYS J 1232 -121.62 -45.00 -38.70
N PRO J 1233 -122.06 -44.80 -37.45
CA PRO J 1233 -121.14 -44.94 -36.33
C PRO J 1233 -120.60 -46.36 -36.21
N VAL J 1234 -119.33 -46.47 -35.82
CA VAL J 1234 -118.70 -47.76 -35.55
C VAL J 1234 -118.37 -47.82 -34.07
N SER J 1235 -118.73 -48.93 -33.45
CA SER J 1235 -118.58 -49.10 -32.00
C SER J 1235 -117.51 -50.14 -31.71
N LEU J 1236 -116.74 -49.89 -30.65
CA LEU J 1236 -115.73 -50.83 -30.16
C LEU J 1236 -116.21 -51.38 -28.83
N PRO J 1237 -116.71 -52.62 -28.78
CA PRO J 1237 -117.24 -53.17 -27.52
C PRO J 1237 -116.13 -53.66 -26.62
N LEU J 1238 -115.96 -53.00 -25.46
CA LEU J 1238 -114.97 -53.43 -24.48
C LEU J 1238 -115.70 -54.18 -23.39
N LEU J 1239 -115.26 -55.39 -23.09
CA LEU J 1239 -115.95 -56.21 -22.11
C LEU J 1239 -115.22 -56.35 -20.80
N TYR J 1240 -115.96 -56.42 -19.70
CA TYR J 1240 -115.36 -56.54 -18.39
C TYR J 1240 -116.17 -57.52 -17.55
N ASN J 1241 -115.47 -58.27 -16.70
CA ASN J 1241 -116.14 -59.21 -15.79
C ASN J 1241 -116.41 -58.51 -14.46
N PHE J 1242 -117.63 -58.70 -13.94
CA PHE J 1242 -118.01 -58.18 -12.64
C PHE J 1242 -118.06 -59.36 -11.67
N ASN J 1243 -117.18 -59.35 -10.68
CA ASN J 1243 -117.07 -60.43 -9.70
C ASN J 1243 -117.25 -59.85 -8.31
N PRO J 1244 -118.50 -59.86 -7.81
CA PRO J 1244 -118.77 -59.32 -6.48
C PRO J 1244 -118.02 -60.02 -5.33
N ASP J 1245 -117.50 -61.22 -5.54
CA ASP J 1245 -116.77 -61.94 -4.51
C ASP J 1245 -115.45 -61.26 -4.19
N ASN J 1246 -114.88 -60.56 -5.17
CA ASN J 1246 -113.62 -59.82 -4.97
C ASN J 1246 -113.99 -58.36 -4.76
N GLY J 1247 -114.27 -58.00 -3.51
CA GLY J 1247 -114.72 -56.66 -3.22
C GLY J 1247 -113.68 -55.60 -3.52
N PHE J 1248 -112.42 -55.90 -3.31
CA PHE J 1248 -111.37 -54.91 -3.56
C PHE J 1248 -111.23 -54.60 -5.04
N ALA J 1249 -111.35 -55.62 -5.88
CA ALA J 1249 -111.22 -55.45 -7.33
C ALA J 1249 -112.29 -56.29 -8.02
N PRO J 1250 -113.56 -55.86 -7.96
CA PRO J 1250 -114.62 -56.67 -8.57
C PRO J 1250 -114.55 -56.72 -10.09
N ILE J 1251 -113.93 -55.74 -10.74
CA ILE J 1251 -113.95 -55.62 -12.19
C ILE J 1251 -112.63 -56.10 -12.77
N SER J 1252 -112.71 -56.94 -13.80
CA SER J 1252 -111.53 -57.42 -14.52
C SER J 1252 -111.84 -57.42 -16.01
N GLU J 1253 -110.90 -56.97 -16.83
CA GLU J 1253 -111.12 -56.96 -18.25
C GLU J 1253 -111.08 -58.31 -18.89
N VAL J 1254 -111.87 -58.49 -19.93
CA VAL J 1254 -111.85 -59.71 -20.69
C VAL J 1254 -110.75 -59.51 -21.72
N MET J 1255 -109.59 -60.15 -21.52
CA MET J 1255 -108.44 -59.95 -22.39
C MET J 1255 -108.55 -60.74 -23.70
N GLU J 1256 -109.37 -61.78 -23.71
CA GLU J 1256 -109.44 -62.64 -24.89
C GLU J 1256 -110.24 -61.96 -26.00
N ASP J 1257 -109.69 -61.99 -27.21
CA ASP J 1257 -110.26 -61.39 -28.42
C ASP J 1257 -110.24 -59.87 -28.40
N ARG J 1258 -109.59 -59.28 -27.41
CA ARG J 1258 -109.58 -57.83 -27.29
C ARG J 1258 -108.89 -57.20 -28.49
N ASN J 1259 -107.75 -57.73 -28.89
CA ASN J 1259 -107.01 -57.19 -30.01
C ASN J 1259 -107.82 -57.38 -31.27
N GLN J 1260 -108.51 -58.52 -31.39
CA GLN J 1260 -109.34 -58.75 -32.57
C GLN J 1260 -110.45 -57.73 -32.68
N ARG J 1261 -111.06 -57.36 -31.56
CA ARG J 1261 -112.14 -56.39 -31.56
C ARG J 1261 -111.62 -55.03 -31.95
N ILE J 1262 -110.45 -54.66 -31.46
CA ILE J 1262 -109.87 -53.37 -31.77
C ILE J 1262 -109.56 -53.30 -33.23
N LYS J 1263 -109.04 -54.39 -33.79
CA LYS J 1263 -108.68 -54.42 -35.17
C LYS J 1263 -109.90 -54.42 -36.07
N GLU J 1264 -110.97 -55.09 -35.66
CA GLU J 1264 -112.19 -55.02 -36.46
C GLU J 1264 -112.70 -53.60 -36.56
N MET J 1265 -112.67 -52.86 -35.44
CA MET J 1265 -113.06 -51.45 -35.49
C MET J 1265 -112.16 -50.68 -36.45
N TYR J 1266 -110.85 -50.86 -36.33
CA TYR J 1266 -109.93 -50.13 -37.20
C TYR J 1266 -110.05 -50.55 -38.65
N TRP J 1267 -110.47 -51.80 -38.91
CA TRP J 1267 -110.69 -52.24 -40.27
C TRP J 1267 -111.91 -51.58 -40.87
N LYS J 1268 -112.99 -51.45 -40.09
CA LYS J 1268 -114.14 -50.70 -40.57
C LYS J 1268 -113.77 -49.25 -40.84
N LEU J 1269 -112.85 -48.67 -40.11
CA LEU J 1269 -112.53 -47.27 -40.30
C LEU J 1269 -111.54 -46.98 -41.42
N TRP J 1270 -110.63 -47.90 -41.71
CA TRP J 1270 -109.58 -47.64 -42.68
C TRP J 1270 -109.70 -48.43 -43.94
N ILE J 1271 -110.12 -49.68 -43.85
CA ILE J 1271 -110.13 -50.54 -45.02
C ILE J 1271 -111.51 -50.84 -45.54
N ASP J 1272 -111.75 -50.51 -46.79
CA ASP J 1272 -113.04 -50.82 -47.41
C ASP J 1272 -113.09 -52.19 -48.09
N GLU J 1273 -113.06 -53.26 -47.32
CA GLU J 1273 -113.12 -54.61 -47.86
C GLU J 1273 -113.63 -55.53 -46.78
N PRO J 1274 -114.03 -56.75 -47.13
CA PRO J 1274 -114.59 -57.62 -46.09
C PRO J 1274 -113.56 -57.94 -45.02
N PHE J 1275 -114.00 -57.86 -43.77
CA PHE J 1275 -113.08 -58.05 -42.65
C PHE J 1275 -112.51 -59.47 -42.66
N ASN J 1276 -111.19 -59.57 -42.74
CA ASN J 1276 -110.51 -60.87 -42.70
C ASN J 1276 -109.07 -60.65 -42.27
N LEU J 1277 -108.70 -61.18 -41.12
CA LEU J 1277 -107.34 -61.10 -40.60
C LEU J 1277 -106.45 -62.25 -41.04
N ASP J 1278 -107.01 -63.26 -41.70
CA ASP J 1278 -106.28 -64.49 -42.00
C ASP J 1278 -105.63 -64.37 -43.39
N PHE J 1279 -104.49 -63.71 -43.41
CA PHE J 1279 -103.66 -63.67 -44.62
C PHE J 1279 -102.20 -63.57 -44.20
N ASP J 1280 -101.32 -64.02 -45.07
CA ASP J 1280 -99.92 -64.17 -44.72
C ASP J 1280 -99.21 -62.82 -44.73
N PRO J 1281 -98.52 -62.43 -43.66
CA PRO J 1281 -97.72 -61.20 -43.72
C PRO J 1281 -96.61 -61.26 -44.75
N ARG J 1282 -96.20 -62.45 -45.17
CA ARG J 1282 -95.13 -62.59 -46.16
C ARG J 1282 -95.60 -62.26 -47.57
N ASP J 1283 -96.90 -62.16 -47.79
CA ASP J 1283 -97.42 -61.94 -49.13
C ASP J 1283 -97.40 -60.46 -49.48
N VAL J 1284 -97.59 -60.17 -50.76
CA VAL J 1284 -97.63 -58.80 -51.25
C VAL J 1284 -99.07 -58.30 -51.21
N ILE J 1285 -99.25 -57.08 -50.69
CA ILE J 1285 -100.57 -56.48 -50.58
C ILE J 1285 -100.80 -55.60 -51.81
N LYS J 1286 -102.01 -55.70 -52.37
CA LYS J 1286 -102.38 -55.01 -53.60
C LYS J 1286 -103.51 -54.04 -53.28
N GLY J 1287 -103.31 -52.77 -53.64
CA GLY J 1287 -104.28 -51.73 -53.36
C GLY J 1287 -105.09 -51.37 -54.58
N LYS J 1288 -106.22 -50.71 -54.32
CA LYS J 1288 -107.13 -50.33 -55.39
C LYS J 1288 -106.53 -49.20 -56.22
N ASP J 1289 -106.91 -49.14 -57.48
CA ASP J 1289 -106.39 -48.13 -58.39
C ASP J 1289 -106.92 -46.75 -58.01
N PHE J 1290 -106.03 -45.77 -57.97
CA PHE J 1290 -106.35 -44.42 -57.53
C PHE J 1290 -106.19 -43.45 -58.68
N GLU J 1291 -107.22 -42.64 -58.91
CA GLU J 1291 -107.25 -41.65 -59.97
C GLU J 1291 -107.12 -40.27 -59.34
N ILE J 1292 -106.02 -39.58 -59.65
CA ILE J 1292 -105.73 -38.29 -59.03
C ILE J 1292 -106.50 -37.20 -59.76
N THR J 1293 -107.33 -36.47 -59.02
CA THR J 1293 -108.15 -35.42 -59.60
C THR J 1293 -107.79 -34.09 -58.99
N ALA J 1294 -108.17 -32.99 -59.62
CA ALA J 1294 -107.82 -31.66 -59.15
C ALA J 1294 -108.43 -31.39 -57.77
N LYS J 1295 -109.65 -31.86 -57.53
CA LYS J 1295 -110.31 -31.62 -56.25
C LYS J 1295 -109.51 -32.22 -55.10
N GLU J 1296 -108.99 -33.42 -55.30
CA GLU J 1296 -108.28 -34.09 -54.23
C GLU J 1296 -106.97 -33.39 -53.93
N VAL J 1297 -106.27 -32.95 -54.97
CA VAL J 1297 -105.02 -32.21 -54.76
C VAL J 1297 -105.29 -30.90 -54.05
N TYR J 1298 -106.34 -30.18 -54.46
CA TYR J 1298 -106.68 -28.93 -53.79
C TYR J 1298 -106.97 -29.17 -52.31
N ASP J 1299 -107.80 -30.16 -52.02
CA ASP J 1299 -108.16 -30.42 -50.63
C ASP J 1299 -106.94 -30.82 -49.80
N PHE J 1300 -106.07 -31.67 -50.35
CA PHE J 1300 -104.89 -32.09 -49.63
C PHE J 1300 -103.97 -30.92 -49.36
N THR J 1301 -103.70 -30.10 -50.38
CA THR J 1301 -102.78 -28.98 -50.23
C THR J 1301 -103.31 -27.96 -49.23
N HIS J 1302 -104.63 -27.75 -49.21
CA HIS J 1302 -105.20 -26.84 -48.22
C HIS J 1302 -105.23 -27.45 -46.82
N ALA J 1303 -105.38 -28.77 -46.73
CA ALA J 1303 -105.36 -29.42 -45.43
C ALA J 1303 -103.99 -29.36 -44.79
N VAL J 1304 -102.92 -29.50 -45.57
CA VAL J 1304 -101.57 -29.54 -45.01
C VAL J 1304 -100.88 -28.21 -45.10
N GLY J 1305 -101.47 -27.26 -45.80
CA GLY J 1305 -100.91 -25.91 -45.86
C GLY J 1305 -99.80 -25.72 -46.84
N ASN J 1306 -99.85 -26.47 -47.93
CA ASN J 1306 -98.84 -26.35 -48.98
C ASN J 1306 -99.28 -25.32 -49.98
N ASN J 1307 -98.48 -24.29 -50.17
CA ASN J 1307 -98.85 -23.17 -51.03
C ASN J 1307 -98.02 -23.10 -52.30
N CYS J 1308 -97.32 -24.16 -52.68
CA CYS J 1308 -96.51 -24.15 -53.88
C CYS J 1308 -97.41 -23.97 -55.06
N GLU J 1309 -96.91 -23.29 -56.08
CA GLU J 1309 -97.70 -23.01 -57.26
C GLU J 1309 -97.82 -24.21 -58.19
N ASP J 1310 -97.00 -25.24 -58.04
CA ASP J 1310 -97.05 -26.40 -58.91
C ASP J 1310 -98.32 -27.17 -58.70
N PHE J 1311 -98.87 -27.09 -57.50
CA PHE J 1311 -100.07 -27.82 -57.16
C PHE J 1311 -101.33 -26.98 -57.28
N VAL J 1312 -101.26 -25.83 -57.93
CA VAL J 1312 -102.40 -24.94 -58.11
C VAL J 1312 -102.77 -24.91 -59.58
N SER J 1313 -104.07 -24.93 -59.85
CA SER J 1313 -104.55 -24.86 -61.22
C SER J 1313 -104.21 -23.49 -61.80
N ARG J 1314 -103.55 -23.49 -62.96
CA ARG J 1314 -103.12 -22.27 -63.62
C ARG J 1314 -103.23 -22.50 -65.12
N PRO J 1315 -103.51 -21.46 -65.91
CA PRO J 1315 -103.70 -21.67 -67.35
C PRO J 1315 -102.42 -22.14 -68.02
N ASP J 1316 -102.59 -22.91 -69.10
CA ASP J 1316 -101.49 -23.43 -69.91
C ASP J 1316 -100.43 -24.10 -69.05
N ARG J 1317 -100.87 -24.87 -68.07
CA ARG J 1317 -99.96 -25.65 -67.23
C ARG J 1317 -100.71 -26.81 -66.61
N THR J 1318 -100.08 -27.98 -66.57
CA THR J 1318 -100.67 -29.13 -65.91
C THR J 1318 -100.39 -29.08 -64.42
N MET J 1319 -101.39 -29.42 -63.62
CA MET J 1319 -101.26 -29.37 -62.18
C MET J 1319 -100.58 -30.64 -61.65
N LEU J 1320 -99.65 -30.45 -60.75
CA LEU J 1320 -98.96 -31.56 -60.17
C LEU J 1320 -99.50 -31.89 -58.82
N ALA J 1321 -99.25 -33.10 -58.35
CA ALA J 1321 -99.59 -33.48 -57.00
C ALA J 1321 -98.34 -33.49 -56.13
N PRO J 1322 -98.45 -33.09 -54.87
CA PRO J 1322 -97.26 -33.11 -54.00
C PRO J 1322 -96.81 -34.53 -53.71
N MET J 1323 -95.50 -34.67 -53.44
CA MET J 1323 -94.94 -35.97 -53.10
C MET J 1323 -95.67 -36.60 -51.92
N ASP J 1324 -96.23 -35.77 -51.03
CA ASP J 1324 -96.95 -36.29 -49.88
C ASP J 1324 -98.23 -37.02 -50.27
N PHE J 1325 -98.73 -36.80 -51.48
CA PHE J 1325 -99.95 -37.48 -51.92
C PHE J 1325 -99.76 -38.99 -52.03
N ALA J 1326 -98.51 -39.47 -52.04
CA ALA J 1326 -98.27 -40.90 -52.13
C ALA J 1326 -98.91 -41.62 -50.95
N ILE J 1327 -98.92 -40.99 -49.77
CA ILE J 1327 -99.48 -41.65 -48.61
C ILE J 1327 -101.00 -41.76 -48.74
N VAL J 1328 -101.66 -40.73 -49.24
CA VAL J 1328 -103.11 -40.85 -49.42
C VAL J 1328 -103.42 -41.88 -50.49
N VAL J 1329 -102.55 -42.00 -51.49
CA VAL J 1329 -102.80 -42.97 -52.55
C VAL J 1329 -102.62 -44.40 -52.05
N GLY J 1330 -101.61 -44.63 -51.20
CA GLY J 1330 -101.28 -45.99 -50.79
C GLY J 1330 -101.49 -46.33 -49.33
N TRP J 1331 -102.29 -45.52 -48.61
CA TRP J 1331 -102.52 -45.78 -47.19
C TRP J 1331 -103.23 -47.10 -46.97
N ARG J 1332 -104.22 -47.41 -47.79
CA ARG J 1332 -104.97 -48.62 -47.57
C ARG J 1332 -104.08 -49.83 -47.76
N ALA J 1333 -103.14 -49.77 -48.69
CA ALA J 1333 -102.20 -50.88 -48.87
C ALA J 1333 -101.17 -50.94 -47.75
N ILE J 1334 -100.63 -49.79 -47.34
CA ILE J 1334 -99.57 -49.79 -46.34
C ILE J 1334 -100.09 -50.23 -44.98
N ILE J 1335 -101.22 -49.68 -44.55
CA ILE J 1335 -101.70 -49.92 -43.19
C ILE J 1335 -102.28 -51.32 -43.04
N LYS J 1336 -102.69 -51.96 -44.13
CA LYS J 1336 -103.18 -53.32 -44.06
C LYS J 1336 -102.08 -54.32 -43.69
N ALA J 1337 -100.82 -53.90 -43.74
CA ALA J 1337 -99.71 -54.80 -43.46
C ALA J 1337 -99.64 -55.19 -41.99
N ILE J 1338 -100.12 -54.34 -41.09
CA ILE J 1338 -100.00 -54.59 -39.65
C ILE J 1338 -101.24 -55.30 -39.09
N PHE J 1339 -102.20 -55.64 -39.94
CA PHE J 1339 -103.43 -56.30 -39.53
C PHE J 1339 -103.31 -57.82 -39.33
N PRO J 1340 -102.56 -58.54 -40.17
CA PRO J 1340 -102.62 -60.01 -40.14
C PRO J 1340 -102.60 -60.57 -38.72
N ASN J 1341 -103.23 -61.75 -38.58
CA ASN J 1341 -103.33 -62.38 -37.26
C ASN J 1341 -101.96 -62.70 -36.69
N THR J 1342 -101.02 -63.13 -37.52
CA THR J 1342 -99.70 -63.48 -37.02
C THR J 1342 -99.00 -62.27 -36.42
N VAL J 1343 -99.14 -61.10 -37.05
CA VAL J 1343 -98.60 -59.85 -36.47
C VAL J 1343 -99.72 -59.29 -35.60
N ASP J 1344 -99.76 -59.78 -34.37
CA ASP J 1344 -100.82 -59.44 -33.43
C ASP J 1344 -100.38 -58.33 -32.49
N GLY J 1345 -101.26 -57.36 -32.26
CA GLY J 1345 -100.96 -56.27 -31.36
C GLY J 1345 -102.15 -55.38 -31.13
N ASP J 1346 -102.10 -54.55 -30.11
CA ASP J 1346 -103.19 -53.61 -29.82
C ASP J 1346 -103.09 -52.37 -30.68
N LEU J 1347 -104.00 -52.20 -31.63
CA LEU J 1347 -103.92 -51.07 -32.54
C LEU J 1347 -104.12 -49.75 -31.83
N LEU J 1348 -104.64 -49.77 -30.61
CA LEU J 1348 -104.75 -48.53 -29.85
C LEU J 1348 -103.42 -48.12 -29.25
N LYS J 1349 -102.45 -49.02 -29.18
CA LYS J 1349 -101.10 -48.71 -28.74
C LYS J 1349 -100.12 -48.58 -29.90
N LEU J 1350 -100.62 -48.58 -31.13
CA LEU J 1350 -99.73 -48.48 -32.29
C LEU J 1350 -99.07 -47.12 -32.35
N VAL J 1351 -97.79 -47.11 -32.71
CA VAL J 1351 -97.00 -45.89 -32.83
C VAL J 1351 -96.36 -45.87 -34.21
N HIS J 1352 -96.53 -44.78 -34.95
CA HIS J 1352 -95.87 -44.63 -36.22
C HIS J 1352 -94.52 -44.07 -35.91
N LEU J 1353 -93.46 -44.73 -36.33
CA LEU J 1353 -92.13 -44.31 -35.96
C LEU J 1353 -91.51 -43.42 -37.01
N SER J 1354 -91.72 -43.74 -38.27
CA SER J 1354 -91.12 -42.95 -39.32
C SER J 1354 -91.87 -43.21 -40.62
N ASN J 1355 -91.65 -42.32 -41.58
CA ASN J 1355 -92.19 -42.46 -42.92
C ASN J 1355 -91.23 -41.78 -43.88
N GLY J 1356 -91.28 -42.21 -45.13
CA GLY J 1356 -90.35 -41.66 -46.11
C GLY J 1356 -90.82 -41.91 -47.52
N TYR J 1357 -90.39 -41.04 -48.42
CA TYR J 1357 -90.67 -41.14 -49.84
C TYR J 1357 -89.35 -41.14 -50.61
N LYS J 1358 -89.35 -41.85 -51.73
CA LYS J 1358 -88.13 -41.99 -52.53
C LYS J 1358 -88.56 -42.11 -54.00
N MET J 1359 -88.36 -41.03 -54.75
CA MET J 1359 -88.65 -41.05 -56.17
C MET J 1359 -87.69 -42.00 -56.88
N ILE J 1360 -88.23 -42.79 -57.80
CA ILE J 1360 -87.41 -43.74 -58.54
C ILE J 1360 -86.70 -42.99 -59.68
N PRO J 1361 -85.38 -43.11 -59.80
CA PRO J 1361 -84.66 -42.27 -60.77
C PRO J 1361 -85.23 -42.39 -62.16
N GLY J 1362 -85.37 -41.24 -62.83
CA GLY J 1362 -85.96 -41.19 -64.15
C GLY J 1362 -87.48 -41.11 -64.18
N ALA J 1363 -88.13 -41.03 -63.02
CA ALA J 1363 -89.57 -40.96 -62.95
C ALA J 1363 -90.02 -39.53 -62.71
N LYS J 1364 -91.13 -39.15 -63.35
CA LYS J 1364 -91.70 -37.83 -63.17
C LYS J 1364 -92.56 -37.78 -61.92
N PRO J 1365 -92.76 -36.60 -61.35
CA PRO J 1365 -93.61 -36.49 -60.15
C PRO J 1365 -95.06 -36.76 -60.49
N LEU J 1366 -95.84 -37.01 -59.43
CA LEU J 1366 -97.27 -37.26 -59.60
C LEU J 1366 -97.94 -36.04 -60.21
N GLN J 1367 -99.00 -36.25 -60.97
CA GLN J 1367 -99.69 -35.14 -61.60
C GLN J 1367 -101.16 -35.44 -61.81
N VAL J 1368 -102.01 -34.44 -61.77
CA VAL J 1368 -103.44 -34.67 -61.84
C VAL J 1368 -103.84 -35.33 -63.14
N GLY J 1369 -104.61 -36.40 -63.05
CA GLY J 1369 -105.04 -37.14 -64.23
C GLY J 1369 -104.36 -38.48 -64.32
N ASP J 1370 -103.37 -38.71 -63.47
CA ASP J 1370 -102.66 -39.97 -63.48
C ASP J 1370 -103.35 -41.08 -62.72
N VAL J 1371 -103.38 -42.28 -63.26
CA VAL J 1371 -103.92 -43.45 -62.58
C VAL J 1371 -102.74 -44.18 -61.95
N VAL J 1372 -102.81 -44.42 -60.65
CA VAL J 1372 -101.70 -44.96 -59.87
C VAL J 1372 -102.14 -46.25 -59.21
N SER J 1373 -101.28 -47.26 -59.27
CA SER J 1373 -101.46 -48.52 -58.58
C SER J 1373 -100.44 -48.61 -57.45
N THR J 1374 -100.86 -49.17 -56.32
CA THR J 1374 -100.01 -49.28 -55.14
C THR J 1374 -99.81 -50.74 -54.76
N THR J 1375 -98.64 -51.02 -54.22
CA THR J 1375 -98.26 -52.37 -53.78
C THR J 1375 -97.44 -52.24 -52.52
N ALA J 1376 -97.68 -53.13 -51.55
CA ALA J 1376 -97.01 -53.06 -50.26
C ALA J 1376 -96.50 -54.44 -49.86
N VAL J 1377 -95.33 -54.46 -49.23
CA VAL J 1377 -94.74 -55.68 -48.68
C VAL J 1377 -94.14 -55.36 -47.32
N ILE J 1378 -94.17 -56.33 -46.41
CA ILE J 1378 -93.56 -56.15 -45.10
C ILE J 1378 -92.07 -56.48 -45.23
N GLU J 1379 -91.22 -55.48 -45.07
CA GLU J 1379 -89.78 -55.70 -45.14
C GLU J 1379 -89.32 -56.56 -43.98
N SER J 1380 -89.72 -56.21 -42.76
CA SER J 1380 -89.33 -56.97 -41.59
C SER J 1380 -90.36 -56.77 -40.49
N VAL J 1381 -90.45 -57.76 -39.60
CA VAL J 1381 -91.26 -57.67 -38.39
C VAL J 1381 -90.48 -58.38 -37.30
N VAL J 1382 -90.00 -57.63 -36.32
CA VAL J 1382 -89.07 -58.14 -35.32
C VAL J 1382 -89.62 -57.86 -33.93
N ASN J 1383 -89.52 -58.84 -33.04
CA ASN J 1383 -89.93 -58.69 -31.66
C ASN J 1383 -88.77 -58.10 -30.87
N GLN J 1384 -88.84 -56.79 -30.64
CA GLN J 1384 -87.90 -56.12 -29.76
C GLN J 1384 -88.36 -56.21 -28.32
N PRO J 1385 -87.46 -56.05 -27.35
CA PRO J 1385 -87.89 -56.27 -25.94
C PRO J 1385 -89.05 -55.39 -25.53
N THR J 1386 -89.12 -54.16 -26.03
CA THR J 1386 -90.16 -53.22 -25.63
C THR J 1386 -91.32 -53.15 -26.61
N GLY J 1387 -91.37 -54.02 -27.61
CA GLY J 1387 -92.47 -54.02 -28.54
C GLY J 1387 -92.09 -54.73 -29.83
N LYS J 1388 -93.00 -54.64 -30.80
CA LYS J 1388 -92.86 -55.29 -32.09
C LYS J 1388 -92.82 -54.21 -33.17
N ILE J 1389 -91.73 -54.16 -33.93
CA ILE J 1389 -91.56 -53.20 -35.02
C ILE J 1389 -91.98 -53.90 -36.31
N VAL J 1390 -92.74 -53.19 -37.14
CA VAL J 1390 -93.17 -53.68 -38.44
C VAL J 1390 -92.72 -52.67 -39.49
N ASP J 1391 -91.95 -53.12 -40.47
CA ASP J 1391 -91.41 -52.27 -41.52
C ASP J 1391 -92.11 -52.62 -42.82
N VAL J 1392 -92.74 -51.62 -43.43
CA VAL J 1392 -93.55 -51.81 -44.63
C VAL J 1392 -92.97 -50.95 -45.74
N VAL J 1393 -92.97 -51.49 -46.95
CA VAL J 1393 -92.50 -50.78 -48.14
C VAL J 1393 -93.64 -50.77 -49.14
N GLY J 1394 -94.07 -49.59 -49.54
CA GLY J 1394 -95.12 -49.42 -50.55
C GLY J 1394 -94.51 -48.90 -51.84
N THR J 1395 -95.02 -49.40 -52.96
CA THR J 1395 -94.53 -49.03 -54.28
C THR J 1395 -95.69 -48.49 -55.11
N LEU J 1396 -95.51 -47.30 -55.67
CA LEU J 1396 -96.51 -46.65 -56.49
C LEU J 1396 -96.10 -46.76 -57.96
N SER J 1397 -97.00 -47.27 -58.79
CA SER J 1397 -96.72 -47.51 -60.19
C SER J 1397 -97.69 -46.72 -61.06
N ARG J 1398 -97.19 -46.21 -62.18
CA ARG J 1398 -97.98 -45.44 -63.13
C ARG J 1398 -97.69 -45.97 -64.53
N ASN J 1399 -98.74 -46.34 -65.25
CA ASN J 1399 -98.60 -46.82 -66.62
C ASN J 1399 -97.71 -48.07 -66.69
N GLY J 1400 -97.72 -48.87 -65.63
CA GLY J 1400 -96.90 -50.07 -65.55
C GLY J 1400 -95.54 -49.84 -64.95
N LYS J 1401 -94.91 -48.70 -65.19
CA LYS J 1401 -93.61 -48.43 -64.61
C LYS J 1401 -93.76 -47.93 -63.18
N PRO J 1402 -92.80 -48.23 -62.31
CA PRO J 1402 -92.88 -47.74 -60.92
C PRO J 1402 -92.41 -46.29 -60.83
N VAL J 1403 -93.07 -45.51 -59.97
CA VAL J 1403 -92.83 -44.09 -59.85
C VAL J 1403 -92.03 -43.77 -58.57
N MET J 1404 -92.50 -44.24 -57.43
CA MET J 1404 -91.88 -43.90 -56.16
C MET J 1404 -92.18 -45.00 -55.15
N GLU J 1405 -91.36 -45.03 -54.10
CA GLU J 1405 -91.49 -46.02 -53.03
C GLU J 1405 -91.70 -45.31 -51.69
N VAL J 1406 -92.62 -45.85 -50.90
CA VAL J 1406 -92.95 -45.32 -49.59
C VAL J 1406 -92.53 -46.32 -48.53
N THR J 1407 -91.82 -45.85 -47.52
CA THR J 1407 -91.40 -46.68 -46.39
C THR J 1407 -92.03 -46.15 -45.12
N SER J 1408 -92.54 -47.05 -44.29
CA SER J 1408 -93.16 -46.67 -43.03
C SER J 1408 -92.79 -47.71 -41.97
N SER J 1409 -92.44 -47.24 -40.78
CA SER J 1409 -92.07 -48.09 -39.66
C SER J 1409 -93.13 -47.95 -38.58
N PHE J 1410 -93.73 -49.08 -38.19
CA PHE J 1410 -94.80 -49.11 -37.21
C PHE J 1410 -94.37 -49.92 -35.99
N PHE J 1411 -94.88 -49.52 -34.82
CA PHE J 1411 -94.44 -50.08 -33.56
C PHE J 1411 -95.66 -50.51 -32.75
N TYR J 1412 -95.76 -51.81 -32.45
CA TYR J 1412 -96.74 -52.33 -31.51
C TYR J 1412 -96.08 -52.39 -30.14
N ARG J 1413 -96.44 -51.46 -29.25
CA ARG J 1413 -95.86 -51.45 -27.92
C ARG J 1413 -96.44 -52.58 -27.09
N GLY J 1414 -95.56 -53.32 -26.41
CA GLY J 1414 -96.00 -54.44 -25.60
C GLY J 1414 -94.91 -55.49 -25.52
N ASN J 1415 -95.28 -56.63 -24.92
CA ASN J 1415 -94.39 -57.77 -24.76
C ASN J 1415 -94.82 -58.87 -25.71
N TYR J 1416 -93.93 -59.24 -26.63
CA TYR J 1416 -94.20 -60.28 -27.60
C TYR J 1416 -93.07 -61.29 -27.60
N THR J 1417 -93.42 -62.57 -27.73
CA THR J 1417 -92.45 -63.66 -27.73
C THR J 1417 -92.77 -64.70 -28.81
N ASP J 1418 -93.53 -64.33 -29.83
CA ASP J 1418 -93.88 -65.24 -30.92
C ASP J 1418 -92.87 -65.10 -32.06
N PHE J 1419 -91.62 -65.45 -31.74
CA PHE J 1419 -90.53 -65.28 -32.70
C PHE J 1419 -90.71 -66.13 -33.95
N GLU J 1420 -91.55 -67.17 -33.87
CA GLU J 1420 -91.81 -67.99 -35.06
C GLU J 1420 -92.50 -67.18 -36.15
N ASN J 1421 -93.08 -66.04 -35.81
CA ASN J 1421 -93.79 -65.21 -36.77
C ASN J 1421 -92.94 -64.07 -37.32
N THR J 1422 -91.70 -63.94 -36.86
CA THR J 1422 -90.85 -62.80 -37.20
C THR J 1422 -89.87 -63.15 -38.30
N PHE J 1423 -89.54 -62.14 -39.10
CA PHE J 1423 -88.51 -62.24 -40.12
C PHE J 1423 -87.93 -60.85 -40.34
N GLN J 1424 -86.71 -60.80 -40.87
CA GLN J 1424 -86.05 -59.53 -41.12
C GLN J 1424 -85.33 -59.59 -42.46
N LYS J 1425 -85.14 -58.42 -43.05
CA LYS J 1425 -84.49 -58.27 -44.35
C LYS J 1425 -83.78 -56.93 -44.36
N THR J 1426 -82.45 -56.98 -44.50
CA THR J 1426 -81.63 -55.78 -44.54
C THR J 1426 -80.73 -55.77 -45.75
N VAL J 1427 -80.62 -54.63 -46.41
CA VAL J 1427 -79.73 -54.47 -47.53
C VAL J 1427 -78.47 -53.94 -46.92
N GLU J 1428 -77.37 -54.64 -47.09
CA GLU J 1428 -76.14 -54.26 -46.41
C GLU J 1428 -75.40 -53.17 -47.10
N PRO J 1429 -74.48 -52.52 -46.39
CA PRO J 1429 -73.66 -51.53 -47.08
C PRO J 1429 -72.76 -52.17 -48.14
N VAL J 1430 -72.49 -51.50 -49.24
CA VAL J 1430 -71.55 -52.02 -50.23
C VAL J 1430 -70.16 -52.08 -49.62
N TYR J 1431 -69.52 -53.23 -49.73
CA TYR J 1431 -68.18 -53.45 -49.20
C TYR J 1431 -67.18 -53.59 -50.35
N GLN J 1432 -66.09 -52.85 -50.26
CA GLN J 1432 -65.07 -52.81 -51.30
C GLN J 1432 -63.77 -53.42 -50.78
N MET J 1433 -63.22 -54.38 -51.53
CA MET J 1433 -62.02 -55.07 -51.14
C MET J 1433 -61.00 -55.00 -52.27
N HIS J 1434 -59.75 -54.69 -51.91
CA HIS J 1434 -58.65 -54.55 -52.86
C HIS J 1434 -57.75 -55.77 -52.71
N ILE J 1435 -57.62 -56.56 -53.77
CA ILE J 1435 -56.89 -57.81 -53.72
C ILE J 1435 -55.45 -57.51 -54.12
N LYS J 1436 -54.55 -57.58 -53.14
CA LYS J 1436 -53.12 -57.30 -53.36
C LYS J 1436 -52.29 -58.57 -53.54
N THR J 1437 -52.43 -59.54 -52.63
CA THR J 1437 -51.52 -60.68 -52.55
C THR J 1437 -52.28 -61.98 -52.78
N SER J 1438 -51.52 -63.05 -53.02
CA SER J 1438 -52.09 -64.37 -53.15
C SER J 1438 -52.64 -64.89 -51.83
N LYS J 1439 -52.18 -64.34 -50.70
CA LYS J 1439 -52.76 -64.70 -49.42
C LYS J 1439 -54.22 -64.29 -49.34
N ASP J 1440 -54.55 -63.09 -49.84
CA ASP J 1440 -55.94 -62.66 -49.84
C ASP J 1440 -56.78 -63.56 -50.74
N ILE J 1441 -56.25 -63.94 -51.90
CA ILE J 1441 -56.98 -64.85 -52.78
C ILE J 1441 -57.22 -66.18 -52.10
N ALA J 1442 -56.19 -66.70 -51.41
CA ALA J 1442 -56.36 -67.97 -50.70
C ALA J 1442 -57.43 -67.84 -49.63
N VAL J 1443 -57.45 -66.73 -48.89
CA VAL J 1443 -58.45 -66.54 -47.86
C VAL J 1443 -59.85 -66.49 -48.47
N LEU J 1444 -60.00 -65.75 -49.56
CA LEU J 1444 -61.31 -65.64 -50.21
C LEU J 1444 -61.78 -67.00 -50.71
N ARG J 1445 -60.90 -67.76 -51.37
CA ARG J 1445 -61.30 -69.02 -51.95
C ARG J 1445 -61.64 -70.07 -50.90
N SER J 1446 -61.16 -69.89 -49.67
CA SER J 1446 -61.52 -70.82 -48.60
C SER J 1446 -62.98 -70.70 -48.19
N LYS J 1447 -63.62 -69.56 -48.46
CA LYS J 1447 -64.99 -69.33 -48.07
C LYS J 1447 -65.93 -70.04 -49.05
N GLU J 1448 -66.81 -70.89 -48.51
CA GLU J 1448 -67.75 -71.60 -49.37
C GLU J 1448 -68.69 -70.65 -50.07
N TRP J 1449 -69.00 -69.52 -49.43
CA TRP J 1449 -69.93 -68.56 -49.98
C TRP J 1449 -69.37 -67.68 -51.08
N PHE J 1450 -68.05 -67.64 -51.22
CA PHE J 1450 -67.40 -66.83 -52.25
C PHE J 1450 -67.35 -67.66 -53.52
N GLN J 1451 -68.37 -67.52 -54.36
CA GLN J 1451 -68.55 -68.33 -55.55
C GLN J 1451 -68.38 -67.45 -56.78
N LEU J 1452 -67.33 -67.70 -57.55
CA LEU J 1452 -67.05 -66.96 -58.78
C LEU J 1452 -67.64 -67.71 -59.96
N ASP J 1453 -68.22 -66.96 -60.90
CA ASP J 1453 -68.78 -67.57 -62.09
C ASP J 1453 -67.70 -68.28 -62.90
N ASP J 1454 -66.54 -67.64 -63.03
CA ASP J 1454 -65.37 -68.25 -63.67
C ASP J 1454 -64.38 -68.58 -62.57
N GLU J 1455 -64.26 -69.87 -62.25
CA GLU J 1455 -63.40 -70.28 -61.14
C GLU J 1455 -61.95 -69.87 -61.36
N ASP J 1456 -61.52 -69.69 -62.61
CA ASP J 1456 -60.14 -69.36 -62.92
C ASP J 1456 -59.90 -67.86 -63.02
N PHE J 1457 -60.88 -67.03 -62.64
CA PHE J 1457 -60.73 -65.59 -62.73
C PHE J 1457 -59.49 -65.15 -61.94
N ASP J 1458 -58.69 -64.28 -62.56
CA ASP J 1458 -57.47 -63.77 -61.94
C ASP J 1458 -57.82 -62.57 -61.08
N LEU J 1459 -57.88 -62.77 -59.77
CA LEU J 1459 -58.28 -61.72 -58.85
C LEU J 1459 -57.13 -60.84 -58.39
N LEU J 1460 -55.89 -61.18 -58.74
CA LEU J 1460 -54.75 -60.44 -58.22
C LEU J 1460 -54.73 -59.02 -58.78
N ASN J 1461 -54.58 -58.03 -57.90
CA ASN J 1461 -54.56 -56.62 -58.28
C ASN J 1461 -55.91 -56.18 -58.84
N LYS J 1462 -56.99 -56.71 -58.27
CA LYS J 1462 -58.35 -56.36 -58.65
C LYS J 1462 -59.09 -55.80 -57.45
N THR J 1463 -60.00 -54.87 -57.72
CA THR J 1463 -60.88 -54.31 -56.70
C THR J 1463 -62.25 -54.97 -56.82
N LEU J 1464 -62.74 -55.51 -55.72
CA LEU J 1464 -64.02 -56.20 -55.68
C LEU J 1464 -65.01 -55.41 -54.83
N THR J 1465 -66.27 -55.39 -55.25
CA THR J 1465 -67.37 -54.84 -54.48
C THR J 1465 -68.42 -55.92 -54.26
N PHE J 1466 -68.92 -56.01 -53.03
CA PHE J 1466 -69.93 -56.97 -52.64
C PHE J 1466 -71.21 -56.23 -52.29
N GLU J 1467 -72.28 -56.58 -52.98
CA GLU J 1467 -73.56 -55.93 -52.79
C GLU J 1467 -74.52 -56.96 -52.30
N THR J 1468 -74.59 -57.16 -51.00
CA THR J 1468 -75.43 -58.22 -50.47
C THR J 1468 -76.69 -57.87 -49.68
N GLU J 1469 -77.52 -58.88 -49.43
CA GLU J 1469 -78.74 -58.71 -48.65
C GLU J 1469 -78.86 -59.88 -47.68
N THR J 1470 -79.23 -59.59 -46.44
CA THR J 1470 -79.35 -60.60 -45.39
C THR J 1470 -80.81 -60.80 -45.04
N GLU J 1471 -81.27 -62.04 -45.07
CA GLU J 1471 -82.62 -62.42 -44.67
C GLU J 1471 -82.52 -63.43 -43.53
N VAL J 1472 -82.96 -63.04 -42.35
CA VAL J 1472 -82.85 -63.86 -41.16
C VAL J 1472 -84.25 -64.11 -40.59
N THR J 1473 -84.41 -65.27 -39.96
CA THR J 1473 -85.56 -65.55 -39.12
C THR J 1473 -85.06 -65.85 -37.71
N PHE J 1474 -85.90 -65.56 -36.72
CA PHE J 1474 -85.49 -65.61 -35.32
C PHE J 1474 -86.03 -66.85 -34.63
N LYS J 1475 -85.16 -67.53 -33.89
CA LYS J 1475 -85.59 -68.56 -32.95
C LYS J 1475 -85.93 -67.97 -31.59
N ASN J 1476 -85.21 -66.93 -31.18
CA ASN J 1476 -85.51 -66.20 -29.96
C ASN J 1476 -84.86 -64.83 -30.07
N ALA J 1477 -84.75 -64.12 -28.95
CA ALA J 1477 -84.32 -62.74 -28.99
C ALA J 1477 -82.91 -62.60 -29.56
N ASN J 1478 -82.00 -63.51 -29.19
CA ASN J 1478 -80.59 -63.34 -29.49
C ASN J 1478 -80.08 -64.28 -30.58
N ILE J 1479 -80.81 -65.33 -30.92
CA ILE J 1479 -80.33 -66.38 -31.81
C ILE J 1479 -81.20 -66.41 -33.05
N PHE J 1480 -80.57 -66.48 -34.22
CA PHE J 1480 -81.29 -66.62 -35.48
C PHE J 1480 -81.63 -68.07 -35.74
N SER J 1481 -82.86 -68.33 -36.20
CA SER J 1481 -83.23 -69.67 -36.63
C SER J 1481 -82.78 -69.95 -38.04
N SER J 1482 -82.35 -68.92 -38.78
CA SER J 1482 -81.90 -69.07 -40.14
C SER J 1482 -81.25 -67.76 -40.58
N VAL J 1483 -80.18 -67.86 -41.35
CA VAL J 1483 -79.47 -66.70 -41.88
C VAL J 1483 -79.17 -66.97 -43.34
N LYS J 1484 -79.48 -66.00 -44.20
CA LYS J 1484 -79.21 -66.13 -45.63
C LYS J 1484 -78.67 -64.82 -46.16
N CYS J 1485 -77.44 -64.84 -46.67
CA CYS J 1485 -76.78 -63.68 -47.23
C CYS J 1485 -76.43 -63.98 -48.68
N PHE J 1486 -76.80 -63.07 -49.58
CA PHE J 1486 -76.64 -63.29 -51.01
C PHE J 1486 -76.51 -61.97 -51.73
N GLY J 1487 -75.93 -62.01 -52.93
CA GLY J 1487 -75.77 -60.84 -53.75
C GLY J 1487 -74.65 -60.99 -54.76
N PRO J 1488 -74.55 -60.06 -55.70
CA PRO J 1488 -73.53 -60.15 -56.74
C PRO J 1488 -72.18 -59.61 -56.32
N ILE J 1489 -71.13 -60.24 -56.86
CA ILE J 1489 -69.75 -59.78 -56.75
C ILE J 1489 -69.36 -59.23 -58.11
N LYS J 1490 -68.82 -58.01 -58.12
CA LYS J 1490 -68.41 -57.37 -59.36
C LYS J 1490 -67.00 -56.80 -59.20
N VAL J 1491 -66.30 -56.72 -60.32
CA VAL J 1491 -64.91 -56.29 -60.37
C VAL J 1491 -64.85 -54.95 -61.10
N GLU J 1492 -64.08 -54.01 -60.57
CA GLU J 1492 -63.91 -52.73 -61.23
C GLU J 1492 -63.08 -52.84 -62.47
N LEU J 1493 -63.51 -52.20 -63.52
CA LEU J 1493 -62.81 -52.20 -64.79
C LEU J 1493 -61.93 -50.97 -64.92
N PRO J 1494 -61.03 -50.94 -65.91
CA PRO J 1494 -60.14 -49.78 -66.05
C PRO J 1494 -60.88 -48.48 -66.29
N THR J 1495 -62.12 -48.53 -66.76
CA THR J 1495 -62.97 -47.34 -66.89
C THR J 1495 -63.74 -47.04 -65.61
N LYS J 1496 -63.35 -47.65 -64.49
CA LYS J 1496 -64.01 -47.43 -63.20
C LYS J 1496 -65.42 -48.00 -63.20
N GLU J 1497 -65.72 -48.87 -64.15
CA GLU J 1497 -67.02 -49.51 -64.24
C GLU J 1497 -66.96 -50.88 -63.59
N THR J 1498 -68.07 -51.27 -62.94
CA THR J 1498 -68.16 -52.55 -62.26
C THR J 1498 -69.00 -53.52 -63.08
N VAL J 1499 -68.51 -54.74 -63.24
CA VAL J 1499 -69.23 -55.76 -63.96
C VAL J 1499 -69.27 -56.96 -63.04
N GLU J 1500 -70.27 -57.81 -63.16
CA GLU J 1500 -70.39 -58.92 -62.24
C GLU J 1500 -69.50 -60.06 -62.63
N ILE J 1501 -68.93 -60.71 -61.62
CA ILE J 1501 -68.07 -61.86 -61.89
C ILE J 1501 -68.41 -63.06 -61.01
N GLY J 1502 -69.41 -62.95 -60.15
CA GLY J 1502 -69.77 -64.04 -59.28
C GLY J 1502 -70.89 -63.63 -58.35
N ILE J 1503 -71.23 -64.53 -57.43
CA ILE J 1503 -72.29 -64.27 -56.47
C ILE J 1503 -71.79 -64.60 -55.07
N VAL J 1504 -72.38 -63.92 -54.10
CA VAL J 1504 -72.31 -64.36 -52.71
C VAL J 1504 -73.56 -65.17 -52.43
N ASP J 1505 -73.41 -66.27 -51.70
CA ASP J 1505 -74.57 -66.97 -51.16
C ASP J 1505 -74.15 -67.75 -49.93
N TYR J 1506 -74.96 -67.66 -48.88
CA TYR J 1506 -74.64 -68.27 -47.62
C TYR J 1506 -75.93 -68.64 -46.96
N GLU J 1507 -76.04 -69.86 -46.44
CA GLU J 1507 -77.23 -70.35 -45.77
C GLU J 1507 -76.80 -71.13 -44.54
N ALA J 1508 -77.49 -70.88 -43.42
CA ALA J 1508 -77.17 -71.55 -42.17
C ALA J 1508 -78.45 -71.71 -41.36
N GLY J 1509 -78.43 -72.68 -40.45
CA GLY J 1509 -79.53 -72.87 -39.53
C GLY J 1509 -79.40 -71.98 -38.31
N ALA J 1510 -79.48 -72.56 -37.12
CA ALA J 1510 -79.30 -71.78 -35.91
C ALA J 1510 -77.94 -71.11 -35.93
N SER J 1511 -77.92 -69.81 -35.63
CA SER J 1511 -76.69 -69.04 -35.72
C SER J 1511 -76.76 -67.87 -34.75
N HIS J 1512 -75.60 -67.30 -34.45
CA HIS J 1512 -75.49 -66.13 -33.60
C HIS J 1512 -75.11 -64.88 -34.36
N GLY J 1513 -74.89 -64.97 -35.66
CA GLY J 1513 -74.50 -63.80 -36.43
C GLY J 1513 -74.34 -64.16 -37.89
N ASN J 1514 -73.96 -63.16 -38.68
CA ASN J 1514 -73.70 -63.33 -40.10
C ASN J 1514 -72.20 -63.33 -40.34
N PRO J 1515 -71.61 -64.46 -40.75
CA PRO J 1515 -70.15 -64.46 -40.96
C PRO J 1515 -69.72 -63.67 -42.19
N VAL J 1516 -70.55 -63.62 -43.23
CA VAL J 1516 -70.14 -62.96 -44.48
C VAL J 1516 -69.89 -61.47 -44.22
N VAL J 1517 -70.84 -60.79 -43.58
CA VAL J 1517 -70.68 -59.36 -43.35
C VAL J 1517 -69.58 -59.10 -42.34
N ASP J 1518 -69.44 -59.98 -41.35
CA ASP J 1518 -68.33 -59.82 -40.39
C ASP J 1518 -67.00 -59.86 -41.11
N PHE J 1519 -66.80 -60.84 -42.00
CA PHE J 1519 -65.57 -60.92 -42.77
C PHE J 1519 -65.39 -59.69 -43.65
N LEU J 1520 -66.46 -59.26 -44.33
CA LEU J 1520 -66.33 -58.12 -45.24
C LEU J 1520 -65.98 -56.85 -44.48
N LYS J 1521 -66.59 -56.64 -43.32
CA LYS J 1521 -66.24 -55.49 -42.50
C LYS J 1521 -64.79 -55.55 -42.05
N ARG J 1522 -64.33 -56.73 -41.63
CA ARG J 1522 -62.98 -56.84 -41.11
C ARG J 1522 -61.94 -56.68 -42.21
N ASN J 1523 -62.25 -57.10 -43.44
CA ASN J 1523 -61.27 -57.15 -44.51
C ASN J 1523 -61.50 -56.15 -45.63
N GLY J 1524 -62.69 -55.57 -45.74
CA GLY J 1524 -63.00 -54.62 -46.79
C GLY J 1524 -63.21 -53.21 -46.26
N SER J 1525 -63.64 -52.35 -47.17
CA SER J 1525 -63.98 -50.97 -46.84
C SER J 1525 -65.44 -50.71 -47.20
N THR J 1526 -66.10 -49.86 -46.44
CA THR J 1526 -67.50 -49.54 -46.67
C THR J 1526 -67.61 -48.36 -47.63
N LEU J 1527 -68.45 -48.51 -48.65
CA LEU J 1527 -68.70 -47.45 -49.62
C LEU J 1527 -69.99 -46.73 -49.23
N GLU J 1528 -69.86 -45.45 -48.88
CA GLU J 1528 -71.00 -44.66 -48.46
C GLU J 1528 -71.34 -43.63 -49.55
N GLN J 1529 -72.60 -43.63 -49.98
CA GLN J 1529 -73.01 -42.71 -51.03
C GLN J 1529 -73.16 -41.28 -50.50
N LYS J 1530 -73.40 -41.12 -49.21
CA LYS J 1530 -73.52 -39.80 -48.62
C LYS J 1530 -72.15 -39.26 -48.25
N VAL J 1531 -71.86 -38.04 -48.67
CA VAL J 1531 -70.59 -37.38 -48.37
C VAL J 1531 -70.91 -36.02 -47.76
N ASN J 1532 -70.37 -35.73 -46.58
CA ASN J 1532 -70.69 -34.49 -45.87
C ASN J 1532 -69.86 -33.31 -46.23
N LEU J 1533 -70.49 -32.16 -46.37
CA LEU J 1533 -69.79 -30.94 -46.71
C LEU J 1533 -68.82 -30.63 -45.60
N GLU J 1534 -67.84 -29.80 -45.88
CA GLU J 1534 -66.87 -29.42 -44.86
C GLU J 1534 -67.55 -29.03 -43.58
N ASN J 1535 -68.64 -28.27 -43.68
CA ASN J 1535 -69.37 -27.82 -42.51
C ASN J 1535 -70.81 -27.58 -42.93
N PRO J 1536 -71.77 -27.80 -42.02
CA PRO J 1536 -73.13 -27.62 -42.53
C PRO J 1536 -73.45 -26.20 -42.93
N ILE J 1537 -74.33 -26.03 -43.90
CA ILE J 1537 -74.74 -24.71 -44.38
C ILE J 1537 -76.17 -24.44 -43.92
N PRO J 1538 -76.36 -23.50 -42.99
CA PRO J 1538 -77.71 -23.16 -42.52
C PRO J 1538 -78.61 -22.59 -43.60
N ILE J 1539 -79.84 -23.09 -43.73
CA ILE J 1539 -80.76 -22.58 -44.74
C ILE J 1539 -81.76 -21.60 -44.15
N ALA J 1540 -82.44 -22.00 -43.08
CA ALA J 1540 -83.44 -21.13 -42.45
C ALA J 1540 -83.99 -21.81 -41.21
N VAL J 1541 -84.57 -21.00 -40.33
CA VAL J 1541 -85.37 -21.48 -39.22
C VAL J 1541 -86.79 -20.94 -39.42
N LEU J 1542 -87.75 -21.85 -39.52
CA LEU J 1542 -89.12 -21.51 -39.90
C LEU J 1542 -90.07 -21.86 -38.76
N ASP J 1543 -91.22 -21.19 -38.76
CA ASP J 1543 -92.25 -21.39 -37.76
C ASP J 1543 -93.49 -21.98 -38.41
N SER J 1544 -94.14 -22.91 -37.72
CA SER J 1544 -95.32 -23.60 -38.22
C SER J 1544 -96.28 -23.85 -37.07
N TYR J 1545 -97.53 -24.11 -37.41
CA TYR J 1545 -98.58 -24.32 -36.41
C TYR J 1545 -99.44 -25.51 -36.79
N THR J 1546 -99.78 -26.31 -35.79
CA THR J 1546 -100.74 -27.39 -35.98
C THR J 1546 -102.16 -26.81 -36.00
N PRO J 1547 -103.06 -27.34 -36.83
CA PRO J 1547 -104.42 -26.82 -36.83
C PRO J 1547 -105.18 -27.17 -35.56
N SER J 1548 -106.21 -26.37 -35.29
CA SER J 1548 -107.01 -26.59 -34.09
C SER J 1548 -107.80 -27.88 -34.13
N THR J 1549 -108.05 -28.41 -35.33
CA THR J 1549 -108.79 -29.66 -35.50
C THR J 1549 -108.04 -30.56 -36.46
N ASN J 1550 -108.07 -31.86 -36.17
CA ASN J 1550 -107.46 -32.86 -37.05
C ASN J 1550 -108.46 -33.43 -38.05
N GLU J 1551 -109.72 -33.02 -37.99
CA GLU J 1551 -110.73 -33.59 -38.86
C GLU J 1551 -110.47 -33.37 -40.33
N PRO J 1552 -110.07 -32.18 -40.80
CA PRO J 1552 -109.86 -32.02 -42.24
C PRO J 1552 -108.75 -32.90 -42.81
N TYR J 1553 -107.61 -32.97 -42.13
CA TYR J 1553 -106.56 -33.86 -42.62
C TYR J 1553 -107.00 -35.32 -42.58
N ALA J 1554 -107.71 -35.72 -41.55
CA ALA J 1554 -108.22 -37.06 -41.47
C ALA J 1554 -109.11 -37.36 -42.63
N ARG J 1555 -109.93 -36.40 -42.99
CA ARG J 1555 -110.89 -36.65 -44.05
C ARG J 1555 -110.27 -36.61 -45.44
N VAL J 1556 -109.16 -35.89 -45.59
CA VAL J 1556 -108.50 -35.87 -46.91
C VAL J 1556 -107.57 -37.07 -47.08
N SER J 1557 -106.89 -37.47 -46.01
CA SER J 1557 -105.94 -38.57 -46.09
C SER J 1557 -106.58 -39.94 -45.93
N GLY J 1558 -107.78 -40.02 -45.37
CA GLY J 1558 -108.43 -41.28 -45.15
C GLY J 1558 -108.06 -41.91 -43.84
N ASP J 1559 -107.14 -41.29 -43.11
CA ASP J 1559 -106.72 -41.82 -41.83
C ASP J 1559 -107.73 -41.46 -40.77
N LEU J 1560 -108.75 -42.29 -40.61
CA LEU J 1560 -109.82 -42.00 -39.68
C LEU J 1560 -109.57 -42.63 -38.31
N ASN J 1561 -108.36 -42.47 -37.76
CA ASN J 1561 -108.04 -43.01 -36.44
C ASN J 1561 -108.69 -42.16 -35.35
N PRO J 1562 -109.44 -42.79 -34.45
CA PRO J 1562 -110.21 -42.01 -33.46
C PRO J 1562 -109.36 -41.21 -32.50
N ILE J 1563 -108.11 -41.60 -32.26
CA ILE J 1563 -107.29 -40.88 -31.29
C ILE J 1563 -107.03 -39.45 -31.74
N HIS J 1564 -107.14 -39.17 -33.03
CA HIS J 1564 -106.93 -37.81 -33.52
C HIS J 1564 -108.18 -36.95 -33.55
N VAL J 1565 -109.36 -37.53 -33.34
CA VAL J 1565 -110.58 -36.76 -33.42
C VAL J 1565 -111.53 -36.98 -32.26
N SER J 1566 -111.34 -38.03 -31.50
CA SER J 1566 -112.27 -38.39 -30.43
C SER J 1566 -111.59 -38.24 -29.08
N ARG J 1567 -112.21 -37.47 -28.18
CA ARG J 1567 -111.65 -37.28 -26.85
C ARG J 1567 -111.62 -38.58 -26.06
N HIS J 1568 -112.71 -39.36 -26.12
CA HIS J 1568 -112.79 -40.56 -25.29
C HIS J 1568 -111.80 -41.62 -25.76
N PHE J 1569 -111.64 -41.79 -27.07
CA PHE J 1569 -110.66 -42.76 -27.57
C PHE J 1569 -109.24 -42.35 -27.19
N ALA J 1570 -108.91 -41.07 -27.32
CA ALA J 1570 -107.57 -40.60 -26.94
C ALA J 1570 -107.34 -40.78 -25.45
N SER J 1571 -108.36 -40.58 -24.63
CA SER J 1571 -108.22 -40.74 -23.19
C SER J 1571 -108.05 -42.20 -22.85
N TYR J 1572 -108.76 -43.07 -23.51
CA TYR J 1572 -108.59 -44.49 -23.29
C TYR J 1572 -107.19 -44.96 -23.71
N ALA J 1573 -106.53 -44.24 -24.61
CA ALA J 1573 -105.21 -44.60 -25.09
C ALA J 1573 -104.09 -43.97 -24.28
N ASN J 1574 -104.40 -43.28 -23.19
CA ASN J 1574 -103.39 -42.69 -22.31
C ASN J 1574 -102.58 -41.66 -23.04
N LEU J 1575 -103.22 -40.92 -23.92
CA LEU J 1575 -102.53 -39.91 -24.70
C LEU J 1575 -102.70 -38.53 -24.06
N PRO J 1576 -101.77 -37.62 -24.39
CA PRO J 1576 -101.80 -36.28 -23.82
C PRO J 1576 -102.99 -35.47 -24.28
N GLY J 1577 -103.70 -35.94 -25.27
CA GLY J 1577 -104.86 -35.25 -25.80
C GLY J 1577 -105.21 -35.81 -27.17
N THR J 1578 -105.97 -35.03 -27.92
CA THR J 1578 -106.35 -35.39 -29.28
C THR J 1578 -105.18 -34.99 -30.19
N ILE J 1579 -104.19 -35.88 -30.23
CA ILE J 1579 -102.96 -35.60 -30.97
C ILE J 1579 -103.11 -35.37 -32.46
N THR J 1580 -102.25 -34.54 -32.99
CA THR J 1580 -102.26 -34.27 -34.42
C THR J 1580 -101.64 -35.41 -35.20
N HIS J 1581 -102.18 -35.74 -36.36
CA HIS J 1581 -101.52 -36.75 -37.16
C HIS J 1581 -100.07 -36.43 -37.39
N GLY J 1582 -99.18 -37.39 -37.19
CA GLY J 1582 -97.77 -37.20 -37.52
C GLY J 1582 -97.55 -36.98 -39.00
N MET J 1583 -98.41 -37.57 -39.84
CA MET J 1583 -98.28 -37.38 -41.28
C MET J 1583 -98.59 -35.95 -41.68
N PHE J 1584 -99.52 -35.29 -40.99
CA PHE J 1584 -99.72 -33.87 -41.26
C PHE J 1584 -98.45 -33.08 -40.99
N SER J 1585 -97.79 -33.37 -39.86
CA SER J 1585 -96.55 -32.66 -39.53
C SER J 1585 -95.48 -32.92 -40.58
N SER J 1586 -95.37 -34.17 -41.03
CA SER J 1586 -94.40 -34.49 -42.08
C SER J 1586 -94.70 -33.71 -43.35
N ALA J 1587 -95.97 -33.65 -43.75
CA ALA J 1587 -96.33 -32.94 -44.97
C ALA J 1587 -96.05 -31.45 -44.83
N SER J 1588 -96.36 -30.89 -43.68
CA SER J 1588 -96.16 -29.48 -43.45
C SER J 1588 -94.69 -29.11 -43.49
N VAL J 1589 -93.83 -29.89 -42.82
CA VAL J 1589 -92.40 -29.63 -42.83
C VAL J 1589 -91.83 -29.85 -44.23
N ARG J 1590 -92.35 -30.83 -44.97
CA ARG J 1590 -91.87 -31.04 -46.32
C ARG J 1590 -92.26 -29.87 -47.22
N ALA J 1591 -93.40 -29.25 -46.98
CA ALA J 1591 -93.79 -28.07 -47.73
C ALA J 1591 -92.85 -26.93 -47.40
N LEU J 1592 -92.45 -26.80 -46.15
CA LEU J 1592 -91.46 -25.80 -45.78
C LEU J 1592 -90.16 -26.05 -46.54
N ILE J 1593 -89.68 -27.29 -46.53
CA ILE J 1593 -88.41 -27.62 -47.18
C ILE J 1593 -88.50 -27.35 -48.68
N GLU J 1594 -89.60 -27.74 -49.31
CA GLU J 1594 -89.76 -27.52 -50.73
C GLU J 1594 -89.69 -26.07 -51.11
N ASN J 1595 -90.21 -25.20 -50.26
CA ASN J 1595 -90.23 -23.81 -50.56
C ASN J 1595 -88.88 -23.22 -50.34
N TRP J 1596 -88.23 -23.64 -49.28
CA TRP J 1596 -86.95 -22.98 -48.98
C TRP J 1596 -85.74 -23.73 -49.54
N ALA J 1597 -85.67 -25.05 -49.36
CA ALA J 1597 -84.50 -25.78 -49.81
C ALA J 1597 -84.50 -25.98 -51.33
N ALA J 1598 -85.67 -26.12 -51.93
CA ALA J 1598 -85.80 -26.30 -53.37
C ALA J 1598 -86.25 -25.04 -54.09
N ASP J 1599 -86.37 -23.91 -53.38
CA ASP J 1599 -86.81 -22.65 -53.98
C ASP J 1599 -88.17 -22.82 -54.66
N SER J 1600 -89.05 -23.61 -54.02
CA SER J 1600 -90.43 -23.77 -54.45
C SER J 1600 -90.54 -24.40 -55.85
N VAL J 1601 -89.59 -25.29 -56.15
CA VAL J 1601 -89.64 -26.11 -57.35
C VAL J 1601 -89.94 -27.53 -56.91
N SER J 1602 -91.15 -27.98 -57.09
CA SER J 1602 -91.55 -29.28 -56.59
C SER J 1602 -90.62 -30.37 -57.05
N SER J 1603 -90.59 -30.62 -58.35
CA SER J 1603 -89.76 -31.66 -58.92
C SER J 1603 -88.35 -31.85 -58.34
N ARG J 1604 -87.72 -30.80 -57.83
CA ARG J 1604 -86.37 -30.94 -57.31
C ARG J 1604 -86.28 -31.79 -56.05
N VAL J 1605 -87.40 -32.08 -55.41
CA VAL J 1605 -87.40 -32.93 -54.21
C VAL J 1605 -87.56 -34.37 -54.66
N ARG J 1606 -86.50 -35.15 -54.49
CA ARG J 1606 -86.49 -36.55 -54.92
C ARG J 1606 -86.59 -37.54 -53.76
N GLY J 1607 -86.16 -37.17 -52.57
CA GLY J 1607 -86.30 -38.02 -51.41
C GLY J 1607 -86.64 -37.24 -50.16
N TYR J 1608 -87.43 -37.84 -49.29
CA TYR J 1608 -87.81 -37.18 -48.03
C TYR J 1608 -88.17 -38.24 -47.02
N THR J 1609 -87.52 -38.20 -45.85
CA THR J 1609 -87.81 -39.12 -44.76
C THR J 1609 -87.98 -38.32 -43.47
N CYS J 1610 -88.84 -38.81 -42.59
CA CYS J 1610 -89.13 -38.15 -41.33
C CYS J 1610 -89.17 -39.17 -40.20
N GLN J 1611 -88.67 -38.79 -39.04
CA GLN J 1611 -88.76 -39.65 -37.88
C GLN J 1611 -89.68 -38.96 -36.94
N PHE J 1612 -90.71 -39.65 -36.49
CA PHE J 1612 -91.66 -39.07 -35.54
C PHE J 1612 -91.16 -39.29 -34.13
N VAL J 1613 -90.57 -38.28 -33.52
CA VAL J 1613 -89.94 -38.44 -32.22
C VAL J 1613 -90.87 -38.29 -31.02
N ASP J 1614 -91.62 -37.21 -30.96
CA ASP J 1614 -92.57 -36.98 -29.88
C ASP J 1614 -93.91 -36.59 -30.46
N MET J 1615 -94.97 -36.75 -29.68
CA MET J 1615 -96.30 -36.37 -30.14
C MET J 1615 -96.49 -34.89 -30.16
N VAL J 1616 -97.45 -34.45 -30.93
CA VAL J 1616 -97.74 -33.04 -31.02
C VAL J 1616 -99.21 -32.83 -30.81
N LEU J 1617 -99.58 -31.74 -30.18
CA LEU J 1617 -100.97 -31.42 -29.89
C LEU J 1617 -101.49 -30.32 -30.80
N PRO J 1618 -102.81 -30.21 -30.99
CA PRO J 1618 -103.34 -29.14 -31.83
C PRO J 1618 -103.04 -27.76 -31.25
N ASN J 1619 -102.94 -26.78 -32.15
CA ASN J 1619 -102.75 -25.37 -31.77
C ASN J 1619 -101.40 -25.17 -31.08
N THR J 1620 -100.36 -25.80 -31.62
CA THR J 1620 -99.02 -25.68 -31.07
C THR J 1620 -98.10 -25.07 -32.12
N ALA J 1621 -97.20 -24.22 -31.66
CA ALA J 1621 -96.22 -23.57 -32.53
C ALA J 1621 -94.99 -24.44 -32.64
N LEU J 1622 -94.56 -24.71 -33.88
CA LEU J 1622 -93.40 -25.54 -34.15
C LEU J 1622 -92.27 -24.68 -34.71
N LYS J 1623 -91.04 -25.19 -34.58
CA LYS J 1623 -89.83 -24.46 -34.94
C LYS J 1623 -88.92 -25.40 -35.71
N THR J 1624 -88.84 -25.20 -37.02
CA THR J 1624 -88.12 -26.09 -37.92
C THR J 1624 -86.83 -25.43 -38.38
N SER J 1625 -85.70 -26.09 -38.15
CA SER J 1625 -84.42 -25.61 -38.62
C SER J 1625 -83.94 -26.45 -39.80
N ILE J 1626 -83.71 -25.87 -40.97
CA ILE J 1626 -83.26 -26.60 -42.15
C ILE J 1626 -81.81 -26.30 -42.50
N GLN J 1627 -81.05 -27.31 -42.91
CA GLN J 1627 -79.63 -27.11 -43.23
C GLN J 1627 -79.09 -28.06 -44.29
N HIS J 1628 -78.14 -27.59 -45.07
CA HIS J 1628 -77.51 -28.41 -46.09
C HIS J 1628 -76.28 -29.02 -45.49
N VAL J 1629 -76.24 -30.32 -45.38
CA VAL J 1629 -75.12 -30.98 -44.75
C VAL J 1629 -74.19 -31.74 -45.65
N GLY J 1630 -74.70 -32.31 -46.72
CA GLY J 1630 -73.88 -33.12 -47.60
C GLY J 1630 -74.46 -33.29 -48.99
N MET J 1631 -73.92 -34.24 -49.75
CA MET J 1631 -74.39 -34.54 -51.09
C MET J 1631 -74.51 -36.04 -51.25
N ILE J 1632 -75.39 -36.46 -52.17
CA ILE J 1632 -75.50 -37.85 -52.56
C ILE J 1632 -75.87 -37.94 -54.04
N ASN J 1633 -74.95 -38.46 -54.86
CA ASN J 1633 -75.19 -38.62 -56.29
C ASN J 1633 -75.67 -37.36 -56.99
N GLY J 1634 -75.08 -36.23 -56.69
CA GLY J 1634 -75.45 -34.98 -57.34
C GLY J 1634 -76.61 -34.26 -56.69
N ARG J 1635 -77.11 -34.78 -55.58
CA ARG J 1635 -78.21 -34.16 -54.87
C ARG J 1635 -77.78 -33.68 -53.52
N LYS J 1636 -78.40 -32.61 -53.05
CA LYS J 1636 -78.07 -32.06 -51.76
C LYS J 1636 -78.76 -32.77 -50.61
N LEU J 1637 -78.04 -32.98 -49.50
CA LEU J 1637 -78.58 -33.58 -48.30
C LEU J 1637 -79.07 -32.47 -47.38
N ILE J 1638 -80.37 -32.47 -47.07
CA ILE J 1638 -80.96 -31.49 -46.17
C ILE J 1638 -81.38 -32.21 -44.90
N LYS J 1639 -80.81 -31.80 -43.77
CA LYS J 1639 -81.30 -32.20 -42.47
C LYS J 1639 -82.27 -31.15 -41.94
N PHE J 1640 -83.26 -31.59 -41.17
CA PHE J 1640 -84.12 -30.66 -40.48
C PHE J 1640 -84.45 -31.21 -39.10
N GLU J 1641 -84.94 -30.32 -38.24
CA GLU J 1641 -85.29 -30.68 -36.88
C GLU J 1641 -86.41 -29.74 -36.45
N THR J 1642 -87.45 -30.29 -35.83
CA THR J 1642 -88.59 -29.50 -35.39
C THR J 1642 -88.73 -29.60 -33.88
N ARG J 1643 -88.81 -28.45 -33.22
CA ARG J 1643 -88.97 -28.38 -31.79
C ARG J 1643 -90.28 -27.68 -31.44
N ASN J 1644 -90.93 -28.17 -30.39
CA ASN J 1644 -92.16 -27.57 -29.92
C ASN J 1644 -91.82 -26.40 -29.04
N GLU J 1645 -92.81 -25.81 -28.40
CA GLU J 1645 -92.58 -24.60 -27.61
C GLU J 1645 -91.72 -24.84 -26.37
N ASP J 1646 -91.75 -26.04 -25.80
CA ASP J 1646 -90.88 -26.36 -24.69
C ASP J 1646 -89.46 -26.67 -25.15
N ASP J 1647 -89.17 -26.49 -26.45
CA ASP J 1647 -87.84 -26.76 -26.98
C ASP J 1647 -87.56 -28.26 -27.05
N VAL J 1648 -88.58 -29.06 -27.24
CA VAL J 1648 -88.47 -30.52 -27.28
C VAL J 1648 -88.58 -30.96 -28.73
N VAL J 1649 -87.61 -31.75 -29.18
CA VAL J 1649 -87.60 -32.21 -30.56
C VAL J 1649 -88.75 -33.19 -30.79
N VAL J 1650 -89.53 -32.94 -31.82
CA VAL J 1650 -90.70 -33.77 -32.13
C VAL J 1650 -90.64 -34.37 -33.53
N LEU J 1651 -89.75 -33.89 -34.40
CA LEU J 1651 -89.71 -34.38 -35.78
C LEU J 1651 -88.34 -34.08 -36.36
N THR J 1652 -87.72 -35.11 -36.94
CA THR J 1652 -86.43 -34.98 -37.62
C THR J 1652 -86.49 -35.80 -38.90
N GLY J 1653 -85.62 -35.46 -39.85
CA GLY J 1653 -85.63 -36.18 -41.10
C GLY J 1653 -84.62 -35.62 -42.08
N GLU J 1654 -84.66 -36.18 -43.29
CA GLU J 1654 -83.74 -35.83 -44.36
C GLU J 1654 -84.51 -35.59 -45.65
N ALA J 1655 -83.95 -34.74 -46.50
CA ALA J 1655 -84.48 -34.51 -47.84
C ALA J 1655 -83.34 -34.56 -48.85
N GLU J 1656 -83.67 -34.99 -50.06
CA GLU J 1656 -82.70 -35.10 -51.15
C GLU J 1656 -83.17 -34.17 -52.26
N ILE J 1657 -82.50 -33.02 -52.41
CA ILE J 1657 -82.92 -32.05 -53.40
C ILE J 1657 -81.96 -31.91 -54.55
N GLU J 1658 -82.47 -31.99 -55.76
CA GLU J 1658 -81.65 -31.83 -56.93
C GLU J 1658 -81.04 -30.45 -57.01
N GLN J 1659 -79.88 -30.35 -57.62
CA GLN J 1659 -79.24 -29.07 -57.79
C GLN J 1659 -79.87 -28.47 -59.00
N PRO J 1660 -79.65 -27.18 -59.24
CA PRO J 1660 -80.15 -26.54 -60.47
C PRO J 1660 -79.66 -27.23 -61.76
N VAL J 1661 -80.36 -27.11 -62.87
CA VAL J 1661 -79.93 -27.68 -64.14
C VAL J 1661 -78.52 -27.21 -64.44
N THR J 1662 -77.60 -28.15 -64.62
CA THR J 1662 -76.17 -27.87 -64.69
C THR J 1662 -75.62 -28.27 -66.04
N THR J 1663 -74.58 -27.55 -66.47
CA THR J 1663 -73.83 -27.87 -67.67
C THR J 1663 -72.34 -27.83 -67.33
N PHE J 1664 -71.58 -28.73 -67.96
CA PHE J 1664 -70.13 -28.78 -67.82
C PHE J 1664 -69.49 -28.49 -69.17
N VAL J 1665 -68.58 -27.52 -69.20
CA VAL J 1665 -67.84 -27.16 -70.40
C VAL J 1665 -66.36 -27.29 -70.07
N PHE J 1666 -65.62 -27.96 -70.95
CA PHE J 1666 -64.22 -28.29 -70.72
C PHE J 1666 -63.34 -27.44 -71.62
N THR J 1667 -62.42 -26.68 -71.03
CA THR J 1667 -61.56 -25.79 -71.81
C THR J 1667 -60.68 -26.55 -72.76
N GLY J 1668 -60.33 -25.93 -73.88
CA GLY J 1668 -59.48 -26.56 -74.86
C GLY J 1668 -58.04 -26.15 -74.64
N GLN J 1669 -57.26 -26.06 -75.71
CA GLN J 1669 -55.85 -25.76 -75.58
C GLN J 1669 -55.57 -24.28 -75.52
N GLY J 1670 -54.55 -23.89 -74.79
CA GLY J 1670 -54.15 -22.50 -74.74
C GLY J 1670 -54.13 -21.91 -73.37
N SER J 1671 -54.25 -22.71 -72.33
CA SER J 1671 -54.39 -22.19 -70.98
C SER J 1671 -53.46 -22.88 -70.00
N GLN J 1672 -52.59 -23.76 -70.51
CA GLN J 1672 -51.70 -24.52 -69.63
C GLN J 1672 -50.67 -23.61 -68.98
N GLU J 1673 -50.17 -24.06 -67.83
CA GLU J 1673 -49.14 -23.33 -67.10
C GLU J 1673 -48.42 -24.31 -66.18
N GLN J 1674 -47.17 -23.99 -65.88
CA GLN J 1674 -46.38 -24.84 -65.00
C GLN J 1674 -47.05 -24.93 -63.63
N GLY J 1675 -47.26 -26.15 -63.15
CA GLY J 1675 -47.99 -26.39 -61.92
C GLY J 1675 -49.47 -26.62 -62.12
N MET J 1676 -49.93 -26.77 -63.35
CA MET J 1676 -51.34 -27.03 -63.63
C MET J 1676 -51.87 -28.19 -62.80
N GLY J 1677 -52.85 -27.94 -61.96
CA GLY J 1677 -53.46 -29.02 -61.21
C GLY J 1677 -52.65 -29.67 -60.14
N MET J 1678 -51.60 -29.04 -59.68
CA MET J 1678 -50.72 -29.73 -58.74
C MET J 1678 -51.21 -29.63 -57.30
N ASP J 1679 -51.91 -28.54 -56.94
CA ASP J 1679 -52.47 -28.46 -55.60
C ASP J 1679 -53.52 -29.54 -55.38
N LEU J 1680 -54.41 -29.73 -56.35
CA LEU J 1680 -55.40 -30.80 -56.24
C LEU J 1680 -54.70 -32.13 -56.20
N TYR J 1681 -53.61 -32.27 -56.93
CA TYR J 1681 -52.83 -33.52 -56.87
C TYR J 1681 -52.26 -33.74 -55.48
N LYS J 1682 -51.93 -32.65 -54.78
CA LYS J 1682 -51.44 -32.79 -53.41
C LYS J 1682 -52.55 -33.21 -52.46
N THR J 1683 -53.76 -32.69 -52.67
CA THR J 1683 -54.86 -32.91 -51.72
C THR J 1683 -55.76 -34.08 -52.09
N SER J 1684 -56.29 -34.11 -53.30
CA SER J 1684 -57.33 -35.07 -53.66
C SER J 1684 -56.74 -36.45 -53.93
N LYS J 1685 -57.45 -37.49 -53.49
CA LYS J 1685 -57.06 -38.86 -53.80
C LYS J 1685 -57.48 -39.27 -55.19
N ALA J 1686 -58.62 -38.81 -55.68
CA ALA J 1686 -59.05 -39.13 -57.04
C ALA J 1686 -58.11 -38.50 -58.06
N ALA J 1687 -57.72 -37.26 -57.82
CA ALA J 1687 -56.78 -36.60 -58.68
C ALA J 1687 -55.45 -37.32 -58.66
N GLN J 1688 -55.02 -37.73 -57.49
CA GLN J 1688 -53.77 -38.48 -57.36
C GLN J 1688 -53.84 -39.78 -58.17
N ASP J 1689 -54.96 -40.47 -58.10
CA ASP J 1689 -55.10 -41.71 -58.81
C ASP J 1689 -55.07 -41.49 -60.30
N VAL J 1690 -55.66 -40.41 -60.76
CA VAL J 1690 -55.71 -40.11 -62.18
C VAL J 1690 -54.32 -39.77 -62.70
N TRP J 1691 -53.61 -38.87 -62.05
CA TRP J 1691 -52.29 -38.52 -62.50
C TRP J 1691 -51.30 -39.68 -62.36
N ASN J 1692 -51.39 -40.48 -61.30
CA ASN J 1692 -50.42 -41.55 -61.12
C ASN J 1692 -50.61 -42.67 -62.12
N ARG J 1693 -51.83 -42.93 -62.53
CA ARG J 1693 -52.07 -43.91 -63.56
C ARG J 1693 -51.57 -43.41 -64.90
N ALA J 1694 -51.76 -42.12 -65.19
CA ALA J 1694 -51.25 -41.56 -66.44
C ALA J 1694 -49.73 -41.52 -66.44
N ASP J 1695 -49.13 -41.13 -65.34
CA ASP J 1695 -47.69 -41.01 -65.28
C ASP J 1695 -47.01 -42.36 -65.36
N ASN J 1696 -47.59 -43.38 -64.77
CA ASN J 1696 -47.01 -44.69 -64.79
C ASN J 1696 -47.07 -45.24 -66.18
N HIS J 1697 -48.16 -44.98 -66.88
CA HIS J 1697 -48.30 -45.44 -68.24
C HIS J 1697 -47.33 -44.74 -69.17
N PHE J 1698 -47.18 -43.43 -69.03
CA PHE J 1698 -46.23 -42.72 -69.88
C PHE J 1698 -44.80 -43.16 -69.60
N LYS J 1699 -44.45 -43.34 -68.35
CA LYS J 1699 -43.11 -43.81 -68.03
C LYS J 1699 -42.85 -45.19 -68.60
N ASP J 1700 -43.80 -46.11 -68.52
CA ASP J 1700 -43.58 -47.47 -68.99
C ASP J 1700 -43.59 -47.56 -70.51
N THR J 1701 -44.33 -46.69 -71.19
CA THR J 1701 -44.52 -46.81 -72.63
C THR J 1701 -43.56 -45.92 -73.43
N TYR J 1702 -43.42 -44.65 -73.06
CA TYR J 1702 -42.61 -43.71 -73.82
C TYR J 1702 -41.40 -43.19 -73.05
N GLY J 1703 -41.20 -43.62 -71.81
CA GLY J 1703 -39.99 -43.29 -71.09
C GLY J 1703 -39.93 -41.89 -70.52
N PHE J 1704 -41.07 -41.22 -70.35
CA PHE J 1704 -41.10 -39.92 -69.69
C PHE J 1704 -42.30 -39.87 -68.76
N SER J 1705 -42.24 -38.98 -67.79
CA SER J 1705 -43.36 -38.77 -66.88
C SER J 1705 -44.04 -37.46 -67.20
N ILE J 1706 -45.34 -37.48 -67.41
CA ILE J 1706 -46.10 -36.27 -67.70
C ILE J 1706 -46.12 -35.34 -66.50
N LEU J 1707 -46.13 -35.91 -65.30
CA LEU J 1707 -46.10 -35.09 -64.12
C LEU J 1707 -44.83 -34.28 -64.05
N ASP J 1708 -43.70 -34.84 -64.44
CA ASP J 1708 -42.44 -34.10 -64.43
C ASP J 1708 -42.51 -32.90 -65.37
N ILE J 1709 -43.09 -33.09 -66.55
CA ILE J 1709 -43.22 -31.97 -67.49
C ILE J 1709 -44.15 -30.90 -66.93
N VAL J 1710 -45.26 -31.33 -66.31
CA VAL J 1710 -46.21 -30.35 -65.77
C VAL J 1710 -45.57 -29.56 -64.64
N ILE J 1711 -44.73 -30.21 -63.84
CA ILE J 1711 -44.17 -29.55 -62.66
C ILE J 1711 -42.95 -28.69 -62.98
N ASN J 1712 -42.05 -29.16 -63.84
CA ASN J 1712 -40.77 -28.50 -64.07
C ASN J 1712 -40.66 -27.80 -65.41
N ASN J 1713 -41.51 -28.12 -66.37
CA ASN J 1713 -41.49 -27.50 -67.70
C ASN J 1713 -40.08 -27.48 -68.27
N PRO J 1714 -39.45 -28.63 -68.48
CA PRO J 1714 -38.10 -28.64 -69.05
C PRO J 1714 -38.09 -28.12 -70.48
N VAL J 1715 -36.95 -27.55 -70.87
CA VAL J 1715 -36.81 -27.06 -72.23
C VAL J 1715 -36.50 -28.20 -73.19
N ASN J 1716 -35.72 -29.18 -72.75
CA ASN J 1716 -35.39 -30.34 -73.56
C ASN J 1716 -35.58 -31.60 -72.72
N LEU J 1717 -35.95 -32.69 -73.40
CA LEU J 1717 -36.14 -33.98 -72.75
C LEU J 1717 -35.59 -35.08 -73.61
N THR J 1718 -34.63 -35.81 -73.10
CA THR J 1718 -34.07 -36.93 -73.83
C THR J 1718 -34.52 -38.28 -73.30
N ILE J 1719 -34.93 -39.15 -74.19
CA ILE J 1719 -35.34 -40.51 -73.85
C ILE J 1719 -34.21 -41.43 -74.25
N HIS J 1720 -33.80 -42.30 -73.33
CA HIS J 1720 -32.66 -43.19 -73.54
C HIS J 1720 -33.17 -44.62 -73.73
N PHE J 1721 -32.61 -45.31 -74.72
CA PHE J 1721 -33.09 -46.62 -75.14
C PHE J 1721 -32.17 -47.75 -74.71
N GLY J 1722 -31.36 -47.54 -73.67
CA GLY J 1722 -30.47 -48.59 -73.21
C GLY J 1722 -31.23 -49.66 -72.43
N GLY J 1723 -30.79 -50.91 -72.62
CA GLY J 1723 -31.40 -52.04 -71.95
C GLY J 1723 -32.68 -52.51 -72.64
N GLU J 1724 -33.23 -53.60 -72.13
CA GLU J 1724 -34.45 -54.14 -72.69
C GLU J 1724 -35.62 -53.17 -72.63
N LYS J 1725 -35.79 -52.50 -71.50
CA LYS J 1725 -36.88 -51.57 -71.35
C LYS J 1725 -36.72 -50.47 -72.35
N GLY J 1726 -35.51 -50.01 -72.54
CA GLY J 1726 -35.25 -48.95 -73.47
C GLY J 1726 -35.55 -49.35 -74.85
N LYS J 1727 -35.20 -50.58 -75.21
CA LYS J 1727 -35.49 -51.11 -76.52
C LYS J 1727 -36.98 -51.18 -76.74
N ARG J 1728 -37.73 -51.61 -75.74
CA ARG J 1728 -39.18 -51.63 -75.85
C ARG J 1728 -39.76 -50.24 -76.03
N ILE J 1729 -39.23 -49.25 -75.33
CA ILE J 1729 -39.74 -47.92 -75.52
C ILE J 1729 -39.42 -47.43 -76.93
N ARG J 1730 -38.24 -47.77 -77.45
CA ARG J 1730 -37.84 -47.37 -78.79
C ARG J 1730 -38.78 -47.95 -79.81
N GLU J 1731 -39.25 -49.14 -79.54
CA GLU J 1731 -40.19 -49.78 -80.43
C GLU J 1731 -41.48 -49.02 -80.41
N ASN J 1732 -41.97 -48.72 -79.22
CA ASN J 1732 -43.19 -47.93 -79.13
C ASN J 1732 -43.03 -46.61 -79.87
N TYR J 1733 -41.84 -46.00 -79.82
CA TYR J 1733 -41.62 -44.75 -80.54
C TYR J 1733 -41.62 -44.97 -82.05
N SER J 1734 -41.01 -46.05 -82.51
CA SER J 1734 -40.91 -46.33 -83.94
C SER J 1734 -42.24 -46.71 -84.56
N ALA J 1735 -43.16 -47.31 -83.79
CA ALA J 1735 -44.42 -47.77 -84.35
C ALA J 1735 -45.37 -46.64 -84.73
N MET J 1736 -45.07 -45.40 -84.34
CA MET J 1736 -46.00 -44.30 -84.60
C MET J 1736 -45.91 -43.84 -86.06
N ILE J 1737 -47.07 -43.59 -86.67
CA ILE J 1737 -47.17 -43.28 -88.09
C ILE J 1737 -48.15 -42.13 -88.29
N PHE J 1738 -48.10 -41.53 -89.48
CA PHE J 1738 -48.99 -40.44 -89.86
C PHE J 1738 -49.63 -40.78 -91.21
N GLU J 1739 -50.19 -41.98 -91.32
CA GLU J 1739 -50.91 -42.34 -92.54
C GLU J 1739 -51.92 -41.27 -92.90
N THR J 1740 -51.88 -40.80 -94.14
CA THR J 1740 -52.75 -39.71 -94.57
C THR J 1740 -52.69 -39.54 -96.08
N THR J 1748 -47.82 -43.55 -95.71
CA THR J 1748 -47.78 -43.78 -94.27
C THR J 1748 -46.45 -43.33 -93.67
N GLU J 1749 -46.29 -42.01 -93.52
CA GLU J 1749 -45.07 -41.49 -92.92
C GLU J 1749 -44.95 -41.96 -91.48
N LYS J 1750 -43.72 -42.22 -91.06
CA LYS J 1750 -43.44 -42.51 -89.66
C LYS J 1750 -43.13 -41.22 -88.92
N ILE J 1751 -43.78 -41.03 -87.78
CA ILE J 1751 -43.38 -39.97 -86.87
C ILE J 1751 -42.11 -40.41 -86.14
N PHE J 1752 -41.26 -39.43 -85.82
CA PHE J 1752 -39.92 -39.72 -85.33
C PHE J 1752 -39.14 -40.51 -86.39
N LYS J 1753 -38.94 -39.88 -87.52
CA LYS J 1753 -38.26 -40.53 -88.63
C LYS J 1753 -36.79 -40.79 -88.37
N GLU J 1754 -36.24 -40.14 -87.36
CA GLU J 1754 -34.84 -40.38 -87.04
C GLU J 1754 -34.64 -41.62 -86.18
N ILE J 1755 -35.67 -42.05 -85.46
CA ILE J 1755 -35.54 -43.20 -84.59
C ILE J 1755 -35.49 -44.48 -85.41
N ASN J 1756 -34.49 -45.30 -85.15
CA ASN J 1756 -34.32 -46.57 -85.85
C ASN J 1756 -33.64 -47.55 -84.89
N GLU J 1757 -33.40 -48.76 -85.38
CA GLU J 1757 -32.84 -49.83 -84.55
C GLU J 1757 -31.41 -49.54 -84.09
N HIS J 1758 -30.84 -48.39 -84.43
CA HIS J 1758 -29.49 -48.03 -83.99
C HIS J 1758 -29.49 -46.78 -83.13
N SER J 1759 -30.67 -46.26 -82.86
CA SER J 1759 -30.81 -45.09 -82.05
C SER J 1759 -30.67 -45.45 -80.62
N THR J 1760 -29.88 -44.69 -79.89
CA THR J 1760 -29.71 -44.94 -78.47
C THR J 1760 -30.47 -43.93 -77.66
N SER J 1761 -30.89 -42.86 -78.28
CA SER J 1761 -31.64 -41.86 -77.58
C SER J 1761 -32.37 -40.91 -78.52
N TYR J 1762 -33.40 -40.24 -78.02
CA TYR J 1762 -34.12 -39.23 -78.81
C TYR J 1762 -34.35 -38.03 -77.95
N THR J 1763 -34.37 -36.86 -78.54
CA THR J 1763 -34.53 -35.66 -77.75
C THR J 1763 -35.66 -34.74 -78.18
N PHE J 1764 -36.68 -34.61 -77.33
CA PHE J 1764 -37.70 -33.61 -77.57
C PHE J 1764 -37.15 -32.23 -77.27
N ARG J 1765 -37.41 -31.28 -78.16
CA ARG J 1765 -36.80 -29.97 -78.06
C ARG J 1765 -37.86 -28.88 -78.15
N SER J 1766 -37.55 -27.75 -77.54
CA SER J 1766 -38.40 -26.56 -77.58
C SER J 1766 -37.54 -25.37 -77.23
N GLU J 1767 -38.17 -24.21 -77.08
CA GLU J 1767 -37.49 -22.97 -76.73
C GLU J 1767 -37.83 -22.48 -75.33
N LYS J 1768 -39.11 -22.39 -74.99
CA LYS J 1768 -39.53 -21.95 -73.66
C LYS J 1768 -39.88 -23.09 -72.73
N GLY J 1769 -40.40 -24.20 -73.24
CA GLY J 1769 -40.76 -25.33 -72.41
C GLY J 1769 -41.57 -26.36 -73.16
N LEU J 1770 -41.38 -27.64 -72.81
CA LEU J 1770 -42.08 -28.71 -73.51
C LEU J 1770 -43.57 -28.75 -73.17
N LEU J 1771 -43.98 -28.17 -72.05
CA LEU J 1771 -45.39 -28.13 -71.69
C LEU J 1771 -46.19 -27.35 -72.73
N SER J 1772 -45.53 -26.43 -73.43
CA SER J 1772 -46.15 -25.64 -74.47
C SER J 1772 -45.99 -26.30 -75.83
N ALA J 1773 -45.66 -27.58 -75.85
CA ALA J 1773 -45.56 -28.37 -77.07
C ALA J 1773 -46.79 -29.25 -77.17
N THR J 1774 -47.43 -29.22 -78.34
CA THR J 1774 -48.67 -29.94 -78.55
C THR J 1774 -48.76 -31.32 -77.95
N GLN J 1775 -47.79 -32.16 -78.21
CA GLN J 1775 -47.88 -33.55 -77.77
C GLN J 1775 -47.88 -33.66 -76.24
N PHE J 1776 -47.22 -32.72 -75.57
CA PHE J 1776 -47.21 -32.71 -74.11
C PHE J 1776 -48.27 -31.78 -73.57
N THR J 1777 -48.65 -30.77 -74.35
CA THR J 1777 -49.66 -29.82 -73.88
C THR J 1777 -51.03 -30.49 -73.76
N GLN J 1778 -51.44 -31.24 -74.78
CA GLN J 1778 -52.78 -31.82 -74.75
C GLN J 1778 -52.96 -32.82 -73.61
N PRO J 1779 -52.07 -33.80 -73.42
CA PRO J 1779 -52.27 -34.74 -72.31
C PRO J 1779 -52.30 -34.08 -70.96
N ALA J 1780 -51.49 -33.04 -70.73
CA ALA J 1780 -51.49 -32.39 -69.44
C ALA J 1780 -52.84 -31.72 -69.15
N LEU J 1781 -53.39 -31.02 -70.14
CA LEU J 1781 -54.69 -30.39 -69.97
C LEU J 1781 -55.77 -31.45 -69.74
N THR J 1782 -55.73 -32.52 -70.54
CA THR J 1782 -56.74 -33.57 -70.38
C THR J 1782 -56.66 -34.18 -68.99
N LEU J 1783 -55.44 -34.45 -68.50
CA LEU J 1783 -55.30 -35.02 -67.17
C LEU J 1783 -55.76 -34.06 -66.09
N MET J 1784 -55.42 -32.78 -66.21
CA MET J 1784 -55.86 -31.84 -65.19
C MET J 1784 -57.37 -31.73 -65.13
N GLU J 1785 -58.04 -31.65 -66.28
CA GLU J 1785 -59.48 -31.56 -66.32
C GLU J 1785 -60.14 -32.85 -65.79
N LYS J 1786 -59.63 -34.01 -66.20
CA LYS J 1786 -60.18 -35.27 -65.71
C LYS J 1786 -59.99 -35.41 -64.21
N ALA J 1787 -58.85 -34.98 -63.69
CA ALA J 1787 -58.58 -35.07 -62.28
C ALA J 1787 -59.50 -34.15 -61.50
N ALA J 1788 -59.73 -32.95 -61.99
CA ALA J 1788 -60.68 -32.05 -61.34
C ALA J 1788 -62.08 -32.65 -61.32
N PHE J 1789 -62.51 -33.21 -62.46
CA PHE J 1789 -63.86 -33.76 -62.51
C PHE J 1789 -64.00 -35.00 -61.63
N GLU J 1790 -62.95 -35.81 -61.53
CA GLU J 1790 -63.00 -36.97 -60.64
C GLU J 1790 -63.02 -36.57 -59.18
N ASP J 1791 -62.31 -35.49 -58.82
CA ASP J 1791 -62.44 -34.96 -57.48
C ASP J 1791 -63.88 -34.50 -57.22
N LEU J 1792 -64.49 -33.83 -58.18
CA LEU J 1792 -65.89 -33.45 -58.03
C LEU J 1792 -66.78 -34.67 -57.85
N LYS J 1793 -66.53 -35.73 -58.62
CA LYS J 1793 -67.33 -36.95 -58.50
C LYS J 1793 -67.18 -37.60 -57.12
N SER J 1794 -65.95 -37.66 -56.60
CA SER J 1794 -65.75 -38.27 -55.29
C SER J 1794 -66.46 -37.50 -54.18
N LYS J 1795 -66.87 -36.26 -54.45
CA LYS J 1795 -67.58 -35.44 -53.48
C LYS J 1795 -69.08 -35.48 -53.66
N GLY J 1796 -69.61 -36.38 -54.49
CA GLY J 1796 -71.04 -36.47 -54.70
C GLY J 1796 -71.62 -35.20 -55.31
N LEU J 1797 -70.92 -34.62 -56.27
CA LEU J 1797 -71.18 -33.25 -56.69
C LEU J 1797 -71.68 -33.13 -58.12
N ILE J 1798 -71.78 -34.24 -58.85
CA ILE J 1798 -72.10 -34.24 -60.28
C ILE J 1798 -73.56 -34.64 -60.44
N PRO J 1799 -74.39 -33.76 -61.03
CA PRO J 1799 -75.79 -34.09 -61.25
C PRO J 1799 -75.91 -35.16 -62.30
N ALA J 1800 -76.79 -36.13 -62.11
CA ALA J 1800 -76.92 -37.26 -63.04
C ALA J 1800 -77.44 -36.91 -64.42
N ASP J 1801 -78.16 -35.81 -64.53
CA ASP J 1801 -78.71 -35.37 -65.81
C ASP J 1801 -77.91 -34.25 -66.45
N ALA J 1802 -76.76 -33.88 -65.88
CA ALA J 1802 -75.98 -32.76 -66.39
C ALA J 1802 -75.57 -32.98 -67.84
N THR J 1803 -75.72 -31.93 -68.64
CA THR J 1803 -75.24 -31.95 -70.02
C THR J 1803 -73.83 -31.39 -70.07
N PHE J 1804 -73.04 -31.85 -71.05
CA PHE J 1804 -71.65 -31.47 -71.14
C PHE J 1804 -71.22 -31.25 -72.58
N ALA J 1805 -70.18 -30.43 -72.74
CA ALA J 1805 -69.59 -30.14 -74.03
C ALA J 1805 -68.13 -29.79 -73.82
N GLY J 1806 -67.34 -29.88 -74.88
CA GLY J 1806 -65.93 -29.55 -74.80
C GLY J 1806 -65.43 -28.77 -75.98
N HIS J 1807 -64.64 -27.75 -75.73
CA HIS J 1807 -64.11 -26.89 -76.79
C HIS J 1807 -62.76 -27.39 -77.26
N SER J 1808 -62.75 -28.01 -78.45
CA SER J 1808 -61.53 -28.61 -79.08
C SER J 1808 -60.99 -29.87 -78.38
N LEU J 1809 -59.88 -29.77 -77.66
CA LEU J 1809 -59.37 -30.91 -76.93
C LEU J 1809 -60.29 -31.20 -75.77
N GLY J 1810 -61.21 -30.30 -75.48
CA GLY J 1810 -62.13 -30.49 -74.37
C GLY J 1810 -63.08 -31.63 -74.54
N GLU J 1811 -63.50 -31.89 -75.77
CA GLU J 1811 -64.38 -33.02 -76.03
C GLU J 1811 -63.87 -34.34 -75.48
N TYR J 1812 -62.56 -34.53 -75.44
CA TYR J 1812 -62.00 -35.81 -75.01
C TYR J 1812 -62.02 -35.91 -73.51
N ALA J 1813 -61.63 -34.85 -72.85
CA ALA J 1813 -61.70 -34.84 -71.41
C ALA J 1813 -63.13 -34.99 -70.96
N ALA J 1814 -64.05 -34.33 -71.64
CA ALA J 1814 -65.47 -34.37 -71.27
C ALA J 1814 -66.06 -35.74 -71.49
N LEU J 1815 -65.76 -36.35 -72.62
CA LEU J 1815 -66.26 -37.67 -72.92
C LEU J 1815 -65.68 -38.70 -71.95
N ALA J 1816 -64.45 -38.51 -71.49
CA ALA J 1816 -63.86 -39.39 -70.49
C ALA J 1816 -64.40 -39.09 -69.09
N SER J 1817 -64.65 -37.82 -68.78
CA SER J 1817 -65.06 -37.46 -67.43
C SER J 1817 -66.50 -37.84 -67.15
N LEU J 1818 -67.41 -37.61 -68.09
CA LEU J 1818 -68.84 -37.78 -67.87
C LEU J 1818 -69.41 -39.05 -68.45
N ALA J 1819 -68.71 -39.72 -69.36
CA ALA J 1819 -69.19 -40.95 -69.96
C ALA J 1819 -68.26 -42.13 -69.77
N ASP J 1820 -67.03 -41.92 -69.29
CA ASP J 1820 -66.06 -42.99 -69.06
C ASP J 1820 -65.98 -43.92 -70.26
N VAL J 1821 -65.84 -43.32 -71.43
CA VAL J 1821 -65.79 -44.09 -72.67
C VAL J 1821 -64.46 -44.79 -72.85
N MET J 1822 -63.41 -44.31 -72.19
CA MET J 1822 -62.09 -44.91 -72.26
C MET J 1822 -61.34 -44.66 -70.97
N SER J 1823 -60.48 -45.61 -70.61
CA SER J 1823 -59.74 -45.51 -69.36
C SER J 1823 -58.69 -44.41 -69.44
N ILE J 1824 -58.04 -44.12 -68.33
CA ILE J 1824 -57.04 -43.06 -68.30
C ILE J 1824 -55.87 -43.40 -69.22
N GLU J 1825 -55.42 -44.65 -69.21
CA GLU J 1825 -54.28 -45.00 -70.03
C GLU J 1825 -54.63 -44.87 -71.51
N SER J 1826 -55.84 -45.25 -71.91
CA SER J 1826 -56.27 -45.07 -73.29
C SER J 1826 -56.40 -43.58 -73.63
N LEU J 1827 -56.91 -42.79 -72.69
CA LEU J 1827 -57.15 -41.38 -72.96
C LEU J 1827 -55.85 -40.65 -73.28
N VAL J 1828 -54.80 -40.89 -72.50
CA VAL J 1828 -53.55 -40.16 -72.68
C VAL J 1828 -52.86 -40.59 -73.96
N GLU J 1829 -52.99 -41.87 -74.34
CA GLU J 1829 -52.42 -42.32 -75.61
C GLU J 1829 -53.05 -41.59 -76.78
N VAL J 1830 -54.37 -41.53 -76.83
CA VAL J 1830 -55.05 -40.84 -77.92
C VAL J 1830 -54.65 -39.37 -77.93
N VAL J 1831 -54.59 -38.76 -76.75
CA VAL J 1831 -54.24 -37.34 -76.68
C VAL J 1831 -52.78 -37.14 -77.07
N PHE J 1832 -51.91 -38.08 -76.69
CA PHE J 1832 -50.51 -37.98 -77.10
C PHE J 1832 -50.36 -38.14 -78.61
N TYR J 1833 -51.04 -39.13 -79.17
CA TYR J 1833 -50.97 -39.34 -80.61
C TYR J 1833 -51.61 -38.18 -81.38
N ARG J 1834 -52.73 -37.66 -80.88
CA ARG J 1834 -53.37 -36.53 -81.54
C ARG J 1834 -52.41 -35.37 -81.68
N GLY J 1835 -51.72 -35.01 -80.59
CA GLY J 1835 -50.78 -33.89 -80.65
C GLY J 1835 -49.55 -34.22 -81.49
N MET J 1836 -49.16 -35.49 -81.53
CA MET J 1836 -47.98 -35.86 -82.31
C MET J 1836 -48.25 -35.75 -83.80
N THR J 1837 -49.43 -36.19 -84.24
CA THR J 1837 -49.79 -36.05 -85.65
C THR J 1837 -49.87 -34.58 -86.05
N MET J 1838 -50.45 -33.74 -85.21
CA MET J 1838 -50.50 -32.31 -85.50
C MET J 1838 -49.10 -31.77 -85.77
N GLN J 1839 -48.13 -32.19 -84.95
CA GLN J 1839 -46.77 -31.66 -85.08
C GLN J 1839 -46.19 -31.94 -86.46
N VAL J 1840 -46.50 -33.10 -87.02
CA VAL J 1840 -45.92 -33.53 -88.30
C VAL J 1840 -46.96 -33.44 -89.40
N ALA J 1841 -47.96 -32.56 -89.23
CA ALA J 1841 -49.01 -32.38 -90.21
C ALA J 1841 -48.81 -31.17 -91.11
N VAL J 1842 -47.83 -30.31 -90.83
CA VAL J 1842 -47.53 -29.17 -91.67
C VAL J 1842 -46.06 -29.25 -92.09
N PRO J 1843 -45.68 -28.68 -93.23
CA PRO J 1843 -44.28 -28.70 -93.63
C PRO J 1843 -43.48 -27.67 -92.83
N ARG J 1844 -42.40 -28.14 -92.21
CA ARG J 1844 -41.52 -27.29 -91.42
C ARG J 1844 -40.13 -27.29 -92.04
N ASP J 1845 -39.54 -26.10 -92.13
CA ASP J 1845 -38.15 -25.98 -92.55
C ASP J 1845 -37.24 -26.53 -91.46
N GLU J 1846 -35.93 -26.44 -91.71
CA GLU J 1846 -34.96 -26.93 -90.74
C GLU J 1846 -35.04 -26.20 -89.41
N LEU J 1847 -35.64 -25.01 -89.37
CA LEU J 1847 -35.77 -24.23 -88.16
C LEU J 1847 -37.09 -24.48 -87.42
N GLY J 1848 -37.90 -25.42 -87.90
CA GLY J 1848 -39.17 -25.69 -87.25
C GLY J 1848 -40.12 -24.50 -87.27
N ARG J 1849 -40.09 -23.75 -88.36
CA ARG J 1849 -40.97 -22.62 -88.50
C ARG J 1849 -41.73 -22.84 -89.76
N SER J 1850 -43.01 -23.16 -89.62
CA SER J 1850 -43.84 -23.42 -90.77
C SER J 1850 -44.45 -22.12 -91.25
N ASN J 1851 -45.22 -22.20 -92.31
CA ASN J 1851 -45.83 -21.02 -92.91
C ASN J 1851 -47.34 -20.98 -92.67
N TYR J 1852 -47.81 -21.66 -91.62
CA TYR J 1852 -49.22 -21.67 -91.25
C TYR J 1852 -49.37 -21.08 -89.86
N GLY J 1853 -50.55 -20.52 -89.61
CA GLY J 1853 -50.82 -19.89 -88.33
C GLY J 1853 -52.30 -19.76 -88.07
N MET J 1854 -52.62 -18.97 -87.04
CA MET J 1854 -54.00 -18.72 -86.66
C MET J 1854 -54.12 -17.27 -86.18
N ILE J 1855 -55.31 -16.71 -86.36
CA ILE J 1855 -55.57 -15.30 -86.03
C ILE J 1855 -56.92 -15.20 -85.34
N ALA J 1856 -56.97 -14.44 -84.26
CA ALA J 1856 -58.22 -14.19 -83.53
C ALA J 1856 -58.83 -12.89 -84.01
N ILE J 1857 -60.07 -12.95 -84.50
CA ILE J 1857 -60.73 -11.80 -85.12
C ILE J 1857 -61.93 -11.38 -84.28
N ASN J 1858 -62.18 -10.07 -84.26
CA ASN J 1858 -63.31 -9.50 -83.54
C ASN J 1858 -64.06 -8.59 -84.49
N PRO J 1859 -65.05 -9.12 -85.22
CA PRO J 1859 -65.74 -8.30 -86.24
C PRO J 1859 -66.31 -7.00 -85.70
N GLY J 1860 -66.83 -7.00 -84.48
CA GLY J 1860 -67.37 -5.78 -83.91
C GLY J 1860 -66.35 -4.70 -83.67
N ARG J 1861 -65.05 -5.01 -83.75
CA ARG J 1861 -64.00 -4.03 -83.54
C ARG J 1861 -63.54 -3.39 -84.85
N VAL J 1862 -63.61 -4.10 -85.97
CA VAL J 1862 -63.30 -3.53 -87.27
C VAL J 1862 -64.41 -2.63 -87.79
N ALA J 1863 -65.67 -2.97 -87.51
CA ALA J 1863 -66.81 -2.16 -87.93
C ALA J 1863 -68.05 -2.56 -87.16
N ALA J 1864 -68.73 -1.59 -86.54
CA ALA J 1864 -69.88 -1.89 -85.69
C ALA J 1864 -71.01 -2.55 -86.46
N SER J 1865 -71.04 -2.43 -87.78
CA SER J 1865 -72.07 -3.03 -88.61
C SER J 1865 -71.53 -4.18 -89.45
N PHE J 1866 -70.42 -4.80 -89.02
CA PHE J 1866 -69.77 -5.87 -89.77
C PHE J 1866 -70.17 -7.19 -89.14
N SER J 1867 -71.16 -7.85 -89.73
CA SER J 1867 -71.68 -9.08 -89.16
C SER J 1867 -70.79 -10.26 -89.52
N GLN J 1868 -71.01 -11.39 -88.84
CA GLN J 1868 -70.23 -12.59 -89.12
C GLN J 1868 -70.42 -13.07 -90.55
N GLU J 1869 -71.56 -12.78 -91.17
CA GLU J 1869 -71.70 -13.04 -92.59
C GLU J 1869 -70.87 -12.07 -93.40
N ALA J 1870 -70.57 -10.89 -92.85
CA ALA J 1870 -69.65 -9.98 -93.51
C ALA J 1870 -68.22 -10.45 -93.36
N LEU J 1871 -67.86 -10.96 -92.19
CA LEU J 1871 -66.55 -11.57 -92.01
C LEU J 1871 -66.42 -12.83 -92.86
N GLN J 1872 -67.45 -13.67 -92.87
CA GLN J 1872 -67.42 -14.87 -93.70
C GLN J 1872 -67.26 -14.50 -95.17
N TYR J 1873 -67.83 -13.38 -95.58
CA TYR J 1873 -67.65 -12.91 -96.95
C TYR J 1873 -66.18 -12.59 -97.23
N VAL J 1874 -65.57 -11.78 -96.37
CA VAL J 1874 -64.20 -11.34 -96.62
C VAL J 1874 -63.24 -12.52 -96.65
N VAL J 1875 -63.36 -13.41 -95.66
CA VAL J 1875 -62.46 -14.55 -95.57
C VAL J 1875 -62.62 -15.44 -96.80
N GLU J 1876 -63.86 -15.74 -97.18
CA GLU J 1876 -64.09 -16.58 -98.35
C GLU J 1876 -63.57 -15.90 -99.62
N ARG J 1877 -63.79 -14.60 -99.76
CA ARG J 1877 -63.28 -13.88 -100.93
C ARG J 1877 -61.77 -13.73 -100.87
N VAL J 1878 -61.21 -13.44 -99.69
CA VAL J 1878 -59.76 -13.36 -99.53
C VAL J 1878 -59.10 -14.70 -99.72
N GLY J 1879 -59.84 -15.80 -99.57
CA GLY J 1879 -59.30 -17.13 -99.83
C GLY J 1879 -59.72 -17.65 -101.20
N LYS J 1880 -60.40 -16.81 -101.97
CA LYS J 1880 -60.86 -17.18 -103.31
C LYS J 1880 -60.09 -16.46 -104.41
N ARG J 1881 -60.03 -15.12 -104.36
CA ARG J 1881 -59.29 -14.36 -105.36
C ARG J 1881 -57.79 -14.51 -105.23
N THR J 1882 -57.31 -15.10 -104.13
CA THR J 1882 -55.89 -15.27 -103.90
C THR J 1882 -55.47 -16.74 -103.94
N GLY J 1883 -56.39 -17.68 -103.75
CA GLY J 1883 -56.11 -19.08 -103.89
C GLY J 1883 -55.48 -19.75 -102.70
N TRP J 1884 -55.14 -19.00 -101.65
CA TRP J 1884 -54.51 -19.57 -100.47
C TRP J 1884 -55.55 -20.14 -99.52
N LEU J 1885 -55.08 -21.01 -98.63
CA LEU J 1885 -55.95 -21.70 -97.69
C LEU J 1885 -56.20 -20.81 -96.47
N VAL J 1886 -57.47 -20.53 -96.19
CA VAL J 1886 -57.87 -19.75 -95.03
C VAL J 1886 -59.34 -19.99 -94.79
N GLU J 1887 -59.71 -20.06 -93.51
CA GLU J 1887 -61.11 -20.29 -93.14
C GLU J 1887 -61.27 -19.99 -91.65
N ILE J 1888 -62.52 -19.78 -91.25
CA ILE J 1888 -62.84 -19.62 -89.83
C ILE J 1888 -62.90 -21.00 -89.19
N VAL J 1889 -62.09 -21.18 -88.14
CA VAL J 1889 -61.98 -22.47 -87.48
C VAL J 1889 -62.83 -22.53 -86.20
N ASN J 1890 -62.93 -21.42 -85.47
CA ASN J 1890 -63.72 -21.35 -84.26
C ASN J 1890 -64.73 -20.21 -84.36
N TYR J 1891 -65.98 -20.49 -83.97
CA TYR J 1891 -66.99 -19.47 -83.75
C TYR J 1891 -67.23 -19.42 -82.25
N ASN J 1892 -66.57 -18.48 -81.57
CA ASN J 1892 -66.57 -18.50 -80.10
C ASN J 1892 -67.68 -17.63 -79.52
N VAL J 1893 -67.67 -16.33 -79.79
CA VAL J 1893 -68.70 -15.41 -79.33
C VAL J 1893 -69.26 -14.69 -80.54
N GLU J 1894 -70.59 -14.62 -80.60
CA GLU J 1894 -71.26 -14.04 -81.76
C GLU J 1894 -70.82 -12.58 -81.94
N ASN J 1895 -70.15 -12.32 -83.05
CA ASN J 1895 -69.75 -10.96 -83.45
C ASN J 1895 -68.70 -10.37 -82.51
N GLN J 1896 -68.05 -11.18 -81.67
CA GLN J 1896 -67.02 -10.65 -80.78
C GLN J 1896 -65.73 -11.47 -80.79
N GLN J 1897 -65.82 -12.76 -81.07
CA GLN J 1897 -64.62 -13.61 -81.07
C GLN J 1897 -64.72 -14.67 -82.17
N TYR J 1898 -63.75 -14.66 -83.06
CA TYR J 1898 -63.62 -15.66 -84.11
C TYR J 1898 -62.15 -16.01 -84.27
N VAL J 1899 -61.89 -17.19 -84.83
CA VAL J 1899 -60.54 -17.65 -85.09
C VAL J 1899 -60.47 -18.15 -86.52
N ALA J 1900 -59.48 -17.67 -87.28
CA ALA J 1900 -59.23 -18.14 -88.62
C ALA J 1900 -57.87 -18.82 -88.68
N ALA J 1901 -57.79 -19.88 -89.49
CA ALA J 1901 -56.56 -20.65 -89.65
C ALA J 1901 -56.21 -20.74 -91.13
N GLY J 1902 -54.91 -20.83 -91.39
CA GLY J 1902 -54.42 -20.89 -92.75
C GLY J 1902 -52.94 -20.54 -92.78
N ASP J 1903 -52.41 -20.45 -93.99
CA ASP J 1903 -51.02 -20.05 -94.14
C ASP J 1903 -50.79 -18.70 -93.49
N LEU J 1904 -49.67 -18.59 -92.76
CA LEU J 1904 -49.38 -17.36 -92.04
C LEU J 1904 -49.38 -16.16 -92.99
N ARG J 1905 -49.05 -16.39 -94.26
CA ARG J 1905 -49.08 -15.32 -95.25
C ARG J 1905 -50.50 -14.82 -95.48
N ALA J 1906 -51.47 -15.74 -95.64
CA ALA J 1906 -52.83 -15.33 -95.97
C ALA J 1906 -53.56 -14.69 -94.80
N LEU J 1907 -53.01 -14.79 -93.59
CA LEU J 1907 -53.60 -14.08 -92.46
C LEU J 1907 -53.22 -12.60 -92.48
N ASP J 1908 -52.02 -12.28 -92.96
CA ASP J 1908 -51.60 -10.89 -93.04
C ASP J 1908 -52.48 -10.10 -94.01
N THR J 1909 -52.81 -10.69 -95.16
CA THR J 1909 -53.69 -10.02 -96.11
C THR J 1909 -55.07 -9.80 -95.49
N VAL J 1910 -55.60 -10.81 -94.81
CA VAL J 1910 -56.89 -10.65 -94.12
C VAL J 1910 -56.78 -9.56 -93.06
N THR J 1911 -55.74 -9.63 -92.23
CA THR J 1911 -55.54 -8.60 -91.22
C THR J 1911 -55.44 -7.22 -91.85
N ASN J 1912 -54.76 -7.12 -93.00
CA ASN J 1912 -54.65 -5.85 -93.69
C ASN J 1912 -55.99 -5.46 -94.31
N VAL J 1913 -56.66 -6.41 -94.96
CA VAL J 1913 -57.94 -6.12 -95.59
C VAL J 1913 -58.91 -5.55 -94.57
N LEU J 1914 -59.00 -6.19 -93.41
CA LEU J 1914 -59.84 -5.66 -92.32
C LEU J 1914 -59.32 -4.31 -91.85
N ASN J 1915 -57.99 -4.14 -91.82
CA ASN J 1915 -57.43 -2.84 -91.45
C ASN J 1915 -57.88 -1.76 -92.41
N PHE J 1916 -57.93 -2.08 -93.72
CA PHE J 1916 -58.48 -1.14 -94.68
C PHE J 1916 -59.96 -0.89 -94.43
N ILE J 1917 -60.69 -1.95 -94.09
CA ILE J 1917 -62.11 -1.80 -93.76
C ILE J 1917 -62.29 -0.92 -92.53
N LYS J 1918 -61.46 -1.13 -91.50
CA LYS J 1918 -61.59 -0.32 -90.28
C LYS J 1918 -61.10 1.09 -90.52
N LEU J 1919 -59.92 1.23 -91.15
CA LEU J 1919 -59.36 2.56 -91.35
C LEU J 1919 -60.29 3.43 -92.18
N GLN J 1920 -60.91 2.86 -93.21
CA GLN J 1920 -61.93 3.51 -93.99
C GLN J 1920 -63.30 3.17 -93.42
N LYS J 1921 -64.35 3.69 -94.05
CA LYS J 1921 -65.72 3.47 -93.61
C LYS J 1921 -66.42 2.33 -94.34
N ILE J 1922 -65.72 1.61 -95.22
CA ILE J 1922 -66.35 0.54 -95.98
C ILE J 1922 -66.96 -0.45 -94.99
N GLU J 1934 -72.88 -7.82 -107.90
CA GLU J 1934 -71.57 -8.24 -108.36
C GLU J 1934 -70.52 -7.17 -108.09
N GLU J 1935 -70.98 -5.92 -107.94
CA GLU J 1935 -70.05 -4.83 -107.68
C GLU J 1935 -69.30 -5.02 -106.36
N VAL J 1936 -70.02 -5.46 -105.32
CA VAL J 1936 -69.38 -5.65 -104.02
C VAL J 1936 -68.28 -6.70 -104.13
N GLU J 1937 -68.57 -7.82 -104.81
CA GLU J 1937 -67.55 -8.85 -105.01
C GLU J 1937 -66.36 -8.30 -105.79
N GLY J 1938 -66.63 -7.53 -106.85
CA GLY J 1938 -65.54 -6.97 -107.62
C GLY J 1938 -64.73 -5.94 -106.83
N HIS J 1939 -65.42 -5.13 -106.03
CA HIS J 1939 -64.71 -4.13 -105.23
C HIS J 1939 -63.76 -4.79 -104.24
N LEU J 1940 -64.23 -5.84 -103.55
CA LEU J 1940 -63.35 -6.53 -102.61
C LEU J 1940 -62.17 -7.17 -103.32
N PHE J 1941 -62.38 -7.69 -104.53
CA PHE J 1941 -61.26 -8.22 -105.30
C PHE J 1941 -60.17 -7.17 -105.48
N GLU J 1942 -60.54 -5.90 -105.55
CA GLU J 1942 -59.54 -4.84 -105.60
C GLU J 1942 -58.73 -4.80 -104.30
N ILE J 1943 -59.40 -4.96 -103.16
CA ILE J 1943 -58.71 -4.89 -101.89
C ILE J 1943 -57.83 -6.11 -101.69
N ILE J 1944 -58.34 -7.29 -102.01
CA ILE J 1944 -57.57 -8.53 -101.77
C ILE J 1944 -56.28 -8.50 -102.56
N ASP J 1945 -56.34 -8.08 -103.83
CA ASP J 1945 -55.14 -8.03 -104.65
C ASP J 1945 -54.12 -7.05 -104.08
N GLU J 1946 -54.59 -5.89 -103.60
CA GLU J 1946 -53.67 -4.87 -103.10
C GLU J 1946 -52.84 -5.42 -101.94
N ALA J 1947 -53.49 -6.01 -100.95
CA ALA J 1947 -52.78 -6.55 -99.80
C ALA J 1947 -52.10 -7.88 -100.11
N SER J 1948 -52.61 -8.61 -101.10
CA SER J 1948 -52.09 -9.94 -101.38
C SER J 1948 -50.58 -9.90 -101.63
N LYS J 1949 -50.14 -9.03 -102.55
CA LYS J 1949 -48.73 -8.94 -102.87
C LYS J 1949 -47.92 -8.22 -101.81
N LYS J 1950 -48.54 -7.34 -101.02
CA LYS J 1950 -47.81 -6.55 -100.05
C LYS J 1950 -47.25 -7.40 -98.91
N SER J 1951 -47.69 -8.65 -98.79
CA SER J 1951 -47.15 -9.58 -97.80
C SER J 1951 -46.50 -10.81 -98.41
N ALA J 1952 -46.83 -11.15 -99.66
CA ALA J 1952 -46.23 -12.30 -100.30
C ALA J 1952 -44.72 -12.12 -100.48
N VAL J 1953 -44.26 -10.87 -100.60
CA VAL J 1953 -42.85 -10.62 -100.83
C VAL J 1953 -42.00 -11.16 -99.69
N LYS J 1954 -42.51 -11.11 -98.46
CA LYS J 1954 -41.72 -11.48 -97.31
C LYS J 1954 -41.34 -12.96 -97.36
N PRO J 1955 -40.28 -13.36 -96.68
CA PRO J 1955 -39.88 -14.77 -96.69
C PRO J 1955 -41.03 -15.68 -96.27
N ARG J 1956 -40.89 -16.97 -96.56
CA ARG J 1956 -41.99 -17.91 -96.28
C ARG J 1956 -42.29 -18.04 -94.81
N PRO J 1957 -41.27 -18.01 -93.97
CA PRO J 1957 -41.66 -18.07 -92.57
C PRO J 1957 -41.99 -16.65 -92.13
N LEU J 1958 -42.97 -16.01 -92.78
CA LEU J 1958 -43.26 -14.60 -92.50
C LEU J 1958 -43.83 -14.31 -91.13
N LYS J 1959 -44.10 -13.04 -90.85
CA LYS J 1959 -44.61 -12.64 -89.55
C LYS J 1959 -45.98 -12.01 -89.64
N LEU J 1960 -46.94 -12.53 -88.86
CA LEU J 1960 -48.27 -11.94 -88.82
C LEU J 1960 -48.30 -10.89 -87.73
N GLU J 1961 -48.80 -9.71 -88.04
CA GLU J 1961 -48.84 -8.64 -87.07
C GLU J 1961 -50.23 -8.51 -86.45
N ARG J 1962 -51.00 -7.51 -86.87
CA ARG J 1962 -52.29 -7.29 -86.25
C ARG J 1962 -53.11 -6.24 -86.94
N GLY J 1963 -54.38 -6.18 -86.62
CA GLY J 1963 -55.23 -5.13 -87.14
C GLY J 1963 -55.65 -4.42 -85.88
N PHE J 1964 -56.71 -3.65 -85.94
CA PHE J 1964 -57.22 -3.04 -84.72
C PHE J 1964 -58.04 -4.12 -84.08
N ALA J 1965 -58.33 -5.18 -84.81
CA ALA J 1965 -59.20 -6.22 -84.31
C ALA J 1965 -58.74 -7.63 -84.64
N CYS J 1966 -57.46 -7.81 -85.00
CA CYS J 1966 -56.96 -9.13 -85.39
C CYS J 1966 -55.68 -9.37 -84.65
N ILE J 1967 -55.61 -10.45 -83.87
CA ILE J 1967 -54.44 -10.67 -83.03
C ILE J 1967 -54.01 -12.11 -83.14
N PRO J 1968 -52.82 -12.34 -83.73
CA PRO J 1968 -52.45 -13.74 -83.97
C PRO J 1968 -52.20 -14.46 -82.70
N LEU J 1969 -52.15 -15.77 -82.76
CA LEU J 1969 -51.94 -16.57 -81.58
C LEU J 1969 -50.45 -16.89 -81.46
N VAL J 1970 -49.99 -17.26 -80.26
CA VAL J 1970 -48.57 -17.54 -80.06
C VAL J 1970 -48.38 -19.04 -79.97
N GLY J 1971 -47.41 -19.56 -80.72
CA GLY J 1971 -47.04 -20.96 -80.65
C GLY J 1971 -47.88 -21.89 -81.48
N ILE J 1972 -48.85 -21.38 -82.24
CA ILE J 1972 -49.70 -22.21 -83.10
C ILE J 1972 -49.13 -22.18 -84.50
N SER J 1973 -48.94 -23.37 -85.07
CA SER J 1973 -48.40 -23.48 -86.44
C SER J 1973 -49.23 -24.39 -87.33
N VAL J 1974 -50.10 -25.19 -86.75
CA VAL J 1974 -50.91 -26.13 -87.54
C VAL J 1974 -52.30 -25.53 -87.70
N PRO J 1975 -52.92 -25.60 -88.89
CA PRO J 1975 -54.30 -25.10 -89.01
C PRO J 1975 -55.34 -26.19 -88.68
N PHE J 1976 -55.42 -26.54 -87.41
CA PHE J 1976 -56.38 -27.56 -87.01
C PHE J 1976 -57.78 -26.96 -87.00
N HIS J 1977 -58.78 -27.83 -87.16
CA HIS J 1977 -60.18 -27.39 -87.29
C HIS J 1977 -60.30 -26.69 -88.63
N SER J 1978 -59.64 -27.23 -89.64
CA SER J 1978 -59.67 -26.67 -90.98
C SER J 1978 -59.70 -27.81 -91.98
N THR J 1979 -60.06 -27.49 -93.22
CA THR J 1979 -60.11 -28.49 -94.27
C THR J 1979 -58.72 -29.00 -94.66
N TYR J 1980 -57.66 -28.34 -94.18
CA TYR J 1980 -56.31 -28.79 -94.50
C TYR J 1980 -56.06 -30.20 -94.00
N LEU J 1981 -56.51 -30.52 -92.79
CA LEU J 1981 -56.33 -31.85 -92.22
C LEU J 1981 -57.53 -32.75 -92.52
N MET J 1982 -57.92 -32.83 -93.78
CA MET J 1982 -58.98 -33.74 -94.19
C MET J 1982 -58.45 -35.05 -94.76
N ASN J 1983 -57.20 -35.07 -95.23
CA ASN J 1983 -56.64 -36.30 -95.77
C ASN J 1983 -56.27 -37.28 -94.66
N GLY J 1984 -55.68 -36.79 -93.58
CA GLY J 1984 -55.27 -37.64 -92.48
C GLY J 1984 -56.33 -37.75 -91.40
N VAL J 1985 -57.51 -38.24 -91.79
CA VAL J 1985 -58.65 -38.32 -90.89
C VAL J 1985 -59.06 -39.78 -90.72
N LYS J 1986 -59.41 -40.43 -91.83
CA LYS J 1986 -59.77 -41.84 -91.78
C LYS J 1986 -58.72 -42.68 -91.07
N PRO J 1987 -57.42 -42.53 -91.36
CA PRO J 1987 -56.43 -43.25 -90.54
C PRO J 1987 -56.53 -42.91 -89.06
N PHE J 1988 -56.82 -41.66 -88.73
CA PHE J 1988 -57.00 -41.30 -87.32
C PHE J 1988 -58.26 -41.93 -86.76
N LYS J 1989 -59.29 -42.10 -87.59
CA LYS J 1989 -60.50 -42.79 -87.16
C LYS J 1989 -60.19 -44.24 -86.82
N SER J 1990 -59.34 -44.90 -87.63
CA SER J 1990 -58.95 -46.28 -87.32
C SER J 1990 -58.18 -46.35 -86.01
N PHE J 1991 -57.32 -45.35 -85.76
CA PHE J 1991 -56.56 -45.35 -84.51
C PHE J 1991 -57.47 -45.25 -83.30
N LEU J 1992 -58.49 -44.40 -83.37
CA LEU J 1992 -59.43 -44.29 -82.26
C LEU J 1992 -60.16 -45.61 -82.03
N LYS J 1993 -60.59 -46.26 -83.11
CA LYS J 1993 -61.32 -47.52 -82.98
C LYS J 1993 -60.53 -48.57 -82.23
N LYS J 1994 -59.20 -48.46 -82.22
CA LYS J 1994 -58.39 -49.40 -81.45
C LYS J 1994 -58.33 -49.04 -79.98
N ASN J 1995 -58.62 -47.79 -79.63
CA ASN J 1995 -58.45 -47.30 -78.27
C ASN J 1995 -59.76 -47.05 -77.53
N ILE J 1996 -60.82 -46.64 -78.23
CA ILE J 1996 -62.15 -46.52 -77.63
C ILE J 1996 -62.94 -47.78 -78.01
N ILE J 1997 -63.14 -48.64 -77.03
CA ILE J 1997 -63.62 -50.00 -77.27
C ILE J 1997 -65.13 -49.99 -77.46
N LYS J 1998 -65.61 -51.03 -78.15
CA LYS J 1998 -67.03 -51.17 -78.47
C LYS J 1998 -67.90 -51.19 -77.22
N GLU J 1999 -67.51 -51.97 -76.21
CA GLU J 1999 -68.35 -52.21 -75.06
C GLU J 1999 -68.29 -51.07 -74.04
N ASN J 2000 -67.30 -50.18 -74.15
CA ASN J 2000 -67.12 -49.13 -73.14
C ASN J 2000 -68.04 -47.93 -73.37
N VAL J 2001 -68.83 -47.93 -74.43
CA VAL J 2001 -69.70 -46.79 -74.70
C VAL J 2001 -71.07 -47.08 -74.09
N LYS J 2002 -71.58 -46.16 -73.27
CA LYS J 2002 -72.91 -46.31 -72.71
C LYS J 2002 -73.72 -45.17 -73.26
N VAL J 2003 -74.81 -45.47 -73.96
CA VAL J 2003 -75.58 -44.42 -74.59
C VAL J 2003 -76.44 -43.63 -73.63
N ALA J 2004 -76.84 -44.21 -72.52
CA ALA J 2004 -77.55 -43.43 -71.54
C ALA J 2004 -76.67 -42.29 -71.06
N ARG J 2005 -75.36 -42.50 -71.00
CA ARG J 2005 -74.43 -41.47 -70.55
C ARG J 2005 -74.29 -40.35 -71.58
N LEU J 2006 -74.59 -40.64 -72.84
CA LEU J 2006 -74.38 -39.69 -73.93
C LEU J 2006 -75.68 -39.15 -74.51
N ALA J 2007 -76.71 -39.98 -74.65
CA ALA J 2007 -77.93 -39.58 -75.33
C ALA J 2007 -78.52 -38.32 -74.69
N GLY J 2008 -78.60 -37.24 -75.46
CA GLY J 2008 -79.24 -36.03 -75.03
C GLY J 2008 -78.37 -35.10 -74.20
N LYS J 2009 -77.19 -35.55 -73.77
CA LYS J 2009 -76.33 -34.77 -72.90
C LYS J 2009 -75.06 -34.28 -73.56
N TYR J 2010 -74.54 -35.02 -74.53
CA TYR J 2010 -73.30 -34.67 -75.16
C TYR J 2010 -73.52 -33.78 -76.36
N ILE J 2011 -72.79 -32.69 -76.47
CA ILE J 2011 -72.92 -31.73 -77.57
C ILE J 2011 -71.60 -31.70 -78.33
N PRO J 2012 -71.51 -32.40 -79.46
CA PRO J 2012 -70.28 -32.41 -80.28
C PRO J 2012 -69.94 -31.09 -80.97
N ASN J 2013 -68.67 -30.72 -81.08
CA ASN J 2013 -68.25 -29.47 -81.76
C ASN J 2013 -68.56 -29.53 -83.24
N LEU J 2014 -68.66 -30.74 -83.77
CA LEU J 2014 -68.92 -30.90 -85.18
C LEU J 2014 -70.35 -30.60 -85.43
N THR J 2015 -71.25 -31.44 -84.93
CA THR J 2015 -72.67 -31.15 -85.04
C THR J 2015 -73.10 -30.58 -83.69
N ALA J 2016 -73.26 -29.27 -83.62
CA ALA J 2016 -73.59 -28.64 -82.35
C ALA J 2016 -75.03 -28.89 -81.98
N LYS J 2017 -75.37 -30.16 -81.77
CA LYS J 2017 -76.71 -30.57 -81.35
C LYS J 2017 -76.56 -31.71 -80.35
N PRO J 2018 -77.49 -31.84 -79.40
CA PRO J 2018 -77.35 -32.89 -78.39
C PRO J 2018 -77.24 -34.26 -79.02
N PHE J 2019 -76.36 -35.09 -78.46
CA PHE J 2019 -76.08 -36.40 -79.03
C PHE J 2019 -77.33 -37.27 -79.01
N GLN J 2020 -77.82 -37.60 -80.19
CA GLN J 2020 -78.98 -38.48 -80.34
C GLN J 2020 -78.67 -39.52 -81.39
N VAL J 2021 -78.93 -40.80 -81.07
CA VAL J 2021 -78.70 -41.89 -82.02
C VAL J 2021 -80.00 -42.05 -82.80
N THR J 2022 -80.12 -41.25 -83.87
CA THR J 2022 -81.32 -41.24 -84.68
C THR J 2022 -80.94 -40.99 -86.13
N LYS J 2023 -81.85 -41.37 -87.04
CA LYS J 2023 -81.57 -41.20 -88.46
C LYS J 2023 -81.34 -39.74 -88.82
N GLU J 2024 -82.01 -38.81 -88.13
CA GLU J 2024 -81.80 -37.39 -88.41
C GLU J 2024 -80.38 -36.98 -88.03
N TYR J 2025 -79.90 -37.43 -86.88
CA TYR J 2025 -78.53 -37.12 -86.50
C TYR J 2025 -77.53 -37.74 -87.47
N PHE J 2026 -77.75 -39.01 -87.84
CA PHE J 2026 -76.82 -39.66 -88.76
C PHE J 2026 -76.78 -38.95 -90.11
N GLN J 2027 -77.95 -38.54 -90.61
CA GLN J 2027 -77.97 -37.72 -91.82
C GLN J 2027 -77.24 -36.40 -91.60
N ASP J 2028 -77.33 -35.84 -90.40
CA ASP J 2028 -76.74 -34.53 -90.14
C ASP J 2028 -75.22 -34.56 -90.30
N VAL J 2029 -74.56 -35.62 -89.86
CA VAL J 2029 -73.10 -35.64 -89.90
C VAL J 2029 -72.62 -35.64 -91.34
N TYR J 2030 -73.34 -36.31 -92.23
CA TYR J 2030 -73.01 -36.26 -93.66
C TYR J 2030 -72.90 -34.82 -94.15
N ASP J 2031 -73.89 -33.98 -93.81
CA ASP J 2031 -73.98 -32.66 -94.41
C ASP J 2031 -72.68 -31.87 -94.22
N LEU J 2032 -72.13 -31.88 -93.01
CA LEU J 2032 -70.88 -31.17 -92.77
C LEU J 2032 -69.70 -31.87 -93.46
N THR J 2033 -69.44 -33.11 -93.06
CA THR J 2033 -68.35 -33.89 -93.63
C THR J 2033 -68.87 -35.25 -94.05
N GLY J 2034 -68.57 -35.64 -95.29
CA GLY J 2034 -68.99 -36.94 -95.78
C GLY J 2034 -68.27 -38.07 -95.07
N SER J 2035 -68.92 -39.21 -94.99
CA SER J 2035 -68.39 -40.38 -94.31
C SER J 2035 -69.00 -41.64 -94.93
N GLU J 2036 -68.14 -42.52 -95.42
CA GLU J 2036 -68.63 -43.74 -96.07
C GLU J 2036 -69.43 -44.61 -95.11
N PRO J 2037 -68.98 -44.89 -93.89
CA PRO J 2037 -69.81 -45.71 -92.99
C PRO J 2037 -71.20 -45.14 -92.75
N ILE J 2038 -71.32 -43.81 -92.69
CA ILE J 2038 -72.61 -43.20 -92.37
C ILE J 2038 -73.66 -43.56 -93.41
N LYS J 2039 -73.34 -43.37 -94.69
CA LYS J 2039 -74.35 -43.63 -95.72
C LYS J 2039 -74.82 -45.07 -95.66
N GLU J 2040 -73.94 -45.99 -95.27
CA GLU J 2040 -74.36 -47.37 -95.05
C GLU J 2040 -75.41 -47.44 -93.94
N ILE J 2041 -75.14 -46.79 -92.81
CA ILE J 2041 -76.10 -46.82 -91.69
C ILE J 2041 -77.41 -46.17 -92.11
N ILE J 2042 -77.34 -44.99 -92.72
CA ILE J 2042 -78.55 -44.28 -93.11
C ILE J 2042 -79.35 -45.11 -94.11
N ASP J 2043 -78.68 -45.64 -95.13
CA ASP J 2043 -79.36 -46.46 -96.13
C ASP J 2043 -79.94 -47.72 -95.49
N ASN J 2044 -79.17 -48.37 -94.62
CA ASN J 2044 -79.62 -49.57 -93.93
C ASN J 2044 -80.19 -49.25 -92.56
N TRP J 2045 -80.67 -48.02 -92.34
CA TRP J 2045 -81.20 -47.66 -91.03
C TRP J 2045 -82.38 -48.53 -90.65
N GLU J 2046 -83.07 -49.10 -91.65
CA GLU J 2046 -84.21 -49.96 -91.36
C GLU J 2046 -83.76 -51.34 -90.88
N LYS J 2047 -82.64 -51.83 -91.40
CA LYS J 2047 -82.11 -53.11 -90.93
C LYS J 2047 -81.76 -53.03 -89.46
N TYR J 2048 -81.10 -51.94 -89.05
CA TYR J 2048 -80.70 -51.80 -87.65
C TYR J 2048 -81.92 -51.65 -86.76
N GLU J 2049 -82.97 -50.98 -87.25
CA GLU J 2049 -84.16 -50.77 -86.43
C GLU J 2049 -84.79 -52.09 -86.02
N GLN J 2050 -84.90 -53.04 -86.96
CA GLN J 2050 -85.50 -54.33 -86.67
C GLN J 2050 -84.45 -55.33 -86.22
N MET K 1 74.87 -12.77 102.74
CA MET K 1 73.50 -12.90 103.31
C MET K 1 72.80 -14.13 102.77
N LYS K 2 71.89 -14.70 103.56
CA LYS K 2 71.07 -15.78 103.06
C LYS K 2 70.14 -15.24 101.98
N PRO K 3 69.77 -16.07 101.00
CA PRO K 3 68.92 -15.56 99.90
C PRO K 3 67.62 -14.95 100.37
N GLU K 4 66.99 -15.51 101.41
CA GLU K 4 65.72 -14.98 101.89
C GLU K 4 65.90 -13.58 102.49
N VAL K 5 66.96 -13.39 103.27
CA VAL K 5 67.23 -12.07 103.85
C VAL K 5 67.49 -11.06 102.74
N GLU K 6 68.27 -11.48 101.74
CA GLU K 6 68.54 -10.59 100.61
C GLU K 6 67.26 -10.20 99.91
N GLN K 7 66.33 -11.13 99.77
CA GLN K 7 65.06 -10.85 99.10
C GLN K 7 64.30 -9.83 99.94
N GLU K 8 64.24 -10.07 101.24
CA GLU K 8 63.52 -9.15 102.12
C GLU K 8 64.06 -7.73 101.99
N LEU K 9 65.38 -7.57 102.08
CA LEU K 9 65.98 -6.24 101.98
C LEU K 9 65.74 -5.64 100.60
N ALA K 10 65.85 -6.45 99.55
CA ALA K 10 65.60 -5.95 98.20
C ALA K 10 64.18 -5.45 98.06
N HIS K 11 63.20 -6.19 98.60
CA HIS K 11 61.81 -5.74 98.53
C HIS K 11 61.62 -4.45 99.30
N ILE K 12 62.23 -4.35 100.48
CA ILE K 12 62.08 -3.13 101.27
C ILE K 12 62.60 -1.94 100.48
N LEU K 13 63.81 -2.08 99.93
CA LEU K 13 64.42 -0.97 99.20
C LEU K 13 63.61 -0.63 97.96
N LEU K 14 63.08 -1.65 97.27
CA LEU K 14 62.31 -1.41 96.05
C LEU K 14 61.02 -0.66 96.36
N THR K 15 60.25 -1.14 97.34
CA THR K 15 58.99 -0.50 97.66
C THR K 15 59.23 0.92 98.17
N GLU K 16 60.33 1.13 98.90
CA GLU K 16 60.64 2.48 99.37
C GLU K 16 61.00 3.39 98.20
N LEU K 17 61.84 2.91 97.29
CA LEU K 17 62.23 3.70 96.14
C LEU K 17 61.02 4.17 95.38
N LEU K 18 60.05 3.30 95.22
CA LEU K 18 58.83 3.62 94.49
C LEU K 18 57.92 4.57 95.20
N ALA K 19 57.82 4.44 96.52
CA ALA K 19 56.97 5.33 97.30
C ALA K 19 57.51 6.74 97.24
N TYR K 20 58.81 6.89 97.30
CA TYR K 20 59.38 8.23 97.35
C TYR K 20 59.56 8.85 95.99
N GLN K 21 59.25 8.13 94.93
CA GLN K 21 59.54 8.62 93.59
C GLN K 21 58.76 9.81 93.12
N PHE K 22 57.49 9.89 93.49
CA PHE K 22 56.65 10.97 93.01
C PHE K 22 56.87 12.24 93.81
N ALA K 23 57.74 12.18 94.80
CA ALA K 23 58.06 13.34 95.60
C ALA K 23 59.44 13.88 95.26
N SER K 24 60.34 13.01 94.82
CA SER K 24 61.69 13.42 94.44
C SER K 24 61.81 13.74 92.96
N PRO K 25 62.81 14.55 92.58
CA PRO K 25 63.00 14.87 91.17
C PRO K 25 63.48 13.66 90.38
N VAL K 26 63.18 13.66 89.08
CA VAL K 26 63.56 12.59 88.17
C VAL K 26 64.99 12.87 87.71
N ARG K 27 65.96 12.13 88.25
CA ARG K 27 67.36 12.28 87.86
C ARG K 27 67.61 11.44 86.60
N TRP K 28 67.28 12.02 85.45
CA TRP K 28 67.49 11.35 84.18
C TRP K 28 68.85 11.65 83.57
N ILE K 29 69.46 12.80 83.90
CA ILE K 29 70.81 13.08 83.41
C ILE K 29 71.76 12.00 83.88
N GLU K 30 71.74 11.70 85.18
CA GLU K 30 72.63 10.69 85.73
C GLU K 30 72.29 9.29 85.22
N THR K 31 71.02 8.98 85.03
CA THR K 31 70.63 7.68 84.48
C THR K 31 71.19 7.50 83.07
N GLN K 32 70.99 8.51 82.23
CA GLN K 32 71.52 8.45 80.88
C GLN K 32 73.03 8.33 80.88
N ASP K 33 73.71 9.08 81.76
CA ASP K 33 75.16 8.93 81.87
C ASP K 33 75.53 7.50 82.27
N VAL K 34 74.82 6.95 83.25
CA VAL K 34 75.14 5.62 83.75
C VAL K 34 75.03 4.57 82.66
N PHE K 35 73.96 4.60 81.87
CA PHE K 35 73.80 3.57 80.85
C PHE K 35 74.37 3.94 79.49
N LEU K 36 74.95 5.13 79.33
CA LEU K 36 75.64 5.48 78.09
C LEU K 36 77.15 5.45 78.22
N LYS K 37 77.69 5.56 79.43
CA LYS K 37 79.14 5.61 79.63
C LYS K 37 79.67 4.48 80.49
N ASP K 38 79.01 4.16 81.60
CA ASP K 38 79.44 3.08 82.47
C ASP K 38 79.06 1.70 81.95
N PHE K 39 78.13 1.64 80.99
CA PHE K 39 77.75 0.39 80.35
C PHE K 39 78.17 0.31 78.89
N ASN K 40 78.53 1.43 78.27
CA ASN K 40 78.87 1.45 76.84
C ASN K 40 77.74 0.84 76.02
N THR K 41 76.50 1.12 76.44
CA THR K 41 75.34 0.53 75.81
C THR K 41 75.37 0.76 74.30
N GLU K 42 75.30 -0.34 73.55
CA GLU K 42 75.28 -0.28 72.10
C GLU K 42 73.89 -0.17 71.51
N ARG K 43 72.88 -0.74 72.16
CA ARG K 43 71.49 -0.61 71.73
C ARG K 43 70.69 0.04 72.85
N VAL K 44 69.97 1.10 72.51
CA VAL K 44 69.01 1.72 73.42
C VAL K 44 67.64 1.52 72.79
N VAL K 45 66.79 0.75 73.46
CA VAL K 45 65.44 0.47 73.00
C VAL K 45 64.45 1.22 73.88
N GLU K 46 63.60 2.02 73.27
CA GLU K 46 62.61 2.82 73.98
C GLU K 46 61.25 2.16 73.85
N ILE K 47 60.61 1.88 74.99
CA ILE K 47 59.29 1.29 75.03
C ILE K 47 58.31 2.40 75.38
N GLY K 48 57.45 2.75 74.42
CA GLY K 48 56.48 3.81 74.61
C GLY K 48 55.83 4.17 73.29
N PRO K 49 54.79 5.01 73.35
CA PRO K 49 54.07 5.34 72.11
C PRO K 49 54.81 6.32 71.21
N SER K 50 55.68 7.15 71.75
CA SER K 50 56.36 8.17 70.96
C SER K 50 57.84 8.19 71.30
N PRO K 51 58.69 8.61 70.33
CA PRO K 51 60.15 8.61 70.56
C PRO K 51 60.62 9.80 71.39
N THR K 52 60.28 9.78 72.68
CA THR K 52 60.65 10.86 73.57
C THR K 52 61.99 10.63 74.22
N LEU K 53 62.14 9.53 74.95
CA LEU K 53 63.41 9.22 75.57
C LEU K 53 64.48 8.91 74.54
N ALA K 54 64.09 8.40 73.37
CA ALA K 54 65.06 8.17 72.30
C ALA K 54 65.65 9.47 71.80
N GLY K 55 64.80 10.48 71.56
CA GLY K 55 65.30 11.78 71.17
C GLY K 55 66.16 12.40 72.26
N MET K 56 65.76 12.22 73.52
CA MET K 56 66.56 12.72 74.63
C MET K 56 67.95 12.07 74.64
N ALA K 57 68.00 10.76 74.41
CA ALA K 57 69.29 10.06 74.37
C ALA K 57 70.13 10.54 73.19
N GLN K 58 69.51 10.75 72.02
CA GLN K 58 70.26 11.26 70.89
C GLN K 58 70.84 12.64 71.15
N ARG K 59 70.08 13.50 71.79
CA ARG K 59 70.58 14.82 72.09
C ARG K 59 71.69 14.74 73.11
N THR K 60 71.56 13.85 74.10
CA THR K 60 72.64 13.67 75.06
C THR K 60 73.90 13.17 74.38
N LEU K 61 73.76 12.25 73.41
CA LEU K 61 74.93 11.76 72.68
C LEU K 61 75.61 12.87 71.91
N LYS K 62 74.82 13.69 71.22
CA LYS K 62 75.39 14.74 70.37
C LYS K 62 76.04 15.86 71.17
N ASN K 63 75.90 15.86 72.50
CA ASN K 63 76.40 16.94 73.32
C ASN K 63 77.48 16.53 74.32
N LYS K 64 77.67 15.24 74.58
CA LYS K 64 78.64 14.81 75.58
C LYS K 64 79.52 13.64 75.14
N TYR K 65 79.23 12.97 74.02
CA TYR K 65 79.93 11.75 73.66
C TYR K 65 80.35 11.70 72.20
N GLU K 66 80.29 12.81 71.47
CA GLU K 66 80.71 12.80 70.08
C GLU K 66 82.16 12.34 69.95
N SER K 67 83.05 12.87 70.78
CA SER K 67 84.45 12.49 70.73
C SER K 67 84.68 11.11 71.35
N TYR K 68 84.02 10.83 72.46
CA TYR K 68 84.22 9.55 73.15
C TYR K 68 83.78 8.38 72.27
N ASP K 69 82.61 8.50 71.64
CA ASP K 69 82.12 7.43 70.78
C ASP K 69 83.06 7.19 69.60
N ALA K 70 83.52 8.27 68.97
CA ALA K 70 84.42 8.13 67.83
C ALA K 70 85.75 7.52 68.25
N ALA K 71 86.30 7.97 69.38
CA ALA K 71 87.59 7.46 69.83
C ALA K 71 87.50 5.97 70.15
N LEU K 72 86.43 5.54 70.81
CA LEU K 72 86.25 4.13 71.12
C LEU K 72 85.54 3.37 70.02
N SER K 73 85.19 4.02 68.91
CA SER K 73 84.54 3.37 67.78
C SER K 73 83.20 2.76 68.17
N LEU K 74 82.57 3.30 69.21
CA LEU K 74 81.24 2.85 69.63
C LEU K 74 80.20 3.39 68.67
N HIS K 75 79.53 2.50 67.94
CA HIS K 75 78.48 2.88 67.01
C HIS K 75 77.14 2.54 67.67
N ARG K 76 76.66 3.46 68.50
CA ARG K 76 75.43 3.27 69.25
C ARG K 76 74.22 3.30 68.31
N GLU K 77 73.17 2.59 68.72
CA GLU K 77 71.90 2.62 68.01
C GLU K 77 70.81 3.00 69.00
N ILE K 78 69.90 3.86 68.55
CA ILE K 78 68.78 4.33 69.37
C ILE K 78 67.50 3.95 68.64
N LEU K 79 66.69 3.11 69.26
CA LEU K 79 65.49 2.57 68.64
C LEU K 79 64.27 2.85 69.51
N CYS K 80 63.19 3.27 68.87
CA CYS K 80 61.91 3.45 69.52
C CYS K 80 60.94 2.41 68.98
N TYR K 81 60.19 1.78 69.89
CA TYR K 81 59.27 0.72 69.48
C TYR K 81 58.25 1.23 68.47
N SER K 82 57.88 2.51 68.56
CA SER K 82 56.81 3.04 67.70
C SER K 82 57.25 3.15 66.25
N LYS K 83 58.54 3.42 66.01
CA LYS K 83 59.02 3.65 64.65
C LYS K 83 60.07 2.66 64.19
N ASP K 84 61.02 2.28 65.04
CA ASP K 84 62.07 1.35 64.65
C ASP K 84 61.68 -0.08 65.03
N ALA K 85 60.55 -0.53 64.50
CA ALA K 85 60.11 -1.89 64.76
C ALA K 85 60.94 -2.91 63.98
N LYS K 86 61.30 -2.56 62.74
CA LYS K 86 62.05 -3.50 61.89
C LYS K 86 63.41 -3.82 62.49
N GLU K 87 64.10 -2.80 63.03
CA GLU K 87 65.42 -3.05 63.60
C GLU K 87 65.31 -3.82 64.92
N ILE K 88 64.24 -3.59 65.67
CA ILE K 88 64.05 -4.30 66.92
C ILE K 88 63.72 -5.77 66.67
N TYR K 89 62.91 -6.05 65.65
CA TYR K 89 62.44 -7.39 65.38
C TYR K 89 63.29 -8.16 64.37
N TYR K 90 64.28 -7.48 63.79
CA TYR K 90 65.12 -8.09 62.76
C TYR K 90 64.24 -8.61 61.67
N THR K 91 63.42 -7.75 61.11
CA THR K 91 62.58 -8.13 59.99
C THR K 91 62.86 -7.14 58.90
N PRO K 92 64.00 -7.29 58.22
CA PRO K 92 64.39 -6.33 57.20
C PRO K 92 63.49 -6.37 55.96
N ASP K 93 63.31 -5.25 55.25
CA ASP K 93 62.40 -5.22 54.11
C ASP K 93 62.92 -6.14 53.00
N PRO K 94 62.01 -6.66 52.16
CA PRO K 94 62.41 -7.56 51.07
C PRO K 94 62.83 -6.81 49.81
N GLU K 329 23.06 -0.85 5.27
CA GLU K 329 22.18 -0.96 6.43
C GLU K 329 21.18 0.19 6.44
N GLU K 330 21.56 1.32 5.85
CA GLU K 330 20.67 2.49 5.83
C GLU K 330 19.44 2.25 4.96
N ILE K 331 19.60 1.49 3.88
CA ILE K 331 18.46 1.19 3.01
C ILE K 331 17.40 0.42 3.78
N THR K 332 17.82 -0.57 4.57
CA THR K 332 16.88 -1.31 5.39
C THR K 332 16.20 -0.40 6.40
N LYS K 333 16.95 0.53 6.99
CA LYS K 333 16.34 1.47 7.93
C LYS K 333 15.28 2.31 7.25
N ASP K 334 15.58 2.82 6.05
CA ASP K 334 14.60 3.64 5.33
C ASP K 334 13.34 2.84 5.03
N HIS K 335 13.51 1.61 4.53
CA HIS K 335 12.34 0.80 4.18
C HIS K 335 11.53 0.45 5.42
N LYS K 336 12.21 0.15 6.53
CA LYS K 336 11.50 -0.16 7.76
C LYS K 336 10.73 1.05 8.27
N VAL K 337 11.31 2.24 8.19
CA VAL K 337 10.61 3.45 8.62
C VAL K 337 9.37 3.67 7.76
N LEU K 338 9.52 3.52 6.45
CA LEU K 338 8.37 3.69 5.56
C LEU K 338 7.28 2.67 5.88
N ALA K 339 7.66 1.41 6.07
CA ALA K 339 6.68 0.38 6.36
C ALA K 339 5.98 0.65 7.70
N ARG K 340 6.74 1.09 8.70
CA ARG K 340 6.15 1.41 9.99
C ARG K 340 5.15 2.55 9.88
N GLN K 341 5.48 3.57 9.08
CA GLN K 341 4.54 4.67 8.91
C GLN K 341 3.30 4.23 8.17
N GLN K 342 3.45 3.35 7.17
CA GLN K 342 2.27 2.82 6.49
C GLN K 342 1.38 2.03 7.45
N LEU K 343 2.00 1.22 8.31
CA LEU K 343 1.24 0.45 9.28
C LEU K 343 0.54 1.37 10.28
N GLN K 344 1.21 2.45 10.69
CA GLN K 344 0.58 3.43 11.57
C GLN K 344 -0.63 4.07 10.90
N VAL K 345 -0.51 4.42 9.63
CA VAL K 345 -1.64 5.00 8.91
C VAL K 345 -2.79 4.00 8.87
N LEU K 346 -2.49 2.74 8.60
CA LEU K 346 -3.54 1.73 8.54
C LEU K 346 -4.21 1.56 9.90
N ALA K 347 -3.43 1.55 10.97
CA ALA K 347 -3.99 1.43 12.32
C ALA K 347 -4.89 2.61 12.65
N ARG K 348 -4.46 3.82 12.27
CA ARG K 348 -5.28 5.00 12.52
C ARG K 348 -6.58 4.93 11.74
N TYR K 349 -6.54 4.43 10.51
CA TYR K 349 -7.76 4.24 9.74
C TYR K 349 -8.67 3.18 10.36
N LEU K 350 -8.08 2.13 10.92
CA LEU K 350 -8.85 1.07 11.55
C LEU K 350 -9.31 1.40 12.96
N LYS K 351 -8.92 2.56 13.49
CA LYS K 351 -9.32 2.97 14.84
C LYS K 351 -8.92 1.92 15.87
N MET K 352 -7.69 1.44 15.77
CA MET K 352 -7.17 0.42 16.66
C MET K 352 -5.99 1.00 17.44
N ASP K 353 -6.05 0.91 18.75
CA ASP K 353 -4.97 1.39 19.61
C ASP K 353 -3.94 0.29 19.78
N LEU K 354 -2.71 0.54 19.35
CA LEU K 354 -1.65 -0.45 19.41
C LEU K 354 -1.00 -0.55 20.79
N ASP K 355 -1.22 0.42 21.67
CA ASP K 355 -0.61 0.43 22.99
C ASP K 355 -1.60 0.16 24.11
N ASN K 356 -2.82 -0.26 23.79
CA ASN K 356 -3.81 -0.53 24.82
C ASN K 356 -3.34 -1.65 25.75
N GLY K 357 -2.78 -2.72 25.16
CA GLY K 357 -2.34 -3.85 25.95
C GLY K 357 -1.23 -3.49 26.91
N GLU K 358 -0.25 -2.73 26.44
CA GLU K 358 0.85 -2.32 27.30
C GLU K 358 0.38 -1.40 28.42
N ARG K 359 -0.56 -0.50 28.10
CA ARG K 359 -1.13 0.37 29.13
C ARG K 359 -1.79 -0.45 30.23
N LYS K 360 -2.63 -1.41 29.84
CA LYS K 360 -3.29 -2.26 30.83
C LYS K 360 -2.26 -3.09 31.60
N PHE K 361 -1.23 -3.56 30.93
CA PHE K 361 -0.20 -4.36 31.60
C PHE K 361 0.52 -3.56 32.66
N LEU K 362 0.76 -2.29 32.40
CA LEU K 362 1.50 -1.46 33.33
C LEU K 362 0.61 -1.13 34.51
N LYS K 363 -0.67 -0.93 34.30
CA LYS K 363 -1.60 -0.77 35.42
C LYS K 363 -1.64 -2.02 36.28
N GLU K 364 -1.69 -3.19 35.65
CA GLU K 364 -1.74 -4.44 36.40
C GLU K 364 -0.46 -4.65 37.20
N LYS K 365 0.69 -4.33 36.65
CA LYS K 365 1.95 -4.47 37.35
C LYS K 365 2.02 -3.58 38.58
N ASP K 366 1.36 -2.44 38.53
CA ASP K 366 1.31 -1.56 39.69
C ASP K 366 0.39 -2.12 40.73
N THR K 367 -0.76 -2.66 40.33
CA THR K 367 -1.63 -3.33 41.29
C THR K 367 -0.90 -4.49 41.96
N VAL K 368 -0.10 -5.24 41.24
CA VAL K 368 0.66 -6.32 41.83
C VAL K 368 1.59 -5.84 42.91
N ALA K 369 2.28 -4.73 42.69
CA ALA K 369 3.22 -4.25 43.65
C ALA K 369 2.49 -3.72 44.85
N GLU K 370 1.31 -3.15 44.66
CA GLU K 370 0.57 -2.75 45.84
C GLU K 370 0.19 -3.96 46.71
N LEU K 371 -0.38 -4.99 46.08
CA LEU K 371 -0.76 -6.18 46.84
C LEU K 371 0.46 -6.84 47.47
N GLN K 372 1.58 -6.90 46.77
CA GLN K 372 2.78 -7.49 47.33
C GLN K 372 3.26 -6.74 48.54
N ALA K 373 3.06 -5.45 48.56
CA ALA K 373 3.51 -4.63 49.66
C ALA K 373 2.66 -4.88 50.85
N GLN K 374 1.36 -5.04 50.63
CA GLN K 374 0.51 -5.41 51.75
C GLN K 374 0.91 -6.76 52.33
N LEU K 375 1.15 -7.75 51.46
CA LEU K 375 1.55 -9.07 51.94
C LEU K 375 2.89 -9.01 52.67
N ASP K 376 3.82 -8.23 52.18
CA ASP K 376 5.11 -8.10 52.83
C ASP K 376 4.99 -7.44 54.18
N TYR K 377 4.13 -6.46 54.33
CA TYR K 377 3.93 -5.87 55.65
C TYR K 377 3.34 -6.88 56.62
N LEU K 378 2.35 -7.65 56.18
CA LEU K 378 1.76 -8.65 57.07
C LEU K 378 2.77 -9.73 57.44
N ASN K 379 3.73 -10.06 56.60
CA ASN K 379 4.69 -11.10 56.92
C ASN K 379 5.74 -10.54 57.83
N ALA K 380 6.06 -9.27 57.68
CA ALA K 380 6.99 -8.66 58.62
C ALA K 380 6.36 -8.42 59.98
N GLU K 381 5.03 -8.35 60.05
CA GLU K 381 4.34 -8.19 61.32
C GLU K 381 4.11 -9.53 62.02
N LEU K 382 3.67 -10.55 61.30
CA LEU K 382 3.35 -11.84 61.89
C LEU K 382 4.51 -12.82 61.89
N GLY K 383 5.40 -12.73 60.91
CA GLY K 383 6.49 -13.66 60.78
C GLY K 383 6.13 -14.85 59.91
N GLU K 384 7.13 -15.52 59.39
CA GLU K 384 6.83 -16.58 58.45
C GLU K 384 6.28 -17.82 59.13
N PHE K 385 6.74 -18.15 60.30
CA PHE K 385 6.22 -19.31 61.01
C PHE K 385 4.71 -19.20 61.27
N PHE K 386 4.24 -18.06 61.74
CA PHE K 386 2.82 -17.87 61.99
C PHE K 386 2.02 -17.88 60.69
N VAL K 387 2.44 -17.12 59.69
CA VAL K 387 1.73 -16.99 58.42
C VAL K 387 1.62 -18.30 57.67
N ASN K 388 2.65 -19.13 57.71
CA ASN K 388 2.56 -20.43 57.11
C ASN K 388 1.82 -21.38 58.01
N GLY K 389 1.78 -21.14 59.31
CA GLY K 389 1.15 -22.03 60.23
C GLY K 389 -0.32 -21.95 60.28
N VAL K 390 -0.89 -20.83 59.90
CA VAL K 390 -2.34 -20.66 59.92
C VAL K 390 -2.99 -21.29 58.69
N ALA K 391 -2.19 -21.99 57.89
CA ALA K 391 -2.72 -22.64 56.69
C ALA K 391 -3.75 -23.70 57.05
N THR K 392 -4.82 -23.76 56.25
CA THR K 392 -5.91 -24.70 56.52
C THR K 392 -5.50 -26.11 56.11
N SER K 393 -6.05 -27.08 56.85
CA SER K 393 -5.78 -28.49 56.66
C SER K 393 -7.04 -29.35 56.71
N PHE K 394 -8.12 -28.87 57.28
CA PHE K 394 -9.30 -29.68 57.41
C PHE K 394 -10.23 -29.71 56.23
N SER K 395 -10.78 -30.86 55.93
CA SER K 395 -11.83 -30.97 54.92
C SER K 395 -12.69 -32.18 55.27
N ARG K 396 -13.96 -32.12 54.95
CA ARG K 396 -14.86 -33.18 55.27
C ARG K 396 -14.66 -34.44 54.44
N LYS K 397 -14.14 -34.32 53.24
CA LYS K 397 -13.96 -35.47 52.36
C LYS K 397 -12.79 -36.32 52.77
N LYS K 398 -11.91 -35.78 53.58
CA LYS K 398 -10.75 -36.52 54.01
C LYS K 398 -11.00 -37.27 55.32
N ALA K 399 -12.15 -37.08 55.95
CA ALA K 399 -12.52 -37.85 57.15
C ALA K 399 -12.56 -39.34 56.95
N ARG K 400 -11.99 -40.09 57.87
CA ARG K 400 -11.96 -41.54 57.78
C ARG K 400 -12.69 -42.22 58.95
N THR K 401 -13.68 -43.03 58.66
CA THR K 401 -14.45 -43.71 59.69
C THR K 401 -14.04 -45.17 59.93
N PHE K 402 -13.98 -45.56 61.19
CA PHE K 402 -13.66 -46.93 61.57
C PHE K 402 -14.74 -47.37 62.52
N ASP K 403 -15.59 -48.32 62.10
CA ASP K 403 -16.62 -48.84 62.98
C ASP K 403 -16.92 -50.32 62.80
N SER K 404 -16.11 -51.07 62.05
CA SER K 404 -16.41 -52.47 61.77
C SER K 404 -15.72 -53.40 62.78
N SER K 405 -16.02 -53.19 64.05
CA SER K 405 -15.52 -54.03 65.14
C SER K 405 -16.04 -55.45 65.13
N TRP K 406 -17.16 -55.69 64.47
CA TRP K 406 -17.73 -57.01 64.35
C TRP K 406 -16.85 -57.94 63.53
N ASN K 407 -16.06 -57.39 62.63
CA ASN K 407 -15.11 -58.15 61.87
C ASN K 407 -13.77 -58.27 62.60
N TRP K 408 -13.30 -57.22 63.26
CA TRP K 408 -12.01 -57.20 63.92
C TRP K 408 -11.99 -58.06 65.13
N ALA K 409 -13.14 -58.29 65.74
CA ALA K 409 -13.20 -59.20 66.88
C ALA K 409 -12.80 -60.61 66.48
N LYS K 410 -13.36 -61.11 65.39
CA LYS K 410 -13.03 -62.45 64.92
C LYS K 410 -11.60 -62.51 64.42
N GLN K 411 -11.08 -61.43 63.83
CA GLN K 411 -9.68 -61.42 63.46
C GLN K 411 -8.79 -61.52 64.69
N SER K 412 -9.10 -60.72 65.71
CA SER K 412 -8.30 -60.70 66.91
C SER K 412 -8.33 -62.04 67.62
N LEU K 413 -9.44 -62.75 67.52
CA LEU K 413 -9.56 -64.08 68.12
C LEU K 413 -8.71 -65.09 67.36
N LEU K 414 -8.80 -65.09 66.03
CA LEU K 414 -7.99 -66.04 65.27
C LEU K 414 -6.51 -65.78 65.48
N SER K 415 -6.11 -64.50 65.51
CA SER K 415 -4.70 -64.18 65.72
C SER K 415 -4.23 -64.72 67.07
N LEU K 416 -5.00 -64.49 68.14
CA LEU K 416 -4.62 -64.98 69.46
C LEU K 416 -4.59 -66.50 69.49
N TYR K 417 -5.58 -67.14 68.89
CA TYR K 417 -5.62 -68.57 68.84
C TYR K 417 -4.39 -69.20 68.18
N PHE K 418 -3.96 -68.66 67.05
CA PHE K 418 -2.78 -69.21 66.39
C PHE K 418 -1.49 -68.78 67.07
N GLU K 419 -1.45 -67.63 67.74
CA GLU K 419 -0.26 -67.25 68.50
C GLU K 419 -0.08 -68.17 69.67
N ILE K 420 -1.16 -68.58 70.32
CA ILE K 420 -1.05 -69.57 71.38
C ILE K 420 -0.59 -70.91 70.80
N ILE K 421 -1.18 -71.37 69.71
CA ILE K 421 -0.82 -72.66 69.16
C ILE K 421 0.63 -72.71 68.65
N HIS K 422 1.20 -71.60 68.23
CA HIS K 422 2.58 -71.57 67.79
C HIS K 422 3.57 -71.25 68.91
N GLY K 423 3.07 -70.99 70.12
CA GLY K 423 3.95 -70.71 71.23
C GLY K 423 4.41 -69.28 71.33
N VAL K 424 3.92 -68.38 70.49
CA VAL K 424 4.29 -66.98 70.54
C VAL K 424 3.72 -66.35 71.79
N LEU K 425 2.58 -66.83 72.26
CA LEU K 425 1.98 -66.34 73.49
C LEU K 425 1.85 -67.52 74.42
N LYS K 426 2.17 -67.31 75.70
CA LYS K 426 2.11 -68.37 76.70
C LYS K 426 1.24 -67.93 77.89
N ASN K 427 1.03 -68.81 78.86
CA ASN K 427 0.12 -68.53 79.98
C ASN K 427 0.65 -67.46 80.93
N VAL K 428 1.93 -67.15 80.90
CA VAL K 428 2.45 -66.21 81.87
C VAL K 428 2.43 -64.79 81.33
N ASP K 429 1.78 -64.56 80.20
CA ASP K 429 1.79 -63.23 79.58
C ASP K 429 0.55 -62.41 79.82
N ARG K 430 0.75 -61.12 80.07
CA ARG K 430 -0.40 -60.23 80.23
C ARG K 430 -1.09 -59.94 78.90
N GLU K 431 -0.40 -60.21 77.78
CA GLU K 431 -1.02 -60.00 76.48
C GLU K 431 -2.28 -60.84 76.32
N VAL K 432 -2.26 -62.06 76.88
CA VAL K 432 -3.45 -62.91 76.82
C VAL K 432 -4.61 -62.24 77.55
N VAL K 433 -4.35 -61.67 78.72
CA VAL K 433 -5.41 -61.02 79.49
C VAL K 433 -5.95 -59.81 78.74
N SER K 434 -5.05 -58.99 78.19
CA SER K 434 -5.49 -57.79 77.49
C SER K 434 -6.31 -58.13 76.25
N GLU K 435 -5.87 -59.14 75.49
CA GLU K 435 -6.60 -59.52 74.29
C GLU K 435 -7.92 -60.18 74.65
N ALA K 436 -7.98 -60.91 75.77
CA ALA K 436 -9.24 -61.44 76.25
C ALA K 436 -10.21 -60.31 76.58
N ILE K 437 -9.70 -59.25 77.23
CA ILE K 437 -10.55 -58.09 77.52
C ILE K 437 -11.07 -57.47 76.23
N ASN K 438 -10.18 -57.28 75.25
CA ASN K 438 -10.60 -56.65 74.00
C ASN K 438 -11.61 -57.50 73.25
N ILE K 439 -11.45 -58.82 73.29
CA ILE K 439 -12.41 -59.72 72.67
C ILE K 439 -13.76 -59.66 73.39
N MET K 440 -13.72 -59.67 74.72
CA MET K 440 -14.96 -59.58 75.50
C MET K 440 -15.70 -58.27 75.23
N ASN K 441 -14.97 -57.19 74.99
CA ASN K 441 -15.60 -55.90 74.72
C ASN K 441 -16.35 -55.88 73.40
N ARG K 442 -16.22 -56.92 72.57
CA ARG K 442 -16.86 -56.97 71.28
C ARG K 442 -17.63 -58.27 71.18
N SER K 443 -18.21 -58.72 72.26
CA SER K 443 -18.88 -60.01 72.30
C SER K 443 -20.31 -59.92 71.76
N ASN K 444 -20.65 -60.86 70.88
CA ASN K 444 -22.01 -61.01 70.39
C ASN K 444 -22.21 -62.48 70.02
N ASP K 445 -23.36 -62.78 69.42
CA ASP K 445 -23.72 -64.17 69.15
C ASP K 445 -22.83 -64.78 68.07
N ALA K 446 -22.58 -64.07 66.99
CA ALA K 446 -21.76 -64.64 65.94
C ALA K 446 -20.32 -64.85 66.39
N LEU K 447 -19.79 -63.95 67.21
CA LEU K 447 -18.46 -64.16 67.75
C LEU K 447 -18.43 -65.40 68.64
N ILE K 448 -19.49 -65.63 69.40
CA ILE K 448 -19.53 -66.79 70.29
C ILE K 448 -19.59 -68.08 69.48
N LYS K 449 -20.34 -68.13 68.40
CA LYS K 449 -20.35 -69.32 67.53
C LYS K 449 -19.04 -69.53 66.81
N PHE K 450 -18.36 -68.44 66.46
CA PHE K 450 -17.06 -68.51 65.86
C PHE K 450 -16.09 -69.13 66.86
N MET K 451 -16.07 -68.66 68.11
CA MET K 451 -15.22 -69.23 69.14
C MET K 451 -15.56 -70.69 69.40
N GLU K 452 -16.83 -71.01 69.51
CA GLU K 452 -17.19 -72.35 69.85
C GLU K 452 -16.75 -73.34 68.79
N TYR K 453 -16.84 -72.96 67.54
CA TYR K 453 -16.40 -73.86 66.50
C TYR K 453 -14.92 -74.06 66.59
N HIS K 454 -14.18 -72.97 66.59
CA HIS K 454 -12.75 -73.13 66.53
C HIS K 454 -12.17 -73.82 67.76
N ILE K 455 -12.78 -73.61 68.94
CA ILE K 455 -12.26 -74.29 70.12
C ILE K 455 -12.71 -75.74 70.16
N SER K 456 -13.96 -76.03 69.88
CA SER K 456 -14.44 -77.40 69.91
C SER K 456 -13.83 -78.31 68.88
N ASN K 457 -13.19 -77.77 67.87
CA ASN K 457 -12.62 -78.58 66.82
C ASN K 457 -11.14 -78.63 67.01
N THR K 458 -10.68 -78.18 68.16
CA THR K 458 -9.28 -78.24 68.47
C THR K 458 -8.97 -79.62 69.01
N ASP K 459 -7.95 -80.25 68.49
CA ASP K 459 -7.52 -81.57 68.92
C ASP K 459 -6.42 -81.37 69.95
N GLU K 460 -6.78 -81.44 71.23
CA GLU K 460 -5.83 -81.20 72.31
C GLU K 460 -4.74 -82.27 72.39
N THR K 461 -4.92 -83.40 71.70
CA THR K 461 -3.92 -84.47 71.70
C THR K 461 -2.80 -84.23 70.70
N LYS K 462 -2.78 -83.06 70.04
CA LYS K 462 -1.71 -82.71 69.13
C LYS K 462 -0.54 -82.02 69.81
N GLY K 463 -0.72 -81.52 71.02
CA GLY K 463 0.39 -80.91 71.73
C GLY K 463 -0.07 -80.13 72.94
N GLU K 464 0.91 -79.78 73.77
CA GLU K 464 0.64 -78.99 74.96
C GLU K 464 0.05 -77.62 74.59
N ASN K 465 0.54 -77.03 73.50
CA ASN K 465 -0.02 -75.77 73.05
C ASN K 465 -1.47 -75.92 72.64
N TYR K 466 -1.82 -77.04 72.02
CA TYR K 466 -3.19 -77.28 71.63
C TYR K 466 -4.09 -77.44 72.84
N GLN K 467 -3.64 -78.17 73.85
CA GLN K 467 -4.41 -78.27 75.08
C GLN K 467 -4.56 -76.90 75.75
N LEU K 468 -3.48 -76.12 75.74
CA LEU K 468 -3.52 -74.78 76.32
C LEU K 468 -4.56 -73.92 75.62
N VAL K 469 -4.59 -73.96 74.28
CA VAL K 469 -5.53 -73.14 73.54
C VAL K 469 -6.96 -73.61 73.80
N LYS K 470 -7.16 -74.92 73.91
CA LYS K 470 -8.51 -75.42 74.22
C LYS K 470 -8.99 -74.90 75.57
N THR K 471 -8.14 -74.99 76.59
CA THR K 471 -8.55 -74.53 77.92
C THR K 471 -8.83 -73.03 77.91
N LEU K 472 -7.89 -72.25 77.37
CA LEU K 472 -8.05 -70.79 77.34
C LEU K 472 -9.30 -70.42 76.55
N GLY K 473 -9.55 -71.09 75.43
CA GLY K 473 -10.69 -70.75 74.60
C GLY K 473 -12.01 -71.08 75.26
N GLU K 474 -12.08 -72.21 75.96
CA GLU K 474 -13.32 -72.52 76.68
C GLU K 474 -13.59 -71.49 77.76
N GLN K 475 -12.55 -71.10 78.51
CA GLN K 475 -12.75 -70.06 79.51
C GLN K 475 -13.21 -68.76 78.87
N LEU K 476 -12.60 -68.38 77.74
CA LEU K 476 -12.97 -67.15 77.08
C LEU K 476 -14.39 -67.21 76.54
N ILE K 477 -14.81 -68.37 76.05
CA ILE K 477 -16.19 -68.54 75.60
C ILE K 477 -17.15 -68.31 76.75
N GLU K 478 -16.85 -68.87 77.92
CA GLU K 478 -17.69 -68.64 79.08
C GLU K 478 -17.75 -67.15 79.42
N ASN K 479 -16.61 -66.48 79.39
CA ASN K 479 -16.59 -65.05 79.75
C ASN K 479 -17.41 -64.23 78.76
N CYS K 480 -17.28 -64.50 77.47
CA CYS K 480 -18.00 -63.72 76.47
C CYS K 480 -19.49 -64.03 76.48
N LYS K 481 -19.88 -65.23 76.92
CA LYS K 481 -21.29 -65.47 77.17
C LYS K 481 -21.77 -64.66 78.37
N GLN K 482 -20.94 -64.56 79.41
CA GLN K 482 -21.33 -63.81 80.60
C GLN K 482 -21.52 -62.33 80.30
N VAL K 483 -20.65 -61.73 79.48
CA VAL K 483 -20.74 -60.30 79.18
C VAL K 483 -21.47 -60.03 77.87
N LEU K 484 -22.28 -60.98 77.40
CA LEU K 484 -22.94 -60.83 76.11
C LEU K 484 -23.79 -59.57 76.05
N ASP K 485 -24.38 -59.15 77.17
CA ASP K 485 -25.23 -57.97 77.22
C ASP K 485 -24.70 -56.88 78.12
N VAL K 486 -23.46 -56.97 78.57
CA VAL K 486 -22.86 -55.96 79.45
C VAL K 486 -22.15 -54.93 78.60
N ASP K 487 -22.11 -53.69 79.06
CA ASP K 487 -21.42 -52.63 78.36
C ASP K 487 -19.92 -52.82 78.38
N PRO K 488 -19.23 -52.48 77.28
CA PRO K 488 -17.78 -52.61 77.24
C PRO K 488 -17.11 -51.71 78.27
N VAL K 489 -15.95 -52.15 78.72
CA VAL K 489 -15.23 -51.43 79.75
C VAL K 489 -13.79 -51.17 79.41
N TYR K 490 -13.28 -50.05 79.86
CA TYR K 490 -11.88 -49.76 79.71
C TYR K 490 -11.18 -50.37 80.91
N LYS K 491 -10.31 -51.33 80.69
CA LYS K 491 -9.59 -52.03 81.75
C LYS K 491 -8.16 -52.25 81.30
N ASP K 492 -7.21 -51.62 81.98
CA ASP K 492 -5.79 -51.71 81.64
C ASP K 492 -5.12 -52.68 82.61
N VAL K 493 -4.52 -53.74 82.06
CA VAL K 493 -3.88 -54.77 82.86
C VAL K 493 -2.37 -54.81 82.60
N ALA K 494 -1.81 -53.72 82.10
CA ALA K 494 -0.39 -53.69 81.81
C ALA K 494 0.43 -53.58 83.09
N LYS K 495 1.61 -54.19 83.09
CA LYS K 495 2.50 -54.11 84.24
C LYS K 495 3.00 -52.68 84.43
N PRO K 496 2.74 -52.10 85.61
CA PRO K 496 3.28 -50.76 85.87
C PRO K 496 4.80 -50.72 85.90
N THR K 497 5.42 -49.80 85.17
CA THR K 497 6.88 -49.70 85.10
C THR K 497 7.42 -48.39 85.64
N GLY K 498 8.67 -48.39 86.09
CA GLY K 498 9.28 -47.21 86.64
C GLY K 498 10.54 -46.81 85.88
N PRO K 499 11.05 -45.61 86.15
CA PRO K 499 12.25 -45.14 85.45
C PRO K 499 13.52 -45.74 86.03
N LYS K 500 14.47 -46.05 85.17
CA LYS K 500 15.75 -46.63 85.57
C LYS K 500 16.82 -46.15 84.60
N THR K 501 17.80 -45.40 85.10
CA THR K 501 18.91 -44.90 84.30
C THR K 501 20.19 -45.53 84.81
N ALA K 502 20.97 -46.10 83.89
CA ALA K 502 22.21 -46.80 84.23
C ALA K 502 23.37 -46.23 83.41
N ILE K 503 24.54 -46.18 84.03
CA ILE K 503 25.77 -45.73 83.38
C ILE K 503 26.73 -46.90 83.34
N ASP K 504 27.19 -47.24 82.14
CA ASP K 504 28.12 -48.36 81.96
C ASP K 504 29.51 -47.97 82.46
N LYS K 505 30.45 -48.90 82.34
CA LYS K 505 31.84 -48.63 82.74
C LYS K 505 32.50 -47.61 81.81
N ASN K 506 32.15 -47.61 80.53
CA ASN K 506 32.68 -46.65 79.57
C ASN K 506 31.92 -45.33 79.58
N GLY K 507 30.97 -45.15 80.49
CA GLY K 507 30.21 -43.93 80.54
C GLY K 507 29.01 -43.89 79.61
N ASN K 508 28.50 -45.05 79.22
CA ASN K 508 27.32 -45.13 78.37
C ASN K 508 26.07 -44.99 79.23
N ILE K 509 25.19 -44.06 78.86
CA ILE K 509 23.94 -43.82 79.58
C ILE K 509 22.84 -44.58 78.87
N THR K 510 22.14 -45.44 79.62
CA THR K 510 21.00 -46.19 79.10
C THR K 510 19.81 -46.00 80.03
N TYR K 511 18.66 -45.68 79.44
CA TYR K 511 17.41 -45.53 80.17
C TYR K 511 16.44 -46.61 79.74
N SER K 512 15.80 -47.25 80.72
CA SER K 512 14.82 -48.28 80.46
C SER K 512 13.68 -48.17 81.46
N GLU K 513 12.53 -48.71 81.08
CA GLU K 513 11.38 -48.75 81.97
C GLU K 513 11.34 -50.14 82.56
N GLU K 514 11.60 -50.25 83.84
CA GLU K 514 11.66 -51.53 84.52
C GLU K 514 10.42 -51.75 85.38
N PRO K 515 9.94 -52.98 85.51
CA PRO K 515 8.75 -53.21 86.36
C PRO K 515 8.97 -52.69 87.77
N ARG K 516 7.98 -51.98 88.28
CA ARG K 516 8.07 -51.47 89.65
C ARG K 516 8.00 -52.62 90.65
N GLU K 517 8.69 -52.45 91.77
CA GLU K 517 8.79 -53.52 92.75
C GLU K 517 7.50 -53.68 93.53
N LYS K 518 7.05 -52.62 94.20
CA LYS K 518 5.89 -52.71 95.10
C LYS K 518 4.56 -52.54 94.39
N VAL K 519 4.55 -52.30 93.08
CA VAL K 519 3.32 -52.09 92.33
C VAL K 519 3.36 -52.99 91.10
N ARG K 520 2.39 -53.91 90.99
CA ARG K 520 2.30 -54.81 89.86
C ARG K 520 0.94 -54.76 89.18
N LYS K 521 0.00 -53.96 89.70
CA LYS K 521 -1.32 -53.83 89.15
C LYS K 521 -1.76 -52.38 89.30
N LEU K 522 -2.78 -51.99 88.54
CA LEU K 522 -3.29 -50.63 88.66
C LEU K 522 -3.97 -50.41 90.00
N SER K 523 -4.56 -51.45 90.59
CA SER K 523 -5.15 -51.29 91.92
C SER K 523 -4.09 -50.95 92.95
N GLN K 524 -2.94 -51.62 92.89
CA GLN K 524 -1.83 -51.26 93.77
C GLN K 524 -1.32 -49.87 93.45
N TYR K 525 -1.40 -49.47 92.18
CA TYR K 525 -1.01 -48.11 91.80
C TYR K 525 -1.92 -47.08 92.47
N VAL K 526 -3.22 -47.33 92.48
CA VAL K 526 -4.15 -46.43 93.16
C VAL K 526 -3.90 -46.43 94.66
N GLN K 527 -3.58 -47.57 95.23
CA GLN K 527 -3.25 -47.63 96.63
C GLN K 527 -2.04 -46.76 96.94
N GLU K 528 -1.00 -46.91 96.16
CA GLU K 528 0.18 -46.09 96.33
C GLU K 528 -0.09 -44.61 96.19
N MET K 529 -0.95 -44.20 95.25
CA MET K 529 -1.29 -42.79 95.11
C MET K 529 -2.06 -42.29 96.32
N ALA K 530 -3.01 -43.10 96.80
CA ALA K 530 -3.79 -42.70 97.97
C ALA K 530 -2.91 -42.54 99.20
N LEU K 531 -1.97 -43.45 99.45
CA LEU K 531 -1.14 -43.33 100.63
C LEU K 531 -0.45 -42.00 100.60
N GLY K 532 0.33 -41.77 99.57
CA GLY K 532 1.06 -40.52 99.44
C GLY K 532 2.48 -40.77 99.83
N GLY K 533 3.10 -39.79 100.47
CA GLY K 533 4.47 -39.95 100.90
C GLY K 533 4.83 -38.99 102.02
N PRO K 534 6.00 -39.20 102.63
CA PRO K 534 6.44 -38.28 103.69
C PRO K 534 6.55 -36.84 103.23
N ILE K 535 6.87 -36.61 101.96
CA ILE K 535 7.02 -35.25 101.42
C ILE K 535 5.71 -34.51 101.36
N THR K 536 4.63 -35.23 101.16
CA THR K 536 3.31 -34.62 101.02
C THR K 536 2.57 -34.41 102.34
N LYS K 537 3.19 -34.83 103.43
CA LYS K 537 2.57 -34.69 104.75
C LYS K 537 2.55 -33.23 105.13
N GLU K 538 1.36 -32.70 105.36
CA GLU K 538 1.20 -31.29 105.65
C GLU K 538 1.36 -30.96 107.13
N ASP K 603 -4.20 -62.65 92.67
CA ASP K 603 -4.31 -62.64 91.19
C ASP K 603 -3.30 -63.62 90.58
N ALA K 604 -3.61 -64.11 89.37
CA ALA K 604 -2.80 -65.09 88.60
C ALA K 604 -1.96 -64.41 87.51
N LEU K 605 -1.89 -63.06 87.47
CA LEU K 605 -1.07 -62.30 86.48
C LEU K 605 0.39 -62.76 86.57
N ASP K 606 1.01 -62.98 85.41
CA ASP K 606 2.44 -63.40 85.22
C ASP K 606 2.66 -64.86 85.62
N LYS K 607 1.63 -65.62 86.02
CA LYS K 607 1.76 -67.06 86.38
C LYS K 607 0.72 -67.92 85.65
N ASP K 608 -0.56 -67.52 85.59
CA ASP K 608 -1.65 -68.30 84.91
C ASP K 608 -2.65 -67.32 84.27
N SER K 609 -2.40 -66.96 83.01
CA SER K 609 -3.26 -66.02 82.24
C SER K 609 -4.68 -66.59 82.13
N THR K 610 -4.80 -67.91 81.97
CA THR K 610 -6.11 -68.62 81.91
C THR K 610 -6.93 -68.37 83.17
N LYS K 611 -6.30 -68.44 84.34
CA LYS K 611 -6.96 -68.12 85.63
C LYS K 611 -7.32 -66.64 85.65
N GLU K 612 -6.42 -65.76 85.22
CA GLU K 612 -6.72 -64.30 85.21
C GLU K 612 -7.89 -64.02 84.28
N VAL K 613 -7.99 -64.77 83.17
CA VAL K 613 -9.08 -64.59 82.18
C VAL K 613 -10.38 -65.00 82.83
N ALA K 614 -10.40 -66.13 83.56
CA ALA K 614 -11.61 -66.63 84.26
C ALA K 614 -12.15 -65.57 85.25
N SER K 615 -11.29 -64.72 85.80
CA SER K 615 -11.67 -63.68 86.79
C SER K 615 -12.30 -62.44 86.12
N LEU K 616 -12.12 -62.24 84.81
CA LEU K 616 -12.35 -60.92 84.16
C LEU K 616 -13.81 -60.49 84.23
N PRO K 617 -14.82 -61.39 84.07
CA PRO K 617 -16.20 -60.93 84.14
C PRO K 617 -16.68 -60.59 85.57
N ASN K 618 -16.01 -61.13 86.59
CA ASN K 618 -16.43 -61.06 88.01
C ASN K 618 -16.20 -59.66 88.54
N LYS K 619 -17.28 -58.89 88.73
CA LYS K 619 -17.22 -57.54 89.37
C LYS K 619 -16.82 -57.74 90.84
N SER K 620 -15.55 -57.54 91.14
CA SER K 620 -14.95 -57.62 92.49
C SER K 620 -15.60 -56.55 93.39
N SER K 623 -13.89 -54.87 101.51
CA SER K 623 -15.01 -54.00 101.19
C SER K 623 -14.76 -52.58 101.65
N LYS K 624 -13.50 -52.25 101.89
CA LYS K 624 -13.11 -50.90 102.32
C LYS K 624 -12.52 -50.14 101.14
N THR K 625 -12.98 -48.91 100.95
CA THR K 625 -12.47 -48.08 99.88
C THR K 625 -10.99 -47.79 100.11
N VAL K 626 -10.35 -47.12 99.16
CA VAL K 626 -8.97 -46.75 99.33
C VAL K 626 -8.90 -45.38 99.94
N SER K 627 -9.98 -44.61 99.87
CA SER K 627 -9.97 -43.30 100.52
C SER K 627 -9.88 -43.44 102.03
N SER K 628 -10.41 -44.53 102.58
CA SER K 628 -10.26 -44.77 104.02
C SER K 628 -8.79 -44.92 104.40
N THR K 629 -8.01 -45.59 103.56
CA THR K 629 -6.61 -45.82 103.81
C THR K 629 -5.73 -44.61 103.58
N ILE K 630 -6.31 -43.46 103.31
CA ILE K 630 -5.52 -42.23 103.20
C ILE K 630 -5.17 -41.75 104.61
N PRO K 631 -3.87 -41.68 104.91
CA PRO K 631 -3.46 -41.15 106.21
C PRO K 631 -3.94 -39.74 106.45
N ARG K 632 -4.24 -39.39 107.68
CA ARG K 632 -4.58 -38.01 107.98
C ARG K 632 -3.34 -37.13 107.89
N GLU K 633 -3.56 -35.86 107.62
CA GLU K 633 -2.47 -34.88 107.49
C GLU K 633 -1.53 -35.24 106.34
N THR K 634 -2.07 -35.90 105.31
CA THR K 634 -1.29 -36.29 104.14
C THR K 634 -2.05 -35.89 102.89
N ILE K 635 -1.34 -35.38 101.90
CA ILE K 635 -1.90 -35.07 100.59
C ILE K 635 -1.63 -36.27 99.67
N PRO K 636 -2.66 -36.92 99.14
CA PRO K 636 -2.41 -38.01 98.18
C PRO K 636 -1.73 -37.48 96.92
N PHE K 637 -0.98 -38.33 96.22
CA PHE K 637 -0.29 -37.91 95.00
C PHE K 637 -1.32 -37.45 93.97
N LEU K 638 -2.46 -38.11 93.88
CA LEU K 638 -3.55 -37.65 93.04
C LEU K 638 -4.68 -37.19 93.95
N HIS K 639 -5.15 -35.96 93.77
CA HIS K 639 -6.20 -35.42 94.61
C HIS K 639 -6.93 -34.33 93.85
N LEU K 640 -8.10 -33.95 94.37
CA LEU K 640 -8.87 -32.86 93.82
C LEU K 640 -8.77 -31.68 94.73
N ARG K 641 -9.13 -30.51 94.25
CA ARG K 641 -8.99 -29.31 95.02
C ARG K 641 -10.30 -28.57 95.07
N LYS K 642 -10.43 -27.65 96.01
CA LYS K 642 -11.63 -26.90 96.16
C LYS K 642 -11.27 -25.47 96.38
N LYS K 643 -12.08 -24.58 95.85
CA LYS K 643 -11.80 -23.19 95.95
C LYS K 643 -12.37 -22.64 97.26
N THR K 644 -11.60 -21.82 97.92
CA THR K 644 -12.00 -21.20 99.18
C THR K 644 -12.61 -19.83 98.92
N PRO K 645 -13.47 -19.35 99.83
CA PRO K 645 -14.01 -17.99 99.66
C PRO K 645 -12.96 -16.94 99.29
N ALA K 646 -11.69 -17.16 99.60
CA ALA K 646 -10.63 -16.24 99.20
C ALA K 646 -10.15 -16.48 97.78
N GLY K 647 -10.61 -17.56 97.13
CA GLY K 647 -10.33 -17.78 95.73
C GLY K 647 -9.14 -18.66 95.43
N ASP K 648 -8.49 -19.23 96.44
CA ASP K 648 -7.35 -20.12 96.23
C ASP K 648 -7.81 -21.57 96.35
N TRP K 649 -7.23 -22.43 95.53
CA TRP K 649 -7.61 -23.82 95.50
C TRP K 649 -6.78 -24.64 96.45
N LYS K 650 -7.43 -25.44 97.25
CA LYS K 650 -6.75 -26.20 98.29
C LYS K 650 -7.25 -27.64 98.28
N TYR K 651 -6.38 -28.54 98.72
CA TYR K 651 -6.70 -29.96 98.75
C TYR K 651 -7.97 -30.20 99.55
N ASP K 652 -8.84 -31.05 99.00
CA ASP K 652 -10.11 -31.39 99.63
C ASP K 652 -10.17 -32.90 99.84
N ARG K 653 -10.36 -33.32 101.09
CA ARG K 653 -10.36 -34.74 101.40
C ARG K 653 -11.53 -35.45 100.73
N GLN K 654 -12.72 -34.84 100.73
CA GLN K 654 -13.91 -35.53 100.25
C GLN K 654 -13.90 -35.70 98.73
N LEU K 655 -13.60 -34.64 98.01
CA LEU K 655 -13.52 -34.70 96.57
C LEU K 655 -12.43 -35.66 96.13
N SER K 656 -11.28 -35.61 96.79
CA SER K 656 -10.18 -36.51 96.47
C SER K 656 -10.57 -37.95 96.76
N SER K 657 -11.34 -38.18 97.83
CA SER K 657 -11.83 -39.52 98.12
C SER K 657 -12.75 -40.01 97.02
N LEU K 658 -13.64 -39.14 96.54
CA LEU K 658 -14.49 -39.48 95.40
C LEU K 658 -13.63 -39.92 94.22
N PHE K 659 -12.64 -39.11 93.86
CA PHE K 659 -11.82 -39.38 92.68
C PHE K 659 -11.04 -40.67 92.84
N LEU K 660 -10.45 -40.89 94.01
CA LEU K 660 -9.63 -42.10 94.22
C LEU K 660 -10.50 -43.35 94.29
N ASP K 661 -11.70 -43.24 94.88
CA ASP K 661 -12.62 -44.37 94.89
C ASP K 661 -13.02 -44.74 93.46
N GLY K 662 -13.30 -43.73 92.64
CA GLY K 662 -13.58 -44.01 91.23
C GLY K 662 -12.43 -44.67 90.53
N LEU K 663 -11.20 -44.21 90.80
CA LEU K 663 -10.03 -44.83 90.18
C LEU K 663 -9.89 -46.29 90.61
N GLU K 664 -10.13 -46.58 91.89
CA GLU K 664 -10.07 -47.95 92.37
C GLU K 664 -11.13 -48.82 91.68
N LYS K 665 -12.36 -48.33 91.61
CA LYS K 665 -13.41 -49.09 90.94
C LYS K 665 -13.05 -49.37 89.50
N ALA K 666 -12.40 -48.42 88.84
CA ALA K 666 -11.96 -48.61 87.47
C ALA K 666 -10.92 -49.67 87.40
N ALA K 667 -9.93 -49.59 88.24
CA ALA K 667 -8.85 -50.57 88.22
C ALA K 667 -9.37 -51.98 88.49
N PHE K 668 -10.42 -52.11 89.30
CA PHE K 668 -10.98 -53.43 89.59
C PHE K 668 -11.97 -53.90 88.53
N ASN K 669 -12.96 -53.10 88.19
CA ASN K 669 -14.00 -53.55 87.30
C ASN K 669 -14.02 -52.98 85.91
N GLY K 670 -13.20 -51.99 85.63
CA GLY K 670 -13.26 -51.35 84.34
C GLY K 670 -14.36 -50.33 84.25
N VAL K 671 -14.15 -49.27 83.51
CA VAL K 671 -15.16 -48.23 83.33
C VAL K 671 -15.73 -48.21 81.91
N THR K 672 -17.01 -47.96 81.76
CA THR K 672 -17.61 -47.87 80.46
C THR K 672 -17.67 -46.45 79.95
N PHE K 673 -17.65 -46.25 78.64
CA PHE K 673 -17.79 -44.92 78.06
C PHE K 673 -18.79 -44.96 76.94
N LYS K 674 -19.71 -45.89 77.01
CA LYS K 674 -20.71 -46.03 75.97
C LYS K 674 -21.64 -44.83 75.93
N ASP K 675 -22.02 -44.39 74.74
CA ASP K 675 -22.83 -43.17 74.61
C ASP K 675 -22.07 -41.90 74.93
N LYS K 676 -20.75 -41.95 74.99
CA LYS K 676 -19.97 -40.74 75.18
C LYS K 676 -19.43 -40.34 73.82
N TYR K 677 -19.59 -39.08 73.48
CA TYR K 677 -19.08 -38.52 72.24
C TYR K 677 -17.95 -37.60 72.59
N VAL K 678 -16.76 -37.88 72.12
CA VAL K 678 -15.56 -37.17 72.54
C VAL K 678 -14.86 -36.61 71.31
N LEU K 679 -14.38 -35.37 71.43
CA LEU K 679 -13.43 -34.79 70.49
C LEU K 679 -12.10 -34.66 71.20
N ILE K 680 -11.04 -35.20 70.60
CA ILE K 680 -9.70 -35.15 71.18
C ILE K 680 -8.73 -34.71 70.12
N THR K 681 -7.90 -33.73 70.48
CA THR K 681 -6.86 -33.25 69.60
C THR K 681 -5.56 -33.49 70.32
N GLY K 682 -4.45 -33.57 69.60
CA GLY K 682 -3.17 -33.84 70.21
C GLY K 682 -2.93 -35.26 70.63
N ALA K 683 -3.59 -36.22 70.00
CA ALA K 683 -3.46 -37.63 70.35
C ALA K 683 -2.70 -38.46 69.35
N GLY K 684 -1.57 -38.02 68.83
CA GLY K 684 -0.77 -38.86 67.95
C GLY K 684 0.13 -39.88 68.62
N LYS K 685 0.69 -40.79 67.86
CA LYS K 685 1.51 -41.85 68.43
C LYS K 685 2.59 -41.36 69.37
N GLY K 686 2.70 -42.00 70.51
CA GLY K 686 3.70 -41.63 71.50
C GLY K 686 3.28 -40.55 72.47
N SER K 687 2.01 -40.19 72.48
CA SER K 687 1.53 -39.12 73.32
C SER K 687 0.60 -39.60 74.41
N ILE K 688 0.27 -38.72 75.34
CA ILE K 688 -0.68 -39.05 76.38
C ILE K 688 -2.05 -39.22 75.77
N GLY K 689 -2.44 -38.37 74.81
CA GLY K 689 -3.70 -38.47 74.14
C GLY K 689 -3.94 -39.79 73.45
N ALA K 690 -2.91 -40.41 72.92
CA ALA K 690 -3.05 -41.69 72.28
C ALA K 690 -3.50 -42.76 73.26
N GLU K 691 -2.96 -42.74 74.47
CA GLU K 691 -3.36 -43.69 75.49
C GLU K 691 -4.77 -43.35 75.99
N VAL K 692 -5.12 -42.09 76.06
CA VAL K 692 -6.48 -41.69 76.37
C VAL K 692 -7.45 -42.23 75.32
N LEU K 693 -7.06 -42.13 74.05
CA LEU K 693 -7.92 -42.58 72.95
C LEU K 693 -8.10 -44.09 72.99
N GLN K 694 -7.10 -44.88 73.30
CA GLN K 694 -7.27 -46.33 73.41
C GLN K 694 -8.22 -46.73 74.51
N GLY K 695 -8.15 -46.06 75.64
CA GLY K 695 -9.06 -46.29 76.71
C GLY K 695 -10.45 -45.85 76.39
N LEU K 696 -10.60 -44.73 75.69
CA LEU K 696 -11.94 -44.35 75.28
C LEU K 696 -12.54 -45.37 74.31
N LEU K 697 -11.76 -45.82 73.34
CA LEU K 697 -12.26 -46.81 72.39
C LEU K 697 -12.59 -48.13 73.09
N GLN K 698 -11.79 -48.51 74.08
CA GLN K 698 -12.06 -49.74 74.80
C GLN K 698 -13.42 -49.69 75.50
N GLY K 699 -13.77 -48.53 76.06
CA GLY K 699 -15.02 -48.35 76.76
C GLY K 699 -16.23 -48.10 75.89
N GLY K 700 -16.06 -48.06 74.56
CA GLY K 700 -17.19 -47.94 73.66
C GLY K 700 -17.55 -46.53 73.23
N ALA K 701 -16.66 -45.57 73.40
CA ALA K 701 -16.97 -44.18 73.07
C ALA K 701 -16.98 -43.97 71.56
N LYS K 702 -17.69 -42.91 71.14
CA LYS K 702 -17.63 -42.40 69.79
C LYS K 702 -16.66 -41.22 69.80
N VAL K 703 -15.52 -41.37 69.13
CA VAL K 703 -14.43 -40.42 69.22
C VAL K 703 -14.09 -39.90 67.83
N VAL K 704 -13.92 -38.59 67.73
CA VAL K 704 -13.29 -37.96 66.57
C VAL K 704 -11.91 -37.49 67.03
N VAL K 705 -10.87 -38.03 66.40
CA VAL K 705 -9.49 -37.67 66.72
C VAL K 705 -8.92 -36.89 65.55
N THR K 706 -8.23 -35.82 65.84
CA THR K 706 -7.63 -34.97 64.85
C THR K 706 -6.17 -35.34 64.64
N THR K 707 -5.59 -34.91 63.54
CA THR K 707 -4.18 -35.15 63.24
C THR K 707 -3.65 -33.99 62.43
N SER K 708 -2.46 -33.52 62.73
CA SER K 708 -1.81 -32.45 61.96
C SER K 708 -0.88 -33.04 60.92
N ARG K 709 -0.71 -34.35 60.91
CA ARG K 709 0.11 -35.02 59.92
C ARG K 709 -0.66 -36.11 59.22
N PHE K 710 -1.81 -35.79 58.66
CA PHE K 710 -2.62 -36.74 57.92
C PHE K 710 -1.85 -37.39 56.78
N SER K 711 -1.73 -38.71 56.83
CA SER K 711 -0.95 -39.47 55.86
C SER K 711 -1.44 -40.91 55.87
N LYS K 712 -0.83 -41.77 55.08
CA LYS K 712 -1.26 -43.15 55.00
C LYS K 712 -0.70 -43.89 56.13
N GLN K 713 0.40 -43.41 56.65
CA GLN K 713 0.97 -44.00 57.83
C GLN K 713 0.11 -43.73 59.06
N VAL K 714 -0.39 -42.52 59.21
CA VAL K 714 -1.20 -42.18 60.36
C VAL K 714 -2.55 -42.84 60.28
N THR K 715 -3.12 -42.95 59.09
CA THR K 715 -4.40 -43.59 58.94
C THR K 715 -4.26 -45.08 59.21
N ASP K 716 -3.15 -45.68 58.84
CA ASP K 716 -2.89 -47.08 59.16
C ASP K 716 -2.61 -47.29 60.65
N TYR K 717 -2.09 -46.31 61.32
CA TYR K 717 -1.85 -46.40 62.74
C TYR K 717 -3.19 -46.39 63.46
N TYR K 718 -4.07 -45.52 63.03
CA TYR K 718 -5.38 -45.43 63.64
C TYR K 718 -6.26 -46.61 63.29
N GLN K 719 -6.12 -47.24 62.14
CA GLN K 719 -6.86 -48.45 61.82
C GLN K 719 -6.44 -49.55 62.74
N SER K 720 -5.14 -49.67 62.95
CA SER K 720 -4.60 -50.72 63.79
C SER K 720 -5.07 -50.54 65.22
N ILE K 721 -5.15 -49.31 65.70
CA ILE K 721 -5.63 -49.06 67.03
C ILE K 721 -7.11 -49.41 67.16
N TYR K 722 -7.93 -49.01 66.22
CA TYR K 722 -9.35 -49.41 66.27
C TYR K 722 -9.60 -50.90 66.17
N ALA K 723 -8.86 -51.58 65.33
CA ALA K 723 -9.00 -53.00 65.16
C ALA K 723 -8.51 -53.72 66.38
N LYS K 724 -7.66 -53.16 67.21
CA LYS K 724 -7.28 -53.82 68.44
C LYS K 724 -8.17 -53.46 69.62
N TYR K 725 -8.53 -52.20 69.78
CA TYR K 725 -9.28 -51.75 70.94
C TYR K 725 -10.72 -51.30 70.75
N GLY K 726 -11.14 -50.96 69.54
CA GLY K 726 -12.50 -50.51 69.33
C GLY K 726 -13.55 -51.48 69.79
N ALA K 727 -14.20 -51.19 70.90
CA ALA K 727 -15.24 -52.05 71.45
C ALA K 727 -16.52 -51.94 70.62
N LYS K 728 -17.44 -52.87 70.87
CA LYS K 728 -18.74 -52.82 70.21
C LYS K 728 -19.44 -51.51 70.51
N GLY K 729 -20.06 -50.92 69.50
CA GLY K 729 -20.73 -49.65 69.65
C GLY K 729 -19.82 -48.45 69.54
N SER K 730 -18.51 -48.63 69.39
CA SER K 730 -17.57 -47.53 69.31
C SER K 730 -17.33 -47.16 67.85
N THR K 731 -16.87 -45.94 67.63
CA THR K 731 -16.51 -45.45 66.32
C THR K 731 -15.33 -44.50 66.44
N LEU K 732 -14.43 -44.55 65.46
CA LEU K 732 -13.28 -43.67 65.40
C LEU K 732 -13.34 -42.88 64.10
N ILE K 733 -13.31 -41.56 64.21
CA ILE K 733 -13.27 -40.66 63.06
C ILE K 733 -11.94 -39.93 63.10
N VAL K 734 -11.14 -40.09 62.05
CA VAL K 734 -9.87 -39.40 61.92
C VAL K 734 -10.02 -38.32 60.85
N VAL K 735 -9.65 -37.09 61.20
CA VAL K 735 -9.76 -35.97 60.28
C VAL K 735 -8.45 -35.19 60.29
N PRO K 736 -8.11 -34.57 59.17
CA PRO K 736 -6.94 -33.70 59.19
C PRO K 736 -7.29 -32.38 59.91
N PHE K 737 -6.38 -31.83 60.69
CA PHE K 737 -6.67 -30.63 61.45
C PHE K 737 -5.49 -29.77 61.78
N ASN K 738 -5.68 -28.48 61.81
CA ASN K 738 -4.65 -27.55 62.22
C ASN K 738 -5.33 -26.72 63.29
N GLN K 739 -5.00 -26.93 64.55
CA GLN K 739 -5.58 -26.15 65.64
C GLN K 739 -5.11 -24.70 65.62
N GLY K 740 -4.04 -24.40 64.90
CA GLY K 740 -3.59 -23.03 64.75
C GLY K 740 -4.39 -22.20 63.78
N SER K 741 -5.31 -22.83 63.05
CA SER K 741 -6.22 -22.15 62.14
C SER K 741 -7.62 -22.02 62.69
N LYS K 742 -8.10 -20.80 62.84
CA LYS K 742 -9.44 -20.55 63.31
C LYS K 742 -10.52 -21.05 62.37
N GLN K 743 -10.26 -21.01 61.07
CA GLN K 743 -11.22 -21.49 60.11
C GLN K 743 -11.31 -22.99 60.22
N ASP K 744 -10.20 -23.66 60.46
CA ASP K 744 -10.25 -25.10 60.69
C ASP K 744 -11.04 -25.44 61.95
N VAL K 745 -10.89 -24.66 63.01
CA VAL K 745 -11.64 -24.91 64.24
C VAL K 745 -13.14 -24.82 63.96
N GLU K 746 -13.56 -23.72 63.33
CA GLU K 746 -14.97 -23.54 63.04
C GLU K 746 -15.49 -24.64 62.12
N ALA K 747 -14.73 -25.01 61.13
CA ALA K 747 -15.18 -26.02 60.23
C ALA K 747 -15.27 -27.39 60.87
N LEU K 748 -14.32 -27.72 61.73
CA LEU K 748 -14.38 -29.00 62.42
C LEU K 748 -15.62 -29.08 63.31
N ILE K 749 -15.92 -28.06 64.07
CA ILE K 749 -17.06 -28.11 64.95
C ILE K 749 -18.35 -28.10 64.15
N GLU K 750 -18.37 -27.43 63.00
CA GLU K 750 -19.53 -27.47 62.13
C GLU K 750 -19.72 -28.85 61.51
N PHE K 751 -18.65 -29.49 61.06
CA PHE K 751 -18.73 -30.85 60.55
C PHE K 751 -19.27 -31.75 61.61
N ILE K 752 -18.80 -31.61 62.83
CA ILE K 752 -19.26 -32.53 63.87
C ILE K 752 -20.74 -32.34 64.13
N TYR K 753 -21.21 -31.10 64.18
CA TYR K 753 -22.60 -30.85 64.55
C TYR K 753 -23.59 -30.90 63.38
N ASP K 754 -23.15 -30.80 62.13
CA ASP K 754 -24.05 -30.79 61.01
C ASP K 754 -24.70 -32.12 60.86
N THR K 755 -25.85 -32.14 60.20
CA THR K 755 -26.59 -33.38 60.00
C THR K 755 -25.93 -34.22 58.96
N GLU K 756 -26.16 -35.51 59.01
CA GLU K 756 -25.56 -36.41 58.05
C GLU K 756 -26.02 -36.15 56.65
N LYS K 757 -27.27 -35.79 56.46
CA LYS K 757 -27.77 -35.41 55.14
C LYS K 757 -27.07 -34.16 54.61
N ASN K 758 -26.54 -33.31 55.49
CA ASN K 758 -25.74 -32.17 55.09
C ASN K 758 -24.25 -32.46 55.07
N GLY K 759 -23.86 -33.73 55.15
CA GLY K 759 -22.47 -34.12 55.09
C GLY K 759 -21.72 -34.07 56.40
N GLY K 760 -22.40 -33.89 57.53
CA GLY K 760 -21.77 -33.91 58.83
C GLY K 760 -21.95 -35.23 59.55
N LEU K 761 -21.54 -35.27 60.81
CA LEU K 761 -21.68 -36.46 61.62
C LEU K 761 -23.00 -36.46 62.39
N GLY K 762 -23.59 -35.33 62.66
CA GLY K 762 -24.80 -35.28 63.46
C GLY K 762 -24.59 -35.66 64.91
N TRP K 763 -23.46 -35.27 65.49
CA TRP K 763 -23.19 -35.60 66.87
C TRP K 763 -23.32 -34.43 67.79
N ASP K 764 -23.39 -34.68 69.09
CA ASP K 764 -23.40 -33.64 70.10
C ASP K 764 -22.31 -34.09 71.06
N LEU K 765 -21.33 -33.27 71.32
CA LEU K 765 -20.16 -33.65 72.09
C LEU K 765 -20.47 -33.76 73.58
N ASP K 766 -19.97 -34.83 74.20
CA ASP K 766 -20.00 -34.98 75.65
C ASP K 766 -18.69 -34.59 76.31
N ALA K 767 -17.59 -34.63 75.57
CA ALA K 767 -16.28 -34.31 76.13
C ALA K 767 -15.41 -33.67 75.05
N ILE K 768 -14.57 -32.74 75.47
CA ILE K 768 -13.56 -32.13 74.60
C ILE K 768 -12.22 -32.25 75.31
N ILE K 769 -11.23 -32.78 74.59
CA ILE K 769 -9.91 -33.03 75.16
C ILE K 769 -8.88 -32.38 74.25
N PRO K 770 -8.64 -31.10 74.46
CA PRO K 770 -7.77 -30.36 73.54
C PRO K 770 -6.29 -30.41 73.88
N PHE K 771 -5.60 -31.47 73.51
CA PHE K 771 -4.19 -31.64 73.88
C PHE K 771 -3.14 -31.25 72.82
N ALA K 772 -3.58 -30.65 71.72
CA ALA K 772 -2.65 -30.22 70.67
C ALA K 772 -1.71 -29.18 71.18
N ALA K 773 -0.45 -29.33 70.83
CA ALA K 773 0.56 -28.43 71.32
C ALA K 773 1.76 -28.51 70.43
N ILE K 774 2.63 -27.52 70.48
CA ILE K 774 3.87 -27.58 69.73
C ILE K 774 4.96 -27.22 70.70
N PRO K 775 6.17 -27.73 70.50
CA PRO K 775 7.27 -27.48 71.42
C PRO K 775 8.07 -26.21 71.20
N GLU K 776 8.42 -25.52 72.28
CA GLU K 776 9.25 -24.33 72.22
C GLU K 776 10.46 -24.58 73.07
N GLN K 777 11.60 -24.80 72.46
CA GLN K 777 12.85 -25.14 73.13
C GLN K 777 13.83 -23.99 73.01
N GLY K 778 14.38 -23.56 74.15
CA GLY K 778 15.40 -22.53 74.16
C GLY K 778 14.94 -21.19 73.67
N ILE K 779 13.68 -20.83 73.91
CA ILE K 779 13.14 -19.52 73.56
C ILE K 779 12.90 -18.78 74.87
N GLU K 780 13.84 -17.89 75.21
CA GLU K 780 13.71 -17.08 76.42
C GLU K 780 12.84 -15.86 76.11
N LEU K 781 12.78 -14.92 77.04
CA LEU K 781 11.93 -13.75 76.87
C LEU K 781 12.32 -12.96 75.62
N GLU K 782 13.62 -12.76 75.41
CA GLU K 782 14.09 -11.97 74.28
C GLU K 782 13.91 -12.68 72.95
N HIS K 783 13.63 -13.98 72.95
CA HIS K 783 13.49 -14.75 71.71
C HIS K 783 12.04 -14.98 71.32
N ILE K 784 11.08 -14.48 72.08
CA ILE K 784 9.67 -14.72 71.76
C ILE K 784 9.34 -14.02 70.45
N ASP K 785 8.89 -14.80 69.46
CA ASP K 785 8.78 -14.34 68.09
C ASP K 785 7.61 -15.07 67.43
N SER K 786 7.61 -15.07 66.09
CA SER K 786 6.52 -15.67 65.32
C SER K 786 6.09 -17.03 65.86
N LYS K 787 7.05 -17.92 66.09
CA LYS K 787 6.72 -19.28 66.47
C LYS K 787 6.04 -19.32 67.84
N SER K 788 6.51 -18.50 68.78
CA SER K 788 5.87 -18.45 70.10
C SER K 788 4.45 -17.91 69.99
N GLU K 789 4.23 -16.91 69.14
CA GLU K 789 2.88 -16.41 68.93
C GLU K 789 1.97 -17.48 68.34
N PHE K 790 2.44 -18.24 67.39
CA PHE K 790 1.64 -19.30 66.77
C PHE K 790 1.33 -20.40 67.75
N ALA K 791 2.27 -20.74 68.63
CA ALA K 791 2.02 -21.73 69.65
C ALA K 791 1.00 -21.23 70.69
N HIS K 792 1.04 -19.96 71.05
CA HIS K 792 0.13 -19.40 72.00
C HIS K 792 -1.23 -19.37 71.38
N ARG K 793 -1.29 -19.09 70.10
CA ARG K 793 -2.59 -19.17 69.45
C ARG K 793 -3.15 -20.58 69.58
N ILE K 794 -2.36 -21.59 69.17
CA ILE K 794 -2.82 -22.97 69.22
C ILE K 794 -3.29 -23.33 70.62
N MET K 795 -2.42 -23.13 71.59
CA MET K 795 -2.67 -23.61 72.96
C MET K 795 -3.52 -22.78 73.90
N LEU K 796 -3.86 -21.56 73.56
CA LEU K 796 -4.82 -20.79 74.34
C LEU K 796 -5.98 -20.29 73.49
N THR K 797 -5.70 -19.56 72.42
CA THR K 797 -6.75 -18.76 71.79
C THR K 797 -7.69 -19.62 70.98
N ASN K 798 -7.16 -20.61 70.28
CA ASN K 798 -8.01 -21.48 69.50
C ASN K 798 -8.71 -22.53 70.36
N ILE K 799 -8.23 -22.83 71.55
CA ILE K 799 -8.97 -23.69 72.46
C ILE K 799 -10.15 -22.86 72.98
N LEU K 800 -9.96 -21.58 73.28
CA LEU K 800 -11.10 -20.74 73.64
C LEU K 800 -12.09 -20.65 72.49
N ARG K 801 -11.62 -20.53 71.27
CA ARG K 801 -12.49 -20.43 70.13
C ARG K 801 -13.25 -21.73 69.89
N MET K 802 -12.60 -22.86 70.10
CA MET K 802 -13.29 -24.14 69.95
C MET K 802 -14.37 -24.32 71.01
N MET K 803 -14.09 -23.90 72.24
CA MET K 803 -15.12 -23.92 73.28
C MET K 803 -16.29 -23.03 72.90
N GLY K 804 -16.00 -21.82 72.40
CA GLY K 804 -17.07 -20.95 71.97
C GLY K 804 -17.89 -21.53 70.83
N CYS K 805 -17.21 -22.18 69.88
CA CYS K 805 -17.91 -22.79 68.75
C CYS K 805 -18.86 -23.90 69.22
N VAL K 806 -18.38 -24.75 70.15
CA VAL K 806 -19.24 -25.79 70.68
C VAL K 806 -20.43 -25.16 71.41
N LYS K 807 -20.21 -24.14 72.23
CA LYS K 807 -21.29 -23.45 72.88
C LYS K 807 -22.30 -22.95 71.85
N LYS K 808 -21.84 -22.25 70.84
CA LYS K 808 -22.75 -21.68 69.85
C LYS K 808 -23.56 -22.77 69.16
N GLN K 809 -22.97 -23.92 68.90
CA GLN K 809 -23.67 -24.97 68.23
C GLN K 809 -24.73 -25.57 69.14
N LYS K 810 -24.47 -25.75 70.41
CA LYS K 810 -25.46 -26.30 71.29
C LYS K 810 -26.53 -25.24 71.60
N SER K 811 -26.21 -23.96 71.61
CA SER K 811 -27.24 -22.96 71.88
C SER K 811 -28.16 -22.78 70.68
N ALA K 812 -27.61 -22.80 69.47
CA ALA K 812 -28.45 -22.68 68.28
C ALA K 812 -29.45 -23.82 68.18
N ARG K 813 -29.23 -24.92 68.89
CA ARG K 813 -30.15 -26.04 68.88
C ARG K 813 -30.93 -26.22 70.18
N GLY K 814 -30.89 -25.25 71.07
CA GLY K 814 -31.58 -25.34 72.33
C GLY K 814 -31.15 -26.42 73.27
N ILE K 815 -29.89 -26.84 73.21
CA ILE K 815 -29.38 -27.86 74.09
C ILE K 815 -28.87 -27.20 75.36
N GLU K 816 -29.60 -27.34 76.45
CA GLU K 816 -29.20 -26.76 77.71
C GLU K 816 -28.98 -27.83 78.75
N THR K 817 -29.14 -29.10 78.40
CA THR K 817 -29.05 -30.19 79.38
C THR K 817 -28.15 -31.31 78.92
N ARG K 818 -27.14 -31.02 78.13
CA ARG K 818 -26.16 -32.01 77.73
C ARG K 818 -24.87 -31.26 77.57
N PRO K 819 -24.29 -30.82 78.69
CA PRO K 819 -23.02 -30.10 78.63
C PRO K 819 -21.80 -30.91 78.18
N ALA K 820 -20.87 -30.30 77.47
CA ALA K 820 -19.63 -30.97 77.10
C ALA K 820 -18.58 -30.71 78.16
N GLN K 821 -17.94 -31.76 78.64
CA GLN K 821 -16.89 -31.66 79.63
C GLN K 821 -15.56 -31.35 78.93
N VAL K 822 -14.89 -30.28 79.35
CA VAL K 822 -13.65 -29.83 78.75
C VAL K 822 -12.51 -30.21 79.69
N ILE K 823 -11.70 -31.17 79.28
CA ILE K 823 -10.54 -31.60 80.04
C ILE K 823 -9.37 -30.70 79.64
N LEU K 824 -9.05 -29.72 80.48
CA LEU K 824 -8.03 -28.74 80.15
C LEU K 824 -6.66 -29.24 80.57
N PRO K 825 -5.70 -29.38 79.65
CA PRO K 825 -4.35 -29.80 80.03
C PRO K 825 -3.59 -28.66 80.69
N MET K 826 -3.47 -28.71 82.00
CA MET K 826 -2.85 -27.65 82.74
C MET K 826 -1.49 -28.02 83.27
N SER K 827 -0.72 -27.02 83.63
CA SER K 827 0.63 -27.26 84.08
C SER K 827 0.84 -26.79 85.50
N PRO K 828 1.60 -27.58 86.28
CA PRO K 828 1.92 -27.09 87.63
C PRO K 828 2.91 -25.95 87.63
N ASN K 829 3.74 -25.88 86.61
CA ASN K 829 4.80 -24.90 86.55
C ASN K 829 4.54 -23.80 85.58
N HIS K 830 4.68 -22.57 86.02
CA HIS K 830 4.45 -21.43 85.17
C HIS K 830 5.64 -20.51 85.25
N GLY K 831 6.66 -20.77 84.45
CA GLY K 831 7.87 -19.97 84.43
C GLY K 831 8.99 -20.45 85.30
N THR K 832 8.93 -21.70 85.71
CA THR K 832 9.91 -22.25 86.63
C THR K 832 11.16 -22.73 85.95
N PHE K 833 11.02 -23.40 84.82
CA PHE K 833 12.16 -23.86 84.07
C PHE K 833 12.70 -22.84 83.08
N GLY K 834 11.84 -22.10 82.41
CA GLY K 834 12.27 -21.11 81.46
C GLY K 834 12.63 -21.61 80.08
N GLY K 835 12.79 -20.71 79.14
CA GLY K 835 13.20 -21.07 77.79
C GLY K 835 12.18 -21.89 77.03
N ASP K 836 10.90 -21.68 77.32
CA ASP K 836 9.84 -22.40 76.66
C ASP K 836 8.88 -21.47 75.91
N GLY K 837 9.33 -20.29 75.52
CA GLY K 837 8.50 -19.39 74.73
C GLY K 837 7.32 -18.87 75.53
N MET K 838 6.13 -19.11 75.01
CA MET K 838 4.88 -18.67 75.64
C MET K 838 4.12 -19.82 76.27
N TYR K 839 4.72 -20.96 76.44
CA TYR K 839 4.08 -22.11 77.03
C TYR K 839 3.46 -21.81 78.39
N SER K 840 4.19 -21.19 79.28
CA SER K 840 3.67 -20.94 80.60
C SER K 840 2.56 -19.94 80.58
N GLU K 841 2.65 -18.95 79.71
CA GLU K 841 1.54 -18.00 79.58
C GLU K 841 0.27 -18.70 79.11
N SER K 842 0.37 -19.54 78.11
CA SER K 842 -0.77 -20.31 77.63
C SER K 842 -1.38 -21.21 78.69
N LYS K 843 -0.57 -21.87 79.48
CA LYS K 843 -1.07 -22.76 80.48
C LYS K 843 -1.66 -22.00 81.67
N LEU K 844 -1.07 -20.90 82.06
CA LEU K 844 -1.61 -20.09 83.15
C LEU K 844 -2.90 -19.40 82.73
N SER K 845 -2.96 -18.88 81.50
CA SER K 845 -4.17 -18.23 81.03
C SER K 845 -5.33 -19.21 80.96
N LEU K 846 -5.05 -20.48 80.68
CA LEU K 846 -6.11 -21.48 80.69
C LEU K 846 -6.89 -21.51 82.00
N GLU K 847 -6.39 -20.96 83.08
CA GLU K 847 -7.03 -21.02 84.39
C GLU K 847 -8.08 -19.99 84.67
N THR K 848 -8.23 -19.01 83.81
CA THR K 848 -9.33 -18.07 83.98
C THR K 848 -10.70 -18.70 83.74
N LEU K 849 -10.73 -19.90 83.15
CA LEU K 849 -12.00 -20.53 82.83
C LEU K 849 -12.75 -20.95 84.08
N PHE K 850 -12.05 -21.33 85.13
CA PHE K 850 -12.67 -21.70 86.39
C PHE K 850 -13.57 -20.59 86.88
N ASN K 851 -13.18 -19.36 86.65
CA ASN K 851 -14.02 -18.22 87.02
C ASN K 851 -14.99 -17.81 85.91
N ARG K 852 -14.61 -17.87 84.65
CA ARG K 852 -15.49 -17.57 83.52
C ARG K 852 -16.75 -18.44 83.57
N TRP K 853 -16.61 -19.69 84.02
CA TRP K 853 -17.77 -20.58 84.11
C TRP K 853 -18.87 -19.96 84.96
N HIS K 854 -18.56 -19.29 86.04
CA HIS K 854 -19.56 -18.63 86.86
C HIS K 854 -19.98 -17.25 86.35
N SER K 855 -19.05 -16.44 85.88
CA SER K 855 -19.31 -15.06 85.45
C SER K 855 -20.05 -14.89 84.13
N GLU K 856 -20.02 -15.89 83.26
CA GLU K 856 -20.64 -15.77 81.93
C GLU K 856 -21.77 -16.78 81.78
N SER K 857 -22.28 -16.86 80.56
CA SER K 857 -23.45 -17.70 80.25
C SER K 857 -23.31 -18.93 79.37
N TRP K 858 -22.25 -19.69 79.54
CA TRP K 858 -22.03 -20.90 78.78
C TRP K 858 -21.96 -22.11 79.68
N ALA K 859 -22.24 -21.97 80.95
CA ALA K 859 -22.15 -23.07 81.91
C ALA K 859 -23.09 -24.25 81.69
N ASN K 860 -24.17 -24.07 80.94
CA ASN K 860 -25.05 -25.18 80.63
C ASN K 860 -24.60 -25.94 79.42
N GLN K 861 -23.65 -25.40 78.68
CA GLN K 861 -23.15 -26.05 77.49
C GLN K 861 -21.80 -26.66 77.71
N LEU K 862 -21.01 -26.11 78.63
CA LEU K 862 -19.67 -26.61 78.87
C LEU K 862 -19.37 -26.63 80.36
N THR K 863 -18.74 -27.70 80.81
CA THR K 863 -18.22 -27.79 82.17
C THR K 863 -16.70 -27.84 82.12
N VAL K 864 -16.06 -27.20 83.09
CA VAL K 864 -14.61 -27.04 83.12
C VAL K 864 -14.02 -28.10 84.04
N CYS K 865 -12.99 -28.80 83.55
CA CYS K 865 -12.31 -29.84 84.32
C CYS K 865 -10.81 -29.65 84.07
N GLY K 866 -10.17 -28.87 84.94
CA GLY K 866 -8.75 -28.64 84.84
C GLY K 866 -7.94 -29.79 85.42
N ALA K 867 -7.03 -30.33 84.62
CA ALA K 867 -6.15 -31.41 85.05
C ALA K 867 -4.72 -30.92 85.05
N ILE K 868 -4.10 -30.91 86.22
CA ILE K 868 -2.69 -30.53 86.36
C ILE K 868 -1.88 -31.79 86.10
N ILE K 869 -1.33 -31.92 84.89
CA ILE K 869 -0.63 -33.13 84.50
C ILE K 869 0.76 -33.13 85.14
N GLY K 870 1.12 -34.22 85.79
CA GLY K 870 2.40 -34.36 86.43
C GLY K 870 3.50 -34.78 85.47
N TRP K 871 4.67 -35.04 86.03
CA TRP K 871 5.83 -35.44 85.25
C TRP K 871 5.57 -36.75 84.52
N THR K 872 5.44 -36.69 83.21
CA THR K 872 5.12 -37.86 82.42
C THR K 872 6.32 -38.21 81.56
N ARG K 873 6.75 -39.44 81.63
CA ARG K 873 7.88 -39.90 80.90
C ARG K 873 7.38 -40.43 79.60
N GLY K 874 8.10 -40.17 78.55
CA GLY K 874 7.73 -40.68 77.26
C GLY K 874 7.94 -39.56 76.31
N THR K 875 7.12 -39.46 75.28
CA THR K 875 7.34 -38.47 74.24
C THR K 875 6.60 -37.15 74.40
N GLY K 876 6.47 -36.40 73.31
CA GLY K 876 5.75 -35.14 73.33
C GLY K 876 6.62 -33.97 73.68
N LEU K 877 6.53 -33.50 74.91
CA LEU K 877 7.37 -32.42 75.35
C LEU K 877 8.26 -32.90 76.49
N MET K 878 7.74 -33.78 77.34
CA MET K 878 8.50 -34.24 78.49
C MET K 878 9.57 -35.30 78.18
N SER K 879 9.71 -35.71 76.94
CA SER K 879 10.81 -36.65 76.65
C SER K 879 12.13 -35.89 76.75
N ALA K 880 13.26 -36.59 76.85
CA ALA K 880 14.57 -35.93 77.03
C ALA K 880 14.87 -35.77 78.52
N ASN K 881 13.85 -35.91 79.36
CA ASN K 881 14.01 -35.80 80.79
C ASN K 881 13.92 -37.15 81.46
N ASN K 882 13.89 -38.21 80.69
CA ASN K 882 13.73 -39.55 81.24
C ASN K 882 14.93 -40.03 82.04
N ILE K 883 16.12 -39.46 81.82
CA ILE K 883 17.31 -39.94 82.49
C ILE K 883 17.40 -39.44 83.92
N ILE K 884 16.64 -38.42 84.28
CA ILE K 884 16.61 -37.89 85.64
C ILE K 884 15.35 -38.27 86.40
N ALA K 885 14.48 -39.09 85.80
CA ALA K 885 13.24 -39.46 86.47
C ALA K 885 13.52 -40.25 87.75
N GLU K 886 14.49 -41.16 87.72
CA GLU K 886 14.84 -41.92 88.92
C GLU K 886 15.38 -41.01 90.01
N GLY K 887 16.27 -40.08 89.64
CA GLY K 887 16.78 -39.14 90.62
C GLY K 887 15.68 -38.29 91.24
N ILE K 888 14.71 -37.88 90.42
CA ILE K 888 13.59 -37.12 90.94
C ILE K 888 12.76 -37.97 91.89
N GLU K 889 12.48 -39.21 91.50
CA GLU K 889 11.68 -40.11 92.33
C GLU K 889 12.39 -40.49 93.63
N LYS K 890 13.71 -40.30 93.71
CA LYS K 890 14.41 -40.59 94.96
C LYS K 890 13.99 -39.67 96.10
N MET K 891 13.27 -38.59 95.81
CA MET K 891 12.83 -37.64 96.83
C MET K 891 11.42 -37.92 97.32
N GLY K 892 10.89 -39.10 97.07
CA GLY K 892 9.52 -39.41 97.42
C GLY K 892 8.49 -38.85 96.46
N VAL K 893 8.90 -38.41 95.27
CA VAL K 893 7.97 -37.92 94.26
C VAL K 893 7.61 -39.06 93.32
N ARG K 894 6.49 -38.88 92.61
CA ARG K 894 6.03 -39.85 91.63
C ARG K 894 6.08 -39.26 90.23
N THR K 895 6.78 -39.93 89.34
CA THR K 895 6.69 -39.68 87.91
C THR K 895 5.84 -40.76 87.28
N PHE K 896 5.13 -40.41 86.21
CA PHE K 896 4.13 -41.28 85.63
C PHE K 896 4.51 -41.66 84.21
N SER K 897 4.05 -42.84 83.83
CA SER K 897 4.19 -43.26 82.46
C SER K 897 2.99 -42.66 81.76
N GLN K 898 2.91 -42.82 80.45
CA GLN K 898 1.79 -42.29 79.70
C GLN K 898 0.55 -43.12 79.92
N LYS K 899 0.70 -44.42 80.14
CA LYS K 899 -0.48 -45.21 80.49
C LYS K 899 -1.06 -44.77 81.83
N GLU K 900 -0.21 -44.49 82.80
CA GLU K 900 -0.69 -44.07 84.09
C GLU K 900 -1.38 -42.76 84.03
N MET K 901 -0.80 -41.80 83.33
CA MET K 901 -1.42 -40.49 83.18
C MET K 901 -2.72 -40.59 82.41
N ALA K 902 -2.77 -41.45 81.40
CA ALA K 902 -4.02 -41.66 80.67
C ALA K 902 -5.10 -42.25 81.58
N PHE K 903 -4.72 -43.19 82.44
CA PHE K 903 -5.65 -43.76 83.41
C PHE K 903 -6.17 -42.67 84.35
N ASN K 904 -5.27 -41.81 84.83
CA ASN K 904 -5.69 -40.72 85.71
C ASN K 904 -6.66 -39.79 85.00
N LEU K 905 -6.36 -39.43 83.74
CA LEU K 905 -7.23 -38.52 83.01
C LEU K 905 -8.59 -39.15 82.71
N LEU K 906 -8.60 -40.42 82.33
CA LEU K 906 -9.86 -41.13 82.10
C LEU K 906 -10.65 -41.29 83.39
N GLY K 907 -9.97 -41.21 84.54
CA GLY K 907 -10.69 -41.16 85.81
C GLY K 907 -11.58 -39.94 85.94
N LEU K 908 -11.31 -38.88 85.19
CA LEU K 908 -12.15 -37.69 85.22
C LEU K 908 -13.39 -37.81 84.33
N LEU K 909 -13.49 -38.85 83.52
CA LEU K 909 -14.65 -39.06 82.67
C LEU K 909 -15.65 -40.05 83.27
N THR K 910 -15.43 -40.43 84.52
CA THR K 910 -16.33 -41.34 85.18
C THR K 910 -17.59 -40.60 85.52
N PRO K 911 -18.71 -41.30 85.53
CA PRO K 911 -20.01 -40.69 85.83
C PRO K 911 -20.09 -39.75 87.06
N GLU K 912 -19.45 -40.06 88.17
CA GLU K 912 -19.46 -39.25 89.38
C GLU K 912 -18.66 -37.96 89.19
N VAL K 913 -17.50 -38.05 88.54
CA VAL K 913 -16.73 -36.84 88.27
C VAL K 913 -17.46 -35.95 87.26
N VAL K 914 -18.17 -36.55 86.30
CA VAL K 914 -18.95 -35.77 85.36
C VAL K 914 -20.02 -34.96 86.09
N GLU K 915 -20.74 -35.60 87.01
CA GLU K 915 -21.74 -34.89 87.79
C GLU K 915 -21.09 -33.81 88.65
N LEU K 916 -19.94 -34.10 89.22
CA LEU K 916 -19.25 -33.13 90.03
C LEU K 916 -18.87 -31.91 89.19
N CYS K 917 -18.43 -32.13 87.96
CA CYS K 917 -18.12 -31.01 87.07
C CYS K 917 -19.38 -30.23 86.72
N GLN K 918 -20.50 -30.93 86.54
CA GLN K 918 -21.74 -30.22 86.26
C GLN K 918 -22.18 -29.36 87.44
N LYS K 919 -21.85 -29.77 88.66
CA LYS K 919 -22.15 -28.93 89.82
C LYS K 919 -21.28 -27.68 89.85
N SER K 920 -19.97 -27.81 89.61
CA SER K 920 -19.06 -26.65 89.54
C SER K 920 -17.70 -27.08 88.99
N PRO K 921 -16.86 -26.11 88.65
CA PRO K 921 -15.58 -26.47 88.02
C PRO K 921 -14.61 -27.28 88.87
N VAL K 922 -14.13 -28.39 88.37
CA VAL K 922 -13.23 -29.26 89.10
C VAL K 922 -11.78 -29.06 88.76
N MET K 923 -10.91 -29.12 89.76
CA MET K 923 -9.49 -29.01 89.55
C MET K 923 -8.82 -30.24 90.09
N ALA K 924 -8.33 -31.09 89.21
CA ALA K 924 -7.63 -32.31 89.61
C ALA K 924 -6.13 -32.07 89.56
N ASP K 925 -5.45 -32.42 90.65
CA ASP K 925 -4.00 -32.33 90.75
C ASP K 925 -3.41 -33.72 90.54
N LEU K 926 -2.75 -33.90 89.40
CA LEU K 926 -2.10 -35.17 89.06
C LEU K 926 -0.59 -35.02 89.02
N ASN K 927 -0.04 -34.16 89.87
CA ASN K 927 1.36 -33.79 89.83
C ASN K 927 2.26 -34.74 90.62
N GLY K 928 1.69 -35.75 91.27
CA GLY K 928 2.50 -36.77 91.93
C GLY K 928 3.38 -36.25 93.04
N GLY K 929 3.01 -35.14 93.67
CA GLY K 929 3.78 -34.59 94.76
C GLY K 929 4.95 -33.72 94.34
N LEU K 930 5.20 -33.55 93.05
CA LEU K 930 6.34 -32.77 92.59
C LEU K 930 6.29 -31.32 93.08
N GLN K 931 5.13 -30.81 93.45
CA GLN K 931 5.05 -29.42 93.88
C GLN K 931 5.78 -29.19 95.21
N PHE K 932 5.98 -30.23 96.01
CA PHE K 932 6.64 -30.06 97.31
C PHE K 932 8.16 -30.00 97.20
N VAL K 933 8.73 -30.40 96.07
CA VAL K 933 10.19 -30.29 95.90
C VAL K 933 10.55 -28.81 95.77
N PRO K 934 11.44 -28.28 96.61
CA PRO K 934 11.83 -26.87 96.49
C PRO K 934 12.93 -26.65 95.46
N GLU K 935 12.82 -25.55 94.73
CA GLU K 935 13.81 -25.18 93.72
C GLU K 935 13.97 -26.28 92.69
N LEU K 936 12.86 -26.58 92.01
CA LEU K 936 12.83 -27.72 91.09
C LEU K 936 13.82 -27.53 89.93
N LYS K 937 13.91 -26.32 89.39
CA LYS K 937 14.84 -26.05 88.30
C LYS K 937 16.26 -26.42 88.70
N GLU K 938 16.72 -25.89 89.84
CA GLU K 938 18.08 -26.15 90.29
C GLU K 938 18.28 -27.64 90.58
N PHE K 939 17.28 -28.28 91.19
CA PHE K 939 17.41 -29.69 91.54
C PHE K 939 17.58 -30.55 90.29
N THR K 940 16.75 -30.31 89.29
CA THR K 940 16.83 -31.10 88.06
C THR K 940 18.12 -30.80 87.31
N ALA K 941 18.54 -29.53 87.27
CA ALA K 941 19.80 -29.20 86.63
C ALA K 941 20.96 -29.91 87.33
N LYS K 942 20.93 -29.96 88.66
CA LYS K 942 21.97 -30.65 89.41
C LYS K 942 22.00 -32.14 89.08
N LEU K 943 20.83 -32.76 89.03
CA LEU K 943 20.75 -34.16 88.70
C LEU K 943 21.32 -34.45 87.33
N ARG K 944 20.93 -33.66 86.34
CA ARG K 944 21.41 -33.88 84.98
C ARG K 944 22.91 -33.61 84.88
N LYS K 945 23.39 -32.55 85.52
CA LYS K 945 24.81 -32.23 85.48
C LYS K 945 25.64 -33.35 86.08
N GLU K 946 25.19 -33.91 87.19
CA GLU K 946 25.93 -35.00 87.81
C GLU K 946 25.97 -36.23 86.93
N LEU K 947 24.97 -36.41 86.09
CA LEU K 947 24.91 -37.59 85.26
C LEU K 947 25.82 -37.42 84.08
N VAL K 948 25.77 -36.25 83.44
CA VAL K 948 26.67 -35.99 82.33
C VAL K 948 28.13 -35.98 82.79
N GLU K 949 28.38 -35.42 83.97
CA GLU K 949 29.75 -35.42 84.48
C GLU K 949 30.26 -36.84 84.62
N THR K 950 29.48 -37.70 85.26
CA THR K 950 29.90 -39.09 85.43
C THR K 950 30.18 -39.73 84.08
N SER K 951 29.25 -39.57 83.13
CA SER K 951 29.40 -40.20 81.84
C SER K 951 30.67 -39.75 81.13
N GLU K 952 30.86 -38.44 81.00
CA GLU K 952 32.00 -37.91 80.25
C GLU K 952 33.32 -38.29 80.92
N VAL K 953 33.40 -38.17 82.25
CA VAL K 953 34.64 -38.49 82.93
C VAL K 953 34.99 -39.95 82.71
N ARG K 954 34.01 -40.85 82.87
CA ARG K 954 34.27 -42.27 82.67
C ARG K 954 34.74 -42.53 81.25
N LYS K 955 34.08 -41.94 80.27
CA LYS K 955 34.42 -42.20 78.88
C LYS K 955 35.84 -41.74 78.57
N ALA K 956 36.18 -40.51 78.97
CA ALA K 956 37.51 -39.98 78.68
C ALA K 956 38.60 -40.78 79.39
N VAL K 957 38.37 -41.14 80.65
CA VAL K 957 39.37 -41.90 81.39
C VAL K 957 39.58 -43.26 80.74
N SER K 958 38.49 -43.92 80.31
CA SER K 958 38.64 -45.21 79.64
C SER K 958 39.40 -45.07 78.34
N ILE K 959 39.14 -44.01 77.57
CA ILE K 959 39.87 -43.80 76.33
C ILE K 959 41.37 -43.64 76.62
N GLU K 960 41.70 -42.84 77.62
CA GLU K 960 43.11 -42.60 77.91
C GLU K 960 43.79 -43.88 78.38
N THR K 961 43.12 -44.67 79.22
CA THR K 961 43.70 -45.93 79.66
C THR K 961 43.92 -46.87 78.48
N ALA K 962 42.97 -46.91 77.55
CA ALA K 962 43.12 -47.76 76.38
C ALA K 962 44.33 -47.33 75.55
N LEU K 963 44.49 -46.03 75.35
CA LEU K 963 45.64 -45.55 74.59
C LEU K 963 46.95 -45.89 75.29
N GLU K 964 47.02 -45.78 76.62
CA GLU K 964 48.24 -46.07 77.30
C GLU K 964 48.53 -47.55 77.24
N HIS K 965 47.53 -48.41 77.34
CA HIS K 965 47.77 -49.83 77.18
C HIS K 965 48.30 -50.14 75.79
N LYS K 966 47.67 -49.56 74.77
CA LYS K 966 48.07 -49.86 73.40
C LYS K 966 49.48 -49.39 73.11
N VAL K 967 49.90 -48.28 73.72
CA VAL K 967 51.26 -47.78 73.47
C VAL K 967 52.28 -48.54 74.30
N VAL K 968 51.89 -49.05 75.47
CA VAL K 968 52.87 -49.75 76.31
C VAL K 968 53.01 -51.21 75.90
N ASN K 969 52.02 -51.76 75.20
CA ASN K 969 52.06 -53.15 74.77
C ASN K 969 52.04 -53.32 73.26
N GLY K 970 51.97 -52.23 72.49
CA GLY K 970 51.93 -52.31 71.05
C GLY K 970 50.79 -53.18 70.55
N GLN K 979 37.70 -59.40 66.32
CA GLN K 979 37.11 -60.60 65.73
C GLN K 979 36.79 -60.37 64.26
N VAL K 980 36.60 -61.46 63.52
CA VAL K 980 36.18 -61.40 62.12
C VAL K 980 34.70 -61.74 62.07
N GLU K 981 33.92 -60.87 61.43
CA GLU K 981 32.47 -60.99 61.38
C GLU K 981 32.00 -61.16 59.95
N ILE K 982 30.91 -61.91 59.79
CA ILE K 982 30.45 -62.38 58.48
C ILE K 982 29.21 -61.61 58.09
N GLN K 983 29.20 -61.08 56.85
CA GLN K 983 28.04 -60.39 56.32
C GLN K 983 27.20 -61.35 55.47
N PRO K 984 25.87 -61.23 55.48
CA PRO K 984 25.06 -62.13 54.68
C PRO K 984 25.18 -61.85 53.19
N ARG K 985 25.04 -62.88 52.37
CA ARG K 985 25.00 -62.73 50.93
C ARG K 985 23.70 -63.40 50.51
N ALA K 986 22.97 -62.83 49.58
CA ALA K 986 21.68 -63.36 49.15
C ALA K 986 21.81 -64.72 48.51
N ASN K 987 20.96 -65.66 48.89
CA ASN K 987 20.96 -67.02 48.31
C ASN K 987 19.52 -67.34 47.93
N ILE K 988 19.08 -66.95 46.75
CA ILE K 988 17.69 -67.10 46.34
C ILE K 988 17.31 -68.52 46.12
N GLN K 989 16.21 -68.92 46.73
CA GLN K 989 15.76 -70.28 46.65
C GLN K 989 14.54 -70.44 45.80
N LEU K 990 14.43 -71.59 45.15
CA LEU K 990 13.28 -71.88 44.29
C LEU K 990 12.03 -72.17 45.08
N ASP K 991 12.14 -72.73 46.26
CA ASP K 991 10.99 -72.99 47.13
C ASP K 991 10.09 -74.11 46.64
N PHE K 992 10.69 -75.22 46.27
CA PHE K 992 9.92 -76.36 45.90
C PHE K 992 9.20 -76.77 47.16
N PRO K 993 8.07 -77.45 47.01
CA PRO K 993 7.28 -77.84 48.18
C PRO K 993 8.04 -78.79 49.08
N GLU K 994 7.86 -78.66 50.38
CA GLU K 994 8.51 -79.56 51.34
C GLU K 994 7.89 -80.93 51.37
N LEU K 995 8.69 -81.96 51.15
CA LEU K 995 8.18 -83.32 51.14
C LEU K 995 8.45 -83.95 52.49
N LYS K 996 7.41 -84.46 53.14
CA LYS K 996 7.52 -85.02 54.49
C LYS K 996 7.59 -86.54 54.49
N PRO K 997 8.07 -87.14 55.61
CA PRO K 997 8.22 -88.60 55.63
C PRO K 997 6.90 -89.31 55.33
N TYR K 998 7.00 -90.46 54.69
CA TYR K 998 5.81 -91.17 54.23
C TYR K 998 4.84 -91.45 55.36
N LYS K 999 5.34 -91.70 56.57
CA LYS K 999 4.46 -91.96 57.70
C LYS K 999 3.53 -90.78 57.96
N GLN K 1000 4.11 -89.57 58.06
CA GLN K 1000 3.31 -88.38 58.31
C GLN K 1000 2.34 -88.12 57.15
N VAL K 1001 2.79 -88.32 55.92
CA VAL K 1001 1.97 -88.05 54.75
C VAL K 1001 0.81 -89.01 54.70
N LYS K 1002 1.03 -90.25 55.14
CA LYS K 1002 -0.04 -91.23 55.21
C LYS K 1002 -1.02 -90.94 56.33
N GLN K 1003 -0.55 -90.33 57.42
CA GLN K 1003 -1.47 -89.98 58.50
C GLN K 1003 -2.47 -88.88 58.10
N ILE K 1004 -2.31 -88.24 56.96
CA ILE K 1004 -3.16 -87.12 56.57
C ILE K 1004 -4.39 -87.55 55.78
N ALA K 1005 -4.17 -88.19 54.65
CA ALA K 1005 -5.30 -88.65 53.85
C ALA K 1005 -5.89 -89.92 54.43
N PRO K 1006 -7.17 -90.19 54.08
CA PRO K 1006 -7.82 -91.44 54.53
C PRO K 1006 -7.08 -92.69 54.07
N ALA K 1007 -6.99 -93.72 54.92
CA ALA K 1007 -6.24 -94.92 54.55
C ALA K 1007 -6.84 -95.60 53.33
N GLU K 1008 -8.15 -95.46 53.10
CA GLU K 1008 -8.79 -96.10 51.97
C GLU K 1008 -8.34 -95.51 50.63
N LEU K 1009 -7.66 -94.37 50.64
CA LEU K 1009 -7.34 -93.69 49.38
C LEU K 1009 -6.29 -94.46 48.57
N GLU K 1010 -5.44 -95.25 49.23
CA GLU K 1010 -4.37 -95.92 48.52
C GLU K 1010 -4.94 -96.89 47.48
N GLY K 1011 -4.64 -96.66 46.23
CA GLY K 1011 -5.14 -97.50 45.17
C GLY K 1011 -6.52 -97.13 44.70
N LEU K 1012 -7.17 -96.23 45.39
CA LEU K 1012 -8.56 -95.88 45.05
C LEU K 1012 -8.61 -94.98 43.82
N LEU K 1013 -7.67 -94.08 43.65
CA LEU K 1013 -7.74 -93.10 42.57
C LEU K 1013 -6.98 -93.42 41.31
N ASP K 1014 -7.57 -93.08 40.17
CA ASP K 1014 -6.88 -93.22 38.92
C ASP K 1014 -6.04 -91.99 38.87
N LEU K 1015 -4.73 -92.14 38.99
CA LEU K 1015 -3.86 -90.97 39.06
C LEU K 1015 -3.69 -90.30 37.70
N GLU K 1016 -4.10 -90.94 36.63
CA GLU K 1016 -4.08 -90.28 35.34
C GLU K 1016 -5.26 -89.32 35.18
N ARG K 1017 -6.15 -89.26 36.17
CA ARG K 1017 -7.27 -88.33 36.13
C ARG K 1017 -7.16 -87.30 37.22
N VAL K 1018 -6.04 -87.26 37.92
CA VAL K 1018 -5.82 -86.23 38.91
C VAL K 1018 -4.90 -85.19 38.30
N ILE K 1019 -5.32 -83.95 38.27
CA ILE K 1019 -4.52 -82.88 37.73
C ILE K 1019 -3.78 -82.15 38.83
N VAL K 1020 -2.53 -81.84 38.58
CA VAL K 1020 -1.68 -81.20 39.59
C VAL K 1020 -0.95 -80.05 38.94
N VAL K 1021 -0.79 -78.96 39.69
CA VAL K 1021 0.08 -77.87 39.28
C VAL K 1021 1.52 -78.21 39.67
N THR K 1022 2.43 -78.19 38.70
CA THR K 1022 3.81 -78.52 38.95
C THR K 1022 4.73 -77.31 38.87
N GLY K 1023 4.27 -76.18 38.34
CA GLY K 1023 5.06 -74.98 38.31
C GLY K 1023 4.21 -73.77 37.98
N PHE K 1024 4.62 -72.61 38.46
CA PHE K 1024 3.87 -71.39 38.20
C PHE K 1024 4.82 -70.21 38.22
N ALA K 1025 4.39 -69.11 37.58
CA ALA K 1025 5.20 -67.89 37.54
C ALA K 1025 4.28 -66.75 37.13
N GLU K 1026 4.82 -65.55 37.22
CA GLU K 1026 4.10 -64.37 36.83
C GLU K 1026 4.99 -63.18 36.59
N VAL K 1027 4.48 -62.17 35.92
CA VAL K 1027 5.18 -60.93 35.72
C VAL K 1027 4.11 -59.94 36.06
N GLY K 1028 4.28 -59.17 37.12
CA GLY K 1028 3.29 -58.21 37.57
C GLY K 1028 3.88 -56.98 38.17
N PRO K 1029 3.03 -56.08 38.69
CA PRO K 1029 3.48 -54.85 39.33
C PRO K 1029 4.53 -55.01 40.45
N TRP K 1030 4.72 -56.21 40.99
CA TRP K 1030 5.72 -56.46 42.03
C TRP K 1030 6.74 -57.50 41.65
N GLY K 1031 7.03 -57.64 40.36
CA GLY K 1031 8.04 -58.55 39.89
C GLY K 1031 7.55 -59.97 39.72
N SER K 1032 8.35 -60.93 40.13
CA SER K 1032 8.03 -62.34 39.96
C SER K 1032 7.05 -62.82 41.04
N ALA K 1033 6.78 -64.11 41.05
CA ALA K 1033 5.93 -64.69 42.07
C ALA K 1033 6.56 -64.61 43.45
N ARG K 1034 7.86 -64.83 43.51
CA ARG K 1034 8.59 -64.72 44.77
C ARG K 1034 8.50 -63.36 45.42
N THR K 1035 8.81 -62.29 44.70
CA THR K 1035 8.79 -60.95 45.26
C THR K 1035 7.36 -60.50 45.56
N ARG K 1036 6.41 -60.86 44.73
CA ARG K 1036 5.03 -60.51 44.98
C ARG K 1036 4.52 -61.20 46.22
N TRP K 1037 4.92 -62.45 46.45
CA TRP K 1037 4.51 -63.15 47.66
C TRP K 1037 5.10 -62.54 48.88
N GLU K 1038 6.35 -62.17 48.82
CA GLU K 1038 6.97 -61.50 49.95
C GLU K 1038 6.26 -60.18 50.28
N MET K 1039 5.94 -59.37 49.27
CA MET K 1039 5.21 -58.14 49.56
C MET K 1039 3.79 -58.42 50.03
N GLU K 1040 3.15 -59.46 49.50
CA GLU K 1040 1.78 -59.76 49.89
C GLU K 1040 1.69 -60.28 51.31
N ALA K 1041 2.59 -61.17 51.70
CA ALA K 1041 2.52 -61.81 53.01
C ALA K 1041 3.14 -60.96 54.10
N PHE K 1042 4.36 -60.50 53.89
CA PHE K 1042 5.10 -59.81 54.94
C PHE K 1042 5.19 -58.32 54.82
N GLY K 1043 4.81 -57.76 53.70
CA GLY K 1043 4.83 -56.32 53.53
C GLY K 1043 6.20 -55.72 53.32
N GLU K 1044 7.22 -56.57 53.21
CA GLU K 1044 8.59 -56.12 53.08
C GLU K 1044 9.42 -57.17 52.41
N PHE K 1045 10.52 -56.78 51.78
CA PHE K 1045 11.40 -57.73 51.13
C PHE K 1045 12.49 -58.21 52.08
N SER K 1046 12.85 -59.48 51.96
CA SER K 1046 14.03 -60.00 52.61
C SER K 1046 15.26 -59.58 51.81
N LEU K 1047 16.43 -60.05 52.22
CA LEU K 1047 17.63 -59.77 51.44
C LEU K 1047 17.53 -60.39 50.05
N GLU K 1048 17.01 -61.60 49.95
CA GLU K 1048 16.85 -62.26 48.65
C GLU K 1048 15.82 -61.55 47.80
N GLY K 1049 14.74 -61.12 48.39
CA GLY K 1049 13.75 -60.38 47.67
C GLY K 1049 14.22 -59.04 47.20
N CYS K 1050 14.97 -58.34 48.05
CA CYS K 1050 15.51 -57.05 47.64
C CYS K 1050 16.52 -57.21 46.51
N VAL K 1051 17.39 -58.21 46.61
CA VAL K 1051 18.39 -58.42 45.56
C VAL K 1051 17.70 -58.81 44.25
N GLU K 1052 16.71 -59.68 44.30
CA GLU K 1052 16.00 -60.02 43.09
C GLU K 1052 15.27 -58.84 42.48
N MET K 1053 14.65 -58.01 43.29
CA MET K 1053 13.99 -56.83 42.74
C MET K 1053 15.01 -55.88 42.12
N ALA K 1054 16.17 -55.72 42.75
CA ALA K 1054 17.22 -54.88 42.18
C ALA K 1054 17.68 -55.43 40.83
N TRP K 1055 17.86 -56.73 40.71
CA TRP K 1055 18.25 -57.32 39.46
C TRP K 1055 17.14 -57.16 38.40
N ILE K 1056 15.88 -57.39 38.76
CA ILE K 1056 14.80 -57.23 37.81
C ILE K 1056 14.69 -55.82 37.31
N MET K 1057 14.87 -54.84 38.18
CA MET K 1057 14.70 -53.46 37.78
C MET K 1057 15.96 -52.86 37.16
N GLY K 1058 17.02 -53.64 37.04
CA GLY K 1058 18.22 -53.16 36.41
C GLY K 1058 19.09 -52.24 37.24
N PHE K 1059 18.86 -52.15 38.55
CA PHE K 1059 19.72 -51.35 39.42
C PHE K 1059 21.11 -51.97 39.53
N ILE K 1060 21.17 -53.28 39.61
CA ILE K 1060 22.42 -53.98 39.77
C ILE K 1060 22.64 -55.00 38.71
N SER K 1061 23.89 -55.25 38.40
CA SER K 1061 24.21 -56.29 37.43
C SER K 1061 25.37 -57.07 37.95
N TYR K 1062 25.56 -58.24 37.39
CA TYR K 1062 26.63 -59.13 37.82
C TYR K 1062 27.90 -58.83 37.04
N HIS K 1063 29.03 -58.84 37.74
CA HIS K 1063 30.31 -58.66 37.12
C HIS K 1063 31.28 -59.71 37.58
N ASN K 1064 32.09 -60.22 36.67
CA ASN K 1064 33.13 -61.18 37.03
C ASN K 1064 34.35 -60.89 36.16
N GLY K 1065 35.41 -60.36 36.76
CA GLY K 1065 36.63 -60.06 36.04
C GLY K 1065 37.37 -58.91 36.70
N ASN K 1066 38.11 -58.17 35.88
CA ASN K 1066 38.92 -57.07 36.37
C ASN K 1066 38.07 -55.82 36.54
N LEU K 1067 38.17 -55.18 37.70
CA LEU K 1067 37.44 -53.97 37.99
C LEU K 1067 38.31 -52.95 38.71
N GLY K 1069 41.28 -52.28 38.98
CA GLY K 1069 42.33 -53.19 38.57
C GLY K 1069 42.25 -54.55 39.23
N ARG K 1070 41.77 -54.57 40.47
CA ARG K 1070 41.68 -55.83 41.21
C ARG K 1070 40.61 -56.73 40.59
N PRO K 1071 40.71 -58.04 40.83
CA PRO K 1071 39.70 -58.97 40.30
C PRO K 1071 38.45 -58.97 41.18
N TYR K 1072 37.30 -58.77 40.55
CA TYR K 1072 36.04 -58.72 41.29
C TYR K 1072 34.97 -59.67 40.74
N THR K 1073 34.28 -60.32 41.64
CA THR K 1073 33.17 -61.20 41.29
C THR K 1073 32.00 -60.85 42.20
N GLY K 1074 30.95 -60.28 41.64
CA GLY K 1074 29.76 -59.97 42.43
C GLY K 1074 28.93 -58.92 41.74
N TRP K 1075 28.04 -58.33 42.50
CA TRP K 1075 27.19 -57.32 41.98
C TRP K 1075 27.84 -55.99 41.85
N VAL K 1076 27.48 -55.25 40.85
CA VAL K 1076 27.95 -53.89 40.66
C VAL K 1076 26.76 -53.02 40.29
N ASP K 1077 26.92 -51.71 40.48
CA ASP K 1077 25.89 -50.79 40.06
C ASP K 1077 25.84 -50.73 38.54
N SER K 1078 24.65 -50.87 37.97
CA SER K 1078 24.50 -50.95 36.53
C SER K 1078 24.88 -49.65 35.83
N LYS K 1079 24.67 -48.50 36.47
CA LYS K 1079 24.99 -47.22 35.85
C LYS K 1079 26.43 -46.78 36.08
N THR K 1080 26.98 -47.00 37.27
CA THR K 1080 28.33 -46.59 37.59
C THR K 1080 29.34 -47.73 37.65
N LYS K 1081 28.89 -48.97 37.51
CA LYS K 1081 29.77 -50.14 37.60
C LYS K 1081 30.57 -50.20 38.89
N GLU K 1082 30.07 -49.57 39.95
CA GLU K 1082 30.75 -49.66 41.22
C GLU K 1082 30.33 -50.94 41.96
N PRO K 1083 31.23 -51.55 42.71
CA PRO K 1083 30.77 -52.79 43.34
C PRO K 1083 29.70 -52.59 44.39
N VAL K 1084 28.85 -53.59 44.57
CA VAL K 1084 27.80 -53.50 45.55
C VAL K 1084 27.69 -54.81 46.32
N ASP K 1085 27.72 -54.73 47.63
CA ASP K 1085 27.55 -55.92 48.45
C ASP K 1085 26.07 -56.15 48.72
N ASP K 1086 25.69 -57.38 48.96
CA ASP K 1086 24.31 -57.71 49.20
C ASP K 1086 23.79 -57.00 50.43
N LYS K 1087 24.62 -56.80 51.45
CA LYS K 1087 24.20 -56.11 52.66
C LYS K 1087 23.79 -54.67 52.35
N ASP K 1088 24.47 -54.03 51.41
CA ASP K 1088 24.21 -52.62 51.09
C ASP K 1088 23.14 -52.44 50.03
N VAL K 1089 22.64 -53.53 49.43
CA VAL K 1089 21.66 -53.39 48.37
C VAL K 1089 20.39 -52.73 48.90
N LYS K 1090 19.94 -53.13 50.09
CA LYS K 1090 18.75 -52.52 50.64
C LYS K 1090 18.94 -51.02 50.84
N ALA K 1091 19.99 -50.62 51.55
CA ALA K 1091 20.21 -49.21 51.82
C ALA K 1091 20.38 -48.41 50.53
N LYS K 1092 20.97 -49.01 49.50
CA LYS K 1092 21.16 -48.29 48.25
C LYS K 1092 19.89 -48.16 47.44
N TYR K 1093 19.05 -49.20 47.39
CA TYR K 1093 18.04 -49.30 46.35
C TYR K 1093 16.62 -49.53 46.81
N GLU K 1094 16.36 -49.80 48.09
CA GLU K 1094 15.01 -50.22 48.48
C GLU K 1094 14.00 -49.09 48.32
N THR K 1095 14.40 -47.85 48.63
CA THR K 1095 13.48 -46.74 48.45
C THR K 1095 13.09 -46.57 47.00
N SER K 1096 14.06 -46.66 46.09
CA SER K 1096 13.77 -46.59 44.66
C SER K 1096 12.93 -47.77 44.21
N ILE K 1097 13.21 -48.96 44.75
CA ILE K 1097 12.46 -50.14 44.36
C ILE K 1097 11.00 -50.00 44.74
N LEU K 1098 10.74 -49.50 45.93
CA LEU K 1098 9.37 -49.38 46.40
C LEU K 1098 8.67 -48.23 45.72
N GLU K 1099 9.41 -47.18 45.41
CA GLU K 1099 8.83 -46.02 44.74
C GLU K 1099 8.43 -46.32 43.31
N HIS K 1100 9.00 -47.35 42.68
CA HIS K 1100 8.75 -47.66 41.28
C HIS K 1100 8.25 -49.08 41.11
N SER K 1101 7.40 -49.52 42.03
CA SER K 1101 6.77 -50.84 41.94
C SER K 1101 5.34 -50.73 42.43
N GLY K 1102 4.53 -51.72 42.09
CA GLY K 1102 3.15 -51.71 42.47
C GLY K 1102 2.28 -50.66 41.86
N ILE K 1103 1.17 -50.37 42.48
CA ILE K 1103 0.27 -49.35 42.02
C ILE K 1103 0.87 -47.99 42.24
N ARG K 1104 1.06 -47.25 41.17
CA ARG K 1104 1.71 -45.97 41.25
C ARG K 1104 1.24 -45.04 40.20
N LEU K 1105 1.67 -43.78 40.26
CA LEU K 1105 1.36 -42.84 39.20
C LEU K 1105 1.87 -43.38 37.89
N ILE K 1106 1.09 -43.22 36.83
CA ILE K 1106 1.46 -43.74 35.53
C ILE K 1106 2.69 -43.05 34.98
N GLU K 1107 3.62 -43.83 34.47
CA GLU K 1107 4.86 -43.28 33.95
C GLU K 1107 4.87 -43.30 32.43
N PRO K 1108 4.86 -42.12 31.80
CA PRO K 1108 4.79 -42.10 30.33
C PRO K 1108 5.90 -42.88 29.64
N GLU K 1109 7.05 -43.02 30.24
CA GLU K 1109 8.17 -43.73 29.62
C GLU K 1109 7.91 -45.21 29.43
N LEU K 1110 6.93 -45.76 30.13
CA LEU K 1110 6.64 -47.18 30.07
C LEU K 1110 5.53 -47.47 29.11
N PHE K 1111 4.83 -46.44 28.66
CA PHE K 1111 3.69 -46.61 27.75
C PHE K 1111 3.77 -45.67 26.55
N ASN K 1112 4.91 -45.66 25.86
CA ASN K 1112 5.11 -44.82 24.66
C ASN K 1112 4.72 -43.36 24.83
N GLY K 1113 5.13 -42.75 25.91
CA GLY K 1113 4.80 -41.37 26.13
C GLY K 1113 3.39 -41.02 26.48
N TYR K 1114 2.54 -41.98 26.76
CA TYR K 1114 1.20 -41.68 27.21
C TYR K 1114 1.20 -40.92 28.52
N ASN K 1115 0.58 -39.76 28.52
CA ASN K 1115 0.48 -38.97 29.71
C ASN K 1115 -0.99 -38.72 29.88
N PRO K 1116 -1.59 -39.38 30.87
CA PRO K 1116 -3.02 -39.21 31.12
C PRO K 1116 -3.43 -37.75 31.40
N GLU K 1117 -2.52 -36.91 31.84
CA GLU K 1117 -2.83 -35.51 32.07
C GLU K 1117 -2.84 -34.67 30.79
N LYS K 1118 -2.30 -35.19 29.70
CA LYS K 1118 -2.37 -34.49 28.42
C LYS K 1118 -2.67 -35.46 27.30
N LYS K 1119 -3.91 -35.87 27.16
CA LYS K 1119 -4.32 -36.83 26.14
C LYS K 1119 -4.53 -36.13 24.80
N GLU K 1120 -3.87 -36.62 23.77
CA GLU K 1120 -3.98 -36.02 22.45
C GLU K 1120 -5.13 -36.45 21.57
N MET K 1121 -5.88 -35.49 21.11
CA MET K 1121 -6.97 -35.72 20.18
C MET K 1121 -6.82 -34.72 19.04
N ILE K 1122 -7.67 -34.86 18.01
CA ILE K 1122 -7.68 -33.94 16.88
C ILE K 1122 -9.11 -33.51 16.62
N GLN K 1123 -9.27 -32.28 16.14
CA GLN K 1123 -10.57 -31.72 15.81
C GLN K 1123 -10.58 -31.28 14.35
N GLU K 1124 -11.71 -31.52 13.69
CA GLU K 1124 -11.90 -31.13 12.31
C GLU K 1124 -12.35 -29.68 12.24
N VAL K 1125 -11.64 -28.86 11.46
CA VAL K 1125 -12.01 -27.47 11.23
C VAL K 1125 -12.02 -27.23 9.73
N ILE K 1126 -13.01 -26.47 9.27
CA ILE K 1126 -13.07 -26.05 7.87
C ILE K 1126 -12.21 -24.80 7.71
N VAL K 1127 -11.34 -24.82 6.70
CA VAL K 1127 -10.45 -23.69 6.45
C VAL K 1127 -11.28 -22.48 6.03
N GLU K 1128 -11.03 -21.34 6.68
CA GLU K 1128 -11.72 -20.10 6.35
C GLU K 1128 -11.02 -19.28 5.29
N GLU K 1129 -9.73 -19.53 5.05
CA GLU K 1129 -8.98 -18.79 4.04
C GLU K 1129 -7.83 -19.66 3.55
N ASP K 1130 -7.42 -19.44 2.30
CA ASP K 1130 -6.35 -20.22 1.71
C ASP K 1130 -5.15 -20.30 2.64
N LEU K 1131 -4.42 -21.39 2.59
CA LEU K 1131 -3.25 -21.56 3.40
C LEU K 1131 -2.03 -21.22 2.58
N GLU K 1132 -0.88 -21.16 3.23
CA GLU K 1132 0.35 -20.90 2.52
C GLU K 1132 0.84 -22.17 1.89
N PRO K 1133 1.25 -22.10 0.63
CA PRO K 1133 1.73 -23.29 -0.06
C PRO K 1133 2.85 -23.96 0.68
N PHE K 1134 2.95 -25.28 0.58
CA PHE K 1134 4.03 -26.00 1.19
C PHE K 1134 4.51 -27.01 0.19
N GLU K 1135 5.80 -27.23 0.18
CA GLU K 1135 6.35 -28.14 -0.82
C GLU K 1135 6.17 -29.59 -0.38
N ALA K 1136 5.87 -30.46 -1.33
CA ALA K 1136 5.72 -31.88 -1.09
C ALA K 1136 6.13 -32.65 -2.34
N SER K 1137 6.40 -33.93 -2.17
CA SER K 1137 6.76 -34.78 -3.30
C SER K 1137 5.54 -34.98 -4.20
N LYS K 1138 5.80 -35.42 -5.43
CA LYS K 1138 4.72 -35.56 -6.40
C LYS K 1138 3.67 -36.55 -5.92
N GLU K 1139 4.10 -37.69 -5.38
CA GLU K 1139 3.15 -38.69 -4.90
C GLU K 1139 2.29 -38.12 -3.78
N THR K 1140 2.92 -37.45 -2.82
CA THR K 1140 2.18 -36.86 -1.71
C THR K 1140 1.23 -35.77 -2.20
N ALA K 1141 1.67 -34.95 -3.15
CA ALA K 1141 0.81 -33.92 -3.70
C ALA K 1141 -0.40 -34.53 -4.39
N GLU K 1142 -0.22 -35.63 -5.08
CA GLU K 1142 -1.33 -36.28 -5.78
C GLU K 1142 -2.26 -36.92 -4.78
N GLN K 1143 -1.74 -37.43 -3.67
CA GLN K 1143 -2.62 -37.93 -2.63
C GLN K 1143 -3.47 -36.81 -2.02
N PHE K 1144 -2.85 -35.65 -1.77
CA PHE K 1144 -3.61 -34.50 -1.28
C PHE K 1144 -4.67 -34.08 -2.30
N LYS K 1145 -4.37 -34.15 -3.58
CA LYS K 1145 -5.32 -33.70 -4.61
C LYS K 1145 -6.45 -34.68 -4.71
N HIS K 1146 -6.15 -35.95 -4.51
CA HIS K 1146 -7.16 -36.97 -4.54
C HIS K 1146 -8.09 -36.79 -3.38
N GLN K 1147 -7.55 -36.45 -2.22
CA GLN K 1147 -8.39 -36.27 -1.04
C GLN K 1147 -9.27 -35.03 -1.16
N HIS K 1148 -8.69 -33.90 -1.55
CA HIS K 1148 -9.39 -32.61 -1.46
C HIS K 1148 -10.04 -32.18 -2.75
N GLY K 1149 -9.61 -32.66 -3.91
CA GLY K 1149 -10.16 -32.24 -5.17
C GLY K 1149 -10.05 -30.75 -5.39
N ASP K 1150 -11.14 -30.09 -5.71
CA ASP K 1150 -11.13 -28.65 -5.97
C ASP K 1150 -10.65 -27.76 -4.85
N LYS K 1151 -10.56 -28.28 -3.64
CA LYS K 1151 -10.19 -27.46 -2.48
C LYS K 1151 -8.68 -27.41 -2.26
N VAL K 1152 -7.89 -27.88 -3.22
CA VAL K 1152 -6.44 -27.81 -3.14
C VAL K 1152 -5.89 -27.59 -4.54
N ASP K 1153 -4.74 -26.91 -4.62
CA ASP K 1153 -4.05 -26.68 -5.87
C ASP K 1153 -2.64 -27.21 -5.76
N ILE K 1154 -2.24 -28.04 -6.72
CA ILE K 1154 -0.89 -28.59 -6.78
C ILE K 1154 -0.26 -28.20 -8.10
N PHE K 1155 0.95 -27.67 -8.05
CA PHE K 1155 1.66 -27.20 -9.23
C PHE K 1155 3.13 -27.62 -9.12
N GLU K 1156 3.67 -28.25 -10.14
CA GLU K 1156 5.05 -28.65 -10.09
C GLU K 1156 5.98 -27.47 -10.14
N ILE K 1157 7.01 -27.48 -9.29
CA ILE K 1157 8.01 -26.46 -9.32
C ILE K 1157 8.91 -26.96 -10.40
N PRO K 1158 9.00 -26.22 -11.52
CA PRO K 1158 9.75 -26.71 -12.68
C PRO K 1158 11.23 -26.97 -12.45
N GLU K 1159 11.85 -26.31 -11.50
CA GLU K 1159 13.29 -26.46 -11.31
C GLU K 1159 13.70 -27.48 -10.28
N THR K 1160 12.75 -28.05 -9.57
CA THR K 1160 13.04 -29.02 -8.53
C THR K 1160 12.37 -30.34 -8.80
N GLY K 1161 11.24 -30.32 -9.48
CA GLY K 1161 10.49 -31.54 -9.73
C GLY K 1161 9.55 -31.77 -8.59
N GLU K 1162 9.57 -30.87 -7.62
CA GLU K 1162 8.71 -31.00 -6.47
C GLU K 1162 7.42 -30.34 -6.78
N TYR K 1163 6.52 -30.37 -5.83
CA TYR K 1163 5.19 -29.80 -6.02
C TYR K 1163 4.86 -28.89 -4.84
N SER K 1164 4.13 -27.83 -5.13
CA SER K 1164 3.58 -26.96 -4.10
C SER K 1164 2.14 -27.37 -3.83
N VAL K 1165 1.78 -27.44 -2.56
CA VAL K 1165 0.44 -27.84 -2.19
C VAL K 1165 -0.18 -26.62 -1.58
N LYS K 1166 -1.34 -26.24 -2.07
CA LYS K 1166 -2.01 -25.08 -1.57
C LYS K 1166 -3.42 -25.42 -1.17
N LEU K 1167 -3.66 -25.53 0.13
CA LEU K 1167 -4.99 -25.85 0.62
C LEU K 1167 -5.82 -24.61 0.57
N LEU K 1168 -6.98 -24.68 -0.03
CA LEU K 1168 -7.83 -23.51 -0.25
C LEU K 1168 -8.96 -23.46 0.78
N LYS K 1169 -9.69 -22.33 0.74
CA LYS K 1169 -10.81 -22.10 1.63
C LYS K 1169 -11.86 -23.20 1.45
N GLY K 1170 -12.46 -23.62 2.56
CA GLY K 1170 -13.47 -24.65 2.57
C GLY K 1170 -12.95 -26.06 2.73
N ALA K 1171 -11.63 -26.24 2.73
CA ALA K 1171 -11.06 -27.56 2.92
C ALA K 1171 -11.07 -27.95 4.39
N THR K 1172 -10.80 -29.22 4.65
CA THR K 1172 -10.83 -29.77 6.00
C THR K 1172 -9.41 -30.02 6.49
N LEU K 1173 -9.18 -29.68 7.77
CA LEU K 1173 -7.92 -29.95 8.43
C LEU K 1173 -8.21 -30.58 9.79
N TYR K 1174 -7.15 -30.95 10.50
CA TYR K 1174 -7.24 -31.42 11.87
C TYR K 1174 -6.17 -30.73 12.69
N ILE K 1175 -6.60 -30.06 13.76
CA ILE K 1175 -5.71 -29.41 14.71
C ILE K 1175 -5.65 -30.27 15.97
N PRO K 1176 -4.47 -30.71 16.41
CA PRO K 1176 -4.39 -31.43 17.69
C PRO K 1176 -4.90 -30.58 18.84
N LYS K 1177 -5.62 -31.22 19.76
CA LYS K 1177 -6.01 -30.60 21.02
C LYS K 1177 -5.80 -31.59 22.15
N ALA K 1178 -5.39 -31.08 23.31
CA ALA K 1178 -5.05 -31.92 24.45
C ALA K 1178 -6.21 -31.97 25.43
N LEU K 1179 -6.36 -33.13 26.07
CA LEU K 1179 -7.43 -33.37 27.04
C LEU K 1179 -6.82 -33.90 28.32
N ARG K 1180 -7.38 -33.51 29.45
CA ARG K 1180 -6.96 -34.03 30.75
C ARG K 1180 -7.84 -35.19 31.18
N PHE K 1181 -7.28 -36.38 31.34
CA PHE K 1181 -8.01 -37.55 31.81
C PHE K 1181 -7.78 -37.69 33.32
N ASP K 1182 -8.81 -38.17 34.00
CA ASP K 1182 -8.79 -38.30 35.46
C ASP K 1182 -8.36 -39.66 36.04
N ARG K 1183 -7.86 -40.56 35.23
CA ARG K 1183 -7.29 -41.82 35.76
C ARG K 1183 -5.79 -41.69 35.60
N LEU K 1184 -5.06 -41.56 36.68
CA LEU K 1184 -3.63 -41.34 36.62
C LEU K 1184 -2.77 -42.38 37.27
N VAL K 1185 -3.36 -43.41 37.84
CA VAL K 1185 -2.63 -44.40 38.58
C VAL K 1185 -2.85 -45.75 37.97
N ALA K 1186 -1.84 -46.61 38.00
CA ALA K 1186 -2.00 -47.96 37.50
C ALA K 1186 -1.03 -48.90 38.12
N GLY K 1187 -1.40 -50.18 38.17
CA GLY K 1187 -0.46 -51.18 38.65
C GLY K 1187 0.48 -51.58 37.54
N GLN K 1188 1.70 -51.06 37.58
CA GLN K 1188 2.63 -51.20 36.47
C GLN K 1188 3.80 -52.10 36.87
N ILE K 1189 4.26 -52.88 35.90
CA ILE K 1189 5.44 -53.73 36.10
C ILE K 1189 6.62 -52.85 36.51
N PRO K 1190 7.45 -53.31 37.45
CA PRO K 1190 8.49 -52.41 37.97
C PRO K 1190 9.31 -51.69 36.90
N THR K 1191 9.58 -50.40 37.09
CA THR K 1191 10.38 -49.63 36.14
C THR K 1191 11.79 -50.15 36.07
N GLY K 1192 12.26 -50.46 34.86
CA GLY K 1192 13.57 -51.02 34.67
C GLY K 1192 13.47 -52.42 34.14
N TRP K 1193 12.31 -53.03 34.25
CA TRP K 1193 12.07 -54.37 33.72
C TRP K 1193 12.37 -54.44 32.25
N ASN K 1194 13.09 -55.45 31.82
CA ASN K 1194 13.50 -55.57 30.45
C ASN K 1194 13.66 -57.02 30.10
N ALA K 1195 13.00 -57.47 29.05
CA ALA K 1195 13.12 -58.85 28.61
C ALA K 1195 14.56 -59.23 28.24
N LYS K 1196 15.43 -58.26 27.99
CA LYS K 1196 16.84 -58.59 27.78
C LYS K 1196 17.49 -59.13 29.05
N THR K 1197 17.03 -58.73 30.23
CA THR K 1197 17.58 -59.22 31.50
C THR K 1197 17.31 -60.71 31.65
N TYR K 1198 16.24 -61.17 31.05
CA TYR K 1198 15.91 -62.59 31.07
C TYR K 1198 16.57 -63.36 29.94
N GLY K 1199 17.01 -62.68 28.88
CA GLY K 1199 17.69 -63.32 27.77
C GLY K 1199 16.99 -63.23 26.44
N ILE K 1200 15.79 -62.65 26.37
CA ILE K 1200 15.09 -62.51 25.10
C ILE K 1200 15.85 -61.53 24.22
N SER K 1201 16.06 -61.90 22.96
CA SER K 1201 16.94 -61.15 22.07
C SER K 1201 16.23 -59.91 21.52
N ASP K 1202 17.04 -59.02 20.94
CA ASP K 1202 16.52 -57.76 20.42
C ASP K 1202 15.54 -57.98 19.28
N ASP K 1203 15.83 -58.94 18.40
CA ASP K 1203 14.96 -59.17 17.25
C ASP K 1203 13.56 -59.56 17.69
N ILE K 1204 13.45 -60.46 18.67
CA ILE K 1204 12.15 -60.85 19.19
C ILE K 1204 11.46 -59.65 19.84
N ILE K 1205 12.21 -58.86 20.61
CA ILE K 1205 11.62 -57.71 21.28
C ILE K 1205 11.06 -56.73 20.26
N SER K 1206 11.76 -56.52 19.15
CA SER K 1206 11.29 -55.60 18.13
C SER K 1206 10.19 -56.20 17.26
N GLN K 1207 10.04 -57.52 17.24
CA GLN K 1207 9.02 -58.17 16.44
C GLN K 1207 7.65 -58.18 17.13
N VAL K 1208 7.61 -58.53 18.40
CA VAL K 1208 6.36 -58.93 19.04
C VAL K 1208 5.77 -57.79 19.86
N ASP K 1209 4.52 -57.97 20.26
CA ASP K 1209 3.84 -57.05 21.15
C ASP K 1209 4.42 -57.15 22.56
N PRO K 1210 4.39 -56.05 23.32
CA PRO K 1210 4.92 -56.07 24.68
C PRO K 1210 4.30 -57.16 25.60
N ILE K 1211 3.06 -57.56 25.35
CA ILE K 1211 2.42 -58.60 26.16
C ILE K 1211 3.10 -59.94 25.92
N THR K 1212 3.57 -60.19 24.70
CA THR K 1212 4.23 -61.45 24.39
C THR K 1212 5.48 -61.64 25.24
N LEU K 1213 6.18 -60.58 25.60
CA LEU K 1213 7.37 -60.66 26.44
C LEU K 1213 7.01 -61.08 27.86
N PHE K 1214 5.95 -60.52 28.42
CA PHE K 1214 5.48 -60.95 29.71
C PHE K 1214 5.13 -62.44 29.61
N VAL K 1215 4.45 -62.90 28.57
CA VAL K 1215 4.06 -64.30 28.45
C VAL K 1215 5.29 -65.21 28.36
N LEU K 1216 6.28 -64.82 27.55
CA LEU K 1216 7.46 -65.65 27.37
C LEU K 1216 8.22 -65.80 28.68
N VAL K 1217 8.41 -64.68 29.39
CA VAL K 1217 9.14 -64.73 30.66
C VAL K 1217 8.38 -65.57 31.67
N SER K 1218 7.06 -65.41 31.74
CA SER K 1218 6.27 -66.19 32.69
C SER K 1218 6.32 -67.67 32.36
N VAL K 1219 6.28 -68.03 31.08
CA VAL K 1219 6.34 -69.43 30.70
C VAL K 1219 7.69 -70.03 31.11
N VAL K 1220 8.78 -69.31 30.82
CA VAL K 1220 10.10 -69.82 31.16
C VAL K 1220 10.22 -69.99 32.67
N GLU K 1221 9.77 -68.98 33.43
CA GLU K 1221 9.88 -69.05 34.88
C GLU K 1221 8.97 -70.12 35.48
N ALA K 1222 7.83 -70.39 34.84
CA ALA K 1222 6.94 -71.44 35.34
C ALA K 1222 7.51 -72.82 35.05
N PHE K 1223 8.22 -72.99 33.94
CA PHE K 1223 8.91 -74.25 33.71
C PHE K 1223 10.08 -74.42 34.67
N ILE K 1224 10.80 -73.33 34.96
CA ILE K 1224 11.87 -73.43 35.95
C ILE K 1224 11.29 -73.80 37.31
N ALA K 1225 10.19 -73.17 37.71
CA ALA K 1225 9.55 -73.49 38.98
C ALA K 1225 9.08 -74.95 39.02
N SER K 1226 8.92 -75.59 37.87
CA SER K 1226 8.62 -77.01 37.79
C SER K 1226 9.87 -77.88 37.67
N GLY K 1227 11.06 -77.27 37.76
CA GLY K 1227 12.28 -78.02 37.64
C GLY K 1227 12.62 -78.49 36.24
N ILE K 1228 11.89 -78.00 35.24
CA ILE K 1228 12.12 -78.38 33.85
C ILE K 1228 12.91 -77.24 33.21
N THR K 1229 14.20 -77.45 33.01
CA THR K 1229 15.07 -76.41 32.48
C THR K 1229 15.17 -76.48 30.98
N ASP K 1230 14.86 -77.63 30.38
CA ASP K 1230 14.81 -77.79 28.95
C ASP K 1230 13.45 -78.37 28.59
N PRO K 1231 12.59 -77.58 27.97
CA PRO K 1231 11.25 -78.10 27.66
C PRO K 1231 11.27 -79.37 26.83
N TYR K 1232 12.32 -79.62 26.05
CA TYR K 1232 12.40 -80.85 25.27
C TYR K 1232 12.50 -82.08 26.15
N GLU K 1233 12.80 -81.94 27.43
CA GLU K 1233 12.81 -83.08 28.33
C GLU K 1233 11.43 -83.67 28.48
N MET K 1234 10.39 -82.89 28.28
CA MET K 1234 9.04 -83.44 28.31
C MET K 1234 8.86 -84.53 27.26
N TYR K 1235 9.55 -84.42 26.14
CA TYR K 1235 9.41 -85.38 25.05
C TYR K 1235 10.16 -86.67 25.31
N LYS K 1236 10.84 -86.80 26.45
CA LYS K 1236 11.34 -88.09 26.89
C LYS K 1236 10.27 -88.93 27.57
N TYR K 1237 9.12 -88.33 27.85
CA TYR K 1237 8.00 -89.05 28.47
C TYR K 1237 6.73 -89.06 27.67
N VAL K 1238 6.49 -88.03 26.88
CA VAL K 1238 5.24 -87.90 26.15
C VAL K 1238 5.56 -87.64 24.69
N HIS K 1239 4.58 -87.89 23.84
CA HIS K 1239 4.67 -87.57 22.43
C HIS K 1239 4.52 -86.06 22.23
N VAL K 1240 5.07 -85.56 21.13
CA VAL K 1240 5.00 -84.13 20.85
C VAL K 1240 3.56 -83.65 20.76
N SER K 1241 2.64 -84.55 20.40
CA SER K 1241 1.23 -84.20 20.29
C SER K 1241 0.53 -84.13 21.64
N GLU K 1242 1.25 -84.28 22.76
CA GLU K 1242 0.64 -84.41 24.07
C GLU K 1242 1.00 -83.26 25.01
N VAL K 1243 1.53 -82.17 24.49
CA VAL K 1243 1.80 -80.96 25.27
C VAL K 1243 0.89 -79.87 24.72
N GLY K 1244 -0.09 -79.46 25.52
CA GLY K 1244 -1.05 -78.47 25.11
C GLY K 1244 -0.72 -77.08 25.64
N ASN K 1245 -1.38 -76.10 25.05
CA ASN K 1245 -1.31 -74.71 25.52
C ASN K 1245 -2.72 -74.16 25.49
N CYS K 1246 -3.28 -73.86 26.66
CA CYS K 1246 -4.67 -73.47 26.79
C CYS K 1246 -4.82 -72.13 27.50
N SER K 1247 -3.80 -71.28 27.43
CA SER K 1247 -3.85 -69.96 28.05
C SER K 1247 -4.35 -68.91 27.04
N GLY K 1248 -4.87 -67.82 27.58
CA GLY K 1248 -5.39 -66.76 26.74
C GLY K 1248 -5.36 -65.38 27.38
N SER K 1249 -5.99 -64.40 26.74
CA SER K 1249 -6.08 -63.05 27.27
C SER K 1249 -7.47 -62.50 27.02
N GLY K 1250 -7.80 -61.40 27.65
CA GLY K 1250 -9.07 -60.76 27.40
C GLY K 1250 -9.05 -59.87 26.17
N MET K 1251 -7.93 -59.26 25.84
CA MET K 1251 -7.86 -58.32 24.70
C MET K 1251 -6.63 -58.45 23.81
N GLY K 1252 -5.66 -59.27 24.19
CA GLY K 1252 -4.48 -59.47 23.40
C GLY K 1252 -3.53 -58.33 23.19
N GLY K 1253 -2.88 -58.31 22.04
CA GLY K 1253 -1.91 -57.29 21.73
C GLY K 1253 -2.49 -55.94 21.39
N VAL K 1254 -2.99 -55.22 22.38
CA VAL K 1254 -3.64 -53.93 22.15
C VAL K 1254 -2.69 -52.90 21.57
N SER K 1255 -1.39 -53.06 21.78
CA SER K 1255 -0.43 -52.14 21.16
C SER K 1255 -0.40 -52.29 19.65
N ALA K 1256 -0.47 -53.53 19.14
CA ALA K 1256 -0.59 -53.74 17.71
C ALA K 1256 -1.93 -53.24 17.18
N LEU K 1257 -2.97 -53.24 17.99
CA LEU K 1257 -4.25 -52.69 17.61
C LEU K 1257 -4.09 -51.21 17.43
N ARG K 1258 -3.41 -50.55 18.37
CA ARG K 1258 -3.11 -49.14 18.19
C ARG K 1258 -2.33 -48.91 16.91
N GLY K 1259 -1.32 -49.74 16.66
CA GLY K 1259 -0.50 -49.58 15.48
C GLY K 1259 -1.32 -49.61 14.20
N MET K 1260 -2.26 -50.54 14.10
CA MET K 1260 -3.00 -50.67 12.84
C MET K 1260 -4.19 -49.72 12.75
N PHE K 1261 -4.74 -49.27 13.89
CA PHE K 1261 -5.94 -48.42 13.84
C PHE K 1261 -5.64 -46.94 13.93
N LYS K 1262 -4.54 -46.51 14.54
CA LYS K 1262 -4.21 -45.10 14.67
C LYS K 1262 -2.89 -44.76 13.98
N ASP K 1263 -1.83 -45.49 14.26
CA ASP K 1263 -0.53 -45.15 13.67
C ASP K 1263 -0.57 -45.25 12.16
N ARG K 1264 -1.23 -46.25 11.59
CA ARG K 1264 -1.36 -46.38 10.14
C ARG K 1264 -2.23 -45.26 9.58
N PHE K 1265 -3.23 -44.84 10.33
CA PHE K 1265 -4.05 -43.72 9.89
C PHE K 1265 -3.21 -42.43 9.78
N LYS K 1266 -2.29 -42.22 10.69
CA LYS K 1266 -1.38 -41.07 10.64
C LYS K 1266 -0.16 -41.33 9.77
N ASP K 1267 -0.13 -42.45 9.06
CA ASP K 1267 0.96 -42.75 8.15
C ASP K 1267 2.31 -42.79 8.82
N GLU K 1268 2.37 -43.36 10.02
CA GLU K 1268 3.63 -43.50 10.72
C GLU K 1268 4.13 -44.89 10.45
N PRO K 1269 5.44 -45.10 10.54
CA PRO K 1269 6.01 -46.41 10.20
C PRO K 1269 5.48 -47.50 11.12
N VAL K 1270 4.77 -48.46 10.54
CA VAL K 1270 4.28 -49.64 11.25
C VAL K 1270 4.72 -50.87 10.47
N GLN K 1271 5.19 -51.89 11.20
CA GLN K 1271 5.63 -53.11 10.55
C GLN K 1271 4.49 -53.72 9.75
N ASN K 1272 4.84 -54.35 8.62
CA ASN K 1272 3.82 -54.80 7.67
C ASN K 1272 3.02 -55.98 8.19
N ASP K 1273 3.51 -56.69 9.21
CA ASP K 1273 2.79 -57.81 9.80
C ASP K 1273 2.29 -57.49 11.20
N ILE K 1274 1.95 -56.22 11.45
CA ILE K 1274 1.45 -55.83 12.76
C ILE K 1274 0.13 -56.53 13.08
N LEU K 1275 -0.62 -56.91 12.06
CA LEU K 1275 -1.92 -57.53 12.29
C LEU K 1275 -1.78 -58.84 13.06
N GLN K 1276 -0.80 -59.66 12.70
CA GLN K 1276 -0.65 -60.95 13.38
C GLN K 1276 -0.25 -60.78 14.83
N GLU K 1277 0.51 -59.74 15.16
CA GLU K 1277 0.94 -59.54 16.53
C GLU K 1277 -0.21 -59.17 17.45
N SER K 1278 -1.34 -58.79 16.91
CA SER K 1278 -2.47 -58.42 17.72
C SER K 1278 -3.33 -59.58 18.15
N PHE K 1279 -3.30 -60.70 17.43
CA PHE K 1279 -4.20 -61.82 17.73
C PHE K 1279 -3.95 -62.35 19.13
N ILE K 1280 -5.05 -62.76 19.79
CA ILE K 1280 -4.95 -63.26 21.16
C ILE K 1280 -4.23 -64.61 21.22
N ASN K 1281 -4.23 -65.37 20.13
CA ASN K 1281 -3.51 -66.65 20.09
C ASN K 1281 -2.06 -66.50 19.63
N THR K 1282 -1.63 -65.28 19.29
CA THR K 1282 -0.27 -65.08 18.84
C THR K 1282 0.74 -65.25 19.98
N MET K 1283 0.36 -64.94 21.21
CA MET K 1283 1.26 -65.18 22.33
C MET K 1283 1.56 -66.67 22.48
N SER K 1284 0.52 -67.51 22.39
CA SER K 1284 0.74 -68.96 22.44
C SER K 1284 1.54 -69.43 21.24
N ALA K 1285 1.27 -68.87 20.06
CA ALA K 1285 2.06 -69.22 18.89
C ALA K 1285 3.55 -68.93 19.12
N TRP K 1286 3.87 -67.75 19.67
CA TRP K 1286 5.26 -67.41 19.93
C TRP K 1286 5.87 -68.30 21.00
N VAL K 1287 5.12 -68.62 22.05
CA VAL K 1287 5.61 -69.56 23.05
C VAL K 1287 6.01 -70.87 22.39
N ASN K 1288 5.12 -71.42 21.55
CA ASN K 1288 5.44 -72.69 20.90
C ASN K 1288 6.59 -72.56 19.92
N MET K 1289 6.70 -71.42 19.23
CA MET K 1289 7.71 -71.24 18.20
C MET K 1289 9.09 -70.96 18.79
N LEU K 1290 9.17 -70.51 20.04
CA LEU K 1290 10.47 -70.21 20.65
C LEU K 1290 10.90 -71.20 21.71
N LEU K 1291 9.97 -71.85 22.43
CA LEU K 1291 10.37 -72.72 23.52
C LEU K 1291 9.88 -74.16 23.38
N ILE K 1292 8.59 -74.34 23.09
CA ILE K 1292 7.96 -75.64 23.31
C ILE K 1292 8.13 -76.55 22.11
N SER K 1293 7.74 -76.07 20.92
CA SER K 1293 7.86 -76.84 19.69
C SER K 1293 6.99 -78.10 19.70
N SER K 1294 5.87 -78.05 20.41
CA SER K 1294 4.95 -79.18 20.43
C SER K 1294 3.91 -79.06 19.32
N SER K 1295 3.31 -80.20 18.99
CA SER K 1295 2.19 -80.25 18.06
C SER K 1295 0.93 -80.73 18.78
N GLY K 1296 0.78 -80.33 20.04
CA GLY K 1296 -0.35 -80.71 20.85
C GLY K 1296 -1.48 -79.71 20.73
N PRO K 1297 -2.55 -79.92 21.50
CA PRO K 1297 -3.71 -79.05 21.40
C PRO K 1297 -3.38 -77.60 21.75
N ILE K 1298 -4.01 -76.67 21.03
CA ILE K 1298 -3.91 -75.25 21.33
C ILE K 1298 -5.32 -74.68 21.31
N LYS K 1299 -5.80 -74.24 22.47
CA LYS K 1299 -7.14 -73.68 22.61
C LYS K 1299 -7.00 -72.39 23.41
N THR K 1300 -7.21 -71.26 22.76
CA THR K 1300 -6.95 -69.98 23.37
C THR K 1300 -8.27 -69.39 23.88
N PRO K 1301 -8.49 -69.34 25.19
CA PRO K 1301 -9.76 -68.77 25.69
C PRO K 1301 -9.74 -67.25 25.68
N VAL K 1302 -10.94 -66.68 25.61
CA VAL K 1302 -11.14 -65.24 25.76
C VAL K 1302 -12.30 -65.09 26.74
N GLY K 1303 -12.00 -64.63 27.95
CA GLY K 1303 -13.00 -64.56 29.00
C GLY K 1303 -12.95 -63.30 29.81
N ALA K 1304 -12.53 -62.21 29.21
CA ALA K 1304 -12.42 -60.94 29.91
C ALA K 1304 -11.58 -61.08 31.21
N CYS K 1305 -12.19 -60.86 32.35
CA CYS K 1305 -11.47 -60.96 33.61
C CYS K 1305 -11.46 -62.38 34.19
N ALA K 1306 -12.24 -63.30 33.64
CA ALA K 1306 -12.24 -64.69 34.07
C ALA K 1306 -11.42 -65.58 33.13
N THR K 1307 -10.54 -64.95 32.34
CA THR K 1307 -9.79 -65.68 31.32
C THR K 1307 -8.93 -66.78 31.92
N SER K 1308 -8.28 -66.51 33.05
CA SER K 1308 -7.35 -67.47 33.61
C SER K 1308 -8.09 -68.69 34.17
N VAL K 1309 -9.20 -68.47 34.86
CA VAL K 1309 -9.99 -69.60 35.36
C VAL K 1309 -10.55 -70.41 34.19
N GLU K 1310 -11.02 -69.72 33.14
CA GLU K 1310 -11.48 -70.45 31.97
C GLU K 1310 -10.36 -71.27 31.34
N SER K 1311 -9.15 -70.71 31.31
CA SER K 1311 -8.00 -71.42 30.77
C SER K 1311 -7.70 -72.67 31.61
N VAL K 1312 -7.77 -72.55 32.93
CA VAL K 1312 -7.55 -73.70 33.79
C VAL K 1312 -8.59 -74.78 33.51
N ASP K 1313 -9.86 -74.37 33.38
CA ASP K 1313 -10.92 -75.34 33.10
C ASP K 1313 -10.68 -76.06 31.78
N ILE K 1314 -10.34 -75.29 30.74
CA ILE K 1314 -10.10 -75.89 29.43
C ILE K 1314 -8.91 -76.83 29.48
N GLY K 1315 -7.85 -76.45 30.19
CA GLY K 1315 -6.69 -77.31 30.28
C GLY K 1315 -6.97 -78.60 31.02
N VAL K 1316 -7.73 -78.52 32.11
CA VAL K 1316 -8.10 -79.72 32.85
C VAL K 1316 -8.90 -80.65 31.96
N GLU K 1317 -9.87 -80.11 31.22
CA GLU K 1317 -10.68 -80.97 30.35
C GLU K 1317 -9.88 -81.51 29.17
N THR K 1318 -8.90 -80.74 28.68
CA THR K 1318 -8.03 -81.23 27.62
C THR K 1318 -7.20 -82.41 28.11
N ILE K 1319 -6.66 -82.38 29.33
CA ILE K 1319 -5.89 -83.52 29.81
C ILE K 1319 -6.79 -84.71 30.10
N LEU K 1320 -7.96 -84.48 30.67
CA LEU K 1320 -8.88 -85.54 30.99
C LEU K 1320 -9.49 -86.19 29.76
N SER K 1321 -9.58 -85.47 28.64
CA SER K 1321 -10.06 -86.09 27.42
C SER K 1321 -8.99 -86.93 26.73
N GLY K 1322 -7.75 -86.86 27.18
CA GLY K 1322 -6.68 -87.61 26.55
C GLY K 1322 -5.99 -86.92 25.41
N LYS K 1323 -6.34 -85.69 25.15
CA LYS K 1323 -5.66 -84.93 24.11
C LYS K 1323 -4.29 -84.45 24.53
N ALA K 1324 -4.02 -84.38 25.82
CA ALA K 1324 -2.73 -83.94 26.34
C ALA K 1324 -2.44 -84.55 27.69
N ARG K 1325 -1.20 -84.51 28.12
CA ARG K 1325 -0.82 -84.96 29.43
C ARG K 1325 -0.17 -83.79 30.16
N ILE K 1326 0.33 -82.79 29.44
CA ILE K 1326 0.89 -81.58 30.02
C ILE K 1326 0.23 -80.39 29.33
N CYS K 1327 -0.15 -79.38 30.10
CA CYS K 1327 -0.79 -78.21 29.53
C CYS K 1327 -0.24 -76.93 30.15
N ILE K 1328 -0.07 -75.92 29.32
CA ILE K 1328 0.25 -74.57 29.77
C ILE K 1328 -1.07 -73.81 29.91
N VAL K 1329 -1.34 -73.30 31.11
CA VAL K 1329 -2.54 -72.52 31.37
C VAL K 1329 -2.13 -71.21 32.04
N GLY K 1330 -3.04 -70.25 31.99
CA GLY K 1330 -2.81 -68.97 32.62
C GLY K 1330 -3.48 -67.86 31.83
N GLY K 1331 -3.09 -66.63 32.15
CA GLY K 1331 -3.70 -65.46 31.55
C GLY K 1331 -2.72 -64.32 31.48
N TYR K 1332 -3.07 -63.34 30.64
CA TYR K 1332 -2.21 -62.18 30.41
C TYR K 1332 -3.04 -61.07 29.79
N ASP K 1333 -2.57 -59.84 29.98
CA ASP K 1333 -3.17 -58.65 29.38
C ASP K 1333 -2.30 -57.45 29.72
N ASP K 1334 -2.34 -56.46 28.86
CA ASP K 1334 -1.57 -55.28 29.04
C ASP K 1334 -2.38 -54.07 29.39
N PHE K 1335 -1.72 -52.97 29.73
CA PHE K 1335 -2.38 -51.72 30.00
C PHE K 1335 -1.92 -50.71 28.95
N GLN K 1336 -2.84 -49.97 28.38
CA GLN K 1336 -2.53 -48.95 27.41
C GLN K 1336 -3.52 -47.82 27.48
N GLU K 1337 -3.23 -46.71 26.82
CA GLU K 1337 -4.08 -45.55 26.80
C GLU K 1337 -5.54 -45.76 26.43
N GLU K 1338 -5.82 -46.37 25.29
CA GLU K 1338 -7.18 -46.52 24.82
C GLU K 1338 -8.04 -47.36 25.76
N GLY K 1339 -7.51 -48.46 26.27
CA GLY K 1339 -8.26 -49.29 27.20
C GLY K 1339 -8.54 -48.57 28.51
N SER K 1340 -7.57 -47.81 29.01
CA SER K 1340 -7.77 -47.02 30.21
C SER K 1340 -8.89 -46.01 30.02
N PHE K 1341 -8.88 -45.29 28.92
CA PHE K 1341 -9.91 -44.32 28.63
C PHE K 1341 -11.25 -44.98 28.56
N GLU K 1342 -11.33 -46.11 27.86
CA GLU K 1342 -12.64 -46.72 27.71
C GLU K 1342 -13.16 -47.30 29.02
N PHE K 1343 -12.28 -47.80 29.89
CA PHE K 1343 -12.71 -48.19 31.22
C PHE K 1343 -13.11 -46.97 32.05
N GLY K 1344 -12.49 -45.82 31.78
CA GLY K 1344 -12.96 -44.60 32.41
C GLY K 1344 -14.34 -44.18 31.95
N ASN K 1345 -14.60 -44.22 30.65
CA ASN K 1345 -15.94 -43.89 30.13
C ASN K 1345 -17.02 -44.85 30.62
N MET K 1346 -16.67 -46.08 30.95
CA MET K 1346 -17.62 -46.99 31.56
C MET K 1346 -17.74 -46.82 33.07
N LYS K 1347 -16.89 -46.03 33.67
CA LYS K 1347 -16.89 -45.79 35.11
C LYS K 1347 -16.62 -47.06 35.88
N ALA K 1348 -15.85 -47.95 35.29
CA ALA K 1348 -15.46 -49.18 35.97
C ALA K 1348 -14.26 -48.98 36.87
N THR K 1349 -13.41 -48.04 36.53
CA THR K 1349 -12.23 -47.77 37.29
C THR K 1349 -12.45 -46.62 38.26
N SER K 1350 -11.56 -46.44 39.20
CA SER K 1350 -11.66 -45.36 40.15
C SER K 1350 -11.17 -44.03 39.61
N ASN K 1351 -11.91 -42.96 39.85
CA ASN K 1351 -11.46 -41.64 39.47
C ASN K 1351 -10.37 -41.25 40.45
N THR K 1352 -9.18 -40.95 39.97
CA THR K 1352 -8.05 -40.61 40.83
C THR K 1352 -8.14 -39.21 41.43
N LEU K 1353 -8.86 -38.30 40.79
CA LEU K 1353 -8.98 -36.96 41.31
C LEU K 1353 -9.93 -36.96 42.50
N GLU K 1354 -10.94 -37.81 42.48
CA GLU K 1354 -11.83 -37.97 43.59
C GLU K 1354 -11.09 -38.68 44.70
N GLU K 1355 -10.24 -39.65 44.39
CA GLU K 1355 -9.40 -40.30 45.40
C GLU K 1355 -8.48 -39.27 46.10
N PHE K 1356 -7.89 -38.35 45.35
CA PHE K 1356 -7.06 -37.33 45.94
C PHE K 1356 -7.90 -36.37 46.81
N GLU K 1357 -9.13 -36.08 46.42
CA GLU K 1357 -9.99 -35.22 47.24
C GLU K 1357 -10.24 -35.83 48.60
N HIS K 1358 -10.25 -37.15 48.70
CA HIS K 1358 -10.42 -37.83 49.97
C HIS K 1358 -9.10 -38.15 50.67
N GLY K 1359 -7.98 -37.61 50.21
CA GLY K 1359 -6.71 -37.82 50.88
C GLY K 1359 -6.08 -39.18 50.64
N ARG K 1360 -6.51 -39.88 49.61
CA ARG K 1360 -6.03 -41.20 49.34
C ARG K 1360 -4.84 -41.21 48.41
N THR K 1361 -3.81 -41.94 48.78
CA THR K 1361 -2.63 -42.06 47.96
C THR K 1361 -2.79 -43.30 47.08
N PRO K 1362 -1.96 -43.43 46.03
CA PRO K 1362 -2.07 -44.58 45.12
C PRO K 1362 -2.00 -45.95 45.81
N ALA K 1363 -1.21 -46.10 46.85
CA ALA K 1363 -1.09 -47.34 47.59
C ALA K 1363 -2.33 -47.73 48.37
N GLU K 1364 -3.31 -46.86 48.47
CA GLU K 1364 -4.54 -47.19 49.15
C GLU K 1364 -5.77 -47.02 48.28
N MET K 1365 -5.59 -46.93 46.97
CA MET K 1365 -6.72 -46.74 46.09
C MET K 1365 -7.44 -48.05 45.82
N SER K 1366 -6.75 -49.19 45.83
CA SER K 1366 -7.40 -50.50 45.67
C SER K 1366 -7.73 -51.06 47.05
N ARG K 1367 -8.99 -50.98 47.44
CA ARG K 1367 -9.40 -51.41 48.76
C ARG K 1367 -10.68 -52.22 48.67
N PRO K 1368 -10.54 -53.47 48.29
CA PRO K 1368 -11.74 -54.29 48.11
C PRO K 1368 -12.52 -54.49 49.41
N ALA K 1369 -13.83 -54.56 49.28
CA ALA K 1369 -14.75 -54.90 50.37
C ALA K 1369 -14.76 -53.85 51.48
N THR K 1370 -14.40 -52.61 51.16
CA THR K 1370 -14.40 -51.52 52.12
C THR K 1370 -15.61 -50.62 51.89
N THR K 1371 -15.96 -49.83 52.87
CA THR K 1371 -17.10 -48.96 52.75
C THR K 1371 -16.96 -47.91 51.66
N THR K 1372 -15.75 -47.53 51.30
CA THR K 1372 -15.54 -46.43 50.38
C THR K 1372 -14.94 -46.87 49.04
N ARG K 1373 -14.97 -48.16 48.76
CA ARG K 1373 -14.49 -48.69 47.49
C ARG K 1373 -15.27 -48.07 46.34
N ASN K 1374 -14.59 -47.57 45.33
CA ASN K 1374 -15.24 -46.85 44.24
C ASN K 1374 -14.70 -47.10 42.84
N GLY K 1375 -14.15 -48.26 42.57
CA GLY K 1375 -13.68 -48.57 41.26
C GLY K 1375 -12.43 -49.40 41.33
N PHE K 1376 -12.13 -50.10 40.25
CA PHE K 1376 -10.95 -50.96 40.20
C PHE K 1376 -9.73 -50.21 39.77
N MET K 1377 -8.58 -50.78 40.03
CA MET K 1377 -7.33 -50.19 39.66
C MET K 1377 -6.85 -51.06 38.56
N GLU K 1378 -6.50 -50.49 37.44
CA GLU K 1378 -6.00 -51.28 36.33
C GLU K 1378 -4.53 -51.67 36.47
N ALA K 1379 -4.18 -52.87 36.08
CA ALA K 1379 -2.82 -53.37 36.15
C ALA K 1379 -2.43 -54.06 34.84
N GLN K 1380 -1.27 -54.67 34.83
CA GLN K 1380 -0.79 -55.39 33.67
C GLN K 1380 0.10 -56.55 34.07
N GLY K 1381 0.29 -57.50 33.17
CA GLY K 1381 1.21 -58.60 33.41
C GLY K 1381 0.65 -59.91 32.90
N ALA K 1382 1.24 -60.99 33.38
CA ALA K 1382 0.86 -62.33 32.95
C ALA K 1382 1.08 -63.31 34.10
N GLY K 1383 0.37 -64.43 34.04
CA GLY K 1383 0.55 -65.51 34.97
C GLY K 1383 0.39 -66.85 34.29
N ILE K 1384 1.27 -67.80 34.59
CA ILE K 1384 1.30 -69.09 33.92
C ILE K 1384 1.41 -70.20 34.95
N GLN K 1385 0.71 -71.30 34.70
CA GLN K 1385 0.85 -72.51 35.50
C GLN K 1385 1.04 -73.70 34.57
N ILE K 1386 1.87 -74.65 34.99
CA ILE K 1386 2.04 -75.92 34.29
C ILE K 1386 1.21 -76.96 35.03
N ILE K 1387 0.25 -77.56 34.33
CA ILE K 1387 -0.57 -78.62 34.89
C ILE K 1387 -0.35 -79.89 34.08
N MET K 1388 -0.30 -81.02 34.77
CA MET K 1388 -0.19 -82.32 34.12
C MET K 1388 -0.90 -83.36 34.97
N GLN K 1389 -0.95 -84.58 34.47
CA GLN K 1389 -1.50 -85.68 35.23
C GLN K 1389 -0.61 -86.03 36.41
N ALA K 1390 -1.22 -86.37 37.54
CA ALA K 1390 -0.47 -86.73 38.74
C ALA K 1390 0.47 -87.90 38.46
N ASP K 1391 0.03 -88.86 37.68
CA ASP K 1391 0.86 -90.00 37.32
C ASP K 1391 2.14 -89.61 36.60
N LEU K 1392 2.07 -88.69 35.65
CA LEU K 1392 3.26 -88.23 34.95
C LEU K 1392 4.07 -87.30 35.79
N ALA K 1393 3.42 -86.52 36.65
CA ALA K 1393 4.20 -85.68 37.55
C ALA K 1393 5.05 -86.53 38.49
N LEU K 1394 4.47 -87.61 39.02
CA LEU K 1394 5.23 -88.51 39.87
C LEU K 1394 6.33 -89.22 39.08
N LYS K 1395 6.07 -89.63 37.87
CA LYS K 1395 7.05 -90.33 37.11
C LYS K 1395 8.20 -89.41 36.74
N MET K 1396 7.89 -88.17 36.38
CA MET K 1396 8.93 -87.26 35.94
C MET K 1396 9.79 -86.79 37.11
N GLY K 1397 9.24 -86.77 38.32
CA GLY K 1397 9.96 -86.24 39.45
C GLY K 1397 9.89 -84.74 39.59
N VAL K 1398 8.79 -84.12 39.18
CA VAL K 1398 8.64 -82.67 39.22
C VAL K 1398 7.93 -82.29 40.52
N PRO K 1399 8.15 -81.10 41.06
CA PRO K 1399 7.42 -80.69 42.26
C PRO K 1399 5.93 -80.57 41.99
N ILE K 1400 5.15 -80.80 43.04
CA ILE K 1400 3.69 -80.70 42.98
C ILE K 1400 3.26 -79.69 44.03
N TYR K 1401 2.67 -78.59 43.57
CA TYR K 1401 2.28 -77.49 44.45
C TYR K 1401 0.83 -77.55 44.89
N GLY K 1402 0.00 -78.34 44.23
CA GLY K 1402 -1.39 -78.46 44.62
C GLY K 1402 -2.15 -79.30 43.61
N ILE K 1403 -3.38 -79.62 43.99
CA ILE K 1403 -4.27 -80.43 43.18
C ILE K 1403 -5.37 -79.52 42.63
N VAL K 1404 -5.63 -79.56 41.34
CA VAL K 1404 -6.74 -78.81 40.76
C VAL K 1404 -7.92 -79.74 40.91
N ALA K 1405 -8.69 -79.60 41.97
CA ALA K 1405 -9.79 -80.47 42.25
C ALA K 1405 -11.05 -80.12 41.50
N MET K 1406 -11.26 -78.86 41.16
CA MET K 1406 -12.41 -78.46 40.38
C MET K 1406 -12.13 -77.22 39.55
N ALA K 1407 -12.80 -77.06 38.43
CA ALA K 1407 -12.62 -75.89 37.56
C ALA K 1407 -13.90 -75.77 36.75
N ALA K 1408 -14.65 -74.70 36.89
CA ALA K 1408 -15.96 -74.56 36.27
C ALA K 1408 -16.16 -73.14 35.74
N THR K 1409 -17.08 -73.02 34.78
CA THR K 1409 -17.49 -71.74 34.23
C THR K 1409 -19.01 -71.72 34.11
N ALA K 1410 -19.59 -70.53 34.15
CA ALA K 1410 -21.04 -70.41 34.10
C ALA K 1410 -21.44 -69.02 33.64
N THR K 1411 -22.52 -68.96 32.87
CA THR K 1411 -23.18 -67.71 32.51
C THR K 1411 -24.32 -67.43 33.46
N ASP K 1412 -24.88 -66.22 33.39
CA ASP K 1412 -25.87 -65.83 34.39
C ASP K 1412 -27.31 -66.01 33.96
N LYS K 1413 -27.79 -65.16 33.05
CA LYS K 1413 -29.21 -65.13 32.71
C LYS K 1413 -29.54 -64.06 31.68
N ILE K 1414 -30.83 -63.94 31.33
CA ILE K 1414 -31.30 -62.88 30.44
C ILE K 1414 -31.06 -61.53 31.09
N GLY K 1415 -30.64 -60.56 30.29
CA GLY K 1415 -30.38 -59.23 30.81
C GLY K 1415 -29.96 -58.29 29.69
N ARG K 1416 -29.61 -57.06 30.08
CA ARG K 1416 -29.21 -56.03 29.13
C ARG K 1416 -27.94 -55.29 29.52
N SER K 1417 -27.30 -55.64 30.63
CA SER K 1417 -26.03 -55.02 31.02
C SER K 1417 -24.88 -56.00 30.92
N VAL K 1418 -24.04 -55.84 29.91
CA VAL K 1418 -22.93 -56.76 29.68
C VAL K 1418 -22.00 -56.85 30.87
N PRO K 1419 -21.56 -55.75 31.48
CA PRO K 1419 -20.58 -55.84 32.57
C PRO K 1419 -21.15 -56.22 33.93
N ALA K 1420 -22.45 -56.40 34.05
CA ALA K 1420 -23.08 -56.77 35.30
C ALA K 1420 -22.68 -58.17 35.79
N PRO K 1421 -22.08 -58.28 36.99
CA PRO K 1421 -21.77 -59.60 37.54
C PRO K 1421 -23.04 -60.35 37.97
N GLY K 1422 -23.03 -61.66 37.91
CA GLY K 1422 -24.19 -62.45 38.24
C GLY K 1422 -23.85 -63.63 39.14
N LYS K 1423 -24.87 -64.40 39.47
CA LYS K 1423 -24.78 -65.50 40.43
C LYS K 1423 -24.69 -66.86 39.76
N GLY K 1424 -24.47 -66.91 38.44
CA GLY K 1424 -24.57 -68.17 37.73
C GLY K 1424 -23.58 -69.21 38.21
N ILE K 1425 -22.41 -68.79 38.71
CA ILE K 1425 -21.42 -69.72 39.22
C ILE K 1425 -21.88 -70.44 40.47
N LEU K 1426 -23.02 -70.02 41.04
CA LEU K 1426 -23.58 -70.70 42.20
C LEU K 1426 -23.93 -72.16 41.90
N THR K 1427 -24.06 -72.52 40.63
CA THR K 1427 -24.47 -73.87 40.26
C THR K 1427 -23.44 -74.94 40.59
N THR K 1428 -22.20 -74.57 40.94
CA THR K 1428 -21.23 -75.56 41.38
C THR K 1428 -21.61 -76.17 42.73
N ALA K 1429 -22.57 -75.58 43.45
CA ALA K 1429 -23.04 -76.11 44.71
C ALA K 1429 -24.44 -76.72 44.60
N ARG K 1430 -24.96 -76.91 43.39
CA ARG K 1430 -26.31 -77.45 43.24
C ARG K 1430 -26.40 -78.85 43.81
N GLU K 1431 -27.43 -79.10 44.62
CA GLU K 1431 -27.57 -80.37 45.33
C GLU K 1431 -28.99 -80.57 45.78
N HIS K 1432 -29.60 -81.68 45.41
CA HIS K 1432 -30.97 -82.01 45.76
C HIS K 1432 -31.01 -82.51 47.20
N HIS K 1433 -31.89 -81.94 48.01
CA HIS K 1433 -31.91 -82.27 49.42
C HIS K 1433 -33.29 -82.74 49.90
N SER K 1434 -34.13 -83.23 49.00
CA SER K 1434 -35.48 -83.63 49.37
C SER K 1434 -35.45 -84.68 50.47
N SER K 1435 -34.57 -85.67 50.36
CA SER K 1435 -34.40 -86.67 51.39
C SER K 1435 -33.05 -86.52 52.07
N ALA K 1439 -27.92 -90.29 54.25
CA ALA K 1439 -26.52 -90.37 53.86
C ALA K 1439 -26.33 -91.43 52.78
N SER K 1440 -26.22 -90.98 51.54
CA SER K 1440 -26.01 -91.90 50.43
C SER K 1440 -24.69 -92.64 50.63
N PRO K 1441 -24.66 -93.98 50.49
CA PRO K 1441 -23.39 -94.69 50.67
C PRO K 1441 -22.24 -94.11 49.87
N ASN K 1442 -22.53 -93.49 48.71
CA ASN K 1442 -21.47 -92.99 47.86
C ASN K 1442 -20.53 -92.05 48.59
N LEU K 1443 -21.04 -91.27 49.54
CA LEU K 1443 -20.23 -90.28 50.24
C LEU K 1443 -19.34 -90.90 51.32
N ASN K 1444 -19.23 -92.24 51.34
CA ASN K 1444 -18.34 -92.92 52.28
C ASN K 1444 -17.26 -93.67 51.52
N MET K 1445 -16.00 -93.31 51.73
CA MET K 1445 -14.90 -93.90 50.98
C MET K 1445 -14.69 -95.37 51.27
N LYS K 1446 -15.04 -95.80 52.47
CA LYS K 1446 -14.93 -97.22 52.82
C LYS K 1446 -15.77 -98.10 51.91
N TYR K 1447 -17.00 -97.70 51.63
CA TYR K 1447 -17.87 -98.46 50.72
C TYR K 1447 -17.33 -98.45 49.31
N ARG K 1448 -16.80 -97.32 48.87
CA ARG K 1448 -16.28 -97.20 47.52
C ARG K 1448 -15.04 -98.05 47.38
N LYS K 1449 -14.19 -98.07 48.40
CA LYS K 1449 -13.01 -98.92 48.36
C LYS K 1449 -13.39 -100.40 48.33
N ARG K 1450 -14.42 -100.78 49.10
CA ARG K 1450 -14.88 -102.16 49.08
C ARG K 1450 -15.30 -102.56 47.67
N GLN K 1451 -16.13 -101.73 47.04
CA GLN K 1451 -16.55 -102.01 45.67
C GLN K 1451 -15.34 -102.11 44.75
N LEU K 1452 -14.34 -101.27 44.97
CA LEU K 1452 -13.14 -101.29 44.15
C LEU K 1452 -12.41 -102.63 44.25
N VAL K 1453 -12.26 -103.14 45.48
CA VAL K 1453 -11.61 -104.44 45.64
C VAL K 1453 -12.40 -105.53 44.94
N THR K 1454 -13.73 -105.51 45.09
CA THR K 1454 -14.55 -106.52 44.41
C THR K 1454 -14.33 -106.47 42.90
N ARG K 1455 -14.35 -105.30 42.30
CA ARG K 1455 -14.19 -105.23 40.87
C ARG K 1455 -12.79 -105.66 40.46
N GLU K 1456 -11.79 -105.31 41.26
CA GLU K 1456 -10.44 -105.75 40.93
C GLU K 1456 -10.32 -107.27 40.92
N ALA K 1457 -10.98 -107.93 41.88
CA ALA K 1457 -10.99 -109.39 41.87
C ALA K 1457 -11.63 -109.93 40.60
N GLN K 1458 -12.80 -109.38 40.24
CA GLN K 1458 -13.43 -109.81 38.99
C GLN K 1458 -12.53 -109.55 37.79
N ILE K 1459 -11.77 -108.45 37.83
CA ILE K 1459 -10.87 -108.13 36.72
C ILE K 1459 -9.78 -109.17 36.60
N LYS K 1460 -9.17 -109.58 37.72
CA LYS K 1460 -8.12 -110.59 37.63
C LYS K 1460 -8.69 -111.92 37.12
N ASP K 1461 -9.92 -112.24 37.49
CA ASP K 1461 -10.55 -113.44 36.94
C ASP K 1461 -10.68 -113.36 35.43
N TRP K 1462 -11.17 -112.20 34.94
CA TRP K 1462 -11.26 -112.01 33.50
C TRP K 1462 -9.88 -112.15 32.85
N VAL K 1463 -8.86 -111.60 33.50
CA VAL K 1463 -7.51 -111.63 32.94
C VAL K 1463 -7.03 -113.06 32.79
N GLU K 1464 -7.22 -113.89 33.82
CA GLU K 1464 -6.71 -115.25 33.75
C GLU K 1464 -7.49 -116.08 32.73
N ASN K 1465 -8.81 -115.90 32.66
CA ASN K 1465 -9.57 -116.60 31.63
C ASN K 1465 -9.09 -116.23 30.24
N GLU K 1466 -8.87 -114.94 29.99
CA GLU K 1466 -8.47 -114.50 28.66
C GLU K 1466 -7.04 -114.93 28.35
N LEU K 1467 -6.18 -115.00 29.37
CA LEU K 1467 -4.83 -115.53 29.13
C LEU K 1467 -4.89 -117.00 28.75
N GLU K 1468 -5.77 -117.78 29.39
CA GLU K 1468 -5.91 -119.17 29.00
C GLU K 1468 -6.41 -119.29 27.55
N ALA K 1469 -7.39 -118.46 27.18
CA ALA K 1469 -7.88 -118.46 25.80
C ALA K 1469 -6.80 -118.04 24.81
N LEU K 1470 -5.97 -117.05 25.15
CA LEU K 1470 -4.87 -116.65 24.28
C LEU K 1470 -3.82 -117.75 24.18
N PHE K 1485 3.61 -113.49 18.01
CA PHE K 1485 2.17 -113.39 18.17
C PHE K 1485 1.82 -113.44 19.64
N LEU K 1486 2.38 -114.41 20.36
CA LEU K 1486 2.06 -114.54 21.77
C LEU K 1486 2.45 -113.27 22.53
N LEU K 1487 3.58 -112.66 22.20
CA LEU K 1487 4.01 -111.43 22.87
C LEU K 1487 2.98 -110.35 22.64
N GLU K 1488 2.66 -110.14 21.37
CA GLU K 1488 1.66 -109.13 21.06
C GLU K 1488 0.43 -109.35 21.90
N ARG K 1489 -0.03 -110.59 21.96
CA ARG K 1489 -1.29 -110.81 22.65
C ARG K 1489 -1.24 -110.70 24.17
N THR K 1490 -0.14 -111.10 24.79
CA THR K 1490 -0.02 -110.92 26.22
C THR K 1490 -0.08 -109.44 26.45
N ARG K 1491 0.63 -108.69 25.61
CA ARG K 1491 0.64 -107.26 25.76
C ARG K 1491 -0.80 -106.80 25.76
N GLU K 1492 -1.55 -107.18 24.74
CA GLU K 1492 -2.93 -106.77 24.62
C GLU K 1492 -3.80 -107.12 25.82
N ILE K 1493 -3.72 -108.34 26.30
CA ILE K 1493 -4.55 -108.76 27.42
C ILE K 1493 -4.22 -107.96 28.67
N HIS K 1494 -2.94 -107.74 28.93
CA HIS K 1494 -2.61 -107.05 30.17
C HIS K 1494 -3.06 -105.63 30.04
N ASN K 1495 -2.99 -105.11 28.83
CA ASN K 1495 -3.43 -103.77 28.58
C ASN K 1495 -4.93 -103.61 28.81
N GLU K 1496 -5.74 -104.58 28.39
CA GLU K 1496 -7.17 -104.51 28.64
C GLU K 1496 -7.46 -104.66 30.11
N ALA K 1497 -6.65 -105.44 30.80
CA ALA K 1497 -6.81 -105.55 32.21
C ALA K 1497 -6.60 -104.18 32.86
N GLU K 1498 -5.57 -103.48 32.41
CA GLU K 1498 -5.28 -102.19 32.99
C GLU K 1498 -6.41 -101.24 32.66
N SER K 1499 -6.94 -101.37 31.46
CA SER K 1499 -8.03 -100.51 31.04
C SER K 1499 -9.21 -100.68 31.94
N GLN K 1500 -9.47 -101.91 32.33
CA GLN K 1500 -10.57 -102.18 33.24
C GLN K 1500 -10.31 -101.73 34.67
N LEU K 1501 -9.09 -101.85 35.14
CA LEU K 1501 -8.78 -101.38 36.48
C LEU K 1501 -8.87 -99.86 36.60
N ARG K 1502 -8.45 -99.15 35.57
CA ARG K 1502 -8.50 -97.70 35.64
C ARG K 1502 -9.93 -97.26 35.54
N ALA K 1503 -10.73 -97.94 34.74
CA ALA K 1503 -12.15 -97.59 34.70
C ALA K 1503 -12.80 -97.79 36.07
N ALA K 1504 -12.49 -98.89 36.75
CA ALA K 1504 -13.03 -99.11 38.09
C ALA K 1504 -12.54 -98.04 39.06
N GLN K 1505 -11.27 -97.66 38.94
CA GLN K 1505 -10.72 -96.63 39.82
C GLN K 1505 -11.42 -95.32 39.58
N GLN K 1506 -11.61 -94.98 38.32
CA GLN K 1506 -12.32 -93.76 37.99
C GLN K 1506 -13.71 -93.77 38.61
N GLN K 1507 -14.45 -94.86 38.38
CA GLN K 1507 -15.83 -94.94 38.85
C GLN K 1507 -15.93 -94.80 40.38
N TRP K 1508 -15.02 -95.45 41.11
CA TRP K 1508 -15.19 -95.51 42.56
C TRP K 1508 -14.39 -94.47 43.33
N GLY K 1509 -13.41 -93.81 42.72
CA GLY K 1509 -12.61 -92.85 43.43
C GLY K 1509 -12.57 -91.46 42.84
N ASN K 1510 -12.78 -91.34 41.53
CA ASN K 1510 -12.59 -90.06 40.85
C ASN K 1510 -13.91 -89.34 40.59
N ASP K 1511 -14.86 -90.01 39.95
CA ASP K 1511 -16.15 -89.41 39.61
C ASP K 1511 -17.29 -90.28 40.12
N PHE K 1512 -17.19 -90.72 41.38
CA PHE K 1512 -18.29 -91.44 42.01
C PHE K 1512 -19.53 -90.56 42.15
N TYR K 1513 -19.35 -89.25 42.28
CA TYR K 1513 -20.48 -88.35 42.53
C TYR K 1513 -21.01 -87.69 41.28
N LYS K 1514 -20.38 -87.95 40.14
CA LYS K 1514 -20.77 -87.25 38.93
C LYS K 1514 -22.18 -87.56 38.49
N ARG K 1515 -22.66 -88.74 38.83
CA ARG K 1515 -24.02 -89.14 38.51
C ARG K 1515 -24.99 -88.97 39.67
N ASP K 1516 -24.53 -88.53 40.83
CA ASP K 1516 -25.38 -88.41 42.01
C ASP K 1516 -25.93 -86.99 42.09
N PRO K 1517 -27.24 -86.79 41.92
CA PRO K 1517 -27.80 -85.44 42.13
C PRO K 1517 -27.81 -85.01 43.59
N ARG K 1518 -27.46 -85.87 44.53
CA ARG K 1518 -27.40 -85.46 45.92
C ARG K 1518 -26.02 -85.02 46.34
N ILE K 1519 -25.07 -85.01 45.42
CA ILE K 1519 -23.73 -84.53 45.71
C ILE K 1519 -23.43 -83.39 44.75
N ALA K 1520 -23.09 -82.23 45.30
CA ALA K 1520 -22.72 -81.10 44.48
C ALA K 1520 -21.31 -81.30 43.92
N PRO K 1521 -21.06 -80.75 42.75
CA PRO K 1521 -19.70 -80.84 42.20
C PRO K 1521 -18.62 -80.33 43.15
N LEU K 1522 -18.88 -79.29 43.90
CA LEU K 1522 -17.93 -78.77 44.88
C LEU K 1522 -17.69 -79.79 46.00
N ARG K 1523 -18.76 -80.28 46.60
CA ARG K 1523 -18.64 -81.26 47.66
C ARG K 1523 -17.91 -82.50 47.15
N GLY K 1524 -18.28 -82.98 45.98
CA GLY K 1524 -17.63 -84.18 45.46
C GLY K 1524 -16.16 -83.97 45.16
N ALA K 1525 -15.79 -82.83 44.60
CA ALA K 1525 -14.38 -82.53 44.40
C ALA K 1525 -13.61 -82.54 45.71
N LEU K 1526 -14.21 -82.02 46.78
CA LEU K 1526 -13.53 -82.13 48.06
C LEU K 1526 -13.54 -83.55 48.60
N ALA K 1527 -14.61 -84.30 48.39
CA ALA K 1527 -14.75 -85.64 48.94
C ALA K 1527 -13.88 -86.65 48.26
N THR K 1528 -13.41 -86.32 47.07
CA THR K 1528 -12.48 -87.23 46.40
C THR K 1528 -11.27 -87.54 47.26
N TYR K 1529 -10.95 -86.69 48.23
CA TYR K 1529 -9.76 -86.86 49.06
C TYR K 1529 -10.11 -86.87 50.52
N GLY K 1530 -11.35 -87.18 50.84
CA GLY K 1530 -11.76 -87.26 52.21
C GLY K 1530 -11.82 -85.94 52.90
N LEU K 1531 -12.22 -84.88 52.19
CA LEU K 1531 -12.34 -83.57 52.76
C LEU K 1531 -13.79 -83.14 52.76
N THR K 1532 -14.23 -82.47 53.80
CA THR K 1532 -15.59 -81.96 53.92
C THR K 1532 -15.65 -80.51 53.44
N ILE K 1533 -16.82 -79.91 53.51
CA ILE K 1533 -16.97 -78.52 53.12
C ILE K 1533 -16.25 -77.62 54.12
N ASP K 1534 -16.10 -78.07 55.37
CA ASP K 1534 -15.44 -77.28 56.36
C ASP K 1534 -13.93 -77.24 56.14
N ASP K 1535 -13.40 -78.12 55.31
CA ASP K 1535 -11.98 -78.10 55.00
C ASP K 1535 -11.58 -77.05 53.94
N LEU K 1536 -12.53 -76.29 53.42
CA LEU K 1536 -12.25 -75.20 52.50
C LEU K 1536 -11.97 -73.95 53.32
N GLY K 1537 -10.72 -73.68 53.64
CA GLY K 1537 -10.42 -72.60 54.55
C GLY K 1537 -10.24 -71.22 54.00
N VAL K 1538 -9.81 -71.12 52.77
CA VAL K 1538 -9.55 -69.81 52.19
C VAL K 1538 -10.35 -69.67 50.90
N ALA K 1539 -10.95 -68.50 50.72
CA ALA K 1539 -11.60 -68.12 49.47
C ALA K 1539 -10.82 -66.94 48.89
N SER K 1540 -10.21 -67.13 47.74
CA SER K 1540 -9.54 -66.02 47.03
C SER K 1540 -10.61 -65.32 46.23
N PHE K 1541 -10.87 -64.06 46.54
CA PHE K 1541 -11.92 -63.32 45.87
C PHE K 1541 -11.40 -62.52 44.73
N HIS K 1542 -12.16 -62.44 43.65
CA HIS K 1542 -11.81 -61.59 42.55
C HIS K 1542 -11.62 -60.19 43.13
N GLY K 1543 -12.42 -59.81 44.11
CA GLY K 1543 -12.22 -58.56 44.85
C GLY K 1543 -11.67 -57.44 44.08
N THR K 1544 -12.45 -56.90 43.16
CA THR K 1544 -11.94 -55.86 42.30
C THR K 1544 -12.07 -54.45 42.89
N SER K 1545 -12.60 -54.33 44.10
CA SER K 1545 -12.79 -53.03 44.76
C SER K 1545 -13.91 -52.21 44.11
N THR K 1546 -14.90 -52.89 43.54
CA THR K 1546 -16.07 -52.26 42.92
C THR K 1546 -17.28 -52.62 43.73
N LYS K 1547 -18.23 -51.73 43.79
CA LYS K 1547 -19.35 -51.94 44.71
C LYS K 1547 -20.24 -53.14 44.41
N ALA K 1548 -20.50 -53.42 43.15
CA ALA K 1548 -21.30 -54.55 42.79
C ALA K 1548 -20.53 -55.84 42.84
N ASN K 1549 -19.28 -55.84 42.43
CA ASN K 1549 -18.58 -57.09 42.36
C ASN K 1549 -18.37 -57.63 43.72
N ASP K 1550 -17.92 -56.80 44.62
CA ASP K 1550 -17.58 -57.28 45.95
C ASP K 1550 -18.81 -57.80 46.67
N LYS K 1551 -19.91 -57.04 46.64
CA LYS K 1551 -21.11 -57.51 47.31
C LYS K 1551 -21.63 -58.81 46.70
N ASN K 1552 -21.67 -58.87 45.37
CA ASN K 1552 -22.19 -60.05 44.68
C ASN K 1552 -21.33 -61.28 44.97
N GLU K 1553 -20.00 -61.11 44.97
CA GLU K 1553 -19.11 -62.22 45.24
C GLU K 1553 -19.26 -62.72 46.67
N SER K 1554 -19.36 -61.80 47.64
CA SER K 1554 -19.58 -62.22 49.01
C SER K 1554 -20.90 -62.99 49.13
N ALA K 1555 -21.95 -62.48 48.49
CA ALA K 1555 -23.24 -63.17 48.54
C ALA K 1555 -23.14 -64.55 47.91
N THR K 1556 -22.44 -64.67 46.78
CA THR K 1556 -22.33 -65.96 46.10
C THR K 1556 -21.59 -66.98 46.97
N ILE K 1557 -20.44 -66.59 47.53
CA ILE K 1557 -19.69 -67.51 48.37
C ILE K 1557 -20.53 -67.89 49.59
N ASN K 1558 -21.22 -66.92 50.20
CA ASN K 1558 -22.03 -67.21 51.37
C ASN K 1558 -23.15 -68.19 51.05
N GLU K 1559 -23.84 -68.03 49.94
CA GLU K 1559 -24.88 -68.97 49.55
C GLU K 1559 -24.28 -70.35 49.26
N MET K 1560 -23.15 -70.39 48.58
CA MET K 1560 -22.51 -71.68 48.37
C MET K 1560 -22.30 -72.41 49.70
N MET K 1561 -21.69 -71.72 50.67
CA MET K 1561 -21.40 -72.36 51.95
C MET K 1561 -22.67 -72.72 52.70
N LYS K 1562 -23.70 -71.92 52.63
CA LYS K 1562 -24.91 -72.19 53.40
C LYS K 1562 -25.68 -73.37 52.88
N HIS K 1563 -25.68 -73.56 51.58
CA HIS K 1563 -26.44 -74.63 50.98
C HIS K 1563 -25.76 -75.96 51.19
N LEU K 1564 -24.45 -75.98 51.19
CA LEU K 1564 -23.71 -77.22 51.39
C LEU K 1564 -23.43 -77.51 52.85
N GLY K 1565 -24.13 -76.84 53.75
CA GLY K 1565 -23.99 -77.11 55.14
C GLY K 1565 -22.71 -76.77 55.80
N ARG K 1566 -22.10 -75.69 55.39
CA ARG K 1566 -20.91 -75.25 56.11
C ARG K 1566 -21.28 -74.99 57.57
N SER K 1567 -20.41 -75.43 58.49
CA SER K 1567 -20.70 -75.27 59.90
C SER K 1567 -20.81 -73.83 60.30
N GLU K 1568 -21.70 -73.56 61.24
CA GLU K 1568 -21.83 -72.22 61.76
C GLU K 1568 -20.64 -71.88 62.62
N GLY K 1569 -20.16 -70.66 62.54
CA GLY K 1569 -18.97 -70.29 63.25
C GLY K 1569 -17.70 -70.59 62.50
N ASN K 1570 -17.83 -71.18 61.32
CA ASN K 1570 -16.67 -71.49 60.50
C ASN K 1570 -16.71 -70.67 59.21
N PRO K 1571 -16.47 -69.36 59.30
CA PRO K 1571 -16.41 -68.56 58.07
C PRO K 1571 -15.21 -68.84 57.20
N VAL K 1572 -15.35 -68.81 55.88
CA VAL K 1572 -14.18 -68.89 55.01
C VAL K 1572 -13.42 -67.58 55.08
N ILE K 1573 -12.10 -67.66 55.14
CA ILE K 1573 -11.26 -66.47 55.23
C ILE K 1573 -11.02 -65.94 53.82
N GLY K 1574 -11.39 -64.69 53.60
CA GLY K 1574 -11.30 -64.09 52.27
C GLY K 1574 -9.95 -63.44 52.04
N VAL K 1575 -9.39 -63.70 50.86
CA VAL K 1575 -8.15 -63.07 50.43
C VAL K 1575 -8.47 -62.17 49.25
N PHE K 1576 -7.87 -60.99 49.23
CA PHE K 1576 -8.09 -60.01 48.17
C PHE K 1576 -6.77 -59.46 47.69
N GLN K 1577 -6.07 -60.19 46.84
CA GLN K 1577 -4.74 -59.81 46.38
C GLN K 1577 -4.64 -58.58 45.44
N LYS K 1578 -5.77 -58.12 44.93
CA LYS K 1578 -5.79 -56.96 44.05
C LYS K 1578 -5.65 -55.71 44.83
N PHE K 1579 -5.75 -55.77 46.16
CA PHE K 1579 -5.46 -54.58 46.94
C PHE K 1579 -4.03 -54.15 46.68
N LEU K 1580 -3.14 -55.10 46.49
CA LEU K 1580 -1.73 -54.82 46.28
C LEU K 1580 -1.32 -54.77 44.80
N THR K 1581 -1.89 -55.59 43.95
CA THR K 1581 -1.44 -55.68 42.58
C THR K 1581 -2.30 -54.93 41.62
N GLY K 1582 -3.55 -54.69 41.98
CA GLY K 1582 -4.49 -54.14 41.04
C GLY K 1582 -5.13 -55.22 40.20
N HIS K 1583 -5.90 -54.78 39.20
CA HIS K 1583 -6.68 -55.70 38.38
C HIS K 1583 -6.09 -55.81 36.98
N PRO K 1584 -5.46 -56.93 36.62
CA PRO K 1584 -5.17 -57.18 35.20
C PRO K 1584 -6.33 -57.90 34.54
N LYS K 1585 -6.86 -57.30 33.54
CA LYS K 1585 -8.06 -57.80 32.90
C LYS K 1585 -7.88 -59.11 32.15
N GLY K 1586 -7.51 -60.16 32.82
CA GLY K 1586 -7.30 -61.46 32.22
C GLY K 1586 -6.18 -62.29 32.85
N ALA K 1587 -5.20 -61.64 33.47
CA ALA K 1587 -4.23 -62.33 34.30
C ALA K 1587 -4.69 -62.48 35.74
N ALA K 1588 -5.86 -61.93 36.08
CA ALA K 1588 -6.30 -61.87 37.46
C ALA K 1588 -6.41 -63.25 38.08
N GLY K 1589 -7.09 -64.16 37.39
CA GLY K 1589 -7.24 -65.51 37.92
C GLY K 1589 -5.92 -66.22 38.09
N ALA K 1590 -4.99 -66.01 37.15
CA ALA K 1590 -3.68 -66.65 37.25
C ALA K 1590 -2.91 -66.15 38.46
N TRP K 1591 -2.95 -64.86 38.72
CA TRP K 1591 -2.30 -64.31 39.88
C TRP K 1591 -2.91 -64.82 41.16
N MET K 1592 -4.23 -64.90 41.23
CA MET K 1592 -4.89 -65.44 42.41
C MET K 1592 -4.58 -66.92 42.60
N MET K 1593 -4.44 -67.66 41.51
CA MET K 1593 -4.10 -69.08 41.64
C MET K 1593 -2.68 -69.26 42.13
N ASN K 1594 -1.73 -68.45 41.65
CA ASN K 1594 -0.37 -68.51 42.17
C ASN K 1594 -0.36 -68.21 43.66
N GLY K 1595 -1.09 -67.21 44.10
CA GLY K 1595 -1.17 -66.91 45.49
C GLY K 1595 -1.80 -68.02 46.30
N ALA K 1596 -2.83 -68.64 45.79
CA ALA K 1596 -3.47 -69.74 46.46
C ALA K 1596 -2.55 -70.92 46.60
N LEU K 1597 -1.72 -71.19 45.60
CA LEU K 1597 -0.73 -72.25 45.76
C LEU K 1597 0.28 -71.90 46.85
N GLN K 1598 0.72 -70.64 46.88
CA GLN K 1598 1.67 -70.23 47.90
C GLN K 1598 1.05 -70.30 49.30
N ILE K 1599 -0.23 -69.95 49.41
CA ILE K 1599 -0.94 -70.10 50.68
C ILE K 1599 -1.01 -71.57 51.07
N LEU K 1600 -1.37 -72.45 50.15
CA LEU K 1600 -1.48 -73.87 50.41
C LEU K 1600 -0.16 -74.50 50.86
N ASN K 1601 0.96 -73.99 50.36
CA ASN K 1601 2.24 -74.58 50.74
C ASN K 1601 2.91 -73.89 51.92
N SER K 1602 2.48 -72.71 52.33
CA SER K 1602 3.07 -72.00 53.46
C SER K 1602 2.23 -72.02 54.70
N GLY K 1603 0.93 -72.09 54.53
CA GLY K 1603 0.06 -72.00 55.68
C GLY K 1603 -0.22 -70.57 56.06
N ILE K 1604 0.31 -69.62 55.31
CA ILE K 1604 0.11 -68.21 55.60
C ILE K 1604 -1.02 -67.62 54.79
N ILE K 1605 -1.93 -66.94 55.42
CA ILE K 1605 -3.04 -66.26 54.76
C ILE K 1605 -2.74 -64.77 54.79
N PRO K 1606 -2.43 -64.14 53.66
CA PRO K 1606 -2.17 -62.69 53.68
C PRO K 1606 -3.41 -61.90 54.02
N GLY K 1607 -3.21 -60.77 54.68
CA GLY K 1607 -4.28 -59.87 55.05
C GLY K 1607 -4.42 -58.74 54.05
N ASN K 1608 -5.64 -58.23 53.94
CA ASN K 1608 -5.92 -57.08 53.07
C ASN K 1608 -5.53 -55.83 53.83
N ARG K 1609 -4.36 -55.31 53.56
CA ARG K 1609 -3.84 -54.13 54.30
C ARG K 1609 -4.52 -52.81 53.96
N ASN K 1610 -5.42 -52.80 52.99
CA ASN K 1610 -6.18 -51.62 52.66
C ASN K 1610 -7.61 -51.83 53.15
N ALA K 1611 -7.88 -52.89 53.89
CA ALA K 1611 -9.20 -53.09 54.50
C ALA K 1611 -9.26 -52.23 55.76
N ASP K 1612 -9.49 -50.95 55.58
CA ASP K 1612 -9.53 -50.04 56.69
C ASP K 1612 -10.84 -50.14 57.43
N ASN K 1613 -11.93 -50.33 56.70
CA ASN K 1613 -13.24 -50.49 57.32
C ASN K 1613 -14.10 -51.36 56.40
N VAL K 1614 -14.45 -52.54 56.88
CA VAL K 1614 -15.25 -53.46 56.09
C VAL K 1614 -16.67 -52.92 55.95
N ASP K 1615 -17.24 -53.01 54.77
CA ASP K 1615 -18.58 -52.49 54.54
C ASP K 1615 -19.61 -53.19 55.43
N LYS K 1616 -20.41 -52.41 56.14
CA LYS K 1616 -21.41 -52.95 57.05
C LYS K 1616 -22.37 -53.89 56.36
N ILE K 1617 -22.66 -53.65 55.11
CA ILE K 1617 -23.55 -54.49 54.36
C ILE K 1617 -23.04 -55.92 54.31
N LEU K 1618 -21.76 -56.15 54.46
CA LEU K 1618 -21.18 -57.47 54.35
C LEU K 1618 -21.27 -58.29 55.61
N GLU K 1619 -21.60 -57.68 56.74
CA GLU K 1619 -21.82 -58.41 57.99
C GLU K 1619 -22.93 -59.46 57.86
N GLN K 1620 -23.87 -59.26 56.96
CA GLN K 1620 -24.91 -60.26 56.75
C GLN K 1620 -24.42 -61.60 56.26
N PHE K 1621 -23.24 -61.64 55.64
CA PHE K 1621 -22.68 -62.87 55.09
C PHE K 1621 -21.83 -63.51 56.16
N GLU K 1622 -22.43 -64.33 57.00
CA GLU K 1622 -21.77 -64.94 58.15
C GLU K 1622 -20.73 -65.97 57.85
N TYR K 1623 -20.72 -66.49 56.63
CA TYR K 1623 -19.71 -67.45 56.21
C TYR K 1623 -18.50 -66.79 55.55
N VAL K 1624 -18.30 -65.50 55.74
CA VAL K 1624 -17.14 -64.82 55.21
C VAL K 1624 -16.47 -63.95 56.26
N LEU K 1625 -15.16 -64.06 56.37
CA LEU K 1625 -14.41 -63.24 57.29
C LEU K 1625 -13.41 -62.45 56.46
N TYR K 1626 -13.26 -61.18 56.76
CA TYR K 1626 -12.36 -60.32 56.03
C TYR K 1626 -11.15 -59.78 56.84
N PRO K 1627 -10.03 -60.49 56.92
CA PRO K 1627 -8.86 -60.05 57.70
C PRO K 1627 -8.16 -58.87 57.06
N SER K 1628 -7.41 -58.12 57.87
CA SER K 1628 -6.62 -56.99 57.40
C SER K 1628 -5.14 -57.27 57.60
N LYS K 1629 -4.81 -58.31 58.34
CA LYS K 1629 -3.42 -58.64 58.65
C LYS K 1629 -3.11 -60.08 58.35
N THR K 1630 -1.85 -60.40 58.11
CA THR K 1630 -1.50 -61.75 57.77
C THR K 1630 -1.66 -62.70 58.95
N LEU K 1631 -2.28 -63.82 58.68
CA LEU K 1631 -2.43 -64.84 59.70
C LEU K 1631 -1.60 -66.03 59.37
N LYS K 1632 -0.67 -66.40 60.25
CA LYS K 1632 0.09 -67.63 60.08
C LYS K 1632 -0.63 -68.77 60.76
N THR K 1633 -1.36 -69.58 60.00
CA THR K 1633 -2.15 -70.67 60.53
C THR K 1633 -1.29 -71.90 60.70
N ASP K 1634 -1.93 -72.99 61.11
CA ASP K 1634 -1.22 -74.25 61.25
C ASP K 1634 -1.48 -75.16 60.06
N GLY K 1635 -2.12 -74.66 59.02
CA GLY K 1635 -2.35 -75.41 57.80
C GLY K 1635 -3.59 -75.11 57.04
N VAL K 1636 -3.48 -74.93 55.73
CA VAL K 1636 -4.67 -74.77 54.88
C VAL K 1636 -4.78 -76.03 54.03
N ARG K 1637 -5.98 -76.51 53.84
CA ARG K 1637 -6.16 -77.73 53.11
C ARG K 1637 -6.75 -77.52 51.72
N ALA K 1638 -7.54 -76.47 51.51
CA ALA K 1638 -8.04 -76.19 50.18
C ALA K 1638 -8.35 -74.71 50.06
N VAL K 1639 -8.22 -74.19 48.84
CA VAL K 1639 -8.44 -72.78 48.54
C VAL K 1639 -9.41 -72.68 47.38
N SER K 1640 -10.35 -71.74 47.47
CA SER K 1640 -11.30 -71.48 46.41
C SER K 1640 -10.91 -70.21 45.67
N ILE K 1641 -10.96 -70.27 44.35
CA ILE K 1641 -10.64 -69.15 43.47
C ILE K 1641 -11.86 -68.87 42.61
N THR K 1642 -12.36 -67.64 42.65
CA THR K 1642 -13.52 -67.25 41.86
C THR K 1642 -13.19 -66.02 41.03
N SER K 1643 -13.78 -65.97 39.84
CA SER K 1643 -13.58 -64.86 38.91
C SER K 1643 -14.92 -64.49 38.28
N PHE K 1644 -15.04 -63.21 37.91
CA PHE K 1644 -16.26 -62.69 37.31
C PHE K 1644 -15.87 -61.72 36.21
N GLY K 1645 -15.79 -62.21 34.97
CA GLY K 1645 -15.44 -61.38 33.86
C GLY K 1645 -16.65 -60.75 33.18
N PHE K 1646 -16.41 -59.72 32.41
CA PHE K 1646 -17.45 -59.07 31.64
C PHE K 1646 -18.00 -60.03 30.64
N GLY K 1647 -19.29 -59.95 30.38
CA GLY K 1647 -19.94 -60.88 29.48
C GLY K 1647 -20.49 -62.11 30.15
N GLN K 1648 -20.81 -62.03 31.44
CA GLN K 1648 -21.35 -63.15 32.20
C GLN K 1648 -20.37 -64.32 32.25
N LYS K 1649 -19.10 -64.02 32.52
CA LYS K 1649 -18.06 -65.03 32.61
C LYS K 1649 -17.73 -65.24 34.10
N GLY K 1650 -18.47 -66.16 34.72
CA GLY K 1650 -18.18 -66.59 36.08
C GLY K 1650 -17.38 -67.87 36.05
N GLY K 1651 -16.47 -68.01 37.01
CA GLY K 1651 -15.63 -69.18 37.07
C GLY K 1651 -15.17 -69.45 38.49
N GLN K 1652 -14.95 -70.72 38.80
CA GLN K 1652 -14.47 -71.13 40.10
C GLN K 1652 -13.49 -72.28 39.93
N ALA K 1653 -12.44 -72.27 40.74
CA ALA K 1653 -11.50 -73.37 40.83
C ALA K 1653 -11.26 -73.71 42.29
N ILE K 1654 -11.00 -74.99 42.55
CA ILE K 1654 -10.69 -75.47 43.90
C ILE K 1654 -9.31 -76.11 43.84
N VAL K 1655 -8.41 -75.64 44.69
CA VAL K 1655 -7.06 -76.16 44.78
C VAL K 1655 -6.92 -76.81 46.16
N VAL K 1656 -6.44 -78.05 46.17
CA VAL K 1656 -6.29 -78.83 47.39
C VAL K 1656 -4.81 -78.99 47.69
N HIS K 1657 -4.45 -79.06 48.96
CA HIS K 1657 -3.06 -79.22 49.35
C HIS K 1657 -2.47 -80.44 48.69
N PRO K 1658 -1.22 -80.33 48.23
CA PRO K 1658 -0.62 -81.46 47.49
C PRO K 1658 -0.43 -82.72 48.31
N ASP K 1659 -0.25 -82.64 49.62
CA ASP K 1659 0.03 -83.83 50.43
C ASP K 1659 -1.13 -84.81 50.50
N TYR K 1660 -2.30 -84.43 50.03
CA TYR K 1660 -3.38 -85.37 49.94
C TYR K 1660 -3.24 -86.28 48.74
N LEU K 1661 -2.37 -85.95 47.78
CA LEU K 1661 -2.14 -86.84 46.65
C LEU K 1661 -1.38 -88.09 47.08
N TYR K 1662 -0.39 -87.93 47.96
CA TYR K 1662 0.57 -89.00 48.21
C TYR K 1662 -0.02 -90.13 49.03
N GLY K 1663 -1.14 -89.91 49.71
CA GLY K 1663 -1.82 -91.00 50.39
C GLY K 1663 -2.40 -92.03 49.46
N ALA K 1664 -2.36 -91.81 48.16
CA ALA K 1664 -2.93 -92.72 47.20
C ALA K 1664 -1.90 -93.62 46.56
N ILE K 1665 -0.66 -93.52 46.99
CA ILE K 1665 0.42 -94.32 46.41
C ILE K 1665 1.14 -95.07 47.53
N THR K 1666 1.98 -96.01 47.12
CA THR K 1666 2.72 -96.85 48.05
C THR K 1666 3.97 -96.13 48.55
N GLU K 1667 4.57 -96.68 49.61
CA GLU K 1667 5.75 -96.07 50.20
C GLU K 1667 6.92 -96.06 49.23
N ASP K 1668 7.12 -97.15 48.50
CA ASP K 1668 8.25 -97.23 47.58
C ASP K 1668 8.13 -96.19 46.46
N ARG K 1669 6.92 -96.05 45.90
CA ARG K 1669 6.70 -95.04 44.88
C ARG K 1669 6.96 -93.64 45.43
N TYR K 1670 6.49 -93.38 46.64
CA TYR K 1670 6.72 -92.07 47.26
C TYR K 1670 8.18 -91.77 47.47
N ASN K 1671 8.96 -92.76 47.87
CA ASN K 1671 10.36 -92.54 48.13
C ASN K 1671 11.14 -92.37 46.85
N GLU K 1672 10.75 -93.07 45.83
CA GLU K 1672 11.36 -92.91 44.53
C GLU K 1672 11.08 -91.52 44.00
N TYR K 1673 9.85 -91.06 44.13
CA TYR K 1673 9.48 -89.71 43.69
C TYR K 1673 10.25 -88.65 44.48
N VAL K 1674 10.41 -88.84 45.78
CA VAL K 1674 11.05 -87.83 46.59
C VAL K 1674 12.50 -87.68 46.22
N ALA K 1675 13.16 -88.77 45.91
CA ALA K 1675 14.54 -88.72 45.48
C ALA K 1675 14.67 -88.06 44.12
N LYS K 1676 13.77 -88.40 43.21
CA LYS K 1676 13.77 -87.78 41.90
C LYS K 1676 13.56 -86.27 41.99
N VAL K 1677 12.69 -85.82 42.88
CA VAL K 1677 12.41 -84.41 42.98
C VAL K 1677 13.55 -83.66 43.65
N SER K 1678 14.24 -84.30 44.58
CA SER K 1678 15.42 -83.67 45.18
C SER K 1678 16.53 -83.46 44.17
N ALA K 1679 16.76 -84.42 43.31
CA ALA K 1679 17.73 -84.28 42.26
C ALA K 1679 17.33 -83.16 41.30
N ARG K 1680 16.07 -83.13 40.89
CA ARG K 1680 15.60 -82.11 39.98
C ARG K 1680 15.68 -80.72 40.60
N GLU K 1681 15.53 -80.60 41.89
CA GLU K 1681 15.60 -79.30 42.51
C GLU K 1681 17.02 -78.77 42.58
N LYS K 1682 17.98 -79.65 42.77
CA LYS K 1682 19.37 -79.25 42.80
C LYS K 1682 19.82 -78.78 41.44
N SER K 1683 19.36 -79.42 40.40
CA SER K 1683 19.70 -79.00 39.06
C SER K 1683 18.95 -77.74 38.66
N ALA K 1684 17.70 -77.60 39.08
CA ALA K 1684 16.99 -76.35 38.81
C ALA K 1684 17.61 -75.16 39.55
N TYR K 1685 18.21 -75.36 40.71
CA TYR K 1685 18.86 -74.27 41.41
C TYR K 1685 20.09 -73.84 40.68
N LYS K 1686 20.85 -74.78 40.19
CA LYS K 1686 22.01 -74.44 39.41
C LYS K 1686 21.68 -73.70 38.12
N PHE K 1687 20.67 -74.14 37.39
CA PHE K 1687 20.25 -73.45 36.20
C PHE K 1687 19.73 -72.08 36.54
N PHE K 1688 18.93 -71.95 37.59
CA PHE K 1688 18.34 -70.66 37.88
C PHE K 1688 19.41 -69.63 38.16
N HIS K 1689 20.40 -69.97 38.99
CA HIS K 1689 21.38 -68.95 39.35
C HIS K 1689 22.32 -68.63 38.18
N ASN K 1690 22.75 -69.60 37.41
CA ASN K 1690 23.53 -69.30 36.23
C ASN K 1690 22.76 -68.39 35.28
N GLY K 1691 21.51 -68.74 34.99
CA GLY K 1691 20.73 -67.91 34.09
C GLY K 1691 20.50 -66.52 34.64
N MET K 1692 20.34 -66.39 35.96
CA MET K 1692 20.11 -65.08 36.55
C MET K 1692 21.34 -64.18 36.38
N ILE K 1693 22.51 -64.68 36.75
CA ILE K 1693 23.67 -63.77 36.70
C ILE K 1693 24.14 -63.54 35.27
N TYR K 1694 23.90 -64.48 34.36
CA TYR K 1694 24.34 -64.31 32.97
C TYR K 1694 23.22 -63.92 32.02
N ASN K 1695 22.11 -63.43 32.54
CA ASN K 1695 21.01 -62.97 31.70
C ASN K 1695 20.61 -63.97 30.63
N LYS K 1696 20.52 -65.24 30.98
CA LYS K 1696 20.22 -66.29 30.02
C LYS K 1696 19.21 -67.28 30.60
N LEU K 1697 18.26 -66.77 31.38
CA LEU K 1697 17.18 -67.63 31.84
C LEU K 1697 16.32 -68.10 30.68
N PHE K 1698 16.00 -67.21 29.74
CA PHE K 1698 15.30 -67.57 28.53
C PHE K 1698 16.31 -67.87 27.46
N VAL K 1699 16.23 -69.04 26.87
CA VAL K 1699 17.09 -69.43 25.78
C VAL K 1699 16.23 -69.94 24.64
N SER K 1700 16.23 -69.27 23.52
CA SER K 1700 15.38 -69.66 22.43
C SER K 1700 15.85 -70.89 21.70
N LYS K 1701 14.92 -71.65 21.17
CA LYS K 1701 15.24 -72.85 20.39
C LYS K 1701 15.43 -72.48 18.93
N GLU K 1702 16.57 -72.85 18.37
CA GLU K 1702 16.85 -72.61 16.96
C GLU K 1702 16.24 -73.68 16.06
N HIS K 1703 16.17 -74.92 16.53
CA HIS K 1703 15.65 -76.03 15.76
C HIS K 1703 14.67 -76.82 16.58
N ALA K 1704 13.77 -77.53 15.92
CA ALA K 1704 12.88 -78.43 16.60
C ALA K 1704 13.69 -79.62 17.05
N PRO K 1705 13.10 -80.51 17.85
CA PRO K 1705 13.81 -81.73 18.24
C PRO K 1705 13.88 -82.78 17.13
N TYR K 1706 13.27 -82.52 16.00
CA TYR K 1706 13.35 -83.40 14.87
C TYR K 1706 13.82 -82.59 13.70
N THR K 1707 14.35 -83.25 12.69
CA THR K 1707 14.75 -82.56 11.47
C THR K 1707 13.53 -82.49 10.56
N ASP K 1708 13.62 -81.73 9.49
CA ASP K 1708 12.52 -81.62 8.56
C ASP K 1708 12.33 -82.91 7.78
N GLU K 1709 13.38 -83.71 7.60
CA GLU K 1709 13.22 -85.01 6.95
C GLU K 1709 12.54 -86.02 7.86
N LEU K 1710 12.67 -85.86 9.18
CA LEU K 1710 12.12 -86.78 10.15
C LEU K 1710 10.80 -86.29 10.76
N GLU K 1711 10.28 -85.15 10.30
CA GLU K 1711 9.16 -84.51 10.98
C GLU K 1711 7.89 -85.35 10.89
N GLU K 1712 7.52 -85.78 9.69
CA GLU K 1712 6.29 -86.53 9.53
C GLU K 1712 6.37 -87.88 10.23
N ASP K 1713 7.55 -88.50 10.25
CA ASP K 1713 7.71 -89.76 10.96
C ASP K 1713 7.47 -89.59 12.45
N VAL K 1714 8.00 -88.52 13.03
CA VAL K 1714 7.73 -88.23 14.44
C VAL K 1714 6.24 -88.00 14.66
N TYR K 1715 5.61 -87.22 13.77
CA TYR K 1715 4.19 -86.94 13.93
C TYR K 1715 3.35 -88.21 13.85
N LEU K 1716 3.75 -89.18 13.03
CA LEU K 1716 2.94 -90.37 12.81
C LEU K 1716 3.30 -91.54 13.71
N ASP K 1717 4.27 -91.37 14.61
CA ASP K 1717 4.68 -92.42 15.54
C ASP K 1717 4.34 -92.00 16.97
N PRO K 1718 3.26 -92.50 17.57
CA PRO K 1718 2.91 -92.05 18.92
C PRO K 1718 3.91 -92.42 19.98
N LEU K 1719 4.76 -93.41 19.75
CA LEU K 1719 5.70 -93.89 20.74
C LEU K 1719 7.07 -93.31 20.58
N ALA K 1720 7.22 -92.41 19.62
CA ALA K 1720 8.50 -91.76 19.40
C ALA K 1720 8.93 -90.84 20.56
N ARG K 1721 10.17 -90.94 21.02
CA ARG K 1721 10.67 -90.12 22.13
C ARG K 1721 12.05 -89.60 21.84
N VAL K 1722 12.42 -88.47 22.41
CA VAL K 1722 13.74 -87.90 22.23
C VAL K 1722 14.73 -88.63 23.13
N SER K 1723 16.00 -88.62 22.73
CA SER K 1723 17.09 -89.11 23.55
C SER K 1723 18.27 -88.14 23.43
N LYS K 1724 19.15 -88.17 24.44
CA LYS K 1724 20.31 -87.32 24.40
C LYS K 1724 21.18 -87.68 23.20
N ASP K 1725 21.58 -86.67 22.43
CA ASP K 1725 22.36 -86.89 21.23
C ASP K 1725 23.85 -86.81 21.56
N LYS K 1727 26.91 -86.47 20.75
CA LYS K 1727 27.60 -85.49 19.93
C LYS K 1727 27.24 -84.07 20.36
N SER K 1728 26.05 -83.61 19.93
CA SER K 1728 25.62 -82.26 20.29
C SER K 1728 25.29 -82.16 21.77
N GLY K 1729 24.76 -83.22 22.36
CA GLY K 1729 24.37 -83.20 23.76
C GLY K 1729 22.99 -82.67 24.03
N SER K 1730 22.19 -82.40 23.00
CA SER K 1730 20.82 -81.93 23.17
C SER K 1730 19.85 -83.08 22.92
N LEU K 1731 18.57 -82.81 23.19
CA LEU K 1731 17.54 -83.81 23.03
C LEU K 1731 16.94 -83.74 21.63
N THR K 1732 17.03 -84.85 20.91
CA THR K 1732 16.52 -84.92 19.57
C THR K 1732 15.94 -86.27 19.29
N PHE K 1733 15.21 -86.38 18.21
CA PHE K 1733 14.68 -87.66 17.80
C PHE K 1733 15.68 -88.35 16.91
N ASN K 1734 15.84 -89.64 17.11
CA ASN K 1734 16.75 -90.45 16.33
C ASN K 1734 15.94 -91.42 15.48
N SER K 1735 16.36 -91.58 14.21
CA SER K 1735 15.63 -92.43 13.29
C SER K 1735 15.52 -93.87 13.80
N LYS K 1736 16.47 -94.32 14.61
CA LYS K 1736 16.42 -95.68 15.12
C LYS K 1736 15.31 -95.87 16.15
N ASN K 1737 14.75 -94.78 16.65
CA ASN K 1737 13.74 -94.84 17.68
C ASN K 1737 12.35 -94.51 17.17
N ILE K 1738 12.15 -94.55 15.87
CA ILE K 1738 10.87 -94.18 15.25
C ILE K 1738 10.33 -95.39 14.50
N GLN K 1739 9.08 -95.78 14.82
CA GLN K 1739 8.44 -96.94 14.23
C GLN K 1739 9.30 -98.19 14.40
N SER K 1740 9.89 -98.33 15.58
CA SER K 1740 10.74 -99.47 15.92
C SER K 1740 10.01 -100.40 16.88
N LYS K 1741 10.40 -101.68 16.83
CA LYS K 1741 9.76 -102.68 17.67
C LYS K 1741 10.12 -102.55 19.14
N ASP K 1742 11.27 -101.96 19.45
CA ASP K 1742 11.66 -101.78 20.85
C ASP K 1742 10.71 -100.83 21.57
N SER K 1743 10.20 -99.83 20.87
CA SER K 1743 9.30 -98.85 21.48
C SER K 1743 8.02 -99.49 21.95
N TYR K 1744 7.62 -100.56 21.29
CA TYR K 1744 6.39 -101.26 21.64
C TYR K 1744 6.67 -102.33 22.69
N SER L 5 130.15 -30.04 11.33
CA SER L 5 129.82 -29.01 10.36
C SER L 5 128.61 -29.40 9.53
N THR L 6 127.43 -28.96 9.96
CA THR L 6 126.20 -29.25 9.23
C THR L 6 125.30 -28.03 9.27
N ARG L 7 124.49 -27.87 8.23
CA ARG L 7 123.50 -26.79 8.14
C ARG L 7 122.13 -27.42 7.99
N PRO L 8 121.21 -27.21 8.95
CA PRO L 8 119.94 -27.92 8.90
C PRO L 8 119.13 -27.56 7.67
N LEU L 9 118.83 -28.57 6.87
CA LEU L 9 117.96 -28.45 5.72
C LEU L 9 116.53 -28.83 6.15
N THR L 10 115.57 -28.59 5.25
CA THR L 10 114.18 -28.88 5.57
C THR L 10 113.47 -29.37 4.32
N LEU L 11 113.01 -30.62 4.35
CA LEU L 11 112.04 -31.13 3.39
C LEU L 11 110.67 -31.02 4.02
N SER L 12 109.78 -30.25 3.39
CA SER L 12 108.54 -29.83 4.02
C SER L 12 107.34 -30.17 3.14
N HIS L 13 106.23 -30.47 3.80
CA HIS L 13 104.95 -30.65 3.11
C HIS L 13 103.84 -30.38 4.13
N GLY L 14 103.26 -29.19 4.07
CA GLY L 14 102.21 -28.83 4.99
C GLY L 14 102.66 -28.96 6.43
N SER L 15 101.77 -29.52 7.27
CA SER L 15 102.08 -29.74 8.68
C SER L 15 102.86 -31.05 8.84
N LEU L 16 103.96 -31.14 8.10
CA LEU L 16 104.77 -32.35 8.05
C LEU L 16 106.12 -31.98 7.46
N GLU L 17 107.19 -32.24 8.21
CA GLU L 17 108.52 -31.81 7.79
C GLU L 17 109.56 -32.71 8.41
N HIS L 18 110.76 -32.69 7.82
CA HIS L 18 111.90 -33.43 8.32
C HIS L 18 113.16 -32.73 7.86
N VAL L 19 114.16 -32.66 8.75
CA VAL L 19 115.37 -31.89 8.52
C VAL L 19 116.53 -32.86 8.30
N LEU L 20 117.25 -32.65 7.20
CA LEU L 20 118.47 -33.40 6.91
C LEU L 20 119.67 -32.56 7.31
N LEU L 21 120.52 -33.10 8.17
CA LEU L 21 121.71 -32.40 8.62
C LEU L 21 122.82 -32.68 7.61
N VAL L 22 122.74 -31.98 6.48
CA VAL L 22 123.72 -32.15 5.40
C VAL L 22 125.04 -31.53 5.84
N PRO L 23 126.18 -32.12 5.50
CA PRO L 23 127.46 -31.47 5.80
C PRO L 23 127.58 -30.14 5.05
N THR L 24 128.29 -29.20 5.67
CA THR L 24 128.38 -27.86 5.11
C THR L 24 128.98 -27.85 3.71
N ALA L 25 129.74 -28.88 3.34
CA ALA L 25 130.38 -28.89 2.03
C ALA L 25 129.35 -28.95 0.90
N SER L 26 128.29 -29.76 1.07
CA SER L 26 127.34 -30.02 0.01
C SER L 26 125.97 -29.41 0.28
N PHE L 27 125.90 -28.41 1.17
CA PHE L 27 124.61 -27.80 1.48
C PHE L 27 124.00 -27.14 0.26
N PHE L 28 124.83 -26.54 -0.61
CA PHE L 28 124.32 -25.90 -1.81
C PHE L 28 123.65 -26.90 -2.74
N ILE L 29 124.30 -28.06 -2.96
CA ILE L 29 123.69 -29.09 -3.81
C ILE L 29 122.42 -29.62 -3.17
N ALA L 30 122.45 -29.84 -1.85
CA ALA L 30 121.26 -30.32 -1.16
C ALA L 30 120.11 -29.35 -1.33
N SER L 31 120.39 -28.04 -1.19
CA SER L 31 119.34 -27.04 -1.34
C SER L 31 118.82 -26.95 -2.77
N GLN L 32 119.71 -27.10 -3.76
CA GLN L 32 119.26 -27.09 -5.15
C GLN L 32 118.28 -28.24 -5.41
N LEU L 33 118.67 -29.46 -5.01
CA LEU L 33 117.79 -30.60 -5.20
C LEU L 33 116.51 -30.44 -4.38
N GLN L 34 116.60 -29.82 -3.20
CA GLN L 34 115.42 -29.59 -2.38
C GLN L 34 114.45 -28.62 -3.06
N GLU L 35 114.97 -27.57 -3.69
CA GLU L 35 114.11 -26.64 -4.40
C GLU L 35 113.43 -27.34 -5.57
N GLN L 36 114.18 -28.14 -6.33
CA GLN L 36 113.54 -28.90 -7.41
C GLN L 36 112.47 -29.83 -6.87
N PHE L 37 112.75 -30.54 -5.78
CA PHE L 37 111.76 -31.44 -5.19
C PHE L 37 110.55 -30.68 -4.69
N ASN L 38 110.75 -29.49 -4.14
CA ASN L 38 109.63 -28.63 -3.77
C ASN L 38 108.76 -28.33 -4.99
N LYS L 39 109.39 -28.11 -6.15
CA LYS L 39 108.62 -27.99 -7.38
C LYS L 39 107.82 -29.27 -7.64
N ILE L 40 108.47 -30.43 -7.47
CA ILE L 40 107.83 -31.70 -7.82
C ILE L 40 106.75 -32.05 -6.81
N LEU L 41 107.06 -31.92 -5.52
CA LEU L 41 106.12 -32.35 -4.48
C LEU L 41 104.83 -31.53 -4.57
N PRO L 42 103.71 -32.14 -4.95
CA PRO L 42 102.49 -31.36 -5.18
C PRO L 42 101.99 -30.71 -3.90
N GLU L 43 101.22 -29.64 -4.07
CA GLU L 43 100.72 -28.84 -2.95
C GLU L 43 99.86 -29.72 -2.03
N PRO L 44 99.86 -29.45 -0.73
CA PRO L 44 99.20 -30.34 0.22
C PRO L 44 97.69 -30.11 0.30
N THR L 45 97.03 -31.02 1.02
CA THR L 45 95.60 -30.92 1.29
C THR L 45 95.36 -31.38 2.73
N GLU L 46 94.10 -31.38 3.13
CA GLU L 46 93.73 -31.76 4.50
C GLU L 46 93.97 -33.25 4.70
N GLY L 47 95.01 -33.58 5.46
CA GLY L 47 95.38 -34.96 5.71
C GLY L 47 96.28 -35.57 4.66
N PHE L 48 96.58 -34.84 3.58
CA PHE L 48 97.41 -35.34 2.49
C PHE L 48 96.81 -36.59 1.87
N ALA L 49 95.48 -36.71 1.91
CA ALA L 49 94.80 -37.90 1.42
C ALA L 49 94.47 -37.79 -0.07
N ALA L 50 95.49 -37.50 -0.88
CA ALA L 50 95.35 -37.47 -2.33
C ALA L 50 96.55 -38.15 -2.94
N ASP L 51 96.41 -38.54 -4.21
CA ASP L 51 97.47 -39.28 -4.88
C ASP L 51 98.72 -38.42 -5.00
N ASP L 52 99.88 -39.07 -4.82
CA ASP L 52 101.19 -38.48 -5.05
C ASP L 52 101.60 -37.47 -3.99
N GLU L 53 101.16 -37.64 -2.74
CA GLU L 53 101.63 -36.78 -1.65
C GLU L 53 101.87 -37.64 -0.42
N PRO L 54 102.91 -37.32 0.36
CA PRO L 54 103.20 -38.11 1.56
C PRO L 54 102.14 -37.92 2.64
N THR L 55 102.06 -38.92 3.52
CA THR L 55 101.24 -38.84 4.73
C THR L 55 102.08 -38.93 5.99
N THR L 56 103.39 -39.17 5.86
CA THR L 56 104.28 -39.35 7.00
C THR L 56 105.66 -38.86 6.58
N PRO L 57 106.45 -38.31 7.52
CA PRO L 57 107.79 -37.85 7.13
C PRO L 57 108.64 -38.90 6.45
N ALA L 58 108.54 -40.16 6.89
CA ALA L 58 109.27 -41.22 6.21
C ALA L 58 108.89 -41.29 4.74
N GLU L 59 107.60 -41.16 4.43
CA GLU L 59 107.16 -41.20 3.05
C GLU L 59 107.79 -40.07 2.24
N LEU L 60 107.85 -38.87 2.82
CA LEU L 60 108.39 -37.72 2.11
C LEU L 60 109.89 -37.86 1.89
N VAL L 61 110.62 -38.35 2.90
CA VAL L 61 112.05 -38.56 2.72
C VAL L 61 112.31 -39.63 1.68
N GLY L 62 111.48 -40.68 1.65
CA GLY L 62 111.61 -41.68 0.61
C GLY L 62 111.30 -41.13 -0.78
N LYS L 63 110.33 -40.23 -0.85
CA LYS L 63 110.02 -39.59 -2.14
C LYS L 63 111.19 -38.75 -2.62
N PHE L 64 111.84 -38.02 -1.71
CA PHE L 64 113.05 -37.30 -2.08
C PHE L 64 114.17 -38.26 -2.47
N LEU L 65 114.28 -39.39 -1.77
CA LEU L 65 115.27 -40.40 -2.15
C LEU L 65 115.05 -40.85 -3.59
N GLY L 66 113.80 -41.14 -3.94
CA GLY L 66 113.49 -41.53 -5.31
C GLY L 66 113.81 -40.45 -6.31
N TYR L 67 113.46 -39.20 -5.97
CA TYR L 67 113.71 -38.09 -6.88
C TYR L 67 115.21 -37.97 -7.17
N VAL L 68 116.03 -38.03 -6.12
CA VAL L 68 117.48 -37.92 -6.33
C VAL L 68 118.02 -39.14 -7.05
N SER L 69 117.47 -40.34 -6.77
CA SER L 69 117.93 -41.54 -7.44
C SER L 69 117.65 -41.46 -8.94
N SER L 70 116.54 -40.83 -9.32
CA SER L 70 116.25 -40.65 -10.74
C SER L 70 117.31 -39.79 -11.42
N LEU L 71 117.73 -38.72 -10.76
CA LEU L 71 118.74 -37.84 -11.34
C LEU L 71 120.10 -38.51 -11.44
N VAL L 72 120.49 -39.29 -10.43
CA VAL L 72 121.76 -40.00 -10.49
C VAL L 72 121.73 -41.01 -11.64
N GLU L 73 122.90 -41.26 -12.21
CA GLU L 73 123.05 -42.18 -13.34
C GLU L 73 124.05 -43.27 -12.92
N PRO L 74 123.64 -44.53 -12.88
CA PRO L 74 124.60 -45.58 -12.50
C PRO L 74 125.77 -45.62 -13.49
N SER L 75 126.95 -45.94 -12.95
CA SER L 75 128.22 -45.86 -13.68
C SER L 75 128.85 -44.50 -13.44
N LYS L 76 129.65 -44.03 -14.39
CA LYS L 76 130.33 -42.75 -14.24
C LYS L 76 129.33 -41.64 -13.93
N VAL L 77 129.44 -41.08 -12.73
CA VAL L 77 128.53 -40.03 -12.27
C VAL L 77 129.18 -39.32 -11.10
N GLY L 78 129.02 -38.00 -11.05
CA GLY L 78 129.53 -37.21 -9.95
C GLY L 78 128.50 -36.26 -9.36
N GLN L 79 127.42 -36.02 -10.11
CA GLN L 79 126.49 -34.94 -9.78
C GLN L 79 125.89 -35.09 -8.38
N PHE L 80 125.12 -36.15 -8.15
CA PHE L 80 124.30 -36.26 -6.95
C PHE L 80 124.51 -37.57 -6.19
N ASP L 81 125.66 -38.22 -6.35
CA ASP L 81 125.93 -39.43 -5.60
C ASP L 81 126.06 -39.14 -4.10
N GLN L 82 126.79 -38.09 -3.75
CA GLN L 82 127.06 -37.81 -2.35
C GLN L 82 125.78 -37.47 -1.59
N VAL L 83 124.94 -36.60 -2.17
CA VAL L 83 123.70 -36.24 -1.50
C VAL L 83 122.80 -37.47 -1.37
N LEU L 84 122.77 -38.31 -2.41
CA LEU L 84 121.99 -39.55 -2.33
C LEU L 84 122.45 -40.40 -1.17
N ASN L 85 123.76 -40.62 -1.04
CA ASN L 85 124.28 -41.46 0.03
C ASN L 85 123.97 -40.86 1.39
N LEU L 86 124.12 -39.54 1.52
CA LEU L 86 123.85 -38.90 2.80
C LEU L 86 122.38 -39.08 3.21
N CYS L 87 121.46 -38.81 2.29
CA CYS L 87 120.04 -38.94 2.64
C CYS L 87 119.68 -40.41 2.84
N LEU L 88 120.36 -41.33 2.15
CA LEU L 88 120.11 -42.75 2.37
C LEU L 88 120.50 -43.15 3.79
N THR L 89 121.69 -42.75 4.24
CA THR L 89 122.10 -43.04 5.60
C THR L 89 121.17 -42.37 6.60
N GLU L 90 120.75 -41.14 6.32
CA GLU L 90 119.82 -40.46 7.20
C GLU L 90 118.50 -41.22 7.32
N PHE L 91 117.97 -41.68 6.19
CA PHE L 91 116.72 -42.45 6.21
C PHE L 91 116.89 -43.75 6.98
N GLU L 92 117.99 -44.47 6.73
CA GLU L 92 118.21 -45.73 7.43
C GLU L 92 118.32 -45.51 8.93
N ASN L 93 119.02 -44.46 9.35
CA ASN L 93 119.22 -44.23 10.78
C ASN L 93 117.96 -43.72 11.46
N CYS L 94 117.13 -42.95 10.75
CA CYS L 94 116.00 -42.30 11.38
C CYS L 94 114.69 -43.07 11.24
N TYR L 95 114.58 -43.98 10.29
CA TYR L 95 113.30 -44.65 10.06
C TYR L 95 113.39 -46.17 10.05
N LEU L 96 114.46 -46.74 9.50
CA LEU L 96 114.57 -48.18 9.34
C LEU L 96 115.23 -48.87 10.52
N GLU L 97 115.68 -48.11 11.53
CA GLU L 97 116.51 -48.66 12.59
C GLU L 97 117.51 -49.63 11.99
N GLY L 98 117.52 -50.89 12.45
CA GLY L 98 118.32 -51.92 11.83
C GLY L 98 117.46 -52.92 11.07
N ASN L 99 116.19 -52.59 10.90
CA ASN L 99 115.22 -53.51 10.31
C ASN L 99 115.19 -53.38 8.80
N ASP L 100 114.21 -54.01 8.15
CA ASP L 100 114.09 -53.98 6.72
C ASP L 100 113.05 -52.97 6.27
N ILE L 101 113.01 -52.69 4.99
CA ILE L 101 112.08 -51.70 4.46
C ILE L 101 110.64 -52.17 4.61
N HIS L 102 110.39 -53.47 4.42
CA HIS L 102 109.03 -53.98 4.54
C HIS L 102 108.51 -53.88 5.97
N ALA L 103 109.39 -53.98 6.96
CA ALA L 103 108.96 -53.75 8.34
C ALA L 103 108.47 -52.32 8.52
N LEU L 104 109.19 -51.35 7.96
CA LEU L 104 108.74 -49.97 8.01
C LEU L 104 107.43 -49.79 7.25
N ALA L 105 107.28 -50.47 6.12
CA ALA L 105 106.04 -50.40 5.36
C ALA L 105 104.86 -50.91 6.17
N ALA L 106 105.03 -52.05 6.84
CA ALA L 106 103.97 -52.58 7.69
C ALA L 106 103.67 -51.63 8.84
N LYS L 107 104.71 -51.06 9.45
CA LYS L 107 104.50 -50.13 10.55
C LYS L 107 103.68 -48.93 10.09
N LEU L 108 104.03 -48.35 8.94
CA LEU L 108 103.29 -47.19 8.45
C LEU L 108 101.90 -47.56 7.97
N LEU L 109 101.69 -48.80 7.56
CA LEU L 109 100.36 -49.26 7.18
C LEU L 109 99.47 -49.49 8.38
N GLN L 110 100.04 -49.89 9.51
CA GLN L 110 99.23 -50.26 10.68
C GLN L 110 99.10 -49.12 11.68
N GLU L 111 100.21 -48.58 12.18
CA GLU L 111 100.17 -47.58 13.24
C GLU L 111 99.90 -46.17 12.72
N ASN L 112 99.99 -45.95 11.41
CA ASN L 112 99.75 -44.63 10.83
C ASN L 112 98.67 -44.70 9.77
N ASP L 113 98.46 -43.59 9.06
CA ASP L 113 97.42 -43.50 8.01
C ASP L 113 98.14 -43.37 6.67
N THR L 114 98.45 -44.52 6.07
CA THR L 114 99.07 -44.58 4.76
C THR L 114 98.42 -45.69 3.94
N THR L 115 98.18 -45.41 2.66
CA THR L 115 97.59 -46.40 1.79
C THR L 115 98.62 -47.45 1.38
N LEU L 116 98.13 -48.55 0.83
CA LEU L 116 99.04 -49.60 0.38
C LEU L 116 99.87 -49.12 -0.81
N VAL L 117 99.29 -48.28 -1.67
CA VAL L 117 100.01 -47.81 -2.85
C VAL L 117 101.18 -46.93 -2.43
N LYS L 118 100.96 -46.03 -1.46
CA LYS L 118 102.02 -45.13 -1.03
C LYS L 118 103.18 -45.91 -0.39
N THR L 119 102.87 -46.92 0.42
CA THR L 119 103.93 -47.69 1.04
C THR L 119 104.67 -48.55 0.02
N LYS L 120 103.96 -49.10 -0.96
CA LYS L 120 104.66 -49.78 -2.05
C LYS L 120 105.59 -48.82 -2.78
N GLU L 121 105.14 -47.58 -2.97
CA GLU L 121 105.99 -46.57 -3.61
C GLU L 121 107.22 -46.30 -2.76
N LEU L 122 107.05 -46.25 -1.44
CA LEU L 122 108.18 -46.02 -0.55
C LEU L 122 109.19 -47.16 -0.65
N ILE L 123 108.70 -48.40 -0.67
CA ILE L 123 109.60 -49.55 -0.82
C ILE L 123 110.35 -49.45 -2.14
N LYS L 124 109.63 -49.13 -3.21
CA LYS L 124 110.24 -48.99 -4.52
C LYS L 124 111.34 -47.93 -4.51
N ASN L 125 111.05 -46.78 -3.90
CA ASN L 125 112.02 -45.69 -3.86
C ASN L 125 113.26 -46.10 -3.08
N TYR L 126 113.07 -46.72 -1.91
CA TYR L 126 114.22 -47.09 -1.09
C TYR L 126 115.11 -48.08 -1.82
N ILE L 127 114.51 -49.10 -2.45
CA ILE L 127 115.31 -50.13 -3.09
C ILE L 127 115.99 -49.57 -4.34
N THR L 128 115.28 -48.73 -5.10
CA THR L 128 115.88 -48.11 -6.27
C THR L 128 117.06 -47.24 -5.88
N ALA L 129 116.92 -46.46 -4.82
CA ALA L 129 118.02 -45.62 -4.37
C ALA L 129 119.19 -46.46 -3.88
N ARG L 130 118.90 -47.55 -3.17
CA ARG L 130 119.98 -48.43 -2.70
C ARG L 130 120.78 -48.97 -3.87
N ILE L 131 120.11 -49.44 -4.92
CA ILE L 131 120.86 -49.99 -6.04
C ILE L 131 121.53 -48.90 -6.85
N MET L 132 120.90 -47.73 -6.99
CA MET L 132 121.49 -46.64 -7.76
C MET L 132 122.80 -46.17 -7.13
N ALA L 133 122.82 -46.10 -5.80
CA ALA L 133 124.02 -45.67 -5.07
C ALA L 133 125.10 -46.73 -5.02
N LYS L 134 124.97 -47.81 -5.78
CA LYS L 134 125.92 -48.92 -5.72
C LYS L 134 126.01 -49.49 -4.31
N ARG L 135 124.88 -49.59 -3.63
CA ARG L 135 124.79 -50.21 -2.32
C ARG L 135 123.99 -51.51 -2.43
N PRO L 136 124.56 -52.55 -3.03
CA PRO L 136 123.80 -53.78 -3.24
C PRO L 136 123.41 -54.44 -1.92
N PHE L 137 122.33 -55.21 -1.95
CA PHE L 137 121.90 -55.99 -0.80
C PHE L 137 122.77 -57.25 -0.67
N ASP L 138 124.08 -57.03 -0.62
CA ASP L 138 125.06 -58.11 -0.65
C ASP L 138 125.45 -58.59 0.74
N LYS L 139 124.85 -58.05 1.78
CA LYS L 139 125.10 -58.49 3.15
C LYS L 139 123.95 -59.36 3.61
N LYS L 140 124.27 -60.55 4.11
CA LYS L 140 123.25 -61.48 4.56
C LYS L 140 122.41 -60.83 5.67
N SER L 141 121.10 -61.10 5.61
CA SER L 141 120.16 -60.44 6.49
C SER L 141 120.29 -60.98 7.92
N ASN L 142 119.62 -60.29 8.85
CA ASN L 142 119.47 -60.76 10.22
C ASN L 142 118.03 -61.18 10.51
N SER L 143 117.32 -61.66 9.50
CA SER L 143 115.94 -62.08 9.65
C SER L 143 115.80 -63.08 10.79
N ALA L 144 114.83 -62.84 11.67
CA ALA L 144 114.62 -63.74 12.79
C ALA L 144 114.27 -65.14 12.30
N LEU L 145 113.46 -65.24 11.24
CA LEU L 145 113.05 -66.53 10.73
C LEU L 145 114.25 -67.37 10.29
N PHE L 146 115.15 -66.77 9.52
CA PHE L 146 116.29 -67.52 8.99
C PHE L 146 117.39 -67.71 10.01
N ARG L 147 117.43 -66.89 11.06
CA ARG L 147 118.30 -67.18 12.20
C ARG L 147 117.77 -68.38 12.98
N ALA L 148 116.45 -68.44 13.19
CA ALA L 148 115.84 -69.58 13.85
C ALA L 148 116.07 -70.86 13.05
N VAL L 149 115.94 -70.78 11.72
CA VAL L 149 116.23 -71.94 10.88
C VAL L 149 117.67 -72.39 11.07
N GLY L 150 118.60 -71.44 11.12
CA GLY L 150 119.99 -71.78 11.30
C GLY L 150 120.25 -72.48 12.63
N GLU L 151 119.65 -71.98 13.71
CA GLU L 151 119.87 -72.60 15.01
C GLU L 151 118.97 -73.82 15.25
N GLY L 152 118.08 -74.14 14.31
CA GLY L 152 117.25 -75.32 14.41
C GLY L 152 115.88 -75.12 15.01
N ASN L 153 115.48 -73.87 15.28
CA ASN L 153 114.19 -73.60 15.89
C ASN L 153 113.05 -73.47 14.89
N ALA L 154 113.32 -73.66 13.61
CA ALA L 154 112.27 -73.54 12.59
C ALA L 154 112.63 -74.42 11.40
N GLN L 155 111.59 -74.93 10.75
CA GLN L 155 111.71 -75.70 9.52
C GLN L 155 110.81 -75.07 8.46
N LEU L 156 111.37 -74.84 7.28
CA LEU L 156 110.67 -74.12 6.22
C LEU L 156 110.39 -75.05 5.05
N VAL L 157 109.17 -74.99 4.54
CA VAL L 157 108.77 -75.66 3.30
C VAL L 157 108.18 -74.61 2.38
N ALA L 158 108.63 -74.58 1.14
CA ALA L 158 108.13 -73.64 0.15
C ALA L 158 107.05 -74.29 -0.70
N ILE L 159 105.93 -73.61 -0.85
CA ILE L 159 104.81 -74.08 -1.67
C ILE L 159 104.55 -73.05 -2.75
N PHE L 160 104.10 -73.53 -3.91
CA PHE L 160 103.87 -72.69 -5.08
C PHE L 160 102.48 -72.95 -5.61
N GLY L 161 101.75 -71.89 -5.90
CA GLY L 161 100.38 -72.00 -6.36
C GLY L 161 100.29 -72.29 -7.85
N GLY L 162 99.06 -72.30 -8.34
CA GLY L 162 98.78 -72.57 -9.74
C GLY L 162 97.63 -71.73 -10.24
N GLN L 163 96.78 -72.33 -11.07
CA GLN L 163 95.65 -71.61 -11.65
C GLN L 163 94.46 -71.62 -10.70
N GLY L 164 93.55 -70.67 -10.94
CA GLY L 164 92.28 -70.62 -10.25
C GLY L 164 92.27 -69.78 -8.99
N ASN L 165 93.42 -69.25 -8.57
CA ASN L 165 93.46 -68.49 -7.32
C ASN L 165 92.95 -67.07 -7.48
N THR L 166 93.16 -66.45 -8.65
CA THR L 166 92.78 -65.06 -8.83
C THR L 166 92.32 -64.86 -10.26
N ASP L 167 91.60 -63.74 -10.49
CA ASP L 167 91.13 -63.41 -11.82
C ASP L 167 92.12 -62.52 -12.57
N ASP L 168 92.96 -61.77 -11.86
CA ASP L 168 93.96 -60.89 -12.48
C ASP L 168 95.32 -61.15 -11.84
N TYR L 169 96.03 -62.16 -12.37
CA TYR L 169 97.41 -62.39 -11.96
C TYR L 169 98.37 -61.43 -12.62
N PHE L 170 98.07 -60.97 -13.84
CA PHE L 170 98.95 -60.02 -14.50
C PHE L 170 99.03 -58.72 -13.73
N GLU L 171 98.08 -58.44 -12.87
CA GLU L 171 98.21 -57.28 -12.01
C GLU L 171 99.31 -57.57 -11.01
N GLU L 172 99.38 -58.80 -10.50
CA GLU L 172 100.48 -59.17 -9.61
C GLU L 172 101.82 -59.03 -10.32
N LEU L 173 101.89 -59.45 -11.59
CA LEU L 173 103.13 -59.27 -12.33
C LEU L 173 103.46 -57.78 -12.51
N ARG L 174 102.47 -56.94 -12.76
CA ARG L 174 102.74 -55.52 -12.87
C ARG L 174 103.23 -54.96 -11.55
N ASP L 175 102.65 -55.39 -10.43
CA ASP L 175 103.16 -54.93 -9.14
C ASP L 175 104.61 -55.33 -8.97
N LEU L 176 104.95 -56.57 -9.33
CA LEU L 176 106.34 -56.99 -9.25
C LEU L 176 107.26 -56.14 -10.13
N TYR L 177 106.82 -55.86 -11.36
CA TYR L 177 107.65 -55.11 -12.30
C TYR L 177 107.84 -53.66 -11.87
N GLN L 178 106.83 -53.06 -11.25
CA GLN L 178 106.91 -51.67 -10.82
C GLN L 178 107.68 -51.54 -9.50
N THR L 179 107.24 -52.25 -8.46
CA THR L 179 107.81 -52.05 -7.13
C THR L 179 109.28 -52.48 -7.10
N TYR L 180 109.58 -53.69 -7.57
CA TYR L 180 110.90 -54.28 -7.49
C TYR L 180 111.57 -54.37 -8.85
N HIS L 181 111.39 -53.35 -9.69
CA HIS L 181 111.96 -53.38 -11.03
C HIS L 181 113.46 -53.67 -10.99
N VAL L 182 114.16 -53.13 -10.00
CA VAL L 182 115.61 -53.25 -9.99
C VAL L 182 116.09 -54.66 -9.66
N LEU L 183 115.25 -55.48 -9.04
CA LEU L 183 115.63 -56.84 -8.66
C LEU L 183 115.19 -57.87 -9.69
N VAL L 184 113.99 -57.73 -10.25
CA VAL L 184 113.41 -58.73 -11.12
C VAL L 184 113.27 -58.26 -12.55
N GLY L 185 113.76 -57.07 -12.89
CA GLY L 185 113.65 -56.59 -14.25
C GLY L 185 114.44 -57.43 -15.23
N ASP L 186 115.67 -57.79 -14.86
CA ASP L 186 116.46 -58.66 -15.71
C ASP L 186 115.81 -60.02 -15.86
N LEU L 187 115.25 -60.56 -14.78
CA LEU L 187 114.58 -61.86 -14.85
C LEU L 187 113.40 -61.80 -15.81
N ILE L 188 112.58 -60.75 -15.70
CA ILE L 188 111.40 -60.66 -16.56
C ILE L 188 111.80 -60.40 -18.00
N LYS L 189 112.86 -59.61 -18.24
CA LYS L 189 113.35 -59.42 -19.59
C LYS L 189 113.82 -60.74 -20.20
N PHE L 190 114.56 -61.53 -19.41
CA PHE L 190 115.03 -62.82 -19.89
C PHE L 190 113.85 -63.75 -20.18
N SER L 191 112.83 -63.73 -19.31
CA SER L 191 111.66 -64.57 -19.52
C SER L 191 110.92 -64.17 -20.79
N ALA L 192 110.75 -62.87 -21.03
CA ALA L 192 110.08 -62.41 -22.24
C ALA L 192 110.85 -62.82 -23.47
N GLU L 193 112.18 -62.65 -23.45
CA GLU L 193 113.00 -63.06 -24.59
C GLU L 193 112.86 -64.56 -24.83
N THR L 194 112.91 -65.36 -23.76
CA THR L 194 112.82 -66.80 -23.89
C THR L 194 111.48 -67.22 -24.47
N LEU L 195 110.39 -66.61 -24.00
CA LEU L 195 109.07 -66.98 -24.50
C LEU L 195 108.89 -66.55 -25.95
N SER L 196 109.40 -65.37 -26.32
CA SER L 196 109.35 -64.96 -27.72
C SER L 196 110.12 -65.92 -28.60
N GLU L 197 111.30 -66.36 -28.15
CA GLU L 197 112.07 -67.32 -28.93
C GLU L 197 111.33 -68.65 -29.04
N LEU L 198 110.74 -69.11 -27.95
CA LEU L 198 110.01 -70.38 -27.98
C LEU L 198 108.84 -70.31 -28.94
N ILE L 199 108.13 -69.19 -28.97
CA ILE L 199 107.06 -69.01 -29.94
C ILE L 199 107.63 -69.00 -31.35
N ARG L 200 108.74 -68.31 -31.56
CA ARG L 200 109.31 -68.14 -32.89
C ARG L 200 109.97 -69.40 -33.41
N THR L 201 110.14 -70.42 -32.55
CA THR L 201 110.78 -71.65 -32.98
C THR L 201 109.89 -72.89 -32.85
N THR L 202 108.61 -72.72 -32.51
CA THR L 202 107.66 -73.83 -32.44
C THR L 202 106.70 -73.72 -33.62
N LEU L 203 106.43 -74.86 -34.26
CA LEU L 203 105.84 -74.89 -35.59
C LEU L 203 104.67 -73.93 -35.78
N ASP L 204 103.57 -74.14 -35.06
CA ASP L 204 102.38 -73.31 -35.19
C ASP L 204 101.99 -72.64 -33.87
N ALA L 205 102.98 -72.33 -33.04
CA ALA L 205 102.68 -71.69 -31.77
C ALA L 205 102.02 -70.34 -31.97
N GLU L 206 102.34 -69.65 -33.06
CA GLU L 206 101.79 -68.31 -33.27
C GLU L 206 100.28 -68.33 -33.43
N LYS L 207 99.68 -69.50 -33.68
CA LYS L 207 98.22 -69.56 -33.80
C LYS L 207 97.54 -69.45 -32.44
N VAL L 208 98.09 -70.11 -31.42
CA VAL L 208 97.49 -70.02 -30.09
C VAL L 208 97.72 -68.62 -29.52
N PHE L 209 98.83 -67.98 -29.87
CA PHE L 209 99.13 -66.63 -29.42
C PHE L 209 98.61 -65.63 -30.46
N THR L 210 97.29 -65.50 -30.50
CA THR L 210 96.66 -64.67 -31.52
C THR L 210 97.08 -63.21 -31.39
N GLN L 211 97.17 -62.72 -30.16
CA GLN L 211 97.57 -61.34 -29.89
C GLN L 211 99.01 -61.24 -29.42
N GLY L 212 99.83 -62.25 -29.71
CA GLY L 212 101.24 -62.20 -29.37
C GLY L 212 101.49 -62.46 -27.90
N LEU L 213 102.76 -62.42 -27.53
CA LEU L 213 103.22 -62.61 -26.16
C LEU L 213 104.25 -61.55 -25.80
N ASN L 214 103.95 -60.30 -26.12
CA ASN L 214 104.87 -59.18 -25.87
C ASN L 214 104.67 -58.68 -24.44
N ILE L 215 105.32 -59.38 -23.51
CA ILE L 215 105.10 -59.11 -22.09
C ILE L 215 105.62 -57.73 -21.70
N LEU L 216 106.85 -57.40 -22.12
CA LEU L 216 107.45 -56.13 -21.72
C LEU L 216 106.63 -54.96 -22.22
N GLU L 217 106.08 -55.05 -23.44
CA GLU L 217 105.25 -53.98 -23.96
C GLU L 217 103.99 -53.80 -23.12
N TRP L 218 103.36 -54.92 -22.73
CA TRP L 218 102.19 -54.82 -21.86
C TRP L 218 102.56 -54.19 -20.52
N LEU L 219 103.73 -54.52 -19.99
CA LEU L 219 104.12 -53.99 -18.69
C LEU L 219 104.42 -52.50 -18.77
N GLU L 220 105.13 -52.05 -19.80
CA GLU L 220 105.44 -50.63 -19.93
C GLU L 220 104.23 -49.83 -20.40
N ASN L 221 103.40 -50.43 -21.25
CA ASN L 221 102.18 -49.78 -21.73
C ASN L 221 100.96 -50.56 -21.25
N PRO L 222 100.31 -50.14 -20.16
CA PRO L 222 99.14 -50.88 -19.67
C PRO L 222 97.95 -50.87 -20.61
N SER L 223 97.96 -50.06 -21.67
CA SER L 223 96.84 -49.97 -22.59
C SER L 223 96.93 -50.96 -23.74
N ASN L 224 98.14 -51.27 -24.21
CA ASN L 224 98.32 -52.26 -25.27
C ASN L 224 98.17 -53.69 -24.77
N THR L 225 97.99 -53.88 -23.46
CA THR L 225 97.83 -55.22 -22.92
C THR L 225 96.52 -55.83 -23.43
N PRO L 226 96.54 -57.12 -23.78
CA PRO L 226 95.29 -57.78 -24.19
C PRO L 226 94.24 -57.72 -23.11
N ASP L 227 93.03 -58.14 -23.47
CA ASP L 227 91.94 -58.20 -22.51
C ASP L 227 92.16 -59.34 -21.52
N LYS L 228 91.35 -59.35 -20.47
CA LYS L 228 91.54 -60.30 -19.38
C LYS L 228 91.36 -61.74 -19.84
N ASP L 229 90.39 -62.01 -20.71
CA ASP L 229 90.15 -63.37 -21.16
C ASP L 229 91.33 -63.92 -21.93
N TYR L 230 91.97 -63.11 -22.77
CA TYR L 230 93.16 -63.58 -23.47
C TYR L 230 94.32 -63.80 -22.51
N LEU L 231 94.44 -62.98 -21.47
CA LEU L 231 95.49 -63.20 -20.48
C LEU L 231 95.24 -64.47 -19.68
N LEU L 232 93.98 -64.86 -19.54
CA LEU L 232 93.65 -66.04 -18.74
C LEU L 232 93.85 -67.36 -19.49
N SER L 233 93.98 -67.33 -20.81
CA SER L 233 94.20 -68.57 -21.55
C SER L 233 95.54 -69.17 -21.16
N ILE L 234 95.59 -70.51 -21.11
CA ILE L 234 96.73 -71.19 -20.49
C ILE L 234 98.03 -70.95 -21.24
N PRO L 235 98.05 -70.85 -22.60
CA PRO L 235 99.33 -70.62 -23.28
C PRO L 235 100.01 -69.35 -22.79
N ILE L 236 99.22 -68.40 -22.32
CA ILE L 236 99.73 -67.19 -21.68
C ILE L 236 99.90 -67.45 -20.19
N SER L 237 98.85 -67.99 -19.57
CA SER L 237 98.78 -68.00 -18.11
C SER L 237 99.89 -68.83 -17.47
N CYS L 238 100.11 -70.05 -17.96
CA CYS L 238 101.05 -70.93 -17.28
C CYS L 238 102.45 -70.34 -17.22
N PRO L 239 103.08 -69.93 -18.33
CA PRO L 239 104.39 -69.30 -18.22
C PRO L 239 104.41 -68.08 -17.32
N LEU L 240 103.36 -67.25 -17.36
CA LEU L 240 103.40 -66.00 -16.60
C LEU L 240 103.19 -66.23 -15.12
N ILE L 241 102.38 -67.21 -14.74
CA ILE L 241 102.29 -67.58 -13.33
C ILE L 241 103.63 -68.12 -12.84
N GLY L 242 104.28 -68.95 -13.65
CA GLY L 242 105.62 -69.39 -13.29
C GLY L 242 106.60 -68.23 -13.12
N VAL L 243 106.53 -67.26 -14.02
CA VAL L 243 107.42 -66.11 -13.95
C VAL L 243 107.13 -65.30 -12.70
N ILE L 244 105.85 -65.15 -12.35
CA ILE L 244 105.51 -64.42 -11.13
C ILE L 244 106.09 -65.11 -9.91
N GLN L 245 105.95 -66.43 -9.85
CA GLN L 245 106.50 -67.17 -8.71
C GLN L 245 108.01 -67.02 -8.63
N LEU L 246 108.70 -67.13 -9.77
CA LEU L 246 110.15 -67.00 -9.76
C LEU L 246 110.57 -65.58 -9.39
N ALA L 247 109.81 -64.57 -9.81
CA ALA L 247 110.13 -63.20 -9.44
C ALA L 247 110.00 -62.99 -7.94
N HIS L 248 108.93 -63.53 -7.34
CA HIS L 248 108.79 -63.44 -5.89
C HIS L 248 109.96 -64.14 -5.20
N TYR L 249 110.35 -65.31 -5.70
CA TYR L 249 111.48 -66.02 -5.13
C TYR L 249 112.76 -65.18 -5.21
N VAL L 250 112.98 -64.55 -6.36
CA VAL L 250 114.19 -63.74 -6.55
C VAL L 250 114.19 -62.56 -5.59
N VAL L 251 113.04 -61.90 -5.44
CA VAL L 251 112.96 -60.76 -4.53
C VAL L 251 113.25 -61.21 -3.10
N THR L 252 112.65 -62.33 -2.69
CA THR L 252 112.88 -62.84 -1.35
C THR L 252 114.36 -63.16 -1.13
N ALA L 253 115.01 -63.77 -2.12
CA ALA L 253 116.41 -64.11 -1.97
C ALA L 253 117.29 -62.86 -1.91
N LYS L 254 117.03 -61.89 -2.78
CA LYS L 254 117.89 -60.72 -2.86
C LYS L 254 117.75 -59.85 -1.62
N LEU L 255 116.54 -59.60 -1.16
CA LEU L 255 116.35 -58.81 0.05
C LEU L 255 116.98 -59.46 1.29
N LEU L 256 117.22 -60.76 1.25
CA LEU L 256 117.89 -61.44 2.35
C LEU L 256 119.39 -61.61 2.13
N GLY L 257 119.92 -61.16 0.99
CA GLY L 257 121.34 -61.31 0.72
C GLY L 257 121.75 -62.69 0.31
N PHE L 258 120.80 -63.57 0.01
CA PHE L 258 121.09 -64.96 -0.30
C PHE L 258 121.23 -65.15 -1.80
N THR L 259 122.08 -66.10 -2.18
CA THR L 259 121.98 -66.71 -3.50
C THR L 259 120.79 -67.66 -3.50
N PRO L 260 120.22 -67.96 -4.66
CA PRO L 260 119.09 -68.90 -4.68
C PRO L 260 119.43 -70.23 -4.06
N GLY L 261 120.67 -70.71 -4.24
CA GLY L 261 121.10 -71.92 -3.57
C GLY L 261 121.05 -71.80 -2.06
N GLU L 262 121.44 -70.64 -1.52
CA GLU L 262 121.39 -70.45 -0.07
C GLU L 262 119.95 -70.50 0.44
N LEU L 263 119.06 -69.76 -0.21
CA LEU L 263 117.66 -69.77 0.21
C LEU L 263 117.07 -71.17 0.12
N ARG L 264 117.42 -71.92 -0.93
CA ARG L 264 116.97 -73.29 -1.05
C ARG L 264 117.51 -74.14 0.10
N SER L 265 118.80 -73.99 0.42
CA SER L 265 119.39 -74.76 1.51
C SER L 265 118.68 -74.48 2.83
N TYR L 266 118.22 -73.25 3.03
CA TYR L 266 117.46 -72.93 4.23
C TYR L 266 116.11 -73.62 4.26
N LEU L 267 115.63 -74.14 3.14
CA LEU L 267 114.36 -74.85 3.09
C LEU L 267 114.56 -76.32 3.40
N LYS L 268 113.53 -76.96 3.96
CA LYS L 268 113.59 -78.39 4.23
C LYS L 268 112.99 -79.16 3.08
N GLY L 269 112.14 -78.49 2.29
CA GLY L 269 111.55 -79.15 1.14
C GLY L 269 110.70 -78.16 0.36
N ALA L 270 110.16 -78.64 -0.75
CA ALA L 270 109.34 -77.78 -1.60
C ALA L 270 108.26 -78.62 -2.27
N THR L 271 107.21 -77.95 -2.71
CA THR L 271 106.13 -78.59 -3.45
C THR L 271 105.30 -77.49 -4.11
N GLY L 272 104.29 -77.92 -4.86
CA GLY L 272 103.46 -76.99 -5.58
C GLY L 272 102.09 -77.56 -5.86
N HIS L 273 101.10 -76.67 -5.92
CA HIS L 273 99.72 -77.06 -6.22
C HIS L 273 99.51 -77.03 -7.73
N SER L 274 99.55 -78.22 -8.32
CA SER L 274 99.31 -78.35 -9.75
C SER L 274 100.45 -77.72 -10.55
N GLN L 275 100.23 -76.52 -11.06
CA GLN L 275 101.24 -75.84 -11.87
C GLN L 275 102.48 -75.48 -11.07
N GLY L 276 102.34 -75.16 -9.78
CA GLY L 276 103.48 -74.74 -9.00
C GLY L 276 104.51 -75.83 -8.82
N LEU L 277 104.16 -77.07 -9.14
CA LEU L 277 105.12 -78.17 -9.03
C LEU L 277 106.33 -77.94 -9.94
N VAL L 278 106.12 -77.26 -11.06
CA VAL L 278 107.23 -76.98 -11.97
C VAL L 278 108.18 -75.96 -11.34
N THR L 279 107.63 -74.92 -10.73
CA THR L 279 108.47 -73.93 -10.08
C THR L 279 109.23 -74.52 -8.91
N ALA L 280 108.59 -75.41 -8.16
CA ALA L 280 109.23 -76.00 -6.98
C ALA L 280 110.47 -76.80 -7.38
N VAL L 281 110.37 -77.61 -8.43
CA VAL L 281 111.51 -78.40 -8.87
C VAL L 281 112.63 -77.49 -9.37
N ALA L 282 112.27 -76.46 -10.13
CA ALA L 282 113.28 -75.53 -10.62
C ALA L 282 114.04 -74.88 -9.47
N ILE L 283 113.31 -74.46 -8.44
CA ILE L 283 113.94 -73.84 -7.28
C ILE L 283 114.89 -74.82 -6.61
N ALA L 284 114.49 -76.09 -6.50
CA ALA L 284 115.30 -77.07 -5.77
C ALA L 284 116.65 -77.30 -6.44
N GLU L 285 116.79 -76.88 -7.71
CA GLU L 285 118.03 -77.11 -8.44
C GLU L 285 118.98 -75.92 -8.42
N THR L 286 118.49 -74.73 -8.06
CA THR L 286 119.27 -73.50 -8.17
C THR L 286 120.48 -73.51 -7.24
N ASP L 287 121.63 -73.03 -7.74
CA ASP L 287 122.84 -72.95 -6.91
C ASP L 287 123.34 -71.52 -6.76
N SER L 288 123.58 -70.84 -7.87
CA SER L 288 124.22 -69.53 -7.87
C SER L 288 123.46 -68.55 -8.74
N TRP L 289 123.67 -67.26 -8.49
CA TRP L 289 123.00 -66.23 -9.26
C TRP L 289 123.40 -66.26 -10.73
N GLU L 290 124.64 -66.68 -11.03
CA GLU L 290 125.12 -66.70 -12.40
C GLU L 290 124.55 -67.86 -13.21
N SER L 291 123.88 -68.82 -12.56
CA SER L 291 123.25 -69.95 -13.25
C SER L 291 121.77 -70.09 -12.91
N PHE L 292 121.17 -69.07 -12.30
CA PHE L 292 119.75 -69.13 -11.98
C PHE L 292 118.89 -69.10 -13.23
N PHE L 293 119.33 -68.39 -14.25
CA PHE L 293 118.57 -68.30 -15.49
C PHE L 293 118.44 -69.65 -16.18
N VAL L 294 119.35 -70.58 -15.90
CA VAL L 294 119.23 -71.92 -16.49
C VAL L 294 117.95 -72.59 -15.98
N SER L 295 117.76 -72.60 -14.67
CA SER L 295 116.56 -73.19 -14.11
C SER L 295 115.33 -72.37 -14.44
N VAL L 296 115.48 -71.04 -14.56
CA VAL L 296 114.35 -70.21 -14.98
C VAL L 296 113.90 -70.63 -16.38
N ARG L 297 114.85 -70.82 -17.30
CA ARG L 297 114.50 -71.27 -18.64
C ARG L 297 113.83 -72.64 -18.60
N LYS L 298 114.37 -73.55 -17.80
CA LYS L 298 113.77 -74.88 -17.70
C LYS L 298 112.30 -74.78 -17.29
N ALA L 299 112.04 -74.06 -16.21
CA ALA L 299 110.67 -73.97 -15.70
C ALA L 299 109.75 -73.29 -16.71
N ILE L 300 110.20 -72.19 -17.31
CA ILE L 300 109.35 -71.45 -18.21
C ILE L 300 109.07 -72.25 -19.48
N THR L 301 110.05 -73.01 -19.96
CA THR L 301 109.83 -73.86 -21.12
C THR L 301 108.81 -74.95 -20.82
N VAL L 302 108.94 -75.58 -19.65
CA VAL L 302 107.97 -76.62 -19.26
C VAL L 302 106.57 -76.03 -19.25
N LEU L 303 106.41 -74.86 -18.61
CA LEU L 303 105.09 -74.25 -18.51
C LEU L 303 104.57 -73.83 -19.87
N PHE L 304 105.43 -73.28 -20.72
CA PHE L 304 105.03 -72.89 -22.07
C PHE L 304 104.48 -74.07 -22.84
N PHE L 305 105.18 -75.20 -22.81
CA PHE L 305 104.73 -76.34 -23.59
C PHE L 305 103.48 -76.97 -23.00
N ILE L 306 103.37 -77.02 -21.67
CA ILE L 306 102.14 -77.50 -21.06
C ILE L 306 100.97 -76.63 -21.53
N GLY L 307 101.11 -75.32 -21.44
CA GLY L 307 100.04 -74.43 -21.86
C GLY L 307 99.65 -74.63 -23.31
N VAL L 308 100.64 -74.66 -24.20
CA VAL L 308 100.35 -74.74 -25.63
C VAL L 308 99.67 -76.06 -25.95
N ARG L 309 100.23 -77.17 -25.48
CA ARG L 309 99.69 -78.47 -25.85
C ARG L 309 98.33 -78.73 -25.19
N CYS L 310 98.14 -78.27 -23.95
CA CYS L 310 96.84 -78.46 -23.30
C CYS L 310 95.77 -77.51 -23.85
N TYR L 311 96.17 -76.39 -24.46
CA TYR L 311 95.20 -75.59 -25.17
C TYR L 311 94.85 -76.19 -26.53
N GLU L 312 95.82 -76.81 -27.19
CA GLU L 312 95.52 -77.48 -28.45
C GLU L 312 94.70 -78.74 -28.25
N ALA L 313 94.86 -79.41 -27.11
CA ALA L 313 94.09 -80.62 -26.85
C ALA L 313 92.62 -80.33 -26.61
N TYR L 314 92.33 -79.31 -25.79
CA TYR L 314 90.96 -78.95 -25.48
C TYR L 314 90.79 -77.46 -25.45
N PRO L 315 90.74 -76.84 -26.64
CA PRO L 315 90.47 -75.40 -26.69
C PRO L 315 89.05 -75.09 -26.22
N ASN L 316 88.88 -73.86 -25.77
CA ASN L 316 87.58 -73.43 -25.32
C ASN L 316 86.76 -72.95 -26.48
N THR L 317 85.45 -73.06 -26.35
CA THR L 317 84.56 -72.65 -27.41
C THR L 317 83.46 -71.85 -26.81
N SER L 318 82.58 -71.34 -27.62
CA SER L 318 81.50 -70.49 -27.15
C SER L 318 80.46 -71.29 -26.38
N LEU L 319 79.93 -70.70 -25.32
CA LEU L 319 78.86 -71.32 -24.56
C LEU L 319 77.52 -70.75 -25.01
N PRO L 320 76.47 -71.56 -25.11
CA PRO L 320 75.14 -71.03 -25.44
C PRO L 320 74.77 -69.91 -24.49
N PRO L 321 74.33 -68.75 -25.01
CA PRO L 321 73.99 -67.64 -24.11
C PRO L 321 72.91 -67.96 -23.10
N SER L 322 72.03 -68.92 -23.40
CA SER L 322 71.02 -69.31 -22.41
C SER L 322 71.68 -69.86 -21.15
N ILE L 323 72.72 -70.67 -21.31
CA ILE L 323 73.39 -71.27 -20.17
C ILE L 323 74.02 -70.18 -19.29
N LEU L 324 74.69 -69.21 -19.92
CA LEU L 324 75.31 -68.14 -19.14
C LEU L 324 74.24 -67.31 -18.44
N GLU L 325 73.14 -67.03 -19.13
CA GLU L 325 72.06 -66.26 -18.51
C GLU L 325 71.51 -67.00 -17.29
N ASP L 326 71.28 -68.31 -17.44
CA ASP L 326 70.76 -69.10 -16.32
C ASP L 326 71.75 -69.11 -15.16
N SER L 327 73.03 -69.32 -15.45
CA SER L 327 74.03 -69.34 -14.38
C SER L 327 74.09 -68.00 -13.64
N LEU L 328 74.08 -66.90 -14.39
CA LEU L 328 74.13 -65.59 -13.77
C LEU L 328 72.89 -65.31 -12.94
N GLU L 329 71.72 -65.71 -13.44
CA GLU L 329 70.48 -65.45 -12.72
C GLU L 329 70.48 -66.16 -11.38
N ASN L 330 71.05 -67.37 -11.33
CA ASN L 330 71.04 -68.16 -10.10
C ASN L 330 72.29 -67.91 -9.27
N ASN L 331 72.88 -66.72 -9.42
CA ASN L 331 74.04 -66.31 -8.64
C ASN L 331 75.14 -67.37 -8.68
N GLU L 332 75.45 -67.87 -9.87
CA GLU L 332 76.57 -68.76 -10.07
C GLU L 332 77.58 -68.05 -10.97
N GLY L 333 78.79 -68.59 -11.01
CA GLY L 333 79.85 -67.95 -11.75
C GLY L 333 79.70 -68.12 -13.25
N VAL L 334 80.54 -67.40 -13.99
CA VAL L 334 80.62 -67.67 -15.43
C VAL L 334 81.16 -69.08 -15.61
N PRO L 335 80.46 -69.96 -16.32
CA PRO L 335 80.91 -71.35 -16.40
C PRO L 335 82.31 -71.45 -16.98
N SER L 336 83.09 -72.40 -16.45
CA SER L 336 84.46 -72.63 -16.85
C SER L 336 84.76 -74.12 -16.69
N PRO L 337 85.92 -74.61 -17.09
CA PRO L 337 86.20 -76.04 -17.02
C PRO L 337 86.51 -76.58 -15.64
N MET L 338 86.32 -75.79 -14.58
CA MET L 338 86.59 -76.26 -13.22
C MET L 338 85.57 -75.68 -12.26
N LEU L 339 84.97 -76.54 -11.45
CA LEU L 339 83.96 -76.16 -10.47
C LEU L 339 84.42 -76.55 -9.08
N SER L 340 84.57 -75.57 -8.20
CA SER L 340 84.93 -75.81 -6.81
C SER L 340 83.68 -75.99 -5.97
N ILE L 341 83.68 -76.99 -5.10
CA ILE L 341 82.55 -77.31 -4.25
C ILE L 341 83.04 -77.35 -2.81
N SER L 342 82.30 -76.69 -1.92
CA SER L 342 82.66 -76.58 -0.52
C SER L 342 81.56 -77.18 0.35
N ASN L 343 81.95 -77.58 1.57
CA ASN L 343 81.05 -78.07 2.60
C ASN L 343 80.53 -79.48 2.34
N LEU L 344 81.00 -80.13 1.28
CA LEU L 344 80.62 -81.51 0.99
C LEU L 344 81.86 -82.39 1.06
N THR L 345 81.65 -83.65 1.34
CA THR L 345 82.75 -84.57 1.37
C THR L 345 83.01 -85.12 -0.01
N GLN L 346 84.16 -85.76 -0.17
CA GLN L 346 84.51 -86.30 -1.46
C GLN L 346 83.54 -87.37 -1.83
N GLU L 347 83.12 -88.18 -0.87
CA GLU L 347 82.18 -89.25 -1.12
C GLU L 347 80.92 -88.67 -1.69
N GLN L 348 80.42 -87.62 -1.06
CA GLN L 348 79.23 -87.00 -1.52
C GLN L 348 79.40 -86.47 -2.91
N VAL L 349 80.48 -85.76 -3.16
CA VAL L 349 80.67 -85.12 -4.45
C VAL L 349 80.82 -86.17 -5.55
N GLN L 350 81.33 -87.34 -5.20
CA GLN L 350 81.56 -88.35 -6.19
C GLN L 350 80.24 -89.01 -6.52
N ASP L 351 79.36 -89.11 -5.54
CA ASP L 351 78.04 -89.64 -5.88
C ASP L 351 77.35 -88.74 -6.90
N TYR L 352 77.40 -87.42 -6.68
CA TYR L 352 76.79 -86.50 -7.63
C TYR L 352 77.48 -86.61 -9.00
N VAL L 353 78.82 -86.68 -9.00
CA VAL L 353 79.55 -86.79 -10.25
C VAL L 353 79.18 -88.08 -10.97
N ASN L 354 79.00 -89.16 -10.22
CA ASN L 354 78.65 -90.45 -10.81
C ASN L 354 77.28 -90.38 -11.47
N LYS L 355 76.30 -89.81 -10.76
CA LYS L 355 74.97 -89.72 -11.35
C LYS L 355 74.97 -88.81 -12.57
N THR L 356 75.72 -87.71 -12.54
CA THR L 356 75.80 -86.84 -13.72
C THR L 356 76.49 -87.54 -14.88
N ASN L 357 77.52 -88.35 -14.59
CA ASN L 357 78.27 -89.03 -15.64
C ASN L 357 77.49 -90.20 -16.21
N SER L 358 76.52 -90.73 -15.47
CA SER L 358 75.75 -91.87 -15.96
C SER L 358 75.04 -91.55 -17.27
N HIS L 359 74.67 -90.27 -17.48
CA HIS L 359 73.97 -89.87 -18.69
C HIS L 359 74.92 -89.41 -19.78
N LEU L 360 75.96 -88.67 -19.43
CA LEU L 360 76.86 -88.10 -20.44
C LEU L 360 77.67 -89.22 -21.11
N PRO L 361 78.15 -88.93 -22.33
CA PRO L 361 79.03 -89.88 -23.02
C PRO L 361 80.43 -89.80 -22.46
N ALA L 362 81.30 -90.75 -22.77
CA ALA L 362 82.61 -90.84 -22.16
C ALA L 362 83.43 -89.57 -22.40
N GLY L 363 83.30 -88.92 -23.53
CA GLY L 363 84.10 -87.76 -23.81
C GLY L 363 83.61 -86.49 -23.16
N LYS L 364 82.43 -86.52 -22.59
CA LYS L 364 81.91 -85.35 -21.88
C LYS L 364 81.88 -85.58 -20.37
N GLN L 365 82.57 -86.59 -19.87
CA GLN L 365 82.53 -86.90 -18.45
C GLN L 365 83.26 -85.84 -17.64
N VAL L 366 82.88 -85.72 -16.37
CA VAL L 366 83.58 -84.89 -15.41
C VAL L 366 84.25 -85.82 -14.39
N GLU L 367 85.13 -85.24 -13.57
CA GLU L 367 85.75 -86.01 -12.52
C GLU L 367 86.35 -85.05 -11.48
N ILE L 368 86.57 -85.57 -10.26
CA ILE L 368 87.17 -84.79 -9.19
C ILE L 368 88.63 -84.59 -9.47
N SER L 369 89.03 -83.35 -9.73
CA SER L 369 90.41 -83.04 -10.11
C SER L 369 91.29 -82.66 -8.93
N LEU L 370 90.77 -81.91 -7.96
CA LEU L 370 91.56 -81.46 -6.82
C LEU L 370 90.83 -81.84 -5.54
N VAL L 371 91.52 -82.56 -4.65
CA VAL L 371 91.05 -82.75 -3.28
C VAL L 371 91.84 -81.77 -2.43
N ASN L 372 91.33 -80.56 -2.28
CA ASN L 372 92.01 -79.48 -1.58
C ASN L 372 91.83 -79.57 -0.07
N GLY L 373 90.98 -80.46 0.41
CA GLY L 373 90.74 -80.57 1.84
C GLY L 373 89.64 -81.58 2.11
N ALA L 374 89.26 -81.64 3.39
CA ALA L 374 88.20 -82.56 3.79
C ALA L 374 86.89 -82.22 3.09
N LYS L 375 86.48 -80.96 3.15
CA LYS L 375 85.23 -80.50 2.56
C LYS L 375 85.48 -79.39 1.54
N ASN L 376 86.48 -79.59 0.68
CA ASN L 376 86.84 -78.61 -0.34
C ASN L 376 87.36 -79.37 -1.55
N LEU L 377 86.55 -79.43 -2.60
CA LEU L 377 86.85 -80.22 -3.78
C LEU L 377 86.61 -79.40 -5.03
N VAL L 378 87.35 -79.73 -6.09
CA VAL L 378 87.20 -79.10 -7.40
C VAL L 378 86.96 -80.21 -8.42
N VAL L 379 85.93 -80.02 -9.25
CA VAL L 379 85.58 -80.96 -10.30
C VAL L 379 85.87 -80.31 -11.64
N SER L 380 86.60 -81.03 -12.49
CA SER L 380 87.00 -80.51 -13.80
C SER L 380 86.33 -81.32 -14.91
N GLY L 381 86.06 -80.63 -16.02
CA GLY L 381 85.41 -81.24 -17.16
C GLY L 381 84.90 -80.17 -18.11
N PRO L 382 84.19 -80.58 -19.16
CA PRO L 382 83.64 -79.60 -20.09
C PRO L 382 82.71 -78.64 -19.38
N PRO L 383 82.79 -77.35 -19.75
CA PRO L 383 81.97 -76.38 -19.05
C PRO L 383 80.47 -76.72 -19.02
N GLN L 384 79.89 -77.31 -20.06
CA GLN L 384 78.47 -77.63 -20.08
C GLN L 384 78.14 -78.83 -19.20
N SER L 385 79.03 -79.83 -19.15
CA SER L 385 78.83 -80.93 -18.21
C SER L 385 78.84 -80.43 -16.76
N LEU L 386 79.75 -79.50 -16.46
CA LEU L 386 79.77 -78.92 -15.12
C LEU L 386 78.53 -78.07 -14.88
N TYR L 387 77.99 -77.44 -15.91
CA TYR L 387 76.74 -76.70 -15.74
C TYR L 387 75.58 -77.63 -15.42
N GLY L 388 75.53 -78.79 -16.08
CA GLY L 388 74.53 -79.79 -15.72
C GLY L 388 74.71 -80.30 -14.30
N LEU L 389 75.96 -80.54 -13.90
CA LEU L 389 76.23 -80.91 -12.52
C LEU L 389 75.76 -79.82 -11.56
N ASN L 390 75.98 -78.56 -11.92
CA ASN L 390 75.54 -77.46 -11.08
C ASN L 390 74.02 -77.40 -10.99
N LEU L 391 73.31 -77.73 -12.07
CA LEU L 391 71.85 -77.80 -12.00
C LEU L 391 71.43 -78.89 -11.02
N THR L 392 72.04 -80.07 -11.13
CA THR L 392 71.73 -81.14 -10.20
C THR L 392 71.98 -80.70 -8.75
N LEU L 393 73.11 -80.04 -8.51
CA LEU L 393 73.41 -79.57 -7.16
C LEU L 393 72.43 -78.51 -6.69
N ARG L 394 72.04 -77.60 -7.59
CA ARG L 394 71.05 -76.59 -7.24
C ARG L 394 69.73 -77.23 -6.83
N LYS L 395 69.41 -78.39 -7.42
CA LYS L 395 68.24 -79.16 -6.99
C LYS L 395 68.51 -79.98 -5.74
N ALA L 396 69.62 -79.70 -5.03
CA ALA L 396 69.93 -80.44 -3.81
C ALA L 396 70.49 -79.54 -2.71
N LYS L 397 70.28 -78.23 -2.78
CA LYS L 397 70.84 -77.29 -1.83
C LYS L 397 69.72 -76.59 -1.08
N ALA L 398 70.06 -75.96 0.04
CA ALA L 398 69.14 -75.17 0.82
C ALA L 398 69.59 -73.71 0.85
N PRO L 399 68.66 -72.75 0.85
CA PRO L 399 69.08 -71.34 0.89
C PRO L 399 69.90 -71.05 2.14
N SER L 400 70.87 -70.15 1.98
CA SER L 400 71.69 -69.75 3.12
C SER L 400 70.84 -69.13 4.22
N GLY L 401 69.86 -68.31 3.83
CA GLY L 401 69.02 -67.65 4.82
C GLY L 401 68.20 -68.61 5.66
N LEU L 402 67.79 -69.74 5.06
CA LEU L 402 66.89 -70.67 5.72
C LEU L 402 67.40 -71.00 7.12
N ASP L 403 66.59 -70.69 8.12
CA ASP L 403 66.96 -71.00 9.49
C ASP L 403 66.51 -72.40 9.80
N GLN L 404 67.43 -73.20 10.30
CA GLN L 404 67.08 -74.55 10.69
C GLN L 404 67.38 -74.76 12.18
N SER L 405 67.35 -73.70 12.97
CA SER L 405 67.66 -73.81 14.40
C SER L 405 66.62 -74.63 15.15
N ARG L 406 65.40 -74.67 14.65
CA ARG L 406 64.34 -75.47 15.28
C ARG L 406 64.18 -76.81 14.60
N ILE L 407 65.13 -77.21 13.80
CA ILE L 407 65.08 -78.53 13.18
C ILE L 407 66.10 -79.40 13.85
N PRO L 408 65.70 -80.59 14.26
CA PRO L 408 66.73 -81.47 14.82
C PRO L 408 67.94 -81.57 13.92
N PHE L 409 69.13 -81.70 14.50
CA PHE L 409 70.35 -81.69 13.71
C PHE L 409 70.38 -82.72 12.60
N SER L 410 69.97 -83.94 12.90
CA SER L 410 70.05 -85.01 11.91
C SER L 410 69.17 -84.74 10.70
N GLU L 411 68.08 -83.99 10.85
CA GLU L 411 67.12 -83.77 9.78
C GLU L 411 67.38 -82.48 9.00
N ARG L 412 68.41 -81.74 9.34
CA ARG L 412 68.66 -80.50 8.64
C ARG L 412 69.23 -80.72 7.25
N LYS L 413 68.84 -79.88 6.29
CA LYS L 413 69.31 -79.97 4.92
C LYS L 413 70.72 -79.39 4.81
N LEU L 414 71.48 -79.91 3.85
CA LEU L 414 72.88 -79.54 3.69
C LEU L 414 72.98 -78.16 3.04
N LYS L 415 73.76 -77.28 3.66
CA LYS L 415 74.14 -76.00 3.04
C LYS L 415 75.57 -76.11 2.55
N PHE L 416 75.75 -75.99 1.24
CA PHE L 416 77.07 -76.16 0.64
C PHE L 416 77.20 -75.23 -0.56
N SER L 417 78.40 -74.69 -0.76
CA SER L 417 78.68 -73.72 -1.79
C SER L 417 79.26 -74.38 -3.03
N ASN L 418 79.13 -73.68 -4.16
CA ASN L 418 79.73 -74.10 -5.42
C ASN L 418 79.94 -72.87 -6.28
N ARG L 419 81.07 -72.83 -7.00
CA ARG L 419 81.38 -71.70 -7.85
C ARG L 419 82.39 -72.14 -8.91
N PHE L 420 82.36 -71.47 -10.05
CA PHE L 420 83.31 -71.72 -11.12
C PHE L 420 84.60 -70.95 -10.87
N LEU L 421 85.73 -71.61 -11.06
CA LEU L 421 87.02 -70.98 -10.82
C LEU L 421 87.43 -70.12 -12.01
N PRO L 422 88.21 -69.06 -11.78
CA PRO L 422 88.69 -68.24 -12.90
C PRO L 422 89.84 -68.92 -13.64
N VAL L 423 89.52 -69.98 -14.39
CA VAL L 423 90.50 -70.75 -15.14
C VAL L 423 89.93 -71.00 -16.53
N ALA L 424 90.83 -71.40 -17.46
CA ALA L 424 90.42 -71.56 -18.84
C ALA L 424 90.84 -72.92 -19.42
N SER L 425 91.01 -73.94 -18.59
CA SER L 425 91.37 -75.25 -19.12
C SER L 425 91.01 -76.32 -18.10
N PRO L 426 90.54 -77.49 -18.52
CA PRO L 426 90.20 -78.58 -17.57
C PRO L 426 91.42 -79.39 -17.14
N PHE L 427 92.13 -78.87 -16.14
CA PHE L 427 93.36 -79.51 -15.70
C PHE L 427 93.06 -80.78 -14.89
N HIS L 428 94.04 -81.67 -14.84
CA HIS L 428 93.93 -82.94 -14.12
C HIS L 428 92.69 -83.72 -14.58
N SER L 429 92.46 -83.75 -15.90
CA SER L 429 91.29 -84.38 -16.47
C SER L 429 91.68 -85.27 -17.64
N HIS L 430 90.76 -86.15 -18.02
CA HIS L 430 90.97 -87.04 -19.15
C HIS L 430 91.05 -86.29 -20.47
N LEU L 431 90.50 -85.08 -20.53
CA LEU L 431 90.48 -84.33 -21.79
C LEU L 431 91.88 -83.95 -22.27
N LEU L 432 92.83 -83.76 -21.34
CA LEU L 432 94.15 -83.25 -21.68
C LEU L 432 95.18 -84.34 -21.90
N VAL L 433 94.81 -85.61 -21.73
CA VAL L 433 95.75 -86.72 -21.85
C VAL L 433 96.48 -86.71 -23.19
N PRO L 434 95.80 -86.48 -24.33
CA PRO L 434 96.53 -86.52 -25.60
C PRO L 434 97.65 -85.49 -25.71
N ALA L 435 97.70 -84.51 -24.81
CA ALA L 435 98.76 -83.52 -24.85
C ALA L 435 100.03 -84.02 -24.17
N SER L 436 99.94 -85.13 -23.43
CA SER L 436 101.08 -85.59 -22.64
C SER L 436 102.27 -85.95 -23.52
N ASP L 437 102.03 -86.76 -24.55
CA ASP L 437 103.12 -87.20 -25.42
C ASP L 437 103.74 -86.03 -26.15
N LEU L 438 102.91 -85.09 -26.64
CA LEU L 438 103.44 -83.92 -27.32
C LEU L 438 104.31 -83.10 -26.38
N ILE L 439 103.87 -82.91 -25.14
CA ILE L 439 104.66 -82.14 -24.18
C ILE L 439 105.98 -82.84 -23.90
N ASN L 440 105.97 -84.15 -23.75
CA ASN L 440 107.19 -84.87 -23.44
C ASN L 440 108.15 -84.86 -24.61
N LYS L 441 107.64 -84.93 -25.83
CA LYS L 441 108.49 -84.82 -27.01
C LYS L 441 109.09 -83.42 -27.12
N ASP L 442 108.29 -82.39 -26.83
CA ASP L 442 108.82 -81.03 -26.90
C ASP L 442 109.90 -80.80 -25.85
N LEU L 443 109.71 -81.30 -24.63
CA LEU L 443 110.68 -81.10 -23.57
C LEU L 443 111.97 -81.80 -23.90
N VAL L 444 111.89 -82.92 -24.60
CA VAL L 444 113.08 -83.64 -25.01
C VAL L 444 113.78 -82.89 -26.13
N LYS L 445 113.01 -82.46 -27.11
CA LYS L 445 113.59 -81.70 -28.21
C LYS L 445 114.23 -80.39 -27.76
N ASN L 446 113.77 -79.82 -26.65
CA ASN L 446 114.34 -78.59 -26.11
C ASN L 446 115.34 -78.84 -25.01
N ASN L 447 115.71 -80.11 -24.78
CA ASN L 447 116.73 -80.46 -23.79
C ASN L 447 116.38 -79.93 -22.41
N VAL L 448 115.19 -80.30 -21.94
CA VAL L 448 114.72 -79.96 -20.61
C VAL L 448 114.47 -81.25 -19.85
N SER L 449 115.17 -81.42 -18.72
CA SER L 449 115.02 -82.61 -17.91
C SER L 449 115.49 -82.28 -16.49
N PHE L 450 114.99 -83.07 -15.54
CA PHE L 450 115.32 -82.90 -14.13
C PHE L 450 115.92 -84.20 -13.63
N ASN L 451 117.13 -84.11 -13.08
CA ASN L 451 117.88 -85.28 -12.62
C ASN L 451 117.89 -85.31 -11.10
N ALA L 452 117.58 -86.47 -10.52
CA ALA L 452 117.48 -86.58 -9.07
C ALA L 452 118.77 -86.16 -8.36
N LYS L 453 119.91 -86.26 -9.03
CA LYS L 453 121.17 -85.87 -8.43
C LYS L 453 121.33 -84.36 -8.32
N ASP L 454 120.54 -83.59 -9.06
CA ASP L 454 120.63 -82.13 -9.04
C ASP L 454 119.57 -81.46 -8.16
N ILE L 455 118.52 -82.18 -7.78
CA ILE L 455 117.54 -81.67 -6.84
C ILE L 455 118.12 -81.85 -5.44
N GLN L 456 118.31 -80.75 -4.72
CA GLN L 456 119.01 -80.77 -3.46
C GLN L 456 118.09 -80.79 -2.24
N ILE L 457 116.79 -80.57 -2.42
CA ILE L 457 115.83 -80.70 -1.33
C ILE L 457 114.69 -81.61 -1.82
N PRO L 458 114.02 -82.33 -0.93
CA PRO L 458 112.92 -83.18 -1.40
C PRO L 458 111.79 -82.35 -1.99
N VAL L 459 111.26 -82.82 -3.11
CA VAL L 459 110.09 -82.22 -3.76
C VAL L 459 108.98 -83.26 -3.74
N TYR L 460 107.82 -82.88 -3.20
CA TYR L 460 106.76 -83.84 -2.90
C TYR L 460 105.77 -83.91 -4.06
N ASP L 461 105.48 -85.14 -4.49
CA ASP L 461 104.53 -85.37 -5.58
C ASP L 461 103.14 -85.00 -5.13
N THR L 462 102.36 -84.41 -6.01
CA THR L 462 101.02 -83.95 -5.67
C THR L 462 99.98 -85.05 -5.64
N PHE L 463 100.29 -86.23 -6.17
CA PHE L 463 99.34 -87.34 -6.17
C PHE L 463 99.49 -88.26 -4.99
N ASP L 464 100.70 -88.47 -4.48
CA ASP L 464 100.94 -89.36 -3.36
C ASP L 464 101.91 -88.77 -2.33
N GLY L 465 102.33 -87.52 -2.49
CA GLY L 465 103.16 -86.88 -1.50
C GLY L 465 104.54 -87.48 -1.33
N SER L 466 105.00 -88.22 -2.32
CA SER L 466 106.29 -88.87 -2.21
C SER L 466 107.39 -88.00 -2.78
N ASP L 467 108.62 -88.27 -2.40
CA ASP L 467 109.77 -87.51 -2.87
C ASP L 467 110.01 -87.83 -4.35
N LEU L 468 110.03 -86.81 -5.19
CA LEU L 468 110.27 -87.01 -6.61
C LEU L 468 111.68 -87.50 -6.88
N ARG L 469 112.66 -87.08 -6.09
CA ARG L 469 114.03 -87.57 -6.27
C ARG L 469 114.09 -89.08 -6.22
N VAL L 470 113.35 -89.68 -5.28
CA VAL L 470 113.39 -91.13 -5.12
C VAL L 470 112.82 -91.85 -6.33
N LEU L 471 111.88 -91.21 -7.04
CA LEU L 471 111.26 -91.86 -8.18
C LEU L 471 112.31 -92.21 -9.23
N SER L 472 112.13 -93.37 -9.85
CA SER L 472 113.12 -93.92 -10.78
C SER L 472 112.97 -93.42 -12.20
N GLY L 473 111.74 -93.23 -12.69
CA GLY L 473 111.53 -92.81 -14.05
C GLY L 473 111.92 -91.36 -14.29
N SER L 474 111.44 -90.78 -15.37
CA SER L 474 111.73 -89.37 -15.66
C SER L 474 110.89 -88.48 -14.74
N ILE L 475 111.55 -87.53 -14.09
CA ILE L 475 110.86 -86.64 -13.17
C ILE L 475 109.96 -85.66 -13.93
N SER L 476 110.43 -85.16 -15.07
CA SER L 476 109.63 -84.23 -15.86
C SER L 476 108.36 -84.89 -16.34
N GLU L 477 108.45 -86.15 -16.78
CA GLU L 477 107.26 -86.86 -17.22
C GLU L 477 106.25 -86.98 -16.09
N ARG L 478 106.72 -87.30 -14.89
CA ARG L 478 105.84 -87.41 -13.75
C ARG L 478 105.19 -86.08 -13.44
N ILE L 479 105.96 -84.99 -13.49
CA ILE L 479 105.41 -83.68 -13.19
C ILE L 479 104.31 -83.33 -14.20
N VAL L 480 104.57 -83.58 -15.48
CA VAL L 480 103.58 -83.29 -16.50
C VAL L 480 102.33 -84.14 -16.27
N ASP L 481 102.51 -85.42 -15.95
CA ASP L 481 101.38 -86.30 -15.70
C ASP L 481 100.57 -85.79 -14.51
N CYS L 482 101.24 -85.32 -13.47
CA CYS L 482 100.54 -84.79 -12.30
C CYS L 482 99.73 -83.56 -12.68
N ILE L 483 100.31 -82.69 -13.51
CA ILE L 483 99.64 -81.43 -13.83
C ILE L 483 98.44 -81.66 -14.73
N ILE L 484 98.57 -82.54 -15.71
CA ILE L 484 97.52 -82.68 -16.72
C ILE L 484 96.55 -83.83 -16.46
N ARG L 485 96.98 -84.92 -15.81
CA ARG L 485 96.13 -86.09 -15.67
C ARG L 485 95.72 -86.40 -14.24
N LEU L 486 96.70 -86.62 -13.35
CA LEU L 486 96.38 -87.11 -12.02
C LEU L 486 95.71 -86.00 -11.19
N PRO L 487 94.85 -86.37 -10.26
CA PRO L 487 94.29 -85.38 -9.33
C PRO L 487 95.31 -85.00 -8.26
N VAL L 488 95.03 -83.87 -7.61
CA VAL L 488 95.89 -83.32 -6.58
C VAL L 488 95.23 -83.54 -5.23
N LYS L 489 95.93 -84.20 -4.32
CA LYS L 489 95.49 -84.39 -2.95
C LYS L 489 96.40 -83.52 -2.08
N TRP L 490 95.97 -82.30 -1.76
CA TRP L 490 96.84 -81.37 -1.05
C TRP L 490 97.26 -81.88 0.29
N GLU L 491 96.38 -82.56 1.00
CA GLU L 491 96.70 -83.00 2.34
C GLU L 491 97.72 -84.11 2.31
N THR L 492 97.59 -85.05 1.39
CA THR L 492 98.58 -86.11 1.25
C THR L 492 99.94 -85.54 0.89
N THR L 493 99.97 -84.51 0.04
CA THR L 493 101.21 -83.86 -0.33
C THR L 493 101.79 -83.02 0.81
N THR L 494 100.94 -82.44 1.64
CA THR L 494 101.41 -81.55 2.69
C THR L 494 101.56 -82.21 4.03
N GLN L 495 101.45 -83.54 4.07
CA GLN L 495 101.62 -84.29 5.31
C GLN L 495 103.05 -84.21 5.87
N PHE L 496 103.94 -83.45 5.25
CA PHE L 496 105.28 -83.25 5.78
C PHE L 496 105.23 -82.49 7.09
N LYS L 497 106.30 -82.55 7.86
CA LYS L 497 106.36 -81.84 9.13
C LYS L 497 107.13 -80.53 8.98
N ALA L 498 106.61 -79.46 9.55
CA ALA L 498 107.26 -78.17 9.44
C ALA L 498 106.60 -77.16 10.34
N THR L 499 107.35 -76.15 10.71
CA THR L 499 106.81 -75.06 11.52
C THR L 499 106.36 -73.88 10.69
N HIS L 500 106.96 -73.67 9.51
CA HIS L 500 106.66 -72.53 8.68
C HIS L 500 106.50 -72.98 7.24
N ILE L 501 105.59 -72.33 6.52
CA ILE L 501 105.35 -72.58 5.10
C ILE L 501 105.36 -71.23 4.38
N LEU L 502 106.17 -71.13 3.32
CA LEU L 502 106.29 -69.91 2.54
C LEU L 502 105.51 -70.07 1.24
N ASP L 503 104.61 -69.12 0.97
CA ASP L 503 103.78 -69.16 -0.21
C ASP L 503 104.18 -68.12 -1.23
N PHE L 504 104.94 -68.53 -2.23
CA PHE L 504 105.36 -67.65 -3.30
C PHE L 504 104.35 -67.62 -4.44
N GLY L 505 103.23 -68.27 -4.28
CA GLY L 505 102.31 -68.38 -5.38
C GLY L 505 101.56 -67.14 -5.69
N PRO L 506 100.71 -67.23 -6.70
CA PRO L 506 99.83 -66.10 -6.99
C PRO L 506 98.56 -66.13 -6.14
N GLY L 507 97.94 -64.97 -6.03
CA GLY L 507 96.64 -64.84 -5.38
C GLY L 507 96.65 -64.16 -4.03
N GLY L 508 97.81 -63.77 -3.52
CA GLY L 508 97.88 -63.17 -2.19
C GLY L 508 97.20 -63.95 -1.08
N ALA L 509 96.26 -63.32 -0.39
CA ALA L 509 95.59 -63.96 0.73
C ALA L 509 94.47 -64.91 0.29
N SER L 510 94.17 -64.95 -1.01
CA SER L 510 93.19 -65.88 -1.55
C SER L 510 93.86 -66.99 -2.36
N GLY L 511 95.08 -67.33 -1.98
CA GLY L 511 95.84 -68.33 -2.69
C GLY L 511 96.06 -69.63 -1.97
N LEU L 512 97.15 -70.30 -2.28
CA LEU L 512 97.41 -71.63 -1.73
C LEU L 512 97.75 -71.57 -0.24
N GLY L 513 98.47 -70.53 0.18
CA GLY L 513 98.94 -70.49 1.55
C GLY L 513 97.80 -70.47 2.56
N VAL L 514 96.78 -69.66 2.30
CA VAL L 514 95.68 -69.55 3.24
C VAL L 514 94.88 -70.85 3.27
N LEU L 515 94.69 -71.49 2.12
CA LEU L 515 94.02 -72.79 2.11
C LEU L 515 94.78 -73.80 2.96
N THR L 516 96.09 -73.81 2.84
CA THR L 516 96.88 -74.77 3.59
C THR L 516 96.78 -74.45 5.06
N HIS L 517 96.78 -73.17 5.41
CA HIS L 517 96.64 -72.78 6.79
C HIS L 517 95.32 -73.32 7.31
N ARG L 518 94.23 -73.11 6.57
CA ARG L 518 92.94 -73.63 7.00
C ARG L 518 93.00 -75.14 7.21
N ASN L 519 93.69 -75.87 6.36
CA ASN L 519 93.75 -77.31 6.50
C ASN L 519 94.62 -77.73 7.67
N LYS L 520 95.52 -76.87 8.11
CA LYS L 520 96.47 -77.24 9.16
C LYS L 520 96.35 -76.38 10.40
N ASP L 521 95.17 -75.88 10.68
CA ASP L 521 94.96 -75.07 11.87
C ASP L 521 94.98 -75.90 13.12
N GLY L 522 95.58 -75.38 14.17
CA GLY L 522 95.67 -76.07 15.43
C GLY L 522 96.82 -77.03 15.57
N THR L 523 97.67 -77.17 14.55
CA THR L 523 98.81 -78.07 14.59
C THR L 523 100.13 -77.33 14.76
N GLY L 524 100.09 -76.04 15.08
CA GLY L 524 101.30 -75.28 15.29
C GLY L 524 102.15 -75.10 14.04
N VAL L 525 101.50 -74.79 12.92
CA VAL L 525 102.22 -74.49 11.69
C VAL L 525 101.88 -73.09 11.25
N ARG L 526 102.88 -72.29 10.95
CA ARG L 526 102.70 -70.91 10.53
C ARG L 526 102.86 -70.80 9.02
N VAL L 527 101.93 -70.08 8.39
CA VAL L 527 101.98 -69.84 6.95
C VAL L 527 102.24 -68.36 6.72
N ILE L 528 103.22 -68.06 5.88
CA ILE L 528 103.55 -66.70 5.49
C ILE L 528 103.32 -66.56 3.99
N VAL L 529 102.51 -65.59 3.60
CA VAL L 529 102.27 -65.30 2.19
C VAL L 529 103.46 -64.48 1.75
N ALA L 530 104.40 -65.11 1.08
CA ALA L 530 105.67 -64.47 0.74
C ALA L 530 105.55 -63.49 -0.42
N GLY L 531 104.42 -63.43 -1.11
CA GLY L 531 104.26 -62.58 -2.27
C GLY L 531 103.42 -61.34 -2.08
N THR L 532 103.02 -61.01 -0.84
CA THR L 532 102.15 -59.86 -0.61
C THR L 532 102.52 -59.19 0.69
N LEU L 533 102.53 -57.85 0.68
CA LEU L 533 102.66 -57.04 1.88
C LEU L 533 101.26 -56.59 2.31
N ASP L 534 100.86 -56.96 3.51
CA ASP L 534 99.57 -56.55 4.06
C ASP L 534 99.57 -56.87 5.54
N ILE L 535 98.56 -56.33 6.23
CA ILE L 535 98.37 -56.57 7.67
C ILE L 535 97.15 -57.46 7.83
N ASN L 536 97.33 -58.56 8.58
CA ASN L 536 96.24 -59.49 8.85
C ASN L 536 95.67 -59.18 10.22
N PRO L 537 94.37 -58.86 10.34
CA PRO L 537 93.84 -58.53 11.68
C PRO L 537 93.99 -59.66 12.68
N ASP L 538 93.48 -60.85 12.35
CA ASP L 538 93.59 -61.99 13.27
C ASP L 538 95.03 -62.47 13.43
N ASP L 539 95.93 -62.08 12.54
CA ASP L 539 97.35 -62.42 12.66
C ASP L 539 97.55 -63.93 12.77
N ASP L 540 96.63 -64.71 12.19
CA ASP L 540 96.77 -66.16 12.22
C ASP L 540 97.69 -66.69 11.15
N TYR L 541 98.04 -65.86 10.16
CA TYR L 541 99.07 -66.22 9.18
C TYR L 541 99.86 -64.97 8.84
N GLY L 542 101.09 -65.18 8.37
CA GLY L 542 102.00 -64.07 8.15
C GLY L 542 101.92 -63.51 6.74
N PHE L 543 102.55 -62.34 6.58
CA PHE L 543 102.65 -61.70 5.28
C PHE L 543 104.11 -61.46 4.94
N LYS L 544 104.38 -60.75 3.84
CA LYS L 544 105.75 -60.63 3.35
C LYS L 544 106.70 -60.04 4.39
N GLN L 545 106.20 -59.13 5.24
CA GLN L 545 107.07 -58.48 6.22
C GLN L 545 107.69 -59.50 7.17
N GLU L 546 107.00 -60.60 7.44
CA GLU L 546 107.47 -61.55 8.43
C GLU L 546 108.81 -62.16 8.04
N ILE L 547 109.02 -62.39 6.74
CA ILE L 547 110.24 -63.06 6.30
C ILE L 547 111.49 -62.23 6.59
N PHE L 548 111.40 -60.91 6.50
CA PHE L 548 112.58 -60.08 6.63
C PHE L 548 112.71 -59.37 7.97
N ASP L 549 111.68 -59.42 8.80
CA ASP L 549 111.74 -58.77 10.10
C ASP L 549 112.91 -59.31 10.92
N VAL L 550 113.83 -58.43 11.32
CA VAL L 550 115.00 -58.85 12.08
C VAL L 550 114.70 -58.99 13.56
N THR L 551 113.63 -58.37 14.05
CA THR L 551 113.28 -58.46 15.46
C THR L 551 112.49 -59.73 15.72
N SER L 552 112.02 -59.89 16.96
CA SER L 552 111.31 -61.10 17.34
C SER L 552 110.01 -61.27 16.56
N ASN L 553 109.42 -60.16 16.09
CA ASN L 553 108.19 -60.25 15.33
C ASN L 553 108.35 -61.07 14.05
N GLY L 554 109.57 -61.26 13.57
CA GLY L 554 109.79 -62.13 12.44
C GLY L 554 109.48 -63.59 12.75
N LEU L 555 109.74 -64.02 13.97
CA LEU L 555 109.49 -65.40 14.40
C LEU L 555 108.18 -65.43 15.19
N LYS L 556 107.11 -65.88 14.53
CA LYS L 556 105.83 -66.07 15.18
C LYS L 556 105.38 -67.51 14.95
N LYS L 557 105.01 -68.18 16.03
CA LYS L 557 104.56 -69.57 15.99
C LYS L 557 103.06 -69.64 16.17
N ASN L 558 102.43 -70.56 15.45
CA ASN L 558 100.99 -70.74 15.60
C ASN L 558 100.72 -71.70 16.74
N PRO L 559 99.49 -71.68 17.25
CA PRO L 559 99.16 -72.53 18.38
C PRO L 559 99.02 -74.01 18.12
N ASN L 560 99.71 -74.84 18.87
CA ASN L 560 99.48 -76.27 18.82
C ASN L 560 98.61 -76.61 20.02
N TRP L 561 97.33 -76.91 19.80
CA TRP L 561 96.41 -77.10 20.91
C TRP L 561 96.81 -78.23 21.82
N LEU L 562 97.18 -79.37 21.25
CA LEU L 562 97.49 -80.50 22.10
C LEU L 562 98.56 -80.17 23.12
N GLU L 563 99.53 -79.33 22.76
CA GLU L 563 100.58 -78.93 23.68
C GLU L 563 100.16 -77.75 24.55
N GLU L 564 99.49 -76.79 23.99
CA GLU L 564 99.11 -75.60 24.73
C GLU L 564 98.11 -75.87 25.83
N TYR L 565 97.23 -76.84 25.64
CA TYR L 565 96.19 -77.13 26.62
C TYR L 565 96.30 -78.56 27.09
N HIS L 566 97.49 -79.12 27.07
CA HIS L 566 97.71 -80.47 27.55
C HIS L 566 97.36 -80.56 29.04
N PRO L 567 96.56 -81.54 29.46
CA PRO L 567 96.30 -81.69 30.89
C PRO L 567 97.55 -82.12 31.65
N LYS L 568 97.60 -81.74 32.91
CA LYS L 568 98.74 -82.08 33.76
C LYS L 568 98.28 -82.44 35.15
N LEU L 569 99.20 -82.91 35.97
CA LEU L 569 98.88 -83.21 37.34
C LEU L 569 99.75 -82.34 38.20
N ILE L 570 99.20 -81.83 39.29
CA ILE L 570 99.97 -81.04 40.23
C ILE L 570 99.57 -81.49 41.61
N LYS L 571 100.30 -81.11 42.64
CA LYS L 571 99.96 -81.44 44.02
C LYS L 571 100.40 -80.31 44.93
N ASN L 572 99.74 -80.22 46.09
CA ASN L 572 100.06 -79.21 47.06
C ASN L 572 100.88 -79.82 48.19
N LYS L 573 101.12 -79.09 49.27
CA LYS L 573 101.92 -79.60 50.36
C LYS L 573 101.28 -80.79 51.08
N SER L 574 99.96 -80.83 51.16
CA SER L 574 99.29 -81.97 51.77
C SER L 574 99.46 -83.24 50.94
N GLY L 575 99.88 -83.12 49.69
CA GLY L 575 100.00 -84.25 48.80
C GLY L 575 98.76 -84.57 48.00
N LYS L 576 97.80 -83.65 47.98
CA LYS L 576 96.60 -83.84 47.19
C LYS L 576 96.88 -83.57 45.73
N ILE L 577 96.51 -84.50 44.87
CA ILE L 577 96.74 -84.35 43.45
C ILE L 577 95.58 -83.69 42.77
N PHE L 578 95.86 -82.78 41.86
CA PHE L 578 94.87 -82.04 41.09
C PHE L 578 95.11 -82.28 39.60
N VAL L 579 94.02 -82.42 38.85
CA VAL L 579 94.10 -82.40 37.39
C VAL L 579 94.28 -80.94 36.99
N GLU L 580 95.51 -80.56 36.65
CA GLU L 580 95.81 -79.17 36.38
C GLU L 580 95.25 -78.71 35.07
N THR L 581 94.44 -77.68 35.11
CA THR L 581 93.78 -77.16 33.93
C THR L 581 93.57 -75.67 34.11
N LYS L 582 93.34 -74.97 33.02
CA LYS L 582 93.07 -73.54 33.07
C LYS L 582 91.95 -73.20 34.03
N PHE L 583 90.83 -73.90 33.97
CA PHE L 583 89.75 -73.73 34.93
C PHE L 583 90.20 -74.14 36.34
N SER L 584 90.79 -75.33 36.46
CA SER L 584 91.26 -75.80 37.76
C SER L 584 92.34 -74.89 38.31
N LYS L 585 93.22 -74.37 37.44
CA LYS L 585 94.24 -73.44 37.90
C LYS L 585 93.61 -72.17 38.45
N LEU L 586 92.54 -71.69 37.83
CA LEU L 586 91.87 -70.51 38.33
C LEU L 586 91.20 -70.75 39.68
N ILE L 587 90.36 -71.77 39.80
CA ILE L 587 89.58 -71.96 41.02
C ILE L 587 90.20 -72.82 42.09
N GLY L 588 91.38 -73.35 41.87
CA GLY L 588 92.04 -74.11 42.91
C GLY L 588 91.32 -75.38 43.30
N ARG L 589 90.45 -75.90 42.45
CA ARG L 589 89.65 -77.09 42.75
C ARG L 589 89.57 -77.91 41.50
N PRO L 590 89.26 -79.19 41.62
CA PRO L 590 89.14 -80.07 40.46
C PRO L 590 88.29 -79.44 39.33
N PRO L 591 88.62 -79.68 38.05
CA PRO L 591 87.89 -79.05 36.94
C PRO L 591 86.54 -79.70 36.66
N LEU L 592 85.76 -79.94 37.71
CA LEU L 592 84.47 -80.58 37.60
C LEU L 592 83.47 -79.79 38.43
N LEU L 593 82.31 -79.48 37.90
CA LEU L 593 81.32 -78.65 38.57
C LEU L 593 79.93 -79.23 38.38
N VAL L 594 79.04 -78.89 39.31
CA VAL L 594 77.63 -79.26 39.24
C VAL L 594 76.87 -78.03 38.73
N PRO L 595 76.23 -78.10 37.56
CA PRO L 595 75.55 -76.91 37.04
C PRO L 595 74.25 -76.63 37.76
N GLY L 596 73.77 -75.41 37.60
CA GLY L 596 72.48 -75.03 38.18
C GLY L 596 71.38 -75.92 37.65
N MET L 597 70.61 -76.55 38.51
CA MET L 597 69.51 -77.35 38.08
C MET L 597 68.28 -77.11 38.91
N THR L 598 67.20 -76.70 38.27
CA THR L 598 65.94 -76.50 38.98
C THR L 598 65.08 -77.67 38.61
N PRO L 599 64.95 -78.66 39.53
CA PRO L 599 64.82 -78.50 40.98
C PRO L 599 66.02 -78.89 41.87
N CYS L 600 66.95 -79.74 41.42
CA CYS L 600 68.05 -80.28 42.26
C CYS L 600 69.04 -79.36 43.01
N THR L 601 69.46 -78.27 42.42
CA THR L 601 70.45 -77.41 43.05
C THR L 601 69.76 -76.25 43.75
N VAL L 602 68.45 -76.35 43.89
CA VAL L 602 67.71 -75.33 44.62
C VAL L 602 67.94 -75.59 46.11
N SER L 603 68.03 -76.85 46.49
CA SER L 603 68.25 -77.21 47.88
C SER L 603 69.52 -76.64 48.45
N PRO L 604 69.42 -75.83 49.50
CA PRO L 604 70.67 -75.36 50.09
C PRO L 604 71.49 -76.49 50.73
N ASP L 605 70.85 -77.59 51.11
CA ASP L 605 71.56 -78.73 51.66
C ASP L 605 72.45 -79.38 50.62
N PHE L 606 71.93 -79.56 49.40
CA PHE L 606 72.72 -80.20 48.36
C PHE L 606 73.86 -79.30 47.90
N VAL L 607 73.60 -78.00 47.80
CA VAL L 607 74.67 -77.07 47.44
C VAL L 607 75.79 -77.12 48.46
N ALA L 608 75.43 -77.08 49.75
CA ALA L 608 76.44 -77.13 50.81
C ALA L 608 77.18 -78.46 50.80
N ALA L 609 76.46 -79.57 50.55
CA ALA L 609 77.11 -80.87 50.53
C ALA L 609 78.11 -80.97 49.40
N THR L 610 77.75 -80.48 48.21
CA THR L 610 78.67 -80.51 47.09
C THR L 610 79.87 -79.60 47.34
N THR L 611 79.67 -78.43 47.92
CA THR L 611 80.78 -77.53 48.22
C THR L 611 81.70 -78.08 49.30
N ASN L 612 81.15 -78.77 50.28
CA ASN L 612 81.95 -79.38 51.33
C ASN L 612 82.70 -80.61 50.83
N ALA L 613 82.23 -81.22 49.73
CA ALA L 613 82.98 -82.30 49.10
C ALA L 613 84.19 -81.79 48.34
N GLY L 614 84.20 -80.52 47.96
CA GLY L 614 85.32 -79.92 47.25
C GLY L 614 85.10 -79.67 45.77
N TYR L 615 83.85 -79.48 45.38
CA TYR L 615 83.55 -79.30 43.97
C TYR L 615 82.61 -78.14 43.77
N THR L 616 82.77 -77.44 42.67
CA THR L 616 81.93 -76.28 42.36
C THR L 616 80.48 -76.63 42.09
N ILE L 617 79.56 -75.77 42.53
CA ILE L 617 78.14 -75.98 42.30
C ILE L 617 77.45 -74.65 42.22
N GLU L 618 76.38 -74.57 41.45
CA GLU L 618 75.63 -73.33 41.27
C GLU L 618 74.26 -73.48 41.92
N LEU L 619 73.95 -72.59 42.86
CA LEU L 619 72.62 -72.57 43.46
C LEU L 619 71.61 -72.06 42.44
N ALA L 620 70.57 -72.85 42.18
CA ALA L 620 69.63 -72.56 41.12
C ALA L 620 68.68 -71.44 41.55
N GLY L 621 68.72 -70.33 40.83
CA GLY L 621 67.79 -69.24 41.08
C GLY L 621 66.39 -69.46 40.52
N GLY L 622 66.19 -70.51 39.74
CA GLY L 622 64.89 -70.84 39.19
C GLY L 622 63.91 -71.40 40.18
N GLY L 623 64.36 -71.74 41.38
CA GLY L 623 63.50 -72.17 42.45
C GLY L 623 63.12 -71.09 43.44
N TYR L 624 63.42 -69.85 43.11
CA TYR L 624 63.18 -68.76 44.04
C TYR L 624 62.42 -67.67 43.36
N PHE L 625 61.55 -67.00 44.09
CA PHE L 625 60.67 -66.02 43.48
C PHE L 625 60.74 -64.65 44.11
N SER L 626 61.69 -64.43 44.99
CA SER L 626 61.88 -63.12 45.60
C SER L 626 63.31 -63.00 46.07
N ALA L 627 63.75 -61.79 46.34
CA ALA L 627 65.10 -61.62 46.90
C ALA L 627 65.18 -62.15 48.33
N ALA L 628 64.10 -62.05 49.09
CA ALA L 628 64.13 -62.51 50.48
C ALA L 628 64.34 -64.02 50.56
N GLY L 629 63.66 -64.77 49.69
CA GLY L 629 63.75 -66.22 49.74
C GLY L 629 65.11 -66.70 49.31
N MET L 630 65.65 -66.12 48.25
CA MET L 630 66.98 -66.47 47.82
C MET L 630 68.03 -66.05 48.85
N THR L 631 67.80 -64.92 49.52
CA THR L 631 68.70 -64.52 50.59
C THR L 631 68.70 -65.53 51.72
N ALA L 632 67.55 -66.07 52.07
CA ALA L 632 67.48 -67.07 53.12
C ALA L 632 68.16 -68.36 52.70
N ALA L 633 68.07 -68.70 51.42
CA ALA L 633 68.68 -69.92 50.92
C ALA L 633 70.19 -69.77 50.86
N ILE L 634 70.66 -68.60 50.50
CA ILE L 634 72.09 -68.34 50.47
C ILE L 634 72.65 -68.30 51.89
N ASP L 635 71.90 -67.73 52.83
CA ASP L 635 72.34 -67.70 54.21
C ASP L 635 72.42 -69.12 54.77
N SER L 636 71.46 -69.98 54.43
CA SER L 636 71.54 -71.37 54.85
C SER L 636 72.79 -72.04 54.30
N VAL L 637 73.05 -71.85 53.01
CA VAL L 637 74.24 -72.43 52.40
C VAL L 637 75.50 -71.94 53.11
N VAL L 638 75.58 -70.64 53.37
CA VAL L 638 76.74 -70.07 54.04
C VAL L 638 76.90 -70.67 55.43
N SER L 639 75.80 -70.83 56.16
CA SER L 639 75.89 -71.39 57.51
C SER L 639 76.28 -72.85 57.47
N GLN L 640 76.07 -73.55 56.36
CA GLN L 640 76.43 -74.96 56.28
C GLN L 640 77.85 -75.20 55.76
N ILE L 641 78.37 -74.35 54.88
CA ILE L 641 79.69 -74.58 54.31
C ILE L 641 80.77 -74.15 55.28
N GLU L 642 81.96 -74.73 55.13
CA GLU L 642 83.08 -74.42 56.00
C GLU L 642 83.68 -73.06 55.65
N LYS L 643 84.35 -72.47 56.64
CA LYS L 643 84.96 -71.16 56.45
C LYS L 643 85.96 -71.21 55.31
N GLY L 644 85.89 -70.20 54.43
CA GLY L 644 86.76 -70.08 53.29
C GLY L 644 86.19 -70.64 52.00
N SER L 645 85.08 -71.34 52.06
CA SER L 645 84.48 -71.94 50.86
C SER L 645 83.63 -70.90 50.11
N THR L 646 83.26 -71.24 48.89
CA THR L 646 82.47 -70.33 48.08
C THR L 646 81.57 -71.15 47.20
N PHE L 647 80.71 -70.48 46.44
CA PHE L 647 79.79 -71.18 45.56
C PHE L 647 79.25 -70.21 44.55
N GLY L 648 78.48 -70.70 43.60
CA GLY L 648 77.97 -69.87 42.53
C GLY L 648 76.45 -69.81 42.51
N ILE L 649 75.94 -68.93 41.66
CA ILE L 649 74.50 -68.76 41.47
C ILE L 649 74.19 -68.86 39.98
N ASN L 650 73.10 -69.55 39.66
CA ASN L 650 72.63 -69.68 38.29
C ASN L 650 71.33 -68.89 38.13
N LEU L 651 71.28 -68.05 37.10
CA LEU L 651 70.09 -67.26 36.81
C LEU L 651 69.61 -67.54 35.39
N ILE L 652 68.29 -67.50 35.20
CA ILE L 652 67.70 -67.75 33.91
C ILE L 652 67.49 -66.45 33.14
N TYR L 653 67.95 -66.38 31.91
CA TYR L 653 67.88 -65.14 31.15
C TYR L 653 66.50 -64.88 30.55
N VAL L 654 65.67 -65.92 30.46
CA VAL L 654 64.34 -65.78 29.93
C VAL L 654 63.36 -65.48 31.04
N ASN L 655 63.84 -65.24 32.25
CA ASN L 655 62.99 -64.83 33.34
C ASN L 655 63.34 -63.40 33.67
N PRO L 656 62.71 -62.45 32.99
CA PRO L 656 63.09 -61.06 33.25
C PRO L 656 62.92 -60.68 34.69
N PHE L 657 61.94 -61.25 35.36
CA PHE L 657 61.66 -60.88 36.73
C PHE L 657 62.79 -61.31 37.63
N MET L 658 63.26 -62.52 37.42
CA MET L 658 64.33 -63.06 38.21
C MET L 658 65.56 -62.21 38.09
N LEU L 659 65.86 -61.77 36.88
CA LEU L 659 67.05 -60.99 36.68
C LEU L 659 66.87 -59.67 37.35
N GLN L 660 65.65 -59.15 37.31
CA GLN L 660 65.38 -57.85 37.91
C GLN L 660 65.57 -57.90 39.42
N TRP L 661 65.12 -58.97 40.06
CA TRP L 661 65.32 -59.07 41.51
C TRP L 661 66.60 -59.78 41.91
N GLY L 662 67.26 -60.49 41.00
CA GLY L 662 68.43 -61.26 41.37
C GLY L 662 69.75 -60.53 41.18
N ILE L 663 69.92 -59.83 40.07
CA ILE L 663 71.18 -59.13 39.82
C ILE L 663 71.45 -58.10 40.90
N PRO L 664 70.51 -57.23 41.27
CA PRO L 664 70.75 -56.35 42.42
C PRO L 664 71.04 -57.09 43.70
N LEU L 665 70.39 -58.24 43.92
CA LEU L 665 70.65 -59.00 45.13
C LEU L 665 72.09 -59.50 45.15
N ILE L 666 72.58 -60.03 44.03
CA ILE L 666 73.96 -60.49 43.98
C ILE L 666 74.91 -59.32 44.20
N LYS L 667 74.62 -58.17 43.59
CA LYS L 667 75.48 -57.00 43.81
C LYS L 667 75.55 -56.64 45.28
N GLU L 668 74.38 -56.59 45.95
CA GLU L 668 74.35 -56.22 47.36
C GLU L 668 75.10 -57.24 48.21
N LEU L 669 74.87 -58.53 47.95
CA LEU L 669 75.53 -59.56 48.75
C LEU L 669 77.04 -59.54 48.56
N ARG L 670 77.50 -59.36 47.32
CA ARG L 670 78.93 -59.27 47.08
C ARG L 670 79.52 -58.05 47.77
N SER L 671 78.81 -56.91 47.73
CA SER L 671 79.27 -55.75 48.48
C SER L 671 79.36 -56.06 49.96
N LYS L 672 78.48 -56.94 50.45
CA LYS L 672 78.58 -57.39 51.84
C LYS L 672 79.71 -58.37 52.07
N GLY L 673 80.33 -58.90 51.01
CA GLY L 673 81.39 -59.87 51.15
C GLY L 673 80.94 -61.31 51.15
N TYR L 674 79.76 -61.61 50.62
CA TYR L 674 79.28 -62.98 50.59
C TYR L 674 80.15 -63.83 49.67
N PRO L 675 80.36 -65.11 50.01
CA PRO L 675 81.25 -65.97 49.21
C PRO L 675 80.58 -66.50 47.95
N ILE L 676 80.11 -65.60 47.10
CA ILE L 676 79.54 -65.94 45.80
C ILE L 676 80.66 -65.80 44.78
N GLN L 677 81.23 -66.90 44.35
CA GLN L 677 82.38 -66.83 43.47
C GLN L 677 82.07 -66.44 42.06
N PHE L 678 80.91 -66.86 41.56
CA PHE L 678 80.63 -66.62 40.16
C PHE L 678 79.13 -66.61 39.94
N LEU L 679 78.73 -66.12 38.76
CA LEU L 679 77.35 -66.14 38.31
C LEU L 679 77.30 -66.81 36.95
N THR L 680 76.38 -67.76 36.79
CA THR L 680 76.15 -68.42 35.51
C THR L 680 74.77 -68.02 34.99
N ILE L 681 74.69 -67.76 33.69
CA ILE L 681 73.44 -67.35 33.04
C ILE L 681 73.02 -68.48 32.11
N GLY L 682 71.84 -69.04 32.36
CA GLY L 682 71.29 -70.10 31.56
C GLY L 682 70.16 -69.61 30.67
N ALA L 683 69.81 -70.46 29.71
CA ALA L 683 68.72 -70.18 28.78
C ALA L 683 68.92 -68.85 28.07
N GLY L 684 70.09 -68.65 27.51
CA GLY L 684 70.36 -67.42 26.78
C GLY L 684 71.66 -66.77 27.12
N VAL L 685 72.21 -66.01 26.18
CA VAL L 685 73.43 -65.30 26.42
C VAL L 685 73.04 -63.85 26.43
N PRO L 686 73.51 -63.10 27.42
CA PRO L 686 73.19 -61.67 27.47
C PRO L 686 73.81 -60.93 26.29
N SER L 687 73.45 -59.65 26.20
CA SER L 687 74.03 -58.80 25.19
C SER L 687 75.31 -58.31 25.75
N LEU L 688 76.15 -57.75 24.90
CA LEU L 688 77.42 -57.25 25.33
C LEU L 688 77.24 -56.25 26.46
N GLU L 689 76.28 -55.36 26.33
CA GLU L 689 76.11 -54.33 27.33
C GLU L 689 75.73 -54.87 28.70
N VAL L 690 74.83 -55.85 28.75
CA VAL L 690 74.43 -56.44 30.01
C VAL L 690 75.59 -57.21 30.58
N ALA L 691 76.32 -57.90 29.72
CA ALA L 691 77.44 -58.69 30.19
C ALA L 691 78.45 -57.77 30.81
N SER L 692 78.68 -56.62 30.19
CA SER L 692 79.60 -55.65 30.78
C SER L 692 79.10 -55.18 32.13
N GLU L 693 77.80 -54.91 32.25
CA GLU L 693 77.23 -54.52 33.53
C GLU L 693 77.50 -55.58 34.59
N TYR L 694 77.24 -56.85 34.26
CA TYR L 694 77.50 -57.92 35.21
C TYR L 694 78.97 -57.95 35.60
N ILE L 695 79.85 -57.99 34.61
CA ILE L 695 81.27 -58.16 34.86
C ILE L 695 81.81 -57.04 35.74
N GLU L 696 81.42 -55.80 35.46
CA GLU L 696 81.93 -54.67 36.23
C GLU L 696 81.28 -54.60 37.60
N THR L 697 79.95 -54.51 37.65
CA THR L 697 79.26 -54.20 38.89
C THR L 697 79.33 -55.36 39.89
N LEU L 698 79.05 -56.58 39.43
CA LEU L 698 78.74 -57.64 40.38
C LEU L 698 79.94 -58.03 41.25
N GLY L 699 81.15 -57.70 40.83
CA GLY L 699 82.32 -58.03 41.62
C GLY L 699 82.53 -59.52 41.83
N LEU L 700 82.35 -60.29 40.77
CA LEU L 700 82.54 -61.73 40.82
C LEU L 700 83.92 -62.13 40.32
N LYS L 701 84.31 -63.36 40.62
CA LYS L 701 85.60 -63.86 40.14
C LYS L 701 85.54 -64.20 38.65
N TYR L 702 84.46 -64.82 38.20
CA TYR L 702 84.31 -65.11 36.78
C TYR L 702 82.83 -65.23 36.44
N LEU L 703 82.54 -65.18 35.15
CA LEU L 703 81.18 -65.23 34.64
C LEU L 703 81.00 -66.50 33.81
N GLY L 704 79.94 -67.25 34.12
CA GLY L 704 79.61 -68.45 33.36
C GLY L 704 78.52 -68.16 32.36
N LEU L 705 78.72 -68.62 31.13
CA LEU L 705 77.75 -68.49 30.07
C LEU L 705 77.55 -69.84 29.39
N LYS L 706 76.33 -70.08 28.91
CA LYS L 706 75.94 -71.36 28.33
C LYS L 706 75.38 -71.12 26.93
N PRO L 707 76.25 -70.92 25.94
CA PRO L 707 75.77 -70.76 24.56
C PRO L 707 75.07 -72.02 24.08
N GLY L 708 74.05 -71.83 23.25
CA GLY L 708 73.28 -72.94 22.74
C GLY L 708 73.51 -73.25 21.28
N SER L 709 74.22 -72.37 20.57
CA SER L 709 74.43 -72.53 19.14
C SER L 709 75.66 -71.73 18.72
N ILE L 710 75.95 -71.76 17.41
CA ILE L 710 77.11 -71.06 16.88
C ILE L 710 77.01 -69.57 17.17
N ASP L 711 75.84 -68.98 16.94
CA ASP L 711 75.68 -67.54 17.17
C ASP L 711 75.87 -67.21 18.65
N ALA L 712 75.40 -68.08 19.51
CA ALA L 712 75.55 -67.86 20.92
C ALA L 712 77.02 -67.90 21.29
N ILE L 713 77.77 -68.83 20.69
CA ILE L 713 79.21 -68.93 20.95
C ILE L 713 79.92 -67.68 20.44
N SER L 714 79.50 -67.16 19.29
CA SER L 714 80.09 -65.92 18.78
C SER L 714 79.82 -64.75 19.73
N GLN L 715 78.63 -64.70 20.30
CA GLN L 715 78.32 -63.65 21.24
C GLN L 715 79.14 -63.82 22.53
N VAL L 716 79.38 -65.04 22.96
CA VAL L 716 80.25 -65.28 24.11
C VAL L 716 81.66 -64.82 23.79
N ILE L 717 82.14 -65.10 22.59
CA ILE L 717 83.48 -64.68 22.19
C ILE L 717 83.57 -63.15 22.18
N ASN L 718 82.53 -62.49 21.69
CA ASN L 718 82.54 -61.02 21.70
C ASN L 718 82.57 -60.49 23.12
N ILE L 719 81.82 -61.10 24.03
CA ILE L 719 81.86 -60.68 25.43
C ILE L 719 83.26 -60.86 25.99
N ALA L 720 83.88 -62.00 25.73
CA ALA L 720 85.23 -62.24 26.24
C ALA L 720 86.24 -61.28 25.63
N LYS L 721 86.00 -60.85 24.38
CA LYS L 721 86.91 -59.92 23.73
C LYS L 721 86.77 -58.52 24.30
N ALA L 722 85.54 -58.10 24.61
CA ALA L 722 85.35 -56.78 25.19
C ALA L 722 86.00 -56.66 26.56
N HIS L 723 86.20 -57.78 27.25
CA HIS L 723 86.81 -57.82 28.57
C HIS L 723 87.92 -58.85 28.56
N PRO L 724 89.06 -58.53 27.91
CA PRO L 724 90.09 -59.56 27.69
C PRO L 724 90.71 -60.11 28.96
N ASN L 725 90.57 -59.43 30.09
CA ASN L 725 91.23 -59.87 31.32
C ASN L 725 90.29 -60.66 32.24
N PHE L 726 88.99 -60.45 32.12
CA PHE L 726 88.05 -61.15 33.00
C PHE L 726 87.92 -62.61 32.56
N PRO L 727 87.92 -63.57 33.49
CA PRO L 727 87.69 -64.95 33.09
C PRO L 727 86.23 -65.20 32.73
N ILE L 728 86.02 -65.88 31.60
CA ILE L 728 84.68 -66.24 31.12
C ILE L 728 84.64 -67.75 30.98
N ALA L 729 83.68 -68.38 31.64
CA ALA L 729 83.51 -69.83 31.58
C ALA L 729 82.47 -70.15 30.52
N LEU L 730 82.92 -70.65 29.37
CA LEU L 730 82.03 -71.06 28.30
C LEU L 730 81.58 -72.49 28.57
N GLN L 731 80.31 -72.65 28.92
CA GLN L 731 79.75 -73.96 29.29
C GLN L 731 78.97 -74.47 28.09
N TRP L 732 79.63 -75.24 27.24
CA TRP L 732 78.99 -75.76 26.05
C TRP L 732 78.23 -77.04 26.36
N THR L 733 77.01 -77.13 25.84
CA THR L 733 76.15 -78.29 26.01
C THR L 733 75.38 -78.53 24.73
N GLY L 734 75.25 -79.80 24.35
CA GLY L 734 74.46 -80.17 23.20
C GLY L 734 73.00 -80.39 23.57
N GLY L 735 72.19 -80.64 22.54
CA GLY L 735 70.79 -80.94 22.76
C GLY L 735 70.53 -82.24 23.49
N ARG L 736 71.55 -83.06 23.65
CA ARG L 736 71.42 -84.33 24.30
C ARG L 736 71.33 -84.23 25.83
N GLY L 737 71.50 -83.05 26.40
CA GLY L 737 71.39 -82.89 27.83
C GLY L 737 69.97 -82.88 28.40
N GLY L 738 69.83 -83.17 29.69
CA GLY L 738 68.54 -83.10 30.33
C GLY L 738 68.02 -81.70 30.55
N GLY L 739 66.74 -81.57 30.87
CA GLY L 739 66.11 -80.28 31.07
C GLY L 739 65.79 -79.61 29.76
N HIS L 740 65.76 -78.28 29.74
CA HIS L 740 65.55 -77.59 28.49
C HIS L 740 66.73 -77.79 27.59
N HIS L 741 66.50 -78.30 26.39
CA HIS L 741 67.59 -78.61 25.49
C HIS L 741 67.43 -77.99 24.14
N SER L 742 68.53 -77.88 23.41
CA SER L 742 68.53 -77.32 22.07
C SER L 742 68.45 -78.45 21.04
N PHE L 743 68.50 -78.05 19.77
CA PHE L 743 68.50 -79.00 18.66
C PHE L 743 69.90 -79.30 18.13
N GLU L 744 70.94 -78.76 18.76
CA GLU L 744 72.28 -78.80 18.20
C GLU L 744 72.98 -80.11 18.51
N ASP L 745 73.89 -80.50 17.63
CA ASP L 745 74.73 -81.64 17.91
C ASP L 745 75.72 -81.18 18.96
N ALA L 746 76.31 -82.10 19.69
CA ALA L 746 77.25 -81.78 20.75
C ALA L 746 78.66 -81.54 20.24
N HIS L 747 79.01 -82.06 19.07
CA HIS L 747 80.37 -81.95 18.57
C HIS L 747 80.59 -80.99 17.38
N THR L 748 79.72 -80.94 16.38
CA THR L 748 79.99 -80.08 15.23
C THR L 748 80.19 -78.61 15.61
N PRO L 749 79.39 -78.01 16.51
CA PRO L 749 79.68 -76.62 16.88
C PRO L 749 81.05 -76.43 17.49
N MET L 750 81.50 -77.40 18.29
CA MET L 750 82.83 -77.31 18.89
C MET L 750 83.91 -77.47 17.83
N LEU L 751 83.77 -78.46 16.95
CA LEU L 751 84.72 -78.59 15.86
C LEU L 751 84.77 -77.32 15.01
N GLN L 752 83.65 -76.60 14.92
CA GLN L 752 83.61 -75.38 14.12
C GLN L 752 84.27 -74.20 14.83
N MET L 753 84.07 -74.07 16.14
CA MET L 753 84.41 -72.83 16.85
C MET L 753 85.55 -72.98 17.85
N TYR L 754 86.21 -74.14 17.91
CA TYR L 754 87.27 -74.31 18.90
C TYR L 754 88.43 -73.35 18.67
N SER L 755 88.86 -73.18 17.44
CA SER L 755 89.92 -72.23 17.15
C SER L 755 89.55 -70.81 17.57
N LYS L 756 88.35 -70.35 17.20
CA LYS L 756 87.93 -69.02 17.61
C LYS L 756 87.92 -68.89 19.13
N ILE L 757 87.52 -69.92 19.83
CA ILE L 757 87.47 -69.83 21.25
C ILE L 757 88.87 -69.70 21.80
N ARG L 758 89.78 -70.54 21.33
CA ARG L 758 91.11 -70.56 21.90
C ARG L 758 91.96 -69.36 21.58
N ARG L 759 91.47 -68.49 20.72
CA ARG L 759 92.20 -67.30 20.38
C ARG L 759 92.04 -66.33 21.50
N HIS L 760 91.18 -66.67 22.46
CA HIS L 760 90.99 -65.84 23.64
C HIS L 760 91.40 -66.58 24.89
N PRO L 761 92.55 -66.22 25.48
CA PRO L 761 92.99 -66.99 26.66
C PRO L 761 92.10 -66.83 27.87
N ASN L 762 91.24 -65.83 27.91
CA ASN L 762 90.38 -65.60 29.07
C ASN L 762 89.10 -66.43 29.04
N ILE L 763 88.91 -67.22 28.00
CA ILE L 763 87.77 -68.12 27.92
C ILE L 763 88.14 -69.53 28.35
N MET L 764 87.39 -70.09 29.28
CA MET L 764 87.59 -71.46 29.74
C MET L 764 86.52 -72.34 29.14
N LEU L 765 86.93 -73.41 28.47
CA LEU L 765 86.00 -74.29 27.75
C LEU L 765 85.56 -75.43 28.66
N ILE L 766 84.27 -75.47 28.97
CA ILE L 766 83.66 -76.53 29.74
C ILE L 766 82.73 -77.32 28.83
N PHE L 767 82.85 -78.64 28.85
CA PHE L 767 82.03 -79.54 28.04
C PHE L 767 81.04 -80.27 28.94
N GLY L 768 79.78 -80.30 28.53
CA GLY L 768 78.75 -80.99 29.29
C GLY L 768 77.80 -81.77 28.42
N SER L 769 76.59 -82.01 28.93
CA SER L 769 75.51 -82.65 28.17
C SER L 769 75.88 -84.07 27.74
N GLY L 770 75.97 -84.95 28.74
CA GLY L 770 76.02 -86.37 28.46
C GLY L 770 77.19 -87.12 29.06
N PHE L 771 77.65 -86.67 30.21
CA PHE L 771 78.79 -87.28 30.82
C PHE L 771 78.39 -87.91 32.12
N GLY L 772 79.08 -88.97 32.52
CA GLY L 772 78.77 -89.62 33.77
C GLY L 772 79.93 -90.23 34.51
N SER L 773 81.12 -90.18 33.93
CA SER L 773 82.29 -90.79 34.54
C SER L 773 83.55 -90.33 33.91
N ALA L 774 84.67 -90.78 34.45
CA ALA L 774 85.97 -90.39 33.93
C ALA L 774 86.29 -91.05 32.60
N ASP L 775 85.70 -92.21 32.33
CA ASP L 775 86.04 -92.95 31.11
C ASP L 775 85.52 -92.24 29.87
N ASP L 776 84.31 -91.69 29.92
CA ASP L 776 83.73 -91.02 28.77
C ASP L 776 84.09 -89.54 28.70
N THR L 777 84.71 -88.98 29.74
CA THR L 777 85.20 -87.60 29.70
C THR L 777 86.68 -87.50 29.42
N TYR L 778 87.42 -88.59 29.54
CA TYR L 778 88.86 -88.56 29.33
C TYR L 778 89.24 -88.17 27.91
N PRO L 779 88.53 -88.68 26.89
CA PRO L 779 88.95 -88.31 25.53
C PRO L 779 88.79 -86.83 25.27
N TYR L 780 87.95 -86.15 26.01
CA TYR L 780 87.78 -84.71 25.90
C TYR L 780 88.81 -83.99 26.73
N LEU L 781 89.20 -84.57 27.85
CA LEU L 781 90.27 -83.98 28.63
C LEU L 781 91.58 -83.97 27.84
N THR L 782 91.89 -85.07 27.16
CA THR L 782 93.13 -85.18 26.42
C THR L 782 93.05 -84.59 25.02
N GLY L 783 91.85 -84.27 24.54
CA GLY L 783 91.68 -83.71 23.21
C GLY L 783 91.59 -84.73 22.10
N GLU L 784 91.81 -86.02 22.38
CA GLU L 784 91.77 -87.04 21.36
C GLU L 784 90.36 -87.29 20.84
N TRP L 785 89.32 -86.73 21.44
CA TRP L 785 87.97 -86.94 20.97
C TRP L 785 87.77 -86.46 19.55
N SER L 786 88.49 -85.44 19.13
CA SER L 786 88.27 -84.86 17.81
C SER L 786 89.08 -85.54 16.71
N THR L 787 90.00 -86.44 17.06
CA THR L 787 90.81 -87.09 16.04
C THR L 787 89.94 -87.98 15.15
N LYS L 788 88.91 -88.59 15.72
CA LYS L 788 87.98 -89.47 14.97
C LYS L 788 87.25 -88.70 13.91
N PHE L 789 87.12 -87.41 14.11
CA PHE L 789 86.53 -86.55 13.10
C PHE L 789 87.57 -85.97 12.15
N ASP L 790 88.76 -86.55 12.10
CA ASP L 790 89.84 -86.06 11.24
C ASP L 790 90.17 -84.61 11.55
N TYR L 791 90.35 -84.32 12.83
CA TYR L 791 90.72 -83.01 13.33
C TYR L 791 91.91 -83.15 14.26
N PRO L 792 92.67 -82.08 14.46
CA PRO L 792 93.72 -82.11 15.49
C PRO L 792 93.12 -82.21 16.87
N PRO L 793 93.84 -82.76 17.84
CA PRO L 793 93.27 -82.87 19.19
C PRO L 793 92.87 -81.51 19.75
N MET L 794 91.72 -81.49 20.43
CA MET L 794 91.16 -80.28 21.03
C MET L 794 90.83 -80.55 22.49
N PRO L 795 91.78 -80.39 23.40
CA PRO L 795 91.48 -80.59 24.82
C PRO L 795 90.53 -79.53 25.36
N PHE L 796 89.77 -79.91 26.38
CA PHE L 796 88.83 -79.03 27.06
C PHE L 796 89.28 -78.77 28.49
N ASP L 797 88.74 -77.70 29.07
CA ASP L 797 89.20 -77.25 30.37
C ASP L 797 88.46 -77.89 31.55
N GLY L 798 87.28 -78.45 31.32
CA GLY L 798 86.53 -79.03 32.42
C GLY L 798 85.21 -79.59 31.95
N PHE L 799 84.44 -80.12 32.90
CA PHE L 799 83.20 -80.81 32.61
C PHE L 799 82.16 -80.47 33.67
N LEU L 800 80.89 -80.58 33.28
CA LEU L 800 79.76 -80.44 34.17
C LEU L 800 78.87 -81.68 34.04
N PHE L 801 78.29 -82.07 35.17
CA PHE L 801 77.49 -83.27 35.22
C PHE L 801 76.17 -82.98 35.86
N GLY L 802 75.12 -82.82 35.08
CA GLY L 802 73.79 -82.58 35.63
C GLY L 802 73.03 -83.84 35.93
N SER L 803 72.48 -84.47 34.92
CA SER L 803 71.72 -85.69 35.12
C SER L 803 72.41 -86.74 35.97
N ARG L 804 73.74 -86.87 35.88
CA ARG L 804 74.50 -87.84 36.67
C ARG L 804 74.33 -87.77 38.18
N VAL L 805 74.13 -86.59 38.75
CA VAL L 805 74.07 -86.43 40.20
C VAL L 805 72.63 -86.25 40.68
N MET L 806 71.65 -86.71 39.92
CA MET L 806 70.26 -86.59 40.32
C MET L 806 69.80 -87.69 41.27
N ILE L 807 70.64 -88.69 41.49
CA ILE L 807 70.34 -89.75 42.44
C ILE L 807 71.35 -89.76 43.58
N ALA L 808 72.08 -88.67 43.76
CA ALA L 808 73.04 -88.59 44.85
C ALA L 808 72.33 -88.57 46.20
N LYS L 809 72.98 -89.09 47.22
CA LYS L 809 72.34 -89.20 48.51
C LYS L 809 71.89 -87.86 49.07
N GLU L 810 72.58 -86.78 48.76
CA GLU L 810 72.27 -85.48 49.34
C GLU L 810 71.28 -84.66 48.53
N VAL L 811 70.80 -85.20 47.41
CA VAL L 811 69.82 -84.51 46.59
C VAL L 811 68.42 -84.74 47.17
N LYS L 812 67.57 -83.73 47.15
CA LYS L 812 66.24 -83.83 47.75
C LYS L 812 65.25 -84.71 46.96
N THR L 813 65.69 -85.31 45.88
CA THR L 813 64.79 -86.12 45.07
C THR L 813 64.16 -87.24 45.90
N SER L 814 62.86 -87.44 45.70
CA SER L 814 62.15 -88.46 46.43
C SER L 814 62.67 -89.83 46.03
N PRO L 815 62.63 -90.79 46.94
CA PRO L 815 63.13 -92.14 46.65
C PRO L 815 62.55 -92.79 45.40
N ASP L 816 61.24 -92.77 45.23
CA ASP L 816 60.64 -93.41 44.10
C ASP L 816 61.08 -92.70 42.83
N ALA L 817 61.35 -91.39 42.92
CA ALA L 817 61.87 -90.69 41.75
C ALA L 817 63.30 -91.14 41.44
N LYS L 818 64.11 -91.38 42.47
CA LYS L 818 65.46 -91.88 42.25
C LYS L 818 65.43 -93.26 41.62
N LYS L 819 64.53 -94.13 42.08
CA LYS L 819 64.39 -95.44 41.45
C LYS L 819 63.97 -95.31 39.99
N CYS L 820 63.06 -94.41 39.66
CA CYS L 820 62.64 -94.21 38.29
C CYS L 820 63.81 -93.71 37.43
N ILE L 821 64.56 -92.77 38.00
CA ILE L 821 65.72 -92.27 37.24
C ILE L 821 66.68 -93.41 36.95
N ALA L 822 67.01 -94.20 37.98
CA ALA L 822 67.94 -95.31 37.78
C ALA L 822 67.41 -96.31 36.76
N ALA L 823 66.12 -96.54 36.76
CA ALA L 823 65.53 -97.43 35.81
C ALA L 823 65.79 -96.91 34.41
N CYS L 824 65.78 -95.59 34.20
CA CYS L 824 66.16 -95.16 32.82
C CYS L 824 67.52 -95.73 32.24
N THR L 825 67.50 -96.60 31.21
CA THR L 825 68.72 -97.23 30.72
C THR L 825 69.59 -96.27 29.90
N GLY L 826 68.98 -95.30 29.22
CA GLY L 826 69.75 -94.37 28.42
C GLY L 826 69.95 -94.87 27.01
N VAL L 827 70.58 -94.01 26.20
CA VAL L 827 70.83 -94.30 24.80
C VAL L 827 72.16 -93.64 24.40
N PRO L 828 72.87 -94.25 23.45
CA PRO L 828 74.13 -93.67 23.05
C PRO L 828 73.92 -92.38 22.29
N ASP L 829 74.93 -91.52 22.21
CA ASP L 829 74.77 -90.21 21.57
C ASP L 829 74.15 -90.25 20.19
N ASP L 830 74.57 -91.16 19.33
CA ASP L 830 74.07 -91.17 17.96
C ASP L 830 72.57 -91.43 17.87
N LYS L 831 71.92 -91.85 18.95
CA LYS L 831 70.49 -92.13 18.95
C LYS L 831 69.70 -91.20 19.86
N TRP L 832 70.31 -90.17 20.40
CA TRP L 832 69.59 -89.33 21.34
C TRP L 832 68.44 -88.60 20.69
N GLU L 833 68.58 -88.22 19.44
CA GLU L 833 67.54 -87.40 18.82
C GLU L 833 66.25 -88.17 18.63
N GLN L 834 66.24 -89.47 18.91
CA GLN L 834 64.97 -90.19 18.94
C GLN L 834 64.25 -90.00 20.27
N THR L 835 64.14 -88.74 20.70
CA THR L 835 63.31 -88.37 21.83
C THR L 835 62.18 -87.42 21.43
N TYR L 836 62.33 -86.69 20.33
CA TYR L 836 61.25 -85.86 19.83
C TYR L 836 60.04 -86.68 19.41
N LYS L 837 60.24 -87.96 19.09
CA LYS L 837 59.20 -88.79 18.48
C LYS L 837 58.66 -89.88 19.39
N LYS L 838 59.49 -90.48 20.23
CA LYS L 838 59.05 -91.57 21.09
C LYS L 838 60.05 -91.74 22.22
N PRO L 839 59.65 -92.41 23.31
CA PRO L 839 60.60 -92.64 24.41
C PRO L 839 61.81 -93.45 23.92
N THR L 840 62.98 -93.08 24.43
CA THR L 840 64.21 -93.78 24.11
C THR L 840 65.11 -93.75 25.33
N GLY L 841 65.44 -94.92 25.86
CA GLY L 841 66.20 -94.98 27.09
C GLY L 841 65.46 -94.45 28.29
N GLY L 842 64.12 -94.44 28.24
CA GLY L 842 63.31 -93.92 29.31
C GLY L 842 63.08 -92.43 29.29
N ILE L 843 63.56 -91.72 28.26
CA ILE L 843 63.46 -90.28 28.17
C ILE L 843 62.69 -89.91 26.91
N VAL L 844 61.91 -88.84 27.00
CA VAL L 844 61.17 -88.29 25.88
C VAL L 844 61.30 -86.77 25.91
N THR L 845 60.95 -86.14 24.80
CA THR L 845 60.95 -84.68 24.70
C THR L 845 59.50 -84.19 24.61
N VAL L 846 59.14 -83.28 25.51
CA VAL L 846 57.84 -82.61 25.47
C VAL L 846 58.10 -81.12 25.37
N ARG L 847 57.03 -80.34 25.25
CA ARG L 847 57.13 -78.89 25.09
C ARG L 847 56.60 -78.20 26.34
N SER L 848 57.25 -77.11 26.73
CA SER L 848 56.86 -76.35 27.89
C SER L 848 55.76 -75.36 27.51
N GLU L 849 55.41 -74.47 28.44
CA GLU L 849 54.38 -73.46 28.15
C GLU L 849 54.79 -72.60 26.97
N MET L 850 56.06 -72.23 26.89
CA MET L 850 56.57 -71.40 25.82
C MET L 850 56.88 -72.18 24.55
N GLY L 851 56.71 -73.50 24.56
CA GLY L 851 57.03 -74.33 23.42
C GLY L 851 58.46 -74.79 23.34
N GLU L 852 59.27 -74.53 24.37
CA GLU L 852 60.65 -74.98 24.37
C GLU L 852 60.72 -76.48 24.64
N PRO L 853 61.62 -77.21 23.98
CA PRO L 853 61.76 -78.63 24.29
C PRO L 853 62.32 -78.85 25.69
N ILE L 854 61.89 -79.94 26.31
CA ILE L 854 62.42 -80.38 27.59
C ILE L 854 62.59 -81.89 27.54
N HIS L 855 63.70 -82.38 28.08
CA HIS L 855 63.93 -83.81 28.23
C HIS L 855 63.40 -84.24 29.60
N LYS L 856 62.40 -85.11 29.59
CA LYS L 856 61.80 -85.61 30.81
C LYS L 856 61.66 -87.13 30.74
N ILE L 857 61.60 -87.76 31.91
CA ILE L 857 61.44 -89.19 31.97
C ILE L 857 60.06 -89.52 31.45
N ALA L 858 59.94 -90.59 30.69
CA ALA L 858 58.67 -90.97 30.07
C ALA L 858 57.78 -91.69 31.08
N THR L 859 57.18 -90.90 31.97
CA THR L 859 56.24 -91.43 32.93
C THR L 859 54.84 -91.32 32.30
N ARG L 860 53.82 -91.83 32.98
CA ARG L 860 52.45 -91.72 32.48
C ARG L 860 52.04 -90.26 32.36
N GLY L 861 52.39 -89.44 33.36
CA GLY L 861 52.07 -88.03 33.28
C GLY L 861 52.75 -87.34 32.13
N VAL L 862 54.02 -87.66 31.89
CA VAL L 862 54.73 -87.05 30.78
C VAL L 862 54.19 -87.55 29.44
N MET L 863 53.79 -88.81 29.35
CA MET L 863 53.22 -89.29 28.10
C MET L 863 51.87 -88.62 27.82
N LEU L 864 51.08 -88.39 28.87
CA LEU L 864 49.87 -87.59 28.71
C LEU L 864 50.20 -86.16 28.28
N TRP L 865 51.26 -85.60 28.86
CA TRP L 865 51.74 -84.28 28.44
C TRP L 865 52.02 -84.25 26.95
N LYS L 866 52.73 -85.26 26.46
CA LYS L 866 53.06 -85.32 25.03
C LYS L 866 51.81 -85.49 24.17
N GLU L 867 50.91 -86.38 24.58
CA GLU L 867 49.69 -86.59 23.80
C GLU L 867 48.88 -85.31 23.71
N PHE L 868 48.76 -84.57 24.81
CA PHE L 868 48.07 -83.30 24.76
C PHE L 868 48.83 -82.30 23.89
N ASP L 869 50.16 -82.30 23.97
CA ASP L 869 50.95 -81.42 23.11
C ASP L 869 50.58 -81.64 21.64
N GLU L 870 50.40 -82.89 21.23
CA GLU L 870 50.15 -83.19 19.83
C GLU L 870 48.67 -83.33 19.47
N THR L 871 47.74 -83.17 20.43
CA THR L 871 46.33 -83.28 20.11
C THR L 871 45.45 -82.12 20.56
N ILE L 872 45.91 -81.26 21.48
CA ILE L 872 45.08 -80.17 21.99
C ILE L 872 45.82 -78.85 21.84
N PHE L 873 47.06 -78.81 22.35
CA PHE L 873 47.77 -77.55 22.46
C PHE L 873 48.27 -77.03 21.12
N ASN L 874 48.41 -77.91 20.12
CA ASN L 874 48.88 -77.48 18.81
C ASN L 874 47.75 -76.94 17.93
N LEU L 875 46.50 -76.98 18.39
CA LEU L 875 45.40 -76.43 17.62
C LEU L 875 45.42 -74.91 17.68
N PRO L 876 44.78 -74.24 16.73
CA PRO L 876 44.63 -72.78 16.82
C PRO L 876 43.64 -72.39 17.91
N LYS L 877 43.76 -71.13 18.35
CA LYS L 877 42.97 -70.68 19.50
C LYS L 877 41.48 -70.91 19.29
N ASN L 878 40.99 -70.71 18.07
CA ASN L 878 39.55 -70.84 17.83
C ASN L 878 39.10 -72.29 17.88
N LYS L 879 39.99 -73.22 17.56
CA LYS L 879 39.64 -74.63 17.56
C LYS L 879 39.77 -75.28 18.93
N LEU L 880 40.43 -74.61 19.89
CA LEU L 880 40.78 -75.26 21.14
C LEU L 880 39.54 -75.62 21.95
N VAL L 881 38.63 -74.66 22.13
CA VAL L 881 37.50 -74.82 23.04
C VAL L 881 36.57 -75.94 22.59
N PRO L 882 36.14 -75.97 21.33
CA PRO L 882 35.28 -77.08 20.90
C PRO L 882 35.92 -78.45 21.09
N THR L 883 37.24 -78.55 20.92
CA THR L 883 37.90 -79.84 21.11
C THR L 883 37.88 -80.25 22.58
N LEU L 884 38.09 -79.30 23.49
CA LEU L 884 38.00 -79.60 24.90
C LEU L 884 36.58 -80.03 25.27
N GLU L 885 35.58 -79.35 24.71
CA GLU L 885 34.19 -79.74 24.99
C GLU L 885 33.89 -81.13 24.46
N ALA L 886 34.40 -81.46 23.27
CA ALA L 886 34.11 -82.76 22.66
C ALA L 886 34.83 -83.90 23.34
N LYS L 887 36.02 -83.65 23.90
CA LYS L 887 36.85 -84.68 24.51
C LYS L 887 36.87 -84.59 26.03
N ARG L 888 35.85 -83.96 26.63
CA ARG L 888 35.92 -83.62 28.06
C ARG L 888 36.06 -84.87 28.92
N ASP L 889 35.27 -85.90 28.64
CA ASP L 889 35.29 -87.10 29.48
C ASP L 889 36.64 -87.80 29.40
N TYR L 890 37.19 -87.92 28.19
CA TYR L 890 38.50 -88.54 28.03
C TYR L 890 39.57 -87.76 28.78
N ILE L 891 39.56 -86.44 28.66
CA ILE L 891 40.54 -85.61 29.34
C ILE L 891 40.43 -85.77 30.86
N ILE L 892 39.20 -85.78 31.38
CA ILE L 892 39.02 -85.90 32.82
C ILE L 892 39.52 -87.25 33.30
N SER L 893 39.19 -88.32 32.57
CA SER L 893 39.67 -89.63 32.97
C SER L 893 41.20 -89.69 32.96
N ARG L 894 41.81 -89.13 31.91
CA ARG L 894 43.28 -89.16 31.82
C ARG L 894 43.92 -88.35 32.94
N LEU L 895 43.38 -87.17 33.25
CA LEU L 895 43.92 -86.38 34.35
C LEU L 895 43.79 -87.12 35.68
N ASN L 896 42.63 -87.75 35.91
CA ASN L 896 42.42 -88.43 37.18
C ASN L 896 43.30 -89.67 37.31
N ALA L 897 43.65 -90.30 36.19
CA ALA L 897 44.40 -91.56 36.23
C ALA L 897 45.91 -91.38 36.15
N ASP L 898 46.40 -90.39 35.41
CA ASP L 898 47.80 -90.38 34.98
C ASP L 898 48.60 -89.14 35.34
N PHE L 899 47.98 -88.03 35.70
CA PHE L 899 48.67 -86.77 35.82
C PHE L 899 48.82 -86.33 37.27
N GLN L 900 49.80 -85.46 37.51
CA GLN L 900 50.07 -84.95 38.84
C GLN L 900 49.05 -83.89 39.28
N LYS L 901 48.31 -83.31 38.34
CA LYS L 901 47.21 -82.41 38.66
C LYS L 901 45.91 -83.07 38.23
N PRO L 902 45.15 -83.66 39.16
CA PRO L 902 43.91 -84.33 38.77
C PRO L 902 42.79 -83.34 38.52
N TRP L 903 41.69 -83.86 37.98
CA TRP L 903 40.48 -83.08 37.81
C TRP L 903 39.84 -82.83 39.18
N PHE L 904 39.69 -81.56 39.55
CA PHE L 904 39.30 -81.23 40.91
C PHE L 904 37.92 -81.81 41.24
N ALA L 905 36.95 -81.59 40.35
CA ALA L 905 35.56 -81.97 40.62
C ALA L 905 35.39 -83.47 40.38
N THR L 906 35.89 -84.25 41.33
CA THR L 906 35.78 -85.70 41.26
C THR L 906 35.44 -86.13 42.67
N VAL L 907 34.27 -86.67 42.90
CA VAL L 907 33.76 -87.09 44.20
C VAL L 907 33.65 -88.61 44.19
N ASN L 908 34.41 -89.26 45.07
CA ASN L 908 34.40 -90.71 45.13
C ASN L 908 34.54 -91.36 43.78
N GLY L 909 35.52 -90.93 43.00
CA GLY L 909 35.78 -91.54 41.70
C GLY L 909 34.85 -91.13 40.60
N GLN L 910 33.87 -90.30 40.90
CA GLN L 910 32.86 -89.95 39.92
C GLN L 910 33.18 -88.56 39.38
N ALA L 911 33.41 -88.47 38.07
CA ALA L 911 33.72 -87.19 37.46
C ALA L 911 32.51 -86.28 37.50
N ARG L 912 32.74 -85.01 37.81
CA ARG L 912 31.68 -84.03 38.00
C ARG L 912 32.14 -82.69 37.44
N ASP L 913 31.41 -81.64 37.78
CA ASP L 913 31.83 -80.27 37.53
C ASP L 913 31.60 -79.46 38.79
N LEU L 914 32.31 -78.34 38.89
CA LEU L 914 32.16 -77.49 40.06
C LEU L 914 30.70 -77.13 40.31
N ALA L 915 29.94 -76.93 39.24
CA ALA L 915 28.53 -76.58 39.36
C ALA L 915 27.68 -77.72 39.92
N THR L 916 28.22 -78.93 40.01
CA THR L 916 27.46 -80.09 40.44
C THR L 916 28.02 -80.67 41.74
N MET L 917 28.78 -79.89 42.49
CA MET L 917 29.29 -80.29 43.79
C MET L 917 28.68 -79.40 44.87
N THR L 918 28.51 -79.98 46.05
CA THR L 918 28.05 -79.23 47.20
C THR L 918 29.24 -78.53 47.85
N TYR L 919 28.93 -77.56 48.71
CA TYR L 919 29.99 -76.82 49.40
C TYR L 919 30.82 -77.75 50.28
N GLU L 920 30.17 -78.69 50.96
CA GLU L 920 30.90 -79.66 51.77
C GLU L 920 31.82 -80.50 50.91
N GLU L 921 31.37 -80.89 49.73
CA GLU L 921 32.21 -81.67 48.87
C GLU L 921 33.41 -80.85 48.41
N VAL L 922 33.21 -79.59 48.09
CA VAL L 922 34.33 -78.75 47.67
C VAL L 922 35.34 -78.63 48.79
N ALA L 923 34.87 -78.40 50.02
CA ALA L 923 35.79 -78.30 51.15
C ALA L 923 36.54 -79.60 51.37
N LYS L 924 35.87 -80.72 51.28
CA LYS L 924 36.51 -81.98 51.52
C LYS L 924 37.54 -82.30 50.46
N ARG L 925 37.29 -81.91 49.22
CA ARG L 925 38.21 -82.17 48.13
C ARG L 925 39.40 -81.25 48.28
N LEU L 926 39.16 -80.01 48.70
CA LEU L 926 40.29 -79.13 48.99
C LEU L 926 41.18 -79.75 50.05
N VAL L 927 40.59 -80.27 51.12
CA VAL L 927 41.40 -80.85 52.19
C VAL L 927 42.13 -82.09 51.69
N GLU L 928 41.46 -82.90 50.88
CA GLU L 928 42.08 -84.12 50.36
C GLU L 928 43.29 -83.80 49.49
N LEU L 929 43.19 -82.77 48.65
CA LEU L 929 44.26 -82.46 47.71
C LEU L 929 45.32 -81.52 48.27
N MET L 930 45.05 -80.83 49.37
CA MET L 930 45.96 -79.80 49.87
C MET L 930 46.56 -80.12 51.23
N PHE L 931 45.90 -80.94 52.03
CA PHE L 931 46.40 -81.28 53.35
C PHE L 931 47.09 -82.62 53.32
N ILE L 932 48.27 -82.69 53.91
CA ILE L 932 49.07 -83.91 53.91
C ILE L 932 48.85 -84.63 55.24
N ARG L 933 48.39 -85.87 55.18
CA ARG L 933 48.10 -86.57 56.42
C ARG L 933 49.38 -87.14 57.03
N SER L 934 50.32 -87.60 56.18
CA SER L 934 51.54 -88.18 56.72
C SER L 934 52.25 -87.21 57.65
N THR L 935 52.44 -85.97 57.21
CA THR L 935 53.01 -84.94 58.05
C THR L 935 51.97 -84.16 58.84
N ASN L 936 50.68 -84.44 58.62
CA ASN L 936 49.59 -83.78 59.33
C ASN L 936 49.68 -82.27 59.26
N SER L 937 49.95 -81.75 58.08
CA SER L 937 50.08 -80.31 57.90
C SER L 937 49.66 -79.94 56.49
N TRP L 938 49.41 -78.65 56.28
CA TRP L 938 49.16 -78.12 54.95
C TRP L 938 50.47 -77.97 54.21
N PHE L 939 50.52 -78.48 52.98
CA PHE L 939 51.78 -78.47 52.23
C PHE L 939 52.27 -77.05 52.02
N ASP L 940 51.36 -76.13 51.75
CA ASP L 940 51.70 -74.72 51.61
C ASP L 940 50.71 -73.92 52.41
N VAL L 941 51.17 -72.87 53.09
CA VAL L 941 50.30 -72.06 53.93
C VAL L 941 49.27 -71.34 53.07
N THR L 942 49.62 -71.06 51.83
CA THR L 942 48.72 -70.37 50.94
C THR L 942 47.53 -71.24 50.60
N TRP L 943 47.74 -72.54 50.55
CA TRP L 943 46.64 -73.47 50.32
C TRP L 943 45.68 -73.48 51.51
N ARG L 944 46.23 -73.41 52.72
CA ARG L 944 45.38 -73.26 53.90
C ARG L 944 44.59 -71.97 53.84
N THR L 945 45.20 -70.90 53.36
CA THR L 945 44.49 -69.63 53.22
C THR L 945 43.39 -69.78 52.20
N PHE L 946 43.65 -70.47 51.10
CA PHE L 946 42.62 -70.76 50.11
C PHE L 946 41.41 -71.45 50.74
N THR L 947 41.67 -72.54 51.47
CA THR L 947 40.58 -73.31 52.06
C THR L 947 39.82 -72.49 53.10
N GLY L 948 40.54 -71.72 53.92
CA GLY L 948 39.88 -70.88 54.90
C GLY L 948 39.00 -69.82 54.25
N ASP L 949 39.49 -69.23 53.15
CA ASP L 949 38.68 -68.25 52.43
C ASP L 949 37.43 -68.90 51.86
N PHE L 950 37.56 -70.13 51.35
CA PHE L 950 36.37 -70.81 50.83
C PHE L 950 35.35 -71.07 51.94
N LEU L 951 35.82 -71.51 53.11
CA LEU L 951 34.91 -71.73 54.23
C LEU L 951 34.25 -70.43 54.66
N ARG L 952 35.01 -69.33 54.64
CA ARG L 952 34.45 -68.02 54.94
C ARG L 952 33.36 -67.65 53.94
N ARG L 953 33.52 -67.95 52.66
CA ARG L 953 32.49 -67.66 51.65
C ARG L 953 31.30 -68.56 51.84
N VAL L 954 31.51 -69.77 52.31
CA VAL L 954 30.37 -70.62 52.63
C VAL L 954 29.55 -69.99 53.75
N GLU L 955 30.22 -69.57 54.82
CA GLU L 955 29.51 -68.92 55.92
C GLU L 955 28.79 -67.68 55.45
N GLU L 956 29.39 -66.89 54.57
CA GLU L 956 28.72 -65.72 54.04
C GLU L 956 27.47 -66.07 53.27
N ARG L 957 27.52 -67.13 52.46
CA ARG L 957 26.36 -67.48 51.64
C ARG L 957 25.16 -68.01 52.40
N PHE L 958 25.35 -68.74 53.48
CA PHE L 958 24.25 -69.38 54.20
C PHE L 958 23.92 -68.69 55.50
N THR L 959 24.67 -67.68 55.88
CA THR L 959 24.34 -66.93 57.07
C THR L 959 23.13 -66.12 56.76
N LYS L 960 22.38 -65.69 57.75
CA LYS L 960 21.16 -64.93 57.52
C LYS L 960 21.23 -63.56 58.15
N SER L 961 22.30 -63.25 58.88
CA SER L 961 22.45 -61.90 59.43
C SER L 961 23.87 -61.75 59.94
N LYS L 962 24.17 -60.56 60.45
CA LYS L 962 25.40 -60.27 61.16
C LYS L 962 25.76 -61.41 62.10
N THR L 963 27.00 -61.90 62.00
CA THR L 963 27.42 -62.98 62.88
C THR L 963 28.94 -63.05 62.91
N LEU L 964 29.45 -63.78 63.90
CA LEU L 964 30.88 -63.98 64.04
C LEU L 964 31.34 -65.18 63.23
N SER L 965 32.46 -65.02 62.52
CA SER L 965 33.03 -66.13 61.77
C SER L 965 33.49 -67.24 62.70
N LEU L 966 33.21 -68.48 62.32
CA LEU L 966 33.62 -69.61 63.13
C LEU L 966 35.12 -69.86 63.03
N ILE L 967 35.72 -69.53 61.90
CA ILE L 967 37.18 -69.62 61.72
C ILE L 967 37.71 -68.22 61.93
N GLN L 968 38.03 -67.87 63.18
CA GLN L 968 38.59 -66.56 63.46
C GLN L 968 40.04 -66.47 63.01
N SER L 969 40.79 -67.58 63.10
CA SER L 969 42.15 -67.65 62.61
C SER L 969 42.29 -68.91 61.76
N TYR L 970 43.05 -68.79 60.67
CA TYR L 970 43.26 -69.94 59.79
C TYR L 970 44.10 -71.01 60.46
N SER L 971 44.75 -70.69 61.58
CA SER L 971 45.49 -71.70 62.33
C SER L 971 44.56 -72.80 62.85
N LEU L 972 43.26 -72.52 62.91
CA LEU L 972 42.30 -73.56 63.29
C LEU L 972 42.16 -74.64 62.23
N LEU L 973 42.61 -74.37 61.00
CA LEU L 973 42.56 -75.37 59.94
C LEU L 973 43.65 -76.43 60.08
N ASP L 974 44.53 -76.31 61.07
CA ASP L 974 45.60 -77.29 61.25
C ASP L 974 45.07 -78.68 61.57
N LYS L 975 43.79 -78.80 61.92
CA LYS L 975 43.07 -80.07 61.90
C LYS L 975 41.83 -79.84 61.05
N PRO L 976 41.94 -79.96 59.73
CA PRO L 976 40.88 -79.46 58.85
C PRO L 976 39.54 -80.13 59.04
N ASP L 977 39.51 -81.42 59.40
CA ASP L 977 38.24 -82.13 59.50
C ASP L 977 37.35 -81.51 60.58
N GLU L 978 37.93 -81.15 61.73
CA GLU L 978 37.13 -80.55 62.79
C GLU L 978 36.57 -79.20 62.36
N ALA L 979 37.38 -78.37 61.70
CA ALA L 979 36.90 -77.08 61.24
C ALA L 979 35.79 -77.23 60.21
N ILE L 980 35.94 -78.18 59.30
CA ILE L 980 34.91 -78.41 58.29
C ILE L 980 33.62 -78.87 58.96
N GLU L 981 33.72 -79.79 59.92
CA GLU L 981 32.53 -80.26 60.61
C GLU L 981 31.86 -79.13 61.36
N LYS L 982 32.62 -78.27 61.99
CA LYS L 982 32.06 -77.13 62.67
C LYS L 982 31.33 -76.20 61.73
N VAL L 983 31.97 -75.84 60.63
CA VAL L 983 31.38 -74.89 59.70
C VAL L 983 30.09 -75.46 59.12
N PHE L 984 30.10 -76.74 58.73
CA PHE L 984 28.93 -77.30 58.08
C PHE L 984 27.88 -77.81 59.05
N ASN L 985 28.14 -77.74 60.35
CA ASN L 985 27.12 -78.05 61.34
C ASN L 985 26.34 -76.78 61.58
N ALA L 986 27.00 -75.65 61.56
CA ALA L 986 26.36 -74.37 61.74
C ALA L 986 25.54 -73.98 60.51
N TYR L 987 25.90 -74.54 59.34
CA TYR L 987 25.21 -74.25 58.09
C TYR L 987 24.91 -75.53 57.37
N PRO L 988 24.02 -76.35 57.92
CA PRO L 988 23.72 -77.67 57.36
C PRO L 988 23.21 -77.66 55.93
N ALA L 989 22.55 -76.58 55.51
CA ALA L 989 22.00 -76.49 54.18
C ALA L 989 23.08 -76.60 53.14
N ALA L 990 24.28 -76.11 53.46
CA ALA L 990 25.37 -76.16 52.50
C ALA L 990 25.84 -77.58 52.21
N ARG L 991 25.37 -78.56 52.94
CA ARG L 991 25.83 -79.93 52.72
C ARG L 991 25.04 -80.66 51.63
N GLU L 992 23.97 -80.07 51.09
CA GLU L 992 23.19 -80.70 50.05
C GLU L 992 22.76 -79.70 48.98
N GLN L 993 23.53 -78.62 48.86
CA GLN L 993 23.22 -77.58 47.88
C GLN L 993 24.44 -77.33 47.02
N PHE L 994 24.28 -77.46 45.73
CA PHE L 994 25.34 -77.17 44.79
C PHE L 994 25.85 -75.75 44.87
N LEU L 995 27.02 -75.52 44.33
CA LEU L 995 27.65 -74.20 44.39
C LEU L 995 26.86 -73.17 43.61
N ASN L 996 26.65 -72.01 44.21
CA ASN L 996 26.09 -70.87 43.50
C ASN L 996 27.01 -70.47 42.36
N ALA L 997 26.41 -70.09 41.22
CA ALA L 997 27.21 -69.68 40.07
C ALA L 997 28.21 -68.60 40.45
N GLN L 998 27.81 -67.72 41.36
CA GLN L 998 28.68 -66.65 41.81
C GLN L 998 29.84 -67.23 42.61
N ASP L 999 29.59 -68.32 43.30
CA ASP L 999 30.66 -68.97 44.07
C ASP L 999 31.55 -69.83 43.17
N ILE L 1000 31.01 -70.37 42.07
CA ILE L 1000 31.88 -71.01 41.09
C ILE L 1000 32.86 -69.99 40.52
N ASP L 1001 32.35 -68.82 40.15
CA ASP L 1001 33.22 -67.77 39.64
C ASP L 1001 34.25 -67.36 40.67
N HIS L 1002 33.84 -67.23 41.93
CA HIS L 1002 34.77 -66.85 42.99
C HIS L 1002 35.86 -67.89 43.18
N PHE L 1003 35.47 -69.17 43.21
CA PHE L 1003 36.46 -70.25 43.34
C PHE L 1003 37.47 -70.19 42.21
N LEU L 1004 37.02 -70.07 40.98
CA LEU L 1004 37.94 -70.07 39.87
C LEU L 1004 38.78 -68.80 39.83
N SER L 1005 38.26 -67.68 40.31
CA SER L 1005 39.05 -66.47 40.37
C SER L 1005 40.15 -66.57 41.42
N MET L 1006 39.85 -67.17 42.57
CA MET L 1006 40.88 -67.34 43.59
C MET L 1006 41.81 -68.50 43.29
N CYS L 1007 41.47 -69.35 42.31
CA CYS L 1007 42.44 -70.29 41.75
C CYS L 1007 43.49 -69.58 40.89
N GLN L 1008 43.35 -68.30 40.64
CA GLN L 1008 44.28 -67.59 39.80
C GLN L 1008 45.07 -66.55 40.56
N ASN L 1009 45.02 -66.56 41.89
CA ASN L 1009 45.72 -65.59 42.70
C ASN L 1009 47.24 -65.71 42.52
N PRO L 1010 47.87 -64.72 41.87
CA PRO L 1010 49.32 -64.86 41.62
C PRO L 1010 50.14 -64.99 42.89
N MET L 1011 49.75 -64.31 43.96
CA MET L 1011 50.48 -64.36 45.23
C MET L 1011 50.04 -65.58 46.04
N GLN L 1012 50.18 -66.76 45.44
CA GLN L 1012 49.80 -68.02 46.10
C GLN L 1012 50.41 -69.15 45.30
N LYS L 1013 50.67 -70.30 45.92
CA LYS L 1013 51.19 -71.42 45.17
C LYS L 1013 50.11 -71.98 44.28
N PRO L 1014 50.44 -72.27 43.03
CA PRO L 1014 49.43 -72.76 42.10
C PRO L 1014 48.67 -73.98 42.66
N VAL L 1015 47.35 -74.06 42.50
CA VAL L 1015 46.56 -75.14 43.09
C VAL L 1015 46.98 -76.46 42.47
N PRO L 1016 46.99 -77.57 43.22
CA PRO L 1016 47.43 -78.86 42.69
C PRO L 1016 46.31 -79.64 41.98
N PHE L 1017 45.57 -78.96 41.11
CA PHE L 1017 44.49 -79.62 40.38
C PHE L 1017 44.08 -78.75 39.20
N VAL L 1018 43.27 -79.34 38.32
CA VAL L 1018 42.69 -78.64 37.17
C VAL L 1018 41.23 -78.35 37.49
N PRO L 1019 40.83 -77.08 37.66
CA PRO L 1019 39.45 -76.81 38.10
C PRO L 1019 38.43 -76.71 36.99
N VAL L 1020 38.87 -76.49 35.75
CA VAL L 1020 37.95 -76.25 34.64
C VAL L 1020 38.70 -76.49 33.33
N LEU L 1021 37.94 -76.82 32.28
CA LEU L 1021 38.49 -76.94 30.92
C LEU L 1021 37.99 -75.75 30.11
N ASP L 1022 38.93 -74.93 29.68
CA ASP L 1022 38.59 -73.76 28.94
C ASP L 1022 39.83 -73.30 28.23
N ARG L 1023 39.88 -72.05 27.81
CA ARG L 1023 41.00 -71.54 27.07
C ARG L 1023 42.30 -71.61 27.83
N ARG L 1024 42.22 -71.58 29.16
CA ARG L 1024 43.39 -71.58 29.99
C ARG L 1024 43.80 -72.99 30.40
N PHE L 1025 43.41 -73.98 29.64
CA PHE L 1025 43.69 -75.36 30.05
C PHE L 1025 45.18 -75.66 30.00
N GLU L 1026 45.88 -75.14 29.00
CA GLU L 1026 47.32 -75.39 28.93
C GLU L 1026 48.03 -74.82 30.14
N ILE L 1027 47.69 -73.60 30.53
CA ILE L 1027 48.30 -72.99 31.71
C ILE L 1027 47.98 -73.80 32.96
N PHE L 1028 46.72 -74.20 33.11
CA PHE L 1028 46.35 -74.99 34.28
C PHE L 1028 47.08 -76.33 34.30
N PHE L 1029 47.32 -76.91 33.13
CA PHE L 1029 47.93 -78.23 33.03
C PHE L 1029 49.43 -78.19 33.30
N LYS L 1030 50.13 -77.19 32.78
CA LYS L 1030 51.59 -77.22 32.75
C LYS L 1030 52.25 -76.42 33.88
N LYS L 1031 51.55 -75.46 34.46
CA LYS L 1031 52.21 -74.56 35.41
C LYS L 1031 52.66 -75.30 36.67
N ASP L 1032 53.82 -74.91 37.19
CA ASP L 1032 54.35 -75.49 38.43
C ASP L 1032 54.42 -77.00 38.33
N SER L 1033 55.21 -77.50 37.40
CA SER L 1033 55.25 -78.94 37.14
C SER L 1033 56.47 -79.67 37.65
N LEU L 1034 57.46 -78.98 38.22
CA LEU L 1034 58.72 -79.62 38.61
C LEU L 1034 58.96 -79.97 40.06
N TRP L 1035 58.15 -79.48 40.97
CA TRP L 1035 58.38 -79.69 42.41
C TRP L 1035 57.83 -80.99 42.92
N GLN L 1036 56.87 -81.55 42.22
CA GLN L 1036 56.21 -82.76 42.70
C GLN L 1036 57.11 -83.98 42.81
N SER L 1037 58.17 -84.04 42.02
CA SER L 1037 59.10 -85.17 42.06
C SER L 1037 59.90 -85.22 43.34
N GLU L 1038 60.12 -84.09 44.01
CA GLU L 1038 60.79 -84.11 45.30
C GLU L 1038 59.84 -84.07 46.48
N HIS L 1039 58.53 -84.09 46.23
CA HIS L 1039 57.53 -83.98 47.29
C HIS L 1039 56.39 -84.95 47.04
N LEU L 1040 56.70 -86.20 46.76
CA LEU L 1040 55.67 -87.16 46.39
C LEU L 1040 54.61 -87.38 47.47
N GLU L 1041 54.87 -86.96 48.71
CA GLU L 1041 53.82 -87.06 49.72
C GLU L 1041 52.62 -86.18 49.39
N ALA L 1042 52.82 -85.15 48.58
CA ALA L 1042 51.74 -84.24 48.19
C ALA L 1042 51.15 -84.59 46.83
N VAL L 1043 51.49 -85.74 46.28
CA VAL L 1043 50.91 -86.21 45.03
C VAL L 1043 49.76 -87.15 45.38
N VAL L 1044 48.88 -87.37 44.40
CA VAL L 1044 47.59 -87.99 44.68
C VAL L 1044 47.77 -89.34 45.38
N ASP L 1045 48.63 -90.19 44.83
CA ASP L 1045 48.84 -91.53 45.37
C ASP L 1045 50.31 -91.78 45.69
N GLN L 1046 51.10 -90.71 45.90
CA GLN L 1046 52.54 -90.84 46.07
C GLN L 1046 53.15 -91.61 44.90
N ASP L 1047 52.63 -91.33 43.70
CA ASP L 1047 53.00 -92.04 42.49
C ASP L 1047 53.91 -91.17 41.63
N VAL L 1048 55.13 -91.64 41.38
CA VAL L 1048 56.04 -90.92 40.51
C VAL L 1048 55.51 -90.87 39.09
N GLN L 1049 54.81 -91.92 38.65
CA GLN L 1049 54.37 -92.00 37.27
C GLN L 1049 53.45 -90.84 36.92
N ARG L 1050 52.86 -90.17 37.91
CA ARG L 1050 52.09 -88.96 37.65
C ARG L 1050 52.99 -87.76 37.39
N THR L 1051 54.21 -87.78 37.92
CA THR L 1051 55.09 -86.61 37.87
C THR L 1051 56.00 -86.39 36.70
N CYS L 1052 56.66 -85.25 36.71
CA CYS L 1052 57.58 -84.90 35.64
C CYS L 1052 59.02 -84.80 36.13
N ILE L 1053 59.90 -85.62 35.59
CA ILE L 1053 61.31 -85.64 36.00
C ILE L 1053 62.21 -85.31 34.82
N LEU L 1054 63.11 -84.38 35.01
CA LEU L 1054 64.03 -83.93 33.98
C LEU L 1054 65.30 -84.78 34.01
N HIS L 1055 65.64 -85.37 32.87
CA HIS L 1055 66.81 -86.24 32.78
C HIS L 1055 67.25 -86.33 31.34
N GLY L 1056 68.54 -86.63 31.14
CA GLY L 1056 69.13 -86.65 29.82
C GLY L 1056 69.21 -88.04 29.22
N PRO L 1057 68.88 -88.17 27.93
CA PRO L 1057 68.90 -89.51 27.31
C PRO L 1057 70.28 -90.17 27.33
N VAL L 1058 71.35 -89.42 27.10
CA VAL L 1058 72.70 -90.00 27.01
C VAL L 1058 73.40 -90.09 28.36
N ALA L 1059 73.20 -89.12 29.23
CA ALA L 1059 73.77 -89.19 30.56
C ALA L 1059 73.10 -90.27 31.42
N ALA L 1060 71.91 -90.71 31.04
CA ALA L 1060 71.22 -91.75 31.80
C ALA L 1060 71.94 -93.08 31.74
N GLN L 1061 72.84 -93.28 30.80
CA GLN L 1061 73.56 -94.55 30.71
C GLN L 1061 74.45 -94.81 31.92
N PHE L 1062 74.82 -93.78 32.67
CA PHE L 1062 75.72 -93.93 33.80
C PHE L 1062 75.05 -93.71 35.15
N THR L 1063 73.77 -93.32 35.17
CA THR L 1063 73.05 -93.06 36.41
C THR L 1063 72.43 -94.37 36.87
N LYS L 1064 73.18 -95.13 37.65
CA LYS L 1064 72.79 -96.48 38.05
C LYS L 1064 72.65 -96.67 39.55
N VAL L 1065 73.65 -96.24 40.32
CA VAL L 1065 73.66 -96.48 41.75
C VAL L 1065 72.96 -95.41 42.55
N ILE L 1066 71.93 -95.78 43.26
CA ILE L 1066 71.10 -94.85 44.01
C ILE L 1066 71.76 -94.51 45.34
N ASP L 1067 71.60 -93.26 45.76
CA ASP L 1067 72.04 -92.80 47.08
C ASP L 1067 73.54 -92.87 47.26
N GLU L 1068 74.31 -92.79 46.18
CA GLU L 1068 75.77 -92.68 46.32
C GLU L 1068 76.05 -91.23 46.61
N PRO L 1069 76.80 -90.93 47.67
CA PRO L 1069 77.05 -89.53 48.05
C PRO L 1069 77.77 -88.77 46.96
N ILE L 1070 77.47 -87.47 46.87
CA ILE L 1070 78.04 -86.63 45.83
C ILE L 1070 79.55 -86.64 45.90
N LYS L 1071 80.10 -86.59 47.12
CA LYS L 1071 81.54 -86.69 47.30
C LYS L 1071 82.09 -87.91 46.59
N SER L 1072 81.41 -89.05 46.75
CA SER L 1072 81.88 -90.28 46.12
C SER L 1072 81.89 -90.16 44.59
N ILE L 1073 80.81 -89.64 44.02
CA ILE L 1073 80.70 -89.53 42.58
C ILE L 1073 81.73 -88.60 41.97
N MET L 1074 81.94 -87.43 42.57
CA MET L 1074 82.90 -86.47 42.05
C MET L 1074 84.33 -86.95 42.28
N ASP L 1075 84.61 -87.51 43.46
CA ASP L 1075 85.94 -88.05 43.71
C ASP L 1075 86.24 -89.21 42.78
N GLY L 1076 85.24 -90.02 42.46
CA GLY L 1076 85.48 -91.11 41.51
C GLY L 1076 85.89 -90.61 40.15
N ILE L 1077 85.16 -89.61 39.63
CA ILE L 1077 85.52 -89.05 38.33
C ILE L 1077 86.92 -88.46 38.38
N HIS L 1078 87.22 -87.67 39.40
CA HIS L 1078 88.51 -87.00 39.48
C HIS L 1078 89.65 -88.00 39.67
N ASP L 1079 89.45 -89.04 40.47
CA ASP L 1079 90.50 -90.03 40.68
C ASP L 1079 90.71 -90.88 39.44
N GLY L 1080 89.65 -91.19 38.70
CA GLY L 1080 89.83 -91.86 37.43
C GLY L 1080 90.65 -91.02 36.47
N HIS L 1081 90.35 -89.72 36.38
CA HIS L 1081 91.15 -88.84 35.54
C HIS L 1081 92.61 -88.84 35.98
N ILE L 1082 92.87 -88.74 37.27
CA ILE L 1082 94.23 -88.70 37.76
C ILE L 1082 94.95 -90.01 37.46
N LYS L 1083 94.28 -91.14 37.65
CA LYS L 1083 94.92 -92.42 37.38
C LYS L 1083 95.30 -92.53 35.91
N LYS L 1084 94.36 -92.19 35.01
CA LYS L 1084 94.65 -92.28 33.59
C LYS L 1084 95.78 -91.34 33.19
N LEU L 1085 95.76 -90.10 33.71
CA LEU L 1085 96.83 -89.15 33.38
C LEU L 1085 98.17 -89.64 33.91
N LEU L 1086 98.20 -90.14 35.15
CA LEU L 1086 99.44 -90.67 35.71
C LEU L 1086 99.99 -91.76 34.81
N HIS L 1087 99.14 -92.72 34.44
CA HIS L 1087 99.60 -93.82 33.61
C HIS L 1087 100.12 -93.32 32.27
N GLN L 1088 99.41 -92.40 31.64
CA GLN L 1088 99.74 -92.02 30.26
C GLN L 1088 100.94 -91.09 30.20
N TYR L 1089 101.13 -90.21 31.19
CA TYR L 1089 102.07 -89.11 31.07
C TYR L 1089 103.07 -89.00 32.21
N TYR L 1090 103.06 -89.93 33.17
CA TYR L 1090 103.97 -89.85 34.31
C TYR L 1090 104.57 -91.20 34.71
N GLY L 1091 104.39 -92.25 33.91
CA GLY L 1091 104.96 -93.54 34.22
C GLY L 1091 104.46 -94.15 35.51
N ASP L 1092 103.22 -93.86 35.91
CA ASP L 1092 102.64 -94.38 37.14
C ASP L 1092 103.55 -94.08 38.33
N ASP L 1093 104.14 -92.89 38.33
CA ASP L 1093 105.07 -92.47 39.37
C ASP L 1093 104.59 -91.12 39.91
N GLU L 1094 104.01 -91.14 41.10
CA GLU L 1094 103.52 -89.90 41.72
C GLU L 1094 104.67 -88.97 42.10
N SER L 1095 105.88 -89.49 42.27
CA SER L 1095 107.03 -88.63 42.51
C SER L 1095 107.33 -87.73 41.32
N LYS L 1096 106.78 -88.05 40.14
CA LYS L 1096 106.96 -87.21 38.97
C LYS L 1096 106.11 -85.95 39.02
N ILE L 1097 105.08 -85.92 39.87
CA ILE L 1097 104.12 -84.82 39.86
C ILE L 1097 104.77 -83.58 40.48
N PRO L 1098 104.72 -82.46 39.77
CA PRO L 1098 105.23 -81.24 40.41
C PRO L 1098 104.45 -80.85 41.66
N ALA L 1099 105.10 -80.26 42.65
CA ALA L 1099 104.47 -79.87 43.89
C ALA L 1099 104.58 -78.36 44.07
N VAL L 1100 103.48 -77.74 44.48
CA VAL L 1100 103.44 -76.33 44.82
C VAL L 1100 102.94 -76.20 46.25
N GLU L 1101 103.09 -75.03 46.86
CA GLU L 1101 102.60 -74.85 48.21
C GLU L 1101 101.10 -74.94 48.22
N TYR L 1102 100.47 -74.16 47.35
CA TYR L 1102 99.02 -74.22 47.27
C TYR L 1102 98.63 -74.18 45.80
N PHE L 1103 97.48 -74.74 45.45
CA PHE L 1103 97.01 -74.77 44.07
C PHE L 1103 95.81 -73.88 43.89
N GLY L 1104 95.94 -72.85 43.06
CA GLY L 1104 94.81 -72.00 42.76
C GLY L 1104 95.19 -70.54 42.66
N GLY L 1105 94.23 -69.70 42.32
CA GLY L 1105 94.45 -68.27 42.26
C GLY L 1105 95.18 -67.78 41.03
N GLU L 1106 95.31 -68.62 40.00
CA GLU L 1106 96.06 -68.28 38.80
C GLU L 1106 95.09 -67.93 37.68
N SER L 1107 95.14 -66.69 37.22
CA SER L 1107 94.22 -66.22 36.20
C SER L 1107 94.55 -66.89 34.85
N PRO L 1108 93.53 -67.18 34.03
CA PRO L 1108 93.81 -67.81 32.73
C PRO L 1108 94.59 -66.92 31.78
N VAL L 1109 94.61 -65.61 32.00
CA VAL L 1109 95.25 -64.68 31.08
C VAL L 1109 96.75 -64.62 31.36
N ASP L 1123 117.77 -62.52 46.98
CA ASP L 1123 117.58 -62.79 48.40
C ASP L 1123 117.51 -61.49 49.16
N SER L 1124 118.06 -60.42 48.61
CA SER L 1124 117.93 -59.12 49.24
C SER L 1124 117.75 -58.08 48.15
N ALA L 1125 116.59 -57.42 48.14
CA ALA L 1125 116.22 -56.50 47.08
C ALA L 1125 115.66 -55.22 47.67
N VAL L 1126 115.65 -54.17 46.84
CA VAL L 1126 115.07 -52.88 47.18
C VAL L 1126 114.25 -52.41 46.00
N PHE L 1127 113.00 -52.03 46.26
CA PHE L 1127 112.09 -51.54 45.23
C PHE L 1127 111.63 -50.14 45.58
N LYS L 1128 111.53 -49.28 44.56
CA LYS L 1128 111.11 -47.90 44.74
C LYS L 1128 109.95 -47.61 43.82
N ALA L 1129 108.90 -47.01 44.36
CA ALA L 1129 107.70 -46.70 43.60
C ALA L 1129 107.77 -45.29 43.04
N THR L 1130 107.01 -45.07 41.97
CA THR L 1130 106.92 -43.77 41.32
C THR L 1130 105.48 -43.57 40.86
N SER L 1131 105.22 -42.41 40.26
CA SER L 1131 103.89 -42.15 39.72
C SER L 1131 103.56 -43.10 38.58
N SER L 1132 104.53 -43.38 37.72
CA SER L 1132 104.31 -44.15 36.50
C SER L 1132 104.45 -45.65 36.69
N THR L 1133 104.93 -46.11 37.85
CA THR L 1133 105.09 -47.55 38.06
C THR L 1133 103.75 -48.24 37.90
N ASP L 1134 103.73 -49.31 37.11
CA ASP L 1134 102.51 -50.06 36.90
C ASP L 1134 102.27 -51.02 38.06
N GLU L 1135 101.03 -51.06 38.53
CA GLU L 1135 100.70 -51.79 39.76
C GLU L 1135 100.98 -53.28 39.60
N GLU L 1136 100.61 -53.86 38.46
CA GLU L 1136 100.68 -55.31 38.31
C GLU L 1136 102.11 -55.81 38.42
N SER L 1137 103.05 -55.16 37.72
CA SER L 1137 104.44 -55.60 37.79
C SER L 1137 105.04 -55.35 39.17
N TRP L 1138 104.66 -54.25 39.81
CA TRP L 1138 105.13 -53.97 41.16
C TRP L 1138 104.72 -55.09 42.12
N PHE L 1139 103.45 -55.50 42.05
CA PHE L 1139 103.00 -56.59 42.92
C PHE L 1139 103.58 -57.93 42.52
N LYS L 1140 103.82 -58.15 41.22
CA LYS L 1140 104.47 -59.38 40.80
C LYS L 1140 105.88 -59.47 41.35
N ALA L 1141 106.60 -58.35 41.37
CA ALA L 1141 107.94 -58.33 41.92
C ALA L 1141 107.92 -58.52 43.44
N LEU L 1142 106.98 -57.86 44.13
CA LEU L 1142 106.91 -58.01 45.57
C LEU L 1142 106.55 -59.44 45.97
N ALA L 1143 105.66 -60.08 45.20
CA ALA L 1143 105.21 -61.42 45.54
C ALA L 1143 106.34 -62.44 45.51
N GLY L 1144 107.18 -62.37 44.48
CA GLY L 1144 108.22 -63.35 44.28
C GLY L 1144 107.78 -64.48 43.36
N SER L 1145 108.78 -65.21 42.85
CA SER L 1145 108.51 -66.25 41.87
C SER L 1145 107.95 -67.52 42.50
N GLU L 1146 108.29 -67.80 43.75
CA GLU L 1146 107.91 -69.06 44.38
C GLU L 1146 106.52 -68.94 45.00
N ILE L 1147 105.77 -70.03 44.96
CA ILE L 1147 104.43 -70.09 45.55
C ILE L 1147 104.60 -70.33 47.04
N ASN L 1148 104.28 -69.33 47.86
CA ASN L 1148 104.43 -69.42 49.30
C ASN L 1148 103.57 -68.33 49.93
N TRP L 1149 103.78 -68.09 51.22
CA TRP L 1149 102.96 -67.11 51.93
C TRP L 1149 103.10 -65.72 51.34
N ARG L 1150 104.32 -65.34 50.94
CA ARG L 1150 104.51 -64.03 50.31
C ARG L 1150 103.75 -63.93 49.00
N HIS L 1151 103.79 -65.01 48.20
CA HIS L 1151 103.06 -65.05 46.94
C HIS L 1151 101.58 -64.75 47.16
N ALA L 1152 100.95 -65.48 48.08
CA ALA L 1152 99.54 -65.26 48.37
C ALA L 1152 99.31 -63.87 48.93
N SER L 1153 100.19 -63.42 49.83
CA SER L 1153 100.03 -62.12 50.46
C SER L 1153 99.95 -61.01 49.42
N PHE L 1154 100.77 -61.10 48.38
CA PHE L 1154 100.86 -60.00 47.41
C PHE L 1154 100.10 -60.25 46.11
N LEU L 1155 99.55 -61.45 45.89
CA LEU L 1155 98.84 -61.73 44.66
C LEU L 1155 97.38 -62.14 44.85
N CYS L 1156 97.04 -62.75 45.98
CA CYS L 1156 95.63 -63.06 46.23
C CYS L 1156 94.81 -61.78 46.22
N SER L 1157 93.68 -61.81 45.52
CA SER L 1157 92.88 -60.60 45.37
C SER L 1157 91.93 -60.39 46.54
N PHE L 1158 91.58 -61.46 47.25
CA PHE L 1158 90.66 -61.38 48.38
C PHE L 1158 91.22 -62.19 49.55
N ILE L 1159 90.85 -61.77 50.75
CA ILE L 1159 91.13 -62.53 51.97
C ILE L 1159 89.79 -62.89 52.61
N THR L 1160 89.85 -63.70 53.66
CA THR L 1160 88.66 -64.28 54.27
C THR L 1160 88.45 -63.67 55.66
N GLN L 1161 87.23 -63.20 55.90
CA GLN L 1161 86.79 -62.80 57.23
C GLN L 1161 86.16 -64.04 57.89
N ASP L 1162 85.45 -63.83 59.00
CA ASP L 1162 84.78 -64.94 59.67
C ASP L 1162 84.24 -65.96 58.67
N LYS L 1163 83.44 -65.48 57.70
CA LYS L 1163 83.08 -66.29 56.54
C LYS L 1163 83.00 -65.48 55.26
N MET L 1164 83.30 -64.18 55.30
CA MET L 1164 83.12 -63.29 54.15
C MET L 1164 84.42 -63.10 53.41
N PHE L 1165 84.30 -62.54 52.20
CA PHE L 1165 85.45 -62.27 51.34
C PHE L 1165 85.60 -60.76 51.18
N VAL L 1166 86.78 -60.25 51.51
CA VAL L 1166 87.05 -58.82 51.49
C VAL L 1166 88.35 -58.56 50.76
N SER L 1167 88.47 -57.37 50.20
CA SER L 1167 89.63 -57.03 49.39
C SER L 1167 90.91 -57.15 50.20
N ASN L 1168 91.95 -57.67 49.56
CA ASN L 1168 93.23 -57.95 50.20
C ASN L 1168 93.79 -56.69 50.85
N PRO L 1169 93.80 -56.59 52.19
CA PRO L 1169 94.34 -55.38 52.82
C PRO L 1169 95.81 -55.15 52.53
N ILE L 1170 96.58 -56.23 52.37
CA ILE L 1170 98.02 -56.09 52.14
C ILE L 1170 98.28 -55.37 50.83
N ARG L 1171 97.54 -55.73 49.77
CA ARG L 1171 97.75 -55.08 48.48
C ARG L 1171 97.42 -53.60 48.55
N LYS L 1172 96.35 -53.24 49.24
CA LYS L 1172 95.95 -51.85 49.32
C LYS L 1172 96.94 -51.06 50.12
N VAL L 1173 97.51 -51.72 51.09
CA VAL L 1173 98.53 -51.04 51.91
C VAL L 1173 99.82 -50.89 51.14
N PHE L 1174 100.13 -51.81 50.23
CA PHE L 1174 101.35 -51.79 49.45
C PHE L 1174 101.14 -51.20 48.05
N LYS L 1175 99.98 -50.60 47.80
CA LYS L 1175 99.70 -50.00 46.50
C LYS L 1175 100.77 -48.97 46.17
N PRO L 1176 101.46 -49.08 45.03
CA PRO L 1176 102.63 -48.23 44.80
C PRO L 1176 102.26 -46.75 44.66
N SER L 1177 103.09 -45.91 45.27
CA SER L 1177 102.94 -44.46 45.13
C SER L 1177 104.31 -43.84 45.35
N GLN L 1178 104.47 -42.63 44.81
CA GLN L 1178 105.75 -41.94 44.87
C GLN L 1178 106.21 -41.80 46.32
N GLY L 1179 107.47 -42.17 46.57
CA GLY L 1179 108.07 -42.09 47.88
C GLY L 1179 108.14 -43.41 48.63
N MET L 1180 107.35 -44.40 48.24
CA MET L 1180 107.37 -45.69 48.92
C MET L 1180 108.63 -46.46 48.55
N VAL L 1181 109.27 -47.05 49.57
CA VAL L 1181 110.48 -47.85 49.39
C VAL L 1181 110.28 -49.15 50.15
N VAL L 1182 110.39 -50.27 49.45
CA VAL L 1182 110.16 -51.59 50.02
C VAL L 1182 111.46 -52.37 50.03
N GLU L 1183 111.77 -52.98 51.17
CA GLU L 1183 113.01 -53.72 51.38
C GLU L 1183 112.68 -55.15 51.73
N ILE L 1184 113.21 -56.09 50.96
CA ILE L 1184 113.00 -57.52 51.18
C ILE L 1184 114.33 -58.15 51.56
N SER L 1185 114.31 -59.04 52.55
CA SER L 1185 115.51 -59.72 53.02
C SER L 1185 115.19 -61.19 53.25
N ASN L 1186 116.08 -62.07 52.81
CA ASN L 1186 115.89 -63.51 52.91
C ASN L 1186 114.74 -63.99 52.04
N GLY L 1187 114.57 -63.39 50.88
CA GLY L 1187 113.46 -63.77 50.00
C GLY L 1187 113.52 -65.21 49.55
N ASN L 1188 114.66 -65.86 49.72
CA ASN L 1188 114.84 -67.22 49.26
C ASN L 1188 114.41 -68.26 50.28
N THR L 1189 114.31 -67.87 51.54
CA THR L 1189 113.79 -68.76 52.58
C THR L 1189 112.49 -68.15 53.04
N SER L 1190 111.36 -68.68 52.62
CA SER L 1190 110.07 -68.07 52.92
C SER L 1190 109.85 -67.93 54.42
N SER L 1191 110.28 -68.93 55.19
CA SER L 1191 110.05 -68.90 56.63
C SER L 1191 110.76 -67.75 57.32
N LYS L 1192 111.73 -67.11 56.65
CA LYS L 1192 112.49 -66.02 57.24
C LYS L 1192 112.38 -64.72 56.46
N THR L 1193 111.62 -64.68 55.38
CA THR L 1193 111.52 -63.46 54.59
C THR L 1193 110.81 -62.37 55.41
N VAL L 1194 111.33 -61.15 55.30
CA VAL L 1194 110.75 -59.98 55.95
C VAL L 1194 110.65 -58.88 54.91
N VAL L 1195 109.43 -58.40 54.67
CA VAL L 1195 109.18 -57.32 53.72
C VAL L 1195 108.90 -56.05 54.51
N THR L 1196 109.80 -55.07 54.40
CA THR L 1196 109.70 -53.83 55.14
C THR L 1196 109.42 -52.69 54.18
N LEU L 1197 108.37 -51.92 54.46
CA LEU L 1197 107.99 -50.76 53.68
C LEU L 1197 108.36 -49.50 54.45
N SER L 1198 109.05 -48.57 53.79
CA SER L 1198 109.43 -47.30 54.39
C SER L 1198 108.92 -46.18 53.50
N GLU L 1199 108.38 -45.14 54.12
CA GLU L 1199 107.87 -43.97 53.43
C GLU L 1199 108.42 -42.72 54.10
N PRO L 1200 108.47 -41.60 53.38
CA PRO L 1200 108.90 -40.35 54.00
C PRO L 1200 107.87 -39.87 55.02
N VAL L 1201 108.30 -39.76 56.27
CA VAL L 1201 107.47 -39.21 57.34
C VAL L 1201 108.25 -38.06 57.97
N GLN L 1202 107.68 -36.85 57.91
CA GLN L 1202 108.34 -35.67 58.45
C GLN L 1202 109.68 -35.41 57.77
N GLY L 1203 109.81 -35.84 56.52
CA GLY L 1203 111.02 -35.66 55.74
C GLY L 1203 111.93 -36.87 55.68
N GLU L 1204 112.07 -37.59 56.78
CA GLU L 1204 112.95 -38.75 56.84
C GLU L 1204 112.20 -40.02 56.44
N LEU L 1205 112.98 -41.00 55.99
CA LEU L 1205 112.45 -42.30 55.57
C LEU L 1205 112.40 -43.21 56.78
N LYS L 1206 111.20 -43.69 57.12
CA LYS L 1206 110.98 -44.50 58.31
C LYS L 1206 110.17 -45.73 57.95
N PRO L 1207 110.35 -46.84 58.68
CA PRO L 1207 109.51 -48.02 58.43
C PRO L 1207 108.07 -47.76 58.82
N THR L 1208 107.14 -48.11 57.92
CA THR L 1208 105.72 -47.97 58.17
C THR L 1208 104.98 -49.30 58.22
N VAL L 1209 105.40 -50.29 57.44
CA VAL L 1209 104.76 -51.61 57.45
C VAL L 1209 105.85 -52.67 57.42
N ILE L 1210 105.74 -53.67 58.29
CA ILE L 1210 106.64 -54.82 58.30
C ILE L 1210 105.79 -56.07 58.17
N LEU L 1211 106.16 -56.92 57.21
CA LEU L 1211 105.41 -58.13 56.90
C LEU L 1211 106.34 -59.33 57.00
N LYS L 1212 105.90 -60.36 57.71
CA LYS L 1212 106.72 -61.56 57.95
C LYS L 1212 105.78 -62.68 58.38
N LEU L 1213 106.35 -63.86 58.60
CA LEU L 1213 105.66 -65.00 59.19
C LEU L 1213 105.92 -65.00 60.68
N LEU L 1214 104.90 -64.63 61.48
CA LEU L 1214 105.04 -64.71 62.92
C LEU L 1214 105.19 -66.16 63.37
N LYS L 1215 104.32 -67.04 62.88
CA LYS L 1215 104.33 -68.45 63.17
C LYS L 1215 104.49 -69.22 61.86
N GLU L 1216 104.42 -70.53 61.92
CA GLU L 1216 104.51 -71.34 60.70
C GLU L 1216 103.31 -71.10 59.79
N ASN L 1217 102.18 -70.71 60.37
CA ASN L 1217 100.98 -70.47 59.59
C ASN L 1217 100.44 -69.06 59.72
N ILE L 1218 101.03 -68.23 60.58
CA ILE L 1218 100.47 -66.92 60.92
C ILE L 1218 101.29 -65.85 60.22
N ILE L 1219 100.64 -65.05 59.39
CA ILE L 1219 101.25 -63.91 58.72
C ILE L 1219 100.94 -62.67 59.56
N GLN L 1220 101.98 -61.99 60.03
CA GLN L 1220 101.81 -60.76 60.79
C GLN L 1220 102.15 -59.58 59.90
N MET L 1221 101.25 -58.59 59.86
CA MET L 1221 101.47 -57.34 59.14
C MET L 1221 101.44 -56.22 60.18
N GLU L 1222 102.59 -55.92 60.74
CA GLU L 1222 102.70 -54.90 61.77
C GLU L 1222 102.70 -53.52 61.11
N MET L 1223 101.67 -52.73 61.40
CA MET L 1223 101.55 -51.38 60.88
C MET L 1223 102.06 -50.41 61.94
N ILE L 1224 102.96 -49.51 61.55
CA ILE L 1224 103.67 -48.65 62.48
C ILE L 1224 103.21 -47.22 62.30
N GLU L 1225 103.00 -46.53 63.42
CA GLU L 1225 102.76 -45.10 63.45
C GLU L 1225 103.96 -44.42 64.11
N ASN L 1226 104.52 -43.43 63.43
CA ASN L 1226 105.74 -42.77 63.90
C ASN L 1226 105.48 -41.41 64.52
N ARG L 1227 104.29 -40.85 64.35
CA ARG L 1227 103.94 -39.57 64.98
C ARG L 1227 103.12 -39.86 66.22
N THR L 1228 103.84 -40.16 67.31
CA THR L 1228 103.26 -40.52 68.59
C THR L 1228 103.45 -39.39 69.58
N MET L 1229 103.04 -39.62 70.83
CA MET L 1229 103.09 -38.57 71.85
C MET L 1229 104.41 -38.49 72.59
N ASP L 1230 105.23 -39.52 72.47
CA ASP L 1230 106.55 -39.49 73.10
C ASP L 1230 107.68 -39.79 72.12
N GLY L 1231 107.39 -39.90 70.83
CA GLY L 1231 108.41 -40.10 69.82
C GLY L 1231 108.71 -41.55 69.49
N LYS L 1232 108.33 -42.48 70.35
CA LYS L 1232 108.59 -43.90 70.07
C LYS L 1232 107.49 -44.45 69.17
N PRO L 1233 107.85 -45.17 68.10
CA PRO L 1233 106.81 -45.69 67.20
C PRO L 1233 105.91 -46.69 67.90
N VAL L 1234 104.63 -46.66 67.54
CA VAL L 1234 103.63 -47.59 68.04
C VAL L 1234 103.17 -48.44 66.87
N SER L 1235 103.15 -49.75 67.06
CA SER L 1235 102.82 -50.69 65.99
C SER L 1235 101.48 -51.36 66.29
N LEU L 1236 100.72 -51.58 65.22
CA LEU L 1236 99.45 -52.30 65.29
C LEU L 1236 99.62 -53.65 64.61
N PRO L 1237 99.76 -54.75 65.36
CA PRO L 1237 99.99 -56.06 64.73
C PRO L 1237 98.70 -56.67 64.19
N LEU L 1238 98.62 -56.82 62.88
CA LEU L 1238 97.46 -57.45 62.25
C LEU L 1238 97.84 -58.87 61.89
N LEU L 1239 97.06 -59.83 62.33
CA LEU L 1239 97.41 -61.23 62.12
C LEU L 1239 96.54 -61.91 61.09
N TYR L 1240 97.12 -62.82 60.33
CA TYR L 1240 96.39 -63.54 59.29
C TYR L 1240 96.82 -65.00 59.29
N ASN L 1241 95.87 -65.88 58.99
CA ASN L 1241 96.15 -67.30 58.89
C ASN L 1241 96.48 -67.66 57.44
N PHE L 1242 97.54 -68.44 57.26
CA PHE L 1242 97.93 -68.94 55.95
C PHE L 1242 97.56 -70.42 55.89
N ASN L 1243 96.62 -70.76 55.01
CA ASN L 1243 96.12 -72.13 54.86
C ASN L 1243 96.34 -72.57 53.41
N PRO L 1244 97.48 -73.22 53.14
CA PRO L 1244 97.77 -73.67 51.78
C PRO L 1244 96.74 -74.68 51.22
N ASP L 1245 95.94 -75.32 52.06
CA ASP L 1245 94.94 -76.28 51.60
C ASP L 1245 93.84 -75.58 50.81
N ASN L 1246 93.57 -74.32 51.12
CA ASN L 1246 92.56 -73.54 50.41
C ASN L 1246 93.30 -72.65 49.40
N GLY L 1247 93.54 -73.21 48.21
CA GLY L 1247 94.32 -72.51 47.22
C GLY L 1247 93.64 -71.24 46.74
N PHE L 1248 92.33 -71.24 46.62
CA PHE L 1248 91.63 -70.06 46.13
C PHE L 1248 91.72 -68.90 47.11
N ALA L 1249 91.63 -69.20 48.40
CA ALA L 1249 91.70 -68.17 49.44
C ALA L 1249 92.55 -68.69 50.60
N PRO L 1250 93.87 -68.75 50.41
CA PRO L 1250 94.73 -69.29 51.48
C PRO L 1250 94.79 -68.40 52.71
N ILE L 1251 94.51 -67.11 52.58
CA ILE L 1251 94.72 -66.15 53.67
C ILE L 1251 93.38 -65.80 54.29
N SER L 1252 93.32 -65.83 55.63
CA SER L 1252 92.13 -65.45 56.38
C SER L 1252 92.56 -64.64 57.59
N GLU L 1253 91.86 -63.56 57.89
CA GLU L 1253 92.21 -62.76 59.04
C GLU L 1253 91.86 -63.38 60.35
N VAL L 1254 92.67 -63.11 61.36
CA VAL L 1254 92.38 -63.58 62.69
C VAL L 1254 91.47 -62.50 63.28
N MET L 1255 90.18 -62.78 63.41
CA MET L 1255 89.20 -61.79 63.87
C MET L 1255 89.22 -61.65 65.38
N GLU L 1256 89.72 -62.64 66.10
CA GLU L 1256 89.66 -62.61 67.56
C GLU L 1256 90.71 -61.65 68.11
N ASP L 1257 90.30 -60.80 69.04
CA ASP L 1257 91.12 -59.79 69.70
C ASP L 1257 91.51 -58.65 68.77
N ARG L 1258 90.96 -58.61 67.57
CA ARG L 1258 91.35 -57.60 66.62
C ARG L 1258 90.97 -56.21 67.12
N ASN L 1259 89.77 -56.06 67.65
CA ASN L 1259 89.33 -54.77 68.14
C ASN L 1259 90.17 -54.38 69.35
N GLN L 1260 90.52 -55.36 70.19
CA GLN L 1260 91.35 -55.06 71.35
C GLN L 1260 92.72 -54.54 70.92
N ARG L 1261 93.30 -55.10 69.86
CA ARG L 1261 94.59 -54.66 69.39
C ARG L 1261 94.52 -53.25 68.84
N ILE L 1262 93.45 -52.96 68.12
CA ILE L 1262 93.28 -51.63 67.54
C ILE L 1262 93.13 -50.62 68.64
N LYS L 1263 92.40 -50.97 69.68
CA LYS L 1263 92.18 -50.07 70.77
C LYS L 1263 93.43 -49.88 71.60
N GLU L 1264 94.22 -50.92 71.77
CA GLU L 1264 95.49 -50.72 72.49
C GLU L 1264 96.39 -49.73 71.76
N MET L 1265 96.46 -49.84 70.43
CA MET L 1265 97.22 -48.85 69.67
C MET L 1265 96.66 -47.45 69.88
N TYR L 1266 95.34 -47.29 69.77
CA TYR L 1266 94.75 -45.97 69.94
C TYR L 1266 94.89 -45.46 71.36
N TRP L 1267 94.96 -46.36 72.34
CA TRP L 1267 95.18 -45.94 73.72
C TRP L 1267 96.59 -45.41 73.91
N LYS L 1268 97.58 -46.09 73.32
CA LYS L 1268 98.94 -45.55 73.36
C LYS L 1268 99.01 -44.20 72.67
N LEU L 1269 98.22 -43.95 71.66
CA LEU L 1269 98.32 -42.68 70.95
C LEU L 1269 97.56 -41.53 71.57
N TRP L 1270 96.47 -41.79 72.26
CA TRP L 1270 95.62 -40.73 72.78
C TRP L 1270 95.64 -40.61 74.28
N ILE L 1271 95.69 -41.72 74.98
CA ILE L 1271 95.56 -41.67 76.43
C ILE L 1271 96.85 -41.97 77.15
N ASP L 1272 97.30 -41.04 77.98
CA ASP L 1272 98.50 -41.26 78.78
C ASP L 1272 98.23 -41.89 80.14
N GLU L 1273 97.84 -43.16 80.16
CA GLU L 1273 97.57 -43.86 81.40
C GLU L 1273 97.69 -45.34 81.14
N PRO L 1274 97.78 -46.16 82.18
CA PRO L 1274 97.97 -47.60 81.94
C PRO L 1274 96.80 -48.18 81.17
N PHE L 1275 97.11 -49.00 80.17
CA PHE L 1275 96.07 -49.56 79.31
C PHE L 1275 95.15 -50.45 80.11
N ASN L 1276 93.85 -50.12 80.09
CA ASN L 1276 92.85 -50.94 80.78
C ASN L 1276 91.49 -50.62 80.18
N LEU L 1277 90.88 -51.62 79.55
CA LEU L 1277 89.56 -51.48 78.96
C LEU L 1277 88.43 -51.84 79.90
N ASP L 1278 88.75 -52.36 81.09
CA ASP L 1278 87.74 -52.90 81.99
C ASP L 1278 87.29 -51.81 82.96
N PHE L 1279 86.36 -50.97 82.48
CA PHE L 1279 85.70 -50.01 83.34
C PHE L 1279 84.30 -49.78 82.81
N ASP L 1280 83.42 -49.35 83.69
CA ASP L 1280 82.00 -49.28 83.37
C ASP L 1280 81.69 -48.06 82.50
N PRO L 1281 81.05 -48.22 81.35
CA PRO L 1281 80.63 -47.03 80.59
C PRO L 1281 79.64 -46.15 81.34
N ARG L 1282 78.97 -46.69 82.36
CA ARG L 1282 78.00 -45.90 83.11
C ARG L 1282 78.67 -44.95 84.09
N ASP L 1283 79.96 -45.10 84.33
CA ASP L 1283 80.65 -44.28 85.31
C ASP L 1283 81.07 -42.95 84.70
N VAL L 1284 81.45 -42.02 85.57
CA VAL L 1284 81.91 -40.70 85.14
C VAL L 1284 83.41 -40.74 84.95
N ILE L 1285 83.88 -40.20 83.83
CA ILE L 1285 85.30 -40.17 83.51
C ILE L 1285 85.89 -38.84 83.99
N LYS L 1286 87.06 -38.92 84.60
CA LYS L 1286 87.73 -37.76 85.20
C LYS L 1286 89.05 -37.54 84.48
N GLY L 1287 89.24 -36.31 83.98
CA GLY L 1287 90.43 -35.96 83.24
C GLY L 1287 91.42 -35.18 84.06
N LYS L 1288 92.66 -35.17 83.57
CA LYS L 1288 93.73 -34.48 84.28
C LYS L 1288 93.54 -32.97 84.21
N ASP L 1289 94.06 -32.28 85.23
CA ASP L 1289 93.92 -30.83 85.28
C ASP L 1289 94.77 -30.18 84.21
N PHE L 1290 94.18 -29.20 83.51
CA PHE L 1290 94.81 -28.55 82.38
C PHE L 1290 95.05 -27.08 82.71
N GLU L 1291 96.28 -26.63 82.51
CA GLU L 1291 96.69 -25.25 82.76
C GLU L 1291 96.88 -24.55 81.43
N ILE L 1292 96.05 -23.54 81.15
CA ILE L 1292 96.07 -22.86 79.87
C ILE L 1292 97.18 -21.82 79.87
N THR L 1293 98.11 -21.93 78.93
CA THR L 1293 99.24 -21.02 78.83
C THR L 1293 99.20 -20.29 77.52
N ALA L 1294 99.93 -19.20 77.41
CA ALA L 1294 99.92 -18.38 76.19
C ALA L 1294 100.45 -19.16 74.99
N LYS L 1295 101.46 -20.00 75.21
CA LYS L 1295 102.04 -20.77 74.10
C LYS L 1295 101.00 -21.68 73.47
N GLU L 1296 100.19 -22.33 74.29
CA GLU L 1296 99.22 -23.28 73.77
C GLU L 1296 98.13 -22.56 72.99
N VAL L 1297 97.69 -21.42 73.48
CA VAL L 1297 96.68 -20.64 72.76
C VAL L 1297 97.22 -20.15 71.44
N TYR L 1298 98.47 -19.65 71.44
CA TYR L 1298 99.08 -19.21 70.19
C TYR L 1298 99.15 -20.34 69.19
N ASP L 1299 99.64 -21.51 69.61
CA ASP L 1299 99.79 -22.63 68.70
C ASP L 1299 98.43 -23.08 68.17
N PHE L 1300 97.42 -23.15 69.03
CA PHE L 1300 96.10 -23.58 68.59
C PHE L 1300 95.52 -22.59 67.59
N THR L 1301 95.58 -21.29 67.89
CA THR L 1301 95.00 -20.30 67.01
C THR L 1301 95.70 -20.28 65.66
N HIS L 1302 97.01 -20.49 65.65
CA HIS L 1302 97.71 -20.54 64.36
C HIS L 1302 97.44 -21.84 63.62
N ALA L 1303 97.21 -22.93 64.35
CA ALA L 1303 96.90 -24.21 63.70
C ALA L 1303 95.53 -24.16 63.03
N VAL L 1304 94.55 -23.51 63.63
CA VAL L 1304 93.20 -23.50 63.08
C VAL L 1304 92.91 -22.24 62.29
N GLY L 1305 93.80 -21.27 62.33
CA GLY L 1305 93.65 -20.07 61.52
C GLY L 1305 92.73 -19.04 62.09
N ASN L 1306 92.68 -18.96 63.41
CA ASN L 1306 91.84 -17.97 64.08
C ASN L 1306 92.64 -16.71 64.29
N ASN L 1307 92.18 -15.60 63.76
CA ASN L 1307 92.93 -14.34 63.81
C ASN L 1307 92.27 -13.31 64.71
N CYS L 1308 91.35 -13.69 65.57
CA CYS L 1308 90.70 -12.74 66.44
C CYS L 1308 91.71 -12.13 67.36
N GLU L 1309 91.52 -10.89 67.71
CA GLU L 1309 92.47 -10.19 68.58
C GLU L 1309 92.33 -10.57 70.04
N ASP L 1310 91.24 -11.21 70.45
CA ASP L 1310 91.06 -11.58 71.85
C ASP L 1310 92.03 -12.63 72.26
N PHE L 1311 92.47 -13.44 71.31
CA PHE L 1311 93.38 -14.53 71.59
C PHE L 1311 94.83 -14.18 71.30
N VAL L 1312 95.15 -12.90 71.13
CA VAL L 1312 96.50 -12.43 70.84
C VAL L 1312 97.00 -11.65 72.03
N SER L 1313 98.26 -11.86 72.39
CA SER L 1313 98.88 -11.11 73.47
C SER L 1313 98.97 -9.64 73.10
N ARG L 1314 98.46 -8.77 73.95
CA ARG L 1314 98.44 -7.33 73.71
C ARG L 1314 98.63 -6.64 75.05
N PRO L 1315 99.26 -5.47 75.08
CA PRO L 1315 99.52 -4.82 76.37
C PRO L 1315 98.23 -4.42 77.07
N ASP L 1316 98.28 -4.39 78.40
CA ASP L 1316 97.16 -4.00 79.26
C ASP L 1316 95.88 -4.73 78.87
N ARG L 1317 96.00 -6.01 78.59
CA ARG L 1317 94.83 -6.84 78.31
C ARG L 1317 95.18 -8.30 78.57
N THR L 1318 94.23 -9.03 79.18
CA THR L 1318 94.42 -10.45 79.39
C THR L 1318 94.02 -11.23 78.15
N MET L 1319 94.81 -12.24 77.81
CA MET L 1319 94.57 -13.03 76.62
C MET L 1319 93.53 -14.11 76.90
N LEU L 1320 92.59 -14.25 75.98
CA LEU L 1320 91.57 -15.25 76.12
C LEU L 1320 91.87 -16.44 75.28
N ALA L 1321 91.25 -17.56 75.61
CA ALA L 1321 91.35 -18.75 74.80
C ALA L 1321 90.07 -18.93 73.99
N PRO L 1322 90.16 -19.41 72.76
CA PRO L 1322 88.94 -19.62 71.97
C PRO L 1322 88.08 -20.74 72.55
N MET L 1323 86.77 -20.64 72.28
CA MET L 1323 85.84 -21.67 72.74
C MET L 1323 86.26 -23.04 72.24
N ASP L 1324 86.93 -23.11 71.08
CA ASP L 1324 87.37 -24.39 70.55
C ASP L 1324 88.42 -25.05 71.42
N PHE L 1325 89.08 -24.31 72.31
CA PHE L 1325 90.10 -24.90 73.16
C PHE L 1325 89.51 -25.92 74.14
N ALA L 1326 88.19 -25.92 74.32
CA ALA L 1326 87.57 -26.88 75.23
C ALA L 1326 87.87 -28.30 74.78
N ILE L 1327 87.93 -28.54 73.46
CA ILE L 1327 88.19 -29.89 72.97
C ILE L 1327 89.61 -30.31 73.29
N VAL L 1328 90.58 -29.40 73.14
CA VAL L 1328 91.95 -29.79 73.48
C VAL L 1328 92.06 -30.03 74.98
N VAL L 1329 91.29 -29.28 75.78
CA VAL L 1329 91.36 -29.43 77.22
C VAL L 1329 90.75 -30.76 77.66
N GLY L 1330 89.64 -31.17 77.03
CA GLY L 1330 88.91 -32.34 77.48
C GLY L 1330 88.88 -33.53 76.53
N TRP L 1331 89.80 -33.57 75.57
CA TRP L 1331 89.81 -34.68 74.61
C TRP L 1331 90.11 -36.01 75.29
N ARG L 1332 91.05 -36.02 76.20
CA ARG L 1332 91.41 -37.26 76.83
C ARG L 1332 90.24 -37.82 77.61
N ALA L 1333 89.44 -36.96 78.23
CA ALA L 1333 88.25 -37.43 78.96
C ALA L 1333 87.15 -37.85 78.00
N ILE L 1334 86.91 -37.10 76.93
CA ILE L 1334 85.80 -37.38 76.04
C ILE L 1334 86.05 -38.68 75.27
N ILE L 1335 87.25 -38.83 74.70
CA ILE L 1335 87.50 -39.96 73.81
C ILE L 1335 87.65 -41.26 74.57
N LYS L 1336 87.98 -41.21 75.87
CA LYS L 1336 88.06 -42.42 76.66
C LYS L 1336 86.70 -43.07 76.87
N ALA L 1337 85.61 -42.37 76.53
CA ALA L 1337 84.27 -42.91 76.75
C ALA L 1337 83.96 -44.07 75.80
N ILE L 1338 84.57 -44.10 74.62
CA ILE L 1338 84.26 -45.12 73.62
C ILE L 1338 85.19 -46.32 73.71
N PHE L 1339 86.09 -46.33 74.68
CA PHE L 1339 87.05 -47.42 74.86
C PHE L 1339 86.50 -48.64 75.60
N PRO L 1340 85.65 -48.49 76.62
CA PRO L 1340 85.30 -49.63 77.49
C PRO L 1340 85.00 -50.90 76.70
N ASN L 1341 85.26 -52.04 77.34
CA ASN L 1341 85.06 -53.33 76.68
C ASN L 1341 83.60 -53.53 76.28
N THR L 1342 82.66 -53.10 77.12
CA THR L 1342 81.24 -53.30 76.79
C THR L 1342 80.86 -52.54 75.53
N VAL L 1343 81.38 -51.33 75.35
CA VAL L 1343 81.16 -50.59 74.11
C VAL L 1343 82.30 -51.00 73.18
N ASP L 1344 82.09 -52.11 72.48
CA ASP L 1344 83.11 -52.71 71.64
C ASP L 1344 82.91 -52.31 70.19
N GLY L 1345 83.99 -51.96 69.51
CA GLY L 1345 83.92 -51.59 68.11
C GLY L 1345 85.29 -51.40 67.51
N ASP L 1346 85.37 -51.36 66.19
CA ASP L 1346 86.64 -51.13 65.51
C ASP L 1346 86.98 -49.66 65.43
N LEU L 1347 87.97 -49.22 66.18
CA LEU L 1347 88.30 -47.80 66.22
C LEU L 1347 88.79 -47.29 64.88
N LEU L 1348 89.17 -48.17 63.97
CA LEU L 1348 89.54 -47.72 62.64
C LEU L 1348 88.34 -47.40 61.78
N LYS L 1349 87.15 -47.86 62.18
CA LYS L 1349 85.90 -47.51 61.51
C LYS L 1349 85.11 -46.46 62.28
N LEU L 1350 85.70 -45.84 63.30
CA LEU L 1350 85.00 -44.84 64.09
C LEU L 1350 84.75 -43.60 63.26
N VAL L 1351 83.55 -43.01 63.42
CA VAL L 1351 83.16 -41.80 62.71
C VAL L 1351 82.67 -40.79 63.74
N HIS L 1352 83.21 -39.58 63.68
CA HIS L 1352 82.74 -38.52 64.54
C HIS L 1352 81.57 -37.92 63.84
N LEU L 1353 80.42 -37.86 64.47
CA LEU L 1353 79.22 -37.40 63.80
C LEU L 1353 78.98 -35.94 64.04
N SER L 1354 79.21 -35.49 65.25
CA SER L 1354 78.96 -34.09 65.57
C SER L 1354 79.71 -33.72 66.82
N ASN L 1355 79.85 -32.41 67.03
CA ASN L 1355 80.45 -31.88 68.25
C ASN L 1355 79.83 -30.52 68.51
N GLY L 1356 79.86 -30.10 69.77
CA GLY L 1356 79.22 -28.85 70.13
C GLY L 1356 79.73 -28.33 71.45
N TYR L 1357 79.65 -27.02 71.60
CA TYR L 1357 80.02 -26.32 72.82
C TYR L 1357 78.83 -25.50 73.32
N LYS L 1358 78.74 -25.36 74.63
CA LYS L 1358 77.61 -24.65 75.24
C LYS L 1358 78.12 -23.99 76.51
N MET L 1359 78.30 -22.66 76.45
CA MET L 1359 78.71 -21.92 77.62
C MET L 1359 77.59 -21.95 78.66
N ILE L 1360 77.97 -22.14 79.92
CA ILE L 1360 77.00 -22.18 81.00
C ILE L 1360 76.63 -20.74 81.39
N PRO L 1361 75.35 -20.39 81.44
CA PRO L 1361 74.99 -18.97 81.63
C PRO L 1361 75.63 -18.40 82.88
N GLY L 1362 76.15 -17.17 82.73
CA GLY L 1362 76.85 -16.50 83.80
C GLY L 1362 78.32 -16.85 83.92
N ALA L 1363 78.86 -17.67 83.02
CA ALA L 1363 80.25 -18.06 83.06
C ALA L 1363 81.06 -17.24 82.05
N LYS L 1364 82.28 -16.88 82.44
CA LYS L 1364 83.17 -16.15 81.56
C LYS L 1364 83.89 -17.10 80.61
N PRO L 1365 84.36 -16.61 79.47
CA PRO L 1365 85.09 -17.48 78.54
C PRO L 1365 86.43 -17.88 79.10
N LEU L 1366 87.01 -18.91 78.48
CA LEU L 1366 88.32 -19.39 78.91
C LEU L 1366 89.36 -18.31 78.73
N GLN L 1367 90.39 -18.30 79.56
CA GLN L 1367 91.41 -17.28 79.45
C GLN L 1367 92.75 -17.79 79.95
N VAL L 1368 93.84 -17.29 79.39
CA VAL L 1368 95.15 -17.82 79.72
C VAL L 1368 95.47 -17.65 81.19
N GLY L 1369 95.91 -18.73 81.83
CA GLY L 1369 96.22 -18.70 83.24
C GLY L 1369 95.21 -19.47 84.06
N ASP L 1370 94.12 -19.88 83.43
CA ASP L 1370 93.08 -20.62 84.11
C ASP L 1370 93.38 -22.10 84.23
N VAL L 1371 93.12 -22.69 85.39
CA VAL L 1371 93.25 -24.13 85.61
C VAL L 1371 91.86 -24.72 85.42
N VAL L 1372 91.74 -25.71 84.54
CA VAL L 1372 90.45 -26.26 84.13
C VAL L 1372 90.45 -27.75 84.42
N SER L 1373 89.34 -28.23 84.98
CA SER L 1373 89.12 -29.65 85.20
C SER L 1373 88.00 -30.11 84.28
N THR L 1374 88.14 -31.32 83.75
CA THR L 1374 87.20 -31.88 82.79
C THR L 1374 86.56 -33.14 83.34
N THR L 1375 85.30 -33.35 82.97
CA THR L 1375 84.54 -34.52 83.39
C THR L 1375 83.67 -34.96 82.22
N ALA L 1376 83.56 -36.26 82.01
CA ALA L 1376 82.82 -36.80 80.87
C ALA L 1376 81.91 -37.94 81.33
N VAL L 1377 80.73 -38.01 80.73
CA VAL L 1377 79.77 -39.09 80.96
C VAL L 1377 79.16 -39.49 79.63
N ILE L 1378 78.83 -40.77 79.49
CA ILE L 1378 78.16 -41.26 78.28
C ILE L 1378 76.67 -41.02 78.45
N GLU L 1379 76.13 -40.11 77.65
CA GLU L 1379 74.69 -39.85 77.70
C GLU L 1379 73.89 -41.05 77.23
N SER L 1380 74.27 -41.63 76.10
CA SER L 1380 73.57 -42.79 75.57
C SER L 1380 74.51 -43.59 74.68
N VAL L 1381 74.24 -44.88 74.57
CA VAL L 1381 74.93 -45.77 73.64
C VAL L 1381 73.88 -46.75 73.11
N VAL L 1382 73.53 -46.62 71.84
CA VAL L 1382 72.40 -47.35 71.25
C VAL L 1382 72.88 -48.12 70.03
N ASN L 1383 72.43 -49.36 69.90
CA ASN L 1383 72.74 -50.19 68.75
C ASN L 1383 71.72 -49.88 67.66
N GLN L 1384 72.11 -49.07 66.70
CA GLN L 1384 71.31 -48.82 65.51
C GLN L 1384 71.61 -49.89 64.46
N PRO L 1385 70.70 -50.09 63.50
CA PRO L 1385 70.90 -51.21 62.56
C PRO L 1385 72.22 -51.12 61.81
N THR L 1386 72.69 -49.91 61.48
CA THR L 1386 73.90 -49.73 60.70
C THR L 1386 75.12 -49.42 61.55
N GLY L 1387 75.03 -49.50 62.87
CA GLY L 1387 76.16 -49.24 63.73
C GLY L 1387 75.73 -48.90 65.13
N LYS L 1388 76.71 -48.51 65.93
CA LYS L 1388 76.52 -48.18 67.34
C LYS L 1388 76.88 -46.71 67.55
N ILE L 1389 75.93 -45.92 68.02
CA ILE L 1389 76.13 -44.51 68.31
C ILE L 1389 76.45 -44.37 69.78
N VAL L 1390 77.46 -43.55 70.10
CA VAL L 1390 77.86 -43.26 71.47
C VAL L 1390 77.81 -41.75 71.65
N ASP L 1391 77.03 -41.29 72.63
CA ASP L 1391 76.86 -39.88 72.91
C ASP L 1391 77.55 -39.55 74.22
N VAL L 1392 78.49 -38.61 74.17
CA VAL L 1392 79.33 -38.27 75.31
C VAL L 1392 79.12 -36.80 75.63
N VAL L 1393 79.08 -36.48 76.92
CA VAL L 1393 78.94 -35.11 77.40
C VAL L 1393 80.12 -34.82 78.31
N GLY L 1394 80.90 -33.80 77.95
CA GLY L 1394 82.04 -33.36 78.75
C GLY L 1394 81.73 -32.03 79.40
N THR L 1395 82.19 -31.88 80.65
CA THR L 1395 81.94 -30.68 81.44
C THR L 1395 83.27 -30.10 81.89
N LEU L 1396 83.49 -28.82 81.60
CA LEU L 1396 84.70 -28.12 81.96
C LEU L 1396 84.42 -27.21 83.15
N SER L 1397 85.22 -27.35 84.21
CA SER L 1397 85.02 -26.60 85.45
C SER L 1397 86.25 -25.77 85.75
N ARG L 1398 86.01 -24.58 86.29
CA ARG L 1398 87.07 -23.65 86.66
C ARG L 1398 86.78 -23.12 88.06
N ASN L 1399 87.75 -23.27 88.97
CA ASN L 1399 87.61 -22.77 90.33
C ASN L 1399 86.43 -23.42 91.05
N GLY L 1400 86.10 -24.66 90.68
CA GLY L 1400 84.99 -25.38 91.25
C GLY L 1400 83.68 -25.21 90.51
N LYS L 1401 83.43 -24.03 89.97
CA LYS L 1401 82.21 -23.80 89.21
C LYS L 1401 82.35 -24.33 87.79
N PRO L 1402 81.26 -24.80 87.18
CA PRO L 1402 81.35 -25.28 85.80
C PRO L 1402 81.29 -24.12 84.81
N VAL L 1403 82.06 -24.23 83.74
CA VAL L 1403 82.21 -23.17 82.76
C VAL L 1403 81.41 -23.47 81.49
N MET L 1404 81.63 -24.63 80.89
CA MET L 1404 81.00 -24.97 79.62
C MET L 1404 80.90 -26.48 79.49
N GLU L 1405 80.00 -26.90 78.60
CA GLU L 1405 79.74 -28.31 78.35
C GLU L 1405 80.02 -28.64 76.89
N VAL L 1406 80.67 -29.78 76.67
CA VAL L 1406 81.02 -30.25 75.33
C VAL L 1406 80.24 -31.52 75.05
N THR L 1407 79.59 -31.57 73.89
CA THR L 1407 78.84 -32.74 73.45
C THR L 1407 79.48 -33.29 72.18
N SER L 1408 79.65 -34.60 72.11
CA SER L 1408 80.22 -35.25 70.93
C SER L 1408 79.47 -36.55 70.68
N SER L 1409 79.16 -36.81 69.42
CA SER L 1409 78.47 -38.02 69.00
C SER L 1409 79.42 -38.86 68.16
N PHE L 1410 79.65 -40.10 68.57
CA PHE L 1410 80.57 -41.01 67.91
C PHE L 1410 79.81 -42.23 67.38
N PHE L 1411 80.30 -42.76 66.26
CA PHE L 1411 79.61 -43.83 65.55
C PHE L 1411 80.59 -44.97 65.27
N TYR L 1412 80.29 -46.14 65.81
CA TYR L 1412 80.99 -47.37 65.47
C TYR L 1412 80.22 -48.06 64.36
N ARG L 1413 80.74 -47.98 63.13
CA ARG L 1413 80.05 -48.61 62.00
C ARG L 1413 80.22 -50.13 62.07
N GLY L 1414 79.11 -50.84 61.89
CA GLY L 1414 79.15 -52.28 61.96
C GLY L 1414 77.80 -52.83 62.42
N ASN L 1415 77.79 -54.13 62.66
CA ASN L 1415 76.61 -54.85 63.11
C ASN L 1415 76.80 -55.23 64.58
N TYR L 1416 75.93 -54.71 65.45
CA TYR L 1416 75.99 -55.00 66.87
C TYR L 1416 74.62 -55.44 67.37
N THR L 1417 74.63 -56.43 68.27
CA THR L 1417 73.40 -56.97 68.83
C THR L 1417 73.52 -57.21 70.33
N ASP L 1418 74.44 -56.52 71.00
CA ASP L 1418 74.63 -56.66 72.44
C ASP L 1418 73.80 -55.59 73.18
N PHE L 1419 72.49 -55.69 73.01
CA PHE L 1419 71.58 -54.69 73.57
C PHE L 1419 71.64 -54.64 75.09
N GLU L 1420 72.13 -55.70 75.74
CA GLU L 1420 72.28 -55.67 77.18
C GLU L 1420 73.25 -54.61 77.64
N ASN L 1421 74.11 -54.11 76.75
CA ASN L 1421 75.10 -53.11 77.08
C ASN L 1421 74.64 -51.69 76.76
N THR L 1422 73.46 -51.52 76.20
CA THR L 1422 73.00 -50.24 75.70
C THR L 1422 72.06 -49.56 76.69
N PHE L 1423 72.11 -48.23 76.70
CA PHE L 1423 71.19 -47.41 77.47
C PHE L 1423 71.04 -46.08 76.76
N GLN L 1424 69.94 -45.39 77.04
CA GLN L 1424 69.69 -44.10 76.43
C GLN L 1424 69.10 -43.14 77.46
N LYS L 1425 69.31 -41.85 77.21
CA LYS L 1425 68.84 -40.79 78.09
C LYS L 1425 68.53 -39.57 77.24
N THR L 1426 67.26 -39.17 77.26
CA THR L 1426 66.82 -38.02 76.49
C THR L 1426 66.08 -37.02 77.36
N VAL L 1427 66.35 -35.74 77.19
CA VAL L 1427 65.64 -34.71 77.91
C VAL L 1427 64.53 -34.32 76.99
N GLU L 1428 63.30 -34.45 77.43
CA GLU L 1428 62.16 -34.23 76.56
C GLU L 1428 61.83 -32.78 76.38
N PRO L 1429 61.06 -32.47 75.34
CA PRO L 1429 60.61 -31.09 75.21
C PRO L 1429 59.68 -30.69 76.36
N VAL L 1430 59.71 -29.44 76.82
CA VAL L 1430 58.76 -28.98 77.82
C VAL L 1430 57.35 -29.02 77.24
N TYR L 1431 56.43 -29.64 77.97
CA TYR L 1431 55.03 -29.75 77.54
C TYR L 1431 54.16 -28.88 78.44
N GLN L 1432 53.31 -28.07 77.83
CA GLN L 1432 52.43 -27.14 78.53
C GLN L 1432 50.98 -27.56 78.36
N MET L 1433 50.27 -27.67 79.49
CA MET L 1433 48.88 -28.09 79.48
C MET L 1433 48.03 -27.08 80.23
N HIS L 1434 46.89 -26.72 79.64
CA HIS L 1434 45.97 -25.74 80.21
C HIS L 1434 44.76 -26.50 80.73
N ILE L 1435 44.52 -26.42 82.04
CA ILE L 1435 43.46 -27.20 82.69
C ILE L 1435 42.20 -26.34 82.69
N LYS L 1436 41.23 -26.73 81.86
CA LYS L 1436 39.97 -25.99 81.73
C LYS L 1436 38.84 -26.61 82.56
N THR L 1437 38.61 -27.91 82.42
CA THR L 1437 37.43 -28.57 82.96
C THR L 1437 37.81 -29.62 83.99
N SER L 1438 36.81 -30.06 84.74
CA SER L 1438 37.01 -31.15 85.69
C SER L 1438 37.26 -32.48 85.00
N LYS L 1439 36.87 -32.61 83.73
CA LYS L 1439 37.19 -33.81 82.97
C LYS L 1439 38.71 -33.96 82.80
N ASP L 1440 39.39 -32.85 82.51
CA ASP L 1440 40.85 -32.90 82.41
C ASP L 1440 41.49 -33.27 83.72
N ILE L 1441 40.99 -32.72 84.83
CA ILE L 1441 41.51 -33.08 86.15
C ILE L 1441 41.31 -34.56 86.42
N ALA L 1442 40.12 -35.08 86.09
CA ALA L 1442 39.86 -36.50 86.29
C ALA L 1442 40.82 -37.35 85.46
N VAL L 1443 41.06 -36.96 84.22
CA VAL L 1443 41.99 -37.70 83.36
C VAL L 1443 43.39 -37.69 83.96
N LEU L 1444 43.84 -36.52 84.40
CA LEU L 1444 45.19 -36.42 84.98
C LEU L 1444 45.31 -37.27 86.23
N ARG L 1445 44.32 -37.20 87.12
CA ARG L 1445 44.40 -37.92 88.39
C ARG L 1445 44.35 -39.43 88.20
N SER L 1446 43.82 -39.90 87.06
CA SER L 1446 43.80 -41.33 86.80
C SER L 1446 45.19 -41.90 86.55
N LYS L 1447 46.15 -41.05 86.14
CA LYS L 1447 47.49 -41.50 85.82
C LYS L 1447 48.28 -41.70 87.11
N GLU L 1448 48.83 -42.90 87.27
CA GLU L 1448 49.61 -43.19 88.47
C GLU L 1448 50.85 -42.31 88.55
N TRP L 1449 51.39 -41.93 87.40
CA TRP L 1449 52.61 -41.13 87.35
C TRP L 1449 52.41 -39.65 87.64
N PHE L 1450 51.18 -39.17 87.60
CA PHE L 1450 50.88 -37.77 87.89
C PHE L 1450 50.72 -37.64 89.40
N GLN L 1451 51.82 -37.31 90.07
CA GLN L 1451 51.87 -37.25 91.52
C GLN L 1451 52.07 -35.81 91.96
N LEU L 1452 51.07 -35.25 92.62
CA LEU L 1452 51.12 -33.88 93.13
C LEU L 1452 51.60 -33.90 94.58
N ASP L 1453 52.44 -32.93 94.93
CA ASP L 1453 52.93 -32.84 96.30
C ASP L 1453 51.77 -32.59 97.27
N ASP L 1454 50.85 -31.72 96.88
CA ASP L 1454 49.62 -31.46 97.64
C ASP L 1454 48.48 -32.10 96.86
N GLU L 1455 47.98 -33.23 97.36
CA GLU L 1455 46.93 -33.95 96.65
C GLU L 1455 45.67 -33.12 96.45
N ASP L 1456 45.44 -32.13 97.30
CA ASP L 1456 44.24 -31.30 97.21
C ASP L 1456 44.44 -30.05 96.37
N PHE L 1457 45.57 -29.92 95.68
CA PHE L 1457 45.82 -28.74 94.86
C PHE L 1457 44.69 -28.54 93.85
N ASP L 1458 44.23 -27.29 93.75
CA ASP L 1458 43.14 -26.94 92.85
C ASP L 1458 43.73 -26.64 91.48
N LEU L 1459 43.59 -27.60 90.55
CA LEU L 1459 44.19 -27.47 89.23
C LEU L 1459 43.29 -26.76 88.23
N LEU L 1460 42.05 -26.46 88.59
CA LEU L 1460 41.11 -25.90 87.62
C LEU L 1460 41.54 -24.49 87.24
N ASN L 1461 41.59 -24.23 85.92
CA ASN L 1461 42.00 -22.94 85.38
C ASN L 1461 43.46 -22.64 85.69
N LYS L 1462 44.29 -23.68 85.65
CA LYS L 1462 45.73 -23.57 85.88
C LYS L 1462 46.47 -24.07 84.66
N THR L 1463 47.63 -23.46 84.40
CA THR L 1463 48.53 -23.89 83.34
C THR L 1463 49.67 -24.69 83.96
N LEU L 1464 49.88 -25.90 83.45
CA LEU L 1464 50.92 -26.80 83.95
C LEU L 1464 52.00 -26.98 82.90
N THR L 1465 53.25 -27.06 83.34
CA THR L 1465 54.37 -27.41 82.50
C THR L 1465 55.06 -28.64 83.06
N PHE L 1466 55.40 -29.59 82.18
CA PHE L 1466 56.06 -30.82 82.55
C PHE L 1466 57.46 -30.82 81.95
N GLU L 1467 58.45 -30.97 82.81
CA GLU L 1467 59.84 -30.97 82.39
C GLU L 1467 60.43 -32.30 82.71
N THR L 1468 60.31 -33.24 81.79
CA THR L 1468 60.77 -34.59 82.09
C THR L 1468 62.00 -35.15 81.37
N GLU L 1469 62.49 -36.29 81.84
CA GLU L 1469 63.63 -36.97 81.23
C GLU L 1469 63.33 -38.45 81.18
N THR L 1470 63.65 -39.08 80.05
CA THR L 1470 63.39 -40.49 79.84
C THR L 1470 64.69 -41.26 79.80
N GLU L 1471 64.78 -42.30 80.62
CA GLU L 1471 65.93 -43.20 80.64
C GLU L 1471 65.46 -44.61 80.34
N VAL L 1472 65.86 -45.14 79.20
CA VAL L 1472 65.43 -46.46 78.74
C VAL L 1472 66.63 -47.36 78.57
N THR L 1473 66.42 -48.66 78.77
CA THR L 1473 67.36 -49.69 78.37
C THR L 1473 66.67 -50.62 77.38
N PHE L 1474 67.45 -51.22 76.50
CA PHE L 1474 66.92 -51.98 75.38
C PHE L 1474 67.02 -53.48 75.62
N LYS L 1475 65.93 -54.19 75.36
CA LYS L 1475 65.97 -55.64 75.27
C LYS L 1475 66.34 -56.10 73.86
N ASN L 1476 65.89 -55.37 72.85
CA ASN L 1476 66.27 -55.63 71.47
C ASN L 1476 66.04 -54.35 70.68
N ALA L 1477 66.03 -54.46 69.35
CA ALA L 1477 65.99 -53.27 68.51
C ALA L 1477 64.74 -52.43 68.76
N ASN L 1478 63.59 -53.10 68.91
CA ASN L 1478 62.30 -52.40 68.92
C ASN L 1478 61.66 -52.31 70.29
N ILE L 1479 62.11 -53.10 71.26
CA ILE L 1479 61.43 -53.23 72.56
C ILE L 1479 62.39 -52.75 73.65
N PHE L 1480 61.87 -51.93 74.57
CA PHE L 1480 62.63 -51.49 75.71
C PHE L 1480 62.57 -52.52 76.82
N SER L 1481 63.73 -52.77 77.45
CA SER L 1481 63.76 -53.63 78.62
C SER L 1481 63.38 -52.87 79.88
N SER L 1482 63.33 -51.54 79.81
CA SER L 1482 62.97 -50.70 80.95
C SER L 1482 62.76 -49.29 80.46
N VAL L 1483 61.79 -48.60 81.03
CA VAL L 1483 61.48 -47.22 80.69
C VAL L 1483 61.25 -46.46 81.98
N LYS L 1484 61.89 -45.30 82.12
CA LYS L 1484 61.73 -44.48 83.31
C LYS L 1484 61.63 -43.02 82.89
N CYS L 1485 60.49 -42.40 83.20
CA CYS L 1485 60.25 -40.99 82.89
C CYS L 1485 59.97 -40.26 84.19
N PHE L 1486 60.65 -39.14 84.40
CA PHE L 1486 60.58 -38.42 85.66
C PHE L 1486 60.88 -36.94 85.43
N GLY L 1487 60.43 -36.11 86.36
CA GLY L 1487 60.69 -34.69 86.30
C GLY L 1487 59.65 -33.89 87.07
N PRO L 1488 59.92 -32.60 87.27
CA PRO L 1488 59.01 -31.77 88.06
C PRO L 1488 57.82 -31.25 87.27
N ILE L 1489 56.71 -31.11 87.99
CA ILE L 1489 55.50 -30.44 87.49
C ILE L 1489 55.40 -29.10 88.20
N LYS L 1490 55.23 -28.03 87.43
CA LYS L 1490 55.13 -26.69 88.00
C LYS L 1490 53.93 -25.97 87.40
N VAL L 1491 53.38 -25.04 88.18
CA VAL L 1491 52.18 -24.30 87.82
C VAL L 1491 52.55 -22.84 87.60
N GLU L 1492 52.04 -22.25 86.55
CA GLU L 1492 52.29 -20.84 86.29
C GLU L 1492 51.58 -19.95 87.27
N LEU L 1493 52.27 -18.96 87.75
CA LEU L 1493 51.73 -18.01 88.71
C LEU L 1493 51.23 -16.76 87.99
N PRO L 1494 50.47 -15.90 88.68
CA PRO L 1494 49.96 -14.69 88.02
C PRO L 1494 51.05 -13.77 87.50
N THR L 1495 52.27 -13.87 88.02
CA THR L 1495 53.42 -13.14 87.49
C THR L 1495 54.11 -13.90 86.37
N LYS L 1496 53.47 -14.92 85.81
CA LYS L 1496 54.04 -15.70 84.71
C LYS L 1496 55.23 -16.52 85.18
N GLU L 1497 55.37 -16.68 86.49
CA GLU L 1497 56.44 -17.48 87.06
C GLU L 1497 55.95 -18.88 87.35
N THR L 1498 56.83 -19.86 87.18
CA THR L 1498 56.50 -21.26 87.40
C THR L 1498 57.12 -21.73 88.72
N VAL L 1499 56.32 -22.41 89.52
CA VAL L 1499 56.80 -22.96 90.78
C VAL L 1499 56.40 -24.42 90.76
N GLU L 1500 57.15 -25.26 91.46
CA GLU L 1500 56.88 -26.68 91.40
C GLU L 1500 55.73 -27.07 92.31
N ILE L 1501 54.92 -28.00 91.84
CA ILE L 1501 53.80 -28.46 92.66
C ILE L 1501 53.71 -29.98 92.71
N GLY L 1502 54.62 -30.69 92.05
CA GLY L 1502 54.57 -32.13 92.05
C GLY L 1502 55.68 -32.69 91.16
N ILE L 1503 55.66 -34.01 91.00
CA ILE L 1503 56.66 -34.69 90.18
C ILE L 1503 55.96 -35.63 89.22
N VAL L 1504 56.61 -35.87 88.10
CA VAL L 1504 56.30 -37.01 87.23
C VAL L 1504 57.25 -38.13 87.62
N ASP L 1505 56.73 -39.35 87.68
CA ASP L 1505 57.60 -40.52 87.77
C ASP L 1505 56.86 -41.72 87.21
N TYR L 1506 57.56 -42.51 86.41
CA TYR L 1506 56.96 -43.63 85.74
C TYR L 1506 58.03 -44.68 85.56
N GLU L 1507 57.74 -45.92 85.89
CA GLU L 1507 58.69 -47.02 85.75
C GLU L 1507 57.95 -48.23 85.20
N ALA L 1508 58.57 -48.89 84.22
CA ALA L 1508 57.97 -50.06 83.60
C ALA L 1508 59.07 -51.02 83.17
N GLY L 1509 58.70 -52.28 83.02
CA GLY L 1509 59.61 -53.28 82.51
C GLY L 1509 59.60 -53.29 80.99
N ALA L 1510 59.42 -54.48 80.40
CA ALA L 1510 59.34 -54.56 78.95
C ALA L 1510 58.23 -53.66 78.44
N SER L 1511 58.54 -52.85 77.42
CA SER L 1511 57.58 -51.88 76.91
C SER L 1511 57.90 -51.60 75.45
N HIS L 1512 56.91 -51.04 74.76
CA HIS L 1512 57.05 -50.63 73.37
C HIS L 1512 57.11 -49.12 73.20
N GLY L 1513 56.99 -48.36 74.27
CA GLY L 1513 57.01 -46.91 74.15
C GLY L 1513 56.89 -46.27 75.51
N ASN L 1514 56.88 -44.94 75.49
CA ASN L 1514 56.73 -44.15 76.71
C ASN L 1514 55.32 -43.59 76.76
N PRO L 1515 54.46 -44.02 77.70
CA PRO L 1515 53.10 -43.49 77.74
C PRO L 1515 53.02 -42.05 78.21
N VAL L 1516 53.93 -41.62 79.08
CA VAL L 1516 53.84 -40.27 79.63
C VAL L 1516 53.97 -39.23 78.53
N VAL L 1517 55.01 -39.37 77.70
CA VAL L 1517 55.25 -38.38 76.66
C VAL L 1517 54.17 -38.48 75.58
N ASP L 1518 53.68 -39.69 75.30
CA ASP L 1518 52.59 -39.85 74.35
C ASP L 1518 51.36 -39.06 74.82
N PHE L 1519 51.00 -39.23 76.09
CA PHE L 1519 49.87 -38.48 76.63
C PHE L 1519 50.12 -36.99 76.58
N LEU L 1520 51.32 -36.55 76.97
CA LEU L 1520 51.61 -35.11 77.00
C LEU L 1520 51.55 -34.51 75.61
N LYS L 1521 52.09 -35.22 74.61
CA LYS L 1521 51.99 -34.75 73.23
C LYS L 1521 50.55 -34.66 72.78
N ARG L 1522 49.74 -35.67 73.11
CA ARG L 1522 48.37 -35.68 72.63
C ARG L 1522 47.51 -34.62 73.31
N ASN L 1523 47.82 -34.28 74.57
CA ASN L 1523 46.97 -33.41 75.37
C ASN L 1523 47.57 -32.06 75.68
N GLY L 1524 48.88 -31.89 75.53
CA GLY L 1524 49.54 -30.63 75.84
C GLY L 1524 50.08 -29.94 74.59
N SER L 1525 50.82 -28.87 74.83
CA SER L 1525 51.49 -28.12 73.78
C SER L 1525 52.99 -28.11 74.06
N THR L 1526 53.79 -28.11 72.99
CA THR L 1526 55.23 -28.13 73.13
C THR L 1526 55.76 -26.70 73.20
N LEU L 1527 56.61 -26.43 74.19
CA LEU L 1527 57.24 -25.12 74.35
C LEU L 1527 58.62 -25.17 73.73
N GLU L 1528 58.84 -24.39 72.68
CA GLU L 1528 60.10 -24.35 71.97
C GLU L 1528 60.81 -23.02 72.26
N GLN L 1529 62.06 -23.11 72.72
CA GLN L 1529 62.81 -21.90 73.04
C GLN L 1529 63.29 -21.18 71.78
N LYS L 1530 63.45 -21.91 70.68
CA LYS L 1530 63.87 -21.29 69.43
C LYS L 1530 62.67 -20.73 68.68
N VAL L 1531 62.77 -19.48 68.26
CA VAL L 1531 61.72 -18.81 67.51
C VAL L 1531 62.34 -18.24 66.25
N ASN L 1532 61.80 -18.57 65.08
CA ASN L 1532 62.38 -18.16 63.80
C ASN L 1532 61.94 -16.81 63.32
N LEU L 1533 62.88 -16.05 62.79
CA LEU L 1533 62.57 -14.74 62.27
C LEU L 1533 61.63 -14.89 61.10
N GLU L 1534 60.95 -13.83 60.74
CA GLU L 1534 60.04 -13.87 59.62
C GLU L 1534 60.68 -14.54 58.42
N ASN L 1535 61.93 -14.22 58.15
CA ASN L 1535 62.66 -14.78 57.02
C ASN L 1535 64.12 -14.74 57.35
N PRO L 1536 64.90 -15.72 56.84
CA PRO L 1536 66.30 -15.65 57.28
C PRO L 1536 67.04 -14.43 56.77
N ILE L 1537 68.01 -13.96 57.53
CA ILE L 1537 68.82 -12.79 57.16
C ILE L 1537 70.22 -13.27 56.77
N PRO L 1538 70.57 -13.17 55.48
CA PRO L 1538 71.91 -13.57 55.03
C PRO L 1538 73.03 -12.74 55.65
N ILE L 1539 74.09 -13.38 56.15
CA ILE L 1539 75.20 -12.65 56.75
C ILE L 1539 76.38 -12.54 55.77
N ALA L 1540 76.81 -13.67 55.24
CA ALA L 1540 77.94 -13.66 54.31
C ALA L 1540 78.16 -15.07 53.77
N VAL L 1541 78.88 -15.15 52.66
CA VAL L 1541 79.40 -16.40 52.12
C VAL L 1541 80.91 -16.27 52.10
N LEU L 1542 81.60 -17.15 52.81
CA LEU L 1542 83.03 -17.04 53.03
C LEU L 1542 83.75 -18.25 52.44
N ASP L 1543 85.02 -18.08 52.13
CA ASP L 1543 85.87 -19.12 51.55
C ASP L 1543 86.94 -19.50 52.55
N SER L 1544 87.24 -20.80 52.61
CA SER L 1544 88.22 -21.34 53.54
C SER L 1544 88.96 -22.49 52.86
N TYR L 1545 90.12 -22.83 53.40
CA TYR L 1545 90.97 -23.86 52.83
C TYR L 1545 91.51 -24.77 53.92
N THR L 1546 91.51 -26.07 53.65
CA THR L 1546 92.15 -27.04 54.53
C THR L 1546 93.67 -26.98 54.33
N PRO L 1547 94.45 -27.14 55.39
CA PRO L 1547 95.92 -27.12 55.22
C PRO L 1547 96.42 -28.35 54.48
N SER L 1548 97.59 -28.20 53.88
CA SER L 1548 98.18 -29.30 53.12
C SER L 1548 98.59 -30.46 54.02
N THR L 1549 98.79 -30.22 55.30
CA THR L 1549 99.17 -31.26 56.25
C THR L 1549 98.30 -31.16 57.48
N ASN L 1550 97.93 -32.32 58.04
CA ASN L 1550 97.16 -32.38 59.27
C ASN L 1550 98.05 -32.49 60.51
N GLU L 1551 99.36 -32.55 60.33
CA GLU L 1551 100.25 -32.76 61.46
C GLU L 1551 100.21 -31.63 62.48
N PRO L 1552 100.20 -30.35 62.10
CA PRO L 1552 100.17 -29.30 63.13
C PRO L 1552 98.93 -29.32 64.00
N TYR L 1553 97.74 -29.47 63.40
CA TYR L 1553 96.53 -29.56 64.22
C TYR L 1553 96.56 -30.79 65.10
N ALA L 1554 97.03 -31.91 64.59
CA ALA L 1554 97.14 -33.11 65.38
C ALA L 1554 98.01 -32.89 66.56
N ARG L 1555 99.10 -32.18 66.36
CA ARG L 1555 100.05 -32.00 67.44
C ARG L 1555 99.59 -30.97 68.45
N VAL L 1556 98.74 -30.02 68.06
CA VAL L 1556 98.25 -29.04 69.02
C VAL L 1556 97.04 -29.58 69.78
N SER L 1557 96.18 -30.34 69.11
CA SER L 1557 94.97 -30.86 69.74
C SER L 1557 95.20 -32.16 70.49
N GLY L 1558 96.27 -32.88 70.20
CA GLY L 1558 96.51 -34.15 70.85
C GLY L 1558 95.87 -35.31 70.14
N ASP L 1559 95.09 -35.03 69.11
CA ASP L 1559 94.42 -36.06 68.37
C ASP L 1559 95.39 -36.70 67.39
N LEU L 1560 96.12 -37.70 67.86
CA LEU L 1560 97.13 -38.35 67.05
C LEU L 1560 96.59 -39.57 66.31
N ASN L 1561 95.43 -39.44 65.67
CA ASN L 1561 94.85 -40.54 64.90
C ASN L 1561 95.60 -40.73 63.59
N PRO L 1562 96.05 -41.96 63.32
CA PRO L 1562 96.92 -42.17 62.13
C PRO L 1562 96.23 -41.91 60.81
N ILE L 1563 94.90 -42.00 60.74
CA ILE L 1563 94.23 -41.80 59.46
C ILE L 1563 94.42 -40.39 58.95
N HIS L 1564 94.73 -39.44 59.81
CA HIS L 1564 94.95 -38.06 59.38
C HIS L 1564 96.38 -37.75 58.99
N VAL L 1565 97.33 -38.63 59.28
CA VAL L 1565 98.72 -38.34 59.00
C VAL L 1565 99.46 -39.46 58.29
N SER L 1566 98.92 -40.66 58.30
CA SER L 1566 99.60 -41.82 57.76
C SER L 1566 98.86 -42.34 56.53
N ARG L 1567 99.59 -42.46 55.41
CA ARG L 1567 98.98 -42.95 54.18
C ARG L 1567 98.52 -44.40 54.33
N HIS L 1568 99.35 -45.25 54.94
CA HIS L 1568 99.01 -46.67 55.00
C HIS L 1568 97.82 -46.92 55.92
N PHE L 1569 97.74 -46.22 57.05
CA PHE L 1569 96.59 -46.38 57.93
C PHE L 1569 95.30 -45.90 57.25
N ALA L 1570 95.35 -44.76 56.56
CA ALA L 1570 94.17 -44.27 55.86
C ALA L 1570 93.76 -45.23 54.76
N SER L 1571 94.71 -45.86 54.07
CA SER L 1571 94.40 -46.79 53.01
C SER L 1571 93.79 -48.05 53.59
N TYR L 1572 94.30 -48.50 54.72
CA TYR L 1572 93.72 -49.66 55.38
C TYR L 1572 92.29 -49.38 55.85
N ALA L 1573 91.95 -48.12 56.08
CA ALA L 1573 90.62 -47.73 56.55
C ALA L 1573 89.65 -47.44 55.41
N ASN L 1574 90.04 -47.66 54.17
CA ASN L 1574 89.16 -47.45 53.02
C ASN L 1574 88.73 -46.02 52.92
N LEU L 1575 89.63 -45.11 53.23
CA LEU L 1575 89.33 -43.69 53.18
C LEU L 1575 89.81 -43.08 51.87
N PRO L 1576 89.21 -41.95 51.50
CA PRO L 1576 89.55 -41.28 50.25
C PRO L 1576 90.96 -40.73 50.24
N GLY L 1577 91.60 -40.69 51.39
CA GLY L 1577 92.94 -40.17 51.50
C GLY L 1577 93.26 -39.88 52.95
N THR L 1578 94.27 -39.04 53.16
CA THR L 1578 94.66 -38.61 54.49
C THR L 1578 93.74 -37.45 54.87
N ILE L 1579 92.55 -37.81 55.34
CA ILE L 1579 91.53 -36.82 55.65
C ILE L 1579 91.87 -35.81 56.70
N THR L 1580 91.32 -34.62 56.56
CA THR L 1580 91.55 -33.56 57.53
C THR L 1580 90.71 -33.79 58.77
N HIS L 1581 91.24 -33.50 59.95
CA HIS L 1581 90.41 -33.59 61.12
C HIS L 1581 89.13 -32.81 60.98
N GLY L 1582 88.00 -33.41 61.31
CA GLY L 1582 86.74 -32.69 61.33
C GLY L 1582 86.73 -31.57 62.35
N MET L 1583 87.46 -31.75 63.45
CA MET L 1583 87.52 -30.71 64.47
C MET L 1583 88.25 -29.47 63.97
N PHE L 1584 89.26 -29.65 63.12
CA PHE L 1584 89.88 -28.48 62.50
C PHE L 1584 88.86 -27.70 61.69
N SER L 1585 88.04 -28.40 60.90
CA SER L 1585 87.02 -27.72 60.10
C SER L 1585 86.02 -27.00 61.00
N SER L 1586 85.61 -27.64 62.09
CA SER L 1586 84.70 -26.98 63.02
C SER L 1586 85.31 -25.72 63.59
N ALA L 1587 86.58 -25.79 64.01
CA ALA L 1587 87.24 -24.63 64.58
C ALA L 1587 87.38 -23.51 63.56
N SER L 1588 87.71 -23.86 62.32
CA SER L 1588 87.89 -22.88 61.29
C SER L 1588 86.59 -22.17 60.96
N VAL L 1589 85.50 -22.92 60.82
CA VAL L 1589 84.19 -22.31 60.53
C VAL L 1589 83.72 -21.49 61.73
N ARG L 1590 84.02 -21.94 62.94
CA ARG L 1590 83.63 -21.15 64.11
C ARG L 1590 84.41 -19.85 64.16
N ALA L 1591 85.65 -19.84 63.69
CA ALA L 1591 86.42 -18.61 63.63
C ALA L 1591 85.81 -17.69 62.60
N LEU L 1592 85.35 -18.23 61.50
CA LEU L 1592 84.64 -17.41 60.51
C LEU L 1592 83.39 -16.79 61.13
N ILE L 1593 82.59 -17.60 61.82
CA ILE L 1593 81.35 -17.11 62.42
C ILE L 1593 81.65 -16.03 63.46
N GLU L 1594 82.65 -16.25 64.29
CA GLU L 1594 83.00 -15.29 65.31
C GLU L 1594 83.37 -13.94 64.74
N ASN L 1595 84.03 -13.94 63.60
CA ASN L 1595 84.46 -12.72 63.00
C ASN L 1595 83.32 -12.03 62.35
N TRP L 1596 82.47 -12.80 61.70
CA TRP L 1596 81.40 -12.14 60.95
C TRP L 1596 80.09 -12.04 61.72
N ALA L 1597 79.65 -13.12 62.36
CA ALA L 1597 78.36 -13.07 63.05
C ALA L 1597 78.46 -12.32 64.37
N ALA L 1598 79.60 -12.38 65.05
CA ALA L 1598 79.81 -11.69 66.31
C ALA L 1598 80.65 -10.43 66.17
N ASP L 1599 81.01 -10.05 64.95
CA ASP L 1599 81.83 -8.87 64.71
C ASP L 1599 83.16 -8.96 65.47
N SER L 1600 83.71 -10.17 65.53
CA SER L 1600 85.04 -10.42 66.10
C SER L 1600 85.09 -10.10 67.60
N VAL L 1601 83.96 -10.32 68.28
CA VAL L 1601 83.90 -10.23 69.74
C VAL L 1601 83.75 -11.66 70.26
N SER L 1602 84.81 -12.22 70.79
CA SER L 1602 84.79 -13.61 71.20
C SER L 1602 83.63 -13.89 72.13
N SER L 1603 83.67 -13.32 73.31
CA SER L 1603 82.63 -13.51 74.31
C SER L 1603 81.17 -13.61 73.82
N ARG L 1604 80.81 -12.95 72.73
CA ARG L 1604 79.43 -13.00 72.28
C ARG L 1604 79.00 -14.36 71.78
N VAL L 1605 79.93 -15.27 71.54
CA VAL L 1605 79.58 -16.62 71.09
C VAL L 1605 79.37 -17.49 72.32
N ARG L 1606 78.13 -17.89 72.56
CA ARG L 1606 77.77 -18.68 73.73
C ARG L 1606 77.48 -20.13 73.42
N GLY L 1607 77.06 -20.45 72.20
CA GLY L 1607 76.85 -21.83 71.80
C GLY L 1607 77.27 -22.08 70.37
N TYR L 1608 77.78 -23.27 70.10
CA TYR L 1608 78.21 -23.63 68.75
C TYR L 1608 78.16 -25.14 68.61
N THR L 1609 77.44 -25.62 67.60
CA THR L 1609 77.36 -27.04 67.30
C THR L 1609 77.62 -27.25 65.82
N CYS L 1610 78.23 -28.39 65.49
CA CYS L 1610 78.57 -28.72 64.12
C CYS L 1610 78.22 -30.17 63.82
N GLN L 1611 77.73 -30.45 62.63
CA GLN L 1611 77.46 -31.81 62.22
C GLN L 1611 78.45 -32.11 61.15
N PHE L 1612 79.21 -33.18 61.31
CA PHE L 1612 80.19 -33.58 60.29
C PHE L 1612 79.52 -34.44 59.25
N VAL L 1613 79.17 -33.89 58.11
CA VAL L 1613 78.41 -34.61 57.10
C VAL L 1613 79.22 -35.47 56.16
N ASP L 1614 80.23 -34.91 55.53
CA ASP L 1614 81.10 -35.64 54.62
C ASP L 1614 82.55 -35.36 54.96
N MET L 1615 83.44 -36.24 54.55
CA MET L 1615 84.86 -36.05 54.82
C MET L 1615 85.46 -34.98 53.97
N VAL L 1616 86.57 -34.46 54.40
CA VAL L 1616 87.24 -33.41 53.65
C VAL L 1616 88.69 -33.79 53.51
N LEU L 1617 89.29 -33.44 52.39
CA LEU L 1617 90.67 -33.78 52.09
C LEU L 1617 91.56 -32.54 52.21
N PRO L 1618 92.87 -32.72 52.42
CA PRO L 1618 93.75 -31.54 52.51
C PRO L 1618 93.80 -30.77 51.20
N ASN L 1619 94.06 -29.47 51.32
CA ASN L 1619 94.23 -28.59 50.16
C ASN L 1619 92.93 -28.47 49.36
N THR L 1620 91.82 -28.34 50.07
CA THR L 1620 90.51 -28.20 49.44
C THR L 1620 89.90 -26.86 49.82
N ALA L 1621 89.23 -26.24 48.85
CA ALA L 1621 88.56 -24.96 49.06
C ALA L 1621 87.15 -25.21 49.57
N LEU L 1622 86.79 -24.56 50.66
CA LEU L 1622 85.46 -24.70 51.26
C LEU L 1622 84.67 -23.41 51.09
N LYS L 1623 83.35 -23.53 51.18
CA LYS L 1623 82.43 -22.43 50.91
C LYS L 1623 81.37 -22.42 52.00
N THR L 1624 81.48 -21.47 52.93
CA THR L 1624 80.62 -21.41 54.10
C THR L 1624 79.61 -20.27 53.95
N SER L 1625 78.33 -20.60 54.06
CA SER L 1625 77.28 -19.59 54.02
C SER L 1625 76.70 -19.40 55.43
N ILE L 1626 76.75 -18.19 55.98
CA ILE L 1626 76.24 -17.91 57.32
C ILE L 1626 74.96 -17.08 57.27
N GLN L 1627 74.00 -17.37 58.14
CA GLN L 1627 72.72 -16.65 58.14
C GLN L 1627 72.05 -16.59 59.49
N HIS L 1628 71.34 -15.50 59.76
CA HIS L 1628 70.60 -15.33 61.00
C HIS L 1628 69.21 -15.81 60.76
N VAL L 1629 68.80 -16.84 61.45
CA VAL L 1629 67.48 -17.41 61.24
C VAL L 1629 66.47 -17.19 62.32
N GLY L 1630 66.90 -17.12 63.56
CA GLY L 1630 65.97 -16.97 64.67
C GLY L 1630 66.60 -16.42 65.92
N MET L 1631 65.90 -16.54 67.04
CA MET L 1631 66.40 -16.10 68.34
C MET L 1631 66.11 -17.17 69.38
N ILE L 1632 66.92 -17.16 70.44
CA ILE L 1632 66.68 -18.02 71.59
C ILE L 1632 67.14 -17.31 72.86
N ASN L 1633 66.20 -16.95 73.74
CA ASN L 1633 66.52 -16.29 75.00
C ASN L 1633 67.39 -15.06 74.85
N GLY L 1634 67.11 -14.22 73.87
CA GLY L 1634 67.87 -13.00 73.68
C GLY L 1634 69.13 -13.16 72.86
N ARG L 1635 69.35 -14.35 72.32
CA ARG L 1635 70.51 -14.61 71.48
C ARG L 1635 70.10 -14.94 70.08
N LYS L 1636 70.95 -14.58 69.13
CA LYS L 1636 70.66 -14.85 67.74
C LYS L 1636 71.01 -16.26 67.31
N LEU L 1637 70.17 -16.88 66.49
CA LEU L 1637 70.42 -18.21 65.94
C LEU L 1637 71.09 -18.06 64.59
N ILE L 1638 72.30 -18.59 64.47
CA ILE L 1638 73.05 -18.56 63.22
C ILE L 1638 73.14 -19.98 62.68
N LYS L 1639 72.60 -20.19 61.49
CA LYS L 1639 72.84 -21.41 60.73
C LYS L 1639 74.00 -21.19 59.77
N PHE L 1640 74.75 -22.25 59.52
CA PHE L 1640 75.77 -22.21 58.48
C PHE L 1640 75.81 -23.54 57.76
N GLU L 1641 76.44 -23.51 56.58
CA GLU L 1641 76.55 -24.70 55.75
C GLU L 1641 77.83 -24.56 54.95
N THR L 1642 78.62 -25.63 54.88
CA THR L 1642 79.89 -25.61 54.17
C THR L 1642 79.86 -26.63 53.04
N ARG L 1643 80.19 -26.17 51.84
CA ARG L 1643 80.23 -27.02 50.66
C ARG L 1643 81.64 -27.07 50.09
N ASN L 1644 82.02 -28.24 49.62
CA ASN L 1644 83.33 -28.40 49.00
C ASN L 1644 83.24 -27.96 47.56
N GLU L 1645 84.28 -28.18 46.79
CA GLU L 1645 84.33 -27.68 45.42
C GLU L 1645 83.32 -28.35 44.50
N ASP L 1646 82.97 -29.61 44.76
CA ASP L 1646 81.94 -30.27 43.98
C ASP L 1646 80.54 -29.83 44.41
N ASP L 1647 80.44 -28.85 45.30
CA ASP L 1647 79.14 -28.36 45.76
C ASP L 1647 78.45 -29.37 46.69
N VAL L 1648 79.24 -30.15 47.42
CA VAL L 1648 78.73 -31.19 48.30
C VAL L 1648 78.84 -30.68 49.73
N VAL L 1649 77.74 -30.74 50.47
CA VAL L 1649 77.73 -30.26 51.85
C VAL L 1649 78.59 -31.18 52.71
N VAL L 1650 79.51 -30.59 53.47
CA VAL L 1650 80.42 -31.35 54.32
C VAL L 1650 80.32 -30.95 55.78
N LEU L 1651 79.69 -29.83 56.11
CA LEU L 1651 79.65 -29.37 57.49
C LEU L 1651 78.47 -28.42 57.65
N THR L 1652 77.65 -28.66 58.67
CA THR L 1652 76.52 -27.81 59.01
C THR L 1652 76.47 -27.67 60.52
N GLY L 1653 75.81 -26.62 60.99
CA GLY L 1653 75.74 -26.40 62.42
C GLY L 1653 75.03 -25.12 62.77
N GLU L 1654 75.03 -24.83 64.07
CA GLU L 1654 74.34 -23.68 64.63
C GLU L 1654 75.27 -22.94 65.59
N ALA L 1655 75.05 -21.63 65.71
CA ALA L 1655 75.75 -20.81 66.69
C ALA L 1655 74.74 -19.93 67.41
N GLU L 1656 75.04 -19.62 68.66
CA GLU L 1656 74.20 -18.79 69.52
C GLU L 1656 75.00 -17.54 69.88
N ILE L 1657 74.69 -16.42 69.26
CA ILE L 1657 75.46 -15.19 69.50
C ILE L 1657 74.68 -14.15 70.24
N GLU L 1658 75.27 -13.62 71.29
CA GLU L 1658 74.64 -12.58 72.05
C GLU L 1658 74.46 -11.33 71.25
N GLN L 1659 73.41 -10.57 71.56
CA GLN L 1659 73.18 -9.32 70.88
C GLN L 1659 74.07 -8.32 71.54
N PRO L 1660 74.23 -7.14 70.94
CA PRO L 1660 75.00 -6.07 71.58
C PRO L 1660 74.46 -5.68 72.97
N VAL L 1661 75.27 -5.13 73.85
CA VAL L 1661 74.82 -4.68 75.17
C VAL L 1661 73.63 -3.74 74.99
N THR L 1662 72.52 -4.09 75.61
CA THR L 1662 71.23 -3.45 75.36
C THR L 1662 70.71 -2.79 76.63
N THR L 1663 69.96 -1.70 76.43
CA THR L 1663 69.26 -1.03 77.51
C THR L 1663 67.82 -0.79 77.08
N PHE L 1664 66.91 -0.87 78.04
CA PHE L 1664 65.50 -0.59 77.82
C PHE L 1664 65.08 0.61 78.67
N VAL L 1665 64.50 1.60 78.03
CA VAL L 1665 63.99 2.80 78.70
C VAL L 1665 62.51 2.92 78.37
N PHE L 1666 61.70 3.15 79.41
CA PHE L 1666 60.25 3.15 79.28
C PHE L 1666 59.73 4.57 79.41
N THR L 1667 59.00 5.05 78.40
CA THR L 1667 58.51 6.41 78.40
C THR L 1667 57.54 6.66 79.54
N GLY L 1668 57.49 7.89 80.03
CA GLY L 1668 56.59 8.24 81.10
C GLY L 1668 55.31 8.81 80.55
N GLN L 1669 54.69 9.73 81.27
CA GLN L 1669 53.40 10.27 80.86
C GLN L 1669 53.54 11.43 79.91
N GLY L 1670 52.60 11.56 78.99
CA GLY L 1670 52.61 12.69 78.08
C GLY L 1670 52.62 12.33 76.63
N SER L 1671 52.41 11.07 76.29
CA SER L 1671 52.57 10.62 74.92
C SER L 1671 51.39 9.77 74.47
N GLN L 1672 50.37 9.65 75.30
CA GLN L 1672 49.22 8.80 75.00
C GLN L 1672 48.43 9.38 73.82
N GLU L 1673 47.72 8.50 73.13
CA GLU L 1673 46.86 8.89 72.02
C GLU L 1673 45.82 7.81 71.81
N GLN L 1674 44.68 8.22 71.26
CA GLN L 1674 43.61 7.27 70.98
C GLN L 1674 44.09 6.20 70.01
N GLY L 1675 43.91 4.93 70.39
CA GLY L 1675 44.43 3.82 69.62
C GLY L 1675 45.79 3.34 70.04
N MET L 1676 46.32 3.84 71.16
CA MET L 1676 47.62 3.43 71.67
C MET L 1676 47.72 1.92 71.75
N GLY L 1677 48.64 1.32 71.03
CA GLY L 1677 48.86 -0.10 71.12
C GLY L 1677 47.81 -1.01 70.59
N MET L 1678 46.93 -0.52 69.74
CA MET L 1678 45.81 -1.36 69.33
C MET L 1678 46.19 -2.28 68.17
N ASP L 1679 47.11 -1.87 67.31
CA ASP L 1679 47.54 -2.76 66.23
C ASP L 1679 48.23 -4.00 66.81
N LEU L 1680 49.11 -3.81 67.77
CA LEU L 1680 49.75 -4.95 68.42
C LEU L 1680 48.71 -5.78 69.11
N TYR L 1681 47.70 -5.15 69.67
CA TYR L 1681 46.62 -5.90 70.30
C TYR L 1681 45.87 -6.74 69.27
N LYS L 1682 45.79 -6.25 68.03
CA LYS L 1682 45.15 -7.04 66.98
C LYS L 1682 46.00 -8.22 66.58
N THR L 1683 47.33 -8.05 66.55
CA THR L 1683 48.23 -9.08 66.03
C THR L 1683 48.80 -9.99 67.10
N SER L 1684 49.42 -9.44 68.14
CA SER L 1684 50.18 -10.24 69.09
C SER L 1684 49.26 -10.96 70.07
N LYS L 1685 49.61 -12.20 70.41
CA LYS L 1685 48.88 -12.93 71.44
C LYS L 1685 49.30 -12.52 72.85
N ALA L 1686 50.58 -12.20 73.05
CA ALA L 1686 51.02 -11.75 74.37
C ALA L 1686 50.38 -10.42 74.72
N ALA L 1687 50.33 -9.52 73.76
CA ALA L 1687 49.70 -8.24 73.95
C ALA L 1687 48.23 -8.43 74.25
N GLN L 1688 47.59 -9.31 73.51
CA GLN L 1688 46.17 -9.61 73.75
C GLN L 1688 45.96 -10.12 75.16
N ASP L 1689 46.83 -10.99 75.62
CA ASP L 1689 46.69 -11.54 76.95
C ASP L 1689 46.86 -10.49 78.00
N VAL L 1690 47.77 -9.56 77.79
CA VAL L 1690 48.03 -8.50 78.75
C VAL L 1690 46.85 -7.54 78.82
N TRP L 1691 46.36 -7.06 77.70
CA TRP L 1691 45.24 -6.17 77.72
C TRP L 1691 43.96 -6.84 78.21
N ASN L 1692 43.72 -8.10 77.85
CA ASN L 1692 42.48 -8.76 78.26
C ASN L 1692 42.45 -9.05 79.74
N ARG L 1693 43.58 -9.33 80.34
CA ARG L 1693 43.64 -9.52 81.77
C ARG L 1693 43.42 -8.20 82.49
N ALA L 1694 43.99 -7.12 81.97
CA ALA L 1694 43.77 -5.81 82.58
C ALA L 1694 42.32 -5.36 82.41
N ASP L 1695 41.75 -5.56 81.24
CA ASP L 1695 40.41 -5.10 80.99
C ASP L 1695 39.39 -5.88 81.80
N ASN L 1696 39.61 -7.16 81.99
CA ASN L 1696 38.69 -7.98 82.74
C ASN L 1696 38.73 -7.57 84.18
N HIS L 1697 39.91 -7.26 84.67
CA HIS L 1697 40.04 -6.84 86.04
C HIS L 1697 39.40 -5.48 86.28
N PHE L 1698 39.60 -4.54 85.37
CA PHE L 1698 38.97 -3.24 85.53
C PHE L 1698 37.45 -3.34 85.44
N LYS L 1699 36.95 -4.13 84.52
CA LYS L 1699 35.51 -4.29 84.42
C LYS L 1699 34.93 -4.93 85.67
N ASP L 1700 35.58 -5.93 86.24
CA ASP L 1700 35.04 -6.61 87.42
C ASP L 1700 35.17 -5.78 88.68
N THR L 1701 36.18 -4.93 88.77
CA THR L 1701 36.46 -4.20 90.01
C THR L 1701 35.87 -2.79 90.02
N TYR L 1702 36.05 -2.02 88.96
CA TYR L 1702 35.61 -0.64 88.93
C TYR L 1702 34.52 -0.37 87.89
N GLY L 1703 34.10 -1.37 87.14
CA GLY L 1703 32.96 -1.22 86.25
C GLY L 1703 33.24 -0.48 84.96
N PHE L 1704 34.50 -0.40 84.52
CA PHE L 1704 34.83 0.18 83.23
C PHE L 1704 35.90 -0.67 82.58
N SER L 1705 36.01 -0.57 81.25
CA SER L 1705 37.05 -1.26 80.52
C SER L 1705 38.08 -0.28 80.05
N ILE L 1706 39.34 -0.52 80.35
CA ILE L 1706 40.43 0.36 79.94
C ILE L 1706 40.59 0.33 78.42
N LEU L 1707 40.33 -0.81 77.82
CA LEU L 1707 40.43 -0.90 76.39
C LEU L 1707 39.42 0.03 75.72
N ASP L 1708 38.22 0.14 76.26
CA ASP L 1708 37.23 1.05 75.70
C ASP L 1708 37.71 2.49 75.73
N ILE L 1709 38.33 2.89 76.83
CA ILE L 1709 38.84 4.26 76.93
C ILE L 1709 39.98 4.46 75.94
N VAL L 1710 40.86 3.47 75.80
CA VAL L 1710 41.99 3.62 74.88
C VAL L 1710 41.49 3.72 73.44
N ILE L 1711 40.44 2.98 73.11
CA ILE L 1711 39.97 2.93 71.72
C ILE L 1711 39.07 4.11 71.35
N ASN L 1712 38.17 4.52 72.24
CA ASN L 1712 37.14 5.50 71.90
C ASN L 1712 37.35 6.87 72.55
N ASN L 1713 38.18 6.96 73.59
CA ASN L 1713 38.44 8.22 74.26
C ASN L 1713 37.16 8.98 74.56
N PRO L 1714 36.26 8.41 75.37
CA PRO L 1714 35.03 9.12 75.70
C PRO L 1714 35.29 10.37 76.53
N VAL L 1715 34.40 11.35 76.38
CA VAL L 1715 34.53 12.57 77.17
C VAL L 1715 34.00 12.36 78.59
N ASN L 1716 32.94 11.58 78.75
CA ASN L 1716 32.38 11.27 80.06
C ASN L 1716 32.14 9.78 80.17
N LEU L 1717 32.26 9.26 81.38
CA LEU L 1717 32.01 7.85 81.64
C LEU L 1717 31.28 7.68 82.94
N THR L 1718 30.09 7.10 82.89
CA THR L 1718 29.32 6.84 84.09
C THR L 1718 29.33 5.39 84.50
N ILE L 1719 29.56 5.15 85.77
CA ILE L 1719 29.54 3.81 86.35
C ILE L 1719 28.24 3.67 87.11
N HIS L 1720 27.52 2.58 86.86
CA HIS L 1720 26.21 2.35 87.45
C HIS L 1720 26.33 1.24 88.50
N PHE L 1721 25.70 1.47 89.65
CA PHE L 1721 25.83 0.61 90.81
C PHE L 1721 24.59 -0.25 91.06
N GLY L 1722 23.78 -0.49 90.03
CA GLY L 1722 22.59 -1.31 90.20
C GLY L 1722 22.95 -2.78 90.31
N GLY L 1723 22.20 -3.49 91.15
CA GLY L 1723 22.41 -4.91 91.34
C GLY L 1723 23.55 -5.21 92.30
N GLU L 1724 23.74 -6.48 92.59
CA GLU L 1724 24.81 -6.90 93.48
C GLU L 1724 26.19 -6.52 92.97
N LYS L 1725 26.43 -6.74 91.69
CA LYS L 1725 27.72 -6.42 91.11
C LYS L 1725 27.97 -4.97 91.23
N GLY L 1726 26.95 -4.17 91.00
CA GLY L 1726 27.09 -2.74 91.08
C GLY L 1726 27.39 -2.31 92.46
N LYS L 1727 26.75 -2.92 93.43
CA LYS L 1727 27.01 -2.61 94.82
C LYS L 1727 28.44 -2.95 95.18
N ARG L 1728 28.93 -4.08 94.71
CA ARG L 1728 30.33 -4.44 94.94
C ARG L 1728 31.28 -3.44 94.32
N ILE L 1729 30.99 -2.96 93.12
CA ILE L 1729 31.86 -1.99 92.51
C ILE L 1729 31.81 -0.69 93.32
N ARG L 1730 30.64 -0.30 93.83
CA ARG L 1730 30.51 0.91 94.63
C ARG L 1730 31.34 0.81 95.87
N GLU L 1731 31.43 -0.37 96.41
CA GLU L 1731 32.23 -0.58 97.59
C GLU L 1731 33.68 -0.38 97.24
N ASN L 1732 34.11 -1.00 96.16
CA ASN L 1732 35.50 -0.79 95.73
C ASN L 1732 35.78 0.69 95.51
N TYR L 1733 34.81 1.44 95.00
CA TYR L 1733 35.01 2.87 94.80
C TYR L 1733 35.09 3.61 96.13
N SER L 1734 34.25 3.24 97.10
CA SER L 1734 34.22 3.92 98.39
C SER L 1734 35.44 3.63 99.23
N ALA L 1735 36.08 2.47 99.07
CA ALA L 1735 37.21 2.10 99.91
C ALA L 1735 38.47 2.92 99.63
N MET L 1736 38.49 3.71 98.56
CA MET L 1736 39.71 4.42 98.18
C MET L 1736 39.89 5.67 99.05
N ILE L 1737 41.12 5.90 99.51
CA ILE L 1737 41.43 6.96 100.46
C ILE L 1737 42.71 7.66 100.03
N PHE L 1738 42.94 8.83 100.61
CA PHE L 1738 44.13 9.64 100.35
C PHE L 1738 44.77 10.03 101.70
N GLU L 1739 44.99 9.03 102.55
CA GLU L 1739 45.69 9.27 103.81
C GLU L 1739 46.99 10.02 103.54
N THR L 1740 47.19 11.12 104.25
CA THR L 1740 48.37 11.97 104.02
C THR L 1740 48.50 13.02 105.12
N THR L 1748 42.70 11.12 106.75
CA THR L 1748 42.46 10.10 105.74
C THR L 1748 41.26 10.45 104.87
N GLU L 1749 41.45 11.39 103.95
CA GLU L 1749 40.38 11.76 103.04
C GLU L 1749 39.99 10.59 102.17
N LYS L 1750 38.71 10.48 101.87
CA LYS L 1750 38.23 9.50 100.90
C LYS L 1750 38.22 10.12 99.51
N ILE L 1751 38.79 9.41 98.55
CA ILE L 1751 38.61 9.77 97.16
C ILE L 1751 37.21 9.36 96.72
N PHE L 1752 36.64 10.13 95.81
CA PHE L 1752 35.23 10.00 95.45
C PHE L 1752 34.36 10.24 96.69
N LYS L 1753 34.44 11.46 97.21
CA LYS L 1753 33.72 11.81 98.41
C LYS L 1753 32.23 11.87 98.22
N GLU L 1754 31.78 11.91 96.98
CA GLU L 1754 30.34 11.93 96.73
C GLU L 1754 29.73 10.54 96.77
N ILE L 1755 30.53 9.49 96.55
CA ILE L 1755 30.00 8.14 96.53
C ILE L 1755 29.68 7.69 97.94
N ASN L 1756 28.47 7.18 98.14
CA ASN L 1756 28.02 6.69 99.43
C ASN L 1756 27.02 5.57 99.19
N GLU L 1757 26.49 5.02 100.28
CA GLU L 1757 25.58 3.88 100.21
C GLU L 1757 24.26 4.22 99.53
N HIS L 1758 24.05 5.44 99.06
CA HIS L 1758 22.83 5.83 98.37
C HIS L 1758 23.09 6.25 96.94
N SER L 1759 24.34 6.16 96.53
CA SER L 1759 24.72 6.52 95.19
C SER L 1759 24.35 5.43 94.25
N THR L 1760 23.73 5.79 93.14
CA THR L 1760 23.37 4.79 92.15
C THR L 1760 24.30 4.86 90.97
N SER L 1761 25.05 5.93 90.86
CA SER L 1761 25.98 6.06 89.78
C SER L 1761 27.03 7.12 90.03
N TYR L 1762 28.16 7.05 89.33
CA TYR L 1762 29.20 8.08 89.43
C TYR L 1762 29.68 8.39 88.05
N THR L 1763 30.07 9.63 87.80
CA THR L 1763 30.48 10.02 86.49
C THR L 1763 31.85 10.64 86.39
N PHE L 1764 32.79 9.97 85.74
CA PHE L 1764 34.07 10.57 85.42
C PHE L 1764 33.89 11.58 84.30
N ARG L 1765 34.48 12.77 84.47
CA ARG L 1765 34.26 13.87 83.55
C ARG L 1765 35.59 14.44 83.08
N SER L 1766 35.55 15.01 81.87
CA SER L 1766 36.69 15.70 81.28
C SER L 1766 36.16 16.63 80.21
N GLU L 1767 37.08 17.23 79.46
CA GLU L 1767 36.74 18.14 78.38
C GLU L 1767 37.06 17.58 77.00
N LYS L 1768 38.27 17.08 76.79
CA LYS L 1768 38.67 16.52 75.52
C LYS L 1768 38.60 15.00 75.48
N GLY L 1769 38.85 14.33 76.61
CA GLY L 1769 38.80 12.88 76.65
C GLY L 1769 39.35 12.32 77.94
N LEU L 1770 38.79 11.21 78.40
CA LEU L 1770 39.23 10.63 79.66
C LEU L 1770 40.61 9.98 79.56
N LEU L 1771 41.06 9.63 78.36
CA LEU L 1771 42.39 9.05 78.20
C LEU L 1771 43.46 10.04 78.62
N SER L 1772 43.15 11.34 78.56
CA SER L 1772 44.08 12.39 78.99
C SER L 1772 43.85 12.74 80.45
N ALA L 1773 43.18 11.87 81.20
CA ALA L 1773 42.98 12.05 82.63
C ALA L 1773 43.93 11.10 83.36
N THR L 1774 44.65 11.64 84.32
CA THR L 1774 45.66 10.88 85.04
C THR L 1774 45.31 9.47 85.39
N GLN L 1775 44.18 9.25 86.01
CA GLN L 1775 43.83 7.91 86.50
C GLN L 1775 43.66 6.92 85.35
N PHE L 1776 43.22 7.42 84.19
CA PHE L 1776 43.08 6.55 83.03
C PHE L 1776 44.30 6.63 82.13
N THR L 1777 45.02 7.76 82.19
CA THR L 1777 46.21 7.91 81.35
C THR L 1777 47.31 6.96 81.77
N GLN L 1778 47.60 6.88 83.08
CA GLN L 1778 48.71 6.07 83.53
C GLN L 1778 48.51 4.58 83.23
N PRO L 1779 47.36 3.98 83.58
CA PRO L 1779 47.19 2.55 83.29
C PRO L 1779 47.27 2.22 81.81
N ALA L 1780 46.76 3.10 80.93
CA ALA L 1780 46.83 2.81 79.50
C ALA L 1780 48.27 2.78 79.01
N LEU L 1781 49.08 3.75 79.42
CA LEU L 1781 50.49 3.75 79.04
C LEU L 1781 51.21 2.53 79.60
N THR L 1782 50.95 2.20 80.86
CA THR L 1782 51.60 1.04 81.46
C THR L 1782 51.23 -0.23 80.71
N LEU L 1783 49.95 -0.38 80.37
CA LEU L 1783 49.52 -1.57 79.63
C LEU L 1783 50.13 -1.63 78.25
N MET L 1784 50.17 -0.50 77.54
CA MET L 1784 50.75 -0.51 76.21
C MET L 1784 52.23 -0.89 76.25
N GLU L 1785 52.99 -0.32 77.17
CA GLU L 1785 54.41 -0.64 77.29
C GLU L 1785 54.63 -2.09 77.70
N LYS L 1786 53.85 -2.59 78.67
CA LYS L 1786 53.99 -3.98 79.08
C LYS L 1786 53.62 -4.93 77.94
N ALA L 1787 52.60 -4.60 77.17
CA ALA L 1787 52.18 -5.43 76.07
C ALA L 1787 53.25 -5.48 74.99
N ALA L 1788 53.84 -4.33 74.69
CA ALA L 1788 54.95 -4.30 73.73
C ALA L 1788 56.11 -5.16 74.20
N PHE L 1789 56.47 -5.02 75.49
CA PHE L 1789 57.62 -5.78 75.97
C PHE L 1789 57.33 -7.27 76.03
N GLU L 1790 56.09 -7.65 76.33
CA GLU L 1790 55.73 -9.07 76.33
C GLU L 1790 55.72 -9.64 74.92
N ASP L 1791 55.31 -8.86 73.92
CA ASP L 1791 55.46 -9.29 72.55
C ASP L 1791 56.93 -9.50 72.21
N LEU L 1792 57.80 -8.59 72.64
CA LEU L 1792 59.22 -8.78 72.41
C LEU L 1792 59.72 -10.05 73.09
N LYS L 1793 59.26 -10.33 74.31
CA LYS L 1793 59.67 -11.54 75.02
C LYS L 1793 59.22 -12.80 74.30
N SER L 1794 57.98 -12.82 73.79
CA SER L 1794 57.49 -14.00 73.09
C SER L 1794 58.28 -14.28 71.82
N LYS L 1795 59.04 -13.31 71.34
CA LYS L 1795 59.86 -13.46 70.14
C LYS L 1795 61.31 -13.80 70.45
N GLY L 1796 61.63 -14.13 71.70
CA GLY L 1796 63.00 -14.46 72.06
C GLY L 1796 63.96 -13.32 71.83
N LEU L 1797 63.54 -12.10 72.19
CA LEU L 1797 64.21 -10.89 71.73
C LEU L 1797 64.86 -10.10 72.85
N ILE L 1798 64.71 -10.51 74.10
CA ILE L 1798 65.15 -9.75 75.26
C ILE L 1798 66.46 -10.36 75.77
N PRO L 1799 67.54 -9.58 75.79
CA PRO L 1799 68.81 -10.08 76.31
C PRO L 1799 68.73 -10.30 77.79
N ALA L 1800 69.29 -11.39 78.30
CA ALA L 1800 69.18 -11.71 79.72
C ALA L 1800 69.91 -10.76 80.66
N ASP L 1801 70.92 -10.07 80.16
CA ASP L 1801 71.68 -9.13 80.96
C ASP L 1801 71.28 -7.68 80.75
N ALA L 1802 70.24 -7.42 79.95
CA ALA L 1802 69.85 -6.06 79.62
C ALA L 1802 69.54 -5.25 80.87
N THR L 1803 70.05 -4.02 80.89
CA THR L 1803 69.71 -3.08 81.96
C THR L 1803 68.52 -2.23 81.53
N PHE L 1804 67.73 -1.78 82.50
CA PHE L 1804 66.51 -1.06 82.22
C PHE L 1804 66.30 0.10 83.20
N ALA L 1805 65.56 1.09 82.73
CA ALA L 1805 65.19 2.24 83.54
C ALA L 1805 63.86 2.78 83.02
N GLY L 1806 63.18 3.57 83.84
CA GLY L 1806 61.93 4.15 83.44
C GLY L 1806 61.77 5.59 83.87
N HIS L 1807 61.29 6.43 82.99
CA HIS L 1807 61.12 7.85 83.27
C HIS L 1807 59.72 8.13 83.82
N SER L 1808 59.65 8.38 85.14
CA SER L 1808 58.38 8.64 85.89
C SER L 1808 57.45 7.42 86.02
N LEU L 1809 56.34 7.38 85.29
CA LEU L 1809 55.47 6.23 85.34
C LEU L 1809 56.16 5.05 84.68
N GLY L 1810 57.26 5.31 83.99
CA GLY L 1810 57.98 4.24 83.31
C GLY L 1810 58.59 3.22 84.23
N GLU L 1811 59.04 3.65 85.39
CA GLU L 1811 59.59 2.72 86.36
C GLU L 1811 58.69 1.53 86.65
N TYR L 1812 57.38 1.72 86.62
CA TYR L 1812 56.45 0.65 86.98
C TYR L 1812 56.31 -0.32 85.86
N ALA L 1813 56.16 0.19 84.65
CA ALA L 1813 56.09 -0.69 83.51
C ALA L 1813 57.38 -1.46 83.38
N ALA L 1814 58.51 -0.81 83.61
CA ALA L 1814 59.81 -1.46 83.47
C ALA L 1814 60.02 -2.52 84.52
N LEU L 1815 59.67 -2.22 85.75
CA LEU L 1815 59.81 -3.18 86.83
C LEU L 1815 58.88 -4.36 86.62
N ALA L 1816 57.71 -4.15 86.03
CA ALA L 1816 56.82 -5.25 85.70
C ALA L 1816 57.28 -6.01 84.46
N SER L 1817 57.84 -5.31 83.48
CA SER L 1817 58.21 -5.95 82.22
C SER L 1817 59.45 -6.81 82.36
N LEU L 1818 60.47 -6.32 83.06
CA LEU L 1818 61.77 -6.98 83.11
C LEU L 1818 62.02 -7.75 84.39
N ALA L 1819 61.25 -7.51 85.46
CA ALA L 1819 61.43 -8.22 86.71
C ALA L 1819 60.19 -8.97 87.18
N ASP L 1820 59.03 -8.74 86.56
CA ASP L 1820 57.78 -9.43 86.91
C ASP L 1820 57.56 -9.39 88.42
N VAL L 1821 57.70 -8.20 88.98
CA VAL L 1821 57.56 -8.02 90.42
C VAL L 1821 56.11 -8.08 90.86
N MET L 1822 55.18 -7.81 89.95
CA MET L 1822 53.75 -7.86 90.25
C MET L 1822 52.99 -8.24 88.99
N SER L 1823 51.87 -8.92 89.19
CA SER L 1823 51.07 -9.38 88.06
C SER L 1823 50.38 -8.22 87.37
N ILE L 1824 49.73 -8.48 86.25
CA ILE L 1824 49.05 -7.43 85.50
C ILE L 1824 47.94 -6.82 86.33
N GLU L 1825 47.16 -7.63 87.02
CA GLU L 1825 46.06 -7.09 87.78
C GLU L 1825 46.57 -6.21 88.91
N SER L 1826 47.65 -6.59 89.57
CA SER L 1826 48.25 -5.75 90.60
C SER L 1826 48.81 -4.46 89.99
N LEU L 1827 49.43 -4.57 88.82
CA LEU L 1827 50.08 -3.41 88.21
C LEU L 1827 49.07 -2.31 87.92
N VAL L 1828 47.92 -2.67 87.34
CA VAL L 1828 46.95 -1.66 86.93
C VAL L 1828 46.28 -1.03 88.14
N GLU L 1829 46.09 -1.80 89.22
CA GLU L 1829 45.54 -1.24 90.44
C GLU L 1829 46.46 -0.15 91.01
N VAL L 1830 47.75 -0.45 91.14
CA VAL L 1830 48.68 0.54 91.66
C VAL L 1830 48.71 1.76 90.75
N VAL L 1831 48.71 1.54 89.43
CA VAL L 1831 48.77 2.65 88.49
C VAL L 1831 47.46 3.45 88.55
N PHE L 1832 46.33 2.75 88.73
CA PHE L 1832 45.06 3.45 88.86
C PHE L 1832 45.01 4.27 90.14
N TYR L 1833 45.45 3.68 91.25
CA TYR L 1833 45.45 4.40 92.52
C TYR L 1833 46.46 5.55 92.49
N ARG L 1834 47.63 5.33 91.89
CA ARG L 1834 48.62 6.41 91.80
C ARG L 1834 48.03 7.64 91.12
N GLY L 1835 47.37 7.44 89.98
CA GLY L 1835 46.79 8.58 89.28
C GLY L 1835 45.61 9.18 90.02
N MET L 1836 44.87 8.35 90.77
CA MET L 1836 43.72 8.86 91.50
C MET L 1836 44.15 9.76 92.65
N THR L 1837 45.19 9.36 93.38
CA THR L 1837 45.71 10.21 94.45
C THR L 1837 46.23 11.54 93.90
N MET L 1838 46.94 11.50 92.78
CA MET L 1838 47.41 12.75 92.17
C MET L 1838 46.24 13.70 91.94
N GLN L 1839 45.12 13.17 91.43
CA GLN L 1839 43.99 14.02 91.09
C GLN L 1839 43.48 14.79 92.30
N VAL L 1840 43.51 14.16 93.47
CA VAL L 1840 42.96 14.77 94.69
C VAL L 1840 44.08 15.19 95.61
N ALA L 1841 45.26 15.49 95.04
CA ALA L 1841 46.41 15.91 95.82
C ALA L 1841 46.64 17.42 95.80
N VAL L 1842 45.91 18.16 94.97
CA VAL L 1842 46.02 19.62 94.92
C VAL L 1842 44.64 20.21 95.17
N PRO L 1843 44.55 21.43 95.70
CA PRO L 1843 43.23 22.04 95.89
C PRO L 1843 42.67 22.56 94.58
N ARG L 1844 41.46 22.13 94.25
CA ARG L 1844 40.77 22.54 93.04
C ARG L 1844 39.50 23.31 93.40
N ASP L 1845 39.27 24.41 92.70
CA ASP L 1845 38.02 25.14 92.84
C ASP L 1845 36.89 24.33 92.21
N GLU L 1846 35.68 24.90 92.23
CA GLU L 1846 34.53 24.22 91.66
C GLU L 1846 34.70 23.96 90.17
N LEU L 1847 35.60 24.66 89.49
CA LEU L 1847 35.83 24.50 88.06
C LEU L 1847 36.93 23.51 87.76
N GLY L 1848 37.49 22.85 88.77
CA GLY L 1848 38.59 21.92 88.54
C GLY L 1848 39.81 22.56 87.93
N ARG L 1849 40.10 23.78 88.34
CA ARG L 1849 41.26 24.47 87.87
C ARG L 1849 42.05 24.84 89.08
N SER L 1850 43.17 24.16 89.28
CA SER L 1850 44.00 24.43 90.43
C SER L 1850 44.99 25.52 90.09
N ASN L 1851 45.80 25.89 91.06
CA ASN L 1851 46.78 26.96 90.89
C ASN L 1851 48.20 26.43 90.81
N TYR L 1852 48.37 25.17 90.43
CA TYR L 1852 49.67 24.54 90.27
C TYR L 1852 49.86 24.10 88.82
N GLY L 1853 51.12 24.05 88.40
CA GLY L 1853 51.42 23.70 87.03
C GLY L 1853 52.86 23.23 86.88
N MET L 1854 53.28 23.12 85.63
CA MET L 1854 54.64 22.70 85.30
C MET L 1854 55.10 23.47 84.07
N ILE L 1855 56.42 23.68 83.98
CA ILE L 1855 57.02 24.46 82.92
C ILE L 1855 58.28 23.75 82.43
N ALA L 1856 58.44 23.67 81.11
CA ALA L 1856 59.62 23.07 80.51
C ALA L 1856 60.62 24.17 80.17
N ILE L 1857 61.83 24.07 80.71
CA ILE L 1857 62.84 25.12 80.59
C ILE L 1857 64.02 24.60 79.78
N ASN L 1858 64.62 25.51 79.01
CA ASN L 1858 65.79 25.20 78.19
C ASN L 1858 66.86 26.25 78.48
N PRO L 1859 67.73 26.00 79.46
CA PRO L 1859 68.71 27.04 79.86
C PRO L 1859 69.55 27.54 78.71
N GLY L 1860 69.95 26.66 77.79
CA GLY L 1860 70.75 27.09 76.65
C GLY L 1860 70.04 28.05 75.71
N ARG L 1861 68.73 28.21 75.85
CA ARG L 1861 67.98 29.12 75.00
C ARG L 1861 67.83 30.51 75.60
N VAL L 1862 67.81 30.63 76.94
CA VAL L 1862 67.79 31.92 77.60
C VAL L 1862 69.16 32.59 77.58
N ALA L 1863 70.24 31.82 77.68
CA ALA L 1863 71.58 32.38 77.64
C ALA L 1863 72.60 31.27 77.38
N ALA L 1864 73.45 31.45 76.37
CA ALA L 1864 74.38 30.40 75.99
C ALA L 1864 75.36 30.03 77.09
N SER L 1865 75.55 30.92 78.08
CA SER L 1865 76.44 30.67 79.19
C SER L 1865 75.68 30.44 80.51
N PHE L 1866 74.42 30.04 80.42
CA PHE L 1866 73.57 29.87 81.60
C PHE L 1866 73.52 28.38 81.93
N SER L 1867 74.35 27.96 82.88
CA SER L 1867 74.45 26.55 83.22
C SER L 1867 73.30 26.12 84.11
N GLN L 1868 73.14 24.81 84.27
CA GLN L 1868 72.08 24.29 85.14
C GLN L 1868 72.26 24.72 86.58
N GLU L 1869 73.50 24.99 87.01
CA GLU L 1869 73.69 25.61 88.31
C GLU L 1869 73.24 27.07 88.30
N ALA L 1870 73.24 27.70 87.13
CA ALA L 1870 72.67 29.03 87.02
C ALA L 1870 71.15 28.98 87.05
N LEU L 1871 70.55 28.00 86.38
CA LEU L 1871 69.12 27.80 86.49
C LEU L 1871 68.72 27.40 87.90
N GLN L 1872 69.48 26.48 88.51
CA GLN L 1872 69.20 26.08 89.88
C GLN L 1872 69.28 27.28 90.81
N TYR L 1873 70.18 28.21 90.52
CA TYR L 1873 70.26 29.43 91.32
C TYR L 1873 68.98 30.25 91.22
N VAL L 1874 68.54 30.51 89.99
CA VAL L 1874 67.37 31.38 89.79
C VAL L 1874 66.14 30.76 90.43
N VAL L 1875 65.91 29.47 90.19
CA VAL L 1875 64.72 28.82 90.72
C VAL L 1875 64.73 28.83 92.24
N GLU L 1876 65.89 28.50 92.83
CA GLU L 1876 65.97 28.50 94.29
C GLU L 1876 65.79 29.90 94.86
N ARG L 1877 66.37 30.91 94.20
CA ARG L 1877 66.19 32.29 94.66
C ARG L 1877 64.78 32.79 94.38
N VAL L 1878 64.22 32.45 93.21
CA VAL L 1878 62.85 32.83 92.90
C VAL L 1878 61.85 32.10 93.79
N GLY L 1879 62.24 30.99 94.39
CA GLY L 1879 61.39 30.30 95.35
C GLY L 1879 61.77 30.59 96.78
N LYS L 1880 62.72 31.50 96.97
CA LYS L 1880 63.19 31.90 98.29
C LYS L 1880 62.75 33.31 98.67
N ARG L 1881 63.06 34.31 97.83
CA ARG L 1881 62.67 35.68 98.10
C ARG L 1881 61.18 35.91 97.94
N THR L 1882 60.46 34.94 97.37
CA THR L 1882 59.02 35.06 97.16
C THR L 1882 58.21 34.10 98.02
N GLY L 1883 58.83 33.02 98.51
CA GLY L 1883 58.18 32.13 99.45
C GLY L 1883 57.27 31.09 98.83
N TRP L 1884 57.06 31.13 97.52
CA TRP L 1884 56.18 30.17 96.87
C TRP L 1884 56.93 28.88 96.54
N LEU L 1885 56.16 27.82 96.31
CA LEU L 1885 56.71 26.49 96.05
C LEU L 1885 57.09 26.37 94.58
N VAL L 1886 58.36 26.06 94.32
CA VAL L 1886 58.83 25.85 92.96
C VAL L 1886 60.15 25.11 93.04
N GLU L 1887 60.37 24.20 92.10
CA GLU L 1887 61.60 23.42 92.07
C GLU L 1887 61.70 22.71 90.73
N ILE L 1888 62.91 22.28 90.40
CA ILE L 1888 63.15 21.47 89.21
C ILE L 1888 62.75 20.03 89.51
N VAL L 1889 61.83 19.49 88.71
CA VAL L 1889 61.31 18.15 88.95
C VAL L 1889 61.98 17.11 88.05
N ASN L 1890 62.31 17.48 86.82
CA ASN L 1890 62.97 16.59 85.89
C ASN L 1890 64.26 17.22 85.38
N TYR L 1891 65.34 16.45 85.35
CA TYR L 1891 66.58 16.80 84.67
C TYR L 1891 66.68 15.87 83.46
N ASN L 1892 66.25 16.35 82.29
CA ASN L 1892 66.10 15.48 81.13
C ASN L 1892 67.35 15.46 80.26
N VAL L 1893 67.71 16.61 79.69
CA VAL L 1893 68.91 16.75 78.87
C VAL L 1893 69.77 17.84 79.46
N GLU L 1894 71.07 17.57 79.60
CA GLU L 1894 71.97 18.51 80.24
C GLU L 1894 71.96 19.83 79.47
N ASN L 1895 71.52 20.90 80.13
CA ASN L 1895 71.54 22.26 79.60
C ASN L 1895 70.61 22.43 78.40
N GLN L 1896 69.68 21.50 78.16
CA GLN L 1896 68.77 21.66 77.04
C GLN L 1896 67.31 21.40 77.40
N GLN L 1897 67.05 20.57 78.42
CA GLN L 1897 65.68 20.27 78.81
C GLN L 1897 65.59 20.09 80.31
N TYR L 1898 64.74 20.91 80.94
CA TYR L 1898 64.44 20.81 82.36
C TYR L 1898 62.95 21.05 82.55
N VAL L 1899 62.43 20.57 83.67
CA VAL L 1899 61.03 20.76 84.03
C VAL L 1899 60.96 21.26 85.47
N ALA L 1900 60.22 22.33 85.68
CA ALA L 1900 59.98 22.87 87.02
C ALA L 1900 58.49 22.75 87.35
N ALA L 1901 58.20 22.47 88.61
CA ALA L 1901 56.83 22.32 89.08
C ALA L 1901 56.61 23.24 90.28
N GLY L 1902 55.37 23.69 90.42
CA GLY L 1902 55.00 24.58 91.50
C GLY L 1902 53.69 25.27 91.17
N ASP L 1903 53.33 26.21 92.03
CA ASP L 1903 52.11 26.99 91.79
C ASP L 1903 52.21 27.68 90.44
N LEU L 1904 51.11 27.63 89.68
CA LEU L 1904 51.09 28.22 88.35
C LEU L 1904 51.52 29.68 88.38
N ARG L 1905 51.27 30.36 89.50
CA ARG L 1905 51.69 31.75 89.65
C ARG L 1905 53.21 31.87 89.67
N ALA L 1906 53.88 31.00 90.44
CA ALA L 1906 55.33 31.13 90.59
C ALA L 1906 56.09 30.72 89.34
N LEU L 1907 55.44 30.06 88.38
CA LEU L 1907 56.09 29.77 87.12
C LEU L 1907 56.13 30.99 86.22
N ASP L 1908 55.12 31.85 86.30
CA ASP L 1908 55.11 33.06 85.49
C ASP L 1908 56.27 33.99 85.87
N THR L 1909 56.52 34.14 87.17
CA THR L 1909 57.64 34.98 87.61
C THR L 1909 58.97 34.39 87.13
N VAL L 1910 59.13 33.07 87.23
CA VAL L 1910 60.33 32.42 86.71
C VAL L 1910 60.43 32.64 85.20
N THR L 1911 59.34 32.38 84.48
CA THR L 1911 59.34 32.61 83.04
C THR L 1911 59.69 34.05 82.72
N ASN L 1912 59.16 35.00 83.50
CA ASN L 1912 59.49 36.40 83.28
C ASN L 1912 60.93 36.70 83.67
N VAL L 1913 61.37 36.18 84.82
CA VAL L 1913 62.74 36.43 85.27
C VAL L 1913 63.72 35.97 84.20
N LEU L 1914 63.52 34.77 83.67
CA LEU L 1914 64.37 34.30 82.58
C LEU L 1914 64.21 35.18 81.35
N ASN L 1915 62.97 35.65 81.09
CA ASN L 1915 62.76 36.56 79.97
C ASN L 1915 63.59 37.83 80.14
N PHE L 1916 63.66 38.35 81.36
CA PHE L 1916 64.54 39.49 81.62
C PHE L 1916 65.99 39.10 81.41
N ILE L 1917 66.38 37.90 81.84
CA ILE L 1917 67.74 37.43 81.63
C ILE L 1917 68.04 37.31 80.14
N LYS L 1918 67.10 36.76 79.36
CA LYS L 1918 67.33 36.61 77.92
C LYS L 1918 67.27 37.96 77.23
N LEU L 1919 66.24 38.76 77.52
CA LEU L 1919 66.10 40.04 76.84
C LEU L 1919 67.30 40.93 77.08
N GLN L 1920 67.82 40.94 78.30
CA GLN L 1920 69.07 41.62 78.62
C GLN L 1920 70.23 40.64 78.49
N LYS L 1921 71.43 41.12 78.78
CA LYS L 1921 72.64 40.31 78.69
C LYS L 1921 73.06 39.70 80.03
N ILE L 1922 72.28 39.87 81.09
CA ILE L 1922 72.66 39.34 82.40
C ILE L 1922 72.86 37.84 82.25
N GLU L 1934 77.71 38.36 97.49
CA GLU L 1934 76.38 38.67 98.00
C GLU L 1934 75.65 39.62 97.04
N GLU L 1935 76.42 40.33 96.22
CA GLU L 1935 75.82 41.26 95.27
C GLU L 1935 74.93 40.54 94.27
N VAL L 1936 75.38 39.39 93.77
CA VAL L 1936 74.59 38.65 92.79
C VAL L 1936 73.26 38.21 93.40
N GLU L 1937 73.29 37.71 94.64
CA GLU L 1937 72.05 37.33 95.31
C GLU L 1937 71.14 38.53 95.49
N GLY L 1938 71.71 39.67 95.90
CA GLY L 1938 70.90 40.87 96.06
C GLY L 1938 70.34 41.38 94.76
N HIS L 1939 71.14 41.34 93.69
CA HIS L 1939 70.68 41.80 92.40
C HIS L 1939 69.49 40.97 91.91
N LEU L 1940 69.57 39.65 92.04
CA LEU L 1940 68.46 38.81 91.62
C LEU L 1940 67.21 39.08 92.45
N PHE L 1941 67.38 39.35 93.75
CA PHE L 1941 66.24 39.72 94.57
C PHE L 1941 65.50 40.91 93.99
N GLU L 1942 66.22 41.81 93.32
CA GLU L 1942 65.56 42.92 92.64
C GLU L 1942 64.68 42.40 91.50
N ILE L 1943 65.17 41.42 90.74
CA ILE L 1943 64.41 40.89 89.62
C ILE L 1943 63.20 40.11 90.11
N ILE L 1944 63.39 39.26 91.13
CA ILE L 1944 62.31 38.41 91.60
C ILE L 1944 61.14 39.25 92.09
N ASP L 1945 61.44 40.31 92.84
CA ASP L 1945 60.37 41.17 93.36
C ASP L 1945 59.63 41.86 92.23
N GLU L 1946 60.34 42.31 91.20
CA GLU L 1946 59.70 43.03 90.10
C GLU L 1946 58.64 42.16 89.43
N ALA L 1947 59.01 40.93 89.05
CA ALA L 1947 58.07 40.04 88.39
C ALA L 1947 57.09 39.42 89.37
N SER L 1948 57.47 39.30 90.64
CA SER L 1948 56.62 38.62 91.62
C SER L 1948 55.23 39.23 91.65
N LYS L 1949 55.13 40.55 91.80
CA LYS L 1949 53.83 41.20 91.89
C LYS L 1949 53.16 41.33 90.53
N LYS L 1950 53.93 41.35 89.44
CA LYS L 1950 53.34 41.56 88.12
C LYS L 1950 52.47 40.40 87.67
N SER L 1951 52.53 39.27 88.36
CA SER L 1951 51.67 38.12 88.07
C SER L 1951 50.77 37.74 89.24
N ALA L 1952 51.11 38.14 90.47
CA ALA L 1952 50.26 37.82 91.61
C ALA L 1952 48.90 38.49 91.50
N VAL L 1953 48.82 39.63 90.80
CA VAL L 1953 47.55 40.34 90.70
C VAL L 1953 46.48 39.49 90.04
N LYS L 1954 46.86 38.66 89.08
CA LYS L 1954 45.89 37.91 88.30
C LYS L 1954 45.14 36.93 89.20
N PRO L 1955 43.94 36.52 88.79
CA PRO L 1955 43.16 35.57 89.60
C PRO L 1955 43.98 34.32 89.92
N ARG L 1956 43.53 33.56 90.92
CA ARG L 1956 44.27 32.38 91.35
C ARG L 1956 44.40 31.32 90.28
N PRO L 1957 43.36 31.12 89.50
CA PRO L 1957 43.58 30.13 88.45
C PRO L 1957 44.24 30.85 87.29
N LEU L 1958 45.41 31.45 87.52
CA LEU L 1958 46.06 32.26 86.49
C LEU L 1958 46.56 31.50 85.27
N LYS L 1959 47.14 32.22 84.32
CA LYS L 1959 47.61 31.60 83.09
C LYS L 1959 49.10 31.75 82.91
N LEU L 1960 49.80 30.64 82.70
CA LEU L 1960 51.23 30.68 82.44
C LEU L 1960 51.45 30.81 80.94
N GLU L 1961 52.28 31.75 80.54
CA GLU L 1961 52.54 31.95 79.12
C GLU L 1961 53.83 31.30 78.69
N ARG L 1962 54.88 32.09 78.49
CA ARG L 1962 56.13 31.53 77.99
C ARG L 1962 57.26 32.50 77.99
N GLY L 1963 58.47 32.00 77.82
CA GLY L 1963 59.61 32.87 77.69
C GLY L 1963 60.09 32.55 76.30
N PHE L 1964 61.34 32.86 75.98
CA PHE L 1964 61.88 32.46 74.70
C PHE L 1964 62.30 31.02 74.91
N ALA L 1965 62.34 30.59 76.16
CA ALA L 1965 62.84 29.26 76.47
C ALA L 1965 62.04 28.53 77.53
N CYS L 1966 60.81 28.95 77.79
CA CYS L 1966 60.01 28.34 78.85
C CYS L 1966 58.65 28.07 78.27
N ILE L 1967 58.21 26.82 78.29
CA ILE L 1967 56.94 26.47 77.66
C ILE L 1967 56.14 25.57 78.55
N PRO L 1968 55.00 26.08 79.06
CA PRO L 1968 54.27 25.27 80.04
C PRO L 1968 53.73 24.03 79.43
N LEU L 1969 53.31 23.10 80.27
CA LEU L 1969 52.77 21.85 79.78
C LEU L 1969 51.25 21.95 79.74
N VAL L 1970 50.59 21.08 78.96
CA VAL L 1970 49.14 21.15 78.83
C VAL L 1970 48.53 20.02 79.63
N GLY L 1971 47.53 20.35 80.46
CA GLY L 1971 46.79 19.35 81.19
C GLY L 1971 47.41 18.91 82.50
N ILE L 1972 48.56 19.48 82.89
CA ILE L 1972 49.22 19.13 84.14
C ILE L 1972 48.82 20.15 85.19
N SER L 1973 48.35 19.65 86.34
CA SER L 1973 47.94 20.53 87.44
C SER L 1973 48.57 20.16 88.77
N VAL L 1974 49.11 18.96 88.88
CA VAL L 1974 49.70 18.50 90.13
C VAL L 1974 51.22 18.66 90.04
N PRO L 1975 51.91 19.15 91.08
CA PRO L 1975 53.38 19.21 91.01
C PRO L 1975 54.03 17.92 91.49
N PHE L 1976 53.89 16.87 90.70
CA PHE L 1976 54.50 15.59 91.08
C PHE L 1976 56.01 15.64 90.86
N HIS L 1977 56.73 14.81 91.59
CA HIS L 1977 58.21 14.83 91.56
C HIS L 1977 58.64 16.13 92.22
N SER L 1978 57.94 16.51 93.29
CA SER L 1978 58.26 17.72 94.03
C SER L 1978 58.06 17.45 95.51
N THR L 1979 58.62 18.33 96.34
CA THR L 1979 58.48 18.19 97.79
C THR L 1979 57.05 18.43 98.25
N TYR L 1980 56.18 18.94 97.39
CA TYR L 1980 54.79 19.16 97.77
C TYR L 1980 54.13 17.86 98.21
N LEU L 1981 54.34 16.78 97.46
CA LEU L 1981 53.75 15.48 97.80
C LEU L 1981 54.67 14.65 98.68
N MET L 1982 55.14 15.24 99.78
CA MET L 1982 55.94 14.51 100.74
C MET L 1982 55.13 14.01 101.93
N ASN L 1983 53.97 14.61 102.19
CA ASN L 1983 53.14 14.17 103.31
C ASN L 1983 52.42 12.87 102.97
N GLY L 1984 51.89 12.76 101.76
CA GLY L 1984 51.15 11.58 101.35
C GLY L 1984 52.03 10.56 100.67
N VAL L 1985 53.07 10.10 101.38
CA VAL L 1985 54.05 9.18 100.82
C VAL L 1985 54.02 7.87 101.59
N LYS L 1986 54.28 7.95 102.90
CA LYS L 1986 54.23 6.74 103.73
C LYS L 1986 52.93 5.99 103.57
N PRO L 1987 51.75 6.63 103.58
CA PRO L 1987 50.53 5.88 103.26
C PRO L 1987 50.58 5.21 101.90
N PHE L 1988 51.17 5.88 100.91
CA PHE L 1988 51.31 5.26 99.60
C PHE L 1988 52.29 4.10 99.65
N LYS L 1989 53.30 4.19 100.51
CA LYS L 1989 54.22 3.08 100.69
C LYS L 1989 53.50 1.86 101.25
N SER L 1990 52.58 2.08 102.22
CA SER L 1990 51.80 0.98 102.75
C SER L 1990 50.92 0.36 101.68
N PHE L 1991 50.35 1.18 100.80
CA PHE L 1991 49.50 0.66 99.74
C PHE L 1991 50.29 -0.24 98.79
N LEU L 1992 51.51 0.16 98.44
CA LEU L 1992 52.33 -0.69 97.58
C LEU L 1992 52.65 -2.01 98.26
N LYS L 1993 52.97 -1.98 99.56
CA LYS L 1993 53.31 -3.20 100.26
C LYS L 1993 52.19 -4.23 100.21
N LYS L 1994 50.95 -3.78 100.01
CA LYS L 1994 49.84 -4.72 99.89
C LYS L 1994 49.75 -5.32 98.49
N ASN L 1995 50.34 -4.66 97.50
CA ASN L 1995 50.18 -5.06 96.11
C ASN L 1995 51.43 -5.68 95.50
N ILE L 1996 52.63 -5.24 95.91
CA ILE L 1996 53.87 -5.88 95.49
C ILE L 1996 54.32 -6.82 96.60
N ILE L 1997 54.18 -8.12 96.36
CA ILE L 1997 54.28 -9.12 97.41
C ILE L 1997 55.75 -9.42 97.70
N LYS L 1998 55.99 -9.93 98.92
CA LYS L 1998 57.34 -10.23 99.39
C LYS L 1998 58.04 -11.23 98.48
N GLU L 1999 57.35 -12.31 98.12
CA GLU L 1999 57.99 -13.42 97.41
C GLU L 1999 58.14 -13.16 95.92
N ASN L 2000 57.46 -12.15 95.38
CA ASN L 2000 57.49 -11.91 93.94
C ASN L 2000 58.70 -11.12 93.49
N VAL L 2001 59.57 -10.70 94.40
CA VAL L 2001 60.75 -9.92 94.03
C VAL L 2001 61.92 -10.88 93.84
N LYS L 2002 62.58 -10.82 92.69
CA LYS L 2002 63.76 -11.64 92.45
C LYS L 2002 64.90 -10.68 92.28
N VAL L 2003 65.92 -10.78 93.12
CA VAL L 2003 67.02 -9.83 93.08
C VAL L 2003 67.96 -10.05 91.92
N ALA L 2004 68.08 -11.25 91.42
CA ALA L 2004 68.89 -11.45 90.24
C ALA L 2004 68.31 -10.65 89.09
N ARG L 2005 66.99 -10.48 89.04
CA ARG L 2005 66.35 -9.71 87.98
C ARG L 2005 66.62 -8.21 88.12
N LEU L 2006 66.95 -7.76 89.33
CA LEU L 2006 67.12 -6.33 89.61
C LEU L 2006 68.56 -5.94 89.87
N ALA L 2007 69.33 -6.77 90.58
CA ALA L 2007 70.68 -6.39 91.00
C ALA L 2007 71.52 -6.01 89.79
N GLY L 2008 71.96 -4.75 89.77
CA GLY L 2008 72.88 -4.27 88.76
C GLY L 2008 72.23 -3.82 87.46
N LYS L 2009 70.94 -4.09 87.28
CA LYS L 2009 70.24 -3.79 86.03
C LYS L 2009 69.23 -2.67 86.15
N TYR L 2010 68.62 -2.51 87.32
CA TYR L 2010 67.58 -1.52 87.49
C TYR L 2010 68.16 -0.20 87.94
N ILE L 2011 67.77 0.90 87.31
CA ILE L 2011 68.26 2.23 87.61
C ILE L 2011 67.08 3.08 88.07
N PRO L 2012 66.91 3.25 89.40
CA PRO L 2012 65.81 4.07 89.94
C PRO L 2012 65.92 5.58 89.66
N ASN L 2013 64.81 6.27 89.40
CA ASN L 2013 64.82 7.74 89.17
C ASN L 2013 65.23 8.48 90.41
N LEU L 2014 65.05 7.86 91.55
CA LEU L 2014 65.39 8.50 92.81
C LEU L 2014 66.86 8.49 92.96
N THR L 2015 67.44 7.31 93.15
CA THR L 2015 68.89 7.21 93.19
C THR L 2015 69.33 6.69 91.83
N ALA L 2016 69.83 7.60 91.00
CA ALA L 2016 70.21 7.24 89.64
C ALA L 2016 71.50 6.42 89.64
N LYS L 2017 71.45 5.24 90.26
CA LYS L 2017 72.56 4.32 90.30
C LYS L 2017 72.01 2.90 90.16
N PRO L 2018 72.77 1.98 89.57
CA PRO L 2018 72.25 0.63 89.38
C PRO L 2018 71.83 0.00 90.69
N PHE L 2019 70.71 -0.72 90.65
CA PHE L 2019 70.13 -1.29 91.87
C PHE L 2019 71.08 -2.30 92.49
N GLN L 2020 71.58 -1.98 93.68
CA GLN L 2020 72.45 -2.87 94.43
C GLN L 2020 71.96 -2.95 95.87
N VAL L 2021 71.83 -4.15 96.38
CA VAL L 2021 71.40 -4.36 97.78
C VAL L 2021 72.67 -4.37 98.62
N THR L 2022 73.10 -3.17 99.00
CA THR L 2022 74.33 -3.00 99.75
C THR L 2022 74.18 -1.85 100.72
N LYS L 2023 75.02 -1.84 101.75
CA LYS L 2023 74.94 -0.78 102.77
C LYS L 2023 75.16 0.59 102.16
N GLU L 2024 75.99 0.69 101.12
CA GLU L 2024 76.21 1.99 100.48
C GLU L 2024 74.93 2.46 99.80
N TYR L 2025 74.24 1.57 99.10
CA TYR L 2025 72.97 1.95 98.47
C TYR L 2025 71.95 2.35 99.53
N PHE L 2026 71.83 1.56 100.60
CA PHE L 2026 70.85 1.86 101.64
C PHE L 2026 71.14 3.21 102.28
N GLN L 2027 72.41 3.50 102.54
CA GLN L 2027 72.78 4.83 103.02
C GLN L 2027 72.43 5.90 102.00
N ASP L 2028 72.55 5.58 100.71
CA ASP L 2028 72.33 6.58 99.67
C ASP L 2028 70.89 7.07 99.67
N VAL L 2029 69.91 6.19 99.88
CA VAL L 2029 68.51 6.60 99.79
C VAL L 2029 68.19 7.60 100.90
N TYR L 2030 68.78 7.42 102.07
CA TYR L 2030 68.61 8.41 103.14
C TYR L 2030 68.95 9.82 102.68
N ASP L 2031 70.10 9.96 101.99
CA ASP L 2031 70.60 11.29 101.68
C ASP L 2031 69.57 12.13 100.94
N LEU L 2032 68.92 11.56 99.93
CA LEU L 2032 67.90 12.30 99.20
C LEU L 2032 66.65 12.51 100.05
N THR L 2033 66.01 11.41 100.46
CA THR L 2033 64.81 11.47 101.28
C THR L 2033 64.97 10.55 102.47
N GLY L 2034 64.69 11.07 103.66
CA GLY L 2034 64.78 10.28 104.87
C GLY L 2034 63.71 9.21 104.90
N SER L 2035 64.02 8.10 105.58
CA SER L 2035 63.11 6.97 105.69
C SER L 2035 63.40 6.23 106.99
N GLU L 2036 62.38 6.09 107.83
CA GLU L 2036 62.58 5.42 109.12
C GLU L 2036 63.01 3.98 108.96
N PRO L 2037 62.39 3.16 108.10
CA PRO L 2037 62.87 1.78 107.96
C PRO L 2037 64.34 1.69 107.55
N ILE L 2038 64.81 2.61 106.73
CA ILE L 2038 66.19 2.53 106.23
C ILE L 2038 67.19 2.58 107.37
N LYS L 2039 67.06 3.58 108.25
CA LYS L 2039 68.05 3.73 109.31
C LYS L 2039 68.09 2.47 110.18
N GLU L 2040 66.96 1.78 110.32
CA GLU L 2040 66.96 0.50 111.01
C GLU L 2040 67.84 -0.51 110.28
N ILE L 2041 67.66 -0.62 108.95
CA ILE L 2041 68.46 -1.57 108.18
C ILE L 2041 69.93 -1.20 108.25
N ILE L 2042 70.25 0.08 108.03
CA ILE L 2042 71.64 0.51 108.02
C ILE L 2042 72.27 0.26 109.39
N ASP L 2043 71.57 0.66 110.46
CA ASP L 2043 72.09 0.44 111.80
C ASP L 2043 72.24 -1.04 112.10
N ASN L 2044 71.24 -1.84 111.73
CA ASN L 2044 71.27 -3.28 111.93
C ASN L 2044 71.78 -4.03 110.71
N TRP L 2045 72.54 -3.35 109.84
CA TRP L 2045 73.04 -4.02 108.64
C TRP L 2045 73.89 -5.22 108.97
N GLU L 2046 74.49 -5.24 110.17
CA GLU L 2046 75.31 -6.38 110.55
C GLU L 2046 74.46 -7.58 110.95
N LYS L 2047 73.29 -7.33 111.56
CA LYS L 2047 72.39 -8.43 111.89
C LYS L 2047 71.94 -9.15 110.64
N TYR L 2048 71.57 -8.39 109.61
CA TYR L 2048 71.10 -9.00 108.37
C TYR L 2048 72.22 -9.77 107.68
N GLU L 2049 73.46 -9.27 107.77
CA GLU L 2049 74.58 -9.92 107.10
C GLU L 2049 74.78 -11.34 107.63
N GLN L 2050 74.70 -11.52 108.94
CA GLN L 2050 74.89 -12.83 109.55
C GLN L 2050 73.56 -13.56 109.69
N1 FMN M . -72.73 57.82 55.70
C2 FMN M . -72.50 56.50 55.53
O2 FMN M . -73.10 55.91 54.61
N3 FMN M . -71.67 55.79 56.29
C4 FMN M . -70.99 56.35 57.29
O4 FMN M . -70.23 55.67 57.99
C4A FMN M . -71.18 57.80 57.56
N5 FMN M . -70.53 58.42 58.54
C5A FMN M . -70.71 59.74 58.76
C6 FMN M . -70.03 60.34 59.79
C7 FMN M . -70.20 61.69 60.04
C7M FMN M . -69.46 62.33 61.18
C8 FMN M . -71.13 62.49 59.20
C8M FMN M . -71.33 63.95 59.45
C9 FMN M . -71.82 61.88 58.16
C9A FMN M . -71.65 60.53 57.91
N10 FMN M . -72.33 59.89 56.86
C10 FMN M . -72.11 58.52 56.67
C1' FMN M . -73.27 60.60 55.98
C2' FMN M . -74.61 60.80 56.69
O2' FMN M . -74.97 59.56 57.33
C3' FMN M . -75.75 61.22 55.78
O3' FMN M . -75.69 60.52 54.54
C4' FMN M . -75.76 62.69 55.39
O4' FMN M . -74.52 63.03 54.78
C5' FMN M . -75.98 63.61 56.57
O5' FMN M . -76.04 64.92 56.04
P FMN M . -75.87 66.16 57.03
O1P FMN M . -74.51 65.95 57.61
O2P FMN M . -75.99 67.36 56.16
O3P FMN M . -77.00 65.97 57.99
PA NDP N . -6.94 2.97 79.65
O1A NDP N . -7.67 2.00 78.77
O2A NDP N . -7.51 4.35 79.90
O5B NDP N . -5.46 3.20 79.06
C5B NDP N . -5.01 2.64 77.83
C4B NDP N . -4.48 3.76 76.97
O4B NDP N . -3.54 3.24 76.05
C3B NDP N . -5.55 4.43 76.13
O3B NDP N . -6.14 5.54 76.79
C2B NDP N . -4.80 4.85 74.89
O2B NDP N . -4.45 6.22 75.01
C1B NDP N . -3.56 3.98 74.84
N9A NDP N . -3.61 3.00 73.75
C8A NDP N . -4.68 2.27 73.40
N7A NDP N . -4.39 1.45 72.37
C5A NDP N . -3.11 1.66 72.05
C6A NDP N . -2.17 1.12 71.05
N6A NDP N . -2.56 0.18 70.15
N1A NDP N . -0.93 1.61 71.04
C2A NDP N . -0.50 2.54 71.91
N3A NDP N . -1.31 3.07 72.85
C4A NDP N . -2.59 2.68 72.96
O3 NDP N . -6.69 2.20 81.04
PN NDP N . -5.99 2.82 82.34
O1N NDP N . -5.81 4.30 82.19
O2N NDP N . -6.78 2.31 83.50
O5D NDP N . -4.54 2.12 82.30
C5D NDP N . -3.97 1.50 83.45
C4D NDP N . -3.43 0.11 83.13
O4D NDP N . -3.61 -0.66 84.32
C3D NDP N . -4.17 -0.64 82.04
O3D NDP N . -3.30 -1.50 81.32
C2D NDP N . -5.21 -1.44 82.76
O2D NDP N . -5.55 -2.65 82.08
C1D NDP N . -4.55 -1.72 84.11
N1N NDP N . -5.54 -1.79 85.18
C2N NDP N . -6.39 -0.78 85.40
C3N NDP N . -7.34 -0.83 86.40
C7N NDP N . -8.28 0.33 86.60
O7N NDP N . -8.26 1.25 85.81
N7N NDP N . -9.10 0.36 87.64
C4N NDP N . -7.46 -2.05 87.30
C5N NDP N . -6.47 -3.06 86.97
C6N NDP N . -5.57 -2.90 85.93
P2B NDP N . -3.99 7.13 73.79
O1X NDP N . -4.88 6.72 72.66
O2X NDP N . -4.25 8.53 74.27
O3X NDP N . -2.55 6.78 73.61
PA NDP O . 19.94 77.07 -8.16
O1A NDP O . 20.35 75.98 -9.12
O2A NDP O . 20.78 77.35 -6.95
O5B NDP O . 18.45 76.78 -7.64
C5B NDP O . 17.74 75.60 -7.96
C4B NDP O . 17.28 74.95 -6.67
O4B NDP O . 16.12 74.18 -6.92
C3B NDP O . 18.30 74.00 -6.08
O3B NDP O . 19.18 74.65 -5.17
C2B NDP O . 17.45 72.98 -5.40
O2B NDP O . 17.38 73.28 -4.02
C1B NDP O . 16.08 73.06 -6.04
N9A NDP O . 15.78 71.89 -6.88
C8A NDP O . 16.64 71.29 -7.71
N7A NDP O . 16.04 70.24 -8.34
C5A NDP O . 14.79 70.17 -7.89
C6A NDP O . 13.63 69.31 -8.14
N6A NDP O . 13.68 68.29 -9.02
N1A NDP O . 12.50 69.59 -7.47
C2A NDP O . 12.40 70.59 -6.60
N3A NDP O . 13.42 71.41 -6.33
C4A NDP O . 14.62 71.26 -6.93
O3 NDP O . 19.79 78.39 -9.05
PN NDP O . 19.44 79.86 -8.50
O1N NDP O . 19.50 79.89 -7.00
O2N NDP O . 20.29 80.81 -9.28
O5D NDP O . 17.89 80.01 -8.96
C5D NDP O . 17.40 81.17 -9.62
C4D NDP O . 16.59 80.82 -10.85
O4D NDP O . 16.81 81.88 -11.78
C3D NDP O . 17.00 79.54 -11.56
O3D NDP O . 15.88 78.91 -12.18
C2D NDP O . 17.97 80.00 -12.62
O2D NDP O . 17.98 79.15 -13.75
C1D NDP O . 17.50 81.41 -12.94
N1N NDP O . 18.63 82.28 -13.30
C2N NDP O . 19.66 82.43 -12.48
C3N NDP O . 20.74 83.25 -12.80
C7N NDP O . 21.88 83.38 -11.83
O7N NDP O . 21.91 82.69 -10.84
N7N NDP O . 22.86 84.25 -12.08
C4N NDP O . 20.77 83.98 -14.12
C5N NDP O . 19.58 83.73 -14.92
C6N NDP O . 18.57 82.90 -14.48
P2B NDP O . 16.89 72.25 -2.89
O1X NDP O . 17.50 70.94 -3.29
O2X NDP O . 17.47 72.81 -1.62
O3X NDP O . 15.40 72.29 -2.99
N1 FMN P . 89.79 47.18 38.08
C2 FMN P . 89.31 46.92 36.84
O2 FMN P . 89.63 45.86 36.28
N3 FMN P . 88.50 47.75 36.19
C4 FMN P . 88.09 48.91 36.73
O4 FMN P . 87.34 49.67 36.09
C4A FMN P . 88.57 49.27 38.07
N5 FMN P . 88.21 50.41 38.67
C5A FMN P . 88.66 50.72 39.89
C6 FMN P . 88.27 51.91 40.47
C7 FMN P . 88.71 52.25 41.73
C7M FMN P . 88.29 53.56 42.33
C8 FMN P . 89.62 51.34 42.47
C8M FMN P . 90.12 51.69 43.84
C9 FMN P . 90.02 50.14 41.90
C9A FMN P . 89.57 49.79 40.63
N10 FMN P . 89.96 48.58 40.03
C10 FMN P . 89.46 48.31 38.74
C1' FMN P . 90.85 47.63 40.68
C2' FMN P . 92.30 48.11 40.58
O2' FMN P . 92.53 48.53 39.23
C3' FMN P . 93.34 47.05 40.93
O3' FMN P . 92.96 45.78 40.40
C4' FMN P . 93.55 46.80 42.41
O4' FMN P . 92.30 46.46 43.01
C5' FMN P . 94.11 48.01 43.12
O5' FMN P . 94.32 47.61 44.46
P FMN P . 94.54 48.73 45.58
O1P FMN P . 93.27 49.52 45.52
O2P FMN P . 94.72 47.96 46.85
O3P FMN P . 95.75 49.46 45.10
PA NDP Q . 3.05 68.42 -41.39
O1A NDP Q . 2.44 68.29 -40.01
O2A NDP Q . 2.21 68.13 -42.61
O5B NDP Q . 4.34 67.47 -41.50
C5B NDP Q . 4.73 66.58 -40.47
C4B NDP Q . 4.87 65.20 -41.07
O4B NDP Q . 5.79 64.44 -40.30
C3B NDP Q . 3.57 64.41 -41.06
O3B NDP Q . 2.83 64.60 -42.27
C2B NDP Q . 4.04 62.99 -40.92
O2B NDP Q . 4.06 62.37 -42.20
C1B NDP Q . 5.43 63.07 -40.32
N9A NDP Q . 5.47 62.59 -38.93
C8A NDP Q . 4.57 62.88 -37.99
N7A NDP Q . 4.91 62.30 -36.82
C5A NDP Q . 6.04 61.64 -37.00
C6A NDP Q . 6.95 60.82 -36.18
N6A NDP Q . 6.68 60.58 -34.88
N1A NDP Q . 8.03 60.30 -36.78
C2A NDP Q . 8.32 60.51 -38.06
N3A NDP Q . 7.55 61.26 -38.86
C4A NDP Q . 6.41 61.83 -38.41
O3 NDP Q . 3.65 69.90 -41.46
PN NDP Q . 4.35 70.57 -42.74
O1N NDP Q . 4.15 69.72 -43.96
O2N NDP Q . 3.86 71.99 -42.77
O5D NDP Q . 5.90 70.53 -42.32
C5D NDP Q . 6.75 71.67 -42.45
C4D NDP Q . 7.54 71.92 -41.18
O4D NDP Q . 7.72 73.33 -41.09
C3D NDP Q . 6.87 71.49 -39.89
O3D NDP Q . 7.82 71.08 -38.92
C2D NDP Q . 6.16 72.73 -39.42
O2D NDP Q . 6.03 72.78 -38.00
C1D NDP Q . 7.04 73.86 -39.95
N1N NDP Q . 6.24 75.04 -40.28
C2N NDP Q . 5.21 74.94 -41.13
C3N NDP Q . 4.43 76.05 -41.46
C7N NDP Q . 3.29 75.90 -42.43
O7N NDP Q . 2.98 74.79 -42.81
N7N NDP Q . 2.63 76.97 -42.85
C4N NDP Q . 4.73 77.40 -40.85
C5N NDP Q . 5.87 77.37 -39.96
C6N NDP Q . 6.57 76.19 -39.71
P2B NDP Q . 4.14 60.80 -42.43
O1X NDP Q . 3.23 60.23 -41.38
O2X NDP Q . 3.62 60.61 -43.82
O3X NDP Q . 5.59 60.47 -42.24
N1 FMN R . -76.39 37.65 -66.97
C2 FMN R . -75.89 38.07 -65.78
O2 FMN R . -76.43 37.69 -64.73
N3 FMN R . -74.81 38.86 -65.68
C4 FMN R . -74.16 39.30 -66.76
O4 FMN R . -73.17 40.04 -66.63
C4A FMN R . -74.64 38.89 -68.09
N5 FMN R . -74.04 39.31 -69.21
C5A FMN R . -74.50 38.92 -70.42
C6 FMN R . -73.85 39.38 -71.55
C7 FMN R . -74.30 39.00 -72.80
C7M FMN R . -73.59 39.50 -74.02
C8 FMN R . -75.49 38.12 -72.93
C8M FMN R . -76.00 37.70 -74.28
C9 FMN R . -76.15 37.66 -71.80
C9A FMN R . -75.70 38.04 -70.54
N10 FMN R . -76.34 37.60 -69.37
C10 FMN R . -75.83 38.02 -68.14
C1' FMN R . -77.53 36.73 -69.41
C2' FMN R . -78.77 37.56 -69.74
O2' FMN R . -78.74 38.75 -68.96
C3' FMN R . -80.10 36.84 -69.48
O3' FMN R . -80.02 36.09 -68.27
C4' FMN R . -80.50 35.83 -70.54
O4' FMN R . -79.46 34.87 -70.70
C5' FMN R . -80.76 36.47 -71.89
O5' FMN R . -81.22 35.42 -72.74
P FMN R . -81.21 35.65 -74.31
O1P FMN R . -79.78 35.94 -74.62
O2P FMN R . -81.72 34.38 -74.89
O3P FMN R . -82.12 36.83 -74.47
PA NDP S . -0.06 -47.24 -64.59
O1A NDP S . 0.45 -47.65 -63.24
O2A NDP S . 0.84 -46.52 -65.56
O5B NDP S . -1.36 -46.31 -64.40
C5B NDP S . -1.82 -45.88 -63.12
C4B NDP S . -1.94 -44.37 -63.15
O4B NDP S . -2.90 -43.95 -62.20
C3B NDP S . -0.66 -43.66 -62.78
O3B NDP S . 0.16 -43.38 -63.92
C2B NDP S . -1.14 -42.40 -62.12
O2B NDP S . -1.10 -41.35 -63.08
C1B NDP S . -2.56 -42.68 -61.68
N9A NDP S . -2.68 -42.78 -60.22
C8A NDP S . -1.83 -43.41 -59.40
N7A NDP S . -2.23 -43.33 -58.12
C5A NDP S . -3.37 -42.64 -58.11
C6A NDP S . -4.32 -42.18 -57.08
N6A NDP S . -4.14 -42.46 -55.78
N1A NDP S . -5.39 -41.46 -57.49
C2A NDP S . -5.61 -41.16 -58.78
N3A NDP S . -4.78 -41.55 -59.75
C4A NDP S . -3.67 -42.27 -59.49
O3 NDP S . -0.65 -48.58 -65.25
PN NDP S . -1.27 -48.71 -66.74
O1N NDP S . -1.02 -47.45 -67.51
O2N NDP S . -0.77 -50.00 -67.28
O5D NDP S . -2.84 -48.81 -66.41
C5D NDP S . -3.67 -49.80 -67.01
C4D NDP S . -4.54 -50.50 -65.98
O4D NDP S . -4.69 -51.84 -66.45
C3D NDP S . -3.93 -50.62 -64.59
O3D NDP S . -4.95 -50.60 -63.59
C2D NDP S . -3.23 -51.95 -64.59
O2D NDP S . -3.18 -52.54 -63.30
C1D NDP S . -4.07 -52.78 -65.57
N1N NDP S . -3.24 -53.74 -66.29
C2N NDP S . -2.17 -53.35 -66.97
C3N NDP S . -1.37 -54.25 -67.66
C7N NDP S . -0.17 -53.75 -68.42
O7N NDP S . 0.15 -52.58 -68.34
N7N NDP S . 0.52 -54.58 -69.19
C4N NDP S . -1.68 -55.73 -67.63
C5N NDP S . -2.87 -56.03 -66.85
C6N NDP S . -3.60 -55.03 -66.22
P2B NDP S . -1.18 -39.79 -62.68
O1X NDP S . -0.34 -39.67 -61.45
O2X NDP S . -0.59 -39.10 -63.87
O3X NDP S . -2.64 -39.55 -62.46
N1 FMN T . 80.30 -9.87 -72.04
C2 FMN T . 79.74 -10.70 -71.13
O2 FMN T . 80.23 -10.77 -69.99
N3 FMN T . 78.68 -11.47 -71.41
C4 FMN T . 78.09 -11.46 -72.60
O4 FMN T . 77.10 -12.17 -72.82
C4A FMN T . 78.64 -10.57 -73.64
N5 FMN T . 78.10 -10.51 -74.87
C5A FMN T . 78.62 -9.70 -75.81
C6 FMN T . 78.04 -9.68 -77.06
C7 FMN T . 78.55 -8.87 -78.05
C7M FMN T . 77.91 -8.85 -79.40
C8 FMN T . 79.74 -8.02 -77.76
C8M FMN T . 80.31 -7.11 -78.82
C9 FMN T . 80.33 -8.03 -76.51
C9A FMN T . 79.80 -8.86 -75.52
N10 FMN T . 80.39 -8.90 -74.23
C10 FMN T . 79.81 -9.76 -73.28
C1' FMN T . 81.56 -8.10 -73.87
C2' FMN T . 82.83 -8.76 -74.43
O2' FMN T . 82.77 -10.16 -74.16
C3' FMN T . 84.13 -8.20 -73.85
O3' FMN T . 83.99 -7.98 -72.45
C4' FMN T . 84.58 -6.87 -74.41
O4' FMN T . 83.54 -5.90 -74.25
C5' FMN T . 84.93 -6.94 -75.88
O5' FMN T . 85.41 -5.65 -76.24
P FMN T . 85.49 -5.27 -77.77
O1P FMN T . 84.07 -5.39 -78.24
O2P FMN T . 86.02 -3.87 -77.79
O3P FMN T . 86.43 -6.30 -78.33
PA NDP U . -18.61 -67.82 -38.18
O1A NDP U . -18.98 -66.44 -38.67
O2A NDP U . -19.51 -68.53 -37.22
O5B NDP U . -17.17 -67.77 -37.50
C5B NDP U . -16.44 -66.56 -37.31
C4B NDP U . -16.06 -66.47 -35.84
O4B NDP U . -14.90 -65.67 -35.71
C3B NDP U . -17.12 -65.81 -35.00
O3B NDP U . -18.04 -66.75 -34.45
C2B NDP U . -16.32 -65.12 -33.92
O2B NDP U . -16.32 -65.94 -32.76
C1B NDP U . -14.93 -64.97 -34.48
N9A NDP U . -14.58 -63.57 -34.78
C8A NDP U . -15.40 -62.68 -35.36
N7A NDP U . -14.78 -61.49 -35.51
C5A NDP U . -13.56 -61.61 -35.01
C6A NDP U . -12.39 -60.73 -34.84
N6A NDP U . -12.41 -59.44 -35.26
N1A NDP U . -11.30 -61.26 -34.26
C2A NDP U . -11.23 -62.52 -33.84
N3A NDP U . -12.26 -63.37 -33.97
C4A NDP U . -13.43 -62.99 -34.52
O3 NDP U . -18.40 -68.70 -39.50
PN NDP U . -18.06 -70.26 -39.54
O1N NDP U . -18.20 -70.87 -38.17
O2N NDP U . -18.86 -70.84 -40.67
O5D NDP U . -16.50 -70.25 -39.93
C5D NDP U . -15.95 -71.08 -40.95
C4D NDP U . -15.08 -70.28 -41.91
O4D NDP U . -15.24 -70.91 -43.18
C3D NDP U . -15.47 -68.83 -42.10
O3D NDP U . -14.32 -68.03 -42.37
C2D NDP U . -16.38 -68.84 -43.30
O2D NDP U . -16.33 -67.62 -44.03
C1D NDP U . -15.87 -70.02 -44.11
N1N NDP U . -16.97 -70.66 -44.85
C2N NDP U . -18.05 -71.11 -44.20
C3N NDP U . -19.09 -71.73 -44.86
C7N NDP U . -20.28 -72.22 -44.09
O7N NDP U . -20.38 -71.96 -42.91
N7N NDP U . -21.23 -72.93 -44.70
C4N NDP U . -19.04 -71.90 -46.37
C5N NDP U . -17.82 -71.38 -46.95
C6N NDP U . -16.84 -70.79 -46.17
P2B NDP U . -15.91 -65.43 -31.31
O1X NDP U . -16.50 -64.06 -31.20
O2X NDP U . -16.54 -66.42 -30.39
O3X NDP U . -14.41 -65.45 -31.33
N1 FMN V . -91.19 -57.21 12.12
C2 FMN V . -90.66 -56.49 11.11
O2 FMN V . -90.96 -55.30 10.98
N3 FMN V . -89.79 -57.03 10.23
C4 FMN V . -89.42 -58.30 10.30
O4 FMN V . -88.61 -58.77 9.47
C4A FMN V . -89.95 -59.14 11.38
N5 FMN V . -89.61 -60.44 11.51
C5A FMN V . -90.13 -61.18 12.50
C6 FMN V . -89.76 -62.51 12.59
C7 FMN V . -90.26 -63.31 13.60
C7M FMN V . -89.86 -64.75 13.67
C8 FMN V . -91.22 -62.73 14.58
C8M FMN V . -91.79 -63.59 15.68
C9 FMN V . -91.60 -61.40 14.49
C9A FMN V . -91.09 -60.61 13.48
N10 FMN V . -91.45 -59.25 13.36
C10 FMN V . -90.90 -58.50 12.31
C1' FMN V . -92.40 -58.61 14.29
C2' FMN V . -93.83 -59.00 13.93
O2' FMN V . -93.98 -58.88 12.50
C3' FMN V . -94.91 -58.14 14.60
O3' FMN V . -94.50 -56.78 14.62
C4' FMN V . -95.19 -58.48 16.05
O4' FMN V . -93.98 -58.41 16.80
C5' FMN V . -95.78 -59.86 16.22
O5' FMN V . -96.07 -60.01 17.60
P FMN V . -96.33 -61.46 18.19
O1P FMN V . -95.05 -62.18 17.89
O2P FMN V . -96.59 -61.24 19.63
O3P FMN V . -97.51 -61.94 17.39
PA NDP W . 2.63 -33.41 72.66
O1A NDP W . 3.41 -32.18 72.26
O2A NDP W . 3.20 -34.78 72.40
O5B NDP W . 1.19 -33.37 71.95
C5B NDP W . 0.81 -32.38 71.02
C4B NDP W . 0.34 -33.08 69.76
O4B NDP W . -0.56 -32.25 69.06
C3B NDP W . 1.45 -33.38 68.78
O3B NDP W . 2.02 -34.68 69.00
C2B NDP W . 0.78 -33.29 67.45
O2B NDP W . 0.44 -34.60 67.01
C1B NDP W . -0.47 -32.46 67.66
N9A NDP W . -0.37 -31.13 67.03
C8A NDP W . 0.71 -30.34 67.06
N7A NDP W . 0.46 -29.18 66.40
C5A NDP W . -0.79 -29.23 65.95
C6A NDP W . -1.68 -28.35 65.19
N6A NDP W . -1.26 -27.14 64.75
N1A NDP W . -2.92 -28.78 64.93
C2A NDP W . -3.37 -29.98 65.35
N3A NDP W . -2.61 -30.82 66.05
C4A NDP W . -1.34 -30.52 66.38
O3 NDP W . 2.30 -33.23 74.22
PN NDP W . 1.53 -34.29 75.16
O1N NDP W . 1.39 -35.60 74.44
O2N NDP W . 2.26 -34.27 76.47
O5D NDP W . 0.08 -33.61 75.31
C5D NDP W . -0.56 -33.48 76.56
C4D NDP W . -1.08 -32.07 76.77
O4D NDP W . -0.99 -31.81 78.18
C3D NDP W . -0.30 -30.96 76.10
O3D NDP W . -1.14 -29.89 75.72
C2D NDP W . 0.69 -30.51 77.14
O2D NDP W . 1.05 -29.13 76.99
C1D NDP W . -0.05 -30.76 78.45
N1N NDP W . 0.88 -31.12 79.51
C2N NDP W . 1.73 -32.14 79.37
C3N NDP W . 2.63 -32.49 80.37
C7N NDP W . 3.56 -33.66 80.16
O7N NDP W . 3.60 -34.19 79.07
N7N NDP W . 4.32 -34.09 81.15
C4N NDP W . 2.68 -31.71 81.67
C5N NDP W . 1.70 -30.64 81.70
C6N NDP W . 0.86 -30.39 80.63
P2B NDP W . 0.05 -34.96 65.51
O1X NDP W . 0.99 -34.16 64.67
O2X NDP W . 0.30 -36.44 65.42
O3X NDP W . -1.39 -34.55 65.39
N1 FMN X . 70.22 -75.56 33.11
C2 FMN X . 70.00 -74.27 33.44
O2 FMN X . 70.63 -73.38 32.86
N3 FMN X . 69.11 -73.91 34.38
C4 FMN X . 68.39 -74.80 35.04
O4 FMN X . 67.58 -74.43 35.91
C4A FMN X . 68.57 -76.24 34.74
N5 FMN X . 67.87 -77.18 35.38
C5A FMN X . 68.06 -78.49 35.08
C6 FMN X . 67.34 -79.43 35.77
C7 FMN X . 67.51 -80.78 35.49
C7M FMN X . 66.71 -81.79 36.25
C8 FMN X . 68.49 -81.20 34.46
C8M FMN X . 68.69 -82.65 34.13
C9 FMN X . 69.23 -80.25 33.77
C9A FMN X . 69.05 -78.90 34.05
N10 FMN X . 69.79 -77.91 33.37
C10 FMN X . 69.56 -76.57 33.70
C1' FMN X . 70.78 -78.24 32.33
C2' FMN X . 72.08 -78.71 32.99
O2' FMN X . 72.39 -77.82 34.06
C3' FMN X . 73.27 -78.76 32.04
O3' FMN X . 73.27 -77.65 31.17
C4' FMN X . 73.32 -79.97 31.11
O4' FMN X . 72.11 -80.03 30.36
C5' FMN X . 73.48 -81.28 31.87
O5' FMN X . 73.59 -82.29 30.88
P FMN X . 73.38 -83.81 31.30
O1P FMN X . 71.98 -83.82 31.84
O2P FMN X . 73.56 -84.59 30.04
O3P FMN X . 74.46 -84.01 32.33
#